data_8D3D
#
_entry.id   8D3D
#
loop_
_entity.id
_entity.type
_entity.pdbx_description
1 polymer 'von Willebrand factor'
2 non-polymer 'CALCIUM ION'
3 non-polymer 2-acetamido-2-deoxy-beta-D-glucopyranose
#
_entity_poly.entity_id   1
_entity_poly.type   'polypeptide(L)'
_entity_poly.pdbx_seq_one_letter_code
;MIPARFAGVLLALALILPGTLCAEGTRGRSSTARCSLFGSDFVNTFDGSMYSFAGYCSYLLAGGCQKRSFSIIGDFQNGK
RVSLSVYLGEFFDIHLFVNGTVTQGDQRVSMPYASKGLYLETEAGYYKLSGEAYGFVARIDGSGNFQVLLSDRYFNKTCG
LCGNFNIFAEDDFMTQEGTLTSDPYDFANSWALSSGEQWCERASPPSSSCNISSGEMQKGLWEQCQLLKSTSVFARCHPL
VDPEPFVALCEKTLCECAGGLECACPALLEYARTCAQEGMVLYGWTDHSACSPVCPAGMEYRQCVSPCARTCQSLHINEM
CQERCVDGCSCPEGQLLDEGLCVESTECPCVHSGKRYPPGTSLSRDCNTCICRNSQWICSNEECPGECLVTGQSHFKSFD
NRYFTFSGICQYLLARDCQDHSFSIVIETVQCADDRDAVCTRSVTVRLPGLHNSLVKLKHGAGVAMDGQDVQLPLLKGDL
RIQHTVTASVRLSYGEDLQMDWDGRGRLLVKLSPVYAGKTCGLCGNYNGNQGDDFLTPSGLAEPRVEDFGNAWKLHGDCQ
DLQKQHSDPCALNPRMTRFSEEACAVLTSPTFEACHRAVSPLPYLRNCRYDVCSCSDGRECLCGALASYAAACAGRGVRV
AWREPGRCELNCPKGQVYLQCGTPCNLTCRSLSYPDEECNEACLEGCFCPPGLYMDERGDCVPKAQCPCYYDGEIFQPED
IFSDHHTMCYCEDGFMHCTMSGVPGSLLPDAVLSSPLSHASASLSCRPPMVKLVCPADNLRAEGLECAKTCQNYDLECMS
MGCVSGCLCPPGMVRHENRCVALERCPCFHQGKEYAPGETVKIGCNTCVCRDRKWNCTDHVCDATCSTIGMAHYLTFDGL
KYLFPGECQYVLVQDYCGSNPGTFRILVGNKGCSHPSVKCKKRVTILVEGGEIELFDGEVNVKRPMKDETHFEVVESGRY
IILLLGKALSVVWDRHLSISVVLKQTYQEKVCGLCGNFDGIQNNDLTSSNLQVEEDPVDFGNSWKVSSQCADTRKVPLDS
SPATCHNNIMKQTMVDSSCRILTSDVFQDCNKLVDPEPYLDVCIYDTCSCESIGDCACFCDTIAAYAHVCAQHGKVVTWR
TATLCPQSCEERNLRENGYECEWRYNSCAPACQVTCQHPEPLACPVQCVEGCHAHCPPGKILDELLQTCVDPEDCPVCEV
AGRRFASGKKVTLNPSDPEHCQICHCDVVNLTCEACQEPGGLVVPPTDAPVSPTTLYVEDISEPPLHDFYCSRLLDLVFL
LDGSSRLSEAEFEVLKAFVVDMMERLRISQKWVRVAVVEYHDGSHAYIGLKDRKRPSELRRIASQVKYAGSQVASTSEVL
KYTLFQIFSKIDRPEASRIALLLMASQEPQRMSRNFVRYVQGLKKKKVIVIPVGIGPHANLKQIRLIEKQAPENKAFVLS
SVDELEQQRDEIVSYLCDLAPEAHHHHHH
;
_entity_poly.pdbx_strand_id   A,B,C,D,E,F,G,H,I,J,K,L,M,N,O,P
#
loop_
_chem_comp.id
_chem_comp.type
_chem_comp.name
_chem_comp.formula
CA non-polymer 'CALCIUM ION' 'Ca 2'
NAG D-saccharide, beta linking 2-acetamido-2-deoxy-beta-D-glucopyranose 'C8 H15 N O6'
#
# COMPACT_ATOMS: atom_id res chain seq x y z
N SER A 31 50.93 26.15 -100.05
CA SER A 31 51.13 24.81 -99.53
C SER A 31 50.12 24.47 -98.45
N THR A 32 50.32 25.02 -97.26
CA THR A 32 49.46 24.77 -96.11
C THR A 32 49.71 25.85 -95.08
N ALA A 33 48.65 26.29 -94.41
CA ALA A 33 48.72 27.34 -93.42
C ALA A 33 49.07 26.78 -92.06
N ARG A 34 49.42 27.68 -91.13
CA ARG A 34 49.67 27.31 -89.75
C ARG A 34 49.10 28.37 -88.83
N CYS A 35 48.39 27.93 -87.80
CA CYS A 35 47.89 28.80 -86.75
C CYS A 35 48.35 28.26 -85.42
N SER A 36 48.64 29.16 -84.50
CA SER A 36 49.21 28.76 -83.22
C SER A 36 48.60 29.60 -82.10
N LEU A 37 48.29 28.96 -81.00
CA LEU A 37 47.94 29.62 -79.76
C LEU A 37 48.96 29.16 -78.71
N PHE A 38 49.79 30.09 -78.26
CA PHE A 38 51.02 29.75 -77.58
C PHE A 38 51.25 30.70 -76.42
N GLY A 39 52.18 30.31 -75.56
CA GLY A 39 52.43 31.11 -74.39
C GLY A 39 51.23 31.10 -73.47
N SER A 40 51.16 32.12 -72.62
CA SER A 40 50.05 32.22 -71.69
C SER A 40 48.77 32.63 -72.40
N ASP A 41 48.81 33.72 -73.18
CA ASP A 41 47.59 34.30 -73.73
C ASP A 41 47.77 34.81 -75.15
N PHE A 42 48.59 34.16 -75.97
CA PHE A 42 48.94 34.70 -77.28
C PHE A 42 48.39 33.83 -78.39
N VAL A 43 48.19 34.47 -79.55
CA VAL A 43 47.65 33.80 -80.72
C VAL A 43 48.47 34.24 -81.94
N ASN A 44 48.56 33.36 -82.92
CA ASN A 44 49.18 33.68 -84.21
C ASN A 44 48.27 33.18 -85.31
N THR A 45 47.90 34.07 -86.23
CA THR A 45 46.93 33.76 -87.25
C THR A 45 47.57 33.04 -88.42
N PHE A 46 46.73 32.58 -89.35
CA PHE A 46 47.23 31.91 -90.54
C PHE A 46 48.11 32.81 -91.37
N ASP A 47 47.77 34.10 -91.43
CA ASP A 47 48.49 35.04 -92.29
C ASP A 47 49.57 35.80 -91.57
N GLY A 48 49.84 35.47 -90.30
CA GLY A 48 50.94 36.06 -89.57
C GLY A 48 50.56 37.12 -88.56
N SER A 49 49.35 37.63 -88.59
CA SER A 49 48.92 38.57 -87.56
C SER A 49 49.00 37.90 -86.20
N MET A 50 49.52 38.61 -85.22
CA MET A 50 49.82 38.03 -83.92
C MET A 50 49.37 38.98 -82.84
N TYR A 51 48.71 38.44 -81.82
CA TYR A 51 48.09 39.25 -80.79
C TYR A 51 47.90 38.43 -79.54
N SER A 52 47.43 39.08 -78.48
CA SER A 52 47.15 38.44 -77.21
C SER A 52 45.66 38.43 -76.92
N PHE A 53 45.19 37.34 -76.35
CA PHE A 53 43.79 37.23 -75.93
C PHE A 53 43.69 36.27 -74.77
N ALA A 54 43.16 36.74 -73.64
CA ALA A 54 42.94 35.90 -72.46
C ALA A 54 41.46 35.55 -72.39
N GLY A 55 41.07 34.50 -73.09
CA GLY A 55 39.68 34.13 -73.16
C GLY A 55 39.17 33.49 -71.88
N TYR A 56 37.87 33.59 -71.69
CA TYR A 56 37.18 32.97 -70.56
C TYR A 56 36.10 32.00 -71.02
N CYS A 57 36.00 31.74 -72.32
CA CYS A 57 34.99 30.84 -72.86
C CYS A 57 35.65 30.05 -73.98
N SER A 58 34.83 29.40 -74.80
CA SER A 58 35.31 28.69 -75.98
C SER A 58 35.13 29.54 -77.21
N TYR A 59 36.11 29.49 -78.12
CA TYR A 59 36.13 30.37 -79.28
C TYR A 59 36.46 29.58 -80.53
N LEU A 60 35.93 30.03 -81.65
CA LEU A 60 36.21 29.40 -82.93
C LEU A 60 37.61 29.78 -83.39
N LEU A 61 38.48 28.79 -83.52
CA LEU A 61 39.82 29.05 -84.04
C LEU A 61 39.82 29.05 -85.56
N ALA A 62 39.17 28.08 -86.18
CA ALA A 62 39.12 28.02 -87.63
C ALA A 62 37.95 27.15 -88.04
N GLY A 63 37.56 27.28 -89.29
CA GLY A 63 36.48 26.47 -89.81
C GLY A 63 35.94 27.06 -91.08
N GLY A 64 35.14 26.25 -91.76
CA GLY A 64 34.42 26.73 -92.92
C GLY A 64 33.58 27.93 -92.55
N CYS A 65 33.75 29.04 -93.26
CA CYS A 65 33.30 30.30 -92.70
C CYS A 65 31.92 30.67 -93.18
N GLN A 66 31.54 30.28 -94.40
CA GLN A 66 30.16 30.34 -94.86
C GLN A 66 29.43 29.03 -94.62
N LYS A 67 29.93 27.94 -95.17
CA LYS A 67 29.41 26.60 -94.94
C LYS A 67 30.38 25.86 -94.03
N ARG A 68 30.01 25.74 -92.76
CA ARG A 68 30.93 25.23 -91.74
C ARG A 68 30.79 23.72 -91.64
N SER A 69 31.50 23.02 -92.53
CA SER A 69 31.52 21.57 -92.48
C SER A 69 32.21 21.05 -91.23
N PHE A 70 33.19 21.80 -90.71
CA PHE A 70 33.84 21.43 -89.48
C PHE A 70 34.20 22.69 -88.71
N SER A 71 34.40 22.54 -87.41
CA SER A 71 34.74 23.67 -86.55
C SER A 71 35.84 23.26 -85.61
N ILE A 72 36.91 24.04 -85.57
CA ILE A 72 37.98 23.85 -84.60
C ILE A 72 37.79 24.88 -83.50
N ILE A 73 37.64 24.42 -82.26
CA ILE A 73 37.21 25.27 -81.17
C ILE A 73 38.22 25.17 -80.05
N GLY A 74 38.76 26.31 -79.64
CA GLY A 74 39.67 26.37 -78.51
C GLY A 74 38.94 26.78 -77.25
N ASP A 75 39.14 26.01 -76.19
CA ASP A 75 38.46 26.21 -74.92
C ASP A 75 39.43 26.84 -73.93
N PHE A 76 38.99 27.88 -73.25
CA PHE A 76 39.79 28.57 -72.25
C PHE A 76 39.13 28.45 -70.89
N GLN A 77 39.91 28.74 -69.85
CA GLN A 77 39.39 28.77 -68.49
C GLN A 77 40.28 29.68 -67.66
N ASN A 78 39.72 30.76 -67.13
CA ASN A 78 40.47 31.74 -66.34
C ASN A 78 41.65 32.28 -67.13
N GLY A 79 41.45 32.49 -68.42
CA GLY A 79 42.48 33.02 -69.28
C GLY A 79 43.41 31.98 -69.87
N LYS A 80 43.50 30.80 -69.27
CA LYS A 80 44.41 29.77 -69.74
C LYS A 80 43.67 28.79 -70.64
N ARG A 81 44.43 28.16 -71.54
CA ARG A 81 43.88 27.17 -72.45
C ARG A 81 43.71 25.84 -71.72
N VAL A 82 42.62 25.13 -72.03
CA VAL A 82 42.33 23.86 -71.39
C VAL A 82 42.07 22.73 -72.36
N SER A 83 41.65 22.99 -73.60
CA SER A 83 41.37 21.90 -74.51
C SER A 83 41.26 22.45 -75.92
N LEU A 84 41.33 21.55 -76.88
CA LEU A 84 41.19 21.87 -78.30
C LEU A 84 40.12 20.96 -78.87
N SER A 85 38.93 21.49 -79.08
CA SER A 85 37.80 20.70 -79.53
C SER A 85 37.60 20.84 -81.02
N VAL A 86 36.98 19.83 -81.62
CA VAL A 86 36.65 19.82 -83.04
C VAL A 86 35.24 19.29 -83.18
N TYR A 87 34.46 19.94 -84.04
CA TYR A 87 33.10 19.52 -84.35
C TYR A 87 33.00 19.32 -85.85
N LEU A 88 32.42 18.20 -86.27
CA LEU A 88 32.30 17.89 -87.68
C LEU A 88 30.94 18.27 -88.25
N GLY A 89 30.24 19.19 -87.62
CA GLY A 89 28.93 19.55 -88.11
C GLY A 89 27.81 18.94 -87.32
N GLU A 90 27.94 18.96 -85.99
CA GLU A 90 26.92 18.62 -85.01
C GLU A 90 26.68 17.12 -84.90
N PHE A 91 27.30 16.30 -85.73
CA PHE A 91 27.11 14.86 -85.60
C PHE A 91 28.28 14.18 -84.89
N PHE A 92 29.43 14.84 -84.80
CA PHE A 92 30.57 14.27 -84.11
C PHE A 92 31.38 15.41 -83.52
N ASP A 93 31.76 15.23 -82.25
CA ASP A 93 32.58 16.21 -81.55
C ASP A 93 33.62 15.48 -80.74
N ILE A 94 34.80 16.05 -80.64
CA ILE A 94 35.90 15.44 -79.91
C ILE A 94 36.63 16.53 -79.15
N HIS A 95 37.08 16.22 -77.94
CA HIS A 95 37.64 17.22 -77.03
C HIS A 95 39.01 16.73 -76.56
N LEU A 96 40.06 17.29 -77.13
CA LEU A 96 41.43 16.95 -76.76
C LEU A 96 41.92 17.95 -75.73
N PHE A 97 42.03 17.51 -74.49
CA PHE A 97 42.47 18.39 -73.42
C PHE A 97 43.98 18.48 -73.38
N VAL A 98 44.47 19.50 -72.68
CA VAL A 98 45.91 19.71 -72.58
C VAL A 98 46.56 18.53 -71.86
N ASN A 99 45.92 18.03 -70.80
CA ASN A 99 46.49 16.90 -70.06
C ASN A 99 46.01 15.56 -70.60
N GLY A 100 46.17 15.38 -71.91
CA GLY A 100 46.10 14.09 -72.54
C GLY A 100 44.73 13.45 -72.60
N THR A 101 43.75 13.97 -71.86
CA THR A 101 42.44 13.35 -71.82
C THR A 101 41.68 13.67 -73.11
N VAL A 102 40.96 12.69 -73.62
CA VAL A 102 40.13 12.85 -74.80
C VAL A 102 38.73 12.38 -74.46
N THR A 103 37.73 13.17 -74.82
CA THR A 103 36.33 12.80 -74.66
C THR A 103 35.60 13.00 -75.96
N GLN A 104 34.87 11.98 -76.39
CA GLN A 104 33.96 12.07 -77.53
C GLN A 104 32.57 12.34 -76.97
N GLY A 105 32.03 13.51 -77.26
CA GLY A 105 30.89 13.98 -76.47
C GLY A 105 31.35 14.21 -75.05
N ASP A 106 30.58 13.70 -74.09
CA ASP A 106 31.00 13.70 -72.71
C ASP A 106 31.66 12.39 -72.29
N GLN A 107 31.72 11.41 -73.18
CA GLN A 107 32.28 10.11 -72.86
C GLN A 107 33.78 10.13 -73.08
N ARG A 108 34.53 9.68 -72.08
CA ARG A 108 35.98 9.63 -72.17
C ARG A 108 36.44 8.47 -73.05
N VAL A 109 37.48 8.71 -73.85
CA VAL A 109 38.07 7.69 -74.69
C VAL A 109 39.59 7.79 -74.55
N SER A 110 40.26 6.70 -74.92
CA SER A 110 41.71 6.59 -74.74
C SER A 110 42.42 6.66 -76.08
N MET A 111 43.60 7.22 -76.07
CA MET A 111 44.41 7.32 -77.27
C MET A 111 45.23 6.06 -77.48
N PRO A 112 45.56 5.69 -78.72
CA PRO A 112 45.14 6.36 -79.95
C PRO A 112 43.67 6.09 -80.25
N TYR A 113 43.05 7.00 -81.00
CA TYR A 113 41.63 6.91 -81.30
C TYR A 113 41.43 7.29 -82.75
N ALA A 114 40.54 6.57 -83.42
CA ALA A 114 40.24 6.82 -84.82
C ALA A 114 38.76 6.64 -85.03
N SER A 115 38.12 7.64 -85.66
CA SER A 115 36.69 7.58 -85.91
C SER A 115 36.27 8.66 -86.89
N LYS A 116 35.48 8.29 -87.88
CA LYS A 116 34.82 9.23 -88.77
C LYS A 116 35.82 10.21 -89.38
N GLY A 117 36.98 9.69 -89.79
CA GLY A 117 37.98 10.48 -90.46
C GLY A 117 38.92 11.25 -89.57
N LEU A 118 38.75 11.18 -88.26
CA LEU A 118 39.60 11.89 -87.31
C LEU A 118 40.50 10.89 -86.61
N TYR A 119 41.78 11.23 -86.52
CA TYR A 119 42.81 10.36 -85.96
C TYR A 119 43.51 11.09 -84.84
N LEU A 120 43.44 10.55 -83.63
CA LEU A 120 44.15 11.10 -82.49
C LEU A 120 45.34 10.21 -82.19
N GLU A 121 46.54 10.79 -82.21
CA GLU A 121 47.77 10.02 -82.11
C GLU A 121 48.78 10.83 -81.31
N THR A 122 49.68 10.13 -80.63
CA THR A 122 50.74 10.79 -79.87
C THR A 122 52.01 10.91 -80.72
N GLU A 123 51.87 11.60 -81.84
CA GLU A 123 53.00 11.76 -82.76
C GLU A 123 54.07 12.63 -82.15
N ALA A 124 55.31 12.12 -82.16
CA ALA A 124 56.48 12.86 -81.67
C ALA A 124 56.28 13.37 -80.26
N GLY A 125 55.58 12.60 -79.44
CA GLY A 125 55.35 12.96 -78.05
C GLY A 125 54.32 14.04 -77.84
N TYR A 126 53.67 14.53 -78.89
CA TYR A 126 52.67 15.58 -78.80
C TYR A 126 51.35 15.06 -79.32
N TYR A 127 50.27 15.40 -78.62
CA TYR A 127 48.94 14.88 -78.96
C TYR A 127 48.48 15.45 -80.28
N LYS A 128 48.38 14.60 -81.29
CA LYS A 128 47.93 14.98 -82.63
C LYS A 128 46.44 14.69 -82.78
N LEU A 129 45.80 15.44 -83.68
CA LEU A 129 44.40 15.21 -84.04
C LEU A 129 44.31 15.50 -85.53
N SER A 130 44.43 14.47 -86.34
CA SER A 130 44.54 14.63 -87.78
C SER A 130 43.18 14.51 -88.44
N GLY A 131 42.95 15.36 -89.42
CA GLY A 131 41.70 15.36 -90.16
C GLY A 131 41.89 15.35 -91.65
N GLU A 132 42.86 14.58 -92.14
CA GLU A 132 43.27 14.60 -93.55
C GLU A 132 42.10 14.76 -94.51
N ALA A 133 41.04 13.96 -94.31
CA ALA A 133 39.90 14.05 -95.21
C ALA A 133 39.30 15.44 -95.20
N TYR A 134 39.17 16.03 -94.02
CA TYR A 134 38.63 17.38 -93.88
C TYR A 134 39.66 18.45 -94.20
N GLY A 135 40.92 18.09 -94.32
CA GLY A 135 41.94 19.04 -94.74
C GLY A 135 42.54 19.85 -93.62
N PHE A 136 42.75 19.26 -92.45
CA PHE A 136 43.35 19.97 -91.34
C PHE A 136 44.10 19.00 -90.45
N VAL A 137 45.09 19.53 -89.73
CA VAL A 137 45.84 18.78 -88.73
C VAL A 137 46.00 19.67 -87.50
N ALA A 138 45.65 19.14 -86.34
CA ALA A 138 45.76 19.88 -85.09
C ALA A 138 46.74 19.17 -84.16
N ARG A 139 47.30 19.93 -83.23
CA ARG A 139 48.30 19.38 -82.33
C ARG A 139 48.33 20.18 -81.04
N ILE A 140 48.60 19.50 -79.93
CA ILE A 140 48.88 20.12 -78.65
C ILE A 140 50.25 19.64 -78.20
N ASP A 141 51.15 20.58 -77.93
CA ASP A 141 52.46 20.19 -77.44
C ASP A 141 52.41 19.91 -75.94
N GLY A 142 53.54 19.46 -75.40
CA GLY A 142 53.61 19.07 -74.00
C GLY A 142 53.39 20.20 -73.03
N SER A 143 53.55 21.45 -73.48
CA SER A 143 53.39 22.62 -72.61
C SER A 143 52.02 23.28 -72.77
N GLY A 144 51.16 22.75 -73.62
CA GLY A 144 49.83 23.28 -73.78
C GLY A 144 49.63 24.23 -74.95
N ASN A 145 50.63 24.39 -75.81
CA ASN A 145 50.49 25.26 -76.96
C ASN A 145 49.69 24.55 -78.06
N PHE A 146 48.63 25.18 -78.52
CA PHE A 146 47.82 24.62 -79.60
C PHE A 146 48.48 24.88 -80.94
N GLN A 147 48.05 24.12 -81.94
CA GLN A 147 48.56 24.27 -83.30
C GLN A 147 47.47 23.79 -84.25
N VAL A 148 47.31 24.48 -85.37
CA VAL A 148 46.38 24.07 -86.41
C VAL A 148 47.04 24.29 -87.76
N LEU A 149 47.07 23.25 -88.58
CA LEU A 149 47.51 23.35 -89.96
C LEU A 149 46.32 23.11 -90.87
N LEU A 150 46.04 24.05 -91.76
CA LEU A 150 44.84 24.04 -92.57
C LEU A 150 45.24 24.04 -94.02
N SER A 151 44.62 23.17 -94.81
CA SER A 151 45.04 22.95 -96.18
C SER A 151 44.70 24.15 -97.05
N ASP A 152 45.31 24.18 -98.23
CA ASP A 152 45.14 25.30 -99.14
C ASP A 152 43.70 25.45 -99.63
N ARG A 153 42.91 24.39 -99.57
CA ARG A 153 41.54 24.47 -100.07
C ARG A 153 40.71 25.48 -99.30
N TYR A 154 41.13 25.86 -98.09
CA TYR A 154 40.43 26.85 -97.28
C TYR A 154 41.04 28.23 -97.42
N PHE A 155 41.79 28.48 -98.48
CA PHE A 155 42.30 29.81 -98.75
C PHE A 155 41.15 30.78 -98.96
N ASN A 156 41.09 31.82 -98.13
CA ASN A 156 40.12 32.90 -98.27
C ASN A 156 38.71 32.43 -97.96
N LYS A 157 38.56 31.31 -97.25
CA LYS A 157 37.25 30.73 -96.98
C LYS A 157 37.09 30.34 -95.51
N THR A 158 37.96 30.80 -94.63
CA THR A 158 37.88 30.47 -93.22
C THR A 158 37.82 31.75 -92.40
N CYS A 159 37.28 31.62 -91.18
CA CYS A 159 37.25 32.75 -90.27
C CYS A 159 37.17 32.23 -88.84
N GLY A 160 37.83 32.94 -87.93
CA GLY A 160 37.95 32.54 -86.55
C GLY A 160 39.14 33.23 -85.94
N LEU A 161 39.44 32.88 -84.68
CA LEU A 161 40.56 33.53 -83.99
C LEU A 161 41.84 33.42 -84.80
N CYS A 162 42.02 32.34 -85.55
CA CYS A 162 43.14 32.23 -86.45
C CYS A 162 43.03 33.17 -87.64
N GLY A 163 41.96 33.96 -87.72
CA GLY A 163 41.79 34.87 -88.82
C GLY A 163 41.43 34.14 -90.09
N ASN A 164 41.18 34.93 -91.13
CA ASN A 164 41.00 34.37 -92.45
C ASN A 164 42.35 33.84 -92.95
N PHE A 165 42.34 33.23 -94.12
CA PHE A 165 43.57 32.72 -94.71
C PHE A 165 43.72 33.31 -96.11
N ASN A 166 44.28 34.52 -96.14
CA ASN A 166 44.71 35.18 -97.35
C ASN A 166 45.91 36.03 -96.96
N ILE A 167 46.95 36.00 -97.79
CA ILE A 167 48.29 36.44 -97.38
C ILE A 167 48.27 37.83 -96.75
N PHE A 168 47.31 38.66 -97.14
CA PHE A 168 47.15 39.96 -96.50
C PHE A 168 46.86 39.80 -95.02
N ALA A 169 47.78 40.22 -94.16
CA ALA A 169 47.63 39.99 -92.74
C ALA A 169 46.82 41.07 -92.05
N GLU A 170 46.73 42.27 -92.64
CA GLU A 170 46.04 43.38 -91.98
C GLU A 170 44.55 43.12 -91.80
N ASP A 171 43.98 42.19 -92.55
CA ASP A 171 42.55 41.93 -92.55
C ASP A 171 42.15 40.70 -91.76
N ASP A 172 42.99 40.25 -90.83
CA ASP A 172 42.70 39.01 -90.13
C ASP A 172 41.69 39.18 -89.01
N PHE A 173 41.41 40.41 -88.57
CA PHE A 173 40.59 40.64 -87.40
C PHE A 173 39.11 40.77 -87.73
N MET A 174 38.64 40.17 -88.82
CA MET A 174 37.24 40.25 -89.17
C MET A 174 36.38 39.63 -88.07
N THR A 175 35.37 40.36 -87.64
CA THR A 175 34.44 39.85 -86.64
C THR A 175 33.40 38.95 -87.30
N GLN A 176 32.70 38.18 -86.48
CA GLN A 176 31.64 37.33 -87.00
C GLN A 176 30.53 38.14 -87.63
N GLU A 177 30.38 39.40 -87.24
CA GLU A 177 29.41 40.28 -87.88
C GLU A 177 29.85 40.70 -89.27
N GLY A 178 31.07 40.38 -89.68
CA GLY A 178 31.55 40.71 -91.00
C GLY A 178 32.26 42.03 -91.11
N THR A 179 32.74 42.59 -90.01
CA THR A 179 33.41 43.88 -90.01
C THR A 179 34.77 43.76 -89.34
N LEU A 180 35.74 44.51 -89.85
CA LEU A 180 37.05 44.57 -89.22
C LEU A 180 36.99 45.35 -87.92
N THR A 181 37.98 45.10 -87.06
CA THR A 181 38.10 45.85 -85.82
C THR A 181 39.57 45.93 -85.43
N SER A 182 39.97 47.09 -84.91
CA SER A 182 41.34 47.30 -84.50
C SER A 182 41.65 46.68 -83.15
N ASP A 183 40.64 46.21 -82.43
CA ASP A 183 40.85 45.67 -81.10
C ASP A 183 40.85 44.15 -81.18
N PRO A 184 41.93 43.49 -80.77
CA PRO A 184 41.92 42.02 -80.76
C PRO A 184 40.78 41.43 -79.94
N TYR A 185 40.43 42.07 -78.81
CA TYR A 185 39.38 41.51 -77.96
C TYR A 185 38.01 41.59 -78.60
N ASP A 186 37.71 42.67 -79.32
CA ASP A 186 36.45 42.71 -80.06
C ASP A 186 36.34 41.54 -81.01
N PHE A 187 37.39 41.30 -81.79
CA PHE A 187 37.45 40.18 -82.72
C PHE A 187 37.24 38.85 -82.01
N ALA A 188 38.04 38.61 -80.97
CA ALA A 188 37.99 37.32 -80.29
C ALA A 188 36.63 37.08 -79.65
N ASN A 189 36.11 38.08 -78.92
CA ASN A 189 34.80 37.93 -78.31
C ASN A 189 33.72 37.77 -79.36
N SER A 190 33.89 38.38 -80.53
CA SER A 190 32.97 38.15 -81.62
C SER A 190 32.97 36.69 -82.04
N TRP A 191 34.09 36.00 -81.88
CA TRP A 191 34.17 34.58 -82.22
C TRP A 191 34.01 33.66 -81.02
N ALA A 192 33.26 34.06 -80.01
CA ALA A 192 32.96 33.17 -78.90
C ALA A 192 31.79 32.26 -79.24
N LEU A 193 31.76 31.09 -78.60
CA LEU A 193 30.70 30.10 -78.81
C LEU A 193 30.25 29.58 -77.46
N SER A 194 28.97 29.73 -77.17
CA SER A 194 28.41 29.29 -75.90
C SER A 194 27.74 27.93 -76.06
N SER A 195 27.43 27.31 -74.93
CA SER A 195 26.81 26.01 -74.91
C SER A 195 25.75 25.97 -73.81
N GLY A 196 25.15 24.82 -73.63
CA GLY A 196 24.10 24.65 -72.65
C GLY A 196 24.55 24.54 -71.23
N GLU A 197 25.86 24.54 -70.99
CA GLU A 197 26.39 24.56 -69.64
C GLU A 197 27.48 25.61 -69.48
N GLN A 198 27.67 26.47 -70.48
CA GLN A 198 28.70 27.51 -70.41
C GLN A 198 28.30 28.63 -71.35
N TRP A 199 27.86 29.75 -70.80
CA TRP A 199 27.50 30.92 -71.60
C TRP A 199 28.59 31.98 -71.44
N CYS A 200 29.05 32.51 -72.56
CA CYS A 200 30.31 33.24 -72.60
C CYS A 200 30.17 34.65 -72.05
N GLU A 201 31.06 35.02 -71.15
CA GLU A 201 31.17 36.40 -70.70
C GLU A 201 32.10 37.18 -71.62
N ARG A 202 31.88 38.49 -71.68
CA ARG A 202 32.72 39.40 -72.44
C ARG A 202 34.11 39.45 -71.83
N ALA A 203 35.09 38.91 -72.54
CA ALA A 203 36.46 38.95 -72.05
C ALA A 203 37.07 40.33 -72.29
N SER A 204 37.97 40.73 -71.40
CA SER A 204 38.61 42.03 -71.46
C SER A 204 40.07 41.88 -71.07
N PRO A 205 40.93 42.80 -71.49
CA PRO A 205 42.35 42.70 -71.16
C PRO A 205 42.57 42.69 -69.65
N PRO A 206 43.52 41.90 -69.17
CA PRO A 206 43.80 41.87 -67.74
C PRO A 206 44.71 43.02 -67.32
N SER A 207 44.75 43.24 -66.00
CA SER A 207 45.68 44.19 -65.42
C SER A 207 47.10 43.64 -65.47
N SER A 208 48.07 44.55 -65.60
CA SER A 208 49.45 44.12 -65.80
C SER A 208 50.42 45.18 -65.28
N SER A 209 51.66 44.76 -65.10
CA SER A 209 52.77 45.64 -64.76
C SER A 209 53.86 45.51 -65.81
N CYS A 210 54.43 46.63 -66.22
CA CYS A 210 55.42 46.64 -67.30
C CYS A 210 56.32 47.87 -67.22
N MET A 217 59.18 44.81 -66.89
CA MET A 217 60.38 45.01 -67.71
C MET A 217 61.65 44.87 -66.88
N GLN A 218 62.60 44.09 -67.38
CA GLN A 218 63.88 43.91 -66.71
C GLN A 218 64.93 43.62 -67.75
N LYS A 219 66.05 44.35 -67.68
CA LYS A 219 67.06 44.32 -68.74
C LYS A 219 67.64 42.91 -68.93
N GLY A 220 68.01 42.26 -67.82
CA GLY A 220 68.59 40.94 -67.91
C GLY A 220 67.67 39.95 -68.60
N LEU A 221 66.37 40.03 -68.33
CA LEU A 221 65.41 39.20 -69.03
C LEU A 221 65.24 39.65 -70.47
N TRP A 222 65.33 40.96 -70.71
CA TRP A 222 65.15 41.52 -72.04
C TRP A 222 66.23 41.02 -73.02
N GLU A 223 67.42 40.76 -72.51
CA GLU A 223 68.46 40.15 -73.34
C GLU A 223 67.97 38.85 -73.98
N GLN A 224 67.23 38.05 -73.20
CA GLN A 224 66.75 36.77 -73.72
C GLN A 224 65.84 36.99 -74.92
N CYS A 225 64.96 37.98 -74.87
CA CYS A 225 64.14 38.30 -76.03
C CYS A 225 65.00 38.79 -77.18
N GLN A 226 66.03 39.57 -76.89
CA GLN A 226 66.93 40.01 -77.95
C GLN A 226 67.69 38.88 -78.60
N LEU A 227 67.70 37.69 -78.00
CA LEU A 227 68.31 36.54 -78.68
C LEU A 227 67.75 36.36 -80.08
N LEU A 228 66.47 36.65 -80.28
CA LEU A 228 65.86 36.47 -81.60
C LEU A 228 66.59 37.26 -82.69
N LYS A 229 67.20 38.38 -82.32
CA LYS A 229 67.84 39.27 -83.28
C LYS A 229 69.34 39.09 -83.37
N SER A 230 69.99 38.73 -82.25
CA SER A 230 71.44 38.75 -82.17
C SER A 230 72.08 37.41 -82.51
N THR A 231 71.38 36.30 -82.27
CA THR A 231 71.98 34.98 -82.39
C THR A 231 72.03 34.55 -83.84
N SER A 232 73.11 33.85 -84.20
CA SER A 232 73.31 33.46 -85.59
C SER A 232 72.26 32.46 -86.06
N VAL A 233 71.89 31.49 -85.22
CA VAL A 233 70.96 30.46 -85.65
C VAL A 233 69.61 31.07 -86.03
N PHE A 234 69.12 31.99 -85.21
CA PHE A 234 67.86 32.68 -85.54
C PHE A 234 68.03 33.59 -86.74
N ALA A 235 69.23 34.16 -86.92
CA ALA A 235 69.47 35.07 -88.03
C ALA A 235 69.28 34.39 -89.37
N ARG A 236 69.31 33.05 -89.41
CA ARG A 236 69.06 32.35 -90.66
C ARG A 236 67.67 32.67 -91.19
N CYS A 237 66.71 32.91 -90.30
CA CYS A 237 65.31 32.99 -90.66
C CYS A 237 64.86 34.40 -91.03
N HIS A 238 65.68 35.40 -90.80
CA HIS A 238 65.25 36.78 -91.05
C HIS A 238 64.74 37.00 -92.46
N PRO A 239 65.36 36.46 -93.52
CA PRO A 239 64.78 36.64 -94.86
C PRO A 239 63.38 36.09 -95.00
N LEU A 240 63.00 35.11 -94.18
CA LEU A 240 61.67 34.49 -94.26
C LEU A 240 60.69 35.05 -93.25
N VAL A 241 61.10 35.27 -92.01
CA VAL A 241 60.20 35.70 -90.95
C VAL A 241 60.83 36.87 -90.22
N ASP A 242 60.14 37.99 -90.19
CA ASP A 242 60.63 39.16 -89.48
C ASP A 242 60.55 38.91 -87.98
N PRO A 243 61.65 39.06 -87.24
CA PRO A 243 61.61 38.76 -85.80
C PRO A 243 61.00 39.84 -84.94
N GLU A 244 60.79 41.04 -85.47
CA GLU A 244 60.37 42.17 -84.63
C GLU A 244 59.05 41.92 -83.92
N PRO A 245 57.99 41.44 -84.58
CA PRO A 245 56.76 41.15 -83.83
C PRO A 245 56.97 40.19 -82.68
N PHE A 246 57.79 39.16 -82.92
CA PHE A 246 58.07 38.20 -81.86
C PHE A 246 58.86 38.84 -80.74
N VAL A 247 59.75 39.77 -81.07
CA VAL A 247 60.52 40.45 -80.04
C VAL A 247 59.60 41.30 -79.16
N ALA A 248 58.66 42.02 -79.78
CA ALA A 248 57.72 42.82 -79.00
C ALA A 248 56.86 41.94 -78.11
N LEU A 249 56.35 40.84 -78.67
CA LEU A 249 55.57 39.90 -77.87
C LEU A 249 56.39 39.35 -76.71
N CYS A 250 57.66 39.05 -76.96
CA CYS A 250 58.54 38.55 -75.91
C CYS A 250 58.74 39.58 -74.82
N GLU A 251 58.91 40.85 -75.20
CA GLU A 251 59.08 41.91 -74.21
C GLU A 251 57.85 42.02 -73.32
N LYS A 252 56.65 42.01 -73.92
CA LYS A 252 55.47 42.18 -73.10
C LYS A 252 55.17 40.94 -72.26
N THR A 253 55.55 39.73 -72.73
CA THR A 253 55.38 38.57 -71.86
C THR A 253 56.41 38.57 -70.73
N LEU A 254 57.59 39.14 -70.95
CA LEU A 254 58.51 39.36 -69.83
C LEU A 254 57.91 40.32 -68.82
N CYS A 255 57.26 41.37 -69.29
CA CYS A 255 56.50 42.21 -68.37
C CYS A 255 55.46 41.40 -67.61
N GLU A 256 54.81 40.46 -68.29
CA GLU A 256 53.88 39.56 -67.63
C GLU A 256 54.56 38.45 -66.86
N CYS A 257 55.87 38.27 -67.05
CA CYS A 257 56.59 37.14 -66.46
C CYS A 257 56.43 37.08 -64.95
N ALA A 258 56.51 35.86 -64.43
CA ALA A 258 56.53 35.60 -62.99
C ALA A 258 57.62 34.59 -62.66
N GLY A 259 58.72 34.60 -63.40
CA GLY A 259 59.79 33.65 -63.22
C GLY A 259 61.11 34.17 -63.74
N GLY A 260 61.93 33.28 -64.31
CA GLY A 260 63.25 33.62 -64.78
C GLY A 260 63.30 33.77 -66.29
N LEU A 261 64.46 33.43 -66.86
CA LEU A 261 64.67 33.59 -68.30
C LEU A 261 63.71 32.74 -69.13
N GLU A 262 63.13 31.69 -68.54
CA GLU A 262 62.25 30.81 -69.30
C GLU A 262 61.02 31.53 -69.83
N CYS A 263 60.68 32.69 -69.27
CA CYS A 263 59.50 33.41 -69.74
C CYS A 263 59.62 33.85 -71.19
N ALA A 264 60.84 33.98 -71.70
CA ALA A 264 61.04 34.33 -73.10
C ALA A 264 60.88 33.15 -74.03
N CYS A 265 60.87 31.93 -73.49
CA CYS A 265 60.89 30.74 -74.33
C CYS A 265 59.69 30.62 -75.27
N PRO A 266 58.44 30.91 -74.86
CA PRO A 266 57.34 30.76 -75.81
C PRO A 266 57.54 31.51 -77.11
N ALA A 267 58.05 32.74 -77.05
CA ALA A 267 58.27 33.51 -78.26
C ALA A 267 59.33 32.87 -79.14
N LEU A 268 60.44 32.42 -78.55
CA LEU A 268 61.49 31.77 -79.32
C LEU A 268 60.98 30.49 -79.97
N LEU A 269 60.22 29.69 -79.22
CA LEU A 269 59.69 28.44 -79.74
C LEU A 269 58.74 28.70 -80.89
N GLU A 270 57.84 29.69 -80.74
CA GLU A 270 56.91 30.00 -81.81
C GLU A 270 57.63 30.55 -83.03
N TYR A 271 58.67 31.35 -82.82
CA TYR A 271 59.44 31.85 -83.96
C TYR A 271 60.13 30.71 -84.70
N ALA A 272 60.71 29.77 -83.95
CA ALA A 272 61.35 28.62 -84.60
C ALA A 272 60.33 27.80 -85.36
N ARG A 273 59.13 27.62 -84.80
CA ARG A 273 58.11 26.84 -85.48
C ARG A 273 57.60 27.55 -86.72
N THR A 274 57.45 28.87 -86.66
CA THR A 274 57.08 29.64 -87.85
C THR A 274 58.13 29.50 -88.93
N CYS A 275 59.40 29.57 -88.56
CA CYS A 275 60.48 29.39 -89.53
C CYS A 275 60.44 28.00 -90.15
N ALA A 276 60.22 26.99 -89.31
CA ALA A 276 60.09 25.63 -89.83
C ALA A 276 58.94 25.52 -90.82
N GLN A 277 57.82 26.19 -90.52
CA GLN A 277 56.71 26.21 -91.47
C GLN A 277 57.13 26.87 -92.78
N GLU A 278 57.88 27.97 -92.70
CA GLU A 278 58.30 28.64 -93.92
C GLU A 278 59.36 27.85 -94.69
N GLY A 279 60.12 27.00 -94.02
CA GLY A 279 61.05 26.13 -94.71
C GLY A 279 62.38 25.92 -94.00
N MET A 280 62.81 26.87 -93.18
CA MET A 280 64.10 26.80 -92.51
C MET A 280 63.91 26.23 -91.12
N VAL A 281 64.42 25.02 -90.89
CA VAL A 281 64.46 24.45 -89.56
C VAL A 281 65.71 24.95 -88.86
N LEU A 282 65.54 25.49 -87.66
CA LEU A 282 66.63 26.16 -86.95
C LEU A 282 67.30 25.19 -85.98
N TYR A 283 67.91 24.14 -86.55
CA TYR A 283 68.34 22.96 -85.78
C TYR A 283 68.98 23.28 -84.43
N GLY A 284 69.71 24.37 -84.34
CA GLY A 284 70.48 24.67 -83.15
C GLY A 284 69.88 25.66 -82.17
N TRP A 285 68.61 26.05 -82.31
CA TRP A 285 68.12 27.13 -81.44
C TRP A 285 68.00 26.67 -79.99
N THR A 286 67.77 25.39 -79.76
CA THR A 286 67.61 24.92 -78.39
C THR A 286 68.92 24.91 -77.62
N ASP A 287 70.06 24.83 -78.32
CA ASP A 287 71.35 24.81 -77.64
C ASP A 287 71.83 26.21 -77.29
N HIS A 288 71.70 27.16 -78.22
CA HIS A 288 72.16 28.51 -77.96
C HIS A 288 71.36 29.18 -76.84
N SER A 289 70.05 29.00 -76.84
CA SER A 289 69.19 29.59 -75.83
C SER A 289 69.17 28.72 -74.57
N ALA A 290 68.59 29.27 -73.52
CA ALA A 290 68.43 28.57 -72.26
C ALA A 290 67.15 27.76 -72.21
N CYS A 291 66.39 27.70 -73.30
CA CYS A 291 65.09 27.06 -73.29
C CYS A 291 65.20 25.56 -73.52
N SER A 292 64.18 24.84 -73.08
CA SER A 292 64.09 23.40 -73.25
C SER A 292 62.62 23.02 -73.31
N PRO A 293 62.06 22.86 -74.51
CA PRO A 293 60.64 22.52 -74.61
C PRO A 293 60.32 21.24 -73.86
N VAL A 294 59.16 21.22 -73.22
CA VAL A 294 58.80 20.10 -72.36
C VAL A 294 58.58 18.86 -73.21
N CYS A 295 59.07 17.73 -72.73
CA CYS A 295 58.87 16.43 -73.35
C CYS A 295 58.55 15.42 -72.27
N PRO A 296 57.86 14.34 -72.61
CA PRO A 296 57.56 13.32 -71.61
C PRO A 296 58.82 12.62 -71.14
N ALA A 297 58.70 11.95 -70.00
CA ALA A 297 59.86 11.38 -69.31
C ALA A 297 60.69 10.53 -70.25
N GLY A 298 62.00 10.81 -70.28
CA GLY A 298 62.94 10.00 -71.03
C GLY A 298 63.13 10.40 -72.47
N MET A 299 62.26 11.23 -73.04
CA MET A 299 62.37 11.63 -74.43
C MET A 299 63.06 12.98 -74.55
N GLU A 300 63.89 13.12 -75.58
CA GLU A 300 64.58 14.36 -75.87
C GLU A 300 63.77 15.20 -76.85
N TYR A 301 63.83 16.51 -76.69
CA TYR A 301 63.29 17.41 -77.69
C TYR A 301 64.25 17.53 -78.85
N ARG A 302 63.72 17.48 -80.07
CA ARG A 302 64.58 17.62 -81.24
C ARG A 302 63.79 18.21 -82.38
N GLN A 303 64.46 19.01 -83.19
CA GLN A 303 63.85 19.55 -84.40
C GLN A 303 63.87 18.50 -85.49
N CYS A 304 62.85 18.52 -86.34
CA CYS A 304 62.79 17.69 -87.53
C CYS A 304 62.79 16.20 -87.17
N VAL A 305 61.93 15.84 -86.22
CA VAL A 305 61.67 14.44 -85.91
C VAL A 305 60.78 13.87 -87.01
N SER A 306 61.16 12.72 -87.55
CA SER A 306 60.34 12.10 -88.58
C SER A 306 59.04 11.60 -87.96
N PRO A 307 57.88 11.87 -88.57
CA PRO A 307 56.62 11.41 -87.97
C PRO A 307 56.55 9.90 -87.83
N CYS A 308 57.21 9.16 -88.72
CA CYS A 308 57.24 7.70 -88.67
C CYS A 308 58.28 7.18 -87.69
N ALA A 309 58.24 7.63 -86.45
CA ALA A 309 59.20 7.18 -85.44
C ALA A 309 59.03 5.69 -85.18
N ARG A 310 60.14 5.01 -84.91
CA ARG A 310 60.19 3.55 -84.87
C ARG A 310 59.78 3.04 -83.50
N THR A 311 58.55 2.53 -83.42
CA THR A 311 58.15 1.60 -82.37
C THR A 311 58.64 0.20 -82.73
N CYS A 312 58.93 -0.60 -81.70
CA CYS A 312 59.35 -1.97 -81.94
C CYS A 312 58.33 -2.72 -82.78
N GLN A 313 57.11 -2.84 -82.29
CA GLN A 313 56.08 -3.60 -83.00
C GLN A 313 55.57 -2.78 -84.19
N SER A 314 56.47 -2.53 -85.12
CA SER A 314 56.16 -1.78 -86.33
C SER A 314 56.83 -2.43 -87.52
N LEU A 315 56.11 -2.47 -88.63
CA LEU A 315 56.68 -3.02 -89.85
C LEU A 315 57.73 -2.07 -90.41
N HIS A 316 58.80 -2.65 -90.94
CA HIS A 316 59.91 -1.86 -91.46
C HIS A 316 59.61 -1.31 -92.86
N ILE A 317 58.48 -0.63 -93.01
CA ILE A 317 58.08 -0.07 -94.29
C ILE A 317 58.51 1.39 -94.30
N ASN A 318 59.72 1.64 -94.79
CA ASN A 318 60.24 3.00 -94.85
C ASN A 318 59.84 3.73 -96.12
N GLU A 319 59.45 3.00 -97.15
CA GLU A 319 59.06 3.62 -98.41
C GLU A 319 57.75 4.39 -98.30
N MET A 320 56.91 4.06 -97.32
CA MET A 320 55.64 4.74 -97.15
C MET A 320 55.84 6.16 -96.61
N CYS A 321 56.92 6.38 -95.87
CA CYS A 321 57.10 7.63 -95.12
C CYS A 321 57.69 8.70 -96.03
N GLN A 322 56.83 9.24 -96.90
CA GLN A 322 57.19 10.35 -97.77
C GLN A 322 56.91 11.71 -97.14
N GLU A 323 56.38 11.73 -95.92
CA GLU A 323 56.00 12.99 -95.30
C GLU A 323 57.22 13.78 -94.84
N ARG A 324 57.02 15.08 -94.63
CA ARG A 324 58.07 15.92 -94.09
C ARG A 324 58.20 15.68 -92.59
N CYS A 325 59.33 16.13 -92.05
CA CYS A 325 59.59 15.98 -90.63
C CYS A 325 58.91 17.09 -89.85
N VAL A 326 58.81 16.88 -88.53
CA VAL A 326 58.22 17.86 -87.64
C VAL A 326 59.09 17.98 -86.40
N ASP A 327 58.95 19.10 -85.71
CA ASP A 327 59.56 19.23 -84.40
C ASP A 327 58.78 18.43 -83.37
N GLY A 328 59.47 17.97 -82.35
CA GLY A 328 58.82 17.20 -81.30
C GLY A 328 59.84 16.43 -80.49
N CYS A 329 59.31 15.51 -79.70
CA CYS A 329 60.11 14.71 -78.80
C CYS A 329 60.48 13.38 -79.46
N SER A 330 61.62 12.84 -79.05
CA SER A 330 62.11 11.59 -79.58
C SER A 330 62.83 10.83 -78.48
N CYS A 331 62.80 9.51 -78.58
CA CYS A 331 63.61 8.71 -77.66
C CYS A 331 65.08 8.89 -78.00
N PRO A 332 65.95 8.78 -77.00
CA PRO A 332 67.39 8.91 -77.26
C PRO A 332 67.84 7.91 -78.31
N GLU A 333 68.93 8.25 -78.98
CA GLU A 333 69.43 7.43 -80.08
C GLU A 333 69.68 6.00 -79.62
N GLY A 334 69.26 5.04 -80.44
CA GLY A 334 69.39 3.64 -80.13
C GLY A 334 68.22 3.04 -79.38
N GLN A 335 67.36 3.86 -78.78
CA GLN A 335 66.18 3.38 -78.09
C GLN A 335 64.96 3.43 -79.00
N LEU A 336 63.93 2.67 -78.63
CA LEU A 336 62.71 2.56 -79.39
C LEU A 336 61.51 2.76 -78.49
N LEU A 337 60.39 3.15 -79.08
CA LEU A 337 59.16 3.34 -78.34
C LEU A 337 58.47 2.02 -78.08
N ASP A 338 57.79 1.94 -76.94
CA ASP A 338 57.01 0.75 -76.60
C ASP A 338 55.91 1.21 -75.64
N GLU A 339 54.69 1.33 -76.16
CA GLU A 339 53.56 1.84 -75.39
C GLU A 339 53.86 3.22 -74.81
N GLY A 340 54.54 4.05 -75.61
CA GLY A 340 54.88 5.40 -75.23
C GLY A 340 56.17 5.54 -74.45
N LEU A 341 56.67 4.45 -73.86
CA LEU A 341 57.93 4.49 -73.14
C LEU A 341 59.08 4.15 -74.08
N CYS A 342 60.27 4.63 -73.73
CA CYS A 342 61.47 4.36 -74.53
C CYS A 342 62.19 3.15 -73.96
N VAL A 343 62.53 2.21 -74.83
CA VAL A 343 63.18 0.98 -74.45
C VAL A 343 64.35 0.72 -75.39
N GLU A 344 65.29 -0.09 -74.93
CA GLU A 344 66.40 -0.50 -75.78
C GLU A 344 65.89 -1.41 -76.89
N SER A 345 66.60 -1.40 -78.02
CA SER A 345 66.17 -2.18 -79.17
C SER A 345 66.09 -3.66 -78.84
N THR A 346 66.98 -4.15 -77.97
CA THR A 346 66.97 -5.55 -77.57
C THR A 346 66.06 -5.83 -76.39
N GLU A 347 65.66 -4.80 -75.64
CA GLU A 347 64.85 -4.96 -74.45
C GLU A 347 63.38 -5.16 -74.75
N CYS A 348 62.96 -4.88 -75.91
CA CYS A 348 61.55 -4.61 -76.10
C CYS A 348 60.77 -5.83 -76.56
N PRO A 349 59.51 -5.94 -76.15
CA PRO A 349 58.83 -7.23 -76.10
C PRO A 349 58.10 -7.60 -77.38
N CYS A 350 57.59 -8.83 -77.39
CA CYS A 350 56.66 -9.33 -78.39
C CYS A 350 55.23 -9.09 -77.93
N VAL A 351 54.32 -9.11 -78.89
CA VAL A 351 52.90 -8.92 -78.63
C VAL A 351 52.15 -10.14 -79.15
N HIS A 352 51.22 -10.64 -78.33
CA HIS A 352 50.33 -11.71 -78.75
C HIS A 352 49.03 -11.62 -77.96
N SER A 353 47.91 -11.84 -78.65
CA SER A 353 46.60 -11.81 -78.01
C SER A 353 46.34 -10.48 -77.30
N GLY A 354 46.95 -9.42 -77.78
CA GLY A 354 46.83 -8.13 -77.14
C GLY A 354 47.69 -7.94 -75.91
N LYS A 355 48.50 -8.94 -75.56
CA LYS A 355 49.38 -8.89 -74.41
C LYS A 355 50.83 -8.78 -74.87
N ARG A 356 51.65 -8.14 -74.06
CA ARG A 356 53.08 -8.02 -74.32
C ARG A 356 53.85 -8.95 -73.41
N TYR A 357 54.82 -9.66 -73.98
CA TYR A 357 55.64 -10.59 -73.23
C TYR A 357 57.11 -10.25 -73.41
N PRO A 358 57.90 -10.28 -72.34
CA PRO A 358 59.32 -9.97 -72.46
C PRO A 358 60.03 -10.97 -73.35
N PRO A 359 61.22 -10.63 -73.85
CA PRO A 359 61.97 -11.59 -74.66
C PRO A 359 62.33 -12.83 -73.86
N GLY A 360 62.40 -13.95 -74.55
CA GLY A 360 62.72 -15.22 -73.94
C GLY A 360 61.53 -15.96 -73.37
N THR A 361 60.37 -15.33 -73.28
CA THR A 361 59.19 -16.01 -72.78
C THR A 361 58.71 -17.04 -73.79
N SER A 362 58.09 -18.09 -73.28
CA SER A 362 57.59 -19.18 -74.09
C SER A 362 56.08 -19.32 -73.92
N LEU A 363 55.38 -19.49 -75.02
CA LEU A 363 53.95 -19.71 -75.02
C LEU A 363 53.64 -21.01 -75.73
N SER A 364 52.69 -21.76 -75.19
CA SER A 364 52.30 -23.03 -75.75
C SER A 364 51.06 -22.88 -76.62
N ARG A 365 51.02 -23.68 -77.69
CA ARG A 365 49.84 -23.78 -78.56
C ARG A 365 49.64 -25.28 -78.80
N ASP A 366 48.86 -25.90 -77.94
CA ASP A 366 48.83 -27.36 -77.84
C ASP A 366 50.23 -27.91 -77.63
N CYS A 367 50.66 -28.80 -78.51
CA CYS A 367 51.95 -29.44 -78.36
C CYS A 367 53.11 -28.57 -78.82
N ASN A 368 52.85 -27.43 -79.45
CA ASN A 368 53.89 -26.54 -79.92
C ASN A 368 54.19 -25.47 -78.88
N THR A 369 55.37 -24.87 -79.00
CA THR A 369 55.76 -23.73 -78.18
C THR A 369 56.30 -22.64 -79.07
N CYS A 370 56.10 -21.39 -78.64
CA CYS A 370 56.55 -20.22 -79.38
C CYS A 370 57.39 -19.36 -78.46
N ILE A 371 58.60 -19.00 -78.91
CA ILE A 371 59.56 -18.27 -78.10
C ILE A 371 59.66 -16.85 -78.63
N CYS A 372 59.56 -15.87 -77.72
CA CYS A 372 59.70 -14.47 -78.10
C CYS A 372 61.17 -14.12 -78.25
N ARG A 373 61.59 -13.79 -79.47
CA ARG A 373 62.94 -13.35 -79.75
C ARG A 373 62.87 -12.14 -80.67
N ASN A 374 63.62 -11.10 -80.34
CA ASN A 374 63.45 -9.79 -80.97
C ASN A 374 61.99 -9.41 -80.76
N SER A 375 61.28 -8.94 -81.78
CA SER A 375 59.85 -8.72 -81.68
C SER A 375 59.04 -9.91 -82.17
N GLN A 376 59.69 -10.95 -82.67
CA GLN A 376 59.03 -12.07 -83.32
C GLN A 376 58.88 -13.24 -82.37
N TRP A 377 58.06 -14.20 -82.78
CA TRP A 377 57.87 -15.46 -82.07
C TRP A 377 58.47 -16.58 -82.91
N ILE A 378 59.26 -17.42 -82.27
CA ILE A 378 59.83 -18.60 -82.92
C ILE A 378 58.99 -19.79 -82.48
N CYS A 379 58.24 -20.37 -83.40
CA CYS A 379 57.22 -21.36 -83.08
C CYS A 379 57.66 -22.74 -83.52
N SER A 380 57.04 -23.76 -82.91
CA SER A 380 57.58 -25.11 -82.94
C SER A 380 57.24 -25.91 -84.19
N ASN A 381 56.27 -25.49 -85.00
CA ASN A 381 56.03 -26.09 -86.31
C ASN A 381 56.00 -27.62 -86.29
N GLU A 382 55.18 -28.19 -85.42
CA GLU A 382 55.05 -29.64 -85.36
C GLU A 382 53.57 -30.00 -85.26
N GLU A 383 53.25 -31.21 -85.70
CA GLU A 383 51.87 -31.69 -85.68
C GLU A 383 51.48 -32.09 -84.27
N CYS A 384 50.29 -31.68 -83.86
CA CYS A 384 49.71 -32.03 -82.58
C CYS A 384 48.57 -33.01 -82.76
N PRO A 385 48.11 -33.66 -81.68
CA PRO A 385 47.04 -34.65 -81.82
C PRO A 385 45.79 -34.03 -82.43
N GLY A 386 45.14 -34.81 -83.29
CA GLY A 386 43.91 -34.37 -83.93
C GLY A 386 42.69 -34.83 -83.18
N GLU A 387 41.74 -33.92 -83.01
CA GLU A 387 40.50 -34.18 -82.28
C GLU A 387 39.33 -33.95 -83.20
N CYS A 388 38.68 -35.01 -83.64
CA CYS A 388 37.41 -34.92 -84.34
C CYS A 388 36.27 -34.97 -83.34
N LEU A 389 35.20 -34.25 -83.62
CA LEU A 389 34.15 -34.07 -82.63
C LEU A 389 32.79 -34.11 -83.30
N VAL A 390 31.87 -34.85 -82.69
CA VAL A 390 30.44 -34.80 -83.00
C VAL A 390 29.74 -34.46 -81.71
N THR A 391 29.05 -33.32 -81.65
CA THR A 391 28.70 -32.78 -80.35
C THR A 391 27.28 -32.25 -80.24
N GLY A 392 26.35 -32.78 -81.04
CA GLY A 392 25.01 -32.29 -80.88
C GLY A 392 24.09 -32.72 -81.98
N GLN A 393 23.30 -31.79 -82.51
CA GLN A 393 22.41 -32.08 -83.62
C GLN A 393 23.22 -32.14 -84.92
N SER A 394 24.15 -33.08 -84.96
CA SER A 394 24.97 -33.35 -86.14
C SER A 394 25.95 -32.23 -86.42
N HIS A 395 26.45 -31.58 -85.37
CA HIS A 395 27.57 -30.67 -85.53
C HIS A 395 28.88 -31.43 -85.48
N PHE A 396 29.78 -31.08 -86.39
CA PHE A 396 31.02 -31.79 -86.57
C PHE A 396 32.20 -30.84 -86.46
N LYS A 397 33.34 -31.39 -86.08
CA LYS A 397 34.62 -30.73 -86.25
C LYS A 397 35.59 -31.75 -86.83
N SER A 398 36.14 -31.46 -88.00
CA SER A 398 37.11 -32.35 -88.58
C SER A 398 38.40 -32.31 -87.78
N PHE A 399 39.29 -33.25 -88.08
CA PHE A 399 40.59 -33.26 -87.42
C PHE A 399 41.38 -31.99 -87.69
N ASP A 400 41.07 -31.29 -88.77
CA ASP A 400 41.71 -30.03 -89.13
C ASP A 400 40.88 -28.82 -88.75
N ASN A 401 39.94 -28.98 -87.83
CA ASN A 401 39.16 -27.88 -87.28
C ASN A 401 38.20 -27.26 -88.28
N ARG A 402 37.70 -28.05 -89.23
CA ARG A 402 36.63 -27.59 -90.10
C ARG A 402 35.29 -27.90 -89.45
N TYR A 403 34.62 -26.88 -88.95
CA TYR A 403 33.30 -27.04 -88.37
C TYR A 403 32.25 -27.12 -89.46
N PHE A 404 31.29 -28.02 -89.29
CA PHE A 404 30.18 -28.12 -90.21
C PHE A 404 29.06 -28.89 -89.55
N THR A 405 27.86 -28.76 -90.13
CA THR A 405 26.68 -29.47 -89.69
C THR A 405 26.11 -30.21 -90.89
N PHE A 406 25.71 -31.45 -90.70
CA PHE A 406 25.32 -32.27 -91.84
C PHE A 406 23.92 -32.84 -91.74
N SER A 407 23.50 -33.32 -90.57
CA SER A 407 22.11 -33.73 -90.32
C SER A 407 21.62 -34.86 -91.22
N GLY A 408 22.51 -35.72 -91.70
CA GLY A 408 22.08 -36.86 -92.47
C GLY A 408 21.63 -38.01 -91.57
N ILE A 409 20.72 -38.83 -92.08
CA ILE A 409 20.18 -39.96 -91.32
C ILE A 409 20.63 -41.24 -91.99
N CYS A 410 21.76 -41.77 -91.56
CA CYS A 410 22.29 -43.06 -92.00
C CYS A 410 23.46 -43.43 -91.11
N GLN A 411 24.12 -44.53 -91.43
CA GLN A 411 25.40 -44.87 -90.84
C GLN A 411 26.51 -44.31 -91.72
N TYR A 412 27.32 -43.41 -91.15
CA TYR A 412 28.33 -42.68 -91.90
C TYR A 412 29.71 -43.02 -91.37
N LEU A 413 30.68 -43.11 -92.27
CA LEU A 413 32.05 -43.40 -91.88
C LEU A 413 32.66 -42.15 -91.26
N LEU A 414 32.75 -42.13 -89.95
CA LEU A 414 33.22 -40.93 -89.26
C LEU A 414 34.72 -40.75 -89.42
N ALA A 415 35.49 -41.79 -89.14
CA ALA A 415 36.94 -41.72 -89.27
C ALA A 415 37.49 -43.12 -89.49
N ARG A 416 38.41 -43.26 -90.42
CA ARG A 416 39.01 -44.55 -90.72
C ARG A 416 40.44 -44.32 -91.15
N ASP A 417 41.30 -45.30 -90.90
CA ASP A 417 42.67 -45.29 -91.39
C ASP A 417 42.68 -45.98 -92.74
N CYS A 418 42.40 -45.22 -93.80
CA CYS A 418 42.37 -45.81 -95.13
C CYS A 418 43.72 -46.27 -95.63
N GLN A 419 44.81 -45.93 -94.92
CA GLN A 419 46.14 -46.34 -95.36
C GLN A 419 46.54 -47.72 -94.83
N ASP A 420 46.36 -47.95 -93.52
CA ASP A 420 46.73 -49.22 -92.91
C ASP A 420 45.57 -49.97 -92.28
N HIS A 421 44.37 -49.39 -92.27
CA HIS A 421 43.17 -50.02 -91.70
C HIS A 421 43.38 -50.41 -90.24
N SER A 422 44.09 -49.56 -89.50
CA SER A 422 44.29 -49.79 -88.08
C SER A 422 42.98 -49.78 -87.31
N PHE A 423 42.01 -48.99 -87.75
CA PHE A 423 40.73 -48.81 -87.07
C PHE A 423 39.71 -48.30 -88.06
N SER A 424 38.45 -48.28 -87.64
CA SER A 424 37.36 -47.79 -88.47
C SER A 424 36.19 -47.44 -87.57
N ILE A 425 35.80 -46.16 -87.56
CA ILE A 425 34.76 -45.66 -86.68
C ILE A 425 33.54 -45.27 -87.52
N VAL A 426 32.37 -45.76 -87.13
CA VAL A 426 31.12 -45.49 -87.84
C VAL A 426 30.10 -44.97 -86.84
N ILE A 427 29.31 -43.98 -87.24
CA ILE A 427 28.29 -43.39 -86.39
C ILE A 427 26.92 -43.65 -87.00
N GLU A 428 25.95 -43.95 -86.15
CA GLU A 428 24.57 -44.15 -86.57
C GLU A 428 23.76 -42.93 -86.15
N THR A 429 23.25 -42.20 -87.13
CA THR A 429 22.51 -40.97 -86.89
C THR A 429 21.01 -41.21 -87.06
N VAL A 430 20.23 -40.64 -86.15
CA VAL A 430 18.78 -40.71 -86.21
C VAL A 430 18.24 -39.31 -85.96
N GLN A 431 17.02 -39.07 -86.43
CA GLN A 431 16.31 -37.87 -86.05
C GLN A 431 16.07 -37.90 -84.54
N CYS A 432 16.44 -36.84 -83.86
CA CYS A 432 16.43 -36.83 -82.40
C CYS A 432 15.34 -35.95 -81.83
N ALA A 433 14.39 -35.53 -82.63
CA ALA A 433 13.23 -34.76 -82.19
C ALA A 433 12.23 -34.73 -83.33
N ASP A 434 11.14 -33.98 -83.13
CA ASP A 434 10.14 -33.85 -84.17
C ASP A 434 10.64 -33.08 -85.37
N ASP A 435 11.50 -32.09 -85.14
CA ASP A 435 11.97 -31.24 -86.23
C ASP A 435 12.82 -32.03 -87.21
N ARG A 436 12.69 -31.68 -88.49
CA ARG A 436 13.56 -32.29 -89.49
C ARG A 436 15.02 -31.93 -89.26
N ASP A 437 15.29 -30.80 -88.61
CA ASP A 437 16.65 -30.35 -88.40
C ASP A 437 17.33 -31.01 -87.21
N ALA A 438 16.59 -31.76 -86.38
CA ALA A 438 17.15 -32.38 -85.19
C ALA A 438 17.57 -33.80 -85.52
N VAL A 439 18.83 -33.96 -85.89
CA VAL A 439 19.43 -35.25 -86.18
C VAL A 439 20.70 -35.37 -85.36
N CYS A 440 20.80 -36.41 -84.53
CA CYS A 440 21.97 -36.58 -83.69
C CYS A 440 22.36 -38.05 -83.67
N THR A 441 23.62 -38.30 -83.30
CA THR A 441 24.16 -39.66 -83.32
C THR A 441 23.57 -40.50 -82.20
N ARG A 442 23.09 -41.69 -82.56
CA ARG A 442 22.52 -42.59 -81.56
C ARG A 442 23.56 -43.54 -80.99
N SER A 443 24.37 -44.15 -81.85
CA SER A 443 25.34 -45.14 -81.41
C SER A 443 26.59 -45.02 -82.28
N VAL A 444 27.70 -45.54 -81.75
CA VAL A 444 28.99 -45.52 -82.42
C VAL A 444 29.49 -46.95 -82.56
N THR A 445 30.15 -47.24 -83.67
CA THR A 445 30.70 -48.56 -83.94
C THR A 445 32.16 -48.42 -84.33
N VAL A 446 33.01 -49.28 -83.77
CA VAL A 446 34.45 -49.21 -83.95
C VAL A 446 34.96 -50.60 -84.32
N ARG A 447 35.58 -50.72 -85.49
CA ARG A 447 36.27 -51.94 -85.87
C ARG A 447 37.75 -51.82 -85.56
N LEU A 448 38.33 -52.90 -85.06
CA LEU A 448 39.74 -52.95 -84.67
C LEU A 448 40.35 -54.18 -85.32
N PRO A 449 40.66 -54.12 -86.61
CA PRO A 449 41.13 -55.33 -87.31
C PRO A 449 42.31 -56.02 -86.64
N GLY A 450 43.23 -55.25 -86.05
CA GLY A 450 44.38 -55.84 -85.41
C GLY A 450 44.03 -56.63 -84.16
N LEU A 451 42.91 -56.31 -83.54
CA LEU A 451 42.39 -57.05 -82.39
C LEU A 451 41.37 -58.09 -82.84
N HIS A 452 41.86 -59.00 -83.69
CA HIS A 452 41.10 -60.11 -84.25
C HIS A 452 39.75 -59.69 -84.84
N ASN A 453 39.75 -58.51 -85.48
CA ASN A 453 38.55 -57.90 -86.08
C ASN A 453 37.42 -57.68 -85.07
N SER A 454 37.78 -57.26 -83.86
CA SER A 454 36.79 -56.89 -82.85
C SER A 454 35.90 -55.75 -83.33
N LEU A 455 34.61 -55.84 -82.98
CA LEU A 455 33.59 -54.85 -83.35
C LEU A 455 32.95 -54.27 -82.09
N VAL A 456 33.53 -53.21 -81.52
CA VAL A 456 32.93 -52.54 -80.38
C VAL A 456 31.79 -51.66 -80.84
N LYS A 457 30.69 -51.66 -80.09
CA LYS A 457 29.58 -50.74 -80.31
C LYS A 457 29.32 -49.93 -79.05
N LEU A 458 29.51 -48.62 -79.13
CA LEU A 458 29.17 -47.73 -78.04
C LEU A 458 27.72 -47.28 -78.22
N LYS A 459 26.88 -47.63 -77.26
CA LYS A 459 25.44 -47.50 -77.37
C LYS A 459 24.92 -46.24 -76.67
N HIS A 460 23.68 -45.89 -77.00
CA HIS A 460 23.00 -44.80 -76.30
C HIS A 460 22.85 -45.16 -74.83
N GLY A 461 23.00 -44.17 -73.97
CA GLY A 461 23.04 -44.42 -72.55
C GLY A 461 24.40 -44.81 -72.01
N ALA A 462 25.43 -44.80 -72.84
CA ALA A 462 26.82 -45.06 -72.47
C ALA A 462 27.10 -46.52 -72.21
N GLY A 463 26.26 -47.42 -72.69
CA GLY A 463 26.59 -48.82 -72.67
C GLY A 463 27.56 -49.19 -73.76
N VAL A 464 28.17 -50.36 -73.63
CA VAL A 464 29.12 -50.88 -74.61
C VAL A 464 28.79 -52.32 -74.90
N ALA A 465 28.90 -52.72 -76.17
CA ALA A 465 28.88 -54.11 -76.56
C ALA A 465 30.13 -54.43 -77.36
N MET A 466 30.54 -55.68 -77.33
CA MET A 466 31.69 -56.14 -78.10
C MET A 466 31.33 -57.44 -78.79
N ASP A 467 31.46 -57.46 -80.13
CA ASP A 467 31.00 -58.58 -80.95
C ASP A 467 29.58 -59.01 -80.59
N GLY A 468 28.75 -58.03 -80.25
CA GLY A 468 27.37 -58.26 -79.86
C GLY A 468 27.15 -58.64 -78.42
N GLN A 469 28.20 -59.02 -77.70
CA GLN A 469 28.10 -59.29 -76.27
C GLN A 469 28.11 -57.96 -75.52
N ASP A 470 27.08 -57.70 -74.73
CA ASP A 470 27.15 -56.58 -73.80
C ASP A 470 28.20 -56.85 -72.75
N VAL A 471 29.08 -55.87 -72.52
CA VAL A 471 30.25 -56.07 -71.68
C VAL A 471 30.23 -55.11 -70.50
N GLN A 472 30.89 -55.53 -69.43
CA GLN A 472 30.92 -54.85 -68.16
C GLN A 472 32.27 -54.16 -68.01
N LEU A 473 32.26 -52.90 -67.57
CA LEU A 473 33.41 -52.02 -67.62
C LEU A 473 34.02 -51.83 -66.23
N PRO A 474 35.33 -51.56 -66.13
CA PRO A 474 36.33 -51.43 -67.20
C PRO A 474 36.70 -52.71 -67.90
N LEU A 475 37.02 -52.61 -69.18
CA LEU A 475 37.45 -53.73 -70.00
C LEU A 475 38.89 -53.52 -70.43
N LEU A 476 39.76 -54.46 -70.05
CA LEU A 476 41.15 -54.51 -70.51
C LEU A 476 41.32 -55.74 -71.37
N LYS A 477 41.69 -55.55 -72.63
CA LYS A 477 41.75 -56.68 -73.56
C LYS A 477 42.82 -56.37 -74.61
N GLY A 478 44.04 -56.80 -74.34
CA GLY A 478 45.15 -56.43 -75.19
C GLY A 478 45.40 -54.94 -75.15
N ASP A 479 45.60 -54.35 -76.33
CA ASP A 479 45.76 -52.91 -76.45
C ASP A 479 44.47 -52.14 -76.17
N LEU A 480 43.31 -52.76 -76.33
CA LEU A 480 42.03 -52.10 -76.10
C LEU A 480 41.74 -51.92 -74.62
N ARG A 481 41.35 -50.70 -74.24
CA ARG A 481 40.98 -50.35 -72.89
C ARG A 481 39.71 -49.51 -72.95
N ILE A 482 38.72 -49.84 -72.13
CA ILE A 482 37.46 -49.11 -72.10
C ILE A 482 37.08 -48.91 -70.63
N GLN A 483 36.71 -47.68 -70.26
CA GLN A 483 36.40 -47.41 -68.88
C GLN A 483 35.51 -46.18 -68.77
N HIS A 484 34.76 -46.11 -67.67
CA HIS A 484 33.91 -44.96 -67.40
C HIS A 484 34.73 -43.77 -66.93
N THR A 485 34.49 -42.61 -67.54
CA THR A 485 35.06 -41.38 -67.06
C THR A 485 34.29 -40.88 -65.85
N VAL A 486 34.87 -39.91 -65.13
CA VAL A 486 34.20 -39.31 -63.99
C VAL A 486 32.85 -38.71 -64.40
N THR A 487 32.73 -38.27 -65.64
CA THR A 487 31.48 -37.74 -66.18
C THR A 487 30.48 -38.82 -66.54
N ALA A 488 30.78 -40.09 -66.26
CA ALA A 488 30.02 -41.28 -66.67
C ALA A 488 30.16 -41.55 -68.16
N SER A 489 30.96 -40.77 -68.87
CA SER A 489 31.19 -41.02 -70.29
C SER A 489 32.16 -42.17 -70.47
N VAL A 490 31.89 -43.01 -71.46
CA VAL A 490 32.76 -44.13 -71.78
C VAL A 490 33.97 -43.62 -72.54
N ARG A 491 35.16 -43.93 -72.03
CA ARG A 491 36.42 -43.59 -72.68
C ARG A 491 37.07 -44.85 -73.22
N LEU A 492 37.33 -44.88 -74.51
CA LEU A 492 37.97 -46.01 -75.17
C LEU A 492 39.37 -45.61 -75.61
N SER A 493 40.31 -46.53 -75.47
CA SER A 493 41.68 -46.32 -75.90
C SER A 493 42.16 -47.59 -76.60
N TYR A 494 42.97 -47.41 -77.64
CA TYR A 494 43.50 -48.56 -78.37
C TYR A 494 44.95 -48.27 -78.73
N GLY A 495 45.87 -48.85 -77.98
CA GLY A 495 47.24 -48.42 -77.98
C GLY A 495 47.39 -47.04 -77.35
N GLU A 496 48.36 -46.29 -77.87
CA GLU A 496 48.52 -44.88 -77.55
C GLU A 496 47.88 -43.96 -78.58
N ASP A 497 47.75 -44.43 -79.82
CA ASP A 497 47.49 -43.59 -80.98
C ASP A 497 46.01 -43.32 -81.26
N LEU A 498 45.09 -44.05 -80.64
CA LEU A 498 43.66 -43.81 -80.82
C LEU A 498 42.97 -43.72 -79.47
N GLN A 499 42.09 -42.74 -79.34
CA GLN A 499 41.26 -42.61 -78.16
C GLN A 499 39.91 -42.02 -78.55
N MET A 500 38.88 -42.38 -77.79
CA MET A 500 37.52 -41.93 -78.01
C MET A 500 36.88 -41.65 -76.67
N ASP A 501 35.88 -40.76 -76.67
CA ASP A 501 35.18 -40.42 -75.45
C ASP A 501 33.71 -40.19 -75.78
N TRP A 502 32.84 -41.08 -75.31
CA TRP A 502 31.45 -41.16 -75.72
C TRP A 502 30.57 -40.90 -74.51
N ASP A 503 29.76 -39.85 -74.57
CA ASP A 503 28.93 -39.49 -73.43
C ASP A 503 27.61 -40.22 -73.38
N GLY A 504 27.23 -40.93 -74.43
CA GLY A 504 25.99 -41.67 -74.46
C GLY A 504 24.78 -40.89 -74.89
N ARG A 505 24.84 -39.57 -74.88
CA ARG A 505 23.72 -38.75 -75.32
C ARG A 505 23.86 -38.29 -76.76
N GLY A 506 25.05 -38.41 -77.34
CA GLY A 506 25.24 -38.03 -78.72
C GLY A 506 26.54 -37.33 -78.99
N ARG A 507 27.31 -37.04 -77.95
CA ARG A 507 28.60 -36.38 -78.10
C ARG A 507 29.71 -37.42 -78.19
N LEU A 508 30.52 -37.32 -79.23
CA LEU A 508 31.66 -38.21 -79.43
C LEU A 508 32.88 -37.37 -79.76
N LEU A 509 33.98 -37.60 -79.03
CA LEU A 509 35.25 -36.95 -79.29
C LEU A 509 36.29 -38.02 -79.60
N VAL A 510 36.89 -37.95 -80.78
CA VAL A 510 37.91 -38.89 -81.22
C VAL A 510 39.25 -38.17 -81.26
N LYS A 511 40.23 -38.68 -80.51
CA LYS A 511 41.56 -38.10 -80.47
C LYS A 511 42.56 -39.06 -81.08
N LEU A 512 43.22 -38.64 -82.16
CA LEU A 512 44.29 -39.39 -82.80
C LEU A 512 45.64 -38.74 -82.53
N SER A 513 46.65 -39.55 -82.23
CA SER A 513 48.01 -39.06 -82.16
C SER A 513 48.53 -38.72 -83.55
N PRO A 514 49.64 -37.98 -83.64
CA PRO A 514 50.19 -37.62 -84.95
C PRO A 514 50.54 -38.80 -85.83
N VAL A 515 50.59 -40.01 -85.30
CA VAL A 515 50.91 -41.19 -86.11
C VAL A 515 49.94 -41.38 -87.26
N TYR A 516 48.69 -40.95 -87.10
CA TYR A 516 47.67 -41.09 -88.12
C TYR A 516 47.52 -39.87 -89.03
N ALA A 517 48.36 -38.86 -88.89
CA ALA A 517 48.25 -37.67 -89.73
C ALA A 517 48.37 -38.05 -91.19
N GLY A 518 47.43 -37.54 -92.00
CA GLY A 518 47.39 -37.85 -93.42
C GLY A 518 46.85 -39.21 -93.77
N LYS A 519 46.82 -40.14 -92.82
CA LYS A 519 46.34 -41.49 -93.09
C LYS A 519 44.83 -41.63 -92.96
N THR A 520 44.14 -40.64 -92.44
CA THR A 520 42.76 -40.75 -92.02
C THR A 520 41.82 -40.43 -93.20
N CYS A 521 40.57 -40.84 -93.06
CA CYS A 521 39.56 -40.69 -94.09
C CYS A 521 38.19 -40.78 -93.43
N GLY A 522 37.19 -40.19 -94.07
CA GLY A 522 35.85 -40.14 -93.54
C GLY A 522 35.39 -38.73 -93.30
N LEU A 523 34.24 -38.61 -92.61
CA LEU A 523 33.69 -37.29 -92.31
C LEU A 523 34.68 -36.41 -91.56
N CYS A 524 35.52 -37.01 -90.72
CA CYS A 524 36.47 -36.22 -89.95
C CYS A 524 37.61 -35.67 -90.80
N GLY A 525 37.69 -36.03 -92.06
CA GLY A 525 38.74 -35.51 -92.91
C GLY A 525 40.00 -36.34 -92.87
N ASN A 526 40.98 -35.89 -93.63
CA ASN A 526 42.24 -36.62 -93.79
C ASN A 526 43.30 -36.25 -92.76
N TYR A 527 43.00 -35.36 -91.82
CA TYR A 527 43.90 -35.05 -90.71
C TYR A 527 45.29 -34.69 -91.23
N ASN A 528 45.37 -33.59 -91.98
CA ASN A 528 46.62 -33.11 -92.53
C ASN A 528 46.83 -31.62 -92.30
N GLY A 529 46.17 -31.05 -91.28
CA GLY A 529 46.41 -29.67 -90.93
C GLY A 529 45.83 -28.65 -91.87
N ASN A 530 44.91 -29.05 -92.75
CA ASN A 530 44.33 -28.16 -93.75
C ASN A 530 42.82 -28.32 -93.75
N GLN A 531 42.11 -27.21 -93.57
CA GLN A 531 40.65 -27.23 -93.67
C GLN A 531 40.18 -27.37 -95.10
N GLY A 532 41.00 -26.95 -96.06
CA GLY A 532 40.54 -26.81 -97.44
C GLY A 532 40.06 -28.10 -98.06
N ASP A 533 40.67 -29.22 -97.73
CA ASP A 533 40.38 -30.48 -98.38
C ASP A 533 39.58 -31.44 -97.49
N ASP A 534 38.97 -30.94 -96.43
CA ASP A 534 38.26 -31.83 -95.53
C ASP A 534 36.95 -32.33 -96.12
N PHE A 535 36.41 -31.65 -97.13
CA PHE A 535 35.25 -32.17 -97.84
C PHE A 535 35.63 -33.13 -98.96
N LEU A 536 36.81 -33.73 -98.89
CA LEU A 536 37.16 -34.80 -99.81
C LEU A 536 36.18 -35.95 -99.69
N THR A 537 36.07 -36.72 -100.76
CA THR A 537 35.15 -37.85 -100.85
C THR A 537 35.89 -39.04 -101.43
N PRO A 538 35.39 -40.25 -101.24
CA PRO A 538 36.07 -41.42 -101.82
C PRO A 538 36.25 -41.33 -103.31
N SER A 539 35.50 -40.46 -103.99
CA SER A 539 35.72 -40.22 -105.42
C SER A 539 37.04 -39.54 -105.70
N GLY A 540 37.70 -38.99 -104.68
CA GLY A 540 38.96 -38.31 -104.84
C GLY A 540 38.87 -36.81 -105.04
N LEU A 541 37.67 -36.26 -105.14
CA LEU A 541 37.47 -34.83 -105.32
C LEU A 541 36.77 -34.24 -104.11
N ALA A 542 36.99 -32.94 -103.90
CA ALA A 542 36.41 -32.23 -102.77
C ALA A 542 35.08 -31.63 -103.17
N GLU A 543 34.03 -32.01 -102.47
CA GLU A 543 32.70 -31.48 -102.75
C GLU A 543 32.56 -30.09 -102.14
N PRO A 544 32.13 -29.09 -102.92
CA PRO A 544 31.92 -27.75 -102.35
C PRO A 544 30.75 -27.67 -101.40
N ARG A 545 29.86 -28.65 -101.40
CA ARG A 545 28.65 -28.65 -100.59
C ARG A 545 28.75 -29.69 -99.49
N VAL A 546 28.36 -29.32 -98.28
CA VAL A 546 28.41 -30.28 -97.17
C VAL A 546 27.47 -31.44 -97.42
N GLU A 547 26.33 -31.19 -98.07
CA GLU A 547 25.36 -32.25 -98.30
C GLU A 547 25.94 -33.36 -99.16
N ASP A 548 26.52 -33.02 -100.31
CA ASP A 548 27.12 -34.03 -101.17
C ASP A 548 28.29 -34.73 -100.49
N PHE A 549 29.13 -33.96 -99.81
CA PHE A 549 30.27 -34.55 -99.08
C PHE A 549 29.79 -35.60 -98.10
N GLY A 550 28.82 -35.26 -97.26
CA GLY A 550 28.34 -36.23 -96.29
C GLY A 550 27.64 -37.41 -96.92
N ASN A 551 26.87 -37.17 -97.98
CA ASN A 551 26.21 -38.27 -98.67
C ASN A 551 27.21 -39.23 -99.26
N ALA A 552 28.40 -38.75 -99.61
CA ALA A 552 29.41 -39.63 -100.18
C ALA A 552 29.93 -40.66 -99.20
N TRP A 553 29.82 -40.40 -97.89
CA TRP A 553 30.34 -41.29 -96.86
C TRP A 553 29.28 -42.14 -96.20
N LYS A 554 28.07 -42.17 -96.73
CA LYS A 554 27.01 -43.00 -96.16
C LYS A 554 27.21 -44.45 -96.57
N LEU A 555 26.99 -45.35 -95.62
CA LEU A 555 27.32 -46.76 -95.82
C LEU A 555 26.24 -47.53 -96.57
N HIS A 556 24.99 -47.13 -96.43
CA HIS A 556 23.85 -47.92 -96.92
C HIS A 556 23.17 -47.18 -98.06
N GLY A 557 22.94 -47.89 -99.16
CA GLY A 557 22.43 -47.24 -100.36
C GLY A 557 20.98 -46.81 -100.26
N ASP A 558 20.19 -47.46 -99.40
CA ASP A 558 18.79 -47.12 -99.27
C ASP A 558 18.55 -45.89 -98.41
N CYS A 559 19.59 -45.35 -97.79
CA CYS A 559 19.45 -44.14 -96.99
C CYS A 559 19.11 -42.95 -97.89
N GLN A 560 18.37 -42.00 -97.32
CA GLN A 560 18.04 -40.79 -98.04
C GLN A 560 19.27 -39.94 -98.26
N ASP A 561 19.49 -39.52 -99.50
CA ASP A 561 20.55 -38.56 -99.79
C ASP A 561 20.08 -37.17 -99.38
N LEU A 562 20.84 -36.52 -98.50
CA LEU A 562 20.43 -35.23 -97.96
C LEU A 562 20.41 -34.20 -99.07
N GLN A 563 19.26 -33.57 -99.28
CA GLN A 563 19.12 -32.62 -100.39
C GLN A 563 19.62 -31.24 -100.01
N LYS A 564 19.17 -30.71 -98.87
CA LYS A 564 19.62 -29.41 -98.41
C LYS A 564 19.81 -29.45 -96.92
N GLN A 565 20.91 -28.84 -96.46
CA GLN A 565 21.19 -28.72 -95.03
C GLN A 565 20.66 -27.37 -94.57
N HIS A 566 19.42 -27.37 -94.08
CA HIS A 566 18.78 -26.12 -93.67
C HIS A 566 19.40 -25.60 -92.39
N SER A 567 20.00 -24.41 -92.46
CA SER A 567 20.43 -23.72 -91.26
C SER A 567 19.23 -23.02 -90.62
N ASP A 568 19.44 -22.51 -89.42
CA ASP A 568 18.42 -21.75 -88.70
C ASP A 568 17.12 -22.53 -88.58
N PRO A 569 17.08 -23.58 -87.75
CA PRO A 569 15.80 -24.27 -87.51
C PRO A 569 14.80 -23.42 -86.77
N CYS A 570 15.21 -22.26 -86.24
CA CYS A 570 14.29 -21.41 -85.51
C CYS A 570 13.11 -20.95 -86.36
N ALA A 571 13.24 -20.97 -87.69
CA ALA A 571 12.14 -20.58 -88.55
C ALA A 571 10.95 -21.51 -88.36
N LEU A 572 11.20 -22.80 -88.16
CA LEU A 572 10.12 -23.75 -88.00
C LEU A 572 9.46 -23.64 -86.65
N ASN A 573 10.19 -23.17 -85.63
CA ASN A 573 9.64 -22.94 -84.30
C ASN A 573 9.97 -21.53 -83.87
N PRO A 574 9.21 -20.54 -84.34
CA PRO A 574 9.51 -19.16 -83.97
C PRO A 574 9.46 -18.90 -82.48
N ARG A 575 8.69 -19.67 -81.73
CA ARG A 575 8.58 -19.43 -80.30
C ARG A 575 9.92 -19.48 -79.60
N MET A 576 10.85 -20.29 -80.11
CA MET A 576 12.13 -20.54 -79.46
C MET A 576 13.21 -19.55 -79.87
N THR A 577 12.95 -18.66 -80.81
CA THR A 577 14.02 -17.80 -81.32
C THR A 577 14.52 -16.83 -80.26
N ARG A 578 13.62 -16.22 -79.49
CA ARG A 578 14.04 -15.29 -78.45
C ARG A 578 14.91 -15.97 -77.42
N PHE A 579 14.47 -17.14 -76.93
CA PHE A 579 15.26 -17.89 -75.97
C PHE A 579 16.59 -18.30 -76.56
N SER A 580 16.59 -18.76 -77.81
CA SER A 580 17.84 -19.16 -78.44
C SER A 580 18.85 -18.03 -78.42
N GLU A 581 18.43 -16.86 -78.92
CA GLU A 581 19.35 -15.72 -78.94
C GLU A 581 19.82 -15.36 -77.53
N GLU A 582 18.87 -15.12 -76.63
CA GLU A 582 19.20 -14.56 -75.33
C GLU A 582 19.95 -15.54 -74.44
N ALA A 583 19.84 -16.84 -74.71
CA ALA A 583 20.53 -17.83 -73.90
C ALA A 583 21.90 -18.16 -74.48
N CYS A 584 21.96 -18.46 -75.77
CA CYS A 584 23.24 -18.80 -76.37
C CYS A 584 24.15 -17.58 -76.49
N ALA A 585 23.63 -16.37 -76.26
CA ALA A 585 24.52 -15.21 -76.26
C ALA A 585 25.55 -15.25 -75.14
N VAL A 586 25.35 -16.09 -74.13
CA VAL A 586 26.30 -16.14 -73.01
C VAL A 586 27.67 -16.56 -73.47
N LEU A 587 27.77 -17.30 -74.58
CA LEU A 587 29.07 -17.71 -75.09
C LEU A 587 29.96 -16.53 -75.41
N THR A 588 29.39 -15.36 -75.70
CA THR A 588 30.15 -14.15 -75.96
C THR A 588 30.20 -13.21 -74.78
N SER A 589 29.60 -13.58 -73.66
CA SER A 589 29.58 -12.73 -72.48
C SER A 589 30.93 -12.73 -71.80
N PRO A 590 31.18 -11.78 -70.89
CA PRO A 590 32.44 -11.81 -70.14
C PRO A 590 32.68 -13.12 -69.41
N THR A 591 31.64 -13.93 -69.21
CA THR A 591 31.83 -15.26 -68.63
C THR A 591 32.83 -16.08 -69.43
N PHE A 592 32.88 -15.88 -70.73
CA PHE A 592 33.76 -16.64 -71.60
C PHE A 592 34.83 -15.79 -72.27
N GLU A 593 34.91 -14.49 -71.94
CA GLU A 593 35.92 -13.63 -72.56
C GLU A 593 37.33 -14.14 -72.26
N ALA A 594 37.51 -14.87 -71.16
CA ALA A 594 38.81 -15.44 -70.89
C ALA A 594 39.21 -16.48 -71.92
N CYS A 595 38.25 -17.00 -72.69
CA CYS A 595 38.50 -18.06 -73.65
C CYS A 595 38.47 -17.59 -75.09
N HIS A 596 37.86 -16.44 -75.38
CA HIS A 596 37.70 -16.00 -76.76
C HIS A 596 39.04 -15.94 -77.48
N ARG A 597 40.10 -15.59 -76.76
CA ARG A 597 41.42 -15.57 -77.37
C ARG A 597 41.87 -16.98 -77.75
N ALA A 598 41.61 -17.96 -76.88
CA ALA A 598 42.08 -19.32 -77.13
C ALA A 598 41.26 -20.03 -78.19
N VAL A 599 39.93 -19.94 -78.12
CA VAL A 599 39.05 -20.64 -79.04
C VAL A 599 38.04 -19.65 -79.59
N SER A 600 37.83 -19.66 -80.90
CA SER A 600 36.85 -18.78 -81.49
C SER A 600 35.44 -19.22 -81.10
N PRO A 601 34.63 -18.34 -80.52
CA PRO A 601 33.30 -18.75 -80.06
C PRO A 601 32.25 -18.80 -81.15
N LEU A 602 32.57 -18.36 -82.37
CA LEU A 602 31.53 -18.25 -83.39
C LEU A 602 30.95 -19.59 -83.80
N PRO A 603 31.74 -20.61 -84.12
CA PRO A 603 31.13 -21.90 -84.48
C PRO A 603 30.29 -22.48 -83.36
N TYR A 604 30.76 -22.35 -82.13
CA TYR A 604 30.01 -22.88 -81.00
C TYR A 604 28.73 -22.08 -80.77
N LEU A 605 28.74 -20.79 -81.08
CA LEU A 605 27.52 -19.99 -81.00
C LEU A 605 26.50 -20.43 -82.04
N ARG A 606 26.96 -20.63 -83.27
CA ARG A 606 26.07 -21.14 -84.31
C ARG A 606 25.47 -22.47 -83.89
N ASN A 607 26.31 -23.37 -83.41
CA ASN A 607 25.83 -24.69 -82.98
C ASN A 607 24.86 -24.57 -81.82
N CYS A 608 25.14 -23.68 -80.87
CA CYS A 608 24.26 -23.51 -79.73
C CYS A 608 22.87 -23.06 -80.17
N ARG A 609 22.81 -22.05 -81.03
CA ARG A 609 21.51 -21.56 -81.46
C ARG A 609 20.77 -22.62 -82.26
N TYR A 610 21.46 -23.31 -83.16
CA TYR A 610 20.84 -24.40 -83.90
C TYR A 610 20.25 -25.43 -82.95
N ASP A 611 21.05 -25.87 -81.97
CA ASP A 611 20.61 -26.91 -81.05
C ASP A 611 19.41 -26.46 -80.24
N VAL A 612 19.48 -25.27 -79.66
CA VAL A 612 18.39 -24.81 -78.81
C VAL A 612 17.11 -24.69 -79.61
N CYS A 613 17.21 -24.26 -80.87
CA CYS A 613 16.00 -24.12 -81.67
C CYS A 613 15.46 -25.46 -82.16
N SER A 614 16.31 -26.48 -82.34
CA SER A 614 15.85 -27.71 -82.95
C SER A 614 15.65 -28.86 -81.97
N CYS A 615 16.13 -28.75 -80.74
CA CYS A 615 16.15 -29.90 -79.85
C CYS A 615 14.78 -30.15 -79.23
N SER A 616 14.62 -31.37 -78.72
CA SER A 616 13.41 -31.71 -77.97
C SER A 616 13.29 -30.87 -76.71
N ASP A 617 14.40 -30.72 -75.98
CA ASP A 617 14.45 -29.88 -74.78
C ASP A 617 15.54 -28.84 -74.98
N GLY A 618 15.14 -27.57 -74.99
CA GLY A 618 16.11 -26.52 -75.24
C GLY A 618 17.09 -26.31 -74.09
N ARG A 619 16.67 -26.62 -72.87
CA ARG A 619 17.56 -26.46 -71.72
C ARG A 619 18.71 -27.45 -71.78
N GLU A 620 18.39 -28.71 -72.05
CA GLU A 620 19.43 -29.74 -72.12
C GLU A 620 20.43 -29.43 -73.22
N CYS A 621 19.94 -29.02 -74.38
CA CYS A 621 20.85 -28.73 -75.49
C CYS A 621 21.61 -27.42 -75.26
N LEU A 622 21.01 -26.46 -74.57
CA LEU A 622 21.75 -25.29 -74.15
C LEU A 622 22.94 -25.67 -73.30
N CYS A 623 22.70 -26.52 -72.30
CA CYS A 623 23.80 -27.00 -71.46
C CYS A 623 24.82 -27.77 -72.29
N GLY A 624 24.35 -28.58 -73.23
CA GLY A 624 25.27 -29.33 -74.08
C GLY A 624 26.20 -28.43 -74.87
N ALA A 625 25.64 -27.40 -75.50
CA ALA A 625 26.46 -26.50 -76.31
C ALA A 625 27.43 -25.69 -75.45
N LEU A 626 26.94 -25.16 -74.32
CA LEU A 626 27.84 -24.42 -73.44
C LEU A 626 28.95 -25.31 -72.92
N ALA A 627 28.63 -26.55 -72.57
CA ALA A 627 29.65 -27.48 -72.12
C ALA A 627 30.62 -27.82 -73.23
N SER A 628 30.15 -27.88 -74.47
CA SER A 628 31.04 -28.12 -75.59
C SER A 628 32.07 -27.00 -75.72
N TYR A 629 31.61 -25.76 -75.66
CA TYR A 629 32.57 -24.66 -75.76
C TYR A 629 33.51 -24.64 -74.56
N ALA A 630 33.00 -24.91 -73.37
CA ALA A 630 33.86 -24.95 -72.20
C ALA A 630 34.88 -26.07 -72.30
N ALA A 631 34.49 -27.20 -72.90
CA ALA A 631 35.42 -28.29 -73.09
C ALA A 631 36.50 -27.93 -74.09
N ALA A 632 36.15 -27.20 -75.14
CA ALA A 632 37.18 -26.70 -76.05
C ALA A 632 38.15 -25.77 -75.33
N CYS A 633 37.62 -24.86 -74.51
CA CYS A 633 38.47 -23.97 -73.74
C CYS A 633 39.43 -24.76 -72.84
N ALA A 634 38.89 -25.76 -72.14
CA ALA A 634 39.74 -26.60 -71.29
C ALA A 634 40.80 -27.32 -72.10
N GLY A 635 40.44 -27.77 -73.30
CA GLY A 635 41.44 -28.36 -74.17
C GLY A 635 42.56 -27.41 -74.50
N ARG A 636 42.24 -26.14 -74.67
CA ARG A 636 43.26 -25.10 -74.80
C ARG A 636 43.79 -24.62 -73.45
N GLY A 637 43.52 -25.35 -72.38
CA GLY A 637 44.08 -25.02 -71.07
C GLY A 637 43.40 -23.90 -70.32
N VAL A 638 42.27 -23.40 -70.81
CA VAL A 638 41.53 -22.33 -70.14
C VAL A 638 40.30 -22.94 -69.51
N ARG A 639 40.15 -22.73 -68.19
CA ARG A 639 39.00 -23.25 -67.45
C ARG A 639 38.09 -22.10 -67.07
N VAL A 640 36.80 -22.24 -67.37
CA VAL A 640 35.81 -21.20 -67.14
C VAL A 640 34.76 -21.73 -66.18
N ALA A 641 34.49 -20.97 -65.12
CA ALA A 641 33.45 -21.32 -64.16
C ALA A 641 32.10 -20.84 -64.68
N TRP A 642 31.58 -21.57 -65.66
CA TRP A 642 30.41 -21.11 -66.38
C TRP A 642 29.10 -21.64 -65.81
N ARG A 643 29.11 -22.75 -65.11
CA ARG A 643 27.88 -23.28 -64.53
C ARG A 643 27.43 -22.41 -63.36
N GLU A 644 26.12 -22.25 -63.22
CA GLU A 644 25.53 -21.42 -62.17
C GLU A 644 24.16 -21.98 -61.86
N PRO A 645 23.56 -21.58 -60.73
CA PRO A 645 22.22 -22.09 -60.40
C PRO A 645 21.19 -21.90 -61.49
N GLY A 646 21.27 -20.79 -62.22
CA GLY A 646 20.34 -20.56 -63.29
C GLY A 646 20.62 -21.32 -64.56
N ARG A 647 21.74 -22.05 -64.64
CA ARG A 647 22.07 -22.76 -65.86
C ARG A 647 23.03 -23.91 -65.57
N CYS A 648 22.56 -25.14 -65.77
CA CYS A 648 23.42 -26.28 -66.03
C CYS A 648 24.35 -26.62 -64.85
N GLU A 649 23.77 -26.72 -63.66
CA GLU A 649 24.52 -27.26 -62.53
C GLU A 649 24.52 -28.78 -62.58
N LEU A 650 25.66 -29.38 -62.23
CA LEU A 650 25.75 -30.82 -62.10
C LEU A 650 25.26 -31.22 -60.72
N ASN A 651 24.12 -31.89 -60.66
CA ASN A 651 23.57 -32.39 -59.39
C ASN A 651 24.20 -33.75 -59.12
N CYS A 652 25.25 -33.76 -58.31
CA CYS A 652 26.06 -34.95 -58.16
C CYS A 652 25.32 -36.00 -57.33
N PRO A 653 25.52 -37.28 -57.64
CA PRO A 653 24.85 -38.33 -56.86
C PRO A 653 25.31 -38.33 -55.41
N LYS A 654 24.37 -38.65 -54.52
CA LYS A 654 24.61 -38.92 -53.10
C LYS A 654 25.49 -37.80 -52.53
N GLY A 655 26.55 -38.12 -51.79
CA GLY A 655 27.40 -37.13 -51.16
C GLY A 655 28.58 -36.66 -51.98
N GLN A 656 28.67 -37.05 -53.24
CA GLN A 656 29.77 -36.61 -54.08
C GLN A 656 29.71 -35.10 -54.28
N VAL A 657 30.87 -34.48 -54.44
CA VAL A 657 30.99 -33.03 -54.53
C VAL A 657 31.48 -32.67 -55.93
N TYR A 658 30.84 -31.66 -56.53
CA TYR A 658 31.26 -31.19 -57.84
C TYR A 658 32.57 -30.43 -57.74
N LEU A 659 33.52 -30.78 -58.61
CA LEU A 659 34.78 -30.06 -58.73
C LEU A 659 34.96 -29.61 -60.17
N GLN A 660 35.44 -28.38 -60.33
CA GLN A 660 35.77 -27.88 -61.66
C GLN A 660 37.06 -28.47 -62.19
N CYS A 661 37.99 -28.84 -61.30
CA CYS A 661 39.27 -29.43 -61.70
C CYS A 661 39.64 -30.46 -60.64
N GLY A 662 39.29 -31.72 -60.90
CA GLY A 662 39.61 -32.81 -60.00
C GLY A 662 40.38 -33.91 -60.69
N THR A 663 41.11 -34.69 -59.92
CA THR A 663 41.96 -35.71 -60.52
C THR A 663 41.26 -37.06 -60.54
N PRO A 664 41.19 -37.72 -61.70
CA PRO A 664 40.48 -38.99 -61.78
C PRO A 664 41.30 -40.19 -61.35
N CYS A 665 42.61 -40.05 -61.21
CA CYS A 665 43.49 -41.21 -61.09
C CYS A 665 43.19 -42.03 -59.84
N ASN A 666 42.89 -41.38 -58.73
CA ASN A 666 42.72 -42.05 -57.45
C ASN A 666 41.30 -41.87 -56.89
N LEU A 667 40.29 -41.95 -57.74
CA LEU A 667 38.93 -41.81 -57.26
C LEU A 667 38.30 -43.15 -56.88
N THR A 668 38.40 -44.15 -57.76
CA THR A 668 37.76 -45.44 -57.55
C THR A 668 38.65 -46.35 -56.73
N CYS A 669 38.02 -47.33 -56.07
CA CYS A 669 38.76 -48.25 -55.23
C CYS A 669 39.60 -49.22 -56.06
N ARG A 670 39.26 -49.41 -57.34
CA ARG A 670 40.15 -50.15 -58.22
C ARG A 670 41.53 -49.53 -58.28
N SER A 671 41.62 -48.20 -58.13
CA SER A 671 42.92 -47.55 -58.03
C SER A 671 43.71 -48.08 -56.84
N LEU A 672 43.02 -48.33 -55.72
CA LEU A 672 43.68 -48.98 -54.60
C LEU A 672 44.10 -50.39 -54.94
N SER A 673 43.22 -51.13 -55.62
CA SER A 673 43.54 -52.52 -55.94
C SER A 673 44.64 -52.66 -56.97
N TYR A 674 44.84 -51.64 -57.80
CA TYR A 674 45.90 -51.64 -58.82
C TYR A 674 46.69 -50.34 -58.71
N PRO A 675 47.50 -50.19 -57.66
CA PRO A 675 48.23 -48.93 -57.48
C PRO A 675 49.38 -48.76 -58.45
N ASP A 676 49.91 -49.84 -59.01
CA ASP A 676 51.05 -49.75 -59.91
C ASP A 676 50.66 -49.46 -61.35
N GLU A 677 49.37 -49.42 -61.66
CA GLU A 677 48.93 -48.99 -62.99
C GLU A 677 49.10 -47.49 -63.10
N GLU A 678 50.02 -47.05 -63.96
CA GLU A 678 50.38 -45.65 -64.04
C GLU A 678 49.20 -44.81 -64.54
N CYS A 679 49.05 -43.63 -63.95
CA CYS A 679 47.99 -42.70 -64.33
C CYS A 679 48.52 -41.29 -64.22
N ASN A 680 48.53 -40.57 -65.34
CA ASN A 680 49.03 -39.19 -65.39
C ASN A 680 48.01 -38.24 -66.00
N GLU A 681 46.73 -38.60 -65.95
CA GLU A 681 45.71 -37.86 -66.65
C GLU A 681 45.48 -36.50 -65.99
N ALA A 682 45.25 -35.47 -66.82
CA ALA A 682 44.97 -34.13 -66.34
C ALA A 682 43.63 -34.09 -65.62
N CYS A 683 43.44 -33.03 -64.84
CA CYS A 683 42.20 -32.90 -64.09
C CYS A 683 41.04 -32.59 -65.03
N LEU A 684 39.83 -32.82 -64.52
CA LEU A 684 38.62 -32.57 -65.29
C LEU A 684 37.49 -32.26 -64.33
N GLU A 685 36.47 -31.58 -64.84
CA GLU A 685 35.29 -31.30 -64.05
C GLU A 685 34.40 -32.54 -63.95
N GLY A 686 33.71 -32.65 -62.84
CA GLY A 686 32.83 -33.78 -62.62
C GLY A 686 32.50 -33.91 -61.14
N CYS A 687 31.94 -35.06 -60.80
CA CYS A 687 31.56 -35.36 -59.43
C CYS A 687 32.61 -36.28 -58.82
N PHE A 688 33.19 -35.83 -57.70
CA PHE A 688 34.24 -36.57 -57.02
C PHE A 688 33.86 -36.75 -55.56
N CYS A 689 34.40 -37.78 -54.96
CA CYS A 689 34.21 -37.98 -53.54
C CYS A 689 35.08 -37.00 -52.76
N PRO A 690 34.68 -36.65 -51.54
CA PRO A 690 35.49 -35.75 -50.70
C PRO A 690 36.91 -36.28 -50.56
N PRO A 691 37.86 -35.44 -50.13
CA PRO A 691 39.28 -35.82 -50.26
C PRO A 691 39.65 -37.09 -49.53
N GLY A 692 38.99 -37.42 -48.43
CA GLY A 692 39.38 -38.57 -47.65
C GLY A 692 38.70 -39.87 -48.00
N LEU A 693 37.87 -39.89 -49.04
CA LEU A 693 37.06 -41.06 -49.35
C LEU A 693 37.27 -41.50 -50.79
N TYR A 694 37.23 -42.81 -50.99
CA TYR A 694 37.26 -43.41 -52.32
C TYR A 694 35.84 -43.79 -52.72
N MET A 695 35.68 -44.14 -53.99
CA MET A 695 34.37 -44.43 -54.56
C MET A 695 34.29 -45.88 -54.96
N ASP A 696 33.22 -46.57 -54.55
CA ASP A 696 33.02 -47.98 -54.84
C ASP A 696 32.13 -48.16 -56.06
N GLU A 697 31.71 -49.41 -56.31
CA GLU A 697 30.88 -49.69 -57.48
C GLU A 697 29.52 -49.02 -57.38
N ARG A 698 28.96 -48.94 -56.18
CA ARG A 698 27.64 -48.34 -56.00
C ARG A 698 27.67 -46.82 -56.17
N GLY A 699 28.85 -46.22 -56.32
CA GLY A 699 28.96 -44.79 -56.32
C GLY A 699 29.04 -44.17 -54.95
N ASP A 700 29.02 -44.97 -53.90
CA ASP A 700 29.11 -44.45 -52.55
C ASP A 700 30.55 -44.14 -52.20
N CYS A 701 30.75 -43.03 -51.50
CA CYS A 701 32.08 -42.66 -51.06
C CYS A 701 32.42 -43.39 -49.77
N VAL A 702 33.53 -44.11 -49.75
CA VAL A 702 33.89 -44.95 -48.63
C VAL A 702 35.35 -44.68 -48.25
N PRO A 703 35.72 -44.79 -46.98
CA PRO A 703 37.13 -44.77 -46.62
C PRO A 703 37.84 -45.97 -47.20
N LYS A 704 39.15 -45.83 -47.41
CA LYS A 704 39.92 -46.89 -48.05
C LYS A 704 39.83 -48.19 -47.27
N ALA A 705 39.56 -48.12 -45.97
CA ALA A 705 39.39 -49.32 -45.17
C ALA A 705 38.17 -50.12 -45.59
N GLN A 706 37.20 -49.49 -46.25
CA GLN A 706 35.96 -50.15 -46.63
C GLN A 706 35.89 -50.53 -48.10
N CYS A 707 36.87 -50.15 -48.91
CA CYS A 707 36.88 -50.56 -50.30
C CYS A 707 37.01 -52.06 -50.42
N PRO A 708 36.33 -52.68 -51.37
CA PRO A 708 36.64 -54.07 -51.72
C PRO A 708 37.91 -54.17 -52.52
N CYS A 709 38.44 -55.39 -52.57
CA CYS A 709 39.66 -55.69 -53.31
C CYS A 709 39.32 -56.45 -54.58
N TYR A 710 39.85 -56.00 -55.71
CA TYR A 710 39.65 -56.66 -56.99
C TYR A 710 40.86 -57.53 -57.28
N TYR A 711 40.63 -58.83 -57.42
CA TYR A 711 41.72 -59.78 -57.64
C TYR A 711 41.28 -60.77 -58.69
N ASP A 712 42.05 -60.89 -59.76
CA ASP A 712 41.74 -61.80 -60.87
C ASP A 712 40.34 -61.56 -61.41
N GLY A 713 39.87 -60.32 -61.34
CA GLY A 713 38.55 -60.00 -61.81
C GLY A 713 37.43 -60.37 -60.85
N GLU A 714 37.76 -60.73 -59.62
CA GLU A 714 36.76 -61.06 -58.61
C GLU A 714 36.81 -60.02 -57.50
N ILE A 715 35.65 -59.69 -56.95
CA ILE A 715 35.52 -58.61 -55.98
C ILE A 715 35.46 -59.23 -54.60
N PHE A 716 36.42 -58.89 -53.75
CA PHE A 716 36.49 -59.40 -52.39
C PHE A 716 36.21 -58.27 -51.41
N GLN A 717 35.47 -58.58 -50.37
CA GLN A 717 35.10 -57.61 -49.35
C GLN A 717 36.27 -57.35 -48.41
N PRO A 718 36.23 -56.26 -47.65
CA PRO A 718 37.30 -56.00 -46.69
C PRO A 718 37.44 -57.14 -45.70
N GLU A 719 38.68 -57.40 -45.31
CA GLU A 719 39.06 -58.44 -44.35
C GLU A 719 38.85 -59.85 -44.88
N ASP A 720 38.53 -60.01 -46.16
CA ASP A 720 38.40 -61.33 -46.72
C ASP A 720 39.76 -62.01 -46.81
N ILE A 721 39.78 -63.31 -46.56
CA ILE A 721 40.98 -64.12 -46.60
C ILE A 721 40.71 -65.31 -47.49
N PHE A 722 41.70 -65.71 -48.28
CA PHE A 722 41.60 -66.98 -48.97
C PHE A 722 42.99 -67.54 -49.18
N SER A 723 43.06 -68.86 -49.27
CA SER A 723 44.32 -69.55 -49.50
C SER A 723 44.10 -70.65 -50.52
N ASP A 724 45.06 -70.80 -51.41
CA ASP A 724 44.98 -71.76 -52.51
C ASP A 724 46.18 -72.70 -52.45
N HIS A 725 46.23 -73.63 -53.40
CA HIS A 725 47.39 -74.50 -53.52
C HIS A 725 48.67 -73.70 -53.65
N HIS A 726 48.58 -72.53 -54.29
CA HIS A 726 49.75 -71.76 -54.65
C HIS A 726 49.90 -70.48 -53.85
N THR A 727 48.84 -69.97 -53.24
CA THR A 727 48.88 -68.60 -52.76
C THR A 727 48.01 -68.46 -51.51
N MET A 728 48.33 -67.45 -50.70
CA MET A 728 47.52 -67.03 -49.57
C MET A 728 47.39 -65.52 -49.65
N CYS A 729 46.15 -65.03 -49.57
CA CYS A 729 45.89 -63.61 -49.79
C CYS A 729 44.91 -63.12 -48.74
N TYR A 730 44.89 -61.81 -48.55
CA TYR A 730 43.87 -61.20 -47.72
C TYR A 730 43.66 -59.76 -48.16
N CYS A 731 42.44 -59.28 -48.01
CA CYS A 731 42.05 -57.96 -48.48
C CYS A 731 42.11 -56.98 -47.32
N GLU A 732 42.87 -55.91 -47.49
CA GLU A 732 42.96 -54.87 -46.47
C GLU A 732 43.21 -53.54 -47.16
N ASP A 733 42.43 -52.52 -46.79
CA ASP A 733 42.60 -51.17 -47.35
C ASP A 733 42.51 -51.18 -48.87
N GLY A 734 41.61 -51.98 -49.40
CA GLY A 734 41.38 -51.98 -50.83
C GLY A 734 42.44 -52.66 -51.64
N PHE A 735 43.40 -53.33 -51.01
CA PHE A 735 44.45 -54.03 -51.72
C PHE A 735 44.52 -55.47 -51.28
N MET A 736 44.84 -56.37 -52.21
CA MET A 736 44.91 -57.79 -51.93
C MET A 736 46.35 -58.13 -51.61
N HIS A 737 46.64 -58.34 -50.32
CA HIS A 737 48.00 -58.55 -49.85
C HIS A 737 48.36 -60.03 -49.96
N CYS A 738 48.65 -60.46 -51.18
CA CYS A 738 49.06 -61.84 -51.40
C CYS A 738 50.52 -62.01 -51.02
N THR A 739 50.80 -63.01 -50.19
CA THR A 739 52.13 -63.18 -49.61
C THR A 739 52.58 -64.63 -49.67
N MET A 740 52.30 -65.32 -50.77
CA MET A 740 52.82 -66.66 -50.96
C MET A 740 53.07 -66.89 -52.44
N SER A 741 54.14 -67.61 -52.74
CA SER A 741 54.57 -67.90 -54.11
C SER A 741 54.67 -66.62 -54.94
N GLU A 786 41.41 -77.94 -73.60
CA GLU A 786 42.23 -79.14 -73.57
C GLU A 786 43.02 -79.21 -72.28
N CYS A 787 43.25 -80.43 -71.77
CA CYS A 787 43.98 -80.60 -70.54
C CYS A 787 44.57 -82.00 -70.50
N ALA A 788 45.58 -82.18 -69.65
CA ALA A 788 46.09 -83.51 -69.38
C ALA A 788 45.11 -84.29 -68.52
N LYS A 789 45.15 -85.61 -68.64
CA LYS A 789 44.20 -86.47 -67.95
C LYS A 789 44.92 -87.50 -67.09
N THR A 790 44.22 -87.94 -66.04
CA THR A 790 44.72 -88.93 -65.11
C THR A 790 43.66 -90.01 -64.98
N CYS A 791 44.08 -91.20 -64.57
CA CYS A 791 43.16 -92.32 -64.48
C CYS A 791 41.93 -91.97 -63.65
N GLN A 792 42.12 -91.14 -62.63
CA GLN A 792 41.00 -90.76 -61.77
C GLN A 792 40.06 -89.78 -62.47
N ASN A 793 40.61 -88.78 -63.15
CA ASN A 793 39.83 -87.68 -63.70
C ASN A 793 39.57 -87.80 -65.20
N TYR A 794 39.72 -89.01 -65.76
CA TYR A 794 39.58 -89.15 -67.21
C TYR A 794 38.18 -88.76 -67.66
N ASP A 795 37.15 -89.20 -66.96
CA ASP A 795 35.77 -88.93 -67.36
C ASP A 795 35.29 -87.54 -66.97
N LEU A 796 36.03 -86.84 -66.12
CA LEU A 796 35.59 -85.55 -65.61
C LEU A 796 35.98 -84.43 -66.56
N GLU A 797 35.59 -83.20 -66.22
CA GLU A 797 35.91 -82.04 -67.03
C GLU A 797 37.37 -81.68 -66.89
N CYS A 798 37.80 -80.67 -67.65
CA CYS A 798 39.11 -80.08 -67.50
C CYS A 798 39.06 -78.94 -66.50
N MET A 799 40.09 -78.83 -65.67
CA MET A 799 40.13 -77.77 -64.68
C MET A 799 40.12 -76.42 -65.39
N SER A 800 39.10 -75.61 -65.09
CA SER A 800 38.95 -74.30 -65.72
C SER A 800 39.71 -73.25 -64.91
N MET A 801 41.01 -73.47 -64.76
CA MET A 801 41.86 -72.58 -63.98
C MET A 801 43.20 -72.37 -64.67
N GLY A 802 43.22 -72.40 -65.99
CA GLY A 802 44.44 -72.21 -66.75
C GLY A 802 44.18 -72.07 -68.23
N LEU A 808 52.41 -83.93 -71.70
CA LEU A 808 51.11 -84.42 -72.15
C LEU A 808 51.25 -85.78 -72.83
N CYS A 809 50.56 -86.79 -72.27
CA CYS A 809 50.68 -88.14 -72.78
C CYS A 809 49.94 -88.28 -74.11
N PRO A 810 50.29 -89.30 -74.91
CA PRO A 810 49.64 -89.49 -76.20
C PRO A 810 48.16 -89.78 -76.03
N PRO A 811 47.36 -89.64 -77.10
CA PRO A 811 45.95 -90.04 -77.01
C PRO A 811 45.83 -91.53 -76.73
N GLY A 812 44.81 -91.90 -75.95
CA GLY A 812 44.65 -93.26 -75.51
C GLY A 812 45.59 -93.68 -74.41
N MET A 813 46.35 -92.74 -73.85
CA MET A 813 47.28 -93.02 -72.76
C MET A 813 47.08 -91.98 -71.67
N VAL A 814 47.29 -92.38 -70.42
CA VAL A 814 46.85 -91.60 -69.28
C VAL A 814 47.96 -91.51 -68.25
N ARG A 815 48.04 -90.37 -67.57
CA ARG A 815 49.00 -90.18 -66.49
C ARG A 815 48.65 -91.08 -65.32
N HIS A 816 49.64 -91.80 -64.80
CA HIS A 816 49.48 -92.65 -63.63
C HIS A 816 50.86 -93.01 -63.10
N GLU A 817 51.01 -92.98 -61.77
CA GLU A 817 52.30 -93.22 -61.12
C GLU A 817 53.39 -92.30 -61.67
N ASN A 818 53.00 -91.08 -62.05
CA ASN A 818 53.91 -90.13 -62.70
C ASN A 818 54.55 -90.72 -63.94
N ARG A 819 53.76 -91.49 -64.69
CA ARG A 819 54.17 -92.00 -65.99
C ARG A 819 52.94 -92.16 -66.85
N CYS A 820 53.14 -92.15 -68.18
CA CYS A 820 52.04 -92.33 -69.10
C CYS A 820 51.69 -93.81 -69.20
N VAL A 821 50.42 -94.14 -68.94
CA VAL A 821 49.95 -95.52 -68.90
C VAL A 821 48.75 -95.64 -69.83
N ALA A 822 48.66 -96.76 -70.53
CA ALA A 822 47.64 -96.93 -71.55
C ALA A 822 46.25 -96.99 -70.94
N LEU A 823 45.26 -96.54 -71.71
CA LEU A 823 43.87 -96.69 -71.32
C LEU A 823 43.49 -98.16 -71.42
N GLU A 824 42.43 -98.54 -70.70
CA GLU A 824 41.98 -99.92 -70.50
C GLU A 824 42.91 -100.65 -69.55
N ARG A 825 43.99 -100.01 -69.08
CA ARG A 825 44.87 -100.56 -68.08
C ARG A 825 44.94 -99.69 -66.83
N CYS A 826 44.14 -98.63 -66.75
CA CYS A 826 44.07 -97.84 -65.53
C CYS A 826 43.39 -98.66 -64.43
N PRO A 827 43.82 -98.51 -63.19
CA PRO A 827 43.19 -99.28 -62.10
C PRO A 827 41.88 -98.65 -61.64
N CYS A 828 41.15 -99.43 -60.85
CA CYS A 828 39.92 -98.98 -60.21
C CYS A 828 40.19 -98.59 -58.76
N PHE A 829 39.37 -97.70 -58.23
CA PHE A 829 39.58 -97.09 -56.93
C PHE A 829 38.44 -97.45 -55.99
N HIS A 830 38.78 -97.83 -54.76
CA HIS A 830 37.78 -98.04 -53.72
C HIS A 830 38.44 -97.79 -52.37
N GLN A 831 37.74 -97.07 -51.51
CA GLN A 831 38.24 -96.71 -50.18
C GLN A 831 39.63 -96.08 -50.27
N GLY A 832 39.86 -95.33 -51.34
CA GLY A 832 41.10 -94.59 -51.46
C GLY A 832 42.29 -95.37 -51.91
N LYS A 833 42.13 -96.64 -52.28
CA LYS A 833 43.23 -97.46 -52.76
C LYS A 833 42.88 -98.05 -54.11
N GLU A 834 43.91 -98.29 -54.91
CA GLU A 834 43.73 -98.67 -56.31
C GLU A 834 43.67 -100.18 -56.46
N TYR A 835 42.95 -100.62 -57.49
CA TYR A 835 42.82 -102.04 -57.83
C TYR A 835 43.10 -102.21 -59.31
N ALA A 836 44.01 -103.13 -59.65
CA ALA A 836 44.32 -103.37 -61.03
C ALA A 836 43.13 -104.04 -61.73
N PRO A 837 43.03 -103.89 -63.06
CA PRO A 837 41.94 -104.54 -63.78
C PRO A 837 41.99 -106.04 -63.60
N GLY A 838 40.81 -106.64 -63.43
CA GLY A 838 40.69 -108.05 -63.13
C GLY A 838 40.65 -108.36 -61.65
N GLU A 839 41.05 -107.43 -60.80
CA GLU A 839 40.95 -107.62 -59.36
C GLU A 839 39.49 -107.55 -58.92
N THR A 840 39.23 -108.01 -57.70
CA THR A 840 37.88 -108.10 -57.17
C THR A 840 37.84 -107.54 -55.77
N VAL A 841 36.65 -107.08 -55.38
CA VAL A 841 36.42 -106.56 -54.04
C VAL A 841 35.08 -107.11 -53.55
N LYS A 842 35.00 -107.36 -52.25
CA LYS A 842 33.82 -107.97 -51.64
C LYS A 842 32.99 -106.89 -50.97
N ILE A 843 31.74 -106.75 -51.39
CA ILE A 843 30.84 -105.71 -50.91
C ILE A 843 29.59 -106.41 -50.39
N GLY A 844 29.50 -106.58 -49.09
CA GLY A 844 28.37 -107.30 -48.53
C GLY A 844 28.29 -108.69 -49.12
N CYS A 845 27.12 -109.05 -49.62
CA CYS A 845 26.93 -110.31 -50.31
C CYS A 845 27.28 -110.25 -51.79
N ASN A 846 27.55 -109.05 -52.32
CA ASN A 846 27.85 -108.87 -53.73
C ASN A 846 29.36 -108.85 -53.95
N THR A 847 29.75 -109.17 -55.19
CA THR A 847 31.14 -109.14 -55.61
C THR A 847 31.29 -108.18 -56.78
N CYS A 848 32.36 -107.39 -56.76
CA CYS A 848 32.64 -106.42 -57.81
C CYS A 848 34.00 -106.70 -58.43
N VAL A 849 34.10 -106.55 -59.74
CA VAL A 849 35.32 -106.83 -60.48
C VAL A 849 35.70 -105.58 -61.27
N CYS A 850 36.97 -105.19 -61.16
CA CYS A 850 37.44 -103.95 -61.79
C CYS A 850 37.65 -104.18 -63.28
N ARG A 851 36.89 -103.46 -64.10
CA ARG A 851 37.06 -103.52 -65.55
C ARG A 851 37.03 -102.11 -66.10
N ASP A 852 38.02 -101.74 -66.91
CA ASP A 852 38.06 -100.45 -67.60
C ASP A 852 37.66 -99.32 -66.67
N ARG A 853 38.33 -99.24 -65.52
CA ARG A 853 38.15 -98.15 -64.58
C ARG A 853 36.76 -98.16 -63.95
N LYS A 854 35.90 -99.10 -64.31
CA LYS A 854 34.55 -99.22 -63.76
C LYS A 854 34.40 -100.53 -63.00
N TRP A 855 33.88 -100.45 -61.78
CA TRP A 855 33.53 -101.65 -61.05
C TRP A 855 32.27 -102.27 -61.64
N ASN A 856 32.32 -103.57 -61.92
CA ASN A 856 31.20 -104.31 -62.48
C ASN A 856 30.74 -105.30 -61.42
N CYS A 857 29.56 -105.08 -60.86
CA CYS A 857 29.15 -105.71 -59.62
C CYS A 857 27.96 -106.63 -59.86
N THR A 858 27.89 -107.68 -59.06
CA THR A 858 26.67 -108.49 -58.98
C THR A 858 25.54 -107.66 -58.38
N ASP A 859 24.31 -108.05 -58.70
CA ASP A 859 23.13 -107.30 -58.30
C ASP A 859 22.24 -108.06 -57.33
N HIS A 860 22.86 -108.76 -56.37
CA HIS A 860 22.09 -109.48 -55.36
C HIS A 860 21.59 -108.52 -54.30
N VAL A 861 20.37 -108.74 -53.83
CA VAL A 861 19.81 -108.01 -52.71
C VAL A 861 20.21 -108.75 -51.43
N CYS A 862 21.14 -108.16 -50.68
CA CYS A 862 21.67 -108.83 -49.50
C CYS A 862 20.68 -108.73 -48.34
N ASP A 863 20.85 -109.64 -47.38
CA ASP A 863 20.01 -109.64 -46.19
C ASP A 863 20.20 -108.33 -45.41
N ALA A 864 19.09 -107.75 -44.97
CA ALA A 864 19.11 -106.45 -44.30
C ALA A 864 18.85 -106.63 -42.82
N THR A 865 19.56 -105.87 -42.02
CA THR A 865 19.48 -105.96 -40.57
C THR A 865 18.92 -104.65 -40.02
N CYS A 866 17.65 -104.66 -39.64
CA CYS A 866 17.15 -103.60 -38.78
C CYS A 866 17.69 -103.82 -37.37
N SER A 867 17.91 -102.73 -36.66
CA SER A 867 18.55 -102.83 -35.36
C SER A 867 18.08 -101.69 -34.47
N THR A 868 17.71 -102.02 -33.25
CA THR A 868 17.55 -101.02 -32.20
C THR A 868 18.90 -100.82 -31.53
N ILE A 869 19.46 -99.62 -31.66
CA ILE A 869 20.77 -99.30 -31.12
C ILE A 869 20.55 -98.53 -29.83
N GLY A 870 21.01 -99.09 -28.72
CA GLY A 870 20.78 -98.39 -27.49
C GLY A 870 19.34 -98.48 -27.04
N MET A 871 18.91 -97.46 -26.31
CA MET A 871 17.58 -97.47 -25.71
C MET A 871 16.56 -96.65 -26.48
N ALA A 872 16.99 -95.71 -27.32
CA ALA A 872 16.04 -94.84 -27.99
C ALA A 872 16.37 -94.58 -29.46
N HIS A 873 17.37 -95.23 -30.02
CA HIS A 873 17.74 -95.05 -31.41
C HIS A 873 17.43 -96.31 -32.20
N TYR A 874 16.97 -96.13 -33.43
CA TYR A 874 16.63 -97.22 -34.33
C TYR A 874 17.40 -97.07 -35.63
N LEU A 875 17.68 -98.19 -36.27
CA LEU A 875 18.32 -98.18 -37.58
C LEU A 875 17.47 -99.01 -38.53
N THR A 876 16.87 -98.35 -39.52
CA THR A 876 15.95 -99.00 -40.42
C THR A 876 16.69 -100.00 -41.32
N PHE A 877 15.90 -100.74 -42.09
CA PHE A 877 16.49 -101.71 -43.02
C PHE A 877 17.35 -101.03 -44.06
N ASP A 878 16.92 -99.87 -44.54
CA ASP A 878 17.64 -99.15 -45.58
C ASP A 878 18.78 -98.30 -45.06
N GLY A 879 18.98 -98.26 -43.74
CA GLY A 879 20.12 -97.59 -43.17
C GLY A 879 19.84 -96.27 -42.51
N LEU A 880 18.58 -95.88 -42.35
CA LEU A 880 18.24 -94.62 -41.72
C LEU A 880 18.31 -94.76 -40.21
N LYS A 881 19.24 -94.06 -39.58
CA LYS A 881 19.33 -94.01 -38.13
C LYS A 881 18.55 -92.80 -37.62
N TYR A 882 17.66 -93.03 -36.68
CA TYR A 882 16.83 -91.94 -36.17
C TYR A 882 16.56 -92.15 -34.69
N LEU A 883 16.18 -91.06 -34.03
CA LEU A 883 15.96 -91.05 -32.60
C LEU A 883 14.48 -91.03 -32.31
N PHE A 884 14.04 -91.89 -31.42
CA PHE A 884 12.64 -91.92 -31.02
C PHE A 884 12.52 -92.52 -29.61
N PRO A 885 12.49 -91.70 -28.59
CA PRO A 885 12.23 -92.22 -27.24
C PRO A 885 10.75 -92.34 -26.96
N GLY A 886 10.30 -93.51 -26.56
CA GLY A 886 8.89 -93.72 -26.27
C GLY A 886 8.71 -94.72 -25.17
N GLU A 887 7.66 -94.52 -24.36
CA GLU A 887 7.35 -95.43 -23.28
C GLU A 887 6.50 -96.60 -23.71
N CYS A 888 5.79 -96.47 -24.81
CA CYS A 888 4.72 -97.38 -25.18
C CYS A 888 5.26 -98.58 -25.93
N GLN A 889 4.37 -99.40 -26.48
CA GLN A 889 4.73 -100.52 -27.32
C GLN A 889 4.53 -100.15 -28.77
N TYR A 890 5.51 -100.47 -29.62
CA TYR A 890 5.53 -100.02 -31.00
C TYR A 890 5.79 -101.20 -31.92
N VAL A 891 5.34 -101.06 -33.17
CA VAL A 891 5.56 -102.08 -34.19
C VAL A 891 6.98 -101.91 -34.73
N LEU A 892 7.86 -102.87 -34.43
CA LEU A 892 9.21 -102.81 -34.96
C LEU A 892 9.25 -103.23 -36.42
N VAL A 893 8.64 -104.37 -36.74
CA VAL A 893 8.53 -104.85 -38.11
C VAL A 893 7.17 -105.49 -38.25
N GLN A 894 6.60 -105.42 -39.45
CA GLN A 894 5.27 -105.96 -39.70
C GLN A 894 5.05 -106.05 -41.20
N ASP A 895 4.49 -107.16 -41.65
CA ASP A 895 4.05 -107.28 -43.03
C ASP A 895 2.53 -107.29 -43.17
N TYR A 896 1.80 -107.19 -42.06
CA TYR A 896 0.36 -106.99 -42.09
C TYR A 896 0.02 -105.51 -42.34
N CYS A 897 0.55 -105.00 -43.44
CA CYS A 897 0.28 -103.63 -43.84
C CYS A 897 0.27 -103.55 -45.36
N GLY A 898 -0.48 -102.58 -45.87
CA GLY A 898 -0.70 -102.55 -47.29
C GLY A 898 -1.62 -103.69 -47.71
N SER A 899 -1.51 -104.06 -48.97
CA SER A 899 -2.32 -105.13 -49.51
C SER A 899 -1.76 -106.52 -49.23
N ASN A 900 -0.51 -106.61 -48.80
CA ASN A 900 0.14 -107.90 -48.65
C ASN A 900 -0.57 -108.72 -47.57
N PRO A 901 -0.84 -110.00 -47.81
CA PRO A 901 -1.33 -110.88 -46.74
C PRO A 901 -0.22 -111.18 -45.76
N GLY A 902 -0.39 -110.71 -44.52
CA GLY A 902 0.70 -110.75 -43.57
C GLY A 902 0.99 -112.15 -43.05
N THR A 903 2.21 -112.31 -42.54
CA THR A 903 2.65 -113.57 -41.97
C THR A 903 3.31 -113.42 -40.61
N PHE A 904 3.85 -112.25 -40.28
CA PHE A 904 4.57 -112.06 -39.03
C PHE A 904 4.42 -110.60 -38.61
N ARG A 905 4.63 -110.37 -37.31
CA ARG A 905 4.47 -109.05 -36.75
C ARG A 905 5.27 -108.99 -35.46
N ILE A 906 6.26 -108.09 -35.41
CA ILE A 906 7.16 -107.98 -34.28
C ILE A 906 6.89 -106.67 -33.57
N LEU A 907 6.62 -106.73 -32.27
CA LEU A 907 6.33 -105.56 -31.46
C LEU A 907 7.42 -105.40 -30.40
N VAL A 908 7.82 -104.15 -30.17
CA VAL A 908 8.84 -103.84 -29.16
C VAL A 908 8.23 -102.87 -28.16
N GLY A 909 8.37 -103.19 -26.89
CA GLY A 909 7.91 -102.31 -25.82
C GLY A 909 9.07 -101.90 -24.94
N ASN A 910 9.08 -100.64 -24.53
CA ASN A 910 10.14 -100.08 -23.71
C ASN A 910 9.69 -100.09 -22.26
N LYS A 911 10.45 -100.78 -21.41
CA LYS A 911 10.12 -100.94 -20.01
C LYS A 911 11.29 -100.51 -19.14
N GLY A 912 11.01 -99.67 -18.15
CA GLY A 912 12.03 -99.14 -17.29
C GLY A 912 12.62 -97.83 -17.76
N CYS A 913 12.45 -97.47 -19.03
CA CYS A 913 12.89 -96.16 -19.49
C CYS A 913 12.13 -95.79 -20.76
N SER A 914 12.09 -94.51 -21.01
CA SER A 914 11.95 -93.91 -22.32
C SER A 914 13.08 -92.93 -22.57
N HIS A 915 13.45 -92.18 -21.55
CA HIS A 915 14.73 -91.50 -21.52
C HIS A 915 15.74 -92.52 -21.02
N PRO A 916 16.77 -92.85 -21.80
CA PRO A 916 17.62 -94.00 -21.46
C PRO A 916 18.08 -93.96 -20.01
N SER A 917 17.94 -95.10 -19.33
CA SER A 917 18.20 -95.17 -17.90
C SER A 917 18.77 -96.53 -17.55
N VAL A 918 19.42 -96.60 -16.38
CA VAL A 918 20.18 -97.79 -16.02
C VAL A 918 19.29 -99.02 -15.92
N LYS A 919 18.14 -98.90 -15.28
CA LYS A 919 17.30 -100.06 -14.97
C LYS A 919 16.40 -100.46 -16.13
N CYS A 920 16.73 -100.08 -17.36
CA CYS A 920 15.80 -100.23 -18.46
C CYS A 920 15.91 -101.60 -19.11
N LYS A 921 14.86 -101.96 -19.85
CA LYS A 921 14.83 -103.21 -20.60
C LYS A 921 13.70 -103.15 -21.63
N LYS A 922 13.83 -103.95 -22.67
CA LYS A 922 12.85 -103.98 -23.75
C LYS A 922 12.21 -105.36 -23.85
N ARG A 923 10.90 -105.37 -24.07
CA ARG A 923 10.13 -106.59 -24.28
C ARG A 923 9.80 -106.70 -25.76
N VAL A 924 10.06 -107.87 -26.34
CA VAL A 924 9.76 -108.14 -27.74
C VAL A 924 8.63 -109.16 -27.79
N THR A 925 7.64 -108.89 -28.63
CA THR A 925 6.55 -109.83 -28.88
C THR A 925 6.58 -110.23 -30.34
N ILE A 926 6.74 -111.51 -30.60
CA ILE A 926 6.92 -112.01 -31.96
C ILE A 926 5.70 -112.81 -32.34
N LEU A 927 4.74 -112.16 -33.00
CA LEU A 927 3.47 -112.79 -33.35
C LEU A 927 3.52 -113.45 -34.74
N VAL A 928 4.43 -114.41 -34.90
CA VAL A 928 4.67 -115.00 -36.20
C VAL A 928 3.70 -116.17 -36.42
N GLU A 929 3.00 -116.15 -37.55
CA GLU A 929 2.10 -117.22 -38.01
C GLU A 929 1.19 -117.71 -36.88
N GLY A 930 0.58 -116.77 -36.18
CA GLY A 930 -0.34 -117.09 -35.11
C GLY A 930 0.32 -117.45 -33.80
N GLY A 931 1.53 -117.98 -33.85
CA GLY A 931 2.28 -118.24 -32.65
C GLY A 931 2.74 -116.95 -32.02
N GLU A 932 3.37 -117.07 -30.86
CA GLU A 932 3.81 -115.90 -30.12
C GLU A 932 5.03 -116.25 -29.29
N ILE A 933 6.13 -115.56 -29.54
CA ILE A 933 7.35 -115.70 -28.77
C ILE A 933 7.64 -114.37 -28.11
N GLU A 934 7.76 -114.37 -26.79
CA GLU A 934 8.05 -113.16 -26.04
C GLU A 934 9.47 -113.21 -25.51
N LEU A 935 10.22 -112.14 -25.75
CA LEU A 935 11.59 -112.01 -25.27
C LEU A 935 11.61 -111.01 -24.13
N PHE A 936 12.03 -111.45 -22.95
CA PHE A 936 12.04 -110.59 -21.78
C PHE A 936 12.99 -111.16 -20.74
N ASP A 937 13.56 -110.25 -19.95
CA ASP A 937 14.45 -110.61 -18.85
C ASP A 937 15.59 -111.52 -19.32
N GLY A 938 16.05 -111.27 -20.54
CA GLY A 938 17.12 -112.08 -21.09
C GLY A 938 16.78 -113.53 -21.28
N GLU A 939 15.49 -113.85 -21.41
CA GLU A 939 15.06 -115.22 -21.58
C GLU A 939 13.93 -115.27 -22.61
N VAL A 940 13.85 -116.37 -23.32
CA VAL A 940 12.83 -116.59 -24.33
C VAL A 940 11.60 -117.18 -23.68
N ASN A 941 10.42 -116.74 -24.12
CA ASN A 941 9.16 -117.23 -23.57
C ASN A 941 8.21 -117.50 -24.74
N VAL A 942 8.10 -118.75 -25.14
CA VAL A 942 7.18 -119.13 -26.22
C VAL A 942 5.78 -119.23 -25.65
N LYS A 943 5.04 -118.13 -25.72
CA LYS A 943 3.73 -118.07 -25.06
C LYS A 943 2.62 -118.71 -25.88
N ARG A 944 2.86 -118.99 -27.16
CA ARG A 944 2.04 -119.90 -27.95
C ARG A 944 2.93 -120.58 -28.96
N PRO A 945 2.64 -121.81 -29.34
CA PRO A 945 3.47 -122.48 -30.35
C PRO A 945 3.12 -122.05 -31.76
N MET A 946 4.08 -122.26 -32.65
CA MET A 946 3.89 -121.97 -34.07
C MET A 946 3.26 -123.17 -34.78
N LYS A 947 2.74 -122.90 -35.98
CA LYS A 947 2.18 -123.98 -36.79
C LYS A 947 3.26 -124.92 -37.32
N ASP A 948 4.44 -124.40 -37.61
CA ASP A 948 5.56 -125.19 -38.10
C ASP A 948 6.73 -124.98 -37.15
N GLU A 949 6.80 -125.81 -36.11
CA GLU A 949 7.89 -125.71 -35.14
C GLU A 949 9.21 -126.18 -35.73
N THR A 950 9.20 -126.82 -36.90
CA THR A 950 10.46 -127.17 -37.55
C THR A 950 11.13 -125.94 -38.17
N HIS A 951 10.34 -125.03 -38.73
CA HIS A 951 10.91 -123.74 -39.15
C HIS A 951 11.43 -122.95 -37.96
N PHE A 952 10.70 -122.98 -36.85
CA PHE A 952 11.12 -122.28 -35.65
C PHE A 952 12.38 -122.92 -35.06
N GLU A 953 13.23 -122.08 -34.48
CA GLU A 953 14.40 -122.55 -33.75
C GLU A 953 14.97 -121.39 -32.94
N VAL A 954 15.56 -121.73 -31.80
CA VAL A 954 16.21 -120.77 -30.92
C VAL A 954 17.64 -121.23 -30.68
N VAL A 955 18.60 -120.35 -30.93
CA VAL A 955 20.00 -120.63 -30.72
C VAL A 955 20.55 -119.60 -29.75
N GLU A 956 21.23 -120.07 -28.70
CA GLU A 956 21.90 -119.20 -27.74
C GLU A 956 23.40 -119.28 -27.96
N SER A 957 24.02 -118.14 -28.23
CA SER A 957 25.43 -118.11 -28.55
C SER A 957 26.01 -116.78 -28.13
N GLY A 958 27.18 -116.81 -27.52
CA GLY A 958 27.80 -115.60 -27.02
C GLY A 958 26.84 -114.84 -26.13
N ARG A 959 26.73 -113.54 -26.37
CA ARG A 959 25.81 -112.71 -25.61
C ARG A 959 24.39 -112.75 -26.15
N TYR A 960 24.15 -113.47 -27.25
CA TYR A 960 22.95 -113.25 -28.06
C TYR A 960 22.05 -114.47 -28.05
N ILE A 961 20.75 -114.20 -28.19
CA ILE A 961 19.77 -115.22 -28.53
C ILE A 961 19.43 -115.04 -30.00
N ILE A 962 19.55 -116.11 -30.77
CA ILE A 962 19.28 -116.08 -32.21
C ILE A 962 18.04 -116.93 -32.47
N LEU A 963 16.99 -116.28 -32.96
CA LEU A 963 15.74 -116.96 -33.29
C LEU A 963 15.61 -117.06 -34.80
N LEU A 964 15.33 -118.26 -35.28
CA LEU A 964 14.99 -118.47 -36.68
C LEU A 964 13.48 -118.66 -36.77
N LEU A 965 12.80 -117.72 -37.41
CA LEU A 965 11.36 -117.72 -37.54
C LEU A 965 10.89 -118.14 -38.92
N GLY A 966 11.79 -118.69 -39.72
CA GLY A 966 11.46 -119.06 -41.08
C GLY A 966 12.72 -119.09 -41.92
N LYS A 967 12.53 -119.39 -43.20
CA LYS A 967 13.66 -119.42 -44.12
C LYS A 967 14.16 -118.02 -44.46
N ALA A 968 13.34 -116.99 -44.26
CA ALA A 968 13.67 -115.64 -44.66
C ALA A 968 13.60 -114.61 -43.55
N LEU A 969 13.30 -115.02 -42.32
CA LEU A 969 13.16 -114.10 -41.20
C LEU A 969 13.93 -114.64 -40.00
N SER A 970 14.66 -113.75 -39.34
CA SER A 970 15.42 -114.13 -38.16
C SER A 970 15.53 -112.92 -37.25
N VAL A 971 15.75 -113.19 -35.97
CA VAL A 971 15.90 -112.14 -34.96
C VAL A 971 17.14 -112.45 -34.13
N VAL A 972 17.98 -111.44 -33.93
CA VAL A 972 19.16 -111.55 -33.07
C VAL A 972 19.01 -110.55 -31.95
N TRP A 973 19.18 -111.01 -30.71
CA TRP A 973 18.89 -110.21 -29.53
C TRP A 973 20.01 -110.41 -28.53
N ASP A 974 20.62 -109.30 -28.10
CA ASP A 974 21.71 -109.35 -27.13
C ASP A 974 21.23 -109.59 -25.71
N ARG A 975 19.96 -109.91 -25.51
CA ARG A 975 19.32 -110.24 -24.26
C ARG A 975 19.06 -109.02 -23.38
N HIS A 976 19.57 -107.84 -23.73
CA HIS A 976 19.24 -106.65 -22.96
C HIS A 976 18.52 -105.59 -23.77
N LEU A 977 19.11 -105.05 -24.81
CA LEU A 977 18.52 -103.93 -25.54
C LEU A 977 18.56 -104.08 -27.05
N SER A 978 19.64 -104.63 -27.60
CA SER A 978 19.92 -104.53 -29.03
C SER A 978 19.18 -105.62 -29.77
N ILE A 979 17.94 -105.34 -30.13
CA ILE A 979 17.15 -106.22 -30.98
C ILE A 979 17.56 -105.99 -32.43
N SER A 980 17.75 -107.06 -33.18
CA SER A 980 18.06 -106.97 -34.60
C SER A 980 17.20 -107.96 -35.36
N VAL A 981 16.54 -107.48 -36.42
CA VAL A 981 15.70 -108.30 -37.27
C VAL A 981 16.36 -108.39 -38.63
N VAL A 982 16.51 -109.61 -39.13
CA VAL A 982 17.18 -109.84 -40.41
C VAL A 982 16.16 -110.42 -41.38
N LEU A 983 16.04 -109.80 -42.55
CA LEU A 983 15.10 -110.22 -43.58
C LEU A 983 15.87 -110.54 -44.86
N LYS A 984 15.51 -111.64 -45.49
CA LYS A 984 16.03 -111.93 -46.82
C LYS A 984 15.19 -111.23 -47.88
N GLN A 985 15.68 -111.26 -49.12
CA GLN A 985 15.11 -110.43 -50.17
C GLN A 985 13.64 -110.72 -50.44
N THR A 986 13.14 -111.88 -50.05
CA THR A 986 11.76 -112.23 -50.34
C THR A 986 10.78 -111.29 -49.65
N TYR A 987 11.18 -110.63 -48.57
CA TYR A 987 10.33 -109.72 -47.84
C TYR A 987 10.45 -108.28 -48.31
N GLN A 988 11.15 -108.04 -49.41
CA GLN A 988 11.40 -106.67 -49.85
C GLN A 988 10.10 -106.03 -50.33
N GLU A 989 9.95 -104.75 -50.01
CA GLU A 989 8.81 -103.91 -50.41
C GLU A 989 7.54 -104.26 -49.65
N LYS A 990 7.59 -105.22 -48.74
CA LYS A 990 6.40 -105.73 -48.09
C LYS A 990 6.27 -105.34 -46.62
N VAL A 991 7.39 -105.18 -45.93
CA VAL A 991 7.37 -104.93 -44.50
C VAL A 991 7.20 -103.45 -44.23
N CYS A 992 6.85 -103.13 -42.99
CA CYS A 992 6.68 -101.74 -42.56
C CYS A 992 7.00 -101.68 -41.07
N GLY A 993 6.65 -100.57 -40.44
CA GLY A 993 6.92 -100.37 -39.04
C GLY A 993 8.07 -99.42 -38.79
N LEU A 994 8.54 -99.42 -37.55
CA LEU A 994 9.64 -98.54 -37.18
C LEU A 994 10.90 -98.82 -38.00
N CYS A 995 11.07 -100.05 -38.47
CA CYS A 995 12.21 -100.38 -39.31
C CYS A 995 12.04 -99.92 -40.76
N GLY A 996 10.88 -99.37 -41.11
CA GLY A 996 10.68 -98.84 -42.45
C GLY A 996 10.39 -99.94 -43.45
N ASN A 997 10.01 -99.51 -44.65
CA ASN A 997 9.72 -100.41 -45.74
C ASN A 997 11.02 -100.76 -46.45
N PHE A 998 11.43 -102.01 -46.33
CA PHE A 998 12.65 -102.49 -46.97
C PHE A 998 12.51 -102.45 -48.49
N ASP A 999 13.11 -101.42 -49.08
CA ASP A 999 13.12 -101.22 -50.52
C ASP A 999 14.43 -100.67 -51.06
N GLY A 1000 15.43 -100.47 -50.21
CA GLY A 1000 16.69 -99.87 -50.59
C GLY A 1000 16.69 -98.36 -50.65
N ILE A 1001 15.61 -97.71 -50.27
CA ILE A 1001 15.48 -96.25 -50.31
C ILE A 1001 15.34 -95.74 -48.89
N GLN A 1002 16.15 -94.74 -48.52
CA GLN A 1002 16.11 -94.22 -47.17
C GLN A 1002 15.06 -93.13 -47.00
N ASN A 1003 14.85 -92.32 -48.03
CA ASN A 1003 14.03 -91.12 -47.88
C ASN A 1003 12.61 -91.44 -47.47
N ASN A 1004 12.11 -92.63 -47.81
CA ASN A 1004 10.72 -92.97 -47.54
C ASN A 1004 10.53 -93.81 -46.29
N ASP A 1005 11.58 -93.96 -45.46
CA ASP A 1005 11.48 -94.87 -44.33
C ASP A 1005 10.66 -94.30 -43.19
N LEU A 1006 10.45 -92.98 -43.14
CA LEU A 1006 9.64 -92.40 -42.09
C LEU A 1006 8.17 -92.38 -42.46
N THR A 1007 7.76 -93.24 -43.38
CA THR A 1007 6.35 -93.39 -43.74
C THR A 1007 5.54 -93.80 -42.52
N SER A 1008 4.62 -92.93 -42.11
CA SER A 1008 3.77 -93.24 -40.97
C SER A 1008 2.90 -94.45 -41.26
N SER A 1009 2.26 -94.96 -40.21
CA SER A 1009 1.32 -96.07 -40.39
C SER A 1009 0.17 -95.67 -41.30
N ASN A 1010 -0.13 -94.37 -41.36
CA ASN A 1010 -1.14 -93.84 -42.26
C ASN A 1010 -0.58 -93.42 -43.62
N LEU A 1011 0.58 -93.95 -44.00
CA LEU A 1011 1.16 -93.86 -45.34
C LEU A 1011 1.74 -92.48 -45.64
N GLN A 1012 1.69 -91.54 -44.73
CA GLN A 1012 2.24 -90.21 -44.93
C GLN A 1012 3.66 -90.13 -44.38
N VAL A 1013 4.59 -89.66 -45.21
CA VAL A 1013 5.97 -89.52 -44.79
C VAL A 1013 6.11 -88.31 -43.88
N GLU A 1014 6.85 -88.47 -42.78
CA GLU A 1014 6.97 -87.45 -41.76
C GLU A 1014 8.40 -86.93 -41.72
N GLU A 1015 8.53 -85.61 -41.54
CA GLU A 1015 9.86 -85.02 -41.41
C GLU A 1015 10.47 -85.30 -40.04
N ASP A 1016 9.65 -85.51 -39.02
CA ASP A 1016 10.10 -85.70 -37.66
C ASP A 1016 9.90 -87.15 -37.26
N PRO A 1017 10.94 -87.86 -36.81
CA PRO A 1017 10.75 -89.25 -36.40
C PRO A 1017 9.81 -89.42 -35.23
N VAL A 1018 9.60 -88.39 -34.41
CA VAL A 1018 8.71 -88.52 -33.26
C VAL A 1018 7.29 -88.80 -33.73
N ASP A 1019 6.81 -88.04 -34.72
CA ASP A 1019 5.47 -88.27 -35.25
C ASP A 1019 5.36 -89.64 -35.88
N PHE A 1020 6.39 -90.06 -36.61
CA PHE A 1020 6.40 -91.39 -37.21
C PHE A 1020 6.24 -92.48 -36.16
N GLY A 1021 7.07 -92.43 -35.12
CA GLY A 1021 6.96 -93.41 -34.06
C GLY A 1021 5.64 -93.38 -33.35
N ASN A 1022 5.13 -92.18 -33.06
CA ASN A 1022 3.82 -92.08 -32.44
C ASN A 1022 2.75 -92.71 -33.33
N SER A 1023 2.90 -92.58 -34.64
CA SER A 1023 1.98 -93.23 -35.55
C SER A 1023 2.12 -94.74 -35.52
N TRP A 1024 3.26 -95.27 -35.09
CA TRP A 1024 3.43 -96.72 -35.02
C TRP A 1024 3.21 -97.31 -33.63
N LYS A 1025 2.60 -96.58 -32.70
CA LYS A 1025 2.33 -97.15 -31.39
C LYS A 1025 1.15 -98.10 -31.46
N VAL A 1026 1.29 -99.27 -30.82
CA VAL A 1026 0.28 -100.31 -30.92
C VAL A 1026 -1.00 -99.90 -30.21
N SER A 1027 -0.88 -99.40 -28.98
CA SER A 1027 -2.02 -99.07 -28.15
C SER A 1027 -2.32 -97.58 -28.28
N SER A 1028 -3.55 -97.26 -28.69
CA SER A 1028 -3.90 -95.86 -28.88
C SER A 1028 -3.95 -95.10 -27.56
N GLN A 1029 -4.41 -95.75 -26.49
CA GLN A 1029 -4.56 -95.06 -25.22
C GLN A 1029 -3.24 -94.61 -24.63
N CYS A 1030 -2.12 -95.18 -25.06
CA CYS A 1030 -0.84 -94.86 -24.47
C CYS A 1030 -0.38 -93.46 -24.89
N ALA A 1031 0.59 -92.93 -24.15
CA ALA A 1031 0.99 -91.54 -24.32
C ALA A 1031 1.86 -91.34 -25.55
N ASP A 1032 1.84 -90.11 -26.07
CA ASP A 1032 2.67 -89.74 -27.21
C ASP A 1032 3.97 -89.12 -26.75
N THR A 1033 5.01 -89.30 -27.54
CA THR A 1033 6.27 -88.62 -27.30
C THR A 1033 6.11 -87.12 -27.60
N ARG A 1034 6.76 -86.29 -26.78
CA ARG A 1034 6.39 -84.89 -26.70
C ARG A 1034 7.18 -83.99 -27.63
N LYS A 1035 8.15 -84.51 -28.38
CA LYS A 1035 9.03 -83.70 -29.23
C LYS A 1035 9.74 -82.63 -28.39
N VAL A 1036 10.60 -83.10 -27.48
CA VAL A 1036 11.40 -82.21 -26.65
C VAL A 1036 12.30 -81.38 -27.56
N PRO A 1037 12.61 -80.12 -27.21
CA PRO A 1037 13.50 -79.33 -28.08
C PRO A 1037 14.84 -80.02 -28.29
N LEU A 1038 15.38 -79.83 -29.49
CA LEU A 1038 16.55 -80.59 -29.95
C LEU A 1038 17.84 -79.93 -29.46
N ASP A 1039 18.09 -80.09 -28.16
CA ASP A 1039 19.31 -79.56 -27.58
C ASP A 1039 20.53 -80.30 -28.14
N SER A 1040 21.66 -79.60 -28.16
CA SER A 1040 22.89 -80.20 -28.68
C SER A 1040 23.35 -81.38 -27.84
N SER A 1041 22.93 -81.46 -26.59
CA SER A 1041 23.20 -82.62 -25.74
C SER A 1041 21.96 -82.91 -24.92
N PRO A 1042 21.76 -84.16 -24.52
CA PRO A 1042 20.53 -84.52 -23.79
C PRO A 1042 20.42 -83.83 -22.45
N ALA A 1043 19.31 -84.07 -21.76
CA ALA A 1043 19.18 -83.63 -20.38
C ALA A 1043 20.26 -84.29 -19.53
N THR A 1044 20.77 -83.54 -18.55
CA THR A 1044 21.87 -83.91 -17.65
C THR A 1044 23.22 -83.78 -18.35
N CYS A 1045 23.26 -83.42 -19.62
CA CYS A 1045 24.45 -82.86 -20.24
C CYS A 1045 24.22 -81.48 -20.81
N HIS A 1046 22.96 -81.05 -20.94
CA HIS A 1046 22.68 -79.71 -21.44
C HIS A 1046 23.29 -78.65 -20.53
N ASN A 1047 23.19 -78.85 -19.22
CA ASN A 1047 23.70 -77.90 -18.23
C ASN A 1047 24.73 -78.54 -17.30
N ASN A 1048 25.36 -79.63 -17.72
CA ASN A 1048 26.37 -80.31 -16.91
C ASN A 1048 27.62 -80.50 -17.75
N ILE A 1049 28.47 -79.48 -17.74
CA ILE A 1049 29.74 -79.58 -18.45
C ILE A 1049 30.71 -80.38 -17.60
N MET A 1050 31.71 -80.98 -18.24
CA MET A 1050 32.65 -81.93 -17.67
C MET A 1050 31.98 -83.29 -17.50
N LYS A 1051 30.67 -83.39 -17.68
CA LYS A 1051 30.05 -84.67 -17.96
C LYS A 1051 29.85 -84.85 -19.46
N GLN A 1052 29.49 -83.78 -20.16
CA GLN A 1052 29.36 -83.83 -21.60
C GLN A 1052 30.69 -84.23 -22.25
N THR A 1053 31.77 -83.63 -21.80
CA THR A 1053 33.08 -83.92 -22.38
C THR A 1053 33.64 -85.26 -21.94
N MET A 1054 33.38 -85.70 -20.71
CA MET A 1054 33.76 -87.06 -20.36
C MET A 1054 33.05 -88.06 -21.24
N VAL A 1055 31.74 -87.86 -21.45
CA VAL A 1055 30.98 -88.74 -22.34
C VAL A 1055 31.57 -88.71 -23.74
N ASP A 1056 31.88 -87.52 -24.25
CA ASP A 1056 32.42 -87.41 -25.59
C ASP A 1056 33.74 -88.18 -25.71
N SER A 1057 34.68 -87.87 -24.83
CA SER A 1057 36.01 -88.47 -24.93
C SER A 1057 35.99 -89.96 -24.67
N SER A 1058 35.05 -90.44 -23.85
CA SER A 1058 34.93 -91.87 -23.65
C SER A 1058 34.29 -92.57 -24.83
N CYS A 1059 33.31 -91.93 -25.48
CA CYS A 1059 32.71 -92.50 -26.67
C CYS A 1059 33.65 -92.45 -27.86
N ARG A 1060 34.66 -91.57 -27.83
CA ARG A 1060 35.65 -91.56 -28.90
C ARG A 1060 36.42 -92.86 -29.01
N ILE A 1061 36.21 -93.81 -28.10
CA ILE A 1061 36.78 -95.15 -28.25
C ILE A 1061 36.45 -95.72 -29.62
N LEU A 1062 35.32 -95.33 -30.20
CA LEU A 1062 34.96 -95.77 -31.54
C LEU A 1062 35.99 -95.36 -32.57
N THR A 1063 36.72 -94.29 -32.30
CA THR A 1063 37.75 -93.79 -33.21
C THR A 1063 39.13 -94.35 -32.92
N SER A 1064 39.30 -95.09 -31.82
CA SER A 1064 40.61 -95.54 -31.39
C SER A 1064 41.20 -96.53 -32.39
N ASP A 1065 42.42 -96.99 -32.10
CA ASP A 1065 43.17 -97.81 -33.04
C ASP A 1065 42.45 -99.12 -33.35
N VAL A 1066 41.89 -99.77 -32.34
CA VAL A 1066 41.27 -101.07 -32.56
C VAL A 1066 40.11 -100.96 -33.55
N PHE A 1067 39.35 -99.86 -33.47
CA PHE A 1067 38.26 -99.61 -34.40
C PHE A 1067 38.70 -98.87 -35.65
N GLN A 1068 39.94 -98.40 -35.69
CA GLN A 1068 40.35 -97.50 -36.77
C GLN A 1068 40.28 -98.17 -38.13
N ASP A 1069 40.47 -99.49 -38.18
CA ASP A 1069 40.37 -100.19 -39.46
C ASP A 1069 38.93 -100.47 -39.85
N CYS A 1070 38.04 -100.64 -38.86
CA CYS A 1070 36.63 -100.76 -39.18
C CYS A 1070 36.05 -99.46 -39.69
N ASN A 1071 36.53 -98.32 -39.17
CA ASN A 1071 35.98 -97.03 -39.58
C ASN A 1071 36.18 -96.76 -41.07
N LYS A 1072 37.09 -97.47 -41.73
CA LYS A 1072 37.19 -97.38 -43.18
C LYS A 1072 36.00 -98.01 -43.86
N LEU A 1073 35.45 -99.08 -43.29
CA LEU A 1073 34.32 -99.77 -43.89
C LEU A 1073 32.98 -99.24 -43.40
N VAL A 1074 32.88 -98.81 -42.14
CA VAL A 1074 31.64 -98.38 -41.54
C VAL A 1074 31.84 -96.99 -40.94
N ASP A 1075 30.80 -96.17 -41.02
CA ASP A 1075 30.87 -94.82 -40.45
C ASP A 1075 30.58 -94.88 -38.96
N PRO A 1076 31.51 -94.46 -38.10
CA PRO A 1076 31.25 -94.50 -36.65
C PRO A 1076 30.41 -93.35 -36.14
N GLU A 1077 30.19 -92.31 -36.95
CA GLU A 1077 29.50 -91.12 -36.45
C GLU A 1077 28.10 -91.41 -35.92
N PRO A 1078 27.24 -92.15 -36.62
CA PRO A 1078 25.93 -92.46 -36.03
C PRO A 1078 26.04 -93.16 -34.69
N TYR A 1079 26.93 -94.14 -34.59
CA TYR A 1079 27.10 -94.86 -33.35
C TYR A 1079 27.74 -93.99 -32.28
N LEU A 1080 28.59 -93.05 -32.68
CA LEU A 1080 29.10 -92.07 -31.72
C LEU A 1080 27.97 -91.23 -31.16
N ASP A 1081 27.05 -90.79 -32.01
CA ASP A 1081 25.90 -90.02 -31.52
C ASP A 1081 25.06 -90.84 -30.57
N VAL A 1082 24.79 -92.10 -30.92
CA VAL A 1082 24.02 -92.97 -30.03
C VAL A 1082 24.73 -93.13 -28.69
N CYS A 1083 26.05 -93.34 -28.74
CA CYS A 1083 26.82 -93.50 -27.51
C CYS A 1083 26.68 -92.27 -26.63
N ILE A 1084 26.86 -91.08 -27.20
CA ILE A 1084 26.78 -89.86 -26.42
C ILE A 1084 25.39 -89.69 -25.82
N TYR A 1085 24.35 -89.90 -26.63
CA TYR A 1085 22.98 -89.72 -26.16
C TYR A 1085 22.68 -90.66 -25.00
N ASP A 1086 22.95 -91.95 -25.20
CA ASP A 1086 22.61 -92.92 -24.17
C ASP A 1086 23.45 -92.72 -22.93
N THR A 1087 24.69 -92.27 -23.09
CA THR A 1087 25.56 -92.13 -21.93
C THR A 1087 25.17 -90.92 -21.09
N CYS A 1088 24.79 -89.81 -21.72
CA CYS A 1088 24.19 -88.73 -20.96
C CYS A 1088 22.91 -89.17 -20.27
N SER A 1089 21.99 -89.78 -21.03
CA SER A 1089 20.69 -90.09 -20.46
C SER A 1089 20.79 -91.11 -19.32
N CYS A 1090 21.70 -92.06 -19.43
CA CYS A 1090 21.76 -93.16 -18.48
C CYS A 1090 22.35 -92.73 -17.15
N GLU A 1091 23.52 -92.12 -17.18
CA GLU A 1091 24.37 -91.88 -15.99
C GLU A 1091 24.31 -93.10 -15.07
N SER A 1092 24.75 -94.22 -15.62
CA SER A 1092 24.63 -95.51 -14.95
C SER A 1092 25.53 -95.55 -13.72
N ILE A 1093 25.25 -96.54 -12.86
CA ILE A 1093 25.91 -96.61 -11.56
C ILE A 1093 26.80 -97.83 -11.43
N GLY A 1094 26.19 -99.01 -11.41
CA GLY A 1094 26.92 -100.22 -11.12
C GLY A 1094 27.31 -100.97 -12.36
N ASP A 1095 26.35 -101.15 -13.25
CA ASP A 1095 26.61 -101.70 -14.56
C ASP A 1095 26.77 -100.54 -15.54
N CYS A 1096 27.85 -100.58 -16.31
CA CYS A 1096 28.15 -99.54 -17.29
C CYS A 1096 27.51 -99.86 -18.63
N ALA A 1097 26.36 -100.51 -18.59
CA ALA A 1097 25.83 -101.25 -19.74
C ALA A 1097 25.47 -100.36 -20.91
N CYS A 1098 25.02 -99.12 -20.67
CA CYS A 1098 24.62 -98.28 -21.80
C CYS A 1098 25.79 -98.05 -22.75
N PHE A 1099 26.89 -97.54 -22.21
CA PHE A 1099 28.08 -97.30 -23.00
C PHE A 1099 28.60 -98.59 -23.62
N CYS A 1100 28.76 -99.62 -22.81
CA CYS A 1100 29.36 -100.86 -23.28
C CYS A 1100 28.51 -101.50 -24.37
N ASP A 1101 27.18 -101.42 -24.24
CA ASP A 1101 26.31 -102.01 -25.24
C ASP A 1101 26.32 -101.23 -26.54
N THR A 1102 26.44 -99.90 -26.48
CA THR A 1102 26.58 -99.14 -27.73
C THR A 1102 27.88 -99.50 -28.44
N ILE A 1103 28.98 -99.56 -27.69
CA ILE A 1103 30.25 -99.96 -28.31
C ILE A 1103 30.16 -101.37 -28.85
N ALA A 1104 29.45 -102.25 -28.15
CA ALA A 1104 29.30 -103.63 -28.61
C ALA A 1104 28.47 -103.70 -29.87
N ALA A 1105 27.46 -102.83 -30.01
CA ALA A 1105 26.70 -102.79 -31.24
C ALA A 1105 27.58 -102.37 -32.42
N TYR A 1106 28.41 -101.36 -32.21
CA TYR A 1106 29.33 -100.98 -33.28
C TYR A 1106 30.29 -102.11 -33.62
N ALA A 1107 30.81 -102.79 -32.60
CA ALA A 1107 31.70 -103.91 -32.84
C ALA A 1107 30.99 -105.04 -33.56
N HIS A 1108 29.70 -105.24 -33.27
CA HIS A 1108 28.92 -106.25 -33.96
C HIS A 1108 28.79 -105.92 -35.45
N VAL A 1109 28.53 -104.65 -35.76
CA VAL A 1109 28.47 -104.25 -37.16
C VAL A 1109 29.82 -104.49 -37.83
N CYS A 1110 30.90 -104.09 -37.17
CA CYS A 1110 32.24 -104.31 -37.72
C CYS A 1110 32.48 -105.79 -37.99
N ALA A 1111 32.09 -106.66 -37.05
CA ALA A 1111 32.26 -108.09 -37.24
C ALA A 1111 31.44 -108.59 -38.42
N GLN A 1112 30.23 -108.08 -38.60
CA GLN A 1112 29.46 -108.43 -39.78
C GLN A 1112 30.21 -108.06 -41.05
N HIS A 1113 30.90 -106.92 -41.05
CA HIS A 1113 31.72 -106.52 -42.19
C HIS A 1113 33.11 -107.17 -42.19
N GLY A 1114 33.32 -108.24 -41.42
CA GLY A 1114 34.59 -108.94 -41.43
C GLY A 1114 35.68 -108.34 -40.57
N LYS A 1115 35.48 -107.14 -40.03
CA LYS A 1115 36.47 -106.49 -39.17
C LYS A 1115 36.18 -106.83 -37.71
N VAL A 1116 36.68 -108.00 -37.29
CA VAL A 1116 36.57 -108.40 -35.90
C VAL A 1116 37.49 -107.54 -35.03
N VAL A 1117 36.95 -106.94 -33.98
CA VAL A 1117 37.66 -105.96 -33.16
C VAL A 1117 37.67 -106.44 -31.72
N THR A 1118 38.85 -106.42 -31.10
CA THR A 1118 39.04 -106.86 -29.71
C THR A 1118 39.03 -105.65 -28.78
N TRP A 1119 37.85 -105.08 -28.59
CA TRP A 1119 37.75 -103.82 -27.87
C TRP A 1119 37.63 -103.97 -26.36
N ARG A 1120 37.30 -105.15 -25.86
CA ARG A 1120 37.19 -105.35 -24.42
C ARG A 1120 38.56 -105.26 -23.77
N THR A 1121 38.59 -104.72 -22.56
CA THR A 1121 39.79 -104.71 -21.73
C THR A 1121 39.36 -104.86 -20.28
N ALA A 1122 40.31 -105.27 -19.43
CA ALA A 1122 40.01 -105.42 -18.01
C ALA A 1122 39.58 -104.10 -17.38
N THR A 1123 40.02 -102.98 -17.95
CA THR A 1123 39.69 -101.66 -17.43
C THR A 1123 38.58 -100.96 -18.20
N LEU A 1124 38.08 -101.58 -19.28
CA LEU A 1124 37.01 -100.98 -20.09
C LEU A 1124 36.02 -102.07 -20.43
N CYS A 1125 34.81 -101.97 -19.88
CA CYS A 1125 33.72 -102.89 -20.17
C CYS A 1125 34.17 -104.36 -20.08
N PRO A 1126 34.76 -104.78 -18.97
CA PRO A 1126 35.23 -106.16 -18.88
C PRO A 1126 34.09 -107.16 -18.89
N GLN A 1127 34.38 -108.34 -19.41
CA GLN A 1127 33.45 -109.45 -19.40
C GLN A 1127 34.19 -110.71 -19.02
N SER A 1128 33.55 -111.54 -18.20
CA SER A 1128 34.17 -112.77 -17.73
C SER A 1128 33.22 -113.94 -17.94
N CYS A 1129 33.79 -115.10 -18.26
CA CYS A 1129 33.05 -116.32 -18.47
C CYS A 1129 33.35 -117.37 -17.41
N GLU A 1130 34.24 -117.05 -16.47
CA GLU A 1130 34.69 -117.97 -15.44
C GLU A 1130 33.56 -118.53 -14.61
N GLU A 1131 32.41 -117.85 -14.54
CA GLU A 1131 31.27 -118.38 -13.80
C GLU A 1131 30.82 -119.73 -14.33
N ARG A 1132 31.04 -119.99 -15.61
CA ARG A 1132 30.67 -121.26 -16.22
C ARG A 1132 31.73 -122.33 -16.03
N ASN A 1133 32.96 -121.96 -15.70
CA ASN A 1133 34.05 -122.91 -15.55
C ASN A 1133 34.17 -123.48 -14.14
N LEU A 1134 33.89 -122.70 -13.11
CA LEU A 1134 33.80 -123.25 -11.75
C LEU A 1134 32.62 -124.20 -11.63
N ARG A 1135 32.81 -125.26 -10.85
CA ARG A 1135 31.96 -126.45 -10.93
C ARG A 1135 32.01 -127.19 -9.61
N GLU A 1136 31.01 -128.07 -9.41
CA GLU A 1136 30.99 -128.95 -8.25
C GLU A 1136 32.19 -129.88 -8.19
N ASN A 1137 32.78 -130.19 -9.34
CA ASN A 1137 34.02 -130.94 -9.41
C ASN A 1137 35.26 -130.09 -9.17
N GLY A 1138 35.08 -128.80 -8.87
CA GLY A 1138 36.17 -127.85 -8.81
C GLY A 1138 36.14 -126.85 -9.96
N TYR A 1139 36.93 -127.08 -11.01
CA TYR A 1139 37.04 -126.11 -12.08
C TYR A 1139 37.51 -126.81 -13.35
N GLU A 1140 36.90 -126.45 -14.48
CA GLU A 1140 37.44 -126.80 -15.79
C GLU A 1140 37.15 -125.68 -16.78
N CYS A 1141 38.18 -125.27 -17.52
CA CYS A 1141 38.22 -124.00 -18.25
C CYS A 1141 37.77 -124.11 -19.71
N GLU A 1142 36.65 -124.79 -19.95
CA GLU A 1142 36.16 -124.95 -21.31
C GLU A 1142 35.60 -123.65 -21.90
N TRP A 1143 34.94 -122.82 -21.09
CA TRP A 1143 34.42 -121.55 -21.59
C TRP A 1143 35.48 -120.45 -21.60
N ARG A 1144 35.54 -119.72 -22.71
CA ARG A 1144 36.38 -118.54 -22.85
C ARG A 1144 35.56 -117.43 -23.48
N TYR A 1145 35.81 -116.19 -23.08
CA TYR A 1145 35.35 -115.08 -23.90
C TYR A 1145 36.11 -115.08 -25.22
N ASN A 1146 35.38 -114.83 -26.30
CA ASN A 1146 35.99 -114.60 -27.60
C ASN A 1146 35.39 -113.34 -28.19
N SER A 1147 36.25 -112.50 -28.82
CA SER A 1147 35.78 -111.27 -29.43
C SER A 1147 34.57 -111.50 -30.32
N CYS A 1148 34.64 -112.52 -31.16
CA CYS A 1148 33.44 -113.06 -31.79
C CYS A 1148 33.73 -114.49 -32.17
N ALA A 1149 32.77 -115.36 -31.92
CA ALA A 1149 32.87 -116.78 -32.26
C ALA A 1149 31.80 -117.13 -33.28
N PRO A 1150 31.97 -118.23 -34.01
CA PRO A 1150 30.92 -118.64 -34.96
C PRO A 1150 29.58 -118.77 -34.26
N ALA A 1151 28.54 -118.24 -34.92
CA ALA A 1151 27.30 -117.93 -34.21
C ALA A 1151 26.51 -119.19 -33.88
N CYS A 1152 26.47 -120.17 -34.79
CA CYS A 1152 25.47 -121.22 -34.71
C CYS A 1152 26.16 -122.59 -34.70
N GLN A 1153 27.05 -122.77 -33.73
CA GLN A 1153 27.79 -124.01 -33.57
C GLN A 1153 26.86 -125.22 -33.43
N VAL A 1154 27.42 -126.40 -33.65
CA VAL A 1154 26.71 -127.65 -33.41
C VAL A 1154 26.69 -127.93 -31.91
N THR A 1155 25.59 -128.50 -31.42
CA THR A 1155 25.43 -128.84 -30.01
C THR A 1155 24.60 -130.10 -29.90
N CYS A 1156 24.52 -130.62 -28.68
CA CYS A 1156 23.64 -131.76 -28.42
C CYS A 1156 22.18 -131.44 -28.69
N GLN A 1157 21.80 -130.18 -28.62
CA GLN A 1157 20.44 -129.75 -28.94
C GLN A 1157 20.28 -129.35 -30.39
N HIS A 1158 21.37 -129.03 -31.08
CA HIS A 1158 21.35 -128.69 -32.50
C HIS A 1158 22.42 -129.49 -33.22
N PRO A 1159 22.27 -130.82 -33.27
CA PRO A 1159 23.31 -131.65 -33.93
C PRO A 1159 23.52 -131.31 -35.38
N GLU A 1160 22.48 -130.96 -36.10
CA GLU A 1160 22.62 -130.61 -37.50
C GLU A 1160 23.03 -129.15 -37.65
N PRO A 1161 23.85 -128.83 -38.64
CA PRO A 1161 24.15 -127.41 -38.90
C PRO A 1161 22.93 -126.72 -39.49
N LEU A 1162 22.71 -125.48 -39.07
CA LEU A 1162 21.54 -124.72 -39.47
C LEU A 1162 21.96 -123.31 -39.85
N ALA A 1163 21.47 -122.84 -40.99
CA ALA A 1163 21.83 -121.52 -41.48
C ALA A 1163 21.22 -120.45 -40.58
N CYS A 1164 22.00 -119.41 -40.31
CA CYS A 1164 21.57 -118.35 -39.41
C CYS A 1164 22.23 -117.04 -39.85
N PRO A 1165 21.60 -115.90 -39.56
CA PRO A 1165 21.96 -114.67 -40.29
C PRO A 1165 23.39 -114.18 -40.06
N VAL A 1166 23.88 -114.24 -38.83
CA VAL A 1166 25.14 -113.61 -38.46
C VAL A 1166 26.23 -114.67 -38.37
N GLN A 1167 27.37 -114.38 -39.00
CA GLN A 1167 28.46 -115.35 -39.02
C GLN A 1167 29.17 -115.46 -37.68
N CYS A 1168 29.41 -114.32 -37.03
CA CYS A 1168 30.29 -114.29 -35.87
C CYS A 1168 29.73 -113.33 -34.84
N VAL A 1169 29.63 -113.77 -33.58
CA VAL A 1169 29.02 -112.99 -32.52
C VAL A 1169 29.90 -113.02 -31.28
N GLU A 1170 29.90 -111.90 -30.55
CA GLU A 1170 30.66 -111.77 -29.32
C GLU A 1170 30.02 -112.56 -28.19
N GLY A 1171 30.88 -113.02 -27.27
CA GLY A 1171 30.46 -113.50 -25.97
C GLY A 1171 31.27 -114.69 -25.52
N CYS A 1172 30.77 -115.34 -24.47
CA CYS A 1172 31.37 -116.57 -23.96
C CYS A 1172 31.18 -117.72 -24.94
N HIS A 1173 32.28 -118.42 -25.23
CA HIS A 1173 32.29 -119.49 -26.20
C HIS A 1173 33.00 -120.69 -25.57
N ALA A 1174 32.42 -121.87 -25.72
CA ALA A 1174 33.03 -123.10 -25.23
C ALA A 1174 33.96 -123.67 -26.29
N HIS A 1175 35.24 -123.78 -25.97
CA HIS A 1175 36.22 -124.45 -26.82
C HIS A 1175 36.66 -125.76 -26.18
N CYS A 1176 36.50 -126.86 -26.92
CA CYS A 1176 36.77 -128.18 -26.40
C CYS A 1176 37.28 -129.06 -27.54
N PRO A 1177 37.87 -130.22 -27.24
CA PRO A 1177 38.71 -130.92 -28.23
C PRO A 1177 37.91 -131.43 -29.42
N PRO A 1178 38.58 -131.99 -30.44
CA PRO A 1178 37.88 -132.50 -31.61
C PRO A 1178 36.94 -133.65 -31.26
N GLY A 1179 35.87 -133.77 -32.06
CA GLY A 1179 34.87 -134.78 -31.83
C GLY A 1179 34.00 -134.56 -30.62
N LYS A 1180 34.37 -133.63 -29.74
CA LYS A 1180 33.61 -133.34 -28.54
C LYS A 1180 32.56 -132.28 -28.86
N ILE A 1181 31.37 -132.42 -28.26
CA ILE A 1181 30.22 -131.59 -28.59
C ILE A 1181 29.66 -130.97 -27.31
N LEU A 1182 29.25 -129.71 -27.39
CA LEU A 1182 28.62 -129.04 -26.25
C LEU A 1182 27.20 -129.56 -26.02
N ASP A 1183 26.87 -129.76 -24.75
CA ASP A 1183 25.49 -129.90 -24.30
C ASP A 1183 25.02 -128.59 -23.68
N GLU A 1184 24.00 -127.97 -24.28
CA GLU A 1184 23.48 -126.70 -23.79
C GLU A 1184 22.78 -126.82 -22.45
N LEU A 1185 22.21 -127.98 -22.12
CA LEU A 1185 21.61 -128.15 -20.81
C LEU A 1185 22.67 -128.21 -19.71
N LEU A 1186 23.80 -128.85 -19.99
CA LEU A 1186 24.90 -128.88 -19.04
C LEU A 1186 25.79 -127.65 -19.12
N GLN A 1187 25.68 -126.86 -20.19
CA GLN A 1187 26.71 -125.91 -20.59
C GLN A 1187 28.10 -126.54 -20.50
N THR A 1188 28.21 -127.79 -20.98
CA THR A 1188 29.41 -128.59 -20.83
C THR A 1188 29.58 -129.41 -22.10
N CYS A 1189 30.83 -129.54 -22.54
CA CYS A 1189 31.16 -130.41 -23.67
C CYS A 1189 31.07 -131.89 -23.28
N VAL A 1190 30.38 -132.68 -24.13
CA VAL A 1190 30.17 -134.10 -23.90
C VAL A 1190 30.26 -134.82 -25.24
N ASP A 1191 30.44 -136.14 -25.18
CA ASP A 1191 30.56 -136.94 -26.39
C ASP A 1191 29.26 -136.87 -27.21
N PRO A 1192 29.35 -137.10 -28.52
CA PRO A 1192 28.13 -137.07 -29.34
C PRO A 1192 27.07 -138.05 -28.87
N GLU A 1193 27.47 -139.16 -28.26
CA GLU A 1193 26.52 -140.16 -27.79
C GLU A 1193 25.89 -139.79 -26.46
N ASP A 1194 26.37 -138.74 -25.79
CA ASP A 1194 25.86 -138.35 -24.48
C ASP A 1194 24.68 -137.38 -24.56
N CYS A 1195 24.23 -137.02 -25.75
CA CYS A 1195 23.16 -136.05 -25.87
C CYS A 1195 21.88 -136.59 -25.24
N PRO A 1196 21.10 -135.75 -24.56
CA PRO A 1196 19.85 -136.23 -23.95
C PRO A 1196 18.71 -136.43 -24.94
N VAL A 1197 18.83 -135.93 -26.17
CA VAL A 1197 17.77 -136.09 -27.16
C VAL A 1197 18.34 -136.54 -28.49
N SER A 1262 0.30 -114.02 -71.46
CA SER A 1262 0.06 -115.27 -70.76
C SER A 1262 -1.42 -115.45 -70.44
N GLU A 1263 -1.88 -116.70 -70.44
CA GLU A 1263 -3.29 -117.05 -70.29
C GLU A 1263 -4.16 -116.28 -71.28
N PRO A 1264 -4.07 -116.59 -72.57
CA PRO A 1264 -4.93 -115.94 -73.57
C PRO A 1264 -6.42 -116.15 -73.31
N PRO A 1265 -6.88 -117.37 -72.90
CA PRO A 1265 -8.33 -117.61 -72.94
C PRO A 1265 -9.14 -116.90 -71.87
N LEU A 1266 -8.55 -115.92 -71.18
CA LEU A 1266 -9.31 -115.15 -70.20
C LEU A 1266 -10.50 -114.45 -70.85
N HIS A 1267 -10.42 -114.18 -72.15
CA HIS A 1267 -11.55 -113.61 -72.87
C HIS A 1267 -11.38 -113.89 -74.36
N ASP A 1268 -12.49 -113.78 -75.10
CA ASP A 1268 -12.44 -113.97 -76.54
C ASP A 1268 -11.56 -112.92 -77.21
N PHE A 1269 -11.49 -111.73 -76.64
CA PHE A 1269 -10.64 -110.66 -77.17
C PHE A 1269 -9.32 -110.66 -76.40
N TYR A 1270 -8.23 -110.91 -77.10
CA TYR A 1270 -6.90 -110.95 -76.50
C TYR A 1270 -5.95 -110.26 -77.46
N CYS A 1271 -5.16 -109.33 -76.95
CA CYS A 1271 -4.50 -108.33 -77.77
C CYS A 1271 -2.99 -108.52 -77.66
N SER A 1272 -2.43 -109.30 -78.57
CA SER A 1272 -1.00 -109.63 -78.57
C SER A 1272 -0.33 -108.79 -79.65
N ARG A 1273 0.12 -107.60 -79.26
CA ARG A 1273 0.76 -106.67 -80.18
C ARG A 1273 1.53 -105.63 -79.37
N LEU A 1274 2.41 -104.92 -80.06
CA LEU A 1274 3.35 -104.01 -79.43
C LEU A 1274 2.62 -102.74 -79.02
N LEU A 1275 2.50 -102.49 -77.72
CA LEU A 1275 1.80 -101.32 -77.21
C LEU A 1275 2.37 -100.92 -75.85
N ASP A 1276 2.42 -99.61 -75.60
CA ASP A 1276 2.60 -99.03 -74.27
C ASP A 1276 1.35 -98.24 -73.91
N LEU A 1277 0.73 -98.59 -72.78
CA LEU A 1277 -0.59 -98.06 -72.42
C LEU A 1277 -0.58 -97.51 -71.00
N VAL A 1278 -1.12 -96.30 -70.82
CA VAL A 1278 -1.26 -95.68 -69.51
C VAL A 1278 -2.74 -95.37 -69.25
N PHE A 1279 -3.26 -95.85 -68.13
CA PHE A 1279 -4.58 -95.49 -67.64
C PHE A 1279 -4.48 -94.30 -66.67
N LEU A 1280 -5.05 -93.16 -67.04
CA LEU A 1280 -5.08 -91.99 -66.18
C LEU A 1280 -6.46 -91.86 -65.54
N LEU A 1281 -6.52 -91.98 -64.22
CA LEU A 1281 -7.79 -92.10 -63.49
C LEU A 1281 -8.08 -90.85 -62.66
N ASP A 1282 -9.24 -90.26 -62.87
CA ASP A 1282 -9.65 -89.05 -62.16
C ASP A 1282 -9.91 -89.37 -60.70
N GLY A 1283 -9.07 -88.82 -59.82
CA GLY A 1283 -9.22 -89.01 -58.39
C GLY A 1283 -10.05 -87.95 -57.68
N SER A 1284 -10.84 -87.18 -58.43
CA SER A 1284 -11.61 -86.11 -57.84
C SER A 1284 -12.88 -86.62 -57.17
N SER A 1285 -13.52 -85.74 -56.39
CA SER A 1285 -14.74 -86.09 -55.68
C SER A 1285 -15.93 -86.26 -56.61
N ARG A 1286 -15.82 -85.84 -57.88
CA ARG A 1286 -16.92 -86.01 -58.81
C ARG A 1286 -17.25 -87.47 -59.04
N LEU A 1287 -16.33 -88.38 -58.74
CA LEU A 1287 -16.60 -89.81 -58.68
C LEU A 1287 -16.68 -90.23 -57.22
N SER A 1288 -17.80 -90.80 -56.82
CA SER A 1288 -17.90 -91.41 -55.50
C SER A 1288 -17.07 -92.68 -55.47
N GLU A 1289 -16.77 -93.14 -54.24
CA GLU A 1289 -15.96 -94.35 -54.10
C GLU A 1289 -16.56 -95.53 -54.85
N ALA A 1290 -17.89 -95.67 -54.84
CA ALA A 1290 -18.52 -96.76 -55.60
C ALA A 1290 -18.25 -96.63 -57.09
N GLU A 1291 -18.36 -95.41 -57.61
CA GLU A 1291 -18.07 -95.19 -59.01
C GLU A 1291 -16.60 -95.45 -59.30
N PHE A 1292 -15.72 -95.04 -58.39
CA PHE A 1292 -14.31 -95.31 -58.60
C PHE A 1292 -14.05 -96.80 -58.61
N GLU A 1293 -14.82 -97.57 -57.85
CA GLU A 1293 -14.67 -99.02 -57.85
C GLU A 1293 -15.02 -99.61 -59.20
N VAL A 1294 -16.13 -99.15 -59.80
CA VAL A 1294 -16.46 -99.71 -61.11
C VAL A 1294 -15.47 -99.24 -62.17
N LEU A 1295 -14.92 -98.03 -62.00
CA LEU A 1295 -13.87 -97.56 -62.90
C LEU A 1295 -12.62 -98.44 -62.79
N LYS A 1296 -12.27 -98.82 -61.57
CA LYS A 1296 -11.15 -99.73 -61.36
C LYS A 1296 -11.42 -101.09 -61.99
N ALA A 1297 -12.64 -101.57 -61.87
CA ALA A 1297 -12.99 -102.85 -62.50
C ALA A 1297 -12.87 -102.78 -64.01
N PHE A 1298 -13.25 -101.64 -64.59
CA PHE A 1298 -13.05 -101.39 -66.02
C PHE A 1298 -11.58 -101.45 -66.42
N VAL A 1299 -10.71 -100.82 -65.64
CA VAL A 1299 -9.27 -100.95 -65.86
C VAL A 1299 -8.85 -102.42 -65.76
N VAL A 1300 -9.37 -103.13 -64.77
CA VAL A 1300 -8.89 -104.48 -64.49
C VAL A 1300 -9.26 -105.42 -65.62
N ASP A 1301 -10.51 -105.35 -66.10
CA ASP A 1301 -10.88 -106.23 -67.20
C ASP A 1301 -10.16 -105.87 -68.49
N MET A 1302 -9.92 -104.57 -68.75
CA MET A 1302 -9.10 -104.24 -69.90
C MET A 1302 -7.70 -104.84 -69.78
N MET A 1303 -7.13 -104.84 -68.59
CA MET A 1303 -5.85 -105.52 -68.40
C MET A 1303 -5.98 -107.03 -68.58
N GLU A 1304 -7.14 -107.59 -68.26
CA GLU A 1304 -7.39 -108.99 -68.60
C GLU A 1304 -7.36 -109.21 -70.10
N ARG A 1305 -7.74 -108.21 -70.88
CA ARG A 1305 -7.84 -108.35 -72.33
C ARG A 1305 -6.59 -107.87 -73.06
N LEU A 1306 -5.50 -107.60 -72.36
CA LEU A 1306 -4.23 -107.24 -72.97
C LEU A 1306 -3.16 -108.26 -72.60
N ARG A 1307 -2.28 -108.56 -73.56
CA ARG A 1307 -1.16 -109.49 -73.31
C ARG A 1307 -0.08 -108.73 -72.55
N ILE A 1308 -0.17 -108.78 -71.23
CA ILE A 1308 0.71 -107.98 -70.37
C ILE A 1308 2.08 -108.65 -70.30
N SER A 1309 3.12 -107.91 -70.72
CA SER A 1309 4.51 -108.32 -70.62
C SER A 1309 5.38 -107.18 -71.14
N GLN A 1310 6.67 -107.24 -70.83
CA GLN A 1310 7.60 -106.29 -71.44
C GLN A 1310 7.60 -106.44 -72.95
N LYS A 1311 7.55 -107.68 -73.44
CA LYS A 1311 7.14 -107.92 -74.81
C LYS A 1311 5.65 -107.64 -74.96
N TRP A 1312 5.24 -107.31 -76.18
CA TRP A 1312 3.85 -107.01 -76.47
C TRP A 1312 3.40 -105.77 -75.70
N VAL A 1313 2.48 -105.91 -74.74
CA VAL A 1313 1.80 -104.75 -74.17
C VAL A 1313 2.37 -104.46 -72.79
N ARG A 1314 2.76 -103.22 -72.56
CA ARG A 1314 3.14 -102.70 -71.25
C ARG A 1314 2.06 -101.76 -70.75
N VAL A 1315 1.68 -101.90 -69.49
CA VAL A 1315 0.56 -101.16 -68.91
C VAL A 1315 1.05 -100.40 -67.69
N ALA A 1316 0.57 -99.17 -67.54
CA ALA A 1316 0.78 -98.37 -66.35
C ALA A 1316 -0.54 -97.77 -65.91
N VAL A 1317 -0.68 -97.55 -64.60
CA VAL A 1317 -1.90 -97.03 -64.01
C VAL A 1317 -1.54 -95.82 -63.18
N VAL A 1318 -2.26 -94.72 -63.38
CA VAL A 1318 -1.91 -93.45 -62.75
C VAL A 1318 -3.19 -92.76 -62.29
N GLU A 1319 -3.36 -92.62 -60.98
CA GLU A 1319 -4.40 -91.78 -60.43
C GLU A 1319 -3.89 -90.36 -60.28
N TYR A 1320 -4.68 -89.39 -60.71
CA TYR A 1320 -4.35 -87.98 -60.54
C TYR A 1320 -5.39 -87.33 -59.65
N HIS A 1321 -4.94 -86.72 -58.56
CA HIS A 1321 -5.80 -86.04 -57.60
C HIS A 1321 -5.17 -84.72 -57.19
N ASP A 1322 -4.79 -83.92 -58.18
CA ASP A 1322 -3.93 -82.74 -58.11
C ASP A 1322 -2.46 -83.16 -57.99
N GLY A 1323 -2.18 -84.44 -57.83
CA GLY A 1323 -0.85 -84.97 -58.01
C GLY A 1323 -0.94 -86.34 -58.61
N SER A 1324 0.06 -86.68 -59.41
CA SER A 1324 -0.03 -87.86 -60.27
C SER A 1324 0.45 -89.09 -59.51
N HIS A 1325 -0.48 -89.74 -58.83
CA HIS A 1325 -0.20 -90.97 -58.07
C HIS A 1325 -0.13 -92.16 -59.00
N ALA A 1326 1.09 -92.60 -59.32
CA ALA A 1326 1.29 -93.79 -60.15
C ALA A 1326 1.28 -95.04 -59.28
N TYR A 1327 0.47 -96.02 -59.68
CA TYR A 1327 0.42 -97.31 -59.00
C TYR A 1327 1.16 -98.42 -59.75
N ILE A 1328 1.20 -98.34 -61.07
CA ILE A 1328 1.93 -99.30 -61.89
C ILE A 1328 2.74 -98.54 -62.91
N GLY A 1329 3.99 -98.94 -63.09
CA GLY A 1329 4.83 -98.35 -64.11
C GLY A 1329 5.12 -99.32 -65.23
N LEU A 1330 5.44 -98.79 -66.42
CA LEU A 1330 5.71 -99.66 -67.55
C LEU A 1330 6.94 -100.53 -67.35
N LYS A 1331 7.84 -100.13 -66.44
CA LYS A 1331 9.03 -100.91 -66.17
C LYS A 1331 8.76 -102.05 -65.19
N ASP A 1332 7.60 -102.08 -64.54
CA ASP A 1332 7.34 -103.11 -63.54
C ASP A 1332 7.38 -104.49 -64.18
N ARG A 1333 8.14 -105.39 -63.57
CA ARG A 1333 8.33 -106.74 -64.07
C ARG A 1333 7.36 -107.74 -63.45
N LYS A 1334 6.40 -107.28 -62.66
CA LYS A 1334 5.50 -108.18 -61.96
C LYS A 1334 4.60 -108.92 -62.95
N ARG A 1335 4.14 -110.09 -62.53
CA ARG A 1335 3.36 -110.96 -63.39
C ARG A 1335 1.98 -110.35 -63.64
N PRO A 1336 1.34 -110.74 -64.75
CA PRO A 1336 0.03 -110.13 -65.09
C PRO A 1336 -1.01 -110.25 -63.99
N SER A 1337 -1.06 -111.38 -63.28
CA SER A 1337 -2.02 -111.52 -62.20
C SER A 1337 -1.74 -110.52 -61.08
N GLU A 1338 -0.46 -110.35 -60.73
CA GLU A 1338 -0.10 -109.37 -59.71
C GLU A 1338 -0.45 -107.96 -60.15
N LEU A 1339 -0.22 -107.65 -61.42
CA LEU A 1339 -0.55 -106.32 -61.92
C LEU A 1339 -2.05 -106.07 -61.89
N ARG A 1340 -2.85 -107.08 -62.26
CA ARG A 1340 -4.29 -106.93 -62.18
C ARG A 1340 -4.75 -106.75 -60.74
N ARG A 1341 -4.11 -107.47 -59.80
CA ARG A 1341 -4.43 -107.29 -58.39
C ARG A 1341 -4.11 -105.86 -57.95
N ILE A 1342 -2.95 -105.35 -58.34
CA ILE A 1342 -2.57 -103.99 -57.97
C ILE A 1342 -3.57 -102.99 -58.51
N ALA A 1343 -3.98 -103.16 -59.78
CA ALA A 1343 -4.97 -102.28 -60.36
C ALA A 1343 -6.29 -102.36 -59.61
N SER A 1344 -6.70 -103.57 -59.23
CA SER A 1344 -7.94 -103.76 -58.50
C SER A 1344 -7.88 -103.09 -57.13
N GLN A 1345 -6.70 -102.98 -56.55
CA GLN A 1345 -6.56 -102.41 -55.21
C GLN A 1345 -6.05 -100.97 -55.23
N VAL A 1346 -6.25 -100.25 -56.33
CA VAL A 1346 -5.98 -98.82 -56.36
C VAL A 1346 -6.91 -98.12 -55.39
N LYS A 1347 -6.35 -97.24 -54.56
CA LYS A 1347 -7.17 -96.57 -53.56
C LYS A 1347 -7.90 -95.38 -54.18
N TYR A 1348 -8.85 -94.84 -53.41
CA TYR A 1348 -9.70 -93.74 -53.86
C TYR A 1348 -9.31 -92.48 -53.10
N ALA A 1349 -9.01 -91.42 -53.84
CA ALA A 1349 -8.59 -90.16 -53.23
C ALA A 1349 -9.75 -89.25 -52.90
N GLY A 1350 -10.58 -88.95 -53.89
CA GLY A 1350 -11.70 -88.06 -53.67
C GLY A 1350 -11.34 -86.61 -53.43
N SER A 1351 -10.37 -86.10 -54.18
CA SER A 1351 -9.99 -84.70 -54.04
C SER A 1351 -11.06 -83.78 -54.61
N GLN A 1352 -11.08 -82.55 -54.12
CA GLN A 1352 -12.01 -81.57 -54.67
C GLN A 1352 -11.56 -81.02 -56.02
N VAL A 1353 -10.28 -81.17 -56.35
CA VAL A 1353 -9.74 -80.73 -57.64
C VAL A 1353 -8.75 -81.77 -58.13
N ALA A 1354 -8.78 -82.03 -59.43
CA ALA A 1354 -7.87 -83.00 -60.05
C ALA A 1354 -7.36 -82.36 -61.33
N SER A 1355 -6.20 -81.70 -61.24
CA SER A 1355 -5.61 -81.01 -62.38
C SER A 1355 -5.32 -81.97 -63.53
N THR A 1356 -6.01 -81.78 -64.65
CA THR A 1356 -5.85 -82.63 -65.82
C THR A 1356 -4.60 -82.26 -66.60
N SER A 1357 -4.31 -80.96 -66.69
CA SER A 1357 -3.06 -80.51 -67.28
C SER A 1357 -1.87 -81.03 -66.50
N GLU A 1358 -2.00 -81.13 -65.18
CA GLU A 1358 -0.89 -81.63 -64.36
C GLU A 1358 -0.59 -83.09 -64.67
N VAL A 1359 -1.61 -83.92 -64.87
CA VAL A 1359 -1.33 -85.31 -65.20
C VAL A 1359 -0.82 -85.45 -66.63
N LEU A 1360 -1.26 -84.59 -67.55
CA LEU A 1360 -0.62 -84.56 -68.86
C LEU A 1360 0.85 -84.18 -68.76
N LYS A 1361 1.18 -83.24 -67.88
CA LYS A 1361 2.58 -82.89 -67.65
C LYS A 1361 3.34 -84.07 -67.09
N TYR A 1362 2.76 -84.74 -66.10
CA TYR A 1362 3.42 -85.90 -65.50
C TYR A 1362 3.71 -86.96 -66.54
N THR A 1363 2.70 -87.37 -67.32
CA THR A 1363 2.94 -88.43 -68.29
C THR A 1363 3.95 -88.01 -69.34
N LEU A 1364 3.91 -86.74 -69.74
CA LEU A 1364 4.83 -86.24 -70.77
C LEU A 1364 6.27 -86.25 -70.30
N PHE A 1365 6.54 -85.73 -69.11
CA PHE A 1365 7.91 -85.53 -68.69
C PHE A 1365 8.46 -86.68 -67.86
N GLN A 1366 7.62 -87.48 -67.23
CA GLN A 1366 8.07 -88.53 -66.34
C GLN A 1366 7.74 -89.93 -66.81
N ILE A 1367 6.58 -90.16 -67.43
CA ILE A 1367 6.29 -91.51 -67.90
C ILE A 1367 7.02 -91.79 -69.21
N PHE A 1368 6.73 -90.98 -70.21
CA PHE A 1368 7.42 -91.06 -71.50
C PHE A 1368 8.64 -90.15 -71.56
N SER A 1369 9.44 -90.17 -70.50
CA SER A 1369 10.66 -89.37 -70.49
C SER A 1369 11.63 -89.82 -71.59
N LYS A 1370 11.77 -91.13 -71.78
CA LYS A 1370 12.58 -91.67 -72.84
C LYS A 1370 11.78 -92.75 -73.57
N ILE A 1371 11.75 -92.66 -74.90
CA ILE A 1371 11.02 -93.62 -75.70
C ILE A 1371 11.90 -94.85 -75.91
N ASP A 1372 11.80 -95.82 -75.00
CA ASP A 1372 12.61 -97.02 -75.09
C ASP A 1372 12.05 -98.07 -76.04
N ARG A 1373 10.82 -97.88 -76.54
CA ARG A 1373 10.23 -98.77 -77.54
C ARG A 1373 9.69 -97.94 -78.70
N PRO A 1374 10.58 -97.31 -79.48
CA PRO A 1374 10.11 -96.42 -80.55
C PRO A 1374 9.25 -97.11 -81.60
N GLU A 1375 9.38 -98.43 -81.75
CA GLU A 1375 8.53 -99.18 -82.65
C GLU A 1375 7.14 -99.46 -82.07
N ALA A 1376 6.99 -99.49 -80.75
CA ALA A 1376 5.69 -99.77 -80.14
C ALA A 1376 4.84 -98.51 -80.08
N SER A 1377 3.52 -98.68 -80.26
CA SER A 1377 2.59 -97.58 -80.12
C SER A 1377 2.46 -97.16 -78.65
N ARG A 1378 2.31 -95.85 -78.42
CA ARG A 1378 2.21 -95.28 -77.09
C ARG A 1378 0.88 -94.56 -76.92
N ILE A 1379 0.06 -95.01 -75.97
CA ILE A 1379 -1.31 -94.53 -75.83
C ILE A 1379 -1.61 -94.24 -74.36
N ALA A 1380 -2.37 -93.16 -74.12
CA ALA A 1380 -2.86 -92.79 -72.79
C ALA A 1380 -4.38 -92.64 -72.82
N LEU A 1381 -5.07 -93.26 -71.87
CA LEU A 1381 -6.50 -92.98 -71.65
C LEU A 1381 -6.62 -91.89 -70.60
N LEU A 1382 -6.93 -90.68 -71.02
CA LEU A 1382 -7.21 -89.59 -70.08
C LEU A 1382 -8.65 -89.70 -69.63
N LEU A 1383 -8.90 -90.65 -68.74
CA LEU A 1383 -10.24 -90.85 -68.22
C LEU A 1383 -10.52 -89.80 -67.17
N MET A 1384 -11.55 -88.99 -67.39
CA MET A 1384 -11.72 -87.72 -66.71
C MET A 1384 -13.19 -87.45 -66.43
N ALA A 1385 -13.47 -86.89 -65.26
CA ALA A 1385 -14.85 -86.74 -64.80
C ALA A 1385 -15.07 -85.44 -64.04
N SER A 1386 -14.17 -84.47 -64.17
CA SER A 1386 -14.24 -83.26 -63.34
C SER A 1386 -13.64 -82.08 -64.09
N GLN A 1387 -14.07 -80.88 -63.70
CA GLN A 1387 -13.46 -79.66 -64.18
C GLN A 1387 -12.18 -79.37 -63.42
N GLU A 1388 -11.46 -78.35 -63.86
CA GLU A 1388 -10.32 -77.82 -63.13
C GLU A 1388 -10.37 -76.30 -63.20
N PRO A 1389 -9.86 -75.61 -62.18
CA PRO A 1389 -9.86 -74.15 -62.23
C PRO A 1389 -9.12 -73.65 -63.45
N GLN A 1390 -9.61 -72.54 -64.01
CA GLN A 1390 -9.08 -72.04 -65.27
C GLN A 1390 -7.58 -71.74 -65.17
N ARG A 1391 -7.14 -71.22 -64.02
CA ARG A 1391 -5.74 -70.87 -63.86
C ARG A 1391 -4.84 -72.09 -64.02
N MET A 1392 -5.34 -73.28 -63.77
CA MET A 1392 -4.54 -74.49 -63.89
C MET A 1392 -4.56 -75.10 -65.28
N SER A 1393 -5.41 -74.58 -66.18
CA SER A 1393 -5.56 -75.13 -67.51
C SER A 1393 -4.70 -74.42 -68.56
N ARG A 1394 -3.81 -73.52 -68.14
CA ARG A 1394 -3.16 -72.62 -69.08
C ARG A 1394 -2.14 -73.33 -69.96
N ASN A 1395 -1.50 -74.39 -69.45
CA ASN A 1395 -0.49 -75.11 -70.21
C ASN A 1395 -1.00 -76.43 -70.77
N PHE A 1396 -2.32 -76.62 -70.79
CA PHE A 1396 -2.91 -77.89 -71.24
C PHE A 1396 -2.56 -78.17 -72.69
N VAL A 1397 -2.78 -77.20 -73.57
CA VAL A 1397 -2.52 -77.39 -75.00
C VAL A 1397 -1.05 -77.67 -75.25
N ARG A 1398 -0.17 -76.99 -74.52
CA ARG A 1398 1.26 -77.22 -74.69
C ARG A 1398 1.61 -78.67 -74.41
N TYR A 1399 1.08 -79.22 -73.31
CA TYR A 1399 1.40 -80.60 -72.94
C TYR A 1399 0.82 -81.59 -73.92
N VAL A 1400 -0.41 -81.37 -74.40
CA VAL A 1400 -0.96 -82.33 -75.35
C VAL A 1400 -0.20 -82.28 -76.66
N GLN A 1401 0.23 -81.08 -77.09
CA GLN A 1401 1.03 -81.00 -78.31
C GLN A 1401 2.39 -81.64 -78.12
N GLY A 1402 3.00 -81.49 -76.95
CA GLY A 1402 4.24 -82.19 -76.68
C GLY A 1402 4.08 -83.70 -76.74
N LEU A 1403 2.96 -84.19 -76.20
CA LEU A 1403 2.66 -85.61 -76.29
C LEU A 1403 2.50 -86.05 -77.74
N LYS A 1404 1.88 -85.20 -78.56
CA LYS A 1404 1.76 -85.50 -79.99
C LYS A 1404 3.12 -85.57 -80.65
N LYS A 1405 4.02 -84.65 -80.30
CA LYS A 1405 5.36 -84.65 -80.88
C LYS A 1405 6.12 -85.92 -80.55
N LYS A 1406 5.83 -86.52 -79.38
CA LYS A 1406 6.35 -87.82 -79.04
C LYS A 1406 5.54 -88.96 -79.64
N LYS A 1407 4.51 -88.63 -80.43
CA LYS A 1407 3.51 -89.59 -80.91
C LYS A 1407 2.87 -90.42 -79.81
N VAL A 1408 2.74 -89.84 -78.62
CA VAL A 1408 1.93 -90.43 -77.55
C VAL A 1408 0.47 -90.07 -77.80
N ILE A 1409 -0.32 -91.07 -78.19
CA ILE A 1409 -1.75 -90.87 -78.41
C ILE A 1409 -2.44 -90.63 -77.07
N VAL A 1410 -3.38 -89.69 -77.03
CA VAL A 1410 -4.22 -89.48 -75.86
C VAL A 1410 -5.69 -89.63 -76.25
N ILE A 1411 -6.37 -90.59 -75.63
CA ILE A 1411 -7.78 -90.86 -75.86
C ILE A 1411 -8.56 -90.36 -74.65
N PRO A 1412 -9.15 -89.16 -74.70
CA PRO A 1412 -9.95 -88.68 -73.57
C PRO A 1412 -11.26 -89.45 -73.43
N VAL A 1413 -11.57 -89.84 -72.19
CA VAL A 1413 -12.80 -90.55 -71.88
C VAL A 1413 -13.57 -89.77 -70.82
N GLY A 1414 -14.33 -88.77 -71.28
CA GLY A 1414 -15.11 -87.95 -70.37
C GLY A 1414 -16.30 -88.72 -69.82
N ILE A 1415 -16.53 -88.60 -68.52
CA ILE A 1415 -17.63 -89.29 -67.84
C ILE A 1415 -18.39 -88.31 -66.97
N GLY A 1416 -19.72 -88.31 -67.11
CA GLY A 1416 -20.58 -87.54 -66.24
C GLY A 1416 -20.78 -86.12 -66.70
N PRO A 1417 -21.76 -85.44 -66.10
CA PRO A 1417 -22.03 -84.04 -66.49
C PRO A 1417 -20.87 -83.11 -66.19
N HIS A 1418 -20.03 -83.44 -65.22
CA HIS A 1418 -18.95 -82.54 -64.81
C HIS A 1418 -17.66 -82.76 -65.59
N ALA A 1419 -17.64 -83.66 -66.56
CA ALA A 1419 -16.44 -83.83 -67.39
C ALA A 1419 -16.10 -82.52 -68.10
N ASN A 1420 -14.80 -82.25 -68.22
CA ASN A 1420 -14.32 -81.02 -68.85
C ASN A 1420 -14.35 -81.19 -70.38
N LEU A 1421 -15.55 -81.08 -70.94
CA LEU A 1421 -15.74 -81.26 -72.37
C LEU A 1421 -14.84 -80.35 -73.21
N LYS A 1422 -14.60 -79.12 -72.74
CA LYS A 1422 -13.74 -78.20 -73.48
C LYS A 1422 -12.33 -78.77 -73.66
N GLN A 1423 -11.75 -79.30 -72.59
CA GLN A 1423 -10.43 -79.92 -72.68
C GLN A 1423 -10.44 -81.13 -73.58
N ILE A 1424 -11.55 -81.86 -73.59
CA ILE A 1424 -11.72 -83.01 -74.47
C ILE A 1424 -11.68 -82.58 -75.94
N ARG A 1425 -12.46 -81.56 -76.30
CA ARG A 1425 -12.46 -81.09 -77.68
C ARG A 1425 -11.10 -80.52 -78.05
N LEU A 1426 -10.44 -79.84 -77.11
CA LEU A 1426 -9.09 -79.34 -77.38
C LEU A 1426 -8.12 -80.48 -77.68
N ILE A 1427 -8.23 -81.59 -76.95
CA ILE A 1427 -7.42 -82.77 -77.27
C ILE A 1427 -7.77 -83.30 -78.65
N GLU A 1428 -9.06 -83.39 -78.96
CA GLU A 1428 -9.46 -83.92 -80.26
C GLU A 1428 -8.92 -83.07 -81.42
N LYS A 1429 -8.84 -81.75 -81.22
CA LYS A 1429 -8.37 -80.87 -82.29
C LYS A 1429 -6.92 -81.11 -82.65
N GLN A 1430 -6.13 -81.72 -81.77
CA GLN A 1430 -4.70 -81.87 -82.00
C GLN A 1430 -4.39 -82.95 -83.03
N ALA A 1431 -5.11 -84.08 -82.99
CA ALA A 1431 -4.82 -85.17 -83.91
C ALA A 1431 -6.08 -86.00 -84.11
N PRO A 1432 -6.31 -86.53 -85.30
CA PRO A 1432 -7.52 -87.35 -85.50
C PRO A 1432 -7.57 -88.61 -84.64
N GLU A 1433 -6.42 -89.24 -84.40
CA GLU A 1433 -6.39 -90.47 -83.61
C GLU A 1433 -6.73 -90.23 -82.15
N ASN A 1434 -6.68 -88.98 -81.70
CA ASN A 1434 -7.10 -88.64 -80.34
C ASN A 1434 -8.61 -88.46 -80.25
N LYS A 1435 -9.37 -89.44 -80.74
CA LYS A 1435 -10.82 -89.32 -80.75
C LYS A 1435 -11.39 -89.57 -79.36
N ALA A 1436 -12.43 -88.83 -79.01
CA ALA A 1436 -12.93 -88.80 -77.66
C ALA A 1436 -14.09 -89.77 -77.45
N PHE A 1437 -14.16 -90.32 -76.25
CA PHE A 1437 -15.33 -91.03 -75.76
C PHE A 1437 -15.96 -90.19 -74.67
N VAL A 1438 -17.28 -90.00 -74.76
CA VAL A 1438 -18.02 -89.26 -73.74
C VAL A 1438 -19.13 -90.16 -73.23
N LEU A 1439 -19.15 -90.37 -71.91
CA LEU A 1439 -20.03 -91.35 -71.28
C LEU A 1439 -20.97 -90.64 -70.32
N SER A 1440 -22.21 -91.13 -70.26
CA SER A 1440 -23.18 -90.59 -69.30
C SER A 1440 -22.73 -90.83 -67.87
N SER A 1441 -22.21 -92.01 -67.58
CA SER A 1441 -21.78 -92.36 -66.23
C SER A 1441 -20.79 -93.50 -66.30
N VAL A 1442 -20.14 -93.75 -65.17
CA VAL A 1442 -19.08 -94.75 -65.11
C VAL A 1442 -19.56 -96.14 -65.50
N ASP A 1443 -20.83 -96.46 -65.21
CA ASP A 1443 -21.34 -97.78 -65.55
C ASP A 1443 -21.42 -98.00 -67.06
N GLU A 1444 -21.39 -96.93 -67.86
CA GLU A 1444 -21.34 -97.06 -69.30
C GLU A 1444 -19.99 -97.57 -69.80
N LEU A 1445 -18.98 -97.59 -68.93
CA LEU A 1445 -17.70 -98.19 -69.28
C LEU A 1445 -17.86 -99.67 -69.60
N GLU A 1446 -18.76 -100.35 -68.88
CA GLU A 1446 -19.02 -101.76 -69.17
C GLU A 1446 -19.53 -101.96 -70.59
N GLN A 1447 -20.23 -100.95 -71.13
CA GLN A 1447 -20.74 -101.05 -72.49
C GLN A 1447 -19.69 -100.63 -73.51
N GLN A 1448 -18.88 -99.63 -73.16
CA GLN A 1448 -17.91 -99.07 -74.11
C GLN A 1448 -16.62 -99.88 -74.16
N ARG A 1449 -16.41 -100.81 -73.22
CA ARG A 1449 -15.13 -101.49 -73.09
C ARG A 1449 -14.71 -102.21 -74.36
N ASP A 1450 -15.65 -102.94 -74.98
CA ASP A 1450 -15.29 -103.77 -76.13
C ASP A 1450 -14.73 -102.92 -77.27
N GLU A 1451 -15.44 -101.87 -77.66
CA GLU A 1451 -14.94 -101.06 -78.75
C GLU A 1451 -13.74 -100.24 -78.33
N ILE A 1452 -13.61 -99.89 -77.05
CA ILE A 1452 -12.41 -99.20 -76.59
C ILE A 1452 -11.18 -100.08 -76.80
N VAL A 1453 -11.24 -101.34 -76.37
CA VAL A 1453 -10.09 -102.22 -76.55
C VAL A 1453 -9.86 -102.50 -78.03
N SER A 1454 -10.94 -102.62 -78.81
CA SER A 1454 -10.78 -102.80 -80.26
C SER A 1454 -10.01 -101.65 -80.87
N TYR A 1455 -10.39 -100.42 -80.52
CA TYR A 1455 -9.69 -99.24 -81.03
C TYR A 1455 -8.24 -99.21 -80.57
N LEU A 1456 -7.99 -99.50 -79.29
CA LEU A 1456 -6.63 -99.52 -78.79
C LEU A 1456 -5.75 -100.50 -79.56
N CYS A 1457 -6.27 -101.68 -79.85
CA CYS A 1457 -5.46 -102.67 -80.57
C CYS A 1457 -5.40 -102.38 -82.06
N ASP A 1458 -6.37 -101.64 -82.59
CA ASP A 1458 -6.24 -101.13 -83.95
C ASP A 1458 -5.12 -100.11 -84.05
N LEU A 1459 -4.90 -99.33 -83.00
CA LEU A 1459 -3.84 -98.33 -82.95
C LEU A 1459 -2.46 -98.91 -82.67
N ALA A 1460 -2.31 -100.23 -82.57
CA ALA A 1460 -1.05 -100.84 -82.22
C ALA A 1460 -0.59 -101.83 -83.28
N PRO A 1461 0.69 -101.79 -83.66
CA PRO A 1461 1.19 -102.73 -84.68
C PRO A 1461 1.56 -104.08 -84.08
N GLU A 1462 1.61 -105.08 -84.96
CA GLU A 1462 2.03 -106.42 -84.59
C GLU A 1462 3.55 -106.53 -84.59
N ALA A 1463 4.05 -107.69 -84.18
CA ALA A 1463 5.48 -107.95 -84.14
C ALA A 1463 6.05 -108.00 -85.55
N SER B 31 -69.46 -50.70 89.55
CA SER B 31 -68.65 -51.63 88.77
C SER B 31 -67.83 -50.87 87.73
N THR B 32 -68.50 -50.45 86.65
CA THR B 32 -67.83 -49.75 85.56
C THR B 32 -68.90 -49.04 84.74
N ALA B 33 -68.58 -47.85 84.26
CA ALA B 33 -69.52 -47.04 83.49
C ALA B 33 -69.44 -47.39 82.01
N ARG B 34 -70.42 -46.91 81.26
CA ARG B 34 -70.43 -47.07 79.81
C ARG B 34 -70.92 -45.79 79.17
N CYS B 35 -70.21 -45.34 78.15
CA CYS B 35 -70.62 -44.22 77.33
C CYS B 35 -70.65 -44.65 75.88
N SER B 36 -71.58 -44.11 75.12
CA SER B 36 -71.77 -44.53 73.75
C SER B 36 -72.10 -43.35 72.86
N LEU B 37 -71.50 -43.31 71.68
CA LEU B 37 -71.88 -42.39 70.63
C LEU B 37 -72.28 -43.24 69.44
N PHE B 38 -73.56 -43.21 69.10
CA PHE B 38 -74.18 -44.21 68.26
C PHE B 38 -75.14 -43.56 67.29
N GLY B 39 -75.54 -44.33 66.29
CA GLY B 39 -76.40 -43.79 65.28
C GLY B 39 -75.68 -42.73 64.48
N SER B 40 -76.48 -41.87 63.86
CA SER B 40 -75.89 -40.80 63.06
C SER B 40 -75.28 -39.72 63.94
N ASP B 41 -76.06 -39.21 64.90
CA ASP B 41 -75.66 -38.03 65.65
C ASP B 41 -76.02 -38.11 67.13
N PHE B 42 -76.01 -39.28 67.73
CA PHE B 42 -76.53 -39.45 69.08
C PHE B 42 -75.42 -39.81 70.06
N VAL B 43 -75.66 -39.48 71.32
CA VAL B 43 -74.72 -39.72 72.41
C VAL B 43 -75.48 -40.27 73.60
N ASN B 44 -74.80 -41.08 74.39
CA ASN B 44 -75.34 -41.59 75.65
C ASN B 44 -74.27 -41.43 76.72
N THR B 45 -74.61 -40.76 77.81
CA THR B 45 -73.65 -40.42 78.84
C THR B 45 -73.43 -41.58 79.80
N PHE B 46 -72.45 -41.41 80.69
CA PHE B 46 -72.16 -42.44 81.69
C PHE B 46 -73.35 -42.67 82.60
N ASP B 47 -74.09 -41.61 82.93
CA ASP B 47 -75.18 -41.69 83.88
C ASP B 47 -76.54 -41.89 83.23
N GLY B 48 -76.59 -42.07 81.93
CA GLY B 48 -77.81 -42.38 81.23
C GLY B 48 -78.44 -41.25 80.47
N SER B 49 -78.01 -40.01 80.69
CA SER B 49 -78.53 -38.91 79.88
C SER B 49 -78.18 -39.14 78.42
N MET B 50 -79.15 -38.90 77.55
CA MET B 50 -79.03 -39.25 76.15
C MET B 50 -79.53 -38.10 75.30
N TYR B 51 -78.79 -37.77 74.24
CA TYR B 51 -79.08 -36.59 73.45
C TYR B 51 -78.44 -36.74 72.08
N SER B 52 -78.71 -35.77 71.23
CA SER B 52 -78.17 -35.74 69.88
C SER B 52 -77.18 -34.58 69.73
N PHE B 53 -76.10 -34.82 68.99
CA PHE B 53 -75.14 -33.78 68.69
C PHE B 53 -74.45 -34.11 67.37
N ALA B 54 -74.54 -33.20 66.41
CA ALA B 54 -73.87 -33.34 65.12
C ALA B 54 -72.63 -32.44 65.11
N GLY B 55 -71.54 -32.96 65.63
CA GLY B 55 -70.33 -32.17 65.75
C GLY B 55 -69.64 -31.96 64.42
N TYR B 56 -68.86 -30.88 64.36
CA TYR B 56 -68.06 -30.56 63.19
C TYR B 56 -66.58 -30.46 63.54
N CYS B 57 -66.20 -30.77 64.76
CA CYS B 57 -64.82 -30.71 65.21
C CYS B 57 -64.55 -31.91 66.10
N SER B 58 -63.46 -31.86 66.86
CA SER B 58 -63.15 -32.89 67.83
C SER B 58 -63.57 -32.43 69.22
N TYR B 59 -64.10 -33.36 70.01
CA TYR B 59 -64.68 -33.03 71.30
C TYR B 59 -64.20 -34.00 72.36
N LEU B 60 -64.10 -33.52 73.59
CA LEU B 60 -63.70 -34.37 74.70
C LEU B 60 -64.86 -35.25 75.10
N LEU B 61 -64.69 -36.56 74.97
CA LEU B 61 -65.72 -37.50 75.40
C LEU B 61 -65.60 -37.79 76.88
N ALA B 62 -64.39 -38.03 77.37
CA ALA B 62 -64.19 -38.32 78.78
C ALA B 62 -62.72 -38.08 79.12
N GLY B 63 -62.46 -37.95 80.40
CA GLY B 63 -61.10 -37.77 80.85
C GLY B 63 -61.07 -37.22 82.26
N GLY B 64 -59.90 -37.28 82.85
CA GLY B 64 -59.67 -36.66 84.14
C GLY B 64 -60.03 -35.19 84.06
N CYS B 65 -60.91 -34.75 84.95
CA CYS B 65 -61.61 -33.49 84.69
C CYS B 65 -60.92 -32.31 85.34
N GLN B 66 -60.27 -32.51 86.48
CA GLN B 66 -59.38 -31.52 87.07
C GLN B 66 -57.93 -31.75 86.64
N LYS B 67 -57.40 -32.94 86.93
CA LYS B 67 -56.08 -33.35 86.49
C LYS B 67 -56.24 -34.38 85.38
N ARG B 68 -56.03 -33.94 84.14
CA ARG B 68 -56.36 -34.76 82.96
C ARG B 68 -55.14 -35.59 82.59
N SER B 69 -55.00 -36.73 83.27
CA SER B 69 -53.93 -37.67 82.95
C SER B 69 -54.11 -38.28 81.57
N PHE B 70 -55.34 -38.43 81.12
CA PHE B 70 -55.62 -38.92 79.77
C PHE B 70 -56.86 -38.24 79.24
N SER B 71 -56.99 -38.22 77.93
CA SER B 71 -58.14 -37.61 77.28
C SER B 71 -58.63 -38.52 76.18
N ILE B 72 -59.93 -38.81 76.19
CA ILE B 72 -60.57 -39.55 75.11
C ILE B 72 -61.31 -38.55 74.25
N ILE B 73 -60.98 -38.48 72.98
CA ILE B 73 -61.42 -37.40 72.10
C ILE B 73 -62.11 -38.02 70.90
N GLY B 74 -63.36 -37.62 70.66
CA GLY B 74 -64.09 -38.06 69.50
C GLY B 74 -64.02 -37.02 68.40
N ASP B 75 -63.66 -37.47 67.21
CA ASP B 75 -63.48 -36.59 66.06
C ASP B 75 -64.66 -36.73 65.13
N PHE B 76 -65.22 -35.61 64.70
CA PHE B 76 -66.35 -35.59 63.79
C PHE B 76 -65.95 -34.90 62.49
N GLN B 77 -66.76 -35.10 61.47
CA GLN B 77 -66.57 -34.42 60.19
C GLN B 77 -67.91 -34.37 59.47
N ASN B 78 -68.39 -33.15 59.21
CA ASN B 78 -69.68 -32.94 58.56
C ASN B 78 -70.80 -33.63 59.32
N GLY B 79 -70.71 -33.58 60.64
CA GLY B 79 -71.71 -34.18 61.51
C GLY B 79 -71.50 -35.64 61.82
N LYS B 80 -70.73 -36.35 61.00
CA LYS B 80 -70.51 -37.77 61.19
C LYS B 80 -69.22 -38.02 61.95
N ARG B 81 -69.18 -39.15 62.65
CA ARG B 81 -67.99 -39.56 63.39
C ARG B 81 -66.96 -40.14 62.44
N VAL B 82 -65.69 -39.84 62.71
CA VAL B 82 -64.61 -40.32 61.84
C VAL B 82 -63.51 -41.03 62.59
N SER B 83 -63.31 -40.78 63.88
CA SER B 83 -62.22 -41.43 64.60
C SER B 83 -62.45 -41.26 66.09
N LEU B 84 -61.73 -42.07 66.87
CA LEU B 84 -61.74 -42.02 68.32
C LEU B 84 -60.31 -41.90 68.79
N SER B 85 -59.91 -40.71 69.21
CA SER B 85 -58.53 -40.45 69.59
C SER B 85 -58.37 -40.52 71.09
N VAL B 86 -57.15 -40.81 71.52
CA VAL B 86 -56.81 -40.85 72.94
C VAL B 86 -55.47 -40.16 73.11
N TYR B 87 -55.37 -39.33 74.13
CA TYR B 87 -54.13 -38.64 74.47
C TYR B 87 -53.79 -38.96 75.91
N LEU B 88 -52.52 -39.32 76.15
CA LEU B 88 -52.08 -39.69 77.49
C LEU B 88 -51.43 -38.54 78.24
N GLY B 89 -51.72 -37.30 77.85
CA GLY B 89 -51.08 -36.18 78.51
C GLY B 89 -49.95 -35.58 77.71
N GLU B 90 -50.16 -35.43 76.41
CA GLU B 90 -49.31 -34.70 75.48
C GLU B 90 -48.05 -35.45 75.10
N PHE B 91 -47.77 -36.61 75.71
CA PHE B 91 -46.59 -37.36 75.32
C PHE B 91 -46.92 -38.53 74.41
N PHE B 92 -48.17 -38.94 74.35
CA PHE B 92 -48.58 -40.02 73.47
C PHE B 92 -50.00 -39.79 73.02
N ASP B 93 -50.24 -39.95 71.73
CA ASP B 93 -51.56 -39.80 71.15
C ASP B 93 -51.78 -40.90 70.13
N ILE B 94 -53.00 -41.38 70.05
CA ILE B 94 -53.33 -42.47 69.13
C ILE B 94 -54.70 -42.16 68.53
N HIS B 95 -54.87 -42.49 67.25
CA HIS B 95 -56.05 -42.10 66.49
C HIS B 95 -56.63 -43.35 65.85
N LEU B 96 -57.70 -43.88 66.43
CA LEU B 96 -58.37 -45.05 65.89
C LEU B 96 -59.53 -44.59 65.03
N PHE B 97 -59.38 -44.72 63.72
CA PHE B 97 -60.41 -44.29 62.80
C PHE B 97 -61.49 -45.35 62.65
N VAL B 98 -62.63 -44.92 62.12
CA VAL B 98 -63.74 -45.86 61.92
C VAL B 98 -63.36 -46.95 60.94
N ASN B 99 -62.66 -46.60 59.87
CA ASN B 99 -62.26 -47.61 58.89
C ASN B 99 -60.90 -48.21 59.19
N GLY B 100 -60.76 -48.69 60.43
CA GLY B 100 -59.70 -49.58 60.82
C GLY B 100 -58.32 -48.98 60.87
N THR B 101 -58.12 -47.79 60.34
CA THR B 101 -56.79 -47.20 60.30
C THR B 101 -56.43 -46.66 61.67
N VAL B 102 -55.17 -46.85 62.05
CA VAL B 102 -54.65 -46.33 63.31
C VAL B 102 -53.40 -45.54 63.01
N THR B 103 -53.30 -44.34 63.58
CA THR B 103 -52.11 -43.52 63.46
C THR B 103 -51.66 -43.08 64.84
N GLN B 104 -50.38 -43.27 65.14
CA GLN B 104 -49.75 -42.74 66.35
C GLN B 104 -49.08 -41.43 65.96
N GLY B 105 -49.57 -40.33 66.50
CA GLY B 105 -49.24 -39.04 65.90
C GLY B 105 -49.83 -38.96 64.51
N ASP B 106 -49.01 -38.53 63.55
CA ASP B 106 -49.42 -38.58 62.16
C ASP B 106 -48.92 -39.82 61.44
N GLN B 107 -48.14 -40.66 62.12
CA GLN B 107 -47.57 -41.86 61.52
C GLN B 107 -48.56 -43.00 61.61
N ARG B 108 -48.81 -43.66 60.48
CA ARG B 108 -49.73 -44.79 60.45
C ARG B 108 -49.09 -46.03 61.05
N VAL B 109 -49.89 -46.80 61.79
CA VAL B 109 -49.45 -48.06 62.37
C VAL B 109 -50.52 -49.11 62.13
N SER B 110 -50.13 -50.37 62.23
CA SER B 110 -51.00 -51.49 61.92
C SER B 110 -51.41 -52.22 63.19
N MET B 111 -52.61 -52.75 63.18
CA MET B 111 -53.12 -53.52 64.30
C MET B 111 -52.71 -54.98 64.19
N PRO B 112 -52.55 -55.69 65.32
CA PRO B 112 -52.66 -55.17 66.68
C PRO B 112 -51.47 -54.31 67.04
N TYR B 113 -51.67 -53.41 68.00
CA TYR B 113 -50.65 -52.46 68.39
C TYR B 113 -50.65 -52.33 69.90
N ALA B 114 -49.47 -52.27 70.49
CA ALA B 114 -49.34 -52.15 71.93
C ALA B 114 -48.20 -51.19 72.23
N SER B 115 -48.46 -50.21 73.08
CA SER B 115 -47.44 -49.23 73.44
C SER B 115 -47.89 -48.40 74.63
N LYS B 116 -47.00 -48.24 75.60
CA LYS B 116 -47.20 -47.32 76.72
C LYS B 116 -48.54 -47.55 77.41
N GLY B 117 -48.86 -48.83 77.60
CA GLY B 117 -50.05 -49.20 78.33
C GLY B 117 -51.33 -49.26 77.51
N LEU B 118 -51.29 -48.91 76.24
CA LEU B 118 -52.45 -48.93 75.37
C LEU B 118 -52.38 -50.10 74.41
N TYR B 119 -53.48 -50.83 74.28
CA TYR B 119 -53.55 -52.04 73.48
C TYR B 119 -54.66 -51.89 72.45
N LEU B 120 -54.31 -51.95 71.18
CA LEU B 120 -55.29 -51.91 70.10
C LEU B 120 -55.44 -53.31 69.54
N GLU B 121 -56.67 -53.83 69.56
CA GLU B 121 -56.92 -55.21 69.21
C GLU B 121 -58.27 -55.30 68.50
N THR B 122 -58.40 -56.29 67.64
CA THR B 122 -59.65 -56.53 66.93
C THR B 122 -60.50 -57.55 67.67
N GLU B 123 -60.83 -57.22 68.92
CA GLU B 123 -61.59 -58.14 69.75
C GLU B 123 -63.02 -58.29 69.22
N ALA B 124 -63.45 -59.54 69.04
CA ALA B 124 -64.81 -59.86 68.60
C ALA B 124 -65.19 -59.12 67.32
N GLY B 125 -64.23 -58.93 66.44
CA GLY B 125 -64.46 -58.28 65.18
C GLY B 125 -64.60 -56.78 65.25
N TYR B 126 -64.44 -56.19 66.44
CA TYR B 126 -64.57 -54.75 66.64
C TYR B 126 -63.26 -54.19 67.17
N TYR B 127 -62.87 -53.04 66.63
CA TYR B 127 -61.57 -52.44 66.97
C TYR B 127 -61.59 -51.98 68.41
N LYS B 128 -60.80 -52.64 69.25
CA LYS B 128 -60.67 -52.31 70.66
C LYS B 128 -59.46 -51.41 70.89
N LEU B 129 -59.51 -50.62 71.96
CA LEU B 129 -58.38 -49.79 72.38
C LEU B 129 -58.42 -49.82 73.91
N SER B 130 -57.65 -50.73 74.50
CA SER B 130 -57.72 -50.98 75.92
C SER B 130 -56.66 -50.16 76.66
N GLY B 131 -57.07 -49.62 77.80
CA GLY B 131 -56.18 -48.82 78.62
C GLY B 131 -56.19 -49.25 80.07
N GLU B 132 -56.20 -50.55 80.32
CA GLU B 132 -56.40 -51.10 81.66
C GLU B 132 -55.65 -50.32 82.73
N ALA B 133 -54.38 -50.00 82.48
CA ALA B 133 -53.61 -49.26 83.48
C ALA B 133 -54.25 -47.92 83.78
N TYR B 134 -54.70 -47.21 82.75
CA TYR B 134 -55.36 -45.94 82.91
C TYR B 134 -56.82 -46.07 83.34
N GLY B 135 -57.38 -47.27 83.27
CA GLY B 135 -58.71 -47.49 83.78
C GLY B 135 -59.82 -47.20 82.80
N PHE B 136 -59.62 -47.53 81.52
CA PHE B 136 -60.65 -47.31 80.52
C PHE B 136 -60.49 -48.33 79.41
N VAL B 137 -61.59 -48.58 78.71
CA VAL B 137 -61.61 -49.44 77.52
C VAL B 137 -62.48 -48.75 76.47
N ALA B 138 -61.95 -48.61 75.27
CA ALA B 138 -62.69 -47.99 74.17
C ALA B 138 -62.88 -48.99 73.05
N ARG B 139 -63.89 -48.76 72.23
CA ARG B 139 -64.22 -49.68 71.16
C ARG B 139 -64.96 -48.95 70.05
N ILE B 140 -64.72 -49.39 68.82
CA ILE B 140 -65.48 -48.96 67.65
C ILE B 140 -66.06 -50.20 67.01
N ASP B 141 -67.38 -50.23 66.86
CA ASP B 141 -68.01 -51.36 66.20
C ASP B 141 -67.90 -51.24 64.68
N GLY B 142 -68.35 -52.26 63.97
CA GLY B 142 -68.22 -52.29 62.53
C GLY B 142 -69.01 -51.22 61.81
N SER B 143 -70.01 -50.64 62.47
CA SER B 143 -70.83 -49.61 61.86
C SER B 143 -70.43 -48.20 62.26
N GLY B 144 -69.38 -48.05 63.07
CA GLY B 144 -68.90 -46.75 63.44
C GLY B 144 -69.38 -46.21 64.77
N ASN B 145 -70.09 -47.01 65.56
CA ASN B 145 -70.55 -46.55 66.87
C ASN B 145 -69.40 -46.62 67.86
N PHE B 146 -69.12 -45.51 68.52
CA PHE B 146 -68.08 -45.48 69.54
C PHE B 146 -68.59 -46.06 70.84
N GLN B 147 -67.65 -46.42 71.70
CA GLN B 147 -67.97 -46.95 73.02
C GLN B 147 -66.81 -46.64 73.96
N VAL B 148 -67.13 -46.28 75.20
CA VAL B 148 -66.12 -46.05 76.21
C VAL B 148 -66.61 -46.64 77.51
N LEU B 149 -65.79 -47.48 78.13
CA LEU B 149 -66.03 -48.01 79.46
C LEU B 149 -64.98 -47.44 80.41
N LEU B 150 -65.43 -46.81 81.47
CA LEU B 150 -64.56 -46.06 82.37
C LEU B 150 -64.69 -46.64 83.77
N SER B 151 -63.56 -46.87 84.42
CA SER B 151 -63.56 -47.58 85.69
C SER B 151 -64.17 -46.72 86.79
N ASP B 152 -64.48 -47.39 87.90
CA ASP B 152 -65.12 -46.72 89.02
C ASP B 152 -64.24 -45.65 89.64
N ARG B 153 -62.93 -45.73 89.45
CA ARG B 153 -62.04 -44.75 90.06
C ARG B 153 -62.32 -43.33 89.57
N TYR B 154 -62.98 -43.18 88.42
CA TYR B 154 -63.34 -41.88 87.87
C TYR B 154 -64.76 -41.48 88.22
N PHE B 155 -65.34 -42.08 89.25
CA PHE B 155 -66.65 -41.66 89.72
C PHE B 155 -66.58 -40.23 90.21
N ASN B 156 -67.40 -39.36 89.61
CA ASN B 156 -67.54 -37.97 90.03
C ASN B 156 -66.29 -37.17 89.76
N LYS B 157 -65.42 -37.65 88.87
CA LYS B 157 -64.14 -37.01 88.58
C LYS B 157 -63.88 -36.85 87.10
N THR B 158 -64.87 -37.04 86.25
CA THR B 158 -64.70 -36.92 84.81
C THR B 158 -65.68 -35.90 84.26
N CYS B 159 -65.34 -35.35 83.10
CA CYS B 159 -66.24 -34.44 82.43
C CYS B 159 -65.93 -34.43 80.94
N GLY B 160 -66.98 -34.30 80.14
CA GLY B 160 -66.87 -34.38 78.69
C GLY B 160 -68.23 -34.72 78.13
N LEU B 161 -68.28 -34.92 76.80
CA LEU B 161 -69.56 -35.21 76.17
C LEU B 161 -70.26 -36.39 76.80
N CYS B 162 -69.50 -37.36 77.31
CA CYS B 162 -70.08 -38.44 78.09
C CYS B 162 -70.60 -37.98 79.44
N GLY B 163 -70.49 -36.70 79.74
CA GLY B 163 -70.97 -36.19 81.01
C GLY B 163 -70.06 -36.63 82.16
N ASN B 164 -70.41 -36.13 83.34
CA ASN B 164 -69.75 -36.61 84.54
C ASN B 164 -70.19 -38.05 84.81
N PHE B 165 -69.63 -38.65 85.85
CA PHE B 165 -70.01 -40.01 86.22
C PHE B 165 -70.43 -39.98 87.68
N ASN B 166 -71.69 -39.64 87.90
CA ASN B 166 -72.37 -39.78 89.18
C ASN B 166 -73.82 -40.05 88.85
N ILE B 167 -74.42 -41.00 89.57
CA ILE B 167 -75.65 -41.64 89.12
C ILE B 167 -76.74 -40.63 88.77
N PHE B 168 -76.70 -39.45 89.39
CA PHE B 168 -77.63 -38.39 89.04
C PHE B 168 -77.42 -37.99 87.58
N ALA B 169 -78.43 -38.24 86.74
CA ALA B 169 -78.29 -38.01 85.32
C ALA B 169 -78.61 -36.58 84.93
N GLU B 170 -79.39 -35.86 85.74
CA GLU B 170 -79.82 -34.52 85.38
C GLU B 170 -78.66 -33.54 85.28
N ASP B 171 -77.51 -33.85 85.88
CA ASP B 171 -76.38 -32.94 85.95
C ASP B 171 -75.27 -33.28 84.97
N ASP B 172 -75.57 -34.02 83.91
CA ASP B 172 -74.52 -34.46 83.00
C ASP B 172 -74.08 -33.39 82.03
N PHE B 173 -74.85 -32.31 81.88
CA PHE B 173 -74.59 -31.32 80.84
C PHE B 173 -73.67 -30.20 81.30
N MET B 174 -72.83 -30.45 82.29
CA MET B 174 -71.91 -29.43 82.77
C MET B 174 -70.98 -28.98 81.65
N THR B 175 -70.90 -27.67 81.45
CA THR B 175 -69.99 -27.11 80.46
C THR B 175 -68.58 -27.04 81.02
N GLN B 176 -67.61 -26.84 80.12
CA GLN B 176 -66.23 -26.69 80.56
C GLN B 176 -66.05 -25.47 81.44
N GLU B 177 -66.94 -24.47 81.31
CA GLU B 177 -66.91 -23.31 82.18
C GLU B 177 -67.40 -23.63 83.58
N GLY B 178 -67.90 -24.84 83.80
CA GLY B 178 -68.36 -25.25 85.12
C GLY B 178 -69.80 -24.95 85.42
N THR B 179 -70.63 -24.76 84.40
CA THR B 179 -72.04 -24.44 84.58
C THR B 179 -72.89 -25.41 83.79
N LEU B 180 -74.05 -25.76 84.34
CA LEU B 180 -75.01 -26.59 83.64
C LEU B 180 -75.67 -25.79 82.51
N THR B 181 -76.21 -26.52 81.55
CA THR B 181 -76.96 -25.89 80.47
C THR B 181 -78.01 -26.85 79.98
N SER B 182 -79.19 -26.33 79.66
CA SER B 182 -80.29 -27.15 79.19
C SER B 182 -80.14 -27.51 77.72
N ASP B 183 -79.20 -26.91 77.00
CA ASP B 183 -79.05 -27.15 75.58
C ASP B 183 -77.91 -28.13 75.36
N PRO B 184 -78.15 -29.29 74.75
CA PRO B 184 -77.05 -30.19 74.46
C PRO B 184 -75.94 -29.56 73.64
N TYR B 185 -76.28 -28.68 72.70
CA TYR B 185 -75.25 -28.08 71.85
C TYR B 185 -74.35 -27.13 72.61
N ASP B 186 -74.90 -26.35 73.54
CA ASP B 186 -74.04 -25.52 74.39
C ASP B 186 -73.00 -26.37 75.09
N PHE B 187 -73.46 -27.45 75.73
CA PHE B 187 -72.57 -28.39 76.42
C PHE B 187 -71.51 -28.96 75.49
N ALA B 188 -71.94 -29.50 74.36
CA ALA B 188 -71.00 -30.15 73.44
C ALA B 188 -69.99 -29.17 72.90
N ASN B 189 -70.45 -28.01 72.43
CA ASN B 189 -69.53 -27.01 71.92
C ASN B 189 -68.60 -26.50 73.01
N SER B 190 -69.07 -26.49 74.25
CA SER B 190 -68.19 -26.16 75.37
C SER B 190 -67.07 -27.16 75.49
N TRP B 191 -67.31 -28.42 75.10
CA TRP B 191 -66.26 -29.43 75.17
C TRP B 191 -65.58 -29.67 73.82
N ALA B 192 -65.46 -28.66 72.98
CA ALA B 192 -64.69 -28.79 71.76
C ALA B 192 -63.21 -28.57 72.03
N LEU B 193 -62.37 -29.18 71.18
CA LEU B 193 -60.92 -29.05 71.29
C LEU B 193 -60.35 -28.80 69.90
N SER B 194 -59.65 -27.68 69.75
CA SER B 194 -59.07 -27.31 68.48
C SER B 194 -57.60 -27.71 68.41
N SER B 195 -57.04 -27.66 67.21
CA SER B 195 -55.65 -28.01 66.99
C SER B 195 -55.04 -27.03 66.00
N GLY B 196 -53.79 -27.29 65.66
CA GLY B 196 -53.06 -26.42 64.77
C GLY B 196 -53.41 -26.55 63.31
N GLU B 197 -54.28 -27.49 62.97
CA GLU B 197 -54.77 -27.63 61.61
C GLU B 197 -56.29 -27.74 61.57
N GLN B 198 -56.96 -27.53 62.69
CA GLN B 198 -58.41 -27.62 62.73
C GLN B 198 -58.90 -26.79 63.91
N TRP B 199 -59.50 -25.65 63.62
CA TRP B 199 -60.08 -24.79 64.66
C TRP B 199 -61.59 -24.89 64.62
N CYS B 200 -62.19 -25.12 65.77
CA CYS B 200 -63.56 -25.61 65.85
C CYS B 200 -64.56 -24.48 65.59
N GLU B 201 -65.50 -24.75 64.70
CA GLU B 201 -66.63 -23.86 64.50
C GLU B 201 -67.76 -24.21 65.46
N ARG B 202 -68.59 -23.21 65.77
CA ARG B 202 -69.75 -23.41 66.62
C ARG B 202 -70.76 -24.30 65.91
N ALA B 203 -70.95 -25.51 66.42
CA ALA B 203 -71.93 -26.42 65.83
C ALA B 203 -73.33 -26.03 66.27
N SER B 204 -74.30 -26.29 65.39
CA SER B 204 -75.69 -25.94 65.64
C SER B 204 -76.57 -27.05 65.11
N PRO B 205 -77.79 -27.18 65.62
CA PRO B 205 -78.70 -28.25 65.16
C PRO B 205 -78.96 -28.14 63.67
N PRO B 206 -79.04 -29.27 62.98
CA PRO B 206 -79.33 -29.24 61.54
C PRO B 206 -80.81 -29.10 61.26
N SER B 207 -81.12 -28.75 60.01
CA SER B 207 -82.50 -28.73 59.55
C SER B 207 -83.01 -30.15 59.38
N SER B 208 -84.32 -30.32 59.58
CA SER B 208 -84.89 -31.66 59.58
C SER B 208 -86.37 -31.61 59.20
N SER B 209 -86.90 -32.77 58.82
CA SER B 209 -88.31 -32.97 58.57
C SER B 209 -88.83 -34.07 59.48
N CYS B 210 -90.01 -33.86 60.05
CA CYS B 210 -90.57 -34.79 61.02
C CYS B 210 -92.08 -34.65 61.12
N MET B 217 -91.66 -38.76 59.98
CA MET B 217 -92.54 -39.67 60.70
C MET B 217 -93.36 -40.53 59.74
N GLN B 218 -93.38 -41.84 60.00
CA GLN B 218 -94.16 -42.77 59.20
C GLN B 218 -94.56 -43.93 60.09
N LYS B 219 -95.86 -44.28 60.06
CA LYS B 219 -96.40 -45.25 61.02
C LYS B 219 -95.73 -46.61 60.88
N GLY B 220 -95.59 -47.09 59.64
CA GLY B 220 -94.98 -48.39 59.43
C GLY B 220 -93.57 -48.47 60.00
N LEU B 221 -92.81 -47.39 59.84
CA LEU B 221 -91.49 -47.34 60.46
C LEU B 221 -91.59 -47.19 61.97
N TRP B 222 -92.60 -46.47 62.45
CA TRP B 222 -92.77 -46.23 63.87
C TRP B 222 -93.03 -47.53 64.63
N GLU B 223 -93.67 -48.50 63.98
CA GLU B 223 -93.82 -49.82 64.60
C GLU B 223 -92.47 -50.41 65.01
N GLN B 224 -91.45 -50.23 64.16
CA GLN B 224 -90.14 -50.77 64.47
C GLN B 224 -89.59 -50.19 65.76
N CYS B 225 -89.75 -48.88 65.96
CA CYS B 225 -89.35 -48.28 67.23
C CYS B 225 -90.18 -48.83 68.38
N GLN B 226 -91.47 -49.06 68.14
CA GLN B 226 -92.30 -49.63 69.20
C GLN B 226 -91.89 -51.05 69.56
N LEU B 227 -91.07 -51.69 68.75
CA LEU B 227 -90.54 -53.00 69.14
C LEU B 227 -89.93 -52.97 70.53
N LEU B 228 -89.28 -51.87 70.91
CA LEU B 228 -88.64 -51.77 72.22
C LEU B 228 -89.61 -52.03 73.36
N LYS B 229 -90.89 -51.69 73.16
CA LYS B 229 -91.88 -51.79 74.22
C LYS B 229 -92.73 -53.06 74.12
N SER B 230 -92.99 -53.54 72.92
CA SER B 230 -93.96 -54.61 72.72
C SER B 230 -93.34 -56.00 72.74
N THR B 231 -92.08 -56.13 72.35
CA THR B 231 -91.48 -57.44 72.16
C THR B 231 -91.07 -58.03 73.50
N SER B 232 -91.23 -59.35 73.63
CA SER B 232 -90.95 -60.02 74.90
C SER B 232 -89.48 -59.97 75.26
N VAL B 233 -88.59 -60.13 74.29
CA VAL B 233 -87.16 -60.19 74.60
C VAL B 233 -86.69 -58.86 75.18
N PHE B 234 -87.13 -57.74 74.60
CA PHE B 234 -86.79 -56.45 75.16
C PHE B 234 -87.48 -56.20 76.49
N ALA B 235 -88.67 -56.76 76.67
CA ALA B 235 -89.41 -56.57 77.91
C ALA B 235 -88.66 -57.10 79.12
N ARG B 236 -87.70 -57.98 78.91
CA ARG B 236 -86.90 -58.48 80.02
C ARG B 236 -86.17 -57.34 80.72
N CYS B 237 -85.80 -56.31 79.97
CA CYS B 237 -84.89 -55.27 80.45
C CYS B 237 -85.62 -54.11 81.12
N HIS B 238 -86.94 -54.03 81.01
CA HIS B 238 -87.66 -52.88 81.54
C HIS B 238 -87.36 -52.63 83.02
N PRO B 239 -87.28 -53.64 83.89
CA PRO B 239 -86.93 -53.34 85.29
C PRO B 239 -85.57 -52.67 85.45
N LEU B 240 -84.66 -52.86 84.51
CA LEU B 240 -83.32 -52.29 84.58
C LEU B 240 -83.17 -51.00 83.79
N VAL B 241 -83.70 -50.94 82.57
CA VAL B 241 -83.52 -49.79 81.69
C VAL B 241 -84.87 -49.38 81.15
N ASP B 242 -85.25 -48.14 81.39
CA ASP B 242 -86.51 -47.62 80.89
C ASP B 242 -86.41 -47.43 79.38
N PRO B 243 -87.31 -48.00 78.58
CA PRO B 243 -87.19 -47.90 77.13
C PRO B 243 -87.67 -46.59 76.55
N GLU B 244 -88.39 -45.76 77.31
CA GLU B 244 -89.01 -44.58 76.73
C GLU B 244 -88.02 -43.62 76.10
N PRO B 245 -86.90 -43.26 76.74
CA PRO B 245 -85.95 -42.38 76.05
C PRO B 245 -85.47 -42.96 74.73
N PHE B 246 -85.22 -44.26 74.70
CA PHE B 246 -84.79 -44.89 73.46
C PHE B 246 -85.88 -44.88 72.42
N VAL B 247 -87.14 -45.00 72.85
CA VAL B 247 -88.24 -44.95 71.90
C VAL B 247 -88.34 -43.56 71.28
N ALA B 248 -88.19 -42.52 72.10
CA ALA B 248 -88.23 -41.16 71.56
C ALA B 248 -87.08 -40.91 70.59
N LEU B 249 -85.88 -41.35 70.97
CA LEU B 249 -84.73 -41.21 70.08
C LEU B 249 -84.97 -41.94 68.77
N CYS B 250 -85.54 -43.14 68.85
CA CYS B 250 -85.84 -43.91 67.65
C CYS B 250 -86.85 -43.19 66.76
N GLU B 251 -87.87 -42.59 67.37
CA GLU B 251 -88.86 -41.85 66.58
C GLU B 251 -88.21 -40.70 65.84
N LYS B 252 -87.36 -39.92 66.53
CA LYS B 252 -86.78 -38.77 65.85
C LYS B 252 -85.73 -39.18 64.83
N THR B 253 -85.04 -40.32 65.03
CA THR B 253 -84.14 -40.76 63.97
C THR B 253 -84.91 -41.31 62.78
N LEU B 254 -86.10 -41.89 63.00
CA LEU B 254 -86.96 -42.21 61.86
C LEU B 254 -87.37 -40.97 61.11
N CYS B 255 -87.68 -39.89 61.83
CA CYS B 255 -87.89 -38.62 61.14
C CYS B 255 -86.66 -38.23 60.34
N GLU B 256 -85.46 -38.46 60.89
CA GLU B 256 -84.24 -38.21 60.15
C GLU B 256 -83.94 -39.30 59.13
N CYS B 257 -84.64 -40.42 59.18
CA CYS B 257 -84.32 -41.56 58.33
C CYS B 257 -84.32 -41.19 56.85
N ALA B 258 -83.51 -41.93 56.09
CA ALA B 258 -83.47 -41.84 54.63
C ALA B 258 -83.46 -43.23 54.02
N GLY B 259 -84.13 -44.18 54.66
CA GLY B 259 -84.15 -45.56 54.21
C GLY B 259 -85.36 -46.31 54.70
N GLY B 260 -85.18 -47.59 55.01
CA GLY B 260 -86.25 -48.47 55.43
C GLY B 260 -86.28 -48.70 56.92
N LEU B 261 -86.72 -49.90 57.32
CA LEU B 261 -86.85 -50.22 58.73
C LEU B 261 -85.51 -50.20 59.46
N GLU B 262 -84.40 -50.32 58.74
CA GLU B 262 -83.09 -50.36 59.39
C GLU B 262 -82.77 -49.09 60.16
N CYS B 263 -83.46 -47.99 59.86
CA CYS B 263 -83.18 -46.74 60.56
C CYS B 263 -83.47 -46.84 62.06
N ALA B 264 -84.34 -47.76 62.47
CA ALA B 264 -84.60 -47.94 63.88
C ALA B 264 -83.54 -48.76 64.58
N CYS B 265 -82.67 -49.43 63.83
CA CYS B 265 -81.71 -50.36 64.41
C CYS B 265 -80.75 -49.72 65.41
N PRO B 266 -80.20 -48.52 65.18
CA PRO B 266 -79.26 -47.98 66.17
C PRO B 266 -79.85 -47.89 67.57
N ALA B 267 -81.10 -47.47 67.69
CA ALA B 267 -81.71 -47.38 69.01
C ALA B 267 -81.86 -48.74 69.65
N LEU B 268 -82.30 -49.74 68.90
CA LEU B 268 -82.45 -51.07 69.45
C LEU B 268 -81.09 -51.63 69.89
N LEU B 269 -80.07 -51.43 69.06
CA LEU B 269 -78.73 -51.92 69.39
C LEU B 269 -78.21 -51.25 70.65
N GLU B 270 -78.37 -49.94 70.76
CA GLU B 270 -77.90 -49.24 71.94
C GLU B 270 -78.67 -49.66 73.18
N TYR B 271 -79.98 -49.90 73.04
CA TYR B 271 -80.76 -50.37 74.18
C TYR B 271 -80.29 -51.74 74.63
N ALA B 272 -80.04 -52.64 73.68
CA ALA B 272 -79.55 -53.96 74.03
C ALA B 272 -78.19 -53.88 74.71
N ARG B 273 -77.31 -52.99 74.23
CA ARG B 273 -76.00 -52.86 74.84
C ARG B 273 -76.09 -52.25 76.23
N THR B 274 -76.98 -51.29 76.43
CA THR B 274 -77.21 -50.75 77.76
C THR B 274 -77.70 -51.83 78.71
N CYS B 275 -78.63 -52.66 78.24
CA CYS B 275 -79.12 -53.77 79.07
C CYS B 275 -78.00 -54.73 79.41
N ALA B 276 -77.16 -55.06 78.43
CA ALA B 276 -76.02 -55.94 78.69
C ALA B 276 -75.10 -55.33 79.72
N GLN B 277 -74.89 -54.02 79.66
CA GLN B 277 -74.09 -53.34 80.68
C GLN B 277 -74.74 -53.49 82.06
N GLU B 278 -76.06 -53.34 82.11
CA GLU B 278 -76.75 -53.45 83.39
C GLU B 278 -76.79 -54.88 83.91
N GLY B 279 -76.71 -55.87 83.03
CA GLY B 279 -76.63 -57.25 83.46
C GLY B 279 -77.40 -58.24 82.62
N MET B 280 -78.46 -57.80 81.96
CA MET B 280 -79.32 -58.68 81.18
C MET B 280 -78.88 -58.63 79.72
N VAL B 281 -78.34 -59.74 79.24
CA VAL B 281 -78.04 -59.89 77.82
C VAL B 281 -79.30 -60.38 77.12
N LEU B 282 -79.70 -59.68 76.06
CA LEU B 282 -80.97 -59.93 75.40
C LEU B 282 -80.77 -60.87 74.20
N TYR B 283 -80.35 -62.10 74.51
CA TYR B 283 -79.82 -63.03 73.51
C TYR B 283 -80.58 -63.05 72.19
N GLY B 284 -81.90 -62.88 72.24
CA GLY B 284 -82.73 -63.04 71.08
C GLY B 284 -83.17 -61.78 70.36
N TRP B 285 -82.61 -60.61 70.68
CA TRP B 285 -83.16 -59.40 70.08
C TRP B 285 -82.86 -59.33 68.59
N THR B 286 -81.77 -59.94 68.14
CA THR B 286 -81.43 -59.87 66.73
C THR B 286 -82.37 -60.69 65.86
N ASP B 287 -83.01 -61.72 66.43
CA ASP B 287 -83.91 -62.56 65.65
C ASP B 287 -85.30 -61.96 65.54
N HIS B 288 -85.83 -61.42 66.65
CA HIS B 288 -87.17 -60.84 66.61
C HIS B 288 -87.22 -59.61 65.70
N SER B 289 -86.21 -58.75 65.78
CA SER B 289 -86.18 -57.55 64.96
C SER B 289 -85.64 -57.87 63.57
N ALA B 290 -85.76 -56.90 62.68
CA ALA B 290 -85.23 -57.00 61.33
C ALA B 290 -83.78 -56.55 61.23
N CYS B 291 -83.15 -56.21 62.35
CA CYS B 291 -81.82 -55.64 62.32
C CYS B 291 -80.75 -56.72 62.27
N SER B 292 -79.57 -56.31 61.78
CA SER B 292 -78.42 -57.20 61.67
C SER B 292 -77.17 -56.34 61.80
N PRO B 293 -76.58 -56.26 62.99
CA PRO B 293 -75.38 -55.43 63.16
C PRO B 293 -74.27 -55.87 62.22
N VAL B 294 -73.55 -54.88 61.70
CA VAL B 294 -72.54 -55.16 60.68
C VAL B 294 -71.40 -55.96 61.29
N CYS B 295 -70.93 -56.95 60.55
CA CYS B 295 -69.78 -57.75 60.93
C CYS B 295 -68.90 -57.95 59.71
N PRO B 296 -67.61 -58.20 59.89
CA PRO B 296 -66.74 -58.43 58.75
C PRO B 296 -67.10 -59.73 58.04
N ALA B 297 -66.62 -59.86 56.81
CA ALA B 297 -67.02 -60.94 55.93
C ALA B 297 -66.84 -62.29 56.61
N GLY B 298 -67.91 -63.10 56.59
CA GLY B 298 -67.86 -64.46 57.09
C GLY B 298 -68.17 -64.62 58.56
N MET B 299 -68.16 -63.55 59.35
CA MET B 299 -68.41 -63.64 60.77
C MET B 299 -69.86 -63.33 61.08
N GLU B 300 -70.41 -64.05 62.05
CA GLU B 300 -71.78 -63.83 62.51
C GLU B 300 -71.79 -62.88 63.70
N TYR B 301 -72.83 -62.05 63.79
CA TYR B 301 -73.05 -61.27 64.98
C TYR B 301 -73.69 -62.13 66.05
N ARG B 302 -73.20 -62.00 67.28
CA ARG B 302 -73.77 -62.77 68.37
C ARG B 302 -73.58 -62.00 69.68
N GLN B 303 -74.55 -62.16 70.57
CA GLN B 303 -74.45 -61.59 71.90
C GLN B 303 -73.58 -62.48 72.77
N CYS B 304 -72.85 -61.85 73.68
CA CYS B 304 -72.08 -62.57 74.70
C CYS B 304 -71.00 -63.45 74.05
N VAL B 305 -70.25 -62.86 73.13
CA VAL B 305 -69.06 -63.51 72.59
C VAL B 305 -67.95 -63.42 73.62
N SER B 306 -67.29 -64.53 73.90
CA SER B 306 -66.19 -64.50 74.85
C SER B 306 -65.02 -63.74 74.27
N PRO B 307 -64.41 -62.81 75.02
CA PRO B 307 -63.28 -62.06 74.45
C PRO B 307 -62.11 -62.94 74.05
N CYS B 308 -61.93 -64.08 74.72
CA CYS B 308 -60.86 -65.01 74.40
C CYS B 308 -61.24 -65.94 73.26
N ALA B 309 -61.65 -65.38 72.13
CA ALA B 309 -62.04 -66.19 70.98
C ALA B 309 -60.84 -66.96 70.46
N ARG B 310 -61.10 -68.17 69.97
CA ARG B 310 -60.05 -69.13 69.64
C ARG B 310 -59.50 -68.89 68.24
N THR B 311 -58.32 -68.29 68.18
CA THR B 311 -57.44 -68.38 67.02
C THR B 311 -56.70 -69.70 67.05
N CYS B 312 -56.38 -70.23 65.88
CA CYS B 312 -55.62 -71.49 65.82
C CYS B 312 -54.32 -71.37 66.60
N GLN B 313 -53.45 -70.45 66.19
CA GLN B 313 -52.14 -70.31 66.82
C GLN B 313 -52.31 -69.62 68.18
N SER B 314 -53.01 -70.31 69.08
CA SER B 314 -53.27 -69.81 70.41
C SER B 314 -53.14 -70.95 71.40
N LEU B 315 -52.53 -70.66 72.54
CA LEU B 315 -52.39 -71.66 73.59
C LEU B 315 -53.74 -71.94 74.21
N HIS B 316 -53.98 -73.21 74.54
CA HIS B 316 -55.25 -73.62 75.09
C HIS B 316 -55.34 -73.31 76.58
N ILE B 317 -55.09 -72.07 76.96
CA ILE B 317 -55.13 -71.64 78.36
C ILE B 317 -56.50 -71.03 78.60
N ASN B 318 -57.45 -71.86 79.02
CA ASN B 318 -58.80 -71.39 79.31
C ASN B 318 -58.96 -70.87 80.73
N GLU B 319 -58.06 -71.24 81.64
CA GLU B 319 -58.18 -70.80 83.03
C GLU B 319 -57.90 -69.31 83.16
N MET B 320 -57.17 -68.71 82.21
CA MET B 320 -56.87 -67.29 82.30
C MET B 320 -58.09 -66.43 82.00
N CYS B 321 -59.05 -66.95 81.22
CA CYS B 321 -60.16 -66.16 80.71
C CYS B 321 -61.27 -66.08 81.76
N GLN B 322 -61.03 -65.26 82.77
CA GLN B 322 -62.03 -64.99 83.81
C GLN B 322 -62.90 -63.80 83.47
N GLU B 323 -62.67 -63.15 82.33
CA GLU B 323 -63.41 -61.94 81.98
C GLU B 323 -64.84 -62.27 81.58
N ARG B 324 -65.69 -61.26 81.64
CA ARG B 324 -67.07 -61.39 81.18
C ARG B 324 -67.11 -61.35 79.66
N CYS B 325 -68.23 -61.82 79.12
CA CYS B 325 -68.42 -61.84 77.68
C CYS B 325 -68.89 -60.47 77.18
N VAL B 326 -68.78 -60.28 75.87
CA VAL B 326 -69.19 -59.05 75.21
C VAL B 326 -69.96 -59.40 73.96
N ASP B 327 -70.77 -58.45 73.51
CA ASP B 327 -71.39 -58.58 72.20
C ASP B 327 -70.37 -58.30 71.10
N GLY B 328 -70.57 -58.93 69.95
CA GLY B 328 -69.65 -58.73 68.85
C GLY B 328 -69.81 -59.83 67.82
N CYS B 329 -68.83 -59.88 66.92
CA CYS B 329 -68.84 -60.81 65.82
C CYS B 329 -68.04 -62.05 66.18
N SER B 330 -68.42 -63.18 65.57
CA SER B 330 -67.75 -64.44 65.82
C SER B 330 -67.76 -65.25 64.53
N CYS B 331 -66.74 -66.10 64.38
CA CYS B 331 -66.75 -67.03 63.28
C CYS B 331 -67.83 -68.09 63.51
N PRO B 332 -68.42 -68.63 62.44
CA PRO B 332 -69.44 -69.65 62.61
C PRO B 332 -68.90 -70.83 63.40
N GLU B 333 -69.81 -71.56 64.04
CA GLU B 333 -69.42 -72.65 64.91
C GLU B 333 -68.57 -73.67 64.16
N GLY B 334 -67.51 -74.12 64.80
CA GLY B 334 -66.58 -75.05 64.22
C GLY B 334 -65.42 -74.43 63.47
N GLN B 335 -65.51 -73.15 63.13
CA GLN B 335 -64.43 -72.45 62.46
C GLN B 335 -63.59 -71.68 63.47
N LEU B 336 -62.38 -71.32 63.06
CA LEU B 336 -61.43 -70.62 63.90
C LEU B 336 -60.87 -69.43 63.15
N LEU B 337 -60.38 -68.46 63.91
CA LEU B 337 -59.77 -67.27 63.34
C LEU B 337 -58.35 -67.55 62.89
N ASP B 338 -57.94 -66.89 61.81
CA ASP B 338 -56.56 -66.98 61.33
C ASP B 338 -56.27 -65.69 60.57
N GLU B 339 -55.51 -64.79 61.22
CA GLU B 339 -55.21 -63.48 60.66
C GLU B 339 -56.50 -62.72 60.32
N GLY B 340 -57.50 -62.86 61.19
CA GLY B 340 -58.76 -62.19 61.03
C GLY B 340 -59.78 -62.92 60.17
N LEU B 341 -59.35 -63.87 59.35
CA LEU B 341 -60.26 -64.65 58.54
C LEU B 341 -60.68 -65.91 59.30
N CYS B 342 -61.85 -66.42 58.94
CA CYS B 342 -62.38 -67.63 59.56
C CYS B 342 -62.01 -68.84 58.72
N VAL B 343 -61.46 -69.86 59.38
CA VAL B 343 -61.00 -71.07 58.71
C VAL B 343 -61.50 -72.28 59.49
N GLU B 344 -61.56 -73.41 58.81
CA GLU B 344 -61.91 -74.66 59.47
C GLU B 344 -60.80 -75.07 60.43
N SER B 345 -61.19 -75.80 61.48
CA SER B 345 -60.21 -76.20 62.48
C SER B 345 -59.08 -77.03 61.88
N THR B 346 -59.38 -77.83 60.87
CA THR B 346 -58.36 -78.65 60.21
C THR B 346 -57.66 -77.92 59.07
N GLU B 347 -58.23 -76.81 58.58
CA GLU B 347 -57.68 -76.09 57.44
C GLU B 347 -56.52 -75.18 57.82
N CYS B 348 -56.34 -74.89 59.07
CA CYS B 348 -55.59 -73.70 59.41
C CYS B 348 -54.12 -74.00 59.71
N PRO B 349 -53.25 -73.05 59.38
CA PRO B 349 -51.83 -73.36 59.16
C PRO B 349 -50.96 -73.29 60.40
N CYS B 350 -49.71 -73.71 60.23
CA CYS B 350 -48.65 -73.52 61.19
C CYS B 350 -47.91 -72.20 60.90
N VAL B 351 -47.21 -71.71 61.92
CA VAL B 351 -46.44 -70.49 61.81
C VAL B 351 -44.98 -70.79 62.15
N HIS B 352 -44.08 -70.27 61.34
CA HIS B 352 -42.66 -70.36 61.63
C HIS B 352 -41.94 -69.19 60.98
N SER B 353 -40.99 -68.61 61.71
CA SER B 353 -40.19 -67.50 61.21
C SER B 353 -41.07 -66.33 60.79
N GLY B 354 -42.24 -66.20 61.41
CA GLY B 354 -43.18 -65.17 61.03
C GLY B 354 -43.97 -65.47 59.78
N LYS B 355 -43.79 -66.65 59.18
CA LYS B 355 -44.51 -67.04 57.98
C LYS B 355 -45.51 -68.14 58.33
N ARG B 356 -46.60 -68.19 57.58
CA ARG B 356 -47.61 -69.22 57.74
C ARG B 356 -47.51 -70.22 56.59
N TYR B 357 -47.56 -71.51 56.94
CA TYR B 357 -47.48 -72.57 55.95
C TYR B 357 -48.69 -73.48 56.08
N PRO B 358 -49.29 -73.89 54.96
CA PRO B 358 -50.45 -74.77 55.03
C PRO B 358 -50.09 -76.11 55.64
N PRO B 359 -51.07 -76.87 56.11
CA PRO B 359 -50.78 -78.20 56.66
C PRO B 359 -50.17 -79.11 55.61
N GLY B 360 -49.31 -80.01 56.07
CA GLY B 360 -48.64 -80.93 55.19
C GLY B 360 -47.34 -80.42 54.59
N THR B 361 -47.07 -79.12 54.71
CA THR B 361 -45.82 -78.58 54.20
C THR B 361 -44.65 -79.07 55.02
N SER B 362 -43.49 -79.19 54.38
CA SER B 362 -42.28 -79.66 55.02
C SER B 362 -41.20 -78.59 54.95
N LEU B 363 -40.51 -78.40 56.06
CA LEU B 363 -39.40 -77.46 56.13
C LEU B 363 -38.16 -78.19 56.61
N SER B 364 -37.02 -77.86 56.00
CA SER B 364 -35.77 -78.49 56.35
C SER B 364 -34.99 -77.64 57.34
N ARG B 365 -34.27 -78.31 58.23
CA ARG B 365 -33.36 -77.66 59.17
C ARG B 365 -32.09 -78.51 59.14
N ASP B 366 -31.17 -78.18 58.24
CA ASP B 366 -30.08 -79.06 57.87
C ASP B 366 -30.61 -80.41 57.44
N CYS B 367 -30.16 -81.48 58.10
CA CYS B 367 -30.55 -82.82 57.72
C CYS B 367 -31.93 -83.22 58.24
N ASN B 368 -32.54 -82.41 59.10
CA ASN B 368 -33.85 -82.70 59.65
C ASN B 368 -34.95 -82.06 58.79
N THR B 369 -36.16 -82.58 58.93
CA THR B 369 -37.34 -81.99 58.31
C THR B 369 -38.44 -81.86 59.35
N CYS B 370 -39.26 -80.83 59.19
CA CYS B 370 -40.37 -80.56 60.09
C CYS B 370 -41.65 -80.49 59.27
N ILE B 371 -42.67 -81.24 59.68
CA ILE B 371 -43.93 -81.33 58.95
C ILE B 371 -45.01 -80.60 59.72
N CYS B 372 -45.74 -79.72 59.03
CA CYS B 372 -46.84 -79.00 59.66
C CYS B 372 -48.06 -79.91 59.73
N ARG B 373 -48.48 -80.22 60.95
CA ARG B 373 -49.69 -81.01 61.19
C ARG B 373 -50.45 -80.35 62.32
N ASN B 374 -51.76 -80.19 62.14
CA ASN B 374 -52.57 -79.33 63.02
C ASN B 374 -51.90 -77.97 63.02
N SER B 375 -51.70 -77.34 64.18
CA SER B 375 -50.92 -76.12 64.24
C SER B 375 -49.46 -76.37 64.57
N GLN B 376 -49.07 -77.62 64.80
CA GLN B 376 -47.75 -77.97 65.28
C GLN B 376 -46.85 -78.42 64.14
N TRP B 377 -45.57 -78.49 64.43
CA TRP B 377 -44.56 -79.01 63.52
C TRP B 377 -44.05 -80.34 64.07
N ILE B 378 -43.99 -81.34 63.21
CA ILE B 378 -43.43 -82.64 63.56
C ILE B 378 -42.03 -82.69 62.99
N CYS B 379 -41.02 -82.67 63.85
CA CYS B 379 -39.64 -82.48 63.44
C CYS B 379 -38.86 -83.78 63.58
N SER B 380 -37.74 -83.85 62.84
CA SER B 380 -37.09 -85.12 62.56
C SER B 380 -36.16 -85.61 63.67
N ASN B 381 -35.77 -84.78 64.62
CA ASN B 381 -35.05 -85.22 65.82
C ASN B 381 -33.89 -86.17 65.50
N GLU B 382 -33.00 -85.75 64.61
CA GLU B 382 -31.83 -86.56 64.28
C GLU B 382 -30.60 -85.68 64.25
N GLU B 383 -29.44 -86.31 64.47
CA GLU B 383 -28.18 -85.57 64.48
C GLU B 383 -27.74 -85.26 63.06
N CYS B 384 -27.30 -84.03 62.84
CA CYS B 384 -26.77 -83.59 61.57
C CYS B 384 -25.26 -83.39 61.66
N PRO B 385 -24.58 -83.26 60.52
CA PRO B 385 -23.11 -83.11 60.58
C PRO B 385 -22.69 -81.90 61.39
N GLY B 386 -21.61 -82.07 62.14
CA GLY B 386 -21.08 -80.99 62.96
C GLY B 386 -19.99 -80.23 62.23
N GLU B 387 -20.05 -78.91 62.32
CA GLU B 387 -19.10 -78.03 61.66
C GLU B 387 -18.41 -77.16 62.70
N CYS B 388 -17.15 -77.45 62.98
CA CYS B 388 -16.32 -76.58 63.79
C CYS B 388 -15.63 -75.57 62.89
N LEU B 389 -15.43 -74.36 63.41
CA LEU B 389 -14.96 -73.27 62.57
C LEU B 389 -13.98 -72.40 63.32
N VAL B 390 -12.87 -72.07 62.68
CA VAL B 390 -11.96 -71.02 63.10
C VAL B 390 -11.85 -70.03 61.95
N THR B 391 -12.26 -68.78 62.18
CA THR B 391 -12.55 -67.95 61.03
C THR B 391 -12.03 -66.52 61.14
N GLY B 392 -10.95 -66.31 61.89
CA GLY B 392 -10.43 -64.97 61.95
C GLY B 392 -9.41 -64.77 63.03
N GLN B 393 -9.54 -63.69 63.79
CA GLN B 393 -8.62 -63.42 64.90
C GLN B 393 -9.00 -64.29 66.09
N SER B 394 -8.90 -65.60 65.87
CA SER B 394 -9.13 -66.60 66.91
C SER B 394 -10.59 -66.67 67.33
N HIS B 395 -11.51 -66.43 66.40
CA HIS B 395 -12.91 -66.73 66.62
C HIS B 395 -13.21 -68.18 66.31
N PHE B 396 -13.98 -68.81 67.18
CA PHE B 396 -14.25 -70.23 67.12
C PHE B 396 -15.74 -70.48 67.09
N LYS B 397 -16.14 -71.60 66.51
CA LYS B 397 -17.46 -72.17 66.70
C LYS B 397 -17.28 -73.65 66.98
N SER B 398 -17.77 -74.10 68.12
CA SER B 398 -17.70 -75.51 68.44
C SER B 398 -18.65 -76.29 67.55
N PHE B 399 -18.50 -77.61 67.58
CA PHE B 399 -19.41 -78.46 66.83
C PHE B 399 -20.86 -78.29 67.27
N ASP B 400 -21.08 -77.83 68.50
CA ASP B 400 -22.42 -77.58 69.03
C ASP B 400 -22.81 -76.11 68.97
N ASN B 401 -22.15 -75.32 68.12
CA ASN B 401 -22.51 -73.93 67.86
C ASN B 401 -22.25 -73.01 69.04
N ARG B 402 -21.26 -73.30 69.87
CA ARG B 402 -20.82 -72.36 70.90
C ARG B 402 -19.76 -71.45 70.30
N TYR B 403 -20.12 -70.20 70.07
CA TYR B 403 -19.17 -69.22 69.58
C TYR B 403 -18.31 -68.70 70.72
N PHE B 404 -17.03 -68.51 70.45
CA PHE B 404 -16.14 -67.93 71.44
C PHE B 404 -14.88 -67.46 70.76
N THR B 405 -14.15 -66.59 71.45
CA THR B 405 -12.86 -66.09 71.00
C THR B 405 -11.84 -66.36 72.09
N PHE B 406 -10.66 -66.83 71.69
CA PHE B 406 -9.69 -67.27 72.69
C PHE B 406 -8.35 -66.56 72.59
N SER B 407 -7.83 -66.34 71.39
CA SER B 407 -6.63 -65.51 71.18
C SER B 407 -5.38 -66.03 71.87
N GLY B 408 -5.28 -67.33 72.11
CA GLY B 408 -4.07 -67.88 72.68
C GLY B 408 -3.00 -68.11 71.63
N ILE B 409 -1.74 -68.05 72.05
CA ILE B 409 -0.61 -68.22 71.14
C ILE B 409 0.13 -69.51 71.52
N CYS B 410 -0.26 -70.61 70.90
CA CYS B 410 0.39 -71.91 71.05
C CYS B 410 -0.19 -72.84 70.00
N GLN B 411 0.23 -74.10 70.05
CA GLN B 411 -0.41 -75.16 69.29
C GLN B 411 -1.49 -75.79 70.15
N TYR B 412 -2.73 -75.73 69.70
CA TYR B 412 -3.88 -76.16 70.47
C TYR B 412 -4.59 -77.30 69.75
N LEU B 413 -5.08 -78.26 70.53
CA LEU B 413 -5.80 -79.40 69.98
C LEU B 413 -7.19 -78.94 69.59
N LEU B 414 -7.40 -78.74 68.30
CA LEU B 414 -8.66 -78.19 67.83
C LEU B 414 -9.78 -79.22 67.92
N ALA B 415 -9.55 -80.41 67.37
CA ALA B 415 -10.55 -81.46 67.39
C ALA B 415 -9.85 -82.81 67.27
N ARG B 416 -10.27 -83.76 68.09
CA ARG B 416 -9.67 -85.09 68.06
C ARG B 416 -10.74 -86.10 68.42
N ASP B 417 -10.58 -87.31 67.89
CA ASP B 417 -11.45 -88.43 68.26
C ASP B 417 -10.81 -89.13 69.45
N CYS B 418 -11.12 -88.64 70.66
CA CYS B 418 -10.55 -89.23 71.85
C CYS B 418 -11.06 -90.64 72.13
N GLN B 419 -12.09 -91.10 71.42
CA GLN B 419 -12.62 -92.43 71.66
C GLN B 419 -11.90 -93.51 70.85
N ASP B 420 -11.73 -93.29 69.55
CA ASP B 420 -11.07 -94.26 68.69
C ASP B 420 -9.79 -93.75 68.03
N HIS B 421 -9.44 -92.49 68.22
CA HIS B 421 -8.23 -91.88 67.64
C HIS B 421 -8.19 -92.02 66.13
N SER B 422 -9.36 -91.86 65.50
CA SER B 422 -9.44 -91.88 64.04
C SER B 422 -8.63 -90.76 63.42
N PHE B 423 -8.60 -89.59 64.07
CA PHE B 423 -7.94 -88.40 63.54
C PHE B 423 -7.56 -87.49 64.70
N SER B 424 -6.76 -86.48 64.39
CA SER B 424 -6.32 -85.51 65.38
C SER B 424 -5.89 -84.24 64.68
N ILE B 425 -6.59 -83.13 64.95
CA ILE B 425 -6.36 -81.86 64.27
C ILE B 425 -5.79 -80.86 65.26
N VAL B 426 -4.66 -80.25 64.90
CA VAL B 426 -3.96 -79.28 65.74
C VAL B 426 -3.77 -78.00 64.95
N ILE B 427 -3.95 -76.86 65.60
CA ILE B 427 -3.79 -75.55 64.98
C ILE B 427 -2.65 -74.80 65.64
N GLU B 428 -1.85 -74.12 64.83
CA GLU B 428 -0.78 -73.28 65.32
C GLU B 428 -1.20 -71.83 65.22
N THR B 429 -1.31 -71.16 66.35
CA THR B 429 -1.77 -69.78 66.42
C THR B 429 -0.59 -68.84 66.66
N VAL B 430 -0.58 -67.72 65.94
CA VAL B 430 0.43 -66.70 66.11
C VAL B 430 -0.27 -65.36 66.18
N GLN B 431 0.41 -64.39 66.79
CA GLN B 431 -0.05 -63.02 66.69
C GLN B 431 0.01 -62.58 65.24
N CYS B 432 -1.10 -62.04 64.74
CA CYS B 432 -1.23 -61.76 63.32
C CYS B 432 -1.23 -60.28 63.02
N ALA B 433 -0.84 -59.44 63.97
CA ALA B 433 -0.71 -58.01 63.76
C ALA B 433 0.03 -57.44 64.97
N ASP B 434 0.16 -56.12 65.01
CA ASP B 434 0.83 -55.48 66.13
C ASP B 434 0.02 -55.60 67.42
N ASP B 435 -1.31 -55.56 67.31
CA ASP B 435 -2.15 -55.58 68.50
C ASP B 435 -2.04 -56.91 69.24
N ARG B 436 -2.08 -56.84 70.56
CA ARG B 436 -2.12 -58.06 71.36
C ARG B 436 -3.37 -58.89 71.09
N ASP B 437 -4.45 -58.25 70.65
CA ASP B 437 -5.71 -58.95 70.42
C ASP B 437 -5.78 -59.65 69.08
N ALA B 438 -4.82 -59.41 68.19
CA ALA B 438 -4.82 -59.99 66.85
C ALA B 438 -4.02 -61.27 66.86
N VAL B 439 -4.70 -62.39 67.08
CA VAL B 439 -4.09 -63.72 67.04
C VAL B 439 -4.92 -64.58 66.10
N CYS B 440 -4.27 -65.15 65.09
CA CYS B 440 -4.99 -65.96 64.12
C CYS B 440 -4.14 -67.19 63.78
N THR B 441 -4.82 -68.22 63.27
CA THR B 441 -4.16 -69.49 62.99
C THR B 441 -3.23 -69.38 61.81
N ARG B 442 -2.00 -69.83 61.98
CA ARG B 442 -1.03 -69.80 60.88
C ARG B 442 -1.06 -71.08 60.06
N SER B 443 -1.06 -72.24 60.71
CA SER B 443 -1.00 -73.51 60.02
C SER B 443 -1.84 -74.53 60.77
N VAL B 444 -2.20 -75.59 60.07
CA VAL B 444 -3.02 -76.67 60.62
C VAL B 444 -2.27 -77.98 60.45
N THR B 445 -2.40 -78.87 61.43
CA THR B 445 -1.75 -80.16 61.41
C THR B 445 -2.78 -81.25 61.69
N VAL B 446 -2.73 -82.34 60.93
CA VAL B 446 -3.73 -83.39 60.99
C VAL B 446 -3.02 -84.74 61.03
N ARG B 447 -3.22 -85.49 62.10
CA ARG B 447 -2.72 -86.86 62.17
C ARG B 447 -3.82 -87.83 61.77
N LEU B 448 -3.44 -88.85 61.01
CA LEU B 448 -4.36 -89.86 60.51
C LEU B 448 -3.79 -91.24 60.85
N PRO B 449 -3.94 -91.68 62.10
CA PRO B 449 -3.29 -92.94 62.51
C PRO B 449 -3.63 -94.13 61.63
N GLY B 450 -4.86 -94.18 61.12
CA GLY B 450 -5.26 -95.29 60.27
C GLY B 450 -4.64 -95.27 58.90
N LEU B 451 -4.06 -94.14 58.49
CA LEU B 451 -3.28 -94.03 57.26
C LEU B 451 -1.79 -94.06 57.58
N HIS B 452 -1.38 -95.19 58.17
CA HIS B 452 0.01 -95.47 58.56
C HIS B 452 0.66 -94.31 59.30
N ASN B 453 -0.11 -93.69 60.20
CA ASN B 453 0.31 -92.57 61.03
C ASN B 453 0.87 -91.39 60.24
N SER B 454 0.27 -91.15 59.08
CA SER B 454 0.57 -89.96 58.28
C SER B 454 0.34 -88.68 59.07
N LEU B 455 1.11 -87.65 58.73
CA LEU B 455 1.00 -86.31 59.33
C LEU B 455 0.85 -85.26 58.24
N VAL B 456 -0.37 -84.84 57.97
CA VAL B 456 -0.60 -83.74 57.02
C VAL B 456 -0.44 -82.41 57.71
N LYS B 457 0.18 -81.46 57.03
CA LYS B 457 0.26 -80.08 57.49
C LYS B 457 -0.30 -79.14 56.44
N LEU B 458 -1.35 -78.41 56.78
CA LEU B 458 -1.89 -77.37 55.91
C LEU B 458 -1.23 -76.05 56.27
N LYS B 459 -0.51 -75.46 55.34
CA LYS B 459 0.37 -74.35 55.59
C LYS B 459 -0.29 -73.04 55.21
N HIS B 460 0.29 -71.94 55.70
CA HIS B 460 -0.12 -70.61 55.28
C HIS B 460 0.11 -70.45 53.79
N GLY B 461 -0.81 -69.76 53.12
CA GLY B 461 -0.78 -69.71 51.68
C GLY B 461 -1.44 -70.87 50.98
N ALA B 462 -2.07 -71.77 51.73
CA ALA B 462 -2.76 -72.95 51.22
C ALA B 462 -1.85 -73.97 50.57
N GLY B 463 -0.58 -73.98 50.92
CA GLY B 463 0.25 -75.13 50.61
C GLY B 463 -0.10 -76.31 51.49
N VAL B 464 0.36 -77.48 51.08
CA VAL B 464 0.18 -78.70 51.87
C VAL B 464 1.50 -79.44 51.91
N ALA B 465 1.82 -80.01 53.06
CA ALA B 465 2.93 -80.93 53.22
C ALA B 465 2.42 -82.23 53.82
N MET B 466 3.07 -83.33 53.50
CA MET B 466 2.75 -84.61 54.09
C MET B 466 4.03 -85.29 54.52
N ASP B 467 4.09 -85.67 55.80
CA ASP B 467 5.32 -86.19 56.41
C ASP B 467 6.53 -85.32 56.11
N GLY B 468 6.31 -84.00 56.09
CA GLY B 468 7.34 -83.02 55.80
C GLY B 468 7.61 -82.74 54.33
N GLN B 469 7.06 -83.53 53.41
CA GLN B 469 7.30 -83.34 51.99
C GLN B 469 6.20 -82.46 51.40
N ASP B 470 6.56 -81.38 50.73
CA ASP B 470 5.57 -80.57 50.05
C ASP B 470 4.97 -81.35 48.88
N VAL B 471 3.67 -81.55 48.90
CA VAL B 471 2.99 -82.40 47.93
C VAL B 471 2.25 -81.56 46.91
N GLN B 472 2.22 -82.04 45.68
CA GLN B 472 1.43 -81.46 44.60
C GLN B 472 0.01 -81.96 44.69
N LEU B 473 -0.94 -81.10 44.34
CA LEU B 473 -2.36 -81.38 44.50
C LEU B 473 -3.07 -81.45 43.14
N PRO B 474 -4.10 -82.29 43.00
CA PRO B 474 -4.74 -83.11 44.02
C PRO B 474 -3.97 -84.34 44.42
N LEU B 475 -4.11 -84.72 45.68
CA LEU B 475 -3.51 -85.92 46.24
C LEU B 475 -4.61 -86.93 46.54
N LEU B 476 -4.52 -88.10 45.93
CA LEU B 476 -5.37 -89.25 46.26
C LEU B 476 -4.47 -90.33 46.86
N LYS B 477 -4.76 -90.71 48.09
CA LYS B 477 -3.85 -91.61 48.81
C LYS B 477 -4.68 -92.43 49.81
N GLY B 478 -5.21 -93.54 49.34
CA GLY B 478 -6.13 -94.30 50.16
C GLY B 478 -7.43 -93.54 50.38
N ASP B 479 -7.84 -93.47 51.65
CA ASP B 479 -8.99 -92.67 52.03
C ASP B 479 -8.77 -91.17 51.88
N LEU B 480 -7.53 -90.71 51.99
CA LEU B 480 -7.23 -89.28 51.98
C LEU B 480 -7.31 -88.67 50.59
N ARG B 481 -7.97 -87.53 50.48
CA ARG B 481 -8.18 -86.84 49.20
C ARG B 481 -8.09 -85.34 49.42
N ILE B 482 -7.01 -84.72 48.94
CA ILE B 482 -6.73 -83.30 49.14
C ILE B 482 -6.75 -82.59 47.79
N GLN B 483 -7.51 -81.51 47.68
CA GLN B 483 -7.61 -80.81 46.40
C GLN B 483 -7.96 -79.35 46.62
N HIS B 484 -7.59 -78.52 45.63
CA HIS B 484 -7.94 -77.11 45.66
C HIS B 484 -9.42 -76.91 45.33
N THR B 485 -10.11 -76.14 46.17
CA THR B 485 -11.45 -75.68 45.90
C THR B 485 -11.42 -74.56 44.85
N VAL B 486 -12.58 -74.25 44.28
CA VAL B 486 -12.69 -73.14 43.34
C VAL B 486 -12.22 -71.84 43.96
N THR B 487 -12.36 -71.71 45.27
CA THR B 487 -11.90 -70.54 46.01
C THR B 487 -10.39 -70.55 46.25
N ALA B 488 -9.67 -71.53 45.70
CA ALA B 488 -8.25 -71.80 45.96
C ALA B 488 -8.01 -72.37 47.34
N SER B 489 -9.05 -72.61 48.12
CA SER B 489 -8.89 -73.21 49.44
C SER B 489 -8.64 -74.70 49.31
N VAL B 490 -7.71 -75.22 50.10
CA VAL B 490 -7.44 -76.65 50.14
C VAL B 490 -8.59 -77.35 50.87
N ARG B 491 -9.21 -78.32 50.22
CA ARG B 491 -10.21 -79.18 50.83
C ARG B 491 -9.63 -80.56 51.04
N LEU B 492 -9.58 -80.99 52.30
CA LEU B 492 -9.09 -82.31 52.66
C LEU B 492 -10.26 -83.18 53.07
N SER B 493 -10.34 -84.38 52.50
CA SER B 493 -11.33 -85.37 52.87
C SER B 493 -10.63 -86.64 53.33
N TYR B 494 -11.19 -87.32 54.31
CA TYR B 494 -10.63 -88.59 54.77
C TYR B 494 -11.78 -89.53 55.09
N GLY B 495 -11.88 -90.60 54.33
CA GLY B 495 -13.10 -91.35 54.27
C GLY B 495 -14.23 -90.50 53.74
N GLU B 496 -15.43 -90.76 54.23
CA GLU B 496 -16.58 -89.91 54.01
C GLU B 496 -17.07 -89.24 55.28
N ASP B 497 -16.47 -89.54 56.43
CA ASP B 497 -16.90 -89.04 57.72
C ASP B 497 -16.14 -87.80 58.20
N LEU B 498 -14.99 -87.48 57.63
CA LEU B 498 -14.24 -86.29 57.99
C LEU B 498 -13.91 -85.45 56.76
N GLN B 499 -14.06 -84.14 56.89
CA GLN B 499 -13.70 -83.21 55.85
C GLN B 499 -13.20 -81.92 56.49
N MET B 500 -12.33 -81.20 55.79
CA MET B 500 -11.77 -79.94 56.24
C MET B 500 -11.66 -79.01 55.06
N ASP B 501 -11.64 -77.71 55.32
CA ASP B 501 -11.53 -76.72 54.26
C ASP B 501 -10.71 -75.54 54.76
N TRP B 502 -9.52 -75.37 54.19
CA TRP B 502 -8.50 -74.45 54.69
C TRP B 502 -8.22 -73.42 53.62
N ASP B 503 -8.45 -72.16 53.94
CA ASP B 503 -8.27 -71.09 52.96
C ASP B 503 -6.85 -70.56 52.88
N GLY B 504 -5.99 -70.92 53.82
CA GLY B 504 -4.62 -70.48 53.81
C GLY B 504 -4.37 -69.15 54.48
N ARG B 505 -5.40 -68.35 54.72
CA ARG B 505 -5.24 -67.08 55.38
C ARG B 505 -5.55 -67.16 56.88
N GLY B 506 -6.20 -68.22 57.31
CA GLY B 506 -6.49 -68.40 58.72
C GLY B 506 -7.86 -68.98 59.00
N ARG B 507 -8.67 -69.17 57.97
CA ARG B 507 -9.99 -69.75 58.13
C ARG B 507 -9.94 -71.25 57.92
N LEU B 508 -10.46 -72.00 58.90
CA LEU B 508 -10.53 -73.45 58.83
C LEU B 508 -11.93 -73.91 59.20
N LEU B 509 -12.54 -74.72 58.34
CA LEU B 509 -13.83 -75.34 58.59
C LEU B 509 -13.67 -76.85 58.61
N VAL B 510 -13.98 -77.47 59.74
CA VAL B 510 -13.91 -78.93 59.88
C VAL B 510 -15.32 -79.48 60.00
N LYS B 511 -15.66 -80.42 59.14
CA LYS B 511 -16.99 -81.03 59.10
C LYS B 511 -16.88 -82.51 59.46
N LEU B 512 -17.63 -82.93 60.47
CA LEU B 512 -17.71 -84.33 60.86
C LEU B 512 -19.08 -84.89 60.57
N SER B 513 -19.12 -86.08 59.98
CA SER B 513 -20.32 -86.90 59.94
C SER B 513 -20.83 -87.23 61.34
N PRO B 514 -22.13 -87.51 61.48
CA PRO B 514 -22.69 -87.92 62.78
C PRO B 514 -21.99 -89.10 63.44
N VAL B 515 -21.21 -89.85 62.67
CA VAL B 515 -20.49 -91.00 63.21
C VAL B 515 -19.59 -90.60 64.37
N TYR B 516 -19.09 -89.37 64.36
CA TYR B 516 -18.20 -88.87 65.42
C TYR B 516 -18.92 -88.17 66.56
N ALA B 517 -20.24 -88.13 66.56
CA ALA B 517 -20.97 -87.43 67.62
C ALA B 517 -20.64 -88.03 68.97
N GLY B 518 -20.32 -87.16 69.93
CA GLY B 518 -19.94 -87.58 71.26
C GLY B 518 -18.53 -88.12 71.39
N LYS B 519 -17.90 -88.51 70.29
CA LYS B 519 -16.56 -89.06 70.33
C LYS B 519 -15.47 -88.00 70.31
N THR B 520 -15.81 -86.75 70.04
CA THR B 520 -14.85 -85.72 69.73
C THR B 520 -14.36 -85.05 71.02
N CYS B 521 -13.24 -84.35 70.91
CA CYS B 521 -12.60 -83.68 72.03
C CYS B 521 -11.69 -82.60 71.49
N GLY B 522 -11.41 -81.61 72.31
CA GLY B 522 -10.61 -80.47 71.93
C GLY B 522 -11.38 -79.17 71.99
N LEU B 523 -10.78 -78.12 71.45
CA LEU B 523 -11.43 -76.81 71.46
C LEU B 523 -12.79 -76.85 70.79
N CYS B 524 -12.97 -77.71 69.79
CA CYS B 524 -14.25 -77.79 69.10
C CYS B 524 -15.34 -78.44 69.93
N GLY B 525 -15.02 -78.96 71.10
CA GLY B 525 -16.02 -79.56 71.94
C GLY B 525 -16.24 -81.02 71.66
N ASN B 526 -17.15 -81.62 72.41
CA ASN B 526 -17.42 -83.04 72.32
C ASN B 526 -18.49 -83.41 71.30
N TYR B 527 -19.04 -82.46 70.57
CA TYR B 527 -19.95 -82.71 69.47
C TYR B 527 -21.10 -83.62 69.91
N ASN B 528 -21.90 -83.10 70.84
CA ASN B 528 -23.06 -83.83 71.36
C ASN B 528 -24.32 -82.98 71.38
N GLY B 529 -24.39 -81.95 70.56
CA GLY B 529 -25.61 -81.16 70.45
C GLY B 529 -25.91 -80.26 71.62
N ASN B 530 -24.94 -79.99 72.49
CA ASN B 530 -25.14 -79.19 73.68
C ASN B 530 -24.03 -78.17 73.80
N GLN B 531 -24.40 -76.89 73.89
CA GLN B 531 -23.41 -75.84 74.11
C GLN B 531 -22.87 -75.85 75.53
N GLY B 532 -23.65 -76.38 76.47
CA GLY B 532 -23.32 -76.21 77.88
C GLY B 532 -21.99 -76.78 78.28
N ASP B 533 -21.58 -77.90 77.68
CA ASP B 533 -20.39 -78.61 78.10
C ASP B 533 -19.23 -78.45 77.12
N ASP B 534 -19.28 -77.47 76.24
CA ASP B 534 -18.21 -77.34 75.25
C ASP B 534 -16.93 -76.79 75.85
N PHE B 535 -16.99 -76.14 77.00
CA PHE B 535 -15.77 -75.75 77.70
C PHE B 535 -15.21 -76.85 78.58
N LEU B 536 -15.55 -78.11 78.31
CA LEU B 536 -14.91 -79.22 78.98
C LEU B 536 -13.41 -79.21 78.72
N THR B 537 -12.67 -79.82 79.63
CA THR B 537 -11.22 -79.87 79.58
C THR B 537 -10.77 -81.29 79.86
N PRO B 538 -9.54 -81.66 79.48
CA PRO B 538 -9.07 -83.01 79.77
C PRO B 538 -9.13 -83.37 81.24
N SER B 539 -9.22 -82.38 82.13
CA SER B 539 -9.41 -82.66 83.55
C SER B 539 -10.78 -83.27 83.83
N GLY B 540 -11.70 -83.20 82.86
CA GLY B 540 -13.03 -83.74 83.04
C GLY B 540 -14.07 -82.75 83.52
N LEU B 541 -13.68 -81.53 83.84
CA LEU B 541 -14.61 -80.51 84.30
C LEU B 541 -14.69 -79.38 83.28
N ALA B 542 -15.82 -78.68 83.31
CA ALA B 542 -16.06 -77.59 82.38
C ALA B 542 -15.60 -76.28 83.00
N GLU B 543 -14.69 -75.61 82.33
CA GLU B 543 -14.18 -74.33 82.84
C GLU B 543 -15.18 -73.22 82.52
N PRO B 544 -15.58 -72.42 83.51
CA PRO B 544 -16.50 -71.31 83.22
C PRO B 544 -15.87 -70.20 82.41
N ARG B 545 -14.54 -70.16 82.30
CA ARG B 545 -13.83 -69.09 81.61
C ARG B 545 -13.21 -69.64 80.33
N VAL B 546 -13.33 -68.87 79.25
CA VAL B 546 -12.76 -69.31 77.99
C VAL B 546 -11.24 -69.40 78.09
N GLU B 547 -10.62 -68.51 78.86
CA GLU B 547 -9.17 -68.51 78.96
C GLU B 547 -8.64 -69.81 79.54
N ASP B 548 -9.18 -70.23 80.69
CA ASP B 548 -8.74 -71.48 81.29
C ASP B 548 -9.05 -72.68 80.39
N PHE B 549 -10.24 -72.69 79.80
CA PHE B 549 -10.62 -73.76 78.89
C PHE B 549 -9.60 -73.92 77.77
N GLY B 550 -9.29 -72.82 77.08
CA GLY B 550 -8.34 -72.90 75.99
C GLY B 550 -6.94 -73.25 76.45
N ASN B 551 -6.52 -72.72 77.60
CA ASN B 551 -5.20 -73.05 78.12
C ASN B 551 -5.08 -74.53 78.44
N ALA B 552 -6.21 -75.17 78.78
CA ALA B 552 -6.15 -76.59 79.08
C ALA B 552 -5.81 -77.46 77.88
N TRP B 553 -6.06 -76.98 76.67
CA TRP B 553 -5.83 -77.75 75.45
C TRP B 553 -4.55 -77.37 74.72
N LYS B 554 -3.68 -76.56 75.34
CA LYS B 554 -2.42 -76.21 74.71
C LYS B 554 -1.42 -77.34 74.82
N LEU B 555 -0.68 -77.57 73.74
CA LEU B 555 0.17 -78.74 73.63
C LEU B 555 1.52 -78.56 74.31
N HIS B 556 2.03 -77.34 74.37
CA HIS B 556 3.40 -77.08 74.80
C HIS B 556 3.40 -76.32 76.11
N GLY B 557 4.17 -76.82 77.08
CA GLY B 557 4.13 -76.25 78.42
C GLY B 557 4.76 -74.88 78.52
N ASP B 558 5.69 -74.56 77.64
CA ASP B 558 6.36 -73.25 77.69
C ASP B 558 5.52 -72.14 77.11
N CYS B 559 4.39 -72.45 76.51
CA CYS B 559 3.51 -71.43 75.97
C CYS B 559 2.91 -70.59 77.09
N GLN B 560 2.63 -69.32 76.77
CA GLN B 560 2.01 -68.44 77.74
C GLN B 560 0.57 -68.86 78.01
N ASP B 561 0.23 -68.99 79.29
CA ASP B 561 -1.16 -69.22 79.68
C ASP B 561 -1.91 -67.91 79.56
N LEU B 562 -2.97 -67.90 78.76
CA LEU B 562 -3.72 -66.68 78.51
C LEU B 562 -4.38 -66.22 79.81
N GLN B 563 -4.07 -64.98 80.22
CA GLN B 563 -4.58 -64.47 81.49
C GLN B 563 -5.98 -63.90 81.34
N LYS B 564 -6.18 -63.01 80.36
CA LYS B 564 -7.49 -62.44 80.12
C LYS B 564 -7.73 -62.32 78.62
N GLN B 565 -8.94 -62.67 78.20
CA GLN B 565 -9.34 -62.53 76.80
C GLN B 565 -10.03 -61.18 76.66
N HIS B 566 -9.26 -60.16 76.28
CA HIS B 566 -9.80 -58.81 76.18
C HIS B 566 -10.72 -58.69 74.98
N SER B 567 -11.98 -58.39 75.23
CA SER B 567 -12.88 -58.04 74.15
C SER B 567 -12.68 -56.57 73.77
N ASP B 568 -13.30 -56.18 72.67
CA ASP B 568 -13.26 -54.80 72.20
C ASP B 568 -11.82 -54.31 72.03
N PRO B 569 -11.09 -54.81 71.04
CA PRO B 569 -9.76 -54.25 70.77
C PRO B 569 -9.78 -52.82 70.29
N CYS B 570 -10.96 -52.28 69.96
CA CYS B 570 -11.06 -50.91 69.47
C CYS B 570 -10.54 -49.91 70.49
N ALA B 571 -10.51 -50.28 71.77
CA ALA B 571 -10.00 -49.36 72.79
C ALA B 571 -8.54 -49.03 72.53
N LEU B 572 -7.77 -50.00 72.06
CA LEU B 572 -6.34 -49.77 71.82
C LEU B 572 -6.12 -48.93 70.56
N ASN B 573 -7.04 -48.98 69.60
CA ASN B 573 -6.97 -48.18 68.38
C ASN B 573 -8.28 -47.46 68.20
N PRO B 574 -8.49 -46.35 68.93
CA PRO B 574 -9.75 -45.63 68.80
C PRO B 574 -10.04 -45.13 67.40
N ARG B 575 -9.02 -44.92 66.58
CA ARG B 575 -9.24 -44.40 65.24
C ARG B 575 -10.15 -45.30 64.43
N MET B 576 -10.12 -46.61 64.69
CA MET B 576 -10.83 -47.59 63.90
C MET B 576 -12.24 -47.85 64.39
N THR B 577 -12.65 -47.27 65.51
CA THR B 577 -13.96 -47.61 66.08
C THR B 577 -15.11 -47.17 65.18
N ARG B 578 -15.03 -45.96 64.62
CA ARG B 578 -16.10 -45.48 63.75
C ARG B 578 -16.25 -46.38 62.54
N PHE B 579 -15.14 -46.70 61.88
CA PHE B 579 -15.18 -47.59 60.72
C PHE B 579 -15.70 -48.95 61.11
N SER B 580 -15.23 -49.48 62.23
CA SER B 580 -15.68 -50.80 62.66
C SER B 580 -17.21 -50.83 62.79
N GLU B 581 -17.76 -49.88 63.54
CA GLU B 581 -19.21 -49.86 63.70
C GLU B 581 -19.90 -49.71 62.36
N GLU B 582 -19.55 -48.67 61.61
CA GLU B 582 -20.31 -48.31 60.42
C GLU B 582 -20.15 -49.32 59.29
N ALA B 583 -19.09 -50.12 59.31
CA ALA B 583 -18.86 -51.11 58.27
C ALA B 583 -19.46 -52.45 58.66
N CYS B 584 -19.17 -52.94 59.87
CA CYS B 584 -19.72 -54.21 60.28
C CYS B 584 -21.21 -54.14 60.53
N ALA B 585 -21.80 -52.94 60.57
CA ALA B 585 -23.25 -52.84 60.71
C ALA B 585 -23.98 -53.43 59.51
N VAL B 586 -23.30 -53.63 58.38
CA VAL B 586 -23.98 -54.15 57.20
C VAL B 586 -24.55 -55.55 57.45
N LEU B 587 -23.96 -56.30 58.38
CA LEU B 587 -24.47 -57.63 58.67
C LEU B 587 -25.92 -57.60 59.14
N THR B 588 -26.37 -56.48 59.71
CA THR B 588 -27.76 -56.33 60.14
C THR B 588 -28.60 -55.54 59.15
N SER B 589 -28.03 -55.12 58.05
CA SER B 589 -28.75 -54.33 57.07
C SER B 589 -29.72 -55.22 56.29
N PRO B 590 -30.67 -54.62 55.57
CA PRO B 590 -31.55 -55.44 54.72
C PRO B 590 -30.81 -56.32 53.73
N THR B 591 -29.53 -56.03 53.46
CA THR B 591 -28.72 -56.89 52.62
C THR B 591 -28.68 -58.31 53.15
N PHE B 592 -28.76 -58.48 54.47
CA PHE B 592 -28.69 -59.79 55.09
C PHE B 592 -29.97 -60.16 55.81
N GLU B 593 -31.02 -59.33 55.73
CA GLU B 593 -32.27 -59.67 56.40
C GLU B 593 -32.85 -60.98 55.90
N ALA B 594 -32.52 -61.37 54.67
CA ALA B 594 -32.96 -62.66 54.17
C ALA B 594 -32.36 -63.81 54.96
N CYS B 595 -31.27 -63.56 55.69
CA CYS B 595 -30.58 -64.61 56.42
C CYS B 595 -30.77 -64.56 57.92
N HIS B 596 -31.20 -63.42 58.48
CA HIS B 596 -31.31 -63.29 59.93
C HIS B 596 -32.16 -64.38 60.52
N ARG B 597 -33.19 -64.83 59.80
CA ARG B 597 -34.02 -65.91 60.28
C ARG B 597 -33.23 -67.21 60.34
N ALA B 598 -32.40 -67.47 59.34
CA ALA B 598 -31.68 -68.73 59.27
C ALA B 598 -30.52 -68.78 60.25
N VAL B 599 -29.72 -67.73 60.31
CA VAL B 599 -28.53 -67.68 61.17
C VAL B 599 -28.56 -66.38 61.97
N SER B 600 -28.30 -66.49 63.26
CA SER B 600 -28.26 -65.31 64.10
C SER B 600 -27.04 -64.47 63.76
N PRO B 601 -27.22 -63.19 63.44
CA PRO B 601 -26.07 -62.37 63.03
C PRO B 601 -25.24 -61.84 64.19
N LEU B 602 -25.67 -62.02 65.43
CA LEU B 602 -24.98 -61.37 66.55
C LEU B 602 -23.56 -61.87 66.73
N PRO B 603 -23.28 -63.18 66.77
CA PRO B 603 -21.88 -63.62 66.93
C PRO B 603 -21.00 -63.14 65.81
N TYR B 604 -21.52 -63.16 64.58
CA TYR B 604 -20.73 -62.72 63.44
C TYR B 604 -20.50 -61.21 63.48
N LEU B 605 -21.45 -60.46 64.02
CA LEU B 605 -21.25 -59.02 64.20
C LEU B 605 -20.16 -58.75 65.22
N ARG B 606 -20.20 -59.44 66.36
CA ARG B 606 -19.15 -59.30 67.35
C ARG B 606 -17.79 -59.63 66.74
N ASN B 607 -17.72 -60.75 66.03
CA ASN B 607 -16.46 -61.15 65.40
C ASN B 607 -16.01 -60.13 64.38
N CYS B 608 -16.93 -59.59 63.60
CA CYS B 608 -16.59 -58.60 62.59
C CYS B 608 -15.97 -57.36 63.22
N ARG B 609 -16.61 -56.83 64.26
CA ARG B 609 -16.07 -55.63 64.88
C ARG B 609 -14.73 -55.89 65.52
N TYR B 610 -14.59 -57.02 66.22
CA TYR B 610 -13.30 -57.39 66.79
C TYR B 610 -12.22 -57.44 65.70
N ASP B 611 -12.51 -58.13 64.60
CA ASP B 611 -11.52 -58.29 63.54
C ASP B 611 -11.14 -56.95 62.95
N VAL B 612 -12.13 -56.13 62.59
CA VAL B 612 -11.83 -54.86 61.94
C VAL B 612 -10.99 -53.98 62.86
N CYS B 613 -11.28 -54.02 64.16
CA CYS B 613 -10.50 -53.19 65.06
C CYS B 613 -9.10 -53.73 65.32
N SER B 614 -8.90 -55.04 65.24
CA SER B 614 -7.62 -55.62 65.63
C SER B 614 -6.72 -56.02 64.47
N CYS B 615 -7.23 -56.07 63.24
CA CYS B 615 -6.46 -56.64 62.14
C CYS B 615 -5.42 -55.66 61.62
N SER B 616 -4.44 -56.22 60.90
CA SER B 616 -3.45 -55.39 60.21
C SER B 616 -4.11 -54.53 59.14
N ASP B 617 -5.01 -55.12 58.36
CA ASP B 617 -5.78 -54.39 57.35
C ASP B 617 -7.25 -54.59 57.66
N GLY B 618 -7.95 -53.48 57.92
CA GLY B 618 -9.35 -53.58 58.29
C GLY B 618 -10.24 -53.97 57.14
N ARG B 619 -9.84 -53.63 55.91
CA ARG B 619 -10.65 -53.98 54.75
C ARG B 619 -10.66 -55.49 54.52
N GLU B 620 -9.49 -56.11 54.56
CA GLU B 620 -9.39 -57.55 54.35
C GLU B 620 -10.19 -58.30 55.40
N CYS B 621 -10.08 -57.89 56.66
CA CYS B 621 -10.81 -58.60 57.71
C CYS B 621 -12.31 -58.29 57.66
N LEU B 622 -12.68 -57.09 57.23
CA LEU B 622 -14.10 -56.82 56.98
C LEU B 622 -14.67 -57.79 55.97
N CYS B 623 -13.96 -57.97 54.85
CA CYS B 623 -14.40 -58.94 53.85
C CYS B 623 -14.42 -60.34 54.43
N GLY B 624 -13.42 -60.69 55.24
CA GLY B 624 -13.40 -62.01 55.84
C GLY B 624 -14.61 -62.29 56.71
N ALA B 625 -14.96 -61.33 57.57
CA ALA B 625 -16.11 -61.52 58.46
C ALA B 625 -17.42 -61.56 57.70
N LEU B 626 -17.60 -60.65 56.74
CA LEU B 626 -18.81 -60.68 55.94
C LEU B 626 -18.93 -61.98 55.17
N ALA B 627 -17.83 -62.46 54.61
CA ALA B 627 -17.85 -63.73 53.90
C ALA B 627 -18.13 -64.88 54.84
N SER B 628 -17.66 -64.81 56.08
CA SER B 628 -17.97 -65.85 57.05
C SER B 628 -19.46 -65.92 57.30
N TYR B 629 -20.10 -64.77 57.52
CA TYR B 629 -21.55 -64.78 57.74
C TYR B 629 -22.29 -65.25 56.50
N ALA B 630 -21.85 -64.82 55.32
CA ALA B 630 -22.50 -65.27 54.09
C ALA B 630 -22.32 -66.77 53.90
N ALA B 631 -21.18 -67.30 54.29
CA ALA B 631 -20.96 -68.74 54.19
C ALA B 631 -21.86 -69.50 55.15
N ALA B 632 -22.06 -68.98 56.36
CA ALA B 632 -23.03 -69.60 57.25
C ALA B 632 -24.44 -69.60 56.64
N CYS B 633 -24.84 -68.46 56.06
CA CYS B 633 -26.13 -68.39 55.41
C CYS B 633 -26.24 -69.42 54.30
N ALA B 634 -25.22 -69.53 53.46
CA ALA B 634 -25.22 -70.52 52.39
C ALA B 634 -25.29 -71.93 52.94
N GLY B 635 -24.62 -72.19 54.06
CA GLY B 635 -24.74 -73.49 54.69
C GLY B 635 -26.17 -73.78 55.10
N ARG B 636 -26.89 -72.77 55.54
CA ARG B 636 -28.33 -72.89 55.78
C ARG B 636 -29.16 -72.72 54.52
N GLY B 637 -28.55 -72.78 53.34
CA GLY B 637 -29.29 -72.74 52.10
C GLY B 637 -29.75 -71.38 51.64
N VAL B 638 -29.32 -70.31 52.30
CA VAL B 638 -29.69 -68.96 51.92
C VAL B 638 -28.48 -68.30 51.27
N ARG B 639 -28.65 -67.81 50.05
CA ARG B 639 -27.57 -67.15 49.33
C ARG B 639 -27.86 -65.66 49.25
N VAL B 640 -26.88 -64.85 49.63
CA VAL B 640 -27.03 -63.40 49.69
C VAL B 640 -26.01 -62.77 48.75
N ALA B 641 -26.48 -61.88 47.88
CA ALA B 641 -25.63 -61.13 46.96
C ALA B 641 -25.05 -59.92 47.68
N TRP B 642 -24.07 -60.19 48.54
CA TRP B 642 -23.57 -59.15 49.43
C TRP B 642 -22.37 -58.40 48.89
N ARG B 643 -21.61 -58.99 47.97
CA ARG B 643 -20.45 -58.30 47.42
C ARG B 643 -20.89 -57.20 46.47
N GLU B 644 -20.17 -56.09 46.48
CA GLU B 644 -20.48 -54.93 45.66
C GLU B 644 -19.18 -54.22 45.36
N PRO B 645 -19.20 -53.29 44.38
CA PRO B 645 -17.95 -52.56 44.07
C PRO B 645 -17.33 -51.88 45.26
N GLY B 646 -18.15 -51.36 46.17
CA GLY B 646 -17.62 -50.70 47.35
C GLY B 646 -17.13 -51.63 48.44
N ARG B 647 -17.32 -52.95 48.29
CA ARG B 647 -16.89 -53.88 49.33
C ARG B 647 -16.69 -55.26 48.74
N CYS B 648 -15.45 -55.73 48.75
CA CYS B 648 -15.15 -57.17 48.71
C CYS B 648 -15.61 -57.83 47.42
N GLU B 649 -15.25 -57.25 46.28
CA GLU B 649 -15.44 -57.95 45.02
C GLU B 649 -14.31 -58.92 44.77
N LEU B 650 -14.64 -60.08 44.22
CA LEU B 650 -13.64 -61.05 43.80
C LEU B 650 -13.14 -60.66 42.41
N ASN B 651 -11.90 -60.21 42.32
CA ASN B 651 -11.29 -59.88 41.05
C ASN B 651 -10.70 -61.16 40.46
N CYS B 652 -11.47 -61.81 39.58
CA CYS B 652 -11.11 -63.14 39.14
C CYS B 652 -9.91 -63.11 38.19
N PRO B 653 -9.06 -64.12 38.23
CA PRO B 653 -7.91 -64.16 37.33
C PRO B 653 -8.32 -64.24 35.88
N LYS B 654 -7.54 -63.58 35.02
CA LYS B 654 -7.62 -63.68 33.56
C LYS B 654 -9.08 -63.52 33.13
N GLY B 655 -9.60 -64.37 32.27
CA GLY B 655 -10.95 -64.26 31.76
C GLY B 655 -12.01 -64.99 32.56
N GLN B 656 -11.67 -65.54 33.72
CA GLN B 656 -12.65 -66.24 34.54
C GLN B 656 -13.72 -65.26 35.01
N VAL B 657 -14.94 -65.77 35.20
CA VAL B 657 -16.10 -64.97 35.54
C VAL B 657 -16.57 -65.36 36.94
N TYR B 658 -16.87 -64.35 37.76
CA TYR B 658 -17.39 -64.60 39.09
C TYR B 658 -18.82 -65.09 39.02
N LEU B 659 -19.12 -66.18 39.72
CA LEU B 659 -20.47 -66.70 39.87
C LEU B 659 -20.82 -66.80 41.34
N GLN B 660 -22.04 -66.41 41.69
CA GLN B 660 -22.51 -66.59 43.05
C GLN B 660 -22.86 -68.04 43.36
N CYS B 661 -23.28 -68.79 42.35
CA CYS B 661 -23.64 -70.21 42.51
C CYS B 661 -23.22 -70.93 41.23
N GLY B 662 -22.02 -71.51 41.28
CA GLY B 662 -21.50 -72.27 40.16
C GLY B 662 -21.12 -73.67 40.56
N THR B 663 -21.08 -74.58 39.61
CA THR B 663 -20.83 -75.98 39.93
C THR B 663 -19.36 -76.31 39.77
N PRO B 664 -18.71 -76.89 40.77
CA PRO B 664 -17.28 -77.17 40.68
C PRO B 664 -16.94 -78.47 39.98
N CYS B 665 -17.93 -79.35 39.76
CA CYS B 665 -17.63 -80.72 39.36
C CYS B 665 -16.94 -80.80 38.01
N ASN B 666 -17.33 -79.95 37.06
CA ASN B 666 -16.83 -80.02 35.70
C ASN B 666 -16.09 -78.75 35.29
N LEU B 667 -15.28 -78.19 36.20
CA LEU B 667 -14.53 -76.99 35.87
C LEU B 667 -13.15 -77.31 35.30
N THR B 668 -12.40 -78.18 35.97
CA THR B 668 -11.05 -78.48 35.58
C THR B 668 -11.01 -79.59 34.53
N CYS B 669 -9.92 -79.61 33.76
CA CYS B 669 -9.79 -80.60 32.69
C CYS B 669 -9.56 -82.00 33.24
N ARG B 670 -9.08 -82.11 34.49
CA ARG B 670 -9.04 -83.41 35.14
C ARG B 670 -10.41 -84.06 35.19
N SER B 671 -11.47 -83.25 35.28
CA SER B 671 -12.82 -83.80 35.20
C SER B 671 -13.05 -84.48 33.87
N LEU B 672 -12.51 -83.93 32.79
CA LEU B 672 -12.55 -84.61 31.50
C LEU B 672 -11.73 -85.89 31.54
N SER B 673 -10.55 -85.83 32.15
CA SER B 673 -9.69 -87.01 32.17
C SER B 673 -10.22 -88.11 33.06
N TYR B 674 -11.06 -87.78 34.04
CA TYR B 674 -11.67 -88.77 34.93
C TYR B 674 -13.16 -88.51 35.01
N PRO B 675 -13.90 -88.81 33.94
CA PRO B 675 -15.34 -88.52 33.94
C PRO B 675 -16.14 -89.45 34.83
N ASP B 676 -15.64 -90.64 35.12
CA ASP B 676 -16.40 -91.60 35.92
C ASP B 676 -16.23 -91.40 37.42
N GLU B 677 -15.38 -90.47 37.85
CA GLU B 677 -15.29 -90.13 39.26
C GLU B 677 -16.51 -89.31 39.65
N GLU B 678 -17.36 -89.87 40.49
CA GLU B 678 -18.64 -89.26 40.80
C GLU B 678 -18.44 -87.95 41.56
N CYS B 679 -19.26 -86.96 41.22
CA CYS B 679 -19.22 -85.65 41.86
C CYS B 679 -20.64 -85.12 41.96
N ASN B 680 -21.09 -84.88 43.20
CA ASN B 680 -22.44 -84.39 43.45
C ASN B 680 -22.44 -83.14 44.30
N GLU B 681 -21.33 -82.40 44.32
CA GLU B 681 -21.16 -81.30 45.26
C GLU B 681 -22.06 -80.12 44.89
N ALA B 682 -22.61 -79.47 45.91
CA ALA B 682 -23.46 -78.31 45.71
C ALA B 682 -22.67 -77.14 45.13
N CYS B 683 -23.39 -76.17 44.59
CA CYS B 683 -22.74 -75.02 43.98
C CYS B 683 -22.13 -74.13 45.05
N LEU B 684 -21.21 -73.28 44.62
CA LEU B 684 -20.53 -72.36 45.52
C LEU B 684 -20.11 -71.13 44.73
N GLU B 685 -19.90 -70.03 45.45
CA GLU B 685 -19.41 -68.83 44.82
C GLU B 685 -17.91 -68.93 44.56
N GLY B 686 -17.46 -68.28 43.50
CA GLY B 686 -16.06 -68.31 43.14
C GLY B 686 -15.88 -67.87 41.70
N CYS B 687 -14.68 -68.13 41.20
CA CYS B 687 -14.31 -67.79 39.83
C CYS B 687 -14.37 -69.04 38.96
N PHE B 688 -15.17 -68.99 37.90
CA PHE B 688 -15.37 -70.11 37.01
C PHE B 688 -15.11 -69.67 35.58
N CYS B 689 -14.74 -70.63 34.75
CA CYS B 689 -14.60 -70.33 33.33
C CYS B 689 -15.98 -70.22 32.67
N PRO B 690 -16.09 -69.45 31.59
CA PRO B 690 -17.36 -69.34 30.88
C PRO B 690 -17.91 -70.70 30.51
N PRO B 691 -19.20 -70.79 30.17
CA PRO B 691 -19.84 -72.12 30.10
C PRO B 691 -19.19 -73.07 29.11
N GLY B 692 -18.62 -72.57 28.03
CA GLY B 692 -18.08 -73.44 27.02
C GLY B 692 -16.63 -73.83 27.17
N LEU B 693 -15.97 -73.43 28.26
CA LEU B 693 -14.54 -73.62 28.41
C LEU B 693 -14.22 -74.34 29.72
N TYR B 694 -13.21 -75.18 29.67
CA TYR B 694 -12.66 -75.83 30.85
C TYR B 694 -11.40 -75.09 31.30
N MET B 695 -10.92 -75.45 32.49
CA MET B 695 -9.80 -74.75 33.12
C MET B 695 -8.62 -75.70 33.24
N ASP B 696 -7.45 -75.25 32.81
CA ASP B 696 -6.23 -76.04 32.83
C ASP B 696 -5.40 -75.73 34.08
N GLU B 697 -4.16 -76.24 34.11
CA GLU B 697 -3.30 -76.02 35.26
C GLU B 697 -2.91 -74.55 35.41
N ARG B 698 -2.71 -73.86 34.29
CA ARG B 698 -2.33 -72.46 34.35
C ARG B 698 -3.47 -71.56 34.80
N GLY B 699 -4.67 -72.09 34.96
CA GLY B 699 -5.82 -71.27 35.23
C GLY B 699 -6.45 -70.67 33.99
N ASP B 700 -5.93 -71.00 32.81
CA ASP B 700 -6.49 -70.48 31.57
C ASP B 700 -7.71 -71.28 31.17
N CYS B 701 -8.73 -70.59 30.68
CA CYS B 701 -9.93 -71.24 30.20
C CYS B 701 -9.72 -71.72 28.78
N VAL B 702 -9.92 -73.01 28.54
CA VAL B 702 -9.62 -73.61 27.24
C VAL B 702 -10.81 -74.45 26.80
N PRO B 703 -11.08 -74.55 25.51
CA PRO B 703 -12.06 -75.54 25.04
C PRO B 703 -11.58 -76.95 25.32
N LYS B 704 -12.54 -77.86 25.45
CA LYS B 704 -12.20 -79.23 25.80
C LYS B 704 -11.24 -79.85 24.81
N ALA B 705 -11.21 -79.36 23.56
CA ALA B 705 -10.27 -79.85 22.58
C ALA B 705 -8.83 -79.53 22.95
N GLN B 706 -8.60 -78.53 23.78
CA GLN B 706 -7.26 -78.09 24.14
C GLN B 706 -6.82 -78.56 25.52
N CYS B 707 -7.67 -79.21 26.28
CA CYS B 707 -7.25 -79.73 27.57
C CYS B 707 -6.19 -80.81 27.40
N PRO B 708 -5.19 -80.87 28.26
CA PRO B 708 -4.33 -82.04 28.31
C PRO B 708 -5.02 -83.21 28.98
N CYS B 709 -4.47 -84.40 28.77
CA CYS B 709 -4.99 -85.63 29.34
C CYS B 709 -4.08 -86.11 30.46
N TYR B 710 -4.67 -86.42 31.60
CA TYR B 710 -3.93 -86.93 32.75
C TYR B 710 -4.06 -88.45 32.76
N TYR B 711 -2.93 -89.14 32.68
CA TYR B 711 -2.93 -90.60 32.62
C TYR B 711 -1.81 -91.10 33.50
N ASP B 712 -2.14 -91.96 34.47
CA ASP B 712 -1.16 -92.51 35.39
C ASP B 712 -0.37 -91.40 36.08
N GLY B 713 -1.00 -90.25 36.27
CA GLY B 713 -0.33 -89.14 36.89
C GLY B 713 0.59 -88.36 35.99
N GLU B 714 0.55 -88.61 34.68
CA GLU B 714 1.36 -87.89 33.72
C GLU B 714 0.47 -87.06 32.82
N ILE B 715 0.94 -85.88 32.44
CA ILE B 715 0.13 -84.92 31.72
C ILE B 715 0.50 -85.01 30.25
N PHE B 716 -0.46 -85.37 29.41
CA PHE B 716 -0.23 -85.48 27.98
C PHE B 716 -0.98 -84.38 27.25
N GLN B 717 -0.34 -83.82 26.24
CA GLN B 717 -0.91 -82.73 25.46
C GLN B 717 -1.94 -83.24 24.49
N PRO B 718 -2.78 -82.37 23.94
CA PRO B 718 -3.77 -82.81 22.96
C PRO B 718 -3.10 -83.47 21.76
N GLU B 719 -3.76 -84.49 21.22
CA GLU B 719 -3.32 -85.25 20.07
C GLU B 719 -2.08 -86.10 20.33
N ASP B 720 -1.64 -86.20 21.58
CA ASP B 720 -0.51 -87.07 21.88
C ASP B 720 -0.90 -88.52 21.72
N ILE B 721 0.04 -89.33 21.23
CA ILE B 721 -0.16 -90.75 21.02
C ILE B 721 1.00 -91.47 21.69
N PHE B 722 0.72 -92.61 22.30
CA PHE B 722 1.79 -93.46 22.76
C PHE B 722 1.31 -94.91 22.73
N SER B 723 2.27 -95.82 22.57
CA SER B 723 1.97 -97.24 22.55
C SER B 723 3.03 -97.97 23.36
N ASP B 724 2.60 -98.94 24.13
CA ASP B 724 3.46 -99.69 25.03
C ASP B 724 3.35 -101.18 24.69
N HIS B 725 4.09 -101.99 25.45
CA HIS B 725 3.99 -103.43 25.31
C HIS B 725 2.56 -103.90 25.46
N HIS B 726 1.79 -103.22 26.31
CA HIS B 726 0.47 -103.69 26.68
C HIS B 726 -0.66 -102.84 26.13
N THR B 727 -0.40 -101.60 25.73
CA THR B 727 -1.50 -100.67 25.52
C THR B 727 -1.15 -99.68 24.42
N MET B 728 -2.17 -99.13 23.79
CA MET B 728 -2.04 -98.03 22.84
C MET B 728 -3.07 -96.99 23.21
N CYS B 729 -2.64 -95.74 23.34
CA CYS B 729 -3.50 -94.68 23.84
C CYS B 729 -3.29 -93.44 23.00
N TYR B 730 -4.28 -92.55 23.05
CA TYR B 730 -4.14 -91.23 22.46
C TYR B 730 -5.07 -90.25 23.17
N CYS B 731 -4.62 -89.00 23.24
CA CYS B 731 -5.32 -87.96 23.97
C CYS B 731 -6.19 -87.15 23.02
N GLU B 732 -7.48 -87.07 23.32
CA GLU B 732 -8.40 -86.28 22.52
C GLU B 732 -9.50 -85.76 23.42
N ASP B 733 -9.79 -84.46 23.33
CA ASP B 733 -10.85 -83.83 24.11
C ASP B 733 -10.66 -84.06 25.60
N GLY B 734 -9.42 -83.99 26.05
CA GLY B 734 -9.12 -84.10 27.46
C GLY B 734 -9.23 -85.48 28.05
N PHE B 735 -9.43 -86.50 27.23
CA PHE B 735 -9.55 -87.87 27.70
C PHE B 735 -8.55 -88.74 26.96
N MET B 736 -8.02 -89.73 27.66
CA MET B 736 -7.02 -90.64 27.11
C MET B 736 -7.74 -91.87 26.60
N HIS B 737 -7.90 -91.97 25.28
CA HIS B 737 -8.68 -93.04 24.67
C HIS B 737 -7.81 -94.27 24.47
N CYS B 738 -7.58 -95.00 25.56
CA CYS B 738 -6.79 -96.22 25.48
C CYS B 738 -7.67 -97.36 24.96
N THR B 739 -7.18 -98.05 23.93
CA THR B 739 -7.97 -99.04 23.22
C THR B 739 -7.17 -100.30 22.96
N MET B 740 -6.38 -100.74 23.94
CA MET B 740 -5.69 -102.01 23.81
C MET B 740 -5.56 -102.63 25.20
N SER B 741 -5.68 -103.96 25.25
CA SER B 741 -5.63 -104.72 26.50
C SER B 741 -6.59 -104.17 27.54
N GLU B 786 12.27 -104.97 44.84
CA GLU B 786 12.61 -106.34 44.49
C GLU B 786 12.01 -106.72 43.14
N CYS B 787 12.72 -107.56 42.40
CA CYS B 787 12.25 -107.99 41.09
C CYS B 787 12.90 -109.31 40.74
N ALA B 788 12.30 -110.02 39.79
CA ALA B 788 12.93 -111.21 39.22
C ALA B 788 14.08 -110.80 38.31
N LYS B 789 15.05 -111.70 38.18
CA LYS B 789 16.26 -111.42 37.42
C LYS B 789 16.46 -112.44 36.31
N THR B 790 17.16 -112.01 35.26
CA THR B 790 17.49 -112.82 34.11
C THR B 790 18.98 -112.70 33.89
N CYS B 791 19.57 -113.71 33.22
CA CYS B 791 21.01 -113.71 33.01
C CYS B 791 21.48 -112.41 32.36
N GLN B 792 20.66 -111.84 31.50
CA GLN B 792 21.03 -110.59 30.83
C GLN B 792 20.99 -109.40 31.78
N ASN B 793 19.93 -109.31 32.59
CA ASN B 793 19.68 -108.13 33.41
C ASN B 793 20.07 -108.29 34.87
N TYR B 794 20.92 -109.28 35.18
CA TYR B 794 21.25 -109.53 36.57
C TYR B 794 21.92 -108.32 37.22
N ASP B 795 22.87 -107.70 36.53
CA ASP B 795 23.61 -106.59 37.11
C ASP B 795 22.87 -105.27 37.03
N LEU B 796 21.79 -105.19 36.26
CA LEU B 796 21.08 -103.95 36.05
C LEU B 796 20.06 -103.71 37.16
N GLU B 797 19.38 -102.57 37.09
CA GLU B 797 18.37 -102.22 38.07
C GLU B 797 17.11 -103.06 37.87
N CYS B 798 16.14 -102.88 38.76
CA CYS B 798 14.82 -103.46 38.61
C CYS B 798 13.92 -102.51 37.86
N MET B 799 13.08 -103.05 36.98
CA MET B 799 12.18 -102.21 36.22
C MET B 799 11.23 -101.48 37.15
N SER B 800 11.27 -100.15 37.09
CA SER B 800 10.45 -99.31 37.97
C SER B 800 9.07 -99.06 37.34
N MET B 801 8.39 -100.16 37.04
CA MET B 801 7.08 -100.08 36.38
C MET B 801 6.12 -101.09 36.98
N GLY B 802 6.27 -101.40 38.26
CA GLY B 802 5.38 -102.35 38.92
C GLY B 802 5.57 -102.39 40.42
N LEU B 808 9.29 -116.67 40.87
CA LEU B 808 10.54 -116.09 41.33
C LEU B 808 11.53 -117.18 41.73
N CYS B 809 12.68 -117.20 41.06
CA CYS B 809 13.66 -118.25 41.29
C CYS B 809 14.37 -118.04 42.63
N PRO B 810 14.97 -119.09 43.18
CA PRO B 810 15.66 -118.96 44.47
C PRO B 810 16.84 -118.00 44.37
N PRO B 811 17.34 -117.50 45.50
CA PRO B 811 18.56 -116.68 45.46
C PRO B 811 19.73 -117.49 44.91
N GLY B 812 20.59 -116.80 44.16
CA GLY B 812 21.69 -117.47 43.49
C GLY B 812 21.28 -118.24 42.25
N MET B 813 20.02 -118.11 41.82
CA MET B 813 19.53 -118.79 40.63
C MET B 813 18.78 -117.77 39.79
N VAL B 814 18.85 -117.94 38.48
CA VAL B 814 18.44 -116.91 37.54
C VAL B 814 17.56 -117.50 36.45
N ARG B 815 16.59 -116.71 36.00
CA ARG B 815 15.73 -117.11 34.89
C ARG B 815 16.53 -117.20 33.60
N HIS B 816 16.36 -118.30 32.87
CA HIS B 816 17.02 -118.50 31.60
C HIS B 816 16.33 -119.65 30.87
N GLU B 817 16.10 -119.48 29.56
CA GLU B 817 15.37 -120.48 28.77
C GLU B 817 14.01 -120.79 29.39
N ASN B 818 13.39 -119.79 30.01
CA ASN B 818 12.14 -119.96 30.75
C ASN B 818 12.28 -121.07 31.80
N ARG B 819 13.43 -121.12 32.46
CA ARG B 819 13.64 -122.00 33.60
C ARG B 819 14.66 -121.35 34.53
N CYS B 820 14.62 -121.74 35.79
CA CYS B 820 15.57 -121.22 36.76
C CYS B 820 16.91 -121.93 36.60
N VAL B 821 17.97 -121.14 36.39
CA VAL B 821 19.31 -121.67 36.14
C VAL B 821 20.26 -121.02 37.13
N ALA B 822 21.22 -121.80 37.61
CA ALA B 822 22.12 -121.35 38.66
C ALA B 822 23.03 -120.23 38.18
N LEU B 823 23.41 -119.35 39.10
CA LEU B 823 24.41 -118.34 38.81
C LEU B 823 25.77 -119.01 38.66
N GLU B 824 26.69 -118.32 37.99
CA GLU B 824 27.99 -118.82 37.56
C GLU B 824 27.84 -119.80 36.40
N ARG B 825 26.62 -120.10 35.99
CA ARG B 825 26.36 -120.92 34.82
C ARG B 825 25.55 -120.19 33.76
N CYS B 826 25.28 -118.89 33.96
CA CYS B 826 24.63 -118.11 32.92
C CYS B 826 25.59 -117.93 31.75
N PRO B 827 25.09 -117.92 30.52
CA PRO B 827 25.98 -117.75 29.36
C PRO B 827 26.33 -116.29 29.13
N CYS B 828 27.33 -116.09 28.27
CA CYS B 828 27.74 -114.76 27.84
C CYS B 828 27.15 -114.46 26.47
N PHE B 829 26.97 -113.18 26.19
CA PHE B 829 26.26 -112.71 25.01
C PHE B 829 27.19 -111.90 24.12
N HIS B 830 27.15 -112.16 22.82
CA HIS B 830 27.88 -111.35 21.86
C HIS B 830 27.16 -111.43 20.53
N GLN B 831 27.00 -110.27 19.88
CA GLN B 831 26.29 -110.16 18.61
C GLN B 831 24.92 -110.81 18.69
N GLY B 832 24.28 -110.72 19.86
CA GLY B 832 22.93 -111.18 20.02
C GLY B 832 22.77 -112.67 20.20
N LYS B 833 23.86 -113.42 20.34
CA LYS B 833 23.78 -114.86 20.55
C LYS B 833 24.58 -115.24 21.79
N GLU B 834 24.13 -116.30 22.45
CA GLU B 834 24.66 -116.68 23.76
C GLU B 834 25.85 -117.62 23.62
N TYR B 835 26.75 -117.56 24.60
CA TYR B 835 27.91 -118.43 24.68
C TYR B 835 27.98 -119.02 26.08
N ALA B 836 28.11 -120.34 26.16
CA ALA B 836 28.20 -120.99 27.45
C ALA B 836 29.54 -120.66 28.11
N PRO B 837 29.61 -120.73 29.45
CA PRO B 837 30.88 -120.46 30.11
C PRO B 837 31.96 -121.43 29.65
N GLY B 838 33.17 -120.90 29.48
CA GLY B 838 34.27 -121.65 28.93
C GLY B 838 34.40 -121.56 27.43
N GLU B 839 33.36 -121.10 26.73
CA GLU B 839 33.45 -120.88 25.30
C GLU B 839 34.32 -119.67 25.01
N THR B 840 34.72 -119.53 23.75
CA THR B 840 35.64 -118.48 23.34
C THR B 840 35.12 -117.82 22.07
N VAL B 841 35.52 -116.56 21.87
CA VAL B 841 35.18 -115.80 20.68
C VAL B 841 36.42 -115.05 20.22
N LYS B 842 36.55 -114.90 18.91
CA LYS B 842 37.71 -114.30 18.29
C LYS B 842 37.40 -112.87 17.91
N ILE B 843 38.16 -111.92 18.45
CA ILE B 843 37.93 -110.50 18.24
C ILE B 843 39.23 -109.92 17.70
N GLY B 844 39.32 -109.72 16.40
CA GLY B 844 40.54 -109.23 15.81
C GLY B 844 41.69 -110.18 16.15
N CYS B 845 42.77 -109.62 16.66
CA CYS B 845 43.89 -110.42 17.13
C CYS B 845 43.73 -110.89 18.56
N ASN B 846 42.72 -110.43 19.27
CA ASN B 846 42.51 -110.81 20.66
C ASN B 846 41.52 -111.96 20.77
N THR B 847 41.61 -112.68 21.88
CA THR B 847 40.72 -113.79 22.19
C THR B 847 40.00 -113.50 23.50
N CYS B 848 38.71 -113.81 23.55
CA CYS B 848 37.88 -113.58 24.73
C CYS B 848 37.26 -114.91 25.16
N VAL B 849 37.20 -115.13 26.47
CA VAL B 849 36.65 -116.35 27.04
C VAL B 849 35.55 -115.99 28.01
N CYS B 850 34.42 -116.69 27.93
CA CYS B 850 33.25 -116.37 28.73
C CYS B 850 33.38 -116.95 30.14
N ARG B 851 33.62 -116.08 31.13
CA ARG B 851 33.67 -116.51 32.52
C ARG B 851 32.70 -115.66 33.35
N ASP B 852 31.76 -116.32 34.01
CA ASP B 852 30.79 -115.68 34.90
C ASP B 852 30.11 -114.49 34.24
N ARG B 853 29.46 -114.75 33.11
CA ARG B 853 28.69 -113.72 32.41
C ARG B 853 29.55 -112.56 31.91
N LYS B 854 30.85 -112.62 32.16
CA LYS B 854 31.79 -111.59 31.73
C LYS B 854 32.79 -112.17 30.74
N TRP B 855 32.97 -111.49 29.62
CA TRP B 855 34.04 -111.85 28.70
C TRP B 855 35.37 -111.41 29.27
N ASN B 856 36.34 -112.32 29.29
CA ASN B 856 37.68 -112.05 29.79
C ASN B 856 38.64 -112.14 28.61
N CYS B 857 39.19 -111.00 28.21
CA CYS B 857 39.83 -110.87 26.91
C CYS B 857 41.32 -110.61 27.07
N THR B 858 42.08 -111.08 26.08
CA THR B 858 43.47 -110.68 25.96
C THR B 858 43.56 -109.20 25.62
N ASP B 859 44.68 -108.59 25.96
CA ASP B 859 44.88 -107.15 25.82
C ASP B 859 45.95 -106.80 24.79
N HIS B 860 45.98 -107.53 23.67
CA HIS B 860 46.94 -107.23 22.61
C HIS B 860 46.45 -106.04 21.80
N VAL B 861 47.37 -105.18 21.42
CA VAL B 861 47.07 -104.08 20.50
C VAL B 861 47.25 -104.60 19.08
N CYS B 862 46.15 -104.80 18.38
CA CYS B 862 46.20 -105.40 17.06
C CYS B 862 46.68 -104.38 16.03
N ASP B 863 47.16 -104.89 14.89
CA ASP B 863 47.61 -104.05 13.81
C ASP B 863 46.46 -103.21 13.27
N ALA B 864 46.71 -101.92 13.07
CA ALA B 864 45.68 -100.98 12.65
C ALA B 864 45.87 -100.62 11.19
N THR B 865 44.75 -100.50 10.48
CA THR B 865 44.74 -100.22 9.05
C THR B 865 44.10 -98.86 8.81
N CYS B 866 44.91 -97.85 8.54
CA CYS B 866 44.38 -96.63 7.94
C CYS B 866 44.06 -96.91 6.49
N SER B 867 43.03 -96.25 5.99
CA SER B 867 42.57 -96.54 4.64
C SER B 867 41.94 -95.30 4.02
N THR B 868 42.31 -95.00 2.79
CA THR B 868 41.58 -94.05 1.99
C THR B 868 40.48 -94.80 1.26
N ILE B 869 39.23 -94.48 1.57
CA ILE B 869 38.10 -95.17 0.97
C ILE B 869 37.54 -94.27 -0.12
N GLY B 870 37.57 -94.75 -1.35
CA GLY B 870 37.09 -93.90 -2.41
C GLY B 870 38.07 -92.79 -2.75
N MET B 871 37.52 -91.67 -3.22
CA MET B 871 38.34 -90.58 -3.70
C MET B 871 38.48 -89.44 -2.71
N ALA B 872 37.57 -89.33 -1.73
CA ALA B 872 37.60 -88.18 -0.83
C ALA B 872 37.34 -88.55 0.62
N HIS B 873 37.20 -89.83 0.95
CA HIS B 873 36.95 -90.26 2.32
C HIS B 873 38.16 -90.98 2.88
N TYR B 874 38.44 -90.75 4.16
CA TYR B 874 39.55 -91.36 4.86
C TYR B 874 39.04 -92.08 6.09
N LEU B 875 39.74 -93.13 6.49
CA LEU B 875 39.43 -93.85 7.72
C LEU B 875 40.70 -93.92 8.56
N THR B 876 40.69 -93.24 9.70
CA THR B 876 41.86 -93.14 10.55
C THR B 876 42.20 -94.49 11.17
N PHE B 877 43.34 -94.53 11.87
CA PHE B 877 43.75 -95.75 12.55
C PHE B 877 42.78 -96.15 13.62
N ASP B 878 42.22 -95.17 14.34
CA ASP B 878 41.30 -95.45 15.43
C ASP B 878 39.87 -95.66 14.95
N GLY B 879 39.60 -95.55 13.67
CA GLY B 879 38.30 -95.87 13.13
C GLY B 879 37.43 -94.68 12.76
N LEU B 880 37.96 -93.48 12.78
CA LEU B 880 37.20 -92.29 12.44
C LEU B 880 37.12 -92.15 10.93
N LYS B 881 35.92 -92.27 10.37
CA LYS B 881 35.69 -92.04 8.96
C LYS B 881 35.26 -90.59 8.76
N TYR B 882 35.94 -89.88 7.86
CA TYR B 882 35.63 -88.47 7.66
C TYR B 882 35.83 -88.12 6.19
N LEU B 883 35.22 -87.01 5.79
CA LEU B 883 35.21 -86.57 4.41
C LEU B 883 36.16 -85.39 4.26
N PHE B 884 37.00 -85.46 3.24
CA PHE B 884 37.92 -84.37 2.95
C PHE B 884 38.32 -84.39 1.49
N PRO B 885 37.63 -83.65 0.65
CA PRO B 885 38.08 -83.54 -0.74
C PRO B 885 39.13 -82.45 -0.92
N GLY B 886 40.27 -82.80 -1.49
CA GLY B 886 41.32 -81.83 -1.68
C GLY B 886 42.10 -82.11 -2.94
N GLU B 887 42.57 -81.05 -3.60
CA GLU B 887 43.37 -81.18 -4.80
C GLU B 887 44.84 -81.37 -4.52
N CYS B 888 45.32 -80.96 -3.35
CA CYS B 888 46.74 -80.81 -3.07
C CYS B 888 47.34 -82.13 -2.62
N GLN B 889 48.59 -82.08 -2.17
CA GLN B 889 49.26 -83.23 -1.59
C GLN B 889 49.25 -83.11 -0.08
N TYR B 890 48.92 -84.22 0.60
CA TYR B 890 48.69 -84.21 2.03
C TYR B 890 49.46 -85.32 2.70
N VAL B 891 49.77 -85.14 3.97
CA VAL B 891 50.46 -86.16 4.77
C VAL B 891 49.44 -87.20 5.21
N LEU B 892 49.56 -88.41 4.66
CA LEU B 892 48.66 -89.47 5.08
C LEU B 892 49.07 -90.07 6.43
N VAL B 893 50.36 -90.40 6.58
CA VAL B 893 50.91 -90.89 7.82
C VAL B 893 52.30 -90.30 7.95
N GLN B 894 52.73 -90.06 9.18
CA GLN B 894 54.02 -89.45 9.44
C GLN B 894 54.37 -89.62 10.91
N ASP B 895 55.61 -90.00 11.18
CA ASP B 895 56.11 -90.00 12.55
C ASP B 895 57.11 -88.90 12.81
N TYR B 896 57.43 -88.08 11.80
CA TYR B 896 58.23 -86.87 11.99
C TYR B 896 57.38 -85.74 12.54
N CYS B 897 56.73 -86.01 13.67
CA CYS B 897 55.93 -85.00 14.35
C CYS B 897 56.02 -85.22 15.84
N GLY B 898 55.84 -84.14 16.59
CA GLY B 898 56.10 -84.22 18.00
C GLY B 898 57.59 -84.35 18.25
N SER B 899 57.91 -84.92 19.40
CA SER B 899 59.30 -85.09 19.79
C SER B 899 59.92 -86.35 19.19
N ASN B 900 59.13 -87.25 18.65
CA ASN B 900 59.64 -88.53 18.22
C ASN B 900 60.62 -88.34 17.08
N PRO B 901 61.79 -89.00 17.10
CA PRO B 901 62.67 -88.98 15.92
C PRO B 901 62.06 -89.82 14.81
N GLY B 902 61.72 -89.16 13.70
CA GLY B 902 60.95 -89.82 12.67
C GLY B 902 61.75 -90.83 11.90
N THR B 903 61.04 -91.75 11.26
CA THR B 903 61.63 -92.78 10.44
C THR B 903 60.97 -92.93 9.08
N PHE B 904 59.71 -92.53 8.93
CA PHE B 904 58.98 -92.70 7.69
C PHE B 904 57.97 -91.59 7.54
N ARG B 905 57.54 -91.35 6.31
CA ARG B 905 56.61 -90.28 6.01
C ARG B 905 55.92 -90.59 4.69
N ILE B 906 54.61 -90.74 4.72
CA ILE B 906 53.82 -91.12 3.56
C ILE B 906 52.96 -89.93 3.16
N LEU B 907 53.06 -89.53 1.90
CA LEU B 907 52.31 -88.41 1.36
C LEU B 907 51.37 -88.92 0.28
N VAL B 908 50.15 -88.38 0.25
CA VAL B 908 49.16 -88.75 -0.76
C VAL B 908 48.75 -87.49 -1.50
N GLY B 909 48.80 -87.56 -2.83
CA GLY B 909 48.36 -86.46 -3.67
C GLY B 909 47.21 -86.91 -4.55
N ASN B 910 46.23 -86.03 -4.72
CA ASN B 910 45.05 -86.32 -5.52
C ASN B 910 45.23 -85.72 -6.90
N LYS B 911 45.17 -86.58 -7.92
CA LYS B 911 45.40 -86.15 -9.30
C LYS B 911 44.22 -86.59 -10.16
N GLY B 912 43.70 -85.66 -10.95
CA GLY B 912 42.54 -85.91 -11.78
C GLY B 912 41.21 -85.61 -11.11
N CYS B 913 41.18 -85.50 -9.78
CA CYS B 913 39.95 -85.07 -9.13
C CYS B 913 40.28 -84.52 -7.75
N SER B 914 39.37 -83.72 -7.25
CA SER B 914 39.12 -83.48 -5.84
C SER B 914 37.66 -83.74 -5.52
N HIS B 915 36.77 -83.34 -6.40
CA HIS B 915 35.42 -83.85 -6.42
C HIS B 915 35.47 -85.16 -7.18
N PRO B 916 35.10 -86.29 -6.57
CA PRO B 916 35.37 -87.59 -7.21
C PRO B 916 34.91 -87.64 -8.66
N SER B 917 35.80 -88.13 -9.52
CA SER B 917 35.56 -88.09 -10.96
C SER B 917 36.17 -89.33 -11.61
N VAL B 918 35.69 -89.63 -12.81
CA VAL B 918 36.03 -90.89 -13.47
C VAL B 918 37.54 -91.00 -13.72
N LYS B 919 38.16 -89.93 -14.23
CA LYS B 919 39.54 -90.00 -14.67
C LYS B 919 40.54 -89.81 -13.54
N CYS B 920 40.15 -90.04 -12.29
CA CYS B 920 40.97 -89.65 -11.17
C CYS B 920 41.99 -90.72 -10.80
N LYS B 921 43.00 -90.31 -10.05
CA LYS B 921 44.03 -91.22 -9.56
C LYS B 921 44.80 -90.52 -8.45
N LYS B 922 45.42 -91.32 -7.58
CA LYS B 922 46.17 -90.81 -6.45
C LYS B 922 47.63 -91.22 -6.54
N ARG B 923 48.51 -90.28 -6.22
CA ARG B 923 49.95 -90.53 -6.17
C ARG B 923 50.38 -90.63 -4.72
N VAL B 924 51.12 -91.67 -4.39
CA VAL B 924 51.65 -91.89 -3.05
C VAL B 924 53.16 -91.72 -3.10
N THR B 925 53.70 -90.99 -2.14
CA THR B 925 55.14 -90.83 -1.99
C THR B 925 55.54 -91.39 -0.63
N ILE B 926 56.41 -92.39 -0.64
CA ILE B 926 56.77 -93.10 0.59
C ILE B 926 58.22 -92.76 0.91
N LEU B 927 58.42 -91.75 1.76
CA LEU B 927 59.75 -91.27 2.10
C LEU B 927 60.34 -91.99 3.31
N VAL B 928 60.48 -93.31 3.21
CA VAL B 928 60.88 -94.12 4.36
C VAL B 928 62.40 -94.18 4.42
N GLU B 929 62.95 -93.86 5.60
CA GLU B 929 64.37 -93.96 5.91
C GLU B 929 65.26 -93.37 4.80
N GLY B 930 64.88 -92.18 4.35
CA GLY B 930 65.64 -91.49 3.32
C GLY B 930 65.37 -91.97 1.92
N GLY B 931 64.97 -93.22 1.76
CA GLY B 931 64.56 -93.71 0.46
C GLY B 931 63.24 -93.11 0.06
N GLU B 932 62.82 -93.44 -1.17
CA GLU B 932 61.58 -92.88 -1.69
C GLU B 932 60.98 -93.86 -2.69
N ILE B 933 59.76 -94.30 -2.41
CA ILE B 933 58.99 -95.15 -3.32
C ILE B 933 57.74 -94.39 -3.72
N GLU B 934 57.54 -94.23 -5.01
CA GLU B 934 56.38 -93.52 -5.55
C GLU B 934 55.43 -94.52 -6.18
N LEU B 935 54.16 -94.45 -5.80
CA LEU B 935 53.12 -95.29 -6.36
C LEU B 935 52.26 -94.45 -7.29
N PHE B 936 52.21 -94.83 -8.56
CA PHE B 936 51.46 -94.06 -9.55
C PHE B 936 51.16 -94.94 -10.75
N ASP B 937 50.04 -94.64 -11.41
CA ASP B 937 49.64 -95.35 -12.63
C ASP B 937 49.62 -96.87 -12.43
N GLY B 938 49.23 -97.28 -11.23
CA GLY B 938 49.18 -98.70 -10.95
C GLY B 938 50.51 -99.40 -10.99
N GLU B 939 51.60 -98.67 -10.81
CA GLU B 939 52.94 -99.26 -10.87
C GLU B 939 53.79 -98.64 -9.77
N VAL B 940 54.75 -99.43 -9.28
CA VAL B 940 55.66 -98.99 -8.25
C VAL B 940 56.86 -98.32 -8.90
N ASN B 941 57.34 -97.25 -8.30
CA ASN B 941 58.49 -96.50 -8.82
C ASN B 941 59.41 -96.19 -7.64
N VAL B 942 60.47 -96.97 -7.50
CA VAL B 942 61.45 -96.73 -6.44
C VAL B 942 62.39 -95.64 -6.89
N LYS B 943 62.06 -94.40 -6.54
CA LYS B 943 62.82 -93.26 -7.05
C LYS B 943 64.10 -92.98 -6.27
N ARG B 944 64.27 -93.58 -5.09
CA ARG B 944 65.56 -93.70 -4.43
C ARG B 944 65.55 -95.00 -3.63
N PRO B 945 66.70 -95.64 -3.46
CA PRO B 945 66.75 -96.87 -2.68
C PRO B 945 66.77 -96.59 -1.19
N MET B 946 66.38 -97.61 -0.42
CA MET B 946 66.40 -97.55 1.03
C MET B 946 67.76 -97.98 1.56
N LYS B 947 68.02 -97.65 2.84
CA LYS B 947 69.26 -98.07 3.46
C LYS B 947 69.29 -99.58 3.71
N ASP B 948 68.14 -100.18 3.99
CA ASP B 948 68.04 -101.62 4.22
C ASP B 948 67.05 -102.18 3.22
N GLU B 949 67.53 -102.55 2.04
CA GLU B 949 66.67 -103.13 1.02
C GLU B 949 66.18 -104.53 1.38
N THR B 950 66.77 -105.15 2.41
CA THR B 950 66.27 -106.44 2.88
C THR B 950 64.96 -106.29 3.64
N HIS B 951 64.84 -105.22 4.43
CA HIS B 951 63.55 -104.91 5.05
C HIS B 951 62.51 -104.57 3.99
N PHE B 952 62.92 -103.83 2.96
CA PHE B 952 62.01 -103.49 1.88
C PHE B 952 61.62 -104.72 1.08
N GLU B 953 60.38 -104.72 0.60
CA GLU B 953 59.90 -105.75 -0.30
C GLU B 953 58.59 -105.29 -0.93
N VAL B 954 58.34 -105.73 -2.16
CA VAL B 954 57.11 -105.43 -2.88
C VAL B 954 56.50 -106.74 -3.33
N VAL B 955 55.23 -106.94 -3.00
CA VAL B 955 54.49 -108.13 -3.40
C VAL B 955 53.27 -107.69 -4.19
N GLU B 956 53.08 -108.29 -5.36
CA GLU B 956 51.91 -108.03 -6.19
C GLU B 956 51.00 -109.25 -6.12
N SER B 957 49.76 -109.03 -5.70
CA SER B 957 48.83 -110.13 -5.49
C SER B 957 47.43 -109.64 -5.71
N GLY B 958 46.63 -110.43 -6.42
CA GLY B 958 45.28 -110.02 -6.76
C GLY B 958 45.28 -108.65 -7.38
N ARG B 959 44.39 -107.79 -6.90
CA ARG B 959 44.30 -106.42 -7.40
C ARG B 959 45.31 -105.49 -6.76
N TYR B 960 46.10 -105.97 -5.79
CA TYR B 960 46.80 -105.10 -4.86
C TYR B 960 48.30 -105.19 -5.03
N ILE B 961 48.97 -104.09 -4.72
CA ILE B 961 50.41 -104.08 -4.49
C ILE B 961 50.64 -103.98 -3.00
N ILE B 962 51.44 -104.91 -2.46
CA ILE B 962 51.71 -104.97 -1.04
C ILE B 962 53.18 -104.64 -0.82
N LEU B 963 53.45 -103.54 -0.12
CA LEU B 963 54.79 -103.10 0.19
C LEU B 963 55.08 -103.36 1.64
N LEU B 964 56.21 -104.00 1.93
CA LEU B 964 56.71 -104.14 3.28
C LEU B 964 57.86 -103.14 3.47
N LEU B 965 57.65 -102.15 4.33
CA LEU B 965 58.63 -101.10 4.57
C LEU B 965 59.36 -101.28 5.88
N GLY B 966 59.25 -102.45 6.50
CA GLY B 966 59.86 -102.70 7.78
C GLY B 966 59.12 -103.80 8.50
N LYS B 967 59.58 -104.09 9.71
CA LYS B 967 58.93 -105.12 10.51
C LYS B 967 57.60 -104.66 11.07
N ALA B 968 57.36 -103.35 11.13
CA ALA B 968 56.16 -102.81 11.75
C ALA B 968 55.34 -101.90 10.85
N LEU B 969 55.74 -101.71 9.61
CA LEU B 969 55.06 -100.82 8.68
C LEU B 969 54.84 -101.51 7.35
N SER B 970 53.64 -101.37 6.80
CA SER B 970 53.30 -101.95 5.52
C SER B 970 52.25 -101.10 4.84
N VAL B 971 52.20 -101.19 3.51
CA VAL B 971 51.25 -100.45 2.70
C VAL B 971 50.58 -101.41 1.73
N VAL B 972 49.26 -101.34 1.64
CA VAL B 972 48.47 -102.12 0.69
C VAL B 972 47.73 -101.16 -0.21
N TRP B 973 47.86 -101.35 -1.52
CA TRP B 973 47.35 -100.39 -2.49
C TRP B 973 46.66 -101.16 -3.60
N ASP B 974 45.40 -100.84 -3.88
CA ASP B 974 44.65 -101.51 -4.93
C ASP B 974 45.01 -101.04 -6.32
N ARG B 975 46.07 -100.24 -6.46
CA ARG B 975 46.63 -99.74 -7.71
C ARG B 975 45.81 -98.62 -8.30
N HIS B 976 44.63 -98.30 -7.77
CA HIS B 976 43.88 -97.16 -8.27
C HIS B 976 43.65 -96.09 -7.20
N LEU B 977 42.93 -96.39 -6.14
CA LEU B 977 42.56 -95.37 -5.17
C LEU B 977 42.77 -95.77 -3.72
N SER B 978 42.50 -97.03 -3.36
CA SER B 978 42.36 -97.44 -1.97
C SER B 978 43.73 -97.73 -1.39
N ILE B 979 44.37 -96.68 -0.88
CA ILE B 979 45.61 -96.82 -0.14
C ILE B 979 45.30 -97.25 1.28
N SER B 980 46.05 -98.22 1.79
CA SER B 980 45.91 -98.67 3.17
C SER B 980 47.28 -98.79 3.80
N VAL B 981 47.43 -98.19 4.98
CA VAL B 981 48.67 -98.24 5.74
C VAL B 981 48.43 -99.06 7.00
N VAL B 982 49.29 -100.04 7.24
CA VAL B 982 49.13 -100.93 8.37
C VAL B 982 50.32 -100.74 9.30
N LEU B 983 50.02 -100.48 10.57
CA LEU B 983 51.04 -100.24 11.59
C LEU B 983 50.89 -101.25 12.71
N LYS B 984 52.02 -101.80 13.15
CA LYS B 984 52.00 -102.62 14.35
C LYS B 984 52.12 -101.74 15.59
N GLN B 985 51.93 -102.36 16.75
CA GLN B 985 51.77 -101.60 17.99
C GLN B 985 52.98 -100.74 18.32
N THR B 986 54.15 -101.05 17.76
CA THR B 986 55.34 -100.28 18.09
C THR B 986 55.24 -98.82 17.68
N TYR B 987 54.38 -98.51 16.71
CA TYR B 987 54.20 -97.15 16.23
C TYR B 987 53.09 -96.41 16.95
N GLN B 988 52.54 -96.97 18.02
CA GLN B 988 51.40 -96.37 18.69
C GLN B 988 51.81 -95.08 19.38
N GLU B 989 50.94 -94.08 19.32
CA GLU B 989 51.10 -92.78 19.97
C GLU B 989 52.13 -91.91 19.26
N LYS B 990 52.74 -92.40 18.18
CA LYS B 990 53.86 -91.73 17.54
C LYS B 990 53.52 -91.11 16.19
N VAL B 991 52.60 -91.71 15.45
CA VAL B 991 52.30 -91.28 14.10
C VAL B 991 51.29 -90.15 14.15
N CYS B 992 51.17 -89.43 13.04
CA CYS B 992 50.20 -88.35 12.90
C CYS B 992 49.80 -88.24 11.44
N GLY B 993 49.16 -87.15 11.07
CA GLY B 993 48.70 -86.95 9.72
C GLY B 993 47.21 -87.16 9.58
N LEU B 994 46.78 -87.27 8.32
CA LEU B 994 45.37 -87.46 8.02
C LEU B 994 44.83 -88.75 8.64
N CYS B 995 45.68 -89.74 8.86
CA CYS B 995 45.24 -90.98 9.51
C CYS B 995 45.15 -90.83 11.02
N GLY B 996 45.51 -89.69 11.58
CA GLY B 996 45.38 -89.45 13.00
C GLY B 996 46.47 -90.13 13.80
N ASN B 997 46.51 -89.79 15.09
CA ASN B 997 47.48 -90.37 16.01
C ASN B 997 46.94 -91.70 16.51
N PHE B 998 47.59 -92.79 16.12
CA PHE B 998 47.21 -94.11 16.56
C PHE B 998 47.41 -94.26 18.05
N ASP B 999 46.30 -94.17 18.79
CA ASP B 999 46.27 -94.32 20.24
C ASP B 999 45.04 -95.05 20.75
N GLY B 1000 44.16 -95.53 19.88
CA GLY B 1000 42.92 -96.16 20.27
C GLY B 1000 41.79 -95.21 20.61
N ILE B 1001 41.99 -93.91 20.46
CA ILE B 1001 40.98 -92.89 20.78
C ILE B 1001 40.58 -92.19 19.49
N GLN B 1002 39.27 -92.09 19.25
CA GLN B 1002 38.78 -91.49 18.03
C GLN B 1002 38.65 -89.98 18.16
N ASN B 1003 38.27 -89.49 19.33
CA ASN B 1003 37.90 -88.09 19.49
C ASN B 1003 39.04 -87.15 19.15
N ASN B 1004 40.29 -87.59 19.28
CA ASN B 1004 41.44 -86.73 19.08
C ASN B 1004 42.07 -86.89 17.70
N ASP B 1005 41.42 -87.60 16.79
CA ASP B 1005 42.04 -87.89 15.50
C ASP B 1005 42.06 -86.68 14.59
N LEU B 1006 41.21 -85.69 14.81
CA LEU B 1006 41.22 -84.50 13.97
C LEU B 1006 42.20 -83.46 14.46
N THR B 1007 43.20 -83.89 15.22
CA THR B 1007 44.27 -83.00 15.66
C THR B 1007 45.00 -82.41 14.46
N SER B 1008 44.92 -81.10 14.30
CA SER B 1008 45.60 -80.45 13.20
C SER B 1008 47.11 -80.63 13.33
N SER B 1009 47.83 -80.29 12.27
CA SER B 1009 49.27 -80.34 12.31
C SER B 1009 49.83 -79.40 13.37
N ASN B 1010 49.08 -78.35 13.70
CA ASN B 1010 49.43 -77.43 14.77
C ASN B 1010 48.87 -77.82 16.13
N LEU B 1011 48.52 -79.10 16.31
CA LEU B 1011 48.18 -79.72 17.59
C LEU B 1011 46.81 -79.34 18.10
N GLN B 1012 46.06 -78.51 17.39
CA GLN B 1012 44.72 -78.12 17.79
C GLN B 1012 43.68 -79.02 17.15
N VAL B 1013 42.78 -79.58 17.96
CA VAL B 1013 41.73 -80.44 17.46
C VAL B 1013 40.66 -79.59 16.78
N GLU B 1014 40.20 -80.04 15.62
CA GLU B 1014 39.25 -79.30 14.80
C GLU B 1014 37.93 -80.03 14.73
N GLU B 1015 36.84 -79.26 14.79
CA GLU B 1015 35.51 -79.85 14.66
C GLU B 1015 35.20 -80.23 13.23
N ASP B 1016 35.82 -79.55 12.26
CA ASP B 1016 35.55 -79.76 10.85
C ASP B 1016 36.73 -80.45 10.20
N PRO B 1017 36.53 -81.60 9.54
CA PRO B 1017 37.66 -82.28 8.90
C PRO B 1017 38.31 -81.46 7.80
N VAL B 1018 37.60 -80.49 7.23
CA VAL B 1018 38.19 -79.69 6.15
C VAL B 1018 39.37 -78.89 6.68
N ASP B 1019 39.19 -78.24 7.84
CA ASP B 1019 40.29 -77.49 8.42
C ASP B 1019 41.45 -78.38 8.79
N PHE B 1020 41.15 -79.55 9.34
CA PHE B 1020 42.19 -80.53 9.68
C PHE B 1020 43.02 -80.90 8.46
N GLY B 1021 42.35 -81.30 7.38
CA GLY B 1021 43.05 -81.65 6.17
C GLY B 1021 43.85 -80.49 5.59
N ASN B 1022 43.25 -79.30 5.58
CA ASN B 1022 43.98 -78.13 5.10
C ASN B 1022 45.22 -77.89 5.93
N SER B 1023 45.15 -78.19 7.23
CA SER B 1023 46.32 -78.07 8.07
C SER B 1023 47.36 -79.12 7.74
N TRP B 1024 46.96 -80.23 7.12
CA TRP B 1024 47.93 -81.26 6.76
C TRP B 1024 48.40 -81.22 5.31
N LYS B 1025 48.18 -80.12 4.59
CA LYS B 1025 48.67 -80.05 3.22
C LYS B 1025 50.17 -79.78 3.21
N VAL B 1026 50.89 -80.52 2.36
CA VAL B 1026 52.34 -80.46 2.34
C VAL B 1026 52.82 -79.10 1.82
N SER B 1027 52.26 -78.65 0.71
CA SER B 1027 52.70 -77.43 0.05
C SER B 1027 51.80 -76.29 0.49
N SER B 1028 52.40 -75.24 1.04
CA SER B 1028 51.61 -74.11 1.54
C SER B 1028 50.96 -73.33 0.42
N GLN B 1029 51.63 -73.20 -0.72
CA GLN B 1029 51.10 -72.40 -1.82
C GLN B 1029 49.84 -72.98 -2.42
N CYS B 1030 49.57 -74.26 -2.20
CA CYS B 1030 48.43 -74.91 -2.83
C CYS B 1030 47.13 -74.45 -2.20
N ALA B 1031 46.03 -74.69 -2.92
CA ALA B 1031 44.74 -74.15 -2.53
C ALA B 1031 44.13 -74.90 -1.36
N ASP B 1032 43.28 -74.21 -0.61
CA ASP B 1032 42.55 -74.81 0.49
C ASP B 1032 41.19 -75.31 0.04
N THR B 1033 40.71 -76.36 0.70
CA THR B 1033 39.35 -76.81 0.47
C THR B 1033 38.37 -75.80 1.06
N ARG B 1034 37.25 -75.60 0.37
CA ARG B 1034 36.44 -74.41 0.60
C ARG B 1034 35.32 -74.59 1.61
N LYS B 1035 35.13 -75.80 2.16
CA LYS B 1035 34.02 -76.09 3.06
C LYS B 1035 32.68 -75.78 2.39
N VAL B 1036 32.38 -76.53 1.35
CA VAL B 1036 31.12 -76.42 0.62
C VAL B 1036 29.98 -76.72 1.60
N PRO B 1037 28.81 -76.10 1.46
CA PRO B 1037 27.70 -76.41 2.38
C PRO B 1037 27.35 -77.88 2.34
N LEU B 1038 26.95 -78.40 3.50
CA LEU B 1038 26.80 -79.84 3.71
C LEU B 1038 25.42 -80.30 3.24
N ASP B 1039 25.25 -80.34 1.92
CA ASP B 1039 24.00 -80.81 1.35
C ASP B 1039 23.80 -82.30 1.65
N SER B 1040 22.53 -82.70 1.72
CA SER B 1040 22.21 -84.10 2.00
C SER B 1040 22.71 -85.04 0.92
N SER B 1041 22.95 -84.54 -0.29
CA SER B 1041 23.56 -85.32 -1.35
C SER B 1041 24.53 -84.43 -2.09
N PRO B 1042 25.57 -85.00 -2.69
CA PRO B 1042 26.59 -84.18 -3.37
C PRO B 1042 26.04 -83.40 -4.54
N ALA B 1043 26.90 -82.59 -5.17
CA ALA B 1043 26.52 -81.95 -6.41
C ALA B 1043 26.23 -83.02 -7.46
N THR B 1044 25.25 -82.75 -8.33
CA THR B 1044 24.72 -83.63 -9.37
C THR B 1044 23.79 -84.69 -8.77
N CYS B 1045 23.60 -84.73 -7.46
CA CYS B 1045 22.46 -85.39 -6.85
C CYS B 1045 21.63 -84.43 -6.00
N HIS B 1046 22.16 -83.24 -5.69
CA HIS B 1046 21.39 -82.27 -4.93
C HIS B 1046 20.13 -81.86 -5.67
N ASN B 1047 20.22 -81.67 -6.98
CA ASN B 1047 19.09 -81.27 -7.81
C ASN B 1047 18.81 -82.26 -8.93
N ASN B 1048 19.24 -83.51 -8.78
CA ASN B 1048 19.01 -84.55 -9.79
C ASN B 1048 18.39 -85.75 -9.11
N ILE B 1049 17.07 -85.75 -9.00
CA ILE B 1049 16.36 -86.89 -8.44
C ILE B 1049 16.25 -87.97 -9.51
N MET B 1050 16.09 -89.21 -9.07
CA MET B 1050 16.12 -90.42 -9.89
C MET B 1050 17.56 -90.77 -10.25
N LYS B 1051 18.51 -89.88 -9.98
CA LYS B 1051 19.90 -90.30 -9.89
C LYS B 1051 20.30 -90.54 -8.45
N GLN B 1052 19.79 -89.72 -7.53
CA GLN B 1052 20.04 -89.93 -6.12
C GLN B 1052 19.51 -91.28 -5.69
N THR B 1053 18.30 -91.63 -6.11
CA THR B 1053 17.71 -92.90 -5.71
C THR B 1053 18.31 -94.09 -6.45
N MET B 1054 18.70 -93.94 -7.71
CA MET B 1054 19.43 -95.02 -8.36
C MET B 1054 20.74 -95.29 -7.63
N VAL B 1055 21.47 -94.24 -7.27
CA VAL B 1055 22.71 -94.40 -6.50
C VAL B 1055 22.41 -95.10 -5.19
N ASP B 1056 21.38 -94.65 -4.48
CA ASP B 1056 21.05 -95.25 -3.20
C ASP B 1056 20.75 -96.73 -3.33
N SER B 1057 19.82 -97.09 -4.22
CA SER B 1057 19.40 -98.47 -4.35
C SER B 1057 20.52 -99.36 -4.88
N SER B 1058 21.42 -98.82 -5.69
CA SER B 1058 22.55 -99.62 -6.14
C SER B 1058 23.59 -99.79 -5.05
N CYS B 1059 23.81 -98.77 -4.23
CA CYS B 1059 24.74 -98.90 -3.12
C CYS B 1059 24.19 -99.79 -2.02
N ARG B 1060 22.87 -99.99 -1.97
CA ARG B 1060 22.31 -100.91 -0.99
C ARG B 1060 22.79 -102.35 -1.19
N ILE B 1061 23.54 -102.62 -2.26
CA ILE B 1061 24.18 -103.93 -2.41
C ILE B 1061 24.95 -104.30 -1.16
N LEU B 1062 25.45 -103.31 -0.43
CA LEU B 1062 26.15 -103.56 0.83
C LEU B 1062 25.24 -104.25 1.84
N THR B 1063 23.92 -104.07 1.72
CA THR B 1063 22.96 -104.68 2.61
C THR B 1063 22.45 -106.03 2.10
N SER B 1064 22.81 -106.41 0.88
CA SER B 1064 22.24 -107.61 0.26
C SER B 1064 22.67 -108.86 1.02
N ASP B 1065 22.17 -110.01 0.54
CA ASP B 1065 22.37 -111.27 1.25
C ASP B 1065 23.83 -111.64 1.38
N VAL B 1066 24.61 -111.45 0.30
CA VAL B 1066 26.01 -111.86 0.32
C VAL B 1066 26.77 -111.10 1.40
N PHE B 1067 26.44 -109.83 1.60
CA PHE B 1067 27.06 -109.03 2.64
C PHE B 1067 26.32 -109.11 3.96
N GLN B 1068 25.16 -109.76 4.00
CA GLN B 1068 24.31 -109.69 5.19
C GLN B 1068 24.98 -110.32 6.40
N ASP B 1069 25.85 -111.31 6.18
CA ASP B 1069 26.55 -111.93 7.30
C ASP B 1069 27.75 -111.09 7.74
N CYS B 1070 28.37 -110.35 6.82
CA CYS B 1070 29.42 -109.42 7.22
C CYS B 1070 28.86 -108.26 8.02
N ASN B 1071 27.66 -107.80 7.70
CA ASN B 1071 27.09 -106.65 8.40
C ASN B 1071 26.90 -106.91 9.89
N LYS B 1072 26.89 -108.17 10.30
CA LYS B 1072 26.88 -108.46 11.73
C LYS B 1072 28.20 -108.09 12.38
N LEU B 1073 29.30 -108.25 11.65
CA LEU B 1073 30.62 -107.96 12.20
C LEU B 1073 31.07 -106.53 11.94
N VAL B 1074 30.69 -105.95 10.81
CA VAL B 1074 31.15 -104.63 10.40
C VAL B 1074 29.93 -103.77 10.08
N ASP B 1075 30.02 -102.50 10.39
CA ASP B 1075 28.92 -101.58 10.11
C ASP B 1075 29.00 -101.13 8.66
N PRO B 1076 27.99 -101.39 7.83
CA PRO B 1076 28.05 -100.96 6.43
C PRO B 1076 27.70 -99.50 6.22
N GLU B 1077 27.15 -98.82 7.22
CA GLU B 1077 26.66 -97.46 7.01
C GLU B 1077 27.76 -96.50 6.56
N PRO B 1078 28.95 -96.46 7.17
CA PRO B 1078 30.00 -95.56 6.64
C PRO B 1078 30.32 -95.85 5.18
N TYR B 1079 30.46 -97.12 4.82
CA TYR B 1079 30.79 -97.48 3.45
C TYR B 1079 29.61 -97.19 2.52
N LEU B 1080 28.39 -97.31 3.02
CA LEU B 1080 27.24 -96.90 2.22
C LEU B 1080 27.30 -95.41 1.91
N ASP B 1081 27.66 -94.61 2.91
CA ASP B 1081 27.79 -93.16 2.68
C ASP B 1081 28.89 -92.87 1.67
N VAL B 1082 30.04 -93.55 1.80
CA VAL B 1082 31.12 -93.37 0.83
C VAL B 1082 30.65 -93.75 -0.57
N CYS B 1083 29.94 -94.87 -0.69
CA CYS B 1083 29.43 -95.32 -1.98
C CYS B 1083 28.54 -94.25 -2.61
N ILE B 1084 27.59 -93.75 -1.83
CA ILE B 1084 26.67 -92.75 -2.37
C ILE B 1084 27.42 -91.50 -2.80
N TYR B 1085 28.32 -91.02 -1.94
CA TYR B 1085 29.05 -89.78 -2.25
C TYR B 1085 29.85 -89.95 -3.53
N ASP B 1086 30.66 -90.99 -3.60
CA ASP B 1086 31.52 -91.17 -4.77
C ASP B 1086 30.72 -91.43 -6.02
N THR B 1087 29.57 -92.10 -5.90
CA THR B 1087 28.80 -92.43 -7.10
C THR B 1087 28.09 -91.21 -7.65
N CYS B 1088 27.55 -90.35 -6.78
CA CYS B 1088 27.07 -89.06 -7.26
C CYS B 1088 28.17 -88.25 -7.91
N SER B 1089 29.30 -88.10 -7.20
CA SER B 1089 30.34 -87.21 -7.70
C SER B 1089 30.93 -87.70 -9.01
N CYS B 1090 31.06 -89.03 -9.16
CA CYS B 1090 31.76 -89.59 -10.30
C CYS B 1090 30.94 -89.51 -11.57
N GLU B 1091 29.70 -90.00 -11.53
CA GLU B 1091 28.88 -90.27 -12.72
C GLU B 1091 29.74 -90.83 -13.85
N SER B 1092 30.34 -91.98 -13.56
CA SER B 1092 31.31 -92.58 -14.45
C SER B 1092 30.65 -93.05 -15.75
N ILE B 1093 31.48 -93.31 -16.75
CA ILE B 1093 31.00 -93.61 -18.08
C ILE B 1093 31.30 -95.02 -18.52
N GLY B 1094 32.58 -95.31 -18.72
CA GLY B 1094 32.96 -96.59 -19.30
C GLY B 1094 33.39 -97.58 -18.26
N ASP B 1095 34.24 -97.14 -17.35
CA ASP B 1095 34.59 -97.94 -16.19
C ASP B 1095 33.71 -97.49 -15.03
N CYS B 1096 33.07 -98.46 -14.38
CA CYS B 1096 32.19 -98.20 -13.25
C CYS B 1096 32.97 -98.18 -11.93
N ALA B 1097 34.22 -97.73 -12.00
CA ALA B 1097 35.22 -98.03 -10.98
C ALA B 1097 34.89 -97.40 -9.62
N CYS B 1098 34.25 -96.24 -9.59
CA CYS B 1098 33.98 -95.60 -8.30
C CYS B 1098 33.12 -96.51 -7.42
N PHE B 1099 31.96 -96.90 -7.95
CA PHE B 1099 31.05 -97.79 -7.23
C PHE B 1099 31.74 -99.12 -6.91
N CYS B 1100 32.33 -99.75 -7.92
CA CYS B 1100 32.91 -101.07 -7.74
C CYS B 1100 34.03 -101.04 -6.72
N ASP B 1101 34.83 -99.99 -6.72
CA ASP B 1101 35.95 -99.89 -5.77
C ASP B 1101 35.45 -99.65 -4.35
N THR B 1102 34.38 -98.88 -4.18
CA THR B 1102 33.82 -98.75 -2.84
C THR B 1102 33.31 -100.08 -2.32
N ILE B 1103 32.56 -100.81 -3.15
CA ILE B 1103 32.07 -102.12 -2.74
C ILE B 1103 33.23 -103.05 -2.46
N ALA B 1104 34.30 -102.94 -3.26
CA ALA B 1104 35.47 -103.80 -3.06
C ALA B 1104 36.18 -103.46 -1.76
N ALA B 1105 36.20 -102.18 -1.38
CA ALA B 1105 36.77 -101.82 -0.08
C ALA B 1105 35.98 -102.44 1.06
N TYR B 1106 34.65 -102.38 0.98
CA TYR B 1106 33.86 -103.02 2.03
C TYR B 1106 34.11 -104.52 2.06
N ALA B 1107 34.18 -105.15 0.89
CA ALA B 1107 34.45 -106.58 0.85
C ALA B 1107 35.83 -106.91 1.40
N HIS B 1108 36.80 -106.02 1.17
CA HIS B 1108 38.14 -106.22 1.72
C HIS B 1108 38.11 -106.18 3.24
N VAL B 1109 37.37 -105.23 3.81
CA VAL B 1109 37.23 -105.20 5.27
C VAL B 1109 36.58 -106.48 5.77
N CYS B 1110 35.51 -106.90 5.11
CA CYS B 1110 34.84 -108.15 5.49
C CYS B 1110 35.81 -109.33 5.45
N ALA B 1111 36.62 -109.41 4.40
CA ALA B 1111 37.59 -110.49 4.30
C ALA B 1111 38.60 -110.43 5.44
N GLN B 1112 39.04 -109.23 5.80
CA GLN B 1112 39.91 -109.10 6.97
C GLN B 1112 39.24 -109.66 8.21
N HIS B 1113 37.94 -109.45 8.36
CA HIS B 1113 37.22 -110.03 9.49
C HIS B 1113 36.78 -111.46 9.25
N GLY B 1114 37.37 -112.16 8.28
CA GLY B 1114 37.07 -113.56 8.04
C GLY B 1114 35.83 -113.82 7.22
N LYS B 1115 35.02 -112.81 6.94
CA LYS B 1115 33.81 -112.97 6.14
C LYS B 1115 34.13 -112.70 4.67
N VAL B 1116 34.64 -113.72 4.00
CA VAL B 1116 34.90 -113.62 2.57
C VAL B 1116 33.58 -113.61 1.81
N VAL B 1117 33.39 -112.62 0.96
CA VAL B 1117 32.11 -112.38 0.28
C VAL B 1117 32.34 -112.42 -1.23
N THR B 1118 31.49 -113.18 -1.92
CA THR B 1118 31.58 -113.34 -3.38
C THR B 1118 30.59 -112.39 -4.07
N TRP B 1119 30.93 -111.11 -4.05
CA TRP B 1119 29.98 -110.10 -4.51
C TRP B 1119 30.04 -109.84 -6.01
N ARG B 1120 31.10 -110.25 -6.70
CA ARG B 1120 31.19 -110.03 -8.14
C ARG B 1120 30.16 -110.88 -8.87
N THR B 1121 29.62 -110.32 -9.95
CA THR B 1121 28.75 -111.06 -10.86
C THR B 1121 29.02 -110.56 -12.27
N ALA B 1122 28.63 -111.37 -13.25
CA ALA B 1122 28.82 -110.97 -14.64
C ALA B 1122 28.07 -109.69 -14.98
N THR B 1123 27.00 -109.40 -14.26
CA THR B 1123 26.19 -108.21 -14.51
C THR B 1123 26.47 -107.08 -13.53
N LEU B 1124 27.35 -107.29 -12.56
CA LEU B 1124 27.67 -106.27 -11.57
C LEU B 1124 29.18 -106.28 -11.34
N CYS B 1125 29.85 -105.21 -11.76
CA CYS B 1125 31.28 -105.05 -11.55
C CYS B 1125 32.07 -106.30 -11.94
N PRO B 1126 31.90 -106.81 -13.16
CA PRO B 1126 32.61 -108.03 -13.54
C PRO B 1126 34.11 -107.81 -13.61
N GLN B 1127 34.84 -108.89 -13.34
CA GLN B 1127 36.29 -108.90 -13.48
C GLN B 1127 36.70 -110.20 -14.14
N SER B 1128 37.67 -110.11 -15.05
CA SER B 1128 38.15 -111.26 -15.79
C SER B 1128 39.66 -111.33 -15.73
N CYS B 1129 40.18 -112.55 -15.63
CA CYS B 1129 41.61 -112.80 -15.62
C CYS B 1129 42.05 -113.49 -16.90
N GLU B 1130 41.14 -113.73 -17.83
CA GLU B 1130 41.40 -114.45 -19.07
C GLU B 1130 42.49 -113.82 -19.92
N GLU B 1131 42.76 -112.52 -19.73
CA GLU B 1131 43.84 -111.88 -20.48
C GLU B 1131 45.19 -112.51 -20.18
N ARG B 1132 45.36 -113.05 -18.98
CA ARG B 1132 46.60 -113.71 -18.58
C ARG B 1132 46.66 -115.16 -19.06
N ASN B 1133 45.53 -115.74 -19.43
CA ASN B 1133 45.49 -117.12 -19.87
C ASN B 1133 45.68 -117.27 -21.39
N LEU B 1134 45.13 -116.37 -22.20
CA LEU B 1134 45.45 -116.34 -23.61
C LEU B 1134 46.90 -115.93 -23.83
N ARG B 1135 47.59 -116.68 -24.69
CA ARG B 1135 49.05 -116.69 -24.73
C ARG B 1135 49.49 -117.22 -26.08
N GLU B 1136 50.80 -117.15 -26.32
CA GLU B 1136 51.35 -117.56 -27.62
C GLU B 1136 51.25 -119.07 -27.82
N ASN B 1137 51.12 -119.82 -26.73
CA ASN B 1137 50.77 -121.23 -26.75
C ASN B 1137 49.35 -121.48 -27.23
N GLY B 1138 48.54 -120.44 -27.36
CA GLY B 1138 47.10 -120.57 -27.47
C GLY B 1138 46.39 -120.15 -26.19
N TYR B 1139 45.84 -121.10 -25.45
CA TYR B 1139 45.22 -120.77 -24.18
C TYR B 1139 45.59 -121.80 -23.13
N GLU B 1140 46.05 -121.33 -21.98
CA GLU B 1140 46.25 -122.18 -20.80
C GLU B 1140 45.76 -121.42 -19.59
N CYS B 1141 45.01 -122.08 -18.73
CA CYS B 1141 44.00 -121.44 -17.89
C CYS B 1141 44.36 -121.45 -16.40
N GLU B 1142 45.62 -121.14 -16.10
CA GLU B 1142 46.09 -121.15 -14.70
C GLU B 1142 45.50 -120.01 -13.87
N TRP B 1143 45.31 -118.83 -14.46
CA TRP B 1143 44.76 -117.70 -13.72
C TRP B 1143 43.23 -117.76 -13.59
N ARG B 1144 42.75 -117.61 -12.36
CA ARG B 1144 41.34 -117.41 -12.06
C ARG B 1144 41.17 -116.14 -11.26
N TYR B 1145 40.02 -115.48 -11.42
CA TYR B 1145 39.55 -114.62 -10.35
C TYR B 1145 39.17 -115.45 -9.13
N ASN B 1146 39.55 -114.97 -7.95
CA ASN B 1146 39.11 -115.54 -6.69
C ASN B 1146 38.62 -114.41 -5.80
N SER B 1147 37.53 -114.67 -5.07
CA SER B 1147 36.96 -113.64 -4.20
C SER B 1147 38.02 -113.06 -3.28
N CYS B 1148 38.81 -113.93 -2.65
CA CYS B 1148 40.06 -113.50 -2.05
C CYS B 1148 40.97 -114.72 -1.99
N ALA B 1149 42.23 -114.51 -2.32
CA ALA B 1149 43.25 -115.54 -2.28
C ALA B 1149 44.31 -115.17 -1.25
N PRO B 1150 45.09 -116.14 -0.77
CA PRO B 1150 46.17 -115.80 0.17
C PRO B 1150 47.09 -114.73 -0.42
N ALA B 1151 47.44 -113.75 0.40
CA ALA B 1151 47.95 -112.49 -0.12
C ALA B 1151 49.39 -112.64 -0.62
N CYS B 1152 50.22 -113.39 0.08
CA CYS B 1152 51.66 -113.30 -0.11
C CYS B 1152 52.23 -114.68 -0.42
N GLN B 1153 51.71 -115.29 -1.49
CA GLN B 1153 52.13 -116.61 -1.92
C GLN B 1153 53.63 -116.64 -2.20
N VAL B 1154 54.17 -117.86 -2.25
CA VAL B 1154 55.55 -118.07 -2.65
C VAL B 1154 55.63 -117.97 -4.17
N THR B 1155 56.74 -117.43 -4.66
CA THR B 1155 56.98 -117.28 -6.10
C THR B 1155 58.46 -117.43 -6.37
N CYS B 1156 58.81 -117.48 -7.65
CA CYS B 1156 60.21 -117.51 -8.04
C CYS B 1156 60.94 -116.25 -7.61
N GLN B 1157 60.23 -115.14 -7.41
CA GLN B 1157 60.83 -113.92 -6.91
C GLN B 1157 60.77 -113.80 -5.40
N HIS B 1158 59.88 -114.55 -4.75
CA HIS B 1158 59.76 -114.58 -3.30
C HIS B 1158 59.72 -116.04 -2.84
N PRO B 1159 60.82 -116.77 -3.02
CA PRO B 1159 60.82 -118.19 -2.63
C PRO B 1159 60.55 -118.41 -1.16
N GLU B 1160 61.04 -117.54 -0.30
CA GLU B 1160 60.80 -117.71 1.12
C GLU B 1160 59.45 -117.09 1.50
N PRO B 1161 58.75 -117.69 2.46
CA PRO B 1161 57.52 -117.06 2.96
C PRO B 1161 57.86 -115.84 3.79
N LEU B 1162 57.05 -114.79 3.62
CA LEU B 1162 57.28 -113.51 4.27
C LEU B 1162 55.99 -113.00 4.88
N ALA B 1163 56.06 -112.55 6.12
CA ALA B 1163 54.87 -112.07 6.81
C ALA B 1163 54.40 -110.75 6.19
N CYS B 1164 53.09 -110.61 6.05
CA CYS B 1164 52.51 -109.44 5.41
C CYS B 1164 51.14 -109.19 6.02
N PRO B 1165 50.66 -107.94 6.02
CA PRO B 1165 49.57 -107.57 6.93
C PRO B 1165 48.26 -108.28 6.66
N VAL B 1166 47.87 -108.45 5.41
CA VAL B 1166 46.52 -108.92 5.07
C VAL B 1166 46.60 -110.39 4.69
N GLN B 1167 45.69 -111.19 5.25
CA GLN B 1167 45.72 -112.63 5.00
C GLN B 1167 45.21 -112.97 3.61
N CYS B 1168 44.14 -112.30 3.16
CA CYS B 1168 43.43 -112.73 1.97
C CYS B 1168 42.99 -111.48 1.20
N VAL B 1169 43.27 -111.45 -0.10
CA VAL B 1169 43.00 -110.28 -0.94
C VAL B 1169 42.32 -110.72 -2.23
N GLU B 1170 41.42 -109.87 -2.72
CA GLU B 1170 40.71 -110.14 -3.96
C GLU B 1170 41.63 -109.97 -5.16
N GLY B 1171 41.31 -110.69 -6.24
CA GLY B 1171 41.95 -110.47 -7.52
C GLY B 1171 42.35 -111.74 -8.22
N CYS B 1172 43.01 -111.61 -9.37
CA CYS B 1172 43.50 -112.76 -10.12
C CYS B 1172 44.51 -113.56 -9.33
N HIS B 1173 44.31 -114.86 -9.26
CA HIS B 1173 45.17 -115.78 -8.54
C HIS B 1173 45.52 -116.93 -9.46
N ALA B 1174 46.81 -117.26 -9.54
CA ALA B 1174 47.27 -118.38 -10.36
C ALA B 1174 47.17 -119.68 -9.58
N HIS B 1175 46.37 -120.61 -10.07
CA HIS B 1175 46.21 -121.93 -9.48
C HIS B 1175 46.92 -122.96 -10.37
N CYS B 1176 47.83 -123.72 -9.78
CA CYS B 1176 48.65 -124.67 -10.52
C CYS B 1176 49.07 -125.80 -9.59
N PRO B 1177 49.56 -126.92 -10.14
CA PRO B 1177 49.62 -128.18 -9.36
C PRO B 1177 50.63 -128.13 -8.23
N PRO B 1178 50.68 -129.18 -7.40
CA PRO B 1178 51.64 -129.20 -6.29
C PRO B 1178 53.08 -129.17 -6.76
N GLY B 1179 53.95 -128.60 -5.92
CA GLY B 1179 55.36 -128.46 -6.23
C GLY B 1179 55.66 -127.44 -7.31
N LYS B 1180 54.65 -126.96 -8.02
CA LYS B 1180 54.82 -125.98 -9.09
C LYS B 1180 54.74 -124.58 -8.48
N ILE B 1181 55.57 -123.67 -8.99
CA ILE B 1181 55.73 -122.34 -8.42
C ILE B 1181 55.53 -121.29 -9.50
N LEU B 1182 54.85 -120.20 -9.14
CA LEU B 1182 54.66 -119.07 -10.03
C LEU B 1182 55.96 -118.30 -10.25
N ASP B 1183 56.20 -117.91 -11.49
CA ASP B 1183 57.20 -116.89 -11.82
C ASP B 1183 56.49 -115.59 -12.16
N GLU B 1184 56.77 -114.54 -11.37
CA GLU B 1184 56.11 -113.25 -11.58
C GLU B 1184 56.54 -112.57 -12.87
N LEU B 1185 57.77 -112.83 -13.35
CA LEU B 1185 58.18 -112.25 -14.62
C LEU B 1185 57.44 -112.91 -15.79
N LEU B 1186 57.24 -114.22 -15.72
CA LEU B 1186 56.48 -114.92 -16.74
C LEU B 1186 54.98 -114.82 -16.52
N GLN B 1187 54.55 -114.40 -15.34
CA GLN B 1187 53.16 -114.56 -14.90
C GLN B 1187 52.66 -115.98 -15.15
N THR B 1188 53.52 -116.95 -14.91
CA THR B 1188 53.31 -118.33 -15.31
C THR B 1188 53.92 -119.23 -14.23
N CYS B 1189 53.24 -120.33 -13.93
CA CYS B 1189 53.78 -121.34 -13.03
C CYS B 1189 54.92 -122.13 -13.69
N VAL B 1190 56.04 -122.28 -12.97
CA VAL B 1190 57.22 -122.99 -13.45
C VAL B 1190 57.82 -123.77 -12.29
N ASP B 1191 58.69 -124.74 -12.62
CA ASP B 1191 59.32 -125.55 -11.60
C ASP B 1191 60.19 -124.70 -10.68
N PRO B 1192 60.41 -125.16 -9.45
CA PRO B 1192 61.27 -124.39 -8.53
C PRO B 1192 62.66 -124.14 -9.07
N GLU B 1193 63.18 -125.05 -9.91
CA GLU B 1193 64.50 -124.90 -10.47
C GLU B 1193 64.54 -123.94 -11.66
N ASP B 1194 63.38 -123.50 -12.15
CA ASP B 1194 63.31 -122.64 -13.32
C ASP B 1194 63.38 -121.16 -12.97
N CYS B 1195 63.51 -120.81 -11.70
CA CYS B 1195 63.51 -119.41 -11.31
C CYS B 1195 64.70 -118.69 -11.93
N PRO B 1196 64.54 -117.44 -12.38
CA PRO B 1196 65.67 -116.72 -12.97
C PRO B 1196 66.67 -116.17 -11.95
N VAL B 1197 66.33 -116.17 -10.67
CA VAL B 1197 67.23 -115.67 -9.64
C VAL B 1197 67.30 -116.64 -8.47
N SER B 1262 66.06 -96.86 39.40
CA SER B 1262 67.10 -97.34 38.49
C SER B 1262 68.17 -96.28 38.27
N GLU B 1263 69.42 -96.74 38.08
CA GLU B 1263 70.58 -95.87 37.98
C GLU B 1263 70.67 -94.93 39.17
N PRO B 1264 70.98 -95.43 40.36
CA PRO B 1264 71.16 -94.55 41.53
C PRO B 1264 72.26 -93.53 41.35
N PRO B 1265 73.45 -93.88 40.75
CA PRO B 1265 74.59 -92.97 40.86
C PRO B 1265 74.48 -91.70 40.02
N LEU B 1266 73.29 -91.39 39.48
CA LEU B 1266 73.13 -90.13 38.75
C LEU B 1266 73.45 -88.93 39.62
N HIS B 1267 73.32 -89.06 40.93
CA HIS B 1267 73.71 -87.99 41.85
C HIS B 1267 73.95 -88.59 43.23
N ASP B 1268 74.66 -87.83 44.06
CA ASP B 1268 74.90 -88.25 45.44
C ASP B 1268 73.61 -88.38 46.22
N PHE B 1269 72.61 -87.57 45.90
CA PHE B 1269 71.30 -87.62 46.54
C PHE B 1269 70.37 -88.46 45.69
N TYR B 1270 69.90 -89.57 46.24
CA TYR B 1270 68.99 -90.47 45.53
C TYR B 1270 67.94 -90.93 46.53
N CYS B 1271 66.68 -90.81 46.14
CA CYS B 1271 65.56 -90.83 47.06
C CYS B 1271 64.68 -92.05 46.77
N SER B 1272 64.97 -93.15 47.47
CA SER B 1272 64.28 -94.42 47.28
C SER B 1272 63.29 -94.59 48.43
N ARG B 1273 62.07 -94.09 48.23
CA ARG B 1273 61.05 -94.16 49.27
C ARG B 1273 59.69 -93.93 48.62
N LEU B 1274 58.64 -94.26 49.36
CA LEU B 1274 57.28 -94.27 48.83
C LEU B 1274 56.77 -92.83 48.75
N LEU B 1275 56.58 -92.34 47.54
CA LEU B 1275 56.18 -90.95 47.33
C LEU B 1275 55.39 -90.82 46.04
N ASP B 1276 54.36 -89.97 46.05
CA ASP B 1276 53.67 -89.53 44.85
C ASP B 1276 53.85 -88.02 44.74
N LEU B 1277 54.36 -87.58 43.59
CA LEU B 1277 54.78 -86.19 43.43
C LEU B 1277 54.21 -85.59 42.16
N VAL B 1278 53.74 -84.34 42.25
CA VAL B 1278 53.25 -83.60 41.09
C VAL B 1278 53.95 -82.25 41.03
N PHE B 1279 54.48 -81.91 39.86
CA PHE B 1279 55.06 -80.60 39.60
C PHE B 1279 54.05 -79.74 38.84
N LEU B 1280 53.60 -78.65 39.44
CA LEU B 1280 52.65 -77.74 38.82
C LEU B 1280 53.40 -76.51 38.31
N LEU B 1281 53.49 -76.37 37.00
CA LEU B 1281 54.36 -75.36 36.37
C LEU B 1281 53.55 -74.20 35.84
N ASP B 1282 53.90 -72.99 36.26
CA ASP B 1282 53.19 -71.79 35.86
C ASP B 1282 53.48 -71.46 34.40
N GLY B 1283 52.46 -71.57 33.56
CA GLY B 1283 52.58 -71.29 32.15
C GLY B 1283 52.27 -69.87 31.75
N SER B 1284 52.18 -68.94 32.71
CA SER B 1284 51.88 -67.56 32.40
C SER B 1284 53.08 -66.86 31.76
N SER B 1285 52.80 -65.69 31.20
CA SER B 1285 53.82 -64.87 30.54
C SER B 1285 54.80 -64.25 31.53
N ARG B 1286 54.53 -64.34 32.84
CA ARG B 1286 55.46 -63.83 33.83
C ARG B 1286 56.77 -64.60 33.85
N LEU B 1287 56.81 -65.80 33.29
CA LEU B 1287 58.06 -66.44 32.92
C LEU B 1287 58.26 -66.32 31.41
N SER B 1288 59.40 -65.77 31.01
CA SER B 1288 59.80 -65.84 29.62
C SER B 1288 60.21 -67.27 29.27
N GLU B 1289 60.26 -67.56 27.97
CA GLU B 1289 60.61 -68.90 27.52
C GLU B 1289 61.95 -69.36 28.10
N ALA B 1290 62.93 -68.44 28.17
CA ALA B 1290 64.22 -68.81 28.76
C ALA B 1290 64.08 -69.22 30.22
N GLU B 1291 63.28 -68.45 30.97
CA GLU B 1291 63.04 -68.79 32.36
C GLU B 1291 62.29 -70.10 32.47
N PHE B 1292 61.33 -70.33 31.58
CA PHE B 1292 60.61 -71.59 31.62
C PHE B 1292 61.56 -72.74 31.33
N GLU B 1293 62.58 -72.51 30.50
CA GLU B 1293 63.56 -73.55 30.21
C GLU B 1293 64.36 -73.91 31.45
N VAL B 1294 64.79 -72.90 32.22
CA VAL B 1294 65.54 -73.25 33.42
C VAL B 1294 64.63 -73.90 34.46
N LEU B 1295 63.35 -73.52 34.49
CA LEU B 1295 62.40 -74.18 35.37
C LEU B 1295 62.21 -75.64 35.00
N LYS B 1296 62.17 -75.91 33.70
CA LYS B 1296 62.09 -77.28 33.22
C LYS B 1296 63.34 -78.07 33.59
N ALA B 1297 64.51 -77.44 33.49
CA ALA B 1297 65.74 -78.12 33.88
C ALA B 1297 65.74 -78.45 35.37
N PHE B 1298 65.18 -77.56 36.19
CA PHE B 1298 64.98 -77.81 37.61
C PHE B 1298 64.11 -79.04 37.85
N VAL B 1299 62.98 -79.13 37.15
CA VAL B 1299 62.15 -80.33 37.22
C VAL B 1299 62.94 -81.56 36.79
N VAL B 1300 63.74 -81.45 35.74
CA VAL B 1300 64.40 -82.62 35.17
C VAL B 1300 65.45 -83.15 36.12
N ASP B 1301 66.26 -82.27 36.72
CA ASP B 1301 67.27 -82.76 37.64
C ASP B 1301 66.64 -83.31 38.91
N MET B 1302 65.55 -82.72 39.38
CA MET B 1302 64.86 -83.33 40.52
C MET B 1302 64.38 -84.73 40.17
N MET B 1303 63.88 -84.93 38.95
CA MET B 1303 63.52 -86.28 38.53
C MET B 1303 64.75 -87.19 38.42
N GLU B 1304 65.91 -86.62 38.10
CA GLU B 1304 67.14 -87.39 38.19
C GLU B 1304 67.41 -87.85 39.62
N ARG B 1305 67.00 -87.07 40.61
CA ARG B 1305 67.29 -87.35 42.00
C ARG B 1305 66.18 -88.11 42.71
N LEU B 1306 65.19 -88.62 41.98
CA LEU B 1306 64.13 -89.45 42.53
C LEU B 1306 64.15 -90.83 41.88
N ARG B 1307 63.89 -91.86 42.69
CA ARG B 1307 63.82 -93.23 42.18
C ARG B 1307 62.48 -93.41 41.49
N ILE B 1308 62.46 -93.13 40.19
CA ILE B 1308 61.21 -93.12 39.43
C ILE B 1308 60.80 -94.56 39.12
N SER B 1309 59.60 -94.93 39.57
CA SER B 1309 58.98 -96.22 39.27
C SER B 1309 57.60 -96.23 39.93
N GLN B 1310 56.76 -97.18 39.52
CA GLN B 1310 55.49 -97.38 40.21
C GLN B 1310 55.73 -97.76 41.66
N LYS B 1311 56.74 -98.61 41.90
CA LYS B 1311 57.31 -98.73 43.23
C LYS B 1311 58.11 -97.47 43.56
N TRP B 1312 58.23 -97.17 44.85
CA TRP B 1312 58.97 -95.99 45.31
C TRP B 1312 58.27 -94.73 44.82
N VAL B 1313 58.90 -93.94 43.95
CA VAL B 1313 58.44 -92.58 43.66
C VAL B 1313 57.72 -92.57 42.33
N ARG B 1314 56.52 -91.99 42.31
CA ARG B 1314 55.77 -91.72 41.09
C ARG B 1314 55.70 -90.21 40.87
N VAL B 1315 55.97 -89.77 39.64
CA VAL B 1315 56.09 -88.35 39.32
C VAL B 1315 55.09 -88.01 38.23
N ALA B 1316 54.47 -86.84 38.37
CA ALA B 1316 53.63 -86.27 37.32
C ALA B 1316 54.02 -84.80 37.13
N VAL B 1317 53.85 -84.33 35.90
CA VAL B 1317 54.21 -82.97 35.52
C VAL B 1317 53.00 -82.32 34.89
N VAL B 1318 52.67 -81.12 35.35
CA VAL B 1318 51.43 -80.45 34.95
C VAL B 1318 51.72 -78.97 34.74
N GLU B 1319 51.62 -78.51 33.50
CA GLU B 1319 51.63 -77.08 33.21
C GLU B 1319 50.21 -76.54 33.29
N TYR B 1320 50.05 -75.41 33.97
CA TYR B 1320 48.77 -74.72 34.04
C TYR B 1320 48.88 -73.36 33.37
N HIS B 1321 48.03 -73.11 32.39
CA HIS B 1321 48.01 -71.85 31.66
C HIS B 1321 46.57 -71.40 31.45
N ASP B 1322 45.80 -71.38 32.53
CA ASP B 1322 44.35 -71.26 32.61
C ASP B 1322 43.69 -72.60 32.29
N GLY B 1323 44.46 -73.59 31.86
CA GLY B 1323 43.98 -74.95 31.81
C GLY B 1323 45.14 -75.87 32.16
N SER B 1324 44.80 -76.99 32.79
CA SER B 1324 45.80 -77.85 33.41
C SER B 1324 46.34 -78.84 32.39
N HIS B 1325 47.38 -78.44 31.68
CA HIS B 1325 48.05 -79.28 30.69
C HIS B 1325 48.97 -80.28 31.37
N ALA B 1326 48.53 -81.52 31.50
CA ALA B 1326 49.34 -82.58 32.07
C ALA B 1326 50.22 -83.22 30.99
N TYR B 1327 51.52 -83.31 31.25
CA TYR B 1327 52.45 -83.97 30.35
C TYR B 1327 52.85 -85.36 30.81
N ILE B 1328 52.89 -85.59 32.12
CA ILE B 1328 53.19 -86.91 32.68
C ILE B 1328 52.18 -87.21 33.77
N GLY B 1329 51.66 -88.43 33.77
CA GLY B 1329 50.75 -88.87 34.81
C GLY B 1329 51.38 -89.92 35.69
N LEU B 1330 50.88 -90.04 36.92
CA LEU B 1330 51.46 -91.02 37.85
C LEU B 1330 51.26 -92.45 37.38
N LYS B 1331 50.29 -92.69 36.49
CA LYS B 1331 50.06 -94.03 35.97
C LYS B 1331 51.00 -94.39 34.82
N ASP B 1332 51.73 -93.43 34.27
CA ASP B 1332 52.58 -93.69 33.12
C ASP B 1332 53.65 -94.72 33.48
N ARG B 1333 53.75 -95.76 32.65
CA ARG B 1333 54.69 -96.85 32.88
C ARG B 1333 56.02 -96.65 32.17
N LYS B 1334 56.25 -95.48 31.56
CA LYS B 1334 57.45 -95.26 30.78
C LYS B 1334 58.68 -95.23 31.69
N ARG B 1335 59.83 -95.55 31.09
CA ARG B 1335 61.06 -95.67 31.84
C ARG B 1335 61.54 -94.30 32.33
N PRO B 1336 62.34 -94.27 33.40
CA PRO B 1336 62.76 -92.97 33.95
C PRO B 1336 63.45 -92.06 32.94
N SER B 1337 64.27 -92.62 32.06
CA SER B 1337 64.92 -91.79 31.05
C SER B 1337 63.90 -91.16 30.12
N GLU B 1338 62.91 -91.94 29.69
CA GLU B 1338 61.86 -91.40 28.83
C GLU B 1338 61.06 -90.32 29.55
N LEU B 1339 60.78 -90.53 30.84
CA LEU B 1339 60.04 -89.53 31.61
C LEU B 1339 60.84 -88.24 31.74
N ARG B 1340 62.15 -88.35 31.98
CA ARG B 1340 62.99 -87.17 32.05
C ARG B 1340 63.03 -86.45 30.70
N ARG B 1341 63.08 -87.21 29.61
CA ARG B 1341 63.02 -86.60 28.29
C ARG B 1341 61.72 -85.83 28.09
N ILE B 1342 60.60 -86.44 28.48
CA ILE B 1342 59.30 -85.78 28.34
C ILE B 1342 59.26 -84.50 29.15
N ALA B 1343 59.77 -84.55 30.37
CA ALA B 1343 59.81 -83.34 31.20
C ALA B 1343 60.69 -82.27 30.56
N SER B 1344 61.83 -82.68 30.00
CA SER B 1344 62.72 -81.73 29.37
C SER B 1344 62.08 -81.09 28.15
N GLN B 1345 61.16 -81.79 27.49
CA GLN B 1345 60.53 -81.28 26.28
C GLN B 1345 59.12 -80.74 26.53
N VAL B 1346 58.81 -80.35 27.76
CA VAL B 1346 57.56 -79.65 28.04
C VAL B 1346 57.55 -78.31 27.31
N LYS B 1347 56.46 -78.01 26.62
CA LYS B 1347 56.40 -76.79 25.85
C LYS B 1347 56.05 -75.60 26.73
N TYR B 1348 56.20 -74.41 26.17
CA TYR B 1348 55.98 -73.15 26.87
C TYR B 1348 54.72 -72.50 26.34
N ALA B 1349 53.79 -72.16 27.24
CA ALA B 1349 52.52 -71.58 26.83
C ALA B 1349 52.58 -70.06 26.79
N GLY B 1350 52.98 -69.43 27.89
CA GLY B 1350 53.04 -67.98 27.92
C GLY B 1350 51.71 -67.29 27.94
N SER B 1351 50.74 -67.82 28.69
CA SER B 1351 49.44 -67.20 28.79
C SER B 1351 49.51 -65.92 29.60
N GLN B 1352 48.56 -65.03 29.38
CA GLN B 1352 48.50 -63.82 30.18
C GLN B 1352 47.92 -64.07 31.57
N VAL B 1353 47.20 -65.17 31.76
CA VAL B 1353 46.66 -65.55 33.07
C VAL B 1353 46.90 -67.03 33.26
N ALA B 1354 47.20 -67.44 34.49
CA ALA B 1354 47.36 -68.85 34.83
C ALA B 1354 46.65 -69.09 36.16
N SER B 1355 45.37 -69.46 36.08
CA SER B 1355 44.56 -69.68 37.28
C SER B 1355 45.16 -70.73 38.19
N THR B 1356 45.59 -70.31 39.37
CA THR B 1356 46.20 -71.20 40.35
C THR B 1356 45.14 -72.03 41.06
N SER B 1357 44.00 -71.43 41.38
CA SER B 1357 42.89 -72.19 41.93
C SER B 1357 42.42 -73.26 40.96
N GLU B 1358 42.48 -72.98 39.66
CA GLU B 1358 42.05 -73.98 38.68
C GLU B 1358 42.96 -75.19 38.68
N VAL B 1359 44.27 -75.00 38.81
CA VAL B 1359 45.15 -76.16 38.84
C VAL B 1359 45.06 -76.90 40.17
N LEU B 1360 44.78 -76.19 41.26
CA LEU B 1360 44.45 -76.90 42.50
C LEU B 1360 43.19 -77.74 42.35
N LYS B 1361 42.18 -77.22 41.65
CA LYS B 1361 40.98 -78.00 41.38
C LYS B 1361 41.31 -79.22 40.53
N TYR B 1362 42.10 -79.03 39.49
CA TYR B 1362 42.49 -80.14 38.63
C TYR B 1362 43.19 -81.23 39.41
N THR B 1363 44.22 -80.88 40.17
CA THR B 1363 44.95 -81.91 40.88
C THR B 1363 44.07 -82.61 41.91
N LEU B 1364 43.18 -81.85 42.56
CA LEU B 1364 42.30 -82.41 43.58
C LEU B 1364 41.32 -83.41 43.00
N PHE B 1365 40.64 -83.05 41.91
CA PHE B 1365 39.54 -83.87 41.43
C PHE B 1365 39.95 -84.84 40.34
N GLN B 1366 41.06 -84.61 39.64
CA GLN B 1366 41.44 -85.45 38.53
C GLN B 1366 42.74 -86.20 38.76
N ILE B 1367 43.74 -85.61 39.43
CA ILE B 1367 44.97 -86.36 39.67
C ILE B 1367 44.79 -87.31 40.84
N PHE B 1368 44.51 -86.76 42.01
CA PHE B 1368 44.23 -87.55 43.20
C PHE B 1368 42.77 -87.93 43.31
N SER B 1369 42.15 -88.31 42.20
CA SER B 1369 40.74 -88.71 42.21
C SER B 1369 40.53 -89.92 43.12
N LYS B 1370 41.43 -90.89 43.04
CA LYS B 1370 41.40 -92.06 43.91
C LYS B 1370 42.79 -92.27 44.47
N ILE B 1371 42.86 -92.49 45.79
CA ILE B 1371 44.13 -92.71 46.47
C ILE B 1371 44.50 -94.18 46.35
N ASP B 1372 45.22 -94.53 45.29
CA ASP B 1372 45.58 -95.92 45.06
C ASP B 1372 46.81 -96.35 45.84
N ARG B 1373 47.54 -95.43 46.45
CA ARG B 1373 48.69 -95.72 47.30
C ARG B 1373 48.52 -94.98 48.62
N PRO B 1374 47.57 -95.40 49.45
CA PRO B 1374 47.36 -94.70 50.73
C PRO B 1374 48.57 -94.73 51.64
N GLU B 1375 49.44 -95.74 51.50
CA GLU B 1375 50.65 -95.78 52.32
C GLU B 1375 51.71 -94.80 51.85
N ALA B 1376 51.65 -94.35 50.60
CA ALA B 1376 52.64 -93.46 50.05
C ALA B 1376 52.28 -92.00 50.32
N SER B 1377 53.31 -91.18 50.49
CA SER B 1377 53.11 -89.75 50.68
C SER B 1377 52.73 -89.09 49.37
N ARG B 1378 51.82 -88.11 49.44
CA ARG B 1378 51.29 -87.43 48.27
C ARG B 1378 51.63 -85.94 48.37
N ILE B 1379 52.39 -85.42 47.40
CA ILE B 1379 52.95 -84.07 47.49
C ILE B 1379 52.82 -83.38 46.15
N ALA B 1380 52.60 -82.06 46.18
CA ALA B 1380 52.51 -81.23 44.99
C ALA B 1380 53.36 -79.98 45.16
N LEU B 1381 54.19 -79.66 44.15
CA LEU B 1381 54.88 -78.38 44.08
C LEU B 1381 54.04 -77.40 43.29
N LEU B 1382 53.32 -76.52 43.98
CA LEU B 1382 52.67 -75.39 43.32
C LEU B 1382 53.67 -74.25 43.11
N LEU B 1383 54.61 -74.48 42.21
CA LEU B 1383 55.53 -73.42 41.84
C LEU B 1383 54.82 -72.42 40.94
N MET B 1384 54.96 -71.14 41.24
CA MET B 1384 54.06 -70.13 40.71
C MET B 1384 54.76 -68.79 40.62
N ALA B 1385 54.41 -68.03 39.58
CA ALA B 1385 55.13 -66.80 39.27
C ALA B 1385 54.19 -65.67 38.87
N SER B 1386 52.89 -65.81 39.09
CA SER B 1386 51.93 -64.84 38.57
C SER B 1386 50.78 -64.65 39.54
N GLN B 1387 50.15 -63.48 39.43
CA GLN B 1387 48.84 -63.22 40.02
C GLN B 1387 47.75 -63.90 39.19
N GLU B 1388 46.57 -64.02 39.79
CA GLU B 1388 45.36 -64.35 39.07
C GLU B 1388 44.28 -63.33 39.42
N PRO B 1389 43.37 -63.04 38.49
CA PRO B 1389 42.26 -62.13 38.80
C PRO B 1389 41.48 -62.59 40.02
N GLN B 1390 41.04 -61.62 40.82
CA GLN B 1390 40.41 -61.94 42.10
C GLN B 1390 39.18 -62.83 41.92
N ARG B 1391 38.41 -62.60 40.86
CA ARG B 1391 37.20 -63.40 40.64
C ARG B 1391 37.52 -64.88 40.48
N MET B 1392 38.73 -65.22 40.05
CA MET B 1392 39.11 -66.60 39.86
C MET B 1392 39.71 -67.25 41.11
N SER B 1393 39.95 -66.47 42.16
CA SER B 1393 40.58 -66.96 43.37
C SER B 1393 39.58 -67.34 44.46
N ARG B 1394 38.28 -67.35 44.14
CA ARG B 1394 37.27 -67.44 45.19
C ARG B 1394 37.21 -68.82 45.82
N ASN B 1395 37.53 -69.87 45.09
CA ASN B 1395 37.47 -71.24 45.61
C ASN B 1395 38.84 -71.79 45.96
N PHE B 1396 39.85 -70.94 46.05
CA PHE B 1396 41.22 -71.39 46.30
C PHE B 1396 41.31 -72.11 47.64
N VAL B 1397 40.81 -71.49 48.71
CA VAL B 1397 40.91 -72.06 50.04
C VAL B 1397 40.16 -73.39 50.10
N ARG B 1398 39.01 -73.48 49.44
CA ARG B 1398 38.26 -74.72 49.43
C ARG B 1398 39.09 -75.86 48.84
N TYR B 1399 39.75 -75.60 47.71
CA TYR B 1399 40.54 -76.64 47.05
C TYR B 1399 41.75 -77.04 47.89
N VAL B 1400 42.44 -76.07 48.49
CA VAL B 1400 43.60 -76.45 49.28
C VAL B 1400 43.17 -77.23 50.52
N GLN B 1401 42.04 -76.86 51.12
CA GLN B 1401 41.55 -77.62 52.27
C GLN B 1401 41.12 -79.02 51.86
N GLY B 1402 40.51 -79.16 50.68
CA GLY B 1402 40.19 -80.49 50.18
C GLY B 1402 41.42 -81.33 49.97
N LEU B 1403 42.49 -80.72 49.44
CA LEU B 1403 43.76 -81.43 49.29
C LEU B 1403 44.31 -81.85 50.64
N LYS B 1404 44.15 -81.01 51.66
CA LYS B 1404 44.57 -81.38 53.01
C LYS B 1404 43.77 -82.57 53.51
N LYS B 1405 42.46 -82.57 53.27
CA LYS B 1405 41.62 -83.67 53.71
C LYS B 1405 42.02 -84.99 53.06
N LYS B 1406 42.56 -84.94 51.86
CA LYS B 1406 43.17 -86.12 51.23
C LYS B 1406 44.62 -86.30 51.64
N LYS B 1407 45.13 -85.46 52.54
CA LYS B 1407 46.53 -85.50 52.97
C LYS B 1407 47.48 -85.41 51.79
N VAL B 1408 47.14 -84.57 50.82
CA VAL B 1408 48.06 -84.18 49.76
C VAL B 1408 48.77 -82.91 50.17
N ILE B 1409 50.08 -82.99 50.40
CA ILE B 1409 50.88 -81.83 50.76
C ILE B 1409 51.01 -80.92 49.55
N VAL B 1410 50.84 -79.62 49.76
CA VAL B 1410 51.10 -78.63 48.71
C VAL B 1410 52.20 -77.69 49.16
N ILE B 1411 53.29 -77.67 48.40
CA ILE B 1411 54.49 -76.89 48.69
C ILE B 1411 54.58 -75.75 47.69
N PRO B 1412 54.06 -74.57 47.99
CA PRO B 1412 54.18 -73.45 47.05
C PRO B 1412 55.62 -73.00 46.92
N VAL B 1413 56.05 -72.81 45.68
CA VAL B 1413 57.38 -72.28 45.39
C VAL B 1413 57.20 -71.00 44.57
N GLY B 1414 56.92 -69.90 45.26
CA GLY B 1414 56.77 -68.62 44.59
C GLY B 1414 58.08 -68.15 43.98
N ILE B 1415 57.99 -67.54 42.80
CA ILE B 1415 59.17 -67.06 42.07
C ILE B 1415 58.88 -65.67 41.50
N GLY B 1416 59.77 -64.73 41.77
CA GLY B 1416 59.72 -63.41 41.19
C GLY B 1416 58.75 -62.46 41.83
N PRO B 1417 58.84 -61.17 41.47
CA PRO B 1417 58.00 -60.16 42.13
C PRO B 1417 56.52 -60.35 41.89
N HIS B 1418 56.14 -60.95 40.76
CA HIS B 1418 54.75 -61.13 40.39
C HIS B 1418 54.10 -62.35 41.03
N ALA B 1419 54.83 -63.14 41.82
CA ALA B 1419 54.21 -64.25 42.53
C ALA B 1419 53.10 -63.75 43.44
N ASN B 1420 51.99 -64.49 43.48
CA ASN B 1420 50.87 -64.18 44.38
C ASN B 1420 51.19 -64.66 45.79
N LEU B 1421 51.93 -63.81 46.51
CA LEU B 1421 52.30 -64.12 47.90
C LEU B 1421 51.09 -64.39 48.78
N LYS B 1422 49.97 -63.73 48.54
CA LYS B 1422 48.77 -63.92 49.36
C LYS B 1422 48.29 -65.36 49.30
N GLN B 1423 48.22 -65.93 48.10
CA GLN B 1423 47.81 -67.33 47.94
C GLN B 1423 48.81 -68.27 48.60
N ILE B 1424 50.09 -67.89 48.57
CA ILE B 1424 51.14 -68.68 49.22
C ILE B 1424 50.93 -68.71 50.73
N ARG B 1425 50.70 -67.55 51.34
CA ARG B 1425 50.47 -67.51 52.78
C ARG B 1425 49.18 -68.23 53.15
N LEU B 1426 48.16 -68.12 52.31
CA LEU B 1426 46.92 -68.86 52.56
C LEU B 1426 47.17 -70.36 52.55
N ILE B 1427 47.98 -70.85 51.62
CA ILE B 1427 48.37 -72.27 51.65
C ILE B 1427 49.11 -72.61 52.93
N GLU B 1428 50.05 -71.75 53.33
CA GLU B 1428 50.83 -72.04 54.54
C GLU B 1428 49.94 -72.12 55.77
N LYS B 1429 48.88 -71.31 55.82
CA LYS B 1429 48.02 -71.28 56.99
C LYS B 1429 47.25 -72.59 57.19
N GLN B 1430 47.12 -73.40 56.13
CA GLN B 1430 46.30 -74.61 56.23
C GLN B 1430 47.00 -75.71 57.00
N ALA B 1431 48.31 -75.88 56.81
CA ALA B 1431 49.01 -76.97 57.48
C ALA B 1431 50.48 -76.61 57.62
N PRO B 1432 51.14 -77.00 58.71
CA PRO B 1432 52.57 -76.66 58.84
C PRO B 1432 53.45 -77.27 57.77
N GLU B 1433 53.14 -78.49 57.31
CA GLU B 1433 53.98 -79.15 56.32
C GLU B 1433 53.88 -78.47 54.95
N ASN B 1434 52.88 -77.63 54.75
CA ASN B 1434 52.78 -76.83 53.52
C ASN B 1434 53.63 -75.58 53.59
N LYS B 1435 54.90 -75.73 53.93
CA LYS B 1435 55.78 -74.57 54.09
C LYS B 1435 56.21 -74.04 52.72
N ALA B 1436 56.32 -72.73 52.61
CA ALA B 1436 56.50 -72.06 51.34
C ALA B 1436 57.98 -71.79 51.06
N PHE B 1437 58.33 -71.86 49.78
CA PHE B 1437 59.60 -71.34 49.27
C PHE B 1437 59.29 -70.12 48.42
N VAL B 1438 60.02 -69.03 48.66
CA VAL B 1438 59.86 -67.81 47.87
C VAL B 1438 61.23 -67.46 47.29
N LEU B 1439 61.29 -67.35 45.96
CA LEU B 1439 62.54 -67.19 45.24
C LEU B 1439 62.56 -65.86 44.52
N SER B 1440 63.75 -65.24 44.46
CA SER B 1440 63.91 -64.01 43.71
C SER B 1440 63.66 -64.23 42.21
N SER B 1441 64.17 -65.33 41.68
CA SER B 1441 64.04 -65.62 40.25
C SER B 1441 64.25 -67.10 40.03
N VAL B 1442 63.85 -67.57 38.85
CA VAL B 1442 63.93 -68.99 38.51
C VAL B 1442 65.35 -69.53 38.61
N ASP B 1443 66.37 -68.70 38.42
CA ASP B 1443 67.72 -69.22 38.55
C ASP B 1443 68.06 -69.58 40.00
N GLU B 1444 67.30 -69.07 40.97
CA GLU B 1444 67.49 -69.47 42.36
C GLU B 1444 67.02 -70.90 42.61
N LEU B 1445 66.28 -71.49 41.67
CA LEU B 1445 65.94 -72.91 41.77
C LEU B 1445 67.17 -73.78 41.84
N GLU B 1446 68.21 -73.42 41.09
CA GLU B 1446 69.47 -74.16 41.14
C GLU B 1446 70.06 -74.19 42.54
N GLN B 1447 69.82 -73.12 43.32
CA GLN B 1447 70.34 -73.05 44.67
C GLN B 1447 69.41 -73.76 45.66
N GLN B 1448 68.10 -73.68 45.44
CA GLN B 1448 67.14 -74.24 46.36
C GLN B 1448 66.90 -75.73 46.17
N ARG B 1449 67.39 -76.28 45.05
CA ARG B 1449 67.05 -77.66 44.67
C ARG B 1449 67.43 -78.67 45.75
N ASP B 1450 68.63 -78.55 46.30
CA ASP B 1450 69.12 -79.55 47.24
C ASP B 1450 68.21 -79.65 48.47
N GLU B 1451 67.93 -78.52 49.10
CA GLU B 1451 67.07 -78.59 50.28
C GLU B 1451 65.62 -78.89 49.92
N ILE B 1452 65.18 -78.51 48.72
CA ILE B 1452 63.82 -78.88 48.31
C ILE B 1452 63.68 -80.40 48.21
N VAL B 1453 64.64 -81.07 47.57
CA VAL B 1453 64.56 -82.52 47.48
C VAL B 1453 64.73 -83.16 48.85
N SER B 1454 65.61 -82.59 49.68
CA SER B 1454 65.77 -83.10 51.04
C SER B 1454 64.45 -83.04 51.81
N TYR B 1455 63.75 -81.91 51.73
CA TYR B 1455 62.47 -81.76 52.40
C TYR B 1455 61.44 -82.74 51.85
N LEU B 1456 61.37 -82.86 50.51
CA LEU B 1456 60.42 -83.79 49.90
C LEU B 1456 60.64 -85.21 50.39
N CYS B 1457 61.89 -85.63 50.49
CA CYS B 1457 62.16 -87.00 50.92
C CYS B 1457 62.05 -87.15 52.43
N ASP B 1458 62.19 -86.06 53.18
CA ASP B 1458 61.85 -86.08 54.60
C ASP B 1458 60.35 -86.30 54.80
N LEU B 1459 59.54 -85.76 53.89
CA LEU B 1459 58.09 -85.91 53.99
C LEU B 1459 57.58 -87.22 53.41
N ALA B 1460 58.45 -88.21 53.19
CA ALA B 1460 58.01 -89.48 52.63
C ALA B 1460 58.54 -90.64 53.45
N PRO B 1461 57.74 -91.71 53.61
CA PRO B 1461 58.19 -92.87 54.38
C PRO B 1461 58.93 -93.88 53.51
N GLU B 1462 59.70 -94.72 54.18
CA GLU B 1462 60.42 -95.81 53.53
C GLU B 1462 59.50 -97.02 53.38
N ALA B 1463 60.01 -98.06 52.71
CA ALA B 1463 59.26 -99.28 52.50
C ALA B 1463 59.03 -100.01 53.82
N SER C 31 170.97 25.82 -85.13
CA SER C 31 170.97 24.86 -84.03
C SER C 31 169.74 25.01 -83.15
N THR C 32 169.75 26.05 -82.31
CA THR C 32 168.66 26.32 -81.39
C THR C 32 168.78 27.76 -80.92
N ALA C 33 167.65 28.43 -80.76
CA ALA C 33 167.60 29.82 -80.35
C ALA C 33 167.63 29.95 -78.84
N ARG C 34 167.85 31.17 -78.36
CA ARG C 34 167.81 31.47 -76.94
C ARG C 34 167.14 32.82 -76.73
N CYS C 35 166.21 32.88 -75.79
CA CYS C 35 165.59 34.11 -75.38
C CYS C 35 165.73 34.25 -73.87
N SER C 36 165.90 35.48 -73.41
CA SER C 36 166.17 35.71 -72.00
C SER C 36 165.44 36.94 -71.54
N LEU C 37 164.86 36.86 -70.34
CA LEU C 37 164.32 38.01 -69.64
C LEU C 37 165.08 38.10 -68.32
N PHE C 38 165.88 39.14 -68.16
CA PHE C 38 166.92 39.18 -67.16
C PHE C 38 166.98 40.56 -66.52
N GLY C 39 167.69 40.63 -65.41
CA GLY C 39 167.77 41.88 -64.71
C GLY C 39 166.41 42.26 -64.15
N SER C 40 166.25 43.55 -63.88
CA SER C 40 165.00 44.03 -63.34
C SER C 40 163.91 44.04 -64.42
N ASP C 41 164.19 44.66 -65.56
CA ASP C 41 163.14 44.91 -66.55
C ASP C 41 163.64 44.71 -67.98
N PHE C 42 164.55 43.79 -68.23
CA PHE C 42 165.18 43.69 -69.53
C PHE C 42 164.80 42.40 -70.24
N VAL C 43 164.88 42.43 -71.57
CA VAL C 43 164.54 41.29 -72.41
C VAL C 43 165.60 41.16 -73.49
N ASN C 44 165.83 39.93 -73.94
CA ASN C 44 166.71 39.65 -75.06
C ASN C 44 166.00 38.68 -75.99
N THR C 45 165.88 39.05 -77.26
CA THR C 45 165.11 38.29 -78.22
C THR C 45 165.91 37.13 -78.78
N PHE C 46 165.24 36.28 -79.56
CA PHE C 46 165.91 35.15 -80.19
C PHE C 46 167.00 35.61 -81.14
N ASP C 47 166.78 36.73 -81.84
CA ASP C 47 167.71 37.19 -82.85
C ASP C 47 168.70 38.23 -82.33
N GLY C 48 168.68 38.51 -81.04
CA GLY C 48 169.65 39.39 -80.44
C GLY C 48 169.16 40.78 -80.11
N SER C 49 168.02 41.20 -80.61
CA SER C 49 167.47 42.49 -80.22
C SER C 49 167.23 42.50 -78.73
N MET C 50 167.60 43.60 -78.09
CA MET C 50 167.60 43.67 -76.64
C MET C 50 167.01 45.00 -76.20
N TYR C 51 166.13 44.95 -75.21
CA TYR C 51 165.38 46.14 -74.81
C TYR C 51 164.89 45.95 -73.38
N SER C 52 164.27 47.01 -72.86
CA SER C 52 163.70 47.01 -71.52
C SER C 52 162.18 47.09 -71.58
N PHE C 53 161.53 46.37 -70.68
CA PHE C 53 160.07 46.44 -70.57
C PHE C 53 159.68 46.09 -69.15
N ALA C 54 158.97 47.01 -68.49
CA ALA C 54 158.46 46.79 -67.13
C ALA C 54 156.97 46.48 -67.22
N GLY C 55 156.65 45.22 -67.45
CA GLY C 55 155.28 44.82 -67.63
C GLY C 55 154.49 44.82 -66.33
N TYR C 56 153.17 44.95 -66.49
CA TYR C 56 152.25 44.90 -65.37
C TYR C 56 151.20 43.80 -65.55
N CYS C 57 151.34 42.99 -66.59
CA CYS C 57 150.40 41.91 -66.87
C CYS C 57 151.20 40.71 -67.35
N SER C 58 150.52 39.74 -67.95
CA SER C 58 151.16 38.58 -68.56
C SER C 58 151.29 38.78 -70.06
N TYR C 59 152.42 38.36 -70.61
CA TYR C 59 152.73 38.61 -72.00
C TYR C 59 153.24 37.35 -72.67
N LEU C 60 152.98 37.24 -73.97
CA LEU C 60 153.45 36.10 -74.73
C LEU C 60 154.94 36.26 -75.02
N LEU C 61 155.75 35.34 -74.50
CA LEU C 61 157.18 35.37 -74.79
C LEU C 61 157.49 34.69 -76.12
N ALA C 62 156.90 33.52 -76.36
CA ALA C 62 157.13 32.82 -77.60
C ALA C 62 155.99 31.83 -77.82
N GLY C 63 155.87 31.36 -79.04
CA GLY C 63 154.86 30.38 -79.36
C GLY C 63 154.62 30.32 -80.84
N GLY C 64 153.92 29.27 -81.25
CA GLY C 64 153.47 29.15 -82.61
C GLY C 64 152.67 30.38 -82.99
N CYS C 65 153.05 31.05 -84.08
CA CYS C 65 152.60 32.42 -84.25
C CYS C 65 151.36 32.50 -85.13
N GLN C 66 151.21 31.58 -86.08
CA GLN C 66 149.95 31.40 -86.80
C GLN C 66 149.09 30.32 -86.15
N LYS C 67 149.62 29.11 -86.04
CA LYS C 67 148.95 28.01 -85.36
C LYS C 67 149.68 27.78 -84.03
N ARG C 68 149.07 28.25 -82.94
CA ARG C 68 149.72 28.28 -81.64
C ARG C 68 149.45 26.97 -80.90
N SER C 69 150.27 25.97 -81.22
CA SER C 69 150.18 24.68 -80.52
C SER C 69 150.56 24.81 -79.07
N PHE C 70 151.47 25.74 -78.74
CA PHE C 70 151.84 25.98 -77.36
C PHE C 70 152.14 27.46 -77.19
N SER C 71 152.06 27.92 -75.94
CA SER C 71 152.31 29.32 -75.64
C SER C 71 153.17 29.41 -74.41
N ILE C 72 154.26 30.15 -74.49
CA ILE C 72 155.11 30.44 -73.35
C ILE C 72 154.79 31.85 -72.89
N ILE C 73 154.36 31.99 -71.64
CA ILE C 73 153.79 33.24 -71.15
C ILE C 73 154.55 33.68 -69.92
N GLY C 74 155.09 34.89 -69.96
CA GLY C 74 155.76 35.48 -68.82
C GLY C 74 154.82 36.39 -68.06
N ASP C 75 154.75 36.19 -66.75
CA ASP C 75 153.85 36.94 -65.89
C ASP C 75 154.66 37.96 -65.10
N PHE C 76 154.17 39.19 -65.05
CA PHE C 76 154.81 40.27 -64.33
C PHE C 76 153.89 40.77 -63.23
N GLN C 77 154.47 41.51 -62.30
CA GLN C 77 153.69 42.15 -61.24
C GLN C 77 154.47 43.35 -60.74
N ASN C 78 153.90 44.54 -60.87
CA ASN C 78 154.54 45.78 -60.47
C ASN C 78 155.89 45.94 -61.14
N GLY C 79 155.97 45.53 -62.41
CA GLY C 79 157.18 45.64 -63.17
C GLY C 79 158.13 44.47 -63.03
N LYS C 80 158.01 43.69 -61.96
CA LYS C 80 158.91 42.59 -61.72
C LYS C 80 158.30 41.28 -62.22
N ARG C 81 159.17 40.34 -62.57
CA ARG C 81 158.74 39.03 -63.03
C ARG C 81 158.34 38.17 -61.85
N VAL C 82 157.28 37.37 -62.03
CA VAL C 82 156.78 36.53 -60.94
C VAL C 82 156.63 35.07 -61.34
N SER C 83 156.48 34.73 -62.62
CA SER C 83 156.30 33.34 -62.99
C SER C 83 156.51 33.20 -64.48
N LEU C 84 156.71 31.95 -64.91
CA LEU C 84 156.87 31.60 -66.31
C LEU C 84 155.87 30.50 -66.61
N SER C 85 154.78 30.85 -67.30
CA SER C 85 153.71 29.92 -67.56
C SER C 85 153.82 29.35 -68.97
N VAL C 86 153.25 28.18 -69.15
CA VAL C 86 153.21 27.52 -70.45
C VAL C 86 151.82 26.95 -70.64
N TYR C 87 151.27 27.11 -71.84
CA TYR C 87 149.97 26.57 -72.21
C TYR C 87 150.16 25.72 -73.45
N LEU C 88 149.59 24.51 -73.43
CA LEU C 88 149.72 23.59 -74.55
C LEU C 88 148.53 23.65 -75.49
N GLY C 89 147.79 24.74 -75.50
CA GLY C 89 146.63 24.80 -76.37
C GLY C 89 145.34 24.59 -75.63
N GLU C 90 145.21 25.21 -74.46
CA GLU C 90 143.99 25.32 -73.67
C GLU C 90 143.63 24.03 -72.95
N PHE C 91 144.34 22.93 -73.17
CA PHE C 91 144.02 21.71 -72.45
C PHE C 91 144.97 21.45 -71.29
N PHE C 92 146.13 22.11 -71.28
CA PHE C 92 147.06 21.95 -70.18
C PHE C 92 147.82 23.24 -70.00
N ASP C 93 147.93 23.67 -68.75
CA ASP C 93 148.67 24.87 -68.40
C ASP C 93 149.47 24.61 -67.15
N ILE C 94 150.66 25.20 -67.08
CA ILE C 94 151.55 25.00 -65.94
C ILE C 94 152.19 26.34 -65.61
N HIS C 95 152.37 26.62 -64.33
CA HIS C 95 152.81 27.93 -63.86
C HIS C 95 154.02 27.75 -62.96
N LEU C 96 155.20 28.01 -63.48
CA LEU C 96 156.44 27.91 -62.73
C LEU C 96 156.80 29.28 -62.17
N PHE C 97 156.62 29.46 -60.87
CA PHE C 97 156.91 30.73 -60.25
C PHE C 97 158.39 30.87 -59.94
N VAL C 98 158.80 32.11 -59.68
CA VAL C 98 160.21 32.36 -59.38
C VAL C 98 160.61 31.66 -58.09
N ASN C 99 159.75 31.67 -57.09
CA ASN C 99 160.07 31.02 -55.82
C ASN C 99 159.61 29.57 -55.78
N GLY C 100 160.02 28.82 -56.81
CA GLY C 100 159.97 27.38 -56.81
C GLY C 100 158.60 26.75 -56.85
N THR C 101 157.54 27.52 -56.65
CA THR C 101 156.20 26.96 -56.61
C THR C 101 155.73 26.65 -58.03
N VAL C 102 155.05 25.52 -58.18
CA VAL C 102 154.49 25.10 -59.45
C VAL C 102 153.02 24.80 -59.24
N THR C 103 152.17 25.33 -60.12
CA THR C 103 150.75 25.04 -60.09
C THR C 103 150.29 24.61 -61.48
N GLN C 104 149.59 23.49 -61.55
CA GLN C 104 148.93 23.03 -62.77
C GLN C 104 147.49 23.49 -62.69
N GLY C 105 147.09 24.39 -63.57
CA GLY C 105 145.87 25.14 -63.34
C GLY C 105 146.05 26.00 -62.10
N ASP C 106 145.07 25.96 -61.20
CA ASP C 106 145.21 26.60 -59.91
C ASP C 106 145.68 25.64 -58.82
N GLN C 107 145.83 24.36 -59.15
CA GLN C 107 146.23 23.36 -58.17
C GLN C 107 147.74 23.31 -58.06
N ARG C 108 148.25 23.37 -56.84
CA ARG C 108 149.68 23.33 -56.59
C ARG C 108 150.21 21.91 -56.75
N VAL C 109 151.40 21.79 -57.33
CA VAL C 109 152.08 20.50 -57.48
C VAL C 109 153.54 20.69 -57.09
N SER C 110 154.19 19.58 -56.79
CA SER C 110 155.56 19.59 -56.28
C SER C 110 156.52 19.07 -57.33
N MET C 111 157.72 19.60 -57.33
CA MET C 111 158.75 19.17 -58.25
C MET C 111 159.50 17.96 -57.68
N PRO C 112 160.04 17.08 -58.55
CA PRO C 112 159.92 17.11 -60.00
C PRO C 112 158.52 16.71 -60.44
N TYR C 113 158.13 17.16 -61.62
CA TYR C 113 156.80 16.92 -62.15
C TYR C 113 156.90 16.59 -63.62
N ALA C 114 156.12 15.62 -64.07
CA ALA C 114 156.12 15.21 -65.46
C ALA C 114 154.70 14.92 -65.88
N SER C 115 154.27 15.51 -67.00
CA SER C 115 152.92 15.30 -67.49
C SER C 115 152.79 15.82 -68.91
N LYS C 116 152.18 15.02 -69.77
CA LYS C 116 151.77 15.44 -71.11
C LYS C 116 152.94 16.06 -71.86
N GLY C 117 154.11 15.44 -71.73
CA GLY C 117 155.28 15.86 -72.47
C GLY C 117 156.09 16.97 -71.84
N LEU C 118 155.65 17.51 -70.71
CA LEU C 118 156.35 18.58 -70.02
C LEU C 118 157.02 18.03 -68.77
N TYR C 119 158.28 18.41 -68.58
CA TYR C 119 159.11 17.90 -67.50
C TYR C 119 159.63 19.08 -66.71
N LEU C 120 159.29 19.15 -65.43
CA LEU C 120 159.80 20.17 -64.53
C LEU C 120 160.84 19.53 -63.63
N GLU C 121 162.06 20.08 -63.65
CA GLU C 121 163.18 19.47 -62.96
C GLU C 121 164.07 20.58 -62.42
N THR C 122 164.77 20.28 -61.34
CA THR C 122 165.70 21.24 -60.74
C THR C 122 167.12 21.00 -61.27
N GLU C 123 167.26 21.10 -62.58
CA GLU C 123 168.55 20.85 -63.22
C GLU C 123 169.55 21.92 -62.85
N ALA C 124 170.72 21.50 -62.38
CA ALA C 124 171.83 22.40 -62.04
C ALA C 124 171.39 23.49 -61.08
N GLY C 125 170.48 23.16 -60.17
CA GLY C 125 170.02 24.10 -59.18
C GLY C 125 169.05 25.14 -59.68
N TYR C 126 168.65 25.07 -60.95
CA TYR C 126 167.74 26.04 -61.55
C TYR C 126 166.50 25.30 -62.05
N TYR C 127 165.33 25.90 -61.81
CA TYR C 127 164.06 25.26 -62.15
C TYR C 127 163.92 25.15 -63.66
N LYS C 128 163.95 23.93 -64.17
CA LYS C 128 163.80 23.66 -65.60
C LYS C 128 162.36 23.29 -65.91
N LEU C 129 161.97 23.54 -67.16
CA LEU C 129 160.65 23.14 -67.66
C LEU C 129 160.87 22.73 -69.11
N SER C 130 161.08 21.44 -69.33
CA SER C 130 161.48 20.94 -70.63
C SER C 130 160.27 20.49 -71.43
N GLY C 131 160.30 20.80 -72.72
CA GLY C 131 159.22 20.44 -73.62
C GLY C 131 159.70 19.76 -74.88
N GLU C 132 160.68 18.87 -74.75
CA GLU C 132 161.37 18.27 -75.90
C GLU C 132 160.42 17.94 -77.05
N ALA C 133 159.29 17.31 -76.74
CA ALA C 133 158.36 16.95 -77.81
C ALA C 133 157.86 18.19 -78.54
N TYR C 134 157.54 19.24 -77.80
CA TYR C 134 157.09 20.49 -78.40
C TYR C 134 158.24 21.33 -78.94
N GLY C 135 159.47 20.98 -78.61
CA GLY C 135 160.62 21.66 -79.19
C GLY C 135 161.05 22.91 -78.46
N PHE C 136 160.98 22.90 -77.13
CA PHE C 136 161.40 24.06 -76.36
C PHE C 136 161.89 23.61 -74.99
N VAL C 137 162.75 24.43 -74.40
CA VAL C 137 163.23 24.24 -73.04
C VAL C 137 163.22 25.59 -72.34
N ALA C 138 162.60 25.64 -71.16
CA ALA C 138 162.53 26.85 -70.38
C ALA C 138 163.25 26.67 -69.05
N ARG C 139 163.67 27.78 -68.46
CA ARG C 139 164.42 27.73 -67.22
C ARG C 139 164.27 29.03 -66.46
N ILE C 140 164.26 28.93 -65.13
CA ILE C 140 164.33 30.06 -64.24
C ILE C 140 165.54 29.87 -63.34
N ASP C 141 166.44 30.85 -63.34
CA ASP C 141 167.60 30.76 -62.47
C ASP C 141 167.24 31.19 -61.05
N GLY C 142 168.21 31.05 -60.14
CA GLY C 142 167.96 31.35 -58.73
C GLY C 142 167.64 32.79 -58.44
N SER C 143 167.98 33.70 -59.36
CA SER C 143 167.74 35.12 -59.16
C SER C 143 166.48 35.61 -59.87
N GLY C 144 165.76 34.73 -60.56
CA GLY C 144 164.53 35.11 -61.22
C GLY C 144 164.64 35.42 -62.69
N ASN C 145 165.79 35.19 -63.31
CA ASN C 145 165.95 35.44 -64.73
C ASN C 145 165.33 34.30 -65.53
N PHE C 146 164.43 34.63 -66.44
CA PHE C 146 163.81 33.62 -67.30
C PHE C 146 164.74 33.26 -68.44
N GLN C 147 164.46 32.12 -69.06
CA GLN C 147 165.23 31.65 -70.20
C GLN C 147 164.32 30.76 -71.04
N VAL C 148 164.43 30.88 -72.35
CA VAL C 148 163.70 30.01 -73.27
C VAL C 148 164.63 29.62 -74.40
N LEU C 149 164.74 28.32 -74.65
CA LEU C 149 165.44 27.80 -75.81
C LEU C 149 164.44 27.15 -76.74
N LEU C 150 164.42 27.58 -77.98
CA LEU C 150 163.39 27.17 -78.94
C LEU C 150 164.07 26.51 -80.13
N SER C 151 163.55 25.38 -80.54
CA SER C 151 164.22 24.57 -81.55
C SER C 151 164.15 25.24 -82.91
N ASP C 152 164.97 24.74 -83.83
CA ASP C 152 165.07 25.33 -85.17
C ASP C 152 163.77 25.21 -85.95
N ARG C 153 162.90 24.26 -85.59
CA ARG C 153 161.67 24.08 -86.35
C ARG C 153 160.78 25.32 -86.30
N TYR C 154 160.98 26.21 -85.33
CA TYR C 154 160.22 27.43 -85.20
C TYR C 154 160.94 28.62 -85.82
N PHE C 155 161.90 28.38 -86.70
CA PHE C 155 162.54 29.46 -87.42
C PHE C 155 161.54 30.20 -88.28
N ASN C 156 161.39 31.50 -88.04
CA ASN C 156 160.54 32.38 -88.84
C ASN C 156 159.07 32.07 -88.66
N LYS C 157 158.70 31.38 -87.57
CA LYS C 157 157.33 30.96 -87.33
C LYS C 157 156.85 31.27 -85.93
N THR C 158 157.57 32.10 -85.18
CA THR C 158 157.19 32.44 -83.82
C THR C 158 157.06 33.95 -83.69
N CYS C 159 156.29 34.38 -82.69
CA CYS C 159 156.16 35.79 -82.39
C CYS C 159 155.76 35.98 -80.94
N GLY C 160 156.28 37.03 -80.34
CA GLY C 160 156.09 37.30 -78.92
C GLY C 160 157.19 38.22 -78.46
N LEU C 161 157.21 38.49 -77.15
CA LEU C 161 158.22 39.40 -76.62
C LEU C 161 159.63 38.97 -76.99
N CYS C 162 159.87 37.68 -77.11
CA CYS C 162 161.13 37.20 -77.63
C CYS C 162 161.32 37.49 -79.11
N GLY C 163 160.36 38.15 -79.74
CA GLY C 163 160.47 38.45 -81.15
C GLY C 163 160.31 37.21 -82.01
N ASN C 164 160.33 37.45 -83.32
CA ASN C 164 160.38 36.34 -84.25
C ASN C 164 161.74 35.68 -84.16
N PHE C 165 161.93 34.60 -84.91
CA PHE C 165 163.21 33.90 -84.94
C PHE C 165 163.66 33.80 -86.39
N ASN C 166 164.31 34.88 -86.84
CA ASN C 166 165.03 34.94 -88.10
C ASN C 166 166.17 35.90 -87.89
N ILE C 167 167.36 35.52 -88.39
CA ILE C 167 168.62 36.13 -87.95
C ILE C 167 168.58 37.65 -88.03
N PHE C 168 167.78 38.20 -88.93
CA PHE C 168 167.60 39.64 -88.99
C PHE C 168 167.01 40.16 -87.69
N ALA C 169 167.76 40.94 -86.94
CA ALA C 169 167.33 41.39 -85.63
C ALA C 169 166.47 42.65 -85.68
N GLU C 170 166.59 43.44 -86.75
CA GLU C 170 165.87 44.70 -86.81
C GLU C 170 164.36 44.52 -86.85
N ASP C 171 163.88 43.33 -87.21
CA ASP C 171 162.46 43.08 -87.39
C ASP C 171 161.82 42.33 -86.23
N ASP C 172 162.43 42.37 -85.05
CA ASP C 172 161.92 41.57 -83.95
C ASP C 172 160.73 42.20 -83.26
N PHE C 173 160.46 43.49 -83.49
CA PHE C 173 159.44 44.20 -82.74
C PHE C 173 158.06 44.14 -83.39
N MET C 174 157.78 43.10 -84.17
CA MET C 174 156.48 42.97 -84.81
C MET C 174 155.38 42.90 -83.75
N THR C 175 154.36 43.72 -83.91
CA THR C 175 153.23 43.70 -83.01
C THR C 175 152.27 42.57 -83.40
N GLN C 176 151.37 42.25 -82.47
CA GLN C 176 150.37 41.22 -82.77
C GLN C 176 149.46 41.63 -83.92
N GLU C 177 149.33 42.93 -84.18
CA GLU C 177 148.58 43.40 -85.32
C GLU C 177 149.31 43.16 -86.63
N GLY C 178 150.56 42.71 -86.59
CA GLY C 178 151.32 42.42 -87.78
C GLY C 178 152.12 43.57 -88.33
N THR C 179 152.42 44.57 -87.51
CA THR C 179 153.17 45.75 -87.94
C THR C 179 154.36 45.97 -87.03
N LEU C 180 155.46 46.43 -87.61
CA LEU C 180 156.63 46.79 -86.81
C LEU C 180 156.37 48.09 -86.04
N THR C 181 157.15 48.28 -84.98
CA THR C 181 157.08 49.50 -84.21
C THR C 181 158.45 49.78 -83.60
N SER C 182 158.82 51.06 -83.58
CA SER C 182 160.10 51.47 -83.03
C SER C 182 160.09 51.54 -81.51
N ASP C 183 158.93 51.42 -80.89
CA ASP C 183 158.82 51.54 -79.44
C ASP C 183 158.73 50.15 -78.84
N PRO C 184 159.66 49.77 -77.96
CA PRO C 184 159.54 48.47 -77.30
C PRO C 184 158.22 48.29 -76.56
N TYR C 185 157.71 49.35 -75.94
CA TYR C 185 156.47 49.22 -75.17
C TYR C 185 155.26 48.97 -76.04
N ASP C 186 155.19 49.59 -77.22
CA ASP C 186 154.10 49.27 -78.14
C ASP C 186 154.10 47.79 -78.47
N PHE C 187 155.26 47.25 -78.82
CA PHE C 187 155.42 45.84 -79.11
C PHE C 187 154.98 44.96 -77.95
N ALA C 188 155.54 45.24 -76.77
CA ALA C 188 155.26 44.40 -75.61
C ALA C 188 153.79 44.45 -75.23
N ASN C 189 153.22 45.64 -75.15
CA ASN C 189 151.80 45.76 -74.82
C ASN C 189 150.93 45.12 -75.89
N SER C 190 151.38 45.13 -77.14
CA SER C 190 150.68 44.41 -78.19
C SER C 190 150.64 42.93 -77.90
N TRP C 191 151.67 42.40 -77.21
CA TRP C 191 151.70 40.99 -76.87
C TRP C 191 151.24 40.71 -75.44
N ALA C 192 150.34 41.51 -74.90
CA ALA C 192 149.76 41.20 -73.59
C ALA C 192 148.62 40.21 -73.73
N LEU C 193 148.39 39.45 -72.66
CA LEU C 193 147.32 38.45 -72.62
C LEU C 193 146.57 38.59 -71.30
N SER C 194 145.27 38.83 -71.38
CA SER C 194 144.44 38.99 -70.20
C SER C 194 143.72 37.69 -69.87
N SER C 195 143.15 37.64 -68.67
CA SER C 195 142.45 36.47 -68.20
C SER C 195 141.20 36.91 -67.45
N GLY C 196 140.49 35.95 -66.90
CA GLY C 196 139.25 36.22 -66.19
C GLY C 196 139.41 36.78 -64.82
N GLU C 197 140.64 36.92 -64.33
CA GLU C 197 140.90 37.55 -63.06
C GLU C 197 142.01 38.59 -63.17
N GLN C 198 142.46 38.91 -64.37
CA GLN C 198 143.52 39.90 -64.56
C GLN C 198 143.40 40.46 -65.97
N TRP C 199 142.95 41.69 -66.08
CA TRP C 199 142.83 42.37 -67.36
C TRP C 199 143.94 43.41 -67.48
N CYS C 200 144.65 43.38 -68.60
CA CYS C 200 145.95 44.04 -68.69
C CYS C 200 145.80 45.55 -68.88
N GLU C 201 146.52 46.31 -68.07
CA GLU C 201 146.65 47.74 -68.27
C GLU C 201 147.79 48.06 -69.23
N ARG C 202 147.68 49.18 -69.90
CA ARG C 202 148.72 49.67 -70.81
C ARG C 202 149.97 50.02 -70.01
N ALA C 203 151.03 49.25 -70.17
CA ALA C 203 152.28 49.53 -69.49
C ALA C 203 153.01 50.67 -70.18
N SER C 204 153.74 51.46 -69.40
CA SER C 204 154.48 52.60 -69.91
C SER C 204 155.82 52.68 -69.19
N PRO C 205 156.81 53.33 -69.79
CA PRO C 205 158.13 53.42 -69.16
C PRO C 205 158.05 54.10 -67.80
N PRO C 206 158.82 53.64 -66.83
CA PRO C 206 158.81 54.27 -65.51
C PRO C 206 159.70 55.50 -65.47
N SER C 207 159.50 56.29 -64.41
CA SER C 207 160.37 57.43 -64.15
C SER C 207 161.73 56.95 -63.64
N SER C 208 162.77 57.73 -63.96
CA SER C 208 164.12 57.29 -63.66
C SER C 208 165.05 58.49 -63.48
N SER C 209 166.19 58.23 -62.88
CA SER C 209 167.28 59.19 -62.74
C SER C 209 168.54 58.62 -63.37
N CYS C 210 169.26 59.45 -64.11
CA CYS C 210 170.44 59.00 -64.84
C CYS C 210 171.40 60.15 -65.14
N MET C 217 173.90 57.65 -62.89
CA MET C 217 175.25 57.48 -63.44
C MET C 217 176.32 57.76 -62.39
N GLN C 218 177.29 56.85 -62.28
CA GLN C 218 178.40 57.03 -61.35
C GLN C 218 179.61 56.32 -61.92
N LYS C 219 180.74 57.04 -61.94
CA LYS C 219 181.93 56.55 -62.64
C LYS C 219 182.44 55.23 -62.05
N GLY C 220 182.53 55.16 -60.72
CA GLY C 220 183.02 53.94 -60.09
C GLY C 220 182.19 52.73 -60.44
N LEU C 221 180.87 52.90 -60.51
CA LEU C 221 180.01 51.81 -60.95
C LEU C 221 180.16 51.56 -62.44
N TRP C 222 180.38 52.63 -63.22
CA TRP C 222 180.51 52.51 -64.67
C TRP C 222 181.71 51.66 -65.06
N GLU C 223 182.77 51.68 -64.26
CA GLU C 223 183.90 50.78 -64.50
C GLU C 223 183.45 49.33 -64.57
N GLN C 224 182.52 48.95 -63.69
CA GLN C 224 182.05 47.57 -63.68
C GLN C 224 181.42 47.19 -65.01
N CYS C 225 180.62 48.08 -65.57
CA CYS C 225 180.07 47.82 -66.90
C CYS C 225 181.17 47.76 -67.95
N GLN C 226 182.18 48.61 -67.82
CA GLN C 226 183.29 48.55 -68.76
C GLN C 226 184.09 47.26 -68.67
N LEU C 227 183.89 46.48 -67.60
CA LEU C 227 184.53 45.16 -67.55
C LEU C 227 184.26 44.34 -68.81
N LEU C 228 183.06 44.49 -69.39
CA LEU C 228 182.71 43.71 -70.58
C LEU C 228 183.69 43.94 -71.72
N LYS C 229 184.30 45.13 -71.78
CA LYS C 229 185.18 45.49 -72.88
C LYS C 229 186.65 45.33 -72.55
N SER C 230 187.04 45.53 -71.30
CA SER C 230 188.44 45.61 -70.93
C SER C 230 189.04 44.29 -70.50
N THR C 231 188.22 43.39 -69.93
CA THR C 231 188.74 42.18 -69.32
C THR C 231 189.04 41.13 -70.38
N SER C 232 190.12 40.38 -70.16
CA SER C 232 190.56 39.40 -71.16
C SER C 232 189.55 38.27 -71.34
N VAL C 233 188.95 37.78 -70.25
CA VAL C 233 188.05 36.65 -70.36
C VAL C 233 186.85 36.98 -71.23
N PHE C 234 186.27 38.17 -71.04
CA PHE C 234 185.17 38.59 -71.89
C PHE C 234 185.63 38.87 -73.30
N ALA C 235 186.87 39.33 -73.46
CA ALA C 235 187.40 39.64 -74.78
C ALA C 235 187.42 38.42 -75.69
N ARG C 236 187.37 37.21 -75.13
CA ARG C 236 187.31 36.02 -75.96
C ARG C 236 186.08 36.03 -76.85
N CYS C 237 184.99 36.63 -76.38
CA CYS C 237 183.70 36.50 -77.02
C CYS C 237 183.42 37.58 -78.07
N HIS C 238 184.26 38.60 -78.15
CA HIS C 238 183.99 39.71 -79.06
C HIS C 238 183.78 39.25 -80.50
N PRO C 239 184.55 38.31 -81.05
CA PRO C 239 184.27 37.84 -82.42
C PRO C 239 182.88 37.26 -82.58
N LEU C 240 182.27 36.74 -81.51
CA LEU C 240 180.95 36.12 -81.58
C LEU C 240 179.83 37.06 -81.16
N VAL C 241 180.01 37.82 -80.08
CA VAL C 241 178.95 38.66 -79.54
C VAL C 241 179.51 40.05 -79.30
N ASP C 242 178.91 41.05 -79.92
CA ASP C 242 179.34 42.43 -79.73
C ASP C 242 178.95 42.87 -78.31
N PRO C 243 179.89 43.38 -77.51
CA PRO C 243 179.54 43.75 -76.13
C PRO C 243 178.86 45.09 -76.00
N GLU C 244 178.85 45.92 -77.04
CA GLU C 244 178.35 47.29 -76.90
C GLU C 244 176.91 47.36 -76.45
N PRO C 245 175.96 46.61 -77.02
CA PRO C 245 174.59 46.66 -76.50
C PRO C 245 174.50 46.33 -75.03
N PHE C 246 175.27 45.32 -74.59
CA PHE C 246 175.27 44.95 -73.19
C PHE C 246 175.87 46.04 -72.34
N VAL C 247 176.88 46.75 -72.86
CA VAL C 247 177.47 47.85 -72.10
C VAL C 247 176.46 48.97 -71.92
N ALA C 248 175.72 49.31 -72.97
CA ALA C 248 174.71 50.35 -72.84
C ALA C 248 173.62 49.95 -71.85
N LEU C 249 173.16 48.71 -71.95
CA LEU C 249 172.16 48.21 -71.01
C LEU C 249 172.69 48.27 -69.57
N CYS C 250 173.97 47.91 -69.39
CA CYS C 250 174.59 47.96 -68.08
C CYS C 250 174.64 49.39 -67.55
N GLU C 251 174.98 50.35 -68.41
CA GLU C 251 175.02 51.74 -67.98
C GLU C 251 173.66 52.20 -67.51
N LYS C 252 172.61 51.90 -68.28
CA LYS C 252 171.30 52.40 -67.88
C LYS C 252 170.75 51.66 -66.66
N THR C 253 171.12 50.39 -66.46
CA THR C 253 170.71 49.75 -65.22
C THR C 253 171.49 50.28 -64.02
N LEU C 254 172.73 50.71 -64.22
CA LEU C 254 173.43 51.43 -63.15
C LEU C 254 172.71 52.74 -62.82
N CYS C 255 172.24 53.45 -63.85
CA CYS C 255 171.38 54.59 -63.58
C CYS C 255 170.16 54.18 -62.76
N GLU C 256 169.59 53.02 -63.08
CA GLU C 256 168.47 52.50 -62.30
C GLU C 256 168.93 51.88 -60.98
N CYS C 257 170.22 51.65 -60.79
CA CYS C 257 170.73 50.93 -59.64
C CYS C 257 170.27 51.56 -58.32
N ALA C 258 170.15 50.71 -57.30
CA ALA C 258 169.87 51.13 -55.93
C ALA C 258 170.80 50.40 -54.96
N GLY C 259 172.02 50.10 -55.39
CA GLY C 259 172.96 49.36 -54.58
C GLY C 259 174.40 49.62 -54.99
N GLY C 260 175.24 48.60 -54.91
CA GLY C 260 176.65 48.71 -55.21
C GLY C 260 177.00 48.17 -56.58
N LEU C 261 178.23 47.63 -56.68
CA LEU C 261 178.72 47.12 -57.96
C LEU C 261 177.89 45.97 -58.50
N GLU C 262 177.13 45.29 -57.64
CA GLU C 262 176.35 44.14 -58.09
C GLU C 262 175.31 44.51 -59.13
N CYS C 263 174.95 45.79 -59.24
CA CYS C 263 173.94 46.20 -60.21
C CYS C 263 174.38 45.92 -61.64
N ALA C 264 175.68 45.85 -61.89
CA ALA C 264 176.17 45.54 -63.23
C ALA C 264 176.12 44.05 -63.54
N CYS C 265 175.91 43.21 -62.53
CA CYS C 265 176.00 41.77 -62.73
C CYS C 265 175.00 41.21 -63.73
N PRO C 266 173.73 41.63 -63.77
CA PRO C 266 172.82 41.03 -64.76
C PRO C 266 173.33 41.12 -66.19
N ALA C 267 173.90 42.26 -66.57
CA ALA C 267 174.42 42.40 -67.93
C ALA C 267 175.57 41.45 -68.18
N LEU C 268 176.51 41.35 -67.23
CA LEU C 268 177.64 40.44 -67.40
C LEU C 268 177.18 39.00 -67.49
N LEU C 269 176.23 38.61 -66.65
CA LEU C 269 175.72 37.25 -66.66
C LEU C 269 175.04 36.93 -67.97
N GLU C 270 174.21 37.86 -68.47
CA GLU C 270 173.52 37.64 -69.72
C GLU C 270 174.51 37.58 -70.88
N TYR C 271 175.55 38.42 -70.84
CA TYR C 271 176.56 38.38 -71.89
C TYR C 271 177.29 37.04 -71.89
N ALA C 272 177.64 36.55 -70.71
CA ALA C 272 178.31 35.26 -70.61
C ALA C 272 177.41 34.14 -71.13
N ARG C 273 176.11 34.20 -70.81
CA ARG C 273 175.19 33.18 -71.26
C ARG C 273 174.98 33.24 -72.77
N THR C 274 174.92 34.45 -73.34
CA THR C 274 174.85 34.58 -74.78
C THR C 274 176.08 33.99 -75.45
N CYS C 275 177.26 34.26 -74.89
CA CYS C 275 178.48 33.69 -75.44
C CYS C 275 178.46 32.18 -75.36
N ALA C 276 178.00 31.63 -74.22
CA ALA C 276 177.89 30.19 -74.10
C ALA C 276 176.95 29.62 -75.14
N GLN C 277 175.85 30.32 -75.42
CA GLN C 277 174.95 29.89 -76.48
C GLN C 277 175.66 29.89 -77.83
N GLU C 278 176.46 30.92 -78.09
CA GLU C 278 177.16 30.98 -79.37
C GLU C 278 178.28 29.96 -79.47
N GLY C 279 178.84 29.52 -78.33
CA GLY C 279 179.82 28.46 -78.36
C GLY C 279 180.97 28.61 -77.38
N MET C 280 181.29 29.85 -77.00
CA MET C 280 182.42 30.11 -76.11
C MET C 280 181.92 30.23 -74.68
N VAL C 281 182.28 29.27 -73.84
CA VAL C 281 182.02 29.36 -72.42
C VAL C 281 183.14 30.15 -71.78
N LEU C 282 182.79 31.18 -71.01
CA LEU C 282 183.76 32.12 -70.46
C LEU C 282 184.15 31.70 -69.05
N TYR C 283 184.78 30.54 -68.94
CA TYR C 283 184.97 29.84 -67.67
C TYR C 283 185.34 30.75 -66.50
N GLY C 284 186.12 31.79 -66.75
CA GLY C 284 186.66 32.61 -65.69
C GLY C 284 185.96 33.92 -65.40
N TRP C 285 184.77 34.17 -65.96
CA TRP C 285 184.21 35.51 -65.80
C TRP C 285 183.77 35.75 -64.36
N THR C 286 183.41 34.71 -63.62
CA THR C 286 182.95 34.90 -62.26
C THR C 286 184.08 35.28 -61.31
N ASP C 287 185.32 34.92 -61.65
CA ASP C 287 186.45 35.24 -60.78
C ASP C 287 186.96 36.65 -61.00
N HIS C 288 187.08 37.07 -62.26
CA HIS C 288 187.58 38.42 -62.56
C HIS C 288 186.62 39.49 -62.03
N SER C 289 185.33 39.30 -62.23
CA SER C 289 184.33 40.26 -61.78
C SER C 289 184.01 40.07 -60.31
N ALA C 290 183.27 41.02 -59.76
CA ALA C 290 182.81 40.95 -58.38
C ALA C 290 181.49 40.22 -58.24
N CYS C 291 180.96 39.66 -59.33
CA CYS C 291 179.63 39.06 -59.30
C CYS C 291 179.68 37.62 -58.82
N SER C 292 178.54 37.16 -58.32
CA SER C 292 178.39 35.79 -57.82
C SER C 292 176.94 35.40 -58.02
N PRO C 293 176.61 34.70 -59.11
CA PRO C 293 175.21 34.32 -59.34
C PRO C 293 174.66 33.49 -58.19
N VAL C 294 173.40 33.74 -57.86
CA VAL C 294 172.78 33.12 -56.70
C VAL C 294 172.65 31.62 -56.92
N CYS C 295 172.96 30.85 -55.90
CA CYS C 295 172.79 29.41 -55.90
C CYS C 295 172.19 28.98 -54.57
N PRO C 296 171.50 27.85 -54.52
CA PRO C 296 170.94 27.39 -53.26
C PRO C 296 172.03 27.00 -52.28
N ALA C 297 171.64 26.92 -51.01
CA ALA C 297 172.59 26.76 -49.92
C ALA C 297 173.53 25.59 -50.18
N GLY C 298 174.83 25.86 -50.07
CA GLY C 298 175.84 24.82 -50.16
C GLY C 298 176.35 24.53 -51.56
N MET C 299 175.66 25.00 -52.60
CA MET C 299 176.07 24.72 -53.97
C MET C 299 176.87 25.89 -54.52
N GLU C 300 177.89 25.57 -55.31
CA GLU C 300 178.71 26.56 -55.97
C GLU C 300 178.18 26.84 -57.38
N TYR C 301 178.30 28.09 -57.80
CA TYR C 301 178.02 28.41 -59.20
C TYR C 301 179.22 28.03 -60.06
N ARG C 302 178.93 27.42 -61.21
CA ARG C 302 180.01 27.04 -62.10
C ARG C 302 179.50 27.03 -63.53
N GLN C 303 180.37 27.39 -64.45
CA GLN C 303 180.06 27.31 -65.87
C GLN C 303 180.21 25.88 -66.34
N CYS C 304 179.38 25.50 -67.31
CA CYS C 304 179.50 24.21 -67.98
C CYS C 304 179.31 23.05 -67.00
N VAL C 305 178.26 23.14 -66.19
CA VAL C 305 177.85 22.01 -65.36
C VAL C 305 177.15 20.99 -66.24
N SER C 306 177.54 19.74 -66.12
CA SER C 306 176.89 18.70 -66.91
C SER C 306 175.47 18.50 -66.41
N PRO C 307 174.47 18.45 -67.31
CA PRO C 307 173.09 18.26 -66.85
C PRO C 307 172.88 16.98 -66.07
N CYS C 308 173.65 15.94 -66.37
CA CYS C 308 173.56 14.67 -65.66
C CYS C 308 174.35 14.66 -64.37
N ALA C 309 174.09 15.63 -63.49
CA ALA C 309 174.81 15.70 -62.22
C ALA C 309 174.48 14.48 -61.35
N ARG C 310 175.47 14.03 -60.59
CA ARG C 310 175.40 12.75 -59.89
C ARG C 310 174.69 12.90 -58.55
N THR C 311 173.44 12.45 -58.51
CA THR C 311 172.78 12.08 -57.27
C THR C 311 173.22 10.69 -56.86
N CYS C 312 173.24 10.46 -55.54
CA CYS C 312 173.60 9.13 -55.04
C CYS C 312 172.71 8.05 -55.66
N GLN C 313 171.41 8.14 -55.43
CA GLN C 313 170.49 7.12 -55.93
C GLN C 313 170.28 7.30 -57.43
N SER C 314 171.37 7.12 -58.17
CA SER C 314 171.35 7.24 -59.62
C SER C 314 172.20 6.14 -60.22
N LEU C 315 171.71 5.58 -61.32
CA LEU C 315 172.46 4.55 -62.02
C LEU C 315 173.67 5.17 -62.71
N HIS C 316 174.78 4.44 -62.70
CA HIS C 316 176.02 4.94 -63.28
C HIS C 316 176.04 4.78 -64.79
N ILE C 317 175.01 5.30 -65.46
CA ILE C 317 174.91 5.21 -66.91
C ILE C 317 175.44 6.52 -67.48
N ASN C 318 176.74 6.56 -67.77
CA ASN C 318 177.36 7.75 -68.32
C ASN C 318 177.27 7.81 -69.83
N GLU C 319 177.04 6.68 -70.49
CA GLU C 319 176.95 6.66 -71.95
C GLU C 319 175.72 7.37 -72.46
N MET C 320 174.67 7.49 -71.63
CA MET C 320 173.44 8.15 -72.05
C MET C 320 173.64 9.66 -72.17
N CYS C 321 174.56 10.22 -71.41
CA CYS C 321 174.68 11.68 -71.27
C CYS C 321 175.52 12.23 -72.43
N GLN C 322 174.89 12.31 -73.60
CA GLN C 322 175.49 12.91 -74.77
C GLN C 322 175.20 14.39 -74.89
N GLU C 323 174.44 14.96 -73.95
CA GLU C 323 174.03 16.34 -74.05
C GLU C 323 175.19 17.29 -73.76
N ARG C 324 175.05 18.53 -74.20
CA ARG C 324 176.04 19.56 -73.88
C ARG C 324 175.85 20.03 -72.44
N CYS C 325 176.89 20.69 -71.94
CA CYS C 325 176.85 21.21 -70.58
C CYS C 325 176.12 22.54 -70.54
N VAL C 326 175.74 22.95 -69.32
CA VAL C 326 175.06 24.21 -69.10
C VAL C 326 175.68 24.90 -67.90
N ASP C 327 175.48 26.21 -67.83
CA ASP C 327 175.84 26.93 -66.61
C ASP C 327 174.81 26.67 -65.52
N GLY C 328 175.25 26.72 -64.29
CA GLY C 328 174.36 26.50 -63.18
C GLY C 328 175.14 26.20 -61.91
N CYS C 329 174.40 25.72 -60.92
CA CYS C 329 174.95 25.43 -59.61
C CYS C 329 175.34 23.96 -59.51
N SER C 330 176.34 23.70 -58.68
CA SER C 330 176.83 22.34 -58.48
C SER C 330 177.25 22.19 -57.03
N CYS C 331 177.15 20.97 -56.53
CA CYS C 331 177.70 20.68 -55.21
C CYS C 331 179.22 20.73 -55.27
N PRO C 332 179.87 21.10 -54.18
CA PRO C 332 181.34 21.14 -54.17
C PRO C 332 181.91 19.78 -54.53
N GLU C 333 183.14 19.81 -55.06
CA GLU C 333 183.77 18.59 -55.53
C GLU C 333 183.83 17.53 -54.44
N GLY C 334 183.50 16.30 -54.82
CA GLY C 334 183.47 15.19 -53.90
C GLY C 334 182.14 14.97 -53.23
N GLN C 335 181.24 15.94 -53.25
CA GLN C 335 179.91 15.79 -52.67
C GLN C 335 178.91 15.41 -53.74
N LEU C 336 177.77 14.88 -53.29
CA LEU C 336 176.72 14.40 -54.16
C LEU C 336 175.38 14.97 -53.71
N LEU C 337 174.44 15.01 -54.64
CA LEU C 337 173.09 15.49 -54.33
C LEU C 337 172.27 14.41 -53.67
N ASP C 338 171.38 14.84 -52.77
CA ASP C 338 170.46 13.92 -52.11
C ASP C 338 169.23 14.73 -51.71
N GLU C 339 168.14 14.58 -52.47
CA GLU C 339 166.93 15.35 -52.26
C GLU C 339 167.22 16.84 -52.32
N GLY C 340 168.10 17.24 -53.23
CA GLY C 340 168.45 18.62 -53.43
C GLY C 340 169.57 19.13 -52.54
N LEU C 341 169.86 18.44 -51.45
CA LEU C 341 170.96 18.84 -50.58
C LEU C 341 172.24 18.12 -51.00
N CYS C 342 173.37 18.74 -50.66
CA CYS C 342 174.68 18.18 -50.98
C CYS C 342 175.18 17.37 -49.80
N VAL C 343 175.62 16.14 -50.07
CA VAL C 343 176.10 15.23 -49.05
C VAL C 343 177.40 14.61 -49.52
N GLU C 344 178.17 14.12 -48.56
CA GLU C 344 179.39 13.39 -48.89
C GLU C 344 179.05 12.07 -49.55
N SER C 345 179.95 11.59 -50.39
CA SER C 345 179.69 10.36 -51.13
C SER C 345 179.45 9.18 -50.19
N THR C 346 180.12 9.16 -49.03
CA THR C 346 179.93 8.09 -48.06
C THR C 346 178.79 8.36 -47.09
N GLU C 347 178.33 9.60 -47.00
CA GLU C 347 177.29 9.98 -46.05
C GLU C 347 175.89 9.63 -46.52
N CYS C 348 175.73 9.34 -47.76
CA CYS C 348 174.40 9.48 -48.33
C CYS C 348 173.65 8.15 -48.35
N PRO C 349 172.33 8.21 -48.20
CA PRO C 349 171.56 7.07 -47.73
C PRO C 349 171.07 6.14 -48.83
N CYS C 350 170.48 5.03 -48.39
CA CYS C 350 169.73 4.11 -49.23
C CYS C 350 168.26 4.49 -49.24
N VAL C 351 167.56 4.02 -50.26
CA VAL C 351 166.13 4.27 -50.41
C VAL C 351 165.40 2.94 -50.47
N HIS C 352 164.31 2.83 -49.73
CA HIS C 352 163.44 1.67 -49.80
C HIS C 352 162.02 2.08 -49.42
N SER C 353 161.04 1.55 -50.15
CA SER C 353 159.64 1.83 -49.89
C SER C 353 159.34 3.32 -49.91
N GLY C 354 160.11 4.07 -50.69
CA GLY C 354 159.96 5.51 -50.73
C GLY C 354 160.58 6.24 -49.56
N LYS C 355 161.23 5.54 -48.65
CA LYS C 355 161.86 6.13 -47.49
C LYS C 355 163.38 6.05 -47.64
N ARG C 356 164.07 7.01 -47.04
CA ARG C 356 165.53 7.04 -47.03
C ARG C 356 166.04 6.63 -45.65
N TYR C 357 167.05 5.76 -45.63
CA TYR C 357 167.63 5.28 -44.39
C TYR C 357 169.13 5.55 -44.39
N PRO C 358 169.69 6.02 -43.29
CA PRO C 358 171.12 6.28 -43.23
C PRO C 358 171.92 5.00 -43.41
N PRO C 359 173.21 5.11 -43.76
CA PRO C 359 174.03 3.91 -43.88
C PRO C 359 174.13 3.17 -42.55
N GLY C 360 174.26 1.86 -42.64
CA GLY C 360 174.35 1.02 -41.46
C GLY C 360 173.02 0.58 -40.89
N THR C 361 171.92 1.16 -41.33
CA THR C 361 170.62 0.74 -40.84
C THR C 361 170.27 -0.64 -41.36
N SER C 362 169.49 -1.36 -40.57
CA SER C 362 169.08 -2.71 -40.90
C SER C 362 167.57 -2.78 -40.99
N LEU C 363 167.07 -3.46 -42.02
CA LEU C 363 165.66 -3.69 -42.23
C LEU C 363 165.41 -5.18 -42.33
N SER C 364 164.31 -5.63 -41.72
CA SER C 364 163.95 -7.03 -41.72
C SER C 364 162.92 -7.31 -42.81
N ARG C 365 163.03 -8.51 -43.39
CA ARG C 365 162.05 -9.02 -44.35
C ARG C 365 161.79 -10.47 -43.92
N ASP C 366 160.80 -10.65 -43.05
CA ASP C 366 160.65 -11.91 -42.32
C ASP C 366 161.93 -12.27 -41.61
N CYS C 367 162.47 -13.45 -41.89
CA CYS C 367 163.66 -13.93 -41.20
C CYS C 367 164.94 -13.33 -41.75
N ASN C 368 164.89 -12.61 -42.86
CA ASN C 368 166.06 -12.00 -43.46
C ASN C 368 166.23 -10.56 -42.96
N THR C 369 167.45 -10.06 -43.09
CA THR C 369 167.75 -8.67 -42.80
C THR C 369 168.54 -8.08 -43.96
N CYS C 370 168.35 -6.78 -44.19
CA CYS C 370 169.02 -6.05 -45.25
C CYS C 370 169.73 -4.85 -44.65
N ILE C 371 171.02 -4.71 -44.95
CA ILE C 371 171.86 -3.67 -44.39
C ILE C 371 172.16 -2.63 -45.45
N CYS C 372 171.96 -1.36 -45.14
CA CYS C 372 172.27 -0.27 -46.06
C CYS C 372 173.76 0.00 -46.03
N ARG C 373 174.42 -0.24 -47.16
CA ARG C 373 175.85 0.06 -47.31
C ARG C 373 176.04 0.72 -48.67
N ASN C 374 176.79 1.81 -48.69
CA ASN C 374 176.84 2.70 -49.87
C ASN C 374 175.40 3.09 -50.16
N SER C 375 174.94 3.03 -51.39
CA SER C 375 173.54 3.24 -51.70
C SER C 375 172.76 1.94 -51.77
N GLN C 376 173.41 0.80 -51.61
CA GLN C 376 172.81 -0.50 -51.81
C GLN C 376 172.39 -1.12 -50.49
N TRP C 377 171.61 -2.19 -50.60
CA TRP C 377 171.19 -2.99 -49.46
C TRP C 377 171.86 -4.36 -49.55
N ILE C 378 172.44 -4.80 -48.45
CA ILE C 378 173.04 -6.13 -48.37
C ILE C 378 172.05 -7.01 -47.62
N CYS C 379 171.45 -7.96 -48.33
CA CYS C 379 170.32 -8.73 -47.83
C CYS C 379 170.73 -10.15 -47.51
N SER C 380 169.93 -10.79 -46.65
CA SER C 380 170.37 -12.00 -45.95
C SER C 380 170.22 -13.28 -46.76
N ASN C 381 169.47 -13.30 -47.85
CA ASN C 381 169.45 -14.44 -48.77
C ASN C 381 169.30 -15.79 -48.08
N GLU C 382 168.28 -15.92 -47.23
CA GLU C 382 168.04 -17.18 -46.56
C GLU C 382 166.55 -17.50 -46.62
N GLU C 383 166.23 -18.79 -46.53
CA GLU C 383 164.85 -19.24 -46.58
C GLU C 383 164.16 -18.98 -45.26
N CYS C 384 162.94 -18.45 -45.34
CA CYS C 384 162.10 -18.19 -44.18
C CYS C 384 160.95 -19.18 -44.14
N PRO C 385 160.24 -19.28 -43.01
CA PRO C 385 159.15 -20.25 -42.91
C PRO C 385 158.09 -20.01 -43.97
N GLY C 386 157.57 -21.10 -44.51
CA GLY C 386 156.53 -21.03 -45.52
C GLY C 386 155.14 -21.13 -44.91
N GLU C 387 154.25 -20.27 -45.38
CA GLU C 387 152.88 -20.20 -44.87
C GLU C 387 151.91 -20.43 -46.03
N CYS C 388 151.30 -21.60 -46.06
CA CYS C 388 150.20 -21.85 -46.99
C CYS C 388 148.89 -21.48 -46.32
N LEU C 389 147.95 -20.99 -47.11
CA LEU C 389 146.74 -20.42 -46.56
C LEU C 389 145.54 -20.78 -47.39
N VAL C 390 144.47 -21.19 -46.73
CA VAL C 390 143.13 -21.31 -47.32
C VAL C 390 142.22 -20.45 -46.48
N THR C 391 141.62 -19.43 -47.10
CA THR C 391 141.06 -18.36 -46.28
C THR C 391 139.69 -17.88 -46.72
N GLY C 392 138.90 -18.72 -47.36
CA GLY C 392 137.59 -18.25 -47.72
C GLY C 392 136.87 -19.15 -48.69
N GLN C 393 136.28 -18.58 -49.72
CA GLN C 393 135.60 -19.37 -50.74
C GLN C 393 136.64 -19.99 -51.69
N SER C 394 137.49 -20.82 -51.10
CA SER C 394 138.51 -21.58 -51.83
C SER C 394 139.60 -20.68 -52.38
N HIS C 395 139.93 -19.62 -51.65
CA HIS C 395 141.13 -18.84 -51.97
C HIS C 395 142.34 -19.46 -51.31
N PHE C 396 143.43 -19.55 -52.06
CA PHE C 396 144.63 -20.24 -51.64
C PHE C 396 145.83 -19.31 -51.73
N LYS C 397 146.82 -19.59 -50.91
CA LYS C 397 148.16 -19.06 -51.10
C LYS C 397 149.14 -20.21 -50.94
N SER C 398 149.93 -20.45 -51.97
CA SER C 398 150.93 -21.49 -51.88
C SER C 398 152.04 -21.07 -50.93
N PHE C 399 152.90 -22.02 -50.59
CA PHE C 399 154.04 -21.70 -49.74
C PHE C 399 154.95 -20.66 -50.38
N ASP C 400 154.92 -20.54 -51.70
CA ASP C 400 155.71 -19.57 -52.44
C ASP C 400 154.91 -18.34 -52.83
N ASN C 401 153.79 -18.08 -52.15
CA ASN C 401 153.00 -16.87 -52.32
C ASN C 401 152.31 -16.80 -53.67
N ARG C 402 151.95 -17.94 -54.25
CA ARG C 402 151.10 -17.94 -55.43
C ARG C 402 149.65 -17.97 -55.00
N TYR C 403 148.97 -16.84 -55.17
CA TYR C 403 147.55 -16.77 -54.87
C TYR C 403 146.74 -17.35 -55.99
N PHE C 404 145.69 -18.09 -55.64
CA PHE C 404 144.78 -18.63 -56.64
C PHE C 404 143.50 -19.04 -55.96
N THR C 405 142.45 -19.21 -56.76
CA THR C 405 141.16 -19.69 -56.30
C THR C 405 140.78 -20.89 -57.13
N PHE C 406 140.26 -21.93 -56.49
CA PHE C 406 140.05 -23.17 -57.22
C PHE C 406 138.61 -23.67 -57.16
N SER C 407 137.94 -23.58 -56.01
CA SER C 407 136.50 -23.87 -55.89
C SER C 407 136.12 -25.30 -56.27
N GLY C 408 137.03 -26.26 -56.12
CA GLY C 408 136.66 -27.64 -56.37
C GLY C 408 135.97 -28.26 -55.18
N ILE C 409 135.12 -29.25 -55.44
CA ILE C 409 134.36 -29.92 -54.38
C ILE C 409 134.83 -31.37 -54.29
N CYS C 410 135.82 -31.61 -53.45
CA CYS C 410 136.33 -32.95 -53.15
C CYS C 410 137.26 -32.84 -51.96
N GLN C 411 137.89 -33.96 -51.62
CA GLN C 411 139.01 -33.96 -50.69
C GLN C 411 140.31 -33.83 -51.48
N TYR C 412 141.05 -32.76 -51.22
CA TYR C 412 142.24 -32.42 -51.98
C TYR C 412 143.46 -32.44 -51.09
N LEU C 413 144.58 -32.90 -51.62
CA LEU C 413 145.82 -32.96 -50.87
C LEU C 413 146.39 -31.55 -50.77
N LEU C 414 146.21 -30.93 -49.61
CA LEU C 414 146.64 -29.54 -49.45
C LEU C 414 148.15 -29.42 -49.36
N ALA C 415 148.77 -30.21 -48.49
CA ALA C 415 150.21 -30.16 -48.33
C ALA C 415 150.69 -31.49 -47.78
N ARG C 416 151.76 -32.03 -48.35
CA ARG C 416 152.31 -33.30 -47.89
C ARG C 416 153.82 -33.26 -48.09
N ASP C 417 154.53 -34.00 -47.24
CA ASP C 417 155.97 -34.17 -47.38
C ASP C 417 156.19 -35.40 -48.25
N CYS C 418 156.19 -35.20 -49.57
CA CYS C 418 156.37 -36.33 -50.48
C CYS C 418 157.76 -36.94 -50.41
N GLN C 419 158.70 -36.29 -49.73
CA GLN C 419 160.07 -36.81 -49.66
C GLN C 419 160.25 -37.79 -48.49
N ASP C 420 159.80 -37.42 -47.29
CA ASP C 420 159.95 -38.26 -46.12
C ASP C 420 158.63 -38.67 -45.48
N HIS C 421 157.51 -38.18 -45.97
CA HIS C 421 156.18 -38.51 -45.44
C HIS C 421 156.07 -38.21 -43.96
N SER C 422 156.68 -37.09 -43.55
CA SER C 422 156.57 -36.65 -42.17
C SER C 422 155.14 -36.32 -41.77
N PHE C 423 154.34 -35.83 -42.71
CA PHE C 423 152.97 -35.41 -42.46
C PHE C 423 152.20 -35.41 -43.76
N SER C 424 150.89 -35.24 -43.66
CA SER C 424 150.03 -35.21 -44.83
C SER C 424 148.73 -34.51 -44.46
N ILE C 425 148.44 -33.39 -45.09
CA ILE C 425 147.28 -32.56 -44.77
C ILE C 425 146.29 -32.62 -45.92
N VAL C 426 145.03 -32.91 -45.62
CA VAL C 426 143.97 -33.01 -46.61
C VAL C 426 142.81 -32.12 -46.19
N ILE C 427 142.19 -31.44 -47.15
CA ILE C 427 141.06 -30.55 -46.88
C ILE C 427 139.83 -31.09 -47.58
N GLU C 428 138.69 -31.01 -46.90
CA GLU C 428 137.41 -31.40 -47.48
C GLU C 428 136.63 -30.15 -47.82
N THR C 429 136.37 -29.95 -49.11
CA THR C 429 135.69 -28.76 -49.60
C THR C 429 134.24 -29.09 -49.95
N VAL C 430 133.34 -28.18 -49.58
CA VAL C 430 131.93 -28.31 -49.90
C VAL C 430 131.46 -26.97 -50.42
N GLN C 431 130.37 -27.00 -51.19
CA GLN C 431 129.69 -25.76 -51.53
C GLN C 431 129.15 -25.13 -50.26
N CYS C 432 129.46 -23.86 -50.07
CA CYS C 432 129.17 -23.20 -48.81
C CYS C 432 128.06 -22.17 -48.92
N ALA C 433 127.31 -22.19 -50.02
CA ALA C 433 126.14 -21.32 -50.20
C ALA C 433 125.40 -21.84 -51.42
N ASP C 434 124.35 -21.10 -51.80
CA ASP C 434 123.57 -21.48 -52.97
C ASP C 434 124.37 -21.32 -54.26
N ASP C 435 125.23 -20.32 -54.33
CA ASP C 435 125.97 -20.04 -55.56
C ASP C 435 126.93 -21.17 -55.88
N ARG C 436 127.08 -21.45 -57.18
CA ARG C 436 128.08 -22.41 -57.61
C ARG C 436 129.49 -21.96 -57.26
N ASP C 437 129.71 -20.66 -57.14
CA ASP C 437 131.03 -20.11 -56.87
C ASP C 437 131.41 -20.16 -55.40
N ALA C 438 130.48 -20.47 -54.50
CA ALA C 438 130.74 -20.46 -53.07
C ALA C 438 131.12 -21.87 -52.64
N VAL C 439 132.42 -22.16 -52.63
CA VAL C 439 132.96 -23.42 -52.17
C VAL C 439 134.03 -23.12 -51.14
N CYS C 440 133.89 -23.67 -49.94
CA CYS C 440 134.86 -23.42 -48.88
C CYS C 440 135.12 -24.70 -48.12
N THR C 441 136.26 -24.73 -47.43
CA THR C 441 136.70 -25.95 -46.73
C THR C 441 135.84 -26.21 -45.51
N ARG C 442 135.35 -27.43 -45.39
CA ARG C 442 134.54 -27.80 -44.24
C ARG C 442 135.37 -28.37 -43.09
N SER C 443 136.29 -29.29 -43.40
CA SER C 443 137.09 -29.94 -42.38
C SER C 443 138.48 -30.19 -42.92
N VAL C 444 139.42 -30.40 -42.01
CA VAL C 444 140.81 -30.65 -42.33
C VAL C 444 141.23 -31.98 -41.70
N THR C 445 142.08 -32.72 -42.40
CA THR C 445 142.57 -34.01 -41.94
C THR C 445 144.08 -34.02 -42.03
N VAL C 446 144.74 -34.51 -40.98
CA VAL C 446 146.19 -34.50 -40.87
C VAL C 446 146.66 -35.89 -40.47
N ARG C 447 147.48 -36.52 -41.30
CA ARG C 447 148.14 -37.77 -40.94
C ARG C 447 149.54 -37.48 -40.43
N LEU C 448 149.93 -38.20 -39.39
CA LEU C 448 151.22 -38.03 -38.74
C LEU C 448 151.86 -39.40 -38.61
N PRO C 449 152.43 -39.94 -39.70
CA PRO C 449 152.93 -41.31 -39.67
C PRO C 449 153.90 -41.60 -38.54
N GLY C 450 154.74 -40.62 -38.18
CA GLY C 450 155.70 -40.84 -37.12
C GLY C 450 155.06 -40.98 -35.76
N LEU C 451 153.86 -40.44 -35.58
CA LEU C 451 153.07 -40.59 -34.36
C LEU C 451 152.08 -41.75 -34.51
N HIS C 452 152.67 -42.93 -34.73
CA HIS C 452 151.95 -44.20 -34.89
C HIS C 452 150.77 -44.12 -35.87
N ASN C 453 150.97 -43.36 -36.95
CA ASN C 453 149.98 -43.12 -37.99
C ASN C 453 148.69 -42.48 -37.45
N SER C 454 148.83 -41.56 -36.51
CA SER C 454 147.70 -40.80 -36.00
C SER C 454 147.00 -40.02 -37.11
N LEU C 455 145.67 -39.97 -37.04
CA LEU C 455 144.81 -39.27 -38.01
C LEU C 455 143.98 -38.21 -37.29
N VAL C 456 144.52 -37.00 -37.17
CA VAL C 456 143.76 -35.89 -36.59
C VAL C 456 142.79 -35.33 -37.62
N LYS C 457 141.58 -35.02 -37.20
CA LYS C 457 140.60 -34.34 -38.04
C LYS C 457 140.16 -33.05 -37.36
N LEU C 458 140.46 -31.91 -37.98
CA LEU C 458 139.97 -30.63 -37.50
C LEU C 458 138.62 -30.35 -38.14
N LYS C 459 137.58 -30.25 -37.33
CA LYS C 459 136.21 -30.21 -37.79
C LYS C 459 135.66 -28.80 -37.85
N HIS C 460 134.54 -28.65 -38.55
CA HIS C 460 133.82 -27.39 -38.57
C HIS C 460 133.35 -27.04 -37.16
N GLY C 461 133.40 -25.76 -36.82
CA GLY C 461 133.15 -25.35 -35.46
C GLY C 461 134.34 -25.42 -34.54
N ALA C 462 135.52 -25.76 -35.06
CA ALA C 462 136.77 -25.79 -34.32
C ALA C 462 136.89 -26.98 -33.38
N GLY C 463 136.11 -28.01 -33.59
CA GLY C 463 136.32 -29.25 -32.87
C GLY C 463 137.46 -30.05 -33.45
N VAL C 464 137.94 -31.01 -32.69
CA VAL C 464 139.02 -31.89 -33.11
C VAL C 464 138.65 -33.33 -32.78
N ALA C 465 138.98 -34.23 -33.69
CA ALA C 465 138.93 -35.66 -33.41
C ALA C 465 140.29 -36.27 -33.71
N MET C 466 140.59 -37.37 -33.03
CA MET C 466 141.83 -38.10 -33.27
C MET C 466 141.53 -39.59 -33.35
N ASP C 467 141.91 -40.20 -34.48
CA ASP C 467 141.54 -41.59 -34.79
C ASP C 467 140.05 -41.84 -34.59
N GLY C 468 139.24 -40.83 -34.89
CA GLY C 468 137.80 -40.89 -34.75
C GLY C 468 137.28 -40.59 -33.37
N GLN C 469 138.13 -40.58 -32.35
CA GLN C 469 137.73 -40.17 -31.00
C GLN C 469 137.69 -38.65 -30.94
N ASP C 470 136.55 -38.07 -30.59
CA ASP C 470 136.52 -36.66 -30.28
C ASP C 470 137.32 -36.40 -29.01
N VAL C 471 138.20 -35.41 -29.06
CA VAL C 471 139.17 -35.17 -28.00
C VAL C 471 138.99 -33.79 -27.41
N GLN C 472 139.40 -33.67 -26.16
CA GLN C 472 139.22 -32.47 -25.34
C GLN C 472 140.56 -31.76 -25.25
N LEU C 473 140.56 -30.44 -25.42
CA LEU C 473 141.77 -29.65 -25.62
C LEU C 473 142.10 -28.83 -24.38
N PRO C 474 143.38 -28.52 -24.14
CA PRO C 474 144.57 -28.87 -24.91
C PRO C 474 144.99 -30.32 -24.87
N LEU C 475 145.56 -30.79 -25.97
CA LEU C 475 146.06 -32.15 -26.09
C LEU C 475 147.56 -32.11 -26.26
N LEU C 476 148.27 -32.77 -25.33
CA LEU C 476 149.71 -32.98 -25.42
C LEU C 476 149.96 -34.48 -25.58
N LYS C 477 150.58 -34.87 -26.69
CA LYS C 477 150.74 -36.29 -26.98
C LYS C 477 152.02 -36.47 -27.81
N GLY C 478 153.13 -36.69 -27.13
CA GLY C 478 154.41 -36.72 -27.80
C GLY C 478 154.75 -35.37 -28.37
N ASP C 479 155.22 -35.37 -29.63
CA ASP C 479 155.50 -34.13 -30.34
C ASP C 479 154.24 -33.34 -30.71
N LEU C 480 153.10 -34.02 -30.81
CA LEU C 480 151.86 -33.35 -31.18
C LEU C 480 151.29 -32.52 -30.02
N ARG C 481 150.92 -31.28 -30.32
CA ARG C 481 150.32 -30.36 -29.38
C ARG C 481 149.15 -29.67 -30.08
N ILE C 482 148.00 -29.62 -29.43
CA ILE C 482 146.82 -28.98 -29.97
C ILE C 482 146.17 -28.14 -28.88
N GLN C 483 145.83 -26.90 -29.18
CA GLN C 483 145.27 -26.03 -28.15
C GLN C 483 144.47 -24.91 -28.80
N HIS C 484 143.53 -24.37 -28.04
CA HIS C 484 142.72 -23.24 -28.49
C HIS C 484 143.52 -21.95 -28.44
N THR C 485 143.49 -21.20 -29.53
CA THR C 485 144.05 -19.86 -29.55
C THR C 485 143.09 -18.89 -28.87
N VAL C 486 143.59 -17.69 -28.56
CA VAL C 486 142.75 -16.65 -27.98
C VAL C 486 141.56 -16.34 -28.89
N THR C 487 141.72 -16.51 -30.19
CA THR C 487 140.64 -16.31 -31.15
C THR C 487 139.66 -17.47 -31.19
N ALA C 488 139.79 -18.46 -30.31
CA ALA C 488 139.05 -19.71 -30.30
C ALA C 488 139.46 -20.63 -31.44
N SER C 489 140.44 -20.24 -32.24
CA SER C 489 140.92 -21.09 -33.32
C SER C 489 141.82 -22.18 -32.76
N VAL C 490 141.69 -23.39 -33.31
CA VAL C 490 142.52 -24.51 -32.91
C VAL C 490 143.89 -24.37 -33.54
N ARG C 491 144.93 -24.38 -32.72
CA ARG C 491 146.32 -24.35 -33.17
C ARG C 491 146.97 -25.70 -32.93
N LEU C 492 147.47 -26.30 -33.99
CA LEU C 492 148.14 -27.59 -33.93
C LEU C 492 149.62 -27.40 -34.20
N SER C 493 150.45 -28.13 -33.47
CA SER C 493 151.89 -28.12 -33.66
C SER C 493 152.41 -29.54 -33.60
N TYR C 494 153.41 -29.84 -34.41
CA TYR C 494 153.99 -31.18 -34.42
C TYR C 494 155.50 -31.05 -34.58
N GLY C 495 156.21 -31.21 -33.46
CA GLY C 495 157.59 -30.78 -33.37
C GLY C 495 157.71 -29.27 -33.41
N GLU C 496 158.81 -28.81 -34.00
CA GLU C 496 159.01 -27.41 -34.32
C GLU C 496 158.65 -27.07 -35.76
N ASP C 497 158.73 -28.05 -36.66
CA ASP C 497 158.77 -27.83 -38.09
C ASP C 497 157.39 -27.75 -38.75
N LEU C 498 156.32 -28.15 -38.08
CA LEU C 498 154.98 -28.05 -38.65
C LEU C 498 154.04 -27.38 -37.66
N GLN C 499 153.23 -26.46 -38.17
CA GLN C 499 152.19 -25.84 -37.36
C GLN C 499 151.00 -25.52 -38.25
N MET C 500 149.81 -25.52 -37.65
CA MET C 500 148.56 -25.25 -38.33
C MET C 500 147.69 -24.41 -37.42
N ASP C 501 146.78 -23.64 -38.01
CA ASP C 501 145.88 -22.80 -37.25
C ASP C 501 144.52 -22.78 -37.94
N TRP C 502 143.52 -23.38 -37.32
CA TRP C 502 142.22 -23.67 -37.93
C TRP C 502 141.15 -22.92 -37.18
N ASP C 503 140.45 -22.03 -37.88
CA ASP C 503 139.45 -21.21 -37.21
C ASP C 503 138.09 -21.87 -37.10
N GLY C 504 137.86 -22.98 -37.80
CA GLY C 504 136.62 -23.68 -37.74
C GLY C 504 135.56 -23.22 -38.71
N ARG C 505 135.72 -22.03 -39.29
CA ARG C 505 134.77 -21.52 -40.26
C ARG C 505 135.22 -21.77 -41.69
N GLY C 506 136.48 -22.11 -41.90
CA GLY C 506 136.98 -22.39 -43.23
C GLY C 506 138.35 -21.85 -43.51
N ARG C 507 138.92 -21.10 -42.57
CA ARG C 507 140.26 -20.55 -42.74
C ARG C 507 141.29 -21.49 -42.12
N LEU C 508 142.30 -21.86 -42.90
CA LEU C 508 143.38 -22.72 -42.44
C LEU C 508 144.70 -22.09 -42.84
N LEU C 509 145.61 -21.93 -41.89
CA LEU C 509 146.95 -21.45 -42.12
C LEU C 509 147.97 -22.51 -41.70
N VAL C 510 148.77 -22.97 -42.65
CA VAL C 510 149.80 -23.98 -42.38
C VAL C 510 151.17 -23.33 -42.47
N LYS C 511 151.94 -23.42 -41.39
CA LYS C 511 153.27 -22.85 -41.34
C LYS C 511 154.30 -23.96 -41.23
N LEU C 512 155.19 -24.05 -42.22
CA LEU C 512 156.30 -24.99 -42.21
C LEU C 512 157.62 -24.26 -41.99
N SER C 513 158.48 -24.82 -41.15
CA SER C 513 159.84 -24.31 -41.02
C SER C 513 160.64 -24.62 -42.29
N PRO C 514 161.80 -23.98 -42.46
CA PRO C 514 162.63 -24.24 -43.64
C PRO C 514 163.06 -25.68 -43.82
N VAL C 515 162.91 -26.52 -42.80
CA VAL C 515 163.29 -27.92 -42.91
C VAL C 515 162.55 -28.64 -44.03
N TYR C 516 161.33 -28.21 -44.34
CA TYR C 516 160.52 -28.82 -45.39
C TYR C 516 160.65 -28.15 -46.74
N ALA C 517 161.52 -27.16 -46.90
CA ALA C 517 161.66 -26.49 -48.19
C ALA C 517 162.04 -27.49 -49.27
N GLY C 518 161.32 -27.44 -50.39
CA GLY C 518 161.53 -28.33 -51.49
C GLY C 518 160.97 -29.72 -51.30
N LYS C 519 160.68 -30.12 -50.07
CA LYS C 519 160.17 -31.46 -49.79
C LYS C 519 158.66 -31.57 -49.95
N THR C 520 157.96 -30.45 -50.07
CA THR C 520 156.51 -30.41 -49.96
C THR C 520 155.85 -30.68 -51.31
N CYS C 521 154.57 -31.01 -51.26
CA CYS C 521 153.79 -31.35 -52.45
C CYS C 521 152.32 -31.17 -52.11
N GLY C 522 151.51 -30.96 -53.13
CA GLY C 522 150.10 -30.72 -52.98
C GLY C 522 149.70 -29.36 -53.50
N LEU C 523 148.46 -28.97 -53.19
CA LEU C 523 147.95 -27.67 -53.63
C LEU C 523 148.84 -26.52 -53.16
N CYS C 524 149.45 -26.66 -51.99
CA CYS C 524 150.29 -25.58 -51.47
C CYS C 524 151.60 -25.44 -52.22
N GLY C 525 151.92 -26.34 -53.14
CA GLY C 525 153.14 -26.23 -53.90
C GLY C 525 154.30 -26.92 -53.24
N ASN C 526 155.45 -26.84 -53.89
CA ASN C 526 156.65 -27.53 -53.44
C ASN C 526 157.52 -26.72 -52.49
N TYR C 527 157.11 -25.51 -52.14
CA TYR C 527 157.79 -24.70 -51.12
C TYR C 527 159.27 -24.57 -51.44
N ASN C 528 159.58 -23.94 -52.57
CA ASN C 528 160.95 -23.73 -53.01
C ASN C 528 161.21 -22.29 -53.42
N GLY C 529 160.42 -21.34 -52.93
CA GLY C 529 160.68 -19.94 -53.20
C GLY C 529 160.37 -19.47 -54.59
N ASN C 530 159.61 -20.26 -55.36
CA ASN C 530 159.31 -19.92 -56.75
C ASN C 530 157.82 -20.10 -57.00
N GLN C 531 157.17 -19.05 -57.48
CA GLN C 531 155.77 -19.14 -57.86
C GLN C 531 155.57 -19.92 -59.15
N GLY C 532 156.60 -19.97 -59.99
CA GLY C 532 156.43 -20.48 -61.35
C GLY C 532 155.98 -21.92 -61.42
N ASP C 533 156.44 -22.75 -60.50
CA ASP C 533 156.19 -24.19 -60.57
C ASP C 533 155.17 -24.65 -59.53
N ASP C 534 154.39 -23.73 -58.96
CA ASP C 534 153.45 -24.14 -57.92
C ASP C 534 152.25 -24.88 -58.49
N PHE C 535 151.97 -24.75 -59.77
CA PHE C 535 150.94 -25.57 -60.40
C PHE C 535 151.46 -26.92 -60.87
N LEU C 536 152.55 -27.39 -60.30
CA LEU C 536 153.00 -28.75 -60.55
C LEU C 536 151.94 -29.75 -60.13
N THR C 537 151.98 -30.92 -60.74
CA THR C 537 151.02 -31.99 -60.51
C THR C 537 151.77 -33.30 -60.33
N PRO C 538 151.15 -34.30 -59.72
CA PRO C 538 151.84 -35.59 -59.57
C PRO C 538 152.32 -36.18 -60.87
N SER C 539 151.78 -35.73 -62.01
CA SER C 539 152.30 -36.16 -63.30
C SER C 539 153.69 -35.64 -63.58
N GLY C 540 154.17 -34.68 -62.79
CA GLY C 540 155.49 -34.11 -62.98
C GLY C 540 155.55 -32.87 -63.84
N LEU C 541 154.44 -32.46 -64.44
CA LEU C 541 154.39 -31.26 -65.26
C LEU C 541 153.50 -30.21 -64.62
N ALA C 542 153.77 -28.96 -64.97
CA ALA C 542 153.04 -27.83 -64.43
C ALA C 542 151.85 -27.50 -65.33
N GLU C 543 150.67 -27.54 -64.76
CA GLU C 543 149.46 -27.23 -65.51
C GLU C 543 149.30 -25.72 -65.64
N PRO C 544 149.11 -25.19 -66.85
CA PRO C 544 148.90 -23.75 -66.99
C PRO C 544 147.56 -23.27 -66.45
N ARG C 545 146.63 -24.17 -66.19
CA ARG C 545 145.28 -23.82 -65.75
C ARG C 545 145.09 -24.25 -64.31
N VAL C 546 144.49 -23.39 -63.50
CA VAL C 546 144.25 -23.73 -62.10
C VAL C 546 143.31 -24.91 -61.99
N GLU C 547 142.34 -25.01 -62.90
CA GLU C 547 141.36 -26.09 -62.82
C GLU C 547 142.01 -27.45 -62.95
N ASP C 548 142.82 -27.65 -63.99
CA ASP C 548 143.51 -28.92 -64.16
C ASP C 548 144.46 -29.20 -63.01
N PHE C 549 145.21 -28.20 -62.58
CA PHE C 549 146.13 -28.35 -61.46
C PHE C 549 145.40 -28.88 -60.23
N GLY C 550 144.31 -28.21 -59.85
CA GLY C 550 143.58 -28.65 -58.67
C GLY C 550 142.94 -30.00 -58.84
N ASN C 551 142.41 -30.29 -60.04
CA ASN C 551 141.81 -31.59 -60.28
C ASN C 551 142.84 -32.70 -60.15
N ALA C 552 144.11 -32.40 -60.44
CA ALA C 552 145.14 -33.41 -60.32
C ALA C 552 145.38 -33.88 -58.90
N TRP C 553 145.04 -33.06 -57.90
CA TRP C 553 145.28 -33.37 -56.50
C TRP C 553 144.05 -33.86 -55.77
N LYS C 554 142.96 -34.15 -56.47
CA LYS C 554 141.76 -34.66 -55.82
C LYS C 554 141.93 -36.14 -55.49
N LEU C 555 141.46 -36.51 -54.30
CA LEU C 555 141.71 -37.85 -53.78
C LEU C 555 140.76 -38.90 -54.31
N HIS C 556 139.52 -38.51 -54.64
CA HIS C 556 138.46 -39.46 -54.94
C HIS C 556 138.07 -39.34 -56.40
N GLY C 557 138.01 -40.47 -57.10
CA GLY C 557 137.79 -40.44 -58.53
C GLY C 557 136.39 -40.05 -58.93
N ASP C 558 135.40 -40.26 -58.06
CA ASP C 558 134.03 -39.93 -58.40
C ASP C 558 133.72 -38.45 -58.25
N CYS C 559 134.66 -37.67 -57.72
CA CYS C 559 134.45 -36.24 -57.61
C CYS C 559 134.37 -35.59 -58.98
N GLN C 560 133.61 -34.49 -59.07
CA GLN C 560 133.52 -33.75 -60.31
C GLN C 560 134.84 -33.05 -60.63
N ASP C 561 135.32 -33.24 -61.85
CA ASP C 561 136.48 -32.49 -62.31
C ASP C 561 136.04 -31.08 -62.67
N LEU C 562 136.65 -30.08 -62.03
CA LEU C 562 136.24 -28.71 -62.22
C LEU C 562 136.52 -28.29 -63.66
N GLN C 563 135.48 -27.85 -64.36
CA GLN C 563 135.64 -27.51 -65.77
C GLN C 563 136.15 -26.09 -65.96
N LYS C 564 135.53 -25.12 -65.31
CA LYS C 564 135.97 -23.74 -65.39
C LYS C 564 135.86 -23.08 -64.03
N GLN C 565 136.89 -22.32 -63.67
CA GLN C 565 136.89 -21.55 -62.42
C GLN C 565 136.38 -20.16 -62.74
N HIS C 566 135.08 -19.96 -62.57
CA HIS C 566 134.46 -18.68 -62.90
C HIS C 566 134.85 -17.62 -61.89
N SER C 567 135.54 -16.58 -62.36
CA SER C 567 135.77 -15.41 -61.53
C SER C 567 134.53 -14.52 -61.55
N ASP C 568 134.54 -13.52 -60.68
CA ASP C 568 133.46 -12.54 -60.61
C ASP C 568 132.10 -13.21 -60.43
N PRO C 569 131.82 -13.78 -59.25
CA PRO C 569 130.48 -14.32 -58.99
C PRO C 569 129.41 -13.25 -58.94
N CYS C 570 129.78 -11.98 -58.91
CA CYS C 570 128.81 -10.89 -58.84
C CYS C 570 127.86 -10.90 -60.03
N ALA C 571 128.25 -11.51 -61.15
CA ALA C 571 127.37 -11.58 -62.31
C ALA C 571 126.10 -12.35 -61.98
N LEU C 572 126.21 -13.41 -61.17
CA LEU C 572 125.05 -14.21 -60.83
C LEU C 572 124.14 -13.51 -59.84
N ASN C 573 124.69 -12.62 -59.02
CA ASN C 573 123.91 -11.83 -58.06
C ASN C 573 124.26 -10.36 -58.26
N PRO C 574 123.68 -9.72 -59.26
CA PRO C 574 124.00 -8.30 -59.50
C PRO C 574 123.68 -7.40 -58.34
N ARG C 575 122.72 -7.77 -57.49
CA ARG C 575 122.35 -6.91 -56.38
C ARG C 575 123.53 -6.61 -55.47
N MET C 576 124.47 -7.53 -55.36
CA MET C 576 125.57 -7.43 -54.42
C MET C 576 126.78 -6.71 -54.98
N THR C 577 126.78 -6.35 -56.27
CA THR C 577 127.99 -5.79 -56.87
C THR C 577 128.34 -4.43 -56.27
N ARG C 578 127.36 -3.56 -56.05
CA ARG C 578 127.63 -2.25 -55.48
C ARG C 578 128.23 -2.38 -54.10
N PHE C 579 127.62 -3.20 -53.26
CA PHE C 579 128.15 -3.43 -51.91
C PHE C 579 129.54 -4.02 -51.97
N SER C 580 129.75 -4.99 -52.84
CA SER C 580 131.06 -5.61 -52.95
C SER C 580 132.12 -4.57 -53.24
N GLU C 581 131.91 -3.76 -54.28
CA GLU C 581 132.89 -2.74 -54.62
C GLU C 581 133.10 -1.77 -53.46
N GLU C 582 132.01 -1.17 -52.98
CA GLU C 582 132.13 -0.06 -52.03
C GLU C 582 132.60 -0.53 -50.66
N ALA C 583 132.46 -1.81 -50.33
CA ALA C 583 132.90 -2.31 -49.04
C ALA C 583 134.32 -2.83 -49.11
N CYS C 584 134.62 -3.68 -50.10
CA CYS C 584 135.96 -4.22 -50.20
C CYS C 584 136.96 -3.17 -50.65
N ALA C 585 136.52 -2.00 -51.11
CA ALA C 585 137.45 -0.94 -51.44
C ALA C 585 138.24 -0.45 -50.24
N VAL C 586 137.79 -0.75 -49.01
CA VAL C 586 138.49 -0.26 -47.83
C VAL C 586 139.90 -0.82 -47.75
N LEU C 587 140.14 -1.98 -48.36
CA LEU C 587 141.49 -2.53 -48.35
C LEU C 587 142.51 -1.60 -48.97
N THR C 588 142.09 -0.71 -49.86
CA THR C 588 142.98 0.27 -50.48
C THR C 588 142.87 1.64 -49.86
N SER C 589 142.04 1.81 -48.85
CA SER C 589 141.84 3.10 -48.21
C SER C 589 143.03 3.44 -47.33
N PRO C 590 143.17 4.70 -46.92
CA PRO C 590 144.25 5.04 -45.98
C PRO C 590 144.24 4.22 -44.71
N THR C 591 143.13 3.55 -44.39
CA THR C 591 143.10 2.64 -43.25
C THR C 591 144.18 1.57 -43.37
N PHE C 592 144.50 1.16 -44.60
CA PHE C 592 145.48 0.11 -44.83
C PHE C 592 146.72 0.60 -45.56
N GLU C 593 146.82 1.91 -45.84
CA GLU C 593 148.00 2.41 -46.54
C GLU C 593 149.28 2.12 -45.77
N ALA C 594 149.19 1.97 -44.45
CA ALA C 594 150.37 1.62 -43.67
C ALA C 594 150.88 0.23 -44.04
N CYS C 595 150.05 -0.60 -44.67
CA CYS C 595 150.42 -1.96 -44.99
C CYS C 595 150.69 -2.20 -46.46
N HIS C 596 150.23 -1.32 -47.35
CA HIS C 596 150.39 -1.56 -48.78
C HIS C 596 151.84 -1.79 -49.15
N ARG C 597 152.76 -1.14 -48.46
CA ARG C 597 154.18 -1.36 -48.72
C ARG C 597 154.59 -2.78 -48.33
N ALA C 598 154.09 -3.27 -47.20
CA ALA C 598 154.49 -4.57 -46.70
C ALA C 598 153.85 -5.71 -47.49
N VAL C 599 152.55 -5.64 -47.73
CA VAL C 599 151.82 -6.69 -48.41
C VAL C 599 151.00 -6.08 -49.54
N SER C 600 151.05 -6.69 -50.71
CA SER C 600 150.28 -6.20 -51.83
C SER C 600 148.79 -6.44 -51.58
N PRO C 601 147.95 -5.42 -51.64
CA PRO C 601 146.53 -5.61 -51.33
C PRO C 601 145.71 -6.17 -52.48
N LEU C 602 146.30 -6.32 -53.67
CA LEU C 602 145.49 -6.70 -54.83
C LEU C 602 144.90 -8.10 -54.71
N PRO C 603 145.66 -9.15 -54.36
CA PRO C 603 145.04 -10.47 -54.22
C PRO C 603 143.96 -10.50 -53.17
N TYR C 604 144.19 -9.81 -52.04
CA TYR C 604 143.19 -9.79 -50.99
C TYR C 604 141.96 -9.01 -51.42
N LEU C 605 142.12 -7.99 -52.25
CA LEU C 605 140.97 -7.27 -52.79
C LEU C 605 140.15 -8.16 -53.72
N ARG C 606 140.81 -8.88 -54.61
CA ARG C 606 140.11 -9.83 -55.47
C ARG C 606 139.35 -10.85 -54.64
N ASN C 607 140.01 -11.41 -53.64
CA ASN C 607 139.37 -12.41 -52.78
C ASN C 607 138.20 -11.80 -52.02
N CYS C 608 138.35 -10.57 -51.53
CA CYS C 608 137.27 -9.91 -50.80
C CYS C 608 136.04 -9.75 -51.67
N ARG C 609 136.22 -9.23 -52.89
CA ARG C 609 135.07 -9.03 -53.75
C ARG C 609 134.42 -10.34 -54.13
N TYR C 610 135.22 -11.35 -54.46
CA TYR C 610 134.68 -12.68 -54.75
C TYR C 610 133.84 -13.18 -53.57
N ASP C 611 134.40 -13.11 -52.36
CA ASP C 611 133.72 -13.64 -51.19
C ASP C 611 132.42 -12.90 -50.94
N VAL C 612 132.46 -11.57 -50.94
CA VAL C 612 131.26 -10.80 -50.64
C VAL C 612 130.17 -11.09 -51.66
N CYS C 613 130.55 -11.26 -52.93
CA CYS C 613 129.53 -11.54 -53.94
C CYS C 613 129.01 -12.97 -53.88
N SER C 614 129.80 -13.93 -53.41
CA SER C 614 129.38 -15.33 -53.47
C SER C 614 128.91 -15.91 -52.15
N CYS C 615 129.14 -15.24 -51.03
CA CYS C 615 128.90 -15.86 -49.73
C CYS C 615 127.42 -15.85 -49.37
N SER C 616 127.07 -16.70 -48.41
CA SER C 616 125.72 -16.70 -47.86
C SER C 616 125.42 -15.38 -47.16
N ASP C 617 126.36 -14.88 -46.37
CA ASP C 617 126.24 -13.60 -45.69
C ASP C 617 127.43 -12.74 -46.11
N GLY C 618 127.13 -11.62 -46.76
CA GLY C 618 128.20 -10.76 -47.24
C GLY C 618 128.95 -10.04 -46.14
N ARG C 619 128.28 -9.78 -45.02
CA ARG C 619 128.94 -9.10 -43.91
C ARG C 619 130.01 -9.98 -43.27
N GLU C 620 129.65 -11.23 -43.00
CA GLU C 620 130.60 -12.15 -42.40
C GLU C 620 131.81 -12.35 -43.28
N CYS C 621 131.60 -12.52 -44.59
CA CYS C 621 132.73 -12.73 -45.48
C CYS C 621 133.52 -11.45 -45.71
N LEU C 622 132.87 -10.29 -45.67
CA LEU C 622 133.60 -9.04 -45.67
C LEU C 622 134.57 -8.97 -44.51
N CYS C 623 134.08 -9.28 -43.31
CA CYS C 623 134.95 -9.31 -42.14
C CYS C 623 136.05 -10.34 -42.31
N GLY C 624 135.72 -11.51 -42.86
CA GLY C 624 136.73 -12.53 -43.07
C GLY C 624 137.85 -12.07 -43.97
N ALA C 625 137.51 -11.44 -45.10
CA ALA C 625 138.53 -10.98 -46.03
C ALA C 625 139.37 -9.85 -45.44
N LEU C 626 138.72 -8.88 -44.80
CA LEU C 626 139.47 -7.80 -44.18
C LEU C 626 140.40 -8.33 -43.10
N ALA C 627 139.93 -9.29 -42.30
CA ALA C 627 140.76 -9.88 -41.27
C ALA C 627 141.91 -10.66 -41.90
N SER C 628 141.68 -11.30 -43.06
CA SER C 628 142.76 -12.00 -43.73
C SER C 628 143.88 -11.04 -44.12
N TYR C 629 143.50 -9.91 -44.73
CA TYR C 629 144.54 -8.95 -45.11
C TYR C 629 145.22 -8.37 -43.88
N ALA C 630 144.47 -8.08 -42.83
CA ALA C 630 145.08 -7.57 -41.61
C ALA C 630 146.02 -8.59 -40.99
N ALA C 631 145.67 -9.87 -41.08
CA ALA C 631 146.54 -10.92 -40.57
C ALA C 631 147.82 -11.01 -41.37
N ALA C 632 147.73 -10.85 -42.69
CA ALA C 632 148.96 -10.79 -43.49
C ALA C 632 149.83 -9.62 -43.07
N CYS C 633 149.22 -8.45 -42.87
CA CYS C 633 149.96 -7.28 -42.42
C CYS C 633 150.66 -7.55 -41.10
N ALA C 634 149.93 -8.15 -40.15
CA ALA C 634 150.53 -8.48 -38.86
C ALA C 634 151.68 -9.47 -39.02
N GLY C 635 151.53 -10.42 -39.94
CA GLY C 635 152.63 -11.32 -40.23
C GLY C 635 153.86 -10.59 -40.70
N ARG C 636 153.67 -9.54 -41.49
CA ARG C 636 154.77 -8.65 -41.84
C ARG C 636 155.06 -7.60 -40.78
N GLY C 637 154.53 -7.77 -39.57
CA GLY C 637 154.85 -6.88 -38.48
C GLY C 637 154.12 -5.56 -38.47
N VAL C 638 153.15 -5.36 -39.34
CA VAL C 638 152.38 -4.12 -39.40
C VAL C 638 151.00 -4.40 -38.82
N ARG C 639 150.61 -3.63 -37.81
CA ARG C 639 149.30 -3.79 -37.17
C ARG C 639 148.42 -2.61 -37.54
N VAL C 640 147.21 -2.90 -38.01
CA VAL C 640 146.27 -1.89 -38.48
C VAL C 640 145.02 -1.96 -37.63
N ALA C 641 144.60 -0.81 -37.10
CA ALA C 641 143.37 -0.70 -36.32
C ALA C 641 142.19 -0.54 -37.28
N TRP C 642 141.82 -1.65 -37.90
CA TRP C 642 140.85 -1.61 -38.98
C TRP C 642 139.41 -1.84 -38.53
N ARG C 643 139.21 -2.52 -37.40
CA ARG C 643 137.85 -2.75 -36.93
C ARG C 643 137.24 -1.45 -36.38
N GLU C 644 135.95 -1.28 -36.62
CA GLU C 644 135.23 -0.09 -36.19
C GLU C 644 133.79 -0.48 -35.95
N PRO C 645 133.00 0.38 -35.28
CA PRO C 645 131.59 0.04 -35.03
C PRO C 645 130.82 -0.31 -36.29
N GLY C 646 131.12 0.36 -37.39
CA GLY C 646 130.43 0.05 -38.63
C GLY C 646 130.90 -1.20 -39.33
N ARG C 647 131.96 -1.85 -38.85
CA ARG C 647 132.46 -3.03 -39.52
C ARG C 647 133.26 -3.90 -38.56
N CYS C 648 132.75 -5.10 -38.28
CA CYS C 648 133.57 -6.22 -37.81
C CYS C 648 134.21 -5.96 -36.45
N GLU C 649 133.41 -5.53 -35.48
CA GLU C 649 133.88 -5.49 -34.11
C GLU C 649 133.77 -6.86 -33.47
N LEU C 650 134.79 -7.21 -32.67
CA LEU C 650 134.74 -8.44 -31.89
C LEU C 650 133.96 -8.18 -30.60
N ASN C 651 132.78 -8.77 -30.49
CA ASN C 651 131.97 -8.65 -29.29
C ASN C 651 132.43 -9.73 -28.31
N CYS C 652 133.31 -9.34 -27.38
CA CYS C 652 133.97 -10.32 -26.53
C CYS C 652 133.00 -10.90 -25.51
N PRO C 653 133.16 -12.18 -25.16
CA PRO C 653 132.28 -12.78 -24.16
C PRO C 653 132.45 -12.12 -22.81
N LYS C 654 131.33 -12.03 -22.08
CA LYS C 654 131.28 -11.61 -20.67
C LYS C 654 132.10 -10.34 -20.49
N GLY C 655 132.97 -10.26 -19.49
CA GLY C 655 133.75 -9.08 -19.20
C GLY C 655 135.09 -9.00 -19.88
N GLN C 656 135.41 -9.91 -20.79
CA GLN C 656 136.68 -9.87 -21.49
C GLN C 656 136.76 -8.61 -22.34
N VAL C 657 137.97 -8.11 -22.52
CA VAL C 657 138.22 -6.86 -23.22
C VAL C 657 138.99 -7.16 -24.50
N TYR C 658 138.57 -6.54 -25.60
CA TYR C 658 139.26 -6.69 -26.87
C TYR C 658 140.59 -5.94 -26.84
N LEU C 659 141.65 -6.63 -27.24
CA LEU C 659 142.96 -6.01 -27.42
C LEU C 659 143.46 -6.26 -28.83
N GLN C 660 144.05 -5.22 -29.42
CA GLN C 660 144.67 -5.37 -30.74
C GLN C 660 145.99 -6.11 -30.66
N CYS C 661 146.70 -6.02 -29.54
CA CYS C 661 147.99 -6.69 -29.34
C CYS C 661 148.07 -7.12 -27.89
N GLY C 662 147.68 -8.37 -27.63
CA GLY C 662 147.73 -8.92 -26.29
C GLY C 662 148.55 -10.20 -26.24
N THR C 663 149.05 -10.54 -25.07
CA THR C 663 149.93 -11.69 -24.96
C THR C 663 149.15 -12.91 -24.52
N PRO C 664 149.26 -14.03 -25.24
CA PRO C 664 148.48 -15.23 -24.89
C PRO C 664 149.11 -16.08 -23.81
N CYS C 665 150.38 -15.85 -23.48
CA CYS C 665 151.13 -16.82 -22.68
C CYS C 665 150.54 -16.99 -21.28
N ASN C 666 150.06 -15.91 -20.68
CA ASN C 666 149.60 -15.93 -19.30
C ASN C 666 148.12 -15.56 -19.18
N LEU C 667 147.29 -16.04 -20.09
CA LEU C 667 145.87 -15.73 -20.03
C LEU C 667 145.09 -16.77 -19.23
N THR C 668 145.28 -18.05 -19.52
CA THR C 668 144.52 -19.12 -18.90
C THR C 668 145.17 -19.55 -17.58
N CYS C 669 144.34 -20.13 -16.71
CA CYS C 669 144.84 -20.55 -15.41
C CYS C 669 145.76 -21.78 -15.53
N ARG C 670 145.66 -22.53 -16.62
CA ARG C 670 146.64 -23.57 -16.88
C ARG C 670 148.05 -23.01 -16.92
N SER C 671 148.20 -21.75 -17.36
CA SER C 671 149.51 -21.11 -17.30
C SER C 671 150.01 -21.01 -15.86
N LEU C 672 149.10 -20.75 -14.92
CA LEU C 672 149.48 -20.80 -13.51
C LEU C 672 149.84 -22.21 -13.10
N SER C 673 149.07 -23.20 -13.54
CA SER C 673 149.34 -24.57 -13.12
C SER C 673 150.61 -25.13 -13.74
N TYR C 674 151.05 -24.60 -14.87
CA TYR C 674 152.28 -25.03 -15.54
C TYR C 674 153.12 -23.81 -15.86
N PRO C 675 153.72 -23.18 -14.85
CA PRO C 675 154.50 -21.96 -15.10
C PRO C 675 155.82 -22.21 -15.78
N ASP C 676 156.38 -23.42 -15.68
CA ASP C 676 157.67 -23.72 -16.26
C ASP C 676 157.59 -24.12 -17.73
N GLU C 677 156.39 -24.25 -18.29
CA GLU C 677 156.26 -24.48 -19.72
C GLU C 677 156.55 -23.18 -20.46
N GLU C 678 157.65 -23.17 -21.21
CA GLU C 678 158.12 -21.94 -21.82
C GLU C 678 157.13 -21.45 -22.88
N CYS C 679 156.95 -20.13 -22.92
CA CYS C 679 156.05 -19.49 -23.89
C CYS C 679 156.66 -18.18 -24.32
N ASN C 680 156.93 -18.04 -25.61
CA ASN C 680 157.54 -16.83 -26.17
C ASN C 680 156.73 -16.27 -27.33
N GLU C 681 155.44 -16.61 -27.40
CA GLU C 681 154.64 -16.29 -28.56
C GLU C 681 154.38 -14.78 -28.64
N ALA C 682 154.40 -14.25 -29.85
CA ALA C 682 154.13 -12.85 -30.10
C ALA C 682 152.68 -12.51 -29.77
N CYS C 683 152.41 -11.21 -29.61
CA CYS C 683 151.06 -10.79 -29.27
C CYS C 683 150.13 -10.97 -30.46
N LEU C 684 148.84 -10.97 -30.17
CA LEU C 684 147.82 -11.13 -31.21
C LEU C 684 146.54 -10.44 -30.74
N GLU C 685 145.71 -10.10 -31.71
CA GLU C 685 144.41 -9.51 -31.38
C GLU C 685 143.43 -10.59 -30.93
N GLY C 686 142.54 -10.21 -30.05
CA GLY C 686 141.55 -11.13 -29.54
C GLY C 686 140.93 -10.59 -28.27
N CYS C 687 140.23 -11.48 -27.57
CA CYS C 687 139.57 -11.14 -26.32
C CYS C 687 140.40 -11.65 -25.17
N PHE C 688 140.78 -10.74 -24.27
CA PHE C 688 141.63 -11.06 -23.14
C PHE C 688 140.95 -10.57 -21.87
N CYS C 689 141.29 -11.22 -20.76
CA CYS C 689 140.81 -10.74 -19.48
C CYS C 689 141.58 -9.50 -19.05
N PRO C 690 140.97 -8.64 -18.24
CA PRO C 690 141.67 -7.45 -17.74
C PRO C 690 142.99 -7.81 -17.09
N PRO C 691 143.90 -6.85 -16.90
CA PRO C 691 145.28 -7.20 -16.54
C PRO C 691 145.41 -8.01 -15.26
N GLY C 692 144.53 -7.82 -14.30
CA GLY C 692 144.67 -8.48 -13.02
C GLY C 692 143.98 -9.82 -12.88
N LEU C 693 143.37 -10.33 -13.95
CA LEU C 693 142.55 -11.52 -13.87
C LEU C 693 143.00 -12.56 -14.87
N TYR C 694 142.91 -13.83 -14.48
CA TYR C 694 143.15 -14.96 -15.36
C TYR C 694 141.81 -15.51 -15.83
N MET C 695 141.87 -16.41 -16.81
CA MET C 695 140.69 -16.94 -17.45
C MET C 695 140.59 -18.44 -17.17
N ASP C 696 139.42 -18.88 -16.73
CA ASP C 696 139.17 -20.27 -16.38
C ASP C 696 138.53 -21.01 -17.56
N GLU C 697 138.07 -22.25 -17.31
CA GLU C 697 137.47 -23.04 -18.37
C GLU C 697 136.16 -22.43 -18.86
N ARG C 698 135.39 -21.84 -17.96
CA ARG C 698 134.11 -21.25 -18.37
C ARG C 698 134.29 -19.98 -19.18
N GLY C 699 135.51 -19.47 -19.33
CA GLY C 699 135.73 -18.20 -19.95
C GLY C 699 135.57 -17.02 -19.02
N ASP C 700 135.30 -17.27 -17.75
CA ASP C 700 135.16 -16.19 -16.78
C ASP C 700 136.52 -15.73 -16.32
N CYS C 701 136.66 -14.41 -16.16
CA CYS C 701 137.90 -13.84 -15.67
C CYS C 701 137.92 -13.90 -14.15
N VAL C 702 138.96 -14.51 -13.59
CA VAL C 702 139.03 -14.74 -12.16
C VAL C 702 140.39 -14.30 -11.65
N PRO C 703 140.50 -13.81 -10.41
CA PRO C 703 141.81 -13.60 -9.82
C PRO C 703 142.54 -14.92 -9.64
N LYS C 704 143.87 -14.85 -9.63
CA LYS C 704 144.66 -16.07 -9.54
C LYS C 704 144.33 -16.88 -8.29
N ALA C 705 143.82 -16.23 -7.25
CA ALA C 705 143.41 -16.96 -6.05
C ALA C 705 142.24 -17.89 -6.31
N GLN C 706 141.46 -17.65 -7.37
CA GLN C 706 140.27 -18.43 -7.67
C GLN C 706 140.47 -19.43 -8.79
N CYS C 707 141.62 -19.44 -9.45
CA CYS C 707 141.86 -20.43 -10.48
C CYS C 707 141.91 -21.83 -9.89
N PRO C 708 141.38 -22.83 -10.58
CA PRO C 708 141.65 -24.21 -10.20
C PRO C 708 143.05 -24.64 -10.59
N CYS C 709 143.49 -25.74 -9.98
CA CYS C 709 144.80 -26.30 -10.24
C CYS C 709 144.65 -27.56 -11.07
N TYR C 710 145.43 -27.65 -12.13
CA TYR C 710 145.44 -28.83 -13.00
C TYR C 710 146.62 -29.71 -12.62
N TYR C 711 146.33 -30.94 -12.21
CA TYR C 711 147.36 -31.85 -11.75
C TYR C 711 147.07 -33.22 -12.32
N ASP C 712 148.03 -33.80 -13.03
CA ASP C 712 147.87 -35.12 -13.65
C ASP C 712 146.62 -35.19 -14.52
N GLY C 713 146.25 -34.06 -15.10
CA GLY C 713 145.06 -34.02 -15.94
C GLY C 713 143.76 -33.93 -15.17
N GLU C 714 143.80 -33.68 -13.87
CA GLU C 714 142.61 -33.56 -13.05
C GLU C 714 142.52 -32.13 -12.54
N ILE C 715 141.30 -31.62 -12.44
CA ILE C 715 141.06 -30.21 -12.11
C ILE C 715 140.68 -30.14 -10.64
N PHE C 716 141.49 -29.44 -9.86
CA PHE C 716 141.25 -29.27 -8.44
C PHE C 716 140.87 -27.83 -8.13
N GLN C 717 139.92 -27.65 -7.25
CA GLN C 717 139.43 -26.33 -6.88
C GLN C 717 140.41 -25.65 -5.93
N PRO C 718 140.29 -24.34 -5.77
CA PRO C 718 141.16 -23.64 -4.83
C PRO C 718 141.03 -24.20 -3.42
N GLU C 719 142.15 -24.23 -2.71
CA GLU C 719 142.26 -24.72 -1.33
C GLU C 719 142.05 -26.22 -1.21
N ASP C 720 141.97 -26.94 -2.32
CA ASP C 720 141.86 -28.39 -2.24
C ASP C 720 143.16 -28.98 -1.72
N ILE C 721 143.03 -30.04 -0.93
CA ILE C 721 144.16 -30.75 -0.35
C ILE C 721 143.98 -32.22 -0.66
N PHE C 722 145.08 -32.91 -0.96
CA PHE C 722 145.02 -34.36 -1.02
C PHE C 722 146.38 -34.92 -0.65
N SER C 723 146.37 -36.13 -0.12
CA SER C 723 147.59 -36.83 0.25
C SER C 723 147.50 -38.28 -0.19
N ASP C 724 148.60 -38.79 -0.70
CA ASP C 724 148.67 -40.14 -1.25
C ASP C 724 149.77 -40.92 -0.52
N HIS C 725 149.93 -42.18 -0.93
CA HIS C 725 151.03 -42.99 -0.41
C HIS C 725 152.36 -42.29 -0.62
N HIS C 726 152.48 -41.55 -1.70
CA HIS C 726 153.75 -40.99 -2.12
C HIS C 726 153.84 -39.48 -1.96
N THR C 727 152.72 -38.78 -1.88
CA THR C 727 152.76 -37.33 -2.07
C THR C 727 151.68 -36.67 -1.23
N MET C 728 151.90 -35.41 -0.91
CA MET C 728 150.93 -34.54 -0.28
C MET C 728 150.92 -33.22 -1.05
N CYS C 729 149.73 -32.78 -1.47
CA CYS C 729 149.61 -31.63 -2.33
C CYS C 729 148.50 -30.74 -1.85
N TYR C 730 148.53 -29.48 -2.27
CA TYR C 730 147.42 -28.58 -2.03
C TYR C 730 147.41 -27.51 -3.09
N CYS C 731 146.22 -27.03 -3.44
CA CYS C 731 146.02 -26.08 -4.52
C CYS C 731 145.92 -24.68 -3.94
N GLU C 732 146.78 -23.79 -4.40
CA GLU C 732 146.74 -22.40 -3.97
C GLU C 732 147.22 -21.53 -5.11
N ASP C 733 146.47 -20.47 -5.41
CA ASP C 733 146.83 -19.51 -6.45
C ASP C 733 147.06 -20.19 -7.78
N GLY C 734 146.21 -21.17 -8.08
CA GLY C 734 146.26 -21.83 -9.37
C GLY C 734 147.42 -22.78 -9.56
N PHE C 735 148.18 -23.07 -8.50
CA PHE C 735 149.30 -23.98 -8.60
C PHE C 735 149.17 -25.08 -7.55
N MET C 736 149.60 -26.28 -7.90
CA MET C 736 149.50 -27.43 -7.01
C MET C 736 150.83 -27.55 -6.27
N HIS C 737 150.84 -27.14 -5.00
CA HIS C 737 152.07 -27.08 -4.22
C HIS C 737 152.32 -28.44 -3.58
N CYS C 738 152.82 -29.38 -4.38
CA CYS C 738 153.16 -30.69 -3.87
C CYS C 738 154.51 -30.64 -3.17
N THR C 739 154.55 -31.15 -1.93
CA THR C 739 155.72 -31.01 -1.07
C THR C 739 156.06 -32.31 -0.38
N MET C 740 155.95 -33.43 -1.09
CA MET C 740 156.41 -34.70 -0.54
C MET C 740 156.92 -35.56 -1.69
N SER C 741 157.98 -36.33 -1.40
CA SER C 741 158.64 -37.19 -2.38
C SER C 741 159.00 -36.43 -3.64
N GLU C 786 148.86 -55.27 -17.59
CA GLU C 786 149.57 -56.31 -16.85
C GLU C 786 150.09 -55.77 -15.53
N CYS C 787 150.12 -56.62 -14.51
CA CYS C 787 150.58 -56.20 -13.19
C CYS C 787 151.05 -57.42 -12.42
N ALA C 788 151.85 -57.17 -11.39
CA ALA C 788 152.21 -58.22 -10.45
C ALA C 788 151.02 -58.55 -9.56
N LYS C 789 150.99 -59.78 -9.07
CA LYS C 789 149.86 -60.26 -8.28
C LYS C 789 150.32 -60.77 -6.92
N THR C 790 149.40 -60.69 -5.96
CA THR C 790 149.62 -61.14 -4.60
C THR C 790 148.49 -62.08 -4.23
N CYS C 791 148.74 -62.95 -3.25
CA CYS C 791 147.73 -63.93 -2.87
C CYS C 791 146.40 -63.27 -2.56
N GLN C 792 146.44 -62.06 -1.99
CA GLN C 792 145.20 -61.37 -1.65
C GLN C 792 144.50 -60.84 -2.90
N ASN C 793 145.24 -60.23 -3.82
CA ASN C 793 144.67 -59.52 -4.95
C ASN C 793 144.70 -60.32 -6.25
N TYR C 794 144.86 -61.64 -6.17
CA TYR C 794 144.99 -62.42 -7.39
C TYR C 794 143.75 -62.31 -8.26
N ASP C 795 142.56 -62.40 -7.65
CA ASP C 795 141.32 -62.39 -8.42
C ASP C 795 140.88 -60.98 -8.79
N LEU C 796 141.48 -59.95 -8.21
CA LEU C 796 141.04 -58.59 -8.44
C LEU C 796 141.70 -58.01 -9.69
N GLU C 797 141.34 -56.77 -10.03
CA GLU C 797 141.89 -56.08 -11.17
C GLU C 797 143.33 -55.67 -10.91
N CYS C 798 143.95 -55.11 -11.93
CA CYS C 798 145.27 -54.48 -11.80
C CYS C 798 145.10 -53.01 -11.46
N MET C 799 145.95 -52.52 -10.56
CA MET C 799 145.87 -51.11 -10.17
C MET C 799 146.10 -50.23 -11.39
N SER C 800 145.11 -49.40 -11.69
CA SER C 800 145.18 -48.51 -12.86
C SER C 800 145.84 -47.19 -12.48
N MET C 801 147.06 -47.30 -11.97
CA MET C 801 147.81 -46.13 -11.51
C MET C 801 149.27 -46.23 -11.92
N GLY C 802 149.54 -46.86 -13.06
CA GLY C 802 150.90 -46.99 -13.55
C GLY C 802 150.95 -47.54 -14.96
N LEU C 808 158.81 -59.49 -10.96
CA LEU C 808 157.59 -60.16 -11.41
C LEU C 808 157.75 -61.67 -11.37
N CYS C 809 156.90 -62.34 -10.58
CA CYS C 809 157.02 -63.77 -10.38
C CYS C 809 156.55 -64.52 -11.64
N PRO C 810 156.97 -65.77 -11.81
CA PRO C 810 156.57 -66.55 -12.99
C PRO C 810 155.07 -66.77 -13.01
N PRO C 811 154.51 -67.13 -14.16
CA PRO C 811 153.08 -67.49 -14.21
C PRO C 811 152.80 -68.70 -13.32
N GLY C 812 151.63 -68.69 -12.69
CA GLY C 812 151.29 -69.72 -11.73
C GLY C 812 151.96 -69.57 -10.39
N MET C 813 152.65 -68.46 -10.15
CA MET C 813 153.34 -68.20 -8.90
C MET C 813 153.00 -66.78 -8.47
N VAL C 814 152.93 -66.58 -7.15
CA VAL C 814 152.33 -65.37 -6.60
C VAL C 814 153.22 -64.80 -5.50
N ARG C 815 153.25 -63.47 -5.41
CA ARG C 815 153.99 -62.79 -4.35
C ARG C 815 153.36 -63.07 -3.00
N HIS C 816 154.19 -63.45 -2.03
CA HIS C 816 153.73 -63.70 -0.66
C HIS C 816 154.94 -63.73 0.26
N GLU C 817 154.83 -63.10 1.43
CA GLU C 817 155.95 -62.99 2.36
C GLU C 817 157.18 -62.39 1.70
N ASN C 818 156.97 -61.49 0.75
CA ASN C 818 158.05 -60.91 -0.05
C ASN C 818 158.88 -61.99 -0.74
N ARG C 819 158.20 -63.03 -1.22
CA ARG C 819 158.82 -64.07 -2.03
C ARG C 819 157.77 -64.62 -2.97
N CYS C 820 158.23 -65.21 -4.07
CA CYS C 820 157.32 -65.82 -5.03
C CYS C 820 156.89 -67.18 -4.53
N VAL C 821 155.58 -67.40 -4.42
CA VAL C 821 155.01 -68.62 -3.87
C VAL C 821 154.00 -69.17 -4.88
N ALA C 822 153.97 -70.49 -4.99
CA ALA C 822 153.16 -71.13 -6.02
C ALA C 822 151.68 -70.94 -5.75
N LEU C 823 150.90 -70.91 -6.83
CA LEU C 823 149.45 -70.90 -6.71
C LEU C 823 148.99 -72.26 -6.22
N GLU C 824 147.78 -72.31 -5.65
CA GLU C 824 147.20 -73.45 -4.95
C GLU C 824 147.87 -73.65 -3.60
N ARG C 825 148.88 -72.84 -3.26
CA ARG C 825 149.51 -72.85 -1.95
C ARG C 825 149.39 -71.52 -1.24
N CYS C 826 148.68 -70.55 -1.82
CA CYS C 826 148.42 -69.30 -1.12
C CYS C 826 147.49 -69.56 0.06
N PRO C 827 147.67 -68.85 1.16
CA PRO C 827 146.79 -69.06 2.32
C PRO C 827 145.46 -68.32 2.18
N CYS C 828 144.53 -68.68 3.06
CA CYS C 828 143.24 -68.01 3.16
C CYS C 828 143.25 -67.01 4.31
N PHE C 829 142.41 -65.99 4.19
CA PHE C 829 142.41 -64.86 5.10
C PHE C 829 141.08 -64.77 5.84
N HIS C 830 141.13 -64.54 7.15
CA HIS C 830 139.94 -64.29 7.94
C HIS C 830 140.34 -63.44 9.14
N GLN C 831 139.54 -62.42 9.42
CA GLN C 831 139.80 -61.49 10.52
C GLN C 831 141.22 -60.94 10.45
N GLY C 832 141.72 -60.75 9.24
CA GLY C 832 143.00 -60.11 9.05
C GLY C 832 144.20 -61.00 9.26
N LYS C 833 144.01 -62.29 9.47
CA LYS C 833 145.13 -63.21 9.65
C LYS C 833 145.01 -64.36 8.66
N GLU C 834 146.15 -64.90 8.28
CA GLU C 834 146.22 -65.89 7.20
C GLU C 834 146.08 -67.30 7.74
N TYR C 835 145.55 -68.18 6.89
CA TYR C 835 145.39 -69.59 7.20
C TYR C 835 145.94 -70.41 6.04
N ALA C 836 146.82 -71.35 6.35
CA ALA C 836 147.39 -72.20 5.32
C ALA C 836 146.31 -73.14 4.76
N PRO C 837 146.48 -73.60 3.52
CA PRO C 837 145.50 -74.53 2.95
C PRO C 837 145.40 -75.80 3.79
N GLY C 838 144.18 -76.28 3.95
CA GLY C 838 143.90 -77.39 4.83
C GLY C 838 143.55 -77.01 6.25
N GLU C 839 143.84 -75.78 6.66
CA GLU C 839 143.44 -75.32 7.97
C GLU C 839 141.94 -75.08 8.02
N THR C 840 141.42 -74.95 9.23
CA THR C 840 139.99 -74.82 9.45
C THR C 840 139.71 -73.69 10.41
N VAL C 841 138.51 -73.12 10.29
CA VAL C 841 138.05 -72.07 11.19
C VAL C 841 136.60 -72.36 11.57
N LYS C 842 136.25 -72.00 12.80
CA LYS C 842 134.94 -72.30 13.36
C LYS C 842 134.08 -71.04 13.28
N ILE C 843 132.95 -71.15 12.60
CA ILE C 843 132.05 -70.02 12.37
C ILE C 843 130.68 -70.45 12.86
N GLY C 844 130.32 -70.02 14.07
CA GLY C 844 129.05 -70.43 14.63
C GLY C 844 128.98 -71.94 14.73
N CYS C 845 127.91 -72.51 14.20
CA CYS C 845 127.77 -73.96 14.14
C CYS C 845 128.40 -74.55 12.88
N ASN C 846 128.86 -73.73 11.95
CA ASN C 846 129.45 -74.20 10.71
C ASN C 846 130.97 -74.24 10.81
N THR C 847 131.56 -75.08 9.97
CA THR C 847 133.01 -75.20 9.87
C THR C 847 133.46 -74.87 8.45
N CYS C 848 134.56 -74.14 8.34
CA CYS C 848 135.11 -73.74 7.06
C CYS C 848 136.54 -74.24 6.93
N VAL C 849 136.90 -74.69 5.73
CA VAL C 849 138.22 -75.24 5.47
C VAL C 849 138.84 -74.49 4.31
N CYS C 850 140.09 -74.05 4.49
CA CYS C 850 140.76 -73.22 3.49
C CYS C 850 141.24 -74.09 2.33
N ARG C 851 140.71 -73.84 1.14
CA ARG C 851 141.16 -74.55 -0.05
C ARG C 851 141.34 -73.53 -1.17
N ASP C 852 142.50 -73.56 -1.84
CA ASP C 852 142.76 -72.71 -3.00
C ASP C 852 142.27 -71.29 -2.78
N ARG C 853 142.71 -70.68 -1.67
CA ARG C 853 142.43 -69.28 -1.38
C ARG C 853 140.94 -69.04 -1.13
N LYS C 854 140.10 -70.07 -1.19
CA LYS C 854 138.67 -69.96 -0.94
C LYS C 854 138.28 -70.79 0.27
N TRP C 855 137.54 -70.18 1.18
CA TRP C 855 136.95 -70.92 2.29
C TRP C 855 135.80 -71.77 1.78
N ASN C 856 135.80 -73.05 2.14
CA ASN C 856 134.77 -73.99 1.75
C ASN C 856 134.04 -74.42 3.02
N CYS C 857 132.79 -74.00 3.16
CA CYS C 857 132.10 -74.01 4.43
C CYS C 857 130.92 -74.97 4.39
N THR C 858 130.61 -75.53 5.55
CA THR C 858 129.35 -76.25 5.72
C THR C 858 128.18 -75.28 5.64
N ASP C 859 127.01 -75.78 5.27
CA ASP C 859 125.83 -74.96 5.04
C ASP C 859 124.73 -75.24 6.05
N HIS C 860 125.09 -75.41 7.32
CA HIS C 860 124.09 -75.61 8.36
C HIS C 860 123.47 -74.28 8.76
N VAL C 861 122.16 -74.30 9.00
CA VAL C 861 121.45 -73.15 9.54
C VAL C 861 121.53 -73.22 11.05
N CYS C 862 122.34 -72.35 11.65
CA CYS C 862 122.57 -72.39 13.08
C CYS C 862 121.39 -71.81 13.85
N ASP C 863 121.29 -72.17 15.12
CA ASP C 863 120.24 -71.65 15.98
C ASP C 863 120.37 -70.14 16.12
N ALA C 864 119.24 -69.44 15.99
CA ALA C 864 119.22 -67.99 16.00
C ALA C 864 118.67 -67.48 17.32
N THR C 865 119.26 -66.42 17.83
CA THR C 865 118.90 -65.83 19.12
C THR C 865 118.33 -64.45 18.89
N CYS C 866 117.01 -64.32 18.96
CA CYS C 866 116.43 -63.00 19.13
C CYS C 866 116.66 -62.54 20.56
N SER C 867 116.82 -61.23 20.75
CA SER C 867 117.18 -60.72 22.06
C SER C 867 116.64 -59.32 22.22
N THR C 868 116.01 -59.06 23.36
CA THR C 868 115.72 -57.71 23.78
C THR C 868 116.93 -57.19 24.56
N ILE C 869 117.58 -56.17 24.03
CA ILE C 869 118.78 -55.61 24.63
C ILE C 869 118.38 -54.35 25.36
N GLY C 870 118.57 -54.33 26.67
CA GLY C 870 118.15 -53.15 27.39
C GLY C 870 116.65 -53.07 27.52
N MET C 871 116.16 -51.84 27.61
CA MET C 871 114.75 -51.61 27.85
C MET C 871 113.96 -51.25 26.61
N ALA C 872 114.61 -50.79 25.55
CA ALA C 872 113.88 -50.32 24.37
C ALA C 872 114.50 -50.75 23.05
N HIS C 873 115.56 -51.56 23.07
CA HIS C 873 116.20 -52.03 21.84
C HIS C 873 115.95 -53.51 21.66
N TYR C 874 115.75 -53.92 20.41
CA TYR C 874 115.51 -55.30 20.05
C TYR C 874 116.54 -55.74 19.01
N LEU C 875 116.86 -57.02 19.01
CA LEU C 875 117.74 -57.59 18.00
C LEU C 875 117.04 -58.77 17.36
N THR C 876 116.69 -58.65 16.09
CA THR C 876 115.92 -59.67 15.40
C THR C 876 116.74 -60.94 15.21
N PHE C 877 116.07 -61.97 14.72
CA PHE C 877 116.75 -63.24 14.46
C PHE C 877 117.85 -63.09 13.42
N ASP C 878 117.61 -62.27 12.40
CA ASP C 878 118.57 -62.08 11.33
C ASP C 878 119.64 -61.06 11.65
N GLY C 879 119.59 -60.43 12.82
CA GLY C 879 120.64 -59.54 13.25
C GLY C 879 120.33 -58.07 13.17
N LEU C 880 119.10 -57.69 12.88
CA LEU C 880 118.74 -56.28 12.78
C LEU C 880 118.49 -55.73 14.18
N LYS C 881 119.33 -54.80 14.61
CA LYS C 881 119.14 -54.09 15.86
C LYS C 881 118.37 -52.81 15.61
N TYR C 882 117.29 -52.60 16.36
CA TYR C 882 116.47 -51.43 16.13
C TYR C 882 115.89 -50.94 17.45
N LEU C 883 115.47 -49.69 17.47
CA LEU C 883 114.98 -49.03 18.66
C LEU C 883 113.47 -48.92 18.58
N PHE C 884 112.80 -49.30 19.66
CA PHE C 884 111.36 -49.18 19.74
C PHE C 884 110.92 -49.08 21.19
N PRO C 885 110.75 -47.88 21.72
CA PRO C 885 110.20 -47.74 23.06
C PRO C 885 108.68 -47.75 23.05
N GLY C 886 108.07 -48.63 23.84
CA GLY C 886 106.63 -48.72 23.88
C GLY C 886 106.16 -49.13 25.26
N GLU C 887 104.99 -48.60 25.65
CA GLU C 887 104.41 -48.93 26.94
C GLU C 887 103.58 -50.20 26.91
N CYS C 888 103.11 -50.60 25.74
CA CYS C 888 102.06 -51.59 25.60
C CYS C 888 102.66 -52.99 25.60
N GLN C 889 101.83 -53.99 25.30
CA GLN C 889 102.27 -55.36 25.15
C GLN C 889 102.38 -55.69 23.67
N TYR C 890 103.47 -56.33 23.28
CA TYR C 890 103.81 -56.56 21.88
C TYR C 890 104.16 -58.02 21.66
N VAL C 891 103.97 -58.47 20.43
CA VAL C 891 104.32 -59.84 20.05
C VAL C 891 105.82 -59.90 19.80
N LEU C 892 106.54 -60.60 20.67
CA LEU C 892 107.97 -60.75 20.45
C LEU C 892 108.28 -61.78 19.38
N VAL C 893 107.66 -62.96 19.48
CA VAL C 893 107.78 -64.01 18.48
C VAL C 893 106.43 -64.68 18.36
N GLN C 894 106.11 -65.17 17.17
CA GLN C 894 104.83 -65.79 16.92
C GLN C 894 104.90 -66.55 15.60
N ASP C 895 104.36 -67.76 15.59
CA ASP C 895 104.19 -68.51 14.35
C ASP C 895 102.73 -68.61 13.92
N TYR C 896 101.81 -68.04 14.69
CA TYR C 896 100.41 -67.91 14.28
C TYR C 896 100.25 -66.72 13.33
N CYS C 897 101.02 -66.74 12.25
CA CYS C 897 100.93 -65.71 11.23
C CYS C 897 101.22 -66.32 9.87
N GLY C 898 100.66 -65.71 8.84
CA GLY C 898 100.73 -66.33 7.54
C GLY C 898 99.82 -67.55 7.50
N SER C 899 100.16 -68.46 6.59
CA SER C 899 99.39 -69.68 6.43
C SER C 899 99.78 -70.77 7.41
N ASN C 900 100.90 -70.62 8.09
CA ASN C 900 101.42 -71.70 8.93
C ASN C 900 100.46 -71.96 10.09
N PRO C 901 100.14 -73.21 10.39
CA PRO C 901 99.39 -73.51 11.61
C PRO C 901 100.26 -73.31 12.84
N GLY C 902 99.89 -72.34 13.67
CA GLY C 902 100.77 -71.92 14.74
C GLY C 902 100.84 -72.93 15.87
N THR C 903 101.93 -72.81 16.64
CA THR C 903 102.15 -73.67 17.80
C THR C 903 102.54 -72.90 19.05
N PHE C 904 103.09 -71.70 18.93
CA PHE C 904 103.56 -70.94 20.07
C PHE C 904 103.44 -69.46 19.77
N ARG C 905 103.41 -68.67 20.82
CA ARG C 905 103.23 -67.23 20.70
C ARG C 905 103.79 -66.58 21.96
N ILE C 906 104.80 -65.74 21.81
CA ILE C 906 105.46 -65.10 22.93
C ILE C 906 105.15 -63.61 22.90
N LEU C 907 104.62 -63.10 24.00
CA LEU C 907 104.28 -61.69 24.14
C LEU C 907 105.15 -61.04 25.20
N VAL C 908 105.58 -59.81 24.94
CA VAL C 908 106.40 -59.06 25.87
C VAL C 908 105.68 -57.75 26.19
N GLY C 909 105.54 -57.46 27.48
CA GLY C 909 104.95 -56.21 27.92
C GLY C 909 105.95 -55.41 28.73
N ASN C 910 105.96 -54.10 28.52
CA ASN C 910 106.88 -53.21 29.21
C ASN C 910 106.16 -52.57 30.40
N LYS C 911 106.69 -52.79 31.60
CA LYS C 911 106.07 -52.30 32.82
C LYS C 911 107.08 -51.50 33.62
N GLY C 912 106.68 -50.31 34.06
CA GLY C 912 107.54 -49.42 34.77
C GLY C 912 108.31 -48.45 33.90
N CYS C 913 108.42 -48.71 32.60
CA CYS C 913 109.03 -47.74 31.71
C CYS C 913 108.57 -48.01 30.28
N SER C 914 108.66 -46.97 29.48
CA SER C 914 108.83 -47.04 28.04
C SER C 914 110.06 -46.25 27.63
N HIS C 915 110.27 -45.10 28.26
CA HIS C 915 111.56 -44.45 28.25
C HIS C 915 112.38 -45.12 29.34
N PRO C 916 113.51 -45.74 29.02
CA PRO C 916 114.21 -46.59 30.01
C PRO C 916 114.37 -45.90 31.35
N SER C 917 114.00 -46.60 32.42
CA SER C 917 113.98 -46.00 33.76
C SER C 917 114.37 -47.05 34.78
N VAL C 918 114.77 -46.57 35.96
CA VAL C 918 115.36 -47.45 36.97
C VAL C 918 114.38 -48.52 37.43
N LYS C 919 113.13 -48.14 37.69
CA LYS C 919 112.17 -49.07 38.30
C LYS C 919 111.49 -49.98 37.29
N CYS C 920 112.08 -50.18 36.12
CA CYS C 920 111.37 -50.83 35.02
C CYS C 920 111.50 -52.35 35.10
N LYS C 921 110.60 -53.03 34.40
CA LYS C 921 110.62 -54.49 34.31
C LYS C 921 109.73 -54.92 33.15
N LYS C 922 110.00 -56.10 32.62
CA LYS C 922 109.26 -56.64 31.49
C LYS C 922 108.55 -57.93 31.89
N ARG C 923 107.31 -58.07 31.42
CA ARG C 923 106.51 -59.27 31.62
C ARG C 923 106.47 -60.05 30.32
N VAL C 924 106.75 -61.35 30.39
CA VAL C 924 106.71 -62.23 29.24
C VAL C 924 105.55 -63.18 29.40
N THR C 925 104.76 -63.35 28.35
CA THR C 925 103.68 -64.32 28.33
C THR C 925 103.96 -65.34 27.24
N ILE C 926 104.08 -66.60 27.62
CA ILE C 926 104.48 -67.65 26.69
C ILE C 926 103.30 -68.56 26.47
N LEU C 927 102.54 -68.30 25.41
CA LEU C 927 101.32 -69.05 25.11
C LEU C 927 101.60 -70.27 24.22
N VAL C 928 102.44 -71.17 24.69
CA VAL C 928 102.89 -72.29 23.87
C VAL C 928 101.90 -73.46 24.01
N GLU C 929 101.44 -73.96 22.87
CA GLU C 929 100.58 -75.15 22.76
C GLU C 929 99.42 -75.10 23.77
N GLY C 930 98.76 -73.95 23.83
CA GLY C 930 97.62 -73.77 24.71
C GLY C 930 97.99 -73.50 26.16
N GLY C 931 99.14 -73.96 26.60
CA GLY C 931 99.62 -73.63 27.92
C GLY C 931 100.04 -72.17 27.99
N GLU C 932 100.42 -71.76 29.19
CA GLU C 932 100.79 -70.36 29.39
C GLU C 932 101.80 -70.27 30.52
N ILE C 933 102.98 -69.75 30.22
CA ILE C 933 104.00 -69.49 31.22
C ILE C 933 104.25 -68.00 31.25
N GLU C 934 104.12 -67.40 32.43
CA GLU C 934 104.33 -65.97 32.60
C GLU C 934 105.61 -65.74 33.38
N LEU C 935 106.48 -64.88 32.85
CA LEU C 935 107.73 -64.51 33.49
C LEU C 935 107.60 -63.11 34.04
N PHE C 936 107.75 -62.96 35.35
CA PHE C 936 107.59 -61.66 35.99
C PHE C 936 108.27 -61.67 37.34
N ASP C 937 108.75 -60.49 37.75
CA ASP C 937 109.38 -60.29 39.05
C ASP C 937 110.51 -61.29 39.28
N GLY C 938 111.22 -61.61 38.20
CA GLY C 938 112.32 -62.55 38.31
C GLY C 938 111.91 -63.94 38.72
N GLU C 939 110.65 -64.31 38.48
CA GLU C 939 110.16 -65.64 38.86
C GLU C 939 109.26 -66.16 37.75
N VAL C 940 109.25 -67.47 37.60
CA VAL C 940 108.43 -68.14 36.60
C VAL C 940 107.05 -68.41 37.19
N ASN C 941 106.02 -68.25 36.37
CA ASN C 941 104.64 -68.47 36.80
C ASN C 941 103.92 -69.25 35.70
N VAL C 942 103.80 -70.56 35.90
CA VAL C 942 103.09 -71.40 34.94
C VAL C 942 101.60 -71.27 35.17
N LYS C 943 100.96 -70.33 34.48
CA LYS C 943 99.57 -70.01 34.74
C LYS C 943 98.59 -70.98 34.08
N ARG C 944 99.05 -71.80 33.14
CA ARG C 944 98.34 -72.99 32.70
C ARG C 944 99.37 -74.03 32.31
N PRO C 945 99.07 -75.31 32.46
CA PRO C 945 100.02 -76.35 32.06
C PRO C 945 99.99 -76.61 30.57
N MET C 946 101.09 -77.18 30.08
CA MET C 946 101.20 -77.56 28.68
C MET C 946 100.64 -78.96 28.47
N LYS C 947 100.38 -79.29 27.20
CA LYS C 947 99.92 -80.62 26.86
C LYS C 947 101.00 -81.67 27.05
N ASP C 948 102.26 -81.31 26.80
CA ASP C 948 103.39 -82.21 26.96
C ASP C 948 104.36 -81.57 27.94
N GLU C 949 104.16 -81.84 29.23
CA GLU C 949 105.04 -81.29 30.25
C GLU C 949 106.42 -81.93 30.23
N THR C 950 106.61 -83.03 29.49
CA THR C 950 107.93 -83.61 29.34
C THR C 950 108.79 -82.78 28.39
N HIS C 951 108.20 -82.23 27.33
CA HIS C 951 108.93 -81.27 26.51
C HIS C 951 109.27 -80.01 27.30
N PHE C 952 108.33 -79.55 28.13
CA PHE C 952 108.56 -78.38 28.95
C PHE C 952 109.62 -78.65 30.01
N GLU C 953 110.41 -77.62 30.32
CA GLU C 953 111.37 -77.68 31.40
C GLU C 953 111.86 -76.27 31.71
N VAL C 954 112.19 -76.04 32.98
CA VAL C 954 112.72 -74.76 33.45
C VAL C 954 114.03 -75.04 34.16
N VAL C 955 115.09 -74.34 33.75
CA VAL C 955 116.40 -74.47 34.35
C VAL C 955 116.82 -73.09 34.85
N GLU C 956 117.24 -73.02 36.11
CA GLU C 956 117.77 -71.80 36.70
C GLU C 956 119.27 -71.93 36.85
N SER C 957 120.02 -71.02 36.24
CA SER C 957 121.47 -71.10 36.24
C SER C 957 122.04 -69.71 36.12
N GLY C 958 123.06 -69.44 36.93
CA GLY C 958 123.67 -68.12 36.93
C GLY C 958 122.61 -67.07 37.18
N ARG C 959 122.64 -66.01 36.37
CA ARG C 959 121.65 -64.95 36.46
C ARG C 959 120.37 -65.27 35.72
N TYR C 960 120.29 -66.41 35.03
CA TYR C 960 119.30 -66.61 33.98
C TYR C 960 118.32 -67.71 34.34
N ILE C 961 117.10 -67.58 33.84
CA ILE C 961 116.13 -68.66 33.78
C ILE C 961 116.10 -69.17 32.35
N ILE C 962 116.29 -70.47 32.19
CA ILE C 962 116.32 -71.10 30.88
C ILE C 962 115.09 -72.00 30.76
N LEU C 963 114.21 -71.68 29.83
CA LEU C 963 113.00 -72.45 29.59
C LEU C 963 113.17 -73.23 28.30
N LEU C 964 112.90 -74.52 28.35
CA LEU C 964 112.82 -75.35 27.15
C LEU C 964 111.34 -75.59 26.85
N LEU C 965 110.88 -75.07 25.72
CA LEU C 965 109.49 -75.16 25.32
C LEU C 965 109.28 -76.17 24.21
N GLY C 966 110.27 -77.00 23.94
CA GLY C 966 110.19 -77.95 22.86
C GLY C 966 111.59 -78.33 22.40
N LYS C 967 111.62 -79.18 21.39
CA LYS C 967 112.91 -79.59 20.83
C LYS C 967 113.57 -78.49 20.01
N ALA C 968 112.80 -77.50 19.56
CA ALA C 968 113.31 -76.48 18.67
C ALA C 968 113.09 -75.05 19.16
N LEU C 969 112.53 -74.86 20.35
CA LEU C 969 112.23 -73.55 20.89
C LEU C 969 112.72 -73.46 22.33
N SER C 970 113.37 -72.35 22.66
CA SER C 970 113.85 -72.14 24.02
C SER C 970 113.87 -70.65 24.30
N VAL C 971 113.81 -70.30 25.58
CA VAL C 971 113.84 -68.92 26.02
C VAL C 971 114.86 -68.78 27.12
N VAL C 972 115.72 -67.77 27.03
CA VAL C 972 116.70 -67.46 28.06
C VAL C 972 116.40 -66.05 28.57
N TRP C 973 116.29 -65.90 29.89
CA TRP C 973 115.84 -64.67 30.50
C TRP C 973 116.72 -64.36 31.68
N ASP C 974 117.32 -63.17 31.70
CA ASP C 974 118.18 -62.74 32.79
C ASP C 974 117.43 -62.33 34.04
N ARG C 975 116.12 -62.55 34.07
CA ARG C 975 115.22 -62.29 35.20
C ARG C 975 114.89 -60.82 35.35
N HIS C 976 115.53 -59.91 34.62
CA HIS C 976 115.16 -58.49 34.70
C HIS C 976 114.68 -57.94 33.37
N LEU C 977 115.50 -57.92 32.35
CA LEU C 977 115.16 -57.27 31.09
C LEU C 977 115.47 -58.09 29.85
N SER C 978 116.60 -58.78 29.84
CA SER C 978 117.16 -59.34 28.61
C SER C 978 116.50 -60.67 28.30
N ILE C 979 115.38 -60.60 27.60
CA ILE C 979 114.72 -61.80 27.09
C ILE C 979 115.41 -62.23 25.81
N SER C 980 115.67 -63.53 25.68
CA SER C 980 116.26 -64.09 24.48
C SER C 980 115.49 -65.33 24.06
N VAL C 981 115.09 -65.40 22.80
CA VAL C 981 114.37 -66.54 22.25
C VAL C 981 115.28 -67.21 21.24
N VAL C 982 115.44 -68.53 21.38
CA VAL C 982 116.32 -69.29 20.51
C VAL C 982 115.48 -70.28 19.71
N LEU C 983 115.64 -70.24 18.39
CA LEU C 983 114.89 -71.11 17.49
C LEU C 983 115.86 -71.95 16.68
N LYS C 984 115.56 -73.23 16.54
CA LYS C 984 116.30 -74.08 15.63
C LYS C 984 115.74 -73.94 14.22
N GLN C 985 116.46 -74.53 13.26
CA GLN C 985 116.17 -74.28 11.85
C GLN C 985 114.77 -74.69 11.44
N THR C 986 114.12 -75.57 12.20
CA THR C 986 112.79 -76.03 11.81
C THR C 986 111.77 -74.92 11.78
N TYR C 987 112.01 -73.83 12.52
CA TYR C 987 111.09 -72.70 12.57
C TYR C 987 111.41 -71.63 11.54
N GLN C 988 112.33 -71.89 10.62
CA GLN C 988 112.75 -70.88 9.67
C GLN C 988 111.63 -70.55 8.70
N GLU C 989 111.51 -69.27 8.37
CA GLU C 989 110.54 -68.73 7.41
C GLU C 989 109.12 -68.72 7.97
N LYS C 990 108.92 -69.17 9.20
CA LYS C 990 107.59 -69.35 9.76
C LYS C 990 107.21 -68.36 10.83
N VAL C 991 108.18 -67.86 11.59
CA VAL C 991 107.89 -67.01 12.73
C VAL C 991 107.79 -65.56 12.26
N CYS C 992 107.22 -64.72 13.11
CA CYS C 992 107.08 -63.30 12.84
C CYS C 992 107.10 -62.56 14.17
N GLY C 993 106.71 -61.30 14.15
CA GLY C 993 106.71 -60.47 15.34
C GLY C 993 107.86 -59.48 15.36
N LEU C 994 108.08 -58.92 16.54
CA LEU C 994 109.15 -57.94 16.70
C LEU C 994 110.51 -58.53 16.38
N CYS C 995 110.69 -59.83 16.55
CA CYS C 995 111.94 -60.48 16.20
C CYS C 995 112.09 -60.73 14.71
N GLY C 996 111.07 -60.42 13.91
CA GLY C 996 111.17 -60.57 12.47
C GLY C 996 111.00 -61.99 12.03
N ASN C 997 110.90 -62.16 10.71
CA ASN C 997 110.77 -63.48 10.10
C ASN C 997 112.15 -64.07 9.92
N PHE C 998 112.44 -65.13 10.66
CA PHE C 998 113.73 -65.81 10.58
C PHE C 998 113.88 -66.47 9.21
N ASP C 999 114.66 -65.80 8.35
CA ASP C 999 114.97 -66.27 7.01
C ASP C 999 116.40 -66.00 6.58
N GLY C 1000 117.23 -65.41 7.44
CA GLY C 1000 118.57 -65.02 7.09
C GLY C 1000 118.70 -63.70 6.36
N ILE C 1001 117.61 -62.97 6.18
CA ILE C 1001 117.61 -61.70 5.47
C ILE C 1001 117.22 -60.60 6.44
N GLN C 1002 118.01 -59.53 6.48
CA GLN C 1002 117.75 -58.45 7.43
C GLN C 1002 116.76 -57.43 6.87
N ASN C 1003 116.83 -57.17 5.56
CA ASN C 1003 116.09 -56.06 4.99
C ASN C 1003 114.59 -56.19 5.19
N ASN C 1004 114.07 -57.41 5.33
CA ASN C 1004 112.64 -57.63 5.42
C ASN C 1004 112.15 -57.81 6.86
N ASP C 1005 113.00 -57.55 7.85
CA ASP C 1005 112.62 -57.85 9.23
C ASP C 1005 111.63 -56.84 9.79
N LEU C 1006 111.52 -55.66 9.21
CA LEU C 1006 110.55 -54.68 9.69
C LEU C 1006 109.19 -54.86 9.05
N THR C 1007 108.91 -56.06 8.56
CA THR C 1007 107.60 -56.39 8.01
C THR C 1007 106.53 -56.22 9.08
N SER C 1008 105.61 -55.28 8.86
CA SER C 1008 104.54 -55.07 9.82
C SER C 1008 103.65 -56.30 9.93
N SER C 1009 102.79 -56.29 10.94
CA SER C 1009 101.82 -57.37 11.07
C SER C 1009 100.90 -57.46 9.87
N ASN C 1010 100.71 -56.34 9.17
CA ASN C 1010 99.94 -56.31 7.95
C ASN C 1010 100.79 -56.53 6.70
N LEU C 1011 101.96 -57.15 6.84
CA LEU C 1011 102.80 -57.65 5.75
C LEU C 1011 103.53 -56.55 5.00
N GLN C 1012 103.36 -55.29 5.36
CA GLN C 1012 104.04 -54.18 4.71
C GLN C 1012 105.33 -53.84 5.44
N VAL C 1013 106.43 -53.76 4.70
CA VAL C 1013 107.71 -53.42 5.28
C VAL C 1013 107.75 -51.92 5.57
N GLU C 1014 108.24 -51.56 6.75
CA GLU C 1014 108.25 -50.18 7.21
C GLU C 1014 109.67 -49.66 7.31
N GLU C 1015 109.87 -48.41 6.91
CA GLU C 1015 111.18 -47.78 7.02
C GLU C 1015 111.49 -47.40 8.47
N ASP C 1016 110.46 -47.15 9.28
CA ASP C 1016 110.63 -46.69 10.64
C ASP C 1016 110.25 -47.81 11.61
N PRO C 1017 111.13 -48.21 12.53
CA PRO C 1017 110.76 -49.27 13.47
C PRO C 1017 109.60 -48.93 14.36
N VAL C 1018 109.31 -47.64 14.56
CA VAL C 1018 108.20 -47.26 15.44
C VAL C 1018 106.88 -47.75 14.86
N ASP C 1019 106.67 -47.52 13.57
CA ASP C 1019 105.44 -48.00 12.93
C ASP C 1019 105.36 -49.52 12.97
N PHE C 1020 106.47 -50.19 12.73
CA PHE C 1020 106.51 -51.65 12.80
C PHE C 1020 106.07 -52.15 14.18
N GLY C 1021 106.68 -51.61 15.23
CA GLY C 1021 106.29 -52.02 16.57
C GLY C 1021 104.86 -51.70 16.90
N ASN C 1022 104.39 -50.52 16.51
CA ASN C 1022 103.00 -50.17 16.72
C ASN C 1022 102.08 -51.15 16.02
N SER C 1023 102.50 -51.64 14.86
CA SER C 1023 101.73 -52.65 14.16
C SER C 1023 101.75 -53.98 14.88
N TRP C 1024 102.73 -54.23 15.73
CA TRP C 1024 102.78 -55.48 16.47
C TRP C 1024 102.26 -55.39 17.90
N LYS C 1025 101.53 -54.33 18.26
CA LYS C 1025 100.96 -54.26 19.60
C LYS C 1025 99.75 -55.17 19.72
N VAL C 1026 99.68 -55.91 20.82
CA VAL C 1026 98.64 -56.91 21.00
C VAL C 1026 97.27 -56.25 21.16
N SER C 1027 97.20 -55.26 22.04
CA SER C 1027 95.93 -54.61 22.37
C SER C 1027 95.77 -53.35 21.54
N SER C 1028 94.68 -53.27 20.79
CA SER C 1028 94.48 -52.12 19.91
C SER C 1028 94.22 -50.85 20.71
N GLN C 1029 93.52 -50.96 21.83
CA GLN C 1029 93.17 -49.76 22.60
C GLN C 1029 94.38 -49.06 23.19
N CYS C 1030 95.52 -49.74 23.29
CA CYS C 1030 96.68 -49.16 23.94
C CYS C 1030 97.31 -48.09 23.04
N ALA C 1031 98.15 -47.26 23.65
CA ALA C 1031 98.68 -46.08 22.98
C ALA C 1031 99.78 -46.45 21.98
N ASP C 1032 99.95 -45.59 20.98
CA ASP C 1032 101.01 -45.74 20.00
C ASP C 1032 102.25 -44.95 20.39
N THR C 1033 103.40 -45.45 19.99
CA THR C 1033 104.64 -44.70 20.16
C THR C 1033 104.65 -43.51 19.21
N ARG C 1034 105.18 -42.38 19.68
CA ARG C 1034 104.92 -41.10 19.05
C ARG C 1034 105.93 -40.69 18.00
N LYS C 1035 106.99 -41.48 17.79
CA LYS C 1035 108.07 -41.11 16.87
C LYS C 1035 108.68 -39.76 17.27
N VAL C 1036 109.31 -39.76 18.44
CA VAL C 1036 110.00 -38.57 18.94
C VAL C 1036 111.11 -38.22 17.96
N PRO C 1037 111.45 -36.94 17.77
CA PRO C 1037 112.54 -36.59 16.85
C PRO C 1037 113.84 -37.27 17.25
N LEU C 1038 114.62 -37.63 16.23
CA LEU C 1038 115.80 -38.49 16.41
C LEU C 1038 117.02 -37.66 16.81
N ASP C 1039 116.99 -37.21 18.06
CA ASP C 1039 118.11 -36.45 18.59
C ASP C 1039 119.36 -37.33 18.68
N SER C 1040 120.52 -36.69 18.59
CA SER C 1040 121.78 -37.42 18.66
C SER C 1040 121.98 -38.09 20.02
N SER C 1041 121.32 -37.61 21.06
CA SER C 1041 121.33 -38.23 22.37
C SER C 1041 119.93 -38.16 22.95
N PRO C 1042 119.57 -39.11 23.81
CA PRO C 1042 118.20 -39.13 24.35
C PRO C 1042 117.87 -37.90 25.19
N ALA C 1043 116.64 -37.83 25.67
CA ALA C 1043 116.27 -36.81 26.64
C ALA C 1043 117.11 -37.00 27.91
N THR C 1044 117.47 -35.88 28.54
CA THR C 1044 118.35 -35.77 29.70
C THR C 1044 119.81 -35.94 29.32
N CYS C 1045 120.13 -36.19 28.06
CA CYS C 1045 121.46 -35.96 27.52
C CYS C 1045 121.45 -34.98 26.36
N HIS C 1046 120.27 -34.68 25.79
CA HIS C 1046 120.19 -33.72 24.70
C HIS C 1046 120.67 -32.35 25.14
N ASN C 1047 120.32 -31.94 26.36
CA ASN C 1047 120.69 -30.63 26.90
C ASN C 1047 121.46 -30.75 28.21
N ASN C 1048 122.09 -31.89 28.46
CA ASN C 1048 122.87 -32.12 29.68
C ASN C 1048 124.24 -32.63 29.28
N ILE C 1049 125.14 -31.71 29.02
CA ILE C 1049 126.52 -32.08 28.70
C ILE C 1049 127.24 -32.39 30.02
N MET C 1050 128.30 -33.19 29.93
CA MET C 1050 129.04 -33.75 31.05
C MET C 1050 128.25 -34.91 31.66
N LYS C 1051 127.00 -35.10 31.28
CA LYS C 1051 126.35 -36.39 31.47
C LYS C 1051 126.43 -37.24 30.22
N GLN C 1052 126.30 -36.60 29.05
CA GLN C 1052 126.46 -37.31 27.79
C GLN C 1052 127.84 -37.92 27.68
N THR C 1053 128.87 -37.16 28.04
CA THR C 1053 130.23 -37.64 27.93
C THR C 1053 130.60 -38.64 29.02
N MET C 1054 130.07 -38.47 30.23
CA MET C 1054 130.28 -39.52 31.23
C MET C 1054 129.67 -40.82 30.76
N VAL C 1055 128.45 -40.77 30.22
CA VAL C 1055 127.82 -41.97 29.68
C VAL C 1055 128.68 -42.57 28.58
N ASP C 1056 129.16 -41.73 27.65
CA ASP C 1056 129.97 -42.23 26.55
C ASP C 1056 131.22 -42.93 27.05
N SER C 1057 131.99 -42.24 27.90
CA SER C 1057 133.27 -42.78 28.35
C SER C 1057 133.08 -43.99 29.24
N SER C 1058 131.97 -44.08 29.97
CA SER C 1058 131.72 -45.27 30.77
C SER C 1058 131.27 -46.45 29.90
N CYS C 1059 130.48 -46.18 28.86
CA CYS C 1059 130.09 -47.24 27.95
C CYS C 1059 131.24 -47.72 27.08
N ARG C 1060 132.29 -46.90 26.93
CA ARG C 1060 133.47 -47.35 26.20
C ARG C 1060 134.15 -48.54 26.84
N ILE C 1061 133.70 -48.98 28.01
CA ILE C 1061 134.18 -50.23 28.60
C ILE C 1061 134.09 -51.37 27.60
N LEU C 1062 133.12 -51.30 26.69
CA LEU C 1062 133.00 -52.31 25.64
C LEU C 1062 134.24 -52.38 24.77
N THR C 1063 134.99 -51.29 24.68
CA THR C 1063 136.20 -51.23 23.87
C THR C 1063 137.45 -51.57 24.68
N SER C 1064 137.34 -51.73 25.99
CA SER C 1064 138.51 -51.90 26.84
C SER C 1064 139.21 -53.22 26.53
N ASP C 1065 140.31 -53.47 27.25
CA ASP C 1065 141.17 -54.61 26.95
C ASP C 1065 140.44 -55.94 27.12
N VAL C 1066 139.64 -56.07 28.18
CA VAL C 1066 138.98 -57.35 28.42
C VAL C 1066 138.05 -57.71 27.28
N PHE C 1067 137.37 -56.72 26.70
CA PHE C 1067 136.50 -56.95 25.55
C PHE C 1067 137.24 -56.84 24.23
N GLN C 1068 138.50 -56.41 24.23
CA GLN C 1068 139.18 -56.09 22.98
C GLN C 1068 139.33 -57.31 22.09
N ASP C 1069 139.42 -58.50 22.66
CA ASP C 1069 139.53 -59.70 21.84
C ASP C 1069 138.17 -60.16 21.33
N CYS C 1070 137.10 -59.90 22.08
CA CYS C 1070 135.77 -60.17 21.58
C CYS C 1070 135.40 -59.26 20.42
N ASN C 1071 135.85 -58.00 20.46
CA ASN C 1071 135.49 -57.04 19.42
C ASN C 1071 135.99 -57.48 18.05
N LYS C 1072 136.96 -58.38 17.98
CA LYS C 1072 137.35 -58.95 16.70
C LYS C 1072 136.27 -59.85 16.13
N LEU C 1073 135.54 -60.55 17.00
CA LEU C 1073 134.51 -61.47 16.55
C LEU C 1073 133.14 -60.81 16.46
N VAL C 1074 132.83 -59.86 17.34
CA VAL C 1074 131.52 -59.23 17.41
C VAL C 1074 131.71 -57.73 17.35
N ASP C 1075 130.76 -57.05 16.71
CA ASP C 1075 130.81 -55.60 16.61
C ASP C 1075 130.24 -54.97 17.87
N PRO C 1076 131.01 -54.19 18.63
CA PRO C 1076 130.47 -53.58 19.84
C PRO C 1076 129.63 -52.34 19.60
N GLU C 1077 129.66 -51.79 18.40
CA GLU C 1077 128.97 -50.51 18.15
C GLU C 1077 127.47 -50.56 18.45
N PRO C 1078 126.72 -51.57 18.00
CA PRO C 1078 125.29 -51.60 18.37
C PRO C 1078 125.09 -51.62 19.88
N TYR C 1079 125.88 -52.43 20.59
CA TYR C 1079 125.74 -52.51 22.03
C TYR C 1079 126.22 -51.22 22.69
N LEU C 1080 127.20 -50.55 22.10
CA LEU C 1080 127.58 -49.24 22.61
C LEU C 1080 126.43 -48.25 22.48
N ASP C 1081 125.72 -48.27 21.35
CA ASP C 1081 124.56 -47.39 21.20
C ASP C 1081 123.49 -47.72 22.22
N VAL C 1082 123.20 -49.01 22.43
CA VAL C 1082 122.21 -49.39 23.42
C VAL C 1082 122.64 -48.92 24.81
N CYS C 1083 123.92 -49.09 25.14
CA CYS C 1083 124.42 -48.66 26.43
C CYS C 1083 124.20 -47.16 26.62
N ILE C 1084 124.57 -46.37 25.63
CA ILE C 1084 124.43 -44.92 25.75
C ILE C 1084 122.97 -44.54 25.91
N TYR C 1085 122.10 -45.12 25.07
CA TYR C 1085 120.68 -44.77 25.12
C TYR C 1085 120.09 -45.09 26.48
N ASP C 1086 120.28 -46.33 26.94
CA ASP C 1086 119.69 -46.74 28.20
C ASP C 1086 120.29 -45.97 29.38
N THR C 1087 121.56 -45.61 29.30
CA THR C 1087 122.19 -44.94 30.42
C THR C 1087 121.73 -43.50 30.53
N CYS C 1088 121.57 -42.80 29.40
CA CYS C 1088 120.91 -41.51 29.46
C CYS C 1088 119.49 -41.62 29.99
N SER C 1089 118.70 -42.52 29.41
CA SER C 1089 117.29 -42.57 29.78
C SER C 1089 117.09 -42.97 31.24
N CYS C 1090 117.94 -43.85 31.76
CA CYS C 1090 117.73 -44.40 33.09
C CYS C 1090 118.07 -43.39 34.18
N GLU C 1091 119.27 -42.83 34.12
CA GLU C 1091 119.88 -42.08 35.23
C GLU C 1091 119.56 -42.74 36.56
N SER C 1092 120.01 -43.98 36.67
CA SER C 1092 119.67 -44.82 37.81
C SER C 1092 120.30 -44.29 39.09
N ILE C 1093 119.79 -44.78 40.22
CA ILE C 1093 120.17 -44.24 41.52
C ILE C 1093 120.93 -45.25 42.36
N GLY C 1094 120.24 -46.31 42.78
CA GLY C 1094 120.81 -47.23 43.73
C GLY C 1094 121.38 -48.46 43.06
N ASP C 1095 120.60 -49.05 42.17
CA ASP C 1095 121.08 -50.12 41.32
C ASP C 1095 121.51 -49.53 39.99
N CYS C 1096 122.71 -49.88 39.57
CA CYS C 1096 123.28 -49.40 38.31
C CYS C 1096 122.89 -50.29 37.15
N ALA C 1097 121.70 -50.89 37.23
CA ALA C 1097 121.36 -52.08 36.46
C ALA C 1097 121.30 -51.83 34.96
N CYS C 1098 120.91 -50.62 34.53
CA CYS C 1098 120.79 -50.39 33.09
C CYS C 1098 122.14 -50.59 32.40
N PHE C 1099 123.15 -49.86 32.86
CA PHE C 1099 124.49 -49.98 32.32
C PHE C 1099 125.02 -51.40 32.46
N CYS C 1100 124.94 -51.94 33.67
CA CYS C 1100 125.54 -53.25 33.93
C CYS C 1100 124.87 -54.33 33.09
N ASP C 1101 123.56 -54.23 32.90
CA ASP C 1101 122.85 -55.24 32.11
C ASP C 1101 123.18 -55.12 30.64
N THR C 1102 123.37 -53.91 30.12
CA THR C 1102 123.81 -53.79 28.72
C THR C 1102 125.20 -54.41 28.53
N ILE C 1103 126.13 -54.10 29.44
CA ILE C 1103 127.46 -54.70 29.33
C ILE C 1103 127.37 -56.21 29.48
N ALA C 1104 126.48 -56.69 30.34
CA ALA C 1104 126.32 -58.12 30.53
C ALA C 1104 125.75 -58.78 29.29
N ALA C 1105 124.85 -58.09 28.57
CA ALA C 1105 124.35 -58.63 27.31
C ALA C 1105 125.48 -58.77 26.29
N TYR C 1106 126.32 -57.75 26.19
CA TYR C 1106 127.46 -57.88 25.27
C TYR C 1106 128.38 -59.01 25.69
N ALA C 1107 128.64 -59.15 26.99
CA ALA C 1107 129.48 -60.24 27.47
C ALA C 1107 128.84 -61.59 27.20
N HIS C 1108 127.51 -61.67 27.27
CA HIS C 1108 126.81 -62.90 26.96
C HIS C 1108 126.99 -63.27 25.49
N VAL C 1109 126.89 -62.29 24.60
CA VAL C 1109 127.14 -62.57 23.19
C VAL C 1109 128.57 -63.05 22.98
N CYS C 1110 129.53 -62.37 23.61
CA CYS C 1110 130.93 -62.78 23.52
C CYS C 1110 131.11 -64.22 23.99
N ALA C 1111 130.48 -64.57 25.11
CA ALA C 1111 130.58 -65.94 25.62
C ALA C 1111 129.98 -66.94 24.65
N GLN C 1112 128.86 -66.59 24.01
CA GLN C 1112 128.31 -67.45 22.98
C GLN C 1112 129.33 -67.69 21.86
N HIS C 1113 130.09 -66.65 21.51
CA HIS C 1113 131.14 -66.79 20.50
C HIS C 1113 132.44 -67.33 21.08
N GLY C 1114 132.43 -67.93 22.27
CA GLY C 1114 133.61 -68.53 22.84
C GLY C 1114 134.55 -67.58 23.54
N LYS C 1115 134.34 -66.27 23.44
CA LYS C 1115 135.19 -65.28 24.10
C LYS C 1115 134.60 -64.93 25.47
N VAL C 1116 134.92 -65.77 26.46
CA VAL C 1116 134.50 -65.49 27.83
C VAL C 1116 135.30 -64.33 28.38
N VAL C 1117 134.61 -63.32 28.92
CA VAL C 1117 135.22 -62.07 29.34
C VAL C 1117 134.90 -61.84 30.81
N THR C 1118 135.94 -61.52 31.59
CA THR C 1118 135.82 -61.28 33.02
C THR C 1118 135.72 -59.78 33.30
N TRP C 1119 134.57 -59.21 32.97
CA TRP C 1119 134.42 -57.76 33.00
C TRP C 1119 134.00 -57.22 34.36
N ARG C 1120 133.49 -58.05 35.27
CA ARG C 1120 133.09 -57.58 36.58
C ARG C 1120 134.31 -57.17 37.39
N THR C 1121 134.14 -56.13 38.21
CA THR C 1121 135.15 -55.73 39.17
C THR C 1121 134.43 -55.22 40.41
N ALA C 1122 135.16 -55.18 41.53
CA ALA C 1122 134.58 -54.67 42.77
C ALA C 1122 134.13 -53.22 42.64
N THR C 1123 134.76 -52.47 41.73
CA THR C 1123 134.42 -51.07 41.54
C THR C 1123 133.55 -50.83 40.31
N LEU C 1124 133.22 -51.87 39.55
CA LEU C 1124 132.38 -51.73 38.37
C LEU C 1124 131.40 -52.89 38.34
N CYS C 1125 130.13 -52.57 38.53
CA CYS C 1125 129.05 -53.55 38.45
C CYS C 1125 129.36 -54.81 39.28
N PRO C 1126 129.68 -54.67 40.55
CA PRO C 1126 130.03 -55.84 41.35
C PRO C 1126 128.84 -56.76 41.55
N GLN C 1127 129.13 -58.05 41.68
CA GLN C 1127 128.13 -59.05 42.00
C GLN C 1127 128.70 -59.99 43.04
N SER C 1128 127.86 -60.38 44.00
CA SER C 1128 128.28 -61.24 45.08
C SER C 1128 127.31 -62.40 45.23
N CYS C 1129 127.84 -63.56 45.58
CA CYS C 1129 127.07 -64.77 45.80
C CYS C 1129 127.08 -65.22 47.25
N GLU C 1130 127.79 -64.48 48.10
CA GLU C 1130 127.97 -64.83 49.51
C GLU C 1130 126.65 -64.99 50.26
N GLU C 1131 125.56 -64.38 49.77
CA GLU C 1131 124.26 -64.53 50.41
C GLU C 1131 123.83 -66.00 50.46
N ARG C 1132 124.27 -66.80 49.50
CA ARG C 1132 123.94 -68.22 49.46
C ARG C 1132 124.86 -69.06 50.32
N ASN C 1133 126.02 -68.54 50.70
CA ASN C 1133 126.99 -69.30 51.48
C ASN C 1133 126.80 -69.17 52.99
N LEU C 1134 126.37 -68.01 53.48
CA LEU C 1134 125.97 -67.88 54.88
C LEU C 1134 124.73 -68.72 55.18
N ARG C 1135 124.68 -69.30 56.37
CA ARG C 1135 123.78 -70.41 56.66
C ARG C 1135 123.51 -70.48 58.15
N GLU C 1136 122.45 -71.20 58.50
CA GLU C 1136 122.12 -71.45 59.91
C GLU C 1136 123.21 -72.24 60.62
N ASN C 1137 124.01 -73.02 59.88
CA ASN C 1137 125.18 -73.70 60.42
C ASN C 1137 126.40 -72.79 60.49
N GLY C 1138 126.26 -71.51 60.14
CA GLY C 1138 127.38 -70.61 59.99
C GLY C 1138 127.65 -70.24 58.55
N TYR C 1139 128.61 -70.90 57.91
CA TYR C 1139 129.00 -70.51 56.56
C TYR C 1139 129.66 -71.69 55.86
N GLU C 1140 129.31 -71.91 54.59
CA GLU C 1140 130.06 -72.80 53.72
C GLU C 1140 130.07 -72.26 52.30
N CYS C 1141 131.25 -72.20 51.69
CA CYS C 1141 131.52 -71.40 50.49
C CYS C 1141 131.36 -72.16 49.18
N GLU C 1142 130.26 -72.90 49.05
CA GLU C 1142 130.04 -73.67 47.82
C GLU C 1142 129.70 -72.80 46.62
N TRP C 1143 128.95 -71.70 46.81
CA TRP C 1143 128.63 -70.81 45.71
C TRP C 1143 129.76 -69.81 45.43
N ARG C 1144 130.09 -69.65 44.15
CA ARG C 1144 131.02 -68.65 43.67
C ARG C 1144 130.42 -67.96 42.45
N TYR C 1145 130.68 -66.67 42.30
CA TYR C 1145 130.48 -66.07 41.00
C TYR C 1145 131.48 -66.64 40.00
N ASN C 1146 130.99 -66.94 38.80
CA ASN C 1146 131.86 -67.30 37.69
C ASN C 1146 131.48 -66.45 36.48
N SER C 1147 132.50 -65.97 35.75
CA SER C 1147 132.25 -65.15 34.57
C SER C 1147 131.23 -65.79 33.65
N CYS C 1148 131.39 -67.08 33.39
CA CYS C 1148 130.30 -67.87 32.84
C CYS C 1148 130.56 -69.31 33.20
N ALA C 1149 129.51 -70.01 33.61
CA ALA C 1149 129.56 -71.41 33.96
C ALA C 1149 128.69 -72.22 33.00
N PRO C 1150 128.92 -73.53 32.90
CA PRO C 1150 128.05 -74.35 32.04
C PRO C 1150 126.59 -74.18 32.43
N ALA C 1151 125.75 -74.03 31.41
CA ALA C 1151 124.42 -73.47 31.63
C ALA C 1151 123.49 -74.46 32.32
N CYS C 1152 123.55 -75.73 31.95
CA CYS C 1152 122.49 -76.66 32.28
C CYS C 1152 123.06 -77.87 33.03
N GLN C 1153 123.72 -77.57 34.15
CA GLN C 1153 124.33 -78.58 35.00
C GLN C 1153 123.30 -79.62 35.46
N VAL C 1154 123.81 -80.76 35.91
CA VAL C 1154 122.96 -81.77 36.54
C VAL C 1154 122.63 -81.35 37.96
N THR C 1155 121.42 -81.66 38.40
CA THR C 1155 120.97 -81.33 39.75
C THR C 1155 120.04 -82.43 40.25
N CYS C 1156 119.68 -82.35 41.53
CA CYS C 1156 118.69 -83.27 42.08
C CYS C 1156 117.34 -83.13 41.41
N GLN C 1157 117.04 -81.98 40.81
CA GLN C 1157 115.81 -81.79 40.07
C GLN C 1157 115.96 -82.08 38.59
N HIS C 1158 117.19 -82.09 38.08
CA HIS C 1158 117.48 -82.43 36.68
C HIS C 1158 118.61 -83.44 36.64
N PRO C 1159 118.36 -84.65 37.15
CA PRO C 1159 119.45 -85.65 37.17
C PRO C 1159 119.97 -86.01 35.79
N GLU C 1160 119.12 -86.04 34.79
CA GLU C 1160 119.56 -86.37 33.45
C GLU C 1160 120.09 -85.12 32.76
N PRO C 1161 121.11 -85.26 31.92
CA PRO C 1161 121.56 -84.11 31.12
C PRO C 1161 120.54 -83.80 30.04
N LEU C 1162 120.33 -82.51 29.82
CA LEU C 1162 119.32 -82.03 28.88
C LEU C 1162 119.91 -80.94 28.01
N ALA C 1163 119.68 -81.04 26.70
CA ALA C 1163 120.22 -80.07 25.76
C ALA C 1163 119.53 -78.73 25.94
N CYS C 1164 120.32 -77.66 25.87
CA CYS C 1164 119.80 -76.32 26.08
C CYS C 1164 120.62 -75.34 25.27
N PRO C 1165 120.04 -74.20 24.87
CA PRO C 1165 120.62 -73.42 23.77
C PRO C 1165 122.01 -72.85 24.05
N VAL C 1166 122.24 -72.34 25.25
CA VAL C 1166 123.45 -71.57 25.54
C VAL C 1166 124.42 -72.45 26.31
N GLN C 1167 125.68 -72.45 25.89
CA GLN C 1167 126.68 -73.31 26.52
C GLN C 1167 127.10 -72.77 27.88
N CYS C 1168 127.30 -71.47 28.00
CA CYS C 1168 127.93 -70.90 29.18
C CYS C 1168 127.25 -69.58 29.53
N VAL C 1169 126.88 -69.41 30.79
CA VAL C 1169 126.12 -68.25 31.24
C VAL C 1169 126.74 -67.70 32.53
N GLU C 1170 126.68 -66.37 32.65
CA GLU C 1170 127.19 -65.67 33.82
C GLU C 1170 126.29 -65.89 35.04
N GLY C 1171 126.90 -65.85 36.21
CA GLY C 1171 126.21 -65.71 37.47
C GLY C 1171 126.83 -66.54 38.56
N CYS C 1172 126.09 -66.66 39.67
CA CYS C 1172 126.48 -67.52 40.77
C CYS C 1172 126.41 -68.99 40.40
N HIS C 1173 127.48 -69.72 40.69
CA HIS C 1173 127.62 -71.11 40.33
C HIS C 1173 128.09 -71.87 41.56
N ALA C 1174 127.46 -73.01 41.84
CA ALA C 1174 127.88 -73.87 42.94
C ALA C 1174 128.96 -74.84 42.46
N HIS C 1175 130.14 -74.76 43.06
CA HIS C 1175 131.21 -75.72 42.81
C HIS C 1175 131.42 -76.59 44.05
N CYS C 1176 131.33 -77.89 43.87
CA CYS C 1176 131.40 -78.85 44.98
C CYS C 1176 132.04 -80.13 44.48
N PRO C 1177 132.48 -81.01 45.38
CA PRO C 1177 133.45 -82.07 45.00
C PRO C 1177 132.86 -83.08 44.03
N PRO C 1178 133.69 -84.02 43.54
CA PRO C 1178 133.18 -85.02 42.60
C PRO C 1178 132.11 -85.91 43.21
N GLY C 1179 131.22 -86.41 42.36
CA GLY C 1179 130.12 -87.23 42.80
C GLY C 1179 129.05 -86.51 43.57
N LYS C 1180 129.30 -85.27 43.99
CA LYS C 1180 128.34 -84.48 44.75
C LYS C 1180 127.45 -83.70 43.79
N ILE C 1181 126.17 -83.59 44.11
CA ILE C 1181 125.17 -83.03 43.22
C ILE C 1181 124.41 -81.92 43.95
N LEU C 1182 124.12 -80.84 43.23
CA LEU C 1182 123.34 -79.74 43.79
C LEU C 1182 121.87 -80.13 43.93
N ASP C 1183 121.27 -79.74 45.06
CA ASP C 1183 119.82 -79.70 45.21
C ASP C 1183 119.34 -78.26 45.08
N GLU C 1184 118.51 -78.01 44.06
CA GLU C 1184 118.00 -76.66 43.81
C GLU C 1184 117.04 -76.17 44.89
N LEU C 1185 116.33 -77.07 45.57
CA LEU C 1185 115.48 -76.65 46.66
C LEU C 1185 116.29 -76.19 47.87
N LEU C 1186 117.41 -76.85 48.14
CA LEU C 1186 118.30 -76.42 49.22
C LEU C 1186 119.27 -75.34 48.78
N GLN C 1187 119.42 -75.12 47.47
CA GLN C 1187 120.58 -74.43 46.92
C GLN C 1187 121.88 -74.93 47.56
N THR C 1188 121.99 -76.24 47.73
CA THR C 1188 123.07 -76.87 48.46
C THR C 1188 123.43 -78.17 47.77
N CYS C 1189 124.73 -78.46 47.69
CA CYS C 1189 125.21 -79.73 47.18
C CYS C 1189 124.93 -80.88 48.15
N VAL C 1190 124.37 -81.97 47.63
CA VAL C 1190 124.02 -83.15 48.41
C VAL C 1190 124.32 -84.40 47.59
N ASP C 1191 124.38 -85.54 48.28
CA ASP C 1191 124.67 -86.79 47.60
C ASP C 1191 123.57 -87.13 46.59
N PRO C 1192 123.90 -87.93 45.57
CA PRO C 1192 122.87 -88.31 44.59
C PRO C 1192 121.67 -88.99 45.21
N GLU C 1193 121.87 -89.70 46.32
CA GLU C 1193 120.77 -90.40 46.98
C GLU C 1193 119.91 -89.47 47.84
N ASP C 1194 120.33 -88.23 48.05
CA ASP C 1194 119.61 -87.31 48.91
C ASP C 1194 118.54 -86.50 48.17
N CYS C 1195 118.36 -86.73 46.88
CA CYS C 1195 117.41 -85.94 46.11
C CYS C 1195 115.99 -86.17 46.64
N PRO C 1196 115.15 -85.14 46.68
CA PRO C 1196 113.78 -85.31 47.17
C PRO C 1196 112.84 -85.97 46.16
N VAL C 1197 113.24 -86.08 44.90
CA VAL C 1197 112.38 -86.69 43.89
C VAL C 1197 113.17 -87.69 43.05
N SER C 1262 105.61 -87.47 -8.16
CA SER C 1262 105.14 -88.27 -7.03
C SER C 1262 103.62 -88.31 -6.98
N GLU C 1263 103.08 -89.44 -6.53
CA GLU C 1263 101.64 -89.71 -6.52
C GLU C 1263 101.05 -89.50 -7.91
N PRO C 1264 101.36 -90.36 -8.88
CA PRO C 1264 100.76 -90.25 -10.21
C PRO C 1264 99.24 -90.36 -10.21
N PRO C 1265 98.62 -91.27 -9.40
CA PRO C 1265 97.19 -91.55 -9.63
C PRO C 1265 96.25 -90.44 -9.18
N LEU C 1266 96.75 -89.23 -8.89
CA LEU C 1266 95.87 -88.13 -8.55
C LEU C 1266 94.89 -87.83 -9.67
N HIS C 1267 95.24 -88.17 -10.92
CA HIS C 1267 94.32 -88.02 -12.03
C HIS C 1267 94.77 -88.93 -13.17
N ASP C 1268 93.82 -89.19 -14.08
CA ASP C 1268 94.15 -90.02 -15.25
C ASP C 1268 95.22 -89.36 -16.12
N PHE C 1269 95.27 -88.03 -16.14
CA PHE C 1269 96.27 -87.31 -16.90
C PHE C 1269 97.41 -86.92 -15.95
N TYR C 1270 98.60 -87.44 -16.22
CA TYR C 1270 99.77 -87.17 -15.41
C TYR C 1270 100.94 -86.98 -16.36
N CYS C 1271 101.68 -85.88 -16.16
CA CYS C 1271 102.57 -85.36 -17.19
C CYS C 1271 104.00 -85.44 -16.68
N SER C 1272 104.68 -86.54 -17.01
CA SER C 1272 106.04 -86.79 -16.57
C SER C 1272 106.98 -86.51 -17.74
N ARG C 1273 107.42 -85.26 -17.84
CA ARG C 1273 108.30 -84.85 -18.92
C ARG C 1273 108.98 -83.53 -18.53
N LEU C 1274 110.02 -83.18 -19.27
CA LEU C 1274 110.88 -82.05 -18.93
C LEU C 1274 110.18 -80.76 -19.30
N LEU C 1275 109.83 -79.96 -18.29
CA LEU C 1275 109.13 -78.70 -18.51
C LEU C 1275 109.45 -77.71 -17.40
N ASP C 1276 109.54 -76.43 -17.76
CA ASP C 1276 109.50 -75.31 -16.82
C ASP C 1276 108.26 -74.47 -17.11
N LEU C 1277 107.41 -74.28 -16.11
CA LEU C 1277 106.09 -73.69 -16.30
C LEU C 1277 105.86 -72.55 -15.32
N VAL C 1278 105.39 -71.41 -15.81
CA VAL C 1278 105.03 -70.26 -14.98
C VAL C 1278 103.57 -69.90 -15.19
N PHE C 1279 102.80 -69.84 -14.11
CA PHE C 1279 101.44 -69.32 -14.13
C PHE C 1279 101.44 -67.83 -13.78
N LEU C 1280 101.03 -66.99 -14.73
CA LEU C 1280 100.92 -65.56 -14.51
C LEU C 1280 99.46 -65.19 -14.31
N LEU C 1281 99.13 -64.69 -13.12
CA LEU C 1281 97.74 -64.51 -12.69
C LEU C 1281 97.38 -63.03 -12.59
N ASP C 1282 96.32 -62.62 -13.28
CA ASP C 1282 95.88 -61.24 -13.28
C ASP C 1282 95.31 -60.86 -11.92
N GLY C 1283 96.00 -59.96 -11.23
CA GLY C 1283 95.56 -59.47 -9.93
C GLY C 1283 94.69 -58.24 -9.96
N SER C 1284 94.12 -57.90 -11.12
CA SER C 1284 93.33 -56.69 -11.25
C SER C 1284 91.92 -56.89 -10.70
N SER C 1285 91.21 -55.77 -10.55
CA SER C 1285 89.85 -55.79 -10.03
C SER C 1285 88.86 -56.39 -11.01
N ARG C 1286 89.23 -56.58 -12.28
CA ARG C 1286 88.34 -57.18 -13.24
C ARG C 1286 87.95 -58.60 -12.85
N LEU C 1287 88.72 -59.25 -12.00
CA LEU C 1287 88.33 -60.50 -11.36
C LEU C 1287 87.95 -60.22 -9.92
N SER C 1288 86.72 -60.57 -9.55
CA SER C 1288 86.33 -60.51 -8.16
C SER C 1288 87.04 -61.62 -7.37
N GLU C 1289 87.06 -61.47 -6.05
CA GLU C 1289 87.73 -62.46 -5.22
C GLU C 1289 87.21 -63.87 -5.47
N ALA C 1290 85.90 -64.02 -5.67
CA ALA C 1290 85.35 -65.35 -5.97
C ALA C 1290 85.92 -65.90 -7.27
N GLU C 1291 86.00 -65.05 -8.29
CA GLU C 1291 86.58 -65.48 -9.55
C GLU C 1291 88.06 -65.80 -9.39
N PHE C 1292 88.77 -65.01 -8.59
CA PHE C 1292 90.16 -65.31 -8.36
C PHE C 1292 90.32 -66.64 -7.64
N GLU C 1293 89.36 -67.00 -6.79
CA GLU C 1293 89.39 -68.29 -6.12
C GLU C 1293 89.27 -69.44 -7.11
N VAL C 1294 88.34 -69.33 -8.06
CA VAL C 1294 88.23 -70.43 -9.03
C VAL C 1294 89.45 -70.46 -9.95
N LEU C 1295 90.03 -69.29 -10.23
CA LEU C 1295 91.27 -69.24 -11.00
C LEU C 1295 92.41 -69.95 -10.26
N LYS C 1296 92.48 -69.74 -8.95
CA LYS C 1296 93.47 -70.42 -8.13
C LYS C 1296 93.23 -71.92 -8.13
N ALA C 1297 91.98 -72.34 -8.06
CA ALA C 1297 91.67 -73.77 -8.10
C ALA C 1297 92.08 -74.39 -9.43
N PHE C 1298 91.92 -73.64 -10.52
CA PHE C 1298 92.40 -74.05 -11.84
C PHE C 1298 93.92 -74.26 -11.86
N VAL C 1299 94.66 -73.32 -11.27
CA VAL C 1299 96.11 -73.51 -11.11
C VAL C 1299 96.39 -74.76 -10.28
N VAL C 1300 95.63 -74.96 -9.20
CA VAL C 1300 95.96 -76.02 -8.26
C VAL C 1300 95.74 -77.38 -8.91
N ASP C 1301 94.62 -77.56 -9.62
CA ASP C 1301 94.40 -78.86 -10.25
C ASP C 1301 95.39 -79.11 -11.39
N MET C 1302 95.77 -78.05 -12.13
CA MET C 1302 96.82 -78.26 -13.12
C MET C 1302 98.12 -78.70 -12.46
N MET C 1303 98.45 -78.15 -11.30
CA MET C 1303 99.61 -78.65 -10.56
C MET C 1303 99.42 -80.07 -10.07
N GLU C 1304 98.17 -80.46 -9.79
CA GLU C 1304 97.89 -81.86 -9.51
C GLU C 1304 98.20 -82.74 -10.71
N ARG C 1305 98.05 -82.21 -11.92
CA ARG C 1305 98.23 -83.00 -13.14
C ARG C 1305 99.63 -82.86 -13.74
N LEU C 1306 100.58 -82.28 -13.01
CA LEU C 1306 101.96 -82.20 -13.44
C LEU C 1306 102.87 -82.92 -12.44
N ARG C 1307 103.89 -83.60 -12.95
CA ARG C 1307 104.87 -84.29 -12.10
C ARG C 1307 105.83 -83.24 -11.55
N ILE C 1308 105.49 -82.69 -10.39
CA ILE C 1308 106.23 -81.57 -9.81
C ILE C 1308 107.51 -82.10 -9.17
N SER C 1309 108.66 -81.60 -9.65
CA SER C 1309 109.97 -81.89 -9.08
C SER C 1309 111.01 -81.09 -9.87
N GLN C 1310 112.21 -80.98 -9.30
CA GLN C 1310 113.30 -80.38 -10.07
C GLN C 1310 113.59 -81.20 -11.32
N LYS C 1311 113.54 -82.52 -11.20
CA LYS C 1311 113.40 -83.38 -12.37
C LYS C 1311 111.99 -83.23 -12.93
N TRP C 1312 111.85 -83.49 -14.23
CA TRP C 1312 110.57 -83.39 -14.91
C TRP C 1312 110.07 -81.95 -14.87
N VAL C 1313 108.97 -81.66 -14.18
CA VAL C 1313 108.28 -80.39 -14.33
C VAL C 1313 108.59 -79.49 -13.14
N ARG C 1314 109.02 -78.27 -13.42
CA ARG C 1314 109.17 -77.21 -12.43
C ARG C 1314 108.08 -76.16 -12.65
N VAL C 1315 107.45 -75.73 -11.56
CA VAL C 1315 106.30 -74.84 -11.63
C VAL C 1315 106.59 -73.60 -10.79
N ALA C 1316 106.19 -72.44 -11.33
CA ALA C 1316 106.22 -71.18 -10.60
C ALA C 1316 104.88 -70.48 -10.76
N VAL C 1317 104.51 -69.70 -9.75
CA VAL C 1317 103.23 -69.00 -9.72
C VAL C 1317 103.52 -67.53 -9.45
N VAL C 1318 102.93 -66.66 -10.27
CA VAL C 1318 103.24 -65.23 -10.22
C VAL C 1318 101.95 -64.44 -10.40
N GLU C 1319 101.54 -63.73 -9.35
CA GLU C 1319 100.47 -62.76 -9.47
C GLU C 1319 101.05 -61.41 -9.86
N TYR C 1320 100.42 -60.75 -10.84
CA TYR C 1320 100.82 -59.41 -11.24
C TYR C 1320 99.67 -58.45 -10.99
N HIS C 1321 99.95 -57.41 -10.21
CA HIS C 1321 98.97 -56.39 -9.86
C HIS C 1321 99.59 -55.01 -9.96
N ASP C 1322 100.22 -54.73 -11.10
CA ASP C 1322 101.14 -53.64 -11.38
C ASP C 1322 102.52 -53.92 -10.80
N GLY C 1323 102.67 -54.98 -10.02
CA GLY C 1323 103.97 -55.50 -9.67
C GLY C 1323 103.89 -57.00 -9.59
N SER C 1324 105.00 -57.64 -9.94
CA SER C 1324 105.00 -59.08 -10.17
C SER C 1324 105.23 -59.82 -8.86
N HIS C 1325 104.14 -60.12 -8.16
CA HIS C 1325 104.18 -60.86 -6.90
C HIS C 1325 104.34 -62.35 -7.16
N ALA C 1326 105.56 -62.86 -6.99
CA ALA C 1326 105.83 -64.27 -7.14
C ALA C 1326 105.56 -65.00 -5.83
N TYR C 1327 104.77 -66.08 -5.90
CA TYR C 1327 104.50 -66.92 -4.75
C TYR C 1327 105.28 -68.23 -4.75
N ILE C 1328 105.59 -68.76 -5.93
CA ILE C 1328 106.39 -69.97 -6.06
C ILE C 1328 107.45 -69.73 -7.12
N GLY C 1329 108.67 -70.14 -6.84
CA GLY C 1329 109.74 -70.05 -7.81
C GLY C 1329 110.18 -71.43 -8.30
N LEU C 1330 110.76 -71.48 -9.49
CA LEU C 1330 111.18 -72.76 -10.04
C LEU C 1330 112.28 -73.41 -9.22
N LYS C 1331 113.00 -72.62 -8.43
CA LYS C 1331 114.06 -73.17 -7.58
C LYS C 1331 113.53 -73.76 -6.28
N ASP C 1332 112.26 -73.52 -5.95
CA ASP C 1332 111.73 -73.99 -4.67
C ASP C 1332 111.78 -75.50 -4.60
N ARG C 1333 112.36 -76.01 -3.51
CA ARG C 1333 112.54 -77.43 -3.30
C ARG C 1333 111.40 -78.07 -2.52
N LYS C 1334 110.34 -77.32 -2.24
CA LYS C 1334 109.26 -77.84 -1.41
C LYS C 1334 108.52 -78.96 -2.13
N ARG C 1335 107.89 -79.82 -1.33
CA ARG C 1335 107.23 -81.00 -1.86
C ARG C 1335 105.98 -80.61 -2.64
N PRO C 1336 105.53 -81.47 -3.56
CA PRO C 1336 104.37 -81.11 -4.40
C PRO C 1336 103.14 -80.75 -3.60
N SER C 1337 102.87 -81.44 -2.50
CA SER C 1337 101.70 -81.10 -1.68
C SER C 1337 101.83 -79.70 -1.11
N GLU C 1338 103.02 -79.36 -0.61
CA GLU C 1338 103.25 -78.01 -0.08
C GLU C 1338 103.09 -76.96 -1.17
N LEU C 1339 103.59 -77.25 -2.37
CA LEU C 1339 103.46 -76.30 -3.47
C LEU C 1339 102.01 -76.10 -3.86
N ARG C 1340 101.23 -77.18 -3.90
CA ARG C 1340 99.81 -77.05 -4.19
C ARG C 1340 99.09 -76.25 -3.11
N ARG C 1341 99.48 -76.45 -1.85
CA ARG C 1341 98.91 -75.66 -0.77
C ARG C 1341 99.23 -74.18 -0.95
N ILE C 1342 100.49 -73.87 -1.28
CA ILE C 1342 100.88 -72.49 -1.49
C ILE C 1342 100.08 -71.86 -2.62
N ALA C 1343 99.92 -72.59 -3.72
CA ALA C 1343 99.14 -72.10 -4.83
C ALA C 1343 97.69 -71.86 -4.43
N SER C 1344 97.13 -72.78 -3.63
CA SER C 1344 95.75 -72.64 -3.18
C SER C 1344 95.59 -71.44 -2.27
N GLN C 1345 96.65 -71.04 -1.56
CA GLN C 1345 96.56 -69.93 -0.63
C GLN C 1345 97.16 -68.64 -1.17
N VAL C 1346 97.24 -68.50 -2.51
CA VAL C 1346 97.61 -67.23 -3.11
C VAL C 1346 96.56 -66.19 -2.77
N LYS C 1347 97.01 -65.01 -2.33
CA LYS C 1347 96.07 -63.99 -1.93
C LYS C 1347 95.56 -63.22 -3.15
N TYR C 1348 94.53 -62.42 -2.92
CA TYR C 1348 93.86 -61.66 -3.97
C TYR C 1348 94.19 -60.19 -3.79
N ALA C 1349 94.70 -59.56 -4.86
CA ALA C 1349 95.09 -58.16 -4.80
C ALA C 1349 93.95 -57.23 -5.16
N GLY C 1350 93.35 -57.41 -6.33
CA GLY C 1350 92.27 -56.55 -6.76
C GLY C 1350 92.69 -55.15 -7.13
N SER C 1351 93.82 -55.00 -7.80
CA SER C 1351 94.27 -53.68 -8.23
C SER C 1351 93.40 -53.15 -9.36
N GLN C 1352 93.37 -51.83 -9.49
CA GLN C 1352 92.65 -51.22 -10.60
C GLN C 1352 93.40 -51.34 -11.92
N VAL C 1353 94.70 -51.58 -11.88
CA VAL C 1353 95.51 -51.76 -13.08
C VAL C 1353 96.49 -52.89 -12.84
N ALA C 1354 96.71 -53.72 -13.86
CA ALA C 1354 97.65 -54.83 -13.79
C ALA C 1354 98.45 -54.83 -15.08
N SER C 1355 99.61 -54.18 -15.05
CA SER C 1355 100.46 -54.07 -16.23
C SER C 1355 100.90 -55.43 -16.73
N THR C 1356 100.46 -55.78 -17.93
CA THR C 1356 100.78 -57.07 -18.54
C THR C 1356 102.18 -57.06 -19.13
N SER C 1357 102.57 -55.93 -19.73
CA SER C 1357 103.95 -55.78 -20.19
C SER C 1357 104.92 -55.84 -19.02
N GLU C 1358 104.53 -55.35 -17.85
CA GLU C 1358 105.42 -55.40 -16.70
C GLU C 1358 105.66 -56.83 -16.25
N VAL C 1359 104.64 -57.68 -16.26
CA VAL C 1359 104.88 -59.07 -15.87
C VAL C 1359 105.65 -59.83 -16.94
N LEU C 1360 105.46 -59.49 -18.22
CA LEU C 1360 106.35 -60.05 -19.24
C LEU C 1360 107.79 -59.62 -19.02
N LYS C 1361 108.01 -58.37 -18.60
CA LYS C 1361 109.36 -57.92 -18.27
C LYS C 1361 109.91 -58.70 -17.10
N TYR C 1362 109.10 -58.88 -16.06
CA TYR C 1362 109.54 -59.61 -14.89
C TYR C 1362 109.96 -61.03 -15.25
N THR C 1363 109.08 -61.77 -15.95
CA THR C 1363 109.44 -63.15 -16.27
C THR C 1363 110.66 -63.22 -17.16
N LEU C 1364 110.79 -62.28 -18.10
CA LEU C 1364 111.93 -62.27 -19.02
C LEU C 1364 113.24 -62.04 -18.30
N PHE C 1365 113.30 -61.02 -17.45
CA PHE C 1365 114.58 -60.63 -16.89
C PHE C 1365 114.88 -61.25 -15.54
N GLN C 1366 113.87 -61.70 -14.81
CA GLN C 1366 114.06 -62.22 -13.47
C GLN C 1366 113.73 -63.70 -13.32
N ILE C 1367 112.70 -64.21 -14.00
CA ILE C 1367 112.40 -65.64 -13.87
C ILE C 1367 113.35 -66.46 -14.72
N PHE C 1368 113.33 -66.20 -16.02
CA PHE C 1368 114.25 -66.83 -16.97
C PHE C 1368 115.52 -66.02 -17.17
N SER C 1369 116.10 -65.54 -16.07
CA SER C 1369 117.35 -64.79 -16.16
C SER C 1369 118.48 -65.66 -16.72
N LYS C 1370 118.55 -66.91 -16.27
CA LYS C 1370 119.52 -67.87 -16.78
C LYS C 1370 118.80 -69.17 -17.10
N ILE C 1371 119.03 -69.68 -18.30
CA ILE C 1371 118.41 -70.94 -18.73
C ILE C 1371 119.21 -72.11 -18.19
N ASP C 1372 118.88 -72.56 -16.98
CA ASP C 1372 119.60 -73.65 -16.35
C ASP C 1372 119.15 -75.02 -16.81
N ARG C 1373 118.07 -75.11 -17.60
CA ARG C 1373 117.62 -76.38 -18.19
C ARG C 1373 117.39 -76.17 -19.69
N PRO C 1374 118.45 -75.94 -20.46
CA PRO C 1374 118.27 -75.64 -21.89
C PRO C 1374 117.58 -76.75 -22.67
N GLU C 1375 117.64 -77.99 -22.18
CA GLU C 1375 116.93 -79.09 -22.81
C GLU C 1375 115.44 -79.11 -22.47
N ALA C 1376 115.03 -78.55 -21.34
CA ALA C 1376 113.63 -78.54 -20.96
C ALA C 1376 112.86 -77.41 -21.64
N SER C 1377 111.60 -77.69 -21.99
CA SER C 1377 110.74 -76.66 -22.55
C SER C 1377 110.36 -75.62 -21.49
N ARG C 1378 110.26 -74.36 -21.91
CA ARG C 1378 109.95 -73.26 -21.02
C ARG C 1378 108.67 -72.57 -21.48
N ILE C 1379 107.65 -72.55 -20.62
CA ILE C 1379 106.31 -72.09 -21.00
C ILE C 1379 105.75 -71.17 -19.91
N ALA C 1380 105.04 -70.13 -20.34
CA ALA C 1380 104.32 -69.21 -19.44
C ALA C 1380 102.86 -69.13 -19.86
N LEU C 1381 101.95 -69.27 -18.90
CA LEU C 1381 100.53 -68.95 -19.14
C LEU C 1381 100.29 -67.51 -18.72
N LEU C 1382 100.15 -66.62 -19.70
CA LEU C 1382 99.78 -65.24 -19.43
C LEU C 1382 98.27 -65.16 -19.29
N LEU C 1383 97.78 -65.61 -18.14
CA LEU C 1383 96.35 -65.59 -17.88
C LEU C 1383 95.95 -64.18 -17.48
N MET C 1384 95.05 -63.59 -18.26
CA MET C 1384 94.84 -62.15 -18.26
C MET C 1384 93.37 -61.82 -18.45
N ALA C 1385 92.91 -60.80 -17.74
CA ALA C 1385 91.48 -60.48 -17.70
C ALA C 1385 91.21 -58.99 -17.66
N SER C 1386 92.18 -58.15 -18.02
CA SER C 1386 92.05 -56.72 -17.85
C SER C 1386 92.86 -55.99 -18.90
N GLN C 1387 92.45 -54.75 -19.18
CA GLN C 1387 93.23 -53.87 -20.04
C GLN C 1387 94.36 -53.23 -19.23
N GLU C 1388 95.23 -52.50 -19.92
CA GLU C 1388 96.22 -51.68 -19.28
C GLU C 1388 96.31 -50.35 -20.03
N PRO C 1389 96.66 -49.26 -19.35
CA PRO C 1389 96.78 -47.97 -20.04
C PRO C 1389 97.77 -48.06 -21.17
N GLN C 1390 97.48 -47.35 -22.26
CA GLN C 1390 98.29 -47.46 -23.47
C GLN C 1390 99.75 -47.11 -23.19
N ARG C 1391 99.99 -46.11 -22.35
CA ARG C 1391 101.36 -45.69 -22.07
C ARG C 1391 102.19 -46.83 -21.48
N MET C 1392 101.56 -47.80 -20.83
CA MET C 1392 102.28 -48.91 -20.23
C MET C 1392 102.48 -50.08 -21.17
N SER C 1393 101.87 -50.04 -22.36
CA SER C 1393 101.95 -51.14 -23.31
C SER C 1393 103.04 -50.96 -24.36
N ARG C 1394 103.90 -49.95 -24.21
CA ARG C 1394 104.78 -49.56 -25.30
C ARG C 1394 105.90 -50.56 -25.53
N ASN C 1395 106.34 -51.26 -24.49
CA ASN C 1395 107.43 -52.22 -24.62
C ASN C 1395 106.95 -53.66 -24.62
N PHE C 1396 105.65 -53.87 -24.82
CA PHE C 1396 105.08 -55.22 -24.77
C PHE C 1396 105.67 -56.12 -25.83
N VAL C 1397 105.70 -55.66 -27.09
CA VAL C 1397 106.21 -56.46 -28.19
C VAL C 1397 107.68 -56.79 -27.97
N ARG C 1398 108.45 -55.83 -27.45
CA ARG C 1398 109.87 -56.08 -27.21
C ARG C 1398 110.05 -57.24 -26.24
N TYR C 1399 109.27 -57.25 -25.14
CA TYR C 1399 109.41 -58.30 -24.15
C TYR C 1399 108.97 -59.65 -24.69
N VAL C 1400 107.87 -59.69 -25.44
CA VAL C 1400 107.45 -60.99 -25.96
C VAL C 1400 108.47 -61.52 -26.97
N GLN C 1401 109.05 -60.64 -27.78
CA GLN C 1401 110.07 -61.09 -28.71
C GLN C 1401 111.33 -61.55 -27.98
N GLY C 1402 111.69 -60.87 -26.90
CA GLY C 1402 112.81 -61.34 -26.09
C GLY C 1402 112.55 -62.71 -25.50
N LEU C 1403 111.32 -62.95 -25.04
CA LEU C 1403 110.94 -64.26 -24.55
C LEU C 1403 111.03 -65.31 -25.66
N LYS C 1404 110.64 -64.93 -26.88
CA LYS C 1404 110.79 -65.84 -28.01
C LYS C 1404 112.25 -66.17 -28.27
N LYS C 1405 113.12 -65.18 -28.20
CA LYS C 1405 114.54 -65.41 -28.43
C LYS C 1405 115.13 -66.36 -27.40
N LYS C 1406 114.57 -66.38 -26.19
CA LYS C 1406 114.93 -67.38 -25.19
C LYS C 1406 114.16 -68.68 -25.37
N LYS C 1407 113.34 -68.77 -26.43
CA LYS C 1407 112.38 -69.87 -26.63
C LYS C 1407 111.47 -70.13 -25.43
N VAL C 1408 111.17 -69.07 -24.67
CA VAL C 1408 110.12 -69.13 -23.65
C VAL C 1408 108.77 -68.97 -24.34
N ILE C 1409 107.99 -70.06 -24.39
CA ILE C 1409 106.65 -70.01 -24.96
C ILE C 1409 105.74 -69.21 -24.05
N VAL C 1410 104.88 -68.37 -24.63
CA VAL C 1410 103.83 -67.67 -23.90
C VAL C 1410 102.47 -68.01 -24.47
N ILE C 1411 101.62 -68.61 -23.64
CA ILE C 1411 100.26 -68.99 -24.00
C ILE C 1411 99.29 -68.01 -23.34
N PRO C 1412 98.82 -66.98 -24.03
CA PRO C 1412 97.85 -66.07 -23.43
C PRO C 1412 96.49 -66.72 -23.24
N VAL C 1413 95.91 -66.51 -22.06
CA VAL C 1413 94.59 -67.04 -21.72
C VAL C 1413 93.68 -65.88 -21.32
N GLY C 1414 93.11 -65.21 -22.31
CA GLY C 1414 92.23 -64.09 -22.05
C GLY C 1414 90.90 -64.55 -21.49
N ILE C 1415 90.43 -63.86 -20.45
CA ILE C 1415 89.17 -64.20 -19.79
C ILE C 1415 88.33 -62.95 -19.62
N GLY C 1416 87.05 -63.05 -20.01
CA GLY C 1416 86.10 -61.99 -19.78
C GLY C 1416 86.10 -60.93 -20.85
N PRO C 1417 85.07 -60.08 -20.85
CA PRO C 1417 84.99 -59.02 -21.86
C PRO C 1417 86.13 -58.01 -21.78
N HIS C 1418 86.74 -57.86 -20.62
CA HIS C 1418 87.78 -56.85 -20.43
C HIS C 1418 89.17 -57.35 -20.75
N ALA C 1419 89.32 -58.60 -21.19
CA ALA C 1419 90.64 -59.09 -21.58
C ALA C 1419 91.21 -58.25 -22.71
N ASN C 1420 92.53 -58.03 -22.67
CA ASN C 1420 93.21 -57.21 -23.67
C ASN C 1420 93.47 -58.05 -24.92
N LEU C 1421 92.41 -58.23 -25.70
CA LEU C 1421 92.49 -59.04 -26.92
C LEU C 1421 93.59 -58.60 -27.87
N LYS C 1422 93.83 -57.28 -27.96
CA LYS C 1422 94.89 -56.78 -28.83
C LYS C 1422 96.26 -57.33 -28.44
N GLN C 1423 96.58 -57.30 -27.15
CA GLN C 1423 97.85 -57.85 -26.68
C GLN C 1423 97.92 -59.35 -26.92
N ILE C 1424 96.78 -60.03 -26.84
CA ILE C 1424 96.70 -61.46 -27.13
C ILE C 1424 97.06 -61.74 -28.59
N ARG C 1425 96.45 -61.01 -29.52
CA ARG C 1425 96.76 -61.22 -30.92
C ARG C 1425 98.21 -60.84 -31.22
N LEU C 1426 98.71 -59.80 -30.57
CA LEU C 1426 100.12 -59.44 -30.75
C LEU C 1426 101.04 -60.56 -30.29
N ILE C 1427 100.71 -61.22 -29.18
CA ILE C 1427 101.47 -62.40 -28.78
C ILE C 1427 101.37 -63.51 -29.81
N GLU C 1428 100.16 -63.75 -30.31
CA GLU C 1428 99.99 -64.83 -31.29
C GLU C 1428 100.80 -64.58 -32.55
N LYS C 1429 100.95 -63.33 -32.96
CA LYS C 1429 101.67 -63.00 -34.18
C LYS C 1429 103.15 -63.35 -34.09
N GLN C 1430 103.70 -63.47 -32.88
CA GLN C 1430 105.13 -63.68 -32.72
C GLN C 1430 105.56 -65.10 -33.07
N ALA C 1431 104.76 -66.10 -32.69
CA ALA C 1431 105.15 -67.48 -32.94
C ALA C 1431 103.90 -68.34 -32.99
N PRO C 1432 103.87 -69.37 -33.85
CA PRO C 1432 102.66 -70.22 -33.91
C PRO C 1432 102.36 -70.95 -32.62
N GLU C 1433 103.39 -71.38 -31.88
CA GLU C 1433 103.17 -72.11 -30.65
C GLU C 1433 102.57 -71.25 -29.54
N ASN C 1434 102.62 -69.93 -29.69
CA ASN C 1434 101.97 -69.02 -28.76
C ASN C 1434 100.48 -68.85 -29.08
N LYS C 1435 99.77 -69.97 -29.22
CA LYS C 1435 98.36 -69.90 -29.59
C LYS C 1435 97.52 -69.51 -28.38
N ALA C 1436 96.48 -68.72 -28.63
CA ALA C 1436 95.72 -68.08 -27.57
C ALA C 1436 94.48 -68.89 -27.19
N PHE C 1437 94.14 -68.84 -25.91
CA PHE C 1437 92.85 -69.28 -25.41
C PHE C 1437 92.06 -68.04 -24.98
N VAL C 1438 90.81 -67.95 -25.41
CA VAL C 1438 89.94 -66.85 -25.02
C VAL C 1438 88.69 -67.44 -24.38
N LEU C 1439 88.40 -67.05 -23.15
CA LEU C 1439 87.34 -67.64 -22.35
C LEU C 1439 86.29 -66.60 -22.03
N SER C 1440 85.03 -67.05 -22.01
CA SER C 1440 83.94 -66.15 -21.63
C SER C 1440 84.07 -65.71 -20.18
N SER C 1441 84.45 -66.63 -19.29
CA SER C 1441 84.57 -66.31 -17.88
C SER C 1441 85.48 -67.33 -17.22
N VAL C 1442 85.87 -67.03 -15.98
CA VAL C 1442 86.82 -67.87 -15.26
C VAL C 1442 86.32 -69.29 -15.08
N ASP C 1443 85.00 -69.48 -14.96
CA ASP C 1443 84.47 -70.82 -14.76
C ASP C 1443 84.67 -71.70 -15.99
N GLU C 1444 84.94 -71.11 -17.16
CA GLU C 1444 85.26 -71.89 -18.35
C GLU C 1444 86.64 -72.53 -18.27
N LEU C 1445 87.45 -72.11 -17.31
CA LEU C 1445 88.73 -72.79 -17.07
C LEU C 1445 88.53 -74.25 -16.72
N GLU C 1446 87.46 -74.56 -15.98
CA GLU C 1446 87.15 -75.95 -15.65
C GLU C 1446 86.93 -76.78 -16.91
N GLN C 1447 86.42 -76.15 -17.97
CA GLN C 1447 86.18 -76.87 -19.22
C GLN C 1447 87.44 -76.92 -20.07
N GLN C 1448 88.23 -75.86 -20.05
CA GLN C 1448 89.41 -75.76 -20.92
C GLN C 1448 90.62 -76.48 -20.34
N ARG C 1449 90.58 -76.88 -19.07
CA ARG C 1449 91.75 -77.39 -18.37
C ARG C 1449 92.35 -78.60 -19.07
N ASP C 1450 91.51 -79.55 -19.48
CA ASP C 1450 92.02 -80.80 -20.03
C ASP C 1450 92.86 -80.55 -21.29
N GLU C 1451 92.31 -79.80 -22.24
CA GLU C 1451 93.08 -79.56 -23.45
C GLU C 1451 94.23 -78.61 -23.21
N ILE C 1452 94.13 -77.71 -22.22
CA ILE C 1452 95.26 -76.87 -21.88
C ILE C 1452 96.44 -77.72 -21.42
N VAL C 1453 96.21 -78.65 -20.49
CA VAL C 1453 97.30 -79.49 -20.01
C VAL C 1453 97.80 -80.40 -21.13
N SER C 1454 96.90 -80.88 -21.99
CA SER C 1454 97.32 -81.70 -23.12
C SER C 1454 98.27 -80.92 -24.01
N TYR C 1455 97.92 -79.68 -24.33
CA TYR C 1455 98.79 -78.84 -25.16
C TYR C 1455 100.13 -78.58 -24.48
N LEU C 1456 100.10 -78.26 -23.18
CA LEU C 1456 101.33 -78.01 -22.45
C LEU C 1456 102.26 -79.20 -22.51
N CYS C 1457 101.73 -80.40 -22.33
CA CYS C 1457 102.58 -81.59 -22.35
C CYS C 1457 102.96 -82.01 -23.76
N ASP C 1458 102.17 -81.62 -24.76
CA ASP C 1458 102.60 -81.77 -26.14
C ASP C 1458 103.79 -80.88 -26.45
N LEU C 1459 103.85 -79.69 -25.83
CA LEU C 1459 104.96 -78.76 -26.03
C LEU C 1459 106.21 -79.12 -25.23
N ALA C 1460 106.23 -80.24 -24.52
CA ALA C 1460 107.36 -80.60 -23.68
C ALA C 1460 107.95 -81.95 -24.07
N PRO C 1461 109.27 -82.07 -24.15
CA PRO C 1461 109.89 -83.35 -24.51
C PRO C 1461 110.03 -84.27 -23.32
N GLU C 1462 110.19 -85.56 -23.62
CA GLU C 1462 110.43 -86.58 -22.61
C GLU C 1462 111.91 -86.65 -22.25
N ALA C 1463 112.22 -87.48 -21.26
CA ALA C 1463 113.60 -87.66 -20.82
C ALA C 1463 114.44 -88.33 -21.90
N SER D 31 10.44 40.12 89.16
CA SER D 31 11.33 38.96 89.06
C SER D 31 12.39 39.18 87.99
N THR D 32 11.98 39.05 86.73
CA THR D 32 12.89 39.20 85.60
C THR D 32 12.06 39.43 84.35
N ALA D 33 12.55 40.30 83.47
CA ALA D 33 11.85 40.64 82.24
C ALA D 33 12.19 39.66 81.13
N ARG D 34 11.41 39.73 80.05
CA ARG D 34 11.67 38.92 78.86
C ARG D 34 11.42 39.76 77.63
N CYS D 35 12.34 39.73 76.68
CA CYS D 35 12.18 40.35 75.38
C CYS D 35 12.41 39.31 74.31
N SER D 36 11.68 39.42 73.22
CA SER D 36 11.74 38.42 72.18
C SER D 36 11.67 39.07 70.81
N LEU D 37 12.49 38.58 69.89
CA LEU D 37 12.40 38.91 68.48
C LEU D 37 12.18 37.61 67.74
N PHE D 38 11.00 37.46 67.16
CA PHE D 38 10.48 36.17 66.75
C PHE D 38 9.77 36.28 65.42
N GLY D 39 9.54 35.13 64.81
CA GLY D 39 8.92 35.14 63.52
C GLY D 39 9.86 35.74 62.49
N SER D 40 9.27 36.20 61.40
CA SER D 40 10.08 36.82 60.35
C SER D 40 10.58 38.20 60.76
N ASP D 41 9.67 39.06 61.20
CA ASP D 41 10.00 40.46 61.41
C ASP D 41 9.35 41.05 62.66
N PHE D 42 9.16 40.27 63.71
CA PHE D 42 8.37 40.72 64.84
C PHE D 42 9.23 40.88 66.09
N VAL D 43 8.77 41.74 67.00
CA VAL D 43 9.47 42.04 68.24
C VAL D 43 8.45 42.06 69.37
N ASN D 44 8.90 41.71 70.57
CA ASN D 44 8.09 41.82 71.77
C ASN D 44 8.94 42.46 72.86
N THR D 45 8.44 43.55 73.43
CA THR D 45 9.21 44.34 74.38
C THR D 45 9.15 43.74 75.77
N PHE D 46 9.94 44.32 76.68
CA PHE D 46 9.95 43.86 78.06
C PHE D 46 8.59 44.04 78.72
N ASP D 47 7.89 45.11 78.38
CA ASP D 47 6.62 45.46 79.01
C ASP D 47 5.41 44.94 78.25
N GLY D 48 5.61 44.19 77.18
CA GLY D 48 4.52 43.57 76.47
C GLY D 48 4.14 44.22 75.17
N SER D 49 4.61 45.43 74.90
CA SER D 49 4.34 46.04 73.60
C SER D 49 4.95 45.18 72.50
N MET D 50 4.19 44.98 71.43
CA MET D 50 4.56 44.04 70.40
C MET D 50 4.32 44.66 69.04
N TYR D 51 5.27 44.51 68.13
CA TYR D 51 5.23 45.19 66.85
C TYR D 51 6.11 44.46 65.86
N SER D 52 6.09 44.92 64.62
CA SER D 52 6.90 44.36 63.55
C SER D 52 7.96 45.34 63.10
N PHE D 53 9.14 44.82 62.81
CA PHE D 53 10.22 45.64 62.26
C PHE D 53 11.13 44.77 61.42
N ALA D 54 11.30 45.14 60.15
CA ALA D 54 12.20 44.45 59.23
C ALA D 54 13.46 45.28 59.08
N GLY D 55 14.40 45.07 59.99
CA GLY D 55 15.62 45.85 59.99
C GLY D 55 16.57 45.47 58.88
N TYR D 56 17.42 46.43 58.51
CA TYR D 56 18.46 46.19 57.52
C TYR D 56 19.84 46.48 58.07
N CYS D 57 19.95 46.76 59.37
CA CYS D 57 21.22 47.06 60.01
C CYS D 57 21.22 46.39 61.38
N SER D 58 22.14 46.80 62.24
CA SER D 58 22.18 46.33 63.62
C SER D 58 21.53 47.36 64.54
N TYR D 59 20.78 46.87 65.52
CA TYR D 59 20.00 47.74 66.38
C TYR D 59 20.20 47.36 67.84
N LEU D 60 20.09 48.35 68.71
CA LEU D 60 20.19 48.10 70.14
C LEU D 60 18.91 47.47 70.64
N LEU D 61 19.00 46.25 71.14
CA LEU D 61 17.84 45.58 71.73
C LEU D 61 17.65 46.00 73.18
N ALA D 62 18.72 46.02 73.96
CA ALA D 62 18.62 46.41 75.34
C ALA D 62 20.00 46.82 75.84
N GLY D 63 20.02 47.52 76.96
CA GLY D 63 21.27 47.92 77.56
C GLY D 63 21.06 49.04 78.54
N GLY D 64 22.10 49.28 79.32
CA GLY D 64 22.11 50.42 80.21
C GLY D 64 21.88 51.68 79.42
N CYS D 65 20.88 52.47 79.80
CA CYS D 65 20.34 53.44 78.88
C CYS D 65 20.97 54.82 79.05
N GLN D 66 21.36 55.18 80.28
CA GLN D 66 22.19 56.34 80.53
C GLN D 66 23.68 55.97 80.55
N LYS D 67 24.05 55.06 81.45
CA LYS D 67 25.41 54.52 81.52
C LYS D 67 25.38 53.10 80.99
N ARG D 68 25.87 52.93 79.76
CA ARG D 68 25.72 51.67 79.03
C ARG D 68 26.92 50.78 79.34
N SER D 69 26.84 50.08 80.46
CA SER D 69 27.88 49.13 80.82
C SER D 69 27.94 47.95 79.86
N PHE D 70 26.80 47.59 79.27
CA PHE D 70 26.76 46.53 78.27
C PHE D 70 25.69 46.88 77.24
N SER D 71 25.83 46.28 76.06
CA SER D 71 24.88 46.52 74.99
C SER D 71 24.55 45.19 74.33
N ILE D 72 23.26 44.90 74.19
CA ILE D 72 22.79 43.74 73.46
C ILE D 72 22.30 44.24 72.11
N ILE D 73 22.89 43.72 71.04
CA ILE D 73 22.70 44.28 69.71
C ILE D 73 22.22 43.17 68.80
N GLY D 74 21.08 43.39 68.15
CA GLY D 74 20.55 42.45 67.18
C GLY D 74 20.92 42.89 65.77
N ASP D 75 21.47 41.96 65.02
CA ASP D 75 21.93 42.23 63.67
C ASP D 75 20.95 41.66 62.66
N PHE D 76 20.57 42.45 61.67
CA PHE D 76 19.64 42.02 60.64
C PHE D 76 20.34 42.05 59.29
N GLN D 77 19.73 41.40 58.31
CA GLN D 77 20.22 41.43 56.94
C GLN D 77 19.06 41.12 56.01
N ASN D 78 18.72 42.08 55.14
CA ASN D 78 17.61 41.93 54.20
C ASN D 78 16.32 41.64 54.95
N GLY D 79 16.14 42.28 56.10
CA GLY D 79 14.96 42.13 56.90
C GLY D 79 14.99 40.96 57.87
N LYS D 80 15.85 39.98 57.64
CA LYS D 80 15.93 38.80 58.48
C LYS D 80 17.02 38.95 59.53
N ARG D 81 16.84 38.26 60.65
CA ARG D 81 17.83 38.27 61.72
C ARG D 81 18.98 37.35 61.38
N VAL D 82 20.20 37.75 61.73
CA VAL D 82 21.38 36.96 61.42
C VAL D 82 22.26 36.70 62.63
N SER D 83 22.22 37.51 63.67
CA SER D 83 23.09 37.28 64.82
C SER D 83 22.60 38.10 65.99
N LEU D 84 23.09 37.74 67.17
CA LEU D 84 22.79 38.44 68.41
C LEU D 84 24.11 38.79 69.07
N SER D 85 24.51 40.05 68.98
CA SER D 85 25.80 40.48 69.48
C SER D 85 25.65 41.11 70.86
N VAL D 86 26.73 41.08 71.61
CA VAL D 86 26.79 41.69 72.94
C VAL D 86 28.13 42.42 73.05
N TYR D 87 28.08 43.62 73.60
CA TYR D 87 29.27 44.43 73.84
C TYR D 87 29.32 44.79 75.31
N LEU D 88 30.47 44.62 75.94
CA LEU D 88 30.60 44.90 77.36
C LEU D 88 31.19 46.28 77.62
N GLY D 89 31.08 47.20 76.68
CA GLY D 89 31.64 48.52 76.89
C GLY D 89 32.96 48.71 76.16
N GLU D 90 33.01 48.25 74.91
CA GLU D 90 34.08 48.51 73.95
C GLU D 90 35.33 47.69 74.23
N PHE D 91 35.40 46.94 75.33
CA PHE D 91 36.57 46.13 75.58
C PHE D 91 36.35 44.66 75.24
N PHE D 92 35.11 44.25 75.11
CA PHE D 92 34.80 42.87 74.74
C PHE D 92 33.52 42.85 73.95
N ASP D 93 33.52 42.11 72.85
CA ASP D 93 32.36 41.95 72.00
C ASP D 93 32.27 40.50 71.56
N ILE D 94 31.05 40.00 71.45
CA ILE D 94 30.82 38.61 71.07
C ILE D 94 29.63 38.58 70.13
N HIS D 95 29.69 37.71 69.13
CA HIS D 95 28.71 37.68 68.05
C HIS D 95 28.18 36.27 67.93
N LEU D 96 26.98 36.03 68.44
CA LEU D 96 26.35 34.72 68.36
C LEU D 96 25.41 34.72 67.16
N PHE D 97 25.81 34.01 66.11
CA PHE D 97 25.01 33.96 64.90
C PHE D 97 23.90 32.92 65.02
N VAL D 98 22.92 33.03 64.13
CA VAL D 98 21.81 32.09 64.15
C VAL D 98 22.30 30.67 63.86
N ASN D 99 23.22 30.52 62.92
CA ASN D 99 23.73 29.19 62.59
C ASN D 99 24.95 28.82 63.42
N GLY D 100 24.81 28.95 64.73
CA GLY D 100 25.70 28.37 65.69
C GLY D 100 27.09 28.96 65.76
N THR D 101 27.48 29.78 64.80
CA THR D 101 28.83 30.32 64.78
C THR D 101 28.95 31.43 65.81
N VAL D 102 30.09 31.47 66.48
CA VAL D 102 30.40 32.50 67.46
C VAL D 102 31.74 33.10 67.09
N THR D 103 31.81 34.44 67.09
CA THR D 103 33.05 35.14 66.86
C THR D 103 33.25 36.18 67.96
N GLN D 104 34.43 36.17 68.57
CA GLN D 104 34.85 37.20 69.50
C GLN D 104 35.68 38.20 68.73
N GLY D 105 35.18 39.42 68.60
CA GLY D 105 35.71 40.31 67.58
C GLY D 105 35.41 39.74 66.21
N ASP D 106 36.43 39.71 65.35
CA ASP D 106 36.30 39.03 64.07
C ASP D 106 36.84 37.60 64.12
N GLN D 107 37.41 37.18 65.24
CA GLN D 107 38.00 35.86 65.37
C GLN D 107 36.92 34.85 65.75
N ARG D 108 36.85 33.75 65.02
CA ARG D 108 35.88 32.71 65.30
C ARG D 108 36.29 31.89 66.51
N VAL D 109 35.32 31.51 67.34
CA VAL D 109 35.54 30.66 68.49
C VAL D 109 34.46 29.59 68.52
N SER D 110 34.73 28.52 69.26
CA SER D 110 33.86 27.36 69.31
C SER D 110 33.15 27.28 70.65
N MET D 111 31.95 26.77 70.63
CA MET D 111 31.17 26.58 71.84
C MET D 111 31.49 25.24 72.49
N PRO D 112 31.37 25.12 73.82
CA PRO D 112 31.04 26.19 74.75
C PRO D 112 32.18 27.16 74.93
N TYR D 113 31.87 28.38 75.31
CA TYR D 113 32.87 29.43 75.45
C TYR D 113 32.57 30.23 76.71
N ALA D 114 33.61 30.58 77.44
CA ALA D 114 33.47 31.35 78.66
C ALA D 114 34.59 32.36 78.73
N SER D 115 34.25 33.62 78.98
CA SER D 115 35.24 34.68 79.06
C SER D 115 34.63 35.94 79.64
N LYS D 116 35.32 36.54 80.59
CA LYS D 116 34.98 37.86 81.11
C LYS D 116 33.52 37.94 81.54
N GLY D 117 33.06 36.88 82.21
CA GLY D 117 31.74 36.85 82.76
C GLY D 117 30.64 36.40 81.81
N LEU D 118 30.96 36.13 80.55
CA LEU D 118 29.99 35.70 79.57
C LEU D 118 30.17 34.22 79.27
N TYR D 119 29.06 33.48 79.25
CA TYR D 119 29.06 32.04 79.09
C TYR D 119 28.19 31.68 77.89
N LEU D 120 28.77 31.06 76.88
CA LEU D 120 28.03 30.59 75.72
C LEU D 120 27.89 29.08 75.84
N GLU D 121 26.65 28.60 75.82
CA GLU D 121 26.37 27.21 76.08
C GLU D 121 25.18 26.77 75.23
N THR D 122 25.15 25.49 74.89
CA THR D 122 24.05 24.94 74.12
C THR D 122 23.00 24.33 75.05
N GLU D 123 22.46 25.18 75.92
CA GLU D 123 21.48 24.72 76.89
C GLU D 123 20.17 24.32 76.20
N ALA D 124 19.70 23.11 76.51
CA ALA D 124 18.43 22.60 75.99
C ALA D 124 18.36 22.67 74.48
N GLY D 125 19.49 22.46 73.82
CA GLY D 125 19.56 22.46 72.38
C GLY D 125 19.51 23.84 71.75
N TYR D 126 19.49 24.90 72.54
CA TYR D 126 19.43 26.26 72.05
C TYR D 126 20.65 27.03 72.52
N TYR D 127 21.22 27.83 71.63
CA TYR D 127 22.46 28.55 71.93
C TYR D 127 22.20 29.61 72.97
N LYS D 128 22.76 29.42 74.16
CA LYS D 128 22.63 30.36 75.27
C LYS D 128 23.83 31.29 75.31
N LEU D 129 23.63 32.47 75.89
CA LEU D 129 24.71 33.43 76.12
C LEU D 129 24.37 34.09 77.45
N SER D 130 24.94 33.57 78.53
CA SER D 130 24.58 34.00 79.87
C SER D 130 25.52 35.08 80.36
N GLY D 131 24.95 36.06 81.04
CA GLY D 131 25.72 37.17 81.57
C GLY D 131 25.39 37.44 83.02
N GLU D 132 25.23 36.39 83.81
CA GLU D 132 24.74 36.51 85.19
C GLU D 132 25.32 37.70 85.93
N ALA D 133 26.63 37.91 85.83
CA ALA D 133 27.24 39.04 86.53
C ALA D 133 26.65 40.35 86.05
N TYR D 134 26.47 40.50 84.76
CA TYR D 134 25.88 41.70 84.19
C TYR D 134 24.37 41.74 84.32
N GLY D 135 23.74 40.63 84.68
CA GLY D 135 22.32 40.62 84.95
C GLY D 135 21.45 40.41 83.72
N PHE D 136 21.88 39.55 82.80
CA PHE D 136 21.09 39.27 81.63
C PHE D 136 21.38 37.86 81.14
N VAL D 137 20.42 37.30 80.41
CA VAL D 137 20.58 36.00 79.76
C VAL D 137 19.98 36.11 78.36
N ALA D 138 20.74 35.71 77.36
CA ALA D 138 20.29 35.74 75.98
C ALA D 138 20.24 34.34 75.40
N ARG D 139 19.43 34.16 74.38
CA ARG D 139 19.25 32.84 73.79
C ARG D 139 18.80 32.97 72.35
N ILE D 140 19.25 32.03 71.52
CA ILE D 140 18.76 31.87 70.17
C ILE D 140 18.22 30.46 70.04
N ASP D 141 16.96 30.33 69.63
CA ASP D 141 16.40 29.00 69.44
C ASP D 141 16.81 28.44 68.08
N GLY D 142 16.43 27.19 67.84
CA GLY D 142 16.85 26.51 66.62
C GLY D 142 16.29 27.13 65.35
N SER D 143 15.22 27.92 65.45
CA SER D 143 14.61 28.54 64.30
C SER D 143 15.04 29.99 64.09
N GLY D 144 15.91 30.52 64.95
CA GLY D 144 16.40 31.86 64.80
C GLY D 144 15.71 32.92 65.61
N ASN D 145 14.81 32.55 66.50
CA ASN D 145 14.13 33.54 67.34
C ASN D 145 15.06 33.94 68.48
N PHE D 146 15.28 35.25 68.61
CA PHE D 146 16.10 35.76 69.69
C PHE D 146 15.31 35.82 71.00
N GLN D 147 16.03 35.91 72.10
CA GLN D 147 15.42 36.01 73.41
C GLN D 147 16.39 36.75 74.32
N VAL D 148 15.86 37.62 75.18
CA VAL D 148 16.67 38.31 76.17
C VAL D 148 15.89 38.35 77.47
N LEU D 149 16.51 37.91 78.55
CA LEU D 149 15.98 38.04 79.89
C LEU D 149 16.85 39.00 80.68
N LEU D 150 16.26 40.03 81.22
CA LEU D 150 16.98 41.13 81.86
C LEU D 150 16.55 41.24 83.31
N SER D 151 17.50 41.35 84.21
CA SER D 151 17.20 41.29 85.63
C SER D 151 16.46 42.54 86.08
N ASP D 152 15.88 42.45 87.28
CA ASP D 152 15.08 43.53 87.83
C ASP D 152 15.90 44.79 88.07
N ARG D 153 17.22 44.66 88.21
CA ARG D 153 18.04 45.84 88.49
C ARG D 153 17.97 46.86 87.37
N TYR D 154 17.55 46.46 86.17
CA TYR D 154 17.41 47.36 85.04
C TYR D 154 15.98 47.85 84.86
N PHE D 155 15.17 47.76 85.90
CA PHE D 155 13.82 48.32 85.85
C PHE D 155 13.90 49.83 85.65
N ASN D 156 13.28 50.30 84.58
CA ASN D 156 13.16 51.73 84.29
C ASN D 156 14.50 52.36 83.95
N LYS D 157 15.49 51.55 83.58
CA LYS D 157 16.84 52.02 83.31
C LYS D 157 17.40 51.49 82.00
N THR D 158 16.58 50.91 81.14
CA THR D 158 17.03 50.37 79.87
C THR D 158 16.26 51.01 78.73
N CYS D 159 16.86 50.99 77.54
CA CYS D 159 16.17 51.47 76.36
C CYS D 159 16.77 50.81 75.13
N GLY D 160 15.92 50.53 74.16
CA GLY D 160 16.30 49.81 72.96
C GLY D 160 15.06 49.24 72.34
N LEU D 161 15.26 48.45 71.26
CA LEU D 161 14.11 47.87 70.57
C LEU D 161 13.21 47.10 71.51
N CYS D 162 13.78 46.48 72.55
CA CYS D 162 12.99 45.85 73.58
C CYS D 162 12.25 46.86 74.44
N GLY D 163 12.39 48.14 74.17
CA GLY D 163 11.71 49.16 74.94
C GLY D 163 12.34 49.31 76.31
N ASN D 164 11.80 50.28 77.05
CA ASN D 164 12.18 50.41 78.45
C ASN D 164 11.59 49.25 79.23
N PHE D 165 11.89 49.19 80.52
CA PHE D 165 11.35 48.13 81.38
C PHE D 165 10.65 48.80 82.55
N ASN D 166 9.40 49.18 82.32
CA ASN D 166 8.47 49.63 83.36
C ASN D 166 7.10 49.19 82.88
N ILE D 167 6.30 48.65 83.81
CA ILE D 167 5.13 47.85 83.46
C ILE D 167 4.22 48.57 82.48
N PHE D 168 4.22 49.90 82.50
CA PHE D 168 3.46 50.67 81.51
C PHE D 168 3.98 50.37 80.11
N ALA D 169 3.14 49.74 79.29
CA ALA D 169 3.57 49.32 77.97
C ALA D 169 3.44 50.39 76.93
N GLU D 170 2.57 51.39 77.16
CA GLU D 170 2.32 52.41 76.14
C GLU D 170 3.55 53.27 75.87
N ASP D 171 4.53 53.28 76.77
CA ASP D 171 5.68 54.15 76.65
C ASP D 171 6.94 53.44 76.19
N ASP D 172 6.80 52.29 75.52
CA ASP D 172 7.97 51.51 75.16
C ASP D 172 8.67 52.04 73.92
N PHE D 173 8.02 52.92 73.14
CA PHE D 173 8.56 53.33 71.85
C PHE D 173 9.44 54.57 71.95
N MET D 174 10.07 54.80 73.10
CA MET D 174 10.94 55.96 73.24
C MET D 174 12.10 55.88 72.26
N THR D 175 12.31 56.96 71.52
CA THR D 175 13.44 57.03 70.60
C THR D 175 14.71 57.38 71.35
N GLN D 176 15.85 57.18 70.68
CA GLN D 176 17.12 57.54 71.29
C GLN D 176 17.22 59.04 71.54
N GLU D 177 16.45 59.83 70.80
CA GLU D 177 16.38 61.27 71.04
C GLU D 177 15.61 61.60 72.31
N GLY D 178 14.99 60.62 72.93
CA GLY D 178 14.26 60.83 74.16
C GLY D 178 12.81 61.20 74.00
N THR D 179 12.21 60.88 72.84
CA THR D 179 10.82 61.23 72.57
C THR D 179 10.07 59.98 72.14
N LEU D 180 8.80 59.90 72.54
CA LEU D 180 7.95 58.81 72.09
C LEU D 180 7.58 59.00 70.62
N THR D 181 7.18 57.90 69.99
CA THR D 181 6.72 57.96 68.62
C THR D 181 5.70 56.85 68.40
N SER D 182 4.65 57.15 67.64
CA SER D 182 3.62 56.17 67.36
C SER D 182 4.02 55.19 66.28
N ASP D 183 5.13 55.42 65.59
CA ASP D 183 5.53 54.57 64.50
C ASP D 183 6.61 53.63 64.97
N PRO D 184 6.42 52.32 64.90
CA PRO D 184 7.49 51.40 65.29
C PRO D 184 8.78 51.62 64.53
N TYR D 185 8.71 51.97 63.24
CA TYR D 185 9.91 52.14 62.46
C TYR D 185 10.71 53.37 62.87
N ASP D 186 10.05 54.46 63.22
CA ASP D 186 10.79 55.61 63.76
C ASP D 186 11.60 55.20 64.98
N PHE D 187 10.96 54.50 65.91
CA PHE D 187 11.61 54.00 67.11
C PHE D 187 12.79 53.10 66.78
N ALA D 188 12.55 52.09 65.95
CA ALA D 188 13.60 51.12 65.65
C ALA D 188 14.77 51.78 64.95
N ASN D 189 14.50 52.58 63.93
CA ASN D 189 15.58 53.27 63.22
C ASN D 189 16.30 54.23 64.14
N SER D 190 15.60 54.80 65.12
CA SER D 190 16.26 55.62 66.11
C SER D 190 17.26 54.81 66.91
N TRP D 191 17.01 53.51 67.08
CA TRP D 191 17.95 52.66 67.81
C TRP D 191 18.87 51.85 66.90
N ALA D 192 19.22 52.38 65.73
CA ALA D 192 20.21 51.73 64.89
C ALA D 192 21.62 52.08 65.33
N LEU D 193 22.55 51.18 65.04
CA LEU D 193 23.96 51.37 65.38
C LEU D 193 24.81 50.99 64.17
N SER D 194 25.61 51.92 63.69
CA SER D 194 26.46 51.69 62.53
C SER D 194 27.87 51.34 62.97
N SER D 195 28.65 50.87 62.00
CA SER D 195 30.04 50.48 62.26
C SER D 195 30.90 50.92 61.09
N GLY D 196 32.17 50.56 61.17
CA GLY D 196 33.12 50.96 60.16
C GLY D 196 33.06 50.17 58.87
N GLU D 197 32.21 49.16 58.83
CA GLU D 197 31.98 48.41 57.59
C GLU D 197 30.50 48.25 57.29
N GLN D 198 29.63 48.93 58.04
CA GLN D 198 28.20 48.83 57.81
C GLN D 198 27.55 50.10 58.36
N TRP D 199 27.10 50.97 57.48
CA TRP D 199 26.40 52.19 57.87
C TRP D 199 24.92 52.05 57.57
N CYS D 200 24.09 52.35 58.56
CA CYS D 200 22.71 51.92 58.55
C CYS D 200 21.86 52.78 57.62
N GLU D 201 21.09 52.13 56.76
CA GLU D 201 20.09 52.79 55.95
C GLU D 201 18.77 52.89 56.72
N ARG D 202 17.97 53.90 56.37
CA ARG D 202 16.65 54.08 56.95
C ARG D 202 15.74 52.94 56.53
N ALA D 203 15.37 52.08 57.47
CA ALA D 203 14.47 50.98 57.16
C ALA D 203 13.03 51.50 57.07
N SER D 204 12.24 50.85 56.23
CA SER D 204 10.86 51.24 56.00
C SER D 204 10.01 49.98 55.85
N PRO D 205 8.71 50.07 56.09
CA PRO D 205 7.85 48.90 55.98
C PRO D 205 7.88 48.30 54.59
N PRO D 206 7.86 46.98 54.47
CA PRO D 206 7.86 46.36 53.15
C PRO D 206 6.47 46.32 52.53
N SER D 207 6.44 46.06 51.23
CA SER D 207 5.19 45.83 50.53
C SER D 207 4.62 44.47 50.90
N SER D 208 3.29 44.38 50.89
CA SER D 208 2.63 43.18 51.36
C SER D 208 1.26 43.02 50.70
N SER D 209 0.73 41.79 50.79
CA SER D 209 -0.61 41.47 50.36
C SER D 209 -1.38 40.89 51.54
N CYS D 210 -2.63 41.30 51.70
CA CYS D 210 -3.43 40.90 52.85
C CYS D 210 -4.93 41.03 52.55
N MET D 217 -4.58 36.86 53.48
CA MET D 217 -5.65 36.35 54.33
C MET D 217 -6.34 35.14 53.71
N GLN D 218 -6.50 34.09 54.52
CA GLN D 218 -7.17 32.88 54.07
C GLN D 218 -7.83 32.23 55.28
N LYS D 219 -9.11 31.87 55.14
CA LYS D 219 -9.91 31.44 56.29
C LYS D 219 -9.32 30.18 56.92
N GLY D 220 -8.97 29.19 56.09
CA GLY D 220 -8.44 27.95 56.63
C GLY D 220 -7.17 28.17 57.44
N LEU D 221 -6.32 29.09 56.98
CA LEU D 221 -5.15 29.43 57.77
C LEU D 221 -5.53 30.25 58.99
N TRP D 222 -6.56 31.09 58.87
CA TRP D 222 -6.98 31.93 59.97
C TRP D 222 -7.48 31.11 61.16
N GLU D 223 -8.05 29.94 60.90
CA GLU D 223 -8.41 29.03 61.99
C GLU D 223 -7.22 28.73 62.89
N GLN D 224 -6.04 28.54 62.28
CA GLN D 224 -4.86 28.21 63.06
C GLN D 224 -4.53 29.33 64.05
N CYS D 225 -4.64 30.59 63.61
CA CYS D 225 -4.45 31.70 64.53
C CYS D 225 -5.53 31.72 65.59
N GLN D 226 -6.76 31.38 65.21
CA GLN D 226 -7.82 31.32 66.22
C GLN D 226 -7.60 30.23 67.26
N LEU D 227 -6.67 29.31 67.01
CA LEU D 227 -6.33 28.33 68.04
C LEU D 227 -6.00 29.00 69.37
N LEU D 228 -5.37 30.17 69.34
CA LEU D 228 -4.98 30.86 70.56
C LEU D 228 -6.18 31.14 71.47
N LYS D 229 -7.36 31.30 70.89
CA LYS D 229 -8.55 31.67 71.65
C LYS D 229 -9.46 30.49 71.95
N SER D 230 -9.50 29.50 71.07
CA SER D 230 -10.49 28.44 71.16
C SER D 230 -10.00 27.23 71.93
N THR D 231 -8.70 26.96 71.91
CA THR D 231 -8.17 25.72 72.46
C THR D 231 -8.07 25.81 73.98
N SER D 232 -8.35 24.69 74.65
CA SER D 232 -8.38 24.67 76.10
C SER D 232 -7.01 24.92 76.71
N VAL D 233 -5.95 24.35 76.12
CA VAL D 233 -4.62 24.48 76.70
C VAL D 233 -4.18 25.93 76.73
N PHE D 234 -4.41 26.66 75.62
CA PHE D 234 -4.10 28.08 75.61
C PHE D 234 -5.01 28.88 76.50
N ALA D 235 -6.26 28.43 76.67
CA ALA D 235 -7.21 29.15 77.50
C ALA D 235 -6.75 29.23 78.95
N ARG D 236 -5.83 28.37 79.37
CA ARG D 236 -5.31 28.46 80.72
C ARG D 236 -4.65 29.80 80.96
N CYS D 237 -4.06 30.39 79.93
CA CYS D 237 -3.19 31.56 80.08
C CYS D 237 -3.95 32.88 79.99
N HIS D 238 -5.22 32.87 79.58
CA HIS D 238 -5.94 34.12 79.39
C HIS D 238 -5.92 35.02 80.62
N PRO D 239 -6.08 34.52 81.85
CA PRO D 239 -5.99 35.42 83.00
C PRO D 239 -4.64 36.12 83.12
N LEU D 240 -3.58 35.54 82.57
CA LEU D 240 -2.25 36.12 82.66
C LEU D 240 -1.85 36.92 81.43
N VAL D 241 -2.12 36.41 80.23
CA VAL D 241 -1.69 37.04 78.99
C VAL D 241 -2.88 37.13 78.06
N ASP D 242 -3.21 38.34 77.64
CA ASP D 242 -4.31 38.54 76.70
C ASP D 242 -3.89 38.03 75.33
N PRO D 243 -4.66 37.13 74.70
CA PRO D 243 -4.26 36.57 73.42
C PRO D 243 -4.51 37.47 72.22
N GLU D 244 -5.30 38.53 72.37
CA GLU D 244 -5.72 39.32 71.20
C GLU D 244 -4.54 39.91 70.44
N PRO D 245 -3.55 40.55 71.06
CA PRO D 245 -2.41 41.04 70.27
C PRO D 245 -1.74 39.94 69.48
N PHE D 246 -1.57 38.77 70.09
CA PHE D 246 -0.96 37.65 69.39
C PHE D 246 -1.82 37.17 68.24
N VAL D 247 -3.15 37.23 68.41
CA VAL D 247 -4.04 36.82 67.33
C VAL D 247 -3.91 37.78 66.14
N ALA D 248 -3.85 39.08 66.42
CA ALA D 248 -3.68 40.05 65.34
C ALA D 248 -2.35 39.86 64.63
N LEU D 249 -1.28 39.66 65.39
CA LEU D 249 0.03 39.41 64.80
C LEU D 249 0.00 38.16 63.95
N CYS D 250 -0.66 37.11 64.42
CA CYS D 250 -0.78 35.88 63.66
C CYS D 250 -1.54 36.10 62.37
N GLU D 251 -2.61 36.88 62.41
CA GLU D 251 -3.37 37.16 61.20
C GLU D 251 -2.51 37.87 60.16
N LYS D 252 -1.76 38.89 60.60
CA LYS D 252 -0.97 39.63 59.61
C LYS D 252 0.23 38.82 59.13
N THR D 253 0.78 37.92 59.95
CA THR D 253 1.84 37.06 59.41
C THR D 253 1.28 36.01 58.46
N LEU D 254 0.03 35.57 58.65
CA LEU D 254 -0.61 34.75 57.64
C LEU D 254 -0.77 35.51 56.34
N CYS D 255 -1.14 36.78 56.42
CA CYS D 255 -1.12 37.61 55.22
C CYS D 255 0.27 37.63 54.59
N GLU D 256 1.31 37.70 55.43
CA GLU D 256 2.67 37.61 54.93
C GLU D 256 3.09 36.19 54.58
N CYS D 257 2.31 35.19 54.98
CA CYS D 257 2.70 33.79 54.82
C CYS D 257 3.02 33.46 53.37
N ALA D 258 3.91 32.48 53.21
CA ALA D 258 4.24 31.90 51.91
C ALA D 258 4.27 30.38 52.00
N GLY D 259 3.42 29.81 52.84
CA GLY D 259 3.39 28.38 53.06
C GLY D 259 2.05 27.90 53.58
N GLY D 260 2.08 26.91 54.45
CA GLY D 260 0.88 26.28 54.98
C GLY D 260 0.56 26.75 56.38
N LEU D 261 -0.06 25.86 57.16
CA LEU D 261 -0.48 26.19 58.51
C LEU D 261 0.69 26.58 59.42
N GLU D 262 1.91 26.18 59.08
CA GLU D 262 3.05 26.46 59.94
C GLU D 262 3.31 27.94 60.10
N CYS D 263 2.77 28.78 59.20
CA CYS D 263 3.00 30.22 59.31
C CYS D 263 2.42 30.79 60.60
N ALA D 264 1.43 30.14 61.19
CA ALA D 264 0.87 30.62 62.45
C ALA D 264 1.72 30.22 63.64
N CYS D 265 2.67 29.31 63.46
CA CYS D 265 3.42 28.77 64.58
C CYS D 265 4.22 29.80 65.37
N PRO D 266 4.89 30.78 64.75
CA PRO D 266 5.65 31.75 65.57
C PRO D 266 4.81 32.44 66.62
N ALA D 267 3.58 32.84 66.27
CA ALA D 267 2.74 33.50 67.25
C ALA D 267 2.37 32.57 68.40
N LEU D 268 2.01 31.33 68.09
CA LEU D 268 1.67 30.38 69.14
C LEU D 268 2.86 30.12 70.05
N LEU D 269 4.04 29.95 69.46
CA LEU D 269 5.24 29.68 70.23
C LEU D 269 5.57 30.86 71.14
N GLU D 270 5.48 32.09 70.62
CA GLU D 270 5.76 33.26 71.43
C GLU D 270 4.72 33.42 72.54
N TYR D 271 3.46 33.12 72.25
CA TYR D 271 2.43 33.19 73.29
C TYR D 271 2.71 32.19 74.39
N ALA D 272 3.08 30.96 74.02
CA ALA D 272 3.39 29.95 75.02
C ALA D 272 4.59 30.36 75.85
N ARG D 273 5.60 30.96 75.22
CA ARG D 273 6.78 31.39 75.96
C ARG D 273 6.47 32.55 76.89
N THR D 274 5.62 33.48 76.44
CA THR D 274 5.18 34.56 77.31
C THR D 274 4.44 34.02 78.52
N CYS D 275 3.56 33.03 78.30
CA CYS D 275 2.83 32.42 79.40
C CYS D 275 3.79 31.73 80.36
N ALA D 276 4.78 31.02 79.83
CA ALA D 276 5.77 30.38 80.68
C ALA D 276 6.52 31.41 81.51
N GLN D 277 6.84 32.55 80.91
CA GLN D 277 7.46 33.64 81.67
C GLN D 277 6.55 34.12 82.78
N GLU D 278 5.26 34.24 82.50
CA GLU D 278 4.32 34.71 83.52
C GLU D 278 4.07 33.67 84.59
N GLY D 279 4.26 32.39 84.29
CA GLY D 279 4.15 31.36 85.30
C GLY D 279 3.49 30.08 84.86
N MET D 280 2.61 30.15 83.85
CA MET D 280 1.87 28.98 83.39
C MET D 280 2.59 28.37 82.20
N VAL D 281 3.13 27.18 82.37
CA VAL D 281 3.68 26.41 81.27
C VAL D 281 2.55 25.64 80.61
N LEU D 282 2.43 25.77 79.31
CA LEU D 282 1.30 25.22 78.58
C LEU D 282 1.65 23.84 78.00
N TYR D 283 1.92 22.89 78.90
CA TYR D 283 2.56 21.63 78.55
C TYR D 283 2.07 20.99 77.27
N GLY D 284 0.79 21.14 76.96
CA GLY D 284 0.18 20.45 75.84
C GLY D 284 -0.01 21.23 74.56
N TRP D 285 0.57 22.43 74.43
CA TRP D 285 0.23 23.24 73.26
C TRP D 285 0.82 22.63 71.99
N THR D 286 1.93 21.91 72.10
CA THR D 286 2.55 21.34 70.91
C THR D 286 1.73 20.19 70.33
N ASP D 287 0.93 19.51 71.15
CA ASP D 287 0.14 18.40 70.66
C ASP D 287 -1.16 18.85 70.00
N HIS D 288 -1.86 19.82 70.62
CA HIS D 288 -3.11 20.28 70.05
C HIS D 288 -2.89 20.96 68.70
N SER D 289 -1.87 21.79 68.60
CA SER D 289 -1.58 22.49 67.35
C SER D 289 -0.80 21.59 66.40
N ALA D 290 -0.68 22.06 65.16
CA ALA D 290 0.10 21.36 64.14
C ALA D 290 1.57 21.75 64.15
N CYS D 291 1.99 22.58 65.11
CA CYS D 291 3.34 23.11 65.11
C CYS D 291 4.32 22.14 65.76
N SER D 292 5.59 22.32 65.40
CA SER D 292 6.67 21.50 65.95
C SER D 292 7.94 22.35 65.94
N PRO D 293 8.29 22.99 67.05
CA PRO D 293 9.49 23.83 67.08
C PRO D 293 10.72 23.04 66.69
N VAL D 294 11.61 23.70 65.94
CA VAL D 294 12.77 23.02 65.39
C VAL D 294 13.70 22.61 66.52
N CYS D 295 14.24 21.40 66.42
CA CYS D 295 15.23 20.89 67.34
C CYS D 295 16.31 20.17 66.55
N PRO D 296 17.52 20.07 67.09
CA PRO D 296 18.58 19.36 66.37
C PRO D 296 18.27 17.88 66.27
N ALA D 297 18.97 17.23 65.35
CA ALA D 297 18.68 15.84 64.99
C ALA D 297 18.62 14.95 66.23
N GLY D 298 17.52 14.20 66.34
CA GLY D 298 17.37 13.22 67.39
C GLY D 298 16.77 13.73 68.68
N MET D 299 16.70 15.04 68.88
CA MET D 299 16.17 15.60 70.12
C MET D 299 14.71 15.98 69.95
N GLU D 300 13.93 15.77 70.99
CA GLU D 300 12.52 16.14 71.01
C GLU D 300 12.35 17.52 71.63
N TYR D 301 11.37 18.27 71.11
CA TYR D 301 10.98 19.50 71.76
C TYR D 301 10.08 19.20 72.94
N ARG D 302 10.33 19.89 74.06
CA ARG D 302 9.50 19.68 75.23
C ARG D 302 9.49 20.96 76.06
N GLN D 303 8.35 21.20 76.70
CA GLN D 303 8.23 22.31 77.63
C GLN D 303 8.85 21.92 78.96
N CYS D 304 9.43 22.92 79.64
CA CYS D 304 9.93 22.75 81.00
C CYS D 304 11.05 21.71 81.05
N VAL D 305 12.01 21.82 80.14
CA VAL D 305 13.23 21.04 80.21
C VAL D 305 14.13 21.62 81.29
N SER D 306 14.63 20.77 82.16
CA SER D 306 15.52 21.24 83.22
C SER D 306 16.83 21.69 82.61
N PRO D 307 17.35 22.87 82.97
CA PRO D 307 18.62 23.31 82.39
C PRO D 307 19.78 22.38 82.67
N CYS D 308 19.74 21.67 83.80
CA CYS D 308 20.79 20.72 84.16
C CYS D 308 20.57 19.35 83.50
N ALA D 309 20.43 19.34 82.18
CA ALA D 309 20.21 18.09 81.46
C ALA D 309 21.44 17.19 81.60
N ARG D 310 21.18 15.89 81.66
CA ARG D 310 22.21 14.91 82.03
C ARG D 310 23.04 14.51 80.82
N THR D 311 24.25 15.04 80.75
CA THR D 311 25.32 14.46 79.95
C THR D 311 25.95 13.31 80.74
N CYS D 312 26.45 12.31 80.01
CA CYS D 312 27.11 11.19 80.67
C CYS D 312 28.25 11.66 81.57
N GLN D 313 29.24 12.33 80.98
CA GLN D 313 30.40 12.77 81.75
C GLN D 313 30.03 14.00 82.59
N SER D 314 29.11 13.77 83.52
CA SER D 314 28.64 14.81 84.41
C SER D 314 28.49 14.24 85.81
N LEU D 315 28.88 15.03 86.80
CA LEU D 315 28.74 14.62 88.18
C LEU D 315 27.27 14.62 88.57
N HIS D 316 26.88 13.63 89.38
CA HIS D 316 25.50 13.48 89.78
C HIS D 316 25.14 14.43 90.92
N ILE D 317 25.41 15.72 90.74
CA ILE D 317 25.13 16.73 91.75
C ILE D 317 23.78 17.35 91.41
N ASN D 318 22.71 16.78 91.95
CA ASN D 318 21.36 17.29 91.71
C ASN D 318 20.97 18.39 92.68
N GLU D 319 21.64 18.50 93.82
CA GLU D 319 21.29 19.52 94.80
C GLU D 319 21.64 20.92 94.32
N MET D 320 22.58 21.04 93.38
CA MET D 320 22.97 22.35 92.88
C MET D 320 21.89 22.95 91.99
N CYS D 321 21.07 22.11 91.34
CA CYS D 321 20.15 22.56 90.30
C CYS D 321 18.86 23.07 90.95
N GLN D 322 18.96 24.28 91.53
CA GLN D 322 17.80 24.95 92.09
C GLN D 322 17.09 25.84 91.08
N GLU D 323 17.59 25.92 89.84
CA GLU D 323 17.03 26.82 88.86
C GLU D 323 15.68 26.31 88.36
N ARG D 324 14.91 27.22 87.78
CA ARG D 324 13.65 26.85 87.16
C ARG D 324 13.91 26.20 85.80
N CYS D 325 12.88 25.51 85.31
CA CYS D 325 12.98 24.85 84.02
C CYS D 325 12.72 25.82 82.88
N VAL D 326 13.09 25.41 81.68
CA VAL D 326 12.91 26.20 80.48
C VAL D 326 12.38 25.31 79.37
N ASP D 327 11.75 25.93 78.39
CA ASP D 327 11.39 25.20 77.17
C ASP D 327 12.63 24.98 76.32
N GLY D 328 12.60 23.89 75.56
CA GLY D 328 13.73 23.59 74.69
C GLY D 328 13.70 22.15 74.25
N CYS D 329 14.82 21.73 73.70
CA CYS D 329 14.97 20.39 73.16
C CYS D 329 15.58 19.47 74.19
N SER D 330 15.25 18.18 74.08
CA SER D 330 15.76 17.18 75.01
C SER D 330 15.95 15.87 74.24
N CYS D 331 16.91 15.07 74.71
CA CYS D 331 17.06 13.74 74.15
C CYS D 331 15.87 12.88 74.60
N PRO D 332 15.46 11.91 73.80
CA PRO D 332 14.36 11.04 74.20
C PRO D 332 14.65 10.36 75.52
N GLU D 333 13.58 9.97 76.21
CA GLU D 333 13.71 9.40 77.53
C GLU D 333 14.61 8.18 77.51
N GLY D 334 15.50 8.10 78.50
CA GLY D 334 16.45 7.02 78.60
C GLY D 334 17.77 7.27 77.91
N GLN D 335 17.85 8.25 77.02
CA GLN D 335 19.08 8.60 76.35
C GLN D 335 19.77 9.76 77.06
N LEU D 336 21.06 9.92 76.79
CA LEU D 336 21.87 10.95 77.41
C LEU D 336 22.66 11.69 76.35
N LEU D 337 23.06 12.91 76.68
CA LEU D 337 23.85 13.73 75.76
C LEU D 337 25.31 13.31 75.80
N ASP D 338 25.97 13.42 74.65
CA ASP D 338 27.40 13.15 74.55
C ASP D 338 27.93 13.97 73.39
N GLU D 339 28.61 15.07 73.70
CA GLU D 339 29.11 16.01 72.69
C GLU D 339 27.97 16.50 71.80
N GLY D 340 26.82 16.74 72.40
CA GLY D 340 25.66 17.24 71.69
C GLY D 340 24.79 16.17 71.07
N LEU D 341 25.30 14.98 70.87
CA LEU D 341 24.51 13.88 70.33
C LEU D 341 23.85 13.09 71.45
N CYS D 342 22.74 12.44 71.14
CA CYS D 342 22.01 11.64 72.10
C CYS D 342 22.46 10.18 71.99
N VAL D 343 22.78 9.58 73.13
CA VAL D 343 23.28 8.21 73.19
C VAL D 343 22.54 7.48 74.31
N GLU D 344 22.53 6.15 74.20
CA GLU D 344 21.97 5.33 75.26
C GLU D 344 22.84 5.42 76.51
N SER D 345 22.20 5.24 77.66
CA SER D 345 22.94 5.36 78.92
C SER D 345 24.10 4.38 79.00
N THR D 346 23.95 3.20 78.41
CA THR D 346 25.01 2.21 78.42
C THR D 346 25.97 2.35 77.25
N GLU D 347 25.59 3.10 76.22
CA GLU D 347 26.41 3.24 75.02
C GLU D 347 27.53 4.26 75.18
N CYS D 348 27.49 5.07 76.18
CA CYS D 348 28.24 6.32 76.10
C CYS D 348 29.59 6.22 76.79
N PRO D 349 30.58 6.94 76.27
CA PRO D 349 31.99 6.59 76.50
C PRO D 349 32.60 7.24 77.74
N CYS D 350 33.82 6.82 78.02
CA CYS D 350 34.69 7.46 79.00
C CYS D 350 35.56 8.51 78.32
N VAL D 351 36.08 9.43 79.12
CA VAL D 351 36.95 10.49 78.65
C VAL D 351 38.28 10.41 79.38
N HIS D 352 39.37 10.52 78.64
CA HIS D 352 40.69 10.61 79.23
C HIS D 352 41.61 11.37 78.29
N SER D 353 42.44 12.24 78.86
CA SER D 353 43.40 13.04 78.10
C SER D 353 42.70 13.86 77.02
N GLY D 354 41.45 14.23 77.26
CA GLY D 354 40.68 14.95 76.26
C GLY D 354 40.13 14.09 75.15
N LYS D 355 40.34 12.79 75.20
CA LYS D 355 39.84 11.88 74.19
C LYS D 355 38.72 11.03 74.76
N ARG D 356 37.79 10.61 73.90
CA ARG D 356 36.70 9.75 74.30
C ARG D 356 36.94 8.34 73.77
N TYR D 357 36.74 7.34 74.63
CA TYR D 357 36.93 5.95 74.26
C TYR D 357 35.66 5.17 74.53
N PRO D 358 35.26 4.29 73.61
CA PRO D 358 34.04 3.50 73.83
C PRO D 358 34.17 2.60 75.04
N PRO D 359 33.07 2.11 75.58
CA PRO D 359 33.15 1.18 76.70
C PRO D 359 33.89 -0.11 76.33
N GLY D 360 34.58 -0.68 77.30
CA GLY D 360 35.33 -1.87 77.09
C GLY D 360 36.75 -1.65 76.61
N THR D 361 37.10 -0.44 76.20
CA THR D 361 38.46 -0.17 75.77
C THR D 361 39.41 -0.19 76.95
N SER D 362 40.65 -0.56 76.69
CA SER D 362 41.67 -0.67 77.71
C SER D 362 42.82 0.28 77.39
N LEU D 363 43.30 0.98 78.41
CA LEU D 363 44.43 1.87 78.29
C LEU D 363 45.51 1.46 79.28
N SER D 364 46.75 1.52 78.85
CA SER D 364 47.87 1.13 79.70
C SER D 364 48.50 2.36 80.33
N ARG D 365 48.97 2.18 81.56
CA ARG D 365 49.74 3.20 82.28
C ARG D 365 50.92 2.46 82.89
N ASP D 366 52.01 2.39 82.15
CA ASP D 366 53.09 1.46 82.46
C ASP D 366 52.56 0.04 82.57
N CYS D 367 52.80 -0.60 83.71
CA CYS D 367 52.39 -1.98 83.91
C CYS D 367 50.91 -2.13 84.24
N ASN D 368 50.20 -1.05 84.51
CA ASN D 368 48.79 -1.08 84.84
C ASN D 368 47.93 -0.93 83.58
N THR D 369 46.68 -1.36 83.68
CA THR D 369 45.70 -1.14 82.64
C THR D 369 44.43 -0.59 83.26
N CYS D 370 43.73 0.24 82.48
CA CYS D 370 42.49 0.86 82.91
C CYS D 370 41.39 0.54 81.91
N ILE D 371 40.27 0.03 82.38
CA ILE D 371 39.17 -0.43 81.52
C ILE D 371 38.02 0.56 81.64
N CYS D 372 37.50 1.02 80.50
CA CYS D 372 36.35 1.91 80.49
C CYS D 372 35.08 1.11 80.71
N ARG D 373 34.41 1.37 81.83
CA ARG D 373 33.12 0.74 82.13
C ARG D 373 32.20 1.82 82.67
N ASN D 374 30.97 1.86 82.17
CA ASN D 374 30.07 2.99 82.38
C ASN D 374 30.82 4.24 81.91
N SER D 375 30.84 5.31 82.68
CA SER D 375 31.67 6.46 82.35
C SER D 375 33.03 6.42 83.05
N GLN D 376 33.27 5.41 83.89
CA GLN D 376 34.44 5.35 84.74
C GLN D 376 35.51 4.47 84.12
N TRP D 377 36.71 4.55 84.69
CA TRP D 377 37.83 3.70 84.34
C TRP D 377 38.13 2.78 85.51
N ILE D 378 38.28 1.50 85.22
CA ILE D 378 38.66 0.51 86.23
C ILE D 378 40.14 0.24 86.04
N CYS D 379 40.96 0.67 87.00
CA CYS D 379 42.40 0.68 86.84
C CYS D 379 43.05 -0.39 87.70
N SER D 380 44.27 -0.76 87.32
CA SER D 380 44.87 -2.00 87.79
C SER D 380 45.53 -1.92 89.15
N ASN D 381 45.78 -0.73 89.70
CA ASN D 381 46.22 -0.57 91.09
C ASN D 381 47.35 -1.53 91.48
N GLU D 382 48.42 -1.53 90.70
CA GLU D 382 49.57 -2.38 91.02
C GLU D 382 50.86 -1.58 90.85
N GLU D 383 51.89 -2.00 91.56
CA GLU D 383 53.18 -1.32 91.51
C GLU D 383 53.91 -1.68 90.23
N CYS D 384 54.48 -0.68 89.58
CA CYS D 384 55.27 -0.83 88.37
C CYS D 384 56.74 -0.58 88.68
N PRO D 385 57.64 -0.96 87.78
CA PRO D 385 59.08 -0.77 88.06
C PRO D 385 59.42 0.69 88.31
N GLY D 386 60.31 0.91 89.28
CA GLY D 386 60.76 2.25 89.61
C GLY D 386 62.02 2.62 88.88
N GLU D 387 62.04 3.84 88.35
CA GLU D 387 63.16 4.35 87.57
C GLU D 387 63.70 5.60 88.24
N CYS D 388 64.86 5.50 88.86
CA CYS D 388 65.57 6.67 89.36
C CYS D 388 66.49 7.18 88.27
N LEU D 389 66.67 8.49 88.22
CA LEU D 389 67.37 9.10 87.10
C LEU D 389 68.25 10.24 87.57
N VAL D 390 69.49 10.27 87.08
CA VAL D 390 70.38 11.42 87.18
C VAL D 390 70.78 11.78 85.76
N THR D 391 70.42 12.98 85.32
CA THR D 391 70.42 13.21 83.88
C THR D 391 71.02 14.54 83.46
N GLY D 392 71.94 15.09 84.22
CA GLY D 392 72.53 16.34 83.79
C GLY D 392 73.34 17.03 84.85
N GLN D 393 73.14 18.33 85.00
CA GLN D 393 73.84 19.09 86.04
C GLN D 393 73.17 18.85 87.39
N SER D 394 73.22 17.58 87.81
CA SER D 394 72.71 17.15 89.10
C SER D 394 71.20 17.23 89.20
N HIS D 395 70.51 17.01 88.09
CA HIS D 395 69.06 16.82 88.13
C HIS D 395 68.73 15.37 88.44
N PHE D 396 67.76 15.18 89.32
CA PHE D 396 67.40 13.88 89.85
C PHE D 396 65.93 13.62 89.63
N LYS D 397 65.58 12.34 89.54
CA LYS D 397 64.20 11.89 89.68
C LYS D 397 64.22 10.71 90.63
N SER D 398 63.48 10.80 91.71
CA SER D 398 63.39 9.69 92.64
C SER D 398 62.58 8.58 92.01
N PHE D 399 62.62 7.41 92.66
CA PHE D 399 61.82 6.29 92.20
C PHE D 399 60.32 6.60 92.20
N ASP D 400 59.90 7.57 93.02
CA ASP D 400 58.51 8.00 93.09
C ASP D 400 58.24 9.27 92.31
N ASN D 401 59.11 9.61 91.36
CA ASN D 401 58.91 10.72 90.43
C ASN D 401 59.00 12.09 91.10
N ARG D 402 59.79 12.22 92.15
CA ARG D 402 60.09 13.54 92.72
C ARG D 402 61.31 14.11 92.01
N TYR D 403 61.09 15.11 91.18
CA TYR D 403 62.19 15.78 90.51
C TYR D 403 62.84 16.78 91.44
N PHE D 404 64.16 16.86 91.40
CA PHE D 404 64.87 17.85 92.19
C PHE D 404 66.28 17.99 91.64
N THR D 405 66.92 19.09 92.01
CA THR D 405 68.31 19.36 91.66
C THR D 405 69.07 19.63 92.94
N PHE D 406 70.27 19.07 93.05
CA PHE D 406 70.99 19.16 94.32
C PHE D 406 72.37 19.77 94.20
N SER D 407 73.13 19.44 93.16
CA SER D 407 74.40 20.11 92.85
C SER D 407 75.45 20.00 93.95
N GLY D 408 75.41 18.94 94.76
CA GLY D 408 76.44 18.74 95.76
C GLY D 408 77.67 18.08 95.16
N ILE D 409 78.83 18.36 95.76
CA ILE D 409 80.11 17.82 95.29
C ILE D 409 80.66 16.87 96.34
N CYS D 410 80.31 15.59 96.22
CA CYS D 410 80.83 14.52 97.07
C CYS D 410 80.40 13.20 96.44
N GLN D 411 80.71 12.10 97.14
CA GLN D 411 80.15 10.80 96.82
C GLN D 411 78.88 10.60 97.63
N TYR D 412 77.76 10.42 96.94
CA TYR D 412 76.45 10.36 97.57
C TYR D 412 75.82 9.00 97.31
N LEU D 413 75.12 8.48 98.31
CA LEU D 413 74.44 7.20 98.20
C LEU D 413 73.18 7.41 97.36
N LEU D 414 73.25 6.99 96.09
CA LEU D 414 72.15 7.25 95.18
C LEU D 414 70.97 6.34 95.48
N ALA D 415 71.20 5.04 95.59
CA ALA D 415 70.15 4.08 95.86
C ALA D 415 70.76 2.85 96.51
N ARG D 416 70.12 2.35 97.56
CA ARG D 416 70.61 1.17 98.25
C ARG D 416 69.42 0.40 98.79
N ASP D 417 69.59 -0.91 98.91
CA ASP D 417 68.59 -1.76 99.55
C ASP D 417 68.92 -1.83 101.03
N CYS D 418 68.42 -0.85 101.80
CA CYS D 418 68.70 -0.83 103.23
C CYS D 418 68.05 -1.97 103.99
N GLN D 419 67.15 -2.73 103.36
CA GLN D 419 66.48 -3.82 104.05
C GLN D 419 67.27 -5.13 103.98
N ASP D 420 67.72 -5.52 102.79
CA ASP D 420 68.45 -6.76 102.61
C ASP D 420 69.87 -6.57 102.07
N HIS D 421 70.27 -5.34 101.75
CA HIS D 421 71.60 -5.03 101.23
C HIS D 421 71.93 -5.85 99.98
N SER D 422 70.92 -6.02 99.12
CA SER D 422 71.13 -6.70 97.84
C SER D 422 72.12 -5.95 96.96
N PHE D 423 72.11 -4.62 97.02
CA PHE D 423 72.95 -3.79 96.17
C PHE D 423 73.16 -2.44 96.84
N SER D 424 74.08 -1.67 96.29
CA SER D 424 74.38 -0.34 96.81
C SER D 424 75.03 0.50 95.71
N ILE D 425 74.38 1.58 95.31
CA ILE D 425 74.83 2.41 94.21
C ILE D 425 75.27 3.76 94.74
N VAL D 426 76.49 4.18 94.38
CA VAL D 426 77.07 5.43 94.82
C VAL D 426 77.51 6.22 93.60
N ILE D 427 77.29 7.53 93.63
CA ILE D 427 77.66 8.43 92.54
C ILE D 427 78.71 9.42 93.01
N GLU D 428 79.69 9.68 92.18
CA GLU D 428 80.71 10.68 92.45
C GLU D 428 80.42 11.92 91.62
N THR D 429 80.14 13.02 92.28
CA THR D 429 79.78 14.27 91.63
C THR D 429 80.95 15.24 91.66
N VAL D 430 81.18 15.92 90.55
CA VAL D 430 82.21 16.93 90.45
C VAL D 430 81.62 18.15 89.76
N GLN D 431 82.23 19.29 90.00
CA GLN D 431 81.90 20.46 89.21
C GLN D 431 82.28 20.19 87.76
N CYS D 432 81.33 20.42 86.86
CA CYS D 432 81.50 20.03 85.47
C CYS D 432 81.66 21.22 84.53
N ALA D 433 81.92 22.40 85.07
CA ALA D 433 82.20 23.59 84.28
C ALA D 433 82.73 24.65 85.23
N ASP D 434 82.94 25.85 84.69
CA ASP D 434 83.42 26.95 85.53
C ASP D 434 82.37 27.40 86.53
N ASP D 435 81.10 27.36 86.16
CA ASP D 435 80.04 27.85 87.02
C ASP D 435 79.91 27.01 88.28
N ARG D 436 79.60 27.67 89.39
CA ARG D 436 79.32 26.95 90.62
C ARG D 436 78.10 26.06 90.49
N ASP D 437 77.17 26.40 89.60
CA ASP D 437 75.93 25.65 89.46
C ASP D 437 76.08 24.41 88.58
N ALA D 438 77.21 24.24 87.90
CA ALA D 438 77.42 23.12 87.00
C ALA D 438 78.12 22.00 87.75
N VAL D 439 77.33 21.08 88.29
CA VAL D 439 77.83 19.90 88.98
C VAL D 439 77.14 18.69 88.37
N CYS D 440 77.93 17.74 87.89
CA CYS D 440 77.37 16.55 87.26
C CYS D 440 78.16 15.33 87.69
N THR D 441 77.53 14.17 87.56
CA THR D 441 78.13 12.92 88.02
C THR D 441 79.29 12.51 87.13
N ARG D 442 80.42 12.21 87.74
CA ARG D 442 81.58 11.77 86.98
C ARG D 442 81.63 10.25 86.82
N SER D 443 81.41 9.52 87.91
CA SER D 443 81.52 8.07 87.89
C SER D 443 80.47 7.49 88.82
N VAL D 444 80.17 6.21 88.61
CA VAL D 444 79.19 5.47 89.40
C VAL D 444 79.86 4.25 90.00
N THR D 445 79.48 3.90 91.22
CA THR D 445 80.02 2.75 91.91
C THR D 445 78.88 1.89 92.43
N VAL D 446 79.00 0.57 92.27
CA VAL D 446 77.93 -0.38 92.58
C VAL D 446 78.52 -1.54 93.36
N ARG D 447 78.06 -1.74 94.58
CA ARG D 447 78.43 -2.90 95.37
C ARG D 447 77.37 -3.98 95.22
N LEU D 448 77.81 -5.22 95.10
CA LEU D 448 76.93 -6.37 94.93
C LEU D 448 77.32 -7.42 95.96
N PRO D 449 76.90 -7.26 97.21
CA PRO D 449 77.36 -8.18 98.27
C PRO D 449 77.12 -9.65 97.95
N GLY D 450 76.01 -9.96 97.28
CA GLY D 450 75.71 -11.34 96.95
C GLY D 450 76.59 -11.93 95.87
N LEU D 451 77.31 -11.08 95.14
CA LEU D 451 78.32 -11.53 94.18
C LEU D 451 79.72 -11.38 94.78
N HIS D 452 79.92 -12.11 95.88
CA HIS D 452 81.18 -12.14 96.63
C HIS D 452 81.76 -10.76 96.89
N ASN D 453 80.87 -9.82 97.24
CA ASN D 453 81.20 -8.44 97.56
C ASN D 453 81.99 -7.73 96.45
N SER D 454 81.65 -8.05 95.21
CA SER D 454 82.18 -7.36 94.05
C SER D 454 81.90 -5.85 94.11
N LEU D 455 82.81 -5.07 93.52
CA LEU D 455 82.67 -3.61 93.42
C LEU D 455 82.81 -3.17 91.97
N VAL D 456 81.70 -2.94 91.29
CA VAL D 456 81.74 -2.40 89.93
C VAL D 456 81.86 -0.89 89.98
N LYS D 457 82.67 -0.34 89.08
CA LYS D 457 82.76 1.10 88.88
C LYS D 457 82.49 1.45 87.43
N LEU D 458 81.45 2.22 87.19
CA LEU D 458 81.17 2.74 85.84
C LEU D 458 81.84 4.11 85.71
N LYS D 459 82.77 4.22 84.79
CA LYS D 459 83.65 5.36 84.69
C LYS D 459 83.19 6.33 83.64
N HIS D 460 83.74 7.55 83.69
CA HIS D 460 83.51 8.53 82.66
C HIS D 460 84.04 8.01 81.34
N GLY D 461 83.32 8.30 80.26
CA GLY D 461 83.64 7.70 78.98
C GLY D 461 83.05 6.33 78.75
N ALA D 462 82.22 5.84 79.67
CA ALA D 462 81.55 4.55 79.62
C ALA D 462 82.50 3.36 79.71
N GLY D 463 83.68 3.55 80.28
CA GLY D 463 84.46 2.40 80.68
C GLY D 463 83.87 1.74 81.91
N VAL D 464 84.30 0.51 82.17
CA VAL D 464 83.89 -0.22 83.36
C VAL D 464 85.12 -0.83 84.01
N ALA D 465 85.16 -0.81 85.32
CA ALA D 465 86.15 -1.53 86.11
C ALA D 465 85.43 -2.43 87.10
N MET D 466 86.06 -3.54 87.44
CA MET D 466 85.53 -4.41 88.47
C MET D 466 86.65 -4.80 89.41
N ASP D 467 86.44 -4.55 90.70
CA ASP D 467 87.47 -4.72 91.72
C ASP D 467 88.78 -4.05 91.32
N GLY D 468 88.67 -2.88 90.67
CA GLY D 468 89.80 -2.12 90.19
C GLY D 468 90.38 -2.53 88.85
N GLN D 469 89.96 -3.66 88.29
CA GLN D 469 90.48 -4.13 87.02
C GLN D 469 89.59 -3.63 85.89
N ASP D 470 90.16 -2.95 84.90
CA ASP D 470 89.37 -2.57 83.73
C ASP D 470 88.96 -3.81 82.94
N VAL D 471 87.67 -4.02 82.77
CA VAL D 471 87.14 -5.23 82.17
C VAL D 471 86.67 -4.95 80.75
N GLN D 472 86.85 -5.95 79.89
CA GLN D 472 86.33 -5.93 78.53
C GLN D 472 84.88 -6.37 78.54
N LEU D 473 84.09 -5.79 77.64
CA LEU D 473 82.64 -6.01 77.62
C LEU D 473 82.22 -6.69 76.32
N PRO D 474 81.18 -7.52 76.35
CA PRO D 474 80.29 -7.82 77.48
C PRO D 474 80.88 -8.72 78.54
N LEU D 475 80.47 -8.48 79.78
CA LEU D 475 80.85 -9.28 80.93
C LEU D 475 79.64 -10.07 81.40
N LEU D 476 79.76 -11.39 81.42
CA LEU D 476 78.79 -12.29 82.04
C LEU D 476 79.47 -12.95 83.23
N LYS D 477 78.92 -12.74 84.41
CA LYS D 477 79.60 -13.20 85.63
C LYS D 477 78.53 -13.50 86.69
N GLY D 478 78.03 -14.72 86.68
CA GLY D 478 76.91 -15.05 87.53
C GLY D 478 75.66 -14.31 87.12
N ASP D 479 75.01 -13.67 88.10
CA ASP D 479 73.86 -12.82 87.84
C ASP D 479 74.22 -11.54 87.09
N LEU D 480 75.44 -11.05 87.22
CA LEU D 480 75.84 -9.78 86.65
C LEU D 480 76.09 -9.87 85.15
N ARG D 481 75.54 -8.91 84.40
CA ARG D 481 75.64 -8.87 82.94
C ARG D 481 75.80 -7.44 82.47
N ILE D 482 76.99 -7.08 82.00
CA ILE D 482 77.32 -5.72 81.60
C ILE D 482 77.62 -5.70 80.11
N GLN D 483 76.98 -4.79 79.37
CA GLN D 483 77.19 -4.76 77.93
C GLN D 483 76.91 -3.37 77.38
N HIS D 484 77.53 -3.06 76.25
CA HIS D 484 77.26 -1.80 75.56
C HIS D 484 75.91 -1.81 74.87
N THR D 485 75.13 -0.75 75.12
CA THR D 485 73.90 -0.51 74.40
C THR D 485 74.22 0.02 73.00
N VAL D 486 73.22 0.01 72.12
CA VAL D 486 73.38 0.57 70.78
C VAL D 486 73.81 2.03 70.84
N THR D 487 73.42 2.75 71.89
CA THR D 487 73.83 4.12 72.11
C THR D 487 75.25 4.26 72.63
N ALA D 488 75.99 3.16 72.74
CA ALA D 488 77.31 3.06 73.37
C ALA D 488 77.23 3.19 74.88
N SER D 489 76.04 3.30 75.46
CA SER D 489 75.89 3.36 76.91
C SER D 489 76.05 1.98 77.51
N VAL D 490 76.77 1.90 78.63
CA VAL D 490 76.92 0.65 79.35
C VAL D 490 75.61 0.33 80.07
N ARG D 491 75.05 -0.84 79.80
CA ARG D 491 73.90 -1.36 80.51
C ARG D 491 74.32 -2.49 81.44
N LEU D 492 74.09 -2.30 82.73
CA LEU D 492 74.41 -3.30 83.74
C LEU D 492 73.11 -3.93 84.24
N SER D 493 73.06 -5.25 84.26
CA SER D 493 71.94 -5.99 84.82
C SER D 493 72.45 -6.89 85.93
N TYR D 494 71.65 -7.07 86.97
CA TYR D 494 72.01 -7.98 88.05
C TYR D 494 70.76 -8.70 88.52
N GLY D 495 70.74 -10.00 88.31
CA GLY D 495 69.50 -10.73 88.34
C GLY D 495 68.57 -10.24 87.26
N GLU D 496 67.28 -10.28 87.56
CA GLU D 496 66.26 -9.65 86.75
C GLU D 496 65.58 -8.48 87.45
N ASP D 497 65.92 -8.22 88.71
CA ASP D 497 65.28 -7.19 89.52
C ASP D 497 66.01 -5.85 89.54
N LEU D 498 67.28 -5.81 89.14
CA LEU D 498 68.04 -4.56 89.07
C LEU D 498 68.65 -4.37 87.70
N GLN D 499 68.58 -3.14 87.20
CA GLN D 499 69.21 -2.77 85.94
C GLN D 499 69.67 -1.32 86.04
N MET D 500 70.70 -0.98 85.28
CA MET D 500 71.25 0.37 85.24
C MET D 500 71.66 0.67 83.80
N ASP D 501 71.72 1.95 83.47
CA ASP D 501 72.11 2.35 82.13
C ASP D 501 72.90 3.65 82.20
N TRP D 502 74.18 3.57 81.88
CA TRP D 502 75.16 4.63 82.11
C TRP D 502 75.72 5.08 80.78
N ASP D 503 75.52 6.34 80.43
CA ASP D 503 75.96 6.86 79.15
C ASP D 503 77.41 7.33 79.14
N GLY D 504 78.04 7.46 80.30
CA GLY D 504 79.41 7.88 80.37
C GLY D 504 79.63 9.37 80.42
N ARG D 505 78.63 10.17 80.05
CA ARG D 505 78.75 11.61 80.10
C ARG D 505 78.15 12.20 81.37
N GLY D 506 77.35 11.43 82.09
CA GLY D 506 76.77 11.91 83.33
C GLY D 506 75.34 11.48 83.55
N ARG D 507 74.73 10.82 82.57
CA ARG D 507 73.36 10.35 82.70
C ARG D 507 73.34 8.92 83.21
N LEU D 508 72.59 8.68 84.27
CA LEU D 508 72.43 7.35 84.84
C LEU D 508 70.96 7.08 85.08
N LEU D 509 70.48 5.95 84.56
CA LEU D 509 69.12 5.48 84.79
C LEU D 509 69.16 4.15 85.52
N VAL D 510 68.59 4.09 86.72
CA VAL D 510 68.53 2.87 87.51
C VAL D 510 67.08 2.40 87.55
N LYS D 511 66.85 1.16 87.16
CA LYS D 511 65.51 0.57 87.13
C LYS D 511 65.45 -0.58 88.12
N LEU D 512 64.47 -0.53 89.03
CA LEU D 512 64.22 -1.60 89.98
C LEU D 512 62.89 -2.27 89.70
N SER D 513 62.88 -3.59 89.70
CA SER D 513 61.66 -4.37 89.78
C SER D 513 60.86 -4.04 91.04
N PRO D 514 59.54 -4.26 91.02
CA PRO D 514 58.71 -4.05 92.23
C PRO D 514 59.17 -4.79 93.46
N VAL D 515 60.04 -5.79 93.30
CA VAL D 515 60.55 -6.55 94.43
C VAL D 515 61.23 -5.65 95.45
N TYR D 516 61.81 -4.54 95.00
CA TYR D 516 62.51 -3.60 95.87
C TYR D 516 61.64 -2.48 96.40
N ALA D 517 60.34 -2.46 96.10
CA ALA D 517 59.48 -1.39 96.56
C ALA D 517 59.49 -1.30 98.08
N GLY D 518 59.68 -0.09 98.60
CA GLY D 518 59.76 0.15 100.02
C GLY D 518 61.07 -0.24 100.66
N LYS D 519 61.88 -1.07 100.01
CA LYS D 519 63.14 -1.52 100.57
C LYS D 519 64.28 -0.55 100.30
N THR D 520 64.09 0.44 99.45
CA THR D 520 65.18 1.24 98.91
C THR D 520 65.45 2.43 99.84
N CYS D 521 66.61 3.04 99.67
CA CYS D 521 67.06 4.15 100.48
C CYS D 521 68.15 4.89 99.71
N GLY D 522 68.33 6.16 100.04
CA GLY D 522 69.28 7.02 99.36
C GLY D 522 68.60 8.18 98.68
N LEU D 523 69.37 8.89 97.86
CA LEU D 523 68.83 10.04 97.14
C LEU D 523 67.62 9.67 96.30
N CYS D 524 67.59 8.45 95.77
CA CYS D 524 66.47 8.04 94.94
C CYS D 524 65.19 7.81 95.72
N GLY D 525 65.24 7.88 97.04
CA GLY D 525 64.04 7.71 97.84
C GLY D 525 63.78 6.27 98.20
N ASN D 526 62.69 6.06 98.93
CA ASN D 526 62.35 4.74 99.43
C ASN D 526 61.48 3.92 98.49
N TYR D 527 61.15 4.44 97.32
CA TYR D 527 60.45 3.68 96.28
C TYR D 527 59.17 3.05 96.83
N ASN D 528 58.24 3.90 97.24
CA ASN D 528 56.96 3.46 97.78
C ASN D 528 55.79 4.20 97.16
N GLY D 529 55.96 4.75 95.96
CA GLY D 529 54.85 5.38 95.27
C GLY D 529 54.39 6.70 95.82
N ASN D 530 55.19 7.35 96.66
CA ASN D 530 54.81 8.61 97.30
C ASN D 530 55.95 9.60 97.17
N GLN D 531 55.66 10.77 96.60
CA GLN D 531 56.66 11.82 96.53
C GLN D 531 56.91 12.48 97.89
N GLY D 532 55.93 12.40 98.78
CA GLY D 532 55.99 13.21 99.99
C GLY D 532 57.17 12.90 100.88
N ASP D 533 57.60 11.65 100.95
CA ASP D 533 58.64 11.23 101.87
C ASP D 533 59.97 10.96 101.19
N ASP D 534 60.17 11.43 99.97
CA ASP D 534 61.42 11.13 99.27
C ASP D 534 62.59 11.91 99.82
N PHE D 535 62.35 13.02 100.53
CA PHE D 535 63.44 13.72 101.20
C PHE D 535 63.74 13.14 102.57
N LEU D 536 63.36 11.89 102.82
CA LEU D 536 63.77 11.21 104.05
C LEU D 536 65.29 11.14 104.13
N THR D 537 65.80 11.03 105.34
CA THR D 537 67.22 11.00 105.62
C THR D 537 67.50 9.87 106.60
N PRO D 538 68.75 9.40 106.68
CA PRO D 538 69.05 8.34 107.64
C PRO D 538 68.68 8.67 109.07
N SER D 539 68.49 9.96 109.38
CA SER D 539 68.01 10.34 110.70
C SER D 539 66.57 9.90 110.93
N GLY D 540 65.86 9.49 109.88
CA GLY D 540 64.48 9.07 109.99
C GLY D 540 63.45 10.14 109.75
N LEU D 541 63.85 11.39 109.56
CA LEU D 541 62.93 12.48 109.31
C LEU D 541 63.13 13.02 107.91
N ALA D 542 62.07 13.63 107.38
CA ALA D 542 62.10 14.19 106.04
C ALA D 542 62.53 15.64 106.09
N GLU D 543 63.60 15.96 105.40
CA GLU D 543 64.09 17.33 105.36
C GLU D 543 63.26 18.16 104.39
N PRO D 544 62.73 19.31 104.81
CA PRO D 544 61.97 20.14 103.88
C PRO D 544 62.82 20.79 102.80
N ARG D 545 64.14 20.80 102.96
CA ARG D 545 65.05 21.46 102.04
C ARG D 545 65.87 20.42 101.30
N VAL D 546 66.02 20.61 99.98
CA VAL D 546 66.80 19.66 99.20
C VAL D 546 68.25 19.66 99.64
N GLU D 547 68.78 20.81 100.04
CA GLU D 547 70.18 20.90 100.43
C GLU D 547 70.48 20.00 101.63
N ASP D 548 69.70 20.14 102.71
CA ASP D 548 69.93 19.30 103.88
C ASP D 548 69.71 17.83 103.57
N PHE D 549 68.66 17.52 102.81
CA PHE D 549 68.39 16.15 102.43
C PHE D 549 69.59 15.52 101.73
N GLY D 550 70.11 16.19 100.70
CA GLY D 550 71.25 15.66 99.99
C GLY D 550 72.50 15.58 100.84
N ASN D 551 72.73 16.59 101.68
CA ASN D 551 73.89 16.56 102.56
C ASN D 551 73.84 15.39 103.52
N ALA D 552 72.63 14.95 103.87
CA ALA D 552 72.51 13.81 104.78
C ALA D 552 73.02 12.51 104.19
N TRP D 553 73.05 12.38 102.87
CA TRP D 553 73.45 11.15 102.20
C TRP D 553 74.88 11.20 101.68
N LYS D 554 75.67 12.20 102.03
CA LYS D 554 77.04 12.28 101.59
C LYS D 554 77.92 11.33 102.39
N LEU D 555 78.84 10.66 101.70
CA LEU D 555 79.61 9.58 102.31
C LEU D 555 80.81 10.09 103.11
N HIS D 556 81.39 11.22 102.72
CA HIS D 556 82.66 11.67 103.25
C HIS D 556 82.46 12.94 104.07
N GLY D 557 82.98 12.95 105.29
CA GLY D 557 82.72 14.07 106.19
C GLY D 557 83.42 15.35 105.81
N ASP D 558 84.53 15.26 105.08
CA ASP D 558 85.27 16.46 104.70
C ASP D 558 84.65 17.18 103.50
N CYS D 559 83.63 16.59 102.88
CA CYS D 559 82.94 17.25 101.78
C CYS D 559 82.20 18.49 102.25
N GLN D 560 82.08 19.46 101.35
CA GLN D 560 81.35 20.68 101.67
C GLN D 560 79.86 20.38 101.79
N ASP D 561 79.27 20.84 102.89
CA ASP D 561 77.82 20.78 103.04
C ASP D 561 77.19 21.88 102.20
N LEU D 562 76.32 21.49 101.29
CA LEU D 562 75.73 22.45 100.37
C LEU D 562 74.86 23.44 101.14
N GLN D 563 75.18 24.73 101.02
CA GLN D 563 74.47 25.75 101.79
C GLN D 563 73.16 26.16 101.11
N LYS D 564 73.22 26.50 99.82
CA LYS D 564 72.03 26.87 99.08
C LYS D 564 72.11 26.29 97.68
N GLN D 565 70.98 25.76 97.21
CA GLN D 565 70.87 25.24 95.85
C GLN D 565 70.32 26.37 94.99
N HIS D 566 71.21 27.12 94.36
CA HIS D 566 70.82 28.27 93.55
C HIS D 566 70.16 27.81 92.27
N SER D 567 68.89 28.17 92.09
CA SER D 567 68.25 27.96 90.80
C SER D 567 68.63 29.10 89.86
N ASP D 568 68.27 28.95 88.60
CA ASP D 568 68.51 29.97 87.57
C ASP D 568 69.98 30.36 87.52
N PRO D 569 70.86 29.49 87.02
CA PRO D 569 72.25 29.89 86.82
C PRO D 569 72.42 30.96 85.76
N CYS D 570 71.38 31.25 84.98
CA CYS D 570 71.48 32.25 83.92
C CYS D 570 71.86 33.62 84.48
N ALA D 571 71.60 33.88 85.76
CA ALA D 571 71.98 35.15 86.34
C ALA D 571 73.48 35.38 86.27
N LEU D 572 74.26 34.31 86.45
CA LEU D 572 75.71 34.45 86.44
C LEU D 572 76.24 34.63 85.02
N ASN D 573 75.53 34.13 84.01
CA ASN D 573 75.90 34.30 82.62
C ASN D 573 74.69 34.83 81.86
N PRO D 574 74.43 36.13 81.94
CA PRO D 574 73.27 36.69 81.25
C PRO D 574 73.29 36.49 79.75
N ARG D 575 74.48 36.34 79.16
CA ARG D 575 74.55 36.19 77.72
C ARG D 575 73.76 34.99 77.22
N MET D 576 73.65 33.95 78.05
CA MET D 576 73.04 32.70 77.64
C MET D 576 71.54 32.65 77.89
N THR D 577 70.96 33.67 78.52
CA THR D 577 69.55 33.59 78.90
C THR D 577 68.64 33.55 77.68
N ARG D 578 68.90 34.37 76.67
CA ARG D 578 68.06 34.39 75.47
C ARG D 578 68.09 33.03 74.79
N PHE D 579 69.29 32.48 74.58
CA PHE D 579 69.41 31.16 73.97
C PHE D 579 68.73 30.10 74.80
N SER D 580 68.91 30.14 76.12
CA SER D 580 68.30 29.16 76.99
C SER D 580 66.79 29.15 76.80
N GLU D 581 66.16 30.33 76.91
CA GLU D 581 64.71 30.40 76.74
C GLU D 581 64.31 29.90 75.36
N GLU D 582 64.88 30.50 74.31
CA GLU D 582 64.39 30.25 72.96
C GLU D 582 64.70 28.85 72.47
N ALA D 583 65.68 28.17 73.06
CA ALA D 583 66.03 26.82 72.64
C ALA D 583 65.28 25.78 73.46
N CYS D 584 65.28 25.91 74.79
CA CYS D 584 64.57 24.95 75.59
C CYS D 584 63.06 25.09 75.47
N ALA D 585 62.57 26.16 74.85
CA ALA D 585 61.14 26.28 74.62
C ALA D 585 60.61 25.19 73.70
N VAL D 586 61.48 24.52 72.95
CA VAL D 586 61.01 23.50 72.01
C VAL D 586 60.30 22.35 72.73
N LEU D 587 60.65 22.12 74.00
CA LEU D 587 59.99 21.06 74.75
C LEU D 587 58.48 21.27 74.84
N THR D 588 58.01 22.50 74.73
CA THR D 588 56.58 22.79 74.75
C THR D 588 56.01 23.04 73.38
N SER D 589 56.81 22.92 72.33
CA SER D 589 56.35 23.17 70.98
C SER D 589 55.50 22.00 70.50
N PRO D 590 54.75 22.19 69.41
CA PRO D 590 54.00 21.05 68.85
C PRO D 590 54.86 19.84 68.54
N THR D 591 56.18 20.01 68.44
CA THR D 591 57.08 18.87 68.26
C THR D 591 56.89 17.85 69.37
N PHE D 592 56.56 18.29 70.57
CA PHE D 592 56.40 17.41 71.72
C PHE D 592 54.98 17.37 72.24
N GLU D 593 54.04 18.05 71.58
CA GLU D 593 52.65 18.03 72.05
C GLU D 593 52.09 16.62 72.08
N ALA D 594 52.63 15.72 71.25
CA ALA D 594 52.20 14.34 71.30
C ALA D 594 52.55 13.69 72.63
N CYS D 595 53.49 14.26 73.38
CA CYS D 595 53.95 13.68 74.62
C CYS D 595 53.47 14.39 75.87
N HIS D 596 53.02 15.64 75.75
CA HIS D 596 52.65 16.41 76.94
C HIS D 596 51.61 15.68 77.77
N ARG D 597 50.72 14.94 77.13
CA ARG D 597 49.73 14.16 77.86
C ARG D 597 50.39 13.05 78.65
N ALA D 598 51.39 12.38 78.06
CA ALA D 598 52.01 11.25 78.73
C ALA D 598 52.94 11.68 79.84
N VAL D 599 53.80 12.67 79.59
CA VAL D 599 54.79 13.13 80.56
C VAL D 599 54.71 14.65 80.67
N SER D 600 54.70 15.14 81.89
CA SER D 600 54.65 16.57 82.12
C SER D 600 55.97 17.20 81.69
N PRO D 601 55.96 18.19 80.80
CA PRO D 601 57.22 18.76 80.32
C PRO D 601 57.84 19.78 81.25
N LEU D 602 57.17 20.17 82.34
CA LEU D 602 57.67 21.27 83.16
C LEU D 602 58.99 20.94 83.84
N PRO D 603 59.16 19.80 84.52
CA PRO D 603 60.46 19.52 85.14
C PRO D 603 61.58 19.46 84.12
N TYR D 604 61.32 18.85 82.97
CA TYR D 604 62.34 18.76 81.94
C TYR D 604 62.66 20.13 81.36
N LEU D 605 61.69 21.02 81.29
CA LEU D 605 61.95 22.38 80.84
C LEU D 605 62.84 23.13 81.84
N ARG D 606 62.52 23.01 83.13
CA ARG D 606 63.37 23.61 84.15
C ARG D 606 64.79 23.09 84.05
N ASN D 607 64.93 21.76 83.94
CA ASN D 607 66.24 21.16 83.84
C ASN D 607 66.96 21.61 82.59
N CYS D 608 66.25 21.71 81.46
CA CYS D 608 66.86 22.15 80.22
C CYS D 608 67.43 23.55 80.34
N ARG D 609 66.64 24.49 80.88
CA ARG D 609 67.13 25.85 80.99
C ARG D 609 68.30 25.93 81.95
N TYR D 610 68.21 25.25 83.09
CA TYR D 610 69.34 25.22 84.02
C TYR D 610 70.60 24.70 83.31
N ASP D 611 70.49 23.58 82.61
CA ASP D 611 71.64 22.99 81.97
C ASP D 611 72.24 23.91 80.92
N VAL D 612 71.40 24.46 80.04
CA VAL D 612 71.91 25.30 78.97
C VAL D 612 72.61 26.52 79.56
N CYS D 613 72.09 27.07 80.65
CA CYS D 613 72.72 28.25 81.22
C CYS D 613 74.00 27.91 81.97
N SER D 614 74.12 26.70 82.53
CA SER D 614 75.25 26.40 83.40
C SER D 614 76.33 25.54 82.75
N CYS D 615 76.06 24.93 81.60
CA CYS D 615 76.99 23.94 81.07
C CYS D 615 78.19 24.60 80.39
N SER D 616 79.25 23.80 80.21
CA SER D 616 80.40 24.25 79.45
C SER D 616 80.03 24.52 78.00
N ASP D 617 79.26 23.62 77.39
CA ASP D 617 78.76 23.79 76.03
C ASP D 617 77.24 23.73 76.08
N GLY D 618 76.60 24.82 75.68
CA GLY D 618 75.15 24.86 75.74
C GLY D 618 74.47 23.97 74.73
N ARG D 619 75.13 23.72 73.59
CA ARG D 619 74.54 22.87 72.57
C ARG D 619 74.46 21.42 73.03
N GLU D 620 75.56 20.92 73.60
CA GLU D 620 75.59 19.54 74.08
C GLU D 620 74.54 19.32 75.16
N CYS D 621 74.43 20.26 76.09
CA CYS D 621 73.46 20.09 77.17
C CYS D 621 72.03 20.30 76.69
N LEU D 622 71.84 21.16 75.70
CA LEU D 622 70.52 21.27 75.07
C LEU D 622 70.09 19.92 74.50
N CYS D 623 70.99 19.28 73.75
CA CYS D 623 70.69 17.95 73.23
C CYS D 623 70.44 16.96 74.35
N GLY D 624 71.24 17.04 75.41
CA GLY D 624 71.05 16.14 76.54
C GLY D 624 69.68 16.26 77.16
N ALA D 625 69.23 17.49 77.42
CA ALA D 625 67.93 17.69 78.04
C ALA D 625 66.79 17.28 77.12
N LEU D 626 66.87 17.65 75.84
CA LEU D 626 65.83 17.25 74.90
C LEU D 626 65.77 15.73 74.79
N ALA D 627 66.93 15.07 74.74
CA ALA D 627 66.97 13.62 74.69
C ALA D 627 66.41 13.01 75.96
N SER D 628 66.63 13.65 77.11
CA SER D 628 66.07 13.15 78.36
C SER D 628 64.55 13.16 78.29
N TYR D 629 63.96 14.27 77.84
CA TYR D 629 62.51 14.32 77.73
C TYR D 629 61.99 13.32 76.71
N ALA D 630 62.68 13.20 75.58
CA ALA D 630 62.26 12.22 74.58
C ALA D 630 62.36 10.80 75.11
N ALA D 631 63.36 10.52 75.94
CA ALA D 631 63.49 9.21 76.54
C ALA D 631 62.36 8.94 77.52
N ALA D 632 61.96 9.95 78.30
CA ALA D 632 60.80 9.78 79.15
C ALA D 632 59.54 9.47 78.33
N CYS D 633 59.35 10.20 77.24
CA CYS D 633 58.22 9.95 76.35
C CYS D 633 58.25 8.53 75.83
N ALA D 634 59.41 8.07 75.37
CA ALA D 634 59.55 6.71 74.88
C ALA D 634 59.26 5.69 75.97
N GLY D 635 59.68 5.98 77.20
CA GLY D 635 59.34 5.11 78.30
C GLY D 635 57.85 4.99 78.50
N ARG D 636 57.12 6.09 78.27
CA ARG D 636 55.66 6.05 78.24
C ARG D 636 55.11 5.60 76.89
N GLY D 637 55.94 5.04 76.02
CA GLY D 637 55.47 4.49 74.77
C GLY D 637 55.20 5.49 73.67
N VAL D 638 55.57 6.75 73.85
CA VAL D 638 55.37 7.77 72.84
C VAL D 638 56.74 8.10 72.24
N ARG D 639 56.85 7.98 70.92
CA ARG D 639 58.09 8.27 70.22
C ARG D 639 57.94 9.56 69.43
N VAL D 640 58.88 10.48 69.60
CA VAL D 640 58.83 11.78 68.97
C VAL D 640 60.05 11.96 68.09
N ALA D 641 59.82 12.34 66.83
CA ALA D 641 60.90 12.60 65.88
C ALA D 641 61.41 14.03 66.08
N TRP D 642 62.17 14.21 67.16
CA TRP D 642 62.57 15.54 67.57
C TRP D 642 63.90 15.99 67.00
N ARG D 643 64.79 15.07 66.65
CA ARG D 643 66.08 15.47 66.08
C ARG D 643 65.92 16.01 64.67
N GLU D 644 66.70 17.02 64.34
CA GLU D 644 66.64 17.68 63.04
C GLU D 644 68.02 18.21 62.72
N PRO D 645 68.27 18.59 61.47
CA PRO D 645 69.60 19.13 61.12
C PRO D 645 70.02 20.30 61.99
N GLY D 646 69.08 21.15 62.38
CA GLY D 646 69.42 22.29 63.22
C GLY D 646 69.62 21.95 64.68
N ARG D 647 69.36 20.71 65.10
CA ARG D 647 69.51 20.37 66.51
C ARG D 647 69.71 18.86 66.66
N CYS D 648 70.89 18.48 67.13
CA CYS D 648 71.09 17.20 67.80
C CYS D 648 70.85 15.99 66.89
N GLU D 649 71.46 16.03 65.70
CA GLU D 649 71.47 14.82 64.88
C GLU D 649 72.56 13.87 65.34
N LEU D 650 72.25 12.57 65.31
CA LEU D 650 73.25 11.55 65.58
C LEU D 650 74.03 11.28 64.31
N ASN D 651 75.30 11.66 64.28
CA ASN D 651 76.17 11.40 63.15
C ASN D 651 76.77 10.00 63.33
N CYS D 652 76.14 9.01 62.70
CA CYS D 652 76.48 7.63 62.98
C CYS D 652 77.84 7.26 62.39
N PRO D 653 78.59 6.40 63.06
CA PRO D 653 79.89 5.98 62.54
C PRO D 653 79.77 5.25 61.22
N LYS D 654 80.75 5.46 60.34
CA LYS D 654 80.94 4.72 59.10
C LYS D 654 79.62 4.63 58.36
N GLY D 655 79.22 3.46 57.88
CA GLY D 655 78.00 3.29 57.10
C GLY D 655 76.76 2.98 57.90
N GLN D 656 76.82 3.03 59.23
CA GLN D 656 75.65 2.75 60.03
C GLN D 656 74.58 3.81 59.80
N VAL D 657 73.32 3.41 59.93
CA VAL D 657 72.17 4.26 59.63
C VAL D 657 71.41 4.53 60.92
N TYR D 658 71.03 5.79 61.12
CA TYR D 658 70.24 6.16 62.29
C TYR D 658 68.82 5.66 62.14
N LEU D 659 68.31 5.00 63.19
CA LEU D 659 66.93 4.58 63.26
C LEU D 659 66.29 5.14 64.52
N GLN D 660 65.05 5.60 64.39
CA GLN D 660 64.31 6.06 65.56
C GLN D 660 63.80 4.90 66.40
N CYS D 661 63.54 3.75 65.77
CA CYS D 661 63.05 2.55 66.47
C CYS D 661 63.66 1.35 65.77
N GLY D 662 64.78 0.88 66.31
CA GLY D 662 65.45 -0.29 65.79
C GLY D 662 65.64 -1.35 66.85
N THR D 663 65.80 -2.59 66.43
CA THR D 663 65.88 -3.69 67.39
C THR D 663 67.33 -4.02 67.69
N PRO D 664 67.72 -4.07 68.97
CA PRO D 664 69.12 -4.33 69.32
C PRO D 664 69.49 -5.80 69.34
N CYS D 665 68.50 -6.71 69.34
CA CYS D 665 68.77 -8.10 69.68
C CYS D 665 69.71 -8.76 68.68
N ASN D 666 69.58 -8.44 67.39
CA ASN D 666 70.33 -9.11 66.34
C ASN D 666 71.22 -8.14 65.58
N LEU D 667 71.88 -7.22 66.28
CA LEU D 667 72.76 -6.28 65.61
C LEU D 667 74.20 -6.79 65.55
N THR D 668 74.74 -7.24 66.67
CA THR D 668 76.12 -7.66 66.76
C THR D 668 76.28 -9.12 66.34
N CYS D 669 77.49 -9.46 65.90
CA CYS D 669 77.75 -10.82 65.45
C CYS D 669 77.78 -11.81 66.60
N ARG D 670 77.99 -11.33 67.84
CA ARG D 670 77.81 -12.20 68.99
C ARG D 670 76.41 -12.78 69.04
N SER D 671 75.42 -12.05 68.54
CA SER D 671 74.07 -12.61 68.43
C SER D 671 74.05 -13.83 67.54
N LEU D 672 74.84 -13.80 66.46
CA LEU D 672 75.00 -15.00 65.64
C LEU D 672 75.70 -16.10 66.41
N SER D 673 76.74 -15.75 67.16
CA SER D 673 77.50 -16.77 67.88
C SER D 673 76.71 -17.36 69.03
N TYR D 674 75.72 -16.64 69.57
CA TYR D 674 74.88 -17.13 70.66
C TYR D 674 73.43 -16.90 70.30
N PRO D 675 72.89 -17.67 69.35
CA PRO D 675 71.51 -17.44 68.93
C PRO D 675 70.48 -17.90 69.94
N ASP D 676 70.82 -18.81 70.84
CA ASP D 676 69.86 -19.33 71.81
C ASP D 676 69.74 -18.46 73.05
N GLU D 677 70.55 -17.43 73.18
CA GLU D 677 70.40 -16.48 74.28
C GLU D 677 69.18 -15.60 73.99
N GLU D 678 68.15 -15.74 74.81
CA GLU D 678 66.88 -15.08 74.53
C GLU D 678 67.03 -13.58 74.65
N CYS D 679 66.36 -12.86 73.74
CA CYS D 679 66.37 -11.40 73.72
C CYS D 679 65.00 -10.92 73.29
N ASN D 680 64.33 -10.16 74.15
CA ASN D 680 63.00 -9.64 73.88
C ASN D 680 62.93 -8.13 74.05
N GLU D 681 64.06 -7.44 73.97
CA GLU D 681 64.12 -6.03 74.33
C GLU D 681 63.40 -5.17 73.30
N ALA D 682 62.72 -4.14 73.78
CA ALA D 682 62.01 -3.22 72.91
C ALA D 682 62.98 -2.42 72.05
N CYS D 683 62.45 -1.82 70.99
CA CYS D 683 63.29 -1.05 70.08
C CYS D 683 63.74 0.25 70.74
N LEU D 684 64.79 0.83 70.18
CA LEU D 684 65.34 2.07 70.69
C LEU D 684 66.00 2.82 69.55
N GLU D 685 66.14 4.13 69.73
CA GLU D 685 66.84 4.94 68.74
C GLU D 685 68.35 4.75 68.87
N GLY D 686 69.04 4.87 67.75
CA GLY D 686 70.47 4.71 67.75
C GLY D 686 70.97 4.46 66.34
N CYS D 687 72.22 4.03 66.26
CA CYS D 687 72.88 3.72 65.00
C CYS D 687 72.90 2.21 64.80
N PHE D 688 72.33 1.77 63.68
CA PHE D 688 72.22 0.36 63.36
C PHE D 688 72.79 0.11 61.98
N CYS D 689 73.24 -1.12 61.75
CA CYS D 689 73.68 -1.49 60.42
C CYS D 689 72.47 -1.71 59.51
N PRO D 690 72.63 -1.53 58.21
CA PRO D 690 71.53 -1.77 57.26
C PRO D 690 70.97 -3.17 57.44
N PRO D 691 69.77 -3.44 56.92
CA PRO D 691 69.06 -4.67 57.31
C PRO D 691 69.81 -5.95 57.01
N GLY D 692 70.63 -5.97 55.97
CA GLY D 692 71.29 -7.20 55.59
C GLY D 692 72.65 -7.45 56.20
N LEU D 693 73.11 -6.57 57.10
CA LEU D 693 74.46 -6.64 57.62
C LEU D 693 74.46 -6.68 59.14
N TYR D 694 75.41 -7.43 59.69
CA TYR D 694 75.66 -7.46 61.11
C TYR D 694 76.85 -6.57 61.44
N MET D 695 77.07 -6.34 62.73
CA MET D 695 78.09 -5.41 63.21
C MET D 695 79.15 -6.18 63.98
N ASP D 696 80.41 -5.94 63.65
CA ASP D 696 81.54 -6.60 64.28
C ASP D 696 82.14 -5.74 65.39
N GLU D 697 83.31 -6.16 65.90
CA GLU D 697 83.93 -5.41 67.00
C GLU D 697 84.39 -4.04 66.54
N ARG D 698 84.86 -3.92 65.30
CA ARG D 698 85.32 -2.62 64.81
C ARG D 698 84.19 -1.65 64.56
N GLY D 699 82.94 -2.09 64.69
CA GLY D 699 81.82 -1.26 64.31
C GLY D 699 81.50 -1.30 62.84
N ASP D 700 82.21 -2.10 62.07
CA ASP D 700 81.95 -2.22 60.64
C ASP D 700 80.77 -3.15 60.39
N CYS D 701 79.92 -2.77 59.45
CA CYS D 701 78.79 -3.61 59.08
C CYS D 701 79.25 -4.67 58.09
N VAL D 702 79.00 -5.93 58.41
CA VAL D 702 79.51 -7.05 57.62
C VAL D 702 78.37 -8.02 57.37
N PRO D 703 78.35 -8.71 56.22
CA PRO D 703 77.41 -9.81 56.05
C PRO D 703 77.72 -10.93 57.02
N LYS D 704 76.69 -11.72 57.35
CA LYS D 704 76.86 -12.77 58.35
C LYS D 704 77.95 -13.75 57.95
N ALA D 705 78.25 -13.87 56.65
CA ALA D 705 79.33 -14.73 56.21
C ALA D 705 80.69 -14.25 56.69
N GLN D 706 80.82 -12.97 57.02
CA GLN D 706 82.09 -12.39 57.41
C GLN D 706 82.22 -12.18 58.92
N CYS D 707 81.18 -12.42 59.70
CA CYS D 707 81.31 -12.29 61.14
C CYS D 707 82.30 -13.32 61.68
N PRO D 708 83.10 -12.95 62.67
CA PRO D 708 83.85 -13.95 63.42
C PRO D 708 82.96 -14.71 64.38
N CYS D 709 83.45 -15.85 64.84
CA CYS D 709 82.74 -16.70 65.78
C CYS D 709 83.38 -16.60 67.15
N TYR D 710 82.55 -16.38 68.17
CA TYR D 710 83.01 -16.30 69.54
C TYR D 710 82.77 -17.64 70.21
N TYR D 711 83.84 -18.28 70.67
CA TYR D 711 83.74 -19.60 71.27
C TYR D 711 84.63 -19.63 72.50
N ASP D 712 84.06 -19.96 73.65
CA ASP D 712 84.79 -20.00 74.92
C ASP D 712 85.51 -18.68 75.19
N GLY D 713 84.95 -17.59 74.70
CA GLY D 713 85.56 -16.30 74.88
C GLY D 713 86.70 -16.00 73.94
N GLU D 714 86.89 -16.81 72.91
CA GLU D 714 87.93 -16.59 71.92
C GLU D 714 87.29 -16.27 70.58
N ILE D 715 87.91 -15.38 69.82
CA ILE D 715 87.33 -14.87 68.59
C ILE D 715 87.98 -15.61 67.43
N PHE D 716 87.18 -16.34 66.66
CA PHE D 716 87.68 -17.07 65.52
C PHE D 716 87.16 -16.44 64.24
N GLN D 717 88.03 -16.38 63.23
CA GLN D 717 87.70 -15.77 61.96
C GLN D 717 86.85 -16.70 61.12
N PRO D 718 86.20 -16.18 60.08
CA PRO D 718 85.39 -17.04 59.22
C PRO D 718 86.23 -18.15 58.61
N GLU D 719 85.61 -19.32 58.46
CA GLU D 719 86.22 -20.52 57.89
C GLU D 719 87.32 -21.12 58.75
N ASP D 720 87.50 -20.64 59.97
CA ASP D 720 88.48 -21.25 60.87
C ASP D 720 88.02 -22.63 61.29
N ILE D 721 88.97 -23.54 61.42
CA ILE D 721 88.72 -24.91 61.83
C ILE D 721 89.67 -25.22 62.97
N PHE D 722 89.19 -25.97 63.95
CA PHE D 722 90.09 -26.50 64.96
C PHE D 722 89.52 -27.82 65.47
N SER D 723 90.42 -28.67 65.94
CA SER D 723 90.03 -29.95 66.51
C SER D 723 90.85 -30.22 67.75
N ASP D 724 90.21 -30.75 68.77
CA ASP D 724 90.82 -30.99 70.06
C ASP D 724 90.67 -32.46 70.42
N HIS D 725 91.19 -32.83 71.59
CA HIS D 725 91.01 -34.19 72.09
C HIS D 725 89.54 -34.56 72.13
N HIS D 726 88.68 -33.60 72.41
CA HIS D 726 87.28 -33.87 72.67
C HIS D 726 86.35 -33.40 71.57
N THR D 727 86.77 -32.46 70.73
CA THR D 727 85.80 -31.75 69.90
C THR D 727 86.44 -31.37 68.57
N MET D 728 85.59 -31.18 67.56
CA MET D 728 85.99 -30.64 66.27
C MET D 728 84.99 -29.56 65.92
N CYS D 729 85.48 -28.37 65.56
CA CYS D 729 84.62 -27.22 65.34
C CYS D 729 85.07 -26.49 64.10
N TYR D 730 84.16 -25.70 63.55
CA TYR D 730 84.51 -24.79 62.47
C TYR D 730 83.55 -23.62 62.47
N CYS D 731 84.05 -22.45 62.05
CA CYS D 731 83.30 -21.22 62.08
C CYS D 731 82.70 -20.95 60.71
N GLU D 732 81.38 -20.78 60.66
CA GLU D 732 80.70 -20.45 59.42
C GLU D 732 79.48 -19.60 59.75
N ASP D 733 79.32 -18.50 59.03
CA ASP D 733 78.17 -17.61 59.20
C ASP D 733 78.05 -17.13 60.64
N GLY D 734 79.17 -16.83 61.27
CA GLY D 734 79.18 -16.28 62.60
C GLY D 734 78.86 -17.26 63.71
N PHE D 735 78.74 -18.54 63.41
CA PHE D 735 78.44 -19.55 64.41
C PHE D 735 79.49 -20.65 64.36
N MET D 736 79.81 -21.18 65.52
CA MET D 736 80.83 -22.23 65.65
C MET D 736 80.13 -23.57 65.61
N HIS D 737 80.23 -24.27 64.48
CA HIS D 737 79.51 -25.51 64.25
C HIS D 737 80.31 -26.68 64.81
N CYS D 738 80.27 -26.83 66.13
CA CYS D 738 80.96 -27.93 66.78
C CYS D 738 80.13 -29.21 66.64
N THR D 739 80.75 -30.28 66.16
CA THR D 739 80.05 -31.50 65.82
C THR D 739 80.79 -32.73 66.33
N MET D 740 81.34 -32.65 67.54
CA MET D 740 81.94 -33.83 68.14
C MET D 740 81.75 -33.75 69.65
N SER D 741 81.53 -34.92 70.26
CA SER D 741 81.28 -35.02 71.70
C SER D 741 80.17 -34.08 72.16
N GLU D 786 95.17 -26.52 91.49
CA GLU D 786 95.47 -27.90 91.88
C GLU D 786 95.12 -28.86 90.75
N CYS D 787 95.89 -29.93 90.62
CA CYS D 787 95.66 -30.92 89.57
C CYS D 787 96.27 -32.24 90.00
N ALA D 788 95.81 -33.32 89.36
CA ALA D 788 96.45 -34.61 89.52
C ALA D 788 97.79 -34.64 88.80
N LYS D 789 98.69 -35.48 89.28
CA LYS D 789 100.05 -35.53 88.75
C LYS D 789 100.39 -36.95 88.28
N THR D 790 101.30 -37.01 87.32
CA THR D 790 101.79 -38.25 86.75
C THR D 790 103.31 -38.21 86.81
N CYS D 791 103.94 -39.39 86.81
CA CYS D 791 105.39 -39.46 86.92
C CYS D 791 106.08 -38.59 85.88
N GLN D 792 105.48 -38.47 84.70
CA GLN D 792 106.07 -37.66 83.65
C GLN D 792 105.93 -36.18 83.93
N ASN D 793 104.74 -35.75 84.37
CA ASN D 793 104.42 -34.33 84.50
C ASN D 793 104.50 -33.82 85.93
N TYR D 794 105.20 -34.54 86.81
CA TYR D 794 105.24 -34.12 88.21
C TYR D 794 105.85 -32.73 88.37
N ASP D 795 106.96 -32.47 87.69
CA ASP D 795 107.65 -31.20 87.84
C ASP D 795 107.04 -30.07 87.03
N LEU D 796 106.14 -30.38 86.11
CA LEU D 796 105.58 -29.38 85.22
C LEU D 796 104.38 -28.70 85.87
N GLU D 797 103.82 -27.73 85.15
CA GLU D 797 102.65 -26.99 85.64
C GLU D 797 101.41 -27.87 85.58
N CYS D 798 100.30 -27.32 86.07
CA CYS D 798 98.99 -27.94 85.93
C CYS D 798 98.32 -27.44 84.66
N MET D 799 97.64 -28.35 83.97
CA MET D 799 96.97 -27.98 82.73
C MET D 799 95.91 -26.91 83.04
N SER D 800 96.05 -25.75 82.39
CA SER D 800 95.14 -24.63 82.61
C SER D 800 93.94 -24.73 81.66
N MET D 801 93.25 -25.85 81.75
CA MET D 801 92.11 -26.11 80.86
C MET D 801 90.97 -26.77 81.64
N GLY D 802 90.84 -26.46 82.92
CA GLY D 802 89.79 -27.03 83.74
C GLY D 802 89.67 -26.39 85.11
N LEU D 808 92.17 -38.82 92.65
CA LEU D 808 93.35 -38.07 93.06
C LEU D 808 94.16 -38.84 94.09
N CYS D 809 95.41 -39.14 93.76
CA CYS D 809 96.25 -39.94 94.63
C CYS D 809 96.70 -39.13 95.84
N PRO D 810 97.10 -39.80 96.91
CA PRO D 810 97.53 -39.09 98.13
C PRO D 810 98.77 -38.25 97.86
N PRO D 811 99.08 -37.28 98.72
CA PRO D 811 100.34 -36.55 98.57
C PRO D 811 101.53 -37.48 98.70
N GLY D 812 102.57 -37.19 97.92
CA GLY D 812 103.72 -38.06 97.86
C GLY D 812 103.51 -39.31 97.04
N MET D 813 102.38 -39.43 96.35
CA MET D 813 102.08 -40.58 95.52
C MET D 813 101.58 -40.07 94.17
N VAL D 814 101.90 -40.81 93.12
CA VAL D 814 101.75 -40.32 91.76
C VAL D 814 101.07 -41.36 90.89
N ARG D 815 100.26 -40.89 89.95
CA ARG D 815 99.61 -41.76 88.99
C ARG D 815 100.64 -42.41 88.06
N HIS D 816 100.54 -43.73 87.89
CA HIS D 816 101.42 -44.47 87.00
C HIS D 816 100.80 -45.83 86.74
N GLU D 817 100.84 -46.29 85.48
CA GLU D 817 100.21 -47.54 85.09
C GLU D 817 98.74 -47.58 85.48
N ASN D 818 98.09 -46.42 85.45
CA ASN D 818 96.71 -46.27 85.90
C ASN D 818 96.55 -46.78 87.34
N ARG D 819 97.54 -46.50 88.18
CA ARG D 819 97.46 -46.76 89.60
C ARG D 819 98.32 -45.74 90.33
N CYS D 820 98.01 -45.52 91.60
CA CYS D 820 98.79 -44.59 92.41
C CYS D 820 100.08 -45.25 92.86
N VAL D 821 101.21 -44.63 92.55
CA VAL D 821 102.53 -45.18 92.85
C VAL D 821 103.32 -44.14 93.62
N ALA D 822 104.12 -44.59 94.58
CA ALA D 822 104.82 -43.69 95.48
C ALA D 822 105.88 -42.89 94.74
N LEU D 823 106.13 -41.68 95.24
CA LEU D 823 107.24 -40.88 94.76
C LEU D 823 108.55 -41.52 95.21
N GLU D 824 109.63 -41.18 94.50
CA GLU D 824 110.95 -41.79 94.62
C GLU D 824 110.96 -43.19 94.02
N ARG D 825 109.82 -43.68 93.53
CA ARG D 825 109.74 -44.94 92.83
C ARG D 825 109.21 -44.78 91.41
N CYS D 826 109.00 -43.55 90.95
CA CYS D 826 108.63 -43.34 89.56
C CYS D 826 109.81 -43.68 88.67
N PRO D 827 109.56 -44.24 87.48
CA PRO D 827 110.67 -44.59 86.59
C PRO D 827 111.17 -43.39 85.80
N CYS D 828 112.33 -43.57 85.18
CA CYS D 828 112.91 -42.57 84.29
C CYS D 828 112.62 -42.94 82.85
N PHE D 829 112.60 -41.93 81.99
CA PHE D 829 112.17 -42.06 80.60
C PHE D 829 113.31 -41.72 79.67
N HIS D 830 113.51 -42.54 78.64
CA HIS D 830 114.47 -42.24 77.59
C HIS D 830 114.02 -42.93 76.32
N GLN D 831 114.08 -42.19 75.21
CA GLN D 831 113.63 -42.68 73.90
C GLN D 831 112.23 -43.26 73.98
N GLY D 832 111.40 -42.66 74.82
CA GLY D 832 110.01 -43.03 74.88
C GLY D 832 109.70 -44.28 75.68
N LYS D 833 110.68 -44.86 76.36
CA LYS D 833 110.46 -46.05 77.17
C LYS D 833 110.97 -45.81 78.58
N GLU D 834 110.33 -46.47 79.54
CA GLU D 834 110.56 -46.20 80.95
C GLU D 834 111.68 -47.08 81.50
N TYR D 835 112.37 -46.56 82.52
CA TYR D 835 113.43 -47.27 83.21
C TYR D 835 113.18 -47.16 84.70
N ALA D 836 113.19 -48.29 85.39
CA ALA D 836 112.98 -48.29 86.83
C ALA D 836 114.18 -47.67 87.54
N PRO D 837 113.98 -47.12 88.73
CA PRO D 837 115.12 -46.54 89.47
C PRO D 837 116.19 -47.59 89.73
N GLY D 838 117.44 -47.18 89.59
CA GLY D 838 118.57 -48.07 89.67
C GLY D 838 119.01 -48.66 88.35
N GLU D 839 118.16 -48.59 87.33
CA GLU D 839 118.54 -49.05 86.01
C GLU D 839 119.54 -48.06 85.39
N THR D 840 120.19 -48.51 84.31
CA THR D 840 121.25 -47.74 83.67
C THR D 840 121.04 -47.74 82.17
N VAL D 841 121.56 -46.68 81.53
CA VAL D 841 121.51 -46.55 80.08
C VAL D 841 122.87 -46.07 79.59
N LYS D 842 123.26 -46.53 78.41
CA LYS D 842 124.57 -46.24 77.85
C LYS D 842 124.44 -45.14 76.81
N ILE D 843 125.15 -44.03 77.01
CA ILE D 843 125.06 -42.86 76.15
C ILE D 843 126.49 -42.56 75.70
N GLY D 844 126.84 -42.98 74.49
CA GLY D 844 128.20 -42.78 74.02
C GLY D 844 129.17 -43.44 74.97
N CYS D 845 130.18 -42.67 75.39
CA CYS D 845 131.13 -43.16 76.39
C CYS D 845 130.65 -42.94 77.81
N ASN D 846 129.55 -42.23 78.02
CA ASN D 846 129.05 -41.94 79.35
C ASN D 846 127.98 -42.95 79.75
N THR D 847 127.79 -43.09 81.07
CA THR D 847 126.78 -43.95 81.63
C THR D 847 125.84 -43.12 82.50
N CYS D 848 124.54 -43.39 82.41
CA CYS D 848 123.53 -42.69 83.17
C CYS D 848 122.73 -43.68 84.01
N VAL D 849 122.40 -43.29 85.23
CA VAL D 849 121.67 -44.14 86.16
C VAL D 849 120.42 -43.40 86.62
N CYS D 850 119.28 -44.09 86.62
CA CYS D 850 118.01 -43.47 86.93
C CYS D 850 117.81 -43.34 88.44
N ARG D 851 117.92 -42.13 88.96
CA ARG D 851 117.66 -41.87 90.38
C ARG D 851 116.62 -40.77 90.52
N ASP D 852 115.51 -41.08 91.20
CA ASP D 852 114.43 -40.13 91.49
C ASP D 852 113.99 -39.38 90.23
N ARG D 853 113.57 -40.14 89.22
CA ARG D 853 113.02 -39.57 88.00
C ARG D 853 114.04 -38.73 87.22
N LYS D 854 115.26 -38.63 87.74
CA LYS D 854 116.33 -37.89 87.09
C LYS D 854 117.47 -38.83 86.71
N TRP D 855 117.91 -38.73 85.47
CA TRP D 855 119.12 -39.44 85.04
C TRP D 855 120.34 -38.76 85.63
N ASN D 856 121.22 -39.54 86.25
CA ASN D 856 122.44 -39.03 86.85
C ASN D 856 123.61 -39.63 86.07
N CYS D 857 124.31 -38.78 85.32
CA CYS D 857 125.19 -39.23 84.26
C CYS D 857 126.64 -38.90 84.59
N THR D 858 127.55 -39.74 84.10
CA THR D 858 128.96 -39.40 84.10
C THR D 858 129.22 -38.24 83.16
N ASP D 859 130.29 -37.51 83.42
CA ASP D 859 130.62 -36.28 82.69
C ASP D 859 131.90 -36.42 81.87
N HIS D 860 132.09 -37.58 81.23
CA HIS D 860 133.25 -37.76 80.37
C HIS D 860 133.02 -37.08 79.03
N VAL D 861 134.06 -36.45 78.50
CA VAL D 861 134.03 -35.91 77.15
C VAL D 861 134.45 -37.01 76.19
N CYS D 862 133.50 -37.53 75.44
CA CYS D 862 133.77 -38.66 74.56
C CYS D 862 134.51 -38.20 73.31
N ASP D 863 135.16 -39.16 72.66
CA ASP D 863 135.87 -38.89 71.43
C ASP D 863 134.92 -38.41 70.35
N ALA D 864 135.30 -37.34 69.65
CA ALA D 864 134.44 -36.73 68.65
C ALA D 864 134.94 -37.05 67.26
N THR D 865 133.99 -37.30 66.35
CA THR D 865 134.29 -37.69 64.98
C THR D 865 133.81 -36.61 64.03
N CYS D 866 134.73 -35.81 63.52
CA CYS D 866 134.41 -35.01 62.35
C CYS D 866 134.36 -35.92 61.13
N SER D 867 133.50 -35.58 60.18
CA SER D 867 133.29 -36.46 59.03
C SER D 867 132.89 -35.65 57.83
N THR D 868 133.52 -35.93 56.69
CA THR D 868 133.03 -35.46 55.42
C THR D 868 132.05 -36.49 54.89
N ILE D 869 130.78 -36.10 54.76
CA ILE D 869 129.74 -36.99 54.31
C ILE D 869 129.48 -36.70 52.85
N GLY D 870 129.70 -37.69 52.00
CA GLY D 870 129.51 -37.42 50.60
C GLY D 870 130.61 -36.56 50.01
N MET D 871 130.26 -35.79 48.99
CA MET D 871 131.23 -35.01 48.25
C MET D 871 131.25 -33.54 48.63
N ALA D 872 130.18 -33.02 49.24
CA ALA D 872 130.12 -31.60 49.53
C ALA D 872 129.55 -31.28 50.89
N HIS D 873 129.26 -32.27 51.72
CA HIS D 873 128.71 -32.03 53.06
C HIS D 873 129.74 -32.40 54.12
N TYR D 874 129.77 -31.61 55.18
CA TYR D 874 130.68 -31.81 56.29
C TYR D 874 129.88 -31.91 57.59
N LEU D 875 130.42 -32.65 58.55
CA LEU D 875 129.81 -32.73 59.87
C LEU D 875 130.89 -32.40 60.90
N THR D 876 130.71 -31.27 61.58
CA THR D 876 131.70 -30.78 62.52
C THR D 876 131.79 -31.68 63.75
N PHE D 877 132.78 -31.38 64.60
CA PHE D 877 132.96 -32.15 65.82
C PHE D 877 131.75 -32.05 66.74
N ASP D 878 131.15 -30.86 66.80
CA ASP D 878 130.01 -30.64 67.68
C ASP D 878 128.69 -31.07 67.07
N GLY D 879 128.70 -31.56 65.84
CA GLY D 879 127.50 -32.13 65.25
C GLY D 879 126.81 -31.26 64.22
N LEU D 880 127.41 -30.15 63.81
CA LEU D 880 126.82 -29.27 62.82
C LEU D 880 127.05 -29.84 61.43
N LYS D 881 125.98 -30.22 60.75
CA LYS D 881 126.05 -30.66 59.36
C LYS D 881 125.77 -29.46 58.46
N TYR D 882 126.66 -29.23 57.49
CA TYR D 882 126.51 -28.07 56.63
C TYR D 882 127.01 -28.41 55.23
N LEU D 883 126.57 -27.62 54.26
CA LEU D 883 126.87 -27.84 52.87
C LEU D 883 127.91 -26.85 52.41
N PHE D 884 128.93 -27.34 51.72
CA PHE D 884 129.97 -26.48 51.18
C PHE D 884 130.64 -27.15 49.99
N PRO D 885 130.19 -26.88 48.79
CA PRO D 885 130.91 -27.41 47.62
C PRO D 885 132.05 -26.49 47.21
N GLY D 886 133.25 -27.03 47.10
CA GLY D 886 134.39 -26.23 46.72
C GLY D 886 135.38 -27.03 45.91
N GLU D 887 136.04 -26.37 44.96
CA GLU D 887 137.05 -27.01 44.14
C GLU D 887 138.42 -27.02 44.78
N CYS D 888 138.68 -26.12 45.71
CA CYS D 888 140.03 -25.82 46.17
C CYS D 888 140.44 -26.78 47.28
N GLN D 889 141.57 -26.50 47.92
CA GLN D 889 142.03 -27.25 49.07
C GLN D 889 141.73 -26.46 50.33
N TYR D 890 141.19 -27.15 51.34
CA TYR D 890 140.69 -26.49 52.55
C TYR D 890 141.24 -27.18 53.78
N VAL D 891 141.30 -26.42 54.87
CA VAL D 891 141.74 -26.95 56.16
C VAL D 891 140.58 -27.70 56.79
N LEU D 892 140.71 -29.03 56.89
CA LEU D 892 139.68 -29.81 57.54
C LEU D 892 139.77 -29.72 59.06
N VAL D 893 140.98 -29.92 59.61
CA VAL D 893 141.24 -29.77 61.03
C VAL D 893 142.62 -29.17 61.16
N GLN D 894 142.81 -28.39 62.22
CA GLN D 894 144.07 -27.70 62.44
C GLN D 894 144.10 -27.18 63.86
N ASP D 895 145.24 -27.35 64.53
CA ASP D 895 145.46 -26.72 65.83
C ASP D 895 146.47 -25.60 65.76
N TYR D 896 147.04 -25.32 64.58
CA TYR D 896 147.88 -24.14 64.38
C TYR D 896 147.01 -22.90 64.17
N CYS D 897 146.14 -22.65 65.15
CA CYS D 897 145.30 -21.46 65.12
C CYS D 897 145.08 -20.98 66.53
N GLY D 898 144.84 -19.68 66.66
CA GLY D 898 144.80 -19.11 67.98
C GLY D 898 146.21 -19.08 68.57
N SER D 899 146.25 -19.05 69.89
CA SER D 899 147.52 -19.00 70.60
C SER D 899 148.16 -20.37 70.77
N ASN D 900 147.41 -21.44 70.53
CA ASN D 900 147.90 -22.77 70.84
C ASN D 900 149.11 -23.09 69.95
N PRO D 901 150.19 -23.64 70.52
CA PRO D 901 151.28 -24.13 69.67
C PRO D 901 150.86 -25.40 68.95
N GLY D 902 150.78 -25.32 67.62
CA GLY D 902 150.18 -26.39 66.86
C GLY D 902 151.05 -27.63 66.80
N THR D 903 150.40 -28.75 66.51
CA THR D 903 151.08 -30.03 66.37
C THR D 903 150.68 -30.79 65.12
N PHE D 904 149.51 -30.53 64.54
CA PHE D 904 149.03 -31.27 63.39
C PHE D 904 148.14 -30.37 62.56
N ARG D 905 147.99 -30.73 61.29
CA ARG D 905 147.21 -29.92 60.36
C ARG D 905 146.78 -30.81 59.22
N ILE D 906 145.47 -30.96 59.03
CA ILE D 906 144.90 -31.84 58.02
C ILE D 906 144.22 -30.99 56.97
N LEU D 907 144.60 -31.19 55.71
CA LEU D 907 144.05 -30.46 54.59
C LEU D 907 143.32 -31.43 53.67
N VAL D 908 142.17 -31.00 53.16
CA VAL D 908 141.38 -31.79 52.25
C VAL D 908 141.20 -31.02 50.94
N GLY D 909 141.51 -31.67 49.84
CA GLY D 909 141.32 -31.10 48.52
C GLY D 909 140.34 -31.91 47.71
N ASN D 910 139.48 -31.23 46.97
CA ASN D 910 138.45 -31.87 46.17
C ASN D 910 138.95 -31.97 44.73
N LYS D 911 139.03 -33.19 44.21
CA LYS D 911 139.55 -33.43 42.87
C LYS D 911 138.54 -34.24 42.07
N GLY D 912 138.25 -33.78 40.86
CA GLY D 912 137.26 -34.40 40.02
C GLY D 912 135.86 -33.87 40.17
N CYS D 913 135.57 -33.17 41.27
CA CYS D 913 134.27 -32.52 41.40
C CYS D 913 134.36 -31.40 42.43
N SER D 914 133.44 -30.48 42.31
CA SER D 914 132.93 -29.64 43.38
C SER D 914 131.43 -29.75 43.47
N HIS D 915 130.76 -29.82 42.34
CA HIS D 915 129.40 -30.31 42.27
C HIS D 915 129.50 -31.82 42.20
N PRO D 916 128.94 -32.57 43.16
CA PRO D 916 129.23 -34.01 43.25
C PRO D 916 129.07 -34.72 41.91
N SER D 917 130.07 -35.52 41.55
CA SER D 917 130.13 -36.15 40.24
C SER D 917 130.75 -37.53 40.36
N VAL D 918 130.50 -38.35 39.35
CA VAL D 918 130.86 -39.77 39.41
C VAL D 918 132.37 -39.94 39.55
N LYS D 919 133.16 -39.20 38.77
CA LYS D 919 134.60 -39.44 38.69
C LYS D 919 135.37 -38.72 39.79
N CYS D 920 134.72 -38.37 40.90
CA CYS D 920 135.33 -37.49 41.88
C CYS D 920 136.18 -38.27 42.89
N LYS D 921 137.05 -37.53 43.57
CA LYS D 921 137.90 -38.10 44.62
C LYS D 921 138.48 -36.95 45.44
N LYS D 922 138.86 -37.26 46.68
CA LYS D 922 139.41 -36.27 47.59
C LYS D 922 140.83 -36.65 47.98
N ARG D 923 141.69 -35.65 48.04
CA ARG D 923 143.07 -35.81 48.49
C ARG D 923 143.19 -35.23 49.89
N VAL D 924 143.79 -36.00 50.79
CA VAL D 924 144.03 -35.58 52.16
C VAL D 924 145.52 -35.41 52.36
N THR D 925 145.91 -34.31 52.97
CA THR D 925 147.30 -34.06 53.34
C THR D 925 147.39 -33.94 54.86
N ILE D 926 148.16 -34.81 55.48
CA ILE D 926 148.22 -34.88 56.94
C ILE D 926 149.60 -34.39 57.37
N LEU D 927 149.70 -33.11 57.70
CA LEU D 927 150.98 -32.49 58.06
C LEU D 927 151.26 -32.58 59.56
N VAL D 928 151.32 -33.79 60.09
CA VAL D 928 151.43 -33.99 61.52
C VAL D 928 152.91 -33.98 61.92
N GLU D 929 153.22 -33.15 62.92
CA GLU D 929 154.56 -33.06 63.53
C GLU D 929 155.68 -33.01 62.49
N GLY D 930 155.49 -32.17 61.48
CA GLY D 930 156.47 -31.99 60.45
C GLY D 930 156.45 -33.06 59.38
N GLY D 931 156.01 -34.27 59.72
CA GLY D 931 155.82 -35.30 58.72
C GLY D 931 154.65 -34.98 57.82
N GLU D 932 154.46 -35.83 56.83
CA GLU D 932 153.39 -35.60 55.86
C GLU D 932 152.93 -36.94 55.30
N ILE D 933 151.65 -37.24 55.48
CA ILE D 933 151.01 -38.42 54.92
C ILE D 933 149.93 -37.96 53.97
N GLU D 934 149.99 -38.40 52.73
CA GLU D 934 149.02 -38.03 51.71
C GLU D 934 148.14 -39.23 51.40
N LEU D 935 146.83 -39.04 51.43
CA LEU D 935 145.86 -40.07 51.10
C LEU D 935 145.26 -39.76 49.75
N PHE D 936 145.43 -40.67 48.80
CA PHE D 936 144.95 -40.45 47.45
C PHE D 936 144.83 -41.78 46.73
N ASP D 937 143.89 -41.85 45.79
CA ASP D 937 143.68 -43.04 44.96
C ASP D 937 143.50 -44.29 45.80
N GLY D 938 142.87 -44.14 46.96
CA GLY D 938 142.65 -45.28 47.83
C GLY D 938 143.92 -45.89 48.37
N GLU D 939 145.00 -45.13 48.43
CA GLU D 939 146.27 -45.64 48.93
C GLU D 939 146.94 -44.58 49.78
N VAL D 940 147.71 -45.03 50.75
CA VAL D 940 148.44 -44.15 51.65
C VAL D 940 149.79 -43.83 51.03
N ASN D 941 150.23 -42.58 51.18
CA ASN D 941 151.50 -42.13 50.63
C ASN D 941 152.20 -41.30 51.71
N VAL D 942 153.15 -41.90 52.41
CA VAL D 942 153.91 -41.19 53.42
C VAL D 942 155.00 -40.38 52.73
N LYS D 943 154.71 -39.12 52.42
CA LYS D 943 155.62 -38.32 51.62
C LYS D 943 156.75 -37.71 52.44
N ARG D 944 156.63 -37.69 53.77
CA ARG D 944 157.76 -37.47 54.66
C ARG D 944 157.50 -38.27 55.94
N PRO D 945 158.54 -38.74 56.61
CA PRO D 945 158.35 -39.48 57.85
C PRO D 945 158.10 -38.56 59.04
N MET D 946 157.48 -39.13 60.07
CA MET D 946 157.23 -38.42 61.31
C MET D 946 158.43 -38.53 62.25
N LYS D 947 158.45 -37.65 63.26
CA LYS D 947 159.51 -37.71 64.26
C LYS D 947 159.38 -38.94 65.15
N ASP D 948 158.16 -39.39 65.43
CA ASP D 948 157.91 -40.57 66.25
C ASP D 948 157.09 -41.54 65.42
N GLU D 949 157.77 -42.40 64.66
CA GLU D 949 157.09 -43.39 63.86
C GLU D 949 156.43 -44.49 64.69
N THR D 950 156.76 -44.57 65.98
CA THR D 950 156.09 -45.52 66.86
C THR D 950 154.67 -45.07 67.19
N HIS D 951 154.48 -43.76 67.38
CA HIS D 951 153.12 -43.24 67.51
C HIS D 951 152.33 -43.43 66.22
N PHE D 952 152.99 -43.24 65.08
CA PHE D 952 152.33 -43.43 63.79
C PHE D 952 152.02 -44.91 63.56
N GLU D 953 150.89 -45.16 62.88
CA GLU D 953 150.53 -46.50 62.46
C GLU D 953 149.41 -46.39 61.45
N VAL D 954 149.37 -47.35 60.52
CA VAL D 954 148.34 -47.43 59.50
C VAL D 954 147.73 -48.82 59.56
N VAL D 955 146.41 -48.88 59.68
CA VAL D 955 145.68 -50.14 59.70
C VAL D 955 144.67 -50.13 58.57
N GLU D 956 144.68 -51.19 57.78
CA GLU D 956 143.71 -51.37 56.70
C GLU D 956 142.72 -52.45 57.12
N SER D 957 141.44 -52.10 57.13
CA SER D 957 140.41 -53.02 57.60
C SER D 957 139.11 -52.69 56.90
N GLY D 958 138.42 -53.74 56.48
CA GLY D 958 137.19 -53.56 55.71
C GLY D 958 137.42 -52.62 54.56
N ARG D 959 136.51 -51.66 54.41
CA ARG D 959 136.62 -50.67 53.35
C ARG D 959 137.55 -49.53 53.70
N TYR D 960 138.10 -49.50 54.92
CA TYR D 960 138.67 -48.28 55.48
C TYR D 960 140.16 -48.41 55.69
N ILE D 961 140.84 -47.27 55.61
CA ILE D 961 142.20 -47.12 56.09
C ILE D 961 142.14 -46.36 57.41
N ILE D 962 142.74 -46.92 58.45
CA ILE D 962 142.73 -46.32 59.78
C ILE D 962 144.15 -45.89 60.12
N LEU D 963 144.35 -44.59 60.29
CA LEU D 963 145.64 -44.03 60.64
C LEU D 963 145.62 -43.59 62.09
N LEU D 964 146.61 -44.01 62.86
CA LEU D 964 146.83 -43.50 64.20
C LEU D 964 147.99 -42.51 64.15
N LEU D 965 147.69 -41.24 64.43
CA LEU D 965 148.66 -40.18 64.36
C LEU D 965 149.12 -39.73 65.74
N GLY D 966 148.80 -40.49 66.77
CA GLY D 966 149.13 -40.11 68.13
C GLY D 966 148.18 -40.80 69.09
N LYS D 967 148.37 -40.48 70.37
CA LYS D 967 147.51 -41.07 71.40
C LYS D 967 146.13 -40.44 71.40
N ALA D 968 145.97 -39.25 70.81
CA ALA D 968 144.73 -38.51 70.86
C ALA D 968 144.17 -38.12 69.51
N LEU D 969 144.82 -38.52 68.41
CA LEU D 969 144.40 -38.14 67.08
C LEU D 969 144.39 -39.37 66.18
N SER D 970 143.34 -39.52 65.38
CA SER D 970 143.22 -40.63 64.46
C SER D 970 142.39 -40.21 63.27
N VAL D 971 142.59 -40.88 62.15
CA VAL D 971 141.87 -40.61 60.92
C VAL D 971 141.33 -41.92 60.36
N VAL D 972 140.07 -41.93 59.98
CA VAL D 972 139.43 -43.08 59.33
C VAL D 972 138.95 -42.64 57.96
N TRP D 973 139.32 -43.40 56.94
CA TRP D 973 139.09 -43.00 55.55
C TRP D 973 138.59 -44.21 54.79
N ASP D 974 137.42 -44.08 54.15
CA ASP D 974 136.84 -45.17 53.38
C ASP D 974 137.50 -45.37 52.03
N ARG D 975 138.62 -44.70 51.77
CA ARG D 975 139.45 -44.80 50.58
C ARG D 975 138.84 -44.08 49.39
N HIS D 976 137.61 -43.59 49.47
CA HIS D 976 137.06 -42.81 48.37
C HIS D 976 136.70 -41.39 48.76
N LEU D 977 135.77 -41.19 49.68
CA LEU D 977 135.28 -39.85 49.99
C LEU D 977 135.19 -39.55 51.48
N SER D 978 134.76 -40.52 52.28
CA SER D 978 134.32 -40.25 53.65
C SER D 978 135.53 -40.21 54.57
N ILE D 979 136.12 -39.04 54.69
CA ILE D 979 137.18 -38.80 55.65
C ILE D 979 136.57 -38.54 57.01
N SER D 980 137.14 -39.16 58.04
CA SER D 980 136.69 -38.94 59.41
C SER D 980 137.89 -38.72 60.30
N VAL D 981 137.86 -37.67 61.10
CA VAL D 981 138.92 -37.34 62.04
C VAL D 981 138.38 -37.49 63.44
N VAL D 982 139.09 -38.24 64.27
CA VAL D 982 138.66 -38.53 65.63
C VAL D 982 139.65 -37.90 66.59
N LEU D 983 139.13 -37.11 67.52
CA LEU D 983 139.95 -36.41 68.51
C LEU D 983 139.50 -36.81 69.91
N LYS D 984 140.47 -37.08 70.77
CA LYS D 984 140.17 -37.27 72.17
C LYS D 984 140.10 -35.91 72.88
N GLN D 985 139.64 -35.94 74.13
CA GLN D 985 139.30 -34.71 74.84
C GLN D 985 140.48 -33.77 74.99
N THR D 986 141.71 -34.27 74.89
CA THR D 986 142.87 -33.41 75.09
C THR D 986 142.96 -32.30 74.04
N TYR D 987 142.33 -32.48 72.89
CA TYR D 987 142.35 -31.48 71.83
C TYR D 987 141.17 -30.53 71.89
N GLN D 988 140.39 -30.56 72.96
CA GLN D 988 139.18 -29.74 73.03
C GLN D 988 139.55 -28.27 73.14
N GLU D 989 138.78 -27.43 72.46
CA GLU D 989 138.90 -25.97 72.47
C GLU D 989 140.12 -25.50 71.69
N LYS D 990 140.89 -26.40 71.09
CA LYS D 990 142.15 -26.06 70.46
C LYS D 990 142.13 -26.14 68.96
N VAL D 991 141.34 -27.03 68.38
CA VAL D 991 141.34 -27.25 66.95
C VAL D 991 140.42 -26.25 66.27
N CYS D 992 140.58 -26.12 64.96
CA CYS D 992 139.73 -25.24 64.16
C CYS D 992 139.64 -25.82 62.75
N GLY D 993 139.16 -25.01 61.82
CA GLY D 993 138.99 -25.47 60.45
C GLY D 993 137.55 -25.75 60.11
N LEU D 994 137.37 -26.44 58.97
CA LEU D 994 136.03 -26.77 58.53
C LEU D 994 135.28 -27.65 59.52
N CYS D 995 136.00 -28.42 60.33
CA CYS D 995 135.37 -29.23 61.36
C CYS D 995 134.97 -28.42 62.58
N GLY D 996 135.31 -27.14 62.63
CA GLY D 996 134.92 -26.30 63.74
C GLY D 996 135.78 -26.51 64.97
N ASN D 997 135.59 -25.63 65.94
CA ASN D 997 136.31 -25.70 67.21
C ASN D 997 135.59 -26.67 68.12
N PHE D 998 136.23 -27.80 68.41
CA PHE D 998 135.67 -28.80 69.30
C PHE D 998 135.56 -28.24 70.71
N ASP D 999 134.34 -27.86 71.07
CA ASP D 999 134.01 -27.34 72.39
C ASP D 999 132.66 -27.79 72.92
N GLY D 1000 131.94 -28.63 72.19
CA GLY D 1000 130.60 -29.04 72.55
C GLY D 1000 129.50 -28.07 72.19
N ILE D 1001 129.81 -26.97 71.51
CA ILE D 1001 128.85 -25.95 71.12
C ILE D 1001 128.75 -25.92 69.61
N GLN D 1002 127.53 -25.97 69.09
CA GLN D 1002 127.33 -25.99 67.65
C GLN D 1002 127.29 -24.59 67.06
N ASN D 1003 126.72 -23.63 67.80
CA ASN D 1003 126.43 -22.32 67.22
C ASN D 1003 127.68 -21.61 66.74
N ASN D 1004 128.84 -21.91 67.32
CA ASN D 1004 130.07 -21.22 67.00
C ASN D 1004 130.94 -21.95 65.99
N ASP D 1005 130.43 -23.02 65.38
CA ASP D 1005 131.28 -23.84 64.53
C ASP D 1005 131.56 -23.19 63.18
N LEU D 1006 130.77 -22.22 62.77
CA LEU D 1006 131.02 -21.54 61.51
C LEU D 1006 131.96 -20.36 61.67
N THR D 1007 132.76 -20.37 62.73
CA THR D 1007 133.79 -19.36 62.94
C THR D 1007 134.77 -19.36 61.78
N SER D 1008 134.83 -18.27 61.04
CA SER D 1008 135.76 -18.17 59.93
C SER D 1008 137.19 -18.24 60.45
N SER D 1009 138.13 -18.39 59.51
CA SER D 1009 139.53 -18.39 59.88
C SER D 1009 139.93 -17.06 60.49
N ASN D 1010 139.22 -15.99 60.16
CA ASN D 1010 139.42 -14.67 60.75
C ASN D 1010 138.57 -14.43 61.99
N LEU D 1011 138.10 -15.49 62.65
CA LEU D 1011 137.47 -15.47 63.97
C LEU D 1011 136.05 -14.93 63.96
N GLN D 1012 135.52 -14.54 62.81
CA GLN D 1012 134.16 -14.04 62.70
C GLN D 1012 133.21 -15.17 62.33
N VAL D 1013 132.13 -15.30 63.10
CA VAL D 1013 131.13 -16.33 62.84
C VAL D 1013 130.29 -15.91 61.65
N GLU D 1014 130.03 -16.85 60.73
CA GLU D 1014 129.32 -16.58 59.49
C GLU D 1014 127.98 -17.28 59.49
N GLU D 1015 126.96 -16.59 58.97
CA GLU D 1015 125.65 -17.21 58.85
C GLU D 1015 125.60 -18.21 57.70
N ASP D 1016 126.44 -18.03 56.69
CA ASP D 1016 126.44 -18.86 55.50
C ASP D 1016 127.67 -19.74 55.49
N PRO D 1017 127.52 -21.06 55.39
CA PRO D 1017 128.70 -21.93 55.36
C PRO D 1017 129.61 -21.69 54.17
N VAL D 1018 129.10 -21.10 53.09
CA VAL D 1018 129.94 -20.85 51.92
C VAL D 1018 131.06 -19.88 52.27
N ASP D 1019 130.71 -18.77 52.94
CA ASP D 1019 131.72 -17.81 53.34
C ASP D 1019 132.72 -18.42 54.31
N PHE D 1020 132.22 -19.22 55.25
CA PHE D 1020 133.11 -19.91 56.20
C PHE D 1020 134.12 -20.78 55.48
N GLY D 1021 133.65 -21.64 54.58
CA GLY D 1021 134.56 -22.48 53.82
C GLY D 1021 135.53 -21.69 52.97
N ASN D 1022 135.04 -20.65 52.30
CA ASN D 1022 135.92 -19.79 51.51
C ASN D 1022 136.99 -19.18 52.39
N SER D 1023 136.65 -18.86 53.63
CA SER D 1023 137.64 -18.34 54.56
C SER D 1023 138.65 -19.41 54.96
N TRP D 1024 138.30 -20.69 54.83
CA TRP D 1024 139.24 -21.75 55.19
C TRP D 1024 139.98 -22.36 53.99
N LYS D 1025 139.99 -21.70 52.84
CA LYS D 1025 140.74 -22.24 51.71
C LYS D 1025 142.23 -21.98 51.89
N VAL D 1026 143.05 -23.00 51.64
CA VAL D 1026 144.48 -22.92 51.90
C VAL D 1026 145.14 -21.93 50.94
N SER D 1027 144.85 -22.05 49.64
CA SER D 1027 145.50 -21.25 48.62
C SER D 1027 144.61 -20.05 48.30
N SER D 1028 145.16 -18.85 48.44
CA SER D 1028 144.39 -17.64 48.21
C SER D 1028 144.02 -17.48 46.74
N GLN D 1029 144.91 -17.86 45.83
CA GLN D 1029 144.67 -17.64 44.41
C GLN D 1029 143.51 -18.47 43.89
N CYS D 1030 143.10 -19.52 44.60
CA CYS D 1030 142.07 -20.41 44.11
C CYS D 1030 140.70 -19.74 44.17
N ALA D 1031 139.76 -20.31 43.44
CA ALA D 1031 138.46 -19.68 43.26
C ALA D 1031 137.59 -19.83 44.49
N ASP D 1032 136.65 -18.91 44.65
CA ASP D 1032 135.68 -18.97 45.73
C ASP D 1032 134.40 -19.64 45.28
N THR D 1033 133.73 -20.29 46.22
CA THR D 1033 132.40 -20.83 45.94
C THR D 1033 131.40 -19.69 45.79
N ARG D 1034 130.47 -19.83 44.87
CA ARG D 1034 129.71 -18.69 44.36
C ARG D 1034 128.41 -18.43 45.10
N LYS D 1035 128.02 -19.26 46.07
CA LYS D 1035 126.74 -19.14 46.76
C LYS D 1035 125.57 -19.19 45.75
N VAL D 1036 125.44 -20.35 45.12
CA VAL D 1036 124.35 -20.61 44.18
C VAL D 1036 123.03 -20.46 44.92
N PRO D 1037 121.95 -19.99 44.28
CA PRO D 1037 120.67 -19.89 45.00
C PRO D 1037 120.23 -21.23 45.55
N LEU D 1038 119.57 -21.18 46.71
CA LEU D 1038 119.27 -22.36 47.50
C LEU D 1038 117.98 -23.03 47.01
N ASP D 1039 118.08 -23.66 45.85
CA ASP D 1039 116.94 -24.37 45.30
C ASP D 1039 116.57 -25.56 46.18
N SER D 1040 115.28 -25.93 46.15
CA SER D 1040 114.81 -27.05 46.96
C SER D 1040 115.45 -28.36 46.55
N SER D 1041 115.95 -28.46 45.32
CA SER D 1041 116.70 -29.62 44.87
C SER D 1041 117.87 -29.14 44.03
N PRO D 1042 118.95 -29.89 43.98
CA PRO D 1042 120.14 -29.44 43.24
C PRO D 1042 119.89 -29.29 41.75
N ALA D 1043 120.91 -28.83 41.03
CA ALA D 1043 120.84 -28.84 39.57
C ALA D 1043 120.68 -30.27 39.08
N THR D 1044 119.91 -30.44 38.01
CA THR D 1044 119.52 -31.70 37.39
C THR D 1044 118.43 -32.42 38.18
N CYS D 1045 117.98 -31.85 39.31
CA CYS D 1045 116.70 -32.19 39.88
C CYS D 1045 115.79 -30.97 40.02
N HIS D 1046 116.33 -29.76 39.87
CA HIS D 1046 115.50 -28.56 39.94
C HIS D 1046 114.44 -28.56 38.86
N ASN D 1047 114.80 -28.99 37.65
CA ASN D 1047 113.89 -29.03 36.51
C ASN D 1047 113.76 -30.43 35.92
N ASN D 1048 114.06 -31.46 36.70
CA ASN D 1048 113.96 -32.85 36.24
C ASN D 1048 113.13 -33.63 37.24
N ILE D 1049 111.82 -33.61 37.06
CA ILE D 1049 110.93 -34.39 37.91
C ILE D 1049 110.95 -35.84 37.43
N MET D 1050 110.62 -36.75 38.33
CA MET D 1050 110.72 -38.20 38.17
C MET D 1050 112.17 -38.64 38.32
N LYS D 1051 113.12 -37.71 38.35
CA LYS D 1051 114.43 -38.00 38.90
C LYS D 1051 114.52 -37.56 40.35
N GLN D 1052 113.90 -36.42 40.67
CA GLN D 1052 113.85 -35.97 42.05
C GLN D 1052 113.16 -36.99 42.92
N THR D 1053 112.03 -37.53 42.45
CA THR D 1053 111.28 -38.49 43.25
C THR D 1053 111.93 -39.87 43.26
N MET D 1054 112.56 -40.29 42.18
CA MET D 1054 113.33 -41.53 42.26
C MET D 1054 114.44 -41.41 43.28
N VAL D 1055 115.16 -40.29 43.27
CA VAL D 1055 116.21 -40.06 44.27
C VAL D 1055 115.62 -40.10 45.66
N ASP D 1056 114.49 -39.41 45.86
CA ASP D 1056 113.88 -39.36 47.18
C ASP D 1056 113.50 -40.76 47.66
N SER D 1057 112.75 -41.49 46.85
CA SER D 1057 112.26 -42.80 47.28
C SER D 1057 113.39 -43.80 47.44
N SER D 1058 114.47 -43.66 46.69
CA SER D 1058 115.61 -44.56 46.87
C SER D 1058 116.40 -44.20 48.12
N CYS D 1059 116.52 -42.90 48.42
CA CYS D 1059 117.21 -42.50 49.65
C CYS D 1059 116.39 -42.81 50.89
N ARG D 1060 115.07 -42.99 50.74
CA ARG D 1060 114.27 -43.38 51.89
C ARG D 1060 114.67 -44.74 52.45
N ILE D 1061 115.59 -45.45 51.81
CA ILE D 1061 116.15 -46.67 52.39
C ILE D 1061 116.64 -46.43 53.81
N LEU D 1062 117.05 -45.19 54.11
CA LEU D 1062 117.46 -44.83 55.45
C LEU D 1062 116.33 -45.01 56.45
N THR D 1063 115.08 -44.95 55.99
CA THR D 1063 113.91 -45.10 56.84
C THR D 1063 113.42 -46.56 56.89
N SER D 1064 113.98 -47.45 56.07
CA SER D 1064 113.46 -48.79 55.95
C SER D 1064 113.64 -49.57 57.26
N ASP D 1065 113.16 -50.81 57.26
CA ASP D 1065 113.12 -51.61 58.48
C ASP D 1065 114.51 -51.85 59.05
N VAL D 1066 115.49 -52.14 58.19
CA VAL D 1066 116.82 -52.47 58.69
C VAL D 1066 117.41 -51.28 59.45
N PHE D 1067 117.15 -50.07 58.98
CA PHE D 1067 117.60 -48.87 59.65
C PHE D 1067 116.62 -48.36 60.70
N GLN D 1068 115.43 -48.95 60.78
CA GLN D 1068 114.37 -48.38 61.61
C GLN D 1068 114.75 -48.38 63.07
N ASP D 1069 115.56 -49.33 63.50
CA ASP D 1069 115.97 -49.35 64.90
C ASP D 1069 117.13 -48.39 65.16
N CYS D 1070 117.96 -48.12 64.16
CA CYS D 1070 118.99 -47.10 64.31
C CYS D 1070 118.37 -45.71 64.39
N ASN D 1071 117.29 -45.46 63.64
CA ASN D 1071 116.68 -44.15 63.62
C ASN D 1071 116.19 -43.71 64.99
N LYS D 1072 116.00 -44.65 65.91
CA LYS D 1072 115.68 -44.25 67.28
C LYS D 1072 116.88 -43.61 67.95
N LEU D 1073 118.08 -44.05 67.63
CA LEU D 1073 119.29 -43.51 68.23
C LEU D 1073 119.89 -42.35 67.47
N VAL D 1074 119.78 -42.35 66.15
CA VAL D 1074 120.41 -41.34 65.30
C VAL D 1074 119.35 -40.75 64.39
N ASP D 1075 119.46 -39.47 64.11
CA ASP D 1075 118.51 -38.82 63.22
C ASP D 1075 118.90 -39.05 61.77
N PRO D 1076 118.06 -39.69 60.96
CA PRO D 1076 118.42 -39.94 59.56
C PRO D 1076 118.23 -38.74 58.65
N GLU D 1077 117.54 -37.70 59.11
CA GLU D 1077 117.21 -36.59 58.21
C GLU D 1077 118.44 -35.91 57.61
N PRO D 1078 119.49 -35.57 58.37
CA PRO D 1078 120.68 -34.99 57.73
C PRO D 1078 121.26 -35.90 56.66
N TYR D 1079 121.37 -37.19 56.95
CA TYR D 1079 121.94 -38.11 55.99
C TYR D 1079 120.99 -38.31 54.81
N LEU D 1080 119.69 -38.22 55.03
CA LEU D 1080 118.76 -38.24 53.91
C LEU D 1080 118.98 -37.05 52.99
N ASP D 1081 119.19 -35.87 53.57
CA ASP D 1081 119.47 -34.69 52.77
C ASP D 1081 120.77 -34.86 51.98
N VAL D 1082 121.82 -35.38 52.62
CA VAL D 1082 123.07 -35.62 51.93
C VAL D 1082 122.86 -36.61 50.78
N CYS D 1083 122.11 -37.68 51.04
CA CYS D 1083 121.84 -38.68 50.01
C CYS D 1083 121.16 -38.03 48.81
N ILE D 1084 120.12 -37.25 49.05
CA ILE D 1084 119.39 -36.63 47.95
C ILE D 1084 120.30 -35.69 47.17
N TYR D 1085 121.05 -34.84 47.88
CA TYR D 1085 121.91 -33.87 47.23
C TYR D 1085 122.94 -34.57 46.34
N ASP D 1086 123.67 -35.53 46.92
CA ASP D 1086 124.72 -36.18 46.17
C ASP D 1086 124.16 -37.01 45.02
N THR D 1087 122.98 -37.57 45.19
CA THR D 1087 122.43 -38.42 44.14
C THR D 1087 121.93 -37.60 42.96
N CYS D 1088 121.30 -36.45 43.22
CA CYS D 1088 121.01 -35.54 42.12
C CYS D 1088 122.28 -35.08 41.43
N SER D 1089 123.25 -34.60 42.22
CA SER D 1089 124.43 -34.00 41.60
C SER D 1089 125.24 -35.03 40.81
N CYS D 1090 125.29 -36.27 41.29
CA CYS D 1090 126.16 -37.28 40.69
C CYS D 1090 125.61 -37.79 39.38
N GLU D 1091 124.35 -38.25 39.38
CA GLU D 1091 123.77 -39.04 38.30
C GLU D 1091 124.78 -40.03 37.74
N SER D 1092 125.23 -40.92 38.63
CA SER D 1092 126.32 -41.83 38.32
C SER D 1092 125.89 -42.84 37.27
N ILE D 1093 126.88 -43.51 36.69
CA ILE D 1093 126.65 -44.39 35.55
C ILE D 1093 126.93 -45.85 35.87
N GLY D 1094 128.20 -46.17 36.09
CA GLY D 1094 128.59 -47.55 36.23
C GLY D 1094 128.72 -47.95 37.68
N ASP D 1095 129.41 -47.14 38.45
CA ASP D 1095 129.47 -47.31 39.89
C ASP D 1095 128.41 -46.41 40.51
N CYS D 1096 127.59 -46.99 41.38
CA CYS D 1096 126.53 -46.28 42.07
C CYS D 1096 127.03 -45.64 43.36
N ALA D 1097 128.30 -45.24 43.37
CA ALA D 1097 129.06 -45.02 44.60
C ALA D 1097 128.52 -43.87 45.43
N CYS D 1098 127.97 -42.82 44.80
CA CYS D 1098 127.50 -41.68 45.58
C CYS D 1098 126.42 -42.11 46.57
N PHE D 1099 125.37 -42.72 46.05
CA PHE D 1099 124.27 -43.23 46.88
C PHE D 1099 124.78 -44.23 47.90
N CYS D 1100 125.51 -45.24 47.43
CA CYS D 1100 125.94 -46.32 48.29
C CYS D 1100 126.84 -45.81 49.40
N ASP D 1101 127.70 -44.85 49.10
CA ASP D 1101 128.61 -44.31 50.11
C ASP D 1101 127.87 -43.47 51.12
N THR D 1102 126.85 -42.73 50.71
CA THR D 1102 126.04 -42.02 51.71
C THR D 1102 125.34 -42.98 52.64
N ILE D 1103 124.72 -44.03 52.09
CA ILE D 1103 124.07 -45.02 52.94
C ILE D 1103 125.08 -45.70 53.84
N ALA D 1104 126.29 -45.93 53.32
CA ALA D 1104 127.33 -46.58 54.11
C ALA D 1104 127.79 -45.67 55.24
N ALA D 1105 127.83 -44.36 55.01
CA ALA D 1105 128.16 -43.44 56.09
C ALA D 1105 127.12 -43.49 57.20
N TYR D 1106 125.84 -43.51 56.83
CA TYR D 1106 124.82 -43.62 57.86
C TYR D 1106 124.94 -44.94 58.61
N ALA D 1107 125.20 -46.03 57.89
CA ALA D 1107 125.37 -47.32 58.54
C ALA D 1107 126.58 -47.34 59.45
N HIS D 1108 127.65 -46.62 59.06
CA HIS D 1108 128.82 -46.51 59.90
C HIS D 1108 128.51 -45.80 61.20
N VAL D 1109 127.74 -44.71 61.14
CA VAL D 1109 127.32 -44.02 62.35
C VAL D 1109 126.48 -44.95 63.23
N CYS D 1110 125.53 -45.66 62.62
CA CYS D 1110 124.72 -46.61 63.37
C CYS D 1110 125.59 -47.65 64.05
N ALA D 1111 126.58 -48.19 63.35
CA ALA D 1111 127.47 -49.17 63.95
C ALA D 1111 128.24 -48.58 65.12
N GLN D 1112 128.68 -47.33 64.99
CA GLN D 1112 129.31 -46.67 66.13
C GLN D 1112 128.38 -46.63 67.33
N HIS D 1113 127.09 -46.40 67.10
CA HIS D 1113 126.12 -46.42 68.18
C HIS D 1113 125.63 -47.82 68.52
N GLY D 1114 126.36 -48.86 68.11
CA GLY D 1114 126.01 -50.22 68.46
C GLY D 1114 124.93 -50.86 67.62
N LYS D 1115 124.27 -50.10 66.75
CA LYS D 1115 123.23 -50.64 65.87
C LYS D 1115 123.85 -51.05 64.54
N VAL D 1116 124.41 -52.27 64.52
CA VAL D 1116 124.95 -52.81 63.28
C VAL D 1116 123.80 -53.17 62.35
N VAL D 1117 123.86 -52.69 61.11
CA VAL D 1117 122.77 -52.81 60.16
C VAL D 1117 123.28 -53.52 58.90
N THR D 1118 122.53 -54.53 58.46
CA THR D 1118 122.88 -55.32 57.29
C THR D 1118 122.13 -54.82 56.06
N TRP D 1119 122.55 -53.66 55.58
CA TRP D 1119 121.79 -52.99 54.53
C TRP D 1119 122.15 -53.43 53.11
N ARG D 1120 123.30 -54.08 52.92
CA ARG D 1120 123.69 -54.53 51.59
C ARG D 1120 122.76 -55.64 51.12
N THR D 1121 122.49 -55.66 49.82
CA THR D 1121 121.76 -56.74 49.17
C THR D 1121 122.34 -56.92 47.79
N ALA D 1122 122.08 -58.10 47.20
CA ALA D 1122 122.57 -58.37 45.86
C ALA D 1122 122.00 -57.41 44.83
N THR D 1123 120.83 -56.84 45.11
CA THR D 1123 120.18 -55.91 44.19
C THR D 1123 120.35 -54.46 44.60
N LEU D 1124 121.00 -54.19 45.73
CA LEU D 1124 121.19 -52.81 46.19
C LEU D 1124 122.62 -52.69 46.71
N CYS D 1125 123.43 -51.92 46.01
CA CYS D 1125 124.80 -51.63 46.41
C CYS D 1125 125.56 -52.90 46.80
N PRO D 1126 125.59 -53.91 45.93
CA PRO D 1126 126.28 -55.16 46.30
C PRO D 1126 127.77 -54.97 46.45
N GLN D 1127 128.36 -55.79 47.31
CA GLN D 1127 129.80 -55.82 47.50
C GLN D 1127 130.24 -57.27 47.59
N SER D 1128 131.37 -57.58 46.96
CA SER D 1128 131.90 -58.93 46.92
C SER D 1128 133.36 -58.92 47.32
N CYS D 1129 133.76 -59.95 48.07
CA CYS D 1129 135.14 -60.15 48.48
C CYS D 1129 135.78 -61.33 47.78
N GLU D 1130 135.04 -61.98 46.88
CA GLU D 1130 135.48 -63.17 46.18
C GLU D 1130 136.77 -62.97 45.38
N GLU D 1131 137.09 -61.73 45.03
CA GLU D 1131 138.34 -61.46 44.31
C GLU D 1131 139.56 -61.85 45.13
N ARG D 1132 139.45 -61.80 46.46
CA ARG D 1132 140.53 -62.17 47.34
C ARG D 1132 140.59 -63.67 47.60
N ASN D 1133 139.51 -64.39 47.29
CA ASN D 1133 139.45 -65.83 47.51
C ASN D 1133 139.92 -66.64 46.32
N LEU D 1134 139.61 -66.21 45.09
CA LEU D 1134 140.20 -66.81 43.90
C LEU D 1134 141.69 -66.52 43.85
N ARG D 1135 142.48 -67.56 43.57
CA ARG D 1135 143.91 -67.54 43.84
C ARG D 1135 144.57 -68.62 43.00
N GLU D 1136 145.91 -68.64 43.02
CA GLU D 1136 146.67 -69.57 42.20
C GLU D 1136 146.50 -71.01 42.67
N ASN D 1137 146.11 -71.19 43.93
CA ASN D 1137 145.67 -72.48 44.47
C ASN D 1137 144.35 -72.94 43.87
N GLY D 1138 143.65 -72.08 43.13
CA GLY D 1138 142.26 -72.30 42.79
C GLY D 1138 141.35 -71.36 43.55
N TYR D 1139 140.60 -71.88 44.52
CA TYR D 1139 139.76 -71.02 45.35
C TYR D 1139 139.85 -71.47 46.80
N GLU D 1140 140.10 -70.51 47.69
CA GLU D 1140 140.01 -70.74 49.13
C GLU D 1140 139.35 -69.51 49.74
N CYS D 1141 138.39 -69.74 50.63
CA CYS D 1141 137.29 -68.81 50.87
C CYS D 1141 137.35 -68.14 52.24
N GLU D 1142 138.55 -67.70 52.63
CA GLU D 1142 138.73 -67.07 53.94
C GLU D 1142 138.07 -65.69 54.03
N TRP D 1143 138.08 -64.90 52.95
CA TRP D 1143 137.49 -63.57 52.98
C TRP D 1143 135.96 -63.61 52.80
N ARG D 1144 135.26 -62.93 53.71
CA ARG D 1144 133.83 -62.65 53.58
C ARG D 1144 133.61 -61.16 53.68
N TYR D 1145 132.57 -60.67 53.01
CA TYR D 1145 131.95 -59.42 53.45
C TYR D 1145 131.29 -59.63 54.80
N ASN D 1146 131.46 -58.66 55.69
CA ASN D 1146 130.75 -58.61 56.96
C ASN D 1146 130.17 -57.21 57.13
N SER D 1147 128.94 -57.14 57.65
CA SER D 1147 128.29 -55.84 57.84
C SER D 1147 129.19 -54.88 58.59
N CYS D 1148 129.78 -55.35 59.69
CA CYS D 1148 130.91 -54.67 60.28
C CYS D 1148 131.69 -55.70 61.07
N ALA D 1149 133.01 -55.64 60.95
CA ALA D 1149 133.92 -56.51 61.66
C ALA D 1149 134.79 -55.69 62.60
N PRO D 1150 135.39 -56.31 63.62
CA PRO D 1150 136.29 -55.57 64.50
C PRO D 1150 137.38 -54.86 63.70
N ALA D 1151 137.62 -53.61 64.06
CA ALA D 1151 138.33 -52.71 63.15
C ALA D 1151 139.81 -53.02 63.08
N CYS D 1152 140.44 -53.35 64.20
CA CYS D 1152 141.89 -53.33 64.29
C CYS D 1152 142.41 -54.69 64.76
N GLN D 1153 142.06 -55.72 63.99
CA GLN D 1153 142.46 -57.09 64.29
C GLN D 1153 143.98 -57.21 64.37
N VAL D 1154 144.43 -58.30 64.99
CA VAL D 1154 145.84 -58.65 65.02
C VAL D 1154 146.23 -59.24 63.68
N THR D 1155 147.45 -58.95 63.23
CA THR D 1155 147.97 -59.46 61.97
C THR D 1155 149.47 -59.68 62.11
N CYS D 1156 150.05 -60.30 61.09
CA CYS D 1156 151.50 -60.46 61.05
C CYS D 1156 152.22 -59.13 61.01
N GLN D 1157 151.57 -58.07 60.54
CA GLN D 1157 152.15 -56.74 60.55
C GLN D 1157 151.79 -55.95 61.80
N HIS D 1158 150.74 -56.35 62.52
CA HIS D 1158 150.34 -55.72 63.77
C HIS D 1158 150.10 -56.81 64.82
N PRO D 1159 151.16 -57.53 65.21
CA PRO D 1159 150.98 -58.61 66.19
C PRO D 1159 150.41 -58.15 67.51
N GLU D 1160 150.78 -56.97 67.97
CA GLU D 1160 150.27 -56.48 69.23
C GLU D 1160 148.91 -55.80 69.01
N PRO D 1161 148.00 -55.91 69.97
CA PRO D 1161 146.74 -55.16 69.86
C PRO D 1161 147.00 -53.68 70.11
N LEU D 1162 146.32 -52.85 69.33
CA LEU D 1162 146.51 -51.40 69.37
C LEU D 1162 145.16 -50.71 69.39
N ALA D 1163 145.02 -49.74 70.29
CA ALA D 1163 143.76 -49.03 70.43
C ALA D 1163 143.52 -48.15 69.20
N CYS D 1164 142.28 -48.12 68.74
CA CYS D 1164 141.91 -47.38 67.55
C CYS D 1164 140.47 -46.91 67.68
N PRO D 1165 140.10 -45.80 67.02
CA PRO D 1165 138.88 -45.09 67.41
C PRO D 1165 137.60 -45.87 67.23
N VAL D 1166 137.45 -46.60 66.13
CA VAL D 1166 136.17 -47.21 65.78
C VAL D 1166 136.21 -48.69 66.11
N GLN D 1167 135.16 -49.18 66.77
CA GLN D 1167 135.13 -50.56 67.20
C GLN D 1167 134.87 -51.51 66.04
N CYS D 1168 133.97 -51.14 65.13
CA CYS D 1168 133.48 -52.08 64.13
C CYS D 1168 133.29 -51.33 62.82
N VAL D 1169 133.82 -51.88 61.73
CA VAL D 1169 133.80 -51.22 60.42
C VAL D 1169 133.36 -52.21 59.35
N GLU D 1170 132.64 -51.70 58.36
CA GLU D 1170 132.16 -52.52 57.25
C GLU D 1170 133.31 -52.89 56.32
N GLY D 1171 133.16 -54.02 55.64
CA GLY D 1171 134.05 -54.39 54.56
C GLY D 1171 134.49 -55.84 54.60
N CYS D 1172 135.37 -56.22 53.68
CA CYS D 1172 135.90 -57.57 53.64
C CYS D 1172 136.69 -57.90 54.89
N HIS D 1173 136.38 -59.05 55.49
CA HIS D 1173 137.02 -59.51 56.71
C HIS D 1173 137.45 -60.94 56.50
N ALA D 1174 138.71 -61.25 56.84
CA ALA D 1174 139.24 -62.60 56.73
C ALA D 1174 138.88 -63.40 57.97
N HIS D 1175 138.14 -64.48 57.78
CA HIS D 1175 137.76 -65.40 58.85
C HIS D 1175 138.56 -66.70 58.70
N CYS D 1176 139.28 -67.08 59.74
CA CYS D 1176 140.15 -68.24 59.69
C CYS D 1176 140.30 -68.82 61.09
N PRO D 1177 140.81 -70.06 61.21
CA PRO D 1177 140.61 -70.83 62.46
C PRO D 1177 141.40 -70.25 63.64
N PRO D 1178 141.20 -70.81 64.84
CA PRO D 1178 141.91 -70.30 66.02
C PRO D 1178 143.42 -70.45 65.89
N GLY D 1179 144.15 -69.55 66.56
CA GLY D 1179 145.59 -69.53 66.50
C GLY D 1179 146.18 -69.10 65.18
N LYS D 1180 145.36 -69.02 64.13
CA LYS D 1180 145.80 -68.62 62.81
C LYS D 1180 145.72 -67.10 62.68
N ILE D 1181 146.69 -66.50 62.01
CA ILE D 1181 146.84 -65.05 61.95
C ILE D 1181 146.92 -64.60 60.50
N LEU D 1182 146.27 -63.48 60.18
CA LEU D 1182 146.34 -62.89 58.86
C LEU D 1182 147.71 -62.27 58.60
N ASP D 1183 148.22 -62.48 57.38
CA ASP D 1183 149.34 -61.69 56.86
C ASP D 1183 148.80 -60.70 55.84
N GLU D 1184 149.00 -59.41 56.10
CA GLU D 1184 148.49 -58.36 55.22
C GLU D 1184 149.22 -58.33 53.87
N LEU D 1185 150.49 -58.75 53.83
CA LEU D 1185 151.19 -58.81 52.55
C LEU D 1185 150.64 -59.93 51.68
N LEU D 1186 150.33 -61.07 52.28
CA LEU D 1186 149.74 -62.18 51.55
C LEU D 1186 148.24 -62.03 51.38
N GLN D 1187 147.62 -61.13 52.14
CA GLN D 1187 146.16 -61.10 52.29
C GLN D 1187 145.62 -62.50 52.60
N THR D 1188 146.34 -63.23 53.44
CA THR D 1188 146.11 -64.65 53.66
C THR D 1188 146.44 -64.96 55.12
N CYS D 1189 145.63 -65.81 55.74
CA CYS D 1189 145.91 -66.30 57.08
C CYS D 1189 147.09 -67.27 57.10
N VAL D 1190 148.03 -67.04 58.03
CA VAL D 1190 149.23 -67.87 58.17
C VAL D 1190 149.53 -68.04 59.66
N ASP D 1191 150.37 -69.02 59.98
CA ASP D 1191 150.73 -69.27 61.36
C ASP D 1191 151.46 -68.08 61.96
N PRO D 1192 151.41 -67.91 63.29
CA PRO D 1192 152.12 -66.79 63.92
C PRO D 1192 153.61 -66.79 63.62
N GLU D 1193 154.21 -67.96 63.41
CA GLU D 1193 155.63 -68.05 63.12
C GLU D 1193 155.97 -67.74 61.67
N ASP D 1194 154.97 -67.59 60.81
CA ASP D 1194 155.19 -67.35 59.39
C ASP D 1194 155.29 -65.87 59.05
N CYS D 1195 155.20 -64.99 60.02
CA CYS D 1195 155.22 -63.56 59.74
C CYS D 1195 156.57 -63.18 59.12
N PRO D 1196 156.58 -62.26 58.15
CA PRO D 1196 157.86 -61.86 57.54
C PRO D 1196 158.67 -60.89 58.39
N VAL D 1197 158.09 -60.31 59.44
CA VAL D 1197 158.81 -59.38 60.30
C VAL D 1197 158.58 -59.72 61.76
N SER D 1262 149.42 -20.46 94.32
CA SER D 1262 150.58 -21.28 93.96
C SER D 1262 151.75 -20.41 93.52
N GLU D 1263 152.97 -20.88 93.81
CA GLU D 1263 154.20 -20.13 93.59
C GLU D 1263 154.13 -18.73 94.22
N PRO D 1264 154.15 -18.64 95.54
CA PRO D 1264 154.16 -17.32 96.21
C PRO D 1264 155.35 -16.47 95.82
N PRO D 1265 156.60 -17.03 95.70
CA PRO D 1265 157.76 -16.13 95.62
C PRO D 1265 157.91 -15.39 94.30
N LEU D 1266 156.88 -15.38 93.45
CA LEU D 1266 156.96 -14.60 92.22
C LEU D 1266 157.19 -13.12 92.50
N HIS D 1267 156.79 -12.64 93.68
CA HIS D 1267 157.07 -11.27 94.08
C HIS D 1267 156.99 -11.16 95.60
N ASP D 1268 157.58 -10.10 96.12
CA ASP D 1268 157.52 -9.84 97.56
C ASP D 1268 156.09 -9.64 98.04
N PHE D 1269 155.23 -9.09 97.18
CA PHE D 1269 153.83 -8.88 97.50
C PHE D 1269 153.01 -10.03 96.93
N TYR D 1270 152.37 -10.78 97.82
CA TYR D 1270 151.55 -11.92 97.41
C TYR D 1270 150.30 -11.91 98.26
N CYS D 1271 149.15 -12.01 97.61
CA CYS D 1271 147.87 -11.63 98.19
C CYS D 1271 146.98 -12.87 98.30
N SER D 1272 147.05 -13.53 99.46
CA SER D 1272 146.31 -14.76 99.72
C SER D 1272 145.11 -14.43 100.59
N ARG D 1273 143.99 -14.10 99.94
CA ARG D 1273 142.79 -13.72 100.66
C ARG D 1273 141.60 -13.84 99.71
N LEU D 1274 140.41 -13.82 100.29
CA LEU D 1274 139.18 -14.10 99.55
C LEU D 1274 138.80 -12.87 98.73
N LEU D 1275 138.89 -12.98 97.41
CA LEU D 1275 138.64 -11.85 96.53
C LEU D 1275 138.13 -12.34 95.17
N ASP D 1276 137.19 -11.61 94.60
CA ASP D 1276 136.77 -11.76 93.22
C ASP D 1276 137.08 -10.48 92.48
N LEU D 1277 137.84 -10.57 91.39
CA LEU D 1277 138.39 -9.39 90.72
C LEU D 1277 138.11 -9.45 89.22
N VAL D 1278 137.73 -8.31 88.64
CA VAL D 1278 137.53 -8.18 87.21
C VAL D 1278 138.33 -6.99 86.70
N PHE D 1279 139.10 -7.20 85.64
CA PHE D 1279 139.81 -6.14 84.94
C PHE D 1279 139.04 -5.74 83.69
N LEU D 1280 138.57 -4.50 83.63
CA LEU D 1280 137.82 -4.00 82.48
C LEU D 1280 138.74 -3.12 81.65
N LEU D 1281 139.11 -3.58 80.46
CA LEU D 1281 140.15 -2.96 79.65
C LEU D 1281 139.54 -2.17 78.49
N ASP D 1282 139.90 -0.89 78.41
CA ASP D 1282 139.36 -0.02 77.36
C ASP D 1282 139.96 -0.38 76.01
N GLY D 1283 139.12 -0.89 75.12
CA GLY D 1283 139.54 -1.27 73.79
C GLY D 1283 139.42 -0.18 72.73
N SER D 1284 139.20 1.07 73.15
CA SER D 1284 139.07 2.16 72.19
C SER D 1284 140.42 2.52 71.57
N SER D 1285 140.34 3.30 70.49
CA SER D 1285 141.52 3.77 69.78
C SER D 1285 142.34 4.78 70.56
N ARG D 1286 141.81 5.29 71.68
CA ARG D 1286 142.57 6.21 72.52
C ARG D 1286 143.79 5.57 73.14
N LEU D 1287 143.85 4.25 73.20
CA LEU D 1287 145.10 3.53 73.43
C LEU D 1287 145.59 2.98 72.10
N SER D 1288 146.83 3.30 71.75
CA SER D 1288 147.49 2.61 70.65
C SER D 1288 147.86 1.20 71.07
N GLU D 1289 148.14 0.35 70.07
CA GLU D 1289 148.47 -1.03 70.36
C GLU D 1289 149.64 -1.14 71.34
N ALA D 1290 150.64 -0.28 71.21
CA ALA D 1290 151.77 -0.31 72.14
C ALA D 1290 151.31 -0.02 73.57
N GLU D 1291 150.44 0.99 73.71
CA GLU D 1291 149.90 1.31 75.03
C GLU D 1291 149.05 0.17 75.55
N PHE D 1292 148.27 -0.45 74.68
CA PHE D 1292 147.47 -1.59 75.13
C PHE D 1292 148.37 -2.72 75.59
N GLU D 1293 149.55 -2.87 74.97
CA GLU D 1293 150.49 -3.89 75.40
C GLU D 1293 151.00 -3.64 76.80
N VAL D 1294 151.34 -2.38 77.10
CA VAL D 1294 151.81 -2.13 78.47
C VAL D 1294 150.67 -2.26 79.47
N LEU D 1295 149.45 -1.95 79.06
CA LEU D 1295 148.29 -2.15 79.92
C LEU D 1295 148.07 -3.63 80.22
N LYS D 1296 148.28 -4.46 79.19
CA LYS D 1296 148.19 -5.90 79.37
C LYS D 1296 149.27 -6.40 80.31
N ALA D 1297 150.49 -5.86 80.17
CA ALA D 1297 151.56 -6.26 81.08
C ALA D 1297 151.24 -5.88 82.52
N PHE D 1298 150.60 -4.72 82.72
CA PHE D 1298 150.11 -4.32 84.03
C PHE D 1298 149.12 -5.33 84.61
N VAL D 1299 148.15 -5.75 83.80
CA VAL D 1299 147.23 -6.81 84.23
C VAL D 1299 148.00 -8.08 84.58
N VAL D 1300 149.00 -8.43 83.77
CA VAL D 1300 149.66 -9.72 83.93
C VAL D 1300 150.47 -9.74 85.22
N ASP D 1301 151.21 -8.66 85.50
CA ASP D 1301 151.99 -8.67 86.74
C ASP D 1301 151.08 -8.59 87.96
N MET D 1302 149.96 -7.87 87.88
CA MET D 1302 149.02 -7.93 89.00
C MET D 1302 148.52 -9.35 89.22
N MET D 1303 148.25 -10.09 88.15
CA MET D 1303 147.88 -11.48 88.31
C MET D 1303 149.04 -12.31 88.88
N GLU D 1304 150.28 -11.93 88.59
CA GLU D 1304 151.41 -12.55 89.26
C GLU D 1304 151.36 -12.30 90.77
N ARG D 1305 150.82 -11.17 91.18
CA ARG D 1305 150.81 -10.78 92.59
C ARG D 1305 149.53 -11.16 93.32
N LEU D 1306 148.67 -11.97 92.69
CA LEU D 1306 147.47 -12.49 93.34
C LEU D 1306 147.51 -14.01 93.39
N ARG D 1307 147.03 -14.57 94.50
CA ARG D 1307 146.96 -16.03 94.65
C ARG D 1307 145.77 -16.54 93.85
N ILE D 1308 146.02 -16.87 92.59
CA ILE D 1308 144.95 -17.24 91.67
C ILE D 1308 144.50 -18.66 91.95
N SER D 1309 143.21 -18.82 92.27
CA SER D 1309 142.57 -20.12 92.46
C SER D 1309 141.10 -19.87 92.75
N GLN D 1310 140.28 -20.92 92.63
CA GLN D 1310 138.90 -20.81 93.06
C GLN D 1310 138.82 -20.50 94.55
N LYS D 1311 139.69 -21.12 95.34
CA LYS D 1311 139.99 -20.61 96.67
C LYS D 1311 140.79 -19.32 96.56
N TRP D 1312 140.68 -18.48 97.58
CA TRP D 1312 141.40 -17.19 97.61
C TRP D 1312 140.90 -16.31 96.47
N VAL D 1313 141.75 -15.98 95.48
CA VAL D 1313 141.45 -14.90 94.53
C VAL D 1313 141.01 -15.52 93.21
N ARG D 1314 139.88 -15.04 92.69
CA ARG D 1314 139.40 -15.37 91.35
C ARG D 1314 139.50 -14.12 90.47
N VAL D 1315 140.03 -14.27 89.27
CA VAL D 1315 140.31 -13.15 88.37
C VAL D 1315 139.58 -13.36 87.07
N ALA D 1316 139.02 -12.27 86.53
CA ALA D 1316 138.45 -12.25 85.20
C ALA D 1316 138.98 -11.04 84.45
N VAL D 1317 139.08 -11.16 83.14
CA VAL D 1317 139.62 -10.12 82.28
C VAL D 1317 138.60 -9.85 81.18
N VAL D 1318 138.27 -8.58 80.98
CA VAL D 1318 137.19 -8.19 80.07
C VAL D 1318 137.63 -6.96 79.29
N GLU D 1319 137.80 -7.11 77.99
CA GLU D 1319 137.97 -5.98 77.10
C GLU D 1319 136.62 -5.49 76.64
N TYR D 1320 136.40 -4.18 76.68
CA TYR D 1320 135.19 -3.57 76.17
C TYR D 1320 135.53 -2.66 75.01
N HIS D 1321 134.91 -2.89 73.86
CA HIS D 1321 135.12 -2.10 72.66
C HIS D 1321 133.79 -1.83 71.98
N ASP D 1322 132.82 -1.33 72.75
CA ASP D 1322 131.39 -1.23 72.46
C ASP D 1322 130.73 -2.58 72.64
N GLY D 1323 131.48 -3.64 72.87
CA GLY D 1323 130.93 -4.89 73.34
C GLY D 1323 131.92 -5.53 74.29
N SER D 1324 131.39 -6.25 75.27
CA SER D 1324 132.18 -6.71 76.40
C SER D 1324 132.83 -8.04 76.07
N HIS D 1325 134.02 -7.98 75.49
CA HIS D 1325 134.80 -9.16 75.14
C HIS D 1325 135.50 -9.73 76.37
N ALA D 1326 134.95 -10.79 76.94
CA ALA D 1326 135.56 -11.45 78.09
C ALA D 1326 136.57 -12.48 77.61
N TYR D 1327 137.79 -12.42 78.16
CA TYR D 1327 138.83 -13.39 77.85
C TYR D 1327 139.03 -14.41 78.97
N ILE D 1328 138.80 -14.03 80.22
CA ILE D 1328 138.89 -14.94 81.35
C ILE D 1328 137.66 -14.73 82.22
N GLY D 1329 137.06 -15.84 82.65
CA GLY D 1329 135.93 -15.78 83.56
C GLY D 1329 136.30 -16.30 84.94
N LEU D 1330 135.57 -15.87 85.97
CA LEU D 1330 135.87 -16.32 87.32
C LEU D 1330 135.67 -17.81 87.52
N LYS D 1331 134.88 -18.45 86.65
CA LYS D 1331 134.66 -19.88 86.75
C LYS D 1331 135.78 -20.70 86.10
N ASP D 1332 136.66 -20.07 85.34
CA ASP D 1332 137.70 -20.81 84.64
C ASP D 1332 138.60 -21.53 85.63
N ARG D 1333 138.79 -22.83 85.39
CA ARG D 1333 139.59 -23.68 86.28
C ARG D 1333 141.04 -23.78 85.85
N LYS D 1334 141.46 -23.02 84.84
CA LYS D 1334 142.81 -23.14 84.31
C LYS D 1334 143.84 -22.68 85.34
N ARG D 1335 145.05 -23.21 85.21
CA ARG D 1335 146.10 -22.94 86.17
C ARG D 1335 146.57 -21.49 86.08
N PRO D 1336 147.15 -20.96 87.17
CA PRO D 1336 147.55 -19.54 87.16
C PRO D 1336 148.49 -19.17 86.01
N SER D 1337 149.43 -20.05 85.67
CA SER D 1337 150.32 -19.75 84.55
C SER D 1337 149.55 -19.63 83.25
N GLU D 1338 148.60 -20.55 83.01
CA GLU D 1338 147.79 -20.47 81.81
C GLU D 1338 146.94 -19.20 81.79
N LEU D 1339 146.40 -18.82 82.95
CA LEU D 1339 145.61 -17.60 83.01
C LEU D 1339 146.45 -16.37 82.72
N ARG D 1340 147.68 -16.33 83.26
CA ARG D 1340 148.57 -15.22 82.95
C ARG D 1340 148.93 -15.19 81.48
N ARG D 1341 149.14 -16.36 80.87
CA ARG D 1341 149.39 -16.41 79.43
C ARG D 1341 148.21 -15.85 78.64
N ILE D 1342 146.99 -16.25 79.02
CA ILE D 1342 145.79 -15.75 78.34
C ILE D 1342 145.69 -14.24 78.46
N ALA D 1343 145.94 -13.72 79.66
CA ALA D 1343 145.91 -12.27 79.86
C ALA D 1343 146.98 -11.58 79.01
N SER D 1344 148.17 -12.17 78.93
CA SER D 1344 149.23 -11.59 78.13
C SER D 1344 148.90 -11.59 76.66
N GLN D 1345 148.07 -12.53 76.21
CA GLN D 1345 147.73 -12.64 74.79
C GLN D 1345 146.34 -12.08 74.48
N VAL D 1346 145.82 -11.18 75.31
CA VAL D 1346 144.59 -10.46 74.97
C VAL D 1346 144.83 -9.60 73.74
N LYS D 1347 143.92 -9.67 72.79
CA LYS D 1347 144.10 -8.93 71.55
C LYS D 1347 143.67 -7.48 71.72
N TYR D 1348 144.02 -6.66 70.73
CA TYR D 1348 143.76 -5.23 70.73
C TYR D 1348 142.67 -4.92 69.72
N ALA D 1349 141.62 -4.24 70.16
CA ALA D 1349 140.50 -3.93 69.28
C ALA D 1349 140.67 -2.60 68.58
N GLY D 1350 140.90 -1.53 69.33
CA GLY D 1350 141.06 -0.22 68.73
C GLY D 1350 139.80 0.38 68.15
N SER D 1351 138.67 0.21 68.84
CA SER D 1351 137.42 0.79 68.38
C SER D 1351 137.42 2.30 68.55
N GLN D 1352 136.60 2.97 67.74
CA GLN D 1352 136.47 4.41 67.89
C GLN D 1352 135.62 4.81 69.09
N VAL D 1353 134.79 3.89 69.59
CA VAL D 1353 133.99 4.13 70.78
C VAL D 1353 134.07 2.89 71.67
N ALA D 1354 134.10 3.10 72.99
CA ALA D 1354 134.08 1.99 73.94
C ALA D 1354 133.11 2.36 75.06
N SER D 1355 131.85 1.96 74.89
CA SER D 1355 130.80 2.29 75.85
C SER D 1355 131.14 1.78 77.24
N THR D 1356 131.35 2.71 78.17
CA THR D 1356 131.69 2.37 79.56
C THR D 1356 130.46 1.92 80.33
N SER D 1357 129.32 2.57 80.09
CA SER D 1357 128.08 2.12 80.68
C SER D 1357 127.73 0.71 80.22
N GLU D 1358 128.07 0.37 78.98
CA GLU D 1358 127.76 -0.96 78.48
C GLU D 1358 128.56 -2.03 79.21
N VAL D 1359 129.84 -1.76 79.52
CA VAL D 1359 130.61 -2.77 80.24
C VAL D 1359 130.20 -2.82 81.70
N LEU D 1360 129.76 -1.70 82.28
CA LEU D 1360 129.14 -1.78 83.61
C LEU D 1360 127.88 -2.64 83.59
N LYS D 1361 127.07 -2.51 82.55
CA LYS D 1361 125.89 -3.36 82.40
C LYS D 1361 126.29 -4.81 82.28
N TYR D 1362 127.29 -5.10 81.45
CA TYR D 1362 127.75 -6.47 81.27
C TYR D 1362 128.20 -7.07 82.59
N THR D 1363 129.08 -6.40 83.31
CA THR D 1363 129.59 -6.98 84.55
C THR D 1363 128.47 -7.15 85.56
N LEU D 1364 127.53 -6.19 85.61
CA LEU D 1364 126.43 -6.26 86.56
C LEU D 1364 125.51 -7.44 86.30
N PHE D 1365 125.08 -7.62 85.05
CA PHE D 1365 124.05 -8.60 84.77
C PHE D 1365 124.59 -9.96 84.34
N GLN D 1366 125.82 -10.03 83.86
CA GLN D 1366 126.36 -11.28 83.35
C GLN D 1366 127.53 -11.81 84.15
N ILE D 1367 128.41 -10.95 84.68
CA ILE D 1367 129.52 -11.48 85.48
C ILE D 1367 129.04 -11.81 86.88
N PHE D 1368 128.58 -10.80 87.60
CA PHE D 1368 128.01 -10.96 88.94
C PHE D 1368 126.53 -11.29 88.90
N SER D 1369 126.11 -12.15 87.96
CA SER D 1369 124.71 -12.53 87.86
C SER D 1369 124.24 -13.21 89.15
N LYS D 1370 125.06 -14.09 89.71
CA LYS D 1370 124.77 -14.74 90.97
C LYS D 1370 126.01 -14.64 91.85
N ILE D 1371 125.80 -14.24 93.10
CA ILE D 1371 126.89 -14.09 94.05
C ILE D 1371 127.17 -15.44 94.69
N ASP D 1372 128.06 -16.22 94.08
CA ASP D 1372 128.35 -17.56 94.57
C ASP D 1372 129.37 -17.56 95.70
N ARG D 1373 130.03 -16.45 95.96
CA ARG D 1373 130.97 -16.30 97.07
C ARG D 1373 130.61 -15.05 97.86
N PRO D 1374 129.48 -15.06 98.57
CA PRO D 1374 129.07 -13.87 99.32
C PRO D 1374 130.08 -13.45 100.38
N GLU D 1375 130.88 -14.39 100.89
CA GLU D 1375 131.90 -14.04 101.87
C GLU D 1375 133.09 -13.34 101.25
N ALA D 1376 133.32 -13.52 99.94
CA ALA D 1376 134.47 -12.94 99.27
C ALA D 1376 134.17 -11.54 98.78
N SER D 1377 135.20 -10.69 98.78
CA SER D 1377 135.05 -9.34 98.27
C SER D 1377 135.00 -9.35 96.75
N ARG D 1378 134.17 -8.47 96.19
CA ARG D 1378 133.94 -8.39 94.76
C ARG D 1378 134.35 -7.02 94.25
N ILE D 1379 135.32 -6.97 93.33
CA ILE D 1379 135.96 -5.72 92.93
C ILE D 1379 136.13 -5.70 91.41
N ALA D 1380 136.01 -4.52 90.81
CA ALA D 1380 136.22 -4.33 89.38
C ALA D 1380 137.11 -3.12 89.15
N LEU D 1381 138.14 -3.27 88.30
CA LEU D 1381 138.92 -2.13 87.82
C LEU D 1381 138.33 -1.64 86.51
N LEU D 1382 137.57 -0.56 86.57
CA LEU D 1382 137.13 0.13 85.36
C LEU D 1382 138.23 1.07 84.87
N LEU D 1383 139.32 0.48 84.38
CA LEU D 1383 140.36 1.29 83.79
C LEU D 1383 139.92 1.74 82.41
N MET D 1384 140.10 3.03 82.13
CA MET D 1384 139.39 3.67 81.03
C MET D 1384 140.19 4.85 80.49
N ALA D 1385 140.11 5.04 79.18
CA ALA D 1385 140.96 6.02 78.50
C ALA D 1385 140.20 6.82 77.46
N SER D 1386 138.88 6.77 77.44
CA SER D 1386 138.11 7.36 76.36
C SER D 1386 136.81 7.95 76.88
N GLN D 1387 136.30 8.93 76.13
CA GLN D 1387 134.92 9.39 76.26
C GLN D 1387 133.97 8.39 75.60
N GLU D 1388 132.69 8.52 75.93
CA GLU D 1388 131.62 7.87 75.20
C GLU D 1388 130.57 8.91 74.82
N PRO D 1389 129.89 8.74 73.70
CA PRO D 1389 128.81 9.66 73.34
C PRO D 1389 127.78 9.78 74.44
N GLN D 1390 127.24 10.99 74.62
CA GLN D 1390 126.36 11.27 75.74
C GLN D 1390 125.14 10.37 75.73
N ARG D 1391 124.61 10.08 74.54
CA ARG D 1391 123.41 9.24 74.46
C ARG D 1391 123.65 7.85 75.04
N MET D 1392 124.89 7.38 75.07
CA MET D 1392 125.20 6.07 75.60
C MET D 1392 125.49 6.07 77.10
N SER D 1393 125.58 7.25 77.72
CA SER D 1393 125.92 7.38 79.12
C SER D 1393 124.70 7.51 80.03
N ARG D 1394 123.49 7.32 79.49
CA ARG D 1394 122.29 7.69 80.22
C ARG D 1394 122.01 6.75 81.39
N ASN D 1395 122.38 5.48 81.28
CA ASN D 1395 122.12 4.51 82.34
C ASN D 1395 123.35 4.20 83.17
N PHE D 1396 124.39 5.03 83.07
CA PHE D 1396 125.64 4.78 83.78
C PHE D 1396 125.42 4.73 85.29
N VAL D 1397 124.77 5.76 85.83
CA VAL D 1397 124.56 5.85 87.27
C VAL D 1397 123.72 4.68 87.76
N ARG D 1398 122.72 4.27 86.98
CA ARG D 1398 121.90 3.14 87.38
C ARG D 1398 122.74 1.88 87.55
N TYR D 1399 123.62 1.61 86.58
CA TYR D 1399 124.44 0.42 86.64
C TYR D 1399 125.44 0.46 87.80
N VAL D 1400 126.06 1.61 88.03
CA VAL D 1400 127.02 1.67 89.14
C VAL D 1400 126.30 1.52 90.47
N GLN D 1401 125.10 2.09 90.59
CA GLN D 1401 124.34 1.92 91.83
C GLN D 1401 123.89 0.48 92.01
N GLY D 1402 123.52 -0.20 90.92
CA GLY D 1402 123.21 -1.62 91.01
C GLY D 1402 124.40 -2.44 91.46
N LEU D 1403 125.58 -2.10 90.95
CA LEU D 1403 126.80 -2.77 91.40
C LEU D 1403 127.05 -2.52 92.88
N LYS D 1404 126.75 -1.31 93.35
CA LYS D 1404 126.88 -1.03 94.78
C LYS D 1404 125.91 -1.88 95.58
N LYS D 1405 124.67 -2.02 95.09
CA LYS D 1405 123.69 -2.83 95.81
C LYS D 1405 124.11 -4.28 95.92
N LYS D 1406 124.87 -4.77 94.94
CA LYS D 1406 125.50 -6.09 95.05
C LYS D 1406 126.83 -6.03 95.79
N LYS D 1407 127.21 -4.87 96.30
CA LYS D 1407 128.49 -4.66 96.99
C LYS D 1407 129.67 -5.11 96.12
N VAL D 1408 129.58 -4.80 94.83
CA VAL D 1408 130.72 -4.91 93.93
C VAL D 1408 131.43 -3.57 93.87
N ILE D 1409 132.66 -3.52 94.38
CA ILE D 1409 133.45 -2.30 94.34
C ILE D 1409 133.88 -2.03 92.90
N VAL D 1410 133.77 -0.77 92.47
CA VAL D 1410 134.31 -0.36 91.17
C VAL D 1410 135.36 0.71 91.37
N ILE D 1411 136.58 0.41 90.92
CA ILE D 1411 137.75 1.26 91.09
C ILE D 1411 138.11 1.82 89.72
N PRO D 1412 137.63 3.00 89.35
CA PRO D 1412 138.01 3.59 88.05
C PRO D 1412 139.48 3.96 88.03
N VAL D 1413 140.16 3.58 86.95
CA VAL D 1413 141.56 3.95 86.74
C VAL D 1413 141.64 4.71 85.43
N GLY D 1414 141.31 6.00 85.47
CA GLY D 1414 141.39 6.83 84.29
C GLY D 1414 142.82 7.00 83.82
N ILE D 1415 143.01 7.01 82.50
CA ILE D 1415 144.33 7.15 81.90
C ILE D 1415 144.27 8.12 80.72
N GLY D 1416 145.16 9.10 80.72
CA GLY D 1416 145.32 10.02 79.61
C GLY D 1416 144.31 11.13 79.55
N PRO D 1417 144.57 12.12 78.68
CA PRO D 1417 143.70 13.29 78.62
C PRO D 1417 142.28 12.98 78.19
N HIS D 1418 142.08 11.92 77.41
CA HIS D 1418 140.78 11.57 76.87
C HIS D 1418 139.93 10.75 77.84
N ALA D 1419 140.43 10.42 79.02
CA ALA D 1419 139.61 9.74 80.01
C ALA D 1419 138.38 10.58 80.35
N ASN D 1420 137.24 9.90 80.49
CA ASN D 1420 135.98 10.56 80.90
C ASN D 1420 135.98 10.78 82.41
N LEU D 1421 136.63 11.88 82.81
CA LEU D 1421 136.70 12.24 84.23
C LEU D 1421 135.32 12.37 84.87
N LYS D 1422 134.32 12.83 84.12
CA LYS D 1422 132.98 13.00 84.67
C LYS D 1422 132.41 11.67 85.17
N GLN D 1423 132.53 10.62 84.37
CA GLN D 1423 132.06 9.29 84.77
C GLN D 1423 132.84 8.78 85.97
N ILE D 1424 134.13 9.13 86.04
CA ILE D 1424 134.97 8.74 87.17
C ILE D 1424 134.47 9.40 88.46
N ARG D 1425 134.20 10.70 88.41
CA ARG D 1425 133.70 11.37 89.61
C ARG D 1425 132.32 10.87 89.98
N LEU D 1426 131.49 10.56 88.99
CA LEU D 1426 130.17 9.99 89.28
C LEU D 1426 130.30 8.64 89.99
N ILE D 1427 131.26 7.82 89.58
CA ILE D 1427 131.52 6.57 90.31
C ILE D 1427 131.97 6.87 91.73
N GLU D 1428 132.88 7.83 91.90
CA GLU D 1428 133.38 8.14 93.24
C GLU D 1428 132.26 8.61 94.16
N LYS D 1429 131.27 9.33 93.62
CA LYS D 1429 130.20 9.86 94.45
C LYS D 1429 129.32 8.76 95.04
N GLN D 1430 129.33 7.56 94.46
CA GLN D 1430 128.43 6.51 94.91
C GLN D 1430 128.88 5.88 96.23
N ALA D 1431 130.18 5.68 96.40
CA ALA D 1431 130.66 5.03 97.62
C ALA D 1431 132.10 5.45 97.88
N PRO D 1432 132.50 5.61 99.15
CA PRO D 1432 133.90 6.01 99.41
C PRO D 1432 134.92 4.99 98.93
N GLU D 1433 134.62 3.70 99.02
CA GLU D 1433 135.59 2.69 98.62
C GLU D 1433 135.81 2.67 97.11
N ASN D 1434 134.93 3.31 96.34
CA ASN D 1434 135.13 3.46 94.90
C ASN D 1434 136.05 4.63 94.58
N LYS D 1435 137.21 4.68 95.21
CA LYS D 1435 138.12 5.80 95.00
C LYS D 1435 138.85 5.66 93.67
N ALA D 1436 139.07 6.79 93.02
CA ALA D 1436 139.55 6.81 91.65
C ALA D 1436 141.06 6.97 91.59
N PHE D 1437 141.65 6.34 90.58
CA PHE D 1437 143.03 6.60 90.16
C PHE D 1437 143.00 7.30 88.81
N VAL D 1438 143.74 8.39 88.68
CA VAL D 1438 143.83 9.12 87.42
C VAL D 1438 145.31 9.20 87.04
N LEU D 1439 145.63 8.69 85.86
CA LEU D 1439 147.01 8.54 85.42
C LEU D 1439 147.27 9.40 84.20
N SER D 1440 148.48 9.96 84.12
CA SER D 1440 148.87 10.73 82.94
C SER D 1440 148.91 9.85 81.70
N SER D 1441 149.44 8.63 81.82
CA SER D 1441 149.56 7.73 80.68
C SER D 1441 149.70 6.31 81.20
N VAL D 1442 149.52 5.34 80.29
CA VAL D 1442 149.55 3.93 80.65
C VAL D 1442 150.88 3.52 81.28
N ASP D 1443 151.97 4.21 80.95
CA ASP D 1443 153.24 3.84 81.58
C ASP D 1443 153.26 4.18 83.07
N GLU D 1444 152.36 5.05 83.53
CA GLU D 1444 152.25 5.32 84.95
C GLU D 1444 151.63 4.15 85.72
N LEU D 1445 151.05 3.19 85.01
CA LEU D 1445 150.59 1.97 85.66
C LEU D 1445 151.72 1.24 86.37
N GLU D 1446 152.91 1.25 85.77
CA GLU D 1446 154.07 0.64 86.40
C GLU D 1446 154.38 1.26 87.75
N GLN D 1447 154.08 2.55 87.91
CA GLN D 1447 154.31 3.25 89.17
C GLN D 1447 153.16 3.04 90.15
N GLN D 1448 151.93 2.98 89.64
CA GLN D 1448 150.76 2.89 90.49
C GLN D 1448 150.46 1.46 90.94
N ARG D 1449 151.11 0.45 90.33
CA ARG D 1449 150.76 -0.94 90.53
C ARG D 1449 150.85 -1.34 92.01
N ASP D 1450 151.92 -0.96 92.68
CA ASP D 1450 152.14 -1.41 94.05
C ASP D 1450 151.00 -0.97 94.97
N GLU D 1451 150.68 0.32 94.95
CA GLU D 1451 149.61 0.76 95.84
C GLU D 1451 148.26 0.31 95.35
N ILE D 1452 148.07 0.09 94.05
CA ILE D 1452 146.80 -0.46 93.57
C ILE D 1452 146.57 -1.86 94.14
N VAL D 1453 147.59 -2.72 94.08
CA VAL D 1453 147.42 -4.06 94.62
C VAL D 1453 147.28 -4.01 96.15
N SER D 1454 148.01 -3.10 96.80
CA SER D 1454 147.87 -2.95 98.25
C SER D 1454 146.43 -2.58 98.62
N TYR D 1455 145.85 -1.62 97.89
CA TYR D 1455 144.47 -1.21 98.14
C TYR D 1455 143.50 -2.36 97.88
N LEU D 1456 143.68 -3.07 96.76
CA LEU D 1456 142.81 -4.19 96.45
C LEU D 1456 142.82 -5.23 97.55
N CYS D 1457 144.00 -5.55 98.10
CA CYS D 1457 144.07 -6.55 99.13
C CYS D 1457 143.65 -6.01 100.49
N ASP D 1458 143.72 -4.70 100.69
CA ASP D 1458 143.11 -4.09 101.86
C ASP D 1458 141.60 -4.23 101.82
N LEU D 1459 141.01 -4.18 100.62
CA LEU D 1459 139.57 -4.30 100.47
C LEU D 1459 139.09 -5.74 100.44
N ALA D 1460 139.90 -6.70 100.88
CA ALA D 1460 139.50 -8.10 100.86
C ALA D 1460 139.76 -8.75 102.21
N PRO D 1461 138.88 -9.64 102.65
CA PRO D 1461 139.08 -10.32 103.93
C PRO D 1461 139.90 -11.60 103.79
N GLU D 1462 140.46 -12.02 104.91
CA GLU D 1462 141.21 -13.28 104.97
C GLU D 1462 140.25 -14.45 105.20
N ALA D 1463 140.81 -15.66 105.18
CA ALA D 1463 140.02 -16.86 105.39
C ALA D 1463 139.49 -16.92 106.81
N SER E 31 161.46 -34.59 33.34
CA SER E 31 160.70 -33.85 34.33
C SER E 31 159.39 -33.33 33.76
N THR E 32 159.47 -32.27 32.95
CA THR E 32 158.31 -31.64 32.35
C THR E 32 158.78 -30.78 31.19
N ALA E 33 158.01 -30.76 30.11
CA ALA E 33 158.34 -30.01 28.92
C ALA E 33 157.86 -28.58 29.01
N ARG E 34 158.33 -27.74 28.09
CA ARG E 34 157.88 -26.37 27.99
C ARG E 34 157.75 -25.98 26.53
N CYS E 35 156.63 -25.36 26.19
CA CYS E 35 156.41 -24.80 24.87
C CYS E 35 156.03 -23.35 25.01
N SER E 36 156.47 -22.55 24.06
CA SER E 36 156.27 -21.11 24.15
C SER E 36 155.93 -20.53 22.79
N LEU E 37 154.97 -19.62 22.76
CA LEU E 37 154.69 -18.80 21.60
C LEU E 37 154.88 -17.35 22.03
N PHE E 38 155.89 -16.70 21.48
CA PHE E 38 156.43 -15.48 22.05
C PHE E 38 156.77 -14.51 20.94
N GLY E 39 156.99 -13.26 21.33
CA GLY E 39 157.27 -12.25 20.35
C GLY E 39 156.04 -12.01 19.49
N SER E 40 156.29 -11.45 18.32
CA SER E 40 155.21 -11.16 17.39
C SER E 40 154.68 -12.45 16.76
N ASP E 41 155.57 -13.26 16.19
CA ASP E 41 155.14 -14.39 15.37
C ASP E 41 156.01 -15.63 15.57
N PHE E 42 156.53 -15.86 16.77
CA PHE E 42 157.51 -16.91 16.97
C PHE E 42 156.96 -18.03 17.85
N VAL E 43 157.53 -19.22 17.69
CA VAL E 43 157.12 -20.40 18.43
C VAL E 43 158.37 -21.13 18.88
N ASN E 44 158.27 -21.82 20.00
CA ASN E 44 159.32 -22.70 20.50
C ASN E 44 158.69 -24.01 20.92
N THR E 45 159.20 -25.11 20.37
CA THR E 45 158.61 -26.42 20.57
C THR E 45 159.06 -27.03 21.89
N PHE E 46 158.46 -28.17 22.23
CA PHE E 46 158.84 -28.87 23.46
C PHE E 46 160.29 -29.32 23.41
N ASP E 47 160.77 -29.72 22.24
CA ASP E 47 162.11 -30.27 22.11
C ASP E 47 163.14 -29.24 21.70
N GLY E 48 162.76 -27.97 21.61
CA GLY E 48 163.70 -26.90 21.35
C GLY E 48 163.69 -26.35 19.94
N SER E 49 163.05 -27.02 18.99
CA SER E 49 162.94 -26.46 17.65
C SER E 49 162.18 -25.14 17.73
N MET E 50 162.67 -24.15 17.01
CA MET E 50 162.16 -22.79 17.13
C MET E 50 162.00 -22.19 15.75
N TYR E 51 160.87 -21.53 15.53
CA TYR E 51 160.53 -21.04 14.19
C TYR E 51 159.52 -19.92 14.32
N SER E 52 159.19 -19.32 13.18
CA SER E 52 158.22 -18.24 13.11
C SER E 52 156.99 -18.68 12.35
N PHE E 53 155.82 -18.25 12.82
CA PHE E 53 154.57 -18.52 12.13
C PHE E 53 153.58 -17.41 12.43
N ALA E 54 153.07 -16.75 11.40
CA ALA E 54 152.07 -15.71 11.54
C ALA E 54 150.71 -16.28 11.14
N GLY E 55 150.05 -16.92 12.09
CA GLY E 55 148.80 -17.58 11.80
C GLY E 55 147.65 -16.60 11.62
N TYR E 56 146.64 -17.07 10.89
CA TYR E 56 145.42 -16.31 10.68
C TYR E 56 144.19 -17.07 11.16
N CYS E 57 144.38 -18.21 11.81
CA CYS E 57 143.27 -19.01 12.31
C CYS E 57 143.68 -19.58 13.66
N SER E 58 142.97 -20.58 14.14
CA SER E 58 143.30 -21.27 15.37
C SER E 58 144.03 -22.57 15.06
N TYR E 59 145.04 -22.88 15.86
CA TYR E 59 145.91 -24.01 15.60
C TYR E 59 146.11 -24.83 16.85
N LEU E 60 146.32 -26.13 16.66
CA LEU E 60 146.59 -27.02 17.79
C LEU E 60 148.02 -26.82 18.26
N LEU E 61 148.17 -26.38 19.51
CA LEU E 61 149.51 -26.25 20.08
C LEU E 61 150.00 -27.57 20.64
N ALA E 62 149.15 -28.28 21.38
CA ALA E 62 149.54 -29.56 21.95
C ALA E 62 148.27 -30.33 22.29
N GLY E 63 148.45 -31.62 22.48
CA GLY E 63 147.34 -32.46 22.87
C GLY E 63 147.65 -33.92 22.62
N GLY E 64 146.81 -34.77 23.18
CA GLY E 64 146.89 -36.18 22.90
C GLY E 64 146.80 -36.42 21.42
N CYS E 65 147.77 -37.12 20.86
CA CYS E 65 147.97 -37.03 19.42
C CYS E 65 147.26 -38.16 18.68
N GLN E 66 147.14 -39.33 19.30
CA GLN E 66 146.26 -40.40 18.80
C GLN E 66 144.89 -40.33 19.45
N LYS E 67 144.84 -40.41 20.78
CA LYS E 67 143.62 -40.26 21.55
C LYS E 67 143.66 -38.91 22.25
N ARG E 68 142.91 -37.95 21.71
CA ARG E 68 143.00 -36.56 22.14
C ARG E 68 142.02 -36.31 23.28
N SER E 69 142.45 -36.66 24.48
CA SER E 69 141.64 -36.39 25.67
C SER E 69 141.48 -34.91 25.93
N PHE E 70 142.48 -34.11 25.56
CA PHE E 70 142.39 -32.66 25.68
C PHE E 70 143.13 -32.02 24.52
N SER E 71 142.78 -30.77 24.24
CA SER E 71 143.41 -30.03 23.16
C SER E 71 143.72 -28.63 23.63
N ILE E 72 144.95 -28.21 23.44
CA ILE E 72 145.37 -26.84 23.71
C ILE E 72 145.45 -26.11 22.38
N ILE E 73 144.69 -25.05 22.23
CA ILE E 73 144.48 -24.41 20.93
C ILE E 73 144.85 -22.95 21.05
N GLY E 74 145.77 -22.51 20.20
CA GLY E 74 146.15 -21.10 20.13
C GLY E 74 145.41 -20.41 19.00
N ASP E 75 144.80 -19.28 19.33
CA ASP E 75 144.00 -18.53 18.38
C ASP E 75 144.78 -17.30 17.93
N PHE E 76 144.80 -17.06 16.62
CA PHE E 76 145.49 -15.92 16.05
C PHE E 76 144.49 -15.02 15.34
N GLN E 77 144.92 -13.79 15.06
CA GLN E 77 144.10 -12.86 14.29
C GLN E 77 145.03 -11.85 13.64
N ASN E 78 145.04 -11.81 12.32
CA ASN E 78 145.91 -10.91 11.56
C ASN E 78 147.37 -11.12 11.93
N GLY E 79 147.74 -12.38 12.16
CA GLY E 79 149.10 -12.72 12.50
C GLY E 79 149.41 -12.65 13.98
N LYS E 80 148.63 -11.91 14.75
CA LYS E 80 148.89 -11.74 16.18
C LYS E 80 148.07 -12.73 16.98
N ARG E 81 148.58 -13.07 18.16
CA ARG E 81 147.89 -13.97 19.07
C ARG E 81 146.79 -13.23 19.81
N VAL E 82 145.66 -13.91 20.01
CA VAL E 82 144.52 -13.28 20.69
C VAL E 82 144.00 -14.09 21.86
N SER E 83 144.21 -15.40 21.93
CA SER E 83 143.68 -16.18 23.03
C SER E 83 144.35 -17.54 23.06
N LEU E 84 144.21 -18.21 24.19
CA LEU E 84 144.72 -19.56 24.40
C LEU E 84 143.57 -20.41 24.88
N SER E 85 143.03 -21.24 24.00
CA SER E 85 141.86 -22.04 24.30
C SER E 85 142.26 -23.45 24.67
N VAL E 86 141.40 -24.12 25.44
CA VAL E 86 141.60 -25.50 25.83
C VAL E 86 140.27 -26.21 25.69
N TYR E 87 140.29 -27.42 25.15
CA TYR E 87 139.12 -28.27 25.00
C TYR E 87 139.42 -29.60 25.67
N LEU E 88 138.47 -30.06 26.48
CA LEU E 88 138.65 -31.31 27.22
C LEU E 88 138.01 -32.50 26.53
N GLY E 89 137.79 -32.41 25.23
CA GLY E 89 137.14 -33.51 24.54
C GLY E 89 135.69 -33.24 24.24
N GLU E 90 135.38 -32.03 23.79
CA GLU E 90 134.10 -31.60 23.25
C GLU E 90 133.04 -31.40 24.33
N PHE E 91 133.31 -31.71 25.59
CA PHE E 91 132.32 -31.46 26.62
C PHE E 91 132.62 -30.21 27.42
N PHE E 92 133.83 -29.70 27.35
CA PHE E 92 134.17 -28.47 28.06
C PHE E 92 135.24 -27.74 27.27
N ASP E 93 135.04 -26.44 27.11
CA ASP E 93 135.98 -25.58 26.42
C ASP E 93 136.11 -24.29 27.18
N ILE E 94 137.31 -23.73 27.19
CA ILE E 94 137.58 -22.49 27.90
C ILE E 94 138.51 -21.64 27.05
N HIS E 95 138.30 -20.33 27.05
CA HIS E 95 138.99 -19.42 26.15
C HIS E 95 139.62 -18.31 26.97
N LEU E 96 140.92 -18.40 27.19
CA LEU E 96 141.67 -17.39 27.93
C LEU E 96 142.28 -16.41 26.96
N PHE E 97 141.72 -15.20 26.89
CA PHE E 97 142.20 -14.19 25.97
C PHE E 97 143.40 -13.47 26.55
N VAL E 98 144.13 -12.78 25.67
CA VAL E 98 145.31 -12.04 26.11
C VAL E 98 144.92 -10.94 27.08
N ASN E 99 143.82 -10.24 26.81
CA ASN E 99 143.39 -9.17 27.70
C ASN E 99 142.44 -9.67 28.79
N GLY E 100 142.88 -10.70 29.49
CA GLY E 100 142.30 -11.10 30.76
C GLY E 100 140.91 -11.70 30.68
N THR E 101 140.22 -11.58 29.57
CA THR E 101 138.86 -12.08 29.47
C THR E 101 138.86 -13.60 29.35
N VAL E 102 137.92 -14.23 30.02
CA VAL E 102 137.75 -15.68 29.97
C VAL E 102 136.31 -15.97 29.62
N THR E 103 136.10 -16.87 28.66
CA THR E 103 134.77 -17.32 28.28
C THR E 103 134.73 -18.84 28.28
N GLN E 104 133.74 -19.41 28.95
CA GLN E 104 133.46 -20.83 28.90
C GLN E 104 132.36 -21.04 27.86
N GLY E 105 132.69 -21.71 26.77
CA GLY E 105 131.84 -21.62 25.60
C GLY E 105 131.87 -20.20 25.08
N ASP E 106 130.69 -19.66 24.79
CA ASP E 106 130.57 -18.25 24.46
C ASP E 106 130.22 -17.39 25.66
N GLN E 107 129.99 -17.99 26.83
CA GLN E 107 129.59 -17.26 28.02
C GLN E 107 130.82 -16.75 28.75
N ARG E 108 130.83 -15.46 29.07
CA ARG E 108 131.95 -14.87 29.79
C ARG E 108 131.91 -15.24 31.25
N VAL E 109 133.10 -15.49 31.82
CA VAL E 109 133.25 -15.80 33.23
C VAL E 109 134.42 -14.97 33.78
N SER E 110 134.44 -14.82 35.10
CA SER E 110 135.43 -13.97 35.75
C SER E 110 136.44 -14.83 36.51
N MET E 111 137.66 -14.34 36.57
CA MET E 111 138.72 -15.02 37.29
C MET E 111 138.70 -14.63 38.77
N PRO E 112 139.14 -15.52 39.67
CA PRO E 112 139.58 -16.88 39.40
C PRO E 112 138.40 -17.78 39.08
N TYR E 113 138.67 -18.86 38.35
CA TYR E 113 137.64 -19.78 37.91
C TYR E 113 138.14 -21.19 38.05
N ALA E 114 137.28 -22.08 38.50
CA ALA E 114 137.63 -23.48 38.69
C ALA E 114 136.46 -24.33 38.25
N SER E 115 136.73 -25.32 37.39
CA SER E 115 135.68 -26.20 36.91
C SER E 115 136.28 -27.41 36.20
N LYS E 116 135.78 -28.59 36.53
CA LYS E 116 136.09 -29.82 35.81
C LYS E 116 137.59 -30.02 35.68
N GLY E 117 138.31 -29.76 36.76
CA GLY E 117 139.73 -29.99 36.81
C GLY E 117 140.60 -28.88 36.27
N LEU E 118 140.02 -27.81 35.75
CA LEU E 118 140.76 -26.70 35.20
C LEU E 118 140.67 -25.51 36.15
N TYR E 119 141.82 -24.88 36.41
CA TYR E 119 141.93 -23.80 37.36
C TYR E 119 142.53 -22.59 36.65
N LEU E 120 141.80 -21.50 36.61
CA LEU E 120 142.29 -20.24 36.06
C LEU E 120 142.60 -19.30 37.20
N GLU E 121 143.85 -18.84 37.25
CA GLU E 121 144.33 -18.06 38.38
C GLU E 121 145.30 -17.02 37.88
N THR E 122 145.39 -15.91 38.59
CA THR E 122 146.32 -14.84 38.23
C THR E 122 147.64 -15.00 39.01
N GLU E 123 148.27 -16.15 38.80
CA GLU E 123 149.51 -16.45 39.52
C GLU E 123 150.63 -15.53 39.06
N ALA E 124 151.30 -14.89 40.02
CA ALA E 124 152.45 -14.03 39.76
C ALA E 124 152.14 -12.96 38.73
N GLY E 125 150.90 -12.46 38.74
CA GLY E 125 150.50 -11.42 37.83
C GLY E 125 150.25 -11.87 36.41
N TYR E 126 150.35 -13.16 36.11
CA TYR E 126 150.15 -13.70 34.78
C TYR E 126 149.01 -14.70 34.81
N TYR E 127 148.15 -14.65 33.81
CA TYR E 127 146.94 -15.48 33.76
C TYR E 127 147.33 -16.94 33.59
N LYS E 128 147.10 -17.74 34.61
CA LYS E 128 147.39 -19.16 34.60
C LYS E 128 146.14 -19.95 34.24
N LEU E 129 146.35 -21.15 33.69
CA LEU E 129 145.26 -22.07 33.39
C LEU E 129 145.83 -23.47 33.67
N SER E 130 145.60 -23.96 34.87
CA SER E 130 146.24 -25.19 35.32
C SER E 130 145.33 -26.39 35.07
N GLY E 131 145.94 -27.48 34.64
CA GLY E 131 145.22 -28.70 34.37
C GLY E 131 145.84 -29.92 35.02
N GLU E 132 146.29 -29.77 36.26
CA GLU E 132 147.07 -30.80 36.94
C GLU E 132 146.57 -32.22 36.67
N ALA E 133 145.25 -32.42 36.76
CA ALA E 133 144.71 -33.75 36.52
C ALA E 133 145.02 -34.23 35.12
N TYR E 134 144.88 -33.35 34.13
CA TYR E 134 145.18 -33.68 32.74
C TYR E 134 146.67 -33.63 32.45
N GLY E 135 147.47 -33.08 33.34
CA GLY E 135 148.91 -33.12 33.17
C GLY E 135 149.48 -31.99 32.36
N PHE E 136 148.93 -30.78 32.51
CA PHE E 136 149.44 -29.64 31.78
C PHE E 136 149.19 -28.37 32.57
N VAL E 137 150.01 -27.35 32.30
CA VAL E 137 149.85 -26.02 32.86
C VAL E 137 150.09 -25.01 31.75
N ALA E 138 149.15 -24.08 31.59
CA ALA E 138 149.26 -23.05 30.58
C ALA E 138 149.32 -21.68 31.24
N ARG E 139 149.88 -20.71 30.52
CA ARG E 139 150.04 -19.37 31.07
C ARG E 139 150.11 -18.35 29.95
N ILE E 140 149.59 -17.17 30.21
CA ILE E 140 149.74 -16.01 29.35
C ILE E 140 150.37 -14.91 30.17
N ASP E 141 151.50 -14.38 29.71
CA ASP E 141 152.14 -13.29 30.42
C ASP E 141 151.47 -11.96 30.06
N GLY E 142 151.91 -10.90 30.73
CA GLY E 142 151.30 -9.59 30.56
C GLY E 142 151.46 -9.01 29.16
N SER E 143 152.42 -9.50 28.39
CA SER E 143 152.68 -9.00 27.05
C SER E 143 152.05 -9.87 25.97
N GLY E 144 151.36 -10.95 26.34
CA GLY E 144 150.69 -11.79 25.37
C GLY E 144 151.44 -13.03 24.95
N ASN E 145 152.57 -13.34 25.57
CA ASN E 145 153.31 -14.54 25.25
C ASN E 145 152.65 -15.76 25.88
N PHE E 146 152.34 -16.76 25.06
CA PHE E 146 151.75 -17.99 25.57
C PHE E 146 152.82 -18.89 26.14
N GLN E 147 152.39 -19.85 26.95
CA GLN E 147 153.28 -20.82 27.57
C GLN E 147 152.49 -22.08 27.83
N VAL E 148 153.11 -23.24 27.61
CA VAL E 148 152.49 -24.52 27.92
C VAL E 148 153.55 -25.42 28.54
N LEU E 149 153.25 -25.97 29.71
CA LEU E 149 154.08 -26.99 30.34
C LEU E 149 153.32 -28.29 30.35
N LEU E 150 153.92 -29.34 29.79
CA LEU E 150 153.25 -30.60 29.56
C LEU E 150 154.02 -31.69 30.29
N SER E 151 153.30 -32.53 31.02
CA SER E 151 153.94 -33.50 31.90
C SER E 151 154.63 -34.59 31.09
N ASP E 152 155.48 -35.35 31.78
CA ASP E 152 156.26 -36.39 31.14
C ASP E 152 155.41 -37.51 30.56
N ARG E 153 154.18 -37.66 31.05
CA ARG E 153 153.33 -38.75 30.57
C ARG E 153 153.02 -38.62 29.08
N TYR E 154 153.17 -37.42 28.52
CA TYR E 154 152.94 -37.18 27.10
C TYR E 154 154.22 -37.22 26.28
N PHE E 155 155.27 -37.83 26.82
CA PHE E 155 156.50 -38.02 26.05
C PHE E 155 156.22 -38.89 24.84
N ASN E 156 156.49 -38.35 23.66
CA ASN E 156 156.40 -39.08 22.39
C ASN E 156 154.96 -39.41 22.03
N LYS E 157 154.00 -38.70 22.62
CA LYS E 157 152.58 -38.97 22.42
C LYS E 157 151.77 -37.72 22.11
N THR E 158 152.42 -36.61 21.79
CA THR E 158 151.72 -35.36 21.49
C THR E 158 152.13 -34.86 20.12
N CYS E 159 151.27 -34.04 19.53
CA CYS E 159 151.58 -33.41 18.26
C CYS E 159 150.78 -32.14 18.11
N GLY E 160 151.40 -31.14 17.49
CA GLY E 160 150.82 -29.82 17.35
C GLY E 160 151.93 -28.84 17.08
N LEU E 161 151.56 -27.55 17.03
CA LEU E 161 152.57 -26.53 16.74
C LEU E 161 153.75 -26.60 17.69
N CYS E 162 153.51 -27.01 18.93
CA CYS E 162 154.60 -27.27 19.86
C CYS E 162 155.41 -28.49 19.48
N GLY E 163 155.06 -29.17 18.39
CA GLY E 163 155.79 -30.35 17.99
C GLY E 163 155.51 -31.52 18.89
N ASN E 164 156.09 -32.66 18.53
CA ASN E 164 156.06 -33.81 19.41
C ASN E 164 156.94 -33.53 20.62
N PHE E 165 156.97 -34.47 21.56
CA PHE E 165 157.81 -34.34 22.74
C PHE E 165 158.70 -35.57 22.84
N ASN E 166 159.81 -35.52 22.12
CA ASN E 166 160.91 -36.47 22.22
C ASN E 166 162.16 -35.69 21.91
N ILE E 167 163.21 -35.92 22.70
CA ILE E 167 164.35 -35.01 22.78
C ILE E 167 164.92 -34.67 21.41
N PHE E 168 164.77 -35.58 20.44
CA PHE E 168 165.18 -35.28 19.08
C PHE E 168 164.39 -34.10 18.53
N ALA E 169 165.06 -32.99 18.27
CA ALA E 169 164.37 -31.78 17.86
C ALA E 169 164.13 -31.72 16.36
N GLU E 170 164.92 -32.45 15.57
CA GLU E 170 164.81 -32.37 14.12
C GLU E 170 163.47 -32.86 13.60
N ASP E 171 162.75 -33.65 14.39
CA ASP E 171 161.50 -34.27 13.95
C ASP E 171 160.26 -33.59 14.50
N ASP E 172 160.36 -32.32 14.88
CA ASP E 172 159.22 -31.67 15.50
C ASP E 172 158.19 -31.19 14.49
N PHE E 173 158.53 -31.13 13.21
CA PHE E 173 157.65 -30.52 12.22
C PHE E 173 156.69 -31.51 11.58
N MET E 174 156.35 -32.60 12.27
CA MET E 174 155.43 -33.57 11.73
C MET E 174 154.08 -32.93 11.44
N THR E 175 153.57 -33.13 10.24
CA THR E 175 152.27 -32.62 9.87
C THR E 175 151.17 -33.55 10.39
N GLN E 176 149.94 -33.04 10.40
CA GLN E 176 148.82 -33.87 10.82
C GLN E 176 148.62 -35.06 9.91
N GLU E 177 149.09 -34.98 8.66
CA GLU E 177 149.05 -36.11 7.76
C GLU E 177 150.06 -37.19 8.13
N GLY E 178 150.93 -36.92 9.09
CA GLY E 178 151.91 -37.89 9.52
C GLY E 178 153.23 -37.85 8.79
N THR E 179 153.56 -36.75 8.15
CA THR E 179 154.79 -36.62 7.38
C THR E 179 155.55 -35.38 7.84
N LEU E 180 156.88 -35.49 7.84
CA LEU E 180 157.72 -34.33 8.14
C LEU E 180 157.70 -33.34 6.99
N THR E 181 158.05 -32.10 7.31
CA THR E 181 158.16 -31.06 6.29
C THR E 181 159.21 -30.05 6.72
N SER E 182 160.00 -29.58 5.77
CA SER E 182 161.04 -28.61 6.04
C SER E 182 160.50 -27.20 6.17
N ASP E 183 159.24 -26.97 5.85
CA ASP E 183 158.67 -25.64 5.88
C ASP E 183 157.85 -25.48 7.15
N PRO E 184 158.17 -24.52 8.01
CA PRO E 184 157.34 -24.31 9.20
C PRO E 184 155.88 -24.04 8.87
N TYR E 185 155.61 -23.32 7.78
CA TYR E 185 154.23 -22.99 7.46
C TYR E 185 153.42 -24.19 7.02
N ASP E 186 154.02 -25.12 6.28
CA ASP E 186 153.31 -26.36 5.96
C ASP E 186 152.88 -27.06 7.23
N PHE E 187 153.80 -27.22 8.17
CA PHE E 187 153.51 -27.84 9.46
C PHE E 187 152.38 -27.12 10.20
N ALA E 188 152.53 -25.81 10.35
CA ALA E 188 151.55 -25.04 11.12
C ALA E 188 150.18 -25.09 10.48
N ASN E 189 150.11 -24.84 9.17
CA ASN E 189 148.82 -24.90 8.48
C ASN E 189 148.24 -26.30 8.52
N SER E 190 149.08 -27.33 8.55
CA SER E 190 148.59 -28.68 8.73
C SER E 190 147.91 -28.83 10.07
N TRP E 191 148.33 -28.07 11.07
CA TRP E 191 147.70 -28.12 12.39
C TRP E 191 146.69 -27.01 12.62
N ALA E 192 146.02 -26.54 11.58
CA ALA E 192 144.93 -25.59 11.77
C ALA E 192 143.64 -26.30 12.12
N LEU E 193 142.76 -25.58 12.82
CA LEU E 193 141.46 -26.12 13.23
C LEU E 193 140.40 -25.08 12.95
N SER E 194 139.41 -25.44 12.16
CA SER E 194 138.33 -24.53 11.81
C SER E 194 137.11 -24.78 12.68
N SER E 195 136.17 -23.85 12.61
CA SER E 195 134.95 -23.93 13.41
C SER E 195 133.78 -23.47 12.55
N GLY E 196 132.61 -23.42 13.16
CA GLY E 196 131.41 -23.04 12.47
C GLY E 196 131.24 -21.56 12.22
N GLU E 197 132.16 -20.74 12.72
CA GLU E 197 132.16 -19.32 12.42
C GLU E 197 133.53 -18.83 11.98
N GLN E 198 134.47 -19.73 11.74
CA GLN E 198 135.81 -19.34 11.32
C GLN E 198 136.44 -20.52 10.59
N TRP E 199 136.56 -20.41 9.27
CA TRP E 199 137.18 -21.43 8.46
C TRP E 199 138.56 -20.95 8.01
N CYS E 200 139.57 -21.79 8.21
CA CYS E 200 140.96 -21.34 8.20
C CYS E 200 141.46 -21.14 6.77
N GLU E 201 142.06 -19.99 6.53
CA GLU E 201 142.78 -19.74 5.28
C GLU E 201 144.22 -20.23 5.39
N ARG E 202 144.80 -20.57 4.25
CA ARG E 202 146.20 -20.98 4.17
C ARG E 202 147.10 -19.80 4.51
N ALA E 203 147.77 -19.88 5.65
CA ALA E 203 148.69 -18.82 6.04
C ALA E 203 150.00 -18.95 5.27
N SER E 204 150.63 -17.81 5.01
CA SER E 204 151.88 -17.75 4.26
C SER E 204 152.78 -16.71 4.88
N PRO E 205 154.08 -16.80 4.67
CA PRO E 205 155.01 -15.83 5.25
C PRO E 205 154.70 -14.43 4.79
N PRO E 206 154.83 -13.44 5.68
CA PRO E 206 154.57 -12.06 5.29
C PRO E 206 155.78 -11.43 4.60
N SER E 207 155.51 -10.30 3.94
CA SER E 207 156.58 -9.50 3.36
C SER E 207 157.38 -8.80 4.45
N SER E 208 158.67 -8.58 4.19
CA SER E 208 159.55 -8.06 5.22
C SER E 208 160.72 -7.31 4.58
N SER E 209 161.38 -6.50 5.42
CA SER E 209 162.61 -5.82 5.06
C SER E 209 163.70 -6.21 6.05
N CYS E 210 164.90 -6.46 5.53
CA CYS E 210 166.00 -6.93 6.37
C CYS E 210 167.36 -6.63 5.74
N MET E 217 167.73 -4.55 9.36
CA MET E 217 169.01 -4.74 10.04
C MET E 217 169.65 -3.40 10.40
N GLN E 218 170.09 -3.28 11.65
CA GLN E 218 170.76 -2.07 12.11
C GLN E 218 171.74 -2.45 13.20
N LYS E 219 172.98 -1.96 13.07
CA LYS E 219 174.07 -2.41 13.94
C LYS E 219 173.79 -2.09 15.41
N GLY E 220 173.35 -0.86 15.69
CA GLY E 220 173.08 -0.48 17.07
C GLY E 220 172.05 -1.36 17.73
N LEU E 221 171.01 -1.75 16.98
CA LEU E 221 170.03 -2.69 17.49
C LEU E 221 170.61 -4.09 17.59
N TRP E 222 171.49 -4.45 16.65
CA TRP E 222 172.08 -5.78 16.62
C TRP E 222 172.94 -6.05 17.86
N GLU E 223 173.55 -5.01 18.42
CA GLU E 223 174.26 -5.16 19.68
C GLU E 223 173.36 -5.75 20.77
N GLN E 224 172.10 -5.30 20.80
CA GLN E 224 171.18 -5.79 21.82
C GLN E 224 170.99 -7.31 21.70
N CYS E 225 170.85 -7.81 20.47
CA CYS E 225 170.78 -9.25 20.29
C CYS E 225 172.07 -9.92 20.70
N GLN E 226 173.21 -9.29 20.40
CA GLN E 226 174.48 -9.88 20.83
C GLN E 226 174.63 -9.92 22.34
N LEU E 227 173.78 -9.21 23.08
CA LEU E 227 173.82 -9.35 24.54
C LEU E 227 173.74 -10.81 24.98
N LEU E 228 172.98 -11.63 24.24
CA LEU E 228 172.84 -13.04 24.62
C LEU E 228 174.17 -13.75 24.70
N LYS E 229 175.15 -13.31 23.92
CA LYS E 229 176.44 -13.99 23.84
C LYS E 229 177.52 -13.32 24.69
N SER E 230 177.46 -12.01 24.84
CA SER E 230 178.55 -11.26 25.45
C SER E 230 178.41 -11.06 26.94
N THR E 231 177.17 -11.01 27.44
CA THR E 231 176.93 -10.64 28.83
C THR E 231 177.19 -11.82 29.76
N SER E 232 177.74 -11.53 30.94
CA SER E 232 178.11 -12.59 31.87
C SER E 232 176.90 -13.35 32.39
N VAL E 233 175.81 -12.64 32.70
CA VAL E 233 174.66 -13.31 33.29
C VAL E 233 174.08 -14.34 32.34
N PHE E 234 173.96 -14.00 31.05
CA PHE E 234 173.49 -14.98 30.08
C PHE E 234 174.51 -16.08 29.85
N ALA E 235 175.79 -15.75 29.98
CA ALA E 235 176.84 -16.74 29.77
C ALA E 235 176.74 -17.90 30.74
N ARG E 236 176.03 -17.73 31.85
CA ARG E 236 175.84 -18.84 32.78
C ARG E 236 175.12 -19.99 32.11
N CYS E 237 174.24 -19.70 31.16
CA CYS E 237 173.33 -20.68 30.60
C CYS E 237 173.88 -21.42 29.40
N HIS E 238 175.01 -20.98 28.85
CA HIS E 238 175.53 -21.60 27.63
C HIS E 238 175.71 -23.11 27.75
N PRO E 239 176.21 -23.66 28.87
CA PRO E 239 176.30 -25.12 28.96
C PRO E 239 174.96 -25.82 28.84
N LEU E 240 173.86 -25.14 29.17
CA LEU E 240 172.53 -25.75 29.12
C LEU E 240 171.76 -25.41 27.85
N VAL E 241 171.81 -24.16 27.39
CA VAL E 241 171.03 -23.72 26.25
C VAL E 241 171.93 -22.96 25.30
N ASP E 242 172.02 -23.42 24.06
CA ASP E 242 172.82 -22.74 23.06
C ASP E 242 172.15 -21.44 22.68
N PRO E 243 172.84 -20.30 22.75
CA PRO E 243 172.19 -19.01 22.46
C PRO E 243 172.05 -18.71 20.97
N GLU E 244 172.74 -19.45 20.10
CA GLU E 244 172.78 -19.08 18.69
C GLU E 244 171.40 -19.04 18.04
N PRO E 245 170.53 -20.04 18.20
CA PRO E 245 169.19 -19.92 17.60
C PRO E 245 168.45 -18.68 18.06
N PHE E 246 168.57 -18.35 19.35
CA PHE E 246 167.91 -17.16 19.86
C PHE E 246 168.52 -15.90 19.28
N VAL E 247 169.83 -15.91 19.03
CA VAL E 247 170.48 -14.75 18.42
C VAL E 247 169.97 -14.54 17.00
N ALA E 248 169.85 -15.63 16.23
CA ALA E 248 169.33 -15.51 14.87
C ALA E 248 167.89 -15.00 14.88
N LEU E 249 167.06 -15.56 15.76
CA LEU E 249 165.69 -15.09 15.88
C LEU E 249 165.64 -13.63 16.25
N CYS E 250 166.52 -13.21 17.16
CA CYS E 250 166.59 -11.81 17.56
C CYS E 250 166.97 -10.91 16.39
N GLU E 251 167.94 -11.35 15.58
CA GLU E 251 168.34 -10.56 14.43
C GLU E 251 167.18 -10.38 13.46
N LYS E 252 166.45 -11.46 13.17
CA LYS E 252 165.37 -11.31 12.20
C LYS E 252 164.18 -10.54 12.77
N THR E 253 163.95 -10.60 14.09
CA THR E 253 162.90 -9.74 14.63
C THR E 253 163.33 -8.28 14.66
N LEU E 254 164.62 -8.00 14.81
CA LEU E 254 165.09 -6.63 14.62
C LEU E 254 164.85 -6.17 13.19
N CYS E 255 165.09 -7.05 12.22
CA CYS E 255 164.69 -6.72 10.86
C CYS E 255 163.19 -6.41 10.78
N GLU E 256 162.39 -7.18 11.51
CA GLU E 256 160.96 -6.91 11.58
C GLU E 256 160.62 -5.75 12.50
N CYS E 257 161.58 -5.28 13.30
CA CYS E 257 161.32 -4.28 14.32
C CYS E 257 160.68 -3.02 13.74
N ALA E 258 159.89 -2.35 14.56
CA ALA E 258 159.31 -1.05 14.25
C ALA E 258 159.46 -0.10 15.44
N GLY E 259 160.55 -0.24 16.18
CA GLY E 259 160.79 0.56 17.37
C GLY E 259 162.25 0.65 17.72
N GLY E 260 162.56 0.67 19.01
CA GLY E 260 163.91 0.82 19.51
C GLY E 260 164.51 -0.49 19.97
N LEU E 261 165.39 -0.40 20.97
CA LEU E 261 166.09 -1.58 21.47
C LEU E 261 165.14 -2.62 22.04
N GLU E 262 163.93 -2.23 22.43
CA GLU E 262 163.00 -3.17 23.04
C GLU E 262 162.63 -4.31 22.11
N CYS E 263 162.84 -4.16 20.81
CA CYS E 263 162.49 -5.22 19.87
C CYS E 263 163.29 -6.49 20.11
N ALA E 264 164.46 -6.39 20.73
CA ALA E 264 165.25 -7.56 21.05
C ALA E 264 164.76 -8.28 22.30
N CYS E 265 163.90 -7.63 23.08
CA CYS E 265 163.51 -8.19 24.38
C CYS E 265 162.82 -9.54 24.29
N PRO E 266 161.91 -9.82 23.35
CA PRO E 266 161.27 -11.14 23.35
C PRO E 266 162.26 -12.29 23.31
N ALA E 267 163.32 -12.17 22.51
CA ALA E 267 164.31 -13.24 22.44
C ALA E 267 165.03 -13.42 23.76
N LEU E 268 165.44 -12.31 24.39
CA LEU E 268 166.13 -12.40 25.67
C LEU E 268 165.22 -13.02 26.73
N LEU E 269 163.96 -12.60 26.77
CA LEU E 269 163.02 -13.12 27.74
C LEU E 269 162.80 -14.61 27.54
N GLU E 270 162.62 -15.04 26.29
CA GLU E 270 162.42 -16.46 26.02
C GLU E 270 163.66 -17.26 26.35
N TYR E 271 164.85 -16.71 26.08
CA TYR E 271 166.07 -17.41 26.43
C TYR E 271 166.20 -17.57 27.94
N ALA E 272 165.88 -16.52 28.69
CA ALA E 272 165.93 -16.61 30.15
C ALA E 272 164.93 -17.63 30.66
N ARG E 273 163.73 -17.67 30.06
CA ARG E 273 162.73 -18.63 30.51
C ARG E 273 163.13 -20.07 30.16
N THR E 274 163.74 -20.26 28.99
CA THR E 274 164.26 -21.59 28.65
C THR E 274 165.33 -22.03 29.63
N CYS E 275 166.22 -21.11 30.00
CA CYS E 275 167.26 -21.43 30.97
C CYS E 275 166.64 -21.78 32.32
N ALA E 276 165.63 -21.01 32.74
CA ALA E 276 164.95 -21.32 33.99
C ALA E 276 164.32 -22.70 33.94
N GLN E 277 163.74 -23.07 32.79
CA GLN E 277 163.21 -24.41 32.63
C GLN E 277 164.30 -25.46 32.77
N GLU E 278 165.47 -25.20 32.18
CA GLU E 278 166.56 -26.16 32.28
C GLU E 278 167.17 -26.23 33.66
N GLY E 279 167.06 -25.15 34.46
CA GLY E 279 167.51 -25.20 35.83
C GLY E 279 168.19 -23.93 36.33
N MET E 280 168.79 -23.15 35.42
CA MET E 280 169.52 -21.95 35.81
C MET E 280 168.61 -20.74 35.67
N VAL E 281 168.26 -20.13 36.78
CA VAL E 281 167.54 -18.86 36.78
C VAL E 281 168.56 -17.74 36.67
N LEU E 282 168.36 -16.86 35.70
CA LEU E 282 169.34 -15.83 35.37
C LEU E 282 169.00 -14.53 36.10
N TYR E 283 169.06 -14.57 37.43
CA TYR E 283 168.49 -13.54 38.29
C TYR E 283 168.71 -12.11 37.81
N GLY E 284 169.86 -11.84 37.20
CA GLY E 284 170.24 -10.50 36.85
C GLY E 284 170.03 -10.06 35.43
N TRP E 285 169.32 -10.84 34.60
CA TRP E 285 169.28 -10.47 33.18
C TRP E 285 168.47 -9.21 32.95
N THR E 286 167.50 -8.91 33.82
CA THR E 286 166.69 -7.73 33.62
C THR E 286 167.44 -6.45 33.91
N ASP E 287 168.49 -6.51 34.74
CA ASP E 287 169.25 -5.31 35.07
C ASP E 287 170.29 -4.99 34.02
N HIS E 288 171.02 -6.00 33.52
CA HIS E 288 172.05 -5.76 32.53
C HIS E 288 171.45 -5.24 31.22
N SER E 289 170.35 -5.84 30.78
CA SER E 289 169.70 -5.44 29.55
C SER E 289 168.80 -4.23 29.77
N ALA E 290 168.33 -3.66 28.67
CA ALA E 290 167.42 -2.53 28.70
C ALA E 290 165.96 -2.97 28.79
N CYS E 291 165.70 -4.27 28.90
CA CYS E 291 164.34 -4.78 28.84
C CYS E 291 163.66 -4.71 30.21
N SER E 292 162.34 -4.69 30.17
CA SER E 292 161.51 -4.66 31.38
C SER E 292 160.20 -5.35 31.05
N PRO E 293 160.06 -6.63 31.38
CA PRO E 293 158.81 -7.34 31.07
C PRO E 293 157.61 -6.65 31.70
N VAL E 294 156.50 -6.63 30.96
CA VAL E 294 155.33 -5.89 31.40
C VAL E 294 154.74 -6.55 32.63
N CYS E 295 154.33 -5.73 33.59
CA CYS E 295 153.64 -6.18 34.79
C CYS E 295 152.49 -5.23 35.06
N PRO E 296 151.46 -5.70 35.78
CA PRO E 296 150.34 -4.81 36.10
C PRO E 296 150.77 -3.71 37.04
N ALA E 297 149.94 -2.68 37.11
CA ALA E 297 150.30 -1.45 37.83
C ALA E 297 150.75 -1.75 39.25
N GLY E 298 151.92 -1.22 39.61
CA GLY E 298 152.42 -1.32 40.95
C GLY E 298 153.25 -2.54 41.26
N MET E 299 153.23 -3.56 40.41
CA MET E 299 153.98 -4.78 40.65
C MET E 299 155.30 -4.75 39.90
N GLU E 300 156.34 -5.29 40.53
CA GLU E 300 157.65 -5.39 39.93
C GLU E 300 157.82 -6.76 39.27
N TYR E 301 158.54 -6.78 38.16
CA TYR E 301 158.95 -8.05 37.57
C TYR E 301 160.13 -8.61 38.32
N ARG E 302 160.07 -9.92 38.60
CA ARG E 302 161.18 -10.56 39.30
C ARG E 302 161.26 -12.01 38.89
N GLN E 303 162.49 -12.53 38.83
CA GLN E 303 162.70 -13.93 38.58
C GLN E 303 162.47 -14.73 39.86
N CYS E 304 161.98 -15.95 39.69
CA CYS E 304 161.84 -16.90 40.80
C CYS E 304 160.88 -16.36 41.87
N VAL E 305 159.73 -15.88 41.43
CA VAL E 305 158.65 -15.53 42.36
C VAL E 305 158.00 -16.82 42.83
N SER E 306 157.82 -16.95 44.13
CA SER E 306 157.17 -18.14 44.67
C SER E 306 155.69 -18.12 44.27
N PRO E 307 155.16 -19.24 43.76
CA PRO E 307 153.74 -19.24 43.36
C PRO E 307 152.80 -18.94 44.50
N CYS E 308 153.17 -19.29 45.73
CA CYS E 308 152.36 -19.01 46.91
C CYS E 308 152.55 -17.60 47.45
N ALA E 309 152.37 -16.59 46.58
CA ALA E 309 152.54 -15.21 47.00
C ALA E 309 151.50 -14.84 48.05
N ARG E 310 151.88 -13.99 48.99
CA ARG E 310 151.09 -13.72 50.18
C ARG E 310 150.05 -12.64 49.90
N THR E 311 148.80 -13.07 49.75
CA THR E 311 147.65 -12.21 49.94
C THR E 311 147.35 -12.08 51.43
N CYS E 312 146.80 -10.93 51.81
CA CYS E 312 146.43 -10.75 53.22
C CYS E 312 145.49 -11.85 53.69
N GLN E 313 144.33 -11.97 53.07
CA GLN E 313 143.35 -12.96 53.50
C GLN E 313 143.79 -14.35 53.05
N SER E 314 144.92 -14.78 53.60
CA SER E 314 145.48 -16.08 53.29
C SER E 314 146.01 -16.72 54.56
N LEU E 315 145.79 -18.02 54.70
CA LEU E 315 146.30 -18.74 55.85
C LEU E 315 147.81 -18.87 55.75
N HIS E 316 148.48 -18.75 56.89
CA HIS E 316 149.94 -18.80 56.93
C HIS E 316 150.45 -20.23 56.88
N ILE E 317 150.01 -20.99 55.88
CA ILE E 317 150.43 -22.38 55.72
C ILE E 317 151.58 -22.40 54.72
N ASN E 318 152.80 -22.30 55.23
CA ASN E 318 153.98 -22.31 54.38
C ASN E 318 154.48 -23.71 54.08
N GLU E 319 154.10 -24.70 54.90
CA GLU E 319 154.55 -26.07 54.69
C GLU E 319 153.94 -26.69 53.44
N MET E 320 152.81 -26.18 52.98
CA MET E 320 152.17 -26.73 51.79
C MET E 320 152.94 -26.36 50.52
N CYS E 321 153.65 -25.24 50.54
CA CYS E 321 154.25 -24.69 49.32
C CYS E 321 155.59 -25.37 49.05
N GLN E 322 155.52 -26.61 48.55
CA GLN E 322 156.68 -27.35 48.14
C GLN E 322 157.03 -27.14 46.67
N GLU E 323 156.26 -26.33 45.96
CA GLU E 323 156.46 -26.15 44.53
C GLU E 323 157.71 -25.30 44.26
N ARG E 324 158.21 -25.40 43.04
CA ARG E 324 159.31 -24.56 42.60
C ARG E 324 158.81 -23.15 42.30
N CYS E 325 159.75 -22.22 42.24
CA CYS E 325 159.41 -20.84 41.94
C CYS E 325 159.27 -20.64 40.44
N VAL E 326 158.66 -19.51 40.06
CA VAL E 326 158.47 -19.14 38.68
C VAL E 326 158.81 -17.68 38.50
N ASP E 327 159.11 -17.30 37.26
CA ASP E 327 159.24 -15.90 36.94
C ASP E 327 157.86 -15.24 36.86
N GLY E 328 157.81 -13.97 37.17
CA GLY E 328 156.56 -13.24 37.11
C GLY E 328 156.64 -11.95 37.89
N CYS E 329 155.47 -11.37 38.12
CA CYS E 329 155.36 -10.10 38.79
C CYS E 329 155.11 -10.30 40.27
N SER E 330 155.55 -9.33 41.06
CA SER E 330 155.38 -9.39 42.50
C SER E 330 155.16 -7.98 43.02
N CYS E 331 154.43 -7.87 44.12
CA CYS E 331 154.31 -6.60 44.79
C CYS E 331 155.64 -6.21 45.42
N PRO E 332 155.94 -4.92 45.52
CA PRO E 332 157.19 -4.50 46.15
C PRO E 332 157.31 -5.05 47.56
N GLU E 333 158.55 -5.18 48.01
CA GLU E 333 158.82 -5.79 49.31
C GLU E 333 158.07 -5.06 50.41
N GLY E 334 157.47 -5.83 51.31
CA GLY E 334 156.68 -5.30 52.40
C GLY E 334 155.22 -5.10 52.10
N GLN E 335 154.83 -5.10 50.83
CA GLN E 335 153.43 -4.98 50.44
C GLN E 335 152.82 -6.36 50.21
N LEU E 336 151.49 -6.40 50.22
CA LEU E 336 150.73 -7.62 50.05
C LEU E 336 149.64 -7.41 49.02
N LEU E 337 149.19 -8.52 48.44
CA LEU E 337 148.12 -8.47 47.45
C LEU E 337 146.76 -8.38 48.13
N ASP E 338 145.84 -7.69 47.47
CA ASP E 338 144.47 -7.58 47.96
C ASP E 338 143.58 -7.33 46.75
N GLU E 339 142.88 -8.37 46.31
CA GLU E 339 142.05 -8.30 45.10
C GLU E 339 142.88 -7.86 43.90
N GLY E 340 144.11 -8.36 43.83
CA GLY E 340 145.01 -8.06 42.73
C GLY E 340 145.82 -6.79 42.89
N LEU E 341 145.42 -5.90 43.78
CA LEU E 341 146.17 -4.69 44.04
C LEU E 341 147.16 -4.91 45.18
N CYS E 342 148.23 -4.13 45.18
CA CYS E 342 149.25 -4.22 46.21
C CYS E 342 148.94 -3.21 47.31
N VAL E 343 148.95 -3.68 48.55
CA VAL E 343 148.64 -2.86 49.71
C VAL E 343 149.69 -3.10 50.79
N GLU E 344 149.81 -2.13 51.69
CA GLU E 344 150.70 -2.30 52.83
C GLU E 344 150.15 -3.37 53.76
N SER E 345 151.06 -4.03 54.48
CA SER E 345 150.65 -5.11 55.36
C SER E 345 149.65 -4.64 56.41
N THR E 346 149.79 -3.40 56.88
CA THR E 346 148.87 -2.85 57.87
C THR E 346 147.65 -2.20 57.26
N GLU E 347 147.68 -1.89 55.96
CA GLU E 347 146.59 -1.20 55.28
C GLU E 347 145.45 -2.13 54.91
N CYS E 348 145.65 -3.38 54.94
CA CYS E 348 144.78 -4.24 54.15
C CYS E 348 143.64 -4.83 54.99
N PRO E 349 142.49 -5.04 54.35
CA PRO E 349 141.23 -5.13 55.10
C PRO E 349 140.88 -6.54 55.56
N CYS E 350 139.80 -6.60 56.33
CA CYS E 350 139.12 -7.83 56.70
C CYS E 350 138.02 -8.14 55.71
N VAL E 351 137.61 -9.40 55.68
CA VAL E 351 136.55 -9.86 54.79
C VAL E 351 135.45 -10.48 55.65
N HIS E 352 134.21 -10.14 55.35
CA HIS E 352 133.06 -10.76 55.98
C HIS E 352 131.87 -10.69 55.04
N SER E 353 131.10 -11.77 54.98
CA SER E 353 129.91 -11.84 54.13
C SER E 353 130.23 -11.54 52.68
N GLY E 354 131.45 -11.83 52.26
CA GLY E 354 131.87 -11.51 50.91
C GLY E 354 132.25 -10.07 50.69
N LYS E 355 132.20 -9.24 51.73
CA LYS E 355 132.54 -7.84 51.64
C LYS E 355 133.85 -7.58 52.36
N ARG E 356 134.58 -6.57 51.90
CA ARG E 356 135.83 -6.15 52.53
C ARG E 356 135.61 -4.85 53.28
N TYR E 357 136.13 -4.80 54.51
CA TYR E 357 136.00 -3.63 55.36
C TYR E 357 137.37 -3.15 55.79
N PRO E 358 137.62 -1.84 55.76
CA PRO E 358 138.92 -1.32 56.19
C PRO E 358 139.19 -1.62 57.65
N PRO E 359 140.44 -1.56 58.08
CA PRO E 359 140.74 -1.76 59.50
C PRO E 359 140.07 -0.71 60.37
N GLY E 360 139.72 -1.13 61.58
CA GLY E 360 139.05 -0.25 62.51
C GLY E 360 137.55 -0.21 62.39
N THR E 361 136.99 -0.77 61.32
CA THR E 361 135.54 -0.78 61.17
C THR E 361 134.92 -1.73 62.18
N SER E 362 133.69 -1.42 62.58
CA SER E 362 132.96 -2.21 63.55
C SER E 362 131.67 -2.73 62.92
N LEU E 363 131.39 -4.01 63.16
CA LEU E 363 130.17 -4.64 62.71
C LEU E 363 129.43 -5.22 63.91
N SER E 364 128.11 -5.09 63.89
CA SER E 364 127.27 -5.56 64.97
C SER E 364 126.69 -6.92 64.62
N ARG E 365 126.54 -7.76 65.65
CA ARG E 365 125.86 -9.06 65.54
C ARG E 365 124.95 -9.14 66.76
N ASP E 366 123.72 -8.66 66.61
CA ASP E 366 122.85 -8.37 67.74
C ASP E 366 123.55 -7.45 68.73
N CYS E 367 123.67 -7.90 69.98
CA CYS E 367 124.25 -7.06 71.01
C CYS E 367 125.77 -7.05 70.99
N ASN E 368 126.40 -7.89 70.18
CA ASN E 368 127.85 -7.95 70.08
C ASN E 368 128.35 -7.05 68.96
N THR E 369 129.62 -6.69 69.03
CA THR E 369 130.30 -5.96 67.97
C THR E 369 131.61 -6.65 67.65
N CYS E 370 132.01 -6.55 66.39
CA CYS E 370 133.25 -7.15 65.90
C CYS E 370 134.09 -6.08 65.24
N ILE E 371 135.35 -5.96 65.64
CA ILE E 371 136.25 -4.91 65.18
C ILE E 371 137.28 -5.54 64.25
N CYS E 372 137.48 -4.94 63.07
CA CYS E 372 138.48 -5.41 62.13
C CYS E 372 139.84 -4.90 62.55
N ARG E 373 140.74 -5.82 62.92
CA ARG E 373 142.11 -5.48 63.26
C ARG E 373 143.02 -6.50 62.59
N ASN E 374 144.08 -6.02 61.95
CA ASN E 374 144.88 -6.84 61.04
C ASN E 374 143.91 -7.40 60.01
N SER E 375 143.95 -8.69 59.70
CA SER E 375 142.94 -9.29 58.85
C SER E 375 141.81 -9.93 59.64
N GLN E 376 141.89 -9.91 60.96
CA GLN E 376 140.96 -10.62 61.83
C GLN E 376 139.89 -9.69 62.36
N TRP E 377 138.86 -10.30 62.93
CA TRP E 377 137.79 -9.59 63.62
C TRP E 377 137.88 -9.86 65.11
N ILE E 378 137.80 -8.81 65.91
CA ILE E 378 137.79 -8.93 67.35
C ILE E 378 136.35 -8.77 67.79
N CYS E 379 135.74 -9.85 68.27
CA CYS E 379 134.30 -9.90 68.51
C CYS E 379 134.00 -9.88 70.00
N SER E 380 132.76 -9.49 70.33
CA SER E 380 132.43 -9.06 71.67
C SER E 380 132.12 -10.20 72.65
N ASN E 381 131.87 -11.41 72.18
CA ASN E 381 131.77 -12.58 73.05
C ASN E 381 130.88 -12.35 74.28
N GLU E 382 129.65 -11.89 74.05
CA GLU E 382 128.72 -11.69 75.16
C GLU E 382 127.36 -12.24 74.76
N GLU E 383 126.57 -12.60 75.78
CA GLU E 383 125.24 -13.15 75.55
C GLU E 383 124.28 -12.05 75.18
N CYS E 384 123.47 -12.31 74.17
CA CYS E 384 122.42 -11.41 73.71
C CYS E 384 121.06 -11.96 74.08
N PRO E 385 120.00 -11.14 74.00
CA PRO E 385 118.67 -11.62 74.38
C PRO E 385 118.24 -12.82 73.56
N GLY E 386 117.59 -13.76 74.23
CA GLY E 386 117.10 -14.96 73.56
C GLY E 386 115.66 -14.80 73.11
N GLU E 387 115.40 -15.24 71.90
CA GLU E 387 114.07 -15.15 71.29
C GLU E 387 113.59 -16.53 70.92
N CYS E 388 112.63 -17.05 71.67
CA CYS E 388 111.94 -18.28 71.29
C CYS E 388 110.73 -17.92 70.46
N LEU E 389 110.40 -18.78 69.50
CA LEU E 389 109.38 -18.44 68.52
C LEU E 389 108.52 -19.65 68.20
N VAL E 390 107.21 -19.44 68.17
CA VAL E 390 106.26 -20.38 67.61
C VAL E 390 105.49 -19.63 66.54
N THR E 391 105.58 -20.08 65.29
CA THR E 391 105.20 -19.18 64.21
C THR E 391 104.38 -19.83 63.12
N GLY E 392 103.63 -20.87 63.43
CA GLY E 392 102.82 -21.44 62.37
C GLY E 392 102.22 -22.77 62.74
N GLN E 393 102.31 -23.74 61.82
CA GLN E 393 101.81 -25.08 62.08
C GLN E 393 102.82 -25.83 62.97
N SER E 394 103.01 -25.29 64.17
CA SER E 394 103.86 -25.88 65.19
C SER E 394 105.33 -25.83 64.81
N HIS E 395 105.74 -24.79 64.11
CA HIS E 395 107.16 -24.53 63.92
C HIS E 395 107.72 -23.77 65.10
N PHE E 396 108.89 -24.18 65.56
CA PHE E 396 109.50 -23.66 66.75
C PHE E 396 110.91 -23.16 66.46
N LYS E 397 111.34 -22.20 67.27
CA LYS E 397 112.75 -21.85 67.36
C LYS E 397 113.11 -21.77 68.84
N SER E 398 114.06 -22.56 69.27
CA SER E 398 114.49 -22.49 70.66
C SER E 398 115.25 -21.19 70.89
N PHE E 399 115.49 -20.89 72.17
CA PHE E 399 116.28 -19.72 72.49
C PHE E 399 117.68 -19.76 71.91
N ASP E 400 118.18 -20.96 71.61
CA ASP E 400 119.48 -21.15 71.00
C ASP E 400 119.41 -21.39 69.50
N ASN E 401 118.31 -21.01 68.87
CA ASN E 401 118.15 -21.04 67.42
C ASN E 401 118.09 -22.47 66.88
N ARG E 402 117.55 -23.41 67.64
CA ARG E 402 117.27 -24.74 67.11
C ARG E 402 115.87 -24.74 66.54
N TYR E 403 115.77 -24.78 65.23
CA TYR E 403 114.48 -24.86 64.56
C TYR E 403 113.98 -26.29 64.58
N PHE E 404 112.68 -26.46 64.81
CA PHE E 404 112.07 -27.78 64.75
C PHE E 404 110.57 -27.61 64.63
N THR E 405 109.91 -28.68 64.21
CA THR E 405 108.47 -28.75 64.12
C THR E 405 108.00 -29.96 64.91
N PHE E 406 106.93 -29.80 65.68
CA PHE E 406 106.55 -30.86 66.58
C PHE E 406 105.12 -31.34 66.40
N SER E 407 104.16 -30.45 66.17
CA SER E 407 102.78 -30.81 65.80
C SER E 407 102.06 -31.66 66.84
N GLY E 408 102.41 -31.54 68.12
CA GLY E 408 101.68 -32.24 69.14
C GLY E 408 100.42 -31.50 69.54
N ILE E 409 99.42 -32.25 70.01
CA ILE E 409 98.14 -31.69 70.40
C ILE E 409 97.97 -31.86 71.91
N CYS E 410 98.40 -30.87 72.67
CA CYS E 410 98.23 -30.83 74.13
C CYS E 410 98.63 -29.45 74.60
N GLN E 411 98.62 -29.26 75.91
CA GLN E 411 99.23 -28.10 76.53
C GLN E 411 100.67 -28.43 76.89
N TYR E 412 101.61 -27.69 76.31
CA TYR E 412 103.03 -27.97 76.44
C TYR E 412 103.74 -26.82 77.12
N LEU E 413 104.71 -27.13 77.96
CA LEU E 413 105.48 -26.10 78.67
C LEU E 413 106.45 -25.47 77.68
N LEU E 414 106.11 -24.28 77.21
CA LEU E 414 106.93 -23.64 76.18
C LEU E 414 108.23 -23.11 76.76
N ALA E 415 108.15 -22.35 77.85
CA ALA E 415 109.33 -21.80 78.47
C ALA E 415 109.04 -21.51 79.93
N ARG E 416 109.96 -21.89 80.81
CA ARG E 416 109.79 -21.67 82.23
C ARG E 416 111.15 -21.42 82.85
N ASP E 417 111.18 -20.65 83.92
CA ASP E 417 112.39 -20.44 84.71
C ASP E 417 112.44 -21.51 85.78
N CYS E 418 112.99 -22.68 85.43
CA CYS E 418 113.05 -23.77 86.40
C CYS E 418 113.99 -23.49 87.56
N GLN E 419 114.78 -22.42 87.50
CA GLN E 419 115.72 -22.12 88.57
C GLN E 419 115.08 -21.28 89.68
N ASP E 420 114.41 -20.19 89.30
CA ASP E 420 113.79 -19.30 90.27
C ASP E 420 112.27 -19.19 90.14
N HIS E 421 111.68 -19.82 89.13
CA HIS E 421 110.23 -19.79 88.91
C HIS E 421 109.71 -18.36 88.78
N SER E 422 110.49 -17.51 88.11
CA SER E 422 110.06 -16.14 87.86
C SER E 422 108.82 -16.08 86.98
N PHE E 423 108.67 -17.04 86.07
CA PHE E 423 107.57 -17.06 85.11
C PHE E 423 107.39 -18.49 84.61
N SER E 424 106.29 -18.70 83.88
CA SER E 424 106.00 -20.01 83.32
C SER E 424 105.02 -19.83 82.17
N ILE E 425 105.43 -20.19 80.96
CA ILE E 425 104.63 -19.98 79.75
C ILE E 425 104.19 -21.34 79.21
N VAL E 426 102.89 -21.48 78.95
CA VAL E 426 102.31 -22.71 78.44
C VAL E 426 101.50 -22.39 77.18
N ILE E 427 101.59 -23.27 76.19
CA ILE E 427 100.86 -23.09 74.93
C ILE E 427 99.87 -24.22 74.76
N GLU E 428 98.68 -23.89 74.28
CA GLU E 428 97.65 -24.88 73.98
C GLU E 428 97.58 -25.07 72.47
N THR E 429 97.90 -26.26 72.01
CA THR E 429 97.95 -26.58 70.60
C THR E 429 96.72 -27.39 70.19
N VAL E 430 96.16 -27.05 69.04
CA VAL E 430 95.03 -27.77 68.48
C VAL E 430 95.32 -28.01 67.01
N GLN E 431 94.67 -29.03 66.45
CA GLN E 431 94.67 -29.19 65.01
C GLN E 431 94.00 -28.00 64.38
N CYS E 432 94.65 -27.38 63.41
CA CYS E 432 94.19 -26.11 62.86
C CYS E 432 93.67 -26.25 61.44
N ALA E 433 93.43 -27.47 60.98
CA ALA E 433 92.83 -27.73 59.67
C ALA E 433 92.45 -29.19 59.63
N ASP E 434 91.98 -29.64 58.47
CA ASP E 434 91.59 -31.03 58.30
C ASP E 434 92.80 -31.95 58.35
N ASP E 435 93.94 -31.51 57.84
CA ASP E 435 95.12 -32.35 57.76
C ASP E 435 95.64 -32.70 59.14
N ARG E 436 96.14 -33.92 59.29
CA ARG E 436 96.78 -34.31 60.53
C ARG E 436 98.03 -33.47 60.81
N ASP E 437 98.65 -32.95 59.76
CA ASP E 437 99.89 -32.18 59.92
C ASP E 437 99.66 -30.74 60.31
N ALA E 438 98.42 -30.25 60.28
CA ALA E 438 98.12 -28.86 60.59
C ALA E 438 97.76 -28.75 62.05
N VAL E 439 98.74 -28.46 62.88
CA VAL E 439 98.56 -28.23 64.31
C VAL E 439 99.21 -26.91 64.65
N CYS E 440 98.45 -25.98 65.24
CA CYS E 440 98.98 -24.68 65.59
C CYS E 440 98.45 -24.27 66.94
N THR E 441 99.15 -23.32 67.57
CA THR E 441 98.82 -22.89 68.92
C THR E 441 97.54 -22.07 68.93
N ARG E 442 96.62 -22.43 69.82
CA ARG E 442 95.36 -21.69 69.93
C ARG E 442 95.46 -20.56 70.95
N SER E 443 95.99 -20.85 72.14
CA SER E 443 96.05 -19.87 73.20
C SER E 443 97.34 -20.05 73.98
N VAL E 444 97.74 -19.01 74.70
CA VAL E 444 98.95 -18.99 75.51
C VAL E 444 98.58 -18.67 76.94
N THR E 445 99.28 -19.28 77.89
CA THR E 445 99.04 -19.07 79.30
C THR E 445 100.36 -18.74 79.99
N VAL E 446 100.35 -17.73 80.84
CA VAL E 446 101.55 -17.23 81.50
C VAL E 446 101.28 -17.11 82.99
N ARG E 447 102.05 -17.82 83.80
CA ARG E 447 102.01 -17.65 85.25
C ARG E 447 103.13 -16.71 85.68
N LEU E 448 102.80 -15.84 86.63
CA LEU E 448 103.73 -14.84 87.14
C LEU E 448 103.71 -14.93 88.66
N PRO E 449 104.40 -15.92 89.23
CA PRO E 449 104.29 -16.13 90.69
C PRO E 449 104.60 -14.90 91.52
N GLY E 450 105.55 -14.07 91.09
CA GLY E 450 105.90 -12.89 91.84
C GLY E 450 104.79 -11.84 91.85
N LEU E 451 103.92 -11.87 90.86
CA LEU E 451 102.74 -11.01 90.81
C LEU E 451 101.53 -11.72 91.37
N HIS E 452 101.66 -12.10 92.65
CA HIS E 452 100.63 -12.78 93.44
C HIS E 452 100.02 -13.99 92.71
N ASN E 453 100.87 -14.72 91.99
CA ASN E 453 100.49 -15.89 91.18
C ASN E 453 99.43 -15.58 90.12
N SER E 454 99.56 -14.41 89.50
CA SER E 454 98.69 -14.05 88.38
C SER E 454 98.80 -15.05 87.23
N LEU E 455 97.65 -15.34 86.61
CA LEU E 455 97.54 -16.27 85.48
C LEU E 455 96.97 -15.56 84.26
N VAL E 456 97.83 -14.96 83.44
CA VAL E 456 97.39 -14.33 82.21
C VAL E 456 97.15 -15.40 81.15
N LYS E 457 96.07 -15.25 80.38
CA LYS E 457 95.81 -16.10 79.23
C LYS E 457 95.67 -15.25 77.98
N LEU E 458 96.57 -15.42 77.03
CA LEU E 458 96.46 -14.77 75.74
C LEU E 458 95.66 -15.66 74.80
N LYS E 459 94.52 -15.17 74.36
CA LYS E 459 93.51 -15.95 73.65
C LYS E 459 93.61 -15.77 72.15
N HIS E 460 92.96 -16.68 71.43
CA HIS E 460 92.83 -16.55 69.99
C HIS E 460 92.05 -15.29 69.65
N GLY E 461 92.44 -14.62 68.58
CA GLY E 461 91.89 -13.33 68.28
C GLY E 461 92.53 -12.16 69.00
N ALA E 462 93.60 -12.40 69.76
CA ALA E 462 94.39 -11.39 70.44
C ALA E 462 93.70 -10.82 71.67
N GLY E 463 92.72 -11.51 72.21
CA GLY E 463 92.17 -11.13 73.49
C GLY E 463 93.06 -11.57 74.63
N VAL E 464 92.82 -11.00 75.80
CA VAL E 464 93.58 -11.33 77.00
C VAL E 464 92.60 -11.53 78.15
N ALA E 465 92.87 -12.52 78.98
CA ALA E 465 92.20 -12.67 80.26
C ALA E 465 93.24 -12.74 81.37
N MET E 466 92.84 -12.34 82.57
CA MET E 466 93.70 -12.41 83.73
C MET E 466 92.92 -12.98 84.91
N ASP E 467 93.42 -14.07 85.47
CA ASP E 467 92.71 -14.85 86.49
C ASP E 467 91.27 -15.14 86.08
N GLY E 468 91.07 -15.37 84.79
CA GLY E 468 89.76 -15.65 84.22
C GLY E 468 88.93 -14.44 83.90
N GLN E 469 89.29 -13.26 84.40
CA GLN E 469 88.61 -12.02 84.04
C GLN E 469 89.12 -11.56 82.68
N ASP E 470 88.23 -11.39 81.71
CA ASP E 470 88.62 -10.71 80.48
C ASP E 470 88.94 -9.26 80.77
N VAL E 471 90.08 -8.79 80.28
CA VAL E 471 90.61 -7.49 80.65
C VAL E 471 90.75 -6.62 79.41
N GLN E 472 90.68 -5.31 79.65
CA GLN E 472 90.68 -4.29 78.63
C GLN E 472 92.06 -3.63 78.61
N LEU E 473 92.62 -3.43 77.42
CA LEU E 473 94.01 -3.06 77.22
C LEU E 473 94.14 -1.60 76.81
N PRO E 474 95.26 -0.94 77.14
CA PRO E 474 96.44 -1.42 77.87
C PRO E 474 96.23 -1.66 79.34
N LEU E 475 96.94 -2.65 79.88
CA LEU E 475 96.90 -3.01 81.28
C LEU E 475 98.25 -2.72 81.91
N LEU E 476 98.27 -1.86 82.92
CA LEU E 476 99.45 -1.61 83.74
C LEU E 476 99.16 -2.09 85.15
N LYS E 477 99.95 -3.05 85.63
CA LYS E 477 99.66 -3.66 86.93
C LYS E 477 100.99 -4.12 87.54
N GLY E 478 101.60 -3.25 88.32
CA GLY E 478 102.93 -3.53 88.84
C GLY E 478 103.93 -3.59 87.71
N ASP E 479 104.79 -4.62 87.76
CA ASP E 479 105.76 -4.85 86.70
C ASP E 479 105.12 -5.32 85.40
N LEU E 480 103.93 -5.92 85.46
CA LEU E 480 103.25 -6.41 84.27
C LEU E 480 102.66 -5.29 83.43
N ARG E 481 102.92 -5.32 82.13
CA ARG E 481 102.40 -4.36 81.17
C ARG E 481 101.93 -5.14 79.95
N ILE E 482 100.72 -4.84 79.47
CA ILE E 482 100.16 -5.49 78.30
C ILE E 482 99.52 -4.43 77.43
N GLN E 483 99.80 -4.46 76.13
CA GLN E 483 99.28 -3.43 75.25
C GLN E 483 99.25 -3.94 73.81
N HIS E 484 98.37 -3.34 73.02
CA HIS E 484 98.27 -3.68 71.60
C HIS E 484 99.42 -3.05 70.82
N THR E 485 100.08 -3.86 70.00
CA THR E 485 101.07 -3.37 69.06
C THR E 485 100.36 -2.73 67.86
N VAL E 486 101.12 -1.98 67.07
CA VAL E 486 100.58 -1.39 65.84
C VAL E 486 100.02 -2.47 64.92
N THR E 487 100.56 -3.68 64.96
CA THR E 487 100.07 -4.80 64.18
C THR E 487 98.81 -5.42 64.76
N ALA E 488 98.24 -4.86 65.82
CA ALA E 488 97.13 -5.39 66.61
C ALA E 488 97.55 -6.58 67.45
N SER E 489 98.83 -6.95 67.44
CA SER E 489 99.31 -8.04 68.27
C SER E 489 99.47 -7.58 69.70
N VAL E 490 99.11 -8.45 70.63
CA VAL E 490 99.24 -8.15 72.05
C VAL E 490 100.69 -8.32 72.45
N ARG E 491 101.28 -7.28 73.04
CA ARG E 491 102.63 -7.30 73.56
C ARG E 491 102.60 -7.28 75.08
N LEU E 492 103.19 -8.28 75.71
CA LEU E 492 103.25 -8.39 77.16
C LEU E 492 104.69 -8.19 77.61
N SER E 493 104.85 -7.49 78.73
CA SER E 493 106.15 -7.25 79.32
C SER E 493 106.04 -7.45 80.82
N TYR E 494 107.08 -8.01 81.43
CA TYR E 494 107.07 -8.22 82.88
C TYR E 494 108.46 -7.91 83.42
N GLY E 495 108.60 -6.73 84.01
CA GLY E 495 109.90 -6.15 84.26
C GLY E 495 110.58 -5.74 82.98
N GLU E 496 111.91 -5.85 82.98
CA GLU E 496 112.72 -5.71 81.78
C GLU E 496 113.07 -7.04 81.14
N ASP E 497 113.10 -8.11 81.93
CA ASP E 497 113.74 -9.37 81.55
C ASP E 497 112.85 -10.33 80.79
N LEU E 498 111.54 -10.13 80.75
CA LEU E 498 110.63 -10.98 79.99
C LEU E 498 109.72 -10.15 79.11
N GLN E 499 109.56 -10.59 77.87
CA GLN E 499 108.62 -9.96 76.96
C GLN E 499 108.04 -11.01 76.03
N MET E 500 106.81 -10.79 75.58
CA MET E 500 106.10 -11.68 74.69
C MET E 500 105.34 -10.86 73.68
N ASP E 501 105.07 -11.44 72.52
CA ASP E 501 104.34 -10.76 71.46
C ASP E 501 103.45 -11.77 70.75
N TRP E 502 102.14 -11.63 70.92
CA TRP E 502 101.15 -12.63 70.53
C TRP E 502 100.24 -12.03 69.47
N ASP E 503 100.23 -12.62 68.28
CA ASP E 503 99.44 -12.06 67.19
C ASP E 503 98.00 -12.52 67.19
N GLY E 504 97.65 -13.52 67.98
CA GLY E 504 96.30 -14.00 68.07
C GLY E 504 95.93 -15.06 67.04
N ARG E 505 96.72 -15.22 65.99
CA ARG E 505 96.46 -16.25 65.00
C ARG E 505 97.27 -17.50 65.23
N GLY E 506 98.29 -17.44 66.07
CA GLY E 506 99.10 -18.60 66.35
C GLY E 506 100.57 -18.34 66.46
N ARG E 507 101.00 -17.12 66.16
CA ARG E 507 102.41 -16.75 66.26
C ARG E 507 102.70 -16.15 67.63
N LEU E 508 103.71 -16.69 68.30
CA LEU E 508 104.14 -16.21 69.59
C LEU E 508 105.65 -16.04 69.58
N LEU E 509 106.13 -14.86 69.98
CA LEU E 509 107.55 -14.58 70.11
C LEU E 509 107.85 -14.21 71.55
N VAL E 510 108.72 -14.97 72.20
CA VAL E 510 109.11 -14.74 73.59
C VAL E 510 110.56 -14.26 73.61
N LYS E 511 110.78 -13.07 74.16
CA LYS E 511 112.11 -12.50 74.27
C LYS E 511 112.53 -12.42 75.73
N LEU E 512 113.62 -13.12 76.08
CA LEU E 512 114.21 -13.06 77.41
C LEU E 512 115.53 -12.30 77.37
N SER E 513 115.75 -11.44 78.35
CA SER E 513 117.04 -10.80 78.54
C SER E 513 118.07 -11.83 79.00
N PRO E 514 119.36 -11.49 78.93
CA PRO E 514 120.41 -12.43 79.37
C PRO E 514 120.29 -12.87 80.82
N VAL E 515 119.48 -12.21 81.63
CA VAL E 515 119.32 -12.58 83.03
C VAL E 515 118.83 -14.01 83.19
N TYR E 516 118.07 -14.52 82.23
CA TYR E 516 117.54 -15.87 82.26
C TYR E 516 118.39 -16.91 81.55
N ALA E 517 119.56 -16.54 81.05
CA ALA E 517 120.40 -17.49 80.34
C ALA E 517 120.75 -18.67 81.25
N GLY E 518 120.57 -19.89 80.73
CA GLY E 518 120.81 -21.09 81.48
C GLY E 518 119.75 -21.45 82.48
N LYS E 519 118.91 -20.51 82.88
CA LYS E 519 117.87 -20.76 83.87
C LYS E 519 116.59 -21.34 83.27
N THR E 520 116.46 -21.35 81.95
CA THR E 520 115.21 -21.63 81.28
C THR E 520 115.04 -23.13 81.05
N CYS E 521 113.80 -23.53 80.78
CA CYS E 521 113.44 -24.92 80.59
C CYS E 521 112.14 -24.98 79.82
N GLY E 522 111.90 -26.09 79.14
CA GLY E 522 110.73 -26.26 78.30
C GLY E 522 111.09 -26.47 76.86
N LEU E 523 110.07 -26.43 76.00
CA LEU E 523 110.29 -26.62 74.56
C LEU E 523 111.29 -25.63 74.01
N CYS E 524 111.34 -24.42 74.55
CA CYS E 524 112.26 -23.41 74.04
C CYS E 524 113.71 -23.70 74.41
N GLY E 525 113.98 -24.71 75.21
CA GLY E 525 115.34 -25.04 75.56
C GLY E 525 115.82 -24.30 76.79
N ASN E 526 117.07 -24.56 77.14
CA ASN E 526 117.67 -24.00 78.34
C ASN E 526 118.37 -22.67 78.14
N TYR E 527 118.34 -22.12 76.93
CA TYR E 527 118.85 -20.77 76.64
C TYR E 527 120.28 -20.63 77.16
N ASN E 528 121.18 -21.41 76.57
CA ASN E 528 122.60 -21.38 76.95
C ASN E 528 123.51 -21.29 75.74
N GLY E 529 123.01 -20.80 74.61
CA GLY E 529 123.86 -20.58 73.45
C GLY E 529 124.28 -21.82 72.71
N ASN E 530 123.62 -22.96 72.97
CA ASN E 530 124.00 -24.23 72.36
C ASN E 530 122.76 -24.92 71.82
N GLN E 531 122.78 -25.25 70.52
CA GLN E 531 121.68 -26.01 69.95
C GLN E 531 121.70 -27.47 70.38
N GLY E 532 122.86 -27.98 70.77
CA GLY E 532 123.02 -29.41 70.96
C GLY E 532 122.13 -30.00 72.03
N ASP E 533 121.87 -29.25 73.09
CA ASP E 533 121.14 -29.78 74.24
C ASP E 533 119.72 -29.23 74.33
N ASP E 534 119.19 -28.67 73.25
CA ASP E 534 117.86 -28.09 73.32
C ASP E 534 116.76 -29.14 73.38
N PHE E 535 117.04 -30.37 72.96
CA PHE E 535 116.09 -31.45 73.15
C PHE E 535 116.20 -32.11 74.51
N LEU E 536 116.75 -31.41 75.50
CA LEU E 536 116.71 -31.90 76.87
C LEU E 536 115.28 -32.08 77.33
N THR E 537 115.10 -32.95 78.32
CA THR E 537 113.80 -33.29 78.86
C THR E 537 113.88 -33.27 80.37
N PRO E 538 112.74 -33.17 81.06
CA PRO E 538 112.80 -33.19 82.54
C PRO E 538 113.47 -34.42 83.10
N SER E 539 113.60 -35.50 82.32
CA SER E 539 114.35 -36.66 82.75
C SER E 539 115.83 -36.38 82.88
N GLY E 540 116.32 -35.27 82.34
CA GLY E 540 117.72 -34.92 82.41
C GLY E 540 118.54 -35.35 81.22
N LEU E 541 117.98 -36.09 80.27
CA LEU E 541 118.68 -36.55 79.10
C LEU E 541 118.10 -35.89 77.85
N ALA E 542 118.92 -35.81 76.81
CA ALA E 542 118.51 -35.19 75.55
C ALA E 542 117.95 -36.26 74.63
N GLU E 543 116.72 -36.08 74.20
CA GLU E 543 116.09 -37.03 73.29
C GLU E 543 116.57 -36.77 71.87
N PRO E 544 117.05 -37.80 71.15
CA PRO E 544 117.45 -37.59 69.76
C PRO E 544 116.30 -37.32 68.82
N ARG E 545 115.07 -37.59 69.23
CA ARG E 545 113.89 -37.46 68.38
C ARG E 545 113.04 -36.30 68.87
N VAL E 546 112.56 -35.48 67.94
CA VAL E 546 111.71 -34.35 68.33
C VAL E 546 110.42 -34.84 68.96
N GLU E 547 109.89 -35.97 68.49
CA GLU E 547 108.63 -36.47 69.01
C GLU E 547 108.72 -36.78 70.50
N ASP E 548 109.72 -37.57 70.90
CA ASP E 548 109.89 -37.88 72.32
C ASP E 548 110.17 -36.64 73.15
N PHE E 549 111.04 -35.76 72.64
CA PHE E 549 111.35 -34.52 73.34
C PHE E 549 110.08 -33.73 73.63
N GLY E 550 109.26 -33.50 72.61
CA GLY E 550 108.05 -32.73 72.81
C GLY E 550 107.04 -33.44 73.72
N ASN E 551 106.93 -34.76 73.56
CA ASN E 551 106.02 -35.51 74.44
C ASN E 551 106.44 -35.41 75.89
N ALA E 552 107.74 -35.24 76.14
CA ALA E 552 108.20 -35.13 77.52
C ALA E 552 107.70 -33.88 78.22
N TRP E 553 107.35 -32.83 77.47
CA TRP E 553 106.93 -31.56 78.05
C TRP E 553 105.42 -31.36 78.03
N LYS E 554 104.65 -32.39 77.71
CA LYS E 554 103.20 -32.26 77.71
C LYS E 554 102.67 -32.31 79.13
N LEU E 555 101.69 -31.45 79.42
CA LEU E 555 101.22 -31.26 80.79
C LEU E 555 100.20 -32.31 81.22
N HIS E 556 99.41 -32.84 80.28
CA HIS E 556 98.26 -33.67 80.60
C HIS E 556 98.51 -35.10 80.12
N GLY E 557 98.29 -36.06 81.01
CA GLY E 557 98.65 -37.44 80.71
C GLY E 557 97.74 -38.09 79.68
N ASP E 558 96.50 -37.61 79.55
CA ASP E 558 95.58 -38.21 78.60
C ASP E 558 95.82 -37.76 77.17
N CYS E 559 96.72 -36.80 76.95
CA CYS E 559 97.03 -36.35 75.61
C CYS E 559 97.71 -37.46 74.82
N GLN E 560 97.51 -37.45 73.51
CA GLN E 560 98.16 -38.41 72.64
C GLN E 560 99.65 -38.16 72.58
N ASP E 561 100.45 -39.19 72.80
CA ASP E 561 101.89 -39.10 72.58
C ASP E 561 102.17 -39.16 71.09
N LEU E 562 102.84 -38.13 70.57
CA LEU E 562 103.07 -38.04 69.14
C LEU E 562 103.99 -39.17 68.70
N GLN E 563 103.53 -39.99 67.77
CA GLN E 563 104.30 -41.15 67.35
C GLN E 563 105.34 -40.79 66.29
N LYS E 564 104.93 -40.09 65.23
CA LYS E 564 105.86 -39.67 64.21
C LYS E 564 105.52 -38.26 63.75
N GLN E 565 106.54 -37.44 63.58
CA GLN E 565 106.38 -36.08 63.06
C GLN E 565 106.58 -36.13 61.56
N HIS E 566 105.48 -36.28 60.82
CA HIS E 566 105.56 -36.40 59.38
C HIS E 566 105.92 -35.07 58.75
N SER E 567 107.06 -35.03 58.08
CA SER E 567 107.40 -33.88 57.25
C SER E 567 106.67 -33.99 55.91
N ASP E 568 106.74 -32.92 55.13
CA ASP E 568 106.15 -32.89 53.79
C ASP E 568 104.69 -33.28 53.81
N PRO E 569 103.80 -32.42 54.34
CA PRO E 569 102.37 -32.70 54.25
C PRO E 569 101.84 -32.65 52.84
N CYS E 570 102.63 -32.17 51.87
CA CYS E 570 102.17 -32.09 50.49
C CYS E 570 101.79 -33.45 49.93
N ALA E 571 102.31 -34.53 50.49
CA ALA E 571 101.96 -35.87 50.01
C ALA E 571 100.47 -36.11 50.17
N LEU E 572 99.87 -35.63 51.26
CA LEU E 572 98.46 -35.86 51.50
C LEU E 572 97.58 -35.00 50.60
N ASN E 573 98.09 -33.85 50.16
CA ASN E 573 97.37 -32.97 49.24
C ASN E 573 98.28 -32.65 48.07
N PRO E 574 98.40 -33.56 47.11
CA PRO E 574 99.29 -33.31 45.98
C PRO E 574 98.92 -32.07 45.18
N ARG E 575 97.66 -31.66 45.19
CA ARG E 575 97.26 -30.50 44.41
C ARG E 575 98.04 -29.26 44.79
N MET E 576 98.46 -29.15 46.04
CA MET E 576 99.09 -27.95 46.57
C MET E 576 100.60 -27.94 46.40
N THR E 577 101.20 -29.02 45.90
CA THR E 577 102.66 -29.09 45.86
C THR E 577 103.25 -28.07 44.90
N ARG E 578 102.66 -27.90 43.71
CA ARG E 578 103.17 -26.94 42.76
C ARG E 578 103.13 -25.53 43.31
N PHE E 579 101.98 -25.15 43.89
CA PHE E 579 101.86 -23.82 44.49
C PHE E 579 102.84 -23.66 45.64
N SER E 580 102.98 -24.68 46.48
CA SER E 580 103.91 -24.58 47.59
C SER E 580 105.31 -24.26 47.10
N GLU E 581 105.81 -25.07 46.16
CA GLU E 581 107.15 -24.82 45.65
C GLU E 581 107.26 -23.43 45.03
N GLU E 582 106.39 -23.13 44.07
CA GLU E 582 106.55 -21.92 43.28
C GLU E 582 106.29 -20.65 44.07
N ALA E 583 105.57 -20.75 45.19
CA ALA E 583 105.28 -19.57 46.00
C ALA E 583 106.32 -19.39 47.09
N CYS E 584 106.61 -20.44 47.84
CA CYS E 584 107.60 -20.32 48.90
C CYS E 584 109.01 -20.17 48.36
N ALA E 585 109.22 -20.39 47.06
CA ALA E 585 110.55 -20.14 46.50
C ALA E 585 110.96 -18.69 46.58
N VAL E 586 110.01 -17.77 46.80
CA VAL E 586 110.36 -16.35 46.83
C VAL E 586 111.33 -16.04 47.96
N LEU E 587 111.33 -16.85 49.02
CA LEU E 587 112.26 -16.62 50.12
C LEU E 587 113.70 -16.66 49.66
N THR E 588 114.01 -17.36 48.57
CA THR E 588 115.36 -17.41 48.02
C THR E 588 115.55 -16.48 46.83
N SER E 589 114.53 -15.74 46.45
CA SER E 589 114.60 -14.86 45.29
C SER E 589 115.43 -13.62 45.65
N PRO E 590 115.87 -12.85 44.64
CA PRO E 590 116.57 -11.60 44.94
C PRO E 590 115.79 -10.66 45.84
N THR E 591 114.48 -10.86 45.97
CA THR E 591 113.70 -10.06 46.92
C THR E 591 114.26 -10.17 48.33
N PHE E 592 114.83 -11.32 48.68
CA PHE E 592 115.35 -11.55 50.01
C PHE E 592 116.86 -11.75 50.03
N GLU E 593 117.54 -11.62 48.89
CA GLU E 593 118.99 -11.80 48.87
C GLU E 593 119.69 -10.83 49.80
N ALA E 594 119.08 -9.68 50.06
CA ALA E 594 119.65 -8.74 51.00
C ALA E 594 119.71 -9.30 52.41
N CYS E 595 118.92 -10.34 52.70
CA CYS E 595 118.83 -10.92 54.02
C CYS E 595 119.52 -12.25 54.17
N HIS E 596 119.79 -12.96 53.06
CA HIS E 596 120.36 -14.30 53.16
C HIS E 596 121.64 -14.31 53.98
N ARG E 597 122.42 -13.23 53.89
CA ARG E 597 123.63 -13.16 54.68
C ARG E 597 123.31 -13.07 56.17
N ALA E 598 122.29 -12.29 56.53
CA ALA E 598 121.97 -12.09 57.93
C ALA E 598 121.28 -13.30 58.55
N VAL E 599 120.29 -13.86 57.87
CA VAL E 599 119.52 -14.98 58.39
C VAL E 599 119.46 -16.07 57.34
N SER E 600 119.71 -17.30 57.75
CA SER E 600 119.65 -18.42 56.82
C SER E 600 118.20 -18.66 56.42
N PRO E 601 117.89 -18.67 55.12
CA PRO E 601 116.49 -18.83 54.70
C PRO E 601 116.01 -20.26 54.67
N LEU E 602 116.88 -21.24 54.90
CA LEU E 602 116.48 -22.64 54.74
C LEU E 602 115.41 -23.07 55.74
N PRO E 603 115.53 -22.83 57.04
CA PRO E 603 114.46 -23.23 57.96
C PRO E 603 113.15 -22.57 57.63
N TYR E 604 113.18 -21.29 57.28
CA TYR E 604 111.95 -20.59 56.95
C TYR E 604 111.36 -21.11 55.66
N LEU E 605 112.18 -21.54 54.72
CA LEU E 605 111.67 -22.17 53.50
C LEU E 605 110.97 -23.49 53.80
N ARG E 606 111.60 -24.32 54.63
CA ARG E 606 110.96 -25.57 55.03
C ARG E 606 109.63 -25.29 55.69
N ASN E 607 109.61 -24.34 56.63
CA ASN E 607 108.38 -24.00 57.33
C ASN E 607 107.33 -23.46 56.37
N CYS E 608 107.74 -22.63 55.42
CA CYS E 608 106.80 -22.08 54.45
C CYS E 608 106.13 -23.17 53.63
N ARG E 609 106.92 -24.10 53.10
CA ARG E 609 106.32 -25.15 52.30
C ARG E 609 105.43 -26.05 53.13
N TYR E 610 105.85 -26.40 54.33
CA TYR E 610 105.00 -27.18 55.22
C TYR E 610 103.67 -26.47 55.45
N ASP E 611 103.73 -25.18 55.80
CA ASP E 611 102.52 -24.44 56.11
C ASP E 611 101.60 -24.36 54.91
N VAL E 612 102.13 -23.98 53.75
CA VAL E 612 101.29 -23.83 52.57
C VAL E 612 100.63 -25.15 52.21
N CYS E 613 101.35 -26.26 52.37
CA CYS E 613 100.75 -27.54 52.04
C CYS E 613 99.74 -28.01 53.07
N SER E 614 99.88 -27.63 54.34
CA SER E 614 99.03 -28.20 55.38
C SER E 614 97.92 -27.27 55.85
N CYS E 615 97.96 -25.99 55.51
CA CYS E 615 97.05 -25.04 56.13
C CYS E 615 95.66 -25.10 55.50
N SER E 616 94.69 -24.54 56.23
CA SER E 616 93.34 -24.41 55.70
C SER E 616 93.33 -23.49 54.48
N ASP E 617 94.02 -22.36 54.57
CA ASP E 617 94.16 -21.42 53.46
C ASP E 617 95.64 -21.24 53.18
N GLY E 618 96.05 -21.61 51.96
CA GLY E 618 97.45 -21.53 51.63
C GLY E 618 97.95 -20.10 51.47
N ARG E 619 97.07 -19.19 51.08
CA ARG E 619 97.48 -17.80 50.91
C ARG E 619 97.83 -17.17 52.25
N GLU E 620 96.96 -17.36 53.24
CA GLU E 620 97.19 -16.79 54.56
C GLU E 620 98.49 -17.32 55.16
N CYS E 621 98.72 -18.63 55.04
CA CYS E 621 99.92 -19.20 55.61
C CYS E 621 101.16 -18.84 54.80
N LEU E 622 101.02 -18.66 53.50
CA LEU E 622 102.12 -18.12 52.71
C LEU E 622 102.54 -16.76 53.23
N CYS E 623 101.57 -15.88 53.45
CA CYS E 623 101.88 -14.57 54.02
C CYS E 623 102.49 -14.70 55.40
N GLY E 624 101.97 -15.63 56.20
CA GLY E 624 102.52 -15.82 57.53
C GLY E 624 103.99 -16.20 57.50
N ALA E 625 104.34 -17.17 56.65
CA ALA E 625 105.72 -17.62 56.58
C ALA E 625 106.64 -16.54 56.03
N LEU E 626 106.22 -15.86 54.97
CA LEU E 626 107.04 -14.78 54.42
C LEU E 626 107.23 -13.69 55.45
N ALA E 627 106.18 -13.34 56.18
CA ALA E 627 106.30 -12.33 57.23
C ALA E 627 107.20 -12.80 58.34
N SER E 628 107.20 -14.10 58.65
CA SER E 628 108.10 -14.62 59.68
C SER E 628 109.55 -14.41 59.26
N TYR E 629 109.88 -14.77 58.02
CA TYR E 629 111.26 -14.56 57.57
C TYR E 629 111.61 -13.09 57.53
N ALA E 630 110.69 -12.24 57.07
CA ALA E 630 110.96 -10.81 57.04
C ALA E 630 111.15 -10.26 58.46
N ALA E 631 110.40 -10.79 59.42
CA ALA E 631 110.57 -10.37 60.80
C ALA E 631 111.91 -10.78 61.35
N ALA E 632 112.39 -11.98 61.01
CA ALA E 632 113.74 -12.36 61.39
C ALA E 632 114.78 -11.41 60.79
N CYS E 633 114.62 -11.08 59.51
CA CYS E 633 115.52 -10.13 58.88
C CYS E 633 115.53 -8.80 59.60
N ALA E 634 114.34 -8.28 59.92
CA ALA E 634 114.25 -7.03 60.65
C ALA E 634 114.91 -7.13 62.01
N GLY E 635 114.77 -8.28 62.67
CA GLY E 635 115.48 -8.49 63.92
C GLY E 635 116.97 -8.39 63.77
N ARG E 636 117.49 -8.87 62.65
CA ARG E 636 118.90 -8.65 62.30
C ARG E 636 119.14 -7.30 61.65
N GLY E 637 118.18 -6.38 61.71
CA GLY E 637 118.39 -5.04 61.20
C GLY E 637 118.26 -4.87 59.72
N VAL E 638 117.83 -5.89 58.98
CA VAL E 638 117.65 -5.81 57.54
C VAL E 638 116.16 -5.73 57.25
N ARG E 639 115.75 -4.71 56.52
CA ARG E 639 114.35 -4.52 56.17
C ARG E 639 114.17 -4.78 54.68
N VAL E 640 113.20 -5.62 54.33
CA VAL E 640 112.96 -6.03 52.96
C VAL E 640 111.55 -5.62 52.58
N ALA E 641 111.43 -4.93 51.44
CA ALA E 641 110.13 -4.52 50.90
C ALA E 641 109.53 -5.68 50.11
N TRP E 642 109.04 -6.68 50.84
CA TRP E 642 108.63 -7.92 50.23
C TRP E 642 107.15 -7.95 49.85
N ARG E 643 106.31 -7.17 50.51
CA ARG E 643 104.89 -7.16 50.18
C ARG E 643 104.66 -6.48 48.84
N GLU E 644 103.71 -7.00 48.08
CA GLU E 644 103.38 -6.48 46.75
C GLU E 644 101.92 -6.76 46.48
N PRO E 645 101.34 -6.12 45.46
CA PRO E 645 99.91 -6.37 45.16
C PRO E 645 99.58 -7.84 44.97
N GLY E 646 100.49 -8.60 44.37
CA GLY E 646 100.24 -10.00 44.17
C GLY E 646 100.44 -10.87 45.39
N ARG E 647 100.91 -10.31 46.50
CA ARG E 647 101.15 -11.12 47.69
C ARG E 647 101.15 -10.25 48.94
N CYS E 648 100.16 -10.47 49.81
CA CYS E 648 100.27 -10.12 51.22
C CYS E 648 100.42 -8.61 51.46
N GLU E 649 99.54 -7.82 50.85
CA GLU E 649 99.45 -6.41 51.21
C GLU E 649 98.62 -6.23 52.45
N LEU E 650 99.05 -5.31 53.32
CA LEU E 650 98.27 -4.93 54.49
C LEU E 650 97.22 -3.91 54.08
N ASN E 651 95.96 -4.29 54.10
CA ASN E 651 94.86 -3.37 53.78
C ASN E 651 94.49 -2.63 55.07
N CYS E 652 95.04 -1.44 55.24
CA CYS E 652 94.93 -0.74 56.51
C CYS E 652 93.52 -0.22 56.73
N PRO E 653 93.06 -0.21 57.98
CA PRO E 653 91.71 0.31 58.25
C PRO E 653 91.60 1.78 57.91
N LYS E 654 90.42 2.16 57.43
CA LYS E 654 90.01 3.56 57.22
C LYS E 654 91.13 4.30 56.49
N GLY E 655 91.53 5.49 56.93
CA GLY E 655 92.53 6.30 56.26
C GLY E 655 93.96 6.07 56.71
N GLN E 656 94.21 5.06 57.54
CA GLN E 656 95.57 4.78 57.98
C GLN E 656 96.43 4.36 56.79
N VAL E 657 97.71 4.67 56.86
CA VAL E 657 98.64 4.43 55.77
C VAL E 657 99.66 3.39 56.21
N TYR E 658 99.93 2.43 55.33
CA TYR E 658 100.93 1.41 55.62
C TYR E 658 102.33 2.00 55.54
N LEU E 659 103.13 1.73 56.57
CA LEU E 659 104.53 2.11 56.59
C LEU E 659 105.38 0.88 56.84
N GLN E 660 106.49 0.78 56.11
CA GLN E 660 107.45 -0.30 56.34
C GLN E 660 108.27 -0.07 57.60
N CYS E 661 108.50 1.19 57.98
CA CYS E 661 109.26 1.53 59.17
C CYS E 661 108.64 2.78 59.78
N GLY E 662 107.75 2.57 60.75
CA GLY E 662 107.10 3.66 61.44
C GLY E 662 107.29 3.59 62.94
N THR E 663 107.17 4.71 63.62
CA THR E 663 107.44 4.74 65.04
C THR E 663 106.16 4.58 65.84
N PRO E 664 106.10 3.64 66.78
CA PRO E 664 104.86 3.42 67.54
C PRO E 664 104.68 4.36 68.71
N CYS E 665 105.72 5.08 69.12
CA CYS E 665 105.71 5.75 70.41
C CYS E 665 104.63 6.83 70.48
N ASN E 666 104.41 7.55 69.40
CA ASN E 666 103.50 8.70 69.40
C ASN E 666 102.34 8.50 68.41
N LEU E 667 101.78 7.29 68.36
CA LEU E 667 100.67 7.05 67.46
C LEU E 667 99.32 7.29 68.13
N THR E 668 99.12 6.71 69.31
CA THR E 668 97.84 6.78 70.00
C THR E 668 97.75 8.06 70.84
N CYS E 669 96.50 8.47 71.11
CA CYS E 669 96.29 9.68 71.88
C CYS E 669 96.65 9.50 73.35
N ARG E 670 96.69 8.26 73.83
CA ARG E 670 97.24 8.00 75.15
C ARG E 670 98.66 8.51 75.28
N SER E 671 99.42 8.49 74.18
CA SER E 671 100.75 9.09 74.20
C SER E 671 100.68 10.57 74.52
N LEU E 672 99.67 11.26 74.01
CA LEU E 672 99.45 12.64 74.41
C LEU E 672 99.09 12.74 75.87
N SER E 673 98.22 11.85 76.34
CA SER E 673 97.78 11.93 77.73
C SER E 673 98.88 11.56 78.72
N TYR E 674 99.86 10.79 78.29
CA TYR E 674 101.00 10.39 79.13
C TYR E 674 102.30 10.67 78.39
N PRO E 675 102.67 11.94 78.23
CA PRO E 675 103.88 12.25 77.46
C PRO E 675 105.16 11.92 78.19
N ASP E 676 105.14 11.83 79.51
CA ASP E 676 106.34 11.57 80.28
C ASP E 676 106.66 10.09 80.40
N GLU E 677 105.80 9.21 79.92
CA GLU E 677 106.12 7.78 79.88
C GLU E 677 107.13 7.54 78.76
N GLU E 678 108.34 7.16 79.14
CA GLU E 678 109.43 7.06 78.18
C GLU E 678 109.16 5.96 77.17
N CYS E 679 109.51 6.22 75.91
CA CYS E 679 109.35 5.26 74.83
C CYS E 679 110.51 5.40 73.88
N ASN E 680 111.27 4.31 73.70
CA ASN E 680 112.44 4.31 72.83
C ASN E 680 112.38 3.16 71.82
N GLU E 681 111.19 2.66 71.54
CA GLU E 681 111.05 1.45 70.73
C GLU E 681 111.42 1.73 69.28
N ALA E 682 112.09 0.75 68.66
CA ALA E 682 112.47 0.83 67.27
C ALA E 682 111.24 0.84 66.36
N CYS E 683 111.44 1.27 65.11
CA CYS E 683 110.33 1.32 64.18
C CYS E 683 109.90 -0.08 63.78
N LEU E 684 108.69 -0.17 63.24
CA LEU E 684 108.15 -1.45 62.78
C LEU E 684 107.15 -1.19 61.67
N GLU E 685 106.92 -2.21 60.86
CA GLU E 685 105.91 -2.10 59.82
C GLU E 685 104.52 -2.26 60.39
N GLY E 686 103.56 -1.60 59.77
CA GLY E 686 102.19 -1.64 60.21
C GLY E 686 101.40 -0.50 59.63
N CYS E 687 100.22 -0.29 60.19
CA CYS E 687 99.32 0.77 59.75
C CYS E 687 99.42 1.93 60.73
N PHE E 688 99.76 3.11 60.22
CA PHE E 688 99.94 4.30 61.03
C PHE E 688 99.08 5.42 60.46
N CYS E 689 98.73 6.35 61.32
CA CYS E 689 98.03 7.53 60.86
C CYS E 689 98.99 8.47 60.15
N PRO E 690 98.50 9.29 59.23
CA PRO E 690 99.36 10.27 58.55
C PRO E 690 100.10 11.14 59.54
N PRO E 691 101.16 11.82 59.12
CA PRO E 691 102.07 12.44 60.11
C PRO E 691 101.42 13.44 61.04
N GLY E 692 100.38 14.13 60.59
CA GLY E 692 99.79 15.17 61.42
C GLY E 692 98.65 14.73 62.32
N LEU E 693 98.33 13.44 62.36
CA LEU E 693 97.15 12.96 63.06
C LEU E 693 97.52 11.87 64.06
N TYR E 694 96.83 11.87 65.18
CA TYR E 694 96.93 10.82 66.17
C TYR E 694 95.75 9.85 66.01
N MET E 695 95.83 8.72 66.70
CA MET E 695 94.86 7.65 66.56
C MET E 695 94.11 7.48 67.87
N ASP E 696 92.78 7.44 67.80
CA ASP E 696 91.92 7.30 68.96
C ASP E 696 91.53 5.84 69.19
N GLU E 697 90.59 5.61 70.10
CA GLU E 697 90.16 4.25 70.41
C GLU E 697 89.46 3.60 69.22
N ARG E 698 88.70 4.38 68.46
CA ARG E 698 87.98 3.82 67.32
C ARG E 698 88.90 3.47 66.16
N GLY E 699 90.18 3.81 66.25
CA GLY E 699 91.07 3.64 65.13
C GLY E 699 91.04 4.78 64.13
N ASP E 700 90.25 5.81 64.41
CA ASP E 700 90.18 6.96 63.51
C ASP E 700 91.35 7.89 63.77
N CYS E 701 91.90 8.43 62.70
CA CYS E 701 92.99 9.38 62.80
C CYS E 701 92.43 10.77 63.06
N VAL E 702 92.88 11.41 64.14
CA VAL E 702 92.32 12.68 64.57
C VAL E 702 93.46 13.65 64.85
N PRO E 703 93.29 14.95 64.63
CA PRO E 703 94.26 15.92 65.10
C PRO E 703 94.32 15.93 66.61
N LYS E 704 95.47 16.32 67.15
CA LYS E 704 95.66 16.28 68.59
C LYS E 704 94.62 17.12 69.32
N ALA E 705 94.05 18.11 68.66
CA ALA E 705 92.99 18.91 69.27
C ALA E 705 91.74 18.09 69.54
N GLN E 706 91.56 16.97 68.84
CA GLN E 706 90.36 16.15 68.97
C GLN E 706 90.56 14.89 69.80
N CYS E 707 91.78 14.59 70.23
CA CYS E 707 92.00 13.44 71.08
C CYS E 707 91.30 13.62 72.42
N PRO E 708 90.73 12.57 72.98
CA PRO E 708 90.29 12.61 74.37
C PRO E 708 91.46 12.52 75.32
N CYS E 709 91.21 12.90 76.57
CA CYS E 709 92.21 12.87 77.62
C CYS E 709 91.91 11.72 78.57
N TYR E 710 92.94 10.92 78.86
CA TYR E 710 92.82 9.80 79.78
C TYR E 710 93.35 10.23 81.14
N TYR E 711 92.50 10.20 82.15
CA TYR E 711 92.87 10.66 83.48
C TYR E 711 92.31 9.68 84.49
N ASP E 712 93.17 9.13 85.34
CA ASP E 712 92.77 8.15 86.35
C ASP E 712 92.00 6.98 85.74
N GLY E 713 92.32 6.65 84.50
CA GLY E 713 91.63 5.57 83.82
C GLY E 713 90.27 5.93 83.27
N GLU E 714 89.93 7.21 83.24
CA GLU E 714 88.66 7.68 82.70
C GLU E 714 88.92 8.51 81.46
N ILE E 715 88.05 8.41 80.49
CA ILE E 715 88.25 9.03 79.18
C ILE E 715 87.42 10.30 79.13
N PHE E 716 88.07 11.44 78.97
CA PHE E 716 87.41 12.73 78.90
C PHE E 716 87.52 13.30 77.50
N GLN E 717 86.45 13.90 77.03
CA GLN E 717 86.39 14.47 75.70
C GLN E 717 87.13 15.80 75.66
N PRO E 718 87.46 16.28 74.46
CA PRO E 718 88.13 17.57 74.36
C PRO E 718 87.29 18.68 74.98
N GLU E 719 87.97 19.64 75.60
CA GLU E 719 87.37 20.80 76.25
C GLU E 719 86.59 20.44 77.50
N ASP E 720 86.66 19.21 77.96
CA ASP E 720 85.99 18.86 79.20
C ASP E 720 86.68 19.52 80.38
N ILE E 721 85.90 19.92 81.36
CA ILE E 721 86.38 20.57 82.57
C ILE E 721 85.78 19.84 83.75
N PHE E 722 86.56 19.68 84.81
CA PHE E 722 86.00 19.20 86.06
C PHE E 722 86.81 19.76 87.21
N SER E 723 86.16 19.91 88.35
CA SER E 723 86.80 20.40 89.55
C SER E 723 86.35 19.57 90.74
N ASP E 724 87.28 19.26 91.63
CA ASP E 724 87.03 18.42 92.78
C ASP E 724 87.41 19.16 94.05
N HIS E 725 87.22 18.50 95.19
CA HIS E 725 87.66 19.05 96.46
C HIS E 725 89.13 19.42 96.41
N HIS E 726 89.91 18.65 95.65
CA HIS E 726 91.36 18.78 95.68
C HIS E 726 91.93 19.36 94.41
N THR E 727 91.21 19.32 93.29
CA THR E 727 91.86 19.55 92.01
C THR E 727 90.88 20.21 91.05
N MET E 728 91.44 20.92 90.08
CA MET E 728 90.70 21.46 88.95
C MET E 728 91.46 21.12 87.68
N CYS E 729 90.77 20.53 86.71
CA CYS E 729 91.43 20.01 85.52
C CYS E 729 90.62 20.40 84.29
N TYR E 730 91.28 20.36 83.14
CA TYR E 730 90.58 20.51 81.88
C TYR E 730 91.36 19.83 80.78
N CYS E 731 90.65 19.31 79.80
CA CYS E 731 91.23 18.54 78.73
C CYS E 731 91.46 19.43 77.52
N GLU E 732 92.70 19.48 77.04
CA GLU E 732 93.02 20.25 75.86
C GLU E 732 94.18 19.57 75.13
N ASP E 733 94.04 19.38 73.82
CA ASP E 733 95.10 18.78 73.01
C ASP E 733 95.51 17.42 73.54
N GLY E 734 94.54 16.65 73.99
CA GLY E 734 94.81 15.30 74.43
C GLY E 734 95.50 15.19 75.76
N PHE E 735 95.66 16.28 76.49
CA PHE E 735 96.31 16.25 77.79
C PHE E 735 95.41 16.88 78.83
N MET E 736 95.45 16.35 80.05
CA MET E 736 94.60 16.83 81.14
C MET E 736 95.42 17.84 81.94
N HIS E 737 95.12 19.12 81.74
CA HIS E 737 95.90 20.20 82.34
C HIS E 737 95.37 20.48 83.75
N CYS E 738 95.74 19.63 84.69
CA CYS E 738 95.35 19.83 86.07
C CYS E 738 96.26 20.87 86.71
N THR E 739 95.65 21.87 87.34
CA THR E 739 96.39 23.03 87.85
C THR E 739 95.94 23.40 89.25
N MET E 740 95.69 22.40 90.10
CA MET E 740 95.39 22.68 91.50
C MET E 740 95.93 21.54 92.35
N SER E 741 96.43 21.89 93.54
CA SER E 741 97.03 20.93 94.46
C SER E 741 98.10 20.08 93.78
N GLU E 786 87.51 -0.75 104.13
CA GLU E 786 87.46 -0.15 105.46
C GLU E 786 87.62 1.35 105.39
N CYS E 787 86.95 2.07 106.27
CA CYS E 787 87.02 3.52 106.29
C CYS E 787 86.67 4.02 107.68
N ALA E 788 87.08 5.27 107.96
CA ALA E 788 86.64 5.94 109.17
C ALA E 788 85.18 6.35 109.03
N LYS E 789 84.51 6.45 110.18
CA LYS E 789 83.08 6.73 110.21
C LYS E 789 82.79 7.97 111.03
N THR E 790 81.67 8.63 110.69
CA THR E 790 81.20 9.82 111.37
C THR E 790 79.75 9.59 111.74
N CYS E 791 79.28 10.32 112.75
CA CYS E 791 77.91 10.12 113.22
C CYS E 791 76.90 10.23 112.08
N GLN E 792 77.18 11.08 111.10
CA GLN E 792 76.28 11.25 109.97
C GLN E 792 76.33 10.06 109.03
N ASN E 793 77.52 9.58 108.70
CA ASN E 793 77.72 8.57 107.67
C ASN E 793 77.93 7.18 108.22
N TYR E 794 77.54 6.92 109.47
CA TYR E 794 77.80 5.62 110.06
C TYR E 794 77.10 4.51 109.29
N ASP E 795 75.84 4.71 108.94
CA ASP E 795 75.08 3.67 108.26
C ASP E 795 75.35 3.58 106.77
N LEU E 796 76.04 4.57 106.21
CA LEU E 796 76.26 4.61 104.77
C LEU E 796 77.49 3.80 104.39
N GLU E 797 77.77 3.73 103.09
CA GLU E 797 78.92 3.02 102.58
C GLU E 797 80.20 3.77 102.89
N CYS E 798 81.33 3.16 102.53
CA CYS E 798 82.62 3.82 102.58
C CYS E 798 82.91 4.49 101.25
N MET E 799 83.49 5.68 101.31
CA MET E 799 83.80 6.40 100.08
C MET E 799 84.78 5.59 99.24
N SER E 800 84.36 5.25 98.03
CA SER E 800 85.17 4.45 97.12
C SER E 800 86.09 5.34 96.29
N MET E 801 86.91 6.12 97.00
CA MET E 801 87.81 7.07 96.36
C MET E 801 89.17 7.07 97.04
N GLY E 802 89.59 5.93 97.56
CA GLY E 802 90.87 5.81 98.22
C GLY E 802 91.22 4.38 98.55
N LEU E 808 91.98 6.93 113.16
CA LEU E 808 90.85 6.01 113.15
C LEU E 808 90.41 5.68 114.58
N CYS E 809 89.14 5.99 114.88
CA CYS E 809 88.64 5.80 116.23
C CYS E 809 88.42 4.32 116.52
N PRO E 810 88.37 3.94 117.79
CA PRO E 810 88.17 2.53 118.15
C PRO E 810 86.82 2.02 117.67
N PRO E 811 86.62 0.71 117.60
CA PRO E 811 85.29 0.18 117.28
C PRO E 811 84.28 0.59 118.33
N GLY E 812 83.04 0.85 117.89
CA GLY E 812 82.02 1.35 118.76
C GLY E 812 82.16 2.81 119.10
N MET E 813 83.08 3.53 118.47
CA MET E 813 83.30 4.94 118.70
C MET E 813 83.39 5.64 117.35
N VAL E 814 82.92 6.88 117.31
CA VAL E 814 82.66 7.56 116.06
C VAL E 814 83.23 8.98 116.09
N ARG E 815 83.72 9.43 114.94
CA ARG E 815 84.22 10.79 114.81
C ARG E 815 83.07 11.79 114.95
N HIS E 816 83.28 12.82 115.77
CA HIS E 816 82.30 13.88 115.97
C HIS E 816 82.99 15.04 116.66
N GLU E 817 82.69 16.27 116.20
CA GLU E 817 83.34 17.47 116.73
C GLU E 817 84.87 17.36 116.67
N ASN E 818 85.37 16.67 115.64
CA ASN E 818 86.80 16.39 115.51
C ASN E 818 87.36 15.69 116.74
N ARG E 819 86.56 14.78 117.31
CA ARG E 819 87.00 13.91 118.39
C ARG E 819 86.24 12.61 118.29
N CYS E 820 86.82 11.55 118.87
CA CYS E 820 86.17 10.26 118.87
C CYS E 820 85.10 10.23 119.97
N VAL E 821 83.87 9.90 119.57
CA VAL E 821 82.72 9.92 120.48
C VAL E 821 82.03 8.57 120.39
N ALA E 822 81.55 8.08 121.53
CA ALA E 822 80.99 6.74 121.60
C ALA E 822 79.70 6.63 120.81
N LEU E 823 79.45 5.43 120.29
CA LEU E 823 78.18 5.14 119.65
C LEU E 823 77.09 5.09 120.72
N GLU E 824 75.84 5.27 120.29
CA GLU E 824 74.66 5.44 121.14
C GLU E 824 74.66 6.82 121.79
N ARG E 825 75.69 7.62 121.57
CA ARG E 825 75.75 9.01 122.03
C ARG E 825 75.89 10.00 120.89
N CYS E 826 75.85 9.53 119.64
CA CYS E 826 75.85 10.45 118.51
C CYS E 826 74.52 11.21 118.47
N PRO E 827 74.53 12.47 118.07
CA PRO E 827 73.29 13.24 118.02
C PRO E 827 72.49 12.94 116.75
N CYS E 828 71.24 13.39 116.76
CA CYS E 828 70.35 13.31 115.61
C CYS E 828 70.32 14.65 114.88
N PHE E 829 70.02 14.60 113.60
CA PHE E 829 70.11 15.75 112.71
C PHE E 829 68.74 16.08 112.13
N HIS E 830 68.39 17.36 112.13
CA HIS E 830 67.18 17.84 111.48
C HIS E 830 67.40 19.29 111.07
N GLN E 831 66.99 19.61 109.84
CA GLN E 831 67.16 20.94 109.27
C GLN E 831 68.61 21.42 109.41
N GLY E 832 69.54 20.49 109.30
CA GLY E 832 70.94 20.85 109.29
C GLY E 832 71.56 21.13 110.63
N LYS E 833 70.84 20.91 111.72
CA LYS E 833 71.38 21.13 113.06
C LYS E 833 71.21 19.88 113.90
N GLU E 834 72.12 19.69 114.84
CA GLU E 834 72.22 18.45 115.59
C GLU E 834 71.36 18.51 116.85
N TYR E 835 70.89 17.34 117.28
CA TYR E 835 70.10 17.20 118.50
C TYR E 835 70.69 16.06 119.32
N ALA E 836 70.98 16.33 120.59
CA ALA E 836 71.52 15.29 121.45
C ALA E 836 70.46 14.23 121.74
N PRO E 837 70.88 13.00 122.06
CA PRO E 837 69.91 11.96 122.38
C PRO E 837 69.04 12.36 123.56
N GLY E 838 67.76 12.04 123.46
CA GLY E 838 66.78 12.46 124.44
C GLY E 838 66.11 13.78 124.12
N GLU E 839 66.67 14.57 123.22
CA GLU E 839 66.03 15.80 122.81
C GLU E 839 64.81 15.49 121.94
N THR E 840 63.97 16.50 121.73
CA THR E 840 62.72 16.34 121.03
C THR E 840 62.56 17.47 120.01
N VAL E 841 61.79 17.19 118.96
CA VAL E 841 61.47 18.17 117.93
C VAL E 841 59.98 18.04 117.61
N LYS E 842 59.37 19.18 117.30
CA LYS E 842 57.93 19.25 117.05
C LYS E 842 57.69 19.29 115.55
N ILE E 843 56.95 18.32 115.05
CA ILE E 843 56.69 18.17 113.61
C ILE E 843 55.18 18.13 113.44
N GLY E 844 54.59 19.25 113.06
CA GLY E 844 53.15 19.31 112.93
C GLY E 844 52.50 18.96 114.25
N CYS E 845 51.56 18.03 114.22
CA CYS E 845 50.92 17.53 115.43
C CYS E 845 51.70 16.40 116.07
N ASN E 846 52.74 15.88 115.42
CA ASN E 846 53.52 14.77 115.93
C ASN E 846 54.76 15.28 116.67
N THR E 847 55.26 14.43 117.56
CA THR E 847 56.48 14.71 118.30
C THR E 847 57.50 13.62 118.03
N CYS E 848 58.76 14.01 117.85
CA CYS E 848 59.85 13.09 117.57
C CYS E 848 60.93 13.23 118.63
N VAL E 849 61.50 12.10 119.05
CA VAL E 849 62.52 12.08 120.09
C VAL E 849 63.76 11.38 119.54
N CYS E 850 64.92 12.01 119.73
CA CYS E 850 66.16 11.51 119.17
C CYS E 850 66.67 10.34 120.00
N ARG E 851 66.75 9.16 119.40
CA ARG E 851 67.31 7.99 120.06
C ARG E 851 68.25 7.29 119.09
N ASP E 852 69.47 6.99 119.54
CA ASP E 852 70.44 6.22 118.76
C ASP E 852 70.47 6.68 117.32
N ARG E 853 70.67 7.98 117.12
CA ARG E 853 70.84 8.56 115.79
C ARG E 853 69.57 8.46 114.95
N LYS E 854 68.50 7.88 115.47
CA LYS E 854 67.23 7.74 114.77
C LYS E 854 66.14 8.53 115.50
N TRP E 855 65.41 9.33 114.74
CA TRP E 855 64.22 9.97 115.28
C TRP E 855 63.11 8.96 115.46
N ASN E 856 62.50 8.95 116.64
CA ASN E 856 61.41 8.03 116.95
C ASN E 856 60.17 8.89 117.18
N CYS E 857 59.21 8.80 116.26
CA CYS E 857 58.15 9.78 116.14
C CYS E 857 56.80 9.15 116.44
N THR E 858 55.90 9.97 116.97
CA THR E 858 54.50 9.58 117.06
C THR E 858 53.90 9.46 115.66
N ASP E 859 52.84 8.65 115.55
CA ASP E 859 52.23 8.34 114.27
C ASP E 859 50.81 8.90 114.14
N HIS E 860 50.59 10.11 114.63
CA HIS E 860 49.29 10.74 114.49
C HIS E 860 49.10 11.30 113.09
N VAL E 861 47.90 11.16 112.56
CA VAL E 861 47.53 11.77 111.29
C VAL E 861 47.01 13.18 111.59
N CYS E 862 47.81 14.19 111.25
CA CYS E 862 47.47 15.55 111.58
C CYS E 862 46.40 16.09 110.63
N ASP E 863 45.72 17.14 111.08
CA ASP E 863 44.70 17.79 110.27
C ASP E 863 45.33 18.36 109.01
N ALA E 864 44.67 18.14 107.87
CA ALA E 864 45.19 18.54 106.58
C ALA E 864 44.43 19.74 106.05
N THR E 865 45.15 20.66 105.43
CA THR E 865 44.57 21.90 104.94
C THR E 865 44.70 21.93 103.42
N CYS E 866 43.61 21.66 102.72
CA CYS E 866 43.54 22.02 101.31
C CYS E 866 43.39 23.53 101.20
N SER E 867 43.94 24.11 100.14
CA SER E 867 43.96 25.55 100.02
C SER E 867 43.97 25.93 98.56
N THR E 868 43.11 26.88 98.20
CA THR E 868 43.21 27.57 96.93
C THR E 868 44.15 28.76 97.11
N ILE E 869 45.29 28.72 96.42
CA ILE E 869 46.30 29.76 96.54
C ILE E 869 46.15 30.67 95.34
N GLY E 870 45.84 31.93 95.59
CA GLY E 870 45.67 32.80 94.45
C GLY E 870 44.37 32.53 93.71
N MET E 871 44.38 32.81 92.42
CA MET E 871 43.17 32.73 91.62
C MET E 871 43.08 31.45 90.78
N ALA E 872 44.21 30.78 90.54
CA ALA E 872 44.19 29.62 89.64
C ALA E 872 45.05 28.47 90.13
N HIS E 873 45.63 28.54 91.32
CA HIS E 873 46.45 27.47 91.85
C HIS E 873 45.76 26.82 93.04
N TYR E 874 45.89 25.51 93.14
CA TYR E 874 45.31 24.72 94.22
C TYR E 874 46.39 23.93 94.92
N LEU E 875 46.19 23.66 96.20
CA LEU E 875 47.10 22.83 96.96
C LEU E 875 46.28 21.73 97.61
N THR E 876 46.50 20.49 97.18
CA THR E 876 45.72 19.36 97.66
C THR E 876 46.01 19.07 99.12
N PHE E 877 45.23 18.14 99.68
CA PHE E 877 45.43 17.74 101.07
C PHE E 877 46.81 17.13 101.28
N ASP E 878 47.28 16.34 100.32
CA ASP E 878 48.56 15.67 100.44
C ASP E 878 49.74 16.54 100.06
N GLY E 879 49.51 17.77 99.63
CA GLY E 879 50.57 18.71 99.36
C GLY E 879 50.89 18.95 97.92
N LEU E 880 50.09 18.46 96.99
CA LEU E 880 50.34 18.65 95.57
C LEU E 880 49.83 20.03 95.16
N LYS E 881 50.74 20.90 94.76
CA LYS E 881 50.38 22.20 94.21
C LYS E 881 50.30 22.11 92.70
N TYR E 882 49.19 22.55 92.13
CA TYR E 882 49.00 22.45 90.69
C TYR E 882 48.21 23.63 90.19
N LEU E 883 48.32 23.87 88.89
CA LEU E 883 47.71 25.02 88.24
C LEU E 883 46.49 24.57 87.46
N PHE E 884 45.39 25.27 87.64
CA PHE E 884 44.17 24.97 86.90
C PHE E 884 43.30 26.22 86.81
N PRO E 885 43.41 26.99 85.74
CA PRO E 885 42.50 28.12 85.55
C PRO E 885 41.21 27.68 84.88
N GLY E 886 40.07 28.00 85.49
CA GLY E 886 38.80 27.62 84.93
C GLY E 886 37.74 28.65 85.25
N GLU E 887 36.80 28.83 84.33
CA GLU E 887 35.71 29.77 84.53
C GLU E 887 34.54 29.16 85.27
N CYS E 888 34.42 27.84 85.26
CA CYS E 888 33.20 27.15 85.66
C CYS E 888 33.18 26.93 87.17
N GLN E 889 32.22 26.15 87.64
CA GLN E 889 32.13 25.76 89.04
C GLN E 889 32.65 24.34 89.18
N TYR E 890 33.49 24.11 90.20
CA TYR E 890 34.19 22.85 90.35
C TYR E 890 34.02 22.34 91.77
N VAL E 891 34.14 21.03 91.93
CA VAL E 891 34.07 20.39 93.24
C VAL E 891 35.42 20.56 93.93
N LEU E 892 35.46 21.37 94.99
CA LEU E 892 36.69 21.52 95.73
C LEU E 892 36.95 20.33 96.63
N VAL E 893 35.95 19.94 97.42
CA VAL E 893 36.03 18.76 98.28
C VAL E 893 34.67 18.09 98.24
N GLN E 894 34.66 16.77 98.39
CA GLN E 894 33.42 16.01 98.34
C GLN E 894 33.68 14.62 98.87
N ASP E 895 32.77 14.12 99.69
CA ASP E 895 32.80 12.73 100.12
C ASP E 895 31.68 11.90 99.50
N TYR E 896 30.82 12.51 98.69
CA TYR E 896 29.83 11.79 97.90
C TYR E 896 30.49 11.19 96.64
N CYS E 897 31.53 10.40 96.87
CA CYS E 897 32.21 9.73 95.78
C CYS E 897 32.73 8.39 96.27
N GLY E 898 32.86 7.45 95.34
CA GLY E 898 33.16 6.10 95.75
C GLY E 898 31.95 5.48 96.43
N SER E 899 32.23 4.48 97.27
CA SER E 899 31.17 3.79 97.98
C SER E 899 30.74 4.51 99.25
N ASN E 900 31.50 5.48 99.71
CA ASN E 900 31.23 6.10 100.99
C ASN E 900 29.90 6.83 100.96
N PRO E 901 29.04 6.67 101.96
CA PRO E 901 27.84 7.51 102.06
C PRO E 901 28.21 8.93 102.43
N GLY E 902 27.95 9.86 101.51
CA GLY E 902 28.46 11.21 101.67
C GLY E 902 27.74 11.99 102.74
N THR E 903 28.42 13.03 103.22
CA THR E 903 27.86 13.93 104.23
C THR E 903 28.02 15.40 103.89
N PHE E 904 28.99 15.77 103.05
CA PHE E 904 29.26 17.16 102.74
C PHE E 904 29.82 17.25 101.33
N ARG E 905 29.70 18.44 100.76
CA ARG E 905 30.14 18.66 99.38
C ARG E 905 30.38 20.15 99.22
N ILE E 906 31.62 20.53 98.91
CA ILE E 906 32.01 21.92 98.79
C ILE E 906 32.32 22.22 97.33
N LEU E 907 31.66 23.24 96.78
CA LEU E 907 31.84 23.65 95.40
C LEU E 907 32.43 25.04 95.35
N VAL E 908 33.37 25.26 94.42
CA VAL E 908 34.00 26.55 94.24
C VAL E 908 33.76 27.01 92.81
N GLY E 909 33.28 28.23 92.65
CA GLY E 909 33.09 28.82 91.34
C GLY E 909 33.93 30.07 91.18
N ASN E 910 34.51 30.23 90.01
CA ASN E 910 35.38 31.37 89.71
C ASN E 910 34.57 32.43 88.98
N LYS E 911 34.49 33.63 89.57
CA LYS E 911 33.70 34.72 89.02
C LYS E 911 34.57 35.95 88.86
N GLY E 912 34.51 36.57 87.69
CA GLY E 912 35.32 37.71 87.37
C GLY E 912 36.66 37.38 86.74
N CYS E 913 37.13 36.15 86.86
CA CYS E 913 38.34 35.76 86.16
C CYS E 913 38.37 34.25 86.00
N SER E 914 39.13 33.82 85.02
CA SER E 914 39.78 32.51 84.96
C SER E 914 41.27 32.69 84.76
N HIS E 915 41.65 33.64 83.92
CA HIS E 915 43.00 34.17 83.92
C HIS E 915 43.05 35.22 85.01
N PRO E 916 43.89 35.07 86.03
CA PRO E 916 43.80 35.94 87.22
C PRO E 916 43.71 37.41 86.85
N SER E 917 42.75 38.11 87.45
CA SER E 917 42.46 39.48 87.09
C SER E 917 42.02 40.25 88.32
N VAL E 918 42.11 41.59 88.23
CA VAL E 918 41.91 42.43 89.40
C VAL E 918 40.51 42.29 89.98
N LYS E 919 39.49 42.29 89.12
CA LYS E 919 38.10 42.34 89.59
C LYS E 919 37.55 40.96 89.95
N CYS E 920 38.41 39.99 90.25
CA CYS E 920 37.96 38.61 90.37
C CYS E 920 37.48 38.31 91.78
N LYS E 921 36.71 37.22 91.90
CA LYS E 921 36.22 36.73 93.17
C LYS E 921 35.72 35.30 93.01
N LYS E 922 35.71 34.57 94.12
CA LYS E 922 35.28 33.18 94.10
C LYS E 922 34.05 32.99 94.99
N ARG E 923 33.11 32.18 94.50
CA ARG E 923 31.91 31.81 95.23
C ARG E 923 32.06 30.39 95.73
N VAL E 924 31.79 30.19 97.01
CA VAL E 924 31.84 28.86 97.63
C VAL E 924 30.43 28.43 97.97
N THR E 925 30.09 27.20 97.63
CA THR E 925 28.80 26.62 98.01
C THR E 925 29.07 25.40 98.89
N ILE E 926 28.55 25.45 100.11
CA ILE E 926 28.84 24.41 101.10
C ILE E 926 27.58 23.63 101.35
N LEU E 927 27.42 22.52 100.65
CA LEU E 927 26.21 21.71 100.74
C LEU E 927 26.32 20.62 101.82
N VAL E 928 26.52 21.05 103.05
CA VAL E 928 26.79 20.10 104.13
C VAL E 928 25.46 19.63 104.73
N GLU E 929 25.30 18.32 104.84
CA GLU E 929 24.15 17.66 105.49
C GLU E 929 22.82 18.28 105.06
N GLY E 930 22.66 18.47 103.76
CA GLY E 930 21.44 19.02 103.21
C GLY E 930 21.33 20.53 103.32
N GLY E 931 21.97 21.12 104.30
CA GLY E 931 22.02 22.56 104.39
C GLY E 931 22.90 23.14 103.30
N GLU E 932 22.94 24.46 103.26
CA GLU E 932 23.70 25.14 102.22
C GLU E 932 24.18 26.48 102.73
N ILE E 933 25.49 26.67 102.75
CA ILE E 933 26.09 27.95 103.11
C ILE E 933 26.85 28.46 101.90
N GLU E 934 26.53 29.67 101.47
CA GLU E 934 27.18 30.28 100.33
C GLU E 934 28.08 31.41 100.80
N LEU E 935 29.33 31.39 100.34
CA LEU E 935 30.30 32.43 100.67
C LEU E 935 30.51 33.29 99.43
N PHE E 936 30.21 34.58 99.54
CA PHE E 936 30.33 35.47 98.40
C PHE E 936 30.42 36.91 98.89
N ASP E 937 31.11 37.74 98.10
CA ASP E 937 31.24 39.16 98.39
C ASP E 937 31.76 39.41 99.80
N GLY E 938 32.63 38.53 100.26
CA GLY E 938 33.17 38.68 101.60
C GLY E 938 32.16 38.56 102.70
N GLU E 939 31.03 37.89 102.44
CA GLU E 939 29.99 37.75 103.44
C GLU E 939 29.43 36.33 103.36
N VAL E 940 28.97 35.83 104.49
CA VAL E 940 28.39 34.50 104.59
C VAL E 940 26.91 34.59 104.29
N ASN E 941 26.39 33.59 103.58
CA ASN E 941 24.98 33.54 103.22
C ASN E 941 24.47 32.12 103.46
N VAL E 942 23.80 31.91 104.58
CA VAL E 942 23.24 30.59 104.88
C VAL E 942 21.93 30.45 104.13
N LYS E 943 21.99 29.88 102.93
CA LYS E 943 20.83 29.83 102.05
C LYS E 943 19.87 28.69 102.39
N ARG E 944 20.31 27.72 103.20
CA ARG E 944 19.41 26.79 103.87
C ARG E 944 20.04 26.42 105.21
N PRO E 945 19.25 26.13 106.23
CA PRO E 945 19.83 25.75 107.52
C PRO E 945 20.25 24.29 107.54
N MET E 946 21.15 23.98 108.47
CA MET E 946 21.62 22.62 108.68
C MET E 946 20.69 21.88 109.64
N LYS E 947 20.81 20.55 109.65
CA LYS E 947 20.04 19.75 110.58
C LYS E 947 20.51 19.92 112.01
N ASP E 948 21.80 20.14 112.22
CA ASP E 948 22.37 20.36 113.55
C ASP E 948 23.08 21.71 113.54
N GLU E 949 22.33 22.77 113.86
CA GLU E 949 22.92 24.10 113.90
C GLU E 949 23.86 24.28 115.07
N THR E 950 23.86 23.34 116.03
CA THR E 950 24.84 23.41 117.12
C THR E 950 26.23 23.02 116.65
N HIS E 951 26.32 22.02 115.76
CA HIS E 951 27.60 21.73 115.12
C HIS E 951 28.07 22.89 114.26
N PHE E 952 27.15 23.53 113.55
CA PHE E 952 27.48 24.68 112.72
C PHE E 952 27.89 25.87 113.58
N GLU E 953 28.83 26.65 113.05
CA GLU E 953 29.24 27.90 113.67
C GLU E 953 30.06 28.70 112.68
N VAL E 954 29.96 30.03 112.79
CA VAL E 954 30.72 30.95 111.96
C VAL E 954 31.48 31.89 112.88
N VAL E 955 32.79 32.00 112.68
CA VAL E 955 33.64 32.88 113.45
C VAL E 955 34.33 33.84 112.48
N GLU E 956 34.26 35.13 112.78
CA GLU E 956 34.95 36.15 112.00
C GLU E 956 36.12 36.67 112.82
N SER E 957 37.32 36.56 112.26
CA SER E 957 38.53 36.94 112.98
C SER E 957 39.58 37.38 111.99
N GLY E 958 40.26 38.47 112.31
CA GLY E 958 41.26 39.01 111.41
C GLY E 958 40.66 39.23 110.03
N ARG E 959 41.38 38.79 109.01
CA ARG E 959 40.91 38.89 107.64
C ARG E 959 39.96 37.76 107.26
N TYR E 960 39.72 36.79 108.14
CA TYR E 960 39.19 35.50 107.74
C TYR E 960 37.81 35.26 108.33
N ILE E 961 37.01 34.49 107.60
CA ILE E 961 35.80 33.88 108.11
C ILE E 961 36.10 32.42 108.37
N ILE E 962 35.84 31.96 109.58
CA ILE E 962 36.10 30.59 109.98
C ILE E 962 34.77 29.89 110.21
N LEU E 963 34.48 28.87 109.41
CA LEU E 963 33.24 28.11 109.54
C LEU E 963 33.57 26.75 110.12
N LEU E 964 32.84 26.37 111.15
CA LEU E 964 32.90 25.03 111.69
C LEU E 964 31.66 24.26 111.22
N LEU E 965 31.88 23.25 110.39
CA LEU E 965 30.81 22.47 109.81
C LEU E 965 30.65 21.11 110.46
N GLY E 966 31.28 20.91 111.61
CA GLY E 966 31.26 19.62 112.26
C GLY E 966 32.48 19.48 113.16
N LYS E 967 32.56 18.32 113.80
CA LYS E 967 33.70 18.06 114.67
C LYS E 967 34.97 17.79 113.88
N ALA E 968 34.86 17.43 112.59
CA ALA E 968 36.00 17.04 111.80
C ALA E 968 36.17 17.81 110.51
N LEU E 969 35.32 18.81 110.26
CA LEU E 969 35.38 19.59 109.02
C LEU E 969 35.29 21.07 109.35
N SER E 970 36.13 21.86 108.71
CA SER E 970 36.13 23.30 108.90
C SER E 970 36.60 23.97 107.62
N VAL E 971 36.21 25.23 107.46
CA VAL E 971 36.59 26.03 106.30
C VAL E 971 37.11 27.36 106.79
N VAL E 972 38.25 27.79 106.26
CA VAL E 972 38.82 29.10 106.55
C VAL E 972 38.91 29.87 105.25
N TRP E 973 38.40 31.09 105.24
CA TRP E 973 38.24 31.87 104.02
C TRP E 973 38.67 33.30 104.29
N ASP E 974 39.62 33.80 103.50
CA ASP E 974 40.12 35.15 103.66
C ASP E 974 39.17 36.21 103.12
N ARG E 975 37.96 35.83 102.73
CA ARG E 975 36.88 36.67 102.25
C ARG E 975 37.09 37.13 100.82
N HIS E 976 38.26 36.89 100.21
CA HIS E 976 38.43 37.25 98.81
C HIS E 976 38.72 36.04 97.92
N LEU E 977 39.81 35.34 98.14
CA LEU E 977 40.22 34.26 97.24
C LEU E 977 40.63 32.98 97.95
N SER E 978 41.34 33.08 99.07
CA SER E 978 42.06 31.95 99.64
C SER E 978 41.11 31.12 100.48
N ILE E 979 40.43 30.19 99.84
CA ILE E 979 39.61 29.20 100.53
C ILE E 979 40.50 28.10 101.06
N SER E 980 40.29 27.69 102.31
CA SER E 980 41.03 26.59 102.91
C SER E 980 40.06 25.66 103.61
N VAL E 981 40.16 24.38 103.33
CA VAL E 981 39.32 23.36 103.94
C VAL E 981 40.21 22.49 104.81
N VAL E 982 39.80 22.30 106.06
CA VAL E 982 40.58 21.54 107.02
C VAL E 982 39.79 20.29 107.42
N LEU E 983 40.42 19.13 107.29
CA LEU E 983 39.79 17.85 107.60
C LEU E 983 40.60 17.15 108.68
N LYS E 984 39.91 16.58 109.65
CA LYS E 984 40.57 15.71 110.61
C LYS E 984 40.65 14.29 110.07
N GLN E 985 41.40 13.45 110.78
CA GLN E 985 41.77 12.14 110.24
C GLN E 985 40.56 11.26 109.93
N THR E 986 39.41 11.54 110.52
CA THR E 986 38.24 10.69 110.29
C THR E 986 37.80 10.70 108.83
N TYR E 987 38.14 11.73 108.08
CA TYR E 987 37.76 11.83 106.68
C TYR E 987 38.81 11.28 105.73
N GLN E 988 39.83 10.61 106.26
CA GLN E 988 40.92 10.13 105.42
C GLN E 988 40.44 9.02 104.50
N GLU E 989 40.94 9.04 103.27
CA GLU E 989 40.67 8.04 102.24
C GLU E 989 39.26 8.15 101.67
N LYS E 990 38.47 9.11 102.13
CA LYS E 990 37.06 9.20 101.79
C LYS E 990 36.72 10.36 100.86
N VAL E 991 37.45 11.46 100.97
CA VAL E 991 37.12 12.66 100.22
C VAL E 991 37.74 12.60 98.84
N CYS E 992 37.26 13.46 97.95
CA CYS E 992 37.77 13.56 96.59
C CYS E 992 37.58 15.00 96.12
N GLY E 993 37.72 15.22 94.83
CA GLY E 993 37.60 16.54 94.26
C GLY E 993 38.94 17.15 93.90
N LEU E 994 38.90 18.46 93.65
CA LEU E 994 40.12 19.17 93.28
C LEU E 994 41.18 19.09 94.37
N CYS E 995 40.77 18.93 95.62
CA CYS E 995 41.73 18.77 96.71
C CYS E 995 42.31 17.37 96.79
N GLY E 996 41.85 16.44 95.97
CA GLY E 996 42.41 15.11 95.95
C GLY E 996 41.90 14.25 97.09
N ASN E 997 42.23 12.97 97.01
CA ASN E 997 41.85 12.00 98.04
C ASN E 997 42.87 12.06 99.15
N PHE E 998 42.45 12.54 100.32
CA PHE E 998 43.31 12.62 101.49
C PHE E 998 43.70 11.23 101.95
N ASP E 999 44.94 10.83 101.60
CA ASP E 999 45.51 9.55 101.98
C ASP E 999 46.99 9.62 102.31
N GLY E 1000 47.60 10.81 102.29
CA GLY E 1000 49.02 10.97 102.49
C GLY E 1000 49.89 10.70 101.28
N ILE E 1001 49.31 10.42 100.12
CA ILE E 1001 50.04 10.11 98.90
C ILE E 1001 49.76 11.22 97.88
N GLN E 1002 50.82 11.76 97.29
CA GLN E 1002 50.66 12.85 96.35
C GLN E 1002 50.40 12.35 94.93
N ASN E 1003 51.03 11.23 94.56
CA ASN E 1003 51.03 10.81 93.16
C ASN E 1003 49.63 10.55 92.64
N ASN E 1004 48.68 10.19 93.51
CA ASN E 1004 47.35 9.82 93.08
C ASN E 1004 46.34 10.95 93.21
N ASP E 1005 46.79 12.18 93.49
CA ASP E 1005 45.85 13.26 93.76
C ASP E 1005 45.18 13.78 92.51
N LEU E 1006 45.74 13.54 91.33
CA LEU E 1006 45.11 13.99 90.10
C LEU E 1006 44.11 12.97 89.57
N THR E 1007 43.61 12.11 90.44
CA THR E 1007 42.56 11.16 90.08
C THR E 1007 41.33 11.90 89.59
N SER E 1008 40.98 11.70 88.33
CA SER E 1008 39.79 12.35 87.77
C SER E 1008 38.54 11.86 88.49
N SER E 1009 37.44 12.55 88.23
CA SER E 1009 36.16 12.12 88.78
C SER E 1009 35.78 10.74 88.29
N ASN E 1010 36.30 10.34 87.12
CA ASN E 1010 36.10 9.01 86.58
C ASN E 1010 37.20 8.03 87.00
N LEU E 1011 37.91 8.32 88.08
CA LEU E 1011 38.83 7.41 88.75
C LEU E 1011 40.15 7.21 88.01
N GLN E 1012 40.34 7.85 86.87
CA GLN E 1012 41.58 7.74 86.11
C GLN E 1012 42.53 8.86 86.47
N VAL E 1013 43.77 8.51 86.80
CA VAL E 1013 44.78 9.49 87.14
C VAL E 1013 45.26 10.18 85.87
N GLU E 1014 45.38 11.50 85.92
CA GLU E 1014 45.74 12.31 84.76
C GLU E 1014 47.11 12.94 84.95
N GLU E 1015 47.89 12.96 83.88
CA GLU E 1015 49.20 13.61 83.92
C GLU E 1015 49.08 15.11 83.91
N ASP E 1016 48.00 15.66 83.33
CA ASP E 1016 47.82 17.08 83.19
C ASP E 1016 46.72 17.56 84.13
N PRO E 1017 46.98 18.53 85.00
CA PRO E 1017 45.92 19.01 85.90
C PRO E 1017 44.74 19.61 85.19
N VAL E 1018 44.90 20.07 83.94
CA VAL E 1018 43.78 20.67 83.23
C VAL E 1018 42.68 19.65 83.00
N ASP E 1019 43.06 18.45 82.54
CA ASP E 1019 42.07 17.40 82.33
C ASP E 1019 41.41 16.99 83.63
N PHE E 1020 42.20 16.90 84.71
CA PHE E 1020 41.66 16.58 86.02
C PHE E 1020 40.59 17.58 86.45
N GLY E 1021 40.92 18.87 86.38
CA GLY E 1021 39.95 19.89 86.75
C GLY E 1021 38.73 19.88 85.87
N ASN E 1022 38.92 19.72 84.55
CA ASN E 1022 37.78 19.63 83.65
C ASN E 1022 36.89 18.46 84.03
N SER E 1023 37.49 17.36 84.49
CA SER E 1023 36.71 16.23 84.95
C SER E 1023 35.96 16.54 86.23
N TRP E 1024 36.40 17.52 87.01
CA TRP E 1024 35.71 17.87 88.23
C TRP E 1024 34.77 19.07 88.11
N LYS E 1025 34.42 19.49 86.89
CA LYS E 1025 33.47 20.60 86.74
C LYS E 1025 32.05 20.12 87.02
N VAL E 1026 31.31 20.91 87.80
CA VAL E 1026 29.98 20.51 88.24
C VAL E 1026 29.00 20.47 87.07
N SER E 1027 28.99 21.52 86.27
CA SER E 1027 28.03 21.66 85.18
C SER E 1027 28.68 21.19 83.89
N SER E 1028 28.05 20.23 83.23
CA SER E 1028 28.63 19.68 82.00
C SER E 1028 28.60 20.69 80.87
N GLN E 1029 27.54 21.50 80.79
CA GLN E 1029 27.41 22.44 79.69
C GLN E 1029 28.49 23.51 79.69
N CYS E 1030 29.16 23.73 80.80
CA CYS E 1030 30.13 24.81 80.89
C CYS E 1030 31.40 24.45 80.11
N ALA E 1031 32.20 25.47 79.82
CA ALA E 1031 33.34 25.31 78.93
C ALA E 1031 34.51 24.61 79.61
N ASP E 1032 35.35 23.97 78.79
CA ASP E 1032 36.55 23.31 79.29
C ASP E 1032 37.76 24.23 79.18
N THR E 1033 38.70 24.04 80.08
CA THR E 1033 39.97 24.74 79.99
C THR E 1033 40.78 24.20 78.82
N ARG E 1034 41.48 25.09 78.13
CA ARG E 1034 41.96 24.79 76.78
C ARG E 1034 43.37 24.21 76.74
N LYS E 1035 44.05 24.09 77.88
CA LYS E 1035 45.44 23.65 77.92
C LYS E 1035 46.33 24.55 77.06
N VAL E 1036 46.43 25.81 77.47
CA VAL E 1036 47.28 26.78 76.80
C VAL E 1036 48.72 26.28 76.85
N PRO E 1037 49.55 26.55 75.84
CA PRO E 1037 50.95 26.09 75.90
C PRO E 1037 51.66 26.63 77.14
N LEU E 1038 52.56 25.82 77.67
CA LEU E 1038 53.18 26.06 78.98
C LEU E 1038 54.37 27.01 78.84
N ASP E 1039 54.06 28.27 78.59
CA ASP E 1039 55.11 29.28 78.48
C ASP E 1039 55.81 29.47 79.83
N SER E 1040 57.08 29.87 79.77
CA SER E 1040 57.85 30.08 80.99
C SER E 1040 57.28 31.21 81.84
N SER E 1041 56.50 32.12 81.26
CA SER E 1041 55.80 33.15 82.00
C SER E 1041 54.43 33.33 81.38
N PRO E 1042 53.44 33.76 82.16
CA PRO E 1042 52.07 33.87 81.64
C PRO E 1042 51.94 34.90 80.53
N ALA E 1043 50.75 35.01 79.98
CA ALA E 1043 50.46 36.09 79.04
C ALA E 1043 50.64 37.43 79.74
N THR E 1044 51.14 38.42 79.00
CA THR E 1044 51.49 39.77 79.44
C THR E 1044 52.82 39.78 80.20
N CYS E 1045 53.46 38.62 80.40
CA CYS E 1045 54.87 38.57 80.71
C CYS E 1045 55.65 37.76 79.68
N HIS E 1046 54.97 37.00 78.82
CA HIS E 1046 55.67 36.23 77.79
C HIS E 1046 56.43 37.14 76.85
N ASN E 1047 55.84 38.28 76.49
CA ASN E 1047 56.45 39.24 75.57
C ASN E 1047 56.58 40.63 76.19
N ASN E 1048 56.57 40.72 77.52
CA ASN E 1048 56.72 42.00 78.21
C ASN E 1048 57.84 41.87 79.23
N ILE E 1049 59.05 42.13 78.79
CA ILE E 1049 60.20 42.11 79.69
C ILE E 1049 60.22 43.43 80.45
N MET E 1050 60.85 43.43 81.62
CA MET E 1050 60.86 44.51 82.60
C MET E 1050 59.53 44.54 83.35
N LYS E 1051 58.54 43.78 82.91
CA LYS E 1051 57.43 43.43 83.79
C LYS E 1051 57.64 42.07 84.41
N GLN E 1052 58.20 41.13 83.64
CA GLN E 1052 58.52 39.82 84.17
C GLN E 1052 59.52 39.93 85.31
N THR E 1053 60.54 40.75 85.14
CA THR E 1053 61.56 40.90 86.17
C THR E 1053 61.10 41.73 87.35
N MET E 1054 60.27 42.75 87.13
CA MET E 1054 59.69 43.43 88.28
C MET E 1054 58.86 42.48 89.11
N VAL E 1055 58.04 41.65 88.45
CA VAL E 1055 57.25 40.65 89.16
C VAL E 1055 58.16 39.71 89.92
N ASP E 1056 59.22 39.23 89.27
CA ASP E 1056 60.12 38.29 89.94
C ASP E 1056 60.75 38.91 91.17
N SER E 1057 61.36 40.08 91.01
CA SER E 1057 62.07 40.70 92.12
C SER E 1057 61.13 41.14 93.24
N SER E 1058 59.89 41.48 92.91
CA SER E 1058 58.93 41.82 93.96
C SER E 1058 58.43 40.58 94.68
N CYS E 1059 58.24 39.47 93.96
CA CYS E 1059 57.84 38.23 94.60
C CYS E 1059 58.96 37.63 95.42
N ARG E 1060 60.21 38.00 95.15
CA ARG E 1060 61.33 37.52 95.97
C ARG E 1060 61.22 37.97 97.42
N ILE E 1061 60.23 38.81 97.76
CA ILE E 1061 59.97 39.14 99.16
C ILE E 1061 59.84 37.88 100.00
N LEU E 1062 59.37 36.79 99.39
CA LEU E 1062 59.26 35.52 100.10
C LEU E 1062 60.62 35.04 100.59
N THR E 1063 61.70 35.46 99.94
CA THR E 1063 63.05 35.06 100.33
C THR E 1063 63.69 36.06 101.29
N SER E 1064 63.06 37.20 101.55
CA SER E 1064 63.67 38.26 102.34
C SER E 1064 63.89 37.80 103.79
N ASP E 1065 64.48 38.69 104.58
CA ASP E 1065 64.89 38.34 105.94
C ASP E 1065 63.71 37.94 106.81
N VAL E 1066 62.59 38.65 106.71
CA VAL E 1066 61.46 38.35 107.57
C VAL E 1066 60.94 36.94 107.34
N PHE E 1067 60.95 36.48 106.09
CA PHE E 1067 60.55 35.13 105.75
C PHE E 1067 61.70 34.14 105.81
N GLN E 1068 62.93 34.61 105.99
CA GLN E 1068 64.09 33.74 105.84
C GLN E 1068 64.09 32.62 106.86
N ASP E 1069 63.51 32.85 108.04
CA ASP E 1069 63.45 31.79 109.04
C ASP E 1069 62.31 30.82 108.79
N CYS E 1070 61.22 31.28 108.16
CA CYS E 1070 60.17 30.37 107.76
C CYS E 1070 60.62 29.46 106.62
N ASN E 1071 61.46 29.97 105.72
CA ASN E 1071 61.90 29.17 104.57
C ASN E 1071 62.66 27.92 105.00
N LYS E 1072 63.18 27.88 106.23
CA LYS E 1072 63.77 26.65 106.73
C LYS E 1072 62.72 25.59 106.98
N LEU E 1073 61.51 25.99 107.39
CA LEU E 1073 60.45 25.04 107.68
C LEU E 1073 59.57 24.76 106.48
N VAL E 1074 59.34 25.75 105.62
CA VAL E 1074 58.43 25.63 104.48
C VAL E 1074 59.17 26.04 103.22
N ASP E 1075 58.86 25.38 102.12
CA ASP E 1075 59.49 25.70 100.84
C ASP E 1075 58.77 26.87 100.20
N PRO E 1076 59.44 28.00 99.95
CA PRO E 1076 58.76 29.14 99.33
C PRO E 1076 58.60 29.02 97.83
N GLU E 1077 59.27 28.07 97.18
CA GLU E 1077 59.25 28.01 95.72
C GLU E 1077 57.86 27.85 95.15
N PRO E 1078 56.99 26.95 95.63
CA PRO E 1078 55.63 26.90 95.07
C PRO E 1078 54.90 28.22 95.20
N TYR E 1079 55.01 28.87 96.35
CA TYR E 1079 54.34 30.14 96.55
C TYR E 1079 54.97 31.24 95.73
N LEU E 1080 56.28 31.15 95.48
CA LEU E 1080 56.91 32.08 94.55
C LEU E 1080 56.35 31.92 93.15
N ASP E 1081 56.15 30.68 92.71
CA ASP E 1081 55.55 30.45 91.39
C ASP E 1081 54.14 31.01 91.33
N VAL E 1082 53.34 30.76 92.37
CA VAL E 1082 51.99 31.30 92.41
C VAL E 1082 52.02 32.82 92.36
N CYS E 1083 52.92 33.44 93.13
CA CYS E 1083 53.04 34.89 93.14
C CYS E 1083 53.34 35.41 91.74
N ILE E 1084 54.32 34.82 91.07
CA ILE E 1084 54.70 35.29 89.74
C ILE E 1084 53.54 35.14 88.77
N TYR E 1085 52.88 33.97 88.79
CA TYR E 1085 51.79 33.72 87.85
C TYR E 1085 50.67 34.72 88.06
N ASP E 1086 50.20 34.87 89.29
CA ASP E 1086 49.08 35.74 89.56
C ASP E 1086 49.44 37.20 89.30
N THR E 1087 50.69 37.57 89.54
CA THR E 1087 51.07 38.97 89.38
C THR E 1087 51.18 39.34 87.90
N CYS E 1088 51.72 38.45 87.06
CA CYS E 1088 51.61 38.68 85.63
C CYS E 1088 50.17 38.74 85.18
N SER E 1089 49.37 37.75 85.55
CA SER E 1089 48.01 37.67 85.01
C SER E 1089 47.16 38.86 85.46
N CYS E 1090 47.37 39.33 86.69
CA CYS E 1090 46.49 40.35 87.25
C CYS E 1090 46.76 41.72 86.66
N GLU E 1091 48.02 42.15 86.69
CA GLU E 1091 48.42 43.54 86.43
C GLU E 1091 47.40 44.50 87.04
N SER E 1092 47.28 44.40 88.37
CA SER E 1092 46.26 45.11 89.11
C SER E 1092 46.53 46.62 89.08
N ILE E 1093 45.50 47.37 89.44
CA ILE E 1093 45.54 48.83 89.30
C ILE E 1093 45.50 49.54 90.64
N GLY E 1094 44.37 49.44 91.33
CA GLY E 1094 44.16 50.22 92.53
C GLY E 1094 44.43 49.42 93.78
N ASP E 1095 43.88 48.22 93.84
CA ASP E 1095 44.19 47.28 94.89
C ASP E 1095 45.26 46.34 94.38
N CYS E 1096 46.31 46.18 95.18
CA CYS E 1096 47.44 45.31 94.83
C CYS E 1096 47.19 43.89 95.31
N ALA E 1097 45.93 43.47 95.32
CA ALA E 1097 45.47 42.34 96.11
C ALA E 1097 46.07 41.02 95.66
N CYS E 1098 46.34 40.84 94.37
CA CYS E 1098 46.86 39.55 93.92
C CYS E 1098 48.18 39.23 94.61
N PHE E 1099 49.15 40.13 94.48
CA PHE E 1099 50.46 39.97 95.11
C PHE E 1099 50.32 39.86 96.62
N CYS E 1100 49.60 40.79 97.23
CA CYS E 1100 49.52 40.84 98.68
C CYS E 1100 48.86 39.59 99.23
N ASP E 1101 47.84 39.07 98.53
CA ASP E 1101 47.16 37.88 98.99
C ASP E 1101 48.02 36.64 98.85
N THR E 1102 48.83 36.55 97.80
CA THR E 1102 49.76 35.42 97.72
C THR E 1102 50.78 35.45 98.86
N ILE E 1103 51.35 36.64 99.11
CA ILE E 1103 52.30 36.74 100.22
C ILE E 1103 51.61 36.43 101.54
N ALA E 1104 50.35 36.85 101.67
CA ALA E 1104 49.61 36.58 102.90
C ALA E 1104 49.34 35.10 103.07
N ALA E 1105 49.09 34.39 101.96
CA ALA E 1105 48.92 32.94 102.05
C ALA E 1105 50.20 32.27 102.54
N TYR E 1106 51.35 32.69 102.00
CA TYR E 1106 52.60 32.13 102.50
C TYR E 1106 52.80 32.45 103.97
N ALA E 1107 52.50 33.68 104.37
CA ALA E 1107 52.63 34.05 105.78
C ALA E 1107 51.68 33.25 106.66
N HIS E 1108 50.49 32.94 106.15
CA HIS E 1108 49.55 32.11 106.89
C HIS E 1108 50.10 30.71 107.10
N VAL E 1109 50.71 30.13 106.07
CA VAL E 1109 51.34 28.82 106.24
C VAL E 1109 52.45 28.90 107.28
N CYS E 1110 53.29 29.93 107.19
CA CYS E 1110 54.36 30.11 108.16
C CYS E 1110 53.80 30.21 109.57
N ALA E 1111 52.73 30.97 109.76
CA ALA E 1111 52.11 31.09 111.07
C ALA E 1111 51.58 29.75 111.57
N GLN E 1112 50.99 28.95 110.67
CA GLN E 1112 50.59 27.60 111.06
C GLN E 1112 51.77 26.80 111.57
N HIS E 1113 52.93 26.97 110.95
CA HIS E 1113 54.14 26.29 111.41
C HIS E 1113 54.84 27.04 112.55
N GLY E 1114 54.16 27.96 113.22
CA GLY E 1114 54.74 28.65 114.36
C GLY E 1114 55.64 29.82 114.03
N LYS E 1115 55.99 30.03 112.76
CA LYS E 1115 56.84 31.15 112.35
C LYS E 1115 55.97 32.33 111.96
N VAL E 1116 55.56 33.11 112.97
CA VAL E 1116 54.81 34.33 112.72
C VAL E 1116 55.72 35.37 112.12
N VAL E 1117 55.31 35.95 110.99
CA VAL E 1117 56.14 36.86 110.20
C VAL E 1117 55.43 38.19 110.06
N THR E 1118 56.15 39.28 110.33
CA THR E 1118 55.61 40.63 110.25
C THR E 1118 55.98 41.27 108.91
N TRP E 1119 55.34 40.80 107.85
CA TRP E 1119 55.73 41.20 106.51
C TRP E 1119 55.09 42.48 106.03
N ARG E 1120 54.01 42.94 106.65
CA ARG E 1120 53.36 44.17 106.23
C ARG E 1120 54.26 45.37 106.51
N THR E 1121 54.20 46.36 105.63
CA THR E 1121 54.85 47.64 105.84
C THR E 1121 53.99 48.72 105.23
N ALA E 1122 54.21 49.96 105.66
CA ALA E 1122 53.45 51.08 105.13
C ALA E 1122 53.67 51.24 103.63
N THR E 1123 54.81 50.78 103.12
CA THR E 1123 55.12 50.90 101.70
C THR E 1123 54.91 49.60 100.94
N LEU E 1124 54.53 48.52 101.62
CA LEU E 1124 54.30 47.23 100.97
C LEU E 1124 53.03 46.62 101.54
N CYS E 1125 51.99 46.52 100.72
CA CYS E 1125 50.74 45.89 101.10
C CYS E 1125 50.23 46.39 102.45
N PRO E 1126 50.10 47.70 102.64
CA PRO E 1126 49.65 48.20 103.95
C PRO E 1126 48.23 47.80 104.25
N GLN E 1127 47.95 47.66 105.55
CA GLN E 1127 46.61 47.39 106.03
C GLN E 1127 46.35 48.26 107.25
N SER E 1128 45.14 48.80 107.35
CA SER E 1128 44.77 49.67 108.44
C SER E 1128 43.46 49.22 109.06
N CYS E 1129 43.36 49.37 110.37
CA CYS E 1129 42.16 49.03 111.12
C CYS E 1129 41.47 50.25 111.70
N GLU E 1130 42.04 51.43 111.48
CA GLU E 1130 41.53 52.68 112.06
C GLU E 1130 40.09 52.96 111.70
N GLU E 1131 39.57 52.38 110.61
CA GLU E 1131 38.17 52.57 110.26
C GLU E 1131 37.24 52.09 111.36
N ARG E 1132 37.67 51.11 112.15
CA ARG E 1132 36.86 50.59 113.25
C ARG E 1132 37.02 51.41 114.53
N ASN E 1133 38.06 52.22 114.63
CA ASN E 1133 38.32 53.01 115.83
C ASN E 1133 37.64 54.38 115.83
N LEU E 1134 37.53 55.03 114.68
CA LEU E 1134 36.73 56.24 114.58
C LEU E 1134 35.25 55.94 114.80
N ARG E 1135 34.56 56.87 115.45
CA ARG E 1135 33.27 56.58 116.07
C ARG E 1135 32.47 57.86 116.21
N GLU E 1136 31.15 57.69 116.40
CA GLU E 1136 30.27 58.83 116.68
C GLU E 1136 30.66 59.57 117.95
N ASN E 1137 31.30 58.89 118.90
CA ASN E 1137 31.85 59.52 120.08
C ASN E 1137 33.20 60.18 119.84
N GLY E 1138 33.69 60.17 118.60
CA GLY E 1138 35.04 60.58 118.29
C GLY E 1138 35.94 59.43 117.88
N TYR E 1139 36.74 58.93 118.82
CA TYR E 1139 37.72 57.90 118.47
C TYR E 1139 38.09 57.11 119.72
N GLU E 1140 38.18 55.79 119.59
CA GLU E 1140 38.81 54.95 120.59
C GLU E 1140 39.53 53.78 119.92
N CYS E 1141 40.78 53.56 120.33
CA CYS E 1141 41.75 52.77 119.59
C CYS E 1141 41.81 51.30 120.02
N GLU E 1142 40.64 50.67 120.16
CA GLU E 1142 40.61 49.26 120.59
C GLU E 1142 41.09 48.31 119.50
N TRP E 1143 40.80 48.58 118.23
CA TRP E 1143 41.27 47.72 117.15
C TRP E 1143 42.70 48.04 116.73
N ARG E 1144 43.51 47.00 116.57
CA ARG E 1144 44.86 47.09 116.04
C ARG E 1144 45.05 45.99 115.00
N TYR E 1145 45.81 46.28 113.95
CA TYR E 1145 46.34 45.19 113.15
C TYR E 1145 47.34 44.39 113.98
N ASN E 1146 47.26 43.07 113.87
CA ASN E 1146 48.27 42.19 114.42
C ASN E 1146 48.71 41.20 113.35
N SER E 1147 50.03 40.94 113.29
CA SER E 1147 50.55 40.01 112.30
C SER E 1147 49.78 38.71 112.29
N CYS E 1148 49.53 38.15 113.47
CA CYS E 1148 48.51 37.12 113.60
C CYS E 1148 48.05 37.14 115.06
N ALA E 1149 46.75 37.03 115.25
CA ALA E 1149 46.13 36.99 116.56
C ALA E 1149 45.44 35.65 116.76
N PRO E 1150 45.19 35.24 118.01
CA PRO E 1150 44.46 34.00 118.24
C PRO E 1150 43.14 33.99 117.49
N ALA E 1151 42.84 32.87 116.84
CA ALA E 1151 41.84 32.85 115.78
C ALA E 1151 40.43 32.96 116.33
N CYS E 1152 40.14 32.29 117.44
CA CYS E 1152 38.76 32.05 117.84
C CYS E 1152 38.52 32.57 119.26
N GLN E 1153 38.79 33.86 119.43
CA GLN E 1153 38.61 34.53 120.72
C GLN E 1153 37.18 34.39 121.23
N VAL E 1154 37.02 34.64 122.53
CA VAL E 1154 35.69 34.70 123.13
C VAL E 1154 35.05 36.04 122.80
N THR E 1155 33.73 36.03 122.59
CA THR E 1155 32.98 37.23 122.27
C THR E 1155 31.60 37.12 122.90
N CYS E 1156 30.85 38.23 122.83
CA CYS E 1156 29.46 38.21 123.28
C CYS E 1156 28.61 37.26 122.47
N GLN E 1157 29.00 36.95 121.24
CA GLN E 1157 28.30 35.97 120.42
C GLN E 1157 28.87 34.57 120.56
N HIS E 1158 30.10 34.44 121.04
CA HIS E 1158 30.72 33.14 121.28
C HIS E 1158 31.32 33.13 122.68
N PRO E 1159 30.47 33.20 123.72
CA PRO E 1159 31.02 33.24 125.09
C PRO E 1159 31.83 32.02 125.45
N GLU E 1160 31.46 30.86 124.98
CA GLU E 1160 32.20 29.66 125.29
C GLU E 1160 33.38 29.50 124.32
N PRO E 1161 34.50 28.98 124.79
CA PRO E 1161 35.60 28.68 123.87
C PRO E 1161 35.26 27.49 122.99
N LEU E 1162 35.64 27.58 121.73
CA LEU E 1162 35.30 26.57 120.74
C LEU E 1162 36.53 26.22 119.92
N ALA E 1163 36.78 24.93 119.73
CA ALA E 1163 37.95 24.48 118.99
C ALA E 1163 37.79 24.83 117.53
N CYS E 1164 38.89 25.27 116.91
CA CYS E 1164 38.87 25.69 115.53
C CYS E 1164 40.24 25.44 114.91
N PRO E 1165 40.31 25.22 113.60
CA PRO E 1165 41.51 24.59 113.03
C PRO E 1165 42.80 25.38 113.18
N VAL E 1166 42.75 26.69 112.99
CA VAL E 1166 43.96 27.51 112.89
C VAL E 1166 44.17 28.24 114.20
N GLN E 1167 45.40 28.19 114.70
CA GLN E 1167 45.70 28.82 115.99
C GLN E 1167 45.76 30.33 115.88
N CYS E 1168 46.37 30.86 114.81
CA CYS E 1168 46.69 32.28 114.75
C CYS E 1168 46.48 32.77 113.33
N VAL E 1169 45.76 33.89 113.18
CA VAL E 1169 45.39 34.41 111.87
C VAL E 1169 45.65 35.91 111.82
N GLU E 1170 46.05 36.38 110.64
CA GLU E 1170 46.32 37.78 110.41
C GLU E 1170 45.03 38.59 110.35
N GLY E 1171 45.14 39.86 110.76
CA GLY E 1171 44.13 40.86 110.48
C GLY E 1171 43.95 41.81 111.64
N CYS E 1172 42.87 42.59 111.55
CA CYS E 1172 42.47 43.49 112.63
C CYS E 1172 41.99 42.72 113.85
N HIS E 1173 42.54 43.08 115.01
CA HIS E 1173 42.26 42.40 116.26
C HIS E 1173 41.93 43.45 117.31
N ALA E 1174 40.86 43.23 118.08
CA ALA E 1174 40.49 44.12 119.17
C ALA E 1174 41.22 43.70 120.44
N HIS E 1175 42.04 44.61 120.97
CA HIS E 1175 42.68 44.41 122.26
C HIS E 1175 42.09 45.37 123.29
N CYS E 1176 41.58 44.82 124.39
CA CYS E 1176 40.88 45.59 125.40
C CYS E 1176 41.14 44.96 126.77
N PRO E 1177 40.84 45.68 127.86
CA PRO E 1177 41.41 45.30 129.17
C PRO E 1177 40.88 43.97 129.69
N PRO E 1178 41.41 43.49 130.81
CA PRO E 1178 40.96 42.20 131.36
C PRO E 1178 39.49 42.24 131.74
N GLY E 1179 38.85 41.06 131.68
CA GLY E 1179 37.45 40.93 131.98
C GLY E 1179 36.52 41.55 130.95
N LYS E 1180 37.05 42.34 130.03
CA LYS E 1180 36.26 42.99 129.00
C LYS E 1180 36.14 42.08 127.79
N ILE E 1181 34.96 42.06 127.16
CA ILE E 1181 34.66 41.12 126.10
C ILE E 1181 34.16 41.88 124.87
N LEU E 1182 34.58 41.43 123.69
CA LEU E 1182 34.12 42.03 122.44
C LEU E 1182 32.66 41.66 122.15
N ASP E 1183 31.89 42.64 121.69
CA ASP E 1183 30.62 42.39 121.03
C ASP E 1183 30.79 42.53 119.52
N GLU E 1184 30.55 41.44 118.80
CA GLU E 1184 30.71 41.43 117.34
C GLU E 1184 29.68 42.30 116.62
N LEU E 1185 28.50 42.48 117.19
CA LEU E 1185 27.52 43.37 116.58
C LEU E 1185 27.95 44.83 116.69
N LEU E 1186 28.55 45.21 117.82
CA LEU E 1186 29.07 46.56 117.97
C LEU E 1186 30.47 46.72 117.39
N GLN E 1187 31.16 45.61 117.10
CA GLN E 1187 32.61 45.62 116.93
C GLN E 1187 33.29 46.43 118.02
N THR E 1188 32.83 46.25 119.26
CA THR E 1188 33.25 47.05 120.39
C THR E 1188 33.32 46.16 121.62
N CYS E 1189 34.35 46.37 122.44
CA CYS E 1189 34.48 45.67 123.72
C CYS E 1189 33.45 46.18 124.73
N VAL E 1190 32.75 45.25 125.39
CA VAL E 1190 31.73 45.55 126.38
C VAL E 1190 31.82 44.53 127.51
N ASP E 1191 31.19 44.86 128.64
CA ASP E 1191 31.22 43.97 129.79
C ASP E 1191 30.52 42.65 129.47
N PRO E 1192 30.87 41.58 130.19
CA PRO E 1192 30.22 40.29 129.94
C PRO E 1192 28.71 40.35 130.09
N GLU E 1193 28.20 41.23 130.95
CA GLU E 1193 26.77 41.34 131.16
C GLU E 1193 26.07 42.15 130.08
N ASP E 1194 26.81 42.81 129.18
CA ASP E 1194 26.23 43.65 128.16
C ASP E 1194 25.90 42.90 126.87
N CYS E 1195 26.13 41.59 126.82
CA CYS E 1195 25.89 40.84 125.60
C CYS E 1195 24.41 40.87 125.24
N PRO E 1196 24.06 40.97 123.96
CA PRO E 1196 22.65 40.99 123.57
C PRO E 1196 21.97 39.63 123.59
N VAL E 1197 22.73 38.54 123.71
CA VAL E 1197 22.14 37.20 123.74
C VAL E 1197 22.75 36.37 124.85
N SER E 1262 35.16 -12.82 114.59
CA SER E 1262 34.05 -12.13 115.25
C SER E 1262 32.72 -12.53 114.61
N GLU E 1263 31.67 -12.57 115.43
CA GLU E 1263 30.34 -13.03 115.04
C GLU E 1263 30.42 -14.41 114.40
N PRO E 1264 30.72 -15.44 115.17
CA PRO E 1264 30.74 -16.82 114.63
C PRO E 1264 29.40 -17.26 114.05
N PRO E 1265 28.24 -16.94 114.68
CA PRO E 1265 27.00 -17.62 114.26
C PRO E 1265 26.45 -17.16 112.92
N LEU E 1266 27.22 -16.43 112.12
CA LEU E 1266 26.77 -16.05 110.80
C LEU E 1266 26.45 -17.28 109.94
N HIS E 1267 27.07 -18.41 110.23
CA HIS E 1267 26.76 -19.65 109.54
C HIS E 1267 27.21 -20.83 110.40
N ASP E 1268 26.65 -22.00 110.10
CA ASP E 1268 27.04 -23.22 110.81
C ASP E 1268 28.52 -23.54 110.61
N PHE E 1269 29.06 -23.19 109.44
CA PHE E 1269 30.47 -23.40 109.15
C PHE E 1269 31.23 -22.11 109.44
N TYR E 1270 32.15 -22.18 110.39
CA TYR E 1270 32.95 -21.02 110.78
C TYR E 1270 34.37 -21.52 111.01
N CYS E 1271 35.34 -20.84 110.40
CA CYS E 1271 36.67 -21.40 110.19
C CYS E 1271 37.68 -20.56 110.96
N SER E 1272 37.96 -20.98 112.19
CA SER E 1272 38.87 -20.27 113.09
C SER E 1272 40.20 -21.01 113.10
N ARG E 1273 41.08 -20.64 112.19
CA ARG E 1273 42.38 -21.28 112.06
C ARG E 1273 43.30 -20.36 111.26
N LEU E 1274 44.60 -20.67 111.31
CA LEU E 1274 45.62 -19.80 110.74
C LEU E 1274 45.64 -19.98 109.23
N LEU E 1275 45.28 -18.93 108.50
CA LEU E 1275 45.24 -18.98 107.04
C LEU E 1275 45.47 -17.60 106.46
N ASP E 1276 46.16 -17.55 105.32
CA ASP E 1276 46.20 -16.39 104.43
C ASP E 1276 45.57 -16.77 103.10
N LEU E 1277 44.54 -16.02 102.68
CA LEU E 1277 43.71 -16.41 101.54
C LEU E 1277 43.58 -15.24 100.56
N VAL E 1278 43.79 -15.52 99.27
CA VAL E 1278 43.61 -14.53 98.20
C VAL E 1278 42.58 -15.05 97.21
N PHE E 1279 41.55 -14.24 96.96
CA PHE E 1279 40.59 -14.48 95.89
C PHE E 1279 41.02 -13.76 94.62
N LEU E 1280 41.34 -14.52 93.56
CA LEU E 1280 41.70 -13.95 92.28
C LEU E 1280 40.52 -14.06 91.33
N LEU E 1281 39.98 -12.92 90.88
CA LEU E 1281 38.71 -12.86 90.16
C LEU E 1281 38.93 -12.46 88.71
N ASP E 1282 38.43 -13.27 87.78
CA ASP E 1282 38.57 -13.02 86.36
C ASP E 1282 37.74 -11.82 85.95
N GLY E 1283 38.41 -10.74 85.54
CA GLY E 1283 37.74 -9.54 85.10
C GLY E 1283 37.47 -9.46 83.61
N SER E 1284 37.53 -10.59 82.91
CA SER E 1284 37.36 -10.60 81.47
C SER E 1284 35.88 -10.54 81.08
N SER E 1285 35.64 -10.29 79.79
CA SER E 1285 34.29 -10.19 79.27
C SER E 1285 33.57 -11.53 79.23
N ARG E 1286 34.29 -12.64 79.40
CA ARG E 1286 33.65 -13.95 79.42
C ARG E 1286 32.65 -14.09 80.54
N LEU E 1287 32.75 -13.26 81.57
CA LEU E 1287 31.72 -13.12 82.59
C LEU E 1287 30.98 -11.82 82.37
N SER E 1288 29.66 -11.92 82.18
CA SER E 1288 28.83 -10.73 82.13
C SER E 1288 28.74 -10.12 83.53
N GLU E 1289 28.32 -8.85 83.58
CA GLU E 1289 28.22 -8.17 84.87
C GLU E 1289 27.34 -8.93 85.85
N ALA E 1290 26.24 -9.52 85.38
CA ALA E 1290 25.39 -10.32 86.26
C ALA E 1290 26.14 -11.51 86.84
N GLU E 1291 26.90 -12.19 86.00
CA GLU E 1291 27.69 -13.32 86.47
C GLU E 1291 28.76 -12.84 87.42
N PHE E 1292 29.38 -11.69 87.14
CA PHE E 1292 30.37 -11.17 88.06
C PHE E 1292 29.75 -10.85 89.40
N GLU E 1293 28.48 -10.42 89.40
CA GLU E 1293 27.78 -10.15 90.66
C GLU E 1293 27.61 -11.40 91.48
N VAL E 1294 27.21 -12.52 90.85
CA VAL E 1294 27.06 -13.73 91.64
C VAL E 1294 28.42 -14.25 92.09
N LEU E 1295 29.46 -14.03 91.28
CA LEU E 1295 30.82 -14.39 91.70
C LEU E 1295 31.25 -13.58 92.93
N LYS E 1296 30.91 -12.30 92.95
CA LYS E 1296 31.19 -11.46 94.09
C LYS E 1296 30.43 -11.94 95.32
N ALA E 1297 29.18 -12.33 95.13
CA ALA E 1297 28.39 -12.85 96.26
C ALA E 1297 29.00 -14.13 96.82
N PHE E 1298 29.54 -14.97 95.94
CA PHE E 1298 30.29 -16.17 96.35
C PHE E 1298 31.50 -15.82 97.21
N VAL E 1299 32.27 -14.82 96.78
CA VAL E 1299 33.37 -14.32 97.62
C VAL E 1299 32.85 -13.83 98.96
N VAL E 1300 31.73 -13.10 98.93
CA VAL E 1300 31.26 -12.44 100.14
C VAL E 1300 30.80 -13.46 101.17
N ASP E 1301 30.04 -14.47 100.74
CA ASP E 1301 29.61 -15.48 101.71
C ASP E 1301 30.77 -16.31 102.21
N MET E 1302 31.76 -16.61 101.35
CA MET E 1302 32.94 -17.28 101.87
C MET E 1302 33.64 -16.44 102.93
N MET E 1303 33.70 -15.13 102.74
CA MET E 1303 34.24 -14.27 103.80
C MET E 1303 33.34 -14.26 105.03
N GLU E 1304 32.04 -14.45 104.87
CA GLU E 1304 31.18 -14.66 106.02
C GLU E 1304 31.56 -15.92 106.78
N ARG E 1305 32.07 -16.93 106.08
CA ARG E 1305 32.37 -18.21 106.69
C ARG E 1305 33.83 -18.34 107.13
N LEU E 1306 34.60 -17.25 107.12
CA LEU E 1306 35.96 -17.24 107.63
C LEU E 1306 36.10 -16.27 108.79
N ARG E 1307 36.90 -16.64 109.78
CA ARG E 1307 37.17 -15.79 110.93
C ARG E 1307 38.17 -14.73 110.51
N ILE E 1308 37.66 -13.60 110.02
CA ILE E 1308 38.51 -12.55 109.45
C ILE E 1308 39.16 -11.76 110.57
N SER E 1309 40.50 -11.75 110.57
CA SER E 1309 41.31 -10.95 111.49
C SER E 1309 42.77 -11.16 111.14
N GLN E 1310 43.63 -10.28 111.65
CA GLN E 1310 45.06 -10.52 111.50
C GLN E 1310 45.46 -11.81 112.19
N LYS E 1311 44.88 -12.07 113.36
CA LYS E 1311 44.87 -13.43 113.90
C LYS E 1311 43.93 -14.30 113.06
N TRP E 1312 44.19 -15.60 113.06
CA TRP E 1312 43.38 -16.56 112.31
C TRP E 1312 43.49 -16.26 110.82
N VAL E 1313 42.41 -15.85 110.16
CA VAL E 1313 42.35 -15.83 108.71
C VAL E 1313 42.51 -14.40 108.21
N ARG E 1314 43.44 -14.21 107.28
CA ARG E 1314 43.60 -12.96 106.54
C ARG E 1314 43.15 -13.17 105.09
N VAL E 1315 42.37 -12.23 104.57
CA VAL E 1315 41.75 -12.36 103.26
C VAL E 1315 42.16 -11.17 102.39
N ALA E 1316 42.44 -11.45 101.13
CA ALA E 1316 42.67 -10.43 100.13
C ALA E 1316 41.85 -10.75 98.89
N VAL E 1317 41.46 -9.71 98.16
CA VAL E 1317 40.62 -9.83 96.97
C VAL E 1317 41.32 -9.12 95.83
N VAL E 1318 41.44 -9.79 94.69
CA VAL E 1318 42.23 -9.28 93.57
C VAL E 1318 41.48 -9.57 92.29
N GLU E 1319 41.02 -8.52 91.61
CA GLU E 1319 40.52 -8.66 90.25
C GLU E 1319 41.66 -8.49 89.27
N TYR E 1320 41.73 -9.38 88.28
CA TYR E 1320 42.72 -9.28 87.21
C TYR E 1320 42.01 -9.09 85.89
N HIS E 1321 42.35 -8.01 85.19
CA HIS E 1321 41.77 -7.69 83.89
C HIS E 1321 42.85 -7.23 82.93
N ASP E 1322 43.91 -8.03 82.82
CA ASP E 1322 45.21 -7.74 82.22
C ASP E 1322 46.06 -6.89 83.17
N GLY E 1323 45.50 -6.42 84.27
CA GLY E 1323 46.29 -5.88 85.36
C GLY E 1323 45.64 -6.25 86.66
N SER E 1324 46.46 -6.44 87.68
CA SER E 1324 46.01 -7.04 88.93
C SER E 1324 45.45 -5.98 89.85
N HIS E 1325 44.15 -5.72 89.72
CA HIS E 1325 43.44 -4.76 90.56
C HIS E 1325 43.12 -5.35 91.92
N ALA E 1326 43.91 -5.00 92.93
CA ALA E 1326 43.66 -5.45 94.29
C ALA E 1326 42.68 -4.52 94.98
N TYR E 1327 41.63 -5.10 95.58
CA TYR E 1327 40.66 -4.34 96.35
C TYR E 1327 40.84 -4.49 97.85
N ILE E 1328 41.33 -5.64 98.31
CA ILE E 1328 41.61 -5.87 99.73
C ILE E 1328 42.99 -6.49 99.84
N GLY E 1329 43.78 -6.01 100.79
CA GLY E 1329 45.07 -6.58 101.07
C GLY E 1329 45.11 -7.29 102.40
N LEU E 1330 46.03 -8.25 102.56
CA LEU E 1330 46.10 -8.98 103.81
C LEU E 1330 46.50 -8.10 104.98
N LYS E 1331 47.11 -6.95 104.71
CA LYS E 1331 47.50 -6.04 105.78
C LYS E 1331 46.35 -5.14 106.23
N ASP E 1332 45.24 -5.12 105.49
CA ASP E 1332 44.15 -4.22 105.83
C ASP E 1332 43.60 -4.54 107.22
N ARG E 1333 43.50 -3.54 108.07
CA ARG E 1333 43.04 -3.69 109.43
C ARG E 1333 41.54 -3.45 109.59
N LYS E 1334 40.81 -3.29 108.49
CA LYS E 1334 39.40 -2.95 108.57
C LYS E 1334 38.61 -4.13 109.15
N ARG E 1335 37.47 -3.81 109.73
CA ARG E 1335 36.66 -4.80 110.42
C ARG E 1335 36.02 -5.76 109.42
N PRO E 1336 35.67 -6.97 109.85
CA PRO E 1336 35.11 -7.96 108.91
C PRO E 1336 33.90 -7.47 108.14
N SER E 1337 33.01 -6.71 108.78
CA SER E 1337 31.84 -6.19 108.06
C SER E 1337 32.27 -5.24 106.95
N GLU E 1338 33.23 -4.36 107.24
CA GLU E 1338 33.73 -3.44 106.23
C GLU E 1338 34.39 -4.19 105.08
N LEU E 1339 35.15 -5.25 105.41
CA LEU E 1339 35.80 -6.03 104.37
C LEU E 1339 34.78 -6.73 103.49
N ARG E 1340 33.72 -7.28 104.09
CA ARG E 1340 32.67 -7.91 103.30
C ARG E 1340 31.96 -6.89 102.42
N ARG E 1341 31.75 -5.68 102.94
CA ARG E 1341 31.17 -4.62 102.12
C ARG E 1341 32.06 -4.29 100.93
N ILE E 1342 33.36 -4.16 101.17
CA ILE E 1342 34.30 -3.86 100.09
C ILE E 1342 34.27 -4.96 99.04
N ALA E 1343 34.26 -6.22 99.47
CA ALA E 1343 34.19 -7.33 98.53
C ALA E 1343 32.89 -7.28 97.74
N SER E 1344 31.78 -6.96 98.41
CA SER E 1344 30.49 -6.88 97.73
C SER E 1344 30.47 -5.75 96.70
N GLN E 1345 31.25 -4.71 96.92
CA GLN E 1345 31.26 -3.56 96.02
C GLN E 1345 32.46 -3.55 95.07
N VAL E 1346 33.06 -4.71 94.81
CA VAL E 1346 34.07 -4.81 93.77
C VAL E 1346 33.45 -4.50 92.42
N LYS E 1347 34.11 -3.65 91.64
CA LYS E 1347 33.54 -3.27 90.36
C LYS E 1347 33.84 -4.32 89.30
N TYR E 1348 33.18 -4.17 88.15
CA TYR E 1348 33.28 -5.11 87.05
C TYR E 1348 34.05 -4.46 85.92
N ALA E 1349 35.10 -5.12 85.45
CA ALA E 1349 35.94 -4.57 84.39
C ALA E 1349 35.45 -4.96 83.01
N GLY E 1350 35.31 -6.26 82.77
CA GLY E 1350 34.87 -6.72 81.45
C GLY E 1350 35.88 -6.57 80.35
N SER E 1351 37.15 -6.83 80.63
CA SER E 1351 38.18 -6.73 79.62
C SER E 1351 38.05 -7.87 78.61
N GLN E 1352 38.58 -7.63 77.41
CA GLN E 1352 38.59 -8.68 76.40
C GLN E 1352 39.66 -9.73 76.67
N VAL E 1353 40.67 -9.40 77.47
CA VAL E 1353 41.73 -10.34 77.82
C VAL E 1353 42.06 -10.15 79.30
N ALA E 1354 42.30 -11.26 80.00
CA ALA E 1354 42.66 -11.23 81.41
C ALA E 1354 43.81 -12.20 81.60
N SER E 1355 45.04 -11.68 81.55
CA SER E 1355 46.24 -12.50 81.67
C SER E 1355 46.29 -13.22 83.01
N THR E 1356 46.22 -14.55 82.97
CA THR E 1356 46.24 -15.37 84.17
C THR E 1356 47.65 -15.52 84.71
N SER E 1357 48.63 -15.66 83.81
CA SER E 1357 50.02 -15.66 84.22
C SER E 1357 50.40 -14.33 84.87
N GLU E 1358 49.82 -13.23 84.40
CA GLU E 1358 50.14 -11.94 84.99
C GLU E 1358 49.64 -11.84 86.43
N VAL E 1359 48.46 -12.37 86.74
CA VAL E 1359 48.00 -12.32 88.11
C VAL E 1359 48.76 -13.31 88.99
N LEU E 1360 49.20 -14.44 88.43
CA LEU E 1360 50.12 -15.30 89.19
C LEU E 1360 51.43 -14.57 89.49
N LYS E 1361 51.93 -13.79 88.53
CA LYS E 1361 53.13 -12.99 88.77
C LYS E 1361 52.87 -11.97 89.87
N TYR E 1362 51.73 -11.28 89.80
CA TYR E 1362 51.41 -10.28 90.80
C TYR E 1362 51.36 -10.90 92.19
N THR E 1363 50.60 -11.98 92.36
CA THR E 1363 50.50 -12.56 93.70
C THR E 1363 51.84 -13.07 94.20
N LEU E 1364 52.65 -13.63 93.30
CA LEU E 1364 53.96 -14.17 93.68
C LEU E 1364 54.90 -13.08 94.14
N PHE E 1365 55.03 -11.99 93.39
CA PHE E 1365 56.06 -11.02 93.68
C PHE E 1365 55.58 -9.86 94.54
N GLN E 1366 54.28 -9.60 94.60
CA GLN E 1366 53.76 -8.45 95.32
C GLN E 1366 52.87 -8.82 96.49
N ILE E 1367 52.05 -9.86 96.39
CA ILE E 1367 51.21 -10.21 97.54
C ILE E 1367 52.03 -10.96 98.58
N PHE E 1368 52.59 -12.10 98.18
CA PHE E 1368 53.47 -12.88 99.02
C PHE E 1368 54.94 -12.50 98.84
N SER E 1369 55.21 -11.20 98.82
CA SER E 1369 56.59 -10.73 98.71
C SER E 1369 57.42 -11.17 99.90
N LYS E 1370 56.85 -11.08 101.10
CA LYS E 1370 57.51 -11.55 102.31
C LYS E 1370 56.52 -12.39 103.10
N ILE E 1371 56.97 -13.59 103.50
CA ILE E 1371 56.13 -14.50 104.28
C ILE E 1371 56.18 -14.08 105.74
N ASP E 1372 55.28 -13.19 106.15
CA ASP E 1372 55.25 -12.71 107.52
C ASP E 1372 54.53 -13.65 108.48
N ARG E 1373 53.86 -14.69 107.98
CA ARG E 1373 53.22 -15.71 108.81
C ARG E 1373 53.65 -17.09 108.34
N PRO E 1374 54.92 -17.45 108.49
CA PRO E 1374 55.40 -18.73 107.97
C PRO E 1374 54.69 -19.95 108.54
N GLU E 1375 54.09 -19.82 109.74
CA GLU E 1375 53.30 -20.89 110.31
C GLU E 1375 51.91 -21.00 109.70
N ALA E 1376 51.36 -19.92 109.17
CA ALA E 1376 50.01 -19.96 108.59
C ALA E 1376 50.05 -20.49 107.17
N SER E 1377 48.99 -21.22 106.80
CA SER E 1377 48.85 -21.69 105.43
C SER E 1377 48.53 -20.54 104.48
N ARG E 1378 49.07 -20.60 103.27
CA ARG E 1378 48.89 -19.57 102.25
C ARG E 1378 48.23 -20.16 101.02
N ILE E 1379 47.05 -19.64 100.67
CA ILE E 1379 46.22 -20.23 99.61
C ILE E 1379 45.69 -19.13 98.69
N ALA E 1380 45.63 -19.44 97.39
CA ALA E 1380 45.04 -18.56 96.38
C ALA E 1380 43.98 -19.33 95.60
N LEU E 1381 42.80 -18.73 95.43
CA LEU E 1381 41.79 -19.24 94.50
C LEU E 1381 41.98 -18.54 93.16
N LEU E 1382 42.55 -19.24 92.19
CA LEU E 1382 42.65 -18.70 90.83
C LEU E 1382 41.34 -18.97 90.12
N LEU E 1383 40.34 -18.17 90.45
CA LEU E 1383 39.03 -18.32 89.83
C LEU E 1383 39.07 -17.68 88.45
N MET E 1384 38.81 -18.48 87.42
CA MET E 1384 39.17 -18.14 86.06
C MET E 1384 38.12 -18.64 85.08
N ALA E 1385 37.84 -17.83 84.05
CA ALA E 1385 36.73 -18.09 83.16
C ALA E 1385 37.04 -17.72 81.71
N SER E 1386 38.32 -17.55 81.37
CA SER E 1386 38.68 -17.04 80.05
C SER E 1386 40.03 -17.59 79.63
N GLN E 1387 40.25 -17.62 78.32
CA GLN E 1387 41.55 -17.94 77.77
C GLN E 1387 42.46 -16.72 77.82
N GLU E 1388 43.72 -16.91 77.47
CA GLU E 1388 44.66 -15.82 77.26
C GLU E 1388 45.49 -16.13 76.03
N PRO E 1389 45.94 -15.10 75.31
CA PRO E 1389 46.78 -15.35 74.13
C PRO E 1389 48.02 -16.14 74.50
N GLN E 1390 48.43 -17.03 73.59
CA GLN E 1390 49.52 -17.95 73.90
C GLN E 1390 50.80 -17.20 74.28
N ARG E 1391 51.06 -16.08 73.61
CA ARG E 1391 52.28 -15.33 73.90
C ARG E 1391 52.35 -14.87 75.34
N MET E 1392 51.21 -14.71 76.01
CA MET E 1392 51.19 -14.27 77.39
C MET E 1392 51.27 -15.41 78.39
N SER E 1393 51.19 -16.65 77.94
CA SER E 1393 51.20 -17.82 78.82
C SER E 1393 52.58 -18.43 79.00
N ARG E 1394 53.63 -17.77 78.50
CA ARG E 1394 54.93 -18.43 78.42
C ARG E 1394 55.60 -18.61 79.77
N ASN E 1395 55.33 -17.72 80.72
CA ASN E 1395 55.94 -17.79 82.04
C ASN E 1395 54.99 -18.33 83.10
N PHE E 1396 53.88 -18.93 82.68
CA PHE E 1396 52.86 -19.42 83.62
C PHE E 1396 53.43 -20.48 84.56
N VAL E 1397 54.08 -21.50 83.99
CA VAL E 1397 54.63 -22.59 84.79
C VAL E 1397 55.67 -22.07 85.76
N ARG E 1398 56.50 -21.12 85.33
CA ARG E 1398 57.52 -20.57 86.21
C ARG E 1398 56.89 -19.94 87.44
N TYR E 1399 55.82 -19.16 87.24
CA TYR E 1399 55.18 -18.49 88.36
C TYR E 1399 54.50 -19.47 89.30
N VAL E 1400 53.82 -20.49 88.74
CA VAL E 1400 53.17 -21.44 89.64
C VAL E 1400 54.20 -22.24 90.43
N GLN E 1401 55.33 -22.58 89.80
CA GLN E 1401 56.37 -23.28 90.54
C GLN E 1401 57.00 -22.38 91.60
N GLY E 1402 57.17 -21.10 91.31
CA GLY E 1402 57.65 -20.19 92.32
C GLY E 1402 56.70 -20.09 93.50
N LEU E 1403 55.40 -20.07 93.21
CA LEU E 1403 54.40 -20.08 94.27
C LEU E 1403 54.49 -21.36 95.09
N LYS E 1404 54.75 -22.49 94.44
CA LYS E 1404 54.94 -23.74 95.16
C LYS E 1404 56.15 -23.67 96.07
N LYS E 1405 57.25 -23.08 95.58
CA LYS E 1405 58.46 -22.98 96.39
C LYS E 1405 58.22 -22.13 97.64
N LYS E 1406 57.30 -21.17 97.56
CA LYS E 1406 56.86 -20.42 98.74
C LYS E 1406 55.79 -21.17 99.52
N LYS E 1407 55.44 -22.39 99.10
CA LYS E 1407 54.29 -23.14 99.61
C LYS E 1407 52.98 -22.35 99.59
N VAL E 1408 52.83 -21.45 98.62
CA VAL E 1408 51.54 -20.81 98.35
C VAL E 1408 50.70 -21.78 97.51
N ILE E 1409 49.66 -22.33 98.11
CA ILE E 1409 48.75 -23.22 97.40
C ILE E 1409 47.93 -22.41 96.41
N VAL E 1410 47.73 -22.95 95.21
CA VAL E 1410 46.83 -22.36 94.21
C VAL E 1410 45.75 -23.38 93.84
N ILE E 1411 44.49 -23.01 94.08
CA ILE E 1411 43.33 -23.82 93.77
C ILE E 1411 42.63 -23.21 92.57
N PRO E 1412 42.87 -23.70 91.36
CA PRO E 1412 42.16 -23.15 90.18
C PRO E 1412 40.69 -23.54 90.19
N VAL E 1413 39.84 -22.54 89.91
CA VAL E 1413 38.40 -22.74 89.82
C VAL E 1413 37.91 -22.30 88.45
N GLY E 1414 38.04 -23.20 87.47
CA GLY E 1414 37.61 -22.89 86.11
C GLY E 1414 36.10 -22.86 86.01
N ILE E 1415 35.57 -21.85 85.32
CA ILE E 1415 34.13 -21.67 85.15
C ILE E 1415 33.82 -21.41 83.69
N GLY E 1416 32.84 -22.15 83.15
CA GLY E 1416 32.34 -21.91 81.82
C GLY E 1416 33.13 -22.60 80.74
N PRO E 1417 32.57 -22.65 79.53
CA PRO E 1417 33.27 -23.31 78.42
C PRO E 1417 34.59 -22.65 78.05
N HIS E 1418 34.74 -21.36 78.33
CA HIS E 1418 35.94 -20.64 77.93
C HIS E 1418 37.05 -20.68 78.96
N ALA E 1419 36.87 -21.39 80.07
CA ALA E 1419 37.96 -21.52 81.04
C ALA E 1419 39.17 -22.16 80.40
N ASN E 1420 40.36 -21.71 80.80
CA ASN E 1420 41.62 -22.22 80.24
C ASN E 1420 41.98 -23.53 80.94
N LEU E 1421 41.30 -24.59 80.53
CA LEU E 1421 41.50 -25.91 81.12
C LEU E 1421 42.97 -26.35 81.10
N LYS E 1422 43.70 -26.01 80.03
CA LYS E 1422 45.10 -26.39 79.94
C LYS E 1422 45.91 -25.80 81.09
N GLN E 1423 45.73 -24.51 81.37
CA GLN E 1423 46.42 -23.88 82.49
C GLN E 1423 46.02 -24.51 83.81
N ILE E 1424 44.76 -24.92 83.93
CA ILE E 1424 44.27 -25.60 85.12
C ILE E 1424 45.00 -26.92 85.33
N ARG E 1425 45.09 -27.75 84.28
CA ARG E 1425 45.80 -29.02 84.42
C ARG E 1425 47.27 -28.80 84.70
N LEU E 1426 47.86 -27.76 84.09
CA LEU E 1426 49.26 -27.44 84.37
C LEU E 1426 49.46 -27.08 85.84
N ILE E 1427 48.52 -26.33 86.43
CA ILE E 1427 48.58 -26.07 87.86
C ILE E 1427 48.46 -27.35 88.66
N GLU E 1428 47.52 -28.22 88.27
CA GLU E 1428 47.33 -29.47 89.01
C GLU E 1428 48.57 -30.34 89.00
N LYS E 1429 49.32 -30.33 87.89
CA LYS E 1429 50.50 -31.16 87.78
C LYS E 1429 51.60 -30.77 88.75
N GLN E 1430 51.58 -29.53 89.26
CA GLN E 1430 52.67 -29.05 90.10
C GLN E 1430 52.62 -29.64 91.50
N ALA E 1431 51.43 -29.78 92.09
CA ALA E 1431 51.33 -30.28 93.45
C ALA E 1431 49.96 -30.92 93.65
N PRO E 1432 49.87 -32.00 94.43
CA PRO E 1432 48.55 -32.62 94.64
C PRO E 1432 47.54 -31.71 95.32
N GLU E 1433 47.99 -30.87 96.25
CA GLU E 1433 47.07 -29.99 96.97
C GLU E 1433 46.48 -28.91 96.08
N ASN E 1434 47.07 -28.66 94.92
CA ASN E 1434 46.52 -27.74 93.94
C ASN E 1434 45.43 -28.39 93.09
N LYS E 1435 44.45 -29.02 93.73
CA LYS E 1435 43.42 -29.74 93.00
C LYS E 1435 42.40 -28.75 92.44
N ALA E 1436 41.91 -29.05 91.24
CA ALA E 1436 41.11 -28.10 90.49
C ALA E 1436 39.62 -28.32 90.70
N PHE E 1437 38.87 -27.22 90.66
CA PHE E 1437 37.43 -27.24 90.54
C PHE E 1437 37.07 -26.71 89.16
N VAL E 1438 36.18 -27.42 88.46
CA VAL E 1438 35.71 -27.00 87.15
C VAL E 1438 34.20 -26.93 87.20
N LEU E 1439 33.65 -25.77 86.88
CA LEU E 1439 32.23 -25.48 87.05
C LEU E 1439 31.60 -25.19 85.70
N SER E 1440 30.35 -25.65 85.52
CA SER E 1440 29.62 -25.35 84.31
C SER E 1440 29.37 -23.85 84.16
N SER E 1441 29.02 -23.18 85.25
CA SER E 1441 28.73 -21.77 85.21
C SER E 1441 28.87 -21.19 86.61
N VAL E 1442 28.86 -19.85 86.68
CA VAL E 1442 29.09 -19.16 87.94
C VAL E 1442 28.07 -19.53 89.00
N ASP E 1443 26.83 -19.82 88.59
CA ASP E 1443 25.81 -20.17 89.58
C ASP E 1443 26.10 -21.48 90.29
N GLU E 1444 26.98 -22.32 89.72
CA GLU E 1444 27.40 -23.54 90.40
C GLU E 1444 28.30 -23.27 91.59
N LEU E 1445 28.80 -22.04 91.72
CA LEU E 1445 29.55 -21.66 92.92
C LEU E 1445 28.69 -21.79 94.16
N GLU E 1446 27.40 -21.48 94.06
CA GLU E 1446 26.50 -21.65 95.20
C GLU E 1446 26.47 -23.09 95.66
N GLN E 1447 26.65 -24.04 94.74
CA GLN E 1447 26.64 -25.45 95.10
C GLN E 1447 28.00 -25.91 95.60
N GLN E 1448 29.07 -25.38 95.01
CA GLN E 1448 30.42 -25.83 95.35
C GLN E 1448 30.98 -25.16 96.60
N ARG E 1449 30.32 -24.10 97.09
CA ARG E 1449 30.87 -23.28 98.16
C ARG E 1449 31.19 -24.09 99.41
N ASP E 1450 30.26 -24.97 99.83
CA ASP E 1450 30.44 -25.68 101.08
C ASP E 1450 31.70 -26.53 101.07
N GLU E 1451 31.87 -27.36 100.04
CA GLU E 1451 33.06 -28.20 100.01
C GLU E 1451 34.30 -27.39 99.72
N ILE E 1452 34.18 -26.26 99.00
CA ILE E 1452 35.35 -25.40 98.81
C ILE E 1452 35.86 -24.89 100.15
N VAL E 1453 34.97 -24.35 100.99
CA VAL E 1453 35.42 -23.84 102.28
C VAL E 1453 35.91 -24.99 103.16
N SER E 1454 35.26 -26.16 103.08
CA SER E 1454 35.74 -27.30 103.84
C SER E 1454 37.17 -27.66 103.46
N TYR E 1455 37.46 -27.69 102.16
CA TYR E 1455 38.81 -27.99 101.69
C TYR E 1455 39.80 -26.93 102.15
N LEU E 1456 39.42 -25.65 102.02
CA LEU E 1456 40.29 -24.57 102.44
C LEU E 1456 40.66 -24.69 103.91
N CYS E 1457 39.70 -25.02 104.76
CA CYS E 1457 39.98 -25.11 106.19
C CYS E 1457 40.66 -26.43 106.54
N ASP E 1458 40.50 -27.46 105.72
CA ASP E 1458 41.32 -28.65 105.86
C ASP E 1458 42.78 -28.36 105.56
N LEU E 1459 43.05 -27.45 104.62
CA LEU E 1459 44.42 -27.07 104.26
C LEU E 1459 45.05 -26.10 105.24
N ALA E 1460 44.39 -25.73 106.34
CA ALA E 1460 44.91 -24.74 107.27
C ALA E 1460 45.04 -25.32 108.67
N PRO E 1461 46.16 -25.06 109.35
CA PRO E 1461 46.34 -25.57 110.71
C PRO E 1461 45.68 -24.68 111.76
N GLU E 1462 45.44 -25.28 112.92
CA GLU E 1462 44.89 -24.56 114.06
C GLU E 1462 46.00 -23.85 114.84
N ALA E 1463 45.60 -23.07 115.83
CA ALA E 1463 46.54 -22.34 116.67
C ALA E 1463 47.39 -23.29 117.50
N SER F 31 -33.79 85.65 -28.07
CA SER F 31 -33.44 85.49 -26.67
C SER F 31 -32.05 84.85 -26.53
N THR F 32 -31.99 83.54 -26.76
CA THR F 32 -30.74 82.79 -26.64
C THR F 32 -30.90 81.47 -27.38
N ALA F 33 -29.84 81.03 -28.04
CA ALA F 33 -29.86 79.81 -28.81
C ALA F 33 -29.53 78.61 -27.95
N ARG F 34 -29.77 77.42 -28.50
CA ARG F 34 -29.41 76.17 -27.82
C ARG F 34 -28.87 75.19 -28.84
N CYS F 35 -27.74 74.57 -28.51
CA CYS F 35 -27.17 73.51 -29.31
C CYS F 35 -26.97 72.29 -28.43
N SER F 36 -27.15 71.11 -28.99
CA SER F 36 -27.09 69.89 -28.21
C SER F 36 -26.40 68.80 -29.00
N LEU F 37 -25.55 68.04 -28.32
CA LEU F 37 -24.99 66.81 -28.84
C LEU F 37 -25.40 65.70 -27.88
N PHE F 38 -26.24 64.80 -28.36
CA PHE F 38 -27.02 63.94 -27.49
C PHE F 38 -27.09 62.54 -28.08
N GLY F 39 -27.50 61.60 -27.25
CA GLY F 39 -27.54 60.24 -27.70
C GLY F 39 -26.15 59.72 -27.95
N SER F 40 -26.07 58.68 -28.76
CA SER F 40 -24.77 58.10 -29.08
C SER F 40 -23.99 58.99 -30.02
N ASP F 41 -24.59 59.40 -31.14
CA ASP F 41 -23.86 60.07 -32.21
C ASP F 41 -24.65 61.19 -32.85
N PHE F 42 -25.49 61.90 -32.11
CA PHE F 42 -26.40 62.85 -32.71
C PHE F 42 -26.07 64.27 -32.31
N VAL F 43 -26.48 65.22 -33.15
CA VAL F 43 -26.22 66.64 -32.95
C VAL F 43 -27.49 67.40 -33.28
N ASN F 44 -27.69 68.53 -32.61
CA ASN F 44 -28.78 69.45 -32.90
C ASN F 44 -28.21 70.86 -32.95
N THR F 45 -28.44 71.55 -34.06
CA THR F 45 -27.84 72.86 -34.30
C THR F 45 -28.62 73.96 -33.60
N PHE F 46 -28.06 75.17 -33.65
CA PHE F 46 -28.74 76.32 -33.07
C PHE F 46 -30.06 76.59 -33.74
N ASP F 47 -30.14 76.39 -35.05
CA ASP F 47 -31.32 76.72 -35.83
C ASP F 47 -32.27 75.55 -36.01
N GLY F 48 -31.99 74.41 -35.41
CA GLY F 48 -32.88 73.28 -35.44
C GLY F 48 -32.49 72.15 -36.35
N SER F 49 -31.54 72.36 -37.26
CA SER F 49 -31.06 71.26 -38.07
C SER F 49 -30.46 70.19 -37.19
N MET F 50 -30.79 68.93 -37.49
CA MET F 50 -30.45 67.82 -36.62
C MET F 50 -29.92 66.67 -37.46
N TYR F 51 -28.84 66.06 -37.02
CA TYR F 51 -28.15 65.06 -37.81
C TYR F 51 -27.31 64.18 -36.89
N SER F 52 -26.70 63.17 -37.48
CA SER F 52 -25.84 62.24 -36.76
C SER F 52 -24.39 62.40 -37.21
N PHE F 53 -23.47 62.30 -36.26
CA PHE F 53 -22.05 62.33 -36.58
C PHE F 53 -21.29 61.56 -35.51
N ALA F 54 -20.55 60.55 -35.94
CA ALA F 54 -19.70 59.74 -35.04
C ALA F 54 -18.26 60.18 -35.23
N GLY F 55 -17.87 61.24 -34.51
CA GLY F 55 -16.54 61.78 -34.67
C GLY F 55 -15.47 60.91 -34.04
N TYR F 56 -14.25 61.07 -34.55
CA TYR F 56 -13.09 60.37 -34.03
C TYR F 56 -12.00 61.35 -33.59
N CYS F 57 -12.28 62.65 -33.61
CA CYS F 57 -11.32 63.67 -33.23
C CYS F 57 -12.08 64.75 -32.46
N SER F 58 -11.46 65.91 -32.30
CA SER F 58 -12.10 67.06 -31.69
C SER F 58 -12.60 68.01 -32.77
N TYR F 59 -13.78 68.58 -32.55
CA TYR F 59 -14.44 69.39 -33.55
C TYR F 59 -14.95 70.68 -32.94
N LEU F 60 -15.00 71.72 -33.75
CA LEU F 60 -15.52 73.01 -33.29
C LEU F 60 -17.03 72.95 -33.24
N LEU F 61 -17.60 73.10 -32.04
CA LEU F 61 -19.05 73.13 -31.90
C LEU F 61 -19.58 74.52 -32.16
N ALA F 62 -18.95 75.55 -31.61
CA ALA F 62 -19.40 76.91 -31.81
C ALA F 62 -18.25 77.86 -31.49
N GLY F 63 -18.38 79.08 -31.96
CA GLY F 63 -17.39 80.09 -31.67
C GLY F 63 -17.52 81.25 -32.63
N GLY F 64 -16.82 82.32 -32.29
CA GLY F 64 -16.71 83.45 -33.17
C GLY F 64 -16.14 83.00 -34.50
N CYS F 65 -16.84 83.30 -35.59
CA CYS F 65 -16.59 82.57 -36.81
C CYS F 65 -15.60 83.28 -37.73
N GLN F 66 -15.59 84.62 -37.70
CA GLN F 66 -14.53 85.39 -38.33
C GLN F 66 -13.42 85.72 -37.34
N LYS F 67 -13.77 86.40 -36.26
CA LYS F 67 -12.85 86.70 -35.16
C LYS F 67 -13.20 85.81 -33.99
N ARG F 68 -12.40 84.76 -33.78
CA ARG F 68 -12.74 83.70 -32.83
C ARG F 68 -12.15 84.06 -31.46
N SER F 69 -12.90 84.89 -30.73
CA SER F 69 -12.50 85.26 -29.37
C SER F 69 -12.54 84.06 -28.43
N PHE F 70 -13.43 83.10 -28.69
CA PHE F 70 -13.49 81.88 -27.90
C PHE F 70 -13.89 80.73 -28.82
N SER F 71 -13.57 79.52 -28.39
CA SER F 71 -13.89 78.33 -29.16
C SER F 71 -14.44 77.28 -28.23
N ILE F 72 -15.59 76.71 -28.56
CA ILE F 72 -16.16 75.59 -27.84
C ILE F 72 -15.89 74.34 -28.66
N ILE F 73 -15.19 73.38 -28.09
CA ILE F 73 -14.65 72.25 -28.84
C ILE F 73 -15.15 70.97 -28.19
N GLY F 74 -15.80 70.13 -28.97
CA GLY F 74 -16.24 68.83 -28.51
C GLY F 74 -15.25 67.75 -28.91
N ASP F 75 -14.85 66.95 -27.94
CA ASP F 75 -13.86 65.90 -28.16
C ASP F 75 -14.55 64.56 -28.21
N PHE F 76 -14.21 63.76 -29.22
CA PHE F 76 -14.78 62.43 -29.39
C PHE F 76 -13.68 61.39 -29.29
N GLN F 77 -14.09 60.15 -29.10
CA GLN F 77 -13.16 59.03 -29.10
C GLN F 77 -13.92 57.77 -29.47
N ASN F 78 -13.53 57.13 -30.57
CA ASN F 78 -14.19 55.93 -31.06
C ASN F 78 -15.67 56.17 -31.29
N GLY F 79 -16.00 57.36 -31.78
CA GLY F 79 -17.37 57.73 -32.06
C GLY F 79 -18.13 58.31 -30.89
N LYS F 80 -17.68 58.07 -29.66
CA LYS F 80 -18.36 58.54 -28.47
C LYS F 80 -17.76 59.85 -27.98
N ARG F 81 -18.58 60.64 -27.30
CA ARG F 81 -18.13 61.89 -26.73
C ARG F 81 -17.37 61.65 -25.44
N VAL F 82 -16.31 62.42 -25.23
CA VAL F 82 -15.48 62.25 -24.04
C VAL F 82 -15.28 63.52 -23.25
N SER F 83 -15.39 64.70 -23.85
CA SER F 83 -15.15 65.93 -23.11
C SER F 83 -15.70 67.10 -23.90
N LEU F 84 -15.85 68.23 -23.21
CA LEU F 84 -16.29 69.48 -23.80
C LEU F 84 -15.27 70.55 -23.44
N SER F 85 -14.43 70.92 -24.39
CA SER F 85 -13.35 71.86 -24.13
C SER F 85 -13.75 73.25 -24.58
N VAL F 86 -13.12 74.24 -23.96
CA VAL F 86 -13.32 75.64 -24.31
C VAL F 86 -11.96 76.32 -24.34
N TYR F 87 -11.74 77.14 -25.35
CA TYR F 87 -10.51 77.91 -25.51
C TYR F 87 -10.89 79.38 -25.62
N LEU F 88 -10.20 80.23 -24.86
CA LEU F 88 -10.49 81.65 -24.87
C LEU F 88 -9.58 82.44 -25.80
N GLY F 89 -8.99 81.78 -26.79
CA GLY F 89 -8.08 82.49 -27.66
C GLY F 89 -6.63 82.24 -27.36
N GLU F 90 -6.29 80.98 -27.09
CA GLU F 90 -4.94 80.46 -26.96
C GLU F 90 -4.28 80.84 -25.65
N PHE F 91 -4.90 81.66 -24.81
CA PHE F 91 -4.30 81.99 -23.52
C PHE F 91 -4.91 81.21 -22.39
N PHE F 92 -6.08 80.64 -22.57
CA PHE F 92 -6.72 79.83 -21.54
C PHE F 92 -7.53 78.74 -22.20
N ASP F 93 -7.40 77.53 -21.68
CA ASP F 93 -8.14 76.38 -22.18
C ASP F 93 -8.61 75.56 -20.99
N ILE F 94 -9.79 74.98 -21.10
CA ILE F 94 -10.37 74.19 -20.03
C ILE F 94 -11.04 72.98 -20.65
N HIS F 95 -10.95 71.84 -19.98
CA HIS F 95 -11.40 70.56 -20.54
C HIS F 95 -12.34 69.92 -19.53
N LEU F 96 -13.63 69.99 -19.79
CA LEU F 96 -14.63 69.38 -18.93
C LEU F 96 -14.99 68.02 -19.50
N PHE F 97 -14.53 66.97 -18.83
CA PHE F 97 -14.79 65.62 -19.31
C PHE F 97 -16.17 65.14 -18.86
N VAL F 98 -16.64 64.09 -19.51
CA VAL F 98 -17.94 63.54 -19.17
C VAL F 98 -17.95 63.02 -17.74
N ASN F 99 -16.88 62.36 -17.32
CA ASN F 99 -16.83 61.83 -15.95
C ASN F 99 -16.22 62.83 -14.97
N GLY F 100 -16.77 64.04 -14.98
CA GLY F 100 -16.59 65.01 -13.94
C GLY F 100 -15.21 65.62 -13.83
N THR F 101 -14.22 65.06 -14.52
CA THR F 101 -12.86 65.56 -14.40
C THR F 101 -12.71 66.85 -15.19
N VAL F 102 -11.97 67.80 -14.62
CA VAL F 102 -11.68 69.06 -15.27
C VAL F 102 -10.18 69.26 -15.26
N THR F 103 -9.62 69.64 -16.41
CA THR F 103 -8.22 69.97 -16.51
C THR F 103 -8.06 71.32 -17.19
N GLN F 104 -7.28 72.20 -16.59
CA GLN F 104 -6.89 73.47 -17.19
C GLN F 104 -5.52 73.26 -17.80
N GLY F 105 -5.44 73.33 -19.12
CA GLY F 105 -4.28 72.79 -19.81
C GLY F 105 -4.25 71.29 -19.61
N ASP F 106 -3.08 70.76 -19.25
CA ASP F 106 -2.97 69.36 -18.86
C ASP F 106 -3.06 69.16 -17.36
N GLN F 107 -3.15 70.24 -16.59
CA GLN F 107 -3.19 70.16 -15.13
C GLN F 107 -4.63 69.94 -14.67
N ARG F 108 -4.82 68.94 -13.82
CA ARG F 108 -6.15 68.64 -13.29
C ARG F 108 -6.55 69.65 -12.23
N VAL F 109 -7.82 70.03 -12.23
CA VAL F 109 -8.38 70.93 -11.22
C VAL F 109 -9.70 70.36 -10.76
N SER F 110 -10.14 70.82 -9.59
CA SER F 110 -11.34 70.31 -8.95
C SER F 110 -12.46 71.33 -9.00
N MET F 111 -13.68 70.84 -9.09
CA MET F 111 -14.85 71.70 -9.11
C MET F 111 -15.32 72.01 -7.70
N PRO F 112 -15.95 73.17 -7.48
CA PRO F 112 -16.18 74.23 -8.44
C PRO F 112 -14.90 74.97 -8.77
N TYR F 113 -14.85 75.58 -9.95
CA TYR F 113 -13.66 76.27 -10.41
C TYR F 113 -14.07 77.56 -11.09
N ALA F 114 -13.32 78.61 -10.84
CA ALA F 114 -13.61 79.91 -11.42
C ALA F 114 -12.29 80.57 -11.80
N SER F 115 -12.21 81.04 -13.05
CA SER F 115 -11.00 81.68 -13.53
C SER F 115 -11.25 82.39 -14.85
N LYS F 116 -10.79 83.64 -14.94
CA LYS F 116 -10.78 84.38 -16.20
C LYS F 116 -12.16 84.40 -16.85
N GLY F 117 -13.18 84.59 -16.04
CA GLY F 117 -14.53 84.73 -16.53
C GLY F 117 -15.28 83.43 -16.75
N LEU F 118 -14.65 82.28 -16.52
CA LEU F 118 -15.27 80.99 -16.71
C LEU F 118 -15.57 80.36 -15.36
N TYR F 119 -16.78 79.83 -15.20
CA TYR F 119 -17.25 79.28 -13.94
C TYR F 119 -17.70 77.84 -14.17
N LEU F 120 -17.06 76.90 -13.49
CA LEU F 120 -17.45 75.50 -13.55
C LEU F 120 -18.17 75.15 -12.27
N GLU F 121 -19.41 74.66 -12.40
CA GLU F 121 -20.26 74.45 -11.26
C GLU F 121 -21.12 73.22 -11.51
N THR F 122 -21.50 72.54 -10.43
CA THR F 122 -22.37 71.37 -10.53
C THR F 122 -23.83 71.78 -10.34
N GLU F 123 -24.29 72.65 -11.22
CA GLU F 123 -25.65 73.16 -11.12
C GLU F 123 -26.67 72.06 -11.44
N ALA F 124 -27.63 71.87 -10.54
CA ALA F 124 -28.71 70.90 -10.72
C ALA F 124 -28.19 69.51 -11.01
N GLY F 125 -27.07 69.16 -10.41
CA GLY F 125 -26.48 67.85 -10.57
C GLY F 125 -25.77 67.64 -11.89
N TYR F 126 -25.69 68.65 -12.74
CA TYR F 126 -25.05 68.56 -14.04
C TYR F 126 -23.90 69.55 -14.12
N TYR F 127 -22.78 69.09 -14.69
CA TYR F 127 -21.57 69.90 -14.73
C TYR F 127 -21.78 71.10 -15.65
N LYS F 128 -21.80 72.30 -15.08
CA LYS F 128 -21.97 73.53 -15.82
C LYS F 128 -20.61 74.16 -16.10
N LEU F 129 -20.55 74.96 -17.16
CA LEU F 129 -19.36 75.74 -17.50
C LEU F 129 -19.88 77.05 -18.06
N SER F 130 -19.99 78.05 -17.21
CA SER F 130 -20.63 79.30 -17.57
C SER F 130 -19.61 80.32 -18.04
N GLY F 131 -19.96 81.05 -19.08
CA GLY F 131 -19.10 82.06 -19.65
C GLY F 131 -19.80 83.38 -19.85
N GLU F 132 -20.62 83.78 -18.88
CA GLU F 132 -21.50 84.94 -19.02
C GLU F 132 -20.84 86.11 -19.73
N ALA F 133 -19.60 86.44 -19.35
CA ALA F 133 -18.92 87.56 -19.97
C ALA F 133 -18.75 87.32 -21.47
N TYR F 134 -18.37 86.11 -21.85
CA TYR F 134 -18.21 85.76 -23.25
C TYR F 134 -19.54 85.47 -23.94
N GLY F 135 -20.62 85.32 -23.19
CA GLY F 135 -21.93 85.18 -23.78
C GLY F 135 -22.31 83.76 -24.14
N PHE F 136 -21.93 82.79 -23.31
CA PHE F 136 -22.27 81.40 -23.56
C PHE F 136 -22.37 80.65 -22.25
N VAL F 137 -23.14 79.57 -22.27
CA VAL F 137 -23.25 78.64 -21.14
C VAL F 137 -23.21 77.23 -21.69
N ALA F 138 -22.34 76.40 -21.13
CA ALA F 138 -22.21 75.02 -21.54
C ALA F 138 -22.56 74.09 -20.39
N ARG F 139 -22.94 72.87 -20.72
CA ARG F 139 -23.37 71.92 -19.72
C ARG F 139 -23.18 70.50 -20.22
N ILE F 140 -22.85 69.60 -19.29
CA ILE F 140 -22.83 68.17 -19.55
C ILE F 140 -23.77 67.52 -18.56
N ASP F 141 -24.74 66.77 -19.06
CA ASP F 141 -25.65 66.07 -18.16
C ASP F 141 -25.01 64.78 -17.65
N GLY F 142 -25.71 64.10 -16.75
CA GLY F 142 -25.16 62.91 -16.13
C GLY F 142 -24.95 61.76 -17.08
N SER F 143 -25.59 61.78 -18.24
CA SER F 143 -25.45 60.71 -19.21
C SER F 143 -24.48 61.04 -20.33
N GLY F 144 -23.85 62.21 -20.30
CA GLY F 144 -22.86 62.58 -21.29
C GLY F 144 -23.36 63.43 -22.43
N ASN F 145 -24.59 63.90 -22.39
CA ASN F 145 -25.11 64.76 -23.45
C ASN F 145 -24.58 66.18 -23.26
N PHE F 146 -23.96 66.72 -24.29
CA PHE F 146 -23.47 68.08 -24.23
C PHE F 146 -24.59 69.07 -24.47
N GLN F 147 -24.34 70.32 -24.09
CA GLN F 147 -25.31 71.39 -24.29
C GLN F 147 -24.54 72.70 -24.38
N VAL F 148 -24.97 73.57 -25.28
CA VAL F 148 -24.39 74.91 -25.40
C VAL F 148 -25.52 75.90 -25.62
N LEU F 149 -25.55 76.94 -24.80
CA LEU F 149 -26.45 78.07 -24.98
C LEU F 149 -25.64 79.30 -25.33
N LEU F 150 -25.95 79.92 -26.45
CA LEU F 150 -25.16 81.00 -27.01
C LEU F 150 -26.02 82.24 -27.12
N SER F 151 -25.49 83.37 -26.68
CA SER F 151 -26.30 84.58 -26.57
C SER F 151 -26.62 85.14 -27.94
N ASP F 152 -27.60 86.06 -27.96
CA ASP F 152 -28.06 86.64 -29.21
C ASP F 152 -26.99 87.43 -29.92
N ARG F 153 -25.96 87.89 -29.20
CA ARG F 153 -24.92 88.69 -29.85
C ARG F 153 -24.19 87.93 -30.93
N TYR F 154 -24.26 86.59 -30.92
CA TYR F 154 -23.62 85.76 -31.93
C TYR F 154 -24.59 85.34 -33.02
N PHE F 155 -25.71 86.05 -33.17
CA PHE F 155 -26.63 85.79 -34.27
C PHE F 155 -25.93 86.03 -35.59
N ASN F 156 -25.87 85.01 -36.44
CA ASN F 156 -25.33 85.10 -37.78
C ASN F 156 -23.84 85.33 -37.79
N LYS F 157 -23.16 85.03 -36.68
CA LYS F 157 -21.74 85.30 -36.53
C LYS F 157 -20.97 84.09 -35.98
N THR F 158 -21.57 82.91 -35.95
CA THR F 158 -20.91 81.72 -35.43
C THR F 158 -20.93 80.63 -36.49
N CYS F 159 -19.99 79.71 -36.37
CA CYS F 159 -19.96 78.55 -37.25
C CYS F 159 -19.24 77.41 -36.56
N GLY F 160 -19.72 76.20 -36.82
CA GLY F 160 -19.23 75.01 -36.18
C GLY F 160 -20.27 73.92 -36.30
N LEU F 161 -20.00 72.78 -35.66
CA LEU F 161 -20.94 71.66 -35.74
C LEU F 161 -22.34 72.07 -35.33
N CYS F 162 -22.47 73.01 -34.39
CA CYS F 162 -23.76 73.57 -34.06
C CYS F 162 -24.33 74.44 -35.17
N GLY F 163 -23.63 74.58 -36.28
CA GLY F 163 -24.10 75.39 -37.37
C GLY F 163 -24.02 76.87 -37.05
N ASN F 164 -24.38 77.66 -38.05
CA ASN F 164 -24.52 79.08 -37.82
C ASN F 164 -25.75 79.33 -36.95
N PHE F 165 -25.99 80.58 -36.59
CA PHE F 165 -27.16 80.93 -35.79
C PHE F 165 -27.93 82.01 -36.54
N ASN F 166 -28.77 81.55 -37.46
CA ASN F 166 -29.77 82.36 -38.13
C ASN F 166 -30.93 81.44 -38.42
N ILE F 167 -32.15 81.93 -38.18
CA ILE F 167 -33.32 81.06 -38.04
C ILE F 167 -33.47 80.10 -39.22
N PHE F 168 -32.97 80.48 -40.39
CA PHE F 168 -32.97 79.59 -41.53
C PHE F 168 -32.14 78.35 -41.22
N ALA F 169 -32.78 77.19 -41.15
CA ALA F 169 -32.09 75.97 -40.74
C ALA F 169 -31.42 75.28 -41.90
N GLU F 170 -31.87 75.52 -43.13
CA GLU F 170 -31.33 74.80 -44.28
C GLU F 170 -29.86 75.12 -44.53
N ASP F 171 -29.35 76.23 -43.99
CA ASP F 171 -28.00 76.67 -44.26
C ASP F 171 -27.02 76.39 -43.13
N ASP F 172 -27.33 75.43 -42.27
CA ASP F 172 -26.49 75.20 -41.11
C ASP F 172 -25.24 74.40 -41.42
N PHE F 173 -25.18 73.74 -42.58
CA PHE F 173 -24.09 72.82 -42.87
C PHE F 173 -22.92 73.49 -43.57
N MET F 174 -22.72 74.78 -43.35
CA MET F 174 -21.59 75.48 -43.97
C MET F 174 -20.28 74.87 -43.51
N THR F 175 -19.42 74.54 -44.46
CA THR F 175 -18.10 74.02 -44.14
C THR F 175 -17.16 75.16 -43.80
N GLN F 176 -16.02 74.80 -43.19
CA GLN F 176 -15.02 75.81 -42.87
C GLN F 176 -14.47 76.48 -44.12
N GLU F 177 -14.56 75.81 -45.26
CA GLU F 177 -14.16 76.40 -46.53
C GLU F 177 -15.16 77.45 -47.00
N GLY F 178 -16.29 77.59 -46.32
CA GLY F 178 -17.27 78.58 -46.68
C GLY F 178 -18.32 78.12 -47.68
N THR F 179 -18.52 76.81 -47.82
CA THR F 179 -19.48 76.27 -48.77
C THR F 179 -20.43 75.32 -48.05
N LEU F 180 -21.68 75.32 -48.50
CA LEU F 180 -22.65 74.37 -47.98
C LEU F 180 -22.36 72.97 -48.50
N THR F 181 -22.87 71.98 -47.78
CA THR F 181 -22.75 70.60 -48.22
C THR F 181 -23.95 69.82 -47.72
N SER F 182 -24.45 68.92 -48.55
CA SER F 182 -25.60 68.11 -48.18
C SER F 182 -25.22 66.94 -47.28
N ASP F 183 -23.94 66.68 -47.08
CA ASP F 183 -23.51 65.54 -46.29
C ASP F 183 -23.12 66.03 -44.91
N PRO F 184 -23.75 65.54 -43.85
CA PRO F 184 -23.32 65.94 -42.50
C PRO F 184 -21.86 65.66 -42.23
N TYR F 185 -21.33 64.55 -42.74
CA TYR F 185 -19.94 64.20 -42.46
C TYR F 185 -18.96 65.14 -43.13
N ASP F 186 -19.24 65.59 -44.34
CA ASP F 186 -18.38 66.59 -44.96
C ASP F 186 -18.29 67.83 -44.08
N PHE F 187 -19.45 68.32 -43.62
CA PHE F 187 -19.51 69.48 -42.74
C PHE F 187 -18.72 69.26 -41.45
N ALA F 188 -19.00 68.15 -40.77
CA ALA F 188 -18.36 67.88 -39.49
C ALA F 188 -16.86 67.74 -39.64
N ASN F 189 -16.41 66.94 -40.61
CA ASN F 189 -14.99 66.77 -40.82
C ASN F 189 -14.34 68.09 -41.24
N SER F 190 -15.08 68.96 -41.93
CA SER F 190 -14.58 70.28 -42.22
C SER F 190 -14.32 71.06 -40.95
N TRP F 191 -15.08 70.80 -39.90
CA TRP F 191 -14.87 71.49 -38.62
C TRP F 191 -14.06 70.69 -37.62
N ALA F 192 -13.13 69.86 -38.09
CA ALA F 192 -12.22 69.17 -37.18
C ALA F 192 -11.05 70.06 -36.81
N LEU F 193 -10.49 69.81 -35.63
CA LEU F 193 -9.34 70.56 -35.12
C LEU F 193 -8.32 69.57 -34.57
N SER F 194 -7.11 69.61 -35.10
CA SER F 194 -6.05 68.71 -34.67
C SER F 194 -5.13 69.40 -33.68
N SER F 195 -4.30 68.61 -33.03
CA SER F 195 -3.36 69.12 -32.04
C SER F 195 -2.03 68.41 -32.20
N GLY F 196 -1.10 68.72 -31.31
CA GLY F 196 0.22 68.16 -31.36
C GLY F 196 0.34 66.75 -30.86
N GLU F 197 -0.75 66.18 -30.35
CA GLU F 197 -0.77 64.79 -29.95
C GLU F 197 -1.98 64.06 -30.51
N GLN F 198 -2.73 64.69 -31.40
CA GLN F 198 -3.91 64.05 -31.99
C GLN F 198 -4.18 64.74 -33.32
N TRP F 199 -3.92 64.04 -34.41
CA TRP F 199 -4.20 64.54 -35.75
C TRP F 199 -5.41 63.82 -36.32
N CYS F 200 -6.36 64.58 -36.83
CA CYS F 200 -7.70 64.07 -37.07
C CYS F 200 -7.76 63.22 -38.32
N GLU F 201 -8.35 62.04 -38.20
CA GLU F 201 -8.65 61.20 -39.35
C GLU F 201 -10.01 61.56 -39.92
N ARG F 202 -10.19 61.31 -41.21
CA ARG F 202 -11.46 61.53 -41.88
C ARG F 202 -12.51 60.57 -41.34
N ALA F 203 -13.49 61.10 -40.62
CA ALA F 203 -14.56 60.27 -40.09
C ALA F 203 -15.57 59.93 -41.20
N SER F 204 -16.16 58.76 -41.09
CA SER F 204 -17.11 58.27 -42.08
C SER F 204 -18.25 57.56 -41.36
N PRO F 205 -19.41 57.45 -42.00
CA PRO F 205 -20.56 56.79 -41.35
C PRO F 205 -20.22 55.34 -40.99
N PRO F 206 -20.70 54.86 -39.84
CA PRO F 206 -20.45 53.48 -39.46
C PRO F 206 -21.42 52.52 -40.13
N SER F 207 -21.06 51.24 -40.08
CA SER F 207 -21.96 50.18 -40.53
C SER F 207 -23.09 50.00 -39.53
N SER F 208 -24.25 49.59 -40.05
CA SER F 208 -25.44 49.52 -39.21
C SER F 208 -26.42 48.49 -39.76
N SER F 209 -27.36 48.09 -38.90
CA SER F 209 -28.47 47.23 -39.28
C SER F 209 -29.78 47.94 -38.94
N CYS F 210 -30.74 47.86 -39.85
CA CYS F 210 -32.00 48.58 -39.70
C CYS F 210 -33.11 47.93 -40.52
N MET F 217 -34.73 47.75 -36.56
CA MET F 217 -36.14 48.10 -36.48
C MET F 217 -36.95 47.00 -35.78
N GLN F 218 -37.78 47.41 -34.82
CA GLN F 218 -38.64 46.49 -34.11
C GLN F 218 -39.88 47.24 -33.67
N LYS F 219 -41.06 46.66 -33.94
CA LYS F 219 -42.32 47.38 -33.75
C LYS F 219 -42.52 47.78 -32.29
N GLY F 220 -42.30 46.84 -31.38
CA GLY F 220 -42.49 47.13 -29.97
C GLY F 220 -41.64 48.29 -29.49
N LEU F 221 -40.40 48.36 -29.99
CA LEU F 221 -39.56 49.50 -29.67
C LEU F 221 -40.02 50.75 -30.39
N TRP F 222 -40.54 50.58 -31.61
CA TRP F 222 -41.00 51.72 -32.42
C TRP F 222 -42.16 52.44 -31.75
N GLU F 223 -42.99 51.72 -30.99
CA GLU F 223 -44.04 52.38 -30.22
C GLU F 223 -43.46 53.45 -29.30
N GLN F 224 -42.31 53.17 -28.68
CA GLN F 224 -41.71 54.13 -27.77
C GLN F 224 -41.38 55.43 -28.48
N CYS F 225 -40.83 55.33 -29.70
CA CYS F 225 -40.59 56.53 -30.48
C CYS F 225 -41.89 57.23 -30.84
N GLN F 226 -42.93 56.46 -31.14
CA GLN F 226 -44.22 57.07 -31.43
C GLN F 226 -44.82 57.79 -30.23
N LEU F 227 -44.29 57.56 -29.03
CA LEU F 227 -44.75 58.34 -27.88
C LEU F 227 -44.70 59.84 -28.15
N LEU F 228 -43.71 60.30 -28.91
CA LEU F 228 -43.58 61.73 -29.18
C LEU F 228 -44.83 62.30 -29.84
N LYS F 229 -45.55 61.49 -30.59
CA LYS F 229 -46.70 61.97 -31.35
C LYS F 229 -48.03 61.67 -30.67
N SER F 230 -48.12 60.57 -29.92
CA SER F 230 -49.40 60.10 -29.42
C SER F 230 -49.71 60.60 -28.02
N THR F 231 -48.69 60.88 -27.21
CA THR F 231 -48.90 61.18 -25.81
C THR F 231 -49.35 62.63 -25.64
N SER F 232 -50.25 62.86 -24.69
CA SER F 232 -50.81 64.19 -24.50
C SER F 232 -49.77 65.19 -24.02
N VAL F 233 -48.87 64.78 -23.12
CA VAL F 233 -47.91 65.73 -22.57
C VAL F 233 -46.99 66.26 -23.66
N PHE F 234 -46.52 65.39 -24.55
CA PHE F 234 -45.71 65.85 -25.66
C PHE F 234 -46.52 66.65 -26.66
N ALA F 235 -47.81 66.33 -26.80
CA ALA F 235 -48.65 67.03 -27.75
C ALA F 235 -48.76 68.51 -27.44
N ARG F 236 -48.45 68.92 -26.20
CA ARG F 236 -48.47 70.33 -25.87
C ARG F 236 -47.50 71.11 -26.74
N CYS F 237 -46.39 70.48 -27.13
CA CYS F 237 -45.28 71.17 -27.76
C CYS F 237 -45.39 71.24 -29.28
N HIS F 238 -46.32 70.51 -29.88
CA HIS F 238 -46.40 70.48 -31.34
C HIS F 238 -46.50 71.87 -31.96
N PRO F 239 -47.27 72.82 -31.43
CA PRO F 239 -47.28 74.16 -32.05
C PRO F 239 -45.92 74.84 -32.04
N LEU F 240 -45.03 74.45 -31.13
CA LEU F 240 -43.71 75.07 -31.05
C LEU F 240 -42.61 74.26 -31.73
N VAL F 241 -42.60 72.95 -31.56
CA VAL F 241 -41.55 72.10 -32.09
C VAL F 241 -42.18 70.93 -32.82
N ASP F 242 -41.85 70.78 -34.09
CA ASP F 242 -42.37 69.67 -34.88
C ASP F 242 -41.70 68.38 -34.43
N PRO F 243 -42.47 67.35 -34.06
CA PRO F 243 -41.86 66.12 -33.55
C PRO F 243 -41.30 65.19 -34.61
N GLU F 244 -41.64 65.41 -35.88
CA GLU F 244 -41.26 64.44 -36.92
C GLU F 244 -39.76 64.21 -37.01
N PRO F 245 -38.91 65.24 -37.06
CA PRO F 245 -37.47 64.95 -37.10
C PRO F 245 -37.01 64.11 -35.92
N PHE F 246 -37.54 64.39 -34.74
CA PHE F 246 -37.17 63.62 -33.56
C PHE F 246 -37.66 62.19 -33.68
N VAL F 247 -38.84 61.99 -34.28
CA VAL F 247 -39.35 60.64 -34.46
C VAL F 247 -38.45 59.85 -35.41
N ALA F 248 -38.01 60.47 -36.50
CA ALA F 248 -37.11 59.80 -37.42
C ALA F 248 -35.78 59.45 -36.75
N LEU F 249 -35.23 60.41 -36.01
CA LEU F 249 -33.99 60.14 -35.28
C LEU F 249 -34.17 59.01 -34.29
N CYS F 250 -35.30 58.98 -33.60
CA CYS F 250 -35.59 57.91 -32.65
C CYS F 250 -35.68 56.56 -33.37
N GLU F 251 -36.31 56.52 -34.52
CA GLU F 251 -36.41 55.27 -35.27
C GLU F 251 -35.02 54.75 -35.65
N LYS F 252 -34.17 55.63 -36.15
CA LYS F 252 -32.86 55.15 -36.59
C LYS F 252 -31.96 54.81 -35.41
N THR F 253 -32.13 55.47 -34.26
CA THR F 253 -31.35 55.03 -33.10
C THR F 253 -31.87 53.71 -32.54
N LEU F 254 -33.18 53.44 -32.68
CA LEU F 254 -33.66 52.09 -32.37
C LEU F 254 -33.03 51.06 -33.29
N CYS F 255 -32.90 51.38 -34.57
CA CYS F 255 -32.13 50.50 -35.45
C CYS F 255 -30.71 50.32 -34.93
N GLU F 256 -30.10 51.39 -34.41
CA GLU F 256 -28.80 51.29 -33.80
C GLU F 256 -28.84 50.69 -32.40
N CYS F 257 -30.03 50.56 -31.81
CA CYS F 257 -30.16 50.15 -30.42
C CYS F 257 -29.48 48.80 -30.17
N ALA F 258 -29.03 48.63 -28.92
CA ALA F 258 -28.49 47.37 -28.43
C ALA F 258 -29.07 47.04 -27.07
N GLY F 259 -30.31 47.42 -26.83
CA GLY F 259 -30.96 47.23 -25.54
C GLY F 259 -32.46 47.20 -25.65
N GLY F 260 -33.14 47.74 -24.64
CA GLY F 260 -34.58 47.72 -24.55
C GLY F 260 -35.20 49.05 -24.93
N LEU F 261 -36.34 49.36 -24.31
CA LEU F 261 -37.07 50.58 -24.62
C LEU F 261 -36.26 51.84 -24.32
N GLU F 262 -35.24 51.75 -23.47
CA GLU F 262 -34.48 52.94 -23.08
C GLU F 262 -33.77 53.57 -24.27
N CYS F 263 -33.58 52.83 -25.36
CA CYS F 263 -32.89 53.39 -26.53
C CYS F 263 -33.64 54.57 -27.13
N ALA F 264 -34.94 54.65 -26.91
CA ALA F 264 -35.70 55.79 -27.42
C ALA F 264 -35.57 57.02 -26.53
N CYS F 265 -35.03 56.86 -25.32
CA CYS F 265 -35.01 57.96 -24.36
C CYS F 265 -34.23 59.18 -24.83
N PRO F 266 -33.06 59.07 -25.47
CA PRO F 266 -32.35 60.29 -25.88
C PRO F 266 -33.19 61.22 -26.73
N ALA F 267 -33.97 60.68 -27.68
CA ALA F 267 -34.79 61.52 -28.52
C ALA F 267 -35.87 62.23 -27.71
N LEU F 268 -36.54 61.50 -26.81
CA LEU F 268 -37.57 62.12 -25.99
C LEU F 268 -36.98 63.21 -25.10
N LEU F 269 -35.83 62.94 -24.50
CA LEU F 269 -35.18 63.92 -23.63
C LEU F 269 -34.80 65.16 -24.41
N GLU F 270 -34.23 64.99 -25.60
CA GLU F 270 -33.85 66.15 -26.40
C GLU F 270 -35.07 66.92 -26.87
N TYR F 271 -36.15 66.22 -27.20
CA TYR F 271 -37.38 66.93 -27.59
C TYR F 271 -37.93 67.73 -26.42
N ALA F 272 -37.93 67.16 -25.23
CA ALA F 272 -38.41 67.89 -24.06
C ALA F 272 -37.55 69.10 -23.79
N ARG F 273 -36.22 68.96 -23.95
CA ARG F 273 -35.34 70.08 -23.70
C ARG F 273 -35.50 71.16 -24.76
N THR F 274 -35.71 70.78 -26.01
CA THR F 274 -36.00 71.76 -27.05
C THR F 274 -37.29 72.52 -26.74
N CYS F 275 -38.31 71.80 -26.30
CA CYS F 275 -39.57 72.45 -25.92
C CYS F 275 -39.36 73.41 -24.77
N ALA F 276 -38.60 73.00 -23.76
CA ALA F 276 -38.30 73.88 -22.64
C ALA F 276 -37.58 75.13 -23.11
N GLN F 277 -36.66 74.98 -24.06
CA GLN F 277 -36.00 76.15 -24.64
C GLN F 277 -37.01 77.05 -25.32
N GLU F 278 -37.96 76.47 -26.05
CA GLU F 278 -38.95 77.28 -26.75
C GLU F 278 -39.95 77.92 -25.80
N GLY F 279 -40.16 77.34 -24.62
CA GLY F 279 -41.01 77.96 -23.62
C GLY F 279 -41.89 77.01 -22.84
N MET F 280 -42.24 75.87 -23.43
CA MET F 280 -43.15 74.92 -22.79
C MET F 280 -42.32 73.85 -22.09
N VAL F 281 -42.38 73.83 -20.77
CA VAL F 281 -41.78 72.76 -19.98
C VAL F 281 -42.79 71.63 -19.88
N LEU F 282 -42.37 70.42 -20.23
CA LEU F 282 -43.28 69.29 -20.34
C LEU F 282 -43.27 68.48 -19.04
N TYR F 283 -43.73 69.12 -17.97
CA TYR F 283 -43.54 68.64 -16.60
C TYR F 283 -43.72 67.13 -16.43
N GLY F 284 -44.65 66.53 -17.17
CA GLY F 284 -45.00 65.15 -16.98
C GLY F 284 -44.40 64.14 -17.92
N TRP F 285 -43.42 64.50 -18.75
CA TRP F 285 -42.98 63.55 -19.75
C TRP F 285 -42.23 62.38 -19.12
N THR F 286 -41.60 62.58 -17.97
CA THR F 286 -40.85 61.50 -17.35
C THR F 286 -41.76 60.43 -16.77
N ASP F 287 -43.00 60.78 -16.43
CA ASP F 287 -43.91 59.81 -15.84
C ASP F 287 -44.61 58.96 -16.92
N HIS F 288 -45.07 59.60 -18.00
CA HIS F 288 -45.75 58.86 -19.05
C HIS F 288 -44.82 57.86 -19.73
N SER F 289 -43.59 58.28 -20.03
CA SER F 289 -42.64 57.41 -20.68
C SER F 289 -41.95 56.49 -19.66
N ALA F 290 -41.22 55.51 -20.18
CA ALA F 290 -40.45 54.60 -19.35
C ALA F 290 -39.06 55.12 -19.03
N CYS F 291 -38.73 56.34 -19.46
CA CYS F 291 -37.38 56.86 -19.33
C CYS F 291 -37.15 57.47 -17.94
N SER F 292 -35.87 57.54 -17.59
CA SER F 292 -35.45 58.11 -16.31
C SER F 292 -34.05 58.68 -16.50
N PRO F 293 -33.94 59.99 -16.75
CA PRO F 293 -32.61 60.56 -16.96
C PRO F 293 -31.70 60.33 -15.77
N VAL F 294 -30.43 60.07 -16.05
CA VAL F 294 -29.50 59.70 -15.00
C VAL F 294 -29.26 60.87 -14.08
N CYS F 295 -29.23 60.61 -12.79
CA CYS F 295 -28.90 61.59 -11.76
C CYS F 295 -27.96 60.96 -10.76
N PRO F 296 -27.17 61.76 -10.05
CA PRO F 296 -26.27 61.20 -9.05
C PRO F 296 -27.05 60.62 -7.89
N ALA F 297 -26.37 59.78 -7.11
CA ALA F 297 -27.01 58.98 -6.07
C ALA F 297 -27.84 59.86 -5.14
N GLY F 298 -29.10 59.46 -4.96
CA GLY F 298 -29.97 60.12 -4.01
C GLY F 298 -30.77 61.28 -4.56
N MET F 299 -30.42 61.81 -5.73
CA MET F 299 -31.11 62.95 -6.30
C MET F 299 -32.14 62.50 -7.31
N GLU F 300 -33.28 63.18 -7.33
CA GLU F 300 -34.34 62.91 -8.28
C GLU F 300 -34.19 63.81 -9.51
N TYR F 301 -34.56 63.27 -10.67
CA TYR F 301 -34.67 64.10 -11.85
C TYR F 301 -35.98 64.86 -11.84
N ARG F 302 -35.93 66.14 -12.19
CA ARG F 302 -37.12 66.95 -12.21
C ARG F 302 -36.97 68.05 -13.24
N GLN F 303 -38.08 68.40 -13.89
CA GLN F 303 -38.11 69.52 -14.80
C GLN F 303 -38.22 70.82 -14.01
N CYS F 304 -37.60 71.87 -14.54
CA CYS F 304 -37.73 73.22 -14.00
C CYS F 304 -37.19 73.29 -12.56
N VAL F 305 -35.99 72.75 -12.36
CA VAL F 305 -35.27 72.93 -11.10
C VAL F 305 -34.70 74.33 -11.08
N SER F 306 -34.90 75.04 -9.99
CA SER F 306 -34.35 76.39 -9.88
C SER F 306 -32.84 76.31 -9.76
N PRO F 307 -32.09 77.11 -10.53
CA PRO F 307 -30.63 77.05 -10.44
C PRO F 307 -30.10 77.37 -9.05
N CYS F 308 -30.81 78.21 -8.30
CA CYS F 308 -30.40 78.56 -6.93
C CYS F 308 -30.86 77.52 -5.92
N ALA F 309 -30.50 76.26 -6.14
CA ALA F 309 -30.89 75.20 -5.22
C ALA F 309 -30.24 75.42 -3.86
N ARG F 310 -30.96 75.05 -2.80
CA ARG F 310 -30.59 75.39 -1.44
C ARG F 310 -29.59 74.40 -0.88
N THR F 311 -28.33 74.81 -0.82
CA THR F 311 -27.35 74.22 0.07
C THR F 311 -27.53 74.79 1.47
N CYS F 312 -27.21 73.99 2.49
CA CYS F 312 -27.31 74.48 3.86
C CYS F 312 -26.49 75.75 4.05
N GLN F 313 -25.18 75.67 3.84
CA GLN F 313 -24.31 76.80 4.07
C GLN F 313 -24.47 77.81 2.93
N SER F 314 -25.68 78.36 2.85
CA SER F 314 -26.02 79.34 1.82
C SER F 314 -26.87 80.43 2.44
N LEU F 315 -26.60 81.66 2.05
CA LEU F 315 -27.39 82.79 2.53
C LEU F 315 -28.79 82.74 1.93
N HIS F 316 -29.78 83.10 2.74
CA HIS F 316 -31.16 83.06 2.30
C HIS F 316 -31.53 84.26 1.46
N ILE F 317 -30.75 84.52 0.41
CA ILE F 317 -30.99 85.66 -0.48
C ILE F 317 -31.77 85.14 -1.68
N ASN F 318 -33.10 85.20 -1.57
CA ASN F 318 -33.97 84.74 -2.66
C ASN F 318 -34.24 85.83 -3.69
N GLU F 319 -34.05 87.09 -3.33
CA GLU F 319 -34.32 88.17 -4.26
C GLU F 319 -33.32 88.21 -5.41
N MET F 320 -32.13 87.64 -5.22
CA MET F 320 -31.13 87.64 -6.27
C MET F 320 -31.50 86.69 -7.40
N CYS F 321 -32.27 85.64 -7.11
CA CYS F 321 -32.51 84.56 -8.05
C CYS F 321 -33.65 84.93 -8.99
N GLN F 322 -33.34 85.82 -9.94
CA GLN F 322 -34.27 86.21 -10.99
C GLN F 322 -34.17 85.33 -12.22
N GLU F 323 -33.27 84.35 -12.22
CA GLU F 323 -33.04 83.53 -13.40
C GLU F 323 -34.20 82.56 -13.62
N ARG F 324 -34.31 82.07 -14.85
CA ARG F 324 -35.28 81.04 -15.17
C ARG F 324 -34.82 79.69 -14.64
N CYS F 325 -35.77 78.76 -14.56
CA CYS F 325 -35.46 77.41 -14.09
C CYS F 325 -34.90 76.57 -15.22
N VAL F 326 -34.29 75.44 -14.85
CA VAL F 326 -33.71 74.50 -15.79
C VAL F 326 -34.10 73.10 -15.38
N ASP F 327 -34.04 72.19 -16.33
CA ASP F 327 -34.17 70.77 -16.01
C ASP F 327 -32.89 70.26 -15.37
N GLY F 328 -33.03 69.26 -14.52
CA GLY F 328 -31.87 68.69 -13.87
C GLY F 328 -32.27 67.88 -12.66
N CYS F 329 -31.27 67.56 -11.86
CA CYS F 329 -31.45 66.74 -10.68
C CYS F 329 -31.65 67.60 -9.45
N SER F 330 -32.37 67.06 -8.48
CA SER F 330 -32.65 67.77 -7.24
C SER F 330 -32.71 66.78 -6.10
N CYS F 331 -32.35 67.24 -4.91
CA CYS F 331 -32.53 66.41 -3.73
C CYS F 331 -34.03 66.26 -3.44
N PRO F 332 -34.44 65.13 -2.86
CA PRO F 332 -35.85 64.95 -2.54
C PRO F 332 -36.34 66.07 -1.62
N GLU F 333 -37.65 66.30 -1.67
CA GLU F 333 -38.24 67.40 -0.94
C GLU F 333 -37.93 67.30 0.55
N GLY F 334 -37.56 68.42 1.14
CA GLY F 334 -37.19 68.49 2.53
C GLY F 334 -35.71 68.28 2.81
N GLN F 335 -34.96 67.75 1.85
CA GLN F 335 -33.53 67.57 2.01
C GLN F 335 -32.78 68.74 1.38
N LEU F 336 -31.52 68.89 1.78
CA LEU F 336 -30.67 69.96 1.31
C LEU F 336 -29.32 69.39 0.86
N LEU F 337 -28.65 70.15 0.01
CA LEU F 337 -27.33 69.75 -0.47
C LEU F 337 -26.26 70.08 0.54
N ASP F 338 -25.24 69.22 0.59
CA ASP F 338 -24.08 69.46 1.45
C ASP F 338 -22.90 68.75 0.81
N GLU F 339 -22.02 69.54 0.18
CA GLU F 339 -20.88 69.00 -0.56
C GLU F 339 -21.34 67.99 -1.61
N GLY F 340 -22.45 68.31 -2.27
CA GLY F 340 -22.99 67.47 -3.32
C GLY F 340 -23.90 66.36 -2.84
N LEU F 341 -23.85 65.99 -1.58
CA LEU F 341 -24.73 64.97 -1.04
C LEU F 341 -25.99 65.61 -0.48
N CYS F 342 -27.07 64.82 -0.44
CA CYS F 342 -28.34 65.30 0.07
C CYS F 342 -28.47 64.92 1.55
N VAL F 343 -28.83 65.89 2.37
CA VAL F 343 -28.95 65.71 3.80
C VAL F 343 -30.25 66.33 4.27
N GLU F 344 -30.72 65.87 5.43
CA GLU F 344 -31.89 66.46 6.04
C GLU F 344 -31.58 67.88 6.52
N SER F 345 -32.62 68.72 6.55
CA SER F 345 -32.41 70.12 6.93
C SER F 345 -31.82 70.24 8.32
N THR F 346 -32.17 69.33 9.23
CA THR F 346 -31.64 69.35 10.59
C THR F 346 -30.34 68.59 10.72
N GLU F 347 -30.00 67.73 9.76
CA GLU F 347 -28.81 66.89 9.84
C GLU F 347 -27.53 67.62 9.47
N CYS F 348 -27.63 68.76 8.85
CA CYS F 348 -26.50 69.23 8.08
C CYS F 348 -25.63 70.22 8.86
N PRO F 349 -24.33 70.21 8.59
CA PRO F 349 -23.35 70.72 9.55
C PRO F 349 -23.04 72.20 9.42
N CYS F 350 -22.26 72.68 10.38
CA CYS F 350 -21.64 74.00 10.33
C CYS F 350 -20.26 73.91 9.70
N VAL F 351 -19.76 75.04 9.22
CA VAL F 351 -18.45 75.12 8.60
C VAL F 351 -17.61 76.15 9.36
N HIS F 352 -16.37 75.80 9.65
CA HIS F 352 -15.43 76.72 10.24
C HIS F 352 -14.02 76.32 9.85
N SER F 353 -13.20 77.32 9.53
CA SER F 353 -11.80 77.10 9.15
C SER F 353 -11.69 76.14 7.97
N GLY F 354 -12.71 76.11 7.12
CA GLY F 354 -12.73 75.19 6.01
C GLY F 354 -13.11 73.78 6.37
N LYS F 355 -13.44 73.52 7.62
CA LYS F 355 -13.83 72.20 8.08
C LYS F 355 -15.32 72.19 8.41
N ARG F 356 -15.95 71.02 8.24
CA ARG F 356 -17.35 70.85 8.58
C ARG F 356 -17.47 70.04 9.86
N TYR F 357 -18.34 70.51 10.76
CA TYR F 357 -18.56 69.84 12.04
C TYR F 357 -20.03 69.52 12.20
N PRO F 358 -20.37 68.33 12.68
CA PRO F 358 -21.78 67.97 12.86
C PRO F 358 -22.45 68.87 13.89
N PRO F 359 -23.77 68.93 13.89
CA PRO F 359 -24.46 69.73 14.91
C PRO F 359 -24.17 69.23 16.31
N GLY F 360 -24.16 70.17 17.25
CA GLY F 360 -23.89 69.86 18.63
C GLY F 360 -22.42 69.87 19.00
N THR F 361 -21.52 69.92 18.03
CA THR F 361 -20.10 69.97 18.33
C THR F 361 -19.74 71.31 18.94
N SER F 362 -18.72 71.31 19.78
CA SER F 362 -18.26 72.50 20.46
C SER F 362 -16.81 72.78 20.09
N LEU F 363 -16.51 74.04 19.82
CA LEU F 363 -15.17 74.49 19.52
C LEU F 363 -14.77 75.59 20.49
N SER F 364 -13.53 75.56 20.94
CA SER F 364 -13.03 76.53 21.90
C SER F 364 -12.27 77.63 21.17
N ARG F 365 -12.39 78.85 21.70
CA ARG F 365 -11.61 79.99 21.23
C ARG F 365 -11.12 80.69 22.49
N ASP F 366 -9.94 80.29 22.95
CA ASP F 366 -9.47 80.60 24.30
C ASP F 366 -10.51 80.18 25.33
N CYS F 367 -10.96 81.12 26.15
CA CYS F 367 -11.90 80.80 27.21
C CYS F 367 -13.34 80.66 26.74
N ASN F 368 -13.63 81.01 25.49
CA ASN F 368 -14.97 80.92 24.94
C ASN F 368 -15.18 79.57 24.25
N THR F 369 -16.44 79.20 24.09
CA THR F 369 -16.81 78.01 23.32
C THR F 369 -17.92 78.40 22.34
N CYS F 370 -17.92 77.72 21.19
CA CYS F 370 -18.90 77.95 20.16
C CYS F 370 -19.58 76.62 19.82
N ILE F 371 -20.90 76.61 19.83
CA ILE F 371 -21.70 75.39 19.63
C ILE F 371 -22.35 75.46 18.26
N CYS F 372 -22.21 74.39 17.48
CA CYS F 372 -22.84 74.31 16.17
C CYS F 372 -24.31 73.94 16.34
N ARG F 373 -25.20 74.86 15.97
CA ARG F 373 -26.63 74.61 15.98
C ARG F 373 -27.21 75.15 14.69
N ASN F 374 -28.06 74.35 14.04
CA ASN F 374 -28.49 74.62 12.66
C ASN F 374 -27.21 74.73 11.84
N SER F 375 -27.07 75.74 10.99
CA SER F 375 -25.81 75.98 10.31
C SER F 375 -24.93 76.98 11.04
N GLN F 376 -25.41 77.55 12.14
CA GLN F 376 -24.74 78.64 12.83
C GLN F 376 -23.95 78.12 14.01
N TRP F 377 -23.09 79.00 14.53
CA TRP F 377 -22.32 78.75 15.75
C TRP F 377 -22.85 79.65 16.85
N ILE F 378 -23.09 79.08 18.02
CA ILE F 378 -23.51 79.84 19.19
C ILE F 378 -22.28 80.01 20.07
N CYS F 379 -21.77 81.23 20.17
CA CYS F 379 -20.48 81.48 20.78
C CYS F 379 -20.65 82.17 22.14
N SER F 380 -19.61 82.06 22.96
CA SER F 380 -19.73 82.30 24.38
C SER F 380 -19.64 83.77 24.79
N ASN F 381 -19.17 84.67 23.91
CA ASN F 381 -19.25 86.11 24.16
C ASN F 381 -18.80 86.51 25.55
N GLU F 382 -17.60 86.09 25.94
CA GLU F 382 -17.05 86.47 27.24
C GLU F 382 -15.60 86.89 27.08
N GLU F 383 -15.14 87.71 28.01
CA GLU F 383 -13.76 88.21 27.98
C GLU F 383 -12.80 87.13 28.45
N CYS F 384 -11.71 86.96 27.73
CA CYS F 384 -10.65 86.03 28.07
C CYS F 384 -9.41 86.79 28.54
N PRO F 385 -8.46 86.10 29.16
CA PRO F 385 -7.27 86.81 29.66
C PRO F 385 -6.53 87.54 28.56
N GLY F 386 -6.03 88.72 28.88
CA GLY F 386 -5.28 89.53 27.95
C GLY F 386 -3.79 89.30 28.08
N GLU F 387 -3.12 89.15 26.94
CA GLU F 387 -1.69 88.88 26.89
C GLU F 387 -1.01 90.00 26.10
N CYS F 388 -0.29 90.86 26.79
CA CYS F 388 0.57 91.83 26.13
C CYS F 388 1.95 91.23 25.96
N LEU F 389 2.61 91.59 24.87
CA LEU F 389 3.85 90.91 24.50
C LEU F 389 4.85 91.91 23.94
N VAL F 390 6.09 91.81 24.40
CA VAL F 390 7.24 92.46 23.79
C VAL F 390 8.24 91.36 23.46
N THR F 391 8.55 91.19 22.18
CA THR F 391 9.16 89.92 21.79
C THR F 391 10.33 90.06 20.82
N GLY F 392 11.03 91.18 20.85
CA GLY F 392 12.16 91.28 19.95
C GLY F 392 12.72 92.68 19.84
N GLN F 393 12.99 93.11 18.62
CA GLN F 393 13.49 94.47 18.39
C GLN F 393 12.33 95.46 18.49
N SER F 394 11.74 95.51 19.68
CA SER F 394 10.67 96.45 20.00
C SER F 394 9.38 96.14 19.28
N HIS F 395 9.11 94.87 19.02
CA HIS F 395 7.80 94.45 18.55
C HIS F 395 6.86 94.26 19.72
N PHE F 396 5.63 94.75 19.57
CA PHE F 396 4.65 94.77 20.63
C PHE F 396 3.38 94.10 20.18
N LYS F 397 2.63 93.56 21.14
CA LYS F 397 1.24 93.19 20.96
C LYS F 397 0.47 93.74 22.13
N SER F 398 -0.53 94.57 21.86
CA SER F 398 -1.36 95.09 22.92
C SER F 398 -2.24 93.98 23.47
N PHE F 399 -2.88 94.27 24.60
CA PHE F 399 -3.81 93.31 25.17
C PHE F 399 -4.96 92.99 24.23
N ASP F 400 -5.26 93.89 23.30
CA ASP F 400 -6.31 93.69 22.31
C ASP F 400 -5.77 93.24 20.95
N ASN F 401 -4.56 92.70 20.92
CA ASN F 401 -3.97 92.10 19.72
C ASN F 401 -3.64 93.12 18.64
N ARG F 402 -3.30 94.35 19.01
CA ARG F 402 -2.76 95.30 18.06
C ARG F 402 -1.25 95.15 17.99
N TYR F 403 -0.75 94.59 16.90
CA TYR F 403 0.68 94.46 16.72
C TYR F 403 1.27 95.78 16.23
N PHE F 404 2.43 96.13 16.76
CA PHE F 404 3.13 97.33 16.30
C PHE F 404 4.58 97.25 16.72
N THR F 405 5.40 98.06 16.09
CA THR F 405 6.81 98.20 16.41
C THR F 405 7.09 99.66 16.69
N PHE F 406 7.87 99.94 17.73
CA PHE F 406 8.05 101.32 18.15
C PHE F 406 9.50 101.77 18.20
N SER F 407 10.40 100.93 18.70
CA SER F 407 11.85 101.18 18.62
C SER F 407 12.29 102.46 19.34
N GLY F 408 11.57 102.89 20.37
CA GLY F 408 12.01 104.04 21.13
C GLY F 408 13.02 103.65 22.19
N ILE F 409 13.90 104.60 22.53
CA ILE F 409 14.95 104.36 23.52
C ILE F 409 14.68 105.22 24.74
N CYS F 410 13.96 104.67 25.71
CA CYS F 410 13.68 105.30 27.00
C CYS F 410 13.05 104.24 27.90
N GLN F 411 12.65 104.67 29.09
CA GLN F 411 11.80 103.86 29.96
C GLN F 411 10.35 104.20 29.67
N TYR F 412 9.58 103.20 29.24
CA TYR F 412 8.21 103.42 28.80
C TYR F 412 7.26 102.63 29.68
N LEU F 413 6.10 103.21 29.96
CA LEU F 413 5.08 102.57 30.78
C LEU F 413 4.40 101.50 29.93
N LEU F 414 4.77 100.25 30.16
CA LEU F 414 4.25 99.17 29.32
C LEU F 414 2.80 98.88 29.64
N ALA F 415 2.48 98.68 30.91
CA ALA F 415 1.12 98.38 31.32
C ALA F 415 0.94 98.80 32.77
N ARG F 416 -0.18 99.46 33.06
CA ARG F 416 -0.45 99.91 34.41
C ARG F 416 -1.95 99.87 34.65
N ASP F 417 -2.34 99.66 35.89
CA ASP F 417 -3.75 99.74 36.28
C ASP F 417 -4.03 101.18 36.69
N CYS F 418 -4.38 102.01 35.70
CA CYS F 418 -4.65 103.42 35.99
C CYS F 418 -5.92 103.62 36.81
N GLN F 419 -6.74 102.58 36.99
CA GLN F 419 -7.97 102.74 37.76
C GLN F 419 -7.76 102.54 39.26
N ASP F 420 -7.09 101.45 39.64
CA ASP F 420 -6.86 101.15 41.05
C ASP F 420 -5.39 101.09 41.45
N HIS F 421 -4.47 101.24 40.49
CA HIS F 421 -3.02 101.22 40.75
C HIS F 421 -2.59 99.93 41.44
N SER F 422 -3.20 98.82 41.04
CA SER F 422 -2.81 97.52 41.56
C SER F 422 -1.37 97.18 41.22
N PHE F 423 -0.89 97.59 40.05
CA PHE F 423 0.44 97.27 39.58
C PHE F 423 0.88 98.32 38.57
N SER F 424 2.16 98.28 38.22
CA SER F 424 2.72 99.20 37.25
C SER F 424 3.99 98.60 36.66
N ILE F 425 3.99 98.35 35.35
CA ILE F 425 5.09 97.68 34.67
C ILE F 425 5.78 98.66 33.74
N VAL F 426 7.10 98.79 33.87
CA VAL F 426 7.91 99.70 33.08
C VAL F 426 9.02 98.92 32.41
N ILE F 427 9.31 99.24 31.15
CA ILE F 427 10.37 98.58 30.39
C ILE F 427 11.45 99.58 30.04
N GLU F 428 12.69 99.15 30.14
CA GLU F 428 13.83 99.95 29.75
C GLU F 428 14.36 99.44 28.41
N THR F 429 14.28 100.30 27.38
CA THR F 429 14.69 99.93 26.04
C THR F 429 16.04 100.55 25.71
N VAL F 430 16.89 99.77 25.06
CA VAL F 430 18.19 100.24 24.62
C VAL F 430 18.39 99.78 23.18
N GLN F 431 19.25 100.48 22.47
CA GLN F 431 19.70 99.98 21.18
C GLN F 431 20.45 98.68 21.39
N CYS F 432 20.07 97.64 20.66
CA CYS F 432 20.57 96.31 20.89
C CYS F 432 21.49 95.82 19.79
N ALA F 433 21.96 96.72 18.94
CA ALA F 433 22.93 96.39 17.90
C ALA F 433 23.43 97.70 17.31
N ASP F 434 24.26 97.60 16.28
CA ASP F 434 24.77 98.80 15.63
C ASP F 434 23.68 99.56 14.90
N ASP F 435 22.72 98.85 14.32
CA ASP F 435 21.69 99.48 13.52
C ASP F 435 20.80 100.38 14.37
N ARG F 436 20.38 101.51 13.80
CA ARG F 436 19.42 102.36 14.48
C ARG F 436 18.08 101.66 14.70
N ASP F 437 17.75 100.68 13.87
CA ASP F 437 16.47 99.99 13.96
C ASP F 437 16.45 98.88 15.01
N ALA F 438 17.60 98.53 15.57
CA ALA F 438 17.70 97.44 16.55
C ALA F 438 17.59 98.02 17.94
N VAL F 439 16.37 98.05 18.47
CA VAL F 439 16.11 98.50 19.84
C VAL F 439 15.29 97.42 20.53
N CYS F 440 15.78 96.93 21.66
CA CYS F 440 15.09 95.87 22.37
C CYS F 440 15.15 96.15 23.86
N THR F 441 14.23 95.53 24.60
CA THR F 441 14.10 95.78 26.03
C THR F 441 15.26 95.17 26.79
N ARG F 442 15.89 95.96 27.65
CA ARG F 442 16.99 95.46 28.45
C ARG F 442 16.52 94.91 29.79
N SER F 443 15.66 95.65 30.49
CA SER F 443 15.22 95.26 31.82
C SER F 443 13.76 95.67 31.99
N VAL F 444 13.11 95.04 32.96
CA VAL F 444 11.71 95.30 33.28
C VAL F 444 11.60 95.70 34.74
N THR F 445 10.70 96.62 35.03
CA THR F 445 10.47 97.10 36.39
C THR F 445 8.99 97.01 36.71
N VAL F 446 8.66 96.53 37.91
CA VAL F 446 7.28 96.28 38.31
C VAL F 446 7.06 96.83 39.71
N ARG F 447 6.15 97.79 39.83
CA ARG F 447 5.74 98.28 41.13
C ARG F 447 4.48 97.56 41.60
N LEU F 448 4.44 97.23 42.88
CA LEU F 448 3.32 96.52 43.48
C LEU F 448 2.89 97.28 44.73
N PRO F 449 2.12 98.36 44.56
CA PRO F 449 1.79 99.21 45.72
C PRO F 449 1.15 98.45 46.87
N GLY F 450 0.33 97.44 46.55
CA GLY F 450 -0.32 96.67 47.60
C GLY F 450 0.60 95.77 48.37
N LEU F 451 1.81 95.52 47.85
CA LEU F 451 2.85 94.80 48.57
C LEU F 451 3.87 95.77 49.14
N HIS F 452 3.37 96.65 50.02
CA HIS F 452 4.15 97.67 50.71
C HIS F 452 5.07 98.45 49.78
N ASN F 453 4.54 98.78 48.59
CA ASN F 453 5.22 99.55 47.55
C ASN F 453 6.56 98.94 47.14
N SER F 454 6.61 97.61 47.11
CA SER F 454 7.75 96.89 46.58
C SER F 454 8.05 97.28 45.14
N LEU F 455 9.32 97.19 44.76
CA LEU F 455 9.79 97.47 43.40
C LEU F 455 10.61 96.29 42.88
N VAL F 456 10.00 95.42 42.09
CA VAL F 456 10.74 94.33 41.46
C VAL F 456 11.39 94.81 40.18
N LYS F 457 12.62 94.36 39.93
CA LYS F 457 13.30 94.61 38.67
C LYS F 457 13.73 93.29 38.05
N LEU F 458 13.23 92.99 36.86
CA LEU F 458 13.67 91.82 36.12
C LEU F 458 14.80 92.25 35.19
N LYS F 459 15.98 91.69 35.37
CA LYS F 459 17.20 92.16 34.75
C LYS F 459 17.55 91.33 33.53
N HIS F 460 18.45 91.87 32.72
CA HIS F 460 19.01 91.12 31.61
C HIS F 460 19.75 89.91 32.13
N GLY F 461 19.64 88.79 31.42
CA GLY F 461 20.15 87.54 31.93
C GLY F 461 19.22 86.79 32.85
N ALA F 462 17.99 87.28 33.03
CA ALA F 462 16.96 86.68 33.86
C ALA F 462 17.29 86.70 35.35
N GLY F 463 18.15 87.60 35.79
CA GLY F 463 18.24 87.88 37.20
C GLY F 463 17.04 88.66 37.69
N VAL F 464 16.86 88.68 39.00
CA VAL F 464 15.79 89.47 39.62
C VAL F 464 16.37 90.22 40.79
N ALA F 465 15.94 91.46 40.96
CA ALA F 465 16.22 92.25 42.14
C ALA F 465 14.91 92.73 42.75
N MET F 466 14.90 92.91 44.06
CA MET F 466 13.75 93.47 44.73
C MET F 466 14.21 94.55 45.70
N ASP F 467 13.65 95.74 45.56
CA ASP F 467 14.09 96.92 46.30
C ASP F 467 15.61 97.10 46.22
N GLY F 468 16.19 96.79 45.07
CA GLY F 468 17.61 96.86 44.84
C GLY F 468 18.44 95.67 45.27
N GLN F 469 17.87 94.74 46.02
CA GLN F 469 18.61 93.58 46.49
C GLN F 469 18.44 92.43 45.52
N ASP F 470 19.54 91.85 45.04
CA ASP F 470 19.45 90.66 44.20
C ASP F 470 18.92 89.49 45.00
N VAL F 471 17.81 88.92 44.59
CA VAL F 471 17.12 87.89 45.35
C VAL F 471 17.35 86.53 44.71
N GLN F 472 17.44 85.51 45.56
CA GLN F 472 17.51 84.12 45.13
C GLN F 472 16.11 83.61 44.88
N LEU F 473 15.97 82.72 43.89
CA LEU F 473 14.68 82.25 43.43
C LEU F 473 14.53 80.74 43.69
N PRO F 474 13.32 80.25 43.96
CA PRO F 474 12.04 80.97 43.97
C PRO F 474 11.81 81.86 45.17
N LEU F 475 11.10 82.95 44.95
CA LEU F 475 10.70 83.89 45.98
C LEU F 475 9.20 83.79 46.20
N LEU F 476 8.81 83.47 47.42
CA LEU F 476 7.42 83.53 47.87
C LEU F 476 7.31 84.62 48.91
N LYS F 477 6.49 85.63 48.64
CA LYS F 477 6.45 86.80 49.50
C LYS F 477 5.04 87.40 49.43
N GLY F 478 4.15 86.92 50.28
CA GLY F 478 2.76 87.32 50.18
C GLY F 478 2.13 86.79 48.92
N ASP F 479 1.45 87.69 48.20
CA ASP F 479 0.89 87.37 46.89
C ASP F 479 1.95 87.11 45.83
N LEU F 480 3.12 87.71 45.96
CA LEU F 480 4.16 87.65 44.92
C LEU F 480 4.88 86.31 44.92
N ARG F 481 5.05 85.74 43.73
CA ARG F 481 5.68 84.42 43.56
C ARG F 481 6.52 84.44 42.29
N ILE F 482 7.84 84.43 42.45
CA ILE F 482 8.79 84.52 41.33
C ILE F 482 9.60 83.24 41.25
N GLN F 483 9.66 82.63 40.07
CA GLN F 483 10.38 81.37 39.94
C GLN F 483 10.86 81.17 38.51
N HIS F 484 11.92 80.38 38.37
CA HIS F 484 12.43 80.02 37.05
C HIS F 484 11.51 79.02 36.36
N THR F 485 11.15 79.32 35.12
CA THR F 485 10.47 78.37 34.25
C THR F 485 11.45 77.33 33.74
N VAL F 486 10.92 76.23 33.18
CA VAL F 486 11.74 75.20 32.59
C VAL F 486 12.64 75.77 31.51
N THR F 487 12.19 76.83 30.83
CA THR F 487 12.97 77.52 29.82
C THR F 487 14.04 78.43 30.40
N ALA F 488 14.22 78.44 31.72
CA ALA F 488 15.07 79.36 32.47
C ALA F 488 14.50 80.76 32.53
N SER F 489 13.32 80.99 31.97
CA SER F 489 12.69 82.30 32.04
C SER F 489 12.08 82.53 33.42
N VAL F 490 12.26 83.73 33.95
CA VAL F 490 11.65 84.09 35.21
C VAL F 490 10.15 84.31 35.01
N ARG F 491 9.34 83.58 35.77
CA ARG F 491 7.90 83.77 35.80
C ARG F 491 7.50 84.44 37.11
N LEU F 492 6.90 85.61 37.02
CA LEU F 492 6.42 86.36 38.17
C LEU F 492 4.90 86.29 38.21
N SER F 493 4.35 85.93 39.37
CA SER F 493 2.92 85.93 39.60
C SER F 493 2.61 86.85 40.77
N TYR F 494 1.49 87.54 40.71
CA TYR F 494 1.06 88.38 41.82
C TYR F 494 -0.45 88.27 41.96
N GLY F 495 -0.89 87.71 43.07
CA GLY F 495 -2.22 87.20 43.17
C GLY F 495 -2.44 86.09 42.18
N GLU F 496 -3.67 86.00 41.68
CA GLU F 496 -4.00 85.14 40.55
C GLU F 496 -4.40 85.91 39.31
N ASP F 497 -4.47 87.24 39.39
CA ASP F 497 -4.93 88.10 38.31
C ASP F 497 -3.81 88.68 37.46
N LEU F 498 -2.57 88.68 37.92
CA LEU F 498 -1.44 89.17 37.14
C LEU F 498 -0.33 88.13 37.07
N GLN F 499 0.25 87.98 35.89
CA GLN F 499 1.38 87.10 35.67
C GLN F 499 2.28 87.71 34.60
N MET F 500 3.57 87.39 34.66
CA MET F 500 4.56 87.87 33.71
C MET F 500 5.55 86.76 33.44
N ASP F 501 6.20 86.81 32.29
CA ASP F 501 7.17 85.79 31.93
C ASP F 501 8.31 86.43 31.15
N TRP F 502 9.49 86.47 31.74
CA TRP F 502 10.63 87.24 31.27
C TRP F 502 11.76 86.30 30.95
N ASP F 503 12.19 86.27 29.70
CA ASP F 503 13.23 85.35 29.27
C ASP F 503 14.65 85.87 29.50
N GLY F 504 14.81 87.14 29.81
CA GLY F 504 16.10 87.71 30.06
C GLY F 504 16.83 88.22 28.84
N ARG F 505 16.42 87.82 27.65
CA ARG F 505 17.04 88.30 26.44
C ARG F 505 16.29 89.46 25.80
N GLY F 506 15.05 89.70 26.23
CA GLY F 506 14.28 90.80 25.71
C GLY F 506 12.82 90.50 25.47
N ARG F 507 12.42 89.24 25.65
CA ARG F 507 11.03 88.86 25.48
C ARG F 507 10.29 88.93 26.81
N LEU F 508 9.17 89.64 26.82
CA LEU F 508 8.33 89.76 28.01
C LEU F 508 6.89 89.49 27.62
N LEU F 509 6.24 88.58 28.33
CA LEU F 509 4.82 88.28 28.17
C LEU F 509 4.09 88.60 29.46
N VAL F 510 3.15 89.53 29.42
CA VAL F 510 2.34 89.90 30.58
C VAL F 510 0.92 89.42 30.35
N LYS F 511 0.40 88.64 31.30
CA LYS F 511 -0.94 88.08 31.22
C LYS F 511 -1.80 88.66 32.34
N LEU F 512 -2.94 89.25 31.98
CA LEU F 512 -3.90 89.77 32.95
C LEU F 512 -5.18 88.96 32.89
N SER F 513 -5.69 88.60 34.07
CA SER F 513 -7.05 88.11 34.22
C SER F 513 -8.07 89.14 33.75
N PRO F 514 -9.26 88.70 33.35
CA PRO F 514 -10.33 89.64 32.95
C PRO F 514 -10.67 90.71 33.98
N VAL F 515 -10.25 90.52 35.22
CA VAL F 515 -10.51 91.49 36.27
C VAL F 515 -9.97 92.87 35.91
N TYR F 516 -8.90 92.92 35.14
CA TYR F 516 -8.26 94.16 34.73
C TYR F 516 -8.78 94.72 33.41
N ALA F 517 -9.77 94.10 32.78
CA ALA F 517 -10.27 94.58 31.50
C ALA F 517 -10.79 96.01 31.63
N GLY F 518 -10.36 96.87 30.71
CA GLY F 518 -10.73 98.27 30.72
C GLY F 518 -9.99 99.11 31.73
N LYS F 519 -9.38 98.51 32.74
CA LYS F 519 -8.67 99.25 33.77
C LYS F 519 -7.24 99.58 33.40
N THR F 520 -6.72 99.01 32.32
CA THR F 520 -5.30 99.04 32.02
C THR F 520 -4.96 100.29 31.20
N CYS F 521 -3.68 100.61 31.17
CA CYS F 521 -3.17 101.79 30.49
C CYS F 521 -1.69 101.59 30.22
N GLY F 522 -1.18 102.29 29.22
CA GLY F 522 0.19 102.17 28.80
C GLY F 522 0.31 101.67 27.37
N LEU F 523 1.52 101.33 26.98
CA LEU F 523 1.76 100.83 25.62
C LEU F 523 0.90 99.62 25.31
N CYS F 524 0.60 98.79 26.31
CA CYS F 524 -0.20 97.60 26.06
C CYS F 524 -1.66 97.92 25.79
N GLY F 525 -2.08 99.16 25.92
CA GLY F 525 -3.45 99.51 25.65
C GLY F 525 -4.34 99.38 26.86
N ASN F 526 -5.61 99.69 26.64
CA ASN F 526 -6.59 99.70 27.73
C ASN F 526 -7.30 98.37 27.94
N TYR F 527 -6.95 97.34 27.20
CA TYR F 527 -7.44 95.98 27.41
C TYR F 527 -8.97 95.97 27.47
N ASN F 528 -9.59 96.33 26.35
CA ASN F 528 -11.05 96.34 26.25
C ASN F 528 -11.54 95.65 24.99
N GLY F 529 -10.76 94.75 24.41
CA GLY F 529 -11.21 93.97 23.28
C GLY F 529 -11.31 94.71 21.97
N ASN F 530 -10.69 95.89 21.87
CA ASN F 530 -10.78 96.71 20.67
C ASN F 530 -9.39 97.19 20.29
N GLN F 531 -8.99 96.91 19.05
CA GLN F 531 -7.71 97.41 18.55
C GLN F 531 -7.76 98.90 18.26
N GLY F 532 -8.95 99.44 18.00
CA GLY F 532 -9.04 100.79 17.47
C GLY F 532 -8.47 101.85 18.39
N ASP F 533 -8.60 101.68 19.70
CA ASP F 533 -8.21 102.70 20.64
C ASP F 533 -6.93 102.37 21.39
N ASP F 534 -6.14 101.43 20.90
CA ASP F 534 -4.93 101.05 21.63
C ASP F 534 -3.83 102.09 21.54
N PHE F 535 -3.88 102.97 20.54
CA PHE F 535 -2.94 104.09 20.50
C PHE F 535 -3.41 105.29 21.32
N LEU F 536 -4.29 105.06 22.30
CA LEU F 536 -4.64 106.12 23.23
C LEU F 536 -3.40 106.59 23.99
N THR F 537 -3.46 107.82 24.47
CA THR F 537 -2.36 108.46 25.17
C THR F 537 -2.90 109.12 26.42
N PRO F 538 -2.05 109.42 27.40
CA PRO F 538 -2.54 110.09 28.61
C PRO F 538 -3.25 111.40 28.33
N SER F 539 -3.05 111.99 27.15
CA SER F 539 -3.80 113.18 26.77
C SER F 539 -5.27 112.86 26.55
N GLY F 540 -5.64 111.59 26.45
CA GLY F 540 -7.01 111.20 26.23
C GLY F 540 -7.41 110.99 24.79
N LEU F 541 -6.53 111.27 23.84
CA LEU F 541 -6.82 111.08 22.42
C LEU F 541 -5.92 110.00 21.85
N ALA F 542 -6.40 109.39 20.77
CA ALA F 542 -5.68 108.31 20.12
C ALA F 542 -4.79 108.87 19.03
N GLU F 543 -3.51 108.62 19.13
CA GLU F 543 -2.56 109.10 18.14
C GLU F 543 -2.61 108.20 16.90
N PRO F 544 -2.78 108.76 15.70
CA PRO F 544 -2.77 107.91 14.50
C PRO F 544 -1.41 107.34 14.17
N ARG F 545 -0.34 107.86 14.77
CA ARG F 545 1.02 107.44 14.47
C ARG F 545 1.60 106.69 15.66
N VAL F 546 2.28 105.58 15.39
CA VAL F 546 2.87 104.81 16.47
C VAL F 546 3.95 105.61 17.18
N GLU F 547 4.68 106.45 16.44
CA GLU F 547 5.77 107.21 17.05
C GLU F 547 5.25 108.16 18.13
N ASP F 548 4.24 108.97 17.80
CA ASP F 548 3.69 109.88 18.79
C ASP F 548 3.07 109.13 19.96
N PHE F 549 2.33 108.07 19.67
CA PHE F 549 1.73 107.25 20.72
C PHE F 549 2.78 106.77 21.71
N GLY F 550 3.85 106.15 21.21
CA GLY F 550 4.88 105.66 22.11
C GLY F 550 5.61 106.76 22.84
N ASN F 551 5.87 107.88 22.15
CA ASN F 551 6.53 109.00 22.82
C ASN F 551 5.69 109.55 23.95
N ALA F 552 4.36 109.42 23.86
CA ALA F 552 3.50 109.92 24.92
C ALA F 552 3.67 109.15 26.23
N TRP F 553 4.13 107.91 26.18
CA TRP F 553 4.26 107.07 27.36
C TRP F 553 5.68 106.99 27.89
N LYS F 554 6.60 107.81 27.40
CA LYS F 554 7.96 107.80 27.89
C LYS F 554 8.06 108.52 29.22
N LEU F 555 8.84 107.95 30.13
CA LEU F 555 8.87 108.44 31.51
C LEU F 555 9.79 109.64 31.70
N HIS F 556 10.85 109.75 30.90
CA HIS F 556 11.90 110.72 31.15
C HIS F 556 11.92 111.76 30.03
N GLY F 557 11.92 113.03 30.42
CA GLY F 557 11.79 114.10 29.44
C GLY F 557 13.00 114.29 28.56
N ASP F 558 14.17 113.90 29.03
CA ASP F 558 15.40 114.08 28.25
C ASP F 558 15.56 113.00 27.18
N CYS F 559 14.71 111.99 27.16
CA CYS F 559 14.78 110.97 26.15
C CYS F 559 14.44 111.54 24.77
N GLN F 560 15.03 110.95 23.74
CA GLN F 560 14.75 111.36 22.38
C GLN F 560 13.32 111.00 21.99
N ASP F 561 12.59 111.97 21.46
CA ASP F 561 11.27 111.69 20.90
C ASP F 561 11.46 111.05 19.54
N LEU F 562 10.91 109.86 19.36
CA LEU F 562 11.10 109.12 18.12
C LEU F 562 10.44 109.86 16.97
N GLN F 563 11.24 110.18 15.96
CA GLN F 563 10.74 110.98 14.83
C GLN F 563 10.03 110.11 13.81
N LYS F 564 10.68 109.04 13.35
CA LYS F 564 10.08 108.12 12.40
C LYS F 564 10.44 106.69 12.76
N GLN F 565 9.45 105.80 12.67
CA GLN F 565 9.66 104.38 12.90
C GLN F 565 9.93 103.74 11.55
N HIS F 566 11.21 103.62 11.20
CA HIS F 566 11.59 103.08 9.90
C HIS F 566 11.34 101.58 9.84
N SER F 567 10.45 101.17 8.94
CA SER F 567 10.30 99.75 8.66
C SER F 567 11.40 99.31 7.70
N ASP F 568 11.50 97.99 7.52
CA ASP F 568 12.45 97.41 6.58
C ASP F 568 13.87 97.86 6.88
N PRO F 569 14.47 97.40 7.97
CA PRO F 569 15.89 97.71 8.22
C PRO F 569 16.82 97.08 7.22
N CYS F 570 16.33 96.15 6.39
CA CYS F 570 17.17 95.49 5.41
C CYS F 570 17.81 96.47 4.44
N ALA F 571 17.22 97.65 4.27
CA ALA F 571 17.80 98.64 3.38
C ALA F 571 19.19 99.06 3.84
N LEU F 572 19.39 99.14 5.15
CA LEU F 572 20.68 99.56 5.67
C LEU F 572 21.72 98.46 5.56
N ASN F 573 21.29 97.20 5.56
CA ASN F 573 22.18 96.05 5.40
C ASN F 573 21.63 95.18 4.29
N PRO F 574 21.87 95.54 3.03
CA PRO F 574 21.35 94.74 1.92
C PRO F 574 21.84 93.32 1.92
N ARG F 575 23.01 93.04 2.50
CA ARG F 575 23.54 91.69 2.48
C ARG F 575 22.60 90.69 3.12
N MET F 576 21.82 91.14 4.10
CA MET F 576 20.97 90.25 4.89
C MET F 576 19.59 90.06 4.29
N THR F 577 19.25 90.75 3.21
CA THR F 577 17.88 90.69 2.70
C THR F 577 17.53 89.30 2.17
N ARG F 578 18.44 88.68 1.43
CA ARG F 578 18.16 87.35 0.90
C ARG F 578 17.93 86.35 2.01
N PHE F 579 18.82 86.34 3.01
CA PHE F 579 18.65 85.45 4.15
C PHE F 579 17.37 85.74 4.89
N SER F 580 17.07 87.02 5.11
CA SER F 580 15.85 87.37 5.81
C SER F 580 14.63 86.78 5.12
N GLU F 581 14.50 87.03 3.82
CA GLU F 581 13.35 86.49 3.10
C GLU F 581 13.33 84.98 3.17
N GLU F 582 14.42 84.33 2.76
CA GLU F 582 14.41 82.89 2.58
C GLU F 582 14.32 82.13 3.90
N ALA F 583 14.68 82.76 5.01
CA ALA F 583 14.63 82.10 6.31
C ALA F 583 13.29 82.36 7.00
N CYS F 584 12.87 83.61 7.06
CA CYS F 584 11.61 83.90 7.71
C CYS F 584 10.42 83.41 6.89
N ALA F 585 10.63 83.01 5.64
CA ALA F 585 9.54 82.43 4.87
C ALA F 585 9.02 81.13 5.47
N VAL F 586 9.79 80.50 6.37
CA VAL F 586 9.35 79.22 6.93
C VAL F 586 8.06 79.38 7.72
N LEU F 587 7.80 80.57 8.25
CA LEU F 587 6.56 80.78 8.99
C LEU F 587 5.32 80.52 8.16
N THR F 588 5.42 80.62 6.84
CA THR F 588 4.31 80.33 5.94
C THR F 588 4.42 78.97 5.28
N SER F 589 5.44 78.20 5.61
CA SER F 589 5.64 76.90 5.01
C SER F 589 4.65 75.90 5.61
N PRO F 590 4.48 74.74 4.97
CA PRO F 590 3.62 73.71 5.57
C PRO F 590 4.01 73.32 6.98
N THR F 591 5.24 73.64 7.41
CA THR F 591 5.64 73.41 8.79
C THR F 591 4.70 74.10 9.75
N PHE F 592 4.14 75.24 9.37
CA PHE F 592 3.25 76.00 10.23
C PHE F 592 1.84 76.09 9.70
N GLU F 593 1.53 75.40 8.59
CA GLU F 593 0.17 75.46 8.06
C GLU F 593 -0.85 74.94 9.06
N ALA F 594 -0.42 74.08 9.98
CA ALA F 594 -1.33 73.63 11.03
C ALA F 594 -1.76 74.77 11.94
N CYS F 595 -1.02 75.88 11.95
CA CYS F 595 -1.30 76.98 12.84
C CYS F 595 -1.90 78.20 12.15
N HIS F 596 -1.77 78.32 10.82
CA HIS F 596 -2.24 79.51 10.12
C HIS F 596 -3.70 79.79 10.42
N ARG F 597 -4.50 78.74 10.60
CA ARG F 597 -5.90 78.93 10.94
C ARG F 597 -6.04 79.54 12.32
N ALA F 598 -5.23 79.09 13.27
CA ALA F 598 -5.36 79.56 14.65
C ALA F 598 -4.82 80.97 14.83
N VAL F 599 -3.63 81.24 14.30
CA VAL F 599 -2.96 82.53 14.46
C VAL F 599 -2.51 83.03 13.10
N SER F 600 -2.78 84.29 12.82
CA SER F 600 -2.37 84.88 11.55
C SER F 600 -0.85 85.02 11.54
N PRO F 601 -0.16 84.47 10.53
CA PRO F 601 1.30 84.53 10.53
C PRO F 601 1.87 85.84 10.03
N LEU F 602 1.05 86.76 9.52
CA LEU F 602 1.59 87.95 8.88
C LEU F 602 2.34 88.86 9.85
N PRO F 603 1.80 89.22 11.02
CA PRO F 603 2.58 90.06 11.93
C PRO F 603 3.87 89.43 12.36
N TYR F 604 3.85 88.13 12.61
CA TYR F 604 5.06 87.44 13.02
C TYR F 604 6.07 87.36 11.88
N LEU F 605 5.60 87.27 10.65
CA LEU F 605 6.50 87.31 9.50
C LEU F 605 7.16 88.68 9.36
N ARG F 606 6.38 89.75 9.49
CA ARG F 606 6.95 91.09 9.47
C ARG F 606 8.00 91.24 10.56
N ASN F 607 7.65 90.81 11.78
CA ASN F 607 8.59 90.92 12.89
C ASN F 607 9.83 90.08 12.65
N CYS F 608 9.68 88.89 12.09
CA CYS F 608 10.82 88.02 11.81
C CYS F 608 11.78 88.68 10.83
N ARG F 609 11.26 89.21 9.73
CA ARG F 609 12.15 89.82 8.76
C ARG F 609 12.83 91.06 9.32
N TYR F 610 12.08 91.90 10.05
CA TYR F 610 12.68 93.04 10.71
C TYR F 610 13.82 92.61 11.63
N ASP F 611 13.56 91.62 12.47
CA ASP F 611 14.57 91.18 13.44
C ASP F 611 15.80 90.64 12.74
N VAL F 612 15.61 89.74 11.77
CA VAL F 612 16.75 89.13 11.11
C VAL F 612 17.60 90.20 10.41
N CYS F 613 16.95 91.20 9.83
CA CYS F 613 17.73 92.24 9.16
C CYS F 613 18.41 93.19 10.12
N SER F 614 17.85 93.41 11.31
CA SER F 614 18.38 94.43 12.20
C SER F 614 19.22 93.90 13.36
N CYS F 615 19.19 92.59 13.63
CA CYS F 615 19.81 92.10 14.85
C CYS F 615 21.32 91.97 14.71
N SER F 616 21.99 91.88 15.87
CA SER F 616 23.42 91.63 15.89
C SER F 616 23.73 90.27 15.29
N ASP F 617 22.97 89.24 15.66
CA ASP F 617 23.10 87.90 15.12
C ASP F 617 21.77 87.51 14.50
N GLY F 618 21.77 87.25 13.19
CA GLY F 618 20.53 86.93 12.52
C GLY F 618 20.00 85.56 12.88
N ARG F 619 20.88 84.63 13.23
CA ARG F 619 20.43 83.29 13.60
C ARG F 619 19.65 83.30 14.90
N GLU F 620 20.19 83.99 15.91
CA GLU F 620 19.53 84.05 17.20
C GLU F 620 18.16 84.70 17.07
N CYS F 621 18.07 85.80 16.33
CA CYS F 621 16.79 86.47 16.18
C CYS F 621 15.82 85.69 15.29
N LEU F 622 16.35 84.96 14.30
CA LEU F 622 15.49 84.04 13.55
C LEU F 622 14.83 83.04 14.47
N CYS F 623 15.63 82.42 15.35
CA CYS F 623 15.07 81.48 16.32
C CYS F 623 14.08 82.18 17.24
N GLY F 624 14.40 83.40 17.66
CA GLY F 624 13.48 84.13 18.52
C GLY F 624 12.13 84.37 17.88
N ALA F 625 12.12 84.81 16.63
CA ALA F 625 10.86 85.09 15.94
C ALA F 625 10.07 83.81 15.68
N LEU F 626 10.75 82.76 15.22
CA LEU F 626 10.05 81.49 15.00
C LEU F 626 9.47 80.96 16.30
N ALA F 627 10.23 81.05 17.39
CA ALA F 627 9.73 80.61 18.69
C ALA F 627 8.57 81.48 19.15
N SER F 628 8.58 82.76 18.83
CA SER F 628 7.45 83.62 19.18
C SER F 628 6.19 83.14 18.49
N TYR F 629 6.28 82.86 17.18
CA TYR F 629 5.09 82.39 16.48
C TYR F 629 4.65 81.03 17.00
N ALA F 630 5.61 80.14 17.27
CA ALA F 630 5.24 78.83 17.81
C ALA F 630 4.61 78.96 19.18
N ALA F 631 5.05 79.92 19.98
CA ALA F 631 4.45 80.15 21.29
C ALA F 631 3.03 80.67 21.15
N ALA F 632 2.78 81.55 20.18
CA ALA F 632 1.40 81.97 19.92
C ALA F 632 0.53 80.78 19.53
N CYS F 633 1.04 79.92 18.65
CA CYS F 633 0.30 78.73 18.26
C CYS F 633 -0.01 77.87 19.46
N ALA F 634 0.98 77.64 20.32
CA ALA F 634 0.76 76.84 21.53
C ALA F 634 -0.26 77.49 22.44
N GLY F 635 -0.25 78.82 22.53
CA GLY F 635 -1.27 79.51 23.30
C GLY F 635 -2.65 79.24 22.76
N ARG F 636 -2.78 79.14 21.44
CA ARG F 636 -4.02 78.68 20.82
C ARG F 636 -4.17 77.18 20.79
N GLY F 637 -3.35 76.45 21.54
CA GLY F 637 -3.50 75.01 21.66
C GLY F 637 -2.96 74.20 20.51
N VAL F 638 -2.23 74.81 19.58
CA VAL F 638 -1.64 74.11 18.45
C VAL F 638 -0.14 74.02 18.70
N ARG F 639 0.40 72.80 18.68
CA ARG F 639 1.81 72.58 18.89
C ARG F 639 2.46 72.16 17.58
N VAL F 640 3.54 72.83 17.20
CA VAL F 640 4.22 72.60 15.93
C VAL F 640 5.65 72.16 16.22
N ALA F 641 6.06 71.06 15.60
CA ALA F 641 7.42 70.55 15.73
C ALA F 641 8.32 71.27 14.72
N TRP F 642 8.64 72.52 15.05
CA TRP F 642 9.33 73.38 14.10
C TRP F 642 10.84 73.35 14.22
N ARG F 643 11.38 73.00 15.38
CA ARG F 643 12.83 72.95 15.53
C ARG F 643 13.41 71.76 14.79
N GLU F 644 14.58 71.94 14.21
CA GLU F 644 15.25 70.91 13.43
C GLU F 644 16.74 71.15 13.53
N PRO F 645 17.55 70.16 13.14
CA PRO F 645 19.02 70.36 13.20
C PRO F 645 19.49 71.60 12.47
N GLY F 646 18.87 71.92 11.35
CA GLY F 646 19.28 73.10 10.61
C GLY F 646 18.79 74.42 11.18
N ARG F 647 17.95 74.39 12.22
CA ARG F 647 17.43 75.63 12.78
C ARG F 647 16.99 75.41 14.22
N CYS F 648 17.67 76.08 15.15
CA CYS F 648 17.12 76.39 16.46
C CYS F 648 16.80 75.15 17.30
N GLU F 649 17.76 74.24 17.39
CA GLU F 649 17.62 73.15 18.35
C GLU F 649 18.03 73.60 19.74
N LEU F 650 17.29 73.14 20.74
CA LEU F 650 17.65 73.39 22.13
C LEU F 650 18.68 72.36 22.55
N ASN F 651 19.92 72.79 22.77
CA ASN F 651 20.98 71.91 23.25
C ASN F 651 20.89 71.86 24.77
N CYS F 652 20.22 70.83 25.29
CA CYS F 652 19.89 70.81 26.70
C CYS F 652 21.13 70.54 27.56
N PRO F 653 21.20 71.12 28.75
CA PRO F 653 22.34 70.89 29.62
C PRO F 653 22.45 69.43 30.04
N LYS F 654 23.68 68.96 30.18
CA LYS F 654 24.03 67.65 30.77
C LYS F 654 23.14 66.59 30.15
N GLY F 655 22.53 65.71 30.94
CA GLY F 655 21.72 64.62 30.45
C GLY F 655 20.25 64.93 30.27
N GLN F 656 19.83 66.18 30.44
CA GLN F 656 18.44 66.53 30.25
C GLN F 656 18.01 66.30 28.81
N VAL F 657 16.73 65.97 28.64
CA VAL F 657 16.19 65.61 27.33
C VAL F 657 15.17 66.66 26.92
N TYR F 658 15.24 67.09 25.67
CA TYR F 658 14.28 68.05 25.13
C TYR F 658 12.93 67.38 24.93
N LEU F 659 11.87 68.02 25.43
CA LEU F 659 10.50 67.59 25.19
C LEU F 659 9.71 68.73 24.58
N GLN F 660 8.88 68.40 23.58
CA GLN F 660 7.99 69.40 23.01
C GLN F 660 6.81 69.71 23.92
N CYS F 661 6.39 68.75 24.74
CA CYS F 661 5.27 68.92 25.66
C CYS F 661 5.60 68.12 26.92
N GLY F 662 6.17 68.80 27.91
CA GLY F 662 6.50 68.18 29.17
C GLY F 662 5.88 68.91 30.33
N THR F 663 5.70 68.24 31.45
CA THR F 663 5.01 68.84 32.58
C THR F 663 6.00 69.43 33.56
N PRO F 664 5.85 70.70 33.94
CA PRO F 664 6.82 71.33 34.84
C PRO F 664 6.57 71.05 36.32
N CYS F 665 5.40 70.53 36.67
CA CYS F 665 4.98 70.52 38.07
C CYS F 665 5.90 69.69 38.94
N ASN F 666 6.38 68.55 38.44
CA ASN F 666 7.15 67.61 39.22
C ASN F 666 8.55 67.42 38.67
N LEU F 667 9.20 68.50 38.24
CA LEU F 667 10.55 68.39 37.71
C LEU F 667 11.61 68.59 38.79
N THR F 668 11.49 69.64 39.58
CA THR F 668 12.47 69.99 40.57
C THR F 668 12.22 69.25 41.88
N CYS F 669 13.28 69.09 42.67
CA CYS F 669 13.16 68.36 43.92
C CYS F 669 12.39 69.16 44.96
N ARG F 670 12.29 70.48 44.80
CA ARG F 670 11.39 71.26 45.65
C ARG F 670 9.97 70.76 45.54
N SER F 671 9.58 70.22 44.38
CA SER F 671 8.26 69.60 44.26
C SER F 671 8.12 68.44 45.22
N LEU F 672 9.19 67.66 45.41
CA LEU F 672 9.18 66.63 46.43
C LEU F 672 9.08 67.23 47.81
N SER F 673 9.83 68.30 48.07
CA SER F 673 9.82 68.90 49.40
C SER F 673 8.51 69.58 49.73
N TYR F 674 7.74 70.00 48.72
CA TYR F 674 6.44 70.64 48.91
C TYR F 674 5.42 69.97 48.02
N PRO F 675 5.03 68.73 48.34
CA PRO F 675 4.09 68.02 47.47
C PRO F 675 2.67 68.55 47.54
N ASP F 676 2.29 69.22 48.62
CA ASP F 676 0.92 69.70 48.78
C ASP F 676 0.69 71.06 48.12
N GLU F 677 1.73 71.69 47.59
CA GLU F 677 1.54 72.91 46.81
C GLU F 677 0.94 72.56 45.47
N GLU F 678 -0.29 72.98 45.23
CA GLU F 678 -1.03 72.56 44.05
C GLU F 678 -0.37 73.12 42.79
N CYS F 679 -0.34 72.30 41.75
CA CYS F 679 0.22 72.68 40.45
C CYS F 679 -0.61 72.04 39.36
N ASN F 680 -1.21 72.87 38.50
CA ASN F 680 -2.05 72.38 37.42
C ASN F 680 -1.62 72.95 36.07
N GLU F 681 -0.36 73.37 35.95
CA GLU F 681 0.09 74.10 34.78
C GLU F 681 0.18 73.19 33.57
N ALA F 682 -0.20 73.73 32.40
CA ALA F 682 -0.14 72.99 31.15
C ALA F 682 1.31 72.68 30.77
N CYS F 683 1.47 71.73 29.86
CA CYS F 683 2.80 71.33 29.44
C CYS F 683 3.43 72.42 28.58
N LEU F 684 4.74 72.35 28.45
CA LEU F 684 5.50 73.31 27.67
C LEU F 684 6.75 72.65 27.14
N GLU F 685 7.31 73.21 26.08
CA GLU F 685 8.56 72.71 25.54
C GLU F 685 9.73 73.21 26.39
N GLY F 686 10.77 72.39 26.46
CA GLY F 686 11.94 72.74 27.23
C GLY F 686 12.78 71.51 27.50
N CYS F 687 13.71 71.66 28.42
CA CYS F 687 14.62 70.60 28.82
C CYS F 687 14.15 70.01 30.14
N PHE F 688 13.90 68.70 30.14
CA PHE F 688 13.40 67.98 31.30
C PHE F 688 14.30 66.79 31.59
N CYS F 689 14.31 66.38 32.84
CA CYS F 689 15.03 65.17 33.20
C CYS F 689 14.25 63.94 32.74
N PRO F 690 14.94 62.83 32.47
CA PRO F 690 14.25 61.60 32.08
C PRO F 690 13.18 61.22 33.08
N PRO F 691 12.25 60.34 32.72
CA PRO F 691 11.04 60.16 33.55
C PRO F 691 11.32 59.75 34.97
N GLY F 692 12.38 59.00 35.23
CA GLY F 692 12.62 58.49 36.56
C GLY F 692 13.47 59.37 37.45
N LEU F 693 13.86 60.56 37.01
CA LEU F 693 14.79 61.39 37.74
C LEU F 693 14.22 62.78 37.97
N TYR F 694 14.54 63.34 39.13
CA TYR F 694 14.22 64.72 39.47
C TYR F 694 15.45 65.60 39.24
N MET F 695 15.25 66.90 39.31
CA MET F 695 16.30 67.87 39.00
C MET F 695 16.63 68.67 40.26
N ASP F 696 17.91 68.78 40.56
CA ASP F 696 18.40 69.48 41.74
C ASP F 696 18.82 70.91 41.38
N GLU F 697 19.47 71.60 42.33
CA GLU F 697 19.88 72.98 42.10
C GLU F 697 20.96 73.07 41.02
N ARG F 698 21.85 72.08 40.96
CA ARG F 698 22.91 72.11 39.96
C ARG F 698 22.40 71.84 38.56
N GLY F 699 21.13 71.48 38.41
CA GLY F 699 20.63 71.06 37.14
C GLY F 699 20.88 69.61 36.83
N ASP F 700 21.46 68.87 37.75
CA ASP F 700 21.72 67.45 37.56
C ASP F 700 20.46 66.65 37.82
N CYS F 701 20.22 65.65 36.99
CA CYS F 701 19.08 64.76 37.17
C CYS F 701 19.43 63.68 38.19
N VAL F 702 18.64 63.57 39.24
CA VAL F 702 18.94 62.67 40.34
C VAL F 702 17.70 61.85 40.66
N PRO F 703 17.84 60.61 41.12
CA PRO F 703 16.69 59.89 41.66
C PRO F 703 16.17 60.57 42.91
N LYS F 704 14.89 60.36 43.19
CA LYS F 704 14.27 61.04 44.33
C LYS F 704 14.98 60.70 45.63
N ALA F 705 15.66 59.56 45.70
CA ALA F 705 16.42 59.22 46.89
C ALA F 705 17.59 60.16 47.13
N GLN F 706 18.05 60.86 46.10
CA GLN F 706 19.21 61.73 46.20
C GLN F 706 18.86 63.20 46.27
N CYS F 707 17.59 63.57 46.12
CA CYS F 707 17.22 64.97 46.26
C CYS F 707 17.48 65.46 47.67
N PRO F 708 17.94 66.70 47.83
CA PRO F 708 17.93 67.31 49.16
C PRO F 708 16.53 67.74 49.56
N CYS F 709 16.35 67.99 50.85
CA CYS F 709 15.09 68.43 51.41
C CYS F 709 15.16 69.89 51.78
N TYR F 710 14.17 70.66 51.35
CA TYR F 710 14.09 72.08 51.66
C TYR F 710 13.13 72.26 52.84
N TYR F 711 13.64 72.80 53.94
CA TYR F 711 12.84 72.97 55.15
C TYR F 711 13.14 74.34 55.72
N ASP F 712 12.11 75.14 55.91
CA ASP F 712 12.25 76.50 56.44
C ASP F 712 13.26 77.31 55.63
N GLY F 713 13.36 77.01 54.34
CA GLY F 713 14.30 77.71 53.50
C GLY F 713 15.73 77.23 53.61
N GLU F 714 15.96 76.11 54.28
CA GLU F 714 17.30 75.54 54.42
C GLU F 714 17.36 74.22 53.68
N ILE F 715 18.50 73.94 53.07
CA ILE F 715 18.65 72.78 52.19
C ILE F 715 19.35 71.69 52.98
N PHE F 716 18.68 70.57 53.18
CA PHE F 716 19.25 69.44 53.90
C PHE F 716 19.52 68.29 52.94
N GLN F 717 20.64 67.62 53.14
CA GLN F 717 21.06 66.53 52.30
C GLN F 717 20.29 65.27 52.63
N PRO F 718 20.31 64.28 51.74
CA PRO F 718 19.62 63.03 52.04
C PRO F 718 20.14 62.39 53.31
N GLU F 719 19.23 61.76 54.05
CA GLU F 719 19.51 61.07 55.31
C GLU F 719 19.90 62.00 56.44
N ASP F 720 19.79 63.30 56.26
CA ASP F 720 20.07 64.23 57.35
C ASP F 720 19.01 64.12 58.42
N ILE F 721 19.43 64.25 59.66
CA ILE F 721 18.55 64.18 60.82
C ILE F 721 18.82 65.41 61.68
N PHE F 722 17.78 65.98 62.25
CA PHE F 722 17.97 67.00 63.25
C PHE F 722 16.81 66.97 64.23
N SER F 723 17.08 67.41 65.45
CA SER F 723 16.07 67.46 66.49
C SER F 723 16.21 68.77 67.25
N ASP F 724 15.09 69.38 67.56
CA ASP F 724 15.04 70.68 68.22
C ASP F 724 14.24 70.55 69.50
N HIS F 725 14.11 71.67 70.22
CA HIS F 725 13.27 71.71 71.40
C HIS F 725 11.86 71.24 71.09
N HIS F 726 11.39 71.53 69.88
CA HIS F 726 10.00 71.31 69.54
C HIS F 726 9.78 70.17 68.55
N THR F 727 10.80 69.76 67.80
CA THR F 727 10.54 68.93 66.64
C THR F 727 11.72 67.99 66.41
N MET F 728 11.44 66.88 65.74
CA MET F 728 12.46 65.95 65.26
C MET F 728 12.14 65.63 63.81
N CYS F 729 13.12 65.77 62.93
CA CYS F 729 12.90 65.65 61.50
C CYS F 729 14.02 64.84 60.89
N TYR F 730 13.75 64.29 59.71
CA TYR F 730 14.78 63.65 58.92
C TYR F 730 14.39 63.69 57.45
N CYS F 731 15.41 63.77 56.60
CA CYS F 731 15.23 63.94 55.17
C CYS F 731 15.32 62.58 54.48
N GLU F 732 14.28 62.22 53.73
CA GLU F 732 14.27 60.98 52.98
C GLU F 732 13.43 61.17 51.73
N ASP F 733 13.97 60.77 50.58
CA ASP F 733 13.27 60.86 49.31
C ASP F 733 12.81 62.28 49.02
N GLY F 734 13.65 63.25 49.34
CA GLY F 734 13.38 64.63 49.04
C GLY F 734 12.33 65.29 49.89
N PHE F 735 11.86 64.64 50.94
CA PHE F 735 10.86 65.20 51.83
C PHE F 735 11.37 65.14 53.27
N MET F 736 11.00 66.15 54.04
CA MET F 736 11.43 66.27 55.43
C MET F 736 10.35 65.67 56.31
N HIS F 737 10.59 64.46 56.82
CA HIS F 737 9.59 63.71 57.57
C HIS F 737 9.63 64.12 59.03
N CYS F 738 9.06 65.29 59.32
CA CYS F 738 9.00 65.77 60.68
C CYS F 738 7.86 65.07 61.42
N THR F 739 8.18 64.51 62.60
CA THR F 739 7.24 63.65 63.32
C THR F 739 7.22 63.99 64.80
N MET F 740 7.27 65.28 65.14
CA MET F 740 7.13 65.68 66.53
C MET F 740 6.44 67.04 66.57
N SER F 741 5.59 67.22 67.57
CA SER F 741 4.81 68.44 67.75
C SER F 741 4.05 68.82 66.49
N GLU F 786 12.57 92.84 69.00
CA GLU F 786 12.17 92.89 70.40
C GLU F 786 11.92 91.50 70.96
N CYS F 787 12.23 91.30 72.23
CA CYS F 787 12.04 90.00 72.86
C CYS F 787 11.91 90.20 74.37
N ALA F 788 11.36 89.19 75.02
CA ALA F 788 11.36 89.16 76.47
C ALA F 788 12.75 88.85 77.00
N LYS F 789 13.02 89.31 78.22
CA LYS F 789 14.36 89.18 78.80
C LYS F 789 14.29 88.46 80.14
N THR F 790 15.40 87.81 80.48
CA THR F 790 15.56 87.08 81.72
C THR F 790 16.84 87.56 82.38
N CYS F 791 16.94 87.40 83.70
CA CYS F 791 18.11 87.89 84.42
C CYS F 791 19.40 87.36 83.82
N GLN F 792 19.37 86.13 83.30
CA GLN F 792 20.56 85.55 82.70
C GLN F 792 20.89 86.18 81.35
N ASN F 793 19.88 86.38 80.51
CA ASN F 793 20.09 86.79 79.13
C ASN F 793 19.83 88.28 78.90
N TYR F 794 19.83 89.09 79.96
CA TYR F 794 19.50 90.50 79.79
C TYR F 794 20.48 91.20 78.85
N ASP F 795 21.78 90.95 79.03
CA ASP F 795 22.79 91.64 78.23
C ASP F 795 22.99 91.03 76.85
N LEU F 796 22.44 89.85 76.60
CA LEU F 796 22.67 89.14 75.35
C LEU F 796 21.66 89.60 74.29
N GLU F 797 21.80 89.06 73.09
CA GLU F 797 20.92 89.38 71.99
C GLU F 797 19.55 88.75 72.20
N CYS F 798 18.63 89.04 71.28
CA CYS F 798 17.34 88.38 71.24
C CYS F 798 17.42 87.16 70.33
N MET F 799 16.75 86.09 70.74
CA MET F 799 16.77 84.87 69.95
C MET F 799 16.16 85.14 68.57
N SER F 800 16.95 84.91 67.53
CA SER F 800 16.51 85.17 66.16
C SER F 800 15.80 83.93 65.59
N MET F 801 14.76 83.51 66.28
CA MET F 801 14.01 82.32 65.89
C MET F 801 12.52 82.54 66.07
N GLY F 802 12.05 83.77 65.90
CA GLY F 802 10.63 84.07 66.04
C GLY F 802 10.28 85.48 65.60
N LEU F 808 4.98 89.70 78.71
CA LEU F 808 6.12 90.60 78.63
C LEU F 808 6.15 91.57 79.81
N CYS F 809 7.22 91.52 80.58
CA CYS F 809 7.32 92.34 81.78
C CYS F 809 7.56 93.81 81.42
N PRO F 810 7.25 94.72 82.34
CA PRO F 810 7.44 96.15 82.06
C PRO F 810 8.92 96.47 81.82
N PRO F 811 9.22 97.62 81.23
CA PRO F 811 10.62 98.03 81.11
C PRO F 811 11.24 98.22 82.48
N GLY F 812 12.52 97.87 82.59
CA GLY F 812 13.20 97.89 83.87
C GLY F 812 12.85 96.73 84.77
N MET F 813 12.10 95.75 84.28
CA MET F 813 11.72 94.59 85.06
C MET F 813 11.98 93.35 84.21
N VAL F 814 12.35 92.27 84.87
CA VAL F 814 12.91 91.11 84.19
C VAL F 814 12.26 89.83 84.70
N ARG F 815 12.09 88.87 83.80
CA ARG F 815 11.56 87.56 84.15
C ARG F 815 12.53 86.83 85.07
N HIS F 816 12.02 86.27 86.17
CA HIS F 816 12.82 85.49 87.09
C HIS F 816 11.88 84.71 87.99
N GLU F 817 12.20 83.44 88.25
CA GLU F 817 11.34 82.55 89.03
C GLU F 817 9.93 82.50 88.46
N ASN F 818 9.82 82.61 87.14
CA ASN F 818 8.53 82.69 86.45
C ASN F 818 7.68 83.83 87.01
N ARG F 819 8.33 84.95 87.32
CA ARG F 819 7.64 86.17 87.71
C ARG F 819 8.49 87.36 87.28
N CYS F 820 7.84 88.51 87.11
CA CYS F 820 8.55 89.72 86.73
C CYS F 820 9.23 90.30 87.96
N VAL F 821 10.55 90.51 87.87
CA VAL F 821 11.36 90.99 88.98
C VAL F 821 12.15 92.21 88.51
N ALA F 822 12.29 93.18 89.40
CA ALA F 822 12.90 94.46 89.02
C ALA F 822 14.37 94.29 88.70
N LEU F 823 14.86 95.15 87.81
CA LEU F 823 16.28 95.23 87.53
C LEU F 823 16.99 95.83 88.74
N GLU F 824 18.30 95.56 88.83
CA GLU F 824 19.15 95.87 89.97
C GLU F 824 18.85 94.94 91.14
N ARG F 825 17.88 94.05 91.00
CA ARG F 825 17.59 93.03 91.99
C ARG F 825 17.72 91.61 91.43
N CYS F 826 18.17 91.47 90.17
CA CYS F 826 18.44 90.15 89.65
C CYS F 826 19.65 89.55 90.36
N PRO F 827 19.66 88.25 90.59
CA PRO F 827 20.80 87.63 91.27
C PRO F 827 21.97 87.38 90.33
N CYS F 828 23.12 87.07 90.93
CA CYS F 828 24.31 86.68 90.19
C CYS F 828 24.46 85.17 90.19
N PHE F 829 25.13 84.65 89.17
CA PHE F 829 25.22 83.22 88.92
C PHE F 829 26.67 82.78 89.00
N HIS F 830 26.90 81.66 89.67
CA HIS F 830 28.22 81.04 89.70
C HIS F 830 28.04 79.55 89.95
N GLN F 831 28.78 78.74 89.17
CA GLN F 831 28.69 77.28 89.24
C GLN F 831 27.25 76.81 89.14
N GLY F 832 26.45 77.52 88.35
CA GLY F 832 25.11 77.09 88.06
C GLY F 832 24.10 77.39 89.14
N LYS F 833 24.46 78.14 90.18
CA LYS F 833 23.53 78.49 91.24
C LYS F 833 23.53 80.00 91.44
N GLU F 834 22.39 80.53 91.86
CA GLU F 834 22.17 81.97 91.91
C GLU F 834 22.60 82.54 93.26
N TYR F 835 23.01 83.81 93.24
CA TYR F 835 23.39 84.55 94.43
C TYR F 835 22.67 85.88 94.42
N ALA F 836 22.00 86.21 95.52
CA ALA F 836 21.30 87.47 95.61
C ALA F 836 22.30 88.63 95.69
N PRO F 837 21.89 89.83 95.27
CA PRO F 837 22.80 90.97 95.37
C PRO F 837 23.24 91.22 96.80
N GLY F 838 24.51 91.56 96.97
CA GLY F 838 25.10 91.70 98.28
C GLY F 838 25.74 90.44 98.82
N GLU F 839 25.41 89.27 98.24
CA GLU F 839 26.06 88.04 98.65
C GLU F 839 27.50 88.01 98.14
N THR F 840 28.27 87.08 98.68
CA THR F 840 29.70 86.99 98.39
C THR F 840 30.08 85.55 98.09
N VAL F 841 31.15 85.39 97.31
CA VAL F 841 31.69 84.08 96.99
C VAL F 841 33.21 84.14 97.11
N LYS F 842 33.80 83.04 97.54
CA LYS F 842 35.22 82.96 97.80
C LYS F 842 35.91 82.27 96.62
N ILE F 843 36.85 82.96 95.98
CA ILE F 843 37.54 82.45 94.80
C ILE F 843 39.03 82.52 95.10
N GLY F 844 39.62 81.39 95.46
CA GLY F 844 41.01 81.38 95.83
C GLY F 844 41.26 82.34 96.98
N CYS F 845 42.24 83.22 96.80
CA CYS F 845 42.50 84.26 97.79
C CYS F 845 41.65 85.51 97.56
N ASN F 846 40.91 85.58 96.47
CA ASN F 846 40.11 86.75 96.17
C ASN F 846 38.66 86.56 96.64
N THR F 847 37.98 87.67 96.84
CA THR F 847 36.58 87.69 97.24
C THR F 847 35.77 88.46 96.20
N CYS F 848 34.60 87.93 95.85
CA CYS F 848 33.72 88.54 94.87
C CYS F 848 32.36 88.83 95.50
N VAL F 849 31.78 89.97 95.17
CA VAL F 849 30.49 90.39 95.72
C VAL F 849 29.54 90.67 94.56
N CYS F 850 28.31 90.17 94.68
CA CYS F 850 27.35 90.28 93.59
C CYS F 850 26.68 91.64 93.59
N ARG F 851 27.03 92.50 92.63
CA ARG F 851 26.38 93.80 92.47
C ARG F 851 25.86 93.93 91.05
N ASP F 852 24.55 94.18 90.92
CA ASP F 852 23.88 94.41 89.64
C ASP F 852 24.25 93.33 88.61
N ARG F 853 23.97 92.07 88.97
CA ARG F 853 24.17 90.96 88.05
C ARG F 853 25.63 90.76 87.67
N LYS F 854 26.53 91.59 88.19
CA LYS F 854 27.95 91.51 87.93
C LYS F 854 28.71 91.20 89.21
N TRP F 855 29.57 90.21 89.17
CA TRP F 855 30.49 89.95 90.26
C TRP F 855 31.58 91.01 90.29
N ASN F 856 31.80 91.61 91.46
CA ASN F 856 32.82 92.64 91.63
C ASN F 856 33.87 92.07 92.57
N CYS F 857 35.06 91.81 92.03
CA CYS F 857 36.04 90.96 92.70
C CYS F 857 37.27 91.75 93.09
N THR F 858 37.91 91.31 94.17
CA THR F 858 39.23 91.80 94.50
C THR F 858 40.24 91.32 93.47
N ASP F 859 41.34 92.07 93.34
CA ASP F 859 42.33 91.82 92.30
C ASP F 859 43.68 91.38 92.87
N HIS F 860 43.64 90.53 93.90
CA HIS F 860 44.88 90.00 94.47
C HIS F 860 45.42 88.89 93.60
N VAL F 861 46.74 88.86 93.44
CA VAL F 861 47.41 87.76 92.76
C VAL F 861 47.71 86.68 93.80
N CYS F 862 46.98 85.59 93.73
CA CYS F 862 47.11 84.54 94.74
C CYS F 862 48.37 83.72 94.50
N ASP F 863 48.80 83.05 95.55
CA ASP F 863 49.96 82.18 95.48
C ASP F 863 49.72 81.05 94.48
N ALA F 864 50.71 80.80 93.61
CA ALA F 864 50.57 79.82 92.55
C ALA F 864 51.37 78.57 92.88
N THR F 865 50.81 77.41 92.56
CA THR F 865 51.42 76.12 92.86
C THR F 865 51.76 75.42 91.56
N CYS F 866 53.04 75.42 91.20
CA CYS F 866 53.50 74.47 90.20
C CYS F 866 53.56 73.09 90.82
N SER F 867 53.30 72.07 90.01
CA SER F 867 53.21 70.72 90.55
C SER F 867 53.62 69.71 89.50
N THR F 868 54.46 68.77 89.87
CA THR F 868 54.69 67.58 89.08
C THR F 868 53.66 66.54 89.48
N ILE F 869 52.78 66.18 88.55
CA ILE F 869 51.72 65.24 88.83
C ILE F 869 52.14 63.90 88.26
N GLY F 870 52.28 62.90 89.13
CA GLY F 870 52.72 61.63 88.62
C GLY F 870 54.20 61.64 88.27
N MET F 871 54.56 60.81 87.29
CA MET F 871 55.95 60.61 86.94
C MET F 871 56.38 61.38 85.69
N ALA F 872 55.44 61.78 84.84
CA ALA F 872 55.82 62.41 83.59
C ALA F 872 54.95 63.61 83.23
N HIS F 873 54.03 64.02 84.09
CA HIS F 873 53.16 65.16 83.81
C HIS F 873 53.51 66.32 84.72
N TYR F 874 53.44 67.53 84.18
CA TYR F 874 53.73 68.75 84.92
C TYR F 874 52.55 69.70 84.81
N LEU F 875 52.37 70.52 85.83
CA LEU F 875 51.34 71.55 85.81
C LEU F 875 52.01 72.89 86.12
N THR F 876 52.02 73.78 85.13
CA THR F 876 52.70 75.05 85.26
C THR F 876 52.00 75.96 86.27
N PHE F 877 52.64 77.09 86.55
CA PHE F 877 52.06 78.05 87.47
C PHE F 877 50.74 78.60 86.96
N ASP F 878 50.64 78.82 85.66
CA ASP F 878 49.43 79.38 85.07
C ASP F 878 48.37 78.33 84.78
N GLY F 879 48.64 77.07 85.05
CA GLY F 879 47.64 76.03 84.94
C GLY F 879 47.75 75.13 83.73
N LEU F 880 48.82 75.22 82.97
CA LEU F 880 49.01 74.40 81.79
C LEU F 880 49.50 73.02 82.21
N LYS F 881 48.70 71.99 81.99
CA LYS F 881 49.10 70.62 82.23
C LYS F 881 49.64 70.04 80.93
N TYR F 882 50.84 69.47 80.99
CA TYR F 882 51.46 68.94 79.78
C TYR F 882 52.27 67.70 80.13
N LEU F 883 52.55 66.91 79.10
CA LEU F 883 53.24 65.63 79.25
C LEU F 883 54.66 65.77 78.77
N PHE F 884 55.60 65.29 79.58
CA PHE F 884 57.00 65.31 79.20
C PHE F 884 57.76 64.21 79.94
N PRO F 885 57.91 63.05 79.35
CA PRO F 885 58.76 62.03 79.98
C PRO F 885 60.22 62.21 79.62
N GLY F 886 61.08 62.29 80.62
CA GLY F 886 62.50 62.48 80.36
C GLY F 886 63.33 61.79 81.42
N GLU F 887 64.49 61.29 80.99
CA GLU F 887 65.41 60.62 81.91
C GLU F 887 66.35 61.58 82.61
N CYS F 888 66.57 62.77 82.06
CA CYS F 888 67.66 63.65 82.44
C CYS F 888 67.23 64.52 83.62
N GLN F 889 68.07 65.50 83.96
CA GLN F 889 67.76 66.47 84.99
C GLN F 889 67.33 67.77 84.32
N TYR F 890 66.25 68.37 84.82
CA TYR F 890 65.63 69.51 84.17
C TYR F 890 65.38 70.62 85.18
N VAL F 891 65.32 71.84 84.68
CA VAL F 891 65.03 73.01 85.51
C VAL F 891 63.52 73.07 85.75
N LEU F 892 63.10 72.83 86.99
CA LEU F 892 61.69 72.93 87.32
C LEU F 892 61.25 74.38 87.47
N VAL F 893 62.00 75.15 88.26
CA VAL F 893 61.76 76.58 88.44
C VAL F 893 63.11 77.25 88.53
N GLN F 894 63.18 78.49 88.05
CA GLN F 894 64.43 79.23 88.04
C GLN F 894 64.13 80.69 87.78
N ASP F 895 64.79 81.57 88.52
CA ASP F 895 64.73 83.00 88.24
C ASP F 895 66.04 83.52 87.69
N TYR F 896 67.06 82.68 87.54
CA TYR F 896 68.29 83.05 86.84
C TYR F 896 68.09 82.96 85.33
N CYS F 897 67.09 83.68 84.84
CA CYS F 897 66.83 83.76 83.41
C CYS F 897 66.30 85.12 83.07
N GLY F 898 66.54 85.53 81.83
CA GLY F 898 66.24 86.90 81.48
C GLY F 898 67.23 87.83 82.15
N SER F 899 66.79 89.08 82.33
CA SER F 899 67.63 90.09 82.95
C SER F 899 67.60 90.04 84.46
N ASN F 900 66.65 89.32 85.05
CA ASN F 900 66.46 89.38 86.49
C ASN F 900 67.69 88.81 87.19
N PRO F 901 68.20 89.47 88.22
CA PRO F 901 69.25 88.86 89.04
C PRO F 901 68.68 87.72 89.88
N GLY F 902 69.13 86.50 89.60
CA GLY F 902 68.50 85.34 90.18
C GLY F 902 68.80 85.19 91.66
N THR F 903 67.93 84.44 92.32
CA THR F 903 68.08 84.15 93.74
C THR F 903 67.92 82.67 94.08
N PHE F 904 67.23 81.89 93.25
CA PHE F 904 66.96 80.49 93.53
C PHE F 904 66.86 79.73 92.23
N ARG F 905 67.05 78.42 92.32
CA ARG F 905 67.04 77.57 91.13
C ARG F 905 66.75 76.15 91.58
N ILE F 906 65.65 75.58 91.10
CA ILE F 906 65.20 74.26 91.50
C ILE F 906 65.33 73.33 90.30
N LEU F 907 66.04 72.23 90.48
CA LEU F 907 66.25 71.23 89.44
C LEU F 907 65.60 69.93 89.85
N VAL F 908 64.97 69.25 88.90
CA VAL F 908 64.34 67.97 89.13
C VAL F 908 64.95 66.93 88.21
N GLY F 909 65.37 65.83 88.77
CA GLY F 909 65.92 64.72 88.00
C GLY F 909 65.07 63.47 88.18
N ASN F 910 64.86 62.74 87.09
CA ASN F 910 64.05 61.54 87.10
C ASN F 910 64.96 60.32 87.22
N LYS F 911 64.76 59.53 88.27
CA LYS F 911 65.61 58.38 88.54
C LYS F 911 64.74 57.14 88.70
N GLY F 912 65.10 56.07 88.01
CA GLY F 912 64.34 54.85 88.01
C GLY F 912 63.28 54.76 86.93
N CYS F 913 62.90 55.88 86.33
CA CYS F 913 61.99 55.83 85.19
C CYS F 913 62.11 57.10 84.37
N SER F 914 61.71 56.98 83.13
CA SER F 914 61.20 58.07 82.29
C SER F 914 59.84 57.71 81.75
N HIS F 915 59.66 56.46 81.36
CA HIS F 915 58.34 55.89 81.18
C HIS F 915 57.89 55.44 82.56
N PRO F 916 56.78 55.96 83.09
CA PRO F 916 56.46 55.72 84.50
C PRO F 916 56.54 54.25 84.88
N SER F 917 57.23 53.98 86.00
CA SER F 917 57.52 52.61 86.40
C SER F 917 57.49 52.52 87.92
N VAL F 918 57.34 51.28 88.40
CA VAL F 918 57.10 51.06 89.83
C VAL F 918 58.27 51.56 90.67
N LYS F 919 59.51 51.25 90.27
CA LYS F 919 60.67 51.52 91.10
C LYS F 919 61.19 52.94 90.96
N CYS F 920 60.36 53.88 90.52
CA CYS F 920 60.85 55.20 90.14
C CYS F 920 60.92 56.14 91.33
N LYS F 921 61.69 57.20 91.16
CA LYS F 921 61.81 58.25 92.16
C LYS F 921 62.43 59.49 91.52
N LYS F 922 62.19 60.65 92.12
CA LYS F 922 62.69 61.91 91.61
C LYS F 922 63.61 62.56 92.62
N ARG F 923 64.70 63.12 92.13
CA ARG F 923 65.65 63.88 92.95
C ARG F 923 65.46 65.35 92.68
N VAL F 924 65.35 66.14 93.74
CA VAL F 924 65.20 67.59 93.66
C VAL F 924 66.47 68.22 94.20
N THR F 925 66.99 69.20 93.47
CA THR F 925 68.13 69.99 93.92
C THR F 925 67.70 71.45 94.05
N ILE F 926 67.80 72.00 95.25
CA ILE F 926 67.30 73.34 95.53
C ILE F 926 68.50 74.25 95.77
N LEU F 927 68.94 74.93 94.73
CA LEU F 927 70.12 75.78 94.79
C LEU F 927 69.78 77.22 95.19
N VAL F 928 69.18 77.39 96.36
CA VAL F 928 68.68 78.68 96.77
C VAL F 928 69.79 79.46 97.47
N GLU F 929 70.01 80.69 97.01
CA GLU F 929 70.95 81.66 97.61
C GLU F 929 72.30 81.02 97.93
N GLY F 930 72.83 80.27 96.96
CA GLY F 930 74.11 79.63 97.11
C GLY F 930 74.09 78.35 97.91
N GLY F 931 73.14 78.21 98.81
CA GLY F 931 72.96 76.96 99.52
C GLY F 931 72.41 75.90 98.59
N GLU F 932 72.29 74.68 99.14
CA GLU F 932 71.82 73.56 98.33
C GLU F 932 71.13 72.56 99.23
N ILE F 933 69.86 72.29 98.95
CA ILE F 933 69.08 71.27 99.64
C ILE F 933 68.68 70.22 98.62
N GLU F 934 69.03 68.98 98.89
CA GLU F 934 68.71 67.87 98.00
C GLU F 934 67.62 67.01 98.63
N LEU F 935 66.57 66.73 97.86
CA LEU F 935 65.47 65.88 98.31
C LEU F 935 65.57 64.55 97.59
N PHE F 936 65.73 63.48 98.34
CA PHE F 936 65.90 62.15 97.76
C PHE F 936 65.56 61.10 98.80
N ASP F 937 65.08 59.95 98.32
CA ASP F 937 64.76 58.80 99.16
C ASP F 937 63.83 59.19 100.31
N GLY F 938 62.92 60.12 100.04
CA GLY F 938 61.99 60.55 101.06
C GLY F 938 62.64 61.23 102.23
N GLU F 939 63.83 61.79 102.05
CA GLU F 939 64.53 62.46 103.15
C GLU F 939 65.19 63.72 102.61
N VAL F 940 65.32 64.71 103.48
CA VAL F 940 65.95 65.98 103.14
C VAL F 940 67.44 65.87 103.38
N ASN F 941 68.22 66.46 102.49
CA ASN F 941 69.68 66.43 102.58
C ASN F 941 70.19 67.85 102.30
N VAL F 942 70.52 68.58 103.35
CA VAL F 942 71.06 69.93 103.20
C VAL F 942 72.54 69.82 102.88
N LYS F 943 72.87 69.79 101.59
CA LYS F 943 74.25 69.53 101.18
C LYS F 943 75.14 70.76 101.24
N ARG F 944 74.56 71.96 101.36
CA ARG F 944 75.28 73.15 101.78
C ARG F 944 74.29 74.03 102.54
N PRO F 945 74.75 74.82 103.51
CA PRO F 945 73.85 75.70 104.24
C PRO F 945 73.55 76.98 103.46
N MET F 946 72.44 77.60 103.83
CA MET F 946 72.03 78.87 103.26
C MET F 946 72.68 80.04 104.00
N LYS F 947 72.65 81.21 103.37
CA LYS F 947 73.16 82.41 104.02
C LYS F 947 72.27 82.86 105.18
N ASP F 948 70.96 82.65 105.07
CA ASP F 948 70.00 83.02 106.11
C ASP F 948 69.24 81.76 106.49
N GLU F 949 69.78 81.01 107.46
CA GLU F 949 69.12 79.80 107.93
C GLU F 949 67.85 80.10 108.71
N THR F 950 67.62 81.36 109.10
CA THR F 950 66.37 81.72 109.75
C THR F 950 65.21 81.76 108.77
N HIS F 951 65.47 82.23 107.55
CA HIS F 951 64.46 82.12 106.49
C HIS F 951 64.19 80.66 106.15
N PHE F 952 65.24 79.85 106.12
CA PHE F 952 65.08 78.43 105.83
C PHE F 952 64.34 77.73 106.97
N GLU F 953 63.54 76.73 106.60
CA GLU F 953 62.88 75.87 107.56
C GLU F 953 62.34 74.64 106.85
N VAL F 954 62.29 73.53 107.55
CA VAL F 954 61.75 72.27 107.03
C VAL F 954 60.69 71.78 107.99
N VAL F 955 59.50 71.51 107.48
CA VAL F 955 58.40 70.99 108.27
C VAL F 955 57.96 69.67 107.66
N GLU F 956 57.85 68.64 108.51
CA GLU F 956 57.36 67.33 108.10
C GLU F 956 55.96 67.16 108.66
N SER F 957 55.00 66.91 107.78
CA SER F 957 53.60 66.82 108.19
C SER F 957 52.87 65.90 107.24
N GLY F 958 52.05 65.03 107.80
CA GLY F 958 51.35 64.03 107.00
C GLY F 958 52.32 63.29 106.11
N ARG F 959 51.96 63.16 104.84
CA ARG F 959 52.81 62.49 103.87
C ARG F 959 53.91 63.39 103.32
N TYR F 960 53.94 64.66 103.70
CA TYR F 960 54.67 65.67 102.96
C TYR F 960 55.81 66.25 103.75
N ILE F 961 56.85 66.67 103.04
CA ILE F 961 57.89 67.54 103.57
C ILE F 961 57.64 68.94 103.05
N ILE F 962 57.56 69.91 103.95
CA ILE F 962 57.29 71.30 103.59
C ILE F 962 58.53 72.11 103.89
N LEU F 963 59.13 72.69 102.84
CA LEU F 963 60.31 73.52 102.97
C LEU F 963 59.93 74.97 102.76
N LEU F 964 60.34 75.83 103.67
CA LEU F 964 60.22 77.27 103.50
C LEU F 964 61.59 77.82 103.13
N LEU F 965 61.71 78.34 101.91
CA LEU F 965 62.96 78.84 101.39
C LEU F 965 63.02 80.36 101.37
N GLY F 966 62.08 81.01 102.04
CA GLY F 966 62.00 82.45 102.03
C GLY F 966 60.59 82.90 102.34
N LYS F 967 60.40 84.21 102.32
CA LYS F 967 59.07 84.76 102.58
C LYS F 967 58.13 84.55 101.41
N ALA F 968 58.65 84.29 100.22
CA ALA F 968 57.85 84.20 99.01
C ALA F 968 58.02 82.91 98.24
N LEU F 969 58.83 81.97 98.73
CA LEU F 969 59.10 80.72 98.04
C LEU F 969 58.96 79.56 99.01
N SER F 970 58.30 78.50 98.56
CA SER F 970 58.12 77.31 99.38
C SER F 970 58.01 76.10 98.47
N VAL F 971 58.34 74.93 99.02
CA VAL F 971 58.28 73.67 98.30
C VAL F 971 57.53 72.65 99.14
N VAL F 972 56.59 71.95 98.54
CA VAL F 972 55.85 70.87 99.18
C VAL F 972 56.11 69.59 98.40
N TRP F 973 56.52 68.53 99.11
CA TRP F 973 56.98 67.31 98.47
C TRP F 973 56.38 66.13 99.21
N ASP F 974 55.67 65.26 98.49
CA ASP F 974 55.04 64.08 99.10
C ASP F 974 56.03 62.98 99.40
N ARG F 975 57.33 63.23 99.27
CA ARG F 975 58.44 62.34 99.57
C ARG F 975 58.62 61.27 98.51
N HIS F 976 57.73 61.14 97.54
CA HIS F 976 57.95 60.18 96.46
C HIS F 976 58.04 60.84 95.09
N LEU F 977 56.98 61.49 94.63
CA LEU F 977 56.96 62.01 93.26
C LEU F 977 56.44 63.43 93.14
N SER F 978 55.42 63.79 93.92
CA SER F 978 54.65 65.00 93.66
C SER F 978 55.35 66.19 94.28
N ILE F 979 56.26 66.78 93.52
CA ILE F 979 56.90 68.02 93.91
C ILE F 979 55.97 69.18 93.59
N SER F 980 55.84 70.12 94.52
CA SER F 980 55.04 71.31 94.32
C SER F 980 55.82 72.53 94.77
N VAL F 981 55.89 73.54 93.92
CA VAL F 981 56.58 74.79 94.22
C VAL F 981 55.54 75.89 94.31
N VAL F 982 55.57 76.65 95.40
CA VAL F 982 54.59 77.70 95.64
C VAL F 982 55.32 79.03 95.65
N LEU F 983 54.83 79.97 94.84
CA LEU F 983 55.42 81.28 94.71
C LEU F 983 54.39 82.34 95.05
N LYS F 984 54.80 83.34 95.83
CA LYS F 984 53.95 84.49 96.04
C LYS F 984 54.15 85.49 94.91
N GLN F 985 53.28 86.51 94.89
CA GLN F 985 53.20 87.40 93.75
C GLN F 985 54.50 88.14 93.46
N THR F 986 55.40 88.24 94.44
CA THR F 986 56.64 88.97 94.22
C THR F 986 57.50 88.35 93.13
N TYR F 987 57.33 87.07 92.86
CA TYR F 987 58.10 86.36 91.86
C TYR F 987 57.44 86.35 90.48
N GLN F 988 56.37 87.12 90.31
CA GLN F 988 55.62 87.08 89.06
C GLN F 988 56.44 87.69 87.93
N GLU F 989 56.35 87.08 86.75
CA GLU F 989 56.99 87.53 85.52
C GLU F 989 58.49 87.27 85.54
N LYS F 990 59.03 86.68 86.60
CA LYS F 990 60.46 86.55 86.79
C LYS F 990 60.98 85.12 86.64
N VAL F 991 60.17 84.13 87.00
CA VAL F 991 60.62 82.75 87.02
C VAL F 991 60.46 82.15 85.63
N CYS F 992 61.12 81.02 85.41
CA CYS F 992 61.02 80.30 84.15
C CYS F 992 61.24 78.81 84.44
N GLY F 993 61.47 78.05 83.39
CA GLY F 993 61.67 76.61 83.54
C GLY F 993 60.45 75.83 83.10
N LEU F 994 60.46 74.55 83.48
CA LEU F 994 59.36 73.66 83.12
C LEU F 994 58.03 74.13 83.70
N CYS F 995 58.06 74.86 84.81
CA CYS F 995 56.84 75.41 85.37
C CYS F 995 56.35 76.66 84.64
N GLY F 996 57.11 77.15 83.67
CA GLY F 996 56.68 78.29 82.88
C GLY F 996 56.89 79.60 83.62
N ASN F 997 56.70 80.69 82.89
CA ASN F 997 56.82 82.03 83.44
C ASN F 997 55.51 82.41 84.10
N PHE F 998 55.53 82.53 85.41
CA PHE F 998 54.35 82.93 86.17
C PHE F 998 53.95 84.35 85.81
N ASP F 999 52.91 84.46 84.97
CA ASP F 999 52.36 85.73 84.54
C ASP F 999 50.84 85.71 84.41
N GLY F 1000 50.17 84.60 84.73
CA GLY F 1000 48.75 84.46 84.54
C GLY F 1000 48.30 84.10 83.15
N ILE F 1001 49.23 83.86 82.23
CA ILE F 1001 48.93 83.52 80.85
C ILE F 1001 49.42 82.10 80.57
N GLN F 1002 48.55 81.28 80.00
CA GLN F 1002 48.90 79.89 79.75
C GLN F 1002 49.61 79.72 78.41
N ASN F 1003 49.21 80.50 77.41
CA ASN F 1003 49.66 80.25 76.05
C ASN F 1003 51.18 80.35 75.91
N ASN F 1004 51.84 81.11 76.77
CA ASN F 1004 53.26 81.35 76.65
C ASN F 1004 54.10 80.46 77.57
N ASP F 1005 53.49 79.46 78.21
CA ASP F 1005 54.21 78.69 79.20
C ASP F 1005 55.19 77.71 78.57
N LEU F 1006 55.03 77.37 77.30
CA LEU F 1006 55.96 76.46 76.65
C LEU F 1006 57.14 77.20 76.05
N THR F 1007 57.43 78.39 76.55
CA THR F 1007 58.61 79.15 76.14
C THR F 1007 59.87 78.36 76.43
N SER F 1008 60.60 77.98 75.38
CA SER F 1008 61.83 77.25 75.57
C SER F 1008 62.84 78.10 76.33
N SER F 1009 63.92 77.45 76.77
CA SER F 1009 64.99 78.18 77.43
C SER F 1009 65.60 79.22 76.52
N ASN F 1010 65.52 79.01 75.20
CA ASN F 1010 65.96 79.97 74.21
C ASN F 1010 64.87 80.94 73.78
N LEU F 1011 63.83 81.14 74.60
CA LEU F 1011 62.83 82.18 74.47
C LEU F 1011 61.82 81.93 73.36
N GLN F 1012 61.94 80.83 72.63
CA GLN F 1012 61.01 80.49 71.56
C GLN F 1012 59.91 79.58 72.08
N VAL F 1013 58.66 79.95 71.83
CA VAL F 1013 57.52 79.15 72.26
C VAL F 1013 57.39 77.94 71.35
N GLU F 1014 57.16 76.77 71.96
CA GLU F 1014 57.11 75.51 71.24
C GLU F 1014 55.70 74.94 71.26
N GLU F 1015 55.29 74.37 70.13
CA GLU F 1015 53.98 73.72 70.07
C GLU F 1015 53.98 72.38 70.79
N ASP F 1016 55.14 71.73 70.86
CA ASP F 1016 55.27 70.40 71.45
C ASP F 1016 55.99 70.49 72.77
N PRO F 1017 55.40 70.00 73.86
CA PRO F 1017 56.10 70.05 75.16
C PRO F 1017 57.40 69.28 75.18
N VAL F 1018 57.58 68.31 74.30
CA VAL F 1018 58.81 67.53 74.31
C VAL F 1018 60.00 68.42 73.98
N ASP F 1019 59.86 69.25 72.94
CA ASP F 1019 60.94 70.16 72.59
C ASP F 1019 61.21 71.17 73.70
N PHE F 1020 60.15 71.67 74.32
CA PHE F 1020 60.29 72.60 75.43
C PHE F 1020 61.09 71.98 76.57
N GLY F 1021 60.71 70.78 77.00
CA GLY F 1021 61.45 70.11 78.05
C GLY F 1021 62.88 69.81 77.67
N ASN F 1022 63.09 69.33 76.44
CA ASN F 1022 64.45 69.09 75.99
C ASN F 1022 65.27 70.36 76.03
N SER F 1023 64.65 71.49 75.75
CA SER F 1023 65.34 72.77 75.87
C SER F 1023 65.65 73.12 77.31
N TRP F 1024 64.92 72.55 78.26
CA TRP F 1024 65.20 72.85 79.67
C TRP F 1024 66.04 71.79 80.38
N LYS F 1025 66.72 70.91 79.66
CA LYS F 1025 67.57 69.93 80.32
C LYS F 1025 68.87 70.58 80.78
N VAL F 1026 69.27 70.29 82.02
CA VAL F 1026 70.43 70.93 82.61
C VAL F 1026 71.71 70.51 81.91
N SER F 1027 71.89 69.21 81.71
CA SER F 1027 73.12 68.66 81.15
C SER F 1027 72.93 68.46 79.66
N SER F 1028 73.80 69.07 78.86
CA SER F 1028 73.67 68.97 77.41
C SER F 1028 73.97 67.57 76.91
N GLN F 1029 74.92 66.87 77.53
CA GLN F 1029 75.31 65.55 77.05
C GLN F 1029 74.20 64.52 77.19
N CYS F 1030 73.21 64.78 78.04
CA CYS F 1030 72.18 63.79 78.29
C CYS F 1030 71.23 63.66 77.10
N ALA F 1031 70.49 62.57 77.09
CA ALA F 1031 69.68 62.22 75.93
C ALA F 1031 68.42 63.07 75.84
N ASP F 1032 67.92 63.21 74.62
CA ASP F 1032 66.68 63.93 74.38
C ASP F 1032 65.50 62.97 74.35
N THR F 1033 64.34 63.46 74.74
CA THR F 1033 63.11 62.70 74.60
C THR F 1033 62.74 62.61 73.12
N ARG F 1034 62.22 61.45 72.72
CA ARG F 1034 62.19 61.10 71.30
C ARG F 1034 60.91 61.49 70.58
N LYS F 1035 59.92 62.05 71.28
CA LYS F 1035 58.62 62.36 70.68
C LYS F 1035 57.97 61.10 70.09
N VAL F 1036 57.65 60.16 70.97
CA VAL F 1036 56.98 58.92 70.58
C VAL F 1036 55.64 59.28 69.97
N PRO F 1037 55.13 58.53 68.98
CA PRO F 1037 53.82 58.85 68.41
C PRO F 1037 52.74 58.88 69.47
N LEU F 1038 51.77 59.78 69.29
CA LEU F 1038 50.78 60.10 70.31
C LEU F 1038 49.61 59.12 70.26
N ASP F 1039 49.88 57.90 70.71
CA ASP F 1039 48.85 56.88 70.75
C ASP F 1039 47.77 57.27 71.76
N SER F 1040 46.54 56.78 71.51
CA SER F 1040 45.43 57.08 72.40
C SER F 1040 45.63 56.52 73.80
N SER F 1041 46.47 55.50 73.94
CA SER F 1041 46.83 54.97 75.24
C SER F 1041 48.32 54.65 75.22
N PRO F 1042 48.98 54.70 76.38
CA PRO F 1042 50.43 54.47 76.40
C PRO F 1042 50.82 53.07 75.97
N ALA F 1043 52.12 52.80 75.92
CA ALA F 1043 52.60 51.45 75.70
C ALA F 1043 52.10 50.56 76.83
N THR F 1044 51.78 49.31 76.50
CA THR F 1044 51.21 48.28 77.37
C THR F 1044 49.71 48.52 77.62
N CYS F 1045 49.13 49.58 77.06
CA CYS F 1045 47.70 49.68 76.87
C CYS F 1045 47.33 49.88 75.40
N HIS F 1046 48.30 50.23 74.55
CA HIS F 1046 48.01 50.40 73.13
C HIS F 1046 47.51 49.10 72.52
N ASN F 1047 48.11 47.97 72.90
CA ASN F 1047 47.73 46.66 72.38
C ASN F 1047 47.32 45.70 73.49
N ASN F 1048 46.90 46.21 74.63
CA ASN F 1048 46.45 45.37 75.75
C ASN F 1048 45.09 45.86 76.21
N ILE F 1049 44.04 45.34 75.58
CA ILE F 1049 42.69 45.66 75.99
C ILE F 1049 42.34 44.83 77.21
N MET F 1050 41.38 45.32 78.00
CA MET F 1050 40.99 44.80 79.31
C MET F 1050 42.01 45.21 80.36
N LYS F 1051 43.15 45.76 79.96
CA LYS F 1051 43.96 46.55 80.87
C LYS F 1051 43.66 48.02 80.71
N GLN F 1052 43.44 48.47 79.47
CA GLN F 1052 43.07 49.84 79.23
C GLN F 1052 41.77 50.18 79.94
N THR F 1053 40.78 49.29 79.85
CA THR F 1053 39.49 49.55 80.47
C THR F 1053 39.52 49.36 81.98
N MET F 1054 40.30 48.42 82.50
CA MET F 1054 40.46 48.36 83.95
C MET F 1054 41.08 49.65 84.48
N VAL F 1055 42.11 50.14 83.80
CA VAL F 1055 42.73 51.41 84.20
C VAL F 1055 41.70 52.52 84.14
N ASP F 1056 40.93 52.59 83.06
CA ASP F 1056 39.94 53.65 82.91
C ASP F 1056 38.92 53.61 84.05
N SER F 1057 38.30 52.45 84.26
CA SER F 1057 37.24 52.34 85.25
C SER F 1057 37.77 52.53 86.67
N SER F 1058 39.01 52.17 86.93
CA SER F 1058 39.58 52.41 88.25
C SER F 1058 39.93 53.88 88.44
N CYS F 1059 40.41 54.55 87.40
CA CYS F 1059 40.70 55.97 87.50
C CYS F 1059 39.43 56.81 87.57
N ARG F 1060 38.29 56.27 87.13
CA ARG F 1060 37.03 56.99 87.27
C ARG F 1060 36.67 57.24 88.72
N ILE F 1061 37.42 56.71 89.68
CA ILE F 1061 37.23 57.07 91.09
C ILE F 1061 37.21 58.57 91.26
N LEU F 1062 37.92 59.30 90.40
CA LEU F 1062 37.91 60.75 90.43
C LEU F 1062 36.51 61.31 90.23
N THR F 1063 35.64 60.56 89.55
CA THR F 1063 34.28 60.98 89.29
C THR F 1063 33.30 60.49 90.35
N SER F 1064 33.74 59.65 91.28
CA SER F 1064 32.83 59.03 92.23
C SER F 1064 32.22 60.07 93.17
N ASP F 1065 31.34 59.59 94.06
CA ASP F 1065 30.57 60.48 94.91
C ASP F 1065 31.45 61.33 95.81
N VAL F 1066 32.48 60.73 96.40
CA VAL F 1066 33.32 61.47 97.34
C VAL F 1066 33.99 62.65 96.66
N PHE F 1067 34.39 62.47 95.40
CA PHE F 1067 34.97 63.56 94.64
C PHE F 1067 33.94 64.38 93.87
N GLN F 1068 32.68 63.96 93.88
CA GLN F 1068 31.69 64.59 93.00
C GLN F 1068 31.47 66.05 93.36
N ASP F 1069 31.65 66.41 94.63
CA ASP F 1069 31.49 67.80 95.02
C ASP F 1069 32.73 68.63 94.71
N CYS F 1070 33.91 68.01 94.72
CA CYS F 1070 35.11 68.72 94.28
C CYS F 1070 35.08 68.99 92.79
N ASN F 1071 34.53 68.08 92.00
CA ASN F 1071 34.51 68.24 90.55
C ASN F 1071 33.75 69.49 90.12
N LYS F 1072 32.90 70.03 90.99
CA LYS F 1072 32.27 71.32 90.68
C LYS F 1072 33.29 72.45 90.73
N LEU F 1073 34.27 72.35 91.62
CA LEU F 1073 35.28 73.39 91.76
C LEU F 1073 36.50 73.17 90.89
N VAL F 1074 36.90 71.92 90.67
CA VAL F 1074 38.12 71.59 89.95
C VAL F 1074 37.76 70.62 88.84
N ASP F 1075 38.45 70.74 87.71
CA ASP F 1075 38.21 69.85 86.59
C ASP F 1075 38.99 68.56 86.79
N PRO F 1076 38.33 67.40 86.87
CA PRO F 1076 39.05 66.15 87.07
C PRO F 1076 39.67 65.59 85.81
N GLU F 1077 39.31 66.10 84.63
CA GLU F 1077 39.77 65.49 83.38
C GLU F 1077 41.29 65.47 83.26
N PRO F 1078 42.03 66.55 83.52
CA PRO F 1078 43.50 66.44 83.45
C PRO F 1078 44.05 65.38 84.38
N TYR F 1079 43.55 65.31 85.61
CA TYR F 1079 44.04 64.32 86.55
C TYR F 1079 43.59 62.92 86.16
N LEU F 1080 42.44 62.79 85.53
CA LEU F 1080 42.04 61.50 84.97
C LEU F 1080 43.01 61.05 83.90
N ASP F 1081 43.43 61.97 83.03
CA ASP F 1081 44.41 61.62 82.00
C ASP F 1081 45.73 61.21 82.63
N VAL F 1082 46.19 61.94 83.64
CA VAL F 1082 47.43 61.58 84.33
C VAL F 1082 47.30 60.20 84.96
N CYS F 1083 46.16 59.94 85.60
CA CYS F 1083 45.94 58.63 86.23
C CYS F 1083 46.04 57.52 85.20
N ILE F 1084 45.36 57.67 84.08
CA ILE F 1084 45.38 56.62 83.06
C ILE F 1084 46.78 56.42 82.53
N TYR F 1085 47.48 57.51 82.21
CA TYR F 1085 48.82 57.41 81.64
C TYR F 1085 49.75 56.69 82.60
N ASP F 1086 49.81 57.17 83.85
CA ASP F 1086 50.72 56.58 84.81
C ASP F 1086 50.37 55.15 85.13
N THR F 1087 49.09 54.81 85.13
CA THR F 1087 48.69 53.46 85.50
C THR F 1087 49.00 52.46 84.39
N CYS F 1088 48.80 52.84 83.13
CA CYS F 1088 49.30 52.00 82.05
C CYS F 1088 50.80 51.86 82.12
N SER F 1089 51.52 52.96 82.23
CA SER F 1089 52.98 52.89 82.14
C SER F 1089 53.57 52.10 83.31
N CYS F 1090 52.98 52.22 84.50
CA CYS F 1090 53.56 51.63 85.69
C CYS F 1090 53.38 50.12 85.73
N GLU F 1091 52.15 49.66 85.58
CA GLU F 1091 51.74 48.28 85.88
C GLU F 1091 52.44 47.77 87.13
N SER F 1092 52.16 48.48 88.23
CA SER F 1092 52.86 48.23 89.48
C SER F 1092 52.50 46.87 90.05
N ILE F 1093 53.30 46.43 91.01
CA ILE F 1093 53.19 45.07 91.54
C ILE F 1093 52.77 45.04 93.00
N GLY F 1094 53.65 45.51 93.88
CA GLY F 1094 53.41 45.36 95.29
C GLY F 1094 52.85 46.62 95.90
N ASP F 1095 53.45 47.75 95.59
CA ASP F 1095 52.91 49.05 95.95
C ASP F 1095 52.12 49.57 94.77
N CYS F 1096 50.88 50.00 95.03
CA CYS F 1096 50.00 50.53 94.01
C CYS F 1096 50.19 52.03 93.84
N ALA F 1097 51.42 52.49 94.06
CA ALA F 1097 51.69 53.90 94.35
C ALA F 1097 51.36 54.83 93.20
N CYS F 1098 51.51 54.39 91.95
CA CYS F 1098 51.26 55.30 90.83
C CYS F 1098 49.81 55.79 90.86
N PHE F 1099 48.87 54.85 90.87
CA PHE F 1099 47.45 55.18 90.93
C PHE F 1099 47.14 55.97 92.18
N CYS F 1100 47.55 55.46 93.34
CA CYS F 1100 47.19 56.09 94.61
C CYS F 1100 47.75 57.50 94.70
N ASP F 1101 48.95 57.72 94.19
CA ASP F 1101 49.56 59.04 94.25
C ASP F 1101 48.87 60.01 93.31
N THR F 1102 48.43 59.55 92.14
CA THR F 1102 47.65 60.44 91.28
C THR F 1102 46.34 60.85 91.94
N ILE F 1103 45.63 59.87 92.52
CA ILE F 1103 44.39 60.20 93.22
C ILE F 1103 44.67 61.12 94.40
N ALA F 1104 45.80 60.92 95.08
CA ALA F 1104 46.15 61.76 96.21
C ALA F 1104 46.47 63.18 95.76
N ALA F 1105 47.08 63.34 94.58
CA ALA F 1105 47.31 64.67 94.06
C ALA F 1105 46.00 65.39 93.79
N TYR F 1106 45.04 64.69 93.19
CA TYR F 1106 43.74 65.33 92.96
C TYR F 1106 43.08 65.69 94.28
N ALA F 1107 43.15 64.80 95.27
CA ALA F 1107 42.57 65.09 96.58
C ALA F 1107 43.28 66.26 97.24
N HIS F 1108 44.59 66.39 97.03
CA HIS F 1108 45.32 67.53 97.57
C HIS F 1108 44.85 68.83 96.97
N VAL F 1109 44.62 68.85 95.66
CA VAL F 1109 44.08 70.05 95.02
C VAL F 1109 42.69 70.37 95.59
N CYS F 1110 41.85 69.35 95.71
CA CYS F 1110 40.52 69.55 96.29
C CYS F 1110 40.62 70.14 97.68
N ALA F 1111 41.52 69.62 98.51
CA ALA F 1111 41.69 70.15 99.85
C ALA F 1111 42.14 71.60 99.84
N GLN F 1112 43.03 71.95 98.90
CA GLN F 1112 43.40 73.34 98.75
C GLN F 1112 42.18 74.21 98.46
N HIS F 1113 41.26 73.70 97.65
CA HIS F 1113 40.03 74.43 97.37
C HIS F 1113 38.96 74.22 98.44
N GLY F 1114 39.33 73.75 99.63
CA GLY F 1114 38.40 73.61 100.73
C GLY F 1114 37.56 72.36 100.70
N LYS F 1115 37.59 71.58 99.61
CA LYS F 1115 36.83 70.34 99.51
C LYS F 1115 37.69 69.17 99.99
N VAL F 1116 37.72 68.98 101.30
CA VAL F 1116 38.43 67.84 101.87
C VAL F 1116 37.66 66.56 101.55
N VAL F 1117 38.34 65.57 100.98
CA VAL F 1117 37.71 64.35 100.48
C VAL F 1117 38.34 63.15 101.17
N THR F 1118 37.49 62.26 101.67
CA THR F 1118 37.92 61.06 102.39
C THR F 1118 37.92 59.86 101.45
N TRP F 1119 38.89 59.84 100.54
CA TRP F 1119 38.88 58.85 99.48
C TRP F 1119 39.54 57.53 99.84
N ARG F 1120 40.35 57.49 100.90
CA ARG F 1120 40.99 56.25 101.30
C ARG F 1120 39.96 55.25 101.82
N THR F 1121 40.20 53.97 101.53
CA THR F 1121 39.41 52.88 102.09
C THR F 1121 40.34 51.71 102.31
N ALA F 1122 39.90 50.78 103.17
CA ALA F 1122 40.71 49.60 103.45
C ALA F 1122 40.95 48.77 102.21
N THR F 1123 40.08 48.84 101.22
CA THR F 1123 40.20 48.08 100.00
C THR F 1123 40.74 48.90 98.83
N LEU F 1124 40.98 50.20 99.03
CA LEU F 1124 41.49 51.06 97.96
C LEU F 1124 42.56 51.96 98.56
N CYS F 1125 43.81 51.75 98.14
CA CYS F 1125 44.93 52.58 98.55
C CYS F 1125 44.96 52.79 100.06
N PRO F 1126 44.92 51.73 100.87
CA PRO F 1126 44.91 51.91 102.31
C PRO F 1126 46.20 52.51 102.83
N GLN F 1127 46.07 53.25 103.93
CA GLN F 1127 47.22 53.80 104.63
C GLN F 1127 47.02 53.61 106.12
N SER F 1128 48.09 53.26 106.81
CA SER F 1128 48.05 53.00 108.25
C SER F 1128 49.15 53.77 108.95
N CYS F 1129 48.83 54.29 110.13
CA CYS F 1129 49.79 54.99 110.96
C CYS F 1129 50.14 54.19 112.21
N GLU F 1130 49.60 52.99 112.34
CA GLU F 1130 49.79 52.13 113.50
C GLU F 1130 51.25 51.81 113.79
N GLU F 1131 52.12 51.92 112.79
CA GLU F 1131 53.55 51.67 113.01
C GLU F 1131 54.14 52.66 114.02
N ARG F 1132 53.58 53.86 114.08
CA ARG F 1132 54.04 54.87 115.02
C ARG F 1132 53.43 54.71 116.41
N ASN F 1133 52.35 53.93 116.52
CA ASN F 1133 51.68 53.73 117.80
C ASN F 1133 52.22 52.53 118.57
N LEU F 1134 52.56 51.44 117.89
CA LEU F 1134 53.27 50.35 118.53
C LEU F 1134 54.68 50.78 118.93
N ARG F 1135 55.06 50.46 120.16
CA ARG F 1135 56.19 51.11 120.82
C ARG F 1135 56.66 50.21 121.96
N GLU F 1136 57.78 50.60 122.57
CA GLU F 1136 58.38 49.80 123.63
C GLU F 1136 57.52 49.79 124.89
N ASN F 1137 56.66 50.79 125.05
CA ASN F 1137 55.60 50.82 126.05
C ASN F 1137 54.53 49.77 125.80
N GLY F 1138 54.53 49.13 124.64
CA GLY F 1138 53.39 48.37 124.16
C GLY F 1138 52.68 49.09 123.02
N TYR F 1139 51.49 49.62 123.27
CA TYR F 1139 50.80 50.39 122.25
C TYR F 1139 50.17 51.63 122.87
N GLU F 1140 50.42 52.79 122.26
CA GLU F 1140 49.73 54.02 122.60
C GLU F 1140 49.39 54.75 121.30
N CYS F 1141 48.17 55.24 121.20
CA CYS F 1141 47.50 55.41 119.91
C CYS F 1141 47.30 56.88 119.53
N GLU F 1142 48.34 57.69 119.72
CA GLU F 1142 48.25 59.12 119.41
C GLU F 1142 48.17 59.39 117.91
N TRP F 1143 48.87 58.62 117.08
CA TRP F 1143 48.85 58.85 115.64
C TRP F 1143 47.61 58.25 114.97
N ARG F 1144 46.93 59.08 114.18
CA ARG F 1144 45.87 58.64 113.28
C ARG F 1144 46.20 59.08 111.86
N TYR F 1145 45.74 58.32 110.88
CA TYR F 1145 45.52 58.89 109.56
C TYR F 1145 44.38 59.90 109.62
N ASN F 1146 44.57 61.03 108.95
CA ASN F 1146 43.51 62.01 108.76
C ASN F 1146 43.49 62.40 107.29
N SER F 1147 42.27 62.56 106.74
CA SER F 1147 42.13 62.91 105.33
C SER F 1147 42.98 64.11 104.98
N CYS F 1148 42.91 65.16 105.79
CA CYS F 1148 43.91 66.20 105.78
C CYS F 1148 43.90 66.87 107.14
N ALA F 1149 45.09 67.13 107.66
CA ALA F 1149 45.28 67.80 108.93
C ALA F 1149 45.98 69.14 108.71
N PRO F 1150 45.88 70.06 109.66
CA PRO F 1150 46.60 71.33 109.52
C PRO F 1150 48.09 71.09 109.28
N ALA F 1151 48.65 71.82 108.32
CA ALA F 1151 49.91 71.43 107.72
C ALA F 1151 51.08 71.69 108.66
N CYS F 1152 51.08 72.80 109.37
CA CYS F 1152 52.29 73.30 110.01
C CYS F 1152 52.06 73.49 111.51
N GLN F 1153 51.65 72.40 112.16
CA GLN F 1153 51.37 72.42 113.59
C GLN F 1153 52.59 72.88 114.39
N VAL F 1154 52.34 73.27 115.63
CA VAL F 1154 53.40 73.60 116.57
C VAL F 1154 54.00 72.30 117.11
N THR F 1155 55.31 72.30 117.32
CA THR F 1155 56.03 71.14 117.83
C THR F 1155 57.16 71.63 118.73
N CYS F 1156 57.81 70.68 119.40
CA CYS F 1156 58.99 71.00 120.19
C CYS F 1156 60.12 71.53 119.33
N GLN F 1157 60.14 71.20 118.03
CA GLN F 1157 61.12 71.74 117.11
C GLN F 1157 60.66 73.01 116.42
N HIS F 1158 59.36 73.26 116.40
CA HIS F 1158 58.78 74.49 115.82
C HIS F 1158 57.79 75.08 116.82
N PRO F 1159 58.28 75.55 117.98
CA PRO F 1159 57.36 76.09 118.98
C PRO F 1159 56.57 77.29 118.50
N GLU F 1160 57.15 78.13 117.68
CA GLU F 1160 56.43 79.28 117.18
C GLU F 1160 55.63 78.91 115.95
N PRO F 1161 54.45 79.49 115.76
CA PRO F 1161 53.70 79.26 114.53
C PRO F 1161 54.38 79.96 113.35
N LEU F 1162 54.40 79.28 112.21
CA LEU F 1162 55.09 79.77 111.02
C LEU F 1162 54.19 79.62 109.82
N ALA F 1163 54.10 80.67 109.00
CA ALA F 1163 53.24 80.65 107.83
C ALA F 1163 53.82 79.69 106.79
N CYS F 1164 52.94 78.94 106.15
CA CYS F 1164 53.35 77.94 105.17
C CYS F 1164 52.25 77.79 104.13
N PRO F 1165 52.59 77.38 102.91
CA PRO F 1165 51.67 77.61 101.78
C PRO F 1165 50.35 76.87 101.88
N VAL F 1166 50.35 75.62 102.31
CA VAL F 1166 49.17 74.77 102.23
C VAL F 1166 48.53 74.68 103.60
N GLN F 1167 47.21 74.86 103.65
CA GLN F 1167 46.50 74.87 104.92
C GLN F 1167 46.36 73.47 105.49
N CYS F 1168 46.06 72.48 104.65
CA CYS F 1168 45.66 71.16 105.13
C CYS F 1168 46.26 70.11 104.21
N VAL F 1169 46.90 69.10 104.79
CA VAL F 1169 47.61 68.08 104.03
C VAL F 1169 47.25 66.70 104.57
N GLU F 1170 47.19 65.73 103.67
CA GLU F 1170 46.89 64.35 104.03
C GLU F 1170 48.08 63.70 104.75
N GLY F 1171 47.77 62.72 105.59
CA GLY F 1171 48.79 61.88 106.18
C GLY F 1171 48.61 61.63 107.67
N CYS F 1172 49.55 60.93 108.27
CA CYS F 1172 49.51 60.67 109.70
C CYS F 1172 49.59 61.95 110.51
N HIS F 1173 48.68 62.10 111.46
CA HIS F 1173 48.60 63.28 112.32
C HIS F 1173 48.51 62.81 113.76
N ALA F 1174 49.35 63.39 114.63
CA ALA F 1174 49.33 63.05 116.05
C ALA F 1174 48.27 63.88 116.76
N HIS F 1175 47.30 63.20 117.36
CA HIS F 1175 46.25 63.83 118.15
C HIS F 1175 46.50 63.55 119.63
N CYS F 1176 46.58 64.60 120.43
CA CYS F 1176 46.91 64.48 121.84
C CYS F 1176 46.31 65.65 122.61
N PRO F 1177 46.23 65.55 123.94
CA PRO F 1177 45.32 66.45 124.70
C PRO F 1177 45.77 67.90 124.69
N PRO F 1178 44.96 68.81 125.25
CA PRO F 1178 45.33 70.23 125.27
C PRO F 1178 46.60 70.48 126.07
N GLY F 1179 47.31 71.55 125.68
CA GLY F 1179 48.57 71.90 126.30
C GLY F 1179 49.71 70.96 126.00
N LYS F 1180 49.43 69.80 125.43
CA LYS F 1180 50.44 68.81 125.10
C LYS F 1180 50.99 69.08 123.70
N ILE F 1181 52.29 68.89 123.52
CA ILE F 1181 52.98 69.27 122.29
C ILE F 1181 53.75 68.08 121.74
N LEU F 1182 53.73 67.93 120.42
CA LEU F 1182 54.50 66.89 119.75
C LEU F 1182 55.99 67.20 119.77
N ASP F 1183 56.79 66.17 120.03
CA ASP F 1183 58.23 66.20 119.76
C ASP F 1183 58.52 65.39 118.50
N GLU F 1184 59.07 66.04 117.48
CA GLU F 1184 59.36 65.37 116.22
C GLU F 1184 60.48 64.34 116.34
N LEU F 1185 61.42 64.53 117.28
CA LEU F 1185 62.46 63.53 117.47
C LEU F 1185 61.90 62.27 118.11
N LEU F 1186 60.98 62.43 119.06
CA LEU F 1186 60.33 61.29 119.68
C LEU F 1186 59.18 60.76 118.85
N GLN F 1187 58.71 61.54 117.88
CA GLN F 1187 57.41 61.29 117.23
C GLN F 1187 56.32 61.04 118.26
N THR F 1188 56.36 61.80 119.35
CA THR F 1188 55.54 61.55 120.53
C THR F 1188 55.17 62.90 121.13
N CYS F 1189 53.94 63.02 121.61
CA CYS F 1189 53.50 64.20 122.34
C CYS F 1189 54.14 64.27 123.73
N VAL F 1190 54.69 65.45 124.07
CA VAL F 1190 55.34 65.69 125.36
C VAL F 1190 54.99 67.09 125.83
N ASP F 1191 55.23 67.34 127.12
CA ASP F 1191 54.93 68.65 127.68
C ASP F 1191 55.77 69.74 127.03
N PRO F 1192 55.31 70.98 127.04
CA PRO F 1192 56.10 72.07 126.45
C PRO F 1192 57.48 72.21 127.07
N GLU F 1193 57.63 71.85 128.34
CA GLU F 1193 58.92 71.96 129.02
C GLU F 1193 59.85 70.81 128.70
N ASP F 1194 59.37 69.77 128.01
CA ASP F 1194 60.17 68.59 127.72
C ASP F 1194 60.94 68.70 126.40
N CYS F 1195 60.83 69.83 125.71
CA CYS F 1195 61.49 69.96 124.42
C CYS F 1195 63.00 69.87 124.60
N PRO F 1196 63.71 69.23 123.67
CA PRO F 1196 65.17 69.14 123.80
C PRO F 1196 65.92 70.41 123.42
N VAL F 1197 65.26 71.37 122.78
CA VAL F 1197 65.91 72.62 122.38
C VAL F 1197 65.04 73.81 122.77
N SER F 1262 60.01 112.06 88.19
CA SER F 1262 60.82 111.82 89.38
C SER F 1262 62.31 111.98 89.07
N GLU F 1263 63.07 112.46 90.07
CA GLU F 1263 64.48 112.79 89.92
C GLU F 1263 64.70 113.73 88.74
N PRO F 1264 64.27 114.99 88.84
CA PRO F 1264 64.53 115.96 87.76
C PRO F 1264 66.01 116.18 87.48
N PRO F 1265 66.90 116.25 88.52
CA PRO F 1265 68.26 116.75 88.24
C PRO F 1265 69.15 115.78 87.47
N LEU F 1266 68.59 114.71 86.89
CA LEU F 1266 69.40 113.81 86.07
C LEU F 1266 70.04 114.55 84.90
N HIS F 1267 69.45 115.65 84.45
CA HIS F 1267 70.06 116.47 83.42
C HIS F 1267 69.47 117.87 83.50
N ASP F 1268 70.18 118.82 82.87
CA ASP F 1268 69.69 120.19 82.82
C ASP F 1268 68.39 120.29 82.06
N PHE F 1269 68.17 119.42 81.08
CA PHE F 1269 66.93 119.39 80.30
C PHE F 1269 66.02 118.32 80.89
N TYR F 1270 64.87 118.75 81.39
CA TYR F 1270 63.89 117.85 81.98
C TYR F 1270 62.51 118.28 81.51
N CYS F 1271 61.74 117.34 81.01
CA CYS F 1271 60.57 117.63 80.18
C CYS F 1271 59.32 117.14 80.91
N SER F 1272 58.71 118.04 81.67
CA SER F 1272 57.52 117.74 82.46
C SER F 1272 56.30 118.30 81.74
N ARG F 1273 55.72 117.49 80.87
CA ARG F 1273 54.56 117.93 80.09
C ARG F 1273 53.85 116.69 79.54
N LEU F 1274 52.63 116.90 79.07
CA LEU F 1274 51.75 115.80 78.67
C LEU F 1274 52.19 115.29 77.30
N LEU F 1275 52.71 114.06 77.27
CA LEU F 1275 53.24 113.49 76.05
C LEU F 1275 53.13 111.97 76.08
N ASP F 1276 52.80 111.38 74.93
CA ASP F 1276 52.90 109.94 74.70
C ASP F 1276 53.92 109.71 73.60
N LEU F 1277 54.93 108.88 73.88
CA LEU F 1277 56.07 108.74 73.00
C LEU F 1277 56.37 107.27 72.72
N VAL F 1278 56.68 106.95 71.48
CA VAL F 1278 57.09 105.61 71.08
C VAL F 1278 58.41 105.68 70.31
N PHE F 1279 59.37 104.86 70.71
CA PHE F 1279 60.63 104.70 70.00
C PHE F 1279 60.58 103.46 69.13
N LEU F 1280 60.66 103.61 67.82
CA LEU F 1280 60.63 102.49 66.89
C LEU F 1280 62.05 102.22 66.41
N LEU F 1281 62.63 101.08 66.82
CA LEU F 1281 64.05 100.80 66.63
C LEU F 1281 64.25 99.79 65.52
N ASP F 1282 65.06 100.15 64.53
CA ASP F 1282 65.33 99.29 63.38
C ASP F 1282 66.19 98.10 63.80
N GLY F 1283 65.62 96.91 63.75
CA GLY F 1283 66.31 95.69 64.09
C GLY F 1283 66.99 95.00 62.94
N SER F 1284 67.13 95.65 61.80
CA SER F 1284 67.78 95.04 60.65
C SER F 1284 69.29 94.94 60.85
N SER F 1285 69.91 94.14 59.97
CA SER F 1285 71.35 93.93 60.01
C SER F 1285 72.14 95.16 59.56
N ARG F 1286 71.47 96.18 59.04
CA ARG F 1286 72.16 97.41 58.66
C ARG F 1286 72.73 98.15 59.85
N LEU F 1287 72.25 97.87 61.05
CA LEU F 1287 72.97 98.21 62.27
C LEU F 1287 73.67 96.97 62.82
N SER F 1288 74.98 97.08 63.03
CA SER F 1288 75.69 96.06 63.79
C SER F 1288 75.31 96.16 65.27
N GLU F 1289 75.60 95.09 66.01
CA GLU F 1289 75.26 95.07 67.42
C GLU F 1289 75.85 96.26 68.16
N ALA F 1290 77.08 96.65 67.84
CA ALA F 1290 77.69 97.81 68.48
C ALA F 1290 76.88 99.08 68.20
N GLU F 1291 76.46 99.26 66.95
CA GLU F 1291 75.64 100.41 66.61
C GLU F 1291 74.30 100.34 67.30
N PHE F 1292 73.72 99.15 67.38
CA PHE F 1292 72.45 99.03 68.09
C PHE F 1292 72.62 99.39 69.56
N GLU F 1293 73.80 99.11 70.12
CA GLU F 1293 74.06 99.47 71.51
C GLU F 1293 74.08 100.98 71.69
N VAL F 1294 74.73 101.70 70.77
CA VAL F 1294 74.73 103.14 70.95
C VAL F 1294 73.34 103.72 70.68
N LEU F 1295 72.56 103.10 69.80
CA LEU F 1295 71.18 103.52 69.58
C LEU F 1295 70.34 103.32 70.83
N LYS F 1296 70.56 102.21 71.52
CA LYS F 1296 69.89 101.95 72.78
C LYS F 1296 70.28 102.98 73.83
N ALA F 1297 71.57 103.34 73.88
CA ALA F 1297 72.01 104.35 74.83
C ALA F 1297 71.35 105.70 74.55
N PHE F 1298 71.17 106.02 73.26
CA PHE F 1298 70.41 107.21 72.86
C PHE F 1298 68.98 107.20 73.38
N VAL F 1299 68.29 106.06 73.22
CA VAL F 1299 66.96 105.91 73.80
C VAL F 1299 67.01 106.10 75.31
N VAL F 1300 68.02 105.53 75.96
CA VAL F 1300 68.05 105.51 77.42
C VAL F 1300 68.27 106.92 77.96
N ASP F 1301 69.19 107.67 77.38
CA ASP F 1301 69.39 109.03 77.89
C ASP F 1301 68.20 109.92 77.58
N MET F 1302 67.54 109.73 76.44
CA MET F 1302 66.31 110.49 76.21
C MET F 1302 65.27 110.17 77.27
N MET F 1303 65.16 108.90 77.66
CA MET F 1303 64.26 108.57 78.77
C MET F 1303 64.73 109.17 80.08
N GLU F 1304 66.04 109.36 80.26
CA GLU F 1304 66.52 110.13 81.40
C GLU F 1304 66.02 111.57 81.36
N ARG F 1305 65.83 112.11 80.16
CA ARG F 1305 65.45 113.51 80.02
C ARG F 1305 63.95 113.72 79.88
N LEU F 1306 63.15 112.69 80.12
CA LEU F 1306 61.69 112.81 80.13
C LEU F 1306 61.14 112.45 81.50
N ARG F 1307 60.11 113.18 81.93
CA ARG F 1307 59.46 112.91 83.20
C ARG F 1307 58.54 111.71 83.02
N ILE F 1308 59.09 110.52 83.26
CA ILE F 1308 58.38 109.27 83.00
C ILE F 1308 57.36 109.01 84.08
N SER F 1309 56.09 108.91 83.70
CA SER F 1309 54.99 108.55 84.58
C SER F 1309 53.72 108.47 83.74
N GLN F 1310 52.68 107.85 84.30
CA GLN F 1310 51.39 107.90 83.64
C GLN F 1310 50.89 109.34 83.52
N LYS F 1311 51.10 110.14 84.56
CA LYS F 1311 51.06 111.59 84.42
C LYS F 1311 52.27 112.05 83.62
N TRP F 1312 52.12 113.20 82.95
CA TRP F 1312 53.19 113.76 82.14
C TRP F 1312 53.52 112.83 80.99
N VAL F 1313 54.73 112.25 80.94
CA VAL F 1313 55.22 111.59 79.74
C VAL F 1313 55.10 110.07 79.91
N ARG F 1314 54.51 109.42 78.92
CA ARG F 1314 54.48 107.96 78.82
C ARG F 1314 55.34 107.52 77.64
N VAL F 1315 56.17 106.51 77.86
CA VAL F 1315 57.16 106.08 76.87
C VAL F 1315 56.94 104.61 76.56
N ALA F 1316 57.08 104.27 75.28
CA ALA F 1316 57.09 102.89 74.83
C ALA F 1316 58.26 102.68 73.89
N VAL F 1317 58.79 101.46 73.89
CA VAL F 1317 59.95 101.11 73.08
C VAL F 1317 59.58 99.90 72.25
N VAL F 1318 59.85 99.96 70.95
CA VAL F 1318 59.41 98.94 70.00
C VAL F 1318 60.53 98.67 69.01
N GLU F 1319 61.10 97.48 69.05
CA GLU F 1319 61.99 97.03 68.00
C GLU F 1319 61.20 96.34 66.91
N TYR F 1320 61.48 96.70 65.66
CA TYR F 1320 60.87 96.05 64.51
C TYR F 1320 61.92 95.34 63.69
N HIS F 1321 61.73 94.04 63.48
CA HIS F 1321 62.65 93.21 62.71
C HIS F 1321 61.86 92.29 61.79
N ASP F 1322 60.94 92.87 61.02
CA ASP F 1322 59.87 92.24 60.26
C ASP F 1322 58.73 91.85 61.18
N GLY F 1323 58.89 91.98 62.49
CA GLY F 1323 57.78 91.92 63.41
C GLY F 1323 58.04 92.89 64.54
N SER F 1324 56.96 93.45 65.06
CA SER F 1324 57.04 94.59 65.97
C SER F 1324 57.22 94.09 67.41
N HIS F 1325 58.47 93.90 67.80
CA HIS F 1325 58.82 93.47 69.15
C HIS F 1325 58.76 94.64 70.12
N ALA F 1326 57.68 94.72 70.90
CA ALA F 1326 57.53 95.76 71.90
C ALA F 1326 58.18 95.32 73.21
N TYR F 1327 59.04 96.18 73.76
CA TYR F 1327 59.67 95.92 75.05
C TYR F 1327 59.05 96.72 76.18
N ILE F 1328 58.54 97.91 75.91
CA ILE F 1328 57.86 98.72 76.91
C ILE F 1328 56.57 99.24 76.28
N GLY F 1329 55.49 99.18 77.05
CA GLY F 1329 54.22 99.72 76.62
C GLY F 1329 53.83 100.95 77.43
N LEU F 1330 52.99 101.81 76.86
CA LEU F 1330 52.60 103.02 77.56
C LEU F 1330 51.79 102.73 78.82
N LYS F 1331 51.19 101.54 78.92
CA LYS F 1331 50.43 101.18 80.10
C LYS F 1331 51.31 100.66 81.24
N ASP F 1332 52.58 100.39 80.97
CA ASP F 1332 53.45 99.82 82.00
C ASP F 1332 53.58 100.78 83.18
N ARG F 1333 53.35 100.26 84.38
CA ARG F 1333 53.38 101.06 85.59
C ARG F 1333 54.74 101.03 86.28
N LYS F 1334 55.75 100.44 85.66
CA LYS F 1334 57.05 100.28 86.30
C LYS F 1334 57.72 101.64 86.49
N ARG F 1335 58.61 101.70 87.47
CA ARG F 1335 59.24 102.96 87.84
C ARG F 1335 60.22 103.40 86.75
N PRO F 1336 60.52 104.71 86.68
CA PRO F 1336 61.39 105.20 85.61
C PRO F 1336 62.74 104.50 85.55
N SER F 1337 63.34 104.20 86.70
CA SER F 1337 64.62 103.51 86.68
C SER F 1337 64.49 102.12 86.06
N GLU F 1338 63.42 101.40 86.42
CA GLU F 1338 63.20 100.09 85.83
C GLU F 1338 62.97 100.18 84.33
N LEU F 1339 62.22 101.20 83.90
CA LEU F 1339 61.98 101.38 82.47
C LEU F 1339 63.27 101.68 81.73
N ARG F 1340 64.13 102.52 82.30
CA ARG F 1340 65.41 102.80 81.68
C ARG F 1340 66.28 101.54 81.62
N ARG F 1341 66.23 100.71 82.66
CA ARG F 1341 66.95 99.45 82.63
C ARG F 1341 66.45 98.56 81.50
N ILE F 1342 65.12 98.45 81.37
CA ILE F 1342 64.54 97.63 80.31
C ILE F 1342 64.97 98.12 78.94
N ALA F 1343 64.95 99.45 78.74
CA ALA F 1343 65.39 100.02 77.48
C ALA F 1343 66.87 99.71 77.23
N SER F 1344 67.69 99.82 78.27
CA SER F 1344 69.11 99.53 78.13
C SER F 1344 69.36 98.08 77.79
N GLN F 1345 68.47 97.18 78.20
CA GLN F 1345 68.65 95.75 77.95
C GLN F 1345 67.80 95.23 76.80
N VAL F 1346 67.39 96.10 75.87
CA VAL F 1346 66.73 95.66 74.65
C VAL F 1346 67.71 94.83 73.83
N LYS F 1347 67.26 93.68 73.36
CA LYS F 1347 68.14 92.79 72.63
C LYS F 1347 68.26 93.23 71.17
N TYR F 1348 69.22 92.63 70.48
CA TYR F 1348 69.54 92.96 69.10
C TYR F 1348 69.11 91.80 68.20
N ALA F 1349 68.30 92.12 67.18
CA ALA F 1349 67.78 91.08 66.29
C ALA F 1349 68.69 90.85 65.09
N GLY F 1350 69.00 91.89 64.35
CA GLY F 1350 69.86 91.75 63.18
C GLY F 1350 69.21 91.03 62.01
N SER F 1351 67.94 91.31 61.76
CA SER F 1351 67.25 90.69 60.63
C SER F 1351 67.76 91.26 59.31
N GLN F 1352 67.61 90.48 58.24
CA GLN F 1352 67.98 90.98 56.93
C GLN F 1352 66.97 91.95 56.36
N VAL F 1353 65.73 91.94 56.86
CA VAL F 1353 64.71 92.88 56.45
C VAL F 1353 63.99 93.38 57.69
N ALA F 1354 63.60 94.65 57.70
CA ALA F 1354 62.82 95.23 58.80
C ALA F 1354 61.72 96.09 58.19
N SER F 1355 60.56 95.49 57.94
CA SER F 1355 59.44 96.17 57.31
C SER F 1355 59.03 97.41 58.11
N THR F 1356 59.22 98.57 57.51
CA THR F 1356 58.88 99.84 58.13
C THR F 1356 57.37 100.10 58.09
N SER F 1357 56.73 99.74 56.96
CA SER F 1357 55.29 99.82 56.89
C SER F 1357 54.63 98.91 57.92
N GLU F 1358 55.25 97.77 58.21
CA GLU F 1358 54.67 96.86 59.20
C GLU F 1358 54.69 97.46 60.59
N VAL F 1359 55.76 98.16 60.96
CA VAL F 1359 55.77 98.77 62.29
C VAL F 1359 54.87 99.98 62.35
N LEU F 1360 54.70 100.71 61.23
CA LEU F 1360 53.66 101.73 61.20
C LEU F 1360 52.27 101.14 61.39
N LYS F 1361 52.02 99.98 60.78
CA LYS F 1361 50.74 99.29 60.99
C LYS F 1361 50.58 98.90 62.45
N TYR F 1362 51.63 98.32 63.04
CA TYR F 1362 51.57 97.91 64.43
C TYR F 1362 51.25 99.08 65.34
N THR F 1363 51.99 100.18 65.22
CA THR F 1363 51.75 101.29 66.13
C THR F 1363 50.36 101.87 65.91
N LEU F 1364 49.89 101.93 64.66
CA LEU F 1364 48.59 102.49 64.34
C LEU F 1364 47.46 101.66 64.95
N PHE F 1365 47.49 100.34 64.76
CA PHE F 1365 46.34 99.52 65.13
C PHE F 1365 46.45 98.91 66.50
N GLN F 1366 47.65 98.79 67.07
CA GLN F 1366 47.83 98.12 68.34
C GLN F 1366 48.33 99.04 69.44
N ILE F 1367 49.21 100.01 69.15
CA ILE F 1367 49.66 100.90 70.21
C ILE F 1367 48.62 101.97 70.47
N PHE F 1368 48.34 102.79 69.46
CA PHE F 1368 47.30 103.81 69.53
C PHE F 1368 45.93 103.27 69.15
N SER F 1369 45.60 102.06 69.61
CA SER F 1369 44.30 101.48 69.30
C SER F 1369 43.18 102.35 69.86
N LYS F 1370 43.35 102.85 71.08
CA LYS F 1370 42.39 103.75 71.69
C LYS F 1370 43.16 104.93 72.27
N ILE F 1371 42.67 106.14 71.99
CA ILE F 1371 43.31 107.36 72.47
C ILE F 1371 42.80 107.65 73.88
N ASP F 1372 43.49 107.11 74.88
CA ASP F 1372 43.07 107.28 76.26
C ASP F 1372 43.52 108.60 76.87
N ARG F 1373 44.40 109.33 76.20
CA ARG F 1373 44.85 110.66 76.63
C ARG F 1373 44.72 111.62 75.47
N PRO F 1374 43.49 111.96 75.08
CA PRO F 1374 43.32 112.87 73.93
C PRO F 1374 43.94 114.24 74.16
N GLU F 1375 44.08 114.67 75.40
CA GLU F 1375 44.72 115.95 75.68
C GLU F 1375 46.23 115.90 75.51
N ALA F 1376 46.83 114.72 75.59
CA ALA F 1376 48.27 114.57 75.51
C ALA F 1376 48.73 114.42 74.06
N SER F 1377 49.91 114.94 73.77
CA SER F 1377 50.49 114.79 72.45
C SER F 1377 51.00 113.37 72.23
N ARG F 1378 50.83 112.87 71.02
CA ARG F 1378 51.18 111.51 70.65
C ARG F 1378 52.24 111.53 69.56
N ILE F 1379 53.42 110.98 69.83
CA ILE F 1379 54.58 111.11 68.95
C ILE F 1379 55.29 109.77 68.81
N ALA F 1380 55.84 109.51 67.63
CA ALA F 1380 56.63 108.31 67.38
C ALA F 1380 57.92 108.67 66.66
N LEU F 1381 59.05 108.13 67.15
CA LEU F 1381 60.31 108.22 66.43
C LEU F 1381 60.47 106.98 65.55
N LEU F 1382 60.21 107.13 64.25
CA LEU F 1382 60.54 106.08 63.30
C LEU F 1382 62.00 106.20 62.90
N LEU F 1383 62.89 105.88 63.84
CA LEU F 1383 64.30 105.84 63.50
C LEU F 1383 64.60 104.57 62.73
N MET F 1384 65.33 104.71 61.63
CA MET F 1384 65.38 103.68 60.60
C MET F 1384 66.70 103.72 59.85
N ALA F 1385 67.18 102.55 59.46
CA ALA F 1385 68.51 102.43 58.90
C ALA F 1385 68.55 101.49 57.71
N SER F 1386 67.41 101.09 57.16
CA SER F 1386 67.38 100.04 56.15
C SER F 1386 66.30 100.32 55.11
N GLN F 1387 66.51 99.76 53.93
CA GLN F 1387 65.46 99.62 52.92
C GLN F 1387 64.51 98.49 53.30
N GLU F 1388 63.36 98.48 52.65
CA GLU F 1388 62.47 97.33 52.65
C GLU F 1388 62.10 96.98 51.22
N PRO F 1389 61.87 95.70 50.93
CA PRO F 1389 61.43 95.33 49.57
C PRO F 1389 60.18 96.10 49.16
N GLN F 1390 60.13 96.44 47.86
CA GLN F 1390 59.07 97.31 47.38
C GLN F 1390 57.69 96.70 47.63
N ARG F 1391 57.55 95.39 47.49
CA ARG F 1391 56.26 94.75 47.70
C ARG F 1391 55.72 94.98 49.11
N MET F 1392 56.60 95.22 50.07
CA MET F 1392 56.17 95.43 51.44
C MET F 1392 55.87 96.89 51.76
N SER F 1393 56.16 97.80 50.85
CA SER F 1393 55.99 99.24 51.07
C SER F 1393 54.66 99.76 50.53
N ARG F 1394 53.77 98.88 50.08
CA ARG F 1394 52.61 99.34 49.32
C ARG F 1394 51.59 100.06 50.18
N ASN F 1395 51.48 99.72 51.46
CA ASN F 1395 50.50 100.35 52.34
C ASN F 1395 51.13 101.38 53.27
N PHE F 1396 52.36 101.80 52.99
CA PHE F 1396 53.07 102.73 53.86
C PHE F 1396 52.31 104.05 54.00
N VAL F 1397 51.94 104.65 52.87
CA VAL F 1397 51.27 105.95 52.88
C VAL F 1397 49.94 105.85 53.61
N ARG F 1398 49.22 104.73 53.42
CA ARG F 1398 47.95 104.56 54.11
C ARG F 1398 48.13 104.61 55.62
N TYR F 1399 49.14 103.90 56.12
CA TYR F 1399 49.37 103.84 57.56
C TYR F 1399 49.81 105.19 58.11
N VAL F 1400 50.69 105.89 57.41
CA VAL F 1400 51.12 107.18 57.93
C VAL F 1400 49.96 108.18 57.92
N GLN F 1401 49.11 108.12 56.89
CA GLN F 1401 47.95 109.00 56.86
C GLN F 1401 46.95 108.65 57.96
N GLY F 1402 46.78 107.36 58.25
CA GLY F 1402 45.96 106.97 59.37
C GLY F 1402 46.50 107.48 60.69
N LEU F 1403 47.82 107.42 60.86
CA LEU F 1403 48.44 107.99 62.05
C LEU F 1403 48.20 109.50 62.14
N LYS F 1404 48.24 110.18 61.00
CA LYS F 1404 47.92 111.61 60.99
C LYS F 1404 46.48 111.85 61.41
N LYS F 1405 45.55 111.02 60.94
CA LYS F 1405 44.15 111.18 61.29
C LYS F 1405 43.93 111.00 62.78
N LYS F 1406 44.75 110.18 63.43
CA LYS F 1406 44.75 110.09 64.89
C LYS F 1406 45.64 111.15 65.54
N LYS F 1407 46.21 112.06 64.74
CA LYS F 1407 47.12 113.09 65.23
C LYS F 1407 48.28 112.50 66.02
N VAL F 1408 48.80 111.37 65.54
CA VAL F 1408 50.05 110.82 66.03
C VAL F 1408 51.18 111.33 65.14
N ILE F 1409 52.06 112.14 65.72
CA ILE F 1409 53.21 112.67 64.99
C ILE F 1409 54.20 111.54 64.75
N VAL F 1410 54.73 111.45 63.53
CA VAL F 1410 55.82 110.51 63.24
C VAL F 1410 57.05 111.28 62.78
N ILE F 1411 58.13 111.13 63.54
CA ILE F 1411 59.39 111.83 63.32
C ILE F 1411 60.41 110.83 62.81
N PRO F 1412 60.58 110.68 61.50
CA PRO F 1412 61.60 109.75 60.98
C PRO F 1412 63.00 110.24 61.30
N VAL F 1413 63.83 109.33 61.80
CA VAL F 1413 65.23 109.62 62.07
C VAL F 1413 66.07 108.64 61.25
N GLY F 1414 66.25 108.95 59.98
CA GLY F 1414 67.07 108.11 59.12
C GLY F 1414 68.53 108.12 59.55
N ILE F 1415 69.17 106.95 59.46
CA ILE F 1415 70.57 106.80 59.84
C ILE F 1415 71.31 105.97 58.80
N GLY F 1416 72.43 106.48 58.33
CA GLY F 1416 73.33 105.75 57.45
C GLY F 1416 72.90 105.72 56.00
N PRO F 1417 73.81 105.27 55.13
CA PRO F 1417 73.53 105.29 53.68
C PRO F 1417 72.36 104.42 53.27
N HIS F 1418 72.09 103.36 54.02
CA HIS F 1418 71.04 102.41 53.68
C HIS F 1418 69.66 102.83 54.16
N ALA F 1419 69.53 103.97 54.83
CA ALA F 1419 68.21 104.47 55.19
C ALA F 1419 67.35 104.68 53.95
N ASN F 1420 66.07 104.31 54.05
CA ASN F 1420 65.11 104.51 52.97
C ASN F 1420 64.63 105.96 52.97
N LEU F 1421 65.44 106.81 52.34
CA LEU F 1421 65.12 108.24 52.24
C LEU F 1421 63.76 108.48 51.60
N LYS F 1422 63.35 107.64 50.64
CA LYS F 1422 62.06 107.84 49.97
C LYS F 1422 60.91 107.77 50.95
N GLN F 1423 60.91 106.78 51.84
CA GLN F 1423 59.87 106.66 52.85
C GLN F 1423 59.90 107.83 53.81
N ILE F 1424 61.10 108.35 54.09
CA ILE F 1424 61.26 109.51 54.95
C ILE F 1424 60.61 110.74 54.31
N ARG F 1425 60.88 110.99 53.04
CA ARG F 1425 60.27 112.14 52.37
C ARG F 1425 58.77 111.96 52.25
N LEU F 1426 58.31 110.73 52.03
CA LEU F 1426 56.87 110.47 51.98
C LEU F 1426 56.22 110.81 53.32
N ILE F 1427 56.86 110.46 54.43
CA ILE F 1427 56.36 110.86 55.73
C ILE F 1427 56.33 112.38 55.86
N GLU F 1428 57.40 113.04 55.44
CA GLU F 1428 57.45 114.50 55.56
C GLU F 1428 56.34 115.17 54.77
N LYS F 1429 55.97 114.60 53.62
CA LYS F 1429 54.95 115.21 52.79
C LYS F 1429 53.58 115.21 53.44
N GLN F 1430 53.35 114.35 54.43
CA GLN F 1430 52.02 114.23 55.02
C GLN F 1430 51.69 115.39 55.95
N ALA F 1431 52.66 115.87 56.73
CA ALA F 1431 52.37 116.94 57.69
C ALA F 1431 53.65 117.69 57.98
N PRO F 1432 53.60 119.00 58.18
CA PRO F 1432 54.84 119.75 58.49
C PRO F 1432 55.51 119.31 59.79
N GLU F 1433 54.73 118.95 60.80
CA GLU F 1433 55.32 118.57 62.08
C GLU F 1433 56.06 117.23 62.00
N ASN F 1434 55.83 116.45 60.95
CA ASN F 1434 56.58 115.23 60.71
C ASN F 1434 57.92 115.50 60.05
N LYS F 1435 58.70 116.42 60.59
CA LYS F 1435 59.97 116.80 59.98
C LYS F 1435 61.03 115.72 60.25
N ALA F 1436 61.88 115.49 59.26
CA ALA F 1436 62.80 114.37 59.29
C ALA F 1436 64.17 114.78 59.82
N PHE F 1437 64.81 113.84 60.50
CA PHE F 1437 66.22 113.91 60.83
C PHE F 1437 66.95 112.85 60.02
N VAL F 1438 68.04 113.23 59.36
CA VAL F 1438 68.85 112.29 58.60
C VAL F 1438 70.28 112.37 59.13
N LEU F 1439 70.80 111.24 59.57
CA LEU F 1439 72.08 111.16 60.27
C LEU F 1439 73.07 110.35 59.45
N SER F 1440 74.34 110.76 59.49
CA SER F 1440 75.39 109.99 58.84
C SER F 1440 75.55 108.62 59.47
N SER F 1441 75.50 108.55 60.79
CA SER F 1441 75.69 107.28 61.50
C SER F 1441 75.09 107.40 62.89
N VAL F 1442 74.90 106.26 63.53
CA VAL F 1442 74.26 106.21 64.85
C VAL F 1442 75.01 107.04 65.89
N ASP F 1443 76.33 107.23 65.73
CA ASP F 1443 77.03 108.06 66.70
C ASP F 1443 76.63 109.52 66.61
N GLU F 1444 76.02 109.94 65.49
CA GLU F 1444 75.50 111.30 65.38
C GLU F 1444 74.26 111.51 66.24
N LEU F 1445 73.67 110.43 66.75
CA LEU F 1445 72.58 110.56 67.71
C LEU F 1445 73.01 111.33 68.95
N GLU F 1446 74.25 111.11 69.39
CA GLU F 1446 74.78 111.84 70.54
C GLU F 1446 74.78 113.35 70.29
N GLN F 1447 74.95 113.75 69.03
CA GLN F 1447 74.94 115.17 68.69
C GLN F 1447 73.53 115.70 68.50
N GLN F 1448 72.65 114.88 67.93
CA GLN F 1448 71.30 115.32 67.61
C GLN F 1448 70.35 115.25 68.80
N ARG F 1449 70.75 114.59 69.89
CA ARG F 1449 69.85 114.30 71.00
C ARG F 1449 69.24 115.57 71.58
N ASP F 1450 70.05 116.60 71.81
CA ASP F 1450 69.56 117.79 72.49
C ASP F 1450 68.42 118.44 71.72
N GLU F 1451 68.64 118.70 70.42
CA GLU F 1451 67.57 119.34 69.67
C GLU F 1451 66.40 118.40 69.41
N ILE F 1452 66.66 117.08 69.35
CA ILE F 1452 65.54 116.14 69.20
C ILE F 1452 64.62 116.22 70.41
N VAL F 1453 65.18 116.21 71.63
CA VAL F 1453 64.33 116.30 72.82
C VAL F 1453 63.67 117.67 72.90
N SER F 1454 64.40 118.72 72.50
CA SER F 1454 63.81 120.05 72.49
C SER F 1454 62.59 120.11 71.58
N TYR F 1455 62.71 119.54 70.38
CA TYR F 1455 61.60 119.50 69.43
C TYR F 1455 60.44 118.68 69.98
N LEU F 1456 60.74 117.51 70.54
CA LEU F 1456 59.69 116.67 71.11
C LEU F 1456 58.91 117.40 72.19
N CYS F 1457 59.59 118.14 73.05
CA CYS F 1457 58.90 118.85 74.12
C CYS F 1457 58.25 120.12 73.62
N ASP F 1458 58.73 120.68 72.52
CA ASP F 1458 58.01 121.76 71.86
C ASP F 1458 56.69 121.27 71.31
N LEU F 1459 56.64 120.02 70.84
CA LEU F 1459 55.43 119.44 70.28
C LEU F 1459 54.48 118.90 71.35
N ALA F 1460 54.66 119.26 72.61
CA ALA F 1460 53.80 118.75 73.67
C ALA F 1460 53.28 119.89 74.54
N PRO F 1461 52.03 119.81 75.00
CA PRO F 1461 51.48 120.85 75.86
C PRO F 1461 51.75 120.59 77.33
N GLU F 1462 51.66 121.66 78.11
CA GLU F 1462 51.80 121.59 79.56
C GLU F 1462 50.47 121.21 80.20
N ALA F 1463 50.50 121.00 81.51
CA ALA F 1463 49.30 120.66 82.25
C ALA F 1463 48.29 121.81 82.26
N SER G 31 87.33 55.32 98.09
CA SER G 31 86.59 56.24 97.22
C SER G 31 85.88 55.48 96.10
N THR G 32 86.64 55.06 95.10
CA THR G 32 86.11 54.35 93.94
C THR G 32 87.26 53.65 93.24
N ALA G 33 87.00 52.45 92.74
CA ALA G 33 88.00 51.64 92.06
C ALA G 33 88.09 51.99 90.59
N ARG G 34 89.15 51.51 89.95
CA ARG G 34 89.32 51.66 88.51
C ARG G 34 89.88 50.39 87.92
N CYS G 35 89.29 49.94 86.83
CA CYS G 35 89.79 48.81 86.06
C CYS G 35 89.96 49.24 84.62
N SER G 36 90.99 48.70 83.98
CA SER G 36 91.33 49.14 82.63
C SER G 36 91.75 47.94 81.81
N LEU G 37 91.29 47.91 80.57
CA LEU G 37 91.77 46.98 79.55
C LEU G 37 92.32 47.82 78.41
N PHE G 38 93.63 47.77 78.22
CA PHE G 38 94.34 48.78 77.45
C PHE G 38 95.40 48.12 76.59
N GLY G 39 95.90 48.89 75.64
CA GLY G 39 96.88 48.35 74.74
C GLY G 39 96.24 47.28 73.86
N SER G 40 97.10 46.41 73.32
CA SER G 40 96.61 45.34 72.47
C SER G 40 95.92 44.26 73.29
N ASP G 41 96.58 43.76 74.33
CA ASP G 41 96.08 42.58 75.03
C ASP G 41 96.29 42.66 76.54
N PHE G 42 96.21 43.84 77.13
CA PHE G 42 96.57 44.02 78.53
C PHE G 42 95.37 44.37 79.38
N VAL G 43 95.47 44.04 80.67
CA VAL G 43 94.41 44.29 81.63
C VAL G 43 95.03 44.84 82.90
N ASN G 44 94.27 45.66 83.61
CA ASN G 44 94.66 46.17 84.92
C ASN G 44 93.48 46.02 85.87
N THR G 45 93.70 45.35 86.99
CA THR G 45 92.63 45.02 87.91
C THR G 45 92.31 46.19 88.83
N PHE G 46 91.24 46.04 89.61
CA PHE G 46 90.86 47.07 90.55
C PHE G 46 91.94 47.30 91.60
N ASP G 47 92.63 46.25 92.01
CA ASP G 47 93.61 46.34 93.08
C ASP G 47 95.03 46.54 92.57
N GLY G 48 95.21 46.69 91.27
CA GLY G 48 96.51 47.00 90.71
C GLY G 48 97.22 45.85 90.03
N SER G 49 96.77 44.62 90.22
CA SER G 49 97.36 43.51 89.49
C SER G 49 97.19 43.74 88.00
N MET G 50 98.25 43.48 87.24
CA MET G 50 98.28 43.83 85.83
C MET G 50 98.88 42.67 85.05
N TYR G 51 98.24 42.34 83.93
CA TYR G 51 98.62 41.15 83.17
C TYR G 51 98.13 41.30 81.74
N SER G 52 98.50 40.32 80.92
CA SER G 52 98.10 40.28 79.51
C SER G 52 97.15 39.12 79.27
N PHE G 53 96.16 39.35 78.41
CA PHE G 53 95.24 38.30 78.01
C PHE G 53 94.70 38.61 76.63
N ALA G 54 94.90 37.70 75.69
CA ALA G 54 94.39 37.84 74.33
C ALA G 54 93.17 36.94 74.18
N GLY G 55 92.01 37.46 74.58
CA GLY G 55 90.81 36.67 74.56
C GLY G 55 90.26 36.45 73.16
N TYR G 56 89.50 35.37 73.03
CA TYR G 56 88.81 35.05 71.78
C TYR G 56 87.30 34.94 71.97
N CYS G 57 86.80 35.28 73.15
CA CYS G 57 85.38 35.21 73.45
C CYS G 57 85.01 36.43 74.29
N SER G 58 83.85 36.39 74.93
CA SER G 58 83.43 37.42 75.86
C SER G 58 83.68 36.98 77.28
N TYR G 59 84.13 37.91 78.12
CA TYR G 59 84.54 37.60 79.47
C TYR G 59 83.95 38.59 80.46
N LEU G 60 83.71 38.12 81.66
CA LEU G 60 83.19 38.97 82.72
C LEU G 60 84.31 39.86 83.26
N LEU G 61 84.14 41.17 83.09
CA LEU G 61 85.12 42.10 83.64
C LEU G 61 84.83 42.40 85.10
N ALA G 62 83.59 42.64 85.45
CA ALA G 62 83.23 42.93 86.83
C ALA G 62 81.74 42.69 87.00
N GLY G 63 81.33 42.55 88.24
CA GLY G 63 79.93 42.37 88.54
C GLY G 63 79.74 41.83 89.93
N GLY G 64 78.50 41.88 90.38
CA GLY G 64 78.14 41.26 91.63
C GLY G 64 78.52 39.80 91.62
N CYS G 65 79.29 39.36 92.60
CA CYS G 65 80.02 38.11 92.42
C CYS G 65 79.26 36.93 93.00
N GLN G 66 78.49 37.14 94.07
CA GLN G 66 77.53 36.14 94.55
C GLN G 66 76.15 36.39 93.97
N LYS G 67 75.59 37.57 94.20
CA LYS G 67 74.32 37.99 93.61
C LYS G 67 74.61 39.01 92.53
N ARG G 68 74.54 38.57 91.27
CA ARG G 68 74.97 39.38 90.14
C ARG G 68 73.81 40.22 89.63
N SER G 69 73.61 41.36 90.29
CA SER G 69 72.58 42.29 89.85
C SER G 69 72.91 42.90 88.50
N PHE G 70 74.19 43.05 88.19
CA PHE G 70 74.61 43.54 86.87
C PHE G 70 75.90 42.85 86.49
N SER G 71 76.17 42.85 85.19
CA SER G 71 77.38 42.22 84.68
C SER G 71 78.00 43.12 83.64
N ILE G 72 79.29 43.42 83.79
CA ILE G 72 80.05 44.15 82.79
C ILE G 72 80.88 43.14 82.01
N ILE G 73 80.68 43.08 80.71
CA ILE G 73 81.22 42.01 79.89
C ILE G 73 82.04 42.62 78.77
N GLY G 74 83.30 42.22 78.68
CA GLY G 74 84.17 42.64 77.59
C GLY G 74 84.22 41.59 76.51
N ASP G 75 84.00 42.02 75.27
CA ASP G 75 83.95 41.14 74.12
C ASP G 75 85.23 41.28 73.32
N PHE G 76 85.83 40.16 72.95
CA PHE G 76 87.05 40.12 72.17
C PHE G 76 86.79 39.45 70.84
N GLN G 77 87.72 39.64 69.91
CA GLN G 77 87.66 38.96 68.62
C GLN G 77 89.06 38.90 68.05
N ASN G 78 89.57 37.69 67.85
CA ASN G 78 90.93 37.48 67.33
C ASN G 78 91.95 38.16 68.23
N GLY G 79 91.72 38.13 69.53
CA GLY G 79 92.62 38.73 70.49
C GLY G 79 92.37 40.20 70.76
N LYS G 80 91.70 40.90 69.85
CA LYS G 80 91.47 42.32 70.01
C LYS G 80 90.09 42.57 70.63
N ARG G 81 89.97 43.71 71.31
CA ARG G 81 88.72 44.10 71.92
C ARG G 81 87.79 44.68 70.87
N VAL G 82 86.50 44.38 70.98
CA VAL G 82 85.51 44.85 70.02
C VAL G 82 84.33 45.57 70.65
N SER G 83 84.00 45.33 71.91
CA SER G 83 82.85 45.98 72.51
C SER G 83 82.90 45.82 74.01
N LEU G 84 82.11 46.64 74.69
CA LEU G 84 81.98 46.59 76.15
C LEU G 84 80.49 46.49 76.45
N SER G 85 80.05 45.30 76.83
CA SER G 85 78.64 45.05 77.05
C SER G 85 78.31 45.10 78.54
N VAL G 86 77.06 45.40 78.83
CA VAL G 86 76.56 45.42 80.21
C VAL G 86 75.21 44.74 80.23
N TYR G 87 74.98 43.90 81.24
CA TYR G 87 73.72 43.22 81.44
C TYR G 87 73.23 43.55 82.83
N LEU G 88 71.95 43.92 82.94
CA LEU G 88 71.37 44.30 84.22
C LEU G 88 70.63 43.16 84.89
N GLY G 89 70.95 41.92 84.55
CA GLY G 89 70.24 40.81 85.14
C GLY G 89 69.21 40.21 84.22
N GLU G 90 69.57 40.04 82.95
CA GLU G 90 68.83 39.31 81.93
C GLU G 90 67.62 40.06 81.41
N PHE G 91 67.27 41.21 81.98
CA PHE G 91 66.14 41.96 81.46
C PHE G 91 66.57 43.12 80.58
N PHE G 92 67.82 43.55 80.66
CA PHE G 92 68.30 44.62 79.82
C PHE G 92 69.78 44.39 79.54
N ASP G 93 70.16 44.55 78.28
CA ASP G 93 71.53 44.40 77.86
C ASP G 93 71.85 45.49 76.86
N ILE G 94 73.08 45.99 76.91
CA ILE G 94 73.51 47.05 76.02
C ILE G 94 74.93 46.76 75.58
N HIS G 95 75.24 47.06 74.32
CA HIS G 95 76.50 46.67 73.70
C HIS G 95 77.15 47.91 73.10
N LEU G 96 78.14 48.45 73.79
CA LEU G 96 78.89 49.62 73.32
C LEU G 96 80.13 49.15 72.59
N PHE G 97 80.13 49.27 71.28
CA PHE G 97 81.26 48.83 70.49
C PHE G 97 82.34 49.89 70.44
N VAL G 98 83.54 49.47 70.05
CA VAL G 98 84.66 50.41 69.98
C VAL G 98 84.39 51.49 68.95
N ASN G 99 83.81 51.13 67.81
CA ASN G 99 83.51 52.13 66.78
C ASN G 99 82.13 52.73 66.93
N GLY G 100 81.85 53.23 68.15
CA GLY G 100 80.74 54.12 68.40
C GLY G 100 79.37 53.51 68.31
N THR G 101 79.23 52.31 67.75
CA THR G 101 77.92 51.71 67.57
C THR G 101 77.40 51.19 68.90
N VAL G 102 76.11 51.38 69.14
CA VAL G 102 75.45 50.88 70.33
C VAL G 102 74.23 50.08 69.90
N THR G 103 74.08 48.88 70.48
CA THR G 103 72.92 48.06 70.24
C THR G 103 72.32 47.62 71.56
N GLN G 104 71.00 47.81 71.71
CA GLN G 104 70.25 47.30 72.84
C GLN G 104 69.62 45.99 72.40
N GLY G 105 70.05 44.89 73.00
CA GLY G 105 69.80 43.60 72.39
C GLY G 105 70.53 43.51 71.08
N ASP G 106 69.84 43.07 70.03
CA ASP G 106 70.39 43.12 68.68
C ASP G 106 69.97 44.36 67.92
N GLN G 107 69.12 45.21 68.51
CA GLN G 107 68.63 46.39 67.84
C GLN G 107 69.59 47.55 68.03
N ARG G 108 69.96 48.21 66.94
CA ARG G 108 70.87 49.33 67.00
C ARG G 108 70.16 50.58 67.52
N VAL G 109 70.88 51.36 68.33
CA VAL G 109 70.37 52.61 68.85
C VAL G 109 71.48 53.66 68.71
N SER G 110 71.08 54.92 68.76
CA SER G 110 71.99 56.03 68.55
C SER G 110 72.26 56.78 69.85
N MET G 111 73.45 57.31 69.97
CA MET G 111 73.83 58.07 71.14
C MET G 111 73.42 59.54 70.98
N PRO G 112 73.13 60.24 72.07
CA PRO G 112 73.10 59.75 73.45
C PRO G 112 71.88 58.87 73.68
N TYR G 113 71.97 57.98 74.66
CA TYR G 113 70.91 57.03 74.94
C TYR G 113 70.76 56.92 76.45
N ALA G 114 69.52 56.85 76.91
CA ALA G 114 69.23 56.73 78.33
C ALA G 114 68.07 55.77 78.50
N SER G 115 68.25 54.79 79.38
CA SER G 115 67.20 53.81 79.65
C SER G 115 67.52 53.00 80.88
N LYS G 116 66.53 52.83 81.74
CA LYS G 116 66.59 51.91 82.88
C LYS G 116 67.84 52.16 83.71
N GLY G 117 68.16 53.42 83.93
CA GLY G 117 69.26 53.80 84.79
C GLY G 117 70.62 53.84 84.12
N LEU G 118 70.71 53.50 82.84
CA LEU G 118 71.97 53.51 82.11
C LEU G 118 71.99 54.68 81.15
N TYR G 119 73.10 55.40 81.15
CA TYR G 119 73.27 56.61 80.36
C TYR G 119 74.48 56.45 79.46
N LEU G 120 74.28 56.52 78.15
CA LEU G 120 75.37 56.48 77.19
C LEU G 120 75.57 57.88 76.65
N GLU G 121 76.79 58.40 76.80
CA GLU G 121 77.07 59.78 76.48
C GLU G 121 78.48 59.87 75.92
N THR G 122 78.71 60.86 75.07
CA THR G 122 80.03 61.09 74.49
C THR G 122 80.81 62.12 75.32
N GLU G 123 80.99 61.79 76.59
CA GLU G 123 81.68 62.70 77.51
C GLU G 123 83.14 62.84 77.13
N ALA G 124 83.59 64.09 76.98
CA ALA G 124 84.99 64.41 76.70
C ALA G 124 85.51 63.65 75.48
N GLY G 125 84.64 63.46 74.50
CA GLY G 125 85.01 62.81 73.27
C GLY G 125 85.16 61.30 73.37
N TYR G 126 84.87 60.70 74.52
CA TYR G 126 84.98 59.27 74.74
C TYR G 126 83.62 58.71 75.12
N TYR G 127 83.28 57.56 74.56
CA TYR G 127 81.96 56.96 74.75
C TYR G 127 81.81 56.51 76.19
N LYS G 128 80.93 57.18 76.93
CA LYS G 128 80.65 56.86 78.32
C LYS G 128 79.43 55.95 78.42
N LEU G 129 79.37 55.17 79.49
CA LEU G 129 78.20 54.35 79.79
C LEU G 129 78.06 54.37 81.31
N SER G 130 77.24 55.28 81.81
CA SER G 130 77.14 55.53 83.24
C SER G 130 76.02 54.73 83.86
N GLY G 131 76.29 54.20 85.05
CA GLY G 131 75.33 53.41 85.77
C GLY G 131 75.15 53.84 87.21
N GLU G 132 75.14 55.15 87.45
CA GLU G 132 75.17 55.71 88.80
C GLU G 132 74.31 54.93 89.79
N ALA G 133 73.07 54.60 89.40
CA ALA G 133 72.20 53.87 90.31
C ALA G 133 72.81 52.53 90.68
N TYR G 134 73.37 51.82 89.70
CA TYR G 134 74.02 50.54 89.95
C TYR G 134 75.41 50.68 90.53
N GLY G 135 75.97 51.89 90.52
CA GLY G 135 77.25 52.12 91.17
C GLY G 135 78.45 51.83 90.31
N PHE G 136 78.38 52.15 89.02
CA PHE G 136 79.51 51.93 88.14
C PHE G 136 79.49 52.94 87.01
N VAL G 137 80.67 53.19 86.44
CA VAL G 137 80.81 54.04 85.26
C VAL G 137 81.80 53.36 84.32
N ALA G 138 81.41 53.21 83.07
CA ALA G 138 82.26 52.59 82.06
C ALA G 138 82.59 53.59 80.96
N ARG G 139 83.68 53.34 80.26
CA ARG G 139 84.13 54.26 79.23
C ARG G 139 84.98 53.53 78.21
N ILE G 140 84.88 53.95 76.95
CA ILE G 140 85.76 53.52 75.89
C ILE G 140 86.41 54.76 75.30
N ASP G 141 87.74 54.78 75.28
CA ASP G 141 88.43 55.91 74.68
C ASP G 141 88.49 55.77 73.16
N GLY G 142 89.02 56.80 72.51
CA GLY G 142 89.05 56.82 71.05
C GLY G 142 89.91 55.74 70.44
N SER G 143 90.83 55.17 71.20
CA SER G 143 91.73 54.14 70.69
C SER G 143 91.27 52.73 71.04
N GLY G 144 90.15 52.58 71.73
CA GLY G 144 89.61 51.28 72.06
C GLY G 144 89.94 50.76 73.43
N ASN G 145 90.55 51.56 74.29
CA ASN G 145 90.86 51.12 75.64
C ASN G 145 89.61 51.19 76.51
N PHE G 146 89.27 50.08 77.15
CA PHE G 146 88.12 50.04 78.04
C PHE G 146 88.48 50.63 79.39
N GLN G 147 87.45 50.99 80.15
CA GLN G 147 87.64 51.53 81.49
C GLN G 147 86.38 51.21 82.30
N VAL G 148 86.56 50.86 83.56
CA VAL G 148 85.44 50.62 84.47
C VAL G 148 85.78 51.24 85.81
N LEU G 149 84.89 52.08 86.33
CA LEU G 149 84.99 52.61 87.67
C LEU G 149 83.84 52.05 88.50
N LEU G 150 84.17 51.42 89.61
CA LEU G 150 83.21 50.67 90.40
C LEU G 150 83.18 51.27 91.80
N SER G 151 81.99 51.50 92.32
CA SER G 151 81.85 52.22 93.58
C SER G 151 82.33 51.37 94.75
N ASP G 152 82.52 52.02 95.89
CA ASP G 152 83.03 51.37 97.08
C ASP G 152 82.09 50.29 97.61
N ARG G 153 80.81 50.37 97.27
CA ARG G 153 79.86 49.39 97.78
C ARG G 153 80.19 47.97 97.34
N TYR G 154 80.97 47.82 96.27
CA TYR G 154 81.38 46.52 95.77
C TYR G 154 82.75 46.11 96.27
N PHE G 155 83.23 46.71 97.35
CA PHE G 155 84.49 46.29 97.96
C PHE G 155 84.37 44.86 98.44
N ASN G 156 85.24 43.99 97.94
CA ASN G 156 85.34 42.60 98.37
C ASN G 156 84.13 41.79 97.98
N LYS G 157 83.36 42.26 96.99
CA LYS G 157 82.12 41.61 96.58
C LYS G 157 82.02 41.45 95.08
N THR G 158 83.10 41.63 94.34
CA THR G 158 83.08 41.51 92.89
C THR G 158 84.12 40.50 92.44
N CYS G 159 83.91 39.94 91.25
CA CYS G 159 84.88 39.03 90.67
C CYS G 159 84.73 39.02 89.16
N GLY G 160 85.85 38.89 88.48
CA GLY G 160 85.91 38.97 87.03
C GLY G 160 87.32 39.30 86.62
N LEU G 161 87.51 39.50 85.31
CA LEU G 161 88.85 39.79 84.81
C LEU G 161 89.48 40.97 85.54
N CYS G 162 88.67 41.94 85.95
CA CYS G 162 89.16 43.02 86.78
C CYS G 162 89.53 42.56 88.18
N GLY G 163 89.39 41.28 88.48
CA GLY G 163 89.70 40.78 89.80
C GLY G 163 88.69 41.22 90.83
N ASN G 164 88.90 40.73 92.04
CA ASN G 164 88.12 41.22 93.16
C ASN G 164 88.53 42.65 93.48
N PHE G 165 87.86 43.26 94.44
CA PHE G 165 88.19 44.63 94.85
C PHE G 165 88.45 44.62 96.35
N ASN G 166 89.69 44.28 96.70
CA ASN G 166 90.22 44.41 98.05
C ASN G 166 91.70 44.69 97.88
N ILE G 167 92.22 45.64 98.66
CA ILE G 167 93.50 46.28 98.36
C ILE G 167 94.61 45.26 98.14
N PHE G 168 94.50 44.09 98.74
CA PHE G 168 95.47 43.02 98.50
C PHE G 168 95.43 42.62 97.03
N ALA G 169 96.51 42.87 96.30
CA ALA G 169 96.53 42.64 94.87
C ALA G 169 96.90 41.20 94.52
N GLU G 170 97.58 40.49 95.41
CA GLU G 170 98.05 39.15 95.09
C GLU G 170 96.92 38.16 94.87
N ASP G 171 95.72 38.48 95.35
CA ASP G 171 94.58 37.56 95.30
C ASP G 171 93.58 37.90 94.20
N ASP G 172 94.00 38.64 93.18
CA ASP G 172 93.04 39.08 92.16
C ASP G 172 92.72 38.00 91.15
N PHE G 173 93.50 36.92 91.08
CA PHE G 173 93.34 35.94 90.02
C PHE G 173 92.39 34.81 90.39
N MET G 174 91.44 35.06 91.29
CA MET G 174 90.49 34.03 91.68
C MET G 174 89.68 33.58 90.46
N THR G 175 89.62 32.27 90.25
CA THR G 175 88.83 31.71 89.17
C THR G 175 87.36 31.64 89.57
N GLN G 176 86.50 31.44 88.59
CA GLN G 176 85.08 31.30 88.87
C GLN G 176 84.80 30.07 89.72
N GLU G 177 85.69 29.07 89.68
CA GLU G 177 85.56 27.91 90.56
C GLU G 177 85.88 28.24 92.00
N GLY G 178 86.37 29.44 92.29
CA GLY G 178 86.68 29.85 93.64
C GLY G 178 88.09 29.55 94.10
N THR G 179 89.03 29.35 93.18
CA THR G 179 90.40 29.02 93.51
C THR G 179 91.34 29.99 92.82
N LEU G 180 92.43 30.33 93.50
CA LEU G 180 93.47 31.15 92.90
C LEU G 180 94.25 30.35 91.85
N THR G 181 94.89 31.09 90.95
CA THR G 181 95.75 30.47 89.96
C THR G 181 96.86 31.43 89.59
N SER G 182 98.06 30.89 89.39
CA SER G 182 99.20 31.71 89.04
C SER G 182 99.24 32.06 87.56
N ASP G 183 98.36 31.48 86.76
CA ASP G 183 98.36 31.72 85.32
C ASP G 183 97.26 32.70 84.99
N PRO G 184 97.57 33.86 84.40
CA PRO G 184 96.50 34.77 83.99
C PRO G 184 95.48 34.14 83.06
N TYR G 185 95.93 33.26 82.16
CA TYR G 185 94.99 32.68 81.20
C TYR G 185 94.01 31.72 81.86
N ASP G 186 94.45 30.94 82.85
CA ASP G 186 93.51 30.11 83.58
C ASP G 186 92.40 30.97 84.18
N PHE G 187 92.78 32.06 84.85
CA PHE G 187 91.83 32.99 85.44
C PHE G 187 90.87 33.55 84.40
N ALA G 188 91.43 34.10 83.32
CA ALA G 188 90.60 34.75 82.31
C ALA G 188 89.64 33.75 81.66
N ASN G 189 90.16 32.60 81.24
CA ASN G 189 89.30 31.60 80.62
C ASN G 189 88.26 31.09 81.61
N SER G 190 88.59 31.06 82.90
CA SER G 190 87.59 30.74 83.90
C SER G 190 86.46 31.74 83.90
N TRP G 191 86.74 32.99 83.55
CA TRP G 191 85.71 34.01 83.49
C TRP G 191 85.17 34.25 82.09
N ALA G 192 85.16 33.23 81.22
CA ALA G 192 84.53 33.37 79.92
C ALA G 192 83.02 33.15 80.03
N LEU G 193 82.29 33.75 79.09
CA LEU G 193 80.83 33.62 79.05
C LEU G 193 80.42 33.36 77.61
N SER G 194 79.73 32.25 77.38
CA SER G 194 79.28 31.87 76.05
C SER G 194 77.83 32.27 75.85
N SER G 195 77.39 32.22 74.59
CA SER G 195 76.04 32.58 74.23
C SER G 195 75.53 31.60 73.18
N GLY G 196 74.33 31.86 72.70
CA GLY G 196 73.70 30.98 71.73
C GLY G 196 74.21 31.11 70.32
N GLU G 197 75.12 32.05 70.07
CA GLU G 197 75.75 32.17 68.77
C GLU G 197 77.26 32.28 68.89
N GLN G 198 77.81 32.08 70.08
CA GLN G 198 79.26 32.16 70.28
C GLN G 198 79.62 31.33 71.49
N TRP G 199 80.24 30.19 71.28
CA TRP G 199 80.69 29.33 72.37
C TRP G 199 82.21 29.43 72.49
N CYS G 200 82.68 29.65 73.71
CA CYS G 200 84.04 30.15 73.93
C CYS G 200 85.06 29.03 73.79
N GLU G 201 86.10 29.29 73.01
CA GLU G 201 87.25 28.41 72.94
C GLU G 201 88.26 28.77 74.02
N ARG G 202 89.05 27.78 74.44
CA ARG G 202 90.11 27.99 75.42
C ARG G 202 91.19 28.87 74.82
N ALA G 203 91.32 30.09 75.33
CA ALA G 203 92.36 30.98 74.86
C ALA G 203 93.70 30.61 75.46
N SER G 204 94.77 30.85 74.70
CA SER G 204 96.12 30.51 75.10
C SER G 204 97.05 31.63 74.66
N PRO G 205 98.21 31.76 75.30
CA PRO G 205 99.15 32.82 74.93
C PRO G 205 99.57 32.71 73.48
N PRO G 206 99.74 33.82 72.78
CA PRO G 206 100.18 33.77 71.39
C PRO G 206 101.69 33.64 71.28
N SER G 207 102.13 33.28 70.09
CA SER G 207 103.55 33.25 69.78
C SER G 207 104.09 34.68 69.65
N SER G 208 105.37 34.84 70.00
CA SER G 208 105.94 36.19 70.06
C SER G 208 107.44 36.13 69.84
N SER G 209 108.01 37.29 69.52
CA SER G 209 109.44 37.50 69.42
C SER G 209 109.86 38.60 70.38
N CYS G 210 110.97 38.39 71.08
CA CYS G 210 111.43 39.32 72.09
C CYS G 210 112.93 39.20 72.35
N MET G 217 112.70 43.21 71.15
CA MET G 217 113.48 44.14 71.97
C MET G 217 114.38 45.01 71.11
N GLN G 218 114.35 46.32 71.37
CA GLN G 218 115.21 47.26 70.66
C GLN G 218 115.50 48.44 71.56
N LYS G 219 116.78 48.79 71.68
CA LYS G 219 117.22 49.77 72.67
C LYS G 219 116.56 51.13 72.46
N GLY G 220 116.55 51.61 71.21
CA GLY G 220 115.96 52.90 70.93
C GLY G 220 114.51 52.98 71.34
N LEU G 221 113.76 51.90 71.12
CA LEU G 221 112.38 51.85 71.58
C LEU G 221 112.31 51.72 73.10
N TRP G 222 113.27 51.00 73.68
CA TRP G 222 113.29 50.76 75.12
C TRP G 222 113.47 52.06 75.90
N GLU G 223 114.17 53.04 75.32
CA GLU G 223 114.25 54.35 75.95
C GLU G 223 112.87 54.93 76.21
N GLN G 224 111.95 54.75 75.26
CA GLN G 224 110.61 55.29 75.42
C GLN G 224 109.93 54.72 76.64
N CYS G 225 110.06 53.41 76.87
CA CYS G 225 109.53 52.82 78.09
C CYS G 225 110.23 53.38 79.32
N GLN G 226 111.54 53.60 79.23
CA GLN G 226 112.25 54.18 80.37
C GLN G 226 111.81 55.60 80.67
N LEU G 227 111.08 56.24 79.77
CA LEU G 227 110.52 57.56 80.09
C LEU G 227 109.74 57.54 81.40
N LEU G 228 109.06 56.43 81.70
CA LEU G 228 108.28 56.35 82.92
C LEU G 228 109.12 56.59 84.17
N LYS G 229 110.40 56.27 84.11
CA LYS G 229 111.28 56.36 85.27
C LYS G 229 112.13 57.62 85.28
N SER G 230 112.52 58.11 84.10
CA SER G 230 113.52 59.17 84.01
C SER G 230 112.91 60.56 83.96
N THR G 231 111.69 60.70 83.44
CA THR G 231 111.12 62.01 83.18
C THR G 231 110.56 62.61 84.46
N SER G 232 110.70 63.93 84.61
CA SER G 232 110.28 64.60 85.84
C SER G 232 108.77 64.54 86.03
N VAL G 233 108.00 64.71 84.96
CA VAL G 233 106.55 64.76 85.12
C VAL G 233 106.02 63.43 85.66
N PHE G 234 106.51 62.32 85.13
CA PHE G 234 106.11 61.02 85.65
C PHE G 234 106.65 60.79 87.04
N ALA G 235 107.81 61.36 87.36
CA ALA G 235 108.42 61.17 88.66
C ALA G 235 107.54 61.72 89.78
N ARG G 236 106.59 62.60 89.45
CA ARG G 236 105.68 63.09 90.47
C ARG G 236 104.88 61.96 91.09
N CYS G 237 104.59 60.92 90.31
CA CYS G 237 103.65 59.89 90.70
C CYS G 237 104.28 58.73 91.45
N HIS G 238 105.61 58.65 91.48
CA HIS G 238 106.27 57.50 92.11
C HIS G 238 105.80 57.26 93.54
N PRO G 239 105.62 58.27 94.40
CA PRO G 239 105.11 57.98 95.75
C PRO G 239 103.75 57.32 95.75
N LEU G 240 102.95 57.49 94.70
CA LEU G 240 101.61 56.91 94.63
C LEU G 240 101.55 55.63 93.83
N VAL G 241 102.23 55.56 92.68
CA VAL G 241 102.14 54.41 91.79
C VAL G 241 103.55 54.00 91.40
N ASP G 242 103.90 52.76 91.69
CA ASP G 242 105.21 52.24 91.32
C ASP G 242 105.26 52.06 89.80
N PRO G 243 106.25 52.63 89.12
CA PRO G 243 106.28 52.53 87.65
C PRO G 243 106.82 51.21 87.13
N GLU G 244 107.45 50.39 87.97
CA GLU G 244 108.14 49.21 87.48
C GLU G 244 107.23 48.24 86.74
N PRO G 245 106.04 47.88 87.26
CA PRO G 245 105.16 46.99 86.48
C PRO G 245 104.83 47.55 85.11
N PHE G 246 104.59 48.86 85.04
CA PHE G 246 104.28 49.48 83.76
C PHE G 246 105.49 49.45 82.85
N VAL G 247 106.69 49.58 83.41
CA VAL G 247 107.90 49.51 82.59
C VAL G 247 108.06 48.13 81.99
N ALA G 248 107.84 47.09 82.80
CA ALA G 248 107.94 45.73 82.28
C ALA G 248 106.90 45.47 81.19
N LEU G 249 105.67 45.90 81.43
CA LEU G 249 104.62 45.75 80.42
C LEU G 249 105.00 46.49 79.14
N CYS G 250 105.58 47.68 79.29
CA CYS G 250 106.01 48.46 78.13
C CYS G 250 107.10 47.74 77.36
N GLU G 251 108.05 47.13 78.07
CA GLU G 251 109.11 46.40 77.40
C GLU G 251 108.55 45.24 76.60
N LYS G 252 107.63 44.48 77.19
CA LYS G 252 107.12 43.32 76.46
C LYS G 252 106.19 43.73 75.32
N THR G 253 105.49 44.86 75.44
CA THR G 253 104.71 45.31 74.29
C THR G 253 105.61 45.85 73.18
N LEU G 254 106.76 46.43 73.53
CA LEU G 254 107.75 46.76 72.50
C LEU G 254 108.24 45.51 71.79
N CYS G 255 108.47 44.44 72.55
CA CYS G 255 108.75 43.16 71.90
C CYS G 255 107.62 42.76 70.97
N GLU G 256 106.38 43.00 71.37
CA GLU G 256 105.24 42.74 70.51
C GLU G 256 105.05 43.82 69.45
N CYS G 257 105.75 44.95 69.56
CA CYS G 257 105.52 46.10 68.69
C CYS G 257 105.67 45.72 67.22
N ALA G 258 104.94 46.45 66.38
CA ALA G 258 105.05 46.36 64.93
C ALA G 258 105.10 47.76 64.30
N GLY G 259 105.70 48.70 65.02
CA GLY G 259 105.77 50.08 64.56
C GLY G 259 106.92 50.84 65.19
N GLY G 260 106.71 52.11 65.47
CA GLY G 260 107.74 52.98 66.01
C GLY G 260 107.59 53.21 67.50
N LEU G 261 108.00 54.41 67.94
CA LEU G 261 107.98 54.73 69.36
C LEU G 261 106.57 54.72 69.93
N GLU G 262 105.54 54.84 69.10
CA GLU G 262 104.17 54.90 69.60
C GLU G 262 103.77 53.62 70.33
N CYS G 263 104.49 52.52 70.11
CA CYS G 263 104.14 51.27 70.77
C CYS G 263 104.25 51.37 72.29
N ALA G 264 105.06 52.28 72.80
CA ALA G 264 105.17 52.47 74.24
C ALA G 264 104.04 53.29 74.81
N CYS G 265 103.26 53.96 73.96
CA CYS G 265 102.24 54.88 74.44
C CYS G 265 101.17 54.25 75.32
N PRO G 266 100.64 53.05 75.04
CA PRO G 266 99.61 52.51 75.93
C PRO G 266 100.04 52.42 77.38
N ALA G 267 101.27 52.01 77.64
CA ALA G 267 101.74 51.92 79.02
C ALA G 267 101.80 53.29 79.68
N LEU G 268 102.34 54.30 78.97
CA LEU G 268 102.42 55.64 79.51
C LEU G 268 101.03 56.20 79.79
N LEU G 269 100.10 56.00 78.86
CA LEU G 269 98.74 56.49 79.04
C LEU G 269 98.07 55.84 80.23
N GLU G 270 98.22 54.52 80.37
CA GLU G 270 97.61 53.82 81.50
C GLU G 270 98.25 54.25 82.81
N TYR G 271 99.56 54.49 82.81
CA TYR G 271 100.22 54.95 84.03
C TYR G 271 99.71 56.33 84.42
N ALA G 272 99.56 57.22 83.44
CA ALA G 272 99.03 58.55 83.73
C ALA G 272 97.61 58.47 84.26
N ARG G 273 96.79 57.58 83.69
CA ARG G 273 95.42 57.45 84.16
C ARG G 273 95.35 56.84 85.56
N THR G 274 96.23 55.88 85.85
CA THR G 274 96.30 55.34 87.20
C THR G 274 96.68 56.43 88.20
N CYS G 275 97.65 57.26 87.84
CA CYS G 275 98.06 58.36 88.70
C CYS G 275 96.90 59.33 88.92
N ALA G 276 96.19 59.66 87.85
CA ALA G 276 95.03 60.53 87.97
C ALA G 276 93.99 59.93 88.91
N GLN G 277 93.79 58.61 88.83
CA GLN G 277 92.88 57.95 89.75
C GLN G 277 93.38 58.09 91.20
N GLU G 278 94.68 57.94 91.41
CA GLU G 278 95.21 58.06 92.75
C GLU G 278 95.20 59.50 93.27
N GLY G 279 95.22 60.49 92.38
CA GLY G 279 95.08 61.86 92.79
C GLY G 279 95.95 62.86 92.03
N MET G 280 97.08 62.41 91.49
CA MET G 280 98.02 63.29 90.82
C MET G 280 97.75 63.24 89.31
N VAL G 281 97.26 64.34 88.76
CA VAL G 281 97.13 64.49 87.32
C VAL G 281 98.46 64.97 86.77
N LEU G 282 98.97 64.27 85.77
CA LEU G 282 100.32 64.52 85.25
C LEU G 282 100.25 65.45 84.04
N TYR G 283 99.79 66.68 84.29
CA TYR G 283 99.38 67.61 83.23
C TYR G 283 100.29 67.62 82.00
N GLY G 284 101.58 67.45 82.20
CA GLY G 284 102.54 67.60 81.12
C GLY G 284 103.04 66.34 80.46
N TRP G 285 102.46 65.17 80.73
CA TRP G 285 103.07 63.96 80.20
C TRP G 285 102.94 63.87 78.68
N THR G 286 101.91 64.48 78.10
CA THR G 286 101.73 64.40 76.66
C THR G 286 102.75 65.23 75.91
N ASP G 287 103.31 66.26 76.53
CA ASP G 287 104.29 67.11 75.85
C ASP G 287 105.68 66.52 75.90
N HIS G 288 106.10 65.99 77.05
CA HIS G 288 107.44 65.41 77.16
C HIS G 288 107.60 64.19 76.28
N SER G 289 106.60 63.32 76.26
CA SER G 289 106.64 62.11 75.45
C SER G 289 106.26 62.41 74.01
N ALA G 290 106.47 61.41 73.14
CA ALA G 290 106.10 61.50 71.74
C ALA G 290 104.67 61.05 71.49
N CYS G 291 103.91 60.73 72.54
CA CYS G 291 102.58 60.17 72.38
C CYS G 291 101.53 61.26 72.19
N SER G 292 100.43 60.86 71.58
CA SER G 292 99.29 61.75 71.35
C SER G 292 98.04 60.90 71.33
N PRO G 293 97.32 60.81 72.44
CA PRO G 293 96.10 59.99 72.47
C PRO G 293 95.11 60.43 71.42
N VAL G 294 94.44 59.45 70.81
CA VAL G 294 93.56 59.73 69.68
C VAL G 294 92.36 60.52 70.17
N CYS G 295 91.97 61.51 69.38
CA CYS G 295 90.77 62.31 69.64
C CYS G 295 90.04 62.51 68.32
N PRO G 296 88.73 62.75 68.36
CA PRO G 296 88.00 62.98 67.12
C PRO G 296 88.42 64.28 66.46
N ALA G 297 88.08 64.39 65.19
CA ALA G 297 88.58 65.48 64.36
C ALA G 297 88.33 66.84 65.01
N GLY G 298 89.39 67.64 65.10
CA GLY G 298 89.29 69.00 65.59
C GLY G 298 89.43 69.16 67.08
N MET G 299 89.34 68.09 67.86
CA MET G 299 89.43 68.19 69.31
C MET G 299 90.84 67.87 69.77
N GLU G 300 91.30 68.59 70.79
CA GLU G 300 92.59 68.37 71.39
C GLU G 300 92.47 67.43 72.59
N TYR G 301 93.49 66.60 72.78
CA TYR G 301 93.57 65.82 74.02
C TYR G 301 94.09 66.68 75.15
N ARG G 302 93.46 66.56 76.31
CA ARG G 302 93.90 67.34 77.45
C ARG G 302 93.58 66.58 78.73
N GLN G 303 94.45 66.73 79.73
CA GLN G 303 94.20 66.17 81.03
C GLN G 303 93.24 67.06 81.81
N CYS G 304 92.42 66.44 82.64
CA CYS G 304 91.54 67.16 83.56
C CYS G 304 90.54 68.03 82.80
N VAL G 305 89.89 67.45 81.80
CA VAL G 305 88.76 68.09 81.14
C VAL G 305 87.55 67.99 82.05
N SER G 306 86.87 69.11 82.25
CA SER G 306 85.68 69.09 83.08
C SER G 306 84.57 68.32 82.37
N PRO G 307 83.88 67.40 83.04
CA PRO G 307 82.83 66.64 82.36
C PRO G 307 81.71 67.52 81.83
N CYS G 308 81.45 68.66 82.46
CA CYS G 308 80.43 69.59 82.01
C CYS G 308 80.93 70.52 80.91
N ALA G 309 81.47 69.96 79.84
CA ALA G 309 81.97 70.78 78.74
C ALA G 309 80.84 71.54 78.08
N ARG G 310 81.15 72.76 77.62
CA ARG G 310 80.14 73.71 77.18
C ARG G 310 79.76 73.47 75.72
N THR G 311 78.59 72.87 75.53
CA THR G 311 77.86 72.96 74.28
C THR G 311 77.10 74.28 74.23
N CYS G 312 76.92 74.80 73.02
CA CYS G 312 76.17 76.04 72.87
C CYS G 312 74.78 75.93 73.49
N GLN G 313 73.97 74.99 73.00
CA GLN G 313 72.61 74.85 73.50
C GLN G 313 72.63 74.17 74.87
N SER G 314 73.23 74.87 75.83
CA SER G 314 73.33 74.38 77.19
C SER G 314 73.08 75.52 78.15
N LEU G 315 72.35 75.23 79.22
CA LEU G 315 72.10 76.24 80.24
C LEU G 315 73.37 76.53 81.02
N HIS G 316 73.56 77.79 81.36
CA HIS G 316 74.77 78.22 82.06
C HIS G 316 74.70 77.91 83.54
N ILE G 317 74.40 76.67 83.90
CA ILE G 317 74.29 76.25 85.29
C ILE G 317 75.63 75.64 85.68
N ASN G 318 76.52 76.48 86.20
CA ASN G 318 77.84 76.01 86.63
C ASN G 318 77.85 75.50 88.05
N GLU G 319 76.86 75.87 88.86
CA GLU G 319 76.81 75.43 90.26
C GLU G 319 76.53 73.94 90.37
N MET G 320 75.90 73.35 89.35
CA MET G 320 75.59 71.92 89.40
C MET G 320 76.85 71.06 89.25
N CYS G 321 77.87 71.58 88.58
CA CYS G 321 79.03 70.78 88.20
C CYS G 321 80.02 70.71 89.37
N GLN G 322 79.67 69.89 90.35
CA GLN G 322 80.54 69.63 91.49
C GLN G 322 81.46 68.43 91.26
N GLU G 323 81.36 67.78 90.10
CA GLU G 323 82.13 66.58 89.85
C GLU G 323 83.61 66.90 89.60
N ARG G 324 84.44 65.88 89.77
CA ARG G 324 85.86 66.02 89.46
C ARG G 324 86.06 65.99 87.95
N CYS G 325 87.24 66.45 87.53
CA CYS G 325 87.57 66.46 86.12
C CYS G 325 88.08 65.09 85.68
N VAL G 326 88.12 64.90 84.37
CA VAL G 326 88.60 63.65 83.77
C VAL G 326 89.51 63.99 82.60
N ASP G 327 90.35 63.04 82.25
CA ASP G 327 91.11 63.17 81.02
C ASP G 327 90.22 62.88 79.81
N GLY G 328 90.54 63.51 78.70
CA GLY G 328 89.76 63.31 77.50
C GLY G 328 90.03 64.41 76.49
N CYS G 329 89.17 64.45 75.48
CA CYS G 329 89.30 65.39 74.38
C CYS G 329 88.47 66.63 74.65
N SER G 330 88.92 67.75 74.09
CA SER G 330 88.23 69.02 74.26
C SER G 330 88.38 69.82 72.98
N CYS G 331 87.39 70.66 72.70
CA CYS G 331 87.52 71.59 71.61
C CYS G 331 88.56 72.65 71.95
N PRO G 332 89.26 73.17 70.95
CA PRO G 332 90.26 74.21 71.22
C PRO G 332 89.64 75.40 71.94
N GLU G 333 90.48 76.11 72.66
CA GLU G 333 90.01 77.22 73.50
C GLU G 333 89.23 78.23 72.66
N GLY G 334 88.10 78.68 73.19
CA GLY G 334 87.24 79.61 72.51
C GLY G 334 86.18 78.97 71.65
N GLN G 335 86.31 77.70 71.31
CA GLN G 335 85.30 77.00 70.52
C GLN G 335 84.36 76.23 71.44
N LEU G 336 83.20 75.87 70.88
CA LEU G 336 82.16 75.17 71.61
C LEU G 336 81.69 73.98 70.80
N LEU G 337 81.11 73.01 71.50
CA LEU G 337 80.57 71.81 70.86
C LEU G 337 79.20 72.10 70.26
N ASP G 338 78.91 71.43 69.15
CA ASP G 338 77.61 71.53 68.50
C ASP G 338 77.39 70.24 67.73
N GLU G 339 76.56 69.34 68.28
CA GLU G 339 76.33 68.03 67.70
C GLU G 339 77.64 67.27 67.51
N GLY G 340 78.53 67.40 68.49
CA GLY G 340 79.80 66.73 68.48
C GLY G 340 80.91 67.45 67.75
N LEU G 341 80.58 68.40 66.89
CA LEU G 341 81.58 69.17 66.19
C LEU G 341 81.92 70.44 66.98
N CYS G 342 83.12 70.95 66.75
CA CYS G 342 83.58 72.16 67.43
C CYS G 342 83.29 73.36 66.55
N VAL G 343 82.67 74.39 67.12
CA VAL G 343 82.29 75.59 66.41
C VAL G 343 82.70 76.80 67.24
N GLU G 344 82.83 77.93 66.56
CA GLU G 344 83.11 79.18 67.24
C GLU G 344 81.90 79.60 68.07
N SER G 345 82.16 80.33 69.15
CA SER G 345 81.09 80.73 70.04
C SER G 345 80.02 81.55 69.32
N THR G 346 80.43 82.36 68.34
CA THR G 346 79.50 83.17 67.58
C THR G 346 78.92 82.45 66.37
N GLU G 347 79.54 81.34 65.95
CA GLU G 347 79.12 80.62 64.76
C GLU G 347 77.94 79.70 65.02
N CYS G 348 77.63 79.43 66.23
CA CYS G 348 76.85 78.24 66.50
C CYS G 348 75.37 78.53 66.63
N PRO G 349 74.54 77.57 66.22
CA PRO G 349 73.16 77.88 65.82
C PRO G 349 72.15 77.83 66.97
N CYS G 350 70.93 78.22 66.65
CA CYS G 350 69.75 78.04 67.49
C CYS G 350 69.07 76.73 67.13
N VAL G 351 68.26 76.25 68.07
CA VAL G 351 67.50 75.02 67.89
C VAL G 351 66.02 75.33 68.07
N HIS G 352 65.20 74.80 67.16
CA HIS G 352 63.76 74.90 67.29
C HIS G 352 63.12 73.72 66.57
N SER G 353 62.08 73.15 67.18
CA SER G 353 61.35 72.04 66.60
C SER G 353 62.27 70.86 66.28
N GLY G 354 63.35 70.72 67.03
CA GLY G 354 64.32 69.69 66.77
C GLY G 354 65.26 69.99 65.62
N LYS G 355 65.16 71.16 65.00
CA LYS G 355 66.01 71.56 63.89
C LYS G 355 66.95 72.66 64.35
N ARG G 356 68.12 72.71 63.72
CA ARG G 356 69.11 73.75 63.99
C ARG G 356 69.13 74.74 62.85
N TYR G 357 69.15 76.04 63.19
CA TYR G 357 69.16 77.09 62.20
C TYR G 357 70.35 78.00 62.44
N PRO G 358 71.06 78.41 61.39
CA PRO G 358 72.22 79.29 61.57
C PRO G 358 71.79 80.64 62.14
N PRO G 359 72.73 81.40 62.70
CA PRO G 359 72.38 82.73 63.21
C PRO G 359 71.88 83.63 62.09
N GLY G 360 70.99 84.54 62.45
CA GLY G 360 70.40 85.46 61.51
C GLY G 360 69.18 84.94 60.78
N THR G 361 68.89 83.64 60.88
CA THR G 361 67.71 83.11 60.23
C THR G 361 66.45 83.60 60.93
N SER G 362 65.38 83.71 60.17
CA SER G 362 64.10 84.19 60.66
C SER G 362 63.04 83.11 60.47
N LEU G 363 62.23 82.91 61.51
CA LEU G 363 61.12 81.98 61.47
C LEU G 363 59.84 82.72 61.80
N SER G 364 58.78 82.38 61.09
CA SER G 364 57.49 83.01 61.29
C SER G 364 56.60 82.16 62.19
N ARG G 365 55.79 82.84 62.99
CA ARG G 365 54.76 82.19 63.82
C ARG G 365 53.51 83.04 63.64
N ASP G 366 52.70 82.69 62.65
CA ASP G 366 51.65 83.57 62.16
C ASP G 366 52.23 84.93 61.79
N CYS G 367 51.71 85.99 62.40
CA CYS G 367 52.13 87.34 62.06
C CYS G 367 53.44 87.73 62.72
N ASN G 368 53.96 86.93 63.64
CA ASN G 368 55.21 87.23 64.32
C ASN G 368 56.38 86.57 63.60
N THR G 369 57.57 87.10 63.86
CA THR G 369 58.81 86.50 63.37
C THR G 369 59.79 86.39 64.53
N CYS G 370 60.64 85.36 64.46
CA CYS G 370 61.64 85.08 65.48
C CYS G 370 63.00 85.00 64.81
N ILE G 371 63.97 85.75 65.32
CA ILE G 371 65.30 85.85 64.73
C ILE G 371 66.29 85.11 65.63
N CYS G 372 67.10 84.24 65.03
CA CYS G 372 68.13 83.53 65.77
C CYS G 372 69.32 84.44 65.99
N ARG G 373 69.60 84.76 67.24
CA ARG G 373 70.77 85.55 67.60
C ARG G 373 71.42 84.91 68.82
N ASN G 374 72.73 84.74 68.78
CA ASN G 374 73.44 83.89 69.74
C ASN G 374 72.78 82.52 69.68
N SER G 375 72.45 81.90 70.79
CA SER G 375 71.68 80.67 70.77
C SER G 375 70.18 80.92 70.93
N GLN G 376 69.77 82.15 71.12
CA GLN G 376 68.40 82.50 71.45
C GLN G 376 67.64 82.95 70.22
N TRP G 377 66.32 83.03 70.38
CA TRP G 377 65.43 83.56 69.36
C TRP G 377 64.86 84.88 69.84
N ILE G 378 64.89 85.89 68.98
CA ILE G 378 64.31 87.18 69.27
C ILE G 378 62.98 87.23 68.53
N CYS G 379 61.88 87.21 69.28
CA CYS G 379 60.55 87.02 68.72
C CYS G 379 59.75 88.32 68.76
N SER G 380 58.73 88.38 67.90
CA SER G 380 58.11 89.65 67.56
C SER G 380 57.06 90.15 68.55
N ASN G 381 56.57 89.32 69.45
CA ASN G 381 55.72 89.77 70.56
C ASN G 381 54.60 90.72 70.12
N GLU G 382 53.81 90.30 69.13
CA GLU G 382 52.69 91.11 68.68
C GLU G 382 51.47 90.22 68.52
N GLU G 383 50.29 90.84 68.61
CA GLU G 383 49.04 90.12 68.48
C GLU G 383 48.75 89.80 67.02
N CYS G 384 48.34 88.57 66.76
CA CYS G 384 47.96 88.12 65.44
C CYS G 384 46.46 87.93 65.36
N PRO G 385 45.89 87.79 64.15
CA PRO G 385 44.44 87.65 64.04
C PRO G 385 43.93 86.45 64.80
N GLY G 386 42.77 86.62 65.44
CA GLY G 386 42.15 85.55 66.19
C GLY G 386 41.15 84.78 65.36
N GLU G 387 41.20 83.46 65.46
CA GLU G 387 40.33 82.56 64.70
C GLU G 387 39.53 81.71 65.67
N CYS G 388 38.25 82.00 65.81
CA CYS G 388 37.35 81.12 66.54
C CYS G 388 36.75 80.11 65.57
N LEU G 389 36.50 78.91 66.05
CA LEU G 389 36.12 77.81 65.17
C LEU G 389 35.05 76.95 65.82
N VAL G 390 34.02 76.63 65.05
CA VAL G 390 33.07 75.58 65.38
C VAL G 390 33.08 74.59 64.24
N THR G 391 33.45 73.35 64.51
CA THR G 391 33.87 72.49 63.41
C THR G 391 33.32 71.08 63.48
N GLY G 392 32.17 70.87 64.10
CA GLY G 392 31.66 69.52 64.11
C GLY G 392 30.52 69.32 65.07
N GLN G 393 30.57 68.24 65.84
CA GLN G 393 29.55 67.98 66.84
C GLN G 393 29.79 68.87 68.06
N SER G 394 29.73 70.17 67.83
CA SER G 394 29.85 71.18 68.87
C SER G 394 31.26 71.25 69.44
N HIS G 395 32.26 71.01 68.61
CA HIS G 395 33.64 71.29 68.98
C HIS G 395 33.97 72.74 68.71
N PHE G 396 34.64 73.38 69.66
CA PHE G 396 34.92 74.79 69.62
C PHE G 396 36.41 75.05 69.76
N LYS G 397 36.85 76.17 69.21
CA LYS G 397 38.14 76.74 69.55
C LYS G 397 37.93 78.22 69.82
N SER G 398 38.29 78.66 71.01
CA SER G 398 38.18 80.08 71.32
C SER G 398 39.22 80.87 70.53
N PHE G 399 39.07 82.18 70.55
CA PHE G 399 40.06 83.03 69.90
C PHE G 399 41.45 82.86 70.49
N ASP G 400 41.54 82.39 71.73
CA ASP G 400 42.80 82.14 72.41
C ASP G 400 43.20 80.67 72.39
N ASN G 401 42.63 79.90 71.47
CA ASN G 401 43.02 78.50 71.25
C ASN G 401 42.63 77.59 72.41
N ARG G 402 41.54 77.90 73.11
CA ARG G 402 41.00 76.96 74.08
C ARG G 402 40.01 76.05 73.39
N TYR G 403 40.39 74.80 73.20
CA TYR G 403 39.51 73.82 72.62
C TYR G 403 38.54 73.29 73.67
N PHE G 404 37.28 73.11 73.26
CA PHE G 404 36.30 72.52 74.15
C PHE G 404 35.13 72.04 73.32
N THR G 405 34.32 71.18 73.92
CA THR G 405 33.10 70.67 73.33
C THR G 405 31.96 70.94 74.28
N PHE G 406 30.82 71.40 73.76
CA PHE G 406 29.77 71.84 74.66
C PHE G 406 28.43 71.14 74.42
N SER G 407 28.03 70.91 73.17
CA SER G 407 26.86 70.09 72.84
C SER G 407 25.55 70.62 73.40
N GLY G 408 25.43 71.92 73.62
CA GLY G 408 24.17 72.48 74.05
C GLY G 408 23.22 72.70 72.88
N ILE G 409 21.92 72.65 73.17
CA ILE G 409 20.90 72.82 72.14
C ILE G 409 20.13 74.10 72.42
N CYS G 410 20.59 75.20 71.84
CA CYS G 410 19.93 76.50 71.91
C CYS G 410 20.62 77.43 70.93
N GLN G 411 20.20 78.69 70.93
CA GLN G 411 20.92 79.75 70.25
C GLN G 411 21.90 80.38 71.24
N TYR G 412 23.19 80.31 70.93
CA TYR G 412 24.24 80.74 71.83
C TYR G 412 25.02 81.88 71.21
N LEU G 413 25.43 82.84 72.02
CA LEU G 413 26.21 83.98 71.56
C LEU G 413 27.63 83.52 71.30
N LEU G 414 27.96 83.31 70.03
CA LEU G 414 29.27 82.76 69.69
C LEU G 414 30.37 83.81 69.88
N ALA G 415 30.18 85.00 69.31
CA ALA G 415 31.17 86.05 69.44
C ALA G 415 30.49 87.39 69.24
N ARG G 416 30.82 88.35 70.10
CA ARG G 416 30.23 89.67 70.01
C ARG G 416 31.26 90.68 70.48
N ASP G 417 31.17 91.89 69.95
CA ASP G 417 32.00 93.01 70.40
C ASP G 417 31.24 93.72 71.52
N CYS G 418 31.41 93.23 72.75
CA CYS G 418 30.71 93.83 73.87
C CYS G 418 31.19 95.23 74.19
N GLN G 419 32.28 95.69 73.59
CA GLN G 419 32.79 97.03 73.88
C GLN G 419 32.16 98.09 73.00
N ASP G 420 32.12 97.87 71.69
CA ASP G 420 31.58 98.83 70.74
C ASP G 420 30.38 98.32 69.95
N HIS G 421 30.01 97.06 70.12
CA HIS G 421 28.87 96.46 69.41
C HIS G 421 29.00 96.58 67.90
N SER G 422 30.23 96.42 67.41
CA SER G 422 30.47 96.45 65.98
C SER G 422 29.76 95.31 65.25
N PHE G 423 29.60 94.17 65.91
CA PHE G 423 29.01 92.98 65.32
C PHE G 423 28.51 92.08 66.43
N SER G 424 27.76 91.05 66.04
CA SER G 424 27.22 90.08 67.00
C SER G 424 26.88 88.81 66.25
N ILE G 425 27.54 87.70 66.59
CA ILE G 425 27.38 86.42 65.90
C ILE G 425 26.69 85.44 66.83
N VAL G 426 25.64 84.80 66.34
CA VAL G 426 24.87 83.83 67.11
C VAL G 426 24.75 82.54 66.30
N ILE G 427 24.87 81.41 66.97
CA ILE G 427 24.77 80.10 66.33
C ILE G 427 23.56 79.36 66.87
N GLU G 428 22.85 78.67 65.98
CA GLU G 428 21.71 77.85 66.36
C GLU G 428 22.14 76.38 66.30
N THR G 429 22.14 75.72 67.45
CA THR G 429 22.58 74.34 67.56
C THR G 429 21.38 73.40 67.68
N VAL G 430 21.45 72.28 66.98
CA VAL G 430 20.42 71.26 67.03
C VAL G 430 21.12 69.92 67.18
N GLN G 431 20.38 68.95 67.72
CA GLN G 431 20.85 67.58 67.68
C GLN G 431 20.95 67.13 66.24
N CYS G 432 22.10 66.59 65.86
CA CYS G 432 22.38 66.31 64.47
C CYS G 432 22.41 64.82 64.17
N ALA G 433 21.92 64.00 65.08
CA ALA G 433 21.79 62.55 64.87
C ALA G 433 20.93 62.01 65.99
N ASP G 434 20.79 60.68 66.02
CA ASP G 434 20.01 60.04 67.06
C ASP G 434 20.67 60.17 68.42
N ASP G 435 21.99 60.13 68.47
CA ASP G 435 22.71 60.15 69.74
C ASP G 435 22.51 61.47 70.45
N ARG G 436 22.43 61.41 71.78
CA ARG G 436 22.38 62.62 72.57
C ARG G 436 23.65 63.45 72.42
N ASP G 437 24.77 62.80 72.10
CA ASP G 437 26.05 63.49 71.99
C ASP G 437 26.24 64.19 70.66
N ALA G 438 25.38 63.95 69.68
CA ALA G 438 25.53 64.54 68.34
C ALA G 438 24.73 65.83 68.28
N VAL G 439 25.38 66.94 68.57
CA VAL G 439 24.78 68.26 68.48
C VAL G 439 25.70 69.13 67.64
N CYS G 440 25.19 69.70 66.56
CA CYS G 440 26.00 70.53 65.69
C CYS G 440 25.21 71.74 65.25
N THR G 441 25.93 72.78 64.81
CA THR G 441 25.31 74.05 64.46
C THR G 441 24.52 73.93 63.17
N ARG G 442 23.28 74.40 63.18
CA ARG G 442 22.44 74.36 62.00
C ARG G 442 22.58 75.63 61.17
N SER G 443 22.49 76.79 61.82
CA SER G 443 22.52 78.06 61.11
C SER G 443 23.26 79.08 61.96
N VAL G 444 23.72 80.14 61.30
CA VAL G 444 24.47 81.22 61.93
C VAL G 444 23.75 82.53 61.67
N THR G 445 23.77 83.42 62.64
CA THR G 445 23.12 84.73 62.54
C THR G 445 24.12 85.80 62.92
N VAL G 446 24.18 86.87 62.13
CA VAL G 446 25.14 87.95 62.31
C VAL G 446 24.42 89.28 62.28
N ARG G 447 24.51 90.05 63.36
CA ARG G 447 24.01 91.41 63.38
C ARG G 447 25.15 92.37 63.10
N LEU G 448 24.86 93.40 62.31
CA LEU G 448 25.83 94.40 61.90
C LEU G 448 25.22 95.77 62.18
N PRO G 449 25.23 96.22 63.44
CA PRO G 449 24.53 97.47 63.76
C PRO G 449 24.95 98.66 62.92
N GLY G 450 26.23 98.74 62.55
CA GLY G 450 26.69 99.86 61.75
C GLY G 450 26.14 99.85 60.35
N LEU G 451 25.74 98.69 59.85
CA LEU G 451 25.08 98.56 58.55
C LEU G 451 23.56 98.55 58.72
N HIS G 452 23.07 99.66 59.27
CA HIS G 452 21.65 99.91 59.53
C HIS G 452 20.95 98.74 60.23
N ASN G 453 21.67 98.11 61.16
CA ASN G 453 21.20 96.94 61.92
C ASN G 453 20.80 95.76 61.04
N SER G 454 21.57 95.54 59.98
CA SER G 454 21.38 94.37 59.12
C SER G 454 21.52 93.06 59.91
N LEU G 455 20.66 92.10 59.57
CA LEU G 455 20.63 90.77 60.20
C LEU G 455 20.86 89.69 59.15
N VAL G 456 22.11 89.34 58.90
CA VAL G 456 22.43 88.25 57.98
C VAL G 456 22.22 86.91 58.68
N LYS G 457 21.64 85.95 57.98
CA LYS G 457 21.51 84.58 58.46
C LYS G 457 22.17 83.63 57.48
N LEU G 458 23.22 82.95 57.91
CA LEU G 458 23.85 81.91 57.11
C LEU G 458 23.17 80.58 57.42
N LYS G 459 22.55 79.99 56.42
CA LYS G 459 21.65 78.85 56.58
C LYS G 459 22.36 77.55 56.27
N HIS G 460 21.73 76.45 56.68
CA HIS G 460 22.19 75.13 56.32
C HIS G 460 22.12 74.95 54.81
N GLY G 461 23.10 74.26 54.25
CA GLY G 461 23.22 74.18 52.82
C GLY G 461 23.95 75.33 52.17
N ALA G 462 24.49 76.26 52.96
CA ALA G 462 25.29 77.39 52.50
C ALA G 462 24.47 78.49 51.85
N GLY G 463 23.18 78.52 52.09
CA GLY G 463 22.38 79.66 51.68
C GLY G 463 22.55 80.83 52.62
N VAL G 464 22.14 82.00 52.17
CA VAL G 464 22.21 83.23 52.95
C VAL G 464 20.89 83.97 52.84
N ALA G 465 20.44 84.53 53.94
CA ALA G 465 19.34 85.48 53.94
C ALA G 465 19.80 86.77 54.62
N MET G 466 19.16 87.88 54.24
CA MET G 466 19.45 89.17 54.84
C MET G 466 18.14 89.87 55.15
N ASP G 467 17.95 90.23 56.42
CA ASP G 467 16.68 90.76 56.92
C ASP G 467 15.49 89.91 56.48
N GLY G 468 15.71 88.59 56.43
CA GLY G 468 14.70 87.64 56.01
C GLY G 468 14.57 87.45 54.52
N GLN G 469 15.13 88.33 53.71
CA GLN G 469 15.14 88.15 52.26
C GLN G 469 16.25 87.16 51.90
N ASP G 470 15.91 86.07 51.23
CA ASP G 470 16.95 85.23 50.66
C ASP G 470 17.66 85.99 49.54
N VAL G 471 18.98 85.98 49.57
CA VAL G 471 19.79 86.82 48.70
C VAL G 471 20.69 85.96 47.82
N GLN G 472 21.03 86.52 46.67
CA GLN G 472 21.79 85.87 45.63
C GLN G 472 23.21 86.40 45.66
N LEU G 473 24.20 85.51 45.57
CA LEU G 473 25.59 85.83 45.84
C LEU G 473 26.41 85.87 44.55
N PRO G 474 27.49 86.68 44.51
CA PRO G 474 28.04 87.53 45.56
C PRO G 474 27.23 88.77 45.87
N LEU G 475 27.27 89.19 47.13
CA LEU G 475 26.59 90.38 47.61
C LEU G 475 27.62 91.40 48.05
N LEU G 476 27.59 92.58 47.43
CA LEU G 476 28.39 93.73 47.83
C LEU G 476 27.45 94.81 48.32
N LYS G 477 27.58 95.21 49.58
CA LYS G 477 26.63 96.15 50.17
C LYS G 477 27.36 96.96 51.24
N GLY G 478 27.92 98.08 50.84
CA GLY G 478 28.76 98.85 51.75
C GLY G 478 30.01 98.08 52.11
N ASP G 479 30.34 98.07 53.41
CA ASP G 479 31.46 97.30 53.91
C ASP G 479 31.21 95.80 53.87
N LEU G 480 29.96 95.36 53.87
CA LEU G 480 29.63 93.93 53.86
C LEU G 480 29.86 93.32 52.48
N ARG G 481 30.54 92.18 52.45
CA ARG G 481 30.81 91.41 51.25
C ARG G 481 30.57 89.94 51.57
N ILE G 482 29.82 89.25 50.71
CA ILE G 482 29.53 87.84 50.88
C ILE G 482 29.70 87.15 49.53
N GLN G 483 30.41 86.02 49.52
CA GLN G 483 30.67 85.35 48.27
C GLN G 483 30.98 83.89 48.52
N HIS G 484 30.75 83.07 47.49
CA HIS G 484 31.05 81.65 47.55
C HIS G 484 32.55 81.41 47.42
N THR G 485 33.11 80.61 48.31
CA THR G 485 34.48 80.16 48.19
C THR G 485 34.56 79.03 47.16
N VAL G 486 35.78 78.72 46.73
CA VAL G 486 35.99 77.60 45.80
C VAL G 486 35.44 76.30 46.38
N THR G 487 35.44 76.17 47.71
CA THR G 487 34.88 75.01 48.38
C THR G 487 33.36 75.01 48.44
N ALA G 488 32.71 75.99 47.82
CA ALA G 488 31.27 76.26 47.92
C ALA G 488 30.88 76.82 49.27
N SER G 489 31.83 77.07 50.15
CA SER G 489 31.54 77.66 51.44
C SER G 489 31.31 79.16 51.29
N VAL G 490 30.34 79.68 52.03
CA VAL G 490 30.05 81.10 52.02
C VAL G 490 31.07 81.83 52.86
N ARG G 491 31.75 82.81 52.27
CA ARG G 491 32.70 83.66 52.97
C ARG G 491 32.12 85.06 53.13
N LEU G 492 32.02 85.52 54.37
CA LEU G 492 31.49 86.84 54.67
C LEU G 492 32.63 87.71 55.19
N SER G 493 32.63 88.97 54.79
CA SER G 493 33.60 89.95 55.24
C SER G 493 32.88 91.24 55.56
N TYR G 494 33.33 91.95 56.59
CA TYR G 494 32.72 93.21 56.98
C TYR G 494 33.82 94.17 57.38
N GLY G 495 34.16 95.09 56.48
CA GLY G 495 35.39 95.84 56.58
C GLY G 495 36.60 94.95 56.36
N GLU G 496 37.68 95.30 57.04
CA GLU G 496 38.87 94.45 57.12
C GLU G 496 38.91 93.59 58.37
N ASP G 497 38.25 94.02 59.44
CA ASP G 497 38.46 93.51 60.79
C ASP G 497 37.61 92.30 61.15
N LEU G 498 36.59 91.96 60.37
CA LEU G 498 35.78 90.77 60.63
C LEU G 498 35.64 89.94 59.37
N GLN G 499 35.79 88.63 59.52
CA GLN G 499 35.55 87.71 58.43
C GLN G 499 35.01 86.41 58.99
N MET G 500 34.21 85.71 58.17
CA MET G 500 33.60 84.45 58.54
C MET G 500 33.63 83.53 57.33
N ASP G 501 33.61 82.22 57.58
CA ASP G 501 33.62 81.25 56.51
C ASP G 501 32.75 80.07 56.92
N TRP G 502 31.62 79.90 56.24
CA TRP G 502 30.55 78.99 56.63
C TRP G 502 30.39 77.93 55.55
N ASP G 503 30.60 76.67 55.91
CA ASP G 503 30.52 75.61 54.93
C ASP G 503 29.13 75.08 54.69
N GLY G 504 28.16 75.44 55.53
CA GLY G 504 26.81 75.01 55.36
C GLY G 504 26.47 73.68 56.00
N ARG G 505 27.47 72.89 56.36
CA ARG G 505 27.22 71.61 57.02
C ARG G 505 27.36 71.70 58.53
N GLY G 506 27.96 72.77 59.03
CA GLY G 506 28.09 72.94 60.46
C GLY G 506 29.41 73.52 60.89
N ARG G 507 30.34 73.70 59.96
CA ARG G 507 31.64 74.28 60.27
C ARG G 507 31.61 75.78 60.05
N LEU G 508 32.02 76.53 61.07
CA LEU G 508 32.10 77.98 61.01
C LEU G 508 33.45 78.42 61.53
N LEU G 509 34.16 79.24 60.76
CA LEU G 509 35.42 79.83 61.15
C LEU G 509 35.30 81.35 61.14
N VAL G 510 35.50 81.98 62.30
CA VAL G 510 35.42 83.43 62.45
C VAL G 510 36.82 83.97 62.66
N LYS G 511 37.25 84.88 61.79
CA LYS G 511 38.56 85.50 61.88
C LYS G 511 38.42 86.98 62.20
N LEU G 512 38.95 87.41 63.34
CA LEU G 512 39.00 88.81 63.72
C LEU G 512 40.42 89.34 63.63
N SER G 513 40.56 90.56 63.10
CA SER G 513 41.84 91.25 63.13
C SER G 513 42.16 91.68 64.56
N PRO G 514 43.41 92.06 64.84
CA PRO G 514 43.79 92.50 66.19
C PRO G 514 43.00 93.68 66.72
N VAL G 515 42.25 94.39 65.87
CA VAL G 515 41.46 95.53 66.31
C VAL G 515 40.46 95.14 67.39
N TYR G 516 39.97 93.91 67.37
CA TYR G 516 38.99 93.43 68.34
C TYR G 516 39.60 92.72 69.54
N ALA G 517 40.91 92.68 69.67
CA ALA G 517 41.53 92.00 70.80
C ALA G 517 41.05 92.61 72.11
N GLY G 518 40.63 91.75 73.04
CA GLY G 518 40.12 92.18 74.32
C GLY G 518 38.70 92.71 74.29
N LYS G 519 38.20 93.10 73.13
CA LYS G 519 36.85 93.66 73.02
C LYS G 519 35.77 92.59 72.88
N THR G 520 36.14 91.34 72.67
CA THR G 520 35.21 90.30 72.26
C THR G 520 34.59 89.63 73.49
N CYS G 521 33.49 88.93 73.25
CA CYS G 521 32.73 88.27 74.31
C CYS G 521 31.88 87.18 73.66
N GLY G 522 31.52 86.19 74.46
CA GLY G 522 30.76 85.05 73.98
C GLY G 522 31.52 83.76 74.14
N LEU G 523 30.97 82.69 73.54
CA LEU G 523 31.62 81.38 73.61
C LEU G 523 33.04 81.42 73.11
N CYS G 524 33.34 82.26 72.13
CA CYS G 524 34.69 82.33 71.59
C CYS G 524 35.68 82.99 72.53
N GLY G 525 35.24 83.52 73.65
CA GLY G 525 36.14 84.13 74.60
C GLY G 525 36.39 85.59 74.31
N ASN G 526 37.22 86.19 75.15
CA ASN G 526 37.50 87.62 75.09
C ASN G 526 38.67 87.99 74.19
N TYR G 527 39.30 87.01 73.53
CA TYR G 527 40.34 87.27 72.53
C TYR G 527 41.42 88.18 73.10
N ASN G 528 42.12 87.68 74.12
CA ASN G 528 43.19 88.42 74.77
C ASN G 528 44.45 87.58 74.94
N GLY G 529 44.62 86.53 74.13
CA GLY G 529 45.84 85.76 74.17
C GLY G 529 46.01 84.85 75.37
N ASN G 530 44.93 84.59 76.11
CA ASN G 530 45.00 83.79 77.32
C ASN G 530 43.88 82.77 77.30
N GLN G 531 44.25 81.48 77.45
CA GLN G 531 43.24 80.43 77.55
C GLN G 531 42.55 80.44 78.90
N GLY G 532 43.21 80.98 79.92
CA GLY G 532 42.74 80.80 81.28
C GLY G 532 41.37 81.38 81.55
N ASP G 533 41.03 82.51 80.91
CA ASP G 533 39.79 83.21 81.21
C ASP G 533 38.75 83.05 80.10
N ASP G 534 38.92 82.06 79.23
CA ASP G 534 37.97 81.93 78.13
C ASP G 534 36.62 81.38 78.58
N PHE G 535 36.55 80.74 79.74
CA PHE G 535 35.27 80.35 80.30
C PHE G 535 34.62 81.46 81.10
N LEU G 536 34.98 82.70 80.86
CA LEU G 536 34.26 83.84 81.45
C LEU G 536 32.81 83.81 81.04
N THR G 537 31.97 84.42 81.85
CA THR G 537 30.53 84.47 81.65
C THR G 537 30.06 85.89 81.87
N PRO G 538 28.88 86.26 81.37
CA PRO G 538 28.37 87.62 81.60
C PRO G 538 28.27 87.98 83.06
N SER G 539 28.27 87.01 83.96
CA SER G 539 28.31 87.30 85.39
C SER G 539 29.63 87.90 85.82
N GLY G 540 30.66 87.84 84.98
CA GLY G 540 31.96 88.38 85.31
C GLY G 540 32.94 87.39 85.90
N LEU G 541 32.52 86.16 86.18
CA LEU G 541 33.39 85.14 86.74
C LEU G 541 33.59 84.02 85.74
N ALA G 542 34.70 83.31 85.89
CA ALA G 542 35.04 82.21 85.00
C ALA G 542 34.51 80.90 85.58
N GLU G 543 33.68 80.22 84.81
CA GLU G 543 33.12 78.95 85.25
C GLU G 543 34.15 77.84 85.05
N PRO G 544 34.43 77.04 86.08
CA PRO G 544 35.37 75.92 85.90
C PRO G 544 34.84 74.80 85.02
N ARG G 545 33.54 74.78 84.76
CA ARG G 545 32.89 73.71 84.00
C ARG G 545 32.42 74.24 82.67
N VAL G 546 32.66 73.47 81.61
CA VAL G 546 32.22 73.91 80.28
C VAL G 546 30.71 74.00 80.22
N GLU G 547 30.00 73.11 80.92
CA GLU G 547 28.55 73.11 80.87
C GLU G 547 27.96 74.42 81.38
N ASP G 548 28.37 74.85 82.57
CA ASP G 548 27.88 76.11 83.12
C ASP G 548 28.28 77.29 82.25
N PHE G 549 29.54 77.31 81.80
CA PHE G 549 30.01 78.38 80.92
C PHE G 549 29.11 78.51 79.70
N GLY G 550 28.88 77.41 78.99
CA GLY G 550 28.05 77.48 77.80
C GLY G 550 26.61 77.83 78.10
N ASN G 551 26.07 77.30 79.20
CA ASN G 551 24.70 77.65 79.57
C ASN G 551 24.56 79.13 79.87
N ALA G 552 25.64 79.77 80.31
CA ALA G 552 25.56 81.19 80.60
C ALA G 552 25.35 82.05 79.37
N TRP G 553 25.72 81.55 78.19
CA TRP G 553 25.63 82.31 76.95
C TRP G 553 24.43 81.93 76.10
N LYS G 554 23.50 81.14 76.62
CA LYS G 554 22.31 80.79 75.86
C LYS G 554 21.31 81.93 75.85
N LEU G 555 20.70 82.16 74.70
CA LEU G 555 19.86 83.34 74.49
C LEU G 555 18.45 83.16 75.03
N HIS G 556 17.92 81.95 75.02
CA HIS G 556 16.52 81.70 75.30
C HIS G 556 16.37 80.93 76.60
N GLY G 557 15.50 81.43 77.48
CA GLY G 557 15.40 80.86 78.81
C GLY G 557 14.76 79.49 78.85
N ASP G 558 13.93 79.16 77.87
CA ASP G 558 13.27 77.86 77.85
C ASP G 558 14.16 76.74 77.36
N CYS G 559 15.37 77.06 76.89
CA CYS G 559 16.30 76.02 76.46
C CYS G 559 16.75 75.18 77.66
N GLN G 560 17.06 73.92 77.37
CA GLN G 560 17.58 73.03 78.41
C GLN G 560 18.96 73.46 78.83
N ASP G 561 19.17 73.59 80.13
CA ASP G 561 20.51 73.82 80.66
C ASP G 561 21.28 72.51 80.64
N LEU G 562 22.42 72.49 79.97
CA LEU G 562 23.18 71.26 79.81
C LEU G 562 23.70 70.80 81.15
N GLN G 563 23.34 69.58 81.55
CA GLN G 563 23.71 69.09 82.87
C GLN G 563 25.13 68.51 82.88
N LYS G 564 25.43 67.62 81.94
CA LYS G 564 26.76 67.04 81.85
C LYS G 564 27.16 66.91 80.39
N GLN G 565 28.40 67.26 80.09
CA GLN G 565 28.95 67.12 78.75
C GLN G 565 29.66 65.78 78.68
N HIS G 566 28.93 64.75 78.23
CA HIS G 566 29.49 63.41 78.19
C HIS G 566 30.52 63.29 77.08
N SER G 567 31.76 63.00 77.47
CA SER G 567 32.78 62.64 76.49
C SER G 567 32.61 61.17 76.10
N ASP G 568 33.35 60.78 75.07
CA ASP G 568 33.37 59.39 74.61
C ASP G 568 31.96 58.90 74.30
N PRO G 569 31.33 59.37 73.22
CA PRO G 569 30.04 58.82 72.81
C PRO G 569 30.12 57.38 72.35
N CYS G 570 31.32 56.84 72.15
CA CYS G 570 31.48 55.48 71.69
C CYS G 570 30.84 54.47 72.65
N ALA G 571 30.68 54.83 73.92
CA ALA G 571 30.05 53.93 74.88
C ALA G 571 28.64 53.60 74.46
N LEU G 572 27.91 54.57 73.90
CA LEU G 572 26.53 54.34 73.51
C LEU G 572 26.44 53.50 72.24
N ASN G 573 27.45 53.55 71.39
CA ASN G 573 27.50 52.75 70.18
C ASN G 573 28.83 52.02 70.15
N PRO G 574 28.95 50.91 70.88
CA PRO G 574 30.22 50.18 70.90
C PRO G 574 30.66 49.69 69.54
N ARG G 575 29.74 49.46 68.61
CA ARG G 575 30.12 48.95 67.31
C ARG G 575 31.11 49.86 66.60
N MET G 576 31.04 51.16 66.85
CA MET G 576 31.84 52.14 66.13
C MET G 576 33.19 52.41 66.78
N THR G 577 33.48 51.81 67.94
CA THR G 577 34.71 52.17 68.65
C THR G 577 35.95 51.72 67.88
N ARG G 578 35.94 50.52 67.31
CA ARG G 578 37.09 50.03 66.57
C ARG G 578 37.38 50.93 65.37
N PHE G 579 36.34 51.24 64.60
CA PHE G 579 36.51 52.13 63.46
C PHE G 579 36.99 53.49 63.89
N SER G 580 36.41 54.03 64.96
CA SER G 580 36.83 55.34 65.44
C SER G 580 38.32 55.36 65.72
N GLU G 581 38.79 54.41 66.53
CA GLU G 581 40.21 54.38 66.84
C GLU G 581 41.06 54.22 65.58
N GLU G 582 40.78 53.18 64.79
CA GLU G 582 41.66 52.83 63.69
C GLU G 582 41.62 53.83 62.56
N ALA G 583 40.56 54.64 62.46
CA ALA G 583 40.46 55.62 61.40
C ALA G 583 41.02 56.97 61.84
N CYS G 584 40.59 57.46 63.01
CA CYS G 584 41.09 58.73 63.48
C CYS G 584 42.55 58.66 63.91
N ALA G 585 43.13 57.47 64.03
CA ALA G 585 44.55 57.38 64.33
C ALA G 585 45.42 57.97 63.23
N VAL G 586 44.87 58.17 62.02
CA VAL G 586 45.69 58.68 60.92
C VAL G 586 46.21 60.07 61.23
N LEU G 587 45.52 60.82 62.09
CA LEU G 587 46.00 62.15 62.45
C LEU G 587 47.38 62.12 63.07
N THR G 588 47.78 61.01 63.67
CA THR G 588 49.11 60.86 64.25
C THR G 588 50.06 60.07 63.36
N SER G 589 49.61 59.65 62.19
CA SER G 589 50.42 58.85 61.29
C SER G 589 51.46 59.73 60.61
N PRO G 590 52.49 59.14 60.00
CA PRO G 590 53.45 59.95 59.24
C PRO G 590 52.81 60.83 58.18
N THR G 591 51.57 60.53 57.78
CA THR G 591 50.85 61.41 56.86
C THR G 591 50.78 62.83 57.38
N PHE G 592 50.70 62.99 58.70
CA PHE G 592 50.57 64.30 59.32
C PHE G 592 51.77 64.68 60.16
N GLU G 593 52.82 63.85 60.21
CA GLU G 593 53.98 64.19 61.02
C GLU G 593 54.62 65.50 60.58
N ALA G 594 54.42 65.89 59.32
CA ALA G 594 54.93 67.17 58.87
C ALA G 594 54.25 68.32 59.58
N CYS G 595 53.08 68.09 60.18
CA CYS G 595 52.31 69.14 60.83
C CYS G 595 52.34 69.09 62.34
N HIS G 596 52.70 67.96 62.94
CA HIS G 596 52.65 67.83 64.40
C HIS G 596 53.45 68.93 65.08
N ARG G 597 54.55 69.36 64.46
CA ARG G 597 55.31 70.45 65.04
C ARG G 597 54.53 71.75 65.02
N ALA G 598 53.81 72.01 63.92
CA ALA G 598 53.10 73.28 63.77
C ALA G 598 51.83 73.32 64.62
N VAL G 599 51.03 72.26 64.59
CA VAL G 599 49.77 72.22 65.31
C VAL G 599 49.69 70.94 66.11
N SER G 600 49.29 71.05 67.36
CA SER G 600 49.16 69.87 68.20
C SER G 600 47.98 69.03 67.72
N PRO G 601 48.19 67.75 67.42
CA PRO G 601 47.10 66.93 66.88
C PRO G 601 46.15 66.39 67.93
N LEU G 602 46.45 66.58 69.22
CA LEU G 602 45.64 65.93 70.25
C LEU G 602 44.21 66.42 70.29
N PRO G 603 43.93 67.73 70.30
CA PRO G 603 42.52 68.17 70.31
C PRO G 603 41.77 67.69 69.09
N TYR G 604 42.41 67.72 67.92
CA TYR G 604 41.75 67.28 66.72
C TYR G 604 41.52 65.78 66.73
N LEU G 605 42.40 65.02 67.37
CA LEU G 605 42.18 63.58 67.53
C LEU G 605 40.98 63.31 68.43
N ARG G 606 40.90 64.01 69.56
CA ARG G 606 39.74 63.87 70.43
C ARG G 606 38.46 64.19 69.68
N ASN G 607 38.46 65.30 68.95
CA ASN G 607 37.29 65.70 68.19
C ASN G 607 36.94 64.68 67.12
N CYS G 608 37.96 64.14 66.44
CA CYS G 608 37.71 63.15 65.41
C CYS G 608 37.03 61.91 65.97
N ARG G 609 37.56 61.39 67.07
CA ARG G 609 36.96 60.19 67.64
C ARG G 609 35.54 60.45 68.13
N TYR G 610 35.33 61.59 68.81
CA TYR G 610 33.99 61.96 69.22
C TYR G 610 33.03 62.00 68.04
N ASP G 611 33.44 62.69 66.97
CA ASP G 611 32.58 62.85 65.81
C ASP G 611 32.26 61.51 65.17
N VAL G 612 33.28 60.69 64.93
CA VAL G 612 33.05 59.42 64.26
C VAL G 612 32.13 58.54 65.09
N CYS G 613 32.27 58.58 66.40
CA CYS G 613 31.40 57.74 67.24
C CYS G 613 29.99 58.29 67.34
N SER G 614 29.79 59.60 67.23
CA SER G 614 28.46 60.17 67.49
C SER G 614 27.70 60.56 66.23
N CYS G 615 28.33 60.62 65.07
CA CYS G 615 27.69 61.19 63.90
C CYS G 615 26.71 60.21 63.26
N SER G 616 25.83 60.77 62.43
CA SER G 616 24.93 59.94 61.64
C SER G 616 25.70 59.07 60.66
N ASP G 617 26.68 59.65 59.98
CA ASP G 617 27.55 58.93 59.06
C ASP G 617 28.99 59.12 59.53
N GLY G 618 29.64 58.02 59.87
CA GLY G 618 31.00 58.12 60.38
C GLY G 618 32.01 58.50 59.33
N ARG G 619 31.75 58.14 58.07
CA ARG G 619 32.68 58.49 57.01
C ARG G 619 32.72 59.99 56.77
N GLU G 620 31.55 60.61 56.68
CA GLU G 620 31.49 62.05 56.45
C GLU G 620 32.15 62.81 57.59
N CYS G 621 31.91 62.41 58.83
CA CYS G 621 32.52 63.11 59.95
C CYS G 621 34.00 62.81 60.08
N LEU G 622 34.43 61.61 59.68
CA LEU G 622 35.85 61.33 59.60
C LEU G 622 36.53 62.31 58.64
N CYS G 623 35.95 62.49 57.46
CA CYS G 623 36.49 63.45 56.51
C CYS G 623 36.46 64.85 57.08
N GLY G 624 35.38 65.20 57.77
CA GLY G 624 35.29 66.52 58.37
C GLY G 624 36.40 66.79 59.36
N ALA G 625 36.65 65.84 60.25
CA ALA G 625 37.69 66.03 61.26
C ALA G 625 39.08 66.08 60.65
N LEU G 626 39.36 65.17 59.71
CA LEU G 626 40.66 65.18 59.05
C LEU G 626 40.86 66.49 58.29
N ALA G 627 39.82 66.97 57.62
CA ALA G 627 39.92 68.24 56.92
C ALA G 627 40.11 69.39 57.88
N SER G 628 39.50 69.32 59.07
CA SER G 628 39.70 70.36 60.06
C SER G 628 41.17 70.44 60.47
N TYR G 629 41.77 69.29 60.77
CA TYR G 629 43.19 69.31 61.15
C TYR G 629 44.05 69.78 59.99
N ALA G 630 43.76 69.34 58.78
CA ALA G 630 44.52 69.78 57.62
C ALA G 630 44.38 71.28 57.40
N ALA G 631 43.19 71.81 57.67
CA ALA G 631 42.98 73.25 57.55
C ALA G 631 43.77 74.02 58.59
N ALA G 632 43.85 73.49 59.81
CA ALA G 632 44.72 74.12 60.81
C ALA G 632 46.18 74.12 60.35
N CYS G 633 46.64 72.98 59.81
CA CYS G 633 48.00 72.90 59.30
C CYS G 633 48.24 73.94 58.21
N ALA G 634 47.30 74.05 57.27
CA ALA G 634 47.43 75.04 56.21
C ALA G 634 47.45 76.46 56.78
N GLY G 635 46.66 76.70 57.81
CA GLY G 635 46.72 78.00 58.48
C GLY G 635 48.09 78.29 59.04
N ARG G 636 48.77 77.27 59.55
CA ARG G 636 50.17 77.39 59.93
C ARG G 636 51.12 77.23 58.77
N GLY G 637 50.63 77.27 57.53
CA GLY G 637 51.49 77.24 56.37
C GLY G 637 51.99 75.87 55.96
N VAL G 638 51.51 74.81 56.57
CA VAL G 638 51.92 73.44 56.24
C VAL G 638 50.78 72.79 55.48
N ARG G 639 51.08 72.29 54.28
CA ARG G 639 50.09 71.62 53.45
C ARG G 639 50.39 70.14 53.40
N VAL G 640 49.38 69.33 53.68
CA VAL G 640 49.51 67.88 53.74
C VAL G 640 48.61 67.24 52.70
N ALA G 641 49.19 66.35 51.89
CA ALA G 641 48.43 65.61 50.88
C ALA G 641 47.78 64.40 51.54
N TRP G 642 46.72 64.67 52.29
CA TRP G 642 46.12 63.65 53.12
C TRP G 642 44.98 62.89 52.46
N ARG G 643 44.32 63.48 51.47
CA ARG G 643 43.24 62.77 50.79
C ARG G 643 43.79 61.67 49.90
N GLU G 644 43.07 60.56 49.85
CA GLU G 644 43.47 59.39 49.07
C GLU G 644 42.22 58.67 48.63
N PRO G 645 42.33 57.74 47.66
CA PRO G 645 41.13 57.00 47.22
C PRO G 645 40.37 56.33 48.34
N GLY G 646 41.08 55.83 49.34
CA GLY G 646 40.42 55.18 50.45
C GLY G 646 39.81 56.13 51.46
N ARG G 647 40.02 57.43 51.32
CA ARG G 647 39.48 58.37 52.30
C ARG G 647 39.35 59.76 51.68
N CYS G 648 38.11 60.23 51.56
CA CYS G 648 37.82 61.66 51.49
C CYS G 648 38.42 62.33 50.24
N GLU G 649 38.19 61.73 49.07
CA GLU G 649 38.52 62.43 47.84
C GLU G 649 37.41 63.39 47.47
N LEU G 650 37.81 64.57 46.95
CA LEU G 650 36.85 65.53 46.43
C LEU G 650 36.50 65.15 44.99
N ASN G 651 35.27 64.72 44.77
CA ASN G 651 34.81 64.38 43.44
C ASN G 651 34.29 65.66 42.79
N CYS G 652 35.14 66.30 41.99
CA CYS G 652 34.84 67.64 41.50
C CYS G 652 33.76 67.59 40.43
N PRO G 653 32.91 68.61 40.38
CA PRO G 653 31.85 68.64 39.35
C PRO G 653 32.44 68.70 37.95
N LYS G 654 31.75 68.03 37.02
CA LYS G 654 32.00 68.11 35.58
C LYS G 654 33.50 67.95 35.33
N GLY G 655 34.12 68.80 34.51
CA GLY G 655 35.52 68.68 34.16
C GLY G 655 36.48 69.42 35.05
N GLN G 656 36.02 69.98 36.17
CA GLN G 656 36.91 70.68 37.07
C GLN G 656 37.92 69.70 37.68
N VAL G 657 39.10 70.21 37.99
CA VAL G 657 40.21 69.39 38.47
C VAL G 657 40.52 69.79 39.90
N TYR G 658 40.72 68.80 40.77
CA TYR G 658 41.09 69.05 42.15
C TYR G 658 42.52 69.53 42.24
N LEU G 659 42.73 70.62 42.96
CA LEU G 659 44.06 71.14 43.26
C LEU G 659 44.23 71.26 44.77
N GLN G 660 45.40 70.87 45.25
CA GLN G 660 45.73 71.05 46.65
C GLN G 660 46.06 72.49 46.99
N CYS G 661 46.57 73.25 46.02
CA CYS G 661 46.93 74.66 46.22
C CYS G 661 46.64 75.39 44.91
N GLY G 662 45.45 75.97 44.83
CA GLY G 662 45.05 76.73 43.67
C GLY G 662 44.64 78.15 44.02
N THR G 663 44.70 79.05 43.05
CA THR G 663 44.42 80.45 43.33
C THR G 663 42.98 80.78 43.00
N PRO G 664 42.23 81.38 43.94
CA PRO G 664 40.82 81.67 43.67
C PRO G 664 40.59 82.96 42.92
N CYS G 665 41.59 83.82 42.80
CA CYS G 665 41.36 85.20 42.36
C CYS G 665 40.82 85.26 40.94
N ASN G 666 41.30 84.39 40.06
CA ASN G 666 40.95 84.44 38.64
C ASN G 666 40.24 83.19 38.17
N LEU G 667 39.34 82.64 38.98
CA LEU G 667 38.63 81.44 38.59
C LEU G 667 37.32 81.75 37.86
N THR G 668 36.51 82.62 38.43
CA THR G 668 35.19 82.93 37.88
C THR G 668 35.28 84.02 36.83
N CYS G 669 34.28 84.04 35.95
CA CYS G 669 34.27 85.03 34.87
C CYS G 669 33.97 86.43 35.39
N ARG G 670 33.36 86.54 36.58
CA ARG G 670 33.25 87.84 37.21
C ARG G 670 34.60 88.49 37.42
N SER G 671 35.65 87.69 37.63
CA SER G 671 37.00 88.23 37.69
C SER G 671 37.38 88.92 36.40
N LEU G 672 36.96 88.35 35.26
CA LEU G 672 37.15 89.04 34.00
C LEU G 672 36.33 90.32 33.94
N SER G 673 35.09 90.27 34.40
CA SER G 673 34.24 91.45 34.31
C SER G 673 34.67 92.56 35.26
N TYR G 674 35.38 92.22 36.33
CA TYR G 674 35.88 93.21 37.29
C TYR G 674 37.36 92.95 37.54
N PRO G 675 38.22 93.25 36.55
CA PRO G 675 39.65 92.96 36.72
C PRO G 675 40.35 93.90 37.68
N ASP G 676 39.83 95.08 37.92
CA ASP G 676 40.46 96.06 38.78
C ASP G 676 40.13 95.86 40.26
N GLU G 677 39.25 94.92 40.58
CA GLU G 677 39.00 94.58 41.98
C GLU G 677 40.18 93.77 42.50
N GLU G 678 40.93 94.34 43.43
CA GLU G 678 42.17 93.73 43.87
C GLU G 678 41.90 92.42 44.61
N CYS G 679 42.76 91.43 44.37
CA CYS G 679 42.66 90.12 45.00
C CYS G 679 44.05 89.60 45.27
N ASN G 680 44.35 89.36 46.55
CA ASN G 680 45.66 88.88 46.96
C ASN G 680 45.56 87.62 47.81
N GLU G 681 44.45 86.89 47.70
CA GLU G 681 44.18 85.78 48.59
C GLU G 681 45.13 84.62 48.33
N ALA G 682 45.55 83.97 49.41
CA ALA G 682 46.43 82.81 49.31
C ALA G 682 45.71 81.64 48.65
N CYS G 683 46.50 80.66 48.20
CA CYS G 683 45.92 79.51 47.53
C CYS G 683 45.18 78.63 48.53
N LEU G 684 44.31 77.77 48.00
CA LEU G 684 43.53 76.87 48.83
C LEU G 684 43.20 75.64 48.01
N GLU G 685 42.89 74.54 48.71
CA GLU G 685 42.48 73.33 48.03
C GLU G 685 41.01 73.44 47.61
N GLY G 686 40.69 72.78 46.51
CA GLY G 686 39.33 72.80 46.01
C GLY G 686 39.31 72.35 44.57
N CYS G 687 38.16 72.60 43.93
CA CYS G 687 37.96 72.24 42.54
C CYS G 687 38.12 73.49 41.68
N PHE G 688 39.04 73.43 40.72
CA PHE G 688 39.34 74.56 39.86
C PHE G 688 39.24 74.10 38.40
N CYS G 689 38.97 75.05 37.54
CA CYS G 689 38.98 74.76 36.11
C CYS G 689 40.42 74.64 35.62
N PRO G 690 40.64 73.87 34.55
CA PRO G 690 41.99 73.75 33.98
C PRO G 690 42.58 75.12 33.67
N PRO G 691 43.90 75.21 33.49
CA PRO G 691 44.54 76.53 33.47
C PRO G 691 44.02 77.48 32.42
N GLY G 692 43.56 76.99 31.28
CA GLY G 692 43.14 77.86 30.22
C GLY G 692 41.68 78.25 30.21
N LEU G 693 40.90 77.85 31.21
CA LEU G 693 39.47 78.03 31.21
C LEU G 693 39.01 78.76 32.46
N TYR G 694 38.00 79.61 32.30
CA TYR G 694 37.33 80.26 33.41
C TYR G 694 36.03 79.53 33.71
N MET G 695 35.43 79.87 34.84
CA MET G 695 34.24 79.18 35.33
C MET G 695 33.05 80.14 35.33
N ASP G 696 31.93 79.69 34.76
CA ASP G 696 30.73 80.50 34.66
C ASP G 696 29.77 80.18 35.81
N GLU G 697 28.54 80.70 35.71
CA GLU G 697 27.56 80.49 36.77
C GLU G 697 27.16 79.02 36.87
N ARG G 698 27.07 78.33 35.75
CA ARG G 698 26.67 76.93 35.77
C ARG G 698 27.75 76.02 36.34
N GLY G 699 28.93 76.55 36.62
CA GLY G 699 30.04 75.72 37.02
C GLY G 699 30.81 75.11 35.86
N ASP G 700 30.41 75.42 34.64
CA ASP G 700 31.11 74.89 33.47
C ASP G 700 32.36 75.70 33.21
N CYS G 701 33.43 75.01 32.83
CA CYS G 701 34.68 75.67 32.49
C CYS G 701 34.62 76.14 31.05
N VAL G 702 34.85 77.43 30.82
CA VAL G 702 34.70 78.02 29.49
C VAL G 702 35.93 78.86 29.19
N PRO G 703 36.35 78.96 27.93
CA PRO G 703 37.36 79.94 27.57
C PRO G 703 36.86 81.35 27.78
N LYS G 704 37.80 82.27 28.01
CA LYS G 704 37.41 83.64 28.32
C LYS G 704 36.57 84.26 27.21
N ALA G 705 36.70 83.75 25.99
CA ALA G 705 35.87 84.25 24.90
C ALA G 705 34.40 83.93 25.11
N GLN G 706 34.08 82.93 25.92
CA GLN G 706 32.71 82.49 26.13
C GLN G 706 32.10 82.96 27.45
N CYS G 707 32.87 83.61 28.30
CA CYS G 707 32.31 84.15 29.53
C CYS G 707 31.29 85.23 29.23
N PRO G 708 30.20 85.29 29.99
CA PRO G 708 29.35 86.47 29.94
C PRO G 708 29.96 87.65 30.66
N CYS G 709 29.43 88.83 30.38
CA CYS G 709 29.88 90.07 30.99
C CYS G 709 28.86 90.54 32.00
N TYR G 710 29.32 90.87 33.20
CA TYR G 710 28.46 91.38 34.26
C TYR G 710 28.58 92.90 34.29
N TYR G 711 27.47 93.58 34.07
CA TYR G 711 27.47 95.04 34.00
C TYR G 711 26.25 95.55 34.75
N ASP G 712 26.47 96.41 35.74
CA ASP G 712 25.40 96.97 36.56
C ASP G 712 24.53 95.87 37.17
N GLY G 713 25.13 94.72 37.44
CA GLY G 713 24.39 93.61 38.00
C GLY G 713 23.56 92.83 37.01
N GLU G 714 23.76 93.07 35.72
CA GLU G 714 23.06 92.34 34.66
C GLU G 714 24.05 91.51 33.88
N ILE G 715 23.62 90.33 33.45
CA ILE G 715 24.50 89.36 32.82
C ILE G 715 24.28 89.43 31.32
N PHE G 716 25.33 89.79 30.58
CA PHE G 716 25.27 89.89 29.14
C PHE G 716 26.10 88.78 28.50
N GLN G 717 25.58 88.22 27.42
CA GLN G 717 26.23 87.13 26.73
C GLN G 717 27.38 87.66 25.87
N PRO G 718 28.28 86.78 25.44
CA PRO G 718 29.37 87.23 24.57
C PRO G 718 28.84 87.87 23.30
N GLU G 719 29.55 88.89 22.84
CA GLU G 719 29.24 89.65 21.63
C GLU G 719 27.98 90.49 21.76
N ASP G 720 27.40 90.59 22.94
CA ASP G 720 26.25 91.46 23.12
C ASP G 720 26.66 92.91 23.00
N ILE G 721 25.77 93.70 22.41
CA ILE G 721 26.00 95.14 22.22
C ILE G 721 24.78 95.86 22.74
N PHE G 722 24.99 97.00 23.38
CA PHE G 722 23.87 97.87 23.71
C PHE G 722 24.36 99.31 23.73
N SER G 723 23.43 100.22 23.46
CA SER G 723 23.73 101.64 23.47
C SER G 723 22.59 102.38 24.16
N ASP G 724 22.94 103.37 24.96
CA ASP G 724 21.99 104.13 25.75
C ASP G 724 22.13 105.61 25.42
N HIS G 725 21.30 106.42 26.08
CA HIS G 725 21.42 107.87 25.95
C HIS G 725 22.83 108.33 26.27
N HIS G 726 23.48 107.64 27.20
CA HIS G 726 24.75 108.09 27.73
C HIS G 726 25.93 107.24 27.32
N THR G 727 25.71 106.00 26.88
CA THR G 727 26.81 105.06 26.80
C THR G 727 26.58 104.09 25.65
N MET G 728 27.67 103.53 25.15
CA MET G 728 27.66 102.45 24.17
C MET G 728 28.65 101.40 24.67
N CYS G 729 28.19 100.14 24.75
CA CYS G 729 28.99 99.09 25.35
C CYS G 729 28.90 97.85 24.49
N TYR G 730 29.87 96.96 24.66
CA TYR G 730 29.80 95.64 24.04
C TYR G 730 30.61 94.65 24.86
N CYS G 731 30.17 93.41 24.87
CA CYS G 731 30.77 92.36 25.68
C CYS G 731 31.74 91.56 24.83
N GLU G 732 32.99 91.49 25.28
CA GLU G 732 33.99 90.69 24.58
C GLU G 732 34.98 90.17 25.61
N ASP G 733 35.27 88.87 25.54
CA ASP G 733 36.25 88.23 26.43
C ASP G 733 35.90 88.47 27.90
N GLY G 734 34.61 88.40 28.21
CA GLY G 734 34.18 88.51 29.58
C GLY G 734 34.24 89.90 30.16
N PHE G 735 34.52 90.92 29.36
CA PHE G 735 34.58 92.28 29.84
C PHE G 735 33.67 93.17 29.01
N MET G 736 33.06 94.15 29.67
CA MET G 736 32.12 95.06 29.01
C MET G 736 32.90 96.29 28.58
N HIS G 737 33.19 96.38 27.28
CA HIS G 737 34.04 97.45 26.76
C HIS G 737 33.19 98.68 26.45
N CYS G 738 32.83 99.41 27.50
CA CYS G 738 32.06 100.62 27.32
C CYS G 738 33.00 101.75 26.90
N THR G 739 32.62 102.44 25.82
CA THR G 739 33.50 103.43 25.19
C THR G 739 32.74 104.71 24.84
N MET G 740 31.84 105.15 25.73
CA MET G 740 31.19 106.43 25.53
C MET G 740 30.90 107.04 26.89
N SER G 741 31.03 108.36 26.96
CA SER G 741 30.84 109.12 28.20
C SER G 741 31.68 108.56 29.34
N GLU G 786 11.07 109.45 44.41
CA GLU G 786 10.75 110.83 44.04
C GLU G 786 11.48 111.21 42.78
N CYS G 787 10.86 112.05 41.95
CA CYS G 787 11.46 112.48 40.70
C CYS G 787 10.84 113.81 40.28
N ALA G 788 11.55 114.50 39.40
CA ALA G 788 10.99 115.69 38.77
C ALA G 788 9.94 115.28 37.74
N LYS G 789 9.00 116.17 37.49
CA LYS G 789 7.87 115.89 36.62
C LYS G 789 7.78 116.90 35.49
N THR G 790 7.20 116.46 34.37
CA THR G 790 7.00 117.29 33.20
C THR G 790 5.54 117.16 32.80
N CYS G 791 5.04 118.16 32.07
CA CYS G 791 3.63 118.16 31.70
C CYS G 791 3.23 116.87 31.01
N GLN G 792 4.15 116.28 30.24
CA GLN G 792 3.85 115.04 29.55
C GLN G 792 3.79 113.86 30.51
N ASN G 793 4.75 113.75 31.43
CA ASN G 793 4.92 112.57 32.27
C ASN G 793 4.38 112.75 33.67
N TYR G 794 3.49 113.73 33.87
CA TYR G 794 3.01 114.00 35.23
C TYR G 794 2.28 112.79 35.80
N ASP G 795 1.41 112.16 35.01
CA ASP G 795 0.62 111.05 35.50
C ASP G 795 1.37 109.72 35.51
N LEU G 796 2.53 109.66 34.87
CA LEU G 796 3.26 108.42 34.74
C LEU G 796 4.14 108.18 35.96
N GLU G 797 4.83 107.05 35.97
CA GLU G 797 5.73 106.69 37.06
C GLU G 797 6.99 107.53 36.99
N CYS G 798 7.84 107.34 37.99
CA CYS G 798 9.18 107.93 38.00
C CYS G 798 10.17 106.97 37.35
N MET G 799 11.09 107.51 36.57
CA MET G 799 12.07 106.67 35.90
C MET G 799 12.90 105.94 36.95
N SER G 800 12.87 104.61 36.90
CA SER G 800 13.59 103.78 37.85
C SER G 800 15.01 103.51 37.36
N MET G 801 15.74 104.61 37.13
CA MET G 801 17.11 104.52 36.61
C MET G 801 18.01 105.52 37.31
N GLY G 802 17.74 105.81 38.57
CA GLY G 802 18.55 106.74 39.33
C GLY G 802 18.19 106.75 40.81
N LEU G 808 14.44 121.11 40.79
CA LEU G 808 13.14 120.54 41.10
C LEU G 808 12.11 121.64 41.38
N CYS G 809 11.04 121.66 40.58
CA CYS G 809 10.04 122.71 40.70
C CYS G 809 9.20 122.51 41.96
N PRO G 810 8.54 123.56 42.45
CA PRO G 810 7.72 123.45 43.65
C PRO G 810 6.55 122.50 43.42
N PRO G 811 5.92 122.02 44.49
CA PRO G 811 4.71 121.20 44.32
C PRO G 811 3.61 122.01 43.66
N GLY G 812 2.82 121.32 42.82
CA GLY G 812 1.82 122.00 42.03
C GLY G 812 2.35 122.75 40.84
N MET G 813 3.64 122.62 40.54
CA MET G 813 4.27 123.28 39.41
C MET G 813 5.10 122.26 38.65
N VAL G 814 5.18 122.43 37.33
CA VAL G 814 5.68 121.38 36.46
C VAL G 814 6.68 121.96 35.46
N ARG G 815 7.69 121.15 35.12
CA ARG G 815 8.67 121.55 34.13
C ARG G 815 8.02 121.63 32.75
N HIS G 816 8.27 122.74 32.05
CA HIS G 816 7.76 122.94 30.70
C HIS G 816 8.53 124.09 30.06
N GLU G 817 8.91 123.92 28.79
CA GLU G 817 9.72 124.91 28.08
C GLU G 817 11.00 125.24 28.84
N ASN G 818 11.55 124.25 29.55
CA ASN G 818 12.71 124.45 30.41
C ASN G 818 12.47 125.54 31.44
N ARG G 819 11.25 125.59 31.97
CA ARG G 819 10.90 126.47 33.07
C ARG G 819 9.80 125.82 33.87
N CYS G 820 9.68 126.21 35.14
CA CYS G 820 8.64 125.69 36.01
C CYS G 820 7.32 126.39 35.70
N VAL G 821 6.29 125.60 35.38
CA VAL G 821 4.99 126.12 34.98
C VAL G 821 3.93 125.48 35.86
N ALA G 822 2.92 126.26 36.22
CA ALA G 822 1.92 125.81 37.17
C ALA G 822 1.07 124.69 36.58
N LEU G 823 0.59 123.81 37.47
CA LEU G 823 -0.37 122.80 37.07
C LEU G 823 -1.70 123.47 36.77
N GLU G 824 -2.54 122.78 36.00
CA GLU G 824 -3.79 123.28 35.43
C GLU G 824 -3.52 124.26 34.30
N ARG G 825 -2.25 124.56 34.02
CA ARG G 825 -1.86 125.38 32.88
C ARG G 825 -0.95 124.64 31.91
N CYS G 826 -0.69 123.36 32.14
CA CYS G 826 0.06 122.56 31.19
C CYS G 826 -0.77 122.37 29.92
N PRO G 827 -0.14 122.35 28.75
CA PRO G 827 -0.89 122.17 27.51
C PRO G 827 -1.23 120.70 27.25
N CYS G 828 -2.12 120.49 26.29
CA CYS G 828 -2.49 119.16 25.82
C CYS G 828 -1.75 118.85 24.52
N PHE G 829 -1.55 117.57 24.27
CA PHE G 829 -0.72 117.09 23.18
C PHE G 829 -1.55 116.27 22.20
N HIS G 830 -1.36 116.53 20.91
CA HIS G 830 -1.98 115.73 19.86
C HIS G 830 -1.10 115.80 18.62
N GLN G 831 -0.88 114.65 18.00
CA GLN G 831 -0.03 114.54 16.82
C GLN G 831 1.33 115.20 17.05
N GLY G 832 1.82 115.10 18.29
CA GLY G 832 3.16 115.56 18.59
C GLY G 832 3.29 117.05 18.78
N LYS G 833 2.20 117.79 18.81
CA LYS G 833 2.25 119.24 19.02
C LYS G 833 1.33 119.62 20.16
N GLU G 834 1.68 120.69 20.86
CA GLU G 834 1.03 121.07 22.10
C GLU G 834 -0.14 122.01 21.83
N TYR G 835 -1.14 121.96 22.71
CA TYR G 835 -2.30 122.82 22.65
C TYR G 835 -2.53 123.42 24.02
N ALA G 836 -2.65 124.75 24.08
CA ALA G 836 -2.89 125.42 25.35
C ALA G 836 -4.30 125.08 25.86
N PRO G 837 -4.51 125.16 27.18
CA PRO G 837 -5.85 124.90 27.71
C PRO G 837 -6.88 125.86 27.12
N GLY G 838 -8.05 125.33 26.83
CA GLY G 838 -9.09 126.08 26.14
C GLY G 838 -9.05 125.97 24.64
N GLU G 839 -7.94 125.50 24.07
CA GLU G 839 -7.89 125.29 22.63
C GLU G 839 -8.71 124.07 22.25
N THR G 840 -8.97 123.92 20.96
CA THR G 840 -9.84 122.88 20.44
C THR G 840 -9.19 122.21 19.24
N VAL G 841 -9.56 120.95 19.01
CA VAL G 841 -9.09 120.19 17.87
C VAL G 841 -10.28 119.45 17.27
N LYS G 842 -10.26 119.30 15.95
CA LYS G 842 -11.37 118.70 15.21
C LYS G 842 -11.00 117.26 14.88
N ILE G 843 -11.82 116.32 15.35
CA ILE G 843 -11.58 114.89 15.18
C ILE G 843 -12.82 114.31 14.51
N GLY G 844 -12.75 114.09 13.20
CA GLY G 844 -13.91 113.60 12.49
C GLY G 844 -15.08 114.54 12.68
N CYS G 845 -16.22 113.99 13.09
CA CYS G 845 -17.39 114.80 13.40
C CYS G 845 -17.39 115.29 14.84
N ASN G 846 -16.45 114.84 15.67
CA ASN G 846 -16.40 115.22 17.07
C ASN G 846 -15.42 116.38 17.27
N THR G 847 -15.63 117.10 18.36
CA THR G 847 -14.77 118.21 18.76
C THR G 847 -14.20 117.93 20.14
N CYS G 848 -12.92 118.23 20.33
CA CYS G 848 -12.23 118.01 21.59
C CYS G 848 -11.66 119.33 22.09
N VAL G 849 -11.73 119.56 23.40
CA VAL G 849 -11.27 120.79 24.01
C VAL G 849 -10.27 120.43 25.11
N CYS G 850 -9.12 121.10 25.08
CA CYS G 850 -8.04 120.79 26.02
C CYS G 850 -8.34 121.37 27.39
N ARG G 851 -8.50 120.52 28.40
CA ARG G 851 -8.71 120.96 29.76
C ARG G 851 -7.81 120.14 30.68
N ASP G 852 -7.05 120.81 31.54
CA ASP G 852 -6.23 120.14 32.56
C ASP G 852 -5.49 118.94 31.97
N ARG G 853 -4.77 119.17 30.88
CA ARG G 853 -3.91 118.15 30.28
C ARG G 853 -4.72 117.00 29.69
N LYS G 854 -6.05 117.03 29.79
CA LYS G 854 -6.93 116.00 29.26
C LYS G 854 -7.82 116.58 28.17
N TRP G 855 -7.87 115.90 27.03
CA TRP G 855 -8.84 116.25 26.00
C TRP G 855 -10.23 115.83 26.42
N ASN G 856 -11.19 116.75 26.33
CA ASN G 856 -12.57 116.49 26.68
C ASN G 856 -13.39 116.58 25.40
N CYS G 857 -13.91 115.44 24.94
CA CYS G 857 -14.40 115.31 23.58
C CYS G 857 -15.89 115.04 23.58
N THR G 858 -16.56 115.50 22.52
CA THR G 858 -17.92 115.11 22.25
C THR G 858 -17.97 113.62 21.91
N ASP G 859 -19.12 113.00 22.14
CA ASP G 859 -19.29 111.56 21.97
C ASP G 859 -20.25 111.21 20.84
N HIS G 860 -20.16 111.93 19.72
CA HIS G 860 -20.99 111.62 18.56
C HIS G 860 -20.42 110.43 17.81
N VAL G 861 -21.30 109.56 17.32
CA VAL G 861 -20.92 108.47 16.45
C VAL G 861 -20.94 108.99 15.01
N CYS G 862 -19.76 109.17 14.44
CA CYS G 862 -19.66 109.76 13.10
C CYS G 862 -20.03 108.74 12.03
N ASP G 863 -20.38 109.25 10.86
CA ASP G 863 -20.70 108.40 9.73
C ASP G 863 -19.49 107.56 9.33
N ALA G 864 -19.72 106.28 9.10
CA ALA G 864 -18.65 105.34 8.80
C ALA G 864 -18.66 104.98 7.32
N THR G 865 -17.47 104.86 6.75
CA THR G 865 -17.32 104.59 5.33
C THR G 865 -16.64 103.22 5.17
N CYS G 866 -17.42 102.21 4.83
CA CYS G 866 -16.82 101.00 4.29
C CYS G 866 -16.35 101.27 2.87
N SER G 867 -15.27 100.60 2.47
CA SER G 867 -14.67 100.89 1.18
C SER G 867 -13.99 99.65 0.65
N THR G 868 -14.23 99.35 -0.62
CA THR G 868 -13.42 98.39 -1.35
C THR G 868 -12.24 99.14 -1.95
N ILE G 869 -11.04 98.82 -1.50
CA ILE G 869 -9.83 99.49 -1.96
C ILE G 869 -9.17 98.59 -2.98
N GLY G 870 -9.05 99.07 -4.21
CA GLY G 870 -8.46 98.22 -5.21
C GLY G 870 -9.40 97.12 -5.64
N MET G 871 -8.81 96.00 -6.06
CA MET G 871 -9.58 94.90 -6.62
C MET G 871 -9.81 93.77 -5.64
N ALA G 872 -9.02 93.65 -4.58
CA ALA G 872 -9.15 92.52 -3.68
C ALA G 872 -9.03 92.88 -2.21
N HIS G 873 -8.94 94.15 -1.86
CA HIS G 873 -8.84 94.58 -0.48
C HIS G 873 -10.11 95.30 -0.06
N TYR G 874 -10.52 95.07 1.19
CA TYR G 874 -11.71 95.68 1.75
C TYR G 874 -11.33 96.41 3.03
N LEU G 875 -12.08 97.47 3.34
CA LEU G 875 -11.90 98.19 4.60
C LEU G 875 -13.24 98.26 5.30
N THR G 876 -13.36 97.58 6.44
CA THR G 876 -14.62 97.49 7.14
C THR G 876 -15.02 98.84 7.72
N PHE G 877 -16.23 98.88 8.28
CA PHE G 877 -16.72 100.11 8.89
C PHE G 877 -15.86 100.53 10.07
N ASP G 878 -15.40 99.55 10.85
CA ASP G 878 -14.60 99.83 12.04
C ASP G 878 -13.13 100.04 11.74
N GLY G 879 -12.71 99.92 10.49
CA GLY G 879 -11.36 100.23 10.10
C GLY G 879 -10.47 99.05 9.83
N LEU G 880 -11.00 97.85 9.80
CA LEU G 880 -10.19 96.65 9.55
C LEU G 880 -9.96 96.51 8.06
N LYS G 881 -8.70 96.63 7.63
CA LYS G 881 -8.33 96.39 6.25
C LYS G 881 -7.88 94.95 6.10
N TYR G 882 -8.45 94.24 5.13
CA TYR G 882 -8.12 92.83 4.96
C TYR G 882 -8.16 92.47 3.49
N LEU G 883 -7.51 91.38 3.16
CA LEU G 883 -7.36 90.92 1.78
C LEU G 883 -8.28 89.75 1.53
N PHE G 884 -9.02 89.79 0.45
CA PHE G 884 -9.90 88.71 0.07
C PHE G 884 -10.13 88.72 -1.43
N PRO G 885 -9.36 87.98 -2.20
CA PRO G 885 -9.65 87.85 -3.63
C PRO G 885 -10.67 86.76 -3.91
N GLY G 886 -11.74 87.10 -4.62
CA GLY G 886 -12.76 86.13 -4.93
C GLY G 886 -13.40 86.43 -6.26
N GLU G 887 -13.79 85.36 -6.96
CA GLU G 887 -14.44 85.50 -8.25
C GLU G 887 -15.94 85.70 -8.15
N CYS G 888 -16.53 85.30 -7.03
CA CYS G 888 -17.97 85.14 -6.91
C CYS G 888 -18.62 86.46 -6.52
N GLN G 889 -19.91 86.41 -6.21
CA GLN G 889 -20.64 87.57 -5.71
C GLN G 889 -20.79 87.45 -4.20
N TYR G 890 -20.54 88.55 -3.49
CA TYR G 890 -20.46 88.55 -2.04
C TYR G 890 -21.32 89.67 -1.48
N VAL G 891 -21.76 89.48 -0.24
CA VAL G 891 -22.54 90.50 0.46
C VAL G 891 -21.59 91.55 1.00
N LEU G 892 -21.64 92.76 0.44
CA LEU G 892 -20.79 93.83 0.94
C LEU G 892 -21.36 94.41 2.23
N VAL G 893 -22.64 94.74 2.25
CA VAL G 893 -23.33 95.23 3.43
C VAL G 893 -24.72 94.65 3.42
N GLN G 894 -25.28 94.42 4.60
CA GLN G 894 -26.60 93.81 4.71
C GLN G 894 -27.10 93.99 6.13
N ASP G 895 -28.37 94.37 6.28
CA ASP G 895 -29.01 94.38 7.58
C ASP G 895 -30.05 93.28 7.73
N TYR G 896 -30.25 92.46 6.70
CA TYR G 896 -31.08 91.26 6.80
C TYR G 896 -30.28 90.12 7.45
N CYS G 897 -29.77 90.40 8.64
CA CYS G 897 -29.05 89.39 9.41
C CYS G 897 -29.29 89.63 10.88
N GLY G 898 -29.18 88.55 11.66
CA GLY G 898 -29.58 88.64 13.04
C GLY G 898 -31.10 88.76 13.14
N SER G 899 -31.54 89.32 14.26
CA SER G 899 -32.96 89.50 14.50
C SER G 899 -33.53 90.75 13.83
N ASN G 900 -32.68 91.65 13.37
CA ASN G 900 -33.15 92.93 12.87
C ASN G 900 -34.00 92.73 11.62
N PRO G 901 -35.16 93.39 11.51
CA PRO G 901 -35.90 93.36 10.24
C PRO G 901 -35.19 94.20 9.19
N GLY G 902 -34.73 93.54 8.14
CA GLY G 902 -33.85 94.19 7.20
C GLY G 902 -34.56 95.20 6.32
N THR G 903 -33.77 96.11 5.76
CA THR G 903 -34.28 97.14 4.85
C THR G 903 -33.46 97.27 3.58
N PHE G 904 -32.20 96.87 3.57
CA PHE G 904 -31.33 97.05 2.42
C PHE G 904 -30.30 95.93 2.40
N ARG G 905 -29.75 95.69 1.23
CA ARG G 905 -28.79 94.61 1.05
C ARG G 905 -27.96 94.93 -0.19
N ILE G 906 -26.65 95.08 -0.01
CA ILE G 906 -25.76 95.47 -1.09
C ILE G 906 -24.85 94.29 -1.41
N LEU G 907 -24.83 93.87 -2.67
CA LEU G 907 -24.01 92.76 -3.13
C LEU G 907 -22.97 93.27 -4.12
N VAL G 908 -21.76 92.74 -4.01
CA VAL G 908 -20.66 93.10 -4.90
C VAL G 908 -20.17 91.84 -5.59
N GLY G 909 -20.07 91.89 -6.90
CA GLY G 909 -19.53 90.79 -7.70
C GLY G 909 -18.29 91.23 -8.44
N ASN G 910 -17.30 90.34 -8.49
CA ASN G 910 -16.02 90.62 -9.14
C ASN G 910 -16.05 90.02 -10.54
N LYS G 911 -15.88 90.87 -11.56
CA LYS G 911 -15.95 90.45 -12.94
C LYS G 911 -14.69 90.88 -13.67
N GLY G 912 -14.07 89.95 -14.39
CA GLY G 912 -12.84 90.20 -15.09
C GLY G 912 -11.60 89.90 -14.29
N CYS G 913 -11.70 89.79 -12.96
CA CYS G 913 -10.55 89.37 -12.17
C CYS G 913 -11.04 88.82 -10.84
N SER G 914 -10.19 88.01 -10.26
CA SER G 914 -10.11 87.78 -8.82
C SER G 914 -8.70 88.04 -8.34
N HIS G 915 -7.70 87.64 -9.11
CA HIS G 915 -6.37 88.16 -8.98
C HIS G 915 -6.33 89.47 -9.75
N PRO G 916 -6.04 90.60 -9.10
CA PRO G 916 -6.22 91.90 -9.76
C PRO G 916 -5.62 91.95 -11.16
N SER G 917 -6.41 92.42 -12.12
CA SER G 917 -6.00 92.39 -13.52
C SER G 917 -6.53 93.62 -14.23
N VAL G 918 -5.92 93.92 -15.38
CA VAL G 918 -6.20 95.18 -16.07
C VAL G 918 -7.66 95.28 -16.48
N LYS G 919 -8.22 94.22 -17.06
CA LYS G 919 -9.55 94.28 -17.66
C LYS G 919 -10.67 94.08 -16.64
N CYS G 920 -10.41 94.32 -15.35
CA CYS G 920 -11.36 93.94 -14.32
C CYS G 920 -12.40 95.01 -14.07
N LYS G 921 -13.50 94.62 -13.45
CA LYS G 921 -14.57 95.53 -13.07
C LYS G 921 -15.46 94.84 -12.04
N LYS G 922 -16.17 95.65 -11.25
CA LYS G 922 -17.04 95.14 -10.22
C LYS G 922 -18.48 95.56 -10.48
N ARG G 923 -19.40 94.64 -10.25
CA ARG G 923 -20.83 94.88 -10.36
C ARG G 923 -21.42 94.99 -8.97
N VAL G 924 -22.20 96.04 -8.73
CA VAL G 924 -22.87 96.25 -7.46
C VAL G 924 -24.37 96.06 -7.67
N THR G 925 -25.00 95.32 -6.77
CA THR G 925 -26.45 95.16 -6.77
C THR G 925 -27.00 95.71 -5.48
N ILE G 926 -27.87 96.70 -5.58
CA ILE G 926 -28.36 97.41 -4.40
C ILE G 926 -29.83 97.08 -4.25
N LEU G 927 -30.13 96.07 -3.42
CA LEU G 927 -31.49 95.60 -3.23
C LEU G 927 -32.20 96.33 -2.08
N VAL G 928 -32.32 97.63 -2.20
CA VAL G 928 -32.85 98.45 -1.11
C VAL G 928 -34.37 98.51 -1.20
N GLU G 929 -35.04 98.19 -0.10
CA GLU G 929 -36.50 98.30 0.05
C GLU G 929 -37.25 97.71 -1.15
N GLY G 930 -36.83 96.52 -1.56
CA GLY G 930 -37.47 95.83 -2.66
C GLY G 930 -37.04 96.31 -4.03
N GLY G 931 -36.63 97.56 -4.13
CA GLY G 931 -36.08 98.05 -5.37
C GLY G 931 -34.72 97.44 -5.64
N GLU G 932 -34.16 97.77 -6.80
CA GLU G 932 -32.88 97.21 -7.19
C GLU G 932 -32.17 98.19 -8.10
N ILE G 933 -30.98 98.62 -7.69
CA ILE G 933 -30.13 99.47 -8.50
C ILE G 933 -28.84 98.71 -8.77
N GLU G 934 -28.51 98.55 -10.04
CA GLU G 934 -27.30 97.84 -10.45
C GLU G 934 -26.29 98.83 -10.98
N LEU G 935 -25.07 98.76 -10.47
CA LEU G 935 -23.96 99.61 -10.92
C LEU G 935 -23.01 98.76 -11.75
N PHE G 936 -22.82 99.14 -13.00
CA PHE G 936 -21.97 98.36 -13.89
C PHE G 936 -21.54 99.24 -15.06
N ASP G 937 -20.35 98.93 -15.59
CA ASP G 937 -19.81 99.62 -16.76
C ASP G 937 -19.79 101.13 -16.57
N GLY G 938 -19.55 101.56 -15.33
CA GLY G 938 -19.52 102.98 -15.04
C GLY G 938 -20.83 103.68 -15.25
N GLU G 939 -21.94 102.94 -15.19
CA GLU G 939 -23.27 103.54 -15.39
C GLU G 939 -24.24 102.92 -14.41
N VAL G 940 -25.23 103.71 -14.01
CA VAL G 940 -26.26 103.27 -13.08
C VAL G 940 -27.39 102.60 -13.86
N ASN G 941 -27.93 101.53 -13.31
CA ASN G 941 -29.02 100.80 -13.94
C ASN G 941 -30.07 100.48 -12.87
N VAL G 942 -31.13 101.27 -12.83
CA VAL G 942 -32.21 101.04 -11.88
C VAL G 942 -33.11 99.94 -12.43
N LYS G 943 -32.83 98.70 -12.06
CA LYS G 943 -33.52 97.57 -12.65
C LYS G 943 -34.88 97.30 -12.02
N ARG G 944 -35.17 97.90 -10.86
CA ARG G 944 -36.53 98.02 -10.34
C ARG G 944 -36.61 99.31 -9.57
N PRO G 945 -37.77 99.96 -9.53
CA PRO G 945 -37.90 101.20 -8.76
C PRO G 945 -38.09 100.93 -7.28
N MET G 946 -37.78 101.95 -6.49
CA MET G 946 -37.97 101.90 -5.05
C MET G 946 -39.39 102.32 -4.68
N LYS G 947 -39.78 102.00 -3.44
CA LYS G 947 -41.09 102.42 -2.96
C LYS G 947 -41.15 103.93 -2.72
N ASP G 948 -40.04 104.53 -2.31
CA ASP G 948 -39.96 105.97 -2.07
C ASP G 948 -38.85 106.53 -2.95
N GLU G 949 -39.20 106.91 -4.18
CA GLU G 949 -38.22 107.48 -5.09
C GLU G 949 -37.78 108.87 -4.68
N THR G 950 -38.48 109.50 -3.72
CA THR G 950 -38.02 110.78 -3.21
C THR G 950 -36.81 110.62 -2.30
N HIS G 951 -36.79 109.56 -1.50
CA HIS G 951 -35.56 109.24 -0.74
C HIS G 951 -34.42 108.90 -1.69
N PHE G 952 -34.71 108.16 -2.75
CA PHE G 952 -33.69 107.80 -3.73
C PHE G 952 -33.20 109.03 -4.49
N GLU G 953 -31.92 109.02 -4.83
CA GLU G 953 -31.34 110.05 -5.67
C GLU G 953 -29.97 109.58 -6.15
N VAL G 954 -29.59 110.02 -7.35
CA VAL G 954 -28.30 109.73 -7.94
C VAL G 954 -27.64 111.04 -8.32
N VAL G 955 -26.40 111.24 -7.85
CA VAL G 955 -25.64 112.44 -8.16
C VAL G 955 -24.34 111.99 -8.82
N GLU G 956 -24.03 112.60 -9.95
CA GLU G 956 -22.77 112.36 -10.66
C GLU G 956 -21.88 113.58 -10.48
N SER G 957 -20.69 113.35 -9.93
CA SER G 957 -19.78 114.46 -9.63
C SER G 957 -18.36 113.95 -9.68
N GLY G 958 -17.49 114.74 -10.30
CA GLY G 958 -16.10 114.33 -10.45
C GLY G 958 -16.02 112.96 -11.09
N ARG G 959 -15.21 112.10 -10.51
CA ARG G 959 -15.07 110.74 -10.99
C ARG G 959 -16.16 109.81 -10.46
N TYR G 960 -17.05 110.29 -9.60
CA TYR G 960 -17.84 109.41 -8.74
C TYR G 960 -19.32 109.52 -9.07
N ILE G 961 -20.02 108.41 -8.84
CA ILE G 961 -21.47 108.38 -8.77
C ILE G 961 -21.85 108.30 -7.31
N ILE G 962 -22.69 109.21 -6.86
CA ILE G 962 -23.13 109.28 -5.47
C ILE G 962 -24.61 108.93 -5.42
N LEU G 963 -24.95 107.84 -4.76
CA LEU G 963 -26.33 107.40 -4.61
C LEU G 963 -26.78 107.66 -3.19
N LEU G 964 -27.92 108.31 -3.04
CA LEU G 964 -28.57 108.46 -1.75
C LEU G 964 -29.73 107.46 -1.70
N LEU G 965 -29.63 106.48 -0.80
CA LEU G 965 -30.62 105.43 -0.66
C LEU G 965 -31.50 105.62 0.55
N GLY G 966 -31.45 106.79 1.16
CA GLY G 966 -32.19 107.04 2.38
C GLY G 966 -31.54 108.17 3.15
N LYS G 967 -32.14 108.45 4.31
CA LYS G 967 -31.58 109.49 5.16
C LYS G 967 -30.31 109.04 5.87
N ALA G 968 -30.08 107.74 5.97
CA ALA G 968 -28.96 107.21 6.72
C ALA G 968 -28.05 106.29 5.93
N LEU G 969 -28.30 106.09 4.64
CA LEU G 969 -27.53 105.18 3.82
C LEU G 969 -27.16 105.87 2.51
N SER G 970 -25.90 105.71 2.10
CA SER G 970 -25.44 106.29 0.85
C SER G 970 -24.32 105.43 0.30
N VAL G 971 -24.12 105.52 -1.01
CA VAL G 971 -23.07 104.78 -1.70
C VAL G 971 -22.31 105.73 -2.59
N VAL G 972 -20.99 105.68 -2.53
CA VAL G 972 -20.11 106.46 -3.39
C VAL G 972 -19.27 105.50 -4.20
N TRP G 973 -19.25 105.68 -5.52
CA TRP G 973 -18.64 104.73 -6.44
C TRP G 973 -17.84 105.49 -7.47
N ASP G 974 -16.55 105.17 -7.60
CA ASP G 974 -15.68 105.82 -8.56
C ASP G 974 -15.89 105.35 -9.98
N ARG G 975 -16.93 104.56 -10.24
CA ARG G 975 -17.35 104.05 -11.53
C ARG G 975 -16.48 102.92 -12.03
N HIS G 976 -15.35 102.61 -11.38
CA HIS G 976 -14.55 101.46 -11.80
C HIS G 976 -14.44 100.40 -10.72
N LEU G 977 -13.85 100.70 -9.58
CA LEU G 977 -13.58 99.69 -8.56
C LEU G 977 -13.96 100.10 -7.15
N SER G 978 -13.73 101.36 -6.78
CA SER G 978 -13.76 101.78 -5.38
C SER G 978 -15.18 102.06 -4.96
N ILE G 979 -15.87 101.02 -4.51
CA ILE G 979 -17.19 101.16 -3.93
C ILE G 979 -17.04 101.59 -2.47
N SER G 980 -17.83 102.57 -2.06
CA SER G 980 -17.84 103.03 -0.67
C SER G 980 -19.27 103.16 -0.19
N VAL G 981 -19.56 102.56 0.97
CA VAL G 981 -20.88 102.63 1.57
C VAL G 981 -20.77 103.43 2.84
N VAL G 982 -21.65 104.42 3.00
CA VAL G 982 -21.62 105.30 4.15
C VAL G 982 -22.90 105.11 4.94
N LEU G 983 -22.76 104.85 6.24
CA LEU G 983 -23.88 104.61 7.14
C LEU G 983 -23.85 105.63 8.26
N LYS G 984 -25.01 106.19 8.59
CA LYS G 984 -25.13 107.01 9.76
C LYS G 984 -25.39 106.14 10.99
N GLN G 985 -25.32 106.76 12.16
CA GLN G 985 -25.31 106.01 13.42
C GLN G 985 -26.55 105.16 13.62
N THR G 986 -27.64 105.45 12.93
CA THR G 986 -28.87 104.70 13.14
C THR G 986 -28.72 103.23 12.75
N TYR G 987 -27.76 102.91 11.88
CA TYR G 987 -27.53 101.54 11.44
C TYR G 987 -26.50 100.81 12.28
N GLN G 988 -26.07 101.39 13.39
CA GLN G 988 -25.01 100.80 14.19
C GLN G 988 -25.50 99.51 14.84
N GLU G 989 -24.61 98.51 14.88
CA GLU G 989 -24.84 97.21 15.52
C GLU G 989 -25.79 96.34 14.71
N LYS G 990 -26.28 96.81 13.57
CA LYS G 990 -27.32 96.12 12.82
C LYS G 990 -26.83 95.50 11.52
N VAL G 991 -25.84 96.09 10.88
CA VAL G 991 -25.40 95.64 9.57
C VAL G 991 -24.39 94.52 9.73
N CYS G 992 -24.15 93.82 8.63
CA CYS G 992 -23.18 92.74 8.59
C CYS G 992 -22.63 92.64 7.17
N GLY G 993 -21.95 91.55 6.87
CA GLY G 993 -21.35 91.35 5.57
C GLY G 993 -19.85 91.56 5.58
N LEU G 994 -19.30 91.67 4.38
CA LEU G 994 -17.86 91.86 4.24
C LEU G 994 -17.39 93.14 4.93
N CYS G 995 -18.25 94.14 5.05
CA CYS G 995 -17.89 95.36 5.76
C CYS G 995 -17.96 95.22 7.27
N GLY G 996 -18.39 94.07 7.78
CA GLY G 996 -18.41 93.84 9.20
C GLY G 996 -19.58 94.51 9.88
N ASN G 997 -19.76 94.19 11.16
CA ASN G 997 -20.82 94.77 11.98
C ASN G 997 -20.34 96.09 12.53
N PHE G 998 -20.94 97.18 12.07
CA PHE G 998 -20.59 98.52 12.54
C PHE G 998 -20.96 98.67 14.01
N ASP G 999 -19.93 98.57 14.86
CA ASP G 999 -20.06 98.73 16.30
C ASP G 999 -18.90 99.45 16.94
N GLY G 1000 -17.93 99.93 16.16
CA GLY G 1000 -16.73 100.55 16.68
C GLY G 1000 -15.65 99.61 17.15
N ILE G 1001 -15.82 98.30 16.98
CA ILE G 1001 -14.87 97.30 17.41
C ILE G 1001 -14.31 96.58 16.18
N GLN G 1002 -12.99 96.48 16.09
CA GLN G 1002 -12.38 95.86 14.93
C GLN G 1002 -12.27 94.35 15.09
N ASN G 1003 -12.01 93.87 16.30
CA ASN G 1003 -11.66 92.47 16.49
C ASN G 1003 -12.76 91.53 16.03
N ASN G 1004 -14.02 91.98 16.04
CA ASN G 1004 -15.13 91.11 15.71
C ASN G 1004 -15.61 91.27 14.28
N ASP G 1005 -14.87 91.98 13.43
CA ASP G 1005 -15.37 92.26 12.09
C ASP G 1005 -15.29 91.07 11.17
N LEU G 1006 -14.47 90.07 11.48
CA LEU G 1006 -14.39 88.89 10.64
C LEU G 1006 -15.42 87.85 11.03
N THR G 1007 -16.49 88.27 11.67
CA THR G 1007 -17.61 87.39 12.00
C THR G 1007 -18.21 86.81 10.74
N SER G 1008 -18.11 85.48 10.59
CA SER G 1008 -18.67 84.83 9.42
C SER G 1008 -20.19 85.01 9.38
N SER G 1009 -20.77 84.66 8.25
CA SER G 1009 -22.23 84.69 8.13
C SER G 1009 -22.88 83.75 9.13
N ASN G 1010 -22.16 82.71 9.54
CA ASN G 1010 -22.63 81.80 10.58
C ASN G 1010 -22.21 82.21 11.98
N LEU G 1011 -21.90 83.49 12.19
CA LEU G 1011 -21.71 84.12 13.49
C LEU G 1011 -20.39 83.74 14.15
N GLN G 1012 -19.56 82.91 13.53
CA GLN G 1012 -18.27 82.52 14.07
C GLN G 1012 -17.17 83.43 13.55
N VAL G 1013 -16.37 83.97 14.46
CA VAL G 1013 -15.27 84.84 14.08
C VAL G 1013 -14.13 83.99 13.53
N GLU G 1014 -13.55 84.43 12.42
CA GLU G 1014 -12.52 83.69 11.71
C GLU G 1014 -11.19 84.41 11.78
N GLU G 1015 -10.12 83.63 11.97
CA GLU G 1015 -8.78 84.22 11.99
C GLU G 1015 -8.31 84.60 10.60
N ASP G 1016 -8.82 83.92 9.57
CA ASP G 1016 -8.38 84.12 8.19
C ASP G 1016 -9.49 84.82 7.42
N PRO G 1017 -9.21 85.96 6.78
CA PRO G 1017 -10.27 86.63 6.01
C PRO G 1017 -10.80 85.81 4.84
N VAL G 1018 -10.04 84.83 4.35
CA VAL G 1018 -10.50 84.03 3.23
C VAL G 1018 -11.73 83.23 3.61
N ASP G 1019 -11.69 82.59 4.78
CA ASP G 1019 -12.85 81.83 5.25
C ASP G 1019 -14.04 82.74 5.48
N PHE G 1020 -13.80 83.92 6.05
CA PHE G 1020 -14.86 84.90 6.27
C PHE G 1020 -15.55 85.26 4.96
N GLY G 1021 -14.76 85.65 3.96
CA GLY G 1021 -15.34 86.00 2.68
C GLY G 1021 -16.06 84.85 2.03
N ASN G 1022 -15.48 83.65 2.08
CA ASN G 1022 -16.15 82.48 1.53
C ASN G 1022 -17.49 82.26 2.23
N SER G 1023 -17.56 82.55 3.52
CA SER G 1023 -18.81 82.45 4.23
C SER G 1023 -19.80 83.50 3.80
N TRP G 1024 -19.34 84.61 3.22
CA TRP G 1024 -20.26 85.64 2.76
C TRP G 1024 -20.56 85.60 1.26
N LYS G 1025 -20.26 84.50 0.58
CA LYS G 1025 -20.60 84.40 -0.84
C LYS G 1025 -22.09 84.14 -1.01
N VAL G 1026 -22.70 84.87 -1.94
CA VAL G 1026 -24.15 84.79 -2.12
C VAL G 1026 -24.57 83.44 -2.67
N SER G 1027 -23.89 82.98 -3.72
CA SER G 1027 -24.25 81.76 -4.41
C SER G 1027 -23.40 80.61 -3.88
N SER G 1028 -24.06 79.57 -3.39
CA SER G 1028 -23.32 78.45 -2.81
C SER G 1028 -22.56 77.68 -3.86
N GLN G 1029 -23.13 77.55 -5.06
CA GLN G 1029 -22.48 76.75 -6.10
C GLN G 1029 -21.16 77.33 -6.57
N CYS G 1030 -20.91 78.61 -6.32
CA CYS G 1030 -19.71 79.25 -6.83
C CYS G 1030 -18.48 78.79 -6.05
N ALA G 1031 -17.31 79.02 -6.62
CA ALA G 1031 -16.08 78.47 -6.09
C ALA G 1031 -15.59 79.22 -4.86
N ASP G 1032 -14.82 78.53 -4.02
CA ASP G 1032 -14.22 79.13 -2.84
C ASP G 1032 -12.81 79.62 -3.14
N THR G 1033 -12.41 80.66 -2.44
CA THR G 1033 -11.03 81.12 -2.51
C THR G 1033 -10.12 80.11 -1.82
N ARG G 1034 -8.93 79.91 -2.37
CA ARG G 1034 -8.14 78.73 -2.07
C ARG G 1034 -7.15 78.92 -0.94
N LYS G 1035 -7.03 80.11 -0.38
CA LYS G 1035 -6.02 80.42 0.64
C LYS G 1035 -4.61 80.10 0.12
N VAL G 1036 -4.21 80.87 -0.90
CA VAL G 1036 -2.87 80.75 -1.46
C VAL G 1036 -1.86 81.06 -0.37
N PRO G 1037 -0.67 80.43 -0.37
CA PRO G 1037 0.33 80.75 0.66
C PRO G 1037 0.68 82.23 0.66
N LEU G 1038 0.94 82.75 1.86
CA LEU G 1038 1.08 84.18 2.08
C LEU G 1038 2.50 84.64 1.76
N ASP G 1039 2.81 84.68 0.47
CA ASP G 1039 4.12 85.14 0.04
C ASP G 1039 4.28 86.63 0.35
N SER G 1040 5.54 87.04 0.55
CA SER G 1040 5.83 88.43 0.87
C SER G 1040 5.45 89.37 -0.26
N SER G 1041 5.35 88.87 -1.50
CA SER G 1041 4.87 89.63 -2.63
C SER G 1041 3.99 88.74 -3.48
N PRO G 1042 3.02 89.31 -4.20
CA PRO G 1042 2.09 88.48 -4.97
C PRO G 1042 2.77 87.70 -6.09
N ALA G 1043 2.00 86.90 -6.80
CA ALA G 1043 2.50 86.25 -8.00
C ALA G 1043 2.90 87.31 -9.02
N THR G 1044 3.97 87.03 -9.76
CA THR G 1044 4.61 87.91 -10.75
C THR G 1044 5.46 88.98 -10.06
N CYS G 1045 5.50 89.01 -8.73
CA CYS G 1045 6.58 89.68 -8.00
C CYS G 1045 7.32 88.72 -7.08
N HIS G 1046 6.76 87.54 -6.81
CA HIS G 1046 7.45 86.57 -5.97
C HIS G 1046 8.79 86.17 -6.55
N ASN G 1047 8.84 85.98 -7.88
CA ASN G 1047 10.05 85.57 -8.57
C ASN G 1047 10.45 86.56 -9.66
N ASN G 1048 10.00 87.80 -9.57
CA ASN G 1048 10.34 88.84 -10.55
C ASN G 1048 10.88 90.05 -9.80
N ILE G 1049 12.18 90.04 -9.55
CA ILE G 1049 12.81 91.18 -8.91
C ILE G 1049 13.05 92.26 -9.97
N MET G 1050 13.15 93.50 -9.53
CA MET G 1050 13.21 94.70 -10.35
C MET G 1050 11.82 95.03 -10.87
N LYS G 1051 10.84 94.16 -10.70
CA LYS G 1051 9.44 94.56 -10.77
C LYS G 1051 8.89 94.81 -9.38
N GLN G 1052 9.29 94.00 -8.41
CA GLN G 1052 8.88 94.22 -7.03
C GLN G 1052 9.35 95.59 -6.54
N THR G 1053 10.60 95.93 -6.83
CA THR G 1053 11.14 97.20 -6.37
C THR G 1053 10.63 98.38 -7.16
N MET G 1054 10.39 98.24 -8.47
CA MET G 1054 9.73 99.32 -9.18
C MET G 1054 8.36 99.59 -8.59
N VAL G 1055 7.59 98.53 -8.31
CA VAL G 1055 6.29 98.69 -7.69
C VAL G 1055 6.42 99.39 -6.35
N ASP G 1056 7.38 98.95 -5.53
CA ASP G 1056 7.56 99.55 -4.21
C ASP G 1056 7.87 101.04 -4.32
N SER G 1057 8.89 101.38 -5.11
CA SER G 1057 9.32 102.76 -5.20
C SER G 1057 8.28 103.66 -5.86
N SER G 1058 7.47 103.11 -6.75
CA SER G 1058 6.40 103.90 -7.35
C SER G 1058 5.24 104.09 -6.37
N CYS G 1059 4.93 103.06 -5.57
CA CYS G 1059 3.89 103.20 -4.57
C CYS G 1059 4.31 104.10 -3.42
N ARG G 1060 5.62 104.30 -3.23
CA ARG G 1060 6.09 105.23 -2.20
C ARG G 1060 5.63 106.66 -2.46
N ILE G 1061 4.99 106.93 -3.60
CA ILE G 1061 4.37 108.24 -3.83
C ILE G 1061 3.48 108.63 -2.68
N LEU G 1062 2.89 107.64 -1.99
CA LEU G 1062 2.07 107.91 -0.82
C LEU G 1062 2.86 108.61 0.27
N THR G 1063 4.17 108.43 0.30
CA THR G 1063 5.04 109.04 1.30
C THR G 1063 5.60 110.39 0.84
N SER G 1064 5.39 110.76 -0.42
CA SER G 1064 6.03 111.95 -0.98
C SER G 1064 5.51 113.21 -0.30
N ASP G 1065 6.05 114.36 -0.72
CA ASP G 1065 5.78 115.62 -0.05
C ASP G 1065 4.30 115.99 -0.09
N VAL G 1066 3.65 115.78 -1.24
CA VAL G 1066 2.26 116.19 -1.38
C VAL G 1066 1.38 115.43 -0.37
N PHE G 1067 1.67 114.17 -0.13
CA PHE G 1067 0.94 113.37 0.84
C PHE G 1067 1.54 113.46 2.24
N GLN G 1068 2.69 114.10 2.40
CA GLN G 1068 3.41 114.04 3.67
C GLN G 1068 2.61 114.67 4.80
N ASP G 1069 1.77 115.67 4.49
CA ASP G 1069 0.96 116.29 5.53
C ASP G 1069 -0.28 115.46 5.84
N CYS G 1070 -0.81 114.72 4.87
CA CYS G 1070 -1.89 113.80 5.15
C CYS G 1070 -1.43 112.64 6.01
N ASN G 1071 -0.20 112.18 5.82
CA ASN G 1071 0.29 111.03 6.56
C ASN G 1071 0.32 111.28 8.07
N LYS G 1072 0.29 112.55 8.50
CA LYS G 1072 0.15 112.83 9.91
C LYS G 1072 -1.23 112.48 10.42
N LEU G 1073 -2.26 112.64 9.58
CA LEU G 1073 -3.62 112.35 9.99
C LEU G 1073 -4.04 110.92 9.69
N VAL G 1074 -3.55 110.34 8.59
CA VAL G 1074 -3.95 109.02 8.15
C VAL G 1074 -2.71 108.17 7.95
N ASP G 1075 -2.81 106.88 8.25
CA ASP G 1075 -1.70 105.96 8.08
C ASP G 1075 -1.63 105.50 6.64
N PRO G 1076 -0.55 105.76 5.91
CA PRO G 1076 -0.47 105.32 4.51
C PRO G 1076 -0.10 103.86 4.34
N GLU G 1077 0.35 103.19 5.41
CA GLU G 1077 0.85 101.82 5.26
C GLU G 1077 -0.18 100.86 4.70
N PRO G 1078 -1.44 100.83 5.18
CA PRO G 1078 -2.41 99.93 4.55
C PRO G 1078 -2.59 100.20 3.06
N TYR G 1079 -2.68 101.47 2.69
CA TYR G 1079 -2.85 101.82 1.29
C TYR G 1079 -1.58 101.52 0.50
N LEU G 1080 -0.42 101.64 1.13
CA LEU G 1080 0.81 101.22 0.47
C LEU G 1080 0.78 99.72 0.16
N ASP G 1081 0.31 98.92 1.11
CA ASP G 1081 0.20 97.49 0.88
C ASP G 1081 -0.77 97.20 -0.25
N VAL G 1082 -1.93 97.86 -0.25
CA VAL G 1082 -2.89 97.67 -1.34
C VAL G 1082 -2.27 98.05 -2.67
N CYS G 1083 -1.56 99.18 -2.71
CA CYS G 1083 -0.92 99.61 -3.94
C CYS G 1083 0.05 98.55 -4.46
N ILE G 1084 0.91 98.05 -3.58
CA ILE G 1084 1.89 97.05 -4.00
C ILE G 1084 1.20 95.80 -4.51
N TYR G 1085 0.20 95.31 -3.77
CA TYR G 1085 -0.49 94.08 -4.15
C TYR G 1085 -1.14 94.24 -5.52
N ASP G 1086 -1.94 95.28 -5.68
CA ASP G 1086 -2.66 95.46 -6.93
C ASP G 1086 -1.71 95.72 -8.09
N THR G 1087 -0.60 96.39 -7.84
CA THR G 1087 0.31 96.72 -8.93
C THR G 1087 1.08 95.50 -9.39
N CYS G 1088 1.51 94.64 -8.48
CA CYS G 1088 2.04 93.35 -8.91
C CYS G 1088 1.00 92.54 -9.67
N SER G 1089 -0.19 92.40 -9.10
CA SER G 1089 -1.18 91.51 -9.71
C SER G 1089 -1.62 92.01 -11.08
N CYS G 1090 -1.72 93.32 -11.25
CA CYS G 1090 -2.29 93.89 -12.47
C CYS G 1090 -1.33 93.80 -13.63
N GLU G 1091 -0.11 94.28 -13.45
CA GLU G 1091 0.84 94.54 -14.54
C GLU G 1091 0.11 95.10 -15.77
N SER G 1092 -0.52 96.25 -15.55
CA SER G 1092 -1.39 96.84 -16.55
C SER G 1092 -0.59 97.30 -17.75
N ILE G 1093 -1.31 97.56 -18.84
CA ILE G 1093 -0.68 97.85 -20.12
C ILE G 1093 -0.94 99.27 -20.60
N GLY G 1094 -2.19 99.56 -20.93
CA GLY G 1094 -2.52 100.82 -21.55
C GLY G 1094 -3.05 101.83 -20.57
N ASP G 1095 -3.98 101.39 -19.75
CA ASP G 1095 -4.46 102.19 -18.63
C ASP G 1095 -3.71 101.76 -17.38
N CYS G 1096 -3.16 102.74 -16.67
CA CYS G 1096 -2.41 102.50 -15.45
C CYS G 1096 -3.32 102.47 -14.23
N ALA G 1097 -4.56 102.02 -14.43
CA ALA G 1097 -5.66 102.31 -13.52
C ALA G 1097 -5.48 101.70 -12.15
N CYS G 1098 -4.85 100.55 -12.03
CA CYS G 1098 -4.73 99.92 -10.72
C CYS G 1098 -3.97 100.82 -9.75
N PHE G 1099 -2.76 101.21 -10.15
CA PHE G 1099 -1.94 102.12 -9.34
C PHE G 1099 -2.65 103.44 -9.10
N CYS G 1100 -3.14 104.06 -10.17
CA CYS G 1100 -3.72 105.38 -10.05
C CYS G 1100 -4.95 105.36 -9.17
N ASP G 1101 -5.76 104.30 -9.25
CA ASP G 1101 -6.96 104.21 -8.44
C ASP G 1101 -6.63 103.98 -6.98
N THR G 1102 -5.59 103.20 -6.68
CA THR G 1102 -5.19 103.08 -5.28
C THR G 1102 -4.73 104.41 -4.70
N ILE G 1103 -3.89 105.13 -5.45
CA ILE G 1103 -3.45 106.44 -4.99
C ILE G 1103 -4.64 107.39 -4.85
N ALA G 1104 -5.60 107.28 -5.75
CA ALA G 1104 -6.78 108.13 -5.69
C ALA G 1104 -7.63 107.80 -4.48
N ALA G 1105 -7.70 106.52 -4.10
CA ALA G 1105 -8.42 106.16 -2.88
C ALA G 1105 -7.77 106.77 -1.66
N TYR G 1106 -6.43 106.71 -1.59
CA TYR G 1106 -5.76 107.36 -0.46
C TYR G 1106 -6.00 108.86 -0.47
N ALA G 1107 -5.94 109.49 -1.64
CA ALA G 1107 -6.21 110.92 -1.73
C ALA G 1107 -7.64 111.25 -1.33
N HIS G 1108 -8.58 110.35 -1.65
CA HIS G 1108 -9.97 110.55 -1.24
C HIS G 1108 -10.11 110.52 0.27
N VAL G 1109 -9.42 109.58 0.92
CA VAL G 1109 -9.44 109.55 2.39
C VAL G 1109 -8.84 110.84 2.95
N CYS G 1110 -7.71 111.26 2.39
CA CYS G 1110 -7.09 112.51 2.84
C CYS G 1110 -8.05 113.68 2.70
N ALA G 1111 -8.74 113.76 1.56
CA ALA G 1111 -9.71 114.84 1.36
C ALA G 1111 -10.84 114.78 2.36
N GLN G 1112 -11.31 113.58 2.70
CA GLN G 1112 -12.30 113.45 3.75
C GLN G 1112 -11.79 114.03 5.06
N HIS G 1113 -10.50 113.81 5.35
CA HIS G 1113 -9.90 114.40 6.55
C HIS G 1113 -9.43 115.83 6.35
N GLY G 1114 -9.91 116.53 5.32
CA GLY G 1114 -9.58 117.92 5.12
C GLY G 1114 -8.26 118.19 4.44
N LYS G 1115 -7.41 117.16 4.25
CA LYS G 1115 -6.12 117.33 3.58
C LYS G 1115 -6.28 117.06 2.10
N VAL G 1116 -6.70 118.09 1.36
CA VAL G 1116 -6.80 117.99 -0.09
C VAL G 1116 -5.41 117.97 -0.69
N VAL G 1117 -5.12 116.98 -1.53
CA VAL G 1117 -3.79 116.73 -2.07
C VAL G 1117 -3.85 116.77 -3.59
N THR G 1118 -2.93 117.51 -4.19
CA THR G 1118 -2.85 117.67 -5.65
C THR G 1118 -1.81 116.71 -6.22
N TRP G 1119 -2.14 115.43 -6.23
CA TRP G 1119 -1.16 114.41 -6.58
C TRP G 1119 -1.05 114.14 -8.07
N ARG G 1120 -2.03 114.55 -8.87
CA ARG G 1120 -1.97 114.32 -10.31
C ARG G 1120 -0.86 115.15 -10.93
N THR G 1121 -0.21 114.59 -11.95
CA THR G 1121 0.75 115.32 -12.76
C THR G 1121 0.63 114.82 -14.19
N ALA G 1122 1.14 115.62 -15.12
CA ALA G 1122 1.11 115.23 -16.54
C ALA G 1122 1.89 113.94 -16.77
N THR G 1123 2.88 113.67 -15.93
CA THR G 1123 3.71 112.48 -16.06
C THR G 1123 3.32 111.36 -15.11
N LEU G 1124 2.34 111.58 -14.24
CA LEU G 1124 1.91 110.56 -13.29
C LEU G 1124 0.39 110.58 -13.23
N CYS G 1125 -0.23 109.51 -13.71
CA CYS G 1125 -1.67 109.33 -13.67
C CYS G 1125 -2.42 110.58 -14.16
N PRO G 1126 -2.11 111.08 -15.36
CA PRO G 1126 -2.78 112.30 -15.82
C PRO G 1126 -4.26 112.08 -16.07
N GLN G 1127 -5.02 113.15 -15.89
CA GLN G 1127 -6.44 113.15 -16.19
C GLN G 1127 -6.78 114.44 -16.91
N SER G 1128 -7.65 114.35 -17.91
CA SER G 1128 -8.03 115.50 -18.72
C SER G 1128 -9.54 115.58 -18.83
N CYS G 1129 -10.06 116.80 -18.83
CA CYS G 1129 -11.48 117.07 -18.96
C CYS G 1129 -11.83 117.76 -20.27
N GLU G 1130 -10.82 118.03 -21.09
CA GLU G 1130 -10.99 118.76 -22.35
C GLU G 1130 -11.98 118.11 -23.29
N GLU G 1131 -12.24 116.81 -23.15
CA GLU G 1131 -13.24 116.15 -23.99
C GLU G 1131 -14.62 116.78 -23.84
N ARG G 1132 -14.91 117.35 -22.67
CA ARG G 1132 -16.19 118.00 -22.43
C ARG G 1132 -16.22 119.45 -22.91
N ASN G 1133 -15.06 120.05 -23.16
CA ASN G 1133 -14.99 121.44 -23.58
C ASN G 1133 -15.05 121.63 -25.09
N LEU G 1134 -14.48 120.72 -25.86
CA LEU G 1134 -14.67 120.74 -27.31
C LEU G 1134 -16.12 120.45 -27.68
N ARG G 1135 -16.60 121.11 -28.73
CA ARG G 1135 -18.03 121.25 -28.96
C ARG G 1135 -18.29 121.51 -30.43
N GLU G 1136 -19.55 121.28 -30.84
CA GLU G 1136 -19.97 121.61 -32.20
C GLU G 1136 -19.83 123.09 -32.53
N ASN G 1137 -19.89 123.94 -31.51
CA ASN G 1137 -19.62 125.37 -31.67
C ASN G 1137 -18.13 125.69 -31.69
N GLY G 1138 -17.26 124.68 -31.62
CA GLY G 1138 -15.84 124.88 -31.43
C GLY G 1138 -15.36 124.45 -30.06
N TYR G 1139 -15.21 125.38 -29.13
CA TYR G 1139 -14.64 125.05 -27.83
C TYR G 1139 -15.08 126.08 -26.80
N GLU G 1140 -15.44 125.63 -25.61
CA GLU G 1140 -15.59 126.50 -24.45
C GLU G 1140 -15.17 125.77 -23.18
N CYS G 1141 -14.34 126.41 -22.39
CA CYS G 1141 -13.53 125.78 -21.34
C CYS G 1141 -14.19 125.79 -19.97
N GLU G 1142 -15.47 125.43 -19.90
CA GLU G 1142 -16.18 125.43 -18.61
C GLU G 1142 -15.73 124.30 -17.70
N TRP G 1143 -15.41 123.12 -18.24
CA TRP G 1143 -14.94 122.02 -17.40
C TRP G 1143 -13.44 122.12 -17.11
N ARG G 1144 -13.09 121.91 -15.85
CA ARG G 1144 -11.71 121.81 -15.40
C ARG G 1144 -11.58 120.61 -14.48
N TYR G 1145 -10.44 119.93 -14.53
CA TYR G 1145 -10.10 119.03 -13.43
C TYR G 1145 -9.85 119.86 -12.17
N ASN G 1146 -10.38 119.37 -11.05
CA ASN G 1146 -10.05 119.92 -9.74
C ASN G 1146 -9.65 118.78 -8.81
N SER G 1147 -8.60 119.01 -8.01
CA SER G 1147 -8.14 117.99 -7.08
C SER G 1147 -9.29 117.41 -6.28
N CYS G 1148 -10.14 118.27 -5.74
CA CYS G 1148 -11.44 117.84 -5.26
C CYS G 1148 -12.36 119.05 -5.29
N ALA G 1149 -13.58 118.84 -5.75
CA ALA G 1149 -14.60 119.86 -5.81
C ALA G 1149 -15.75 119.49 -4.91
N PRO G 1150 -16.58 120.46 -4.51
CA PRO G 1150 -17.76 120.13 -3.69
C PRO G 1150 -18.61 119.07 -4.38
N ALA G 1151 -19.05 118.09 -3.59
CA ALA G 1151 -19.51 116.83 -4.17
C ALA G 1151 -20.89 116.98 -4.82
N CYS G 1152 -21.78 117.73 -4.21
CA CYS G 1152 -23.20 117.66 -4.55
C CYS G 1152 -23.73 119.05 -4.94
N GLN G 1153 -23.08 119.64 -5.94
CA GLN G 1153 -23.45 120.95 -6.44
C GLN G 1153 -24.91 120.99 -6.90
N VAL G 1154 -25.43 122.20 -7.02
CA VAL G 1154 -26.76 122.42 -7.58
C VAL G 1154 -26.68 122.29 -9.10
N THR G 1155 -27.73 121.74 -9.70
CA THR G 1155 -27.81 121.57 -11.15
C THR G 1155 -29.25 121.74 -11.59
N CYS G 1156 -29.45 121.77 -12.91
CA CYS G 1156 -30.80 121.80 -13.45
C CYS G 1156 -31.59 120.55 -13.09
N GLN G 1157 -30.92 119.45 -12.80
CA GLN G 1157 -31.58 118.23 -12.36
C GLN G 1157 -31.67 118.12 -10.85
N HIS G 1158 -30.86 118.87 -10.12
CA HIS G 1158 -30.90 118.91 -8.65
C HIS G 1158 -30.90 120.36 -8.20
N PRO G 1159 -31.98 121.10 -8.50
CA PRO G 1159 -32.00 122.53 -8.13
C PRO G 1159 -31.90 122.75 -6.63
N GLU G 1160 -32.49 121.88 -5.83
CA GLU G 1160 -32.41 122.05 -4.39
C GLU G 1160 -31.11 121.44 -3.85
N PRO G 1161 -30.52 122.04 -2.82
CA PRO G 1161 -29.36 121.42 -2.19
C PRO G 1161 -29.78 120.18 -1.41
N LEU G 1162 -28.96 119.15 -1.49
CA LEU G 1162 -29.26 117.86 -0.87
C LEU G 1162 -28.04 117.35 -0.12
N ALA G 1163 -28.25 116.91 1.11
CA ALA G 1163 -27.15 116.42 1.93
C ALA G 1163 -26.61 115.12 1.37
N CYS G 1164 -25.29 114.98 1.38
CA CYS G 1164 -24.63 113.81 0.81
C CYS G 1164 -23.34 113.56 1.58
N PRO G 1165 -22.88 112.31 1.63
CA PRO G 1165 -21.89 111.93 2.65
C PRO G 1165 -20.55 112.64 2.53
N VAL G 1166 -20.02 112.80 1.33
CA VAL G 1166 -18.66 113.28 1.14
C VAL G 1166 -18.68 114.74 0.75
N GLN G 1167 -17.83 115.54 1.40
CA GLN G 1167 -17.82 116.98 1.15
C GLN G 1167 -17.16 117.31 -0.18
N CYS G 1168 -16.05 116.64 -0.50
CA CYS G 1168 -15.22 117.06 -1.62
C CYS G 1168 -14.70 115.83 -2.35
N VAL G 1169 -14.84 115.80 -3.67
CA VAL G 1169 -14.48 114.63 -4.47
C VAL G 1169 -13.68 115.07 -5.69
N GLU G 1170 -12.73 114.22 -6.08
CA GLU G 1170 -11.89 114.47 -7.24
C GLU G 1170 -12.66 114.28 -8.54
N GLY G 1171 -12.25 115.02 -9.56
CA GLY G 1171 -12.62 114.77 -10.93
C GLY G 1171 -12.85 116.05 -11.70
N CYS G 1172 -13.44 115.89 -12.89
CA CYS G 1172 -13.84 117.02 -13.71
C CYS G 1172 -14.98 117.80 -13.09
N HIS G 1173 -14.81 119.12 -13.02
CA HIS G 1173 -15.76 120.01 -12.38
C HIS G 1173 -16.04 121.18 -13.31
N ALA G 1174 -17.31 121.53 -13.49
CA ALA G 1174 -17.69 122.67 -14.31
C ALA G 1174 -17.69 123.93 -13.45
N HIS G 1175 -16.85 124.90 -13.81
CA HIS G 1175 -16.85 126.21 -13.18
C HIS G 1175 -17.37 127.25 -14.16
N CYS G 1176 -18.41 127.98 -13.76
CA CYS G 1176 -19.09 128.93 -14.63
C CYS G 1176 -19.61 130.08 -13.77
N PRO G 1177 -19.98 131.21 -14.39
CA PRO G 1177 -20.13 132.46 -13.63
C PRO G 1177 -21.27 132.43 -12.62
N PRO G 1178 -21.41 133.48 -11.80
CA PRO G 1178 -22.48 133.51 -10.80
C PRO G 1178 -23.86 133.46 -11.43
N GLY G 1179 -24.81 132.90 -10.68
CA GLY G 1179 -26.17 132.76 -11.17
C GLY G 1179 -26.35 131.74 -12.26
N LYS G 1180 -25.27 131.25 -12.85
CA LYS G 1180 -25.32 130.26 -13.91
C LYS G 1180 -25.32 128.85 -13.31
N ILE G 1181 -26.10 127.95 -13.90
CA ILE G 1181 -26.32 126.62 -13.33
C ILE G 1181 -26.01 125.58 -14.39
N LEU G 1182 -25.39 124.47 -13.97
CA LEU G 1182 -25.10 123.36 -14.87
C LEU G 1182 -26.37 122.59 -15.22
N ASP G 1183 -26.50 122.22 -16.49
CA ASP G 1183 -27.43 121.20 -16.94
C ASP G 1183 -26.67 119.88 -17.17
N GLU G 1184 -27.02 118.86 -16.41
CA GLU G 1184 -26.35 117.56 -16.52
C GLU G 1184 -26.65 116.85 -17.84
N LEU G 1185 -27.80 117.10 -18.45
CA LEU G 1185 -28.07 116.51 -19.77
C LEU G 1185 -27.20 117.13 -20.85
N LEU G 1186 -26.96 118.43 -20.77
CA LEU G 1186 -26.06 119.09 -21.71
C LEU G 1186 -24.60 118.99 -21.30
N GLN G 1187 -24.31 118.60 -20.06
CA GLN G 1187 -23.02 118.85 -19.44
C GLN G 1187 -22.54 120.27 -19.71
N THR G 1188 -23.45 121.23 -19.60
CA THR G 1188 -23.20 122.61 -19.97
C THR G 1188 -23.93 123.52 -18.98
N CYS G 1189 -23.28 124.62 -18.61
CA CYS G 1189 -23.90 125.64 -17.76
C CYS G 1189 -24.95 126.43 -18.54
N VAL G 1190 -26.14 126.58 -17.93
CA VAL G 1190 -27.26 127.29 -18.54
C VAL G 1190 -27.98 128.08 -17.44
N ASP G 1191 -28.81 129.04 -17.87
CA ASP G 1191 -29.54 129.86 -16.92
C ASP G 1191 -30.50 129.01 -16.10
N PRO G 1192 -30.87 129.47 -14.89
CA PRO G 1192 -31.82 128.70 -14.08
C PRO G 1192 -33.13 128.45 -14.78
N GLU G 1193 -33.55 129.33 -15.68
CA GLU G 1193 -34.81 129.17 -16.39
C GLU G 1193 -34.71 128.21 -17.57
N ASP G 1194 -33.50 127.77 -17.92
CA ASP G 1194 -33.31 126.88 -19.07
C ASP G 1194 -33.40 125.41 -18.71
N CYS G 1195 -33.68 125.07 -17.47
CA CYS G 1195 -33.71 123.68 -17.07
C CYS G 1195 -34.83 122.94 -17.80
N PRO G 1196 -34.62 121.69 -18.20
CA PRO G 1196 -35.68 120.95 -18.91
C PRO G 1196 -36.77 120.41 -18.00
N VAL G 1197 -36.57 120.42 -16.68
CA VAL G 1197 -37.58 119.92 -15.75
C VAL G 1197 -37.79 120.90 -14.60
N SER G 1262 -41.88 101.35 33.15
CA SER G 1262 -42.81 101.83 32.13
C SER G 1262 -43.85 100.77 31.80
N GLU G 1263 -45.07 101.22 31.47
CA GLU G 1263 -46.22 100.37 31.25
C GLU G 1263 -46.43 99.42 32.42
N PRO G 1264 -46.85 99.94 33.57
CA PRO G 1264 -47.15 99.06 34.73
C PRO G 1264 -48.25 98.04 34.44
N PRO G 1265 -49.35 98.39 33.73
CA PRO G 1265 -50.50 97.47 33.72
C PRO G 1265 -50.31 96.21 32.89
N LEU G 1266 -49.08 95.90 32.48
CA LEU G 1266 -48.84 94.65 31.77
C LEU G 1266 -49.26 93.44 32.60
N HIS G 1267 -49.26 93.57 33.93
CA HIS G 1267 -49.74 92.51 34.79
C HIS G 1267 -50.11 93.10 36.15
N ASP G 1268 -50.92 92.34 36.90
CA ASP G 1268 -51.30 92.78 38.25
C ASP G 1268 -50.09 92.89 39.16
N PHE G 1269 -49.06 92.07 38.94
CA PHE G 1269 -47.84 92.13 39.72
C PHE G 1269 -46.81 92.96 38.95
N TYR G 1270 -46.40 94.07 39.55
CA TYR G 1270 -45.43 94.98 38.94
C TYR G 1270 -44.49 95.44 40.04
N CYS G 1271 -43.19 95.33 39.79
CA CYS G 1271 -42.19 95.34 40.84
C CYS G 1271 -41.30 96.57 40.65
N SER G 1272 -41.67 97.67 41.31
CA SER G 1272 -40.96 98.94 41.20
C SER G 1272 -40.11 99.12 42.46
N ARG G 1273 -38.88 98.61 42.40
CA ARG G 1273 -37.96 98.68 43.52
C ARG G 1273 -36.55 98.44 43.02
N LEU G 1274 -35.58 98.77 43.87
CA LEU G 1274 -34.17 98.76 43.49
C LEU G 1274 -33.66 97.33 43.46
N LEU G 1275 -33.31 96.84 42.27
CA LEU G 1275 -32.84 95.48 42.11
C LEU G 1275 -31.90 95.38 40.91
N ASP G 1276 -30.88 94.54 41.03
CA ASP G 1276 -30.09 94.05 39.90
C ASP G 1276 -30.28 92.54 39.78
N LEU G 1277 -30.72 92.08 38.61
CA LEU G 1277 -31.15 90.70 38.42
C LEU G 1277 -30.47 90.08 37.21
N VAL G 1278 -29.92 88.87 37.38
CA VAL G 1278 -29.31 88.11 36.28
C VAL G 1278 -30.02 86.77 36.15
N PHE G 1279 -30.50 86.48 34.94
CA PHE G 1279 -31.02 85.15 34.59
C PHE G 1279 -29.91 84.29 33.98
N LEU G 1280 -29.55 83.21 34.65
CA LEU G 1280 -28.55 82.28 34.14
C LEU G 1280 -29.25 81.05 33.59
N LEU G 1281 -29.12 80.81 32.29
CA LEU G 1281 -29.91 79.81 31.58
C LEU G 1281 -29.05 78.65 31.11
N ASP G 1282 -29.43 77.43 31.50
CA ASP G 1282 -28.70 76.23 31.16
C ASP G 1282 -28.81 75.95 29.66
N GLY G 1283 -27.69 76.05 28.95
CA GLY G 1283 -27.64 75.78 27.53
C GLY G 1283 -27.30 74.35 27.15
N SER G 1284 -27.41 73.42 28.09
CA SER G 1284 -27.03 72.05 27.83
C SER G 1284 -28.13 71.30 27.07
N SER G 1285 -27.76 70.12 26.57
CA SER G 1285 -28.69 69.29 25.81
C SER G 1285 -29.78 68.69 26.67
N ARG G 1286 -29.66 68.74 28.00
CA ARG G 1286 -30.69 68.21 28.87
C ARG G 1286 -32.02 68.94 28.70
N LEU G 1287 -31.99 70.15 28.15
CA LEU G 1287 -33.19 70.83 27.70
C LEU G 1287 -33.26 70.78 26.19
N SER G 1288 -34.35 70.23 25.66
CA SER G 1288 -34.59 70.28 24.23
C SER G 1288 -34.95 71.71 23.84
N GLU G 1289 -34.85 71.98 22.53
CA GLU G 1289 -35.14 73.33 22.05
C GLU G 1289 -36.54 73.78 22.46
N ALA G 1290 -37.53 72.88 22.43
CA ALA G 1290 -38.88 73.24 22.86
C ALA G 1290 -38.89 73.65 24.34
N GLU G 1291 -38.19 72.90 25.18
CA GLU G 1291 -38.11 73.24 26.58
C GLU G 1291 -37.38 74.55 26.76
N PHE G 1292 -36.31 74.77 25.98
CA PHE G 1292 -35.61 76.04 26.09
C PHE G 1292 -36.52 77.19 25.69
N GLU G 1293 -37.43 76.96 24.76
CA GLU G 1293 -38.39 78.00 24.37
C GLU G 1293 -39.30 78.36 25.50
N VAL G 1294 -39.83 77.37 26.23
CA VAL G 1294 -40.71 77.72 27.34
C VAL G 1294 -39.91 78.37 28.47
N LEU G 1295 -38.64 77.98 28.64
CA LEU G 1295 -37.77 78.63 29.60
C LEU G 1295 -37.55 80.09 29.25
N LYS G 1296 -37.37 80.37 27.96
CA LYS G 1296 -37.24 81.75 27.50
C LYS G 1296 -38.51 82.52 27.74
N ALA G 1297 -39.66 81.91 27.50
CA ALA G 1297 -40.93 82.58 27.76
C ALA G 1297 -41.09 82.92 29.24
N PHE G 1298 -40.63 82.02 30.12
CA PHE G 1298 -40.60 82.28 31.55
C PHE G 1298 -39.75 83.50 31.91
N VAL G 1299 -38.56 83.58 31.31
CA VAL G 1299 -37.74 84.80 31.46
C VAL G 1299 -38.49 86.03 30.96
N VAL G 1300 -39.16 85.89 29.82
CA VAL G 1300 -39.75 87.06 29.18
C VAL G 1300 -40.91 87.61 30.02
N ASP G 1301 -41.78 86.72 30.52
CA ASP G 1301 -42.88 87.22 31.34
C ASP G 1301 -42.39 87.77 32.67
N MET G 1302 -41.34 87.17 33.26
CA MET G 1302 -40.77 87.79 34.45
C MET G 1302 -40.26 89.19 34.15
N MET G 1303 -39.64 89.40 32.99
CA MET G 1303 -39.25 90.75 32.61
C MET G 1303 -40.46 91.65 32.37
N GLU G 1304 -41.57 91.07 31.93
CA GLU G 1304 -42.82 91.85 31.88
C GLU G 1304 -43.24 92.31 33.26
N ARG G 1305 -42.93 91.53 34.29
CA ARG G 1305 -43.38 91.82 35.65
C ARG G 1305 -42.33 92.58 36.47
N LEU G 1306 -41.28 93.09 35.84
CA LEU G 1306 -40.29 93.94 36.51
C LEU G 1306 -40.24 95.30 35.86
N ARG G 1307 -40.06 96.34 36.68
CA ARG G 1307 -39.94 97.72 36.19
C ARG G 1307 -38.53 97.89 35.64
N ILE G 1308 -38.36 97.61 34.36
CA ILE G 1308 -37.04 97.60 33.74
C ILE G 1308 -36.59 99.03 33.47
N SER G 1309 -35.46 99.41 34.05
CA SER G 1309 -34.80 100.70 33.82
C SER G 1309 -33.50 100.71 34.61
N GLN G 1310 -32.63 101.66 34.29
CA GLN G 1310 -31.45 101.86 35.11
C GLN G 1310 -31.84 102.25 36.53
N LYS G 1311 -32.85 103.10 36.67
CA LYS G 1311 -33.58 103.21 37.92
C LYS G 1311 -34.40 101.95 38.16
N TRP G 1312 -34.67 101.66 39.44
CA TRP G 1312 -35.44 100.49 39.82
C TRP G 1312 -34.69 99.22 39.41
N VAL G 1313 -35.22 98.43 38.48
CA VAL G 1313 -34.73 97.08 38.25
C VAL G 1313 -33.87 97.06 36.99
N ARG G 1314 -32.66 96.51 37.11
CA ARG G 1314 -31.79 96.21 35.98
C ARG G 1314 -31.72 94.70 35.78
N VAL G 1315 -31.85 94.26 34.53
CA VAL G 1315 -31.93 92.85 34.19
C VAL G 1315 -30.83 92.50 33.21
N ALA G 1316 -30.23 91.33 33.42
CA ALA G 1316 -29.28 90.74 32.48
C ALA G 1316 -29.64 89.29 32.25
N VAL G 1317 -29.33 88.81 31.05
CA VAL G 1317 -29.65 87.45 30.64
C VAL G 1317 -28.37 86.78 30.16
N VAL G 1318 -28.10 85.58 30.66
CA VAL G 1318 -26.83 84.90 30.41
C VAL G 1318 -27.09 83.43 30.17
N GLU G 1319 -26.85 82.97 28.95
CA GLU G 1319 -26.83 81.54 28.67
C GLU G 1319 -25.44 80.99 28.90
N TYR G 1320 -25.35 79.87 29.59
CA TYR G 1320 -24.08 79.18 29.80
C TYR G 1320 -24.13 77.81 29.14
N HIS G 1321 -23.18 77.56 28.26
CA HIS G 1321 -23.08 76.30 27.53
C HIS G 1321 -21.63 75.84 27.49
N ASP G 1322 -20.98 75.80 28.65
CA ASP G 1322 -19.55 75.69 28.89
C ASP G 1322 -18.85 77.03 28.63
N GLY G 1323 -19.57 78.02 28.13
CA GLY G 1323 -19.08 79.38 28.14
C GLY G 1323 -20.26 80.31 28.35
N SER G 1324 -19.99 81.42 29.01
CA SER G 1324 -21.07 82.28 29.51
C SER G 1324 -21.48 83.27 28.44
N HIS G 1325 -22.44 82.86 27.62
CA HIS G 1325 -22.99 83.71 26.55
C HIS G 1325 -23.99 84.71 27.12
N ALA G 1326 -23.56 85.95 27.28
CA ALA G 1326 -24.43 87.01 27.76
C ALA G 1326 -25.18 87.64 26.59
N TYR G 1327 -26.50 87.74 26.71
CA TYR G 1327 -27.33 88.39 25.70
C TYR G 1327 -27.78 89.78 26.12
N ILE G 1328 -27.96 90.02 27.41
CA ILE G 1328 -28.33 91.34 27.92
C ILE G 1328 -27.43 91.66 29.10
N GLY G 1329 -26.93 92.88 29.15
CA GLY G 1329 -26.14 93.33 30.27
C GLY G 1329 -26.86 94.38 31.09
N LEU G 1330 -26.50 94.52 32.37
CA LEU G 1330 -27.17 95.49 33.22
C LEU G 1330 -26.93 96.91 32.77
N LYS G 1331 -25.87 97.15 31.99
CA LYS G 1331 -25.59 98.49 31.49
C LYS G 1331 -26.40 98.83 30.25
N ASP G 1332 -27.08 97.86 29.63
CA ASP G 1332 -27.79 98.12 28.40
C ASP G 1332 -28.89 99.15 28.63
N ARG G 1333 -28.91 100.18 27.78
CA ARG G 1333 -29.85 101.27 27.90
C ARG G 1333 -31.10 101.07 27.05
N LYS G 1334 -31.26 99.91 26.42
CA LYS G 1334 -32.37 99.68 25.52
C LYS G 1334 -33.69 99.67 26.27
N ARG G 1335 -34.76 99.99 25.56
CA ARG G 1335 -36.07 100.12 26.16
C ARG G 1335 -36.60 98.76 26.60
N PRO G 1336 -37.53 98.72 27.57
CA PRO G 1336 -38.02 97.44 28.07
C PRO G 1336 -38.57 96.53 27.00
N SER G 1337 -39.29 97.08 26.02
CA SER G 1337 -39.82 96.23 24.94
C SER G 1337 -38.70 95.59 24.15
N GLU G 1338 -37.66 96.37 23.83
CA GLU G 1338 -36.51 95.82 23.11
C GLU G 1338 -35.81 94.74 23.92
N LEU G 1339 -35.68 94.97 25.23
CA LEU G 1339 -35.04 93.96 26.09
C LEU G 1339 -35.85 92.68 26.14
N ARG G 1340 -37.18 92.80 26.23
CA ARG G 1340 -38.02 91.61 26.21
C ARG G 1340 -37.92 90.88 24.88
N ARG G 1341 -37.83 91.64 23.78
CA ARG G 1341 -37.63 91.01 22.48
C ARG G 1341 -36.31 90.25 22.43
N ILE G 1342 -35.25 90.87 22.93
CA ILE G 1342 -33.94 90.22 22.94
C ILE G 1342 -33.99 88.94 23.76
N ALA G 1343 -34.63 88.99 24.92
CA ALA G 1343 -34.76 87.79 25.75
C ALA G 1343 -35.56 86.72 25.02
N SER G 1344 -36.63 87.11 24.33
CA SER G 1344 -37.45 86.16 23.60
C SER G 1344 -36.67 85.52 22.46
N GLN G 1345 -35.68 86.22 21.91
CA GLN G 1345 -34.92 85.70 20.78
C GLN G 1345 -33.55 85.16 21.18
N VAL G 1346 -33.38 84.77 22.45
CA VAL G 1346 -32.17 84.06 22.85
C VAL G 1346 -32.09 82.73 22.12
N LYS G 1347 -30.93 82.43 21.56
CA LYS G 1347 -30.80 81.20 20.80
C LYS G 1347 -30.54 80.02 21.73
N TYR G 1348 -30.63 78.82 21.15
CA TYR G 1348 -30.49 77.58 21.88
C TYR G 1348 -29.18 76.92 21.49
N ALA G 1349 -28.36 76.61 22.49
CA ALA G 1349 -27.06 76.01 22.24
C ALA G 1349 -27.11 74.49 22.20
N GLY G 1350 -27.63 73.87 23.24
CA GLY G 1350 -27.70 72.42 23.29
C GLY G 1350 -26.37 71.72 23.45
N SER G 1351 -25.50 72.26 24.29
CA SER G 1351 -24.21 71.63 24.54
C SER G 1351 -24.37 70.35 25.34
N GLN G 1352 -23.40 69.46 25.21
CA GLN G 1352 -23.41 68.24 26.02
C GLN G 1352 -22.98 68.51 27.46
N VAL G 1353 -22.29 69.60 27.72
CA VAL G 1353 -21.88 69.97 29.07
C VAL G 1353 -22.07 71.47 29.24
N ALA G 1354 -22.53 71.87 30.43
CA ALA G 1354 -22.73 73.29 30.75
C ALA G 1354 -22.18 73.51 32.15
N SER G 1355 -20.92 73.94 32.22
CA SER G 1355 -20.25 74.15 33.50
C SER G 1355 -20.97 75.21 34.33
N THR G 1356 -21.51 74.79 35.47
CA THR G 1356 -22.25 75.67 36.36
C THR G 1356 -21.30 76.52 37.20
N SER G 1357 -20.19 75.92 37.63
CA SER G 1357 -19.15 76.68 38.31
C SER G 1357 -18.57 77.74 37.39
N GLU G 1358 -18.48 77.47 36.09
CA GLU G 1358 -17.94 78.44 35.17
C GLU G 1358 -18.85 79.67 35.05
N VAL G 1359 -20.17 79.47 35.03
CA VAL G 1359 -21.05 80.63 34.97
C VAL G 1359 -21.09 81.37 36.29
N LEU G 1360 -20.94 80.67 37.42
CA LEU G 1360 -20.75 81.39 38.69
C LEU G 1360 -19.48 82.23 38.67
N LYS G 1361 -18.40 81.69 38.08
CA LYS G 1361 -17.17 82.46 37.93
C LYS G 1361 -17.41 83.68 37.06
N TYR G 1362 -18.10 83.49 35.94
CA TYR G 1362 -18.37 84.61 35.03
C TYR G 1362 -19.14 85.70 35.74
N THR G 1363 -20.27 85.36 36.38
CA THR G 1363 -21.06 86.40 37.02
C THR G 1363 -20.28 87.09 38.13
N LEU G 1364 -19.47 86.32 38.87
CA LEU G 1364 -18.70 86.88 39.99
C LEU G 1364 -17.66 87.88 39.50
N PHE G 1365 -16.88 87.51 38.50
CA PHE G 1365 -15.74 88.34 38.13
C PHE G 1365 -16.03 89.32 37.00
N GLN G 1366 -17.05 89.08 36.20
CA GLN G 1366 -17.34 89.92 35.05
C GLN G 1366 -18.66 90.65 35.12
N ILE G 1367 -19.71 90.05 35.67
CA ILE G 1367 -20.98 90.78 35.77
C ILE G 1367 -20.94 91.75 36.93
N PHE G 1368 -20.75 91.22 38.12
CA PHE G 1368 -20.59 92.02 39.33
C PHE G 1368 -19.14 92.37 39.62
N SER G 1369 -18.41 92.79 38.59
CA SER G 1369 -17.02 93.19 38.77
C SER G 1369 -16.92 94.40 39.69
N LYS G 1370 -17.80 95.38 39.51
CA LYS G 1370 -17.86 96.54 40.38
C LYS G 1370 -19.31 96.76 40.79
N ILE G 1371 -19.52 96.93 42.09
CA ILE G 1371 -20.86 97.16 42.62
C ILE G 1371 -21.21 98.64 42.48
N ASP G 1372 -21.79 99.01 41.34
CA ASP G 1372 -22.13 100.40 41.08
C ASP G 1372 -23.45 100.82 41.71
N ARG G 1373 -24.22 99.89 42.27
CA ARG G 1373 -25.46 100.21 43.00
C ARG G 1373 -25.44 99.49 44.35
N PRO G 1374 -24.55 99.91 45.26
CA PRO G 1374 -24.42 99.20 46.54
C PRO G 1374 -25.69 99.20 47.36
N GLU G 1375 -26.59 100.16 47.15
CA GLU G 1375 -27.87 100.18 47.82
C GLU G 1375 -28.89 99.21 47.22
N ALA G 1376 -28.75 98.86 45.94
CA ALA G 1376 -29.70 97.95 45.30
C ALA G 1376 -29.35 96.50 45.61
N SER G 1377 -30.39 95.67 45.74
CA SER G 1377 -30.18 94.23 45.91
C SER G 1377 -29.68 93.60 44.63
N ARG G 1378 -28.79 92.61 44.76
CA ARG G 1378 -28.19 91.91 43.64
C ARG G 1378 -28.52 90.43 43.69
N ILE G 1379 -29.20 89.92 42.66
CA ILE G 1379 -29.74 88.56 42.68
C ILE G 1379 -29.45 87.86 41.35
N ALA G 1380 -29.13 86.57 41.42
CA ALA G 1380 -28.94 85.71 40.25
C ALA G 1380 -29.84 84.50 40.35
N LEU G 1381 -30.57 84.18 39.28
CA LEU G 1381 -31.27 82.90 39.17
C LEU G 1381 -30.36 81.92 38.44
N LEU G 1382 -29.77 80.99 39.19
CA LEU G 1382 -28.99 79.91 38.58
C LEU G 1382 -29.94 78.81 38.15
N LEU G 1383 -30.62 79.07 37.04
CA LEU G 1383 -31.56 78.09 36.50
C LEU G 1383 -30.78 77.00 35.78
N MET G 1384 -30.93 75.76 36.23
CA MET G 1384 -30.00 74.70 35.91
C MET G 1384 -30.72 73.38 35.76
N ALA G 1385 -30.28 72.58 34.79
CA ALA G 1385 -30.99 71.37 34.40
C ALA G 1385 -30.06 70.23 34.03
N SER G 1386 -28.78 70.31 34.40
CA SER G 1386 -27.80 69.33 33.94
C SER G 1386 -26.70 69.17 34.96
N GLN G 1387 -26.05 68.01 34.92
CA GLN G 1387 -24.85 67.78 35.72
C GLN G 1387 -23.64 68.41 35.04
N GLU G 1388 -22.51 68.38 35.74
CA GLU G 1388 -21.24 68.74 35.16
C GLU G 1388 -20.19 67.76 35.64
N PRO G 1389 -19.15 67.51 34.84
CA PRO G 1389 -18.11 66.58 35.28
C PRO G 1389 -17.48 67.05 36.58
N GLN G 1390 -17.12 66.09 37.43
CA GLN G 1390 -16.66 66.41 38.77
C GLN G 1390 -15.42 67.31 38.73
N ARG G 1391 -14.53 67.09 37.77
CA ARG G 1391 -13.32 67.88 37.69
C ARG G 1391 -13.62 69.36 37.49
N MET G 1392 -14.77 69.70 36.93
CA MET G 1392 -15.13 71.09 36.70
C MET G 1392 -15.85 71.72 37.88
N SER G 1393 -16.22 70.94 38.89
CA SER G 1393 -16.97 71.44 40.04
C SER G 1393 -16.09 71.82 41.22
N ARG G 1394 -14.77 71.83 41.05
CA ARG G 1394 -13.88 71.93 42.19
C ARG G 1394 -13.88 73.31 42.83
N ASN G 1395 -14.12 74.36 42.04
CA ASN G 1395 -14.11 75.72 42.55
C ASN G 1395 -15.51 76.29 42.75
N PHE G 1396 -16.52 75.43 42.73
CA PHE G 1396 -17.91 75.89 42.83
C PHE G 1396 -18.17 76.61 44.14
N VAL G 1397 -17.79 75.99 45.26
CA VAL G 1397 -18.04 76.57 46.58
C VAL G 1397 -17.31 77.90 46.72
N ARG G 1398 -16.08 77.99 46.18
CA ARG G 1398 -15.34 79.24 46.27
C ARG G 1398 -16.09 80.37 45.59
N TYR G 1399 -16.63 80.10 44.40
CA TYR G 1399 -17.33 81.14 43.66
C TYR G 1399 -18.63 81.55 44.35
N VAL G 1400 -19.38 80.57 44.87
CA VAL G 1400 -20.62 80.95 45.54
C VAL G 1400 -20.33 81.75 46.81
N GLN G 1401 -19.27 81.39 47.53
CA GLN G 1401 -18.91 82.16 48.72
C GLN G 1401 -18.43 83.55 48.35
N GLY G 1402 -17.69 83.68 47.24
CA GLY G 1402 -17.32 85.01 46.78
C GLY G 1402 -18.53 85.85 46.42
N LEU G 1403 -19.52 85.24 45.79
CA LEU G 1403 -20.76 85.94 45.50
C LEU G 1403 -21.47 86.37 46.78
N LYS G 1404 -21.42 85.52 47.80
CA LYS G 1404 -21.99 85.90 49.09
C LYS G 1404 -21.27 87.09 49.69
N LYS G 1405 -19.94 87.10 49.60
CA LYS G 1405 -19.16 88.21 50.14
C LYS G 1405 -19.51 89.52 49.45
N LYS G 1406 -19.90 89.46 48.18
CA LYS G 1406 -20.43 90.63 47.48
C LYS G 1406 -21.91 90.86 47.76
N LYS G 1407 -22.51 90.04 48.63
CA LYS G 1407 -23.96 89.99 48.86
C LYS G 1407 -24.77 89.82 47.56
N VAL G 1408 -24.20 89.14 46.58
CA VAL G 1408 -24.96 88.70 45.41
C VAL G 1408 -25.73 87.44 45.77
N ILE G 1409 -27.05 87.55 45.87
CA ILE G 1409 -27.90 86.40 46.17
C ILE G 1409 -27.92 85.48 44.95
N VAL G 1410 -27.86 84.16 45.19
CA VAL G 1410 -28.04 83.17 44.14
C VAL G 1410 -29.20 82.24 44.50
N ILE G 1411 -30.23 82.23 43.65
CA ILE G 1411 -31.41 81.40 43.80
C ILE G 1411 -31.34 80.26 42.79
N PRO G 1412 -30.87 79.08 43.17
CA PRO G 1412 -30.83 77.95 42.23
C PRO G 1412 -32.24 77.44 41.91
N VAL G 1413 -32.48 77.22 40.62
CA VAL G 1413 -33.76 76.69 40.13
C VAL G 1413 -33.49 75.42 39.35
N GLY G 1414 -33.37 74.30 40.07
CA GLY G 1414 -33.12 73.02 39.42
C GLY G 1414 -34.36 72.52 38.72
N ILE G 1415 -34.18 72.02 37.49
CA ILE G 1415 -35.27 71.50 36.68
C ILE G 1415 -34.91 70.14 36.11
N GLY G 1416 -35.82 69.18 36.26
CA GLY G 1416 -35.66 67.88 35.66
C GLY G 1416 -34.86 66.91 36.49
N PRO G 1417 -34.91 65.63 36.12
CA PRO G 1417 -34.16 64.62 36.87
C PRO G 1417 -32.65 64.83 36.82
N HIS G 1418 -32.14 65.48 35.79
CA HIS G 1418 -30.70 65.64 35.61
C HIS G 1418 -30.15 66.89 36.28
N ALA G 1419 -30.98 67.67 36.98
CA ALA G 1419 -30.46 68.82 37.71
C ALA G 1419 -29.43 68.38 38.74
N ASN G 1420 -28.39 69.20 38.92
CA ASN G 1420 -27.31 68.91 39.85
C ASN G 1420 -27.74 69.28 41.28
N LEU G 1421 -28.58 68.43 41.85
CA LEU G 1421 -29.11 68.66 43.19
C LEU G 1421 -28.02 68.92 44.23
N LYS G 1422 -26.88 68.23 44.11
CA LYS G 1422 -25.79 68.43 45.06
C LYS G 1422 -25.30 69.89 45.06
N GLN G 1423 -25.08 70.44 43.87
CA GLN G 1423 -24.66 71.84 43.77
C GLN G 1423 -25.73 72.78 44.31
N ILE G 1424 -26.99 72.41 44.13
CA ILE G 1424 -28.11 73.19 44.67
C ILE G 1424 -28.05 73.23 46.20
N ARG G 1425 -27.90 72.07 46.83
CA ARG G 1425 -27.83 72.03 48.29
C ARG G 1425 -26.59 72.76 48.79
N LEU G 1426 -25.48 72.64 48.06
CA LEU G 1426 -24.27 73.38 48.43
C LEU G 1426 -24.51 74.89 48.40
N ILE G 1427 -25.24 75.37 47.38
CA ILE G 1427 -25.60 76.77 47.36
C ILE G 1427 -26.49 77.12 48.55
N GLU G 1428 -27.47 76.27 48.85
CA GLU G 1428 -28.38 76.57 49.97
C GLU G 1428 -27.63 76.65 51.29
N LYS G 1429 -26.58 75.84 51.46
CA LYS G 1429 -25.85 75.83 52.72
C LYS G 1429 -25.12 77.14 52.98
N GLN G 1430 -24.87 77.94 51.95
CA GLN G 1430 -24.07 79.15 52.12
C GLN G 1430 -24.84 80.27 52.81
N ALA G 1431 -26.13 80.44 52.48
CA ALA G 1431 -26.89 81.53 53.05
C ALA G 1431 -28.37 81.16 53.03
N PRO G 1432 -29.14 81.56 54.05
CA PRO G 1432 -30.58 81.22 54.04
C PRO G 1432 -31.34 81.81 52.87
N GLU G 1433 -30.99 83.03 52.45
CA GLU G 1433 -31.71 83.67 51.35
C GLU G 1433 -31.48 83.00 50.01
N ASN G 1434 -30.45 82.14 49.92
CA ASN G 1434 -30.22 81.35 48.72
C ASN G 1434 -31.08 80.09 48.71
N LYS G 1435 -32.39 80.24 48.92
CA LYS G 1435 -33.27 79.09 48.98
C LYS G 1435 -33.55 78.56 47.58
N ALA G 1436 -33.65 77.25 47.47
CA ALA G 1436 -33.70 76.58 46.19
C ALA G 1436 -35.13 76.30 45.74
N PHE G 1437 -35.34 76.37 44.43
CA PHE G 1437 -36.54 75.86 43.78
C PHE G 1437 -36.15 74.63 42.97
N VAL G 1438 -36.90 73.55 43.12
CA VAL G 1438 -36.66 72.33 42.37
C VAL G 1438 -37.94 71.97 41.63
N LEU G 1439 -37.85 71.84 40.31
CA LEU G 1439 -39.02 71.68 39.46
C LEU G 1439 -38.96 70.34 38.73
N SER G 1440 -40.12 69.72 38.57
CA SER G 1440 -40.19 68.48 37.81
C SER G 1440 -39.78 68.68 36.36
N SER G 1441 -40.23 69.78 35.75
CA SER G 1441 -39.94 70.05 34.35
C SER G 1441 -40.11 71.53 34.10
N VAL G 1442 -39.65 71.97 32.93
CA VAL G 1442 -39.65 73.38 32.57
C VAL G 1442 -41.05 73.97 32.58
N ASP G 1443 -42.06 73.18 32.24
CA ASP G 1443 -43.42 73.71 32.21
C ASP G 1443 -43.92 74.07 33.60
N GLU G 1444 -43.28 73.57 34.66
CA GLU G 1444 -43.64 73.97 36.02
C GLU G 1444 -43.20 75.39 36.33
N LEU G 1445 -42.35 75.99 35.49
CA LEU G 1445 -42.02 77.40 35.64
C LEU G 1445 -43.25 78.28 35.54
N GLU G 1446 -44.20 77.91 34.68
CA GLU G 1446 -45.45 78.66 34.57
C GLU G 1446 -46.19 78.69 35.90
N GLN G 1447 -46.06 77.64 36.69
CA GLN G 1447 -46.73 77.57 37.99
C GLN G 1447 -45.92 78.29 39.07
N GLN G 1448 -44.59 78.18 39.00
CA GLN G 1448 -43.73 78.74 40.03
C GLN G 1448 -43.46 80.23 39.86
N ARG G 1449 -43.81 80.79 38.70
CA ARG G 1449 -43.43 82.16 38.35
C ARG G 1449 -43.91 83.17 39.37
N ASP G 1450 -45.18 83.06 39.79
CA ASP G 1450 -45.76 84.07 40.67
C ASP G 1450 -45.00 84.17 41.98
N GLU G 1451 -44.79 83.04 42.65
CA GLU G 1451 -44.08 83.11 43.92
C GLU G 1451 -42.60 83.41 43.73
N ILE G 1452 -42.03 83.03 42.58
CA ILE G 1452 -40.65 83.40 42.31
C ILE G 1452 -40.50 84.91 42.26
N VAL G 1453 -41.36 85.59 41.50
CA VAL G 1453 -41.27 87.05 41.41
C VAL G 1453 -41.59 87.68 42.76
N SER G 1454 -42.56 87.09 43.50
CA SER G 1454 -42.87 87.62 44.83
C SER G 1454 -41.64 87.57 45.73
N TYR G 1455 -40.93 86.44 45.72
CA TYR G 1455 -39.72 86.30 46.53
C TYR G 1455 -38.65 87.28 46.08
N LEU G 1456 -38.44 87.41 44.76
CA LEU G 1456 -37.45 88.34 44.25
C LEU G 1456 -37.72 89.76 44.72
N CYS G 1457 -38.98 90.19 44.68
CA CYS G 1457 -39.29 91.55 45.08
C CYS G 1457 -39.33 91.70 46.60
N ASP G 1458 -39.55 90.62 47.33
CA ASP G 1458 -39.36 90.65 48.77
C ASP G 1458 -37.89 90.86 49.13
N LEU G 1459 -36.98 90.31 48.31
CA LEU G 1459 -35.55 90.47 48.55
C LEU G 1459 -34.99 91.81 48.09
N ALA G 1460 -35.83 92.74 47.62
CA ALA G 1460 -35.36 94.01 47.09
C ALA G 1460 -35.97 95.18 47.85
N PRO G 1461 -35.17 96.19 48.21
CA PRO G 1461 -35.71 97.35 48.92
C PRO G 1461 -36.33 98.38 47.97
N GLU G 1462 -37.17 99.22 48.55
CA GLU G 1462 -37.79 100.31 47.81
C GLU G 1462 -36.86 101.52 47.77
N ALA G 1463 -37.28 102.55 47.04
CA ALA G 1463 -36.51 103.78 46.92
C ALA G 1463 -36.44 104.51 48.25
N SER H 31 -11.44 -22.02 -103.45
CA SER H 31 -11.71 -20.67 -102.95
C SER H 31 -10.83 -20.34 -101.75
N THR H 32 -11.18 -20.90 -100.60
CA THR H 32 -10.43 -20.65 -99.36
C THR H 32 -10.80 -21.73 -98.37
N ALA H 33 -9.81 -22.17 -97.59
CA ALA H 33 -10.01 -23.23 -96.62
C ALA H 33 -10.50 -22.67 -95.29
N ARG H 34 -10.94 -23.56 -94.41
CA ARG H 34 -11.35 -23.19 -93.06
C ARG H 34 -10.89 -24.24 -92.09
N CYS H 35 -10.28 -23.80 -91.00
CA CYS H 35 -9.90 -24.68 -89.90
C CYS H 35 -10.51 -24.14 -88.62
N SER H 36 -10.89 -25.03 -87.73
CA SER H 36 -11.58 -24.64 -86.52
C SER H 36 -11.12 -25.47 -85.34
N LEU H 37 -10.93 -24.81 -84.21
CA LEU H 37 -10.72 -25.48 -82.94
C LEU H 37 -11.83 -25.01 -82.02
N PHE H 38 -12.72 -25.93 -81.66
CA PHE H 38 -14.02 -25.59 -81.12
C PHE H 38 -14.38 -26.53 -80.00
N GLY H 39 -15.39 -26.14 -79.24
CA GLY H 39 -15.78 -26.93 -78.11
C GLY H 39 -14.69 -26.92 -77.07
N SER H 40 -14.71 -27.94 -76.20
CA SER H 40 -13.71 -28.04 -75.16
C SER H 40 -12.36 -28.44 -75.72
N ASP H 41 -12.31 -29.53 -76.50
CA ASP H 41 -11.05 -30.12 -76.90
C ASP H 41 -11.06 -30.63 -78.33
N PHE H 42 -11.79 -29.99 -79.23
CA PHE H 42 -12.00 -30.52 -80.57
C PHE H 42 -11.32 -29.67 -81.62
N VAL H 43 -11.00 -30.30 -82.76
CA VAL H 43 -10.33 -29.65 -83.87
C VAL H 43 -11.01 -30.09 -85.16
N ASN H 44 -10.99 -29.22 -86.15
CA ASN H 44 -11.47 -29.54 -87.49
C ASN H 44 -10.44 -29.05 -88.50
N THR H 45 -9.97 -29.94 -89.36
CA THR H 45 -8.88 -29.63 -90.27
C THR H 45 -9.39 -28.92 -91.51
N PHE H 46 -8.45 -28.46 -92.34
CA PHE H 46 -8.80 -27.79 -93.58
C PHE H 46 -9.58 -28.70 -94.51
N ASP H 47 -9.24 -29.99 -94.53
CA ASP H 47 -9.84 -30.95 -95.45
C ASP H 47 -11.01 -31.70 -94.86
N GLY H 48 -11.43 -31.37 -93.64
CA GLY H 48 -12.60 -31.96 -93.05
C GLY H 48 -12.36 -33.00 -91.99
N SER H 49 -11.13 -33.51 -91.87
CA SER H 49 -10.84 -34.44 -90.80
C SER H 49 -11.06 -33.76 -89.46
N MET H 50 -11.70 -34.46 -88.53
CA MET H 50 -12.14 -33.88 -87.28
C MET H 50 -11.81 -34.83 -86.15
N TYR H 51 -11.28 -34.28 -85.05
CA TYR H 51 -10.78 -35.09 -83.97
C TYR H 51 -10.73 -34.26 -82.70
N SER H 52 -10.37 -34.91 -81.60
CA SER H 52 -10.25 -34.27 -80.31
C SER H 52 -8.79 -34.24 -79.86
N PHE H 53 -8.39 -33.14 -79.24
CA PHE H 53 -7.05 -33.04 -78.67
C PHE H 53 -7.08 -32.06 -77.51
N ALA H 54 -6.67 -32.51 -76.33
CA ALA H 54 -6.58 -31.67 -75.14
C ALA H 54 -5.12 -31.33 -74.90
N GLY H 55 -4.67 -30.28 -75.57
CA GLY H 55 -3.27 -29.91 -75.48
C GLY H 55 -2.91 -29.27 -74.15
N TYR H 56 -1.62 -29.37 -73.81
CA TYR H 56 -1.09 -28.74 -72.61
C TYR H 56 0.04 -27.78 -72.94
N CYS H 57 0.30 -27.52 -74.21
CA CYS H 57 1.36 -26.61 -74.65
C CYS H 57 0.84 -25.82 -75.84
N SER H 58 1.74 -25.19 -76.57
CA SER H 58 1.39 -24.48 -77.79
C SER H 58 1.72 -25.36 -78.99
N TYR H 59 0.85 -25.32 -79.99
CA TYR H 59 0.96 -26.21 -81.14
C TYR H 59 0.77 -25.42 -82.43
N LEU H 60 1.43 -25.90 -83.48
CA LEU H 60 1.30 -25.27 -84.78
C LEU H 60 -0.03 -25.65 -85.40
N LEU H 61 -0.90 -24.66 -85.63
CA LEU H 61 -2.17 -24.92 -86.29
C LEU H 61 -2.01 -24.93 -87.79
N ALA H 62 -1.29 -23.97 -88.34
CA ALA H 62 -1.09 -23.90 -89.78
C ALA H 62 0.13 -23.03 -90.06
N GLY H 63 0.65 -23.16 -91.27
CA GLY H 63 1.77 -22.36 -91.68
C GLY H 63 2.45 -22.95 -92.88
N GLY H 64 3.31 -22.15 -93.48
CA GLY H 64 4.15 -22.62 -94.56
C GLY H 64 4.96 -23.81 -94.08
N CYS H 65 4.87 -24.92 -94.79
CA CYS H 65 5.26 -26.18 -94.19
C CYS H 65 6.70 -26.55 -94.50
N GLN H 66 7.20 -26.16 -95.67
CA GLN H 66 8.62 -26.24 -95.97
C GLN H 66 9.33 -24.93 -95.65
N LYS H 67 8.89 -23.84 -96.26
CA LYS H 67 9.39 -22.50 -95.96
C LYS H 67 8.32 -21.76 -95.18
N ARG H 68 8.53 -21.63 -93.87
CA ARG H 68 7.51 -21.13 -92.96
C ARG H 68 7.65 -19.61 -92.84
N SER H 69 7.04 -18.92 -93.81
CA SER H 69 7.01 -17.46 -93.78
C SER H 69 6.19 -16.94 -92.61
N PHE H 70 5.17 -17.68 -92.20
CA PHE H 70 4.37 -17.31 -91.04
C PHE H 70 3.94 -18.58 -90.32
N SER H 71 3.60 -18.43 -89.05
CA SER H 71 3.16 -19.56 -88.23
C SER H 71 1.96 -19.13 -87.42
N ILE H 72 0.89 -19.91 -87.48
CA ILE H 72 -0.28 -19.71 -86.64
C ILE H 72 -0.22 -20.74 -85.53
N ILE H 73 -0.19 -20.29 -84.29
CA ILE H 73 0.12 -21.13 -83.15
C ILE H 73 -1.02 -21.03 -82.15
N GLY H 74 -1.60 -22.17 -81.80
CA GLY H 74 -2.63 -22.22 -80.79
C GLY H 74 -2.05 -22.61 -79.45
N ASP H 75 -2.37 -21.83 -78.42
CA ASP H 75 -1.83 -22.03 -77.09
C ASP H 75 -2.90 -22.65 -76.21
N PHE H 76 -2.54 -23.70 -75.48
CA PHE H 76 -3.46 -24.39 -74.58
C PHE H 76 -2.96 -24.26 -73.15
N GLN H 77 -3.83 -24.55 -72.21
CA GLN H 77 -3.46 -24.59 -70.81
C GLN H 77 -4.45 -25.49 -70.08
N ASN H 78 -3.95 -26.57 -69.48
CA ASN H 78 -4.78 -27.54 -68.77
C ASN H 78 -5.87 -28.09 -69.69
N GLY H 79 -5.53 -28.31 -70.96
CA GLY H 79 -6.44 -28.84 -71.92
C GLY H 79 -7.31 -27.81 -72.62
N LYS H 80 -7.47 -26.63 -72.04
CA LYS H 80 -8.30 -25.59 -72.62
C LYS H 80 -7.48 -24.62 -73.44
N ARG H 81 -8.13 -23.99 -74.41
CA ARG H 81 -7.49 -23.00 -75.26
C ARG H 81 -7.41 -21.68 -74.52
N VAL H 82 -6.30 -20.96 -74.70
CA VAL H 82 -6.09 -19.69 -74.03
C VAL H 82 -5.73 -18.56 -74.96
N SER H 83 -5.16 -18.82 -76.14
CA SER H 83 -4.77 -17.72 -77.02
C SER H 83 -4.51 -18.29 -78.40
N LEU H 84 -4.46 -17.39 -79.38
CA LEU H 84 -4.16 -17.71 -80.77
C LEU H 84 -3.03 -16.80 -81.20
N SER H 85 -1.82 -17.34 -81.29
CA SER H 85 -0.64 -16.55 -81.61
C SER H 85 -0.30 -16.68 -83.08
N VAL H 86 0.39 -15.67 -83.59
CA VAL H 86 0.86 -15.66 -84.97
C VAL H 86 2.29 -15.14 -84.96
N TYR H 87 3.15 -15.79 -85.72
CA TYR H 87 4.54 -15.37 -85.88
C TYR H 87 4.81 -15.18 -87.36
N LEU H 88 5.45 -14.06 -87.71
CA LEU H 88 5.73 -13.75 -89.10
C LEU H 88 7.14 -14.14 -89.52
N GLY H 89 7.77 -15.07 -88.80
CA GLY H 89 9.12 -15.44 -89.14
C GLY H 89 10.15 -14.81 -88.23
N GLU H 90 9.87 -14.82 -86.93
CA GLU H 90 10.78 -14.48 -85.84
C GLU H 90 11.00 -12.98 -85.71
N PHE H 91 10.47 -12.15 -86.61
CA PHE H 91 10.64 -10.72 -86.46
C PHE H 91 9.41 -10.04 -85.90
N PHE H 92 8.27 -10.71 -85.94
CA PHE H 92 7.04 -10.14 -85.38
C PHE H 92 6.18 -11.27 -84.86
N ASP H 93 5.65 -11.10 -83.66
CA ASP H 93 4.77 -12.07 -83.04
C ASP H 93 3.63 -11.33 -82.36
N ILE H 94 2.45 -11.92 -82.39
CA ILE H 94 1.28 -11.31 -81.80
C ILE H 94 0.47 -12.40 -81.12
N HIS H 95 -0.12 -12.07 -79.97
CA HIS H 95 -0.78 -13.06 -79.12
C HIS H 95 -2.19 -12.58 -78.83
N LEU H 96 -3.17 -13.14 -79.52
CA LEU H 96 -4.57 -12.80 -79.31
C LEU H 96 -5.17 -13.79 -78.33
N PHE H 97 -5.42 -13.34 -77.11
CA PHE H 97 -5.97 -14.21 -76.10
C PHE H 97 -7.48 -14.31 -76.22
N VAL H 98 -8.04 -15.33 -75.57
CA VAL H 98 -9.49 -15.53 -75.63
C VAL H 98 -10.22 -14.36 -74.99
N ASN H 99 -9.70 -13.85 -73.88
CA ASN H 99 -10.36 -12.73 -73.21
C ASN H 99 -9.82 -11.39 -73.69
N GLY H 100 -9.84 -11.22 -75.01
CA GLY H 100 -9.70 -9.93 -75.66
C GLY H 100 -8.34 -9.29 -75.56
N THR H 101 -7.45 -9.79 -74.72
CA THR H 101 -6.15 -9.17 -74.54
C THR H 101 -5.25 -9.51 -75.71
N VAL H 102 -4.47 -8.53 -76.16
CA VAL H 102 -3.52 -8.70 -77.23
C VAL H 102 -2.17 -8.21 -76.74
N THR H 103 -1.12 -9.02 -76.97
CA THR H 103 0.23 -8.63 -76.64
C THR H 103 1.12 -8.85 -77.86
N GLN H 104 1.89 -7.83 -78.22
CA GLN H 104 2.92 -7.92 -79.24
C GLN H 104 4.24 -8.17 -78.52
N GLY H 105 4.81 -9.36 -78.73
CA GLY H 105 5.85 -9.82 -77.82
C GLY H 105 5.24 -10.03 -76.45
N ASP H 106 5.91 -9.52 -75.42
CA ASP H 106 5.34 -9.51 -74.08
C ASP H 106 4.63 -8.22 -73.75
N GLN H 107 4.68 -7.24 -74.64
CA GLN H 107 4.08 -5.93 -74.40
C GLN H 107 2.60 -5.95 -74.78
N ARG H 108 1.75 -5.50 -73.87
CA ARG H 108 0.32 -5.46 -74.13
C ARG H 108 -0.04 -4.31 -75.06
N VAL H 109 -0.98 -4.56 -75.97
CA VAL H 109 -1.48 -3.54 -76.88
C VAL H 109 -3.00 -3.63 -76.90
N SER H 110 -3.63 -2.54 -77.36
CA SER H 110 -5.08 -2.42 -77.35
C SER H 110 -5.63 -2.51 -78.77
N MET H 111 -6.81 -3.07 -78.88
CA MET H 111 -7.49 -3.17 -80.17
C MET H 111 -8.29 -1.91 -80.47
N PRO H 112 -8.47 -1.56 -81.75
CA PRO H 112 -7.91 -2.23 -82.92
C PRO H 112 -6.43 -1.97 -83.04
N TYR H 113 -5.72 -2.88 -83.71
CA TYR H 113 -4.29 -2.78 -83.85
C TYR H 113 -3.90 -3.17 -85.27
N ALA H 114 -2.96 -2.44 -85.84
CA ALA H 114 -2.50 -2.70 -87.19
C ALA H 114 -1.00 -2.51 -87.24
N SER H 115 -0.29 -3.50 -87.78
CA SER H 115 1.15 -3.43 -87.87
C SER H 115 1.68 -4.52 -88.79
N LYS H 116 2.58 -4.14 -89.69
CA LYS H 116 3.33 -5.09 -90.50
C LYS H 116 2.40 -6.07 -91.23
N GLY H 117 1.30 -5.56 -91.74
CA GLY H 117 0.39 -6.34 -92.53
C GLY H 117 -0.66 -7.10 -91.74
N LEU H 118 -0.63 -7.04 -90.41
CA LEU H 118 -1.58 -7.73 -89.57
C LEU H 118 -2.56 -6.75 -88.97
N TYR H 119 -3.85 -7.07 -89.02
CA TYR H 119 -4.93 -6.20 -88.58
C TYR H 119 -5.75 -6.93 -87.54
N LEU H 120 -5.82 -6.38 -86.33
CA LEU H 120 -6.65 -6.93 -85.28
C LEU H 120 -7.86 -6.05 -85.12
N GLU H 121 -9.05 -6.64 -85.26
CA GLU H 121 -10.29 -5.88 -85.30
C GLU H 121 -11.38 -6.69 -84.61
N THR H 122 -12.35 -5.99 -84.06
CA THR H 122 -13.49 -6.64 -83.41
C THR H 122 -14.66 -6.76 -84.39
N GLU H 123 -14.39 -7.45 -85.50
CA GLU H 123 -15.40 -7.60 -86.54
C GLU H 123 -16.56 -8.47 -86.05
N ALA H 124 -17.78 -7.96 -86.20
CA ALA H 124 -19.00 -8.69 -85.86
C ALA H 124 -18.97 -9.20 -84.42
N GLY H 125 -18.37 -8.42 -83.54
CA GLY H 125 -18.29 -8.78 -82.14
C GLY H 125 -17.29 -9.85 -81.79
N TYR H 126 -16.53 -10.34 -82.78
CA TYR H 126 -15.54 -11.39 -82.57
C TYR H 126 -14.16 -10.87 -82.95
N TYR H 127 -13.17 -11.21 -82.13
CA TYR H 127 -11.81 -10.69 -82.31
C TYR H 127 -11.21 -11.27 -83.58
N LYS H 128 -11.00 -10.42 -84.57
CA LYS H 128 -10.41 -10.81 -85.84
C LYS H 128 -8.91 -10.52 -85.83
N LEU H 129 -8.17 -11.26 -86.65
CA LEU H 129 -6.74 -11.04 -86.85
C LEU H 129 -6.48 -11.33 -88.32
N SER H 130 -6.51 -10.30 -89.15
CA SER H 130 -6.46 -10.46 -90.58
C SER H 130 -5.03 -10.33 -91.08
N GLY H 131 -4.69 -11.20 -92.03
CA GLY H 131 -3.36 -11.20 -92.61
C GLY H 131 -3.39 -11.21 -94.12
N GLU H 132 -4.30 -10.44 -94.72
CA GLU H 132 -4.56 -10.50 -96.16
C GLU H 132 -3.29 -10.65 -96.99
N ALA H 133 -2.26 -9.86 -96.68
CA ALA H 133 -1.03 -9.94 -97.46
C ALA H 133 -0.43 -11.33 -97.36
N TYR H 134 -0.42 -11.91 -96.17
CA TYR H 134 0.10 -13.26 -95.98
C TYR H 134 -0.88 -14.34 -96.40
N GLY H 135 -2.14 -13.99 -96.65
CA GLY H 135 -3.09 -14.93 -97.18
C GLY H 135 -3.81 -15.76 -96.13
N PHE H 136 -4.15 -15.15 -95.00
CA PHE H 136 -4.88 -15.87 -93.97
C PHE H 136 -5.72 -14.88 -93.16
N VAL H 137 -6.77 -15.41 -92.55
CA VAL H 137 -7.62 -14.66 -91.64
C VAL H 137 -7.93 -15.54 -90.43
N ALA H 138 -7.70 -15.00 -89.24
CA ALA H 138 -7.95 -15.73 -88.01
C ALA H 138 -9.02 -15.03 -87.20
N ARG H 139 -9.68 -15.78 -86.33
CA ARG H 139 -10.78 -15.22 -85.55
C ARG H 139 -10.96 -16.02 -84.28
N ILE H 140 -11.35 -15.33 -83.21
CA ILE H 140 -11.77 -15.95 -81.96
C ILE H 140 -13.18 -15.48 -81.68
N ASP H 141 -14.11 -16.41 -81.51
CA ASP H 141 -15.47 -16.03 -81.18
C ASP H 141 -15.59 -15.74 -79.69
N GLY H 142 -16.78 -15.28 -79.28
CA GLY H 142 -16.99 -14.89 -77.90
C GLY H 142 -16.88 -16.02 -76.90
N SER H 143 -17.00 -17.26 -77.36
CA SER H 143 -16.93 -18.42 -76.49
C SER H 143 -15.56 -19.09 -76.49
N GLY H 144 -14.60 -18.56 -77.25
CA GLY H 144 -13.26 -19.10 -77.26
C GLY H 144 -12.94 -20.06 -78.38
N ASN H 145 -13.84 -20.23 -79.35
CA ASN H 145 -13.56 -21.11 -80.47
C ASN H 145 -12.66 -20.40 -81.46
N PHE H 146 -11.54 -21.03 -81.81
CA PHE H 146 -10.63 -20.47 -82.78
C PHE H 146 -11.13 -20.72 -84.19
N GLN H 147 -10.60 -19.96 -85.13
CA GLN H 147 -10.95 -20.11 -86.54
C GLN H 147 -9.77 -19.63 -87.37
N VAL H 148 -9.48 -20.34 -88.46
CA VAL H 148 -8.44 -19.92 -89.39
C VAL H 148 -8.95 -20.16 -90.80
N LEU H 149 -8.88 -19.13 -91.63
CA LEU H 149 -9.16 -19.24 -93.06
C LEU H 149 -7.88 -19.00 -93.82
N LEU H 150 -7.51 -19.94 -94.67
CA LEU H 150 -6.22 -19.94 -95.34
C LEU H 150 -6.45 -19.94 -96.84
N SER H 151 -5.74 -19.08 -97.55
CA SER H 151 -6.01 -18.87 -98.96
C SER H 151 -5.58 -20.08 -99.78
N ASP H 152 -6.06 -20.10 -101.03
CA ASP H 152 -5.78 -21.22 -101.92
C ASP H 152 -4.30 -21.37 -102.23
N ARG H 153 -3.52 -20.30 -102.09
CA ARG H 153 -2.10 -20.37 -102.42
C ARG H 153 -1.36 -21.39 -101.56
N TYR H 154 -1.92 -21.76 -100.41
CA TYR H 154 -1.33 -22.75 -99.52
C TYR H 154 -1.91 -24.13 -99.72
N PHE H 155 -2.54 -24.38 -100.86
CA PHE H 155 -3.02 -25.72 -101.18
C PHE H 155 -1.85 -26.68 -101.26
N ASN H 156 -1.87 -27.72 -100.44
CA ASN H 156 -0.88 -28.80 -100.46
C ASN H 156 0.49 -28.32 -100.00
N LYS H 157 0.54 -27.19 -99.28
CA LYS H 157 1.79 -26.59 -98.86
C LYS H 157 1.79 -26.21 -97.39
N THR H 158 0.83 -26.67 -96.61
CA THR H 158 0.75 -26.33 -95.20
C THR H 158 0.72 -27.61 -94.37
N CYS H 159 1.12 -27.49 -93.11
CA CYS H 159 1.05 -28.61 -92.20
C CYS H 159 0.97 -28.09 -90.77
N GLY H 160 0.21 -28.80 -89.95
CA GLY H 160 -0.05 -28.40 -88.58
C GLY H 160 -1.31 -29.09 -88.11
N LEU H 161 -1.74 -28.74 -86.89
CA LEU H 161 -2.93 -29.39 -86.33
C LEU H 161 -4.12 -29.28 -87.27
N CYS H 162 -4.21 -28.20 -88.03
CA CYS H 162 -5.23 -28.09 -89.06
C CYS H 162 -4.98 -29.03 -90.22
N GLY H 163 -3.93 -29.82 -90.18
CA GLY H 163 -3.63 -30.74 -91.25
C GLY H 163 -3.12 -30.02 -92.49
N ASN H 164 -2.76 -30.82 -93.48
CA ASN H 164 -2.44 -30.26 -94.77
C ASN H 164 -3.71 -29.72 -95.42
N PHE H 165 -3.57 -29.12 -96.60
CA PHE H 165 -4.73 -28.60 -97.32
C PHE H 165 -4.71 -29.21 -98.71
N ASN H 166 -5.26 -30.42 -98.81
CA ASN H 166 -5.56 -31.08 -100.06
C ASN H 166 -6.79 -31.93 -99.80
N ILE H 167 -7.74 -31.91 -100.73
CA ILE H 167 -9.10 -32.34 -100.47
C ILE H 167 -9.16 -33.72 -99.84
N PHE H 168 -8.17 -34.56 -100.12
CA PHE H 168 -8.08 -35.86 -99.47
C PHE H 168 -7.96 -35.69 -97.97
N ALA H 169 -8.96 -36.12 -97.21
CA ALA H 169 -8.97 -35.89 -95.78
C ALA H 169 -8.24 -36.96 -95.00
N GLU H 170 -8.08 -38.15 -95.58
CA GLU H 170 -7.47 -39.25 -94.86
C GLU H 170 -6.01 -39.00 -94.52
N ASP H 171 -5.35 -38.06 -95.20
CA ASP H 171 -3.94 -37.80 -95.03
C ASP H 171 -3.63 -36.57 -94.20
N ASP H 172 -4.56 -36.12 -93.37
CA ASP H 172 -4.36 -34.89 -92.64
C ASP H 172 -3.48 -35.06 -91.41
N PHE H 173 -3.25 -36.29 -90.96
CA PHE H 173 -2.56 -36.51 -89.70
C PHE H 173 -1.05 -36.64 -89.86
N MET H 174 -0.48 -36.04 -90.89
CA MET H 174 0.96 -36.10 -91.07
C MET H 174 1.68 -35.48 -89.89
N THR H 175 2.65 -36.22 -89.34
CA THR H 175 3.46 -35.70 -88.25
C THR H 175 4.56 -34.81 -88.80
N GLN H 176 5.17 -34.03 -87.89
CA GLN H 176 6.29 -33.19 -88.30
C GLN H 176 7.46 -34.00 -88.81
N GLU H 177 7.56 -35.26 -88.41
CA GLU H 177 8.59 -36.15 -88.93
C GLU H 177 8.30 -36.58 -90.36
N GLY H 178 7.14 -36.22 -90.89
CA GLY H 178 6.79 -36.57 -92.26
C GLY H 178 6.10 -37.88 -92.45
N THR H 179 5.49 -38.43 -91.39
CA THR H 179 4.82 -39.72 -91.46
C THR H 179 3.39 -39.59 -90.95
N LEU H 180 2.49 -40.34 -91.57
CA LEU H 180 1.12 -40.39 -91.10
C LEU H 180 1.03 -41.17 -89.79
N THR H 181 -0.04 -40.93 -89.06
CA THR H 181 -0.29 -41.68 -87.84
C THR H 181 -1.79 -41.76 -87.61
N SER H 182 -2.25 -42.91 -87.14
CA SER H 182 -3.67 -43.11 -86.89
C SER H 182 -4.11 -42.50 -85.57
N ASP H 183 -3.19 -42.04 -84.74
CA ASP H 183 -3.54 -41.49 -83.44
C ASP H 183 -3.53 -39.99 -83.51
N PRO H 184 -4.64 -39.32 -83.23
CA PRO H 184 -4.62 -37.84 -83.22
C PRO H 184 -3.58 -37.27 -82.28
N TYR H 185 -3.36 -37.90 -81.13
CA TYR H 185 -2.41 -37.35 -80.16
C TYR H 185 -0.97 -37.44 -80.64
N ASP H 186 -0.60 -38.52 -81.33
CA ASP H 186 0.74 -38.57 -81.91
C ASP H 186 0.95 -37.39 -82.85
N PHE H 187 -0.02 -37.16 -83.74
CA PHE H 187 0.04 -36.04 -84.68
C PHE H 187 0.15 -34.70 -83.96
N ALA H 188 -0.74 -34.45 -83.01
CA ALA H 188 -0.77 -33.17 -82.32
C ALA H 188 0.51 -32.94 -81.55
N ASN H 189 0.95 -33.93 -80.77
CA ASN H 189 2.19 -33.77 -80.02
C ASN H 189 3.38 -33.61 -80.95
N SER H 190 3.32 -34.22 -82.13
CA SER H 190 4.35 -33.98 -83.12
C SER H 190 4.40 -32.53 -83.54
N TRP H 191 3.27 -31.84 -83.50
CA TRP H 191 3.24 -30.43 -83.85
C TRP H 191 3.27 -29.50 -82.65
N ALA H 192 3.91 -29.89 -81.56
CA ALA H 192 4.09 -29.00 -80.43
C ALA H 192 5.29 -28.09 -80.65
N LEU H 193 5.25 -26.92 -80.02
CA LEU H 193 6.32 -25.93 -80.10
C LEU H 193 6.61 -25.41 -78.71
N SER H 194 7.85 -25.55 -78.27
CA SER H 194 8.26 -25.11 -76.95
C SER H 194 8.94 -23.76 -77.03
N SER H 195 9.12 -23.14 -75.85
CA SER H 195 9.74 -21.83 -75.76
C SER H 195 10.66 -21.81 -74.56
N GLY H 196 11.25 -20.65 -74.31
CA GLY H 196 12.18 -20.49 -73.22
C GLY H 196 11.58 -20.38 -71.86
N GLU H 197 10.25 -20.36 -71.77
CA GLU H 197 9.56 -20.38 -70.50
C GLU H 197 8.46 -21.43 -70.46
N GLN H 198 8.38 -22.28 -71.47
CA GLN H 198 7.36 -23.33 -71.51
C GLN H 198 7.86 -24.44 -72.42
N TRP H 199 8.22 -25.57 -71.82
CA TRP H 199 8.67 -26.74 -72.57
C TRP H 199 7.58 -27.79 -72.54
N CYS H 200 7.24 -28.32 -73.71
CA CYS H 200 5.99 -29.05 -73.89
C CYS H 200 6.08 -30.46 -73.31
N GLU H 201 5.10 -30.83 -72.52
CA GLU H 201 4.95 -32.20 -72.07
C GLU H 201 4.13 -33.00 -73.07
N ARG H 202 4.36 -34.31 -73.09
CA ARG H 202 3.61 -35.23 -73.94
C ARG H 202 2.15 -35.27 -73.48
N ALA H 203 1.25 -34.73 -74.29
CA ALA H 203 -0.16 -34.77 -73.97
C ALA H 203 -0.74 -36.16 -74.26
N SER H 204 -1.73 -36.54 -73.47
CA SER H 204 -2.36 -37.85 -73.60
C SER H 204 -3.85 -37.70 -73.37
N PRO H 205 -4.66 -38.63 -73.88
CA PRO H 205 -6.11 -38.53 -73.72
C PRO H 205 -6.50 -38.51 -72.25
N PRO H 206 -7.50 -37.72 -71.89
CA PRO H 206 -7.95 -37.68 -70.50
C PRO H 206 -8.89 -38.82 -70.17
N SER H 207 -9.09 -39.03 -68.87
CA SER H 207 -10.08 -39.98 -68.40
C SER H 207 -11.48 -39.43 -68.60
N SER H 208 -12.44 -40.33 -68.82
CA SER H 208 -13.78 -39.91 -69.18
C SER H 208 -14.80 -40.97 -68.78
N SER H 209 -16.06 -40.55 -68.73
CA SER H 209 -17.19 -41.43 -68.52
C SER H 209 -18.16 -41.29 -69.69
N CYS H 210 -18.68 -42.42 -70.17
CA CYS H 210 -19.53 -42.43 -71.34
C CYS H 210 -20.43 -43.66 -71.37
N MET H 217 -23.32 -40.51 -71.41
CA MET H 217 -24.42 -40.73 -72.33
C MET H 217 -25.78 -40.61 -71.63
N GLN H 218 -26.68 -39.85 -72.23
CA GLN H 218 -28.03 -39.68 -71.71
C GLN H 218 -28.96 -39.41 -72.88
N LYS H 219 -30.08 -40.14 -72.92
CA LYS H 219 -30.96 -40.13 -74.09
C LYS H 219 -31.52 -38.73 -74.35
N GLY H 220 -32.01 -38.07 -73.30
CA GLY H 220 -32.59 -36.75 -73.45
C GLY H 220 -31.59 -35.76 -74.03
N LEU H 221 -30.33 -35.85 -73.61
CA LEU H 221 -29.31 -35.01 -74.21
C LEU H 221 -28.97 -35.47 -75.62
N TRP H 222 -29.03 -36.78 -75.86
CA TRP H 222 -28.70 -37.33 -77.17
C TRP H 222 -29.66 -36.84 -78.25
N GLU H 223 -30.91 -36.57 -77.88
CA GLU H 223 -31.84 -35.96 -78.82
C GLU H 223 -31.29 -34.66 -79.40
N GLN H 224 -30.64 -33.86 -78.55
CA GLN H 224 -30.10 -32.59 -79.01
C GLN H 224 -29.07 -32.80 -80.11
N CYS H 225 -28.19 -33.79 -79.94
CA CYS H 225 -27.25 -34.11 -81.01
C CYS H 225 -27.97 -34.61 -82.25
N GLN H 226 -29.04 -35.38 -82.06
CA GLN H 226 -29.80 -35.84 -83.22
C GLN H 226 -30.48 -34.71 -83.97
N LEU H 227 -30.56 -33.51 -83.37
CA LEU H 227 -31.07 -32.37 -84.11
C LEU H 227 -30.38 -32.19 -85.46
N LEU H 228 -29.08 -32.49 -85.52
CA LEU H 228 -28.33 -32.32 -86.76
C LEU H 228 -28.93 -33.11 -87.92
N LYS H 229 -29.58 -34.23 -87.62
CA LYS H 229 -30.11 -35.11 -88.66
C LYS H 229 -31.60 -34.93 -88.89
N SER H 230 -32.36 -34.57 -87.86
CA SER H 230 -33.81 -34.59 -87.94
C SER H 230 -34.40 -33.24 -88.34
N THR H 231 -33.73 -32.14 -88.04
CA THR H 231 -34.31 -30.82 -88.22
C THR H 231 -34.20 -30.40 -89.67
N SER H 232 -35.24 -29.70 -90.15
CA SER H 232 -35.29 -29.31 -91.56
C SER H 232 -34.20 -28.32 -91.92
N VAL H 233 -33.92 -27.35 -91.04
CA VAL H 233 -32.94 -26.32 -91.38
C VAL H 233 -31.56 -26.92 -91.59
N PHE H 234 -31.16 -27.85 -90.72
CA PHE H 234 -29.89 -28.53 -90.91
C PHE H 234 -29.92 -29.45 -92.10
N ALA H 235 -31.08 -30.03 -92.41
CA ALA H 235 -31.19 -30.94 -93.54
C ALA H 235 -30.85 -30.27 -94.85
N ARG H 236 -30.88 -28.94 -94.91
CA ARG H 236 -30.49 -28.25 -96.13
C ARG H 236 -29.05 -28.57 -96.50
N CYS H 237 -28.20 -28.80 -95.50
CA CYS H 237 -26.76 -28.87 -95.70
C CYS H 237 -26.28 -30.28 -96.01
N HIS H 238 -27.12 -31.31 -95.87
CA HIS H 238 -26.67 -32.68 -96.06
C HIS H 238 -26.00 -32.90 -97.41
N PRO H 239 -26.50 -32.37 -98.53
CA PRO H 239 -25.78 -32.56 -99.80
C PRO H 239 -24.38 -32.00 -99.79
N LEU H 240 -24.08 -31.02 -98.94
CA LEU H 240 -22.76 -30.40 -98.89
C LEU H 240 -21.88 -30.95 -97.77
N VAL H 241 -22.43 -31.16 -96.58
CA VAL H 241 -21.65 -31.58 -95.42
C VAL H 241 -22.36 -32.75 -94.76
N ASP H 242 -21.67 -33.88 -94.66
CA ASP H 242 -22.24 -35.05 -94.01
C ASP H 242 -22.32 -34.79 -92.51
N PRO H 243 -23.49 -34.96 -91.89
CA PRO H 243 -23.63 -34.66 -90.45
C PRO H 243 -23.10 -35.74 -89.54
N GLU H 244 -22.84 -36.95 -90.04
CA GLU H 244 -22.51 -38.06 -89.15
C GLU H 244 -21.28 -37.80 -88.29
N PRO H 245 -20.15 -37.31 -88.82
CA PRO H 245 -19.02 -37.03 -87.94
C PRO H 245 -19.37 -36.06 -86.83
N PHE H 246 -20.15 -35.03 -87.16
CA PHE H 246 -20.56 -34.07 -86.15
C PHE H 246 -21.47 -34.70 -85.12
N VAL H 247 -22.33 -35.63 -85.55
CA VAL H 247 -23.20 -36.32 -84.61
C VAL H 247 -22.39 -37.15 -83.63
N ALA H 248 -21.38 -37.87 -84.14
CA ALA H 248 -20.52 -38.66 -83.25
C ALA H 248 -19.77 -37.76 -82.27
N LEU H 249 -19.22 -36.66 -82.77
CA LEU H 249 -18.52 -35.73 -81.89
C LEU H 249 -19.46 -35.17 -80.83
N CYS H 250 -20.69 -34.86 -81.22
CA CYS H 250 -21.68 -34.37 -80.28
C CYS H 250 -22.01 -35.41 -79.21
N GLU H 251 -22.13 -36.67 -79.61
CA GLU H 251 -22.41 -37.72 -78.64
C GLU H 251 -21.29 -37.83 -77.62
N LYS H 252 -20.04 -37.82 -78.09
CA LYS H 252 -18.95 -37.99 -77.13
C LYS H 252 -18.74 -36.75 -76.27
N THR H 253 -19.06 -35.56 -76.79
CA THR H 253 -18.99 -34.39 -75.91
C THR H 253 -20.13 -34.39 -74.89
N LEU H 254 -21.30 -34.95 -75.25
CA LEU H 254 -22.32 -35.17 -74.23
C LEU H 254 -21.84 -36.13 -73.15
N CYS H 255 -21.14 -37.18 -73.55
CA CYS H 255 -20.49 -38.01 -72.54
C CYS H 255 -19.54 -37.20 -71.68
N GLU H 256 -18.81 -36.27 -72.29
CA GLU H 256 -17.96 -35.37 -71.54
C GLU H 256 -18.74 -34.25 -70.85
N CYS H 257 -20.01 -34.07 -71.19
CA CYS H 257 -20.78 -32.94 -70.69
C CYS H 257 -20.80 -32.88 -69.17
N ALA H 258 -20.94 -31.67 -68.65
CA ALA H 258 -21.13 -31.41 -67.23
C ALA H 258 -22.25 -30.40 -67.02
N GLY H 259 -23.25 -30.42 -67.88
CA GLY H 259 -24.34 -29.47 -67.82
C GLY H 259 -25.60 -29.98 -68.49
N GLY H 260 -26.34 -29.09 -69.13
CA GLY H 260 -27.61 -29.42 -69.76
C GLY H 260 -27.50 -29.57 -71.25
N LEU H 261 -28.59 -29.23 -71.95
CA LEU H 261 -28.63 -29.38 -73.40
C LEU H 261 -27.58 -28.54 -74.12
N GLU H 262 -27.06 -27.49 -73.47
CA GLU H 262 -26.11 -26.61 -74.13
C GLU H 262 -24.83 -27.33 -74.53
N CYS H 263 -24.55 -28.50 -73.93
CA CYS H 263 -23.33 -29.22 -74.27
C CYS H 263 -23.30 -29.65 -75.73
N ALA H 264 -24.46 -29.79 -76.36
CA ALA H 264 -24.49 -30.15 -77.77
C ALA H 264 -24.24 -28.96 -78.68
N CYS H 265 -24.29 -27.74 -78.14
CA CYS H 265 -24.21 -26.55 -78.98
C CYS H 265 -22.91 -26.44 -79.78
N PRO H 266 -21.73 -26.74 -79.24
CA PRO H 266 -20.52 -26.58 -80.06
C PRO H 266 -20.57 -27.34 -81.37
N ALA H 267 -21.09 -28.57 -81.36
CA ALA H 267 -21.17 -29.34 -82.59
C ALA H 267 -22.12 -28.70 -83.59
N LEU H 268 -23.28 -28.26 -83.12
CA LEU H 268 -24.24 -27.61 -84.01
C LEU H 268 -23.65 -26.33 -84.61
N LEU H 269 -22.99 -25.54 -83.77
CA LEU H 269 -22.39 -24.29 -84.24
C LEU H 269 -21.32 -24.56 -85.28
N GLU H 270 -20.45 -25.55 -85.02
CA GLU H 270 -19.40 -25.87 -85.98
C GLU H 270 -19.99 -26.41 -87.27
N TYR H 271 -21.05 -27.21 -87.18
CA TYR H 271 -21.69 -27.71 -88.40
C TYR H 271 -22.28 -26.57 -89.21
N ALA H 272 -22.95 -25.63 -88.54
CA ALA H 272 -23.50 -24.49 -89.25
C ALA H 272 -22.41 -23.66 -89.90
N ARG H 273 -21.28 -23.48 -89.21
CA ARG H 273 -20.19 -22.71 -89.78
C ARG H 273 -19.54 -23.42 -90.95
N THR H 274 -19.41 -24.74 -90.86
CA THR H 274 -18.91 -25.51 -92.00
C THR H 274 -19.83 -25.37 -93.20
N CYS H 275 -21.14 -25.44 -92.96
CA CYS H 275 -22.10 -25.27 -94.05
C CYS H 275 -21.99 -23.88 -94.66
N ALA H 276 -21.85 -22.85 -93.82
CA ALA H 276 -21.68 -21.50 -94.32
C ALA H 276 -20.43 -21.39 -95.17
N GLN H 277 -19.35 -22.06 -94.74
CA GLN H 277 -18.14 -22.09 -95.56
C GLN H 277 -18.41 -22.74 -96.91
N GLU H 278 -19.17 -23.84 -96.91
CA GLU H 278 -19.46 -24.53 -98.16
C GLU H 278 -20.42 -23.75 -99.04
N GLY H 279 -21.25 -22.89 -98.46
CA GLY H 279 -22.10 -22.03 -99.27
C GLY H 279 -23.49 -21.81 -98.71
N MET H 280 -24.01 -22.76 -97.94
CA MET H 280 -25.37 -22.68 -97.42
C MET H 280 -25.32 -22.10 -96.01
N VAL H 281 -25.86 -20.91 -95.85
CA VAL H 281 -26.04 -20.31 -94.53
C VAL H 281 -27.36 -20.82 -93.97
N LEU H 282 -27.33 -21.36 -92.76
CA LEU H 282 -28.49 -22.01 -92.16
C LEU H 282 -29.26 -21.03 -91.28
N TYR H 283 -29.81 -19.99 -91.92
CA TYR H 283 -30.32 -18.82 -91.21
C TYR H 283 -31.10 -19.12 -89.94
N GLY H 284 -31.84 -20.22 -89.93
CA GLY H 284 -32.74 -20.51 -88.84
C GLY H 284 -32.25 -21.51 -87.79
N TRP H 285 -30.98 -21.89 -87.79
CA TRP H 285 -30.60 -22.96 -86.87
C TRP H 285 -30.63 -22.50 -85.42
N THR H 286 -30.43 -21.21 -85.17
CA THR H 286 -30.43 -20.73 -83.80
C THR H 286 -31.82 -20.74 -83.18
N ASP H 287 -32.87 -20.67 -84.00
CA ASP H 287 -34.22 -20.66 -83.47
C ASP H 287 -34.74 -22.05 -83.18
N HIS H 288 -34.49 -23.01 -84.08
CA HIS H 288 -34.97 -24.37 -83.87
C HIS H 288 -34.30 -25.01 -82.66
N SER H 289 -32.99 -24.82 -82.52
CA SER H 289 -32.26 -25.41 -81.40
C SER H 289 -32.40 -24.53 -80.17
N ALA H 290 -31.95 -25.08 -79.04
CA ALA H 290 -31.94 -24.36 -77.77
C ALA H 290 -30.67 -23.54 -77.57
N CYS H 291 -29.79 -23.50 -78.56
CA CYS H 291 -28.49 -22.86 -78.41
C CYS H 291 -28.57 -21.37 -78.66
N SER H 292 -27.59 -20.66 -78.11
CA SER H 292 -27.49 -19.21 -78.26
C SER H 292 -26.01 -18.84 -78.17
N PRO H 293 -25.33 -18.68 -79.29
CA PRO H 293 -23.91 -18.35 -79.25
C PRO H 293 -23.66 -17.07 -78.49
N VAL H 294 -22.56 -17.06 -77.72
CA VAL H 294 -22.30 -15.93 -76.83
C VAL H 294 -21.99 -14.68 -77.66
N CYS H 295 -22.54 -13.56 -77.23
CA CYS H 295 -22.28 -12.27 -77.83
C CYS H 295 -22.07 -11.24 -76.71
N PRO H 296 -21.36 -10.17 -76.98
CA PRO H 296 -21.17 -9.15 -75.95
C PRO H 296 -22.47 -8.45 -75.62
N ALA H 297 -22.49 -7.78 -74.48
CA ALA H 297 -23.72 -7.21 -73.93
C ALA H 297 -24.43 -6.35 -74.95
N GLY H 298 -25.72 -6.63 -75.14
CA GLY H 298 -26.58 -5.83 -75.99
C GLY H 298 -26.62 -6.22 -77.44
N MET H 299 -25.69 -7.06 -77.90
CA MET H 299 -25.64 -7.46 -79.31
C MET H 299 -26.32 -8.81 -79.49
N GLU H 300 -27.02 -8.95 -80.61
CA GLU H 300 -27.68 -10.19 -80.97
C GLU H 300 -26.77 -11.03 -81.85
N TYR H 301 -26.86 -12.35 -81.69
CA TYR H 301 -26.21 -13.24 -82.63
C TYR H 301 -27.04 -13.38 -83.88
N ARG H 302 -26.39 -13.34 -85.04
CA ARG H 302 -27.10 -13.48 -86.29
C ARG H 302 -26.18 -14.08 -87.34
N GLN H 303 -26.75 -14.88 -88.23
CA GLN H 303 -26.02 -15.42 -89.35
C GLN H 303 -25.92 -14.36 -90.45
N CYS H 304 -24.80 -14.39 -91.17
CA CYS H 304 -24.61 -13.56 -92.35
C CYS H 304 -24.65 -12.07 -91.98
N VAL H 305 -23.91 -11.70 -90.95
CA VAL H 305 -23.69 -10.29 -90.62
C VAL H 305 -22.68 -9.73 -91.61
N SER H 306 -22.99 -8.59 -92.19
CA SER H 306 -22.06 -7.96 -93.12
C SER H 306 -20.84 -7.46 -92.35
N PRO H 307 -19.62 -7.74 -92.83
CA PRO H 307 -18.43 -7.27 -92.11
C PRO H 307 -18.37 -5.75 -91.98
N CYS H 308 -18.94 -5.02 -92.93
CA CYS H 308 -18.96 -3.57 -92.89
C CYS H 308 -20.11 -3.04 -92.04
N ALA H 309 -20.19 -3.49 -90.80
CA ALA H 309 -21.26 -3.04 -89.91
C ALA H 309 -21.12 -1.55 -89.63
N ARG H 310 -22.26 -0.88 -89.48
CA ARG H 310 -22.32 0.58 -89.46
C ARG H 310 -22.04 1.10 -88.05
N THR H 311 -20.83 1.61 -87.84
CA THR H 311 -20.55 2.54 -86.76
C THR H 311 -21.00 3.93 -87.18
N CYS H 312 -21.40 4.73 -86.19
CA CYS H 312 -21.81 6.11 -86.49
C CYS H 312 -20.71 6.87 -87.22
N GLN H 313 -19.54 7.00 -86.60
CA GLN H 313 -18.45 7.77 -87.19
C GLN H 313 -17.80 6.95 -88.29
N SER H 314 -18.59 6.68 -89.34
CA SER H 314 -18.14 5.92 -90.48
C SER H 314 -18.69 6.56 -91.75
N LEU H 315 -17.85 6.60 -92.77
CA LEU H 315 -18.28 7.14 -94.05
C LEU H 315 -19.26 6.19 -94.72
N HIS H 316 -20.26 6.76 -95.37
CA HIS H 316 -21.31 5.97 -96.00
C HIS H 316 -20.86 5.42 -97.34
N ILE H 317 -19.72 4.74 -97.37
CA ILE H 317 -19.16 4.17 -98.60
C ILE H 317 -19.59 2.71 -98.65
N ASN H 318 -20.74 2.45 -99.27
CA ASN H 318 -21.24 1.08 -99.39
C ASN H 318 -20.70 0.36 -100.61
N GLU H 319 -20.20 1.09 -101.60
CA GLU H 319 -19.68 0.46 -102.81
C GLU H 319 -18.39 -0.31 -102.54
N MET H 320 -17.66 0.03 -101.48
CA MET H 320 -16.42 -0.66 -101.17
C MET H 320 -16.67 -2.07 -100.64
N CYS H 321 -17.84 -2.29 -100.02
CA CYS H 321 -18.10 -3.54 -99.29
C CYS H 321 -18.59 -4.60 -100.26
N GLN H 322 -17.64 -5.15 -101.02
CA GLN H 322 -17.90 -6.26 -101.92
C GLN H 322 -17.69 -7.62 -101.26
N GLU H 323 -17.29 -7.64 -99.99
CA GLU H 323 -16.97 -8.89 -99.31
C GLU H 323 -18.24 -9.67 -99.00
N ARG H 324 -18.07 -10.97 -98.78
CA ARG H 324 -19.17 -11.82 -98.34
C ARG H 324 -19.47 -11.57 -96.86
N CYS H 325 -20.66 -12.01 -96.45
CA CYS H 325 -21.07 -11.87 -95.07
C CYS H 325 -20.50 -12.98 -94.21
N VAL H 326 -20.54 -12.77 -92.90
CA VAL H 326 -20.05 -13.75 -91.93
C VAL H 326 -21.06 -13.86 -90.80
N ASP H 327 -21.00 -14.98 -90.09
CA ASP H 327 -21.76 -15.10 -88.86
C ASP H 327 -21.09 -14.31 -87.76
N GLY H 328 -21.90 -13.84 -86.82
CA GLY H 328 -21.36 -13.07 -85.71
C GLY H 328 -22.45 -12.29 -85.01
N CYS H 329 -22.02 -11.36 -84.18
CA CYS H 329 -22.90 -10.56 -83.38
C CYS H 329 -23.21 -9.24 -84.07
N SER H 330 -24.38 -8.69 -83.79
CA SER H 330 -24.80 -7.43 -84.38
C SER H 330 -25.64 -6.67 -83.37
N CYS H 331 -25.61 -5.34 -83.47
CA CYS H 331 -26.49 -4.54 -82.66
C CYS H 331 -27.93 -4.72 -83.15
N PRO H 332 -28.92 -4.62 -82.26
CA PRO H 332 -30.30 -4.75 -82.69
C PRO H 332 -30.64 -3.75 -83.78
N GLU H 333 -31.65 -4.09 -84.58
CA GLU H 333 -32.01 -3.27 -85.72
C GLU H 333 -32.32 -1.85 -85.29
N GLY H 334 -31.82 -0.88 -86.05
CA GLY H 334 -31.98 0.52 -85.75
C GLY H 334 -30.90 1.12 -84.88
N GLN H 335 -30.11 0.30 -84.19
CA GLN H 335 -29.02 0.79 -83.39
C GLN H 335 -27.71 0.74 -84.16
N LEU H 336 -26.72 1.50 -83.67
CA LEU H 336 -25.43 1.59 -84.31
C LEU H 336 -24.33 1.40 -83.28
N LEU H 337 -23.16 1.00 -83.75
CA LEU H 337 -22.01 0.80 -82.88
C LEU H 337 -21.35 2.13 -82.55
N ASP H 338 -20.81 2.22 -81.34
CA ASP H 338 -20.06 3.40 -80.92
C ASP H 338 -19.08 2.95 -79.85
N GLU H 339 -17.80 2.82 -80.24
CA GLU H 339 -16.77 2.30 -79.34
C GLU H 339 -17.14 0.93 -78.80
N GLY H 340 -17.74 0.11 -79.65
CA GLY H 340 -18.13 -1.24 -79.29
C GLY H 340 -19.49 -1.37 -78.65
N LEU H 341 -20.04 -0.27 -78.14
CA LEU H 341 -21.38 -0.31 -77.56
C LEU H 341 -22.42 0.04 -78.62
N CYS H 342 -23.64 -0.44 -78.40
CA CYS H 342 -24.74 -0.19 -79.31
C CYS H 342 -25.53 1.03 -78.84
N VAL H 343 -25.78 1.96 -79.76
CA VAL H 343 -26.47 3.20 -79.45
C VAL H 343 -27.52 3.45 -80.52
N GLU H 344 -28.51 4.25 -80.18
CA GLU H 344 -29.52 4.66 -81.15
C GLU H 344 -28.89 5.57 -82.19
N SER H 345 -29.47 5.54 -83.40
CA SER H 345 -28.91 6.33 -84.49
C SER H 345 -28.87 7.81 -84.15
N THR H 346 -29.84 8.30 -83.39
CA THR H 346 -29.88 9.70 -82.99
C THR H 346 -29.11 9.98 -81.72
N GLU H 347 -28.79 8.95 -80.94
CA GLU H 347 -28.13 9.13 -79.66
C GLU H 347 -26.62 9.33 -79.78
N CYS H 348 -26.06 9.05 -80.91
CA CYS H 348 -24.63 8.78 -80.92
C CYS H 348 -23.80 10.00 -81.31
N PRO H 349 -22.60 10.11 -80.76
CA PRO H 349 -21.93 11.41 -80.64
C PRO H 349 -21.06 11.78 -81.84
N CYS H 350 -20.56 13.01 -81.79
CA CYS H 350 -19.53 13.50 -82.69
C CYS H 350 -18.15 13.27 -82.07
N VAL H 351 -17.13 13.28 -82.92
CA VAL H 351 -15.76 13.10 -82.50
C VAL H 351 -14.94 14.31 -82.93
N HIS H 352 -14.12 14.82 -82.03
CA HIS H 352 -13.19 15.88 -82.35
C HIS H 352 -11.99 15.79 -81.41
N SER H 353 -10.80 16.00 -81.97
CA SER H 353 -9.56 15.97 -81.20
C SER H 353 -9.39 14.65 -80.46
N GLY H 354 -9.95 13.58 -81.00
CA GLY H 354 -9.91 12.30 -80.34
C GLY H 354 -10.90 12.14 -79.21
N LYS H 355 -11.74 13.13 -78.96
CA LYS H 355 -12.73 13.08 -77.91
C LYS H 355 -14.12 12.97 -78.52
N ARG H 356 -15.03 12.33 -77.79
CA ARG H 356 -16.41 12.20 -78.22
C ARG H 356 -17.29 13.13 -77.39
N TYR H 357 -18.18 13.85 -78.06
CA TYR H 357 -19.09 14.78 -77.41
C TYR H 357 -20.53 14.44 -77.76
N PRO H 358 -21.43 14.45 -76.79
CA PRO H 358 -22.83 14.14 -77.08
C PRO H 358 -23.44 15.14 -78.04
N PRO H 359 -24.55 14.81 -78.68
CA PRO H 359 -25.21 15.76 -79.57
C PRO H 359 -25.66 17.00 -78.82
N GLY H 360 -25.65 18.13 -79.52
CA GLY H 360 -26.04 19.39 -78.94
C GLY H 360 -24.92 20.14 -78.24
N THR H 361 -23.78 19.50 -78.01
CA THR H 361 -22.66 20.19 -77.38
C THR H 361 -22.07 21.21 -78.34
N SER H 362 -21.51 22.27 -77.77
CA SER H 362 -20.93 23.36 -78.53
C SER H 362 -19.45 23.49 -78.19
N LEU H 363 -18.63 23.67 -79.21
CA LEU H 363 -17.21 23.89 -79.04
C LEU H 363 -16.81 25.19 -79.71
N SER H 364 -15.93 25.94 -79.06
CA SER H 364 -15.49 27.22 -79.58
C SER H 364 -14.16 27.06 -80.31
N ARG H 365 -14.00 27.85 -81.37
CA ARG H 365 -12.74 27.95 -82.11
C ARG H 365 -12.52 29.44 -82.33
N ASP H 366 -11.84 30.08 -81.38
CA ASP H 366 -11.81 31.53 -81.28
C ASP H 366 -13.23 32.08 -81.24
N CYS H 367 -13.56 32.97 -82.17
CA CYS H 367 -14.87 33.60 -82.16
C CYS H 367 -15.97 32.73 -82.75
N ASN H 368 -15.64 31.60 -83.35
CA ASN H 368 -16.62 30.69 -83.93
C ASN H 368 -17.04 29.64 -82.92
N THR H 369 -18.20 29.04 -83.17
CA THR H 369 -18.67 27.90 -82.40
C THR H 369 -19.11 26.80 -83.34
N CYS H 370 -18.95 25.56 -82.90
CA CYS H 370 -19.32 24.39 -83.68
C CYS H 370 -20.27 23.53 -82.86
N ILE H 371 -21.41 23.18 -83.43
CA ILE H 371 -22.47 22.44 -82.73
C ILE H 371 -22.50 21.01 -83.26
N CYS H 372 -22.49 20.04 -82.35
CA CYS H 372 -22.58 18.64 -82.74
C CYS H 372 -24.03 18.29 -83.04
N ARG H 373 -24.30 17.94 -84.30
CA ARG H 373 -25.63 17.50 -84.71
C ARG H 373 -25.44 16.29 -85.62
N ASN H 374 -26.23 15.25 -85.38
CA ASN H 374 -25.99 13.93 -85.98
C ASN H 374 -24.55 13.56 -85.62
N SER H 375 -23.74 13.09 -86.56
CA SER H 375 -22.33 12.88 -86.30
C SER H 375 -21.47 14.06 -86.71
N GLN H 376 -22.07 15.10 -87.28
CA GLN H 376 -21.35 16.22 -87.86
C GLN H 376 -21.29 17.40 -86.88
N TRP H 377 -20.44 18.35 -87.22
CA TRP H 377 -20.32 19.61 -86.49
C TRP H 377 -20.83 20.72 -87.38
N ILE H 378 -21.68 21.58 -86.84
CA ILE H 378 -22.18 22.75 -87.54
C ILE H 378 -21.39 23.94 -87.02
N CYS H 379 -20.54 24.52 -87.86
CA CYS H 379 -19.57 25.51 -87.44
C CYS H 379 -19.96 26.89 -87.93
N SER H 380 -19.41 27.91 -87.27
CA SER H 380 -19.95 29.26 -87.36
C SER H 380 -19.47 30.06 -88.56
N ASN H 381 -18.42 29.63 -89.26
CA ASN H 381 -18.03 30.21 -90.54
C ASN H 381 -18.00 31.75 -90.51
N GLU H 382 -17.28 32.32 -89.56
CA GLU H 382 -17.15 33.77 -89.48
C GLU H 382 -15.69 34.14 -89.22
N GLU H 383 -15.34 35.35 -89.62
CA GLU H 383 -13.97 35.83 -89.45
C GLU H 383 -13.73 36.23 -88.01
N CYS H 384 -12.59 35.82 -87.47
CA CYS H 384 -12.16 36.17 -86.13
C CYS H 384 -11.00 37.15 -86.19
N PRO H 385 -10.66 37.81 -85.07
CA PRO H 385 -9.58 38.79 -85.09
C PRO H 385 -8.27 38.17 -85.56
N GLY H 386 -7.52 38.94 -86.35
CA GLY H 386 -6.23 38.50 -86.85
C GLY H 386 -5.10 38.98 -85.96
N GLU H 387 -4.17 38.07 -85.69
CA GLU H 387 -3.03 38.34 -84.81
C GLU H 387 -1.75 38.11 -85.60
N CYS H 388 -1.06 39.18 -85.96
CA CYS H 388 0.27 39.08 -86.52
C CYS H 388 1.29 39.13 -85.39
N LEU H 389 2.39 38.41 -85.56
CA LEU H 389 3.32 38.22 -84.46
C LEU H 389 4.75 38.26 -84.97
N VAL H 390 5.61 39.00 -84.26
CA VAL H 390 7.05 38.93 -84.41
C VAL H 390 7.61 38.60 -83.03
N THR H 391 8.28 37.46 -82.90
CA THR H 391 8.47 36.92 -81.56
C THR H 391 9.87 36.39 -81.29
N GLY H 392 10.88 36.91 -81.97
CA GLY H 392 12.21 36.43 -81.67
C GLY H 392 13.24 36.86 -82.67
N GLN H 393 14.08 35.93 -83.10
CA GLN H 393 15.10 36.22 -84.11
C GLN H 393 14.45 36.27 -85.50
N SER H 394 13.53 37.22 -85.64
CA SER H 394 12.85 37.49 -86.91
C SER H 394 11.91 36.36 -87.30
N HIS H 395 11.29 35.71 -86.33
CA HIS H 395 10.19 34.80 -86.60
C HIS H 395 8.88 35.57 -86.70
N PHE H 396 8.08 35.23 -87.70
CA PHE H 396 6.87 35.94 -88.02
C PHE H 396 5.69 34.99 -88.04
N LYS H 397 4.51 35.52 -87.79
CA LYS H 397 3.25 34.87 -88.10
C LYS H 397 2.37 35.88 -88.78
N SER H 398 1.93 35.59 -89.99
CA SER H 398 1.03 36.49 -90.68
C SER H 398 -0.34 36.44 -90.02
N PHE H 399 -1.19 37.38 -90.41
CA PHE H 399 -2.55 37.39 -89.90
C PHE H 399 -3.31 36.12 -90.26
N ASP H 400 -2.88 35.42 -91.31
CA ASP H 400 -3.49 34.16 -91.73
C ASP H 400 -2.71 32.94 -91.27
N ASN H 401 -1.86 33.10 -90.26
CA ASN H 401 -1.15 32.00 -89.61
C ASN H 401 -0.09 31.37 -90.51
N ARG H 402 0.53 32.14 -91.39
CA ARG H 402 1.70 31.67 -92.13
C ARG H 402 2.95 31.99 -91.33
N TYR H 403 3.57 30.97 -90.75
CA TYR H 403 4.81 31.15 -90.03
C TYR H 403 5.98 31.23 -91.00
N PHE H 404 6.91 32.13 -90.71
CA PHE H 404 8.11 32.23 -91.52
C PHE H 404 9.16 33.00 -90.76
N THR H 405 10.40 32.86 -91.20
CA THR H 405 11.54 33.59 -90.65
C THR H 405 12.22 34.33 -91.78
N PHE H 406 12.60 35.58 -91.54
CA PHE H 406 13.12 36.39 -92.64
C PHE H 406 14.51 36.96 -92.37
N SER H 407 14.78 37.44 -91.17
CA SER H 407 16.13 37.84 -90.75
C SER H 407 16.72 38.97 -91.58
N GLY H 408 15.90 39.83 -92.16
CA GLY H 408 16.42 40.98 -92.88
C GLY H 408 16.75 42.12 -91.94
N ILE H 409 17.73 42.94 -92.35
CA ILE H 409 18.17 44.08 -91.55
C ILE H 409 17.81 45.37 -92.27
N CYS H 410 16.64 45.90 -91.97
CA CYS H 410 16.16 47.19 -92.49
C CYS H 410 14.90 47.56 -91.72
N GLN H 411 14.29 48.66 -92.11
CA GLN H 411 12.95 49.00 -91.67
C GLN H 411 11.94 48.43 -92.64
N TYR H 412 11.07 47.55 -92.17
CA TYR H 412 10.15 46.82 -93.02
C TYR H 412 8.71 47.15 -92.63
N LEU H 413 7.84 47.25 -93.63
CA LEU H 413 6.44 47.55 -93.40
C LEU H 413 5.77 46.28 -92.88
N LEU H 414 5.52 46.25 -91.57
CA LEU H 414 4.99 45.05 -90.96
C LEU H 414 3.52 44.86 -91.30
N ALA H 415 2.71 45.88 -91.10
CA ALA H 415 1.29 45.81 -91.40
C ALA H 415 0.76 47.21 -91.66
N ARG H 416 -0.05 47.35 -92.69
CA ARG H 416 -0.61 48.64 -93.04
C ARG H 416 -1.98 48.43 -93.64
N ASP H 417 -2.85 49.42 -93.47
CA ASP H 417 -4.16 49.41 -94.12
C ASP H 417 -4.02 50.10 -95.47
N CYS H 418 -3.64 49.33 -96.49
CA CYS H 418 -3.45 49.90 -97.82
C CYS H 418 -4.75 50.37 -98.45
N GLN H 419 -5.90 50.03 -97.87
CA GLN H 419 -7.17 50.43 -98.46
C GLN H 419 -7.62 51.81 -97.99
N ASP H 420 -7.61 52.06 -96.68
CA ASP H 420 -8.03 53.33 -96.13
C ASP H 420 -6.95 54.09 -95.37
N HIS H 421 -5.76 53.51 -95.22
CA HIS H 421 -4.63 54.13 -94.52
C HIS H 421 -5.00 54.53 -93.10
N SER H 422 -5.78 53.69 -92.43
CA SER H 422 -6.13 53.92 -91.03
C SER H 422 -4.90 53.92 -90.14
N PHE H 423 -3.92 53.09 -90.45
CA PHE H 423 -2.72 52.91 -89.63
C PHE H 423 -1.59 52.39 -90.50
N SER H 424 -0.39 52.42 -89.93
CA SER H 424 0.79 51.92 -90.63
C SER H 424 1.86 51.58 -89.61
N ILE H 425 2.24 50.30 -89.56
CA ILE H 425 3.19 49.79 -88.57
C ILE H 425 4.48 49.39 -89.26
N VAL H 426 5.60 49.91 -88.75
CA VAL H 426 6.92 49.66 -89.31
C VAL H 426 7.82 49.13 -88.20
N ILE H 427 8.65 48.15 -88.52
CA ILE H 427 9.58 47.55 -87.57
C ILE H 427 11.01 47.81 -88.02
N GLU H 428 11.87 48.11 -87.07
CA GLU H 428 13.29 48.29 -87.33
C GLU H 428 14.03 47.06 -86.82
N THR H 429 14.66 46.33 -87.73
CA THR H 429 15.36 45.10 -87.41
C THR H 429 16.87 45.34 -87.40
N VAL H 430 17.54 44.77 -86.41
CA VAL H 430 18.99 44.85 -86.31
C VAL H 430 19.51 43.45 -86.00
N GLN H 431 20.77 43.22 -86.33
CA GLN H 431 21.44 42.02 -85.85
C GLN H 431 21.51 42.08 -84.34
N CYS H 432 21.06 41.00 -83.69
CA CYS H 432 20.90 40.99 -82.25
C CYS H 432 21.91 40.11 -81.55
N ALA H 433 22.96 39.69 -82.25
CA ALA H 433 24.05 38.90 -81.66
C ALA H 433 25.17 38.87 -82.68
N ASP H 434 26.22 38.11 -82.36
CA ASP H 434 27.35 37.99 -83.27
C ASP H 434 26.97 37.22 -84.53
N ASP H 435 26.09 36.23 -84.40
CA ASP H 435 25.75 35.37 -85.54
C ASP H 435 25.01 36.17 -86.61
N ARG H 436 25.29 35.83 -87.87
CA ARG H 436 24.54 36.43 -88.96
C ARG H 436 23.06 36.08 -88.91
N ASP H 437 22.71 34.94 -88.30
CA ASP H 437 21.33 34.49 -88.25
C ASP H 437 20.52 35.14 -87.14
N ALA H 438 21.16 35.88 -86.24
CA ALA H 438 20.47 36.50 -85.11
C ALA H 438 20.09 37.93 -85.48
N VAL H 439 18.87 38.09 -85.99
CA VAL H 439 18.31 39.39 -86.32
C VAL H 439 16.96 39.50 -85.64
N CYS H 440 16.78 40.54 -84.83
CA CYS H 440 15.53 40.71 -84.11
C CYS H 440 15.14 42.19 -84.14
N THR H 441 13.85 42.44 -83.91
CA THR H 441 13.32 43.79 -84.01
C THR H 441 13.79 44.65 -82.84
N ARG H 442 14.31 45.82 -83.15
CA ARG H 442 14.77 46.73 -82.10
C ARG H 442 13.67 47.68 -81.66
N SER H 443 12.96 48.30 -82.59
CA SER H 443 11.95 49.29 -82.29
C SER H 443 10.80 49.16 -83.27
N VAL H 444 9.66 49.70 -82.88
CA VAL H 444 8.44 49.68 -83.69
C VAL H 444 7.96 51.11 -83.90
N THR H 445 7.43 51.39 -85.08
CA THR H 445 6.92 52.70 -85.42
C THR H 445 5.51 52.56 -85.97
N VAL H 446 4.61 53.44 -85.54
CA VAL H 446 3.19 53.36 -85.86
C VAL H 446 2.70 54.74 -86.28
N ARG H 447 2.23 54.87 -87.51
CA ARG H 447 1.58 56.09 -87.96
C ARG H 447 0.08 55.97 -87.82
N LEU H 448 -0.55 57.05 -87.38
CA LEU H 448 -1.99 57.11 -87.16
C LEU H 448 -2.52 58.33 -87.88
N PRO H 449 -2.71 58.27 -89.20
CA PRO H 449 -3.10 59.48 -89.95
C PRO H 449 -4.35 60.15 -89.40
N GLY H 450 -5.31 59.37 -88.91
CA GLY H 450 -6.54 59.94 -88.40
C GLY H 450 -6.38 60.66 -87.07
N LEU H 451 -5.25 60.43 -86.39
CA LEU H 451 -4.90 61.19 -85.19
C LEU H 451 -3.87 62.26 -85.53
N HIS H 452 -4.30 63.17 -86.41
CA HIS H 452 -3.50 64.31 -86.88
C HIS H 452 -2.08 63.92 -87.28
N ASN H 453 -1.98 62.77 -87.96
CA ASN H 453 -0.72 62.21 -88.48
C ASN H 453 0.34 62.04 -87.39
N SER H 454 -0.10 61.65 -86.20
CA SER H 454 0.79 61.27 -85.12
C SER H 454 1.72 60.14 -85.52
N LEU H 455 2.91 60.11 -84.92
CA LEU H 455 3.91 59.07 -85.14
C LEU H 455 4.36 58.49 -83.81
N VAL H 456 3.81 57.36 -83.41
CA VAL H 456 4.25 56.68 -82.19
C VAL H 456 5.46 55.83 -82.50
N LYS H 457 6.43 55.80 -81.59
CA LYS H 457 7.56 54.90 -81.66
C LYS H 457 7.66 54.08 -80.38
N LEU H 458 7.55 52.77 -80.50
CA LEU H 458 7.77 51.88 -79.36
C LEU H 458 9.23 51.46 -79.36
N LYS H 459 9.96 51.80 -78.31
CA LYS H 459 11.40 51.69 -78.28
C LYS H 459 11.83 50.44 -77.54
N HIS H 460 13.10 50.08 -77.72
CA HIS H 460 13.71 49.01 -76.95
C HIS H 460 13.69 49.36 -75.48
N GLY H 461 13.44 48.36 -74.63
CA GLY H 461 13.22 48.63 -73.23
C GLY H 461 11.81 49.02 -72.86
N ALA H 462 10.88 48.97 -73.82
CA ALA H 462 9.47 49.31 -73.64
C ALA H 462 9.22 50.76 -73.31
N GLY H 463 10.13 51.66 -73.67
CA GLY H 463 9.79 53.05 -73.69
C GLY H 463 8.88 53.39 -74.86
N VAL H 464 8.25 54.55 -74.79
CA VAL H 464 7.41 55.05 -75.88
C VAL H 464 7.76 56.50 -76.14
N ALA H 465 7.79 56.87 -77.40
CA ALA H 465 7.90 58.25 -77.82
C ALA H 465 6.74 58.58 -78.74
N MET H 466 6.31 59.83 -78.74
CA MET H 466 5.29 60.29 -79.66
C MET H 466 5.73 61.61 -80.28
N ASP H 467 5.77 61.65 -81.61
CA ASP H 467 6.31 62.78 -82.36
C ASP H 467 7.69 63.18 -81.85
N GLY H 468 8.49 62.19 -81.47
CA GLY H 468 9.82 62.39 -80.93
C GLY H 468 9.92 62.69 -79.46
N GLN H 469 8.81 62.96 -78.78
CA GLN H 469 8.83 63.28 -77.36
C GLN H 469 8.61 62.02 -76.54
N ASP H 470 9.51 61.73 -75.61
CA ASP H 470 9.30 60.59 -74.71
C ASP H 470 8.11 60.88 -73.80
N VAL H 471 7.10 60.03 -73.85
CA VAL H 471 5.85 60.27 -73.13
C VAL H 471 5.77 59.36 -71.91
N GLN H 472 5.16 59.88 -70.86
CA GLN H 472 4.85 59.13 -69.65
C GLN H 472 3.56 58.37 -69.86
N LEU H 473 3.48 57.18 -69.26
CA LEU H 473 2.35 56.26 -69.48
C LEU H 473 1.58 56.05 -68.18
N PRO H 474 0.26 55.83 -68.25
CA PRO H 474 -0.56 55.69 -69.46
C PRO H 474 -0.86 56.97 -70.18
N LEU H 475 -0.98 56.86 -71.49
CA LEU H 475 -1.34 57.97 -72.37
C LEU H 475 -2.74 57.73 -72.92
N LEU H 476 -3.64 58.66 -72.65
CA LEU H 476 -4.97 58.70 -73.26
C LEU H 476 -5.04 59.93 -74.15
N LYS H 477 -5.26 59.73 -75.44
CA LYS H 477 -5.17 60.84 -76.39
C LYS H 477 -6.11 60.56 -77.56
N GLY H 478 -7.36 60.96 -77.41
CA GLY H 478 -8.36 60.59 -78.39
C GLY H 478 -8.64 59.11 -78.37
N ASP H 479 -8.61 58.51 -79.57
CA ASP H 479 -8.74 57.07 -79.71
C ASP H 479 -7.53 56.30 -79.15
N LEU H 480 -6.36 56.91 -79.14
CA LEU H 480 -5.13 56.22 -78.76
C LEU H 480 -5.01 56.05 -77.24
N ARG H 481 -4.65 54.84 -76.82
CA ARG H 481 -4.53 54.50 -75.40
C ARG H 481 -3.35 53.57 -75.21
N ILE H 482 -2.28 54.07 -74.59
CA ILE H 482 -1.04 53.34 -74.39
C ILE H 482 -0.80 53.14 -72.91
N GLN H 483 -0.54 51.90 -72.49
CA GLN H 483 -0.35 51.62 -71.08
C GLN H 483 0.51 50.38 -70.87
N HIS H 484 1.17 50.33 -69.71
CA HIS H 484 1.94 49.16 -69.35
C HIS H 484 1.04 47.99 -68.96
N THR H 485 1.30 46.83 -69.54
CA THR H 485 0.69 45.58 -69.12
C THR H 485 1.32 45.10 -67.83
N VAL H 486 0.66 44.14 -67.17
CA VAL H 486 1.20 43.53 -65.96
C VAL H 486 2.58 42.93 -66.22
N THR H 487 2.83 42.49 -67.43
CA THR H 487 4.12 41.96 -67.83
C THR H 487 5.16 43.05 -68.09
N ALA H 488 4.84 44.31 -67.84
CA ALA H 488 5.63 45.49 -68.17
C ALA H 488 5.65 45.77 -69.66
N SER H 489 4.93 45.00 -70.47
CA SER H 489 4.86 45.24 -71.90
C SER H 489 3.92 46.40 -72.19
N VAL H 490 4.33 47.27 -73.11
CA VAL H 490 3.48 48.37 -73.54
C VAL H 490 2.36 47.83 -74.42
N ARG H 491 1.12 48.10 -74.04
CA ARG H 491 -0.05 47.79 -74.84
C ARG H 491 -0.62 49.06 -75.45
N LEU H 492 -0.66 49.14 -76.76
CA LEU H 492 -1.21 50.28 -77.49
C LEU H 492 -2.54 49.87 -78.10
N SER H 493 -3.56 50.68 -77.87
CA SER H 493 -4.87 50.50 -78.48
C SER H 493 -5.22 51.76 -79.28
N TYR H 494 -5.89 51.58 -80.40
CA TYR H 494 -6.36 52.71 -81.20
C TYR H 494 -7.73 52.39 -81.75
N GLY H 495 -8.72 53.15 -81.31
CA GLY H 495 -10.09 52.73 -81.43
C GLY H 495 -10.32 51.44 -80.66
N GLU H 496 -11.21 50.62 -81.20
CA GLU H 496 -11.42 49.27 -80.74
C GLU H 496 -11.00 48.22 -81.77
N ASP H 497 -10.60 48.65 -82.97
CA ASP H 497 -10.27 47.75 -84.06
C ASP H 497 -8.78 47.44 -84.20
N LEU H 498 -7.90 48.21 -83.57
CA LEU H 498 -6.47 47.94 -83.61
C LEU H 498 -5.89 47.89 -82.21
N GLN H 499 -5.02 46.92 -81.97
CA GLN H 499 -4.30 46.79 -80.72
C GLN H 499 -2.91 46.22 -81.00
N MET H 500 -1.96 46.54 -80.13
CA MET H 500 -0.59 46.07 -80.23
C MET H 500 -0.07 45.79 -78.84
N ASP H 501 0.93 44.92 -78.76
CA ASP H 501 1.51 44.57 -77.46
C ASP H 501 3.01 44.34 -77.63
N TRP H 502 3.80 45.23 -77.05
CA TRP H 502 5.24 45.32 -77.30
C TRP H 502 5.97 45.08 -76.00
N ASP H 503 6.79 44.03 -75.95
CA ASP H 503 7.48 43.68 -74.71
C ASP H 503 8.80 44.41 -74.52
N GLY H 504 9.29 45.10 -75.54
CA GLY H 504 10.52 45.85 -75.43
C GLY H 504 11.78 45.06 -75.71
N ARG H 505 11.71 43.74 -75.70
CA ARG H 505 12.87 42.92 -76.01
C ARG H 505 12.89 42.46 -77.46
N GLY H 506 11.77 42.57 -78.16
CA GLY H 506 11.72 42.19 -79.55
C GLY H 506 10.45 41.47 -79.96
N ARG H 507 9.57 41.20 -79.01
CA ARG H 507 8.31 40.54 -79.31
C ARG H 507 7.22 41.57 -79.52
N LEU H 508 6.52 41.48 -80.65
CA LEU H 508 5.42 42.37 -80.98
C LEU H 508 4.23 41.54 -81.43
N LEU H 509 3.08 41.77 -80.82
CA LEU H 509 1.82 41.15 -81.20
C LEU H 509 0.84 42.23 -81.65
N VAL H 510 0.40 42.18 -82.90
CA VAL H 510 -0.57 43.13 -83.43
C VAL H 510 -1.88 42.40 -83.68
N LYS H 511 -2.96 42.91 -83.10
CA LYS H 511 -4.29 42.32 -83.21
C LYS H 511 -5.21 43.27 -83.96
N LEU H 512 -5.83 42.79 -85.03
CA LEU H 512 -6.81 43.55 -85.78
C LEU H 512 -8.18 42.94 -85.64
N SER H 513 -9.18 43.78 -85.39
CA SER H 513 -10.57 43.41 -85.55
C SER H 513 -10.88 42.98 -86.99
N PRO H 514 -11.92 42.15 -87.18
CA PRO H 514 -12.33 41.75 -88.54
C PRO H 514 -12.60 42.89 -89.50
N VAL H 515 -12.77 44.11 -88.98
CA VAL H 515 -13.01 45.27 -89.83
C VAL H 515 -11.90 45.47 -90.85
N TYR H 516 -10.68 45.06 -90.52
CA TYR H 516 -9.52 45.20 -91.40
C TYR H 516 -9.27 43.99 -92.29
N ALA H 517 -10.12 42.97 -92.26
CA ALA H 517 -9.90 41.79 -93.08
C ALA H 517 -9.85 42.16 -94.56
N GLY H 518 -8.82 41.66 -95.25
CA GLY H 518 -8.63 41.96 -96.65
C GLY H 518 -8.05 43.32 -96.94
N LYS H 519 -8.12 44.25 -96.00
CA LYS H 519 -7.62 45.61 -96.20
C LYS H 519 -6.14 45.74 -95.91
N THR H 520 -5.52 44.74 -95.31
CA THR H 520 -4.18 44.87 -94.75
C THR H 520 -3.13 44.55 -95.80
N CYS H 521 -1.90 44.96 -95.53
CA CYS H 521 -0.78 44.79 -96.45
C CYS H 521 0.50 44.90 -95.64
N GLY H 522 1.57 44.31 -96.16
CA GLY H 522 2.85 44.26 -95.49
C GLY H 522 3.27 42.84 -95.19
N LEU H 523 4.33 42.72 -94.39
CA LEU H 523 4.84 41.40 -94.02
C LEU H 523 3.78 40.54 -93.38
N CYS H 524 2.85 41.15 -92.65
CA CYS H 524 1.81 40.38 -91.98
C CYS H 524 0.77 39.82 -92.94
N GLY H 525 0.84 40.17 -94.21
CA GLY H 525 -0.10 39.64 -95.17
C GLY H 525 -1.35 40.46 -95.30
N ASN H 526 -2.24 40.01 -96.16
CA ASN H 526 -3.46 40.73 -96.47
C ASN H 526 -4.64 40.37 -95.57
N TYR H 527 -4.46 39.49 -94.60
CA TYR H 527 -5.46 39.20 -93.60
C TYR H 527 -6.80 38.82 -94.25
N ASN H 528 -6.78 37.71 -94.99
CA ASN H 528 -7.97 37.22 -95.68
C ASN H 528 -8.20 35.73 -95.45
N GLY H 529 -7.65 35.17 -94.37
CA GLY H 529 -7.92 33.79 -94.03
C GLY H 529 -7.24 32.76 -94.91
N ASN H 530 -6.24 33.16 -95.68
CA ASN H 530 -5.56 32.26 -96.61
C ASN H 530 -4.06 32.42 -96.46
N GLN H 531 -3.37 31.31 -96.20
CA GLN H 531 -1.91 31.34 -96.14
C GLN H 531 -1.29 31.47 -97.51
N GLY H 532 -2.00 31.05 -98.55
CA GLY H 532 -1.39 30.92 -99.86
C GLY H 532 -0.84 32.20 -100.43
N ASP H 533 -1.49 33.33 -100.16
CA ASP H 533 -1.12 34.59 -100.78
C ASP H 533 -0.43 35.54 -99.82
N ASP H 534 0.07 35.04 -98.68
CA ASP H 534 0.69 35.95 -97.72
C ASP H 534 2.05 36.45 -98.16
N PHE H 535 2.70 35.77 -99.10
CA PHE H 535 3.94 36.29 -99.68
C PHE H 535 3.68 37.25 -100.83
N LEU H 536 2.50 37.83 -100.90
CA LEU H 536 2.25 38.90 -101.87
C LEU H 536 3.20 40.06 -101.64
N THR H 537 3.43 40.83 -102.69
CA THR H 537 4.35 41.95 -102.67
C THR H 537 3.68 43.14 -103.34
N PRO H 538 4.16 44.36 -103.09
CA PRO H 538 3.56 45.52 -103.75
C PRO H 538 3.54 45.42 -105.26
N SER H 539 4.37 44.55 -105.85
CA SER H 539 4.31 44.32 -107.28
C SER H 539 3.02 43.63 -107.69
N GLY H 540 2.27 43.09 -106.74
CA GLY H 540 1.03 42.40 -107.04
C GLY H 540 1.14 40.90 -107.21
N LEU H 541 2.35 40.35 -107.20
CA LEU H 541 2.55 38.92 -107.35
C LEU H 541 3.12 38.33 -106.06
N ALA H 542 2.88 37.03 -105.87
CA ALA H 542 3.32 36.34 -104.68
C ALA H 542 4.69 35.74 -104.93
N GLU H 543 5.65 36.11 -104.12
CA GLU H 543 7.00 35.59 -104.25
C GLU H 543 7.08 34.20 -103.64
N PRO H 544 7.58 33.19 -104.37
CA PRO H 544 7.71 31.86 -103.78
C PRO H 544 8.78 31.77 -102.69
N ARG H 545 9.67 32.76 -102.60
CA ARG H 545 10.78 32.75 -101.66
C ARG H 545 10.55 33.80 -100.59
N VAL H 546 10.82 33.42 -99.33
CA VAL H 546 10.63 34.38 -98.25
C VAL H 546 11.60 35.55 -98.38
N GLU H 547 12.80 35.30 -98.90
CA GLU H 547 13.79 36.37 -99.02
C GLU H 547 13.31 37.48 -99.94
N ASP H 548 12.88 37.12 -101.14
CA ASP H 548 12.38 38.13 -102.08
C ASP H 548 11.14 38.83 -101.54
N PHE H 549 10.22 38.06 -100.95
CA PHE H 549 9.02 38.64 -100.36
C PHE H 549 9.37 39.71 -99.34
N GLY H 550 10.24 39.38 -98.38
CA GLY H 550 10.60 40.35 -97.37
C GLY H 550 11.36 41.53 -97.93
N ASN H 551 12.25 41.29 -98.89
CA ASN H 551 12.99 42.38 -99.50
C ASN H 551 12.07 43.34 -100.22
N ALA H 552 10.93 42.86 -100.69
CA ALA H 552 9.99 43.74 -101.39
C ALA H 552 9.36 44.77 -100.47
N TRP H 553 9.31 44.52 -99.16
CA TRP H 553 8.67 45.41 -98.21
C TRP H 553 9.66 46.27 -97.43
N LYS H 554 10.93 46.29 -97.82
CA LYS H 554 11.91 47.12 -97.13
C LYS H 554 11.77 48.57 -97.56
N LEU H 555 11.89 49.47 -96.58
CA LEU H 555 11.59 50.88 -96.82
C LEU H 555 12.76 51.64 -97.45
N HIS H 556 13.99 51.23 -97.18
CA HIS H 556 15.16 52.01 -97.54
C HIS H 556 15.96 51.26 -98.60
N GLY H 557 16.31 51.97 -99.68
CA GLY H 557 16.96 51.32 -100.81
C GLY H 557 18.38 50.90 -100.55
N ASP H 558 19.06 51.56 -99.62
CA ASP H 558 20.45 51.23 -99.33
C ASP H 558 20.58 50.00 -98.45
N CYS H 559 19.49 49.47 -97.94
CA CYS H 559 19.54 48.25 -97.13
C CYS H 559 19.97 47.06 -97.96
N GLN H 560 20.62 46.11 -97.31
CA GLN H 560 21.04 44.89 -97.99
C GLN H 560 19.83 44.04 -98.35
N ASP H 561 19.76 43.62 -99.61
CA ASP H 561 18.74 42.66 -100.02
C ASP H 561 19.16 41.28 -99.54
N LEU H 562 18.31 40.64 -98.76
CA LEU H 562 18.65 39.35 -98.17
C LEU H 562 18.79 38.31 -99.27
N GLN H 563 19.97 37.68 -99.35
CA GLN H 563 20.24 36.74 -100.42
C GLN H 563 19.70 35.35 -100.10
N LYS H 564 20.01 34.82 -98.92
CA LYS H 564 19.51 33.53 -98.50
C LYS H 564 19.15 33.56 -97.03
N GLN H 565 18.00 32.96 -96.69
CA GLN H 565 17.57 32.84 -95.30
C GLN H 565 18.06 31.49 -94.80
N HIS H 566 19.23 31.50 -94.17
CA HIS H 566 19.83 30.25 -93.70
C HIS H 566 19.07 29.72 -92.49
N SER H 567 18.49 28.53 -92.63
CA SER H 567 17.93 27.84 -91.48
C SER H 567 19.04 27.13 -90.72
N ASP H 568 18.71 26.63 -89.54
CA ASP H 568 19.64 25.87 -88.71
C ASP H 568 20.91 26.66 -88.45
N PRO H 569 20.86 27.72 -87.63
CA PRO H 569 22.09 28.41 -87.24
C PRO H 569 23.01 27.57 -86.40
N CYS H 570 22.55 26.42 -85.90
CA CYS H 570 23.38 25.56 -85.07
C CYS H 570 24.64 25.11 -85.78
N ALA H 571 24.65 25.12 -87.11
CA ALA H 571 25.84 24.73 -87.84
C ALA H 571 27.01 25.66 -87.53
N LEU H 572 26.73 26.94 -87.35
CA LEU H 572 27.80 27.90 -87.08
C LEU H 572 28.31 27.79 -85.65
N ASN H 573 27.47 27.31 -84.72
CA ASN H 573 27.86 27.09 -83.34
C ASN H 573 27.48 25.67 -82.95
N PRO H 574 28.27 24.68 -83.34
CA PRO H 574 27.92 23.29 -83.00
C PRO H 574 27.82 23.04 -81.51
N ARG H 575 28.50 23.82 -80.69
CA ARG H 575 28.45 23.58 -79.24
C ARG H 575 27.05 23.64 -78.70
N MET H 576 26.18 24.44 -79.31
CA MET H 576 24.85 24.69 -78.80
C MET H 576 23.81 23.71 -79.32
N THR H 577 24.18 22.81 -80.24
CA THR H 577 23.17 21.95 -80.86
C THR H 577 22.55 20.98 -79.85
N ARG H 578 23.36 20.37 -78.99
CA ARG H 578 22.83 19.44 -78.01
C ARG H 578 21.85 20.13 -77.08
N PHE H 579 22.23 21.29 -76.54
CA PHE H 579 21.34 22.05 -75.68
C PHE H 579 20.09 22.46 -76.41
N SER H 580 20.22 22.93 -77.65
CA SER H 580 19.06 23.34 -78.42
C SER H 580 18.05 22.21 -78.52
N GLU H 581 18.51 21.04 -78.97
CA GLU H 581 17.60 19.92 -79.11
C GLU H 581 16.99 19.55 -77.76
N GLU H 582 17.82 19.30 -76.76
CA GLU H 582 17.34 18.74 -75.50
C GLU H 582 16.51 19.72 -74.70
N ALA H 583 16.64 21.02 -74.96
CA ALA H 583 15.87 22.02 -74.23
C ALA H 583 14.59 22.36 -74.96
N CYS H 584 14.66 22.64 -76.25
CA CYS H 584 13.46 22.97 -76.98
C CYS H 584 12.56 21.76 -77.19
N ALA H 585 13.05 20.55 -76.90
CA ALA H 585 12.18 19.38 -76.98
C ALA H 585 11.03 19.44 -75.98
N VAL H 586 11.12 20.29 -74.96
CA VAL H 586 10.07 20.34 -73.95
C VAL H 586 8.74 20.76 -74.56
N LEU H 587 8.76 21.50 -75.66
CA LEU H 587 7.52 21.91 -76.30
C LEU H 587 6.67 20.72 -76.73
N THR H 588 7.28 19.56 -76.96
CA THR H 588 6.55 18.35 -77.32
C THR H 588 6.37 17.40 -76.14
N SER H 589 6.84 17.77 -74.96
CA SER H 589 6.74 16.92 -73.80
C SER H 589 5.30 16.92 -73.28
N PRO H 590 4.96 15.97 -72.41
CA PRO H 590 3.62 16.00 -71.80
C PRO H 590 3.29 17.29 -71.10
N THR H 591 4.30 18.11 -70.78
CA THR H 591 4.05 19.44 -70.22
C THR H 591 3.15 20.26 -71.12
N PHE H 592 3.24 20.06 -72.42
CA PHE H 592 2.47 20.82 -73.39
C PHE H 592 1.48 19.97 -74.15
N GLU H 593 1.36 18.67 -73.83
CA GLU H 593 0.42 17.82 -74.56
C GLU H 593 -1.01 18.32 -74.42
N ALA H 594 -1.31 19.05 -73.35
CA ALA H 594 -2.63 19.64 -73.22
C ALA H 594 -2.90 20.67 -74.30
N CYS H 595 -1.86 21.19 -74.95
CA CYS H 595 -2.01 22.23 -75.94
C CYS H 595 -1.81 21.76 -77.38
N HIS H 596 -1.17 20.61 -77.59
CA HIS H 596 -0.87 20.17 -78.95
C HIS H 596 -2.11 20.12 -79.81
N ARG H 597 -3.25 19.77 -79.21
CA ARG H 597 -4.50 19.75 -79.96
C ARG H 597 -4.89 21.15 -80.39
N ALA H 598 -4.73 22.13 -79.50
CA ALA H 598 -5.16 23.49 -79.79
C ALA H 598 -4.24 24.19 -80.78
N VAL H 599 -2.93 24.11 -80.56
CA VAL H 599 -1.94 24.79 -81.38
C VAL H 599 -0.87 23.80 -81.80
N SER H 600 -0.52 23.82 -83.07
CA SER H 600 0.51 22.92 -83.57
C SER H 600 1.86 23.37 -83.02
N PRO H 601 2.61 22.48 -82.36
CA PRO H 601 3.88 22.90 -81.77
C PRO H 601 5.04 22.95 -82.74
N LEU H 602 4.87 22.51 -83.98
CA LEU H 602 6.01 22.40 -84.89
C LEU H 602 6.63 23.74 -85.23
N PRO H 603 5.88 24.78 -85.63
CA PRO H 603 6.53 26.06 -85.92
C PRO H 603 7.24 26.63 -84.71
N TYR H 604 6.64 26.51 -83.54
CA TYR H 604 7.27 27.03 -82.34
C TYR H 604 8.51 26.24 -81.97
N LEU H 605 8.53 24.93 -82.26
CA LEU H 605 9.73 24.14 -82.05
C LEU H 605 10.86 24.58 -82.98
N ARG H 606 10.54 24.77 -84.26
CA ARG H 606 11.54 25.28 -85.19
C ARG H 606 12.09 26.62 -84.71
N ASN H 607 11.19 27.52 -84.33
CA ASN H 607 11.61 28.84 -83.86
C ASN H 607 12.45 28.72 -82.61
N CYS H 608 12.07 27.84 -81.68
CA CYS H 608 12.82 27.66 -80.45
C CYS H 608 14.25 27.21 -80.74
N ARG H 609 14.41 26.20 -81.57
CA ARG H 609 15.75 25.71 -81.86
C ARG H 609 16.58 26.76 -82.56
N TYR H 610 15.99 27.45 -83.55
CA TYR H 610 16.70 28.54 -84.21
C TYR H 610 17.17 29.57 -83.20
N ASP H 611 16.27 30.01 -82.32
CA ASP H 611 16.60 31.06 -81.37
C ASP H 611 17.71 30.60 -80.43
N VAL H 612 17.57 29.42 -79.85
CA VAL H 612 18.56 28.95 -78.88
C VAL H 612 19.93 28.84 -79.53
N CYS H 613 19.96 28.40 -80.79
CA CYS H 613 21.26 28.28 -81.45
C CYS H 613 21.85 29.62 -81.87
N SER H 614 21.01 30.62 -82.15
CA SER H 614 21.53 31.87 -82.70
C SER H 614 21.61 33.02 -81.70
N CYS H 615 21.00 32.90 -80.53
CA CYS H 615 20.89 34.06 -79.65
C CYS H 615 22.18 34.32 -78.89
N SER H 616 22.30 35.53 -78.36
CA SER H 616 23.41 35.88 -77.49
C SER H 616 23.39 35.04 -76.22
N ASP H 617 22.22 34.88 -75.61
CA ASP H 617 22.03 34.06 -74.43
C ASP H 617 20.97 33.02 -74.76
N GLY H 618 21.36 31.74 -74.70
CA GLY H 618 20.43 30.69 -75.06
C GLY H 618 19.33 30.49 -74.04
N ARG H 619 19.60 30.81 -72.78
CA ARG H 619 18.59 30.65 -71.74
C ARG H 619 17.45 31.65 -71.92
N GLU H 620 17.79 32.92 -72.16
CA GLU H 620 16.78 33.94 -72.35
C GLU H 620 15.90 33.62 -73.55
N CYS H 621 16.51 33.20 -74.66
CA CYS H 621 15.72 32.90 -75.84
C CYS H 621 14.94 31.60 -75.70
N LEU H 622 15.47 30.64 -74.95
CA LEU H 622 14.68 29.46 -74.62
C LEU H 622 13.40 29.85 -73.89
N CYS H 623 13.53 30.70 -72.88
CA CYS H 623 12.34 31.18 -72.18
C CYS H 623 11.42 31.96 -73.11
N GLY H 624 12.00 32.76 -74.00
CA GLY H 624 11.17 33.51 -74.94
C GLY H 624 10.35 32.61 -75.83
N ALA H 625 10.96 31.58 -76.39
CA ALA H 625 10.24 30.67 -77.28
C ALA H 625 9.19 29.87 -76.54
N LEU H 626 9.54 29.34 -75.37
CA LEU H 626 8.56 28.60 -74.60
C LEU H 626 7.39 29.49 -74.20
N ALA H 627 7.68 30.73 -73.82
CA ALA H 627 6.61 31.65 -73.47
C ALA H 627 5.77 32.00 -74.69
N SER H 628 6.37 32.07 -75.87
CA SER H 628 5.61 32.32 -77.08
C SER H 628 4.61 31.19 -77.32
N TYR H 629 5.05 29.94 -77.20
CA TYR H 629 4.12 28.84 -77.40
C TYR H 629 3.05 28.82 -76.32
N ALA H 630 3.43 29.09 -75.07
CA ALA H 630 2.43 29.13 -74.01
C ALA H 630 1.44 30.25 -74.24
N ALA H 631 1.89 31.37 -74.77
CA ALA H 631 0.98 32.47 -75.07
C ALA H 631 0.01 32.09 -76.19
N ALA H 632 0.49 31.38 -77.20
CA ALA H 632 -0.44 30.88 -78.22
C ALA H 632 -1.47 29.95 -77.61
N CYS H 633 -1.04 29.04 -76.74
CA CYS H 633 -1.97 28.14 -76.07
C CYS H 633 -3.01 28.94 -75.28
N ALA H 634 -2.57 29.94 -74.52
CA ALA H 634 -3.49 30.77 -73.76
C ALA H 634 -4.45 31.51 -74.67
N GLY H 635 -3.98 31.96 -75.83
CA GLY H 635 -4.87 32.57 -76.80
C GLY H 635 -5.95 31.62 -77.25
N ARG H 636 -5.61 30.34 -77.38
CA ARG H 636 -6.61 29.30 -77.62
C ARG H 636 -7.29 28.82 -76.34
N GLY H 637 -7.15 29.54 -75.25
CA GLY H 637 -7.85 29.21 -74.02
C GLY H 637 -7.27 28.08 -73.21
N VAL H 638 -6.09 27.60 -73.55
CA VAL H 638 -5.44 26.52 -72.81
C VAL H 638 -4.27 27.13 -72.03
N ARG H 639 -4.27 26.94 -70.72
CA ARG H 639 -3.22 27.46 -69.86
C ARG H 639 -2.35 26.31 -69.38
N VAL H 640 -1.04 26.45 -69.54
CA VAL H 640 -0.08 25.40 -69.20
C VAL H 640 0.87 25.94 -68.14
N ALA H 641 1.03 25.18 -67.05
CA ALA H 641 1.95 25.53 -65.98
C ALA H 641 3.35 25.05 -66.35
N TRP H 642 3.98 25.78 -67.26
CA TRP H 642 5.23 25.33 -67.85
C TRP H 642 6.46 25.85 -67.12
N ARG H 643 6.37 26.98 -66.43
CA ARG H 643 7.53 27.51 -65.72
C ARG H 643 7.84 26.66 -64.50
N GLU H 644 9.12 26.49 -64.22
CA GLU H 644 9.59 25.67 -63.11
C GLU H 644 10.92 26.24 -62.64
N PRO H 645 11.39 25.83 -61.46
CA PRO H 645 12.68 26.36 -60.98
C PRO H 645 13.82 26.15 -61.95
N GLY H 646 13.82 25.03 -62.67
CA GLY H 646 14.88 24.79 -63.63
C GLY H 646 14.75 25.54 -64.93
N ARG H 647 13.64 26.26 -65.14
CA ARG H 647 13.46 26.97 -66.41
C ARG H 647 12.47 28.12 -66.21
N CYS H 648 12.96 29.34 -66.38
CA CYS H 648 12.13 30.49 -66.74
C CYS H 648 11.09 30.82 -65.67
N GLU H 649 11.53 30.92 -64.42
CA GLU H 649 10.66 31.47 -63.40
C GLU H 649 10.66 32.99 -63.43
N LEU H 650 9.49 33.59 -63.22
CA LEU H 650 9.38 35.03 -63.09
C LEU H 650 9.72 35.42 -61.66
N ASN H 651 10.85 36.08 -61.47
CA ASN H 651 11.25 36.57 -60.15
C ASN H 651 10.60 37.94 -59.96
N CYS H 652 9.46 37.94 -59.28
CA CYS H 652 8.65 39.15 -59.22
C CYS H 652 9.29 40.20 -58.30
N PRO H 653 9.13 41.48 -58.64
CA PRO H 653 9.70 42.53 -57.81
C PRO H 653 9.08 42.55 -56.42
N LYS H 654 9.91 42.89 -55.43
CA LYS H 654 9.50 43.17 -54.05
C LYS H 654 8.57 42.06 -53.58
N GLY H 655 7.43 42.38 -52.97
CA GLY H 655 6.52 41.40 -52.42
C GLY H 655 5.44 40.92 -53.37
N GLN H 656 5.50 41.30 -54.65
CA GLN H 656 4.50 40.85 -55.60
C GLN H 656 4.59 39.34 -55.79
N VAL H 657 3.44 38.73 -56.08
CA VAL H 657 3.31 37.28 -56.18
C VAL H 657 2.99 36.91 -57.62
N TYR H 658 3.68 35.89 -58.13
CA TYR H 658 3.41 35.40 -59.47
C TYR H 658 2.08 34.65 -59.52
N LEU H 659 1.24 35.00 -60.48
CA LEU H 659 -0.01 34.29 -60.75
C LEU H 659 -0.02 33.81 -62.19
N GLN H 660 -0.49 32.58 -62.40
CA GLN H 660 -0.66 32.09 -63.75
C GLN H 660 -1.88 32.68 -64.44
N CYS H 661 -2.90 33.05 -63.66
CA CYS H 661 -4.13 33.65 -64.19
C CYS H 661 -4.61 34.67 -63.17
N GLY H 662 -4.23 35.92 -63.38
CA GLY H 662 -4.64 37.01 -62.53
C GLY H 662 -5.33 38.11 -63.30
N THR H 663 -6.14 38.91 -62.63
CA THR H 663 -6.92 39.92 -63.33
C THR H 663 -6.21 41.26 -63.29
N PRO H 664 -6.00 41.92 -64.43
CA PRO H 664 -5.28 43.19 -64.43
C PRO H 664 -6.12 44.40 -64.11
N CYS H 665 -7.46 44.26 -64.12
CA CYS H 665 -8.32 45.43 -64.12
C CYS H 665 -8.17 46.27 -62.85
N ASN H 666 -8.01 45.62 -61.71
CA ASN H 666 -7.99 46.29 -60.42
C ASN H 666 -6.67 46.12 -59.69
N LEU H 667 -5.55 46.19 -60.42
CA LEU H 667 -4.25 46.05 -59.79
C LEU H 667 -3.67 47.39 -59.35
N THR H 668 -3.67 48.37 -60.25
CA THR H 668 -3.06 49.66 -59.97
C THR H 668 -4.04 50.60 -59.26
N CYS H 669 -3.48 51.56 -58.54
CA CYS H 669 -4.31 52.49 -57.79
C CYS H 669 -5.06 53.46 -58.71
N ARG H 670 -4.58 53.64 -59.94
CA ARG H 670 -5.36 54.38 -60.92
C ARG H 670 -6.73 53.75 -61.13
N SER H 671 -6.83 52.43 -60.98
CA SER H 671 -8.14 51.79 -61.03
C SER H 671 -9.05 52.31 -59.94
N LEU H 672 -8.50 52.57 -58.75
CA LEU H 672 -9.27 53.22 -57.71
C LEU H 672 -9.64 54.64 -58.10
N SER H 673 -8.70 55.37 -58.68
CA SER H 673 -8.96 56.76 -59.03
C SER H 673 -9.94 56.89 -60.19
N TYR H 674 -10.07 55.86 -61.03
CA TYR H 674 -11.01 55.86 -62.15
C TYR H 674 -11.80 54.57 -62.13
N PRO H 675 -12.72 54.42 -61.17
CA PRO H 675 -13.46 53.16 -61.08
C PRO H 675 -14.50 52.99 -62.16
N ASP H 676 -14.97 54.06 -62.78
CA ASP H 676 -16.01 53.96 -63.80
C ASP H 676 -15.47 53.66 -65.18
N GLU H 677 -14.15 53.62 -65.35
CA GLU H 677 -13.56 53.20 -66.63
C GLU H 677 -13.71 51.69 -66.76
N GLU H 678 -14.52 51.26 -67.71
CA GLU H 678 -14.87 49.85 -67.82
C GLU H 678 -13.64 49.02 -68.19
N CYS H 679 -13.54 47.84 -67.58
CA CYS H 679 -12.45 46.91 -67.84
C CYS H 679 -12.99 45.50 -67.79
N ASN H 680 -12.88 44.77 -68.89
CA ASN H 680 -13.38 43.40 -68.98
C ASN H 680 -12.31 42.44 -69.46
N GLU H 681 -11.03 42.79 -69.29
CA GLU H 681 -9.95 42.04 -69.90
C GLU H 681 -9.76 40.69 -69.21
N ALA H 682 -9.46 39.67 -70.00
CA ALA H 682 -9.23 38.33 -69.49
C ALA H 682 -7.97 38.29 -68.62
N CYS H 683 -7.86 37.24 -67.82
CA CYS H 683 -6.72 37.10 -66.94
C CYS H 683 -5.46 36.79 -67.74
N LEU H 684 -4.32 37.01 -67.09
CA LEU H 684 -3.03 36.76 -67.72
C LEU H 684 -2.02 36.45 -66.63
N GLU H 685 -0.94 35.77 -67.04
CA GLU H 685 0.13 35.48 -66.10
C GLU H 685 1.00 36.72 -65.90
N GLY H 686 1.57 36.84 -64.71
CA GLY H 686 2.40 37.98 -64.40
C GLY H 686 2.56 38.11 -62.90
N CYS H 687 3.08 39.27 -62.50
CA CYS H 687 3.31 39.59 -61.10
C CYS H 687 2.20 40.51 -60.61
N PHE H 688 1.50 40.08 -59.56
CA PHE H 688 0.38 40.82 -59.01
C PHE H 688 0.59 41.01 -57.51
N CYS H 689 -0.01 42.05 -56.98
CA CYS H 689 0.02 42.24 -55.54
C CYS H 689 -0.94 41.26 -54.86
N PRO H 690 -0.67 40.91 -53.60
CA PRO H 690 -1.58 40.02 -52.86
C PRO H 690 -3.00 40.55 -52.87
N PRO H 691 -3.99 39.71 -52.56
CA PRO H 691 -5.38 40.09 -52.84
C PRO H 691 -5.83 41.36 -52.16
N GLY H 692 -5.29 41.68 -50.99
CA GLY H 692 -5.77 42.84 -50.25
C GLY H 692 -5.05 44.14 -50.54
N LEU H 693 -4.11 44.17 -51.48
CA LEU H 693 -3.26 45.32 -51.70
C LEU H 693 -3.32 45.77 -53.15
N TYR H 694 -3.26 47.07 -53.36
CA TYR H 694 -3.14 47.67 -54.68
C TYR H 694 -1.68 48.05 -54.93
N MET H 695 -1.39 48.40 -56.17
CA MET H 695 -0.02 48.69 -56.61
C MET H 695 0.10 50.15 -57.00
N ASP H 696 1.13 50.81 -56.49
CA ASP H 696 1.37 52.22 -56.73
C ASP H 696 2.39 52.41 -57.86
N GLU H 697 2.85 53.66 -58.05
CA GLU H 697 3.81 53.93 -59.12
C GLU H 697 5.15 53.26 -58.87
N ARG H 698 5.57 53.18 -57.60
CA ARG H 698 6.85 52.56 -57.29
C ARG H 698 6.83 51.05 -57.45
N GLY H 699 5.66 50.47 -57.73
CA GLY H 699 5.54 49.03 -57.74
C GLY H 699 5.32 48.42 -56.38
N ASP H 700 5.21 49.23 -55.34
CA ASP H 700 4.97 48.72 -54.01
C ASP H 700 3.50 48.40 -53.82
N CYS H 701 3.22 47.30 -53.15
CA CYS H 701 1.86 46.91 -52.85
C CYS H 701 1.38 47.64 -51.60
N VAL H 702 0.28 48.36 -51.72
CA VAL H 702 -0.21 49.22 -50.65
C VAL H 702 -1.69 48.95 -50.44
N PRO H 703 -2.20 49.06 -49.21
CA PRO H 703 -3.65 49.05 -49.02
C PRO H 703 -4.29 50.24 -49.67
N LYS H 704 -5.57 50.09 -50.04
CA LYS H 704 -6.26 51.15 -50.76
C LYS H 704 -6.26 52.46 -49.98
N ALA H 705 -6.13 52.39 -48.65
CA ALA H 705 -6.05 53.61 -47.86
C ALA H 705 -4.79 54.40 -48.14
N GLN H 706 -3.75 53.77 -48.68
CA GLN H 706 -2.48 54.44 -48.92
C GLN H 706 -2.25 54.80 -50.38
N CYS H 707 -3.14 54.42 -51.28
CA CYS H 707 -2.98 54.82 -52.67
C CYS H 707 -3.09 56.33 -52.81
N PRO H 708 -2.30 56.95 -53.68
CA PRO H 708 -2.57 58.34 -54.06
C PRO H 708 -3.74 58.43 -55.01
N CYS H 709 -4.27 59.64 -55.13
CA CYS H 709 -5.39 59.93 -56.01
C CYS H 709 -4.91 60.70 -57.23
N TYR H 710 -5.31 60.24 -58.41
CA TYR H 710 -4.97 60.89 -59.65
C TYR H 710 -6.14 61.75 -60.09
N TYR H 711 -5.91 63.06 -60.21
CA TYR H 711 -6.97 64.00 -60.55
C TYR H 711 -6.42 64.99 -61.56
N ASP H 712 -7.07 65.10 -62.70
CA ASP H 712 -6.63 66.00 -63.78
C ASP H 712 -5.17 65.76 -64.15
N GLY H 713 -4.72 64.51 -64.00
CA GLY H 713 -3.35 64.19 -64.31
C GLY H 713 -2.36 64.56 -63.24
N GLU H 714 -2.82 64.92 -62.05
CA GLU H 714 -1.94 65.26 -60.94
C GLU H 714 -2.11 64.24 -59.83
N ILE H 715 -1.03 63.92 -59.16
CA ILE H 715 -1.01 62.84 -58.19
C ILE H 715 -1.11 63.45 -56.80
N PHE H 716 -2.17 63.13 -56.08
CA PHE H 716 -2.38 63.65 -54.73
C PHE H 716 -2.23 62.53 -53.72
N GLN H 717 -1.59 62.84 -52.60
CA GLN H 717 -1.33 61.88 -51.55
C GLN H 717 -2.59 61.62 -50.74
N PRO H 718 -2.61 60.53 -49.96
CA PRO H 718 -3.78 60.27 -49.13
C PRO H 718 -4.04 61.42 -48.16
N GLU H 719 -5.33 61.68 -47.91
CA GLU H 719 -5.81 62.72 -47.01
C GLU H 719 -5.54 64.13 -47.51
N ASP H 720 -5.07 64.29 -48.75
CA ASP H 720 -4.89 65.62 -49.30
C ASP H 720 -6.23 66.28 -49.53
N ILE H 721 -6.28 67.58 -49.29
CA ILE H 721 -7.48 68.39 -49.47
C ILE H 721 -7.10 69.58 -50.33
N PHE H 722 -7.99 69.99 -51.23
CA PHE H 722 -7.80 71.24 -51.92
C PHE H 722 -9.17 71.82 -52.28
N SER H 723 -9.22 73.14 -52.38
CA SER H 723 -10.45 73.83 -52.75
C SER H 723 -10.12 74.92 -53.74
N ASP H 724 -10.95 75.08 -54.74
CA ASP H 724 -10.74 76.02 -55.82
C ASP H 724 -11.95 76.95 -55.90
N HIS H 725 -11.90 77.88 -56.86
CA HIS H 725 -13.03 78.75 -57.12
C HIS H 725 -14.29 77.94 -57.37
N HIS H 726 -14.15 76.78 -57.99
CA HIS H 726 -15.29 76.02 -58.46
C HIS H 726 -15.54 74.74 -57.67
N THR H 727 -14.55 74.22 -56.97
CA THR H 727 -14.65 72.84 -56.49
C THR H 727 -13.92 72.70 -55.17
N MET H 728 -14.33 71.70 -54.39
CA MET H 728 -13.64 71.29 -53.18
C MET H 728 -13.49 69.77 -53.24
N CYS H 729 -12.28 69.28 -53.03
CA CYS H 729 -11.99 67.87 -53.21
C CYS H 729 -11.12 67.38 -52.07
N TYR H 730 -11.12 66.07 -51.87
CA TYR H 730 -10.19 65.45 -50.93
C TYR H 730 -9.97 64.01 -51.33
N CYS H 731 -8.76 63.53 -51.07
CA CYS H 731 -8.33 62.20 -51.48
C CYS H 731 -8.51 61.22 -50.33
N GLU H 732 -9.26 60.15 -50.58
CA GLU H 732 -9.45 59.11 -49.58
C GLU H 732 -9.64 57.79 -50.28
N ASP H 733 -8.90 56.76 -49.84
CA ASP H 733 -9.00 55.41 -50.40
C ASP H 733 -8.76 55.41 -51.90
N GLY H 734 -7.80 56.21 -52.34
CA GLY H 734 -7.40 56.23 -53.72
C GLY H 734 -8.36 56.91 -54.66
N PHE H 735 -9.38 57.57 -54.15
CA PHE H 735 -10.35 58.27 -54.98
C PHE H 735 -10.48 59.70 -54.52
N MET H 736 -10.69 60.61 -55.47
CA MET H 736 -10.78 62.03 -55.20
C MET H 736 -12.26 62.38 -55.03
N HIS H 737 -12.69 62.58 -53.79
CA HIS H 737 -14.10 62.79 -53.48
C HIS H 737 -14.44 64.27 -53.64
N CYS H 738 -14.60 64.69 -54.88
CA CYS H 738 -14.98 66.07 -55.16
C CYS H 738 -16.48 66.24 -54.94
N THR H 739 -16.84 67.25 -54.15
CA THR H 739 -18.23 67.44 -53.73
C THR H 739 -18.66 68.88 -53.85
N MET H 740 -18.26 69.56 -54.91
CA MET H 740 -18.74 70.91 -55.16
C MET H 740 -18.84 71.13 -56.65
N SER H 741 -19.86 71.88 -57.06
CA SER H 741 -20.13 72.16 -58.48
C SER H 741 -20.17 70.88 -59.31
N GLU H 786 -4.85 82.16 -76.45
CA GLU H 786 -5.67 83.35 -76.50
C GLU H 786 -6.61 83.41 -75.30
N CYS H 787 -6.90 84.61 -74.82
CA CYS H 787 -7.77 84.78 -73.67
C CYS H 787 -8.36 86.19 -73.70
N ALA H 788 -9.45 86.36 -72.97
CA ALA H 788 -10.00 87.70 -72.76
C ALA H 788 -9.11 88.47 -71.79
N LYS H 789 -9.15 89.80 -71.92
CA LYS H 789 -8.28 90.67 -71.14
C LYS H 789 -9.10 91.68 -70.35
N THR H 790 -8.52 92.12 -69.24
CA THR H 790 -9.11 93.11 -68.35
C THR H 790 -8.08 94.19 -68.13
N CYS H 791 -8.54 95.40 -67.77
CA CYS H 791 -7.63 96.52 -67.59
C CYS H 791 -6.50 96.18 -66.62
N GLN H 792 -6.80 95.35 -65.62
CA GLN H 792 -5.79 94.97 -64.64
C GLN H 792 -4.78 94.00 -65.24
N ASN H 793 -5.25 92.99 -65.97
CA ASN H 793 -4.41 91.89 -66.43
C ASN H 793 -3.99 92.01 -67.88
N TYR H 794 -4.06 93.22 -68.46
CA TYR H 794 -3.76 93.36 -69.88
C TYR H 794 -2.32 92.96 -70.18
N ASP H 795 -1.38 93.41 -69.37
CA ASP H 795 0.03 93.14 -69.63
C ASP H 795 0.47 91.76 -69.17
N LEU H 796 -0.34 91.05 -68.40
CA LEU H 796 0.04 89.77 -67.85
C LEU H 796 -0.25 88.64 -68.84
N GLU H 797 0.11 87.42 -68.45
CA GLU H 797 -0.13 86.25 -69.27
C GLU H 797 -1.61 85.90 -69.29
N CYS H 798 -1.94 84.88 -70.09
CA CYS H 798 -3.27 84.29 -70.09
C CYS H 798 -3.32 83.15 -69.10
N MET H 799 -4.45 83.04 -68.38
CA MET H 799 -4.59 81.98 -67.40
C MET H 799 -4.51 80.63 -68.09
N SER H 800 -3.54 79.82 -67.67
CA SER H 800 -3.31 78.51 -68.28
C SER H 800 -4.17 77.44 -67.58
N MET H 801 -5.47 77.69 -67.57
CA MET H 801 -6.40 76.79 -66.90
C MET H 801 -7.68 76.60 -67.74
N GLY H 802 -7.55 76.66 -69.06
CA GLY H 802 -8.68 76.49 -69.94
C GLY H 802 -8.30 76.36 -71.40
N LEU H 808 -16.03 88.14 -75.78
CA LEU H 808 -14.70 88.62 -76.08
C LEU H 808 -14.75 89.98 -76.78
N CYS H 809 -14.13 90.98 -76.16
CA CYS H 809 -14.18 92.33 -76.67
C CYS H 809 -13.30 92.47 -77.92
N PRO H 810 -13.55 93.48 -78.74
CA PRO H 810 -12.75 93.67 -79.97
C PRO H 810 -11.29 93.95 -79.62
N PRO H 811 -10.38 93.80 -80.58
CA PRO H 811 -8.99 94.20 -80.33
C PRO H 811 -8.89 95.68 -80.05
N GLY H 812 -7.97 96.04 -79.16
CA GLY H 812 -7.86 97.41 -78.70
C GLY H 812 -8.92 97.82 -77.72
N MET H 813 -9.75 96.90 -77.24
CA MET H 813 -10.80 97.18 -76.28
C MET H 813 -10.73 96.14 -75.18
N VAL H 814 -11.06 96.56 -73.97
CA VAL H 814 -10.77 95.76 -72.78
C VAL H 814 -11.99 95.70 -71.88
N ARG H 815 -12.15 94.55 -71.22
CA ARG H 815 -13.23 94.38 -70.24
C ARG H 815 -13.01 95.29 -69.04
N HIS H 816 -14.06 96.01 -68.64
CA HIS H 816 -14.02 96.87 -67.47
C HIS H 816 -15.43 97.22 -67.08
N GLU H 817 -15.72 97.20 -65.78
CA GLU H 817 -17.08 97.44 -65.26
C GLU H 817 -18.09 96.50 -65.93
N ASN H 818 -17.66 95.28 -66.25
CA ASN H 818 -18.47 94.32 -66.99
C ASN H 818 -18.98 94.92 -68.30
N ARG H 819 -18.12 95.69 -68.96
CA ARG H 819 -18.39 96.19 -70.30
C ARG H 819 -17.07 96.36 -71.03
N CYS H 820 -17.13 96.34 -72.35
CA CYS H 820 -15.93 96.52 -73.16
C CYS H 820 -15.58 98.00 -73.21
N VAL H 821 -14.35 98.34 -72.83
CA VAL H 821 -13.89 99.72 -72.74
C VAL H 821 -12.59 99.83 -73.53
N ALA H 822 -12.43 100.95 -74.22
CA ALA H 822 -11.29 101.13 -75.12
C ALA H 822 -9.98 101.19 -74.36
N LEU H 823 -8.92 100.74 -75.02
CA LEU H 823 -7.58 100.90 -74.48
C LEU H 823 -7.18 102.36 -74.55
N GLU H 824 -6.21 102.74 -73.72
CA GLU H 824 -5.79 104.11 -73.46
C GLU H 824 -6.81 104.84 -72.62
N ARG H 825 -7.92 104.20 -72.28
CA ARG H 825 -8.91 104.75 -71.37
C ARG H 825 -9.13 103.89 -70.14
N CYS H 826 -8.34 102.82 -69.98
CA CYS H 826 -8.41 102.04 -68.75
C CYS H 826 -7.87 102.87 -67.59
N PRO H 827 -8.43 102.73 -66.40
CA PRO H 827 -7.94 103.51 -65.25
C PRO H 827 -6.70 102.88 -64.64
N CYS H 828 -6.05 103.67 -63.77
CA CYS H 828 -4.91 103.21 -63.00
C CYS H 828 -5.35 102.84 -61.59
N PHE H 829 -4.60 101.95 -60.97
CA PHE H 829 -4.97 101.34 -59.70
C PHE H 829 -3.93 101.69 -58.64
N HIS H 830 -4.40 102.08 -57.46
CA HIS H 830 -3.52 102.30 -56.32
C HIS H 830 -4.31 102.06 -55.04
N GLN H 831 -3.71 101.33 -54.10
CA GLN H 831 -4.35 100.96 -52.84
C GLN H 831 -5.72 100.35 -53.08
N GLY H 832 -5.84 99.59 -54.17
CA GLY H 832 -7.05 98.84 -54.42
C GLY H 832 -8.20 99.63 -55.00
N LYS H 833 -7.98 100.89 -55.37
CA LYS H 833 -9.03 101.71 -55.96
C LYS H 833 -8.53 102.31 -57.26
N GLU H 834 -9.46 102.54 -58.18
CA GLU H 834 -9.13 102.92 -59.55
C GLU H 834 -9.05 104.43 -59.70
N TYR H 835 -8.21 104.87 -60.64
CA TYR H 835 -8.05 106.28 -60.96
C TYR H 835 -8.16 106.44 -62.47
N ALA H 836 -9.01 107.35 -62.91
CA ALA H 836 -9.17 107.59 -64.34
C ALA H 836 -7.91 108.25 -64.90
N PRO H 837 -7.66 108.09 -66.20
CA PRO H 837 -6.49 108.74 -66.79
C PRO H 837 -6.55 110.26 -66.63
N GLY H 838 -5.41 110.85 -66.34
CA GLY H 838 -5.32 112.26 -66.03
C GLY H 838 -5.45 112.59 -64.56
N GLU H 839 -5.95 111.65 -63.75
CA GLU H 839 -6.02 111.86 -62.31
C GLU H 839 -4.61 111.79 -61.71
N THR H 840 -4.50 112.24 -60.47
CA THR H 840 -3.21 112.34 -59.79
C THR H 840 -3.32 111.78 -58.39
N VAL H 841 -2.18 111.31 -57.87
CA VAL H 841 -2.09 110.79 -56.52
C VAL H 841 -0.82 111.33 -55.88
N LYS H 842 -0.89 111.59 -54.58
CA LYS H 842 0.20 112.21 -53.84
C LYS H 842 0.96 111.12 -53.08
N ILE H 843 2.25 110.98 -53.35
CA ILE H 843 3.08 109.95 -52.76
C ILE H 843 4.27 110.64 -52.10
N GLY H 844 4.21 110.83 -50.80
CA GLY H 844 5.26 111.55 -50.12
C GLY H 844 5.41 112.94 -50.71
N CYS H 845 6.64 113.30 -51.07
CA CYS H 845 6.89 114.56 -51.76
C CYS H 845 6.72 114.46 -53.26
N ASN H 846 6.52 113.27 -53.81
CA ASN H 846 6.38 113.09 -55.24
C ASN H 846 4.91 113.07 -55.65
N THR H 847 4.66 113.38 -56.91
CA THR H 847 3.33 113.36 -57.50
C THR H 847 3.31 112.39 -58.67
N CYS H 848 2.25 111.60 -58.78
CA CYS H 848 2.08 110.63 -59.84
C CYS H 848 0.80 110.92 -60.61
N VAL H 849 0.86 110.76 -61.93
CA VAL H 849 -0.28 111.03 -62.80
C VAL H 849 -0.57 109.78 -63.63
N CYS H 850 -1.84 109.40 -63.72
CA CYS H 850 -2.22 108.16 -64.38
C CYS H 850 -2.28 108.36 -65.90
N ARG H 851 -1.31 107.80 -66.61
CA ARG H 851 -1.32 107.85 -68.07
C ARG H 851 -1.19 106.43 -68.61
N ASP H 852 -2.17 106.02 -69.42
CA ASP H 852 -2.18 104.71 -70.10
C ASP H 852 -1.90 103.57 -69.12
N ARG H 853 -2.73 103.48 -68.08
CA ARG H 853 -2.64 102.38 -67.12
C ARG H 853 -1.34 102.37 -66.35
N LYS H 854 -0.45 103.33 -66.62
CA LYS H 854 0.82 103.45 -65.94
C LYS H 854 0.88 104.77 -65.17
N TRP H 855 1.27 104.69 -63.90
CA TRP H 855 1.54 105.88 -63.12
C TRP H 855 2.86 106.50 -63.58
N ASN H 856 2.85 107.80 -63.86
CA ASN H 856 4.03 108.53 -64.29
C ASN H 856 4.38 109.52 -63.19
N CYS H 857 5.49 109.29 -62.51
CA CYS H 857 5.76 109.93 -61.23
C CYS H 857 6.96 110.85 -61.33
N THR H 858 6.95 111.90 -60.52
CA THR H 858 8.14 112.71 -60.31
C THR H 858 9.20 111.90 -59.58
N ASP H 859 10.46 112.28 -59.77
CA ASP H 859 11.59 111.54 -59.24
C ASP H 859 12.35 112.32 -58.17
N HIS H 860 11.63 113.02 -57.29
CA HIS H 860 12.28 113.74 -56.21
C HIS H 860 12.65 112.77 -55.10
N VAL H 861 13.82 112.99 -54.51
CA VAL H 861 14.23 112.24 -53.32
C VAL H 861 13.70 112.99 -52.10
N CYS H 862 12.69 112.42 -51.46
CA CYS H 862 12.04 113.09 -50.35
C CYS H 862 12.89 113.00 -49.09
N ASP H 863 12.62 113.91 -48.15
CA ASP H 863 13.31 113.91 -46.88
C ASP H 863 13.05 112.62 -46.12
N ALA H 864 14.11 112.03 -45.58
CA ALA H 864 14.01 110.75 -44.91
C ALA H 864 14.12 110.92 -43.41
N THR H 865 13.32 110.15 -42.67
CA THR H 865 13.25 110.25 -41.22
C THR H 865 13.75 108.95 -40.60
N CYS H 866 14.97 108.95 -40.09
CA CYS H 866 15.37 107.90 -39.17
C CYS H 866 14.68 108.12 -37.84
N SER H 867 14.37 107.02 -37.16
CA SER H 867 13.59 107.12 -35.93
C SER H 867 13.95 105.98 -35.00
N THR H 868 14.18 106.31 -33.74
CA THR H 868 14.22 105.31 -32.70
C THR H 868 12.81 105.11 -32.18
N ILE H 869 12.26 103.92 -32.37
CA ILE H 869 10.90 103.62 -31.97
C ILE H 869 10.97 102.85 -30.67
N GLY H 870 10.40 103.40 -29.62
CA GLY H 870 10.49 102.71 -28.36
C GLY H 870 11.87 102.80 -27.75
N MET H 871 12.23 101.77 -26.97
CA MET H 871 13.47 101.78 -26.23
C MET H 871 14.57 100.96 -26.88
N ALA H 872 14.24 100.03 -27.76
CA ALA H 872 15.26 99.15 -28.32
C ALA H 872 15.10 98.91 -29.82
N HIS H 873 14.15 99.56 -30.49
CA HIS H 873 13.94 99.37 -31.91
C HIS H 873 14.34 100.63 -32.66
N TYR H 874 14.93 100.45 -33.84
CA TYR H 874 15.37 101.53 -34.69
C TYR H 874 14.75 101.37 -36.07
N LEU H 875 14.53 102.49 -36.75
CA LEU H 875 14.05 102.47 -38.13
C LEU H 875 15.00 103.31 -38.97
N THR H 876 15.71 102.65 -39.88
CA THR H 876 16.72 103.30 -40.69
C THR H 876 16.09 104.29 -41.67
N PHE H 877 16.96 105.03 -42.35
CA PHE H 877 16.49 105.99 -43.35
C PHE H 877 15.75 105.30 -44.48
N ASP H 878 16.23 104.14 -44.90
CA ASP H 878 15.63 103.40 -46.01
C ASP H 878 14.44 102.56 -45.59
N GLY H 879 14.09 102.54 -44.31
CA GLY H 879 12.89 101.88 -43.86
C GLY H 879 13.09 100.55 -43.18
N LEU H 880 14.32 100.17 -42.88
CA LEU H 880 14.60 98.90 -42.20
C LEU H 880 14.35 99.06 -40.71
N LYS H 881 13.36 98.35 -40.19
CA LYS H 881 13.11 98.29 -38.77
C LYS H 881 13.82 97.09 -38.18
N TYR H 882 14.61 97.32 -37.13
CA TYR H 882 15.38 96.24 -36.54
C TYR H 882 15.48 96.43 -35.04
N LEU H 883 15.79 95.35 -34.34
CA LEU H 883 15.85 95.33 -32.90
C LEU H 883 17.29 95.31 -32.44
N PHE H 884 17.62 96.18 -31.49
CA PHE H 884 18.95 96.22 -30.93
C PHE H 884 18.92 96.81 -29.54
N PRO H 885 18.82 96.00 -28.51
CA PRO H 885 18.94 96.52 -27.15
C PRO H 885 20.39 96.65 -26.71
N GLY H 886 20.79 97.83 -26.26
CA GLY H 886 22.15 98.04 -25.83
C GLY H 886 22.22 99.04 -24.71
N GLU H 887 23.17 98.84 -23.80
CA GLU H 887 23.37 99.75 -22.68
C GLU H 887 24.27 100.92 -23.03
N CYS H 888 25.10 100.79 -24.05
CA CYS H 888 26.22 101.69 -24.29
C CYS H 888 25.75 102.90 -25.10
N GLN H 889 26.71 103.72 -25.54
CA GLN H 889 26.44 104.84 -26.42
C GLN H 889 26.80 104.46 -27.84
N TYR H 890 25.92 104.79 -28.79
CA TYR H 890 26.06 104.33 -30.16
C TYR H 890 25.89 105.50 -31.12
N VAL H 891 26.48 105.36 -32.30
CA VAL H 891 26.36 106.37 -33.36
C VAL H 891 25.02 106.19 -34.04
N LEU H 892 24.11 107.15 -33.86
CA LEU H 892 22.83 107.09 -34.54
C LEU H 892 22.94 107.51 -35.99
N VAL H 893 23.58 108.65 -36.25
CA VAL H 893 23.84 109.13 -37.59
C VAL H 893 25.21 109.78 -37.57
N GLN H 894 25.91 109.71 -38.69
CA GLN H 894 27.26 110.23 -38.80
C GLN H 894 27.65 110.32 -40.26
N ASP H 895 28.26 111.43 -40.65
CA ASP H 895 28.86 111.54 -41.97
C ASP H 895 30.37 111.54 -41.93
N TYR H 896 30.97 111.45 -40.75
CA TYR H 896 32.41 111.24 -40.62
C TYR H 896 32.77 109.78 -40.82
N CYS H 897 32.36 109.25 -41.98
CA CYS H 897 32.69 107.89 -42.34
C CYS H 897 32.88 107.80 -43.83
N GLY H 898 33.69 106.83 -44.25
CA GLY H 898 34.07 106.81 -45.65
C GLY H 898 35.02 107.96 -45.94
N SER H 899 35.05 108.33 -47.21
CA SER H 899 35.92 109.41 -47.66
C SER H 899 35.31 110.78 -47.43
N ASN H 900 34.03 110.87 -47.14
CA ASN H 900 33.36 112.15 -47.08
C ASN H 900 33.93 112.99 -45.94
N PRO H 901 34.24 114.27 -46.16
CA PRO H 901 34.60 115.14 -45.04
C PRO H 901 33.38 115.44 -44.18
N GLY H 902 33.41 114.97 -42.94
CA GLY H 902 32.23 115.02 -42.12
C GLY H 902 31.88 116.41 -41.65
N THR H 903 30.62 116.59 -41.29
CA THR H 903 30.11 117.85 -40.78
C THR H 903 29.30 117.71 -39.50
N PHE H 904 28.73 116.55 -39.22
CA PHE H 904 27.87 116.35 -38.08
C PHE H 904 27.98 114.91 -37.62
N ARG H 905 27.62 114.68 -36.36
CA ARG H 905 27.72 113.36 -35.76
C ARG H 905 26.78 113.29 -34.57
N ILE H 906 25.81 112.39 -34.62
CA ILE H 906 24.78 112.28 -33.60
C ILE H 906 24.98 110.96 -32.88
N LEU H 907 25.10 111.02 -31.56
CA LEU H 907 25.30 109.84 -30.72
C LEU H 907 24.11 109.68 -29.80
N VAL H 908 23.67 108.44 -29.61
CA VAL H 908 22.56 108.13 -28.72
C VAL H 908 23.04 107.15 -27.66
N GLY H 909 22.78 107.49 -26.41
CA GLY H 909 23.10 106.63 -25.29
C GLY H 909 21.85 106.22 -24.54
N ASN H 910 21.80 104.96 -24.12
CA ASN H 910 20.65 104.41 -23.43
C ASN H 910 20.93 104.44 -21.92
N LYS H 911 20.08 105.14 -21.19
CA LYS H 911 20.27 105.30 -19.74
C LYS H 911 19.00 104.87 -19.02
N GLY H 912 19.17 104.03 -17.99
CA GLY H 912 18.05 103.49 -17.26
C GLY H 912 17.52 102.18 -17.78
N CYS H 913 17.84 101.82 -19.03
CA CYS H 913 17.45 100.51 -19.54
C CYS H 913 18.33 100.14 -20.71
N SER H 914 18.41 98.85 -20.96
CA SER H 914 18.69 98.24 -22.25
C SER H 914 17.60 97.27 -22.61
N HIS H 915 17.12 96.51 -21.64
CA HIS H 915 15.85 95.83 -21.74
C HIS H 915 14.79 96.85 -21.36
N PRO H 916 13.84 97.18 -22.25
CA PRO H 916 12.96 98.33 -22.00
C PRO H 916 12.34 98.30 -20.61
N SER H 917 12.42 99.43 -19.92
CA SER H 917 12.00 99.51 -18.53
C SER H 917 11.39 100.88 -18.25
N VAL H 918 10.62 100.94 -17.16
CA VAL H 918 9.81 102.13 -16.88
C VAL H 918 10.68 103.37 -16.69
N LYS H 919 11.77 103.25 -15.92
CA LYS H 919 12.55 104.41 -15.53
C LYS H 919 13.58 104.82 -16.58
N CYS H 920 13.39 104.43 -17.84
CA CYS H 920 14.44 104.58 -18.84
C CYS H 920 14.41 105.96 -19.49
N LYS H 921 15.53 106.31 -20.12
CA LYS H 921 15.66 107.55 -20.86
C LYS H 921 16.88 107.48 -21.75
N LYS H 922 16.89 108.28 -22.81
CA LYS H 922 17.98 108.29 -23.76
C LYS H 922 18.64 109.66 -23.80
N ARG H 923 19.96 109.66 -23.88
CA ARG H 923 20.75 110.88 -24.01
C ARG H 923 21.24 110.98 -25.45
N VAL H 924 21.05 112.15 -26.06
CA VAL H 924 21.50 112.43 -27.41
C VAL H 924 22.62 113.45 -27.34
N THR H 925 23.69 113.20 -28.08
CA THR H 925 24.79 114.14 -28.20
C THR H 925 24.92 114.53 -29.66
N ILE H 926 24.78 115.83 -29.94
CA ILE H 926 24.74 116.31 -31.32
C ILE H 926 26.01 117.11 -31.56
N LEU H 927 27.04 116.46 -32.11
CA LEU H 927 28.34 117.08 -32.33
C LEU H 927 28.44 117.75 -33.70
N VAL H 928 27.57 118.71 -33.96
CA VAL H 928 27.47 119.31 -35.28
C VAL H 928 28.45 120.47 -35.39
N GLU H 929 29.27 120.44 -36.44
CA GLU H 929 30.21 121.51 -36.79
C GLU H 929 31.01 122.01 -35.58
N GLY H 930 31.53 121.05 -34.81
CA GLY H 930 32.33 121.37 -33.65
C GLY H 930 31.54 121.75 -32.42
N GLY H 931 30.34 122.28 -32.61
CA GLY H 931 29.46 122.54 -31.49
C GLY H 931 28.93 121.25 -30.91
N GLU H 932 28.18 121.38 -29.82
CA GLU H 932 27.66 120.20 -29.15
C GLU H 932 26.36 120.56 -28.44
N ILE H 933 25.28 119.89 -28.81
CA ILE H 933 23.99 120.03 -28.16
C ILE H 933 23.62 118.69 -27.54
N GLU H 934 23.36 118.68 -26.24
CA GLU H 934 22.99 117.47 -25.53
C GLU H 934 21.51 117.52 -25.17
N LEU H 935 20.80 116.45 -25.49
CA LEU H 935 19.37 116.32 -25.18
C LEU H 935 19.24 115.32 -24.04
N PHE H 936 18.69 115.76 -22.92
CA PHE H 936 18.55 114.91 -21.75
C PHE H 936 17.49 115.48 -20.83
N ASP H 937 16.82 114.59 -20.10
CA ASP H 937 15.81 114.96 -19.10
C ASP H 937 14.75 115.87 -19.72
N GLY H 938 14.42 115.63 -20.98
CA GLY H 938 13.41 116.43 -21.64
C GLY H 938 13.79 117.89 -21.80
N GLU H 939 15.07 118.20 -21.80
CA GLU H 939 15.53 119.58 -21.92
C GLU H 939 16.76 119.61 -22.82
N VAL H 940 16.92 120.72 -23.53
CA VAL H 940 18.05 120.93 -24.42
C VAL H 940 19.20 121.53 -23.61
N ASN H 941 20.41 121.09 -23.91
CA ASN H 941 21.61 121.57 -23.22
C ASN H 941 22.68 121.83 -24.29
N VAL H 942 22.84 123.10 -24.65
CA VAL H 942 23.87 123.47 -25.62
C VAL H 942 25.21 123.56 -24.91
N LYS H 943 25.95 122.46 -24.90
CA LYS H 943 27.17 122.39 -24.11
C LYS H 943 28.37 123.04 -24.80
N ARG H 944 28.28 123.31 -26.10
CA ARG H 944 29.19 124.21 -26.79
C ARG H 944 28.40 124.89 -27.91
N PRO H 945 28.73 126.12 -28.26
CA PRO H 945 28.03 126.79 -29.35
C PRO H 945 28.53 126.35 -30.72
N MET H 946 27.68 126.55 -31.72
CA MET H 946 28.02 126.26 -33.10
C MET H 946 28.72 127.44 -33.75
N LYS H 947 29.37 127.18 -34.89
CA LYS H 947 30.02 128.25 -35.64
C LYS H 947 29.01 129.18 -36.28
N ASP H 948 27.86 128.67 -36.69
CA ASP H 948 26.80 129.46 -37.31
C ASP H 948 25.54 129.26 -36.48
N GLU H 949 25.36 130.09 -35.46
CA GLU H 949 24.18 130.01 -34.62
C GLU H 949 22.91 130.47 -35.34
N THR H 950 23.06 131.10 -36.51
CA THR H 950 21.88 131.46 -37.30
C THR H 950 21.27 130.25 -37.98
N HIS H 951 22.12 129.32 -38.45
CA HIS H 951 21.60 128.04 -38.94
C HIS H 951 20.95 127.26 -37.81
N PHE H 952 21.55 127.29 -36.62
CA PHE H 952 20.99 126.59 -35.47
C PHE H 952 19.68 127.24 -35.03
N GLU H 953 18.77 126.40 -34.55
CA GLU H 953 17.52 126.88 -33.96
C GLU H 953 16.87 125.73 -33.22
N VAL H 954 16.15 126.06 -32.15
CA VAL H 954 15.41 125.09 -31.35
C VAL H 954 13.97 125.55 -31.26
N VAL H 955 13.04 124.67 -31.61
CA VAL H 955 11.62 124.96 -31.55
C VAL H 955 10.97 123.91 -30.65
N GLU H 956 10.19 124.38 -29.69
CA GLU H 956 9.43 123.51 -28.80
C GLU H 956 7.97 123.58 -29.18
N SER H 957 7.38 122.44 -29.51
CA SER H 957 6.00 122.41 -29.99
C SER H 957 5.38 121.08 -29.63
N GLY H 958 4.15 121.13 -29.15
CA GLY H 958 3.48 119.93 -28.69
C GLY H 958 4.35 119.17 -27.71
N ARG H 959 4.46 117.87 -27.94
CA ARG H 959 5.29 117.02 -27.08
C ARG H 959 6.76 117.06 -27.46
N TYR H 960 7.13 117.77 -28.52
CA TYR H 960 8.40 117.56 -29.19
C TYR H 960 9.30 118.78 -29.09
N ILE H 961 10.60 118.52 -29.09
CA ILE H 961 11.62 119.53 -29.32
C ILE H 961 12.12 119.37 -30.75
N ILE H 962 12.08 120.44 -31.53
CA ILE H 962 12.50 120.41 -32.92
C ILE H 962 13.76 121.25 -33.05
N LEU H 963 14.86 120.62 -33.44
CA LEU H 963 16.13 121.29 -33.63
C LEU H 963 16.44 121.38 -35.11
N LEU H 964 16.77 122.58 -35.57
CA LEU H 964 17.27 122.78 -36.92
C LEU H 964 18.78 122.97 -36.84
N LEU H 965 19.52 122.02 -37.40
CA LEU H 965 20.98 122.03 -37.36
C LEU H 965 21.59 122.45 -38.68
N GLY H 966 20.79 122.98 -39.59
CA GLY H 966 21.26 123.34 -40.91
C GLY H 966 20.11 123.37 -41.88
N LYS H 967 20.46 123.65 -43.14
CA LYS H 967 19.43 123.68 -44.18
C LYS H 967 18.98 122.29 -44.57
N ALA H 968 19.78 121.26 -44.26
CA ALA H 968 19.50 119.90 -44.70
C ALA H 968 19.44 118.88 -43.57
N LEU H 969 19.59 119.30 -42.33
CA LEU H 969 19.60 118.40 -41.18
C LEU H 969 18.70 118.93 -40.08
N SER H 970 17.90 118.04 -39.51
CA SER H 970 17.01 118.42 -38.42
C SER H 970 16.79 117.22 -37.52
N VAL H 971 16.43 117.50 -36.27
CA VAL H 971 16.18 116.47 -35.29
C VAL H 971 14.85 116.76 -34.61
N VAL H 972 14.00 115.75 -34.47
CA VAL H 972 12.73 115.85 -33.76
C VAL H 972 12.76 114.85 -32.61
N TRP H 973 12.46 115.32 -31.40
CA TRP H 973 12.62 114.52 -30.20
C TRP H 973 11.40 114.72 -29.33
N ASP H 974 10.73 113.62 -28.97
CA ASP H 974 9.54 113.68 -28.12
C ASP H 974 9.85 113.93 -26.66
N ARG H 975 11.10 114.23 -26.32
CA ARG H 975 11.60 114.57 -25.00
C ARG H 975 11.75 113.34 -24.11
N HIS H 976 11.29 112.17 -24.52
CA HIS H 976 11.52 110.98 -23.72
C HIS H 976 12.34 109.92 -24.44
N LEU H 977 11.86 109.38 -25.54
CA LEU H 977 12.53 108.26 -26.19
C LEU H 977 12.66 108.41 -27.70
N SER H 978 11.65 108.93 -28.37
CA SER H 978 11.53 108.81 -29.83
C SER H 978 12.35 109.90 -30.48
N ILE H 979 13.62 109.62 -30.70
CA ILE H 979 14.49 110.49 -31.46
C ILE H 979 14.26 110.26 -32.94
N SER H 980 14.15 111.35 -33.71
CA SER H 980 14.00 111.26 -35.16
C SER H 980 14.95 112.23 -35.82
N VAL H 981 15.70 111.74 -36.79
CA VAL H 981 16.64 112.55 -37.55
C VAL H 981 16.14 112.65 -38.98
N VAL H 982 16.05 113.87 -39.50
CA VAL H 982 15.52 114.11 -40.84
C VAL H 982 16.64 114.68 -41.69
N LEU H 983 16.87 114.05 -42.84
CA LEU H 983 17.91 114.47 -43.77
C LEU H 983 17.30 114.80 -45.11
N LYS H 984 17.74 115.89 -45.71
CA LYS H 984 17.37 116.17 -47.07
C LYS H 984 18.32 115.46 -48.03
N GLN H 985 17.97 115.49 -49.32
CA GLN H 985 18.66 114.65 -50.29
C GLN H 985 20.15 114.94 -50.40
N THR H 986 20.59 116.12 -49.96
CA THR H 986 22.00 116.46 -50.09
C THR H 986 22.91 115.53 -49.30
N TYR H 987 22.38 114.87 -48.27
CA TYR H 987 23.14 113.97 -47.44
C TYR H 987 23.07 112.52 -47.91
N GLN H 988 22.51 112.28 -49.08
CA GLN H 988 22.32 110.90 -49.54
C GLN H 988 23.66 110.27 -49.86
N GLU H 989 23.79 108.98 -49.53
CA GLU H 989 24.95 108.15 -49.78
C GLU H 989 26.13 108.51 -48.88
N LYS H 990 25.97 109.48 -47.99
CA LYS H 990 27.08 110.00 -47.21
C LYS H 990 27.04 109.62 -45.74
N VAL H 991 25.85 109.46 -45.18
CA VAL H 991 25.70 109.22 -43.75
C VAL H 991 25.85 107.73 -43.47
N CYS H 992 26.07 107.40 -42.21
CA CYS H 992 26.18 106.02 -41.77
C CYS H 992 25.71 105.94 -40.33
N GLY H 993 26.00 104.82 -39.67
CA GLY H 993 25.57 104.62 -38.30
C GLY H 993 24.40 103.67 -38.19
N LEU H 994 23.79 103.66 -37.01
CA LEU H 994 22.66 102.79 -36.77
C LEU H 994 21.49 103.07 -37.71
N CYS H 995 21.38 104.30 -38.19
CA CYS H 995 20.34 104.64 -39.15
C CYS H 995 20.67 104.19 -40.56
N GLY H 996 21.84 103.62 -40.79
CA GLY H 996 22.19 103.10 -42.10
C GLY H 996 22.59 104.19 -43.07
N ASN H 997 23.11 103.76 -44.22
CA ASN H 997 23.51 104.67 -45.27
C ASN H 997 22.29 105.02 -46.10
N PHE H 998 21.87 106.28 -46.04
CA PHE H 998 20.74 106.75 -46.81
C PHE H 998 21.06 106.71 -48.30
N ASP H 999 20.53 105.68 -48.96
CA ASP H 999 20.69 105.48 -50.39
C ASP H 999 19.44 104.92 -51.07
N GLY H 1000 18.34 104.74 -50.35
CA GLY H 1000 17.14 104.14 -50.88
C GLY H 1000 17.14 102.63 -50.94
N ILE H 1001 18.17 101.97 -50.43
CA ILE H 1001 18.30 100.52 -50.45
C ILE H 1001 18.28 100.01 -49.01
N GLN H 1002 17.44 99.02 -48.74
CA GLN H 1002 17.32 98.50 -47.39
C GLN H 1002 18.34 97.42 -47.10
N ASN H 1003 18.67 96.60 -48.10
CA ASN H 1003 19.46 95.40 -47.85
C ASN H 1003 20.83 95.72 -47.29
N ASN H 1004 21.37 96.91 -47.55
CA ASN H 1004 22.71 97.26 -47.14
C ASN H 1004 22.75 98.09 -45.87
N ASP H 1005 21.63 98.23 -45.17
CA ASP H 1005 21.59 99.13 -44.03
C ASP H 1005 22.29 98.56 -42.81
N LEU H 1006 22.49 97.24 -42.75
CA LEU H 1006 23.18 96.65 -41.61
C LEU H 1006 24.68 96.63 -41.82
N THR H 1007 25.19 97.50 -42.68
CA THR H 1007 26.63 97.65 -42.88
C THR H 1007 27.30 98.05 -41.58
N SER H 1008 28.17 97.18 -41.06
CA SER H 1008 28.88 97.50 -39.83
C SER H 1008 29.77 98.71 -40.04
N SER H 1009 30.29 99.23 -38.92
CA SER H 1009 31.22 100.34 -39.00
C SER H 1009 32.48 99.94 -39.78
N ASN H 1010 32.80 98.65 -39.81
CA ASN H 1010 33.91 98.13 -40.58
C ASN H 1010 33.51 97.70 -41.99
N LEU H 1011 32.39 98.22 -42.50
CA LEU H 1011 31.96 98.12 -43.90
C LEU H 1011 31.43 96.74 -44.27
N GLN H 1012 31.39 95.79 -43.35
CA GLN H 1012 30.85 94.47 -43.59
C GLN H 1012 29.39 94.39 -43.21
N VAL H 1013 28.55 93.91 -44.13
CA VAL H 1013 27.13 93.77 -43.88
C VAL H 1013 26.90 92.57 -42.98
N GLU H 1014 26.04 92.74 -41.97
CA GLU H 1014 25.79 91.72 -40.97
C GLU H 1014 24.37 91.20 -41.08
N GLU H 1015 24.21 89.89 -40.91
CA GLU H 1015 22.88 89.29 -40.92
C GLU H 1015 22.12 89.58 -39.65
N ASP H 1016 22.83 89.80 -38.54
CA ASP H 1016 22.23 90.00 -37.23
C ASP H 1016 22.39 91.45 -36.83
N PRO H 1017 21.31 92.15 -36.50
CA PRO H 1017 21.44 93.55 -36.07
C PRO H 1017 22.25 93.73 -34.81
N VAL H 1018 22.36 92.70 -33.97
CA VAL H 1018 23.13 92.83 -32.74
C VAL H 1018 24.59 93.09 -33.04
N ASP H 1019 25.16 92.33 -33.97
CA ASP H 1019 26.55 92.55 -34.35
C ASP H 1019 26.75 93.92 -34.97
N PHE H 1020 25.80 94.35 -35.81
CA PHE H 1020 25.87 95.67 -36.42
C PHE H 1020 25.91 96.76 -35.36
N GLY H 1021 24.97 96.72 -34.42
CA GLY H 1021 24.96 97.71 -33.36
C GLY H 1021 26.20 97.67 -32.50
N ASN H 1022 26.66 96.47 -32.15
CA ASN H 1022 27.90 96.36 -31.39
C ASN H 1022 29.06 96.97 -32.14
N SER H 1023 29.05 96.86 -33.47
CA SER H 1023 30.08 97.50 -34.26
C SER H 1023 29.95 99.01 -34.25
N TRP H 1024 28.76 99.54 -33.95
CA TRP H 1024 28.59 100.99 -33.90
C TRP H 1024 28.65 101.58 -32.50
N LYS H 1025 29.16 100.86 -31.50
CA LYS H 1025 29.28 101.44 -30.17
C LYS H 1025 30.46 102.40 -30.11
N VAL H 1026 30.24 103.57 -29.51
CA VAL H 1026 31.25 104.61 -29.49
C VAL H 1026 32.44 104.20 -28.63
N SER H 1027 32.18 103.72 -27.43
CA SER H 1027 33.23 103.39 -26.47
C SER H 1027 33.54 101.90 -26.56
N SER H 1028 34.80 101.58 -26.82
CA SER H 1028 35.18 100.18 -26.98
C SER H 1028 35.09 99.41 -25.67
N GLN H 1029 35.42 100.05 -24.55
CA GLN H 1029 35.43 99.35 -23.27
C GLN H 1029 34.05 98.90 -22.84
N CYS H 1030 32.99 99.47 -23.40
CA CYS H 1030 31.64 99.16 -22.95
C CYS H 1030 31.23 97.77 -23.41
N ALA H 1031 30.19 97.24 -22.77
CA ALA H 1031 29.79 95.86 -22.98
C ALA H 1031 29.08 95.67 -24.31
N ASP H 1032 29.14 94.44 -24.81
CA ASP H 1032 28.45 94.07 -26.03
C ASP H 1032 27.09 93.46 -25.71
N THR H 1033 26.15 93.63 -26.62
CA THR H 1033 24.87 92.95 -26.51
C THR H 1033 25.06 91.46 -26.78
N ARG H 1034 24.34 90.63 -26.05
CA ARG H 1034 24.69 89.22 -25.93
C ARG H 1034 24.01 88.31 -26.94
N LYS H 1035 23.12 88.84 -27.78
CA LYS H 1035 22.35 88.01 -28.72
C LYS H 1035 21.55 86.94 -27.97
N VAL H 1036 20.60 87.40 -27.17
CA VAL H 1036 19.71 86.53 -26.42
C VAL H 1036 18.92 85.68 -27.42
N PRO H 1037 18.56 84.44 -27.10
CA PRO H 1037 17.78 83.63 -28.05
C PRO H 1037 16.48 84.33 -28.42
N LEU H 1038 16.06 84.14 -29.67
CA LEU H 1038 14.96 84.90 -30.26
C LEU H 1038 13.62 84.25 -29.91
N ASP H 1039 13.23 84.41 -28.65
CA ASP H 1039 11.95 83.88 -28.21
C ASP H 1039 10.81 84.62 -28.90
N SER H 1040 9.67 83.92 -29.05
CA SER H 1040 8.51 84.51 -29.70
C SER H 1040 7.95 85.70 -28.92
N SER H 1041 8.24 85.78 -27.64
CA SER H 1041 7.88 86.94 -26.84
C SER H 1041 9.02 87.25 -25.89
N PRO H 1042 9.18 88.50 -25.48
CA PRO H 1042 10.33 88.86 -24.63
C PRO H 1042 10.29 88.19 -23.28
N ALA H 1043 11.32 88.43 -22.47
CA ALA H 1043 11.30 87.98 -21.09
C ALA H 1043 10.13 88.64 -20.37
N THR H 1044 9.51 87.91 -19.45
CA THR H 1044 8.31 88.27 -18.68
C THR H 1044 7.04 88.14 -19.52
N CYS H 1045 7.15 87.77 -20.80
CA CYS H 1045 6.03 87.21 -21.55
C CYS H 1045 6.34 85.83 -22.08
N HIS H 1046 7.60 85.40 -22.07
CA HIS H 1046 7.94 84.06 -22.53
C HIS H 1046 7.26 83.00 -21.69
N ASN H 1047 7.20 83.21 -20.37
CA ASN H 1047 6.57 82.26 -19.45
C ASN H 1047 5.47 82.90 -18.64
N ASN H 1048 4.87 83.99 -19.12
CA ASN H 1048 3.77 84.66 -18.44
C ASN H 1048 2.62 84.85 -19.41
N ILE H 1049 1.76 83.84 -19.50
CA ILE H 1049 0.58 83.93 -20.34
C ILE H 1049 -0.48 84.73 -19.59
N MET H 1050 -1.39 85.33 -20.35
CA MET H 1050 -2.40 86.27 -19.91
C MET H 1050 -1.76 87.63 -19.67
N LYS H 1051 -0.44 87.74 -19.70
CA LYS H 1051 0.20 89.02 -19.92
C LYS H 1051 0.57 89.20 -21.38
N GLN H 1052 1.00 88.11 -22.03
CA GLN H 1052 1.29 88.16 -23.45
C GLN H 1052 0.05 88.55 -24.23
N THR H 1053 -1.09 87.95 -23.89
CA THR H 1053 -2.33 88.24 -24.61
C THR H 1053 -2.93 89.59 -24.25
N MET H 1054 -2.80 90.03 -22.99
CA MET H 1054 -3.22 91.39 -22.68
C MET H 1054 -2.40 92.40 -23.47
N VAL H 1055 -1.09 92.19 -23.54
CA VAL H 1055 -0.24 93.08 -24.34
C VAL H 1055 -0.67 93.06 -25.79
N ASP H 1056 -0.92 91.86 -26.33
CA ASP H 1056 -1.31 91.75 -27.73
C ASP H 1056 -2.61 92.49 -28.00
N SER H 1057 -3.65 92.20 -27.22
CA SER H 1057 -4.95 92.80 -27.47
C SER H 1057 -4.95 94.29 -27.22
N SER H 1058 -4.12 94.78 -26.31
CA SER H 1058 -4.03 96.21 -26.10
C SER H 1058 -3.26 96.90 -27.22
N CYS H 1059 -2.21 96.25 -27.73
CA CYS H 1059 -1.47 96.81 -28.85
C CYS H 1059 -2.27 96.76 -30.15
N ARG H 1060 -3.27 95.89 -30.23
CA ARG H 1060 -4.12 95.87 -31.41
C ARG H 1060 -4.88 97.18 -31.61
N ILE H 1061 -4.78 98.12 -30.68
CA ILE H 1061 -5.33 99.46 -30.89
C ILE H 1061 -4.84 100.04 -32.21
N LEU H 1062 -3.65 99.64 -32.65
CA LEU H 1062 -3.13 100.07 -33.94
C LEU H 1062 -4.03 99.64 -35.09
N THR H 1063 -4.81 98.57 -34.90
CA THR H 1063 -5.72 98.07 -35.91
C THR H 1063 -7.12 98.64 -35.78
N SER H 1064 -7.41 99.38 -34.71
CA SER H 1064 -8.76 99.84 -34.44
C SER H 1064 -9.23 100.82 -35.51
N ASP H 1065 -10.48 101.27 -35.36
CA ASP H 1065 -11.12 102.08 -36.39
C ASP H 1065 -10.39 103.39 -36.63
N VAL H 1066 -9.95 104.06 -35.56
CA VAL H 1066 -9.30 105.35 -35.71
C VAL H 1066 -8.04 105.24 -36.56
N PHE H 1067 -7.30 104.14 -36.38
CA PHE H 1067 -6.12 103.89 -37.18
C PHE H 1067 -6.41 103.13 -38.47
N GLN H 1068 -7.64 102.67 -38.66
CA GLN H 1068 -7.93 101.77 -39.77
C GLN H 1068 -7.70 102.44 -41.12
N ASP H 1069 -7.88 103.76 -41.19
CA ASP H 1069 -7.64 104.45 -42.44
C ASP H 1069 -6.15 104.73 -42.67
N CYS H 1070 -5.39 104.91 -41.59
CA CYS H 1070 -3.94 105.02 -41.74
C CYS H 1070 -3.32 103.72 -42.19
N ASN H 1071 -3.84 102.58 -41.73
CA ASN H 1071 -3.26 101.29 -42.08
C ASN H 1071 -3.28 101.03 -43.57
N LYS H 1072 -4.12 101.74 -44.33
CA LYS H 1072 -4.06 101.64 -45.78
C LYS H 1072 -2.79 102.28 -46.32
N LEU H 1073 -2.32 103.33 -45.68
CA LEU H 1073 -1.12 104.04 -46.14
C LEU H 1073 0.15 103.51 -45.51
N VAL H 1074 0.11 103.07 -44.26
CA VAL H 1074 1.29 102.65 -43.52
C VAL H 1074 1.03 101.26 -42.95
N ASP H 1075 2.07 100.44 -42.91
CA ASP H 1075 1.94 99.10 -42.37
C ASP H 1075 2.04 99.15 -40.85
N PRO H 1076 1.02 98.72 -40.11
CA PRO H 1076 1.10 98.76 -38.65
C PRO H 1076 1.87 97.61 -38.04
N GLU H 1077 2.19 96.57 -38.81
CA GLU H 1077 2.82 95.38 -38.23
C GLU H 1077 4.15 95.68 -37.55
N PRO H 1078 5.09 96.43 -38.14
CA PRO H 1078 6.32 96.74 -37.40
C PRO H 1078 6.05 97.45 -36.09
N TYR H 1079 5.15 98.42 -36.09
CA TYR H 1079 4.85 99.15 -34.87
C TYR H 1079 4.10 98.28 -33.89
N LEU H 1080 3.29 97.35 -34.38
CA LEU H 1080 2.68 96.38 -33.47
C LEU H 1080 3.73 95.53 -32.78
N ASP H 1081 4.74 95.10 -33.52
CA ASP H 1081 5.82 94.32 -32.92
C ASP H 1081 6.57 95.15 -31.88
N VAL H 1082 6.86 96.41 -32.20
CA VAL H 1082 7.53 97.29 -31.23
C VAL H 1082 6.67 97.45 -29.99
N CYS H 1083 5.37 97.66 -30.17
CA CYS H 1083 4.46 97.82 -29.03
C CYS H 1083 4.50 96.60 -28.14
N ILE H 1084 4.39 95.41 -28.72
CA ILE H 1084 4.39 94.18 -27.92
C ILE H 1084 5.70 94.03 -27.18
N TYR H 1085 6.83 94.24 -27.89
CA TYR H 1085 8.13 94.05 -27.27
C TYR H 1085 8.31 94.99 -26.10
N ASP H 1086 8.07 96.29 -26.32
CA ASP H 1086 8.29 97.26 -25.27
C ASP H 1086 7.32 97.07 -24.12
N THR H 1087 6.11 96.62 -24.40
CA THR H 1087 5.13 96.48 -23.33
C THR H 1087 5.43 95.27 -22.45
N CYS H 1088 5.86 94.16 -23.04
CA CYS H 1088 6.37 93.07 -22.21
C CYS H 1088 7.57 93.51 -21.40
N SER H 1089 8.56 94.11 -22.05
CA SER H 1089 9.80 94.42 -21.35
C SER H 1089 9.58 95.43 -20.23
N CYS H 1090 8.68 96.40 -20.44
CA CYS H 1090 8.52 97.50 -19.50
C CYS H 1090 7.78 97.08 -18.25
N GLU H 1091 6.62 96.47 -18.41
CA GLU H 1091 5.65 96.25 -17.33
C GLU H 1091 5.59 97.46 -16.41
N SER H 1092 5.22 98.59 -17.01
CA SER H 1092 5.26 99.87 -16.32
C SER H 1092 4.24 99.91 -15.20
N ILE H 1093 4.40 100.90 -14.32
CA ILE H 1093 3.61 100.99 -13.10
C ILE H 1093 2.71 102.20 -13.08
N GLY H 1094 3.31 103.38 -12.98
CA GLY H 1094 2.53 104.58 -12.77
C GLY H 1094 2.30 105.33 -14.06
N ASP H 1095 3.36 105.51 -14.83
CA ASP H 1095 3.24 106.06 -16.17
C ASP H 1095 3.20 104.90 -17.14
N CYS H 1096 2.21 104.92 -18.03
CA CYS H 1096 2.03 103.87 -19.03
C CYS H 1096 2.81 104.19 -20.29
N ALA H 1097 3.96 104.85 -20.14
CA ALA H 1097 4.61 105.59 -21.21
C ALA H 1097 5.10 104.69 -22.34
N CYS H 1098 5.52 103.46 -22.05
CA CYS H 1098 6.05 102.61 -23.11
C CYS H 1098 5.00 102.38 -24.19
N PHE H 1099 3.84 101.86 -23.78
CA PHE H 1099 2.73 101.61 -24.69
C PHE H 1099 2.30 102.90 -25.37
N CYS H 1100 2.04 103.94 -24.58
CA CYS H 1100 1.50 105.18 -25.13
C CYS H 1100 2.47 105.81 -26.12
N ASP H 1101 3.76 105.73 -25.84
CA ASP H 1101 4.75 106.31 -26.74
C ASP H 1101 4.88 105.52 -28.03
N THR H 1102 4.75 104.20 -27.97
CA THR H 1102 4.73 103.45 -29.22
C THR H 1102 3.53 103.81 -30.07
N ILE H 1103 2.35 103.87 -29.45
CA ILE H 1103 1.16 104.26 -30.20
C ILE H 1103 1.31 105.68 -30.74
N ALA H 1104 1.95 106.55 -29.97
CA ALA H 1104 2.15 107.93 -30.40
C ALA H 1104 3.12 107.99 -31.57
N ALA H 1105 4.12 107.13 -31.60
CA ALA H 1105 5.01 107.07 -32.75
C ALA H 1105 4.27 106.66 -34.01
N TYR H 1106 3.41 105.64 -33.89
CA TYR H 1106 2.63 105.26 -35.07
C TYR H 1106 1.71 106.39 -35.51
N ALA H 1107 1.08 107.07 -34.55
CA ALA H 1107 0.22 108.20 -34.90
C ALA H 1107 1.01 109.33 -35.54
N HIS H 1108 2.25 109.53 -35.10
CA HIS H 1108 3.11 110.55 -35.70
C HIS H 1108 3.41 110.21 -37.15
N VAL H 1109 3.70 108.94 -37.44
CA VAL H 1109 3.92 108.55 -38.83
C VAL H 1109 2.66 108.77 -39.66
N CYS H 1110 1.52 108.37 -39.12
CA CYS H 1110 0.25 108.58 -39.80
C CYS H 1110 0.04 110.07 -40.11
N ALA H 1111 0.31 110.94 -39.13
CA ALA H 1111 0.16 112.36 -39.34
C ALA H 1111 1.09 112.86 -40.43
N GLN H 1112 2.32 112.35 -40.46
CA GLN H 1112 3.22 112.70 -41.56
C GLN H 1112 2.61 112.33 -42.90
N HIS H 1113 1.93 111.18 -42.97
CA HIS H 1113 1.25 110.79 -44.20
C HIS H 1113 -0.12 111.43 -44.36
N GLY H 1114 -0.42 112.49 -43.62
CA GLY H 1114 -1.67 113.21 -43.77
C GLY H 1114 -2.84 112.61 -43.03
N LYS H 1115 -2.71 111.40 -42.47
CA LYS H 1115 -3.79 110.77 -41.73
C LYS H 1115 -3.66 111.11 -40.25
N VAL H 1116 -4.20 112.28 -39.88
CA VAL H 1116 -4.23 112.69 -38.49
C VAL H 1116 -5.24 111.83 -37.74
N VAL H 1117 -4.82 111.22 -36.63
CA VAL H 1117 -5.62 110.26 -35.91
C VAL H 1117 -5.79 110.73 -34.47
N THR H 1118 -7.04 110.72 -33.99
CA THR H 1118 -7.38 111.16 -32.64
C THR H 1118 -7.49 109.96 -31.71
N TRP H 1119 -6.34 109.39 -31.37
CA TRP H 1119 -6.33 108.13 -30.65
C TRP H 1119 -6.39 108.29 -29.13
N ARG H 1120 -6.11 109.48 -28.60
CA ARG H 1120 -6.17 109.68 -27.15
C ARG H 1120 -7.61 109.60 -26.66
N THR H 1121 -7.78 109.05 -25.47
CA THR H 1121 -9.07 109.04 -24.78
C THR H 1121 -8.80 109.20 -23.30
N ALA H 1122 -9.83 109.61 -22.57
CA ALA H 1122 -9.69 109.76 -21.12
C ALA H 1122 -9.34 108.46 -20.43
N THR H 1123 -9.70 107.33 -21.02
CA THR H 1123 -9.43 106.02 -20.45
C THR H 1123 -8.23 105.32 -21.09
N LEU H 1124 -7.61 105.92 -22.10
CA LEU H 1124 -6.47 105.32 -22.78
C LEU H 1124 -5.43 106.41 -23.02
N CYS H 1125 -4.30 106.30 -22.34
CA CYS H 1125 -3.18 107.23 -22.51
C CYS H 1125 -3.63 108.69 -22.49
N PRO H 1126 -4.36 109.12 -21.45
CA PRO H 1126 -4.84 110.50 -21.44
C PRO H 1126 -3.70 111.51 -21.33
N GLN H 1127 -3.93 112.68 -21.89
CA GLN H 1127 -3.00 113.80 -21.79
C GLN H 1127 -3.79 115.06 -21.50
N SER H 1128 -3.26 115.89 -20.63
CA SER H 1128 -3.92 117.13 -20.23
C SER H 1128 -2.95 118.30 -20.33
N CYS H 1129 -3.46 119.44 -20.77
CA CYS H 1129 -2.69 120.66 -20.86
C CYS H 1129 -3.14 121.69 -19.83
N GLU H 1130 -4.11 121.33 -18.99
CA GLU H 1130 -4.69 122.22 -18.00
C GLU H 1130 -3.67 122.79 -17.02
N GLU H 1131 -2.52 122.14 -16.86
CA GLU H 1131 -1.48 122.68 -15.98
C GLU H 1131 -0.98 124.03 -16.46
N ARG H 1132 -1.03 124.28 -17.76
CA ARG H 1132 -0.60 125.54 -18.34
C ARG H 1132 -1.68 126.60 -18.27
N ASN H 1133 -2.94 126.20 -18.07
CA ASN H 1133 -4.05 127.13 -18.01
C ASN H 1133 -4.33 127.66 -16.60
N LEU H 1134 -4.19 126.82 -15.57
CA LEU H 1134 -4.24 127.32 -14.20
C LEU H 1134 -3.02 128.20 -13.91
N ARG H 1135 -3.27 129.34 -13.30
CA ARG H 1135 -2.31 130.45 -13.29
C ARG H 1135 -2.66 131.38 -12.13
N GLU H 1136 -1.79 132.35 -11.89
CA GLU H 1136 -1.96 133.27 -10.78
C GLU H 1136 -3.16 134.20 -10.99
N ASN H 1137 -3.58 134.37 -12.24
CA ASN H 1137 -4.83 135.01 -12.59
C ASN H 1137 -6.05 134.21 -12.19
N GLY H 1138 -5.86 132.96 -11.77
CA GLY H 1138 -6.94 131.99 -11.67
C GLY H 1138 -6.86 130.95 -12.77
N TYR H 1139 -7.76 131.00 -13.73
CA TYR H 1139 -7.69 130.08 -14.86
C TYR H 1139 -7.99 130.82 -16.16
N GLU H 1140 -7.12 130.65 -17.15
CA GLU H 1140 -7.37 131.10 -18.51
C GLU H 1140 -6.91 130.02 -19.47
N CYS H 1141 -7.73 129.71 -20.46
CA CYS H 1141 -7.77 128.40 -21.08
C CYS H 1141 -7.25 128.38 -22.51
N GLU H 1142 -6.13 129.07 -22.75
CA GLU H 1142 -5.55 129.15 -24.09
C GLU H 1142 -4.96 127.83 -24.57
N TRP H 1143 -4.35 127.04 -23.68
CA TRP H 1143 -3.76 125.77 -24.08
C TRP H 1143 -4.80 124.65 -24.19
N ARG H 1144 -4.77 123.96 -25.33
CA ARG H 1144 -5.51 122.72 -25.54
C ARG H 1144 -4.55 121.62 -25.96
N TYR H 1145 -4.86 120.38 -25.62
CA TYR H 1145 -4.35 119.27 -26.40
C TYR H 1145 -4.97 119.29 -27.80
N ASN H 1146 -4.14 119.04 -28.81
CA ASN H 1146 -4.60 118.83 -30.16
C ASN H 1146 -3.94 117.57 -30.71
N SER H 1147 -4.70 116.78 -31.46
CA SER H 1147 -4.18 115.53 -32.02
C SER H 1147 -2.88 115.78 -32.76
N CYS H 1148 -2.85 116.81 -33.61
CA CYS H 1148 -1.60 117.34 -34.09
C CYS H 1148 -1.86 118.78 -34.50
N ALA H 1149 -0.94 119.67 -34.14
CA ALA H 1149 -0.99 121.07 -34.48
C ALA H 1149 0.18 121.43 -35.38
N PRO H 1150 0.10 122.53 -36.11
CA PRO H 1150 1.25 122.94 -36.93
C PRO H 1150 2.50 123.07 -36.10
N ALA H 1151 3.61 122.54 -36.63
CA ALA H 1151 4.75 122.23 -35.78
C ALA H 1151 5.51 123.48 -35.37
N CYS H 1152 5.66 124.44 -36.27
CA CYS H 1152 6.65 125.50 -36.08
C CYS H 1152 5.97 126.87 -36.16
N GLN H 1153 4.98 127.06 -35.30
CA GLN H 1153 4.22 128.30 -35.24
C GLN H 1153 5.14 129.51 -35.01
N VAL H 1154 4.61 130.69 -35.30
CA VAL H 1154 5.29 131.94 -34.99
C VAL H 1154 5.13 132.23 -33.51
N THR H 1155 6.16 132.81 -32.90
CA THR H 1155 6.15 133.15 -31.49
C THR H 1155 6.97 134.42 -31.29
N CYS H 1156 6.92 134.96 -30.08
CA CYS H 1156 7.76 136.10 -29.72
C CYS H 1156 9.24 135.75 -29.80
N GLN H 1157 9.60 134.48 -29.68
CA GLN H 1157 10.98 134.05 -29.84
C GLN H 1157 11.31 133.64 -31.27
N HIS H 1158 10.31 133.33 -32.07
CA HIS H 1158 10.49 132.98 -33.48
C HIS H 1158 9.50 133.78 -34.32
N PRO H 1159 9.67 135.11 -34.36
CA PRO H 1159 8.72 135.94 -35.13
C PRO H 1159 8.67 135.60 -36.59
N GLU H 1160 9.78 135.24 -37.20
CA GLU H 1160 9.80 134.89 -38.60
C GLU H 1160 9.41 133.43 -38.78
N PRO H 1161 8.70 133.10 -39.86
CA PRO H 1161 8.43 131.68 -40.15
C PRO H 1161 9.69 130.99 -40.61
N LEU H 1162 9.88 129.75 -40.15
CA LEU H 1162 11.08 128.99 -40.44
C LEU H 1162 10.70 127.58 -40.86
N ALA H 1163 11.32 127.11 -41.94
CA ALA H 1163 11.01 125.77 -42.45
C ALA H 1163 11.52 124.72 -41.49
N CYS H 1164 10.73 123.68 -41.29
CA CYS H 1164 11.05 122.61 -40.36
C CYS H 1164 10.45 121.31 -40.85
N PRO H 1165 11.03 120.16 -40.49
CA PRO H 1165 10.75 118.94 -41.25
C PRO H 1165 9.31 118.46 -41.17
N VAL H 1166 8.68 118.51 -40.00
CA VAL H 1166 7.39 117.89 -39.79
C VAL H 1166 6.30 118.95 -39.83
N GLN H 1167 5.23 118.67 -40.56
CA GLN H 1167 4.16 119.65 -40.72
C GLN H 1167 3.31 119.76 -39.46
N CYS H 1168 2.99 118.63 -38.84
CA CYS H 1168 1.99 118.60 -37.80
C CYS H 1168 2.44 117.62 -36.71
N VAL H 1169 2.39 118.06 -35.45
CA VAL H 1169 2.89 117.27 -34.33
C VAL H 1169 1.88 117.29 -33.19
N GLU H 1170 1.79 116.18 -32.48
CA GLU H 1170 0.89 116.05 -31.35
C GLU H 1170 1.39 116.86 -30.16
N GLY H 1171 0.45 117.29 -29.32
CA GLY H 1171 0.79 117.87 -28.04
C GLY H 1171 0.00 119.12 -27.70
N CYS H 1172 0.32 119.75 -26.57
CA CYS H 1172 -0.34 120.99 -26.17
C CYS H 1172 -0.09 122.10 -27.18
N HIS H 1173 -1.15 122.77 -27.59
CA HIS H 1173 -1.09 123.86 -28.55
C HIS H 1173 -1.88 125.03 -27.98
N ALA H 1174 -1.27 126.22 -28.01
CA ALA H 1174 -1.92 127.43 -27.54
C ALA H 1174 -2.78 128.03 -28.64
N HIS H 1175 -4.08 128.13 -28.40
CA HIS H 1175 -5.03 128.74 -29.33
C HIS H 1175 -5.46 130.09 -28.78
N CYS H 1176 -5.29 131.14 -29.57
CA CYS H 1176 -5.58 132.50 -29.11
C CYS H 1176 -5.93 133.36 -30.32
N PRO H 1177 -6.52 134.54 -30.11
CA PRO H 1177 -7.24 135.24 -31.21
C PRO H 1177 -6.30 135.75 -32.29
N PRO H 1178 -6.87 136.29 -33.38
CA PRO H 1178 -6.03 136.80 -34.47
C PRO H 1178 -5.14 137.95 -34.03
N GLY H 1179 -3.99 138.08 -34.70
CA GLY H 1179 -3.02 139.10 -34.37
C GLY H 1179 -2.29 138.89 -33.07
N LYS H 1180 -2.75 137.95 -32.24
CA LYS H 1180 -2.14 137.66 -30.95
C LYS H 1180 -1.06 136.60 -31.14
N ILE H 1181 0.04 136.74 -30.42
CA ILE H 1181 1.22 135.90 -30.61
C ILE H 1181 1.64 135.28 -29.28
N LEU H 1182 2.04 134.01 -29.33
CA LEU H 1182 2.55 133.33 -28.15
C LEU H 1182 3.93 133.84 -27.75
N ASP H 1183 4.14 134.02 -26.45
CA ASP H 1183 5.47 134.18 -25.87
C ASP H 1183 5.88 132.87 -25.19
N GLU H 1184 6.96 132.27 -25.66
CA GLU H 1184 7.42 131.00 -25.09
C GLU H 1184 7.95 131.13 -23.67
N LEU H 1185 8.48 132.30 -23.31
CA LEU H 1185 8.92 132.49 -21.93
C LEU H 1185 7.73 132.58 -20.98
N LEU H 1186 6.66 133.25 -21.40
CA LEU H 1186 5.45 133.34 -20.60
C LEU H 1186 4.57 132.10 -20.75
N GLN H 1187 4.82 131.29 -21.78
CA GLN H 1187 3.87 130.27 -22.22
C GLN H 1187 2.46 130.85 -22.34
N THR H 1188 2.38 132.07 -22.87
CA THR H 1188 1.16 132.86 -22.85
C THR H 1188 1.13 133.69 -24.14
N CYS H 1189 -0.05 133.82 -24.72
CA CYS H 1189 -0.25 134.70 -25.87
C CYS H 1189 -0.19 136.17 -25.47
N VAL H 1190 0.59 136.96 -26.22
CA VAL H 1190 0.77 138.39 -25.97
C VAL H 1190 0.83 139.11 -27.31
N ASP H 1191 0.64 140.44 -27.26
CA ASP H 1191 0.67 141.24 -28.49
C ASP H 1191 2.05 141.16 -29.15
N PRO H 1192 2.11 141.39 -30.47
CA PRO H 1192 3.41 141.36 -31.15
C PRO H 1192 4.41 142.34 -30.58
N GLU H 1193 3.94 143.46 -30.02
CA GLU H 1193 4.83 144.47 -29.46
C GLU H 1193 5.30 144.12 -28.06
N ASP H 1194 4.75 143.07 -27.45
CA ASP H 1194 5.10 142.69 -26.10
C ASP H 1194 6.28 141.73 -26.02
N CYS H 1195 6.86 141.37 -27.15
CA CYS H 1195 7.95 140.40 -27.14
C CYS H 1195 9.14 140.95 -26.37
N PRO H 1196 9.84 140.11 -25.61
CA PRO H 1196 11.00 140.62 -24.85
C PRO H 1196 12.26 140.81 -25.69
N VAL H 1197 12.28 140.32 -26.93
CA VAL H 1197 13.45 140.47 -27.79
C VAL H 1197 13.02 140.91 -29.18
N SER H 1262 35.74 118.18 -69.82
CA SER H 1262 35.90 119.44 -69.10
C SER H 1262 37.33 119.61 -68.61
N GLU H 1263 37.79 120.86 -68.57
CA GLU H 1263 39.18 121.20 -68.25
C GLU H 1263 40.15 120.44 -69.14
N PRO H 1264 40.22 120.76 -70.44
CA PRO H 1264 41.20 120.10 -71.32
C PRO H 1264 42.64 120.32 -70.89
N PRO H 1265 43.06 121.53 -70.42
CA PRO H 1265 44.50 121.78 -70.30
C PRO H 1265 45.17 121.06 -69.13
N LEU H 1266 44.51 120.08 -68.52
CA LEU H 1266 45.16 119.30 -67.47
C LEU H 1266 46.41 118.60 -67.99
N HIS H 1267 46.49 118.33 -69.29
CA HIS H 1267 47.69 117.77 -69.87
C HIS H 1267 47.69 118.05 -71.37
N ASP H 1268 48.87 117.94 -71.98
CA ASP H 1268 48.99 118.14 -73.42
C ASP H 1268 48.20 117.10 -74.19
N PHE H 1269 48.05 115.90 -73.63
CA PHE H 1269 47.26 114.84 -74.25
C PHE H 1269 45.87 114.83 -73.64
N TYR H 1270 44.87 115.09 -74.47
CA TYR H 1270 43.48 115.12 -74.03
C TYR H 1270 42.64 114.43 -75.09
N CYS H 1271 41.81 113.50 -74.66
CA CYS H 1271 41.23 112.48 -75.54
C CYS H 1271 39.72 112.67 -75.59
N SER H 1272 39.25 113.46 -76.56
CA SER H 1272 37.84 113.78 -76.71
C SER H 1272 37.27 112.93 -77.85
N ARG H 1273 36.79 111.73 -77.51
CA ARG H 1273 36.26 110.83 -78.51
C ARG H 1273 35.39 109.79 -77.80
N LEU H 1274 34.60 109.08 -78.59
CA LEU H 1274 33.59 108.16 -78.07
C LEU H 1274 34.27 106.89 -77.58
N LEU H 1275 34.27 106.65 -76.27
CA LEU H 1275 34.95 105.52 -75.69
C LEU H 1275 34.28 105.10 -74.40
N ASP H 1276 34.20 103.79 -74.17
CA ASP H 1276 33.83 103.21 -72.89
C ASP H 1276 35.01 102.41 -72.37
N LEU H 1277 35.46 102.73 -71.14
CA LEU H 1277 36.71 102.19 -70.62
C LEU H 1277 36.51 101.62 -69.22
N VAL H 1278 37.11 100.46 -68.96
CA VAL H 1278 37.10 99.84 -67.65
C VAL H 1278 38.53 99.52 -67.23
N PHE H 1279 38.89 99.93 -66.01
CA PHE H 1279 40.17 99.57 -65.41
C PHE H 1279 39.98 98.42 -64.44
N LEU H 1280 40.59 97.27 -64.72
CA LEU H 1280 40.48 96.10 -63.85
C LEU H 1280 41.77 95.97 -63.04
N LEU H 1281 41.68 96.20 -61.73
CA LEU H 1281 42.86 96.34 -60.87
C LEU H 1281 43.06 95.09 -60.03
N ASP H 1282 44.25 94.50 -60.12
CA ASP H 1282 44.56 93.28 -59.39
C ASP H 1282 44.70 93.58 -57.91
N GLY H 1283 43.78 93.05 -57.10
CA GLY H 1283 43.80 93.23 -55.68
C GLY H 1283 44.54 92.17 -54.90
N SER H 1284 45.33 91.32 -55.57
CA SER H 1284 46.07 90.28 -54.89
C SER H 1284 47.24 90.84 -54.10
N SER H 1285 47.79 90.00 -53.23
CA SER H 1285 48.93 90.37 -52.40
C SER H 1285 50.23 90.51 -53.19
N ARG H 1286 50.23 90.12 -54.46
CA ARG H 1286 51.41 90.30 -55.30
C ARG H 1286 51.74 91.76 -55.55
N LEU H 1287 50.79 92.65 -55.34
CA LEU H 1287 51.08 94.07 -55.17
C LEU H 1287 51.02 94.43 -53.70
N SER H 1288 52.09 95.01 -53.18
CA SER H 1288 52.03 95.63 -51.86
C SER H 1288 51.21 96.91 -51.92
N GLU H 1289 50.78 97.38 -50.75
CA GLU H 1289 49.96 98.59 -50.70
C GLU H 1289 50.63 99.76 -51.39
N ALA H 1290 51.96 99.90 -51.23
CA ALA H 1290 52.68 100.97 -51.91
C ALA H 1290 52.57 100.85 -53.42
N GLU H 1291 52.73 99.63 -53.94
CA GLU H 1291 52.60 99.40 -55.35
C GLU H 1291 51.17 99.65 -55.80
N PHE H 1292 50.20 99.25 -54.99
CA PHE H 1292 48.81 99.51 -55.37
C PHE H 1292 48.56 101.01 -55.42
N GLU H 1293 49.24 101.78 -54.56
CA GLU H 1293 49.10 103.23 -54.59
C GLU H 1293 49.61 103.82 -55.90
N VAL H 1294 50.76 103.35 -56.37
CA VAL H 1294 51.24 103.91 -57.63
C VAL H 1294 50.38 103.44 -58.80
N LEU H 1295 49.80 102.23 -58.70
CA LEU H 1295 48.87 101.77 -59.72
C LEU H 1295 47.62 102.64 -59.75
N LYS H 1296 47.14 103.03 -58.57
CA LYS H 1296 46.01 103.94 -58.49
C LYS H 1296 46.34 105.29 -59.07
N ALA H 1297 47.55 105.79 -58.82
CA ALA H 1297 47.96 107.06 -59.40
C ALA H 1297 48.01 106.99 -60.92
N PHE H 1298 48.44 105.84 -61.46
CA PHE H 1298 48.40 105.58 -62.89
C PHE H 1298 46.98 105.67 -63.45
N VAL H 1299 46.03 105.02 -62.78
CA VAL H 1299 44.62 105.15 -63.17
C VAL H 1299 44.18 106.61 -63.11
N VAL H 1300 44.59 107.33 -62.06
CA VAL H 1300 44.07 108.67 -61.85
C VAL H 1300 44.58 109.62 -62.93
N ASP H 1301 45.87 109.55 -63.26
CA ASP H 1301 46.37 110.44 -64.31
C ASP H 1301 45.79 110.08 -65.67
N MET H 1302 45.59 108.79 -65.95
CA MET H 1302 44.91 108.45 -67.19
C MET H 1302 43.51 109.06 -67.23
N MET H 1303 42.79 109.04 -66.10
CA MET H 1303 41.50 109.71 -66.07
C MET H 1303 41.64 111.23 -66.22
N GLU H 1304 42.77 111.80 -65.78
CA GLU H 1304 43.05 113.19 -66.10
C GLU H 1304 43.17 113.40 -67.60
N ARG H 1305 43.65 112.41 -68.33
CA ARG H 1305 43.91 112.55 -69.75
C ARG H 1305 42.76 112.06 -70.63
N LEU H 1306 41.60 111.79 -70.04
CA LEU H 1306 40.40 111.42 -70.79
C LEU H 1306 39.29 112.43 -70.54
N ARG H 1307 38.53 112.75 -71.59
CA ARG H 1307 37.40 113.67 -71.47
C ARG H 1307 36.24 112.91 -70.83
N ILE H 1308 36.18 112.96 -69.51
CA ILE H 1308 35.21 112.18 -68.76
C ILE H 1308 33.84 112.84 -68.85
N SER H 1309 32.86 112.10 -69.37
CA SER H 1309 31.46 112.51 -69.42
C SER H 1309 30.67 111.37 -70.04
N GLN H 1310 29.34 111.42 -69.88
CA GLN H 1310 28.49 110.47 -70.58
C GLN H 1310 28.66 110.62 -72.09
N LYS H 1311 28.75 111.85 -72.57
CA LYS H 1311 29.30 112.10 -73.88
C LYS H 1311 30.81 111.83 -73.86
N TRP H 1312 31.35 111.49 -75.03
CA TRP H 1312 32.79 111.20 -75.16
C TRP H 1312 33.13 109.96 -74.33
N VAL H 1313 33.96 110.10 -73.30
CA VAL H 1313 34.57 108.95 -72.64
C VAL H 1313 33.84 108.66 -71.34
N ARG H 1314 33.45 107.40 -71.14
CA ARG H 1314 32.92 106.90 -69.89
C ARG H 1314 33.92 105.93 -69.28
N VAL H 1315 34.18 106.08 -67.97
CA VAL H 1315 35.22 105.33 -67.28
C VAL H 1315 34.60 104.58 -66.12
N ALA H 1316 35.05 103.34 -65.92
CA ALA H 1316 34.70 102.55 -64.75
C ALA H 1316 35.97 101.95 -64.17
N VAL H 1317 35.96 101.76 -62.86
CA VAL H 1317 37.12 101.23 -62.13
C VAL H 1317 36.65 100.04 -61.32
N VAL H 1318 37.39 98.93 -61.43
CA VAL H 1318 36.97 97.66 -60.84
C VAL H 1318 38.19 96.97 -60.24
N GLU H 1319 38.21 96.84 -58.93
CA GLU H 1319 39.19 96.00 -58.27
C GLU H 1319 38.66 94.58 -58.16
N TYR H 1320 39.49 93.61 -58.51
CA TYR H 1320 39.14 92.21 -58.36
C TYR H 1320 40.08 91.55 -57.36
N HIS H 1321 39.50 90.94 -56.33
CA HIS H 1321 40.26 90.26 -55.29
C HIS H 1321 39.58 88.94 -54.94
N ASP H 1322 39.30 88.14 -55.96
CA ASP H 1322 38.43 86.97 -55.99
C ASP H 1322 36.96 87.40 -56.03
N GLY H 1323 36.68 88.68 -55.90
CA GLY H 1323 35.37 89.21 -56.22
C GLY H 1323 35.54 90.58 -56.81
N SER H 1324 34.64 90.92 -57.72
CA SER H 1324 34.80 92.09 -58.57
C SER H 1324 34.24 93.33 -57.87
N HIS H 1325 35.09 93.99 -57.10
CA HIS H 1325 34.73 95.21 -56.37
C HIS H 1325 34.76 96.40 -57.32
N ALA H 1326 33.59 96.84 -57.78
CA ALA H 1326 33.49 98.01 -58.63
C ALA H 1326 33.40 99.28 -57.78
N TYR H 1327 34.25 100.25 -58.08
CA TYR H 1327 34.21 101.55 -57.39
C TYR H 1327 33.57 102.65 -58.23
N ILE H 1328 33.68 102.57 -59.55
CA ILE H 1328 33.04 103.52 -60.45
C ILE H 1328 32.36 102.75 -61.56
N GLY H 1329 31.14 103.14 -61.89
CA GLY H 1329 30.42 102.54 -62.99
C GLY H 1329 30.25 103.51 -64.14
N LEU H 1330 30.07 102.99 -65.36
CA LEU H 1330 29.92 103.85 -66.52
C LEU H 1330 28.67 104.71 -66.45
N LYS H 1331 27.68 104.32 -65.65
CA LYS H 1331 26.46 105.11 -65.52
C LYS H 1331 26.60 106.25 -64.52
N ASP H 1332 27.68 106.28 -63.74
CA ASP H 1332 27.83 107.31 -62.71
C ASP H 1332 27.87 108.69 -63.36
N ARG H 1333 27.03 109.59 -62.85
CA ARG H 1333 26.92 110.94 -63.37
C ARG H 1333 27.81 111.94 -62.66
N LYS H 1334 28.67 111.48 -61.76
CA LYS H 1334 29.49 112.38 -60.96
C LYS H 1334 30.50 113.12 -61.84
N ARG H 1335 30.92 114.29 -61.38
CA ARG H 1335 31.80 115.15 -62.15
C ARG H 1335 33.20 114.53 -62.25
N PRO H 1336 33.96 114.91 -63.28
CA PRO H 1336 35.28 114.29 -63.47
C PRO H 1336 36.20 114.42 -62.26
N SER H 1337 36.18 115.56 -61.58
CA SER H 1337 37.01 115.72 -60.39
C SER H 1337 36.61 114.72 -59.31
N GLU H 1338 35.29 114.56 -59.09
CA GLU H 1338 34.83 113.60 -58.11
C GLU H 1338 35.21 112.18 -58.49
N LEU H 1339 35.12 111.85 -59.79
CA LEU H 1339 35.51 110.52 -60.24
C LEU H 1339 36.99 110.27 -60.02
N ARG H 1340 37.83 111.27 -60.31
CA ARG H 1340 39.25 111.13 -60.07
C ARG H 1340 39.54 110.96 -58.58
N ARG H 1341 38.81 111.69 -57.73
CA ARG H 1341 38.96 111.51 -56.29
C ARG H 1341 38.61 110.09 -55.87
N ILE H 1342 37.49 109.57 -56.39
CA ILE H 1342 37.07 108.21 -56.05
C ILE H 1342 38.13 107.20 -56.49
N ALA H 1343 38.68 107.37 -57.69
CA ALA H 1343 39.73 106.49 -58.16
C ALA H 1343 40.97 106.58 -57.27
N SER H 1344 41.32 107.79 -56.86
CA SER H 1344 42.47 107.98 -56.00
C SER H 1344 42.28 107.33 -54.64
N GLN H 1345 41.03 107.22 -54.18
CA GLN H 1345 40.74 106.65 -52.87
C GLN H 1345 40.24 105.21 -52.95
N VAL H 1346 40.56 104.48 -54.02
CA VAL H 1346 40.28 103.05 -54.07
C VAL H 1346 41.10 102.34 -53.00
N LYS H 1347 40.45 101.47 -52.25
CA LYS H 1347 41.15 100.79 -51.17
C LYS H 1347 41.94 99.60 -51.69
N TYR H 1348 42.80 99.06 -50.82
CA TYR H 1348 43.69 97.97 -51.16
C TYR H 1348 43.22 96.71 -50.45
N ALA H 1349 43.02 95.63 -51.21
CA ALA H 1349 42.52 94.39 -50.64
C ALA H 1349 43.64 93.47 -50.18
N GLY H 1350 44.57 93.16 -51.07
CA GLY H 1350 45.67 92.28 -50.72
C GLY H 1350 45.28 90.83 -50.52
N SER H 1351 44.40 90.31 -51.37
CA SER H 1351 44.00 88.92 -51.28
C SER H 1351 45.13 88.00 -51.72
N GLN H 1352 45.10 86.76 -51.24
CA GLN H 1352 46.09 85.79 -51.69
C GLN H 1352 45.79 85.25 -53.08
N VAL H 1353 44.55 85.38 -53.55
CA VAL H 1353 44.18 84.97 -54.89
C VAL H 1353 43.30 86.06 -55.50
N ALA H 1354 43.45 86.30 -56.80
CA ALA H 1354 42.60 87.25 -57.51
C ALA H 1354 42.20 86.63 -58.85
N SER H 1355 41.08 85.92 -58.86
CA SER H 1355 40.61 85.22 -60.05
C SER H 1355 40.43 86.17 -61.21
N THR H 1356 41.25 86.00 -62.25
CA THR H 1356 41.20 86.83 -63.44
C THR H 1356 40.04 86.43 -64.34
N SER H 1357 39.77 85.13 -64.46
CA SER H 1357 38.59 84.69 -65.18
C SER H 1357 37.32 85.20 -64.53
N GLU H 1358 37.31 85.33 -63.21
CA GLU H 1358 36.12 85.82 -62.53
C GLU H 1358 35.84 87.28 -62.88
N VAL H 1359 36.89 88.11 -62.97
CA VAL H 1359 36.64 89.50 -63.32
C VAL H 1359 36.30 89.64 -64.80
N LEU H 1360 36.84 88.77 -65.66
CA LEU H 1360 36.35 88.73 -67.04
C LEU H 1360 34.87 88.37 -67.10
N LYS H 1361 34.44 87.42 -66.28
CA LYS H 1361 33.03 87.07 -66.21
C LYS H 1361 32.20 88.26 -65.74
N TYR H 1362 32.68 88.93 -64.68
CA TYR H 1362 31.95 90.08 -64.16
C TYR H 1362 31.78 91.15 -65.23
N THR H 1363 32.87 91.55 -65.87
CA THR H 1363 32.75 92.62 -66.85
C THR H 1363 31.86 92.21 -68.01
N LEU H 1364 31.95 90.94 -68.43
CA LEU H 1364 31.16 90.44 -69.55
C LEU H 1364 29.67 90.45 -69.24
N PHE H 1365 29.26 89.93 -68.09
CA PHE H 1365 27.86 89.72 -67.83
C PHE H 1365 27.20 90.86 -67.06
N GLN H 1366 27.98 91.67 -66.34
CA GLN H 1366 27.41 92.71 -65.51
C GLN H 1366 27.78 94.11 -65.95
N ILE H 1367 29.00 94.35 -66.45
CA ILE H 1367 29.33 95.69 -66.90
C ILE H 1367 28.74 95.95 -68.28
N PHE H 1368 29.18 95.16 -69.26
CA PHE H 1368 28.65 95.23 -70.62
C PHE H 1368 27.42 94.35 -70.81
N SER H 1369 26.53 94.35 -69.82
CA SER H 1369 25.31 93.54 -69.93
C SER H 1369 24.47 93.99 -71.12
N LYS H 1370 24.36 95.30 -71.33
CA LYS H 1370 23.66 95.85 -72.48
C LYS H 1370 24.54 96.91 -73.10
N ILE H 1371 24.68 96.86 -74.43
CA ILE H 1371 25.51 97.80 -75.16
C ILE H 1371 24.67 99.04 -75.46
N ASP H 1372 24.69 100.01 -74.54
CA ASP H 1372 23.87 101.21 -74.70
C ASP H 1372 24.54 102.26 -75.59
N ARG H 1373 25.81 102.08 -75.93
CA ARG H 1373 26.52 102.97 -76.84
C ARG H 1373 27.21 102.12 -77.91
N PRO H 1374 26.43 101.51 -78.81
CA PRO H 1374 27.04 100.67 -79.85
C PRO H 1374 28.01 101.41 -80.75
N GLU H 1375 27.83 102.74 -80.91
CA GLU H 1375 28.76 103.51 -81.72
C GLU H 1375 30.08 103.75 -81.02
N ALA H 1376 30.12 103.68 -79.69
CA ALA H 1376 31.32 103.95 -78.93
C ALA H 1376 32.18 102.71 -78.79
N SER H 1377 33.50 102.90 -78.76
CA SER H 1377 34.43 101.81 -78.54
C SER H 1377 34.40 101.36 -77.09
N ARG H 1378 34.51 100.05 -76.89
CA ARG H 1378 34.44 99.44 -75.56
C ARG H 1378 35.74 98.73 -75.26
N ILE H 1379 36.44 99.15 -74.20
CA ILE H 1379 37.81 98.69 -73.92
C ILE H 1379 37.95 98.41 -72.44
N ALA H 1380 38.76 97.39 -72.11
CA ALA H 1380 39.08 97.04 -70.74
C ALA H 1380 40.57 96.84 -70.57
N LEU H 1381 41.15 97.45 -69.52
CA LEU H 1381 42.52 97.16 -69.13
C LEU H 1381 42.52 96.06 -68.08
N LEU H 1382 42.81 94.83 -68.50
CA LEU H 1382 43.07 93.75 -67.54
C LEU H 1382 44.50 93.82 -67.04
N LEU H 1383 44.79 94.84 -66.25
CA LEU H 1383 46.11 94.92 -65.63
C LEU H 1383 46.17 93.93 -64.47
N MET H 1384 47.25 93.16 -64.42
CA MET H 1384 47.28 91.95 -63.62
C MET H 1384 48.69 91.62 -63.17
N ALA H 1385 48.80 91.08 -61.96
CA ALA H 1385 50.11 90.89 -61.34
C ALA H 1385 50.22 89.55 -60.64
N SER H 1386 49.30 88.62 -60.87
CA SER H 1386 49.25 87.40 -60.09
C SER H 1386 48.82 86.22 -60.95
N GLN H 1387 49.22 85.03 -60.52
CA GLN H 1387 48.64 83.78 -61.00
C GLN H 1387 47.27 83.55 -60.36
N GLU H 1388 46.52 82.64 -60.95
CA GLU H 1388 45.33 82.08 -60.33
C GLU H 1388 45.41 80.56 -60.38
N PRO H 1389 44.85 79.87 -59.39
CA PRO H 1389 44.82 78.41 -59.42
C PRO H 1389 44.21 77.89 -60.72
N GLN H 1390 44.76 76.78 -61.21
CA GLN H 1390 44.36 76.27 -62.52
C GLN H 1390 42.87 75.96 -62.57
N ARG H 1391 42.32 75.44 -61.47
CA ARG H 1391 40.89 75.09 -61.47
C ARG H 1391 40.01 76.30 -61.72
N MET H 1392 40.49 77.50 -61.41
CA MET H 1392 39.70 78.71 -61.61
C MET H 1392 39.88 79.32 -62.99
N SER H 1393 40.81 78.81 -63.80
CA SER H 1393 41.11 79.36 -65.11
C SER H 1393 40.39 78.63 -66.24
N ARG H 1394 39.44 77.74 -65.92
CA ARG H 1394 38.92 76.83 -66.94
C ARG H 1394 38.00 77.54 -67.93
N ASN H 1395 37.31 78.60 -67.50
CA ASN H 1395 36.39 79.32 -68.38
C ASN H 1395 36.97 80.63 -68.89
N PHE H 1396 38.28 80.83 -68.76
CA PHE H 1396 38.91 82.08 -69.14
C PHE H 1396 38.71 82.36 -70.63
N VAL H 1397 39.03 81.38 -71.48
CA VAL H 1397 38.94 81.57 -72.92
C VAL H 1397 37.50 81.85 -73.33
N ARG H 1398 36.54 81.17 -72.69
CA ARG H 1398 35.14 81.40 -73.02
C ARG H 1398 34.76 82.85 -72.77
N TYR H 1399 35.17 83.40 -71.63
CA TYR H 1399 34.81 84.78 -71.29
C TYR H 1399 35.49 85.77 -72.22
N VAL H 1400 36.76 85.56 -72.55
CA VAL H 1400 37.43 86.51 -73.43
C VAL H 1400 36.81 86.45 -74.83
N GLN H 1401 36.44 85.26 -75.28
CA GLN H 1401 35.79 85.16 -76.59
C GLN H 1401 34.41 85.80 -76.57
N GLY H 1402 33.68 85.67 -75.47
CA GLY H 1402 32.42 86.36 -75.35
C GLY H 1402 32.58 87.87 -75.38
N LEU H 1403 33.63 88.37 -74.72
CA LEU H 1403 33.93 89.80 -74.79
C LEU H 1403 34.26 90.23 -76.23
N LYS H 1404 34.97 89.37 -76.97
CA LYS H 1404 35.23 89.66 -78.37
C LYS H 1404 33.94 89.73 -79.17
N LYS H 1405 33.02 88.80 -78.91
CA LYS H 1405 31.75 88.78 -79.63
C LYS H 1405 30.94 90.05 -79.38
N LYS H 1406 31.10 90.66 -78.20
CA LYS H 1406 30.54 91.97 -77.93
C LYS H 1406 31.45 93.10 -78.39
N LYS H 1407 32.57 92.77 -79.04
CA LYS H 1407 33.56 93.75 -79.49
C LYS H 1407 34.03 94.64 -78.34
N VAL H 1408 34.23 94.04 -77.17
CA VAL H 1408 34.90 94.69 -76.06
C VAL H 1408 36.38 94.32 -76.12
N ILE H 1409 37.23 95.31 -76.38
CA ILE H 1409 38.67 95.10 -76.42
C ILE H 1409 39.18 94.84 -75.01
N VAL H 1410 40.04 93.85 -74.86
CA VAL H 1410 40.73 93.61 -73.59
C VAL H 1410 42.23 93.74 -73.77
N ILE H 1411 42.82 94.69 -73.06
CA ILE H 1411 44.24 95.04 -73.15
C ILE H 1411 44.91 94.57 -71.87
N PRO H 1412 45.49 93.37 -71.84
CA PRO H 1412 46.19 92.92 -70.64
C PRO H 1412 47.45 93.73 -70.39
N VAL H 1413 47.63 94.18 -69.15
CA VAL H 1413 48.84 94.88 -68.75
C VAL H 1413 49.48 94.10 -67.62
N GLY H 1414 50.22 93.05 -67.97
CA GLY H 1414 50.92 92.27 -66.97
C GLY H 1414 52.01 93.06 -66.28
N ILE H 1415 52.16 92.83 -64.97
CA ILE H 1415 53.15 93.53 -64.17
C ILE H 1415 53.85 92.55 -63.24
N GLY H 1416 55.18 92.56 -63.25
CA GLY H 1416 55.98 91.80 -62.33
C GLY H 1416 56.14 90.34 -62.67
N PRO H 1417 57.06 89.66 -61.98
CA PRO H 1417 57.36 88.26 -62.32
C PRO H 1417 56.19 87.32 -62.12
N HIS H 1418 55.28 87.64 -61.20
CA HIS H 1418 54.16 86.78 -60.88
C HIS H 1418 52.97 86.95 -61.80
N ALA H 1419 53.04 87.84 -62.78
CA ALA H 1419 51.97 87.95 -63.77
C ALA H 1419 51.77 86.63 -64.49
N ASN H 1420 50.50 86.27 -64.72
CA ASN H 1420 50.14 85.07 -65.48
C ASN H 1420 50.29 85.34 -66.97
N LEU H 1421 51.54 85.21 -67.45
CA LEU H 1421 51.83 85.42 -68.86
C LEU H 1421 51.00 84.52 -69.78
N LYS H 1422 50.69 83.30 -69.34
CA LYS H 1422 49.91 82.37 -70.17
C LYS H 1422 48.53 82.95 -70.50
N GLN H 1423 47.84 83.49 -69.50
CA GLN H 1423 46.54 84.10 -69.73
C GLN H 1423 46.65 85.32 -70.63
N ILE H 1424 47.77 86.04 -70.52
CA ILE H 1424 48.02 87.20 -71.36
C ILE H 1424 48.16 86.78 -72.82
N ARG H 1425 48.96 85.74 -73.08
CA ARG H 1425 49.11 85.27 -74.46
C ARG H 1425 47.81 84.70 -75.00
N LEU H 1426 47.04 84.04 -74.14
CA LEU H 1426 45.73 83.52 -74.56
C LEU H 1426 44.80 84.66 -74.96
N ILE H 1427 44.83 85.78 -74.22
CA ILE H 1427 44.07 86.95 -74.63
C ILE H 1427 44.56 87.48 -75.97
N GLU H 1428 45.88 87.56 -76.14
CA GLU H 1428 46.43 88.09 -77.39
C GLU H 1428 46.02 87.24 -78.59
N LYS H 1429 45.91 85.93 -78.40
CA LYS H 1429 45.58 85.03 -79.50
C LYS H 1429 44.17 85.26 -80.03
N GLN H 1430 43.28 85.88 -79.24
CA GLN H 1430 41.89 86.02 -79.65
C GLN H 1430 41.71 87.10 -80.71
N ALA H 1431 42.42 88.22 -80.59
CA ALA H 1431 42.23 89.31 -81.53
C ALA H 1431 43.49 90.15 -81.59
N PRO H 1432 43.87 90.68 -82.76
CA PRO H 1432 45.09 91.50 -82.82
C PRO H 1432 45.03 92.76 -81.96
N GLU H 1433 43.85 93.39 -81.86
CA GLU H 1433 43.75 94.62 -81.09
C GLU H 1433 43.90 94.39 -79.60
N ASN H 1434 43.82 93.14 -79.14
CA ASN H 1434 44.07 92.79 -77.76
C ASN H 1434 45.56 92.62 -77.48
N LYS H 1435 46.36 93.59 -77.88
CA LYS H 1435 47.81 93.48 -77.72
C LYS H 1435 48.21 93.73 -76.27
N ALA H 1436 49.21 92.99 -75.81
CA ALA H 1436 49.56 92.96 -74.40
C ALA H 1436 50.69 93.93 -74.09
N PHE H 1437 50.63 94.48 -72.88
CA PHE H 1437 51.75 95.19 -72.26
C PHE H 1437 52.26 94.35 -71.11
N VAL H 1438 53.57 94.16 -71.05
CA VAL H 1438 54.20 93.42 -69.96
C VAL H 1438 55.25 94.33 -69.33
N LEU H 1439 55.10 94.56 -68.03
CA LEU H 1439 55.91 95.54 -67.30
C LEU H 1439 56.75 94.84 -66.24
N SER H 1440 57.97 95.34 -66.04
CA SER H 1440 58.82 94.82 -64.98
C SER H 1440 58.20 95.06 -63.61
N SER H 1441 57.65 96.24 -63.39
CA SER H 1441 57.08 96.60 -62.09
C SER H 1441 56.10 97.75 -62.30
N VAL H 1442 55.27 97.97 -61.27
CA VAL H 1442 54.23 99.00 -61.35
C VAL H 1442 54.81 100.39 -61.61
N ASP H 1443 56.05 100.65 -61.21
CA ASP H 1443 56.61 101.97 -61.50
C ASP H 1443 56.85 102.18 -63.00
N GLU H 1444 56.89 101.10 -63.78
CA GLU H 1444 57.00 101.23 -65.22
C GLU H 1444 55.71 101.74 -65.86
N LEU H 1445 54.61 101.75 -65.10
CA LEU H 1445 53.38 102.37 -65.58
C LEU H 1445 53.58 103.84 -65.90
N GLU H 1446 54.39 104.53 -65.10
CA GLU H 1446 54.70 105.93 -65.36
C GLU H 1446 55.35 106.12 -66.72
N GLN H 1447 56.11 105.12 -67.17
CA GLN H 1447 56.77 105.19 -68.47
C GLN H 1447 55.83 104.76 -69.60
N GLN H 1448 54.97 103.78 -69.34
CA GLN H 1448 54.11 103.23 -70.37
C GLN H 1448 52.84 104.04 -70.58
N ARG H 1449 52.54 104.98 -69.68
CA ARG H 1449 51.25 105.68 -69.68
C ARG H 1449 50.99 106.39 -70.99
N ASP H 1450 51.98 107.10 -71.52
CA ASP H 1450 51.77 107.93 -72.70
C ASP H 1450 51.32 107.08 -73.89
N GLU H 1451 52.08 106.02 -74.19
CA GLU H 1451 51.69 105.20 -75.33
C GLU H 1451 50.43 104.38 -75.04
N ILE H 1452 50.18 104.04 -73.78
CA ILE H 1452 48.93 103.35 -73.46
C ILE H 1452 47.73 104.22 -73.78
N VAL H 1453 47.76 105.49 -73.36
CA VAL H 1453 46.63 106.37 -73.66
C VAL H 1453 46.56 106.65 -75.16
N SER H 1454 47.71 106.77 -75.82
CA SER H 1454 47.72 106.97 -77.27
C SER H 1454 47.03 105.80 -77.97
N TYR H 1455 47.37 104.57 -77.57
CA TYR H 1455 46.75 103.39 -78.15
C TYR H 1455 45.25 103.35 -77.88
N LEU H 1456 44.86 103.62 -76.63
CA LEU H 1456 43.44 103.63 -76.28
C LEU H 1456 42.66 104.60 -77.14
N CYS H 1457 43.21 105.79 -77.37
CA CYS H 1457 42.49 106.77 -78.17
C CYS H 1457 42.59 106.49 -79.65
N ASP H 1458 43.61 105.76 -80.08
CA ASP H 1458 43.64 105.26 -81.45
C ASP H 1458 42.54 104.23 -81.68
N LEU H 1459 42.20 103.45 -80.65
CA LEU H 1459 41.15 102.45 -80.75
C LEU H 1459 39.76 103.02 -80.54
N ALA H 1460 39.58 104.34 -80.62
CA ALA H 1460 38.27 104.92 -80.41
C ALA H 1460 37.93 105.90 -81.54
N PRO H 1461 36.67 105.96 -81.96
CA PRO H 1461 36.28 106.88 -83.03
C PRO H 1461 35.87 108.24 -82.47
N GLU H 1462 35.91 109.24 -83.37
CA GLU H 1462 35.47 110.58 -83.05
C GLU H 1462 33.96 110.70 -83.22
N ALA H 1463 33.43 111.87 -82.86
CA ALA H 1463 32.00 112.13 -82.99
C ALA H 1463 31.58 112.16 -84.46
N SER I 31 34.12 119.24 -6.11
CA SER I 31 34.16 118.49 -7.36
C SER I 31 33.68 117.06 -7.16
N THR I 32 34.54 116.23 -6.57
CA THR I 32 34.25 114.82 -6.33
C THR I 32 35.21 114.29 -5.28
N ALA I 33 34.73 113.43 -4.41
CA ALA I 33 35.53 112.87 -3.34
C ALA I 33 36.27 111.63 -3.80
N ARG I 34 37.23 111.19 -2.98
CA ARG I 34 37.96 109.96 -3.23
C ARG I 34 38.18 109.23 -1.93
N CYS I 35 37.91 107.92 -1.94
CA CYS I 35 38.19 107.05 -0.82
C CYS I 35 39.02 105.89 -1.31
N SER I 36 39.93 105.43 -0.46
CA SER I 36 40.86 104.41 -0.87
C SER I 36 41.09 103.43 0.27
N LEU I 37 41.14 102.15 -0.07
CA LEU I 37 41.58 101.10 0.84
C LEU I 37 42.78 100.43 0.19
N PHE I 38 43.94 100.60 0.79
CA PHE I 38 45.21 100.36 0.12
C PHE I 38 46.18 99.68 1.05
N GLY I 39 47.25 99.16 0.48
CA GLY I 39 48.21 98.44 1.27
C GLY I 39 47.58 97.17 1.82
N SER I 40 48.19 96.67 2.89
CA SER I 40 47.68 95.45 3.52
C SER I 40 46.39 95.72 4.27
N ASP I 41 46.38 96.73 5.15
CA ASP I 41 45.26 96.91 6.06
C ASP I 41 44.92 98.38 6.28
N PHE I 42 45.07 99.23 5.27
CA PHE I 42 44.93 100.67 5.47
C PHE I 42 43.73 101.21 4.73
N VAL I 43 43.22 102.34 5.23
CA VAL I 43 42.05 103.00 4.67
C VAL I 43 42.33 104.49 4.62
N ASN I 44 41.73 105.16 3.64
CA ASN I 44 41.77 106.61 3.54
C ASN I 44 40.36 107.12 3.27
N THR I 45 39.88 108.04 4.11
CA THR I 45 38.52 108.50 4.04
C THR I 45 38.34 109.57 2.98
N PHE I 46 37.09 109.96 2.75
CA PHE I 46 36.80 111.01 1.79
C PHE I 46 37.42 112.33 2.20
N ASP I 47 37.46 112.61 3.49
CA ASP I 47 37.95 113.89 4.00
C ASP I 47 39.41 113.87 4.39
N GLY I 48 40.11 112.76 4.16
CA GLY I 48 41.53 112.68 4.39
C GLY I 48 41.95 111.94 5.63
N SER I 49 41.04 111.65 6.56
CA SER I 49 41.41 110.85 7.70
C SER I 49 41.88 109.48 7.24
N MET I 50 42.97 109.00 7.83
CA MET I 50 43.64 107.81 7.35
C MET I 50 44.00 106.93 8.53
N TYR I 51 43.74 105.64 8.40
CA TYR I 51 43.90 104.72 9.53
C TYR I 51 44.07 103.31 8.98
N SER I 52 44.31 102.38 9.90
CA SER I 52 44.47 100.97 9.58
C SER I 52 43.33 100.16 10.16
N PHE I 53 42.88 99.16 9.39
CA PHE I 53 41.85 98.25 9.88
C PHE I 53 42.01 96.92 9.17
N ALA I 54 42.19 95.85 9.94
CA ALA I 54 42.30 94.50 9.41
C ALA I 54 40.97 93.78 9.64
N GLY I 55 40.04 93.97 8.73
CA GLY I 55 38.72 93.40 8.88
C GLY I 55 38.69 91.90 8.65
N TYR I 56 37.68 91.28 9.25
CA TYR I 56 37.44 89.84 9.06
C TYR I 56 36.04 89.57 8.51
N CYS I 57 35.31 90.61 8.14
CA CYS I 57 33.97 90.47 7.60
C CYS I 57 33.80 91.49 6.49
N SER I 58 32.55 91.74 6.09
CA SER I 58 32.25 92.76 5.10
C SER I 58 31.77 94.03 5.79
N TYR I 59 32.19 95.19 5.27
CA TYR I 59 31.94 96.45 5.91
C TYR I 59 31.44 97.47 4.90
N LEU I 60 30.62 98.39 5.36
CA LEU I 60 30.11 99.45 4.52
C LEU I 60 31.20 100.49 4.30
N LEU I 61 31.61 100.66 3.05
CA LEU I 61 32.59 101.69 2.72
C LEU I 61 31.93 103.05 2.53
N ALA I 62 30.82 103.08 1.79
CA ALA I 62 30.12 104.33 1.57
C ALA I 62 28.69 104.01 1.14
N GLY I 63 27.84 105.01 1.23
CA GLY I 63 26.47 104.84 0.81
C GLY I 63 25.60 105.93 1.40
N GLY I 64 24.39 106.02 0.86
CA GLY I 64 23.39 106.91 1.41
C GLY I 64 23.18 106.59 2.86
N CYS I 65 23.31 107.58 3.73
CA CYS I 65 23.53 107.28 5.14
C CYS I 65 22.23 107.27 5.92
N GLN I 66 21.26 108.11 5.53
CA GLN I 66 19.90 108.01 6.05
C GLN I 66 19.02 107.16 5.14
N LYS I 67 18.91 107.54 3.87
CA LYS I 67 18.19 106.77 2.86
C LYS I 67 19.22 106.13 1.94
N ARG I 68 19.44 104.83 2.13
CA ARG I 68 20.54 104.13 1.46
C ARG I 68 20.05 103.57 0.14
N SER I 69 20.06 104.44 -0.88
CA SER I 69 19.70 104.01 -2.23
C SER I 69 20.70 103.02 -2.79
N PHE I 70 21.97 103.13 -2.39
CA PHE I 70 22.99 102.17 -2.82
C PHE I 70 23.98 101.98 -1.68
N SER I 71 24.68 100.85 -1.71
CA SER I 71 25.67 100.54 -0.69
C SER I 71 26.91 100.00 -1.36
N ILE I 72 28.05 100.57 -1.01
CA ILE I 72 29.34 100.07 -1.45
C ILE I 72 29.96 99.31 -0.30
N ILE I 73 30.25 98.04 -0.50
CA ILE I 73 30.61 97.13 0.57
C ILE I 73 31.94 96.50 0.26
N GLY I 74 32.90 96.65 1.17
CA GLY I 74 34.20 96.00 1.04
C GLY I 74 34.24 94.73 1.85
N ASP I 75 34.67 93.65 1.20
CA ASP I 75 34.71 92.34 1.81
C ASP I 75 36.16 91.99 2.15
N PHE I 76 36.38 91.50 3.37
CA PHE I 76 37.69 91.11 3.83
C PHE I 76 37.71 89.62 4.15
N GLN I 77 38.91 89.08 4.26
CA GLN I 77 39.08 87.68 4.67
C GLN I 77 40.46 87.54 5.28
N ASN I 78 40.52 87.15 6.55
CA ASN I 78 41.78 87.00 7.28
C ASN I 78 42.58 88.29 7.24
N GLY I 79 41.89 89.42 7.34
CA GLY I 79 42.53 90.71 7.34
C GLY I 79 42.77 91.30 5.97
N LYS I 80 42.79 90.48 4.92
CA LYS I 80 43.07 90.94 3.57
C LYS I 80 41.77 91.20 2.82
N ARG I 81 41.84 92.10 1.85
CA ARG I 81 40.70 92.43 1.03
C ARG I 81 40.51 91.36 -0.04
N VAL I 82 39.25 91.04 -0.33
CA VAL I 82 38.94 90.00 -1.32
C VAL I 82 37.97 90.46 -2.39
N SER I 83 37.14 91.46 -2.16
CA SER I 83 36.19 91.87 -3.18
C SER I 83 35.62 93.23 -2.82
N LEU I 84 35.00 93.87 -3.80
CA LEU I 84 34.34 95.16 -3.63
C LEU I 84 32.92 95.00 -4.17
N SER I 85 31.96 94.89 -3.26
CA SER I 85 30.59 94.64 -3.63
C SER I 85 29.78 95.94 -3.63
N VAL I 86 28.71 95.95 -4.42
CA VAL I 86 27.80 97.08 -4.48
C VAL I 86 26.39 96.54 -4.47
N TYR I 87 25.51 97.18 -3.70
CA TYR I 87 24.10 96.83 -3.63
C TYR I 87 23.30 98.07 -3.97
N LEU I 88 22.31 97.92 -4.84
CA LEU I 88 21.49 99.04 -5.27
C LEU I 88 20.18 99.13 -4.50
N GLY I 89 20.12 98.57 -3.31
CA GLY I 89 18.89 98.61 -2.56
C GLY I 89 18.12 97.32 -2.61
N GLU I 90 18.82 96.20 -2.47
CA GLU I 90 18.29 94.86 -2.28
C GLU I 90 17.74 94.25 -3.56
N PHE I 91 17.66 95.00 -4.66
CA PHE I 91 17.17 94.41 -5.89
C PHE I 91 18.29 94.04 -6.85
N PHE I 92 19.48 94.58 -6.65
CA PHE I 92 20.61 94.23 -7.50
C PHE I 92 21.88 94.31 -6.68
N ASP I 93 22.71 93.30 -6.81
CA ASP I 93 23.99 93.24 -6.12
C ASP I 93 25.04 92.72 -7.07
N ILE I 94 26.25 93.23 -6.96
CA ILE I 94 27.35 92.83 -7.84
C ILE I 94 28.61 92.73 -7.00
N HIS I 95 29.44 91.74 -7.29
CA HIS I 95 30.60 91.42 -6.46
C HIS I 95 31.84 91.38 -7.35
N LEU I 96 32.64 92.43 -7.29
CA LEU I 96 33.87 92.54 -8.05
C LEU I 96 35.03 92.07 -7.18
N PHE I 97 35.55 90.89 -7.46
CA PHE I 97 36.64 90.36 -6.67
C PHE I 97 37.98 90.91 -7.14
N VAL I 98 38.98 90.76 -6.28
CA VAL I 98 40.32 91.26 -6.62
C VAL I 98 40.86 90.53 -7.85
N ASN I 99 40.65 89.23 -7.94
CA ASN I 99 41.15 88.47 -9.07
C ASN I 99 40.14 88.40 -10.21
N GLY I 100 39.65 89.57 -10.60
CA GLY I 100 38.94 89.75 -11.85
C GLY I 100 37.58 89.11 -11.94
N THR I 101 37.22 88.24 -11.02
CA THR I 101 35.94 87.55 -11.09
C THR I 101 34.82 88.48 -10.69
N VAL I 102 33.70 88.39 -11.40
CA VAL I 102 32.52 89.18 -11.11
C VAL I 102 31.34 88.23 -10.98
N THR I 103 30.55 88.39 -9.92
CA THR I 103 29.34 87.62 -9.75
C THR I 103 28.17 88.55 -9.45
N GLN I 104 27.07 88.38 -10.18
CA GLN I 104 25.83 89.07 -9.91
C GLN I 104 24.96 88.13 -9.09
N GLY I 105 24.70 88.50 -7.85
CA GLY I 105 24.22 87.51 -6.89
C GLY I 105 25.30 86.48 -6.67
N ASP I 106 24.93 85.21 -6.72
CA ASP I 106 25.90 84.14 -6.69
C ASP I 106 26.29 83.66 -8.09
N GLN I 107 25.67 84.19 -9.13
CA GLN I 107 25.94 83.77 -10.49
C GLN I 107 27.12 84.53 -11.06
N ARG I 108 28.08 83.80 -11.62
CA ARG I 108 29.26 84.41 -12.20
C ARG I 108 28.93 85.04 -13.56
N VAL I 109 29.53 86.21 -13.82
CA VAL I 109 29.38 86.90 -15.09
C VAL I 109 30.77 87.36 -15.54
N SER I 110 30.88 87.64 -16.83
CA SER I 110 32.16 87.99 -17.44
C SER I 110 32.18 89.47 -17.81
N MET I 111 33.35 90.05 -17.73
CA MET I 111 33.54 91.45 -18.09
C MET I 111 33.79 91.58 -19.58
N PRO I 112 33.41 92.72 -20.19
CA PRO I 112 32.69 93.83 -19.59
C PRO I 112 31.24 93.47 -19.34
N TYR I 113 30.62 94.16 -18.37
CA TYR I 113 29.26 93.86 -17.97
C TYR I 113 28.54 95.18 -17.73
N ALA I 114 27.29 95.24 -18.16
CA ALA I 114 26.48 96.44 -18.01
C ALA I 114 25.07 96.03 -17.65
N SER I 115 24.53 96.61 -16.59
CA SER I 115 23.18 96.28 -16.15
C SER I 115 22.68 97.29 -15.12
N LYS I 116 21.47 97.77 -15.32
CA LYS I 116 20.77 98.57 -14.32
C LYS I 116 21.61 99.75 -13.86
N GLY I 117 22.28 100.39 -14.82
CA GLY I 117 23.04 101.59 -14.55
C GLY I 117 24.46 101.36 -14.08
N LEU I 118 24.88 100.11 -13.89
CA LEU I 118 26.22 99.79 -13.43
C LEU I 118 27.02 99.24 -14.59
N TYR I 119 28.25 99.73 -14.73
CA TYR I 119 29.12 99.38 -15.84
C TYR I 119 30.43 98.85 -15.27
N LEU I 120 30.76 97.61 -15.59
CA LEU I 120 32.03 97.01 -15.19
C LEU I 120 32.93 96.95 -16.42
N GLU I 121 34.10 97.57 -16.31
CA GLU I 121 34.98 97.74 -17.46
C GLU I 121 36.42 97.63 -16.98
N THR I 122 37.30 97.17 -17.87
CA THR I 122 38.72 97.07 -17.55
C THR I 122 39.46 98.34 -18.01
N GLU I 123 39.03 99.47 -17.47
CA GLU I 123 39.62 100.75 -17.86
C GLU I 123 41.05 100.85 -17.37
N ALA I 124 41.97 101.18 -18.30
CA ALA I 124 43.38 101.39 -17.99
C ALA I 124 43.98 100.20 -17.26
N GLY I 125 43.53 99.00 -17.60
CA GLY I 125 44.05 97.79 -17.01
C GLY I 125 43.58 97.51 -15.60
N TYR I 126 42.68 98.33 -15.05
CA TYR I 126 42.17 98.17 -13.71
C TYR I 126 40.66 97.99 -13.76
N TYR I 127 40.14 97.06 -12.97
CA TYR I 127 38.72 96.71 -13.00
C TYR I 127 37.89 97.88 -12.48
N LYS I 128 37.12 98.50 -13.37
CA LYS I 128 36.25 99.61 -13.03
C LYS I 128 34.84 99.11 -12.76
N LEU I 129 34.09 99.87 -11.96
CA LEU I 129 32.69 99.60 -11.70
C LEU I 129 32.02 100.97 -11.59
N SER I 130 31.48 101.45 -12.70
CA SER I 130 30.98 102.81 -12.77
C SER I 130 29.49 102.86 -12.48
N GLY I 131 29.09 103.88 -11.74
CA GLY I 131 27.70 104.06 -11.38
C GLY I 131 27.18 105.46 -11.65
N GLU I 132 27.58 106.03 -12.78
CA GLU I 132 27.32 107.44 -13.08
C GLU I 132 25.93 107.90 -12.65
N ALA I 133 24.90 107.11 -12.96
CA ALA I 133 23.55 107.50 -12.58
C ALA I 133 23.43 107.64 -11.08
N TYR I 134 24.00 106.71 -10.33
CA TYR I 134 23.98 106.76 -8.87
C TYR I 134 25.01 107.72 -8.30
N GLY I 135 25.94 108.19 -9.11
CA GLY I 135 26.87 109.21 -8.67
C GLY I 135 28.11 108.67 -7.99
N PHE I 136 28.64 107.54 -8.48
CA PHE I 136 29.85 106.99 -7.89
C PHE I 136 30.61 106.22 -8.95
N VAL I 137 31.92 106.08 -8.72
CA VAL I 137 32.80 105.28 -9.55
C VAL I 137 33.73 104.50 -8.63
N ALA I 138 33.80 103.19 -8.83
CA ALA I 138 34.66 102.33 -8.04
C ALA I 138 35.72 101.68 -8.93
N ARG I 139 36.81 101.27 -8.32
CA ARG I 139 37.91 100.68 -9.06
C ARG I 139 38.74 99.79 -8.17
N ILE I 140 39.27 98.72 -8.75
CA ILE I 140 40.25 97.86 -8.11
C ILE I 140 41.49 97.84 -9.00
N ASP I 141 42.63 98.20 -8.43
CA ASP I 141 43.86 98.15 -9.20
C ASP I 141 44.41 96.72 -9.25
N GLY I 142 45.49 96.55 -10.00
CA GLY I 142 46.06 95.23 -10.20
C GLY I 142 46.62 94.59 -8.95
N SER I 143 46.91 95.39 -7.93
CA SER I 143 47.47 94.89 -6.68
C SER I 143 46.42 94.70 -5.59
N GLY I 144 45.16 94.98 -5.87
CA GLY I 144 44.10 94.78 -4.91
C GLY I 144 43.67 96.00 -4.13
N ASN I 145 44.18 97.18 -4.45
CA ASN I 145 43.78 98.39 -3.75
C ASN I 145 42.42 98.86 -4.25
N PHE I 146 41.49 99.05 -3.34
CA PHE I 146 40.16 99.54 -3.71
C PHE I 146 40.20 101.05 -3.88
N GLN I 147 39.18 101.56 -4.56
CA GLN I 147 39.05 102.99 -4.79
C GLN I 147 37.57 103.30 -4.96
N VAL I 148 37.12 104.42 -4.40
CA VAL I 148 35.75 104.87 -4.57
C VAL I 148 35.78 106.38 -4.78
N LEU I 149 35.15 106.84 -5.86
CA LEU I 149 34.93 108.25 -6.12
C LEU I 149 33.45 108.54 -6.02
N LEU I 150 33.09 109.49 -5.16
CA LEU I 150 31.69 109.75 -4.83
C LEU I 150 31.37 111.20 -5.18
N SER I 151 30.26 111.41 -5.86
CA SER I 151 29.95 112.72 -6.39
C SER I 151 29.61 113.70 -5.27
N ASP I 152 29.60 114.98 -5.62
CA ASP I 152 29.36 116.04 -4.65
C ASP I 152 27.96 115.97 -4.05
N ARG I 153 27.01 115.33 -4.73
CA ARG I 153 25.65 115.27 -4.22
C ARG I 153 25.57 114.56 -2.89
N TYR I 154 26.57 113.75 -2.53
CA TYR I 154 26.61 113.04 -1.26
C TYR I 154 27.44 113.77 -0.22
N PHE I 155 27.68 115.06 -0.41
CA PHE I 155 28.36 115.85 0.60
C PHE I 155 27.55 115.88 1.88
N ASN I 156 28.16 115.41 2.97
CA ASN I 156 27.56 115.47 4.30
C ASN I 156 26.37 114.54 4.43
N LYS I 157 26.25 113.55 3.54
CA LYS I 157 25.11 112.65 3.52
C LYS I 157 25.51 111.18 3.42
N THR I 158 26.77 110.86 3.63
CA THR I 158 27.24 109.48 3.55
C THR I 158 27.91 109.08 4.86
N CYS I 159 27.96 107.77 5.09
CA CYS I 159 28.65 107.26 6.26
C CYS I 159 29.07 105.82 6.01
N GLY I 160 30.24 105.46 6.52
CA GLY I 160 30.84 104.16 6.30
C GLY I 160 32.32 104.27 6.58
N LEU I 161 33.03 103.17 6.32
CA LEU I 161 34.47 103.16 6.59
C LEU I 161 35.18 104.32 5.91
N CYS I 162 34.71 104.75 4.75
CA CYS I 162 35.22 105.95 4.12
C CYS I 162 34.84 107.21 4.87
N GLY I 163 34.13 107.09 5.98
CA GLY I 163 33.74 108.26 6.74
C GLY I 163 32.67 109.05 6.04
N ASN I 164 32.21 110.10 6.73
CA ASN I 164 31.32 111.05 6.09
C ASN I 164 32.09 111.84 5.05
N PHE I 165 31.40 112.71 4.33
CA PHE I 165 32.04 113.56 3.33
C PHE I 165 31.71 115.01 3.65
N ASN I 166 32.50 115.58 4.55
CA ASN I 166 32.52 117.00 4.84
C ASN I 166 33.94 117.33 5.23
N ILE I 167 34.46 118.45 4.72
CA ILE I 167 35.90 118.71 4.69
C ILE I 167 36.54 118.53 6.05
N PHE I 168 35.79 118.74 7.12
CA PHE I 168 36.29 118.48 8.46
C PHE I 168 36.66 117.01 8.61
N ALA I 169 37.94 116.71 8.78
CA ALA I 169 38.39 115.32 8.81
C ALA I 169 38.30 114.70 10.19
N GLU I 170 38.29 115.52 11.24
CA GLU I 170 38.30 114.99 12.61
C GLU I 170 37.04 114.21 12.94
N ASP I 171 35.96 114.40 12.19
CA ASP I 171 34.68 113.78 12.49
C ASP I 171 34.35 112.61 11.60
N ASP I 172 35.36 111.97 10.99
CA ASP I 172 35.07 110.90 10.05
C ASP I 172 34.77 109.57 10.73
N PHE I 173 35.06 109.43 12.02
CA PHE I 173 34.94 108.14 12.69
C PHE I 173 33.58 107.91 13.31
N MET I 174 32.53 108.54 12.78
CA MET I 174 31.19 108.35 13.32
C MET I 174 30.78 106.88 13.20
N THR I 175 30.32 106.32 14.31
CA THR I 175 29.83 104.95 14.30
C THR I 175 28.40 104.90 13.78
N GLN I 176 27.96 103.70 13.43
CA GLN I 176 26.60 103.53 12.97
C GLN I 176 25.58 103.90 14.03
N GLU I 177 25.97 103.84 15.31
CA GLU I 177 25.11 104.28 16.39
C GLU I 177 24.98 105.80 16.43
N GLY I 178 25.75 106.52 15.62
CA GLY I 178 25.66 107.97 15.59
C GLY I 178 26.58 108.69 16.54
N THR I 179 27.65 108.05 17.01
CA THR I 179 28.56 108.65 17.96
C THR I 179 29.98 108.53 17.43
N LEU I 180 30.79 109.55 17.70
CA LEU I 180 32.20 109.51 17.36
C LEU I 180 32.95 108.55 18.28
N THR I 181 34.10 108.09 17.80
CA THR I 181 34.97 107.24 18.59
C THR I 181 36.41 107.48 18.18
N SER I 182 37.30 107.48 19.18
CA SER I 182 38.71 107.69 18.92
C SER I 182 39.41 106.44 18.41
N ASP I 183 38.74 105.29 18.44
CA ASP I 183 39.36 104.04 18.04
C ASP I 183 38.91 103.69 16.63
N PRO I 184 39.83 103.54 15.68
CA PRO I 184 39.42 103.14 14.33
C PRO I 184 38.65 101.82 14.31
N TYR I 185 39.03 100.87 15.18
CA TYR I 185 38.36 99.57 15.15
C TYR I 185 36.93 99.64 15.65
N ASP I 186 36.65 100.46 16.66
CA ASP I 186 35.26 100.66 17.07
C ASP I 186 34.42 101.14 15.90
N PHE I 187 34.90 102.16 15.20
CA PHE I 187 34.23 102.70 14.02
C PHE I 187 34.01 101.62 12.95
N ALA I 188 35.08 100.93 12.58
CA ALA I 188 34.99 99.96 11.51
C ALA I 188 34.05 98.82 11.88
N ASN I 189 34.21 98.25 13.07
CA ASN I 189 33.32 97.18 13.49
C ASN I 189 31.88 97.66 13.61
N SER I 190 31.68 98.93 13.95
CA SER I 190 30.35 99.48 13.93
C SER I 190 29.75 99.45 12.54
N TRP I 191 30.59 99.54 11.51
CA TRP I 191 30.11 99.49 10.13
C TRP I 191 30.26 98.11 9.50
N ALA I 192 30.18 97.05 10.28
CA ALA I 192 30.18 95.71 9.71
C ALA I 192 28.77 95.32 9.25
N LEU I 193 28.71 94.43 8.27
CA LEU I 193 27.44 93.95 7.73
C LEU I 193 27.52 92.43 7.59
N SER I 194 26.60 91.73 8.23
CA SER I 194 26.56 90.28 8.19
C SER I 194 25.55 89.80 7.16
N SER I 195 25.62 88.51 6.85
CA SER I 195 24.74 87.89 5.87
C SER I 195 24.32 86.52 6.38
N GLY I 196 23.58 85.82 5.56
CA GLY I 196 23.07 84.51 5.93
C GLY I 196 24.06 83.39 5.85
N GLU I 197 25.27 83.67 5.39
CA GLU I 197 26.33 82.68 5.40
C GLU I 197 27.62 83.24 5.99
N GLN I 198 27.58 84.43 6.58
CA GLN I 198 28.77 85.03 7.17
C GLN I 198 28.32 86.03 8.22
N TRP I 199 28.50 85.69 9.49
CA TRP I 199 28.16 86.58 10.59
C TRP I 199 29.45 87.14 11.19
N CYS I 200 29.49 88.45 11.36
CA CYS I 200 30.75 89.16 11.56
C CYS I 200 31.26 89.00 12.99
N GLU I 201 32.52 88.64 13.12
CA GLU I 201 33.20 88.66 14.41
C GLU I 201 33.79 90.04 14.67
N ARG I 202 33.94 90.36 15.95
CA ARG I 202 34.56 91.61 16.38
C ARG I 202 36.04 91.60 16.00
N ALA I 203 36.41 92.45 15.05
CA ALA I 203 37.81 92.54 14.65
C ALA I 203 38.59 93.36 15.66
N SER I 204 39.87 93.02 15.82
CA SER I 204 40.74 93.67 16.77
C SER I 204 42.12 93.82 16.15
N PRO I 205 42.92 94.77 16.63
CA PRO I 205 44.25 94.98 16.05
C PRO I 205 45.10 93.73 16.16
N PRO I 206 45.91 93.44 15.16
CA PRO I 206 46.78 92.27 15.21
C PRO I 206 48.06 92.55 15.99
N SER I 207 48.74 91.46 16.35
CA SER I 207 50.05 91.57 16.96
C SER I 207 51.09 91.99 15.93
N SER I 208 52.12 92.70 16.39
CA SER I 208 53.08 93.29 15.47
C SER I 208 54.43 93.48 16.16
N SER I 209 55.45 93.67 15.34
CA SER I 209 56.79 94.02 15.79
C SER I 209 57.21 95.33 15.12
N CYS I 210 57.82 96.21 15.90
CA CYS I 210 58.19 97.54 15.39
C CYS I 210 59.33 98.15 16.22
N MET I 217 61.07 98.09 12.39
CA MET I 217 61.78 99.31 12.03
C MET I 217 63.19 99.01 11.55
N GLN I 218 63.56 99.60 10.41
CA GLN I 218 64.91 99.43 9.86
C GLN I 218 65.26 100.68 9.08
N LYS I 219 66.45 101.23 9.34
CA LYS I 219 66.82 102.54 8.81
C LYS I 219 66.85 102.54 7.28
N GLY I 220 67.47 101.51 6.69
CA GLY I 220 67.56 101.45 5.24
C GLY I 220 66.20 101.45 4.57
N LEU I 221 65.24 100.74 5.17
CA LEU I 221 63.87 100.78 4.66
C LEU I 221 63.22 102.11 4.95
N TRP I 222 63.54 102.71 6.09
CA TRP I 222 62.95 103.99 6.49
C TRP I 222 63.30 105.11 5.53
N GLU I 223 64.47 105.04 4.91
CA GLU I 223 64.81 105.99 3.86
C GLU I 223 63.75 106.02 2.76
N GLN I 224 63.25 104.84 2.39
CA GLN I 224 62.25 104.76 1.32
C GLN I 224 61.00 105.54 1.69
N CYS I 225 60.55 105.43 2.94
CA CYS I 225 59.42 106.25 3.38
C CYS I 225 59.78 107.73 3.37
N GLN I 226 61.01 108.06 3.74
CA GLN I 226 61.42 109.46 3.69
C GLN I 226 61.46 110.02 2.28
N LEU I 227 61.41 109.16 1.27
CA LEU I 227 61.31 109.67 -0.11
C LEU I 227 60.16 110.66 -0.27
N LEU I 228 59.06 110.44 0.46
CA LEU I 228 57.91 111.33 0.34
C LEU I 228 58.26 112.77 0.66
N LYS I 229 59.26 112.99 1.52
CA LYS I 229 59.61 114.32 1.96
C LYS I 229 60.81 114.90 1.25
N SER I 230 61.75 114.07 0.82
CA SER I 230 63.03 114.55 0.31
C SER I 230 63.06 114.71 -1.20
N THR I 231 62.26 113.93 -1.93
CA THR I 231 62.36 113.90 -3.38
C THR I 231 61.63 115.09 -3.99
N SER I 232 62.20 115.63 -5.07
CA SER I 232 61.64 116.82 -5.69
C SER I 232 60.27 116.58 -6.29
N VAL I 233 60.06 115.42 -6.92
CA VAL I 233 58.78 115.18 -7.60
C VAL I 233 57.64 115.17 -6.60
N PHE I 234 57.84 114.51 -5.44
CA PHE I 234 56.82 114.53 -4.40
C PHE I 234 56.67 115.89 -3.78
N ALA I 235 57.76 116.66 -3.72
CA ALA I 235 57.73 117.98 -3.12
C ALA I 235 56.78 118.91 -3.86
N ARG I 236 56.42 118.59 -5.10
CA ARG I 236 55.45 119.42 -5.81
C ARG I 236 54.12 119.45 -5.08
N CYS I 237 53.77 118.37 -4.39
CA CYS I 237 52.44 118.19 -3.85
C CYS I 237 52.27 118.73 -2.44
N HIS I 238 53.36 119.12 -1.78
CA HIS I 238 53.26 119.55 -0.39
C HIS I 238 52.26 120.67 -0.18
N PRO I 239 52.16 121.69 -1.05
CA PRO I 239 51.12 122.71 -0.84
C PRO I 239 49.71 122.16 -0.86
N LEU I 240 49.48 121.02 -1.51
CA LEU I 240 48.15 120.43 -1.60
C LEU I 240 47.91 119.32 -0.59
N VAL I 241 48.88 118.43 -0.39
CA VAL I 241 48.71 117.27 0.48
C VAL I 241 49.89 117.19 1.42
N ASP I 242 49.63 117.21 2.71
CA ASP I 242 50.68 117.08 3.71
C ASP I 242 51.21 115.66 3.69
N PRO I 243 52.52 115.45 3.53
CA PRO I 243 53.05 114.09 3.45
C PRO I 243 53.20 113.39 4.79
N GLU I 244 53.13 114.11 5.91
CA GLU I 244 53.45 113.52 7.20
C GLU I 244 52.57 112.33 7.55
N PRO I 245 51.24 112.38 7.41
CA PRO I 245 50.45 111.17 7.69
C PRO I 245 50.88 109.98 6.88
N PHE I 246 51.19 110.21 5.61
CA PHE I 246 51.63 109.11 4.75
C PHE I 246 52.98 108.59 5.19
N VAL I 247 53.85 109.47 5.68
CA VAL I 247 55.15 109.03 6.17
C VAL I 247 54.99 108.15 7.40
N ALA I 248 54.11 108.54 8.32
CA ALA I 248 53.88 107.72 9.51
C ALA I 248 53.30 106.37 9.14
N LEU I 249 52.32 106.36 8.23
CA LEU I 249 51.75 105.11 7.76
C LEU I 249 52.81 104.24 7.11
N CYS I 250 53.70 104.85 6.32
CA CYS I 250 54.78 104.11 5.68
C CYS I 250 55.72 103.51 6.71
N GLU I 251 56.05 104.26 7.75
CA GLU I 251 56.92 103.73 8.80
C GLU I 251 56.30 102.51 9.46
N LYS I 252 55.01 102.60 9.81
CA LYS I 252 54.42 101.46 10.52
C LYS I 252 54.19 100.27 9.58
N THR I 253 53.97 100.51 8.29
CA THR I 253 53.90 99.35 7.39
C THR I 253 55.28 98.73 7.17
N LEU I 254 56.35 99.53 7.21
CA LEU I 254 57.69 98.94 7.23
C LEU I 254 57.89 98.08 8.46
N CYS I 255 57.42 98.55 9.62
CA CYS I 255 57.41 97.67 10.79
C CYS I 255 56.64 96.39 10.52
N GLU I 256 55.53 96.49 9.80
CA GLU I 256 54.78 95.31 9.40
C GLU I 256 55.40 94.58 8.23
N CYS I 257 56.38 95.19 7.55
CA CYS I 257 56.94 94.64 6.32
C CYS I 257 57.47 93.22 6.53
N ALA I 258 57.42 92.44 5.45
CA ALA I 258 58.01 91.11 5.39
C ALA I 258 58.81 90.94 4.10
N GLY I 259 59.42 92.01 3.62
CA GLY I 259 60.15 92.00 2.36
C GLY I 259 61.19 93.09 2.29
N GLY I 260 61.38 93.66 1.11
CA GLY I 260 62.39 94.67 0.87
C GLY I 260 61.81 96.06 0.79
N LEU I 261 62.44 96.91 -0.02
CA LEU I 261 62.02 98.31 -0.14
C LEU I 261 60.60 98.45 -0.68
N GLU I 262 60.08 97.42 -1.36
CA GLU I 262 58.75 97.52 -1.95
C GLU I 262 57.67 97.73 -0.91
N CYS I 263 57.94 97.42 0.36
CA CYS I 263 56.93 97.60 1.40
C CYS I 263 56.51 99.05 1.56
N ALA I 264 57.36 99.99 1.18
CA ALA I 264 57.00 101.40 1.25
C ALA I 264 56.13 101.84 0.09
N CYS I 265 56.02 101.03 -0.95
CA CYS I 265 55.33 101.44 -2.16
C CYS I 265 53.85 101.80 -1.96
N PRO I 266 53.06 101.05 -1.18
CA PRO I 266 51.65 101.44 -1.05
C PRO I 266 51.45 102.87 -0.59
N ALA I 267 52.26 103.34 0.36
CA ALA I 267 52.12 104.72 0.83
C ALA I 267 52.44 105.71 -0.26
N LEU I 268 53.53 105.48 -1.01
CA LEU I 268 53.90 106.37 -2.09
C LEU I 268 52.83 106.41 -3.17
N LEU I 269 52.30 105.24 -3.53
CA LEU I 269 51.27 105.16 -4.55
C LEU I 269 50.01 105.90 -4.12
N GLU I 270 49.59 105.70 -2.86
CA GLU I 270 48.40 106.38 -2.37
C GLU I 270 48.63 107.88 -2.30
N TYR I 271 49.83 108.31 -1.91
CA TYR I 271 50.12 109.74 -1.88
C TYR I 271 50.05 110.34 -3.27
N ALA I 272 50.62 109.64 -4.26
CA ALA I 272 50.56 110.12 -5.63
C ALA I 272 49.13 110.21 -6.12
N ARG I 273 48.31 109.21 -5.77
CA ARG I 273 46.92 109.22 -6.20
C ARG I 273 46.12 110.32 -5.52
N THR I 274 46.39 110.57 -4.24
CA THR I 274 45.76 111.69 -3.55
C THR I 274 46.13 113.01 -4.21
N CYS I 275 47.40 113.17 -4.57
CA CYS I 275 47.84 114.38 -5.24
C CYS I 275 47.14 114.54 -6.59
N ALA I 276 47.04 113.44 -7.34
CA ALA I 276 46.33 113.48 -8.61
C ALA I 276 44.89 113.88 -8.42
N GLN I 277 44.25 113.39 -7.35
CA GLN I 277 42.89 113.82 -7.05
C GLN I 277 42.84 115.31 -6.77
N GLU I 278 43.82 115.83 -6.03
CA GLU I 278 43.82 117.25 -5.72
C GLU I 278 44.16 118.11 -6.93
N GLY I 279 44.87 117.57 -7.91
CA GLY I 279 45.12 118.29 -9.15
C GLY I 279 46.51 118.11 -9.73
N MET I 280 47.50 117.80 -8.90
CA MET I 280 48.88 117.67 -9.35
C MET I 280 49.18 116.20 -9.63
N VAL I 281 49.38 115.87 -10.89
CA VAL I 281 49.85 114.54 -11.26
C VAL I 281 51.37 114.53 -11.17
N LEU I 282 51.91 113.55 -10.45
CA LEU I 282 53.34 113.52 -10.14
C LEU I 282 54.07 112.64 -11.16
N TYR I 283 54.05 113.08 -12.42
CA TYR I 283 54.43 112.25 -13.56
C TYR I 283 55.65 111.36 -13.33
N GLY I 284 56.63 111.86 -12.57
CA GLY I 284 57.89 111.18 -12.43
C GLY I 284 58.09 110.36 -11.17
N TRP I 285 57.06 110.12 -10.36
CA TRP I 285 57.33 109.47 -9.08
C TRP I 285 57.74 108.01 -9.26
N THR I 286 57.30 107.37 -10.33
CA THR I 286 57.64 105.96 -10.53
C THR I 286 59.10 105.78 -10.91
N ASP I 287 59.74 106.80 -11.50
CA ASP I 287 61.13 106.67 -11.90
C ASP I 287 62.09 106.92 -10.74
N HIS I 288 61.82 107.96 -9.94
CA HIS I 288 62.70 108.28 -8.82
C HIS I 288 62.70 107.17 -7.78
N SER I 289 61.53 106.63 -7.46
CA SER I 289 61.42 105.57 -6.47
C SER I 289 61.73 104.22 -7.09
N ALA I 290 61.85 103.21 -6.23
CA ALA I 290 62.08 101.84 -6.66
C ALA I 290 60.79 101.10 -6.94
N CYS I 291 59.64 101.76 -6.84
CA CYS I 291 58.35 101.09 -6.96
C CYS I 291 57.94 100.93 -8.42
N SER I 292 57.07 99.95 -8.64
CA SER I 292 56.52 99.67 -9.97
C SER I 292 55.14 99.07 -9.78
N PRO I 293 54.09 99.88 -9.88
CA PRO I 293 52.73 99.34 -9.68
C PRO I 293 52.44 98.21 -10.65
N VAL I 294 51.73 97.20 -10.16
CA VAL I 294 51.49 96.00 -10.95
C VAL I 294 50.58 96.33 -12.12
N CYS I 295 50.91 95.78 -13.28
CA CYS I 295 50.10 95.89 -14.48
C CYS I 295 50.04 94.53 -15.16
N PRO I 296 49.00 94.29 -15.95
CA PRO I 296 48.91 93.01 -16.64
C PRO I 296 50.00 92.87 -17.69
N ALA I 297 50.22 91.63 -18.11
CA ALA I 297 51.36 91.30 -18.96
C ALA I 297 51.41 92.20 -20.18
N GLY I 298 52.58 92.80 -20.41
CA GLY I 298 52.83 93.59 -21.59
C GLY I 298 52.47 95.05 -21.48
N MET I 299 51.70 95.46 -20.48
CA MET I 299 51.28 96.84 -20.33
C MET I 299 52.20 97.57 -19.35
N GLU I 300 52.48 98.84 -19.66
CA GLU I 300 53.28 99.69 -18.81
C GLU I 300 52.38 100.49 -17.88
N TYR I 301 52.87 100.73 -16.66
CA TYR I 301 52.19 101.66 -15.77
C TYR I 301 52.55 103.09 -16.16
N ARG I 302 51.53 103.96 -16.18
CA ARG I 302 51.78 105.34 -16.51
C ARG I 302 50.76 106.22 -15.81
N GLN I 303 51.19 107.41 -15.44
CA GLN I 303 50.29 108.40 -14.88
C GLN I 303 49.52 109.09 -16.00
N CYS I 304 48.28 109.47 -15.70
CA CYS I 304 47.47 110.26 -16.62
C CYS I 304 47.21 109.53 -17.94
N VAL I 305 46.82 108.27 -17.83
CA VAL I 305 46.34 107.52 -18.99
C VAL I 305 44.94 108.00 -19.32
N SER I 306 44.70 108.31 -20.59
CA SER I 306 43.38 108.75 -20.99
C SER I 306 42.41 107.56 -20.91
N PRO I 307 41.23 107.75 -20.30
CA PRO I 307 40.29 106.62 -20.20
C PRO I 307 39.87 106.06 -21.54
N CYS I 308 39.84 106.89 -22.59
CA CYS I 308 39.49 106.45 -23.93
C CYS I 308 40.66 105.83 -24.67
N ALA I 309 41.31 104.83 -24.07
CA ALA I 309 42.44 104.19 -24.72
C ALA I 309 42.01 103.48 -25.99
N ARG I 310 42.89 103.48 -26.98
CA ARG I 310 42.55 103.05 -28.34
C ARG I 310 42.66 101.54 -28.48
N THR I 311 41.52 100.87 -28.49
CA THR I 311 41.39 99.55 -29.05
C THR I 311 41.27 99.65 -30.57
N CYS I 312 41.74 98.63 -31.28
CA CYS I 312 41.62 98.63 -32.73
C CYS I 312 40.17 98.78 -33.16
N GLN I 313 39.31 97.85 -32.76
CA GLN I 313 37.91 97.90 -33.17
C GLN I 313 37.17 98.97 -32.38
N SER I 314 37.59 100.21 -32.62
CA SER I 314 37.00 101.37 -31.96
C SER I 314 36.86 102.50 -32.95
N LEU I 315 35.74 103.20 -32.89
CA LEU I 315 35.52 104.34 -33.76
C LEU I 315 36.44 105.49 -33.35
N HIS I 316 36.95 106.21 -34.33
CA HIS I 316 37.88 107.30 -34.08
C HIS I 316 37.16 108.57 -33.65
N ILE I 317 36.31 108.47 -32.63
CA ILE I 317 35.55 109.60 -32.13
C ILE I 317 36.32 110.18 -30.94
N ASN I 318 37.20 111.12 -31.22
CA ASN I 318 37.99 111.75 -30.17
C ASN I 318 37.28 112.93 -29.51
N GLU I 319 36.28 113.50 -30.18
CA GLU I 319 35.56 114.65 -29.63
C GLU I 319 34.72 114.26 -28.42
N MET I 320 34.35 112.99 -28.30
CA MET I 320 33.53 112.55 -27.17
C MET I 320 34.33 112.54 -25.88
N CYS I 321 35.64 112.34 -25.96
CA CYS I 321 36.47 112.09 -24.78
C CYS I 321 36.86 113.42 -24.13
N GLN I 322 35.89 114.01 -23.44
CA GLN I 322 36.12 115.22 -22.66
C GLN I 322 36.54 114.93 -21.22
N GLU I 323 36.64 113.66 -20.85
CA GLU I 323 36.93 113.30 -19.46
C GLU I 323 38.39 113.58 -19.14
N ARG I 324 38.67 113.68 -17.83
CA ARG I 324 40.04 113.82 -17.37
C ARG I 324 40.76 112.48 -17.44
N CYS I 325 42.08 112.54 -17.38
CA CYS I 325 42.89 111.34 -17.42
C CYS I 325 42.98 110.70 -16.04
N VAL I 326 43.41 109.44 -16.03
CA VAL I 326 43.58 108.69 -14.80
C VAL I 326 44.91 107.96 -14.84
N ASP I 327 45.40 107.60 -13.66
CA ASP I 327 46.54 106.71 -13.60
C ASP I 327 46.12 105.28 -13.90
N GLY I 328 47.03 104.51 -14.46
CA GLY I 328 46.73 103.13 -14.79
C GLY I 328 47.75 102.58 -15.77
N CYS I 329 47.39 101.43 -16.33
CA CYS I 329 48.26 100.71 -17.24
C CYS I 329 47.91 101.08 -18.68
N SER I 330 48.93 100.98 -19.54
CA SER I 330 48.75 101.29 -20.95
C SER I 330 49.65 100.38 -21.76
N CYS I 331 49.22 100.09 -22.99
CA CYS I 331 50.09 99.36 -23.90
C CYS I 331 51.25 100.26 -24.32
N PRO I 332 52.40 99.67 -24.60
CA PRO I 332 53.55 100.48 -25.04
C PRO I 332 53.19 101.30 -26.28
N GLU I 333 53.91 102.41 -26.44
CA GLU I 333 53.62 103.33 -27.52
C GLU I 333 53.65 102.63 -28.87
N GLY I 334 52.66 102.93 -29.70
CA GLY I 334 52.52 102.33 -31.00
C GLY I 334 51.69 101.06 -31.03
N GLN I 335 51.45 100.44 -29.88
CA GLN I 335 50.62 99.25 -29.81
C GLN I 335 49.19 99.61 -29.44
N LEU I 336 48.28 98.68 -29.70
CA LEU I 336 46.86 98.87 -29.46
C LEU I 336 46.30 97.67 -28.71
N LEU I 337 45.19 97.90 -28.02
CA LEU I 337 44.52 96.83 -27.29
C LEU I 337 43.68 95.97 -28.23
N ASP I 338 43.60 94.69 -27.91
CA ASP I 338 42.76 93.77 -28.66
C ASP I 338 42.37 92.63 -27.72
N GLU I 339 41.13 92.67 -27.23
CA GLU I 339 40.65 91.70 -26.23
C GLU I 339 41.55 91.69 -25.01
N GLY I 340 42.00 92.88 -24.60
CA GLY I 340 42.83 93.03 -23.43
C GLY I 340 44.32 92.86 -23.68
N LEU I 341 44.70 92.23 -24.77
CA LEU I 341 46.11 92.08 -25.11
C LEU I 341 46.58 93.24 -25.97
N CYS I 342 47.88 93.51 -25.92
CA CYS I 342 48.47 94.59 -26.71
C CYS I 342 49.00 94.03 -28.01
N VAL I 343 48.64 94.67 -29.12
CA VAL I 343 49.03 94.23 -30.45
C VAL I 343 49.53 95.44 -31.23
N GLU I 344 50.32 95.16 -32.26
CA GLU I 344 50.77 96.21 -33.15
C GLU I 344 49.59 96.76 -33.95
N SER I 345 49.69 98.03 -34.34
CA SER I 345 48.59 98.66 -35.06
C SER I 345 48.28 97.93 -36.35
N THR I 346 49.28 97.36 -37.02
CA THR I 346 49.06 96.63 -38.25
C THR I 346 48.74 95.16 -38.02
N GLU I 347 49.01 94.64 -36.83
CA GLU I 347 48.82 93.22 -36.53
C GLU I 347 47.38 92.88 -36.20
N CYS I 348 46.57 93.84 -35.95
CA CYS I 348 45.36 93.55 -35.20
C CYS I 348 44.15 93.34 -36.11
N PRO I 349 43.24 92.47 -35.69
CA PRO I 349 42.33 91.81 -36.62
C PRO I 349 41.03 92.58 -36.87
N CYS I 350 40.25 92.05 -37.81
CA CYS I 350 38.88 92.45 -38.06
C CYS I 350 37.93 91.58 -37.26
N VAL I 351 36.72 92.08 -37.06
CA VAL I 351 35.68 91.37 -36.34
C VAL I 351 34.47 91.20 -37.25
N HIS I 352 33.91 90.00 -37.27
CA HIS I 352 32.67 89.74 -37.98
C HIS I 352 31.95 88.58 -37.32
N SER I 353 30.62 88.71 -37.20
CA SER I 353 29.79 87.67 -36.61
C SER I 353 30.26 87.30 -35.20
N GLY I 354 30.85 88.26 -34.50
CA GLY I 354 31.39 88.00 -33.18
C GLY I 354 32.72 87.28 -33.18
N LYS I 355 33.30 87.00 -34.34
CA LYS I 355 34.57 86.33 -34.46
C LYS I 355 35.63 87.31 -34.95
N ARG I 356 36.87 87.07 -34.55
CA ARG I 356 38.00 87.87 -35.00
C ARG I 356 38.81 87.10 -36.03
N TYR I 357 39.19 87.76 -37.12
CA TYR I 357 39.96 87.15 -38.18
C TYR I 357 41.23 87.95 -38.42
N PRO I 358 42.37 87.30 -38.60
CA PRO I 358 43.61 88.02 -38.85
C PRO I 358 43.54 88.80 -40.15
N PRO I 359 44.42 89.78 -40.34
CA PRO I 359 44.44 90.52 -41.60
C PRO I 359 44.76 89.60 -42.77
N GLY I 360 44.20 89.94 -43.92
CA GLY I 360 44.40 89.16 -45.12
C GLY I 360 43.43 88.01 -45.30
N THR I 361 42.66 87.67 -44.27
CA THR I 361 41.69 86.60 -44.41
C THR I 361 40.55 87.03 -45.31
N SER I 362 39.96 86.05 -45.99
CA SER I 362 38.87 86.29 -46.91
C SER I 362 37.64 85.53 -46.47
N LEU I 363 36.49 86.20 -46.51
CA LEU I 363 35.21 85.60 -46.18
C LEU I 363 34.27 85.76 -47.37
N SER I 364 33.50 84.73 -47.64
CA SER I 364 32.57 84.72 -48.75
C SER I 364 31.16 85.07 -48.26
N ARG I 365 30.43 85.77 -49.12
CA ARG I 365 29.02 86.09 -48.89
C ARG I 365 28.32 85.81 -50.23
N ASP I 366 27.87 84.57 -50.42
CA ASP I 366 27.48 84.08 -51.73
C ASP I 366 28.62 84.26 -52.72
N CYS I 367 28.35 84.97 -53.81
CA CYS I 367 29.34 85.14 -54.86
C CYS I 367 30.37 86.22 -54.54
N ASN I 368 30.17 86.99 -53.48
CA ASN I 368 31.09 88.05 -53.09
C ASN I 368 32.11 87.53 -52.09
N THR I 369 33.22 88.24 -51.99
CA THR I 369 34.23 87.97 -50.98
C THR I 369 34.60 89.27 -50.28
N CYS I 370 34.96 89.15 -49.00
CA CYS I 370 35.34 90.29 -48.19
C CYS I 370 36.71 90.03 -47.58
N ILE I 371 37.64 90.97 -47.75
CA ILE I 371 39.02 90.83 -47.33
C ILE I 371 39.26 91.73 -46.11
N CYS I 372 39.84 91.16 -45.06
CA CYS I 372 40.18 91.93 -43.87
C CYS I 372 41.46 92.70 -44.11
N ARG I 373 41.36 94.02 -44.11
CA ARG I 373 42.52 94.90 -44.24
C ARG I 373 42.38 96.02 -43.23
N ASN I 374 43.45 96.30 -42.50
CA ASN I 374 43.38 97.16 -41.31
C ASN I 374 42.33 96.53 -40.39
N SER I 375 41.41 97.30 -39.85
CA SER I 375 40.30 96.72 -39.10
C SER I 375 39.06 96.53 -39.97
N GLN I 376 39.10 96.94 -41.22
CA GLN I 376 37.94 96.95 -42.09
C GLN I 376 37.92 95.73 -42.99
N TRP I 377 36.77 95.53 -43.64
CA TRP I 377 36.57 94.49 -44.63
C TRP I 377 36.41 95.15 -45.99
N ILE I 378 37.13 94.63 -46.98
CA ILE I 378 37.01 95.10 -48.35
C ILE I 378 36.16 94.07 -49.08
N CYS I 379 34.95 94.45 -49.46
CA CYS I 379 33.95 93.50 -49.96
C CYS I 379 33.74 93.69 -51.46
N SER I 380 33.20 92.64 -52.08
CA SER I 380 33.28 92.49 -53.53
C SER I 380 32.22 93.25 -54.30
N ASN I 381 31.16 93.73 -53.66
CA ASN I 381 30.19 94.63 -54.31
C ASN I 381 29.76 94.18 -55.70
N GLU I 382 29.29 92.94 -55.80
CA GLU I 382 28.81 92.44 -57.08
C GLU I 382 27.49 91.71 -56.87
N GLU I 383 26.68 91.64 -57.92
CA GLU I 383 25.39 90.98 -57.86
C GLU I 383 25.56 89.47 -57.90
N CYS I 384 24.86 88.78 -57.03
CA CYS I 384 24.84 87.33 -56.97
C CYS I 384 23.52 86.79 -57.49
N PRO I 385 23.43 85.48 -57.77
CA PRO I 385 22.18 84.93 -58.31
C PRO I 385 21.01 85.17 -57.36
N GLY I 386 19.86 85.48 -57.96
CA GLY I 386 18.65 85.71 -57.19
C GLY I 386 17.82 84.45 -57.06
N GLU I 387 17.33 84.20 -55.85
CA GLU I 387 16.53 83.02 -55.54
C GLU I 387 15.18 83.45 -55.01
N CYS I 388 14.14 83.31 -55.82
CA CYS I 388 12.78 83.48 -55.35
C CYS I 388 12.24 82.16 -54.86
N LEU I 389 11.41 82.20 -53.84
CA LEU I 389 10.99 80.98 -53.15
C LEU I 389 9.53 81.05 -52.78
N VAL I 390 8.81 79.96 -53.05
CA VAL I 390 7.48 79.72 -52.51
C VAL I 390 7.55 78.40 -51.78
N THR I 391 7.29 78.42 -50.47
CA THR I 391 7.73 77.27 -49.67
C THR I 391 6.71 76.80 -48.66
N GLY I 392 5.43 77.00 -48.90
CA GLY I 392 4.48 76.49 -47.93
C GLY I 392 3.08 77.02 -48.14
N GLN I 393 2.44 77.44 -47.06
CA GLN I 393 1.10 78.01 -47.16
C GLN I 393 1.19 79.45 -47.66
N SER I 394 1.71 79.57 -48.89
CA SER I 394 1.81 80.85 -49.59
C SER I 394 2.84 81.77 -48.96
N HIS I 395 3.90 81.21 -48.39
CA HIS I 395 5.04 82.02 -47.98
C HIS I 395 5.97 82.26 -49.16
N PHE I 396 6.43 83.49 -49.29
CA PHE I 396 7.21 83.92 -50.43
C PHE I 396 8.52 84.54 -49.97
N LYS I 397 9.51 84.46 -50.85
CA LYS I 397 10.70 85.29 -50.74
C LYS I 397 10.99 85.87 -52.10
N SER I 398 11.03 87.19 -52.18
CA SER I 398 11.34 87.84 -53.43
C SER I 398 12.81 87.62 -53.77
N PHE I 399 13.17 87.96 -55.00
CA PHE I 399 14.57 87.85 -55.40
C PHE I 399 15.48 88.74 -54.55
N ASP I 400 14.92 89.78 -53.93
CA ASP I 400 15.65 90.68 -53.06
C ASP I 400 15.45 90.37 -51.58
N ASN I 401 15.01 89.16 -51.27
CA ASN I 401 14.90 88.67 -49.90
C ASN I 401 13.81 89.38 -49.11
N ARG I 402 12.74 89.81 -49.77
CA ARG I 402 11.56 90.31 -49.06
C ARG I 402 10.63 89.15 -48.78
N TYR I 403 10.56 88.74 -47.53
CA TYR I 403 9.65 87.68 -47.13
C TYR I 403 8.25 88.23 -46.96
N PHE I 404 7.26 87.46 -47.40
CA PHE I 404 5.87 87.85 -47.21
C PHE I 404 5.00 86.63 -47.42
N THR I 405 3.77 86.73 -46.93
CA THR I 405 2.76 85.70 -47.11
C THR I 405 1.53 86.35 -47.73
N PHE I 406 0.93 85.68 -48.71
CA PHE I 406 -0.13 86.33 -49.46
C PHE I 406 -1.44 85.56 -49.46
N SER I 407 -1.41 84.23 -49.60
CA SER I 407 -2.59 83.37 -49.44
C SER I 407 -3.71 83.67 -50.41
N GLY I 408 -3.40 84.20 -51.60
CA GLY I 408 -4.44 84.41 -52.59
C GLY I 408 -4.74 83.13 -53.36
N ILE I 409 -5.96 83.01 -53.85
CA ILE I 409 -6.39 81.84 -54.59
C ILE I 409 -6.67 82.23 -56.04
N CYS I 410 -5.65 82.13 -56.88
CA CYS I 410 -5.76 82.37 -58.32
C CYS I 410 -4.46 81.91 -58.97
N GLN I 411 -4.35 82.14 -60.27
CA GLN I 411 -3.09 82.00 -60.97
C GLN I 411 -2.38 83.36 -60.97
N TYR I 412 -1.19 83.41 -60.38
CA TYR I 412 -0.47 84.65 -60.17
C TYR I 412 0.86 84.60 -60.91
N LEU I 413 1.26 85.73 -61.47
CA LEU I 413 2.52 85.82 -62.20
C LEU I 413 3.65 85.86 -61.19
N LEU I 414 4.32 84.72 -61.02
CA LEU I 414 5.35 84.62 -60.00
C LEU I 414 6.62 85.38 -60.41
N ALA I 415 7.11 85.13 -61.62
CA ALA I 415 8.31 85.81 -62.10
C ALA I 415 8.30 85.81 -63.62
N ARG I 416 8.62 86.96 -64.21
CA ARG I 416 8.64 87.08 -65.65
C ARG I 416 9.73 88.07 -66.02
N ASP I 417 10.30 87.89 -67.20
CA ASP I 417 11.26 88.85 -67.76
C ASP I 417 10.48 89.85 -68.58
N CYS I 418 9.98 90.90 -67.92
CA CYS I 418 9.19 91.90 -68.61
C CYS I 418 10.01 92.72 -69.61
N GLN I 419 11.33 92.60 -69.59
CA GLN I 419 12.16 93.37 -70.51
C GLN I 419 12.35 92.67 -71.85
N ASP I 420 12.72 91.39 -71.84
CA ASP I 420 12.96 90.64 -73.06
C ASP I 420 12.04 89.44 -73.24
N HIS I 421 11.18 89.14 -72.27
CA HIS I 421 10.24 88.02 -72.34
C HIS I 421 10.96 86.69 -72.59
N SER I 422 12.13 86.53 -71.97
CA SER I 422 12.87 85.29 -72.07
C SER I 422 12.10 84.12 -71.47
N PHE I 423 11.30 84.37 -70.44
CA PHE I 423 10.56 83.33 -69.73
C PHE I 423 9.39 83.96 -69.00
N SER I 424 8.51 83.12 -68.48
CA SER I 424 7.34 83.59 -67.74
C SER I 424 6.85 82.45 -66.87
N ILE I 425 6.88 82.64 -65.55
CA ILE I 425 6.51 81.61 -64.58
C ILE I 425 5.22 82.00 -63.88
N VAL I 426 4.25 81.09 -63.86
CA VAL I 426 2.95 81.32 -63.25
C VAL I 426 2.67 80.20 -62.26
N ILE I 427 2.09 80.53 -61.11
CA ILE I 427 1.76 79.56 -60.09
C ILE I 427 0.26 79.51 -59.89
N GLU I 428 -0.28 78.31 -59.72
CA GLU I 428 -1.70 78.12 -59.44
C GLU I 428 -1.86 77.79 -57.97
N THR I 429 -2.53 78.65 -57.24
CA THR I 429 -2.72 78.50 -55.81
C THR I 429 -4.13 78.02 -55.49
N VAL I 430 -4.23 77.08 -54.56
CA VAL I 430 -5.51 76.57 -54.11
C VAL I 430 -5.48 76.54 -52.59
N GLN I 431 -6.67 76.56 -51.98
CA GLN I 431 -6.76 76.28 -50.56
C GLN I 431 -6.31 74.86 -50.31
N CYS I 432 -5.40 74.68 -49.38
CA CYS I 432 -4.76 73.39 -49.18
C CYS I 432 -5.18 72.71 -47.89
N ALA I 433 -6.24 73.18 -47.26
CA ALA I 433 -6.82 72.56 -46.07
C ALA I 433 -8.16 73.21 -45.81
N ASP I 434 -8.79 72.82 -44.70
CA ASP I 434 -10.09 73.40 -44.36
C ASP I 434 -9.97 74.87 -43.99
N ASP I 435 -8.88 75.27 -43.35
CA ASP I 435 -8.72 76.64 -42.88
C ASP I 435 -8.65 77.61 -44.06
N ARG I 436 -9.23 78.79 -43.86
CA ARG I 436 -9.11 79.83 -44.86
C ARG I 436 -7.67 80.29 -45.04
N ASP I 437 -6.84 80.11 -44.02
CA ASP I 437 -5.45 80.56 -44.06
C ASP I 437 -4.53 79.57 -44.78
N ALA I 438 -4.99 78.37 -45.08
CA ALA I 438 -4.16 77.35 -45.70
C ALA I 438 -4.34 77.41 -47.20
N VAL I 439 -3.47 78.18 -47.87
CA VAL I 439 -3.45 78.28 -49.32
C VAL I 439 -2.03 78.00 -49.77
N CYS I 440 -1.87 77.03 -50.66
CA CYS I 440 -0.54 76.67 -51.14
C CYS I 440 -0.60 76.38 -52.64
N THR I 441 0.56 76.46 -53.28
CA THR I 441 0.64 76.32 -54.73
C THR I 441 0.40 74.87 -55.14
N ARG I 442 -0.49 74.69 -56.11
CA ARG I 442 -0.78 73.34 -56.60
C ARG I 442 0.10 72.96 -57.78
N SER I 443 0.24 73.85 -58.76
CA SER I 443 0.99 73.57 -59.97
C SER I 443 1.70 74.83 -60.42
N VAL I 444 2.73 74.64 -61.25
CA VAL I 444 3.54 75.72 -61.79
C VAL I 444 3.51 75.64 -63.31
N THR I 445 3.50 76.79 -63.95
CA THR I 445 3.48 76.87 -65.41
C THR I 445 4.59 77.80 -65.87
N VAL I 446 5.33 77.38 -66.89
CA VAL I 446 6.49 78.11 -67.40
C VAL I 446 6.38 78.24 -68.90
N ARG I 447 6.35 79.47 -69.39
CA ARG I 447 6.43 79.73 -70.83
C ARG I 447 7.87 80.05 -71.20
N LEU I 448 8.29 79.53 -72.35
CA LEU I 448 9.65 79.69 -72.86
C LEU I 448 9.54 80.15 -74.30
N PRO I 449 9.25 81.44 -74.53
CA PRO I 449 9.00 81.89 -75.91
C PRO I 449 10.11 81.56 -76.89
N GLY I 450 11.37 81.60 -76.44
CA GLY I 450 12.47 81.29 -77.33
C GLY I 450 12.51 79.85 -77.76
N LEU I 451 11.92 78.96 -76.97
CA LEU I 451 11.79 77.54 -77.31
C LEU I 451 10.43 77.28 -77.95
N HIS I 452 10.23 77.96 -79.08
CA HIS I 452 9.02 77.87 -79.91
C HIS I 452 7.72 78.00 -79.10
N ASN I 453 7.75 78.88 -78.09
CA ASN I 453 6.64 79.13 -77.18
C ASN I 453 6.19 77.88 -76.42
N SER I 454 7.15 77.06 -76.01
CA SER I 454 6.86 75.90 -75.18
C SER I 454 6.20 76.30 -73.86
N LEU I 455 5.23 75.48 -73.42
CA LEU I 455 4.48 75.70 -72.19
C LEU I 455 4.65 74.50 -71.26
N VAL I 456 5.68 74.51 -70.42
CA VAL I 456 5.87 73.46 -69.43
C VAL I 456 4.94 73.67 -68.26
N LYS I 457 4.34 72.60 -67.75
CA LYS I 457 3.54 72.64 -66.54
C LYS I 457 4.11 71.66 -65.53
N LEU I 458 4.60 72.15 -64.41
CA LEU I 458 5.04 71.30 -63.31
C LEU I 458 3.85 71.04 -62.40
N LYS I 459 3.46 69.78 -62.28
CA LYS I 459 2.21 69.36 -61.64
C LYS I 459 2.44 68.91 -60.22
N HIS I 460 1.34 68.82 -59.47
CA HIS I 460 1.37 68.25 -58.13
C HIS I 460 1.80 66.80 -58.21
N GLY I 461 2.58 66.36 -57.24
CA GLY I 461 3.18 65.05 -57.30
C GLY I 461 4.47 64.97 -58.09
N ALA I 462 4.98 66.10 -58.57
CA ALA I 462 6.25 66.22 -59.26
C ALA I 462 6.21 65.68 -60.68
N GLY I 463 5.03 65.57 -61.26
CA GLY I 463 4.93 65.27 -62.67
C GLY I 463 5.17 66.51 -63.51
N VAL I 464 5.42 66.30 -64.80
CA VAL I 464 5.66 67.38 -65.74
C VAL I 464 4.84 67.12 -67.00
N ALA I 465 4.27 68.17 -67.56
CA ALA I 465 3.69 68.13 -68.89
C ALA I 465 4.31 69.22 -69.75
N MET I 466 4.33 69.00 -71.05
CA MET I 466 4.84 69.99 -71.99
C MET I 466 3.87 70.11 -73.15
N ASP I 467 3.38 71.33 -73.39
CA ASP I 467 2.31 71.58 -74.36
C ASP I 467 1.14 70.61 -74.19
N GLY I 468 0.86 70.27 -72.94
CA GLY I 468 -0.21 69.34 -72.60
C GLY I 468 0.15 67.88 -72.68
N GLN I 469 1.25 67.53 -73.31
CA GLN I 469 1.73 66.16 -73.34
C GLN I 469 2.44 65.86 -72.03
N ASP I 470 1.99 64.84 -71.30
CA ASP I 470 2.77 64.36 -70.16
C ASP I 470 4.06 63.74 -70.66
N VAL I 471 5.18 64.14 -70.06
CA VAL I 471 6.49 63.78 -70.56
C VAL I 471 7.25 62.99 -69.52
N GLN I 472 8.19 62.17 -70.01
CA GLN I 472 8.97 61.24 -69.22
C GLN I 472 10.37 61.81 -69.06
N LEU I 473 10.91 61.76 -67.84
CA LEU I 473 12.11 62.48 -67.46
C LEU I 473 13.30 61.53 -67.32
N PRO I 474 14.54 62.01 -67.55
CA PRO I 474 14.95 63.36 -67.93
C PRO I 474 14.60 63.77 -69.35
N LEU I 475 14.33 65.06 -69.53
CA LEU I 475 14.02 65.63 -70.83
C LEU I 475 15.12 66.60 -71.22
N LEU I 476 15.76 66.35 -72.35
CA LEU I 476 16.72 67.26 -72.96
C LEU I 476 16.15 67.74 -74.28
N LYS I 477 15.96 69.04 -74.40
CA LYS I 477 15.28 69.58 -75.58
C LYS I 477 15.81 71.00 -75.83
N GLY I 478 16.86 71.10 -76.64
CA GLY I 478 17.52 72.38 -76.81
C GLY I 478 18.17 72.83 -75.53
N ASP I 479 17.97 74.12 -75.20
CA ASP I 479 18.45 74.68 -73.95
C ASP I 479 17.69 74.16 -72.73
N LEU I 480 16.46 73.69 -72.91
CA LEU I 480 15.66 73.20 -71.80
C LEU I 480 16.12 71.82 -71.33
N ARG I 481 16.28 71.68 -70.02
CA ARG I 481 16.67 70.43 -69.38
C ARG I 481 15.79 70.25 -68.16
N ILE I 482 15.22 69.07 -67.99
CA ILE I 482 14.37 68.75 -66.84
C ILE I 482 14.75 67.38 -66.32
N GLN I 483 14.94 67.25 -65.02
CA GLN I 483 15.37 65.98 -64.47
C GLN I 483 15.00 65.89 -63.00
N HIS I 484 14.87 64.66 -62.51
CA HIS I 484 14.58 64.41 -61.11
C HIS I 484 15.81 64.64 -60.25
N THR I 485 15.66 65.40 -59.18
CA THR I 485 16.71 65.53 -58.18
C THR I 485 16.72 64.30 -57.29
N VAL I 486 17.80 64.15 -56.52
CA VAL I 486 17.90 63.05 -55.56
C VAL I 486 16.74 63.07 -54.57
N THR I 487 16.20 64.25 -54.28
CA THR I 487 15.05 64.41 -53.41
C THR I 487 13.73 64.05 -54.09
N ALA I 488 13.76 63.56 -55.33
CA ALA I 488 12.61 63.32 -56.19
C ALA I 488 11.99 64.61 -56.69
N SER I 489 12.57 65.76 -56.37
CA SER I 489 12.06 67.04 -56.86
C SER I 489 12.49 67.24 -58.30
N VAL I 490 11.58 67.79 -59.10
CA VAL I 490 11.88 68.09 -60.49
C VAL I 490 12.71 69.35 -60.56
N ARG I 491 13.87 69.28 -61.22
CA ARG I 491 14.74 70.41 -61.46
C ARG I 491 14.71 70.78 -62.93
N LEU I 492 14.35 72.02 -63.22
CA LEU I 492 14.28 72.52 -64.57
C LEU I 492 15.39 73.55 -64.78
N SER I 493 16.00 73.53 -65.96
CA SER I 493 17.03 74.48 -66.32
C SER I 493 16.79 74.93 -67.75
N TYR I 494 17.06 76.19 -68.03
CA TYR I 494 16.87 76.73 -69.38
C TYR I 494 18.02 77.67 -69.69
N GLY I 495 18.98 77.20 -70.46
CA GLY I 495 20.27 77.82 -70.56
C GLY I 495 21.05 77.71 -69.27
N GLU I 496 21.85 78.73 -68.99
CA GLU I 496 22.52 78.90 -67.71
C GLU I 496 21.77 79.82 -66.76
N ASP I 497 20.98 80.74 -67.31
CA ASP I 497 20.47 81.90 -66.59
C ASP I 497 19.16 81.67 -65.85
N LEU I 498 18.45 80.57 -66.10
CA LEU I 498 17.22 80.27 -65.38
C LEU I 498 17.25 78.84 -64.87
N GLN I 499 16.84 78.66 -63.61
CA GLN I 499 16.69 77.33 -63.05
C GLN I 499 15.53 77.34 -62.06
N MET I 500 14.90 76.18 -61.91
CA MET I 500 13.76 76.00 -61.03
C MET I 500 13.89 74.64 -60.35
N ASP I 501 13.29 74.51 -59.17
CA ASP I 501 13.33 73.26 -58.44
C ASP I 501 11.99 73.07 -57.74
N TRP I 502 11.22 72.08 -58.17
CA TRP I 502 9.82 71.90 -57.80
C TRP I 502 9.69 70.57 -57.08
N ASP I 503 9.26 70.62 -55.82
CA ASP I 503 9.17 69.40 -55.04
C ASP I 503 7.86 68.65 -55.22
N GLY I 504 6.87 69.25 -55.86
CA GLY I 504 5.61 68.60 -56.10
C GLY I 504 4.59 68.74 -55.00
N ARG I 505 5.01 69.13 -53.80
CA ARG I 505 4.08 69.31 -52.69
C ARG I 505 3.69 70.76 -52.51
N GLY I 506 4.40 71.69 -53.12
CA GLY I 506 4.06 73.09 -53.04
C GLY I 506 5.24 74.01 -52.89
N ARG I 507 6.44 73.46 -52.77
CA ARG I 507 7.65 74.26 -52.66
C ARG I 507 8.27 74.47 -54.03
N LEU I 508 8.53 75.72 -54.38
CA LEU I 508 9.16 76.08 -55.64
C LEU I 508 10.29 77.06 -55.36
N LEU I 509 11.48 76.76 -55.87
CA LEU I 509 12.63 77.64 -55.78
C LEU I 509 13.10 78.02 -57.18
N VAL I 510 13.08 79.30 -57.49
CA VAL I 510 13.51 79.82 -58.79
C VAL I 510 14.82 80.56 -58.63
N LYS I 511 15.85 80.11 -59.35
CA LYS I 511 17.16 80.74 -59.30
C LYS I 511 17.47 81.40 -60.63
N LEU I 512 17.68 82.71 -60.62
CA LEU I 512 18.10 83.47 -61.80
C LEU I 512 19.54 83.91 -61.65
N SER I 513 20.31 83.80 -62.73
CA SER I 513 21.64 84.37 -62.77
C SER I 513 21.55 85.90 -62.83
N PRO I 514 22.66 86.60 -62.56
CA PRO I 514 22.65 88.07 -62.61
C PRO I 514 22.23 88.66 -63.94
N VAL I 515 22.17 87.87 -65.00
CA VAL I 515 21.76 88.37 -66.31
C VAL I 515 20.37 88.98 -66.28
N TYR I 516 19.50 88.49 -65.40
CA TYR I 516 18.13 88.98 -65.29
C TYR I 516 17.94 90.06 -64.23
N ALA I 517 19.00 90.53 -63.59
CA ALA I 517 18.85 91.56 -62.56
C ALA I 517 18.20 92.80 -63.15
N GLY I 518 17.18 93.30 -62.45
CA GLY I 518 16.43 94.45 -62.90
C GLY I 518 15.43 94.19 -64.00
N LYS I 519 15.57 93.09 -64.73
CA LYS I 519 14.68 92.77 -65.84
C LYS I 519 13.41 92.05 -65.39
N THR I 520 13.33 91.60 -64.14
CA THR I 520 12.30 90.70 -63.69
C THR I 520 11.07 91.46 -63.21
N CYS I 521 9.95 90.76 -63.11
CA CYS I 521 8.67 91.34 -62.73
C CYS I 521 7.78 90.21 -62.23
N GLY I 522 6.81 90.56 -61.40
CA GLY I 522 5.91 89.61 -60.80
C GLY I 522 6.01 89.61 -59.29
N LEU I 523 5.38 88.61 -58.67
CA LEU I 523 5.40 88.50 -57.22
C LEU I 523 6.82 88.44 -56.68
N CYS I 524 7.75 87.85 -57.42
CA CYS I 524 9.12 87.74 -56.94
C CYS I 524 9.86 89.06 -56.97
N GLY I 525 9.27 90.13 -57.50
CA GLY I 525 9.92 91.41 -57.50
C GLY I 525 10.78 91.62 -58.73
N ASN I 526 11.42 92.79 -58.78
CA ASN I 526 12.21 93.18 -59.92
C ASN I 526 13.67 92.78 -59.84
N TYR I 527 14.08 92.09 -58.79
CA TYR I 527 15.43 91.52 -58.69
C TYR I 527 16.49 92.60 -58.93
N ASN I 528 16.51 93.59 -58.04
CA ASN I 528 17.47 94.69 -58.13
C ASN I 528 18.16 94.96 -56.81
N GLY I 529 18.21 93.98 -55.92
CA GLY I 529 18.95 94.13 -54.68
C GLY I 529 18.32 95.03 -53.65
N ASN I 530 17.03 95.35 -53.80
CA ASN I 530 16.34 96.27 -52.90
C ASN I 530 15.01 95.66 -52.50
N GLN I 531 14.79 95.54 -51.18
CA GLN I 531 13.50 95.07 -50.68
C GLN I 531 12.43 96.12 -50.82
N GLY I 532 12.81 97.40 -50.87
CA GLY I 532 11.85 98.48 -50.74
C GLY I 532 10.80 98.50 -51.83
N ASP I 533 11.16 98.13 -53.06
CA ASP I 533 10.27 98.25 -54.20
C ASP I 533 9.73 96.91 -54.67
N ASP I 534 9.82 95.87 -53.84
CA ASP I 534 9.36 94.56 -54.27
C ASP I 534 7.84 94.46 -54.34
N PHE I 535 7.12 95.33 -53.64
CA PHE I 535 5.68 95.38 -53.80
C PHE I 535 5.24 96.25 -54.97
N LEU I 536 6.11 96.47 -55.94
CA LEU I 536 5.70 97.13 -57.18
C LEU I 536 4.60 96.33 -57.86
N THR I 537 3.82 97.03 -58.67
CA THR I 537 2.69 96.45 -59.38
C THR I 537 2.73 96.92 -60.83
N PRO I 538 2.05 96.22 -61.74
CA PRO I 538 2.05 96.67 -63.14
C PRO I 538 1.56 98.09 -63.32
N SER I 539 0.86 98.65 -62.34
CA SER I 539 0.49 100.06 -62.38
C SER I 539 1.68 100.98 -62.27
N GLY I 540 2.84 100.48 -61.88
CA GLY I 540 4.03 101.29 -61.73
C GLY I 540 4.28 101.84 -60.35
N LEU I 541 3.36 101.63 -59.40
CA LEU I 541 3.51 102.12 -58.04
C LEU I 541 3.61 100.94 -57.09
N ALA I 542 4.25 101.19 -55.94
CA ALA I 542 4.46 100.16 -54.93
C ALA I 542 3.30 100.19 -53.94
N GLU I 543 2.62 99.07 -53.80
CA GLU I 543 1.51 98.97 -52.87
C GLU I 543 2.04 98.76 -51.45
N PRO I 544 1.61 99.56 -50.48
CA PRO I 544 2.06 99.35 -49.10
C PRO I 544 1.50 98.09 -48.47
N ARG I 545 0.48 97.48 -49.05
CA ARG I 545 -0.19 96.32 -48.49
C ARG I 545 0.09 95.10 -49.35
N VAL I 546 0.40 93.97 -48.70
CA VAL I 546 0.67 92.76 -49.46
C VAL I 546 -0.56 92.30 -50.22
N GLU I 547 -1.75 92.52 -49.66
CA GLU I 547 -2.97 92.06 -50.31
C GLU I 547 -3.17 92.74 -51.67
N ASP I 548 -3.09 94.07 -51.70
CA ASP I 548 -3.24 94.78 -52.97
C ASP I 548 -2.14 94.42 -53.95
N PHE I 549 -0.89 94.35 -53.46
CA PHE I 549 0.23 93.96 -54.32
C PHE I 549 -0.03 92.63 -55.00
N GLY I 550 -0.39 91.61 -54.22
CA GLY I 550 -0.63 90.31 -54.80
C GLY I 550 -1.83 90.28 -55.72
N ASN I 551 -2.90 91.00 -55.35
CA ASN I 551 -4.07 91.06 -56.21
C ASN I 551 -3.74 91.69 -57.55
N ALA I 552 -2.76 92.58 -57.58
CA ALA I 552 -2.40 93.22 -58.83
C ALA I 552 -1.80 92.25 -59.84
N TRP I 553 -1.23 91.14 -59.39
CA TRP I 553 -0.58 90.18 -60.27
C TRP I 553 -1.43 88.96 -60.59
N LYS I 554 -2.70 88.97 -60.23
CA LYS I 554 -3.57 87.84 -60.54
C LYS I 554 -3.99 87.87 -62.01
N LEU I 555 -4.00 86.70 -62.63
CA LEU I 555 -4.19 86.61 -64.07
C LEU I 555 -5.66 86.66 -64.48
N HIS I 556 -6.56 86.19 -63.63
CA HIS I 556 -7.95 85.97 -64.01
C HIS I 556 -8.85 86.93 -63.22
N GLY I 557 -9.73 87.63 -63.94
CA GLY I 557 -10.51 88.67 -63.30
C GLY I 557 -11.59 88.16 -62.37
N ASP I 558 -12.05 86.93 -62.57
CA ASP I 558 -13.09 86.38 -61.73
C ASP I 558 -12.58 85.87 -60.39
N CYS I 559 -11.26 85.86 -60.20
CA CYS I 559 -10.70 85.43 -58.93
C CYS I 559 -11.06 86.42 -57.82
N GLN I 560 -11.17 85.90 -56.60
CA GLN I 560 -11.44 86.76 -55.45
C GLN I 560 -10.24 87.64 -55.15
N ASP I 561 -10.50 88.94 -55.01
CA ASP I 561 -9.47 89.86 -54.55
C ASP I 561 -9.31 89.69 -53.05
N LEU I 562 -8.09 89.37 -52.61
CA LEU I 562 -7.84 89.10 -51.20
C LEU I 562 -8.07 90.36 -50.39
N GLN I 563 -8.97 90.29 -49.42
CA GLN I 563 -9.33 91.47 -48.64
C GLN I 563 -8.34 91.71 -47.49
N LYS I 564 -8.08 90.68 -46.70
CA LYS I 564 -7.13 90.80 -45.61
C LYS I 564 -6.30 89.54 -45.51
N GLN I 565 -5.00 89.70 -45.30
CA GLN I 565 -4.09 88.58 -45.10
C GLN I 565 -3.97 88.34 -43.60
N HIS I 566 -4.80 87.45 -43.08
CA HIS I 566 -4.82 87.19 -41.65
C HIS I 566 -3.58 86.42 -41.22
N SER I 567 -2.77 87.05 -40.36
CA SER I 567 -1.68 86.32 -39.73
C SER I 567 -2.23 85.51 -38.55
N ASP I 568 -1.37 84.66 -38.00
CA ASP I 568 -1.72 83.85 -36.83
C ASP I 568 -2.98 83.05 -37.07
N PRO I 569 -2.94 82.01 -37.90
CA PRO I 569 -4.10 81.12 -38.05
C PRO I 569 -4.40 80.34 -36.79
N CYS I 570 -3.49 80.33 -35.82
CA CYS I 570 -3.72 79.57 -34.59
C CYS I 570 -4.98 80.00 -33.85
N ALA I 571 -5.45 81.23 -34.08
CA ALA I 571 -6.67 81.69 -33.44
C ALA I 571 -7.85 80.82 -33.83
N LEU I 572 -7.90 80.38 -35.09
CA LEU I 572 -9.02 79.57 -35.54
C LEU I 572 -8.95 78.15 -35.01
N ASN I 573 -7.75 77.66 -34.72
CA ASN I 573 -7.55 76.33 -34.14
C ASN I 573 -6.69 76.47 -32.91
N PRO I 574 -7.27 76.87 -31.78
CA PRO I 574 -6.47 77.04 -30.56
C PRO I 574 -5.79 75.77 -30.10
N ARG I 575 -6.32 74.60 -30.44
CA ARG I 575 -5.71 73.36 -29.98
C ARG I 575 -4.27 73.24 -30.44
N MET I 576 -3.93 73.81 -31.59
CA MET I 576 -2.62 73.64 -32.19
C MET I 576 -1.60 74.68 -31.75
N THR I 577 -2.01 75.67 -30.95
CA THR I 577 -1.08 76.75 -30.61
C THR I 577 0.09 76.26 -29.77
N ARG I 578 -0.16 75.41 -28.78
CA ARG I 578 0.90 74.91 -27.94
C ARG I 578 1.93 74.13 -28.75
N PHE I 579 1.44 73.21 -29.60
CA PHE I 579 2.33 72.45 -30.46
C PHE I 579 3.10 73.36 -31.40
N SER I 580 2.41 74.34 -31.99
CA SER I 580 3.09 75.25 -32.90
C SER I 580 4.26 75.93 -32.22
N GLU I 581 4.01 76.54 -31.06
CA GLU I 581 5.09 77.22 -30.35
C GLU I 581 6.21 76.24 -30.01
N GLU I 582 5.87 75.16 -29.31
CA GLU I 582 6.91 74.29 -28.75
C GLU I 582 7.65 73.51 -29.81
N ALA I 583 7.09 73.34 -31.01
CA ALA I 583 7.76 72.61 -32.07
C ALA I 583 8.58 73.55 -32.95
N CYS I 584 7.97 74.63 -33.41
CA CYS I 584 8.70 75.55 -34.26
C CYS I 584 9.76 76.33 -33.49
N ALA I 585 9.77 76.27 -32.16
CA ALA I 585 10.83 76.91 -31.42
C ALA I 585 12.19 76.31 -31.69
N VAL I 586 12.24 75.10 -32.26
CA VAL I 586 13.53 74.45 -32.49
C VAL I 586 14.39 75.26 -33.46
N LEU I 587 13.77 76.07 -34.32
CA LEU I 587 14.54 76.89 -35.24
C LEU I 587 15.48 77.84 -34.52
N THR I 588 15.18 78.20 -33.27
CA THR I 588 16.05 79.05 -32.48
C THR I 588 16.88 78.28 -31.46
N SER I 589 16.77 76.96 -31.44
CA SER I 589 17.50 76.14 -30.49
C SER I 589 18.96 76.05 -30.90
N PRO I 590 19.84 75.60 -29.99
CA PRO I 590 21.24 75.39 -30.39
C PRO I 590 21.41 74.47 -31.59
N THR I 591 20.39 73.69 -31.93
CA THR I 591 20.45 72.88 -33.15
C THR I 591 20.72 73.74 -34.38
N PHE I 592 20.23 74.97 -34.38
CA PHE I 592 20.39 75.86 -35.52
C PHE I 592 21.24 77.08 -35.20
N GLU I 593 21.81 77.18 -34.01
CA GLU I 593 22.63 78.33 -33.67
C GLU I 593 23.82 78.47 -34.60
N ALA I 594 24.26 77.36 -35.20
CA ALA I 594 25.34 77.45 -36.17
C ALA I 594 24.93 78.23 -37.40
N CYS I 595 23.63 78.39 -37.64
CA CYS I 595 23.12 79.05 -38.83
C CYS I 595 22.57 80.45 -38.56
N HIS I 596 22.24 80.79 -37.32
CA HIS I 596 21.62 82.08 -37.05
C HIS I 596 22.46 83.23 -37.57
N ARG I 597 23.77 83.09 -37.55
CA ARG I 597 24.64 84.13 -38.10
C ARG I 597 24.46 84.25 -39.60
N ALA I 598 24.35 83.12 -40.30
CA ALA I 598 24.27 83.12 -41.75
C ALA I 598 22.90 83.57 -42.25
N VAL I 599 21.83 83.03 -41.67
CA VAL I 599 20.47 83.33 -42.11
C VAL I 599 19.64 83.70 -40.89
N SER I 600 18.88 84.78 -41.00
CA SER I 600 18.01 85.19 -39.91
C SER I 600 16.88 84.18 -39.75
N PRO I 601 16.69 83.61 -38.57
CA PRO I 601 15.64 82.60 -38.40
C PRO I 601 14.25 83.15 -38.20
N LEU I 602 14.10 84.47 -38.07
CA LEU I 602 12.79 85.03 -37.71
C LEU I 602 11.74 84.79 -38.79
N PRO I 603 11.99 85.10 -40.07
CA PRO I 603 10.96 84.82 -41.09
C PRO I 603 10.58 83.37 -41.16
N TYR I 604 11.57 82.48 -41.05
CA TYR I 604 11.28 81.06 -41.11
C TYR I 604 10.52 80.60 -39.89
N LEU I 605 10.74 81.23 -38.73
CA LEU I 605 9.96 80.92 -37.54
C LEU I 605 8.51 81.33 -37.71
N ARG I 606 8.29 82.55 -38.22
CA ARG I 606 6.93 83.00 -38.50
C ARG I 606 6.24 82.03 -39.46
N ASN I 607 6.92 81.67 -40.54
CA ASN I 607 6.34 80.76 -41.51
C ASN I 607 6.06 79.39 -40.90
N CYS I 608 6.98 78.90 -40.06
CA CYS I 608 6.77 77.61 -39.42
C CYS I 608 5.52 77.60 -38.56
N ARG I 609 5.37 78.62 -37.72
CA ARG I 609 4.19 78.64 -36.85
C ARG I 609 2.91 78.78 -37.65
N TYR I 610 2.91 79.66 -38.66
CA TYR I 610 1.76 79.78 -39.53
C TYR I 610 1.40 78.43 -40.14
N ASP I 611 2.40 77.74 -40.72
CA ASP I 611 2.14 76.48 -41.39
C ASP I 611 1.60 75.44 -40.43
N VAL I 612 2.25 75.27 -39.28
CA VAL I 612 1.83 74.25 -38.35
C VAL I 612 0.41 74.51 -37.87
N CYS I 613 0.06 75.78 -37.68
CA CYS I 613 -1.30 76.08 -37.22
C CYS I 613 -2.33 75.93 -38.32
N SER I 614 -1.97 76.13 -39.58
CA SER I 614 -2.98 76.16 -40.64
C SER I 614 -3.03 74.90 -41.49
N CYS I 615 -2.04 74.01 -41.40
CA CYS I 615 -1.94 72.91 -42.35
C CYS I 615 -2.90 71.79 -42.00
N SER I 616 -3.15 70.94 -43.00
CA SER I 616 -3.94 69.73 -42.77
C SER I 616 -3.24 68.81 -41.80
N ASP I 617 -1.94 68.61 -41.96
CA ASP I 617 -1.14 67.81 -41.05
C ASP I 617 -0.01 68.68 -40.52
N GLY I 618 0.01 68.88 -39.20
CA GLY I 618 1.01 69.75 -38.62
C GLY I 618 2.40 69.17 -38.65
N ARG I 619 2.52 67.84 -38.62
CA ARG I 619 3.83 67.20 -38.63
C ARG I 619 4.51 67.41 -39.99
N GLU I 620 3.77 67.17 -41.07
CA GLU I 620 4.33 67.35 -42.40
C GLU I 620 4.78 68.79 -42.63
N CYS I 621 3.96 69.75 -42.22
CA CYS I 621 4.33 71.14 -42.42
C CYS I 621 5.44 71.58 -41.48
N LEU I 622 5.50 71.01 -40.28
CA LEU I 622 6.64 71.25 -39.41
C LEU I 622 7.93 70.82 -40.09
N CYS I 623 7.94 69.62 -40.66
CA CYS I 623 9.11 69.16 -41.40
C CYS I 623 9.40 70.06 -42.58
N GLY I 624 8.35 70.49 -43.28
CA GLY I 624 8.55 71.38 -44.42
C GLY I 624 9.24 72.68 -44.03
N ALA I 625 8.77 73.32 -42.96
CA ALA I 625 9.35 74.58 -42.53
C ALA I 625 10.77 74.40 -42.03
N LEU I 626 11.02 73.37 -41.22
CA LEU I 626 12.38 73.13 -40.75
C LEU I 626 13.31 72.84 -41.92
N ALA I 627 12.86 72.07 -42.89
CA ALA I 627 13.67 71.79 -44.06
C ALA I 627 13.90 73.06 -44.87
N SER I 628 12.93 73.96 -44.92
CA SER I 628 13.13 75.22 -45.62
C SER I 628 14.26 76.02 -44.99
N TYR I 629 14.23 76.14 -43.66
CA TYR I 629 15.31 76.89 -43.00
C TYR I 629 16.64 76.19 -43.18
N ALA I 630 16.66 74.86 -43.08
CA ALA I 630 17.91 74.14 -43.29
C ALA I 630 18.43 74.31 -44.70
N ALA I 631 17.52 74.37 -45.67
CA ALA I 631 17.92 74.60 -47.05
C ALA I 631 18.50 75.98 -47.24
N ALA I 632 17.93 76.99 -46.58
CA ALA I 632 18.54 78.32 -46.62
C ALA I 632 19.95 78.29 -46.03
N CYS I 633 20.11 77.62 -44.89
CA CYS I 633 21.43 77.50 -44.28
C CYS I 633 22.42 76.85 -45.23
N ALA I 634 22.00 75.75 -45.87
CA ALA I 634 22.87 75.08 -46.83
C ALA I 634 23.22 76.00 -48.00
N GLY I 635 22.25 76.81 -48.43
CA GLY I 635 22.54 77.79 -49.46
C GLY I 635 23.62 78.76 -49.04
N ARG I 636 23.63 79.14 -47.77
CA ARG I 636 24.73 79.92 -47.20
C ARG I 636 25.90 79.05 -46.79
N GLY I 637 25.95 77.80 -47.21
CA GLY I 637 27.10 76.95 -46.95
C GLY I 637 27.17 76.34 -45.57
N VAL I 638 26.12 76.48 -44.75
CA VAL I 638 26.09 75.91 -43.42
C VAL I 638 25.16 74.72 -43.44
N ARG I 639 25.66 73.56 -43.02
CA ARG I 639 24.88 72.33 -42.98
C ARG I 639 24.59 71.96 -41.53
N VAL I 640 23.32 71.71 -41.23
CA VAL I 640 22.86 71.42 -39.88
C VAL I 640 22.24 70.04 -39.86
N ALA I 641 22.70 69.21 -38.92
CA ALA I 641 22.15 67.86 -38.73
C ALA I 641 20.90 67.95 -37.87
N TRP I 642 19.82 68.43 -38.48
CA TRP I 642 18.62 68.76 -37.72
C TRP I 642 17.62 67.61 -37.65
N ARG I 643 17.64 66.68 -38.60
CA ARG I 643 16.70 65.56 -38.54
C ARG I 643 17.08 64.60 -37.43
N GLU I 644 16.07 64.04 -36.78
CA GLU I 644 16.26 63.11 -35.68
C GLU I 644 15.08 62.16 -35.65
N PRO I 645 15.18 61.05 -34.89
CA PRO I 645 14.05 60.11 -34.85
C PRO I 645 12.74 60.75 -34.44
N GLY I 646 12.79 61.73 -33.54
CA GLY I 646 11.58 62.39 -33.12
C GLY I 646 11.04 63.42 -34.10
N ARG I 647 11.76 63.70 -35.18
CA ARG I 647 11.29 64.71 -36.12
C ARG I 647 11.93 64.49 -37.49
N CYS I 648 11.10 64.16 -38.47
CA CYS I 648 11.41 64.40 -39.88
C CYS I 648 12.62 63.62 -40.37
N GLU I 649 12.63 62.31 -40.09
CA GLU I 649 13.63 61.45 -40.72
C GLU I 649 13.19 61.08 -42.13
N LEU I 650 14.15 61.03 -43.05
CA LEU I 650 13.89 60.55 -44.40
C LEU I 650 13.97 59.02 -44.41
N ASN I 651 12.84 58.37 -44.59
CA ASN I 651 12.81 56.90 -44.69
C ASN I 651 13.10 56.52 -46.13
N CYS I 652 14.35 56.20 -46.42
CA CYS I 652 14.78 56.04 -47.80
C CYS I 652 14.22 54.74 -48.38
N PRO I 653 13.90 54.73 -49.67
CA PRO I 653 13.39 53.50 -50.31
C PRO I 653 14.42 52.39 -50.28
N LYS I 654 13.93 51.17 -50.12
CA LYS I 654 14.70 49.93 -50.27
C LYS I 654 16.01 50.06 -49.49
N GLY I 655 17.15 49.71 -50.06
CA GLY I 655 18.43 49.74 -49.39
C GLY I 655 19.20 51.04 -49.49
N GLN I 656 18.61 52.08 -50.05
CA GLN I 656 19.29 53.36 -50.15
C GLN I 656 19.57 53.92 -48.77
N VAL I 657 20.65 54.68 -48.64
CA VAL I 657 21.11 55.20 -47.37
C VAL I 657 21.00 56.72 -47.40
N TYR I 658 20.48 57.28 -46.31
CA TYR I 658 20.38 58.74 -46.20
C TYR I 658 21.75 59.35 -45.97
N LEU I 659 22.07 60.36 -46.74
CA LEU I 659 23.29 61.15 -46.57
C LEU I 659 22.93 62.61 -46.40
N GLN I 660 23.60 63.28 -45.47
CA GLN I 660 23.43 64.71 -45.30
C GLN I 660 24.13 65.52 -46.39
N CYS I 661 25.21 64.98 -46.95
CA CYS I 661 25.96 65.64 -48.02
C CYS I 661 26.47 64.55 -48.97
N GLY I 662 25.71 64.31 -50.03
CA GLY I 662 26.08 63.34 -51.04
C GLY I 662 26.13 63.93 -52.42
N THR I 663 26.87 63.31 -53.31
CA THR I 663 27.05 63.88 -54.64
C THR I 663 26.07 63.27 -55.62
N PRO I 664 25.32 64.09 -56.36
CA PRO I 664 24.32 63.54 -57.28
C PRO I 664 24.88 63.14 -58.63
N CYS I 665 26.11 63.53 -58.96
CA CYS I 665 26.58 63.44 -60.34
C CYS I 665 26.66 62.00 -60.83
N ASN I 666 27.07 61.08 -59.96
CA ASN I 666 27.31 59.70 -60.35
C ASN I 666 26.41 58.72 -59.60
N LEU I 667 25.15 59.07 -59.42
CA LEU I 667 24.24 58.18 -58.72
C LEU I 667 23.51 57.24 -59.68
N THR I 668 22.93 57.78 -60.74
CA THR I 668 22.12 57.00 -61.67
C THR I 668 22.99 56.36 -62.73
N CYS I 669 22.47 55.27 -63.31
CA CYS I 669 23.23 54.55 -64.33
C CYS I 669 23.31 55.33 -65.63
N ARG I 670 22.40 56.28 -65.85
CA ARG I 670 22.55 57.20 -66.98
C ARG I 670 23.88 57.93 -66.92
N SER I 671 24.38 58.19 -65.71
CA SER I 671 25.72 58.78 -65.58
C SER I 671 26.77 57.88 -66.19
N LEU I 672 26.62 56.56 -66.02
CA LEU I 672 27.50 55.63 -66.71
C LEU I 672 27.31 55.70 -68.22
N SER I 673 26.06 55.78 -68.67
CA SER I 673 25.80 55.79 -70.10
C SER I 673 26.25 57.08 -70.76
N TYR I 674 26.33 58.17 -70.01
CA TYR I 674 26.78 59.46 -70.53
C TYR I 674 27.86 60.03 -69.62
N PRO I 675 29.05 59.45 -69.63
CA PRO I 675 30.10 59.90 -68.72
C PRO I 675 30.70 61.24 -69.11
N ASP I 676 30.61 61.64 -70.37
CA ASP I 676 31.19 62.88 -70.82
C ASP I 676 30.30 64.09 -70.60
N GLU I 677 29.08 63.90 -70.12
CA GLU I 677 28.23 65.02 -69.75
C GLU I 677 28.73 65.60 -68.44
N GLU I 678 29.25 66.83 -68.49
CA GLU I 678 29.92 67.40 -67.34
C GLU I 678 28.92 67.64 -66.20
N CYS I 679 29.38 67.39 -64.98
CA CYS I 679 28.57 67.58 -63.78
C CYS I 679 29.46 68.08 -62.67
N ASN I 680 29.16 69.27 -62.14
CA ASN I 680 29.94 69.88 -61.08
C ASN I 680 29.07 70.29 -59.90
N GLU I 681 27.90 69.67 -59.76
CA GLU I 681 26.92 70.12 -58.79
C GLU I 681 27.39 69.83 -57.37
N ALA I 682 27.11 70.76 -56.46
CA ALA I 682 27.46 70.59 -55.05
C ALA I 682 26.65 69.46 -54.42
N CYS I 683 27.13 68.99 -53.27
CA CYS I 683 26.44 67.90 -52.60
C CYS I 683 25.12 68.37 -52.01
N LEU I 684 24.25 67.41 -51.71
CA LEU I 684 22.94 67.71 -51.14
C LEU I 684 22.49 66.52 -50.31
N GLU I 685 21.57 66.78 -49.39
CA GLU I 685 21.01 65.71 -48.59
C GLU I 685 19.95 64.96 -49.39
N GLY I 686 19.82 63.68 -49.10
CA GLY I 686 18.88 62.84 -49.79
C GLY I 686 19.20 61.38 -49.59
N CYS I 687 18.57 60.55 -50.40
CA CYS I 687 18.77 59.11 -50.37
C CYS I 687 19.69 58.70 -51.51
N PHE I 688 20.81 58.06 -51.17
CA PHE I 688 21.80 57.65 -52.14
C PHE I 688 22.07 56.17 -51.98
N CYS I 689 22.52 55.55 -53.06
CA CYS I 689 22.94 54.17 -52.98
C CYS I 689 24.29 54.07 -52.29
N PRO I 690 24.59 52.94 -51.66
CA PRO I 690 25.90 52.75 -51.02
C PRO I 690 27.03 53.01 -52.01
N PRO I 691 28.26 53.22 -51.52
CA PRO I 691 29.31 53.75 -52.41
C PRO I 691 29.60 52.90 -53.63
N GLY I 692 29.44 51.59 -53.54
CA GLY I 692 29.80 50.73 -54.65
C GLY I 692 28.71 50.43 -55.63
N LEU I 693 27.53 51.03 -55.49
CA LEU I 693 26.38 50.68 -56.30
C LEU I 693 25.80 51.91 -56.98
N TYR I 694 25.31 51.72 -58.20
CA TYR I 694 24.58 52.73 -58.93
C TYR I 694 23.09 52.45 -58.82
N MET I 695 22.28 53.42 -59.25
CA MET I 695 20.84 53.36 -59.10
C MET I 695 20.19 53.28 -60.48
N ASP I 696 19.28 52.34 -60.65
CA ASP I 696 18.59 52.12 -61.91
C ASP I 696 17.24 52.83 -61.93
N GLU I 697 16.42 52.55 -62.94
CA GLU I 697 15.11 53.19 -63.05
C GLU I 697 14.18 52.78 -61.93
N ARG I 698 14.27 51.52 -61.49
CA ARG I 698 13.39 51.04 -60.42
C ARG I 698 13.76 51.62 -59.06
N GLY I 699 14.86 52.35 -58.97
CA GLY I 699 15.35 52.80 -57.68
C GLY I 699 16.19 51.79 -56.96
N ASP I 700 16.43 50.62 -57.56
CA ASP I 700 17.25 49.60 -56.94
C ASP I 700 18.72 49.92 -57.14
N CYS I 701 19.51 49.68 -56.10
CA CYS I 701 20.94 49.89 -56.18
C CYS I 701 21.60 48.66 -56.80
N VAL I 702 22.35 48.88 -57.88
CA VAL I 702 22.93 47.78 -58.64
C VAL I 702 24.41 48.07 -58.87
N PRO I 703 25.26 47.06 -58.94
CA PRO I 703 26.63 47.27 -59.39
C PRO I 703 26.65 47.72 -60.85
N LYS I 704 27.71 48.44 -61.21
CA LYS I 704 27.79 48.99 -62.56
C LYS I 704 27.71 47.91 -63.62
N ALA I 705 28.08 46.68 -63.28
CA ALA I 705 27.95 45.58 -64.23
C ALA I 705 26.50 45.28 -64.57
N GLN I 706 25.56 45.67 -63.73
CA GLN I 706 24.15 45.36 -63.92
C GLN I 706 23.33 46.54 -64.44
N CYS I 707 23.92 47.72 -64.56
CA CYS I 707 23.19 48.84 -65.12
C CYS I 707 22.83 48.58 -66.58
N PRO I 708 21.66 49.00 -67.01
CA PRO I 708 21.38 49.04 -68.45
C PRO I 708 22.08 50.20 -69.12
N CYS I 709 22.17 50.12 -70.44
CA CYS I 709 22.80 51.14 -71.25
C CYS I 709 21.73 51.92 -72.00
N TYR I 710 21.81 53.25 -71.93
CA TYR I 710 20.88 54.12 -72.62
C TYR I 710 21.54 54.61 -73.91
N TYR I 711 20.93 54.28 -75.05
CA TYR I 711 21.50 54.62 -76.34
C TYR I 711 20.38 55.12 -77.24
N ASP I 712 20.53 56.32 -77.77
CA ASP I 712 19.52 56.93 -78.64
C ASP I 712 18.15 56.96 -77.97
N GLY I 713 18.13 57.05 -76.65
CA GLY I 713 16.88 57.06 -75.93
C GLY I 713 16.25 55.71 -75.73
N GLU I 714 16.98 54.63 -76.02
CA GLU I 714 16.49 53.27 -75.84
C GLU I 714 17.31 52.59 -74.75
N ILE I 715 16.66 51.76 -73.96
CA ILE I 715 17.28 51.15 -72.78
C ILE I 715 17.67 49.73 -73.15
N PHE I 716 18.96 49.44 -73.08
CA PHE I 716 19.48 48.12 -73.39
C PHE I 716 20.00 47.45 -72.13
N GLN I 717 19.75 46.17 -72.01
CA GLN I 717 20.15 45.41 -70.84
C GLN I 717 21.64 45.08 -70.91
N PRO I 718 22.24 44.68 -69.78
CA PRO I 718 23.65 44.31 -69.82
C PRO I 718 23.91 43.17 -70.78
N GLU I 719 25.06 43.22 -71.43
CA GLU I 719 25.53 42.23 -72.40
C GLU I 719 24.72 42.23 -73.69
N ASP I 720 23.83 43.20 -73.88
CA ASP I 720 23.11 43.28 -75.13
C ASP I 720 24.05 43.67 -76.26
N ILE I 721 23.81 43.11 -77.43
CA ILE I 721 24.59 43.38 -78.62
C ILE I 721 23.64 43.73 -79.75
N PHE I 722 24.02 44.70 -80.58
CA PHE I 722 23.27 44.93 -81.79
C PHE I 722 24.21 45.47 -82.85
N SER I 723 23.87 45.22 -84.11
CA SER I 723 24.65 45.70 -85.23
C SER I 723 23.71 46.21 -86.31
N ASP I 724 24.08 47.33 -86.91
CA ASP I 724 23.26 48.01 -87.91
C ASP I 724 24.06 48.14 -89.20
N HIS I 725 23.42 48.75 -90.20
CA HIS I 725 24.10 49.06 -91.45
C HIS I 725 25.36 49.87 -91.18
N HIS I 726 25.32 50.72 -90.16
CA HIS I 726 26.37 51.69 -89.93
C HIS I 726 27.21 51.39 -88.71
N THR I 727 26.71 50.59 -87.76
CA THR I 727 27.34 50.55 -86.46
C THR I 727 27.19 49.17 -85.85
N MET I 728 28.11 48.85 -84.93
CA MET I 728 28.04 47.66 -84.09
C MET I 728 28.31 48.09 -82.67
N CYS I 729 27.42 47.69 -81.75
CA CYS I 729 27.48 48.17 -80.38
C CYS I 729 27.26 47.02 -79.43
N TYR I 730 27.69 47.21 -78.19
CA TYR I 730 27.36 46.26 -77.14
C TYR I 730 27.38 46.96 -75.80
N CYS I 731 26.54 46.50 -74.89
CA CYS I 731 26.36 47.13 -73.60
C CYS I 731 27.20 46.40 -72.56
N GLU I 732 28.07 47.12 -71.87
CA GLU I 732 28.88 46.54 -70.81
C GLU I 732 29.15 47.62 -69.77
N ASP I 733 28.94 47.28 -68.50
CA ASP I 733 29.21 48.20 -67.39
C ASP I 733 28.46 49.52 -67.57
N GLY I 734 27.22 49.42 -68.03
CA GLY I 734 26.39 50.60 -68.14
C GLY I 734 26.75 51.54 -69.27
N PHE I 735 27.66 51.15 -70.16
CA PHE I 735 28.05 51.99 -71.28
C PHE I 735 27.91 51.22 -72.58
N MET I 736 27.52 51.92 -73.63
CA MET I 736 27.30 51.31 -74.94
C MET I 736 28.58 51.47 -75.73
N HIS I 737 29.34 50.38 -75.86
CA HIS I 737 30.65 50.42 -76.49
C HIS I 737 30.50 50.24 -78.00
N CYS I 738 30.09 51.31 -78.67
CA CYS I 738 29.95 51.27 -80.11
C CYS I 738 31.33 51.44 -80.76
N THR I 739 31.66 50.54 -81.67
CA THR I 739 33.01 50.48 -82.24
C THR I 739 32.96 50.29 -83.75
N MET I 740 32.04 50.98 -84.43
CA MET I 740 32.04 50.97 -85.87
C MET I 740 31.53 52.31 -86.37
N SER I 741 32.10 52.78 -87.47
CA SER I 741 31.77 54.08 -88.07
C SER I 741 31.85 55.21 -87.05
N GLU I 786 9.11 63.65 -95.04
CA GLU I 786 9.50 63.60 -96.45
C GLU I 786 10.73 62.74 -96.64
N CYS I 787 10.81 62.04 -97.77
CA CYS I 787 11.94 61.18 -98.05
C CYS I 787 12.07 60.97 -99.55
N ALA I 788 13.25 60.56 -99.97
CA ALA I 788 13.45 60.14 -101.34
C ALA I 788 12.78 58.80 -101.59
N LYS I 789 12.40 58.55 -102.84
CA LYS I 789 11.65 57.35 -103.19
C LYS I 789 12.37 56.57 -104.28
N THR I 790 12.13 55.26 -104.29
CA THR I 790 12.69 54.34 -105.27
C THR I 790 11.55 53.54 -105.86
N CYS I 791 11.76 53.02 -107.07
CA CYS I 791 10.70 52.28 -107.75
C CYS I 791 10.13 51.18 -106.86
N GLN I 792 10.96 50.57 -106.03
CA GLN I 792 10.51 49.50 -105.16
C GLN I 792 9.66 50.04 -104.01
N ASN I 793 10.11 51.12 -103.37
CA ASN I 793 9.50 51.62 -102.15
C ASN I 793 8.58 52.81 -102.37
N TYR I 794 8.12 53.03 -103.59
CA TYR I 794 7.31 54.22 -103.87
C TYR I 794 6.03 54.21 -103.05
N ASP I 795 5.35 53.07 -102.98
CA ASP I 795 4.06 53.00 -102.29
C ASP I 795 4.21 52.85 -100.79
N LEU I 796 5.42 52.56 -100.30
CA LEU I 796 5.62 52.30 -98.88
C LEU I 796 5.84 53.61 -98.11
N GLU I 797 5.99 53.49 -96.80
CA GLU I 797 6.23 54.64 -95.95
C GLU I 797 7.64 55.17 -96.14
N CYS I 798 7.93 56.27 -95.46
CA CYS I 798 9.29 56.80 -95.39
C CYS I 798 10.01 56.21 -94.18
N MET I 799 11.28 55.89 -94.35
CA MET I 799 12.04 55.32 -93.25
C MET I 799 12.10 56.31 -92.10
N SER I 800 11.59 55.89 -90.95
CA SER I 800 11.54 56.74 -89.77
C SER I 800 12.83 56.61 -88.96
N MET I 801 13.95 56.90 -89.63
CA MET I 801 15.27 56.77 -89.01
C MET I 801 16.16 57.94 -89.40
N GLY I 802 15.58 59.11 -89.61
CA GLY I 802 16.33 60.29 -89.98
C GLY I 802 15.49 61.54 -89.96
N LEU I 808 17.69 64.44 -104.35
CA LEU I 808 16.24 64.22 -104.38
C LEU I 808 15.68 64.49 -105.77
N CYS I 809 15.06 63.47 -106.37
CA CYS I 809 14.57 63.59 -107.74
C CYS I 809 13.31 64.46 -107.77
N PRO I 810 12.97 65.01 -108.93
CA PRO I 810 11.78 65.86 -109.04
C PRO I 810 10.52 65.08 -108.74
N PRO I 811 9.41 65.76 -108.46
CA PRO I 811 8.13 65.04 -108.30
C PRO I 811 7.74 64.34 -109.59
N GLY I 812 7.12 63.17 -109.45
CA GLY I 812 6.81 62.35 -110.60
C GLY I 812 7.98 61.61 -111.18
N MET I 813 9.13 61.65 -110.52
CA MET I 813 10.34 60.96 -110.98
C MET I 813 10.94 60.21 -109.80
N VAL I 814 11.56 59.07 -110.09
CA VAL I 814 11.91 58.11 -109.06
C VAL I 814 13.34 57.63 -109.26
N ARG I 815 14.02 57.38 -108.14
CA ARG I 815 15.38 56.83 -108.17
C ARG I 815 15.35 55.41 -108.73
N HIS I 816 16.24 55.14 -109.68
CA HIS I 816 16.38 53.80 -110.26
C HIS I 816 17.70 53.75 -111.02
N GLU I 817 18.42 52.64 -110.87
CA GLU I 817 19.74 52.48 -111.48
C GLU I 817 20.67 53.64 -111.10
N ASN I 818 20.52 54.15 -109.89
CA ASN I 818 21.26 55.33 -109.42
C ASN I 818 21.09 56.50 -110.38
N ARG I 819 19.87 56.66 -110.89
CA ARG I 819 19.50 57.83 -111.69
C ARG I 819 18.02 58.10 -111.49
N CYS I 820 17.61 59.33 -111.73
CA CYS I 820 16.21 59.70 -111.61
C CYS I 820 15.46 59.24 -112.86
N VAL I 821 14.40 58.45 -112.66
CA VAL I 821 13.64 57.87 -113.76
C VAL I 821 12.17 58.20 -113.54
N ALA I 822 11.47 58.47 -114.64
CA ALA I 822 10.10 58.94 -114.56
C ALA I 822 9.17 57.87 -114.02
N LEU I 823 8.11 58.31 -113.34
CA LEU I 823 7.06 57.41 -112.93
C LEU I 823 6.29 56.94 -114.16
N GLU I 824 5.60 55.81 -114.02
CA GLU I 824 4.93 55.08 -115.09
C GLU I 824 5.94 54.38 -115.99
N ARG I 825 7.23 54.55 -115.73
CA ARG I 825 8.29 53.84 -116.42
C ARG I 825 9.15 53.00 -115.49
N CYS I 826 8.80 52.93 -114.21
CA CYS I 826 9.49 52.03 -113.30
C CYS I 826 9.18 50.58 -113.66
N PRO I 827 10.13 49.67 -113.52
CA PRO I 827 9.88 48.27 -113.86
C PRO I 827 9.14 47.54 -112.74
N CYS I 828 8.65 46.35 -113.08
CA CYS I 828 8.02 45.46 -112.13
C CYS I 828 9.00 44.38 -111.70
N PHE I 829 8.78 43.85 -110.49
CA PHE I 829 9.72 42.94 -109.85
C PHE I 829 9.06 41.59 -109.62
N HIS I 830 9.79 40.52 -109.94
CA HIS I 830 9.35 39.16 -109.63
C HIS I 830 10.58 38.29 -109.47
N GLN I 831 10.57 37.45 -108.43
CA GLN I 831 11.68 36.57 -108.11
C GLN I 831 13.00 37.34 -108.06
N GLY I 832 12.93 38.59 -107.59
CA GLY I 832 14.13 39.36 -107.37
C GLY I 832 14.73 39.98 -108.60
N LYS I 833 14.07 39.91 -109.75
CA LYS I 833 14.58 40.51 -110.97
C LYS I 833 13.51 41.42 -111.57
N GLU I 834 13.96 42.45 -112.26
CA GLU I 834 13.08 43.51 -112.74
C GLU I 834 12.55 43.21 -114.13
N TYR I 835 11.36 43.73 -114.40
CA TYR I 835 10.71 43.58 -115.70
C TYR I 835 10.24 44.96 -116.16
N ALA I 836 10.61 45.34 -117.37
CA ALA I 836 10.19 46.63 -117.90
C ALA I 836 8.68 46.62 -118.17
N PRO I 837 8.04 47.79 -118.16
CA PRO I 837 6.61 47.84 -118.46
C PRO I 837 6.32 47.29 -119.84
N GLY I 838 5.22 46.54 -119.93
CA GLY I 838 4.87 45.83 -121.14
C GLY I 838 5.41 44.43 -121.23
N GLU I 839 6.39 44.07 -120.40
CA GLU I 839 6.88 42.71 -120.37
C GLU I 839 5.86 41.80 -119.71
N THR I 840 6.06 40.49 -119.87
CA THR I 840 5.12 39.50 -119.40
C THR I 840 5.86 38.39 -118.67
N VAL I 841 5.16 37.72 -117.75
CA VAL I 841 5.69 36.59 -117.02
C VAL I 841 4.62 35.51 -116.96
N LYS I 842 5.06 34.26 -117.00
CA LYS I 842 4.16 33.11 -117.06
C LYS I 842 4.06 32.51 -115.67
N ILE I 843 2.84 32.45 -115.14
CA ILE I 843 2.58 31.96 -113.78
C ILE I 843 1.55 30.86 -113.91
N GLY I 844 2.00 29.62 -113.87
CA GLY I 844 1.09 28.50 -114.04
C GLY I 844 0.38 28.61 -115.37
N CYS I 845 -0.94 28.52 -115.33
CA CYS I 845 -1.76 28.71 -116.52
C CYS I 845 -2.10 30.17 -116.78
N ASN I 846 -1.78 31.07 -115.85
CA ASN I 846 -2.10 32.48 -115.97
C ASN I 846 -0.91 33.25 -116.54
N THR I 847 -1.22 34.40 -117.13
CA THR I 847 -0.21 35.31 -117.67
C THR I 847 -0.34 36.66 -116.99
N CYS I 848 0.80 37.26 -116.66
CA CYS I 848 0.84 38.56 -116.00
C CYS I 848 1.64 39.53 -116.85
N VAL I 849 1.17 40.78 -116.92
CA VAL I 849 1.82 41.81 -117.72
C VAL I 849 2.13 43.00 -116.81
N CYS I 850 3.37 43.48 -116.89
CA CYS I 850 3.83 44.56 -116.02
C CYS I 850 3.28 45.89 -116.48
N ARG I 851 2.46 46.54 -115.66
CA ARG I 851 1.95 47.87 -115.97
C ARG I 851 2.06 48.73 -114.72
N ASP I 852 2.65 49.92 -114.86
CA ASP I 852 2.73 50.90 -113.77
C ASP I 852 3.12 50.23 -112.47
N ARG I 853 4.23 49.49 -112.49
CA ARG I 853 4.79 48.89 -111.29
C ARG I 853 3.89 47.80 -110.70
N LYS I 854 2.73 47.54 -111.31
CA LYS I 854 1.79 46.52 -110.86
C LYS I 854 1.65 45.44 -111.91
N TRP I 855 1.77 44.19 -111.48
CA TRP I 855 1.46 43.07 -112.35
C TRP I 855 -0.05 42.95 -112.54
N ASN I 856 -0.49 42.87 -113.80
CA ASN I 856 -1.89 42.74 -114.14
C ASN I 856 -2.08 41.35 -114.76
N CYS I 857 -2.78 40.48 -114.04
CA CYS I 857 -2.75 39.05 -114.32
C CYS I 857 -4.12 38.56 -114.76
N THR I 858 -4.12 37.52 -115.58
CA THR I 858 -5.34 36.80 -115.88
C THR I 858 -5.81 36.06 -114.62
N ASP I 859 -7.11 35.78 -114.57
CA ASP I 859 -7.73 35.19 -113.38
C ASP I 859 -8.26 33.78 -113.64
N HIS I 860 -7.50 32.98 -114.39
CA HIS I 860 -7.90 31.60 -114.64
C HIS I 860 -7.58 30.74 -113.42
N VAL I 861 -8.48 29.80 -113.13
CA VAL I 861 -8.25 28.80 -112.10
C VAL I 861 -7.55 27.62 -112.75
N CYS I 862 -6.26 27.46 -112.47
CA CYS I 862 -5.47 26.43 -113.11
C CYS I 862 -5.77 25.06 -112.51
N ASP I 863 -5.45 24.02 -113.28
CA ASP I 863 -5.62 22.65 -112.82
C ASP I 863 -4.76 22.38 -111.59
N ALA I 864 -5.36 21.76 -110.58
CA ALA I 864 -4.68 21.52 -109.31
C ALA I 864 -4.29 20.06 -109.19
N THR I 865 -3.11 19.83 -108.63
CA THR I 865 -2.55 18.49 -108.50
C THR I 865 -2.44 18.15 -107.02
N CYS I 866 -3.35 17.34 -106.51
CA CYS I 866 -3.10 16.68 -105.25
C CYS I 866 -2.08 15.58 -105.46
N SER I 867 -1.27 15.33 -104.43
CA SER I 867 -0.17 14.38 -104.59
C SER I 867 0.14 13.74 -103.26
N THR I 868 0.28 12.43 -103.27
CA THR I 868 0.88 11.72 -102.15
C THR I 868 2.39 11.68 -102.37
N ILE I 869 3.13 12.34 -101.49
CA ILE I 869 4.58 12.43 -101.60
C ILE I 869 5.18 11.42 -100.65
N GLY I 870 5.91 10.46 -101.18
CA GLY I 870 6.46 9.47 -100.30
C GLY I 870 5.41 8.51 -99.79
N MET I 871 5.64 7.99 -98.59
CA MET I 871 4.78 6.95 -98.05
C MET I 871 3.80 7.48 -97.01
N ALA I 872 4.04 8.64 -96.42
CA ALA I 872 3.18 9.12 -95.35
C ALA I 872 2.87 10.61 -95.43
N HIS I 873 3.31 11.31 -96.47
CA HIS I 873 3.04 12.73 -96.62
C HIS I 873 2.08 12.96 -97.77
N TYR I 874 1.18 13.93 -97.59
CA TYR I 874 0.20 14.29 -98.59
C TYR I 874 0.32 15.77 -98.90
N LEU I 875 -0.04 16.15 -100.12
CA LEU I 875 -0.08 17.55 -100.52
C LEU I 875 -1.46 17.84 -101.09
N THR I 876 -2.22 18.67 -100.39
CA THR I 876 -3.59 18.95 -100.79
C THR I 876 -3.64 19.75 -102.09
N PHE I 877 -4.86 19.94 -102.59
CA PHE I 877 -5.03 20.70 -103.81
C PHE I 877 -4.58 22.14 -103.64
N ASP I 878 -4.84 22.72 -102.46
CA ASP I 878 -4.49 24.11 -102.20
C ASP I 878 -3.05 24.30 -101.78
N GLY I 879 -2.28 23.23 -101.64
CA GLY I 879 -0.87 23.33 -101.37
C GLY I 879 -0.45 23.00 -99.95
N LEU I 880 -1.34 22.49 -99.13
CA LEU I 880 -1.01 22.16 -97.75
C LEU I 880 -0.31 20.82 -97.72
N LYS I 881 0.95 20.80 -97.32
CA LYS I 881 1.69 19.56 -97.12
C LYS I 881 1.59 19.14 -95.66
N TYR I 882 1.19 17.91 -95.42
CA TYR I 882 1.00 17.46 -94.04
C TYR I 882 1.38 15.99 -93.94
N LEU I 883 1.65 15.55 -92.72
CA LEU I 883 2.10 14.21 -92.43
C LEU I 883 0.97 13.40 -91.83
N PHE I 884 0.76 12.21 -92.35
CA PHE I 884 -0.27 11.32 -91.82
C PHE I 884 0.09 9.87 -92.13
N PRO I 885 0.75 9.18 -91.24
CA PRO I 885 0.99 7.75 -91.45
C PRO I 885 -0.18 6.90 -90.97
N GLY I 886 -0.71 6.06 -91.84
CA GLY I 886 -1.84 5.22 -91.47
C GLY I 886 -1.77 3.90 -92.19
N GLU I 887 -2.25 2.85 -91.51
CA GLU I 887 -2.28 1.53 -92.09
C GLU I 887 -3.52 1.27 -92.92
N CYS I 888 -4.59 2.01 -92.69
CA CYS I 888 -5.92 1.69 -93.18
C CYS I 888 -6.12 2.23 -94.59
N GLN I 889 -7.35 2.15 -95.07
CA GLN I 889 -7.72 2.72 -96.36
C GLN I 889 -8.44 4.04 -96.13
N TYR I 890 -8.07 5.07 -96.89
CA TYR I 890 -8.54 6.42 -96.66
C TYR I 890 -9.06 7.01 -97.96
N VAL I 891 -9.96 7.98 -97.85
CA VAL I 891 -10.50 8.69 -99.00
C VAL I 891 -9.49 9.74 -99.43
N LEU I 892 -8.88 9.54 -100.60
CA LEU I 892 -7.95 10.54 -101.10
C LEU I 892 -8.67 11.73 -101.69
N VAL I 893 -9.65 11.48 -102.56
CA VAL I 893 -10.49 12.52 -103.14
C VAL I 893 -11.90 11.95 -103.25
N GLN I 894 -12.88 12.83 -103.14
CA GLN I 894 -14.28 12.40 -103.18
C GLN I 894 -15.16 13.62 -103.38
N ASP I 895 -16.14 13.51 -104.25
CA ASP I 895 -17.17 14.54 -104.38
C ASP I 895 -18.52 14.08 -103.85
N TYR I 896 -18.62 12.85 -103.35
CA TYR I 896 -19.81 12.39 -102.63
C TYR I 896 -19.80 12.89 -101.19
N CYS I 897 -19.70 14.21 -101.06
CA CYS I 897 -19.73 14.83 -99.74
C CYS I 897 -20.39 16.20 -99.87
N GLY I 898 -20.99 16.64 -98.77
CA GLY I 898 -21.81 17.83 -98.84
C GLY I 898 -23.09 17.53 -99.61
N SER I 899 -23.66 18.60 -100.17
CA SER I 899 -24.89 18.48 -100.93
C SER I 899 -24.67 18.05 -102.36
N ASN I 900 -23.44 18.11 -102.84
CA ASN I 900 -23.18 17.87 -104.26
C ASN I 900 -23.52 16.42 -104.62
N PRO I 901 -24.22 16.19 -105.73
CA PRO I 901 -24.40 14.81 -106.21
C PRO I 901 -23.09 14.27 -106.77
N GLY I 902 -22.55 13.24 -106.11
CA GLY I 902 -21.21 12.80 -106.42
C GLY I 902 -21.12 12.07 -107.75
N THR I 903 -19.90 12.02 -108.28
CA THR I 903 -19.62 11.33 -109.53
C THR I 903 -18.41 10.41 -109.45
N PHE I 904 -17.48 10.64 -108.54
CA PHE I 904 -16.26 9.87 -108.45
C PHE I 904 -15.79 9.83 -107.00
N ARG I 905 -14.97 8.83 -106.70
CA ARG I 905 -14.50 8.64 -105.34
C ARG I 905 -13.22 7.82 -105.41
N ILE I 906 -12.11 8.39 -104.94
CA ILE I 906 -10.81 7.74 -105.02
C ILE I 906 -10.36 7.37 -103.62
N LEU I 907 -10.03 6.11 -103.42
CA LEU I 907 -9.59 5.60 -102.13
C LEU I 907 -8.15 5.12 -102.23
N VAL I 908 -7.35 5.40 -101.21
CA VAL I 908 -5.96 4.99 -101.16
C VAL I 908 -5.76 4.14 -99.91
N GLY I 909 -5.17 2.97 -100.09
CA GLY I 909 -4.83 2.09 -98.98
C GLY I 909 -3.34 1.86 -98.91
N ASN I 910 -2.81 1.85 -97.69
CA ASN I 910 -1.38 1.68 -97.46
C ASN I 910 -1.12 0.21 -97.12
N LYS I 911 -0.29 -0.44 -97.92
CA LYS I 911 0.01 -1.85 -97.76
C LYS I 911 1.51 -2.05 -97.68
N GLY I 912 1.95 -2.81 -96.68
CA GLY I 912 3.35 -3.04 -96.44
C GLY I 912 4.00 -2.05 -95.51
N CYS I 913 3.39 -0.88 -95.29
CA CYS I 913 3.91 0.04 -94.30
C CYS I 913 2.81 0.99 -93.86
N SER I 914 3.02 1.54 -92.69
CA SER I 914 2.47 2.82 -92.25
C SER I 914 3.60 3.73 -91.81
N HIS I 915 4.58 3.17 -91.11
CA HIS I 915 5.86 3.81 -90.95
C HIS I 915 6.66 3.47 -92.19
N PRO I 916 7.10 4.45 -92.98
CA PRO I 916 7.67 4.15 -94.30
C PRO I 916 8.71 3.06 -94.25
N SER I 917 8.58 2.08 -95.15
CA SER I 917 9.42 0.89 -95.12
C SER I 917 9.69 0.42 -96.55
N VAL I 918 10.74 -0.38 -96.69
CA VAL I 918 11.23 -0.74 -98.03
C VAL I 918 10.17 -1.50 -98.82
N LYS I 919 9.51 -2.47 -98.19
CA LYS I 919 8.62 -3.38 -98.92
C LYS I 919 7.22 -2.80 -99.11
N CYS I 920 7.06 -1.49 -99.05
CA CYS I 920 5.73 -0.90 -98.98
C CYS I 920 5.16 -0.66 -100.38
N LYS I 921 3.84 -0.50 -100.42
CA LYS I 921 3.13 -0.19 -101.66
C LYS I 921 1.73 0.31 -101.32
N LYS I 922 1.16 1.07 -102.24
CA LYS I 922 -0.17 1.65 -102.05
C LYS I 922 -1.14 1.12 -103.09
N ARG I 923 -2.36 0.83 -102.66
CA ARG I 923 -3.44 0.40 -103.53
C ARG I 923 -4.41 1.55 -103.71
N VAL I 924 -4.77 1.84 -104.95
CA VAL I 924 -5.72 2.88 -105.28
C VAL I 924 -6.98 2.23 -105.80
N THR I 925 -8.13 2.68 -105.31
CA THR I 925 -9.42 2.24 -105.80
C THR I 925 -10.17 3.43 -106.37
N ILE I 926 -10.50 3.36 -107.66
CA ILE I 926 -11.09 4.50 -108.34
C ILE I 926 -12.52 4.16 -108.68
N LEU I 927 -13.45 4.56 -107.81
CA LEU I 927 -14.86 4.22 -107.98
C LEU I 927 -15.62 5.29 -108.79
N VAL I 928 -15.19 5.51 -110.03
CA VAL I 928 -15.73 6.59 -110.83
C VAL I 928 -16.97 6.10 -111.58
N GLU I 929 -18.06 6.85 -111.45
CA GLU I 929 -19.32 6.62 -112.18
C GLU I 929 -19.74 5.15 -112.14
N GLY I 930 -19.68 4.55 -110.96
CA GLY I 930 -20.08 3.18 -110.78
C GLY I 930 -19.03 2.16 -111.18
N GLY I 931 -18.17 2.52 -112.13
CA GLY I 931 -17.06 1.66 -112.48
C GLY I 931 -16.03 1.62 -111.37
N GLU I 932 -15.01 0.80 -111.57
CA GLU I 932 -13.99 0.64 -110.55
C GLU I 932 -12.69 0.26 -111.22
N ILE I 933 -11.66 1.09 -111.01
CA ILE I 933 -10.32 0.82 -111.49
C ILE I 933 -9.42 0.71 -110.28
N GLU I 934 -8.72 -0.41 -110.15
CA GLU I 934 -7.81 -0.64 -109.05
C GLU I 934 -6.38 -0.59 -109.54
N LEU I 935 -5.55 0.19 -108.86
CA LEU I 935 -4.13 0.33 -109.19
C LEU I 935 -3.34 -0.40 -108.12
N PHE I 936 -2.57 -1.42 -108.53
CA PHE I 936 -1.80 -2.22 -107.58
C PHE I 936 -0.69 -2.93 -108.32
N ASP I 937 0.40 -3.17 -107.58
CA ASP I 937 1.56 -3.91 -108.10
C ASP I 937 2.06 -3.31 -109.41
N GLY I 938 1.98 -1.99 -109.52
CA GLY I 938 2.42 -1.33 -110.72
C GLY I 938 1.64 -1.69 -111.96
N GLU I 939 0.40 -2.14 -111.80
CA GLU I 939 -0.42 -2.53 -112.93
C GLU I 939 -1.85 -2.06 -112.70
N VAL I 940 -2.54 -1.75 -113.77
CA VAL I 940 -3.92 -1.29 -113.73
C VAL I 940 -4.84 -2.51 -113.75
N ASN I 941 -5.92 -2.44 -112.97
CA ASN I 941 -6.88 -3.53 -112.88
C ASN I 941 -8.29 -2.91 -112.93
N VAL I 942 -8.91 -2.96 -114.11
CA VAL I 942 -10.27 -2.45 -114.25
C VAL I 942 -11.24 -3.50 -113.75
N LYS I 943 -11.60 -3.42 -112.48
CA LYS I 943 -12.40 -4.47 -111.86
C LYS I 943 -13.90 -4.33 -112.15
N ARG I 944 -14.34 -3.19 -112.65
CA ARG I 944 -15.64 -3.06 -113.30
C ARG I 944 -15.51 -2.00 -114.38
N PRO I 945 -16.27 -2.11 -115.46
CA PRO I 945 -16.20 -1.09 -116.52
C PRO I 945 -17.01 0.14 -116.18
N MET I 946 -16.65 1.23 -116.83
CA MET I 946 -17.35 2.49 -116.69
C MET I 946 -18.54 2.57 -117.65
N LYS I 947 -19.45 3.50 -117.37
CA LYS I 947 -20.58 3.71 -118.26
C LYS I 947 -20.16 4.33 -119.60
N ASP I 948 -19.13 5.17 -119.58
CA ASP I 948 -18.62 5.81 -120.79
C ASP I 948 -17.14 5.46 -120.91
N GLU I 949 -16.85 4.33 -121.55
CA GLU I 949 -15.47 3.92 -121.74
C GLU I 949 -14.72 4.80 -122.73
N THR I 950 -15.42 5.66 -123.47
CA THR I 950 -14.75 6.61 -124.34
C THR I 950 -14.11 7.74 -123.54
N HIS I 951 -14.78 8.20 -122.47
CA HIS I 951 -14.14 9.15 -121.56
C HIS I 951 -12.94 8.50 -120.86
N PHE I 952 -13.07 7.23 -120.47
CA PHE I 952 -11.98 6.52 -119.83
C PHE I 952 -10.83 6.29 -120.80
N GLU I 953 -9.62 6.33 -120.26
CA GLU I 953 -8.42 5.99 -121.03
C GLU I 953 -7.26 5.80 -120.07
N VAL I 954 -6.33 4.92 -120.45
CA VAL I 954 -5.13 4.66 -119.68
C VAL I 954 -3.93 4.84 -120.60
N VAL I 955 -2.98 5.67 -120.17
CA VAL I 955 -1.77 5.93 -120.92
C VAL I 955 -0.59 5.56 -120.05
N GLU I 956 0.33 4.76 -120.59
CA GLU I 956 1.56 4.39 -119.91
C GLU I 956 2.72 5.13 -120.56
N SER I 957 3.44 5.91 -119.77
CA SER I 957 4.52 6.74 -120.30
C SER I 957 5.56 6.94 -119.23
N GLY I 958 6.82 6.83 -119.62
CA GLY I 958 7.91 6.96 -118.66
C GLY I 958 7.70 6.01 -117.49
N ARG I 959 7.86 6.54 -116.28
CA ARG I 959 7.64 5.76 -115.08
C ARG I 959 6.17 5.70 -114.68
N TYR I 960 5.28 6.38 -115.38
CA TYR I 960 3.96 6.70 -114.86
C TYR I 960 2.86 6.03 -115.64
N ILE I 961 1.76 5.74 -114.94
CA ILE I 961 0.49 5.39 -115.56
C ILE I 961 -0.40 6.61 -115.47
N ILE I 962 -0.94 7.05 -116.60
CA ILE I 962 -1.79 8.22 -116.66
C ILE I 962 -3.20 7.76 -117.02
N LEU I 963 -4.14 7.99 -116.11
CA LEU I 963 -5.54 7.61 -116.32
C LEU I 963 -6.34 8.88 -116.55
N LEU I 964 -7.13 8.87 -117.62
CA LEU I 964 -8.10 9.92 -117.87
C LEU I 964 -9.48 9.38 -117.50
N LEU I 965 -10.09 9.97 -116.47
CA LEU I 965 -11.38 9.53 -115.96
C LEU I 965 -12.50 10.46 -116.36
N GLY I 966 -12.25 11.36 -117.30
CA GLY I 966 -13.23 12.34 -117.69
C GLY I 966 -12.54 13.54 -118.29
N LYS I 967 -13.36 14.53 -118.67
CA LYS I 967 -12.81 15.75 -119.23
C LYS I 967 -12.15 16.63 -118.17
N ALA I 968 -12.48 16.42 -116.90
CA ALA I 968 -12.00 17.28 -115.83
C ALA I 968 -11.29 16.55 -114.71
N LEU I 969 -11.10 15.24 -114.82
CA LEU I 969 -10.47 14.44 -113.78
C LEU I 969 -9.43 13.52 -114.39
N SER I 970 -8.27 13.45 -113.76
CA SER I 970 -7.19 12.59 -114.22
C SER I 970 -6.36 12.15 -113.03
N VAL I 971 -5.68 11.03 -113.20
CA VAL I 971 -4.81 10.48 -112.16
C VAL I 971 -3.48 10.14 -112.79
N VAL I 972 -2.40 10.53 -112.14
CA VAL I 972 -1.04 10.20 -112.55
C VAL I 972 -0.39 9.41 -111.42
N TRP I 973 0.18 8.26 -111.76
CA TRP I 973 0.68 7.32 -110.77
C TRP I 973 2.03 6.80 -111.22
N ASP I 974 3.04 6.95 -110.36
CA ASP I 974 4.39 6.49 -110.69
C ASP I 974 4.55 4.98 -110.55
N ARG I 975 3.47 4.25 -110.34
CA ARG I 975 3.39 2.80 -110.25
C ARG I 975 3.89 2.27 -108.92
N HIS I 976 4.49 3.09 -108.06
CA HIS I 976 4.90 2.62 -106.75
C HIS I 976 4.21 3.34 -105.61
N LEU I 977 4.40 4.65 -105.47
CA LEU I 977 3.88 5.37 -104.32
C LEU I 977 3.19 6.69 -104.67
N SER I 978 3.72 7.43 -105.63
CA SER I 978 3.34 8.83 -105.83
C SER I 978 2.08 8.90 -106.67
N ILE I 979 0.94 8.84 -106.00
CA ILE I 979 -0.35 9.06 -106.63
C ILE I 979 -0.58 10.55 -106.76
N SER I 980 -1.05 10.99 -107.91
CA SER I 980 -1.39 12.38 -108.14
C SER I 980 -2.74 12.47 -108.82
N VAL I 981 -3.63 13.29 -108.28
CA VAL I 981 -4.96 13.50 -108.84
C VAL I 981 -5.03 14.94 -109.34
N VAL I 982 -5.46 15.10 -110.59
CA VAL I 982 -5.52 16.42 -111.22
C VAL I 982 -6.98 16.73 -111.51
N LEU I 983 -7.43 17.90 -111.04
CA LEU I 983 -8.80 18.34 -111.22
C LEU I 983 -8.81 19.67 -111.96
N LYS I 984 -9.71 19.80 -112.92
CA LYS I 984 -9.93 21.09 -113.55
C LYS I 984 -10.93 21.90 -112.74
N GLN I 985 -11.07 23.18 -113.11
CA GLN I 985 -11.80 24.13 -112.27
C GLN I 985 -13.24 23.73 -112.03
N THR I 986 -13.82 22.88 -112.89
CA THR I 986 -15.22 22.53 -112.72
C THR I 986 -15.50 21.81 -111.41
N TYR I 987 -14.49 21.19 -110.82
CA TYR I 987 -14.63 20.46 -109.56
C TYR I 987 -14.34 21.32 -108.34
N GLN I 988 -14.17 22.63 -108.52
CA GLN I 988 -13.78 23.49 -107.42
C GLN I 988 -14.92 23.60 -106.41
N GLU I 989 -14.56 23.62 -105.12
CA GLU I 989 -15.47 23.77 -103.99
C GLU I 989 -16.31 22.53 -103.75
N LYS I 990 -16.13 21.46 -104.53
CA LYS I 990 -16.99 20.31 -104.48
C LYS I 990 -16.34 19.07 -103.89
N VAL I 991 -15.03 18.92 -104.06
CA VAL I 991 -14.35 17.71 -103.63
C VAL I 991 -13.96 17.83 -102.17
N CYS I 992 -13.63 16.69 -101.58
CA CYS I 992 -13.19 16.62 -100.19
C CYS I 992 -12.24 15.44 -100.05
N GLY I 993 -11.96 15.05 -98.82
CA GLY I 993 -11.04 13.96 -98.56
C GLY I 993 -9.70 14.44 -98.06
N LEU I 994 -8.74 13.51 -98.08
CA LEU I 994 -7.39 13.84 -97.62
C LEU I 994 -6.76 14.95 -98.45
N CYS I 995 -7.17 15.10 -99.70
CA CYS I 995 -6.66 16.19 -100.53
C CYS I 995 -7.32 17.52 -100.23
N GLY I 996 -8.31 17.56 -99.35
CA GLY I 996 -8.93 18.80 -98.97
C GLY I 996 -9.93 19.29 -100.00
N ASN I 997 -10.67 20.33 -99.61
CA ASN I 997 -11.66 20.95 -100.50
C ASN I 997 -10.95 21.95 -101.39
N PHE I 998 -10.90 21.66 -102.67
CA PHE I 998 -10.27 22.56 -103.64
C PHE I 998 -11.06 23.85 -103.74
N ASP I 999 -10.53 24.89 -103.09
CA ASP I 999 -11.11 26.23 -103.10
C ASP I 999 -10.08 27.34 -103.16
N GLY I 1000 -8.79 27.01 -103.23
CA GLY I 1000 -7.73 27.99 -103.19
C GLY I 1000 -7.34 28.47 -101.81
N ILE I 1001 -7.91 27.90 -100.75
CA ILE I 1001 -7.63 28.28 -99.37
C ILE I 1001 -6.98 27.12 -98.66
N GLN I 1002 -5.86 27.37 -97.99
CA GLN I 1002 -5.14 26.30 -97.32
C GLN I 1002 -5.66 26.05 -95.92
N ASN I 1003 -6.07 27.11 -95.21
CA ASN I 1003 -6.37 26.99 -93.79
C ASN I 1003 -7.49 26.02 -93.51
N ASN I 1004 -8.40 25.80 -94.47
CA ASN I 1004 -9.55 24.95 -94.24
C ASN I 1004 -9.37 23.54 -94.78
N ASP I 1005 -8.17 23.16 -95.19
CA ASP I 1005 -7.99 21.87 -95.84
C ASP I 1005 -8.03 20.71 -94.87
N LEU I 1006 -7.83 20.95 -93.58
CA LEU I 1006 -7.89 19.87 -92.60
C LEU I 1006 -9.30 19.65 -92.09
N THR I 1007 -10.29 20.08 -92.86
CA THR I 1007 -11.69 19.83 -92.54
C THR I 1007 -11.96 18.34 -92.44
N SER I 1008 -12.32 17.86 -91.26
CA SER I 1008 -12.62 16.46 -91.08
C SER I 1008 -13.82 16.05 -91.91
N SER I 1009 -14.03 14.75 -92.01
CA SER I 1009 -15.22 14.25 -92.71
C SER I 1009 -16.49 14.73 -92.04
N ASN I 1010 -16.43 15.03 -90.74
CA ASN I 1010 -17.55 15.60 -90.01
C ASN I 1010 -17.55 17.12 -90.00
N LEU I 1011 -16.88 17.75 -90.97
CA LEU I 1011 -16.95 19.17 -91.27
C LEU I 1011 -16.21 20.04 -90.25
N GLN I 1012 -15.59 19.46 -89.24
CA GLN I 1012 -14.84 20.22 -88.24
C GLN I 1012 -13.37 20.28 -88.63
N VAL I 1013 -12.82 21.50 -88.63
CA VAL I 1013 -11.41 21.68 -88.95
C VAL I 1013 -10.56 21.26 -87.77
N GLU I 1014 -9.49 20.52 -88.04
CA GLU I 1014 -8.64 19.94 -87.02
C GLU I 1014 -7.27 20.58 -87.06
N GLU I 1015 -6.71 20.84 -85.87
CA GLU I 1015 -5.36 21.39 -85.79
C GLU I 1015 -4.31 20.33 -86.10
N ASP I 1016 -4.62 19.05 -85.86
CA ASP I 1016 -3.67 17.97 -86.03
C ASP I 1016 -4.06 17.13 -87.23
N PRO I 1017 -3.16 16.94 -88.20
CA PRO I 1017 -3.53 16.12 -89.36
C PRO I 1017 -3.86 14.68 -89.03
N VAL I 1018 -3.41 14.17 -87.89
CA VAL I 1018 -3.68 12.78 -87.54
C VAL I 1018 -5.17 12.58 -87.33
N ASP I 1019 -5.81 13.48 -86.59
CA ASP I 1019 -7.25 13.39 -86.38
C ASP I 1019 -8.01 13.53 -87.69
N PHE I 1020 -7.57 14.44 -88.54
CA PHE I 1020 -8.19 14.62 -89.85
C PHE I 1020 -8.16 13.33 -90.66
N GLY I 1021 -6.97 12.73 -90.77
CA GLY I 1021 -6.87 11.49 -91.51
C GLY I 1021 -7.67 10.37 -90.90
N ASN I 1022 -7.65 10.25 -89.57
CA ASN I 1022 -8.46 9.24 -88.91
C ASN I 1022 -9.93 9.44 -89.22
N SER I 1023 -10.36 10.71 -89.34
CA SER I 1023 -11.73 10.99 -89.71
C SER I 1023 -12.01 10.60 -91.14
N TRP I 1024 -11.00 10.50 -92.00
CA TRP I 1024 -11.22 10.11 -93.38
C TRP I 1024 -10.94 8.63 -93.66
N LYS I 1025 -10.85 7.79 -92.65
CA LYS I 1025 -10.65 6.36 -92.90
C LYS I 1025 -11.95 5.71 -93.35
N VAL I 1026 -11.87 4.89 -94.39
CA VAL I 1026 -13.07 4.31 -95.00
C VAL I 1026 -13.72 3.31 -94.06
N SER I 1027 -12.93 2.40 -93.49
CA SER I 1027 -13.45 1.33 -92.65
C SER I 1027 -13.35 1.74 -91.20
N SER I 1028 -14.48 1.73 -90.50
CA SER I 1028 -14.49 2.16 -89.11
C SER I 1028 -13.73 1.18 -88.20
N GLN I 1029 -13.83 -0.12 -88.50
CA GLN I 1029 -13.19 -1.11 -87.65
C GLN I 1029 -11.68 -1.01 -87.64
N CYS I 1030 -11.08 -0.37 -88.62
CA CYS I 1030 -9.64 -0.33 -88.73
C CYS I 1030 -9.04 0.60 -87.67
N ALA I 1031 -7.75 0.45 -87.43
CA ALA I 1031 -7.10 1.13 -86.32
C ALA I 1031 -6.85 2.61 -86.61
N ASP I 1032 -6.76 3.40 -85.54
CA ASP I 1032 -6.46 4.82 -85.65
C ASP I 1032 -4.97 5.07 -85.49
N THR I 1033 -4.49 6.11 -86.15
CA THR I 1033 -3.12 6.56 -85.95
C THR I 1033 -2.98 7.17 -84.55
N ARG I 1034 -1.84 6.92 -83.92
CA ARG I 1034 -1.72 7.09 -82.48
C ARG I 1034 -1.22 8.46 -82.05
N LYS I 1035 -0.87 9.34 -83.00
CA LYS I 1035 -0.27 10.64 -82.67
C LYS I 1035 1.00 10.46 -81.85
N VAL I 1036 2.00 9.85 -82.47
CA VAL I 1036 3.30 9.66 -81.84
C VAL I 1036 3.89 11.03 -81.52
N PRO I 1037 4.66 11.19 -80.44
CA PRO I 1037 5.25 12.50 -80.14
C PRO I 1037 6.11 13.00 -81.30
N LEU I 1038 6.09 14.32 -81.49
CA LEU I 1038 6.66 14.95 -82.66
C LEU I 1038 8.16 15.19 -82.48
N ASP I 1039 8.91 14.08 -82.55
CA ASP I 1039 10.35 14.18 -82.43
C ASP I 1039 10.94 14.93 -83.62
N SER I 1040 12.09 15.56 -83.40
CA SER I 1040 12.74 16.32 -84.47
C SER I 1040 13.18 15.42 -85.62
N SER I 1041 13.35 14.13 -85.38
CA SER I 1041 13.65 13.16 -86.42
C SER I 1041 12.88 11.89 -86.13
N PRO I 1042 12.53 11.13 -87.16
CA PRO I 1042 11.71 9.92 -86.94
C PRO I 1042 12.41 8.87 -86.09
N ALA I 1043 11.71 7.78 -85.82
CA ALA I 1043 12.34 6.63 -85.18
C ALA I 1043 13.44 6.11 -86.08
N THR I 1044 14.53 5.62 -85.45
CA THR I 1044 15.76 5.15 -86.07
C THR I 1044 16.64 6.31 -86.54
N CYS I 1045 16.19 7.55 -86.39
CA CYS I 1045 17.09 8.70 -86.40
C CYS I 1045 17.03 9.49 -85.11
N HIS I 1046 16.01 9.26 -84.27
CA HIS I 1046 15.92 9.96 -82.99
C HIS I 1046 17.12 9.67 -82.12
N ASN I 1047 17.59 8.42 -82.10
CA ASN I 1047 18.72 8.00 -81.29
C ASN I 1047 19.84 7.38 -82.12
N ASN I 1048 19.88 7.69 -83.42
CA ASN I 1048 20.92 7.15 -84.31
C ASN I 1048 21.55 8.33 -85.05
N ILE I 1049 22.57 8.91 -84.43
CA ILE I 1049 23.30 9.99 -85.07
C ILE I 1049 24.29 9.38 -86.05
N MET I 1050 24.69 10.15 -87.06
CA MET I 1050 25.48 9.74 -88.19
C MET I 1050 24.61 8.97 -89.18
N LYS I 1051 23.39 8.62 -88.81
CA LYS I 1051 22.38 8.28 -89.81
C LYS I 1051 21.49 9.47 -90.09
N GLN I 1052 21.17 10.25 -89.07
CA GLN I 1052 20.40 11.48 -89.26
C GLN I 1052 21.13 12.43 -90.20
N THR I 1053 22.44 12.60 -89.99
CA THR I 1053 23.20 13.53 -90.80
C THR I 1053 23.50 12.97 -92.19
N MET I 1054 23.71 11.67 -92.33
CA MET I 1054 23.82 11.13 -93.69
C MET I 1054 22.54 11.37 -94.46
N VAL I 1055 21.39 11.12 -93.82
CA VAL I 1055 20.11 11.38 -94.47
C VAL I 1055 19.99 12.85 -94.85
N ASP I 1056 20.36 13.74 -93.92
CA ASP I 1056 20.24 15.17 -94.21
C ASP I 1056 21.10 15.56 -95.40
N SER I 1057 22.38 15.21 -95.35
CA SER I 1057 23.31 15.63 -96.40
C SER I 1057 22.99 14.98 -97.74
N SER I 1058 22.42 13.78 -97.72
CA SER I 1058 22.02 13.16 -98.99
C SER I 1058 20.75 13.78 -99.54
N CYS I 1059 19.81 14.16 -98.67
CA CYS I 1059 18.61 14.83 -99.12
C CYS I 1059 18.89 16.25 -99.58
N ARG I 1060 20.00 16.85 -99.15
CA ARG I 1060 20.38 18.17 -99.64
C ARG I 1060 20.62 18.20 -101.13
N ILE I 1061 20.58 17.05 -101.81
CA ILE I 1061 20.64 17.03 -103.28
C ILE I 1061 19.59 17.96 -103.86
N LEU I 1062 18.48 18.16 -103.16
CA LEU I 1062 17.45 19.08 -103.61
C LEU I 1062 17.99 20.50 -103.74
N THR I 1063 19.02 20.83 -102.99
CA THR I 1063 19.62 22.17 -103.03
C THR I 1063 20.78 22.26 -104.02
N SER I 1064 21.20 21.14 -104.61
CA SER I 1064 22.39 21.14 -105.45
C SER I 1064 22.17 21.97 -106.70
N ASP I 1065 23.22 22.04 -107.53
CA ASP I 1065 23.21 22.93 -108.69
C ASP I 1065 22.10 22.58 -109.67
N VAL I 1066 21.90 21.29 -109.94
CA VAL I 1066 20.91 20.90 -110.93
C VAL I 1066 19.52 21.37 -110.54
N PHE I 1067 19.20 21.32 -109.24
CA PHE I 1067 17.93 21.80 -108.73
C PHE I 1067 17.96 23.27 -108.37
N GLN I 1068 19.12 23.92 -108.40
CA GLN I 1068 19.24 25.26 -107.86
C GLN I 1068 18.39 26.26 -108.63
N ASP I 1069 18.16 26.01 -109.93
CA ASP I 1069 17.32 26.91 -110.69
C ASP I 1069 15.83 26.64 -110.48
N CYS I 1070 15.47 25.39 -110.18
CA CYS I 1070 14.10 25.10 -109.82
C CYS I 1070 13.73 25.70 -108.46
N ASN I 1071 14.69 25.73 -107.53
CA ASN I 1071 14.39 26.25 -106.19
C ASN I 1071 13.97 27.71 -106.22
N LYS I 1072 14.26 28.44 -107.29
CA LYS I 1072 13.73 29.79 -107.43
C LYS I 1072 12.23 29.77 -107.66
N LEU I 1073 11.72 28.77 -108.37
CA LEU I 1073 10.31 28.68 -108.67
C LEU I 1073 9.53 27.90 -107.62
N VAL I 1074 10.12 26.86 -107.04
CA VAL I 1074 9.45 25.99 -106.10
C VAL I 1074 10.27 25.91 -104.82
N ASP I 1075 9.58 25.81 -103.69
CA ASP I 1075 10.25 25.70 -102.40
C ASP I 1075 10.66 24.26 -102.15
N PRO I 1076 11.95 23.97 -101.99
CA PRO I 1076 12.36 22.58 -101.74
C PRO I 1076 12.19 22.13 -100.32
N GLU I 1077 11.94 23.04 -99.38
CA GLU I 1077 11.90 22.67 -97.97
C GLU I 1077 10.87 21.60 -97.65
N PRO I 1078 9.61 21.69 -98.11
CA PRO I 1078 8.68 20.59 -97.83
C PRO I 1078 9.17 19.25 -98.34
N TYR I 1079 9.71 19.23 -99.57
CA TYR I 1079 10.21 17.99 -100.13
C TYR I 1079 11.46 17.53 -99.42
N LEU I 1080 12.27 18.46 -98.91
CA LEU I 1080 13.40 18.07 -98.07
C LEU I 1080 12.93 17.38 -96.81
N ASP I 1081 11.87 17.91 -96.18
CA ASP I 1081 11.33 17.26 -94.99
C ASP I 1081 10.81 15.88 -95.31
N VAL I 1082 10.08 15.74 -96.42
CA VAL I 1082 9.58 14.42 -96.83
C VAL I 1082 10.74 13.47 -97.06
N CYS I 1083 11.78 13.93 -97.74
CA CYS I 1083 12.94 13.10 -98.00
C CYS I 1083 13.55 12.60 -96.70
N ILE I 1084 13.78 13.50 -95.75
CA ILE I 1084 14.40 13.12 -94.49
C ILE I 1084 13.53 12.11 -93.76
N TYR I 1085 12.22 12.39 -93.67
CA TYR I 1085 11.32 11.51 -92.94
C TYR I 1085 11.32 10.11 -93.55
N ASP I 1086 11.10 10.03 -94.86
CA ASP I 1086 11.01 8.72 -95.50
C ASP I 1086 12.33 7.99 -95.46
N THR I 1087 13.44 8.72 -95.52
CA THR I 1087 14.73 8.05 -95.55
C THR I 1087 15.11 7.49 -94.18
N CYS I 1088 14.81 8.22 -93.11
CA CYS I 1088 14.93 7.62 -91.79
C CYS I 1088 14.03 6.41 -91.64
N SER I 1089 12.75 6.57 -91.96
CA SER I 1089 11.80 5.49 -91.69
C SER I 1089 12.11 4.24 -92.51
N CYS I 1090 12.58 4.42 -93.76
CA CYS I 1090 12.75 3.30 -94.66
C CYS I 1090 13.96 2.46 -94.30
N GLU I 1091 15.12 3.09 -94.17
CA GLU I 1091 16.43 2.42 -94.11
C GLU I 1091 16.46 1.25 -95.09
N SER I 1092 16.28 1.59 -96.36
CA SER I 1092 16.12 0.60 -97.41
C SER I 1092 17.42 -0.16 -97.62
N ILE I 1093 17.30 -1.30 -98.31
CA ILE I 1093 18.42 -2.23 -98.45
C ILE I 1093 18.90 -2.34 -99.89
N GLY I 1094 18.06 -2.91 -100.74
CA GLY I 1094 18.49 -3.23 -102.10
C GLY I 1094 18.05 -2.19 -103.08
N ASP I 1095 16.79 -1.81 -103.02
CA ASP I 1095 16.28 -0.70 -103.79
C ASP I 1095 16.30 0.54 -102.91
N CYS I 1096 16.86 1.62 -103.44
CA CYS I 1096 16.97 2.88 -102.73
C CYS I 1096 15.74 3.74 -102.96
N ALA I 1097 14.59 3.10 -103.13
CA ALA I 1097 13.43 3.71 -103.76
C ALA I 1097 12.84 4.86 -102.96
N CYS I 1098 12.91 4.82 -101.63
CA CYS I 1098 12.30 5.89 -100.85
C CYS I 1098 12.93 7.24 -101.20
N PHE I 1099 14.24 7.32 -101.05
CA PHE I 1099 14.98 8.53 -101.38
C PHE I 1099 14.79 8.92 -102.84
N CYS I 1100 15.00 7.96 -103.74
CA CYS I 1100 14.96 8.28 -105.16
C CYS I 1100 13.57 8.75 -105.57
N ASP I 1101 12.53 8.16 -105.01
CA ASP I 1101 11.17 8.55 -105.36
C ASP I 1101 10.82 9.93 -104.82
N THR I 1102 11.31 10.28 -103.62
CA THR I 1102 11.09 11.64 -103.15
C THR I 1102 11.77 12.67 -104.05
N ILE I 1103 13.03 12.40 -104.41
CA ILE I 1103 13.73 13.32 -105.31
C ILE I 1103 13.02 13.37 -106.66
N ALA I 1104 12.49 12.24 -107.11
CA ALA I 1104 11.78 12.21 -108.39
C ALA I 1104 10.49 13.00 -108.32
N ALA I 1105 9.81 12.98 -107.16
CA ALA I 1105 8.61 13.80 -107.00
C ALA I 1105 8.96 15.29 -107.10
N TYR I 1106 10.04 15.70 -106.45
CA TYR I 1106 10.45 17.10 -106.57
C TYR I 1106 10.80 17.44 -108.01
N ALA I 1107 11.52 16.55 -108.69
CA ALA I 1107 11.86 16.79 -110.08
C ALA I 1107 10.62 16.84 -110.96
N HIS I 1108 9.59 16.05 -110.63
CA HIS I 1108 8.34 16.09 -111.37
C HIS I 1108 7.65 17.44 -111.21
N VAL I 1109 7.65 17.98 -109.98
CA VAL I 1109 7.08 19.31 -109.78
C VAL I 1109 7.87 20.35 -110.58
N CYS I 1110 9.20 20.26 -110.52
CA CYS I 1110 10.03 21.19 -111.29
C CYS I 1110 9.70 21.12 -112.77
N ALA I 1111 9.56 19.90 -113.30
CA ALA I 1111 9.21 19.74 -114.71
C ALA I 1111 7.86 20.35 -115.03
N GLN I 1112 6.88 20.18 -114.13
CA GLN I 1112 5.61 20.85 -114.33
C GLN I 1112 5.78 22.35 -114.43
N HIS I 1113 6.69 22.92 -113.64
CA HIS I 1113 6.99 24.35 -113.72
C HIS I 1113 7.99 24.70 -114.81
N GLY I 1114 8.22 23.81 -115.78
CA GLY I 1114 9.10 24.09 -116.90
C GLY I 1114 10.57 23.90 -116.63
N LYS I 1115 10.98 23.68 -115.38
CA LYS I 1115 12.38 23.47 -115.03
C LYS I 1115 12.70 21.97 -115.05
N VAL I 1116 12.99 21.46 -116.25
CA VAL I 1116 13.40 20.08 -116.40
C VAL I 1116 14.81 19.90 -115.83
N VAL I 1117 14.97 18.93 -114.95
CA VAL I 1117 16.22 18.74 -114.20
C VAL I 1117 16.74 17.33 -114.46
N THR I 1118 18.03 17.23 -114.79
CA THR I 1118 18.68 15.96 -115.08
C THR I 1118 19.42 15.46 -113.84
N TRP I 1119 18.66 15.00 -112.86
CA TRP I 1119 19.24 14.67 -111.57
C TRP I 1119 19.78 13.25 -111.46
N ARG I 1120 19.39 12.36 -112.37
CA ARG I 1120 19.89 10.98 -112.32
C ARG I 1120 21.37 10.94 -112.66
N THR I 1121 22.09 10.04 -112.00
CA THR I 1121 23.48 9.74 -112.33
C THR I 1121 23.71 8.26 -112.12
N ALA I 1122 24.78 7.76 -112.73
CA ALA I 1122 25.12 6.35 -112.58
C ALA I 1122 25.40 5.99 -111.12
N THR I 1123 25.83 6.97 -110.32
CA THR I 1123 26.15 6.73 -108.92
C THR I 1123 25.05 7.21 -107.98
N LEU I 1124 23.97 7.80 -108.50
CA LEU I 1124 22.87 8.28 -107.66
C LEU I 1124 21.57 7.91 -108.35
N CYS I 1125 20.82 7.01 -107.74
CA CYS I 1125 19.51 6.60 -108.22
C CYS I 1125 19.52 6.29 -109.73
N PRO I 1126 20.40 5.41 -110.19
CA PRO I 1126 20.46 5.13 -111.62
C PRO I 1126 19.21 4.43 -112.12
N GLN I 1127 18.90 4.68 -113.39
CA GLN I 1127 17.80 4.02 -114.06
C GLN I 1127 18.26 3.62 -115.45
N SER I 1128 17.85 2.42 -115.88
CA SER I 1128 18.25 1.89 -117.17
C SER I 1128 17.03 1.40 -117.93
N CYS I 1129 17.05 1.58 -119.25
CA CYS I 1129 15.99 1.15 -120.13
C CYS I 1129 16.43 0.04 -121.07
N GLU I 1130 17.69 -0.37 -120.97
CA GLU I 1130 18.29 -1.36 -121.86
C GLU I 1130 17.53 -2.69 -121.84
N GLU I 1131 16.78 -2.99 -120.79
CA GLU I 1131 15.99 -4.21 -120.76
C GLU I 1131 15.00 -4.29 -121.91
N ARG I 1132 14.54 -3.14 -122.40
CA ARG I 1132 13.60 -3.09 -123.51
C ARG I 1132 14.29 -3.14 -124.87
N ASN I 1133 15.59 -2.88 -124.92
CA ASN I 1133 16.32 -2.87 -126.18
C ASN I 1133 16.90 -4.23 -126.57
N LEU I 1134 17.33 -5.04 -125.61
CA LEU I 1134 17.71 -6.41 -125.90
C LEU I 1134 16.49 -7.23 -126.34
N ARG I 1135 16.72 -8.15 -127.28
CA ARG I 1135 15.63 -8.71 -128.07
C ARG I 1135 16.06 -10.08 -128.61
N GLU I 1136 15.06 -10.86 -129.02
CA GLU I 1136 15.31 -12.15 -129.67
C GLU I 1136 16.09 -12.00 -130.97
N ASN I 1137 16.01 -10.84 -131.61
CA ASN I 1137 16.82 -10.52 -132.77
C ASN I 1137 18.22 -10.04 -132.40
N GLY I 1138 18.56 -10.02 -131.11
CA GLY I 1138 19.77 -9.39 -130.63
C GLY I 1138 19.51 -8.12 -129.85
N TYR I 1139 19.65 -6.96 -130.49
CA TYR I 1139 19.54 -5.70 -129.77
C TYR I 1139 19.17 -4.59 -130.74
N GLU I 1140 18.25 -3.72 -130.35
CA GLU I 1140 18.03 -2.45 -131.04
C GLU I 1140 17.65 -1.37 -130.03
N CYS I 1141 18.31 -0.23 -130.13
CA CYS I 1141 18.37 0.79 -129.07
C CYS I 1141 17.31 1.87 -129.20
N GLU I 1142 16.06 1.48 -129.45
CA GLU I 1142 14.99 2.47 -129.59
C GLU I 1142 14.61 3.13 -128.27
N TRP I 1143 14.64 2.39 -127.15
CA TRP I 1143 14.32 2.99 -125.85
C TRP I 1143 15.53 3.70 -125.23
N ARG I 1144 15.29 4.90 -124.72
CA ARG I 1144 16.26 5.67 -123.96
C ARG I 1144 15.59 6.22 -122.72
N TYR I 1145 16.32 6.30 -121.62
CA TYR I 1145 15.88 7.17 -120.54
C TYR I 1145 15.93 8.61 -120.99
N ASN I 1146 14.89 9.37 -120.64
CA ASN I 1146 14.90 10.81 -120.82
C ASN I 1146 14.47 11.46 -119.51
N SER I 1147 15.15 12.56 -119.13
CA SER I 1147 14.82 13.27 -117.90
C SER I 1147 13.33 13.54 -117.79
N CYS I 1148 12.73 14.03 -118.87
CA CYS I 1148 11.29 13.99 -119.00
C CYS I 1148 10.97 14.04 -120.50
N ALA I 1149 10.02 13.22 -120.91
CA ALA I 1149 9.56 13.17 -122.28
C ALA I 1149 8.09 13.59 -122.35
N PRO I 1150 7.61 13.99 -123.53
CA PRO I 1150 6.19 14.32 -123.65
C PRO I 1150 5.32 13.17 -123.18
N ALA I 1151 4.29 13.50 -122.40
CA ALA I 1151 3.64 12.49 -121.57
C ALA I 1151 2.76 11.56 -122.40
N CYS I 1152 2.06 12.08 -123.40
CA CYS I 1152 0.95 11.36 -124.00
C CYS I 1152 1.16 11.23 -125.51
N GLN I 1153 2.30 10.65 -125.88
CA GLN I 1153 2.66 10.44 -127.27
C GLN I 1153 1.59 9.64 -128.01
N VAL I 1154 1.65 9.72 -129.33
CA VAL I 1154 0.81 8.89 -130.20
C VAL I 1154 1.38 7.48 -130.25
N THR I 1155 0.50 6.48 -130.30
CA THR I 1155 0.90 5.09 -130.37
C THR I 1155 -0.11 4.33 -131.22
N CYS I 1156 0.22 3.07 -131.51
CA CYS I 1156 -0.72 2.20 -132.21
C CYS I 1156 -1.99 1.97 -131.41
N GLN I 1157 -1.94 2.12 -130.10
CA GLN I 1157 -3.12 2.00 -129.26
C GLN I 1157 -3.79 3.35 -129.01
N HIS I 1158 -3.09 4.45 -129.21
CA HIS I 1158 -3.64 5.80 -129.07
C HIS I 1158 -3.26 6.61 -130.30
N PRO I 1159 -3.79 6.24 -131.47
CA PRO I 1159 -3.42 6.98 -132.69
C PRO I 1159 -3.80 8.45 -132.65
N GLU I 1160 -4.92 8.78 -132.04
CA GLU I 1160 -5.31 10.18 -131.97
C GLU I 1160 -4.63 10.85 -130.78
N PRO I 1161 -4.29 12.13 -130.91
CA PRO I 1161 -3.76 12.87 -129.76
C PRO I 1161 -4.86 13.13 -128.76
N LEU I 1162 -4.53 13.01 -127.48
CA LEU I 1162 -5.49 13.14 -126.39
C LEU I 1162 -4.91 14.02 -125.31
N ALA I 1163 -5.71 14.97 -124.83
CA ALA I 1163 -5.26 15.89 -123.81
C ALA I 1163 -5.08 15.17 -122.48
N CYS I 1164 -4.01 15.50 -121.78
CA CYS I 1164 -3.68 14.84 -120.52
C CYS I 1164 -2.96 15.83 -119.62
N PRO I 1165 -3.05 15.66 -118.30
CA PRO I 1165 -2.72 16.78 -117.40
C PRO I 1165 -1.28 17.23 -117.45
N VAL I 1166 -0.33 16.32 -117.52
CA VAL I 1166 1.09 16.64 -117.35
C VAL I 1166 1.76 16.68 -118.70
N GLN I 1167 2.54 17.74 -118.95
CA GLN I 1167 3.18 17.90 -120.25
C GLN I 1167 4.36 16.95 -120.42
N CYS I 1168 5.17 16.77 -119.38
CA CYS I 1168 6.45 16.08 -119.53
C CYS I 1168 6.69 15.23 -118.30
N VAL I 1169 7.05 13.96 -118.50
CA VAL I 1169 7.21 13.00 -117.42
C VAL I 1169 8.50 12.22 -117.61
N GLU I 1170 9.13 11.89 -116.49
CA GLU I 1170 10.36 11.12 -116.49
C GLU I 1170 10.12 9.65 -116.83
N GLY I 1171 11.13 9.04 -117.44
CA GLY I 1171 11.21 7.60 -117.56
C GLY I 1171 11.78 7.18 -118.89
N CYS I 1172 11.65 5.88 -119.17
CA CYS I 1172 12.04 5.32 -120.46
C CYS I 1172 11.12 5.80 -121.58
N HIS I 1173 11.74 6.27 -122.66
CA HIS I 1173 11.03 6.85 -123.79
C HIS I 1173 11.57 6.22 -125.06
N ALA I 1174 10.69 5.81 -125.96
CA ALA I 1174 11.09 5.27 -127.25
C ALA I 1174 11.25 6.41 -128.25
N HIS I 1175 12.46 6.56 -128.79
CA HIS I 1175 12.72 7.51 -129.87
C HIS I 1175 13.02 6.75 -131.15
N CYS I 1176 12.26 7.03 -132.20
CA CYS I 1176 12.36 6.31 -133.46
C CYS I 1176 12.04 7.26 -134.60
N PRO I 1177 12.35 6.90 -135.85
CA PRO I 1177 12.43 7.91 -136.93
C PRO I 1177 11.08 8.51 -137.27
N PRO I 1178 11.06 9.52 -138.15
CA PRO I 1178 9.79 10.15 -138.53
C PRO I 1178 8.82 9.18 -139.18
N GLY I 1179 7.53 9.44 -139.02
CA GLY I 1179 6.49 8.59 -139.56
C GLY I 1179 6.35 7.26 -138.87
N LYS I 1180 7.31 6.88 -138.03
CA LYS I 1180 7.28 5.61 -137.32
C LYS I 1180 6.54 5.78 -136.00
N ILE I 1181 5.76 4.77 -135.62
CA ILE I 1181 4.86 4.87 -134.48
C ILE I 1181 5.12 3.69 -133.55
N LEU I 1182 5.08 3.95 -132.24
CA LEU I 1182 5.24 2.90 -131.24
C LEU I 1182 4.00 2.01 -131.17
N ASP I 1183 4.22 0.70 -131.07
CA ASP I 1183 3.21 -0.25 -130.63
C ASP I 1183 3.44 -0.62 -129.16
N GLU I 1184 2.48 -0.29 -128.31
CA GLU I 1184 2.60 -0.56 -126.88
C GLU I 1184 2.58 -2.05 -126.55
N LEU I 1185 1.91 -2.88 -127.37
CA LEU I 1185 1.94 -4.31 -127.13
C LEU I 1185 3.31 -4.90 -127.44
N LEU I 1186 3.98 -4.40 -128.48
CA LEU I 1186 5.34 -4.85 -128.78
C LEU I 1186 6.39 -4.09 -127.99
N GLN I 1187 6.03 -2.98 -127.37
CA GLN I 1187 7.00 -1.98 -126.91
C GLN I 1187 8.04 -1.71 -128.00
N THR I 1188 7.59 -1.59 -129.24
CA THR I 1188 8.45 -1.49 -130.40
C THR I 1188 7.81 -0.53 -131.39
N CYS I 1189 8.63 0.30 -132.03
CA CYS I 1189 8.18 1.18 -133.10
C CYS I 1189 7.86 0.40 -134.37
N VAL I 1190 6.69 0.66 -134.96
CA VAL I 1190 6.22 0.00 -136.17
C VAL I 1190 5.50 1.02 -137.04
N ASP I 1191 5.31 0.67 -138.31
CA ASP I 1191 4.65 1.57 -139.24
C ASP I 1191 3.21 1.82 -138.81
N PRO I 1192 2.63 2.96 -139.22
CA PRO I 1192 1.24 3.23 -138.86
C PRO I 1192 0.27 2.16 -139.31
N GLU I 1193 0.58 1.46 -140.41
CA GLU I 1193 -0.29 0.41 -140.92
C GLU I 1193 -0.14 -0.91 -140.17
N ASP I 1194 0.86 -1.02 -139.29
CA ASP I 1194 1.11 -2.26 -138.57
C ASP I 1194 0.34 -2.38 -137.26
N CYS I 1195 -0.47 -1.38 -136.92
CA CYS I 1195 -1.17 -1.41 -135.65
C CYS I 1195 -2.13 -2.60 -135.60
N PRO I 1196 -2.27 -3.26 -134.44
CA PRO I 1196 -3.18 -4.41 -134.35
C PRO I 1196 -4.65 -4.01 -134.24
N VAL I 1197 -4.96 -2.74 -133.99
CA VAL I 1197 -6.35 -2.30 -133.87
C VAL I 1197 -6.58 -1.03 -134.68
N SER I 1262 -34.89 36.45 -112.94
CA SER I 1262 -35.13 35.40 -113.92
C SER I 1262 -36.29 34.51 -113.49
N GLU I 1263 -37.03 34.00 -114.47
CA GLU I 1263 -38.25 33.24 -114.26
C GLU I 1263 -39.23 34.00 -113.36
N PRO I 1264 -39.81 35.08 -113.85
CA PRO I 1264 -40.81 35.83 -113.06
C PRO I 1264 -42.02 34.99 -112.68
N PRO I 1265 -42.57 34.12 -113.57
CA PRO I 1265 -43.90 33.54 -113.28
C PRO I 1265 -43.90 32.48 -112.18
N LEU I 1266 -42.82 32.36 -111.41
CA LEU I 1266 -42.83 31.42 -110.30
C LEU I 1266 -43.94 31.75 -109.30
N HIS I 1267 -44.37 33.01 -109.24
CA HIS I 1267 -45.50 33.38 -108.40
C HIS I 1267 -46.09 34.68 -108.91
N ASP I 1268 -47.34 34.95 -108.51
CA ASP I 1268 -47.99 36.19 -108.88
C ASP I 1268 -47.25 37.40 -108.33
N PHE I 1269 -46.60 37.26 -107.18
CA PHE I 1269 -45.83 38.33 -106.58
C PHE I 1269 -44.36 38.14 -106.96
N TYR I 1270 -43.81 39.10 -107.69
CA TYR I 1270 -42.42 39.06 -108.13
C TYR I 1270 -41.85 40.45 -107.97
N CYS I 1271 -40.69 40.55 -107.33
CA CYS I 1271 -40.22 41.80 -106.76
C CYS I 1271 -38.94 42.21 -107.47
N SER I 1272 -39.08 43.02 -108.53
CA SER I 1272 -37.96 43.47 -109.35
C SER I 1272 -37.63 44.90 -108.97
N ARG I 1273 -36.75 45.05 -107.98
CA ARG I 1273 -36.35 46.36 -107.48
C ARG I 1273 -35.05 46.23 -106.70
N LEU I 1274 -34.42 47.36 -106.45
CA LEU I 1274 -33.08 47.40 -105.86
C LEU I 1274 -33.18 47.11 -104.38
N LEU I 1275 -32.62 45.98 -103.94
CA LEU I 1275 -32.67 45.59 -102.54
C LEU I 1275 -31.47 44.71 -102.20
N ASP I 1276 -30.96 44.87 -100.98
CA ASP I 1276 -30.05 43.92 -100.34
C ASP I 1276 -30.74 43.34 -99.10
N LEU I 1277 -30.86 42.01 -99.05
CA LEU I 1277 -31.68 41.35 -98.04
C LEU I 1277 -30.88 40.25 -97.34
N VAL I 1278 -30.93 40.22 -96.02
CA VAL I 1278 -30.29 39.17 -95.21
C VAL I 1278 -31.35 38.48 -94.35
N PHE I 1279 -31.43 37.16 -94.47
CA PHE I 1279 -32.23 36.33 -93.57
C PHE I 1279 -31.39 35.84 -92.40
N LEU I 1280 -31.73 36.25 -91.19
CA LEU I 1280 -31.04 35.81 -89.98
C LEU I 1280 -31.90 34.77 -89.27
N LEU I 1281 -31.39 33.53 -89.18
CA LEU I 1281 -32.19 32.38 -88.74
C LEU I 1281 -31.72 31.89 -87.38
N ASP I 1282 -32.64 31.80 -86.43
CA ASP I 1282 -32.34 31.35 -85.08
C ASP I 1282 -31.99 29.86 -85.08
N GLY I 1283 -30.74 29.55 -84.76
CA GLY I 1283 -30.28 28.18 -84.69
C GLY I 1283 -30.38 27.53 -83.33
N SER I 1284 -31.17 28.11 -82.43
CA SER I 1284 -31.26 27.59 -81.07
C SER I 1284 -32.20 26.39 -81.00
N SER I 1285 -32.15 25.70 -79.86
CA SER I 1285 -32.97 24.53 -79.64
C SER I 1285 -34.45 24.85 -79.48
N ARG I 1286 -34.81 26.12 -79.30
CA ARG I 1286 -36.20 26.50 -79.17
C ARG I 1286 -37.00 26.17 -80.43
N LEU I 1287 -36.32 26.00 -81.56
CA LEU I 1287 -36.93 25.45 -82.76
C LEU I 1287 -36.45 24.01 -82.94
N SER I 1288 -37.39 23.08 -83.00
CA SER I 1288 -37.05 21.71 -83.35
C SER I 1288 -36.67 21.64 -84.83
N GLU I 1289 -36.01 20.55 -85.19
CA GLU I 1289 -35.58 20.38 -86.58
C GLU I 1289 -36.75 20.51 -87.55
N ALA I 1290 -37.92 19.96 -87.20
CA ALA I 1290 -39.09 20.09 -88.06
C ALA I 1290 -39.48 21.55 -88.24
N GLU I 1291 -39.48 22.30 -87.15
CA GLU I 1291 -39.79 23.72 -87.23
C GLU I 1291 -38.74 24.46 -88.04
N PHE I 1292 -37.47 24.09 -87.87
CA PHE I 1292 -36.45 24.73 -88.66
C PHE I 1292 -36.64 24.43 -90.14
N GLU I 1293 -37.16 23.25 -90.46
CA GLU I 1293 -37.44 22.91 -91.86
C GLU I 1293 -38.50 23.81 -92.45
N VAL I 1294 -39.59 24.06 -91.70
CA VAL I 1294 -40.61 24.94 -92.26
C VAL I 1294 -40.10 26.38 -92.33
N LEU I 1295 -39.23 26.76 -91.39
CA LEU I 1295 -38.60 28.08 -91.46
C LEU I 1295 -37.74 28.22 -92.71
N LYS I 1296 -37.00 27.16 -93.04
CA LYS I 1296 -36.20 27.14 -94.25
C LYS I 1296 -37.09 27.23 -95.49
N ALA I 1297 -38.21 26.53 -95.48
CA ALA I 1297 -39.13 26.60 -96.61
C ALA I 1297 -39.69 28.01 -96.78
N PHE I 1298 -39.95 28.70 -95.67
CA PHE I 1298 -40.35 30.10 -95.69
C PHE I 1298 -39.30 30.99 -96.35
N VAL I 1299 -38.04 30.79 -95.98
CA VAL I 1299 -36.94 31.50 -96.66
C VAL I 1299 -36.94 31.16 -98.15
N VAL I 1300 -37.14 29.89 -98.49
CA VAL I 1300 -36.97 29.46 -99.87
C VAL I 1300 -38.06 30.06 -100.74
N ASP I 1301 -39.32 30.04 -100.28
CA ASP I 1301 -40.37 30.63 -101.11
C ASP I 1301 -40.23 32.15 -101.21
N MET I 1302 -39.78 32.81 -100.14
CA MET I 1302 -39.50 34.23 -100.28
C MET I 1302 -38.43 34.49 -101.32
N MET I 1303 -37.40 33.65 -101.38
CA MET I 1303 -36.42 33.77 -102.46
C MET I 1303 -37.02 33.46 -103.82
N GLU I 1304 -38.03 32.59 -103.87
CA GLU I 1304 -38.78 32.42 -105.11
C GLU I 1304 -39.48 33.70 -105.53
N ARG I 1305 -39.88 34.52 -104.56
CA ARG I 1305 -40.65 35.73 -104.85
C ARG I 1305 -39.78 36.99 -104.96
N LEU I 1306 -38.46 36.84 -105.01
CA LEU I 1306 -37.55 37.95 -105.23
C LEU I 1306 -36.75 37.75 -106.51
N ARG I 1307 -36.51 38.84 -107.25
CA ARG I 1307 -35.71 38.79 -108.46
C ARG I 1307 -34.24 38.73 -108.06
N ILE I 1308 -33.74 37.50 -107.90
CA ILE I 1308 -32.38 37.29 -107.39
C ILE I 1308 -31.37 37.57 -108.49
N SER I 1309 -30.47 38.52 -108.25
CA SER I 1309 -29.35 38.83 -109.12
C SER I 1309 -28.53 39.94 -108.46
N GLN I 1310 -27.31 40.14 -108.95
CA GLN I 1310 -26.53 41.28 -108.49
C GLN I 1310 -27.24 42.59 -108.83
N LYS I 1311 -27.85 42.66 -110.01
CA LYS I 1311 -28.87 43.65 -110.27
C LYS I 1311 -30.13 43.30 -109.48
N TRP I 1312 -30.93 44.32 -109.18
CA TRP I 1312 -32.17 44.14 -108.44
C TRP I 1312 -31.86 43.63 -107.03
N VAL I 1313 -32.26 42.40 -106.70
CA VAL I 1313 -32.26 41.95 -105.31
C VAL I 1313 -31.08 41.02 -105.07
N ARG I 1314 -30.30 41.32 -104.04
CA ARG I 1314 -29.25 40.44 -103.53
C ARG I 1314 -29.69 39.85 -102.19
N VAL I 1315 -29.51 38.54 -102.02
CA VAL I 1315 -29.98 37.82 -100.85
C VAL I 1315 -28.82 37.12 -100.17
N ALA I 1316 -28.82 37.16 -98.84
CA ALA I 1316 -27.89 36.40 -98.03
C ALA I 1316 -28.65 35.68 -96.93
N VAL I 1317 -28.13 34.53 -96.51
CA VAL I 1317 -28.76 33.69 -95.50
C VAL I 1317 -27.74 33.42 -94.41
N VAL I 1318 -28.15 33.63 -93.16
CA VAL I 1318 -27.22 33.56 -92.04
C VAL I 1318 -27.91 32.86 -90.88
N GLU I 1319 -27.44 31.68 -90.52
CA GLU I 1319 -27.85 31.03 -89.29
C GLU I 1319 -26.95 31.47 -88.15
N TYR I 1320 -27.55 31.83 -87.02
CA TYR I 1320 -26.80 32.19 -85.82
C TYR I 1320 -27.12 31.19 -84.71
N HIS I 1321 -26.07 30.56 -84.18
CA HIS I 1321 -26.20 29.58 -83.12
C HIS I 1321 -25.12 29.81 -82.07
N ASP I 1322 -25.01 31.05 -81.60
CA ASP I 1322 -23.92 31.64 -80.84
C ASP I 1322 -22.73 31.97 -81.74
N GLY I 1323 -22.78 31.57 -83.00
CA GLY I 1323 -21.86 32.09 -83.99
C GLY I 1323 -22.59 32.21 -85.31
N SER I 1324 -22.19 33.20 -86.09
CA SER I 1324 -22.97 33.60 -87.26
C SER I 1324 -22.56 32.77 -88.47
N HIS I 1325 -23.23 31.64 -88.64
CA HIS I 1325 -22.99 30.74 -89.77
C HIS I 1325 -23.67 31.26 -91.02
N ALA I 1326 -22.90 31.87 -91.91
CA ALA I 1326 -23.42 32.36 -93.18
C ALA I 1326 -23.40 31.25 -94.22
N TYR I 1327 -24.53 31.02 -94.88
CA TYR I 1327 -24.62 30.04 -95.96
C TYR I 1327 -24.64 30.68 -97.34
N ILE I 1328 -25.17 31.89 -97.47
CA ILE I 1328 -25.18 32.62 -98.73
C ILE I 1328 -24.73 34.04 -98.45
N GLY I 1329 -23.86 34.56 -99.31
CA GLY I 1329 -23.43 35.94 -99.20
C GLY I 1329 -23.95 36.78 -100.35
N LEU I 1330 -24.06 38.09 -100.14
CA LEU I 1330 -24.58 38.97 -101.19
C LEU I 1330 -23.68 39.01 -102.40
N LYS I 1331 -22.41 38.64 -102.25
CA LYS I 1331 -21.48 38.63 -103.37
C LYS I 1331 -21.59 37.36 -104.20
N ASP I 1332 -22.30 36.33 -103.71
CA ASP I 1332 -22.36 35.07 -104.43
C ASP I 1332 -23.00 35.26 -105.81
N ARG I 1333 -22.31 34.77 -106.83
CA ARG I 1333 -22.75 34.91 -108.21
C ARG I 1333 -23.58 33.73 -108.70
N LYS I 1334 -23.91 32.80 -107.81
CA LYS I 1334 -24.62 31.59 -108.22
C LYS I 1334 -26.02 31.92 -108.70
N ARG I 1335 -26.55 31.05 -109.55
CA ARG I 1335 -27.84 31.29 -110.18
C ARG I 1335 -28.96 31.16 -109.15
N PRO I 1336 -30.12 31.79 -109.41
CA PRO I 1336 -31.21 31.77 -108.43
C PRO I 1336 -31.62 30.38 -108.00
N SER I 1337 -31.67 29.42 -108.94
CA SER I 1337 -32.05 28.07 -108.57
C SER I 1337 -31.04 27.46 -107.62
N GLU I 1338 -29.74 27.67 -107.88
CA GLU I 1338 -28.71 27.16 -106.97
C GLU I 1338 -28.81 27.81 -105.60
N LEU I 1339 -29.09 29.12 -105.57
CA LEU I 1339 -29.24 29.80 -104.28
C LEU I 1339 -30.43 29.28 -103.51
N ARG I 1340 -31.56 29.03 -104.19
CA ARG I 1340 -32.71 28.46 -103.51
C ARG I 1340 -32.40 27.06 -103.00
N ARG I 1341 -31.65 26.27 -103.77
CA ARG I 1341 -31.23 24.95 -103.30
C ARG I 1341 -30.38 25.07 -102.04
N ILE I 1342 -29.42 25.99 -102.04
CA ILE I 1342 -28.56 26.18 -100.88
C ILE I 1342 -29.38 26.56 -99.66
N ALA I 1343 -30.33 27.48 -99.85
CA ALA I 1343 -31.19 27.88 -98.73
C ALA I 1343 -32.00 26.69 -98.23
N SER I 1344 -32.52 25.87 -99.15
CA SER I 1344 -33.30 24.71 -98.77
C SER I 1344 -32.46 23.70 -98.00
N GLN I 1345 -31.16 23.66 -98.25
CA GLN I 1345 -30.29 22.68 -97.60
C GLN I 1345 -29.47 23.28 -96.47
N VAL I 1346 -29.93 24.37 -95.87
CA VAL I 1346 -29.32 24.89 -94.66
C VAL I 1346 -29.48 23.88 -93.53
N LYS I 1347 -28.40 23.60 -92.83
CA LYS I 1347 -28.47 22.60 -91.78
C LYS I 1347 -29.04 23.20 -90.50
N TYR I 1348 -29.35 22.32 -89.55
CA TYR I 1348 -29.97 22.68 -88.29
C TYR I 1348 -28.95 22.51 -87.18
N ALA I 1349 -28.74 23.57 -86.40
CA ALA I 1349 -27.75 23.52 -85.33
C ALA I 1349 -28.35 23.06 -84.00
N GLY I 1350 -29.42 23.71 -83.55
CA GLY I 1350 -30.02 23.32 -82.29
C GLY I 1350 -29.22 23.66 -81.06
N SER I 1351 -28.58 24.81 -81.04
CA SER I 1351 -27.81 25.22 -79.88
C SER I 1351 -28.72 25.58 -78.72
N GLN I 1352 -28.18 25.48 -77.50
CA GLN I 1352 -28.94 25.88 -76.33
C GLN I 1352 -29.01 27.40 -76.18
N VAL I 1353 -28.11 28.13 -76.82
CA VAL I 1353 -28.10 29.59 -76.78
C VAL I 1353 -27.77 30.11 -78.16
N ALA I 1354 -28.45 31.18 -78.57
CA ALA I 1354 -28.21 31.81 -79.87
C ALA I 1354 -28.17 33.32 -79.64
N SER I 1355 -26.96 33.84 -79.46
CA SER I 1355 -26.78 35.27 -79.18
C SER I 1355 -27.30 36.13 -80.32
N THR I 1356 -28.34 36.91 -80.04
CA THR I 1356 -28.96 37.77 -81.04
C THR I 1356 -28.14 39.03 -81.26
N SER I 1357 -27.58 39.58 -80.17
CA SER I 1357 -26.66 40.69 -80.30
C SER I 1357 -25.43 40.30 -81.10
N GLU I 1358 -24.98 39.05 -80.98
CA GLU I 1358 -23.81 38.62 -81.73
C GLU I 1358 -24.10 38.60 -83.23
N VAL I 1359 -25.28 38.16 -83.65
CA VAL I 1359 -25.57 38.18 -85.08
C VAL I 1359 -25.82 39.60 -85.58
N LEU I 1360 -26.36 40.48 -84.75
CA LEU I 1360 -26.39 41.89 -85.13
C LEU I 1360 -24.99 42.46 -85.30
N LYS I 1361 -24.06 42.06 -84.44
CA LYS I 1361 -22.67 42.48 -84.59
C LYS I 1361 -22.09 41.94 -85.89
N TYR I 1362 -22.34 40.67 -86.18
CA TYR I 1362 -21.83 40.07 -87.40
C TYR I 1362 -22.34 40.81 -88.62
N THR I 1363 -23.65 40.99 -88.73
CA THR I 1363 -24.17 41.66 -89.92
C THR I 1363 -23.66 43.08 -90.04
N LEU I 1364 -23.53 43.78 -88.91
CA LEU I 1364 -23.07 45.17 -88.92
C LEU I 1364 -21.64 45.28 -89.40
N PHE I 1365 -20.73 44.47 -88.85
CA PHE I 1365 -19.32 44.67 -89.13
C PHE I 1365 -18.79 43.83 -90.27
N GLN I 1366 -19.46 42.74 -90.62
CA GLN I 1366 -18.96 41.82 -91.63
C GLN I 1366 -19.84 41.74 -92.87
N ILE I 1367 -21.16 41.78 -92.73
CA ILE I 1367 -22.00 41.73 -93.93
C ILE I 1367 -22.03 43.07 -94.62
N PHE I 1368 -22.50 44.08 -93.91
CA PHE I 1368 -22.52 45.46 -94.39
C PHE I 1368 -21.25 46.22 -94.02
N SER I 1369 -20.10 45.58 -94.20
CA SER I 1369 -18.83 46.24 -93.91
C SER I 1369 -18.62 47.45 -94.82
N LYS I 1370 -18.95 47.31 -96.09
CA LYS I 1370 -18.88 48.42 -97.04
C LYS I 1370 -20.19 48.46 -97.83
N ILE I 1371 -20.78 49.64 -97.89
CA ILE I 1371 -22.03 49.83 -98.63
C ILE I 1371 -21.71 50.00 -100.11
N ASP I 1372 -21.66 48.90 -100.84
CA ASP I 1372 -21.34 48.94 -102.26
C ASP I 1372 -22.53 49.29 -103.15
N ARG I 1373 -23.74 49.32 -102.59
CA ARG I 1373 -24.94 49.74 -103.33
C ARG I 1373 -25.69 50.79 -102.51
N PRO I 1374 -25.10 51.99 -102.36
CA PRO I 1374 -25.73 53.02 -101.51
C PRO I 1374 -27.12 53.42 -101.97
N GLU I 1375 -27.44 53.24 -103.25
CA GLU I 1375 -28.78 53.52 -103.75
C GLU I 1375 -29.78 52.41 -103.42
N ALA I 1376 -29.33 51.18 -103.22
CA ALA I 1376 -30.23 50.08 -102.91
C ALA I 1376 -30.59 50.05 -101.44
N SER I 1377 -31.84 49.66 -101.14
CA SER I 1377 -32.27 49.48 -99.76
C SER I 1377 -31.60 48.25 -99.14
N ARG I 1378 -31.27 48.36 -97.85
CA ARG I 1378 -30.60 47.29 -97.11
C ARG I 1378 -31.47 46.85 -95.94
N ILE I 1379 -31.86 45.58 -95.93
CA ILE I 1379 -32.83 45.06 -94.96
C ILE I 1379 -32.36 43.74 -94.39
N ALA I 1380 -32.60 43.53 -93.09
CA ALA I 1380 -32.33 42.28 -92.40
C ALA I 1380 -33.59 41.78 -91.71
N LEU I 1381 -33.93 40.50 -91.90
CA LEU I 1381 -34.97 39.86 -91.09
C LEU I 1381 -34.29 39.17 -89.91
N LEU I 1382 -34.42 39.76 -88.72
CA LEU I 1382 -33.94 39.13 -87.50
C LEU I 1382 -35.00 38.16 -87.01
N LEU I 1383 -35.07 37.01 -87.68
CA LEU I 1383 -36.04 36.00 -87.31
C LEU I 1383 -35.52 35.24 -86.10
N MET I 1384 -36.27 35.29 -85.00
CA MET I 1384 -35.76 34.96 -83.69
C MET I 1384 -36.82 34.25 -82.86
N ALA I 1385 -36.38 33.25 -82.09
CA ALA I 1385 -37.31 32.38 -81.38
C ALA I 1385 -36.80 31.98 -80.01
N SER I 1386 -35.82 32.69 -79.46
CA SER I 1386 -35.18 32.27 -78.22
C SER I 1386 -34.68 33.48 -77.44
N GLN I 1387 -34.54 33.30 -76.13
CA GLN I 1387 -33.90 34.29 -75.29
C GLN I 1387 -32.38 34.18 -75.40
N GLU I 1388 -31.69 35.12 -74.78
CA GLU I 1388 -30.25 35.03 -74.61
C GLU I 1388 -29.90 35.50 -73.20
N PRO I 1389 -28.82 34.98 -72.62
CA PRO I 1389 -28.44 35.41 -71.28
C PRO I 1389 -28.21 36.91 -71.24
N GLN I 1390 -28.58 37.53 -70.12
CA GLN I 1390 -28.55 38.99 -70.03
C GLN I 1390 -27.15 39.54 -70.28
N ARG I 1391 -26.12 38.83 -69.81
CA ARG I 1391 -24.75 39.31 -69.99
C ARG I 1391 -24.39 39.46 -71.46
N MET I 1392 -25.04 38.71 -72.34
CA MET I 1392 -24.74 38.79 -73.76
C MET I 1392 -25.55 39.85 -74.49
N SER I 1393 -26.53 40.47 -73.83
CA SER I 1393 -27.40 41.44 -74.46
C SER I 1393 -26.94 42.89 -74.24
N ARG I 1394 -25.75 43.09 -73.69
CA ARG I 1394 -25.37 44.42 -73.22
C ARG I 1394 -25.08 45.39 -74.38
N ASN I 1395 -24.61 44.89 -75.51
CA ASN I 1395 -24.28 45.74 -76.65
C ASN I 1395 -25.33 45.68 -77.75
N PHE I 1396 -26.51 45.15 -77.45
CA PHE I 1396 -27.56 44.98 -78.45
C PHE I 1396 -27.99 46.32 -79.03
N VAL I 1397 -28.31 47.28 -78.17
CA VAL I 1397 -28.78 48.59 -78.62
C VAL I 1397 -27.71 49.28 -79.45
N ARG I 1398 -26.45 49.16 -79.06
CA ARG I 1398 -25.37 49.78 -79.81
C ARG I 1398 -25.34 49.26 -81.24
N TYR I 1399 -25.46 47.94 -81.41
CA TYR I 1399 -25.40 47.35 -82.74
C TYR I 1399 -26.60 47.74 -83.58
N VAL I 1400 -27.80 47.75 -82.99
CA VAL I 1400 -28.96 48.13 -83.79
C VAL I 1400 -28.87 49.59 -84.20
N GLN I 1401 -28.38 50.46 -83.31
CA GLN I 1401 -28.22 51.86 -83.68
C GLN I 1401 -27.15 52.03 -84.75
N GLY I 1402 -26.07 51.25 -84.68
CA GLY I 1402 -25.09 51.29 -85.75
C GLY I 1402 -25.66 50.86 -87.08
N LEU I 1403 -26.51 49.84 -87.06
CA LEU I 1403 -27.20 49.42 -88.27
C LEU I 1403 -28.11 50.52 -88.80
N LYS I 1404 -28.77 51.24 -87.89
CA LYS I 1404 -29.58 52.38 -88.31
C LYS I 1404 -28.73 53.45 -88.97
N LYS I 1405 -27.56 53.73 -88.39
CA LYS I 1405 -26.69 54.76 -88.96
C LYS I 1405 -26.23 54.39 -90.37
N LYS I 1406 -26.13 53.09 -90.66
CA LYS I 1406 -25.89 52.62 -92.01
C LYS I 1406 -27.17 52.53 -92.84
N LYS I 1407 -28.30 52.95 -92.28
CA LYS I 1407 -29.64 52.74 -92.84
C LYS I 1407 -29.92 51.28 -93.23
N VAL I 1408 -29.33 50.35 -92.50
CA VAL I 1408 -29.71 48.94 -92.60
C VAL I 1408 -30.97 48.71 -91.77
N ILE I 1409 -32.09 48.48 -92.44
CA ILE I 1409 -33.35 48.19 -91.77
C ILE I 1409 -33.27 46.81 -91.13
N VAL I 1410 -33.80 46.69 -89.91
CA VAL I 1410 -33.95 45.40 -89.25
C VAL I 1410 -35.40 45.15 -88.89
N ILE I 1411 -35.97 44.09 -89.44
CA ILE I 1411 -37.35 43.68 -89.22
C ILE I 1411 -37.34 42.46 -88.32
N PRO I 1412 -37.53 42.61 -87.01
CA PRO I 1412 -37.57 41.44 -86.11
C PRO I 1412 -38.84 40.62 -86.33
N VAL I 1413 -38.66 39.29 -86.41
CA VAL I 1413 -39.77 38.36 -86.58
C VAL I 1413 -39.74 37.36 -85.43
N GLY I 1414 -40.30 37.74 -84.30
CA GLY I 1414 -40.34 36.87 -83.14
C GLY I 1414 -41.32 35.73 -83.33
N ILE I 1415 -40.90 34.52 -82.96
CA ILE I 1415 -41.74 33.33 -83.11
C ILE I 1415 -41.72 32.54 -81.82
N GLY I 1416 -42.92 32.15 -81.35
CA GLY I 1416 -43.05 31.28 -80.21
C GLY I 1416 -43.03 32.01 -78.89
N PRO I 1417 -43.42 31.30 -77.83
CA PRO I 1417 -43.43 31.92 -76.50
C PRO I 1417 -42.05 32.34 -76.01
N HIS I 1418 -41.00 31.72 -76.49
CA HIS I 1418 -39.65 32.00 -76.01
C HIS I 1418 -38.95 33.11 -76.78
N ALA I 1419 -39.62 33.74 -77.76
CA ALA I 1419 -39.01 34.87 -78.46
C ALA I 1419 -38.68 35.98 -77.47
N ASN I 1420 -37.56 36.66 -77.71
CA ASN I 1420 -37.09 37.73 -76.84
C ASN I 1420 -37.84 39.03 -77.18
N LEU I 1421 -39.08 39.09 -76.72
CA LEU I 1421 -39.93 40.25 -77.00
C LEU I 1421 -39.30 41.57 -76.60
N LYS I 1422 -38.54 41.59 -75.50
CA LYS I 1422 -37.88 42.82 -75.07
C LYS I 1422 -36.92 43.35 -76.13
N GLN I 1423 -36.09 42.47 -76.69
CA GLN I 1423 -35.16 42.87 -77.75
C GLN I 1423 -35.92 43.34 -78.98
N ILE I 1424 -37.07 42.73 -79.25
CA ILE I 1424 -37.93 43.13 -80.36
C ILE I 1424 -38.43 44.56 -80.17
N ARG I 1425 -38.97 44.87 -78.99
CA ARG I 1425 -39.45 46.23 -78.74
C ARG I 1425 -38.30 47.23 -78.76
N LEU I 1426 -37.13 46.82 -78.27
CA LEU I 1426 -35.96 47.70 -78.33
C LEU I 1426 -35.59 48.01 -79.77
N ILE I 1427 -35.66 47.02 -80.65
CA ILE I 1427 -35.44 47.28 -82.08
C ILE I 1427 -36.50 48.24 -82.62
N GLU I 1428 -37.76 48.01 -82.26
CA GLU I 1428 -38.83 48.86 -82.78
C GLU I 1428 -38.65 50.32 -82.35
N LYS I 1429 -38.13 50.53 -81.14
CA LYS I 1429 -37.96 51.89 -80.64
C LYS I 1429 -36.95 52.70 -81.44
N GLN I 1430 -36.05 52.03 -82.18
CA GLN I 1430 -34.98 52.74 -82.87
C GLN I 1430 -35.47 53.47 -84.11
N ALA I 1431 -36.39 52.86 -84.88
CA ALA I 1431 -36.84 53.48 -86.11
C ALA I 1431 -38.23 52.95 -86.45
N PRO I 1432 -39.11 53.79 -87.01
CA PRO I 1432 -40.46 53.29 -87.35
C PRO I 1432 -40.46 52.16 -88.38
N GLU I 1433 -39.54 52.20 -89.34
CA GLU I 1433 -39.51 51.18 -90.38
C GLU I 1433 -39.09 49.82 -89.85
N ASN I 1434 -38.49 49.78 -88.65
CA ASN I 1434 -38.15 48.52 -88.00
C ASN I 1434 -39.35 47.92 -87.27
N LYS I 1435 -40.49 47.80 -87.96
CA LYS I 1435 -41.69 47.30 -87.32
C LYS I 1435 -41.62 45.78 -87.17
N ALA I 1436 -42.15 45.30 -86.05
CA ALA I 1436 -41.97 43.91 -85.65
C ALA I 1436 -43.13 43.03 -86.12
N PHE I 1437 -42.81 41.79 -86.44
CA PHE I 1437 -43.78 40.72 -86.60
C PHE I 1437 -43.61 39.74 -85.44
N VAL I 1438 -44.71 39.38 -84.80
CA VAL I 1438 -44.69 38.41 -83.71
C VAL I 1438 -45.65 37.29 -84.06
N LEU I 1439 -45.14 36.06 -84.08
CA LEU I 1439 -45.88 34.91 -84.57
C LEU I 1439 -46.06 33.89 -83.46
N SER I 1440 -47.22 33.24 -83.45
CA SER I 1440 -47.47 32.19 -82.47
C SER I 1440 -46.51 31.01 -82.67
N SER I 1441 -46.26 30.63 -83.91
CA SER I 1441 -45.40 29.50 -84.20
C SER I 1441 -44.90 29.63 -85.63
N VAL I 1442 -43.91 28.79 -85.96
CA VAL I 1442 -43.25 28.86 -87.26
C VAL I 1442 -44.22 28.64 -88.40
N ASP I 1443 -45.26 27.82 -88.20
CA ASP I 1443 -46.21 27.58 -89.28
C ASP I 1443 -47.01 28.81 -89.64
N GLU I 1444 -47.04 29.83 -88.77
CA GLU I 1444 -47.69 31.10 -89.11
C GLU I 1444 -46.90 31.90 -90.13
N LEU I 1445 -45.65 31.51 -90.40
CA LEU I 1445 -44.89 32.13 -91.47
C LEU I 1445 -45.57 31.94 -92.82
N GLU I 1446 -46.20 30.78 -93.03
CA GLU I 1446 -46.95 30.55 -94.26
C GLU I 1446 -48.06 31.57 -94.44
N GLN I 1447 -48.63 32.06 -93.34
CA GLN I 1447 -49.69 33.05 -93.42
C GLN I 1447 -49.13 34.46 -93.54
N GLN I 1448 -48.02 34.73 -92.87
CA GLN I 1448 -47.45 36.07 -92.84
C GLN I 1448 -46.61 36.40 -94.07
N ARG I 1449 -46.26 35.39 -94.87
CA ARG I 1449 -45.30 35.55 -95.96
C ARG I 1449 -45.71 36.64 -96.94
N ASP I 1450 -46.99 36.64 -97.35
CA ASP I 1450 -47.42 37.56 -98.39
C ASP I 1450 -47.22 39.01 -97.97
N GLU I 1451 -47.71 39.37 -96.78
CA GLU I 1451 -47.54 40.76 -96.37
C GLU I 1451 -46.11 41.06 -96.00
N ILE I 1452 -45.33 40.06 -95.55
CA ILE I 1452 -43.92 40.30 -95.30
C ILE I 1452 -43.20 40.71 -96.59
N VAL I 1453 -43.41 39.96 -97.67
CA VAL I 1453 -42.75 40.30 -98.93
C VAL I 1453 -43.29 41.63 -99.46
N SER I 1454 -44.59 41.89 -99.28
CA SER I 1454 -45.15 43.17 -99.69
C SER I 1454 -44.46 44.32 -98.99
N TYR I 1455 -44.28 44.20 -97.67
CA TYR I 1455 -43.59 45.24 -96.91
C TYR I 1455 -42.14 45.39 -97.36
N LEU I 1456 -41.44 44.27 -97.55
CA LEU I 1456 -40.06 44.33 -97.99
C LEU I 1456 -39.92 45.07 -99.32
N CYS I 1457 -40.82 44.82 -100.27
CA CYS I 1457 -40.73 45.47 -101.55
C CYS I 1457 -41.26 46.90 -101.51
N ASP I 1458 -42.12 47.21 -100.55
CA ASP I 1458 -42.48 48.60 -100.30
C ASP I 1458 -41.28 49.39 -99.79
N LEU I 1459 -40.41 48.75 -99.01
CA LEU I 1459 -39.21 49.39 -98.48
C LEU I 1459 -38.07 49.49 -99.47
N ALA I 1460 -38.26 49.09 -100.73
CA ALA I 1460 -37.19 49.08 -101.72
C ALA I 1460 -37.54 49.94 -102.93
N PRO I 1461 -36.62 50.76 -103.42
CA PRO I 1461 -36.91 51.59 -104.59
C PRO I 1461 -36.71 50.83 -105.89
N GLU I 1462 -37.32 51.35 -106.95
CA GLU I 1462 -37.17 50.81 -108.29
C GLU I 1462 -35.91 51.36 -108.95
N ALA I 1463 -35.63 50.85 -110.14
CA ALA I 1463 -34.45 51.29 -110.90
C ALA I 1463 -34.61 52.74 -111.35
N SER J 31 -5.11 -114.87 -7.98
CA SER J 31 -5.01 -114.13 -9.24
C SER J 31 -4.57 -112.69 -8.98
N THR J 32 -5.50 -111.87 -8.50
CA THR J 32 -5.23 -110.47 -8.22
C THR J 32 -6.32 -109.94 -7.30
N ALA J 33 -5.92 -109.07 -6.37
CA ALA J 33 -6.84 -108.52 -5.38
C ALA J 33 -7.53 -107.28 -5.93
N ARG J 34 -8.57 -106.85 -5.22
CA ARG J 34 -9.27 -105.62 -5.56
C ARG J 34 -9.62 -104.87 -4.28
N CYS J 35 -9.34 -103.58 -4.26
CA CYS J 35 -9.75 -102.70 -3.18
C CYS J 35 -10.54 -101.54 -3.76
N SER J 36 -11.52 -101.08 -3.02
CA SER J 36 -12.41 -100.05 -3.53
C SER J 36 -12.76 -99.07 -2.42
N LEU J 37 -12.76 -97.79 -2.78
CA LEU J 37 -13.30 -96.74 -1.93
C LEU J 37 -14.40 -96.07 -2.71
N PHE J 38 -15.64 -96.24 -2.25
CA PHE J 38 -16.82 -96.00 -3.06
C PHE J 38 -17.89 -95.33 -2.24
N GLY J 39 -18.88 -94.80 -2.93
CA GLY J 39 -19.92 -94.08 -2.26
C GLY J 39 -19.37 -92.81 -1.65
N SER J 40 -20.09 -92.32 -0.64
CA SER J 40 -19.65 -91.10 0.02
C SER J 40 -18.44 -91.36 0.92
N ASP J 41 -18.54 -92.36 1.80
CA ASP J 41 -17.54 -92.54 2.84
C ASP J 41 -17.21 -94.00 3.09
N PHE J 42 -17.25 -94.86 2.08
CA PHE J 42 -17.15 -96.29 2.29
C PHE J 42 -15.86 -96.85 1.69
N VAL J 43 -15.42 -97.97 2.25
CA VAL J 43 -14.19 -98.64 1.82
C VAL J 43 -14.46 -100.13 1.74
N ASN J 44 -13.75 -100.81 0.84
CA ASN J 44 -13.79 -102.26 0.75
C ASN J 44 -12.36 -102.76 0.63
N THR J 45 -11.98 -103.67 1.52
CA THR J 45 -10.60 -104.13 1.62
C THR J 45 -10.31 -105.22 0.59
N PHE J 46 -9.04 -105.59 0.50
CA PHE J 46 -8.64 -106.64 -0.41
C PHE J 46 -9.30 -107.97 -0.07
N ASP J 47 -9.49 -108.25 1.22
CA ASP J 47 -10.01 -109.53 1.67
C ASP J 47 -11.52 -109.51 1.89
N GLY J 48 -12.19 -108.41 1.58
CA GLY J 48 -13.63 -108.34 1.65
C GLY J 48 -14.19 -107.59 2.83
N SER J 49 -13.39 -107.29 3.84
CA SER J 49 -13.88 -106.47 4.93
C SER J 49 -14.30 -105.11 4.40
N MET J 50 -15.45 -104.63 4.87
CA MET J 50 -16.07 -103.44 4.32
C MET J 50 -16.56 -102.56 5.45
N TYR J 51 -16.30 -101.26 5.34
CA TYR J 51 -16.57 -100.34 6.43
C TYR J 51 -16.68 -98.94 5.88
N SER J 52 -17.03 -98.00 6.76
CA SER J 52 -17.15 -96.60 6.41
C SER J 52 -16.07 -95.78 7.10
N PHE J 53 -15.54 -94.79 6.38
CA PHE J 53 -14.57 -93.87 6.97
C PHE J 53 -14.66 -92.54 6.23
N ALA J 54 -14.91 -91.48 6.97
CA ALA J 54 -14.96 -90.11 6.43
C ALA J 54 -13.67 -89.40 6.80
N GLY J 55 -12.64 -89.60 5.99
CA GLY J 55 -11.34 -89.03 6.29
C GLY J 55 -11.29 -87.53 6.07
N TYR J 56 -10.36 -86.89 6.77
CA TYR J 56 -10.11 -85.47 6.61
C TYR J 56 -8.66 -85.19 6.21
N CYS J 57 -7.88 -86.22 5.93
CA CYS J 57 -6.48 -86.09 5.55
C CYS J 57 -6.19 -87.11 4.47
N SER J 58 -4.91 -87.35 4.21
CA SER J 58 -4.50 -88.38 3.27
C SER J 58 -4.11 -89.64 4.02
N TYR J 59 -4.47 -90.79 3.47
CA TYR J 59 -4.29 -92.07 4.16
C TYR J 59 -3.67 -93.08 3.22
N LEU J 60 -2.90 -94.01 3.79
CA LEU J 60 -2.31 -95.07 3.00
C LEU J 60 -3.36 -96.11 2.68
N LEU J 61 -3.64 -96.29 1.38
CA LEU J 61 -4.58 -97.31 0.95
C LEU J 61 -3.89 -98.67 0.84
N ALA J 62 -2.72 -98.70 0.23
CA ALA J 62 -2.00 -99.95 0.08
C ALA J 62 -0.54 -99.64 -0.19
N GLY J 63 0.30 -100.65 0.00
CA GLY J 63 1.71 -100.49 -0.27
C GLY J 63 2.51 -101.57 0.40
N GLY J 64 3.76 -101.67 0.00
CA GLY J 64 4.69 -102.55 0.65
C GLY J 64 4.76 -102.22 2.12
N CYS J 65 4.53 -103.21 2.98
CA CYS J 65 4.17 -102.90 4.35
C CYS J 65 5.37 -102.88 5.28
N GLN J 66 6.37 -103.72 5.00
CA GLN J 66 7.67 -103.63 5.67
C GLN J 66 8.64 -102.76 4.86
N LYS J 67 8.90 -103.15 3.62
CA LYS J 67 9.71 -102.37 2.69
C LYS J 67 8.80 -101.74 1.66
N ARG J 68 8.54 -100.45 1.82
CA ARG J 68 7.52 -99.75 1.03
C ARG J 68 8.16 -99.19 -0.23
N SER J 69 8.26 -100.06 -1.24
CA SER J 69 8.78 -99.64 -2.54
C SER J 69 7.84 -98.64 -3.21
N PHE J 70 6.55 -98.74 -2.96
CA PHE J 70 5.58 -97.79 -3.48
C PHE J 70 4.47 -97.61 -2.46
N SER J 71 3.77 -96.48 -2.58
CA SER J 71 2.68 -96.16 -1.68
C SER J 71 1.52 -95.63 -2.48
N ILE J 72 0.34 -96.20 -2.27
CA ILE J 72 -0.89 -95.69 -2.86
C ILE J 72 -1.63 -94.93 -1.78
N ILE J 73 -1.89 -93.66 -2.01
CA ILE J 73 -2.37 -92.75 -0.97
C ILE J 73 -3.66 -92.11 -1.44
N GLY J 74 -4.71 -92.26 -0.65
CA GLY J 74 -5.98 -91.63 -0.93
C GLY J 74 -6.12 -90.34 -0.14
N ASP J 75 -6.47 -89.27 -0.84
CA ASP J 75 -6.58 -87.95 -0.25
C ASP J 75 -8.04 -87.61 -0.07
N PHE J 76 -8.40 -87.13 1.12
CA PHE J 76 -9.77 -86.74 1.44
C PHE J 76 -9.82 -85.26 1.74
N GLN J 77 -11.02 -84.71 1.73
CA GLN J 77 -11.23 -83.32 2.11
C GLN J 77 -12.68 -83.17 2.56
N ASN J 78 -12.88 -82.78 3.82
CA ASN J 78 -14.21 -82.62 4.40
C ASN J 78 -15.01 -83.91 4.29
N GLY J 79 -14.33 -85.04 4.47
CA GLY J 79 -14.95 -86.34 4.39
C GLY J 79 -15.05 -86.93 3.01
N LYS J 80 -14.95 -86.12 1.97
CA LYS J 80 -15.07 -86.59 0.60
C LYS J 80 -13.70 -86.85 0.00
N ARG J 81 -13.67 -87.76 -0.97
CA ARG J 81 -12.44 -88.09 -1.67
C ARG J 81 -12.14 -87.02 -2.72
N VAL J 82 -10.86 -86.70 -2.87
CA VAL J 82 -10.46 -85.67 -3.82
C VAL J 82 -9.38 -86.11 -4.78
N SER J 83 -8.56 -87.12 -4.46
CA SER J 83 -7.50 -87.52 -5.36
C SER J 83 -6.98 -88.87 -4.93
N LEU J 84 -6.25 -89.51 -5.84
CA LEU J 84 -5.60 -90.79 -5.59
C LEU J 84 -4.13 -90.64 -5.95
N SER J 85 -3.28 -90.54 -4.95
CA SER J 85 -1.87 -90.28 -5.16
C SER J 85 -1.08 -91.57 -5.08
N VAL J 86 0.07 -91.59 -5.75
CA VAL J 86 0.98 -92.71 -5.72
C VAL J 86 2.40 -92.17 -5.55
N TYR J 87 3.17 -92.82 -4.69
CA TYR J 87 4.55 -92.46 -4.46
C TYR J 87 5.42 -93.69 -4.70
N LEU J 88 6.50 -93.54 -5.46
CA LEU J 88 7.36 -94.66 -5.78
C LEU J 88 8.57 -94.76 -4.86
N GLY J 89 8.50 -94.17 -3.67
CA GLY J 89 9.63 -94.22 -2.79
C GLY J 89 10.41 -92.93 -2.75
N GLU J 90 9.69 -91.81 -2.70
CA GLU J 90 10.20 -90.46 -2.46
C GLU J 90 10.90 -89.87 -3.67
N PHE J 91 11.08 -90.62 -4.76
CA PHE J 91 11.71 -90.04 -5.94
C PHE J 91 10.71 -89.68 -7.01
N PHE J 92 9.51 -90.21 -6.94
CA PHE J 92 8.46 -89.88 -7.90
C PHE J 92 7.12 -89.94 -7.22
N ASP J 93 6.29 -88.93 -7.45
CA ASP J 93 4.95 -88.88 -6.90
C ASP J 93 4.01 -88.36 -7.98
N ILE J 94 2.79 -88.87 -7.99
CA ILE J 94 1.81 -88.49 -8.98
C ILE J 94 0.46 -88.39 -8.28
N HIS J 95 -0.35 -87.40 -8.69
CA HIS J 95 -1.58 -87.07 -7.99
C HIS J 95 -2.71 -87.06 -9.01
N LEU J 96 -3.51 -88.11 -9.04
CA LEU J 96 -4.64 -88.22 -9.94
C LEU J 96 -5.89 -87.75 -9.21
N PHE J 97 -6.38 -86.57 -9.55
CA PHE J 97 -7.55 -86.03 -8.89
C PHE J 97 -8.83 -86.60 -9.50
N VAL J 98 -9.92 -86.43 -8.75
CA VAL J 98 -11.21 -86.93 -9.23
C VAL J 98 -11.62 -86.22 -10.51
N ASN J 99 -11.40 -84.91 -10.58
CA ASN J 99 -11.78 -84.17 -11.78
C ASN J 99 -10.65 -84.10 -12.79
N GLY J 100 -10.11 -85.28 -13.13
CA GLY J 100 -9.28 -85.47 -14.28
C GLY J 100 -7.91 -84.83 -14.24
N THR J 101 -7.66 -83.95 -13.29
CA THR J 101 -6.38 -83.26 -13.23
C THR J 101 -5.31 -84.20 -12.68
N VAL J 102 -4.12 -84.11 -13.27
CA VAL J 102 -2.97 -84.88 -12.82
C VAL J 102 -1.82 -83.93 -12.59
N THR J 103 -1.15 -84.07 -11.45
CA THR J 103 0.03 -83.30 -11.14
C THR J 103 1.15 -84.24 -10.71
N GLN J 104 2.32 -84.07 -11.32
CA GLN J 104 3.54 -84.76 -10.90
C GLN J 104 4.30 -83.80 -10.00
N GLY J 105 4.42 -84.15 -8.73
CA GLY J 105 4.80 -83.15 -7.75
C GLY J 105 3.70 -82.12 -7.64
N ASP J 106 4.08 -80.84 -7.66
CA ASP J 106 3.10 -79.77 -7.74
C ASP J 106 2.87 -79.30 -9.17
N GLN J 107 3.60 -79.83 -10.14
CA GLN J 107 3.49 -79.42 -11.52
C GLN J 107 2.37 -80.19 -12.21
N ARG J 108 1.48 -79.46 -12.88
CA ARG J 108 0.37 -80.09 -13.57
C ARG J 108 0.83 -80.72 -14.87
N VAL J 109 0.28 -81.88 -15.20
CA VAL J 109 0.56 -82.58 -16.44
C VAL J 109 -0.75 -83.05 -17.05
N SER J 110 -0.72 -83.35 -18.34
CA SER J 110 -1.91 -83.70 -19.09
C SER J 110 -1.90 -85.18 -19.45
N MET J 111 -3.07 -85.77 -19.50
CA MET J 111 -3.21 -87.16 -19.87
C MET J 111 -3.31 -87.32 -21.39
N PRO J 112 -2.87 -88.45 -21.94
CA PRO J 112 -2.21 -89.55 -21.26
C PRO J 112 -0.80 -89.20 -20.84
N TYR J 113 -0.30 -89.87 -19.82
CA TYR J 113 1.01 -89.57 -19.27
C TYR J 113 1.71 -90.88 -18.95
N ALA J 114 3.00 -90.94 -19.24
CA ALA J 114 3.78 -92.13 -19.00
C ALA J 114 5.15 -91.71 -18.49
N SER J 115 5.59 -92.28 -17.38
CA SER J 115 6.88 -91.95 -16.80
C SER J 115 7.26 -92.95 -15.72
N LYS J 116 8.49 -93.44 -15.77
CA LYS J 116 9.07 -94.24 -14.70
C LYS J 116 8.18 -95.42 -14.34
N GLY J 117 7.62 -96.06 -15.36
CA GLY J 117 6.85 -97.26 -15.18
C GLY J 117 5.38 -97.03 -14.88
N LEU J 118 4.94 -95.78 -14.74
CA LEU J 118 3.56 -95.46 -14.43
C LEU J 118 2.87 -94.90 -15.67
N TYR J 119 1.67 -95.39 -15.96
CA TYR J 119 0.92 -95.05 -17.16
C TYR J 119 -0.44 -94.52 -16.74
N LEU J 120 -0.73 -93.27 -17.09
CA LEU J 120 -2.03 -92.67 -16.84
C LEU J 120 -2.79 -92.62 -18.15
N GLU J 121 -3.97 -93.24 -18.16
CA GLU J 121 -4.72 -93.40 -19.39
C GLU J 121 -6.21 -93.31 -19.08
N THR J 122 -6.98 -92.86 -20.06
CA THR J 122 -8.43 -92.76 -19.91
C THR J 122 -9.11 -94.03 -20.45
N GLU J 123 -8.74 -95.15 -19.86
CA GLU J 123 -9.27 -96.44 -20.31
C GLU J 123 -10.76 -96.55 -19.99
N ALA J 124 -11.56 -96.88 -21.01
CA ALA J 124 -12.99 -97.10 -20.86
C ALA J 124 -13.69 -95.91 -20.21
N GLY J 125 -13.21 -94.70 -20.51
CA GLY J 125 -13.79 -93.50 -19.99
C GLY J 125 -13.46 -93.21 -18.54
N TYR J 126 -12.64 -94.03 -17.90
CA TYR J 126 -12.26 -93.85 -16.51
C TYR J 126 -10.75 -93.68 -16.40
N TYR J 127 -10.34 -92.75 -15.55
CA TYR J 127 -8.93 -92.40 -15.42
C TYR J 127 -8.16 -93.56 -14.81
N LYS J 128 -7.30 -94.18 -15.59
CA LYS J 128 -6.48 -95.29 -15.16
C LYS J 128 -5.10 -94.79 -14.74
N LEU J 129 -4.45 -95.55 -13.87
CA LEU J 129 -3.07 -95.27 -13.45
C LEU J 129 -2.43 -96.65 -13.27
N SER J 130 -1.76 -97.12 -14.31
CA SER J 130 -1.25 -98.48 -14.32
C SER J 130 0.20 -98.52 -13.87
N GLY J 131 0.52 -99.52 -13.07
CA GLY J 131 1.86 -99.70 -12.55
C GLY J 131 2.38 -101.10 -12.74
N GLU J 132 2.11 -101.68 -13.92
CA GLU J 132 2.40 -103.10 -14.17
C GLU J 132 3.73 -103.56 -13.58
N ALA J 133 4.79 -102.77 -13.79
CA ALA J 133 6.09 -103.16 -13.26
C ALA J 133 6.05 -103.30 -11.76
N TYR J 134 5.40 -102.36 -11.08
CA TYR J 134 5.27 -102.41 -9.63
C TYR J 134 4.18 -103.37 -9.16
N GLY J 135 3.34 -103.85 -10.07
CA GLY J 135 2.37 -104.86 -9.72
C GLY J 135 1.06 -104.32 -9.18
N PHE J 136 0.58 -103.20 -9.72
CA PHE J 136 -0.68 -102.64 -9.27
C PHE J 136 -1.33 -101.88 -10.42
N VAL J 137 -2.65 -101.74 -10.33
CA VAL J 137 -3.42 -100.93 -11.26
C VAL J 137 -4.44 -100.14 -10.46
N ALA J 138 -4.49 -98.83 -10.67
CA ALA J 138 -5.43 -97.97 -9.98
C ALA J 138 -6.38 -97.33 -10.98
N ARG J 139 -7.54 -96.92 -10.49
CA ARG J 139 -8.55 -96.34 -11.37
C ARG J 139 -9.47 -95.44 -10.58
N ILE J 140 -9.94 -94.37 -11.23
CA ILE J 140 -10.99 -93.51 -10.70
C ILE J 140 -12.11 -93.51 -11.72
N ASP J 141 -13.32 -93.86 -11.28
CA ASP J 141 -14.45 -93.83 -12.19
C ASP J 141 -15.00 -92.41 -12.30
N GLY J 142 -15.98 -92.23 -13.17
CA GLY J 142 -16.52 -90.92 -13.44
C GLY J 142 -17.22 -90.28 -12.25
N SER J 143 -17.62 -91.08 -11.27
CA SER J 143 -18.31 -90.56 -10.10
C SER J 143 -17.40 -90.37 -8.90
N GLY J 144 -16.10 -90.66 -9.03
CA GLY J 144 -15.17 -90.46 -7.96
C GLY J 144 -14.84 -91.67 -7.12
N ASN J 145 -15.31 -92.85 -7.50
CA ASN J 145 -15.00 -94.04 -6.73
C ASN J 145 -13.59 -94.52 -7.09
N PHE J 146 -12.75 -94.69 -6.08
CA PHE J 146 -11.41 -95.20 -6.30
C PHE J 146 -11.41 -96.70 -6.48
N GLN J 147 -10.33 -97.21 -7.04
CA GLN J 147 -10.17 -98.64 -7.24
C GLN J 147 -8.68 -98.96 -7.26
N VAL J 148 -8.30 -100.07 -6.65
CA VAL J 148 -6.92 -100.53 -6.66
C VAL J 148 -6.92 -102.03 -6.87
N LEU J 149 -6.17 -102.49 -7.86
CA LEU J 149 -5.93 -103.91 -8.08
C LEU J 149 -4.47 -104.20 -7.82
N LEU J 150 -4.19 -105.13 -6.93
CA LEU J 150 -2.85 -105.40 -6.44
C LEU J 150 -2.49 -106.84 -6.74
N SER J 151 -1.31 -107.06 -7.29
CA SER J 151 -0.94 -108.38 -7.78
C SER J 151 -0.72 -109.35 -6.62
N ASP J 152 -0.68 -110.64 -6.97
CA ASP J 152 -0.54 -111.69 -5.97
C ASP J 152 0.78 -111.62 -5.23
N ARG J 153 1.79 -110.97 -5.81
CA ARG J 153 3.09 -110.91 -5.15
C ARG J 153 3.02 -110.19 -3.82
N TYR J 154 1.98 -109.38 -3.59
CA TYR J 154 1.80 -108.67 -2.34
C TYR J 154 0.86 -109.40 -1.38
N PHE J 155 0.65 -110.69 -1.59
CA PHE J 155 -0.15 -111.48 -0.67
C PHE J 155 0.53 -111.50 0.70
N ASN J 156 -0.19 -111.03 1.72
CA ASN J 156 0.26 -111.08 3.11
C ASN J 156 1.44 -110.15 3.35
N LYS J 157 1.64 -109.17 2.46
CA LYS J 157 2.78 -108.26 2.55
C LYS J 157 2.38 -106.80 2.41
N THR J 158 1.10 -106.47 2.49
CA THR J 158 0.63 -105.11 2.34
C THR J 158 -0.16 -104.70 3.57
N CYS J 159 -0.24 -103.40 3.80
CA CYS J 159 -1.05 -102.89 4.88
C CYS J 159 -1.45 -101.45 4.58
N GLY J 160 -2.66 -101.10 4.97
CA GLY J 160 -3.24 -99.80 4.68
C GLY J 160 -4.74 -99.90 4.80
N LEU J 161 -5.42 -98.80 4.46
CA LEU J 161 -6.88 -98.79 4.57
C LEU J 161 -7.52 -99.95 3.82
N CYS J 162 -6.91 -100.38 2.72
CA CYS J 162 -7.36 -101.58 2.04
C CYS J 162 -7.07 -102.84 2.82
N GLY J 163 -6.49 -102.73 4.01
CA GLY J 163 -6.19 -103.89 4.81
C GLY J 163 -5.03 -104.69 4.23
N ASN J 164 -4.65 -105.73 4.97
CA ASN J 164 -3.70 -106.67 4.44
C ASN J 164 -4.34 -107.47 3.33
N PHE J 165 -3.58 -108.34 2.70
CA PHE J 165 -4.10 -109.19 1.64
C PHE J 165 -3.80 -110.64 1.99
N ASN J 166 -4.68 -111.21 2.80
CA ASN J 166 -4.73 -112.63 3.09
C ASN J 166 -6.19 -112.95 3.34
N ILE J 167 -6.64 -114.07 2.77
CA ILE J 167 -8.07 -114.33 2.58
C ILE J 167 -8.87 -114.14 3.86
N PHE J 168 -8.24 -114.35 5.02
CA PHE J 168 -8.89 -114.09 6.29
C PHE J 168 -9.25 -112.62 6.39
N ALA J 169 -10.55 -112.32 6.41
CA ALA J 169 -11.00 -110.95 6.39
C ALA J 169 -11.06 -110.32 7.77
N GLU J 170 -11.16 -111.14 8.82
CA GLU J 170 -11.32 -110.61 10.17
C GLU J 170 -10.11 -109.82 10.64
N ASP J 171 -8.94 -110.01 10.00
CA ASP J 171 -7.71 -109.39 10.44
C ASP J 171 -7.28 -108.21 9.58
N ASP J 172 -8.22 -107.58 8.88
CA ASP J 172 -7.85 -106.50 7.97
C ASP J 172 -7.62 -105.19 8.68
N PHE J 173 -8.05 -105.04 9.93
CA PHE J 173 -8.01 -103.75 10.61
C PHE J 173 -6.71 -103.51 11.36
N MET J 174 -5.62 -104.14 10.95
CA MET J 174 -4.35 -103.93 11.63
C MET J 174 -3.93 -102.47 11.55
N THR J 175 -3.59 -101.91 12.70
CA THR J 175 -3.10 -100.54 12.75
C THR J 175 -1.63 -100.49 12.38
N GLN J 176 -1.15 -99.28 12.09
CA GLN J 176 0.26 -99.10 11.78
C GLN J 176 1.14 -99.47 12.95
N GLU J 177 0.60 -99.43 14.17
CA GLU J 177 1.33 -99.87 15.35
C GLU J 177 1.46 -101.38 15.41
N GLY J 178 0.80 -102.10 14.52
CA GLY J 178 0.88 -103.54 14.48
C GLY J 178 -0.14 -104.26 15.32
N THR J 179 -1.25 -103.62 15.66
CA THR J 179 -2.27 -104.22 16.51
C THR J 179 -3.62 -104.11 15.82
N LEU J 180 -4.45 -105.13 15.99
CA LEU J 180 -5.82 -105.09 15.49
C LEU J 180 -6.65 -104.13 16.31
N THR J 181 -7.75 -103.67 15.72
CA THR J 181 -8.69 -102.82 16.43
C THR J 181 -10.08 -103.05 15.87
N SER J 182 -11.08 -103.06 16.74
CA SER J 182 -12.45 -103.27 16.32
C SER J 182 -13.08 -102.02 15.75
N ASP J 183 -12.43 -100.87 15.85
CA ASP J 183 -13.00 -99.62 15.40
C ASP J 183 -12.40 -99.28 14.05
N PRO J 184 -13.20 -99.13 13.00
CA PRO J 184 -12.63 -98.71 11.71
C PRO J 184 -11.88 -97.40 11.79
N TYR J 185 -12.34 -96.45 12.59
CA TYR J 185 -11.69 -95.14 12.65
C TYR J 185 -10.32 -95.22 13.32
N ASP J 186 -10.16 -96.05 14.34
CA ASP J 186 -8.82 -96.24 14.91
C ASP J 186 -7.85 -96.72 13.84
N PHE J 187 -8.25 -97.74 13.09
CA PHE J 187 -7.45 -98.28 12.00
C PHE J 187 -7.12 -97.21 10.96
N ALA J 188 -8.14 -96.52 10.47
CA ALA J 188 -7.93 -95.54 9.41
C ALA J 188 -7.04 -94.41 9.87
N ASN J 189 -7.32 -93.85 11.04
CA ASN J 189 -6.48 -92.77 11.55
C ASN J 189 -5.07 -93.25 11.83
N SER J 190 -4.91 -94.53 12.17
CA SER J 190 -3.58 -95.09 12.30
C SER J 190 -2.84 -95.06 10.99
N TRP J 191 -3.56 -95.15 9.87
CA TRP J 191 -2.92 -95.10 8.56
C TRP J 191 -3.00 -93.72 7.91
N ALA J 192 -3.00 -92.65 8.69
CA ALA J 192 -2.92 -91.31 8.12
C ALA J 192 -1.48 -90.94 7.82
N LEU J 193 -1.31 -90.04 6.84
CA LEU J 193 0.01 -89.56 6.44
C LEU J 193 -0.06 -88.05 6.29
N SER J 194 0.78 -87.34 7.02
CA SER J 194 0.81 -85.89 6.99
C SER J 194 1.92 -85.40 6.08
N SER J 195 1.87 -84.10 5.77
CA SER J 195 2.86 -83.48 4.91
C SER J 195 3.21 -82.11 5.45
N GLY J 196 4.06 -81.41 4.71
CA GLY J 196 4.51 -80.11 5.13
C GLY J 196 3.54 -78.99 4.94
N GLU J 197 2.39 -79.27 4.35
CA GLU J 197 1.32 -78.29 4.24
C GLU J 197 -0.02 -78.85 4.68
N GLN J 198 -0.04 -80.04 5.26
CA GLN J 198 -1.28 -80.64 5.72
C GLN J 198 -0.94 -81.64 6.82
N TRP J 199 -1.27 -81.30 8.05
CA TRP J 199 -1.06 -82.20 9.19
C TRP J 199 -2.40 -82.75 9.65
N CYS J 200 -2.45 -84.07 9.81
CA CYS J 200 -3.72 -84.77 9.87
C CYS J 200 -4.38 -84.62 11.23
N GLU J 201 -5.65 -84.25 11.23
CA GLU J 201 -6.46 -84.25 12.43
C GLU J 201 -7.09 -85.62 12.65
N ARG J 202 -7.38 -85.94 13.90
CA ARG J 202 -8.04 -87.18 14.27
C ARG J 202 -9.47 -87.17 13.72
N ALA J 203 -9.74 -88.02 12.74
CA ALA J 203 -11.08 -88.12 12.18
C ALA J 203 -11.97 -88.93 13.11
N SER J 204 -13.26 -88.59 13.12
CA SER J 204 -14.23 -89.23 13.98
C SER J 204 -15.53 -89.39 13.21
N PRO J 205 -16.38 -90.34 13.61
CA PRO J 205 -17.64 -90.56 12.91
C PRO J 205 -18.51 -89.31 12.90
N PRO J 206 -19.19 -89.04 11.80
CA PRO J 206 -20.07 -87.87 11.74
C PRO J 206 -21.42 -88.13 12.38
N SER J 207 -22.14 -87.05 12.64
CA SER J 207 -23.52 -87.14 13.11
C SER J 207 -24.43 -87.58 11.96
N SER J 208 -25.50 -88.29 12.31
CA SER J 208 -26.35 -88.88 11.30
C SER J 208 -27.76 -89.07 11.83
N SER J 209 -28.71 -89.26 10.90
CA SER J 209 -30.08 -89.62 11.21
C SER J 209 -30.41 -90.93 10.50
N CYS J 210 -31.11 -91.82 11.20
CA CYS J 210 -31.40 -93.14 10.67
C CYS J 210 -32.62 -93.76 11.37
N MET J 217 -33.89 -93.72 7.28
CA MET J 217 -34.57 -94.94 6.86
C MET J 217 -35.94 -94.63 6.25
N GLN J 218 -36.20 -95.22 5.08
CA GLN J 218 -37.48 -95.06 4.41
C GLN J 218 -37.74 -96.32 3.60
N LYS J 219 -38.95 -96.88 3.75
CA LYS J 219 -39.26 -98.20 3.19
C LYS J 219 -39.12 -98.20 1.67
N GLY J 220 -39.69 -97.18 1.00
CA GLY J 220 -39.62 -97.13 -0.44
C GLY J 220 -38.19 -97.12 -0.96
N LEU J 221 -37.31 -96.41 -0.26
CA LEU J 221 -35.90 -96.44 -0.62
C LEU J 221 -35.27 -97.77 -0.25
N TRP J 222 -35.72 -98.37 0.85
CA TRP J 222 -35.16 -99.63 1.32
C TRP J 222 -35.41 -100.75 0.31
N GLU J 223 -36.50 -100.69 -0.43
CA GLU J 223 -36.73 -101.65 -1.51
C GLU J 223 -35.56 -101.67 -2.49
N GLN J 224 -35.02 -100.49 -2.81
CA GLN J 224 -33.91 -100.42 -3.76
C GLN J 224 -32.71 -101.20 -3.25
N CYS J 225 -32.39 -101.07 -1.96
CA CYS J 225 -31.32 -101.89 -1.39
C CYS J 225 -31.67 -103.36 -1.44
N GLN J 226 -32.93 -103.70 -1.20
CA GLN J 226 -33.33 -105.10 -1.28
C GLN J 226 -33.21 -105.66 -2.70
N LEU J 227 -33.04 -104.81 -3.70
CA LEU J 227 -32.78 -105.33 -5.05
C LEU J 227 -31.63 -106.32 -5.07
N LEU J 228 -30.61 -106.11 -4.23
CA LEU J 228 -29.46 -106.99 -4.21
C LEU J 228 -29.85 -108.44 -3.94
N LYS J 229 -30.93 -108.65 -3.19
CA LYS J 229 -31.33 -109.99 -2.79
C LYS J 229 -32.44 -110.58 -3.64
N SER J 230 -33.33 -109.73 -4.16
CA SER J 230 -34.54 -110.21 -4.80
C SER J 230 -34.39 -110.39 -6.31
N THR J 231 -33.53 -109.60 -6.95
CA THR J 231 -33.46 -109.57 -8.39
C THR J 231 -32.67 -110.77 -8.92
N SER J 232 -33.12 -111.30 -10.06
CA SER J 232 -32.50 -112.51 -10.60
C SER J 232 -31.07 -112.26 -11.04
N VAL J 233 -30.79 -111.10 -11.66
CA VAL J 233 -29.45 -110.87 -12.19
C VAL J 233 -28.43 -110.85 -11.07
N PHE J 234 -28.75 -110.19 -9.95
CA PHE J 234 -27.86 -110.19 -8.81
C PHE J 234 -27.78 -111.56 -8.15
N ALA J 235 -28.87 -112.33 -8.22
CA ALA J 235 -28.90 -113.64 -7.59
C ALA J 235 -27.87 -114.58 -8.20
N ARG J 236 -27.38 -114.28 -9.41
CA ARG J 236 -26.34 -115.10 -10.00
C ARG J 236 -25.10 -115.13 -9.14
N CYS J 237 -24.83 -114.04 -8.42
CA CYS J 237 -23.56 -113.85 -7.74
C CYS J 237 -23.56 -114.39 -6.31
N HIS J 238 -24.71 -114.77 -5.77
CA HIS J 238 -24.77 -115.20 -4.37
C HIS J 238 -23.79 -116.32 -4.05
N PRO J 239 -23.60 -117.34 -4.89
CA PRO J 239 -22.60 -118.36 -4.58
C PRO J 239 -21.19 -117.81 -4.43
N LEU J 240 -20.89 -116.69 -5.07
CA LEU J 240 -19.56 -116.10 -5.02
C LEU J 240 -19.42 -114.98 -3.99
N VAL J 241 -20.40 -114.09 -3.89
CA VAL J 241 -20.32 -112.93 -3.02
C VAL J 241 -21.60 -112.84 -2.22
N ASP J 242 -21.48 -112.86 -0.90
CA ASP J 242 -22.64 -112.74 -0.02
C ASP J 242 -23.16 -111.31 -0.09
N PRO J 243 -24.45 -111.11 -0.39
CA PRO J 243 -24.97 -109.74 -0.53
C PRO J 243 -25.28 -109.04 0.78
N GLU J 244 -25.32 -109.76 1.90
CA GLU J 244 -25.78 -109.16 3.15
C GLU J 244 -24.95 -107.96 3.58
N PRO J 245 -23.61 -108.01 3.59
CA PRO J 245 -22.86 -106.81 3.96
C PRO J 245 -23.21 -105.62 3.09
N PHE J 246 -23.37 -105.85 1.78
CA PHE J 246 -23.72 -104.77 0.87
C PHE J 246 -25.11 -104.25 1.16
N VAL J 247 -26.03 -105.13 1.56
CA VAL J 247 -27.38 -104.69 1.89
C VAL J 247 -27.35 -103.80 3.13
N ALA J 248 -26.58 -104.18 4.14
CA ALA J 248 -26.47 -103.34 5.33
C ALA J 248 -25.85 -101.99 5.01
N LEU J 249 -24.79 -101.99 4.22
CA LEU J 249 -24.17 -100.74 3.81
C LEU J 249 -25.15 -99.87 3.04
N CYS J 250 -25.94 -100.48 2.16
CA CYS J 250 -26.94 -99.75 1.41
C CYS J 250 -28.00 -99.14 2.33
N GLU J 251 -28.43 -99.89 3.34
CA GLU J 251 -29.42 -99.37 4.27
C GLU J 251 -28.88 -98.14 5.00
N LYS J 252 -27.64 -98.23 5.49
CA LYS J 252 -27.12 -97.10 6.25
C LYS J 252 -26.80 -95.90 5.35
N THR J 253 -26.44 -96.14 4.08
CA THR J 253 -26.26 -94.99 3.20
C THR J 253 -27.60 -94.37 2.82
N LEU J 254 -28.68 -95.16 2.76
CA LEU J 254 -30.00 -94.57 2.62
C LEU J 254 -30.34 -93.72 3.83
N CYS J 255 -29.99 -94.18 5.03
CA CYS J 255 -30.12 -93.30 6.18
C CYS J 255 -29.33 -92.02 5.99
N GLU J 256 -28.13 -92.12 5.41
CA GLU J 256 -27.35 -90.94 5.10
C GLU J 256 -27.85 -90.22 3.86
N CYS J 257 -28.74 -90.83 3.08
CA CYS J 257 -29.15 -90.28 1.80
C CYS J 257 -29.71 -88.87 1.94
N ALA J 258 -29.56 -88.09 0.87
CA ALA J 258 -30.15 -86.77 0.75
C ALA J 258 -30.80 -86.60 -0.62
N GLY J 259 -31.34 -87.68 -1.16
CA GLY J 259 -31.94 -87.67 -2.49
C GLY J 259 -32.96 -88.76 -2.67
N GLY J 260 -33.02 -89.32 -3.88
CA GLY J 260 -33.99 -90.33 -4.23
C GLY J 260 -33.40 -91.71 -4.25
N LEU J 261 -33.95 -92.57 -5.13
CA LEU J 261 -33.52 -93.96 -5.20
C LEU J 261 -32.04 -94.10 -5.57
N GLU J 262 -31.44 -93.08 -6.19
CA GLU J 262 -30.06 -93.18 -6.63
C GLU J 262 -29.09 -93.39 -5.47
N CYS J 263 -29.51 -93.08 -4.24
CA CYS J 263 -28.61 -93.26 -3.09
C CYS J 263 -28.23 -94.71 -2.89
N ALA J 264 -29.03 -95.64 -3.37
CA ALA J 264 -28.68 -97.05 -3.25
C ALA J 264 -27.68 -97.50 -4.31
N CYS J 265 -27.46 -96.69 -5.34
CA CYS J 265 -26.64 -97.11 -6.46
C CYS J 265 -25.20 -97.45 -6.10
N PRO J 266 -24.50 -96.71 -5.23
CA PRO J 266 -23.11 -97.09 -4.94
C PRO J 266 -22.97 -98.52 -4.46
N ALA J 267 -23.87 -98.99 -3.60
CA ALA J 267 -23.78 -100.35 -3.11
C ALA J 267 -23.99 -101.36 -4.23
N LEU J 268 -24.98 -101.13 -5.09
CA LEU J 268 -25.22 -102.04 -6.21
C LEU J 268 -24.02 -102.07 -7.15
N LEU J 269 -23.47 -100.90 -7.46
CA LEU J 269 -22.32 -100.82 -8.35
C LEU J 269 -21.12 -101.56 -7.77
N GLU J 270 -20.85 -101.35 -6.48
CA GLU J 270 -19.73 -102.04 -5.85
C GLU J 270 -19.96 -103.54 -5.80
N TYR J 271 -21.19 -103.97 -5.55
CA TYR J 271 -21.48 -105.41 -5.55
C TYR J 271 -21.26 -106.00 -6.92
N ALA J 272 -21.72 -105.31 -7.97
CA ALA J 272 -21.50 -105.80 -9.33
C ALA J 272 -20.03 -105.87 -9.66
N ARG J 273 -19.25 -104.87 -9.22
CA ARG J 273 -17.82 -104.88 -9.50
C ARG J 273 -17.11 -105.98 -8.73
N THR J 274 -17.51 -106.23 -7.48
CA THR J 274 -16.97 -107.34 -6.73
C THR J 274 -17.25 -108.67 -7.42
N CYS J 275 -18.48 -108.83 -7.91
CA CYS J 275 -18.84 -110.05 -8.63
C CYS J 275 -18.00 -110.20 -9.89
N ALA J 276 -17.82 -109.10 -10.64
CA ALA J 276 -16.97 -109.15 -11.83
C ALA J 276 -15.56 -109.55 -11.47
N GLN J 277 -15.04 -109.06 -10.35
CA GLN J 277 -13.72 -109.48 -9.89
C GLN J 277 -13.71 -110.97 -9.60
N GLU J 278 -14.76 -111.49 -8.97
CA GLU J 278 -14.81 -112.91 -8.65
C GLU J 278 -15.01 -113.77 -9.89
N GLY J 279 -15.60 -113.23 -10.94
CA GLY J 279 -15.72 -113.96 -12.18
C GLY J 279 -17.02 -113.79 -12.92
N MET J 280 -18.10 -113.47 -12.21
CA MET J 280 -19.43 -113.34 -12.82
C MET J 280 -19.68 -111.88 -13.12
N VAL J 281 -19.75 -111.55 -14.41
CA VAL J 281 -20.17 -110.22 -14.84
C VAL J 281 -21.69 -110.21 -14.91
N LEU J 282 -22.30 -109.23 -14.26
CA LEU J 282 -23.76 -109.18 -14.12
C LEU J 282 -24.38 -108.31 -15.21
N TYR J 283 -24.22 -108.76 -16.46
CA TYR J 283 -24.47 -107.93 -17.64
C TYR J 283 -25.71 -107.06 -17.56
N GLY J 284 -26.76 -107.55 -16.91
CA GLY J 284 -28.04 -106.88 -16.90
C GLY J 284 -28.38 -106.05 -15.68
N TRP J 285 -27.44 -105.81 -14.76
CA TRP J 285 -27.84 -105.15 -13.53
C TRP J 285 -28.23 -103.70 -13.76
N THR J 286 -27.67 -103.06 -14.78
CA THR J 286 -27.99 -101.65 -15.03
C THR J 286 -29.41 -101.48 -15.55
N ASP J 287 -29.98 -102.50 -16.20
CA ASP J 287 -31.32 -102.38 -16.74
C ASP J 287 -32.39 -102.63 -15.68
N HIS J 288 -32.21 -103.66 -14.85
CA HIS J 288 -33.20 -103.97 -13.84
C HIS J 288 -33.32 -102.85 -12.81
N SER J 289 -32.18 -102.31 -12.37
CA SER J 289 -32.19 -101.24 -11.39
C SER J 289 -32.43 -99.89 -12.06
N ALA J 290 -32.66 -98.88 -11.23
CA ALA J 290 -32.85 -97.52 -11.69
C ALA J 290 -31.53 -96.76 -11.83
N CYS J 291 -30.40 -97.42 -11.60
CA CYS J 291 -29.11 -96.75 -11.57
C CYS J 291 -28.53 -96.58 -12.96
N SER J 292 -27.63 -95.61 -13.08
CA SER J 292 -26.94 -95.33 -14.34
C SER J 292 -25.59 -94.73 -13.99
N PRO J 293 -24.53 -95.55 -13.97
CA PRO J 293 -23.21 -95.02 -13.62
C PRO J 293 -22.80 -93.89 -14.56
N VAL J 294 -22.15 -92.88 -13.98
CA VAL J 294 -21.82 -91.68 -14.74
C VAL J 294 -20.80 -92.02 -15.81
N CYS J 295 -21.00 -91.46 -17.00
CA CYS J 295 -20.07 -91.59 -18.11
C CYS J 295 -19.93 -90.23 -18.77
N PRO J 296 -18.81 -89.97 -19.44
CA PRO J 296 -18.64 -88.70 -20.13
C PRO J 296 -19.62 -88.56 -21.29
N ALA J 297 -19.80 -87.33 -21.74
CA ALA J 297 -20.82 -87.00 -22.71
C ALA J 297 -20.74 -87.91 -23.93
N GLY J 298 -21.88 -88.51 -24.28
CA GLY J 298 -21.99 -89.31 -25.48
C GLY J 298 -21.64 -90.77 -25.33
N MET J 299 -21.00 -91.16 -24.25
CA MET J 299 -20.59 -92.55 -24.06
C MET J 299 -21.61 -93.28 -23.19
N GLU J 300 -21.84 -94.55 -23.52
CA GLU J 300 -22.74 -95.40 -22.76
C GLU J 300 -21.96 -96.20 -21.73
N TYR J 301 -22.58 -96.43 -20.58
CA TYR J 301 -22.02 -97.36 -19.61
C TYR J 301 -22.33 -98.78 -20.04
N ARG J 302 -21.32 -99.66 -19.94
CA ARG J 302 -21.53 -101.05 -20.29
C ARG J 302 -20.58 -101.92 -19.48
N GLN J 303 -21.05 -103.11 -19.15
CA GLN J 303 -20.22 -104.10 -18.49
C GLN J 303 -19.33 -104.79 -19.52
N CYS J 304 -18.13 -105.16 -19.09
CA CYS J 304 -17.22 -105.95 -19.91
C CYS J 304 -16.83 -105.23 -21.20
N VAL J 305 -16.44 -103.97 -21.05
CA VAL J 305 -15.84 -103.22 -22.16
C VAL J 305 -14.41 -103.69 -22.33
N SER J 306 -14.04 -103.99 -23.56
CA SER J 306 -12.67 -104.42 -23.82
C SER J 306 -11.72 -103.25 -23.63
N PRO J 307 -10.62 -103.43 -22.89
CA PRO J 307 -9.69 -102.31 -22.69
C PRO J 307 -9.12 -101.75 -23.98
N CYS J 308 -8.98 -102.60 -25.00
CA CYS J 308 -8.46 -102.16 -26.30
C CYS J 308 -9.56 -101.55 -27.17
N ALA J 309 -10.26 -100.55 -26.65
CA ALA J 309 -11.32 -99.90 -27.40
C ALA J 309 -10.75 -99.19 -28.63
N ARG J 310 -11.52 -99.20 -29.71
CA ARG J 310 -11.03 -98.78 -31.02
C ARG J 310 -11.11 -97.26 -31.17
N THR J 311 -9.98 -96.61 -31.07
CA THR J 311 -9.78 -95.28 -31.61
C THR J 311 -9.49 -95.40 -33.10
N CYS J 312 -9.89 -94.37 -33.87
CA CYS J 312 -9.61 -94.38 -35.30
C CYS J 312 -8.13 -94.54 -35.58
N GLN J 313 -7.31 -93.61 -35.10
CA GLN J 313 -5.89 -93.65 -35.36
C GLN J 313 -5.23 -94.71 -34.50
N SER J 314 -5.62 -95.96 -34.75
CA SER J 314 -5.10 -97.10 -34.02
C SER J 314 -4.86 -98.25 -34.99
N LEU J 315 -3.76 -98.95 -34.80
CA LEU J 315 -3.45 -100.10 -35.63
C LEU J 315 -4.40 -101.24 -35.32
N HIS J 316 -4.81 -101.97 -36.36
CA HIS J 316 -5.76 -103.05 -36.20
C HIS J 316 -5.09 -104.31 -35.69
N ILE J 317 -4.36 -104.20 -34.58
CA ILE J 317 -3.65 -105.34 -33.99
C ILE J 317 -4.54 -105.90 -32.89
N ASN J 318 -5.39 -106.86 -33.25
CA ASN J 318 -6.29 -107.49 -32.30
C ASN J 318 -5.65 -108.67 -31.56
N GLU J 319 -4.58 -109.24 -32.12
CA GLU J 319 -3.94 -110.38 -31.49
C GLU J 319 -3.23 -109.99 -30.19
N MET J 320 -2.86 -108.72 -30.04
CA MET J 320 -2.18 -108.28 -28.83
C MET J 320 -3.12 -108.25 -27.63
N CYS J 321 -4.42 -108.07 -27.87
CA CYS J 321 -5.37 -107.81 -26.79
C CYS J 321 -5.83 -109.13 -26.18
N GLN J 322 -4.94 -109.71 -25.37
CA GLN J 322 -5.26 -110.93 -24.63
C GLN J 322 -5.84 -110.63 -23.25
N GLU J 323 -5.97 -109.35 -22.89
CA GLU J 323 -6.41 -108.99 -21.55
C GLU J 323 -7.90 -109.26 -21.38
N ARG J 324 -8.32 -109.36 -20.12
CA ARG J 324 -9.74 -109.50 -19.81
C ARG J 324 -10.44 -108.16 -19.96
N CYS J 325 -11.77 -108.23 -20.04
CA CYS J 325 -12.58 -107.02 -20.17
C CYS J 325 -12.82 -106.39 -18.82
N VAL J 326 -13.26 -105.13 -18.85
CA VAL J 326 -13.56 -104.37 -17.65
C VAL J 326 -14.87 -103.64 -17.84
N ASP J 327 -15.50 -103.28 -16.74
CA ASP J 327 -16.65 -102.39 -16.80
C ASP J 327 -16.19 -100.96 -17.06
N GLY J 328 -17.04 -100.20 -17.72
CA GLY J 328 -16.70 -98.82 -18.02
C GLY J 328 -17.59 -98.26 -19.11
N CYS J 329 -17.18 -97.12 -19.62
CA CYS J 329 -17.93 -96.40 -20.63
C CYS J 329 -17.44 -96.77 -22.02
N SER J 330 -18.34 -96.67 -22.99
CA SER J 330 -18.01 -96.99 -24.37
C SER J 330 -18.81 -96.08 -25.29
N CYS J 331 -18.25 -95.79 -26.46
CA CYS J 331 -19.00 -95.08 -27.46
C CYS J 331 -20.11 -95.98 -28.01
N PRO J 332 -21.23 -95.40 -28.42
CA PRO J 332 -22.31 -96.21 -28.98
C PRO J 332 -21.82 -97.03 -30.15
N GLU J 333 -22.52 -98.14 -30.41
CA GLU J 333 -22.10 -99.07 -31.44
C GLU J 333 -21.99 -98.37 -32.79
N GLY J 334 -20.92 -98.66 -33.51
CA GLY J 334 -20.64 -98.04 -34.79
C GLY J 334 -19.82 -96.78 -34.73
N GLN J 335 -19.70 -96.16 -33.56
CA GLN J 335 -18.88 -94.97 -33.41
C GLN J 335 -17.51 -95.34 -32.87
N LEU J 336 -16.56 -94.42 -33.03
CA LEU J 336 -15.18 -94.63 -32.64
C LEU J 336 -14.70 -93.42 -31.83
N LEU J 337 -13.68 -93.64 -31.02
CA LEU J 337 -13.10 -92.57 -30.23
C LEU J 337 -12.16 -91.73 -31.07
N ASP J 338 -12.11 -90.44 -30.74
CA ASP J 338 -11.18 -89.52 -31.40
C ASP J 338 -10.91 -88.38 -30.42
N GLU J 339 -9.73 -88.43 -29.79
CA GLU J 339 -9.37 -87.45 -28.75
C GLU J 339 -10.40 -87.45 -27.63
N GLY J 340 -10.90 -88.62 -27.28
CA GLY J 340 -11.87 -88.76 -26.22
C GLY J 340 -13.31 -88.58 -26.63
N LEU J 341 -13.56 -87.96 -27.77
CA LEU J 341 -14.92 -87.80 -28.27
C LEU J 341 -15.29 -88.97 -29.17
N CYS J 342 -16.59 -89.24 -29.26
CA CYS J 342 -17.10 -90.31 -30.10
C CYS J 342 -17.49 -89.76 -31.46
N VAL J 343 -17.01 -90.42 -32.51
CA VAL J 343 -17.25 -89.99 -33.89
C VAL J 343 -17.66 -91.20 -34.71
N GLU J 344 -18.34 -90.93 -35.82
CA GLU J 344 -18.68 -91.99 -36.76
C GLU J 344 -17.42 -92.53 -37.42
N SER J 345 -17.49 -93.80 -37.81
CA SER J 345 -16.31 -94.44 -38.40
C SER J 345 -15.85 -93.71 -39.65
N THR J 346 -16.77 -93.14 -40.42
CA THR J 346 -16.42 -92.40 -41.63
C THR J 346 -16.13 -90.94 -41.36
N GLU J 347 -16.53 -90.41 -40.21
CA GLU J 347 -16.37 -89.00 -39.89
C GLU J 347 -14.96 -88.65 -39.42
N CYS J 348 -14.18 -89.61 -39.07
CA CYS J 348 -13.06 -89.30 -38.20
C CYS J 348 -11.76 -89.10 -38.97
N PRO J 349 -10.89 -88.22 -38.46
CA PRO J 349 -9.87 -87.58 -39.29
C PRO J 349 -8.56 -88.34 -39.38
N CYS J 350 -7.69 -87.83 -40.24
CA CYS J 350 -6.30 -88.23 -40.34
C CYS J 350 -5.44 -87.34 -39.44
N VAL J 351 -4.26 -87.83 -39.10
CA VAL J 351 -3.31 -87.12 -38.27
C VAL J 351 -2.00 -86.97 -39.03
N HIS J 352 -1.44 -85.76 -39.01
CA HIS J 352 -0.13 -85.51 -39.57
C HIS J 352 0.51 -84.35 -38.84
N SER J 353 1.81 -84.47 -38.57
CA SER J 353 2.58 -83.43 -37.89
C SER J 353 1.95 -83.07 -36.55
N GLY J 354 1.27 -84.01 -35.92
CA GLY J 354 0.59 -83.74 -34.68
C GLY J 354 -0.73 -83.01 -34.82
N LYS J 355 -1.17 -82.75 -36.06
CA LYS J 355 -2.42 -82.07 -36.31
C LYS J 355 -3.42 -83.04 -36.91
N ARG J 356 -4.70 -82.81 -36.65
CA ARG J 356 -5.77 -83.60 -37.21
C ARG J 356 -6.47 -82.83 -38.32
N TYR J 357 -6.72 -83.50 -39.44
CA TYR J 357 -7.38 -82.89 -40.58
C TYR J 357 -8.60 -83.71 -40.96
N PRO J 358 -9.72 -83.06 -41.26
CA PRO J 358 -10.93 -83.79 -41.64
C PRO J 358 -10.72 -84.57 -42.93
N PRO J 359 -11.55 -85.56 -43.21
CA PRO J 359 -11.43 -86.30 -44.46
C PRO J 359 -11.63 -85.39 -45.67
N GLY J 360 -10.94 -85.72 -46.75
CA GLY J 360 -11.01 -84.95 -47.97
C GLY J 360 -10.03 -83.79 -48.04
N THR J 361 -9.38 -83.44 -46.93
CA THR J 361 -8.40 -82.37 -46.96
C THR J 361 -7.17 -82.80 -47.73
N SER J 362 -6.51 -81.82 -48.34
CA SER J 362 -5.32 -82.07 -49.14
C SER J 362 -4.14 -81.30 -48.56
N LEU J 363 -3.00 -81.98 -48.48
CA LEU J 363 -1.77 -81.37 -48.03
C LEU J 363 -0.70 -81.53 -49.09
N SER J 364 0.09 -80.48 -49.28
CA SER J 364 1.14 -80.48 -50.28
C SER J 364 2.48 -80.84 -49.65
N ARG J 365 3.30 -81.54 -50.41
CA ARG J 365 4.68 -81.85 -50.03
C ARG J 365 5.51 -81.59 -51.28
N ASP J 366 5.98 -80.35 -51.41
CA ASP J 366 6.51 -79.85 -52.68
C ASP J 366 5.49 -80.05 -53.79
N CYS J 367 5.88 -80.76 -54.85
CA CYS J 367 5.00 -80.94 -56.00
C CYS J 367 3.95 -82.02 -55.79
N ASN J 368 4.03 -82.79 -54.72
CA ASN J 368 3.07 -83.84 -54.43
C ASN J 368 1.95 -83.32 -53.54
N THR J 369 0.83 -84.04 -53.56
CA THR J 369 -0.28 -83.77 -52.67
C THR J 369 -0.72 -85.07 -52.01
N CYS J 370 -1.22 -84.95 -50.79
CA CYS J 370 -1.68 -86.09 -50.01
C CYS J 370 -3.12 -85.83 -49.57
N ILE J 371 -4.00 -86.78 -49.84
CA ILE J 371 -5.44 -86.62 -49.56
C ILE J 371 -5.81 -87.51 -48.39
N CYS J 372 -6.49 -86.93 -47.40
CA CYS J 372 -6.96 -87.70 -46.25
C CYS J 372 -8.21 -88.48 -46.63
N ARG J 373 -8.11 -89.80 -46.61
CA ARG J 373 -9.25 -90.68 -46.86
C ARG J 373 -9.22 -91.79 -45.83
N ASN J 374 -10.36 -92.07 -45.21
CA ASN J 374 -10.43 -92.92 -44.03
C ASN J 374 -9.48 -92.30 -43.01
N SER J 375 -8.62 -93.07 -42.36
CA SER J 375 -7.60 -92.50 -41.51
C SER J 375 -6.27 -92.31 -42.23
N GLN J 376 -6.19 -92.71 -43.49
CA GLN J 376 -4.94 -92.74 -44.23
C GLN J 376 -4.80 -91.51 -45.12
N TRP J 377 -3.60 -91.31 -45.63
CA TRP J 377 -3.29 -90.28 -46.59
C TRP J 377 -2.98 -90.93 -47.93
N ILE J 378 -3.59 -90.42 -48.99
CA ILE J 378 -3.32 -90.88 -50.34
C ILE J 378 -2.39 -89.86 -50.98
N CYS J 379 -1.14 -90.24 -51.22
CA CYS J 379 -0.10 -89.31 -51.61
C CYS J 379 0.27 -89.50 -53.08
N SER J 380 0.87 -88.45 -53.64
CA SER J 380 0.96 -88.31 -55.08
C SER J 380 2.11 -89.07 -55.74
N ASN J 381 3.09 -89.55 -54.98
CA ASN J 381 4.12 -90.45 -55.50
C ASN J 381 4.70 -90.00 -56.84
N GLU J 382 5.18 -88.76 -56.89
CA GLU J 382 5.81 -88.26 -58.12
C GLU J 382 7.09 -87.52 -57.76
N GLU J 383 8.00 -87.46 -58.73
CA GLU J 383 9.28 -86.79 -58.52
C GLU J 383 9.11 -85.28 -58.58
N CYS J 384 9.72 -84.59 -57.64
CA CYS J 384 9.72 -83.13 -57.58
C CYS J 384 11.11 -82.60 -57.94
N PRO J 385 11.22 -81.30 -58.22
CA PRO J 385 12.53 -80.76 -58.61
C PRO J 385 13.58 -80.98 -57.55
N GLY J 386 14.79 -81.30 -58.00
CA GLY J 386 15.91 -81.53 -57.10
C GLY J 386 16.73 -80.27 -56.89
N GLU J 387 17.08 -80.01 -55.64
CA GLU J 387 17.83 -78.82 -55.26
C GLU J 387 19.13 -79.24 -54.58
N CYS J 388 20.24 -79.09 -55.28
CA CYS J 388 21.55 -79.27 -54.66
C CYS J 388 22.02 -77.94 -54.11
N LEU J 389 22.75 -77.98 -53.00
CA LEU J 389 23.07 -76.77 -52.28
C LEU J 389 24.49 -76.83 -51.73
N VAL J 390 25.23 -75.76 -51.92
CA VAL J 390 26.49 -75.49 -51.24
C VAL J 390 26.34 -74.17 -50.51
N THR J 391 26.44 -74.18 -49.18
CA THR J 391 25.91 -73.04 -48.45
C THR J 391 26.80 -72.55 -47.33
N GLY J 392 28.10 -72.76 -47.42
CA GLY J 392 28.94 -72.24 -46.37
C GLY J 392 30.36 -72.76 -46.42
N GLN J 393 30.88 -73.18 -45.27
CA GLN J 393 32.23 -73.75 -45.21
C GLN J 393 32.20 -75.18 -45.73
N SER J 394 31.83 -75.32 -46.99
CA SER J 394 31.81 -76.60 -47.70
C SER J 394 30.73 -77.53 -47.19
N HIS J 395 29.60 -76.98 -46.75
CA HIS J 395 28.43 -77.79 -46.47
C HIS J 395 27.64 -78.03 -47.74
N PHE J 396 27.19 -79.27 -47.92
CA PHE J 396 26.54 -79.69 -49.14
C PHE J 396 25.20 -80.31 -48.83
N LYS J 397 24.29 -80.25 -49.80
CA LYS J 397 23.09 -81.06 -49.81
C LYS J 397 22.97 -81.65 -51.20
N SER J 398 22.93 -82.97 -51.29
CA SER J 398 22.75 -83.61 -52.58
C SER J 398 21.32 -83.39 -53.06
N PHE J 399 21.10 -83.73 -54.32
CA PHE J 399 19.75 -83.62 -54.87
C PHE J 399 18.76 -84.52 -54.13
N ASP J 400 19.25 -85.56 -53.46
CA ASP J 400 18.41 -86.46 -52.67
C ASP J 400 18.46 -86.15 -51.18
N ASN J 401 18.86 -84.94 -50.80
CA ASN J 401 18.82 -84.46 -49.43
C ASN J 401 19.82 -85.16 -48.52
N ARG J 402 20.96 -85.60 -49.04
CA ARG J 402 22.05 -86.08 -48.20
C ARG J 402 22.94 -84.91 -47.82
N TYR J 403 22.87 -84.49 -46.57
CA TYR J 403 23.73 -83.44 -46.09
C TYR J 403 25.11 -83.98 -45.77
N PHE J 404 26.14 -83.22 -46.11
CA PHE J 404 27.50 -83.61 -45.76
C PHE J 404 28.40 -82.40 -45.88
N THR J 405 29.56 -82.50 -45.25
CA THR J 405 30.60 -81.48 -45.33
C THR J 405 31.88 -82.13 -45.82
N PHE J 406 32.58 -81.46 -46.72
CA PHE J 406 33.73 -82.10 -47.36
C PHE J 406 35.02 -81.32 -47.21
N SER J 407 34.99 -80.01 -47.35
CA SER J 407 36.15 -79.14 -47.05
C SER J 407 37.38 -79.43 -47.90
N GLY J 408 37.21 -79.96 -49.10
CA GLY J 408 38.34 -80.16 -49.98
C GLY J 408 38.72 -78.90 -50.72
N ILE J 409 40.00 -78.77 -51.07
CA ILE J 409 40.52 -77.60 -51.77
C ILE J 409 40.95 -78.01 -53.17
N CYS J 410 40.04 -77.91 -54.12
CA CYS J 410 40.31 -78.16 -55.54
C CYS J 410 39.09 -77.70 -56.33
N GLN J 411 39.12 -77.93 -57.63
CA GLN J 411 37.94 -77.79 -58.47
C GLN J 411 37.23 -79.13 -58.54
N TYR J 412 35.99 -79.17 -58.09
CA TYR J 412 35.24 -80.41 -57.97
C TYR J 412 34.00 -80.36 -58.85
N LEU J 413 33.67 -81.49 -59.46
CA LEU J 413 32.50 -81.59 -60.32
C LEU J 413 31.26 -81.64 -59.44
N LEU J 414 30.56 -80.50 -59.34
CA LEU J 414 29.43 -80.42 -58.43
C LEU J 414 28.24 -81.20 -58.96
N ALA J 415 27.86 -80.96 -60.20
CA ALA J 415 26.72 -81.64 -60.81
C ALA J 415 26.90 -81.64 -62.32
N ARG J 416 26.64 -82.78 -62.94
CA ARG J 416 26.77 -82.90 -64.39
C ARG J 416 25.74 -83.88 -64.88
N ASP J 417 25.31 -83.70 -66.12
CA ASP J 417 24.42 -84.65 -66.78
C ASP J 417 25.31 -85.67 -67.51
N CYS J 418 25.71 -86.71 -66.79
CA CYS J 418 26.57 -87.73 -67.38
C CYS J 418 25.87 -88.55 -68.46
N GLN J 419 24.55 -88.42 -68.60
CA GLN J 419 23.83 -89.20 -69.59
C GLN J 419 23.80 -88.52 -70.95
N ASP J 420 23.43 -87.24 -70.99
CA ASP J 420 23.33 -86.49 -72.24
C ASP J 420 24.27 -85.29 -72.33
N HIS J 421 25.00 -84.98 -71.27
CA HIS J 421 25.94 -83.85 -71.23
C HIS J 421 25.26 -82.53 -71.56
N SER J 422 24.03 -82.38 -71.07
CA SER J 422 23.31 -81.12 -71.26
C SER J 422 24.02 -79.95 -70.59
N PHE J 423 24.67 -80.20 -69.45
CA PHE J 423 25.31 -79.15 -68.66
C PHE J 423 26.41 -79.79 -67.81
N SER J 424 27.23 -78.94 -67.22
CA SER J 424 28.31 -79.39 -66.35
C SER J 424 28.71 -78.25 -65.43
N ILE J 425 28.55 -78.45 -64.13
CA ILE J 425 28.79 -77.41 -63.12
C ILE J 425 30.00 -77.80 -62.29
N VAL J 426 30.96 -76.88 -62.18
CA VAL J 426 32.20 -77.11 -61.43
C VAL J 426 32.36 -75.97 -60.42
N ILE J 427 32.82 -76.31 -59.22
CA ILE J 427 33.04 -75.34 -58.15
C ILE J 427 34.51 -75.29 -57.80
N GLU J 428 35.01 -74.09 -57.57
CA GLU J 428 36.38 -73.90 -57.13
C GLU J 428 36.37 -73.57 -55.64
N THR J 429 36.97 -74.43 -54.83
CA THR J 429 36.99 -74.28 -53.39
C THR J 429 38.36 -73.79 -52.93
N VAL J 430 38.36 -72.86 -51.99
CA VAL J 430 39.57 -72.34 -51.41
C VAL J 430 39.38 -72.29 -49.90
N GLN J 431 40.49 -72.31 -49.18
CA GLN J 431 40.44 -72.02 -47.75
C GLN J 431 39.96 -70.59 -47.57
N CYS J 432 38.94 -70.41 -46.73
CA CYS J 432 38.28 -69.13 -46.61
C CYS J 432 38.54 -68.45 -45.28
N ALA J 433 39.54 -68.92 -44.53
CA ALA J 433 39.96 -68.30 -43.28
C ALA J 433 41.27 -68.93 -42.88
N ASP J 434 41.76 -68.55 -41.70
CA ASP J 434 43.01 -69.12 -41.21
C ASP J 434 42.87 -70.60 -40.86
N ASP J 435 41.70 -71.00 -40.35
CA ASP J 435 41.50 -72.36 -39.91
C ASP J 435 41.56 -73.34 -41.07
N ARG J 436 42.13 -74.51 -40.82
CA ARG J 436 42.12 -75.57 -41.83
C ARG J 436 40.71 -76.02 -42.16
N ASP J 437 39.76 -75.86 -41.23
CA ASP J 437 38.40 -76.32 -41.44
C ASP J 437 37.55 -75.35 -42.25
N ALA J 438 38.03 -74.13 -42.49
CA ALA J 438 37.27 -73.11 -43.20
C ALA J 438 37.61 -73.17 -44.67
N VAL J 439 36.82 -73.93 -45.43
CA VAL J 439 36.96 -74.04 -46.88
C VAL J 439 35.60 -73.75 -47.49
N CYS J 440 35.54 -72.76 -48.38
CA CYS J 440 34.28 -72.41 -49.00
C CYS J 440 34.51 -72.13 -50.48
N THR J 441 33.42 -72.20 -51.25
CA THR J 441 33.50 -72.06 -52.69
C THR J 441 33.80 -70.63 -53.09
N ARG J 442 34.80 -70.45 -53.95
CA ARG J 442 35.14 -69.11 -54.40
C ARG J 442 34.40 -68.74 -55.68
N SER J 443 34.38 -69.64 -56.66
CA SER J 443 33.77 -69.35 -57.95
C SER J 443 33.11 -70.61 -58.48
N VAL J 444 32.19 -70.42 -59.42
CA VAL J 444 31.44 -71.50 -60.05
C VAL J 444 31.64 -71.43 -61.55
N THR J 445 31.72 -72.59 -62.18
CA THR J 445 31.91 -72.69 -63.63
C THR J 445 30.86 -73.62 -64.20
N VAL J 446 30.27 -73.22 -65.33
CA VAL J 446 29.15 -73.94 -65.93
C VAL J 446 29.40 -74.08 -67.42
N ARG J 447 29.49 -75.31 -67.91
CA ARG J 447 29.57 -75.57 -69.33
C ARG J 447 28.19 -75.88 -69.88
N LEU J 448 27.90 -75.35 -71.06
CA LEU J 448 26.61 -75.54 -71.72
C LEU J 448 26.88 -76.01 -73.15
N PRO J 449 27.18 -77.29 -73.34
CA PRO J 449 27.57 -77.75 -74.68
C PRO J 449 26.56 -77.42 -75.77
N GLY J 450 25.27 -77.45 -75.43
CA GLY J 450 24.24 -77.15 -76.42
C GLY J 450 24.17 -75.69 -76.81
N LEU J 451 24.80 -74.81 -76.03
CA LEU J 451 24.94 -73.39 -76.38
C LEU J 451 26.34 -73.13 -76.91
N HIS J 452 26.64 -73.81 -78.02
CA HIS J 452 27.92 -73.71 -78.74
C HIS J 452 29.13 -73.80 -77.81
N ASN J 453 29.04 -74.72 -76.84
CA ASN J 453 30.09 -75.00 -75.85
C ASN J 453 30.53 -73.75 -75.08
N SER J 454 29.57 -72.88 -74.78
CA SER J 454 29.79 -71.74 -73.91
C SER J 454 30.30 -72.17 -72.53
N LEU J 455 31.10 -71.29 -71.92
CA LEU J 455 31.63 -71.51 -70.57
C LEU J 455 31.31 -70.31 -69.69
N VAL J 456 30.26 -70.41 -68.87
CA VAL J 456 29.95 -69.35 -67.92
C VAL J 456 30.76 -69.54 -66.66
N LYS J 457 31.25 -68.44 -66.08
CA LYS J 457 31.90 -68.44 -64.79
C LYS J 457 31.21 -67.46 -63.86
N LEU J 458 30.67 -67.96 -62.75
CA LEU J 458 30.11 -67.09 -61.72
C LEU J 458 31.20 -66.81 -60.69
N LYS J 459 31.56 -65.56 -60.54
CA LYS J 459 32.73 -65.15 -59.79
C LYS J 459 32.35 -64.69 -58.40
N HIS J 460 33.37 -64.61 -57.55
CA HIS J 460 33.19 -64.03 -56.22
C HIS J 460 32.78 -62.58 -56.35
N GLY J 461 31.88 -62.14 -55.47
CA GLY J 461 31.28 -60.83 -55.62
C GLY J 461 30.09 -60.78 -56.54
N ALA J 462 29.64 -61.93 -57.04
CA ALA J 462 28.50 -62.07 -57.93
C ALA J 462 28.70 -61.43 -59.30
N GLY J 463 29.94 -61.26 -59.73
CA GLY J 463 30.19 -60.99 -61.12
C GLY J 463 29.96 -62.23 -61.98
N VAL J 464 29.84 -62.02 -63.28
CA VAL J 464 29.71 -63.11 -64.23
C VAL J 464 30.64 -62.86 -65.39
N ALA J 465 31.28 -63.91 -65.89
CA ALA J 465 32.03 -63.89 -67.11
C ALA J 465 31.51 -64.98 -68.04
N MET J 466 31.62 -64.74 -69.34
CA MET J 466 31.25 -65.74 -70.31
C MET J 466 32.35 -65.83 -71.37
N ASP J 467 32.88 -67.03 -71.56
CA ASP J 467 34.04 -67.27 -72.42
C ASP J 467 35.18 -66.30 -72.09
N GLY J 468 35.35 -66.01 -70.81
CA GLY J 468 36.37 -65.10 -70.32
C GLY J 468 36.02 -63.61 -70.35
N GLN J 469 34.92 -63.23 -70.99
CA GLN J 469 34.54 -61.83 -71.09
C GLN J 469 33.59 -61.49 -69.96
N ASP J 470 33.91 -60.45 -69.17
CA ASP J 470 32.96 -59.99 -68.16
C ASP J 470 31.73 -59.40 -68.82
N VAL J 471 30.56 -59.96 -68.52
CA VAL J 471 29.33 -59.58 -69.19
C VAL J 471 28.47 -58.73 -68.26
N GLN J 472 27.76 -57.78 -68.86
CA GLN J 472 26.77 -56.97 -68.18
C GLN J 472 25.46 -57.73 -68.11
N LEU J 473 24.73 -57.52 -67.00
CA LEU J 473 23.52 -58.28 -66.73
C LEU J 473 22.29 -57.36 -66.71
N PRO J 474 21.12 -57.85 -67.12
CA PRO J 474 20.80 -59.22 -67.51
C PRO J 474 21.30 -59.62 -68.88
N LEU J 475 21.64 -60.89 -69.01
CA LEU J 475 22.06 -61.49 -70.27
C LEU J 475 20.98 -62.45 -70.74
N LEU J 476 20.46 -62.20 -71.94
CA LEU J 476 19.58 -63.12 -72.65
C LEU J 476 20.31 -63.61 -73.88
N LYS J 477 20.51 -64.91 -73.97
CA LYS J 477 21.35 -65.46 -75.04
C LYS J 477 20.88 -66.88 -75.36
N GLY J 478 19.90 -66.97 -76.26
CA GLY J 478 19.27 -68.25 -76.50
C GLY J 478 18.48 -68.72 -75.31
N ASP J 479 18.71 -69.98 -74.92
CA ASP J 479 18.12 -70.53 -73.71
C ASP J 479 18.65 -69.90 -72.44
N LEU J 480 19.87 -69.40 -72.45
CA LEU J 480 20.53 -68.89 -71.25
C LEU J 480 20.01 -67.52 -70.84
N ARG J 481 19.71 -67.36 -69.55
CA ARG J 481 19.16 -66.12 -69.01
C ARG J 481 19.75 -65.86 -67.63
N ILE J 482 20.62 -64.87 -67.52
CA ILE J 482 21.33 -64.55 -66.29
C ILE J 482 20.91 -63.17 -65.81
N GLN J 483 20.52 -63.06 -64.54
CA GLN J 483 20.06 -61.77 -64.03
C GLN J 483 20.25 -61.68 -62.53
N HIS J 484 20.36 -60.45 -62.04
CA HIS J 484 20.45 -60.22 -60.60
C HIS J 484 19.11 -60.43 -59.91
N THR J 485 19.11 -61.22 -58.84
CA THR J 485 17.96 -61.35 -57.97
C THR J 485 17.84 -60.11 -57.09
N VAL J 486 16.68 -59.95 -56.44
CA VAL J 486 16.48 -58.85 -55.51
C VAL J 486 17.51 -58.87 -54.40
N THR J 487 18.01 -60.05 -54.04
CA THR J 487 19.06 -60.21 -53.05
C THR J 487 20.45 -59.86 -53.59
N ALA J 488 20.55 -59.37 -54.81
CA ALA J 488 21.79 -59.14 -55.55
C ALA J 488 22.46 -60.43 -55.99
N SER J 489 21.85 -61.58 -55.73
CA SER J 489 22.41 -62.85 -56.17
C SER J 489 22.15 -63.05 -57.65
N VAL J 490 23.16 -63.55 -58.36
CA VAL J 490 23.00 -63.88 -59.77
C VAL J 490 22.17 -65.14 -59.90
N ARG J 491 21.08 -65.07 -60.65
CA ARG J 491 20.27 -66.22 -61.00
C ARG J 491 20.47 -66.57 -62.46
N LEU J 492 20.95 -67.78 -62.71
CA LEU J 492 21.17 -68.27 -64.06
C LEU J 492 20.11 -69.32 -64.38
N SER J 493 19.46 -69.17 -65.53
CA SER J 493 18.51 -70.14 -66.03
C SER J 493 18.96 -70.63 -67.39
N TYR J 494 18.73 -71.90 -67.69
CA TYR J 494 19.06 -72.45 -69.00
C TYR J 494 17.97 -73.42 -69.40
N GLY J 495 17.25 -73.08 -70.45
CA GLY J 495 15.98 -73.69 -70.71
C GLY J 495 15.02 -73.40 -69.57
N GLU J 496 14.14 -74.36 -69.32
CA GLU J 496 13.29 -74.37 -68.14
C GLU J 496 13.63 -75.49 -67.17
N ASP J 497 14.57 -76.37 -67.52
CA ASP J 497 14.92 -77.53 -66.72
C ASP J 497 16.12 -77.33 -65.80
N LEU J 498 16.93 -76.30 -66.01
CA LEU J 498 18.07 -76.01 -65.13
C LEU J 498 18.02 -74.58 -64.64
N GLN J 499 18.31 -74.39 -63.37
CA GLN J 499 18.42 -73.07 -62.77
C GLN J 499 19.49 -73.10 -61.69
N MET J 500 20.10 -71.95 -61.44
CA MET J 500 21.13 -71.81 -60.42
C MET J 500 20.96 -70.45 -59.75
N ASP J 501 21.45 -70.33 -58.53
CA ASP J 501 21.34 -69.08 -57.79
C ASP J 501 22.59 -68.88 -56.95
N TRP J 502 23.39 -67.89 -57.30
CA TRP J 502 24.74 -67.70 -56.77
C TRP J 502 24.79 -66.36 -56.06
N ASP J 503 25.08 -66.37 -54.77
CA ASP J 503 25.09 -65.16 -53.98
C ASP J 503 26.41 -64.40 -54.02
N GLY J 504 27.46 -65.02 -54.54
CA GLY J 504 28.75 -64.37 -54.64
C GLY J 504 29.63 -64.50 -53.43
N ARG J 505 29.08 -64.88 -52.28
CA ARG J 505 29.86 -65.07 -51.08
C ARG J 505 30.24 -66.52 -50.84
N GLY J 506 29.59 -67.44 -51.53
CA GLY J 506 29.91 -68.85 -51.40
C GLY J 506 28.71 -69.77 -51.39
N ARG J 507 27.51 -69.21 -51.41
CA ARG J 507 26.30 -70.02 -51.44
C ARG J 507 25.84 -70.23 -52.87
N LEU J 508 25.62 -71.48 -53.24
CA LEU J 508 25.13 -71.84 -54.56
C LEU J 508 23.98 -72.82 -54.42
N LEU J 509 22.86 -72.51 -55.05
CA LEU J 509 21.70 -73.39 -55.12
C LEU J 509 21.43 -73.76 -56.57
N VAL J 510 21.50 -75.05 -56.89
CA VAL J 510 21.22 -75.55 -58.23
C VAL J 510 19.92 -76.33 -58.20
N LYS J 511 18.98 -75.95 -59.06
CA LYS J 511 17.67 -76.59 -59.14
C LYS J 511 17.52 -77.26 -60.49
N LEU J 512 17.20 -78.56 -60.48
CA LEU J 512 16.92 -79.31 -61.68
C LEU J 512 15.47 -79.74 -61.73
N SER J 513 14.85 -79.55 -62.89
CA SER J 513 13.58 -80.18 -63.21
C SER J 513 13.68 -81.71 -63.15
N PRO J 514 12.56 -82.40 -62.91
CA PRO J 514 12.56 -83.88 -62.91
C PRO J 514 13.11 -84.52 -64.17
N VAL J 515 13.23 -83.75 -65.26
CA VAL J 515 13.77 -84.28 -66.50
C VAL J 515 15.16 -84.86 -66.31
N TYR J 516 15.92 -84.33 -65.37
CA TYR J 516 17.29 -84.78 -65.09
C TYR J 516 17.38 -85.88 -64.03
N ALA J 517 16.26 -86.36 -63.51
CA ALA J 517 16.31 -87.37 -62.45
C ALA J 517 17.03 -88.62 -62.95
N GLY J 518 17.96 -89.11 -62.15
CA GLY J 518 18.76 -90.26 -62.50
C GLY J 518 19.87 -89.99 -63.49
N LYS J 519 19.81 -88.89 -64.23
CA LYS J 519 20.82 -88.57 -65.23
C LYS J 519 22.03 -87.86 -64.66
N THR J 520 21.96 -87.41 -63.41
CA THR J 520 22.93 -86.49 -62.85
C THR J 520 24.11 -87.26 -62.24
N CYS J 521 25.21 -86.56 -62.02
CA CYS J 521 26.43 -87.13 -61.49
C CYS J 521 27.27 -86.01 -60.91
N GLY J 522 28.14 -86.36 -59.98
CA GLY J 522 28.97 -85.40 -59.28
C GLY J 522 28.69 -85.40 -57.79
N LEU J 523 29.26 -84.40 -57.12
CA LEU J 523 29.06 -84.29 -55.67
C LEU J 523 27.59 -84.21 -55.30
N CYS J 524 26.76 -83.63 -56.15
CA CYS J 524 25.36 -83.52 -55.85
C CYS J 524 24.60 -84.84 -55.94
N GLY J 525 25.26 -85.91 -56.38
CA GLY J 525 24.61 -87.19 -56.46
C GLY J 525 23.90 -87.42 -57.76
N ASN J 526 23.29 -88.60 -57.87
CA ASN J 526 22.63 -89.01 -59.10
C ASN J 526 21.18 -88.61 -59.19
N TYR J 527 20.64 -87.91 -58.19
CA TYR J 527 19.29 -87.34 -58.24
C TYR J 527 18.26 -88.41 -58.60
N ASN J 528 18.13 -89.40 -57.70
CA ASN J 528 17.19 -90.49 -57.89
C ASN J 528 16.35 -90.74 -56.65
N GLY J 529 16.21 -89.76 -55.77
CA GLY J 529 15.35 -89.91 -54.61
C GLY J 529 15.86 -90.80 -53.52
N ASN J 530 17.15 -91.13 -53.52
CA ASN J 530 17.72 -92.05 -52.55
C ASN J 530 19.01 -91.45 -51.99
N GLN J 531 19.08 -91.32 -50.67
CA GLN J 531 20.32 -90.86 -50.04
C GLN J 531 21.40 -91.92 -50.06
N GLY J 532 21.02 -93.19 -50.14
CA GLY J 532 21.97 -94.27 -49.92
C GLY J 532 23.13 -94.28 -50.88
N ASP J 533 22.90 -93.91 -52.14
CA ASP J 533 23.91 -94.03 -53.17
C ASP J 533 24.50 -92.68 -53.58
N ASP J 534 24.33 -91.64 -52.77
CA ASP J 534 24.84 -90.33 -53.18
C ASP J 534 26.34 -90.23 -53.06
N PHE J 535 26.99 -91.10 -52.29
CA PHE J 535 28.45 -91.14 -52.29
C PHE J 535 29.01 -92.02 -53.39
N LEU J 536 28.25 -92.25 -54.46
CA LEU J 536 28.79 -92.92 -55.63
C LEU J 536 29.96 -92.12 -56.20
N THR J 537 30.82 -92.82 -56.92
CA THR J 537 32.02 -92.24 -57.50
C THR J 537 32.14 -92.71 -58.94
N PRO J 538 32.91 -92.01 -59.77
CA PRO J 538 33.07 -92.47 -61.16
C PRO J 538 33.58 -93.90 -61.27
N SER J 539 34.17 -94.44 -60.22
CA SER J 539 34.56 -95.84 -60.22
C SER J 539 33.35 -96.77 -60.24
N GLY J 540 32.16 -96.25 -59.96
CA GLY J 540 30.95 -97.06 -59.95
C GLY J 540 30.56 -97.59 -58.60
N LEU J 541 31.37 -97.40 -57.56
CA LEU J 541 31.06 -97.87 -56.22
C LEU J 541 30.85 -96.70 -55.29
N ALA J 542 30.10 -96.95 -54.23
CA ALA J 542 29.78 -95.91 -53.25
C ALA J 542 30.81 -95.93 -52.14
N GLU J 543 31.47 -94.81 -51.94
CA GLU J 543 32.48 -94.71 -50.89
C GLU J 543 31.80 -94.51 -49.55
N PRO J 544 32.11 -95.31 -48.53
CA PRO J 544 31.50 -95.10 -47.21
C PRO J 544 31.99 -93.84 -46.52
N ARG J 545 33.08 -93.23 -46.98
CA ARG J 545 33.67 -92.07 -46.36
C ARG J 545 33.48 -90.85 -47.24
N VAL J 546 33.11 -89.73 -46.64
CA VAL J 546 32.91 -88.51 -47.42
C VAL J 546 34.22 -88.05 -48.05
N GLU J 547 35.34 -88.26 -47.36
CA GLU J 547 36.63 -87.81 -47.87
C GLU J 547 36.97 -88.48 -49.19
N ASP J 548 36.91 -89.81 -49.23
CA ASP J 548 37.21 -90.52 -50.46
C ASP J 548 36.21 -90.17 -51.57
N PHE J 549 34.93 -90.10 -51.22
CA PHE J 549 33.92 -89.73 -52.19
C PHE J 549 34.23 -88.40 -52.85
N GLY J 550 34.50 -87.37 -52.04
CA GLY J 550 34.80 -86.07 -52.61
C GLY J 550 36.10 -86.05 -53.39
N ASN J 551 37.11 -86.76 -52.89
CA ASN J 551 38.37 -86.81 -53.62
C ASN J 551 38.22 -87.47 -54.98
N ALA J 552 37.24 -88.36 -55.12
CA ALA J 552 37.02 -89.01 -56.40
C ALA J 552 36.54 -88.05 -57.49
N TRP J 553 35.92 -86.94 -57.11
CA TRP J 553 35.37 -85.98 -58.06
C TRP J 553 36.23 -84.76 -58.27
N LYS J 554 37.47 -84.76 -57.78
CA LYS J 554 38.36 -83.64 -57.98
C LYS J 554 38.94 -83.66 -59.39
N LEU J 555 39.03 -82.48 -60.01
CA LEU J 555 39.39 -82.40 -61.42
C LEU J 555 40.88 -82.45 -61.65
N HIS J 556 41.68 -81.98 -60.71
CA HIS J 556 43.11 -81.77 -60.92
C HIS J 556 43.90 -82.73 -60.05
N GLY J 557 44.86 -83.43 -60.66
CA GLY J 557 45.58 -84.47 -59.95
C GLY J 557 46.54 -83.96 -58.90
N ASP J 558 47.03 -82.73 -59.06
CA ASP J 558 47.98 -82.18 -58.11
C ASP J 558 47.32 -81.66 -56.83
N CYS J 559 45.99 -81.64 -56.79
CA CYS J 559 45.28 -81.21 -55.60
C CYS J 559 45.51 -82.19 -54.45
N GLN J 560 45.47 -81.68 -53.23
CA GLN J 560 45.62 -82.51 -52.06
C GLN J 560 44.40 -83.41 -51.89
N ASP J 561 44.64 -84.71 -51.72
CA ASP J 561 43.57 -85.64 -51.37
C ASP J 561 43.24 -85.46 -49.90
N LEU J 562 41.98 -85.15 -49.60
CA LEU J 562 41.58 -84.87 -48.24
C LEU J 562 41.71 -86.14 -47.40
N GLN J 563 42.50 -86.05 -46.33
CA GLN J 563 42.77 -87.21 -45.51
C GLN J 563 41.67 -87.45 -44.47
N LYS J 564 41.31 -86.43 -43.72
CA LYS J 564 40.24 -86.53 -42.74
C LYS J 564 39.41 -85.26 -42.74
N GLN J 565 38.09 -85.44 -42.68
CA GLN J 565 37.16 -84.31 -42.58
C GLN J 565 36.89 -84.08 -41.10
N HIS J 566 37.64 -83.17 -40.50
CA HIS J 566 37.53 -82.92 -39.07
C HIS J 566 36.24 -82.17 -38.78
N SER J 567 35.35 -82.78 -38.00
CA SER J 567 34.20 -82.07 -37.49
C SER J 567 34.61 -81.24 -36.27
N ASP J 568 33.70 -80.40 -35.82
CA ASP J 568 33.91 -79.58 -34.62
C ASP J 568 35.18 -78.77 -34.72
N PRO J 569 35.24 -77.74 -35.57
CA PRO J 569 36.40 -76.85 -35.59
C PRO J 569 36.56 -76.05 -34.33
N CYS J 570 35.56 -76.04 -33.45
CA CYS J 570 35.64 -75.27 -32.21
C CYS J 570 36.81 -75.71 -31.34
N ALA J 571 37.30 -76.93 -31.51
CA ALA J 571 38.44 -77.39 -30.74
C ALA J 571 39.67 -76.53 -31.00
N LEU J 572 39.84 -76.08 -32.24
CA LEU J 572 41.01 -75.27 -32.57
C LEU J 572 40.88 -73.85 -32.05
N ASN J 573 39.65 -73.36 -31.88
CA ASN J 573 39.40 -72.03 -31.34
C ASN J 573 38.39 -72.17 -30.21
N PRO J 574 38.84 -72.58 -29.02
CA PRO J 574 37.90 -72.75 -27.91
C PRO J 574 37.17 -71.48 -27.53
N ARG J 575 37.74 -70.31 -27.81
CA ARG J 575 37.09 -69.06 -27.43
C ARG J 575 35.71 -68.93 -28.04
N MET J 576 35.49 -69.51 -29.21
CA MET J 576 34.26 -69.34 -29.96
C MET J 576 33.21 -70.38 -29.62
N THR J 577 33.52 -71.37 -28.77
CA THR J 577 32.57 -72.45 -28.55
C THR J 577 31.31 -71.96 -27.84
N ARG J 578 31.46 -71.10 -26.82
CA ARG J 578 30.28 -70.61 -26.10
C ARG J 578 29.37 -69.83 -27.04
N PHE J 579 29.94 -68.92 -27.82
CA PHE J 579 29.14 -68.16 -28.77
C PHE J 579 28.50 -69.06 -29.80
N SER J 580 29.25 -70.04 -30.31
CA SER J 580 28.69 -70.95 -31.30
C SER J 580 27.45 -71.64 -30.76
N GLU J 581 27.57 -72.25 -29.58
CA GLU J 581 26.42 -72.93 -29.00
C GLU J 581 25.27 -71.96 -28.78
N GLU J 582 25.52 -70.87 -28.06
CA GLU J 582 24.43 -70.01 -27.61
C GLU J 582 23.79 -69.23 -28.75
N ALA J 583 24.49 -69.07 -29.87
CA ALA J 583 23.94 -68.34 -31.00
C ALA J 583 23.24 -69.27 -31.97
N CYS J 584 23.89 -70.37 -32.35
CA CYS J 584 23.25 -71.28 -33.28
C CYS J 584 22.11 -72.05 -32.63
N ALA J 585 21.96 -71.98 -31.30
CA ALA J 585 20.82 -72.61 -30.67
C ALA J 585 19.50 -71.99 -31.10
N VAL J 586 19.52 -70.79 -31.68
CA VAL J 586 18.27 -70.14 -32.06
C VAL J 586 17.51 -70.95 -33.11
N LEU J 587 18.22 -71.76 -33.89
CA LEU J 587 17.55 -72.58 -34.90
C LEU J 587 16.54 -73.53 -34.28
N THR J 588 16.71 -73.89 -33.00
CA THR J 588 15.76 -74.76 -32.31
C THR J 588 14.83 -73.99 -31.39
N SER J 589 14.92 -72.67 -31.36
CA SER J 589 14.10 -71.86 -30.50
C SER J 589 12.68 -71.77 -31.06
N PRO J 590 11.72 -71.33 -30.26
CA PRO J 590 10.36 -71.13 -30.81
C PRO J 590 10.31 -70.22 -32.01
N THR J 591 11.36 -69.42 -32.25
CA THR J 591 11.43 -68.61 -33.45
C THR J 591 11.30 -69.46 -34.70
N PHE J 592 11.79 -70.69 -34.65
CA PHE J 592 11.76 -71.59 -35.80
C PHE J 592 10.89 -72.80 -35.58
N GLU J 593 10.19 -72.90 -34.44
CA GLU J 593 9.32 -74.05 -34.20
C GLU J 593 8.25 -74.18 -35.27
N ALA J 594 7.88 -73.08 -35.92
CA ALA J 594 6.92 -73.16 -37.00
C ALA J 594 7.47 -73.94 -38.18
N CYS J 595 8.79 -74.11 -38.26
CA CYS J 595 9.42 -74.79 -39.38
C CYS J 595 9.94 -76.18 -39.06
N HIS J 596 10.14 -76.52 -37.79
CA HIS J 596 10.73 -77.81 -37.45
C HIS J 596 9.96 -78.95 -38.06
N ARG J 597 8.64 -78.82 -38.19
CA ARG J 597 7.85 -79.85 -38.82
C ARG J 597 8.19 -79.97 -40.29
N ALA J 598 8.38 -78.84 -40.97
CA ALA J 598 8.61 -78.85 -42.41
C ALA J 598 10.03 -79.31 -42.74
N VAL J 599 11.03 -78.77 -42.05
CA VAL J 599 12.43 -79.07 -42.33
C VAL J 599 13.13 -79.44 -41.03
N SER J 600 13.90 -80.51 -41.05
CA SER J 600 14.62 -80.92 -39.87
C SER J 600 15.74 -79.93 -39.59
N PRO J 601 15.80 -79.37 -38.38
CA PRO J 601 16.83 -78.35 -38.11
C PRO J 601 18.19 -78.91 -37.76
N LEU J 602 18.33 -80.23 -37.61
CA LEU J 602 19.60 -80.77 -37.12
C LEU J 602 20.75 -80.55 -38.08
N PRO J 603 20.65 -80.83 -39.39
CA PRO J 603 21.78 -80.57 -40.27
C PRO J 603 22.16 -79.11 -40.30
N TYR J 604 21.17 -78.22 -40.30
CA TYR J 604 21.46 -76.80 -40.33
C TYR J 604 22.09 -76.34 -39.03
N LEU J 605 21.72 -76.96 -37.91
CA LEU J 605 22.37 -76.65 -36.63
C LEU J 605 23.84 -77.08 -36.64
N ARG J 606 24.11 -78.29 -37.13
CA ARG J 606 25.49 -78.74 -37.26
C ARG J 606 26.29 -77.78 -38.13
N ASN J 607 25.73 -77.42 -39.28
CA ASN J 607 26.40 -76.51 -40.19
C ASN J 607 26.61 -75.16 -39.55
N CYS J 608 25.62 -74.66 -38.82
CA CYS J 608 25.74 -73.36 -38.16
C CYS J 608 26.89 -73.35 -37.17
N ARG J 609 26.96 -74.37 -36.31
CA ARG J 609 28.02 -74.38 -35.31
C ARG J 609 29.38 -74.52 -35.97
N TYR J 610 29.50 -75.40 -36.96
CA TYR J 610 30.76 -75.51 -37.71
C TYR J 610 31.17 -74.17 -38.28
N ASP J 611 30.24 -73.49 -38.96
CA ASP J 611 30.57 -72.23 -39.60
C ASP J 611 31.00 -71.19 -38.59
N VAL J 612 30.21 -71.01 -37.53
CA VAL J 612 30.53 -69.98 -36.55
C VAL J 612 31.89 -70.23 -35.93
N CYS J 613 32.23 -71.50 -35.69
CA CYS J 613 33.52 -71.78 -35.08
C CYS J 613 34.68 -71.64 -36.06
N SER J 614 34.45 -71.85 -37.35
CA SER J 614 35.55 -71.87 -38.31
C SER J 614 35.69 -70.62 -39.16
N CYS J 615 34.69 -69.74 -39.17
CA CYS J 615 34.71 -68.64 -40.13
C CYS J 615 35.63 -67.52 -39.68
N SER J 616 35.99 -66.66 -40.64
CA SER J 616 36.75 -65.46 -40.34
C SER J 616 35.95 -64.52 -39.44
N ASP J 617 34.68 -64.33 -39.75
CA ASP J 617 33.78 -63.53 -38.94
C ASP J 617 32.60 -64.40 -38.53
N GLY J 618 32.44 -64.59 -37.22
CA GLY J 618 31.38 -65.47 -36.76
C GLY J 618 30.00 -64.89 -36.94
N ARG J 619 29.88 -63.56 -36.93
CA ARG J 619 28.58 -62.93 -37.11
C ARG J 619 28.04 -63.13 -38.52
N GLU J 620 28.90 -62.91 -39.52
CA GLU J 620 28.49 -63.08 -40.91
C GLU J 620 28.06 -64.52 -41.17
N CYS J 621 28.83 -65.48 -40.67
CA CYS J 621 28.48 -66.87 -40.91
C CYS J 621 27.28 -67.32 -40.09
N LEU J 622 27.08 -66.74 -38.90
CA LEU J 622 25.85 -66.97 -38.17
C LEU J 622 24.65 -66.56 -38.99
N CYS J 623 24.71 -65.35 -39.55
CA CYS J 623 23.62 -64.90 -40.41
C CYS J 623 23.47 -65.80 -41.63
N GLY J 624 24.58 -66.24 -42.21
CA GLY J 624 24.51 -67.13 -43.36
C GLY J 624 23.79 -68.43 -43.05
N ALA J 625 24.13 -69.06 -41.94
CA ALA J 625 23.51 -70.33 -41.57
C ALA J 625 22.04 -70.15 -41.23
N LEU J 626 21.71 -69.12 -40.45
CA LEU J 626 20.31 -68.88 -40.13
C LEU J 626 19.50 -68.60 -41.39
N ALA J 627 20.07 -67.82 -42.31
CA ALA J 627 19.39 -67.54 -43.56
C ALA J 627 19.24 -68.80 -44.40
N SER J 628 20.22 -69.71 -44.34
CA SER J 628 20.10 -70.96 -45.06
C SER J 628 18.92 -71.76 -44.54
N TYR J 629 18.79 -71.88 -43.22
CA TYR J 629 17.65 -72.62 -42.68
C TYR J 629 16.34 -71.94 -43.01
N ALA J 630 16.31 -70.60 -42.92
CA ALA J 630 15.08 -69.89 -43.25
C ALA J 630 14.73 -70.06 -44.72
N ALA J 631 15.74 -70.13 -45.59
CA ALA J 631 15.48 -70.35 -47.01
C ALA J 631 14.93 -71.75 -47.25
N ALA J 632 15.44 -72.75 -46.53
CA ALA J 632 14.84 -74.08 -46.63
C ALA J 632 13.38 -74.06 -46.19
N CYS J 633 13.09 -73.38 -45.09
CA CYS J 633 11.71 -73.27 -44.63
C CYS J 633 10.84 -72.61 -45.67
N ALA J 634 11.31 -71.51 -46.27
CA ALA J 634 10.56 -70.84 -47.31
C ALA J 634 10.35 -71.74 -48.51
N GLY J 635 11.35 -72.55 -48.86
CA GLY J 635 11.17 -73.52 -49.92
C GLY J 635 10.06 -74.49 -49.62
N ARG J 636 9.92 -74.87 -48.36
CA ARG J 636 8.76 -75.66 -47.91
C ARG J 636 7.54 -74.80 -47.62
N GLY J 637 7.53 -73.55 -48.05
CA GLY J 637 6.35 -72.71 -47.92
C GLY J 637 6.13 -72.11 -46.55
N VAL J 638 7.08 -72.24 -45.63
CA VAL J 638 6.96 -71.67 -44.29
C VAL J 638 7.89 -70.46 -44.22
N ARG J 639 7.35 -69.31 -43.87
CA ARG J 639 8.12 -68.08 -43.75
C ARG J 639 8.25 -67.71 -42.28
N VAL J 640 9.48 -67.46 -41.84
CA VAL J 640 9.78 -67.17 -40.45
C VAL J 640 10.40 -65.78 -40.36
N ALA J 641 9.84 -64.95 -39.48
CA ALA J 641 10.38 -63.61 -39.23
C ALA J 641 11.53 -63.69 -38.23
N TRP J 642 12.67 -64.16 -38.72
CA TRP J 642 13.78 -64.48 -37.84
C TRP J 642 14.76 -63.34 -37.66
N ARG J 643 14.85 -62.41 -38.61
CA ARG J 643 15.77 -61.29 -38.46
C ARG J 643 15.28 -60.31 -37.41
N GLU J 644 16.20 -59.75 -36.65
CA GLU J 644 15.89 -58.82 -35.58
C GLU J 644 17.06 -57.87 -35.42
N PRO J 645 16.87 -56.76 -34.70
CA PRO J 645 17.99 -55.81 -34.53
C PRO J 645 19.24 -56.46 -33.96
N GLY J 646 19.09 -57.43 -33.07
CA GLY J 646 20.25 -58.08 -32.50
C GLY J 646 20.90 -59.12 -33.40
N ARG J 647 20.31 -59.42 -34.56
CA ARG J 647 20.88 -60.43 -35.43
C ARG J 647 20.40 -60.23 -36.86
N CYS J 648 21.33 -59.89 -37.75
CA CYS J 648 21.18 -60.14 -39.18
C CYS J 648 20.02 -59.35 -39.80
N GLU J 649 19.99 -58.05 -39.54
CA GLU J 649 19.07 -57.19 -40.28
C GLU J 649 19.65 -56.81 -41.62
N LEU J 650 18.80 -56.78 -42.64
CA LEU J 650 19.21 -56.29 -43.96
C LEU J 650 19.12 -54.78 -43.96
N ASN J 651 20.26 -54.11 -44.02
CA ASN J 651 20.30 -52.65 -44.11
C ASN J 651 20.19 -52.26 -45.57
N CYS J 652 18.96 -51.96 -46.00
CA CYS J 652 18.70 -51.79 -47.43
C CYS J 652 19.31 -50.50 -47.95
N PRO J 653 19.77 -50.49 -49.20
CA PRO J 653 20.35 -49.28 -49.77
C PRO J 653 19.32 -48.16 -49.88
N LYS J 654 19.79 -46.93 -49.68
CA LYS J 654 19.04 -45.69 -49.92
C LYS J 654 17.66 -45.82 -49.30
N GLY J 655 16.59 -45.49 -50.01
CA GLY J 655 15.24 -45.51 -49.48
C GLY J 655 14.50 -46.81 -49.66
N GLN J 656 15.15 -47.87 -50.14
CA GLN J 656 14.49 -49.14 -50.31
C GLN J 656 14.06 -49.70 -48.95
N VAL J 657 12.96 -50.46 -48.97
CA VAL J 657 12.35 -50.98 -47.75
C VAL J 657 12.46 -52.50 -47.75
N TYR J 658 12.85 -53.06 -46.61
CA TYR J 658 12.93 -54.51 -46.47
C TYR J 658 11.53 -55.12 -46.41
N LEU J 659 11.31 -56.15 -47.21
CA LEU J 659 10.08 -56.92 -47.17
C LEU J 659 10.41 -58.38 -46.95
N GLN J 660 9.63 -59.04 -46.10
CA GLN J 660 9.79 -60.48 -45.91
C GLN J 660 9.23 -61.28 -47.07
N CYS J 661 8.21 -60.75 -47.75
CA CYS J 661 7.58 -61.41 -48.89
C CYS J 661 7.18 -60.32 -49.88
N GLY J 662 8.05 -60.07 -50.85
CA GLY J 662 7.79 -59.09 -51.89
C GLY J 662 7.91 -59.70 -53.27
N THR J 663 7.27 -59.09 -54.24
CA THR J 663 7.24 -59.66 -55.58
C THR J 663 8.33 -59.05 -56.45
N PRO J 664 9.17 -59.86 -57.09
CA PRO J 664 10.27 -59.32 -57.89
C PRO J 664 9.88 -58.92 -59.30
N CYS J 665 8.70 -59.34 -59.77
CA CYS J 665 8.40 -59.26 -61.19
C CYS J 665 8.38 -57.83 -61.70
N ASN J 666 7.85 -56.90 -60.90
CA ASN J 666 7.65 -55.52 -61.32
C ASN J 666 8.45 -54.54 -60.48
N LEU J 667 9.69 -54.88 -60.15
CA LEU J 667 10.52 -53.99 -59.35
C LEU J 667 11.35 -53.05 -60.23
N THR J 668 12.05 -53.60 -61.21
CA THR J 668 12.94 -52.83 -62.05
C THR J 668 12.20 -52.19 -63.21
N CYS J 669 12.78 -51.10 -63.73
CA CYS J 669 12.14 -50.39 -64.83
C CYS J 669 12.20 -51.17 -66.13
N ARG J 670 13.13 -52.13 -66.25
CA ARG J 670 13.10 -53.04 -67.38
C ARG J 670 11.78 -53.77 -67.46
N SER J 671 11.14 -54.04 -66.32
CA SER J 671 9.80 -54.62 -66.33
C SER J 671 8.82 -53.72 -67.06
N LEU J 672 8.96 -52.40 -66.89
CA LEU J 672 8.16 -51.47 -67.67
C LEU J 672 8.52 -51.55 -69.14
N SER J 673 9.81 -51.63 -69.45
CA SER J 673 10.23 -51.64 -70.84
C SER J 673 9.87 -52.94 -71.55
N TYR J 674 9.68 -54.03 -70.80
CA TYR J 674 9.30 -55.33 -71.37
C TYR J 674 8.13 -55.88 -70.57
N PRO J 675 6.94 -55.29 -70.73
CA PRO J 675 5.80 -55.75 -69.93
C PRO J 675 5.25 -57.08 -70.38
N ASP J 676 5.47 -57.49 -71.62
CA ASP J 676 4.92 -58.74 -72.13
C ASP J 676 5.79 -59.95 -71.80
N GLU J 677 6.95 -59.76 -71.20
CA GLU J 677 7.76 -60.88 -70.74
C GLU J 677 7.12 -61.46 -69.48
N GLU J 678 6.62 -62.68 -69.59
CA GLU J 678 5.84 -63.27 -68.50
C GLU J 678 6.71 -63.49 -67.27
N CYS J 679 6.13 -63.23 -66.11
CA CYS J 679 6.80 -63.43 -64.83
C CYS J 679 5.79 -63.90 -63.81
N ASN J 680 6.02 -65.10 -63.26
CA ASN J 680 5.11 -65.69 -62.29
C ASN J 680 5.85 -66.11 -61.01
N GLU J 681 7.00 -65.50 -60.74
CA GLU J 681 7.86 -65.97 -59.67
C GLU J 681 7.26 -65.65 -58.30
N ALA J 682 7.43 -66.58 -57.36
CA ALA J 682 6.94 -66.41 -56.01
C ALA J 682 7.67 -65.27 -55.30
N CYS J 683 7.08 -64.79 -54.21
CA CYS J 683 7.68 -63.71 -53.47
C CYS J 683 8.93 -64.17 -52.74
N LEU J 684 9.74 -63.21 -52.34
CA LEU J 684 10.98 -63.50 -51.62
C LEU J 684 11.33 -62.31 -50.75
N GLU J 685 12.13 -62.57 -49.73
CA GLU J 685 12.60 -61.49 -48.87
C GLU J 685 13.74 -60.73 -49.56
N GLY J 686 13.82 -59.44 -49.26
CA GLY J 686 14.84 -58.61 -49.85
C GLY J 686 14.48 -57.15 -49.70
N CYS J 687 15.21 -56.32 -50.44
CA CYS J 687 15.01 -54.88 -50.44
C CYS J 687 14.23 -54.48 -51.69
N PHE J 688 13.09 -53.83 -51.48
CA PHE J 688 12.20 -53.41 -52.56
C PHE J 688 11.92 -51.94 -52.44
N CYS J 689 11.59 -51.32 -53.56
CA CYS J 689 11.16 -49.93 -53.53
C CYS J 689 9.73 -49.84 -53.00
N PRO J 690 9.37 -48.71 -52.40
CA PRO J 690 7.99 -48.52 -51.92
C PRO J 690 6.98 -48.78 -53.02
N PRO J 691 5.71 -48.99 -52.68
CA PRO J 691 4.76 -49.52 -53.68
C PRO J 691 4.61 -48.67 -54.92
N GLY J 692 4.77 -47.36 -54.81
CA GLY J 692 4.53 -46.50 -55.95
C GLY J 692 5.72 -46.20 -56.81
N LEU J 693 6.88 -46.81 -56.54
CA LEU J 693 8.11 -46.46 -57.21
C LEU J 693 8.77 -47.69 -57.83
N TYR J 694 9.38 -47.50 -58.99
CA TYR J 694 10.20 -48.52 -59.63
C TYR J 694 11.67 -48.25 -59.35
N MET J 695 12.51 -49.22 -59.69
CA MET J 695 13.94 -49.16 -59.39
C MET J 695 14.73 -49.09 -60.68
N ASP J 696 15.66 -48.14 -60.75
CA ASP J 696 16.50 -47.92 -61.92
C ASP J 696 17.85 -48.63 -61.78
N GLU J 697 18.77 -48.33 -62.69
CA GLU J 697 20.08 -48.98 -62.65
C GLU J 697 20.88 -48.56 -61.43
N ARG J 698 20.74 -47.30 -61.01
CA ARG J 698 21.49 -46.82 -59.85
C ARG J 698 20.96 -47.40 -58.54
N GLY J 699 19.86 -48.14 -58.58
CA GLY J 699 19.22 -48.58 -57.36
C GLY J 699 18.31 -47.55 -56.74
N ASP J 700 18.13 -46.40 -57.38
CA ASP J 700 17.25 -45.38 -56.87
C ASP J 700 15.81 -45.70 -57.21
N CYS J 701 14.91 -45.46 -56.26
CA CYS J 701 13.49 -45.67 -56.49
C CYS J 701 12.90 -44.44 -57.19
N VAL J 702 12.28 -44.67 -58.33
CA VAL J 702 11.79 -43.58 -59.17
C VAL J 702 10.35 -43.86 -59.56
N PRO J 703 9.51 -42.84 -59.73
CA PRO J 703 8.20 -43.06 -60.34
C PRO J 703 8.34 -43.52 -61.77
N LYS J 704 7.33 -44.24 -62.25
CA LYS J 704 7.40 -44.81 -63.59
C LYS J 704 7.60 -43.74 -64.64
N ALA J 705 7.21 -42.50 -64.36
CA ALA J 705 7.44 -41.41 -65.29
C ALA J 705 8.92 -41.11 -65.48
N GLN J 706 9.76 -41.49 -64.52
CA GLN J 706 11.18 -41.17 -64.57
C GLN J 706 12.04 -42.36 -64.99
N CYS J 707 11.47 -43.54 -65.16
CA CYS J 707 12.27 -44.66 -65.64
C CYS J 707 12.79 -44.40 -67.04
N PRO J 708 14.01 -44.82 -67.34
CA PRO J 708 14.45 -44.86 -68.74
C PRO J 708 13.83 -46.04 -69.47
N CYS J 709 13.88 -45.97 -70.79
CA CYS J 709 13.36 -47.01 -71.66
C CYS J 709 14.50 -47.78 -72.30
N TYR J 710 14.41 -49.10 -72.21
CA TYR J 710 15.41 -49.98 -72.81
C TYR J 710 14.89 -50.46 -74.15
N TYR J 711 15.62 -50.15 -75.21
CA TYR J 711 15.19 -50.50 -76.56
C TYR J 711 16.40 -51.00 -77.32
N ASP J 712 16.31 -52.22 -77.87
CA ASP J 712 17.42 -52.83 -78.61
C ASP J 712 18.70 -52.83 -77.79
N GLY J 713 18.57 -52.91 -76.48
CA GLY J 713 19.73 -52.91 -75.61
C GLY J 713 20.32 -51.55 -75.35
N GLU J 714 19.63 -50.48 -75.73
CA GLU J 714 20.09 -49.12 -75.50
C GLU J 714 19.16 -48.44 -74.52
N ILE J 715 19.71 -47.60 -73.67
CA ILE J 715 18.97 -47.00 -72.57
C ILE J 715 18.60 -45.58 -72.98
N PHE J 716 17.32 -45.29 -73.08
CA PHE J 716 16.84 -43.97 -73.45
C PHE J 716 16.18 -43.30 -72.26
N GLN J 717 16.43 -42.02 -72.11
CA GLN J 717 15.90 -41.25 -70.99
C GLN J 717 14.44 -40.91 -71.22
N PRO J 718 13.73 -40.50 -70.17
CA PRO J 718 12.33 -40.12 -70.35
C PRO J 718 12.18 -38.99 -71.35
N GLU J 719 11.10 -39.04 -72.12
CA GLU J 719 10.75 -38.06 -73.14
C GLU J 719 11.69 -38.06 -74.33
N ASP J 720 12.59 -39.03 -74.43
CA ASP J 720 13.45 -39.12 -75.60
C ASP J 720 12.64 -39.51 -76.82
N ILE J 721 13.00 -38.96 -77.96
CA ILE J 721 12.35 -39.23 -79.24
C ILE J 721 13.43 -39.59 -80.23
N PHE J 722 13.15 -40.55 -81.10
CA PHE J 722 14.04 -40.78 -82.23
C PHE J 722 13.22 -41.34 -83.39
N SER J 723 13.71 -41.08 -84.60
CA SER J 723 13.06 -41.57 -85.80
C SER J 723 14.11 -42.09 -86.75
N ASP J 724 13.82 -43.20 -87.39
CA ASP J 724 14.75 -43.89 -88.28
C ASP J 724 14.10 -44.03 -89.65
N HIS J 725 14.84 -44.64 -90.57
CA HIS J 725 14.30 -44.96 -91.89
C HIS J 725 13.01 -45.75 -91.77
N HIS J 726 12.93 -46.61 -90.75
CA HIS J 726 11.84 -47.56 -90.64
C HIS J 726 10.87 -47.26 -89.52
N THR J 727 11.25 -46.47 -88.53
CA THR J 727 10.48 -46.45 -87.30
C THR J 727 10.56 -45.06 -86.66
N MET J 728 9.56 -44.74 -85.86
CA MET J 728 9.55 -43.55 -85.03
C MET J 728 9.12 -43.97 -83.63
N CYS J 729 9.90 -43.58 -82.62
CA CYS J 729 9.68 -44.06 -81.27
C CYS J 729 9.82 -42.90 -80.30
N TYR J 730 9.25 -43.08 -79.12
CA TYR J 730 9.47 -42.13 -78.03
C TYR J 730 9.28 -42.84 -76.71
N CYS J 731 10.02 -42.38 -75.70
CA CYS J 731 10.04 -43.01 -74.39
C CYS J 731 9.10 -42.28 -73.45
N GLU J 732 8.15 -43.00 -72.87
CA GLU J 732 7.23 -42.41 -71.91
C GLU J 732 6.83 -43.48 -70.90
N ASP J 733 6.91 -43.15 -69.62
CA ASP J 733 6.53 -44.07 -68.54
C ASP J 733 7.29 -45.38 -68.62
N GLY J 734 8.56 -45.30 -68.96
CA GLY J 734 9.42 -46.46 -68.98
C GLY J 734 9.20 -47.41 -70.14
N PHE J 735 8.39 -47.04 -71.11
CA PHE J 735 8.12 -47.88 -72.27
C PHE J 735 8.40 -47.09 -73.54
N MET J 736 8.90 -47.78 -74.55
CA MET J 736 9.25 -47.16 -75.82
C MET J 736 8.07 -47.32 -76.77
N HIS J 737 7.32 -46.24 -76.98
CA HIS J 737 6.08 -46.28 -77.75
C HIS J 737 6.40 -46.12 -79.23
N CYS J 738 6.88 -47.19 -79.83
CA CYS J 738 7.18 -47.17 -81.26
C CYS J 738 5.89 -47.35 -82.05
N THR J 739 5.65 -46.44 -83.01
CA THR J 739 4.39 -46.38 -83.73
C THR J 739 4.61 -46.20 -85.22
N MET J 740 5.60 -46.89 -85.78
CA MET J 740 5.78 -46.87 -87.22
C MET J 740 6.33 -48.22 -87.66
N SER J 741 5.89 -48.68 -88.83
CA SER J 741 6.28 -49.97 -89.38
C SER J 741 6.08 -51.11 -88.39
N GLU J 786 29.63 -59.57 -93.77
CA GLU J 786 29.39 -59.52 -95.21
C GLU J 786 28.18 -58.66 -95.52
N CYS J 787 28.21 -57.96 -96.65
CA CYS J 787 27.11 -57.10 -97.04
C CYS J 787 27.15 -56.90 -98.55
N ALA J 788 26.01 -56.49 -99.10
CA ALA J 788 25.97 -56.07 -100.49
C ALA J 788 26.66 -54.72 -100.67
N LYS J 789 27.17 -54.48 -101.87
CA LYS J 789 27.95 -53.29 -102.15
C LYS J 789 27.34 -52.51 -103.31
N THR J 790 27.59 -51.21 -103.30
CA THR J 790 27.13 -50.28 -104.32
C THR J 790 28.34 -49.49 -104.80
N CYS J 791 28.27 -48.96 -106.02
CA CYS J 791 29.40 -48.23 -106.58
C CYS J 791 29.87 -47.12 -105.64
N GLN J 792 28.94 -46.51 -104.91
CA GLN J 792 29.30 -45.43 -104.00
C GLN J 792 30.02 -45.98 -102.76
N ASN J 793 29.50 -47.05 -102.18
CA ASN J 793 29.98 -47.55 -100.90
C ASN J 793 30.91 -48.74 -101.01
N TYR J 794 31.51 -48.97 -102.18
CA TYR J 794 32.34 -50.14 -102.35
C TYR J 794 33.54 -50.13 -101.39
N ASP J 795 34.20 -49.00 -101.27
CA ASP J 795 35.40 -48.93 -100.44
C ASP J 795 35.09 -48.77 -98.96
N LEU J 796 33.86 -48.48 -98.60
CA LEU J 796 33.50 -48.21 -97.21
C LEU J 796 33.19 -49.52 -96.48
N GLU J 797 32.90 -49.39 -95.18
CA GLU J 797 32.55 -50.54 -94.37
C GLU J 797 31.17 -51.06 -94.71
N CYS J 798 30.80 -52.17 -94.06
CA CYS J 798 29.45 -52.69 -94.14
C CYS J 798 28.61 -52.11 -93.02
N MET J 799 27.35 -51.78 -93.33
CA MET J 799 26.46 -51.21 -92.33
C MET J 799 26.29 -52.20 -91.18
N SER J 800 26.65 -51.77 -89.98
CA SER J 800 26.58 -52.62 -88.80
C SER J 800 25.19 -52.51 -88.14
N MET J 801 24.17 -52.80 -88.94
CA MET J 801 22.79 -52.68 -88.48
C MET J 801 21.95 -53.86 -88.98
N GLY J 802 22.57 -55.02 -89.14
CA GLY J 802 21.86 -56.19 -89.61
C GLY J 802 22.67 -57.46 -89.52
N LEU J 808 22.10 -60.39 -103.98
CA LEU J 808 23.53 -60.18 -103.85
C LEU J 808 24.25 -60.45 -105.17
N CYS J 809 24.92 -59.44 -105.69
CA CYS J 809 25.57 -59.56 -106.98
C CYS J 809 26.83 -60.42 -106.87
N PRO J 810 27.30 -60.97 -107.99
CA PRO J 810 28.50 -61.82 -107.95
C PRO J 810 29.72 -61.03 -107.51
N PRO J 811 30.79 -61.71 -107.10
CA PRO J 811 32.04 -60.99 -106.79
C PRO J 811 32.57 -60.29 -108.03
N GLY J 812 33.16 -59.12 -107.82
CA GLY J 812 33.60 -58.28 -108.92
C GLY J 812 32.49 -57.55 -109.64
N MET J 813 31.27 -57.61 -109.12
CA MET J 813 30.13 -56.93 -109.71
C MET J 813 29.40 -56.19 -108.61
N VAL J 814 28.82 -55.04 -108.97
CA VAL J 814 28.34 -54.09 -107.98
C VAL J 814 26.95 -53.61 -108.35
N ARG J 815 26.13 -53.36 -107.33
CA ARG J 815 24.80 -52.81 -107.53
C ARG J 815 24.88 -51.39 -108.07
N HIS J 816 24.11 -51.11 -109.13
CA HIS J 816 24.04 -49.79 -109.72
C HIS J 816 22.82 -49.72 -110.62
N GLU J 817 22.09 -48.61 -110.55
CA GLU J 817 20.84 -48.45 -111.30
C GLU J 817 19.86 -49.59 -111.02
N ASN J 818 19.90 -50.10 -109.79
CA ASN J 818 19.11 -51.27 -109.39
C ASN J 818 19.39 -52.45 -110.32
N ARG J 819 20.65 -52.61 -110.70
CA ARG J 819 21.09 -53.79 -111.43
C ARG J 819 22.55 -54.05 -111.09
N CYS J 820 22.98 -55.29 -111.28
CA CYS J 820 24.37 -55.66 -111.01
C CYS J 820 25.24 -55.20 -112.17
N VAL J 821 26.27 -54.41 -111.87
CA VAL J 821 27.15 -53.82 -112.87
C VAL J 821 28.58 -54.16 -112.50
N ALA J 822 29.40 -54.43 -113.51
CA ALA J 822 30.75 -54.92 -113.28
C ALA J 822 31.62 -53.83 -112.64
N LEU J 823 32.60 -54.28 -111.87
CA LEU J 823 33.60 -53.37 -111.33
C LEU J 823 34.50 -52.91 -112.48
N GLU J 824 35.18 -51.78 -112.26
CA GLU J 824 35.96 -51.05 -113.24
C GLU J 824 35.05 -50.35 -114.24
N ARG J 825 33.74 -50.52 -114.13
CA ARG J 825 32.77 -49.81 -114.94
C ARG J 825 31.81 -48.97 -114.11
N CYS J 826 32.02 -48.89 -112.80
CA CYS J 826 31.23 -48.01 -111.97
C CYS J 826 31.57 -46.55 -112.32
N PRO J 827 30.60 -45.65 -112.27
CA PRO J 827 30.89 -44.25 -112.60
C PRO J 827 31.49 -43.51 -111.41
N CYS J 828 32.01 -42.32 -111.70
CA CYS J 828 32.53 -41.42 -110.69
C CYS J 828 31.50 -40.34 -110.38
N PHE J 829 31.58 -39.81 -109.16
CA PHE J 829 30.57 -38.90 -108.64
C PHE J 829 31.20 -37.55 -108.34
N HIS J 830 30.51 -36.48 -108.74
CA HIS J 830 30.93 -35.13 -108.38
C HIS J 830 29.69 -34.24 -108.36
N GLN J 831 29.60 -33.42 -107.33
CA GLN J 831 28.45 -32.52 -107.12
C GLN J 831 27.14 -33.28 -107.21
N GLY J 832 27.15 -34.52 -106.74
CA GLY J 832 25.93 -35.30 -106.65
C GLY J 832 25.47 -35.95 -107.94
N LYS J 833 26.25 -35.86 -109.01
CA LYS J 833 25.88 -36.47 -110.27
C LYS J 833 27.01 -37.38 -110.76
N GLU J 834 26.64 -38.42 -111.50
CA GLU J 834 27.56 -39.48 -111.86
C GLU J 834 28.26 -39.18 -113.19
N TYR J 835 29.48 -39.70 -113.33
CA TYR J 835 30.26 -39.56 -114.54
C TYR J 835 30.78 -40.93 -114.93
N ALA J 836 30.56 -41.33 -116.18
CA ALA J 836 31.04 -42.62 -116.65
C ALA J 836 32.56 -42.61 -116.75
N PRO J 837 33.19 -43.78 -116.66
CA PRO J 837 34.66 -43.82 -116.79
C PRO J 837 35.10 -43.27 -118.14
N GLY J 838 36.20 -42.53 -118.12
CA GLY J 838 36.68 -41.83 -119.28
C GLY J 838 36.15 -40.42 -119.44
N GLU J 839 35.08 -40.08 -118.73
CA GLU J 839 34.58 -38.71 -118.76
C GLU J 839 35.53 -37.79 -117.99
N THR J 840 35.34 -36.49 -118.17
CA THR J 840 36.22 -35.48 -117.60
C THR J 840 35.41 -34.38 -116.96
N VAL J 841 36.01 -33.72 -115.98
CA VAL J 841 35.40 -32.58 -115.31
C VAL J 841 36.45 -31.50 -115.14
N LYS J 842 36.01 -30.24 -115.22
CA LYS J 842 36.90 -29.10 -115.17
C LYS J 842 36.86 -28.49 -113.78
N ILE J 843 38.01 -28.42 -113.12
CA ILE J 843 38.10 -27.92 -111.75
C ILE J 843 39.14 -26.81 -111.77
N GLY J 844 38.68 -25.57 -111.79
CA GLY J 844 39.60 -24.45 -111.87
C GLY J 844 40.46 -24.57 -113.10
N CYS J 845 41.78 -24.48 -112.92
CA CYS J 845 42.71 -24.69 -114.01
C CYS J 845 43.08 -26.15 -114.21
N ASN J 846 42.66 -27.03 -113.31
CA ASN J 846 43.00 -28.44 -113.40
C ASN J 846 41.89 -29.23 -114.09
N THR J 847 42.26 -30.38 -114.64
CA THR J 847 41.34 -31.29 -115.29
C THR J 847 41.39 -32.64 -114.59
N CYS J 848 40.22 -33.25 -114.38
CA CYS J 848 40.11 -34.54 -113.73
C CYS J 848 39.41 -35.52 -114.66
N VAL J 849 39.88 -36.77 -114.67
CA VAL J 849 39.33 -37.81 -115.52
C VAL J 849 38.93 -38.99 -114.66
N CYS J 850 37.73 -39.53 -114.90
CA CYS J 850 37.18 -40.59 -114.06
C CYS J 850 37.76 -41.95 -114.46
N ARG J 851 38.64 -42.49 -113.63
CA ARG J 851 39.19 -43.83 -113.86
C ARG J 851 38.96 -44.68 -112.62
N ASP J 852 38.28 -45.81 -112.79
CA ASP J 852 38.02 -46.79 -111.73
C ASP J 852 37.48 -46.13 -110.47
N ARG J 853 36.35 -45.43 -110.62
CA ARG J 853 35.66 -44.82 -109.48
C ARG J 853 36.49 -43.74 -108.80
N LYS J 854 37.70 -43.49 -109.29
CA LYS J 854 38.58 -42.47 -108.73
C LYS J 854 38.84 -41.39 -109.77
N TRP J 855 38.68 -40.14 -109.36
CA TRP J 855 39.08 -39.02 -110.20
C TRP J 855 40.60 -38.91 -110.21
N ASN J 856 41.18 -38.81 -111.41
CA ASN J 856 42.61 -38.68 -111.58
C ASN J 856 42.88 -37.31 -112.17
N CYS J 857 43.49 -36.43 -111.38
CA CYS J 857 43.49 -35.00 -111.66
C CYS J 857 44.89 -34.51 -111.94
N THR J 858 44.98 -33.47 -112.78
CA THR J 858 46.22 -32.74 -112.94
C THR J 858 46.55 -32.00 -111.65
N ASP J 859 47.83 -31.72 -111.46
CA ASP J 859 48.32 -31.11 -110.22
C ASP J 859 48.88 -29.71 -110.43
N HIS J 860 48.20 -28.91 -111.26
CA HIS J 860 48.63 -27.53 -111.47
C HIS J 860 48.17 -26.67 -110.30
N VAL J 861 49.03 -25.74 -109.89
CA VAL J 861 48.67 -24.74 -108.90
C VAL J 861 48.05 -23.57 -109.63
N CYS J 862 46.74 -23.41 -109.51
CA CYS J 862 46.04 -22.38 -110.24
C CYS J 862 46.26 -21.01 -109.61
N ASP J 863 46.03 -19.98 -110.41
CA ASP J 863 46.16 -18.61 -109.93
C ASP J 863 45.17 -18.33 -108.81
N ALA J 864 45.65 -17.71 -107.74
CA ALA J 864 44.84 -17.46 -106.56
C ALA J 864 44.44 -16.00 -106.48
N THR J 865 43.21 -15.76 -106.06
CA THR J 865 42.65 -14.42 -105.98
C THR J 865 42.37 -14.07 -104.53
N CYS J 866 43.22 -13.25 -103.93
CA CYS J 866 42.83 -12.59 -102.69
C CYS J 866 41.84 -11.50 -103.02
N SER J 867 40.91 -11.25 -102.09
CA SER J 867 39.84 -10.31 -102.37
C SER J 867 39.38 -9.66 -101.08
N THR J 868 39.23 -8.35 -101.10
CA THR J 868 38.50 -7.64 -100.07
C THR J 868 37.04 -7.61 -100.45
N ILE J 869 36.20 -8.28 -99.66
CA ILE J 869 34.78 -8.37 -99.95
C ILE J 869 34.07 -7.36 -99.06
N GLY J 870 33.41 -6.39 -99.68
CA GLY J 870 32.76 -5.40 -98.86
C GLY J 870 33.76 -4.44 -98.24
N MET J 871 33.39 -3.90 -97.07
CA MET J 871 34.17 -2.87 -96.43
C MET J 871 35.05 -3.39 -95.29
N ALA J 872 34.74 -4.56 -94.73
CA ALA J 872 35.48 -5.03 -93.57
C ALA J 872 35.80 -6.52 -93.63
N HIS J 873 35.48 -7.22 -94.71
CA HIS J 873 35.76 -8.64 -94.83
C HIS J 873 36.84 -8.88 -95.86
N TYR J 874 37.71 -9.84 -95.59
CA TYR J 874 38.80 -10.21 -96.47
C TYR J 874 38.72 -11.70 -96.78
N LEU J 875 39.21 -12.08 -97.96
CA LEU J 875 39.29 -13.48 -98.34
C LEU J 875 40.72 -13.76 -98.76
N THR J 876 41.42 -14.60 -97.99
CA THR J 876 42.82 -14.87 -98.21
C THR J 876 43.01 -15.69 -99.49
N PHE J 877 44.28 -15.87 -99.85
CA PHE J 877 44.59 -16.65 -101.05
C PHE J 877 44.12 -18.09 -100.91
N ASP J 878 44.25 -18.66 -99.72
CA ASP J 878 43.87 -20.04 -99.48
C ASP J 878 42.39 -20.22 -99.23
N GLY J 879 41.62 -19.15 -99.19
CA GLY J 879 40.17 -19.24 -99.08
C GLY J 879 39.60 -18.92 -97.72
N LEU J 880 40.40 -18.41 -96.80
CA LEU J 880 39.92 -18.07 -95.47
C LEU J 880 39.21 -16.72 -95.51
N LYS J 881 37.91 -16.71 -95.26
CA LYS J 881 37.15 -15.47 -95.14
C LYS J 881 37.10 -15.07 -93.67
N TYR J 882 37.47 -13.82 -93.39
CA TYR J 882 37.51 -13.37 -92.01
C TYR J 882 37.12 -11.90 -91.94
N LEU J 883 36.73 -11.47 -90.75
CA LEU J 883 36.22 -10.13 -90.52
C LEU J 883 37.29 -9.31 -89.80
N PHE J 884 37.55 -8.12 -90.30
CA PHE J 884 38.49 -7.22 -89.68
C PHE J 884 38.17 -5.78 -90.03
N PRO J 885 37.41 -5.08 -89.21
CA PRO J 885 37.21 -3.66 -89.46
C PRO J 885 38.32 -2.81 -88.86
N GLY J 886 38.93 -1.97 -89.68
CA GLY J 886 40.02 -1.14 -89.19
C GLY J 886 40.05 0.19 -89.91
N GLU J 887 40.45 1.23 -89.18
CA GLU J 887 40.55 2.56 -89.75
C GLU J 887 41.88 2.82 -90.43
N CYS J 888 42.92 2.07 -90.08
CA CYS J 888 44.29 2.40 -90.42
C CYS J 888 44.64 1.86 -91.80
N GLN J 889 45.92 1.94 -92.14
CA GLN J 889 46.43 1.37 -93.39
C GLN J 889 47.13 0.05 -93.08
N TYR J 890 46.85 -0.97 -93.87
CA TYR J 890 47.29 -2.32 -93.60
C TYR J 890 47.94 -2.93 -94.83
N VAL J 891 48.82 -3.89 -94.59
CA VAL J 891 49.48 -4.62 -95.68
C VAL J 891 48.53 -5.67 -96.21
N LEU J 892 48.05 -5.49 -97.43
CA LEU J 892 47.18 -6.48 -98.04
C LEU J 892 47.96 -7.68 -98.55
N VAL J 893 49.03 -7.43 -99.32
CA VAL J 893 49.93 -8.46 -99.81
C VAL J 893 51.33 -7.88 -99.76
N GLN J 894 52.31 -8.75 -99.54
CA GLN J 894 53.69 -8.32 -99.41
C GLN J 894 54.60 -9.55 -99.51
N ASP J 895 55.67 -9.43 -100.26
CA ASP J 895 56.70 -10.45 -100.27
C ASP J 895 57.98 -10.00 -99.59
N TYR J 896 58.02 -8.76 -99.09
CA TYR J 896 59.13 -8.29 -98.25
C TYR J 896 58.96 -8.80 -96.82
N CYS J 897 58.84 -10.12 -96.68
CA CYS J 897 58.73 -10.73 -95.37
C CYS J 897 59.41 -12.09 -95.41
N GLY J 898 59.89 -12.52 -94.25
CA GLY J 898 60.72 -13.69 -94.24
C GLY J 898 62.07 -13.40 -94.86
N SER J 899 62.70 -14.45 -95.36
CA SER J 899 64.00 -14.32 -95.99
C SER J 899 63.93 -13.90 -97.44
N ASN J 900 62.75 -13.97 -98.05
CA ASN J 900 62.64 -13.74 -99.48
C ASN J 900 63.02 -12.31 -99.81
N PRO J 901 63.85 -12.08 -100.84
CA PRO J 901 64.07 -10.70 -101.30
C PRO J 901 62.84 -10.17 -101.99
N GLY J 902 62.23 -9.15 -101.41
CA GLY J 902 60.93 -8.70 -101.87
C GLY J 902 60.99 -7.98 -103.20
N THR J 903 59.85 -7.95 -103.86
CA THR J 903 59.70 -7.27 -105.15
C THR J 903 58.49 -6.36 -105.21
N PHE J 904 57.46 -6.58 -104.40
CA PHE J 904 56.24 -5.81 -104.46
C PHE J 904 55.62 -5.75 -103.08
N ARG J 905 54.77 -4.76 -102.87
CA ARG J 905 54.14 -4.55 -101.57
C ARG J 905 52.89 -3.73 -101.78
N ILE J 906 51.74 -4.29 -101.43
CA ILE J 906 50.44 -3.66 -101.64
C ILE J 906 49.86 -3.30 -100.29
N LEU J 907 49.50 -2.04 -100.11
CA LEU J 907 48.92 -1.54 -98.88
C LEU J 907 47.50 -1.06 -99.15
N VAL J 908 46.59 -1.35 -98.22
CA VAL J 908 45.21 -0.92 -98.32
C VAL J 908 44.86 -0.08 -97.11
N GLY J 909 44.31 1.10 -97.36
CA GLY J 909 43.85 1.99 -96.30
C GLY J 909 42.36 2.21 -96.40
N ASN J 910 41.69 2.24 -95.26
CA ASN J 910 40.25 2.41 -95.19
C ASN J 910 39.95 3.87 -94.90
N LYS J 911 39.21 4.52 -95.80
CA LYS J 911 38.91 5.94 -95.66
C LYS J 911 37.40 6.15 -95.75
N GLY J 912 36.86 6.91 -94.80
CA GLY J 912 35.43 7.13 -94.73
C GLY J 912 34.68 6.13 -93.87
N CYS J 913 35.27 4.98 -93.58
CA CYS J 913 34.64 4.05 -92.65
C CYS J 913 35.69 3.10 -92.09
N SER J 914 35.36 2.55 -90.95
CA SER J 914 35.84 1.27 -90.45
C SER J 914 34.68 0.36 -90.11
N HIS J 915 33.63 0.92 -89.53
CA HIS J 915 32.33 0.28 -89.51
C HIS J 915 31.67 0.62 -90.84
N PRO J 916 31.32 -0.37 -91.67
CA PRO J 916 30.90 -0.06 -93.05
C PRO J 916 29.85 1.04 -93.11
N SER J 917 30.09 2.01 -93.99
CA SER J 917 29.26 3.20 -94.07
C SER J 917 29.15 3.66 -95.51
N VAL J 918 28.12 4.46 -95.77
CA VAL J 918 27.77 4.82 -97.15
C VAL J 918 28.90 5.58 -97.83
N LYS J 919 29.50 6.56 -97.14
CA LYS J 919 30.46 7.45 -97.77
C LYS J 919 31.87 6.88 -97.80
N CYS J 920 32.03 5.57 -97.72
CA CYS J 920 33.34 4.97 -97.51
C CYS J 920 34.07 4.75 -98.82
N LYS J 921 35.39 4.57 -98.72
CA LYS J 921 36.23 4.27 -99.87
C LYS J 921 37.57 3.76 -99.36
N LYS J 922 38.27 3.01 -100.20
CA LYS J 922 39.55 2.43 -99.86
C LYS J 922 40.64 2.96 -100.79
N ARG J 923 41.79 3.24 -100.21
CA ARG J 923 42.97 3.67 -100.95
C ARG J 923 43.95 2.52 -101.01
N VAL J 924 44.45 2.23 -102.21
CA VAL J 924 45.44 1.18 -102.43
C VAL J 924 46.74 1.83 -102.83
N THR J 925 47.84 1.38 -102.22
CA THR J 925 49.17 1.83 -102.59
C THR J 925 49.97 0.62 -103.07
N ILE J 926 50.43 0.68 -104.32
CA ILE J 926 51.09 -0.47 -104.94
C ILE J 926 52.56 -0.12 -105.12
N LEU J 927 53.38 -0.51 -104.15
CA LEU J 927 54.80 -0.19 -104.15
C LEU J 927 55.65 -1.24 -104.87
N VAL J 928 55.35 -1.45 -106.15
CA VAL J 928 55.98 -2.53 -106.89
C VAL J 928 57.29 -2.04 -107.50
N GLU J 929 58.36 -2.79 -107.25
CA GLU J 929 59.70 -2.56 -107.83
C GLU J 929 60.12 -1.09 -107.75
N GLY J 930 59.92 -0.51 -106.57
CA GLY J 930 60.30 0.87 -106.34
C GLY J 930 59.31 1.89 -106.87
N GLY J 931 58.56 1.53 -107.91
CA GLY J 931 57.50 2.39 -108.38
C GLY J 931 56.35 2.43 -107.39
N GLU J 932 55.36 3.26 -107.70
CA GLU J 932 54.23 3.42 -106.80
C GLU J 932 53.00 3.80 -107.61
N ILE J 933 51.96 2.98 -107.53
CA ILE J 933 50.67 3.27 -108.15
C ILE J 933 49.63 3.36 -107.05
N GLU J 934 48.93 4.48 -106.99
CA GLU J 934 47.91 4.71 -105.99
C GLU J 934 46.54 4.64 -106.64
N LEU J 935 45.64 3.85 -106.06
CA LEU J 935 44.27 3.72 -106.53
C LEU J 935 43.36 4.45 -105.56
N PHE J 936 42.65 5.46 -106.06
CA PHE J 936 41.78 6.26 -105.20
C PHE J 936 40.75 6.97 -106.06
N ASP J 937 39.58 7.22 -105.47
CA ASP J 937 38.50 7.96 -106.13
C ASP J 937 38.15 7.35 -107.49
N GLY J 938 38.24 6.04 -107.58
CA GLY J 938 37.93 5.36 -108.83
C GLY J 938 38.86 5.72 -109.96
N GLU J 939 40.07 6.17 -109.67
CA GLU J 939 41.02 6.55 -110.70
C GLU J 939 42.40 6.08 -110.31
N VAL J 940 43.22 5.78 -111.31
CA VAL J 940 44.59 5.32 -111.11
C VAL J 940 45.49 6.55 -111.02
N ASN J 941 46.47 6.48 -110.13
CA ASN J 941 47.42 7.57 -109.94
C ASN J 941 48.81 6.97 -109.82
N VAL J 942 49.56 7.02 -110.92
CA VAL J 942 50.93 6.52 -110.92
C VAL J 942 51.85 7.56 -110.31
N LYS J 943 52.07 7.47 -109.00
CA LYS J 943 52.79 8.52 -108.30
C LYS J 943 54.30 8.39 -108.42
N ARG J 944 54.81 7.24 -108.87
CA ARG J 944 56.17 7.11 -109.37
C ARG J 944 56.16 6.04 -110.46
N PRO J 945 57.04 6.14 -111.44
CA PRO J 945 57.09 5.12 -112.50
C PRO J 945 57.85 3.89 -112.06
N MET J 946 57.57 2.79 -112.74
CA MET J 946 58.26 1.53 -112.51
C MET J 946 59.54 1.45 -113.34
N LYS J 947 60.41 0.51 -112.97
CA LYS J 947 61.63 0.30 -113.72
C LYS J 947 61.36 -0.31 -115.09
N ASP J 948 60.34 -1.16 -115.19
CA ASP J 948 59.96 -1.80 -116.45
C ASP J 948 58.50 -1.44 -116.73
N GLU J 949 58.29 -0.31 -117.40
CA GLU J 949 56.94 0.11 -117.75
C GLU J 949 56.30 -0.78 -118.81
N THR J 950 57.09 -1.65 -119.47
CA THR J 950 56.51 -2.59 -120.41
C THR J 950 55.79 -3.73 -119.69
N HIS J 951 56.34 -4.18 -118.56
CA HIS J 951 55.59 -5.13 -117.72
C HIS J 951 54.33 -4.47 -117.17
N PHE J 952 54.42 -3.22 -116.77
CA PHE J 952 53.26 -2.50 -116.26
C PHE J 952 52.23 -2.27 -117.36
N GLU J 953 50.96 -2.31 -116.96
CA GLU J 953 49.86 -1.97 -117.86
C GLU J 953 48.60 -1.79 -117.04
N VAL J 954 47.72 -0.91 -117.50
CA VAL J 954 46.43 -0.65 -116.88
C VAL J 954 45.35 -0.84 -117.92
N VAL J 955 44.36 -1.66 -117.59
CA VAL J 955 43.23 -1.92 -118.47
C VAL J 955 41.95 -1.54 -117.72
N GLU J 956 41.11 -0.75 -118.35
CA GLU J 956 39.81 -0.38 -117.80
C GLU J 956 38.73 -1.12 -118.58
N SER J 957 37.93 -1.89 -117.87
CA SER J 957 36.92 -2.73 -118.52
C SER J 957 35.76 -2.93 -117.57
N GLY J 958 34.55 -2.81 -118.10
CA GLY J 958 33.37 -2.91 -117.27
C GLY J 958 33.46 -1.98 -116.09
N ARG J 959 33.15 -2.50 -114.91
CA ARG J 959 33.23 -1.73 -113.68
C ARG J 959 34.64 -1.65 -113.11
N TYR J 960 35.60 -2.33 -113.72
CA TYR J 960 36.85 -2.66 -113.05
C TYR J 960 38.04 -1.99 -113.71
N ILE J 961 39.05 -1.70 -112.90
CA ILE J 961 40.38 -1.35 -113.38
C ILE J 961 41.27 -2.57 -113.19
N ILE J 962 41.93 -3.01 -114.27
CA ILE J 962 42.78 -4.18 -114.24
C ILE J 962 44.23 -3.73 -114.43
N LEU J 963 45.06 -3.95 -113.43
CA LEU J 963 46.46 -3.59 -113.48
C LEU J 963 47.30 -4.85 -113.63
N LEU J 964 48.20 -4.86 -114.60
CA LEU J 964 49.19 -5.90 -114.73
C LEU J 964 50.52 -5.36 -114.21
N LEU J 965 51.01 -5.94 -113.12
CA LEU J 965 52.23 -5.50 -112.47
C LEU J 965 53.39 -6.43 -112.74
N GLY J 966 53.25 -7.33 -113.68
CA GLY J 966 54.27 -8.32 -113.97
C GLY J 966 53.65 -9.53 -114.63
N LYS J 967 54.51 -10.51 -114.90
CA LYS J 967 54.03 -11.74 -115.50
C LYS J 967 53.27 -12.62 -114.52
N ALA J 968 53.45 -12.40 -113.23
CA ALA J 968 52.86 -13.25 -112.20
C ALA J 968 52.02 -12.50 -111.17
N LEU J 969 51.85 -11.19 -111.32
CA LEU J 969 51.10 -10.39 -110.36
C LEU J 969 50.13 -9.48 -111.10
N SER J 970 48.91 -9.41 -110.59
CA SER J 970 47.89 -8.56 -111.18
C SER J 970 46.93 -8.11 -110.10
N VAL J 971 46.27 -6.99 -110.34
CA VAL J 971 45.30 -6.43 -109.40
C VAL J 971 44.03 -6.09 -110.18
N VAL J 972 42.88 -6.48 -109.63
CA VAL J 972 41.58 -6.15 -110.20
C VAL J 972 40.80 -5.35 -109.15
N TRP J 973 40.29 -4.20 -109.55
CA TRP J 973 39.68 -3.26 -108.61
C TRP J 973 38.39 -2.74 -109.21
N ASP J 974 37.28 -2.89 -108.49
CA ASP J 974 35.98 -2.43 -108.96
C ASP J 974 35.80 -0.93 -108.85
N ARG J 975 36.86 -0.19 -108.52
CA ARG J 975 36.93 1.26 -108.43
C ARG J 975 36.27 1.79 -107.15
N HIS J 976 35.59 0.96 -106.38
CA HIS J 976 35.04 1.44 -105.11
C HIS J 976 35.61 0.70 -103.90
N LEU J 977 35.40 -0.60 -103.78
CA LEU J 977 35.80 -1.31 -102.58
C LEU J 977 36.51 -2.63 -102.84
N SER J 978 36.08 -3.39 -103.85
CA SER J 978 36.48 -4.78 -103.99
C SER J 978 37.83 -4.87 -104.68
N ILE J 979 38.88 -4.80 -103.88
CA ILE J 979 40.23 -5.02 -104.37
C ILE J 979 40.48 -6.51 -104.46
N SER J 980 41.08 -6.95 -105.57
CA SER J 980 41.45 -8.34 -105.75
C SER J 980 42.86 -8.43 -106.28
N VAL J 981 43.68 -9.25 -105.63
CA VAL J 981 45.06 -9.47 -106.03
C VAL J 981 45.19 -10.90 -106.53
N VAL J 982 45.76 -11.06 -107.72
CA VAL J 982 45.89 -12.37 -108.35
C VAL J 982 47.37 -12.70 -108.46
N LEU J 983 47.76 -13.86 -107.96
CA LEU J 983 49.14 -14.31 -107.98
C LEU J 983 49.23 -15.63 -108.71
N LYS J 984 50.23 -15.76 -109.57
CA LYS J 984 50.53 -17.05 -110.17
C LYS J 984 51.42 -17.86 -109.23
N GLN J 985 51.61 -19.13 -109.58
CA GLN J 985 52.24 -20.08 -108.66
C GLN J 985 53.65 -19.68 -108.27
N THR J 986 54.31 -18.83 -109.06
CA THR J 986 55.69 -18.47 -108.75
C THR J 986 55.82 -17.74 -107.42
N TYR J 987 54.74 -17.12 -106.94
CA TYR J 987 54.75 -16.40 -105.68
C TYR J 987 54.33 -17.25 -104.50
N GLN J 988 54.18 -18.55 -104.68
CA GLN J 988 53.68 -19.41 -103.62
C GLN J 988 54.69 -19.50 -102.48
N GLU J 989 54.20 -19.51 -101.25
CA GLU J 989 54.98 -19.66 -100.03
C GLU J 989 55.78 -18.41 -99.71
N LYS J 990 55.68 -17.35 -100.52
CA LYS J 990 56.53 -16.19 -100.39
C LYS J 990 55.82 -14.95 -99.88
N VAL J 991 54.54 -14.80 -100.19
CA VAL J 991 53.80 -13.60 -99.85
C VAL J 991 53.27 -13.71 -98.43
N CYS J 992 52.87 -12.58 -97.87
CA CYS J 992 52.28 -12.52 -96.55
C CYS J 992 51.32 -11.34 -96.49
N GLY J 993 50.91 -10.97 -95.30
CA GLY J 993 49.98 -9.88 -95.13
C GLY J 993 48.58 -10.37 -94.79
N LEU J 994 47.62 -9.44 -94.90
CA LEU J 994 46.24 -9.77 -94.60
C LEU J 994 45.70 -10.88 -95.50
N CYS J 995 46.24 -11.01 -96.70
CA CYS J 995 45.84 -12.10 -97.59
C CYS J 995 46.45 -13.44 -97.23
N GLY J 996 47.34 -13.48 -96.23
CA GLY J 996 47.92 -14.72 -95.78
C GLY J 996 49.02 -15.20 -96.70
N ASN J 997 49.72 -16.23 -96.24
CA ASN J 997 50.80 -16.85 -97.00
C ASN J 997 50.19 -17.86 -97.97
N PHE J 998 50.28 -17.57 -99.25
CA PHE J 998 49.78 -18.46 -100.29
C PHE J 998 50.58 -19.76 -100.29
N ASP J 999 49.98 -20.80 -99.70
CA ASP J 999 50.56 -22.13 -99.64
C ASP J 999 49.54 -23.25 -99.81
N GLY J 1000 48.27 -22.93 -100.03
CA GLY J 1000 47.22 -23.92 -100.11
C GLY J 1000 46.67 -24.38 -98.77
N ILE J 1001 47.12 -23.81 -97.67
CA ILE J 1001 46.69 -24.20 -96.32
C ILE J 1001 45.97 -23.02 -95.70
N GLN J 1002 44.78 -23.27 -95.16
CA GLN J 1002 43.98 -22.20 -94.57
C GLN J 1002 44.34 -21.95 -93.12
N ASN J 1003 44.68 -23.01 -92.38
CA ASN J 1003 44.81 -22.89 -90.94
C ASN J 1003 45.90 -21.91 -90.53
N ASN J 1004 46.90 -21.68 -91.39
CA ASN J 1004 48.02 -20.83 -91.04
C ASN J 1004 47.90 -19.41 -91.59
N ASP J 1005 46.74 -19.04 -92.12
CA ASP J 1005 46.62 -17.75 -92.79
C ASP J 1005 46.56 -16.60 -91.80
N LEU J 1006 46.22 -16.85 -90.55
CA LEU J 1006 46.16 -15.78 -89.57
C LEU J 1006 47.51 -15.55 -88.90
N THR J 1007 48.59 -15.97 -89.56
CA THR J 1007 49.94 -15.72 -89.08
C THR J 1007 50.18 -14.22 -88.96
N SER J 1008 50.41 -13.74 -87.75
CA SER J 1008 50.67 -12.33 -87.55
C SER J 1008 51.97 -11.94 -88.25
N SER J 1009 52.20 -10.63 -88.34
CA SER J 1009 53.44 -10.15 -88.91
C SER J 1009 54.64 -10.62 -88.10
N ASN J 1010 54.45 -10.90 -86.81
CA ASN J 1010 55.47 -11.46 -85.96
C ASN J 1010 55.48 -12.99 -85.94
N LEU J 1011 54.92 -13.63 -86.96
CA LEU J 1011 55.03 -15.06 -87.25
C LEU J 1011 54.20 -15.93 -86.31
N GLN J 1012 53.47 -15.35 -85.38
CA GLN J 1012 52.61 -16.10 -84.47
C GLN J 1012 51.19 -16.16 -85.02
N VAL J 1013 50.64 -17.37 -85.08
CA VAL J 1013 49.28 -17.56 -85.56
C VAL J 1013 48.30 -17.13 -84.48
N GLU J 1014 47.27 -16.39 -84.88
CA GLU J 1014 46.30 -15.82 -83.96
C GLU J 1014 44.94 -16.45 -84.15
N GLU J 1015 44.25 -16.70 -83.03
CA GLU J 1015 42.90 -17.24 -83.10
C GLU J 1015 41.89 -16.19 -83.53
N ASP J 1016 42.17 -14.92 -83.25
CA ASP J 1016 41.26 -13.83 -83.53
C ASP J 1016 41.79 -13.01 -84.69
N PRO J 1017 41.01 -12.82 -85.76
CA PRO J 1017 41.49 -12.00 -86.87
C PRO J 1017 41.78 -10.56 -86.51
N VAL J 1018 41.19 -10.06 -85.43
CA VAL J 1018 41.43 -8.67 -85.05
C VAL J 1018 42.89 -8.47 -84.67
N ASP J 1019 43.44 -9.37 -83.86
CA ASP J 1019 44.84 -9.28 -83.48
C ASP J 1019 45.75 -9.42 -84.69
N PHE J 1020 45.41 -10.35 -85.60
CA PHE J 1020 46.19 -10.52 -86.82
C PHE J 1020 46.23 -9.24 -87.63
N GLY J 1021 45.08 -8.64 -87.89
CA GLY J 1021 45.04 -7.40 -88.64
C GLY J 1021 45.78 -6.27 -87.93
N ASN J 1022 45.59 -6.15 -86.62
CA ASN J 1022 46.33 -5.14 -85.87
C ASN J 1022 47.82 -5.34 -86.00
N SER J 1023 48.26 -6.60 -86.07
CA SER J 1023 49.66 -6.87 -86.28
C SER J 1023 50.11 -6.48 -87.68
N TRP J 1024 49.19 -6.38 -88.64
CA TRP J 1024 49.57 -5.99 -89.98
C TRP J 1024 49.33 -4.51 -90.31
N LYS J 1025 49.13 -3.66 -89.31
CA LYS J 1025 48.96 -2.24 -89.60
C LYS J 1025 50.30 -1.60 -89.91
N VAL J 1026 50.33 -0.78 -90.97
CA VAL J 1026 51.58 -0.20 -91.43
C VAL J 1026 52.12 0.81 -90.43
N SER J 1027 51.28 1.71 -89.96
CA SER J 1027 51.70 2.79 -89.08
C SER J 1027 51.44 2.38 -87.63
N SER J 1028 52.48 2.41 -86.82
CA SER J 1028 52.35 1.99 -85.43
C SER J 1028 51.50 2.95 -84.62
N GLN J 1029 51.61 4.24 -84.90
CA GLN J 1029 50.88 5.24 -84.11
C GLN J 1029 49.38 5.13 -84.26
N CYS J 1030 48.90 4.48 -85.31
CA CYS J 1030 47.47 4.44 -85.58
C CYS J 1030 46.77 3.52 -84.59
N ALA J 1031 45.45 3.67 -84.50
CA ALA J 1031 44.67 3.00 -83.48
C ALA J 1031 44.48 1.53 -83.81
N ASP J 1032 44.26 0.74 -82.75
CA ASP J 1032 43.97 -0.68 -82.89
C ASP J 1032 42.47 -0.92 -82.91
N THR J 1033 42.07 -1.97 -83.62
CA THR J 1033 40.68 -2.41 -83.56
C THR J 1033 40.39 -3.02 -82.20
N ARG J 1034 39.19 -2.77 -81.68
CA ARG J 1034 38.92 -2.95 -80.27
C ARG J 1034 38.37 -4.31 -79.89
N LYS J 1035 38.12 -5.20 -80.86
CA LYS J 1035 37.49 -6.50 -80.61
C LYS J 1035 36.14 -6.33 -79.91
N VAL J 1036 35.21 -5.71 -80.64
CA VAL J 1036 33.85 -5.52 -80.16
C VAL J 1036 33.23 -6.89 -79.91
N PRO J 1037 32.34 -7.04 -78.91
CA PRO J 1037 31.72 -8.35 -78.68
C PRO J 1037 31.00 -8.85 -79.92
N LEU J 1038 31.04 -10.17 -80.10
CA LEU J 1038 30.60 -10.81 -81.33
C LEU J 1038 29.09 -11.04 -81.31
N ASP J 1039 28.35 -9.94 -81.47
CA ASP J 1039 26.90 -10.04 -81.51
C ASP J 1039 26.45 -10.78 -82.76
N SER J 1040 25.29 -11.42 -82.66
CA SER J 1040 24.76 -12.18 -83.79
C SER J 1040 24.45 -11.30 -84.99
N SER J 1041 24.25 -10.00 -84.77
CA SER J 1041 24.07 -9.04 -85.85
C SER J 1041 24.82 -7.77 -85.49
N PRO J 1042 25.28 -7.01 -86.48
CA PRO J 1042 26.07 -5.81 -86.18
C PRO J 1042 25.30 -4.77 -85.41
N ALA J 1043 25.96 -3.68 -85.06
CA ALA J 1043 25.27 -2.52 -84.50
C ALA J 1043 24.26 -2.01 -85.51
N THR J 1044 23.12 -1.53 -85.02
CA THR J 1044 21.96 -1.05 -85.77
C THR J 1044 21.14 -2.21 -86.34
N CYS J 1045 21.56 -3.46 -86.13
CA CYS J 1045 20.67 -4.60 -86.22
C CYS J 1045 20.60 -5.39 -84.94
N HIS J 1046 21.52 -5.15 -83.99
CA HIS J 1046 21.48 -5.85 -82.72
C HIS J 1046 20.19 -5.56 -81.98
N ASN J 1047 19.73 -4.31 -82.01
CA ASN J 1047 18.51 -3.89 -81.32
C ASN J 1047 17.50 -3.28 -82.28
N ASN J 1048 17.59 -3.59 -83.57
CA ASN J 1048 16.65 -3.07 -84.57
C ASN J 1048 16.10 -4.23 -85.37
N ILE J 1049 15.02 -4.83 -84.87
CA ILE J 1049 14.36 -5.90 -85.59
C ILE J 1049 13.48 -5.28 -86.68
N MET J 1050 13.20 -6.07 -87.71
CA MET J 1050 12.53 -5.67 -88.94
C MET J 1050 13.50 -4.91 -89.83
N LYS J 1051 14.68 -4.55 -89.34
CA LYS J 1051 15.79 -4.22 -90.21
C LYS J 1051 16.70 -5.42 -90.39
N GLN J 1052 16.90 -6.19 -89.33
CA GLN J 1052 17.68 -7.41 -89.44
C GLN J 1052 17.06 -8.37 -90.44
N THR J 1053 15.74 -8.53 -90.37
CA THR J 1053 15.06 -9.45 -91.27
C THR J 1053 14.91 -8.91 -92.68
N MET J 1054 14.73 -7.60 -92.85
CA MET J 1054 14.77 -7.06 -94.20
C MET J 1054 16.14 -7.29 -94.83
N VAL J 1055 17.20 -7.04 -94.08
CA VAL J 1055 18.55 -7.29 -94.58
C VAL J 1055 18.70 -8.77 -94.95
N ASP J 1056 18.25 -9.65 -94.07
CA ASP J 1056 18.38 -11.08 -94.32
C ASP J 1056 17.65 -11.48 -95.60
N SER J 1057 16.38 -11.14 -95.70
CA SER J 1057 15.58 -11.56 -96.84
C SER J 1057 16.05 -10.92 -98.14
N SER J 1058 16.60 -9.72 -98.07
CA SER J 1058 17.14 -9.10 -99.28
C SER J 1058 18.47 -9.73 -99.69
N CYS J 1059 19.30 -10.10 -98.71
CA CYS J 1059 20.55 -10.77 -99.03
C CYS J 1059 20.33 -12.19 -99.50
N ARG J 1060 19.18 -12.79 -99.20
CA ARG J 1060 18.88 -14.11 -99.72
C ARG J 1060 18.80 -14.15 -101.23
N ILE J 1061 18.90 -13.01 -101.91
CA ILE J 1061 19.01 -12.98 -103.37
C ILE J 1061 20.12 -13.91 -103.82
N LEU J 1062 21.14 -14.09 -102.99
CA LEU J 1062 22.22 -15.02 -103.31
C LEU J 1062 21.71 -16.44 -103.49
N THR J 1063 20.58 -16.77 -102.86
CA THR J 1063 20.00 -18.09 -102.95
C THR J 1063 18.95 -18.20 -104.07
N SER J 1064 18.61 -17.09 -104.72
CA SER J 1064 17.53 -17.09 -105.70
C SER J 1064 17.89 -17.95 -106.91
N ASP J 1065 16.93 -18.03 -107.84
CA ASP J 1065 17.07 -18.93 -108.99
C ASP J 1065 18.27 -18.58 -109.85
N VAL J 1066 18.50 -17.29 -110.10
CA VAL J 1066 19.60 -16.91 -110.98
C VAL J 1066 20.94 -17.37 -110.42
N PHE J 1067 21.09 -17.31 -109.10
CA PHE J 1067 22.30 -17.78 -108.46
C PHE J 1067 22.24 -19.26 -108.09
N GLN J 1068 21.09 -19.90 -108.25
CA GLN J 1068 20.91 -21.25 -107.73
C GLN J 1068 21.85 -22.24 -108.40
N ASP J 1069 22.22 -21.99 -109.64
CA ASP J 1069 23.14 -22.90 -110.32
C ASP J 1069 24.58 -22.61 -109.94
N CYS J 1070 24.92 -21.36 -109.61
CA CYS J 1070 26.25 -21.07 -109.09
C CYS J 1070 26.46 -21.67 -107.71
N ASN J 1071 25.41 -21.70 -106.88
CA ASN J 1071 25.55 -22.22 -105.52
C ASN J 1071 25.98 -23.67 -105.50
N LYS J 1072 25.81 -24.40 -106.60
CA LYS J 1072 26.35 -25.74 -106.68
C LYS J 1072 27.87 -25.72 -106.74
N LEU J 1073 28.44 -24.71 -107.38
CA LEU J 1073 29.89 -24.62 -107.52
C LEU J 1073 30.55 -23.83 -106.42
N VAL J 1074 29.88 -22.80 -105.88
CA VAL J 1074 30.46 -21.92 -104.89
C VAL J 1074 29.52 -21.85 -103.70
N ASP J 1075 30.08 -21.75 -102.51
CA ASP J 1075 29.27 -21.65 -101.31
C ASP J 1075 28.82 -20.21 -101.10
N PRO J 1076 27.52 -19.93 -101.08
CA PRO J 1076 27.06 -18.55 -100.89
C PRO J 1076 27.06 -18.10 -99.45
N GLU J 1077 27.23 -19.00 -98.49
CA GLU J 1077 27.11 -18.62 -97.08
C GLU J 1077 28.10 -17.54 -96.66
N PRO J 1078 29.40 -17.63 -96.98
CA PRO J 1078 30.29 -16.52 -96.60
C PRO J 1078 29.85 -15.19 -97.18
N TYR J 1079 29.45 -15.17 -98.45
CA TYR J 1079 29.02 -13.94 -99.07
C TYR J 1079 27.69 -13.47 -98.51
N LEU J 1080 26.83 -14.40 -98.10
CA LEU J 1080 25.62 -14.01 -97.41
C LEU J 1080 25.93 -13.31 -96.09
N ASP J 1081 26.91 -13.83 -95.35
CA ASP J 1081 27.32 -13.18 -94.11
C ASP J 1081 27.88 -11.79 -94.37
N VAL J 1082 28.72 -11.66 -95.39
CA VAL J 1082 29.26 -10.35 -95.75
C VAL J 1082 28.14 -9.40 -96.12
N CYS J 1083 27.18 -9.86 -96.90
CA CYS J 1083 26.04 -9.03 -97.30
C CYS J 1083 25.30 -8.53 -96.08
N ILE J 1084 24.97 -9.42 -95.16
CA ILE J 1084 24.22 -9.02 -93.97
C ILE J 1084 25.02 -8.01 -93.15
N TYR J 1085 26.30 -8.31 -92.92
CA TYR J 1085 27.11 -7.42 -92.10
C TYR J 1085 27.19 -6.03 -92.70
N ASP J 1086 27.56 -5.95 -93.98
CA ASP J 1086 27.72 -4.66 -94.61
C ASP J 1086 26.41 -3.91 -94.72
N THR J 1087 25.30 -4.63 -94.90
CA THR J 1087 24.02 -3.95 -95.07
C THR J 1087 23.50 -3.39 -93.76
N CYS J 1088 23.67 -4.12 -92.66
CA CYS J 1088 23.40 -3.52 -91.35
C CYS J 1088 24.28 -2.32 -91.10
N SER J 1089 25.59 -2.48 -91.27
CA SER J 1089 26.50 -1.40 -90.90
C SER J 1089 26.29 -0.16 -91.76
N CYS J 1090 25.97 -0.34 -93.03
CA CYS J 1090 25.90 0.78 -93.96
C CYS J 1090 24.65 1.62 -93.75
N GLU J 1091 23.48 0.98 -93.75
CA GLU J 1091 22.18 1.65 -93.85
C GLU J 1091 22.25 2.83 -94.83
N SER J 1092 22.57 2.48 -96.07
CA SER J 1092 22.84 3.47 -97.09
C SER J 1092 21.57 4.23 -97.45
N ILE J 1093 21.76 5.36 -98.13
CA ILE J 1093 20.67 6.28 -98.39
C ILE J 1093 20.35 6.40 -99.87
N GLY J 1094 21.26 6.98 -100.64
CA GLY J 1094 20.98 7.28 -102.02
C GLY J 1094 21.53 6.24 -102.96
N ASP J 1095 22.78 5.87 -102.75
CA ASP J 1095 23.38 4.75 -103.46
C ASP J 1095 23.27 3.53 -102.58
N CYS J 1096 22.75 2.44 -103.15
CA CYS J 1096 22.58 1.18 -102.44
C CYS J 1096 23.83 0.32 -102.53
N ALA J 1097 24.99 0.96 -102.59
CA ALA J 1097 26.22 0.35 -103.09
C ALA J 1097 26.70 -0.79 -102.23
N CYS J 1098 26.50 -0.75 -100.91
CA CYS J 1098 27.02 -1.82 -100.06
C CYS J 1098 26.43 -3.16 -100.46
N PHE J 1099 25.11 -3.24 -100.47
CA PHE J 1099 24.40 -4.46 -100.86
C PHE J 1099 24.77 -4.85 -102.29
N CYS J 1100 24.65 -3.91 -103.21
CA CYS J 1100 24.85 -4.22 -104.62
C CYS J 1100 26.27 -4.69 -104.87
N ASP J 1101 27.25 -4.10 -104.20
CA ASP J 1101 28.63 -4.50 -104.40
C ASP J 1101 28.92 -5.86 -103.80
N THR J 1102 28.30 -6.21 -102.68
CA THR J 1102 28.46 -7.57 -102.18
C THR J 1102 27.88 -8.59 -103.15
N ILE J 1103 26.67 -8.33 -103.66
CA ILE J 1103 26.08 -9.24 -104.63
C ILE J 1103 26.93 -9.31 -105.88
N ALA J 1104 27.52 -8.17 -106.27
CA ALA J 1104 28.36 -8.14 -107.46
C ALA J 1104 29.64 -8.94 -107.25
N ALA J 1105 30.18 -8.92 -106.02
CA ALA J 1105 31.34 -9.75 -105.73
C ALA J 1105 31.01 -11.23 -105.87
N TYR J 1106 29.87 -11.65 -105.33
CA TYR J 1106 29.48 -13.05 -105.49
C TYR J 1106 29.29 -13.39 -106.96
N ALA J 1107 28.66 -12.50 -107.73
CA ALA J 1107 28.47 -12.75 -109.14
C ALA J 1107 29.80 -12.81 -109.88
N HIS J 1108 30.78 -12.00 -109.44
CA HIS J 1108 32.10 -12.05 -110.04
C HIS J 1108 32.77 -13.38 -109.81
N VAL J 1109 32.65 -13.92 -108.60
CA VAL J 1109 33.20 -15.25 -108.32
C VAL J 1109 32.50 -16.29 -109.19
N CYS J 1110 31.18 -16.22 -109.28
CA CYS J 1110 30.44 -17.15 -110.13
C CYS J 1110 30.92 -17.07 -111.57
N ALA J 1111 31.12 -15.87 -112.08
CA ALA J 1111 31.61 -15.72 -113.45
C ALA J 1111 32.99 -16.32 -113.62
N GLN J 1112 33.86 -16.15 -112.61
CA GLN J 1112 35.15 -16.82 -112.66
C GLN J 1112 34.99 -18.33 -112.78
N HIS J 1113 34.01 -18.89 -112.09
CA HIS J 1113 33.73 -20.32 -112.20
C HIS J 1113 32.86 -20.66 -113.40
N GLY J 1114 32.74 -19.77 -114.38
CA GLY J 1114 31.99 -20.06 -115.59
C GLY J 1114 30.50 -19.87 -115.49
N LYS J 1115 29.96 -19.65 -114.29
CA LYS J 1115 28.52 -19.44 -114.11
C LYS J 1115 28.22 -17.95 -114.16
N VAL J 1116 28.07 -17.43 -115.38
CA VAL J 1116 27.68 -16.04 -115.58
C VAL J 1116 26.22 -15.87 -115.18
N VAL J 1117 25.95 -14.91 -114.30
CA VAL J 1117 24.63 -14.72 -113.71
C VAL J 1117 24.14 -13.31 -114.02
N THR J 1118 22.90 -13.22 -114.49
CA THR J 1118 22.28 -11.95 -114.86
C THR J 1118 21.40 -11.45 -113.73
N TRP J 1119 22.04 -10.98 -112.67
CA TRP J 1119 21.31 -10.65 -111.45
C TRP J 1119 20.76 -9.23 -111.42
N ARG J 1120 21.25 -8.33 -112.29
CA ARG J 1120 20.74 -6.96 -112.30
C ARG J 1120 19.31 -6.93 -112.80
N THR J 1121 18.52 -6.03 -112.24
CA THR J 1121 17.17 -5.75 -112.72
C THR J 1121 16.92 -4.26 -112.53
N ALA J 1122 15.91 -3.76 -113.26
CA ALA J 1122 15.56 -2.35 -113.15
C ALA J 1122 15.12 -1.98 -111.74
N THR J 1123 14.61 -2.94 -110.98
CA THR J 1123 14.14 -2.69 -109.62
C THR J 1123 15.14 -3.15 -108.56
N LEU J 1124 16.26 -3.74 -108.95
CA LEU J 1124 17.26 -4.21 -108.00
C LEU J 1124 18.63 -3.85 -108.53
N CYS J 1125 19.31 -2.94 -107.85
CA CYS J 1125 20.67 -2.54 -108.19
C CYS J 1125 20.83 -2.24 -109.68
N PRO J 1126 19.99 -1.37 -110.25
CA PRO J 1126 20.10 -1.11 -111.68
C PRO J 1126 21.40 -0.42 -112.04
N GLN J 1127 21.85 -0.68 -113.28
CA GLN J 1127 23.02 -0.02 -113.83
C GLN J 1127 22.71 0.38 -115.26
N SER J 1128 23.16 1.56 -115.65
CA SER J 1128 22.92 2.08 -116.98
C SER J 1128 24.21 2.57 -117.60
N CYS J 1129 24.37 2.34 -118.89
CA CYS J 1129 25.52 2.80 -119.65
C CYS J 1129 25.14 3.91 -120.62
N GLU J 1130 23.87 4.33 -120.62
CA GLU J 1130 23.34 5.33 -121.55
C GLU J 1130 24.07 6.66 -121.47
N GLU J 1131 24.75 6.95 -120.36
CA GLU J 1131 25.51 8.20 -120.26
C GLU J 1131 26.62 8.26 -121.29
N ARG J 1132 27.15 7.11 -121.70
CA ARG J 1132 28.20 7.05 -122.71
C ARG J 1132 27.65 7.09 -124.12
N ASN J 1133 26.36 6.84 -124.30
CA ASN J 1133 25.73 6.84 -125.61
C ASN J 1133 25.18 8.20 -126.02
N LEU J 1134 24.60 8.96 -125.09
CA LEU J 1134 24.25 10.34 -125.36
C LEU J 1134 25.51 11.19 -125.56
N ARG J 1135 25.51 12.00 -126.61
CA ARG J 1135 26.73 12.58 -127.16
C ARG J 1135 26.35 13.80 -127.99
N GLU J 1136 27.38 14.53 -128.42
CA GLU J 1136 27.16 15.77 -129.17
C GLU J 1136 26.57 15.49 -130.55
N ASN J 1137 26.74 14.27 -131.05
CA ASN J 1137 26.04 13.78 -132.23
C ASN J 1137 24.55 13.59 -132.00
N GLY J 1138 24.08 13.69 -130.76
CA GLY J 1138 22.77 13.21 -130.37
C GLY J 1138 22.85 11.94 -129.56
N TYR J 1139 22.46 10.81 -130.13
CA TYR J 1139 22.58 9.54 -129.43
C TYR J 1139 23.08 8.48 -130.39
N GLU J 1140 24.12 7.75 -129.97
CA GLU J 1140 24.58 6.55 -130.68
C GLU J 1140 24.92 5.50 -129.63
N CYS J 1141 24.47 4.28 -129.85
CA CYS J 1141 24.17 3.33 -128.78
C CYS J 1141 25.13 2.14 -128.73
N GLU J 1142 26.43 2.43 -128.87
CA GLU J 1142 27.44 1.37 -128.87
C GLU J 1142 27.62 0.73 -127.49
N TRP J 1143 27.52 1.50 -126.41
CA TRP J 1143 27.70 0.95 -125.07
C TRP J 1143 26.44 0.25 -124.56
N ARG J 1144 26.61 -0.98 -124.07
CA ARG J 1144 25.60 -1.72 -123.34
C ARG J 1144 26.17 -2.14 -122.00
N TYR J 1145 25.30 -2.25 -120.99
CA TYR J 1145 25.61 -3.14 -119.87
C TYR J 1145 25.60 -4.58 -120.35
N ASN J 1146 26.58 -5.35 -119.89
CA ASN J 1146 26.61 -6.79 -120.09
C ASN J 1146 26.91 -7.46 -118.76
N SER J 1147 26.23 -8.59 -118.50
CA SER J 1147 26.42 -9.29 -117.23
C SER J 1147 27.89 -9.54 -116.97
N CYS J 1148 28.60 -10.04 -117.97
CA CYS J 1148 30.05 -9.99 -117.96
C CYS J 1148 30.52 -10.04 -119.40
N ALA J 1149 31.50 -9.21 -119.72
CA ALA J 1149 32.11 -9.15 -121.04
C ALA J 1149 33.57 -9.57 -120.94
N PRO J 1150 34.19 -9.97 -122.05
CA PRO J 1150 35.61 -10.28 -122.02
C PRO J 1150 36.42 -9.13 -121.45
N ALA J 1151 37.36 -9.46 -120.57
CA ALA J 1151 37.91 -8.47 -119.67
C ALA J 1151 38.87 -7.53 -120.38
N CYS J 1152 39.69 -8.04 -121.30
CA CYS J 1152 40.86 -7.31 -121.76
C CYS J 1152 40.82 -7.19 -123.29
N GLN J 1153 39.74 -6.62 -123.79
CA GLN J 1153 39.53 -6.43 -125.22
C GLN J 1153 40.68 -5.63 -125.84
N VAL J 1154 40.78 -5.73 -127.16
CA VAL J 1154 41.72 -4.91 -127.93
C VAL J 1154 41.14 -3.51 -128.06
N THR J 1155 42.02 -2.50 -128.02
CA THR J 1155 41.62 -1.11 -128.16
C THR J 1155 42.72 -0.36 -128.89
N CYS J 1156 42.43 0.90 -129.22
CA CYS J 1156 43.44 1.77 -129.81
C CYS J 1156 44.60 2.00 -128.87
N GLN J 1157 44.39 1.87 -127.56
CA GLN J 1157 45.46 1.99 -126.59
C GLN J 1157 46.12 0.65 -126.26
N HIS J 1158 45.44 -0.46 -126.54
CA HIS J 1158 45.98 -1.80 -126.33
C HIS J 1158 45.75 -2.62 -127.60
N PRO J 1159 46.40 -2.26 -128.70
CA PRO J 1159 46.18 -2.99 -129.96
C PRO J 1159 46.55 -4.46 -129.87
N GLU J 1160 47.58 -4.79 -129.13
CA GLU J 1160 47.98 -6.18 -129.01
C GLU J 1160 47.16 -6.86 -127.91
N PRO J 1161 46.83 -8.13 -128.07
CA PRO J 1161 46.19 -8.86 -126.99
C PRO J 1161 47.18 -9.14 -125.86
N LEU J 1162 46.69 -9.00 -124.62
CA LEU J 1162 47.53 -9.14 -123.45
C LEU J 1162 46.84 -10.02 -122.42
N ALA J 1163 47.58 -10.97 -121.87
CA ALA J 1163 47.01 -11.90 -120.89
C ALA J 1163 46.70 -11.16 -119.60
N CYS J 1164 45.56 -11.49 -119.01
CA CYS J 1164 45.09 -10.82 -117.80
C CYS J 1164 44.27 -11.80 -116.98
N PRO J 1165 44.21 -11.64 -115.66
CA PRO J 1165 43.79 -12.75 -114.80
C PRO J 1165 42.36 -13.21 -115.00
N VAL J 1166 41.42 -12.28 -115.18
CA VAL J 1166 39.99 -12.61 -115.18
C VAL J 1166 39.48 -12.65 -116.61
N GLN J 1167 38.74 -13.71 -116.93
CA GLN J 1167 38.26 -13.87 -118.30
C GLN J 1167 37.10 -12.92 -118.60
N CYS J 1168 36.18 -12.75 -117.66
CA CYS J 1168 34.93 -12.07 -117.95
C CYS J 1168 34.56 -11.22 -116.75
N VAL J 1169 34.22 -9.95 -116.98
CA VAL J 1169 33.94 -8.99 -115.93
C VAL J 1169 32.67 -8.22 -116.24
N GLU J 1170 31.91 -7.89 -115.20
CA GLU J 1170 30.68 -7.13 -115.34
C GLU J 1170 30.97 -5.67 -115.68
N GLY J 1171 30.02 -5.04 -116.37
CA GLY J 1171 30.06 -3.61 -116.57
C GLY J 1171 29.74 -3.18 -117.98
N CYS J 1172 29.83 -1.88 -118.25
CA CYS J 1172 29.58 -1.35 -119.58
C CYS J 1172 30.59 -1.89 -120.59
N HIS J 1173 30.08 -2.38 -121.71
CA HIS J 1173 30.89 -2.95 -122.77
C HIS J 1173 30.46 -2.32 -124.09
N ALA J 1174 31.43 -1.85 -124.88
CA ALA J 1174 31.15 -1.27 -126.17
C ALA J 1174 31.05 -2.36 -127.23
N HIS J 1175 29.89 -2.47 -127.86
CA HIS J 1175 29.66 -3.42 -128.95
C HIS J 1175 29.58 -2.66 -130.27
N CYS J 1176 30.42 -3.05 -131.23
CA CYS J 1176 30.52 -2.34 -132.50
C CYS J 1176 30.98 -3.31 -133.58
N PRO J 1177 30.84 -2.96 -134.86
CA PRO J 1177 30.89 -3.97 -135.93
C PRO J 1177 32.28 -4.57 -136.12
N PRO J 1178 32.40 -5.58 -136.99
CA PRO J 1178 33.70 -6.21 -137.21
C PRO J 1178 34.73 -5.25 -137.77
N GLY J 1179 36.00 -5.51 -137.47
CA GLY J 1179 37.09 -4.67 -137.89
C GLY J 1179 37.15 -3.32 -137.20
N LYS J 1180 36.11 -2.94 -136.48
CA LYS J 1180 36.05 -1.67 -135.78
C LYS J 1180 36.64 -1.84 -134.38
N ILE J 1181 37.37 -0.82 -133.91
CA ILE J 1181 38.13 -0.91 -132.68
C ILE J 1181 37.76 0.26 -131.76
N LEU J 1182 37.65 -0.02 -130.47
CA LEU J 1182 37.40 1.02 -129.48
C LEU J 1182 38.62 1.91 -129.28
N ASP J 1183 38.38 3.21 -129.16
CA ASP J 1183 39.36 4.15 -128.64
C ASP J 1183 38.97 4.53 -127.22
N GLU J 1184 39.84 4.24 -126.25
CA GLU J 1184 39.55 4.53 -124.85
C GLU J 1184 39.53 6.03 -124.55
N LEU J 1185 40.28 6.83 -125.30
CA LEU J 1185 40.23 8.27 -125.09
C LEU J 1185 38.90 8.84 -125.58
N LEU J 1186 38.39 8.35 -126.70
CA LEU J 1186 37.10 8.77 -127.20
C LEU J 1186 35.94 8.06 -126.53
N GLN J 1187 36.23 6.95 -125.83
CA GLN J 1187 35.19 6.00 -125.41
C GLN J 1187 34.26 5.65 -126.56
N THR J 1188 34.84 5.49 -127.75
CA THR J 1188 34.10 5.39 -128.99
C THR J 1188 34.85 4.42 -129.91
N CYS J 1189 34.10 3.59 -130.63
CA CYS J 1189 34.68 2.72 -131.64
C CYS J 1189 35.14 3.52 -132.87
N VAL J 1190 36.38 3.25 -133.32
CA VAL J 1190 36.98 3.93 -134.47
C VAL J 1190 37.79 2.91 -135.27
N ASP J 1191 38.11 3.26 -136.51
CA ASP J 1191 38.88 2.37 -137.36
C ASP J 1191 40.26 2.11 -136.77
N PRO J 1192 40.88 0.98 -137.12
CA PRO J 1192 42.23 0.70 -136.61
C PRO J 1192 43.24 1.77 -136.96
N GLU J 1193 43.06 2.46 -138.09
CA GLU J 1193 43.98 3.50 -138.51
C GLU J 1193 43.75 4.82 -137.80
N ASP J 1194 42.66 4.95 -137.04
CA ASP J 1194 42.32 6.19 -136.37
C ASP J 1194 42.93 6.31 -134.98
N CYS J 1195 43.71 5.33 -134.55
CA CYS J 1195 44.27 5.37 -133.21
C CYS J 1195 45.20 6.57 -133.06
N PRO J 1196 45.21 7.24 -131.92
CA PRO J 1196 46.12 8.39 -131.74
C PRO J 1196 47.57 8.00 -131.46
N VAL J 1197 47.85 6.75 -131.17
CA VAL J 1197 49.22 6.32 -130.89
C VAL J 1197 49.53 5.04 -131.67
N SER J 1262 75.26 -32.39 -106.73
CA SER J 1262 75.60 -31.33 -107.68
C SER J 1262 76.71 -30.44 -107.12
N GLU J 1263 77.55 -29.93 -108.02
CA GLU J 1263 78.75 -29.16 -107.67
C GLU J 1263 79.62 -29.92 -106.67
N PRO J 1264 80.27 -31.01 -107.09
CA PRO J 1264 81.18 -31.73 -106.20
C PRO J 1264 82.33 -30.88 -105.68
N PRO J 1265 82.97 -30.01 -106.52
CA PRO J 1265 84.24 -29.42 -106.08
C PRO J 1265 84.13 -28.37 -104.98
N LEU J 1266 82.96 -28.25 -104.32
CA LEU J 1266 82.84 -27.32 -103.21
C LEU J 1266 83.84 -27.64 -102.10
N HIS J 1267 84.27 -28.89 -102.00
CA HIS J 1267 85.31 -29.26 -101.04
C HIS J 1267 85.96 -30.55 -101.49
N ASP J 1268 87.15 -30.82 -100.95
CA ASP J 1268 87.85 -32.05 -101.25
C ASP J 1268 87.07 -33.27 -100.79
N PHE J 1269 86.29 -33.13 -99.73
CA PHE J 1269 85.45 -34.21 -99.21
C PHE J 1269 84.04 -34.03 -99.75
N TYR J 1270 83.58 -35.00 -100.53
CA TYR J 1270 82.25 -34.97 -101.11
C TYR J 1270 81.66 -36.36 -101.02
N CYS J 1271 80.45 -36.46 -100.51
CA CYS J 1271 79.91 -37.71 -99.98
C CYS J 1271 78.70 -38.12 -100.83
N SER J 1272 78.95 -38.92 -101.86
CA SER J 1272 77.93 -39.36 -102.80
C SER J 1272 77.54 -40.80 -102.44
N ARG J 1273 76.56 -40.94 -101.55
CA ARG J 1273 76.13 -42.26 -101.11
C ARG J 1273 74.75 -42.14 -100.49
N LEU J 1274 74.10 -43.28 -100.32
CA LEU J 1274 72.70 -43.32 -99.89
C LEU J 1274 72.63 -43.05 -98.40
N LEU J 1275 72.06 -41.90 -98.03
CA LEU J 1275 72.00 -41.49 -96.62
C LEU J 1275 70.79 -40.59 -96.39
N ASP J 1276 70.16 -40.77 -95.23
CA ASP J 1276 69.15 -39.84 -94.73
C ASP J 1276 69.67 -39.26 -93.43
N LEU J 1277 69.72 -37.94 -93.34
CA LEU J 1277 70.40 -37.25 -92.24
C LEU J 1277 69.50 -36.18 -91.64
N VAL J 1278 69.48 -36.09 -90.31
CA VAL J 1278 68.76 -35.05 -89.60
C VAL J 1278 69.70 -34.35 -88.62
N PHE J 1279 69.72 -33.03 -88.66
CA PHE J 1279 70.45 -32.22 -87.69
C PHE J 1279 69.50 -31.68 -86.63
N LEU J 1280 69.69 -32.09 -85.39
CA LEU J 1280 68.84 -31.64 -84.28
C LEU J 1280 69.60 -30.58 -83.49
N LEU J 1281 69.13 -29.33 -83.56
CA LEU J 1281 69.86 -28.18 -83.04
C LEU J 1281 69.25 -27.69 -81.74
N ASP J 1282 70.08 -27.60 -80.70
CA ASP J 1282 69.62 -27.19 -79.38
C ASP J 1282 69.32 -25.70 -79.38
N GLY J 1283 68.05 -25.35 -79.22
CA GLY J 1283 67.59 -23.99 -79.18
C GLY J 1283 67.55 -23.36 -77.81
N SER J 1284 68.15 -23.99 -76.81
CA SER J 1284 68.14 -23.45 -75.46
C SER J 1284 69.06 -22.24 -75.34
N SER J 1285 68.90 -21.53 -74.23
CA SER J 1285 69.70 -20.34 -73.93
C SER J 1285 71.14 -20.67 -73.59
N ARG J 1286 71.47 -21.96 -73.41
CA ARG J 1286 72.85 -22.35 -73.15
C ARG J 1286 73.76 -22.08 -74.33
N LEU J 1287 73.22 -21.91 -75.52
CA LEU J 1287 73.93 -21.28 -76.63
C LEU J 1287 73.47 -19.84 -76.78
N SER J 1288 74.41 -18.91 -76.75
CA SER J 1288 74.12 -17.55 -77.14
C SER J 1288 73.92 -17.48 -78.66
N GLU J 1289 73.30 -16.39 -79.10
CA GLU J 1289 73.03 -16.23 -80.53
C GLU J 1289 74.31 -16.36 -81.36
N ALA J 1290 75.42 -15.81 -80.88
CA ALA J 1290 76.68 -15.94 -81.60
C ALA J 1290 77.09 -17.40 -81.73
N GLU J 1291 76.96 -18.16 -80.65
CA GLU J 1291 77.28 -19.57 -80.69
C GLU J 1291 76.33 -20.31 -81.60
N PHE J 1292 75.05 -19.95 -81.58
CA PHE J 1292 74.11 -20.60 -82.47
C PHE J 1292 74.48 -20.30 -83.93
N GLU J 1293 75.03 -19.12 -84.19
CA GLU J 1293 75.46 -18.78 -85.54
C GLU J 1293 76.59 -19.68 -86.01
N VAL J 1294 77.58 -19.93 -85.13
CA VAL J 1294 78.65 -20.80 -85.58
C VAL J 1294 78.17 -22.24 -85.70
N LEU J 1295 77.19 -22.64 -84.89
CA LEU J 1295 76.60 -23.97 -85.03
C LEU J 1295 75.87 -24.11 -86.35
N LYS J 1296 75.17 -23.05 -86.76
CA LYS J 1296 74.52 -23.02 -88.05
C LYS J 1296 75.53 -23.11 -89.18
N ALA J 1297 76.65 -22.40 -89.05
CA ALA J 1297 77.69 -22.47 -90.08
C ALA J 1297 78.26 -23.88 -90.18
N PHE J 1298 78.39 -24.56 -89.05
CA PHE J 1298 78.79 -25.98 -89.03
C PHE J 1298 77.82 -26.85 -89.81
N VAL J 1299 76.52 -26.67 -89.56
CA VAL J 1299 75.51 -27.39 -90.36
C VAL J 1299 75.65 -27.04 -91.84
N VAL J 1300 75.89 -25.78 -92.16
CA VAL J 1300 75.88 -25.35 -93.55
C VAL J 1300 77.07 -25.95 -94.30
N ASP J 1301 78.25 -25.92 -93.71
CA ASP J 1301 79.39 -26.50 -94.42
C ASP J 1301 79.27 -28.01 -94.53
N MET J 1302 78.71 -28.68 -93.52
CA MET J 1302 78.46 -30.11 -93.69
C MET J 1302 77.51 -30.36 -94.85
N MET J 1303 76.48 -29.53 -95.00
CA MET J 1303 75.62 -29.66 -96.17
C MET J 1303 76.37 -29.36 -97.46
N GLU J 1304 77.37 -28.48 -97.41
CA GLU J 1304 78.25 -28.31 -98.57
C GLU J 1304 78.99 -29.60 -98.90
N ARG J 1305 79.29 -30.41 -97.89
CA ARG J 1305 80.09 -31.62 -98.09
C ARG J 1305 79.24 -32.87 -98.29
N LEU J 1306 77.93 -32.72 -98.48
CA LEU J 1306 77.05 -33.85 -98.78
C LEU J 1306 76.40 -33.65 -100.15
N ARG J 1307 76.26 -34.73 -100.90
CA ARG J 1307 75.59 -34.69 -102.21
C ARG J 1307 74.09 -34.63 -101.97
N ILE J 1308 73.57 -33.41 -101.87
CA ILE J 1308 72.17 -33.21 -101.51
C ILE J 1308 71.28 -33.48 -102.71
N SER J 1309 70.36 -34.43 -102.57
CA SER J 1309 69.35 -34.76 -103.56
C SER J 1309 68.47 -35.85 -102.98
N GLN J 1310 67.30 -36.06 -103.60
CA GLN J 1310 66.49 -37.20 -103.22
C GLN J 1310 67.22 -38.51 -103.48
N LYS J 1311 67.95 -38.58 -104.60
CA LYS J 1311 69.00 -39.57 -104.74
C LYS J 1311 70.17 -39.21 -103.83
N TRP J 1312 70.93 -40.23 -103.45
CA TRP J 1312 72.08 -40.04 -102.56
C TRP J 1312 71.62 -39.52 -101.20
N VAL J 1313 71.99 -38.29 -100.82
CA VAL J 1313 71.85 -37.84 -99.44
C VAL J 1313 70.64 -36.92 -99.34
N ARG J 1314 69.77 -37.20 -98.37
CA ARG J 1314 68.66 -36.32 -98.00
C ARG J 1314 68.93 -35.74 -96.62
N VAL J 1315 68.72 -34.45 -96.47
CA VAL J 1315 69.07 -33.72 -95.24
C VAL J 1315 67.84 -33.02 -94.70
N ALA J 1316 67.69 -33.06 -93.38
CA ALA J 1316 66.67 -32.30 -92.69
C ALA J 1316 67.31 -31.57 -91.51
N VAL J 1317 66.75 -30.41 -91.17
CA VAL J 1317 67.27 -29.58 -90.10
C VAL J 1317 66.13 -29.29 -89.13
N VAL J 1318 66.38 -29.49 -87.85
CA VAL J 1318 65.34 -29.42 -86.83
C VAL J 1318 65.90 -28.72 -85.60
N GLU J 1319 65.38 -27.53 -85.30
CA GLU J 1319 65.66 -26.88 -84.03
C GLU J 1319 64.64 -27.33 -83.00
N TYR J 1320 65.11 -27.68 -81.81
CA TYR J 1320 64.24 -28.03 -80.71
C TYR J 1320 64.42 -27.03 -79.58
N HIS J 1321 63.32 -26.41 -79.16
CA HIS J 1321 63.33 -25.42 -78.09
C HIS J 1321 62.13 -25.65 -77.17
N ASP J 1322 61.97 -26.89 -76.72
CA ASP J 1322 60.79 -27.47 -76.08
C ASP J 1322 59.73 -27.79 -77.12
N GLY J 1323 59.91 -27.41 -78.36
CA GLY J 1323 59.11 -27.91 -79.45
C GLY J 1323 59.99 -28.04 -80.68
N SER J 1324 59.68 -29.03 -81.50
CA SER J 1324 60.57 -29.44 -82.58
C SER J 1324 60.30 -28.61 -83.82
N HIS J 1325 60.99 -27.49 -83.93
CA HIS J 1325 60.88 -26.59 -85.08
C HIS J 1325 61.69 -27.12 -86.24
N ALA J 1326 61.03 -27.74 -87.21
CA ALA J 1326 61.69 -28.23 -88.41
C ALA J 1326 61.78 -27.13 -89.46
N TYR J 1327 62.97 -26.90 -89.99
CA TYR J 1327 63.18 -25.93 -91.06
C TYR J 1327 63.35 -26.58 -92.42
N ILE J 1328 63.90 -27.78 -92.48
CA ILE J 1328 64.05 -28.52 -93.72
C ILE J 1328 63.58 -29.94 -93.48
N GLY J 1329 62.81 -30.48 -94.42
CA GLY J 1329 62.37 -31.85 -94.35
C GLY J 1329 63.01 -32.69 -95.44
N LEU J 1330 63.11 -34.01 -95.22
CA LEU J 1330 63.74 -34.87 -96.20
C LEU J 1330 62.97 -34.93 -97.52
N LYS J 1331 61.68 -34.58 -97.50
CA LYS J 1331 60.88 -34.56 -98.71
C LYS J 1331 61.07 -33.29 -99.54
N ASP J 1332 61.71 -32.27 -98.99
CA ASP J 1332 61.85 -31.00 -99.69
C ASP J 1332 62.64 -31.21 -100.98
N ARG J 1333 62.07 -30.71 -102.08
CA ARG J 1333 62.67 -30.87 -103.40
C ARG J 1333 63.54 -29.68 -103.80
N LYS J 1334 63.78 -28.74 -102.89
CA LYS J 1334 64.52 -27.54 -103.23
C LYS J 1334 65.99 -27.87 -103.53
N ARG J 1335 66.60 -27.00 -104.33
CA ARG J 1335 67.96 -27.24 -104.79
C ARG J 1335 68.96 -27.12 -103.64
N PRO J 1336 70.13 -27.75 -103.76
CA PRO J 1336 71.09 -27.73 -102.65
C PRO J 1336 71.48 -26.33 -102.20
N SER J 1337 71.63 -25.39 -103.14
CA SER J 1337 71.96 -24.03 -102.74
C SER J 1337 70.85 -23.41 -101.90
N GLU J 1338 69.59 -23.61 -102.31
CA GLU J 1338 68.47 -23.10 -101.54
C GLU J 1338 68.41 -23.74 -100.16
N LEU J 1339 68.69 -25.05 -100.08
CA LEU J 1339 68.68 -25.72 -98.79
C LEU J 1339 69.77 -25.19 -97.88
N ARG J 1340 70.97 -24.95 -98.44
CA ARG J 1340 72.03 -24.36 -97.64
C ARG J 1340 71.68 -22.96 -97.17
N ARG J 1341 71.01 -22.18 -98.03
CA ARG J 1341 70.55 -20.87 -97.61
C ARG J 1341 69.56 -20.96 -96.46
N ILE J 1342 68.61 -21.90 -96.56
CA ILE J 1342 67.62 -22.08 -95.51
C ILE J 1342 68.30 -22.45 -94.19
N ALA J 1343 69.27 -23.37 -94.26
CA ALA J 1343 70.01 -23.75 -93.07
C ALA J 1343 70.77 -22.57 -92.48
N SER J 1344 71.37 -21.75 -93.35
CA SER J 1344 72.11 -20.60 -92.88
C SER J 1344 71.20 -19.58 -92.22
N GLN J 1345 69.93 -19.53 -92.61
CA GLN J 1345 68.99 -18.56 -92.07
C GLN J 1345 68.05 -19.16 -91.03
N VAL J 1346 68.44 -20.26 -90.38
CA VAL J 1346 67.70 -20.79 -89.24
C VAL J 1346 67.73 -19.77 -88.11
N LYS J 1347 66.58 -19.49 -87.52
CA LYS J 1347 66.52 -18.48 -86.47
C LYS J 1347 66.95 -19.08 -85.13
N TYR J 1348 67.15 -18.19 -84.16
CA TYR J 1348 67.62 -18.55 -82.83
C TYR J 1348 66.49 -18.37 -81.84
N ALA J 1349 66.20 -19.43 -81.08
CA ALA J 1349 65.10 -19.39 -80.13
C ALA J 1349 65.54 -18.91 -78.75
N GLY J 1350 66.54 -19.55 -78.17
CA GLY J 1350 67.02 -19.16 -76.86
C GLY J 1350 66.07 -19.49 -75.73
N SER J 1351 65.44 -20.65 -75.77
CA SER J 1351 64.54 -21.07 -74.71
C SER J 1351 65.33 -21.42 -73.45
N GLN J 1352 64.66 -21.32 -72.31
CA GLN J 1352 65.30 -21.73 -71.07
C GLN J 1352 65.36 -23.24 -70.90
N VAL J 1353 64.52 -23.99 -71.62
CA VAL J 1353 64.54 -25.44 -71.60
C VAL J 1353 64.42 -25.93 -73.04
N ALA J 1354 65.11 -27.02 -73.36
CA ALA J 1354 65.01 -27.65 -74.67
C ALA J 1354 64.93 -29.16 -74.47
N SER J 1355 63.71 -29.68 -74.34
CA SER J 1355 63.48 -31.09 -74.09
C SER J 1355 64.12 -31.96 -75.17
N THR J 1356 65.12 -32.73 -74.77
CA THR J 1356 65.84 -33.62 -75.69
C THR J 1356 65.03 -34.88 -75.98
N SER J 1357 64.36 -35.42 -74.96
CA SER J 1357 63.45 -36.53 -75.18
C SER J 1357 62.32 -36.14 -76.13
N GLU J 1358 61.87 -34.89 -76.06
CA GLU J 1358 60.80 -34.46 -76.95
C GLU J 1358 61.23 -34.45 -78.40
N VAL J 1359 62.47 -34.02 -78.68
CA VAL J 1359 62.90 -34.03 -80.07
C VAL J 1359 63.22 -35.45 -80.54
N LEU J 1360 63.66 -36.33 -79.65
CA LEU J 1360 63.73 -37.74 -80.01
C LEU J 1360 62.36 -38.31 -80.35
N LYS J 1361 61.34 -37.93 -79.59
CA LYS J 1361 59.97 -38.35 -79.91
C LYS J 1361 59.54 -37.82 -81.26
N TYR J 1362 59.82 -36.53 -81.52
CA TYR J 1362 59.44 -35.93 -82.79
C TYR J 1362 60.09 -36.67 -83.95
N THR J 1363 61.40 -36.86 -83.91
CA THR J 1363 62.05 -37.50 -85.04
C THR J 1363 61.57 -38.93 -85.21
N LEU J 1364 61.32 -39.64 -84.10
CA LEU J 1364 60.87 -41.02 -84.16
C LEU J 1364 59.50 -41.14 -84.81
N PHE J 1365 58.53 -40.34 -84.36
CA PHE J 1365 57.16 -40.54 -84.78
C PHE J 1365 56.75 -39.70 -85.97
N GLN J 1366 57.45 -38.60 -86.26
CA GLN J 1366 57.05 -37.70 -87.32
C GLN J 1366 58.05 -37.63 -88.45
N ILE J 1367 59.36 -37.69 -88.18
CA ILE J 1367 60.31 -37.65 -89.29
C ILE J 1367 60.41 -39.00 -89.95
N PHE J 1368 60.85 -40.00 -89.20
CA PHE J 1368 60.92 -41.38 -89.66
C PHE J 1368 59.62 -42.13 -89.46
N SER J 1369 58.49 -41.47 -89.72
CA SER J 1369 57.19 -42.12 -89.57
C SER J 1369 57.08 -43.33 -90.49
N LYS J 1370 57.55 -43.20 -91.74
CA LYS J 1370 57.58 -44.29 -92.68
C LYS J 1370 58.96 -44.34 -93.32
N ILE J 1371 59.55 -45.53 -93.37
CA ILE J 1371 60.87 -45.72 -93.94
C ILE J 1371 60.73 -45.89 -95.45
N ASP J 1372 60.78 -44.78 -96.18
CA ASP J 1372 60.60 -44.81 -97.62
C ASP J 1372 61.87 -45.16 -98.37
N ARG J 1373 63.02 -45.18 -97.70
CA ARG J 1373 64.29 -45.58 -98.28
C ARG J 1373 64.95 -46.61 -97.37
N PRO J 1374 64.39 -47.81 -97.30
CA PRO J 1374 64.97 -48.82 -96.41
C PRO J 1374 66.40 -49.18 -96.76
N GLU J 1375 66.80 -49.02 -98.02
CA GLU J 1375 68.18 -49.30 -98.40
C GLU J 1375 69.15 -48.22 -97.94
N ALA J 1376 68.66 -47.01 -97.67
CA ALA J 1376 69.51 -45.90 -97.29
C ALA J 1376 69.73 -45.88 -95.78
N SER J 1377 70.92 -45.43 -95.37
CA SER J 1377 71.21 -45.28 -93.95
C SER J 1377 70.48 -44.07 -93.38
N ARG J 1378 70.01 -44.20 -92.14
CA ARG J 1378 69.24 -43.18 -91.46
C ARG J 1378 69.97 -42.74 -90.20
N ILE J 1379 70.34 -41.46 -90.14
CA ILE J 1379 71.23 -40.95 -89.09
C ILE J 1379 70.70 -39.61 -88.57
N ALA J 1380 70.89 -39.37 -87.27
CA ALA J 1380 70.51 -38.11 -86.64
C ALA J 1380 71.66 -37.60 -85.77
N LEU J 1381 72.00 -36.31 -85.92
CA LEU J 1381 72.91 -35.65 -85.00
C LEU J 1381 72.12 -34.99 -83.89
N LEU J 1382 72.06 -35.62 -82.72
CA LEU J 1382 71.52 -34.97 -81.53
C LEU J 1382 72.59 -34.10 -80.88
N LEU J 1383 72.92 -33.01 -81.56
CA LEU J 1383 73.85 -32.06 -80.96
C LEU J 1383 73.10 -31.24 -79.91
N MET J 1384 73.72 -31.10 -78.73
CA MET J 1384 72.99 -30.70 -77.54
C MET J 1384 73.91 -29.99 -76.57
N ALA J 1385 73.36 -28.99 -75.88
CA ALA J 1385 74.17 -28.11 -75.06
C ALA J 1385 73.51 -27.80 -73.72
N SER J 1386 72.46 -28.51 -73.34
CA SER J 1386 71.67 -28.15 -72.17
C SER J 1386 71.18 -29.39 -71.44
N GLN J 1387 70.91 -29.20 -70.15
CA GLN J 1387 70.13 -30.14 -69.36
C GLN J 1387 68.65 -30.01 -69.68
N GLU J 1388 67.88 -31.01 -69.29
CA GLU J 1388 66.43 -30.92 -69.24
C GLU J 1388 65.95 -31.35 -67.86
N PRO J 1389 64.84 -30.78 -67.37
CA PRO J 1389 64.29 -31.22 -66.09
C PRO J 1389 64.05 -32.73 -66.07
N GLN J 1390 64.29 -33.34 -64.91
CA GLN J 1390 64.23 -34.80 -64.81
C GLN J 1390 62.86 -35.34 -65.21
N ARG J 1391 61.79 -34.63 -64.85
CA ARG J 1391 60.45 -35.10 -65.17
C ARG J 1391 60.25 -35.25 -66.68
N MET J 1392 60.99 -34.51 -67.48
CA MET J 1392 60.85 -34.57 -68.93
C MET J 1392 61.73 -35.63 -69.57
N SER J 1393 62.63 -36.26 -68.81
CA SER J 1393 63.57 -37.24 -69.34
C SER J 1393 63.09 -38.68 -69.16
N ARG J 1394 61.84 -38.88 -68.75
CA ARG J 1394 61.43 -40.21 -68.32
C ARG J 1394 61.28 -41.18 -69.49
N ASN J 1395 60.93 -40.69 -70.67
CA ASN J 1395 60.73 -41.56 -71.84
C ASN J 1395 61.90 -41.50 -72.80
N PHE J 1396 63.04 -40.97 -72.37
CA PHE J 1396 64.19 -40.81 -73.26
C PHE J 1396 64.67 -42.15 -73.79
N VAL J 1397 64.89 -43.11 -72.88
CA VAL J 1397 65.41 -44.42 -73.27
C VAL J 1397 64.44 -45.12 -74.22
N ARG J 1398 63.14 -44.98 -73.97
CA ARG J 1398 62.15 -45.60 -74.84
C ARG J 1398 62.28 -45.08 -76.26
N TYR J 1399 62.41 -43.76 -76.42
CA TYR J 1399 62.50 -43.17 -77.75
C TYR J 1399 63.79 -43.56 -78.45
N VAL J 1400 64.92 -43.57 -77.73
CA VAL J 1400 66.16 -43.94 -78.40
C VAL J 1400 66.13 -45.42 -78.80
N GLN J 1401 65.54 -46.27 -77.98
CA GLN J 1401 65.42 -47.68 -78.34
C GLN J 1401 64.48 -47.86 -79.53
N GLY J 1402 63.40 -47.09 -79.59
CA GLY J 1402 62.54 -47.13 -80.76
C GLY J 1402 63.26 -46.71 -82.02
N LEU J 1403 64.10 -45.67 -81.92
CA LEU J 1403 64.92 -45.26 -83.05
C LEU J 1403 65.88 -46.37 -83.46
N LYS J 1404 66.42 -47.09 -82.49
CA LYS J 1404 67.28 -48.23 -82.82
C LYS J 1404 66.50 -49.31 -83.55
N LYS J 1405 65.27 -49.58 -83.11
CA LYS J 1405 64.45 -50.60 -83.76
C LYS J 1405 64.14 -50.23 -85.21
N LYS J 1406 64.07 -48.94 -85.51
CA LYS J 1406 63.99 -48.49 -86.90
C LYS J 1406 65.36 -48.35 -87.54
N LYS J 1407 66.42 -48.73 -86.84
CA LYS J 1407 67.80 -48.60 -87.33
C LYS J 1407 68.11 -47.17 -87.76
N VAL J 1408 67.61 -46.21 -86.98
CA VAL J 1408 68.04 -44.82 -87.10
C VAL J 1408 69.18 -44.57 -86.13
N ILE J 1409 70.37 -44.30 -86.67
CA ILE J 1409 71.54 -44.01 -85.84
C ILE J 1409 71.35 -42.63 -85.21
N VAL J 1410 71.66 -42.53 -83.91
CA VAL J 1410 71.69 -41.23 -83.24
C VAL J 1410 73.09 -40.96 -82.71
N ILE J 1411 73.68 -39.87 -83.20
CA ILE J 1411 75.05 -39.47 -82.88
C ILE J 1411 74.98 -38.23 -82.00
N PRO J 1412 75.01 -38.37 -80.68
CA PRO J 1412 75.00 -37.19 -79.80
C PRO J 1412 76.29 -36.40 -79.94
N VAL J 1413 76.16 -35.09 -80.08
CA VAL J 1413 77.30 -34.19 -80.12
C VAL J 1413 77.14 -33.19 -78.99
N GLY J 1414 77.51 -33.59 -77.78
CA GLY J 1414 77.44 -32.69 -76.64
C GLY J 1414 78.41 -31.54 -76.77
N ILE J 1415 77.98 -30.37 -76.32
CA ILE J 1415 78.79 -29.15 -76.40
C ILE J 1415 78.67 -28.37 -75.10
N GLY J 1416 79.82 -28.01 -74.53
CA GLY J 1416 79.87 -27.15 -73.36
C GLY J 1416 79.59 -27.83 -72.04
N PRO J 1417 79.87 -27.12 -70.94
CA PRO J 1417 79.72 -27.73 -69.62
C PRO J 1417 78.30 -28.13 -69.27
N HIS J 1418 77.31 -27.45 -69.85
CA HIS J 1418 75.91 -27.69 -69.55
C HIS J 1418 75.30 -28.83 -70.35
N ALA J 1419 76.06 -29.47 -71.24
CA ALA J 1419 75.55 -30.64 -71.94
C ALA J 1419 75.15 -31.73 -70.95
N ASN J 1420 74.02 -32.39 -71.23
CA ASN J 1420 73.53 -33.51 -70.41
C ASN J 1420 74.31 -34.77 -70.78
N LEU J 1421 75.50 -34.91 -70.17
CA LEU J 1421 76.35 -36.07 -70.42
C LEU J 1421 75.63 -37.38 -70.11
N LYS J 1422 74.75 -37.40 -69.11
CA LYS J 1422 74.06 -38.63 -68.75
C LYS J 1422 73.22 -39.17 -69.91
N GLN J 1423 72.46 -38.28 -70.57
CA GLN J 1423 71.66 -38.68 -71.72
C GLN J 1423 72.54 -39.14 -72.86
N ILE J 1424 73.73 -38.53 -72.99
CA ILE J 1424 74.69 -38.93 -74.01
C ILE J 1424 75.18 -40.35 -73.78
N ARG J 1425 75.57 -40.66 -72.54
CA ARG J 1425 76.03 -42.02 -72.24
C ARG J 1425 74.90 -43.02 -72.38
N LEU J 1426 73.68 -42.63 -72.02
CA LEU J 1426 72.53 -43.51 -72.20
C LEU J 1426 72.32 -43.83 -73.68
N ILE J 1427 72.48 -42.83 -74.55
CA ILE J 1427 72.42 -43.10 -75.99
C ILE J 1427 73.53 -44.05 -76.41
N GLU J 1428 74.75 -43.83 -75.92
CA GLU J 1428 75.87 -44.68 -76.31
C GLU J 1428 75.64 -46.12 -75.89
N LYS J 1429 74.98 -46.34 -74.75
CA LYS J 1429 74.77 -47.69 -74.26
C LYS J 1429 73.85 -48.51 -75.16
N GLN J 1430 73.04 -47.86 -75.99
CA GLN J 1430 72.06 -48.57 -76.79
C GLN J 1430 72.69 -49.30 -77.97
N ALA J 1431 73.67 -48.69 -78.63
CA ALA J 1431 74.27 -49.32 -79.80
C ALA J 1431 75.68 -48.79 -79.98
N PRO J 1432 76.63 -49.62 -80.45
CA PRO J 1432 78.00 -49.11 -80.64
C PRO J 1432 78.10 -47.99 -81.67
N GLU J 1433 77.30 -48.05 -82.74
CA GLU J 1433 77.39 -47.03 -83.77
C GLU J 1433 76.89 -45.67 -83.30
N ASN J 1434 76.18 -45.63 -82.17
CA ASN J 1434 75.75 -44.37 -81.56
C ASN J 1434 76.86 -43.76 -80.71
N LYS J 1435 78.05 -43.63 -81.28
CA LYS J 1435 79.19 -43.12 -80.51
C LYS J 1435 79.09 -41.61 -80.36
N ALA J 1436 79.50 -41.12 -79.20
CA ALA J 1436 79.27 -39.73 -78.83
C ALA J 1436 80.48 -38.85 -79.15
N PHE J 1437 80.19 -37.61 -79.51
CA PHE J 1437 81.18 -36.54 -79.56
C PHE J 1437 80.89 -35.56 -78.44
N VAL J 1438 81.91 -35.21 -77.67
CA VAL J 1438 81.76 -34.23 -76.59
C VAL J 1438 82.76 -33.11 -76.85
N LEU J 1439 82.25 -31.88 -76.94
CA LEU J 1439 83.04 -30.73 -77.35
C LEU J 1439 83.10 -29.72 -76.22
N SER J 1440 84.26 -29.05 -76.09
CA SER J 1440 84.39 -27.98 -75.12
C SER J 1440 83.46 -26.82 -75.43
N SER J 1441 83.35 -26.45 -76.70
CA SER J 1441 82.52 -25.31 -77.09
C SER J 1441 82.19 -25.45 -78.58
N VAL J 1442 81.20 -24.68 -79.01
CA VAL J 1442 80.72 -24.75 -80.39
C VAL J 1442 81.82 -24.45 -81.40
N ASP J 1443 82.84 -23.67 -81.03
CA ASP J 1443 83.92 -23.43 -81.99
C ASP J 1443 84.75 -24.68 -82.26
N GLU J 1444 84.67 -25.68 -81.38
CA GLU J 1444 85.34 -26.95 -81.64
C GLU J 1444 84.66 -27.75 -82.75
N LEU J 1445 83.45 -27.34 -83.15
CA LEU J 1445 82.81 -27.96 -84.31
C LEU J 1445 83.65 -27.80 -85.56
N GLU J 1446 84.30 -26.64 -85.70
CA GLU J 1446 85.19 -26.41 -86.85
C GLU J 1446 86.31 -27.44 -86.90
N GLN J 1447 86.75 -27.92 -85.74
CA GLN J 1447 87.81 -28.92 -85.68
C GLN J 1447 87.26 -30.33 -85.86
N GLN J 1448 86.07 -30.59 -85.34
CA GLN J 1448 85.51 -31.94 -85.38
C GLN J 1448 84.81 -32.26 -86.69
N ARG J 1449 84.56 -31.25 -87.54
CA ARG J 1449 83.73 -31.40 -88.72
C ARG J 1449 84.27 -32.50 -89.64
N ASP J 1450 85.57 -32.51 -89.90
CA ASP J 1450 86.12 -33.43 -90.88
C ASP J 1450 85.87 -34.88 -90.48
N GLU J 1451 86.22 -35.24 -89.25
CA GLU J 1451 86.00 -36.62 -88.85
C GLU J 1451 84.53 -36.93 -88.63
N ILE J 1452 83.71 -35.93 -88.28
CA ILE J 1452 82.27 -36.17 -88.19
C ILE J 1452 81.69 -36.56 -89.54
N VAL J 1453 82.04 -35.81 -90.59
CA VAL J 1453 81.53 -36.17 -91.92
C VAL J 1453 82.11 -37.49 -92.38
N SER J 1454 83.39 -37.75 -92.07
CA SER J 1454 83.99 -39.02 -92.43
C SER J 1454 83.23 -40.18 -91.79
N TYR J 1455 82.91 -40.06 -90.51
CA TYR J 1455 82.16 -41.10 -89.81
C TYR J 1455 80.76 -41.26 -90.40
N LEU J 1456 80.07 -40.14 -90.65
CA LEU J 1456 78.74 -40.21 -91.24
C LEU J 1456 78.75 -40.95 -92.58
N CYS J 1457 79.75 -40.68 -93.41
CA CYS J 1457 79.79 -41.35 -94.71
C CYS J 1457 80.32 -42.76 -94.61
N ASP J 1458 81.08 -43.07 -93.56
CA ASP J 1458 81.41 -44.47 -93.28
C ASP J 1458 80.18 -45.26 -92.89
N LEU J 1459 79.22 -44.62 -92.23
CA LEU J 1459 77.99 -45.28 -91.82
C LEU J 1459 76.94 -45.32 -92.91
N ALA J 1460 77.30 -45.08 -94.17
CA ALA J 1460 76.33 -45.09 -95.25
C ALA J 1460 76.83 -45.95 -96.40
N PRO J 1461 75.93 -46.67 -97.07
CA PRO J 1461 76.33 -47.50 -98.21
C PRO J 1461 76.29 -46.74 -99.52
N GLU J 1462 77.02 -47.27 -100.50
CA GLU J 1462 77.04 -46.73 -101.84
C GLU J 1462 75.85 -47.27 -102.65
N ALA J 1463 75.71 -46.77 -103.87
CA ALA J 1463 74.63 -47.20 -104.76
C ALA J 1463 74.83 -48.66 -105.17
N SER K 31 64.81 -81.33 -22.41
CA SER K 31 64.30 -81.17 -21.06
C SER K 31 62.91 -80.54 -21.07
N THR K 32 62.85 -79.23 -21.31
CA THR K 32 61.60 -78.49 -21.33
C THR K 32 61.84 -77.17 -22.04
N ALA K 33 60.86 -76.73 -22.81
CA ALA K 33 60.95 -75.50 -23.59
C ALA K 33 60.53 -74.30 -22.76
N ARG K 34 60.83 -73.11 -23.27
CA ARG K 34 60.40 -71.87 -22.65
C ARG K 34 59.97 -70.89 -23.72
N CYS K 35 58.82 -70.26 -23.52
CA CYS K 35 58.35 -69.19 -24.37
C CYS K 35 58.04 -67.98 -23.51
N SER K 36 58.29 -66.81 -24.06
CA SER K 36 58.16 -65.58 -23.29
C SER K 36 57.55 -64.50 -24.16
N LEU K 37 56.63 -63.73 -23.58
CA LEU K 37 56.13 -62.50 -24.16
C LEU K 37 56.44 -61.39 -23.18
N PHE K 38 57.33 -60.49 -23.56
CA PHE K 38 58.01 -59.61 -22.62
C PHE K 38 58.13 -58.23 -23.20
N GLY K 39 58.46 -57.28 -22.34
CA GLY K 39 58.55 -55.91 -22.78
C GLY K 39 57.18 -55.40 -23.18
N SER K 40 57.19 -54.36 -24.01
CA SER K 40 55.94 -53.78 -24.47
C SER K 40 55.27 -54.68 -25.49
N ASP K 41 56.00 -55.08 -26.54
CA ASP K 41 55.38 -55.76 -27.67
C ASP K 41 56.24 -56.88 -28.23
N PHE K 42 56.99 -57.58 -27.39
CA PHE K 42 57.97 -58.54 -27.88
C PHE K 42 57.59 -59.97 -27.51
N VAL K 43 58.08 -60.92 -28.31
CA VAL K 43 57.81 -62.33 -28.12
C VAL K 43 59.11 -63.10 -28.31
N ASN K 44 59.22 -64.22 -27.61
CA ASN K 44 60.34 -65.14 -27.78
C ASN K 44 59.78 -66.55 -27.89
N THR K 45 60.13 -67.25 -28.97
CA THR K 45 59.57 -68.54 -29.27
C THR K 45 60.27 -69.65 -28.48
N PHE K 46 59.72 -70.86 -28.57
CA PHE K 46 60.33 -72.00 -27.91
C PHE K 46 61.73 -72.28 -28.43
N ASP K 47 61.95 -72.08 -29.73
CA ASP K 47 63.22 -72.42 -30.36
C ASP K 47 64.17 -71.23 -30.44
N GLY K 48 63.81 -70.09 -29.88
CA GLY K 48 64.69 -68.95 -29.82
C GLY K 48 64.40 -67.83 -30.79
N SER K 49 63.57 -68.06 -31.79
CA SER K 49 63.18 -66.96 -32.67
C SER K 49 62.49 -65.87 -31.86
N MET K 50 62.85 -64.64 -32.13
CA MET K 50 62.41 -63.52 -31.31
C MET K 50 61.98 -62.37 -32.21
N TYR K 51 60.85 -61.77 -31.90
CA TYR K 51 60.24 -60.77 -32.75
C TYR K 51 59.31 -59.90 -31.94
N SER K 52 58.77 -58.88 -32.60
CA SER K 52 57.83 -57.95 -31.99
C SER K 52 56.45 -58.10 -32.60
N PHE K 53 55.42 -58.00 -31.77
CA PHE K 53 54.05 -58.03 -32.26
C PHE K 53 53.17 -57.25 -31.29
N ALA K 54 52.48 -56.24 -31.79
CA ALA K 54 51.55 -55.44 -30.99
C ALA K 54 50.13 -55.87 -31.34
N GLY K 55 49.67 -56.92 -30.68
CA GLY K 55 48.37 -57.47 -30.97
C GLY K 55 47.22 -56.60 -30.47
N TYR K 56 46.08 -56.75 -31.11
CA TYR K 56 44.85 -56.08 -30.71
C TYR K 56 43.73 -57.06 -30.41
N CYS K 57 44.02 -58.35 -30.39
CA CYS K 57 43.03 -59.38 -30.11
C CYS K 57 43.70 -60.45 -29.26
N SER K 58 43.07 -61.61 -29.15
CA SER K 58 43.64 -62.76 -28.46
C SER K 58 44.26 -63.72 -29.46
N TYR K 59 45.40 -64.28 -29.10
CA TYR K 59 46.17 -65.11 -30.02
C TYR K 59 46.61 -66.39 -29.34
N LEU K 60 46.75 -67.45 -30.12
CA LEU K 60 47.21 -68.72 -29.61
C LEU K 60 48.72 -68.66 -29.38
N LEU K 61 49.14 -68.80 -28.13
CA LEU K 61 50.57 -68.84 -27.84
C LEU K 61 51.14 -70.24 -28.03
N ALA K 62 50.44 -71.26 -27.55
CA ALA K 62 50.91 -72.63 -27.70
C ALA K 62 49.72 -73.56 -27.51
N GLY K 63 49.91 -74.79 -27.96
CA GLY K 63 48.87 -75.79 -27.78
C GLY K 63 49.10 -76.95 -28.72
N GLY K 64 48.37 -78.02 -28.45
CA GLY K 64 48.35 -79.15 -29.35
C GLY K 64 47.96 -78.71 -30.73
N CYS K 65 48.77 -79.01 -31.73
CA CYS K 65 48.67 -78.28 -32.98
C CYS K 65 47.80 -79.00 -33.99
N GLN K 66 47.78 -80.33 -33.97
CA GLN K 66 46.79 -81.12 -34.71
C GLN K 66 45.59 -81.46 -33.84
N LYS K 67 45.82 -82.13 -32.72
CA LYS K 67 44.78 -82.43 -31.73
C LYS K 67 45.00 -81.53 -30.52
N ARG K 68 44.18 -80.48 -30.41
CA ARG K 68 44.39 -79.44 -29.42
C ARG K 68 43.67 -79.79 -28.14
N SER K 69 44.34 -80.60 -27.32
CA SER K 69 43.79 -80.96 -26.02
C SER K 69 43.73 -79.76 -25.09
N PHE K 70 44.65 -78.81 -25.24
CA PHE K 70 44.62 -77.58 -24.46
C PHE K 70 45.11 -76.44 -25.33
N SER K 71 44.75 -75.23 -24.93
CA SER K 71 45.15 -74.04 -25.67
C SER K 71 45.59 -72.97 -24.69
N ILE K 72 46.78 -72.43 -24.90
CA ILE K 72 47.26 -71.29 -24.13
C ILE K 72 47.08 -70.04 -24.98
N ILE K 73 46.33 -69.09 -24.48
CA ILE K 73 45.88 -67.96 -25.27
C ILE K 73 46.30 -66.68 -24.59
N GLY K 74 47.03 -65.83 -25.31
CA GLY K 74 47.42 -64.53 -24.80
C GLY K 74 46.48 -63.46 -25.33
N ASP K 75 45.97 -62.64 -24.42
CA ASP K 75 45.01 -61.60 -24.74
C ASP K 75 45.71 -60.25 -24.73
N PHE K 76 45.47 -59.44 -25.76
CA PHE K 76 46.05 -58.12 -25.88
C PHE K 76 44.94 -57.08 -25.89
N GLN K 77 45.33 -55.83 -25.66
CA GLN K 77 44.40 -54.71 -25.76
C GLN K 77 45.20 -53.46 -26.04
N ASN K 78 44.93 -52.83 -27.18
CA ASN K 78 45.65 -51.63 -27.61
C ASN K 78 47.14 -51.87 -27.67
N GLY K 79 47.52 -53.06 -28.11
CA GLY K 79 48.92 -53.43 -28.23
C GLY K 79 49.53 -54.00 -26.97
N LYS K 80 48.95 -53.74 -25.82
CA LYS K 80 49.51 -54.21 -24.55
C LYS K 80 48.84 -55.52 -24.13
N ARG K 81 49.58 -56.30 -23.36
CA ARG K 81 49.07 -57.55 -22.84
C ARG K 81 48.17 -57.31 -21.65
N VAL K 82 47.09 -58.09 -21.55
CA VAL K 82 46.13 -57.92 -20.47
C VAL K 82 45.84 -59.20 -19.70
N SER K 83 46.03 -60.38 -20.28
CA SER K 83 45.72 -61.61 -19.56
C SER K 83 46.35 -62.77 -20.29
N LEU K 84 46.43 -63.90 -19.58
CA LEU K 84 46.95 -65.15 -20.12
C LEU K 84 45.90 -66.22 -19.86
N SER K 85 45.17 -66.59 -20.89
CA SER K 85 44.07 -67.54 -20.75
C SER K 85 44.50 -68.94 -21.15
N VAL K 86 43.81 -69.93 -20.61
CA VAL K 86 44.04 -71.32 -20.94
C VAL K 86 42.70 -72.00 -21.12
N TYR K 87 42.59 -72.82 -22.15
CA TYR K 87 41.38 -73.60 -22.43
C TYR K 87 41.78 -75.06 -22.50
N LEU K 88 41.02 -75.91 -21.81
CA LEU K 88 41.32 -77.34 -21.78
C LEU K 88 40.51 -78.13 -22.80
N GLY K 89 40.03 -77.49 -23.85
CA GLY K 89 39.23 -78.21 -24.81
C GLY K 89 37.75 -77.94 -24.66
N GLU K 90 37.38 -76.69 -24.45
CA GLU K 90 36.03 -76.16 -24.48
C GLU K 90 35.23 -76.53 -23.24
N PHE K 91 35.75 -77.35 -22.34
CA PHE K 91 35.00 -77.68 -21.13
C PHE K 91 35.48 -76.89 -19.93
N PHE K 92 36.67 -76.32 -19.98
CA PHE K 92 37.18 -75.52 -18.88
C PHE K 92 38.07 -74.43 -19.44
N ASP K 93 37.88 -73.21 -18.96
CA ASP K 93 38.68 -72.08 -19.36
C ASP K 93 38.99 -71.24 -18.14
N ILE K 94 40.18 -70.66 -18.11
CA ILE K 94 40.63 -69.86 -16.98
C ILE K 94 41.38 -68.65 -17.53
N HIS K 95 41.20 -67.51 -16.90
CA HIS K 95 41.71 -66.23 -17.40
C HIS K 95 42.52 -65.56 -16.30
N LEU K 96 43.84 -65.65 -16.42
CA LEU K 96 44.75 -65.03 -15.45
C LEU K 96 45.16 -63.66 -15.98
N PHE K 97 44.63 -62.61 -15.38
CA PHE K 97 44.94 -61.26 -15.82
C PHE K 97 46.25 -60.78 -15.23
N VAL K 98 46.79 -59.72 -15.83
CA VAL K 98 48.06 -59.17 -15.34
C VAL K 98 47.90 -58.66 -13.93
N ASN K 99 46.79 -58.00 -13.63
CA ASN K 99 46.57 -57.47 -12.28
C ASN K 99 45.86 -58.45 -11.38
N GLY K 100 46.41 -59.67 -11.31
CA GLY K 100 46.10 -60.63 -10.28
C GLY K 100 44.72 -61.23 -10.33
N THR K 101 43.81 -60.69 -11.13
CA THR K 101 42.44 -61.18 -11.17
C THR K 101 42.39 -62.48 -11.96
N VAL K 102 41.59 -63.42 -11.47
CA VAL K 102 41.38 -64.70 -12.14
C VAL K 102 39.89 -64.90 -12.30
N THR K 103 39.47 -65.29 -13.51
CA THR K 103 38.08 -65.63 -13.76
C THR K 103 38.00 -66.98 -14.44
N GLN K 104 37.16 -67.85 -13.92
CA GLN K 104 36.84 -69.13 -14.56
C GLN K 104 35.55 -68.92 -15.33
N GLY K 105 35.63 -69.01 -16.66
CA GLY K 105 34.55 -68.48 -17.48
C GLY K 105 34.50 -66.97 -17.28
N ASP K 106 33.31 -66.45 -17.06
CA ASP K 106 33.15 -65.04 -16.69
C ASP K 106 33.08 -64.84 -15.19
N GLN K 107 33.08 -65.92 -14.40
CA GLN K 107 32.96 -65.82 -12.96
C GLN K 107 34.32 -65.61 -12.33
N ARG K 108 34.43 -64.61 -11.46
CA ARG K 108 35.69 -64.31 -10.80
C ARG K 108 35.95 -65.31 -9.68
N VAL K 109 37.22 -65.69 -9.54
CA VAL K 109 37.66 -66.59 -8.47
C VAL K 109 38.93 -66.00 -7.86
N SER K 110 39.24 -66.46 -6.65
CA SER K 110 40.36 -65.93 -5.88
C SER K 110 41.48 -66.96 -5.81
N MET K 111 42.70 -66.46 -5.77
CA MET K 111 43.86 -67.31 -5.66
C MET K 111 44.17 -67.62 -4.20
N PRO K 112 44.76 -68.79 -3.90
CA PRO K 112 45.10 -69.84 -4.83
C PRO K 112 43.86 -70.60 -5.29
N TYR K 113 43.95 -71.21 -6.47
CA TYR K 113 42.82 -71.90 -7.07
C TYR K 113 43.32 -73.19 -7.68
N ALA K 114 42.54 -74.25 -7.53
CA ALA K 114 42.89 -75.55 -8.07
C ALA K 114 41.64 -76.21 -8.60
N SER K 115 41.70 -76.69 -9.84
CA SER K 115 40.55 -77.34 -10.46
C SER K 115 40.96 -78.04 -11.73
N LYS K 116 40.51 -79.28 -11.88
CA LYS K 116 40.63 -80.03 -13.13
C LYS K 116 42.07 -80.05 -13.63
N GLY K 117 43.00 -80.24 -12.70
CA GLY K 117 44.40 -80.38 -13.05
C GLY K 117 45.16 -79.08 -13.18
N LEU K 118 44.51 -77.93 -13.03
CA LEU K 118 45.15 -76.63 -13.16
C LEU K 118 45.29 -76.01 -11.78
N TYR K 119 46.48 -75.48 -11.50
CA TYR K 119 46.83 -74.93 -10.20
C TYR K 119 47.28 -73.50 -10.40
N LEU K 120 46.58 -72.55 -9.79
CA LEU K 120 46.97 -71.16 -9.80
C LEU K 120 47.54 -70.80 -8.44
N GLU K 121 48.78 -70.32 -8.43
CA GLU K 121 49.50 -70.10 -7.19
C GLU K 121 50.38 -68.87 -7.35
N THR K 122 50.64 -68.19 -6.24
CA THR K 122 51.50 -67.02 -6.25
C THR K 122 52.94 -67.40 -5.91
N GLU K 123 53.50 -68.29 -6.73
CA GLU K 123 54.85 -68.79 -6.49
C GLU K 123 55.87 -67.68 -6.70
N ALA K 124 56.74 -67.49 -5.69
CA ALA K 124 57.83 -66.52 -5.76
C ALA K 124 57.33 -65.13 -6.11
N GLY K 125 56.14 -64.78 -5.65
CA GLY K 125 55.58 -63.48 -5.88
C GLY K 125 55.03 -63.26 -7.27
N TYR K 126 55.04 -64.28 -8.12
CA TYR K 126 54.55 -64.17 -9.49
C TYR K 126 53.42 -65.16 -9.69
N TYR K 127 52.37 -64.73 -10.38
CA TYR K 127 51.17 -65.54 -10.56
C TYR K 127 51.48 -66.74 -11.44
N LYS K 128 51.44 -67.93 -10.86
CA LYS K 128 51.69 -69.17 -11.57
C LYS K 128 50.37 -69.80 -12.01
N LEU K 129 50.43 -70.60 -13.07
CA LEU K 129 49.28 -71.38 -13.53
C LEU K 129 49.87 -72.70 -14.03
N SER K 130 49.88 -73.70 -13.16
CA SER K 130 50.57 -74.94 -13.45
C SER K 130 49.60 -75.97 -14.02
N GLY K 131 50.08 -76.71 -15.01
CA GLY K 131 49.29 -77.72 -15.67
C GLY K 131 50.00 -79.06 -15.78
N GLU K 132 50.71 -79.45 -14.72
CA GLU K 132 51.58 -80.62 -14.74
C GLU K 132 51.00 -81.78 -15.53
N ALA K 133 49.73 -82.11 -15.27
CA ALA K 133 49.12 -83.23 -15.97
C ALA K 133 49.12 -83.01 -17.48
N TYR K 134 48.79 -81.79 -17.90
CA TYR K 134 48.79 -81.44 -19.32
C TYR K 134 50.18 -81.15 -19.85
N GLY K 135 51.17 -81.01 -18.98
CA GLY K 135 52.54 -80.86 -19.42
C GLY K 135 52.95 -79.44 -19.74
N PHE K 136 52.48 -78.48 -18.95
CA PHE K 136 52.86 -77.09 -19.18
C PHE K 136 52.80 -76.33 -17.86
N VAL K 137 53.58 -75.25 -17.80
CA VAL K 137 53.56 -74.33 -16.67
C VAL K 137 53.59 -72.91 -17.22
N ALA K 138 52.66 -72.07 -16.77
CA ALA K 138 52.58 -70.70 -17.20
C ALA K 138 52.81 -69.76 -16.02
N ARG K 139 53.23 -68.54 -16.32
CA ARG K 139 53.54 -67.59 -15.26
C ARG K 139 53.40 -66.17 -15.80
N ILE K 140 52.97 -65.27 -14.93
CA ILE K 140 52.97 -63.83 -15.18
C ILE K 140 53.79 -63.17 -14.10
N ASP K 141 54.81 -62.42 -14.48
CA ASP K 141 55.60 -61.72 -13.49
C ASP K 141 54.91 -60.43 -13.07
N GLY K 142 55.50 -59.74 -12.09
CA GLY K 142 54.90 -58.53 -11.54
C GLY K 142 54.78 -57.40 -12.52
N SER K 143 55.55 -57.41 -13.60
CA SER K 143 55.53 -56.35 -14.59
C SER K 143 54.67 -56.69 -15.81
N GLY K 144 54.05 -57.85 -15.83
CA GLY K 144 53.18 -58.23 -16.93
C GLY K 144 53.79 -59.09 -18.00
N ASN K 145 55.01 -59.56 -17.81
CA ASN K 145 55.64 -60.43 -18.80
C ASN K 145 55.10 -61.85 -18.67
N PHE K 146 54.60 -62.40 -19.76
CA PHE K 146 54.10 -63.76 -19.76
C PHE K 146 55.25 -64.75 -19.88
N GLN K 147 54.97 -65.99 -19.52
CA GLN K 147 55.95 -67.06 -19.61
C GLN K 147 55.19 -68.37 -19.78
N VAL K 148 55.73 -69.26 -20.63
CA VAL K 148 55.16 -70.59 -20.81
C VAL K 148 56.30 -71.58 -20.88
N LEU K 149 56.24 -72.62 -20.06
CA LEU K 149 57.16 -73.75 -20.13
C LEU K 149 56.38 -74.98 -20.57
N LEU K 150 56.83 -75.61 -21.64
CA LEU K 150 56.09 -76.68 -22.28
C LEU K 150 56.97 -77.93 -22.29
N SER K 151 56.40 -79.06 -21.90
CA SER K 151 57.18 -80.26 -21.70
C SER K 151 57.66 -80.83 -23.03
N ASP K 152 58.62 -81.75 -22.94
CA ASP K 152 59.23 -82.32 -24.12
C ASP K 152 58.24 -83.13 -24.95
N ARG K 153 57.14 -83.58 -24.36
CA ARG K 153 56.19 -84.39 -25.10
C ARG K 153 55.58 -83.64 -26.28
N TYR K 154 55.64 -82.31 -26.26
CA TYR K 154 55.12 -81.48 -27.34
C TYR K 154 56.20 -81.06 -28.32
N PHE K 155 57.33 -81.76 -28.34
CA PHE K 155 58.36 -81.49 -29.32
C PHE K 155 57.82 -81.74 -30.72
N ASN K 156 57.85 -80.71 -31.57
CA ASN K 156 57.48 -80.81 -32.97
C ASN K 156 55.99 -81.05 -33.15
N LYS K 157 55.18 -80.75 -32.13
CA LYS K 157 53.75 -81.00 -32.15
C LYS K 157 52.93 -79.82 -31.70
N THR K 158 53.52 -78.63 -31.60
CA THR K 158 52.81 -77.44 -31.16
C THR K 158 52.94 -76.35 -32.20
N CYS K 159 51.99 -75.41 -32.18
CA CYS K 159 52.05 -74.27 -33.07
C CYS K 159 51.26 -73.12 -32.46
N GLY K 160 51.76 -71.91 -32.67
CA GLY K 160 51.20 -70.71 -32.08
C GLY K 160 52.25 -69.63 -32.09
N LEU K 161 51.91 -68.49 -31.48
CA LEU K 161 52.86 -67.38 -31.46
C LEU K 161 54.21 -67.79 -30.90
N CYS K 162 54.23 -68.72 -29.96
CA CYS K 162 55.47 -69.28 -29.49
C CYS K 162 56.15 -70.15 -30.53
N GLY K 163 55.58 -70.28 -31.71
CA GLY K 163 56.18 -71.11 -32.74
C GLY K 163 56.06 -72.58 -32.42
N ASN K 164 56.53 -73.38 -33.36
CA ASN K 164 56.65 -74.81 -33.12
C ASN K 164 57.78 -75.04 -32.12
N PHE K 165 57.98 -76.29 -31.73
CA PHE K 165 59.05 -76.63 -30.80
C PHE K 165 59.91 -77.72 -31.45
N ASN K 166 60.85 -77.26 -32.27
CA ASN K 166 61.91 -78.08 -32.82
C ASN K 166 63.10 -77.15 -32.99
N ILE K 167 64.28 -77.63 -32.61
CA ILE K 167 65.43 -76.77 -32.35
C ILE K 167 65.71 -75.82 -33.50
N PHE K 168 65.35 -76.20 -34.72
CA PHE K 168 65.48 -75.31 -35.86
C PHE K 168 64.62 -74.07 -35.65
N ALA K 169 65.24 -72.91 -35.50
CA ALA K 169 64.51 -71.69 -35.18
C ALA K 169 63.96 -70.99 -36.41
N GLU K 170 64.55 -71.23 -37.59
CA GLU K 170 64.14 -70.51 -38.79
C GLU K 170 62.71 -70.82 -39.20
N ASP K 171 62.15 -71.93 -38.72
CA ASP K 171 60.84 -72.39 -39.14
C ASP K 171 59.74 -72.11 -38.12
N ASP K 172 59.95 -71.15 -37.22
CA ASP K 172 58.98 -70.92 -36.16
C ASP K 172 57.78 -70.13 -36.62
N PHE K 173 57.84 -69.47 -37.78
CA PHE K 173 56.80 -68.55 -38.20
C PHE K 173 55.70 -69.21 -39.02
N MET K 174 55.49 -70.52 -38.83
CA MET K 174 54.44 -71.21 -39.57
C MET K 174 53.08 -70.60 -39.26
N THR K 175 52.33 -70.27 -40.31
CA THR K 175 50.99 -69.76 -40.13
C THR K 175 50.01 -70.90 -39.89
N GLN K 176 48.82 -70.54 -39.42
CA GLN K 176 47.79 -71.54 -39.20
C GLN K 176 47.37 -72.22 -40.49
N GLU K 177 47.58 -71.55 -41.63
CA GLU K 177 47.32 -72.17 -42.92
C GLU K 177 48.36 -73.21 -43.29
N GLY K 178 49.43 -73.34 -42.50
CA GLY K 178 50.44 -74.33 -42.75
C GLY K 178 51.58 -73.88 -43.63
N THR K 179 51.80 -72.57 -43.76
CA THR K 179 52.85 -72.02 -44.60
C THR K 179 53.72 -71.07 -43.80
N LEU K 180 55.01 -71.06 -44.10
CA LEU K 180 55.92 -70.11 -43.49
C LEU K 180 55.69 -68.72 -44.04
N THR K 181 56.12 -67.72 -43.26
CA THR K 181 56.05 -66.34 -43.71
C THR K 181 57.19 -65.56 -43.08
N SER K 182 57.77 -64.66 -43.86
CA SER K 182 58.87 -63.84 -43.38
C SER K 182 58.41 -62.67 -42.52
N ASP K 183 57.10 -62.42 -42.45
CA ASP K 183 56.59 -61.28 -41.71
C ASP K 183 56.05 -61.77 -40.37
N PRO K 184 56.57 -61.28 -39.25
CA PRO K 184 56.01 -61.68 -37.95
C PRO K 184 54.53 -61.40 -37.84
N TYR K 185 54.05 -60.29 -38.41
CA TYR K 185 52.64 -59.95 -38.26
C TYR K 185 51.73 -60.89 -39.04
N ASP K 186 52.14 -61.34 -40.22
CA ASP K 186 51.36 -62.35 -40.91
C ASP K 186 51.17 -63.58 -40.05
N PHE K 187 52.26 -64.08 -39.47
CA PHE K 187 52.24 -65.23 -38.58
C PHE K 187 51.30 -64.99 -37.39
N ALA K 188 51.51 -63.88 -36.69
CA ALA K 188 50.73 -63.62 -35.48
C ALA K 188 49.25 -63.47 -35.80
N ASN K 189 48.92 -62.67 -36.81
CA ASN K 189 47.52 -62.51 -37.18
C ASN K 189 46.92 -63.82 -37.66
N SER K 190 47.73 -64.68 -38.28
CA SER K 190 47.26 -66.01 -38.62
C SER K 190 46.86 -66.79 -37.39
N TRP K 191 47.50 -66.52 -36.26
CA TRP K 191 47.16 -67.21 -35.01
C TRP K 191 46.24 -66.40 -34.12
N ALA K 192 45.38 -65.56 -34.68
CA ALA K 192 44.39 -64.86 -33.87
C ALA K 192 43.17 -65.76 -33.63
N LEU K 193 42.48 -65.50 -32.52
CA LEU K 193 41.28 -66.26 -32.15
C LEU K 193 40.21 -65.28 -31.72
N SER K 194 39.06 -65.32 -32.37
CA SER K 194 37.96 -64.43 -32.07
C SER K 194 36.94 -65.13 -31.18
N SER K 195 36.03 -64.35 -30.62
CA SER K 195 35.00 -64.85 -29.73
C SER K 195 33.69 -64.15 -30.04
N GLY K 196 32.68 -64.46 -29.25
CA GLY K 196 31.36 -63.89 -29.46
C GLY K 196 31.18 -62.48 -28.98
N GLU K 197 32.21 -61.91 -28.36
CA GLU K 197 32.18 -60.51 -27.97
C GLU K 197 33.44 -59.78 -28.39
N GLN K 198 34.29 -60.41 -29.18
CA GLN K 198 35.52 -59.77 -29.65
C GLN K 198 35.95 -60.45 -30.94
N TRP K 199 35.80 -59.76 -32.05
CA TRP K 199 36.22 -60.27 -33.36
C TRP K 199 37.48 -59.53 -33.79
N CYS K 200 38.48 -60.29 -34.20
CA CYS K 200 39.85 -59.79 -34.28
C CYS K 200 40.05 -58.92 -35.53
N GLU K 201 40.62 -57.75 -35.33
CA GLU K 201 41.07 -56.92 -36.45
C GLU K 201 42.49 -57.29 -36.85
N ARG K 202 42.81 -57.04 -38.12
CA ARG K 202 44.15 -57.28 -38.65
C ARG K 202 45.13 -56.32 -37.99
N ALA K 203 46.02 -56.84 -37.16
CA ALA K 203 47.03 -56.01 -36.53
C ALA K 203 48.14 -55.68 -37.51
N SER K 204 48.74 -54.50 -37.36
CA SER K 204 49.80 -54.03 -38.23
C SER K 204 50.83 -53.30 -37.38
N PRO K 205 52.06 -53.20 -37.87
CA PRO K 205 53.11 -52.53 -37.11
C PRO K 205 52.75 -51.09 -36.80
N PRO K 206 53.09 -50.60 -35.62
CA PRO K 206 52.78 -49.21 -35.28
C PRO K 206 53.83 -48.25 -35.83
N SER K 207 53.47 -46.97 -35.84
CA SER K 207 54.41 -45.92 -36.20
C SER K 207 55.44 -45.73 -35.08
N SER K 208 56.65 -45.32 -35.47
CA SER K 208 57.73 -45.24 -34.50
C SER K 208 58.76 -44.21 -34.95
N SER K 209 59.60 -43.81 -33.99
CA SER K 209 60.75 -42.95 -34.24
C SER K 209 62.01 -43.67 -33.77
N CYS K 210 63.07 -43.58 -34.56
CA CYS K 210 64.31 -44.29 -34.26
C CYS K 210 65.51 -43.64 -34.95
N MET K 217 66.68 -43.38 -30.92
CA MET K 217 68.07 -43.75 -30.67
C MET K 217 68.79 -42.67 -29.87
N GLN K 218 69.49 -43.09 -28.82
CA GLN K 218 70.27 -42.17 -28.01
C GLN K 218 71.45 -42.92 -27.41
N LYS K 219 72.64 -42.34 -27.55
CA LYS K 219 73.88 -43.05 -27.21
C LYS K 219 73.92 -43.44 -25.73
N GLY K 220 73.58 -42.50 -24.85
CA GLY K 220 73.61 -42.80 -23.43
C GLY K 220 72.72 -43.96 -23.05
N LEU K 221 71.54 -44.04 -23.67
CA LEU K 221 70.67 -45.18 -23.45
C LEU K 221 71.22 -46.43 -24.12
N TRP K 222 71.88 -46.26 -25.27
CA TRP K 222 72.42 -47.39 -26.02
C TRP K 222 73.50 -48.12 -25.23
N GLU K 223 74.24 -47.40 -24.39
CA GLU K 223 75.20 -48.05 -23.50
C GLU K 223 74.53 -49.12 -22.66
N GLN K 224 73.31 -48.83 -22.17
CA GLN K 224 72.62 -49.80 -21.33
C GLN K 224 72.36 -51.10 -22.07
N CYS K 225 71.96 -51.02 -23.34
CA CYS K 225 71.82 -52.22 -24.13
C CYS K 225 73.15 -52.92 -24.34
N GLN K 226 74.21 -52.13 -24.53
CA GLN K 226 75.53 -52.75 -24.66
C GLN K 226 76.00 -53.46 -23.41
N LEU K 227 75.34 -53.23 -22.27
CA LEU K 227 75.67 -54.00 -21.07
C LEU K 227 75.65 -55.50 -21.33
N LEU K 228 74.74 -55.95 -22.20
CA LEU K 228 74.64 -57.38 -22.48
C LEU K 228 75.95 -57.96 -23.00
N LYS K 229 76.75 -57.15 -23.67
CA LYS K 229 77.98 -57.61 -24.30
C LYS K 229 79.22 -57.33 -23.48
N SER K 230 79.24 -56.23 -22.73
CA SER K 230 80.45 -55.75 -22.09
C SER K 230 80.62 -56.25 -20.66
N THR K 231 79.52 -56.52 -19.97
CA THR K 231 79.58 -56.84 -18.54
C THR K 231 79.99 -58.28 -18.32
N SER K 232 80.78 -58.50 -17.26
CA SER K 232 81.31 -59.83 -17.01
C SER K 232 80.22 -60.83 -16.66
N VAL K 233 79.23 -60.42 -15.87
CA VAL K 233 78.22 -61.37 -15.42
C VAL K 233 77.43 -61.91 -16.60
N PHE K 234 77.05 -61.04 -17.54
CA PHE K 234 76.37 -61.50 -18.74
C PHE K 234 77.29 -62.30 -19.63
N ALA K 235 78.58 -61.99 -19.62
CA ALA K 235 79.54 -62.69 -20.47
C ALA K 235 79.61 -64.17 -20.12
N ARG K 236 79.15 -64.56 -18.94
CA ARG K 236 79.13 -65.98 -18.60
C ARG K 236 78.27 -66.76 -19.56
N CYS K 237 77.21 -66.14 -20.09
CA CYS K 237 76.18 -66.83 -20.83
C CYS K 237 76.46 -66.92 -22.32
N HIS K 238 77.45 -66.20 -22.83
CA HIS K 238 77.70 -66.17 -24.26
C HIS K 238 77.86 -67.56 -24.87
N PRO K 239 78.57 -68.51 -24.25
CA PRO K 239 78.64 -69.84 -24.85
C PRO K 239 77.29 -70.52 -25.00
N LEU K 240 76.29 -70.13 -24.20
CA LEU K 240 74.97 -70.75 -24.26
C LEU K 240 73.97 -69.93 -25.05
N VAL K 241 73.95 -68.62 -24.90
CA VAL K 241 72.95 -67.77 -25.55
C VAL K 241 73.66 -66.60 -26.20
N ASP K 242 73.48 -66.46 -27.51
CA ASP K 242 74.07 -65.34 -28.23
C ASP K 242 73.36 -64.05 -27.83
N PRO K 243 74.08 -63.02 -27.39
CA PRO K 243 73.42 -61.79 -26.95
C PRO K 243 72.98 -60.87 -28.07
N GLU K 244 73.45 -61.09 -29.30
CA GLU K 244 73.21 -60.12 -30.37
C GLU K 244 71.73 -59.90 -30.65
N PRO K 245 70.88 -60.93 -30.78
CA PRO K 245 69.45 -60.66 -30.98
C PRO K 245 68.85 -59.80 -29.88
N PHE K 246 69.25 -60.08 -28.63
CA PHE K 246 68.74 -59.30 -27.52
C PHE K 246 69.24 -57.87 -27.58
N VAL K 247 70.47 -57.67 -28.05
CA VAL K 247 71.00 -56.31 -28.19
C VAL K 247 70.21 -55.53 -29.23
N ALA K 248 69.91 -56.17 -30.37
CA ALA K 248 69.13 -55.49 -31.40
C ALA K 248 67.74 -55.14 -30.87
N LEU K 249 67.10 -56.10 -30.19
CA LEU K 249 65.78 -55.84 -29.62
C LEU K 249 65.85 -54.69 -28.62
N CYS K 250 66.91 -54.66 -27.81
CA CYS K 250 67.09 -53.59 -26.85
C CYS K 250 67.25 -52.25 -27.53
N GLU K 251 68.01 -52.20 -28.62
CA GLU K 251 68.19 -50.96 -29.35
C GLU K 251 66.85 -50.44 -29.88
N LYS K 252 66.05 -51.33 -30.48
CA LYS K 252 64.80 -50.85 -31.05
C LYS K 252 63.78 -50.50 -29.98
N THR K 253 63.82 -51.15 -28.81
CA THR K 253 62.93 -50.71 -27.74
C THR K 253 63.38 -49.39 -27.13
N LEU K 254 64.69 -49.12 -27.14
CA LEU K 254 65.14 -47.77 -26.77
C LEU K 254 64.62 -46.74 -27.76
N CYS K 255 64.63 -47.07 -29.05
CA CYS K 255 63.96 -46.19 -30.01
C CYS K 255 62.49 -46.00 -29.65
N GLU K 256 61.84 -47.07 -29.20
CA GLU K 256 60.46 -46.97 -28.73
C GLU K 256 60.35 -46.37 -27.34
N CYS K 257 61.47 -46.24 -26.62
CA CYS K 257 61.45 -45.82 -25.22
C CYS K 257 60.74 -44.48 -25.04
N ALA K 258 60.14 -44.31 -23.86
CA ALA K 258 59.54 -43.05 -23.43
C ALA K 258 59.96 -42.72 -22.00
N GLY K 259 61.18 -43.10 -21.63
CA GLY K 259 61.67 -42.90 -20.28
C GLY K 259 63.18 -42.87 -20.22
N GLY K 260 63.75 -43.41 -19.15
CA GLY K 260 65.18 -43.39 -18.92
C GLY K 260 65.84 -44.72 -19.23
N LEU K 261 66.90 -45.03 -18.48
CA LEU K 261 67.66 -46.26 -18.72
C LEU K 261 66.83 -47.50 -18.50
N GLU K 262 65.73 -47.42 -17.75
CA GLU K 262 64.93 -48.60 -17.46
C GLU K 262 64.35 -49.24 -18.72
N CYS K 263 64.28 -48.49 -19.82
CA CYS K 263 63.72 -49.05 -21.06
C CYS K 263 64.53 -50.24 -21.57
N ALA K 264 65.80 -50.33 -21.22
CA ALA K 264 66.61 -51.47 -21.63
C ALA K 264 66.38 -52.69 -20.76
N CYS K 265 65.71 -52.53 -19.63
CA CYS K 265 65.59 -53.63 -18.67
C CYS K 265 64.86 -54.85 -19.22
N PRO K 266 63.77 -54.75 -19.99
CA PRO K 266 63.11 -55.97 -20.46
C PRO K 266 64.05 -56.91 -21.21
N ALA K 267 64.92 -56.37 -22.06
CA ALA K 267 65.84 -57.21 -22.81
C ALA K 267 66.82 -57.91 -21.87
N LEU K 268 67.38 -57.17 -20.91
CA LEU K 268 68.31 -57.78 -19.97
C LEU K 268 67.64 -58.87 -19.15
N LEU K 269 66.41 -58.60 -18.67
CA LEU K 269 65.69 -59.57 -17.88
C LEU K 269 65.40 -60.83 -18.69
N GLU K 270 64.95 -60.66 -19.94
CA GLU K 270 64.66 -61.82 -20.77
C GLU K 270 65.93 -62.59 -21.09
N TYR K 271 67.04 -61.89 -21.30
CA TYR K 271 68.30 -62.59 -21.56
C TYR K 271 68.73 -63.40 -20.34
N ALA K 272 68.60 -62.82 -19.15
CA ALA K 272 68.95 -63.54 -17.93
C ALA K 272 68.06 -64.76 -17.75
N ARG K 273 66.76 -64.62 -18.05
CA ARG K 273 65.85 -65.75 -17.91
C ARG K 273 66.13 -66.83 -18.93
N THR K 274 66.48 -66.45 -20.17
CA THR K 274 66.89 -67.43 -21.16
C THR K 274 68.13 -68.19 -20.71
N CYS K 275 69.10 -67.47 -20.16
CA CYS K 275 70.31 -68.11 -19.65
C CYS K 275 69.97 -69.07 -18.52
N ALA K 276 69.11 -68.65 -17.61
CA ALA K 276 68.68 -69.53 -16.53
C ALA K 276 68.02 -70.79 -17.07
N GLN K 277 67.21 -70.65 -18.12
CA GLN K 277 66.62 -71.81 -18.77
C GLN K 277 67.69 -72.72 -19.33
N GLU K 278 68.72 -72.15 -19.95
CA GLU K 278 69.78 -72.97 -20.52
C GLU K 278 70.66 -73.60 -19.46
N GLY K 279 70.75 -73.00 -18.27
CA GLY K 279 71.47 -73.62 -17.18
C GLY K 279 72.27 -72.67 -16.31
N MET K 280 72.69 -71.53 -16.86
CA MET K 280 73.51 -70.57 -16.13
C MET K 280 72.62 -69.50 -15.52
N VAL K 281 72.52 -69.48 -14.21
CA VAL K 281 71.86 -68.41 -13.50
C VAL K 281 72.85 -67.27 -13.29
N LEU K 282 72.47 -66.07 -13.69
CA LEU K 282 73.39 -64.93 -13.70
C LEU K 282 73.24 -64.12 -12.41
N TYR K 283 73.58 -64.76 -11.30
CA TYR K 283 73.23 -64.27 -9.96
C TYR K 283 73.38 -62.76 -9.78
N GLY K 284 74.38 -62.17 -10.41
CA GLY K 284 74.71 -60.77 -10.18
C GLY K 284 74.21 -59.77 -11.19
N TRP K 285 73.34 -60.14 -12.12
CA TRP K 285 73.01 -59.19 -13.17
C TRP K 285 72.20 -58.01 -12.64
N THR K 286 71.43 -58.20 -11.57
CA THR K 286 70.62 -57.12 -11.05
C THR K 286 71.46 -56.05 -10.36
N ASP K 287 72.65 -56.40 -9.87
CA ASP K 287 73.49 -55.42 -9.19
C ASP K 287 74.30 -54.59 -10.17
N HIS K 288 74.88 -55.22 -11.19
CA HIS K 288 75.69 -54.49 -12.16
C HIS K 288 74.85 -53.49 -12.94
N SER K 289 73.66 -53.90 -13.37
CA SER K 289 72.78 -53.05 -14.14
C SER K 289 71.98 -52.13 -13.22
N ALA K 290 71.30 -51.16 -13.83
CA ALA K 290 70.43 -50.24 -13.12
C ALA K 290 69.03 -50.77 -12.96
N CYS K 291 68.76 -52.00 -13.40
CA CYS K 291 67.41 -52.53 -13.41
C CYS K 291 67.03 -53.12 -12.06
N SER K 292 65.73 -53.19 -11.82
CA SER K 292 65.17 -53.77 -10.59
C SER K 292 63.81 -54.32 -10.93
N PRO K 293 63.70 -55.63 -11.20
CA PRO K 293 62.40 -56.21 -11.54
C PRO K 293 61.38 -55.96 -10.44
N VAL K 294 60.14 -55.70 -10.87
CA VAL K 294 59.09 -55.32 -9.93
C VAL K 294 58.76 -56.51 -9.03
N CYS K 295 58.58 -56.23 -7.75
CA CYS K 295 58.15 -57.22 -6.77
C CYS K 295 57.10 -56.59 -5.87
N PRO K 296 56.23 -57.39 -5.27
CA PRO K 296 55.23 -56.83 -4.37
C PRO K 296 55.87 -56.24 -3.12
N ALA K 297 55.10 -55.40 -2.44
CA ALA K 297 55.62 -54.61 -1.34
C ALA K 297 56.35 -55.47 -0.32
N GLY K 298 57.58 -55.07 0.00
CA GLY K 298 58.36 -55.72 1.03
C GLY K 298 59.20 -56.89 0.58
N MET K 299 58.98 -57.42 -0.61
CA MET K 299 59.73 -58.56 -1.10
C MET K 299 60.87 -58.11 -2.00
N GLU K 300 62.00 -58.79 -1.90
CA GLU K 300 63.16 -58.52 -2.73
C GLU K 300 63.15 -59.43 -3.95
N TYR K 301 63.63 -58.90 -5.07
CA TYR K 301 63.86 -59.74 -6.23
C TYR K 301 65.16 -60.50 -6.07
N ARG K 302 65.14 -61.78 -6.41
CA ARG K 302 66.35 -62.58 -6.30
C ARG K 302 66.31 -63.68 -7.34
N GLN K 303 67.48 -64.03 -7.85
CA GLN K 303 67.61 -65.16 -8.76
C GLN K 303 67.64 -66.46 -7.95
N CYS K 304 67.09 -67.50 -8.55
CA CYS K 304 67.16 -68.86 -7.99
C CYS K 304 66.47 -68.93 -6.62
N VAL K 305 65.26 -68.39 -6.56
CA VAL K 305 64.39 -68.57 -5.40
C VAL K 305 63.82 -69.98 -5.44
N SER K 306 63.91 -70.68 -4.33
CA SER K 306 63.36 -72.03 -4.28
C SER K 306 61.84 -71.96 -4.33
N PRO K 307 61.18 -72.75 -5.17
CA PRO K 307 59.72 -72.68 -5.23
C PRO K 307 59.03 -72.99 -3.91
N CYS K 308 59.65 -73.82 -3.08
CA CYS K 308 59.11 -74.17 -1.78
C CYS K 308 59.44 -73.13 -0.71
N ALA K 309 59.11 -71.86 -0.97
CA ALA K 309 59.40 -70.81 -0.01
C ALA K 309 58.60 -71.02 1.27
N ARG K 310 59.20 -70.65 2.40
CA ARG K 310 58.68 -71.00 3.72
C ARG K 310 57.63 -69.99 4.16
N THR K 311 56.36 -70.39 4.08
CA THR K 311 55.30 -69.80 4.86
C THR K 311 55.32 -70.37 6.27
N CYS K 312 54.88 -69.56 7.24
CA CYS K 312 54.82 -70.05 8.61
C CYS K 312 53.98 -71.31 8.72
N GLN K 313 52.71 -71.23 8.34
CA GLN K 313 51.81 -72.38 8.46
C GLN K 313 52.12 -73.38 7.35
N SER K 314 53.33 -73.93 7.42
CA SER K 314 53.78 -74.91 6.45
C SER K 314 54.55 -76.00 7.16
N LEU K 315 54.32 -77.24 6.74
CA LEU K 315 55.05 -78.37 7.32
C LEU K 315 56.50 -78.32 6.88
N HIS K 316 57.40 -78.68 7.80
CA HIS K 316 58.83 -78.63 7.52
C HIS K 316 59.29 -79.85 6.73
N ILE K 317 58.63 -80.11 5.60
CA ILE K 317 58.97 -81.25 4.75
C ILE K 317 59.89 -80.74 3.65
N ASN K 318 61.19 -80.78 3.90
CA ASN K 318 62.17 -80.33 2.93
C ASN K 318 62.56 -81.40 1.93
N GLU K 319 62.34 -82.68 2.26
CA GLU K 319 62.70 -83.77 1.38
C GLU K 319 61.84 -83.81 0.13
N MET K 320 60.64 -83.23 0.18
CA MET K 320 59.75 -83.24 -0.97
C MET K 320 60.25 -82.29 -2.07
N CYS K 321 60.98 -81.25 -1.69
CA CYS K 321 61.33 -80.18 -2.61
C CYS K 321 62.56 -80.56 -3.42
N GLN K 322 62.35 -81.44 -4.39
CA GLN K 322 63.39 -81.83 -5.33
C GLN K 322 63.43 -80.96 -6.57
N GLU K 323 62.55 -79.98 -6.67
CA GLU K 323 62.45 -79.16 -7.87
C GLU K 323 63.63 -78.19 -7.97
N ARG K 324 63.87 -77.71 -9.17
CA ARG K 324 64.88 -76.68 -9.39
C ARG K 324 64.35 -75.32 -8.92
N CYS K 325 65.29 -74.39 -8.74
CA CYS K 325 64.93 -73.06 -8.31
C CYS K 325 64.49 -72.21 -9.49
N VAL K 326 63.84 -71.10 -9.19
CA VAL K 326 63.36 -70.16 -10.19
C VAL K 326 63.70 -68.75 -9.76
N ASP K 327 63.75 -67.84 -10.72
CA ASP K 327 63.84 -66.44 -10.39
C ASP K 327 62.49 -65.91 -9.89
N GLY K 328 62.53 -64.92 -9.04
CA GLY K 328 61.31 -64.34 -8.52
C GLY K 328 61.60 -63.53 -7.27
N CYS K 329 60.51 -63.20 -6.59
CA CYS K 329 60.56 -62.36 -5.40
C CYS K 329 60.62 -63.24 -4.15
N SER K 330 61.24 -62.69 -3.11
CA SER K 330 61.38 -63.39 -1.85
C SER K 330 61.31 -62.39 -0.72
N CYS K 331 60.82 -62.85 0.43
CA CYS K 331 60.87 -62.00 1.62
C CYS K 331 62.32 -61.86 2.07
N PRO K 332 62.66 -60.73 2.68
CA PRO K 332 64.03 -60.54 3.18
C PRO K 332 64.42 -61.65 4.13
N GLU K 333 65.72 -61.88 4.22
CA GLU K 333 66.24 -62.98 5.02
C GLU K 333 65.75 -62.88 6.46
N GLY K 334 65.33 -64.01 7.01
CA GLY K 334 64.80 -64.07 8.35
C GLY K 334 63.31 -63.87 8.46
N GLN K 335 62.67 -63.33 7.44
CA GLN K 335 61.23 -63.16 7.43
C GLN K 335 60.55 -64.32 6.72
N LEU K 336 59.24 -64.46 6.98
CA LEU K 336 58.44 -65.54 6.43
C LEU K 336 57.16 -64.96 5.84
N LEU K 337 56.58 -65.72 4.92
CA LEU K 337 55.33 -65.33 4.29
C LEU K 337 54.15 -65.65 5.19
N ASP K 338 53.12 -64.80 5.12
CA ASP K 338 51.89 -65.02 5.86
C ASP K 338 50.77 -64.32 5.09
N GLU K 339 49.96 -65.10 4.37
CA GLU K 339 48.91 -64.56 3.52
C GLU K 339 49.48 -63.57 2.50
N GLY K 340 50.66 -63.89 1.97
CA GLY K 340 51.31 -63.07 0.98
C GLY K 340 52.18 -61.96 1.54
N LEU K 341 51.98 -61.58 2.80
CA LEU K 341 52.80 -60.56 3.41
C LEU K 341 54.00 -61.20 4.11
N CYS K 342 55.07 -60.42 4.27
CA CYS K 342 56.27 -60.89 4.92
C CYS K 342 56.23 -60.50 6.39
N VAL K 343 56.49 -61.48 7.26
CA VAL K 343 56.44 -61.29 8.70
C VAL K 343 57.68 -61.90 9.32
N GLU K 344 58.01 -61.44 10.51
CA GLU K 344 59.12 -62.03 11.26
C GLU K 344 58.75 -63.44 11.70
N SER K 345 59.77 -64.28 11.85
CA SER K 345 59.52 -65.68 12.20
C SER K 345 58.78 -65.80 13.52
N THR K 346 59.04 -64.89 14.47
CA THR K 346 58.36 -64.91 15.76
C THR K 346 57.05 -64.14 15.75
N GLU K 347 56.83 -63.30 14.76
CA GLU K 347 55.64 -62.45 14.71
C GLU K 347 54.42 -63.19 14.18
N CYS K 348 54.59 -64.31 13.59
CA CYS K 348 53.56 -64.78 12.69
C CYS K 348 52.60 -65.77 13.37
N PRO K 349 51.35 -65.76 12.95
CA PRO K 349 50.26 -66.26 13.81
C PRO K 349 49.97 -67.74 13.64
N CYS K 350 49.08 -68.22 14.51
CA CYS K 350 48.47 -69.54 14.40
C CYS K 350 47.17 -69.45 13.61
N VAL K 351 46.74 -70.59 13.09
CA VAL K 351 45.51 -70.69 12.33
C VAL K 351 44.59 -71.71 13.00
N HIS K 352 43.32 -71.35 13.14
CA HIS K 352 42.32 -72.27 13.63
C HIS K 352 40.96 -71.88 13.08
N SER K 353 40.17 -72.88 12.69
CA SER K 353 38.83 -72.64 12.16
C SER K 353 38.85 -71.70 10.96
N GLY K 354 39.94 -71.68 10.22
CA GLY K 354 40.09 -70.77 9.11
C GLY K 354 40.44 -69.36 9.50
N LYS K 355 40.63 -69.08 10.79
CA LYS K 355 40.98 -67.76 11.28
C LYS K 355 42.42 -67.76 11.76
N ARG K 356 43.06 -66.60 11.68
CA ARG K 356 44.42 -66.42 12.16
C ARG K 356 44.40 -65.62 13.46
N TYR K 357 45.16 -66.08 14.45
CA TYR K 357 45.23 -65.42 15.74
C TYR K 357 46.68 -65.08 16.07
N PRO K 358 46.95 -63.89 16.58
CA PRO K 358 48.33 -63.52 16.93
C PRO K 358 48.88 -64.42 18.01
N PRO K 359 50.21 -64.47 18.17
CA PRO K 359 50.78 -65.26 19.26
C PRO K 359 50.33 -64.76 20.62
N GLY K 360 50.22 -65.70 21.55
CA GLY K 360 49.79 -65.39 22.89
C GLY K 360 48.29 -65.40 23.10
N THR K 361 47.51 -65.45 22.03
CA THR K 361 46.06 -65.51 22.18
C THR K 361 45.64 -66.86 22.75
N SER K 362 44.53 -66.85 23.47
CA SER K 362 44.00 -68.03 24.10
C SER K 362 42.60 -68.31 23.57
N LEU K 363 42.34 -69.58 23.27
CA LEU K 363 41.04 -70.03 22.82
C LEU K 363 40.55 -71.14 23.75
N SER K 364 39.26 -71.10 24.05
CA SER K 364 38.66 -72.08 24.93
C SER K 364 37.98 -73.19 24.14
N ARG K 365 38.02 -74.40 24.68
CA ARG K 365 37.31 -75.55 24.14
C ARG K 365 36.68 -76.24 25.34
N ASP K 366 35.45 -75.82 25.66
CA ASP K 366 34.84 -76.14 26.94
C ASP K 366 35.75 -75.71 28.09
N CYS K 367 36.12 -76.66 28.95
CA CYS K 367 36.92 -76.34 30.12
C CYS K 367 38.40 -76.21 29.80
N ASN K 368 38.83 -76.55 28.60
CA ASN K 368 40.22 -76.45 28.20
C ASN K 368 40.50 -75.11 27.53
N THR K 369 41.77 -74.73 27.50
CA THR K 369 42.23 -73.55 26.79
C THR K 369 43.43 -73.93 25.93
N CYS K 370 43.57 -73.25 24.80
CA CYS K 370 44.66 -73.48 23.86
C CYS K 370 45.37 -72.16 23.60
N ILE K 371 46.69 -72.15 23.77
CA ILE K 371 47.49 -70.93 23.65
C ILE K 371 48.29 -71.00 22.36
N CYS K 372 48.25 -69.93 21.57
CA CYS K 372 49.03 -69.85 20.34
C CYS K 372 50.46 -69.49 20.68
N ARG K 373 51.38 -70.40 20.40
CA ARG K 373 52.81 -70.16 20.58
C ARG K 373 53.54 -70.70 19.36
N ASN K 374 54.45 -69.91 18.81
CA ASN K 374 55.03 -70.17 17.49
C ASN K 374 53.84 -70.28 16.54
N SER K 375 53.79 -71.29 15.67
CA SER K 375 52.62 -71.52 14.86
C SER K 375 51.66 -72.53 15.48
N GLN K 376 52.01 -73.10 16.62
CA GLN K 376 51.27 -74.18 17.24
C GLN K 376 50.35 -73.66 18.33
N TRP K 377 49.44 -74.54 18.76
CA TRP K 377 48.56 -74.30 19.88
C TRP K 377 48.96 -75.20 21.04
N ILE K 378 49.07 -74.62 22.22
CA ILE K 378 49.36 -75.38 23.43
C ILE K 378 48.04 -75.54 24.17
N CYS K 379 47.52 -76.75 24.22
CA CYS K 379 46.16 -77.01 24.69
C CYS K 379 46.18 -77.69 26.05
N SER K 380 45.04 -77.57 26.75
CA SER K 380 45.01 -77.81 28.19
C SER K 380 44.88 -79.28 28.58
N ASN K 381 44.51 -80.17 27.67
CA ASN K 381 44.56 -81.62 27.92
C ASN K 381 43.96 -82.03 29.27
N GLU K 382 42.72 -81.61 29.52
CA GLU K 382 42.05 -81.99 30.76
C GLU K 382 40.61 -82.40 30.43
N GLU K 383 40.05 -83.23 31.31
CA GLU K 383 38.70 -83.72 31.12
C GLU K 383 37.68 -82.64 31.47
N CYS K 384 36.68 -82.47 30.64
CA CYS K 384 35.59 -81.55 30.85
C CYS K 384 34.31 -82.30 31.20
N PRO K 385 33.29 -81.62 31.71
CA PRO K 385 32.05 -82.31 32.08
C PRO K 385 31.44 -83.05 30.91
N GLY K 386 30.91 -84.23 31.19
CA GLY K 386 30.27 -85.05 30.17
C GLY K 386 28.77 -84.81 30.12
N GLU K 387 28.25 -84.67 28.92
CA GLU K 387 26.82 -84.41 28.70
C GLU K 387 26.24 -85.52 27.84
N CYS K 388 25.45 -86.38 28.44
CA CYS K 388 24.67 -87.36 27.70
C CYS K 388 23.32 -86.76 27.37
N LEU K 389 22.78 -87.12 26.23
CA LEU K 389 21.59 -86.46 25.72
C LEU K 389 20.65 -87.45 25.06
N VAL K 390 19.37 -87.35 25.39
CA VAL K 390 18.30 -88.01 24.66
C VAL K 390 17.34 -86.92 24.22
N THR K 391 17.16 -86.75 22.91
CA THR K 391 16.59 -85.50 22.45
C THR K 391 15.54 -85.65 21.36
N GLY K 392 14.84 -86.77 21.31
CA GLY K 392 13.82 -86.87 20.30
C GLY K 392 13.28 -88.26 20.12
N GLN K 393 13.16 -88.71 18.88
CA GLN K 393 12.69 -90.06 18.60
C GLN K 393 13.84 -91.04 18.84
N SER K 394 14.29 -91.08 20.08
CA SER K 394 15.32 -92.01 20.54
C SER K 394 16.68 -91.69 19.95
N HIS K 395 16.97 -90.42 19.73
CA HIS K 395 18.32 -90.00 19.39
C HIS K 395 19.13 -89.80 20.66
N PHE K 396 20.36 -90.29 20.63
CA PHE K 396 21.22 -90.31 21.81
C PHE K 396 22.54 -89.63 21.50
N LYS K 397 23.16 -89.10 22.54
CA LYS K 397 24.57 -88.74 22.51
C LYS K 397 25.22 -89.29 23.77
N SER K 398 26.23 -90.12 23.59
CA SER K 398 26.94 -90.64 24.74
C SER K 398 27.75 -89.53 25.39
N PHE K 399 28.27 -89.83 26.58
CA PHE K 399 29.13 -88.86 27.25
C PHE K 399 30.37 -88.54 26.44
N ASP K 400 30.78 -89.45 25.54
CA ASP K 400 31.92 -89.24 24.67
C ASP K 400 31.53 -88.79 23.26
N ASN K 401 30.33 -88.25 23.11
CA ASN K 401 29.86 -87.65 21.87
C ASN K 401 29.66 -88.68 20.76
N ARG K 402 29.28 -89.90 21.10
CA ARG K 402 28.86 -90.87 20.10
C ARG K 402 27.37 -90.72 19.87
N TYR K 403 27.00 -90.17 18.73
CA TYR K 403 25.60 -90.05 18.37
C TYR K 403 25.08 -91.36 17.84
N PHE K 404 23.85 -91.70 18.22
CA PHE K 404 23.22 -92.89 17.69
C PHE K 404 21.73 -92.81 17.96
N THR K 405 20.97 -93.62 17.23
CA THR K 405 19.53 -93.75 17.40
C THR K 405 19.21 -95.21 17.64
N PHE K 406 18.33 -95.49 18.60
CA PHE K 406 18.12 -96.87 18.98
C PHE K 406 16.67 -97.32 18.88
N SER K 407 15.70 -96.50 19.27
CA SER K 407 14.28 -96.76 19.04
C SER K 407 13.77 -98.03 19.72
N GLY K 408 14.37 -98.46 20.81
CA GLY K 408 13.86 -99.61 21.53
C GLY K 408 12.73 -99.22 22.47
N ILE K 409 11.83 -100.17 22.72
CA ILE K 409 10.68 -99.92 23.57
C ILE K 409 10.81 -100.77 24.83
N CYS K 410 11.42 -100.20 25.87
CA CYS K 410 11.55 -100.82 27.18
C CYS K 410 12.08 -99.77 28.13
N GLN K 411 12.35 -100.19 29.37
CA GLN K 411 13.10 -99.39 30.32
C GLN K 411 14.58 -99.74 30.19
N TYR K 412 15.39 -98.75 29.84
CA TYR K 412 16.80 -98.96 29.54
C TYR K 412 17.66 -98.18 30.52
N LEU K 413 18.78 -98.77 30.93
CA LEU K 413 19.70 -98.11 31.85
C LEU K 413 20.46 -97.04 31.08
N LEU K 414 20.05 -95.79 31.27
CA LEU K 414 20.65 -94.70 30.52
C LEU K 414 22.06 -94.39 31.00
N ALA K 415 22.22 -94.20 32.31
CA ALA K 415 23.53 -93.90 32.87
C ALA K 415 23.55 -94.32 34.33
N ARG K 416 24.63 -94.98 34.74
CA ARG K 416 24.76 -95.44 36.11
C ARG K 416 26.23 -95.38 36.49
N ASP K 417 26.49 -95.18 37.78
CA ASP K 417 27.85 -95.25 38.31
C ASP K 417 28.10 -96.69 38.75
N CYS K 418 28.53 -97.53 37.82
CA CYS K 418 28.77 -98.93 38.14
C CYS K 418 29.93 -99.13 39.10
N GLN K 419 30.72 -98.09 39.37
CA GLN K 419 31.87 -98.24 40.27
C GLN K 419 31.49 -98.02 41.73
N ASP K 420 30.78 -96.94 42.02
CA ASP K 420 30.40 -96.62 43.39
C ASP K 420 28.89 -96.57 43.62
N HIS K 421 28.09 -96.72 42.58
CA HIS K 421 26.62 -96.70 42.68
C HIS K 421 26.12 -95.41 43.32
N SER K 422 26.77 -94.30 42.97
CA SER K 422 26.33 -93.00 43.45
C SER K 422 24.94 -92.64 42.96
N PHE K 423 24.57 -93.10 41.76
CA PHE K 423 23.30 -92.78 41.14
C PHE K 423 22.98 -93.82 40.09
N SER K 424 21.76 -93.78 39.57
CA SER K 424 21.31 -94.72 38.54
C SER K 424 20.13 -94.11 37.82
N ILE K 425 20.27 -93.86 36.53
CA ILE K 425 19.25 -93.19 35.73
C ILE K 425 18.66 -94.19 34.73
N VAL K 426 17.34 -94.30 34.69
CA VAL K 426 16.64 -95.21 33.80
C VAL K 426 15.59 -94.43 33.02
N ILE K 427 15.45 -94.75 31.74
CA ILE K 427 14.48 -94.09 30.87
C ILE K 427 13.45 -95.10 30.40
N GLU K 428 12.19 -94.67 30.37
CA GLU K 428 11.09 -95.49 29.86
C GLU K 428 10.72 -94.99 28.48
N THR K 429 10.91 -95.83 27.47
CA THR K 429 10.65 -95.48 26.09
C THR K 429 9.34 -96.11 25.61
N VAL K 430 8.56 -95.33 24.87
CA VAL K 430 7.33 -95.80 24.28
C VAL K 430 7.30 -95.34 22.83
N GLN K 431 6.52 -96.05 22.03
CA GLN K 431 6.22 -95.55 20.69
C GLN K 431 5.45 -94.25 20.81
N CYS K 432 5.91 -93.22 20.12
CA CYS K 432 5.37 -91.88 20.30
C CYS K 432 4.57 -91.41 19.11
N ALA K 433 4.21 -92.31 18.20
CA ALA K 433 3.34 -91.99 17.07
C ALA K 433 2.92 -93.31 16.44
N ASP K 434 2.21 -93.21 15.32
CA ASP K 434 1.77 -94.42 14.62
C ASP K 434 2.94 -95.17 14.01
N ASP K 435 3.95 -94.46 13.54
CA ASP K 435 5.07 -95.09 12.86
C ASP K 435 5.86 -95.98 13.81
N ARG K 436 6.35 -97.10 13.28
CA ARG K 436 7.23 -97.96 14.07
C ARG K 436 8.52 -97.25 14.43
N ASP K 437 8.94 -96.26 13.64
CA ASP K 437 10.19 -95.55 13.87
C ASP K 437 10.08 -94.46 14.92
N ALA K 438 8.87 -94.10 15.36
CA ALA K 438 8.68 -93.03 16.31
C ALA K 438 8.63 -93.61 17.72
N VAL K 439 9.79 -93.65 18.37
CA VAL K 439 9.90 -94.10 19.75
C VAL K 439 10.64 -93.02 20.52
N CYS K 440 10.03 -92.52 21.59
CA CYS K 440 10.66 -91.47 22.39
C CYS K 440 10.43 -91.74 23.85
N THR K 441 11.27 -91.13 24.69
CA THR K 441 11.24 -91.37 26.12
C THR K 441 10.01 -90.74 26.76
N ARG K 442 9.29 -91.53 27.55
CA ARG K 442 8.10 -91.02 28.22
C ARG K 442 8.43 -90.46 29.61
N SER K 443 9.19 -91.20 30.39
CA SER K 443 9.49 -90.79 31.76
C SER K 443 10.92 -91.21 32.10
N VAL K 444 11.47 -90.57 33.13
CA VAL K 444 12.82 -90.83 33.60
C VAL K 444 12.77 -91.21 35.06
N THR K 445 13.64 -92.13 35.46
CA THR K 445 13.70 -92.59 36.85
C THR K 445 15.14 -92.51 37.32
N VAL K 446 15.34 -91.99 38.53
CA VAL K 446 16.66 -91.74 39.09
C VAL K 446 16.71 -92.32 40.50
N ARG K 447 17.61 -93.27 40.73
CA ARG K 447 17.88 -93.76 42.08
C ARG K 447 19.08 -93.03 42.66
N LEU K 448 18.98 -92.70 43.94
CA LEU K 448 20.02 -91.97 44.66
C LEU K 448 20.32 -92.74 45.94
N PRO K 449 21.08 -93.82 45.86
CA PRO K 449 21.28 -94.68 47.05
C PRO K 449 21.79 -93.93 48.27
N GLY K 450 22.64 -92.92 48.08
CA GLY K 450 23.17 -92.17 49.20
C GLY K 450 22.11 -91.33 49.90
N LEU K 451 21.05 -90.98 49.19
CA LEU K 451 19.91 -90.27 49.77
C LEU K 451 18.81 -91.26 50.18
N HIS K 452 19.21 -92.14 51.10
CA HIS K 452 18.35 -93.18 51.67
C HIS K 452 17.57 -93.98 50.61
N ASN K 453 18.24 -94.24 49.49
CA ASN K 453 17.67 -94.96 48.34
C ASN K 453 16.42 -94.28 47.76
N SER K 454 16.44 -92.95 47.72
CA SER K 454 15.37 -92.20 47.08
C SER K 454 15.21 -92.57 45.61
N LEU K 455 13.95 -92.62 45.15
CA LEU K 455 13.59 -92.97 43.78
C LEU K 455 12.79 -91.83 43.15
N VAL K 456 13.48 -90.87 42.54
CA VAL K 456 12.80 -89.79 41.83
C VAL K 456 12.33 -90.27 40.48
N LYS K 457 11.12 -89.89 40.09
CA LYS K 457 10.60 -90.15 38.76
C LYS K 457 10.23 -88.84 38.08
N LEU K 458 10.90 -88.51 37.00
CA LEU K 458 10.54 -87.35 36.20
C LEU K 458 9.54 -87.79 35.14
N LYS K 459 8.34 -87.23 35.19
CA LYS K 459 7.21 -87.70 34.42
C LYS K 459 6.99 -86.85 33.17
N HIS K 460 6.18 -87.39 32.26
CA HIS K 460 5.75 -86.64 31.09
C HIS K 460 4.95 -85.42 31.53
N GLY K 461 5.13 -84.32 30.82
CA GLY K 461 4.56 -83.07 31.25
C GLY K 461 5.36 -82.30 32.28
N ALA K 462 6.56 -82.78 32.62
CA ALA K 462 7.50 -82.12 33.52
C ALA K 462 7.09 -82.21 34.98
N GLY K 463 6.23 -83.14 35.33
CA GLY K 463 5.97 -83.41 36.72
C GLY K 463 7.06 -84.26 37.34
N VAL K 464 7.09 -84.29 38.67
CA VAL K 464 8.07 -85.06 39.42
C VAL K 464 7.35 -85.82 40.51
N ALA K 465 7.76 -87.06 40.74
CA ALA K 465 7.37 -87.81 41.91
C ALA K 465 8.61 -88.29 42.64
N MET K 466 8.47 -88.50 43.95
CA MET K 466 9.57 -89.02 44.75
C MET K 466 9.03 -90.11 45.67
N ASP K 467 9.62 -91.31 45.57
CA ASP K 467 9.11 -92.50 46.25
C ASP K 467 7.61 -92.68 46.04
N GLY K 468 7.14 -92.32 44.85
CA GLY K 468 5.74 -92.41 44.49
C GLY K 468 4.88 -91.25 44.92
N GLN K 469 5.37 -90.40 45.82
CA GLN K 469 4.65 -89.19 46.20
C GLN K 469 4.88 -88.13 45.12
N ASP K 470 3.82 -87.61 44.53
CA ASP K 470 3.96 -86.43 43.69
C ASP K 470 4.37 -85.24 44.53
N VAL K 471 5.38 -84.52 44.09
CA VAL K 471 6.01 -83.48 44.90
C VAL K 471 5.92 -82.14 44.19
N GLN K 472 5.93 -81.09 45.01
CA GLN K 472 5.74 -79.71 44.58
C GLN K 472 7.10 -79.02 44.58
N LEU K 473 7.40 -78.27 43.53
CA LEU K 473 8.74 -77.76 43.26
C LEU K 473 8.82 -76.26 43.53
N PRO K 474 10.00 -75.74 43.90
CA PRO K 474 11.28 -76.41 44.09
C PRO K 474 11.38 -77.30 45.30
N LEU K 475 12.16 -78.36 45.18
CA LEU K 475 12.41 -79.31 46.25
C LEU K 475 13.87 -79.24 46.66
N LEU K 476 14.12 -78.92 47.92
CA LEU K 476 15.45 -78.97 48.53
C LEU K 476 15.45 -80.05 49.59
N LYS K 477 16.29 -81.06 49.42
CA LYS K 477 16.27 -82.21 50.32
C LYS K 477 17.68 -82.80 50.38
N GLY K 478 18.46 -82.33 51.34
CA GLY K 478 19.86 -82.71 51.40
C GLY K 478 20.61 -82.19 50.20
N ASP K 479 21.43 -83.06 49.60
CA ASP K 479 22.15 -82.73 48.38
C ASP K 479 21.24 -82.61 47.17
N LEU K 480 20.08 -83.25 47.19
CA LEU K 480 19.16 -83.21 46.05
C LEU K 480 18.43 -81.88 45.96
N ARG K 481 18.42 -81.31 44.76
CA ARG K 481 17.73 -80.06 44.46
C ARG K 481 16.99 -80.24 43.14
N ILE K 482 15.73 -79.86 43.10
CA ILE K 482 14.91 -79.96 41.90
C ILE K 482 14.13 -78.66 41.73
N GLN K 483 14.14 -78.09 40.54
CA GLN K 483 13.47 -76.82 40.34
C GLN K 483 13.13 -76.63 38.86
N HIS K 484 12.12 -75.81 38.61
CA HIS K 484 11.72 -75.48 37.25
C HIS K 484 12.69 -74.50 36.62
N THR K 485 13.15 -74.80 35.42
CA THR K 485 13.93 -73.87 34.63
C THR K 485 13.00 -72.82 34.00
N VAL K 486 13.60 -71.74 33.51
CA VAL K 486 12.83 -70.70 32.82
C VAL K 486 12.06 -71.29 31.64
N THR K 487 12.58 -72.35 31.03
CA THR K 487 11.91 -73.04 29.94
C THR K 487 10.78 -73.95 30.41
N ALA K 488 10.46 -73.95 31.70
CA ALA K 488 9.52 -74.86 32.35
C ALA K 488 10.09 -76.28 32.46
N SER K 489 11.32 -76.50 32.04
CA SER K 489 11.94 -77.80 32.17
C SER K 489 12.40 -78.03 33.60
N VAL K 490 12.22 -79.24 34.08
CA VAL K 490 12.66 -79.60 35.43
C VAL K 490 14.16 -79.83 35.42
N ARG K 491 14.87 -79.11 36.28
CA ARG K 491 16.31 -79.27 36.47
C ARG K 491 16.58 -79.93 37.81
N LEU K 492 17.27 -81.06 37.78
CA LEU K 492 17.63 -81.81 38.97
C LEU K 492 19.14 -81.72 39.18
N SER K 493 19.54 -81.58 40.43
CA SER K 493 20.95 -81.55 40.81
C SER K 493 21.14 -82.40 42.05
N TYR K 494 22.27 -83.09 42.13
CA TYR K 494 22.56 -83.92 43.28
C TYR K 494 24.04 -83.79 43.62
N GLY K 495 24.33 -82.99 44.65
CA GLY K 495 25.66 -82.50 44.87
C GLY K 495 26.07 -81.50 43.81
N GLU K 496 27.37 -81.51 43.50
CA GLU K 496 27.92 -80.78 42.35
C GLU K 496 28.09 -81.66 41.13
N ASP K 497 28.26 -82.96 41.32
CA ASP K 497 28.78 -83.87 40.30
C ASP K 497 27.72 -84.45 39.38
N LEU K 498 26.44 -84.35 39.70
CA LEU K 498 25.38 -84.84 38.82
C LEU K 498 24.33 -83.77 38.61
N GLN K 499 23.90 -83.61 37.37
CA GLN K 499 22.80 -82.71 37.04
C GLN K 499 22.02 -83.29 35.87
N MET K 500 20.73 -82.97 35.83
CA MET K 500 19.82 -83.42 34.79
C MET K 500 18.89 -82.29 34.43
N ASP K 501 18.37 -82.32 33.20
CA ASP K 501 17.45 -81.29 32.74
C ASP K 501 16.41 -81.94 31.85
N TRP K 502 15.17 -81.99 32.30
CA TRP K 502 14.09 -82.77 31.70
C TRP K 502 13.01 -81.84 31.24
N ASP K 503 12.73 -81.83 29.93
CA ASP K 503 11.74 -80.91 29.40
C ASP K 503 10.32 -81.42 29.47
N GLY K 504 10.12 -82.69 29.78
CA GLY K 504 8.81 -83.25 29.89
C GLY K 504 8.21 -83.77 28.60
N ARG K 505 8.76 -83.39 27.45
CA ARG K 505 8.27 -83.87 26.18
C ARG K 505 9.08 -85.03 25.65
N GLY K 506 10.27 -85.28 26.21
CA GLY K 506 11.08 -86.39 25.77
C GLY K 506 12.55 -86.09 25.69
N ARG K 507 12.93 -84.84 25.92
CA ARG K 507 14.34 -84.45 25.88
C ARG K 507 14.93 -84.51 27.29
N LEU K 508 16.04 -85.21 27.43
CA LEU K 508 16.75 -85.33 28.69
C LEU K 508 18.22 -85.07 28.46
N LEU K 509 18.80 -84.15 29.24
CA LEU K 509 20.22 -83.86 29.21
C LEU K 509 20.82 -84.15 30.57
N VAL K 510 21.79 -85.06 30.62
CA VAL K 510 22.47 -85.44 31.85
C VAL K 510 23.90 -84.92 31.81
N LYS K 511 24.26 -84.09 32.79
CA LYS K 511 25.60 -83.53 32.87
C LYS K 511 26.32 -84.08 34.10
N LEU K 512 27.43 -84.78 33.87
CA LEU K 512 28.29 -85.27 34.93
C LEU K 512 29.59 -84.48 34.99
N SER K 513 30.03 -84.14 36.20
CA SER K 513 31.35 -83.56 36.38
C SER K 513 32.43 -84.61 36.12
N PRO K 514 33.68 -84.18 35.95
CA PRO K 514 34.77 -85.14 35.72
C PRO K 514 34.95 -86.19 36.79
N VAL K 515 34.34 -86.01 37.96
CA VAL K 515 34.47 -86.99 39.04
C VAL K 515 33.99 -88.37 38.63
N TYR K 516 33.03 -88.44 37.71
CA TYR K 516 32.48 -89.71 37.24
C TYR K 516 33.15 -90.26 35.98
N ALA K 517 34.19 -89.61 35.48
CA ALA K 517 34.85 -90.09 34.27
C ALA K 517 35.34 -91.51 34.46
N GLY K 518 35.03 -92.38 33.50
CA GLY K 518 35.40 -93.77 33.56
C GLY K 518 34.56 -94.62 34.47
N LYS K 519 33.84 -94.02 35.41
CA LYS K 519 33.02 -94.76 36.36
C LYS K 519 31.64 -95.10 35.83
N THR K 520 31.24 -94.54 34.70
CA THR K 520 29.86 -94.57 34.25
C THR K 520 29.61 -95.82 33.40
N CYS K 521 28.34 -96.15 33.22
CA CYS K 521 27.92 -97.33 32.49
C CYS K 521 26.48 -97.13 32.05
N GLY K 522 26.08 -97.83 31.00
CA GLY K 522 24.76 -97.70 30.43
C GLY K 522 24.80 -97.21 29.00
N LEU K 523 23.62 -96.87 28.48
CA LEU K 523 23.53 -96.38 27.10
C LEU K 523 24.42 -95.17 26.87
N CYS K 524 24.61 -94.33 27.88
CA CYS K 524 25.44 -93.15 27.71
C CYS K 524 26.92 -93.45 27.62
N GLY K 525 27.33 -94.70 27.81
CA GLY K 525 28.72 -95.05 27.70
C GLY K 525 29.47 -94.89 29.00
N ASN K 526 30.76 -95.20 28.94
CA ASN K 526 31.61 -95.19 30.12
C ASN K 526 32.28 -93.86 30.40
N TYR K 527 32.01 -92.83 29.61
CA TYR K 527 32.49 -91.48 29.87
C TYR K 527 33.99 -91.47 30.11
N ASN K 528 34.74 -91.84 29.07
CA ASN K 528 36.20 -91.88 29.13
C ASN K 528 36.84 -91.19 27.94
N GLY K 529 36.13 -90.27 27.28
CA GLY K 529 36.72 -89.51 26.20
C GLY K 529 36.95 -90.26 24.92
N ASN K 530 36.33 -91.43 24.75
CA ASN K 530 36.54 -92.26 23.58
C ASN K 530 35.20 -92.73 23.03
N GLN K 531 34.95 -92.45 21.76
CA GLN K 531 33.73 -92.94 21.12
C GLN K 531 33.81 -94.44 20.84
N GLY K 532 35.01 -94.98 20.72
CA GLY K 532 35.17 -96.33 20.21
C GLY K 532 34.51 -97.40 21.05
N ASP K 533 34.49 -97.23 22.37
CA ASP K 533 34.01 -98.26 23.27
C ASP K 533 32.65 -97.92 23.87
N ASP K 534 31.92 -96.97 23.28
CA ASP K 534 30.65 -96.58 23.88
C ASP K 534 29.56 -97.63 23.66
N PHE K 535 29.73 -98.52 22.68
CA PHE K 535 28.80 -99.63 22.54
C PHE K 535 29.18 -100.82 23.41
N LEU K 536 29.93 -100.60 24.48
CA LEU K 536 30.17 -101.65 25.46
C LEU K 536 28.86 -102.12 26.06
N THR K 537 28.87 -103.35 26.55
CA THR K 537 27.70 -104.00 27.13
C THR K 537 28.10 -104.65 28.44
N PRO K 538 27.14 -104.95 29.32
CA PRO K 538 27.49 -105.61 30.57
C PRO K 538 28.24 -106.92 30.38
N SER K 539 28.17 -107.52 29.19
CA SER K 539 28.97 -108.70 28.90
C SER K 539 30.46 -108.40 28.84
N GLY K 540 30.84 -107.13 28.78
CA GLY K 540 32.23 -106.75 28.71
C GLY K 540 32.79 -106.54 27.32
N LEU K 541 32.01 -106.82 26.28
CA LEU K 541 32.45 -106.64 24.91
C LEU K 541 31.63 -105.55 24.23
N ALA K 542 32.22 -104.95 23.21
CA ALA K 542 31.58 -103.87 22.48
C ALA K 542 30.82 -104.45 21.29
N GLU K 543 29.53 -104.19 21.25
CA GLU K 543 28.69 -104.67 20.15
C GLU K 543 28.87 -103.77 18.93
N PRO K 544 29.16 -104.32 17.76
CA PRO K 544 29.28 -103.49 16.56
C PRO K 544 27.96 -102.91 16.08
N ARG K 545 26.84 -103.43 16.56
CA ARG K 545 25.51 -103.01 16.12
C ARG K 545 24.81 -102.27 17.24
N VAL K 546 24.16 -101.15 16.89
CA VAL K 546 23.45 -100.39 17.90
C VAL K 546 22.30 -101.19 18.48
N GLU K 547 21.66 -102.03 17.67
CA GLU K 547 20.52 -102.80 18.15
C GLU K 547 20.92 -103.74 19.28
N ASP K 548 21.96 -104.55 19.08
CA ASP K 548 22.41 -105.46 20.13
C ASP K 548 22.89 -104.69 21.36
N PHE K 549 23.65 -103.61 21.14
CA PHE K 549 24.13 -102.80 22.26
C PHE K 549 22.96 -102.32 23.12
N GLY K 550 21.96 -101.72 22.49
CA GLY K 550 20.83 -101.22 23.27
C GLY K 550 20.02 -102.32 23.91
N ASN K 551 19.85 -103.44 23.21
CA ASN K 551 19.12 -104.56 23.80
C ASN K 551 19.84 -105.10 25.03
N ALA K 552 21.17 -104.96 25.08
CA ALA K 552 21.91 -105.45 26.24
C ALA K 552 21.59 -104.68 27.51
N TRP K 553 21.12 -103.43 27.40
CA TRP K 553 20.86 -102.59 28.55
C TRP K 553 19.38 -102.51 28.92
N LYS K 554 18.54 -103.34 28.34
CA LYS K 554 17.12 -103.33 28.69
C LYS K 554 16.89 -104.06 30.00
N LEU K 555 16.02 -103.49 30.83
CA LEU K 555 15.84 -103.97 32.20
C LEU K 555 14.91 -105.16 32.29
N HIS K 556 13.94 -105.28 31.40
CA HIS K 556 12.87 -106.25 31.52
C HIS K 556 12.97 -107.29 30.42
N GLY K 557 12.92 -108.56 30.80
CA GLY K 557 13.17 -109.62 29.84
C GLY K 557 12.06 -109.81 28.83
N ASP K 558 10.83 -109.43 29.17
CA ASP K 558 9.72 -109.60 28.25
C ASP K 558 9.66 -108.54 27.17
N CYS K 559 10.52 -107.52 27.24
CA CYS K 559 10.56 -106.50 26.21
C CYS K 559 11.04 -107.09 24.89
N GLN K 560 10.56 -106.51 23.80
CA GLN K 560 11.00 -106.94 22.48
C GLN K 560 12.44 -106.55 22.24
N ASP K 561 13.25 -107.53 21.81
CA ASP K 561 14.61 -107.24 21.39
C ASP K 561 14.58 -106.61 20.01
N LEU K 562 15.14 -105.41 19.89
CA LEU K 562 15.08 -104.67 18.63
C LEU K 562 15.86 -105.42 17.56
N GLN K 563 15.19 -105.76 16.47
CA GLN K 563 15.82 -106.55 15.42
C GLN K 563 16.64 -105.69 14.47
N LYS K 564 16.04 -104.62 13.95
CA LYS K 564 16.75 -103.72 13.06
C LYS K 564 16.35 -102.28 13.36
N GLN K 565 17.33 -101.40 13.39
CA GLN K 565 17.10 -99.97 13.58
C GLN K 565 16.98 -99.32 12.22
N HIS K 566 15.74 -99.21 11.73
CA HIS K 566 15.52 -98.67 10.39
C HIS K 566 15.77 -97.17 10.37
N SER K 567 16.76 -96.75 9.58
CA SER K 567 16.94 -95.34 9.31
C SER K 567 15.95 -94.89 8.24
N ASP K 568 15.88 -93.58 8.04
CA ASP K 568 15.03 -92.99 7.01
C ASP K 568 13.59 -93.45 7.13
N PRO K 569 12.85 -92.99 8.15
CA PRO K 569 11.42 -93.30 8.23
C PRO K 569 10.61 -92.67 7.13
N CYS K 570 11.19 -91.76 6.35
CA CYS K 570 10.47 -91.10 5.27
C CYS K 570 9.94 -92.09 4.24
N ALA K 571 10.54 -93.27 4.15
CA ALA K 571 10.06 -94.26 3.19
C ALA K 571 8.63 -94.67 3.51
N LEU K 572 8.29 -94.76 4.79
CA LEU K 572 6.95 -95.18 5.17
C LEU K 572 5.93 -94.08 4.95
N ASN K 573 6.35 -92.83 4.99
CA ASN K 573 5.48 -91.68 4.73
C ASN K 573 6.14 -90.81 3.68
N PRO K 574 6.04 -91.18 2.41
CA PRO K 574 6.68 -90.38 1.36
C PRO K 574 6.19 -88.96 1.29
N ARG K 575 4.96 -88.68 1.74
CA ARG K 575 4.43 -87.33 1.66
C ARG K 575 5.31 -86.33 2.40
N MET K 576 5.97 -86.77 3.46
CA MET K 576 6.73 -85.88 4.33
C MET K 576 8.18 -85.69 3.90
N THR K 577 8.63 -86.39 2.85
CA THR K 577 10.05 -86.32 2.50
C THR K 577 10.46 -84.94 2.01
N ARG K 578 9.63 -84.30 1.18
CA ARG K 578 9.95 -82.97 0.67
C ARG K 578 10.07 -81.97 1.81
N PHE K 579 9.07 -81.97 2.70
CA PHE K 579 9.11 -81.07 3.85
C PHE K 579 10.31 -81.36 4.72
N SER K 580 10.60 -82.64 4.97
CA SER K 580 11.74 -82.98 5.81
C SER K 580 13.02 -82.38 5.25
N GLU K 581 13.29 -82.63 3.97
CA GLU K 581 14.50 -82.09 3.37
C GLU K 581 14.52 -80.57 3.43
N GLU K 582 13.47 -79.93 2.91
CA GLU K 582 13.49 -78.49 2.73
C GLU K 582 13.43 -77.73 4.05
N ALA K 583 12.95 -78.37 5.13
CA ALA K 583 12.87 -77.70 6.41
C ALA K 583 14.12 -77.94 7.24
N CYS K 584 14.54 -79.21 7.36
CA CYS K 584 15.72 -79.49 8.15
C CYS K 584 16.99 -79.02 7.47
N ALA K 585 16.93 -78.62 6.19
CA ALA K 585 18.11 -78.05 5.56
C ALA K 585 18.57 -76.76 6.21
N VAL K 586 17.71 -76.10 6.99
CA VAL K 586 18.09 -74.83 7.60
C VAL K 586 19.27 -74.99 8.53
N LEU K 587 19.47 -76.18 9.08
CA LEU K 587 20.62 -76.41 9.96
C LEU K 587 21.94 -76.13 9.27
N THR K 588 22.00 -76.24 7.94
CA THR K 588 23.20 -75.94 7.17
C THR K 588 23.15 -74.57 6.51
N SER K 589 22.10 -73.80 6.72
CA SER K 589 21.95 -72.50 6.11
C SER K 589 22.87 -71.50 6.81
N PRO K 590 23.10 -70.32 6.19
CA PRO K 590 23.88 -69.30 6.88
C PRO K 590 23.33 -68.92 8.24
N THR K 591 22.07 -69.25 8.53
CA THR K 591 21.52 -69.02 9.85
C THR K 591 22.36 -69.70 10.92
N PHE K 592 22.96 -70.85 10.60
CA PHE K 592 23.74 -71.60 11.56
C PHE K 592 25.22 -71.69 11.18
N GLU K 593 25.65 -71.01 10.12
CA GLU K 593 27.06 -71.07 9.73
C GLU K 593 27.96 -70.54 10.84
N ALA K 594 27.44 -69.69 11.71
CA ALA K 594 28.23 -69.23 12.84
C ALA K 594 28.56 -70.36 13.80
N CYS K 595 27.82 -71.47 13.74
CA CYS K 595 28.00 -72.57 14.66
C CYS K 595 28.67 -73.79 14.04
N HIS K 596 28.69 -73.90 12.70
CA HIS K 596 29.23 -75.11 12.07
C HIS K 596 30.65 -75.37 12.52
N ARG K 597 31.43 -74.32 12.78
CA ARG K 597 32.77 -74.52 13.28
C ARG K 597 32.78 -75.13 14.66
N ALA K 598 31.87 -74.68 15.53
CA ALA K 598 31.84 -75.14 16.91
C ALA K 598 31.27 -76.55 17.03
N VAL K 599 30.15 -76.82 16.38
CA VAL K 599 29.48 -78.10 16.48
C VAL K 599 29.18 -78.61 15.08
N SER K 600 29.48 -79.87 14.83
CA SER K 600 29.20 -80.46 13.53
C SER K 600 27.69 -80.60 13.35
N PRO K 601 27.12 -80.05 12.29
CA PRO K 601 25.66 -80.11 12.11
C PRO K 601 25.14 -81.41 11.55
N LEU K 602 26.02 -82.32 11.14
CA LEU K 602 25.56 -83.53 10.44
C LEU K 602 24.71 -84.43 11.31
N PRO K 603 25.11 -84.79 12.54
CA PRO K 603 24.24 -85.64 13.36
C PRO K 603 22.91 -85.00 13.64
N TYR K 604 22.90 -83.69 13.90
CA TYR K 604 21.65 -83.02 14.17
C TYR K 604 20.78 -82.94 12.94
N LEU K 605 21.38 -82.86 11.75
CA LEU K 605 20.61 -82.90 10.52
C LEU K 605 19.96 -84.27 10.31
N ARG K 606 20.73 -85.33 10.53
CA ARG K 606 20.16 -86.67 10.45
C ARG K 606 19.00 -86.82 11.42
N ASN K 607 19.20 -86.39 12.66
CA ASN K 607 18.16 -86.49 13.66
C ASN K 607 16.93 -85.66 13.28
N CYS K 608 17.16 -84.46 12.74
CA CYS K 608 16.05 -83.60 12.34
C CYS K 608 15.20 -84.26 11.27
N ARG K 609 15.85 -84.80 10.23
CA ARG K 609 15.08 -85.41 9.16
C ARG K 609 14.33 -86.65 9.66
N TYR K 610 15.00 -87.47 10.46
CA TYR K 610 14.33 -88.63 11.06
C TYR K 610 13.09 -88.20 11.84
N ASP K 611 13.26 -87.20 12.71
CA ASP K 611 12.16 -86.77 13.55
C ASP K 611 11.01 -86.23 12.73
N VAL K 612 11.29 -85.33 11.78
CA VAL K 612 10.23 -84.72 10.99
C VAL K 612 9.48 -85.79 10.21
N CYS K 613 10.19 -86.80 9.70
CA CYS K 613 9.50 -87.84 8.95
C CYS K 613 8.72 -88.79 9.83
N SER K 614 9.13 -89.01 11.08
CA SER K 614 8.50 -90.04 11.89
C SER K 614 7.54 -89.51 12.96
N CYS K 615 7.54 -88.21 13.23
CA CYS K 615 6.79 -87.70 14.37
C CYS K 615 5.30 -87.57 14.07
N SER K 616 4.52 -87.48 15.15
CA SER K 616 3.10 -87.22 15.01
C SER K 616 2.85 -85.86 14.37
N ASP K 617 3.58 -84.85 14.82
CA ASP K 617 3.50 -83.51 14.26
C ASP K 617 4.89 -83.10 13.79
N GLY K 618 5.03 -82.86 12.49
CA GLY K 618 6.34 -82.53 11.96
C GLY K 618 6.83 -81.16 12.36
N ARG K 619 5.90 -80.23 12.62
CA ARG K 619 6.31 -78.89 13.02
C ARG K 619 6.94 -78.89 14.40
N GLU K 620 6.29 -79.56 15.35
CA GLU K 620 6.81 -79.63 16.70
C GLU K 620 8.17 -80.29 16.73
N CYS K 621 8.35 -81.38 16.00
CA CYS K 621 9.65 -82.06 16.00
C CYS K 621 10.69 -81.28 15.22
N LEU K 622 10.29 -80.55 14.18
CA LEU K 622 11.21 -79.64 13.53
C LEU K 622 11.76 -78.63 14.52
N CYS K 623 10.88 -78.01 15.29
CA CYS K 623 11.33 -77.07 16.32
C CYS K 623 12.21 -77.77 17.33
N GLY K 624 11.85 -78.99 17.72
CA GLY K 624 12.66 -79.71 18.69
C GLY K 624 14.08 -79.94 18.20
N ALA K 625 14.23 -80.40 16.96
CA ALA K 625 15.55 -80.66 16.42
C ALA K 625 16.37 -79.38 16.24
N LEU K 626 15.74 -78.34 15.71
CA LEU K 626 16.45 -77.07 15.56
C LEU K 626 16.88 -76.53 16.91
N ALA K 627 16.02 -76.63 17.92
CA ALA K 627 16.37 -76.19 19.25
C ALA K 627 17.48 -77.04 19.84
N SER K 628 17.51 -78.34 19.52
CA SER K 628 18.59 -79.19 20.00
C SER K 628 19.93 -78.71 19.45
N TYR K 629 19.98 -78.45 18.15
CA TYR K 629 21.25 -77.97 17.58
C TYR K 629 21.62 -76.61 18.14
N ALA K 630 20.64 -75.71 18.30
CA ALA K 630 20.93 -74.41 18.88
C ALA K 630 21.42 -74.54 20.31
N ALA K 631 20.88 -75.50 21.06
CA ALA K 631 21.33 -75.73 22.42
C ALA K 631 22.76 -76.24 22.45
N ALA K 632 23.12 -77.11 21.51
CA ALA K 632 24.52 -77.53 21.40
C ALA K 632 25.43 -76.34 21.12
N CYS K 633 25.01 -75.48 20.18
CA CYS K 633 25.79 -74.29 19.88
C CYS K 633 25.98 -73.42 21.11
N ALA K 634 24.89 -73.20 21.85
CA ALA K 634 24.98 -72.40 23.07
C ALA K 634 25.92 -73.06 24.09
N GLY K 635 25.89 -74.39 24.17
CA GLY K 635 26.82 -75.08 25.02
C GLY K 635 28.27 -74.81 24.63
N ARG K 636 28.53 -74.70 23.34
CA ARG K 636 29.84 -74.25 22.86
C ARG K 636 29.97 -72.74 22.85
N GLY K 637 29.07 -72.01 23.51
CA GLY K 637 29.20 -70.58 23.65
C GLY K 637 28.76 -69.77 22.45
N VAL K 638 28.16 -70.38 21.44
CA VAL K 638 27.70 -69.69 20.25
C VAL K 638 26.18 -69.60 20.32
N ARG K 639 25.65 -68.39 20.24
CA ARG K 639 24.21 -68.16 20.29
C ARG K 639 23.72 -67.75 18.91
N VAL K 640 22.68 -68.41 18.43
CA VAL K 640 22.15 -68.18 17.09
C VAL K 640 20.70 -67.74 17.22
N ALA K 641 20.37 -66.63 16.56
CA ALA K 641 19.00 -66.12 16.54
C ALA K 641 18.22 -66.84 15.44
N TRP K 642 17.86 -68.09 15.73
CA TRP K 642 17.30 -68.96 14.70
C TRP K 642 15.77 -68.93 14.65
N ARG K 643 15.11 -68.58 15.75
CA ARG K 643 13.65 -68.53 15.74
C ARG K 643 13.17 -67.34 14.92
N GLU K 644 12.06 -67.54 14.21
CA GLU K 644 11.49 -66.51 13.35
C GLU K 644 9.99 -66.74 13.29
N PRO K 645 9.22 -65.76 12.80
CA PRO K 645 7.76 -65.96 12.71
C PRO K 645 7.36 -67.20 11.94
N GLY K 646 8.11 -67.54 10.89
CA GLY K 646 7.79 -68.73 10.13
C GLY K 646 8.22 -70.03 10.77
N ARG K 647 8.92 -69.98 11.89
CA ARG K 647 9.38 -71.22 12.52
C ARG K 647 9.66 -71.00 14.00
N CYS K 648 8.88 -71.66 14.85
CA CYS K 648 9.28 -71.97 16.22
C CYS K 648 9.51 -70.72 17.07
N GLU K 649 8.54 -69.82 17.07
CA GLU K 649 8.57 -68.72 18.03
C GLU K 649 8.01 -69.18 19.36
N LEU K 650 8.64 -68.71 20.45
CA LEU K 650 8.12 -68.96 21.79
C LEU K 650 7.04 -67.93 22.10
N ASN K 651 5.80 -68.38 22.20
CA ASN K 651 4.69 -67.50 22.55
C ASN K 651 4.61 -67.44 24.08
N CYS K 652 5.21 -66.41 24.66
CA CYS K 652 5.39 -66.37 26.10
C CYS K 652 4.07 -66.10 26.80
N PRO K 653 3.87 -66.69 27.99
CA PRO K 653 2.62 -66.45 28.73
C PRO K 653 2.48 -64.98 29.11
N LYS K 654 1.23 -64.52 29.10
CA LYS K 654 0.82 -63.20 29.63
C LYS K 654 1.78 -62.13 29.10
N GLY K 655 2.30 -61.25 29.96
CA GLY K 655 3.16 -60.16 29.55
C GLY K 655 4.63 -60.46 29.54
N GLN K 656 5.03 -61.70 29.76
CA GLN K 656 6.44 -62.05 29.75
C GLN K 656 7.03 -61.83 28.36
N VAL K 657 8.31 -61.50 28.31
CA VAL K 657 8.99 -61.16 27.07
C VAL K 657 10.05 -62.21 26.78
N TYR K 658 10.10 -62.65 25.53
CA TYR K 658 11.12 -63.61 25.11
C TYR K 658 12.48 -62.95 25.05
N LEU K 659 13.47 -63.58 25.67
CA LEU K 659 14.86 -63.16 25.57
C LEU K 659 15.72 -64.31 25.07
N GLN K 660 16.64 -63.99 24.17
CA GLN K 660 17.60 -64.98 23.70
C GLN K 660 18.67 -65.28 24.73
N CYS K 661 19.00 -64.32 25.59
CA CYS K 661 20.01 -64.48 26.64
C CYS K 661 19.55 -63.68 27.85
N GLY K 662 18.88 -64.37 28.77
CA GLY K 662 18.42 -63.76 29.99
C GLY K 662 18.92 -64.48 31.23
N THR K 663 18.96 -63.79 32.35
CA THR K 663 19.52 -64.38 33.54
C THR K 663 18.43 -64.97 34.42
N PRO K 664 18.55 -66.23 34.83
CA PRO K 664 17.49 -66.86 35.63
C PRO K 664 17.58 -66.56 37.12
N CYS K 665 18.70 -66.02 37.59
CA CYS K 665 18.97 -66.00 39.02
C CYS K 665 17.96 -65.15 39.78
N ASN K 666 17.53 -64.04 39.21
CA ASN K 666 16.66 -63.08 39.90
C ASN K 666 15.32 -62.91 39.19
N LEU K 667 14.74 -63.99 38.71
CA LEU K 667 13.46 -63.90 38.02
C LEU K 667 12.29 -64.08 38.98
N THR K 668 12.32 -65.13 39.79
CA THR K 668 11.21 -65.47 40.67
C THR K 668 11.33 -64.72 41.99
N CYS K 669 10.18 -64.56 42.66
CA CYS K 669 10.16 -63.83 43.92
C CYS K 669 10.82 -64.63 45.04
N ARG K 670 10.93 -65.96 44.90
CA ARG K 670 11.73 -66.73 45.83
C ARG K 670 13.16 -66.23 45.89
N SER K 671 13.67 -65.70 44.77
CA SER K 671 14.99 -65.07 44.80
C SER K 671 15.03 -63.90 45.76
N LEU K 672 13.94 -63.14 45.83
CA LEU K 672 13.85 -62.09 46.84
C LEU K 672 13.80 -62.69 48.24
N SER K 673 13.03 -63.76 48.41
CA SER K 673 12.89 -64.34 49.74
C SER K 673 14.16 -65.03 50.21
N TYR K 674 15.01 -65.45 49.30
CA TYR K 674 16.29 -66.10 49.64
C TYR K 674 17.40 -65.43 48.85
N PRO K 675 17.77 -64.20 49.21
CA PRO K 675 18.80 -63.49 48.45
C PRO K 675 20.20 -64.01 48.68
N ASP K 676 20.45 -64.68 49.79
CA ASP K 676 21.78 -65.17 50.11
C ASP K 676 22.08 -66.53 49.49
N GLU K 677 21.12 -67.15 48.83
CA GLU K 677 21.39 -68.38 48.10
C GLU K 677 22.14 -68.03 46.82
N GLU K 678 23.39 -68.45 46.73
CA GLU K 678 24.25 -68.03 45.64
C GLU K 678 23.75 -68.58 44.31
N CYS K 679 23.85 -67.76 43.27
CA CYS K 679 23.43 -68.14 41.93
C CYS K 679 24.38 -67.51 40.93
N ASN K 680 25.06 -68.35 40.14
CA ASN K 680 26.02 -67.87 39.15
C ASN K 680 25.73 -68.45 37.77
N GLU K 681 24.49 -68.86 37.53
CA GLU K 681 24.16 -69.59 36.31
C GLU K 681 24.23 -68.67 35.10
N ALA K 682 24.72 -69.22 33.98
CA ALA K 682 24.81 -68.48 32.73
C ALA K 682 23.42 -68.17 32.19
N CYS K 683 23.37 -67.22 31.27
CA CYS K 683 22.09 -66.83 30.70
C CYS K 683 21.55 -67.93 29.78
N LEU K 684 20.25 -67.85 29.51
CA LEU K 684 19.60 -68.83 28.66
C LEU K 684 18.40 -68.17 28.00
N GLU K 685 17.96 -68.75 26.88
CA GLU K 685 16.78 -68.26 26.21
C GLU K 685 15.53 -68.75 26.92
N GLY K 686 14.49 -67.95 26.86
CA GLY K 686 13.24 -68.30 27.50
C GLY K 686 12.37 -67.06 27.65
N CYS K 687 11.33 -67.23 28.47
CA CYS K 687 10.39 -66.15 28.75
C CYS K 687 10.72 -65.55 30.10
N PHE K 688 10.96 -64.24 30.12
CA PHE K 688 11.34 -63.52 31.32
C PHE K 688 10.42 -62.34 31.51
N CYS K 689 10.27 -61.91 32.74
CA CYS K 689 9.51 -60.71 33.02
C CYS K 689 10.33 -59.48 32.64
N PRO K 690 9.68 -58.37 32.30
CA PRO K 690 10.40 -57.13 31.98
C PRO K 690 11.35 -56.75 33.10
N PRO K 691 12.32 -55.88 32.84
CA PRO K 691 13.43 -55.70 33.79
C PRO K 691 13.01 -55.28 35.18
N GLY K 692 11.93 -54.53 35.32
CA GLY K 692 11.54 -54.02 36.61
C GLY K 692 10.60 -54.89 37.41
N LEU K 693 10.26 -56.08 36.93
CA LEU K 693 9.25 -56.91 37.55
C LEU K 693 9.79 -58.30 37.86
N TYR K 694 9.34 -58.86 38.98
CA TYR K 694 9.62 -60.23 39.35
C TYR K 694 8.42 -61.10 39.00
N MET K 695 8.62 -62.41 39.07
CA MET K 695 7.60 -63.37 38.66
C MET K 695 7.14 -64.17 39.87
N ASP K 696 5.82 -64.27 40.05
CA ASP K 696 5.23 -64.97 41.17
C ASP K 696 4.86 -66.41 40.78
N GLU K 697 4.11 -67.09 41.66
CA GLU K 697 3.73 -68.47 41.38
C GLU K 697 2.79 -68.57 40.20
N ARG K 698 1.90 -67.60 40.04
CA ARG K 698 0.94 -67.63 38.93
C ARG K 698 1.59 -67.36 37.59
N GLY K 699 2.88 -67.01 37.57
CA GLY K 699 3.51 -66.59 36.34
C GLY K 699 3.31 -65.14 36.00
N ASP K 700 2.60 -64.39 36.85
CA ASP K 700 2.38 -62.98 36.61
C ASP K 700 3.60 -62.18 37.02
N CYS K 701 3.93 -61.17 36.22
CA CYS K 701 5.04 -60.30 36.54
C CYS K 701 4.58 -59.21 37.50
N VAL K 702 5.25 -59.09 38.63
CA VAL K 702 4.83 -58.19 39.70
C VAL K 702 6.03 -57.36 40.15
N PRO K 703 5.84 -56.12 40.58
CA PRO K 703 6.92 -55.39 41.23
C PRO K 703 7.29 -56.06 42.54
N LYS K 704 8.53 -55.86 42.97
CA LYS K 704 9.02 -56.53 44.17
C LYS K 704 8.18 -56.19 45.39
N ALA K 705 7.50 -55.04 45.37
CA ALA K 705 6.61 -54.69 46.47
C ALA K 705 5.43 -55.63 46.57
N GLN K 706 5.08 -56.34 45.50
CA GLN K 706 3.91 -57.21 45.47
C GLN K 706 4.25 -58.69 45.58
N CYS K 707 5.52 -59.05 45.59
CA CYS K 707 5.89 -60.44 45.77
C CYS K 707 5.48 -60.93 47.15
N PRO K 708 5.01 -62.17 47.27
CA PRO K 708 4.88 -62.78 48.58
C PRO K 708 6.23 -63.20 49.14
N CYS K 709 6.24 -63.44 50.45
CA CYS K 709 7.44 -63.87 51.15
C CYS K 709 7.33 -65.33 51.52
N TYR K 710 8.36 -66.10 51.21
CA TYR K 710 8.41 -67.52 51.54
C TYR K 710 9.22 -67.69 52.80
N TYR K 711 8.60 -68.24 53.84
CA TYR K 711 9.25 -68.40 55.13
C TYR K 711 8.89 -69.77 55.67
N ASP K 712 9.89 -70.57 55.99
CA ASP K 712 9.69 -71.92 56.51
C ASP K 712 8.78 -72.75 55.60
N GLY K 713 8.83 -72.47 54.30
CA GLY K 713 7.99 -73.18 53.37
C GLY K 713 6.55 -72.71 53.32
N GLU K 714 6.24 -71.59 53.94
CA GLU K 714 4.90 -71.01 53.93
C GLU K 714 4.92 -69.70 53.17
N ILE K 715 3.86 -69.42 52.45
CA ILE K 715 3.80 -68.27 51.55
C ILE K 715 3.01 -67.18 52.25
N PHE K 716 3.64 -66.04 52.50
CA PHE K 716 3.01 -64.90 53.15
C PHE K 716 2.84 -63.77 52.16
N GLN K 717 1.71 -63.10 52.24
CA GLN K 717 1.38 -62.00 51.35
C GLN K 717 2.13 -60.74 51.77
N PRO K 718 2.22 -59.75 50.88
CA PRO K 718 2.88 -58.50 51.25
C PRO K 718 2.22 -57.86 52.45
N GLU K 719 3.03 -57.22 53.29
CA GLU K 719 2.62 -56.53 54.50
C GLU K 719 2.10 -57.46 55.58
N ASP K 720 2.23 -58.77 55.41
CA ASP K 720 1.84 -59.69 56.46
C ASP K 720 2.77 -59.57 57.65
N ILE K 721 2.20 -59.70 58.84
CA ILE K 721 2.96 -59.62 60.09
C ILE K 721 2.60 -60.86 60.91
N PHE K 722 3.58 -61.41 61.60
CA PHE K 722 3.27 -62.44 62.59
C PHE K 722 4.32 -62.38 63.68
N SER K 723 3.92 -62.82 64.87
CA SER K 723 4.82 -62.88 66.01
C SER K 723 4.59 -64.17 66.75
N ASP K 724 5.67 -64.78 67.20
CA ASP K 724 5.66 -66.07 67.87
C ASP K 724 6.31 -65.94 69.25
N HIS K 725 6.35 -67.05 69.97
CA HIS K 725 7.05 -67.10 71.24
C HIS K 725 8.49 -66.63 71.07
N HIS K 726 9.08 -66.93 69.92
CA HIS K 726 10.51 -66.73 69.71
C HIS K 726 10.82 -65.59 68.75
N THR K 727 9.88 -65.18 67.91
CA THR K 727 10.25 -64.35 66.77
C THR K 727 9.11 -63.41 66.42
N MET K 728 9.47 -62.30 65.78
CA MET K 728 8.52 -61.36 65.20
C MET K 728 9.00 -61.06 63.79
N CYS K 729 8.10 -61.19 62.81
CA CYS K 729 8.48 -61.08 61.41
C CYS K 729 7.45 -60.25 60.69
N TYR K 730 7.86 -59.71 59.53
CA TYR K 730 6.91 -59.07 58.64
C TYR K 730 7.43 -59.12 57.22
N CYS K 731 6.52 -59.20 56.27
CA CYS K 731 6.85 -59.37 54.87
C CYS K 731 6.84 -58.02 54.17
N GLU K 732 7.96 -57.67 53.55
CA GLU K 732 8.05 -56.43 52.80
C GLU K 732 9.01 -56.63 51.64
N ASP K 733 8.60 -56.23 50.44
CA ASP K 733 9.44 -56.32 49.25
C ASP K 733 9.93 -57.74 49.02
N GLY K 734 9.05 -58.70 49.25
CA GLY K 734 9.38 -60.08 48.97
C GLY K 734 10.33 -60.72 49.94
N PHE K 735 10.67 -60.07 51.04
CA PHE K 735 11.56 -60.62 52.03
C PHE K 735 10.91 -60.59 53.40
N MET K 736 11.19 -61.61 54.21
CA MET K 736 10.60 -61.73 55.54
C MET K 736 11.60 -61.13 56.53
N HIS K 737 11.29 -59.91 57.01
CA HIS K 737 12.20 -59.16 57.86
C HIS K 737 12.00 -59.57 59.31
N CYS K 738 12.52 -60.73 59.67
CA CYS K 738 12.43 -61.20 61.04
C CYS K 738 13.48 -60.49 61.89
N THR K 739 13.04 -59.93 63.02
CA THR K 739 13.90 -59.07 63.84
C THR K 739 13.75 -59.40 65.31
N MET K 740 13.67 -60.68 65.64
CA MET K 740 13.67 -61.08 67.04
C MET K 740 14.35 -62.43 67.16
N SER K 741 15.10 -62.62 68.25
CA SER K 741 15.85 -63.85 68.51
C SER K 741 16.73 -64.22 67.32
N GLU K 786 8.03 -88.19 68.99
CA GLU K 786 8.27 -88.26 70.43
C GLU K 786 8.45 -86.87 71.00
N CYS K 787 8.00 -86.68 72.25
CA CYS K 787 8.10 -85.39 72.90
C CYS K 787 8.06 -85.57 74.40
N ALA K 788 8.55 -84.57 75.12
CA ALA K 788 8.39 -84.54 76.56
C ALA K 788 6.94 -84.22 76.93
N LYS K 789 6.53 -84.69 78.10
CA LYS K 789 5.14 -84.56 78.53
C LYS K 789 5.05 -83.84 79.87
N THR K 790 3.91 -83.19 80.08
CA THR K 790 3.62 -82.46 81.31
C THR K 790 2.27 -82.94 81.81
N CYS K 791 2.03 -82.77 83.11
CA CYS K 791 0.79 -83.25 83.70
C CYS K 791 -0.42 -82.73 82.94
N GLN K 792 -0.33 -81.50 82.43
CA GLN K 792 -1.45 -80.93 81.70
C GLN K 792 -1.63 -81.57 80.33
N ASN K 793 -0.54 -81.76 79.60
CA ASN K 793 -0.59 -82.18 78.21
C ASN K 793 -0.30 -83.65 78.01
N TYR K 794 -0.43 -84.46 79.06
CA TYR K 794 -0.08 -85.87 78.94
C TYR K 794 -0.94 -86.57 77.90
N ASP K 795 -2.26 -86.32 77.93
CA ASP K 795 -3.16 -87.01 77.03
C ASP K 795 -3.21 -86.40 75.64
N LEU K 796 -2.63 -85.22 75.45
CA LEU K 796 -2.71 -84.51 74.18
C LEU K 796 -1.60 -84.98 73.25
N GLU K 797 -1.61 -84.44 72.03
CA GLU K 797 -0.60 -84.76 71.02
C GLU K 797 0.73 -84.14 71.38
N CYS K 798 1.74 -84.45 70.57
CA CYS K 798 3.04 -83.79 70.67
C CYS K 798 3.06 -82.57 69.75
N MET K 799 3.67 -81.49 70.23
CA MET K 799 3.73 -80.27 69.43
C MET K 799 4.49 -80.56 68.14
N SER K 800 3.82 -80.34 67.02
CA SER K 800 4.41 -80.59 65.70
C SER K 800 5.16 -79.36 65.21
N MET K 801 6.12 -78.92 66.01
CA MET K 801 6.90 -77.72 65.70
C MET K 801 8.37 -77.93 66.03
N GLY K 802 8.85 -79.16 65.88
CA GLY K 802 10.24 -79.45 66.16
C GLY K 802 10.62 -80.85 65.73
N LEU K 808 14.47 -85.05 79.45
CA LEU K 808 13.33 -85.95 79.24
C LEU K 808 13.19 -86.91 80.42
N CYS K 809 12.02 -86.86 81.07
CA CYS K 809 11.80 -87.67 82.26
C CYS K 809 11.62 -89.14 81.88
N PRO K 810 11.82 -90.06 82.83
CA PRO K 810 11.67 -91.49 82.54
C PRO K 810 10.23 -91.81 82.16
N PRO K 811 10.00 -92.97 81.54
CA PRO K 811 8.61 -93.40 81.28
C PRO K 811 7.85 -93.58 82.58
N GLY K 812 6.56 -93.24 82.55
CA GLY K 812 5.76 -93.25 83.75
C GLY K 812 6.00 -92.10 84.68
N MET K 813 6.78 -91.11 84.26
CA MET K 813 7.08 -89.94 85.06
C MET K 813 6.90 -88.70 84.20
N VAL K 814 6.46 -87.61 84.81
CA VAL K 814 5.97 -86.46 84.07
C VAL K 814 6.56 -85.17 84.64
N ARG K 815 6.81 -84.21 83.74
CA ARG K 815 7.31 -82.90 84.15
C ARG K 815 6.24 -82.17 84.94
N HIS K 816 6.64 -81.61 86.09
CA HIS K 816 5.74 -80.82 86.92
C HIS K 816 6.59 -80.03 87.92
N GLU K 817 6.24 -78.77 88.13
CA GLU K 817 7.01 -77.88 89.01
C GLU K 817 8.48 -77.84 88.61
N ASN K 818 8.75 -77.96 87.30
CA ASN K 818 10.11 -78.04 86.78
C ASN K 818 10.90 -79.18 87.43
N ARG K 819 10.21 -80.30 87.66
CA ARG K 819 10.85 -81.52 88.13
C ARG K 819 10.05 -82.70 87.61
N CYS K 820 10.71 -83.85 87.52
CA CYS K 820 10.05 -85.06 87.06
C CYS K 820 9.23 -85.65 88.20
N VAL K 821 7.93 -85.86 87.96
CA VAL K 821 7.00 -86.33 88.98
C VAL K 821 6.27 -87.55 88.43
N ALA K 822 6.03 -88.53 89.29
CA ALA K 822 5.47 -89.80 88.85
C ALA K 822 4.04 -89.62 88.36
N LEU K 823 3.65 -90.49 87.42
CA LEU K 823 2.27 -90.56 86.99
C LEU K 823 1.43 -91.15 88.11
N GLU K 824 0.12 -90.89 88.07
CA GLU K 824 -0.85 -91.21 89.11
C GLU K 824 -0.69 -90.27 90.30
N ARG K 825 0.31 -89.38 90.26
CA ARG K 825 0.48 -88.35 91.28
C ARG K 825 0.41 -86.94 90.72
N CYS K 826 0.10 -86.81 89.42
CA CYS K 826 -0.11 -85.48 88.85
C CYS K 826 -1.40 -84.89 89.43
N PRO K 827 -1.44 -83.58 89.63
CA PRO K 827 -2.65 -82.96 90.19
C PRO K 827 -3.71 -82.72 89.11
N CYS K 828 -4.91 -82.41 89.57
CA CYS K 828 -6.02 -82.04 88.71
C CYS K 828 -6.18 -80.52 88.68
N PHE K 829 -6.74 -80.02 87.59
CA PHE K 829 -6.81 -78.58 87.32
C PHE K 829 -8.26 -78.13 87.24
N HIS K 830 -8.56 -77.02 87.89
CA HIS K 830 -9.87 -76.38 87.77
C HIS K 830 -9.71 -74.89 88.03
N GLN K 831 -10.36 -74.09 87.18
CA GLN K 831 -10.28 -72.64 87.26
C GLN K 831 -8.83 -72.17 87.31
N GLY K 832 -7.95 -72.88 86.61
CA GLY K 832 -6.58 -72.45 86.49
C GLY K 832 -5.70 -72.75 87.66
N LYS K 833 -6.17 -73.49 88.66
CA LYS K 833 -5.37 -73.84 89.81
C LYS K 833 -5.39 -75.35 90.01
N GLU K 834 -4.31 -75.88 90.56
CA GLU K 834 -4.08 -77.31 90.65
C GLU K 834 -4.65 -77.88 91.94
N TYR K 835 -5.06 -79.15 91.87
CA TYR K 835 -5.57 -79.88 93.03
C TYR K 835 -4.85 -81.22 93.11
N ALA K 836 -4.31 -81.53 94.28
CA ALA K 836 -3.61 -82.80 94.45
C ALA K 836 -4.62 -83.95 94.42
N PRO K 837 -4.17 -85.16 94.07
CA PRO K 837 -5.08 -86.29 94.06
C PRO K 837 -5.68 -86.54 95.44
N GLY K 838 -6.96 -86.87 95.47
CA GLY K 838 -7.70 -87.01 96.70
C GLY K 838 -8.39 -85.74 97.16
N GLU K 839 -8.01 -84.59 96.61
CA GLU K 839 -8.71 -83.35 96.94
C GLU K 839 -10.07 -83.33 96.28
N THR K 840 -10.91 -82.39 96.73
CA THR K 840 -12.29 -82.31 96.28
C THR K 840 -12.63 -80.87 95.94
N VAL K 841 -13.61 -80.70 95.05
CA VAL K 841 -14.11 -79.40 94.67
C VAL K 841 -15.63 -79.47 94.62
N LYS K 842 -16.27 -78.36 94.98
CA LYS K 842 -17.73 -78.29 95.07
C LYS K 842 -18.27 -77.61 93.83
N ILE K 843 -19.13 -78.30 93.10
CA ILE K 843 -19.68 -77.82 91.84
C ILE K 843 -21.20 -77.89 91.97
N GLY K 844 -21.82 -76.75 92.26
CA GLY K 844 -23.26 -76.75 92.46
C GLY K 844 -23.63 -77.70 93.58
N CYS K 845 -24.58 -78.58 93.31
CA CYS K 845 -24.96 -79.61 94.26
C CYS K 845 -24.10 -80.86 94.15
N ASN K 846 -23.22 -80.95 93.15
CA ASN K 846 -22.38 -82.11 92.94
C ASN K 846 -21.01 -81.90 93.57
N THR K 847 -20.35 -83.01 93.86
CA THR K 847 -18.99 -83.01 94.39
C THR K 847 -18.08 -83.79 93.45
N CYS K 848 -16.88 -83.26 93.24
CA CYS K 848 -15.89 -83.87 92.37
C CYS K 848 -14.62 -84.15 93.15
N VAL K 849 -13.99 -85.29 92.88
CA VAL K 849 -12.78 -85.71 93.58
C VAL K 849 -11.70 -85.99 92.54
N CYS K 850 -10.52 -85.43 92.77
CA CYS K 850 -9.42 -85.55 91.81
C CYS K 850 -8.78 -86.92 91.89
N ARG K 851 -8.85 -87.70 90.82
CA ARG K 851 -8.20 -88.99 90.76
C ARG K 851 -7.50 -89.12 89.43
N ASP K 852 -6.22 -89.50 89.44
CA ASP K 852 -5.45 -89.76 88.22
C ASP K 852 -5.71 -88.70 87.16
N ARG K 853 -5.53 -87.44 87.54
CA ARG K 853 -5.62 -86.32 86.61
C ARG K 853 -7.04 -86.12 86.08
N LYS K 854 -7.99 -86.96 86.49
CA LYS K 854 -9.39 -86.86 86.07
C LYS K 854 -10.28 -86.56 87.26
N TRP K 855 -11.14 -85.56 87.12
CA TRP K 855 -12.17 -85.31 88.11
C TRP K 855 -13.25 -86.37 88.02
N ASN K 856 -13.59 -86.97 89.16
CA ASN K 856 -14.62 -87.99 89.24
C ASN K 856 -15.76 -87.43 90.06
N CYS K 857 -16.89 -87.17 89.41
CA CYS K 857 -17.94 -86.31 89.96
C CYS K 857 -19.20 -87.11 90.20
N THR K 858 -19.96 -86.68 91.21
CA THR K 858 -21.32 -87.17 91.38
C THR K 858 -22.20 -86.70 90.23
N ASP K 859 -23.27 -87.44 89.98
CA ASP K 859 -24.14 -87.19 88.84
C ASP K 859 -25.54 -86.74 89.26
N HIS K 860 -25.63 -85.90 90.27
CA HIS K 860 -26.92 -85.37 90.70
C HIS K 860 -27.38 -84.26 89.76
N VAL K 861 -28.67 -84.24 89.48
CA VAL K 861 -29.28 -83.15 88.72
C VAL K 861 -29.68 -82.07 89.72
N CYS K 862 -28.95 -80.96 89.72
CA CYS K 862 -29.19 -79.91 90.70
C CYS K 862 -30.42 -79.08 90.33
N ASP K 863 -30.97 -78.40 91.32
CA ASP K 863 -32.11 -77.53 91.11
C ASP K 863 -31.75 -76.41 90.14
N ALA K 864 -32.64 -76.15 89.18
CA ALA K 864 -32.38 -75.17 88.14
C ALA K 864 -33.21 -73.93 88.38
N THR K 865 -32.61 -72.78 88.11
CA THR K 865 -33.25 -71.49 88.35
C THR K 865 -33.44 -70.78 87.02
N CYS K 866 -34.66 -70.79 86.50
CA CYS K 866 -35.00 -69.85 85.46
C CYS K 866 -35.14 -68.46 86.08
N SER K 867 -34.80 -67.44 85.30
CA SER K 867 -34.78 -66.09 85.84
C SER K 867 -35.07 -65.09 84.74
N THR K 868 -35.96 -64.15 85.02
CA THR K 868 -36.11 -62.96 84.21
C THR K 868 -35.12 -61.92 84.72
N ILE K 869 -34.15 -61.56 83.88
CA ILE K 869 -33.12 -60.61 84.27
C ILE K 869 -33.49 -59.26 83.65
N GLY K 870 -33.71 -58.28 84.50
CA GLY K 870 -34.10 -57.00 83.94
C GLY K 870 -35.52 -57.01 83.44
N MET K 871 -35.78 -56.19 82.43
CA MET K 871 -37.13 -56.00 81.94
C MET K 871 -37.41 -56.76 80.66
N ALA K 872 -36.38 -57.17 79.90
CA ALA K 872 -36.62 -57.80 78.61
C ALA K 872 -35.70 -59.00 78.34
N HIS K 873 -34.89 -59.41 79.29
CA HIS K 873 -34.00 -60.55 79.11
C HIS K 873 -34.44 -61.70 79.98
N TYR K 874 -34.32 -62.91 79.46
CA TYR K 874 -34.69 -64.14 80.16
C TYR K 874 -33.50 -65.08 80.20
N LEU K 875 -33.44 -65.90 81.23
CA LEU K 875 -32.41 -66.93 81.34
C LEU K 875 -33.10 -68.26 81.56
N THR K 876 -33.01 -69.15 80.58
CA THR K 876 -33.70 -70.42 80.65
C THR K 876 -33.12 -71.32 81.73
N PHE K 877 -33.78 -72.45 81.94
CA PHE K 877 -33.31 -73.41 82.94
C PHE K 877 -31.93 -73.95 82.57
N ASP K 878 -31.69 -74.19 81.29
CA ASP K 878 -30.43 -74.75 80.84
C ASP K 878 -29.34 -73.71 80.67
N GLY K 879 -29.62 -72.44 80.90
CA GLY K 879 -28.61 -71.41 80.89
C GLY K 879 -28.60 -70.52 79.67
N LEU K 880 -29.58 -70.61 78.80
CA LEU K 880 -29.63 -69.78 77.60
C LEU K 880 -30.19 -68.42 77.96
N LYS K 881 -29.35 -67.38 77.83
CA LYS K 881 -29.79 -66.01 78.02
C LYS K 881 -30.18 -65.43 76.67
N TYR K 882 -31.38 -64.86 76.60
CA TYR K 882 -31.86 -64.32 75.33
C TYR K 882 -32.71 -63.10 75.59
N LEU K 883 -32.88 -62.29 74.55
CA LEU K 883 -33.58 -61.02 74.62
C LEU K 883 -34.94 -61.17 73.97
N PHE K 884 -35.97 -60.70 74.66
CA PHE K 884 -37.32 -60.73 74.13
C PHE K 884 -38.15 -59.64 74.77
N PRO K 885 -38.25 -58.47 74.17
CA PRO K 885 -39.16 -57.44 74.69
C PRO K 885 -40.57 -57.62 74.17
N GLY K 886 -41.54 -57.70 75.07
CA GLY K 886 -42.92 -57.88 74.66
C GLY K 886 -43.85 -57.19 75.62
N GLU K 887 -44.96 -56.68 75.07
CA GLU K 887 -45.97 -56.01 75.88
C GLU K 887 -46.98 -56.97 76.49
N CYS K 888 -47.13 -58.15 75.91
CA CYS K 888 -48.25 -59.03 76.18
C CYS K 888 -47.96 -59.90 77.40
N GLN K 889 -48.82 -60.88 77.65
CA GLN K 889 -48.63 -61.87 78.70
C GLN K 889 -48.12 -63.16 78.08
N TYR K 890 -47.10 -63.74 78.69
CA TYR K 890 -46.41 -64.89 78.12
C TYR K 890 -46.29 -66.00 79.16
N VAL K 891 -46.17 -67.23 78.68
CA VAL K 891 -45.99 -68.38 79.55
C VAL K 891 -44.52 -68.45 79.97
N LEU K 892 -44.24 -68.19 81.24
CA LEU K 892 -42.87 -68.29 81.71
C LEU K 892 -42.46 -69.74 81.92
N VAL K 893 -43.28 -70.52 82.61
CA VAL K 893 -43.06 -71.95 82.81
C VAL K 893 -44.41 -72.63 82.75
N GLN K 894 -44.42 -73.87 82.28
CA GLN K 894 -45.66 -74.62 82.13
C GLN K 894 -45.33 -76.08 81.91
N ASP K 895 -46.06 -76.96 82.59
CA ASP K 895 -45.98 -78.38 82.32
C ASP K 895 -47.22 -78.92 81.62
N TYR K 896 -48.22 -78.08 81.37
CA TYR K 896 -49.37 -78.45 80.54
C TYR K 896 -49.00 -78.36 79.06
N CYS K 897 -47.95 -79.09 78.69
CA CYS K 897 -47.53 -79.17 77.30
C CYS K 897 -46.95 -80.54 77.02
N GLY K 898 -47.03 -80.95 75.77
CA GLY K 898 -46.69 -82.32 75.45
C GLY K 898 -47.75 -83.27 76.00
N SER K 899 -47.33 -84.51 76.21
CA SER K 899 -48.23 -85.52 76.73
C SER K 899 -48.37 -85.48 78.25
N ASN K 900 -47.50 -84.76 78.94
CA ASN K 900 -47.49 -84.81 80.39
C ASN K 900 -48.79 -84.23 80.95
N PRO K 901 -49.41 -84.89 81.93
CA PRO K 901 -50.55 -84.27 82.62
C PRO K 901 -50.08 -83.13 83.52
N GLY K 902 -50.50 -81.91 83.19
CA GLY K 902 -49.94 -80.75 83.83
C GLY K 902 -50.40 -80.58 85.26
N THR K 903 -49.61 -79.81 86.02
CA THR K 903 -49.92 -79.51 87.41
C THR K 903 -49.80 -78.03 87.74
N PHE K 904 -49.02 -77.26 87.00
CA PHE K 904 -48.79 -75.87 87.30
C PHE K 904 -48.53 -75.11 86.01
N ARG K 905 -48.74 -73.81 86.07
CA ARG K 905 -48.59 -72.96 84.89
C ARG K 905 -48.34 -71.54 85.37
N ILE K 906 -47.20 -70.98 85.03
CA ILE K 906 -46.81 -69.65 85.47
C ILE K 906 -46.80 -68.71 84.28
N LEU K 907 -47.53 -67.61 84.39
CA LEU K 907 -47.64 -66.61 83.34
C LEU K 907 -47.03 -65.30 83.81
N VAL K 908 -46.31 -64.62 82.92
CA VAL K 908 -45.70 -63.34 83.22
C VAL K 908 -46.21 -62.31 82.23
N GLY K 909 -46.69 -61.19 82.74
CA GLY K 909 -47.14 -60.09 81.90
C GLY K 909 -46.32 -58.85 82.16
N ASN K 910 -45.99 -58.13 81.10
CA ASN K 910 -45.18 -56.92 81.19
C ASN K 910 -46.10 -55.71 81.20
N LYS K 911 -46.02 -54.92 82.25
CA LYS K 911 -46.88 -53.75 82.42
C LYS K 911 -46.03 -52.52 82.68
N GLY K 912 -46.32 -51.45 81.94
CA GLY K 912 -45.56 -50.23 82.03
C GLY K 912 -44.40 -50.14 81.07
N CYS K 913 -43.94 -51.26 80.52
CA CYS K 913 -42.92 -51.20 79.49
C CYS K 913 -42.95 -52.48 78.66
N SER K 914 -42.42 -52.37 77.47
CA SER K 914 -41.84 -53.45 76.71
C SER K 914 -40.42 -53.10 76.32
N HIS K 915 -40.19 -51.85 75.95
CA HIS K 915 -38.86 -51.29 75.92
C HIS K 915 -38.56 -50.83 77.34
N PRO K 916 -37.53 -51.36 77.99
CA PRO K 916 -37.35 -51.12 79.43
C PRO K 916 -37.48 -49.65 79.79
N SER K 917 -38.29 -49.37 80.82
CA SER K 917 -38.61 -48.00 81.18
C SER K 917 -38.76 -47.89 82.69
N VAL K 918 -38.66 -46.66 83.20
CA VAL K 918 -38.58 -46.44 84.63
C VAL K 918 -39.84 -46.93 85.35
N LYS K 919 -41.01 -46.63 84.80
CA LYS K 919 -42.27 -46.90 85.51
C LYS K 919 -42.77 -48.32 85.31
N CYS K 920 -41.89 -49.26 84.96
CA CYS K 920 -42.34 -50.58 84.53
C CYS K 920 -42.53 -51.52 85.72
N LYS K 921 -43.28 -52.58 85.47
CA LYS K 921 -43.50 -53.63 86.46
C LYS K 921 -44.06 -54.86 85.77
N LYS K 922 -43.87 -56.01 86.40
CA LYS K 922 -44.31 -57.29 85.84
C LYS K 922 -45.34 -57.93 86.76
N ARG K 923 -46.38 -58.50 86.17
CA ARG K 923 -47.41 -59.25 86.87
C ARG K 923 -47.19 -60.73 86.63
N VAL K 924 -47.19 -61.51 87.71
CA VAL K 924 -47.05 -62.96 87.63
C VAL K 924 -48.37 -63.58 88.02
N THR K 925 -48.80 -64.57 87.23
CA THR K 925 -49.99 -65.35 87.55
C THR K 925 -49.58 -66.81 87.72
N ILE K 926 -49.82 -67.36 88.90
CA ILE K 926 -49.36 -68.68 89.23
C ILE K 926 -50.57 -69.60 89.35
N LEU K 927 -50.90 -70.28 88.27
CA LEU K 927 -52.08 -71.14 88.21
C LEU K 927 -51.78 -72.57 88.63
N VAL K 928 -51.31 -72.74 89.87
CA VAL K 928 -50.85 -74.05 90.33
C VAL K 928 -52.03 -74.82 90.90
N GLU K 929 -52.20 -76.05 90.42
CA GLU K 929 -53.20 -77.01 90.91
C GLU K 929 -54.58 -76.37 91.09
N GLY K 930 -55.00 -75.63 90.07
CA GLY K 930 -56.30 -74.99 90.08
C GLY K 930 -56.35 -73.69 90.88
N GLY K 931 -55.50 -73.57 91.88
CA GLY K 931 -55.39 -72.31 92.61
C GLY K 931 -54.75 -71.25 91.74
N GLU K 932 -54.69 -70.04 92.28
CA GLU K 932 -54.14 -68.92 91.53
C GLU K 932 -53.54 -67.92 92.51
N ILE K 933 -52.25 -67.65 92.35
CA ILE K 933 -51.55 -66.64 93.12
C ILE K 933 -51.05 -65.59 92.15
N GLU K 934 -51.42 -64.35 92.38
CA GLU K 934 -51.01 -63.23 91.54
C GLU K 934 -50.01 -62.37 92.28
N LEU K 935 -48.88 -62.10 91.64
CA LEU K 935 -47.84 -61.24 92.20
C LEU K 935 -47.87 -59.91 91.46
N PHE K 936 -48.11 -58.83 92.20
CA PHE K 936 -48.21 -57.51 91.60
C PHE K 936 -47.99 -56.44 92.65
N ASP K 937 -47.45 -55.30 92.21
CA ASP K 937 -47.23 -54.15 93.07
C ASP K 937 -46.43 -54.52 94.32
N GLY K 938 -45.50 -55.45 94.15
CA GLY K 938 -44.68 -55.88 95.26
C GLY K 938 -45.45 -56.55 96.37
N GLU K 939 -46.62 -57.11 96.07
CA GLU K 939 -47.43 -57.77 97.07
C GLU K 939 -48.04 -59.03 96.48
N VAL K 940 -48.26 -60.02 97.33
CA VAL K 940 -48.84 -61.30 96.92
C VAL K 940 -50.35 -61.19 96.99
N ASN K 941 -51.03 -61.80 96.02
CA ASN K 941 -52.49 -61.78 95.96
C ASN K 941 -52.97 -63.19 95.61
N VAL K 942 -53.39 -63.94 96.63
CA VAL K 942 -53.91 -65.28 96.42
C VAL K 942 -55.35 -65.18 95.95
N LYS K 943 -55.56 -65.14 94.64
CA LYS K 943 -56.87 -64.88 94.08
C LYS K 943 -57.77 -66.12 94.05
N ARG K 944 -57.20 -67.31 94.23
CA ARG K 944 -57.95 -68.50 94.57
C ARG K 944 -57.07 -69.37 95.44
N PRO K 945 -57.64 -70.15 96.35
CA PRO K 945 -56.81 -71.03 97.18
C PRO K 945 -56.43 -72.31 96.46
N MET K 946 -55.37 -72.93 96.96
CA MET K 946 -54.90 -74.20 96.43
C MET K 946 -55.62 -75.36 97.12
N LYS K 947 -55.53 -76.54 96.50
CA LYS K 947 -56.11 -77.73 97.09
C LYS K 947 -55.36 -78.18 98.33
N ASP K 948 -54.04 -77.98 98.36
CA ASP K 948 -53.21 -78.34 99.50
C ASP K 948 -52.48 -77.09 99.96
N GLU K 949 -53.12 -76.34 100.86
CA GLU K 949 -52.51 -75.12 101.40
C GLU K 949 -51.33 -75.42 102.31
N THR K 950 -51.15 -76.68 102.71
CA THR K 950 -49.97 -77.03 103.50
C THR K 950 -48.72 -77.07 102.64
N HIS K 951 -48.84 -77.56 101.40
CA HIS K 951 -47.72 -77.44 100.46
C HIS K 951 -47.42 -75.98 100.15
N PHE K 952 -48.46 -75.16 100.00
CA PHE K 952 -48.28 -73.75 99.73
C PHE K 952 -47.67 -73.03 100.93
N GLU K 953 -46.84 -72.04 100.64
CA GLU K 953 -46.28 -71.17 101.67
C GLU K 953 -45.66 -69.95 101.00
N VAL K 954 -45.70 -68.83 101.72
CA VAL K 954 -45.11 -67.58 101.27
C VAL K 954 -44.16 -67.09 102.35
N VAL K 955 -42.91 -66.81 101.96
CA VAL K 955 -41.91 -66.30 102.87
C VAL K 955 -41.41 -64.98 102.33
N GLU K 956 -41.39 -63.96 103.18
CA GLU K 956 -40.85 -62.65 102.83
C GLU K 956 -39.52 -62.47 103.54
N SER K 957 -38.47 -62.22 102.78
CA SER K 957 -37.13 -62.12 103.34
C SER K 957 -36.29 -61.21 102.46
N GLY K 958 -35.54 -60.33 103.10
CA GLY K 958 -34.73 -59.37 102.36
C GLY K 958 -35.59 -58.60 101.39
N ARG K 959 -35.12 -58.49 100.15
CA ARG K 959 -35.86 -57.83 99.10
C ARG K 959 -36.89 -58.73 98.45
N TYR K 960 -36.96 -60.00 98.82
CA TYR K 960 -37.61 -61.01 97.99
C TYR K 960 -38.83 -61.59 98.67
N ILE K 961 -39.79 -62.01 97.84
CA ILE K 961 -40.88 -62.87 98.25
C ILE K 961 -40.57 -64.27 97.75
N ILE K 962 -40.58 -65.24 98.65
CA ILE K 962 -40.27 -66.63 98.32
C ILE K 962 -41.55 -67.44 98.48
N LEU K 963 -42.02 -68.01 97.38
CA LEU K 963 -43.22 -68.84 97.38
C LEU K 963 -42.81 -70.29 97.22
N LEU K 964 -43.32 -71.15 98.08
CA LEU K 964 -43.18 -72.58 97.93
C LEU K 964 -44.51 -73.14 97.41
N LEU K 965 -44.49 -73.66 96.20
CA LEU K 965 -45.68 -74.16 95.55
C LEU K 965 -45.73 -75.69 95.54
N GLY K 966 -44.88 -76.33 96.31
CA GLY K 966 -44.79 -77.77 96.31
C GLY K 966 -43.43 -78.20 96.80
N LYS K 967 -43.24 -79.53 96.80
CA LYS K 967 -41.94 -80.06 97.22
C LYS K 967 -40.87 -79.86 96.16
N ALA K 968 -41.26 -79.62 94.90
CA ALA K 968 -40.32 -79.52 93.80
C ALA K 968 -40.40 -78.24 93.00
N LEU K 969 -41.25 -77.30 93.39
CA LEU K 969 -41.44 -76.06 92.67
C LEU K 969 -41.43 -74.89 93.64
N SER K 970 -40.72 -73.83 93.27
CA SER K 970 -40.64 -72.64 94.09
C SER K 970 -40.43 -71.44 93.19
N VAL K 971 -40.82 -70.27 93.69
CA VAL K 971 -40.66 -69.01 92.97
C VAL K 971 -40.03 -68.00 93.90
N VAL K 972 -39.02 -67.30 93.40
CA VAL K 972 -38.36 -66.22 94.14
C VAL K 972 -38.53 -64.95 93.33
N TRP K 973 -39.00 -63.89 93.99
CA TRP K 973 -39.39 -62.66 93.29
C TRP K 973 -38.88 -61.48 94.10
N ASP K 974 -38.10 -60.61 93.45
CA ASP K 974 -37.54 -59.43 94.11
C ASP K 974 -38.56 -58.32 94.29
N ARG K 975 -39.83 -58.58 94.03
CA ARG K 975 -40.97 -57.69 94.21
C ARG K 975 -41.05 -56.62 93.13
N HIS K 976 -40.05 -56.47 92.26
CA HIS K 976 -40.15 -55.52 91.16
C HIS K 976 -40.09 -56.18 89.79
N LEU K 977 -38.99 -56.82 89.44
CA LEU K 977 -38.81 -57.36 88.09
C LEU K 977 -38.29 -58.78 88.05
N SER K 978 -37.36 -59.14 88.93
CA SER K 978 -36.57 -60.35 88.79
C SER K 978 -37.34 -61.54 89.33
N ILE K 979 -38.15 -62.13 88.47
CA ILE K 979 -38.84 -63.38 88.79
C ILE K 979 -37.88 -64.54 88.57
N SER K 980 -37.84 -65.46 89.53
CA SER K 980 -37.02 -66.67 89.41
C SER K 980 -37.85 -67.88 89.79
N VAL K 981 -37.84 -68.90 88.94
CA VAL K 981 -38.55 -70.13 89.18
C VAL K 981 -37.52 -71.24 89.36
N VAL K 982 -37.67 -72.00 90.44
CA VAL K 982 -36.72 -73.04 90.78
C VAL K 982 -37.44 -74.39 90.72
N LEU K 983 -36.89 -75.32 89.97
CA LEU K 983 -37.47 -76.64 89.78
C LEU K 983 -36.47 -77.69 90.23
N LYS K 984 -36.95 -78.69 90.96
CA LYS K 984 -36.13 -79.85 91.28
C LYS K 984 -36.20 -80.86 90.15
N GLN K 985 -35.34 -81.87 90.23
CA GLN K 985 -35.12 -82.77 89.10
C GLN K 985 -36.38 -83.50 88.67
N THR K 986 -37.38 -83.61 89.54
CA THR K 986 -38.59 -84.34 89.18
C THR K 986 -39.32 -83.72 88.00
N TYR K 987 -39.13 -82.43 87.75
CA TYR K 987 -39.79 -81.74 86.65
C TYR K 987 -38.97 -81.75 85.38
N GLN K 988 -37.88 -82.50 85.33
CA GLN K 988 -36.99 -82.48 84.17
C GLN K 988 -37.69 -83.09 82.96
N GLU K 989 -37.45 -82.49 81.79
CA GLU K 989 -37.96 -82.94 80.50
C GLU K 989 -39.45 -82.68 80.34
N LYS K 990 -40.11 -82.09 81.33
CA LYS K 990 -41.55 -81.96 81.34
C LYS K 990 -42.05 -80.54 81.14
N VAL K 991 -41.29 -79.54 81.58
CA VAL K 991 -41.74 -78.17 81.54
C VAL K 991 -41.42 -77.57 80.17
N CYS K 992 -42.06 -76.44 79.89
CA CYS K 992 -41.83 -75.70 78.66
C CYS K 992 -42.09 -74.22 78.93
N GLY K 993 -42.21 -73.44 77.87
CA GLY K 993 -42.42 -72.01 78.01
C GLY K 993 -41.18 -71.21 77.70
N LEU K 994 -41.22 -69.93 78.08
CA LEU K 994 -40.09 -69.05 77.84
C LEU K 994 -38.83 -69.53 78.54
N CYS K 995 -38.97 -70.26 79.64
CA CYS K 995 -37.81 -70.81 80.33
C CYS K 995 -37.26 -72.06 79.67
N GLY K 996 -37.90 -72.56 78.61
CA GLY K 996 -37.39 -73.69 77.88
C GLY K 996 -37.68 -75.00 78.59
N ASN K 997 -37.40 -76.09 77.88
CA ASN K 997 -37.58 -77.44 78.41
C ASN K 997 -36.35 -77.81 79.21
N PHE K 998 -36.51 -77.93 80.51
CA PHE K 998 -35.41 -78.32 81.40
C PHE K 998 -34.97 -79.75 81.09
N ASP K 999 -33.85 -79.85 80.37
CA ASP K 999 -33.24 -81.12 80.02
C ASP K 999 -31.72 -81.10 80.04
N GLY K 1000 -31.11 -79.98 80.43
CA GLY K 1000 -29.67 -79.83 80.41
C GLY K 1000 -29.08 -79.47 79.07
N ILE K 1001 -29.89 -79.24 78.05
CA ILE K 1001 -29.44 -78.90 76.70
C ILE K 1001 -29.89 -77.50 76.37
N GLN K 1002 -28.96 -76.67 75.90
CA GLN K 1002 -29.30 -75.28 75.59
C GLN K 1002 -29.85 -75.12 74.18
N ASN K 1003 -29.34 -75.90 73.23
CA ASN K 1003 -29.65 -75.66 71.83
C ASN K 1003 -31.13 -75.76 71.52
N ASN K 1004 -31.88 -76.53 72.31
CA ASN K 1004 -33.29 -76.76 72.04
C ASN K 1004 -34.21 -75.88 72.85
N ASP K 1005 -33.69 -74.88 73.56
CA ASP K 1005 -34.52 -74.12 74.46
C ASP K 1005 -35.43 -73.14 73.74
N LEU K 1006 -35.14 -72.78 72.50
CA LEU K 1006 -36.00 -71.88 71.76
C LEU K 1006 -37.11 -72.62 71.03
N THR K 1007 -37.44 -73.81 71.50
CA THR K 1007 -38.56 -74.58 70.96
C THR K 1007 -39.85 -73.79 71.11
N SER K 1008 -40.46 -73.43 69.99
CA SER K 1008 -41.71 -72.70 70.04
C SER K 1008 -42.81 -73.54 70.68
N SER K 1009 -43.92 -72.89 70.98
CA SER K 1009 -45.07 -73.62 71.52
C SER K 1009 -45.57 -74.66 70.53
N ASN K 1010 -45.32 -74.44 69.24
CA ASN K 1010 -45.65 -75.41 68.22
C ASN K 1010 -44.52 -76.39 67.91
N LEU K 1011 -43.59 -76.56 68.84
CA LEU K 1011 -42.57 -77.60 68.85
C LEU K 1011 -41.45 -77.35 67.85
N GLN K 1012 -41.48 -76.26 67.10
CA GLN K 1012 -40.43 -75.93 66.15
C GLN K 1012 -39.39 -75.02 66.78
N VAL K 1013 -38.13 -75.39 66.67
CA VAL K 1013 -37.04 -74.59 67.21
C VAL K 1013 -36.81 -73.38 66.32
N GLU K 1014 -36.66 -72.21 66.94
CA GLU K 1014 -36.53 -70.96 66.23
C GLU K 1014 -35.14 -70.38 66.41
N GLU K 1015 -34.60 -69.82 65.32
CA GLU K 1015 -33.29 -69.17 65.41
C GLU K 1015 -33.37 -67.82 66.11
N ASP K 1016 -34.53 -67.16 66.06
CA ASP K 1016 -34.71 -65.84 66.61
C ASP K 1016 -35.58 -65.92 67.86
N PRO K 1017 -35.11 -65.41 69.01
CA PRO K 1017 -35.95 -65.46 70.21
C PRO K 1017 -37.25 -64.70 70.10
N VAL K 1018 -37.34 -63.73 69.20
CA VAL K 1018 -38.57 -62.95 69.07
C VAL K 1018 -39.71 -63.84 68.61
N ASP K 1019 -39.47 -64.68 67.60
CA ASP K 1019 -40.50 -65.59 67.14
C ASP K 1019 -40.88 -66.58 68.22
N PHE K 1020 -39.90 -67.08 68.95
CA PHE K 1020 -40.16 -68.00 70.06
C PHE K 1020 -41.09 -67.38 71.09
N GLY K 1021 -40.74 -66.18 71.55
CA GLY K 1021 -41.59 -65.50 72.52
C GLY K 1021 -42.97 -65.20 71.99
N ASN K 1022 -43.06 -64.75 70.74
CA ASN K 1022 -44.37 -64.51 70.13
C ASN K 1022 -45.19 -65.79 70.11
N SER K 1023 -44.53 -66.92 69.90
CA SER K 1023 -45.22 -68.20 69.94
C SER K 1023 -45.68 -68.55 71.34
N TRP K 1024 -45.07 -67.98 72.37
CA TRP K 1024 -45.49 -68.27 73.74
C TRP K 1024 -46.40 -67.21 74.35
N LYS K 1025 -46.99 -66.32 73.55
CA LYS K 1025 -47.92 -65.35 74.11
C LYS K 1025 -49.26 -65.99 74.41
N VAL K 1026 -49.80 -65.70 75.59
CA VAL K 1026 -51.02 -66.35 76.06
C VAL K 1026 -52.22 -65.93 75.21
N SER K 1027 -52.38 -64.63 74.99
CA SER K 1027 -53.53 -64.09 74.29
C SER K 1027 -53.18 -63.88 72.83
N SER K 1028 -53.96 -64.50 71.94
CA SER K 1028 -53.66 -64.40 70.52
C SER K 1028 -53.90 -62.99 69.99
N GLN K 1029 -54.93 -62.31 70.50
CA GLN K 1029 -55.26 -60.99 69.99
C GLN K 1029 -54.18 -59.95 70.26
N CYS K 1030 -53.29 -60.20 71.21
CA CYS K 1030 -52.29 -59.21 71.58
C CYS K 1030 -51.23 -59.09 70.48
N ALA K 1031 -50.48 -58.00 70.54
CA ALA K 1031 -49.55 -57.65 69.46
C ALA K 1031 -48.28 -58.50 69.51
N ASP K 1032 -47.65 -58.65 68.35
CA ASP K 1032 -46.39 -59.36 68.24
C ASP K 1032 -45.21 -58.41 68.33
N THR K 1033 -44.10 -58.91 68.85
CA THR K 1033 -42.86 -58.15 68.84
C THR K 1033 -42.33 -58.06 67.41
N ARG K 1034 -41.77 -56.90 67.06
CA ARG K 1034 -41.58 -56.54 65.68
C ARG K 1034 -40.23 -56.93 65.10
N LYS K 1035 -39.33 -57.50 65.90
CA LYS K 1035 -37.97 -57.81 65.45
C LYS K 1035 -37.27 -56.55 64.94
N VAL K 1036 -37.05 -55.61 65.86
CA VAL K 1036 -36.33 -54.37 65.53
C VAL K 1036 -34.93 -54.74 65.08
N PRO K 1037 -34.31 -53.99 64.16
CA PRO K 1037 -32.95 -54.32 63.74
C PRO K 1037 -31.98 -54.33 64.91
N LEU K 1038 -31.01 -55.24 64.83
CA LEU K 1038 -30.14 -55.56 65.96
C LEU K 1038 -28.98 -54.57 66.03
N ASP K 1039 -29.29 -53.35 66.44
CA ASP K 1039 -28.27 -52.33 66.60
C ASP K 1039 -27.30 -52.70 67.72
N SER K 1040 -26.06 -52.23 67.61
CA SER K 1040 -25.05 -52.53 68.61
C SER K 1040 -25.40 -51.95 69.97
N SER K 1041 -26.26 -50.94 70.02
CA SER K 1041 -26.77 -50.40 71.27
C SER K 1041 -28.24 -50.06 71.08
N PRO K 1042 -29.02 -50.10 72.16
CA PRO K 1042 -30.47 -49.87 72.03
C PRO K 1042 -30.80 -48.47 71.54
N ALA K 1043 -32.08 -48.20 71.35
CA ALA K 1043 -32.54 -46.84 71.07
C ALA K 1043 -32.18 -45.95 72.26
N THR K 1044 -31.82 -44.70 71.97
CA THR K 1044 -31.35 -43.67 72.89
C THR K 1044 -29.90 -43.91 73.29
N CYS K 1045 -29.27 -44.98 72.81
CA CYS K 1045 -27.81 -45.06 72.78
C CYS K 1045 -27.28 -45.27 71.37
N HIS K 1046 -28.15 -45.61 70.41
CA HIS K 1046 -27.70 -45.78 69.04
C HIS K 1046 -27.12 -44.49 68.48
N ASN K 1047 -27.75 -43.36 68.79
CA ASN K 1047 -27.33 -42.05 68.31
C ASN K 1047 -27.03 -41.08 69.45
N ASN K 1048 -26.76 -41.59 70.64
CA ASN K 1048 -26.44 -40.75 71.80
C ASN K 1048 -25.14 -41.24 72.42
N ILE K 1049 -24.03 -40.71 71.90
CA ILE K 1049 -22.74 -41.04 72.45
C ILE K 1049 -22.52 -40.21 73.71
N MET K 1050 -21.66 -40.69 74.59
CA MET K 1050 -21.42 -40.17 75.93
C MET K 1050 -22.56 -40.58 76.86
N LYS K 1051 -23.65 -41.13 76.35
CA LYS K 1051 -24.56 -41.91 77.16
C LYS K 1051 -24.25 -43.39 77.04
N GLN K 1052 -23.89 -43.84 75.84
CA GLN K 1052 -23.49 -45.22 75.64
C GLN K 1052 -22.28 -45.56 76.50
N THR K 1053 -21.29 -44.68 76.51
CA THR K 1053 -20.08 -44.94 77.27
C THR K 1053 -20.26 -44.75 78.77
N MET K 1054 -21.10 -43.80 79.20
CA MET K 1054 -21.41 -43.75 80.62
C MET K 1054 -22.07 -45.03 81.07
N VAL K 1055 -23.04 -45.53 80.29
CA VAL K 1055 -23.68 -46.80 80.61
C VAL K 1055 -22.65 -47.92 80.67
N ASP K 1056 -21.77 -47.98 79.68
CA ASP K 1056 -20.76 -49.04 79.65
C ASP K 1056 -19.89 -49.00 80.90
N SER K 1057 -19.29 -47.84 81.17
CA SER K 1057 -18.35 -47.73 82.27
C SER K 1057 -19.03 -47.90 83.62
N SER K 1058 -20.30 -47.54 83.73
CA SER K 1058 -21.01 -47.77 84.98
C SER K 1058 -21.38 -49.24 85.15
N CYS K 1059 -21.74 -49.92 84.07
CA CYS K 1059 -22.03 -51.34 84.14
C CYS K 1059 -20.78 -52.17 84.36
N ARG K 1060 -19.60 -51.63 84.04
CA ARG K 1060 -18.35 -52.34 84.33
C ARG K 1060 -18.15 -52.59 85.81
N ILE K 1061 -19.01 -52.06 86.68
CA ILE K 1061 -18.98 -52.41 88.09
C ILE K 1061 -18.97 -53.92 88.29
N LEU K 1062 -19.58 -54.65 87.36
CA LEU K 1062 -19.56 -56.11 87.41
C LEU K 1062 -18.14 -56.66 87.36
N THR K 1063 -17.22 -55.92 86.78
CA THR K 1063 -15.82 -56.35 86.67
C THR K 1063 -14.97 -55.85 87.83
N SER K 1064 -15.51 -54.99 88.69
CA SER K 1064 -14.71 -54.35 89.74
C SER K 1064 -14.22 -55.39 90.75
N ASP K 1065 -13.45 -54.91 91.73
CA ASP K 1065 -12.78 -55.80 92.67
C ASP K 1065 -13.76 -56.64 93.47
N VAL K 1066 -14.86 -56.04 93.93
CA VAL K 1066 -15.79 -56.77 94.77
C VAL K 1066 -16.38 -57.96 94.02
N PHE K 1067 -16.64 -57.81 92.74
CA PHE K 1067 -17.14 -58.89 91.91
C PHE K 1067 -16.03 -59.71 91.28
N GLN K 1068 -14.77 -59.29 91.41
CA GLN K 1068 -13.69 -59.92 90.65
C GLN K 1068 -13.51 -61.37 91.04
N ASP K 1069 -13.82 -61.74 92.29
CA ASP K 1069 -13.70 -63.13 92.69
C ASP K 1069 -14.89 -63.96 92.25
N CYS K 1070 -16.07 -63.35 92.14
CA CYS K 1070 -17.20 -64.06 91.57
C CYS K 1070 -17.02 -64.33 90.09
N ASN K 1071 -16.37 -63.42 89.37
CA ASN K 1071 -16.21 -63.58 87.93
C ASN K 1071 -15.40 -64.83 87.58
N LYS K 1072 -14.64 -65.38 88.53
CA LYS K 1072 -13.99 -66.66 88.30
C LYS K 1072 -14.99 -67.79 88.24
N LEU K 1073 -16.07 -67.71 89.01
CA LEU K 1073 -17.07 -68.76 89.05
C LEU K 1073 -18.19 -68.53 88.05
N VAL K 1074 -18.57 -67.29 87.79
CA VAL K 1074 -19.70 -66.96 86.93
C VAL K 1074 -19.23 -65.97 85.87
N ASP K 1075 -19.78 -66.09 84.68
CA ASP K 1075 -19.43 -65.20 83.58
C ASP K 1075 -20.23 -63.91 83.69
N PRO K 1076 -19.60 -62.75 83.85
CA PRO K 1076 -20.36 -61.50 83.97
C PRO K 1076 -20.84 -60.94 82.63
N GLU K 1077 -20.33 -61.46 81.51
CA GLU K 1077 -20.66 -60.86 80.21
C GLU K 1077 -22.15 -60.84 79.92
N PRO K 1078 -22.91 -61.93 80.10
CA PRO K 1078 -24.36 -61.82 79.86
C PRO K 1078 -25.02 -60.76 80.71
N TYR K 1079 -24.66 -60.69 81.99
CA TYR K 1079 -25.24 -59.69 82.86
C TYR K 1079 -24.76 -58.30 82.51
N LEU K 1080 -23.54 -58.17 82.01
CA LEU K 1080 -23.10 -56.88 81.50
C LEU K 1080 -23.94 -56.44 80.32
N ASP K 1081 -24.26 -57.36 79.41
CA ASP K 1081 -25.12 -57.02 78.28
C ASP K 1081 -26.50 -56.59 78.76
N VAL K 1082 -27.07 -57.34 79.70
CA VAL K 1082 -28.38 -56.97 80.24
C VAL K 1082 -28.32 -55.59 80.89
N CYS K 1083 -27.26 -55.32 81.66
CA CYS K 1083 -27.11 -54.02 82.29
C CYS K 1083 -27.10 -52.91 81.26
N ILE K 1084 -26.29 -53.06 80.22
CA ILE K 1084 -26.18 -52.02 79.20
C ILE K 1084 -27.53 -51.81 78.51
N TYR K 1085 -28.19 -52.90 78.12
CA TYR K 1085 -29.46 -52.80 77.41
C TYR K 1085 -30.49 -52.08 78.27
N ASP K 1086 -30.69 -52.54 79.50
CA ASP K 1086 -31.70 -51.95 80.35
C ASP K 1086 -31.37 -50.51 80.70
N THR K 1087 -30.09 -50.19 80.84
CA THR K 1087 -29.72 -48.85 81.25
C THR K 1087 -29.91 -47.85 80.12
N CYS K 1088 -29.58 -48.23 78.89
CA CYS K 1088 -29.97 -47.40 77.75
C CYS K 1088 -31.48 -47.24 77.67
N SER K 1089 -32.21 -48.35 77.70
CA SER K 1089 -33.65 -48.27 77.46
C SER K 1089 -34.36 -47.48 78.56
N CYS K 1090 -33.89 -47.60 79.80
CA CYS K 1090 -34.61 -47.00 80.93
C CYS K 1090 -34.43 -45.50 80.98
N GLU K 1091 -33.19 -45.03 80.95
CA GLU K 1091 -32.82 -43.65 81.28
C GLU K 1091 -33.66 -43.14 82.45
N SER K 1092 -33.50 -43.84 83.57
CA SER K 1092 -34.33 -43.61 84.74
C SER K 1092 -34.04 -42.23 85.34
N ILE K 1093 -34.96 -41.78 86.20
CA ILE K 1093 -34.90 -40.43 86.73
C ILE K 1093 -34.64 -40.41 88.23
N GLY K 1094 -35.62 -40.87 89.00
CA GLY K 1094 -35.55 -40.73 90.44
C GLY K 1094 -35.05 -41.98 91.11
N ASP K 1095 -35.61 -43.12 90.73
CA ASP K 1095 -35.10 -44.41 91.16
C ASP K 1095 -34.18 -44.94 90.08
N CYS K 1096 -32.99 -45.36 90.48
CA CYS K 1096 -31.99 -45.89 89.58
C CYS K 1096 -32.16 -47.39 89.39
N ALA K 1097 -33.40 -47.86 89.46
CA ALA K 1097 -33.71 -49.26 89.74
C ALA K 1097 -33.25 -50.19 88.63
N CYS K 1098 -33.26 -49.76 87.37
CA CYS K 1098 -32.88 -50.67 86.29
C CYS K 1098 -31.45 -51.17 86.49
N PHE K 1099 -30.51 -50.23 86.59
CA PHE K 1099 -29.10 -50.56 86.81
C PHE K 1099 -28.93 -51.35 88.10
N CYS K 1100 -29.48 -50.83 89.20
CA CYS K 1100 -29.26 -51.44 90.50
C CYS K 1100 -29.82 -52.87 90.53
N ASP K 1101 -30.97 -53.08 89.90
CA ASP K 1101 -31.57 -54.41 89.90
C ASP K 1101 -30.79 -55.39 89.05
N THR K 1102 -30.22 -54.93 87.93
CA THR K 1102 -29.35 -55.83 87.16
C THR K 1102 -28.12 -56.24 87.97
N ILE K 1103 -27.47 -55.26 88.61
CA ILE K 1103 -26.31 -55.59 89.44
C ILE K 1103 -26.73 -56.50 90.58
N ALA K 1104 -27.92 -56.29 91.14
CA ALA K 1104 -28.39 -57.13 92.23
C ALA K 1104 -28.66 -58.54 91.75
N ALA K 1105 -29.15 -58.70 90.53
CA ALA K 1105 -29.32 -60.05 89.98
C ALA K 1105 -28.00 -60.76 89.85
N TYR K 1106 -26.98 -60.07 89.35
CA TYR K 1106 -25.65 -60.71 89.28
C TYR K 1106 -25.14 -61.06 90.67
N ALA K 1107 -25.33 -60.16 91.63
CA ALA K 1107 -24.90 -60.44 93.00
C ALA K 1107 -25.67 -61.62 93.58
N HIS K 1108 -26.95 -61.76 93.23
CA HIS K 1108 -27.73 -62.90 93.68
C HIS K 1108 -27.19 -64.20 93.14
N VAL K 1109 -26.81 -64.21 91.86
CA VAL K 1109 -26.20 -65.41 91.29
C VAL K 1109 -24.89 -65.72 92.01
N CYS K 1110 -24.06 -64.70 92.22
CA CYS K 1110 -22.81 -64.90 92.95
C CYS K 1110 -23.06 -65.49 94.34
N ALA K 1111 -24.05 -64.97 95.04
CA ALA K 1111 -24.38 -65.50 96.37
C ALA K 1111 -24.83 -66.94 96.30
N GLN K 1112 -25.61 -67.30 95.27
CA GLN K 1112 -25.95 -68.71 95.09
C GLN K 1112 -24.72 -69.56 94.93
N HIS K 1113 -23.70 -69.05 94.24
CA HIS K 1113 -22.44 -69.77 94.10
C HIS K 1113 -21.50 -69.56 95.28
N GLY K 1114 -21.99 -69.09 96.42
CA GLY K 1114 -21.18 -68.94 97.60
C GLY K 1114 -20.34 -67.68 97.67
N LYS K 1115 -20.26 -66.90 96.59
CA LYS K 1115 -19.49 -65.66 96.57
C LYS K 1115 -20.40 -64.50 96.94
N VAL K 1116 -20.56 -64.29 98.25
CA VAL K 1116 -21.32 -63.14 98.73
C VAL K 1116 -20.53 -61.87 98.51
N VAL K 1117 -21.15 -60.88 97.86
CA VAL K 1117 -20.48 -59.67 97.43
C VAL K 1117 -21.18 -58.46 98.04
N THR K 1118 -20.39 -57.56 98.63
CA THR K 1118 -20.90 -56.36 99.28
C THR K 1118 -20.80 -55.17 98.33
N TRP K 1119 -21.66 -55.15 97.33
CA TRP K 1119 -21.54 -54.17 96.25
C TRP K 1119 -22.25 -52.86 96.54
N ARG K 1120 -23.15 -52.81 97.51
CA ARG K 1120 -23.85 -51.57 97.82
C ARG K 1120 -22.89 -50.56 98.43
N THR K 1121 -23.10 -49.29 98.12
CA THR K 1121 -22.39 -48.19 98.76
C THR K 1121 -23.34 -47.02 98.89
N ALA K 1122 -23.00 -46.09 99.78
CA ALA K 1122 -23.82 -44.91 99.96
C ALA K 1122 -23.92 -44.09 98.69
N THR K 1123 -22.92 -44.18 97.82
CA THR K 1123 -22.91 -43.42 96.57
C THR K 1123 -23.30 -44.26 95.37
N LEU K 1124 -23.57 -45.54 95.54
CA LEU K 1124 -23.96 -46.43 94.44
C LEU K 1124 -25.09 -47.32 94.92
N CYS K 1125 -26.27 -47.12 94.36
CA CYS K 1125 -27.44 -47.94 94.65
C CYS K 1125 -27.64 -48.14 96.15
N PRO K 1126 -27.70 -47.07 96.94
CA PRO K 1126 -27.85 -47.23 98.39
C PRO K 1126 -29.19 -47.83 98.76
N GLN K 1127 -29.20 -48.56 99.86
CA GLN K 1127 -30.43 -49.11 100.43
C GLN K 1127 -30.39 -48.90 101.92
N SER K 1128 -31.55 -48.55 102.49
CA SER K 1128 -31.66 -48.28 103.92
C SER K 1128 -32.82 -49.06 104.51
N CYS K 1129 -32.65 -49.52 105.74
CA CYS K 1129 -33.67 -50.25 106.47
C CYS K 1129 -34.19 -49.48 107.67
N GLU K 1130 -33.66 -48.27 107.90
CA GLU K 1130 -34.00 -47.45 109.05
C GLU K 1130 -35.48 -47.15 109.16
N GLU K 1131 -36.23 -47.22 108.05
CA GLU K 1131 -37.67 -46.99 108.10
C GLU K 1131 -38.36 -47.98 109.04
N ARG K 1132 -37.80 -49.18 109.19
CA ARG K 1132 -38.37 -50.19 110.07
C ARG K 1132 -37.93 -50.02 111.53
N ASN K 1133 -36.87 -49.27 111.77
CA ASN K 1133 -36.35 -49.09 113.12
C ASN K 1133 -36.98 -47.91 113.88
N LEU K 1134 -37.31 -46.83 113.19
CA LEU K 1134 -38.08 -45.76 113.80
C LEU K 1134 -39.49 -46.23 114.15
N ARG K 1135 -40.02 -45.74 115.27
CA ARG K 1135 -41.15 -46.38 115.93
C ARG K 1135 -41.88 -45.35 116.79
N GLU K 1136 -43.13 -45.69 117.14
CA GLU K 1136 -43.90 -44.86 118.06
C GLU K 1136 -43.24 -44.74 119.44
N ASN K 1137 -42.44 -45.72 119.83
CA ASN K 1137 -41.64 -45.65 121.04
C ASN K 1137 -40.35 -44.85 120.85
N GLY K 1138 -40.13 -44.27 119.68
CA GLY K 1138 -38.87 -43.66 119.32
C GLY K 1138 -38.10 -44.44 118.28
N TYR K 1139 -37.13 -45.26 118.70
CA TYR K 1139 -36.27 -45.95 117.74
C TYR K 1139 -35.68 -47.18 118.40
N GLU K 1140 -35.64 -48.29 117.67
CA GLU K 1140 -34.84 -49.45 118.05
C GLU K 1140 -34.30 -50.13 116.80
N CYS K 1141 -33.01 -50.42 116.80
CA CYS K 1141 -32.22 -50.72 115.60
C CYS K 1141 -32.11 -52.22 115.31
N GLU K 1142 -33.23 -52.94 115.37
CA GLU K 1142 -33.21 -54.38 115.13
C GLU K 1142 -32.99 -54.71 113.65
N TRP K 1143 -33.53 -53.93 112.72
CA TRP K 1143 -33.32 -54.17 111.30
C TRP K 1143 -32.00 -53.59 110.80
N ARG K 1144 -31.26 -54.39 110.04
CA ARG K 1144 -30.06 -53.97 109.34
C ARG K 1144 -30.11 -54.47 107.91
N TYR K 1145 -29.58 -53.69 106.98
CA TYR K 1145 -29.25 -54.27 105.68
C TYR K 1145 -28.12 -55.28 105.84
N ASN K 1146 -28.25 -56.42 105.16
CA ASN K 1146 -27.17 -57.37 105.06
C ASN K 1146 -26.99 -57.74 103.59
N SER K 1147 -25.72 -57.85 103.15
CA SER K 1147 -25.43 -58.20 101.77
C SER K 1147 -26.23 -59.41 101.33
N CYS K 1148 -26.24 -60.46 102.15
CA CYS K 1148 -27.23 -61.50 102.00
C CYS K 1148 -27.38 -62.17 103.36
N ALA K 1149 -28.61 -62.45 103.74
CA ALA K 1149 -28.94 -63.12 104.98
C ALA K 1149 -29.60 -64.46 104.68
N PRO K 1150 -29.60 -65.39 105.64
CA PRO K 1150 -30.30 -66.66 105.42
C PRO K 1150 -31.75 -66.43 105.02
N ALA K 1151 -32.20 -67.16 104.01
CA ALA K 1151 -33.40 -66.77 103.28
C ALA K 1151 -34.67 -67.02 104.08
N CYS K 1152 -34.73 -68.14 104.80
CA CYS K 1152 -36.01 -68.64 105.31
C CYS K 1152 -35.93 -68.82 106.82
N GLN K 1153 -35.60 -67.73 107.52
CA GLN K 1153 -35.49 -67.72 108.97
C GLN K 1153 -36.79 -68.17 109.63
N VAL K 1154 -36.67 -68.54 110.90
CA VAL K 1154 -37.84 -68.86 111.72
C VAL K 1154 -38.51 -67.57 112.15
N THR K 1155 -39.84 -67.58 112.23
CA THR K 1155 -40.61 -66.42 112.63
C THR K 1155 -41.83 -66.90 113.41
N CYS K 1156 -42.55 -65.93 113.99
CA CYS K 1156 -43.82 -66.25 114.65
C CYS K 1156 -44.84 -66.80 113.68
N GLN K 1157 -44.72 -66.50 112.40
CA GLN K 1157 -45.60 -67.05 111.38
C GLN K 1157 -45.05 -68.32 110.75
N HIS K 1158 -43.75 -68.58 110.87
CA HIS K 1158 -43.12 -69.79 110.37
C HIS K 1158 -42.25 -70.38 111.46
N PRO K 1159 -42.86 -70.84 112.57
CA PRO K 1159 -42.04 -71.37 113.67
C PRO K 1159 -41.20 -72.57 113.28
N GLU K 1160 -41.70 -73.42 112.41
CA GLU K 1160 -40.93 -74.58 111.99
C GLU K 1160 -39.98 -74.19 110.85
N PRO K 1161 -38.80 -74.80 110.80
CA PRO K 1161 -37.92 -74.57 109.65
C PRO K 1161 -38.47 -75.26 108.41
N LEU K 1162 -38.36 -74.59 107.28
CA LEU K 1162 -38.92 -75.07 106.03
C LEU K 1162 -37.89 -74.92 104.91
N ALA K 1163 -37.72 -75.97 104.13
CA ALA K 1163 -36.74 -75.96 103.05
C ALA K 1163 -37.19 -75.01 101.95
N CYS K 1164 -36.23 -74.26 101.41
CA CYS K 1164 -36.52 -73.26 100.40
C CYS K 1164 -35.32 -73.12 99.48
N PRO K 1165 -35.53 -72.71 98.23
CA PRO K 1165 -34.50 -72.95 97.21
C PRO K 1165 -33.19 -72.21 97.44
N VAL K 1166 -33.24 -70.96 97.87
CA VAL K 1166 -32.06 -70.09 97.91
C VAL K 1166 -31.56 -70.01 99.36
N GLN K 1167 -30.26 -70.18 99.53
CA GLN K 1167 -29.68 -70.18 100.88
C GLN K 1167 -29.61 -68.77 101.45
N CYS K 1168 -29.22 -67.79 100.64
CA CYS K 1168 -28.88 -66.48 101.16
C CYS K 1168 -29.37 -65.41 100.20
N VAL K 1169 -30.08 -64.41 100.71
CA VAL K 1169 -30.71 -63.38 99.88
C VAL K 1169 -30.42 -62.00 100.46
N GLU K 1170 -30.26 -61.03 99.57
CA GLU K 1170 -30.02 -59.65 99.95
C GLU K 1170 -31.28 -58.99 100.52
N GLY K 1171 -31.06 -58.05 101.42
CA GLY K 1171 -32.07 -57.10 101.82
C GLY K 1171 -31.99 -56.78 103.31
N CYS K 1172 -33.04 -56.13 103.79
CA CYS K 1172 -33.18 -55.84 105.21
C CYS K 1172 -33.41 -57.11 106.02
N HIS K 1173 -32.64 -57.26 107.09
CA HIS K 1173 -32.66 -58.45 107.92
C HIS K 1173 -32.75 -58.00 109.37
N ALA K 1174 -33.63 -58.62 110.16
CA ALA K 1174 -33.75 -58.34 111.58
C ALA K 1174 -32.78 -59.22 112.35
N HIS K 1175 -31.85 -58.59 113.07
CA HIS K 1175 -30.95 -59.30 113.98
C HIS K 1175 -31.30 -58.94 115.42
N CYS K 1176 -31.58 -59.97 116.23
CA CYS K 1176 -32.03 -59.78 117.60
C CYS K 1176 -31.52 -60.94 118.45
N PRO K 1177 -31.55 -60.81 119.77
CA PRO K 1177 -30.74 -61.69 120.64
C PRO K 1177 -31.18 -63.14 120.59
N PRO K 1178 -30.44 -64.04 121.24
CA PRO K 1178 -30.80 -65.46 121.24
C PRO K 1178 -32.16 -65.71 121.87
N GLY K 1179 -32.82 -66.78 121.40
CA GLY K 1179 -34.14 -67.13 121.88
C GLY K 1179 -35.24 -66.18 121.45
N LYS K 1180 -34.90 -65.02 120.91
CA LYS K 1180 -35.87 -64.04 120.46
C LYS K 1180 -36.26 -64.33 119.02
N ILE K 1181 -37.54 -64.15 118.69
CA ILE K 1181 -38.08 -64.54 117.39
C ILE K 1181 -38.80 -63.35 116.77
N LEU K 1182 -38.65 -63.19 115.46
CA LEU K 1182 -39.35 -62.14 114.74
C LEU K 1182 -40.84 -62.45 114.60
N ASP K 1183 -41.67 -61.42 114.80
CA ASP K 1183 -43.06 -61.43 114.36
C ASP K 1183 -43.20 -60.62 113.07
N GLU K 1184 -43.61 -61.29 111.99
CA GLU K 1184 -43.75 -60.63 110.70
C GLU K 1184 -44.89 -59.62 110.66
N LEU K 1185 -45.92 -59.81 111.48
CA LEU K 1185 -46.98 -58.80 111.53
C LEU K 1185 -46.51 -57.52 112.20
N LEU K 1186 -45.68 -57.64 113.24
CA LEU K 1186 -45.10 -56.46 113.88
C LEU K 1186 -43.85 -55.96 113.18
N GLN K 1187 -43.27 -56.76 112.28
CA GLN K 1187 -41.88 -56.58 111.85
C GLN K 1187 -40.97 -56.29 113.04
N THR K 1188 -41.17 -57.04 114.13
CA THR K 1188 -40.50 -56.80 115.39
C THR K 1188 -40.19 -58.14 116.04
N CYS K 1189 -39.02 -58.25 116.65
CA CYS K 1189 -38.65 -59.43 117.43
C CYS K 1189 -39.42 -59.51 118.74
N VAL K 1190 -39.99 -60.68 119.01
CA VAL K 1190 -40.79 -60.92 120.22
C VAL K 1190 -40.48 -62.34 120.72
N ASP K 1191 -40.86 -62.59 121.98
CA ASP K 1191 -40.61 -63.89 122.58
C ASP K 1191 -41.39 -64.98 121.83
N PRO K 1192 -40.92 -66.23 121.90
CA PRO K 1192 -41.64 -67.32 121.23
C PRO K 1192 -43.08 -67.44 121.68
N GLU K 1193 -43.38 -67.07 122.92
CA GLU K 1193 -44.74 -67.17 123.45
C GLU K 1193 -45.63 -66.02 123.02
N ASP K 1194 -45.07 -64.99 122.38
CA ASP K 1194 -45.84 -63.81 121.98
C ASP K 1194 -46.45 -63.94 120.59
N CYS K 1195 -46.26 -65.07 119.91
CA CYS K 1195 -46.76 -65.21 118.56
C CYS K 1195 -48.29 -65.13 118.55
N PRO K 1196 -48.89 -64.49 117.54
CA PRO K 1196 -50.36 -64.40 117.50
C PRO K 1196 -51.04 -65.68 117.04
N VAL K 1197 -50.31 -66.64 116.48
CA VAL K 1197 -50.90 -67.89 116.03
C VAL K 1197 -50.10 -69.09 116.50
N SER K 1262 -41.27 -107.46 82.90
CA SER K 1262 -42.21 -107.22 84.00
C SER K 1262 -43.65 -107.37 83.52
N GLU K 1263 -44.51 -107.86 84.43
CA GLU K 1263 -45.90 -108.19 84.14
C GLU K 1263 -45.99 -109.13 82.94
N PRO K 1264 -45.55 -110.39 83.09
CA PRO K 1264 -45.68 -111.36 81.99
C PRO K 1264 -47.12 -111.59 81.55
N PRO K 1265 -48.12 -111.68 82.47
CA PRO K 1265 -49.44 -112.19 82.05
C PRO K 1265 -50.25 -111.22 81.19
N LEU K 1266 -49.63 -110.15 80.68
CA LEU K 1266 -50.35 -109.26 79.79
C LEU K 1266 -50.86 -109.99 78.55
N HIS K 1267 -50.22 -111.09 78.16
CA HIS K 1267 -50.70 -111.91 77.07
C HIS K 1267 -50.11 -113.31 77.20
N ASP K 1268 -50.75 -114.26 76.51
CA ASP K 1268 -50.25 -115.63 76.51
C ASP K 1268 -48.86 -115.71 75.89
N PHE K 1269 -48.55 -114.84 74.93
CA PHE K 1269 -47.25 -114.81 74.31
C PHE K 1269 -46.41 -113.73 74.99
N TYR K 1270 -45.31 -114.14 75.61
CA TYR K 1270 -44.42 -113.24 76.31
C TYR K 1270 -43.00 -113.67 76.00
N CYS K 1271 -42.16 -112.72 75.59
CA CYS K 1271 -40.92 -113.03 74.90
C CYS K 1271 -39.76 -112.55 75.76
N SER K 1272 -39.23 -113.46 76.58
CA SER K 1272 -38.14 -113.16 77.51
C SER K 1272 -36.85 -113.73 76.92
N ARG K 1273 -36.18 -112.91 76.11
CA ARG K 1273 -34.94 -113.34 75.47
C ARG K 1273 -34.20 -112.10 74.99
N LEU K 1274 -32.93 -112.30 74.65
CA LEU K 1274 -32.01 -111.20 74.34
C LEU K 1274 -32.31 -110.68 72.95
N LEU K 1275 -32.80 -109.44 72.86
CA LEU K 1275 -33.13 -108.85 71.57
C LEU K 1275 -33.00 -107.33 71.65
N ASP K 1276 -32.56 -106.72 70.54
CA ASP K 1276 -32.68 -105.29 70.29
C ASP K 1276 -33.58 -105.08 69.07
N LEU K 1277 -34.65 -104.31 69.25
CA LEU K 1277 -35.71 -104.20 68.24
C LEU K 1277 -36.01 -102.74 67.95
N VAL K 1278 -36.09 -102.39 66.66
CA VAL K 1278 -36.46 -101.05 66.21
C VAL K 1278 -37.69 -101.13 65.32
N PHE K 1279 -38.73 -100.37 65.66
CA PHE K 1279 -39.90 -100.19 64.81
C PHE K 1279 -39.72 -98.94 63.94
N LEU K 1280 -39.65 -99.12 62.63
CA LEU K 1280 -39.55 -98.02 61.69
C LEU K 1280 -40.90 -97.78 61.05
N LEU K 1281 -41.49 -96.60 61.28
CA LEU K 1281 -42.88 -96.32 60.93
C LEU K 1281 -42.96 -95.30 59.81
N ASP K 1282 -43.66 -95.65 58.73
CA ASP K 1282 -43.81 -94.77 57.58
C ASP K 1282 -44.69 -93.58 57.93
N GLY K 1283 -44.09 -92.39 57.93
CA GLY K 1283 -44.81 -91.16 58.22
C GLY K 1283 -45.38 -90.45 57.00
N SER K 1284 -45.49 -91.15 55.88
CA SER K 1284 -45.96 -90.51 54.65
C SER K 1284 -47.48 -90.39 54.63
N SER K 1285 -47.98 -89.62 53.67
CA SER K 1285 -49.41 -89.40 53.53
C SER K 1285 -50.15 -90.62 53.03
N ARG K 1286 -49.44 -91.64 52.54
CA ARG K 1286 -50.09 -92.86 52.07
C ARG K 1286 -50.83 -93.56 53.20
N LEU K 1287 -50.50 -93.28 54.44
CA LEU K 1287 -51.29 -93.69 55.59
C LEU K 1287 -52.05 -92.48 56.13
N SER K 1288 -53.37 -92.58 56.19
CA SER K 1288 -54.16 -91.56 56.85
C SER K 1288 -53.94 -91.64 58.36
N GLU K 1289 -54.31 -90.57 59.05
CA GLU K 1289 -54.13 -90.54 60.50
C GLU K 1289 -54.80 -91.72 61.18
N ALA K 1290 -55.99 -92.12 60.72
CA ALA K 1290 -56.66 -93.28 61.30
C ALA K 1290 -55.83 -94.55 61.12
N GLU K 1291 -55.28 -94.72 59.92
CA GLU K 1291 -54.44 -95.88 59.67
C GLU K 1291 -53.17 -95.80 60.51
N PHE K 1292 -52.61 -94.60 60.66
CA PHE K 1292 -51.43 -94.49 61.49
C PHE K 1292 -51.76 -94.83 62.94
N GLU K 1293 -52.99 -94.55 63.37
CA GLU K 1293 -53.40 -94.92 64.73
C GLU K 1293 -53.43 -96.42 64.92
N VAL K 1294 -53.98 -97.16 63.94
CA VAL K 1294 -53.99 -98.61 64.11
C VAL K 1294 -52.58 -99.18 63.99
N LEU K 1295 -51.72 -98.54 63.20
CA LEU K 1295 -50.32 -98.94 63.13
C LEU K 1295 -49.62 -98.75 64.47
N LYS K 1296 -49.92 -97.64 65.13
CA LYS K 1296 -49.38 -97.38 66.46
C LYS K 1296 -49.88 -98.41 67.45
N ALA K 1297 -51.16 -98.76 67.37
CA ALA K 1297 -51.70 -99.78 68.27
C ALA K 1297 -51.02 -101.13 68.05
N PHE K 1298 -50.70 -101.46 66.80
CA PHE K 1298 -49.91 -102.65 66.46
C PHE K 1298 -48.54 -102.64 67.14
N VAL K 1299 -47.85 -101.49 67.06
CA VAL K 1299 -46.58 -101.35 67.80
C VAL K 1299 -46.81 -101.53 69.29
N VAL K 1300 -47.89 -100.96 69.83
CA VAL K 1300 -48.08 -100.94 71.27
C VAL K 1300 -48.34 -102.35 71.79
N ASP K 1301 -49.20 -103.11 71.10
CA ASP K 1301 -49.45 -104.48 71.58
C ASP K 1301 -48.23 -105.37 71.41
N MET K 1302 -47.44 -105.17 70.33
CA MET K 1302 -46.19 -105.92 70.25
C MET K 1302 -45.27 -105.60 71.42
N MET K 1303 -45.21 -104.33 71.83
CA MET K 1303 -44.45 -103.99 73.04
C MET K 1303 -45.07 -104.60 74.29
N GLU K 1304 -46.38 -104.79 74.32
CA GLU K 1304 -47.00 -105.55 75.39
C GLU K 1304 -46.49 -106.99 75.41
N ARG K 1305 -46.16 -107.54 74.25
CA ARG K 1305 -45.77 -108.94 74.15
C ARG K 1305 -44.25 -109.14 74.17
N LEU K 1306 -43.48 -108.11 74.52
CA LEU K 1306 -42.04 -108.22 74.68
C LEU K 1306 -41.65 -107.87 76.11
N ARG K 1307 -40.66 -108.59 76.65
CA ARG K 1307 -40.15 -108.32 77.99
C ARG K 1307 -39.22 -107.11 77.89
N ILE K 1308 -39.80 -105.93 78.08
CA ILE K 1308 -39.07 -104.68 77.88
C ILE K 1308 -38.17 -104.42 79.09
N SER K 1309 -36.87 -104.31 78.84
CA SER K 1309 -35.87 -103.94 79.84
C SER K 1309 -34.51 -103.87 79.15
N GLN K 1310 -33.54 -103.26 79.83
CA GLN K 1310 -32.18 -103.30 79.32
C GLN K 1310 -31.67 -104.73 79.25
N LYS K 1311 -32.01 -105.53 80.26
CA LYS K 1311 -31.94 -106.98 80.11
C LYS K 1311 -33.05 -107.44 79.18
N TRP K 1312 -32.83 -108.60 78.54
CA TRP K 1312 -33.80 -109.17 77.61
C TRP K 1312 -34.00 -108.23 76.43
N VAL K 1313 -35.18 -107.65 76.26
CA VAL K 1313 -35.54 -106.99 75.01
C VAL K 1313 -35.45 -105.48 75.20
N ARG K 1314 -34.73 -104.82 74.29
CA ARG K 1314 -34.70 -103.37 74.17
C ARG K 1314 -35.45 -102.94 72.92
N VAL K 1315 -36.29 -101.92 73.04
CA VAL K 1315 -37.17 -101.50 71.97
C VAL K 1315 -36.93 -100.03 71.66
N ALA K 1316 -36.93 -99.68 70.38
CA ALA K 1316 -36.88 -98.31 69.92
C ALA K 1316 -37.95 -98.11 68.86
N VAL K 1317 -38.46 -96.88 68.78
CA VAL K 1317 -39.52 -96.53 67.85
C VAL K 1317 -39.06 -95.32 67.05
N VAL K 1318 -39.20 -95.41 65.72
CA VAL K 1318 -38.65 -94.39 64.83
C VAL K 1318 -39.65 -94.13 63.72
N GLU K 1319 -40.22 -92.93 63.70
CA GLU K 1319 -41.00 -92.48 62.56
C GLU K 1319 -40.08 -91.80 61.55
N TYR K 1320 -40.24 -92.16 60.27
CA TYR K 1320 -39.49 -91.52 59.20
C TYR K 1320 -40.46 -90.81 58.27
N HIS K 1321 -40.24 -89.51 58.08
CA HIS K 1321 -41.07 -88.69 57.22
C HIS K 1321 -40.20 -87.77 56.37
N ASP K 1322 -39.21 -88.35 55.70
CA ASP K 1322 -38.06 -87.72 55.07
C ASP K 1322 -37.01 -87.32 56.10
N GLY K 1323 -37.32 -87.46 57.38
CA GLY K 1323 -36.31 -87.39 58.42
C GLY K 1323 -36.68 -88.35 59.52
N SER K 1324 -35.66 -88.91 60.15
CA SER K 1324 -35.86 -90.05 61.05
C SER K 1324 -36.19 -89.55 62.45
N HIS K 1325 -37.48 -89.36 62.71
CA HIS K 1325 -37.98 -88.92 64.01
C HIS K 1325 -38.02 -90.09 64.99
N ALA K 1326 -37.04 -90.16 65.88
CA ALA K 1326 -37.00 -91.20 66.90
C ALA K 1326 -37.80 -90.75 68.12
N TYR K 1327 -38.71 -91.60 68.58
CA TYR K 1327 -39.49 -91.35 69.79
C TYR K 1327 -39.00 -92.14 70.99
N ILE K 1328 -38.45 -93.33 70.78
CA ILE K 1328 -37.89 -94.14 71.84
C ILE K 1328 -36.53 -94.65 71.39
N GLY K 1329 -35.56 -94.59 72.29
CA GLY K 1329 -34.24 -95.13 72.00
C GLY K 1329 -33.95 -96.35 72.85
N LEU K 1330 -33.04 -97.21 72.37
CA LEU K 1330 -32.72 -98.42 73.11
C LEU K 1330 -32.07 -98.13 74.46
N LYS K 1331 -31.50 -96.94 74.61
CA LYS K 1331 -30.88 -96.57 75.88
C LYS K 1331 -31.89 -96.06 76.90
N ASP K 1332 -33.13 -95.79 76.49
CA ASP K 1332 -34.10 -95.22 77.41
C ASP K 1332 -34.35 -96.17 78.57
N ARG K 1333 -34.26 -95.65 79.78
CA ARG K 1333 -34.43 -96.43 81.00
C ARG K 1333 -35.85 -96.40 81.54
N LYS K 1334 -36.78 -95.81 80.80
CA LYS K 1334 -38.14 -95.66 81.29
C LYS K 1334 -38.82 -97.02 81.42
N ARG K 1335 -39.81 -97.08 82.30
CA ARG K 1335 -40.49 -98.33 82.60
C ARG K 1335 -41.34 -98.78 81.42
N PRO K 1336 -41.64 -100.09 81.33
CA PRO K 1336 -42.39 -100.59 80.18
C PRO K 1336 -43.72 -99.89 79.96
N SER K 1337 -44.44 -99.57 81.03
CA SER K 1337 -45.71 -98.87 80.87
C SER K 1337 -45.51 -97.49 80.25
N GLU K 1338 -44.49 -96.77 80.72
CA GLU K 1338 -44.19 -95.45 80.15
C GLU K 1338 -43.79 -95.57 78.68
N LEU K 1339 -43.01 -96.60 78.34
CA LEU K 1339 -42.61 -96.79 76.95
C LEU K 1339 -43.81 -97.10 76.07
N ARG K 1340 -44.73 -97.94 76.55
CA ARG K 1340 -45.94 -98.22 75.78
C ARG K 1340 -46.79 -96.96 75.62
N ARG K 1341 -46.86 -96.13 76.66
CA ARG K 1341 -47.57 -94.87 76.54
C ARG K 1341 -46.94 -93.97 75.48
N ILE K 1342 -45.61 -93.87 75.49
CA ILE K 1342 -44.92 -93.06 74.50
C ILE K 1342 -45.19 -93.57 73.10
N ALA K 1343 -45.14 -94.88 72.91
CA ALA K 1343 -45.44 -95.45 71.61
C ALA K 1343 -46.87 -95.15 71.18
N SER K 1344 -47.81 -95.25 72.12
CA SER K 1344 -49.20 -94.97 71.83
C SER K 1344 -49.41 -93.51 71.46
N GLN K 1345 -48.57 -92.61 71.95
CA GLN K 1345 -48.73 -91.19 71.69
C GLN K 1345 -47.75 -90.67 70.64
N VAL K 1346 -47.25 -91.54 69.76
CA VAL K 1346 -46.47 -91.10 68.62
C VAL K 1346 -47.36 -90.26 67.70
N LYS K 1347 -46.85 -89.11 67.29
CA LYS K 1347 -47.67 -88.23 66.45
C LYS K 1347 -47.62 -88.67 64.99
N TYR K 1348 -48.50 -88.09 64.20
CA TYR K 1348 -48.64 -88.42 62.79
C TYR K 1348 -48.12 -87.27 61.95
N ALA K 1349 -47.20 -87.57 61.04
CA ALA K 1349 -46.60 -86.55 60.21
C ALA K 1349 -47.36 -86.33 58.92
N GLY K 1350 -47.59 -87.38 58.14
CA GLY K 1350 -48.30 -87.23 56.89
C GLY K 1350 -47.54 -86.53 55.79
N SER K 1351 -46.25 -86.80 55.67
CA SER K 1351 -45.45 -86.18 54.63
C SER K 1351 -45.81 -86.75 53.26
N GLN K 1352 -45.54 -85.97 52.22
CA GLN K 1352 -45.77 -86.46 50.87
C GLN K 1352 -44.69 -87.43 50.42
N VAL K 1353 -43.52 -87.41 51.06
CA VAL K 1353 -42.43 -88.33 50.75
C VAL K 1353 -41.80 -88.80 52.05
N ALA K 1354 -41.44 -90.09 52.10
CA ALA K 1354 -40.80 -90.67 53.28
C ALA K 1354 -39.66 -91.54 52.78
N SER K 1355 -38.46 -90.95 52.72
CA SER K 1355 -37.28 -91.65 52.22
C SER K 1355 -36.97 -92.89 53.06
N THR K 1356 -37.08 -94.06 52.43
CA THR K 1356 -36.83 -95.33 53.11
C THR K 1356 -35.34 -95.60 53.23
N SER K 1357 -34.58 -95.24 52.19
CA SER K 1357 -33.13 -95.33 52.28
C SER K 1357 -32.59 -94.41 53.36
N GLU K 1358 -33.23 -93.26 53.58
CA GLU K 1358 -32.76 -92.35 54.61
C GLU K 1358 -32.94 -92.94 56.00
N VAL K 1359 -34.05 -93.63 56.25
CA VAL K 1359 -34.21 -94.24 57.57
C VAL K 1359 -33.31 -95.46 57.73
N LEU K 1360 -33.02 -96.19 56.66
CA LEU K 1360 -31.99 -97.22 56.75
C LEU K 1360 -30.63 -96.62 57.08
N LYS K 1361 -30.31 -95.46 56.50
CA LYS K 1361 -29.08 -94.76 56.83
C LYS K 1361 -29.08 -94.35 58.30
N TYR K 1362 -30.18 -93.80 58.77
CA TYR K 1362 -30.27 -93.38 60.16
C TYR K 1362 -30.04 -94.55 61.10
N THR K 1363 -30.78 -95.65 60.91
CA THR K 1363 -30.61 -96.77 61.83
C THR K 1363 -29.21 -97.35 61.77
N LEU K 1364 -28.62 -97.38 60.58
CA LEU K 1364 -27.27 -97.94 60.40
C LEU K 1364 -26.23 -97.11 61.13
N PHE K 1365 -26.24 -95.80 60.93
CA PHE K 1365 -25.15 -94.98 61.42
C PHE K 1365 -25.41 -94.37 62.79
N GLN K 1366 -26.66 -94.25 63.21
CA GLN K 1366 -26.99 -93.59 64.46
C GLN K 1366 -27.62 -94.50 65.49
N ILE K 1367 -28.47 -95.45 65.09
CA ILE K 1367 -29.06 -96.34 66.10
C ILE K 1367 -28.06 -97.42 66.50
N PHE K 1368 -27.63 -98.20 65.53
CA PHE K 1368 -26.61 -99.22 65.73
C PHE K 1368 -25.20 -98.69 65.47
N SER K 1369 -24.91 -97.50 65.98
CA SER K 1369 -23.58 -96.92 65.82
C SER K 1369 -22.52 -97.80 66.49
N LYS K 1370 -22.82 -98.30 67.70
CA LYS K 1370 -21.94 -99.20 68.41
C LYS K 1370 -22.76 -100.38 68.91
N ILE K 1371 -22.28 -101.58 68.63
CA ILE K 1371 -22.96 -102.81 69.06
C ILE K 1371 -22.60 -103.10 70.50
N ASP K 1372 -23.37 -102.55 71.45
CA ASP K 1372 -23.10 -102.73 72.86
C ASP K 1372 -23.63 -104.05 73.41
N ARG K 1373 -24.41 -104.80 72.64
CA ARG K 1373 -24.89 -106.13 73.02
C ARG K 1373 -24.61 -107.12 71.90
N PRO K 1374 -23.33 -107.42 71.63
CA PRO K 1374 -23.00 -108.29 70.49
C PRO K 1374 -23.61 -109.68 70.59
N GLU K 1375 -23.94 -110.14 71.79
CA GLU K 1375 -24.62 -111.41 71.97
C GLU K 1375 -26.11 -111.35 71.66
N ALA K 1376 -26.73 -110.17 71.80
CA ALA K 1376 -28.16 -110.04 71.54
C ALA K 1376 -28.45 -109.89 70.05
N SER K 1377 -29.57 -110.46 69.60
CA SER K 1377 -30.00 -110.27 68.23
C SER K 1377 -30.49 -108.85 67.99
N ARG K 1378 -30.21 -108.32 66.80
CA ARG K 1378 -30.57 -106.96 66.42
C ARG K 1378 -31.49 -106.99 65.21
N ILE K 1379 -32.71 -106.45 65.36
CA ILE K 1379 -33.76 -106.56 64.34
C ILE K 1379 -34.44 -105.22 64.14
N ALA K 1380 -34.77 -104.90 62.89
CA ALA K 1380 -35.54 -103.72 62.53
C ALA K 1380 -36.76 -104.13 61.70
N LEU K 1381 -37.93 -103.61 62.07
CA LEU K 1381 -39.12 -103.72 61.21
C LEU K 1381 -39.20 -102.49 60.34
N LEU K 1382 -38.86 -102.63 59.06
CA LEU K 1382 -39.03 -101.54 58.10
C LEU K 1382 -40.47 -101.55 57.61
N LEU K 1383 -41.36 -101.06 58.46
CA LEU K 1383 -42.77 -101.01 58.12
C LEU K 1383 -43.00 -99.82 57.19
N MET K 1384 -43.49 -100.10 55.98
CA MET K 1384 -43.41 -99.16 54.88
C MET K 1384 -44.66 -99.24 54.01
N ALA K 1385 -45.12 -98.08 53.54
CA ALA K 1385 -46.41 -98.00 52.86
C ALA K 1385 -46.39 -97.00 51.71
N SER K 1386 -45.21 -96.60 51.24
CA SER K 1386 -45.12 -95.54 50.25
C SER K 1386 -43.90 -95.73 49.37
N GLN K 1387 -43.96 -95.16 48.17
CA GLN K 1387 -42.80 -95.10 47.29
C GLN K 1387 -41.87 -93.97 47.71
N GLU K 1388 -40.72 -93.90 47.07
CA GLU K 1388 -39.82 -92.76 47.19
C GLU K 1388 -39.27 -92.43 45.82
N PRO K 1389 -38.95 -91.15 45.57
CA PRO K 1389 -38.40 -90.79 44.27
C PRO K 1389 -37.12 -91.57 44.00
N GLN K 1390 -36.91 -91.92 42.73
CA GLN K 1390 -35.82 -92.81 42.36
C GLN K 1390 -34.47 -92.21 42.78
N ARG K 1391 -34.32 -90.89 42.65
CA ARG K 1391 -33.05 -90.27 43.00
C ARG K 1391 -32.67 -90.50 44.45
N MET K 1392 -33.65 -90.73 45.32
CA MET K 1392 -33.38 -90.95 46.73
C MET K 1392 -33.11 -92.41 47.08
N SER K 1393 -33.31 -93.32 46.13
CA SER K 1393 -33.15 -94.75 46.37
C SER K 1393 -31.77 -95.28 45.98
N ARG K 1394 -30.83 -94.40 45.64
CA ARG K 1394 -29.60 -94.85 45.01
C ARG K 1394 -28.67 -95.56 45.99
N ASN K 1395 -28.71 -95.21 47.27
CA ASN K 1395 -27.84 -95.84 48.26
C ASN K 1395 -28.56 -96.85 49.12
N PHE K 1396 -29.75 -97.28 48.70
CA PHE K 1396 -30.55 -98.20 49.50
C PHE K 1396 -29.84 -99.53 49.72
N VAL K 1397 -29.34 -100.13 48.65
CA VAL K 1397 -28.67 -101.43 48.74
C VAL K 1397 -27.43 -101.34 49.61
N ARG K 1398 -26.69 -100.23 49.50
CA ARG K 1398 -25.50 -100.05 50.32
C ARG K 1398 -25.85 -100.09 51.80
N TYR K 1399 -26.91 -99.38 52.19
CA TYR K 1399 -27.29 -99.33 53.60
C TYR K 1399 -27.78 -100.67 54.09
N VAL K 1400 -28.58 -101.39 53.29
CA VAL K 1400 -29.06 -102.67 53.76
C VAL K 1400 -27.91 -103.67 53.89
N GLN K 1401 -26.94 -103.61 52.97
CA GLN K 1401 -25.78 -104.49 53.09
C GLN K 1401 -24.93 -104.12 54.29
N GLY K 1402 -24.79 -102.83 54.57
CA GLY K 1402 -24.09 -102.43 55.79
C GLY K 1402 -24.78 -102.94 57.04
N LEU K 1403 -26.11 -102.89 57.06
CA LEU K 1403 -26.86 -103.45 58.17
C LEU K 1403 -26.63 -104.95 58.29
N LYS K 1404 -26.54 -105.65 57.15
CA LYS K 1404 -26.23 -107.06 57.18
C LYS K 1404 -24.85 -107.32 57.77
N LYS K 1405 -23.88 -106.50 57.39
CA LYS K 1405 -22.52 -106.68 57.91
C LYS K 1405 -22.48 -106.49 59.42
N LYS K 1406 -23.37 -105.67 59.97
CA LYS K 1406 -23.54 -105.57 61.41
C LYS K 1406 -24.44 -106.66 61.97
N LYS K 1407 -24.90 -107.59 61.12
CA LYS K 1407 -25.93 -108.57 61.45
C LYS K 1407 -27.20 -107.95 62.06
N VAL K 1408 -27.52 -106.73 61.64
CA VAL K 1408 -28.82 -106.13 61.94
C VAL K 1408 -29.84 -106.67 60.94
N ILE K 1409 -30.75 -107.52 61.42
CA ILE K 1409 -31.81 -108.06 60.58
C ILE K 1409 -32.80 -106.95 60.24
N VAL K 1410 -33.26 -106.92 58.98
CA VAL K 1410 -34.32 -106.01 58.57
C VAL K 1410 -35.49 -106.81 57.99
N ILE K 1411 -36.65 -106.70 58.63
CA ILE K 1411 -37.88 -107.36 58.22
C ILE K 1411 -38.80 -106.33 57.58
N PRO K 1412 -38.83 -106.21 56.26
CA PRO K 1412 -39.75 -105.25 55.62
C PRO K 1412 -41.20 -105.70 55.74
N VAL K 1413 -42.06 -104.76 56.10
CA VAL K 1413 -43.50 -105.00 56.23
C VAL K 1413 -44.24 -104.03 55.33
N GLY K 1414 -44.35 -104.37 54.05
CA GLY K 1414 -45.04 -103.53 53.09
C GLY K 1414 -46.54 -103.57 53.31
N ILE K 1415 -47.17 -102.40 53.27
CA ILE K 1415 -48.61 -102.27 53.48
C ILE K 1415 -49.22 -101.41 52.38
N GLY K 1416 -50.30 -101.89 51.78
CA GLY K 1416 -51.06 -101.12 50.83
C GLY K 1416 -50.53 -101.20 49.41
N PRO K 1417 -51.33 -100.75 48.46
CA PRO K 1417 -50.89 -100.79 47.06
C PRO K 1417 -49.67 -99.94 46.77
N HIS K 1418 -49.43 -98.91 47.57
CA HIS K 1418 -48.32 -97.99 47.32
C HIS K 1418 -47.02 -98.40 47.97
N ALA K 1419 -46.98 -99.55 48.66
CA ALA K 1419 -45.73 -100.02 49.23
C ALA K 1419 -44.68 -100.23 48.14
N ASN K 1420 -43.43 -99.91 48.45
CA ASN K 1420 -42.33 -100.02 47.51
C ASN K 1420 -41.86 -101.47 47.44
N LEU K 1421 -42.64 -102.29 46.74
CA LEU K 1421 -42.34 -103.71 46.62
C LEU K 1421 -40.93 -103.99 46.11
N LYS K 1422 -40.43 -103.15 45.19
CA LYS K 1422 -39.08 -103.35 44.67
C LYS K 1422 -38.03 -103.28 45.78
N GLN K 1423 -38.13 -102.28 46.64
CA GLN K 1423 -37.20 -102.16 47.76
C GLN K 1423 -37.34 -103.33 48.71
N ILE K 1424 -38.55 -103.84 48.87
CA ILE K 1424 -38.80 -105.02 49.69
C ILE K 1424 -38.07 -106.24 49.13
N ARG K 1425 -38.22 -106.51 47.83
CA ARG K 1425 -37.53 -107.65 47.23
C ARG K 1425 -36.02 -107.46 47.29
N LEU K 1426 -35.55 -106.23 47.12
CA LEU K 1426 -34.12 -105.97 47.23
C LEU K 1426 -33.61 -106.28 48.64
N ILE K 1427 -34.39 -105.94 49.66
CA ILE K 1427 -34.02 -106.34 51.02
C ILE K 1427 -34.01 -107.86 51.16
N GLU K 1428 -35.03 -108.53 50.62
CA GLU K 1428 -35.10 -109.98 50.74
C GLU K 1428 -33.90 -110.66 50.08
N LYS K 1429 -33.40 -110.10 48.98
CA LYS K 1429 -32.29 -110.70 48.26
C LYS K 1429 -31.00 -110.71 49.08
N GLN K 1430 -30.89 -109.84 50.09
CA GLN K 1430 -29.63 -109.71 50.82
C GLN K 1430 -29.40 -110.86 51.79
N ALA K 1431 -30.45 -111.34 52.46
CA ALA K 1431 -30.27 -112.40 53.44
C ALA K 1431 -31.58 -113.16 53.59
N PRO K 1432 -31.54 -114.47 53.81
CA PRO K 1432 -32.81 -115.22 53.96
C PRO K 1432 -33.63 -114.79 55.17
N GLU K 1433 -32.98 -114.41 56.27
CA GLU K 1433 -33.70 -114.02 57.48
C GLU K 1433 -34.44 -112.71 57.30
N ASN K 1434 -34.10 -111.92 56.28
CA ASN K 1434 -34.82 -110.70 55.96
C ASN K 1434 -36.07 -110.99 55.14
N LYS K 1435 -36.91 -111.91 55.60
CA LYS K 1435 -38.09 -112.29 54.86
C LYS K 1435 -39.18 -111.23 55.00
N ALA K 1436 -39.92 -111.00 53.93
CA ALA K 1436 -40.84 -109.88 53.85
C ALA K 1436 -42.26 -110.28 54.23
N PHE K 1437 -42.97 -109.34 54.85
CA PHE K 1437 -44.40 -109.40 55.01
C PHE K 1437 -45.04 -108.35 54.13
N VAL K 1438 -46.05 -108.73 53.36
CA VAL K 1438 -46.78 -107.80 52.50
C VAL K 1438 -48.25 -107.88 52.88
N LEU K 1439 -48.82 -106.73 53.23
CA LEU K 1439 -50.17 -106.66 53.78
C LEU K 1439 -51.06 -105.83 52.86
N SER K 1440 -52.32 -106.27 52.76
CA SER K 1440 -53.29 -105.50 51.97
C SER K 1440 -53.53 -104.12 52.57
N SER K 1441 -53.63 -104.04 53.89
CA SER K 1441 -53.89 -102.78 54.55
C SER K 1441 -53.44 -102.87 56.00
N VAL K 1442 -53.41 -101.72 56.67
CA VAL K 1442 -52.90 -101.65 58.03
C VAL K 1442 -53.69 -102.52 58.99
N ASP K 1443 -54.99 -102.69 58.75
CA ASP K 1443 -55.79 -103.51 59.65
C ASP K 1443 -55.39 -104.98 59.61
N GLU K 1444 -54.67 -105.41 58.58
CA GLU K 1444 -54.16 -106.77 58.52
C GLU K 1444 -53.01 -107.00 59.51
N LEU K 1445 -52.47 -105.92 60.08
CA LEU K 1445 -51.48 -106.06 61.15
C LEU K 1445 -52.06 -106.80 62.34
N GLU K 1446 -53.34 -106.58 62.63
CA GLU K 1446 -53.98 -107.30 63.73
C GLU K 1446 -53.97 -108.80 63.49
N GLN K 1447 -53.99 -109.22 62.22
CA GLN K 1447 -53.96 -110.64 61.90
C GLN K 1447 -52.54 -111.17 61.87
N GLN K 1448 -51.60 -110.36 61.38
CA GLN K 1448 -50.22 -110.80 61.21
C GLN K 1448 -49.40 -110.73 62.49
N ARG K 1449 -49.91 -110.05 63.52
CA ARG K 1449 -49.14 -109.76 64.72
C ARG K 1449 -48.58 -111.01 65.38
N ASP K 1450 -49.42 -112.05 65.52
CA ASP K 1450 -49.01 -113.23 66.26
C ASP K 1450 -47.80 -113.89 65.61
N GLU K 1451 -47.87 -114.16 64.31
CA GLU K 1451 -46.73 -114.81 63.68
C GLU K 1451 -45.55 -113.86 63.54
N ILE K 1452 -45.79 -112.55 63.46
CA ILE K 1452 -44.68 -111.61 63.45
C ILE K 1452 -43.88 -111.71 64.74
N VAL K 1453 -44.56 -111.67 65.88
CA VAL K 1453 -43.85 -111.76 67.16
C VAL K 1453 -43.20 -113.13 67.30
N SER K 1454 -43.88 -114.18 66.83
CA SER K 1454 -43.29 -115.52 66.88
C SER K 1454 -41.98 -115.57 66.11
N TYR K 1455 -41.97 -115.00 64.91
CA TYR K 1455 -40.75 -114.95 64.10
C TYR K 1455 -39.66 -114.13 64.79
N LEU K 1456 -40.03 -112.97 65.33
CA LEU K 1456 -39.06 -112.13 66.02
C LEU K 1456 -38.40 -112.87 67.16
N CYS K 1457 -39.17 -113.61 67.95
CA CYS K 1457 -38.60 -114.30 69.08
C CYS K 1457 -37.89 -115.59 68.66
N ASP K 1458 -38.25 -116.14 67.51
CA ASP K 1458 -37.45 -117.23 66.94
C ASP K 1458 -36.07 -116.72 66.52
N LEU K 1459 -35.98 -115.48 66.07
CA LEU K 1459 -34.71 -114.87 65.66
C LEU K 1459 -33.86 -114.39 66.83
N ALA K 1460 -34.27 -114.61 68.07
CA ALA K 1460 -33.55 -114.10 69.22
C ALA K 1460 -33.14 -115.24 70.16
N PRO K 1461 -31.90 -115.23 70.66
CA PRO K 1461 -31.45 -116.28 71.57
C PRO K 1461 -31.86 -116.00 73.01
N GLU K 1462 -31.86 -117.07 73.80
CA GLU K 1462 -32.15 -116.98 75.23
C GLU K 1462 -30.89 -116.60 76.01
N ALA K 1463 -31.07 -116.39 77.31
CA ALA K 1463 -29.95 -116.04 78.17
C ALA K 1463 -28.96 -117.19 78.29
N SER L 31 -136.00 39.04 16.79
CA SER L 31 -135.37 38.29 17.87
C SER L 31 -134.00 37.76 17.44
N THR L 32 -134.02 36.70 16.63
CA THR L 32 -132.79 36.08 16.16
C THR L 32 -133.13 35.21 14.95
N ALA L 33 -132.24 35.20 13.96
CA ALA L 33 -132.45 34.45 12.74
C ALA L 33 -131.98 33.01 12.89
N ARG L 34 -132.35 32.17 11.92
CA ARG L 34 -131.89 30.80 11.88
C ARG L 34 -131.59 30.42 10.45
N CYS L 35 -130.44 29.80 10.22
CA CYS L 35 -130.07 29.24 8.94
C CYS L 35 -129.72 27.77 9.12
N SER L 36 -130.05 26.98 8.12
CA SER L 36 -129.86 25.54 8.25
C SER L 36 -129.37 24.96 6.92
N LEU L 37 -128.42 24.06 7.01
CA LEU L 37 -128.01 23.22 5.88
C LEU L 37 -128.23 21.79 6.30
N PHE L 38 -129.18 21.13 5.65
CA PHE L 38 -129.78 19.90 6.16
C PHE L 38 -130.00 18.93 5.02
N GLY L 39 -130.26 17.69 5.40
CA GLY L 39 -130.42 16.67 4.42
C GLY L 39 -129.12 16.42 3.69
N SER L 40 -129.24 15.86 2.50
CA SER L 40 -128.05 15.59 1.70
C SER L 40 -127.45 16.86 1.13
N ASP L 41 -128.28 17.67 0.45
CA ASP L 41 -127.76 18.79 -0.31
C ASP L 41 -128.64 20.03 -0.22
N PHE L 42 -129.29 20.27 0.91
CA PHE L 42 -130.29 21.32 1.01
C PHE L 42 -129.85 22.43 1.94
N VAL L 43 -130.39 23.62 1.71
CA VAL L 43 -130.07 24.81 2.48
C VAL L 43 -131.37 25.55 2.79
N ASN L 44 -131.39 26.25 3.92
CA ASN L 44 -132.49 27.12 4.29
C ASN L 44 -131.91 28.44 4.76
N THR L 45 -132.35 29.54 4.17
CA THR L 45 -131.78 30.84 4.43
C THR L 45 -132.38 31.47 5.69
N PHE L 46 -131.82 32.60 6.09
CA PHE L 46 -132.32 33.32 7.24
C PHE L 46 -133.75 33.77 7.03
N ASP L 47 -134.11 34.16 5.81
CA ASP L 47 -135.42 34.72 5.52
C ASP L 47 -136.41 33.69 5.02
N GLY L 48 -136.03 32.42 4.98
CA GLY L 48 -136.94 31.36 4.61
C GLY L 48 -136.77 30.79 3.23
N SER L 49 -136.03 31.46 2.36
CA SER L 49 -135.76 30.88 1.05
C SER L 49 -135.01 29.56 1.21
N MET L 50 -135.43 28.55 0.46
CA MET L 50 -134.94 27.20 0.64
C MET L 50 -134.63 26.59 -0.71
N TYR L 51 -133.49 25.93 -0.81
CA TYR L 51 -133.00 25.44 -2.09
C TYR L 51 -132.01 24.31 -1.85
N SER L 52 -131.56 23.71 -2.94
CA SER L 52 -130.59 22.64 -2.90
C SER L 52 -129.27 23.08 -3.51
N PHE L 53 -128.17 22.64 -2.91
CA PHE L 53 -126.85 22.90 -3.45
C PHE L 53 -125.90 21.79 -3.02
N ALA L 54 -125.29 21.13 -4.00
CA ALA L 54 -124.29 20.09 -3.74
C ALA L 54 -122.90 20.67 -3.99
N GLY L 55 -122.36 21.31 -2.97
CA GLY L 55 -121.07 21.96 -3.12
C GLY L 55 -119.92 20.99 -3.17
N TYR L 56 -118.83 21.45 -3.79
CA TYR L 56 -117.60 20.67 -3.86
C TYR L 56 -116.42 21.43 -3.26
N CYS L 57 -116.67 22.58 -2.64
CA CYS L 57 -115.63 23.39 -2.03
C CYS L 57 -116.18 23.95 -0.73
N SER L 58 -115.51 24.97 -0.19
CA SER L 58 -115.99 25.66 0.99
C SER L 58 -116.68 26.95 0.59
N TYR L 59 -117.78 27.28 1.26
CA TYR L 59 -118.61 28.40 0.89
C TYR L 59 -118.95 29.24 2.10
N LEU L 60 -119.14 30.53 1.89
CA LEU L 60 -119.53 31.43 2.96
C LEU L 60 -120.99 31.24 3.28
N LEU L 61 -121.29 30.80 4.49
CA LEU L 61 -122.68 30.66 4.92
C LEU L 61 -123.23 31.99 5.43
N ALA L 62 -122.47 32.69 6.24
CA ALA L 62 -122.92 33.97 6.77
C ALA L 62 -121.70 34.75 7.25
N GLY L 63 -121.90 36.05 7.43
CA GLY L 63 -120.85 36.89 7.93
C GLY L 63 -121.13 38.34 7.64
N GLY L 64 -120.36 39.19 8.30
CA GLY L 64 -120.41 40.61 8.01
C GLY L 64 -120.14 40.84 6.55
N CYS L 65 -121.05 41.54 5.87
CA CYS L 65 -121.08 41.45 4.42
C CYS L 65 -120.29 42.57 3.76
N GLN L 66 -120.23 43.74 4.38
CA GLN L 66 -119.31 44.80 3.97
C GLN L 66 -118.01 44.74 4.77
N LYS L 67 -118.11 44.83 6.09
CA LYS L 67 -116.97 44.67 6.99
C LYS L 67 -117.09 43.32 7.68
N ARG L 68 -116.29 42.35 7.23
CA ARG L 68 -116.45 40.96 7.65
C ARG L 68 -115.58 40.72 8.89
N SER L 69 -116.15 41.08 10.04
CA SER L 69 -115.47 40.82 11.31
C SER L 69 -115.34 39.34 11.60
N PHE L 70 -116.28 38.53 11.11
CA PHE L 70 -116.21 37.08 11.25
C PHE L 70 -116.82 36.44 10.02
N SER L 71 -116.44 35.19 9.78
CA SER L 71 -116.94 34.45 8.64
C SER L 71 -117.31 33.05 9.08
N ILE L 72 -118.52 32.62 8.77
CA ILE L 72 -118.95 31.25 9.00
C ILE L 72 -118.90 30.53 7.66
N ILE L 73 -118.11 29.46 7.59
CA ILE L 73 -117.76 28.83 6.31
C ILE L 73 -118.15 27.37 6.40
N GLY L 74 -118.97 26.92 5.47
CA GLY L 74 -119.34 25.52 5.36
C GLY L 74 -118.48 24.82 4.34
N ASP L 75 -117.90 23.70 4.73
CA ASP L 75 -117.01 22.94 3.89
C ASP L 75 -117.72 21.71 3.36
N PHE L 76 -117.62 21.47 2.06
CA PHE L 76 -118.25 20.32 1.42
C PHE L 76 -117.17 19.42 0.83
N GLN L 77 -117.56 18.20 0.51
CA GLN L 77 -116.67 17.26 -0.17
C GLN L 77 -117.53 16.25 -0.91
N ASN L 78 -117.39 16.20 -2.24
CA ASN L 78 -118.17 15.30 -3.08
C ASN L 78 -119.66 15.52 -2.88
N GLY L 79 -120.06 16.77 -2.71
CA GLY L 79 -121.44 17.12 -2.51
C GLY L 79 -121.93 17.07 -1.08
N LYS L 80 -121.24 16.33 -0.21
CA LYS L 80 -121.65 16.18 1.16
C LYS L 80 -120.92 17.16 2.07
N ARG L 81 -121.57 17.51 3.18
CA ARG L 81 -120.98 18.41 4.15
C ARG L 81 -119.98 17.66 5.02
N VAL L 82 -118.87 18.32 5.34
CA VAL L 82 -117.82 17.71 6.13
C VAL L 82 -117.42 18.50 7.36
N SER L 83 -117.63 19.82 7.40
CA SER L 83 -117.21 20.60 8.55
C SER L 83 -117.89 21.96 8.49
N LEU L 84 -117.86 22.64 9.63
CA LEU L 84 -118.39 23.99 9.78
C LEU L 84 -117.30 24.86 10.37
N SER L 85 -116.66 25.67 9.55
CA SER L 85 -115.53 26.47 9.98
C SER L 85 -115.98 27.89 10.30
N VAL L 86 -115.20 28.54 11.17
CA VAL L 86 -115.44 29.92 11.54
C VAL L 86 -114.10 30.65 11.54
N TYR L 87 -114.08 31.85 10.99
CA TYR L 87 -112.89 32.70 10.97
C TYR L 87 -113.24 34.02 11.60
N LEU L 88 -112.39 34.50 12.51
CA LEU L 88 -112.65 35.74 13.20
C LEU L 88 -111.93 36.93 12.57
N GLY L 89 -111.57 36.83 11.30
CA GLY L 89 -110.86 37.92 10.68
C GLY L 89 -109.38 37.67 10.55
N GLU L 90 -109.02 36.45 10.15
CA GLU L 90 -107.68 36.02 9.76
C GLU L 90 -106.75 35.82 10.94
N PHE L 91 -107.17 36.13 12.16
CA PHE L 91 -106.31 35.90 13.31
C PHE L 91 -106.69 34.65 14.08
N PHE L 92 -107.88 34.14 13.88
CA PHE L 92 -108.31 32.92 14.54
C PHE L 92 -109.27 32.17 13.64
N ASP L 93 -109.06 30.87 13.51
CA ASP L 93 -109.92 30.02 12.71
C ASP L 93 -110.14 28.72 13.46
N ILE L 94 -111.34 28.17 13.33
CA ILE L 94 -111.69 26.94 14.02
C ILE L 94 -112.52 26.09 13.06
N HIS L 95 -112.31 24.77 13.11
CA HIS L 95 -112.90 23.86 12.14
C HIS L 95 -113.63 22.76 12.90
N LEU L 96 -114.94 22.85 12.97
CA LEU L 96 -115.76 21.85 13.64
C LEU L 96 -116.26 20.87 12.61
N PHE L 97 -115.70 19.67 12.61
CA PHE L 97 -116.08 18.65 11.64
C PHE L 97 -117.34 17.93 12.08
N VAL L 98 -117.96 17.24 11.14
CA VAL L 98 -119.19 16.50 11.44
C VAL L 98 -118.91 15.39 12.45
N ASN L 99 -117.79 14.70 12.31
CA ASN L 99 -117.46 13.63 13.25
C ASN L 99 -116.64 14.12 14.43
N GLY L 100 -117.16 15.17 15.08
CA GLY L 100 -116.74 15.58 16.39
C GLY L 100 -115.35 16.17 16.49
N THR L 101 -114.54 16.05 15.45
CA THR L 101 -113.17 16.55 15.51
C THR L 101 -113.16 18.06 15.38
N VAL L 102 -112.30 18.71 16.16
CA VAL L 102 -112.12 20.15 16.11
C VAL L 102 -110.65 20.43 15.91
N THR L 103 -110.32 21.32 14.98
CA THR L 103 -108.97 21.76 14.76
C THR L 103 -108.92 23.28 14.74
N GLN L 104 -108.01 23.85 15.52
CA GLN L 104 -107.72 25.28 15.49
C GLN L 104 -106.52 25.47 14.58
N GLY L 105 -106.72 26.13 13.45
CA GLY L 105 -105.74 26.03 12.39
C GLY L 105 -105.70 24.61 11.87
N ASP L 106 -104.49 24.07 11.73
CA ASP L 106 -104.33 22.66 11.41
C ASP L 106 -104.12 21.80 12.63
N GLN L 107 -104.02 22.41 13.81
CA GLN L 107 -103.76 21.68 15.05
C GLN L 107 -105.07 21.18 15.64
N ARG L 108 -105.12 19.89 15.97
CA ARG L 108 -106.31 19.29 16.55
C ARG L 108 -106.45 19.67 18.01
N VAL L 109 -107.68 19.93 18.44
CA VAL L 109 -108.00 20.24 19.83
C VAL L 109 -109.21 19.43 20.24
N SER L 110 -109.39 19.28 21.54
CA SER L 110 -110.44 18.45 22.10
C SER L 110 -111.53 19.31 22.75
N MET L 111 -112.74 18.82 22.67
CA MET L 111 -113.87 19.51 23.27
C MET L 111 -114.03 19.12 24.73
N PRO L 112 -114.57 20.01 25.58
CA PRO L 112 -114.97 21.37 25.26
C PRO L 112 -113.77 22.27 25.06
N TYR L 113 -113.95 23.34 24.30
CA TYR L 113 -112.87 24.25 23.97
C TYR L 113 -113.38 25.67 24.05
N ALA L 114 -112.57 26.57 24.60
CA ALA L 114 -112.95 27.96 24.74
C ALA L 114 -111.72 28.81 24.44
N SER L 115 -111.88 29.80 23.56
CA SER L 115 -110.79 30.67 23.20
C SER L 115 -111.29 31.87 22.42
N LYS L 116 -110.84 33.06 22.80
CA LYS L 116 -111.06 34.28 22.04
C LYS L 116 -112.54 34.49 21.75
N GLY L 117 -113.37 34.22 22.74
CA GLY L 117 -114.79 34.47 22.64
C GLY L 117 -115.60 33.34 22.02
N LEU L 118 -114.96 32.27 21.57
CA LEU L 118 -115.64 31.15 20.94
C LEU L 118 -115.67 29.97 21.90
N TYR L 119 -116.83 29.34 22.03
CA TYR L 119 -117.04 28.25 22.97
C TYR L 119 -117.56 27.04 22.21
N LEU L 120 -116.82 25.94 22.24
CA LEU L 120 -117.25 24.70 21.64
C LEU L 120 -117.70 23.76 22.74
N GLU L 121 -118.95 23.30 22.65
CA GLU L 121 -119.55 22.52 23.71
C GLU L 121 -120.47 21.47 23.11
N THR L 122 -120.63 20.37 23.81
CA THR L 122 -121.53 19.30 23.37
C THR L 122 -122.91 19.47 24.00
N GLU L 123 -123.52 20.61 23.73
CA GLU L 123 -124.82 20.93 24.30
C GLU L 123 -125.90 20.01 23.72
N ALA L 124 -126.66 19.37 24.62
CA ALA L 124 -127.78 18.51 24.24
C ALA L 124 -127.37 17.44 23.25
N GLY L 125 -126.15 16.94 23.39
CA GLY L 125 -125.64 15.88 22.55
C GLY L 125 -125.23 16.33 21.16
N TYR L 126 -125.30 17.62 20.87
CA TYR L 126 -124.94 18.16 19.56
C TYR L 126 -123.81 19.16 19.72
N TYR L 127 -122.85 19.10 18.81
CA TYR L 127 -121.65 19.93 18.89
C TYR L 127 -122.02 21.39 18.68
N LYS L 128 -121.89 22.20 19.71
CA LYS L 128 -122.19 23.62 19.66
C LYS L 128 -120.90 24.40 19.44
N LEU L 129 -121.05 25.60 18.86
CA LEU L 129 -119.93 26.53 18.68
C LEU L 129 -120.53 27.92 18.89
N SER L 130 -120.43 28.42 20.11
CA SER L 130 -121.10 29.65 20.49
C SER L 130 -120.17 30.84 20.33
N GLY L 131 -120.72 31.93 19.83
CA GLY L 131 -119.97 33.15 19.62
C GLY L 131 -120.67 34.36 20.18
N GLU L 132 -121.26 34.22 21.37
CA GLU L 132 -122.12 35.26 21.94
C GLU L 132 -121.59 36.67 21.72
N ALA L 133 -120.29 36.88 21.97
CA ALA L 133 -119.73 38.21 21.79
C ALA L 133 -119.88 38.68 20.35
N TYR L 134 -119.62 37.80 19.40
CA TYR L 134 -119.77 38.12 17.99
C TYR L 134 -121.21 38.08 17.52
N GLY L 135 -122.12 37.53 18.32
CA GLY L 135 -123.52 37.57 17.99
C GLY L 135 -124.00 36.43 17.11
N PHE L 136 -123.48 35.23 17.32
CA PHE L 136 -123.90 34.08 16.54
C PHE L 136 -123.75 32.82 17.36
N VAL L 137 -124.52 31.80 17.01
CA VAL L 137 -124.43 30.46 17.59
C VAL L 137 -124.53 29.45 16.48
N ALA L 138 -123.58 28.53 16.42
CA ALA L 138 -123.57 27.48 15.40
C ALA L 138 -123.71 26.12 16.06
N ARG L 139 -124.17 25.15 15.29
CA ARG L 139 -124.40 23.82 15.83
C ARG L 139 -124.36 22.80 14.70
N ILE L 140 -123.86 21.61 15.04
CA ILE L 140 -123.93 20.45 14.16
C ILE L 140 -124.66 19.36 14.92
N ASP L 141 -125.73 18.83 14.33
CA ASP L 141 -126.45 17.75 14.97
C ASP L 141 -125.75 16.42 14.71
N GLY L 142 -126.26 15.35 15.33
CA GLY L 142 -125.63 14.06 15.23
C GLY L 142 -125.64 13.47 13.83
N SER L 143 -126.51 13.96 12.96
CA SER L 143 -126.61 13.46 11.59
C SER L 143 -125.88 14.32 10.58
N GLY L 144 -125.23 15.40 11.02
CA GLY L 144 -124.47 16.23 10.13
C GLY L 144 -125.16 17.47 9.62
N ASN L 145 -126.35 17.78 10.11
CA ASN L 145 -127.05 18.98 9.67
C ASN L 145 -126.47 20.20 10.38
N PHE L 146 -126.06 21.19 9.60
CA PHE L 146 -125.53 22.42 10.17
C PHE L 146 -126.65 23.32 10.63
N GLN L 147 -126.31 24.28 11.48
CA GLN L 147 -127.26 25.25 11.98
C GLN L 147 -126.50 26.52 12.34
N VAL L 148 -127.09 27.66 12.04
CA VAL L 148 -126.51 28.95 12.42
C VAL L 148 -127.64 29.85 12.90
N LEU L 149 -127.47 30.41 14.09
CA LEU L 149 -128.37 31.43 14.61
C LEU L 149 -127.61 32.74 14.71
N LEU L 150 -128.14 33.78 14.08
CA LEU L 150 -127.45 35.04 13.92
C LEU L 150 -128.28 36.14 14.57
N SER L 151 -127.65 36.99 15.36
CA SER L 151 -128.38 37.95 16.15
C SER L 151 -128.98 39.05 15.28
N ASP L 152 -129.91 39.80 15.86
CA ASP L 152 -130.62 40.85 15.13
C ASP L 152 -129.69 41.95 14.66
N ARG L 153 -128.53 42.12 15.29
CA ARG L 153 -127.63 43.19 14.90
C ARG L 153 -127.15 43.04 13.46
N TYR L 154 -127.24 41.85 12.89
CA TYR L 154 -126.86 41.61 11.50
C TYR L 154 -128.04 41.64 10.54
N PHE L 155 -129.15 42.26 10.97
CA PHE L 155 -130.28 42.45 10.07
C PHE L 155 -129.87 43.31 8.88
N ASN L 156 -130.01 42.78 7.68
CA ASN L 156 -129.76 43.50 6.43
C ASN L 156 -128.30 43.82 6.25
N LYS L 157 -127.41 43.11 6.95
CA LYS L 157 -125.98 43.37 6.91
C LYS L 157 -125.15 42.12 6.70
N THR L 158 -125.76 41.01 6.31
CA THR L 158 -125.04 39.77 6.09
C THR L 158 -125.30 39.27 4.68
N CYS L 159 -124.37 38.45 4.19
CA CYS L 159 -124.55 37.83 2.89
C CYS L 159 -123.74 36.55 2.83
N GLY L 160 -124.29 35.56 2.15
CA GLY L 160 -123.70 34.23 2.07
C GLY L 160 -124.77 33.24 1.69
N LEU L 161 -124.40 31.96 1.68
CA LEU L 161 -125.37 30.93 1.28
C LEU L 161 -126.65 31.02 2.10
N CYS L 162 -126.55 31.42 3.37
CA CYS L 162 -127.73 31.68 4.16
C CYS L 162 -128.49 32.90 3.70
N GLY L 163 -128.03 33.57 2.65
CA GLY L 163 -128.70 34.75 2.16
C GLY L 163 -128.53 35.93 3.09
N ASN L 164 -129.07 37.06 2.66
CA ASN L 164 -129.13 38.22 3.53
C ASN L 164 -130.13 37.95 4.64
N PHE L 165 -130.27 38.89 5.56
CA PHE L 165 -131.24 38.77 6.64
C PHE L 165 -132.12 40.00 6.63
N ASN L 166 -133.14 39.94 5.80
CA ASN L 166 -134.24 40.90 5.77
C ASN L 166 -135.46 40.11 5.32
N ILE L 167 -136.59 40.35 5.99
CA ILE L 167 -137.72 39.43 5.96
C ILE L 167 -138.14 39.09 4.53
N PHE L 168 -137.89 39.99 3.59
CA PHE L 168 -138.15 39.70 2.18
C PHE L 168 -137.29 38.53 1.73
N ALA L 169 -137.94 37.41 1.40
CA ALA L 169 -137.21 36.20 1.06
C ALA L 169 -136.80 36.14 -0.39
N GLU L 170 -137.49 36.87 -1.26
CA GLU L 170 -137.22 36.79 -2.69
C GLU L 170 -135.84 37.29 -3.06
N ASP L 171 -135.19 38.07 -2.19
CA ASP L 171 -133.92 38.69 -2.48
C ASP L 171 -132.73 38.00 -1.82
N ASP L 172 -132.88 36.74 -1.44
CA ASP L 172 -131.82 36.08 -0.69
C ASP L 172 -130.69 35.59 -1.58
N PHE L 173 -130.88 35.53 -2.90
CA PHE L 173 -129.91 34.92 -3.79
C PHE L 173 -128.88 35.92 -4.32
N MET L 174 -128.62 36.99 -3.58
CA MET L 174 -127.62 37.96 -4.03
C MET L 174 -126.26 37.31 -4.16
N THR L 175 -125.62 37.50 -5.31
CA THR L 175 -124.28 37.00 -5.52
C THR L 175 -123.25 37.92 -4.89
N GLN L 176 -122.02 37.42 -4.74
CA GLN L 176 -120.96 38.25 -4.20
C GLN L 176 -120.67 39.44 -5.10
N GLU L 177 -121.00 39.34 -6.38
CA GLU L 177 -120.86 40.48 -7.28
C GLU L 177 -121.91 41.55 -7.04
N GLY L 178 -122.87 41.29 -6.17
CA GLY L 178 -123.90 42.25 -5.83
C GLY L 178 -125.13 42.21 -6.70
N THR L 179 -125.39 41.10 -7.37
CA THR L 179 -126.53 40.96 -8.26
C THR L 179 -127.34 39.73 -7.88
N LEU L 180 -128.65 39.84 -8.02
CA LEU L 180 -129.52 38.68 -7.81
C LEU L 180 -129.37 37.69 -8.95
N THR L 181 -129.75 36.45 -8.68
CA THR L 181 -129.76 35.42 -9.70
C THR L 181 -130.84 34.42 -9.39
N SER L 182 -131.53 33.95 -10.43
CA SER L 182 -132.60 32.98 -10.24
C SER L 182 -132.07 31.56 -10.05
N ASP L 183 -130.78 31.34 -10.25
CA ASP L 183 -130.22 30.00 -10.16
C ASP L 183 -129.54 29.84 -8.82
N PRO L 184 -129.95 28.89 -7.98
CA PRO L 184 -129.24 28.68 -6.72
C PRO L 184 -127.76 28.40 -6.89
N TYR L 185 -127.37 27.69 -7.95
CA TYR L 185 -125.97 27.36 -8.13
C TYR L 185 -125.12 28.56 -8.48
N ASP L 186 -125.64 29.49 -9.29
CA ASP L 186 -124.90 30.73 -9.53
C ASP L 186 -124.60 31.43 -8.22
N PHE L 187 -125.63 31.59 -7.38
CA PHE L 187 -125.48 32.21 -6.07
C PHE L 187 -124.44 31.49 -5.21
N ALA L 188 -124.60 30.18 -5.07
CA ALA L 188 -123.71 29.43 -4.20
C ALA L 188 -122.28 29.47 -4.68
N ASN L 189 -122.06 29.23 -5.98
CA ASN L 189 -120.72 29.28 -6.52
C ASN L 189 -120.14 30.69 -6.41
N SER L 190 -120.99 31.71 -6.47
CA SER L 190 -120.53 33.06 -6.23
C SER L 190 -119.99 33.21 -4.82
N TRP L 191 -120.52 32.45 -3.87
CA TRP L 191 -120.03 32.51 -2.50
C TRP L 191 -119.05 31.40 -2.16
N ALA L 192 -118.26 30.94 -3.11
CA ALA L 192 -117.20 29.99 -2.81
C ALA L 192 -115.96 30.71 -2.31
N LEU L 193 -115.16 29.99 -1.51
CA LEU L 193 -113.92 30.52 -0.96
C LEU L 193 -112.84 29.47 -1.12
N SER L 194 -111.76 29.82 -1.80
CA SER L 194 -110.65 28.91 -2.04
C SER L 194 -109.54 29.16 -1.04
N SER L 195 -108.60 28.21 -1.01
CA SER L 195 -107.47 28.29 -0.10
C SER L 195 -106.22 27.82 -0.81
N GLY L 196 -105.12 27.78 -0.08
CA GLY L 196 -103.85 27.40 -0.64
C GLY L 196 -103.66 25.92 -0.87
N GLU L 197 -104.63 25.12 -0.46
CA GLU L 197 -104.60 23.69 -0.75
C GLU L 197 -105.92 23.20 -1.32
N GLN L 198 -106.83 24.11 -1.67
CA GLN L 198 -108.11 23.72 -2.23
C GLN L 198 -108.64 24.90 -3.03
N TRP L 199 -108.63 24.79 -4.35
CA TRP L 199 -109.17 25.81 -5.23
C TRP L 199 -110.49 25.33 -5.81
N CYS L 200 -111.51 26.17 -5.72
CA CYS L 200 -112.88 25.73 -5.90
C CYS L 200 -113.22 25.52 -7.37
N GLU L 201 -113.80 24.37 -7.68
CA GLU L 201 -114.35 24.11 -8.99
C GLU L 201 -115.79 24.59 -9.07
N ARG L 202 -116.24 24.92 -10.27
CA ARG L 202 -117.62 25.33 -10.50
C ARG L 202 -118.55 24.16 -10.26
N ALA L 203 -119.35 24.23 -9.20
CA ALA L 203 -120.31 23.19 -8.91
C ALA L 203 -121.52 23.30 -9.83
N SER L 204 -122.12 22.16 -10.14
CA SER L 204 -123.26 22.10 -11.03
C SER L 204 -124.24 21.06 -10.51
N PRO L 205 -125.51 21.16 -10.88
CA PRO L 205 -126.51 20.20 -10.40
C PRO L 205 -126.15 18.78 -10.80
N PRO L 206 -126.38 17.81 -9.93
CA PRO L 206 -126.09 16.42 -10.27
C PRO L 206 -127.20 15.79 -11.09
N SER L 207 -126.88 14.65 -11.70
CA SER L 207 -127.87 13.85 -12.39
C SER L 207 -128.78 13.16 -11.39
N SER L 208 -130.03 12.93 -11.79
CA SER L 208 -131.02 12.41 -10.87
C SER L 208 -132.12 11.66 -11.62
N SER L 209 -132.87 10.86 -10.87
CA SER L 209 -134.05 10.18 -11.36
C SER L 209 -135.24 10.57 -10.50
N CYS L 210 -136.38 10.83 -11.14
CA CYS L 210 -137.56 11.31 -10.42
C CYS L 210 -138.83 11.02 -11.22
N MET L 217 -139.59 8.97 -7.54
CA MET L 217 -140.94 9.13 -7.03
C MET L 217 -141.62 7.79 -6.76
N GLN L 218 -142.22 7.66 -5.58
CA GLN L 218 -142.94 6.45 -5.21
C GLN L 218 -144.04 6.85 -4.24
N LYS L 219 -145.26 6.36 -4.50
CA LYS L 219 -146.44 6.83 -3.78
C LYS L 219 -146.33 6.51 -2.29
N GLY L 220 -145.93 5.28 -1.96
CA GLY L 220 -145.83 4.90 -0.56
C GLY L 220 -144.86 5.78 0.21
N LEU L 221 -143.75 6.16 -0.43
CA LEU L 221 -142.84 7.09 0.20
C LEU L 221 -143.42 8.50 0.23
N TRP L 222 -144.18 8.86 -0.81
CA TRP L 222 -144.76 10.19 -0.91
C TRP L 222 -145.75 10.46 0.23
N GLU L 223 -146.42 9.42 0.72
CA GLU L 223 -147.26 9.58 1.89
C GLU L 223 -146.48 10.17 3.07
N GLN L 224 -145.24 9.72 3.25
CA GLN L 224 -144.43 10.21 4.36
C GLN L 224 -144.23 11.71 4.26
N CYS L 225 -143.95 12.22 3.06
CA CYS L 225 -143.85 13.66 2.87
C CYS L 225 -145.18 14.34 3.13
N GLN L 226 -146.28 13.71 2.73
CA GLN L 226 -147.59 14.28 3.00
C GLN L 226 -147.90 14.34 4.49
N LEU L 227 -147.14 13.64 5.32
CA LEU L 227 -147.33 13.80 6.77
C LEU L 227 -147.31 15.26 7.21
N LEU L 228 -146.48 16.08 6.55
CA LEU L 228 -146.37 17.48 6.93
C LEU L 228 -147.71 18.20 6.86
N LYS L 229 -148.61 17.76 5.99
CA LYS L 229 -149.88 18.44 5.77
C LYS L 229 -151.04 17.77 6.48
N SER L 230 -151.00 16.45 6.65
CA SER L 230 -152.15 15.71 7.13
C SER L 230 -152.16 15.52 8.64
N THR L 231 -150.99 15.47 9.27
CA THR L 231 -150.90 15.10 10.67
C THR L 231 -151.26 16.29 11.55
N SER L 232 -151.94 16.00 12.67
CA SER L 232 -152.42 17.06 13.54
C SER L 232 -151.28 17.81 14.20
N VAL L 233 -150.22 17.12 14.63
CA VAL L 233 -149.14 17.78 15.35
C VAL L 233 -148.46 18.81 14.46
N PHE L 234 -148.20 18.47 13.21
CA PHE L 234 -147.63 19.43 12.27
C PHE L 234 -148.61 20.53 11.93
N ALA L 235 -149.91 20.22 11.91
CA ALA L 235 -150.91 21.21 11.58
C ALA L 235 -150.92 22.38 12.54
N ARG L 236 -150.35 22.21 13.74
CA ARG L 236 -150.27 23.32 14.66
C ARG L 236 -149.48 24.47 14.07
N CYS L 237 -148.49 24.17 13.22
CA CYS L 237 -147.51 25.14 12.78
C CYS L 237 -147.94 25.88 11.51
N HIS L 238 -149.00 25.44 10.84
CA HIS L 238 -149.38 26.05 9.57
C HIS L 238 -149.57 27.55 9.67
N PRO L 239 -150.20 28.12 10.71
CA PRO L 239 -150.30 29.58 10.79
C PRO L 239 -148.96 30.28 10.83
N LEU L 240 -147.90 29.61 11.27
CA LEU L 240 -146.57 30.21 11.37
C LEU L 240 -145.67 29.87 10.20
N VAL L 241 -145.65 28.62 9.75
CA VAL L 241 -144.75 28.18 8.70
C VAL L 241 -145.54 27.42 7.65
N ASP L 242 -145.50 27.88 6.41
CA ASP L 242 -146.19 27.20 5.33
C ASP L 242 -145.47 25.90 5.02
N PRO L 243 -146.17 24.76 5.01
CA PRO L 243 -145.50 23.47 4.79
C PRO L 243 -145.20 23.18 3.34
N GLU L 244 -145.78 23.90 2.39
CA GLU L 244 -145.66 23.53 0.99
C GLU L 244 -144.21 23.48 0.49
N PRO L 245 -143.36 24.48 0.76
CA PRO L 245 -141.97 24.36 0.32
C PRO L 245 -141.30 23.11 0.85
N PHE L 246 -141.56 22.79 2.13
CA PHE L 246 -140.98 21.60 2.72
C PHE L 246 -141.52 20.34 2.08
N VAL L 247 -142.80 20.35 1.68
CA VAL L 247 -143.37 19.18 1.02
C VAL L 247 -142.70 18.97 -0.34
N ALA L 248 -142.48 20.04 -1.09
CA ALA L 248 -141.81 19.92 -2.38
C ALA L 248 -140.38 19.41 -2.20
N LEU L 249 -139.67 19.97 -1.24
CA LEU L 249 -138.31 19.51 -0.96
C LEU L 249 -138.30 18.03 -0.59
N CYS L 250 -139.27 17.61 0.23
CA CYS L 250 -139.38 16.21 0.62
C CYS L 250 -139.64 15.32 -0.59
N GLU L 251 -140.51 15.76 -1.49
CA GLU L 251 -140.79 14.97 -2.68
C GLU L 251 -139.53 14.78 -3.52
N LYS L 252 -138.77 15.86 -3.74
CA LYS L 252 -137.59 15.72 -4.59
C LYS L 252 -136.48 14.95 -3.88
N THR L 253 -136.39 15.01 -2.55
CA THR L 253 -135.39 14.16 -1.90
C THR L 253 -135.82 12.69 -1.91
N LEU L 254 -137.13 12.41 -1.90
CA LEU L 254 -137.57 11.04 -2.14
C LEU L 254 -137.18 10.58 -3.52
N CYS L 255 -137.30 11.45 -4.52
CA CYS L 255 -136.75 11.12 -5.83
C CYS L 255 -135.26 10.82 -5.74
N GLU L 256 -134.55 11.59 -4.93
CA GLU L 256 -133.13 11.32 -4.70
C GLU L 256 -132.90 10.15 -3.74
N CYS L 257 -133.94 9.70 -3.06
CA CYS L 257 -133.79 8.70 -2.01
C CYS L 257 -133.11 7.43 -2.53
N ALA L 258 -132.41 6.75 -1.61
CA ALA L 258 -131.81 5.45 -1.87
C ALA L 258 -132.10 4.50 -0.70
N GLY L 259 -133.26 4.66 -0.08
CA GLY L 259 -133.63 3.86 1.07
C GLY L 259 -135.12 3.76 1.27
N GLY L 260 -135.56 3.75 2.52
CA GLY L 260 -136.95 3.59 2.87
C GLY L 260 -137.61 4.90 3.26
N LEU L 261 -138.58 4.81 4.17
CA LEU L 261 -139.33 5.99 4.59
C LEU L 261 -138.45 7.04 5.26
N GLU L 262 -137.28 6.65 5.77
CA GLU L 262 -136.43 7.59 6.48
C GLU L 262 -135.96 8.73 5.59
N CYS L 263 -136.02 8.58 4.27
CA CYS L 263 -135.58 9.65 3.38
C CYS L 263 -136.41 10.91 3.54
N ALA L 264 -137.63 10.80 4.02
CA ALA L 264 -138.45 11.98 4.25
C ALA L 264 -138.10 12.69 5.54
N CYS L 265 -137.34 12.05 6.41
CA CYS L 265 -137.09 12.61 7.74
C CYS L 265 -136.39 13.96 7.73
N PRO L 266 -135.38 14.23 6.89
CA PRO L 266 -134.75 15.55 6.96
C PRO L 266 -135.73 16.70 6.80
N ALA L 267 -136.69 16.58 5.89
CA ALA L 267 -137.65 17.65 5.70
C ALA L 267 -138.53 17.84 6.93
N LEU L 268 -139.00 16.73 7.52
CA LEU L 268 -139.83 16.84 8.71
C LEU L 268 -139.04 17.47 9.86
N LEU L 269 -137.79 17.04 10.03
CA LEU L 269 -136.96 17.57 11.10
C LEU L 269 -136.72 19.06 10.92
N GLU L 270 -136.41 19.48 9.69
CA GLU L 270 -136.18 20.90 9.44
C GLU L 270 -137.45 21.70 9.63
N TYR L 271 -138.60 21.15 9.24
CA TYR L 271 -139.86 21.87 9.46
C TYR L 271 -140.14 22.02 10.94
N ALA L 272 -139.91 20.98 11.72
CA ALA L 272 -140.11 21.06 13.16
C ALA L 272 -139.18 22.09 13.78
N ARG L 273 -137.92 22.13 13.32
CA ARG L 273 -136.98 23.09 13.86
C ARG L 273 -137.33 24.51 13.47
N THR L 274 -137.82 24.71 12.24
CA THR L 274 -138.29 26.04 11.84
C THR L 274 -139.46 26.48 12.70
N CYS L 275 -140.39 25.56 12.97
CA CYS L 275 -141.53 25.88 13.83
C CYS L 275 -141.06 26.23 15.24
N ALA L 276 -140.11 25.47 15.77
CA ALA L 276 -139.56 25.78 17.09
C ALA L 276 -138.93 27.16 17.10
N GLN L 277 -138.23 27.52 16.02
CA GLN L 277 -137.68 28.87 15.92
C GLN L 277 -138.79 29.91 15.93
N GLU L 278 -139.88 29.65 15.22
CA GLU L 278 -140.98 30.61 15.18
C GLU L 278 -141.74 30.68 16.49
N GLY L 279 -141.71 29.62 17.29
CA GLY L 279 -142.32 29.66 18.60
C GLY L 279 -143.04 28.41 19.03
N MET L 280 -143.54 27.62 18.07
CA MET L 280 -144.31 26.43 18.38
C MET L 280 -143.38 25.21 18.34
N VAL L 281 -143.16 24.61 19.50
CA VAL L 281 -142.44 23.34 19.58
C VAL L 281 -143.44 22.21 19.35
N LEU L 282 -143.13 21.33 18.41
CA LEU L 282 -144.06 20.30 17.99
C LEU L 282 -143.81 18.99 18.75
N TYR L 283 -144.02 19.05 20.07
CA TYR L 283 -143.56 18.02 21.00
C TYR L 283 -143.73 16.60 20.51
N GLY L 284 -144.81 16.32 19.78
CA GLY L 284 -145.15 14.98 19.39
C GLY L 284 -144.79 14.54 17.99
N TRP L 285 -143.99 15.32 17.24
CA TRP L 285 -143.79 14.94 15.85
C TRP L 285 -142.96 13.67 15.72
N THR L 286 -142.09 13.38 16.68
CA THR L 286 -141.25 12.19 16.59
C THR L 286 -142.05 10.92 16.79
N ASP L 287 -143.19 10.99 17.49
CA ASP L 287 -143.98 9.79 17.73
C ASP L 287 -144.90 9.47 16.56
N HIS L 288 -145.56 10.49 15.99
CA HIS L 288 -146.46 10.24 14.88
C HIS L 288 -145.72 9.73 13.66
N SER L 289 -144.57 10.32 13.35
CA SER L 289 -143.79 9.90 12.20
C SER L 289 -142.93 8.68 12.54
N ALA L 290 -142.35 8.09 11.50
CA ALA L 290 -141.45 6.97 11.65
C ALA L 290 -140.00 7.40 11.90
N CYS L 291 -139.75 8.69 12.02
CA CYS L 291 -138.39 9.20 12.10
C CYS L 291 -137.86 9.14 13.53
N SER L 292 -136.53 9.13 13.63
CA SER L 292 -135.84 9.11 14.91
C SER L 292 -134.50 9.80 14.73
N PRO L 293 -134.40 11.08 15.07
CA PRO L 293 -133.14 11.80 14.90
C PRO L 293 -132.01 11.11 15.65
N VAL L 294 -130.83 11.10 15.03
CA VAL L 294 -129.71 10.37 15.59
C VAL L 294 -129.25 11.03 16.89
N CYS L 295 -128.96 10.21 17.89
CA CYS L 295 -128.41 10.66 19.16
C CYS L 295 -127.29 9.71 19.56
N PRO L 296 -126.36 10.17 20.38
CA PRO L 296 -125.28 9.28 20.82
C PRO L 296 -125.81 8.19 21.72
N ALA L 297 -125.00 7.15 21.88
CA ALA L 297 -125.43 5.93 22.56
C ALA L 297 -126.03 6.24 23.92
N GLY L 298 -127.23 5.70 24.15
CA GLY L 298 -127.89 5.80 25.44
C GLY L 298 -128.75 7.03 25.64
N MET L 299 -128.63 8.04 24.80
CA MET L 299 -129.40 9.27 24.96
C MET L 299 -130.63 9.24 24.07
N GLU L 300 -131.73 9.78 24.59
CA GLU L 300 -132.97 9.89 23.85
C GLU L 300 -133.06 11.24 23.16
N TYR L 301 -133.67 11.25 21.98
CA TYR L 301 -134.01 12.51 21.34
C TYR L 301 -135.26 13.09 21.95
N ARG L 302 -135.25 14.40 22.22
CA ARG L 302 -136.42 15.03 22.79
C ARG L 302 -136.45 16.49 22.37
N GLN L 303 -137.66 17.01 22.18
CA GLN L 303 -137.85 18.41 21.91
C GLN L 303 -137.77 19.21 23.19
N CYS L 304 -137.24 20.43 23.09
CA CYS L 304 -137.22 21.37 24.20
C CYS L 304 -136.40 20.84 25.38
N VAL L 305 -135.20 20.35 25.08
CA VAL L 305 -134.23 20.00 26.10
C VAL L 305 -133.63 21.29 26.64
N SER L 306 -133.58 21.42 27.96
CA SER L 306 -132.99 22.61 28.55
C SER L 306 -131.49 22.60 28.33
N PRO L 307 -130.90 23.71 27.87
CA PRO L 307 -129.45 23.72 27.63
C PRO L 307 -128.63 23.43 28.88
N CYS L 308 -129.15 23.78 30.06
CA CYS L 308 -128.47 23.52 31.32
C CYS L 308 -128.73 22.11 31.83
N ALA L 309 -128.45 21.11 30.99
CA ALA L 309 -128.66 19.72 31.39
C ALA L 309 -127.74 19.36 32.54
N ARG L 310 -128.24 18.50 33.44
CA ARG L 310 -127.58 18.23 34.71
C ARG L 310 -126.51 17.16 34.56
N THR L 311 -125.25 17.59 34.55
CA THR L 311 -124.12 16.75 34.86
C THR L 311 -124.00 16.62 36.37
N CYS L 312 -123.49 15.47 36.83
CA CYS L 312 -123.29 15.29 38.26
C CYS L 312 -122.42 16.39 38.85
N GLN L 313 -121.19 16.51 38.37
CA GLN L 313 -120.26 17.49 38.90
C GLN L 313 -120.63 18.88 38.40
N SER L 314 -121.82 19.32 38.81
CA SER L 314 -122.34 20.62 38.43
C SER L 314 -123.02 21.25 39.63
N LEU L 315 -122.81 22.55 39.80
CA LEU L 315 -123.45 23.28 40.88
C LEU L 315 -124.94 23.41 40.61
N HIS L 316 -125.74 23.29 41.67
CA HIS L 316 -127.18 23.34 41.54
C HIS L 316 -127.69 24.78 41.42
N ILE L 317 -127.14 25.53 40.47
CA ILE L 317 -127.52 26.92 40.26
C ILE L 317 -128.56 26.94 39.14
N ASN L 318 -129.84 26.84 39.51
CA ASN L 318 -130.91 26.85 38.54
C ASN L 318 -131.37 28.26 38.18
N GLU L 319 -131.08 29.25 39.04
CA GLU L 319 -131.52 30.62 38.77
C GLU L 319 -130.77 31.23 37.59
N MET L 320 -129.58 30.73 37.26
CA MET L 320 -128.82 31.27 36.14
C MET L 320 -129.44 30.90 34.80
N CYS L 321 -130.16 29.77 34.74
CA CYS L 321 -130.62 29.21 33.47
C CYS L 321 -131.92 29.89 33.05
N GLN L 322 -131.79 31.12 32.56
CA GLN L 322 -132.91 31.87 32.02
C GLN L 322 -133.09 31.65 30.52
N GLU L 323 -132.22 30.83 29.90
CA GLU L 323 -132.27 30.65 28.45
C GLU L 323 -133.47 29.79 28.06
N ARG L 324 -133.84 29.89 26.78
CA ARG L 324 -134.89 29.05 26.24
C ARG L 324 -134.36 27.65 25.99
N CYS L 325 -135.29 26.71 25.83
CA CYS L 325 -134.93 25.33 25.57
C CYS L 325 -134.63 25.11 24.09
N VAL L 326 -133.98 23.99 23.79
CA VAL L 326 -133.63 23.62 22.43
C VAL L 326 -133.96 22.15 22.23
N ASP L 327 -134.13 21.77 20.98
CA ASP L 327 -134.22 20.35 20.64
C ASP L 327 -132.85 19.71 20.71
N GLY L 328 -132.83 18.42 21.03
CA GLY L 328 -131.58 17.71 21.11
C GLY L 328 -131.74 16.42 21.88
N CYS L 329 -130.60 15.85 22.24
CA CYS L 329 -130.55 14.58 22.92
C CYS L 329 -130.47 14.78 24.42
N SER L 330 -130.99 13.81 25.17
CA SER L 330 -130.99 13.88 26.62
C SER L 330 -130.83 12.47 27.17
N CYS L 331 -130.22 12.37 28.35
CA CYS L 331 -130.17 11.10 29.03
C CYS L 331 -131.57 10.73 29.52
N PRO L 332 -131.89 9.43 29.59
CA PRO L 332 -133.20 9.03 30.07
C PRO L 332 -133.47 9.57 31.45
N GLU L 333 -134.75 9.71 31.77
CA GLU L 333 -135.15 10.32 33.03
C GLU L 333 -134.54 9.58 34.21
N GLY L 334 -134.03 10.35 35.17
CA GLY L 334 -133.37 9.81 36.33
C GLY L 334 -131.88 9.61 36.19
N GLN L 335 -131.35 9.62 34.98
CA GLN L 335 -129.93 9.50 34.75
C GLN L 335 -129.29 10.87 34.58
N LEU L 336 -127.97 10.92 34.75
CA LEU L 336 -127.22 12.15 34.66
C LEU L 336 -126.01 11.95 33.76
N LEU L 337 -125.51 13.05 33.22
CA LEU L 337 -124.34 13.01 32.36
C LEU L 337 -123.06 12.92 33.18
N ASP L 338 -122.08 12.22 32.64
CA ASP L 338 -120.76 12.12 33.27
C ASP L 338 -119.75 11.86 32.16
N GLU L 339 -119.00 12.91 31.79
CA GLU L 339 -118.06 12.84 30.68
C GLU L 339 -118.75 12.39 29.40
N GLY L 340 -119.97 12.88 29.19
CA GLY L 340 -120.73 12.56 28.00
C GLY L 340 -121.55 11.29 28.09
N LEU L 341 -121.24 10.39 29.02
CA LEU L 341 -122.02 9.19 29.20
C LEU L 341 -123.12 9.42 30.22
N CYS L 342 -124.18 8.62 30.11
CA CYS L 342 -125.31 8.72 31.02
C CYS L 342 -125.14 7.70 32.15
N VAL L 343 -125.30 8.18 33.39
CA VAL L 343 -125.12 7.37 34.57
C VAL L 343 -126.28 7.62 35.52
N GLU L 344 -126.50 6.66 36.41
CA GLU L 344 -127.51 6.83 37.44
C GLU L 344 -127.07 7.90 38.43
N SER L 345 -128.06 8.56 39.05
CA SER L 345 -127.74 9.65 39.96
C SER L 345 -126.87 9.18 41.11
N THR L 346 -127.05 7.93 41.56
CA THR L 346 -126.25 7.40 42.65
C THR L 346 -124.96 6.74 42.17
N GLU L 347 -124.85 6.43 40.88
CA GLU L 347 -123.70 5.73 40.33
C GLU L 347 -122.51 6.65 40.08
N CYS L 348 -122.71 7.93 40.08
CA CYS L 348 -121.75 8.78 39.40
C CYS L 348 -120.72 9.38 40.36
N PRO L 349 -119.50 9.58 39.86
CA PRO L 349 -118.32 9.67 40.75
C PRO L 349 -118.02 11.08 41.23
N CYS L 350 -117.04 11.15 42.13
CA CYS L 350 -116.41 12.38 42.56
C CYS L 350 -115.19 12.68 41.69
N VAL L 351 -114.79 13.94 41.70
CA VAL L 351 -113.63 14.39 40.94
C VAL L 351 -112.63 15.03 41.90
N HIS L 352 -111.36 14.67 41.75
CA HIS L 352 -110.29 15.31 42.50
C HIS L 352 -109.01 15.23 41.70
N SER L 353 -108.25 16.32 41.71
CA SER L 353 -106.97 16.39 41.01
C SER L 353 -107.13 16.07 39.53
N GLY L 354 -108.30 16.36 38.97
CA GLY L 354 -108.57 16.03 37.60
C GLY L 354 -108.91 14.58 37.34
N LYS L 355 -108.97 13.76 38.38
CA LYS L 355 -109.29 12.35 38.26
C LYS L 355 -110.68 12.09 38.83
N ARG L 356 -111.36 11.09 38.29
CA ARG L 356 -112.66 10.67 38.78
C ARG L 356 -112.54 9.37 39.55
N TYR L 357 -113.18 9.32 40.72
CA TYR L 357 -113.14 8.14 41.57
C TYR L 357 -114.56 7.66 41.85
N PRO L 358 -114.82 6.36 41.79
CA PRO L 358 -116.17 5.86 42.07
C PRO L 358 -116.59 6.16 43.50
N PRO L 359 -117.88 6.11 43.79
CA PRO L 359 -118.32 6.33 45.17
C PRO L 359 -117.76 5.27 46.11
N GLY L 360 -117.53 5.69 47.35
CA GLY L 360 -116.98 4.81 48.35
C GLY L 360 -115.47 4.77 48.40
N THR L 361 -114.79 5.31 47.39
CA THR L 361 -113.34 5.32 47.41
C THR L 361 -112.83 6.27 48.47
N SER L 362 -111.65 5.97 49.00
CA SER L 362 -111.04 6.77 50.04
C SER L 362 -109.69 7.29 49.56
N LEU L 363 -109.43 8.56 49.84
CA LEU L 363 -108.16 9.18 49.52
C LEU L 363 -107.55 9.76 50.79
N SER L 364 -106.25 9.62 50.92
CA SER L 364 -105.54 10.10 52.09
C SER L 364 -104.92 11.47 51.80
N ARG L 365 -104.89 12.30 52.84
CA ARG L 365 -104.20 13.59 52.79
C ARG L 365 -103.44 13.68 54.10
N ASP L 366 -102.20 13.20 54.09
CA ASP L 366 -101.46 12.91 55.32
C ASP L 366 -102.26 12.01 56.23
N CYS L 367 -102.52 12.45 57.45
CA CYS L 367 -103.22 11.62 58.42
C CYS L 367 -104.72 11.60 58.23
N ASN L 368 -105.26 12.44 57.36
CA ASN L 368 -106.68 12.50 57.09
C ASN L 368 -107.07 11.60 55.93
N THR L 369 -108.34 11.25 55.86
CA THR L 369 -108.90 10.52 54.73
C THR L 369 -110.17 11.20 54.27
N CYS L 370 -110.43 11.11 52.97
CA CYS L 370 -111.60 11.71 52.36
C CYS L 370 -112.37 10.63 51.61
N ILE L 371 -113.66 10.52 51.87
CA ILE L 371 -114.51 9.47 51.30
C ILE L 371 -115.43 10.08 50.26
N CYS L 372 -115.47 9.49 49.07
CA CYS L 372 -116.37 9.96 48.03
C CYS L 372 -117.78 9.45 48.29
N ARG L 373 -118.70 10.37 48.56
CA ARG L 373 -120.11 10.03 48.73
C ARG L 373 -120.93 11.05 47.97
N ASN L 374 -121.91 10.56 47.21
CA ASN L 374 -122.61 11.39 46.22
C ASN L 374 -121.53 11.95 45.30
N SER L 375 -121.54 13.24 44.99
CA SER L 375 -120.45 13.85 44.26
C SER L 375 -119.41 14.49 45.18
N GLN L 376 -119.64 14.46 46.48
CA GLN L 376 -118.81 15.17 47.45
C GLN L 376 -117.80 14.25 48.09
N TRP L 377 -116.84 14.85 48.77
CA TRP L 377 -115.85 14.15 49.56
C TRP L 377 -116.10 14.42 51.03
N ILE L 378 -116.12 13.38 51.84
CA ILE L 378 -116.26 13.49 53.28
C ILE L 378 -114.87 13.34 53.88
N CYS L 379 -114.32 14.42 54.42
CA CYS L 379 -112.93 14.47 54.83
C CYS L 379 -112.80 14.46 56.33
N SER L 380 -111.61 14.07 56.79
CA SER L 380 -111.43 13.65 58.17
C SER L 380 -111.22 14.78 59.17
N ASN L 381 -110.92 16.00 58.73
CA ASN L 381 -110.92 17.18 59.59
C ASN L 381 -110.17 16.95 60.91
N GLU L 382 -108.93 16.48 60.82
CA GLU L 382 -108.11 16.29 62.01
C GLU L 382 -106.72 16.83 61.78
N GLU L 383 -106.05 17.18 62.88
CA GLU L 383 -104.70 17.73 62.80
C GLU L 383 -103.69 16.64 62.53
N CYS L 384 -102.78 16.89 61.61
CA CYS L 384 -101.69 15.99 61.28
C CYS L 384 -100.37 16.54 61.79
N PRO L 385 -99.31 15.73 61.83
CA PRO L 385 -98.04 16.22 62.36
C PRO L 385 -97.52 17.41 61.58
N GLY L 386 -96.94 18.36 62.31
CA GLY L 386 -96.39 19.56 61.71
C GLY L 386 -94.90 19.39 61.42
N GLU L 387 -94.49 19.83 60.24
CA GLU L 387 -93.11 19.71 59.79
C GLU L 387 -92.58 21.11 59.47
N CYS L 388 -91.72 21.63 60.32
CA CYS L 388 -90.98 22.84 60.02
C CYS L 388 -89.69 22.49 59.33
N LEU L 389 -89.26 23.35 58.41
CA LEU L 389 -88.14 23.00 57.54
C LEU L 389 -87.26 24.22 57.31
N VAL L 390 -85.95 24.01 57.42
CA VAL L 390 -84.93 24.94 56.96
C VAL L 390 -84.05 24.18 55.98
N THR L 391 -84.02 24.62 54.73
CA THR L 391 -83.53 23.71 53.70
C THR L 391 -82.59 24.36 52.68
N GLY L 392 -81.87 25.40 53.07
CA GLY L 392 -80.94 25.96 52.12
C GLY L 392 -80.39 27.30 52.55
N GLN L 393 -80.38 28.25 51.62
CA GLN L 393 -79.90 29.60 51.95
C GLN L 393 -80.98 30.36 52.71
N SER L 394 -81.32 29.83 53.88
CA SER L 394 -82.27 30.44 54.80
C SER L 394 -83.69 30.40 54.27
N HIS L 395 -84.04 29.36 53.53
CA HIS L 395 -85.43 29.10 53.19
C HIS L 395 -86.11 28.33 54.31
N PHE L 396 -87.32 28.74 54.63
CA PHE L 396 -88.06 28.22 55.76
C PHE L 396 -89.42 27.72 55.31
N LYS L 397 -89.96 26.77 56.06
CA LYS L 397 -91.37 26.42 55.99
C LYS L 397 -91.87 26.33 57.43
N SER L 398 -92.88 27.11 57.75
CA SER L 398 -93.46 27.05 59.08
C SER L 398 -94.23 25.75 59.23
N PHE L 399 -94.62 25.45 60.47
CA PHE L 399 -95.43 24.28 60.71
C PHE L 399 -96.77 24.33 59.98
N ASP L 400 -97.23 25.53 59.63
CA ASP L 400 -98.47 25.71 58.88
C ASP L 400 -98.24 25.95 57.39
N ASN L 401 -97.07 25.58 56.89
CA ASN L 401 -96.75 25.61 55.46
C ASN L 401 -96.63 27.03 54.92
N ARG L 402 -96.19 27.99 55.72
CA ARG L 402 -95.83 29.31 55.22
C ARG L 402 -94.37 29.31 54.80
N TYR L 403 -94.13 29.33 53.49
CA TYR L 403 -92.77 29.41 53.00
C TYR L 403 -92.27 30.84 53.06
N PHE L 404 -91.01 31.00 53.44
CA PHE L 404 -90.40 32.32 53.45
C PHE L 404 -88.89 32.17 53.50
N THR L 405 -88.20 33.25 53.15
CA THR L 405 -86.75 33.33 53.22
C THR L 405 -86.38 34.52 54.06
N PHE L 406 -85.40 34.36 54.95
CA PHE L 406 -85.11 35.42 55.90
C PHE L 406 -83.66 35.90 55.86
N SER L 407 -82.70 35.00 55.73
CA SER L 407 -81.29 35.36 55.50
C SER L 407 -80.68 36.20 56.62
N GLY L 408 -81.16 36.09 57.84
CA GLY L 408 -80.55 36.80 58.95
C GLY L 408 -79.34 36.06 59.49
N ILE L 409 -78.39 36.81 60.04
CA ILE L 409 -77.17 36.24 60.60
C ILE L 409 -77.15 36.44 62.10
N CYS L 410 -77.67 35.46 62.83
CA CYS L 410 -77.66 35.42 64.29
C CYS L 410 -78.12 34.04 64.73
N GLN L 411 -78.25 33.85 66.03
CA GLN L 411 -78.92 32.69 66.58
C GLN L 411 -80.39 33.01 66.77
N TYR L 412 -81.25 32.26 66.10
CA TYR L 412 -82.68 32.54 66.07
C TYR L 412 -83.45 31.37 66.67
N LEU L 413 -84.51 31.69 67.41
CA LEU L 413 -85.35 30.68 68.03
C LEU L 413 -86.22 30.06 66.95
N LEU L 414 -85.84 28.86 66.50
CA LEU L 414 -86.54 28.24 65.39
C LEU L 414 -87.91 27.73 65.82
N ALA L 415 -87.96 26.95 66.91
CA ALA L 415 -89.21 26.41 67.39
C ALA L 415 -89.08 26.12 68.88
N ARG L 416 -90.09 26.50 69.65
CA ARG L 416 -90.07 26.27 71.09
C ARG L 416 -91.49 26.02 71.55
N ASP L 417 -91.62 25.26 72.63
CA ASP L 417 -92.91 25.04 73.28
C ASP L 417 -93.07 26.12 74.34
N CYS L 418 -93.59 27.29 73.92
CA CYS L 418 -93.76 28.39 74.86
C CYS L 418 -94.83 28.12 75.91
N GLN L 419 -95.61 27.05 75.77
CA GLN L 419 -96.65 26.75 76.74
C GLN L 419 -96.15 25.92 77.91
N ASP L 420 -95.43 24.83 77.63
CA ASP L 420 -94.92 23.94 78.67
C ASP L 420 -93.40 23.82 78.70
N HIS L 421 -92.70 24.45 77.75
CA HIS L 421 -91.23 24.42 77.69
C HIS L 421 -90.70 23.00 77.63
N SER L 422 -91.40 22.14 76.89
CA SER L 422 -90.94 20.77 76.69
C SER L 422 -89.61 20.72 75.95
N PHE L 423 -89.38 21.66 75.03
CA PHE L 423 -88.18 21.67 74.20
C PHE L 423 -87.94 23.10 73.71
N SER L 424 -86.76 23.31 73.14
CA SER L 424 -86.39 24.61 72.60
C SER L 424 -85.29 24.43 71.56
N ILE L 425 -85.57 24.79 70.32
CA ILE L 425 -84.65 24.58 69.21
C ILE L 425 -84.15 25.93 68.70
N VAL L 426 -82.83 26.07 68.62
CA VAL L 426 -82.18 27.30 68.18
C VAL L 426 -81.25 26.98 67.03
N ILE L 427 -81.21 27.85 66.03
CA ILE L 427 -80.36 27.67 64.86
C ILE L 427 -79.35 28.81 64.79
N GLU L 428 -78.12 28.46 64.43
CA GLU L 428 -77.07 29.44 64.24
C GLU L 428 -76.85 29.63 62.73
N THR L 429 -77.11 30.84 62.25
CA THR L 429 -77.01 31.14 60.83
C THR L 429 -75.74 31.94 60.56
N VAL L 430 -75.06 31.61 59.48
CA VAL L 430 -73.87 32.31 59.05
C VAL L 430 -73.98 32.55 57.55
N GLN L 431 -73.27 33.56 57.08
CA GLN L 431 -73.11 33.72 55.65
C GLN L 431 -72.36 32.52 55.09
N CYS L 432 -72.92 31.91 54.06
CA CYS L 432 -72.41 30.64 53.57
C CYS L 432 -71.74 30.76 52.21
N ALA L 433 -71.44 31.98 51.77
CA ALA L 433 -70.72 32.22 50.54
C ALA L 433 -70.32 33.70 50.52
N ASP L 434 -69.73 34.12 49.40
CA ASP L 434 -69.33 35.52 49.28
C ASP L 434 -70.53 36.45 49.20
N ASP L 435 -71.61 36.00 48.57
CA ASP L 435 -72.78 36.86 48.37
C ASP L 435 -73.45 37.20 49.68
N ARG L 436 -73.95 38.43 49.77
CA ARG L 436 -74.73 38.82 50.94
C ARG L 436 -76.00 38.00 51.08
N ASP L 437 -76.52 37.47 49.98
CA ASP L 437 -77.77 36.72 50.00
C ASP L 437 -77.60 35.27 50.43
N ALA L 438 -76.37 34.78 50.53
CA ALA L 438 -76.10 33.39 50.85
C ALA L 438 -75.90 33.27 52.35
N VAL L 439 -76.98 32.97 53.08
CA VAL L 439 -76.94 32.74 54.51
C VAL L 439 -77.62 31.41 54.78
N CYS L 440 -76.92 30.50 55.44
CA CYS L 440 -77.48 29.20 55.73
C CYS L 440 -77.09 28.78 57.14
N THR L 441 -77.86 27.83 57.67
CA THR L 441 -77.68 27.41 59.05
C THR L 441 -76.40 26.60 59.22
N ARG L 442 -75.59 26.97 60.20
CA ARG L 442 -74.36 26.25 60.46
C ARG L 442 -74.56 25.13 61.46
N SER L 443 -75.23 25.41 62.58
CA SER L 443 -75.40 24.44 63.64
C SER L 443 -76.78 24.62 64.26
N VAL L 444 -77.22 23.58 64.95
CA VAL L 444 -78.53 23.56 65.62
C VAL L 444 -78.32 23.25 67.09
N THR L 445 -79.12 23.88 67.95
CA THR L 445 -79.04 23.68 69.39
C THR L 445 -80.43 23.36 69.92
N VAL L 446 -80.52 22.37 70.81
CA VAL L 446 -81.79 21.86 71.30
C VAL L 446 -81.69 21.72 72.81
N ARG L 447 -82.54 22.44 73.54
CA ARG L 447 -82.66 22.27 74.98
C ARG L 447 -83.81 21.34 75.30
N LEU L 448 -83.59 20.46 76.28
CA LEU L 448 -84.57 19.47 76.69
C LEU L 448 -84.72 19.57 78.21
N PRO L 449 -85.48 20.56 78.70
CA PRO L 449 -85.54 20.76 80.16
C PRO L 449 -85.95 19.53 80.94
N GLY L 450 -86.84 18.71 80.37
CA GLY L 450 -87.28 17.51 81.06
C GLY L 450 -86.23 16.42 81.14
N LEU L 451 -85.17 16.52 80.35
CA LEU L 451 -84.02 15.63 80.44
C LEU L 451 -82.88 16.32 81.17
N HIS L 452 -83.17 16.67 82.43
CA HIS L 452 -82.23 17.34 83.34
C HIS L 452 -81.51 18.52 82.70
N ASN L 453 -82.27 19.30 81.94
CA ASN L 453 -81.79 20.50 81.24
C ASN L 453 -80.58 20.24 80.34
N SER L 454 -80.57 19.07 79.71
CA SER L 454 -79.59 18.74 78.69
C SER L 454 -79.59 19.76 77.55
N LEU L 455 -78.42 19.95 76.94
CA LEU L 455 -78.24 20.83 75.78
C LEU L 455 -77.58 20.08 74.65
N VAL L 456 -78.35 19.61 73.68
CA VAL L 456 -77.79 18.97 72.49
C VAL L 456 -77.41 20.02 71.48
N LYS L 457 -76.27 19.82 70.81
CA LYS L 457 -75.86 20.65 69.69
C LYS L 457 -75.60 19.78 68.47
N LEU L 458 -76.35 20.01 67.40
CA LEU L 458 -76.10 19.34 66.13
C LEU L 458 -75.18 20.22 65.30
N LYS L 459 -74.00 19.71 64.98
CA LYS L 459 -72.93 20.51 64.41
C LYS L 459 -72.86 20.34 62.90
N HIS L 460 -72.13 21.24 62.26
CA HIS L 460 -71.83 21.12 60.84
C HIS L 460 -71.03 19.85 60.61
N GLY L 461 -71.31 19.17 59.50
CA GLY L 461 -70.73 17.86 59.28
C GLY L 461 -71.47 16.72 59.92
N ALA L 462 -72.62 16.98 60.55
CA ALA L 462 -73.47 16.00 61.21
C ALA L 462 -72.84 15.38 62.44
N GLY L 463 -71.88 16.04 63.06
CA GLY L 463 -71.50 15.67 64.40
C GLY L 463 -72.55 16.06 65.41
N VAL L 464 -72.46 15.49 66.60
CA VAL L 464 -73.35 15.83 67.70
C VAL L 464 -72.52 16.02 68.95
N ALA L 465 -72.88 17.02 69.75
CA ALA L 465 -72.34 17.21 71.07
C ALA L 465 -73.49 17.27 72.07
N MET L 466 -73.22 16.85 73.30
CA MET L 466 -74.20 16.96 74.37
C MET L 466 -73.52 17.53 75.60
N ASP L 467 -74.06 18.62 76.13
CA ASP L 467 -73.45 19.37 77.22
C ASP L 467 -71.97 19.67 76.94
N GLY L 468 -71.66 19.95 75.68
CA GLY L 468 -70.31 20.22 75.24
C GLY L 468 -69.44 19.03 74.91
N GLN L 469 -69.86 17.82 75.24
CA GLN L 469 -69.07 16.63 74.99
C GLN L 469 -69.47 16.03 73.66
N ASP L 470 -68.50 15.81 72.77
CA ASP L 470 -68.80 15.12 71.51
C ASP L 470 -69.17 13.67 71.79
N VAL L 471 -70.36 13.27 71.39
CA VAL L 471 -70.89 11.96 71.72
C VAL L 471 -70.84 11.05 70.50
N GLN L 472 -70.60 9.77 70.76
CA GLN L 472 -70.66 8.73 69.75
C GLN L 472 -72.09 8.28 69.56
N LEU L 473 -72.45 7.92 68.33
CA LEU L 473 -73.83 7.59 67.98
C LEU L 473 -73.95 6.14 67.54
N PRO L 474 -75.09 5.49 67.80
CA PRO L 474 -76.32 6.03 68.39
C PRO L 474 -76.27 6.27 69.87
N LEU L 475 -76.99 7.29 70.32
CA LEU L 475 -77.14 7.64 71.71
C LEU L 475 -78.57 7.34 72.15
N LEU L 476 -78.70 6.48 73.14
CA LEU L 476 -79.97 6.23 73.84
C LEU L 476 -79.82 6.74 75.26
N LYS L 477 -80.67 7.69 75.64
CA LYS L 477 -80.50 8.36 76.93
C LYS L 477 -81.88 8.82 77.42
N GLY L 478 -82.58 7.94 78.12
CA GLY L 478 -83.94 8.23 78.48
C GLY L 478 -84.85 8.29 77.26
N ASP L 479 -85.63 9.36 77.18
CA ASP L 479 -86.46 9.62 76.00
C ASP L 479 -85.65 9.94 74.75
N LEU L 480 -84.46 10.51 74.91
CA LEU L 480 -83.67 10.98 73.78
C LEU L 480 -83.00 9.84 73.02
N ARG L 481 -83.09 9.88 71.70
CA ARG L 481 -82.55 8.84 70.83
C ARG L 481 -81.98 9.47 69.57
N ILE L 482 -80.66 9.49 69.44
CA ILE L 482 -79.97 10.14 68.33
C ILE L 482 -79.22 9.09 67.53
N GLN L 483 -79.42 9.08 66.21
CA GLN L 483 -78.77 8.07 65.38
C GLN L 483 -78.60 8.56 63.95
N HIS L 484 -77.62 7.99 63.27
CA HIS L 484 -77.40 8.30 61.86
C HIS L 484 -78.47 7.65 60.98
N THR L 485 -79.07 8.45 60.10
CA THR L 485 -79.94 7.95 59.06
C THR L 485 -79.11 7.30 57.96
N VAL L 486 -79.78 6.54 57.08
CA VAL L 486 -79.11 5.95 55.92
C VAL L 486 -78.45 7.01 55.07
N THR L 487 -79.00 8.22 55.05
CA THR L 487 -78.44 9.34 54.33
C THR L 487 -77.24 9.98 55.03
N ALA L 488 -76.79 9.40 56.15
CA ALA L 488 -75.78 9.95 57.05
C ALA L 488 -76.29 11.14 57.84
N SER L 489 -77.56 11.51 57.70
CA SER L 489 -78.13 12.59 58.47
C SER L 489 -78.43 12.13 59.90
N VAL L 490 -78.12 12.98 60.87
CA VAL L 490 -78.45 12.71 62.26
C VAL L 490 -79.95 12.87 62.47
N ARG L 491 -80.61 11.83 62.96
CA ARG L 491 -82.00 11.88 63.35
C ARG L 491 -82.10 11.85 64.87
N LEU L 492 -82.68 12.90 65.44
CA LEU L 492 -82.89 13.01 66.88
C LEU L 492 -84.37 12.82 67.18
N SER L 493 -84.68 11.95 68.12
CA SER L 493 -86.03 11.75 68.61
C SER L 493 -86.06 12.01 70.10
N TYR L 494 -87.17 12.57 70.59
CA TYR L 494 -87.32 12.80 72.02
C TYR L 494 -88.78 12.52 72.38
N GLY L 495 -88.99 11.50 73.19
CA GLY L 495 -90.28 10.90 73.31
C GLY L 495 -90.73 10.34 71.97
N GLU L 496 -92.03 10.39 71.73
CA GLU L 496 -92.61 10.10 70.44
C GLU L 496 -93.24 11.32 69.79
N ASP L 497 -93.26 12.46 70.48
CA ASP L 497 -93.92 13.67 70.00
C ASP L 497 -92.98 14.66 69.31
N LEU L 498 -91.67 14.53 69.47
CA LEU L 498 -90.71 15.41 68.79
C LEU L 498 -89.68 14.60 68.04
N GLN L 499 -89.36 15.03 66.83
CA GLN L 499 -88.32 14.42 66.02
C GLN L 499 -87.65 15.51 65.19
N MET L 500 -86.38 15.29 64.85
CA MET L 500 -85.60 16.22 64.05
C MET L 500 -84.72 15.42 63.11
N ASP L 501 -84.32 16.03 62.00
CA ASP L 501 -83.47 15.35 61.04
C ASP L 501 -82.50 16.36 60.43
N TRP L 502 -81.22 16.21 60.72
CA TRP L 502 -80.19 17.20 60.44
C TRP L 502 -79.17 16.58 59.51
N ASP L 503 -79.01 17.15 58.33
CA ASP L 503 -78.10 16.59 57.34
C ASP L 503 -76.66 17.05 57.48
N GLY L 504 -76.41 18.06 58.32
CA GLY L 504 -75.07 18.55 58.53
C GLY L 504 -74.60 19.60 57.56
N ARG L 505 -75.27 19.76 56.42
CA ARG L 505 -74.90 20.77 55.45
C ARG L 505 -75.74 22.02 55.58
N GLY L 506 -76.86 21.96 56.29
CA GLY L 506 -77.69 23.13 56.50
C GLY L 506 -79.18 22.85 56.44
N ARG L 507 -79.56 21.63 56.12
CA ARG L 507 -80.96 21.25 56.05
C ARG L 507 -81.41 20.67 57.39
N LEU L 508 -82.49 21.21 57.94
CA LEU L 508 -83.06 20.73 59.19
C LEU L 508 -84.56 20.56 59.02
N LEU L 509 -85.06 19.37 59.35
CA LEU L 509 -86.49 19.08 59.36
C LEU L 509 -86.93 18.73 60.77
N VAL L 510 -87.83 19.51 61.34
CA VAL L 510 -88.38 19.26 62.67
C VAL L 510 -89.82 18.83 62.54
N LYS L 511 -90.15 17.68 63.12
CA LYS L 511 -91.50 17.12 63.06
C LYS L 511 -92.09 17.08 64.45
N LEU L 512 -93.26 17.68 64.63
CA LEU L 512 -93.99 17.63 65.89
C LEU L 512 -95.27 16.84 65.74
N SER L 513 -95.53 15.96 66.70
CA SER L 513 -96.84 15.35 66.87
C SER L 513 -97.91 16.42 67.13
N PRO L 514 -99.18 16.11 66.81
CA PRO L 514 -100.28 17.04 67.10
C PRO L 514 -100.38 17.52 68.54
N VAL L 515 -99.70 16.82 69.46
CA VAL L 515 -99.72 17.20 70.87
C VAL L 515 -99.23 18.63 71.07
N TYR L 516 -98.35 19.10 70.20
CA TYR L 516 -97.78 20.44 70.28
C TYR L 516 -98.55 21.49 69.49
N ALA L 517 -99.66 21.14 68.87
CA ALA L 517 -100.40 22.11 68.07
C ALA L 517 -100.85 23.28 68.92
N GLY L 518 -100.60 24.50 68.42
CA GLY L 518 -100.93 25.71 69.13
C GLY L 518 -99.97 26.07 70.25
N LYS L 519 -99.18 25.12 70.74
CA LYS L 519 -98.25 25.37 71.83
C LYS L 519 -96.92 25.94 71.37
N THR L 520 -96.65 25.94 70.08
CA THR L 520 -95.33 26.21 69.56
C THR L 520 -95.13 27.72 69.34
N CYS L 521 -93.88 28.12 69.21
CA CYS L 521 -93.50 29.51 69.05
C CYS L 521 -92.11 29.56 68.43
N GLY L 522 -91.81 30.67 67.77
CA GLY L 522 -90.55 30.84 67.09
C GLY L 522 -90.76 31.04 65.60
N LEU L 523 -89.65 31.01 64.86
CA LEU L 523 -89.71 31.18 63.41
C LEU L 523 -90.65 30.19 62.76
N CYS L 524 -90.75 28.98 63.31
CA CYS L 524 -91.61 27.97 62.71
C CYS L 524 -93.09 28.25 62.91
N GLY L 525 -93.44 29.29 63.67
CA GLY L 525 -94.83 29.62 63.86
C GLY L 525 -95.46 28.89 65.02
N ASN L 526 -96.74 29.17 65.23
CA ASN L 526 -97.46 28.63 66.37
C ASN L 526 -98.15 27.29 66.10
N TYR L 527 -97.98 26.73 64.91
CA TYR L 527 -98.45 25.40 64.58
C TYR L 527 -99.93 25.23 64.93
N ASN L 528 -100.77 26.01 64.23
CA ASN L 528 -102.22 25.97 64.44
C ASN L 528 -102.98 25.87 63.13
N GLY L 529 -102.35 25.38 62.06
CA GLY L 529 -103.05 25.17 60.82
C GLY L 529 -103.40 26.40 60.03
N ASN L 530 -102.79 27.54 60.35
CA ASN L 530 -103.10 28.81 59.70
C ASN L 530 -101.81 29.50 59.31
N GLN L 531 -101.68 29.84 58.02
CA GLN L 531 -100.53 30.60 57.56
C GLN L 531 -100.60 32.05 57.99
N GLY L 532 -101.80 32.56 58.25
CA GLY L 532 -101.97 33.99 58.42
C GLY L 532 -101.19 34.58 59.58
N ASP L 533 -101.05 33.83 60.67
CA ASP L 533 -100.45 34.35 61.89
C ASP L 533 -99.05 33.82 62.14
N ASP L 534 -98.40 33.25 61.12
CA ASP L 534 -97.08 32.67 61.35
C ASP L 534 -96.00 33.73 61.52
N PHE L 535 -96.23 34.95 61.07
CA PHE L 535 -95.30 36.03 61.36
C PHE L 535 -95.56 36.70 62.69
N LEU L 536 -96.22 36.01 63.62
CA LEU L 536 -96.33 36.49 64.98
C LEU L 536 -94.96 36.68 65.61
N THR L 537 -94.89 37.55 66.60
CA THR L 537 -93.66 37.89 67.28
C THR L 537 -93.91 37.88 68.77
N PRO L 538 -92.86 37.77 69.59
CA PRO L 538 -93.07 37.80 71.05
C PRO L 538 -93.80 39.03 71.52
N SER L 539 -93.83 40.10 70.72
CA SER L 539 -94.61 41.27 71.08
C SER L 539 -96.11 40.99 71.03
N GLY L 540 -96.52 39.87 70.44
CA GLY L 540 -97.92 39.52 70.35
C GLY L 540 -98.61 39.94 69.08
N LEU L 541 -97.93 40.68 68.20
CA LEU L 541 -98.52 41.13 66.95
C LEU L 541 -97.79 40.48 65.78
N ALA L 542 -98.50 40.39 64.66
CA ALA L 542 -97.95 39.76 63.46
C ALA L 542 -97.30 40.83 62.60
N GLU L 543 -96.03 40.65 62.32
CA GLU L 543 -95.29 41.59 61.48
C GLU L 543 -95.62 41.34 60.01
N PRO L 544 -96.02 42.35 59.25
CA PRO L 544 -96.29 42.14 57.82
C PRO L 544 -95.04 41.88 57.01
N ARG L 545 -93.85 42.14 57.55
CA ARG L 545 -92.59 42.00 56.84
C ARG L 545 -91.80 40.85 57.43
N VAL L 546 -91.22 40.03 56.55
CA VAL L 546 -90.43 38.90 57.03
C VAL L 546 -89.21 39.38 57.80
N GLU L 547 -88.63 40.51 57.40
CA GLU L 547 -87.42 41.00 58.05
C GLU L 547 -87.68 41.33 59.52
N ASP L 548 -88.72 42.13 59.80
CA ASP L 548 -89.03 42.46 61.18
C ASP L 548 -89.41 41.21 61.98
N PHE L 549 -90.22 40.34 61.39
CA PHE L 549 -90.61 39.10 62.05
C PHE L 549 -89.38 38.30 62.49
N GLY L 550 -88.46 38.06 61.57
CA GLY L 550 -87.27 37.29 61.92
C GLY L 550 -86.39 38.01 62.92
N ASN L 551 -86.25 39.32 62.78
CA ASN L 551 -85.44 40.07 63.73
C ASN L 551 -86.01 40.00 65.14
N ALA L 552 -87.33 39.82 65.25
CA ALA L 552 -87.93 39.73 66.57
C ALA L 552 -87.52 38.48 67.33
N TRP L 553 -87.11 37.42 66.63
CA TRP L 553 -86.76 36.16 67.25
C TRP L 553 -85.26 35.95 67.40
N LYS L 554 -84.44 36.97 67.16
CA LYS L 554 -83.01 36.84 67.31
C LYS L 554 -82.62 36.90 68.78
N LEU L 555 -81.68 36.04 69.17
CA LEU L 555 -81.35 35.86 70.58
C LEU L 555 -80.38 36.91 71.11
N HIS L 556 -79.51 37.44 70.26
CA HIS L 556 -78.41 38.28 70.69
C HIS L 556 -78.60 39.71 70.20
N GLY L 557 -78.49 40.66 71.11
CA GLY L 557 -78.80 42.04 70.76
C GLY L 557 -77.79 42.70 69.85
N ASP L 558 -76.56 42.22 69.85
CA ASP L 558 -75.51 42.82 69.01
C ASP L 558 -75.60 42.36 67.57
N CYS L 559 -76.46 41.40 67.26
CA CYS L 559 -76.63 40.95 65.90
C CYS L 559 -77.23 42.05 65.03
N GLN L 560 -76.89 42.02 63.75
CA GLN L 560 -77.43 42.98 62.81
C GLN L 560 -78.91 42.72 62.58
N ASP L 561 -79.72 43.76 62.71
CA ASP L 561 -81.13 43.68 62.34
C ASP L 561 -81.25 43.72 60.83
N LEU L 562 -81.85 42.70 60.25
CA LEU L 562 -81.94 42.60 58.80
C LEU L 562 -82.80 43.73 58.26
N GLN L 563 -82.23 44.54 57.36
CA GLN L 563 -82.93 45.71 56.86
C GLN L 563 -83.86 45.34 55.69
N LYS L 564 -83.34 44.64 54.70
CA LYS L 564 -84.15 44.20 53.57
C LYS L 564 -83.76 42.79 53.17
N GLN L 565 -84.77 41.97 52.88
CA GLN L 565 -84.54 40.61 52.39
C GLN L 565 -84.57 40.66 50.88
N HIS L 566 -83.40 40.80 50.27
CA HIS L 566 -83.31 40.94 48.82
C HIS L 566 -83.61 39.61 48.14
N SER L 567 -84.67 39.57 47.35
CA SER L 567 -84.91 38.43 46.49
C SER L 567 -84.05 38.53 45.25
N ASP L 568 -84.02 37.46 44.47
CA ASP L 568 -83.30 37.41 43.20
C ASP L 568 -81.84 37.79 43.39
N PRO L 569 -81.03 36.94 44.02
CA PRO L 569 -79.59 37.21 44.09
C PRO L 569 -78.90 37.16 42.75
N CYS L 570 -79.58 36.67 41.71
CA CYS L 570 -78.97 36.58 40.38
C CYS L 570 -78.53 37.93 39.85
N ALA L 571 -79.11 39.02 40.36
CA ALA L 571 -78.71 40.35 39.92
C ALA L 571 -77.24 40.61 40.24
N LEU L 572 -76.77 40.12 41.39
CA LEU L 572 -75.38 40.35 41.77
C LEU L 572 -74.42 39.49 40.97
N ASN L 573 -74.87 38.34 40.48
CA ASN L 573 -74.07 37.46 39.65
C ASN L 573 -74.85 37.13 38.39
N PRO L 574 -74.87 38.03 37.42
CA PRO L 574 -75.63 37.78 36.19
C PRO L 574 -75.18 36.54 35.46
N ARG L 575 -73.93 36.13 35.60
CA ARG L 575 -73.44 34.97 34.87
C ARG L 575 -74.25 33.73 35.17
N MET L 576 -74.81 33.62 36.37
CA MET L 576 -75.49 32.42 36.82
C MET L 576 -76.97 32.41 36.49
N THR L 577 -77.51 33.50 35.93
CA THR L 577 -78.96 33.57 35.72
C THR L 577 -79.44 32.54 34.70
N ARG L 578 -78.73 32.37 33.59
CA ARG L 578 -79.14 31.41 32.58
C ARG L 578 -79.15 30.00 33.14
N PHE L 579 -78.08 29.62 33.84
CA PHE L 579 -78.03 28.30 34.45
C PHE L 579 -79.12 28.13 35.49
N SER L 580 -79.35 29.15 36.31
CA SER L 580 -80.38 29.07 37.33
C SER L 580 -81.72 28.75 36.70
N GLU L 581 -82.12 29.55 35.71
CA GLU L 581 -83.40 29.31 35.06
C GLU L 581 -83.45 27.93 34.44
N GLU L 582 -82.48 27.62 33.58
CA GLU L 582 -82.56 26.41 32.77
C GLU L 582 -82.39 25.13 33.59
N ALA L 583 -81.79 25.23 34.78
CA ALA L 583 -81.59 24.06 35.62
C ALA L 583 -82.74 23.88 36.59
N CYS L 584 -83.12 24.94 37.31
CA CYS L 584 -84.21 24.82 38.24
C CYS L 584 -85.55 24.66 37.54
N ALA L 585 -85.62 24.87 36.22
CA ALA L 585 -86.86 24.61 35.52
C ALA L 585 -87.27 23.16 35.56
N VAL L 586 -86.35 22.25 35.89
CA VAL L 586 -86.69 20.83 35.89
C VAL L 586 -87.79 20.51 36.90
N LEU L 587 -87.91 21.32 37.96
CA LEU L 587 -88.95 21.09 38.94
C LEU L 587 -90.35 21.13 38.33
N THR L 588 -90.52 21.83 37.21
CA THR L 588 -91.80 21.89 36.53
C THR L 588 -91.87 20.98 35.32
N SER L 589 -90.82 20.22 35.05
CA SER L 589 -90.78 19.33 33.90
C SER L 589 -91.64 18.11 34.16
N PRO L 590 -91.97 17.35 33.11
CA PRO L 590 -92.71 16.09 33.34
C PRO L 590 -92.05 15.15 34.32
N THR L 591 -90.75 15.33 34.59
CA THR L 591 -90.08 14.54 35.60
C THR L 591 -90.78 14.65 36.95
N PHE L 592 -91.38 15.80 37.23
CA PHE L 592 -92.05 16.03 38.50
C PHE L 592 -93.54 16.24 38.36
N GLU L 593 -94.09 16.11 37.15
CA GLU L 593 -95.52 16.29 36.96
C GLU L 593 -96.33 15.31 37.81
N ALA L 594 -95.74 14.16 38.15
CA ALA L 594 -96.42 13.22 39.03
C ALA L 594 -96.62 13.80 40.42
N CYS L 595 -95.87 14.84 40.77
CA CYS L 595 -95.94 15.42 42.10
C CYS L 595 -96.63 16.76 42.17
N HIS L 596 -96.78 17.46 41.05
CA HIS L 596 -97.35 18.81 41.08
C HIS L 596 -98.71 18.82 41.74
N ARG L 597 -99.48 17.74 41.58
CA ARG L 597 -100.78 17.66 42.23
C ARG L 597 -100.61 17.58 43.75
N ALA L 598 -99.63 16.80 44.21
CA ALA L 598 -99.47 16.60 45.64
C ALA L 598 -98.86 17.81 46.33
N VAL L 599 -97.80 18.38 45.76
CA VAL L 599 -97.09 19.51 46.35
C VAL L 599 -96.92 20.60 45.31
N SER L 600 -97.21 21.83 45.68
CA SER L 600 -97.05 22.94 44.77
C SER L 600 -95.57 23.19 44.52
N PRO L 601 -95.12 23.20 43.27
CA PRO L 601 -93.69 23.37 43.00
C PRO L 601 -93.21 24.80 43.05
N LEU L 602 -94.09 25.78 43.18
CA LEU L 602 -93.67 27.17 43.06
C LEU L 602 -92.71 27.60 44.16
N PRO L 603 -92.98 27.36 45.45
CA PRO L 603 -92.01 27.76 46.47
C PRO L 603 -90.68 27.10 46.29
N TYR L 604 -90.67 25.82 45.93
CA TYR L 604 -89.41 25.12 45.74
C TYR L 604 -88.68 25.63 44.52
N LEU L 605 -89.40 26.07 43.49
CA LEU L 605 -88.75 26.68 42.34
C LEU L 605 -88.10 28.01 42.70
N ARG L 606 -88.81 28.85 43.46
CA ARG L 606 -88.23 30.10 43.94
C ARG L 606 -86.97 29.82 44.74
N ASN L 607 -87.06 28.87 45.68
CA ASN L 607 -85.92 28.53 46.52
C ASN L 607 -84.77 27.99 45.68
N CYS L 608 -85.07 27.16 44.68
CA CYS L 608 -84.04 26.60 43.82
C CYS L 608 -83.28 27.69 43.09
N ARG L 609 -84.00 28.62 42.47
CA ARG L 609 -83.32 29.67 41.72
C ARG L 609 -82.51 30.56 42.64
N TYR L 610 -83.07 30.93 43.80
CA TYR L 610 -82.31 31.71 44.77
C TYR L 610 -81.02 31.00 45.15
N ASP L 611 -81.12 29.71 45.49
CA ASP L 611 -79.96 28.96 45.94
C ASP L 611 -78.90 28.88 44.84
N VAL L 612 -79.31 28.50 43.63
CA VAL L 612 -78.35 28.34 42.56
C VAL L 612 -77.64 29.66 42.26
N CYS L 613 -78.38 30.77 42.35
CA CYS L 613 -77.73 32.05 42.07
C CYS L 613 -76.84 32.52 43.20
N SER L 614 -77.13 32.13 44.44
CA SER L 614 -76.40 32.70 45.58
C SER L 614 -75.35 31.76 46.19
N CYS L 615 -75.36 30.47 45.84
CA CYS L 615 -74.51 29.53 46.54
C CYS L 615 -73.07 29.60 46.08
N SER L 616 -72.18 29.05 46.91
CA SER L 616 -70.78 28.92 46.53
C SER L 616 -70.62 27.98 45.33
N ASP L 617 -71.33 26.86 45.35
CA ASP L 617 -71.33 25.92 44.24
C ASP L 617 -72.78 25.73 43.79
N GLY L 618 -73.05 26.09 42.53
CA GLY L 618 -74.41 26.02 42.05
C GLY L 618 -74.89 24.60 41.84
N ARG L 619 -73.98 23.68 41.56
CA ARG L 619 -74.38 22.29 41.35
C ARG L 619 -74.86 21.65 42.65
N GLU L 620 -74.11 21.84 43.73
CA GLU L 620 -74.49 21.28 45.02
C GLU L 620 -75.84 21.82 45.47
N CYS L 621 -76.06 23.13 45.33
CA CYS L 621 -77.32 23.69 45.75
C CYS L 621 -78.47 23.33 44.82
N LEU L 622 -78.18 23.15 43.53
CA LEU L 622 -79.19 22.61 42.63
C LEU L 622 -79.67 21.25 43.10
N CYS L 623 -78.72 20.37 43.43
CA CYS L 623 -79.10 19.07 43.96
C CYS L 623 -79.86 19.20 45.26
N GLY L 624 -79.43 20.13 46.12
CA GLY L 624 -80.12 20.32 47.39
C GLY L 624 -81.58 20.72 47.20
N ALA L 625 -81.84 21.68 46.31
CA ALA L 625 -83.20 22.13 46.09
C ALA L 625 -84.06 21.05 45.44
N LEU L 626 -83.52 20.37 44.43
CA LEU L 626 -84.27 19.30 43.81
C LEU L 626 -84.58 18.19 44.81
N ALA L 627 -83.60 17.85 45.65
CA ALA L 627 -83.84 16.85 46.68
C ALA L 627 -84.86 17.32 47.69
N SER L 628 -84.88 18.60 48.00
CA SER L 628 -85.90 19.13 48.91
C SER L 628 -87.29 18.92 48.34
N TYR L 629 -87.48 19.27 47.07
CA TYR L 629 -88.80 19.07 46.46
C TYR L 629 -89.15 17.59 46.39
N ALA L 630 -88.18 16.75 46.04
CA ALA L 630 -88.46 15.32 45.99
C ALA L 630 -88.79 14.77 47.36
N ALA L 631 -88.16 15.30 48.40
CA ALA L 631 -88.48 14.88 49.76
C ALA L 631 -89.89 15.30 50.16
N ALA L 632 -90.30 16.50 49.76
CA ALA L 632 -91.70 16.88 50.00
C ALA L 632 -92.66 15.94 49.29
N CYS L 633 -92.36 15.60 48.03
CA CYS L 633 -93.20 14.67 47.30
C CYS L 633 -93.27 13.33 48.02
N ALA L 634 -92.13 12.82 48.46
CA ALA L 634 -92.11 11.56 49.19
C ALA L 634 -92.90 11.65 50.49
N GLY L 635 -92.84 12.79 51.17
CA GLY L 635 -93.67 12.99 52.35
C GLY L 635 -95.14 12.89 52.03
N ARG L 636 -95.54 13.38 50.85
CA ARG L 636 -96.89 13.17 50.35
C ARG L 636 -97.08 11.82 49.67
N GLY L 637 -96.14 10.89 49.85
CA GLY L 637 -96.30 9.55 49.32
C GLY L 637 -96.02 9.37 47.85
N VAL L 638 -95.50 10.40 47.17
CA VAL L 638 -95.17 10.31 45.76
C VAL L 638 -93.65 10.23 45.64
N ARG L 639 -93.16 9.20 44.97
CA ARG L 639 -91.74 9.01 44.77
C ARG L 639 -91.39 9.27 43.31
N VAL L 640 -90.39 10.12 43.08
CA VAL L 640 -90.00 10.52 41.74
C VAL L 640 -88.55 10.11 41.51
N ALA L 641 -88.30 9.42 40.40
CA ALA L 641 -86.96 9.02 40.00
C ALA L 641 -86.27 10.18 39.28
N TRP L 642 -85.86 11.16 40.06
CA TRP L 642 -85.36 12.40 39.49
C TRP L 642 -83.86 12.44 39.28
N ARG L 643 -83.10 11.65 40.03
CA ARG L 643 -81.65 11.64 39.86
C ARG L 643 -81.27 10.96 38.56
N GLU L 644 -80.25 11.47 37.91
CA GLU L 644 -79.78 10.94 36.63
C GLU L 644 -78.29 11.22 36.52
N PRO L 645 -77.60 10.57 35.58
CA PRO L 645 -76.15 10.82 35.45
C PRO L 645 -75.81 12.29 35.27
N GLY L 646 -76.64 13.04 34.57
CA GLY L 646 -76.37 14.46 34.38
C GLY L 646 -76.70 15.33 35.57
N ARG L 647 -77.30 14.78 36.62
CA ARG L 647 -77.66 15.60 37.77
C ARG L 647 -77.80 14.73 39.01
N CYS L 648 -76.92 14.96 39.99
CA CYS L 648 -77.19 14.61 41.38
C CYS L 648 -77.36 13.11 41.60
N GLU L 649 -76.41 12.32 41.09
CA GLU L 649 -76.37 10.91 41.46
C GLU L 649 -75.68 10.73 42.79
N LEU L 650 -76.20 9.82 43.61
CA LEU L 650 -75.56 9.44 44.85
C LEU L 650 -74.48 8.40 44.55
N ASN L 651 -73.22 8.78 44.70
CA ASN L 651 -72.11 7.86 44.51
C ASN L 651 -71.87 7.13 45.82
N CYS L 652 -72.45 5.94 45.94
CA CYS L 652 -72.48 5.26 47.22
C CYS L 652 -71.10 4.73 47.60
N PRO L 653 -70.77 4.72 48.89
CA PRO L 653 -69.47 4.21 49.32
C PRO L 653 -69.32 2.72 49.00
N LYS L 654 -68.09 2.33 48.67
CA LYS L 654 -67.66 0.94 48.53
C LYS L 654 -68.69 0.19 47.68
N GLY L 655 -69.14 -0.99 48.09
CA GLY L 655 -70.06 -1.80 47.33
C GLY L 655 -71.52 -1.56 47.61
N GLN L 656 -71.87 -0.54 48.39
CA GLN L 656 -73.26 -0.25 48.67
C GLN L 656 -73.98 0.16 47.40
N VAL L 657 -75.28 -0.15 47.34
CA VAL L 657 -76.09 0.07 46.15
C VAL L 657 -77.15 1.12 46.47
N TYR L 658 -77.33 2.07 45.55
CA TYR L 658 -78.36 3.09 45.71
C TYR L 658 -79.74 2.48 45.49
N LEU L 659 -80.65 2.76 46.42
CA LEU L 659 -82.05 2.38 46.30
C LEU L 659 -82.92 3.61 46.43
N GLN L 660 -83.95 3.70 45.58
CA GLN L 660 -84.91 4.78 45.71
C GLN L 660 -85.87 4.57 46.87
N CYS L 661 -86.14 3.31 47.23
CA CYS L 661 -87.03 2.97 48.33
C CYS L 661 -86.47 1.72 49.00
N GLY L 662 -85.69 1.92 50.05
CA GLY L 662 -85.12 0.83 50.80
C GLY L 662 -85.47 0.93 52.27
N THR L 663 -85.42 -0.20 52.97
CA THR L 663 -85.85 -0.21 54.36
C THR L 663 -84.66 -0.05 55.29
N PRO L 664 -84.70 0.90 56.23
CA PRO L 664 -83.55 1.12 57.10
C PRO L 664 -83.49 0.21 58.31
N CYS L 665 -84.58 -0.50 58.62
CA CYS L 665 -84.70 -1.16 59.91
C CYS L 665 -83.63 -2.23 60.11
N ASN L 666 -83.31 -2.98 59.06
CA ASN L 666 -82.41 -4.12 59.17
C ASN L 666 -81.16 -3.94 58.33
N LEU L 667 -80.59 -2.73 58.32
CA LEU L 667 -79.38 -2.50 57.54
C LEU L 667 -78.11 -2.73 58.36
N THR L 668 -78.05 -2.14 59.55
CA THR L 668 -76.86 -2.22 60.37
C THR L 668 -76.86 -3.47 61.23
N CYS L 669 -75.66 -3.90 61.63
CA CYS L 669 -75.53 -5.10 62.43
C CYS L 669 -76.06 -4.92 63.85
N ARG L 670 -76.15 -3.67 64.32
CA ARG L 670 -76.84 -3.42 65.57
C ARG L 670 -78.27 -3.92 65.54
N SER L 671 -78.90 -3.91 64.37
CA SER L 671 -80.23 -4.51 64.24
C SER L 671 -80.20 -5.99 64.57
N LEU L 672 -79.12 -6.69 64.18
CA LEU L 672 -78.95 -8.07 64.60
C LEU L 672 -78.74 -8.16 66.09
N SER L 673 -77.94 -7.26 66.65
CA SER L 673 -77.65 -7.32 68.09
C SER L 673 -78.85 -6.95 68.94
N TYR L 674 -79.80 -6.19 68.40
CA TYR L 674 -81.01 -5.80 69.12
C TYR L 674 -82.21 -6.07 68.23
N PRO L 675 -82.56 -7.34 68.03
CA PRO L 675 -83.68 -7.66 67.13
C PRO L 675 -85.04 -7.32 67.71
N ASP L 676 -85.17 -7.24 69.03
CA ASP L 676 -86.46 -6.97 69.66
C ASP L 676 -86.79 -5.49 69.74
N GLU L 677 -85.87 -4.61 69.36
CA GLU L 677 -86.19 -3.20 69.27
C GLU L 677 -87.07 -2.95 68.06
N GLU L 678 -88.31 -2.56 68.29
CA GLU L 678 -89.28 -2.45 67.21
C GLU L 678 -88.89 -1.35 66.25
N CYS L 679 -89.10 -1.61 64.95
CA CYS L 679 -88.81 -0.66 63.90
C CYS L 679 -89.86 -0.80 62.82
N ASN L 680 -90.61 0.28 62.55
CA ASN L 680 -91.67 0.27 61.56
C ASN L 680 -91.51 1.41 60.55
N GLU L 681 -90.30 1.93 60.40
CA GLU L 681 -90.09 3.14 59.63
C GLU L 681 -90.27 2.88 58.13
N ALA L 682 -90.86 3.84 57.44
CA ALA L 682 -91.09 3.75 56.01
C ALA L 682 -89.76 3.75 55.25
N CYS L 683 -89.82 3.32 54.00
CA CYS L 683 -88.61 3.25 53.19
C CYS L 683 -88.15 4.66 52.81
N LEU L 684 -86.89 4.74 52.41
CA LEU L 684 -86.29 6.01 52.02
C LEU L 684 -85.19 5.74 51.02
N GLU L 685 -84.86 6.77 50.24
CA GLU L 685 -83.75 6.65 49.30
C GLU L 685 -82.42 6.79 50.03
N GLY L 686 -81.41 6.11 49.51
CA GLY L 686 -80.10 6.16 50.12
C GLY L 686 -79.25 5.01 49.62
N CYS L 687 -78.14 4.81 50.32
CA CYS L 687 -77.19 3.74 50.00
C CYS L 687 -77.40 2.59 50.98
N PHE L 688 -77.67 1.40 50.44
CA PHE L 688 -77.94 0.22 51.21
C PHE L 688 -77.02 -0.91 50.75
N CYS L 689 -76.76 -1.84 51.65
CA CYS L 689 -76.01 -3.02 51.28
C CYS L 689 -76.90 -3.97 50.48
N PRO L 690 -76.31 -4.80 49.61
CA PRO L 690 -77.09 -5.77 48.85
C PRO L 690 -77.94 -6.63 49.76
N PRO L 691 -78.95 -7.33 49.22
CA PRO L 691 -79.96 -7.94 50.10
C PRO L 691 -79.41 -8.93 51.10
N GLY L 692 -78.33 -9.62 50.78
CA GLY L 692 -77.83 -10.66 51.65
C GLY L 692 -76.80 -10.22 52.67
N LEU L 693 -76.48 -8.92 52.74
CA LEU L 693 -75.39 -8.44 53.57
C LEU L 693 -75.87 -7.35 54.52
N TYR L 694 -75.30 -7.34 55.71
CA TYR L 694 -75.51 -6.29 56.68
C TYR L 694 -74.33 -5.32 56.65
N MET L 695 -74.49 -4.19 57.33
CA MET L 695 -73.50 -3.11 57.31
C MET L 695 -72.90 -2.94 58.69
N ASP L 696 -71.57 -2.89 58.75
CA ASP L 696 -70.84 -2.75 60.00
C ASP L 696 -70.47 -1.29 60.26
N GLU L 697 -69.62 -1.05 61.26
CA GLU L 697 -69.23 0.31 61.60
C GLU L 697 -68.40 0.95 60.50
N ARG L 698 -67.56 0.17 59.82
CA ARG L 698 -66.73 0.72 58.76
C ARG L 698 -67.53 1.06 57.51
N GLY L 699 -68.81 0.72 57.48
CA GLY L 699 -69.59 0.88 56.27
C GLY L 699 -69.44 -0.26 55.30
N ASP L 700 -68.68 -1.30 55.66
CA ASP L 700 -68.52 -2.45 54.78
C ASP L 700 -69.71 -3.37 54.90
N CYS L 701 -70.14 -3.92 53.77
CA CYS L 701 -71.24 -4.87 53.76
C CYS L 701 -70.71 -6.26 54.09
N VAL L 702 -71.27 -6.89 55.11
CA VAL L 702 -70.77 -8.16 55.61
C VAL L 702 -71.93 -9.13 55.76
N PRO L 703 -71.73 -10.42 55.57
CA PRO L 703 -72.76 -11.39 55.93
C PRO L 703 -72.98 -11.39 57.43
N LYS L 704 -74.19 -11.78 57.83
CA LYS L 704 -74.54 -11.74 59.24
C LYS L 704 -73.59 -12.57 60.09
N ALA L 705 -72.93 -13.57 59.50
CA ALA L 705 -71.95 -14.35 60.23
C ALA L 705 -70.74 -13.53 60.64
N GLN L 706 -70.48 -12.41 59.96
CA GLN L 706 -69.30 -11.60 60.22
C GLN L 706 -69.60 -10.34 61.02
N CYS L 707 -70.86 -10.04 61.30
CA CYS L 707 -71.16 -8.88 62.12
C CYS L 707 -70.60 -9.05 63.53
N PRO L 708 -70.09 -7.99 64.14
CA PRO L 708 -69.81 -8.03 65.57
C PRO L 708 -71.09 -7.93 66.39
N CYS L 709 -70.98 -8.30 67.65
CA CYS L 709 -72.10 -8.25 68.59
C CYS L 709 -71.91 -7.11 69.56
N TYR L 710 -72.95 -6.31 69.72
CA TYR L 710 -72.93 -5.18 70.66
C TYR L 710 -73.62 -5.62 71.94
N TYR L 711 -72.88 -5.59 73.04
CA TYR L 711 -73.40 -6.04 74.33
C TYR L 711 -72.96 -5.05 75.39
N ASP L 712 -73.92 -4.50 76.13
CA ASP L 712 -73.63 -3.51 77.17
C ASP L 712 -72.80 -2.35 76.63
N GLY L 713 -72.96 -2.04 75.36
CA GLY L 713 -72.20 -0.98 74.76
C GLY L 713 -70.80 -1.34 74.36
N GLU L 714 -70.46 -2.62 74.38
CA GLU L 714 -69.13 -3.09 73.99
C GLU L 714 -69.26 -3.93 72.74
N ILE L 715 -68.28 -3.84 71.85
CA ILE L 715 -68.34 -4.46 70.54
C ILE L 715 -67.52 -5.73 70.60
N PHE L 716 -68.16 -6.87 70.39
CA PHE L 716 -67.48 -8.16 70.40
C PHE L 716 -67.45 -8.73 69.00
N GLN L 717 -66.32 -9.33 68.64
CA GLN L 717 -66.10 -9.90 67.33
C GLN L 717 -66.83 -11.23 67.20
N PRO L 718 -67.01 -11.72 65.98
CA PRO L 718 -67.66 -13.02 65.80
C PRO L 718 -66.90 -14.12 66.52
N GLU L 719 -67.65 -15.07 67.06
CA GLU L 719 -67.14 -16.23 67.78
C GLU L 719 -66.49 -15.88 69.12
N ASP L 720 -66.60 -14.64 69.57
CA ASP L 720 -66.08 -14.29 70.88
C ASP L 720 -66.90 -14.94 71.97
N ILE L 721 -66.23 -15.35 73.04
CA ILE L 721 -66.85 -16.00 74.18
C ILE L 721 -66.38 -15.26 75.42
N PHE L 722 -67.27 -15.08 76.38
CA PHE L 722 -66.84 -14.60 77.69
C PHE L 722 -67.78 -15.16 78.74
N SER L 723 -67.25 -15.29 79.95
CA SER L 723 -68.02 -15.78 81.08
C SER L 723 -67.70 -14.95 82.30
N ASP L 724 -68.71 -14.62 83.08
CA ASP L 724 -68.59 -13.76 84.24
C ASP L 724 -69.11 -14.51 85.47
N HIS L 725 -69.06 -13.83 86.61
CA HIS L 725 -69.64 -14.38 87.83
C HIS L 725 -71.09 -14.77 87.62
N HIS L 726 -71.80 -14.01 86.79
CA HIS L 726 -73.23 -14.16 86.66
C HIS L 726 -73.67 -14.75 85.34
N THR L 727 -72.84 -14.70 84.29
CA THR L 727 -73.36 -14.94 82.96
C THR L 727 -72.28 -15.59 82.10
N MET L 728 -72.72 -16.30 81.07
CA MET L 728 -71.85 -16.84 80.04
C MET L 728 -72.47 -16.49 78.69
N CYS L 729 -71.68 -15.91 77.81
CA CYS L 729 -72.20 -15.39 76.55
C CYS L 729 -71.25 -15.77 75.42
N TYR L 730 -71.78 -15.75 74.20
CA TYR L 730 -70.95 -15.89 73.02
C TYR L 730 -71.62 -15.22 71.84
N CYS L 731 -70.81 -14.70 70.94
CA CYS L 731 -71.28 -13.92 69.80
C CYS L 731 -71.37 -14.82 68.58
N GLU L 732 -72.55 -14.89 67.96
CA GLU L 732 -72.74 -15.66 66.74
C GLU L 732 -73.82 -14.99 65.92
N ASP L 733 -73.54 -14.79 64.62
CA ASP L 733 -74.49 -14.20 63.69
C ASP L 733 -74.97 -12.83 64.18
N GLY L 734 -74.05 -12.06 64.74
CA GLY L 734 -74.35 -10.71 65.14
C GLY L 734 -75.18 -10.57 66.39
N PHE L 735 -75.43 -11.67 67.10
CA PHE L 735 -76.22 -11.64 68.32
C PHE L 735 -75.43 -12.27 69.44
N MET L 736 -75.59 -11.76 70.65
CA MET L 736 -74.88 -12.25 71.83
C MET L 736 -75.77 -13.25 72.53
N HIS L 737 -75.46 -14.54 72.38
CA HIS L 737 -76.30 -15.61 72.89
C HIS L 737 -75.95 -15.89 74.35
N CYS L 738 -76.42 -15.03 75.23
CA CYS L 738 -76.19 -15.22 76.65
C CYS L 738 -77.16 -16.25 77.20
N THR L 739 -76.63 -17.26 77.90
CA THR L 739 -77.41 -18.40 78.34
C THR L 739 -77.11 -18.76 79.78
N MET L 740 -76.96 -17.76 80.65
CA MET L 740 -76.80 -18.04 82.07
C MET L 740 -77.43 -16.90 82.84
N SER L 741 -78.05 -17.24 83.97
CA SER L 741 -78.75 -16.29 84.83
C SER L 741 -79.74 -15.44 84.05
N GLU L 786 -70.31 5.47 95.42
CA GLU L 786 -70.41 4.87 96.75
C GLU L 786 -70.57 3.36 96.65
N CYS L 787 -70.01 2.62 97.61
CA CYS L 787 -70.09 1.17 97.60
C CYS L 787 -69.90 0.66 99.03
N ALA L 788 -70.33 -0.57 99.26
CA ALA L 788 -70.03 -1.24 100.50
C ALA L 788 -68.57 -1.65 100.55
N LYS L 789 -68.04 -1.76 101.75
CA LYS L 789 -66.61 -2.04 101.95
C LYS L 789 -66.42 -3.28 102.80
N THR L 790 -65.28 -3.93 102.59
CA THR L 790 -64.88 -5.13 103.31
C THR L 790 -63.48 -4.89 103.84
N CYS L 791 -63.11 -5.62 104.90
CA CYS L 791 -61.81 -5.43 105.52
C CYS L 791 -60.69 -5.53 104.50
N GLN L 792 -60.86 -6.40 103.50
CA GLN L 792 -59.82 -6.57 102.48
C GLN L 792 -59.77 -5.38 101.54
N ASN L 793 -60.93 -4.89 101.08
CA ASN L 793 -61.00 -3.89 100.03
C ASN L 793 -61.27 -2.49 100.55
N TYR L 794 -61.01 -2.23 101.83
CA TYR L 794 -61.34 -0.93 102.40
C TYR L 794 -60.56 0.19 101.71
N ASP L 795 -59.27 -0.01 101.49
CA ASP L 795 -58.43 1.03 100.92
C ASP L 795 -58.54 1.11 99.39
N LEU L 796 -59.15 0.13 98.76
CA LEU L 796 -59.21 0.07 97.30
C LEU L 796 -60.40 0.88 96.78
N GLU L 797 -60.52 0.95 95.46
CA GLU L 797 -61.62 1.66 94.82
C GLU L 797 -62.92 0.90 94.99
N CYS L 798 -64.00 1.50 94.51
CA CYS L 798 -65.29 0.85 94.42
C CYS L 798 -65.43 0.17 93.06
N MET L 799 -66.03 -1.02 93.06
CA MET L 799 -66.20 -1.75 91.82
C MET L 799 -67.08 -0.94 90.87
N SER L 800 -66.53 -0.62 89.70
CA SER L 800 -67.23 0.19 88.71
C SER L 800 -68.08 -0.70 87.79
N MET L 801 -68.96 -1.47 88.41
CA MET L 801 -69.79 -2.41 87.68
C MET L 801 -71.23 -2.41 88.23
N GLY L 802 -71.68 -1.27 88.73
CA GLY L 802 -73.03 -1.16 89.27
C GLY L 802 -73.44 0.26 89.59
N LEU L 808 -75.78 -2.23 103.94
CA LEU L 808 -74.67 -1.29 104.05
C LEU L 808 -74.38 -0.96 105.51
N CYS L 809 -73.17 -1.26 105.95
CA CYS L 809 -72.80 -1.07 107.35
C CYS L 809 -72.61 0.42 107.65
N PRO L 810 -72.70 0.81 108.92
CA PRO L 810 -72.53 2.21 109.29
C PRO L 810 -71.13 2.71 108.95
N PRO L 811 -70.93 4.02 108.88
CA PRO L 811 -69.57 4.55 108.69
C PRO L 811 -68.68 4.15 109.84
N GLY L 812 -67.41 3.88 109.53
CA GLY L 812 -66.48 3.38 110.52
C GLY L 812 -66.66 1.92 110.85
N MET L 813 -67.52 1.21 110.13
CA MET L 813 -67.77 -0.21 110.35
C MET L 813 -67.72 -0.91 109.01
N VAL L 814 -67.24 -2.15 109.03
CA VAL L 814 -66.86 -2.83 107.79
C VAL L 814 -67.43 -4.24 107.79
N ARG L 815 -67.80 -4.71 106.60
CA ARG L 815 -68.27 -6.07 106.43
C ARG L 815 -67.15 -7.07 106.69
N HIS L 816 -67.44 -8.08 107.50
CA HIS L 816 -66.49 -9.14 107.81
C HIS L 816 -67.24 -10.31 108.42
N GLU L 817 -66.89 -11.53 107.99
CA GLU L 817 -67.59 -12.74 108.44
C GLU L 817 -69.10 -12.64 108.20
N ASN L 818 -69.48 -11.95 107.12
CA ASN L 818 -70.88 -11.67 106.82
C ASN L 818 -71.57 -10.96 107.99
N ARG L 819 -70.84 -10.06 108.63
CA ARG L 819 -71.41 -9.19 109.66
C ARG L 819 -70.64 -7.88 109.65
N CYS L 820 -71.28 -6.83 110.15
CA CYS L 820 -70.63 -5.53 110.24
C CYS L 820 -69.69 -5.50 111.43
N VAL L 821 -68.42 -5.18 111.18
CA VAL L 821 -67.39 -5.19 112.21
C VAL L 821 -66.68 -3.84 112.20
N ALA L 822 -66.34 -3.35 113.38
CA ALA L 822 -65.79 -2.01 113.52
C ALA L 822 -64.42 -1.90 112.87
N LEU L 823 -64.11 -0.70 112.39
CA LEU L 823 -62.78 -0.40 111.90
C LEU L 823 -61.81 -0.36 113.08
N GLU L 824 -60.53 -0.54 112.79
CA GLU L 824 -59.45 -0.71 113.75
C GLU L 824 -59.51 -2.09 114.40
N ARG L 825 -60.52 -2.89 114.06
CA ARG L 825 -60.62 -4.26 114.52
C ARG L 825 -60.65 -5.26 113.38
N CYS L 826 -60.47 -4.80 112.13
CA CYS L 826 -60.34 -5.72 111.02
C CYS L 826 -59.03 -6.48 111.14
N PRO L 827 -59.00 -7.75 110.74
CA PRO L 827 -57.75 -8.52 110.84
C PRO L 827 -56.82 -8.24 109.67
N CYS L 828 -55.58 -8.69 109.82
CA CYS L 828 -54.58 -8.63 108.78
C CYS L 828 -54.46 -9.97 108.07
N PHE L 829 -54.03 -9.92 106.82
CA PHE L 829 -54.03 -11.08 105.93
C PHE L 829 -52.61 -11.41 105.52
N HIS L 830 -52.27 -12.69 105.55
CA HIS L 830 -50.99 -13.15 105.03
C HIS L 830 -51.15 -14.60 104.61
N GLN L 831 -50.61 -14.93 103.43
CA GLN L 831 -50.71 -16.26 102.84
C GLN L 831 -52.15 -16.74 102.83
N GLY L 832 -53.08 -15.82 102.61
CA GLY L 832 -54.46 -16.17 102.44
C GLY L 832 -55.24 -16.46 103.71
N LYS L 833 -54.63 -16.23 104.88
CA LYS L 833 -55.32 -16.45 106.14
C LYS L 833 -55.24 -15.19 106.99
N GLU L 834 -56.25 -15.00 107.83
CA GLU L 834 -56.42 -13.76 108.57
C GLU L 834 -55.71 -13.82 109.91
N TYR L 835 -55.28 -12.65 110.39
CA TYR L 835 -54.64 -12.49 111.68
C TYR L 835 -55.32 -11.35 112.42
N ALA L 836 -55.74 -11.60 113.65
CA ALA L 836 -56.38 -10.56 114.44
C ALA L 836 -55.35 -9.49 114.83
N PRO L 837 -55.81 -8.27 115.10
CA PRO L 837 -54.87 -7.22 115.52
C PRO L 837 -54.14 -7.62 116.80
N GLY L 838 -52.86 -7.30 116.84
CA GLY L 838 -52.00 -7.71 117.92
C GLY L 838 -51.29 -9.03 117.70
N GLU L 839 -51.76 -9.83 116.74
CA GLU L 839 -51.08 -11.07 116.41
C GLU L 839 -49.77 -10.76 115.68
N THR L 840 -48.92 -11.78 115.57
CA THR L 840 -47.59 -11.62 115.00
C THR L 840 -47.32 -12.74 114.02
N VAL L 841 -46.44 -12.46 113.06
CA VAL L 841 -46.00 -13.45 112.07
C VAL L 841 -44.50 -13.33 111.91
N LYS L 842 -43.86 -14.46 111.66
CA LYS L 842 -42.41 -14.54 111.57
C LYS L 842 -42.00 -14.58 110.10
N ILE L 843 -41.20 -13.62 109.67
CA ILE L 843 -40.78 -13.49 108.28
C ILE L 843 -39.26 -13.46 108.28
N GLY L 844 -38.63 -14.59 107.97
CA GLY L 844 -37.19 -14.66 108.01
C GLY L 844 -36.70 -14.29 109.40
N CYS L 845 -35.75 -13.36 109.46
CA CYS L 845 -35.27 -12.84 110.72
C CYS L 845 -36.11 -11.70 111.26
N ASN L 846 -37.06 -11.19 110.49
CA ASN L 846 -37.89 -10.07 110.91
C ASN L 846 -39.20 -10.57 111.51
N THR L 847 -39.80 -9.71 112.34
CA THR L 847 -41.09 -9.98 112.96
C THR L 847 -42.07 -8.89 112.56
N CYS L 848 -43.31 -9.29 112.25
CA CYS L 848 -44.36 -8.37 111.85
C CYS L 848 -45.54 -8.50 112.79
N VAL L 849 -46.16 -7.37 113.13
CA VAL L 849 -47.29 -7.34 114.05
C VAL L 849 -48.45 -6.64 113.37
N CYS L 850 -49.65 -7.22 113.46
CA CYS L 850 -50.81 -6.72 112.77
C CYS L 850 -51.43 -5.55 113.52
N ARG L 851 -51.27 -4.33 113.00
CA ARG L 851 -51.90 -3.15 113.58
C ARG L 851 -52.70 -2.43 112.50
N ASP L 852 -54.00 -2.26 112.76
CA ASP L 852 -54.92 -1.53 111.88
C ASP L 852 -54.80 -2.00 110.43
N ARG L 853 -55.03 -3.30 110.22
CA ARG L 853 -55.05 -3.87 108.87
C ARG L 853 -53.71 -3.76 108.17
N LYS L 854 -52.71 -3.19 108.83
CA LYS L 854 -51.37 -3.05 108.27
C LYS L 854 -50.37 -3.83 109.11
N TRP L 855 -49.55 -4.65 108.44
CA TRP L 855 -48.43 -5.29 109.11
C TRP L 855 -47.34 -4.28 109.40
N ASN L 856 -46.87 -4.25 110.63
CA ASN L 856 -45.82 -3.34 111.06
C ASN L 856 -44.60 -4.18 111.41
N CYS L 857 -43.55 -4.10 110.60
CA CYS L 857 -42.48 -5.08 110.59
C CYS L 857 -41.18 -4.45 111.04
N THR L 858 -40.34 -5.27 111.67
CA THR L 858 -38.96 -4.90 111.92
C THR L 858 -38.21 -4.78 110.60
N ASP L 859 -37.14 -3.98 110.61
CA ASP L 859 -36.39 -3.67 109.40
C ASP L 859 -34.96 -4.23 109.44
N HIS L 860 -34.81 -5.44 109.95
CA HIS L 860 -33.50 -6.07 109.98
C HIS L 860 -33.17 -6.64 108.60
N VAL L 861 -31.91 -6.50 108.19
CA VAL L 861 -31.42 -7.12 106.97
C VAL L 861 -30.94 -8.52 107.33
N CYS L 862 -31.70 -9.53 106.93
CA CYS L 862 -31.39 -10.89 107.29
C CYS L 862 -30.23 -11.43 106.48
N ASP L 863 -29.60 -12.48 107.00
CA ASP L 863 -28.50 -13.13 106.31
C ASP L 863 -28.97 -13.70 104.98
N ALA L 864 -28.19 -13.47 103.92
CA ALA L 864 -28.57 -13.89 102.58
C ALA L 864 -27.74 -15.07 102.15
N THR L 865 -28.39 -16.01 101.45
CA THR L 865 -27.76 -17.25 101.01
C THR L 865 -27.71 -17.27 99.50
N CYS L 866 -26.54 -17.02 98.92
CA CYS L 866 -26.33 -17.38 97.54
C CYS L 866 -26.17 -18.89 97.44
N SER L 867 -26.61 -19.46 96.33
CA SER L 867 -26.62 -20.91 96.21
C SER L 867 -26.47 -21.30 94.76
N THR L 868 -25.59 -22.25 94.49
CA THR L 868 -25.56 -22.94 93.21
C THR L 868 -26.50 -24.12 93.30
N ILE L 869 -27.57 -24.09 92.51
CA ILE L 869 -28.57 -25.13 92.52
C ILE L 869 -28.31 -26.04 91.34
N GLY L 870 -28.02 -27.31 91.61
CA GLY L 870 -27.72 -28.18 90.51
C GLY L 870 -26.35 -27.91 89.92
N MET L 871 -26.21 -28.20 88.62
CA MET L 871 -24.93 -28.11 87.96
C MET L 871 -24.75 -26.85 87.14
N ALA L 872 -25.84 -26.16 86.77
CA ALA L 872 -25.71 -25.02 85.89
C ALA L 872 -26.61 -23.84 86.28
N HIS L 873 -27.33 -23.93 87.39
CA HIS L 873 -28.21 -22.85 87.83
C HIS L 873 -27.65 -22.20 89.09
N TYR L 874 -27.80 -20.89 89.18
CA TYR L 874 -27.33 -20.11 90.31
C TYR L 874 -28.49 -19.31 90.88
N LEU L 875 -28.43 -19.03 92.18
CA LEU L 875 -29.42 -18.19 92.83
C LEU L 875 -28.67 -17.08 93.58
N THR L 876 -28.84 -15.84 93.11
CA THR L 876 -28.11 -14.72 93.66
C THR L 876 -28.57 -14.41 95.09
N PHE L 877 -27.86 -13.48 95.72
CA PHE L 877 -28.22 -13.07 97.07
C PHE L 877 -29.60 -12.47 97.13
N ASP L 878 -29.96 -11.68 96.11
CA ASP L 878 -31.25 -11.01 96.08
C ASP L 878 -32.37 -11.89 95.58
N GLY L 879 -32.09 -13.12 95.19
CA GLY L 879 -33.11 -14.06 94.82
C GLY L 879 -33.28 -14.32 93.35
N LEU L 880 -32.38 -13.82 92.52
CA LEU L 880 -32.47 -14.02 91.07
C LEU L 880 -31.93 -15.40 90.72
N LYS L 881 -32.79 -16.28 90.21
CA LYS L 881 -32.37 -17.58 89.73
C LYS L 881 -32.13 -17.48 88.23
N TYR L 882 -30.96 -17.93 87.79
CA TYR L 882 -30.62 -17.81 86.38
C TYR L 882 -29.78 -19.01 85.96
N LEU L 883 -29.74 -19.25 84.65
CA LEU L 883 -29.06 -20.40 84.07
C LEU L 883 -27.77 -19.96 83.44
N PHE L 884 -26.69 -20.67 83.73
CA PHE L 884 -25.41 -20.39 83.14
C PHE L 884 -24.54 -21.63 83.15
N PRO L 885 -24.54 -22.40 82.08
CA PRO L 885 -23.60 -23.52 81.99
C PRO L 885 -22.24 -23.09 81.48
N GLY L 886 -21.18 -23.41 82.21
CA GLY L 886 -19.85 -23.02 81.80
C GLY L 886 -18.84 -24.05 82.23
N GLU L 887 -17.80 -24.22 81.42
CA GLU L 887 -16.73 -25.15 81.73
C GLU L 887 -15.65 -24.54 82.59
N CYS L 888 -15.53 -23.23 82.61
CA CYS L 888 -14.35 -22.53 83.13
C CYS L 888 -14.50 -22.31 84.62
N GLN L 889 -13.59 -21.54 85.20
CA GLN L 889 -13.65 -21.15 86.60
C GLN L 889 -14.18 -19.72 86.68
N TYR L 890 -15.12 -19.49 87.60
CA TYR L 890 -15.84 -18.22 87.67
C TYR L 890 -15.84 -17.71 89.10
N VAL L 891 -15.98 -16.39 89.24
CA VAL L 891 -16.06 -15.75 90.54
C VAL L 891 -17.48 -15.91 91.08
N LEU L 892 -17.63 -16.72 92.12
CA LEU L 892 -18.95 -16.87 92.73
C LEU L 892 -19.31 -15.68 93.60
N VAL L 893 -18.40 -15.28 94.49
CA VAL L 893 -18.56 -14.11 95.34
C VAL L 893 -17.21 -13.45 95.46
N GLN L 894 -17.20 -12.14 95.60
CA GLN L 894 -15.97 -11.38 95.67
C GLN L 894 -16.29 -9.98 96.16
N ASP L 895 -15.46 -9.48 97.08
CA ASP L 895 -15.54 -8.09 97.49
C ASP L 895 -14.37 -7.27 96.99
N TYR L 896 -13.42 -7.88 96.27
CA TYR L 896 -12.35 -7.16 95.58
C TYR L 896 -12.86 -6.57 94.28
N CYS L 897 -13.92 -5.79 94.38
CA CYS L 897 -14.47 -5.10 93.22
C CYS L 897 -15.03 -3.76 93.64
N GLY L 898 -15.05 -2.82 92.71
CA GLY L 898 -15.38 -1.48 93.08
C GLY L 898 -14.25 -0.87 93.89
N SER L 899 -14.61 0.13 94.68
CA SER L 899 -13.64 0.82 95.52
C SER L 899 -13.35 0.09 96.83
N ASN L 900 -14.18 -0.87 97.19
CA ASN L 900 -14.06 -1.49 98.51
C ASN L 900 -12.73 -2.22 98.62
N PRO L 901 -11.99 -2.06 99.72
CA PRO L 901 -10.81 -2.89 99.95
C PRO L 901 -11.23 -4.32 100.27
N GLY L 902 -10.88 -5.24 99.40
CA GLY L 902 -11.40 -6.59 99.50
C GLY L 902 -10.80 -7.36 100.65
N THR L 903 -11.52 -8.39 101.06
CA THR L 903 -11.10 -9.28 102.14
C THR L 903 -11.22 -10.75 101.80
N PHE L 904 -12.09 -11.13 100.86
CA PHE L 904 -12.32 -12.52 100.52
C PHE L 904 -12.72 -12.62 99.06
N ARG L 905 -12.54 -13.82 98.51
CA ARG L 905 -12.82 -14.05 97.10
C ARG L 905 -13.04 -15.54 96.90
N ILE L 906 -14.23 -15.91 96.45
CA ILE L 906 -14.61 -17.30 96.28
C ILE L 906 -14.76 -17.58 94.79
N LEU L 907 -14.06 -18.60 94.32
CA LEU L 907 -14.08 -19.00 92.92
C LEU L 907 -14.67 -20.40 92.81
N VAL L 908 -15.50 -20.62 91.80
CA VAL L 908 -16.10 -21.91 91.55
C VAL L 908 -15.72 -22.37 90.15
N GLY L 909 -15.21 -23.59 90.06
CA GLY L 909 -14.87 -24.19 88.78
C GLY L 909 -15.69 -25.45 88.55
N ASN L 910 -16.14 -25.62 87.32
CA ASN L 910 -16.96 -26.77 86.93
C ASN L 910 -16.07 -27.83 86.31
N LYS L 911 -16.07 -29.01 86.90
CA LYS L 911 -15.21 -30.11 86.45
C LYS L 911 -16.06 -31.34 86.20
N GLY L 912 -15.87 -31.96 85.04
CA GLY L 912 -16.65 -33.11 84.64
C GLY L 912 -17.91 -32.78 83.87
N CYS L 913 -18.39 -31.53 83.93
CA CYS L 913 -19.51 -31.14 83.09
C CYS L 913 -19.53 -29.64 82.93
N SER L 914 -20.19 -29.21 81.88
CA SER L 914 -20.82 -27.92 81.74
C SER L 914 -22.29 -28.09 81.37
N HIS L 915 -22.57 -29.05 80.49
CA HIS L 915 -23.90 -29.56 80.34
C HIS L 915 -24.07 -30.62 81.43
N PRO L 916 -25.03 -30.47 82.34
CA PRO L 916 -25.06 -31.33 83.53
C PRO L 916 -24.94 -32.81 83.18
N SER L 917 -24.04 -33.50 83.89
CA SER L 917 -23.71 -34.88 83.57
C SER L 917 -23.41 -35.65 84.85
N VAL L 918 -23.49 -36.97 84.75
CA VAL L 918 -23.44 -37.83 85.94
C VAL L 918 -22.10 -37.68 86.66
N LYS L 919 -20.99 -37.68 85.92
CA LYS L 919 -19.67 -37.73 86.55
C LYS L 919 -19.16 -36.35 86.96
N CYS L 920 -20.04 -35.38 87.16
CA CYS L 920 -19.61 -34.01 87.33
C CYS L 920 -19.27 -33.69 88.79
N LYS L 921 -18.53 -32.60 88.97
CA LYS L 921 -18.18 -32.11 90.29
C LYS L 921 -17.67 -30.68 90.16
N LYS L 922 -17.76 -29.93 91.27
CA LYS L 922 -17.34 -28.55 91.29
C LYS L 922 -16.21 -28.35 92.29
N ARG L 923 -15.24 -27.54 91.90
CA ARG L 923 -14.12 -27.17 92.75
C ARG L 923 -14.33 -25.75 93.23
N VAL L 924 -14.20 -25.53 94.54
CA VAL L 924 -14.32 -24.21 95.14
C VAL L 924 -12.96 -23.79 95.65
N THR L 925 -12.58 -22.55 95.37
CA THR L 925 -11.35 -21.97 95.89
C THR L 925 -11.71 -20.76 96.74
N ILE L 926 -11.35 -20.80 98.01
CA ILE L 926 -11.74 -19.76 98.96
C ILE L 926 -10.51 -18.97 99.35
N LEU L 927 -10.27 -17.87 98.66
CA LEU L 927 -9.08 -17.05 98.87
C LEU L 927 -9.30 -15.97 99.93
N VAL L 928 -9.64 -16.39 101.14
CA VAL L 928 -10.01 -15.46 102.19
C VAL L 928 -8.76 -14.99 102.93
N GLU L 929 -8.62 -13.66 103.05
CA GLU L 929 -7.55 -13.01 103.81
C GLU L 929 -6.17 -13.62 103.54
N GLY L 930 -5.88 -13.82 102.26
CA GLY L 930 -4.60 -14.36 101.85
C GLY L 930 -4.49 -15.87 101.97
N GLY L 931 -5.24 -16.46 102.88
CA GLY L 931 -5.30 -17.91 102.97
C GLY L 931 -6.05 -18.49 101.78
N GLU L 932 -6.09 -19.81 101.73
CA GLU L 932 -6.73 -20.49 100.61
C GLU L 932 -7.25 -21.84 101.08
N ILE L 933 -8.56 -22.04 100.97
CA ILE L 933 -9.20 -23.32 101.25
C ILE L 933 -9.83 -23.83 99.98
N GLU L 934 -9.46 -25.04 99.57
CA GLU L 934 -9.99 -25.64 98.36
C GLU L 934 -10.94 -26.77 98.74
N LEU L 935 -12.14 -26.75 98.15
CA LEU L 935 -13.14 -27.79 98.37
C LEU L 935 -13.22 -28.64 97.12
N PHE L 936 -12.93 -29.94 97.26
CA PHE L 936 -12.92 -30.84 96.12
C PHE L 936 -13.06 -32.27 96.61
N ASP L 937 -13.66 -33.10 95.77
CA ASP L 937 -13.83 -34.53 96.05
C ASP L 937 -14.49 -34.77 97.40
N GLY L 938 -15.41 -33.88 97.77
CA GLY L 938 -16.10 -34.02 99.03
C GLY L 938 -15.20 -33.89 100.25
N GLU L 939 -14.06 -33.23 100.11
CA GLU L 939 -13.13 -33.07 101.21
C GLU L 939 -12.57 -31.66 101.20
N VAL L 940 -12.23 -31.15 102.37
CA VAL L 940 -11.66 -29.83 102.52
C VAL L 940 -10.15 -29.92 102.39
N ASN L 941 -9.56 -28.93 101.73
CA ASN L 941 -8.12 -28.89 101.51
C ASN L 941 -7.64 -27.48 101.80
N VAL L 942 -7.09 -27.27 102.98
CA VAL L 942 -6.56 -25.95 103.35
C VAL L 942 -5.18 -25.80 102.73
N LYS L 943 -5.12 -25.23 101.54
CA LYS L 943 -3.87 -25.18 100.80
C LYS L 943 -2.95 -24.04 101.23
N ARG L 944 -3.46 -23.07 101.99
CA ARG L 944 -2.65 -22.14 102.76
C ARG L 944 -3.44 -21.76 104.00
N PRO L 945 -2.76 -21.46 105.10
CA PRO L 945 -3.47 -21.07 106.33
C PRO L 945 -3.89 -19.60 106.28
N MET L 946 -4.89 -19.30 107.10
CA MET L 946 -5.38 -17.93 107.26
C MET L 946 -4.57 -17.19 108.31
N LYS L 947 -4.70 -15.86 108.30
CA LYS L 947 -4.03 -15.05 109.31
C LYS L 947 -4.66 -15.22 110.68
N ASP L 948 -5.96 -15.46 110.75
CA ASP L 948 -6.67 -15.66 112.00
C ASP L 948 -7.37 -17.01 111.94
N GLU L 949 -6.66 -18.07 112.33
CA GLU L 949 -7.24 -19.40 112.32
C GLU L 949 -8.31 -19.59 113.39
N THR L 950 -8.42 -18.65 114.33
CA THR L 950 -9.50 -18.72 115.31
C THR L 950 -10.83 -18.33 114.70
N HIS L 951 -10.83 -17.33 113.80
CA HIS L 951 -12.04 -17.03 113.03
C HIS L 951 -12.41 -18.21 112.13
N PHE L 952 -11.41 -18.84 111.53
CA PHE L 952 -11.65 -20.00 110.67
C PHE L 952 -12.16 -21.18 111.48
N GLU L 953 -13.04 -21.96 110.86
CA GLU L 953 -13.50 -23.21 111.44
C GLU L 953 -14.21 -24.01 110.37
N VAL L 954 -14.14 -25.34 110.49
CA VAL L 954 -14.81 -26.26 109.57
C VAL L 954 -15.65 -27.21 110.41
N VAL L 955 -16.93 -27.31 110.06
CA VAL L 955 -17.86 -28.20 110.74
C VAL L 955 -18.44 -29.15 109.70
N GLU L 956 -18.40 -30.44 109.99
CA GLU L 956 -19.00 -31.45 109.14
C GLU L 956 -20.25 -31.97 109.82
N SER L 957 -21.38 -31.87 109.13
CA SER L 957 -22.66 -32.24 109.72
C SER L 957 -23.60 -32.68 108.62
N GLY L 958 -24.31 -33.78 108.88
CA GLY L 958 -25.18 -34.35 107.87
C GLY L 958 -24.44 -34.55 106.56
N ARG L 959 -25.06 -34.12 105.47
CA ARG L 959 -24.44 -34.22 104.16
C ARG L 959 -23.46 -33.10 103.87
N TYR L 960 -23.32 -32.13 104.77
CA TYR L 960 -22.74 -30.84 104.43
C TYR L 960 -21.44 -30.60 105.17
N ILE L 961 -20.56 -29.83 104.52
CA ILE L 961 -19.41 -29.22 105.18
C ILE L 961 -19.73 -27.76 105.41
N ILE L 962 -19.60 -27.30 106.65
CA ILE L 962 -19.91 -25.92 107.01
C ILE L 962 -18.62 -25.23 107.40
N LEU L 963 -18.24 -24.21 106.64
CA LEU L 963 -17.03 -23.44 106.89
C LEU L 963 -17.41 -22.08 107.44
N LEU L 964 -16.80 -21.69 108.54
CA LEU L 964 -16.92 -20.34 109.06
C LEU L 964 -15.64 -19.58 108.72
N LEU L 965 -15.77 -18.56 107.86
CA LEU L 965 -14.63 -17.79 107.39
C LEU L 965 -14.55 -16.43 108.06
N GLY L 966 -15.31 -16.22 109.12
CA GLY L 966 -15.35 -14.93 109.78
C GLY L 966 -16.67 -14.78 110.53
N LYS L 967 -16.82 -13.61 111.14
CA LYS L 967 -18.05 -13.33 111.87
C LYS L 967 -19.22 -13.06 110.94
N ALA L 968 -18.95 -12.72 109.69
CA ALA L 968 -20.00 -12.32 108.75
C ALA L 968 -20.02 -13.12 107.47
N LEU L 969 -19.16 -14.12 107.31
CA LEU L 969 -19.07 -14.91 106.09
C LEU L 969 -19.02 -16.39 106.44
N SER L 970 -19.79 -17.18 105.70
CA SER L 970 -19.83 -18.62 105.91
C SER L 970 -20.15 -19.30 104.59
N VAL L 971 -19.75 -20.56 104.48
CA VAL L 971 -19.99 -21.36 103.29
C VAL L 971 -20.56 -22.71 103.71
N VAL L 972 -21.63 -23.13 103.06
CA VAL L 972 -22.24 -24.44 103.27
C VAL L 972 -22.18 -25.21 101.96
N TRP L 973 -21.66 -26.43 102.02
CA TRP L 973 -21.37 -27.21 100.82
C TRP L 973 -21.83 -28.64 101.05
N ASP L 974 -22.70 -29.14 100.17
CA ASP L 974 -23.20 -30.50 100.29
C ASP L 974 -22.21 -31.56 99.86
N ARG L 975 -20.96 -31.18 99.60
CA ARG L 975 -19.84 -32.03 99.25
C ARG L 975 -19.90 -32.49 97.80
N HIS L 976 -20.98 -32.24 97.07
CA HIS L 976 -21.01 -32.59 95.65
C HIS L 976 -21.19 -31.39 94.74
N LEU L 977 -22.31 -30.68 94.84
CA LEU L 977 -22.61 -29.61 93.89
C LEU L 977 -23.10 -28.33 94.54
N SER L 978 -23.92 -28.42 95.56
CA SER L 978 -24.71 -27.29 96.05
C SER L 978 -23.86 -26.46 96.99
N ILE L 979 -23.12 -25.52 96.42
CA ILE L 979 -22.39 -24.54 97.18
C ILE L 979 -23.32 -23.43 97.62
N SER L 980 -23.24 -23.02 98.88
CA SER L 980 -24.03 -21.92 99.39
C SER L 980 -23.15 -20.99 100.19
N VAL L 981 -23.23 -19.70 99.89
CA VAL L 981 -22.46 -18.68 100.58
C VAL L 981 -23.44 -17.80 101.36
N VAL L 982 -23.16 -17.62 102.65
CA VAL L 982 -24.05 -16.86 103.53
C VAL L 982 -23.30 -15.61 103.99
N LEU L 983 -23.92 -14.46 103.80
CA LEU L 983 -23.34 -13.18 104.17
C LEU L 983 -24.25 -12.47 105.15
N LYS L 984 -23.67 -11.90 106.19
CA LYS L 984 -24.42 -11.03 107.07
C LYS L 984 -24.44 -9.62 106.51
N GLN L 985 -25.27 -8.77 107.12
CA GLN L 985 -25.57 -7.46 106.54
C GLN L 985 -24.34 -6.58 106.36
N THR L 986 -23.25 -6.87 107.08
CA THR L 986 -22.07 -6.01 106.98
C THR L 986 -21.46 -6.03 105.58
N TYR L 987 -21.72 -7.06 104.80
CA TYR L 987 -21.19 -7.18 103.45
C TYR L 987 -22.13 -6.62 102.40
N GLN L 988 -23.19 -5.95 102.80
CA GLN L 988 -24.19 -5.47 101.84
C GLN L 988 -23.60 -4.37 100.96
N GLU L 989 -23.95 -4.39 99.68
CA GLU L 989 -23.56 -3.40 98.69
C GLU L 989 -22.10 -3.53 98.29
N LYS L 990 -21.37 -4.48 98.85
CA LYS L 990 -19.93 -4.58 98.66
C LYS L 990 -19.49 -5.75 97.80
N VAL L 991 -20.23 -6.85 97.82
CA VAL L 991 -19.83 -8.06 97.12
C VAL L 991 -20.28 -7.98 95.68
N CYS L 992 -19.71 -8.84 94.85
CA CYS L 992 -20.08 -8.94 93.44
C CYS L 992 -19.84 -10.37 92.97
N GLY L 993 -19.85 -10.58 91.67
CA GLY L 993 -19.67 -11.90 91.12
C GLY L 993 -20.96 -12.50 90.62
N LEU L 994 -20.91 -13.81 90.36
CA LEU L 994 -22.08 -14.52 89.87
C LEU L 994 -23.25 -14.45 90.84
N CYS L 995 -22.97 -14.29 92.14
CA CYS L 995 -24.04 -14.14 93.11
C CYS L 995 -24.63 -12.74 93.14
N GLY L 996 -24.09 -11.81 92.36
CA GLY L 996 -24.64 -10.48 92.27
C GLY L 996 -24.26 -9.62 93.47
N ASN L 997 -24.57 -8.34 93.36
CA ASN L 997 -24.30 -7.37 94.42
C ASN L 997 -25.44 -7.43 95.43
N PHE L 998 -25.14 -7.91 96.62
CA PHE L 998 -26.13 -7.98 97.70
C PHE L 998 -26.56 -6.58 98.10
N ASP L 999 -27.74 -6.18 97.63
CA ASP L 999 -28.35 -4.90 97.94
C ASP L 999 -29.86 -4.97 98.10
N GLY L 1000 -30.47 -6.14 98.02
CA GLY L 1000 -31.91 -6.30 98.07
C GLY L 1000 -32.64 -6.03 96.78
N ILE L 1001 -31.93 -5.77 95.69
CA ILE L 1001 -32.52 -5.47 94.39
C ILE L 1001 -32.13 -6.58 93.42
N GLN L 1002 -33.12 -7.13 92.72
CA GLN L 1002 -32.86 -8.22 91.80
C GLN L 1002 -32.45 -7.72 90.42
N ASN L 1003 -33.03 -6.61 89.98
CA ASN L 1003 -32.88 -6.19 88.59
C ASN L 1003 -31.43 -5.93 88.22
N ASN L 1004 -30.58 -5.58 89.19
CA ASN L 1004 -29.20 -5.22 88.91
C ASN L 1004 -28.22 -6.35 89.14
N ASP L 1005 -28.71 -7.57 89.37
CA ASP L 1005 -27.81 -8.66 89.73
C ASP L 1005 -27.01 -9.18 88.56
N LEU L 1006 -27.44 -8.92 87.32
CA LEU L 1006 -26.68 -9.38 86.17
C LEU L 1006 -25.64 -8.36 85.75
N THR L 1007 -25.22 -7.50 86.67
CA THR L 1007 -24.14 -6.56 86.42
C THR L 1007 -22.86 -7.31 86.07
N SER L 1008 -22.38 -7.11 84.84
CA SER L 1008 -21.14 -7.76 84.43
C SER L 1008 -19.98 -7.27 85.28
N SER L 1009 -18.85 -7.96 85.16
CA SER L 1009 -17.65 -7.53 85.86
C SER L 1009 -17.22 -6.15 85.41
N ASN L 1010 -17.58 -5.75 84.18
CA ASN L 1010 -17.33 -4.42 83.67
C ASN L 1010 -18.46 -3.44 83.95
N LEU L 1011 -19.30 -3.71 84.95
CA LEU L 1011 -20.29 -2.80 85.51
C LEU L 1011 -21.51 -2.60 84.63
N GLN L 1012 -21.57 -3.24 83.47
CA GLN L 1012 -22.71 -3.14 82.58
C GLN L 1012 -23.70 -4.26 82.84
N VAL L 1013 -24.97 -3.91 83.03
CA VAL L 1013 -26.00 -4.90 83.26
C VAL L 1013 -26.35 -5.59 81.94
N GLU L 1014 -26.48 -6.91 81.98
CA GLU L 1014 -26.71 -7.73 80.80
C GLU L 1014 -28.09 -8.35 80.84
N GLU L 1015 -28.75 -8.38 79.68
CA GLU L 1015 -30.06 -9.02 79.59
C GLU L 1015 -29.93 -10.54 79.61
N ASP L 1016 -28.80 -11.08 79.16
CA ASP L 1016 -28.59 -12.51 79.03
C ASP L 1016 -27.61 -12.96 80.09
N PRO L 1017 -27.96 -13.94 80.93
CA PRO L 1017 -27.02 -14.41 81.95
C PRO L 1017 -25.75 -15.02 81.37
N VAL L 1018 -25.79 -15.47 80.12
CA VAL L 1018 -24.60 -16.08 79.53
C VAL L 1018 -23.48 -15.06 79.42
N ASP L 1019 -23.81 -13.86 78.92
CA ASP L 1019 -22.81 -12.81 78.82
C ASP L 1019 -22.29 -12.39 80.18
N PHE L 1020 -23.19 -12.30 81.16
CA PHE L 1020 -22.79 -11.96 82.52
C PHE L 1020 -21.78 -12.96 83.06
N GLY L 1021 -22.11 -14.25 82.98
CA GLY L 1021 -21.18 -15.27 83.44
C GLY L 1021 -19.87 -15.27 82.69
N ASN L 1022 -19.93 -15.11 81.37
CA ASN L 1022 -18.70 -15.02 80.59
C ASN L 1022 -17.85 -13.86 81.05
N SER L 1023 -18.50 -12.76 81.44
CA SER L 1023 -17.76 -11.63 81.98
C SER L 1023 -17.15 -11.93 83.32
N TRP L 1024 -17.68 -12.93 84.05
CA TRP L 1024 -17.11 -13.27 85.35
C TRP L 1024 -16.16 -14.47 85.33
N LYS L 1025 -15.67 -14.88 84.17
CA LYS L 1025 -14.72 -15.99 84.13
C LYS L 1025 -13.35 -15.52 84.57
N VAL L 1026 -12.70 -16.30 85.43
CA VAL L 1026 -11.43 -15.91 86.03
C VAL L 1026 -10.33 -15.88 84.97
N SER L 1027 -10.23 -16.94 84.18
CA SER L 1027 -9.16 -17.08 83.20
C SER L 1027 -9.65 -16.61 81.84
N SER L 1028 -8.95 -15.66 81.25
CA SER L 1028 -9.38 -15.10 79.97
C SER L 1028 -9.24 -16.10 78.84
N GLN L 1029 -8.20 -16.93 78.88
CA GLN L 1029 -7.95 -17.86 77.78
C GLN L 1029 -9.02 -18.93 77.67
N CYS L 1030 -9.81 -19.15 78.71
CA CYS L 1030 -10.79 -20.22 78.70
C CYS L 1030 -11.96 -19.88 77.78
N ALA L 1031 -12.72 -20.90 77.41
CA ALA L 1031 -13.76 -20.76 76.41
C ALA L 1031 -14.98 -20.05 76.97
N ASP L 1032 -15.73 -19.41 76.06
CA ASP L 1032 -16.98 -18.76 76.42
C ASP L 1032 -18.16 -19.69 76.19
N THR L 1033 -19.20 -19.50 76.99
CA THR L 1033 -20.45 -20.21 76.76
C THR L 1033 -21.12 -19.66 75.51
N ARG L 1034 -21.75 -20.54 74.73
CA ARG L 1034 -22.07 -20.23 73.34
C ARG L 1034 -23.46 -19.65 73.15
N LYS L 1035 -24.28 -19.54 74.20
CA LYS L 1035 -25.67 -19.09 74.08
C LYS L 1035 -26.45 -19.99 73.12
N VAL L 1036 -26.60 -21.25 73.52
CA VAL L 1036 -27.37 -22.23 72.76
C VAL L 1036 -28.80 -21.73 72.65
N PRO L 1037 -29.52 -22.00 71.55
CA PRO L 1037 -30.92 -21.55 71.46
C PRO L 1037 -31.75 -22.09 72.61
N LEU L 1038 -32.71 -21.27 73.04
CA LEU L 1038 -33.46 -21.51 74.28
C LEU L 1038 -34.64 -22.45 74.00
N ASP L 1039 -34.31 -23.72 73.80
CA ASP L 1039 -35.34 -24.73 73.58
C ASP L 1039 -36.17 -24.91 74.84
N SER L 1040 -37.43 -25.32 74.64
CA SER L 1040 -38.34 -25.52 75.77
C SER L 1040 -37.86 -26.64 76.69
N SER L 1041 -37.03 -27.55 76.20
CA SER L 1041 -36.42 -28.58 77.02
C SER L 1041 -34.98 -28.75 76.57
N PRO L 1042 -34.09 -29.17 77.47
CA PRO L 1042 -32.67 -29.28 77.09
C PRO L 1042 -32.42 -30.30 76.01
N ALA L 1043 -31.15 -30.42 75.60
CA ALA L 1043 -30.77 -31.49 74.70
C ALA L 1043 -31.04 -32.83 75.37
N THR L 1044 -31.46 -33.82 74.59
CA THR L 1044 -31.86 -35.18 74.99
C THR L 1044 -33.26 -35.18 75.60
N CYS L 1045 -33.92 -34.02 75.72
CA CYS L 1045 -35.36 -33.96 75.87
C CYS L 1045 -36.02 -33.15 74.76
N HIS L 1046 -35.24 -32.39 73.98
CA HIS L 1046 -35.81 -31.62 72.88
C HIS L 1046 -36.46 -32.54 71.85
N ASN L 1047 -35.82 -33.68 71.57
CA ASN L 1047 -36.34 -34.64 70.59
C ASN L 1047 -36.53 -36.02 71.20
N ASN L 1048 -36.69 -36.11 72.52
CA ASN L 1048 -36.91 -37.39 73.20
C ASN L 1048 -38.14 -37.26 74.09
N ILE L 1049 -39.31 -37.52 73.51
CA ILE L 1049 -40.54 -37.51 74.27
C ILE L 1049 -40.65 -38.83 75.03
N MET L 1050 -41.41 -38.81 76.12
CA MET L 1050 -41.54 -39.89 77.10
C MET L 1050 -40.31 -39.91 78.00
N LYS L 1051 -39.26 -39.17 77.69
CA LYS L 1051 -38.26 -38.82 78.68
C LYS L 1051 -38.55 -37.44 79.26
N GLN L 1052 -39.01 -36.51 78.42
CA GLN L 1052 -39.40 -35.20 78.91
C GLN L 1052 -40.51 -35.32 79.93
N THR L 1053 -41.52 -36.14 79.64
CA THR L 1053 -42.64 -36.28 80.56
C THR L 1053 -42.31 -37.12 81.79
N MET L 1054 -41.45 -38.14 81.66
CA MET L 1054 -41.00 -38.83 82.86
C MET L 1054 -40.25 -37.87 83.78
N VAL L 1055 -39.37 -37.06 83.21
CA VAL L 1055 -38.66 -36.05 84.01
C VAL L 1055 -39.64 -35.11 84.67
N ASP L 1056 -40.63 -34.63 83.91
CA ASP L 1056 -41.59 -33.69 84.45
C ASP L 1056 -42.36 -34.31 85.61
N SER L 1057 -42.95 -35.48 85.40
CA SER L 1057 -43.78 -36.10 86.42
C SER L 1057 -42.97 -36.51 87.64
N SER L 1058 -41.70 -36.87 87.45
CA SER L 1058 -40.87 -37.20 88.60
C SER L 1058 -40.45 -35.95 89.37
N CYS L 1059 -40.18 -34.85 88.67
CA CYS L 1059 -39.85 -33.61 89.34
C CYS L 1059 -41.05 -32.99 90.03
N ARG L 1060 -42.27 -33.35 89.62
CA ARG L 1060 -43.45 -32.87 90.32
C ARG L 1060 -43.50 -33.32 91.78
N ILE L 1061 -42.58 -34.16 92.22
CA ILE L 1061 -42.46 -34.49 93.64
C ILE L 1061 -42.41 -33.23 94.47
N LEU L 1062 -41.87 -32.15 93.92
CA LEU L 1062 -41.84 -30.86 94.60
C LEU L 1062 -43.24 -30.38 94.95
N THR L 1063 -44.25 -30.81 94.19
CA THR L 1063 -45.63 -30.41 94.41
C THR L 1063 -46.38 -31.39 95.31
N SER L 1064 -45.78 -32.53 95.66
CA SER L 1064 -46.48 -33.58 96.38
C SER L 1064 -46.86 -33.11 97.79
N ASP L 1065 -47.54 -34.00 98.52
CA ASP L 1065 -48.10 -33.64 99.81
C ASP L 1065 -47.04 -33.23 100.80
N VAL L 1066 -45.91 -33.95 100.85
CA VAL L 1066 -44.88 -33.65 101.84
C VAL L 1066 -44.34 -32.24 101.64
N PHE L 1067 -44.22 -31.80 100.39
CA PHE L 1067 -43.78 -30.45 100.10
C PHE L 1067 -44.92 -29.45 100.01
N GLN L 1068 -46.17 -29.92 100.07
CA GLN L 1068 -47.30 -29.05 99.80
C GLN L 1068 -47.40 -27.92 100.81
N ASP L 1069 -46.96 -28.15 102.04
CA ASP L 1069 -47.01 -27.09 103.05
C ASP L 1069 -45.83 -26.12 102.90
N CYS L 1070 -44.69 -26.60 102.40
CA CYS L 1070 -43.59 -25.68 102.10
C CYS L 1070 -43.92 -24.78 100.92
N ASN L 1071 -44.65 -25.28 99.94
CA ASN L 1071 -44.97 -24.49 98.76
C ASN L 1071 -45.77 -23.23 99.10
N LYS L 1072 -46.41 -23.20 100.27
CA LYS L 1072 -47.05 -21.96 100.70
C LYS L 1072 -46.02 -20.90 101.05
N LEU L 1073 -44.88 -21.31 101.59
CA LEU L 1073 -43.84 -20.37 101.99
C LEU L 1073 -42.83 -20.09 100.89
N VAL L 1074 -42.52 -21.08 100.06
CA VAL L 1074 -41.49 -20.96 99.04
C VAL L 1074 -42.09 -21.36 97.69
N ASP L 1075 -41.65 -20.69 96.65
CA ASP L 1075 -42.14 -21.01 95.31
C ASP L 1075 -41.37 -22.19 94.75
N PRO L 1076 -42.02 -23.31 94.43
CA PRO L 1076 -41.30 -24.46 93.89
C PRO L 1076 -40.98 -24.36 92.42
N GLU L 1077 -41.56 -23.40 91.70
CA GLU L 1077 -41.38 -23.35 90.25
C GLU L 1077 -39.92 -23.21 89.83
N PRO L 1078 -39.11 -22.30 90.40
CA PRO L 1078 -37.69 -22.26 90.00
C PRO L 1078 -36.99 -23.59 90.21
N TYR L 1079 -37.23 -24.23 91.36
CA TYR L 1079 -36.58 -25.50 91.63
C TYR L 1079 -37.13 -26.60 90.75
N LEU L 1080 -38.39 -26.52 90.36
CA LEU L 1080 -38.93 -27.45 89.38
C LEU L 1080 -38.21 -27.30 88.05
N ASP L 1081 -37.96 -26.07 87.63
CA ASP L 1081 -37.23 -25.84 86.39
C ASP L 1081 -35.80 -26.40 86.48
N VAL L 1082 -35.13 -26.15 87.61
CA VAL L 1082 -33.79 -26.70 87.80
C VAL L 1082 -33.82 -28.21 87.75
N CYS L 1083 -34.80 -28.83 88.41
CA CYS L 1083 -34.92 -30.29 88.41
C CYS L 1083 -35.06 -30.81 86.99
N ILE L 1084 -35.96 -30.22 86.21
CA ILE L 1084 -36.18 -30.70 84.85
C ILE L 1084 -34.92 -30.54 84.02
N TYR L 1085 -34.28 -29.37 84.10
CA TYR L 1085 -33.09 -29.12 83.31
C TYR L 1085 -31.99 -30.12 83.63
N ASP L 1086 -31.67 -30.25 84.92
CA ASP L 1086 -30.58 -31.12 85.31
C ASP L 1086 -30.91 -32.58 85.01
N THR L 1087 -32.16 -32.97 85.10
CA THR L 1087 -32.51 -34.37 84.90
C THR L 1087 -32.46 -34.75 83.43
N CYS L 1088 -32.91 -33.85 82.54
CA CYS L 1088 -32.66 -34.09 81.11
C CYS L 1088 -31.18 -34.14 80.82
N SER L 1089 -30.43 -33.14 81.27
CA SER L 1089 -29.02 -33.07 80.88
C SER L 1089 -28.22 -34.25 81.42
N CYS L 1090 -28.55 -34.72 82.62
CA CYS L 1090 -27.75 -35.73 83.28
C CYS L 1090 -27.95 -37.11 82.68
N GLU L 1091 -29.20 -37.54 82.57
CA GLU L 1091 -29.57 -38.93 82.29
C GLU L 1091 -28.64 -39.89 83.01
N SER L 1092 -28.66 -39.78 84.35
CA SER L 1092 -27.73 -40.50 85.18
C SER L 1092 -28.00 -42.00 85.14
N ILE L 1093 -27.02 -42.77 85.62
CA ILE L 1093 -27.05 -44.21 85.48
C ILE L 1093 -27.16 -44.92 86.82
N GLY L 1094 -26.11 -44.84 87.62
CA GLY L 1094 -26.05 -45.62 88.83
C GLY L 1094 -26.44 -44.81 90.05
N ASP L 1095 -25.89 -43.62 90.16
CA ASP L 1095 -26.31 -42.67 91.17
C ASP L 1095 -27.32 -41.73 90.53
N CYS L 1096 -28.46 -41.56 91.19
CA CYS L 1096 -29.52 -40.69 90.72
C CYS L 1096 -29.34 -39.26 91.21
N ALA L 1097 -28.08 -38.85 91.37
CA ALA L 1097 -27.72 -37.72 92.21
C ALA L 1097 -28.26 -36.40 91.69
N CYS L 1098 -28.38 -36.22 90.38
CA CYS L 1098 -28.84 -34.93 89.86
C CYS L 1098 -30.24 -34.61 90.40
N PHE L 1099 -31.17 -35.51 90.16
CA PHE L 1099 -32.55 -35.35 90.64
C PHE L 1099 -32.58 -35.23 92.16
N CYS L 1100 -31.94 -36.17 92.84
CA CYS L 1100 -32.01 -36.20 94.30
C CYS L 1100 -31.42 -34.94 94.91
N ASP L 1101 -30.34 -34.44 94.34
CA ASP L 1101 -29.71 -33.24 94.87
C ASP L 1101 -30.55 -32.00 94.62
N THR L 1102 -31.24 -31.92 93.48
CA THR L 1102 -32.16 -30.80 93.30
C THR L 1102 -33.29 -30.83 94.31
N ILE L 1103 -33.89 -32.01 94.51
CA ILE L 1103 -34.95 -32.12 95.50
C ILE L 1103 -34.41 -31.81 96.90
N ALA L 1104 -33.16 -32.21 97.17
CA ALA L 1104 -32.57 -31.94 98.46
C ALA L 1104 -32.31 -30.46 98.65
N ALA L 1105 -31.95 -29.75 97.59
CA ALA L 1105 -31.81 -28.30 97.68
C ALA L 1105 -33.13 -27.63 98.03
N TYR L 1106 -34.21 -28.05 97.38
CA TYR L 1106 -35.51 -27.48 97.73
C TYR L 1106 -35.87 -27.80 99.17
N ALA L 1107 -35.62 -29.03 99.60
CA ALA L 1107 -35.90 -29.39 100.99
C ALA L 1107 -35.05 -28.59 101.97
N HIS L 1108 -33.81 -28.29 101.59
CA HIS L 1108 -32.95 -27.47 102.43
C HIS L 1108 -33.51 -26.06 102.58
N VAL L 1109 -34.00 -25.48 101.49
CA VAL L 1109 -34.64 -24.17 101.59
C VAL L 1109 -35.86 -24.24 102.49
N CYS L 1110 -36.69 -25.26 102.30
CA CYS L 1110 -37.86 -25.44 103.15
C CYS L 1110 -37.47 -25.53 104.63
N ALA L 1111 -36.42 -26.30 104.93
CA ALA L 1111 -35.96 -26.42 106.31
C ALA L 1111 -35.50 -25.08 106.85
N GLN L 1112 -34.81 -24.29 106.03
CA GLN L 1112 -34.45 -22.94 106.45
C GLN L 1112 -35.68 -22.13 106.82
N HIS L 1113 -36.76 -22.29 106.08
CA HIS L 1113 -38.01 -21.61 106.40
C HIS L 1113 -38.83 -22.35 107.45
N GLY L 1114 -38.24 -23.27 108.21
CA GLY L 1114 -38.92 -23.95 109.27
C GLY L 1114 -39.78 -25.12 108.85
N LYS L 1115 -39.99 -25.32 107.55
CA LYS L 1115 -40.79 -26.44 107.06
C LYS L 1115 -39.88 -27.63 106.77
N VAL L 1116 -39.58 -28.40 107.81
CA VAL L 1116 -38.79 -29.62 107.65
C VAL L 1116 -39.64 -30.67 106.95
N VAL L 1117 -39.11 -31.25 105.88
CA VAL L 1117 -39.87 -32.15 105.01
C VAL L 1117 -39.13 -33.49 104.95
N THR L 1118 -39.89 -34.57 105.15
CA THR L 1118 -39.34 -35.93 105.14
C THR L 1118 -39.57 -36.58 103.78
N TRP L 1119 -38.81 -36.12 102.80
CA TRP L 1119 -39.07 -36.52 101.42
C TRP L 1119 -38.37 -37.82 101.01
N ARG L 1120 -37.37 -38.27 101.76
CA ARG L 1120 -36.68 -39.51 101.41
C ARG L 1120 -37.61 -40.70 101.62
N THR L 1121 -37.46 -41.70 100.74
CA THR L 1121 -38.15 -42.97 100.89
C THR L 1121 -37.22 -44.06 100.38
N ALA L 1122 -37.48 -45.29 100.78
CA ALA L 1122 -36.67 -46.42 100.34
C ALA L 1122 -36.71 -46.59 98.83
N THR L 1123 -37.77 -46.14 98.19
CA THR L 1123 -37.92 -46.26 96.74
C THR L 1123 -37.62 -44.96 96.00
N LEU L 1124 -37.31 -43.89 96.70
CA LEU L 1124 -37.02 -42.61 96.07
C LEU L 1124 -35.82 -41.99 96.78
N CYS L 1125 -34.70 -41.89 96.08
CA CYS L 1125 -33.49 -41.26 96.59
C CYS L 1125 -33.14 -41.75 98.00
N PRO L 1126 -33.04 -43.06 98.22
CA PRO L 1126 -32.75 -43.54 99.57
C PRO L 1126 -31.36 -43.15 100.04
N GLN L 1127 -31.24 -42.98 101.36
CA GLN L 1127 -29.96 -42.71 101.99
C GLN L 1127 -29.85 -43.57 103.23
N SER L 1128 -28.67 -44.11 103.47
CA SER L 1128 -28.41 -44.99 104.61
C SER L 1128 -27.17 -44.53 105.35
N CYS L 1129 -27.23 -44.63 106.67
CA CYS L 1129 -26.10 -44.30 107.53
C CYS L 1129 -25.51 -45.54 108.19
N GLU L 1130 -26.04 -46.71 107.85
CA GLU L 1130 -25.64 -47.98 108.45
C GLU L 1130 -24.16 -48.29 108.26
N GLU L 1131 -23.51 -47.69 107.27
CA GLU L 1131 -22.08 -47.90 107.08
C GLU L 1131 -21.27 -47.43 108.27
N ARG L 1132 -21.77 -46.42 108.99
CA ARG L 1132 -21.10 -45.90 110.17
C ARG L 1132 -21.41 -46.71 111.42
N ASN L 1133 -22.47 -47.53 111.38
CA ASN L 1133 -22.86 -48.34 112.54
C ASN L 1133 -22.20 -49.71 112.56
N LEU L 1134 -22.03 -50.36 111.41
CA LEU L 1134 -21.23 -51.57 111.34
C LEU L 1134 -19.76 -51.25 111.60
N ARG L 1135 -19.14 -52.06 112.45
CA ARG L 1135 -17.89 -51.70 113.11
C ARG L 1135 -17.21 -52.97 113.60
N GLU L 1136 -15.98 -52.81 114.08
CA GLU L 1136 -15.19 -53.96 114.52
C GLU L 1136 -15.77 -54.60 115.78
N ASN L 1137 -16.56 -53.83 116.54
CA ASN L 1137 -17.38 -54.34 117.63
C ASN L 1137 -18.51 -55.23 117.16
N GLY L 1138 -18.76 -55.29 115.85
CA GLY L 1138 -20.00 -55.83 115.31
C GLY L 1138 -20.91 -54.74 114.79
N TYR L 1139 -22.00 -54.46 115.49
CA TYR L 1139 -22.88 -53.37 115.08
C TYR L 1139 -23.33 -52.58 116.30
N GLU L 1140 -23.18 -51.27 116.24
CA GLU L 1140 -23.76 -50.37 117.24
C GLU L 1140 -24.34 -49.16 116.50
N CYS L 1141 -25.55 -48.77 116.87
CA CYS L 1141 -26.47 -48.09 115.96
C CYS L 1141 -26.71 -46.63 116.32
N GLU L 1142 -25.63 -45.92 116.65
CA GLU L 1142 -25.75 -44.51 117.05
C GLU L 1142 -26.13 -43.59 115.88
N TRP L 1143 -25.64 -43.86 114.67
CA TRP L 1143 -25.95 -43.02 113.53
C TRP L 1143 -27.32 -43.34 112.92
N ARG L 1144 -28.13 -42.30 112.73
CA ARG L 1144 -29.36 -42.37 111.96
C ARG L 1144 -29.33 -41.32 110.87
N TYR L 1145 -30.00 -41.59 109.75
CA TYR L 1145 -30.47 -40.51 108.91
C TYR L 1145 -31.55 -39.72 109.64
N ASN L 1146 -31.48 -38.39 109.54
CA ASN L 1146 -32.53 -37.51 110.02
C ASN L 1146 -32.85 -36.51 108.92
N SER L 1147 -34.14 -36.21 108.75
CA SER L 1147 -34.57 -35.28 107.71
C SER L 1147 -33.78 -33.99 107.78
N CYS L 1148 -33.66 -33.43 108.98
CA CYS L 1148 -32.66 -32.41 109.24
C CYS L 1148 -32.36 -32.44 110.73
N ALA L 1149 -31.09 -32.34 111.07
CA ALA L 1149 -30.62 -32.30 112.45
C ALA L 1149 -29.95 -30.96 112.72
N PRO L 1150 -29.83 -30.57 113.97
CA PRO L 1150 -29.12 -29.32 114.29
C PRO L 1150 -27.73 -29.32 113.68
N ALA L 1151 -27.37 -28.19 113.07
CA ALA L 1151 -26.26 -28.18 112.12
C ALA L 1151 -24.91 -28.29 112.81
N CYS L 1152 -24.74 -27.61 113.94
CA CYS L 1152 -23.41 -27.37 114.49
C CYS L 1152 -23.33 -27.88 115.92
N GLN L 1153 -23.61 -29.17 116.08
CA GLN L 1153 -23.59 -29.82 117.38
C GLN L 1153 -22.22 -29.67 118.05
N VAL L 1154 -22.20 -29.91 119.36
CA VAL L 1154 -20.95 -29.96 120.12
C VAL L 1154 -20.29 -31.30 119.86
N THR L 1155 -18.96 -31.30 119.81
CA THR L 1155 -18.19 -32.51 119.60
C THR L 1155 -16.87 -32.40 120.36
N CYS L 1156 -16.13 -33.50 120.39
CA CYS L 1156 -14.80 -33.48 120.99
C CYS L 1156 -13.87 -32.53 120.25
N GLN L 1157 -14.12 -32.25 118.99
CA GLN L 1157 -13.34 -31.29 118.23
C GLN L 1157 -13.91 -29.88 118.29
N HIS L 1158 -15.18 -29.73 118.64
CA HIS L 1158 -15.83 -28.43 118.81
C HIS L 1158 -16.57 -28.43 120.14
N PRO L 1159 -15.85 -28.48 121.26
CA PRO L 1159 -16.52 -28.52 122.57
C PRO L 1159 -17.37 -27.29 122.84
N GLU L 1160 -16.95 -26.13 122.40
CA GLU L 1160 -17.73 -24.93 122.62
C GLU L 1160 -18.78 -24.78 121.53
N PRO L 1161 -19.96 -24.25 121.87
CA PRO L 1161 -20.95 -23.96 120.83
C PRO L 1161 -20.52 -22.76 120.00
N LEU L 1162 -20.75 -22.86 118.70
CA LEU L 1162 -20.31 -21.85 117.75
C LEU L 1162 -21.44 -21.51 116.80
N ALA L 1163 -21.68 -20.21 116.59
CA ALA L 1163 -22.76 -19.77 115.72
C ALA L 1163 -22.43 -20.12 114.28
N CYS L 1164 -23.44 -20.57 113.55
CA CYS L 1164 -23.27 -21.00 112.17
C CYS L 1164 -24.57 -20.73 111.41
N PRO L 1165 -24.50 -20.53 110.09
CA PRO L 1165 -25.63 -19.89 109.39
C PRO L 1165 -26.92 -20.69 109.40
N VAL L 1166 -26.85 -22.00 109.21
CA VAL L 1166 -28.05 -22.81 108.99
C VAL L 1166 -28.39 -23.55 110.28
N GLN L 1167 -29.67 -23.51 110.65
CA GLN L 1167 -30.10 -24.12 111.91
C GLN L 1167 -30.15 -25.64 111.80
N CYS L 1168 -30.64 -26.15 110.68
CA CYS L 1168 -30.96 -27.57 110.58
C CYS L 1168 -30.60 -28.05 109.18
N VAL L 1169 -29.87 -29.17 109.11
CA VAL L 1169 -29.36 -29.69 107.85
C VAL L 1169 -29.63 -31.19 107.76
N GLU L 1170 -29.90 -31.66 106.55
CA GLU L 1170 -30.15 -33.07 106.30
C GLU L 1170 -28.86 -33.88 106.40
N GLY L 1171 -29.01 -35.15 106.76
CA GLY L 1171 -27.91 -36.09 106.68
C GLY L 1171 -27.78 -36.99 107.90
N CYS L 1172 -26.75 -37.82 107.92
CA CYS L 1172 -26.50 -38.70 109.05
C CYS L 1172 -26.22 -37.91 110.32
N HIS L 1173 -26.91 -38.27 111.39
CA HIS L 1173 -26.78 -37.61 112.69
C HIS L 1173 -26.58 -38.68 113.74
N ALA L 1174 -25.57 -38.49 114.61
CA ALA L 1174 -25.30 -39.41 115.69
C ALA L 1174 -26.16 -39.08 116.89
N HIS L 1175 -27.00 -40.02 117.29
CA HIS L 1175 -27.85 -39.88 118.48
C HIS L 1175 -27.31 -40.78 119.58
N CYS L 1176 -27.03 -40.20 120.75
CA CYS L 1176 -26.42 -40.92 121.84
C CYS L 1176 -26.82 -40.26 123.16
N PRO L 1177 -26.62 -40.93 124.30
CA PRO L 1177 -27.34 -40.55 125.54
C PRO L 1177 -26.87 -39.21 126.10
N PRO L 1178 -27.52 -38.71 127.16
CA PRO L 1178 -27.12 -37.43 127.75
C PRO L 1178 -25.71 -37.48 128.30
N GLY L 1179 -25.06 -36.30 128.30
CA GLY L 1179 -23.70 -36.16 128.76
C GLY L 1179 -22.67 -36.78 127.86
N LYS L 1180 -23.09 -37.59 126.88
CA LYS L 1180 -22.19 -38.25 125.95
C LYS L 1180 -21.94 -37.34 124.75
N ILE L 1181 -20.71 -37.33 124.25
CA ILE L 1181 -20.29 -36.39 123.22
C ILE L 1181 -19.67 -37.15 122.05
N LEU L 1182 -19.97 -36.70 120.84
CA LEU L 1182 -19.39 -37.27 119.63
C LEU L 1182 -17.91 -36.90 119.50
N ASP L 1183 -17.10 -37.88 119.10
CA ASP L 1183 -15.75 -37.62 118.61
C ASP L 1183 -15.74 -37.76 117.08
N GLU L 1184 -15.40 -36.68 116.38
CA GLU L 1184 -15.40 -36.70 114.92
C GLU L 1184 -14.30 -37.58 114.35
N LEU L 1185 -13.19 -37.75 115.06
CA LEU L 1185 -12.15 -38.66 114.57
C LEU L 1185 -12.60 -40.12 114.67
N LEU L 1186 -13.29 -40.46 115.75
CA LEU L 1186 -13.83 -41.80 115.90
C LEU L 1186 -15.14 -42.00 115.16
N GLN L 1187 -15.78 -40.91 114.76
CA GLN L 1187 -17.19 -40.93 114.33
C GLN L 1187 -18.05 -41.70 115.33
N THR L 1188 -17.77 -41.50 116.62
CA THR L 1188 -18.32 -42.30 117.69
C THR L 1188 -18.54 -41.39 118.90
N CYS L 1189 -19.63 -41.60 119.61
CA CYS L 1189 -19.89 -40.90 120.86
C CYS L 1189 -18.97 -41.42 121.98
N VAL L 1190 -18.33 -40.48 122.71
CA VAL L 1190 -17.42 -40.79 123.79
C VAL L 1190 -17.63 -39.77 124.92
N ASP L 1191 -17.13 -40.11 126.10
CA ASP L 1191 -17.27 -39.21 127.25
C ASP L 1191 -16.55 -37.89 127.00
N PRO L 1192 -16.98 -36.82 127.67
CA PRO L 1192 -16.30 -35.52 127.49
C PRO L 1192 -14.82 -35.58 127.82
N GLU L 1193 -14.41 -36.45 128.74
CA GLU L 1193 -13.01 -36.56 129.13
C GLU L 1193 -12.19 -37.39 128.14
N ASP L 1194 -12.83 -38.04 127.17
CA ASP L 1194 -12.15 -38.89 126.22
C ASP L 1194 -11.66 -38.16 124.98
N CYS L 1195 -11.88 -36.85 124.90
CA CYS L 1195 -11.50 -36.11 123.71
C CYS L 1195 -9.99 -36.16 123.53
N PRO L 1196 -9.50 -36.26 122.29
CA PRO L 1196 -8.05 -36.30 122.08
C PRO L 1196 -7.37 -34.94 122.18
N VAL L 1197 -8.13 -33.84 122.19
CA VAL L 1197 -7.54 -32.51 122.27
C VAL L 1197 -8.28 -31.68 123.32
N SER L 1262 -19.47 17.51 111.51
CA SER L 1262 -18.44 16.82 112.28
C SER L 1262 -17.04 17.21 111.79
N GLU L 1263 -16.09 17.25 112.72
CA GLU L 1263 -14.73 17.71 112.47
C GLU L 1263 -14.72 19.10 111.82
N PRO L 1264 -15.10 20.14 112.57
CA PRO L 1264 -15.05 21.51 112.02
C PRO L 1264 -13.66 21.93 111.58
N PRO L 1265 -12.56 21.60 112.34
CA PRO L 1265 -11.29 22.27 112.05
C PRO L 1265 -10.59 21.81 110.77
N LEU L 1266 -11.29 21.08 109.90
CA LEU L 1266 -10.69 20.70 108.62
C LEU L 1266 -10.29 21.93 107.81
N HIS L 1267 -10.93 23.06 108.03
CA HIS L 1267 -10.53 24.31 107.38
C HIS L 1267 -11.06 25.48 108.19
N ASP L 1268 -10.47 26.65 107.94
CA ASP L 1268 -10.93 27.87 108.62
C ASP L 1268 -12.36 28.20 108.25
N PHE L 1269 -12.79 27.84 107.05
CA PHE L 1269 -14.17 28.07 106.61
C PHE L 1269 -14.97 26.79 106.81
N TYR L 1270 -15.98 26.87 107.66
CA TYR L 1270 -16.83 25.72 107.96
C TYR L 1270 -18.27 26.22 108.03
N CYS L 1271 -19.15 25.54 107.31
CA CYS L 1271 -20.45 26.08 106.94
C CYS L 1271 -21.54 25.24 107.60
N SER L 1272 -21.97 25.66 108.79
CA SER L 1272 -22.96 24.95 109.58
C SER L 1272 -24.29 25.69 109.44
N ARG L 1273 -25.07 25.31 108.43
CA ARG L 1273 -26.35 25.96 108.17
C ARG L 1273 -27.18 25.05 107.28
N LEU L 1274 -28.47 25.35 107.21
CA LEU L 1274 -29.44 24.49 106.53
C LEU L 1274 -29.31 24.67 105.03
N LEU L 1275 -28.84 23.64 104.34
CA LEU L 1275 -28.58 23.71 102.91
C LEU L 1275 -28.72 22.34 102.28
N ASP L 1276 -29.30 22.30 101.08
CA ASP L 1276 -29.28 21.13 100.21
C ASP L 1276 -28.53 21.48 98.95
N LEU L 1277 -27.50 20.70 98.62
CA LEU L 1277 -26.56 21.04 97.56
C LEU L 1277 -26.36 19.88 96.60
N VAL L 1278 -26.32 20.17 95.30
CA VAL L 1278 -26.04 19.18 94.27
C VAL L 1278 -24.91 19.69 93.38
N PHE L 1279 -23.91 18.85 93.17
CA PHE L 1279 -22.83 19.12 92.23
C PHE L 1279 -23.08 18.38 90.92
N LEU L 1280 -23.28 19.13 89.84
CA LEU L 1280 -23.52 18.53 88.53
C LEU L 1280 -22.24 18.61 87.70
N LEU L 1281 -21.62 17.46 87.44
CA LEU L 1281 -20.28 17.40 86.87
C LEU L 1281 -20.34 17.00 85.40
N ASP L 1282 -19.74 17.82 84.54
CA ASP L 1282 -19.74 17.59 83.11
C ASP L 1282 -18.84 16.42 82.76
N GLY L 1283 -19.44 15.33 82.29
CA GLY L 1283 -18.72 14.14 81.92
C GLY L 1283 -18.30 14.08 80.46
N SER L 1284 -18.39 15.19 79.73
CA SER L 1284 -18.01 15.20 78.33
C SER L 1284 -16.49 15.13 78.15
N SER L 1285 -16.09 14.86 76.92
CA SER L 1285 -14.68 14.77 76.57
C SER L 1285 -13.97 16.12 76.58
N ARG L 1286 -14.71 17.21 76.71
CA ARG L 1286 -14.09 18.53 76.80
C ARG L 1286 -13.26 18.69 78.07
N LEU L 1287 -13.47 17.87 79.09
CA LEU L 1287 -12.52 17.69 80.16
C LEU L 1287 -11.75 16.39 79.93
N SER L 1288 -10.43 16.48 79.91
CA SER L 1288 -9.60 15.29 79.98
C SER L 1288 -9.66 14.69 81.38
N GLU L 1289 -9.25 13.43 81.48
CA GLU L 1289 -9.29 12.75 82.77
C GLU L 1289 -8.52 13.52 83.84
N ALA L 1290 -7.38 14.11 83.49
CA ALA L 1290 -6.63 14.90 84.45
C ALA L 1290 -7.44 16.09 84.94
N GLU L 1291 -8.11 16.78 84.02
CA GLU L 1291 -8.95 17.90 84.39
C GLU L 1291 -10.13 17.43 85.23
N PHE L 1292 -10.70 16.29 84.88
CA PHE L 1292 -11.80 15.78 85.69
C PHE L 1292 -11.32 15.46 87.10
N GLU L 1293 -10.06 15.04 87.23
CA GLU L 1293 -9.50 14.76 88.55
C GLU L 1293 -9.41 16.02 89.39
N VAL L 1294 -8.95 17.12 88.79
CA VAL L 1294 -8.88 18.34 89.60
C VAL L 1294 -10.28 18.87 89.89
N LEU L 1295 -11.24 18.65 89.00
CA LEU L 1295 -12.62 19.03 89.27
C LEU L 1295 -13.19 18.22 90.42
N LYS L 1296 -12.85 16.93 90.49
CA LYS L 1296 -13.26 16.10 91.60
C LYS L 1296 -12.63 16.57 92.89
N ALA L 1297 -11.35 16.96 92.84
CA ALA L 1297 -10.71 17.48 94.05
C ALA L 1297 -11.37 18.76 94.54
N PHE L 1298 -11.81 19.61 93.60
CA PHE L 1298 -12.61 20.79 93.93
C PHE L 1298 -13.89 20.44 94.66
N VAL L 1299 -14.63 19.45 94.14
CA VAL L 1299 -15.82 18.96 94.84
C VAL L 1299 -15.44 18.45 96.23
N VAL L 1300 -14.34 17.73 96.34
CA VAL L 1300 -14.01 17.06 97.60
C VAL L 1300 -13.65 18.09 98.67
N ASP L 1301 -12.85 19.10 98.32
CA ASP L 1301 -12.51 20.09 99.34
C ASP L 1301 -13.72 20.94 99.71
N MET L 1302 -14.61 21.24 98.75
CA MET L 1302 -15.83 21.92 99.14
C MET L 1302 -16.65 21.09 100.12
N MET L 1303 -16.70 19.77 99.91
CA MET L 1303 -17.36 18.91 100.90
C MET L 1303 -16.61 18.90 102.23
N GLU L 1304 -15.29 19.08 102.21
CA GLU L 1304 -14.56 19.29 103.45
C GLU L 1304 -15.02 20.56 104.16
N ARG L 1305 -15.45 21.57 103.41
CA ARG L 1305 -15.82 22.85 103.99
C ARG L 1305 -17.31 22.98 104.25
N LEU L 1306 -18.07 21.91 104.16
CA LEU L 1306 -19.49 21.90 104.50
C LEU L 1306 -19.75 20.93 105.64
N ARG L 1307 -20.64 21.31 106.55
CA ARG L 1307 -21.03 20.45 107.67
C ARG L 1307 -22.00 19.39 107.13
N ILE L 1308 -21.44 18.27 106.70
CA ILE L 1308 -22.21 17.22 106.05
C ILE L 1308 -22.99 16.43 107.08
N SER L 1309 -24.32 16.42 106.94
CA SER L 1309 -25.22 15.62 107.77
C SER L 1309 -26.64 15.84 107.25
N GLN L 1310 -27.56 14.96 107.67
CA GLN L 1310 -28.95 15.20 107.36
C GLN L 1310 -29.43 16.50 108.01
N LYS L 1311 -28.99 16.76 109.22
CA LYS L 1311 -29.02 18.12 109.77
C LYS L 1311 -28.00 18.98 109.04
N TRP L 1312 -28.25 20.28 109.02
CA TRP L 1312 -27.35 21.23 108.36
C TRP L 1312 -27.30 20.94 106.85
N VAL L 1313 -26.14 20.53 106.33
CA VAL L 1313 -25.92 20.51 104.88
C VAL L 1313 -26.04 19.08 104.37
N ARG L 1314 -26.84 18.89 103.33
CA ARG L 1314 -26.93 17.64 102.59
C ARG L 1314 -26.34 17.83 101.20
N VAL L 1315 -25.50 16.90 100.76
CA VAL L 1315 -24.75 17.03 99.52
C VAL L 1315 -25.07 15.84 98.62
N ALA L 1316 -25.21 16.12 97.33
CA ALA L 1316 -25.33 15.09 96.31
C ALA L 1316 -24.38 15.41 95.17
N VAL L 1317 -23.89 14.35 94.51
CA VAL L 1317 -22.94 14.49 93.42
C VAL L 1317 -23.50 13.75 92.22
N VAL L 1318 -23.50 14.41 91.07
CA VAL L 1318 -24.15 13.88 89.87
C VAL L 1318 -23.28 14.18 88.66
N GLU L 1319 -22.74 13.13 88.05
CA GLU L 1319 -22.09 13.26 86.75
C GLU L 1319 -23.12 13.10 85.65
N TYR L 1320 -23.09 13.98 84.67
CA TYR L 1320 -23.94 13.88 83.50
C TYR L 1320 -23.09 13.68 82.25
N HIS L 1321 -23.36 12.60 81.53
CA HIS L 1321 -22.64 12.27 80.31
C HIS L 1321 -23.62 11.80 79.24
N ASP L 1322 -24.67 12.60 79.01
CA ASP L 1322 -25.89 12.30 78.27
C ASP L 1322 -26.82 11.47 79.12
N GLY L 1323 -26.40 11.01 80.28
CA GLY L 1323 -27.29 10.45 81.29
C GLY L 1323 -26.78 10.83 82.65
N SER L 1324 -27.71 11.01 83.57
CA SER L 1324 -27.41 11.63 84.86
C SER L 1324 -26.95 10.57 85.85
N HIS L 1325 -25.65 10.31 85.86
CA HIS L 1325 -25.04 9.35 86.78
C HIS L 1325 -24.87 9.95 88.16
N ALA L 1326 -25.76 9.60 89.08
CA ALA L 1326 -25.68 10.07 90.45
C ALA L 1326 -24.78 9.14 91.26
N TYR L 1327 -23.80 9.72 91.96
CA TYR L 1327 -22.93 8.96 92.84
C TYR L 1327 -23.27 9.11 94.32
N ILE L 1328 -23.80 10.27 94.72
CA ILE L 1328 -24.25 10.50 96.08
C ILE L 1328 -25.62 11.14 96.03
N GLY L 1329 -26.52 10.67 96.88
CA GLY L 1329 -27.84 11.25 97.00
C GLY L 1329 -28.02 11.95 98.34
N LEU L 1330 -28.94 12.92 98.39
CA LEU L 1330 -29.16 13.65 99.63
C LEU L 1330 -29.68 12.77 100.74
N LYS L 1331 -30.28 11.63 100.42
CA LYS L 1331 -30.78 10.71 101.44
C LYS L 1331 -29.70 9.82 102.01
N ASP L 1332 -28.52 9.78 101.41
CA ASP L 1332 -27.47 8.88 101.88
C ASP L 1332 -27.07 9.22 103.30
N ARG L 1333 -27.07 8.20 104.16
CA ARG L 1333 -26.76 8.37 105.58
C ARG L 1333 -25.29 8.14 105.90
N LYS L 1334 -24.45 7.96 104.89
CA LYS L 1334 -23.05 7.64 105.13
C LYS L 1334 -22.32 8.82 105.77
N ARG L 1335 -21.25 8.49 106.49
CA ARG L 1335 -20.52 9.49 107.24
C ARG L 1335 -19.78 10.45 106.30
N PRO L 1336 -19.47 11.67 106.77
CA PRO L 1336 -18.83 12.65 105.88
C PRO L 1336 -17.53 12.16 105.26
N SER L 1337 -16.71 11.41 106.00
CA SER L 1337 -15.48 10.89 105.42
C SER L 1337 -15.78 9.93 104.29
N GLU L 1338 -16.75 9.04 104.47
CA GLU L 1338 -17.13 8.12 103.41
C GLU L 1338 -17.67 8.85 102.20
N LEU L 1339 -18.46 9.90 102.43
CA LEU L 1339 -18.99 10.68 101.32
C LEU L 1339 -17.88 11.38 100.55
N ARG L 1340 -16.89 11.93 101.26
CA ARG L 1340 -15.76 12.55 100.59
C ARG L 1340 -14.96 11.53 99.81
N ARG L 1341 -14.80 10.32 100.36
CA ARG L 1341 -14.14 9.26 99.61
C ARG L 1341 -14.89 8.92 98.33
N ILE L 1342 -16.22 8.80 98.42
CA ILE L 1342 -17.03 8.49 97.24
C ILE L 1342 -16.88 9.57 96.19
N ALA L 1343 -16.91 10.85 96.63
CA ALA L 1343 -16.73 11.95 95.68
C ALA L 1343 -15.35 11.90 95.05
N SER L 1344 -14.32 11.58 95.84
CA SER L 1344 -12.97 11.50 95.31
C SER L 1344 -12.83 10.37 94.30
N GLN L 1345 -13.64 9.32 94.42
CA GLN L 1345 -13.55 8.18 93.53
C GLN L 1345 -14.63 8.16 92.46
N VAL L 1346 -15.20 9.32 92.13
CA VAL L 1346 -16.11 9.42 90.99
C VAL L 1346 -15.34 9.12 89.71
N LYS L 1347 -15.91 8.27 88.87
CA LYS L 1347 -15.21 7.87 87.66
C LYS L 1347 -15.40 8.92 86.56
N TYR L 1348 -14.61 8.77 85.50
CA TYR L 1348 -14.58 9.70 84.38
C TYR L 1348 -15.22 9.05 83.17
N ALA L 1349 -16.22 9.71 82.59
CA ALA L 1349 -16.93 9.15 81.45
C ALA L 1349 -16.30 9.54 80.12
N GLY L 1350 -16.12 10.83 79.88
CA GLY L 1350 -15.53 11.28 78.63
C GLY L 1350 -16.42 11.12 77.43
N SER L 1351 -17.71 11.39 77.57
CA SER L 1351 -18.64 11.30 76.45
C SER L 1351 -18.40 12.43 75.46
N GLN L 1352 -18.79 12.20 74.21
CA GLN L 1352 -18.68 13.26 73.22
C GLN L 1352 -19.77 14.30 73.36
N VAL L 1353 -20.87 13.98 74.03
CA VAL L 1353 -21.94 14.93 74.31
C VAL L 1353 -22.37 14.77 75.75
N ALA L 1354 -22.72 15.87 76.40
CA ALA L 1354 -23.24 15.84 77.77
C ALA L 1354 -24.42 16.80 77.84
N SER L 1355 -25.62 16.28 77.59
CA SER L 1355 -26.83 17.09 77.57
C SER L 1355 -27.04 17.80 78.90
N THR L 1356 -26.95 19.14 78.87
CA THR L 1356 -27.13 19.96 80.06
C THR L 1356 -28.60 20.09 80.42
N SER L 1357 -29.47 20.24 79.42
CA SER L 1357 -30.90 20.24 79.67
C SER L 1357 -31.34 18.91 80.28
N GLU L 1358 -30.70 17.81 79.89
CA GLU L 1358 -31.09 16.52 80.45
C GLU L 1358 -30.77 16.43 81.93
N VAL L 1359 -29.63 16.97 82.36
CA VAL L 1359 -29.32 16.91 83.79
C VAL L 1359 -30.16 17.91 84.58
N LEU L 1360 -30.54 19.04 83.97
CA LEU L 1360 -31.54 19.90 84.61
C LEU L 1360 -32.87 19.17 84.77
N LYS L 1361 -33.28 18.40 83.77
CA LYS L 1361 -34.50 17.60 83.89
C LYS L 1361 -34.36 16.58 85.01
N TYR L 1362 -33.22 15.89 85.05
CA TYR L 1362 -33.00 14.89 86.09
C TYR L 1362 -33.10 15.50 87.48
N THR L 1363 -32.37 16.58 87.73
CA THR L 1363 -32.40 17.16 89.07
C THR L 1363 -33.79 17.67 89.42
N LEU L 1364 -34.50 18.24 88.43
CA LEU L 1364 -35.83 18.79 88.67
C LEU L 1364 -36.82 17.70 89.05
N PHE L 1365 -36.87 16.61 88.28
CA PHE L 1365 -37.94 15.63 88.46
C PHE L 1365 -37.55 14.48 89.36
N GLN L 1366 -36.27 14.21 89.56
CA GLN L 1366 -35.85 13.05 90.33
C GLN L 1366 -35.10 13.42 91.60
N ILE L 1367 -34.28 14.48 91.60
CA ILE L 1367 -33.60 14.83 92.84
C ILE L 1367 -34.54 15.59 93.77
N PHE L 1368 -35.00 16.75 93.31
CA PHE L 1368 -35.98 17.55 94.03
C PHE L 1368 -37.41 17.14 93.74
N SER L 1369 -37.66 15.84 93.65
CA SER L 1369 -39.02 15.37 93.38
C SER L 1369 -39.98 15.80 94.47
N LYS L 1370 -39.54 15.71 95.72
CA LYS L 1370 -40.33 16.18 96.86
C LYS L 1370 -39.43 17.03 97.74
N ILE L 1371 -39.94 18.20 98.13
CA ILE L 1371 -39.19 19.11 98.97
C ILE L 1371 -39.38 18.71 100.43
N ASP L 1372 -38.51 17.84 100.93
CA ASP L 1372 -38.65 17.34 102.29
C ASP L 1372 -38.04 18.28 103.33
N ARG L 1373 -37.30 19.29 102.90
CA ARG L 1373 -36.74 20.30 103.79
C ARG L 1373 -37.08 21.68 103.23
N PRO L 1374 -38.36 22.07 103.30
CA PRO L 1374 -38.74 23.38 102.75
C PRO L 1374 -38.05 24.54 103.43
N GLU L 1375 -37.64 24.38 104.69
CA GLU L 1375 -36.93 25.45 105.37
C GLU L 1375 -35.49 25.58 104.92
N ALA L 1376 -34.91 24.54 104.33
CA ALA L 1376 -33.52 24.55 103.91
C ALA L 1376 -33.39 25.10 102.49
N SER L 1377 -32.27 25.78 102.24
CA SER L 1377 -31.99 26.28 100.92
C SER L 1377 -31.57 25.15 99.99
N ARG L 1378 -32.00 25.24 98.73
CA ARG L 1378 -31.77 24.20 97.73
C ARG L 1378 -30.96 24.80 96.57
N ILE L 1379 -29.76 24.26 96.33
CA ILE L 1379 -28.81 24.86 95.40
C ILE L 1379 -28.17 23.77 94.54
N ALA L 1380 -27.88 24.11 93.28
CA ALA L 1380 -27.20 23.21 92.36
C ALA L 1380 -26.07 23.94 91.66
N LEU L 1381 -24.89 23.34 91.61
CA LEU L 1381 -23.79 23.82 90.78
C LEU L 1381 -23.85 23.13 89.42
N LEU L 1382 -24.38 23.82 88.42
CA LEU L 1382 -24.27 23.33 87.04
C LEU L 1382 -22.92 23.71 86.46
N LEU L 1383 -21.87 23.08 86.95
CA LEU L 1383 -20.56 23.30 86.37
C LEU L 1383 -20.46 22.54 85.07
N MET L 1384 -19.97 23.21 84.03
CA MET L 1384 -20.15 22.74 82.67
C MET L 1384 -19.03 23.23 81.77
N ALA L 1385 -18.66 22.39 80.81
CA ALA L 1385 -17.48 22.63 80.01
C ALA L 1385 -17.71 22.32 78.53
N SER L 1386 -18.95 22.13 78.10
CA SER L 1386 -19.22 21.64 76.76
C SER L 1386 -20.48 22.28 76.19
N GLN L 1387 -20.54 22.32 74.86
CA GLN L 1387 -21.77 22.57 74.13
C GLN L 1387 -22.65 21.32 74.13
N GLU L 1388 -23.91 21.51 73.79
CA GLU L 1388 -24.81 20.42 73.44
C GLU L 1388 -25.48 20.72 72.12
N PRO L 1389 -25.80 19.71 71.32
CA PRO L 1389 -26.52 19.95 70.06
C PRO L 1389 -27.80 20.73 70.29
N GLN L 1390 -28.12 21.60 69.33
CA GLN L 1390 -29.24 22.52 69.50
C GLN L 1390 -30.55 21.77 69.73
N ARG L 1391 -30.73 20.65 69.05
CA ARG L 1391 -31.98 19.89 69.18
C ARG L 1391 -32.20 19.43 70.62
N MET L 1392 -31.14 19.27 71.39
CA MET L 1392 -31.26 18.82 72.78
C MET L 1392 -31.45 19.95 73.76
N SER L 1393 -31.34 21.20 73.32
CA SER L 1393 -31.43 22.36 74.20
C SER L 1393 -32.82 22.98 74.22
N ARG L 1394 -33.82 22.33 73.62
CA ARG L 1394 -35.09 22.98 73.38
C ARG L 1394 -35.89 23.18 74.66
N ASN L 1395 -35.75 22.30 75.64
CA ASN L 1395 -36.51 22.39 76.89
C ASN L 1395 -35.67 22.93 78.03
N PHE L 1396 -34.52 23.53 77.74
CA PHE L 1396 -33.62 24.02 78.78
C PHE L 1396 -34.30 25.07 79.65
N VAL L 1397 -34.89 26.09 79.00
CA VAL L 1397 -35.51 27.20 79.73
C VAL L 1397 -36.66 26.67 80.58
N ARG L 1398 -37.43 25.72 80.06
CA ARG L 1398 -38.54 25.17 80.83
C ARG L 1398 -38.04 24.55 82.13
N TYR L 1399 -36.97 23.76 82.04
CA TYR L 1399 -36.44 23.08 83.24
C TYR L 1399 -35.87 24.07 84.23
N VAL L 1400 -35.14 25.08 83.77
CA VAL L 1400 -34.58 26.03 84.72
C VAL L 1400 -35.69 26.84 85.38
N GLN L 1401 -36.74 27.18 84.63
CA GLN L 1401 -37.86 27.90 85.23
C GLN L 1401 -38.61 27.02 86.23
N GLY L 1402 -38.74 25.72 85.92
CA GLY L 1402 -39.33 24.81 86.89
C GLY L 1402 -38.52 24.72 88.16
N LEU L 1403 -37.19 24.69 88.03
CA LEU L 1403 -36.31 24.71 89.20
C LEU L 1403 -36.50 25.99 90.00
N LYS L 1404 -36.68 27.12 89.31
CA LYS L 1404 -36.96 28.37 90.01
C LYS L 1404 -38.27 28.29 90.76
N LYS L 1405 -39.30 27.70 90.16
CA LYS L 1405 -40.60 27.58 90.82
C LYS L 1405 -40.51 26.73 92.08
N LYS L 1406 -39.59 25.78 92.11
CA LYS L 1406 -39.28 25.04 93.34
C LYS L 1406 -38.26 25.77 94.21
N LYS L 1407 -37.85 26.97 93.81
CA LYS L 1407 -36.83 27.75 94.52
C LYS L 1407 -35.55 26.95 94.71
N VAL L 1408 -35.16 26.19 93.68
CA VAL L 1408 -33.85 25.58 93.62
C VAL L 1408 -32.92 26.50 92.86
N ILE L 1409 -31.92 27.04 93.55
CA ILE L 1409 -30.93 27.92 92.93
C ILE L 1409 -30.04 27.09 92.01
N VAL L 1410 -29.77 27.59 90.82
CA VAL L 1410 -28.80 26.97 89.92
C VAL L 1410 -27.67 27.94 89.63
N ILE L 1411 -26.46 27.55 90.00
CA ILE L 1411 -25.25 28.37 89.89
C ILE L 1411 -24.39 27.78 88.78
N PRO L 1412 -24.50 28.25 87.54
CA PRO L 1412 -23.63 27.72 86.48
C PRO L 1412 -22.19 28.12 86.71
N VAL L 1413 -21.29 27.14 86.57
CA VAL L 1413 -19.86 27.38 86.66
C VAL L 1413 -19.23 26.93 85.34
N GLY L 1414 -19.31 27.79 84.32
CA GLY L 1414 -18.70 27.48 83.04
C GLY L 1414 -17.19 27.41 83.13
N ILE L 1415 -16.61 26.47 82.39
CA ILE L 1415 -15.17 26.26 82.39
C ILE L 1415 -14.68 26.03 80.96
N GLY L 1416 -13.67 26.78 80.56
CA GLY L 1416 -13.00 26.59 79.29
C GLY L 1416 -13.71 27.18 78.10
N PRO L 1417 -13.01 27.24 76.96
CA PRO L 1417 -13.59 27.88 75.78
C PRO L 1417 -14.83 27.19 75.25
N HIS L 1418 -14.98 25.90 75.47
CA HIS L 1418 -16.09 25.12 74.96
C HIS L 1418 -17.33 25.19 75.83
N ALA L 1419 -17.30 25.90 76.95
CA ALA L 1419 -18.50 26.09 77.76
C ALA L 1419 -19.59 26.76 76.94
N ASN L 1420 -20.83 26.29 77.11
CA ASN L 1420 -22.00 26.88 76.45
C ASN L 1420 -22.42 28.14 77.20
N LEU L 1421 -21.74 29.24 76.87
CA LEU L 1421 -22.05 30.54 77.50
C LEU L 1421 -23.51 30.95 77.31
N LYS L 1422 -24.12 30.59 76.19
CA LYS L 1422 -25.50 30.96 75.94
C LYS L 1422 -26.44 30.39 76.99
N GLN L 1423 -26.27 29.10 77.31
CA GLN L 1423 -27.09 28.47 78.34
C GLN L 1423 -26.83 29.09 79.70
N ILE L 1424 -25.59 29.51 79.94
CA ILE L 1424 -25.23 30.18 81.18
C ILE L 1424 -25.96 31.50 81.32
N ARG L 1425 -25.96 32.33 80.26
CA ARG L 1425 -26.67 33.60 80.32
C ARG L 1425 -28.17 33.39 80.43
N LEU L 1426 -28.69 32.36 79.78
CA LEU L 1426 -30.11 32.03 79.90
C LEU L 1426 -30.47 31.69 81.35
N ILE L 1427 -29.61 30.93 82.02
CA ILE L 1427 -29.82 30.66 83.45
C ILE L 1427 -29.78 31.96 84.25
N GLU L 1428 -28.81 32.82 83.96
CA GLU L 1428 -28.70 34.07 84.72
C GLU L 1428 -29.94 34.94 84.55
N LYS L 1429 -30.55 34.92 83.38
CA LYS L 1429 -31.71 35.76 83.11
C LYS L 1429 -32.92 35.37 83.96
N GLN L 1430 -32.96 34.15 84.49
CA GLN L 1430 -34.13 33.68 85.20
C GLN L 1430 -34.24 34.28 86.59
N ALA L 1431 -33.12 34.42 87.30
CA ALA L 1431 -33.17 34.93 88.67
C ALA L 1431 -31.84 35.55 89.02
N PRO L 1432 -31.82 36.63 89.80
CA PRO L 1432 -30.53 37.26 90.16
C PRO L 1432 -29.62 36.33 90.95
N GLU L 1433 -30.17 35.50 91.83
CA GLU L 1433 -29.33 34.63 92.65
C GLU L 1433 -28.66 33.53 91.84
N ASN L 1434 -29.12 33.29 90.60
CA ASN L 1434 -28.46 32.36 89.70
C ASN L 1434 -27.28 33.00 88.98
N LYS L 1435 -26.39 33.63 89.73
CA LYS L 1435 -25.26 34.33 89.11
C LYS L 1435 -24.20 33.33 88.66
N ALA L 1436 -23.58 33.62 87.52
CA ALA L 1436 -22.70 32.69 86.86
C ALA L 1436 -21.24 32.91 87.23
N PHE L 1437 -20.50 31.81 87.28
CA PHE L 1437 -19.04 31.83 87.31
C PHE L 1437 -18.52 31.30 85.99
N VAL L 1438 -17.59 32.01 85.38
CA VAL L 1438 -16.98 31.59 84.13
C VAL L 1438 -15.47 31.52 84.35
N LEU L 1439 -14.89 30.35 84.11
CA LEU L 1439 -13.50 30.07 84.44
C LEU L 1439 -12.72 29.78 83.17
N SER L 1440 -11.45 30.22 83.15
CA SER L 1440 -10.59 29.90 82.02
C SER L 1440 -10.33 28.41 81.91
N SER L 1441 -10.11 27.75 83.05
CA SER L 1441 -9.81 26.32 83.05
C SER L 1441 -10.10 25.76 84.44
N VAL L 1442 -10.18 24.43 84.50
CA VAL L 1442 -10.53 23.75 85.76
C VAL L 1442 -9.56 24.10 86.89
N ASP L 1443 -8.30 24.43 86.58
CA ASP L 1443 -7.40 24.79 87.66
C ASP L 1443 -7.77 26.10 88.32
N GLU L 1444 -8.59 26.92 87.66
CA GLU L 1444 -9.08 28.14 88.28
C GLU L 1444 -10.11 27.86 89.37
N LEU L 1445 -10.62 26.64 89.44
CA LEU L 1445 -11.48 26.24 90.55
C LEU L 1445 -10.78 26.40 91.89
N GLU L 1446 -9.48 26.09 91.93
CA GLU L 1446 -8.71 26.28 93.16
C GLU L 1446 -8.73 27.73 93.62
N GLN L 1447 -8.81 28.67 92.68
CA GLN L 1447 -8.84 30.08 93.02
C GLN L 1447 -10.26 30.54 93.37
N GLN L 1448 -11.26 29.99 92.68
CA GLN L 1448 -12.63 30.43 92.86
C GLN L 1448 -13.32 29.77 94.05
N ARG L 1449 -12.71 28.73 94.62
CA ARG L 1449 -13.37 27.91 95.64
C ARG L 1449 -13.82 28.73 96.84
N ASP L 1450 -12.95 29.60 97.34
CA ASP L 1450 -13.26 30.33 98.57
C ASP L 1450 -14.52 31.18 98.41
N GLU L 1451 -14.57 32.00 97.37
CA GLU L 1451 -15.76 32.83 97.20
C GLU L 1451 -16.96 32.02 96.77
N ILE L 1452 -16.77 30.89 96.08
CA ILE L 1452 -17.91 30.03 95.76
C ILE L 1452 -18.56 29.49 97.02
N VAL L 1453 -17.76 28.98 97.96
CA VAL L 1453 -18.34 28.47 99.20
C VAL L 1453 -18.93 29.61 100.02
N SER L 1454 -18.28 30.78 100.01
CA SER L 1454 -18.83 31.93 100.72
C SER L 1454 -20.21 32.29 100.18
N TYR L 1455 -20.36 32.33 98.85
CA TYR L 1455 -21.64 32.64 98.24
C TYR L 1455 -22.68 31.58 98.57
N LEU L 1456 -22.30 30.30 98.48
CA LEU L 1456 -23.23 29.23 98.79
C LEU L 1456 -23.75 29.33 100.21
N CYS L 1457 -22.88 29.66 101.16
CA CYS L 1457 -23.32 29.76 102.54
C CYS L 1457 -24.03 31.08 102.83
N ASP L 1458 -23.78 32.10 102.03
CA ASP L 1458 -24.60 33.31 102.08
C ASP L 1458 -26.01 33.02 101.63
N LEU L 1459 -26.19 32.11 100.67
CA LEU L 1459 -27.50 31.76 100.17
C LEU L 1459 -28.22 30.72 101.03
N ALA L 1460 -27.77 30.49 102.27
CA ALA L 1460 -28.41 29.50 103.11
C ALA L 1460 -28.71 30.10 104.49
N PRO L 1461 -29.83 29.72 105.09
CA PRO L 1461 -30.17 30.24 106.42
C PRO L 1461 -29.60 29.36 107.53
N GLU L 1462 -29.50 29.96 108.72
CA GLU L 1462 -29.07 29.26 109.91
C GLU L 1462 -30.25 28.54 110.56
N ALA L 1463 -29.95 27.78 111.61
CA ALA L 1463 -30.98 27.04 112.33
C ALA L 1463 -31.93 27.99 113.05
N SER M 31 7.94 -35.50 89.11
CA SER M 31 7.06 -34.36 88.91
C SER M 31 6.11 -34.58 87.75
N THR M 32 6.64 -34.46 86.53
CA THR M 32 5.87 -34.62 85.31
C THR M 32 6.82 -34.85 84.15
N ALA M 33 6.44 -35.70 83.22
CA ALA M 33 7.26 -36.05 82.08
C ALA M 33 7.04 -35.07 80.94
N ARG M 34 7.93 -35.14 79.95
CA ARG M 34 7.81 -34.35 78.74
C ARG M 34 8.20 -35.18 77.54
N CYS M 35 7.38 -35.14 76.50
CA CYS M 35 7.69 -35.76 75.22
C CYS M 35 7.57 -34.72 74.13
N SER M 36 8.42 -34.83 73.13
CA SER M 36 8.48 -33.83 72.09
C SER M 36 8.70 -34.50 70.74
N LEU M 37 7.99 -33.99 69.73
CA LEU M 37 8.23 -34.34 68.34
C LEU M 37 8.55 -33.04 67.62
N PHE M 38 9.79 -32.90 67.18
CA PHE M 38 10.35 -31.61 66.83
C PHE M 38 11.18 -31.73 65.57
N GLY M 39 11.50 -30.59 65.00
CA GLY M 39 12.25 -30.60 63.77
C GLY M 39 11.42 -31.20 62.65
N SER M 40 12.13 -31.67 61.62
CA SER M 40 11.46 -32.28 60.50
C SER M 40 10.91 -33.66 60.85
N ASP M 41 11.77 -34.53 61.40
CA ASP M 41 11.40 -35.93 61.58
C ASP M 41 11.92 -36.51 62.89
N PHE M 42 11.99 -35.73 63.95
CA PHE M 42 12.64 -36.17 65.17
C PHE M 42 11.65 -36.33 66.31
N VAL M 43 12.01 -37.19 67.26
CA VAL M 43 11.17 -37.48 68.42
C VAL M 43 12.06 -37.50 69.65
N ASN M 44 11.49 -37.14 70.79
CA ASN M 44 12.15 -37.25 72.08
C ASN M 44 11.19 -37.89 73.07
N THR M 45 11.62 -38.98 73.70
CA THR M 45 10.76 -39.76 74.56
C THR M 45 10.66 -39.14 75.95
N PHE M 46 9.78 -39.72 76.77
CA PHE M 46 9.62 -39.24 78.14
C PHE M 46 10.90 -39.42 78.94
N ASP M 47 11.64 -40.50 78.69
CA ASP M 47 12.83 -40.82 79.47
C ASP M 47 14.11 -40.32 78.83
N GLY M 48 14.02 -39.58 77.74
CA GLY M 48 15.18 -38.96 77.13
C GLY M 48 15.71 -39.63 75.88
N SER M 49 15.28 -40.84 75.57
CA SER M 49 15.69 -41.46 74.33
C SER M 49 15.21 -40.61 73.16
N MET M 50 16.08 -40.42 72.18
CA MET M 50 15.82 -39.48 71.11
C MET M 50 16.21 -40.11 69.78
N TYR M 51 15.36 -39.96 68.78
CA TYR M 51 15.54 -40.65 67.51
C TYR M 51 14.77 -39.92 66.44
N SER M 52 14.93 -40.39 65.20
CA SER M 52 14.25 -39.83 64.05
C SER M 52 13.25 -40.82 63.49
N PHE M 53 12.11 -40.31 63.04
CA PHE M 53 11.10 -41.15 62.39
C PHE M 53 10.29 -40.27 61.44
N ALA M 54 10.27 -40.66 60.17
CA ALA M 54 9.48 -39.96 59.15
C ALA M 54 8.24 -40.79 58.86
N GLY M 55 7.20 -40.59 59.66
CA GLY M 55 6.00 -41.38 59.53
C GLY M 55 5.17 -40.98 58.32
N TYR M 56 4.36 -41.94 57.87
CA TYR M 56 3.44 -41.73 56.77
C TYR M 56 1.99 -42.01 57.19
N CYS M 57 1.76 -42.28 58.46
CA CYS M 57 0.42 -42.57 58.96
C CYS M 57 0.28 -41.90 60.33
N SER M 58 -0.74 -42.30 61.09
CA SER M 58 -0.93 -41.82 62.44
C SER M 58 -0.39 -42.84 63.43
N TYR M 59 0.24 -42.34 64.50
CA TYR M 59 0.92 -43.20 65.45
C TYR M 59 0.57 -42.80 66.86
N LEU M 60 0.57 -43.78 67.76
CA LEU M 60 0.30 -43.52 69.17
C LEU M 60 1.53 -42.88 69.81
N LEU M 61 1.37 -41.65 70.29
CA LEU M 61 2.46 -41.00 71.00
C LEU M 61 2.50 -41.41 72.46
N ALA M 62 1.35 -41.44 73.12
CA ALA M 62 1.29 -41.83 74.52
C ALA M 62 -0.14 -42.23 74.85
N GLY M 63 -0.28 -42.93 75.95
CA GLY M 63 -1.59 -43.33 76.40
C GLY M 63 -1.50 -44.45 77.40
N GLY M 64 -2.62 -44.70 78.07
CA GLY M 64 -2.72 -45.84 78.95
C GLY M 64 -2.39 -47.10 78.19
N CYS M 65 -1.44 -47.88 78.69
CA CYS M 65 -0.80 -48.86 77.84
C CYS M 65 -1.44 -50.23 77.95
N GLN M 66 -1.97 -50.57 79.13
CA GLN M 66 -2.83 -51.75 79.30
C GLN M 66 -4.30 -51.37 79.17
N LYS M 67 -4.77 -50.45 80.01
CA LYS M 67 -6.13 -49.92 79.94
C LYS M 67 -6.05 -48.50 79.39
N ARG M 68 -6.40 -48.34 78.13
CA ARG M 68 -6.18 -47.08 77.42
C ARG M 68 -7.40 -46.19 77.58
N SER M 69 -7.44 -45.48 78.70
CA SER M 69 -8.51 -44.52 78.96
C SER M 69 -8.46 -43.35 77.99
N PHE M 70 -7.26 -42.99 77.52
CA PHE M 70 -7.11 -41.94 76.53
C PHE M 70 -5.94 -42.28 75.63
N SER M 71 -5.95 -41.69 74.43
CA SER M 71 -4.89 -41.93 73.47
C SER M 71 -4.48 -40.61 72.85
N ILE M 72 -3.19 -40.33 72.86
CA ILE M 72 -2.63 -39.17 72.18
C ILE M 72 -2.00 -39.66 70.89
N ILE M 73 -2.47 -39.14 69.76
CA ILE M 73 -2.13 -39.70 68.46
C ILE M 73 -1.55 -38.59 67.60
N GLY M 74 -0.35 -38.82 67.09
CA GLY M 74 0.29 -37.89 66.17
C GLY M 74 0.08 -38.34 64.73
N ASP M 75 -0.38 -37.41 63.91
CA ASP M 75 -0.69 -37.69 62.51
C ASP M 75 0.40 -37.11 61.63
N PHE M 76 0.88 -37.92 60.68
CA PHE M 76 1.91 -37.50 59.74
C PHE M 76 1.37 -37.53 58.33
N GLN M 77 2.08 -36.87 57.43
CA GLN M 77 1.74 -36.91 56.02
C GLN M 77 3.00 -36.60 55.21
N ASN M 78 3.42 -37.55 54.39
CA ASN M 78 4.64 -37.42 53.59
C ASN M 78 5.84 -37.13 54.47
N GLY M 79 5.89 -37.76 55.63
CA GLY M 79 6.98 -37.59 56.56
C GLY M 79 6.83 -36.42 57.50
N LYS M 80 6.00 -35.43 57.17
CA LYS M 80 5.84 -34.25 57.99
C LYS M 80 4.63 -34.41 58.91
N ARG M 81 4.68 -33.71 60.04
CA ARG M 81 3.59 -33.72 60.99
C ARG M 81 2.48 -32.80 60.53
N VAL M 82 1.23 -33.22 60.75
CA VAL M 82 0.08 -32.44 60.31
C VAL M 82 -0.93 -32.17 61.41
N SER M 83 -1.00 -32.97 62.47
CA SER M 83 -1.99 -32.73 63.51
C SER M 83 -1.62 -33.55 64.73
N LEU M 84 -2.23 -33.18 65.86
CA LEU M 84 -2.06 -33.88 67.13
C LEU M 84 -3.45 -34.22 67.64
N SER M 85 -3.85 -35.48 67.52
CA SER M 85 -5.18 -35.91 67.87
C SER M 85 -5.19 -36.54 69.25
N VAL M 86 -6.35 -36.51 69.89
CA VAL M 86 -6.55 -37.13 71.20
C VAL M 86 -7.88 -37.85 71.17
N TYR M 87 -7.91 -39.06 71.72
CA TYR M 87 -9.12 -39.85 71.83
C TYR M 87 -9.30 -40.21 73.29
N LEU M 88 -10.52 -40.03 73.80
CA LEU M 88 -10.81 -40.31 75.19
C LEU M 88 -11.42 -41.69 75.41
N GLY M 89 -11.21 -42.60 74.49
CA GLY M 89 -11.81 -43.91 74.63
C GLY M 89 -13.02 -44.11 73.76
N GLU M 90 -12.94 -43.67 72.52
CA GLU M 90 -13.89 -43.92 71.44
C GLU M 90 -15.16 -43.11 71.58
N PHE M 91 -15.36 -42.36 72.65
CA PHE M 91 -16.56 -41.54 72.76
C PHE M 91 -16.30 -40.08 72.44
N PHE M 92 -15.04 -39.65 72.46
CA PHE M 92 -14.72 -38.28 72.11
C PHE M 92 -13.35 -38.25 71.48
N ASP M 93 -13.24 -37.53 70.38
CA ASP M 93 -11.98 -37.36 69.67
C ASP M 93 -11.84 -35.92 69.23
N ILE M 94 -10.62 -35.41 69.26
CA ILE M 94 -10.36 -34.03 68.88
C ILE M 94 -9.07 -33.99 68.08
N HIS M 95 -9.02 -33.14 67.06
CA HIS M 95 -7.93 -33.12 66.11
C HIS M 95 -7.38 -31.70 66.02
N LEU M 96 -6.26 -31.45 66.66
CA LEU M 96 -5.60 -30.15 66.64
C LEU M 96 -4.54 -30.15 65.55
N PHE M 97 -4.82 -29.45 64.46
CA PHE M 97 -3.89 -29.40 63.35
C PHE M 97 -2.81 -28.36 63.59
N VAL M 98 -1.73 -28.47 62.81
CA VAL M 98 -0.63 -27.53 62.95
C VAL M 98 -1.09 -26.12 62.61
N ASN M 99 -1.90 -25.97 61.57
CA ASN M 99 -2.38 -24.64 61.18
C ASN M 99 -3.69 -24.28 61.86
N GLY M 100 -3.69 -24.41 63.19
CA GLY M 100 -4.70 -23.81 64.03
C GLY M 100 -6.09 -24.40 63.94
N THR M 101 -6.36 -25.23 62.95
CA THR M 101 -7.69 -25.78 62.77
C THR M 101 -7.94 -26.88 63.80
N VAL M 102 -9.15 -26.92 64.34
CA VAL M 102 -9.55 -27.94 65.29
C VAL M 102 -10.85 -28.56 64.79
N THR M 103 -10.91 -29.88 64.79
CA THR M 103 -12.12 -30.60 64.42
C THR M 103 -12.44 -31.62 65.50
N GLN M 104 -13.69 -31.61 65.97
CA GLN M 104 -14.20 -32.64 66.86
C GLN M 104 -14.94 -33.65 66.01
N GLY M 105 -14.42 -34.87 65.95
CA GLY M 105 -14.83 -35.77 64.89
C GLY M 105 -14.38 -35.20 63.56
N ASP M 106 -15.29 -35.17 62.59
CA ASP M 106 -15.03 -34.49 61.34
C ASP M 106 -15.57 -33.07 61.31
N GLN M 107 -16.25 -32.65 62.37
CA GLN M 107 -16.86 -31.32 62.43
C GLN M 107 -15.84 -30.31 62.92
N ARG M 108 -15.70 -29.21 62.20
CA ARG M 108 -14.76 -28.16 62.58
C ARG M 108 -15.32 -27.33 63.73
N VAL M 109 -14.43 -26.95 64.66
CA VAL M 109 -14.78 -26.10 65.78
C VAL M 109 -13.71 -25.02 65.92
N SER M 110 -14.06 -23.96 66.61
CA SER M 110 -13.18 -22.80 66.75
C SER M 110 -12.63 -22.70 68.16
N MET M 111 -11.43 -22.19 68.27
CA MET M 111 -10.80 -22.00 69.55
C MET M 111 -11.20 -20.66 70.15
N PRO M 112 -11.23 -20.54 71.48
CA PRO M 112 -11.00 -21.60 72.47
C PRO M 112 -12.16 -22.57 72.51
N TYR M 113 -11.89 -23.79 72.94
CA TYR M 113 -12.89 -24.84 72.97
C TYR M 113 -12.73 -25.63 74.26
N ALA M 114 -13.84 -25.98 74.86
CA ALA M 114 -13.83 -26.75 76.11
C ALA M 114 -14.95 -27.77 76.06
N SER M 115 -14.62 -29.03 76.34
CA SER M 115 -15.61 -30.09 76.32
C SER M 115 -15.07 -31.35 76.97
N LYS M 116 -15.86 -31.95 77.85
CA LYS M 116 -15.58 -33.27 78.40
C LYS M 116 -14.18 -33.33 78.99
N GLY M 117 -13.79 -32.28 79.70
CA GLY M 117 -12.53 -32.25 80.40
C GLY M 117 -11.34 -31.81 79.57
N LEU M 118 -11.52 -31.54 78.29
CA LEU M 118 -10.45 -31.11 77.41
C LEU M 118 -10.60 -29.63 77.10
N TYR M 119 -9.49 -28.91 77.19
CA TYR M 119 -9.47 -27.46 77.03
C TYR M 119 -8.47 -27.11 75.94
N LEU M 120 -8.93 -26.50 74.87
CA LEU M 120 -8.07 -26.02 73.80
C LEU M 120 -7.95 -24.51 73.92
N GLU M 121 -6.72 -24.02 74.06
CA GLU M 121 -6.48 -22.62 74.34
C GLU M 121 -5.21 -22.19 73.62
N THR M 122 -5.15 -20.91 73.28
CA THR M 122 -3.96 -20.36 72.62
C THR M 122 -3.01 -19.75 73.65
N GLU M 123 -2.57 -20.60 74.58
CA GLU M 123 -1.69 -20.15 75.65
C GLU M 123 -0.34 -19.74 75.10
N ALA M 124 0.11 -18.53 75.45
CA ALA M 124 1.43 -18.02 75.07
C ALA M 124 1.66 -18.11 73.56
N GLY M 125 0.60 -17.90 72.79
CA GLY M 125 0.70 -17.92 71.35
C GLY M 125 0.82 -19.29 70.73
N TYR M 126 0.76 -20.36 71.53
CA TYR M 126 0.89 -21.72 71.04
C TYR M 126 -0.38 -22.50 71.39
N TYR M 127 -0.86 -23.30 70.44
CA TYR M 127 -2.12 -24.01 70.60
C TYR M 127 -1.98 -25.07 71.69
N LYS M 128 -2.67 -24.88 72.80
CA LYS M 128 -2.66 -25.80 73.91
C LYS M 128 -3.86 -26.73 73.84
N LEU M 129 -3.72 -27.92 74.43
CA LEU M 129 -4.82 -28.88 74.54
C LEU M 129 -4.64 -29.54 75.91
N SER M 130 -5.32 -29.01 76.91
CA SER M 130 -5.09 -29.43 78.29
C SER M 130 -6.09 -30.50 78.69
N GLY M 131 -5.59 -31.49 79.43
CA GLY M 131 -6.40 -32.59 79.88
C GLY M 131 -6.27 -32.85 81.37
N GLU M 132 -6.20 -31.79 82.17
CA GLU M 132 -5.87 -31.90 83.59
C GLU M 132 -6.52 -33.10 84.27
N ALA M 133 -7.82 -33.31 84.02
CA ALA M 133 -8.51 -34.43 84.65
C ALA M 133 -7.87 -35.75 84.25
N TYR M 134 -7.53 -35.90 82.97
CA TYR M 134 -6.89 -37.11 82.48
C TYR M 134 -5.40 -37.14 82.78
N GLY M 135 -4.82 -36.03 83.20
CA GLY M 135 -3.44 -36.01 83.62
C GLY M 135 -2.44 -35.79 82.50
N PHE M 136 -2.77 -34.94 81.54
CA PHE M 136 -1.85 -34.66 80.46
C PHE M 136 -2.09 -33.25 79.93
N VAL M 137 -1.05 -32.68 79.33
CA VAL M 137 -1.13 -31.40 78.65
C VAL M 137 -0.37 -31.51 77.33
N ALA M 138 -1.02 -31.11 76.25
CA ALA M 138 -0.41 -31.16 74.93
C ALA M 138 -0.30 -29.75 74.36
N ARG M 139 0.62 -29.57 73.43
CA ARG M 139 0.86 -28.26 72.85
C ARG M 139 1.47 -28.40 71.47
N ILE M 140 1.12 -27.47 70.59
CA ILE M 140 1.75 -27.32 69.28
C ILE M 140 2.29 -25.90 69.21
N ASP M 141 3.59 -25.77 68.94
CA ASP M 141 4.16 -24.44 68.81
C ASP M 141 3.90 -23.89 67.41
N GLY M 142 4.31 -22.64 67.19
CA GLY M 142 4.04 -21.97 65.93
C GLY M 142 4.73 -22.59 64.73
N SER M 143 5.77 -23.37 64.96
CA SER M 143 6.52 -24.00 63.88
C SER M 143 6.11 -25.45 63.64
N GLY M 144 5.15 -25.97 64.39
CA GLY M 144 4.66 -27.32 64.19
C GLY M 144 5.26 -28.38 65.08
N ASN M 145 6.05 -28.00 66.08
CA ASN M 145 6.62 -28.96 67.00
C ASN M 145 5.58 -29.39 68.03
N PHE M 146 5.36 -30.69 68.15
CA PHE M 146 4.42 -31.20 69.13
C PHE M 146 5.07 -31.25 70.51
N GLN M 147 4.23 -31.35 71.53
CA GLN M 147 4.70 -31.45 72.90
C GLN M 147 3.63 -32.19 73.70
N VAL M 148 4.06 -33.05 74.61
CA VAL M 148 3.15 -33.75 75.51
C VAL M 148 3.78 -33.77 76.89
N LEU M 149 3.03 -33.31 77.89
CA LEU M 149 3.42 -33.44 79.29
C LEU M 149 2.46 -34.39 79.97
N LEU M 150 3.00 -35.42 80.59
CA LEU M 150 2.20 -36.52 81.14
C LEU M 150 2.48 -36.62 82.62
N SER M 151 1.43 -36.73 83.43
CA SER M 151 1.57 -36.66 84.86
C SER M 151 2.26 -37.91 85.40
N ASP M 152 2.70 -37.81 86.66
CA ASP M 152 3.44 -38.90 87.29
C ASP M 152 2.60 -40.16 87.44
N ARG M 153 1.27 -40.04 87.44
CA ARG M 153 0.43 -41.21 87.64
C ARG M 153 0.62 -42.25 86.54
N TYR M 154 1.17 -41.85 85.39
CA TYR M 154 1.43 -42.76 84.28
C TYR M 154 2.87 -43.25 84.27
N PHE M 155 3.57 -43.15 85.39
CA PHE M 155 4.91 -43.71 85.48
C PHE M 155 4.87 -45.21 85.28
N ASN M 156 5.59 -45.69 84.28
CA ASN M 156 5.75 -47.12 84.01
C ASN M 156 4.46 -47.76 83.53
N LYS M 157 3.51 -46.95 83.04
CA LYS M 157 2.21 -47.44 82.63
C LYS M 157 1.78 -46.92 81.26
N THR M 158 2.70 -46.34 80.50
CA THR M 158 2.37 -45.80 79.18
C THR M 158 3.27 -46.44 78.13
N CYS M 159 2.81 -46.42 76.88
CA CYS M 159 3.61 -46.90 75.78
C CYS M 159 3.15 -46.25 74.49
N GLY M 160 4.10 -45.97 73.62
CA GLY M 160 3.86 -45.25 72.38
C GLY M 160 5.16 -44.67 71.89
N LEU M 161 5.08 -43.89 70.81
CA LEU M 161 6.30 -43.31 70.25
C LEU M 161 7.09 -42.54 71.29
N CYS M 162 6.40 -41.91 72.24
CA CYS M 162 7.08 -41.29 73.35
C CYS M 162 7.72 -42.29 74.29
N GLY M 163 7.61 -43.58 74.00
CA GLY M 163 8.19 -44.59 74.86
C GLY M 163 7.43 -44.74 76.16
N ASN M 164 7.87 -45.70 76.96
CA ASN M 164 7.35 -45.83 78.30
C ASN M 164 7.85 -44.66 79.14
N PHE M 165 7.42 -44.59 80.39
CA PHE M 165 7.86 -43.53 81.29
C PHE M 165 8.41 -44.19 82.55
N ASN M 166 9.70 -44.57 82.45
CA ASN M 166 10.50 -45.00 83.58
C ASN M 166 11.92 -44.58 83.27
N ILE M 167 12.61 -44.04 84.28
CA ILE M 167 13.81 -43.24 84.06
C ILE M 167 14.83 -43.97 83.18
N PHE M 168 14.82 -45.29 83.20
CA PHE M 168 15.68 -46.06 82.31
C PHE M 168 15.34 -45.76 80.86
N ALA M 169 16.25 -45.14 80.14
CA ALA M 169 15.97 -44.71 78.78
C ALA M 169 16.22 -45.80 77.74
N GLU M 170 17.06 -46.79 78.07
CA GLU M 170 17.42 -47.80 77.09
C GLU M 170 16.23 -48.67 76.68
N ASP M 171 15.17 -48.68 77.48
CA ASP M 171 14.03 -49.56 77.24
C ASP M 171 12.83 -48.85 76.64
N ASP M 172 13.04 -47.71 76.00
CA ASP M 172 11.91 -46.93 75.50
C ASP M 172 11.35 -47.46 74.19
N PHE M 173 12.07 -48.33 73.50
CA PHE M 173 11.68 -48.75 72.15
C PHE M 173 10.80 -49.99 72.15
N MET M 174 10.06 -50.24 73.24
CA MET M 174 9.18 -51.40 73.28
C MET M 174 8.13 -51.32 72.18
N THR M 175 8.00 -52.40 71.42
CA THR M 175 6.99 -52.47 70.39
C THR M 175 5.64 -52.82 70.99
N GLN M 176 4.58 -52.61 70.21
CA GLN M 176 3.25 -52.98 70.67
C GLN M 176 3.12 -54.47 70.91
N GLU M 177 3.96 -55.28 70.26
CA GLU M 177 3.98 -56.71 70.52
C GLU M 177 4.61 -57.04 71.86
N GLY M 178 5.17 -56.06 72.56
CA GLY M 178 5.77 -56.29 73.86
C GLY M 178 7.23 -56.65 73.85
N THR M 179 7.96 -56.35 72.77
CA THR M 179 9.36 -56.69 72.64
C THR M 179 10.16 -55.45 72.30
N LEU M 180 11.38 -55.37 72.82
CA LEU M 180 12.29 -54.29 72.46
C LEU M 180 12.81 -54.47 71.05
N THR M 181 13.27 -53.38 70.46
CA THR M 181 13.89 -53.43 69.15
C THR M 181 14.92 -52.31 69.05
N SER M 182 16.04 -52.62 68.40
CA SER M 182 17.11 -51.65 68.23
C SER M 182 16.84 -50.67 67.11
N ASP M 183 15.80 -50.90 66.31
CA ASP M 183 15.51 -50.05 65.18
C ASP M 183 14.38 -49.10 65.54
N PRO M 184 14.59 -47.78 65.49
CA PRO M 184 13.49 -46.87 65.76
C PRO M 184 12.29 -47.08 64.87
N TYR M 185 12.51 -47.43 63.60
CA TYR M 185 11.38 -47.60 62.68
C TYR M 185 10.54 -48.81 63.01
N ASP M 186 11.15 -49.91 63.44
CA ASP M 186 10.36 -51.05 63.89
C ASP M 186 9.42 -50.63 65.02
N PHE M 187 9.96 -49.94 66.01
CA PHE M 187 9.18 -49.44 67.13
C PHE M 187 8.03 -48.54 66.67
N ALA M 188 8.37 -47.53 65.87
CA ALA M 188 7.36 -46.56 65.44
C ALA M 188 6.27 -47.22 64.61
N ASN M 189 6.66 -48.02 63.63
CA ASN M 189 5.67 -48.72 62.81
C ASN M 189 4.85 -49.68 63.64
N SER M 190 5.43 -50.26 64.68
CA SER M 190 4.66 -51.08 65.60
C SER M 190 3.58 -50.27 66.28
N TRP M 191 3.81 -48.97 66.48
CA TRP M 191 2.81 -48.10 67.09
C TRP M 191 2.00 -47.31 66.08
N ALA M 192 1.78 -47.83 64.89
CA ALA M 192 0.89 -47.17 63.93
C ALA M 192 -0.56 -47.53 64.21
N LEU M 193 -1.45 -46.63 63.82
CA LEU M 193 -2.89 -46.83 64.00
C LEU M 193 -3.60 -46.45 62.72
N SER M 194 -4.35 -47.39 62.16
CA SER M 194 -5.07 -47.17 60.92
C SER M 194 -6.53 -46.82 61.21
N SER M 195 -7.21 -46.35 60.18
CA SER M 195 -8.60 -45.95 60.28
C SER M 195 -9.34 -46.39 59.03
N GLY M 196 -10.61 -46.03 58.95
CA GLY M 196 -11.45 -46.43 57.85
C GLY M 196 -11.25 -45.64 56.58
N GLU M 197 -10.39 -44.64 56.61
CA GLU M 197 -10.03 -43.90 55.41
C GLU M 197 -8.53 -43.74 55.27
N GLN M 198 -7.74 -44.42 56.10
CA GLN M 198 -6.29 -44.32 56.03
C GLN M 198 -5.70 -45.58 56.64
N TRP M 199 -5.16 -46.46 55.81
CA TRP M 199 -4.52 -47.68 56.29
C TRP M 199 -3.01 -47.53 56.14
N CYS M 200 -2.29 -47.84 57.22
CA CYS M 200 -0.90 -47.41 57.36
C CYS M 200 0.04 -48.26 56.53
N GLU M 201 0.90 -47.61 55.76
CA GLU M 201 1.99 -48.28 55.08
C GLU M 201 3.21 -48.36 55.99
N ARG M 202 4.04 -49.37 55.75
CA ARG M 202 5.29 -49.56 56.48
C ARG M 202 6.24 -48.41 56.16
N ALA M 203 6.50 -47.55 57.13
CA ALA M 203 7.44 -46.46 56.91
C ALA M 203 8.87 -46.97 57.00
N SER M 204 9.76 -46.33 56.24
CA SER M 204 11.16 -46.72 56.17
C SER M 204 12.01 -45.46 56.11
N PRO M 205 13.28 -45.54 56.50
CA PRO M 205 14.14 -44.36 56.48
C PRO M 205 14.26 -43.79 55.08
N PRO M 206 14.30 -42.46 54.94
CA PRO M 206 14.43 -41.86 53.63
C PRO M 206 15.89 -41.81 53.17
N SER M 207 16.06 -41.57 51.88
CA SER M 207 17.39 -41.35 51.32
C SER M 207 17.93 -39.99 51.75
N SER M 208 19.25 -39.90 51.88
CA SER M 208 19.85 -38.69 52.43
C SER M 208 21.27 -38.54 51.91
N SER M 209 21.79 -37.31 52.05
CA SER M 209 23.18 -36.98 51.77
C SER M 209 23.82 -36.40 53.03
N CYS M 210 25.04 -36.81 53.32
CA CYS M 210 25.72 -36.39 54.54
C CYS M 210 27.24 -36.51 54.40
N MET M 217 26.85 -32.41 55.23
CA MET M 217 27.81 -31.89 56.21
C MET M 217 28.53 -30.66 55.69
N GLN M 218 28.59 -29.61 56.50
CA GLN M 218 29.30 -28.40 56.13
C GLN M 218 29.80 -27.74 57.40
N LYS M 219 31.09 -27.37 57.40
CA LYS M 219 31.75 -26.92 58.63
C LYS M 219 31.10 -25.66 59.19
N GLY M 220 30.84 -24.68 58.32
CA GLY M 220 30.23 -23.44 58.78
C GLY M 220 28.90 -23.65 59.45
N LEU M 221 28.09 -24.57 58.92
CA LEU M 221 26.84 -24.93 59.57
C LEU M 221 27.09 -25.73 60.84
N TRP M 222 28.13 -26.57 60.83
CA TRP M 222 28.44 -27.41 61.97
C TRP M 222 28.80 -26.59 63.22
N GLU M 223 29.40 -25.41 63.01
CA GLU M 223 29.65 -24.52 64.13
C GLU M 223 28.36 -24.21 64.89
N GLN M 224 27.25 -24.01 64.16
CA GLN M 224 25.99 -23.70 64.81
C GLN M 224 25.56 -24.81 65.75
N CYS M 225 25.71 -26.07 65.33
CA CYS M 225 25.42 -27.18 66.23
C CYS M 225 26.38 -27.18 67.41
N GLN M 226 27.65 -26.85 67.17
CA GLN M 226 28.59 -26.79 68.29
C GLN M 226 28.26 -25.69 69.29
N LEU M 227 27.37 -24.76 68.93
CA LEU M 227 26.93 -23.78 69.92
C LEU M 227 26.45 -24.44 71.21
N LEU M 228 25.81 -25.61 71.09
CA LEU M 228 25.30 -26.29 72.28
C LEU M 228 26.38 -26.56 73.31
N LYS M 229 27.62 -26.73 72.86
CA LYS M 229 28.72 -27.10 73.74
C LYS M 229 29.59 -25.93 74.14
N SER M 230 29.74 -24.93 73.26
CA SER M 230 30.71 -23.87 73.47
C SER M 230 30.14 -22.65 74.18
N THR M 231 28.85 -22.39 74.02
CA THR M 231 28.26 -21.15 74.51
C THR M 231 28.00 -21.23 76.00
N SER M 232 28.20 -20.10 76.69
CA SER M 232 28.06 -20.08 78.14
C SER M 232 26.62 -20.33 78.59
N VAL M 233 25.65 -19.77 77.88
CA VAL M 233 24.26 -19.89 78.33
C VAL M 233 23.82 -21.35 78.30
N PHE M 234 24.17 -22.07 77.24
CA PHE M 234 23.86 -23.49 77.18
C PHE M 234 24.66 -24.28 78.19
N ALA M 235 25.88 -23.83 78.49
CA ALA M 235 26.74 -24.54 79.43
C ALA M 235 26.13 -24.61 80.81
N ARG M 236 25.15 -23.75 81.12
CA ARG M 236 24.48 -23.83 82.41
C ARG M 236 23.80 -25.17 82.59
N CYS M 237 23.33 -25.77 81.49
CA CYS M 237 22.47 -26.94 81.56
C CYS M 237 23.22 -28.26 81.55
N HIS M 238 24.52 -28.25 81.29
CA HIS M 238 25.26 -29.50 81.18
C HIS M 238 25.11 -30.40 82.41
N PRO M 239 25.13 -29.89 83.65
CA PRO M 239 24.90 -30.79 84.79
C PRO M 239 23.56 -31.49 84.76
N LEU M 240 22.56 -30.92 84.09
CA LEU M 240 21.22 -31.50 84.03
C LEU M 240 20.97 -32.29 82.76
N VAL M 241 21.39 -31.79 81.60
CA VAL M 241 21.09 -32.43 80.32
C VAL M 241 22.37 -32.51 79.51
N ASP M 242 22.75 -33.72 79.14
CA ASP M 242 23.94 -33.92 78.32
C ASP M 242 23.68 -33.41 76.92
N PRO M 243 24.51 -32.51 76.38
CA PRO M 243 24.24 -31.95 75.05
C PRO M 243 24.63 -32.85 73.90
N GLU M 244 25.39 -33.91 74.14
CA GLU M 244 25.94 -34.70 73.04
C GLU M 244 24.87 -35.30 72.14
N PRO M 245 23.81 -35.94 72.66
CA PRO M 245 22.77 -36.44 71.76
C PRO M 245 22.17 -35.36 70.88
N PHE M 246 21.95 -34.18 71.46
CA PHE M 246 21.40 -33.08 70.68
C PHE M 246 22.39 -32.61 69.63
N VAL M 247 23.68 -32.65 69.95
CA VAL M 247 24.69 -32.25 68.97
C VAL M 247 24.70 -33.22 67.79
N ALA M 248 24.62 -34.52 68.06
CA ALA M 248 24.58 -35.50 66.98
C ALA M 248 23.33 -35.31 66.12
N LEU M 249 22.18 -35.12 66.77
CA LEU M 249 20.95 -34.88 66.03
C LEU M 249 21.07 -33.62 65.18
N CYS M 250 21.69 -32.58 65.73
CA CYS M 250 21.89 -31.35 64.99
C CYS M 250 22.78 -31.56 63.77
N GLU M 251 23.84 -32.35 63.93
CA GLU M 251 24.73 -32.63 62.81
C GLU M 251 23.98 -33.34 61.69
N LYS M 252 23.18 -34.36 62.04
CA LYS M 252 22.51 -35.10 60.98
C LYS M 252 21.37 -34.29 60.36
N THR M 253 20.74 -33.39 61.11
CA THR M 253 19.75 -32.53 60.47
C THR M 253 20.41 -31.48 59.58
N LEU M 254 21.63 -31.05 59.91
CA LEU M 254 22.38 -30.22 58.98
C LEU M 254 22.69 -30.99 57.70
N CYS M 255 23.04 -32.26 57.82
CA CYS M 255 23.15 -33.09 56.62
C CYS M 255 21.84 -33.11 55.85
N GLU M 256 20.72 -33.17 56.57
CA GLU M 256 19.42 -33.09 55.92
C GLU M 256 19.04 -31.67 55.52
N CYS M 257 19.77 -30.66 56.00
CA CYS M 257 19.39 -29.27 55.79
C CYS M 257 19.23 -28.94 54.32
N ALA M 258 18.35 -27.95 54.06
CA ALA M 258 18.15 -27.38 52.73
C ALA M 258 18.11 -25.86 52.81
N GLY M 259 18.87 -25.29 53.73
CA GLY M 259 18.87 -23.85 53.96
C GLY M 259 20.15 -23.38 54.61
N GLY M 260 20.04 -22.38 55.49
CA GLY M 260 21.17 -21.77 56.14
C GLY M 260 21.35 -22.24 57.57
N LEU M 261 21.87 -21.34 58.41
CA LEU M 261 22.14 -21.68 59.81
C LEU M 261 20.89 -22.06 60.57
N GLU M 262 19.71 -21.66 60.10
CA GLU M 262 18.48 -21.93 60.83
C GLU M 262 18.20 -23.42 60.97
N CYS M 263 18.83 -24.25 60.14
CA CYS M 263 18.60 -25.69 60.22
C CYS M 263 19.03 -26.27 61.56
N ALA M 264 19.95 -25.63 62.26
CA ALA M 264 20.36 -26.09 63.57
C ALA M 264 19.39 -25.70 64.67
N CYS M 265 18.46 -24.78 64.38
CA CYS M 265 17.59 -24.24 65.42
C CYS M 265 16.72 -25.29 66.10
N PRO M 266 16.11 -26.26 65.42
CA PRO M 266 15.27 -27.22 66.15
C PRO M 266 15.99 -27.90 67.30
N ALA M 267 17.24 -28.30 67.09
CA ALA M 267 17.98 -28.96 68.16
C ALA M 267 18.22 -28.03 69.34
N LEU M 268 18.62 -26.78 69.07
CA LEU M 268 18.84 -25.83 70.14
C LEU M 268 17.55 -25.55 70.91
N LEU M 269 16.44 -25.38 70.19
CA LEU M 269 15.17 -25.12 70.84
C LEU M 269 14.74 -26.29 71.71
N GLU M 270 14.88 -27.51 71.20
CA GLU M 270 14.51 -28.67 71.99
C GLU M 270 15.42 -28.84 73.19
N TYR M 271 16.71 -28.54 73.04
CA TYR M 271 17.61 -28.61 74.19
C TYR M 271 17.22 -27.59 75.25
N ALA M 272 16.90 -26.38 74.83
CA ALA M 272 16.48 -25.36 75.79
C ALA M 272 15.20 -25.77 76.50
N ARG M 273 14.25 -26.37 75.76
CA ARG M 273 13.00 -26.79 76.37
C ARG M 273 13.22 -27.96 77.32
N THR M 274 14.11 -28.89 76.97
CA THR M 274 14.44 -29.96 77.89
C THR M 274 15.05 -29.42 79.17
N CYS M 275 15.95 -28.44 79.04
CA CYS M 275 16.55 -27.82 80.22
C CYS M 275 15.49 -27.14 81.07
N ALA M 276 14.57 -26.42 80.43
CA ALA M 276 13.48 -25.78 81.17
C ALA M 276 12.65 -26.81 81.90
N GLN M 277 12.41 -27.96 81.28
CA GLN M 277 11.70 -29.05 81.97
C GLN M 277 12.48 -29.51 83.18
N GLU M 278 13.80 -29.65 83.05
CA GLU M 278 14.60 -30.10 84.17
C GLU M 278 14.73 -29.05 85.26
N GLY M 279 14.59 -27.77 84.93
CA GLY M 279 14.58 -26.74 85.94
C GLY M 279 15.29 -25.45 85.56
N MET M 280 16.27 -25.53 84.67
CA MET M 280 17.07 -24.36 84.29
C MET M 280 16.49 -23.77 83.02
N VAL M 281 15.93 -22.57 83.14
CA VAL M 281 15.50 -21.80 81.97
C VAL M 281 16.70 -21.03 81.44
N LEU M 282 16.98 -21.17 80.15
CA LEU M 282 18.19 -20.62 79.55
C LEU M 282 17.90 -19.26 78.94
N TYR M 283 17.53 -18.30 79.80
CA TYR M 283 16.93 -17.03 79.38
C TYR M 283 17.56 -16.41 78.14
N GLY M 284 18.86 -16.55 77.97
CA GLY M 284 19.58 -15.87 76.92
C GLY M 284 19.90 -16.66 75.67
N TRP M 285 19.36 -17.86 75.49
CA TRP M 285 19.82 -18.66 74.36
C TRP M 285 19.38 -18.07 73.03
N THR M 286 18.26 -17.35 73.01
CA THR M 286 17.78 -16.79 71.75
C THR M 286 18.64 -15.63 71.27
N ASP M 287 19.35 -14.95 72.17
CA ASP M 287 20.18 -13.82 71.77
C ASP M 287 21.54 -14.27 71.26
N HIS M 288 22.17 -15.22 71.95
CA HIS M 288 23.50 -15.69 71.53
C HIS M 288 23.44 -16.38 70.17
N SER M 289 22.43 -17.21 69.95
CA SER M 289 22.28 -17.93 68.70
C SER M 289 21.62 -17.05 67.65
N ALA M 290 21.62 -17.54 66.41
CA ALA M 290 20.97 -16.86 65.30
C ALA M 290 19.50 -17.24 65.17
N CYS M 291 18.97 -18.06 66.07
CA CYS M 291 17.63 -18.59 65.94
C CYS M 291 16.59 -17.61 66.47
N SER M 292 15.37 -17.77 65.99
CA SER M 292 14.23 -16.96 66.41
C SER M 292 12.97 -17.79 66.26
N PRO M 293 12.50 -18.42 67.33
CA PRO M 293 11.31 -19.26 67.22
C PRO M 293 10.12 -18.46 66.69
N VAL M 294 9.32 -19.12 65.84
CA VAL M 294 8.24 -18.44 65.17
C VAL M 294 7.17 -18.03 66.19
N CYS M 295 6.65 -16.82 66.03
CA CYS M 295 5.56 -16.31 66.84
C CYS M 295 4.57 -15.60 65.93
N PRO M 296 3.31 -15.50 66.33
CA PRO M 296 2.33 -14.80 65.51
C PRO M 296 2.65 -13.31 65.43
N ALA M 297 2.05 -12.67 64.44
CA ALA M 297 2.39 -11.28 64.11
C ALA M 297 2.32 -10.39 65.33
N GLY M 298 3.39 -9.64 65.57
CA GLY M 298 3.43 -8.65 66.63
C GLY M 298 3.88 -9.16 67.98
N MET M 299 3.93 -10.47 68.19
CA MET M 299 4.32 -11.02 69.47
C MET M 299 5.79 -11.42 69.46
N GLU M 300 6.46 -11.19 70.59
CA GLU M 300 7.85 -11.57 70.75
C GLU M 300 7.95 -12.94 71.39
N TYR M 301 8.97 -13.70 70.99
CA TYR M 301 9.29 -14.93 71.69
C TYR M 301 10.05 -14.63 72.97
N ARG M 302 9.67 -15.31 74.04
CA ARG M 302 10.36 -15.10 75.30
C ARG M 302 10.30 -16.36 76.13
N GLN M 303 11.35 -16.61 76.89
CA GLN M 303 11.37 -17.72 77.83
C GLN M 303 10.61 -17.33 79.09
N CYS M 304 9.97 -18.32 79.70
CA CYS M 304 9.32 -18.15 80.99
C CYS M 304 8.19 -17.11 80.93
N VAL M 305 7.35 -17.23 79.92
CA VAL M 305 6.12 -16.44 79.86
C VAL M 305 5.12 -17.02 80.84
N SER M 306 4.53 -16.17 81.65
CA SER M 306 3.54 -16.65 82.60
C SER M 306 2.29 -17.09 81.85
N PRO M 307 1.73 -18.27 82.15
CA PRO M 307 0.54 -18.72 81.44
C PRO M 307 -0.64 -17.77 81.58
N CYS M 308 -0.74 -17.06 82.70
CA CYS M 308 -1.81 -16.10 82.92
C CYS M 308 -1.53 -14.75 82.30
N ALA M 309 -1.23 -14.73 81.00
CA ALA M 309 -0.95 -13.48 80.32
C ALA M 309 -2.17 -12.58 80.31
N ARG M 310 -1.94 -11.27 80.40
CA ARG M 310 -3.00 -10.29 80.65
C ARG M 310 -3.68 -9.89 79.35
N THR M 311 -4.88 -10.42 79.14
CA THR M 311 -5.85 -9.84 78.23
C THR M 311 -6.56 -8.69 78.93
N CYS M 312 -6.98 -7.70 78.15
CA CYS M 312 -7.72 -6.58 78.73
C CYS M 312 -8.95 -7.07 79.49
N GLN M 313 -9.86 -7.74 78.80
CA GLN M 313 -11.10 -8.19 79.44
C GLN M 313 -10.81 -9.40 80.32
N SER M 314 -10.01 -9.16 81.34
CA SER M 314 -9.64 -10.20 82.29
C SER M 314 -9.66 -9.63 83.70
N LEU M 315 -10.15 -10.42 84.63
CA LEU M 315 -10.16 -10.00 86.03
C LEU M 315 -8.75 -9.99 86.59
N HIS M 316 -8.46 -9.00 87.42
CA HIS M 316 -7.12 -8.85 87.97
C HIS M 316 -6.90 -9.78 89.15
N ILE M 317 -7.14 -11.08 88.95
CA ILE M 317 -6.97 -12.08 90.00
C ILE M 317 -5.59 -12.70 89.80
N ASN M 318 -4.59 -12.12 90.46
CA ASN M 318 -3.23 -12.63 90.36
C ASN M 318 -2.93 -13.73 91.37
N GLU M 319 -3.72 -13.83 92.43
CA GLU M 319 -3.49 -14.85 93.45
C GLU M 319 -3.79 -16.25 92.93
N MET M 320 -4.62 -16.37 91.90
CA MET M 320 -4.95 -17.68 91.36
C MET M 320 -3.77 -18.28 90.60
N CYS M 321 -2.90 -17.45 90.05
CA CYS M 321 -1.86 -17.91 89.13
C CYS M 321 -0.65 -18.42 89.91
N GLN M 322 -0.80 -19.62 90.47
CA GLN M 322 0.28 -20.30 91.17
C GLN M 322 1.09 -21.19 90.25
N GLU M 323 0.74 -21.27 88.97
CA GLU M 323 1.41 -22.17 88.05
C GLU M 323 2.81 -21.68 87.70
N ARG M 324 3.64 -22.59 87.22
CA ARG M 324 4.96 -22.22 86.73
C ARG M 324 4.85 -21.56 85.36
N CYS M 325 5.92 -20.88 84.98
CA CYS M 325 5.96 -20.21 83.69
C CYS M 325 6.34 -21.19 82.58
N VAL M 326 6.09 -20.78 81.35
CA VAL M 326 6.41 -21.59 80.18
C VAL M 326 7.06 -20.70 79.13
N ASP M 327 7.79 -21.32 78.23
CA ASP M 327 8.28 -20.61 77.06
C ASP M 327 7.15 -20.39 76.07
N GLY M 328 7.24 -19.31 75.31
CA GLY M 328 6.23 -19.01 74.33
C GLY M 328 6.31 -17.56 73.89
N CYS M 329 5.26 -17.13 73.22
CA CYS M 329 5.18 -15.79 72.65
C CYS M 329 4.45 -14.87 73.61
N SER M 330 4.80 -13.59 73.54
CA SER M 330 4.19 -12.59 74.39
C SER M 330 4.09 -11.29 73.61
N CYS M 331 3.08 -10.48 73.96
CA CYS M 331 3.01 -9.15 73.39
C CYS M 331 4.13 -8.28 73.96
N PRO M 332 4.62 -7.33 73.19
CA PRO M 332 5.67 -6.44 73.70
C PRO M 332 5.24 -5.76 74.98
N GLU M 333 6.23 -5.38 75.78
CA GLU M 333 5.97 -4.80 77.09
C GLU M 333 5.06 -3.58 76.96
N GLY M 334 4.08 -3.51 77.85
CA GLY M 334 3.12 -2.44 77.86
C GLY M 334 1.88 -2.68 77.02
N GLN M 335 1.91 -3.66 76.13
CA GLN M 335 0.75 -4.01 75.32
C GLN M 335 0.00 -5.17 75.96
N LEU M 336 -1.26 -5.33 75.54
CA LEU M 336 -2.15 -6.36 76.06
C LEU M 336 -2.81 -7.09 74.91
N LEU M 337 -3.25 -8.32 75.20
CA LEU M 337 -3.94 -9.13 74.21
C LEU M 337 -5.39 -8.72 74.08
N ASP M 338 -5.92 -8.83 72.87
CA ASP M 338 -7.33 -8.55 72.61
C ASP M 338 -7.74 -9.37 71.39
N GLU M 339 -8.45 -10.47 71.63
CA GLU M 339 -8.83 -11.40 70.57
C GLU M 339 -7.61 -11.91 69.82
N GLY M 340 -6.53 -12.15 70.55
CA GLY M 340 -5.30 -12.67 69.99
C GLY M 340 -4.35 -11.61 69.46
N LEU M 341 -4.84 -10.41 69.21
CA LEU M 341 -3.98 -9.32 68.75
C LEU M 341 -3.46 -8.53 69.94
N CYS M 342 -2.31 -7.88 69.75
CA CYS M 342 -1.70 -7.07 70.79
C CYS M 342 -2.13 -5.62 70.61
N VAL M 343 -2.60 -5.02 71.71
CA VAL M 343 -3.09 -3.65 71.70
C VAL M 343 -2.49 -2.91 72.89
N GLU M 344 -2.47 -1.59 72.78
CA GLU M 344 -2.03 -0.76 73.89
C GLU M 344 -3.03 -0.85 75.03
N SER M 345 -2.53 -0.66 76.26
CA SER M 345 -3.39 -0.78 77.43
C SER M 345 -4.56 0.20 77.37
N THR M 346 -4.34 1.38 76.80
CA THR M 346 -5.40 2.38 76.69
C THR M 346 -6.22 2.23 75.43
N GLU M 347 -5.74 1.49 74.45
CA GLU M 347 -6.41 1.34 73.16
C GLU M 347 -7.54 0.32 73.20
N CYS M 348 -7.59 -0.48 74.20
CA CYS M 348 -8.32 -1.73 74.04
C CYS M 348 -9.74 -1.63 74.57
N PRO M 349 -10.67 -2.36 73.95
CA PRO M 349 -12.09 -2.02 74.02
C PRO M 349 -12.83 -2.66 75.18
N CYS M 350 -14.09 -2.24 75.33
CA CYS M 350 -15.06 -2.87 76.21
C CYS M 350 -15.84 -3.93 75.45
N VAL M 351 -16.45 -4.83 76.20
CA VAL M 351 -17.26 -5.90 75.63
C VAL M 351 -18.66 -5.81 76.21
N HIS M 352 -19.66 -5.94 75.35
CA HIS M 352 -21.04 -6.02 75.79
C HIS M 352 -21.85 -6.78 74.75
N SER M 353 -22.75 -7.65 75.23
CA SER M 353 -23.61 -8.44 74.37
C SER M 353 -22.81 -9.27 73.38
N GLY M 354 -21.59 -9.65 73.76
CA GLY M 354 -20.72 -10.38 72.86
C GLY M 354 -20.04 -9.54 71.83
N LYS M 355 -20.24 -8.23 71.83
CA LYS M 355 -19.64 -7.31 70.89
C LYS M 355 -18.58 -6.46 71.59
N ARG M 356 -17.57 -6.06 70.84
CA ARG M 356 -16.52 -5.18 71.34
C ARG M 356 -16.72 -3.78 70.80
N TYR M 357 -16.60 -2.78 71.67
CA TYR M 357 -16.76 -1.39 71.29
C TYR M 357 -15.53 -0.60 71.68
N PRO M 358 -15.04 0.28 70.81
CA PRO M 358 -13.86 1.08 71.14
C PRO M 358 -14.12 1.98 72.32
N PRO M 359 -13.07 2.48 72.98
CA PRO M 359 -13.27 3.42 74.08
C PRO M 359 -13.97 4.69 73.62
N GLY M 360 -14.75 5.26 74.52
CA GLY M 360 -15.49 6.47 74.23
C GLY M 360 -16.85 6.24 73.60
N THR M 361 -17.15 5.02 73.16
CA THR M 361 -18.45 4.74 72.58
C THR M 361 -19.52 4.78 73.67
N SER M 362 -20.73 5.14 73.26
CA SER M 362 -21.86 5.26 74.16
C SER M 362 -22.96 4.30 73.71
N LEU M 363 -23.55 3.60 74.68
CA LEU M 363 -24.66 2.71 74.44
C LEU M 363 -25.83 3.12 75.31
N SER M 364 -27.02 3.07 74.75
CA SER M 364 -28.23 3.44 75.45
C SER M 364 -28.93 2.22 76.03
N ARG M 365 -29.54 2.40 77.20
CA ARG M 365 -30.38 1.38 77.83
C ARG M 365 -31.62 2.12 78.31
N ASP M 366 -32.63 2.20 77.45
CA ASP M 366 -33.74 3.12 77.62
C ASP M 366 -33.22 4.54 77.80
N CYS M 367 -33.58 5.18 78.90
CA CYS M 367 -33.20 6.56 79.13
C CYS M 367 -31.78 6.72 79.63
N ASN M 368 -31.10 5.63 79.98
CA ASN M 368 -29.73 5.68 80.46
C ASN M 368 -28.74 5.50 79.30
N THR M 369 -27.51 5.94 79.53
CA THR M 369 -26.42 5.72 78.60
C THR M 369 -25.22 5.17 79.35
N CYS M 370 -24.44 4.34 78.67
CA CYS M 370 -23.25 3.72 79.23
C CYS M 370 -22.06 4.04 78.35
N ILE M 371 -20.99 4.55 78.94
CA ILE M 371 -19.81 5.00 78.21
C ILE M 371 -18.67 4.02 78.46
N CYS M 372 -18.02 3.57 77.39
CA CYS M 372 -16.88 2.68 77.51
C CYS M 372 -15.65 3.48 77.86
N ARG M 373 -15.10 3.22 79.06
CA ARG M 373 -13.86 3.86 79.50
C ARG M 373 -13.00 2.78 80.14
N ASN M 374 -11.72 2.74 79.78
CA ASN M 374 -10.85 1.62 80.10
C ASN M 374 -11.54 0.38 79.54
N SER M 375 -11.65 -0.71 80.30
CA SER M 375 -12.44 -1.85 79.87
C SER M 375 -13.86 -1.81 80.41
N GLN M 376 -14.19 -0.82 81.23
CA GLN M 376 -15.46 -0.76 81.93
C GLN M 376 -16.45 0.14 81.21
N TRP M 377 -17.70 0.05 81.65
CA TRP M 377 -18.78 0.90 81.17
C TRP M 377 -19.20 1.83 82.30
N ILE M 378 -19.32 3.11 82.00
CA ILE M 378 -19.80 4.10 82.96
C ILE M 378 -21.26 4.37 82.60
N CYS M 379 -22.17 3.93 83.46
CA CYS M 379 -23.60 3.92 83.14
C CYS M 379 -24.34 5.00 83.92
N SER M 380 -25.51 5.36 83.41
CA SER M 380 -26.16 6.60 83.80
C SER M 380 -26.97 6.53 85.09
N ASN M 381 -27.27 5.35 85.60
CA ASN M 381 -27.87 5.20 86.94
C ASN M 381 -29.03 6.15 87.19
N GLU M 382 -30.02 6.17 86.31
CA GLU M 382 -31.18 7.01 86.50
C GLU M 382 -32.44 6.20 86.19
N GLU M 383 -33.55 6.63 86.79
CA GLU M 383 -34.83 5.94 86.59
C GLU M 383 -35.42 6.30 85.24
N CYS M 384 -35.89 5.29 84.53
CA CYS M 384 -36.56 5.45 83.26
C CYS M 384 -38.05 5.20 83.39
N PRO M 385 -38.86 5.57 82.39
CA PRO M 385 -40.31 5.39 82.51
C PRO M 385 -40.68 3.94 82.74
N GLY M 386 -41.67 3.73 83.59
CA GLY M 386 -42.15 2.39 83.89
C GLY M 386 -43.32 2.00 83.01
N GLU M 387 -43.27 0.78 82.50
CA GLU M 387 -44.30 0.26 81.59
C GLU M 387 -44.90 -1.00 82.21
N CYS M 388 -46.12 -0.89 82.71
CA CYS M 388 -46.88 -2.07 83.12
C CYS M 388 -47.69 -2.58 81.94
N LEU M 389 -47.86 -3.88 81.87
CA LEU M 389 -48.45 -4.48 80.68
C LEU M 389 -49.37 -5.63 81.06
N VAL M 390 -50.54 -5.65 80.46
CA VAL M 390 -51.43 -6.80 80.46
C VAL M 390 -51.68 -7.17 79.00
N THR M 391 -51.29 -8.38 78.61
CA THR M 391 -51.14 -8.61 77.19
C THR M 391 -51.69 -9.95 76.71
N GLY M 392 -52.69 -10.50 77.38
CA GLY M 392 -53.22 -11.74 76.88
C GLY M 392 -54.14 -12.43 77.85
N GLN M 393 -53.96 -13.73 78.02
CA GLN M 393 -54.76 -14.49 78.98
C GLN M 393 -54.24 -14.23 80.40
N SER M 394 -54.32 -12.97 80.80
CA SER M 394 -53.96 -12.52 82.13
C SER M 394 -52.46 -12.61 82.38
N HIS M 395 -51.66 -12.38 81.35
CA HIS M 395 -50.23 -12.19 81.53
C HIS M 395 -49.94 -10.75 81.89
N PHE M 396 -49.06 -10.56 82.87
CA PHE M 396 -48.77 -9.26 83.43
C PHE M 396 -47.27 -8.99 83.37
N LYS M 397 -46.93 -7.72 83.32
CA LYS M 397 -45.58 -7.26 83.61
C LYS M 397 -45.69 -6.08 84.55
N SER M 398 -45.08 -6.18 85.73
CA SER M 398 -45.10 -5.07 86.65
C SER M 398 -44.22 -3.95 86.12
N PHE M 399 -44.33 -2.79 86.76
CA PHE M 399 -43.48 -1.67 86.37
C PHE M 399 -42.00 -1.98 86.54
N ASP M 400 -41.67 -2.95 87.40
CA ASP M 400 -40.30 -3.38 87.63
C ASP M 400 -39.95 -4.65 86.87
N ASN M 401 -40.71 -4.98 85.84
CA ASN M 401 -40.41 -6.09 84.93
C ASN M 401 -40.58 -7.44 85.60
N ARG M 402 -41.48 -7.58 86.56
CA ARG M 402 -41.84 -8.87 87.10
C ARG M 402 -42.97 -9.46 86.27
N TYR M 403 -42.67 -10.45 85.47
CA TYR M 403 -43.67 -11.14 84.69
C TYR M 403 -44.41 -12.14 85.55
N PHE M 404 -45.73 -12.22 85.36
CA PHE M 404 -46.53 -13.21 86.07
C PHE M 404 -47.86 -13.35 85.36
N THR M 405 -48.54 -14.45 85.65
CA THR M 405 -49.87 -14.72 85.14
C THR M 405 -50.78 -15.00 86.32
N PHE M 406 -51.99 -14.44 86.31
CA PHE M 406 -52.82 -14.52 87.48
C PHE M 406 -54.19 -15.14 87.22
N SER M 407 -54.85 -14.81 86.11
CA SER M 407 -56.08 -15.48 85.68
C SER M 407 -57.24 -15.36 86.67
N GLY M 408 -57.28 -14.29 87.46
CA GLY M 408 -58.41 -14.09 88.34
C GLY M 408 -59.57 -13.44 87.61
N ILE M 409 -60.78 -13.71 88.09
CA ILE M 409 -61.99 -13.18 87.47
C ILE M 409 -62.65 -12.21 88.44
N CYS M 410 -62.30 -10.94 88.35
CA CYS M 410 -62.90 -9.86 89.13
C CYS M 410 -62.41 -8.55 88.56
N GLN M 411 -62.79 -7.45 89.21
CA GLN M 411 -62.20 -6.15 88.96
C GLN M 411 -61.03 -5.95 89.91
N TYR M 412 -59.83 -5.78 89.36
CA TYR M 412 -58.60 -5.73 90.13
C TYR M 412 -57.94 -4.37 89.94
N LEU M 413 -57.35 -3.86 91.01
CA LEU M 413 -56.65 -2.57 90.97
C LEU M 413 -55.33 -2.77 90.26
N LEU M 414 -55.28 -2.36 88.99
CA LEU M 414 -54.09 -2.60 88.20
C LEU M 414 -52.94 -1.68 88.61
N ALA M 415 -53.21 -0.37 88.69
CA ALA M 415 -52.20 0.59 89.08
C ALA M 415 -52.87 1.82 89.65
N ARG M 416 -52.35 2.31 90.77
CA ARG M 416 -52.91 3.48 91.41
C ARG M 416 -51.78 4.25 92.07
N ASP M 417 -51.95 5.57 92.17
CA ASP M 417 -51.02 6.42 92.91
C ASP M 417 -51.50 6.49 94.35
N CYS M 418 -51.10 5.52 95.17
CA CYS M 418 -51.55 5.51 96.56
C CYS M 418 -50.98 6.66 97.38
N GLN M 419 -50.02 7.41 96.85
CA GLN M 419 -49.43 8.50 97.61
C GLN M 419 -50.20 9.81 97.44
N ASP M 420 -50.51 10.18 96.20
CA ASP M 420 -51.22 11.43 95.93
C ASP M 420 -52.56 11.23 95.24
N HIS M 421 -52.93 10.01 94.88
CA HIS M 421 -54.21 9.71 94.22
C HIS M 421 -54.38 10.50 92.93
N SER M 422 -53.29 10.67 92.20
CA SER M 422 -53.35 11.35 90.91
C SER M 422 -54.22 10.60 89.91
N PHE M 423 -54.26 9.28 90.00
CA PHE M 423 -55.00 8.44 89.06
C PHE M 423 -55.28 7.10 89.71
N SER M 424 -56.12 6.31 89.06
CA SER M 424 -56.47 4.97 89.56
C SER M 424 -56.99 4.15 88.40
N ILE M 425 -56.29 3.06 88.06
CA ILE M 425 -56.63 2.22 86.92
C ILE M 425 -57.13 0.88 87.42
N VAL M 426 -58.28 0.45 86.91
CA VAL M 426 -58.90 -0.82 87.29
C VAL M 426 -59.21 -1.62 86.03
N ILE M 427 -58.98 -2.92 86.08
CA ILE M 427 -59.24 -3.80 84.95
C ILE M 427 -60.33 -4.79 85.32
N GLU M 428 -61.22 -5.06 84.38
CA GLU M 428 -62.28 -6.06 84.56
C GLU M 428 -61.91 -7.29 83.76
N THR M 429 -61.69 -8.40 84.46
CA THR M 429 -61.27 -9.64 83.84
C THR M 429 -62.44 -10.62 83.77
N VAL M 430 -62.55 -11.30 82.63
CA VAL M 430 -63.56 -12.32 82.41
C VAL M 430 -62.89 -13.53 81.81
N GLN M 431 -63.52 -14.68 81.98
CA GLN M 431 -63.09 -15.86 81.24
C GLN M 431 -63.30 -15.60 79.76
N CYS M 432 -62.28 -15.83 78.96
CA CYS M 432 -62.30 -15.44 77.56
C CYS M 432 -62.37 -16.63 76.62
N ALA M 433 -62.68 -17.81 77.14
CA ALA M 433 -62.89 -19.01 76.33
C ALA M 433 -63.50 -20.07 77.23
N ASP M 434 -63.67 -21.27 76.67
CA ASP M 434 -64.24 -22.37 77.45
C ASP M 434 -63.30 -22.81 78.57
N ASP M 435 -62.00 -22.77 78.33
CA ASP M 435 -61.03 -23.26 79.30
C ASP M 435 -61.04 -22.42 80.56
N ARG M 436 -60.85 -23.07 81.70
CA ARG M 436 -60.71 -22.34 82.94
C ARG M 436 -59.47 -21.45 82.94
N ASP M 437 -58.47 -21.81 82.15
CA ASP M 437 -57.22 -21.04 82.12
C ASP M 437 -57.28 -19.81 81.24
N ALA M 438 -58.34 -19.65 80.45
CA ALA M 438 -58.45 -18.52 79.52
C ALA M 438 -59.22 -17.41 80.20
N VAL M 439 -58.49 -16.49 80.84
CA VAL M 439 -59.07 -15.31 81.47
C VAL M 439 -58.32 -14.10 80.94
N CYS M 440 -59.04 -13.15 80.37
CA CYS M 440 -58.40 -11.96 79.82
C CYS M 440 -59.24 -10.74 80.15
N THR M 441 -58.60 -9.56 80.09
CA THR M 441 -59.25 -8.32 80.48
C THR M 441 -60.29 -7.90 79.45
N ARG M 442 -61.49 -7.59 79.94
CA ARG M 442 -62.56 -7.16 79.04
C ARG M 442 -62.58 -5.64 78.87
N SER M 443 -62.49 -4.90 79.98
CA SER M 443 -62.58 -3.45 79.94
C SER M 443 -61.65 -2.86 80.98
N VAL M 444 -61.31 -1.59 80.80
CA VAL M 444 -60.43 -0.86 81.69
C VAL M 444 -61.15 0.38 82.19
N THR M 445 -60.91 0.74 83.44
CA THR M 445 -61.53 1.90 84.06
C THR M 445 -60.45 2.76 84.69
N VAL M 446 -60.53 4.07 84.48
CA VAL M 446 -59.53 5.02 84.93
C VAL M 446 -60.21 6.17 85.64
N ARG M 447 -59.88 6.37 86.91
CA ARG M 447 -60.33 7.55 87.64
C ARG M 447 -59.25 8.62 87.60
N LEU M 448 -59.68 9.86 87.45
CA LEU M 448 -58.78 11.00 87.35
C LEU M 448 -59.29 12.06 88.33
N PRO M 449 -59.01 11.90 89.62
CA PRO M 449 -59.60 12.81 90.62
C PRO M 449 -59.33 14.29 90.34
N GLY M 450 -58.16 14.62 89.81
CA GLY M 450 -57.84 16.01 89.52
C GLY M 450 -58.68 16.59 88.41
N LEU M 451 -59.20 15.75 87.52
CA LEU M 451 -60.11 16.15 86.46
C LEU M 451 -61.57 15.96 86.90
N HIS M 452 -61.90 16.66 87.98
CA HIS M 452 -63.23 16.67 88.60
C HIS M 452 -63.81 15.26 88.81
N ASN M 453 -62.93 14.33 89.20
CA ASN M 453 -63.25 12.93 89.43
C ASN M 453 -63.85 12.24 88.20
N SER M 454 -63.32 12.57 87.03
CA SER M 454 -63.72 11.89 85.79
C SER M 454 -63.45 10.39 85.86
N LEU M 455 -64.38 9.62 85.29
CA LEU M 455 -64.31 8.14 85.25
C LEU M 455 -64.33 7.67 83.81
N VAL M 456 -63.16 7.56 83.18
CA VAL M 456 -63.07 7.01 81.83
C VAL M 456 -63.17 5.50 81.88
N LYS M 457 -63.90 4.91 80.94
CA LYS M 457 -63.96 3.47 80.77
C LYS M 457 -63.54 3.11 79.36
N LEU M 458 -62.43 2.39 79.22
CA LEU M 458 -62.02 1.86 77.93
C LEU M 458 -62.65 0.49 77.73
N LYS M 459 -63.49 0.37 76.71
CA LYS M 459 -64.35 -0.78 76.51
C LYS M 459 -63.76 -1.76 75.51
N HIS M 460 -64.31 -2.96 75.50
CA HIS M 460 -63.97 -3.95 74.50
C HIS M 460 -64.35 -3.44 73.12
N GLY M 461 -63.53 -3.74 72.13
CA GLY M 461 -63.71 -3.16 70.82
C GLY M 461 -63.11 -1.78 70.63
N ALA M 462 -62.39 -1.27 71.63
CA ALA M 462 -61.67 -0.01 71.60
C ALA M 462 -62.59 1.20 71.68
N GLY M 463 -63.80 1.03 72.16
CA GLY M 463 -64.64 2.18 72.47
C GLY M 463 -64.24 2.81 73.79
N VAL M 464 -64.72 4.03 74.00
CA VAL M 464 -64.45 4.78 75.21
C VAL M 464 -65.75 5.38 75.72
N ALA M 465 -65.95 5.37 77.02
CA ALA M 465 -67.00 6.14 77.67
C ALA M 465 -66.39 7.02 78.75
N MET M 466 -67.05 8.12 79.04
CA MET M 466 -66.62 9.02 80.09
C MET M 466 -67.82 9.42 80.94
N ASP M 467 -67.73 9.16 82.25
CA ASP M 467 -68.86 9.32 83.17
C ASP M 467 -70.13 8.66 82.63
N GLY M 468 -69.96 7.54 81.95
CA GLY M 468 -71.05 6.80 81.35
C GLY M 468 -71.50 7.27 80.00
N GLN M 469 -71.10 8.47 79.58
CA GLN M 469 -71.39 8.95 78.23
C GLN M 469 -70.40 8.32 77.26
N ASP M 470 -70.90 7.62 76.25
CA ASP M 470 -70.03 7.21 75.16
C ASP M 470 -69.55 8.43 74.40
N VAL M 471 -68.25 8.50 74.15
CA VAL M 471 -67.62 9.70 73.62
C VAL M 471 -66.95 9.40 72.30
N GLN M 472 -66.83 10.43 71.48
CA GLN M 472 -66.32 10.37 70.12
C GLN M 472 -64.91 10.94 70.11
N LEU M 473 -63.98 10.25 69.45
CA LEU M 473 -62.56 10.51 69.55
C LEU M 473 -62.03 11.20 68.29
N PRO M 474 -60.96 12.00 68.40
CA PRO M 474 -60.18 12.35 69.60
C PRO M 474 -60.88 13.25 70.59
N LEU M 475 -60.57 13.06 71.87
CA LEU M 475 -61.11 13.86 72.95
C LEU M 475 -59.99 14.65 73.59
N LEU M 476 -60.12 15.97 73.59
CA LEU M 476 -59.23 16.88 74.30
C LEU M 476 -60.02 17.56 75.41
N LYS M 477 -59.61 17.36 76.65
CA LYS M 477 -60.40 17.87 77.77
C LYS M 477 -59.44 18.16 78.94
N GLY M 478 -58.95 19.38 78.99
CA GLY M 478 -57.92 19.72 79.96
C GLY M 478 -56.65 18.96 79.67
N ASP M 479 -56.06 18.40 80.74
CA ASP M 479 -54.87 17.56 80.61
C ASP M 479 -55.16 16.23 79.93
N LEU M 480 -56.39 15.74 79.99
CA LEU M 480 -56.75 14.46 79.39
C LEU M 480 -56.83 14.54 77.87
N ARG M 481 -56.19 13.59 77.21
CA ARG M 481 -56.20 13.47 75.76
C ARG M 481 -56.41 12.00 75.42
N ILE M 482 -57.33 11.71 74.51
CA ILE M 482 -57.62 10.36 74.07
C ILE M 482 -57.74 10.34 72.56
N GLN M 483 -57.08 9.41 71.90
CA GLN M 483 -57.10 9.38 70.45
C GLN M 483 -56.78 7.99 69.94
N HIS M 484 -57.24 7.70 68.72
CA HIS M 484 -56.96 6.42 68.08
C HIS M 484 -55.54 6.39 67.56
N THR M 485 -54.82 5.32 67.87
CA THR M 485 -53.51 5.06 67.29
C THR M 485 -53.68 4.53 65.86
N VAL M 486 -52.59 4.53 65.11
CA VAL M 486 -52.60 3.96 63.76
C VAL M 486 -53.04 2.50 63.78
N THR M 487 -52.77 1.79 64.87
CA THR M 487 -53.21 0.42 65.04
C THR M 487 -54.68 0.28 65.40
N ALA M 488 -55.43 1.38 65.43
CA ALA M 488 -56.80 1.48 65.91
C ALA M 488 -56.90 1.35 67.42
N SER M 489 -55.78 1.24 68.12
CA SER M 489 -55.78 1.17 69.57
C SER M 489 -55.99 2.55 70.16
N VAL M 490 -56.78 2.61 71.22
CA VAL M 490 -57.04 3.88 71.90
C VAL M 490 -55.84 4.22 72.78
N ARG M 491 -55.28 5.40 72.58
CA ARG M 491 -54.18 5.92 73.38
C ARG M 491 -54.69 7.06 74.26
N LEU M 492 -54.52 6.91 75.57
CA LEU M 492 -54.93 7.91 76.54
C LEU M 492 -53.69 8.54 77.16
N SER M 493 -53.75 9.84 77.38
CA SER M 493 -52.68 10.58 78.02
C SER M 493 -53.29 11.54 79.03
N TYR M 494 -52.61 11.74 80.16
CA TYR M 494 -53.10 12.65 81.18
C TYR M 494 -51.92 13.41 81.75
N GLY M 495 -51.75 14.65 81.32
CA GLY M 495 -50.51 15.36 81.50
C GLY M 495 -49.39 14.76 80.67
N GLU M 496 -48.18 14.84 81.20
CA GLU M 496 -47.02 14.14 80.66
C GLU M 496 -46.75 12.81 81.35
N ASP M 497 -47.17 12.68 82.61
CA ASP M 497 -46.69 11.64 83.51
C ASP M 497 -47.47 10.33 83.43
N LEU M 498 -48.64 10.30 82.81
CA LEU M 498 -49.41 9.07 82.65
C LEU M 498 -49.83 8.88 81.21
N GLN M 499 -49.68 7.66 80.72
CA GLN M 499 -50.16 7.30 79.40
C GLN M 499 -50.61 5.85 79.41
N MET M 500 -51.57 5.54 78.54
CA MET M 500 -52.13 4.20 78.40
C MET M 500 -52.37 3.92 76.93
N ASP M 501 -52.37 2.65 76.57
CA ASP M 501 -52.60 2.25 75.19
C ASP M 501 -53.40 0.96 75.19
N TRP M 502 -54.65 1.03 74.73
CA TRP M 502 -55.64 -0.04 74.88
C TRP M 502 -56.04 -0.51 73.49
N ASP M 503 -55.80 -1.77 73.20
CA ASP M 503 -56.09 -2.29 71.87
C ASP M 503 -57.52 -2.76 71.69
N GLY M 504 -58.29 -2.87 72.77
CA GLY M 504 -59.65 -3.29 72.70
C GLY M 504 -59.89 -4.78 72.73
N ARG M 505 -58.85 -5.59 72.48
CA ARG M 505 -58.99 -7.03 72.53
C ARG M 505 -58.53 -7.61 73.85
N GLY M 506 -57.83 -6.84 74.66
CA GLY M 506 -57.38 -7.32 75.95
C GLY M 506 -55.99 -6.91 76.33
N ARG M 507 -55.28 -6.26 75.42
CA ARG M 507 -53.92 -5.78 75.70
C ARG M 507 -53.96 -4.35 76.20
N LEU M 508 -53.33 -4.11 77.34
CA LEU M 508 -53.23 -2.78 77.92
C LEU M 508 -51.79 -2.52 78.31
N LEU M 509 -51.24 -1.39 77.86
CA LEU M 509 -49.91 -0.95 78.23
C LEU M 509 -50.00 0.40 78.93
N VAL M 510 -49.54 0.46 80.18
CA VAL M 510 -49.55 1.68 80.98
C VAL M 510 -48.13 2.18 81.15
N LYS M 511 -47.87 3.40 80.71
CA LYS M 511 -46.55 4.00 80.82
C LYS M 511 -46.59 5.18 81.79
N LEU M 512 -45.82 5.09 82.86
CA LEU M 512 -45.66 6.17 83.83
C LEU M 512 -44.28 6.79 83.71
N SER M 513 -44.23 8.13 83.77
CA SER M 513 -42.95 8.81 83.86
C SER M 513 -42.33 8.59 85.24
N PRO M 514 -41.04 8.89 85.40
CA PRO M 514 -40.38 8.71 86.70
C PRO M 514 -41.02 9.47 87.86
N VAL M 515 -41.90 10.42 87.58
CA VAL M 515 -42.55 11.18 88.64
C VAL M 515 -43.32 10.29 89.60
N TYR M 516 -43.84 9.16 89.12
CA TYR M 516 -44.60 8.23 89.93
C TYR M 516 -43.78 7.11 90.55
N ALA M 517 -42.46 7.10 90.38
CA ALA M 517 -41.64 6.04 90.93
C ALA M 517 -41.82 5.96 92.44
N GLY M 518 -42.06 4.75 92.94
CA GLY M 518 -42.29 4.53 94.34
C GLY M 518 -43.66 4.91 94.85
N LYS M 519 -44.39 5.74 94.11
CA LYS M 519 -45.71 6.18 94.53
C LYS M 519 -46.82 5.21 94.14
N THR M 520 -46.54 4.22 93.31
CA THR M 520 -47.56 3.41 92.67
C THR M 520 -47.93 2.22 93.57
N CYS M 521 -49.07 1.62 93.26
CA CYS M 521 -49.61 0.50 94.02
C CYS M 521 -50.59 -0.25 93.14
N GLY M 522 -50.81 -1.51 93.45
CA GLY M 522 -51.68 -2.37 92.67
C GLY M 522 -50.93 -3.54 92.08
N LEU M 523 -51.62 -4.25 91.18
CA LEU M 523 -51.01 -5.41 90.53
C LEU M 523 -49.71 -5.05 89.82
N CYS M 524 -49.61 -3.83 89.30
CA CYS M 524 -48.40 -3.43 88.58
C CYS M 524 -47.21 -3.20 89.51
N GLY M 525 -47.40 -3.26 90.82
CA GLY M 525 -46.31 -3.07 91.74
C GLY M 525 -46.10 -1.62 92.11
N ASN M 526 -45.08 -1.40 92.94
CA ASN M 526 -44.79 -0.08 93.47
C ASN M 526 -43.83 0.73 92.62
N TYR M 527 -43.38 0.21 91.49
CA TYR M 527 -42.56 0.96 90.53
C TYR M 527 -41.36 1.59 91.23
N ASN M 528 -40.49 0.74 91.75
CA ASN M 528 -39.28 1.19 92.44
C ASN M 528 -38.03 0.45 91.96
N GLY M 529 -38.06 -0.10 90.76
CA GLY M 529 -36.87 -0.72 90.19
C GLY M 529 -36.49 -2.04 90.80
N ASN M 530 -37.39 -2.69 91.54
CA ASN M 530 -37.09 -3.94 92.22
C ASN M 530 -38.22 -4.93 91.96
N GLN M 531 -37.85 -6.11 91.43
CA GLN M 531 -38.84 -7.17 91.24
C GLN M 531 -39.24 -7.81 92.56
N GLY M 532 -38.37 -7.74 93.56
CA GLY M 532 -38.55 -8.54 94.77
C GLY M 532 -39.82 -8.24 95.52
N ASP M 533 -40.25 -6.99 95.54
CA ASP M 533 -41.38 -6.58 96.36
C ASP M 533 -42.64 -6.30 95.53
N ASP M 534 -42.68 -6.77 94.29
CA ASP M 534 -43.84 -6.48 93.45
C ASP M 534 -45.08 -7.26 93.87
N PHE M 535 -44.92 -8.36 94.59
CA PHE M 535 -46.07 -9.05 95.16
C PHE M 535 -46.51 -8.47 96.49
N LEU M 536 -46.18 -7.22 96.77
CA LEU M 536 -46.72 -6.53 97.94
C LEU M 536 -48.24 -6.47 97.85
N THR M 537 -48.87 -6.35 99.01
CA THR M 537 -50.32 -6.33 99.13
C THR M 537 -50.70 -5.19 100.05
N PRO M 538 -51.96 -4.73 100.01
CA PRO M 538 -52.36 -3.66 100.92
C PRO M 538 -52.15 -3.99 102.39
N SER M 539 -51.99 -5.26 102.73
CA SER M 539 -51.65 -5.64 104.09
C SER M 539 -50.25 -5.20 104.48
N GLY M 540 -49.42 -4.80 103.52
CA GLY M 540 -48.07 -4.37 103.79
C GLY M 540 -47.01 -5.45 103.67
N LEU M 541 -47.39 -6.69 103.44
CA LEU M 541 -46.45 -7.79 103.30
C LEU M 541 -46.50 -8.34 101.88
N ALA M 542 -45.39 -8.96 101.48
CA ALA M 542 -45.26 -9.52 100.14
C ALA M 542 -45.69 -10.97 100.15
N GLU M 543 -46.68 -11.30 99.35
CA GLU M 543 -47.17 -12.67 99.25
C GLU M 543 -46.23 -13.49 98.38
N PRO M 544 -45.76 -14.65 98.85
CA PRO M 544 -44.91 -15.49 98.01
C PRO M 544 -45.64 -16.14 96.85
N ARG M 545 -46.97 -16.15 96.86
CA ARG M 545 -47.78 -16.81 95.85
C ARG M 545 -48.51 -15.77 95.02
N VAL M 546 -48.52 -15.95 93.70
CA VAL M 546 -49.21 -15.01 92.82
C VAL M 546 -50.69 -15.01 93.11
N GLU M 547 -51.26 -16.16 93.46
CA GLU M 547 -52.70 -16.25 93.70
C GLU M 547 -53.13 -15.36 94.86
N ASP M 548 -52.47 -15.48 96.00
CA ASP M 548 -52.81 -14.63 97.14
C ASP M 548 -52.57 -13.16 96.85
N PHE M 549 -51.43 -12.85 96.22
CA PHE M 549 -51.13 -11.48 95.84
C PHE M 549 -52.26 -10.87 95.02
N GLY M 550 -52.66 -11.55 93.95
CA GLY M 550 -53.71 -11.02 93.10
C GLY M 550 -55.05 -10.94 93.81
N ASN M 551 -55.36 -11.94 94.63
CA ASN M 551 -56.62 -11.91 95.37
C ASN M 551 -56.66 -10.73 96.33
N ALA M 552 -55.50 -10.28 96.80
CA ALA M 552 -55.48 -9.15 97.71
C ALA M 552 -55.92 -7.85 97.06
N TRP M 553 -55.81 -7.73 95.74
CA TRP M 553 -56.15 -6.51 95.01
C TRP M 553 -57.51 -6.55 94.35
N LYS M 554 -58.32 -7.56 94.63
CA LYS M 554 -59.65 -7.63 94.03
C LYS M 554 -60.60 -6.67 94.74
N LEU M 555 -61.43 -6.00 93.95
CA LEU M 555 -62.26 -4.92 94.48
C LEU M 555 -63.54 -5.42 95.14
N HIS M 556 -64.08 -6.54 94.70
CA HIS M 556 -65.41 -6.98 95.09
C HIS M 556 -65.30 -8.26 95.91
N GLY M 557 -65.96 -8.27 97.07
CA GLY M 557 -65.80 -9.38 97.99
C GLY M 557 -66.44 -10.68 97.54
N ASP M 558 -67.47 -10.59 96.68
CA ASP M 558 -68.15 -11.78 96.21
C ASP M 558 -67.40 -12.50 95.12
N CYS M 559 -66.32 -11.92 94.60
CA CYS M 559 -65.52 -12.59 93.59
C CYS M 559 -64.85 -13.83 94.15
N GLN M 560 -64.64 -14.81 93.28
CA GLN M 560 -63.94 -16.02 93.68
C GLN M 560 -62.47 -15.73 93.96
N ASP M 561 -61.99 -16.18 95.12
CA ASP M 561 -60.58 -16.12 95.42
C ASP M 561 -59.86 -17.22 94.66
N LEU M 562 -58.89 -16.85 93.84
CA LEU M 562 -58.21 -17.82 92.99
C LEU M 562 -57.43 -18.79 93.85
N GLN M 563 -57.73 -20.08 93.72
CA GLN M 563 -57.10 -21.09 94.57
C GLN M 563 -55.73 -21.50 94.04
N LYS M 564 -55.66 -21.86 92.75
CA LYS M 564 -54.39 -22.23 92.16
C LYS M 564 -54.30 -21.67 90.76
N GLN M 565 -53.14 -21.13 90.41
CA GLN M 565 -52.88 -20.62 89.07
C GLN M 565 -52.24 -21.74 88.27
N HIS M 566 -53.07 -22.49 87.55
CA HIS M 566 -52.57 -23.64 86.79
C HIS M 566 -51.78 -23.17 85.58
N SER M 567 -50.50 -23.52 85.54
CA SER M 567 -49.72 -23.32 84.33
C SER M 567 -50.00 -24.47 83.35
N ASP M 568 -49.49 -24.31 82.14
CA ASP M 568 -49.62 -25.34 81.10
C ASP M 568 -51.06 -25.74 80.88
N PRO M 569 -51.89 -24.88 80.29
CA PRO M 569 -53.26 -25.29 79.93
C PRO M 569 -53.30 -26.36 78.87
N CYS M 570 -52.18 -26.65 78.22
CA CYS M 570 -52.16 -27.66 77.17
C CYS M 570 -52.60 -29.03 77.67
N ALA M 571 -52.50 -29.29 78.98
CA ALA M 571 -52.93 -30.56 79.51
C ALA M 571 -54.41 -30.78 79.29
N LEU M 572 -55.21 -29.72 79.38
CA LEU M 572 -56.65 -29.85 79.21
C LEU M 572 -57.02 -30.04 77.75
N ASN M 573 -56.20 -29.54 76.83
CA ASN M 573 -56.42 -29.70 75.40
C ASN M 573 -55.15 -30.25 74.78
N PRO M 574 -54.91 -31.55 74.89
CA PRO M 574 -53.68 -32.12 74.33
C PRO M 574 -53.54 -31.93 72.83
N ARG M 575 -54.65 -31.78 72.10
CA ARG M 575 -54.56 -31.62 70.67
C ARG M 575 -53.71 -30.43 70.27
N MET M 576 -53.70 -29.39 71.09
CA MET M 576 -53.04 -28.13 70.75
C MET M 576 -51.58 -28.08 71.18
N THR M 577 -51.07 -29.10 71.86
CA THR M 577 -49.71 -29.02 72.39
C THR M 577 -48.67 -28.98 71.28
N ARG M 578 -48.82 -29.80 70.25
CA ARG M 578 -47.86 -29.82 69.15
C ARG M 578 -47.81 -28.46 68.46
N PHE M 579 -48.98 -27.92 68.13
CA PHE M 579 -49.03 -26.60 67.50
C PHE M 579 -48.44 -25.54 68.40
N SER M 580 -48.76 -25.59 69.69
CA SER M 580 -48.23 -24.60 70.62
C SER M 580 -46.71 -24.60 70.58
N GLU M 581 -46.11 -25.77 70.75
CA GLU M 581 -44.65 -25.84 70.74
C GLU M 581 -44.09 -25.35 69.41
N GLU M 582 -44.55 -25.95 68.30
CA GLU M 582 -43.92 -25.71 67.02
C GLU M 582 -44.19 -24.30 66.49
N ALA M 583 -45.22 -23.62 66.98
CA ALA M 583 -45.52 -22.27 66.52
C ALA M 583 -44.85 -21.23 67.40
N CYS M 584 -45.01 -21.35 68.72
CA CYS M 584 -44.39 -20.39 69.61
C CYS M 584 -42.88 -20.53 69.67
N ALA M 585 -42.31 -21.60 69.11
CA ALA M 585 -40.86 -21.72 69.06
C ALA M 585 -40.23 -20.64 68.20
N VAL M 586 -41.01 -19.97 67.34
CA VAL M 586 -40.43 -18.96 66.46
C VAL M 586 -39.82 -17.82 67.25
N LEU M 587 -40.30 -17.58 68.47
CA LEU M 587 -39.73 -16.51 69.29
C LEU M 587 -38.24 -16.71 69.55
N THR M 588 -37.75 -17.96 69.50
CA THR M 588 -36.33 -18.25 69.67
C THR M 588 -35.62 -18.49 68.34
N SER M 589 -36.31 -18.37 67.23
CA SER M 589 -35.72 -18.63 65.93
C SER M 589 -34.82 -17.46 65.53
N PRO M 590 -33.96 -17.63 64.53
CA PRO M 590 -33.15 -16.50 64.05
C PRO M 590 -33.98 -15.30 63.64
N THR M 591 -35.29 -15.47 63.42
CA THR M 591 -36.16 -14.33 63.14
C THR M 591 -36.09 -13.30 64.26
N PHE M 592 -35.89 -13.75 65.49
CA PHE M 592 -35.85 -12.87 66.65
C PHE M 592 -34.49 -12.83 67.33
N GLU M 593 -33.48 -13.50 66.78
CA GLU M 593 -32.16 -13.48 67.40
C GLU M 593 -31.60 -12.07 67.49
N ALA M 594 -32.04 -11.17 66.61
CA ALA M 594 -31.61 -9.79 66.71
C ALA M 594 -32.11 -9.13 67.98
N CYS M 595 -33.12 -9.70 68.62
CA CYS M 595 -33.73 -9.11 69.80
C CYS M 595 -33.38 -9.82 71.10
N HIS M 596 -32.92 -11.08 71.03
CA HIS M 596 -32.68 -11.84 72.25
C HIS M 596 -31.73 -11.11 73.19
N ARG M 597 -30.78 -10.37 72.63
CA ARG M 597 -29.87 -9.59 73.47
C ARG M 597 -30.62 -8.48 74.19
N ALA M 598 -31.54 -7.81 73.50
CA ALA M 598 -32.24 -6.67 74.08
C ALA M 598 -33.30 -7.10 75.10
N VAL M 599 -34.12 -8.09 74.75
CA VAL M 599 -35.21 -8.53 75.60
C VAL M 599 -35.14 -10.05 75.73
N SER M 600 -35.27 -10.54 76.95
CA SER M 600 -35.25 -11.97 77.17
C SER M 600 -36.52 -12.59 76.60
N PRO M 601 -36.41 -13.59 75.72
CA PRO M 601 -37.61 -14.16 75.10
C PRO M 601 -38.33 -15.17 75.95
N LEU M 602 -37.77 -15.57 77.10
CA LEU M 602 -38.36 -16.67 77.86
C LEU M 602 -39.74 -16.35 78.40
N PRO M 603 -39.98 -15.21 79.06
CA PRO M 603 -41.34 -14.92 79.53
C PRO M 603 -42.34 -14.85 78.41
N TYR M 604 -41.96 -14.26 77.28
CA TYR M 604 -42.87 -14.17 76.16
C TYR M 604 -43.13 -15.52 75.55
N LEU M 605 -42.15 -16.43 75.57
CA LEU M 605 -42.37 -17.79 75.12
C LEU M 605 -43.36 -18.53 76.00
N ARG M 606 -43.19 -18.41 77.32
CA ARG M 606 -44.14 -19.02 78.24
C ARG M 606 -45.54 -18.49 77.99
N ASN M 607 -45.66 -17.17 77.85
CA ASN M 607 -46.97 -16.56 77.61
C ASN M 607 -47.55 -17.01 76.28
N CYS M 608 -46.71 -17.11 75.25
CA CYS M 608 -47.18 -17.56 73.94
C CYS M 608 -47.76 -18.96 74.01
N ARG M 609 -47.03 -19.89 74.64
CA ARG M 609 -47.54 -21.26 74.69
C ARG M 609 -48.81 -21.34 75.52
N TYR M 610 -48.85 -20.64 76.67
CA TYR M 610 -50.06 -20.60 77.46
C TYR M 610 -51.24 -20.10 76.63
N ASP M 611 -51.05 -18.98 75.93
CA ASP M 611 -52.13 -18.38 75.17
C ASP M 611 -52.61 -19.31 74.07
N VAL M 612 -51.68 -19.86 73.28
CA VAL M 612 -52.07 -20.71 72.17
C VAL M 612 -52.82 -21.93 72.67
N CYS M 613 -52.41 -22.47 73.82
CA CYS M 613 -53.11 -23.65 74.33
C CYS M 613 -54.45 -23.32 74.95
N SER M 614 -54.64 -22.11 75.49
CA SER M 614 -55.87 -21.81 76.22
C SER M 614 -56.87 -20.97 75.45
N CYS M 615 -56.49 -20.35 74.35
CA CYS M 615 -57.35 -19.36 73.71
C CYS M 615 -58.46 -20.02 72.90
N SER M 616 -59.48 -19.22 72.61
CA SER M 616 -60.55 -19.67 71.72
C SER M 616 -60.02 -19.94 70.33
N ASP M 617 -59.18 -19.05 69.80
CA ASP M 617 -58.54 -19.23 68.51
C ASP M 617 -57.04 -19.16 68.71
N GLY M 618 -56.35 -20.25 68.39
CA GLY M 618 -54.92 -20.29 68.62
C GLY M 618 -54.13 -19.41 67.67
N ARG M 619 -54.66 -19.17 66.47
CA ARG M 619 -53.96 -18.33 65.52
C ARG M 619 -53.94 -16.88 65.98
N GLU M 620 -55.09 -16.37 66.41
CA GLU M 620 -55.17 -14.99 66.88
C GLU M 620 -54.25 -14.77 68.08
N CYS M 621 -54.25 -15.70 69.02
CA CYS M 621 -53.40 -15.54 70.20
C CYS M 621 -51.93 -15.75 69.88
N LEU M 622 -51.63 -16.61 68.92
CA LEU M 622 -50.26 -16.72 68.43
C LEU M 622 -49.77 -15.37 67.92
N CYS M 623 -50.57 -14.73 67.07
CA CYS M 623 -50.22 -13.40 66.58
C CYS M 623 -50.10 -12.41 67.71
N GLY M 624 -51.01 -12.49 68.68
CA GLY M 624 -50.94 -11.58 69.81
C GLY M 624 -49.64 -11.70 70.58
N ALA M 625 -49.23 -12.93 70.89
CA ALA M 625 -48.00 -13.14 71.65
C ALA M 625 -46.77 -12.72 70.85
N LEU M 626 -46.71 -13.09 69.57
CA LEU M 626 -45.58 -12.69 68.76
C LEU M 626 -45.51 -11.17 68.65
N ALA M 627 -46.65 -10.51 68.48
CA ALA M 627 -46.67 -9.06 68.43
C ALA M 627 -46.26 -8.45 69.75
N SER M 628 -46.60 -9.09 70.86
CA SER M 628 -46.18 -8.60 72.16
C SER M 628 -44.65 -8.60 72.27
N TYR M 629 -44.03 -9.72 71.89
CA TYR M 629 -42.57 -9.76 71.95
C TYR M 629 -41.95 -8.76 70.99
N ALA M 630 -42.51 -8.64 69.78
CA ALA M 630 -41.99 -7.67 68.83
C ALA M 630 -42.14 -6.24 69.34
N ALA M 631 -43.23 -5.97 70.05
CA ALA M 631 -43.43 -4.66 70.65
C ALA M 631 -42.42 -4.38 71.73
N ALA M 632 -42.10 -5.38 72.54
CA ALA M 632 -41.02 -5.21 73.52
C ALA M 632 -39.70 -4.90 72.84
N CYS M 633 -39.38 -5.64 71.78
CA CYS M 633 -38.16 -5.38 71.03
C CYS M 633 -38.13 -3.95 70.49
N ALA M 634 -39.24 -3.50 69.91
CA ALA M 634 -39.31 -2.14 69.41
C ALA M 634 -39.14 -1.13 70.54
N GLY M 635 -39.69 -1.43 71.72
CA GLY M 635 -39.46 -0.57 72.86
C GLY M 635 -38.00 -0.45 73.21
N ARG M 636 -37.26 -1.54 73.07
CA ARG M 636 -35.80 -1.50 73.18
C ARG M 636 -35.12 -1.05 71.90
N GLY M 637 -35.85 -0.50 70.95
CA GLY M 637 -35.26 0.05 69.75
C GLY M 637 -34.88 -0.94 68.68
N VAL M 638 -35.25 -2.21 68.83
CA VAL M 638 -34.95 -3.24 67.84
C VAL M 638 -36.23 -3.57 67.10
N ARG M 639 -36.21 -3.45 65.78
CA ARG M 639 -37.36 -3.75 64.94
C ARG M 639 -37.12 -5.03 64.17
N VAL M 640 -38.07 -5.95 64.24
CA VAL M 640 -37.96 -7.27 63.62
C VAL M 640 -39.07 -7.43 62.60
N ALA M 641 -38.70 -7.82 61.39
CA ALA M 641 -39.66 -8.09 60.32
C ALA M 641 -40.20 -9.50 60.47
N TRP M 642 -41.07 -9.68 61.46
CA TRP M 642 -41.50 -11.02 61.84
C TRP M 642 -42.77 -11.47 61.12
N ARG M 643 -43.61 -10.55 60.66
CA ARG M 643 -44.83 -10.96 59.97
C ARG M 643 -44.50 -11.50 58.59
N GLU M 644 -45.25 -12.53 58.18
CA GLU M 644 -45.05 -13.18 56.90
C GLU M 644 -46.38 -13.73 56.43
N PRO M 645 -46.49 -14.12 55.16
CA PRO M 645 -47.77 -14.66 54.67
C PRO M 645 -48.30 -15.82 55.50
N GLY M 646 -47.41 -16.66 55.99
CA GLY M 646 -47.84 -17.78 56.80
C GLY M 646 -48.20 -17.44 58.23
N ARG M 647 -47.99 -16.20 58.65
CA ARG M 647 -48.30 -15.83 60.03
C ARG M 647 -48.52 -14.33 60.16
N CYS M 648 -49.74 -13.94 60.50
CA CYS M 648 -50.01 -12.66 61.13
C CYS M 648 -49.67 -11.47 60.25
N GLU M 649 -50.15 -11.49 59.00
CA GLU M 649 -50.07 -10.30 58.18
C GLU M 649 -51.20 -9.34 58.50
N LEU M 650 -50.89 -8.04 58.51
CA LEU M 650 -51.92 -7.01 58.68
C LEU M 650 -52.56 -6.74 57.33
N ASN M 651 -53.82 -7.13 57.18
CA ASN M 651 -54.57 -6.85 55.95
C ASN M 651 -55.17 -5.45 56.07
N CYS M 652 -54.48 -4.48 55.50
CA CYS M 652 -54.84 -3.09 55.73
C CYS M 652 -56.14 -2.73 54.99
N PRO M 653 -56.96 -1.86 55.58
CA PRO M 653 -58.20 -1.46 54.90
C PRO M 653 -57.91 -0.73 53.60
N LYS M 654 -58.79 -0.96 52.62
CA LYS M 654 -58.84 -0.22 51.35
C LYS M 654 -57.44 -0.15 50.76
N GLY M 655 -56.99 1.02 50.32
CA GLY M 655 -55.70 1.18 49.69
C GLY M 655 -54.54 1.50 50.61
N GLN M 656 -54.75 1.48 51.92
CA GLN M 656 -53.68 1.75 52.85
C GLN M 656 -52.59 0.70 52.74
N VAL M 657 -51.36 1.09 53.01
CA VAL M 657 -50.19 0.23 52.84
C VAL M 657 -49.58 -0.04 54.21
N TYR M 658 -49.23 -1.30 54.47
CA TYR M 658 -48.58 -1.65 55.71
C TYR M 658 -47.15 -1.16 55.73
N LEU M 659 -46.77 -0.49 56.81
CA LEU M 659 -45.39 -0.07 57.04
C LEU M 659 -44.91 -0.62 58.37
N GLN M 660 -43.67 -1.11 58.38
CA GLN M 660 -43.06 -1.55 59.63
C GLN M 660 -42.63 -0.38 60.50
N CYS M 661 -42.31 0.75 59.91
CA CYS M 661 -41.89 1.95 60.65
C CYS M 661 -42.42 3.16 59.89
N GLY M 662 -43.59 3.64 60.32
CA GLY M 662 -44.21 4.81 59.73
C GLY M 662 -44.51 5.88 60.75
N THR M 663 -44.62 7.12 60.31
CA THR M 663 -44.80 8.21 61.24
C THR M 663 -46.27 8.56 61.39
N PRO M 664 -46.79 8.62 62.61
CA PRO M 664 -48.22 8.89 62.80
C PRO M 664 -48.58 10.37 62.77
N CYS M 665 -47.60 11.26 62.86
CA CYS M 665 -47.88 12.66 63.14
C CYS M 665 -48.71 13.32 62.04
N ASN M 666 -48.44 12.98 60.79
CA ASN M 666 -49.08 13.63 59.65
C ASN M 666 -49.89 12.66 58.80
N LEU M 667 -50.62 11.75 59.44
CA LEU M 667 -51.43 10.80 58.70
C LEU M 667 -52.85 11.31 58.46
N THR M 668 -53.51 11.77 59.51
CA THR M 668 -54.90 12.19 59.43
C THR M 668 -55.00 13.64 58.99
N CYS M 669 -56.16 13.98 58.43
CA CYS M 669 -56.38 15.34 57.94
C CYS M 669 -56.52 16.33 59.08
N ARG M 670 -56.87 15.86 60.29
CA ARG M 670 -56.82 16.74 61.45
C ARG M 670 -55.44 17.32 61.66
N SER M 671 -54.40 16.58 61.27
CA SER M 671 -53.04 17.14 61.31
C SER M 671 -52.93 18.36 60.42
N LEU M 672 -53.59 18.33 59.26
CA LEU M 672 -53.65 19.52 58.43
C LEU M 672 -54.43 20.63 59.11
N SER M 673 -55.54 20.28 59.74
CA SER M 673 -56.37 21.31 60.36
C SER M 673 -55.72 21.91 61.60
N TYR M 674 -54.81 21.18 62.24
CA TYR M 674 -54.10 21.67 63.43
C TYR M 674 -52.61 21.43 63.23
N PRO M 675 -51.97 22.21 62.35
CA PRO M 675 -50.54 21.99 62.07
C PRO M 675 -49.63 22.44 63.20
N ASP M 676 -50.07 23.36 64.05
CA ASP M 676 -49.25 23.88 65.11
C ASP M 676 -49.27 23.02 66.37
N GLU M 677 -50.08 21.97 66.41
CA GLU M 677 -50.04 21.03 67.52
C GLU M 677 -48.80 20.15 67.37
N GLU M 678 -47.86 20.31 68.30
CA GLU M 678 -46.57 19.66 68.16
C GLU M 678 -46.72 18.14 68.26
N CYS M 679 -45.95 17.43 67.44
CA CYS M 679 -45.95 15.98 67.42
C CYS M 679 -44.54 15.49 67.15
N ASN M 680 -43.99 14.72 68.08
CA ASN M 680 -42.63 14.21 67.96
C ASN M 680 -42.59 12.70 68.16
N GLU M 681 -43.71 12.02 67.94
CA GLU M 681 -43.81 10.60 68.28
C GLU M 681 -42.96 9.76 67.34
N ALA M 682 -42.34 8.72 67.90
CA ALA M 682 -41.53 7.80 67.12
C ALA M 682 -42.40 6.99 66.15
N CYS M 683 -41.75 6.39 65.17
CA CYS M 683 -42.49 5.62 64.18
C CYS M 683 -43.02 4.33 64.79
N LEU M 684 -44.00 3.74 64.12
CA LEU M 684 -44.61 2.50 64.58
C LEU M 684 -45.15 1.75 63.37
N GLU M 685 -45.32 0.44 63.54
CA GLU M 685 -45.90 -0.37 62.49
C GLU M 685 -47.41 -0.19 62.47
N GLY M 686 -47.99 -0.31 61.28
CA GLY M 686 -49.40 -0.17 61.12
C GLY M 686 -49.75 0.07 59.66
N CYS M 687 -50.98 0.50 59.44
CA CYS M 687 -51.48 0.79 58.11
C CYS M 687 -51.47 2.29 57.90
N PHE M 688 -50.77 2.74 56.85
CA PHE M 688 -50.63 4.15 56.54
C PHE M 688 -51.05 4.39 55.10
N CYS M 689 -51.47 5.61 54.84
CA CYS M 689 -51.76 5.98 53.46
C CYS M 689 -50.46 6.19 52.69
N PRO M 690 -50.48 6.00 51.37
CA PRO M 690 -49.29 6.25 50.56
C PRO M 690 -48.74 7.65 50.79
N PRO M 691 -47.49 7.91 50.41
CA PRO M 691 -46.82 9.14 50.86
C PRO M 691 -47.53 10.42 50.49
N GLY M 692 -48.23 10.46 49.36
CA GLY M 692 -48.85 11.68 48.91
C GLY M 692 -50.26 11.92 49.36
N LEU M 693 -50.82 11.06 50.21
CA LEU M 693 -52.22 11.12 50.57
C LEU M 693 -52.39 11.18 52.08
N TYR M 694 -53.39 11.93 52.52
CA TYR M 694 -53.80 11.96 53.91
C TYR M 694 -55.03 11.07 54.10
N MET M 695 -55.38 10.84 55.36
CA MET M 695 -56.45 9.91 55.71
C MET M 695 -57.59 10.68 56.36
N ASP M 696 -58.81 10.46 55.90
CA ASP M 696 -60.00 11.13 56.40
C ASP M 696 -60.70 10.28 57.45
N GLU M 697 -61.91 10.69 57.84
CA GLU M 697 -62.66 9.96 58.85
C GLU M 697 -63.06 8.58 58.37
N ARG M 698 -63.40 8.45 57.08
CA ARG M 698 -63.82 7.16 56.55
C ARG M 698 -62.67 6.18 56.42
N GLY M 699 -61.43 6.60 56.68
CA GLY M 699 -60.29 5.77 56.42
C GLY M 699 -59.79 5.79 55.00
N ASP M 700 -60.43 6.59 54.15
CA ASP M 700 -60.00 6.69 52.76
C ASP M 700 -58.81 7.63 52.65
N CYS M 701 -57.86 7.25 51.80
CA CYS M 701 -56.70 8.10 51.56
C CYS M 701 -57.04 9.15 50.51
N VAL M 702 -56.84 10.42 50.86
CA VAL M 702 -57.25 11.53 50.01
C VAL M 702 -56.08 12.50 49.88
N PRO M 703 -55.94 13.18 48.74
CA PRO M 703 -54.99 14.29 48.67
C PRO M 703 -55.41 15.42 49.60
N LYS M 704 -54.42 16.20 50.04
CA LYS M 704 -54.70 17.26 51.00
C LYS M 704 -55.74 18.24 50.48
N ALA M 705 -55.88 18.36 49.16
CA ALA M 705 -56.91 19.22 48.60
C ALA M 705 -58.31 18.73 48.92
N GLN M 706 -58.47 17.46 49.24
CA GLN M 706 -59.79 16.87 49.49
C GLN M 706 -60.09 16.67 50.97
N CYS M 707 -59.13 16.92 51.86
CA CYS M 707 -59.42 16.79 53.27
C CYS M 707 -60.46 17.83 53.71
N PRO M 708 -61.35 17.46 54.61
CA PRO M 708 -62.18 18.47 55.27
C PRO M 708 -61.40 19.24 56.30
N CYS M 709 -61.96 20.38 56.70
CA CYS M 709 -61.36 21.25 57.70
C CYS M 709 -62.14 21.14 59.00
N TYR M 710 -61.42 20.93 60.10
CA TYR M 710 -62.03 20.85 61.42
C TYR M 710 -61.87 22.20 62.11
N TYR M 711 -62.99 22.83 62.45
CA TYR M 711 -62.97 24.16 63.04
C TYR M 711 -63.99 24.19 64.16
N ASP M 712 -63.55 24.53 65.37
CA ASP M 712 -64.42 24.59 66.54
C ASP M 712 -65.17 23.27 66.75
N GLY M 713 -64.55 22.17 66.35
CA GLY M 713 -65.18 20.88 66.49
C GLY M 713 -66.21 20.56 65.42
N GLU M 714 -66.28 21.36 64.36
CA GLU M 714 -67.21 21.14 63.26
C GLU M 714 -66.42 20.81 62.02
N ILE M 715 -66.96 19.92 61.19
CA ILE M 715 -66.25 19.40 60.03
C ILE M 715 -66.77 20.12 58.80
N PHE M 716 -65.90 20.84 58.12
CA PHE M 716 -66.25 21.58 56.92
C PHE M 716 -65.61 20.93 55.70
N GLN M 717 -66.35 20.88 54.61
CA GLN M 717 -65.88 20.27 53.38
C GLN M 717 -64.92 21.21 52.65
N PRO M 718 -64.16 20.68 51.70
CA PRO M 718 -63.26 21.55 50.93
C PRO M 718 -64.02 22.65 50.22
N GLU M 719 -63.41 23.82 50.14
CA GLU M 719 -63.94 25.01 49.49
C GLU M 719 -65.13 25.61 50.23
N ASP M 720 -65.44 25.13 51.42
CA ASP M 720 -66.51 25.73 52.20
C ASP M 720 -66.10 27.12 52.66
N ILE M 721 -67.07 28.03 52.69
CA ILE M 721 -66.86 29.40 53.11
C ILE M 721 -67.93 29.73 54.15
N PHE M 722 -67.55 30.47 55.17
CA PHE M 722 -68.56 31.02 56.07
C PHE M 722 -68.05 32.33 56.64
N SER M 723 -68.98 33.19 57.00
CA SER M 723 -68.66 34.48 57.60
C SER M 723 -69.61 34.75 58.74
N ASP M 724 -69.08 35.29 59.83
CA ASP M 724 -69.82 35.55 61.04
C ASP M 724 -69.72 37.03 61.40
N HIS M 725 -70.37 37.39 62.51
CA HIS M 725 -70.25 38.75 63.03
C HIS M 725 -68.79 39.12 63.23
N HIS M 726 -67.98 38.14 63.60
CA HIS M 726 -66.61 38.40 64.02
C HIS M 726 -65.57 37.91 63.04
N THR M 727 -65.91 36.99 62.15
CA THR M 727 -64.86 36.26 61.43
C THR M 727 -65.36 35.90 60.05
N MET M 728 -64.40 35.71 59.13
CA MET M 728 -64.64 35.16 57.81
C MET M 728 -63.61 34.08 57.56
N CYS M 729 -64.06 32.90 57.15
CA CYS M 729 -63.18 31.74 57.04
C CYS M 729 -63.48 31.01 55.75
N TYR M 730 -62.52 30.22 55.31
CA TYR M 730 -62.75 29.32 54.19
C TYR M 730 -61.81 28.13 54.29
N CYS M 731 -62.26 26.99 53.83
CA CYS M 731 -61.53 25.74 53.95
C CYS M 731 -60.78 25.47 52.66
N GLU M 732 -59.47 25.30 52.76
CA GLU M 732 -58.65 24.96 51.60
C GLU M 732 -57.49 24.12 52.07
N ASP M 733 -57.24 23.00 51.36
CA ASP M 733 -56.12 22.12 51.65
C ASP M 733 -56.15 21.65 53.10
N GLY M 734 -57.35 21.35 53.60
CA GLY M 734 -57.48 20.80 54.92
C GLY M 734 -57.27 21.78 56.05
N PHE M 735 -57.14 23.07 55.76
CA PHE M 735 -56.95 24.08 56.78
C PHE M 735 -57.99 25.17 56.64
N MET M 736 -58.43 25.71 57.78
CA MET M 736 -59.45 26.74 57.79
C MET M 736 -58.75 28.09 57.83
N HIS M 737 -58.74 28.78 56.69
CA HIS M 737 -57.99 30.03 56.54
C HIS M 737 -58.86 31.19 56.99
N CYS M 738 -58.97 31.34 58.31
CA CYS M 738 -59.73 32.45 58.86
C CYS M 738 -58.88 33.73 58.82
N THR M 739 -59.45 34.79 58.26
CA THR M 739 -58.71 36.03 57.99
C THR M 739 -59.49 37.25 58.42
N MET M 740 -60.17 37.18 59.56
CA MET M 740 -60.82 38.37 60.10
C MET M 740 -60.80 38.28 61.61
N SER M 741 -60.63 39.44 62.25
CA SER M 741 -60.54 39.55 63.70
C SER M 741 -59.51 38.60 64.28
N GLU M 786 -76.49 31.15 81.84
CA GLU M 786 -76.84 32.52 82.20
C GLU M 786 -76.39 33.49 81.11
N CYS M 787 -77.15 34.56 80.91
CA CYS M 787 -76.82 35.55 79.90
C CYS M 787 -77.47 36.87 80.24
N ALA M 788 -76.94 37.94 79.66
CA ALA M 788 -77.60 39.24 79.76
C ALA M 788 -78.84 39.25 78.88
N LYS M 789 -79.80 40.09 79.26
CA LYS M 789 -81.09 40.14 78.58
C LYS M 789 -81.39 41.55 78.09
N THR M 790 -82.19 41.61 77.03
CA THR M 790 -82.62 42.85 76.41
C THR M 790 -84.13 42.81 76.30
N CYS M 791 -84.75 44.00 76.22
CA CYS M 791 -86.20 44.07 76.18
C CYS M 791 -86.77 43.18 75.06
N GLN M 792 -86.05 43.06 73.94
CA GLN M 792 -86.51 42.25 72.84
C GLN M 792 -86.40 40.76 73.15
N ASN M 793 -85.27 40.33 73.71
CA ASN M 793 -84.96 38.92 73.87
C ASN M 793 -85.20 38.41 75.29
N TYR M 794 -86.00 39.12 76.09
CA TYR M 794 -86.18 38.72 77.48
C TYR M 794 -86.80 37.33 77.57
N ASP M 795 -87.83 37.06 76.77
CA ASP M 795 -88.53 35.79 76.86
C ASP M 795 -87.83 34.67 76.11
N LEU M 796 -86.83 34.98 75.30
CA LEU M 796 -86.17 33.99 74.48
C LEU M 796 -85.06 33.30 75.26
N GLU M 797 -84.41 32.33 74.63
CA GLU M 797 -83.31 31.59 75.23
C GLU M 797 -82.07 32.46 75.32
N CYS M 798 -81.03 31.91 75.93
CA CYS M 798 -79.71 32.53 75.93
C CYS M 798 -78.91 32.04 74.74
N MET M 799 -78.16 32.94 74.12
CA MET M 799 -77.35 32.55 72.98
C MET M 799 -76.34 31.49 73.39
N SER M 800 -76.42 30.33 72.76
CA SER M 800 -75.53 29.22 73.06
C SER M 800 -74.25 29.30 72.24
N MET M 801 -73.56 30.43 72.39
CA MET M 801 -72.33 30.69 71.63
C MET M 801 -71.28 31.34 72.52
N GLY M 802 -71.27 31.01 73.80
CA GLY M 802 -70.31 31.56 74.73
C GLY M 802 -70.35 30.88 76.08
N LEU M 808 -73.67 43.43 83.29
CA LEU M 808 -74.90 42.67 83.56
C LEU M 808 -75.81 43.45 84.50
N CYS M 809 -77.03 43.75 84.02
CA CYS M 809 -77.95 44.57 84.80
C CYS M 809 -78.52 43.76 85.97
N PRO M 810 -79.04 44.43 86.99
CA PRO M 810 -79.60 43.73 88.15
C PRO M 810 -80.81 42.91 87.76
N PRO M 811 -81.21 41.94 88.59
CA PRO M 811 -82.45 41.21 88.31
C PRO M 811 -83.65 42.15 88.31
N GLY M 812 -84.61 41.85 87.42
CA GLY M 812 -85.74 42.74 87.24
C GLY M 812 -85.44 43.98 86.44
N MET M 813 -84.25 44.09 85.87
CA MET M 813 -83.85 45.22 85.07
C MET M 813 -83.22 44.71 83.78
N VAL M 814 -83.41 45.46 82.69
CA VAL M 814 -83.13 44.96 81.36
C VAL M 814 -82.35 45.99 80.56
N ARG M 815 -81.45 45.50 79.71
CA ARG M 815 -80.69 46.36 78.82
C ARG M 815 -81.61 47.01 77.79
N HIS M 816 -81.48 48.33 77.63
CA HIS M 816 -82.25 49.07 76.65
C HIS M 816 -81.61 50.44 76.45
N GLU M 817 -81.51 50.88 75.20
CA GLU M 817 -80.84 52.14 74.88
C GLU M 817 -79.42 52.19 75.45
N ASN M 818 -78.76 51.03 75.49
CA ASN M 818 -77.44 50.89 76.11
C ASN M 818 -77.44 51.40 77.55
N ARG M 819 -78.53 51.13 78.27
CA ARG M 819 -78.61 51.39 79.69
C ARG M 819 -79.54 50.37 80.31
N CYS M 820 -79.38 50.15 81.62
CA CYS M 820 -80.23 49.22 82.34
C CYS M 820 -81.56 49.88 82.65
N VAL M 821 -82.66 49.25 82.21
CA VAL M 821 -84.00 49.80 82.35
C VAL M 821 -84.88 48.75 83.04
N ALA M 822 -85.77 49.21 83.90
CA ALA M 822 -86.56 48.31 84.72
C ALA M 822 -87.54 47.51 83.87
N LEU M 823 -87.84 46.30 84.34
CA LEU M 823 -88.89 45.50 83.72
C LEU M 823 -90.23 46.13 84.03
N GLU M 824 -91.23 45.80 83.21
CA GLU M 824 -92.56 46.41 83.18
C GLU M 824 -92.51 47.81 82.59
N ARG M 825 -91.32 48.30 82.22
CA ARG M 825 -91.15 49.56 81.54
C ARG M 825 -90.48 49.41 80.18
N CYS M 826 -90.21 48.18 79.75
CA CYS M 826 -89.70 47.95 78.40
C CYS M 826 -90.78 48.29 77.38
N PRO M 827 -90.41 48.83 76.24
CA PRO M 827 -91.41 49.17 75.22
C PRO M 827 -91.82 47.95 74.40
N CYS M 828 -92.90 48.13 73.65
CA CYS M 828 -93.39 47.13 72.71
C CYS M 828 -92.94 47.49 71.29
N PHE M 829 -92.83 46.46 70.45
CA PHE M 829 -92.26 46.59 69.12
C PHE M 829 -93.29 46.24 68.06
N HIS M 830 -93.37 47.07 67.02
CA HIS M 830 -94.21 46.77 65.86
C HIS M 830 -93.60 47.45 64.65
N GLN M 831 -93.54 46.72 63.54
CA GLN M 831 -92.96 47.21 62.30
C GLN M 831 -91.57 47.79 62.54
N GLY M 832 -90.83 47.19 63.46
CA GLY M 832 -89.45 47.57 63.68
C GLY M 832 -89.25 48.82 64.49
N LYS M 833 -90.30 49.39 65.06
CA LYS M 833 -90.16 50.58 65.89
C LYS M 833 -90.82 50.35 67.24
N GLU M 834 -90.30 51.01 68.26
CA GLU M 834 -90.67 50.75 69.64
C GLU M 834 -91.85 51.63 70.06
N TYR M 835 -92.64 51.11 70.99
CA TYR M 835 -93.77 51.82 71.57
C TYR M 835 -93.70 51.74 73.08
N ALA M 836 -93.78 52.88 73.75
CA ALA M 836 -93.72 52.88 75.20
C ALA M 836 -95.00 52.26 75.77
N PRO M 837 -94.94 51.73 76.99
CA PRO M 837 -96.14 51.16 77.60
C PRO M 837 -97.24 52.20 77.72
N GLY M 838 -98.47 51.78 77.46
CA GLY M 838 -99.60 52.67 77.41
C GLY M 838 -99.88 53.24 76.03
N GLU M 839 -98.93 53.18 75.11
CA GLU M 839 -99.17 53.63 73.76
C GLU M 839 -100.10 52.65 73.03
N THR M 840 -100.62 53.08 71.90
CA THR M 840 -101.60 52.31 71.15
C THR M 840 -101.23 52.30 69.67
N VAL M 841 -101.68 51.26 68.98
CA VAL M 841 -101.47 51.12 67.55
C VAL M 841 -102.78 50.63 66.93
N LYS M 842 -103.04 51.10 65.71
CA LYS M 842 -104.29 50.81 65.01
C LYS M 842 -104.04 49.70 64.00
N ILE M 843 -104.76 48.60 64.13
CA ILE M 843 -104.59 47.42 63.30
C ILE M 843 -105.95 47.10 62.70
N GLY M 844 -106.16 47.50 61.45
CA GLY M 844 -107.46 47.29 60.83
C GLY M 844 -108.54 47.96 61.65
N CYS M 845 -109.58 47.21 61.98
CA CYS M 845 -110.64 47.70 62.84
C CYS M 845 -110.34 47.49 64.33
N ASN M 846 -109.26 46.79 64.65
CA ASN M 846 -108.90 46.51 66.03
C ASN M 846 -107.88 47.52 66.54
N THR M 847 -107.84 47.67 67.86
CA THR M 847 -106.89 48.54 68.54
C THR M 847 -106.05 47.70 69.50
N CYS M 848 -104.75 47.99 69.55
CA CYS M 848 -103.82 47.28 70.42
C CYS M 848 -103.12 48.27 71.33
N VAL M 849 -102.92 47.90 72.59
CA VAL M 849 -102.30 48.74 73.59
C VAL M 849 -101.11 48.02 74.18
N CYS M 850 -99.97 48.70 74.24
CA CYS M 850 -98.73 48.09 74.70
C CYS M 850 -98.73 47.97 76.22
N ARG M 851 -98.69 46.75 76.73
CA ARG M 851 -98.60 46.52 78.16
C ARG M 851 -97.56 45.44 78.41
N ASP M 852 -96.62 45.70 79.32
CA ASP M 852 -95.62 44.71 79.74
C ASP M 852 -95.05 43.97 78.55
N ARG M 853 -94.56 44.71 77.56
CA ARG M 853 -93.88 44.14 76.40
C ARG M 853 -94.82 43.31 75.53
N LYS M 854 -96.10 43.20 75.90
CA LYS M 854 -97.09 42.45 75.14
C LYS M 854 -98.18 43.39 74.62
N TRP M 855 -98.48 43.29 73.34
CA TRP M 855 -99.63 43.99 72.78
C TRP M 855 -100.91 43.32 73.24
N ASN M 856 -101.85 44.11 73.76
CA ASN M 856 -103.13 43.62 74.22
C ASN M 856 -104.20 44.22 73.32
N CYS M 857 -104.82 43.37 72.50
CA CYS M 857 -105.59 43.83 71.35
C CYS M 857 -107.06 43.49 71.52
N THR M 858 -107.92 44.32 70.94
CA THR M 858 -109.32 43.98 70.79
C THR M 858 -109.46 42.81 69.83
N ASP M 859 -110.57 42.07 69.98
CA ASP M 859 -110.80 40.85 69.22
C ASP M 859 -111.98 40.97 68.25
N HIS M 860 -112.10 42.12 67.59
CA HIS M 860 -113.16 42.29 66.60
C HIS M 860 -112.79 41.62 65.30
N VAL M 861 -113.78 40.99 64.66
CA VAL M 861 -113.62 40.44 63.33
C VAL M 861 -113.92 41.54 62.33
N CYS M 862 -112.88 42.05 61.67
CA CYS M 862 -113.05 43.17 60.76
C CYS M 862 -113.65 42.71 59.43
N ASP M 863 -114.23 43.67 58.71
CA ASP M 863 -114.80 43.39 57.41
C ASP M 863 -113.72 42.92 56.44
N ALA M 864 -114.02 41.86 55.70
CA ALA M 864 -113.06 41.23 54.81
C ALA M 864 -113.38 41.56 53.36
N THR M 865 -112.35 41.80 52.58
CA THR M 865 -112.48 42.20 51.19
C THR M 865 -111.90 41.12 50.30
N CYS M 866 -112.76 40.30 49.70
CA CYS M 866 -112.32 39.51 48.56
C CYS M 866 -112.14 40.41 47.36
N SER M 867 -111.18 40.07 46.51
CA SER M 867 -110.86 40.96 45.39
C SER M 867 -110.33 40.14 44.23
N THR M 868 -110.84 40.41 43.04
CA THR M 868 -110.22 39.94 41.82
C THR M 868 -109.17 40.96 41.40
N ILE M 869 -107.91 40.57 41.40
CA ILE M 869 -106.81 41.47 41.07
C ILE M 869 -106.40 41.16 39.65
N GLY M 870 -106.53 42.16 38.78
CA GLY M 870 -106.18 41.89 37.41
C GLY M 870 -107.21 41.03 36.71
N MET M 871 -106.75 40.26 35.73
CA MET M 871 -107.65 39.48 34.90
C MET M 871 -107.71 38.00 35.28
N ALA M 872 -106.70 37.49 36.00
CA ALA M 872 -106.67 36.06 36.29
C ALA M 872 -106.24 35.74 37.71
N HIS M 873 -106.04 36.73 38.57
CA HIS M 873 -105.65 36.49 39.95
C HIS M 873 -106.78 36.85 40.89
N TYR M 874 -106.94 36.07 41.95
CA TYR M 874 -107.96 36.27 42.96
C TYR M 874 -107.32 36.38 44.33
N LEU M 875 -107.95 37.13 45.22
CA LEU M 875 -107.50 37.22 46.60
C LEU M 875 -108.67 36.88 47.50
N THR M 876 -108.57 35.76 48.21
CA THR M 876 -109.66 35.27 49.04
C THR M 876 -109.89 36.18 50.23
N PHE M 877 -110.96 35.89 50.96
CA PHE M 877 -111.28 36.67 52.15
C PHE M 877 -110.19 36.57 53.19
N ASP M 878 -109.59 35.38 53.34
CA ASP M 878 -108.56 35.16 54.35
C ASP M 878 -107.18 35.59 53.90
N GLY M 879 -107.04 36.08 52.67
CA GLY M 879 -105.78 36.62 52.21
C GLY M 879 -104.99 35.76 51.26
N LEU M 880 -105.55 34.65 50.80
CA LEU M 880 -104.83 33.76 49.88
C LEU M 880 -104.93 34.32 48.47
N LYS M 881 -103.79 34.71 47.91
CA LYS M 881 -103.71 35.14 46.52
C LYS M 881 -103.34 33.96 45.66
N TYR M 882 -104.11 33.71 44.60
CA TYR M 882 -103.86 32.56 43.76
C TYR M 882 -104.22 32.90 42.32
N LEU M 883 -103.67 32.11 41.40
CA LEU M 883 -103.82 32.33 39.98
C LEU M 883 -104.80 31.32 39.41
N PHE M 884 -105.75 31.81 38.63
CA PHE M 884 -106.72 30.93 37.97
C PHE M 884 -107.26 31.61 36.73
N PRO M 885 -106.68 31.34 35.57
CA PRO M 885 -107.26 31.85 34.33
C PRO M 885 -108.34 30.94 33.79
N GLY M 886 -109.53 31.47 33.54
CA GLY M 886 -110.62 30.66 33.03
C GLY M 886 -111.50 31.47 32.12
N GLU M 887 -112.06 30.81 31.12
CA GLU M 887 -112.96 31.47 30.18
C GLU M 887 -114.40 31.48 30.66
N CYS M 888 -114.76 30.58 31.57
CA CYS M 888 -116.15 30.29 31.88
C CYS M 888 -116.67 31.25 32.94
N GLN M 889 -117.87 30.96 33.45
CA GLN M 889 -118.45 31.72 34.54
C GLN M 889 -118.28 30.93 35.83
N TYR M 890 -117.85 31.61 36.89
CA TYR M 890 -117.49 30.96 38.14
C TYR M 890 -118.18 31.65 39.30
N VAL M 891 -118.36 30.91 40.39
CA VAL M 891 -118.96 31.44 41.61
C VAL M 891 -117.88 32.21 42.37
N LEU M 892 -118.02 33.53 42.44
CA LEU M 892 -117.06 34.32 43.19
C LEU M 892 -117.32 34.22 44.69
N VAL M 893 -118.57 34.41 45.10
CA VAL M 893 -118.99 34.26 46.49
C VAL M 893 -120.38 33.65 46.49
N GLN M 894 -120.68 32.88 47.52
CA GLN M 894 -121.96 32.19 47.61
C GLN M 894 -122.15 31.68 49.02
N ASP M 895 -123.34 31.86 49.56
CA ASP M 895 -123.71 31.24 50.83
C ASP M 895 -124.72 30.11 50.66
N TYR M 896 -125.15 29.84 49.43
CA TYR M 896 -125.97 28.66 49.14
C TYR M 896 -125.08 27.41 49.04
N CYS M 897 -124.33 27.17 50.10
CA CYS M 897 -123.48 25.98 50.17
C CYS M 897 -123.40 25.51 51.62
N GLY M 898 -123.17 24.21 51.78
CA GLY M 898 -123.27 23.64 53.10
C GLY M 898 -124.73 23.59 53.54
N SER M 899 -124.91 23.57 54.85
CA SER M 899 -126.25 23.52 55.42
C SER M 899 -126.91 24.88 55.51
N ASN M 900 -126.16 25.95 55.36
CA ASN M 900 -126.69 27.28 55.59
C ASN M 900 -127.79 27.60 54.57
N PRO M 901 -128.93 28.16 55.00
CA PRO M 901 -129.92 28.65 54.04
C PRO M 901 -129.42 29.91 53.37
N GLY M 902 -129.20 29.83 52.05
CA GLY M 902 -128.52 30.89 51.36
C GLY M 902 -129.38 32.14 51.19
N THR M 903 -128.69 33.25 50.96
CA THR M 903 -129.35 34.53 50.74
C THR M 903 -128.82 35.28 49.53
N PHE M 904 -127.60 35.02 49.10
CA PHE M 904 -126.98 35.75 48.00
C PHE M 904 -126.01 34.84 47.27
N ARG M 905 -125.72 35.20 46.04
CA ARG M 905 -124.85 34.38 45.20
C ARG M 905 -124.28 35.29 44.11
N ILE M 906 -122.96 35.43 44.07
CA ILE M 906 -122.30 36.32 43.14
C ILE M 906 -121.50 35.48 42.15
N LEU M 907 -121.76 35.68 40.87
CA LEU M 907 -121.09 34.96 39.80
C LEU M 907 -120.25 35.92 38.97
N VAL M 908 -119.06 35.48 38.58
CA VAL M 908 -118.17 36.28 37.75
C VAL M 908 -117.86 35.50 36.49
N GLY M 909 -118.03 36.15 35.35
CA GLY M 909 -117.70 35.57 34.05
C GLY M 909 -116.63 36.37 33.36
N ASN M 910 -115.69 35.68 32.73
CA ASN M 910 -114.58 36.32 32.04
C ASN M 910 -114.90 36.40 30.55
N LYS M 911 -114.93 37.62 30.02
CA LYS M 911 -115.29 37.85 28.63
C LYS M 911 -114.20 38.67 27.95
N GLY M 912 -113.78 38.21 26.78
CA GLY M 912 -112.71 38.83 26.04
C GLY M 912 -111.33 38.29 26.35
N CYS M 913 -111.16 37.60 27.48
CA CYS M 913 -109.88 36.95 27.75
C CYS M 913 -110.09 35.83 28.76
N SER M 914 -109.16 34.91 28.74
CA SER M 914 -108.79 34.07 29.87
C SER M 914 -107.30 34.19 30.13
N HIS M 915 -106.51 34.26 29.07
CA HIS M 915 -105.15 34.75 29.16
C HIS M 915 -105.25 36.27 29.08
N PRO M 916 -104.80 37.01 30.09
CA PRO M 916 -105.09 38.45 30.15
C PRO M 916 -104.78 39.15 28.84
N SER M 917 -105.75 39.95 28.37
CA SER M 917 -105.63 40.57 27.06
C SER M 917 -106.28 41.96 27.10
N VAL M 918 -105.92 42.78 26.11
CA VAL M 918 -106.30 44.19 26.15
C VAL M 918 -107.81 44.37 26.11
N LYS M 919 -108.50 43.62 25.24
CA LYS M 919 -109.93 43.85 25.01
C LYS M 919 -110.82 43.14 26.03
N CYS M 920 -110.29 42.81 27.20
CA CYS M 920 -111.01 41.92 28.11
C CYS M 920 -111.95 42.70 29.01
N LYS M 921 -112.90 41.97 29.60
CA LYS M 921 -113.85 42.54 30.55
C LYS M 921 -114.53 41.41 31.30
N LYS M 922 -115.03 41.73 32.50
CA LYS M 922 -115.68 40.75 33.35
C LYS M 922 -117.14 41.14 33.58
N ARG M 923 -118.01 40.13 33.55
CA ARG M 923 -119.43 40.30 33.84
C ARG M 923 -119.71 39.73 35.21
N VAL M 924 -120.40 40.50 36.05
CA VAL M 924 -120.79 40.08 37.38
C VAL M 924 -122.29 39.89 37.41
N THR M 925 -122.74 38.79 37.98
CA THR M 925 -124.16 38.53 38.18
C THR M 925 -124.42 38.41 39.67
N ILE M 926 -125.27 39.28 40.20
CA ILE M 926 -125.49 39.35 41.64
C ILE M 926 -126.90 38.87 41.93
N LEU M 927 -127.05 37.59 42.24
CA LEU M 927 -128.35 36.97 42.46
C LEU M 927 -128.79 37.06 43.93
N VAL M 928 -128.90 38.28 44.44
CA VAL M 928 -129.17 38.47 45.86
C VAL M 928 -130.68 38.46 46.10
N GLU M 929 -131.11 37.64 47.06
CA GLU M 929 -132.50 37.55 47.53
C GLU M 929 -133.49 37.51 46.36
N GLY M 930 -133.20 36.66 45.38
CA GLY M 930 -134.07 36.48 44.24
C GLY M 930 -133.92 37.56 43.18
N GLY M 931 -133.51 38.75 43.57
CA GLY M 931 -133.22 39.78 42.61
C GLY M 931 -131.96 39.46 41.83
N GLU M 932 -131.65 40.31 40.86
CA GLU M 932 -130.49 40.08 40.02
C GLU M 932 -129.96 41.42 39.52
N ILE M 933 -128.71 41.70 39.85
CA ILE M 933 -128.02 42.88 39.36
C ILE M 933 -126.84 42.42 38.53
N GLU M 934 -126.77 42.86 37.28
CA GLU M 934 -125.70 42.50 36.38
C GLU M 934 -124.80 43.70 36.16
N LEU M 935 -123.50 43.51 36.33
CA LEU M 935 -122.49 44.54 36.10
C LEU M 935 -121.75 44.22 34.82
N PHE M 936 -121.82 45.13 33.85
CA PHE M 936 -121.19 44.91 32.56
C PHE M 936 -120.99 46.23 31.86
N ASP M 937 -119.95 46.29 31.03
CA ASP M 937 -119.64 47.46 30.22
C ASP M 937 -119.55 48.73 31.07
N GLY M 938 -119.04 48.57 32.29
CA GLY M 938 -118.92 49.71 33.16
C GLY M 938 -120.24 50.34 33.57
N GLU M 939 -121.33 49.57 33.50
CA GLU M 939 -122.64 50.10 33.85
C GLU M 939 -123.41 49.03 34.62
N VAL M 940 -124.27 49.48 35.52
CA VAL M 940 -125.10 48.60 36.33
C VAL M 940 -126.37 48.28 35.57
N ASN M 941 -126.82 47.03 35.68
CA ASN M 941 -128.03 46.57 35.01
C ASN M 941 -128.84 45.74 36.00
N VAL M 942 -129.86 46.36 36.60
CA VAL M 942 -130.73 45.64 37.54
C VAL M 942 -131.74 44.85 36.74
N LYS M 943 -131.42 43.59 36.45
CA LYS M 943 -132.25 42.79 35.56
C LYS M 943 -133.45 42.17 36.25
N ARG M 944 -133.48 42.17 37.58
CA ARG M 944 -134.70 41.95 38.35
C ARG M 944 -134.59 42.75 39.63
N PRO M 945 -135.70 43.22 40.18
CA PRO M 945 -135.63 43.97 41.43
C PRO M 945 -135.52 43.06 42.64
N MET M 946 -135.03 43.64 43.73
CA MET M 946 -134.91 42.94 45.00
C MET M 946 -136.21 43.05 45.79
N LYS M 947 -136.35 42.18 46.79
CA LYS M 947 -137.51 42.24 47.66
C LYS M 947 -137.49 43.47 48.57
N ASP M 948 -136.30 43.91 48.97
CA ASP M 948 -136.15 45.09 49.82
C ASP M 948 -135.23 46.07 49.09
N GLU M 949 -135.82 46.92 48.26
CA GLU M 949 -135.04 47.91 47.52
C GLU M 949 -134.49 49.00 48.43
N THR M 950 -134.96 49.08 49.68
CA THR M 950 -134.37 50.03 50.62
C THR M 950 -133.00 49.57 51.10
N HIS M 951 -132.83 48.25 51.32
CA HIS M 951 -131.49 47.74 51.59
C HIS M 951 -130.57 47.93 50.39
N PHE M 952 -131.09 47.73 49.19
CA PHE M 952 -130.31 47.91 47.97
C PHE M 952 -129.96 49.39 47.78
N GLU M 953 -128.78 49.62 47.22
CA GLU M 953 -128.36 50.96 46.83
C GLU M 953 -127.13 50.86 45.94
N VAL M 954 -127.01 51.81 45.03
CA VAL M 954 -125.87 51.91 44.13
C VAL M 954 -125.27 53.29 44.26
N VAL M 955 -123.96 53.36 44.52
CA VAL M 955 -123.25 54.61 44.63
C VAL M 955 -122.13 54.62 43.61
N GLU M 956 -122.04 55.68 42.83
CA GLU M 956 -120.96 55.87 41.87
C GLU M 956 -120.03 56.95 42.39
N SER M 957 -118.75 56.59 42.54
CA SER M 957 -117.78 57.51 43.12
C SER M 957 -116.41 57.18 42.57
N GLY M 958 -115.67 58.23 42.21
CA GLY M 958 -114.35 58.03 41.63
C GLY M 958 -114.44 57.10 40.43
N ARG M 959 -113.55 56.13 40.39
CA ARG M 959 -113.55 55.15 39.33
C ARG M 959 -114.52 54.00 39.58
N TYR M 960 -115.20 53.98 40.73
CA TYR M 960 -115.82 52.76 41.23
C TYR M 960 -117.33 52.89 41.28
N ILE M 961 -117.99 51.75 41.11
CA ILE M 961 -119.40 51.58 41.45
C ILE M 961 -119.47 50.83 42.76
N ILE M 962 -120.18 51.39 43.74
CA ILE M 962 -120.31 50.78 45.05
C ILE M 962 -121.76 50.36 45.23
N LEU M 963 -121.97 49.05 45.38
CA LEU M 963 -123.31 48.50 45.57
C LEU M 963 -123.44 48.06 47.02
N LEU M 964 -124.52 48.49 47.67
CA LEU M 964 -124.88 47.99 48.98
C LEU M 964 -126.03 47.00 48.81
N LEU M 965 -125.76 45.74 49.13
CA LEU M 965 -126.72 44.66 48.96
C LEU M 965 -127.33 44.23 50.28
N GLY M 966 -127.13 45.00 51.33
CA GLY M 966 -127.60 44.63 52.65
C GLY M 966 -126.77 45.33 53.70
N LYS M 967 -127.11 45.03 54.96
CA LYS M 967 -126.36 45.61 56.07
C LYS M 967 -124.98 44.99 56.22
N ALA M 968 -124.76 43.79 55.67
CA ALA M 968 -123.52 43.07 55.87
C ALA M 968 -122.82 42.66 54.58
N LEU M 969 -123.34 43.04 53.43
CA LEU M 969 -122.77 42.67 52.14
C LEU M 969 -122.67 43.88 51.24
N SER M 970 -121.54 44.03 50.58
CA SER M 970 -121.33 45.14 49.66
C SER M 970 -120.37 44.70 48.58
N VAL M 971 -120.44 45.37 47.43
CA VAL M 971 -119.58 45.10 46.29
C VAL M 971 -119.00 46.40 45.80
N VAL M 972 -117.69 46.42 45.56
CA VAL M 972 -117.00 47.57 44.99
C VAL M 972 -116.36 47.13 43.69
N TRP M 973 -116.62 47.90 42.62
CA TRP M 973 -116.23 47.50 41.28
C TRP M 973 -115.65 48.70 40.57
N ASP M 974 -114.42 48.55 40.06
CA ASP M 974 -113.75 49.63 39.34
C ASP M 974 -114.27 49.83 37.93
N ARG M 975 -115.35 49.16 37.56
CA ARG M 975 -116.05 49.26 36.29
C ARG M 975 -115.32 48.53 35.17
N HIS M 976 -114.10 48.05 35.37
CA HIS M 976 -113.42 47.27 34.33
C HIS M 976 -113.12 45.85 34.78
N LEU M 977 -112.29 45.65 35.79
CA LEU M 977 -111.84 44.31 36.16
C LEU M 977 -111.92 44.03 37.64
N SER M 978 -111.59 45.00 38.49
CA SER M 978 -111.31 44.75 39.90
C SER M 978 -112.61 44.71 40.68
N ILE M 979 -113.21 43.53 40.73
CA ILE M 979 -114.38 43.30 41.57
C ILE M 979 -113.92 43.05 42.99
N SER M 980 -114.58 43.68 43.96
CA SER M 980 -114.29 43.45 45.36
C SER M 980 -115.58 43.24 46.12
N VAL M 981 -115.65 42.19 46.91
CA VAL M 981 -116.81 41.87 47.73
C VAL M 981 -116.41 42.03 49.19
N VAL M 982 -117.22 42.77 49.94
CA VAL M 982 -116.93 43.06 51.34
C VAL M 982 -118.02 42.43 52.19
N LEU M 983 -117.62 41.63 53.16
CA LEU M 983 -118.54 40.94 54.06
C LEU M 983 -118.25 41.34 55.49
N LYS M 984 -119.30 41.61 56.25
CA LYS M 984 -119.15 41.81 57.68
C LYS M 984 -119.17 40.48 58.40
N GLN M 985 -118.85 40.51 59.70
CA GLN M 985 -118.59 39.28 60.44
C GLN M 985 -119.78 38.33 60.47
N THR M 986 -120.99 38.83 60.22
CA THR M 986 -122.17 37.96 60.30
C THR M 986 -122.12 36.85 59.26
N TYR M 987 -121.38 37.02 58.18
CA TYR M 987 -121.28 36.01 57.13
C TYR M 987 -120.12 35.07 57.33
N GLN M 988 -119.46 35.11 58.48
CA GLN M 988 -118.27 34.30 58.70
C GLN M 988 -118.64 32.83 58.78
N GLU M 989 -117.79 31.98 58.19
CA GLU M 989 -117.91 30.52 58.20
C GLU M 989 -119.03 30.03 57.28
N LYS M 990 -119.73 30.93 56.60
CA LYS M 990 -120.92 30.57 55.84
C LYS M 990 -120.73 30.64 54.33
N VAL M 991 -119.88 31.53 53.85
CA VAL M 991 -119.73 31.75 52.42
C VAL M 991 -118.74 30.75 51.85
N CYS M 992 -118.75 30.63 50.53
CA CYS M 992 -117.83 29.74 49.82
C CYS M 992 -117.60 30.34 48.43
N GLY M 993 -117.02 29.55 47.55
CA GLY M 993 -116.71 30.00 46.21
C GLY M 993 -115.23 30.29 46.02
N LEU M 994 -114.94 30.97 44.92
CA LEU M 994 -113.56 31.30 44.60
C LEU M 994 -112.92 32.17 45.68
N CYS M 995 -113.71 32.94 46.40
CA CYS M 995 -113.19 33.75 47.50
C CYS M 995 -112.94 32.94 48.76
N GLY M 996 -113.29 31.66 48.78
CA GLY M 996 -113.01 30.81 49.92
C GLY M 996 -114.00 31.02 51.04
N ASN M 997 -113.92 30.14 52.04
CA ASN M 997 -114.77 30.22 53.22
C ASN M 997 -114.16 31.19 54.21
N PHE M 998 -114.82 32.32 54.42
CA PHE M 998 -114.34 33.33 55.37
C PHE M 998 -114.39 32.77 56.78
N ASP M 999 -113.21 32.39 57.28
CA ASP M 999 -113.04 31.88 58.63
C ASP M 999 -111.75 32.33 59.29
N GLY M 1000 -110.95 33.17 58.62
CA GLY M 1000 -109.66 33.58 59.13
C GLY M 1000 -108.53 32.60 58.90
N ILE M 1001 -108.76 31.51 58.19
CA ILE M 1001 -107.76 30.48 57.92
C ILE M 1001 -107.49 30.43 56.43
N GLN M 1002 -106.22 30.49 56.05
CA GLN M 1002 -105.88 30.50 54.63
C GLN M 1002 -105.77 29.09 54.06
N ASN M 1003 -105.28 28.14 54.85
CA ASN M 1003 -104.93 26.83 54.31
C ASN M 1003 -106.12 26.11 53.71
N ASN M 1004 -107.34 26.42 54.16
CA ASN M 1004 -108.53 25.71 53.71
C ASN M 1004 -109.29 26.45 52.62
N ASP M 1005 -108.72 27.52 52.06
CA ASP M 1005 -109.48 28.34 51.13
C ASP M 1005 -109.62 27.70 49.76
N LEU M 1006 -108.78 26.73 49.42
CA LEU M 1006 -108.90 26.05 48.14
C LEU M 1006 -109.85 24.87 48.21
N THR M 1007 -110.76 24.88 49.18
CA THR M 1007 -111.80 23.87 49.28
C THR M 1007 -112.67 23.87 48.03
N SER M 1008 -112.63 22.77 47.29
CA SER M 1008 -113.45 22.67 46.08
C SER M 1008 -114.93 22.73 46.43
N SER M 1009 -115.75 22.88 45.39
CA SER M 1009 -117.19 22.85 45.59
C SER M 1009 -117.65 21.53 46.16
N ASN M 1010 -116.88 20.46 45.92
CA ASN M 1010 -117.15 19.15 46.50
C ASN M 1010 -116.44 18.93 47.82
N LEU M 1011 -116.05 19.99 48.53
CA LEU M 1011 -115.58 19.98 49.90
C LEU M 1011 -114.16 19.45 50.05
N GLN M 1012 -113.50 19.05 48.96
CA GLN M 1012 -112.14 18.55 49.02
C GLN M 1012 -111.15 19.67 48.75
N VAL M 1013 -110.16 19.81 49.63
CA VAL M 1013 -109.14 20.83 49.47
C VAL M 1013 -108.17 20.41 48.39
N GLU M 1014 -107.82 21.34 47.51
CA GLU M 1014 -106.98 21.07 46.35
C GLU M 1014 -105.64 21.77 46.49
N GLU M 1015 -104.58 21.08 46.09
CA GLU M 1015 -103.25 21.69 46.11
C GLU M 1015 -103.08 22.69 44.97
N ASP M 1016 -103.80 22.50 43.86
CA ASP M 1016 -103.66 23.33 42.68
C ASP M 1016 -104.88 24.22 42.53
N PRO M 1017 -104.71 25.54 42.44
CA PRO M 1017 -105.89 26.40 42.28
C PRO M 1017 -106.67 26.16 41.01
N VAL M 1018 -106.05 25.56 39.99
CA VAL M 1018 -106.76 25.31 38.73
C VAL M 1018 -107.90 24.34 38.95
N ASP M 1019 -107.64 23.24 39.67
CA ASP M 1019 -108.69 22.28 39.96
C ASP M 1019 -109.78 22.90 40.81
N PHE M 1020 -109.40 23.71 41.78
CA PHE M 1020 -110.37 24.40 42.62
C PHE M 1020 -111.31 25.27 41.80
N GLY M 1021 -110.73 26.12 40.94
CA GLY M 1021 -111.56 26.97 40.10
C GLY M 1021 -112.42 26.17 39.15
N ASN M 1022 -111.88 25.13 38.54
CA ASN M 1022 -112.68 24.28 37.67
C ASN M 1022 -113.84 23.68 38.43
N SER M 1023 -113.64 23.35 39.70
CA SER M 1023 -114.72 22.85 40.52
C SER M 1023 -115.75 23.91 40.82
N TRP M 1024 -115.40 25.19 40.72
CA TRP M 1024 -116.36 26.25 40.97
C TRP M 1024 -116.96 26.85 39.70
N LYS M 1025 -116.84 26.20 38.55
CA LYS M 1025 -117.47 26.73 37.35
C LYS M 1025 -118.97 26.46 37.37
N VAL M 1026 -119.75 27.48 37.01
CA VAL M 1026 -121.20 27.39 37.11
C VAL M 1026 -121.75 26.39 36.09
N SER M 1027 -121.32 26.50 34.84
CA SER M 1027 -121.85 25.69 33.76
C SER M 1027 -120.94 24.50 33.53
N SER M 1028 -121.50 23.30 33.62
CA SER M 1028 -120.69 22.10 33.48
C SER M 1028 -120.18 21.94 32.05
N GLN M 1029 -120.98 22.31 31.07
CA GLN M 1029 -120.58 22.11 29.68
C GLN M 1029 -119.38 22.93 29.27
N CYS M 1030 -119.05 23.99 30.02
CA CYS M 1030 -117.97 24.87 29.63
C CYS M 1030 -116.62 24.20 29.85
N ALA M 1031 -115.59 24.75 29.23
CA ALA M 1031 -114.28 24.11 29.20
C ALA M 1031 -113.54 24.27 30.53
N ASP M 1032 -112.62 23.33 30.78
CA ASP M 1032 -111.78 23.38 31.96
C ASP M 1032 -110.45 24.06 31.65
N THR M 1033 -109.88 24.70 32.66
CA THR M 1033 -108.54 25.24 32.54
C THR M 1033 -107.53 24.10 32.50
N ARG M 1034 -106.49 24.26 31.69
CA ARG M 1034 -105.68 23.12 31.26
C ARG M 1034 -104.47 22.86 32.13
N LYS M 1035 -104.21 23.69 33.14
CA LYS M 1035 -103.00 23.57 33.97
C LYS M 1035 -101.74 23.63 33.10
N VAL M 1036 -101.54 24.79 32.48
CA VAL M 1036 -100.35 25.04 31.67
C VAL M 1036 -99.13 24.91 32.56
N PRO M 1037 -97.98 24.43 32.05
CA PRO M 1037 -96.79 24.33 32.89
C PRO M 1037 -96.40 25.67 33.49
N LEU M 1038 -95.89 25.62 34.71
CA LEU M 1038 -95.67 26.82 35.53
C LEU M 1038 -94.34 27.47 35.19
N ASP M 1039 -94.30 28.10 34.01
CA ASP M 1039 -93.11 28.80 33.60
C ASP M 1039 -92.83 29.99 34.51
N SER M 1040 -91.56 30.36 34.62
CA SER M 1040 -91.18 31.49 35.47
C SER M 1040 -91.76 32.80 34.97
N SER M 1041 -92.13 32.89 33.71
CA SER M 1041 -92.82 34.05 33.16
C SER M 1041 -93.87 33.57 32.19
N PRO M 1042 -94.95 34.33 32.01
CA PRO M 1042 -96.05 33.87 31.14
C PRO M 1042 -95.63 33.72 29.69
N ALA M 1043 -96.55 33.27 28.86
CA ALA M 1043 -96.33 33.26 27.42
C ALA M 1043 -96.12 34.69 26.94
N THR M 1044 -95.24 34.85 25.95
CA THR M 1044 -94.79 36.12 25.37
C THR M 1044 -93.80 36.83 26.28
N CYS M 1045 -93.48 36.28 27.44
CA CYS M 1045 -92.26 36.62 28.17
C CYS M 1045 -91.37 35.41 28.40
N HIS M 1046 -91.88 34.19 28.20
CA HIS M 1046 -91.06 33.00 28.37
C HIS M 1046 -89.89 33.00 27.40
N ASN M 1047 -90.11 33.43 26.16
CA ASN M 1047 -89.08 33.46 25.14
C ASN M 1047 -88.89 34.86 24.55
N ASN M 1048 -89.28 35.89 25.29
CA ASN M 1048 -89.12 37.28 24.83
C ASN M 1048 -88.42 38.07 25.93
N ILE M 1049 -87.09 38.05 25.89
CA ILE M 1049 -86.32 38.82 26.83
C ILE M 1049 -86.28 40.26 26.35
N MET M 1050 -86.05 41.18 27.28
CA MET M 1050 -86.14 42.63 27.09
C MET M 1050 -87.61 43.06 27.07
N LYS M 1051 -88.55 42.12 27.01
CA LYS M 1051 -89.92 42.42 27.40
C LYS M 1051 -90.16 41.98 28.83
N GLN M 1052 -89.59 40.85 29.23
CA GLN M 1052 -89.69 40.40 30.61
C GLN M 1052 -89.10 41.43 31.57
N THR M 1053 -87.92 41.96 31.22
CA THR M 1053 -87.27 42.92 32.09
C THR M 1053 -87.91 44.30 32.04
N MET M 1054 -88.42 44.72 30.88
CA MET M 1054 -89.19 45.97 30.87
C MET M 1054 -90.40 45.85 31.79
N VAL M 1055 -91.12 44.72 31.69
CA VAL M 1055 -92.27 44.50 32.58
C VAL M 1055 -91.83 44.52 34.02
N ASP M 1056 -90.74 43.84 34.35
CA ASP M 1056 -90.27 43.80 35.73
C ASP M 1056 -89.96 45.19 36.24
N SER M 1057 -89.12 45.92 35.52
CA SER M 1057 -88.68 47.23 35.99
C SER M 1057 -89.81 48.24 36.01
N SER M 1058 -90.81 48.10 35.14
CA SER M 1058 -91.96 48.99 35.20
C SER M 1058 -92.89 48.64 36.35
N CYS M 1059 -93.04 47.34 36.66
CA CYS M 1059 -93.85 46.95 37.80
C CYS M 1059 -93.18 47.27 39.12
N ARG M 1060 -91.85 47.45 39.11
CA ARG M 1060 -91.16 47.87 40.33
C ARG M 1060 -91.62 49.22 40.85
N ILE M 1061 -92.49 49.92 40.11
CA ILE M 1061 -93.10 51.14 40.62
C ILE M 1061 -93.73 50.91 41.98
N LEU M 1062 -94.18 49.67 42.24
CA LEU M 1062 -94.73 49.33 43.54
C LEU M 1062 -93.72 49.52 44.66
N THR M 1063 -92.44 49.45 44.34
CA THR M 1063 -91.37 49.62 45.32
C THR M 1063 -90.88 51.06 45.41
N SER M 1064 -91.34 51.94 44.53
CA SER M 1064 -90.80 53.30 44.46
C SER M 1064 -91.14 54.08 45.73
N ASP M 1065 -90.67 55.33 45.76
CA ASP M 1065 -90.77 56.13 46.97
C ASP M 1065 -92.21 56.38 47.39
N VAL M 1066 -93.09 56.66 46.43
CA VAL M 1066 -94.47 56.98 46.77
C VAL M 1066 -95.14 55.80 47.47
N PHE M 1067 -94.83 54.57 47.04
CA PHE M 1067 -95.36 53.38 47.67
C PHE M 1067 -94.48 52.88 48.82
N GLN M 1068 -93.31 53.47 49.01
CA GLN M 1068 -92.35 52.90 49.96
C GLN M 1068 -92.88 52.90 51.39
N ASP M 1069 -93.74 53.87 51.73
CA ASP M 1069 -94.30 53.89 53.07
C ASP M 1069 -95.47 52.92 53.21
N CYS M 1070 -96.21 52.66 52.13
CA CYS M 1070 -97.23 51.63 52.18
C CYS M 1070 -96.63 50.24 52.30
N ASN M 1071 -95.47 50.01 51.69
CA ASN M 1071 -94.87 48.68 51.72
C ASN M 1071 -94.51 48.24 53.14
N LYS M 1072 -94.42 49.17 54.09
CA LYS M 1072 -94.26 48.79 55.48
C LYS M 1072 -95.52 48.15 56.04
N LEU M 1073 -96.69 48.59 55.58
CA LEU M 1073 -97.95 48.05 56.07
C LEU M 1073 -98.45 46.88 55.24
N VAL M 1074 -98.22 46.89 53.93
CA VAL M 1074 -98.73 45.87 53.02
C VAL M 1074 -97.58 45.30 52.23
N ASP M 1075 -97.65 44.01 51.93
CA ASP M 1075 -96.61 43.35 51.15
C ASP M 1075 -96.86 43.58 49.67
N PRO M 1076 -95.95 44.22 48.94
CA PRO M 1076 -96.17 44.45 47.51
C PRO M 1076 -95.88 43.25 46.64
N GLU M 1077 -95.23 42.21 47.16
CA GLU M 1077 -94.82 41.10 46.32
C GLU M 1077 -95.97 40.41 45.60
N PRO M 1078 -97.09 40.08 46.24
CA PRO M 1078 -98.20 39.49 45.48
C PRO M 1078 -98.67 40.38 44.35
N TYR M 1079 -98.80 41.67 44.62
CA TYR M 1079 -99.25 42.60 43.59
C TYR M 1079 -98.19 42.79 42.52
N LEU M 1080 -96.92 42.70 42.89
CA LEU M 1080 -95.86 42.70 41.88
C LEU M 1080 -95.99 41.50 40.95
N ASP M 1081 -96.27 40.33 41.50
CA ASP M 1081 -96.46 39.14 40.68
C ASP M 1081 -97.65 39.31 39.75
N VAL M 1082 -98.77 39.83 40.28
CA VAL M 1082 -99.94 40.07 39.44
C VAL M 1082 -99.60 41.05 38.33
N CYS M 1083 -98.89 42.13 38.66
CA CYS M 1083 -98.51 43.11 37.66
C CYS M 1083 -97.70 42.47 36.55
N ILE M 1084 -96.69 41.69 36.90
CA ILE M 1084 -95.83 41.06 35.90
C ILE M 1084 -96.64 40.12 35.02
N TYR M 1085 -97.48 39.28 35.64
CA TYR M 1085 -98.26 38.31 34.89
C TYR M 1085 -99.18 39.00 33.90
N ASP M 1086 -99.97 39.95 34.39
CA ASP M 1086 -100.93 40.62 33.52
C ASP M 1086 -100.24 41.44 32.45
N THR M 1087 -99.08 42.00 32.75
CA THR M 1087 -98.41 42.85 31.78
C THR M 1087 -97.78 42.03 30.66
N CYS M 1088 -97.19 40.88 30.99
CA CYS M 1088 -96.80 39.96 29.93
C CYS M 1088 -97.99 39.51 29.10
N SER M 1089 -99.04 39.03 29.77
CA SER M 1089 -100.15 38.44 29.02
C SER M 1089 -100.86 39.47 28.16
N CYS M 1090 -100.96 40.71 28.62
CA CYS M 1090 -101.76 41.71 27.93
C CYS M 1090 -101.07 42.23 26.67
N GLU M 1091 -99.82 42.67 26.81
CA GLU M 1091 -99.11 43.45 25.80
C GLU M 1091 -100.07 44.44 25.12
N SER M 1092 -100.61 45.33 25.95
CA SER M 1092 -101.65 46.24 25.53
C SER M 1092 -101.11 47.24 24.53
N ILE M 1093 -102.04 47.91 23.85
CA ILE M 1093 -101.68 48.78 22.74
C ILE M 1093 -102.00 50.24 23.01
N GLY M 1094 -103.28 50.55 23.10
CA GLY M 1094 -103.70 51.93 23.19
C GLY M 1094 -103.99 52.35 24.62
N ASP M 1095 -104.75 51.54 25.32
CA ASP M 1095 -104.96 51.72 26.74
C ASP M 1095 -103.98 50.83 27.49
N CYS M 1096 -103.28 51.42 28.44
CA CYS M 1096 -102.29 50.71 29.24
C CYS M 1096 -102.93 50.09 30.47
N ALA M 1097 -104.19 49.68 30.34
CA ALA M 1097 -105.07 49.46 31.48
C ALA M 1097 -104.63 48.31 32.36
N CYS M 1098 -104.01 47.27 31.81
CA CYS M 1098 -103.63 46.13 32.65
C CYS M 1098 -102.67 46.57 33.75
N PHE M 1099 -101.56 47.17 33.35
CA PHE M 1099 -100.57 47.68 34.30
C PHE M 1099 -101.19 48.70 35.24
N CYS M 1100 -101.86 49.69 34.68
CA CYS M 1100 -102.38 50.79 35.50
C CYS M 1100 -103.40 50.27 36.51
N ASP M 1101 -104.22 49.32 36.11
CA ASP M 1101 -105.24 48.79 37.00
C ASP M 1101 -104.62 47.94 38.11
N THR M 1102 -103.56 47.19 37.82
CA THR M 1102 -102.88 46.49 38.91
C THR M 1102 -102.27 47.45 39.92
N ILE M 1103 -101.59 48.49 39.42
CA ILE M 1103 -101.04 49.48 40.34
C ILE M 1103 -102.14 50.17 41.12
N ALA M 1104 -103.28 50.41 40.46
CA ALA M 1104 -104.40 51.06 41.14
C ALA M 1104 -104.99 50.16 42.21
N ALA M 1105 -105.01 48.85 41.97
CA ALA M 1105 -105.46 47.92 43.01
C ALA M 1105 -104.55 47.98 44.22
N TYR M 1106 -103.25 47.99 44.00
CA TYR M 1106 -102.33 48.12 45.14
C TYR M 1106 -102.54 49.44 45.86
N ALA M 1107 -102.71 50.52 45.11
CA ALA M 1107 -102.95 51.82 45.74
C ALA M 1107 -104.26 51.83 46.51
N HIS M 1108 -105.27 51.11 46.01
CA HIS M 1108 -106.53 51.00 46.73
C HIS M 1108 -106.35 50.29 48.06
N VAL M 1109 -105.57 49.21 48.07
CA VAL M 1109 -105.29 48.53 49.33
C VAL M 1109 -104.56 49.46 50.28
N CYS M 1110 -103.55 50.17 49.78
CA CYS M 1110 -102.82 51.13 50.60
C CYS M 1110 -103.76 52.17 51.20
N ALA M 1111 -104.68 52.70 50.39
CA ALA M 1111 -105.64 53.67 50.88
C ALA M 1111 -106.53 53.09 51.96
N GLN M 1112 -106.96 51.83 51.79
CA GLN M 1112 -107.71 51.18 52.85
C GLN M 1112 -106.92 51.14 54.14
N HIS M 1113 -105.61 50.92 54.05
CA HIS M 1113 -104.75 50.95 55.23
C HIS M 1113 -104.30 52.36 55.62
N GLY M 1114 -104.97 53.40 55.13
CA GLY M 1114 -104.65 54.75 55.52
C GLY M 1114 -103.49 55.39 54.79
N LYS M 1115 -102.74 54.63 53.99
CA LYS M 1115 -101.61 55.17 53.24
C LYS M 1115 -102.08 55.58 51.84
N VAL M 1116 -102.62 56.79 51.76
CA VAL M 1116 -103.02 57.34 50.47
C VAL M 1116 -101.78 57.70 49.66
N VAL M 1117 -101.71 57.21 48.43
CA VAL M 1117 -100.52 57.34 47.60
C VAL M 1117 -100.89 58.04 46.29
N THR M 1118 -100.09 59.04 45.93
CA THR M 1118 -100.31 59.82 44.72
C THR M 1118 -99.44 59.31 43.59
N TRP M 1119 -99.80 58.14 43.05
CA TRP M 1119 -98.94 57.47 42.10
C TRP M 1119 -99.15 57.89 40.66
N ARG M 1120 -100.26 58.55 40.34
CA ARG M 1120 -100.50 58.98 38.97
C ARG M 1120 -99.53 60.10 38.59
N THR M 1121 -99.12 60.10 37.33
CA THR M 1121 -98.34 61.18 36.76
C THR M 1121 -98.75 61.36 35.31
N ALA M 1122 -98.44 62.53 34.76
CA ALA M 1122 -98.77 62.80 33.37
C ALA M 1122 -98.08 61.82 32.43
N THR M 1123 -96.94 61.27 32.84
CA THR M 1123 -96.19 60.33 32.02
C THR M 1123 -96.40 58.89 32.42
N LEU M 1124 -97.17 58.62 33.47
CA LEU M 1124 -97.43 57.26 33.93
C LEU M 1124 -98.90 57.14 34.27
N CYS M 1125 -99.62 56.36 33.50
CA CYS M 1125 -101.04 56.08 33.74
C CYS M 1125 -101.83 57.35 34.03
N PRO M 1126 -101.78 58.36 33.15
CA PRO M 1126 -102.49 59.59 33.42
C PRO M 1126 -104.00 59.40 33.40
N GLN M 1127 -104.68 60.23 34.19
CA GLN M 1127 -106.13 60.25 34.21
C GLN M 1127 -106.58 61.70 34.23
N SER M 1128 -107.64 62.00 33.48
CA SER M 1128 -108.15 63.36 33.38
C SER M 1128 -109.65 63.36 33.62
N CYS M 1129 -110.13 64.42 34.27
CA CYS M 1129 -111.53 64.61 34.56
C CYS M 1129 -112.13 65.78 33.79
N GLU M 1130 -111.31 66.48 33.00
CA GLU M 1130 -111.71 67.68 32.27
C GLU M 1130 -112.91 67.44 31.35
N GLU M 1131 -113.16 66.20 30.94
CA GLU M 1131 -114.33 65.92 30.11
C GLU M 1131 -115.63 66.30 30.79
N ARG M 1132 -115.65 66.28 32.13
CA ARG M 1132 -116.84 66.65 32.88
C ARG M 1132 -116.94 68.15 33.12
N ASN M 1133 -115.84 68.88 32.96
CA ASN M 1133 -115.83 70.32 33.21
C ASN M 1133 -116.19 71.16 31.99
N LEU M 1134 -115.82 70.73 30.78
CA LEU M 1134 -116.31 71.38 29.57
C LEU M 1134 -117.81 71.19 29.41
N ARG M 1135 -118.48 72.21 28.88
CA ARG M 1135 -119.93 72.33 29.04
C ARG M 1135 -120.48 73.20 27.91
N GLU M 1136 -121.79 73.09 27.70
CA GLU M 1136 -122.49 73.95 26.74
C GLU M 1136 -122.39 75.43 27.11
N ASN M 1137 -122.20 75.74 28.38
CA ASN M 1137 -121.94 77.10 28.84
C ASN M 1137 -120.48 77.50 28.68
N GLY M 1138 -119.64 76.64 28.11
CA GLY M 1138 -118.21 76.83 28.09
C GLY M 1138 -117.47 75.87 28.99
N TYR M 1139 -117.10 76.30 30.19
CA TYR M 1139 -116.28 75.47 31.06
C TYR M 1139 -116.46 75.90 32.51
N GLU M 1140 -116.59 74.92 33.41
CA GLU M 1140 -116.48 75.18 34.85
C GLU M 1140 -115.82 73.99 35.53
N CYS M 1141 -114.82 74.27 36.35
CA CYS M 1141 -113.83 73.30 36.82
C CYS M 1141 -114.19 72.64 38.15
N GLU M 1142 -115.44 72.20 38.30
CA GLU M 1142 -115.86 71.57 39.56
C GLU M 1142 -115.26 70.19 39.75
N TRP M 1143 -115.09 69.40 38.69
CA TRP M 1143 -114.48 68.08 38.82
C TRP M 1143 -112.95 68.14 38.82
N ARG M 1144 -112.35 67.42 39.76
CA ARG M 1144 -110.91 67.23 39.84
C ARG M 1144 -110.62 65.76 40.07
N TYR M 1145 -109.53 65.26 39.50
CA TYR M 1145 -108.99 64.00 39.99
C TYR M 1145 -108.47 64.19 41.40
N ASN M 1146 -108.76 63.21 42.26
CA ASN M 1146 -108.15 63.14 43.58
C ASN M 1146 -107.60 61.74 43.79
N SER M 1147 -106.40 61.66 44.39
CA SER M 1147 -105.78 60.37 44.65
C SER M 1147 -106.75 59.41 45.32
N CYS M 1148 -107.45 59.87 46.34
CA CYS M 1148 -108.64 59.18 46.81
C CYS M 1148 -109.51 60.20 47.51
N ALA M 1149 -110.80 60.13 47.26
CA ALA M 1149 -111.79 61.01 47.87
C ALA M 1149 -112.74 60.18 48.72
N PRO M 1150 -113.45 60.81 49.67
CA PRO M 1150 -114.44 60.06 50.45
C PRO M 1150 -115.43 59.36 49.54
N ALA M 1151 -115.72 58.10 49.88
CA ALA M 1151 -116.33 57.21 48.90
C ALA M 1151 -117.80 57.53 48.66
N CYS M 1152 -118.53 57.86 49.71
CA CYS M 1152 -119.98 57.85 49.65
C CYS M 1152 -120.55 59.21 50.05
N GLN M 1153 -120.11 60.24 49.32
CA GLN M 1153 -120.55 61.60 49.55
C GLN M 1153 -122.07 61.73 49.46
N VAL M 1154 -122.57 62.84 50.01
CA VAL M 1154 -123.98 63.18 49.87
C VAL M 1154 -124.23 63.75 48.49
N THR M 1155 -125.39 63.45 47.91
CA THR M 1155 -125.77 63.94 46.59
C THR M 1155 -127.27 64.18 46.56
N CYS M 1156 -127.74 64.79 45.48
CA CYS M 1156 -129.17 64.95 45.28
C CYS M 1156 -129.90 63.63 45.18
N GLN M 1157 -129.21 62.56 44.80
CA GLN M 1157 -129.80 61.23 44.77
C GLN M 1157 -129.58 60.46 46.05
N HIS M 1158 -128.60 60.86 46.86
CA HIS M 1158 -128.34 60.23 48.16
C HIS M 1158 -128.22 61.33 49.22
N PRO M 1159 -129.31 62.04 49.49
CA PRO M 1159 -129.22 63.14 50.48
C PRO M 1159 -128.80 62.68 51.86
N GLU M 1160 -129.23 61.51 52.28
CA GLU M 1160 -128.85 61.01 53.59
C GLU M 1160 -127.49 60.33 53.53
N PRO M 1161 -126.69 60.44 54.58
CA PRO M 1161 -125.43 59.69 54.62
C PRO M 1161 -125.71 58.21 54.82
N LEU M 1162 -124.94 57.38 54.13
CA LEU M 1162 -125.15 55.94 54.15
C LEU M 1162 -123.81 55.24 54.32
N ALA M 1163 -123.76 54.28 55.23
CA ALA M 1163 -122.53 53.55 55.51
C ALA M 1163 -122.15 52.68 54.32
N CYS M 1164 -120.86 52.65 54.02
CA CYS M 1164 -120.37 51.92 52.87
C CYS M 1164 -118.95 51.44 53.16
N PRO M 1165 -118.52 50.33 52.55
CA PRO M 1165 -117.35 49.61 53.08
C PRO M 1165 -116.05 50.40 53.04
N VAL M 1166 -115.78 51.12 51.96
CA VAL M 1166 -114.47 51.73 51.73
C VAL M 1166 -114.54 53.21 52.07
N GLN M 1167 -113.55 53.68 52.83
CA GLN M 1167 -113.55 55.08 53.26
C GLN M 1167 -113.18 56.02 52.12
N CYS M 1168 -112.18 55.65 51.31
CA CYS M 1168 -111.59 56.58 50.37
C CYS M 1168 -111.26 55.85 49.09
N VAL M 1169 -111.68 56.40 47.95
CA VAL M 1169 -111.52 55.75 46.65
C VAL M 1169 -110.98 56.74 45.63
N GLU M 1170 -110.15 56.23 44.73
CA GLU M 1170 -109.56 57.03 43.66
C GLU M 1170 -110.60 57.39 42.59
N GLY M 1171 -110.39 58.54 41.97
CA GLY M 1171 -111.04 58.90 40.73
C GLY M 1171 -111.39 60.37 40.68
N CYS M 1172 -112.23 60.71 39.70
CA CYS M 1172 -112.76 62.06 39.56
C CYS M 1172 -113.73 62.39 40.68
N HIS M 1173 -113.51 63.54 41.31
CA HIS M 1173 -114.29 63.98 42.46
C HIS M 1173 -114.72 65.41 42.22
N ALA M 1174 -115.99 65.72 42.47
CA ALA M 1174 -116.51 67.07 42.36
C ALA M 1174 -116.30 67.82 43.67
N HIS M 1175 -115.53 68.90 43.62
CA HIS M 1175 -115.37 69.79 44.77
C HIS M 1175 -116.06 71.12 44.49
N CYS M 1176 -116.97 71.51 45.37
CA CYS M 1176 -117.79 72.69 45.19
C CYS M 1176 -118.10 73.30 46.55
N PRO M 1177 -118.56 74.55 46.59
CA PRO M 1177 -118.52 75.33 47.85
C PRO M 1177 -119.42 74.76 48.93
N PRO M 1178 -119.36 75.32 50.15
CA PRO M 1178 -120.20 74.82 51.24
C PRO M 1178 -121.69 74.97 50.94
N GLY M 1179 -122.48 74.06 51.52
CA GLY M 1179 -123.91 74.04 51.31
C GLY M 1179 -124.34 73.61 49.93
N LYS M 1180 -123.41 73.51 48.98
CA LYS M 1180 -123.71 73.10 47.62
C LYS M 1180 -123.61 71.59 47.52
N ILE M 1181 -124.52 70.98 46.74
CA ILE M 1181 -124.66 69.53 46.68
C ILE M 1181 -124.60 69.09 45.22
N LEU M 1182 -123.92 67.97 44.98
CA LEU M 1182 -123.86 67.40 43.63
C LEU M 1182 -125.19 66.78 43.22
N ASP M 1183 -125.59 67.01 41.98
CA ASP M 1183 -126.61 66.22 41.31
C ASP M 1183 -125.96 65.21 40.36
N GLU M 1184 -126.16 63.93 40.63
CA GLU M 1184 -125.57 62.87 39.82
C GLU M 1184 -126.14 62.81 38.40
N LEU M 1185 -127.39 63.22 38.21
CA LEU M 1185 -127.94 63.26 36.85
C LEU M 1185 -127.30 64.36 36.02
N LEU M 1186 -127.02 65.51 36.64
CA LEU M 1186 -126.32 66.59 35.94
C LEU M 1186 -124.81 66.41 35.96
N GLN M 1187 -124.28 65.54 36.81
CA GLN M 1187 -122.88 65.57 37.20
C GLN M 1187 -122.43 66.99 37.51
N THR M 1188 -123.28 67.74 38.23
CA THR M 1188 -123.08 69.15 38.48
C THR M 1188 -123.56 69.46 39.90
N CYS M 1189 -122.82 70.32 40.59
CA CYS M 1189 -123.23 70.81 41.90
C CYS M 1189 -124.40 71.79 41.79
N VAL M 1190 -125.43 71.56 42.62
CA VAL M 1190 -126.64 72.39 42.64
C VAL M 1190 -127.10 72.55 44.09
N ASP M 1191 -127.97 73.53 44.31
CA ASP M 1191 -128.47 73.79 45.66
C ASP M 1191 -129.26 72.59 46.17
N PRO M 1192 -129.35 72.44 47.50
CA PRO M 1192 -130.13 71.32 48.05
C PRO M 1192 -131.57 71.31 47.58
N GLU M 1193 -132.14 72.47 47.29
CA GLU M 1193 -133.53 72.55 46.83
C GLU M 1193 -133.70 72.22 45.36
N ASP M 1194 -132.60 72.07 44.61
CA ASP M 1194 -132.67 71.82 43.18
C ASP M 1194 -132.72 70.35 42.84
N CYS M 1195 -132.74 69.46 43.83
CA CYS M 1195 -132.72 68.03 43.55
C CYS M 1195 -133.99 67.63 42.80
N PRO M 1196 -133.90 66.70 41.84
CA PRO M 1196 -135.09 66.28 41.10
C PRO M 1196 -135.99 65.32 41.86
N VAL M 1197 -135.52 64.75 42.97
CA VAL M 1197 -136.33 63.82 43.75
C VAL M 1197 -136.26 64.15 45.23
N SER M 1262 -130.80 25.09 78.75
CA SER M 1262 -131.91 25.91 78.27
C SER M 1262 -133.03 25.04 77.70
N GLU M 1263 -134.27 25.49 77.86
CA GLU M 1263 -135.47 24.76 77.50
C GLU M 1263 -135.46 23.37 78.14
N PRO M 1264 -135.62 23.28 79.46
CA PRO M 1264 -135.69 21.96 80.13
C PRO M 1264 -136.84 21.10 79.63
N PRO M 1265 -138.06 21.65 79.38
CA PRO M 1265 -139.22 20.75 79.18
C PRO M 1265 -139.23 20.01 77.86
N LEU M 1266 -138.12 20.00 77.12
CA LEU M 1266 -138.06 19.22 75.89
C LEU M 1266 -138.33 17.74 76.15
N HIS M 1267 -138.04 17.26 77.35
CA HIS M 1267 -138.36 15.90 77.72
C HIS M 1267 -138.43 15.79 79.25
N ASP M 1268 -139.08 14.72 79.71
CA ASP M 1268 -139.17 14.49 81.16
C ASP M 1268 -137.79 14.28 81.77
N PHE M 1269 -136.85 13.72 81.00
CA PHE M 1269 -135.49 13.50 81.47
C PHE M 1269 -134.63 14.66 80.98
N TYR M 1270 -134.08 15.43 81.92
CA TYR M 1270 -133.23 16.57 81.60
C TYR M 1270 -132.07 16.55 82.58
N CYS M 1271 -130.85 16.66 82.06
CA CYS M 1271 -129.65 16.28 82.79
C CYS M 1271 -128.80 17.52 83.00
N SER M 1272 -128.99 18.19 84.15
CA SER M 1272 -128.29 19.41 84.49
C SER M 1272 -127.19 19.07 85.49
N ARG M 1273 -126.02 18.74 84.97
CA ARG M 1273 -124.88 18.36 85.81
C ARG M 1273 -123.62 18.47 84.99
N LEU M 1274 -122.48 18.46 85.68
CA LEU M 1274 -121.18 18.73 85.07
C LEU M 1274 -120.73 17.51 84.30
N LEU M 1275 -120.64 17.62 82.97
CA LEU M 1275 -120.24 16.52 82.13
C LEU M 1275 -119.58 17.03 80.85
N ASP M 1276 -118.58 16.31 80.37
CA ASP M 1276 -118.04 16.43 79.01
C ASP M 1276 -118.30 15.13 78.26
N LEU M 1277 -118.98 15.21 77.13
CA LEU M 1277 -119.48 14.02 76.42
C LEU M 1277 -119.07 14.06 74.96
N VAL M 1278 -118.53 12.94 74.45
CA VAL M 1278 -118.19 12.81 73.03
C VAL M 1278 -118.93 11.62 72.44
N PHE M 1279 -119.67 11.86 71.35
CA PHE M 1279 -120.28 10.80 70.56
C PHE M 1279 -119.34 10.39 69.42
N LEU M 1280 -118.87 9.14 69.44
CA LEU M 1280 -118.02 8.62 68.38
C LEU M 1280 -118.85 7.72 67.48
N LEU M 1281 -119.00 8.10 66.21
CA LEU M 1281 -119.95 7.47 65.30
C LEU M 1281 -119.22 6.69 64.20
N ASP M 1282 -119.55 5.41 64.06
CA ASP M 1282 -118.93 4.54 63.07
C ASP M 1282 -119.36 4.96 61.67
N GLY M 1283 -118.41 5.45 60.88
CA GLY M 1283 -118.67 5.85 59.51
C GLY M 1283 -118.44 4.77 58.48
N SER M 1284 -118.38 3.51 58.89
CA SER M 1284 -118.10 2.43 57.96
C SER M 1284 -119.34 2.02 57.18
N SER M 1285 -119.12 1.22 56.14
CA SER M 1285 -120.20 0.75 55.29
C SER M 1285 -121.11 -0.25 55.98
N ARG M 1286 -120.71 -0.79 57.14
CA ARG M 1286 -121.55 -1.73 57.86
C ARG M 1286 -122.85 -1.10 58.30
N LEU M 1287 -122.92 0.23 58.35
CA LEU M 1287 -124.18 0.95 58.52
C LEU M 1287 -124.55 1.58 57.18
N SER M 1288 -125.75 1.24 56.69
CA SER M 1288 -126.28 1.90 55.52
C SER M 1288 -126.68 3.33 55.89
N GLU M 1289 -126.84 4.17 54.86
CA GLU M 1289 -127.21 5.56 55.10
C GLU M 1289 -128.47 5.68 55.95
N ALA M 1290 -129.47 4.82 55.71
CA ALA M 1290 -130.68 4.84 56.51
C ALA M 1290 -130.38 4.55 57.98
N GLU M 1291 -129.54 3.56 58.23
CA GLU M 1291 -129.16 3.24 59.59
C GLU M 1291 -128.36 4.39 60.20
N PHE M 1292 -127.49 5.01 59.41
CA PHE M 1292 -126.75 6.13 59.94
C PHE M 1292 -127.69 7.28 60.29
N GLU M 1293 -128.79 7.42 59.56
CA GLU M 1293 -129.78 8.45 59.86
C GLU M 1293 -130.43 8.20 61.21
N VAL M 1294 -130.81 6.95 61.48
CA VAL M 1294 -131.44 6.71 62.79
C VAL M 1294 -130.40 6.84 63.91
N LEU M 1295 -129.14 6.51 63.62
CA LEU M 1295 -128.07 6.72 64.59
C LEU M 1295 -127.90 8.20 64.90
N LYS M 1296 -127.98 9.04 63.88
CA LYS M 1296 -127.91 10.47 64.05
C LYS M 1296 -129.09 10.98 64.88
N ALA M 1297 -130.27 10.44 64.62
CA ALA M 1297 -131.45 10.84 65.39
C ALA M 1297 -131.29 10.46 66.86
N PHE M 1298 -130.68 9.30 67.12
CA PHE M 1298 -130.34 8.89 68.49
C PHE M 1298 -129.41 9.89 69.18
N VAL M 1299 -128.37 10.32 68.46
CA VAL M 1299 -127.51 11.40 69.00
C VAL M 1299 -128.32 12.65 69.25
N VAL M 1300 -129.21 13.00 68.33
CA VAL M 1300 -129.90 14.29 68.43
C VAL M 1300 -130.83 14.30 69.62
N ASP M 1301 -131.60 13.23 69.83
CA ASP M 1301 -132.50 13.22 70.98
C ASP M 1301 -131.73 13.16 72.30
N MET M 1302 -130.60 12.44 72.33
CA MET M 1302 -129.78 12.51 73.54
C MET M 1302 -129.30 13.92 73.81
N MET M 1303 -128.93 14.67 72.77
CA MET M 1303 -128.60 16.07 72.98
C MET M 1303 -129.81 16.89 73.40
N GLU M 1304 -131.01 16.50 72.99
CA GLU M 1304 -132.21 17.12 73.54
C GLU M 1304 -132.33 16.88 75.02
N ARG M 1305 -131.83 15.75 75.51
CA ARG M 1305 -131.98 15.37 76.91
C ARG M 1305 -130.77 15.77 77.77
N LEU M 1306 -129.86 16.57 77.25
CA LEU M 1306 -128.74 17.09 78.01
C LEU M 1306 -128.79 18.61 78.06
N ARG M 1307 -128.41 19.18 79.21
CA ARG M 1307 -128.36 20.64 79.37
C ARG M 1307 -127.09 21.14 78.70
N ILE M 1308 -127.21 21.48 77.42
CA ILE M 1308 -126.04 21.84 76.61
C ILE M 1308 -125.62 23.26 76.94
N SER M 1309 -124.38 23.43 77.39
CA SER M 1309 -123.76 24.73 77.65
C SER M 1309 -122.33 24.48 78.09
N GLN M 1310 -121.52 25.54 78.07
CA GLN M 1310 -120.18 25.44 78.65
C GLN M 1310 -120.27 25.12 80.13
N LYS M 1311 -121.22 25.73 80.83
CA LYS M 1311 -121.65 25.22 82.12
C LYS M 1311 -122.43 23.94 81.92
N TRP M 1312 -122.44 23.10 82.95
CA TRP M 1312 -123.15 21.81 82.90
C TRP M 1312 -122.52 20.92 81.83
N VAL M 1313 -123.25 20.59 80.77
CA VAL M 1313 -122.85 19.52 79.86
C VAL M 1313 -122.28 20.14 78.58
N ARG M 1314 -121.09 19.69 78.20
CA ARG M 1314 -120.47 19.99 76.92
C ARG M 1314 -120.49 18.74 76.05
N VAL M 1315 -120.87 18.90 74.78
CA VAL M 1315 -121.07 17.78 73.87
C VAL M 1315 -120.20 17.97 72.64
N ALA M 1316 -119.60 16.89 72.17
CA ALA M 1316 -118.88 16.85 70.91
C ALA M 1316 -119.32 15.63 70.11
N VAL M 1317 -119.27 15.76 68.79
CA VAL M 1317 -119.70 14.70 67.89
C VAL M 1317 -118.57 14.43 66.91
N VAL M 1318 -118.23 13.15 66.76
CA VAL M 1318 -117.05 12.76 65.98
C VAL M 1318 -117.40 11.53 65.16
N GLU M 1319 -117.43 11.68 63.84
CA GLU M 1319 -117.50 10.53 62.95
C GLU M 1319 -116.10 10.05 62.62
N TYR M 1320 -115.90 8.73 62.70
CA TYR M 1320 -114.63 8.12 62.33
C TYR M 1320 -114.85 7.19 61.15
N HIS M 1321 -114.11 7.44 60.06
CA HIS M 1321 -114.19 6.64 58.85
C HIS M 1321 -112.79 6.36 58.32
N ASP M 1322 -111.92 5.85 59.19
CA ASP M 1322 -110.47 5.75 59.06
C ASP M 1322 -109.81 7.11 59.32
N GLY M 1323 -110.59 8.17 59.47
CA GLY M 1323 -110.08 9.41 59.99
C GLY M 1323 -111.16 10.06 60.82
N SER M 1324 -110.74 10.77 61.85
CA SER M 1324 -111.66 11.23 62.89
C SER M 1324 -112.28 12.57 62.49
N HIS M 1325 -113.39 12.50 61.77
CA HIS M 1325 -114.13 13.69 61.33
C HIS M 1325 -114.97 14.26 62.48
N ALA M 1326 -114.48 15.32 63.10
CA ALA M 1326 -115.21 15.99 64.16
C ALA M 1326 -116.17 17.03 63.57
N TYR M 1327 -117.43 16.95 63.98
CA TYR M 1327 -118.44 17.93 63.56
C TYR M 1327 -118.76 18.95 64.64
N ILE M 1328 -118.67 18.58 65.91
CA ILE M 1328 -118.89 19.50 67.02
C ILE M 1328 -117.75 19.31 68.02
N GLY M 1329 -117.22 20.42 68.51
CA GLY M 1329 -116.20 20.38 69.54
C GLY M 1329 -116.72 20.90 70.87
N LEU M 1330 -116.09 20.47 71.96
CA LEU M 1330 -116.55 20.91 73.27
C LEU M 1330 -116.37 22.40 73.48
N LYS M 1331 -115.50 23.04 72.70
CA LYS M 1331 -115.30 24.48 72.82
C LYS M 1331 -116.34 25.28 72.06
N ASP M 1332 -117.14 24.63 71.21
CA ASP M 1332 -118.10 25.37 70.39
C ASP M 1332 -119.10 26.10 71.27
N ARG M 1333 -119.26 27.39 71.01
CA ARG M 1333 -120.14 28.26 71.79
C ARG M 1333 -121.54 28.36 71.20
N LYS M 1334 -121.84 27.59 70.17
CA LYS M 1334 -123.13 27.71 69.49
C LYS M 1334 -124.26 27.26 70.41
N ARG M 1335 -125.45 27.79 70.13
CA ARG M 1335 -126.61 27.54 70.98
C ARG M 1335 -127.07 26.09 70.85
N PRO M 1336 -127.77 25.57 71.86
CA PRO M 1336 -128.18 24.15 71.81
C PRO M 1336 -128.98 23.78 70.58
N SER M 1337 -129.86 24.66 70.11
CA SER M 1337 -130.62 24.35 68.90
C SER M 1337 -129.71 24.22 67.69
N GLU M 1338 -128.74 25.13 67.56
CA GLU M 1338 -127.78 25.04 66.46
C GLU M 1338 -126.95 23.77 66.55
N LEU M 1339 -126.54 23.39 67.76
CA LEU M 1339 -125.77 22.17 67.93
C LEU M 1339 -126.58 20.94 67.56
N ARG M 1340 -127.86 20.90 67.95
CA ARG M 1340 -128.71 19.79 67.56
C ARG M 1340 -128.90 19.74 66.05
N ARG M 1341 -129.03 20.91 65.42
CA ARG M 1341 -129.12 20.95 63.95
C ARG M 1341 -127.86 20.39 63.31
N ILE M 1342 -126.69 20.80 63.82
CA ILE M 1342 -125.43 20.31 63.27
C ILE M 1342 -125.34 18.79 63.42
N ALA M 1343 -125.72 18.27 64.59
CA ALA M 1343 -125.71 16.84 64.79
C ALA M 1343 -126.67 16.14 63.83
N SER M 1344 -127.85 16.72 63.62
CA SER M 1344 -128.82 16.14 62.71
C SER M 1344 -128.31 16.13 61.28
N GLN M 1345 -127.44 17.08 60.92
CA GLN M 1345 -126.95 17.18 59.56
C GLN M 1345 -125.54 16.62 59.39
N VAL M 1346 -125.12 15.72 60.27
CA VAL M 1346 -123.87 14.99 60.07
C VAL M 1346 -123.98 14.14 58.82
N LYS M 1347 -122.96 14.20 57.97
CA LYS M 1347 -123.02 13.45 56.72
C LYS M 1347 -122.61 12.01 56.95
N TYR M 1348 -122.85 11.20 55.93
CA TYR M 1348 -122.59 9.76 55.97
C TYR M 1348 -121.40 9.45 55.08
N ALA M 1349 -120.40 8.78 55.64
CA ALA M 1349 -119.19 8.46 54.90
C ALA M 1349 -119.28 7.12 54.18
N GLY M 1350 -119.59 6.06 54.92
CA GLY M 1350 -119.68 4.74 54.31
C GLY M 1350 -118.37 4.15 53.87
N SER M 1351 -117.32 4.31 54.68
CA SER M 1351 -116.03 3.74 54.36
C SER M 1351 -116.05 2.22 54.51
N GLN M 1352 -115.15 1.56 53.81
CA GLN M 1352 -115.03 0.11 53.97
C GLN M 1352 -114.31 -0.27 55.24
N VAL M 1353 -113.55 0.65 55.84
CA VAL M 1353 -112.85 0.41 57.09
C VAL M 1353 -112.96 1.65 57.96
N ALA M 1354 -113.16 1.45 59.26
CA ALA M 1354 -113.25 2.54 60.22
C ALA M 1354 -112.42 2.16 61.44
N SER M 1355 -111.16 2.60 61.44
CA SER M 1355 -110.24 2.27 62.52
C SER M 1355 -110.74 2.78 63.86
N THR M 1356 -111.05 1.86 64.77
CA THR M 1356 -111.55 2.20 66.09
C THR M 1356 -110.44 2.65 67.01
N SER M 1357 -109.27 2.01 66.90
CA SER M 1357 -108.10 2.46 67.63
C SER M 1357 -107.70 3.86 67.20
N GLU M 1358 -107.89 4.19 65.93
CA GLU M 1358 -107.53 5.53 65.45
C GLU M 1358 -108.41 6.59 66.09
N VAL M 1359 -109.71 6.33 66.25
CA VAL M 1359 -110.56 7.33 66.89
C VAL M 1359 -110.31 7.40 68.38
N LEU M 1360 -109.94 6.28 69.01
CA LEU M 1360 -109.47 6.37 70.40
C LEU M 1360 -108.21 7.21 70.51
N LYS M 1361 -107.30 7.09 69.55
CA LYS M 1361 -106.11 7.93 69.54
C LYS M 1361 -106.49 9.39 69.37
N TYR M 1362 -107.40 9.67 68.44
CA TYR M 1362 -107.83 11.04 68.21
C TYR M 1362 -108.41 11.65 69.48
N THR M 1363 -109.38 10.97 70.10
CA THR M 1363 -110.00 11.56 71.28
C THR M 1363 -109.00 11.74 72.41
N LEU M 1364 -108.07 10.78 72.55
CA LEU M 1364 -107.07 10.84 73.62
C LEU M 1364 -106.13 12.02 73.44
N PHE M 1365 -105.57 12.20 72.25
CA PHE M 1365 -104.52 13.18 72.08
C PHE M 1365 -105.02 14.53 71.60
N GLN M 1366 -106.19 14.60 70.99
CA GLN M 1366 -106.69 15.85 70.42
C GLN M 1366 -107.95 16.37 71.09
N ILE M 1367 -108.88 15.51 71.49
CA ILE M 1367 -110.08 16.03 72.15
C ILE M 1367 -109.78 16.39 73.60
N PHE M 1368 -109.35 15.39 74.36
CA PHE M 1368 -108.93 15.57 75.75
C PHE M 1368 -107.44 15.86 75.86
N SER M 1369 -106.94 16.75 75.00
CA SER M 1369 -105.53 17.12 75.08
C SER M 1369 -105.20 17.80 76.41
N LYS M 1370 -106.08 18.68 76.87
CA LYS M 1370 -105.93 19.34 78.16
C LYS M 1370 -107.26 19.24 78.90
N ILE M 1371 -107.19 18.79 80.16
CA ILE M 1371 -108.39 18.67 80.99
C ILE M 1371 -108.71 20.02 81.59
N ASP M 1372 -109.51 20.82 80.88
CA ASP M 1372 -109.87 22.14 81.36
C ASP M 1372 -111.02 22.15 82.36
N ARG M 1373 -111.68 21.01 82.57
CA ARG M 1373 -112.73 20.88 83.59
C ARG M 1373 -112.45 19.64 84.44
N PRO M 1374 -111.38 19.67 85.24
CA PRO M 1374 -111.00 18.47 86.01
C PRO M 1374 -112.08 18.01 86.98
N GLU M 1375 -112.97 18.90 87.40
CA GLU M 1375 -114.09 18.52 88.25
C GLU M 1375 -115.23 17.85 87.48
N ALA M 1376 -115.37 18.12 86.19
CA ALA M 1376 -116.44 17.53 85.40
C ALA M 1376 -116.08 16.12 84.93
N SER M 1377 -117.08 15.24 84.88
CA SER M 1377 -116.88 13.90 84.35
C SER M 1377 -116.68 13.94 82.84
N ARG M 1378 -115.80 13.07 82.34
CA ARG M 1378 -115.46 13.00 80.92
C ARG M 1378 -115.81 11.62 80.37
N ILE M 1379 -116.70 11.57 79.38
CA ILE M 1379 -117.27 10.32 78.89
C ILE M 1379 -117.26 10.31 77.36
N ALA M 1380 -116.98 9.15 76.77
CA ALA M 1380 -117.05 8.92 75.33
C ALA M 1380 -117.94 7.73 75.04
N LEU M 1381 -118.88 7.88 74.11
CA LEU M 1381 -119.62 6.73 73.56
C LEU M 1381 -118.90 6.24 72.32
N LEU M 1382 -118.20 5.12 72.44
CA LEU M 1382 -117.59 4.48 71.27
C LEU M 1382 -118.64 3.63 70.57
N LEU M 1383 -119.52 4.30 69.85
CA LEU M 1383 -120.58 3.62 69.13
C LEU M 1383 -119.99 3.02 67.86
N MET M 1384 -120.07 1.71 67.72
CA MET M 1384 -119.25 0.97 66.79
C MET M 1384 -120.02 -0.20 66.18
N ALA M 1385 -119.81 -0.44 64.89
CA ALA M 1385 -120.62 -1.40 64.16
C ALA M 1385 -119.81 -2.18 63.13
N SER M 1386 -118.48 -2.19 63.24
CA SER M 1386 -117.65 -2.77 62.20
C SER M 1386 -116.36 -3.30 62.82
N GLN M 1387 -115.75 -4.27 62.11
CA GLN M 1387 -114.43 -4.75 62.47
C GLN M 1387 -113.37 -3.79 61.93
N GLU M 1388 -112.12 -4.04 62.31
CA GLU M 1388 -110.98 -3.37 61.72
C GLU M 1388 -109.88 -4.38 61.48
N PRO M 1389 -109.04 -4.18 60.47
CA PRO M 1389 -107.95 -5.12 60.22
C PRO M 1389 -107.06 -5.24 61.45
N GLN M 1390 -106.55 -6.45 61.68
CA GLN M 1390 -105.81 -6.73 62.90
C GLN M 1390 -104.59 -5.82 63.03
N ARG M 1391 -103.93 -5.52 61.91
CA ARG M 1391 -102.74 -4.68 61.97
C ARG M 1391 -103.03 -3.31 62.54
N MET M 1392 -104.27 -2.84 62.42
CA MET M 1392 -104.64 -1.52 62.92
C MET M 1392 -105.08 -1.53 64.37
N SER M 1393 -105.25 -2.71 64.98
CA SER M 1393 -105.74 -2.83 66.35
C SER M 1393 -104.62 -2.96 67.37
N ARG M 1394 -103.36 -2.77 66.96
CA ARG M 1394 -102.25 -3.13 67.83
C ARG M 1394 -102.08 -2.18 69.01
N ASN M 1395 -102.46 -0.91 68.85
CA ASN M 1395 -102.31 0.07 69.91
C ASN M 1395 -103.62 0.39 70.61
N PHE M 1396 -104.64 -0.44 70.41
CA PHE M 1396 -105.96 -0.19 70.96
C PHE M 1396 -105.94 -0.14 72.49
N VAL M 1397 -105.34 -1.17 73.10
CA VAL M 1397 -105.28 -1.25 74.56
C VAL M 1397 -104.52 -0.08 75.14
N ARG M 1398 -103.43 0.33 74.48
CA ARG M 1398 -102.65 1.46 74.97
C ARG M 1398 -103.50 2.71 75.04
N TYR M 1399 -104.29 2.97 73.98
CA TYR M 1399 -105.10 4.18 73.95
C TYR M 1399 -106.21 4.13 74.99
N VAL M 1400 -106.87 2.98 75.16
CA VAL M 1400 -107.93 2.93 76.15
C VAL M 1400 -107.37 3.09 77.56
N GLN M 1401 -106.18 2.52 77.81
CA GLN M 1401 -105.57 2.71 79.12
C GLN M 1401 -105.14 4.15 79.33
N GLY M 1402 -104.65 4.82 78.29
CA GLY M 1402 -104.35 6.23 78.41
C GLY M 1402 -105.58 7.05 78.72
N LEU M 1403 -106.70 6.71 78.08
CA LEU M 1403 -107.96 7.38 78.39
C LEU M 1403 -108.37 7.14 79.84
N LYS M 1404 -108.14 5.92 80.34
CA LYS M 1404 -108.42 5.64 81.74
C LYS M 1404 -107.56 6.50 82.66
N LYS M 1405 -106.27 6.64 82.31
CA LYS M 1405 -105.38 7.45 83.15
C LYS M 1405 -105.82 8.90 83.20
N LYS M 1406 -106.48 9.38 82.15
CA LYS M 1406 -107.11 10.70 82.17
C LYS M 1406 -108.50 10.67 82.81
N LYS M 1407 -108.92 9.50 83.31
CA LYS M 1407 -110.29 9.26 83.77
C LYS M 1407 -111.36 9.63 82.73
N VAL M 1408 -111.02 9.49 81.45
CA VAL M 1408 -112.02 9.58 80.39
C VAL M 1408 -112.72 8.23 80.28
N ILE M 1409 -113.99 8.18 80.69
CA ILE M 1409 -114.79 6.97 80.58
C ILE M 1409 -115.09 6.69 79.12
N VAL M 1410 -115.01 5.42 78.71
CA VAL M 1410 -115.43 4.98 77.39
C VAL M 1410 -116.51 3.92 77.50
N ILE M 1411 -117.68 4.21 76.96
CA ILE M 1411 -118.83 3.31 76.95
C ILE M 1411 -119.00 2.76 75.54
N PRO M 1412 -118.49 1.56 75.24
CA PRO M 1412 -118.68 0.98 73.91
C PRO M 1412 -120.13 0.57 73.67
N VAL M 1413 -120.64 0.93 72.50
CA VAL M 1413 -122.00 0.58 72.10
C VAL M 1413 -121.93 -0.19 70.78
N GLY M 1414 -121.70 -1.49 70.88
CA GLY M 1414 -121.61 -2.33 69.69
C GLY M 1414 -122.99 -2.55 69.09
N ILE M 1415 -123.07 -2.44 67.76
CA ILE M 1415 -124.33 -2.61 67.04
C ILE M 1415 -124.12 -3.54 65.87
N GLY M 1416 -125.01 -4.54 65.73
CA GLY M 1416 -125.01 -5.41 64.59
C GLY M 1416 -124.07 -6.59 64.72
N PRO M 1417 -124.23 -7.57 63.82
CA PRO M 1417 -123.36 -8.75 63.87
C PRO M 1417 -121.90 -8.44 63.62
N HIS M 1418 -121.60 -7.36 62.92
CA HIS M 1418 -120.22 -7.03 62.56
C HIS M 1418 -119.51 -6.18 63.60
N ALA M 1419 -120.15 -5.85 64.72
CA ALA M 1419 -119.47 -5.11 65.77
C ALA M 1419 -118.26 -5.89 66.28
N ASN M 1420 -117.19 -5.16 66.60
CA ASN M 1420 -115.94 -5.76 67.06
C ASN M 1420 -116.06 -6.09 68.55
N LEU M 1421 -116.78 -7.18 68.84
CA LEU M 1421 -117.01 -7.60 70.21
C LEU M 1421 -115.73 -7.76 71.02
N LYS M 1422 -114.66 -8.23 70.38
CA LYS M 1422 -113.39 -8.40 71.08
C LYS M 1422 -112.87 -7.07 71.64
N GLN M 1423 -112.89 -6.02 70.82
CA GLN M 1423 -112.47 -4.71 71.27
C GLN M 1423 -113.37 -4.19 72.38
N ILE M 1424 -114.66 -4.52 72.31
CA ILE M 1424 -115.62 -4.16 73.35
C ILE M 1424 -115.24 -4.80 74.68
N ARG M 1425 -115.00 -6.11 74.68
CA ARG M 1425 -114.62 -6.78 75.92
C ARG M 1425 -113.28 -6.27 76.44
N LEU M 1426 -112.35 -5.96 75.53
CA LEU M 1426 -111.08 -5.39 75.95
C LEU M 1426 -111.28 -4.04 76.65
N ILE M 1427 -112.20 -3.21 76.14
CA ILE M 1427 -112.53 -1.98 76.83
C ILE M 1427 -113.13 -2.26 78.19
N GLU M 1428 -114.05 -3.23 78.26
CA GLU M 1428 -114.70 -3.53 79.53
C GLU M 1428 -113.69 -3.99 80.58
N LYS M 1429 -112.65 -4.71 80.16
CA LYS M 1429 -111.67 -5.23 81.10
C LYS M 1429 -110.88 -4.13 81.79
N GLN M 1430 -110.82 -2.93 81.19
CA GLN M 1430 -109.98 -1.87 81.73
C GLN M 1430 -110.56 -1.24 82.99
N ALA M 1431 -111.88 -1.04 83.03
CA ALA M 1431 -112.48 -0.38 84.18
C ALA M 1431 -113.95 -0.80 84.29
N PRO M 1432 -114.48 -0.96 85.50
CA PRO M 1432 -115.89 -1.37 85.62
C PRO M 1432 -116.87 -0.37 85.02
N GLU M 1433 -116.58 0.93 85.12
CA GLU M 1433 -117.49 1.94 84.62
C GLU M 1433 -117.57 1.95 83.09
N ASN M 1434 -116.60 1.31 82.42
CA ASN M 1434 -116.64 1.16 80.97
C ASN M 1434 -117.52 -0.02 80.56
N LYS M 1435 -118.75 -0.07 81.07
CA LYS M 1435 -119.62 -1.20 80.78
C LYS M 1435 -120.21 -1.07 79.38
N ALA M 1436 -120.36 -2.20 78.70
CA ALA M 1436 -120.69 -2.21 77.29
C ALA M 1436 -122.19 -2.36 77.06
N PHE M 1437 -122.66 -1.74 76.00
CA PHE M 1437 -123.98 -1.99 75.43
C PHE M 1437 -123.80 -2.70 74.09
N VAL M 1438 -124.52 -3.79 73.89
CA VAL M 1438 -124.48 -4.52 72.63
C VAL M 1438 -125.90 -4.60 72.08
N LEU M 1439 -126.09 -4.12 70.86
CA LEU M 1439 -127.41 -3.97 70.27
C LEU M 1439 -127.52 -4.84 69.02
N SER M 1440 -128.72 -5.40 68.82
CA SER M 1440 -128.97 -6.18 67.62
C SER M 1440 -128.88 -5.31 66.36
N SER M 1441 -129.41 -4.09 66.42
CA SER M 1441 -129.41 -3.21 65.26
C SER M 1441 -129.59 -1.79 65.75
N VAL M 1442 -129.37 -0.85 64.83
CA VAL M 1442 -129.41 0.57 65.17
C VAL M 1442 -130.77 1.00 65.72
N ASP M 1443 -131.85 0.36 65.26
CA ASP M 1443 -133.17 0.75 65.74
C ASP M 1443 -133.37 0.42 67.22
N GLU M 1444 -132.53 -0.45 67.79
CA GLU M 1444 -132.59 -0.73 69.22
C GLU M 1444 -132.05 0.43 70.05
N LEU M 1445 -131.39 1.41 69.42
CA LEU M 1445 -131.00 2.62 70.12
C LEU M 1445 -132.21 3.36 70.67
N GLU M 1446 -133.32 3.34 69.94
CA GLU M 1446 -134.54 3.96 70.44
C GLU M 1446 -134.99 3.34 71.74
N GLN M 1447 -134.72 2.06 71.94
CA GLN M 1447 -135.11 1.38 73.17
C GLN M 1447 -134.08 1.59 74.26
N GLN M 1448 -132.80 1.63 73.90
CA GLN M 1448 -131.72 1.72 74.89
C GLN M 1448 -131.47 3.15 75.35
N ARG M 1449 -132.03 4.14 74.66
CA ARG M 1449 -131.70 5.55 74.90
C ARG M 1449 -131.94 5.95 76.35
N ASP M 1450 -133.09 5.57 76.91
CA ASP M 1450 -133.45 6.04 78.23
C ASP M 1450 -132.43 5.60 79.28
N GLU M 1451 -132.12 4.31 79.31
CA GLU M 1451 -131.16 3.86 80.32
C GLU M 1451 -129.76 4.32 79.99
N ILE M 1452 -129.43 4.53 78.70
CA ILE M 1452 -128.13 5.09 78.37
C ILE M 1452 -127.96 6.47 78.98
N VAL M 1453 -128.94 7.35 78.79
CA VAL M 1453 -128.83 8.69 79.36
C VAL M 1453 -128.86 8.63 80.88
N SER M 1454 -129.65 7.71 81.45
CA SER M 1454 -129.67 7.56 82.90
C SER M 1454 -128.29 7.20 83.42
N TYR M 1455 -127.63 6.25 82.76
CA TYR M 1455 -126.28 5.86 83.16
C TYR M 1455 -125.29 7.01 83.02
N LEU M 1456 -125.37 7.73 81.88
CA LEU M 1456 -124.48 8.86 81.66
C LEU M 1456 -124.61 9.90 82.76
N CYS M 1457 -125.83 10.20 83.17
CA CYS M 1457 -126.03 11.21 84.20
C CYS M 1457 -125.75 10.67 85.59
N ASP M 1458 -125.84 9.36 85.79
CA ASP M 1458 -125.35 8.76 87.02
C ASP M 1458 -123.84 8.89 87.13
N LEU M 1459 -123.13 8.84 86.00
CA LEU M 1459 -121.67 8.98 85.99
C LEU M 1459 -121.20 10.42 86.09
N ALA M 1460 -122.08 11.39 86.26
CA ALA M 1460 -121.70 12.79 86.29
C ALA M 1460 -122.12 13.46 87.61
N PRO M 1461 -121.24 14.26 88.21
CA PRO M 1461 -121.59 14.94 89.46
C PRO M 1461 -122.36 16.22 89.21
N GLU M 1462 -123.05 16.66 90.27
CA GLU M 1462 -123.78 17.91 90.25
C GLU M 1462 -122.86 19.08 90.57
N ALA M 1463 -123.40 20.30 90.49
CA ALA M 1463 -122.64 21.50 90.78
C ALA M 1463 -122.27 21.56 92.26
N SER N 31 -132.40 -21.66 -101.85
CA SER N 31 -132.53 -20.70 -100.76
C SER N 31 -131.40 -20.88 -99.74
N THR N 32 -131.52 -21.91 -98.91
CA THR N 32 -130.53 -22.19 -97.88
C THR N 32 -130.71 -23.63 -97.42
N ALA N 33 -129.59 -24.29 -97.14
CA ALA N 33 -129.61 -25.68 -96.73
C ALA N 33 -129.79 -25.81 -95.22
N ARG N 34 -130.07 -27.03 -94.78
CA ARG N 34 -130.18 -27.33 -93.36
C ARG N 34 -129.54 -28.67 -93.08
N CYS N 35 -128.71 -28.73 -92.05
CA CYS N 35 -128.14 -29.96 -91.56
C CYS N 35 -128.45 -30.11 -90.09
N SER N 36 -128.66 -31.33 -89.64
CA SER N 36 -129.08 -31.56 -88.27
C SER N 36 -128.41 -32.80 -87.72
N LEU N 37 -127.96 -32.71 -86.48
CA LEU N 37 -127.51 -33.86 -85.70
C LEU N 37 -128.39 -33.93 -84.48
N PHE N 38 -129.21 -34.97 -84.40
CA PHE N 38 -130.37 -35.00 -83.53
C PHE N 38 -130.51 -36.38 -82.90
N GLY N 39 -131.32 -36.44 -81.87
CA GLY N 39 -131.49 -37.68 -81.17
C GLY N 39 -130.20 -38.06 -80.47
N SER N 40 -130.08 -39.35 -80.18
CA SER N 40 -128.88 -39.82 -79.50
C SER N 40 -127.68 -39.85 -80.44
N ASP N 41 -127.83 -40.46 -81.62
CA ASP N 41 -126.69 -40.72 -82.48
C ASP N 41 -127.01 -40.53 -83.96
N PHE N 42 -127.89 -39.61 -84.31
CA PHE N 42 -128.38 -39.51 -85.67
C PHE N 42 -127.93 -38.22 -86.35
N VAL N 43 -127.86 -38.26 -87.67
CA VAL N 43 -127.43 -37.13 -88.48
C VAL N 43 -128.37 -37.00 -89.66
N ASN N 44 -128.54 -35.77 -90.14
CA ASN N 44 -129.29 -35.50 -91.36
C ASN N 44 -128.48 -34.53 -92.21
N THR N 45 -128.22 -34.91 -93.46
CA THR N 45 -127.34 -34.15 -94.33
C THR N 45 -128.07 -32.99 -94.98
N PHE N 46 -127.32 -32.15 -95.68
CA PHE N 46 -127.91 -31.02 -96.39
C PHE N 46 -128.88 -31.48 -97.46
N ASP N 47 -128.58 -32.60 -98.12
CA ASP N 47 -129.38 -33.07 -99.24
C ASP N 47 -130.43 -34.10 -98.83
N GLY N 48 -130.57 -34.38 -97.55
CA GLY N 48 -131.61 -35.25 -97.06
C GLY N 48 -131.17 -36.64 -96.66
N SER N 49 -129.97 -37.05 -97.03
CA SER N 49 -129.48 -38.34 -96.57
C SER N 49 -129.40 -38.35 -95.05
N MET N 50 -129.85 -39.44 -94.45
CA MET N 50 -130.01 -39.50 -93.00
C MET N 50 -129.47 -40.83 -92.51
N TYR N 51 -128.71 -40.80 -91.42
CA TYR N 51 -128.01 -41.98 -90.94
C TYR N 51 -127.68 -41.79 -89.47
N SER N 52 -127.12 -42.84 -88.88
CA SER N 52 -126.71 -42.82 -87.48
C SER N 52 -125.20 -42.90 -87.37
N PHE N 53 -124.65 -42.17 -86.41
CA PHE N 53 -123.22 -42.23 -86.12
C PHE N 53 -122.99 -41.88 -84.67
N ALA N 54 -122.35 -42.78 -83.94
CA ALA N 54 -122.00 -42.56 -82.54
C ALA N 54 -120.51 -42.26 -82.46
N GLY N 55 -120.17 -40.99 -82.66
CA GLY N 55 -118.78 -40.58 -82.68
C GLY N 55 -118.14 -40.58 -81.31
N TYR N 56 -116.81 -40.73 -81.31
CA TYR N 56 -116.03 -40.67 -80.09
C TYR N 56 -114.97 -39.58 -80.15
N CYS N 57 -114.97 -38.76 -81.19
CA CYS N 57 -114.01 -37.69 -81.37
C CYS N 57 -114.74 -36.49 -81.95
N SER N 58 -113.99 -35.53 -82.48
CA SER N 58 -114.57 -34.39 -83.15
C SER N 58 -114.53 -34.59 -84.65
N TYR N 59 -115.59 -34.17 -85.34
CA TYR N 59 -115.74 -34.45 -86.76
C TYR N 59 -116.15 -33.19 -87.49
N LEU N 60 -115.75 -33.10 -88.75
CA LEU N 60 -116.14 -31.97 -89.58
C LEU N 60 -117.58 -32.13 -90.02
N LEU N 61 -118.44 -31.21 -89.61
CA LEU N 61 -119.84 -31.23 -90.05
C LEU N 61 -119.99 -30.56 -91.40
N ALA N 62 -119.38 -29.40 -91.57
CA ALA N 62 -119.48 -28.69 -92.84
C ALA N 62 -118.33 -27.70 -92.92
N GLY N 63 -118.07 -27.24 -94.14
CA GLY N 63 -117.04 -26.25 -94.34
C GLY N 63 -116.64 -26.19 -95.80
N GLY N 64 -115.90 -25.15 -96.13
CA GLY N 64 -115.32 -25.03 -97.44
C GLY N 64 -114.46 -26.24 -97.72
N CYS N 65 -114.72 -26.92 -98.82
CA CYS N 65 -114.24 -28.28 -98.95
C CYS N 65 -112.91 -28.37 -99.67
N GLN N 66 -112.65 -27.46 -100.61
CA GLN N 66 -111.33 -27.29 -101.19
C GLN N 66 -110.53 -26.22 -100.45
N LYS N 67 -111.07 -25.00 -100.41
CA LYS N 67 -110.49 -23.90 -99.64
C LYS N 67 -111.35 -23.67 -98.41
N ARG N 68 -110.87 -24.13 -97.26
CA ARG N 68 -111.67 -24.16 -96.03
C ARG N 68 -111.47 -22.86 -95.28
N SER N 69 -112.25 -21.85 -95.69
CA SER N 69 -112.23 -20.57 -95.00
C SER N 69 -112.78 -20.68 -93.58
N PHE N 70 -113.71 -21.60 -93.35
CA PHE N 70 -114.24 -21.85 -92.02
C PHE N 70 -114.55 -23.33 -91.89
N SER N 71 -114.61 -23.79 -90.64
CA SER N 71 -114.90 -25.19 -90.37
C SER N 71 -115.89 -25.26 -89.22
N ILE N 72 -116.97 -26.01 -89.43
CA ILE N 72 -117.93 -26.30 -88.37
C ILE N 72 -117.67 -27.70 -87.88
N ILE N 73 -117.37 -27.85 -86.60
CA ILE N 73 -116.85 -29.09 -86.05
C ILE N 73 -117.76 -29.52 -84.91
N GLY N 74 -118.28 -30.74 -85.00
CA GLY N 74 -119.08 -31.31 -83.94
C GLY N 74 -118.24 -32.22 -83.07
N ASP N 75 -118.31 -32.00 -81.77
CA ASP N 75 -117.52 -32.75 -80.81
C ASP N 75 -118.40 -33.77 -80.11
N PHE N 76 -117.92 -35.00 -80.02
CA PHE N 76 -118.65 -36.07 -79.36
C PHE N 76 -117.86 -36.57 -78.17
N GLN N 77 -118.53 -37.31 -77.30
CA GLN N 77 -117.87 -37.95 -76.16
C GLN N 77 -118.71 -39.15 -75.74
N ASN N 78 -118.12 -40.34 -75.82
CA ASN N 78 -118.81 -41.58 -75.48
C ASN N 78 -120.08 -41.75 -76.30
N GLY N 79 -120.01 -41.35 -77.58
CA GLY N 79 -121.13 -41.46 -78.48
C GLY N 79 -122.09 -40.29 -78.45
N LYS N 80 -122.09 -39.50 -77.39
CA LYS N 80 -123.01 -38.39 -77.25
C LYS N 80 -122.35 -37.09 -77.68
N ARG N 81 -123.17 -36.15 -78.13
CA ARG N 81 -122.70 -34.84 -78.53
C ARG N 81 -122.44 -33.98 -77.31
N VAL N 82 -121.37 -33.18 -77.37
CA VAL N 82 -121.00 -32.33 -76.24
C VAL N 82 -120.81 -30.88 -76.62
N SER N 83 -120.50 -30.55 -77.86
CA SER N 83 -120.28 -29.15 -78.22
C SER N 83 -120.32 -29.01 -79.73
N LEU N 84 -120.46 -27.77 -80.18
CA LEU N 84 -120.45 -27.42 -81.59
C LEU N 84 -119.42 -26.33 -81.79
N SER N 85 -118.28 -26.68 -82.34
CA SER N 85 -117.17 -25.76 -82.49
C SER N 85 -117.14 -25.19 -83.90
N VAL N 86 -116.55 -24.01 -84.03
CA VAL N 86 -116.38 -23.34 -85.30
C VAL N 86 -114.96 -22.77 -85.34
N TYR N 87 -114.29 -22.95 -86.47
CA TYR N 87 -112.95 -22.41 -86.70
C TYR N 87 -112.98 -21.55 -87.94
N LEU N 88 -112.42 -20.36 -87.86
CA LEU N 88 -112.43 -19.44 -88.99
C LEU N 88 -111.14 -19.50 -89.81
N GLY N 89 -110.41 -20.60 -89.73
CA GLY N 89 -109.16 -20.67 -90.45
C GLY N 89 -107.95 -20.45 -89.58
N GLU N 90 -107.95 -21.07 -88.40
CA GLU N 90 -106.83 -21.17 -87.48
C GLU N 90 -106.55 -19.88 -86.73
N PHE N 91 -107.23 -18.78 -87.04
CA PHE N 91 -107.00 -17.55 -86.28
C PHE N 91 -108.08 -17.29 -85.25
N PHE N 92 -109.21 -17.95 -85.35
CA PHE N 92 -110.28 -17.79 -84.39
C PHE N 92 -111.04 -19.09 -84.27
N ASP N 93 -111.30 -19.52 -83.04
CA ASP N 93 -112.06 -20.72 -82.78
C ASP N 93 -113.01 -20.45 -81.62
N ILE N 94 -114.19 -21.04 -81.69
CA ILE N 94 -115.21 -20.85 -80.66
C ILE N 94 -115.88 -22.19 -80.41
N HIS N 95 -116.21 -22.45 -79.14
CA HIS N 95 -116.70 -23.76 -78.72
C HIS N 95 -118.01 -23.56 -77.97
N LEU N 96 -119.12 -23.83 -78.63
CA LEU N 96 -120.44 -23.72 -78.02
C LEU N 96 -120.85 -25.08 -77.50
N PHE N 97 -120.83 -25.24 -76.19
CA PHE N 97 -121.18 -26.52 -75.59
C PHE N 97 -122.69 -26.66 -75.45
N VAL N 98 -123.12 -27.90 -75.24
CA VAL N 98 -124.55 -28.16 -75.09
C VAL N 98 -125.10 -27.45 -73.86
N ASN N 99 -124.36 -27.46 -72.76
CA ASN N 99 -124.83 -26.81 -71.55
C ASN N 99 -124.38 -25.35 -71.46
N GLY N 100 -124.66 -24.61 -72.54
CA GLY N 100 -124.63 -23.17 -72.54
C GLY N 100 -123.26 -22.54 -72.43
N THR N 101 -122.23 -23.30 -72.10
CA THR N 101 -120.90 -22.74 -71.92
C THR N 101 -120.28 -22.44 -73.28
N VAL N 102 -119.59 -21.31 -73.37
CA VAL N 102 -118.88 -20.91 -74.56
C VAL N 102 -117.45 -20.60 -74.19
N THR N 103 -116.50 -21.13 -74.95
CA THR N 103 -115.09 -20.84 -74.77
C THR N 103 -114.48 -20.42 -76.09
N GLN N 104 -113.78 -19.30 -76.10
CA GLN N 104 -112.98 -18.86 -77.23
C GLN N 104 -111.56 -19.30 -76.98
N GLY N 105 -111.07 -20.22 -77.80
CA GLY N 105 -109.88 -20.96 -77.41
C GLY N 105 -110.19 -21.81 -76.21
N ASP N 106 -109.30 -21.77 -75.21
CA ASP N 106 -109.59 -22.40 -73.94
C ASP N 106 -110.18 -21.45 -72.92
N GLN N 107 -110.29 -20.17 -73.26
CA GLN N 107 -110.80 -19.16 -72.33
C GLN N 107 -112.32 -19.12 -72.39
N ARG N 108 -112.96 -19.17 -71.23
CA ARG N 108 -114.41 -19.14 -71.17
C ARG N 108 -114.92 -17.72 -71.37
N VAL N 109 -116.03 -17.60 -72.10
CA VAL N 109 -116.70 -16.32 -72.33
C VAL N 109 -118.19 -16.50 -72.09
N SER N 110 -118.87 -15.38 -71.87
CA SER N 110 -120.28 -15.39 -71.53
C SER N 110 -121.12 -14.86 -72.69
N MET N 111 -122.31 -15.40 -72.81
CA MET N 111 -123.24 -14.97 -73.85
C MET N 111 -124.06 -13.77 -73.38
N PRO N 112 -124.49 -12.90 -74.29
CA PRO N 112 -124.21 -12.92 -75.73
C PRO N 112 -122.78 -12.53 -76.01
N TYR N 113 -122.25 -12.98 -77.14
CA TYR N 113 -120.87 -12.74 -77.50
C TYR N 113 -120.80 -12.42 -78.98
N ALA N 114 -119.97 -11.45 -79.33
CA ALA N 114 -119.82 -11.04 -80.72
C ALA N 114 -118.36 -10.74 -80.97
N SER N 115 -117.80 -11.32 -82.03
CA SER N 115 -116.40 -11.13 -82.36
C SER N 115 -116.10 -11.64 -83.75
N LYS N 116 -115.40 -10.84 -84.55
CA LYS N 116 -114.86 -11.27 -85.83
C LYS N 116 -115.94 -11.89 -86.72
N GLY N 117 -117.11 -11.27 -86.72
CA GLY N 117 -118.19 -11.69 -87.58
C GLY N 117 -119.07 -12.80 -87.03
N LEU N 118 -118.76 -13.33 -85.86
CA LEU N 118 -119.53 -14.40 -85.25
C LEU N 118 -120.35 -13.85 -84.08
N TYR N 119 -121.62 -14.22 -84.03
CA TYR N 119 -122.55 -13.71 -83.05
C TYR N 119 -123.17 -14.89 -82.30
N LEU N 120 -122.96 -14.95 -80.99
CA LEU N 120 -123.57 -15.98 -80.15
C LEU N 120 -124.71 -15.34 -79.38
N GLU N 121 -125.91 -15.90 -79.53
CA GLU N 121 -127.11 -15.30 -78.99
C GLU N 121 -128.06 -16.39 -78.55
N THR N 122 -128.87 -16.09 -77.55
CA THR N 122 -129.87 -17.04 -77.06
C THR N 122 -131.22 -16.79 -77.74
N GLU N 123 -131.20 -16.90 -79.06
CA GLU N 123 -132.41 -16.65 -79.84
C GLU N 123 -133.46 -17.73 -79.58
N ALA N 124 -134.67 -17.29 -79.25
CA ALA N 124 -135.81 -18.19 -79.03
C ALA N 124 -135.50 -19.28 -78.02
N GLY N 125 -134.70 -18.94 -77.02
CA GLY N 125 -134.35 -19.87 -75.97
C GLY N 125 -133.33 -20.91 -76.37
N TYR N 126 -132.79 -20.85 -77.58
CA TYR N 126 -131.81 -21.80 -78.07
C TYR N 126 -130.53 -21.08 -78.43
N TYR N 127 -129.40 -21.67 -78.07
CA TYR N 127 -128.10 -21.03 -78.26
C TYR N 127 -127.79 -20.93 -79.75
N LYS N 128 -127.76 -19.71 -80.27
CA LYS N 128 -127.46 -19.45 -81.66
C LYS N 128 -125.99 -19.09 -81.82
N LEU N 129 -125.45 -19.33 -83.01
CA LEU N 129 -124.08 -18.94 -83.36
C LEU N 129 -124.14 -18.52 -84.82
N SER N 130 -124.32 -17.24 -85.07
CA SER N 130 -124.58 -16.74 -86.41
C SER N 130 -123.28 -16.30 -87.06
N GLY N 131 -123.15 -16.62 -88.35
CA GLY N 131 -121.98 -16.27 -89.11
C GLY N 131 -122.33 -15.60 -90.43
N GLU N 132 -123.32 -14.72 -90.42
CA GLU N 132 -123.88 -14.14 -91.64
C GLU N 132 -122.82 -13.80 -92.68
N ALA N 133 -121.72 -13.16 -92.26
CA ALA N 133 -120.68 -12.81 -93.21
C ALA N 133 -120.11 -14.05 -93.88
N TYR N 134 -119.86 -15.10 -93.11
CA TYR N 134 -119.35 -16.34 -93.64
C TYR N 134 -120.43 -17.19 -94.31
N GLY N 135 -121.70 -16.85 -94.13
CA GLY N 135 -122.76 -17.53 -94.83
C GLY N 135 -123.27 -18.78 -94.15
N PHE N 136 -123.35 -18.77 -92.83
CA PHE N 136 -123.85 -19.93 -92.10
C PHE N 136 -124.50 -19.48 -90.80
N VAL N 137 -125.41 -20.30 -90.29
CA VAL N 137 -126.04 -20.09 -88.99
C VAL N 137 -126.11 -21.43 -88.29
N ALA N 138 -125.61 -21.48 -87.06
CA ALA N 138 -125.63 -22.70 -86.25
C ALA N 138 -126.49 -22.51 -85.03
N ARG N 139 -126.97 -23.61 -84.48
CA ARG N 139 -127.86 -23.55 -83.34
C ARG N 139 -127.79 -24.85 -82.54
N ILE N 140 -127.94 -24.73 -81.24
CA ILE N 140 -128.11 -25.87 -80.35
C ILE N 140 -129.42 -25.68 -79.61
N ASP N 141 -130.31 -26.66 -79.70
CA ASP N 141 -131.57 -26.56 -78.98
C ASP N 141 -131.37 -26.97 -77.51
N GLY N 142 -132.43 -26.84 -76.73
CA GLY N 142 -132.34 -27.12 -75.30
C GLY N 142 -132.06 -28.57 -74.98
N SER N 143 -132.30 -29.48 -75.91
CA SER N 143 -132.07 -30.89 -75.68
C SER N 143 -130.75 -31.39 -76.26
N GLY N 144 -129.96 -30.51 -76.86
CA GLY N 144 -128.66 -30.89 -77.38
C GLY N 144 -128.62 -31.21 -78.86
N ASN N 145 -129.69 -31.01 -79.60
CA ASN N 145 -129.68 -31.27 -81.03
C ASN N 145 -128.98 -30.13 -81.75
N PHE N 146 -127.97 -30.45 -82.54
CA PHE N 146 -127.27 -29.45 -83.33
C PHE N 146 -128.06 -29.08 -84.57
N GLN N 147 -127.72 -27.95 -85.15
CA GLN N 147 -128.35 -27.48 -86.37
C GLN N 147 -127.36 -26.59 -87.11
N VAL N 148 -127.32 -26.72 -88.43
CA VAL N 148 -126.49 -25.85 -89.26
C VAL N 148 -127.29 -25.47 -90.50
N LEU N 149 -127.37 -24.17 -90.76
CA LEU N 149 -127.94 -23.66 -91.99
C LEU N 149 -126.84 -23.01 -92.80
N LEU N 150 -126.68 -23.44 -94.04
CA LEU N 150 -125.56 -23.04 -94.87
C LEU N 150 -126.09 -22.39 -96.13
N SER N 151 -125.53 -21.25 -96.50
CA SER N 151 -126.08 -20.46 -97.58
C SER N 151 -125.85 -21.13 -98.93
N ASP N 152 -126.58 -20.63 -99.93
CA ASP N 152 -126.52 -21.22 -101.26
C ASP N 152 -125.15 -21.09 -101.90
N ARG N 153 -124.33 -20.15 -101.44
CA ARG N 153 -123.01 -19.97 -102.04
C ARG N 153 -122.14 -21.20 -101.89
N TYR N 154 -122.45 -22.08 -100.94
CA TYR N 154 -121.71 -23.32 -100.74
C TYR N 154 -122.36 -24.51 -101.42
N PHE N 155 -123.21 -24.27 -102.41
CA PHE N 155 -123.78 -25.35 -103.20
C PHE N 155 -122.67 -26.09 -103.94
N ASN N 156 -122.55 -27.39 -103.68
CA ASN N 156 -121.62 -28.26 -104.38
C ASN N 156 -120.18 -27.94 -104.03
N LYS N 157 -119.94 -27.25 -102.91
CA LYS N 157 -118.61 -26.82 -102.52
C LYS N 157 -118.30 -27.13 -101.06
N THR N 158 -119.09 -27.96 -100.40
CA THR N 158 -118.87 -28.31 -99.01
C THR N 158 -118.75 -29.81 -98.86
N CYS N 159 -118.09 -30.24 -97.79
CA CYS N 159 -118.00 -31.65 -97.49
C CYS N 159 -117.77 -31.83 -96.00
N GLY N 160 -118.36 -32.89 -95.45
CA GLY N 160 -118.33 -33.15 -94.04
C GLY N 160 -119.47 -34.08 -93.69
N LEU N 161 -119.63 -34.34 -92.39
CA LEU N 161 -120.69 -35.25 -91.96
C LEU N 161 -122.05 -34.83 -92.49
N CYS N 162 -122.28 -33.53 -92.64
CA CYS N 162 -123.48 -33.04 -93.29
C CYS N 162 -123.50 -33.35 -94.78
N GLY N 163 -122.48 -33.99 -95.30
CA GLY N 163 -122.42 -34.31 -96.71
C GLY N 163 -122.17 -33.08 -97.56
N ASN N 164 -122.05 -33.32 -98.85
CA ASN N 164 -121.99 -32.22 -99.78
C ASN N 164 -123.35 -31.55 -99.86
N PHE N 165 -123.45 -30.48 -100.64
CA PHE N 165 -124.72 -29.78 -100.80
C PHE N 165 -125.00 -29.70 -102.30
N ASN N 166 -125.59 -30.76 -102.82
CA ASN N 166 -126.17 -30.82 -104.15
C ASN N 166 -127.33 -31.79 -104.06
N ILE N 167 -128.45 -31.41 -104.68
CA ILE N 167 -129.74 -32.02 -104.39
C ILE N 167 -129.70 -33.54 -104.45
N PHE N 168 -128.80 -34.09 -105.26
CA PHE N 168 -128.62 -35.53 -105.30
C PHE N 168 -128.17 -36.04 -103.94
N ALA N 169 -129.01 -36.83 -103.28
CA ALA N 169 -128.72 -37.27 -101.93
C ALA N 169 -127.87 -38.52 -101.88
N GLU N 170 -127.86 -39.31 -102.96
CA GLU N 170 -127.14 -40.58 -102.95
C GLU N 170 -125.63 -40.40 -102.82
N ASP N 171 -125.11 -39.20 -103.11
CA ASP N 171 -123.69 -38.95 -103.13
C ASP N 171 -123.18 -38.19 -101.91
N ASP N 172 -123.92 -38.23 -100.80
CA ASP N 172 -123.54 -37.44 -99.65
C ASP N 172 -122.43 -38.07 -98.83
N PHE N 173 -122.13 -39.37 -99.04
CA PHE N 173 -121.20 -40.08 -98.17
C PHE N 173 -119.77 -40.01 -98.67
N MET N 174 -119.40 -38.97 -99.40
CA MET N 174 -118.03 -38.84 -99.88
C MET N 174 -117.06 -38.76 -98.71
N THR N 175 -116.03 -39.59 -98.76
CA THR N 175 -115.00 -39.55 -97.74
C THR N 175 -114.01 -38.44 -98.02
N GLN N 176 -113.20 -38.11 -97.00
CA GLN N 176 -112.18 -37.08 -97.19
C GLN N 176 -111.16 -37.50 -98.23
N GLU N 177 -111.01 -38.80 -98.47
CA GLU N 177 -110.14 -39.28 -99.52
C GLU N 177 -110.72 -39.05 -100.90
N GLY N 178 -111.96 -38.58 -101.00
CA GLY N 178 -112.58 -38.29 -102.26
C GLY N 178 -113.34 -39.44 -102.88
N THR N 179 -113.73 -40.44 -102.11
CA THR N 179 -114.43 -41.61 -102.61
C THR N 179 -115.72 -41.82 -101.83
N LEU N 180 -116.75 -42.27 -102.52
CA LEU N 180 -117.99 -42.64 -101.87
C LEU N 180 -117.82 -43.93 -101.07
N THR N 181 -118.71 -44.12 -100.10
CA THR N 181 -118.72 -45.35 -99.33
C THR N 181 -120.14 -45.62 -98.88
N SER N 182 -120.52 -46.90 -98.91
CA SER N 182 -121.85 -47.30 -98.50
C SER N 182 -122.01 -47.37 -96.99
N ASP N 183 -120.92 -47.25 -96.24
CA ASP N 183 -120.98 -47.38 -94.79
C ASP N 183 -120.95 -46.01 -94.17
N PRO N 184 -121.96 -45.61 -93.40
CA PRO N 184 -121.90 -44.31 -92.73
C PRO N 184 -120.67 -44.14 -91.86
N TYR N 185 -120.23 -45.20 -91.19
CA TYR N 185 -119.09 -45.07 -90.29
C TYR N 185 -117.79 -44.83 -91.03
N ASP N 186 -117.59 -45.46 -92.18
CA ASP N 186 -116.41 -45.14 -92.98
C ASP N 186 -116.37 -43.66 -93.30
N PHE N 187 -117.49 -43.12 -93.78
CA PHE N 187 -117.61 -41.70 -94.11
C PHE N 187 -117.31 -40.83 -92.90
N ALA N 188 -117.98 -41.10 -91.79
CA ALA N 188 -117.84 -40.26 -90.60
C ALA N 188 -116.42 -40.30 -90.07
N ASN N 189 -115.85 -41.50 -89.92
CA ASN N 189 -114.49 -41.61 -89.44
C ASN N 189 -113.51 -40.97 -90.42
N SER N 190 -113.83 -40.97 -91.71
CA SER N 190 -113.02 -40.25 -92.67
C SER N 190 -113.02 -38.77 -92.38
N TRP N 191 -114.11 -38.25 -91.82
CA TRP N 191 -114.17 -36.83 -91.47
C TRP N 191 -113.87 -36.55 -90.01
N ALA N 192 -113.02 -37.34 -89.38
CA ALA N 192 -112.59 -37.02 -88.02
C ALA N 192 -111.45 -36.03 -88.03
N LEU N 193 -111.33 -35.27 -86.94
CA LEU N 193 -110.27 -34.27 -86.79
C LEU N 193 -109.68 -34.41 -85.39
N SER N 194 -108.39 -34.65 -85.32
CA SER N 194 -107.70 -34.82 -84.05
C SER N 194 -107.02 -33.52 -83.64
N SER N 195 -106.58 -33.49 -82.38
CA SER N 195 -105.93 -32.31 -81.82
C SER N 195 -104.77 -32.77 -80.95
N GLY N 196 -104.12 -31.80 -80.32
CA GLY N 196 -102.98 -32.07 -79.49
C GLY N 196 -103.29 -32.63 -78.13
N GLU N 197 -104.57 -32.74 -77.79
CA GLU N 197 -104.97 -33.39 -76.55
C GLU N 197 -106.07 -34.42 -76.78
N GLN N 198 -106.37 -34.73 -78.03
CA GLN N 198 -107.41 -35.71 -78.34
C GLN N 198 -107.13 -36.27 -79.73
N TRP N 199 -106.67 -37.51 -79.79
CA TRP N 199 -106.42 -38.19 -81.06
C TRP N 199 -107.51 -39.23 -81.29
N CYS N 200 -108.10 -39.20 -82.49
CA CYS N 200 -109.37 -39.85 -82.72
C CYS N 200 -109.20 -41.35 -82.89
N GLU N 201 -110.01 -42.12 -82.16
CA GLU N 201 -110.10 -43.55 -82.36
C GLU N 201 -111.12 -43.89 -83.43
N ARG N 202 -110.94 -45.02 -84.09
CA ARG N 202 -111.87 -45.52 -85.09
C ARG N 202 -113.19 -45.87 -84.43
N ALA N 203 -114.23 -45.09 -84.72
CA ALA N 203 -115.55 -45.37 -84.18
C ALA N 203 -116.20 -46.52 -84.94
N SER N 204 -117.02 -47.29 -84.23
CA SER N 204 -117.69 -48.44 -84.81
C SER N 204 -119.10 -48.52 -84.25
N PRO N 205 -120.02 -49.18 -84.96
CA PRO N 205 -121.40 -49.28 -84.49
C PRO N 205 -121.48 -49.94 -83.13
N PRO N 206 -122.36 -49.47 -82.26
CA PRO N 206 -122.51 -50.08 -80.94
C PRO N 206 -123.39 -51.32 -80.98
N SER N 207 -123.31 -52.11 -79.91
CA SER N 207 -124.21 -53.24 -79.73
C SER N 207 -125.61 -52.75 -79.39
N SER N 208 -126.61 -53.52 -79.81
CA SER N 208 -127.99 -53.09 -79.66
C SER N 208 -128.92 -54.29 -79.59
N SER N 209 -130.14 -54.03 -79.11
CA SER N 209 -131.22 -55.00 -79.11
C SER N 209 -132.41 -54.42 -79.86
N CYS N 210 -133.05 -55.25 -80.69
CA CYS N 210 -134.13 -54.79 -81.55
C CYS N 210 -135.03 -55.95 -81.96
N MET N 217 -137.80 -53.33 -80.00
CA MET N 217 -139.07 -53.19 -80.68
C MET N 217 -140.25 -53.50 -79.76
N GLN N 218 -141.24 -52.61 -79.76
CA GLN N 218 -142.44 -52.80 -78.96
C GLN N 218 -143.59 -52.10 -79.67
N LYS N 219 -144.71 -52.82 -79.83
CA LYS N 219 -145.81 -52.34 -80.66
C LYS N 219 -146.38 -51.03 -80.14
N GLY N 220 -146.63 -50.95 -78.83
CA GLY N 220 -147.19 -49.74 -78.27
C GLY N 220 -146.32 -48.52 -78.52
N LEU N 221 -145.00 -48.70 -78.44
CA LEU N 221 -144.10 -47.62 -78.77
C LEU N 221 -144.07 -47.37 -80.27
N TRP N 222 -144.21 -48.43 -81.07
CA TRP N 222 -144.17 -48.32 -82.52
C TRP N 222 -145.33 -47.46 -83.05
N GLU N 223 -146.47 -47.48 -82.36
CA GLU N 223 -147.56 -46.59 -82.73
C GLU N 223 -147.11 -45.13 -82.75
N GLN N 224 -146.28 -44.74 -81.77
CA GLN N 224 -145.82 -43.36 -81.71
C GLN N 224 -145.04 -42.99 -82.96
N CYS N 225 -144.17 -43.88 -83.43
CA CYS N 225 -143.48 -43.63 -84.68
C CYS N 225 -144.46 -43.56 -85.85
N GLN N 226 -145.48 -44.42 -85.83
CA GLN N 226 -146.48 -44.36 -86.89
C GLN N 226 -147.27 -43.07 -86.89
N LEU N 227 -147.19 -42.27 -85.83
CA LEU N 227 -147.83 -40.95 -85.86
C LEU N 227 -147.42 -40.15 -87.08
N LEU N 228 -146.17 -40.29 -87.53
CA LEU N 228 -145.69 -39.53 -88.67
C LEU N 228 -146.54 -39.76 -89.91
N LYS N 229 -147.14 -40.95 -90.03
CA LYS N 229 -147.89 -41.31 -91.23
C LYS N 229 -149.40 -41.15 -91.06
N SER N 230 -149.91 -41.34 -89.86
CA SER N 230 -151.35 -41.43 -89.65
C SER N 230 -151.98 -40.09 -89.28
N THR N 231 -151.23 -39.21 -88.64
CA THR N 231 -151.81 -37.99 -88.08
C THR N 231 -151.99 -36.95 -89.19
N SER N 232 -153.08 -36.19 -89.09
CA SER N 232 -153.42 -35.22 -90.12
C SER N 232 -152.41 -34.09 -90.20
N VAL N 233 -151.92 -33.60 -89.05
CA VAL N 233 -151.02 -32.46 -89.07
C VAL N 233 -149.73 -32.80 -89.80
N PHE N 234 -149.18 -33.99 -89.54
CA PHE N 234 -147.99 -34.42 -90.25
C PHE N 234 -148.28 -34.71 -91.72
N ALA N 235 -149.50 -35.16 -92.01
CA ALA N 235 -149.86 -35.48 -93.39
C ALA N 235 -149.78 -34.28 -94.30
N ARG N 236 -149.80 -33.07 -93.73
CA ARG N 236 -149.65 -31.87 -94.57
C ARG N 236 -148.33 -31.89 -95.31
N CYS N 237 -147.30 -32.48 -94.71
CA CYS N 237 -145.93 -32.35 -95.20
C CYS N 237 -145.56 -33.44 -96.20
N HIS N 238 -146.38 -34.47 -96.37
CA HIS N 238 -146.01 -35.58 -97.25
C HIS N 238 -145.64 -35.12 -98.66
N PRO N 239 -146.35 -34.19 -99.30
CA PRO N 239 -145.92 -33.73 -100.63
C PRO N 239 -144.52 -33.14 -100.64
N LEU N 240 -144.04 -32.62 -99.52
CA LEU N 240 -142.72 -32.00 -99.45
C LEU N 240 -141.64 -32.92 -98.90
N VAL N 241 -141.93 -33.68 -97.85
CA VAL N 241 -140.94 -34.52 -97.19
C VAL N 241 -141.53 -35.90 -97.01
N ASP N 242 -140.86 -36.90 -97.56
CA ASP N 242 -141.30 -38.28 -97.40
C ASP N 242 -141.07 -38.74 -95.97
N PRO N 243 -142.09 -39.24 -95.28
CA PRO N 243 -141.92 -39.62 -93.87
C PRO N 243 -141.24 -40.96 -93.65
N GLU N 244 -141.12 -41.79 -94.69
CA GLU N 244 -140.64 -43.16 -94.48
C GLU N 244 -139.25 -43.22 -93.86
N PRO N 245 -138.24 -42.47 -94.34
CA PRO N 245 -136.93 -42.53 -93.66
C PRO N 245 -137.04 -42.18 -92.19
N PHE N 246 -137.84 -41.17 -91.86
CA PHE N 246 -138.01 -40.79 -90.46
C PHE N 246 -138.71 -41.88 -89.67
N VAL N 247 -139.65 -42.59 -90.30
CA VAL N 247 -140.32 -43.69 -89.62
C VAL N 247 -139.34 -44.80 -89.30
N ALA N 248 -138.48 -45.14 -90.26
CA ALA N 248 -137.48 -46.18 -90.01
C ALA N 248 -136.52 -45.77 -88.91
N LEU N 249 -136.05 -44.52 -88.94
CA LEU N 249 -135.17 -44.03 -87.90
C LEU N 249 -135.86 -44.08 -86.55
N CYS N 250 -137.13 -43.71 -86.50
CA CYS N 250 -137.89 -43.76 -85.26
C CYS N 250 -138.01 -45.19 -84.74
N GLU N 251 -138.25 -46.15 -85.64
CA GLU N 251 -138.35 -47.54 -85.21
C GLU N 251 -137.04 -48.02 -84.59
N LYS N 252 -135.91 -47.71 -85.23
CA LYS N 252 -134.65 -48.20 -84.70
C LYS N 252 -134.24 -47.47 -83.43
N THR N 253 -134.63 -46.20 -83.27
CA THR N 253 -134.35 -45.54 -81.99
C THR N 253 -135.25 -46.09 -80.89
N LEU N 254 -136.48 -46.51 -81.22
CA LEU N 254 -137.28 -47.23 -80.22
C LEU N 254 -136.61 -48.53 -79.83
N CYS N 255 -136.03 -49.24 -80.79
CA CYS N 255 -135.20 -50.39 -80.41
C CYS N 255 -134.08 -49.97 -79.48
N GLU N 256 -133.47 -48.82 -79.73
CA GLU N 256 -132.45 -48.29 -78.83
C GLU N 256 -133.05 -47.66 -77.58
N CYS N 257 -134.35 -47.44 -77.54
CA CYS N 257 -134.99 -46.71 -76.45
C CYS N 257 -134.68 -47.35 -75.09
N ALA N 258 -134.69 -46.50 -74.07
CA ALA N 258 -134.57 -46.93 -72.68
C ALA N 258 -135.59 -46.20 -71.81
N GLY N 259 -136.76 -45.91 -72.38
CA GLY N 259 -137.79 -45.16 -71.68
C GLY N 259 -139.17 -45.42 -72.25
N GLY N 260 -140.00 -44.39 -72.27
CA GLY N 260 -141.38 -44.49 -72.70
C GLY N 260 -141.59 -43.96 -74.10
N LEU N 261 -142.79 -43.41 -74.34
CA LEU N 261 -143.14 -42.91 -75.66
C LEU N 261 -142.24 -41.76 -76.11
N GLU N 262 -141.57 -41.07 -75.17
CA GLU N 262 -140.75 -39.92 -75.54
C GLU N 262 -139.61 -40.29 -76.46
N CYS N 263 -139.23 -41.57 -76.52
CA CYS N 263 -138.13 -41.98 -77.38
C CYS N 263 -138.42 -41.72 -78.85
N ALA N 264 -139.68 -41.64 -79.23
CA ALA N 264 -140.02 -41.34 -80.62
C ALA N 264 -139.93 -39.85 -80.92
N CYS N 265 -139.84 -39.01 -79.90
CA CYS N 265 -139.91 -37.57 -80.11
C CYS N 265 -138.80 -37.01 -80.99
N PRO N 266 -137.53 -37.43 -80.90
CA PRO N 266 -136.52 -36.84 -81.78
C PRO N 266 -136.87 -36.94 -83.25
N ALA N 267 -137.40 -38.07 -83.69
CA ALA N 267 -137.75 -38.22 -85.10
C ALA N 267 -138.87 -37.27 -85.49
N LEU N 268 -139.91 -37.16 -84.65
CA LEU N 268 -141.01 -36.26 -84.95
C LEU N 268 -140.52 -34.82 -85.00
N LEU N 269 -139.68 -34.43 -84.05
CA LEU N 269 -139.17 -33.07 -84.01
C LEU N 269 -138.34 -32.76 -85.25
N GLU N 270 -137.47 -33.70 -85.64
CA GLU N 270 -136.64 -33.48 -86.83
C GLU N 270 -137.50 -33.43 -88.08
N TYR N 271 -138.53 -34.26 -88.16
CA TYR N 271 -139.43 -34.21 -89.32
C TYR N 271 -140.14 -32.88 -89.39
N ALA N 272 -140.63 -32.38 -88.25
CA ALA N 272 -141.30 -31.09 -88.24
C ALA N 272 -140.35 -29.98 -88.65
N ARG N 273 -139.09 -30.05 -88.19
CA ARG N 273 -138.13 -29.02 -88.54
C ARG N 273 -137.75 -29.08 -90.02
N THR N 274 -137.64 -30.29 -90.57
CA THR N 274 -137.40 -30.43 -91.99
C THR N 274 -138.55 -29.84 -92.80
N CYS N 275 -139.78 -30.10 -92.36
CA CYS N 275 -140.94 -29.53 -93.04
C CYS N 275 -140.93 -28.02 -92.97
N ALA N 276 -140.60 -27.47 -91.80
CA ALA N 276 -140.50 -26.02 -91.66
C ALA N 276 -139.45 -25.45 -92.60
N GLN N 277 -138.33 -26.16 -92.75
CA GLN N 277 -137.31 -25.73 -93.71
C GLN N 277 -137.87 -25.74 -95.12
N GLU N 278 -138.64 -26.77 -95.46
CA GLU N 278 -139.20 -26.85 -96.81
C GLU N 278 -140.30 -25.83 -97.04
N GLY N 279 -140.97 -25.37 -95.98
CA GLY N 279 -141.96 -24.31 -96.12
C GLY N 279 -143.20 -24.46 -95.28
N MET N 280 -143.56 -25.70 -94.92
CA MET N 280 -144.78 -25.96 -94.16
C MET N 280 -144.43 -26.07 -92.69
N VAL N 281 -144.89 -25.12 -91.90
CA VAL N 281 -144.78 -25.19 -90.45
C VAL N 281 -145.97 -25.98 -89.94
N LEU N 282 -145.70 -27.01 -89.13
CA LEU N 282 -146.72 -27.93 -88.68
C LEU N 282 -147.27 -27.51 -87.32
N TYR N 283 -147.92 -26.34 -87.29
CA TYR N 283 -148.24 -25.65 -86.05
C TYR N 283 -148.75 -26.54 -84.93
N GLY N 284 -149.50 -27.59 -85.27
CA GLY N 284 -150.15 -28.41 -84.28
C GLY N 284 -149.48 -29.71 -83.91
N TRP N 285 -148.25 -29.97 -84.34
CA TRP N 285 -147.71 -31.30 -84.10
C TRP N 285 -147.43 -31.54 -82.62
N THR N 286 -147.15 -30.49 -81.86
CA THR N 286 -146.85 -30.68 -80.45
C THR N 286 -148.08 -31.06 -79.64
N ASP N 287 -149.28 -30.71 -80.12
CA ASP N 287 -150.49 -31.04 -79.38
C ASP N 287 -150.96 -32.46 -79.66
N HIS N 288 -150.94 -32.88 -80.92
CA HIS N 288 -151.39 -34.22 -81.26
C HIS N 288 -150.50 -35.29 -80.63
N SER N 289 -149.19 -35.09 -80.68
CA SER N 289 -148.26 -36.06 -80.11
C SER N 289 -148.11 -35.84 -78.61
N ALA N 290 -147.45 -36.79 -77.96
CA ALA N 290 -147.16 -36.71 -76.54
C ALA N 290 -145.86 -35.98 -76.25
N CYS N 291 -145.20 -35.44 -77.27
CA CYS N 291 -143.88 -34.85 -77.10
C CYS N 291 -143.97 -33.41 -76.62
N SER N 292 -142.89 -32.94 -76.01
CA SER N 292 -142.78 -31.58 -75.51
C SER N 292 -141.31 -31.18 -75.56
N PRO N 293 -140.87 -30.49 -76.60
CA PRO N 293 -139.46 -30.11 -76.69
C PRO N 293 -139.04 -29.29 -75.49
N VAL N 294 -137.81 -29.53 -75.04
CA VAL N 294 -137.33 -28.91 -73.81
C VAL N 294 -137.18 -27.42 -74.03
N CYS N 295 -137.60 -26.64 -73.03
CA CYS N 295 -137.42 -25.20 -73.02
C CYS N 295 -136.98 -24.78 -71.64
N PRO N 296 -136.31 -23.64 -71.51
CA PRO N 296 -135.89 -23.17 -70.19
C PRO N 296 -137.08 -22.80 -69.35
N ALA N 297 -136.84 -22.71 -68.04
CA ALA N 297 -137.90 -22.54 -67.06
C ALA N 297 -138.80 -21.37 -67.42
N GLY N 298 -140.11 -21.62 -67.46
CA GLY N 298 -141.09 -20.59 -67.67
C GLY N 298 -141.45 -20.31 -69.11
N MET N 299 -140.66 -20.77 -70.07
CA MET N 299 -140.92 -20.50 -71.46
C MET N 299 -141.65 -21.67 -72.11
N GLU N 300 -142.57 -21.35 -73.01
CA GLU N 300 -143.32 -22.34 -73.76
C GLU N 300 -142.63 -22.63 -75.09
N TYR N 301 -142.72 -23.88 -75.52
CA TYR N 301 -142.29 -24.22 -76.87
C TYR N 301 -143.38 -23.84 -77.86
N ARG N 302 -142.97 -23.23 -78.97
CA ARG N 302 -143.94 -22.85 -79.99
C ARG N 302 -143.27 -22.86 -81.35
N GLN N 303 -144.04 -23.21 -82.37
CA GLN N 303 -143.57 -23.13 -83.74
C GLN N 303 -143.67 -21.71 -84.23
N CYS N 304 -142.73 -21.32 -85.10
CA CYS N 304 -142.77 -20.03 -85.78
C CYS N 304 -142.70 -18.87 -84.78
N VAL N 305 -141.74 -18.96 -83.86
CA VAL N 305 -141.43 -17.83 -82.99
C VAL N 305 -140.63 -16.82 -83.79
N SER N 306 -141.03 -15.56 -83.71
CA SER N 306 -140.29 -14.52 -84.42
C SER N 306 -138.94 -14.32 -83.77
N PRO N 307 -137.85 -14.27 -84.55
CA PRO N 307 -136.53 -14.08 -83.94
C PRO N 307 -136.40 -12.79 -83.15
N CYS N 308 -137.14 -11.75 -83.55
CA CYS N 308 -137.12 -10.47 -82.85
C CYS N 308 -138.05 -10.46 -81.65
N ALA N 309 -137.89 -11.43 -80.75
CA ALA N 309 -138.73 -11.51 -79.56
C ALA N 309 -138.50 -10.29 -78.67
N ARG N 310 -139.57 -9.84 -78.03
CA ARG N 310 -139.58 -8.56 -77.32
C ARG N 310 -139.02 -8.70 -75.92
N THR N 311 -137.77 -8.24 -75.75
CA THR N 311 -137.25 -7.88 -74.45
C THR N 311 -137.74 -6.49 -74.08
N CYS N 312 -137.91 -6.24 -72.77
CA CYS N 312 -138.33 -4.92 -72.34
C CYS N 312 -137.40 -3.83 -72.86
N GLN N 313 -136.12 -3.90 -72.47
CA GLN N 313 -135.17 -2.88 -72.86
C GLN N 313 -134.78 -3.06 -74.33
N SER N 314 -135.77 -2.90 -75.19
CA SER N 314 -135.59 -3.03 -76.62
C SER N 314 -136.37 -1.94 -77.33
N LEU N 315 -135.76 -1.38 -78.36
CA LEU N 315 -136.43 -0.35 -79.15
C LEU N 315 -137.56 -0.97 -79.96
N HIS N 316 -138.66 -0.25 -80.08
CA HIS N 316 -139.83 -0.75 -80.78
C HIS N 316 -139.68 -0.61 -82.28
N ILE N 317 -138.59 -1.12 -82.84
CA ILE N 317 -138.31 -1.05 -84.27
C ILE N 317 -138.78 -2.35 -84.89
N ASN N 318 -140.04 -2.39 -85.33
CA ASN N 318 -140.59 -3.58 -85.94
C ASN N 318 -140.33 -3.65 -87.44
N GLU N 319 -140.02 -2.52 -88.07
CA GLU N 319 -139.78 -2.51 -89.51
C GLU N 319 -138.49 -3.22 -89.89
N MET N 320 -137.54 -3.33 -88.95
CA MET N 320 -136.28 -4.00 -89.24
C MET N 320 -136.46 -5.50 -89.36
N CYS N 321 -137.47 -6.06 -88.69
CA CYS N 321 -137.60 -7.52 -88.57
C CYS N 321 -138.31 -8.08 -89.80
N GLN N 322 -137.55 -8.16 -90.89
CA GLN N 322 -138.02 -8.76 -92.13
C GLN N 322 -137.71 -10.25 -92.21
N GLU N 323 -137.06 -10.81 -91.19
CA GLU N 323 -136.64 -12.20 -91.23
C GLU N 323 -137.83 -13.14 -91.06
N ARG N 324 -137.64 -14.38 -91.49
CA ARG N 324 -138.65 -15.41 -91.27
C ARG N 324 -138.63 -15.88 -89.82
N CYS N 325 -139.71 -16.54 -89.43
CA CYS N 325 -139.83 -17.06 -88.08
C CYS N 325 -139.11 -18.40 -87.95
N VAL N 326 -138.88 -18.79 -86.71
CA VAL N 326 -138.22 -20.05 -86.40
C VAL N 326 -138.98 -20.74 -85.27
N ASP N 327 -138.80 -22.05 -85.18
CA ASP N 327 -139.29 -22.76 -84.01
C ASP N 327 -138.38 -22.50 -82.81
N GLY N 328 -138.97 -22.56 -81.63
CA GLY N 328 -138.20 -22.33 -80.43
C GLY N 328 -139.10 -22.03 -79.25
N CYS N 329 -138.48 -21.54 -78.19
CA CYS N 329 -139.16 -21.24 -76.95
C CYS N 329 -139.57 -19.78 -76.91
N SER N 330 -140.65 -19.50 -76.18
CA SER N 330 -141.15 -18.15 -76.04
C SER N 330 -141.74 -17.99 -74.65
N CYS N 331 -141.69 -16.76 -74.14
CA CYS N 331 -142.38 -16.47 -72.90
C CYS N 331 -143.89 -16.51 -73.14
N PRO N 332 -144.67 -16.88 -72.12
CA PRO N 332 -146.12 -16.91 -72.28
C PRO N 332 -146.65 -15.56 -72.71
N GLU N 333 -147.81 -15.58 -73.36
CA GLU N 333 -148.38 -14.36 -73.91
C GLU N 333 -148.56 -13.30 -72.83
N GLY N 334 -148.20 -12.08 -73.16
CA GLY N 334 -148.26 -10.97 -72.23
C GLY N 334 -147.02 -10.74 -71.42
N GLN N 335 -146.12 -11.72 -71.34
CA GLN N 335 -144.87 -11.57 -70.63
C GLN N 335 -143.75 -11.17 -71.59
N LEU N 336 -142.67 -10.65 -71.02
CA LEU N 336 -141.53 -10.18 -71.79
C LEU N 336 -140.25 -10.73 -71.18
N LEU N 337 -139.21 -10.79 -72.01
CA LEU N 337 -137.91 -11.27 -71.56
C LEU N 337 -137.16 -10.18 -70.80
N ASP N 338 -136.38 -10.61 -69.82
CA ASP N 338 -135.53 -9.69 -69.06
C ASP N 338 -134.36 -10.50 -68.53
N GLU N 339 -133.20 -10.34 -69.17
CA GLU N 339 -132.01 -11.13 -68.83
C GLU N 339 -132.30 -12.63 -68.91
N GLY N 340 -133.08 -13.02 -69.91
CA GLY N 340 -133.42 -14.41 -70.12
C GLY N 340 -134.62 -14.91 -69.35
N LEU N 341 -135.04 -14.21 -68.30
CA LEU N 341 -136.21 -14.59 -67.55
C LEU N 341 -137.44 -13.88 -68.11
N CYS N 342 -138.60 -14.51 -67.90
CA CYS N 342 -139.86 -13.94 -68.37
C CYS N 342 -140.50 -13.14 -67.25
N VAL N 343 -140.91 -11.92 -67.58
CA VAL N 343 -141.50 -10.99 -66.62
C VAL N 343 -142.75 -10.37 -67.24
N GLU N 344 -143.63 -9.88 -66.37
CA GLU N 344 -144.80 -9.15 -66.83
C GLU N 344 -144.38 -7.83 -67.46
N SER N 345 -145.20 -7.36 -68.41
CA SER N 345 -144.86 -6.12 -69.11
C SER N 345 -144.71 -4.95 -68.15
N THR N 346 -145.50 -4.93 -67.07
CA THR N 346 -145.42 -3.86 -66.09
C THR N 346 -144.39 -4.12 -65.01
N GLU N 347 -143.94 -5.37 -64.86
CA GLU N 347 -143.02 -5.74 -63.79
C GLU N 347 -141.57 -5.39 -64.11
N CYS N 348 -141.26 -5.09 -65.32
CA CYS N 348 -139.87 -5.23 -65.74
C CYS N 348 -139.12 -3.90 -65.68
N PRO N 349 -137.82 -3.96 -65.39
CA PRO N 349 -137.11 -2.81 -64.83
C PRO N 349 -136.50 -1.88 -65.88
N CYS N 350 -135.98 -0.76 -65.39
CA CYS N 350 -135.14 0.15 -66.15
C CYS N 350 -133.67 -0.24 -65.97
N VAL N 351 -132.85 0.22 -66.91
CA VAL N 351 -131.42 -0.03 -66.89
C VAL N 351 -130.68 1.31 -66.89
N HIS N 352 -129.68 1.42 -66.03
CA HIS N 352 -128.81 2.58 -66.02
C HIS N 352 -127.45 2.17 -65.48
N SER N 353 -126.40 2.69 -66.10
CA SER N 353 -125.02 2.42 -65.68
C SER N 353 -124.74 0.92 -65.67
N GLY N 354 -125.42 0.16 -66.51
CA GLY N 354 -125.28 -1.26 -66.53
C GLY N 354 -126.01 -1.99 -65.43
N LYS N 355 -126.75 -1.28 -64.59
CA LYS N 355 -127.51 -1.86 -63.50
C LYS N 355 -129.00 -1.79 -63.81
N ARG N 356 -129.75 -2.76 -63.30
CA ARG N 356 -131.20 -2.78 -63.45
C ARG N 356 -131.86 -2.38 -62.14
N TYR N 357 -132.86 -1.50 -62.22
CA TYR N 357 -133.58 -1.04 -61.05
C TYR N 357 -135.07 -1.30 -61.24
N PRO N 358 -135.75 -1.77 -60.21
CA PRO N 358 -137.19 -2.03 -60.33
C PRO N 358 -137.96 -0.75 -60.58
N PRO N 359 -139.19 -0.84 -61.09
CA PRO N 359 -139.99 0.36 -61.29
C PRO N 359 -140.25 1.09 -59.99
N GLY N 360 -140.35 2.41 -60.09
CA GLY N 360 -140.58 3.25 -58.94
C GLY N 360 -139.33 3.68 -58.21
N THR N 361 -138.18 3.09 -58.52
CA THR N 361 -136.94 3.51 -57.88
C THR N 361 -136.54 4.90 -58.37
N SER N 362 -135.84 5.62 -57.50
CA SER N 362 -135.41 6.97 -57.79
C SER N 362 -133.88 7.05 -57.72
N LEU N 363 -133.29 7.73 -58.69
CA LEU N 363 -131.86 7.95 -58.73
C LEU N 363 -131.59 9.44 -58.80
N SER N 364 -130.57 9.88 -58.07
CA SER N 364 -130.22 11.29 -58.03
C SER N 364 -129.08 11.57 -58.99
N ARG N 365 -129.11 12.76 -59.59
CA ARG N 365 -128.03 13.27 -60.44
C ARG N 365 -127.83 14.72 -60.00
N ASP N 366 -126.95 14.91 -59.02
CA ASP N 366 -126.87 16.16 -58.28
C ASP N 366 -128.23 16.53 -57.71
N CYS N 367 -128.73 17.70 -58.06
CA CYS N 367 -130.00 18.18 -57.51
C CYS N 367 -131.22 17.58 -58.20
N ASN N 368 -131.04 16.86 -59.29
CA ASN N 368 -132.13 16.25 -60.02
C ASN N 368 -132.37 14.82 -59.54
N THR N 369 -133.57 14.31 -59.80
CA THR N 369 -133.90 12.92 -59.54
C THR N 369 -134.55 12.32 -60.79
N CYS N 370 -134.33 11.03 -60.99
CA CYS N 370 -134.88 10.31 -62.12
C CYS N 370 -135.67 9.12 -61.61
N ILE N 371 -136.90 8.97 -62.04
CA ILE N 371 -137.81 7.92 -61.57
C ILE N 371 -137.98 6.88 -62.66
N CYS N 372 -137.81 5.61 -62.31
CA CYS N 372 -138.01 4.53 -63.27
C CYS N 372 -139.50 4.24 -63.40
N ARG N 373 -140.04 4.48 -64.59
CA ARG N 373 -141.43 4.17 -64.90
C ARG N 373 -141.47 3.52 -66.26
N ASN N 374 -142.20 2.41 -66.38
CA ASN N 374 -142.13 1.53 -67.54
C ASN N 374 -140.66 1.14 -67.68
N SER N 375 -140.08 1.20 -68.87
CA SER N 375 -138.65 1.00 -69.02
C SER N 375 -137.87 2.31 -69.00
N GLN N 376 -138.55 3.44 -68.91
CA GLN N 376 -137.93 4.75 -69.05
C GLN N 376 -137.64 5.37 -67.69
N TRP N 377 -136.86 6.43 -67.71
CA TRP N 377 -136.56 7.23 -66.53
C TRP N 377 -137.22 8.59 -66.71
N ILE N 378 -137.92 9.05 -65.68
CA ILE N 378 -138.52 10.37 -65.66
C ILE N 378 -137.62 11.26 -64.82
N CYS N 379 -136.94 12.21 -65.46
CA CYS N 379 -135.88 12.97 -64.84
C CYS N 379 -136.33 14.40 -64.57
N SER N 380 -135.63 15.05 -63.63
CA SER N 380 -136.14 16.25 -63.00
C SER N 380 -135.91 17.53 -63.78
N ASN N 381 -135.04 17.54 -64.79
CA ASN N 381 -134.90 18.67 -65.72
C ASN N 381 -134.84 20.02 -65.00
N GLU N 382 -133.92 20.15 -64.04
CA GLU N 382 -133.74 21.43 -63.35
C GLU N 382 -132.26 21.75 -63.25
N GLU N 383 -131.96 23.03 -63.12
CA GLU N 383 -130.58 23.49 -63.02
C GLU N 383 -130.03 23.22 -61.63
N CYS N 384 -128.82 22.70 -61.57
CA CYS N 384 -128.11 22.44 -60.33
C CYS N 384 -126.96 23.42 -60.17
N PRO N 385 -126.39 23.52 -58.97
CA PRO N 385 -125.30 24.50 -58.76
C PRO N 385 -124.13 24.26 -59.69
N GLY N 386 -123.56 25.35 -60.18
CA GLY N 386 -122.41 25.27 -61.07
C GLY N 386 -121.10 25.38 -60.30
N GLU N 387 -120.16 24.51 -60.65
CA GLU N 387 -118.86 24.45 -60.00
C GLU N 387 -117.77 24.69 -61.04
N CYS N 388 -117.15 25.85 -61.00
CA CYS N 388 -115.96 26.11 -61.80
C CYS N 388 -114.73 25.73 -60.99
N LEU N 389 -113.71 25.24 -61.67
CA LEU N 389 -112.57 24.66 -60.99
C LEU N 389 -111.28 25.01 -61.70
N VAL N 390 -110.28 25.42 -60.92
CA VAL N 390 -108.90 25.53 -61.35
C VAL N 390 -108.07 24.66 -60.41
N THR N 391 -107.42 23.64 -60.95
CA THR N 391 -106.97 22.58 -60.06
C THR N 391 -105.56 22.08 -60.35
N GLY N 392 -104.70 22.92 -60.90
CA GLY N 392 -103.35 22.46 -61.11
C GLY N 392 -102.53 23.37 -61.99
N GLN N 393 -101.82 22.79 -62.96
CA GLN N 393 -101.03 23.57 -63.89
C GLN N 393 -101.95 24.20 -64.95
N SER N 394 -102.86 25.04 -64.47
CA SER N 394 -103.78 25.79 -65.31
C SER N 394 -104.81 24.90 -65.99
N HIS N 395 -105.23 23.83 -65.32
CA HIS N 395 -106.38 23.06 -65.75
C HIS N 395 -107.66 23.69 -65.23
N PHE N 396 -108.66 23.78 -66.09
CA PHE N 396 -109.90 24.47 -65.81
C PHE N 396 -111.08 23.55 -66.04
N LYS N 397 -112.17 23.82 -65.33
CA LYS N 397 -113.48 23.28 -65.65
C LYS N 397 -114.46 24.43 -65.61
N SER N 398 -115.14 24.68 -66.72
CA SER N 398 -116.15 25.72 -66.74
C SER N 398 -117.35 25.28 -65.91
N PHE N 399 -118.24 26.23 -65.66
CA PHE N 399 -119.47 25.91 -64.95
C PHE N 399 -120.31 24.89 -65.68
N ASP N 400 -120.13 24.76 -67.00
CA ASP N 400 -120.84 23.78 -67.82
C ASP N 400 -120.01 22.54 -68.12
N ASN N 401 -118.97 22.29 -67.33
CA ASN N 401 -118.17 21.08 -67.42
C ASN N 401 -117.32 20.99 -68.69
N ARG N 402 -116.89 22.12 -69.23
CA ARG N 402 -115.91 22.12 -70.31
C ARG N 402 -114.51 22.14 -69.71
N TYR N 403 -113.82 21.02 -69.79
CA TYR N 403 -112.45 20.95 -69.32
C TYR N 403 -111.51 21.54 -70.36
N PHE N 404 -110.51 22.28 -69.89
CA PHE N 404 -109.50 22.82 -70.78
C PHE N 404 -108.30 23.24 -69.97
N THR N 405 -107.18 23.41 -70.66
CA THR N 405 -105.94 23.90 -70.07
C THR N 405 -105.48 25.10 -70.86
N PHE N 406 -105.03 26.14 -70.17
CA PHE N 406 -104.73 27.39 -70.85
C PHE N 406 -103.31 27.88 -70.64
N SER N 407 -102.78 27.78 -69.43
CA SER N 407 -101.36 28.06 -69.14
C SER N 407 -100.93 29.48 -69.48
N GLY N 408 -101.84 30.45 -69.43
CA GLY N 408 -101.45 31.83 -69.64
C GLY N 408 -100.90 32.46 -68.37
N ILE N 409 -100.02 33.44 -68.54
CA ILE N 409 -99.39 34.13 -67.42
C ILE N 409 -99.85 35.57 -67.39
N CYS N 410 -100.93 35.83 -66.67
CA CYS N 410 -101.47 37.17 -66.43
C CYS N 410 -102.53 37.06 -65.35
N GLN N 411 -103.19 38.18 -65.08
CA GLN N 411 -104.40 38.18 -64.27
C GLN N 411 -105.61 38.04 -65.18
N TYR N 412 -106.38 36.98 -65.00
CA TYR N 412 -107.47 36.64 -65.89
C TYR N 412 -108.78 36.66 -65.12
N LEU N 413 -109.84 37.13 -65.77
CA LEU N 413 -111.16 37.19 -65.17
C LEU N 413 -111.74 35.79 -65.15
N LEU N 414 -111.70 35.15 -63.98
CA LEU N 414 -112.13 33.76 -63.88
C LEU N 414 -113.64 33.63 -63.98
N ALA N 415 -114.37 34.41 -63.18
CA ALA N 415 -115.82 34.36 -63.20
C ALA N 415 -116.36 35.69 -62.69
N ARG N 416 -117.36 36.23 -63.37
CA ARG N 416 -117.95 37.49 -62.97
C ARG N 416 -119.43 37.47 -63.32
N ASP N 417 -120.22 38.21 -62.56
CA ASP N 417 -121.63 38.39 -62.87
C ASP N 417 -121.75 39.63 -63.76
N CYS N 418 -121.61 39.42 -65.07
CA CYS N 418 -121.69 40.54 -66.00
C CYS N 418 -123.08 41.14 -66.09
N GLN N 419 -124.10 40.50 -65.52
CA GLN N 419 -125.45 41.03 -65.59
C GLN N 419 -125.76 42.02 -64.46
N ASP N 420 -125.46 41.65 -63.23
CA ASP N 420 -125.74 42.51 -62.08
C ASP N 420 -124.50 42.92 -61.29
N HIS N 421 -123.32 42.42 -61.66
CA HIS N 421 -122.06 42.75 -60.99
C HIS N 421 -122.11 42.44 -59.49
N SER N 422 -122.76 41.34 -59.14
CA SER N 422 -122.81 40.90 -57.76
C SER N 422 -121.42 40.58 -57.22
N PHE N 423 -120.54 40.05 -58.06
CA PHE N 423 -119.21 39.62 -57.66
C PHE N 423 -118.29 39.63 -58.87
N SER N 424 -117.00 39.49 -58.60
CA SER N 424 -116.00 39.45 -59.66
C SER N 424 -114.75 38.75 -59.14
N ILE N 425 -114.40 37.62 -59.76
CA ILE N 425 -113.28 36.79 -59.30
C ILE N 425 -112.17 36.84 -60.34
N VAL N 426 -110.96 37.17 -59.88
CA VAL N 426 -109.79 37.28 -60.74
C VAL N 426 -108.69 36.38 -60.19
N ILE N 427 -107.96 35.70 -61.08
CA ILE N 427 -106.87 34.82 -60.70
C ILE N 427 -105.57 35.35 -61.26
N GLU N 428 -104.51 35.26 -60.46
CA GLU N 428 -103.18 35.64 -60.89
C GLU N 428 -102.38 34.37 -61.15
N THR N 429 -101.97 34.18 -62.39
CA THR N 429 -101.25 32.99 -62.81
C THR N 429 -99.77 33.31 -62.98
N VAL N 430 -98.91 32.41 -62.52
CA VAL N 430 -97.48 32.53 -62.68
C VAL N 430 -96.94 31.19 -63.13
N GLN N 431 -95.78 31.23 -63.77
CA GLN N 431 -95.06 30.00 -64.03
C GLN N 431 -94.67 29.36 -62.70
N CYS N 432 -95.00 28.09 -62.55
CA CYS N 432 -94.86 27.43 -61.26
C CYS N 432 -93.75 26.40 -61.25
N ALA N 433 -92.87 26.41 -62.26
CA ALA N 433 -91.71 25.53 -62.30
C ALA N 433 -90.82 26.03 -63.43
N ASP N 434 -89.75 25.29 -63.70
CA ASP N 434 -88.84 25.67 -64.77
C ASP N 434 -89.48 25.52 -66.14
N ASP N 435 -90.34 24.51 -66.31
CA ASP N 435 -90.94 24.24 -67.60
C ASP N 435 -91.86 25.37 -68.04
N ARG N 436 -91.86 25.65 -69.35
CA ARG N 436 -92.81 26.62 -69.88
C ARG N 436 -94.25 26.17 -69.70
N ASP N 437 -94.49 24.86 -69.61
CA ASP N 437 -95.84 24.33 -69.50
C ASP N 437 -96.39 24.37 -68.09
N ALA N 438 -95.56 24.67 -67.09
CA ALA N 438 -95.98 24.67 -65.69
C ALA N 438 -96.40 26.07 -65.30
N VAL N 439 -97.69 26.35 -65.43
CA VAL N 439 -98.28 27.63 -65.02
C VAL N 439 -99.45 27.32 -64.11
N CYS N 440 -99.44 27.87 -62.89
CA CYS N 440 -100.51 27.62 -61.96
C CYS N 440 -100.85 28.91 -61.24
N THR N 441 -102.06 28.94 -60.67
CA THR N 441 -102.57 30.14 -60.03
C THR N 441 -101.84 30.43 -58.72
N ARG N 442 -101.37 31.65 -58.57
CA ARG N 442 -100.69 32.03 -57.34
C ARG N 442 -101.64 32.59 -56.30
N SER N 443 -102.52 33.51 -56.71
CA SER N 443 -103.42 34.18 -55.78
C SER N 443 -104.74 34.43 -56.47
N VAL N 444 -105.78 34.65 -55.67
CA VAL N 444 -107.13 34.89 -56.14
C VAL N 444 -107.61 36.23 -55.58
N THR N 445 -108.37 36.97 -56.38
CA THR N 445 -108.91 38.26 -55.98
C THR N 445 -110.40 38.28 -56.25
N VAL N 446 -111.17 38.81 -55.30
CA VAL N 446 -112.63 38.77 -55.35
C VAL N 446 -113.16 40.15 -54.98
N ARG N 447 -113.88 40.78 -55.90
CA ARG N 447 -114.57 42.02 -55.62
C ARG N 447 -116.01 41.74 -55.25
N LEU N 448 -116.51 42.47 -54.25
CA LEU N 448 -117.88 42.31 -53.77
C LEU N 448 -118.52 43.69 -53.72
N PRO N 449 -118.98 44.21 -54.86
CA PRO N 449 -119.49 45.59 -54.89
C PRO N 449 -120.58 45.85 -53.88
N GLY N 450 -121.44 44.87 -53.62
CA GLY N 450 -122.51 45.05 -52.66
C GLY N 450 -122.06 45.11 -51.23
N LEU N 451 -120.83 44.70 -50.94
CA LEU N 451 -120.21 44.86 -49.63
C LEU N 451 -119.25 46.04 -49.64
N HIS N 452 -119.83 47.21 -49.92
CA HIS N 452 -119.12 48.50 -49.96
C HIS N 452 -117.82 48.42 -50.77
N ASN N 453 -117.90 47.73 -51.90
CA ASN N 453 -116.79 47.55 -52.84
C ASN N 453 -115.53 46.98 -52.19
N SER N 454 -115.72 46.07 -51.23
CA SER N 454 -114.63 45.32 -50.64
C SER N 454 -113.83 44.54 -51.69
N LEU N 455 -112.55 44.36 -51.42
CA LEU N 455 -111.64 43.59 -52.27
C LEU N 455 -110.94 42.51 -51.45
N VAL N 456 -111.42 41.29 -51.51
CA VAL N 456 -110.75 40.17 -50.85
C VAL N 456 -109.65 39.62 -51.75
N LYS N 457 -108.52 39.28 -51.14
CA LYS N 457 -107.45 38.58 -51.85
C LYS N 457 -107.10 37.29 -51.12
N LEU N 458 -107.26 36.16 -51.79
CA LEU N 458 -106.83 34.88 -51.25
C LEU N 458 -105.41 34.61 -51.73
N LYS N 459 -104.49 34.51 -50.81
CA LYS N 459 -103.07 34.49 -51.10
C LYS N 459 -102.52 33.07 -51.11
N HIS N 460 -101.33 32.93 -51.68
CA HIS N 460 -100.61 31.67 -51.62
C HIS N 460 -100.30 31.33 -50.17
N GLY N 461 -100.39 30.05 -49.84
CA GLY N 461 -100.31 29.64 -48.45
C GLY N 461 -101.60 29.72 -47.68
N ALA N 462 -102.71 30.04 -48.34
CA ALA N 462 -104.04 30.15 -47.77
C ALA N 462 -104.19 31.29 -46.78
N GLY N 463 -103.35 32.31 -46.86
CA GLY N 463 -103.66 33.55 -46.18
C GLY N 463 -104.78 34.29 -46.87
N VAL N 464 -105.35 35.26 -46.16
CA VAL N 464 -106.38 36.11 -46.71
C VAL N 464 -106.07 37.55 -46.35
N ALA N 465 -106.29 38.46 -47.30
CA ALA N 465 -106.24 39.88 -47.05
C ALA N 465 -107.56 40.50 -47.49
N MET N 466 -107.94 41.59 -46.83
CA MET N 466 -109.12 42.33 -47.22
C MET N 466 -108.79 43.81 -47.25
N ASP N 467 -109.04 44.44 -48.40
CA ASP N 467 -108.63 45.83 -48.64
C ASP N 467 -107.16 46.06 -48.29
N GLY N 468 -106.32 45.06 -48.56
CA GLY N 468 -104.91 45.11 -48.27
C GLY N 468 -104.49 44.71 -46.86
N GLN N 469 -105.43 44.57 -45.94
CA GLN N 469 -105.11 44.23 -44.56
C GLN N 469 -105.18 42.72 -44.38
N ASP N 470 -104.12 42.11 -43.87
CA ASP N 470 -104.17 40.68 -43.56
C ASP N 470 -105.13 40.44 -42.40
N VAL N 471 -106.15 39.64 -42.63
CA VAL N 471 -107.22 39.43 -41.66
C VAL N 471 -107.06 38.07 -40.99
N GLN N 472 -107.43 38.03 -39.73
CA GLN N 472 -107.50 36.80 -38.96
C GLN N 472 -108.83 36.10 -39.22
N LEU N 473 -108.81 34.78 -39.23
CA LEU N 473 -109.98 33.98 -39.60
C LEU N 473 -110.47 33.15 -38.43
N PRO N 474 -111.78 32.90 -38.32
CA PRO N 474 -112.84 33.24 -39.27
C PRO N 474 -113.25 34.69 -39.27
N LEU N 475 -113.64 35.17 -40.44
CA LEU N 475 -114.15 36.52 -40.63
C LEU N 475 -115.63 36.45 -40.95
N LEU N 476 -116.44 37.09 -40.11
CA LEU N 476 -117.86 37.30 -40.36
C LEU N 476 -118.07 38.80 -40.56
N LYS N 477 -118.57 39.18 -41.73
CA LYS N 477 -118.66 40.60 -42.08
C LYS N 477 -119.83 40.79 -43.04
N GLY N 478 -121.01 41.00 -42.48
CA GLY N 478 -122.20 41.04 -43.30
C GLY N 478 -122.50 39.68 -43.90
N ASP N 479 -122.74 39.68 -45.22
CA ASP N 479 -122.92 38.44 -45.98
C ASP N 479 -121.65 37.61 -46.07
N LEU N 480 -120.49 38.23 -46.01
CA LEU N 480 -119.22 37.54 -46.23
C LEU N 480 -118.79 36.72 -45.02
N ARG N 481 -118.38 35.48 -45.26
CA ARG N 481 -117.98 34.54 -44.20
C ARG N 481 -116.80 33.71 -44.69
N ILE N 482 -115.62 33.96 -44.13
CA ILE N 482 -114.38 33.31 -44.54
C ILE N 482 -113.84 32.49 -43.38
N GLN N 483 -113.53 31.21 -43.64
CA GLN N 483 -113.06 30.36 -42.56
C GLN N 483 -112.20 29.23 -43.11
N HIS N 484 -111.33 28.71 -42.26
CA HIS N 484 -110.51 27.55 -42.62
C HIS N 484 -111.34 26.27 -42.64
N THR N 485 -111.24 25.51 -43.72
CA THR N 485 -111.78 24.18 -43.80
C THR N 485 -110.91 23.21 -43.00
N VAL N 486 -111.44 22.01 -42.74
CA VAL N 486 -110.67 20.97 -42.08
C VAL N 486 -109.40 20.65 -42.83
N THR N 487 -109.41 20.82 -44.15
CA THR N 487 -108.24 20.61 -44.99
C THR N 487 -107.25 21.78 -44.92
N ALA N 488 -107.49 22.77 -44.07
CA ALA N 488 -106.75 24.02 -43.98
C ALA N 488 -107.04 24.94 -45.16
N SER N 489 -107.92 24.56 -46.07
CA SER N 489 -108.29 25.41 -47.18
C SER N 489 -109.24 26.51 -46.73
N VAL N 490 -109.01 27.73 -47.22
CA VAL N 490 -109.90 28.84 -46.92
C VAL N 490 -111.19 28.67 -47.72
N ARG N 491 -112.32 28.65 -47.02
CA ARG N 491 -113.64 28.65 -47.64
C ARG N 491 -114.29 30.01 -47.46
N LEU N 492 -114.60 30.66 -48.58
CA LEU N 492 -115.26 31.95 -48.58
C LEU N 492 -116.70 31.77 -49.03
N SER N 493 -117.64 32.33 -48.27
CA SER N 493 -119.04 32.34 -48.62
C SER N 493 -119.52 33.78 -48.68
N TYR N 494 -120.42 34.08 -49.61
CA TYR N 494 -121.00 35.41 -49.69
C TYR N 494 -122.48 35.27 -50.05
N GLY N 495 -123.33 35.67 -49.13
CA GLY N 495 -124.70 35.25 -49.16
C GLY N 495 -124.81 33.76 -49.03
N GLU N 496 -125.81 33.19 -49.69
CA GLU N 496 -125.94 31.76 -49.87
C GLU N 496 -125.78 31.32 -51.32
N ASP N 497 -125.63 32.27 -52.24
CA ASP N 497 -125.55 31.97 -53.67
C ASP N 497 -124.13 31.87 -54.22
N LEU N 498 -123.12 32.34 -53.50
CA LEU N 498 -121.73 32.22 -53.94
C LEU N 498 -120.88 31.59 -52.85
N GLN N 499 -120.00 30.69 -53.27
CA GLN N 499 -119.04 30.06 -52.36
C GLN N 499 -117.77 29.78 -53.13
N MET N 500 -116.64 29.75 -52.42
CA MET N 500 -115.34 29.48 -53.00
C MET N 500 -114.54 28.65 -52.01
N ASP N 501 -113.56 27.90 -52.53
CA ASP N 501 -112.74 27.06 -51.66
C ASP N 501 -111.31 27.04 -52.21
N TRP N 502 -110.39 27.63 -51.47
CA TRP N 502 -109.04 27.92 -51.92
C TRP N 502 -108.06 27.17 -51.04
N ASP N 503 -107.27 26.28 -51.63
CA ASP N 503 -106.35 25.47 -50.87
C ASP N 503 -105.00 26.14 -50.61
N GLY N 504 -104.71 27.23 -51.28
CA GLY N 504 -103.47 27.94 -51.10
C GLY N 504 -102.32 27.46 -51.95
N ARG N 505 -102.42 26.28 -52.52
CA ARG N 505 -101.37 25.76 -53.38
C ARG N 505 -101.66 26.00 -54.86
N GLY N 506 -102.90 26.33 -55.21
CA GLY N 506 -103.24 26.61 -56.58
C GLY N 506 -104.59 26.07 -57.01
N ARG N 507 -105.26 25.32 -56.12
CA ARG N 507 -106.57 24.79 -56.43
C ARG N 507 -107.66 25.73 -55.94
N LEU N 508 -108.57 26.09 -56.83
CA LEU N 508 -109.70 26.95 -56.49
C LEU N 508 -110.98 26.33 -57.03
N LEU N 509 -111.97 26.17 -56.17
CA LEU N 509 -113.30 25.71 -56.54
C LEU N 509 -114.32 26.79 -56.24
N VAL N 510 -115.01 27.28 -57.27
CA VAL N 510 -116.05 28.28 -57.11
C VAL N 510 -117.40 27.64 -57.40
N LYS N 511 -118.32 27.77 -56.44
CA LYS N 511 -119.65 27.19 -56.55
C LYS N 511 -120.69 28.30 -56.59
N LEU N 512 -121.53 28.31 -57.63
CA LEU N 512 -122.63 29.26 -57.74
C LEU N 512 -123.96 28.55 -57.64
N SER N 513 -124.86 29.11 -56.84
CA SER N 513 -126.26 28.75 -56.87
C SER N 513 -126.88 28.99 -58.26
N PRO N 514 -127.95 28.26 -58.59
CA PRO N 514 -128.65 28.48 -59.87
C PRO N 514 -129.08 29.91 -60.14
N VAL N 515 -129.10 30.75 -59.11
CA VAL N 515 -129.49 32.14 -59.27
C VAL N 515 -128.62 32.86 -60.29
N TYR N 516 -127.36 32.43 -60.42
CA TYR N 516 -126.41 33.04 -61.35
C TYR N 516 -126.38 32.38 -62.72
N ALA N 517 -127.23 31.40 -63.00
CA ALA N 517 -127.21 30.72 -64.28
C ALA N 517 -127.46 31.71 -65.41
N GLY N 518 -126.61 31.65 -66.44
CA GLY N 518 -126.70 32.55 -67.56
C GLY N 518 -126.16 33.94 -67.31
N LYS N 519 -126.02 34.35 -66.05
CA LYS N 519 -125.54 35.68 -65.72
C LYS N 519 -124.02 35.78 -65.70
N THR N 520 -123.31 34.67 -65.75
CA THR N 520 -121.89 34.62 -65.46
C THR N 520 -121.09 34.89 -66.74
N CYS N 521 -119.82 35.22 -66.55
CA CYS N 521 -118.92 35.57 -67.64
C CYS N 521 -117.49 35.39 -67.14
N GLY N 522 -116.58 35.18 -68.08
CA GLY N 522 -115.19 34.93 -67.76
C GLY N 522 -114.74 33.56 -68.23
N LEU N 523 -113.54 33.18 -67.78
CA LEU N 523 -113.00 31.88 -68.16
C LEU N 523 -113.93 30.74 -67.78
N CYS N 524 -114.67 30.89 -66.69
CA CYS N 524 -115.56 29.82 -66.26
C CYS N 524 -116.79 29.68 -67.15
N GLY N 525 -116.98 30.56 -68.11
CA GLY N 525 -118.11 30.45 -69.00
C GLY N 525 -119.34 31.15 -68.49
N ASN N 526 -120.40 31.07 -69.27
CA ASN N 526 -121.64 31.77 -68.97
C ASN N 526 -122.62 30.96 -68.13
N TYR N 527 -122.26 29.75 -67.71
CA TYR N 527 -123.05 28.95 -66.78
C TYR N 527 -124.49 28.83 -67.25
N ASN N 528 -124.66 28.16 -68.40
CA ASN N 528 -125.97 27.94 -68.99
C ASN N 528 -126.18 26.50 -69.41
N GLY N 529 -125.44 25.56 -68.83
CA GLY N 529 -125.66 24.15 -69.11
C GLY N 529 -125.20 23.68 -70.48
N ASN N 530 -124.37 24.46 -71.17
CA ASN N 530 -123.93 24.11 -72.51
C ASN N 530 -122.43 24.30 -72.60
N GLN N 531 -121.72 23.25 -73.01
CA GLN N 531 -120.28 23.34 -73.23
C GLN N 531 -119.96 24.13 -74.49
N GLY N 532 -120.88 24.17 -75.44
CA GLY N 532 -120.55 24.67 -76.77
C GLY N 532 -120.10 26.11 -76.79
N ASP N 533 -120.66 26.95 -75.93
CA ASP N 533 -120.40 28.38 -75.96
C ASP N 533 -119.50 28.85 -74.83
N ASP N 534 -118.78 27.94 -74.16
CA ASP N 534 -117.96 28.36 -73.03
C ASP N 534 -116.71 29.09 -73.47
N PHE N 535 -116.28 28.96 -74.71
CA PHE N 535 -115.18 29.78 -75.22
C PHE N 535 -115.65 31.13 -75.75
N LEU N 536 -116.81 31.59 -75.31
CA LEU N 536 -117.23 32.96 -75.62
C LEU N 536 -116.21 33.96 -75.09
N THR N 537 -116.19 35.13 -75.69
CA THR N 537 -115.26 36.19 -75.36
C THR N 537 -116.03 37.49 -75.26
N PRO N 538 -115.48 38.51 -74.59
CA PRO N 538 -116.18 39.80 -74.52
C PRO N 538 -116.51 40.38 -75.88
N SER N 539 -115.85 39.93 -76.94
CA SER N 539 -116.20 40.36 -78.28
C SER N 539 -117.57 39.83 -78.70
N GLY N 540 -118.12 38.87 -77.97
CA GLY N 540 -119.41 38.29 -78.30
C GLY N 540 -119.37 37.05 -79.14
N LEU N 541 -118.20 36.64 -79.62
CA LEU N 541 -118.07 35.43 -80.44
C LEU N 541 -117.26 34.38 -79.69
N ALA N 542 -117.49 33.13 -80.07
CA ALA N 542 -116.82 32.01 -79.43
C ALA N 542 -115.55 31.68 -80.19
N GLU N 543 -114.43 31.72 -79.50
CA GLU N 543 -113.15 31.42 -80.12
C GLU N 543 -112.98 29.90 -80.23
N PRO N 544 -112.67 29.38 -81.41
CA PRO N 544 -112.45 27.93 -81.53
C PRO N 544 -111.18 27.45 -80.84
N ARG N 545 -110.27 28.35 -80.48
CA ARG N 545 -108.99 28.00 -79.89
C ARG N 545 -108.96 28.44 -78.44
N VAL N 546 -108.46 27.57 -77.57
CA VAL N 546 -108.38 27.92 -76.15
C VAL N 546 -107.44 29.09 -75.93
N GLU N 547 -106.38 29.20 -76.73
CA GLU N 547 -105.41 30.26 -76.54
C GLU N 547 -106.04 31.63 -76.75
N ASP N 548 -106.73 31.82 -77.88
CA ASP N 548 -107.38 33.11 -78.13
C ASP N 548 -108.46 33.39 -77.10
N PHE N 549 -109.26 32.39 -76.77
CA PHE N 549 -110.29 32.55 -75.75
C PHE N 549 -109.71 33.07 -74.44
N GLY N 550 -108.68 32.41 -73.94
CA GLY N 550 -108.09 32.85 -72.68
C GLY N 550 -107.43 34.21 -72.79
N ASN N 551 -106.76 34.48 -73.91
CA ASN N 551 -106.15 35.79 -74.10
C ASN N 551 -107.17 36.90 -74.09
N ALA N 552 -108.41 36.60 -74.51
CA ALA N 552 -109.44 37.63 -74.53
C ALA N 552 -109.84 38.09 -73.14
N TRP N 553 -109.62 37.27 -72.11
CA TRP N 553 -110.03 37.59 -70.75
C TRP N 553 -108.88 38.09 -69.88
N LYS N 554 -107.72 38.37 -70.46
CA LYS N 554 -106.60 38.87 -69.68
C LYS N 554 -106.79 40.35 -69.37
N LEU N 555 -106.44 40.72 -68.14
CA LEU N 555 -106.75 42.06 -67.64
C LEU N 555 -105.73 43.10 -68.08
N HIS N 556 -104.47 42.71 -68.26
CA HIS N 556 -103.38 43.65 -68.46
C HIS N 556 -102.83 43.53 -69.87
N GLY N 557 -102.71 44.66 -70.56
CA GLY N 557 -102.33 44.64 -71.96
C GLY N 557 -100.88 44.25 -72.21
N ASP N 558 -100.01 44.47 -71.24
CA ASP N 558 -98.61 44.14 -71.41
C ASP N 558 -98.31 42.67 -71.22
N CYS N 559 -99.30 41.89 -70.80
CA CYS N 559 -99.11 40.45 -70.66
C CYS N 559 -98.89 39.78 -72.01
N GLN N 560 -98.14 38.69 -72.00
CA GLN N 560 -97.90 37.94 -73.22
C GLN N 560 -99.18 37.25 -73.68
N ASP N 561 -99.52 37.43 -74.95
CA ASP N 561 -100.62 36.68 -75.54
C ASP N 561 -100.15 35.28 -75.84
N LEU N 562 -100.83 34.29 -75.28
CA LEU N 562 -100.41 32.90 -75.41
C LEU N 562 -100.52 32.48 -76.87
N GLN N 563 -99.40 32.04 -77.45
CA GLN N 563 -99.38 31.69 -78.87
C GLN N 563 -99.88 30.27 -79.11
N LYS N 564 -99.34 29.30 -78.38
CA LYS N 564 -99.78 27.92 -78.50
C LYS N 564 -99.82 27.27 -77.13
N GLN N 565 -100.88 26.50 -76.89
CA GLN N 565 -101.03 25.74 -75.66
C GLN N 565 -100.47 24.34 -75.92
N HIS N 566 -99.21 24.15 -75.60
CA HIS N 566 -98.55 22.88 -75.86
C HIS N 566 -99.05 21.81 -74.91
N SER N 567 -99.67 20.77 -75.45
CA SER N 567 -99.99 19.60 -74.66
C SER N 567 -98.76 18.72 -74.54
N ASP N 568 -98.86 17.71 -73.67
CA ASP N 568 -97.79 16.74 -73.47
C ASP N 568 -96.47 17.42 -73.13
N PRO N 569 -96.34 17.99 -71.94
CA PRO N 569 -95.04 18.53 -71.52
C PRO N 569 -93.97 17.45 -71.35
N CYS N 570 -94.35 16.17 -71.35
CA CYS N 570 -93.39 15.11 -71.17
C CYS N 570 -92.31 15.11 -72.24
N ALA N 571 -92.59 15.72 -73.40
CA ALA N 571 -91.58 15.78 -74.45
C ALA N 571 -90.35 16.56 -73.98
N LEU N 572 -90.55 17.60 -73.19
CA LEU N 572 -89.43 18.41 -72.73
C LEU N 572 -88.64 17.71 -71.64
N ASN N 573 -89.27 16.81 -70.89
CA ASN N 573 -88.60 16.02 -69.86
C ASN N 573 -88.94 14.56 -70.08
N PRO N 574 -88.27 13.90 -71.01
CA PRO N 574 -88.57 12.49 -71.29
C PRO N 574 -88.37 11.59 -70.10
N ARG N 575 -87.51 11.97 -69.15
CA ARG N 575 -87.25 11.11 -68.00
C ARG N 575 -88.52 10.81 -67.22
N MET N 576 -89.48 11.74 -67.22
CA MET N 576 -90.67 11.64 -66.40
C MET N 576 -91.82 10.92 -67.10
N THR N 577 -91.67 10.55 -68.37
CA THR N 577 -92.80 9.99 -69.10
C THR N 577 -93.22 8.63 -68.55
N ARG N 578 -92.26 7.77 -68.23
CA ARG N 578 -92.61 6.45 -67.69
C ARG N 578 -93.35 6.58 -66.37
N PHE N 579 -92.84 7.41 -65.46
CA PHE N 579 -93.51 7.63 -64.20
C PHE N 579 -94.89 8.24 -64.40
N SER N 580 -94.99 9.22 -65.29
CA SER N 580 -96.28 9.84 -65.54
C SER N 580 -97.31 8.80 -65.94
N GLU N 581 -96.99 8.00 -66.96
CA GLU N 581 -97.93 6.98 -67.41
C GLU N 581 -98.27 6.02 -66.28
N GLU N 582 -97.24 5.40 -65.69
CA GLU N 582 -97.47 4.31 -64.75
C GLU N 582 -98.10 4.76 -63.45
N ALA N 583 -97.99 6.05 -63.10
CA ALA N 583 -98.56 6.56 -61.87
C ALA N 583 -99.96 7.09 -62.10
N CYS N 584 -100.15 7.92 -63.11
CA CYS N 584 -101.47 8.46 -63.37
C CYS N 584 -102.42 7.40 -63.92
N ALA N 585 -101.91 6.23 -64.30
CA ALA N 585 -102.80 5.16 -64.73
C ALA N 585 -103.72 4.68 -63.61
N VAL N 586 -103.40 4.99 -62.35
CA VAL N 586 -104.22 4.51 -61.25
C VAL N 586 -105.63 5.05 -61.32
N LEU N 587 -105.82 6.22 -61.96
CA LEU N 587 -107.16 6.77 -62.09
C LEU N 587 -108.11 5.84 -62.83
N THR N 588 -107.59 4.95 -63.67
CA THR N 588 -108.40 3.97 -64.38
C THR N 588 -108.35 2.59 -63.76
N SER N 589 -107.65 2.43 -62.66
CA SER N 589 -107.53 1.14 -62.01
C SER N 589 -108.82 0.81 -61.28
N PRO N 590 -109.00 -0.45 -60.88
CA PRO N 590 -110.18 -0.80 -60.08
C PRO N 590 -110.33 0.02 -58.81
N THR N 591 -109.25 0.68 -58.37
CA THR N 591 -109.35 1.59 -57.23
C THR N 591 -110.39 2.67 -57.47
N PHE N 592 -110.58 3.08 -58.71
CA PHE N 592 -111.53 4.12 -59.05
C PHE N 592 -112.67 3.63 -59.92
N GLU N 593 -112.75 2.33 -60.20
CA GLU N 593 -113.84 1.82 -61.02
C GLU N 593 -115.19 2.11 -60.40
N ALA N 594 -115.25 2.26 -59.08
CA ALA N 594 -116.50 2.62 -58.44
C ALA N 594 -116.97 4.01 -58.85
N CYS N 595 -116.07 4.83 -59.39
CA CYS N 595 -116.40 6.20 -59.76
C CYS N 595 -116.51 6.44 -61.25
N HIS N 596 -115.96 5.55 -62.10
CA HIS N 596 -115.96 5.80 -63.53
C HIS N 596 -117.35 6.03 -64.06
N ARG N 597 -118.35 5.38 -63.48
CA ARG N 597 -119.72 5.60 -63.89
C ARG N 597 -120.17 7.01 -63.55
N ALA N 598 -119.79 7.50 -62.37
CA ALA N 598 -120.25 8.81 -61.93
C ALA N 598 -119.54 9.94 -62.63
N VAL N 599 -118.21 9.86 -62.74
CA VAL N 599 -117.40 10.92 -63.34
C VAL N 599 -116.46 10.30 -64.37
N SER N 600 -116.39 10.91 -65.54
CA SER N 600 -115.50 10.41 -66.58
C SER N 600 -114.06 10.66 -66.16
N PRO N 601 -113.21 9.63 -66.13
CA PRO N 601 -111.83 9.83 -65.68
C PRO N 601 -110.90 10.40 -66.73
N LEU N 602 -111.33 10.54 -67.98
CA LEU N 602 -110.41 10.93 -69.04
C LEU N 602 -109.84 12.33 -68.85
N PRO N 603 -110.63 13.38 -68.59
CA PRO N 603 -110.03 14.70 -68.38
C PRO N 603 -109.07 14.72 -67.22
N TYR N 604 -109.42 14.04 -66.14
CA TYR N 604 -108.55 14.01 -64.98
C TYR N 604 -107.27 13.23 -65.26
N LEU N 605 -107.35 12.21 -66.10
CA LEU N 605 -106.14 11.49 -66.51
C LEU N 605 -105.22 12.38 -67.35
N ARG N 606 -105.79 13.10 -68.31
CA ARG N 606 -105.00 14.05 -69.08
C ARG N 606 -104.33 15.06 -68.18
N ASN N 607 -105.10 15.64 -67.26
CA ASN N 607 -104.57 16.63 -66.34
C ASN N 607 -103.48 16.02 -65.46
N CYS N 608 -103.68 14.79 -64.99
CA CYS N 608 -102.70 14.14 -64.13
C CYS N 608 -101.38 13.97 -64.86
N ARG N 609 -101.42 13.45 -66.09
CA ARG N 609 -100.17 13.24 -66.82
C ARG N 609 -99.49 14.56 -67.12
N TYR N 610 -100.24 15.56 -67.55
CA TYR N 610 -99.66 16.88 -67.77
C TYR N 610 -98.98 17.40 -66.51
N ASP N 611 -99.66 17.32 -65.38
CA ASP N 611 -99.11 17.85 -64.14
C ASP N 611 -97.85 17.12 -63.74
N VAL N 612 -97.90 15.78 -63.74
CA VAL N 612 -96.74 15.01 -63.31
C VAL N 612 -95.54 15.30 -64.20
N CYS N 613 -95.77 15.48 -65.49
CA CYS N 613 -94.64 15.75 -66.38
C CYS N 613 -94.13 17.18 -66.25
N SER N 614 -94.97 18.14 -65.88
CA SER N 614 -94.56 19.53 -65.90
C SER N 614 -94.24 20.12 -64.53
N CYS N 615 -94.60 19.45 -63.44
CA CYS N 615 -94.49 20.08 -62.13
C CYS N 615 -93.06 20.06 -61.60
N SER N 616 -92.81 20.92 -60.62
CA SER N 616 -91.53 20.92 -59.93
C SER N 616 -91.31 19.60 -59.19
N ASP N 617 -92.34 19.12 -58.50
CA ASP N 617 -92.29 17.83 -57.81
C ASP N 617 -93.42 16.97 -58.36
N GLY N 618 -93.06 15.83 -58.97
CA GLY N 618 -94.07 14.99 -59.57
C GLY N 618 -94.94 14.28 -58.55
N ARG N 619 -94.40 14.02 -57.36
CA ARG N 619 -95.18 13.34 -56.34
C ARG N 619 -96.31 14.23 -55.83
N GLU N 620 -95.99 15.48 -55.52
CA GLU N 620 -97.00 16.41 -55.02
C GLU N 620 -98.12 16.60 -56.04
N CYS N 621 -97.75 16.76 -57.31
CA CYS N 621 -98.78 16.97 -58.33
C CYS N 621 -99.55 15.68 -58.63
N LEU N 622 -98.90 14.52 -58.52
CA LEU N 622 -99.63 13.27 -58.61
C LEU N 622 -100.72 13.20 -57.56
N CYS N 623 -100.36 13.52 -56.31
CA CYS N 623 -101.37 13.55 -55.24
C CYS N 623 -102.44 14.59 -55.54
N GLY N 624 -102.05 15.75 -56.05
CA GLY N 624 -103.02 16.77 -56.37
C GLY N 624 -104.05 16.31 -57.39
N ALA N 625 -103.58 15.68 -58.48
CA ALA N 625 -104.50 15.22 -59.52
C ALA N 625 -105.39 14.09 -59.03
N LEU N 626 -104.81 13.12 -58.31
CA LEU N 626 -105.63 12.05 -57.78
C LEU N 626 -106.67 12.58 -56.81
N ALA N 627 -106.28 13.54 -55.96
CA ALA N 627 -107.23 14.13 -55.03
C ALA N 627 -108.30 14.92 -55.78
N SER N 628 -107.95 15.55 -56.90
CA SER N 628 -108.94 16.25 -57.69
C SER N 628 -110.00 15.29 -58.20
N TYR N 629 -109.57 14.16 -58.76
CA TYR N 629 -110.54 13.19 -59.25
C TYR N 629 -111.37 12.62 -58.11
N ALA N 630 -110.73 12.33 -56.97
CA ALA N 630 -111.49 11.81 -55.83
C ALA N 630 -112.48 12.84 -55.32
N ALA N 631 -112.13 14.12 -55.37
CA ALA N 631 -113.05 15.16 -54.97
C ALA N 631 -114.24 15.26 -55.91
N ALA N 632 -114.00 15.10 -57.21
CA ALA N 632 -115.12 15.04 -58.15
C ALA N 632 -116.03 13.86 -57.83
N CYS N 633 -115.45 12.69 -57.57
CA CYS N 633 -116.25 11.53 -57.20
C CYS N 633 -117.08 11.81 -55.95
N ALA N 634 -116.46 12.40 -54.93
CA ALA N 634 -117.18 12.73 -53.71
C ALA N 634 -118.30 13.73 -53.98
N GLY N 635 -118.06 14.68 -54.88
CA GLY N 635 -119.12 15.59 -55.27
C GLY N 635 -120.30 14.86 -55.88
N ARG N 636 -120.02 13.81 -56.63
CA ARG N 636 -121.08 12.92 -57.12
C ARG N 636 -121.49 11.87 -56.10
N GLY N 637 -121.10 12.03 -54.84
CA GLY N 637 -121.55 11.14 -53.79
C GLY N 637 -120.84 9.82 -53.70
N VAL N 638 -119.76 9.61 -54.46
CA VAL N 638 -119.00 8.38 -54.43
C VAL N 638 -117.68 8.67 -53.69
N ARG N 639 -117.41 7.90 -52.65
CA ARG N 639 -116.19 8.06 -51.87
C ARG N 639 -115.27 6.88 -52.14
N VAL N 640 -114.02 7.17 -52.47
CA VAL N 640 -113.03 6.15 -52.84
C VAL N 640 -111.87 6.23 -51.85
N ALA N 641 -111.52 5.08 -51.28
CA ALA N 641 -110.37 4.98 -50.37
C ALA N 641 -109.09 4.82 -51.18
N TRP N 642 -108.65 5.93 -51.77
CA TRP N 642 -107.56 5.87 -52.73
C TRP N 642 -106.20 6.11 -52.11
N ARG N 643 -106.12 6.80 -50.98
CA ARG N 643 -104.82 7.03 -50.36
C ARG N 643 -104.28 5.76 -49.74
N GLU N 644 -102.97 5.57 -49.82
CA GLU N 644 -102.30 4.38 -49.31
C GLU N 644 -100.90 4.78 -48.91
N PRO N 645 -100.20 3.92 -48.16
CA PRO N 645 -98.82 4.26 -47.75
C PRO N 645 -97.92 4.60 -48.92
N GLY N 646 -98.09 3.93 -50.05
CA GLY N 646 -97.26 4.21 -51.19
C GLY N 646 -97.64 5.45 -51.98
N ARG N 647 -98.75 6.11 -51.61
CA ARG N 647 -99.17 7.30 -52.35
C ARG N 647 -100.07 8.17 -51.48
N CYS N 648 -99.60 9.36 -51.16
CA CYS N 648 -100.46 10.48 -50.79
C CYS N 648 -101.25 10.23 -49.51
N GLU N 649 -100.55 9.80 -48.46
CA GLU N 649 -101.18 9.76 -47.14
C GLU N 649 -101.15 11.13 -46.50
N LEU N 650 -102.23 11.48 -45.81
CA LEU N 650 -102.28 12.71 -45.02
C LEU N 650 -101.64 12.44 -43.67
N ASN N 651 -100.48 13.03 -43.43
CA ASN N 651 -99.81 12.91 -42.14
C ASN N 651 -100.36 13.99 -41.22
N CYS N 652 -101.34 13.60 -40.41
CA CYS N 652 -102.10 14.60 -39.64
C CYS N 652 -101.26 15.18 -38.51
N PRO N 653 -101.45 16.45 -38.19
CA PRO N 653 -100.70 17.06 -37.09
C PRO N 653 -101.01 16.41 -35.76
N LYS N 654 -99.98 16.33 -34.91
CA LYS N 654 -100.09 15.92 -33.50
C LYS N 654 -100.93 14.67 -33.41
N GLY N 655 -101.91 14.60 -32.51
CA GLY N 655 -102.71 13.42 -32.30
C GLY N 655 -103.97 13.33 -33.13
N GLN N 656 -104.17 14.24 -34.08
CA GLN N 656 -105.36 14.19 -34.92
C GLN N 656 -105.35 12.93 -35.78
N VAL N 657 -106.54 12.43 -36.09
CA VAL N 657 -106.72 11.18 -36.81
C VAL N 657 -107.35 11.47 -38.16
N TYR N 658 -106.81 10.83 -39.20
CA TYR N 658 -107.36 10.98 -40.54
C TYR N 658 -108.68 10.23 -40.65
N LEU N 659 -109.70 10.91 -41.17
CA LEU N 659 -110.98 10.31 -41.48
C LEU N 659 -111.32 10.52 -42.94
N GLN N 660 -111.85 9.49 -43.58
CA GLN N 660 -112.31 9.64 -44.96
C GLN N 660 -113.63 10.39 -45.05
N CYS N 661 -114.46 10.30 -44.00
CA CYS N 661 -115.76 10.98 -43.96
C CYS N 661 -115.99 11.40 -42.52
N GLY N 662 -115.63 12.63 -42.21
CA GLY N 662 -115.83 13.19 -40.88
C GLY N 662 -116.64 14.47 -40.93
N THR N 663 -117.27 14.82 -39.84
CA THR N 663 -118.15 15.98 -39.82
C THR N 663 -117.42 17.21 -39.31
N PRO N 664 -117.43 18.32 -40.05
CA PRO N 664 -116.69 19.50 -39.63
C PRO N 664 -117.43 20.38 -38.64
N CYS N 665 -118.74 20.17 -38.44
CA CYS N 665 -119.56 21.15 -37.75
C CYS N 665 -119.13 21.33 -36.30
N ASN N 666 -118.74 20.25 -35.63
CA ASN N 666 -118.44 20.28 -34.20
C ASN N 666 -117.00 19.90 -33.91
N LEU N 667 -116.06 20.38 -34.73
CA LEU N 667 -114.66 20.06 -34.50
C LEU N 667 -113.97 21.10 -33.62
N THR N 668 -114.12 22.37 -33.95
CA THR N 668 -113.45 23.45 -33.26
C THR N 668 -114.23 23.88 -32.03
N CYS N 669 -113.51 24.47 -31.07
CA CYS N 669 -114.15 24.91 -29.83
C CYS N 669 -115.05 26.12 -30.05
N ARG N 670 -114.83 26.88 -31.13
CA ARG N 670 -115.78 27.91 -31.50
C ARG N 670 -117.18 27.35 -31.70
N SER N 671 -117.28 26.09 -32.14
CA SER N 671 -118.59 25.44 -32.22
C SER N 671 -119.24 25.35 -30.85
N LEU N 672 -118.44 25.10 -29.81
CA LEU N 672 -118.97 25.15 -28.45
C LEU N 672 -119.37 26.57 -28.09
N SER N 673 -118.55 27.55 -28.46
CA SER N 673 -118.85 28.92 -28.08
C SER N 673 -120.05 29.48 -28.83
N TYR N 674 -120.38 28.94 -30.00
CA TYR N 674 -121.53 29.37 -30.79
C TYR N 674 -122.33 28.15 -31.20
N PRO N 675 -123.03 27.52 -30.26
CA PRO N 675 -123.77 26.30 -30.59
C PRO N 675 -125.01 26.55 -31.41
N ASP N 676 -125.57 27.75 -31.38
CA ASP N 676 -126.81 28.04 -32.11
C ASP N 676 -126.57 28.44 -33.55
N GLU N 677 -125.31 28.57 -33.98
CA GLU N 677 -125.02 28.81 -35.39
C GLU N 677 -125.23 27.51 -36.15
N GLU N 678 -126.23 27.49 -37.02
CA GLU N 678 -126.62 26.25 -37.69
C GLU N 678 -125.52 25.78 -38.62
N CYS N 679 -125.32 24.46 -38.65
CA CYS N 679 -124.33 23.83 -39.51
C CYS N 679 -124.89 22.50 -39.99
N ASN N 680 -125.02 22.35 -41.31
CA ASN N 680 -125.56 21.13 -41.91
C ASN N 680 -124.63 20.57 -42.97
N GLU N 681 -123.35 20.90 -42.91
CA GLU N 681 -122.43 20.58 -43.99
C GLU N 681 -122.14 19.08 -44.04
N ALA N 682 -122.03 18.55 -45.25
CA ALA N 682 -121.73 17.14 -45.45
C ALA N 682 -120.32 16.81 -44.96
N CYS N 683 -120.07 15.52 -44.77
CA CYS N 683 -118.77 15.09 -44.28
C CYS N 683 -117.71 15.26 -45.36
N LEU N 684 -116.46 15.26 -44.93
CA LEU N 684 -115.34 15.41 -45.83
C LEU N 684 -114.13 14.72 -45.24
N GLU N 685 -113.18 14.37 -46.10
CA GLU N 685 -111.94 13.78 -45.63
C GLU N 685 -111.02 14.86 -45.06
N GLY N 686 -110.22 14.47 -44.09
CA GLY N 686 -109.31 15.40 -43.46
C GLY N 686 -108.83 14.87 -42.13
N CYS N 687 -108.22 15.76 -41.36
CA CYS N 687 -107.70 15.44 -40.04
C CYS N 687 -108.66 15.95 -38.98
N PHE N 688 -109.14 15.05 -38.12
CA PHE N 688 -110.10 15.38 -37.09
C PHE N 688 -109.57 14.90 -35.75
N CYS N 689 -110.03 15.54 -34.68
CA CYS N 689 -109.69 15.07 -33.35
C CYS N 689 -110.51 13.83 -33.01
N PRO N 690 -110.00 12.97 -32.14
CA PRO N 690 -110.75 11.77 -31.72
C PRO N 690 -112.13 12.15 -31.21
N PRO N 691 -113.05 11.19 -31.12
CA PRO N 691 -114.47 11.55 -30.92
C PRO N 691 -114.73 12.35 -29.66
N GLY N 692 -113.95 12.15 -28.61
CA GLY N 692 -114.24 12.83 -27.35
C GLY N 692 -113.56 14.16 -27.15
N LEU N 693 -112.84 14.67 -28.15
CA LEU N 693 -112.03 15.87 -27.98
C LEU N 693 -112.38 16.91 -29.03
N TYR N 694 -112.33 18.17 -28.63
CA TYR N 694 -112.47 19.30 -29.54
C TYR N 694 -111.09 19.86 -29.87
N MET N 695 -111.05 20.75 -30.85
CA MET N 695 -109.80 21.30 -31.37
C MET N 695 -109.73 22.79 -31.07
N ASP N 696 -108.60 23.22 -30.52
CA ASP N 696 -108.38 24.61 -30.15
C ASP N 696 -107.61 25.35 -31.25
N GLU N 697 -107.17 26.58 -30.95
CA GLU N 697 -106.45 27.37 -31.93
C GLU N 697 -105.10 26.75 -32.28
N ARG N 698 -104.43 26.15 -31.30
CA ARG N 698 -103.13 25.55 -31.55
C ARG N 698 -103.22 24.28 -32.38
N GLY N 699 -104.43 23.79 -32.66
CA GLY N 699 -104.58 22.52 -33.29
C GLY N 699 -104.53 21.34 -32.34
N ASP N 700 -104.41 21.60 -31.05
CA ASP N 700 -104.38 20.53 -30.06
C ASP N 700 -105.78 20.06 -29.76
N CYS N 701 -105.94 18.74 -29.62
CA CYS N 701 -107.22 18.17 -29.27
C CYS N 701 -107.41 18.23 -27.75
N VAL N 702 -108.50 18.85 -27.32
CA VAL N 702 -108.73 19.09 -25.90
C VAL N 702 -110.15 18.65 -25.55
N PRO N 703 -110.38 18.17 -24.33
CA PRO N 703 -111.76 17.96 -23.88
C PRO N 703 -112.50 19.28 -23.79
N LYS N 704 -113.82 19.21 -23.93
CA LYS N 704 -114.62 20.42 -23.94
C LYS N 704 -114.43 21.24 -22.67
N ALA N 705 -114.03 20.60 -21.57
CA ALA N 705 -113.76 21.33 -20.34
C ALA N 705 -112.57 22.27 -20.48
N GLN N 706 -111.68 22.02 -21.43
CA GLN N 706 -110.46 22.81 -21.60
C GLN N 706 -110.54 23.80 -22.74
N CYS N 707 -111.60 23.80 -23.53
CA CYS N 707 -111.73 24.79 -24.59
C CYS N 707 -111.83 26.20 -24.00
N PRO N 708 -111.22 27.19 -24.63
CA PRO N 708 -111.53 28.57 -24.29
C PRO N 708 -112.87 29.00 -24.84
N CYS N 709 -113.38 30.09 -24.30
CA CYS N 709 -114.66 30.66 -24.71
C CYS N 709 -114.43 31.93 -25.52
N TYR N 710 -115.07 32.01 -26.67
CA TYR N 710 -114.98 33.19 -27.53
C TYR N 710 -116.20 34.06 -27.29
N TYR N 711 -115.96 35.29 -26.84
CA TYR N 711 -117.05 36.20 -26.51
C TYR N 711 -116.69 37.57 -27.04
N ASP N 712 -117.57 38.14 -27.87
CA ASP N 712 -117.34 39.45 -28.47
C ASP N 712 -115.99 39.50 -29.20
N GLY N 713 -115.55 38.37 -29.72
CA GLY N 713 -114.28 38.31 -30.41
C GLY N 713 -113.08 38.23 -29.50
N GLU N 714 -113.28 38.01 -28.21
CA GLU N 714 -112.19 37.88 -27.26
C GLU N 714 -112.15 36.45 -26.73
N ILE N 715 -110.95 35.94 -26.50
CA ILE N 715 -110.76 34.54 -26.15
C ILE N 715 -110.55 34.47 -24.64
N PHE N 716 -111.45 33.78 -23.95
CA PHE N 716 -111.36 33.63 -22.50
C PHE N 716 -111.03 32.19 -22.16
N GLN N 717 -110.17 32.01 -21.17
CA GLN N 717 -109.71 30.71 -20.75
C GLN N 717 -110.78 30.02 -19.91
N PRO N 718 -110.67 28.70 -19.72
CA PRO N 718 -111.64 28.01 -18.87
C PRO N 718 -111.67 28.58 -17.47
N GLU N 719 -112.87 28.60 -16.89
CA GLU N 719 -113.13 29.10 -15.54
C GLU N 719 -112.93 30.60 -15.40
N ASP N 720 -112.74 31.32 -16.49
CA ASP N 720 -112.64 32.77 -16.39
C ASP N 720 -113.98 33.38 -16.03
N ILE N 721 -113.95 34.42 -15.23
CA ILE N 721 -115.14 35.14 -14.79
C ILE N 721 -114.92 36.61 -15.07
N PHE N 722 -115.96 37.30 -15.50
CA PHE N 722 -115.90 38.75 -15.56
C PHE N 722 -117.29 39.32 -15.35
N SER N 723 -117.33 40.54 -14.82
CA SER N 723 -118.59 41.23 -14.60
C SER N 723 -118.45 42.67 -15.03
N ASP N 724 -119.47 43.19 -15.67
CA ASP N 724 -119.47 44.53 -16.22
C ASP N 724 -120.64 45.31 -15.64
N HIS N 725 -120.77 46.57 -16.06
CA HIS N 725 -121.91 47.38 -15.67
C HIS N 725 -123.21 46.68 -16.00
N HIS N 726 -123.23 45.93 -17.09
CA HIS N 726 -124.46 45.37 -17.63
C HIS N 726 -124.57 43.87 -17.48
N THR N 727 -123.47 43.16 -17.28
CA THR N 727 -123.50 41.72 -17.48
C THR N 727 -122.52 41.05 -16.53
N MET N 728 -122.78 39.78 -16.23
CA MET N 728 -121.86 38.92 -15.50
C MET N 728 -121.77 37.60 -16.25
N CYS N 729 -120.55 37.16 -16.54
CA CYS N 729 -120.34 36.01 -17.39
C CYS N 729 -119.26 35.13 -16.79
N TYR N 730 -119.25 33.87 -17.21
CA TYR N 730 -118.17 32.97 -16.85
C TYR N 730 -118.06 31.87 -17.90
N CYS N 731 -116.84 31.41 -18.12
CA CYS N 731 -116.53 30.45 -19.16
C CYS N 731 -116.49 29.04 -18.57
N GLU N 732 -117.30 28.14 -19.12
CA GLU N 732 -117.31 26.76 -18.68
C GLU N 732 -117.67 25.88 -19.86
N ASP N 733 -116.88 24.82 -20.08
CA ASP N 733 -117.13 23.87 -21.16
C ASP N 733 -117.20 24.55 -22.51
N GLY N 734 -116.33 25.52 -22.72
CA GLY N 734 -116.23 26.19 -24.00
C GLY N 734 -117.35 27.15 -24.32
N PHE N 735 -118.23 27.44 -23.38
CA PHE N 735 -119.34 28.36 -23.59
C PHE N 735 -119.32 29.43 -22.52
N MET N 736 -119.71 30.64 -22.90
CA MET N 736 -119.71 31.78 -21.99
C MET N 736 -121.11 31.91 -21.41
N HIS N 737 -121.27 31.50 -20.15
CA HIS N 737 -122.58 31.45 -19.50
C HIS N 737 -122.91 32.81 -18.91
N CYS N 738 -123.31 33.73 -19.77
CA CYS N 738 -123.71 35.05 -19.31
C CYS N 738 -125.12 35.00 -18.76
N THR N 739 -125.29 35.53 -17.54
CA THR N 739 -126.56 35.39 -16.82
C THR N 739 -126.97 36.71 -16.18
N MET N 740 -126.78 37.82 -16.88
CA MET N 740 -127.27 39.09 -16.38
C MET N 740 -127.67 39.95 -17.57
N SER N 741 -128.74 40.73 -17.39
CA SER N 741 -129.29 41.59 -18.44
C SER N 741 -129.53 40.82 -19.73
N GLU N 786 -117.84 59.65 -32.56
CA GLU N 786 -118.63 60.68 -31.90
C GLU N 786 -119.30 60.12 -30.64
N CYS N 787 -119.45 60.96 -29.62
CA CYS N 787 -120.06 60.54 -28.38
C CYS N 787 -120.60 61.76 -27.65
N ALA N 788 -121.52 61.51 -26.73
CA ALA N 788 -121.98 62.56 -25.82
C ALA N 788 -120.90 62.89 -24.81
N LYS N 789 -120.93 64.12 -24.31
CA LYS N 789 -119.89 64.61 -23.41
C LYS N 789 -120.50 65.11 -22.10
N THR N 790 -119.70 65.05 -21.06
CA THR N 790 -120.07 65.49 -19.72
C THR N 790 -118.98 66.43 -19.24
N CYS N 791 -119.33 67.32 -18.29
CA CYS N 791 -118.37 68.29 -17.80
C CYS N 791 -117.08 67.64 -17.35
N GLN N 792 -117.19 66.43 -16.78
CA GLN N 792 -116.00 65.74 -16.31
C GLN N 792 -115.16 65.20 -17.46
N ASN N 793 -115.80 64.60 -18.45
CA ASN N 793 -115.10 63.89 -19.52
C ASN N 793 -114.99 64.68 -20.82
N TYR N 794 -115.15 66.00 -20.76
CA TYR N 794 -115.15 66.78 -21.98
C TYR N 794 -113.81 66.67 -22.71
N ASP N 795 -112.71 66.77 -21.98
CA ASP N 795 -111.39 66.75 -22.61
C ASP N 795 -110.90 65.35 -22.93
N LEU N 796 -111.55 64.32 -22.41
CA LEU N 796 -111.09 62.95 -22.59
C LEU N 796 -111.61 62.37 -23.90
N GLU N 797 -111.20 61.14 -24.19
CA GLU N 797 -111.63 60.45 -25.39
C GLU N 797 -113.09 60.03 -25.28
N CYS N 798 -113.61 59.46 -26.36
CA CYS N 798 -114.92 58.83 -26.37
C CYS N 798 -114.80 57.36 -26.00
N MET N 799 -115.75 56.87 -25.21
CA MET N 799 -115.72 55.48 -24.81
C MET N 799 -115.81 54.58 -26.05
N SER N 800 -114.79 53.74 -26.23
CA SER N 800 -114.73 52.86 -27.39
C SER N 800 -115.45 51.54 -27.10
N MET N 801 -116.72 51.65 -26.73
CA MET N 801 -117.52 50.49 -26.37
C MET N 801 -118.92 50.60 -26.93
N GLY N 802 -119.07 51.25 -28.08
CA GLY N 802 -120.38 51.40 -28.70
C GLY N 802 -120.31 51.98 -30.10
N LEU N 808 -128.50 63.87 -27.08
CA LEU N 808 -127.24 64.53 -27.39
C LEU N 808 -127.40 66.05 -27.36
N CYS N 809 -126.65 66.71 -26.50
CA CYS N 809 -126.78 68.15 -26.32
C CYS N 809 -126.17 68.89 -27.52
N PRO N 810 -126.56 70.14 -27.72
CA PRO N 810 -126.02 70.91 -28.86
C PRO N 810 -124.52 71.11 -28.72
N PRO N 811 -123.83 71.48 -29.80
CA PRO N 811 -122.41 71.82 -29.69
C PRO N 811 -122.22 73.02 -28.78
N GLY N 812 -121.13 73.01 -28.02
CA GLY N 812 -120.89 74.03 -27.02
C GLY N 812 -121.71 73.89 -25.77
N MET N 813 -122.45 72.79 -25.62
CA MET N 813 -123.27 72.55 -24.45
C MET N 813 -122.99 71.12 -23.98
N VAL N 814 -123.06 70.93 -22.66
CA VAL N 814 -122.54 69.71 -22.05
C VAL N 814 -123.55 69.16 -21.05
N ARG N 815 -123.60 67.83 -20.96
CA ARG N 815 -124.45 67.17 -19.99
C ARG N 815 -123.97 67.45 -18.57
N HIS N 816 -124.89 67.84 -17.70
CA HIS N 816 -124.58 68.08 -16.29
C HIS N 816 -125.89 68.12 -15.51
N GLU N 817 -125.90 67.50 -14.33
CA GLU N 817 -127.11 67.38 -13.52
C GLU N 817 -128.27 66.78 -14.31
N ASN N 818 -127.94 65.86 -15.23
CA ASN N 818 -128.91 65.28 -16.15
C ASN N 818 -129.66 66.36 -16.92
N ARG N 819 -128.94 67.40 -17.32
CA ARG N 819 -129.48 68.43 -18.21
C ARG N 819 -128.32 68.99 -19.02
N CYS N 820 -128.66 69.56 -20.17
CA CYS N 820 -127.65 70.18 -21.03
C CYS N 820 -127.29 71.55 -20.48
N VAL N 821 -125.99 71.77 -20.23
CA VAL N 821 -125.49 72.99 -19.62
C VAL N 821 -124.38 73.54 -20.50
N ALA N 822 -124.33 74.87 -20.63
CA ALA N 822 -123.42 75.50 -21.56
C ALA N 822 -121.97 75.31 -21.13
N LEU N 823 -121.08 75.28 -22.11
CA LEU N 823 -119.66 75.28 -21.84
C LEU N 823 -119.26 76.65 -21.30
N GLU N 824 -118.12 76.69 -20.60
CA GLU N 824 -117.61 77.82 -19.85
C GLU N 824 -118.42 78.02 -18.57
N ARG N 825 -119.46 77.22 -18.36
CA ARG N 825 -120.22 77.24 -17.12
C ARG N 825 -120.20 75.90 -16.41
N CYS N 826 -119.42 74.93 -16.90
CA CYS N 826 -119.25 73.68 -16.17
C CYS N 826 -118.46 73.95 -14.89
N PRO N 827 -118.76 73.24 -13.81
CA PRO N 827 -118.03 73.46 -12.56
C PRO N 827 -116.70 72.72 -12.55
N CYS N 828 -115.87 73.08 -11.56
CA CYS N 828 -114.61 72.41 -11.33
C CYS N 828 -114.75 71.42 -10.18
N PHE N 829 -113.91 70.40 -10.19
CA PHE N 829 -114.02 69.26 -9.28
C PHE N 829 -112.78 69.18 -8.41
N HIS N 830 -112.98 68.96 -7.11
CA HIS N 830 -111.87 68.71 -6.19
C HIS N 830 -112.39 67.87 -5.04
N GLN N 831 -111.63 66.85 -4.67
CA GLN N 831 -112.00 65.91 -3.61
C GLN N 831 -113.40 65.37 -3.83
N GLY N 832 -113.75 65.17 -5.09
CA GLY N 832 -115.02 64.52 -5.42
C GLY N 832 -116.24 65.40 -5.34
N LYS N 833 -116.07 66.71 -5.12
CA LYS N 833 -117.20 67.63 -5.06
C LYS N 833 -116.97 68.78 -6.03
N GLU N 834 -118.07 69.33 -6.54
CA GLU N 834 -118.02 70.30 -7.62
C GLU N 834 -117.93 71.72 -7.09
N TYR N 835 -117.30 72.60 -7.87
CA TYR N 835 -117.17 74.00 -7.55
C TYR N 835 -117.59 74.81 -8.76
N ALA N 836 -118.49 75.76 -8.57
CA ALA N 836 -118.94 76.60 -9.67
C ALA N 836 -117.81 77.53 -10.11
N PRO N 837 -117.84 77.99 -11.36
CA PRO N 837 -116.80 78.92 -11.81
C PRO N 837 -116.79 80.19 -10.97
N GLY N 838 -115.60 80.68 -10.67
CA GLY N 838 -115.42 81.80 -9.78
C GLY N 838 -115.23 81.42 -8.33
N GLU N 839 -115.58 80.19 -7.95
CA GLU N 839 -115.33 79.73 -6.60
C GLU N 839 -113.84 79.50 -6.38
N THR N 840 -113.46 79.36 -5.12
CA THR N 840 -112.06 79.25 -4.74
C THR N 840 -111.88 78.10 -3.75
N VAL N 841 -110.68 77.54 -3.74
CA VAL N 841 -110.32 76.49 -2.80
C VAL N 841 -108.93 76.78 -2.26
N LYS N 842 -108.72 76.42 -0.99
CA LYS N 842 -107.48 76.71 -0.29
C LYS N 842 -106.62 75.46 -0.27
N ILE N 843 -105.41 75.56 -0.82
CA ILE N 843 -104.50 74.42 -0.93
C ILE N 843 -103.19 74.85 -0.28
N GLY N 844 -102.96 74.42 0.96
CA GLY N 844 -101.78 74.84 1.66
C GLY N 844 -101.72 76.35 1.75
N CYS N 845 -100.59 76.92 1.35
CA CYS N 845 -100.45 78.36 1.28
C CYS N 845 -100.94 78.95 -0.04
N ASN N 846 -101.28 78.11 -1.01
CA ASN N 846 -101.72 78.59 -2.32
C ASN N 846 -103.24 78.63 -2.39
N THR N 847 -103.74 79.47 -3.31
CA THR N 847 -105.16 79.60 -3.56
C THR N 847 -105.44 79.27 -5.02
N CYS N 848 -106.53 78.53 -5.25
CA CYS N 848 -106.93 78.13 -6.60
C CYS N 848 -108.34 78.63 -6.88
N VAL N 849 -108.56 79.09 -8.11
CA VAL N 849 -109.85 79.63 -8.52
C VAL N 849 -110.33 78.87 -9.75
N CYS N 850 -111.60 78.48 -9.75
CA CYS N 850 -112.15 77.64 -10.81
C CYS N 850 -112.51 78.49 -12.03
N ARG N 851 -111.73 78.39 -13.09
CA ARG N 851 -112.03 79.07 -14.34
C ARG N 851 -112.06 78.07 -15.48
N ASP N 852 -113.19 77.99 -16.19
CA ASP N 852 -113.37 77.12 -17.35
C ASP N 852 -112.92 75.69 -17.08
N ARG N 853 -113.52 75.08 -16.06
CA ARG N 853 -113.27 73.68 -15.74
C ARG N 853 -111.82 73.42 -15.31
N LYS N 854 -111.00 74.47 -15.29
CA LYS N 854 -109.60 74.37 -14.89
C LYS N 854 -109.35 75.19 -13.64
N TRP N 855 -108.71 74.58 -12.65
CA TRP N 855 -108.25 75.33 -11.49
C TRP N 855 -107.04 76.17 -11.86
N ASN N 856 -107.08 77.45 -11.52
CA ASN N 856 -106.00 78.38 -11.81
C ASN N 856 -105.41 78.81 -10.46
N CYS N 857 -104.19 78.38 -10.18
CA CYS N 857 -103.65 78.40 -8.84
C CYS N 857 -102.46 79.35 -8.74
N THR N 858 -102.28 79.92 -7.56
CA THR N 858 -101.06 80.63 -7.25
C THR N 858 -99.89 79.66 -7.18
N ASP N 859 -98.69 80.18 -7.42
CA ASP N 859 -97.49 79.36 -7.52
C ASP N 859 -96.50 79.64 -6.39
N HIS N 860 -97.01 79.82 -5.18
CA HIS N 860 -96.13 80.02 -4.03
C HIS N 860 -95.56 78.69 -3.57
N VAL N 861 -94.29 78.71 -3.18
CA VAL N 861 -93.66 77.54 -2.57
C VAL N 861 -93.91 77.62 -1.07
N CYS N 862 -94.78 76.76 -0.57
CA CYS N 862 -95.16 76.81 0.83
C CYS N 862 -94.07 76.23 1.72
N ASP N 863 -94.12 76.60 2.99
CA ASP N 863 -93.17 76.08 3.97
C ASP N 863 -93.30 74.57 4.09
N ALA N 864 -92.17 73.88 4.09
CA ALA N 864 -92.15 72.43 4.11
C ALA N 864 -91.74 71.93 5.49
N THR N 865 -92.38 70.85 5.93
CA THR N 865 -92.15 70.29 7.25
C THR N 865 -91.56 68.89 7.10
N CYS N 866 -90.26 68.75 7.31
CA CYS N 866 -89.70 67.43 7.56
C CYS N 866 -90.10 66.98 8.94
N SER N 867 -90.28 65.68 9.11
CA SER N 867 -90.79 65.17 10.37
C SER N 867 -90.27 63.76 10.59
N THR N 868 -89.78 63.50 11.79
CA THR N 868 -89.54 62.14 12.25
C THR N 868 -90.82 61.63 12.89
N ILE N 869 -91.43 60.61 12.29
CA ILE N 869 -92.68 60.07 12.76
C ILE N 869 -92.36 58.80 13.53
N GLY N 870 -92.69 58.80 14.81
CA GLY N 870 -92.36 57.61 15.58
C GLY N 870 -90.87 57.52 15.87
N MET N 871 -90.39 56.29 16.02
CA MET N 871 -89.02 56.05 16.42
C MET N 871 -88.10 55.69 15.28
N ALA N 872 -88.63 55.23 14.14
CA ALA N 872 -87.77 54.77 13.06
C ALA N 872 -88.25 55.22 11.68
N HIS N 873 -89.29 56.02 11.58
CA HIS N 873 -89.80 56.47 10.29
C HIS N 873 -89.54 57.97 10.13
N TYR N 874 -89.20 58.37 8.91
CA TYR N 874 -88.93 59.76 8.57
C TYR N 874 -89.82 60.18 7.43
N LEU N 875 -90.15 61.46 7.39
CA LEU N 875 -90.91 62.03 6.27
C LEU N 875 -90.13 63.21 5.73
N THR N 876 -89.65 63.10 4.50
CA THR N 876 -88.81 64.11 3.89
C THR N 876 -89.60 65.38 3.61
N PHE N 877 -88.88 66.41 3.17
CA PHE N 877 -89.53 67.67 2.84
C PHE N 877 -90.50 67.51 1.68
N ASP N 878 -90.15 66.69 0.70
CA ASP N 878 -90.98 66.50 -0.47
C ASP N 878 -92.08 65.47 -0.25
N GLY N 879 -92.16 64.86 0.91
CA GLY N 879 -93.25 63.97 1.24
C GLY N 879 -92.94 62.50 1.20
N LEU N 880 -91.69 62.11 1.05
CA LEU N 880 -91.30 60.71 1.00
C LEU N 880 -91.23 60.15 2.42
N LYS N 881 -92.11 59.22 2.75
CA LYS N 881 -92.06 58.52 4.01
C LYS N 881 -91.27 57.23 3.84
N TYR N 882 -90.28 57.02 4.70
CA TYR N 882 -89.43 55.85 4.57
C TYR N 882 -89.01 55.37 5.95
N LEU N 883 -88.59 54.11 6.00
CA LEU N 883 -88.23 53.44 7.24
C LEU N 883 -86.73 53.34 7.35
N PHE N 884 -86.19 53.72 8.50
CA PHE N 884 -84.77 53.60 8.75
C PHE N 884 -84.50 53.50 10.24
N PRO N 885 -84.39 52.31 10.77
CA PRO N 885 -83.99 52.18 12.17
C PRO N 885 -82.48 52.20 12.34
N GLY N 886 -81.98 53.08 13.18
CA GLY N 886 -80.53 53.17 13.38
C GLY N 886 -80.21 53.57 14.79
N GLU N 887 -79.10 53.05 15.30
CA GLU N 887 -78.65 53.39 16.65
C GLU N 887 -77.82 54.65 16.71
N CYS N 888 -77.21 55.05 15.59
CA CYS N 888 -76.15 56.05 15.57
C CYS N 888 -76.75 57.45 15.51
N GLN N 889 -75.89 58.44 15.30
CA GLN N 889 -76.31 59.82 15.10
C GLN N 889 -76.25 60.15 13.62
N TYR N 890 -77.31 60.79 13.12
CA TYR N 890 -77.47 61.01 11.69
C TYR N 890 -77.80 62.46 11.42
N VAL N 891 -77.47 62.91 10.21
CA VAL N 891 -77.79 64.27 9.77
C VAL N 891 -79.25 64.33 9.36
N LEU N 892 -80.07 65.03 10.13
CA LEU N 892 -81.47 65.19 9.76
C LEU N 892 -81.65 66.21 8.66
N VAL N 893 -81.05 67.40 8.83
CA VAL N 893 -81.06 68.45 7.83
C VAL N 893 -79.70 69.11 7.87
N GLN N 894 -79.26 69.60 6.72
CA GLN N 894 -77.95 70.22 6.61
C GLN N 894 -77.87 70.98 5.30
N ASP N 895 -77.32 72.18 5.34
CA ASP N 895 -77.02 72.91 4.13
C ASP N 895 -75.53 73.01 3.86
N TYR N 896 -74.70 72.44 4.73
CA TYR N 896 -73.26 72.30 4.47
C TYR N 896 -72.99 71.11 3.55
N CYS N 897 -73.64 71.13 2.40
CA CYS N 897 -73.43 70.09 1.40
C CYS N 897 -73.56 70.71 0.02
N GLY N 898 -72.88 70.09 -0.94
CA GLY N 898 -72.79 70.72 -2.23
C GLY N 898 -71.90 71.94 -2.16
N SER N 899 -72.12 72.85 -3.10
CA SER N 899 -71.34 74.07 -3.17
C SER N 899 -71.85 75.16 -2.24
N ASN N 900 -73.05 75.01 -1.70
CA ASN N 900 -73.66 76.08 -0.93
C ASN N 900 -72.84 76.35 0.33
N PRO N 901 -72.56 77.61 0.65
CA PRO N 901 -71.94 77.92 1.95
C PRO N 901 -72.95 77.72 3.07
N GLY N 902 -72.68 76.74 3.93
CA GLY N 902 -73.66 76.33 4.90
C GLY N 902 -73.87 77.34 6.00
N THR N 903 -75.02 77.23 6.65
CA THR N 903 -75.38 78.10 7.76
C THR N 903 -75.92 77.35 8.97
N PHE N 904 -76.45 76.14 8.80
CA PHE N 904 -77.05 75.38 9.88
C PHE N 904 -76.88 73.90 9.61
N ARG N 905 -76.98 73.11 10.67
CA ARG N 905 -76.79 71.67 10.56
C ARG N 905 -77.46 71.02 11.76
N ILE N 906 -78.45 70.17 11.50
CA ILE N 906 -79.24 69.53 12.54
C ILE N 906 -78.92 68.04 12.53
N LEU N 907 -78.53 67.52 13.68
CA LEU N 907 -78.19 66.12 13.85
C LEU N 907 -79.17 65.47 14.81
N VAL N 908 -79.59 64.24 14.50
CA VAL N 908 -80.50 63.49 15.34
C VAL N 908 -79.83 62.19 15.74
N GLY N 909 -79.82 61.91 17.03
CA GLY N 909 -79.29 60.66 17.55
C GLY N 909 -80.37 59.87 18.25
N ASN N 910 -80.36 58.56 18.06
CA ASN N 910 -81.35 57.67 18.65
C ASN N 910 -80.77 57.05 19.90
N LYS N 911 -81.43 57.27 21.04
CA LYS N 911 -80.94 56.79 22.33
C LYS N 911 -82.03 55.99 23.01
N GLY N 912 -81.68 54.81 23.49
CA GLY N 912 -82.63 53.90 24.11
C GLY N 912 -83.29 52.94 23.16
N CYS N 913 -83.25 53.20 21.85
CA CYS N 913 -83.76 52.23 20.89
C CYS N 913 -83.15 52.48 19.52
N SER N 914 -83.16 51.45 18.72
CA SER N 914 -83.17 51.51 17.26
C SER N 914 -84.33 50.71 16.73
N HIS N 915 -84.62 49.57 17.32
CA HIS N 915 -85.90 48.92 17.17
C HIS N 915 -86.84 49.58 18.18
N PRO N 916 -87.94 50.20 17.74
CA PRO N 916 -88.72 51.05 18.64
C PRO N 916 -89.04 50.35 19.97
N SER N 917 -88.79 51.06 21.07
CA SER N 917 -88.90 50.49 22.40
C SER N 917 -89.42 51.54 23.37
N VAL N 918 -89.94 51.05 24.49
CA VAL N 918 -90.65 51.92 25.44
C VAL N 918 -89.73 53.01 25.99
N LYS N 919 -88.50 52.63 26.39
CA LYS N 919 -87.63 53.56 27.10
C LYS N 919 -86.83 54.46 26.17
N CYS N 920 -87.29 54.67 24.94
CA CYS N 920 -86.47 55.32 23.94
C CYS N 920 -86.59 56.83 23.99
N LYS N 921 -85.62 57.51 23.39
CA LYS N 921 -85.62 58.96 23.28
C LYS N 921 -84.61 59.37 22.23
N LYS N 922 -84.81 60.57 21.67
CA LYS N 922 -83.94 61.09 20.62
C LYS N 922 -83.27 62.38 21.09
N ARG N 923 -82.00 62.51 20.76
CA ARG N 923 -81.22 63.71 21.04
C ARG N 923 -81.04 64.48 19.74
N VAL N 924 -81.33 65.78 19.78
CA VAL N 924 -81.16 66.66 18.64
C VAL N 924 -80.03 67.62 18.94
N THR N 925 -79.13 67.81 17.97
CA THR N 925 -78.06 68.79 18.07
C THR N 925 -78.23 69.80 16.96
N ILE N 926 -78.40 71.07 17.33
CA ILE N 926 -78.70 72.11 16.36
C ILE N 926 -77.50 73.02 16.26
N LEU N 927 -76.62 72.76 15.29
CA LEU N 927 -75.38 73.51 15.13
C LEU N 927 -75.55 74.72 14.21
N VAL N 928 -76.44 75.64 14.59
CA VAL N 928 -76.80 76.75 13.72
C VAL N 928 -75.82 77.90 13.97
N GLU N 929 -75.24 78.41 12.88
CA GLU N 929 -74.37 79.60 12.87
C GLU N 929 -73.32 79.55 13.99
N GLY N 930 -72.68 78.40 14.14
CA GLY N 930 -71.65 78.23 15.13
C GLY N 930 -72.16 77.95 16.52
N GLY N 931 -73.36 78.42 16.84
CA GLY N 931 -73.98 78.08 18.10
C GLY N 931 -74.40 76.64 18.13
N GLU N 932 -74.91 76.21 19.27
CA GLU N 932 -75.31 74.82 19.43
C GLU N 932 -76.43 74.74 20.46
N ILE N 933 -77.57 74.21 20.05
CA ILE N 933 -78.70 73.96 20.93
C ILE N 933 -78.96 72.46 20.93
N GLU N 934 -78.95 71.86 22.11
CA GLU N 934 -79.18 70.43 22.26
C GLU N 934 -80.55 70.20 22.88
N LEU N 935 -81.35 69.34 22.26
CA LEU N 935 -82.68 68.98 22.75
C LEU N 935 -82.60 67.57 23.31
N PHE N 936 -82.89 67.42 24.61
CA PHE N 936 -82.81 66.13 25.26
C PHE N 936 -83.64 66.15 26.53
N ASP N 937 -84.16 64.98 26.90
CA ASP N 937 -84.93 64.80 28.12
C ASP N 937 -86.08 65.80 28.22
N GLY N 938 -86.67 66.12 27.07
CA GLY N 938 -87.77 67.06 27.05
C GLY N 938 -87.40 68.46 27.50
N GLU N 939 -86.14 68.83 27.39
CA GLU N 939 -85.68 70.14 27.81
C GLU N 939 -84.67 70.67 26.82
N VAL N 940 -84.63 71.99 26.67
CA VAL N 940 -83.71 72.66 25.76
C VAL N 940 -82.40 72.91 26.50
N ASN N 941 -81.29 72.74 25.80
CA ASN N 941 -79.97 72.96 26.39
C ASN N 941 -79.13 73.74 25.38
N VAL N 942 -79.02 75.04 25.59
CA VAL N 942 -78.21 75.89 24.72
C VAL N 942 -76.74 75.74 25.12
N LYS N 943 -76.04 74.81 24.47
CA LYS N 943 -74.69 74.49 24.89
C LYS N 943 -73.64 75.46 24.36
N ARG N 944 -73.99 76.27 23.36
CA ARG N 944 -73.23 77.47 23.00
C ARG N 944 -74.22 78.49 22.48
N PRO N 945 -73.94 79.78 22.66
CA PRO N 945 -74.83 80.81 22.15
C PRO N 945 -74.64 81.07 20.67
N MET N 946 -75.67 81.63 20.06
CA MET N 946 -75.63 82.01 18.65
C MET N 946 -75.04 83.41 18.49
N LYS N 947 -74.66 83.73 17.25
CA LYS N 947 -74.15 85.06 16.96
C LYS N 947 -75.26 86.12 17.02
N ASP N 948 -76.48 85.75 16.65
CA ASP N 948 -77.62 86.66 16.68
C ASP N 948 -78.69 86.03 17.56
N GLU N 949 -78.63 86.29 18.86
CA GLU N 949 -79.62 85.76 19.79
C GLU N 949 -80.99 86.40 19.62
N THR N 950 -81.08 87.50 18.86
CA THR N 950 -82.38 88.08 18.57
C THR N 950 -83.15 87.26 17.54
N HIS N 951 -82.45 86.71 16.55
CA HIS N 951 -83.08 85.74 15.64
C HIS N 951 -83.50 84.49 16.40
N PHE N 952 -82.67 84.04 17.33
CA PHE N 952 -83.00 82.86 18.12
C PHE N 952 -84.16 83.14 19.06
N GLU N 953 -84.98 82.12 19.28
CA GLU N 953 -86.06 82.18 20.26
C GLU N 953 -86.57 80.78 20.51
N VAL N 954 -87.05 80.54 21.73
CA VAL N 954 -87.63 79.26 22.12
C VAL N 954 -89.01 79.53 22.69
N VAL N 955 -90.01 78.84 22.17
CA VAL N 955 -91.38 78.96 22.64
C VAL N 955 -91.85 77.58 23.08
N GLU N 956 -92.40 77.50 24.27
CA GLU N 956 -92.98 76.27 24.81
C GLU N 956 -94.49 76.41 24.79
N SER N 957 -95.17 75.50 24.11
CA SER N 957 -96.61 75.59 23.94
C SER N 957 -97.17 74.19 23.78
N GLY N 958 -98.28 73.93 24.46
CA GLY N 958 -98.87 72.61 24.45
C GLY N 958 -97.83 71.56 24.78
N ARG N 959 -97.80 70.50 23.99
CA ARG N 959 -96.83 69.43 24.18
C ARG N 959 -95.47 69.74 23.58
N TYR N 960 -95.32 70.88 22.91
CA TYR N 960 -94.22 71.08 21.97
C TYR N 960 -93.29 72.18 22.44
N ILE N 961 -92.02 72.05 22.07
CA ILE N 961 -91.05 73.14 22.12
C ILE N 961 -90.86 73.66 20.71
N ILE N 962 -91.03 74.96 20.52
CA ILE N 962 -90.91 75.58 19.21
C ILE N 962 -89.68 76.49 19.23
N LEU N 963 -88.70 76.17 18.40
CA LEU N 963 -87.49 76.95 18.28
C LEU N 963 -87.50 77.72 16.98
N LEU N 964 -87.24 79.02 17.05
CA LEU N 964 -87.02 79.83 15.87
C LEU N 964 -85.52 80.07 15.73
N LEU N 965 -84.94 79.54 14.66
CA LEU N 965 -83.52 79.63 14.43
C LEU N 965 -83.18 80.64 13.34
N GLY N 966 -84.13 81.46 12.95
CA GLY N 966 -83.94 82.41 11.87
C GLY N 966 -85.27 82.78 11.26
N LYS N 967 -85.18 83.63 10.23
CA LYS N 967 -86.39 84.03 9.54
C LYS N 967 -86.94 82.93 8.65
N ALA N 968 -86.14 81.94 8.30
CA ALA N 968 -86.53 80.90 7.36
C ALA N 968 -86.38 79.49 7.89
N LEU N 969 -85.96 79.31 9.14
CA LEU N 969 -85.73 77.99 9.72
C LEU N 969 -86.38 77.92 11.09
N SER N 970 -87.06 76.82 11.36
CA SER N 970 -87.70 76.59 12.64
C SER N 970 -87.75 75.11 12.93
N VAL N 971 -87.83 74.78 14.21
CA VAL N 971 -87.90 73.38 14.66
C VAL N 971 -89.05 73.25 15.65
N VAL N 972 -89.88 72.23 15.46
CA VAL N 972 -90.96 71.90 16.38
C VAL N 972 -90.73 70.50 16.92
N TRP N 973 -90.76 70.36 18.24
CA TRP N 973 -90.37 69.13 18.89
C TRP N 973 -91.38 68.82 19.99
N ASP N 974 -91.98 67.63 19.94
CA ASP N 974 -92.98 67.23 20.93
C ASP N 974 -92.36 66.81 22.25
N ARG N 975 -91.06 67.03 22.43
CA ARG N 975 -90.29 66.78 23.65
C ARG N 975 -89.99 65.30 23.83
N HIS N 976 -90.54 64.39 23.03
CA HIS N 976 -90.18 62.99 23.15
C HIS N 976 -89.55 62.43 21.88
N LEU N 977 -90.27 62.41 20.77
CA LEU N 977 -89.77 61.75 19.57
C LEU N 977 -89.95 62.55 18.30
N SER N 978 -91.08 63.24 18.15
CA SER N 978 -91.49 63.79 16.86
C SER N 978 -90.80 65.12 16.61
N ILE N 979 -89.61 65.05 16.05
CA ILE N 979 -88.90 66.23 15.61
C ILE N 979 -89.44 66.68 14.26
N SER N 980 -89.68 67.97 14.10
CA SER N 980 -90.13 68.53 12.83
C SER N 980 -89.32 69.76 12.51
N VAL N 981 -88.79 69.82 11.29
CA VAL N 981 -88.01 70.95 10.82
C VAL N 981 -88.80 71.64 9.72
N VAL N 982 -88.97 72.95 9.83
CA VAL N 982 -89.76 73.72 8.89
C VAL N 982 -88.83 74.70 8.19
N LEU N 983 -88.86 74.67 6.86
CA LEU N 983 -88.01 75.52 6.04
C LEU N 983 -88.89 76.37 5.12
N LYS N 984 -88.56 77.65 5.02
CA LYS N 984 -89.20 78.49 4.02
C LYS N 984 -88.48 78.35 2.69
N GLN N 985 -89.08 78.92 1.64
CA GLN N 985 -88.64 78.66 0.28
C GLN N 985 -87.20 79.08 0.03
N THR N 986 -86.65 79.97 0.86
CA THR N 986 -85.28 80.43 0.62
C THR N 986 -84.26 79.32 0.72
N TYR N 987 -84.58 78.23 1.43
CA TYR N 987 -83.68 77.11 1.58
C TYR N 987 -83.88 76.03 0.53
N GLN N 988 -84.68 76.29 -0.49
CA GLN N 988 -85.00 75.26 -1.47
C GLN N 988 -83.77 74.92 -2.31
N GLU N 989 -83.60 73.64 -2.61
CA GLU N 989 -82.53 73.10 -3.45
C GLU N 989 -81.19 73.10 -2.74
N LYS N 990 -81.14 73.56 -1.48
CA LYS N 990 -79.88 73.75 -0.78
C LYS N 990 -79.62 72.76 0.33
N VAL N 991 -80.67 72.27 0.99
CA VAL N 991 -80.52 71.40 2.14
C VAL N 991 -80.36 69.97 1.68
N CYS N 992 -79.88 69.12 2.59
CA CYS N 992 -79.72 67.70 2.32
C CYS N 992 -79.88 66.95 3.64
N GLY N 993 -79.49 65.69 3.65
CA GLY N 993 -79.63 64.87 4.83
C GLY N 993 -80.77 63.88 4.72
N LEU N 994 -81.12 63.30 5.87
CA LEU N 994 -82.20 62.33 5.91
C LEU N 994 -83.53 62.92 5.45
N CYS N 995 -83.71 64.23 5.61
CA CYS N 995 -84.92 64.88 5.13
C CYS N 995 -84.91 65.12 3.62
N GLY N 996 -83.82 64.82 2.94
CA GLY N 996 -83.75 64.95 1.50
C GLY N 996 -83.54 66.39 1.07
N ASN N 997 -83.29 66.56 -0.22
CA ASN N 997 -83.09 67.88 -0.81
C ASN N 997 -84.44 68.47 -1.13
N PHE N 998 -84.82 69.53 -0.42
CA PHE N 998 -86.07 70.22 -0.66
C PHE N 998 -86.06 70.86 -2.04
N ASP N 999 -86.75 70.21 -2.98
CA ASP N 999 -86.90 70.67 -4.35
C ASP N 999 -88.27 70.40 -4.95
N GLY N 1000 -89.20 69.82 -4.18
CA GLY N 1000 -90.50 69.43 -4.68
C GLY N 1000 -90.55 68.12 -5.41
N ILE N 1001 -89.45 67.38 -5.46
CA ILE N 1001 -89.36 66.11 -6.17
C ILE N 1001 -89.09 65.01 -5.14
N GLN N 1002 -89.88 63.94 -5.19
CA GLN N 1002 -89.74 62.86 -4.22
C GLN N 1002 -88.70 61.85 -4.66
N ASN N 1003 -88.61 61.59 -5.96
CA ASN N 1003 -87.81 60.46 -6.45
C ASN N 1003 -86.34 60.59 -6.08
N ASN N 1004 -85.85 61.82 -5.89
CA ASN N 1004 -84.44 62.04 -5.63
C ASN N 1004 -84.11 62.21 -4.16
N ASP N 1005 -85.06 61.94 -3.26
CA ASP N 1005 -84.84 62.24 -1.86
C ASP N 1005 -83.92 61.23 -1.19
N LEU N 1006 -83.74 60.05 -1.77
CA LEU N 1006 -82.85 59.06 -1.18
C LEU N 1006 -81.42 59.24 -1.67
N THR N 1007 -81.08 60.44 -2.12
CA THR N 1007 -79.71 60.77 -2.51
C THR N 1007 -78.78 60.60 -1.33
N SER N 1008 -77.84 59.65 -1.43
CA SER N 1008 -76.89 59.44 -0.37
C SER N 1008 -76.02 60.68 -0.18
N SER N 1009 -75.27 60.68 0.92
CA SER N 1009 -74.35 61.77 1.17
C SER N 1009 -73.29 61.86 0.08
N ASN N 1010 -73.01 60.74 -0.59
CA ASN N 1010 -72.11 60.70 -1.72
C ASN N 1010 -72.81 60.92 -3.06
N LEU N 1011 -73.99 61.53 -3.06
CA LEU N 1011 -74.70 62.03 -4.23
C LEU N 1011 -75.33 60.93 -5.07
N GLN N 1012 -75.20 59.67 -4.68
CA GLN N 1012 -75.81 58.56 -5.41
C GLN N 1012 -77.16 58.22 -4.82
N VAL N 1013 -78.18 58.14 -5.67
CA VAL N 1013 -79.52 57.80 -5.22
C VAL N 1013 -79.59 56.30 -4.95
N GLU N 1014 -80.21 55.94 -3.83
CA GLU N 1014 -80.28 54.57 -3.36
C GLU N 1014 -81.70 54.05 -3.41
N GLU N 1015 -81.85 52.80 -3.83
CA GLU N 1015 -83.18 52.18 -3.86
C GLU N 1015 -83.64 51.81 -2.46
N ASP N 1016 -82.71 51.55 -1.54
CA ASP N 1016 -83.02 51.10 -0.19
C ASP N 1016 -82.75 52.23 0.79
N PRO N 1017 -83.72 52.64 1.60
CA PRO N 1017 -83.46 53.70 2.58
C PRO N 1017 -82.41 53.35 3.60
N VAL N 1018 -82.15 52.06 3.83
CA VAL N 1018 -81.14 51.68 4.81
C VAL N 1018 -79.77 52.17 4.39
N ASP N 1019 -79.41 51.95 3.12
CA ASP N 1019 -78.13 52.41 2.63
C ASP N 1019 -78.04 53.93 2.67
N PHE N 1020 -79.13 54.61 2.31
CA PHE N 1020 -79.16 56.07 2.37
C PHE N 1020 -78.88 56.57 3.77
N GLY N 1021 -79.60 56.04 4.76
CA GLY N 1021 -79.37 56.45 6.12
C GLY N 1021 -77.97 56.13 6.61
N ASN N 1022 -77.48 54.93 6.28
CA ASN N 1022 -76.11 54.58 6.65
C ASN N 1022 -75.12 55.55 6.05
N SER N 1023 -75.41 56.03 4.85
CA SER N 1023 -74.55 57.04 4.24
C SER N 1023 -74.64 58.37 4.96
N TRP N 1024 -75.73 58.62 5.70
CA TRP N 1024 -75.85 59.88 6.43
C TRP N 1024 -75.48 59.79 7.91
N LYS N 1025 -74.79 58.74 8.35
CA LYS N 1025 -74.39 58.67 9.75
C LYS N 1025 -73.20 59.58 9.99
N VAL N 1026 -73.26 60.34 11.10
CA VAL N 1026 -72.24 61.35 11.38
C VAL N 1026 -70.91 60.68 11.71
N SER N 1027 -70.93 59.69 12.59
CA SER N 1027 -69.71 59.05 13.06
C SER N 1027 -69.46 57.79 12.26
N SER N 1028 -68.29 57.70 11.64
CA SER N 1028 -67.98 56.56 10.79
C SER N 1028 -67.82 55.28 11.60
N GLN N 1029 -67.25 55.36 12.80
CA GLN N 1029 -66.99 54.18 13.59
C GLN N 1029 -68.26 53.48 14.04
N CYS N 1030 -69.40 54.16 14.02
CA CYS N 1030 -70.63 53.58 14.53
C CYS N 1030 -71.16 52.51 13.59
N ALA N 1031 -72.06 51.69 14.10
CA ALA N 1031 -72.53 50.52 13.38
C ALA N 1031 -73.50 50.89 12.28
N ASP N 1032 -73.57 50.02 11.27
CA ASP N 1032 -74.52 50.18 10.17
C ASP N 1032 -75.79 49.39 10.45
N THR N 1033 -76.90 49.90 9.92
CA THR N 1033 -78.14 49.14 9.96
C THR N 1033 -78.05 47.95 9.01
N ARG N 1034 -78.62 46.82 9.41
CA ARG N 1034 -78.29 45.55 8.81
C ARG N 1034 -79.18 45.13 7.65
N LYS N 1035 -80.21 45.91 7.33
CA LYS N 1035 -81.19 45.54 6.29
C LYS N 1035 -81.84 44.20 6.62
N VAL N 1036 -82.58 44.17 7.72
CA VAL N 1036 -83.33 42.99 8.14
C VAL N 1036 -84.32 42.64 7.05
N PRO N 1037 -84.63 41.35 6.82
CA PRO N 1037 -85.62 41.01 5.79
C PRO N 1037 -86.95 41.69 6.04
N LEU N 1038 -87.62 42.05 4.94
CA LEU N 1038 -88.80 42.91 4.98
C LEU N 1038 -90.06 42.08 5.27
N ASP N 1039 -90.18 41.63 6.51
CA ASP N 1039 -91.35 40.87 6.91
C ASP N 1039 -92.59 41.74 6.86
N SER N 1040 -93.75 41.11 6.64
CA SER N 1040 -95.01 41.84 6.57
C SER N 1040 -95.36 42.52 7.88
N SER N 1041 -94.81 42.04 9.00
CA SER N 1041 -94.97 42.68 10.29
C SER N 1041 -93.64 42.62 11.02
N PRO N 1042 -93.37 43.57 11.91
CA PRO N 1042 -92.07 43.59 12.59
C PRO N 1042 -91.84 42.38 13.47
N ALA N 1043 -90.66 42.30 14.08
CA ALA N 1043 -90.41 41.29 15.09
C ALA N 1043 -91.39 41.48 16.24
N THR N 1044 -91.82 40.36 16.83
CA THR N 1044 -92.81 40.25 17.89
C THR N 1044 -94.23 40.42 17.36
N CYS N 1045 -94.41 40.67 16.06
CA CYS N 1045 -95.67 40.43 15.38
C CYS N 1045 -95.51 39.45 14.22
N HIS N 1046 -94.28 39.16 13.79
CA HIS N 1046 -94.08 38.20 12.72
C HIS N 1046 -94.60 36.82 13.11
N ASN N 1047 -94.39 36.42 14.35
CA ASN N 1047 -94.82 35.12 14.86
C ASN N 1047 -95.72 35.24 16.07
N ASN N 1048 -96.38 36.39 16.25
CA ASN N 1048 -97.29 36.60 17.38
C ASN N 1048 -98.61 37.11 16.83
N ILE N 1049 -99.50 36.19 16.46
CA ILE N 1049 -100.82 36.56 16.01
C ILE N 1049 -101.68 36.86 17.23
N MET N 1050 -102.73 37.67 17.01
CA MET N 1050 -103.60 38.24 18.03
C MET N 1050 -102.89 39.40 18.72
N LYS N 1051 -101.60 39.60 18.49
CA LYS N 1051 -100.99 40.89 18.75
C LYS N 1051 -100.93 41.73 17.48
N GLN N 1052 -100.66 41.08 16.35
CA GLN N 1052 -100.68 41.78 15.07
C GLN N 1052 -102.05 42.39 14.82
N THR N 1053 -103.11 41.62 15.06
CA THR N 1053 -104.46 42.11 14.81
C THR N 1053 -104.93 43.10 15.85
N MET N 1054 -104.54 42.94 17.12
CA MET N 1054 -104.85 43.98 18.10
C MET N 1054 -104.19 45.29 17.69
N VAL N 1055 -102.93 45.24 17.28
CA VAL N 1055 -102.23 46.44 16.83
C VAL N 1055 -102.97 47.05 15.64
N ASP N 1056 -103.35 46.20 14.68
CA ASP N 1056 -104.02 46.69 13.48
C ASP N 1056 -105.33 47.39 13.84
N SER N 1057 -106.19 46.70 14.59
CA SER N 1057 -107.51 47.25 14.90
C SER N 1057 -107.42 48.48 15.79
N SER N 1058 -106.40 48.56 16.64
CA SER N 1058 -106.24 49.75 17.45
C SER N 1058 -105.70 50.92 16.64
N CYS N 1059 -104.80 50.65 15.69
CA CYS N 1059 -104.29 51.71 14.83
C CYS N 1059 -105.34 52.18 13.83
N ARG N 1060 -106.37 51.37 13.56
CA ARG N 1060 -107.44 51.81 12.70
C ARG N 1060 -108.19 53.02 13.26
N ILE N 1061 -107.88 53.45 14.48
CA ILE N 1061 -108.43 54.70 15.00
C ILE N 1061 -108.21 55.83 14.02
N LEU N 1062 -107.15 55.76 13.22
CA LEU N 1062 -106.89 56.76 12.19
C LEU N 1062 -108.03 56.82 11.18
N THR N 1063 -108.77 55.73 11.02
CA THR N 1063 -109.89 55.66 10.08
C THR N 1063 -111.22 56.01 10.73
N SER N 1064 -111.26 56.18 12.05
CA SER N 1064 -112.51 56.37 12.76
C SER N 1064 -113.17 57.69 12.36
N ASP N 1065 -114.35 57.93 12.94
CA ASP N 1065 -115.17 59.07 12.54
C ASP N 1065 -114.47 60.39 12.78
N VAL N 1066 -113.80 60.54 13.93
CA VAL N 1066 -113.17 61.81 14.25
C VAL N 1066 -112.12 62.17 13.22
N PHE N 1067 -111.39 61.17 12.73
CA PHE N 1067 -110.40 61.39 11.68
C PHE N 1067 -110.97 61.28 10.29
N GLN N 1068 -112.23 60.86 10.15
CA GLN N 1068 -112.76 60.53 8.83
C GLN N 1068 -112.80 61.75 7.92
N ASP N 1069 -112.96 62.95 8.48
CA ASP N 1069 -112.97 64.14 7.66
C ASP N 1069 -111.56 64.59 7.31
N CYS N 1070 -110.58 64.32 8.17
CA CYS N 1070 -109.19 64.60 7.81
C CYS N 1070 -108.70 63.68 6.70
N ASN N 1071 -109.15 62.43 6.69
CA ASN N 1071 -108.69 61.47 5.70
C ASN N 1071 -109.02 61.90 4.27
N LYS N 1072 -109.99 62.82 4.11
CA LYS N 1072 -110.23 63.38 2.79
C LYS N 1072 -109.09 64.28 2.36
N LEU N 1073 -108.46 64.98 3.29
CA LEU N 1073 -107.38 65.89 2.98
C LEU N 1073 -106.01 65.23 3.04
N VAL N 1074 -105.80 64.28 3.94
CA VAL N 1074 -104.51 63.66 4.17
C VAL N 1074 -104.67 62.15 4.07
N ASP N 1075 -103.67 61.48 3.55
CA ASP N 1075 -103.71 60.03 3.43
C ASP N 1075 -103.30 59.41 4.75
N PRO N 1076 -104.15 58.62 5.40
CA PRO N 1076 -103.77 58.01 6.67
C PRO N 1076 -102.92 56.76 6.53
N GLU N 1077 -102.79 56.21 5.33
CA GLU N 1077 -102.09 54.93 5.18
C GLU N 1077 -100.63 54.99 5.65
N PRO N 1078 -99.82 55.99 5.28
CA PRO N 1078 -98.45 56.02 5.83
C PRO N 1078 -98.43 56.05 7.34
N TYR N 1079 -99.29 56.86 7.95
CA TYR N 1079 -99.31 56.94 9.40
C TYR N 1079 -99.86 55.67 10.02
N LEU N 1080 -100.77 55.00 9.33
CA LEU N 1080 -101.22 53.68 9.79
C LEU N 1080 -100.06 52.69 9.81
N ASP N 1081 -99.23 52.72 8.76
CA ASP N 1081 -98.07 51.84 8.74
C ASP N 1081 -97.10 52.17 9.87
N VAL N 1082 -96.85 53.45 10.10
CA VAL N 1082 -95.98 53.85 11.20
C VAL N 1082 -96.56 53.38 12.53
N CYS N 1083 -97.86 53.54 12.72
CA CYS N 1083 -98.51 53.11 13.96
C CYS N 1083 -98.30 51.62 14.18
N ILE N 1084 -98.57 50.82 13.15
CA ILE N 1084 -98.43 49.37 13.29
C ILE N 1084 -97.00 49.00 13.61
N TYR N 1085 -96.04 49.58 12.88
CA TYR N 1085 -94.64 49.24 13.08
C TYR N 1085 -94.20 49.57 14.49
N ASP N 1086 -94.45 50.80 14.92
CA ASP N 1086 -93.99 51.22 16.24
C ASP N 1086 -94.70 50.46 17.34
N THR N 1087 -95.96 50.10 17.13
CA THR N 1087 -96.70 49.42 18.19
C THR N 1087 -96.26 47.98 18.35
N CYS N 1088 -95.98 47.28 17.25
CA CYS N 1088 -95.34 45.97 17.38
C CYS N 1088 -93.99 46.09 18.05
N SER N 1089 -93.13 46.99 17.56
CA SER N 1089 -91.77 47.04 18.07
C SER N 1089 -91.73 47.43 19.54
N CYS N 1090 -92.62 48.32 19.97
CA CYS N 1090 -92.56 48.87 21.31
C CYS N 1090 -93.03 47.88 22.36
N GLU N 1091 -94.22 47.31 22.17
CA GLU N 1091 -94.95 46.57 23.19
C GLU N 1091 -94.78 47.23 24.57
N SER N 1092 -95.25 48.48 24.63
CA SER N 1092 -95.03 49.32 25.79
C SER N 1092 -95.80 48.79 26.99
N ILE N 1093 -95.43 49.29 28.18
CA ILE N 1093 -95.95 48.76 29.42
C ILE N 1093 -96.80 49.76 30.17
N GLY N 1094 -96.16 50.81 30.67
CA GLY N 1094 -96.85 51.74 31.55
C GLY N 1094 -97.33 52.97 30.82
N ASP N 1095 -96.45 53.56 30.02
CA ASP N 1095 -96.83 54.63 29.12
C ASP N 1095 -97.10 54.03 27.76
N CYS N 1096 -98.25 54.36 27.19
CA CYS N 1096 -98.66 53.87 25.88
C CYS N 1096 -98.15 54.77 24.77
N ALA N 1097 -96.98 55.37 24.98
CA ALA N 1097 -96.55 56.56 24.25
C ALA N 1097 -96.33 56.30 22.77
N CYS N 1098 -95.88 55.10 22.39
CA CYS N 1098 -95.61 54.86 20.97
C CYS N 1098 -96.86 55.05 20.13
N PHE N 1099 -97.92 54.32 20.48
CA PHE N 1099 -99.21 54.43 19.79
C PHE N 1099 -99.74 55.85 19.87
N CYS N 1100 -99.80 56.40 21.08
CA CYS N 1100 -100.41 57.71 21.27
C CYS N 1100 -99.65 58.79 20.50
N ASP N 1101 -98.34 58.69 20.46
CA ASP N 1101 -97.55 59.69 19.75
C ASP N 1101 -97.70 59.56 18.24
N THR N 1102 -97.84 58.35 17.72
CA THR N 1102 -98.14 58.23 16.28
C THR N 1102 -99.49 58.85 15.94
N ILE N 1103 -100.51 58.54 16.75
CA ILE N 1103 -101.82 59.14 16.51
C ILE N 1103 -101.75 60.65 16.64
N ALA N 1104 -100.94 61.13 17.59
CA ALA N 1104 -100.81 62.58 17.79
C ALA N 1104 -100.11 63.23 16.62
N ALA N 1105 -99.15 62.53 16.00
CA ALA N 1105 -98.52 63.06 14.81
C ALA N 1105 -99.52 63.20 13.67
N TYR N 1106 -100.36 62.18 13.47
CA TYR N 1106 -101.38 62.31 12.43
C TYR N 1106 -102.33 63.45 12.73
N ALA N 1107 -102.74 63.58 13.99
CA ALA N 1107 -103.62 64.68 14.37
C ALA N 1107 -102.96 66.03 14.18
N HIS N 1108 -101.64 66.10 14.41
CA HIS N 1108 -100.91 67.34 14.17
C HIS N 1108 -100.92 67.71 12.70
N VAL N 1109 -100.72 66.74 11.83
CA VAL N 1109 -100.81 67.01 10.39
C VAL N 1109 -102.21 67.49 10.03
N CYS N 1110 -103.23 66.81 10.54
CA CYS N 1110 -104.61 67.23 10.28
C CYS N 1110 -104.84 68.65 10.73
N ALA N 1111 -104.35 69.02 11.91
CA ALA N 1111 -104.51 70.38 12.40
C ALA N 1111 -103.81 71.38 11.50
N GLN N 1112 -102.63 71.03 11.00
CA GLN N 1112 -101.97 71.89 10.03
C GLN N 1112 -102.85 72.11 8.81
N HIS N 1113 -103.56 71.08 8.37
CA HIS N 1113 -104.49 71.23 7.26
C HIS N 1113 -105.85 71.76 7.68
N GLY N 1114 -105.95 72.36 8.85
CA GLY N 1114 -107.19 72.97 9.30
C GLY N 1114 -108.21 72.03 9.90
N LYS N 1115 -107.99 70.71 9.82
CA LYS N 1115 -108.90 69.73 10.38
C LYS N 1115 -108.46 69.38 11.80
N VAL N 1116 -108.88 70.22 12.75
CA VAL N 1116 -108.61 69.96 14.16
C VAL N 1116 -109.47 68.79 14.62
N VAL N 1117 -108.84 67.78 15.22
CA VAL N 1117 -109.51 66.54 15.57
C VAL N 1117 -109.35 66.31 17.08
N THR N 1118 -110.48 65.99 17.73
CA THR N 1118 -110.52 65.75 19.17
C THR N 1118 -110.45 64.26 19.47
N TRP N 1119 -109.28 63.69 19.27
CA TRP N 1119 -109.14 62.24 19.34
C TRP N 1119 -108.89 61.70 20.74
N ARG N 1120 -108.48 62.55 21.69
CA ARG N 1120 -108.23 62.07 23.05
C ARG N 1120 -109.54 61.68 23.71
N THR N 1121 -109.47 60.64 24.54
CA THR N 1121 -110.58 60.23 25.39
C THR N 1121 -110.01 59.73 26.70
N ALA N 1122 -110.85 59.69 27.72
CA ALA N 1122 -110.41 59.19 29.03
C ALA N 1122 -109.96 57.75 28.96
N THR N 1123 -110.46 56.98 28.01
CA THR N 1123 -110.11 55.58 27.86
C THR N 1123 -109.09 55.33 26.75
N LEU N 1124 -108.68 56.36 26.02
CA LEU N 1124 -107.72 56.21 24.94
C LEU N 1124 -106.72 57.36 25.02
N CYS N 1125 -105.47 57.05 25.34
CA CYS N 1125 -104.40 58.03 25.39
C CYS N 1125 -104.80 59.30 26.16
N PRO N 1126 -105.28 59.17 27.39
CA PRO N 1126 -105.71 60.35 28.13
C PRO N 1126 -104.56 61.28 28.45
N GLN N 1127 -104.88 62.57 28.54
CA GLN N 1127 -103.92 63.58 28.95
C GLN N 1127 -104.60 64.52 29.92
N SER N 1128 -103.88 64.92 30.97
CA SER N 1128 -104.41 65.79 32.00
C SER N 1128 -103.45 66.94 32.24
N CYS N 1129 -104.02 68.12 32.47
CA CYS N 1129 -103.25 69.31 32.80
C CYS N 1129 -103.46 69.74 34.24
N GLU N 1130 -104.23 68.96 35.01
CA GLU N 1130 -104.58 69.27 36.39
C GLU N 1130 -103.36 69.42 37.30
N GLU N 1131 -102.22 68.85 36.92
CA GLU N 1131 -101.01 69.02 37.72
C GLU N 1131 -100.58 70.47 37.82
N ARG N 1132 -100.90 71.27 36.80
CA ARG N 1132 -100.57 72.68 36.79
C ARG N 1132 -101.59 73.53 37.53
N ASN N 1133 -102.77 72.98 37.79
CA ASN N 1133 -103.84 73.70 38.47
C ASN N 1133 -103.80 73.53 39.99
N LEU N 1134 -103.48 72.33 40.48
CA LEU N 1134 -103.22 72.16 41.91
C LEU N 1134 -101.95 72.89 42.32
N ARG N 1135 -102.04 73.64 43.43
CA ARG N 1135 -101.07 74.68 43.74
C ARG N 1135 -101.15 74.96 45.24
N GLU N 1136 -100.22 75.79 45.71
CA GLU N 1136 -100.14 76.10 47.13
C GLU N 1136 -101.33 76.93 47.60
N ASN N 1137 -102.00 77.62 46.67
CA ASN N 1137 -103.29 78.26 46.90
C ASN N 1137 -104.41 77.26 47.13
N GLY N 1138 -104.17 75.98 46.90
CA GLY N 1138 -105.22 74.99 46.76
C GLY N 1138 -105.40 74.56 45.31
N TYR N 1139 -106.48 74.97 44.66
CA TYR N 1139 -106.67 74.66 43.26
C TYR N 1139 -107.21 75.87 42.53
N GLU N 1140 -106.57 76.22 41.41
CA GLU N 1140 -107.09 77.22 40.49
C GLU N 1140 -106.86 76.72 39.06
N CYS N 1141 -107.88 76.83 38.22
CA CYS N 1141 -108.08 75.94 37.10
C CYS N 1141 -107.87 76.60 35.74
N GLU N 1142 -106.80 77.39 35.63
CA GLU N 1142 -106.52 78.11 34.39
C GLU N 1142 -106.08 77.19 33.26
N TRP N 1143 -105.31 76.13 33.56
CA TRP N 1143 -104.85 75.23 32.52
C TRP N 1143 -105.91 74.20 32.12
N ARG N 1144 -106.14 74.09 30.81
CA ARG N 1144 -106.94 73.03 30.22
C ARG N 1144 -106.11 72.31 29.16
N TYR N 1145 -106.37 71.03 28.96
CA TYR N 1145 -106.06 70.42 27.67
C TYR N 1145 -106.95 71.01 26.60
N ASN N 1146 -106.36 71.30 25.44
CA ASN N 1146 -107.10 71.70 24.25
C ASN N 1146 -106.59 70.86 23.08
N SER N 1147 -107.53 70.44 22.21
CA SER N 1147 -107.15 69.62 21.07
C SER N 1147 -106.03 70.26 20.28
N CYS N 1148 -106.15 71.55 20.00
CA CYS N 1148 -105.01 72.34 19.58
C CYS N 1148 -105.32 73.79 19.92
N ALA N 1149 -104.32 74.48 20.45
CA ALA N 1149 -104.41 75.88 20.80
C ALA N 1149 -103.44 76.69 19.95
N PRO N 1150 -103.65 78.00 19.82
CA PRO N 1150 -102.69 78.81 19.07
C PRO N 1150 -101.28 78.64 19.61
N ALA N 1151 -100.33 78.48 18.69
CA ALA N 1151 -99.04 77.92 19.06
C ALA N 1151 -98.19 78.90 19.84
N CYS N 1152 -98.20 80.17 19.47
CA CYS N 1152 -97.17 81.11 19.92
C CYS N 1152 -97.82 82.32 20.60
N GLN N 1153 -98.60 82.03 21.63
CA GLN N 1153 -99.30 83.05 22.39
C GLN N 1153 -98.33 84.09 22.96
N VAL N 1154 -98.88 85.24 23.33
CA VAL N 1154 -98.11 86.26 24.04
C VAL N 1154 -97.96 85.85 25.49
N THR N 1155 -96.80 86.15 26.08
CA THR N 1155 -96.52 85.84 27.47
C THR N 1155 -95.64 86.94 28.05
N CYS N 1156 -95.43 86.88 29.36
CA CYS N 1156 -94.50 87.79 30.01
C CYS N 1156 -93.09 87.63 29.50
N GLN N 1157 -92.73 86.47 28.96
CA GLN N 1157 -91.43 86.26 28.36
C GLN N 1157 -91.41 86.55 26.87
N HIS N 1158 -92.57 86.56 26.22
CA HIS N 1158 -92.70 86.90 24.80
C HIS N 1158 -93.81 87.91 24.64
N PRO N 1159 -93.63 89.13 25.17
CA PRO N 1159 -94.70 90.14 25.06
C PRO N 1159 -95.06 90.48 23.63
N GLU N 1160 -94.10 90.51 22.73
CA GLU N 1160 -94.39 90.84 21.35
C GLU N 1160 -94.85 89.58 20.61
N PRO N 1161 -95.77 89.72 19.67
CA PRO N 1161 -96.12 88.58 18.82
C PRO N 1161 -95.00 88.26 17.85
N LEU N 1162 -94.76 86.96 17.65
CA LEU N 1162 -93.66 86.48 16.83
C LEU N 1162 -94.15 85.39 15.91
N ALA N 1163 -93.78 85.49 14.63
CA ALA N 1163 -94.22 84.51 13.64
C ALA N 1163 -93.55 83.18 13.90
N CYS N 1164 -94.31 82.11 13.75
CA CYS N 1164 -93.82 80.76 14.03
C CYS N 1164 -94.55 79.78 13.13
N PRO N 1165 -93.93 78.64 12.80
CA PRO N 1165 -94.39 77.86 11.64
C PRO N 1165 -95.79 77.30 11.77
N VAL N 1166 -96.16 76.78 12.94
CA VAL N 1166 -97.40 76.03 13.10
C VAL N 1166 -98.44 76.91 13.77
N GLN N 1167 -99.65 76.92 13.20
CA GLN N 1167 -100.70 77.79 13.72
C GLN N 1167 -101.28 77.26 15.03
N CYS N 1168 -101.48 75.94 15.12
CA CYS N 1168 -102.25 75.37 16.22
C CYS N 1168 -101.61 74.06 16.63
N VAL N 1169 -101.38 73.88 17.93
CA VAL N 1169 -100.67 72.71 18.45
C VAL N 1169 -101.43 72.15 19.65
N GLU N 1170 -101.39 70.83 19.79
CA GLU N 1170 -102.05 70.15 20.89
C GLU N 1170 -101.29 70.37 22.20
N GLY N 1171 -102.02 70.31 23.30
CA GLY N 1171 -101.41 70.28 24.62
C GLY N 1171 -102.08 71.19 25.62
N CYS N 1172 -101.52 71.27 26.83
CA CYS N 1172 -102.05 72.14 27.87
C CYS N 1172 -101.99 73.61 27.46
N HIS N 1173 -103.10 74.31 27.60
CA HIS N 1173 -103.21 75.71 27.25
C HIS N 1173 -103.82 76.45 28.42
N ALA N 1174 -103.21 77.56 28.81
CA ALA N 1174 -103.73 78.38 29.90
C ALA N 1174 -104.78 79.35 29.38
N HIS N 1175 -106.00 79.23 29.89
CA HIS N 1175 -107.10 80.12 29.54
C HIS N 1175 -107.39 81.05 30.72
N CYS N 1176 -107.35 82.35 30.48
CA CYS N 1176 -107.51 83.34 31.54
C CYS N 1176 -108.08 84.62 30.94
N PRO N 1177 -108.59 85.53 31.78
CA PRO N 1177 -109.50 86.59 31.28
C PRO N 1177 -108.80 87.61 30.38
N PRO N 1178 -109.57 88.53 29.79
CA PRO N 1178 -108.96 89.54 28.91
C PRO N 1178 -107.98 90.43 29.64
N GLY N 1179 -106.99 90.93 28.89
CA GLY N 1179 -105.94 91.76 29.44
C GLY N 1179 -104.96 91.04 30.34
N LYS N 1180 -105.26 89.81 30.73
CA LYS N 1180 -104.41 89.01 31.60
C LYS N 1180 -103.41 88.23 30.74
N ILE N 1181 -102.18 88.11 31.22
CA ILE N 1181 -101.09 87.54 30.44
C ILE N 1181 -100.42 86.42 31.23
N LEU N 1182 -100.07 85.35 30.54
CA LEU N 1182 -99.34 84.24 31.15
C LEU N 1182 -97.89 84.63 31.46
N ASP N 1183 -97.42 84.21 32.63
CA ASP N 1183 -95.99 84.20 32.94
C ASP N 1183 -95.49 82.76 32.88
N GLU N 1184 -94.53 82.51 31.98
CA GLU N 1184 -94.00 81.15 31.81
C GLU N 1184 -93.19 80.68 33.00
N LEU N 1185 -92.57 81.61 33.75
CA LEU N 1185 -91.84 81.19 34.95
C LEU N 1185 -92.80 80.76 36.04
N LEU N 1186 -93.92 81.46 36.18
CA LEU N 1186 -94.93 81.08 37.16
C LEU N 1186 -95.85 79.99 36.64
N GLN N 1187 -95.84 79.74 35.34
CA GLN N 1187 -96.90 78.96 34.68
C GLN N 1187 -98.28 79.43 35.11
N THR N 1188 -98.44 80.74 35.21
CA THR N 1188 -99.61 81.36 35.83
C THR N 1188 -99.89 82.67 35.09
N CYS N 1189 -101.16 82.96 34.87
CA CYS N 1189 -101.57 84.24 34.31
C CYS N 1189 -101.39 85.37 35.31
N VAL N 1190 -100.77 86.48 34.86
CA VAL N 1190 -100.51 87.65 35.69
C VAL N 1190 -100.71 88.90 34.84
N ASP N 1191 -100.85 90.05 35.52
CA ASP N 1191 -101.05 91.30 34.81
C ASP N 1191 -99.86 91.63 33.93
N PRO N 1192 -100.06 92.43 32.88
CA PRO N 1192 -98.93 92.80 32.01
C PRO N 1192 -97.82 93.51 32.75
N GLU N 1193 -98.13 94.22 33.84
CA GLU N 1193 -97.13 94.93 34.61
C GLU N 1193 -96.37 94.03 35.57
N ASP N 1194 -96.81 92.78 35.73
CA ASP N 1194 -96.19 91.85 36.68
C ASP N 1194 -95.05 91.05 36.08
N CYS N 1195 -94.72 91.28 34.81
CA CYS N 1195 -93.69 90.49 34.17
C CYS N 1195 -92.34 90.72 34.86
N PRO N 1196 -91.51 89.68 35.02
CA PRO N 1196 -90.21 89.88 35.66
C PRO N 1196 -89.16 90.53 34.77
N VAL N 1197 -89.40 90.64 33.47
CA VAL N 1197 -88.44 91.24 32.56
C VAL N 1197 -89.14 92.23 31.63
N SER N 1262 -75.92 91.79 -18.47
CA SER N 1262 -75.58 92.59 -17.30
C SER N 1262 -74.07 92.63 -17.08
N GLU N 1263 -73.58 93.76 -16.57
CA GLU N 1263 -72.16 94.03 -16.40
C GLU N 1263 -71.39 93.82 -17.71
N PRO N 1264 -71.60 94.68 -18.70
CA PRO N 1264 -70.84 94.57 -19.97
C PRO N 1264 -69.34 94.67 -19.78
N PRO N 1265 -68.80 95.57 -18.90
CA PRO N 1265 -67.36 95.84 -18.96
C PRO N 1265 -66.47 94.73 -18.42
N LEU N 1266 -67.03 93.53 -18.19
CA LEU N 1266 -66.19 92.42 -17.76
C LEU N 1266 -65.08 92.12 -18.77
N HIS N 1267 -65.29 92.46 -20.04
CA HIS N 1267 -64.24 92.31 -21.04
C HIS N 1267 -64.55 93.24 -22.21
N ASP N 1268 -63.53 93.49 -23.01
CA ASP N 1268 -63.70 94.31 -24.21
C ASP N 1268 -64.67 93.68 -25.19
N PHE N 1269 -64.73 92.35 -25.23
CA PHE N 1269 -65.65 91.62 -26.09
C PHE N 1269 -66.88 91.25 -25.28
N TYR N 1270 -68.03 91.77 -25.69
CA TYR N 1270 -69.29 91.50 -25.03
C TYR N 1270 -70.35 91.30 -26.10
N CYS N 1271 -71.10 90.21 -25.99
CA CYS N 1271 -71.87 89.66 -27.09
C CYS N 1271 -73.36 89.73 -26.74
N SER N 1272 -73.99 90.83 -27.14
CA SER N 1272 -75.40 91.09 -26.86
C SER N 1272 -76.21 90.80 -28.12
N ARG N 1273 -76.64 89.55 -28.27
CA ARG N 1273 -77.39 89.14 -29.44
C ARG N 1273 -78.12 87.84 -29.13
N LEU N 1274 -79.07 87.50 -29.98
CA LEU N 1274 -79.97 86.37 -29.73
C LEU N 1274 -79.24 85.07 -30.04
N LEU N 1275 -78.97 84.29 -29.00
CA LEU N 1275 -78.20 83.05 -29.14
C LEU N 1275 -78.61 82.05 -28.07
N ASP N 1276 -78.67 80.78 -28.45
CA ASP N 1276 -78.78 79.67 -27.52
C ASP N 1276 -77.54 78.81 -27.66
N LEU N 1277 -76.84 78.57 -26.55
CA LEU N 1277 -75.52 77.96 -26.58
C LEU N 1277 -75.44 76.81 -25.58
N VAL N 1278 -74.82 75.70 -25.99
CA VAL N 1278 -74.57 74.56 -25.13
C VAL N 1278 -73.10 74.19 -25.19
N PHE N 1279 -72.48 74.03 -24.02
CA PHE N 1279 -71.11 73.54 -23.91
C PHE N 1279 -71.12 72.06 -23.54
N LEU N 1280 -70.61 71.21 -24.42
CA LEU N 1280 -70.56 69.78 -24.17
C LEU N 1280 -69.14 69.39 -23.79
N LEU N 1281 -68.95 69.01 -22.52
CA LEU N 1281 -67.61 68.83 -21.94
C LEU N 1281 -67.28 67.35 -21.81
N ASP N 1282 -66.14 66.95 -22.38
CA ASP N 1282 -65.71 65.57 -22.37
C ASP N 1282 -65.26 65.18 -20.97
N GLY N 1283 -66.00 64.28 -20.33
CA GLY N 1283 -65.69 63.80 -19.02
C GLY N 1283 -64.83 62.56 -18.97
N SER N 1284 -64.22 62.17 -20.07
CA SER N 1284 -63.38 60.98 -20.11
C SER N 1284 -62.05 61.22 -19.39
N SER N 1285 -61.35 60.12 -19.13
CA SER N 1285 -60.06 60.16 -18.46
C SER N 1285 -58.95 60.73 -19.34
N ARG N 1286 -59.22 60.96 -20.63
CA ARG N 1286 -58.23 61.58 -21.50
C ARG N 1286 -57.93 63.01 -21.12
N LEU N 1287 -58.79 63.66 -20.35
CA LEU N 1287 -58.44 64.86 -19.62
C LEU N 1287 -58.19 64.52 -18.16
N SER N 1288 -57.02 64.89 -17.65
CA SER N 1288 -56.79 64.85 -16.23
C SER N 1288 -57.57 65.95 -15.54
N GLU N 1289 -57.74 65.81 -14.23
CA GLU N 1289 -58.50 66.81 -13.47
C GLU N 1289 -57.95 68.22 -13.66
N ALA N 1290 -56.63 68.37 -13.73
CA ALA N 1290 -56.04 69.68 -13.97
C ALA N 1290 -56.47 70.23 -15.32
N GLU N 1291 -56.44 69.38 -16.35
CA GLU N 1291 -56.87 69.80 -17.67
C GLU N 1291 -58.36 70.13 -17.67
N PHE N 1292 -59.15 69.34 -16.96
CA PHE N 1292 -60.57 69.64 -16.89
C PHE N 1292 -60.79 70.97 -16.21
N GLU N 1293 -59.93 71.33 -15.25
CA GLU N 1293 -60.04 72.63 -14.58
C GLU N 1293 -59.80 73.77 -15.56
N VAL N 1294 -58.78 73.64 -16.41
CA VAL N 1294 -58.56 74.74 -17.35
C VAL N 1294 -59.66 74.78 -18.40
N LEU N 1295 -60.23 73.62 -18.75
CA LEU N 1295 -61.37 73.60 -19.66
C LEU N 1295 -62.58 74.29 -19.05
N LYS N 1296 -62.79 74.08 -17.75
CA LYS N 1296 -63.86 74.77 -17.04
C LYS N 1296 -63.62 76.26 -17.01
N ALA N 1297 -62.37 76.68 -16.81
CA ALA N 1297 -62.07 78.11 -16.81
C ALA N 1297 -62.34 78.73 -18.18
N PHE N 1298 -62.05 77.97 -19.25
CA PHE N 1298 -62.40 78.38 -20.61
C PHE N 1298 -63.89 78.60 -20.78
N VAL N 1299 -64.70 77.65 -20.30
CA VAL N 1299 -66.16 77.84 -20.30
C VAL N 1299 -66.54 79.08 -19.50
N VAL N 1300 -65.90 79.28 -18.35
CA VAL N 1300 -66.33 80.35 -17.46
C VAL N 1300 -66.04 81.72 -18.06
N ASP N 1301 -64.85 81.89 -18.64
CA ASP N 1301 -64.56 83.20 -19.24
C ASP N 1301 -65.42 83.44 -20.48
N MET N 1302 -65.70 82.39 -21.27
CA MET N 1302 -66.64 82.60 -22.37
C MET N 1302 -68.00 83.06 -21.85
N MET N 1303 -68.46 82.48 -20.75
CA MET N 1303 -69.70 82.98 -20.15
C MET N 1303 -69.56 84.40 -19.63
N GLU N 1304 -68.36 84.80 -19.21
CA GLU N 1304 -68.12 86.20 -18.90
C GLU N 1304 -68.30 87.08 -20.14
N ARG N 1305 -68.00 86.54 -21.33
CA ARG N 1305 -68.05 87.32 -22.55
C ARG N 1305 -69.36 87.19 -23.30
N LEU N 1306 -70.39 86.61 -22.68
CA LEU N 1306 -71.72 86.53 -23.27
C LEU N 1306 -72.73 87.24 -22.38
N ARG N 1307 -73.67 87.93 -23.00
CA ARG N 1307 -74.75 88.61 -22.26
C ARG N 1307 -75.76 87.57 -21.82
N ILE N 1308 -75.54 87.02 -20.64
CA ILE N 1308 -76.36 85.91 -20.14
C ILE N 1308 -77.70 86.44 -19.65
N SER N 1309 -78.78 85.94 -20.25
CA SER N 1309 -80.15 86.23 -19.84
C SER N 1309 -81.08 85.42 -20.73
N GLN N 1310 -82.35 85.31 -20.31
CA GLN N 1310 -83.34 84.72 -21.19
C GLN N 1310 -83.50 85.53 -22.46
N LYS N 1311 -83.47 86.86 -22.34
CA LYS N 1311 -83.19 87.71 -23.48
C LYS N 1311 -81.73 87.56 -23.89
N TRP N 1312 -81.44 87.82 -25.16
CA TRP N 1312 -80.09 87.73 -25.69
C TRP N 1312 -79.60 86.29 -25.59
N VAL N 1313 -78.57 86.00 -24.78
CA VAL N 1313 -77.86 84.73 -24.86
C VAL N 1313 -78.31 83.83 -23.71
N ARG N 1314 -78.68 82.59 -24.04
CA ARG N 1314 -78.96 81.54 -23.07
C ARG N 1314 -77.87 80.48 -23.16
N VAL N 1315 -77.35 80.05 -22.02
CA VAL N 1315 -76.21 79.15 -21.95
C VAL N 1315 -76.58 77.91 -21.15
N ALA N 1316 -76.14 76.76 -21.64
CA ALA N 1316 -76.25 75.50 -20.91
C ALA N 1316 -74.90 74.80 -20.92
N VAL N 1317 -74.64 74.04 -19.87
CA VAL N 1317 -73.38 73.34 -19.69
C VAL N 1317 -73.69 71.87 -19.44
N VAL N 1318 -73.02 70.99 -20.19
CA VAL N 1318 -73.33 69.56 -20.17
C VAL N 1318 -72.03 68.78 -20.19
N GLU N 1319 -71.74 68.07 -19.11
CA GLU N 1319 -70.67 67.09 -19.11
C GLU N 1319 -71.20 65.75 -19.56
N TYR N 1320 -70.48 65.09 -20.46
CA TYR N 1320 -70.82 63.75 -20.91
C TYR N 1320 -69.72 62.79 -20.51
N HIS N 1321 -70.08 61.74 -19.77
CA HIS N 1321 -69.15 60.73 -19.32
C HIS N 1321 -69.77 59.34 -19.48
N ASP N 1322 -70.27 59.07 -20.68
CA ASP N 1322 -71.16 57.97 -21.06
C ASP N 1322 -72.58 58.26 -20.62
N GLY N 1323 -72.81 59.32 -19.87
CA GLY N 1323 -74.14 59.84 -19.65
C GLY N 1323 -74.07 61.35 -19.58
N SER N 1324 -75.13 61.99 -20.04
CA SER N 1324 -75.12 63.44 -20.28
C SER N 1324 -75.49 64.17 -19.01
N HIS N 1325 -74.48 64.47 -18.20
CA HIS N 1325 -74.65 65.22 -16.95
C HIS N 1325 -74.79 66.71 -17.23
N ALA N 1326 -76.02 67.21 -17.20
CA ALA N 1326 -76.27 68.64 -17.39
C ALA N 1326 -76.15 69.37 -16.06
N TYR N 1327 -75.36 70.44 -16.05
CA TYR N 1327 -75.22 71.29 -14.86
C TYR N 1327 -76.00 72.60 -14.97
N ILE N 1328 -76.16 73.12 -16.18
CA ILE N 1328 -76.95 74.34 -16.40
C ILE N 1328 -77.87 74.08 -17.58
N GLY N 1329 -79.12 74.49 -17.45
CA GLY N 1329 -80.07 74.39 -18.54
C GLY N 1329 -80.45 75.77 -19.07
N LEU N 1330 -80.89 75.82 -20.33
CA LEU N 1330 -81.26 77.11 -20.92
C LEU N 1330 -82.45 77.75 -20.23
N LYS N 1331 -83.26 76.97 -19.52
CA LYS N 1331 -84.40 77.52 -18.80
C LYS N 1331 -84.03 78.11 -17.45
N ASP N 1332 -82.81 77.86 -16.97
CA ASP N 1332 -82.43 78.33 -15.65
C ASP N 1332 -82.49 79.86 -15.58
N ARG N 1333 -83.18 80.37 -14.56
CA ARG N 1333 -83.38 81.80 -14.39
C ARG N 1333 -82.33 82.44 -13.49
N LYS N 1334 -81.30 81.69 -13.09
CA LYS N 1334 -80.32 82.20 -12.15
C LYS N 1334 -79.49 83.32 -12.78
N ARG N 1335 -78.96 84.19 -11.93
CA ARG N 1335 -78.25 85.36 -12.39
C ARG N 1335 -76.91 84.96 -13.02
N PRO N 1336 -76.37 85.81 -13.90
CA PRO N 1336 -75.13 85.44 -14.61
C PRO N 1336 -73.98 85.08 -13.67
N SER N 1337 -73.83 85.79 -12.56
CA SER N 1337 -72.77 85.46 -11.62
C SER N 1337 -72.96 84.06 -11.05
N GLU N 1338 -74.20 83.72 -10.68
CA GLU N 1338 -74.48 82.40 -10.16
C GLU N 1338 -74.22 81.33 -11.21
N LEU N 1339 -74.58 81.61 -12.47
CA LEU N 1339 -74.33 80.64 -13.53
C LEU N 1339 -72.84 80.44 -13.76
N ARG N 1340 -72.06 81.52 -13.71
CA ARG N 1340 -70.62 81.38 -13.85
C ARG N 1340 -70.03 80.61 -12.68
N ARG N 1341 -70.56 80.81 -11.47
CA ARG N 1341 -70.11 80.02 -10.34
C ARG N 1341 -70.40 78.55 -10.54
N ILE N 1342 -71.62 78.23 -11.01
CA ILE N 1342 -71.99 76.84 -11.25
C ILE N 1342 -71.07 76.21 -12.29
N ALA N 1343 -70.78 76.95 -13.37
CA ALA N 1343 -69.86 76.43 -14.38
C ALA N 1343 -68.47 76.21 -13.81
N SER N 1344 -68.01 77.13 -12.97
CA SER N 1344 -66.70 77.00 -12.37
C SER N 1344 -66.63 75.80 -11.43
N GLN N 1345 -67.75 75.41 -10.85
CA GLN N 1345 -67.78 74.29 -9.91
C GLN N 1345 -68.31 73.00 -10.52
N VAL N 1346 -68.24 72.85 -11.84
CA VAL N 1346 -68.56 71.59 -12.49
C VAL N 1346 -67.55 70.54 -12.04
N LYS N 1347 -68.05 69.37 -11.65
CA LYS N 1347 -67.16 68.33 -11.15
C LYS N 1347 -66.52 67.57 -12.30
N TYR N 1348 -65.52 66.76 -11.96
CA TYR N 1348 -64.74 66.00 -12.92
C TYR N 1348 -65.08 64.52 -12.78
N ALA N 1349 -65.47 63.89 -13.89
CA ALA N 1349 -65.87 62.49 -13.86
C ALA N 1349 -64.70 61.55 -14.09
N GLY N 1350 -63.97 61.74 -15.19
CA GLY N 1350 -62.85 60.88 -15.49
C GLY N 1350 -63.22 59.47 -15.91
N SER N 1351 -64.27 59.32 -16.70
CA SER N 1351 -64.68 58.01 -17.18
C SER N 1351 -63.69 57.47 -18.19
N GLN N 1352 -63.65 56.15 -18.33
CA GLN N 1352 -62.80 55.56 -19.35
C GLN N 1352 -63.39 55.68 -20.74
N VAL N 1353 -64.70 55.90 -20.86
CA VAL N 1353 -65.36 56.12 -22.14
C VAL N 1353 -66.31 57.30 -22.00
N ALA N 1354 -66.43 58.10 -23.05
CA ALA N 1354 -67.39 59.21 -23.07
C ALA N 1354 -68.06 59.21 -24.44
N SER N 1355 -69.19 58.50 -24.55
CA SER N 1355 -69.91 58.38 -25.80
C SER N 1355 -70.30 59.74 -26.37
N THR N 1356 -69.72 60.10 -27.50
CA THR N 1356 -69.99 61.37 -28.16
C THR N 1356 -71.33 61.34 -28.88
N SER N 1357 -71.65 60.22 -29.53
CA SER N 1357 -72.96 60.05 -30.12
C SER N 1357 -74.06 60.13 -29.08
N GLU N 1358 -73.79 59.64 -27.87
CA GLU N 1358 -74.80 59.70 -26.82
C GLU N 1358 -75.11 61.13 -26.41
N VAL N 1359 -74.08 61.99 -26.32
CA VAL N 1359 -74.37 63.37 -25.95
C VAL N 1359 -75.00 64.14 -27.11
N LEU N 1360 -74.68 63.78 -28.35
CA LEU N 1360 -75.44 64.32 -29.47
C LEU N 1360 -76.91 63.92 -29.40
N LYS N 1361 -77.18 62.67 -29.03
CA LYS N 1361 -78.56 62.22 -28.85
C LYS N 1361 -79.24 63.01 -27.74
N TYR N 1362 -78.54 63.18 -26.61
CA TYR N 1362 -79.11 63.93 -25.50
C TYR N 1362 -79.47 65.34 -25.91
N THR N 1363 -78.54 66.07 -26.49
CA THR N 1363 -78.83 67.45 -26.85
C THR N 1363 -79.96 67.53 -27.88
N LEU N 1364 -79.99 66.59 -28.82
CA LEU N 1364 -81.01 66.59 -29.87
C LEU N 1364 -82.39 66.36 -29.31
N PHE N 1365 -82.56 65.34 -28.46
CA PHE N 1365 -83.89 64.94 -28.05
C PHE N 1365 -84.34 65.56 -26.73
N GLN N 1366 -83.42 66.02 -25.90
CA GLN N 1366 -83.77 66.54 -24.58
C GLN N 1366 -83.47 68.01 -24.41
N ILE N 1367 -82.38 68.53 -24.98
CA ILE N 1367 -82.12 69.96 -24.82
C ILE N 1367 -82.97 70.75 -25.80
N PHE N 1368 -82.76 70.53 -27.09
CA PHE N 1368 -83.56 71.15 -28.14
C PHE N 1368 -84.82 70.36 -28.46
N SER N 1369 -85.49 69.85 -27.42
CA SER N 1369 -86.72 69.10 -27.65
C SER N 1369 -87.78 69.97 -28.32
N LYS N 1370 -87.90 71.22 -27.88
CA LYS N 1370 -88.82 72.17 -28.49
C LYS N 1370 -88.06 73.47 -28.73
N ILE N 1371 -88.19 74.01 -29.94
CA ILE N 1371 -87.52 75.25 -30.31
C ILE N 1371 -88.37 76.42 -29.85
N ASP N 1372 -88.14 76.88 -28.61
CA ASP N 1372 -88.94 77.96 -28.06
C ASP N 1372 -88.45 79.34 -28.49
N ARG N 1373 -87.28 79.44 -29.11
CA ARG N 1373 -86.75 80.68 -29.64
C ARG N 1373 -86.33 80.45 -31.09
N PRO N 1374 -87.29 80.26 -32.00
CA PRO N 1374 -86.92 80.01 -33.40
C PRO N 1374 -86.15 81.15 -34.03
N GLU N 1375 -86.32 82.38 -33.54
CA GLU N 1375 -85.57 83.50 -34.08
C GLU N 1375 -84.12 83.51 -33.62
N ALA N 1376 -83.81 82.84 -32.51
CA ALA N 1376 -82.47 82.85 -31.95
C ALA N 1376 -81.62 81.73 -32.56
N SER N 1377 -80.32 81.99 -32.70
CA SER N 1377 -79.40 80.99 -33.20
C SER N 1377 -79.14 79.93 -32.12
N ARG N 1378 -79.01 78.68 -32.56
CA ARG N 1378 -78.83 77.54 -31.67
C ARG N 1378 -77.50 76.86 -31.99
N ILE N 1379 -76.59 76.82 -31.01
CA ILE N 1379 -75.21 76.39 -31.24
C ILE N 1379 -74.77 75.48 -30.10
N ALA N 1380 -73.93 74.49 -30.44
CA ALA N 1380 -73.35 73.57 -29.46
C ALA N 1380 -71.86 73.44 -29.70
N LEU N 1381 -71.05 73.56 -28.64
CA LEU N 1381 -69.64 73.23 -28.69
C LEU N 1381 -69.45 71.78 -28.28
N LEU N 1382 -69.27 70.89 -29.25
CA LEU N 1382 -68.86 69.52 -28.96
C LEU N 1382 -67.35 69.46 -28.78
N LEU N 1383 -66.88 70.04 -27.68
CA LEU N 1383 -65.46 69.93 -27.37
C LEU N 1383 -65.18 68.53 -26.82
N MET N 1384 -64.13 67.90 -27.33
CA MET N 1384 -63.97 66.46 -27.18
C MET N 1384 -62.50 66.08 -27.22
N ALA N 1385 -62.16 65.07 -26.43
CA ALA N 1385 -60.75 64.71 -26.23
C ALA N 1385 -60.53 63.21 -26.25
N SER N 1386 -61.50 62.42 -26.69
CA SER N 1386 -61.42 60.97 -26.55
C SER N 1386 -62.05 60.28 -27.75
N GLN N 1387 -61.59 59.05 -27.99
CA GLN N 1387 -62.29 58.11 -28.86
C GLN N 1387 -63.50 57.52 -28.14
N GLU N 1388 -64.38 56.92 -28.92
CA GLU N 1388 -65.43 56.05 -28.40
C GLU N 1388 -65.39 54.72 -29.14
N PRO N 1389 -65.76 53.62 -28.48
CA PRO N 1389 -65.82 52.33 -29.18
C PRO N 1389 -66.71 52.40 -30.41
N GLN N 1390 -66.29 51.68 -31.45
CA GLN N 1390 -66.96 51.77 -32.75
C GLN N 1390 -68.45 51.42 -32.64
N ARG N 1391 -68.78 50.42 -31.81
CA ARG N 1391 -70.17 50.00 -31.68
C ARG N 1391 -71.05 51.13 -31.19
N MET N 1392 -70.50 52.10 -30.46
CA MET N 1392 -71.28 53.21 -29.94
C MET N 1392 -71.38 54.38 -30.90
N SER N 1393 -70.65 54.35 -32.01
CA SER N 1393 -70.61 55.44 -32.97
C SER N 1393 -71.58 55.25 -34.13
N ARG N 1394 -72.45 54.25 -34.07
CA ARG N 1394 -73.20 53.86 -35.26
C ARG N 1394 -74.28 54.87 -35.63
N ASN N 1395 -74.85 55.57 -34.64
CA ASN N 1395 -75.91 56.53 -34.90
C ASN N 1395 -75.42 57.97 -34.86
N PHE N 1396 -74.11 58.19 -34.92
CA PHE N 1396 -73.54 59.52 -34.81
C PHE N 1396 -74.04 60.42 -35.94
N VAL N 1397 -73.92 59.94 -37.18
CA VAL N 1397 -74.31 60.75 -38.34
C VAL N 1397 -75.80 61.08 -38.29
N ARG N 1398 -76.62 60.12 -37.86
CA ARG N 1398 -78.04 60.37 -37.75
C ARG N 1398 -78.33 61.53 -36.81
N TYR N 1399 -77.68 61.54 -35.64
CA TYR N 1399 -77.92 62.59 -34.66
C TYR N 1399 -77.43 63.94 -35.14
N VAL N 1400 -76.25 63.98 -35.78
CA VAL N 1400 -75.77 65.28 -36.25
C VAL N 1400 -76.66 65.81 -37.38
N GLN N 1401 -77.15 64.91 -38.24
CA GLN N 1401 -78.06 65.36 -39.29
C GLN N 1401 -79.39 65.83 -38.71
N GLY N 1402 -79.88 65.15 -37.67
CA GLY N 1402 -81.08 65.64 -37.00
C GLY N 1402 -80.88 67.01 -36.39
N LEU N 1403 -79.71 67.24 -35.79
CA LEU N 1403 -79.39 68.56 -35.27
C LEU N 1403 -79.36 69.61 -36.38
N LYS N 1404 -78.84 69.23 -37.54
CA LYS N 1404 -78.87 70.14 -38.69
C LYS N 1404 -80.30 70.46 -39.10
N LYS N 1405 -81.17 69.44 -39.12
CA LYS N 1405 -82.56 69.66 -39.51
C LYS N 1405 -83.26 70.61 -38.55
N LYS N 1406 -82.85 70.64 -37.28
CA LYS N 1406 -83.31 71.65 -36.34
C LYS N 1406 -82.49 72.93 -36.41
N LYS N 1407 -81.54 73.01 -37.35
CA LYS N 1407 -80.64 74.16 -37.48
C LYS N 1407 -79.92 74.47 -36.18
N VAL N 1408 -79.50 73.42 -35.48
CA VAL N 1408 -78.59 73.56 -34.35
C VAL N 1408 -77.17 73.36 -34.86
N ILE N 1409 -76.37 74.43 -34.80
CA ILE N 1409 -74.98 74.36 -35.22
C ILE N 1409 -74.19 73.54 -34.21
N VAL N 1410 -73.33 72.65 -34.68
CA VAL N 1410 -72.41 71.92 -33.82
C VAL N 1410 -70.98 72.23 -34.22
N ILE N 1411 -70.23 72.80 -33.28
CA ILE N 1411 -68.85 73.26 -33.48
C ILE N 1411 -67.93 72.32 -32.72
N PRO N 1412 -67.40 71.27 -33.34
CA PRO N 1412 -66.47 70.39 -32.64
C PRO N 1412 -65.17 71.10 -32.31
N VAL N 1413 -64.72 70.95 -31.06
CA VAL N 1413 -63.44 71.49 -30.63
C VAL N 1413 -62.60 70.33 -30.12
N GLY N 1414 -61.97 69.61 -31.05
CA GLY N 1414 -61.10 68.51 -30.67
C GLY N 1414 -59.87 68.98 -29.92
N ILE N 1415 -59.46 68.21 -28.92
CA ILE N 1415 -58.31 68.55 -28.09
C ILE N 1415 -57.45 67.31 -27.87
N GLY N 1416 -56.15 67.43 -28.13
CA GLY N 1416 -55.20 66.39 -27.84
C GLY N 1416 -55.15 65.25 -28.84
N PRO N 1417 -54.12 64.41 -28.71
CA PRO N 1417 -53.93 63.33 -29.70
C PRO N 1417 -55.05 62.32 -29.72
N HIS N 1418 -55.74 62.12 -28.60
CA HIS N 1418 -56.80 61.14 -28.48
C HIS N 1418 -58.15 61.61 -28.98
N ALA N 1419 -58.26 62.85 -29.44
CA ALA N 1419 -59.51 63.31 -30.04
C ALA N 1419 -59.89 62.44 -31.23
N ASN N 1420 -61.18 62.13 -31.34
CA ASN N 1420 -61.72 61.36 -32.47
C ASN N 1420 -61.88 62.29 -33.68
N LEU N 1421 -60.76 62.48 -34.40
CA LEU N 1421 -60.77 63.32 -35.59
C LEU N 1421 -61.79 62.86 -36.63
N LYS N 1422 -62.03 61.55 -36.74
CA LYS N 1422 -62.98 61.05 -37.72
C LYS N 1422 -64.38 61.61 -37.49
N GLN N 1423 -64.84 61.59 -36.23
CA GLN N 1423 -66.15 62.14 -35.90
C GLN N 1423 -66.20 63.64 -36.15
N ILE N 1424 -65.06 64.32 -35.95
CA ILE N 1424 -64.96 65.74 -36.21
C ILE N 1424 -65.14 66.03 -37.70
N ARG N 1425 -64.44 65.29 -38.56
CA ARG N 1425 -64.59 65.50 -40.00
C ARG N 1425 -65.99 65.13 -40.46
N LEU N 1426 -66.58 64.09 -39.87
CA LEU N 1426 -67.95 63.72 -40.21
C LEU N 1426 -68.92 64.86 -39.87
N ILE N 1427 -68.71 65.52 -38.72
CA ILE N 1427 -69.52 66.69 -38.39
C ILE N 1427 -69.30 67.79 -39.43
N GLU N 1428 -68.04 68.04 -39.79
CA GLU N 1428 -67.76 69.12 -40.74
C GLU N 1428 -68.43 68.86 -42.09
N LYS N 1429 -68.53 67.60 -42.50
CA LYS N 1429 -69.10 67.26 -43.80
C LYS N 1429 -70.59 67.61 -43.87
N GLN N 1430 -71.27 67.74 -42.74
CA GLN N 1430 -72.71 67.94 -42.76
C GLN N 1430 -73.08 69.37 -43.16
N ALA N 1431 -72.34 70.37 -42.68
CA ALA N 1431 -72.69 71.74 -42.98
C ALA N 1431 -71.45 72.61 -42.89
N PRO N 1432 -71.31 73.63 -43.74
CA PRO N 1432 -70.11 74.49 -43.66
C PRO N 1432 -69.97 75.23 -42.35
N GLU N 1433 -71.08 75.65 -41.73
CA GLU N 1433 -70.99 76.40 -40.49
C GLU N 1433 -70.53 75.53 -39.32
N ASN N 1434 -70.55 74.20 -39.47
CA ASN N 1434 -70.03 73.30 -38.47
C ASN N 1434 -68.52 73.13 -38.61
N LYS N 1435 -67.79 74.24 -38.67
CA LYS N 1435 -66.35 74.17 -38.86
C LYS N 1435 -65.64 73.77 -37.58
N ALA N 1436 -64.59 72.98 -37.70
CA ALA N 1436 -63.95 72.35 -36.57
C ALA N 1436 -62.76 73.16 -36.07
N PHE N 1437 -62.56 73.10 -34.75
CA PHE N 1437 -61.32 73.56 -34.12
C PHE N 1437 -60.59 72.33 -33.59
N VAL N 1438 -59.31 72.22 -33.88
CA VAL N 1438 -58.49 71.11 -33.39
C VAL N 1438 -57.31 71.72 -32.64
N LEU N 1439 -57.17 71.33 -31.37
CA LEU N 1439 -56.21 71.94 -30.47
C LEU N 1439 -55.19 70.91 -30.03
N SER N 1440 -53.94 71.35 -29.85
CA SER N 1440 -52.90 70.47 -29.34
C SER N 1440 -53.21 70.03 -27.91
N SER N 1441 -53.68 70.95 -27.07
CA SER N 1441 -53.96 70.65 -25.68
C SER N 1441 -54.93 71.69 -25.14
N VAL N 1442 -55.52 71.37 -23.98
CA VAL N 1442 -56.53 72.25 -23.37
C VAL N 1442 -55.99 73.64 -23.10
N ASP N 1443 -54.68 73.80 -22.87
CA ASP N 1443 -54.17 75.14 -22.65
C ASP N 1443 -54.24 76.01 -23.89
N GLU N 1444 -54.38 75.40 -25.07
CA GLU N 1444 -54.57 76.17 -26.29
C GLU N 1444 -55.96 76.81 -26.36
N LEU N 1445 -56.87 76.40 -25.48
CA LEU N 1445 -58.16 77.07 -25.38
C LEU N 1445 -57.99 78.55 -25.03
N GLU N 1446 -57.02 78.86 -24.17
CA GLU N 1446 -56.74 80.25 -23.84
C GLU N 1446 -56.38 81.07 -25.07
N GLN N 1447 -55.76 80.44 -26.06
CA GLN N 1447 -55.39 81.14 -27.28
C GLN N 1447 -56.54 81.19 -28.27
N GLN N 1448 -57.35 80.13 -28.32
CA GLN N 1448 -58.42 80.04 -29.30
C GLN N 1448 -59.69 80.77 -28.86
N ARG N 1449 -59.78 81.17 -27.59
CA ARG N 1449 -61.01 81.70 -27.02
C ARG N 1449 -61.53 82.91 -27.80
N ASP N 1450 -60.65 83.85 -28.12
CA ASP N 1450 -61.09 85.10 -28.74
C ASP N 1450 -61.78 84.83 -30.07
N GLU N 1451 -61.13 84.08 -30.95
CA GLU N 1451 -61.78 83.84 -32.25
C GLU N 1451 -62.95 82.89 -32.12
N ILE N 1452 -62.95 81.99 -31.12
CA ILE N 1452 -64.13 81.14 -30.92
C ILE N 1452 -65.35 81.98 -30.56
N VAL N 1453 -65.20 82.92 -29.63
CA VAL N 1453 -66.34 83.76 -29.28
C VAL N 1453 -66.72 84.67 -30.44
N SER N 1454 -65.72 85.16 -31.18
CA SER N 1454 -66.02 85.98 -32.36
C SER N 1454 -66.86 85.20 -33.37
N TYR N 1455 -66.48 83.96 -33.64
CA TYR N 1455 -67.23 83.12 -34.56
C TYR N 1455 -68.64 82.84 -34.04
N LEU N 1456 -68.76 82.51 -32.76
CA LEU N 1456 -70.07 82.26 -32.17
C LEU N 1456 -70.99 83.44 -32.32
N CYS N 1457 -70.48 84.66 -32.09
CA CYS N 1457 -71.33 85.83 -32.20
C CYS N 1457 -71.54 86.26 -33.64
N ASP N 1458 -70.64 85.87 -34.55
CA ASP N 1458 -70.91 86.03 -35.97
C ASP N 1458 -72.06 85.14 -36.40
N LEU N 1459 -72.20 83.96 -35.80
CA LEU N 1459 -73.27 83.04 -36.14
C LEU N 1459 -74.58 83.35 -35.43
N ALA N 1460 -74.74 84.54 -34.88
CA ALA N 1460 -75.96 84.88 -34.17
C ALA N 1460 -76.50 86.22 -34.64
N PRO N 1461 -77.82 86.37 -34.74
CA PRO N 1461 -78.40 87.64 -35.16
C PRO N 1461 -78.66 88.59 -33.99
N GLU N 1462 -78.77 89.86 -34.32
CA GLU N 1462 -79.11 90.90 -33.35
C GLU N 1462 -80.62 90.97 -33.15
N ALA N 1463 -81.04 91.80 -32.22
CA ALA N 1463 -82.46 92.00 -31.92
C ALA N 1463 -83.17 92.65 -33.09
N SER O 31 -64.22 64.14 37.78
CA SER O 31 -64.47 64.03 36.35
C SER O 31 -64.92 62.62 35.97
N THR O 32 -63.99 61.69 35.94
CA THR O 32 -64.25 60.31 35.56
C THR O 32 -63.10 59.45 36.04
N ALA O 33 -63.41 58.25 36.51
CA ALA O 33 -62.42 57.33 37.03
C ALA O 33 -61.82 56.48 35.93
N ARG O 34 -60.73 55.80 36.25
CA ARG O 34 -60.10 54.87 35.33
C ARG O 34 -59.63 53.65 36.09
N CYS O 35 -59.93 52.47 35.55
CA CYS O 35 -59.44 51.21 36.07
C CYS O 35 -58.75 50.46 34.96
N SER O 36 -57.70 49.73 35.31
CA SER O 36 -56.88 49.07 34.31
C SER O 36 -56.46 47.70 34.81
N LEU O 37 -56.52 46.72 33.93
CA LEU O 37 -55.92 45.40 34.16
C LEU O 37 -54.90 45.20 33.05
N PHE O 38 -53.63 45.16 33.42
CA PHE O 38 -52.54 45.35 32.48
C PHE O 38 -51.41 44.38 32.80
N GLY O 39 -50.50 44.25 31.85
CA GLY O 39 -49.42 43.33 32.03
C GLY O 39 -49.94 41.91 32.06
N SER O 40 -49.14 41.03 32.66
CA SER O 40 -49.53 39.63 32.74
C SER O 40 -50.63 39.43 33.76
N ASP O 41 -50.44 39.94 34.99
CA ASP O 41 -51.34 39.61 36.09
C ASP O 41 -51.59 40.80 37.01
N PHE O 42 -51.63 42.01 36.49
CA PHE O 42 -51.69 43.19 37.34
C PHE O 42 -53.01 43.93 37.18
N VAL O 43 -53.38 44.67 38.22
CA VAL O 43 -54.62 45.43 38.26
C VAL O 43 -54.32 46.80 38.83
N ASN O 44 -55.10 47.79 38.41
CA ASN O 44 -55.04 49.14 38.96
C ASN O 44 -56.46 49.60 39.23
N THR O 45 -56.73 50.01 40.46
CA THR O 45 -58.07 50.35 40.89
C THR O 45 -58.44 51.77 40.49
N PHE O 46 -59.70 52.12 40.71
CA PHE O 46 -60.16 53.47 40.40
C PHE O 46 -59.43 54.51 41.23
N ASP O 47 -59.11 54.18 42.48
CA ASP O 47 -58.51 55.15 43.40
C ASP O 47 -57.00 55.05 43.44
N GLY O 48 -56.39 54.22 42.61
CA GLY O 48 -54.95 54.15 42.49
C GLY O 48 -54.30 52.96 43.16
N SER O 49 -55.01 52.23 44.00
CA SER O 49 -54.43 51.01 44.57
C SER O 49 -54.09 50.05 43.45
N MET O 50 -52.93 49.44 43.54
CA MET O 50 -52.39 48.64 42.46
C MET O 50 -51.81 47.35 43.02
N TYR O 51 -52.12 46.23 42.37
CA TYR O 51 -51.76 44.93 42.89
C TYR O 51 -51.74 43.92 41.76
N SER O 52 -51.33 42.70 42.08
CA SER O 52 -51.28 41.60 41.14
C SER O 52 -52.30 40.54 41.50
N PHE O 53 -52.92 39.96 40.47
CA PHE O 53 -53.85 38.85 40.68
C PHE O 53 -53.86 37.99 39.43
N ALA O 54 -53.56 36.71 39.58
CA ALA O 54 -53.59 35.74 38.48
C ALA O 54 -54.86 34.90 38.63
N GLY O 55 -55.96 35.41 38.10
CA GLY O 55 -57.22 34.74 38.24
C GLY O 55 -57.35 33.51 37.37
N TYR O 56 -58.21 32.60 37.79
CA TYR O 56 -58.53 31.39 37.05
C TYR O 56 -60.02 31.30 36.72
N CYS O 57 -60.79 32.34 37.00
CA CYS O 57 -62.21 32.35 36.74
C CYS O 57 -62.59 33.75 36.26
N SER O 58 -63.88 34.06 36.27
CA SER O 58 -64.36 35.39 35.93
C SER O 58 -64.65 36.18 37.19
N TYR O 59 -64.32 37.47 37.18
CA TYR O 59 -64.40 38.29 38.37
C TYR O 59 -65.08 39.61 38.04
N LEU O 60 -65.77 40.17 39.03
CA LEU O 60 -66.41 41.46 38.87
C LEU O 60 -65.37 42.56 38.93
N LEU O 61 -65.22 43.30 37.83
CA LEU O 61 -64.30 44.43 37.83
C LEU O 61 -64.97 45.68 38.41
N ALA O 62 -66.19 45.96 38.00
CA ALA O 62 -66.90 47.13 38.50
C ALA O 62 -68.39 46.92 38.26
N GLY O 63 -69.18 47.72 38.96
CA GLY O 63 -70.61 47.65 38.80
C GLY O 63 -71.32 48.30 39.96
N GLY O 64 -72.60 48.52 39.77
CA GLY O 64 -73.45 49.00 40.84
C GLY O 64 -73.36 48.05 42.01
N CYS O 65 -73.02 48.56 43.18
CA CYS O 65 -72.53 47.68 44.23
C CYS O 65 -73.63 47.23 45.17
N GLN O 66 -74.64 48.08 45.40
CA GLN O 66 -75.88 47.66 46.07
C GLN O 66 -76.94 47.25 45.06
N LYS O 67 -77.31 48.15 44.16
CA LYS O 67 -78.23 47.85 43.07
C LYS O 67 -77.44 47.77 41.78
N ARG O 68 -77.21 46.54 41.30
CA ARG O 68 -76.29 46.30 40.20
C ARG O 68 -77.06 46.35 38.89
N SER O 69 -77.24 47.58 38.40
CA SER O 69 -77.88 47.77 37.09
C SER O 69 -77.04 47.22 35.96
N PHE O 70 -75.72 47.22 36.11
CA PHE O 70 -74.84 46.63 35.11
C PHE O 70 -73.64 46.03 35.82
N SER O 71 -72.98 45.10 35.14
CA SER O 71 -71.81 44.43 35.70
C SER O 71 -70.75 44.34 34.63
N ILE O 72 -69.54 44.79 34.96
CA ILE O 72 -68.39 44.62 34.09
C ILE O 72 -67.56 43.47 34.64
N ILE O 73 -67.35 42.45 33.82
CA ILE O 73 -66.80 41.19 34.29
C ILE O 73 -65.57 40.86 33.46
N GLY O 74 -64.44 40.66 34.13
CA GLY O 74 -63.22 40.24 33.48
C GLY O 74 -63.04 38.74 33.59
N ASP O 75 -62.78 38.10 32.46
CA ASP O 75 -62.64 36.66 32.39
C ASP O 75 -61.16 36.30 32.25
N PHE O 76 -60.71 35.34 33.05
CA PHE O 76 -59.34 34.88 33.02
C PHE O 76 -59.30 33.42 32.61
N GLN O 77 -58.10 32.96 32.23
CA GLN O 77 -57.89 31.56 31.92
C GLN O 77 -56.42 31.25 32.11
N ASN O 78 -56.10 30.35 33.03
CA ASN O 78 -54.73 29.98 33.35
C ASN O 78 -53.91 31.20 33.75
N GLY O 79 -54.54 32.12 34.48
CA GLY O 79 -53.89 33.32 34.93
C GLY O 79 -53.92 34.47 33.96
N LYS O 80 -54.14 34.19 32.67
CA LYS O 80 -54.13 35.24 31.65
C LYS O 80 -55.56 35.71 31.38
N ARG O 81 -55.67 36.96 30.93
CA ARG O 81 -56.95 37.53 30.57
C ARG O 81 -57.38 37.05 29.20
N VAL O 82 -58.68 36.79 29.05
CA VAL O 82 -59.21 36.29 27.78
C VAL O 82 -60.37 37.10 27.24
N SER O 83 -61.12 37.84 28.06
CA SER O 83 -62.25 38.59 27.55
C SER O 83 -62.69 39.59 28.58
N LEU O 84 -63.49 40.55 28.14
CA LEU O 84 -64.07 41.58 29.00
C LEU O 84 -65.57 41.57 28.74
N SER O 85 -66.33 41.00 29.67
CA SER O 85 -67.76 40.85 29.51
C SER O 85 -68.51 41.94 30.25
N VAL O 86 -69.72 42.22 29.79
CA VAL O 86 -70.60 43.20 30.41
C VAL O 86 -71.99 42.61 30.46
N TYR O 87 -72.66 42.77 31.58
CA TYR O 87 -74.04 42.32 31.76
C TYR O 87 -74.87 43.52 32.19
N LEU O 88 -76.02 43.70 31.55
CA LEU O 88 -76.89 44.83 31.84
C LEU O 88 -78.00 44.48 32.82
N GLY O 89 -77.83 43.44 33.62
CA GLY O 89 -78.88 43.05 34.52
C GLY O 89 -79.67 41.86 34.05
N GLU O 90 -78.98 40.85 33.53
CA GLU O 90 -79.49 39.53 33.20
C GLU O 90 -80.32 39.53 31.92
N PHE O 91 -80.60 40.67 31.31
CA PHE O 91 -81.35 40.67 30.06
C PHE O 91 -80.46 40.85 28.84
N PHE O 92 -79.24 41.32 29.03
CA PHE O 92 -78.33 41.48 27.91
C PHE O 92 -76.91 41.27 28.41
N ASP O 93 -76.15 40.49 27.68
CA ASP O 93 -74.75 40.23 28.00
C ASP O 93 -73.94 40.26 26.72
N ILE O 94 -72.72 40.76 26.82
CA ILE O 94 -71.84 40.87 25.66
C ILE O 94 -70.43 40.49 26.10
N HIS O 95 -69.70 39.81 25.23
CA HIS O 95 -68.41 39.23 25.58
C HIS O 95 -67.38 39.69 24.55
N LEU O 96 -66.56 40.66 24.92
CA LEU O 96 -65.51 41.18 24.06
C LEU O 96 -64.21 40.47 24.39
N PHE O 97 -63.78 39.58 23.50
CA PHE O 97 -62.57 38.82 23.73
C PHE O 97 -61.35 39.62 23.32
N VAL O 98 -60.18 39.18 23.79
CA VAL O 98 -58.94 39.87 23.47
C VAL O 98 -58.68 39.82 21.98
N ASN O 99 -58.94 38.68 21.34
CA ASN O 99 -58.70 38.55 19.91
C ASN O 99 -59.93 38.91 19.09
N GLY O 100 -60.46 40.10 19.37
CA GLY O 100 -61.41 40.77 18.50
C GLY O 100 -62.78 40.14 18.40
N THR O 101 -62.96 38.92 18.88
CA THR O 101 -64.24 38.25 18.75
C THR O 101 -65.23 38.82 19.75
N VAL O 102 -66.48 38.98 19.31
CA VAL O 102 -67.56 39.46 20.16
C VAL O 102 -68.70 38.46 20.06
N THR O 103 -69.25 38.08 21.21
CA THR O 103 -70.42 37.22 21.26
C THR O 103 -71.47 37.84 22.16
N GLN O 104 -72.69 37.93 21.66
CA GLN O 104 -73.85 38.33 22.45
C GLN O 104 -74.54 37.07 22.92
N GLY O 105 -74.54 36.82 24.21
CA GLY O 105 -74.84 35.48 24.69
C GLY O 105 -73.75 34.54 24.21
N ASP O 106 -74.16 33.40 23.66
CA ASP O 106 -73.22 32.50 23.00
C ASP O 106 -73.14 32.72 21.50
N GLN O 107 -73.95 33.63 20.95
CA GLN O 107 -73.99 33.87 19.53
C GLN O 107 -72.93 34.90 19.15
N ARG O 108 -72.13 34.56 18.14
CA ARG O 108 -71.08 35.47 17.69
C ARG O 108 -71.66 36.59 16.85
N VAL O 109 -71.10 37.80 17.03
CA VAL O 109 -71.50 38.97 16.27
C VAL O 109 -70.23 39.69 15.81
N SER O 110 -70.39 40.53 14.80
CA SER O 110 -69.25 41.21 14.18
C SER O 110 -69.27 42.69 14.52
N MET O 111 -68.09 43.25 14.63
CA MET O 111 -67.95 44.67 14.91
C MET O 111 -68.01 45.48 13.62
N PRO O 112 -68.48 46.74 13.67
CA PRO O 112 -69.03 47.41 14.84
C PRO O 112 -70.41 46.86 15.19
N TYR O 113 -70.79 47.00 16.45
CA TYR O 113 -72.05 46.46 16.94
C TYR O 113 -72.67 47.47 17.88
N ALA O 114 -73.98 47.63 17.77
CA ALA O 114 -74.72 48.57 18.62
C ALA O 114 -76.03 47.93 19.02
N SER O 115 -76.33 47.94 20.31
CA SER O 115 -77.56 47.36 20.81
C SER O 115 -77.81 47.76 22.25
N LYS O 116 -79.03 48.19 22.55
CA LYS O 116 -79.49 48.41 23.91
C LYS O 116 -78.54 49.32 24.67
N GLY O 117 -78.07 50.37 24.00
CA GLY O 117 -77.23 51.37 24.62
C GLY O 117 -75.76 51.06 24.66
N LEU O 118 -75.34 49.89 24.17
CA LEU O 118 -73.94 49.50 24.16
C LEU O 118 -73.41 49.58 22.75
N TYR O 119 -72.23 50.17 22.60
CA TYR O 119 -71.60 50.42 21.31
C TYR O 119 -70.23 49.79 21.31
N LEU O 120 -69.99 48.84 20.41
CA LEU O 120 -68.69 48.23 20.23
C LEU O 120 -68.07 48.79 18.97
N GLU O 121 -66.89 49.39 19.10
CA GLU O 121 -66.26 50.10 18.00
C GLU O 121 -64.76 49.90 18.09
N THR O 122 -64.09 49.96 16.95
CA THR O 122 -62.64 49.83 16.90
C THR O 122 -61.98 51.21 16.92
N GLU O 123 -62.26 51.95 17.99
CA GLU O 123 -61.73 53.30 18.11
C GLU O 123 -60.23 53.28 18.30
N ALA O 124 -59.52 54.05 17.47
CA ALA O 124 -58.07 54.21 17.56
C ALA O 124 -57.36 52.87 17.53
N GLY O 125 -57.90 51.92 16.78
CA GLY O 125 -57.29 50.61 16.65
C GLY O 125 -57.47 49.70 17.84
N TYR O 126 -58.22 50.13 18.87
CA TYR O 126 -58.44 49.34 20.06
C TYR O 126 -59.93 49.10 20.23
N TYR O 127 -60.29 47.87 20.60
CA TYR O 127 -61.70 47.47 20.69
C TYR O 127 -62.37 48.22 21.83
N LYS O 128 -63.29 49.10 21.50
CA LYS O 128 -64.04 49.88 22.47
C LYS O 128 -65.38 49.22 22.75
N LEU O 129 -65.92 49.49 23.93
CA LEU O 129 -67.26 49.02 24.31
C LEU O 129 -67.86 50.15 25.16
N SER O 130 -68.60 51.03 24.52
CA SER O 130 -69.08 52.24 25.17
C SER O 130 -70.47 52.04 25.73
N GLY O 131 -70.69 52.59 26.92
CA GLY O 131 -71.96 52.49 27.59
C GLY O 131 -72.49 53.82 28.09
N GLU O 132 -72.32 54.87 27.28
CA GLU O 132 -72.61 56.24 27.70
C GLU O 132 -73.86 56.35 28.56
N ALA O 133 -74.95 55.71 28.14
CA ALA O 133 -76.19 55.79 28.91
C ALA O 133 -75.99 55.24 30.31
N TYR O 134 -75.30 54.11 30.43
CA TYR O 134 -75.02 53.51 31.72
C TYR O 134 -73.87 54.18 32.45
N GLY O 135 -73.12 55.04 31.78
CA GLY O 135 -72.09 55.81 32.44
C GLY O 135 -70.75 55.12 32.53
N PHE O 136 -70.35 54.37 31.51
CA PHE O 136 -69.07 53.70 31.53
C PHE O 136 -68.55 53.54 30.11
N VAL O 137 -67.23 53.42 30.00
CA VAL O 137 -66.56 53.13 28.73
C VAL O 137 -65.48 52.10 28.99
N ALA O 138 -65.49 51.02 28.21
CA ALA O 138 -64.50 49.97 28.35
C ALA O 138 -63.67 49.87 27.07
N ARG O 139 -62.48 49.30 27.21
CA ARG O 139 -61.57 49.20 26.07
C ARG O 139 -60.60 48.06 26.29
N ILE O 140 -60.23 47.41 25.19
CA ILE O 140 -59.15 46.42 25.17
C ILE O 140 -58.13 46.89 24.15
N ASP O 141 -56.89 47.04 24.57
CA ASP O 141 -55.85 47.43 23.64
C ASP O 141 -55.35 46.23 22.85
N GLY O 142 -54.46 46.48 21.89
CA GLY O 142 -53.98 45.44 21.02
C GLY O 142 -53.19 44.36 21.71
N SER O 143 -52.67 44.63 22.90
CA SER O 143 -51.87 43.66 23.66
C SER O 143 -52.68 42.94 24.72
N GLY O 144 -53.97 43.22 24.85
CA GLY O 144 -54.81 42.53 25.81
C GLY O 144 -55.03 43.23 27.12
N ASN O 145 -54.57 44.46 27.27
CA ASN O 145 -54.78 45.20 28.50
C ASN O 145 -56.21 45.75 28.55
N PHE O 146 -56.93 45.44 29.61
CA PHE O 146 -58.28 45.94 29.78
C PHE O 146 -58.25 47.37 30.29
N GLN O 147 -59.37 48.06 30.14
CA GLN O 147 -59.52 49.43 30.61
C GLN O 147 -61.00 49.67 30.90
N VAL O 148 -61.29 50.38 31.98
CA VAL O 148 -62.65 50.77 32.30
C VAL O 148 -62.64 52.21 32.79
N LEU O 149 -63.46 53.05 32.18
CA LEU O 149 -63.70 54.41 32.65
C LEU O 149 -65.12 54.52 33.15
N LEU O 150 -65.28 54.95 34.38
CA LEU O 150 -66.56 54.93 35.07
C LEU O 150 -66.91 56.36 35.48
N SER O 151 -68.13 56.77 35.21
CA SER O 151 -68.52 58.16 35.40
C SER O 151 -68.60 58.50 36.88
N ASP O 152 -68.65 59.80 37.16
CA ASP O 152 -68.65 60.28 38.53
C ASP O 152 -69.90 59.86 39.30
N ARG O 153 -70.98 59.52 38.60
CA ARG O 153 -72.21 59.15 39.29
C ARG O 153 -72.03 57.91 40.15
N TYR O 154 -71.00 57.10 39.89
CA TYR O 154 -70.71 55.90 40.67
C TYR O 154 -69.66 56.15 41.74
N PHE O 155 -69.43 57.40 42.11
CA PHE O 155 -68.54 57.71 43.22
C PHE O 155 -69.06 57.10 44.50
N ASN O 156 -68.26 56.23 45.12
CA ASN O 156 -68.56 55.65 46.42
C ASN O 156 -69.72 54.67 46.34
N LYS O 157 -70.05 54.19 45.15
CA LYS O 157 -71.19 53.31 44.95
C LYS O 157 -70.86 52.08 44.12
N THR O 158 -69.58 51.78 43.91
CA THR O 158 -69.17 50.62 43.12
C THR O 158 -68.26 49.74 43.94
N CYS O 159 -68.19 48.46 43.55
CA CYS O 159 -67.29 47.54 44.20
C CYS O 159 -66.96 46.40 43.23
N GLY O 160 -65.73 45.93 43.30
CA GLY O 160 -65.21 44.92 42.40
C GLY O 160 -63.71 45.00 42.41
N LEU O 161 -63.09 44.19 41.53
CA LEU O 161 -61.63 44.17 41.49
C LEU O 161 -61.04 45.55 41.29
N CYS O 162 -61.74 46.41 40.56
CA CYS O 162 -61.34 47.81 40.45
C CYS O 162 -61.51 48.57 41.75
N GLY O 163 -61.99 47.91 42.81
CA GLY O 163 -62.18 48.59 44.07
C GLY O 163 -63.36 49.53 44.03
N ASN O 164 -63.64 50.12 45.18
CA ASN O 164 -64.62 51.18 45.24
C ASN O 164 -64.06 52.41 44.53
N PHE O 165 -64.87 53.46 44.45
CA PHE O 165 -64.43 54.71 43.83
C PHE O 165 -64.65 55.84 44.82
N ASN O 166 -63.68 56.00 45.71
CA ASN O 166 -63.57 57.14 46.61
C ASN O 166 -62.09 57.36 46.82
N ILE O 167 -61.66 58.62 46.78
CA ILE O 167 -60.25 58.98 46.58
C ILE O 167 -59.34 58.25 47.56
N PHE O 168 -59.86 57.91 48.74
CA PHE O 168 -59.09 57.11 49.68
C PHE O 168 -58.74 55.77 49.08
N ALA O 169 -57.46 55.51 48.83
CA ALA O 169 -57.04 54.30 48.14
C ALA O 169 -56.86 53.12 49.09
N GLU O 170 -56.63 53.38 50.39
CA GLU O 170 -56.35 52.30 51.32
C GLU O 170 -57.53 51.36 51.51
N ASP O 171 -58.73 51.79 51.14
CA ASP O 171 -59.94 51.01 51.39
C ASP O 171 -60.48 50.33 50.14
N ASP O 172 -59.64 50.11 49.13
CA ASP O 172 -60.13 49.56 47.88
C ASP O 172 -60.32 48.06 47.93
N PHE O 173 -59.78 47.37 48.93
CA PHE O 173 -59.78 45.91 48.95
C PHE O 173 -60.99 45.33 49.66
N MET O 174 -62.11 46.05 49.69
CA MET O 174 -63.31 45.54 50.33
C MET O 174 -63.77 44.25 49.65
N THR O 175 -64.01 43.23 50.45
CA THR O 175 -64.52 41.97 49.93
C THR O 175 -66.03 42.06 49.72
N GLN O 176 -66.55 41.10 48.95
CA GLN O 176 -67.99 41.06 48.74
C GLN O 176 -68.75 40.84 50.04
N GLU O 177 -68.10 40.25 51.04
CA GLU O 177 -68.71 40.10 52.36
C GLU O 177 -68.80 41.42 53.12
N GLY O 178 -68.20 42.49 52.58
CA GLY O 178 -68.25 43.78 53.21
C GLY O 178 -67.14 44.07 54.20
N THR O 179 -66.03 43.36 54.11
CA THR O 179 -64.91 43.54 55.02
C THR O 179 -63.63 43.78 54.23
N LEU O 180 -62.76 44.63 54.77
CA LEU O 180 -61.45 44.84 54.17
C LEU O 180 -60.55 43.63 54.39
N THR O 181 -59.54 43.52 53.54
CA THR O 181 -58.55 42.47 53.68
C THR O 181 -57.21 42.96 53.15
N SER O 182 -56.14 42.60 53.84
CA SER O 182 -54.81 43.00 53.42
C SER O 182 -54.26 42.16 52.29
N ASP O 183 -54.93 41.07 51.93
CA ASP O 183 -54.45 40.18 50.89
C ASP O 183 -55.18 40.47 49.60
N PRO O 184 -54.49 40.84 48.53
CA PRO O 184 -55.18 41.04 47.25
C PRO O 184 -55.97 39.82 46.79
N TYR O 185 -55.44 38.61 47.03
CA TYR O 185 -56.12 37.41 46.56
C TYR O 185 -57.42 37.15 47.30
N ASP O 186 -57.47 37.42 48.60
CA ASP O 186 -58.73 37.31 49.32
C ASP O 186 -59.79 38.19 48.68
N PHE O 187 -59.44 39.45 48.44
CA PHE O 187 -60.33 40.41 47.80
C PHE O 187 -60.80 39.91 46.43
N ALA O 188 -59.84 39.54 45.57
CA ALA O 188 -60.17 39.14 44.21
C ALA O 188 -61.04 37.90 44.20
N ASN O 189 -60.66 36.88 44.96
CA ASN O 189 -61.46 35.65 45.01
C ASN O 189 -62.83 35.93 45.62
N SER O 190 -62.93 36.90 46.53
CA SER O 190 -64.22 37.30 47.03
C SER O 190 -65.09 37.85 45.92
N TRP O 191 -64.48 38.45 44.89
CA TRP O 191 -65.24 38.98 43.77
C TRP O 191 -65.26 38.05 42.57
N ALA O 192 -65.20 36.74 42.78
CA ALA O 192 -65.35 35.80 41.68
C ALA O 192 -66.83 35.56 41.38
N LEU O 193 -67.12 35.20 40.13
CA LEU O 193 -68.48 34.92 39.69
C LEU O 193 -68.47 33.64 38.87
N SER O 194 -69.25 32.65 39.29
CA SER O 194 -69.33 31.38 38.61
C SER O 194 -70.55 31.34 37.70
N SER O 195 -70.58 30.34 36.83
CA SER O 195 -71.65 30.15 35.87
C SER O 195 -71.99 28.68 35.78
N GLY O 196 -72.91 28.36 34.89
CA GLY O 196 -73.36 26.99 34.72
C GLY O 196 -72.44 26.10 33.95
N GLU O 197 -71.33 26.64 33.45
CA GLU O 197 -70.32 25.83 32.79
C GLU O 197 -68.93 26.16 33.31
N GLN O 198 -68.82 26.96 34.36
CA GLN O 198 -67.51 27.32 34.92
C GLN O 198 -67.71 27.71 36.37
N TRP O 199 -67.28 26.84 37.29
CA TRP O 199 -67.36 27.13 38.71
C TRP O 199 -65.97 27.45 39.23
N CYS O 200 -65.86 28.55 39.97
CA CYS O 200 -64.57 29.18 40.21
C CYS O 200 -63.78 28.44 41.29
N GLU O 201 -62.53 28.15 40.99
CA GLU O 201 -61.59 27.64 41.98
C GLU O 201 -60.92 28.79 42.72
N ARG O 202 -60.51 28.53 43.95
CA ARG O 202 -59.78 29.50 44.76
C ARG O 202 -58.42 29.77 44.15
N ALA O 203 -58.23 30.97 43.62
CA ALA O 203 -56.94 31.34 43.04
C ALA O 203 -55.94 31.67 44.14
N SER O 204 -54.67 31.38 43.87
CA SER O 204 -53.61 31.61 44.83
C SER O 204 -52.38 32.13 44.08
N PRO O 205 -51.48 32.81 44.78
CA PRO O 205 -50.29 33.35 44.11
C PRO O 205 -49.46 32.25 43.48
N PRO O 206 -48.89 32.51 42.31
CA PRO O 206 -48.06 31.50 41.64
C PRO O 206 -46.64 31.49 42.20
N SER O 207 -45.93 30.42 41.90
CA SER O 207 -44.51 30.32 42.22
C SER O 207 -43.70 31.24 41.30
N SER O 208 -42.58 31.75 41.83
CA SER O 208 -41.82 32.75 41.11
C SER O 208 -40.35 32.71 41.53
N SER O 209 -39.52 33.32 40.69
CA SER O 209 -38.10 33.53 40.99
C SER O 209 -37.81 35.03 40.91
N CYS O 210 -37.02 35.51 41.87
CA CYS O 210 -36.74 36.95 41.96
C CYS O 210 -35.44 37.21 42.73
N MET O 217 -34.53 38.99 39.03
CA MET O 217 -33.88 40.30 39.13
C MET O 217 -32.61 40.35 38.30
N GLN O 218 -32.47 41.41 37.49
CA GLN O 218 -31.27 41.60 36.68
C GLN O 218 -31.07 43.09 36.49
N LYS O 219 -29.84 43.55 36.74
CA LYS O 219 -29.55 44.98 36.79
C LYS O 219 -29.84 45.67 35.45
N GLY O 220 -29.38 45.06 34.36
CA GLY O 220 -29.59 45.66 33.05
C GLY O 220 -31.06 45.85 32.74
N LEU O 221 -31.90 44.88 33.12
CA LEU O 221 -33.33 45.05 32.96
C LEU O 221 -33.88 46.05 33.95
N TRP O 222 -33.32 46.11 35.16
CA TRP O 222 -33.78 47.02 36.20
C TRP O 222 -33.62 48.48 35.79
N GLU O 223 -32.60 48.78 34.99
CA GLU O 223 -32.46 50.13 34.44
C GLU O 223 -33.72 50.57 33.70
N GLN O 224 -34.32 49.64 32.94
CA GLN O 224 -35.52 49.97 32.18
C GLN O 224 -36.64 50.42 33.10
N CYS O 225 -36.83 49.73 34.23
CA CYS O 225 -37.82 50.17 35.19
C CYS O 225 -37.44 51.52 35.78
N GLN O 226 -36.15 51.75 36.02
CA GLN O 226 -35.73 53.05 36.54
C GLN O 226 -35.96 54.17 35.54
N LEU O 227 -36.25 53.86 34.28
CA LEU O 227 -36.62 54.92 33.33
C LEU O 227 -37.75 55.79 33.88
N LEU O 228 -38.69 55.19 34.61
CA LEU O 228 -39.81 55.95 35.15
C LEU O 228 -39.36 57.12 36.01
N LYS O 229 -38.21 57.00 36.65
CA LYS O 229 -37.74 58.02 37.58
C LYS O 229 -36.70 58.94 36.98
N SER O 230 -35.88 58.46 36.05
CA SER O 230 -34.73 59.20 35.57
C SER O 230 -35.02 60.03 34.33
N THR O 231 -35.97 59.61 33.50
CA THR O 231 -36.17 60.23 32.21
C THR O 231 -36.98 61.52 32.35
N SER O 232 -36.64 62.51 31.54
CA SER O 232 -37.29 63.82 31.65
C SER O 232 -38.76 63.76 31.29
N VAL O 233 -39.13 63.00 30.26
CA VAL O 233 -40.51 62.99 29.80
C VAL O 233 -41.43 62.45 30.90
N PHE O 234 -41.01 61.36 31.57
CA PHE O 234 -41.80 60.84 32.67
C PHE O 234 -41.77 61.77 33.87
N ALA O 235 -40.67 62.50 34.05
CA ALA O 235 -40.55 63.41 35.18
C ALA O 235 -41.61 64.50 35.15
N ARG O 236 -42.22 64.75 34.00
CA ARG O 236 -43.30 65.73 33.93
C ARG O 236 -44.45 65.34 34.85
N CYS O 237 -44.67 64.03 35.02
CA CYS O 237 -45.86 63.53 35.67
C CYS O 237 -45.72 63.38 37.17
N HIS O 238 -44.51 63.51 37.71
CA HIS O 238 -44.31 63.27 39.14
C HIS O 238 -45.23 64.10 40.02
N PRO O 239 -45.47 65.38 39.75
CA PRO O 239 -46.42 66.13 40.59
C PRO O 239 -47.81 65.54 40.61
N LEU O 240 -48.20 64.80 39.57
CA LEU O 240 -49.54 64.22 39.48
C LEU O 240 -49.59 62.76 39.90
N VAL O 241 -48.62 61.95 39.49
CA VAL O 241 -48.64 60.51 39.76
C VAL O 241 -47.28 60.10 40.31
N ASP O 242 -47.28 59.52 41.49
CA ASP O 242 -46.04 59.05 42.09
C ASP O 242 -45.56 57.82 41.33
N PRO O 243 -44.32 57.81 40.85
CA PRO O 243 -43.86 56.66 40.05
C PRO O 243 -43.44 55.45 40.87
N GLU O 244 -43.27 55.60 42.18
CA GLU O 244 -42.69 54.51 42.98
C GLU O 244 -43.51 53.23 42.92
N PRO O 245 -44.83 53.24 43.08
CA PRO O 245 -45.58 51.98 42.94
C PRO O 245 -45.36 51.31 41.61
N PHE O 246 -45.32 52.10 40.53
CA PHE O 246 -45.09 51.54 39.22
C PHE O 246 -43.69 50.97 39.09
N VAL O 247 -42.72 51.61 39.76
CA VAL O 247 -41.35 51.10 39.73
C VAL O 247 -41.28 49.75 40.43
N ALA O 248 -41.93 49.62 41.58
CA ALA O 248 -41.93 48.34 42.29
C ALA O 248 -42.61 47.26 41.45
N LEU O 249 -43.75 47.59 40.86
CA LEU O 249 -44.44 46.64 40.00
C LEU O 249 -43.56 46.22 38.83
N CYS O 250 -42.84 47.19 38.25
CA CYS O 250 -41.94 46.90 37.15
C CYS O 250 -40.82 45.97 37.58
N GLU O 251 -40.26 46.19 38.77
CA GLU O 251 -39.20 45.33 39.27
C GLU O 251 -39.70 43.90 39.42
N LYS O 252 -40.88 43.72 40.02
CA LYS O 252 -41.35 42.36 40.23
C LYS O 252 -41.79 41.69 38.93
N THR O 253 -42.27 42.46 37.94
CA THR O 253 -42.55 41.83 36.65
C THR O 253 -41.26 41.47 35.91
N LEU O 254 -40.19 42.24 36.10
CA LEU O 254 -38.89 41.81 35.59
C LEU O 254 -38.45 40.51 36.24
N CYS O 255 -38.67 40.37 37.54
CA CYS O 255 -38.45 39.07 38.16
C CYS O 255 -39.29 37.99 37.50
N GLU O 256 -40.53 38.32 37.15
CA GLU O 256 -41.37 37.39 36.41
C GLU O 256 -41.02 37.31 34.93
N CYS O 257 -40.19 38.23 34.43
CA CYS O 257 -39.92 38.32 33.00
C CYS O 257 -39.39 37.01 32.43
N ALA O 258 -39.68 36.79 31.15
CA ALA O 258 -39.14 35.67 30.38
C ALA O 258 -38.64 36.16 29.02
N GLY O 259 -38.12 37.38 28.97
CA GLY O 259 -37.66 37.97 27.73
C GLY O 259 -36.64 39.06 27.97
N GLY O 260 -36.68 40.10 27.14
CA GLY O 260 -35.72 41.18 27.19
C GLY O 260 -36.28 42.42 27.87
N LEU O 261 -35.80 43.59 27.42
CA LEU O 261 -36.20 44.85 28.03
C LEU O 261 -37.69 45.11 27.91
N GLU O 262 -38.37 44.47 26.95
CA GLU O 262 -39.80 44.72 26.75
C GLU O 262 -40.63 44.36 27.96
N CYS O 263 -40.11 43.55 28.88
CA CYS O 263 -40.88 43.16 30.06
C CYS O 263 -41.22 44.35 30.94
N ALA O 264 -40.45 45.43 30.86
CA ALA O 264 -40.75 46.62 31.64
C ALA O 264 -41.83 47.47 31.00
N CYS O 265 -42.17 47.20 29.73
CA CYS O 265 -43.09 48.07 29.01
C CYS O 265 -44.48 48.18 29.62
N PRO O 266 -45.12 47.11 30.14
CA PRO O 266 -46.46 47.29 30.70
C PRO O 266 -46.52 48.35 31.77
N ALA O 267 -45.53 48.40 32.66
CA ALA O 267 -45.53 49.41 33.72
C ALA O 267 -45.42 50.81 33.14
N LEU O 268 -44.51 51.01 32.18
CA LEU O 268 -44.36 52.33 31.57
C LEU O 268 -45.63 52.76 30.87
N LEU O 269 -46.25 51.83 30.13
CA LEU O 269 -47.47 52.15 29.40
C LEU O 269 -48.59 52.51 30.37
N GLU O 270 -48.74 51.75 31.45
CA GLU O 270 -49.79 52.05 32.41
C GLU O 270 -49.52 53.37 33.12
N TYR O 271 -48.26 53.67 33.41
CA TYR O 271 -47.93 54.95 34.03
C TYR O 271 -48.27 56.10 33.10
N ALA O 272 -47.94 55.97 31.81
CA ALA O 272 -48.26 57.01 30.85
C ALA O 272 -49.77 57.19 30.74
N ARG O 273 -50.53 56.09 30.75
CA ARG O 273 -51.97 56.19 30.65
C ARG O 273 -52.58 56.80 31.90
N THR O 274 -52.03 56.48 33.07
CA THR O 274 -52.49 57.12 34.30
C THR O 274 -52.24 58.62 34.26
N CYS O 275 -51.06 59.02 33.77
CA CYS O 275 -50.75 60.44 33.64
C CYS O 275 -51.70 61.12 32.68
N ALA O 276 -51.98 60.47 31.55
CA ALA O 276 -52.94 61.02 30.60
C ALA O 276 -54.30 61.19 31.24
N GLN O 277 -54.72 60.23 32.06
CA GLN O 277 -55.97 60.37 32.79
C GLN O 277 -55.93 61.57 33.72
N GLU O 278 -54.81 61.78 34.40
CA GLU O 278 -54.71 62.91 35.32
C GLU O 278 -54.61 64.24 34.58
N GLY O 279 -54.12 64.25 33.34
CA GLY O 279 -54.12 65.46 32.55
C GLY O 279 -52.89 65.66 31.68
N MET O 280 -51.75 65.09 32.08
CA MET O 280 -50.51 65.28 31.35
C MET O 280 -50.30 64.11 30.40
N VAL O 281 -50.38 64.39 29.10
CA VAL O 281 -50.02 63.41 28.08
C VAL O 281 -48.52 63.47 27.86
N LEU O 282 -47.87 62.32 27.94
CA LEU O 282 -46.41 62.25 27.90
C LEU O 282 -45.92 61.98 26.49
N TYR O 283 -46.19 62.93 25.59
CA TYR O 283 -46.08 62.72 24.15
C TYR O 283 -44.85 61.93 23.71
N GLY O 284 -43.73 62.10 24.40
CA GLY O 284 -42.48 61.51 23.97
C GLY O 284 -42.04 60.24 24.65
N TRP O 285 -42.89 59.58 25.45
CA TRP O 285 -42.38 58.46 26.22
C TRP O 285 -42.05 57.27 25.33
N THR O 286 -42.72 57.14 24.19
CA THR O 286 -42.46 56.01 23.32
C THR O 286 -41.12 56.11 22.61
N ASP O 287 -40.59 57.33 22.44
CA ASP O 287 -39.31 57.49 21.76
C ASP O 287 -38.14 57.28 22.69
N HIS O 288 -38.21 57.83 23.92
CA HIS O 288 -37.10 57.67 24.86
C HIS O 288 -36.91 56.22 25.26
N SER O 289 -38.00 55.51 25.53
CA SER O 289 -37.93 54.11 25.93
C SER O 289 -37.80 53.21 24.71
N ALA O 290 -37.52 51.94 24.99
CA ALA O 290 -37.41 50.92 23.96
C ALA O 290 -38.75 50.28 23.62
N CYS O 291 -39.84 50.76 24.23
CA CYS O 291 -41.14 50.11 24.08
C CYS O 291 -41.86 50.59 22.82
N SER O 292 -42.77 49.76 22.36
CA SER O 292 -43.59 50.06 21.17
C SER O 292 -44.92 49.34 21.35
N PRO O 293 -45.95 50.02 21.83
CA PRO O 293 -47.24 49.36 22.02
C PRO O 293 -47.76 48.76 20.73
N VAL O 294 -48.38 47.59 20.84
CA VAL O 294 -48.80 46.85 19.65
C VAL O 294 -49.92 47.60 18.96
N CYS O 295 -49.86 47.65 17.63
CA CYS O 295 -50.90 48.23 16.81
C CYS O 295 -51.14 47.32 15.62
N PRO O 296 -52.32 47.37 15.01
CA PRO O 296 -52.58 46.54 13.85
C PRO O 296 -51.73 46.96 12.67
N ALA O 297 -51.64 46.06 11.70
CA ALA O 297 -50.71 46.24 10.59
C ALA O 297 -50.89 47.59 9.91
N GLY O 298 -49.78 48.31 9.76
CA GLY O 298 -49.76 49.57 9.05
C GLY O 298 -50.06 50.79 9.87
N MET O 299 -50.59 50.65 11.08
CA MET O 299 -50.94 51.78 11.91
C MET O 299 -49.83 52.07 12.91
N GLU O 300 -49.58 53.35 13.16
CA GLU O 300 -48.60 53.78 14.13
C GLU O 300 -49.26 54.02 15.48
N TYR O 301 -48.53 53.72 16.55
CA TYR O 301 -48.98 54.11 17.88
C TYR O 301 -48.69 55.58 18.12
N ARG O 302 -49.66 56.29 18.69
CA ARG O 302 -49.45 57.69 18.98
C ARG O 302 -50.28 58.09 20.18
N GLN O 303 -49.76 59.01 20.97
CA GLN O 303 -50.50 59.58 22.08
C GLN O 303 -51.46 60.64 21.56
N CYS O 304 -52.60 60.75 22.23
CA CYS O 304 -53.57 61.81 21.95
C CYS O 304 -54.11 61.72 20.53
N VAL O 305 -54.51 60.53 20.12
CA VAL O 305 -55.24 60.35 18.87
C VAL O 305 -56.67 60.82 19.08
N SER O 306 -57.15 61.64 18.16
CA SER O 306 -58.52 62.11 18.26
C SER O 306 -59.48 60.96 18.00
N PRO O 307 -60.50 60.76 18.84
CA PRO O 307 -61.42 59.64 18.60
C PRO O 307 -62.12 59.70 17.26
N CYS O 308 -62.35 60.90 16.74
CA CYS O 308 -62.99 61.09 15.44
C CYS O 308 -62.01 60.95 14.28
N ALA O 309 -61.28 59.85 14.22
CA ALA O 309 -60.31 59.64 13.15
C ALA O 309 -61.02 59.55 11.81
N ARG O 310 -60.37 60.05 10.77
CA ARG O 310 -60.99 60.25 9.46
C ARG O 310 -60.94 58.98 8.63
N THR O 311 -62.09 58.31 8.55
CA THR O 311 -62.36 57.36 7.48
C THR O 311 -62.80 58.12 6.24
N CYS O 312 -62.49 57.57 5.06
CA CYS O 312 -62.92 58.21 3.82
C CYS O 312 -64.43 58.43 3.80
N GLN O 313 -65.20 57.36 3.90
CA GLN O 313 -66.66 57.48 3.83
C GLN O 313 -67.19 58.03 5.15
N SER O 314 -66.80 59.28 5.43
CA SER O 314 -67.21 59.96 6.64
C SER O 314 -67.53 61.41 6.32
N LEU O 315 -68.59 61.92 6.91
CA LEU O 315 -68.96 63.31 6.71
C LEU O 315 -67.95 64.22 7.41
N HIS O 316 -67.64 65.34 6.77
CA HIS O 316 -66.65 66.26 7.30
C HIS O 316 -67.24 67.15 8.40
N ILE O 317 -67.86 66.55 9.40
CA ILE O 317 -68.47 67.29 10.50
C ILE O 317 -67.46 67.31 11.64
N ASN O 318 -66.63 68.36 11.65
CA ASN O 318 -65.62 68.50 12.70
C ASN O 318 -66.15 69.21 13.94
N GLU O 319 -67.25 69.94 13.82
CA GLU O 319 -67.81 70.66 14.96
C GLU O 319 -68.40 69.72 15.99
N MET O 320 -68.76 68.50 15.59
CA MET O 320 -69.34 67.55 16.53
C MET O 320 -68.29 67.01 17.50
N CYS O 321 -67.03 66.98 17.09
CA CYS O 321 -65.98 66.29 17.83
C CYS O 321 -65.43 67.20 18.92
N GLN O 322 -66.21 67.35 19.99
CA GLN O 322 -65.80 68.10 21.16
C GLN O 322 -65.11 67.23 22.20
N GLU O 323 -64.96 65.94 21.94
CA GLU O 323 -64.40 65.02 22.92
C GLU O 323 -62.90 65.23 23.05
N ARG O 324 -62.35 64.76 24.17
CA ARG O 324 -60.91 64.77 24.38
C ARG O 324 -60.25 63.66 23.56
N CYS O 325 -58.94 63.79 23.38
CA CYS O 325 -58.19 62.80 22.64
C CYS O 325 -57.84 61.61 23.53
N VAL O 326 -57.43 60.52 22.90
CA VAL O 326 -57.04 59.31 23.59
C VAL O 326 -55.76 58.77 22.96
N ASP O 327 -55.05 57.97 23.73
CA ASP O 327 -53.93 57.22 23.16
C ASP O 327 -54.45 56.06 22.32
N GLY O 328 -53.69 55.68 21.31
CA GLY O 328 -54.08 54.58 20.47
C GLY O 328 -53.31 54.60 19.16
N CYS O 329 -53.79 53.80 18.23
CA CYS O 329 -53.16 53.64 16.94
C CYS O 329 -53.78 54.57 15.92
N SER O 330 -52.98 54.96 14.93
CA SER O 330 -53.43 55.84 13.88
C SER O 330 -52.75 55.46 12.58
N CYS O 331 -53.43 55.72 11.47
CA CYS O 331 -52.78 55.54 10.18
C CYS O 331 -51.72 56.61 9.98
N PRO O 332 -50.66 56.30 9.25
CA PRO O 332 -49.61 57.30 9.01
C PRO O 332 -50.20 58.55 8.38
N GLU O 333 -49.50 59.66 8.59
CA GLU O 333 -49.99 60.95 8.14
C GLU O 333 -50.26 60.93 6.64
N GLY O 334 -51.40 61.50 6.24
CA GLY O 334 -51.81 61.52 4.86
C GLY O 334 -52.66 60.35 4.43
N GLN O 335 -52.67 59.27 5.19
CA GLN O 335 -53.50 58.11 4.88
C GLN O 335 -54.80 58.17 5.65
N LEU O 336 -55.78 57.39 5.18
CA LEU O 336 -57.11 57.35 5.76
C LEU O 336 -57.52 55.90 5.97
N LEU O 337 -58.47 55.71 6.89
CA LEU O 337 -58.99 54.38 7.17
C LEU O 337 -60.03 53.99 6.14
N ASP O 338 -60.08 52.69 5.85
CA ASP O 338 -61.08 52.14 4.94
C ASP O 338 -61.29 50.68 5.33
N GLU O 339 -62.40 50.40 6.02
CA GLU O 339 -62.68 49.06 6.53
C GLU O 339 -61.55 48.57 7.42
N GLY O 340 -60.99 49.47 8.22
CA GLY O 340 -59.93 49.15 9.15
C GLY O 340 -58.54 49.21 8.56
N LEU O 341 -58.40 49.17 7.25
CA LEU O 341 -57.10 49.29 6.61
C LEU O 341 -56.80 50.75 6.30
N CYS O 342 -55.51 51.06 6.21
CA CYS O 342 -55.06 52.41 5.89
C CYS O 342 -54.83 52.53 4.40
N VAL O 343 -55.40 53.58 3.80
CA VAL O 343 -55.30 53.81 2.37
C VAL O 343 -54.95 55.27 2.14
N GLU O 344 -54.40 55.54 0.96
CA GLU O 344 -54.12 56.92 0.56
C GLU O 344 -55.42 57.67 0.35
N SER O 345 -55.38 58.98 0.57
CA SER O 345 -56.58 59.79 0.45
C SER O 345 -57.18 59.69 -0.95
N THR O 346 -56.35 59.56 -1.98
CA THR O 346 -56.83 59.43 -3.35
C THR O 346 -57.13 58.00 -3.75
N GLU O 347 -56.64 57.02 -3.00
CA GLU O 347 -56.80 55.62 -3.33
C GLU O 347 -58.15 55.06 -2.93
N CYS O 348 -58.86 55.74 -2.11
CA CYS O 348 -59.89 55.06 -1.36
C CYS O 348 -61.27 55.19 -2.01
N PRO O 349 -62.09 54.14 -1.85
CA PRO O 349 -63.20 53.92 -2.78
C PRO O 349 -64.50 54.61 -2.39
N CYS O 350 -65.47 54.50 -3.30
CA CYS O 350 -66.86 54.88 -3.07
C CYS O 350 -67.64 53.67 -2.58
N VAL O 351 -68.77 53.95 -1.95
CA VAL O 351 -69.65 52.91 -1.43
C VAL O 351 -71.02 53.09 -2.06
N HIS O 352 -71.61 51.98 -2.51
CA HIS O 352 -72.98 51.98 -3.00
C HIS O 352 -73.57 50.59 -2.81
N SER O 353 -74.84 50.56 -2.38
CA SER O 353 -75.55 49.30 -2.18
C SER O 353 -74.82 48.39 -1.22
N GLY O 354 -74.06 48.96 -0.30
CA GLY O 354 -73.27 48.18 0.63
C GLY O 354 -71.98 47.64 0.04
N LYS O 355 -71.67 47.95 -1.20
CA LYS O 355 -70.47 47.50 -1.86
C LYS O 355 -69.51 48.67 -2.05
N ARG O 356 -68.22 48.37 -2.06
CA ARG O 356 -67.19 49.37 -2.31
C ARG O 356 -66.62 49.19 -3.71
N TYR O 357 -66.47 50.30 -4.43
CA TYR O 357 -65.95 50.28 -5.78
C TYR O 357 -64.74 51.20 -5.87
N PRO O 358 -63.68 50.78 -6.55
CA PRO O 358 -62.50 51.63 -6.69
C PRO O 358 -62.81 52.89 -7.46
N PRO O 359 -61.98 53.92 -7.34
CA PRO O 359 -62.20 55.14 -8.12
C PRO O 359 -62.15 54.88 -9.61
N GLY O 360 -62.93 55.65 -10.35
CA GLY O 360 -63.01 55.50 -11.78
C GLY O 360 -64.01 54.49 -12.27
N THR O 361 -64.56 53.66 -11.38
CA THR O 361 -65.57 52.70 -11.79
C THR O 361 -66.86 53.41 -12.17
N SER O 362 -67.60 52.79 -13.08
CA SER O 362 -68.85 53.34 -13.55
C SER O 362 -69.99 52.37 -13.27
N LEU O 363 -71.10 52.91 -12.78
CA LEU O 363 -72.30 52.13 -12.51
C LEU O 363 -73.45 52.73 -13.29
N SER O 364 -74.29 51.87 -13.85
CA SER O 364 -75.44 52.30 -14.62
C SER O 364 -76.70 52.29 -13.78
N ARG O 365 -77.58 53.25 -14.06
CA ARG O 365 -78.91 53.31 -13.44
C ARG O 365 -79.87 53.63 -14.59
N ASP O 366 -80.38 52.57 -15.22
CA ASP O 366 -81.04 52.68 -16.52
C ASP O 366 -80.13 53.38 -17.51
N CYS O 367 -80.61 54.47 -18.09
CA CYS O 367 -79.85 55.16 -19.12
C CYS O 367 -78.76 56.06 -18.55
N ASN O 368 -78.71 56.27 -17.25
CA ASN O 368 -77.70 57.09 -16.61
C ASN O 368 -76.51 56.26 -16.18
N THR O 369 -75.38 56.93 -15.98
CA THR O 369 -74.19 56.31 -15.42
C THR O 369 -73.66 57.19 -14.30
N CYS O 370 -73.04 56.54 -13.31
CA CYS O 370 -72.47 57.22 -12.16
C CYS O 370 -71.01 56.81 -12.03
N ILE O 371 -70.12 57.80 -11.92
CA ILE O 371 -68.68 57.58 -11.90
C ILE O 371 -68.18 57.85 -10.48
N CYS O 372 -67.40 56.92 -9.93
CA CYS O 372 -66.81 57.10 -8.62
C CYS O 372 -65.59 57.99 -8.73
N ARG O 373 -65.65 59.17 -8.11
CA ARG O 373 -64.52 60.09 -8.06
C ARG O 373 -64.42 60.62 -6.64
N ASN O 374 -63.22 60.63 -6.09
CA ASN O 374 -63.01 60.85 -4.66
C ASN O 374 -63.87 59.81 -3.94
N SER O 375 -64.64 60.18 -2.93
CA SER O 375 -65.58 59.26 -2.32
C SER O 375 -66.98 59.38 -2.91
N GLN O 376 -67.19 60.31 -3.84
CA GLN O 376 -68.50 60.63 -4.36
C GLN O 376 -68.75 59.94 -5.69
N TRP O 377 -70.00 59.96 -6.12
CA TRP O 377 -70.43 59.47 -7.41
C TRP O 377 -70.85 60.64 -8.28
N ILE O 378 -70.36 60.68 -9.50
CA ILE O 378 -70.76 61.70 -10.46
C ILE O 378 -71.76 61.04 -11.40
N CYS O 379 -73.02 61.46 -11.31
CA CYS O 379 -74.12 60.78 -11.98
C CYS O 379 -74.63 61.59 -13.16
N SER O 380 -75.31 60.89 -14.07
CA SER O 380 -75.54 61.42 -15.42
C SER O 380 -76.73 62.37 -15.54
N ASN O 381 -77.63 62.42 -14.56
CA ASN O 381 -78.68 63.45 -14.52
C ASN O 381 -79.40 63.64 -15.85
N GLU O 382 -79.91 62.54 -16.41
CA GLU O 382 -80.67 62.64 -17.66
C GLU O 382 -81.92 61.78 -17.54
N GLU O 383 -82.93 62.14 -18.34
CA GLU O 383 -84.20 61.42 -18.31
C GLU O 383 -84.06 60.11 -19.08
N CYS O 384 -84.60 59.05 -18.49
CA CYS O 384 -84.64 57.73 -19.09
C CYS O 384 -86.05 57.38 -19.52
N PRO O 385 -86.23 56.35 -20.34
CA PRO O 385 -87.58 56.00 -20.81
C PRO O 385 -88.51 55.70 -19.66
N GLY O 386 -89.76 56.16 -19.80
CA GLY O 386 -90.77 55.93 -18.79
C GLY O 386 -91.60 54.70 -19.09
N GLU O 387 -91.82 53.89 -18.05
CA GLU O 387 -92.57 52.65 -18.17
C GLU O 387 -93.77 52.70 -17.23
N CYS O 388 -94.95 52.85 -17.80
CA CYS O 388 -96.19 52.70 -17.05
C CYS O 388 -96.63 51.26 -17.11
N LEU O 389 -97.25 50.78 -16.05
CA LEU O 389 -97.54 49.36 -15.92
C LEU O 389 -98.89 49.14 -15.28
N VAL O 390 -99.68 48.25 -15.86
CA VAL O 390 -100.87 47.68 -15.24
C VAL O 390 -100.68 46.18 -15.21
N THR O 391 -100.66 45.60 -14.02
CA THR O 391 -100.09 44.25 -13.93
C THR O 391 -100.89 43.31 -13.06
N GLY O 392 -102.19 43.50 -12.92
CA GLY O 392 -102.92 42.54 -12.13
C GLY O 392 -104.32 43.00 -11.80
N GLN O 393 -104.72 42.85 -10.54
CA GLN O 393 -106.03 43.30 -10.10
C GLN O 393 -106.01 44.82 -9.91
N SER O 394 -105.76 45.51 -11.03
CA SER O 394 -105.77 46.97 -11.08
C SER O 394 -104.62 47.58 -10.30
N HIS O 395 -103.48 46.92 -10.29
CA HIS O 395 -102.25 47.53 -9.79
C HIS O 395 -101.59 48.34 -10.88
N PHE O 396 -101.14 49.54 -10.53
CA PHE O 396 -100.60 50.48 -11.48
C PHE O 396 -99.21 50.92 -11.06
N LYS O 397 -98.42 51.32 -12.04
CA LYS O 397 -97.21 52.09 -11.81
C LYS O 397 -97.21 53.25 -12.79
N SER O 398 -97.16 54.46 -12.27
CA SER O 398 -97.09 55.62 -13.14
C SER O 398 -95.73 55.68 -13.82
N PHE O 399 -95.62 56.56 -14.81
CA PHE O 399 -94.34 56.74 -15.47
C PHE O 399 -93.26 57.22 -14.51
N ASP O 400 -93.65 57.83 -13.39
CA ASP O 400 -92.73 58.31 -12.37
C ASP O 400 -92.63 57.35 -11.19
N ASN O 401 -93.02 56.10 -11.37
CA ASN O 401 -92.86 55.05 -10.38
C ASN O 401 -93.75 55.25 -9.16
N ARG O 402 -94.92 55.84 -9.33
CA ARG O 402 -95.91 55.88 -8.26
C ARG O 402 -96.78 54.65 -8.36
N TYR O 403 -96.61 53.73 -7.44
CA TYR O 403 -97.43 52.53 -7.38
C TYR O 403 -98.75 52.85 -6.71
N PHE O 404 -99.84 52.30 -7.25
CA PHE O 404 -101.15 52.45 -6.64
C PHE O 404 -102.07 51.40 -7.21
N THR O 405 -103.17 51.17 -6.50
CA THR O 405 -104.22 50.26 -6.92
C THR O 405 -105.53 51.03 -6.93
N PHE O 406 -106.34 50.82 -7.96
CA PHE O 406 -107.52 51.66 -8.10
C PHE O 406 -108.82 50.87 -8.20
N SER O 407 -108.85 49.76 -8.93
CA SER O 407 -109.99 48.83 -8.94
C SER O 407 -111.29 49.46 -9.43
N GLY O 408 -111.21 50.48 -10.28
CA GLY O 408 -112.43 51.03 -10.86
C GLY O 408 -112.91 50.22 -12.05
N ILE O 409 -114.21 50.24 -12.28
CA ILE O 409 -114.82 49.48 -13.38
C ILE O 409 -115.37 50.46 -14.40
N CYS O 410 -114.56 50.83 -15.38
CA CYS O 410 -114.96 51.68 -16.51
C CYS O 410 -113.84 51.65 -17.53
N GLN O 411 -113.99 52.45 -18.58
CA GLN O 411 -112.91 52.73 -19.50
C GLN O 411 -112.18 53.99 -19.03
N TYR O 412 -110.90 53.86 -18.72
CA TYR O 412 -110.12 54.92 -18.12
C TYR O 412 -108.98 55.31 -19.05
N LEU O 413 -108.67 56.59 -19.11
CA LEU O 413 -107.59 57.09 -19.94
C LEU O 413 -106.27 56.76 -19.27
N LEU O 414 -105.61 55.72 -19.76
CA LEU O 414 -104.39 55.24 -19.13
C LEU O 414 -103.22 56.20 -19.39
N ALA O 415 -102.99 56.55 -20.65
CA ALA O 415 -101.91 57.46 -20.99
C ALA O 415 -102.23 58.13 -22.31
N ARG O 416 -102.01 59.44 -22.37
CA ARG O 416 -102.28 60.20 -23.58
C ARG O 416 -101.28 61.34 -23.67
N ASP O 417 -100.97 61.75 -24.89
CA ASP O 417 -100.13 62.91 -25.13
C ASP O 417 -101.04 64.12 -25.23
N CYS O 418 -101.36 64.72 -24.08
CA CYS O 418 -102.25 65.87 -24.09
C CYS O 418 -101.65 67.09 -24.74
N GLN O 419 -100.35 67.08 -25.04
CA GLN O 419 -99.71 68.24 -25.65
C GLN O 419 -99.82 68.24 -27.17
N ASP O 420 -99.49 67.11 -27.81
CA ASP O 420 -99.52 67.00 -29.26
C ASP O 420 -100.49 65.95 -29.78
N HIS O 421 -101.13 65.19 -28.91
CA HIS O 421 -102.09 64.15 -29.29
C HIS O 421 -101.47 63.13 -30.24
N SER O 422 -100.20 62.79 -30.00
CA SER O 422 -99.53 61.78 -30.80
C SER O 422 -100.19 60.41 -30.67
N PHE O 423 -100.75 60.12 -29.50
CA PHE O 423 -101.35 58.82 -29.20
C PHE O 423 -102.33 58.98 -28.05
N SER O 424 -103.10 57.92 -27.81
CA SER O 424 -104.08 57.92 -26.72
C SER O 424 -104.41 56.49 -26.37
N ILE O 425 -104.10 56.07 -25.15
CA ILE O 425 -104.27 54.69 -24.70
C ILE O 425 -105.39 54.64 -23.66
N VAL O 426 -106.35 53.74 -23.87
CA VAL O 426 -107.49 53.58 -22.97
C VAL O 426 -107.59 52.11 -22.57
N ILE O 427 -107.91 51.86 -21.30
CA ILE O 427 -108.04 50.50 -20.79
C ILE O 427 -109.47 50.27 -20.34
N GLU O 428 -109.99 49.08 -20.63
CA GLU O 428 -111.32 48.68 -20.20
C GLU O 428 -111.18 47.71 -19.04
N THR O 429 -111.67 48.11 -17.87
CA THR O 429 -111.55 47.32 -16.66
C THR O 429 -112.89 46.66 -16.33
N VAL O 430 -112.82 45.40 -15.92
CA VAL O 430 -113.98 44.64 -15.51
C VAL O 430 -113.64 43.93 -14.20
N GLN O 431 -114.67 43.60 -13.44
CA GLN O 431 -114.47 42.71 -12.31
C GLN O 431 -114.01 41.36 -12.83
N CYS O 432 -112.93 40.84 -12.27
CA CYS O 432 -112.29 39.65 -12.81
C CYS O 432 -112.46 38.44 -11.91
N ALA O 433 -113.35 38.51 -10.93
CA ALA O 433 -113.68 37.38 -10.06
C ALA O 433 -114.93 37.75 -9.29
N ASP O 434 -115.32 36.86 -8.37
CA ASP O 434 -116.50 37.12 -7.55
C ASP O 434 -116.27 38.28 -6.60
N ASP O 435 -115.06 38.43 -6.08
CA ASP O 435 -114.78 39.45 -5.09
C ASP O 435 -114.93 40.84 -5.67
N ARG O 436 -115.44 41.77 -4.86
CA ARG O 436 -115.50 43.16 -5.28
C ARG O 436 -114.11 43.74 -5.51
N ASP O 437 -113.09 43.19 -4.87
CA ASP O 437 -111.73 43.71 -4.99
C ASP O 437 -111.01 43.23 -6.22
N ALA O 438 -111.55 42.24 -6.94
CA ALA O 438 -110.89 41.67 -8.11
C ALA O 438 -111.38 42.40 -9.36
N VAL O 439 -110.66 43.43 -9.76
CA VAL O 439 -110.92 44.18 -10.97
C VAL O 439 -109.64 44.23 -11.77
N CYS O 440 -109.68 43.77 -13.02
CA CYS O 440 -108.50 43.77 -13.86
C CYS O 440 -108.88 44.18 -15.27
N THR O 441 -107.87 44.62 -16.02
CA THR O 441 -108.10 45.14 -17.37
C THR O 441 -108.46 44.03 -18.34
N ARG O 442 -109.53 44.22 -19.08
CA ARG O 442 -109.95 43.22 -20.07
C ARG O 442 -109.34 43.48 -21.44
N SER O 443 -109.40 44.72 -21.91
CA SER O 443 -108.91 45.06 -23.24
C SER O 443 -108.29 46.44 -23.21
N VAL O 444 -107.45 46.71 -24.21
CA VAL O 444 -106.75 47.98 -24.35
C VAL O 444 -107.09 48.58 -25.70
N THR O 445 -107.21 49.89 -25.75
CA THR O 445 -107.53 50.61 -26.96
C THR O 445 -106.52 51.73 -27.17
N VAL O 446 -106.02 51.87 -28.40
CA VAL O 446 -104.97 52.83 -28.73
C VAL O 446 -105.39 53.61 -29.95
N ARG O 447 -105.50 54.93 -29.82
CA ARG O 447 -105.70 55.80 -30.97
C ARG O 447 -104.37 56.36 -31.44
N LEU O 448 -104.21 56.43 -32.75
CA LEU O 448 -102.98 56.91 -33.38
C LEU O 448 -103.38 57.96 -34.41
N PRO O 449 -103.68 59.19 -33.98
CA PRO O 449 -104.20 60.19 -34.93
C PRO O 449 -103.32 60.41 -36.14
N GLY O 450 -102.00 60.34 -35.98
CA GLY O 450 -101.11 60.54 -37.11
C GLY O 450 -101.19 59.44 -38.15
N LEU O 451 -101.63 58.26 -37.74
CA LEU O 451 -101.86 57.13 -38.65
C LEU O 451 -103.32 57.09 -39.07
N HIS O 452 -103.75 58.19 -39.70
CA HIS O 452 -105.11 58.38 -40.22
C HIS O 452 -106.20 58.04 -39.20
N ASN O 453 -105.94 58.38 -37.93
CA ASN O 453 -106.83 58.12 -36.80
C ASN O 453 -107.15 56.63 -36.61
N SER O 454 -106.14 55.79 -36.83
CA SER O 454 -106.28 54.36 -36.57
C SER O 454 -106.64 54.08 -35.12
N LEU O 455 -107.52 53.09 -34.91
CA LEU O 455 -107.99 52.67 -33.59
C LEU O 455 -107.66 51.19 -33.36
N VAL O 456 -106.48 50.91 -32.83
CA VAL O 456 -106.11 49.54 -32.49
C VAL O 456 -106.77 49.15 -31.18
N LYS O 457 -107.28 47.92 -31.11
CA LYS O 457 -107.80 47.35 -29.88
C LYS O 457 -107.06 46.06 -29.56
N LEU O 458 -106.35 46.04 -28.44
CA LEU O 458 -105.71 44.82 -27.96
C LEU O 458 -106.69 44.09 -27.05
N LYS O 459 -107.07 42.89 -27.45
CA LYS O 459 -108.17 42.15 -26.84
C LYS O 459 -107.66 41.12 -25.85
N HIS O 460 -108.59 40.64 -25.02
CA HIS O 460 -108.29 39.53 -24.12
C HIS O 460 -107.92 38.29 -24.93
N GLY O 461 -106.96 37.52 -24.43
CA GLY O 461 -106.42 36.43 -25.20
C GLY O 461 -105.33 36.81 -26.17
N ALA O 462 -104.90 38.07 -26.18
CA ALA O 462 -103.80 38.57 -26.98
C ALA O 462 -104.15 38.73 -28.45
N GLY O 463 -105.42 38.80 -28.77
CA GLY O 463 -105.82 39.16 -30.12
C GLY O 463 -105.74 40.66 -30.34
N VAL O 464 -105.76 41.06 -31.60
CA VAL O 464 -105.70 42.46 -31.97
C VAL O 464 -106.76 42.73 -33.03
N ALA O 465 -107.41 43.88 -32.93
CA ALA O 465 -108.26 44.39 -34.00
C ALA O 465 -107.80 45.79 -34.37
N MET O 466 -108.06 46.18 -35.61
CA MET O 466 -107.74 47.52 -36.07
C MET O 466 -108.92 48.07 -36.84
N ASP O 467 -109.42 49.23 -36.40
CA ASP O 467 -110.66 49.81 -36.92
C ASP O 467 -111.79 48.79 -36.99
N GLY O 468 -111.82 47.90 -36.00
CA GLY O 468 -112.81 46.85 -35.90
C GLY O 468 -112.52 45.60 -36.71
N GLN O 469 -111.58 45.65 -37.64
CA GLN O 469 -111.15 44.48 -38.37
C GLN O 469 -110.19 43.67 -37.51
N ASP O 470 -110.51 42.41 -37.24
CA ASP O 470 -109.52 41.54 -36.63
C ASP O 470 -108.37 41.30 -37.59
N VAL O 471 -107.15 41.45 -37.11
CA VAL O 471 -105.97 41.47 -37.96
C VAL O 471 -105.02 40.36 -37.56
N GLN O 472 -104.24 39.92 -38.54
CA GLN O 472 -103.33 38.78 -38.42
C GLN O 472 -101.91 39.33 -38.31
N LEU O 473 -101.13 38.77 -37.37
CA LEU O 473 -99.86 39.33 -36.96
C LEU O 473 -98.69 38.51 -37.49
N PRO O 474 -97.52 39.13 -37.72
CA PRO O 474 -97.17 40.53 -37.52
C PRO O 474 -97.79 41.50 -38.49
N LEU O 475 -98.06 42.71 -38.02
CA LEU O 475 -98.62 43.79 -38.82
C LEU O 475 -97.60 44.90 -38.95
N LEU O 476 -97.22 45.23 -40.18
CA LEU O 476 -96.38 46.38 -40.48
C LEU O 476 -97.21 47.36 -41.30
N LYS O 477 -97.39 48.57 -40.78
CA LYS O 477 -98.28 49.53 -41.43
C LYS O 477 -97.78 50.94 -41.11
N GLY O 478 -96.92 51.46 -41.96
CA GLY O 478 -96.28 52.72 -41.68
C GLY O 478 -95.37 52.61 -40.48
N ASP O 479 -95.47 53.60 -39.59
CA ASP O 479 -94.72 53.57 -38.33
C ASP O 479 -95.22 52.51 -37.36
N LEU O 480 -96.47 52.08 -37.48
CA LEU O 480 -97.04 51.09 -36.58
C LEU O 480 -96.53 49.69 -36.88
N ARG O 481 -96.09 48.99 -35.84
CA ARG O 481 -95.62 47.62 -35.92
C ARG O 481 -96.22 46.84 -34.76
N ILE O 482 -96.78 45.67 -35.04
CA ILE O 482 -97.37 44.82 -34.02
C ILE O 482 -96.92 43.39 -34.27
N GLN O 483 -96.47 42.70 -33.22
CA GLN O 483 -95.97 41.35 -33.41
C GLN O 483 -96.02 40.59 -32.09
N HIS O 484 -96.09 39.27 -32.20
CA HIS O 484 -96.09 38.40 -31.04
C HIS O 484 -94.69 38.30 -30.44
N THR O 485 -94.60 38.49 -29.12
CA THR O 485 -93.37 38.25 -28.39
C THR O 485 -93.19 36.74 -28.18
N VAL O 486 -91.98 36.34 -27.79
CA VAL O 486 -91.71 34.94 -27.47
C VAL O 486 -92.65 34.45 -26.38
N THR O 487 -93.07 35.32 -25.48
CA THR O 487 -94.03 34.99 -24.43
C THR O 487 -95.46 34.88 -24.92
N ALA O 488 -95.70 35.00 -26.23
CA ALA O 488 -97.01 35.08 -26.87
C ALA O 488 -97.69 36.42 -26.59
N SER O 489 -97.03 37.33 -25.90
CA SER O 489 -97.59 38.65 -25.66
C SER O 489 -97.47 39.52 -26.90
N VAL O 490 -98.51 40.29 -27.17
CA VAL O 490 -98.51 41.20 -28.31
C VAL O 490 -97.68 42.43 -27.96
N ARG O 491 -96.68 42.73 -28.79
CA ARG O 491 -95.85 43.91 -28.66
C ARG O 491 -96.18 44.89 -29.77
N LEU O 492 -96.57 46.10 -29.39
CA LEU O 492 -96.90 47.16 -30.33
C LEU O 492 -95.83 48.24 -30.25
N SER O 493 -95.48 48.79 -31.41
CA SER O 493 -94.53 49.88 -31.51
C SER O 493 -95.05 50.91 -32.49
N TYR O 494 -94.82 52.18 -32.22
CA TYR O 494 -95.27 53.24 -33.12
C TYR O 494 -94.18 54.31 -33.18
N GLY O 495 -93.42 54.30 -34.26
CA GLY O 495 -92.16 54.99 -34.31
C GLY O 495 -91.13 54.37 -33.40
N GLU O 496 -90.26 55.22 -32.85
CA GLU O 496 -89.34 54.85 -31.79
C GLU O 496 -89.86 55.19 -30.40
N ASP O 497 -90.72 56.20 -30.31
CA ASP O 497 -91.04 56.87 -29.06
C ASP O 497 -92.17 56.23 -28.25
N LEU O 498 -92.95 55.33 -28.83
CA LEU O 498 -94.01 54.63 -28.10
C LEU O 498 -93.90 53.14 -28.30
N GLN O 499 -94.05 52.39 -27.22
CA GLN O 499 -94.11 50.94 -27.29
C GLN O 499 -95.04 50.43 -26.21
N MET O 500 -95.66 49.28 -26.48
CA MET O 500 -96.58 48.63 -25.56
C MET O 500 -96.36 47.13 -25.61
N ASP O 501 -96.70 46.45 -24.53
CA ASP O 501 -96.54 45.01 -24.47
C ASP O 501 -97.71 44.43 -23.68
N TRP O 502 -98.57 43.68 -24.36
CA TRP O 502 -99.87 43.25 -23.84
C TRP O 502 -99.88 41.73 -23.78
N ASP O 503 -100.04 41.17 -22.58
CA ASP O 503 -100.00 39.73 -22.43
C ASP O 503 -101.33 39.06 -22.68
N GLY O 504 -102.42 39.81 -22.77
CA GLY O 504 -103.72 39.24 -23.02
C GLY O 504 -104.48 38.79 -21.80
N ARG O 505 -103.81 38.63 -20.66
CA ARG O 505 -104.48 38.24 -19.44
C ARG O 505 -104.80 39.42 -18.54
N GLY O 506 -104.20 40.58 -18.81
CA GLY O 506 -104.48 41.76 -18.02
C GLY O 506 -103.27 42.61 -17.72
N ARG O 507 -102.09 42.14 -18.09
CA ARG O 507 -100.86 42.90 -17.87
C ARG O 507 -100.54 43.74 -19.09
N LEU O 508 -100.33 45.03 -18.88
CA LEU O 508 -99.96 45.96 -19.94
C LEU O 508 -98.78 46.79 -19.48
N LEU O 509 -97.73 46.85 -20.28
CA LEU O 509 -96.57 47.67 -20.03
C LEU O 509 -96.40 48.66 -21.17
N VAL O 510 -96.44 49.95 -20.86
CA VAL O 510 -96.28 51.02 -21.84
C VAL O 510 -94.94 51.70 -21.62
N LYS O 511 -94.10 51.71 -22.66
CA LYS O 511 -92.79 52.34 -22.59
C LYS O 511 -92.75 53.55 -23.52
N LEU O 512 -92.52 54.72 -22.95
CA LEU O 512 -92.33 55.95 -23.71
C LEU O 512 -90.88 56.39 -23.66
N SER O 513 -90.35 56.83 -24.81
CA SER O 513 -89.04 57.46 -24.84
C SER O 513 -89.10 58.83 -24.18
N PRO O 514 -87.95 59.42 -23.86
CA PRO O 514 -87.93 60.75 -23.23
C PRO O 514 -88.61 61.84 -24.03
N VAL O 515 -88.91 61.61 -25.31
CA VAL O 515 -89.57 62.62 -26.14
C VAL O 515 -90.91 63.04 -25.56
N TYR O 516 -91.59 62.14 -24.85
CA TYR O 516 -92.89 62.44 -24.26
C TYR O 516 -92.84 62.92 -22.82
N ALA O 517 -91.65 63.12 -22.25
CA ALA O 517 -91.56 63.57 -20.87
C ALA O 517 -92.29 64.89 -20.69
N GLY O 518 -93.13 64.95 -19.66
CA GLY O 518 -93.92 66.12 -19.38
C GLY O 518 -95.13 66.30 -20.26
N LYS O 519 -95.18 65.66 -21.41
CA LYS O 519 -96.29 65.80 -22.35
C LYS O 519 -97.46 64.87 -22.04
N THR O 520 -97.28 63.91 -21.13
CA THR O 520 -98.22 62.81 -20.95
C THR O 520 -99.30 63.21 -19.95
N CYS O 521 -100.39 62.45 -19.96
CA CYS O 521 -101.55 62.70 -19.12
C CYS O 521 -102.34 61.41 -19.02
N GLY O 522 -103.12 61.28 -17.95
CA GLY O 522 -103.89 60.09 -17.68
C GLY O 522 -103.48 59.43 -16.38
N LEU O 523 -103.99 58.21 -16.18
CA LEU O 523 -103.67 57.47 -14.97
C LEU O 523 -102.18 57.27 -14.79
N CYS O 524 -101.44 57.15 -15.89
CA CYS O 524 -100.00 56.94 -15.80
C CYS O 524 -99.24 58.18 -15.37
N GLY O 525 -99.90 59.32 -15.22
CA GLY O 525 -99.24 60.52 -14.78
C GLY O 525 -98.65 61.31 -15.92
N ASN O 526 -98.02 62.42 -15.55
CA ASN O 526 -97.46 63.36 -16.53
C ASN O 526 -96.02 63.06 -16.93
N TYR O 527 -95.42 62.00 -16.42
CA TYR O 527 -94.10 61.55 -16.84
C TYR O 527 -93.09 62.69 -16.78
N ASN O 528 -92.86 63.18 -15.56
CA ASN O 528 -91.91 64.27 -15.33
C ASN O 528 -90.95 63.97 -14.19
N GLY O 529 -90.74 62.71 -13.87
CA GLY O 529 -89.75 62.34 -12.86
C GLY O 529 -90.14 62.64 -11.43
N ASN O 530 -91.43 62.90 -11.18
CA ASN O 530 -91.89 63.26 -9.84
C ASN O 530 -93.12 62.44 -9.50
N GLN O 531 -93.06 61.73 -8.37
CA GLN O 531 -94.23 61.00 -7.89
C GLN O 531 -95.29 61.92 -7.33
N GLY O 532 -94.89 63.11 -6.86
CA GLY O 532 -95.78 63.94 -6.08
C GLY O 532 -97.04 64.37 -6.81
N ASP O 533 -96.94 64.62 -8.12
CA ASP O 533 -98.05 65.17 -8.88
C ASP O 533 -98.71 64.13 -9.79
N ASP O 534 -98.47 62.85 -9.56
CA ASP O 534 -99.04 61.85 -10.45
C ASP O 534 -100.54 61.67 -10.24
N PHE O 535 -101.09 62.09 -9.11
CA PHE O 535 -102.53 62.10 -8.93
C PHE O 535 -103.17 63.36 -9.47
N LEU O 536 -102.52 64.05 -10.39
CA LEU O 536 -103.16 65.16 -11.09
C LEU O 536 -104.40 64.68 -11.83
N THR O 537 -105.31 65.60 -12.07
CA THR O 537 -106.58 65.33 -12.72
C THR O 537 -106.83 66.40 -13.78
N PRO O 538 -107.70 66.13 -14.75
CA PRO O 538 -107.98 67.15 -15.76
C PRO O 538 -108.46 68.46 -15.18
N SER O 539 -108.93 68.48 -13.93
CA SER O 539 -109.27 69.72 -13.26
C SER O 539 -108.06 70.59 -12.98
N GLY O 540 -106.85 70.04 -13.10
CA GLY O 540 -105.65 70.78 -12.84
C GLY O 540 -105.10 70.67 -11.43
N LEU O 541 -105.81 70.01 -10.53
CA LEU O 541 -105.36 69.83 -9.15
C LEU O 541 -105.09 68.37 -8.87
N ALA O 542 -104.23 68.13 -7.89
CA ALA O 542 -103.84 66.78 -7.51
C ALA O 542 -104.76 66.27 -6.41
N GLU O 543 -105.43 65.17 -6.67
CA GLU O 543 -106.32 64.57 -5.68
C GLU O 543 -105.51 63.80 -4.65
N PRO O 544 -105.72 64.04 -3.35
CA PRO O 544 -104.99 63.27 -2.34
C PRO O 544 -105.44 61.82 -2.25
N ARG O 545 -106.57 61.47 -2.82
CA ARG O 545 -107.14 60.13 -2.74
C ARG O 545 -107.07 59.45 -4.09
N VAL O 546 -106.66 58.18 -4.09
CA VAL O 546 -106.58 57.44 -5.36
C VAL O 546 -107.95 57.30 -5.99
N GLU O 547 -108.99 57.15 -5.17
CA GLU O 547 -110.33 56.95 -5.70
C GLU O 547 -110.79 58.14 -6.54
N ASP O 548 -110.69 59.35 -5.98
CA ASP O 548 -111.09 60.53 -6.73
C ASP O 548 -110.22 60.73 -7.97
N PHE O 549 -108.91 60.54 -7.82
CA PHE O 549 -108.00 60.67 -8.95
C PHE O 549 -108.42 59.75 -10.10
N GLY O 550 -108.63 58.47 -9.81
CA GLY O 550 -109.03 57.56 -10.86
C GLY O 550 -110.39 57.85 -11.43
N ASN O 551 -111.33 58.25 -10.58
CA ASN O 551 -112.66 58.60 -11.08
C ASN O 551 -112.61 59.79 -12.01
N ALA O 552 -111.63 60.67 -11.84
CA ALA O 552 -111.51 61.83 -12.71
C ALA O 552 -111.16 61.46 -14.14
N TRP O 553 -110.55 60.31 -14.36
CA TRP O 553 -110.11 59.88 -15.69
C TRP O 553 -111.04 58.88 -16.34
N LYS O 554 -112.21 58.64 -15.78
CA LYS O 554 -113.15 57.70 -16.39
C LYS O 554 -113.86 58.36 -17.56
N LEU O 555 -114.03 57.59 -18.63
CA LEU O 555 -114.52 58.14 -19.89
C LEU O 555 -116.04 58.26 -19.94
N HIS O 556 -116.75 57.39 -19.24
CA HIS O 556 -118.20 57.26 -19.39
C HIS O 556 -118.89 57.71 -18.10
N GLY O 557 -119.88 58.58 -18.24
CA GLY O 557 -120.49 59.17 -17.06
C GLY O 557 -121.36 58.22 -16.27
N ASP O 558 -121.89 57.19 -16.91
CA ASP O 558 -122.74 56.24 -16.22
C ASP O 558 -121.97 55.23 -15.38
N CYS O 559 -120.65 55.22 -15.48
CA CYS O 559 -119.85 54.32 -14.68
C CYS O 559 -119.94 54.67 -13.21
N GLN O 560 -119.81 53.66 -12.35
CA GLN O 560 -119.81 53.89 -10.92
C GLN O 560 -118.56 54.63 -10.48
N ASP O 561 -118.76 55.71 -9.72
CA ASP O 561 -117.63 56.40 -9.10
C ASP O 561 -117.15 55.58 -7.91
N LEU O 562 -115.88 55.20 -7.92
CA LEU O 562 -115.36 54.34 -6.86
C LEU O 562 -115.38 55.09 -5.54
N GLN O 563 -116.06 54.53 -4.54
CA GLN O 563 -116.22 55.21 -3.27
C GLN O 563 -115.01 54.98 -2.36
N LYS O 564 -114.61 53.72 -2.17
CA LYS O 564 -113.45 53.42 -1.36
C LYS O 564 -112.66 52.30 -2.01
N GLN O 565 -111.34 52.45 -2.00
CA GLN O 565 -110.43 51.43 -2.52
C GLN O 565 -110.01 50.56 -1.34
N HIS O 566 -110.73 49.46 -1.13
CA HIS O 566 -110.46 48.59 0.00
C HIS O 566 -109.18 47.82 -0.22
N SER O 567 -108.19 48.04 0.65
CA SER O 567 -107.01 47.19 0.66
C SER O 567 -107.32 45.90 1.43
N ASP O 568 -106.39 44.96 1.35
CA ASP O 568 -106.49 43.70 2.07
C ASP O 568 -107.80 42.99 1.76
N PRO O 569 -107.96 42.44 0.54
CA PRO O 569 -109.15 41.63 0.25
C PRO O 569 -109.20 40.34 1.04
N CYS O 570 -108.12 39.97 1.72
CA CYS O 570 -108.09 38.73 2.48
C CYS O 570 -109.17 38.70 3.57
N ALA O 571 -109.65 39.85 4.00
CA ALA O 571 -110.69 39.89 5.02
C ALA O 571 -111.95 39.21 4.52
N LEU O 572 -112.27 39.37 3.24
CA LEU O 572 -113.48 38.77 2.69
C LEU O 572 -113.33 37.27 2.49
N ASN O 573 -112.11 36.79 2.29
CA ASN O 573 -111.84 35.35 2.16
C ASN O 573 -110.73 34.99 3.12
N PRO O 574 -111.05 34.80 4.40
CA PRO O 574 -110.01 34.47 5.38
C PRO O 574 -109.28 33.19 5.07
N ARG O 575 -109.90 32.26 4.36
CA ARG O 575 -109.23 30.99 4.07
C ARG O 575 -107.92 31.19 3.33
N MET O 576 -107.81 32.24 2.53
CA MET O 576 -106.66 32.45 1.66
C MET O 576 -105.56 33.25 2.33
N THR O 577 -105.76 33.74 3.55
CA THR O 577 -104.76 34.63 4.16
C THR O 577 -103.45 33.91 4.44
N ARG O 578 -103.52 32.69 4.96
CA ARG O 578 -102.30 31.93 5.26
C ARG O 578 -101.49 31.68 3.99
N PHE O 579 -102.17 31.21 2.94
CA PHE O 579 -101.49 30.98 1.68
C PHE O 579 -100.92 32.26 1.12
N SER O 580 -101.68 33.35 1.18
CA SER O 580 -101.19 34.62 0.66
C SER O 580 -99.89 35.00 1.34
N GLU O 581 -99.88 35.01 2.66
CA GLU O 581 -98.66 35.38 3.38
C GLU O 581 -97.51 34.44 3.01
N GLU O 582 -97.73 33.14 3.20
CA GLU O 582 -96.63 32.18 3.08
C GLU O 582 -96.13 32.01 1.66
N ALA O 583 -96.93 32.37 0.66
CA ALA O 583 -96.51 32.24 -0.72
C ALA O 583 -95.88 33.52 -1.23
N CYS O 584 -96.54 34.66 -1.02
CA CYS O 584 -95.98 35.90 -1.49
C CYS O 584 -94.77 36.33 -0.68
N ALA O 585 -94.49 35.68 0.46
CA ALA O 585 -93.28 36.01 1.19
C ALA O 585 -92.01 35.68 0.41
N VAL O 586 -92.11 34.86 -0.65
CA VAL O 586 -90.91 34.49 -1.40
C VAL O 586 -90.26 35.70 -2.03
N LEU O 587 -91.03 36.76 -2.29
CA LEU O 587 -90.44 37.97 -2.88
C LEU O 587 -89.35 38.55 -2.00
N THR O 588 -89.37 38.30 -0.70
CA THR O 588 -88.33 38.76 0.21
C THR O 588 -87.33 37.69 0.58
N SER O 589 -87.47 36.49 0.03
CA SER O 589 -86.59 35.39 0.34
C SER O 589 -85.23 35.59 -0.35
N PRO O 590 -84.20 34.85 0.06
CA PRO O 590 -82.91 34.94 -0.65
C PRO O 590 -83.02 34.68 -2.14
N THR O 591 -84.11 34.05 -2.59
CA THR O 591 -84.33 33.88 -4.03
C THR O 591 -84.29 35.21 -4.76
N PHE O 592 -84.74 36.29 -4.11
CA PHE O 592 -84.81 37.60 -4.73
C PHE O 592 -83.88 38.61 -4.07
N GLU O 593 -83.07 38.20 -3.09
CA GLU O 593 -82.17 39.15 -2.44
C GLU O 593 -81.20 39.77 -3.43
N ALA O 594 -80.92 39.08 -4.54
CA ALA O 594 -80.07 39.66 -5.56
C ALA O 594 -80.70 40.88 -6.19
N CYS O 595 -82.02 41.04 -6.06
CA CYS O 595 -82.75 42.12 -6.69
C CYS O 595 -83.19 43.21 -5.74
N HIS O 596 -83.25 42.94 -4.43
CA HIS O 596 -83.77 43.91 -3.49
C HIS O 596 -83.03 45.24 -3.60
N ARG O 597 -81.75 45.20 -3.90
CA ARG O 597 -81.00 46.43 -4.06
C ARG O 597 -81.47 47.19 -5.30
N ALA O 598 -81.75 46.49 -6.39
CA ALA O 598 -82.13 47.15 -7.63
C ALA O 598 -83.56 47.66 -7.59
N VAL O 599 -84.51 46.85 -7.13
CA VAL O 599 -85.91 47.21 -7.10
C VAL O 599 -86.47 46.94 -5.72
N SER O 600 -87.21 47.89 -5.18
CA SER O 600 -87.82 47.70 -3.87
C SER O 600 -88.92 46.65 -3.97
N PRO O 601 -88.88 45.61 -3.15
CA PRO O 601 -89.89 44.55 -3.26
C PRO O 601 -91.19 44.85 -2.57
N LEU O 602 -91.28 45.96 -1.82
CA LEU O 602 -92.48 46.20 -1.01
C LEU O 602 -93.73 46.40 -1.84
N PRO O 603 -93.75 47.26 -2.88
CA PRO O 603 -94.98 47.39 -3.67
C PRO O 603 -95.39 46.10 -4.33
N TYR O 604 -94.42 45.33 -4.82
CA TYR O 604 -94.76 44.07 -5.46
C TYR O 604 -95.26 43.06 -4.45
N LEU O 605 -94.78 43.11 -3.21
CA LEU O 605 -95.31 42.25 -2.17
C LEU O 605 -96.75 42.59 -1.84
N ARG O 606 -97.04 43.88 -1.69
CA ARG O 606 -98.42 44.30 -1.46
C ARG O 606 -99.32 43.83 -2.59
N ASN O 607 -98.88 44.03 -3.83
CA ASN O 607 -99.67 43.62 -4.98
C ASN O 607 -99.85 42.10 -5.00
N CYS O 608 -98.80 41.36 -4.68
CA CYS O 608 -98.89 39.90 -4.66
C CYS O 608 -99.93 39.42 -3.67
N ARG O 609 -99.88 39.94 -2.45
CA ARG O 609 -100.84 39.49 -1.46
C ARG O 609 -102.27 39.88 -1.84
N TYR O 610 -102.45 41.10 -2.32
CA TYR O 610 -103.77 41.52 -2.80
C TYR O 610 -104.28 40.57 -3.88
N ASP O 611 -103.44 40.28 -4.87
CA ASP O 611 -103.86 39.44 -5.98
C ASP O 611 -104.21 38.04 -5.51
N VAL O 612 -103.34 37.43 -4.72
CA VAL O 612 -103.58 36.06 -4.28
C VAL O 612 -104.86 35.98 -3.47
N CYS O 613 -105.13 37.00 -2.66
CA CYS O 613 -106.36 36.96 -1.86
C CYS O 613 -107.60 37.25 -2.68
N SER O 614 -107.51 38.02 -3.76
CA SER O 614 -108.71 38.44 -4.47
C SER O 614 -108.97 37.70 -5.77
N CYS O 615 -108.01 36.95 -6.29
CA CYS O 615 -108.14 36.40 -7.63
C CYS O 615 -109.03 35.16 -7.65
N SER O 616 -109.50 34.83 -8.85
CA SER O 616 -110.25 33.60 -9.04
C SER O 616 -109.39 32.38 -8.74
N ASP O 617 -108.15 32.38 -9.23
CA ASP O 617 -107.19 31.31 -8.96
C ASP O 617 -105.96 31.94 -8.33
N GLY O 618 -105.67 31.53 -7.09
CA GLY O 618 -104.55 32.12 -6.39
C GLY O 618 -103.20 31.71 -6.95
N ARG O 619 -103.12 30.52 -7.54
CA ARG O 619 -101.86 30.06 -8.11
C ARG O 619 -101.47 30.89 -9.33
N GLU O 620 -102.42 31.12 -10.22
CA GLU O 620 -102.15 31.91 -11.42
C GLU O 620 -101.72 33.32 -11.06
N CYS O 621 -102.41 33.94 -10.10
CA CYS O 621 -102.06 35.29 -9.72
C CYS O 621 -100.77 35.35 -8.92
N LEU O 622 -100.48 34.31 -8.14
CA LEU O 622 -99.17 34.22 -7.51
C LEU O 622 -98.06 34.23 -8.55
N CYS O 623 -98.20 33.41 -9.59
CA CYS O 623 -97.22 33.43 -10.67
C CYS O 623 -97.16 34.78 -11.35
N GLY O 624 -98.32 35.41 -11.55
CA GLY O 624 -98.34 36.71 -12.18
C GLY O 624 -97.56 37.74 -11.39
N ALA O 625 -97.78 37.80 -10.08
CA ALA O 625 -97.09 38.79 -9.25
C ALA O 625 -95.59 38.50 -9.18
N LEU O 626 -95.22 37.24 -8.99
CA LEU O 626 -93.80 36.91 -8.94
C LEU O 626 -93.13 37.25 -10.27
N ALA O 627 -93.79 36.96 -11.38
CA ALA O 627 -93.25 37.30 -12.69
C ALA O 627 -93.16 38.80 -12.86
N SER O 628 -94.10 39.56 -12.31
CA SER O 628 -94.02 41.01 -12.39
C SER O 628 -92.77 41.53 -11.69
N TYR O 629 -92.51 41.04 -10.48
CA TYR O 629 -91.31 41.49 -9.78
C TYR O 629 -90.05 41.04 -10.52
N ALA O 630 -90.04 39.82 -11.04
CA ALA O 630 -88.89 39.35 -11.78
C ALA O 630 -88.67 40.17 -13.05
N ALA O 631 -89.76 40.60 -13.68
CA ALA O 631 -89.65 41.44 -14.86
C ALA O 631 -89.08 42.80 -14.50
N ALA O 632 -89.49 43.37 -13.37
CA ALA O 632 -88.86 44.61 -12.92
C ALA O 632 -87.36 44.43 -12.69
N CYS O 633 -86.98 43.33 -12.04
CA CYS O 633 -85.57 43.05 -11.81
C CYS O 633 -84.81 42.96 -13.13
N ALA O 634 -85.38 42.24 -14.11
CA ALA O 634 -84.75 42.14 -15.41
C ALA O 634 -84.63 43.50 -16.08
N GLY O 635 -85.65 44.35 -15.90
CA GLY O 635 -85.55 45.71 -16.42
C GLY O 635 -84.39 46.47 -15.82
N ARG O 636 -84.11 46.23 -14.54
CA ARG O 636 -82.90 46.75 -13.92
C ARG O 636 -81.68 45.88 -14.18
N GLY O 637 -81.75 44.96 -15.12
CA GLY O 637 -80.59 44.17 -15.50
C GLY O 637 -80.26 43.01 -14.59
N VAL O 638 -81.10 42.70 -13.61
CA VAL O 638 -80.87 41.59 -12.70
C VAL O 638 -81.82 40.46 -13.07
N ARG O 639 -81.26 39.28 -13.34
CA ARG O 639 -82.05 38.11 -13.71
C ARG O 639 -82.05 37.12 -12.55
N VAL O 640 -83.23 36.66 -12.16
CA VAL O 640 -83.40 35.77 -11.02
C VAL O 640 -84.03 34.47 -11.51
N ALA O 641 -83.41 33.35 -11.16
CA ALA O 641 -83.94 32.04 -11.49
C ALA O 641 -84.98 31.63 -10.45
N TRP O 642 -86.16 32.26 -10.56
CA TRP O 642 -87.17 32.12 -9.52
C TRP O 642 -88.16 30.99 -9.77
N ARG O 643 -88.36 30.58 -11.01
CA ARG O 643 -89.29 29.50 -11.30
C ARG O 643 -88.71 28.17 -10.83
N GLU O 644 -89.58 27.31 -10.33
CA GLU O 644 -89.18 26.00 -9.81
C GLU O 644 -90.35 25.05 -9.99
N PRO O 645 -90.13 23.73 -9.86
CA PRO O 645 -91.24 22.79 -10.02
C PRO O 645 -92.42 23.08 -9.12
N GLY O 646 -92.16 23.56 -7.91
CA GLY O 646 -93.24 23.87 -7.01
C GLY O 646 -93.95 25.18 -7.28
N ARG O 647 -93.46 25.97 -8.24
CA ARG O 647 -94.09 27.26 -8.52
C ARG O 647 -93.76 27.72 -9.92
N CYS O 648 -94.79 27.81 -10.77
CA CYS O 648 -94.77 28.67 -11.95
C CYS O 648 -93.70 28.28 -12.97
N GLU O 649 -93.66 26.99 -13.32
CA GLU O 649 -92.85 26.58 -14.45
C GLU O 649 -93.58 26.83 -15.76
N LEU O 650 -92.83 27.29 -16.76
CA LEU O 650 -93.38 27.43 -18.11
C LEU O 650 -93.33 26.09 -18.82
N ASN O 651 -94.49 25.50 -19.07
CA ASN O 651 -94.58 24.24 -19.79
C ASN O 651 -94.61 24.56 -21.28
N CYS O 652 -93.45 24.50 -21.93
CA CYS O 652 -93.33 24.99 -23.28
C CYS O 652 -94.02 24.06 -24.27
N PRO O 653 -94.60 24.60 -25.34
CA PRO O 653 -95.26 23.76 -26.33
C PRO O 653 -94.27 22.83 -27.02
N LYS O 654 -94.75 21.63 -27.33
CA LYS O 654 -94.05 20.64 -28.17
C LYS O 654 -92.61 20.52 -27.69
N GLY O 655 -91.62 20.55 -28.58
CA GLY O 655 -90.23 20.36 -28.23
C GLY O 655 -89.47 21.61 -27.88
N GLN O 656 -90.14 22.76 -27.78
CA GLN O 656 -89.46 23.99 -27.43
C GLN O 656 -88.89 23.90 -26.02
N VAL O 657 -87.79 24.59 -25.79
CA VAL O 657 -87.06 24.53 -24.52
C VAL O 657 -87.13 25.88 -23.84
N TYR O 658 -87.40 25.86 -22.54
CA TYR O 658 -87.44 27.09 -21.76
C TYR O 658 -86.04 27.64 -21.55
N LEU O 659 -85.87 28.93 -21.83
CA LEU O 659 -84.62 29.63 -21.57
C LEU O 659 -84.90 30.83 -20.69
N GLN O 660 -84.03 31.06 -19.71
CA GLN O 660 -84.13 32.26 -18.88
C GLN O 660 -83.65 33.50 -19.61
N CYS O 661 -82.73 33.35 -20.55
CA CYS O 661 -82.20 34.48 -21.33
C CYS O 661 -81.93 33.97 -22.74
N GLY O 662 -82.90 34.17 -23.62
CA GLY O 662 -82.77 33.77 -25.01
C GLY O 662 -82.99 34.93 -25.96
N THR O 663 -82.47 34.83 -27.16
CA THR O 663 -82.55 35.94 -28.10
C THR O 663 -83.73 35.76 -29.03
N PRO O 664 -84.60 36.77 -29.16
CA PRO O 664 -85.78 36.62 -30.01
C PRO O 664 -85.52 36.91 -31.48
N CYS O 665 -84.39 37.50 -31.83
CA CYS O 665 -84.21 38.07 -33.16
C CYS O 665 -84.26 37.01 -34.25
N ASN O 666 -83.70 35.83 -33.99
CA ASN O 666 -83.58 34.79 -35.00
C ASN O 666 -84.33 33.51 -34.61
N LEU O 667 -85.52 33.65 -34.05
CA LEU O 667 -86.29 32.48 -33.67
C LEU O 667 -87.23 32.02 -34.78
N THR O 668 -88.00 32.93 -35.35
CA THR O 668 -89.00 32.60 -36.35
C THR O 668 -88.38 32.56 -37.75
N CYS O 669 -89.04 31.80 -38.63
CA CYS O 669 -88.53 31.67 -40.00
C CYS O 669 -88.70 32.96 -40.80
N ARG O 670 -89.62 33.84 -40.38
CA ARG O 670 -89.68 35.17 -40.97
C ARG O 670 -88.35 35.90 -40.84
N SER O 671 -87.60 35.62 -39.77
CA SER O 671 -86.25 36.18 -39.65
C SER O 671 -85.37 35.73 -40.81
N LEU O 672 -85.52 34.47 -41.23
CA LEU O 672 -84.82 34.01 -42.42
C LEU O 672 -85.32 34.74 -43.65
N SER O 673 -86.63 34.91 -43.77
CA SER O 673 -87.18 35.54 -44.96
C SER O 673 -86.85 37.02 -45.04
N TYR O 674 -86.59 37.67 -43.91
CA TYR O 674 -86.23 39.09 -43.86
C TYR O 674 -84.98 39.26 -43.03
N PRO O 675 -83.82 38.84 -43.54
CA PRO O 675 -82.59 38.91 -42.74
C PRO O 675 -82.06 40.32 -42.59
N ASP O 676 -82.40 41.24 -43.48
CA ASP O 676 -81.89 42.59 -43.44
C ASP O 676 -82.69 43.50 -42.52
N GLU O 677 -83.79 43.02 -41.96
CA GLU O 677 -84.52 43.81 -40.96
C GLU O 677 -83.73 43.76 -39.65
N GLU O 678 -83.21 44.92 -39.25
CA GLU O 678 -82.31 44.97 -38.10
C GLU O 678 -83.04 44.60 -36.83
N CYS O 679 -82.35 43.86 -35.96
CA CYS O 679 -82.88 43.44 -34.67
C CYS O 679 -81.77 43.45 -33.65
N ASN O 680 -81.93 44.26 -32.60
CA ASN O 680 -80.92 44.38 -31.55
C ASN O 680 -81.52 44.16 -30.17
N GLU O 681 -82.65 43.47 -30.10
CA GLU O 681 -83.39 43.35 -28.85
C GLU O 681 -82.64 42.49 -27.85
N ALA O 682 -82.71 42.89 -26.58
CA ALA O 682 -82.08 42.14 -25.50
C ALA O 682 -82.77 40.79 -25.30
N CYS O 683 -82.07 39.90 -24.61
CA CYS O 683 -82.63 38.58 -24.38
C CYS O 683 -83.79 38.63 -23.39
N LEU O 684 -84.60 37.58 -23.40
CA LEU O 684 -85.75 37.50 -22.51
C LEU O 684 -86.05 36.03 -22.24
N GLU O 685 -86.75 35.79 -21.14
CA GLU O 685 -87.16 34.43 -20.82
C GLU O 685 -88.37 34.04 -21.64
N GLY O 686 -88.46 32.76 -21.95
CA GLY O 686 -89.56 32.26 -22.74
C GLY O 686 -89.24 30.88 -23.30
N CYS O 687 -90.05 30.46 -24.24
CA CYS O 687 -89.87 29.18 -24.90
C CYS O 687 -89.23 29.39 -26.26
N PHE O 688 -88.09 28.74 -26.48
CA PHE O 688 -87.32 28.90 -27.71
C PHE O 688 -87.05 27.51 -28.29
N CYS O 689 -86.86 27.48 -29.59
CA CYS O 689 -86.46 26.24 -30.23
C CYS O 689 -84.99 25.95 -29.95
N PRO O 690 -84.60 24.68 -29.96
CA PRO O 690 -83.19 24.33 -29.75
C PRO O 690 -82.28 25.07 -30.71
N PRO O 691 -80.98 25.14 -30.43
CA PRO O 691 -80.12 26.08 -31.18
C PRO O 691 -80.11 25.89 -32.68
N GLY O 692 -80.28 24.67 -33.16
CA GLY O 692 -80.18 24.42 -34.58
C GLY O 692 -81.47 24.52 -35.36
N LEU O 693 -82.57 24.90 -34.74
CA LEU O 693 -83.87 24.87 -35.37
C LEU O 693 -84.55 26.23 -35.30
N TYR O 694 -85.28 26.57 -36.35
CA TYR O 694 -86.13 27.74 -36.38
C TYR O 694 -87.57 27.33 -36.12
N MET O 695 -88.43 28.33 -35.90
CA MET O 695 -89.81 28.10 -35.52
C MET O 695 -90.73 28.60 -36.62
N ASP O 696 -91.69 27.77 -37.02
CA ASP O 696 -92.62 28.09 -38.08
C ASP O 696 -93.93 28.63 -37.50
N GLU O 697 -94.95 28.77 -38.36
CA GLU O 697 -96.23 29.30 -37.90
C GLU O 697 -96.92 28.36 -36.92
N ARG O 698 -96.78 27.06 -37.13
CA ARG O 698 -97.42 26.09 -36.25
C ARG O 698 -96.76 26.01 -34.88
N GLY O 699 -95.65 26.71 -34.68
CA GLY O 699 -94.90 26.57 -33.46
C GLY O 699 -93.94 25.40 -33.45
N ASP O 700 -93.86 24.65 -34.55
CA ASP O 700 -92.96 23.52 -34.63
C ASP O 700 -91.55 24.00 -34.95
N CYS O 701 -90.58 23.39 -34.31
CA CYS O 701 -89.18 23.71 -34.55
C CYS O 701 -88.70 22.95 -35.78
N VAL O 702 -88.18 23.68 -36.77
CA VAL O 702 -87.80 23.08 -38.04
C VAL O 702 -86.39 23.54 -38.41
N PRO O 703 -85.59 22.73 -39.09
CA PRO O 703 -84.35 23.22 -39.66
C PRO O 703 -84.62 24.28 -40.72
N LYS O 704 -83.65 25.16 -40.92
CA LYS O 704 -83.84 26.27 -41.86
C LYS O 704 -84.16 25.77 -43.26
N ALA O 705 -83.76 24.54 -43.59
CA ALA O 705 -84.11 23.98 -44.89
C ALA O 705 -85.60 23.76 -45.04
N GLN O 706 -86.34 23.66 -43.94
CA GLN O 706 -87.77 23.37 -43.97
C GLN O 706 -88.65 24.59 -43.73
N CYS O 707 -88.07 25.74 -43.41
CA CYS O 707 -88.87 26.94 -43.25
C CYS O 707 -89.52 27.32 -44.56
N PRO O 708 -90.76 27.82 -44.53
CA PRO O 708 -91.33 28.47 -45.70
C PRO O 708 -90.75 29.86 -45.90
N CYS O 709 -90.94 30.37 -47.11
CA CYS O 709 -90.48 31.70 -47.47
C CYS O 709 -91.66 32.66 -47.57
N TYR O 710 -91.53 33.80 -46.91
CA TYR O 710 -92.56 34.83 -46.95
C TYR O 710 -92.17 35.88 -47.98
N TYR O 711 -93.01 36.06 -48.98
CA TYR O 711 -92.71 36.98 -50.07
C TYR O 711 -93.98 37.74 -50.40
N ASP O 712 -93.92 39.06 -50.36
CA ASP O 712 -95.07 39.92 -50.64
C ASP O 712 -96.28 39.54 -49.78
N GLY O 713 -96.02 39.04 -48.58
CA GLY O 713 -97.09 38.64 -47.71
C GLY O 713 -97.70 37.29 -48.03
N GLU O 714 -97.07 36.51 -48.91
CA GLU O 714 -97.54 35.19 -49.26
C GLU O 714 -96.53 34.15 -48.79
N ILE O 715 -97.02 33.01 -48.34
CA ILE O 715 -96.19 31.99 -47.71
C ILE O 715 -95.91 30.91 -48.75
N PHE O 716 -94.64 30.72 -49.09
CA PHE O 716 -94.23 29.72 -50.05
C PHE O 716 -93.48 28.59 -49.36
N GLN O 717 -93.73 27.37 -49.78
CA GLN O 717 -93.11 26.20 -49.20
C GLN O 717 -91.68 26.05 -49.69
N PRO O 718 -90.87 25.25 -49.01
CA PRO O 718 -89.51 25.03 -49.47
C PRO O 718 -89.48 24.46 -50.88
N GLU O 719 -88.48 24.87 -51.66
CA GLU O 719 -88.26 24.46 -53.04
C GLU O 719 -89.31 24.98 -53.99
N ASP O 720 -90.20 25.86 -53.55
CA ASP O 720 -91.17 26.44 -54.46
C ASP O 720 -90.47 27.36 -55.45
N ILE O 721 -90.96 27.37 -56.68
CA ILE O 721 -90.43 28.20 -57.74
C ILE O 721 -91.59 28.95 -58.37
N PHE O 722 -91.37 30.21 -58.74
CA PHE O 722 -92.35 30.90 -59.55
C PHE O 722 -91.63 31.92 -60.40
N SER O 723 -92.24 32.24 -61.54
CA SER O 723 -91.70 33.23 -62.46
C SER O 723 -92.83 34.10 -62.97
N ASP O 724 -92.57 35.38 -63.08
CA ASP O 724 -93.55 36.37 -63.47
C ASP O 724 -93.04 37.14 -64.69
N HIS O 725 -93.86 38.08 -65.17
CA HIS O 725 -93.45 38.96 -66.25
C HIS O 725 -92.14 39.66 -65.90
N HIS O 726 -91.95 39.95 -64.62
CA HIS O 726 -90.85 40.79 -64.18
C HIS O 726 -89.78 40.03 -63.41
N THR O 727 -90.09 38.87 -62.86
CA THR O 727 -89.21 38.30 -61.85
C THR O 727 -89.25 36.78 -61.93
N MET O 728 -88.17 36.15 -61.45
CA MET O 728 -88.10 34.71 -61.25
C MET O 728 -87.53 34.48 -59.87
N CYS O 729 -88.22 33.66 -59.07
CA CYS O 729 -87.85 33.48 -57.68
C CYS O 729 -87.91 32.00 -57.33
N TYR O 730 -87.23 31.65 -56.25
CA TYR O 730 -87.36 30.31 -55.70
C TYR O 730 -87.03 30.33 -54.22
N CYS O 731 -87.68 29.46 -53.47
CA CYS O 731 -87.57 29.43 -52.03
C CYS O 731 -86.56 28.38 -51.62
N GLU O 732 -85.54 28.78 -50.86
CA GLU O 732 -84.54 27.84 -50.36
C GLU O 732 -84.04 28.36 -49.03
N ASP O 733 -83.99 27.47 -48.03
CA ASP O 733 -83.48 27.81 -46.71
C ASP O 733 -84.20 29.01 -46.12
N GLY O 734 -85.52 29.05 -46.32
CA GLY O 734 -86.32 30.09 -45.72
C GLY O 734 -86.19 31.45 -46.35
N PHE O 735 -85.49 31.57 -47.47
CA PHE O 735 -85.32 32.84 -48.14
C PHE O 735 -85.75 32.73 -49.59
N MET O 736 -86.33 33.80 -50.11
CA MET O 736 -86.83 33.82 -51.49
C MET O 736 -85.74 34.42 -52.36
N HIS O 737 -85.05 33.55 -53.11
CA HIS O 737 -83.90 33.97 -53.90
C HIS O 737 -84.37 34.47 -55.27
N CYS O 738 -84.88 35.69 -55.27
CA CYS O 738 -85.31 36.29 -56.53
C CYS O 738 -84.10 36.84 -57.28
N THR O 739 -83.99 36.47 -58.55
CA THR O 739 -82.79 36.76 -59.34
C THR O 739 -83.15 37.27 -60.72
N MET O 740 -84.18 38.12 -60.82
CA MET O 740 -84.49 38.75 -62.09
C MET O 740 -85.05 40.14 -61.81
N SER O 741 -84.70 41.08 -62.68
CA SER O 741 -85.12 42.48 -62.54
C SER O 741 -84.81 43.04 -61.15
N GLU O 786 -108.50 52.48 -59.84
CA GLU O 786 -108.42 53.09 -61.16
C GLU O 786 -107.27 52.49 -61.95
N CYS O 787 -107.45 52.39 -63.27
CA CYS O 787 -106.42 51.82 -64.13
C CYS O 787 -106.62 52.32 -65.55
N ALA O 788 -105.55 52.22 -66.33
CA ALA O 788 -105.65 52.48 -67.77
C ALA O 788 -106.39 51.34 -68.44
N LYS O 789 -107.03 51.65 -69.56
CA LYS O 789 -107.86 50.69 -70.27
C LYS O 789 -107.41 50.54 -71.71
N THR O 790 -107.68 49.35 -72.26
CA THR O 790 -107.35 49.02 -73.64
C THR O 790 -108.61 48.48 -74.30
N CYS O 791 -108.66 48.56 -75.63
CA CYS O 791 -109.86 48.14 -76.34
C CYS O 791 -110.27 46.72 -75.96
N GLN O 792 -109.29 45.86 -75.68
CA GLN O 792 -109.58 44.49 -75.31
C GLN O 792 -110.16 44.39 -73.89
N ASN O 793 -109.56 45.10 -72.94
CA ASN O 793 -109.89 44.95 -71.53
C ASN O 793 -110.81 46.05 -71.00
N TYR O 794 -111.50 46.76 -71.89
CA TYR O 794 -112.32 47.88 -71.42
C TYR O 794 -113.41 47.42 -70.47
N ASP O 795 -114.09 46.32 -70.79
CA ASP O 795 -115.19 45.85 -69.97
C ASP O 795 -114.74 45.05 -68.76
N LEU O 796 -113.48 44.67 -68.69
CA LEU O 796 -112.99 43.82 -67.62
C LEU O 796 -112.58 44.66 -66.41
N GLU O 797 -112.16 43.98 -65.35
CA GLU O 797 -111.72 44.64 -64.13
C GLU O 797 -110.37 45.30 -64.34
N CYS O 798 -109.91 46.00 -63.31
CA CYS O 798 -108.56 46.54 -63.26
C CYS O 798 -107.63 45.53 -62.62
N MET O 799 -106.43 45.41 -63.16
CA MET O 799 -105.46 44.47 -62.62
C MET O 799 -105.15 44.84 -61.18
N SER O 800 -105.42 43.91 -60.26
CA SER O 800 -105.19 44.14 -58.84
C SER O 800 -103.77 43.76 -58.45
N MET O 801 -102.81 44.40 -59.13
CA MET O 801 -101.39 44.10 -58.90
C MET O 801 -100.58 45.38 -58.90
N GLY O 802 -101.17 46.47 -58.43
CA GLY O 802 -100.47 47.75 -58.37
C GLY O 802 -101.26 48.80 -57.61
N LEU O 808 -102.03 57.97 -69.26
CA LEU O 808 -103.46 57.68 -69.11
C LEU O 808 -104.29 58.50 -70.08
N CYS O 809 -105.04 57.82 -70.95
CA CYS O 809 -105.81 58.50 -71.97
C CYS O 809 -107.02 59.19 -71.36
N PRO O 810 -107.58 60.18 -72.06
CA PRO O 810 -108.75 60.90 -71.54
C PRO O 810 -109.94 59.97 -71.39
N PRO O 811 -110.95 60.37 -70.62
CA PRO O 811 -112.19 59.57 -70.56
C PRO O 811 -112.85 59.50 -71.92
N GLY O 812 -113.46 58.34 -72.21
CA GLY O 812 -114.02 58.10 -73.51
C GLY O 812 -113.01 57.79 -74.58
N MET O 813 -111.74 57.61 -74.22
CA MET O 813 -110.68 57.29 -75.16
C MET O 813 -109.87 56.14 -74.59
N VAL O 814 -109.35 55.30 -75.48
CA VAL O 814 -108.81 54.00 -75.09
C VAL O 814 -107.47 53.77 -75.75
N ARG O 815 -106.57 53.09 -75.03
CA ARG O 815 -105.27 52.73 -75.57
C ARG O 815 -105.44 51.70 -76.69
N HIS O 816 -104.79 51.95 -77.82
CA HIS O 816 -104.79 51.03 -78.95
C HIS O 816 -103.66 51.41 -79.90
N GLU O 817 -102.95 50.41 -80.41
CA GLU O 817 -101.79 50.64 -81.27
C GLU O 817 -100.77 51.57 -80.60
N ASN O 818 -100.66 51.47 -79.28
CA ASN O 818 -99.81 52.37 -78.49
C ASN O 818 -100.15 53.84 -78.76
N ARG O 819 -101.44 54.12 -78.89
CA ARG O 819 -101.94 55.49 -78.99
C ARG O 819 -103.34 55.53 -78.41
N CYS O 820 -103.76 56.70 -77.98
CA CYS O 820 -105.10 56.88 -77.44
C CYS O 820 -106.10 56.97 -78.58
N VAL O 821 -107.12 56.10 -78.56
CA VAL O 821 -108.10 56.01 -79.63
C VAL O 821 -109.49 56.11 -79.00
N ALA O 822 -110.40 56.79 -79.69
CA ALA O 822 -111.71 57.08 -79.14
C ALA O 822 -112.53 55.81 -78.98
N LEU O 823 -113.41 55.82 -77.99
CA LEU O 823 -114.38 54.75 -77.82
C LEU O 823 -115.39 54.83 -78.95
N GLU O 824 -116.07 53.71 -79.21
CA GLU O 824 -116.97 53.49 -80.34
C GLU O 824 -116.18 53.34 -81.63
N ARG O 825 -114.86 53.46 -81.58
CA ARG O 825 -113.98 53.22 -82.72
C ARG O 825 -112.97 52.12 -82.46
N CYS O 826 -113.05 51.45 -81.30
CA CYS O 826 -112.20 50.30 -81.05
C CYS O 826 -112.62 49.15 -81.96
N PRO O 827 -111.68 48.34 -82.43
CA PRO O 827 -112.03 47.22 -83.31
C PRO O 827 -112.54 46.02 -82.52
N CYS O 828 -113.12 45.09 -83.26
CA CYS O 828 -113.56 43.81 -82.71
C CYS O 828 -112.53 42.73 -83.01
N PHE O 829 -112.51 41.70 -82.17
CA PHE O 829 -111.48 40.67 -82.20
C PHE O 829 -112.11 39.31 -82.49
N HIS O 830 -111.49 38.55 -83.39
CA HIS O 830 -111.89 37.18 -83.65
C HIS O 830 -110.67 36.41 -84.15
N GLN O 831 -110.49 35.20 -83.62
CA GLN O 831 -109.35 34.36 -83.95
C GLN O 831 -108.03 35.12 -83.82
N GLY O 832 -107.98 36.01 -82.84
CA GLY O 832 -106.74 36.69 -82.53
C GLY O 832 -106.39 37.84 -83.43
N LYS O 833 -107.28 38.24 -84.34
CA LYS O 833 -107.02 39.36 -85.23
C LYS O 833 -108.17 40.36 -85.13
N GLU O 834 -107.85 41.63 -85.35
CA GLU O 834 -108.77 42.72 -85.11
C GLU O 834 -109.60 43.02 -86.35
N TYR O 835 -110.81 43.53 -86.13
CA TYR O 835 -111.72 43.94 -87.19
C TYR O 835 -112.24 45.33 -86.88
N ALA O 836 -112.12 46.24 -87.84
CA ALA O 836 -112.61 47.59 -87.63
C ALA O 836 -114.14 47.60 -87.58
N PRO O 837 -114.73 48.59 -86.92
CA PRO O 837 -116.20 48.66 -86.87
C PRO O 837 -116.78 48.76 -88.26
N GLY O 838 -117.89 48.06 -88.47
CA GLY O 838 -118.50 47.95 -89.77
C GLY O 838 -118.03 46.77 -90.59
N GLU O 839 -116.90 46.15 -90.22
CA GLU O 839 -116.44 44.96 -90.90
C GLU O 839 -117.33 43.77 -90.54
N THR O 840 -117.20 42.69 -91.31
CA THR O 840 -118.04 41.53 -91.16
C THR O 840 -117.19 40.27 -91.18
N VAL O 841 -117.71 39.22 -90.54
CA VAL O 841 -117.06 37.92 -90.52
C VAL O 841 -118.13 36.85 -90.75
N LYS O 842 -117.73 35.79 -91.44
CA LYS O 842 -118.65 34.72 -91.83
C LYS O 842 -118.47 33.55 -90.87
N ILE O 843 -119.56 33.18 -90.19
CA ILE O 843 -119.55 32.13 -89.19
C ILE O 843 -120.61 31.12 -89.59
N GLY O 844 -120.18 30.02 -90.21
CA GLY O 844 -121.14 29.04 -90.68
C GLY O 844 -122.11 29.68 -91.65
N CYS O 845 -123.40 29.48 -91.40
CA CYS O 845 -124.43 30.12 -92.20
C CYS O 845 -124.79 31.51 -91.68
N ASN O 846 -124.26 31.92 -90.54
CA ASN O 846 -124.56 33.22 -89.95
C ASN O 846 -123.50 34.24 -90.32
N THR O 847 -123.90 35.51 -90.27
CA THR O 847 -123.00 36.63 -90.52
C THR O 847 -122.96 37.53 -89.28
N CYS O 848 -121.76 38.00 -88.95
CA CYS O 848 -121.55 38.86 -87.80
C CYS O 848 -120.92 40.16 -88.25
N VAL O 849 -121.35 41.27 -87.65
CA VAL O 849 -120.87 42.60 -88.01
C VAL O 849 -120.34 43.27 -86.74
N CYS O 850 -119.14 43.83 -86.84
CA CYS O 850 -118.49 44.44 -85.68
C CYS O 850 -119.08 45.80 -85.38
N ARG O 851 -119.70 45.94 -84.21
CA ARG O 851 -120.23 47.23 -83.78
C ARG O 851 -119.84 47.45 -82.33
N ASP O 852 -119.27 48.61 -82.02
CA ASP O 852 -118.94 49.01 -80.65
C ASP O 852 -118.30 47.86 -79.88
N ARG O 853 -117.25 47.29 -80.46
CA ARG O 853 -116.45 46.25 -79.79
C ARG O 853 -117.25 44.97 -79.59
N LYS O 854 -118.51 44.91 -80.01
CA LYS O 854 -119.36 43.73 -79.90
C LYS O 854 -119.75 43.23 -81.28
N TRP O 855 -119.57 41.93 -81.50
CA TRP O 855 -120.09 41.30 -82.70
C TRP O 855 -121.59 41.17 -82.62
N ASN O 856 -122.28 41.62 -83.67
CA ASN O 856 -123.73 41.55 -83.74
C ASN O 856 -124.08 40.59 -84.87
N CYS O 857 -124.63 39.43 -84.51
CA CYS O 857 -124.70 38.29 -85.40
C CYS O 857 -126.14 37.95 -85.73
N THR O 858 -126.34 37.39 -86.93
CA THR O 858 -127.61 36.78 -87.27
C THR O 858 -127.82 35.54 -86.42
N ASP O 859 -129.09 35.17 -86.24
CA ASP O 859 -129.47 34.07 -85.36
C ASP O 859 -130.07 32.89 -86.12
N HIS O 860 -129.51 32.56 -87.28
CA HIS O 860 -129.98 31.40 -88.04
C HIS O 860 -129.44 30.11 -87.44
N VAL O 861 -130.28 29.08 -87.42
CA VAL O 861 -129.86 27.75 -87.03
C VAL O 861 -129.34 27.05 -88.27
N CYS O 862 -128.02 26.87 -88.34
CA CYS O 862 -127.41 26.29 -89.53
C CYS O 862 -127.61 24.78 -89.56
N ASP O 863 -127.48 24.22 -90.76
CA ASP O 863 -127.59 22.78 -90.95
C ASP O 863 -126.50 22.06 -90.17
N ALA O 864 -126.88 21.01 -89.46
CA ALA O 864 -125.97 20.27 -88.60
C ALA O 864 -125.59 18.95 -89.23
N THR O 865 -124.33 18.57 -89.07
CA THR O 865 -123.79 17.37 -89.67
C THR O 865 -123.38 16.41 -88.56
N CYS O 866 -124.18 15.39 -88.31
CA CYS O 866 -123.69 14.26 -87.55
C CYS O 866 -122.76 13.44 -88.43
N SER O 867 -121.76 12.82 -87.82
CA SER O 867 -120.75 12.13 -88.60
C SER O 867 -120.18 10.99 -87.79
N THR O 868 -120.07 9.83 -88.42
CA THR O 868 -119.27 8.74 -87.89
C THR O 868 -117.84 8.92 -88.39
N ILE O 869 -116.92 9.16 -87.46
CA ILE O 869 -115.53 9.41 -87.81
C ILE O 869 -114.76 8.12 -87.55
N GLY O 870 -114.18 7.56 -88.60
CA GLY O 870 -113.48 6.33 -88.38
C GLY O 870 -114.43 5.16 -88.18
N MET O 871 -113.96 4.18 -87.41
CA MET O 871 -114.72 2.95 -87.23
C MET O 871 -115.45 2.88 -85.91
N ALA O 872 -115.06 3.67 -84.91
CA ALA O 872 -115.67 3.56 -83.59
C ALA O 872 -115.95 4.90 -82.93
N HIS O 873 -115.73 6.02 -83.60
CA HIS O 873 -115.99 7.34 -83.04
C HIS O 873 -117.16 7.99 -83.75
N TYR O 874 -117.97 8.70 -82.99
CA TYR O 874 -119.14 9.40 -83.48
C TYR O 874 -119.05 10.87 -83.12
N LEU O 875 -119.64 11.72 -83.94
CA LEU O 875 -119.73 13.14 -83.64
C LEU O 875 -121.18 13.56 -83.74
N THR O 876 -121.77 13.93 -82.61
CA THR O 876 -123.19 14.26 -82.55
C THR O 876 -123.48 15.55 -83.30
N PHE O 877 -124.77 15.85 -83.43
CA PHE O 877 -125.19 17.07 -84.11
C PHE O 877 -124.67 18.31 -83.40
N ASP O 878 -124.67 18.28 -82.06
CA ASP O 878 -124.24 19.43 -81.28
C ASP O 878 -122.74 19.51 -81.10
N GLY O 879 -121.98 18.55 -81.62
CA GLY O 879 -120.54 18.62 -81.61
C GLY O 879 -119.85 17.73 -80.61
N LEU O 880 -120.56 16.84 -79.95
CA LEU O 880 -119.95 15.95 -78.96
C LEU O 880 -119.31 14.78 -79.68
N LYS O 881 -117.99 14.69 -79.59
CA LYS O 881 -117.25 13.55 -80.12
C LYS O 881 -117.06 12.53 -79.01
N TYR O 882 -117.42 11.28 -79.29
CA TYR O 882 -117.33 10.25 -78.26
C TYR O 882 -116.98 8.92 -78.90
N LEU O 883 -116.47 8.01 -78.09
CA LEU O 883 -116.00 6.71 -78.54
C LEU O 883 -117.00 5.65 -78.16
N PHE O 884 -117.34 4.80 -79.11
CA PHE O 884 -118.25 3.69 -78.85
C PHE O 884 -118.00 2.57 -79.85
N PRO O 885 -117.19 1.59 -79.51
CA PRO O 885 -117.04 0.43 -80.38
C PRO O 885 -118.10 -0.62 -80.12
N GLY O 886 -118.82 -1.02 -81.16
CA GLY O 886 -119.86 -2.01 -81.00
C GLY O 886 -119.98 -2.87 -82.23
N GLU O 887 -120.33 -4.14 -82.02
CA GLU O 887 -120.51 -5.07 -83.12
C GLU O 887 -121.91 -5.02 -83.71
N CYS O 888 -122.88 -4.53 -82.96
CA CYS O 888 -124.29 -4.71 -83.28
C CYS O 888 -124.77 -3.61 -84.21
N GLN O 889 -126.08 -3.54 -84.43
CA GLN O 889 -126.70 -2.49 -85.22
C GLN O 889 -127.32 -1.47 -84.28
N TYR O 890 -127.09 -0.19 -84.55
CA TYR O 890 -127.48 0.89 -83.65
C TYR O 890 -128.24 1.96 -84.42
N VAL O 891 -129.07 2.69 -83.70
CA VAL O 891 -129.82 3.80 -84.28
C VAL O 891 -128.90 5.01 -84.38
N LEU O 892 -128.54 5.40 -85.60
CA LEU O 892 -127.71 6.58 -85.78
C LEU O 892 -128.52 7.85 -85.60
N VAL O 893 -129.66 7.95 -86.28
CA VAL O 893 -130.58 9.07 -86.15
C VAL O 893 -132.00 8.52 -86.23
N GLN O 894 -132.91 9.17 -85.54
CA GLN O 894 -134.30 8.71 -85.50
C GLN O 894 -135.16 9.82 -84.95
N ASP O 895 -136.31 10.03 -85.57
CA ASP O 895 -137.32 10.93 -85.02
C ASP O 895 -138.54 10.19 -84.49
N TYR O 896 -138.57 8.87 -84.59
CA TYR O 896 -139.59 8.04 -83.95
C TYR O 896 -139.27 7.85 -82.46
N CYS O 897 -139.11 8.97 -81.77
CA CYS O 897 -138.85 8.94 -80.34
C CYS O 897 -139.49 10.16 -79.70
N GLY O 898 -139.84 10.03 -78.42
CA GLY O 898 -140.63 11.06 -77.79
C GLY O 898 -142.05 11.04 -78.34
N SER O 899 -142.69 12.20 -78.23
CA SER O 899 -144.06 12.34 -78.71
C SER O 899 -144.15 12.62 -80.20
N ASN O 900 -143.05 12.98 -80.84
CA ASN O 900 -143.09 13.41 -82.22
C ASN O 900 -143.53 12.27 -83.12
N PRO O 901 -144.45 12.49 -84.06
CA PRO O 901 -144.76 11.46 -85.06
C PRO O 901 -143.61 11.33 -86.05
N GLY O 902 -142.98 10.17 -86.05
CA GLY O 902 -141.74 10.00 -86.78
C GLY O 902 -141.95 9.95 -88.28
N THR O 903 -140.86 10.23 -89.00
CA THR O 903 -140.86 10.19 -90.46
C THR O 903 -139.69 9.44 -91.04
N PHE O 904 -138.58 9.30 -90.32
CA PHE O 904 -137.38 8.66 -90.84
C PHE O 904 -136.63 8.01 -89.69
N ARG O 905 -135.80 7.05 -90.04
CA ARG O 905 -135.05 6.30 -89.04
C ARG O 905 -133.84 5.69 -89.73
N ILE O 906 -132.64 6.07 -89.27
CA ILE O 906 -131.40 5.64 -89.89
C ILE O 906 -130.67 4.71 -88.92
N LEU O 907 -130.34 3.51 -89.38
CA LEU O 907 -129.65 2.52 -88.57
C LEU O 907 -128.28 2.24 -89.17
N VAL O 908 -127.28 2.09 -88.30
CA VAL O 908 -125.92 1.80 -88.71
C VAL O 908 -125.48 0.50 -88.06
N GLY O 909 -124.97 -0.42 -88.86
CA GLY O 909 -124.43 -1.68 -88.36
C GLY O 909 -122.97 -1.80 -88.68
N ASN O 910 -122.19 -2.31 -87.73
CA ASN O 910 -120.75 -2.47 -87.89
C ASN O 910 -120.46 -3.90 -88.31
N LYS O 911 -119.83 -4.06 -89.47
CA LYS O 911 -119.54 -5.38 -90.02
C LYS O 911 -118.06 -5.48 -90.35
N GLY O 912 -117.44 -6.58 -89.91
CA GLY O 912 -116.03 -6.78 -90.08
C GLY O 912 -115.17 -6.26 -88.94
N CYS O 913 -115.70 -5.37 -88.10
CA CYS O 913 -114.95 -4.94 -86.93
C CYS O 913 -115.92 -4.38 -85.89
N SER O 914 -115.46 -4.40 -84.67
CA SER O 914 -115.88 -3.49 -83.61
C SER O 914 -114.65 -2.81 -83.02
N HIS O 915 -113.57 -3.54 -82.86
CA HIS O 915 -112.26 -2.95 -82.69
C HIS O 915 -111.75 -2.63 -84.08
N PRO O 916 -111.46 -1.37 -84.41
CA PRO O 916 -111.18 -1.01 -85.80
C PRO O 916 -110.18 -1.94 -86.47
N SER O 917 -110.52 -2.42 -87.66
CA SER O 917 -109.72 -3.42 -88.33
C SER O 917 -109.77 -3.18 -89.84
N VAL O 918 -108.79 -3.76 -90.54
CA VAL O 918 -108.59 -3.46 -91.95
C VAL O 918 -109.81 -3.85 -92.78
N LYS O 919 -110.35 -5.05 -92.55
CA LYS O 919 -111.40 -5.58 -93.41
C LYS O 919 -112.79 -5.10 -93.05
N CYS O 920 -112.90 -3.96 -92.36
CA CYS O 920 -114.18 -3.56 -91.78
C CYS O 920 -115.02 -2.77 -92.78
N LYS O 921 -116.31 -2.70 -92.48
CA LYS O 921 -117.26 -1.92 -93.28
C LYS O 921 -118.54 -1.73 -92.48
N LYS O 922 -119.28 -0.68 -92.83
CA LYS O 922 -120.52 -0.35 -92.14
C LYS O 922 -121.69 -0.42 -93.11
N ARG O 923 -122.80 -0.97 -92.61
CA ARG O 923 -124.06 -1.05 -93.35
C ARG O 923 -125.01 -0.02 -92.79
N VAL O 924 -125.61 0.76 -93.68
CA VAL O 924 -126.59 1.78 -93.30
C VAL O 924 -127.96 1.34 -93.81
N THR O 925 -128.96 1.43 -92.95
CA THR O 925 -130.33 1.16 -93.32
C THR O 925 -131.15 2.43 -93.14
N ILE O 926 -131.75 2.93 -94.21
CA ILE O 926 -132.44 4.19 -94.18
C ILE O 926 -133.92 3.94 -94.36
N LEU O 927 -134.64 3.84 -93.24
CA LEU O 927 -136.06 3.52 -93.26
C LEU O 927 -136.94 4.77 -93.33
N VAL O 928 -136.77 5.55 -94.40
CA VAL O 928 -137.44 6.83 -94.50
C VAL O 928 -138.82 6.64 -95.13
N GLU O 929 -139.84 7.17 -94.47
CA GLU O 929 -141.23 7.19 -94.95
C GLU O 929 -141.67 5.84 -95.51
N GLY O 930 -141.38 4.79 -94.75
CA GLY O 930 -141.77 3.45 -95.14
C GLY O 930 -140.85 2.80 -96.16
N GLY O 931 -140.20 3.60 -96.98
CA GLY O 931 -139.21 3.08 -97.89
C GLY O 931 -137.97 2.63 -97.15
N GLU O 932 -137.04 2.06 -97.90
CA GLU O 932 -135.83 1.53 -97.28
C GLU O 932 -134.69 1.59 -98.29
N ILE O 933 -133.64 2.31 -97.94
CA ILE O 933 -132.42 2.37 -98.75
C ILE O 933 -131.29 1.81 -97.91
N GLU O 934 -130.61 0.80 -98.45
CA GLU O 934 -129.50 0.17 -97.77
C GLU O 934 -128.20 0.54 -98.45
N LEU O 935 -127.23 1.00 -97.67
CA LEU O 935 -125.91 1.36 -98.17
C LEU O 935 -124.93 0.29 -97.72
N PHE O 936 -124.29 -0.37 -98.69
CA PHE O 936 -123.36 -1.45 -98.38
C PHE O 936 -122.44 -1.68 -99.56
N ASP O 937 -121.22 -2.14 -99.25
CA ASP O 937 -120.23 -2.47 -100.26
C ASP O 937 -119.99 -1.33 -101.23
N GLY O 938 -120.06 -0.11 -100.71
CA GLY O 938 -119.86 1.06 -101.55
C GLY O 938 -120.89 1.24 -102.63
N GLU O 939 -122.08 0.66 -102.46
CA GLU O 939 -123.12 0.77 -103.45
C GLU O 939 -124.46 0.97 -102.75
N VAL O 940 -125.36 1.68 -103.43
CA VAL O 940 -126.69 1.96 -102.90
C VAL O 940 -127.62 0.82 -103.27
N ASN O 941 -128.51 0.45 -102.36
CA ASN O 941 -129.46 -0.62 -102.59
C ASN O 941 -130.83 -0.16 -102.09
N VAL O 942 -131.68 0.28 -103.00
CA VAL O 942 -133.03 0.71 -102.63
C VAL O 942 -133.90 -0.52 -102.48
N LYS O 943 -134.00 -1.05 -101.26
CA LYS O 943 -134.67 -2.32 -101.04
C LYS O 943 -136.19 -2.18 -100.95
N ARG O 944 -136.70 -0.96 -100.78
CA ARG O 944 -138.10 -0.65 -101.02
C ARG O 944 -138.18 0.78 -101.52
N PRO O 945 -139.14 1.11 -102.36
CA PRO O 945 -139.27 2.49 -102.83
C PRO O 945 -139.96 3.39 -101.81
N MET O 946 -139.72 4.68 -101.96
CA MET O 946 -140.35 5.68 -101.13
C MET O 946 -141.70 6.09 -101.70
N LYS O 947 -142.51 6.73 -100.86
CA LYS O 947 -143.80 7.24 -101.32
C LYS O 947 -143.65 8.41 -102.28
N ASP O 948 -142.63 9.24 -102.09
CA ASP O 948 -142.36 10.38 -102.96
C ASP O 948 -140.94 10.23 -103.50
N GLU O 949 -140.82 9.54 -104.63
CA GLU O 949 -139.52 9.35 -105.25
C GLU O 949 -138.97 10.63 -105.86
N THR O 950 -139.80 11.68 -105.97
CA THR O 950 -139.29 12.97 -106.43
C THR O 950 -138.48 13.66 -105.35
N HIS O 951 -138.90 13.54 -104.09
CA HIS O 951 -138.05 14.01 -102.99
C HIS O 951 -136.75 13.22 -102.91
N PHE O 952 -136.83 11.91 -103.13
CA PHE O 952 -135.65 11.06 -103.10
C PHE O 952 -134.73 11.38 -104.27
N GLU O 953 -133.43 11.26 -104.03
CA GLU O 953 -132.43 11.39 -105.07
C GLU O 953 -131.10 10.88 -104.55
N VAL O 954 -130.29 10.33 -105.46
CA VAL O 954 -128.96 9.84 -105.16
C VAL O 954 -127.98 10.50 -106.10
N VAL O 955 -126.94 11.12 -105.55
CA VAL O 955 -125.91 11.77 -106.32
C VAL O 955 -124.57 11.14 -105.96
N GLU O 956 -123.81 10.73 -106.96
CA GLU O 956 -122.47 10.20 -106.78
C GLU O 956 -121.46 11.23 -107.24
N SER O 957 -120.57 11.63 -106.34
CA SER O 957 -119.61 12.68 -106.65
C SER O 957 -118.36 12.46 -105.82
N GLY O 958 -117.21 12.62 -106.46
CA GLY O 958 -115.95 12.39 -105.77
C GLY O 958 -115.93 11.01 -105.15
N ARG O 959 -115.52 10.96 -103.90
CA ARG O 959 -115.50 9.70 -103.15
C ARG O 959 -116.85 9.36 -102.54
N TYR O 960 -117.85 10.22 -102.68
CA TYR O 960 -119.02 10.18 -101.81
C TYR O 960 -120.28 9.84 -102.59
N ILE O 961 -121.21 9.19 -101.90
CA ILE O 961 -122.59 9.07 -102.34
C ILE O 961 -123.42 10.05 -101.53
N ILE O 962 -124.17 10.90 -102.21
CA ILE O 962 -124.99 11.92 -101.56
C ILE O 962 -126.45 11.56 -101.81
N LEU O 963 -127.17 11.28 -100.73
CA LEU O 963 -128.59 10.94 -100.80
C LEU O 963 -129.40 12.12 -100.28
N LEU O 964 -130.39 12.54 -101.05
CA LEU O 964 -131.37 13.51 -100.61
C LEU O 964 -132.65 12.76 -100.27
N LEU O 965 -133.01 12.78 -98.99
CA LEU O 965 -134.17 12.07 -98.49
C LEU O 965 -135.34 13.00 -98.20
N GLY O 966 -135.27 14.23 -98.66
CA GLY O 966 -136.29 15.22 -98.36
C GLY O 966 -135.71 16.61 -98.47
N LYS O 967 -136.57 17.59 -98.19
CA LYS O 967 -136.11 18.97 -98.24
C LYS O 967 -135.23 19.33 -97.05
N ALA O 968 -135.29 18.55 -95.97
CA ALA O 968 -134.59 18.88 -94.75
C ALA O 968 -133.66 17.77 -94.24
N LEU O 969 -133.54 16.66 -94.96
CA LEU O 969 -132.72 15.54 -94.55
C LEU O 969 -131.86 15.07 -95.69
N SER O 970 -130.59 14.81 -95.40
CA SER O 970 -129.66 14.33 -96.41
C SER O 970 -128.61 13.47 -95.74
N VAL O 971 -128.00 12.59 -96.51
CA VAL O 971 -126.95 11.69 -96.03
C VAL O 971 -125.78 11.76 -97.00
N VAL O 972 -124.59 11.91 -96.46
CA VAL O 972 -123.35 11.90 -97.25
C VAL O 972 -122.50 10.75 -96.75
N TRP O 973 -122.04 9.91 -97.67
CA TRP O 973 -121.36 8.66 -97.33
C TRP O 973 -120.15 8.50 -98.22
N ASP O 974 -118.98 8.32 -97.62
CA ASP O 974 -117.74 8.15 -98.37
C ASP O 974 -117.59 6.76 -98.96
N ARG O 975 -118.62 5.93 -98.89
CA ARG O 975 -118.72 4.59 -99.45
C ARG O 975 -117.96 3.56 -98.64
N HIS O 976 -117.18 3.96 -97.63
CA HIS O 976 -116.52 2.98 -96.78
C HIS O 976 -116.94 3.07 -95.33
N LEU O 977 -116.70 4.18 -94.65
CA LEU O 977 -116.94 4.28 -93.22
C LEU O 977 -117.66 5.55 -92.81
N SER O 978 -117.32 6.68 -93.41
CA SER O 978 -117.70 7.99 -92.87
C SER O 978 -119.10 8.34 -93.32
N ILE O 979 -120.08 7.90 -92.54
CA ILE O 979 -121.47 8.28 -92.75
C ILE O 979 -121.69 9.66 -92.13
N SER O 980 -122.37 10.53 -92.86
CA SER O 980 -122.72 11.85 -92.35
C SER O 980 -124.18 12.14 -92.64
N VAL O 981 -124.92 12.56 -91.62
CA VAL O 981 -126.33 12.90 -91.75
C VAL O 981 -126.47 14.39 -91.53
N VAL O 982 -127.15 15.07 -92.45
CA VAL O 982 -127.31 16.52 -92.39
C VAL O 982 -128.78 16.82 -92.21
N LEU O 983 -129.10 17.62 -91.20
CA LEU O 983 -130.47 17.99 -90.88
C LEU O 983 -130.60 19.51 -90.92
N LYS O 984 -131.67 19.99 -91.52
CA LYS O 984 -131.99 21.41 -91.45
C LYS O 984 -132.77 21.69 -90.18
N GLN O 985 -132.96 22.98 -89.89
CA GLN O 985 -133.48 23.41 -88.60
C GLN O 985 -134.85 22.84 -88.28
N THR O 986 -135.61 22.42 -89.29
CA THR O 986 -136.96 21.93 -89.04
C THR O 986 -136.96 20.68 -88.17
N TYR O 987 -135.87 19.93 -88.14
CA TYR O 987 -135.78 18.72 -87.33
C TYR O 987 -135.21 18.96 -85.94
N GLN O 988 -135.05 20.21 -85.54
CA GLN O 988 -134.42 20.52 -84.27
C GLN O 988 -135.32 20.08 -83.12
N GLU O 989 -134.70 19.55 -82.07
CA GLU O 989 -135.36 19.12 -80.83
C GLU O 989 -136.16 17.84 -81.02
N LYS O 990 -136.17 17.26 -82.21
CA LYS O 990 -137.03 16.14 -82.52
C LYS O 990 -136.30 14.82 -82.69
N VAL O 991 -135.05 14.85 -83.16
CA VAL O 991 -134.33 13.64 -83.48
C VAL O 991 -133.65 13.11 -82.22
N CYS O 992 -133.22 11.85 -82.29
CA CYS O 992 -132.50 11.21 -81.21
C CYS O 992 -131.57 10.16 -81.81
N GLY O 993 -131.05 9.29 -80.97
CA GLY O 993 -130.13 8.27 -81.40
C GLY O 993 -128.70 8.57 -81.02
N LEU O 994 -127.79 7.83 -81.64
CA LEU O 994 -126.37 8.01 -81.36
C LEU O 994 -125.90 9.42 -81.70
N CYS O 995 -126.55 10.08 -82.65
CA CYS O 995 -126.21 11.46 -82.98
C CYS O 995 -126.76 12.47 -81.98
N GLY O 996 -127.54 12.03 -81.01
CA GLY O 996 -128.04 12.92 -79.98
C GLY O 996 -129.22 13.75 -80.46
N ASN O 997 -129.83 14.44 -79.52
CA ASN O 997 -130.97 15.31 -79.81
C ASN O 997 -130.44 16.66 -80.26
N PHE O 998 -130.66 16.99 -81.53
CA PHE O 998 -130.23 18.26 -82.10
C PHE O 998 -130.99 19.40 -81.44
N ASP O 999 -130.31 20.07 -80.51
CA ASP O 999 -130.85 21.23 -79.80
C ASP O 999 -129.83 22.32 -79.54
N GLY O 1000 -128.59 22.16 -80.01
CA GLY O 1000 -127.52 23.10 -79.74
C GLY O 1000 -126.84 22.92 -78.40
N ILE O 1001 -127.19 21.91 -77.63
CA ILE O 1001 -126.62 21.66 -76.31
C ILE O 1001 -125.86 20.34 -76.34
N GLN O 1002 -124.62 20.36 -75.87
CA GLN O 1002 -123.80 19.15 -75.91
C GLN O 1002 -124.03 18.27 -74.69
N ASN O 1003 -124.26 18.87 -73.53
CA ASN O 1003 -124.26 18.10 -72.28
C ASN O 1003 -125.32 17.02 -72.25
N ASN O 1004 -126.41 17.19 -73.01
CA ASN O 1004 -127.51 16.25 -72.97
C ASN O 1004 -127.48 15.24 -74.11
N ASP O 1005 -126.40 15.18 -74.88
CA ASP O 1005 -126.40 14.33 -76.06
C ASP O 1005 -126.26 12.86 -75.73
N LEU O 1006 -125.78 12.51 -74.54
CA LEU O 1006 -125.66 11.11 -74.18
C LEU O 1006 -126.95 10.59 -73.55
N THR O 1007 -128.07 11.23 -73.83
CA THR O 1007 -129.37 10.76 -73.38
C THR O 1007 -129.65 9.37 -73.93
N SER O 1008 -129.77 8.40 -73.03
CA SER O 1008 -130.05 7.04 -73.46
C SER O 1008 -131.42 6.97 -74.13
N SER O 1009 -131.68 5.83 -74.77
CA SER O 1009 -132.99 5.60 -75.37
C SER O 1009 -134.09 5.64 -74.32
N ASN O 1010 -133.74 5.33 -73.07
CA ASN O 1010 -134.67 5.43 -71.95
C ASN O 1010 -134.64 6.79 -71.26
N LEU O 1011 -134.17 7.82 -71.94
CA LEU O 1011 -134.27 9.22 -71.55
C LEU O 1011 -133.32 9.61 -70.41
N GLN O 1012 -132.51 8.68 -69.91
CA GLN O 1012 -131.56 8.96 -68.86
C GLN O 1012 -130.20 9.30 -69.44
N VAL O 1013 -129.62 10.42 -69.01
CA VAL O 1013 -128.32 10.84 -69.48
C VAL O 1013 -127.25 9.99 -68.81
N GLU O 1014 -126.28 9.53 -69.60
CA GLU O 1014 -125.24 8.63 -69.14
C GLU O 1014 -123.89 9.31 -69.15
N GLU O 1015 -123.10 9.05 -68.11
CA GLU O 1015 -121.74 9.60 -68.06
C GLU O 1015 -120.81 8.88 -69.01
N ASP O 1016 -121.08 7.60 -69.31
CA ASP O 1016 -120.22 6.78 -70.13
C ASP O 1016 -120.88 6.55 -71.48
N PRO O 1017 -120.21 6.87 -72.60
CA PRO O 1017 -120.82 6.63 -73.90
C PRO O 1017 -121.11 5.18 -74.20
N VAL O 1018 -120.43 4.25 -73.53
CA VAL O 1018 -120.67 2.83 -73.79
C VAL O 1018 -122.09 2.45 -73.41
N ASP O 1019 -122.53 2.88 -72.24
CA ASP O 1019 -123.90 2.59 -71.80
C ASP O 1019 -124.91 3.25 -72.73
N PHE O 1020 -124.64 4.48 -73.16
CA PHE O 1020 -125.52 5.17 -74.09
C PHE O 1020 -125.68 4.39 -75.38
N GLY O 1021 -124.56 3.99 -75.99
CA GLY O 1021 -124.64 3.21 -77.21
C GLY O 1021 -125.33 1.88 -77.02
N ASN O 1022 -125.03 1.19 -75.93
CA ASN O 1022 -125.71 -0.06 -75.65
C ASN O 1022 -127.21 0.16 -75.53
N SER O 1023 -127.62 1.29 -74.99
CA SER O 1023 -129.03 1.62 -74.92
C SER O 1023 -129.62 1.89 -76.28
N TRP O 1024 -128.80 2.25 -77.27
CA TRP O 1024 -129.32 2.50 -78.61
C TRP O 1024 -129.14 1.34 -79.58
N LYS O 1025 -128.86 0.13 -79.10
CA LYS O 1025 -128.76 -1.00 -80.00
C LYS O 1025 -130.14 -1.48 -80.43
N VAL O 1026 -130.29 -1.74 -81.73
CA VAL O 1026 -131.60 -2.08 -82.28
C VAL O 1026 -132.07 -3.44 -81.78
N SER O 1027 -131.20 -4.45 -81.85
CA SER O 1027 -131.56 -5.81 -81.50
C SER O 1027 -131.15 -6.08 -80.07
N SER O 1028 -132.11 -6.49 -79.25
CA SER O 1028 -131.81 -6.73 -77.85
C SER O 1028 -130.92 -7.94 -77.65
N GLN O 1029 -131.10 -8.98 -78.47
CA GLN O 1029 -130.33 -10.20 -78.30
C GLN O 1029 -128.84 -10.01 -78.55
N CYS O 1030 -128.45 -8.95 -79.24
CA CYS O 1030 -127.05 -8.76 -79.58
C CYS O 1030 -126.23 -8.37 -78.36
N ALA O 1031 -124.92 -8.51 -78.47
CA ALA O 1031 -124.03 -8.35 -77.33
C ALA O 1031 -123.82 -6.88 -76.96
N ASP O 1032 -123.49 -6.66 -75.69
CA ASP O 1032 -123.18 -5.32 -75.20
C ASP O 1032 -121.69 -5.06 -75.25
N THR O 1033 -121.34 -3.79 -75.44
CA THR O 1033 -119.94 -3.39 -75.33
C THR O 1033 -119.50 -3.45 -73.87
N ARG O 1034 -118.26 -3.88 -73.65
CA ARG O 1034 -117.83 -4.36 -72.35
C ARG O 1034 -117.22 -3.29 -71.46
N LYS O 1035 -117.06 -2.06 -71.94
CA LYS O 1035 -116.38 -1.00 -71.20
C LYS O 1035 -114.96 -1.43 -70.81
N VAL O 1036 -114.13 -1.63 -71.82
CA VAL O 1036 -112.73 -1.99 -71.62
C VAL O 1036 -112.06 -0.86 -70.83
N PRO O 1037 -111.08 -1.15 -69.97
CA PRO O 1037 -110.40 -0.07 -69.24
C PRO O 1037 -109.79 0.96 -70.18
N LEU O 1038 -109.82 2.21 -69.75
CA LEU O 1038 -109.49 3.36 -70.60
C LEU O 1038 -107.98 3.57 -70.63
N ASP O 1039 -107.29 2.68 -71.33
CA ASP O 1039 -105.85 2.82 -71.48
C ASP O 1039 -105.51 4.06 -72.28
N SER O 1040 -104.32 4.62 -72.03
CA SER O 1040 -103.89 5.81 -72.74
C SER O 1040 -103.72 5.57 -74.23
N SER O 1041 -103.53 4.31 -74.64
CA SER O 1041 -103.48 3.94 -76.05
C SER O 1041 -104.21 2.62 -76.22
N PRO O 1042 -104.78 2.37 -77.39
CA PRO O 1042 -105.56 1.14 -77.59
C PRO O 1042 -104.73 -0.12 -77.46
N ALA O 1043 -105.38 -1.27 -77.57
CA ALA O 1043 -104.66 -2.54 -77.66
C ALA O 1043 -103.78 -2.52 -78.89
N THR O 1044 -102.60 -3.15 -78.78
CA THR O 1044 -101.53 -3.21 -79.78
C THR O 1044 -100.75 -1.91 -79.84
N CYS O 1045 -101.12 -0.90 -79.05
CA CYS O 1045 -100.21 0.20 -78.72
C CYS O 1045 -99.99 0.33 -77.23
N HIS O 1046 -100.82 -0.33 -76.40
CA HIS O 1046 -100.62 -0.28 -74.96
C HIS O 1046 -99.27 -0.85 -74.56
N ASN O 1047 -98.84 -1.94 -75.21
CA ASN O 1047 -97.58 -2.59 -74.90
C ASN O 1047 -96.68 -2.69 -76.13
N ASN O 1048 -96.90 -1.83 -77.14
CA ASN O 1048 -96.08 -1.83 -78.35
C ASN O 1048 -95.58 -0.41 -78.58
N ILE O 1049 -94.44 -0.09 -77.98
CA ILE O 1049 -93.84 1.21 -78.20
C ILE O 1049 -93.09 1.17 -79.52
N MET O 1050 -92.89 2.35 -80.12
CA MET O 1050 -92.36 2.55 -81.46
C MET O 1050 -93.44 2.24 -82.50
N LYS O 1051 -94.57 1.67 -82.10
CA LYS O 1051 -95.77 1.73 -82.92
C LYS O 1051 -96.66 2.87 -82.45
N GLN O 1052 -96.75 3.08 -81.14
CA GLN O 1052 -97.51 4.20 -80.61
C GLN O 1052 -96.96 5.52 -81.13
N THR O 1053 -95.65 5.67 -81.12
CA THR O 1053 -95.04 6.92 -81.56
C THR O 1053 -95.05 7.08 -83.09
N MET O 1054 -94.91 5.99 -83.84
CA MET O 1054 -95.09 6.12 -85.27
C MET O 1054 -96.50 6.58 -85.59
N VAL O 1055 -97.50 5.99 -84.93
CA VAL O 1055 -98.88 6.42 -85.12
C VAL O 1055 -99.04 7.89 -84.77
N ASP O 1056 -98.48 8.29 -83.63
CA ASP O 1056 -98.60 9.69 -83.20
C ASP O 1056 -98.01 10.64 -84.24
N SER O 1057 -96.75 10.39 -84.61
CA SER O 1057 -96.05 11.30 -85.50
C SER O 1057 -96.66 11.30 -86.90
N SER O 1058 -97.24 10.19 -87.33
CA SER O 1058 -97.90 10.16 -88.62
C SER O 1058 -99.25 10.87 -88.58
N CYS O 1059 -99.98 10.75 -87.46
CA CYS O 1059 -101.23 11.47 -87.32
C CYS O 1059 -101.02 12.96 -87.14
N ARG O 1060 -99.83 13.38 -86.70
CA ARG O 1060 -99.53 14.80 -86.61
C ARG O 1060 -99.60 15.52 -87.94
N ILE O 1061 -99.81 14.79 -89.05
CA ILE O 1061 -100.06 15.42 -90.33
C ILE O 1061 -101.18 16.45 -90.22
N LEU O 1062 -102.12 16.22 -89.31
CA LEU O 1062 -103.20 17.18 -89.08
C LEU O 1062 -102.67 18.54 -88.64
N THR O 1063 -101.48 18.57 -88.05
CA THR O 1063 -100.87 19.81 -87.60
C THR O 1063 -99.95 20.43 -88.64
N SER O 1064 -99.68 19.74 -89.75
CA SER O 1064 -98.70 20.19 -90.72
C SER O 1064 -99.15 21.48 -91.39
N ASP O 1065 -98.30 21.99 -92.28
CA ASP O 1065 -98.52 23.29 -92.88
C ASP O 1065 -99.82 23.35 -93.68
N VAL O 1066 -100.11 22.30 -94.45
CA VAL O 1066 -101.29 22.32 -95.31
C VAL O 1066 -102.56 22.46 -94.48
N PHE O 1067 -102.60 21.82 -93.31
CA PHE O 1067 -103.73 21.92 -92.39
C PHE O 1067 -103.59 23.08 -91.41
N GLN O 1068 -102.44 23.75 -91.39
CA GLN O 1068 -102.18 24.72 -90.33
C GLN O 1068 -103.15 25.89 -90.38
N ASP O 1069 -103.65 26.24 -91.57
CA ASP O 1069 -104.61 27.32 -91.67
C ASP O 1069 -106.02 26.87 -91.32
N CYS O 1070 -106.35 25.59 -91.55
CA CYS O 1070 -107.62 25.08 -91.09
C CYS O 1070 -107.68 24.98 -89.58
N ASN O 1071 -106.56 24.66 -88.93
CA ASN O 1071 -106.55 24.49 -87.49
C ASN O 1071 -106.94 25.78 -86.76
N LYS O 1072 -106.86 26.93 -87.42
CA LYS O 1072 -107.37 28.15 -86.82
C LYS O 1072 -108.89 28.14 -86.74
N LEU O 1073 -109.55 27.52 -87.72
CA LEU O 1073 -111.00 27.47 -87.74
C LEU O 1073 -111.57 26.25 -87.03
N VAL O 1074 -110.89 25.11 -87.10
CA VAL O 1074 -111.37 23.85 -86.56
C VAL O 1074 -110.31 23.28 -85.64
N ASP O 1075 -110.75 22.63 -84.56
CA ASP O 1075 -109.82 22.02 -83.62
C ASP O 1075 -109.41 20.65 -84.13
N PRO O 1076 -108.12 20.41 -84.38
CA PRO O 1076 -107.70 19.09 -84.88
C PRO O 1076 -107.58 18.03 -83.79
N GLU O 1077 -107.61 18.42 -82.52
CA GLU O 1077 -107.37 17.45 -81.45
C GLU O 1077 -108.34 16.28 -81.46
N PRO O 1078 -109.66 16.47 -81.57
CA PRO O 1078 -110.54 15.30 -81.64
C PRO O 1078 -110.19 14.37 -82.79
N TYR O 1079 -109.92 14.94 -83.97
CA TYR O 1079 -109.58 14.13 -85.11
C TYR O 1079 -108.21 13.48 -84.96
N LEU O 1080 -107.30 14.14 -84.26
CA LEU O 1080 -106.03 13.51 -83.93
C LEU O 1080 -106.25 12.29 -83.04
N ASP O 1081 -107.13 12.41 -82.05
CA ASP O 1081 -107.43 11.26 -81.20
C ASP O 1081 -108.04 10.13 -82.00
N VAL O 1082 -108.99 10.44 -82.89
CA VAL O 1082 -109.59 9.41 -83.73
C VAL O 1082 -108.53 8.75 -84.60
N CYS O 1083 -107.64 9.55 -85.18
CA CYS O 1083 -106.58 9.00 -86.01
C CYS O 1083 -105.73 8.03 -85.23
N ILE O 1084 -105.29 8.42 -84.04
CA ILE O 1084 -104.43 7.56 -83.24
C ILE O 1084 -105.15 6.27 -82.89
N TYR O 1085 -106.40 6.39 -82.43
CA TYR O 1085 -107.16 5.21 -82.01
C TYR O 1085 -107.32 4.23 -83.16
N ASP O 1086 -107.81 4.72 -84.31
CA ASP O 1086 -108.06 3.85 -85.44
C ASP O 1086 -106.77 3.27 -85.99
N THR O 1087 -105.68 4.03 -85.93
CA THR O 1087 -104.44 3.54 -86.51
C THR O 1087 -103.80 2.46 -85.65
N CYS O 1088 -103.86 2.61 -84.33
CA CYS O 1088 -103.48 1.49 -83.48
C CYS O 1088 -104.36 0.28 -83.71
N SER O 1089 -105.67 0.47 -83.67
CA SER O 1089 -106.57 -0.68 -83.74
C SER O 1089 -106.47 -1.40 -85.08
N CYS O 1090 -106.26 -0.66 -86.16
CA CYS O 1090 -106.31 -1.24 -87.50
C CYS O 1090 -105.07 -2.06 -87.80
N GLU O 1091 -103.89 -1.47 -87.63
CA GLU O 1091 -102.62 -1.99 -88.14
C GLU O 1091 -102.82 -2.61 -89.53
N SER O 1092 -103.25 -1.75 -90.45
CA SER O 1092 -103.65 -2.17 -91.77
C SER O 1092 -102.44 -2.67 -92.56
N ILE O 1093 -102.73 -3.37 -93.65
CA ILE O 1093 -101.69 -4.06 -94.41
C ILE O 1093 -101.52 -3.49 -95.80
N GLY O 1094 -102.53 -3.67 -96.64
CA GLY O 1094 -102.40 -3.33 -98.04
C GLY O 1094 -103.01 -1.98 -98.35
N ASP O 1095 -104.22 -1.77 -97.87
CA ASP O 1095 -104.86 -0.46 -97.94
C ASP O 1095 -104.62 0.25 -96.62
N CYS O 1096 -104.15 1.48 -96.70
CA CYS O 1096 -103.87 2.30 -95.53
C CYS O 1096 -105.10 3.08 -95.10
N ALA O 1097 -106.28 2.50 -95.33
CA ALA O 1097 -107.53 3.25 -95.38
C ALA O 1097 -107.91 3.87 -94.04
N CYS O 1098 -107.57 3.24 -92.91
CA CYS O 1098 -107.98 3.81 -91.62
C CYS O 1098 -107.40 5.20 -91.44
N PHE O 1099 -106.08 5.31 -91.54
CA PHE O 1099 -105.40 6.59 -91.43
C PHE O 1099 -105.88 7.58 -92.47
N CYS O 1100 -105.89 7.15 -93.73
CA CYS O 1100 -106.21 8.05 -94.82
C CYS O 1100 -107.64 8.56 -94.69
N ASP O 1101 -108.56 7.70 -94.26
CA ASP O 1101 -109.95 8.11 -94.13
C ASP O 1101 -110.15 9.06 -92.96
N THR O 1102 -109.42 8.89 -91.86
CA THR O 1102 -109.50 9.87 -90.79
C THR O 1102 -108.99 11.24 -91.25
N ILE O 1103 -107.84 11.26 -91.92
CA ILE O 1103 -107.33 12.52 -92.44
C ILE O 1103 -108.30 13.13 -93.44
N ALA O 1104 -108.94 12.28 -94.24
CA ALA O 1104 -109.90 12.77 -95.22
C ALA O 1104 -111.13 13.35 -94.56
N ALA O 1105 -111.56 12.76 -93.43
CA ALA O 1105 -112.67 13.34 -92.68
C ALA O 1105 -112.32 14.73 -92.17
N TYR O 1106 -111.11 14.88 -91.61
CA TYR O 1106 -110.71 16.22 -91.17
C TYR O 1106 -110.65 17.18 -92.34
N ALA O 1107 -110.12 16.75 -93.48
CA ALA O 1107 -110.07 17.61 -94.66
C ALA O 1107 -111.46 17.97 -95.14
N HIS O 1108 -112.41 17.04 -95.02
CA HIS O 1108 -113.79 17.32 -95.39
C HIS O 1108 -114.39 18.39 -94.51
N VAL O 1109 -114.13 18.33 -93.20
CA VAL O 1109 -114.61 19.37 -92.31
C VAL O 1109 -113.99 20.72 -92.69
N CYS O 1110 -112.67 20.71 -92.93
CA CYS O 1110 -112.00 21.95 -93.35
C CYS O 1110 -112.63 22.52 -94.60
N ALA O 1111 -112.91 21.66 -95.58
CA ALA O 1111 -113.54 22.12 -96.82
C ALA O 1111 -114.92 22.70 -96.56
N GLN O 1112 -115.69 22.09 -95.66
CA GLN O 1112 -116.96 22.68 -95.28
C GLN O 1112 -116.78 24.08 -94.72
N HIS O 1113 -115.71 24.30 -93.95
CA HIS O 1113 -115.41 25.63 -93.44
C HIS O 1113 -114.64 26.50 -94.43
N GLY O 1114 -114.64 26.14 -95.72
CA GLY O 1114 -114.00 26.96 -96.73
C GLY O 1114 -112.51 26.79 -96.87
N LYS O 1115 -111.86 26.06 -95.97
CA LYS O 1115 -110.42 25.82 -96.04
C LYS O 1115 -110.16 24.52 -96.80
N VAL O 1116 -110.13 24.62 -98.12
CA VAL O 1116 -109.79 23.47 -98.96
C VAL O 1116 -108.31 23.18 -98.83
N VAL O 1117 -107.98 21.92 -98.52
CA VAL O 1117 -106.61 21.51 -98.21
C VAL O 1117 -106.19 20.40 -99.16
N THR O 1118 -105.00 20.56 -99.75
CA THR O 1118 -104.45 19.60 -100.70
C THR O 1118 -103.48 18.66 -100.00
N TRP O 1119 -104.03 17.75 -99.20
CA TRP O 1119 -103.20 16.92 -98.34
C TRP O 1119 -102.69 15.65 -99.00
N ARG O 1120 -103.28 15.23 -100.12
CA ARG O 1120 -102.82 14.02 -100.79
C ARG O 1120 -101.44 14.25 -101.39
N THR O 1121 -100.62 13.20 -101.38
CA THR O 1121 -99.34 13.19 -102.06
C THR O 1121 -99.10 11.79 -102.60
N ALA O 1122 -98.19 11.69 -103.56
CA ALA O 1122 -97.86 10.39 -104.14
C ALA O 1122 -97.30 9.45 -103.08
N THR O 1123 -96.68 9.98 -102.04
CA THR O 1123 -96.09 9.17 -100.98
C THR O 1123 -96.96 9.09 -99.73
N LEU O 1124 -98.10 9.77 -99.71
CA LEU O 1124 -99.00 9.75 -98.55
C LEU O 1124 -100.42 9.64 -99.06
N CYS O 1125 -101.06 8.50 -98.79
CA CYS O 1125 -102.45 8.26 -99.14
C CYS O 1125 -102.75 8.65 -100.59
N PRO O 1126 -102.01 8.14 -101.56
CA PRO O 1126 -102.25 8.53 -102.95
C PRO O 1126 -103.59 8.04 -103.45
N GLN O 1127 -104.16 8.81 -104.37
CA GLN O 1127 -105.39 8.43 -105.04
C GLN O 1127 -105.24 8.73 -106.52
N SER O 1128 -105.75 7.83 -107.36
CA SER O 1128 -105.65 7.96 -108.80
C SER O 1128 -107.01 7.78 -109.45
N CYS O 1129 -107.26 8.53 -110.51
CA CYS O 1129 -108.49 8.47 -111.27
C CYS O 1129 -108.28 7.92 -112.68
N GLU O 1130 -107.03 7.60 -113.02
CA GLU O 1130 -106.67 7.15 -114.36
C GLU O 1130 -107.43 5.91 -114.80
N GLU O 1131 -107.96 5.12 -113.87
CA GLU O 1131 -108.75 3.96 -114.25
C GLU O 1131 -109.96 4.34 -115.09
N ARG O 1132 -110.48 5.54 -114.90
CA ARG O 1132 -111.63 6.02 -115.66
C ARG O 1132 -111.24 6.62 -117.01
N ASN O 1133 -109.97 6.98 -117.19
CA ASN O 1133 -109.51 7.60 -118.42
C ASN O 1133 -109.06 6.61 -119.48
N LEU O 1134 -108.46 5.49 -119.10
CA LEU O 1134 -108.19 4.42 -120.05
C LEU O 1134 -109.49 3.80 -120.56
N ARG O 1135 -109.49 3.41 -121.84
CA ARG O 1135 -110.72 3.18 -122.56
C ARG O 1135 -110.46 2.24 -123.73
N GLU O 1136 -111.54 1.66 -124.25
CA GLU O 1136 -111.46 0.81 -125.44
C GLU O 1136 -110.96 1.58 -126.66
N ASN O 1137 -111.15 2.89 -126.69
CA ASN O 1137 -110.58 3.76 -127.71
C ASN O 1137 -109.13 4.13 -127.43
N GLY O 1138 -108.53 3.60 -126.38
CA GLY O 1138 -107.23 4.03 -125.91
C GLY O 1138 -107.29 4.79 -124.61
N TYR O 1139 -107.25 6.12 -124.67
CA TYR O 1139 -107.18 6.91 -123.45
C TYR O 1139 -107.71 8.32 -123.73
N GLU O 1140 -108.52 8.85 -122.80
CA GLU O 1140 -108.85 10.27 -122.80
C GLU O 1140 -108.98 10.75 -121.36
N CYS O 1141 -108.33 11.87 -121.05
CA CYS O 1141 -108.02 12.31 -119.69
C CYS O 1141 -109.06 13.25 -119.09
N GLU O 1142 -110.35 12.92 -119.24
CA GLU O 1142 -111.40 13.79 -118.71
C GLU O 1142 -111.48 13.76 -117.19
N TRP O 1143 -111.24 12.61 -116.55
CA TRP O 1143 -111.27 12.53 -115.09
C TRP O 1143 -109.94 12.98 -114.47
N ARG O 1144 -110.04 13.81 -113.43
CA ARG O 1144 -108.91 14.23 -112.62
C ARG O 1144 -109.30 14.11 -111.16
N TYR O 1145 -108.35 13.74 -110.31
CA TYR O 1145 -108.54 14.00 -108.88
C TYR O 1145 -108.55 15.50 -108.63
N ASN O 1146 -109.48 15.94 -107.78
CA ASN O 1146 -109.47 17.30 -107.28
C ASN O 1146 -109.60 17.27 -105.77
N SER O 1147 -108.83 18.13 -105.09
CA SER O 1147 -108.88 18.19 -103.62
C SER O 1147 -110.30 18.27 -103.11
N CYS O 1148 -111.10 19.14 -103.71
CA CYS O 1148 -112.55 19.06 -103.56
C CYS O 1148 -113.16 19.75 -104.77
N ALA O 1149 -114.20 19.14 -105.32
CA ALA O 1149 -114.93 19.67 -106.44
C ALA O 1149 -116.38 19.97 -106.03
N PRO O 1150 -117.08 20.81 -106.77
CA PRO O 1150 -118.49 21.06 -106.46
C PRO O 1150 -119.27 19.76 -106.40
N ALA O 1151 -120.11 19.64 -105.36
CA ALA O 1151 -120.60 18.32 -104.97
C ALA O 1151 -121.65 17.78 -105.94
N CYS O 1152 -122.53 18.64 -106.44
CA CYS O 1152 -123.75 18.18 -107.07
C CYS O 1152 -123.87 18.76 -108.49
N GLN O 1153 -122.84 18.49 -109.29
CA GLN O 1153 -122.79 18.97 -110.67
C GLN O 1153 -124.00 18.50 -111.47
N VAL O 1154 -124.22 19.17 -112.60
CA VAL O 1154 -125.24 18.75 -113.55
C VAL O 1154 -124.73 17.56 -114.34
N THR O 1155 -125.62 16.63 -114.68
CA THR O 1155 -125.28 15.44 -115.44
C THR O 1155 -126.46 15.07 -116.33
N CYS O 1156 -126.22 14.10 -117.22
CA CYS O 1156 -127.31 13.57 -118.04
C CYS O 1156 -128.39 12.92 -117.20
N GLN O 1157 -128.07 12.46 -115.99
CA GLN O 1157 -129.05 11.90 -115.08
C GLN O 1157 -129.62 12.94 -114.13
N HIS O 1158 -128.95 14.07 -113.93
CA HIS O 1158 -129.43 15.16 -113.09
C HIS O 1158 -129.30 16.47 -113.88
N PRO O 1159 -130.07 16.62 -114.96
CA PRO O 1159 -129.94 17.85 -115.76
C PRO O 1159 -130.27 19.11 -114.99
N GLU O 1160 -131.22 19.06 -114.08
CA GLU O 1160 -131.57 20.24 -113.32
C GLU O 1160 -130.64 20.37 -112.11
N PRO O 1161 -130.30 21.59 -111.72
CA PRO O 1161 -129.52 21.76 -110.47
C PRO O 1161 -130.39 21.47 -109.27
N LEU O 1162 -129.79 20.81 -108.28
CA LEU O 1162 -130.51 20.38 -107.09
C LEU O 1162 -129.70 20.72 -105.86
N ALA O 1163 -130.35 21.30 -104.86
CA ALA O 1163 -129.68 21.70 -103.64
C ALA O 1163 -129.25 20.47 -102.85
N CYS O 1164 -128.04 20.53 -102.29
CA CYS O 1164 -127.48 19.41 -101.57
C CYS O 1164 -126.56 19.94 -100.47
N PRO O 1165 -126.38 19.19 -99.39
CA PRO O 1165 -125.84 19.80 -98.16
C PRO O 1165 -124.43 20.34 -98.28
N VAL O 1166 -123.54 19.62 -98.93
CA VAL O 1166 -122.11 19.94 -98.92
C VAL O 1166 -121.74 20.64 -100.22
N GLN O 1167 -121.00 21.74 -100.11
CA GLN O 1167 -120.63 22.51 -101.29
C GLN O 1167 -119.55 21.83 -102.10
N CYS O 1168 -118.54 21.26 -101.43
CA CYS O 1168 -117.34 20.80 -102.12
C CYS O 1168 -116.86 19.52 -101.48
N VAL O 1169 -116.59 18.50 -102.31
CA VAL O 1169 -116.23 17.17 -101.84
C VAL O 1169 -115.02 16.65 -102.60
N GLU O 1170 -114.17 15.91 -101.90
CA GLU O 1170 -112.98 15.31 -102.48
C GLU O 1170 -113.34 14.14 -103.41
N GLY O 1171 -112.50 13.93 -104.41
CA GLY O 1171 -112.47 12.72 -105.18
C GLY O 1171 -112.20 12.98 -106.64
N CYS O 1172 -112.43 11.94 -107.45
CA CYS O 1172 -112.33 12.04 -108.89
C CYS O 1172 -113.44 12.90 -109.47
N HIS O 1173 -113.05 13.85 -110.32
CA HIS O 1173 -113.97 14.81 -110.90
C HIS O 1173 -113.71 14.86 -112.40
N ALA O 1174 -114.77 14.83 -113.20
CA ALA O 1174 -114.66 14.96 -114.64
C ALA O 1174 -114.69 16.43 -115.03
N HIS O 1175 -113.61 16.90 -115.66
CA HIS O 1175 -113.56 18.24 -116.23
C HIS O 1175 -113.55 18.15 -117.75
N CYS O 1176 -114.50 18.82 -118.39
CA CYS O 1176 -114.69 18.75 -119.82
C CYS O 1176 -115.22 20.09 -120.32
N PRO O 1177 -115.16 20.34 -121.63
CA PRO O 1177 -115.30 21.73 -122.13
C PRO O 1177 -116.68 22.32 -121.89
N PRO O 1178 -116.86 23.61 -122.21
CA PRO O 1178 -118.16 24.25 -121.99
C PRO O 1178 -119.26 23.60 -122.82
N GLY O 1179 -120.49 23.68 -122.29
CA GLY O 1179 -121.64 23.08 -122.94
C GLY O 1179 -121.66 21.57 -122.92
N LYS O 1180 -120.56 20.93 -122.55
CA LYS O 1180 -120.47 19.48 -122.51
C LYS O 1180 -120.92 18.99 -121.14
N ILE O 1181 -121.63 17.87 -121.11
CA ILE O 1181 -122.26 17.37 -119.89
C ILE O 1181 -121.84 15.92 -119.66
N LEU O 1182 -121.60 15.56 -118.40
CA LEU O 1182 -121.27 14.19 -118.05
C LEU O 1182 -122.49 13.28 -118.14
N ASP O 1183 -122.28 12.09 -118.68
CA ASP O 1183 -123.21 10.97 -118.53
C ASP O 1183 -122.68 10.00 -117.47
N GLU O 1184 -123.43 9.84 -116.39
CA GLU O 1184 -123.02 8.96 -115.29
C GLU O 1184 -123.02 7.49 -115.68
N LEU O 1185 -123.86 7.08 -116.63
CA LEU O 1185 -123.81 5.68 -117.08
C LEU O 1185 -122.55 5.40 -117.88
N LEU O 1186 -122.10 6.36 -118.69
CA LEU O 1186 -120.85 6.20 -119.42
C LEU O 1186 -119.63 6.59 -118.60
N GLN O 1187 -119.83 7.28 -117.48
CA GLN O 1187 -118.77 8.04 -116.83
C GLN O 1187 -117.96 8.84 -117.85
N THR O 1188 -118.67 9.48 -118.79
CA THR O 1188 -118.06 10.14 -119.92
C THR O 1188 -118.87 11.40 -120.23
N CYS O 1189 -118.17 12.48 -120.56
CA CYS O 1189 -118.83 13.71 -121.01
C CYS O 1189 -119.42 13.56 -122.41
N VAL O 1190 -120.68 13.97 -122.56
CA VAL O 1190 -121.41 13.89 -123.82
C VAL O 1190 -122.27 15.14 -123.98
N ASP O 1191 -122.72 15.37 -125.22
CA ASP O 1191 -123.54 16.54 -125.49
C ASP O 1191 -124.86 16.47 -124.72
N PRO O 1192 -125.48 17.63 -124.45
CA PRO O 1192 -126.76 17.61 -123.73
C PRO O 1192 -127.82 16.78 -124.42
N GLU O 1193 -127.77 16.67 -125.75
CA GLU O 1193 -128.75 15.90 -126.49
C GLU O 1193 -128.47 14.40 -126.47
N ASP O 1194 -127.32 13.97 -125.96
CA ASP O 1194 -126.95 12.56 -125.94
C ASP O 1194 -127.42 11.82 -124.70
N CYS O 1195 -128.14 12.50 -123.80
CA CYS O 1195 -128.55 11.85 -122.56
C CYS O 1195 -129.51 10.70 -122.86
N PRO O 1196 -129.42 9.58 -122.13
CA PRO O 1196 -130.33 8.46 -122.39
C PRO O 1196 -131.73 8.65 -121.84
N VAL O 1197 -131.95 9.65 -120.98
CA VAL O 1197 -133.27 9.88 -120.41
C VAL O 1197 -133.64 11.35 -120.49
N SER O 1262 -155.90 33.00 -79.08
CA SER O 1262 -156.36 32.48 -80.36
C SER O 1262 -157.43 31.41 -80.16
N GLU O 1263 -158.38 31.34 -81.10
CA GLU O 1263 -159.54 30.47 -81.02
C GLU O 1263 -160.29 30.68 -79.71
N PRO O 1264 -160.93 31.83 -79.52
CA PRO O 1264 -161.73 32.07 -78.30
C PRO O 1264 -162.86 31.06 -78.12
N PRO O 1265 -163.60 30.65 -79.18
CA PRO O 1265 -164.85 29.90 -78.93
C PRO O 1265 -164.65 28.47 -78.44
N LEU O 1266 -163.44 28.09 -78.04
CA LEU O 1266 -163.23 26.76 -77.49
C LEU O 1266 -164.10 26.52 -76.26
N HIS O 1267 -164.49 27.58 -75.56
CA HIS O 1267 -165.40 27.46 -74.43
C HIS O 1267 -166.06 28.81 -74.18
N ASP O 1268 -167.19 28.77 -73.45
CA ASP O 1268 -167.87 30.00 -73.10
C ASP O 1268 -167.00 30.89 -72.21
N PHE O 1269 -166.14 30.29 -71.41
CA PHE O 1269 -165.23 31.04 -70.55
C PHE O 1269 -163.88 31.14 -71.25
N TYR O 1270 -163.47 32.37 -71.56
CA TYR O 1270 -162.21 32.63 -72.23
C TYR O 1270 -161.58 33.84 -71.58
N CYS O 1271 -160.31 33.74 -71.21
CA CYS O 1271 -159.70 34.62 -70.23
C CYS O 1271 -158.59 35.40 -70.93
N SER O 1272 -158.92 36.58 -71.44
CA SER O 1272 -157.99 37.43 -72.18
C SER O 1272 -157.55 38.56 -71.26
N ARG O 1273 -156.48 38.31 -70.51
CA ARG O 1273 -155.96 39.29 -69.56
C ARG O 1273 -154.54 38.91 -69.20
N LEU O 1274 -153.84 39.87 -68.60
CA LEU O 1274 -152.40 39.73 -68.33
C LEU O 1274 -152.19 38.81 -67.14
N LEU O 1275 -151.59 37.65 -67.38
CA LEU O 1275 -151.35 36.67 -66.34
C LEU O 1275 -150.13 35.83 -66.66
N ASP O 1276 -149.37 35.45 -65.64
CA ASP O 1276 -148.37 34.39 -65.68
C ASP O 1276 -148.80 33.27 -64.74
N LEU O 1277 -148.94 32.05 -65.27
CA LEU O 1277 -149.55 30.95 -64.53
C LEU O 1277 -148.65 29.72 -64.58
N VAL O 1278 -148.42 29.09 -63.41
CA VAL O 1278 -147.66 27.84 -63.33
C VAL O 1278 -148.52 26.77 -62.68
N PHE O 1279 -148.66 25.63 -63.37
CA PHE O 1279 -149.28 24.43 -62.80
C PHE O 1279 -148.22 23.54 -62.17
N LEU O 1280 -148.29 23.35 -60.86
CA LEU O 1280 -147.38 22.45 -60.14
C LEU O 1280 -148.10 21.15 -59.84
N LEU O 1281 -147.62 20.05 -60.41
CA LEU O 1281 -148.32 18.76 -60.39
C LEU O 1281 -147.60 17.75 -59.52
N ASP O 1282 -148.30 17.17 -58.55
CA ASP O 1282 -147.74 16.19 -57.64
C ASP O 1282 -147.43 14.90 -58.38
N GLY O 1283 -146.15 14.57 -58.50
CA GLY O 1283 -145.72 13.35 -59.14
C GLY O 1283 -145.55 12.16 -58.22
N SER O 1284 -146.12 12.20 -57.03
CA SER O 1284 -145.94 11.13 -56.06
C SER O 1284 -146.87 9.95 -56.36
N SER O 1285 -146.60 8.84 -55.69
CA SER O 1285 -147.39 7.63 -55.87
C SER O 1285 -148.79 7.74 -55.30
N ARG O 1286 -149.07 8.77 -54.48
CA ARG O 1286 -150.40 8.95 -53.94
C ARG O 1286 -151.44 9.16 -55.03
N LEU O 1287 -151.02 9.56 -56.22
CA LEU O 1287 -151.88 9.56 -57.40
C LEU O 1287 -151.48 8.40 -58.29
N SER O 1288 -152.44 7.53 -58.58
CA SER O 1288 -152.21 6.48 -59.57
C SER O 1288 -152.15 7.10 -60.96
N GLU O 1289 -151.60 6.34 -61.91
CA GLU O 1289 -151.48 6.86 -63.27
C GLU O 1289 -152.82 7.31 -63.83
N ALA O 1290 -153.90 6.58 -63.54
CA ALA O 1290 -155.23 6.99 -64.00
C ALA O 1290 -155.62 8.35 -63.42
N GLU O 1291 -155.36 8.53 -62.13
CA GLU O 1291 -155.67 9.81 -61.50
C GLU O 1291 -154.78 10.91 -62.08
N PHE O 1292 -153.51 10.59 -62.34
CA PHE O 1292 -152.65 11.59 -62.95
C PHE O 1292 -153.15 11.97 -64.33
N GLU O 1293 -153.77 11.02 -65.04
CA GLU O 1293 -154.34 11.32 -66.35
C GLU O 1293 -155.48 12.31 -66.25
N VAL O 1294 -156.38 12.12 -65.27
CA VAL O 1294 -157.47 13.08 -65.17
C VAL O 1294 -156.96 14.43 -64.67
N LEU O 1295 -155.90 14.42 -63.86
CA LEU O 1295 -155.26 15.67 -63.44
C LEU O 1295 -154.67 16.41 -64.64
N LYS O 1296 -154.05 15.67 -65.55
CA LYS O 1296 -153.52 16.26 -66.77
C LYS O 1296 -154.64 16.82 -67.62
N ALA O 1297 -155.75 16.11 -67.72
CA ALA O 1297 -156.89 16.61 -68.49
C ALA O 1297 -157.44 17.90 -67.89
N PHE O 1298 -157.44 18.00 -66.56
CA PHE O 1298 -157.81 19.24 -65.86
C PHE O 1298 -156.90 20.40 -66.24
N VAL O 1299 -155.59 20.15 -66.26
CA VAL O 1299 -154.64 21.16 -66.75
C VAL O 1299 -154.96 21.53 -68.20
N VAL O 1300 -155.25 20.53 -69.03
CA VAL O 1300 -155.39 20.77 -70.45
C VAL O 1300 -156.62 21.63 -70.74
N ASP O 1301 -157.75 21.31 -70.10
CA ASP O 1301 -158.94 22.12 -70.34
C ASP O 1301 -158.79 23.53 -69.77
N MET O 1302 -158.11 23.68 -68.63
CA MET O 1302 -157.83 25.03 -68.16
C MET O 1302 -156.99 25.81 -69.16
N MET O 1303 -156.03 25.15 -69.80
CA MET O 1303 -155.28 25.81 -70.87
C MET O 1303 -156.16 26.11 -72.07
N GLU O 1304 -157.18 25.28 -72.32
CA GLU O 1304 -158.17 25.62 -73.33
C GLU O 1304 -158.91 26.91 -72.97
N ARG O 1305 -159.08 27.18 -71.68
CA ARG O 1305 -159.87 28.33 -71.24
C ARG O 1305 -159.01 29.56 -70.93
N LEU O 1306 -157.73 29.54 -71.31
CA LEU O 1306 -156.86 30.70 -71.17
C LEU O 1306 -156.36 31.15 -72.54
N ARG O 1307 -156.25 32.47 -72.72
CA ARG O 1307 -155.72 33.03 -73.96
C ARG O 1307 -154.20 32.90 -73.93
N ILE O 1308 -153.70 31.78 -74.44
CA ILE O 1308 -152.28 31.46 -74.35
C ILE O 1308 -151.51 32.27 -75.39
N SER O 1309 -150.56 33.08 -74.92
CA SER O 1309 -149.63 33.83 -75.76
C SER O 1309 -148.67 34.58 -74.84
N GLN O 1310 -147.57 35.07 -75.43
CA GLN O 1310 -146.69 35.93 -74.66
C GLN O 1310 -147.42 37.19 -74.22
N LYS O 1311 -148.24 37.74 -75.10
CA LYS O 1311 -149.29 38.67 -74.68
C LYS O 1311 -150.36 37.92 -73.91
N TRP O 1312 -151.07 38.63 -73.02
CA TRP O 1312 -152.13 38.05 -72.22
C TRP O 1312 -151.53 36.98 -71.29
N VAL O 1313 -151.89 35.72 -71.47
CA VAL O 1313 -151.61 34.69 -70.46
C VAL O 1313 -150.43 33.85 -70.91
N ARG O 1314 -149.45 33.69 -70.03
CA ARG O 1314 -148.34 32.76 -70.19
C ARG O 1314 -148.50 31.61 -69.21
N VAL O 1315 -148.31 30.39 -69.69
CA VAL O 1315 -148.56 29.19 -68.90
C VAL O 1315 -147.29 28.35 -68.85
N ALA O 1316 -147.02 27.78 -67.68
CA ALA O 1316 -145.95 26.81 -67.50
C ALA O 1316 -146.49 25.62 -66.72
N VAL O 1317 -145.92 24.45 -66.97
CA VAL O 1317 -146.35 23.20 -66.36
C VAL O 1317 -145.14 22.55 -65.72
N VAL O 1318 -145.26 22.15 -64.46
CA VAL O 1318 -144.13 21.65 -63.69
C VAL O 1318 -144.58 20.45 -62.87
N GLU O 1319 -144.07 19.28 -63.19
CA GLU O 1319 -144.23 18.11 -62.33
C GLU O 1319 -143.10 18.07 -61.31
N TYR O 1320 -143.45 17.84 -60.05
CA TYR O 1320 -142.46 17.68 -58.99
C TYR O 1320 -142.56 16.27 -58.42
N HIS O 1321 -141.44 15.55 -58.44
CA HIS O 1321 -141.36 14.19 -57.93
C HIS O 1321 -140.09 14.01 -57.13
N ASP O 1322 -139.85 14.92 -56.19
CA ASP O 1322 -138.61 15.17 -55.46
C ASP O 1322 -137.63 15.95 -56.34
N GLY O 1323 -137.96 16.17 -57.60
CA GLY O 1323 -137.25 17.13 -58.42
C GLY O 1323 -138.23 17.77 -59.37
N SER O 1324 -137.98 19.03 -59.67
CA SER O 1324 -138.97 19.87 -60.35
C SER O 1324 -138.84 19.68 -61.86
N HIS O 1325 -139.56 18.71 -62.40
CA HIS O 1325 -139.59 18.43 -63.83
C HIS O 1325 -140.50 19.40 -64.55
N ALA O 1326 -139.91 20.40 -65.20
CA ALA O 1326 -140.68 21.36 -65.98
C ALA O 1326 -140.89 20.84 -67.40
N TYR O 1327 -142.15 20.85 -67.85
CA TYR O 1327 -142.49 20.46 -69.21
C TYR O 1327 -142.77 21.64 -70.12
N ILE O 1328 -143.29 22.73 -69.58
CA ILE O 1328 -143.55 23.95 -70.34
C ILE O 1328 -143.01 25.13 -69.54
N GLY O 1329 -142.33 26.03 -70.23
CA GLY O 1329 -141.85 27.25 -69.59
C GLY O 1329 -142.58 28.47 -70.11
N LEU O 1330 -142.61 29.54 -69.32
CA LEU O 1330 -143.32 30.74 -69.73
C LEU O 1330 -142.69 31.39 -70.95
N LYS O 1331 -141.42 31.09 -71.23
CA LYS O 1331 -140.75 31.65 -72.39
C LYS O 1331 -141.05 30.87 -73.67
N ASP O 1332 -141.67 29.70 -73.57
CA ASP O 1332 -141.91 28.88 -74.75
C ASP O 1332 -142.81 29.62 -75.74
N ARG O 1333 -142.37 29.70 -76.99
CA ARG O 1333 -143.08 30.40 -78.04
C ARG O 1333 -144.02 29.50 -78.83
N LYS O 1334 -144.19 28.25 -78.42
CA LYS O 1334 -144.99 27.31 -79.18
C LYS O 1334 -146.46 27.72 -79.17
N ARG O 1335 -147.17 27.29 -80.21
CA ARG O 1335 -148.56 27.68 -80.39
C ARG O 1335 -149.45 27.03 -79.33
N PRO O 1336 -150.61 27.63 -79.05
CA PRO O 1336 -151.47 27.08 -77.99
C PRO O 1336 -151.83 25.63 -78.17
N SER O 1337 -152.09 25.19 -79.40
CA SER O 1337 -152.41 23.78 -79.64
C SER O 1337 -151.24 22.88 -79.26
N GLU O 1338 -150.02 23.28 -79.65
CA GLU O 1338 -148.84 22.51 -79.29
C GLU O 1338 -148.64 22.46 -77.79
N LEU O 1339 -148.89 23.59 -77.11
CA LEU O 1339 -148.74 23.62 -75.66
C LEU O 1339 -149.75 22.72 -74.98
N ARG O 1340 -151.00 22.72 -75.46
CA ARG O 1340 -152.00 21.81 -74.91
C ARG O 1340 -151.63 20.36 -75.16
N ARG O 1341 -151.07 20.06 -76.33
CA ARG O 1341 -150.59 18.71 -76.60
C ARG O 1341 -149.49 18.31 -75.62
N ILE O 1342 -148.54 19.21 -75.40
CA ILE O 1342 -147.45 18.91 -74.47
C ILE O 1342 -147.99 18.66 -73.07
N ALA O 1343 -148.94 19.49 -72.63
CA ALA O 1343 -149.54 19.28 -71.32
C ALA O 1343 -150.26 17.94 -71.26
N SER O 1344 -150.97 17.58 -72.32
CA SER O 1344 -151.69 16.32 -72.36
C SER O 1344 -150.73 15.14 -72.32
N GLN O 1345 -149.51 15.30 -72.82
CA GLN O 1345 -148.55 14.21 -72.86
C GLN O 1345 -147.49 14.30 -71.76
N VAL O 1346 -147.79 14.97 -70.65
CA VAL O 1346 -146.93 14.94 -69.49
C VAL O 1346 -146.88 13.52 -68.94
N LYS O 1347 -145.68 13.03 -68.66
CA LYS O 1347 -145.55 11.67 -68.18
C LYS O 1347 -145.83 11.58 -66.69
N TYR O 1348 -145.96 10.35 -66.20
CA TYR O 1348 -146.30 10.07 -64.81
C TYR O 1348 -145.07 9.49 -64.12
N ALA O 1349 -144.67 10.10 -63.01
CA ALA O 1349 -143.49 9.66 -62.29
C ALA O 1349 -143.81 8.61 -61.24
N GLY O 1350 -144.74 8.91 -60.34
CA GLY O 1350 -145.09 7.96 -59.29
C GLY O 1350 -144.04 7.77 -58.24
N SER O 1351 -143.38 8.84 -57.82
CA SER O 1351 -142.37 8.74 -56.77
C SER O 1351 -143.01 8.47 -55.42
N GLN O 1352 -142.24 7.88 -54.52
CA GLN O 1352 -142.73 7.66 -53.16
C GLN O 1352 -142.72 8.94 -52.33
N VAL O 1353 -141.96 9.94 -52.74
CA VAL O 1353 -141.91 11.23 -52.04
C VAL O 1353 -141.86 12.34 -53.08
N ALA O 1354 -142.58 13.42 -52.82
CA ALA O 1354 -142.60 14.58 -53.72
C ALA O 1354 -142.49 15.82 -52.84
N SER O 1355 -141.25 16.30 -52.67
CA SER O 1355 -140.98 17.46 -51.82
C SER O 1355 -141.71 18.70 -52.32
N THR O 1356 -142.65 19.19 -51.52
CA THR O 1356 -143.43 20.36 -51.88
C THR O 1356 -142.66 21.65 -51.66
N SER O 1357 -141.87 21.69 -50.58
CA SER O 1357 -140.96 22.80 -50.37
C SER O 1357 -139.94 22.91 -51.49
N GLU O 1358 -139.51 21.77 -52.03
CA GLU O 1358 -138.53 21.81 -53.12
C GLU O 1358 -139.11 22.43 -54.37
N VAL O 1359 -140.38 22.15 -54.70
CA VAL O 1359 -140.95 22.77 -55.88
C VAL O 1359 -141.27 24.24 -55.62
N LEU O 1360 -141.60 24.62 -54.39
CA LEU O 1360 -141.68 26.05 -54.08
C LEU O 1360 -140.33 26.74 -54.26
N LYS O 1361 -139.25 26.06 -53.86
CA LYS O 1361 -137.91 26.61 -54.08
C LYS O 1361 -137.64 26.75 -55.56
N TYR O 1362 -137.96 25.72 -56.34
CA TYR O 1362 -137.73 25.77 -57.77
C TYR O 1362 -138.47 26.94 -58.40
N THR O 1363 -139.77 27.06 -58.16
CA THR O 1363 -140.51 28.14 -58.79
C THR O 1363 -140.00 29.51 -58.36
N LEU O 1364 -139.62 29.63 -57.08
CA LEU O 1364 -139.14 30.91 -56.55
C LEU O 1364 -137.83 31.32 -57.20
N PHE O 1365 -136.85 30.43 -57.27
CA PHE O 1365 -135.53 30.83 -57.69
C PHE O 1365 -135.27 30.63 -59.17
N GLN O 1366 -136.02 29.77 -59.84
CA GLN O 1366 -135.77 29.44 -61.23
C GLN O 1366 -136.89 29.85 -62.17
N ILE O 1367 -138.15 29.73 -61.77
CA ILE O 1367 -139.22 30.15 -62.68
C ILE O 1367 -139.36 31.66 -62.66
N PHE O 1368 -139.65 32.21 -61.50
CA PHE O 1368 -139.73 33.65 -61.30
C PHE O 1368 -138.40 34.25 -60.87
N SER O 1369 -137.32 33.85 -61.55
CA SER O 1369 -136.01 34.40 -61.24
C SER O 1369 -135.96 35.90 -61.52
N LYS O 1370 -136.56 36.33 -62.64
CA LYS O 1370 -136.65 37.73 -62.97
C LYS O 1370 -138.09 38.03 -63.38
N ILE O 1371 -138.66 39.08 -62.79
CA ILE O 1371 -140.03 39.48 -63.10
C ILE O 1371 -140.02 40.32 -64.37
N ASP O 1372 -140.15 39.66 -65.52
CA ASP O 1372 -140.13 40.37 -66.80
C ASP O 1372 -141.47 40.97 -67.18
N ARG O 1373 -142.54 40.67 -66.45
CA ARG O 1373 -143.86 41.28 -66.65
C ARG O 1373 -144.39 41.81 -65.32
N PRO O 1374 -143.76 42.84 -64.76
CA PRO O 1374 -144.17 43.33 -63.44
C PRO O 1374 -145.62 43.81 -63.38
N GLU O 1375 -146.20 44.19 -64.51
CA GLU O 1375 -147.60 44.56 -64.57
C GLU O 1375 -148.55 43.36 -64.58
N ALA O 1376 -148.09 42.20 -65.05
CA ALA O 1376 -148.94 41.02 -65.11
C ALA O 1376 -148.98 40.30 -63.76
N SER O 1377 -150.15 39.73 -63.44
CA SER O 1377 -150.28 38.93 -62.23
C SER O 1377 -149.54 37.61 -62.37
N ARG O 1378 -148.94 37.14 -61.27
CA ARG O 1378 -148.16 35.92 -61.24
C ARG O 1378 -148.77 34.93 -60.26
N ILE O 1379 -149.18 33.75 -60.74
CA ILE O 1379 -149.95 32.80 -59.94
C ILE O 1379 -149.39 31.40 -60.13
N ALA O 1380 -149.37 30.62 -59.05
CA ALA O 1380 -148.98 29.21 -59.08
C ALA O 1380 -150.09 28.37 -58.45
N LEU O 1381 -150.49 27.29 -59.12
CA LEU O 1381 -151.35 26.27 -58.51
C LEU O 1381 -150.46 25.18 -57.92
N LEU O 1382 -150.33 25.18 -56.60
CA LEU O 1382 -149.61 24.09 -55.92
C LEU O 1382 -150.57 22.93 -55.73
N LEU O 1383 -150.81 22.21 -56.80
CA LEU O 1383 -151.71 21.07 -56.76
C LEU O 1383 -150.96 19.89 -56.14
N MET O 1384 -151.47 19.38 -55.03
CA MET O 1384 -150.71 18.54 -54.12
C MET O 1384 -151.58 17.46 -53.52
N ALA O 1385 -151.02 16.26 -53.38
CA ALA O 1385 -151.80 15.09 -52.99
C ALA O 1385 -151.02 14.16 -52.07
N SER O 1386 -149.94 14.62 -51.46
CA SER O 1386 -149.07 13.74 -50.70
C SER O 1386 -148.38 14.50 -49.58
N GLN O 1387 -147.98 13.77 -48.54
CA GLN O 1387 -147.16 14.33 -47.49
C GLN O 1387 -145.70 14.39 -47.93
N GLU O 1388 -144.87 15.00 -47.10
CA GLU O 1388 -143.42 14.96 -47.27
C GLU O 1388 -142.79 14.77 -45.90
N PRO O 1389 -141.62 14.12 -45.85
CA PRO O 1389 -140.96 13.94 -44.56
C PRO O 1389 -140.69 15.28 -43.90
N GLN O 1390 -140.80 15.30 -42.57
CA GLN O 1390 -140.72 16.56 -41.83
C GLN O 1390 -139.38 17.26 -42.08
N ARG O 1391 -138.30 16.50 -42.19
CA ARG O 1391 -136.99 17.10 -42.40
C ARG O 1391 -136.94 17.92 -43.68
N MET O 1392 -137.77 17.60 -44.66
CA MET O 1392 -137.78 18.33 -45.92
C MET O 1392 -138.70 19.54 -45.92
N SER O 1393 -139.49 19.72 -44.87
CA SER O 1393 -140.46 20.81 -44.80
C SER O 1393 -139.93 22.03 -44.05
N ARG O 1394 -138.64 22.06 -43.71
CA ARG O 1394 -138.15 23.07 -42.78
C ARG O 1394 -138.08 24.46 -43.41
N ASN O 1395 -137.86 24.55 -44.70
CA ASN O 1395 -137.76 25.85 -45.38
C ASN O 1395 -139.01 26.21 -46.15
N PHE O 1396 -140.12 25.51 -45.90
CA PHE O 1396 -141.36 25.73 -46.64
C PHE O 1396 -141.87 27.16 -46.46
N VAL O 1397 -141.98 27.60 -45.21
CA VAL O 1397 -142.49 28.94 -44.92
C VAL O 1397 -141.61 30.01 -45.54
N ARG O 1398 -140.29 29.81 -45.50
CA ARG O 1398 -139.39 30.79 -46.09
C ARG O 1398 -139.67 30.97 -47.58
N TYR O 1399 -139.85 29.85 -48.30
CA TYR O 1399 -140.08 29.92 -49.73
C TYR O 1399 -141.42 30.56 -50.04
N VAL O 1400 -142.47 30.21 -49.29
CA VAL O 1400 -143.76 30.82 -49.59
C VAL O 1400 -143.73 32.32 -49.30
N GLN O 1401 -143.04 32.73 -48.24
CA GLN O 1401 -142.92 34.15 -47.96
C GLN O 1401 -142.10 34.87 -49.03
N GLY O 1402 -141.05 34.22 -49.53
CA GLY O 1402 -140.31 34.81 -50.63
C GLY O 1402 -141.16 34.97 -51.87
N LEU O 1403 -142.01 33.99 -52.15
CA LEU O 1403 -142.94 34.11 -53.26
C LEU O 1403 -143.91 35.26 -53.04
N LYS O 1404 -144.35 35.46 -51.79
CA LYS O 1404 -145.21 36.59 -51.49
C LYS O 1404 -144.49 37.91 -51.73
N LYS O 1405 -143.22 37.98 -51.34
CA LYS O 1405 -142.46 39.22 -51.55
C LYS O 1405 -142.32 39.54 -53.02
N LYS O 1406 -142.30 38.53 -53.89
CA LYS O 1406 -142.36 38.73 -55.32
C LYS O 1406 -143.79 38.93 -55.83
N LYS O 1407 -144.77 38.96 -54.92
CA LYS O 1407 -146.20 38.93 -55.26
C LYS O 1407 -146.59 37.79 -56.20
N VAL O 1408 -145.88 36.66 -56.10
CA VAL O 1408 -146.31 35.42 -56.75
C VAL O 1408 -147.38 34.76 -55.89
N ILE O 1409 -148.62 34.78 -56.35
CA ILE O 1409 -149.72 34.13 -55.65
C ILE O 1409 -149.54 32.62 -55.73
N VAL O 1410 -149.80 31.92 -54.62
CA VAL O 1410 -149.84 30.46 -54.60
C VAL O 1410 -151.20 29.99 -54.12
N ILE O 1411 -151.89 29.23 -54.97
CA ILE O 1411 -153.20 28.67 -54.69
C ILE O 1411 -153.03 27.18 -54.45
N PRO O 1412 -152.94 26.71 -53.21
CA PRO O 1412 -152.83 25.27 -52.95
C PRO O 1412 -154.13 24.54 -53.27
N VAL O 1413 -154.00 23.41 -53.97
CA VAL O 1413 -155.14 22.57 -54.32
C VAL O 1413 -154.90 21.16 -53.78
N GLY O 1414 -155.21 20.97 -52.51
CA GLY O 1414 -155.02 19.66 -51.88
C GLY O 1414 -156.05 18.66 -52.37
N ILE O 1415 -155.60 17.45 -52.68
CA ILE O 1415 -156.47 16.39 -53.20
C ILE O 1415 -156.21 15.11 -52.42
N GLY O 1416 -157.29 14.47 -51.96
CA GLY O 1416 -157.20 13.18 -51.33
C GLY O 1416 -156.88 13.22 -49.86
N PRO O 1417 -157.06 12.09 -49.18
CA PRO O 1417 -156.78 12.05 -47.74
C PRO O 1417 -155.33 12.32 -47.39
N HIS O 1418 -154.41 12.05 -48.31
CA HIS O 1418 -152.98 12.19 -48.03
C HIS O 1418 -152.44 13.58 -48.33
N ALA O 1419 -153.28 14.52 -48.76
CA ALA O 1419 -152.80 15.88 -48.98
C ALA O 1419 -152.24 16.46 -47.69
N ASN O 1420 -151.18 17.26 -47.81
CA ASN O 1420 -150.51 17.86 -46.66
C ASN O 1420 -151.28 19.10 -46.23
N LEU O 1421 -152.40 18.87 -45.54
CA LEU O 1421 -153.27 19.96 -45.10
C LEU O 1421 -152.53 21.01 -44.28
N LYS O 1422 -151.57 20.59 -43.46
CA LYS O 1422 -150.80 21.54 -42.66
C LYS O 1422 -150.07 22.56 -43.53
N GLN O 1423 -149.39 22.09 -44.57
CA GLN O 1423 -148.70 22.99 -45.49
C GLN O 1423 -149.69 23.90 -46.21
N ILE O 1424 -150.88 23.39 -46.49
CA ILE O 1424 -151.94 24.18 -47.11
C ILE O 1424 -152.35 25.33 -46.19
N ARG O 1425 -152.63 25.04 -44.93
CA ARG O 1425 -153.02 26.11 -44.00
C ARG O 1425 -151.88 27.09 -43.80
N LEU O 1426 -150.63 26.59 -43.77
CA LEU O 1426 -149.49 27.49 -43.66
C LEU O 1426 -149.41 28.44 -44.85
N ILE O 1427 -149.69 27.95 -46.06
CA ILE O 1427 -149.76 28.83 -47.22
C ILE O 1427 -150.88 29.85 -47.05
N GLU O 1428 -152.05 29.39 -46.60
CA GLU O 1428 -153.19 30.30 -46.44
C GLU O 1428 -152.89 31.42 -45.45
N LYS O 1429 -152.12 31.12 -44.41
CA LYS O 1429 -151.82 32.11 -43.38
C LYS O 1429 -150.98 33.26 -43.92
N GLN O 1430 -150.27 33.07 -45.04
CA GLN O 1430 -149.35 34.09 -45.53
C GLN O 1430 -150.07 35.26 -46.19
N ALA O 1431 -151.14 34.98 -46.95
CA ALA O 1431 -151.82 36.06 -47.65
C ALA O 1431 -153.27 35.64 -47.90
N PRO O 1432 -154.22 36.56 -47.85
CA PRO O 1432 -155.63 36.17 -48.10
C PRO O 1432 -155.86 35.63 -49.50
N GLU O 1433 -155.17 36.17 -50.51
CA GLU O 1433 -155.38 35.72 -51.88
C GLU O 1433 -154.88 34.30 -52.12
N ASN O 1434 -154.06 33.77 -51.22
CA ASN O 1434 -153.61 32.38 -51.29
C ASN O 1434 -154.65 31.43 -50.68
N LYS O 1435 -155.91 31.55 -51.11
CA LYS O 1435 -156.97 30.73 -50.55
C LYS O 1435 -156.90 29.31 -51.11
N ALA O 1436 -157.21 28.35 -50.26
CA ALA O 1436 -156.97 26.95 -50.58
C ALA O 1436 -158.23 26.29 -51.14
N PHE O 1437 -158.00 25.34 -52.05
CA PHE O 1437 -159.01 24.38 -52.48
C PHE O 1437 -158.63 23.02 -51.95
N VAL O 1438 -159.58 22.32 -51.34
CA VAL O 1438 -159.36 20.97 -50.83
C VAL O 1438 -160.39 20.06 -51.47
N LEU O 1439 -159.93 19.01 -52.13
CA LEU O 1439 -160.78 18.15 -52.93
C LEU O 1439 -160.75 16.73 -52.38
N SER O 1440 -161.90 16.06 -52.44
CA SER O 1440 -161.97 14.67 -52.02
C SER O 1440 -161.10 13.78 -52.91
N SER O 1441 -161.13 14.01 -54.22
CA SER O 1441 -160.37 13.19 -55.15
C SER O 1441 -160.17 13.98 -56.44
N VAL O 1442 -159.29 13.46 -57.29
CA VAL O 1442 -158.92 14.15 -58.53
C VAL O 1442 -160.11 14.39 -59.43
N ASP O 1443 -161.10 13.50 -59.41
CA ASP O 1443 -162.26 13.69 -60.27
C ASP O 1443 -163.09 14.90 -59.87
N GLU O 1444 -162.92 15.42 -58.66
CA GLU O 1444 -163.59 16.64 -58.25
C GLU O 1444 -163.01 17.87 -58.94
N LEU O 1445 -161.85 17.74 -59.58
CA LEU O 1445 -161.32 18.83 -60.39
C LEU O 1445 -162.27 19.21 -61.51
N GLU O 1446 -162.96 18.22 -62.09
CA GLU O 1446 -163.95 18.52 -63.12
C GLU O 1446 -165.04 19.43 -62.60
N GLN O 1447 -165.37 19.33 -61.32
CA GLN O 1447 -166.40 20.17 -60.72
C GLN O 1447 -165.84 21.51 -60.30
N GLN O 1448 -164.61 21.54 -59.82
CA GLN O 1448 -164.02 22.77 -59.30
C GLN O 1448 -163.44 23.67 -60.38
N ARG O 1449 -163.29 23.15 -61.61
CA ARG O 1449 -162.57 23.85 -62.66
C ARG O 1449 -163.15 25.22 -62.95
N ASP O 1450 -164.49 25.32 -63.05
CA ASP O 1450 -165.10 26.57 -63.46
C ASP O 1450 -164.78 27.69 -62.47
N GLU O 1451 -165.01 27.46 -61.18
CA GLU O 1451 -164.73 28.51 -60.22
C GLU O 1451 -163.24 28.72 -60.05
N ILE O 1452 -162.41 27.69 -60.26
CA ILE O 1452 -160.97 27.90 -60.21
C ILE O 1452 -160.53 28.88 -61.29
N VAL O 1453 -160.98 28.68 -62.53
CA VAL O 1453 -160.59 29.61 -63.60
C VAL O 1453 -161.20 30.99 -63.36
N SER O 1454 -162.42 31.04 -62.82
CA SER O 1454 -163.02 32.33 -62.51
C SER O 1454 -162.17 33.09 -61.50
N TYR O 1455 -161.72 32.40 -60.45
CA TYR O 1455 -160.86 33.04 -59.46
C TYR O 1455 -159.54 33.49 -60.05
N LEU O 1456 -158.92 32.62 -60.86
CA LEU O 1456 -157.66 32.97 -61.50
C LEU O 1456 -157.79 34.24 -62.33
N CYS O 1457 -158.86 34.36 -63.10
CA CYS O 1457 -159.03 35.53 -63.95
C CYS O 1457 -159.51 36.75 -63.16
N ASP O 1458 -160.14 36.53 -62.02
CA ASP O 1458 -160.40 37.64 -61.10
C ASP O 1458 -159.11 38.20 -60.53
N LEU O 1459 -158.11 37.34 -60.31
CA LEU O 1459 -156.81 37.76 -59.78
C LEU O 1459 -155.90 38.39 -60.84
N ALA O 1460 -156.36 38.57 -62.08
CA ALA O 1460 -155.52 39.09 -63.14
C ALA O 1460 -156.10 40.36 -63.75
N PRO O 1461 -155.27 41.38 -63.98
CA PRO O 1461 -155.78 42.62 -64.57
C PRO O 1461 -155.87 42.54 -66.10
N GLU O 1462 -156.68 43.43 -66.65
CA GLU O 1462 -156.82 43.56 -68.09
C GLU O 1462 -155.71 44.44 -68.67
N ALA O 1463 -155.68 44.54 -69.99
CA ALA O 1463 -154.70 45.36 -70.69
C ALA O 1463 -154.90 46.83 -70.39
N SER P 31 -108.58 -146.64 -61.99
CA SER P 31 -108.73 -145.41 -62.77
C SER P 31 -108.21 -144.21 -61.98
N THR P 32 -109.00 -143.77 -61.01
CA THR P 32 -108.64 -142.61 -60.18
C THR P 32 -109.50 -142.64 -58.93
N ALA P 33 -108.90 -142.26 -57.81
CA ALA P 33 -109.58 -142.26 -56.53
C ALA P 33 -110.34 -140.97 -56.30
N ARG P 34 -111.20 -140.96 -55.28
CA ARG P 34 -111.92 -139.76 -54.89
C ARG P 34 -111.99 -139.71 -53.38
N CYS P 35 -111.68 -138.54 -52.82
CA CYS P 35 -111.83 -138.27 -51.41
C CYS P 35 -112.69 -137.04 -51.23
N SER P 36 -113.49 -137.03 -50.18
CA SER P 36 -114.44 -135.94 -49.98
C SER P 36 -114.53 -135.58 -48.51
N LEU P 37 -114.57 -134.30 -48.23
CA LEU P 37 -114.90 -133.77 -46.92
C LEU P 37 -116.14 -132.91 -47.09
N PHE P 38 -117.24 -133.35 -46.51
CA PHE P 38 -118.56 -132.87 -46.89
C PHE P 38 -119.42 -132.71 -45.65
N GLY P 39 -120.52 -132.01 -45.83
CA GLY P 39 -121.38 -131.74 -44.71
C GLY P 39 -120.68 -130.84 -43.71
N SER P 40 -121.17 -130.90 -42.48
CA SER P 40 -120.57 -130.08 -41.43
C SER P 40 -119.21 -130.62 -41.01
N ASP P 41 -119.14 -131.91 -40.67
CA ASP P 41 -117.95 -132.47 -40.06
C ASP P 41 -117.61 -133.87 -40.55
N PHE P 42 -117.89 -134.17 -41.81
CA PHE P 42 -117.76 -135.53 -42.30
C PHE P 42 -116.66 -135.68 -43.33
N VAL P 43 -116.13 -136.89 -43.43
CA VAL P 43 -115.03 -137.21 -44.34
C VAL P 43 -115.35 -138.52 -45.03
N ASN P 44 -114.86 -138.67 -46.25
CA ASN P 44 -114.95 -139.93 -47.00
C ASN P 44 -113.59 -140.22 -47.60
N THR P 45 -113.06 -141.39 -47.32
CA THR P 45 -111.70 -141.75 -47.71
C THR P 45 -111.66 -142.23 -49.15
N PHE P 46 -110.43 -142.45 -49.64
CA PHE P 46 -110.26 -142.94 -51.00
C PHE P 46 -110.87 -144.32 -51.17
N ASP P 47 -110.79 -145.16 -50.13
CA ASP P 47 -111.24 -146.55 -50.21
C ASP P 47 -112.66 -146.73 -49.72
N GLY P 48 -113.36 -145.67 -49.36
CA GLY P 48 -114.75 -145.75 -48.99
C GLY P 48 -115.04 -145.64 -47.52
N SER P 49 -114.04 -145.76 -46.66
CA SER P 49 -114.27 -145.56 -45.23
C SER P 49 -114.76 -144.14 -45.00
N MET P 50 -115.78 -144.01 -44.16
CA MET P 50 -116.46 -142.74 -43.98
C MET P 50 -116.69 -142.49 -42.50
N TYR P 51 -116.43 -141.27 -42.05
CA TYR P 51 -116.45 -140.96 -40.64
C TYR P 51 -116.64 -139.47 -40.45
N SER P 52 -116.77 -139.06 -39.20
CA SER P 52 -116.92 -137.66 -38.84
C SER P 52 -115.71 -137.15 -38.09
N PHE P 53 -115.31 -135.92 -38.37
CA PHE P 53 -114.23 -135.28 -37.65
C PHE P 53 -114.43 -133.78 -37.67
N ALA P 54 -114.49 -133.17 -36.48
CA ALA P 54 -114.62 -131.72 -36.33
C ALA P 54 -113.27 -131.15 -35.94
N GLY P 55 -112.44 -130.89 -36.94
CA GLY P 55 -111.09 -130.43 -36.66
C GLY P 55 -111.05 -128.99 -36.21
N TYR P 56 -109.97 -128.66 -35.48
CA TYR P 56 -109.73 -127.31 -35.03
C TYR P 56 -108.39 -126.78 -35.53
N CYS P 57 -107.71 -127.52 -36.40
CA CYS P 57 -106.42 -127.11 -36.93
C CYS P 57 -106.39 -127.52 -38.40
N SER P 58 -105.20 -127.54 -38.99
CA SER P 58 -105.01 -128.00 -40.35
C SER P 58 -104.50 -129.43 -40.34
N TYR P 59 -105.00 -130.24 -41.27
CA TYR P 59 -104.71 -131.66 -41.28
C TYR P 59 -104.32 -132.11 -42.68
N LEU P 60 -103.48 -133.12 -42.75
CA LEU P 60 -103.09 -133.69 -44.02
C LEU P 60 -104.21 -134.54 -44.58
N LEU P 61 -104.76 -134.14 -45.73
CA LEU P 61 -105.79 -134.94 -46.38
C LEU P 61 -105.17 -136.04 -47.23
N ALA P 62 -104.15 -135.71 -48.00
CA ALA P 62 -103.51 -136.71 -48.84
C ALA P 62 -102.12 -136.20 -49.23
N GLY P 63 -101.29 -137.12 -49.67
CA GLY P 63 -99.97 -136.76 -50.12
C GLY P 63 -99.08 -137.98 -50.17
N GLY P 64 -97.93 -137.78 -50.82
CA GLY P 64 -96.91 -138.80 -50.83
C GLY P 64 -96.53 -139.15 -49.42
N CYS P 65 -96.60 -140.43 -49.07
CA CYS P 65 -96.65 -140.79 -47.67
C CYS P 65 -95.29 -141.11 -47.09
N GLN P 66 -94.39 -141.66 -47.91
CA GLN P 66 -92.98 -141.78 -47.53
C GLN P 66 -92.18 -140.57 -48.04
N LYS P 67 -92.19 -140.35 -49.35
CA LYS P 67 -91.57 -139.18 -49.97
C LYS P 67 -92.66 -138.22 -50.40
N ARG P 68 -92.85 -137.15 -49.62
CA ARG P 68 -93.99 -136.25 -49.79
C ARG P 68 -93.61 -135.15 -50.76
N SER P 69 -93.75 -135.47 -52.05
CA SER P 69 -93.50 -134.46 -53.09
C SER P 69 -94.54 -133.35 -53.04
N PHE P 70 -95.75 -133.65 -52.62
CA PHE P 70 -96.78 -132.64 -52.46
C PHE P 70 -97.65 -133.00 -51.27
N SER P 71 -98.33 -132.00 -50.73
CA SER P 71 -99.20 -132.20 -49.58
C SER P 71 -100.49 -131.45 -49.81
N ILE P 72 -101.62 -132.14 -49.66
CA ILE P 72 -102.93 -131.51 -49.69
C ILE P 72 -103.41 -131.38 -48.26
N ILE P 73 -103.69 -130.15 -47.83
CA ILE P 73 -103.90 -129.84 -46.43
C ILE P 73 -105.26 -129.17 -46.30
N GLY P 74 -106.13 -129.72 -45.47
CA GLY P 74 -107.41 -129.13 -45.18
C GLY P 74 -107.35 -128.34 -43.88
N ASP P 75 -107.81 -127.10 -43.94
CA ASP P 75 -107.77 -126.20 -42.80
C ASP P 75 -109.15 -126.08 -42.21
N PHE P 76 -109.25 -126.21 -40.89
CA PHE P 76 -110.51 -126.10 -40.18
C PHE P 76 -110.45 -124.92 -39.22
N GLN P 77 -111.62 -124.50 -38.75
CA GLN P 77 -111.72 -123.46 -37.74
C GLN P 77 -113.03 -123.63 -37.00
N ASN P 78 -112.96 -123.86 -35.69
CA ASN P 78 -114.13 -124.08 -34.86
C ASN P 78 -114.97 -125.23 -35.39
N GLY P 79 -114.30 -126.28 -35.87
CA GLY P 79 -114.95 -127.44 -36.39
C GLY P 79 -115.35 -127.36 -37.85
N LYS P 80 -115.45 -126.17 -38.41
CA LYS P 80 -115.86 -125.98 -39.79
C LYS P 80 -114.65 -125.85 -40.70
N ARG P 81 -114.84 -126.23 -41.96
CA ARG P 81 -113.80 -126.11 -42.96
C ARG P 81 -113.70 -124.68 -43.45
N VAL P 82 -112.47 -124.22 -43.69
CA VAL P 82 -112.25 -122.84 -44.12
C VAL P 82 -111.40 -122.74 -45.38
N SER P 83 -110.57 -123.71 -45.70
CA SER P 83 -109.72 -123.59 -46.88
C SER P 83 -109.15 -124.96 -47.22
N LEU P 84 -108.64 -125.07 -48.44
CA LEU P 84 -107.98 -126.27 -48.94
C LEU P 84 -106.62 -125.86 -49.47
N SER P 85 -105.58 -126.16 -48.71
CA SER P 85 -104.24 -125.73 -49.06
C SER P 85 -103.48 -126.87 -49.73
N VAL P 86 -102.49 -126.50 -50.54
CA VAL P 86 -101.62 -127.45 -51.20
C VAL P 86 -100.19 -126.94 -51.09
N TYR P 87 -99.28 -127.84 -50.79
CA TYR P 87 -97.85 -127.53 -50.69
C TYR P 87 -97.10 -128.45 -51.63
N LEU P 88 -96.20 -127.90 -52.43
CA LEU P 88 -95.45 -128.69 -53.39
C LEU P 88 -94.07 -129.10 -52.87
N GLY P 89 -93.88 -129.12 -51.56
CA GLY P 89 -92.59 -129.47 -51.04
C GLY P 89 -91.79 -128.27 -50.57
N GLU P 90 -92.46 -127.35 -49.88
CA GLU P 90 -91.88 -126.22 -49.17
C GLU P 90 -91.43 -125.10 -50.08
N PHE P 91 -91.50 -125.26 -51.41
CA PHE P 91 -91.11 -124.18 -52.29
C PHE P 91 -92.31 -123.45 -52.86
N PHE P 92 -93.49 -124.04 -52.80
CA PHE P 92 -94.69 -123.40 -53.29
C PHE P 92 -95.87 -123.86 -52.46
N ASP P 93 -96.70 -122.91 -52.04
CA ASP P 93 -97.89 -123.21 -51.28
C ASP P 93 -99.03 -122.34 -51.79
N ILE P 94 -100.23 -122.88 -51.80
CA ILE P 94 -101.40 -122.17 -52.29
C ILE P 94 -102.56 -122.48 -51.37
N HIS P 95 -103.41 -121.48 -51.12
CA HIS P 95 -104.47 -121.58 -50.13
C HIS P 95 -105.78 -121.20 -50.79
N LEU P 96 -106.59 -122.19 -51.13
CA LEU P 96 -107.89 -121.96 -51.74
C LEU P 96 -108.94 -121.98 -50.64
N PHE P 97 -109.47 -120.80 -50.32
CA PHE P 97 -110.46 -120.70 -49.27
C PHE P 97 -111.86 -121.02 -49.79
N VAL P 98 -112.76 -121.29 -48.86
CA VAL P 98 -114.13 -121.62 -49.25
C VAL P 98 -114.79 -120.44 -49.97
N ASN P 99 -114.56 -119.22 -49.48
CA ASN P 99 -115.16 -118.05 -50.11
C ASN P 99 -114.26 -117.45 -51.19
N GLY P 100 -113.83 -118.32 -52.11
CA GLY P 100 -113.27 -117.91 -53.37
C GLY P 100 -111.90 -117.26 -53.31
N THR P 101 -111.44 -116.89 -52.12
CA THR P 101 -110.16 -116.20 -52.02
C THR P 101 -109.02 -117.20 -52.17
N VAL P 102 -107.98 -116.77 -52.88
CA VAL P 102 -106.78 -117.58 -53.08
C VAL P 102 -105.58 -116.75 -52.66
N THR P 103 -104.69 -117.34 -51.87
CA THR P 103 -103.46 -116.70 -51.47
C THR P 103 -102.29 -117.64 -51.75
N GLN P 104 -101.27 -117.14 -52.43
CA GLN P 104 -100.01 -117.84 -52.61
C GLN P 104 -99.06 -117.34 -51.54
N GLY P 105 -98.68 -118.21 -50.63
CA GLY P 105 -98.09 -117.74 -49.39
C GLY P 105 -99.11 -116.94 -48.62
N ASP P 106 -98.71 -115.77 -48.13
CA ASP P 106 -99.66 -114.85 -47.53
C ASP P 106 -100.17 -113.81 -48.51
N GLN P 107 -99.67 -113.80 -49.73
CA GLN P 107 -100.06 -112.81 -50.74
C GLN P 107 -101.32 -113.27 -51.46
N ARG P 108 -102.31 -112.40 -51.53
CA ARG P 108 -103.55 -112.72 -52.21
C ARG P 108 -103.39 -112.67 -53.72
N VAL P 109 -104.02 -113.61 -54.42
CA VAL P 109 -104.02 -113.65 -55.87
C VAL P 109 -105.45 -113.90 -56.35
N SER P 110 -105.68 -113.58 -57.61
CA SER P 110 -107.02 -113.65 -58.20
C SER P 110 -107.11 -114.81 -59.19
N MET P 111 -108.28 -115.39 -59.26
CA MET P 111 -108.53 -116.48 -60.19
C MET P 111 -108.95 -115.95 -61.55
N PRO P 112 -108.66 -116.67 -62.64
CA PRO P 112 -107.90 -117.92 -62.67
C PRO P 112 -106.43 -117.68 -62.42
N TYR P 113 -105.74 -118.70 -61.93
CA TYR P 113 -104.34 -118.58 -61.58
C TYR P 113 -103.62 -119.84 -62.03
N ALA P 114 -102.42 -119.67 -62.57
CA ALA P 114 -101.63 -120.79 -63.04
C ALA P 114 -100.18 -120.54 -62.69
N SER P 115 -99.53 -121.52 -62.05
CA SER P 115 -98.14 -121.39 -61.66
C SER P 115 -97.57 -122.73 -61.24
N LYS P 116 -96.39 -123.04 -61.75
CA LYS P 116 -95.61 -124.20 -61.29
C LYS P 116 -96.44 -125.48 -61.34
N GLY P 117 -97.21 -125.64 -62.41
CA GLY P 117 -97.97 -126.84 -62.64
C GLY P 117 -99.33 -126.88 -61.98
N LEU P 118 -99.70 -125.86 -61.22
CA LEU P 118 -100.98 -125.81 -60.53
C LEU P 118 -101.90 -124.81 -61.23
N TYR P 119 -103.14 -125.21 -61.46
CA TYR P 119 -104.11 -124.42 -62.20
C TYR P 119 -105.35 -124.23 -61.33
N LEU P 120 -105.67 -122.98 -61.01
CA LEU P 120 -106.88 -122.66 -60.27
C LEU P 120 -107.90 -122.09 -61.23
N GLU P 121 -109.07 -122.72 -61.30
CA GLU P 121 -110.07 -122.38 -62.29
C GLU P 121 -111.45 -122.53 -61.68
N THR P 122 -112.40 -121.76 -62.18
CA THR P 122 -113.78 -121.84 -61.72
C THR P 122 -114.58 -122.77 -62.63
N GLU P 123 -114.13 -124.02 -62.70
CA GLU P 123 -114.77 -125.00 -63.57
C GLU P 123 -116.17 -125.35 -63.05
N ALA P 124 -117.17 -125.24 -63.94
CA ALA P 124 -118.54 -125.61 -63.62
C ALA P 124 -119.05 -124.90 -62.38
N GLY P 125 -118.62 -123.65 -62.19
CA GLY P 125 -119.05 -122.86 -61.07
C GLY P 125 -118.43 -123.21 -59.75
N TYR P 126 -117.50 -124.18 -59.72
CA TYR P 126 -116.84 -124.62 -58.50
C TYR P 126 -115.35 -124.40 -58.62
N TYR P 127 -114.74 -123.91 -57.56
CA TYR P 127 -113.32 -123.55 -57.57
C TYR P 127 -112.48 -124.81 -57.70
N LYS P 128 -111.80 -124.95 -58.83
CA LYS P 128 -110.94 -126.08 -59.12
C LYS P 128 -109.50 -125.72 -58.80
N LEU P 129 -108.69 -126.73 -58.50
CA LEU P 129 -107.25 -126.57 -58.29
C LEU P 129 -106.61 -127.82 -58.87
N SER P 130 -106.19 -127.74 -60.13
CA SER P 130 -105.73 -128.91 -60.86
C SER P 130 -104.23 -129.04 -60.76
N GLY P 131 -103.76 -130.27 -60.59
CA GLY P 131 -102.35 -130.56 -60.48
C GLY P 131 -101.92 -131.68 -61.38
N GLU P 132 -102.43 -131.71 -62.62
CA GLU P 132 -102.24 -132.82 -63.54
C GLU P 132 -100.84 -133.40 -63.49
N ALA P 133 -99.82 -132.53 -63.52
CA ALA P 133 -98.44 -133.03 -63.50
C ALA P 133 -98.18 -133.82 -62.23
N TYR P 134 -98.65 -133.33 -61.09
CA TYR P 134 -98.48 -134.03 -59.83
C TYR P 134 -99.47 -135.17 -59.65
N GLY P 135 -100.49 -135.26 -60.48
CA GLY P 135 -101.39 -136.38 -60.45
C GLY P 135 -102.54 -136.24 -59.47
N PHE P 136 -103.10 -135.04 -59.34
CA PHE P 136 -104.22 -134.82 -58.46
C PHE P 136 -105.08 -133.69 -58.97
N VAL P 137 -106.35 -133.70 -58.58
CA VAL P 137 -107.28 -132.61 -58.88
C VAL P 137 -108.11 -132.35 -57.62
N ALA P 138 -108.16 -131.10 -57.20
CA ALA P 138 -108.91 -130.70 -56.03
C ALA P 138 -110.03 -129.75 -56.42
N ARG P 139 -111.05 -129.68 -55.58
CA ARG P 139 -112.21 -128.85 -55.89
C ARG P 139 -112.92 -128.47 -54.61
N ILE P 140 -113.48 -127.27 -54.61
CA ILE P 140 -114.39 -126.81 -53.55
C ILE P 140 -115.69 -126.43 -54.22
N ASP P 141 -116.79 -127.03 -53.76
CA ASP P 141 -118.09 -126.68 -54.30
C ASP P 141 -118.61 -125.41 -53.65
N GLY P 142 -119.75 -124.93 -54.15
CA GLY P 142 -120.30 -123.68 -53.68
C GLY P 142 -120.72 -123.69 -52.22
N SER P 143 -120.93 -124.86 -51.64
CA SER P 143 -121.35 -124.98 -50.26
C SER P 143 -120.20 -125.28 -49.31
N GLY P 144 -118.97 -125.39 -49.80
CA GLY P 144 -117.82 -125.61 -48.96
C GLY P 144 -117.36 -127.04 -48.85
N ASN P 145 -117.93 -127.96 -49.60
CA ASN P 145 -117.49 -129.35 -49.56
C ASN P 145 -116.20 -129.51 -50.35
N PHE P 146 -115.18 -130.06 -49.72
CA PHE P 146 -113.92 -130.30 -50.40
C PHE P 146 -114.00 -131.57 -51.24
N GLN P 147 -113.06 -131.70 -52.17
CA GLN P 147 -112.99 -132.86 -53.02
C GLN P 147 -111.54 -133.03 -53.46
N VAL P 148 -111.07 -134.27 -53.52
CA VAL P 148 -109.73 -134.56 -54.01
C VAL P 148 -109.81 -135.81 -54.87
N LEU P 149 -109.30 -135.74 -56.09
CA LEU P 149 -109.14 -136.88 -56.97
C LEU P 149 -107.66 -137.15 -57.16
N LEU P 150 -107.24 -138.36 -56.86
CA LEU P 150 -105.82 -138.72 -56.81
C LEU P 150 -105.57 -139.84 -57.80
N SER P 151 -104.53 -139.71 -58.61
CA SER P 151 -104.31 -140.64 -59.70
C SER P 151 -103.88 -142.00 -59.18
N ASP P 152 -103.94 -142.99 -60.07
CA ASP P 152 -103.62 -144.36 -59.70
C ASP P 152 -102.18 -144.53 -59.28
N ARG P 153 -101.28 -143.63 -59.69
CA ARG P 153 -99.88 -143.77 -59.34
C ARG P 153 -99.65 -143.73 -57.85
N TYR P 154 -100.60 -143.19 -57.08
CA TYR P 154 -100.50 -143.13 -55.62
C TYR P 154 -101.25 -144.27 -54.95
N PHE P 155 -101.53 -145.34 -55.68
CA PHE P 155 -102.12 -146.52 -55.07
C PHE P 155 -101.19 -147.10 -54.02
N ASN P 156 -101.67 -147.19 -52.78
CA ASN P 156 -100.94 -147.81 -51.68
C ASN P 156 -99.71 -147.01 -51.28
N LYS P 157 -99.67 -145.73 -51.64
CA LYS P 157 -98.52 -144.88 -51.38
C LYS P 157 -98.90 -143.54 -50.77
N THR P 158 -100.13 -143.37 -50.31
CA THR P 158 -100.59 -142.13 -49.72
C THR P 158 -101.10 -142.37 -48.32
N CYS P 159 -101.09 -141.32 -47.51
CA CYS P 159 -101.66 -141.41 -46.17
C CYS P 159 -102.07 -140.02 -45.71
N GLY P 160 -103.17 -139.97 -44.96
CA GLY P 160 -103.76 -138.72 -44.53
C GLY P 160 -105.20 -138.97 -44.18
N LEU P 161 -105.92 -137.89 -43.85
CA LEU P 161 -107.32 -138.04 -43.45
C LEU P 161 -108.12 -138.79 -44.51
N CYS P 162 -107.77 -138.63 -45.78
CA CYS P 162 -108.38 -139.43 -46.83
C CYS P 162 -107.97 -140.88 -46.77
N GLY P 163 -107.15 -141.26 -45.80
CA GLY P 163 -106.70 -142.63 -45.69
C GLY P 163 -105.72 -143.01 -46.77
N ASN P 164 -105.23 -144.24 -46.67
CA ASN P 164 -104.42 -144.78 -47.75
C ASN P 164 -105.30 -145.03 -48.95
N PHE P 165 -104.70 -145.48 -50.04
CA PHE P 165 -105.46 -145.79 -51.26
C PHE P 165 -105.12 -147.23 -51.66
N ASN P 166 -105.84 -148.16 -51.04
CA ASN P 166 -105.86 -149.56 -51.41
C ASN P 166 -107.24 -150.06 -51.06
N ILE P 167 -107.83 -150.84 -51.98
CA ILE P 167 -109.27 -151.08 -51.98
C ILE P 167 -109.78 -151.56 -50.62
N PHE P 168 -108.92 -152.21 -49.84
CA PHE P 168 -109.29 -152.59 -48.48
C PHE P 168 -109.60 -151.36 -47.66
N ALA P 169 -110.85 -151.20 -47.25
CA ALA P 169 -111.26 -149.99 -46.56
C ALA P 169 -111.02 -150.05 -45.06
N GLU P 170 -110.92 -151.26 -44.50
CA GLU P 170 -110.78 -151.39 -43.06
C GLU P 170 -109.48 -150.82 -42.53
N ASP P 171 -108.48 -150.61 -43.39
CA ASP P 171 -107.16 -150.17 -42.98
C ASP P 171 -106.90 -148.70 -43.27
N ASP P 172 -107.94 -147.90 -43.41
CA ASP P 172 -107.74 -146.51 -43.79
C ASP P 172 -107.34 -145.62 -42.63
N PHE P 173 -107.49 -146.09 -41.39
CA PHE P 173 -107.28 -145.23 -40.22
C PHE P 173 -105.86 -145.27 -39.71
N MET P 174 -104.89 -145.56 -40.57
CA MET P 174 -103.49 -145.59 -40.14
C MET P 174 -103.07 -144.22 -39.62
N THR P 175 -102.49 -144.20 -38.43
CA THR P 175 -101.96 -142.97 -37.87
C THR P 175 -100.60 -142.65 -38.46
N GLN P 176 -100.16 -141.41 -38.26
CA GLN P 176 -98.84 -141.02 -38.73
C GLN P 176 -97.75 -141.81 -38.04
N GLU P 177 -98.02 -142.34 -36.85
CA GLU P 177 -97.08 -143.21 -36.17
C GLU P 177 -96.97 -144.58 -36.83
N GLY P 178 -97.82 -144.86 -37.81
CA GLY P 178 -97.77 -146.13 -38.50
C GLY P 178 -98.62 -147.22 -37.90
N THR P 179 -99.62 -146.88 -37.09
CA THR P 179 -100.47 -147.87 -36.43
C THR P 179 -101.93 -147.56 -36.72
N LEU P 180 -102.72 -148.62 -36.86
CA LEU P 180 -104.16 -148.45 -37.01
C LEU P 180 -104.78 -148.03 -35.69
N THR P 181 -105.97 -147.42 -35.79
CA THR P 181 -106.71 -147.06 -34.60
C THR P 181 -108.20 -147.12 -34.93
N SER P 182 -108.99 -147.59 -33.97
CA SER P 182 -110.43 -147.69 -34.16
C SER P 182 -111.14 -146.36 -33.96
N ASP P 183 -110.45 -145.34 -33.49
CA ASP P 183 -111.07 -144.06 -33.21
C ASP P 183 -110.76 -143.11 -34.34
N PRO P 184 -111.75 -142.57 -35.04
CA PRO P 184 -111.46 -141.58 -36.08
C PRO P 184 -110.67 -140.38 -35.57
N TYR P 185 -110.93 -139.93 -34.34
CA TYR P 185 -110.25 -138.75 -33.84
C TYR P 185 -108.78 -139.01 -33.56
N ASP P 186 -108.43 -140.19 -33.07
CA ASP P 186 -107.00 -140.51 -32.92
C ASP P 186 -106.29 -140.40 -34.26
N PHE P 187 -106.87 -141.00 -35.30
CA PHE P 187 -106.32 -140.94 -36.65
C PHE P 187 -106.19 -139.50 -37.14
N ALA P 188 -107.27 -138.74 -37.05
CA ALA P 188 -107.26 -137.38 -37.58
C ALA P 188 -106.26 -136.51 -36.84
N ASN P 189 -106.29 -136.55 -35.50
CA ASN P 189 -105.33 -135.76 -34.73
C ASN P 189 -103.91 -136.21 -34.99
N SER P 190 -103.71 -137.49 -35.30
CA SER P 190 -102.39 -137.95 -35.70
C SER P 190 -101.95 -137.27 -36.98
N TRP P 191 -102.89 -136.91 -37.85
CA TRP P 191 -102.53 -136.23 -39.08
C TRP P 191 -102.71 -134.71 -39.02
N ALA P 192 -102.52 -134.11 -37.85
CA ALA P 192 -102.53 -132.67 -37.76
C ALA P 192 -101.18 -132.09 -38.13
N LEU P 193 -101.19 -130.84 -38.61
CA LEU P 193 -99.98 -130.13 -39.00
C LEU P 193 -100.04 -128.72 -38.44
N SER P 194 -99.05 -128.36 -37.64
CA SER P 194 -98.99 -127.05 -37.02
C SER P 194 -98.08 -126.12 -37.81
N SER P 195 -98.16 -124.84 -37.48
CA SER P 195 -97.36 -123.82 -38.16
C SER P 195 -96.87 -122.82 -37.13
N GLY P 196 -96.18 -121.80 -37.62
CA GLY P 196 -95.61 -120.80 -36.76
C GLY P 196 -96.58 -119.79 -36.22
N GLU P 197 -97.83 -119.85 -36.64
CA GLU P 197 -98.88 -119.00 -36.09
C GLU P 197 -100.12 -119.79 -35.69
N GLN P 198 -100.04 -121.12 -35.72
CA GLN P 198 -101.17 -121.96 -35.34
C GLN P 198 -100.63 -123.31 -34.91
N TRP P 199 -100.69 -123.59 -33.62
CA TRP P 199 -100.27 -124.87 -33.07
C TRP P 199 -101.49 -125.67 -32.67
N CYS P 200 -101.54 -126.92 -33.11
CA CYS P 200 -102.79 -127.67 -33.13
C CYS P 200 -103.15 -128.19 -31.74
N GLU P 201 -104.39 -127.95 -31.33
CA GLU P 201 -104.93 -128.55 -30.13
C GLU P 201 -105.53 -129.92 -30.43
N ARG P 202 -105.56 -130.78 -29.42
CA ARG P 202 -106.16 -132.10 -29.54
C ARG P 202 -107.67 -131.96 -29.74
N ALA P 203 -108.15 -132.29 -30.92
CA ALA P 203 -109.58 -132.23 -31.19
C ALA P 203 -110.29 -133.43 -30.56
N SER P 204 -111.53 -133.22 -30.15
CA SER P 204 -112.32 -134.25 -29.51
C SER P 204 -113.76 -134.15 -29.99
N PRO P 205 -114.53 -135.23 -29.90
CA PRO P 205 -115.91 -135.21 -30.38
C PRO P 205 -116.73 -134.16 -29.65
N PRO P 206 -117.62 -133.47 -30.34
CA PRO P 206 -118.46 -132.46 -29.70
C PRO P 206 -119.66 -133.08 -29.00
N SER P 207 -120.28 -132.29 -28.12
CA SER P 207 -121.53 -132.69 -27.50
C SER P 207 -122.67 -132.63 -28.51
N SER P 208 -123.66 -133.50 -28.32
CA SER P 208 -124.73 -133.62 -29.31
C SER P 208 -126.00 -134.14 -28.65
N SER P 209 -127.11 -133.97 -29.36
CA SER P 209 -128.40 -134.52 -28.98
C SER P 209 -128.91 -135.40 -30.13
N CYS P 210 -129.46 -136.56 -29.78
CA CYS P 210 -129.89 -137.52 -30.78
C CYS P 210 -130.95 -138.46 -30.21
N MET P 217 -133.04 -136.70 -33.50
CA MET P 217 -133.83 -137.65 -34.29
C MET P 217 -135.28 -137.20 -34.41
N GLN P 218 -135.80 -137.23 -35.65
CA GLN P 218 -137.18 -136.88 -35.91
C GLN P 218 -137.64 -137.66 -37.14
N LYS P 219 -138.81 -138.31 -37.01
CA LYS P 219 -139.26 -139.25 -38.03
C LYS P 219 -139.44 -138.56 -39.39
N GLY P 220 -140.10 -137.40 -39.40
CA GLY P 220 -140.34 -136.71 -40.65
C GLY P 220 -139.04 -136.37 -41.37
N LEU P 221 -138.02 -135.97 -40.61
CA LEU P 221 -136.72 -135.74 -41.22
C LEU P 221 -136.05 -137.05 -41.62
N TRP P 222 -136.28 -138.11 -40.84
CA TRP P 222 -135.67 -139.40 -41.12
C TRP P 222 -136.14 -139.98 -42.45
N GLU P 223 -137.37 -139.66 -42.85
CA GLU P 223 -137.84 -140.06 -44.19
C GLU P 223 -136.89 -139.55 -45.28
N GLN P 224 -136.41 -138.31 -45.12
CA GLN P 224 -135.52 -137.74 -46.14
C GLN P 224 -134.26 -138.58 -46.29
N CYS P 225 -133.68 -139.03 -45.16
CA CYS P 225 -132.54 -139.92 -45.25
C CYS P 225 -132.92 -141.24 -45.88
N GLN P 226 -134.11 -141.75 -45.59
CA GLN P 226 -134.55 -142.98 -46.21
C GLN P 226 -134.74 -142.84 -47.71
N LEU P 227 -134.77 -141.62 -48.24
CA LEU P 227 -134.80 -141.46 -49.70
C LEU P 227 -133.71 -142.26 -50.39
N LEU P 228 -132.53 -142.36 -49.77
CA LEU P 228 -131.42 -143.08 -50.37
C LEU P 228 -131.78 -144.52 -50.72
N LYS P 229 -132.69 -145.12 -49.95
CA LYS P 229 -133.02 -146.52 -50.12
C LYS P 229 -134.31 -146.75 -50.91
N SER P 230 -135.26 -145.84 -50.80
CA SER P 230 -136.59 -146.06 -51.35
C SER P 230 -136.76 -145.52 -52.76
N THR P 231 -136.03 -144.48 -53.13
CA THR P 231 -136.26 -143.80 -54.39
C THR P 231 -135.63 -144.57 -55.55
N SER P 232 -136.32 -144.57 -56.69
CA SER P 232 -135.86 -145.36 -57.83
C SER P 232 -134.54 -144.85 -58.39
N VAL P 233 -134.37 -143.52 -58.45
CA VAL P 233 -133.17 -142.97 -59.07
C VAL P 233 -131.93 -143.38 -58.29
N PHE P 234 -132.00 -143.31 -56.95
CA PHE P 234 -130.88 -143.76 -56.14
C PHE P 234 -130.71 -145.27 -56.20
N ALA P 235 -131.81 -146.00 -56.39
CA ALA P 235 -131.73 -147.45 -56.44
C ALA P 235 -130.88 -147.94 -57.59
N ARG P 236 -130.64 -147.10 -58.60
CA ARG P 236 -129.77 -147.49 -59.69
C ARG P 236 -128.38 -147.82 -59.19
N CYS P 237 -127.94 -147.14 -58.13
CA CYS P 237 -126.55 -147.19 -57.70
C CYS P 237 -126.26 -148.30 -56.70
N HIS P 238 -127.29 -148.97 -56.17
CA HIS P 238 -127.07 -149.98 -55.14
C HIS P 238 -126.07 -151.05 -55.56
N PRO P 239 -126.09 -151.57 -56.80
CA PRO P 239 -125.06 -152.55 -57.18
C PRO P 239 -123.64 -152.03 -57.09
N LEU P 240 -123.46 -150.71 -57.18
CA LEU P 240 -122.12 -150.12 -57.14
C LEU P 240 -121.75 -149.56 -55.77
N VAL P 241 -122.67 -148.88 -55.09
CA VAL P 241 -122.38 -148.23 -53.82
C VAL P 241 -123.46 -148.61 -52.82
N ASP P 242 -123.07 -149.21 -51.71
CA ASP P 242 -124.02 -149.57 -50.67
C ASP P 242 -124.51 -148.31 -49.97
N PRO P 243 -125.83 -148.08 -49.90
CA PRO P 243 -126.33 -146.85 -49.30
C PRO P 243 -126.34 -146.84 -47.78
N GLU P 244 -126.17 -147.98 -47.12
CA GLU P 244 -126.35 -148.04 -45.68
C GLU P 244 -125.41 -147.10 -44.92
N PRO P 245 -124.10 -147.04 -45.20
CA PRO P 245 -123.26 -146.07 -44.47
C PRO P 245 -123.76 -144.66 -44.64
N PHE P 246 -124.19 -144.29 -45.84
CA PHE P 246 -124.70 -142.95 -46.07
C PHE P 246 -125.99 -142.71 -45.32
N VAL P 247 -126.83 -143.74 -45.19
CA VAL P 247 -128.06 -143.60 -44.43
C VAL P 247 -127.76 -143.35 -42.96
N ALA P 248 -126.80 -144.09 -42.40
CA ALA P 248 -126.43 -143.87 -41.00
C ALA P 248 -125.86 -142.47 -40.80
N LEU P 249 -124.98 -142.05 -41.70
CA LEU P 249 -124.43 -140.70 -41.61
C LEU P 249 -125.53 -139.65 -41.69
N CYS P 250 -126.50 -139.86 -42.58
CA CYS P 250 -127.61 -138.94 -42.71
C CYS P 250 -128.44 -138.89 -41.42
N GLU P 251 -128.68 -140.04 -40.80
CA GLU P 251 -129.43 -140.07 -39.56
C GLU P 251 -128.72 -139.26 -38.47
N LYS P 252 -127.41 -139.47 -38.32
CA LYS P 252 -126.73 -138.75 -37.26
C LYS P 252 -126.56 -137.27 -37.56
N THR P 253 -126.48 -136.89 -38.84
CA THR P 253 -126.46 -135.45 -39.12
C THR P 253 -127.84 -134.83 -38.91
N LEU P 254 -128.93 -135.59 -39.12
CA LEU P 254 -130.23 -135.09 -38.70
C LEU P 254 -130.30 -134.90 -37.20
N CYS P 255 -129.71 -135.82 -36.44
CA CYS P 255 -129.58 -135.57 -35.01
C CYS P 255 -128.81 -134.28 -34.75
N GLU P 256 -127.77 -134.03 -35.54
CA GLU P 256 -127.03 -132.77 -35.43
C GLU P 256 -127.77 -131.60 -36.09
N CYS P 257 -128.81 -131.88 -36.86
CA CYS P 257 -129.47 -130.84 -37.65
C CYS P 257 -129.95 -129.68 -36.78
N ALA P 258 -130.01 -128.50 -37.39
CA ALA P 258 -130.58 -127.31 -36.78
C ALA P 258 -131.50 -126.59 -37.77
N GLY P 259 -132.17 -127.36 -38.62
CA GLY P 259 -133.02 -126.79 -39.65
C GLY P 259 -134.09 -127.76 -40.11
N GLY P 260 -134.41 -127.73 -41.40
CA GLY P 260 -135.46 -128.54 -41.97
C GLY P 260 -134.91 -129.74 -42.73
N LEU P 261 -135.65 -130.13 -43.77
CA LEU P 261 -135.28 -131.31 -44.56
C LEU P 261 -133.92 -131.16 -45.22
N GLU P 262 -133.44 -129.93 -45.42
CA GLU P 262 -132.18 -129.72 -46.11
C GLU P 262 -131.00 -130.35 -45.39
N CYS P 263 -131.14 -130.67 -44.10
CA CYS P 263 -130.03 -131.26 -43.36
C CYS P 263 -129.64 -132.62 -43.91
N ALA P 264 -130.55 -133.31 -44.60
CA ALA P 264 -130.22 -134.59 -45.20
C ALA P 264 -129.48 -134.44 -46.52
N CYS P 265 -129.46 -133.24 -47.08
CA CYS P 265 -128.90 -133.05 -48.42
C CYS P 265 -127.42 -133.41 -48.54
N PRO P 266 -126.53 -133.08 -47.59
CA PRO P 266 -125.12 -133.46 -47.78
C PRO P 266 -124.92 -134.94 -48.04
N ALA P 267 -125.63 -135.80 -47.32
CA ALA P 267 -125.47 -137.24 -47.54
C ALA P 267 -125.93 -137.64 -48.92
N LEU P 268 -127.08 -137.13 -49.37
CA LEU P 268 -127.57 -137.46 -50.70
C LEU P 268 -126.60 -136.98 -51.77
N LEU P 269 -126.09 -135.76 -51.62
CA LEU P 269 -125.15 -135.21 -52.59
C LEU P 269 -123.88 -136.03 -52.65
N GLU P 270 -123.33 -136.41 -51.48
CA GLU P 270 -122.13 -137.22 -51.47
C GLU P 270 -122.37 -138.60 -52.05
N TYR P 271 -123.54 -139.18 -51.80
CA TYR P 271 -123.86 -140.48 -52.38
C TYR P 271 -123.94 -140.38 -53.90
N ALA P 272 -124.58 -139.33 -54.41
CA ALA P 272 -124.68 -139.14 -55.84
C ALA P 272 -123.30 -138.96 -56.46
N ARG P 273 -122.43 -138.20 -55.77
CA ARG P 273 -121.09 -137.99 -56.30
C ARG P 273 -120.25 -139.26 -56.27
N THR P 274 -120.41 -140.06 -55.22
CA THR P 274 -119.73 -141.35 -55.17
C THR P 274 -120.19 -142.25 -56.32
N CYS P 275 -121.50 -142.26 -56.58
CA CYS P 275 -122.03 -143.05 -57.69
C CYS P 275 -121.47 -142.56 -59.02
N ALA P 276 -121.42 -141.24 -59.21
CA ALA P 276 -120.85 -140.69 -60.42
C ALA P 276 -119.40 -141.11 -60.58
N GLN P 277 -118.65 -141.12 -59.48
CA GLN P 277 -117.27 -141.61 -59.53
C GLN P 277 -117.23 -143.07 -59.95
N GLU P 278 -118.15 -143.88 -59.43
CA GLU P 278 -118.16 -145.30 -59.78
C GLU P 278 -118.63 -145.53 -61.21
N GLY P 279 -119.42 -144.62 -61.77
CA GLY P 279 -119.81 -144.73 -63.17
C GLY P 279 -121.23 -144.33 -63.47
N MET P 280 -122.13 -144.45 -62.49
CA MET P 280 -123.55 -144.16 -62.70
C MET P 280 -123.83 -142.74 -62.26
N VAL P 281 -124.15 -141.87 -63.22
CA VAL P 281 -124.62 -140.53 -62.91
C VAL P 281 -126.12 -140.59 -62.67
N LEU P 282 -126.57 -140.06 -61.54
CA LEU P 282 -127.95 -140.18 -61.11
C LEU P 282 -128.76 -138.96 -61.54
N TYR P 283 -128.88 -138.80 -62.86
CA TYR P 283 -129.35 -137.55 -63.47
C TYR P 283 -130.53 -136.91 -62.75
N GLY P 284 -131.43 -137.71 -62.21
CA GLY P 284 -132.66 -137.20 -61.65
C GLY P 284 -132.72 -137.03 -60.14
N TRP P 285 -131.61 -137.16 -59.42
CA TRP P 285 -131.73 -137.16 -57.97
C TRP P 285 -132.12 -135.79 -57.44
N THR P 286 -131.78 -134.71 -58.15
CA THR P 286 -132.11 -133.38 -57.66
C THR P 286 -133.59 -133.09 -57.77
N ASP P 287 -134.31 -133.76 -58.67
CA ASP P 287 -135.73 -133.50 -58.82
C ASP P 287 -136.57 -134.28 -57.82
N HIS P 288 -136.24 -135.56 -57.59
CA HIS P 288 -137.00 -136.36 -56.65
C HIS P 288 -136.88 -135.83 -55.23
N SER P 289 -135.67 -135.45 -54.82
CA SER P 289 -135.44 -134.95 -53.48
C SER P 289 -135.78 -133.46 -53.41
N ALA P 290 -135.82 -132.95 -52.19
CA ALA P 290 -136.06 -131.53 -51.95
C ALA P 290 -134.78 -130.71 -51.98
N CYS P 291 -133.65 -131.31 -52.29
CA CYS P 291 -132.37 -130.63 -52.21
C CYS P 291 -132.08 -129.82 -53.47
N SER P 292 -131.21 -128.83 -53.31
CA SER P 292 -130.79 -127.97 -54.40
C SER P 292 -129.37 -127.50 -54.10
N PRO P 293 -128.35 -128.15 -54.66
CA PRO P 293 -126.98 -127.74 -54.39
C PRO P 293 -126.75 -126.28 -54.76
N VAL P 294 -125.96 -125.60 -53.94
CA VAL P 294 -125.77 -124.16 -54.11
C VAL P 294 -125.01 -123.91 -55.40
N CYS P 295 -125.43 -122.90 -56.14
CA CYS P 295 -124.75 -122.44 -57.34
C CYS P 295 -124.72 -120.93 -57.33
N PRO P 296 -123.76 -120.32 -58.03
CA PRO P 296 -123.72 -118.86 -58.08
C PRO P 296 -124.90 -118.29 -58.84
N ALA P 297 -125.14 -117.01 -58.64
CA ALA P 297 -126.35 -116.36 -59.13
C ALA P 297 -126.54 -116.61 -60.61
N GLY P 298 -127.74 -117.07 -60.98
CA GLY P 298 -128.11 -117.25 -62.36
C GLY P 298 -127.78 -118.60 -62.96
N MET P 299 -126.93 -119.40 -62.32
CA MET P 299 -126.53 -120.68 -62.85
C MET P 299 -127.36 -121.80 -62.23
N GLU P 300 -127.69 -122.79 -63.04
CA GLU P 300 -128.43 -123.96 -62.59
C GLU P 300 -127.47 -125.07 -62.21
N TYR P 301 -127.85 -125.85 -61.20
CA TYR P 301 -127.12 -127.07 -60.89
C TYR P 301 -127.54 -128.17 -61.84
N ARG P 302 -126.57 -128.92 -62.34
CA ARG P 302 -126.86 -130.01 -63.24
C ARG P 302 -125.79 -131.09 -63.11
N GLN P 303 -126.21 -132.33 -63.27
CA GLN P 303 -125.28 -133.45 -63.31
C GLN P 303 -124.65 -133.53 -64.68
N CYS P 304 -123.39 -133.96 -64.72
CA CYS P 304 -122.69 -134.25 -65.97
C CYS P 304 -122.56 -132.99 -66.83
N VAL P 305 -122.11 -131.91 -66.21
CA VAL P 305 -121.75 -130.70 -66.95
C VAL P 305 -120.39 -130.93 -67.60
N SER P 306 -120.29 -130.63 -68.88
CA SER P 306 -119.01 -130.80 -69.57
C SER P 306 -118.02 -129.77 -69.06
N PRO P 307 -116.79 -130.18 -68.72
CA PRO P 307 -115.82 -129.20 -68.22
C PRO P 307 -115.51 -128.09 -69.20
N CYS P 308 -115.61 -128.36 -70.50
CA CYS P 308 -115.37 -127.37 -71.53
C CYS P 308 -116.60 -126.51 -71.79
N ALA P 309 -117.15 -125.90 -70.75
CA ALA P 309 -118.33 -125.07 -70.91
C ALA P 309 -118.01 -123.85 -71.77
N ARG P 310 -118.99 -123.43 -72.56
CA ARG P 310 -118.78 -122.43 -73.61
C ARG P 310 -118.85 -121.02 -73.04
N THR P 311 -117.69 -120.39 -72.87
CA THR P 311 -117.59 -118.95 -72.79
C THR P 311 -117.62 -118.36 -74.19
N CYS P 312 -118.15 -117.15 -74.31
CA CYS P 312 -118.18 -116.49 -75.62
C CYS P 312 -116.79 -116.41 -76.23
N GLN P 313 -115.87 -115.73 -75.55
CA GLN P 313 -114.53 -115.54 -76.08
C GLN P 313 -113.73 -116.83 -75.93
N SER P 314 -114.19 -117.85 -76.63
CA SER P 314 -113.56 -119.16 -76.62
C SER P 314 -113.56 -119.73 -78.04
N LEU P 315 -112.46 -120.36 -78.40
CA LEU P 315 -112.35 -120.99 -79.70
C LEU P 315 -113.25 -122.22 -79.77
N HIS P 316 -113.87 -122.43 -80.91
CA HIS P 316 -114.80 -123.53 -81.08
C HIS P 316 -114.07 -124.84 -81.33
N ILE P 317 -113.12 -125.20 -80.47
CA ILE P 317 -112.33 -126.42 -80.60
C ILE P 317 -113.00 -127.47 -79.73
N ASN P 318 -113.93 -128.23 -80.32
CA ASN P 318 -114.61 -129.29 -79.58
C ASN P 318 -113.86 -130.61 -79.61
N GLU P 319 -112.95 -130.80 -80.55
CA GLU P 319 -112.22 -132.05 -80.65
C GLU P 319 -111.24 -132.23 -79.48
N MET P 320 -110.82 -131.14 -78.84
CA MET P 320 -109.90 -131.24 -77.72
C MET P 320 -110.56 -131.82 -76.49
N CYS P 321 -111.88 -131.63 -76.36
CA CYS P 321 -112.58 -131.95 -75.11
C CYS P 321 -112.94 -133.44 -75.09
N GLN P 322 -111.92 -134.25 -74.83
CA GLN P 322 -112.10 -135.69 -74.66
C GLN P 322 -112.37 -136.09 -73.21
N GLU P 323 -112.39 -135.13 -72.30
CA GLU P 323 -112.54 -135.42 -70.89
C GLU P 323 -113.96 -135.86 -70.57
N ARG P 324 -114.12 -136.54 -69.43
CA ARG P 324 -115.43 -136.91 -68.94
C ARG P 324 -116.13 -135.69 -68.33
N CYS P 325 -117.44 -135.81 -68.18
CA CYS P 325 -118.23 -134.74 -67.60
C CYS P 325 -118.17 -134.79 -66.07
N VAL P 326 -118.58 -133.69 -65.45
CA VAL P 326 -118.60 -133.57 -64.00
C VAL P 326 -119.91 -132.93 -63.59
N ASP P 327 -120.29 -133.15 -62.33
CA ASP P 327 -121.40 -132.41 -61.76
C ASP P 327 -120.97 -130.98 -61.43
N GLY P 328 -121.92 -130.07 -61.49
CA GLY P 328 -121.62 -128.68 -61.20
C GLY P 328 -122.70 -127.77 -61.72
N CYS P 329 -122.38 -126.49 -61.73
CA CYS P 329 -123.31 -125.46 -62.14
C CYS P 329 -123.12 -125.13 -63.61
N SER P 330 -124.20 -124.67 -64.24
CA SER P 330 -124.18 -124.31 -65.64
C SER P 330 -125.12 -123.15 -65.86
N CYS P 331 -124.81 -122.34 -66.87
CA CYS P 331 -125.74 -121.30 -67.27
C CYS P 331 -126.96 -121.94 -67.93
N PRO P 332 -128.13 -121.33 -67.82
CA PRO P 332 -129.32 -121.88 -68.46
C PRO P 332 -129.11 -122.05 -69.95
N GLU P 333 -129.87 -122.97 -70.53
CA GLU P 333 -129.70 -123.31 -71.94
C GLU P 333 -129.85 -122.07 -72.81
N GLY P 334 -128.96 -121.94 -73.78
CA GLY P 334 -128.94 -120.80 -74.67
C GLY P 334 -128.09 -119.63 -74.20
N GLN P 335 -127.72 -119.59 -72.93
CA GLN P 335 -126.86 -118.55 -72.41
C GLN P 335 -125.41 -119.02 -72.39
N LEU P 336 -124.50 -118.04 -72.31
CA LEU P 336 -123.08 -118.30 -72.31
C LEU P 336 -122.41 -117.55 -71.17
N LEU P 337 -121.25 -118.04 -70.77
CA LEU P 337 -120.48 -117.40 -69.70
C LEU P 337 -119.71 -116.20 -70.24
N ASP P 338 -119.57 -115.20 -69.38
CA ASP P 338 -118.78 -114.01 -69.72
C ASP P 338 -118.28 -113.42 -68.40
N GLU P 339 -117.00 -113.65 -68.11
CA GLU P 339 -116.40 -113.23 -66.84
C GLU P 339 -117.18 -113.79 -65.66
N GLY P 340 -117.63 -115.03 -65.78
CA GLY P 340 -118.36 -115.71 -64.73
C GLY P 340 -119.85 -115.47 -64.73
N LEU P 341 -120.32 -114.42 -65.39
CA LEU P 341 -121.74 -114.16 -65.49
C LEU P 341 -122.32 -114.82 -66.72
N CYS P 342 -123.62 -115.11 -66.66
CA CYS P 342 -124.31 -115.74 -67.78
C CYS P 342 -124.97 -114.67 -68.64
N VAL P 343 -124.74 -114.74 -69.95
CA VAL P 343 -125.25 -113.76 -70.90
C VAL P 343 -125.85 -114.51 -72.09
N GLU P 344 -126.73 -113.82 -72.80
CA GLU P 344 -127.28 -114.37 -74.03
C GLU P 344 -126.20 -114.47 -75.09
N SER P 345 -126.38 -115.43 -76.00
CA SER P 345 -125.37 -115.65 -77.03
C SER P 345 -125.16 -114.41 -77.89
N THR P 346 -126.21 -113.63 -78.11
CA THR P 346 -126.10 -112.41 -78.90
C THR P 346 -125.73 -111.19 -78.06
N GLU P 347 -125.86 -111.27 -76.74
CA GLU P 347 -125.61 -110.14 -75.86
C GLU P 347 -124.13 -109.93 -75.57
N CYS P 348 -123.31 -110.89 -75.85
CA CYS P 348 -122.02 -110.92 -75.17
C CYS P 348 -120.91 -110.30 -76.00
N PRO P 349 -119.93 -109.68 -75.33
CA PRO P 349 -119.10 -108.66 -75.97
C PRO P 349 -117.85 -109.21 -76.65
N CYS P 350 -117.17 -108.29 -77.34
CA CYS P 350 -115.83 -108.52 -77.87
C CYS P 350 -114.78 -108.06 -76.86
N VAL P 351 -113.57 -108.57 -77.02
CA VAL P 351 -112.45 -108.23 -76.16
C VAL P 351 -111.33 -107.65 -77.02
N HIS P 352 -110.75 -106.55 -76.55
CA HIS P 352 -109.58 -105.98 -77.18
C HIS P 352 -108.77 -105.22 -76.15
N SER P 353 -107.45 -105.37 -76.23
CA SER P 353 -106.53 -104.68 -75.31
C SER P 353 -106.85 -105.00 -73.86
N GLY P 354 -107.42 -106.17 -73.61
CA GLY P 354 -107.82 -106.54 -72.27
C GLY P 354 -109.12 -105.92 -71.81
N LYS P 355 -109.79 -105.16 -72.67
CA LYS P 355 -111.06 -104.53 -72.34
C LYS P 355 -112.18 -105.21 -73.11
N ARG P 356 -113.38 -105.20 -72.52
CA ARG P 356 -114.56 -105.75 -73.16
C ARG P 356 -115.46 -104.62 -73.64
N TYR P 357 -115.94 -104.73 -74.88
CA TYR P 357 -116.81 -103.72 -75.46
C TYR P 357 -118.11 -104.37 -75.92
N PRO P 358 -119.25 -103.74 -75.66
CA PRO P 358 -120.53 -104.32 -76.09
C PRO P 358 -120.61 -104.42 -77.60
N PRO P 359 -121.50 -105.24 -78.13
CA PRO P 359 -121.66 -105.33 -79.58
C PRO P 359 -122.09 -103.99 -80.18
N GLY P 360 -121.64 -103.75 -81.41
CA GLY P 360 -121.95 -102.53 -82.10
C GLY P 360 -120.98 -101.39 -81.83
N THR P 361 -120.11 -101.52 -80.84
CA THR P 361 -119.13 -100.48 -80.58
C THR P 361 -118.09 -100.44 -81.68
N SER P 362 -117.55 -99.25 -81.91
CA SER P 362 -116.56 -99.02 -82.94
C SER P 362 -115.27 -98.51 -82.33
N LEU P 363 -114.15 -99.05 -82.78
CA LEU P 363 -112.84 -98.64 -82.35
C LEU P 363 -112.02 -98.21 -83.56
N SER P 364 -111.26 -97.14 -83.41
CA SER P 364 -110.44 -96.62 -84.48
C SER P 364 -109.01 -97.11 -84.35
N ARG P 365 -108.38 -97.35 -85.50
CA ARG P 365 -106.96 -97.70 -85.58
C ARG P 365 -106.40 -96.84 -86.70
N ASP P 366 -105.94 -95.64 -86.36
CA ASP P 366 -105.68 -94.59 -87.34
C ASP P 366 -106.91 -94.34 -88.20
N CYS P 367 -106.76 -94.48 -89.51
CA CYS P 367 -107.86 -94.19 -90.41
C CYS P 367 -108.88 -95.32 -90.52
N ASN P 368 -108.59 -96.48 -89.95
CA ASN P 368 -109.48 -97.62 -89.99
C ASN P 368 -110.40 -97.64 -88.77
N THR P 369 -111.51 -98.35 -88.88
CA THR P 369 -112.41 -98.58 -87.76
C THR P 369 -112.73 -100.07 -87.70
N CYS P 370 -112.96 -100.55 -86.48
CA CYS P 370 -113.28 -101.95 -86.23
C CYS P 370 -114.58 -102.02 -85.44
N ILE P 371 -115.53 -102.81 -85.93
CA ILE P 371 -116.87 -102.89 -85.34
C ILE P 371 -117.01 -104.24 -84.65
N CYS P 372 -117.46 -104.22 -83.39
CA CYS P 372 -117.70 -105.45 -82.65
C CYS P 372 -119.02 -106.07 -83.08
N ARG P 373 -118.95 -107.25 -83.69
CA ARG P 373 -120.14 -108.00 -84.08
C ARG P 373 -119.91 -109.45 -83.69
N ASN P 374 -120.91 -110.06 -83.06
CA ASN P 374 -120.75 -111.35 -82.39
C ASN P 374 -119.60 -111.18 -81.41
N SER P 375 -118.64 -112.09 -81.36
CA SER P 375 -117.45 -111.90 -80.56
C SER P 375 -116.30 -111.30 -81.37
N GLN P 376 -116.49 -111.09 -82.66
CA GLN P 376 -115.42 -110.69 -83.57
C GLN P 376 -115.45 -109.19 -83.81
N TRP P 377 -114.37 -108.70 -84.40
CA TRP P 377 -114.24 -107.32 -84.83
C TRP P 377 -114.23 -107.28 -86.35
N ILE P 378 -115.03 -106.40 -86.93
CA ILE P 378 -115.06 -106.20 -88.37
C ILE P 378 -114.26 -104.93 -88.64
N CYS P 379 -113.10 -105.07 -89.27
CA CYS P 379 -112.14 -103.99 -89.39
C CYS P 379 -112.09 -103.48 -90.81
N SER P 380 -111.59 -102.24 -90.96
CA SER P 380 -111.81 -101.47 -92.17
C SER P 380 -110.84 -101.77 -93.30
N ASN P 381 -109.73 -102.46 -93.05
CA ASN P 381 -108.86 -102.96 -94.12
C ASN P 381 -108.55 -101.92 -95.19
N GLU P 382 -108.07 -100.75 -94.77
CA GLU P 382 -107.69 -99.72 -95.72
C GLU P 382 -106.34 -99.12 -95.34
N GLU P 383 -105.66 -98.57 -96.33
CA GLU P 383 -104.35 -97.97 -96.09
C GLU P 383 -104.49 -96.60 -95.44
N CYS P 384 -103.68 -96.36 -94.42
CA CYS P 384 -103.63 -95.09 -93.71
C CYS P 384 -102.34 -94.36 -94.06
N PRO P 385 -102.26 -93.07 -93.74
CA PRO P 385 -101.04 -92.31 -94.09
C PRO P 385 -99.80 -92.91 -93.46
N GLY P 386 -98.72 -92.90 -94.24
CA GLY P 386 -97.44 -93.42 -93.78
C GLY P 386 -96.57 -92.33 -93.20
N GLU P 387 -95.96 -92.63 -92.06
CA GLU P 387 -95.11 -91.69 -91.33
C GLU P 387 -93.72 -92.28 -91.19
N CYS P 388 -92.77 -91.76 -91.95
CA CYS P 388 -91.37 -92.09 -91.75
C CYS P 388 -90.76 -91.11 -90.76
N LEU P 389 -89.82 -91.60 -89.95
CA LEU P 389 -89.32 -90.81 -88.85
C LEU P 389 -87.83 -91.01 -88.67
N VAL P 390 -87.11 -89.90 -88.49
CA VAL P 390 -85.73 -89.89 -88.02
C VAL P 390 -85.70 -89.04 -86.78
N THR P 391 -85.33 -89.64 -85.64
CA THR P 391 -85.67 -88.98 -84.38
C THR P 391 -84.55 -88.99 -83.35
N GLY P 392 -83.30 -89.03 -83.78
CA GLY P 392 -82.24 -88.99 -82.80
C GLY P 392 -80.88 -89.33 -83.36
N GLN P 393 -80.14 -90.18 -82.66
CA GLN P 393 -78.83 -90.60 -83.13
C GLN P 393 -79.00 -91.66 -84.22
N SER P 394 -79.63 -91.24 -85.30
CA SER P 394 -79.82 -92.06 -86.49
C SER P 394 -80.79 -93.21 -86.25
N HIS P 395 -81.79 -93.00 -85.41
CA HIS P 395 -82.90 -93.93 -85.29
C HIS P 395 -83.94 -93.63 -86.36
N PHE P 396 -84.45 -94.68 -86.99
CA PHE P 396 -85.35 -94.57 -88.12
C PHE P 396 -86.61 -95.35 -87.85
N LYS P 397 -87.70 -94.93 -88.49
CA LYS P 397 -88.90 -95.74 -88.64
C LYS P 397 -89.32 -95.66 -90.09
N SER P 398 -89.41 -96.79 -90.75
CA SER P 398 -89.86 -96.80 -92.13
C SER P 398 -91.35 -96.49 -92.17
N PHE P 399 -91.85 -96.25 -93.38
CA PHE P 399 -93.27 -96.01 -93.55
C PHE P 399 -94.11 -97.21 -93.11
N ASP P 400 -93.52 -98.40 -93.09
CA ASP P 400 -94.19 -99.62 -92.65
C ASP P 400 -93.84 -100.01 -91.22
N ASN P 401 -93.33 -99.07 -90.43
CA ASN P 401 -93.07 -99.26 -89.00
C ASN P 401 -91.92 -100.21 -88.73
N ARG P 402 -90.93 -100.29 -89.61
CA ARG P 402 -89.70 -101.01 -89.30
C ARG P 402 -88.72 -100.07 -88.62
N TYR P 403 -88.52 -100.26 -87.33
CA TYR P 403 -87.55 -99.47 -86.60
C TYR P 403 -86.15 -100.00 -86.83
N PHE P 404 -85.20 -99.10 -86.99
CA PHE P 404 -83.80 -99.49 -87.13
C PHE P 404 -82.92 -98.30 -86.86
N THR P 405 -81.65 -98.58 -86.60
CA THR P 405 -80.63 -97.56 -86.40
C THR P 405 -79.50 -97.83 -87.37
N PHE P 406 -78.98 -96.78 -88.00
CA PHE P 406 -78.00 -96.99 -89.06
C PHE P 406 -76.69 -96.26 -88.83
N SER P 407 -76.72 -95.02 -88.35
CA SER P 407 -75.51 -94.30 -87.93
C SER P 407 -74.49 -94.10 -89.04
N GLY P 408 -74.92 -94.04 -90.29
CA GLY P 408 -73.99 -93.75 -91.37
C GLY P 408 -73.75 -92.26 -91.52
N ILE P 409 -72.57 -91.90 -92.02
CA ILE P 409 -72.18 -90.50 -92.19
C ILE P 409 -72.05 -90.21 -93.68
N CYS P 410 -73.14 -89.77 -94.30
CA CYS P 410 -73.18 -89.33 -95.69
C CYS P 410 -74.53 -88.66 -95.93
N GLN P 411 -74.77 -88.28 -97.17
CA GLN P 411 -76.09 -87.87 -97.61
C GLN P 411 -76.84 -89.08 -98.14
N TYR P 412 -77.96 -89.41 -97.52
CA TYR P 412 -78.70 -90.62 -97.83
C TYR P 412 -80.09 -90.27 -98.32
N LEU P 413 -80.57 -91.03 -99.30
CA LEU P 413 -81.90 -90.83 -99.86
C LEU P 413 -82.92 -91.36 -98.88
N LEU P 414 -83.56 -90.45 -98.14
CA LEU P 414 -84.47 -90.85 -97.09
C LEU P 414 -85.77 -91.39 -97.66
N ALA P 415 -86.39 -90.66 -98.57
CA ALA P 415 -87.64 -91.07 -99.18
C ALA P 415 -87.79 -90.39 -100.52
N ARG P 416 -88.19 -91.14 -101.54
CA ARG P 416 -88.37 -90.60 -102.87
C ARG P 416 -89.50 -91.33 -103.55
N ASP P 417 -90.18 -90.64 -104.46
CA ASP P 417 -91.21 -91.26 -105.29
C ASP P 417 -90.52 -91.78 -106.55
N CYS P 418 -89.99 -93.01 -106.48
CA CYS P 418 -89.30 -93.57 -107.63
C CYS P 418 -90.23 -93.89 -108.79
N GLN P 419 -91.55 -93.81 -108.60
CA GLN P 419 -92.47 -94.11 -109.69
C GLN P 419 -92.78 -92.89 -110.55
N ASP P 420 -93.12 -91.76 -109.93
CA ASP P 420 -93.45 -90.54 -110.66
C ASP P 420 -92.53 -89.37 -110.37
N HIS P 421 -91.58 -89.52 -109.45
CA HIS P 421 -90.63 -88.45 -109.09
C HIS P 421 -91.33 -87.18 -108.66
N SER P 422 -92.43 -87.34 -107.92
CA SER P 422 -93.14 -86.19 -107.37
C SER P 422 -92.28 -85.40 -106.40
N PHE P 423 -91.42 -86.09 -105.65
CA PHE P 423 -90.59 -85.46 -104.62
C PHE P 423 -89.36 -86.32 -104.38
N SER P 424 -88.41 -85.76 -103.64
CA SER P 424 -87.19 -86.48 -103.30
C SER P 424 -86.57 -85.85 -102.06
N ILE P 425 -86.47 -86.62 -100.98
CA ILE P 425 -85.99 -86.13 -99.69
C ILE P 425 -84.65 -86.76 -99.37
N VAL P 426 -83.67 -85.91 -99.06
CA VAL P 426 -82.31 -86.35 -98.75
C VAL P 426 -81.91 -85.79 -97.39
N ILE P 427 -81.22 -86.59 -96.59
CA ILE P 427 -80.76 -86.19 -95.27
C ILE P 427 -79.25 -86.19 -95.23
N GLU P 428 -78.68 -85.20 -94.57
CA GLU P 428 -77.25 -85.11 -94.37
C GLU P 428 -76.94 -85.48 -92.93
N THR P 429 -76.21 -86.57 -92.74
CA THR P 429 -75.89 -87.07 -91.42
C THR P 429 -74.44 -86.75 -91.06
N VAL P 430 -74.23 -86.33 -89.82
CA VAL P 430 -72.90 -86.04 -89.31
C VAL P 430 -72.77 -86.69 -87.95
N GLN P 431 -71.54 -86.95 -87.54
CA GLN P 431 -71.29 -87.32 -86.16
C GLN P 431 -71.68 -86.17 -85.26
N CYS P 432 -72.50 -86.46 -84.25
CA CYS P 432 -73.10 -85.42 -83.43
C CYS P 432 -72.54 -85.39 -82.02
N ALA P 433 -71.42 -86.07 -81.78
CA ALA P 433 -70.74 -86.04 -80.50
C ALA P 433 -69.38 -86.69 -80.69
N ASP P 434 -68.65 -86.84 -79.58
CA ASP P 434 -67.34 -87.48 -79.66
C ASP P 434 -67.45 -88.96 -79.99
N ASP P 435 -68.49 -89.63 -79.51
CA ASP P 435 -68.62 -91.07 -79.69
C ASP P 435 -68.83 -91.41 -81.16
N ARG P 436 -68.25 -92.52 -81.59
CA ARG P 436 -68.49 -93.02 -82.94
C ARG P 436 -69.95 -93.38 -83.16
N ASP P 437 -70.68 -93.72 -82.10
CA ASP P 437 -72.07 -94.13 -82.21
C ASP P 437 -73.05 -92.97 -82.31
N ALA P 438 -72.59 -91.74 -82.07
CA ALA P 438 -73.46 -90.56 -82.07
C ALA P 438 -73.43 -89.94 -83.45
N VAL P 439 -74.38 -90.34 -84.29
CA VAL P 439 -74.55 -89.77 -85.62
C VAL P 439 -76.00 -89.34 -85.76
N CYS P 440 -76.23 -88.07 -86.09
CA CYS P 440 -77.58 -87.56 -86.22
C CYS P 440 -77.66 -86.64 -87.41
N THR P 441 -78.88 -86.44 -87.91
CA THR P 441 -79.10 -85.67 -89.12
C THR P 441 -78.85 -84.19 -88.87
N ARG P 442 -78.05 -83.57 -89.73
CA ARG P 442 -77.78 -82.15 -89.59
C ARG P 442 -78.76 -81.30 -90.39
N SER P 443 -79.01 -81.67 -91.64
CA SER P 443 -79.86 -80.88 -92.51
C SER P 443 -80.65 -81.81 -93.41
N VAL P 444 -81.74 -81.29 -93.97
CA VAL P 444 -82.63 -82.03 -94.85
C VAL P 444 -82.74 -81.29 -96.18
N THR P 445 -82.82 -82.03 -97.27
CA THR P 445 -82.94 -81.46 -98.60
C THR P 445 -84.11 -82.10 -99.32
N VAL P 446 -84.91 -81.30 -100.00
CA VAL P 446 -86.16 -81.75 -100.63
C VAL P 446 -86.22 -81.19 -102.04
N ARG P 447 -86.25 -82.06 -103.04
CA ARG P 447 -86.49 -81.65 -104.41
C ARG P 447 -87.95 -81.79 -104.76
N LEU P 448 -88.47 -80.81 -105.49
CA LEU P 448 -89.87 -80.77 -105.89
C LEU P 448 -89.92 -80.53 -107.40
N PRO P 449 -89.70 -81.56 -108.20
CA PRO P 449 -89.60 -81.35 -109.67
C PRO P 449 -90.81 -80.64 -110.25
N GLY P 450 -92.01 -80.91 -109.73
CA GLY P 450 -93.20 -80.28 -110.24
C GLY P 450 -93.32 -78.81 -109.91
N LEU P 451 -92.53 -78.33 -108.96
CA LEU P 451 -92.43 -76.90 -108.65
C LEU P 451 -91.16 -76.33 -109.27
N HIS P 452 -91.11 -76.41 -110.61
CA HIS P 452 -90.01 -75.91 -111.43
C HIS P 452 -88.64 -76.32 -110.90
N ASN P 453 -88.55 -77.57 -110.45
CA ASN P 453 -87.32 -78.18 -109.93
C ASN P 453 -86.70 -77.39 -108.78
N SER P 454 -87.56 -76.81 -107.94
CA SER P 454 -87.13 -76.17 -106.70
C SER P 454 -86.36 -77.13 -105.81
N LEU P 455 -85.42 -76.57 -105.02
CA LEU P 455 -84.63 -77.32 -104.05
C LEU P 455 -84.73 -76.67 -102.69
N VAL P 456 -85.59 -77.19 -101.82
CA VAL P 456 -85.68 -76.70 -100.44
C VAL P 456 -84.62 -77.38 -99.60
N LYS P 457 -84.00 -76.61 -98.70
CA LYS P 457 -83.09 -77.15 -97.70
C LYS P 457 -83.55 -76.74 -96.31
N LEU P 458 -83.86 -77.72 -95.46
CA LEU P 458 -84.17 -77.45 -94.07
C LEU P 458 -82.89 -77.58 -93.26
N LYS P 459 -82.48 -76.50 -92.63
CA LYS P 459 -81.17 -76.39 -92.02
C LYS P 459 -81.22 -76.63 -90.52
N HIS P 460 -80.06 -76.86 -89.94
CA HIS P 460 -79.94 -76.96 -88.49
C HIS P 460 -80.34 -75.63 -87.87
N GLY P 461 -81.02 -75.70 -86.73
CA GLY P 461 -81.60 -74.51 -86.15
C GLY P 461 -82.96 -74.14 -86.69
N ALA P 462 -83.54 -74.97 -87.56
CA ALA P 462 -84.84 -74.77 -88.18
C ALA P 462 -84.91 -73.59 -89.12
N GLY P 463 -83.79 -73.16 -89.66
CA GLY P 463 -83.83 -72.27 -90.81
C GLY P 463 -84.25 -73.01 -92.05
N VAL P 464 -84.64 -72.25 -93.07
CA VAL P 464 -84.99 -72.81 -94.36
C VAL P 464 -84.31 -71.99 -95.45
N ALA P 465 -83.82 -72.68 -96.47
CA ALA P 465 -83.33 -72.04 -97.68
C ALA P 465 -84.07 -72.63 -98.88
N MET P 466 -84.23 -71.84 -99.92
CA MET P 466 -84.81 -72.33 -101.16
C MET P 466 -83.96 -71.86 -102.33
N ASP P 467 -83.51 -72.80 -103.14
CA ASP P 467 -82.56 -72.53 -104.22
C ASP P 467 -81.35 -71.75 -103.72
N GLY P 468 -80.91 -72.04 -102.51
CA GLY P 468 -79.80 -71.37 -101.87
C GLY P 468 -80.10 -70.07 -101.16
N GLN P 469 -81.30 -69.51 -101.33
CA GLN P 469 -81.66 -68.25 -100.70
C GLN P 469 -82.35 -68.51 -99.37
N ASP P 470 -81.85 -67.92 -98.29
CA ASP P 470 -82.55 -68.04 -97.01
C ASP P 470 -83.88 -67.30 -97.07
N VAL P 471 -84.97 -68.02 -96.84
CA VAL P 471 -86.30 -67.47 -97.02
C VAL P 471 -86.93 -67.19 -95.65
N GLN P 472 -87.73 -66.13 -95.61
CA GLN P 472 -88.53 -65.78 -94.45
C GLN P 472 -89.83 -66.59 -94.47
N LEU P 473 -90.30 -66.95 -93.29
CA LEU P 473 -91.46 -67.84 -93.15
C LEU P 473 -92.62 -67.12 -92.47
N PRO P 474 -93.86 -67.45 -92.82
CA PRO P 474 -94.29 -68.52 -93.72
C PRO P 474 -94.10 -68.23 -95.19
N LEU P 475 -93.82 -69.29 -95.95
CA LEU P 475 -93.68 -69.23 -97.39
C LEU P 475 -94.86 -69.95 -98.03
N LEU P 476 -95.61 -69.22 -98.85
CA LEU P 476 -96.65 -69.79 -99.70
C LEU P 476 -96.20 -69.63 -101.14
N LYS P 477 -96.05 -70.74 -101.86
CA LYS P 477 -95.46 -70.69 -103.20
C LYS P 477 -96.03 -71.84 -104.02
N GLY P 478 -97.17 -71.60 -104.65
CA GLY P 478 -97.87 -72.67 -105.33
C GLY P 478 -98.41 -73.68 -104.34
N ASP P 479 -98.13 -74.96 -104.62
CA ASP P 479 -98.48 -76.04 -103.71
C ASP P 479 -97.67 -76.00 -102.41
N LEU P 480 -96.47 -75.46 -102.44
CA LEU P 480 -95.56 -75.51 -101.28
C LEU P 480 -95.96 -74.50 -100.21
N ARG P 481 -95.98 -74.95 -98.95
CA ARG P 481 -96.37 -74.13 -97.81
C ARG P 481 -95.51 -74.47 -96.61
N ILE P 482 -94.61 -73.57 -96.24
CA ILE P 482 -93.64 -73.79 -95.16
C ILE P 482 -93.92 -72.79 -94.04
N GLN P 483 -94.04 -73.29 -92.81
CA GLN P 483 -94.35 -72.41 -91.70
C GLN P 483 -93.85 -72.99 -90.39
N HIS P 484 -93.61 -72.10 -89.42
CA HIS P 484 -93.21 -72.53 -88.09
C HIS P 484 -94.39 -73.12 -87.32
N THR P 485 -94.19 -74.30 -86.75
CA THR P 485 -95.13 -74.89 -85.82
C THR P 485 -95.04 -74.19 -84.47
N VAL P 486 -96.03 -74.43 -83.61
CA VAL P 486 -96.01 -73.87 -82.26
C VAL P 486 -94.77 -74.31 -81.51
N THR P 487 -94.24 -75.48 -81.83
CA THR P 487 -93.01 -75.99 -81.24
C THR P 487 -91.75 -75.34 -81.81
N ALA P 488 -91.90 -74.35 -82.69
CA ALA P 488 -90.84 -73.72 -83.47
C ALA P 488 -90.30 -74.63 -84.56
N SER P 489 -90.87 -75.81 -84.74
CA SER P 489 -90.45 -76.71 -85.80
C SER P 489 -91.01 -76.25 -87.14
N VAL P 490 -90.18 -76.30 -88.17
CA VAL P 490 -90.63 -75.98 -89.51
C VAL P 490 -91.51 -77.11 -90.04
N ARG P 491 -92.73 -76.78 -90.44
CA ARG P 491 -93.63 -77.71 -91.10
C ARG P 491 -93.74 -77.36 -92.58
N LEU P 492 -93.35 -78.29 -93.44
CA LEU P 492 -93.43 -78.12 -94.88
C LEU P 492 -94.55 -78.98 -95.42
N SER P 493 -95.43 -78.39 -96.23
CA SER P 493 -96.49 -79.09 -96.91
C SER P 493 -96.33 -78.89 -98.41
N TYR P 494 -96.65 -79.90 -99.19
CA TYR P 494 -96.61 -79.78 -100.64
C TYR P 494 -97.79 -80.55 -101.22
N GLY P 495 -98.71 -79.83 -101.85
CA GLY P 495 -100.02 -80.35 -102.09
C GLY P 495 -100.71 -80.67 -100.79
N GLU P 496 -101.54 -81.71 -100.82
CA GLU P 496 -102.12 -82.30 -99.64
C GLU P 496 -101.62 -83.71 -99.37
N ASP P 497 -100.80 -84.26 -100.26
CA ASP P 497 -100.32 -85.63 -100.16
C ASP P 497 -98.95 -85.79 -99.50
N LEU P 498 -98.17 -84.72 -99.37
CA LEU P 498 -96.88 -84.76 -98.70
C LEU P 498 -96.78 -83.70 -97.62
N GLN P 499 -96.22 -84.08 -96.48
CA GLN P 499 -95.97 -83.16 -95.39
C GLN P 499 -94.69 -83.60 -94.67
N MET P 500 -94.02 -82.65 -94.05
CA MET P 500 -92.79 -82.89 -93.30
C MET P 500 -92.79 -82.00 -92.08
N ASP P 501 -92.05 -82.40 -91.05
CA ASP P 501 -91.98 -81.61 -89.83
C ASP P 501 -90.58 -81.73 -89.25
N TRP P 502 -89.84 -80.63 -89.26
CA TRP P 502 -88.41 -80.60 -88.97
C TRP P 502 -88.18 -79.72 -87.77
N ASP P 503 -87.63 -80.29 -86.70
CA ASP P 503 -87.42 -79.55 -85.46
C ASP P 503 -86.12 -78.76 -85.42
N GLY P 504 -85.22 -79.00 -86.36
CA GLY P 504 -83.97 -78.29 -86.40
C GLY P 504 -82.85 -78.88 -85.58
N ARG P 505 -83.17 -79.77 -84.64
CA ARG P 505 -82.15 -80.41 -83.84
C ARG P 505 -81.77 -81.78 -84.36
N GLY P 506 -82.57 -82.36 -85.26
CA GLY P 506 -82.26 -83.64 -85.84
C GLY P 506 -83.46 -84.55 -86.01
N ARG P 507 -84.62 -84.13 -85.54
CA ARG P 507 -85.83 -84.92 -85.69
C ARG P 507 -86.59 -84.51 -86.93
N LEU P 508 -86.90 -85.48 -87.79
CA LEU P 508 -87.66 -85.25 -89.01
C LEU P 508 -88.78 -86.27 -89.09
N LEU P 509 -90.01 -85.79 -89.29
CA LEU P 509 -91.18 -86.63 -89.51
C LEU P 509 -91.75 -86.34 -90.89
N VAL P 510 -91.78 -87.34 -91.76
CA VAL P 510 -92.34 -87.20 -93.10
C VAL P 510 -93.63 -88.01 -93.17
N LYS P 511 -94.71 -87.35 -93.57
CA LYS P 511 -96.03 -87.98 -93.67
C LYS P 511 -96.47 -88.00 -95.11
N LEU P 512 -96.81 -89.17 -95.63
CA LEU P 512 -97.35 -89.33 -96.98
C LEU P 512 -98.79 -89.79 -96.92
N SER P 513 -99.64 -89.16 -97.72
CA SER P 513 -100.96 -89.67 -98.04
C SER P 513 -100.89 -91.04 -98.69
N PRO P 514 -101.94 -91.86 -98.58
CA PRO P 514 -101.99 -93.16 -99.25
C PRO P 514 -101.72 -93.14 -100.74
N VAL P 515 -101.81 -91.96 -101.36
CA VAL P 515 -101.56 -91.83 -102.78
C VAL P 515 -100.17 -92.34 -103.16
N TYR P 516 -99.21 -92.23 -102.25
CA TYR P 516 -97.83 -92.66 -102.48
C TYR P 516 -97.55 -94.10 -102.06
N ALA P 517 -98.55 -94.84 -101.61
CA ALA P 517 -98.31 -96.21 -101.17
C ALA P 517 -97.73 -97.05 -102.30
N GLY P 518 -96.67 -97.78 -102.01
CA GLY P 518 -95.99 -98.59 -102.99
C GLY P 518 -95.10 -97.83 -103.95
N LYS P 519 -95.29 -96.52 -104.08
CA LYS P 519 -94.50 -95.72 -105.00
C LYS P 519 -93.18 -95.25 -104.41
N THR P 520 -92.98 -95.40 -103.12
CA THR P 520 -91.88 -94.77 -102.41
C THR P 520 -90.63 -95.65 -102.45
N CYS P 521 -89.50 -95.04 -102.16
CA CYS P 521 -88.20 -95.69 -102.20
C CYS P 521 -87.23 -94.89 -101.35
N GLY P 522 -86.19 -95.55 -100.87
CA GLY P 522 -85.22 -94.95 -99.99
C GLY P 522 -85.18 -95.63 -98.64
N LEU P 523 -84.46 -95.00 -97.71
CA LEU P 523 -84.35 -95.56 -96.36
C LEU P 523 -85.70 -95.78 -95.73
N CYS P 524 -86.68 -94.93 -96.04
CA CYS P 524 -88.00 -95.07 -95.44
C CYS P 524 -88.77 -96.27 -95.97
N GLY P 525 -88.25 -96.97 -96.97
CA GLY P 525 -88.93 -98.13 -97.49
C GLY P 525 -89.91 -97.80 -98.59
N ASN P 526 -90.55 -98.84 -99.09
CA ASN P 526 -91.46 -98.72 -100.23
C ASN P 526 -92.90 -98.42 -99.83
N TYR P 527 -93.20 -98.28 -98.55
CA TYR P 527 -94.51 -97.85 -98.08
C TYR P 527 -95.62 -98.72 -98.66
N ASN P 528 -95.58 -100.01 -98.30
CA ASN P 528 -96.57 -100.97 -98.77
C ASN P 528 -97.13 -101.82 -97.64
N GLY P 529 -97.07 -101.34 -96.40
CA GLY P 529 -97.67 -102.05 -95.29
C GLY P 529 -96.97 -103.30 -94.85
N ASN P 530 -95.72 -103.50 -95.25
CA ASN P 530 -94.97 -104.71 -94.93
C ASN P 530 -93.59 -104.33 -94.43
N GLN P 531 -93.23 -104.80 -93.24
CA GLN P 531 -91.89 -104.58 -92.72
C GLN P 531 -90.86 -105.44 -93.43
N GLY P 532 -91.29 -106.55 -94.01
CA GLY P 532 -90.33 -107.55 -94.47
C GLY P 532 -89.40 -107.05 -95.56
N ASP P 533 -89.88 -106.17 -96.42
CA ASP P 533 -89.11 -105.74 -97.58
C ASP P 533 -88.58 -104.31 -97.45
N ASP P 534 -88.55 -103.76 -96.24
CA ASP P 534 -88.11 -102.38 -96.10
C ASP P 534 -86.61 -102.23 -96.25
N PHE P 535 -85.84 -103.30 -96.10
CA PHE P 535 -84.41 -103.24 -96.40
C PHE P 535 -84.11 -103.48 -97.86
N LEU P 536 -85.08 -103.27 -98.75
CA LEU P 536 -84.82 -103.29 -100.18
C LEU P 536 -83.77 -102.25 -100.55
N THR P 537 -83.09 -102.48 -101.65
CA THR P 537 -82.02 -101.62 -102.14
C THR P 537 -82.22 -101.39 -103.62
N PRO P 538 -81.62 -100.34 -104.19
CA PRO P 538 -81.76 -100.11 -105.62
C PRO P 538 -81.33 -101.29 -106.47
N SER P 539 -80.54 -102.21 -105.91
CA SER P 539 -80.20 -103.43 -106.63
C SER P 539 -81.40 -104.34 -106.82
N GLY P 540 -82.50 -104.08 -106.12
CA GLY P 540 -83.70 -104.89 -106.23
C GLY P 540 -83.81 -106.01 -105.22
N LEU P 541 -82.80 -106.23 -104.40
CA LEU P 541 -82.84 -107.28 -103.38
C LEU P 541 -82.82 -106.66 -102.00
N ALA P 542 -83.35 -107.41 -101.03
CA ALA P 542 -83.43 -106.95 -99.65
C ALA P 542 -82.19 -107.39 -98.91
N GLU P 543 -81.47 -106.44 -98.35
CA GLU P 543 -80.27 -106.75 -97.59
C GLU P 543 -80.65 -107.21 -96.19
N PRO P 544 -80.15 -108.36 -95.74
CA PRO P 544 -80.46 -108.80 -94.37
C PRO P 544 -79.81 -107.96 -93.29
N ARG P 545 -78.83 -107.13 -93.64
CA ARG P 545 -78.09 -106.32 -92.68
C ARG P 545 -78.43 -104.85 -92.87
N VAL P 546 -78.65 -104.15 -91.75
CA VAL P 546 -78.97 -102.73 -91.85
C VAL P 546 -77.81 -101.95 -92.44
N GLU P 547 -76.57 -102.36 -92.16
CA GLU P 547 -75.42 -101.63 -92.65
C GLU P 547 -75.37 -101.62 -94.17
N ASP P 548 -75.47 -102.79 -94.80
CA ASP P 548 -75.45 -102.85 -96.25
C ASP P 548 -76.64 -102.13 -96.85
N PHE P 549 -77.82 -102.31 -96.27
CA PHE P 549 -79.01 -101.62 -96.75
C PHE P 549 -78.80 -100.11 -96.78
N GLY P 550 -78.36 -99.53 -95.67
CA GLY P 550 -78.14 -98.10 -95.64
C GLY P 550 -77.04 -97.64 -96.56
N ASN P 551 -75.96 -98.42 -96.65
CA ASN P 551 -74.88 -98.05 -97.55
C ASN P 551 -75.33 -98.04 -99.00
N ALA P 552 -76.34 -98.84 -99.33
CA ALA P 552 -76.83 -98.87 -100.70
C ALA P 552 -77.51 -97.56 -101.11
N TRP P 553 -78.01 -96.78 -100.16
CA TRP P 553 -78.73 -95.55 -100.45
C TRP P 553 -77.89 -94.30 -100.25
N LYS P 554 -76.58 -94.43 -100.07
CA LYS P 554 -75.73 -93.27 -99.91
C LYS P 554 -75.44 -92.63 -101.26
N LEU P 555 -75.46 -91.29 -101.28
CA LEU P 555 -75.41 -90.56 -102.53
C LEU P 555 -73.99 -90.39 -103.06
N HIS P 556 -72.99 -90.33 -102.18
CA HIS P 556 -71.64 -89.94 -102.55
C HIS P 556 -70.70 -91.13 -102.38
N GLY P 557 -69.92 -91.42 -103.42
CA GLY P 557 -69.09 -92.61 -103.41
C GLY P 557 -67.92 -92.54 -102.45
N ASP P 558 -67.45 -91.35 -102.14
CA ASP P 558 -66.31 -91.21 -101.24
C ASP P 558 -66.67 -91.37 -99.77
N CYS P 559 -67.96 -91.46 -99.47
CA CYS P 559 -68.40 -91.67 -98.09
C CYS P 559 -67.96 -93.04 -97.59
N GLN P 560 -67.73 -93.12 -96.29
CA GLN P 560 -67.36 -94.39 -95.67
C GLN P 560 -68.54 -95.35 -95.69
N ASP P 561 -68.30 -96.56 -96.17
CA ASP P 561 -69.30 -97.62 -96.08
C ASP P 561 -69.32 -98.15 -94.65
N LEU P 562 -70.48 -98.09 -94.01
CA LEU P 562 -70.58 -98.49 -92.61
C LEU P 562 -70.31 -99.98 -92.48
N GLN P 563 -69.31 -100.32 -91.67
CA GLN P 563 -68.90 -101.71 -91.53
C GLN P 563 -69.77 -102.47 -90.53
N LYS P 564 -69.94 -101.91 -89.33
CA LYS P 564 -70.78 -102.52 -88.32
C LYS P 564 -71.57 -101.46 -87.59
N GLN P 565 -72.85 -101.73 -87.34
CA GLN P 565 -73.71 -100.85 -86.58
C GLN P 565 -73.66 -101.31 -85.13
N HIS P 566 -72.78 -100.72 -84.35
CA HIS P 566 -72.59 -101.13 -82.96
C HIS P 566 -73.77 -100.69 -82.11
N SER P 567 -74.49 -101.65 -81.54
CA SER P 567 -75.49 -101.33 -80.55
C SER P 567 -74.81 -101.11 -79.20
N ASP P 568 -75.59 -100.62 -78.24
CA ASP P 568 -75.13 -100.41 -76.87
C ASP P 568 -73.87 -99.55 -76.84
N PRO P 569 -73.98 -98.25 -77.14
CA PRO P 569 -72.82 -97.37 -76.97
C PRO P 569 -72.38 -97.21 -75.53
N CYS P 570 -73.18 -97.66 -74.57
CA CYS P 570 -72.83 -97.53 -73.17
C CYS P 570 -71.51 -98.22 -72.84
N ALA P 571 -71.10 -99.19 -73.65
CA ALA P 571 -69.83 -99.87 -73.39
C ALA P 571 -68.66 -98.89 -73.47
N LEU P 572 -68.74 -97.93 -74.38
CA LEU P 572 -67.65 -96.97 -74.54
C LEU P 572 -67.64 -95.94 -73.41
N ASN P 573 -68.79 -95.66 -72.81
CA ASN P 573 -68.89 -94.75 -71.68
C ASN P 573 -69.64 -95.45 -70.56
N PRO P 574 -68.97 -96.31 -69.80
CA PRO P 574 -69.66 -97.03 -68.72
C PRO P 574 -70.27 -96.12 -67.68
N ARG P 575 -69.74 -94.91 -67.50
CA ARG P 575 -70.26 -94.02 -66.48
C ARG P 575 -71.74 -93.73 -66.69
N MET P 576 -72.20 -93.74 -67.93
CA MET P 576 -73.56 -93.34 -68.26
C MET P 576 -74.55 -94.50 -68.23
N THR P 577 -74.09 -95.73 -68.00
CA THR P 577 -75.00 -96.87 -68.10
C THR P 577 -76.07 -96.85 -67.01
N ARG P 578 -75.69 -96.52 -65.78
CA ARG P 578 -76.68 -96.48 -64.69
C ARG P 578 -77.75 -95.44 -64.97
N PHE P 579 -77.33 -94.24 -65.36
CA PHE P 579 -78.29 -93.19 -65.68
C PHE P 579 -79.16 -93.58 -66.86
N SER P 580 -78.56 -94.17 -67.89
CA SER P 580 -79.32 -94.59 -69.06
C SER P 580 -80.45 -95.53 -68.65
N GLU P 581 -80.10 -96.59 -67.93
CA GLU P 581 -81.12 -97.54 -67.51
C GLU P 581 -82.18 -96.86 -66.65
N GLU P 582 -81.75 -96.20 -65.58
CA GLU P 582 -82.70 -95.71 -64.58
C GLU P 582 -83.54 -94.55 -65.09
N ALA P 583 -83.09 -93.86 -66.14
CA ALA P 583 -83.84 -92.74 -66.69
C ALA P 583 -84.76 -93.19 -67.81
N CYS P 584 -84.23 -93.94 -68.77
CA CYS P 584 -85.07 -94.39 -69.86
C CYS P 584 -86.06 -95.45 -69.42
N ALA P 585 -85.93 -95.99 -68.20
CA ALA P 585 -86.93 -96.92 -67.72
C ALA P 585 -88.30 -96.28 -67.55
N VAL P 586 -88.37 -94.95 -67.52
CA VAL P 586 -89.65 -94.28 -67.31
C VAL P 586 -90.63 -94.59 -68.44
N LEU P 587 -90.12 -94.91 -69.63
CA LEU P 587 -91.01 -95.25 -70.74
C LEU P 587 -91.89 -96.45 -70.43
N THR P 588 -91.47 -97.33 -69.52
CA THR P 588 -92.27 -98.48 -69.12
C THR P 588 -92.98 -98.26 -67.79
N SER P 589 -92.84 -97.10 -67.19
CA SER P 589 -93.45 -96.82 -65.91
C SER P 589 -94.95 -96.59 -66.09
N PRO P 590 -95.72 -96.62 -65.00
CA PRO P 590 -97.15 -96.31 -65.12
C PRO P 590 -97.43 -94.96 -65.74
N THR P 591 -96.43 -94.07 -65.79
CA THR P 591 -96.59 -92.80 -66.49
C THR P 591 -96.99 -93.00 -67.94
N PHE P 592 -96.54 -94.09 -68.54
CA PHE P 592 -96.82 -94.38 -69.94
C PHE P 592 -97.67 -95.63 -70.13
N GLU P 593 -98.12 -96.27 -69.04
CA GLU P 593 -98.94 -97.47 -69.19
C GLU P 593 -100.21 -97.19 -69.96
N ALA P 594 -100.68 -95.95 -69.95
CA ALA P 594 -101.85 -95.60 -70.75
C ALA P 594 -101.58 -95.74 -72.23
N CYS P 595 -100.31 -95.75 -72.64
CA CYS P 595 -99.94 -95.80 -74.04
C CYS P 595 -99.40 -97.15 -74.50
N HIS P 596 -98.95 -98.01 -73.59
CA HIS P 596 -98.34 -99.26 -73.98
C HIS P 596 -99.24 -100.08 -74.88
N ARG P 597 -100.55 -99.99 -74.66
CA ARG P 597 -101.48 -100.69 -75.54
C ARG P 597 -101.46 -100.11 -76.94
N ALA P 598 -101.39 -98.78 -77.05
CA ALA P 598 -101.45 -98.14 -78.37
C ALA P 598 -100.16 -98.29 -79.14
N VAL P 599 -99.02 -98.04 -78.49
CA VAL P 599 -97.72 -98.09 -79.13
C VAL P 599 -96.77 -98.95 -78.31
N SER P 600 -96.05 -99.83 -78.97
CA SER P 600 -95.11 -100.67 -78.27
C SER P 600 -93.93 -99.83 -77.79
N PRO P 601 -93.60 -99.86 -76.50
CA PRO P 601 -92.52 -99.01 -75.99
C PRO P 601 -91.13 -99.56 -76.22
N LEU P 602 -90.99 -100.79 -76.71
CA LEU P 602 -89.67 -101.40 -76.78
C LEU P 602 -88.73 -100.69 -77.74
N PRO P 603 -89.11 -100.38 -78.99
CA PRO P 603 -88.18 -99.66 -79.86
C PRO P 603 -87.78 -98.31 -79.30
N TYR P 604 -88.73 -97.60 -78.71
CA TYR P 604 -88.42 -96.30 -78.15
C TYR P 604 -87.52 -96.42 -76.92
N LEU P 605 -87.66 -97.50 -76.16
CA LEU P 605 -86.75 -97.75 -75.04
C LEU P 605 -85.33 -98.02 -75.53
N ARG P 606 -85.19 -98.86 -76.55
CA ARG P 606 -83.88 -99.10 -77.13
C ARG P 606 -83.26 -97.80 -77.61
N ASN P 607 -84.05 -97.01 -78.35
CA ASN P 607 -83.55 -95.74 -78.86
C ASN P 607 -83.18 -94.79 -77.73
N CYS P 608 -83.98 -94.75 -76.67
CA CYS P 608 -83.70 -93.88 -75.54
C CYS P 608 -82.37 -94.24 -74.89
N ARG P 609 -82.15 -95.52 -74.61
CA ARG P 609 -80.90 -95.90 -73.97
C ARG P 609 -79.71 -95.64 -74.87
N TYR P 610 -79.82 -95.96 -76.16
CA TYR P 610 -78.76 -95.64 -77.10
C TYR P 610 -78.43 -94.15 -77.08
N ASP P 611 -79.46 -93.31 -77.17
CA ASP P 611 -79.25 -91.88 -77.24
C ASP P 611 -78.59 -91.37 -75.96
N VAL P 612 -79.13 -91.74 -74.80
CA VAL P 612 -78.60 -91.24 -73.54
C VAL P 612 -77.14 -91.64 -73.39
N CYS P 613 -76.79 -92.86 -73.82
CA CYS P 613 -75.41 -93.29 -73.68
C CYS P 613 -74.48 -92.63 -74.68
N SER P 614 -74.98 -92.26 -75.86
CA SER P 614 -74.10 -91.78 -76.92
C SER P 614 -74.11 -90.27 -77.12
N CYS P 615 -75.06 -89.55 -76.54
CA CYS P 615 -75.22 -88.14 -76.87
C CYS P 615 -74.20 -87.27 -76.16
N SER P 616 -74.03 -86.05 -76.68
CA SER P 616 -73.19 -85.06 -76.02
C SER P 616 -73.76 -84.69 -74.66
N ASP P 617 -75.07 -84.47 -74.59
CA ASP P 617 -75.77 -84.18 -73.34
C ASP P 617 -76.85 -85.23 -73.15
N GLY P 618 -76.74 -85.99 -72.07
CA GLY P 618 -77.70 -87.06 -71.85
C GLY P 618 -79.08 -86.56 -71.48
N ARG P 619 -79.16 -85.39 -70.84
CA ARG P 619 -80.45 -84.84 -70.46
C ARG P 619 -81.27 -84.44 -71.69
N GLU P 620 -80.64 -83.73 -72.62
CA GLU P 620 -81.33 -83.29 -73.82
C GLU P 620 -81.84 -84.49 -74.63
N CYS P 621 -81.01 -85.51 -74.77
CA CYS P 621 -81.43 -86.67 -75.54
C CYS P 621 -82.45 -87.52 -74.79
N LEU P 622 -82.38 -87.55 -73.46
CA LEU P 622 -83.43 -88.18 -72.68
C LEU P 622 -84.77 -87.53 -72.98
N CYS P 623 -84.81 -86.20 -72.92
CA CYS P 623 -86.04 -85.49 -73.26
C CYS P 623 -86.46 -85.77 -74.70
N GLY P 624 -85.50 -85.81 -75.62
CA GLY P 624 -85.83 -86.10 -77.00
C GLY P 624 -86.50 -87.44 -77.18
N ALA P 625 -85.95 -88.49 -76.56
CA ALA P 625 -86.51 -89.83 -76.70
C ALA P 625 -87.88 -89.92 -76.03
N LEU P 626 -88.02 -89.37 -74.82
CA LEU P 626 -89.31 -89.41 -74.16
C LEU P 626 -90.35 -88.65 -74.97
N ALA P 627 -89.98 -87.50 -75.53
CA ALA P 627 -90.89 -86.74 -76.37
C ALA P 627 -91.24 -87.51 -77.63
N SER P 628 -90.29 -88.27 -78.18
CA SER P 628 -90.59 -89.08 -79.36
C SER P 628 -91.66 -90.11 -79.03
N TYR P 629 -91.51 -90.81 -77.91
CA TYR P 629 -92.53 -91.80 -77.56
C TYR P 629 -93.86 -91.14 -77.26
N ALA P 630 -93.84 -89.99 -76.57
CA ALA P 630 -95.10 -89.29 -76.31
C ALA P 630 -95.74 -88.82 -77.59
N ALA P 631 -94.95 -88.41 -78.57
CA ALA P 631 -95.49 -88.00 -79.86
C ALA P 631 -96.12 -89.18 -80.59
N ALA P 632 -95.50 -90.35 -80.52
CA ALA P 632 -96.14 -91.53 -81.10
C ALA P 632 -97.47 -91.82 -80.42
N CYS P 633 -97.51 -91.74 -79.09
CA CYS P 633 -98.75 -91.94 -78.36
C CYS P 633 -99.81 -90.95 -78.81
N ALA P 634 -99.45 -89.67 -78.93
CA ALA P 634 -100.38 -88.65 -79.38
C ALA P 634 -100.86 -88.94 -80.80
N GLY P 635 -99.97 -89.44 -81.66
CA GLY P 635 -100.39 -89.84 -82.99
C GLY P 635 -101.44 -90.92 -82.94
N ARG P 636 -101.32 -91.84 -81.98
CA ARG P 636 -102.38 -92.82 -81.73
C ARG P 636 -103.49 -92.27 -80.85
N GLY P 637 -103.57 -90.97 -80.66
CA GLY P 637 -104.66 -90.37 -79.93
C GLY P 637 -104.59 -90.45 -78.43
N VAL P 638 -103.47 -90.91 -77.87
CA VAL P 638 -103.30 -91.00 -76.43
C VAL P 638 -102.34 -89.90 -76.00
N ARG P 639 -102.77 -89.07 -75.06
CA ARG P 639 -101.96 -87.97 -74.56
C ARG P 639 -101.52 -88.28 -73.15
N VAL P 640 -100.22 -88.17 -72.88
CA VAL P 640 -99.63 -88.51 -71.60
C VAL P 640 -98.97 -87.27 -71.02
N ALA P 641 -99.31 -86.96 -69.77
CA ALA P 641 -98.71 -85.83 -69.05
C ALA P 641 -97.38 -86.27 -68.45
N TRP P 642 -96.38 -86.39 -69.30
CA TRP P 642 -95.11 -86.98 -68.90
C TRP P 642 -94.09 -85.97 -68.42
N ARG P 643 -94.18 -84.72 -68.84
CA ARG P 643 -93.21 -83.72 -68.38
C ARG P 643 -93.46 -83.35 -66.93
N GLU P 644 -92.38 -83.12 -66.20
CA GLU P 644 -92.44 -82.80 -64.79
C GLU P 644 -91.25 -81.93 -64.45
N PRO P 645 -91.25 -81.28 -63.28
CA PRO P 645 -90.10 -80.43 -62.92
C PRO P 645 -88.78 -81.16 -62.97
N GLY P 646 -88.76 -82.44 -62.60
CA GLY P 646 -87.52 -83.19 -62.63
C GLY P 646 -87.10 -83.67 -64.01
N ARG P 647 -87.92 -83.47 -65.03
CA ARG P 647 -87.58 -83.93 -66.36
C ARG P 647 -88.33 -83.14 -67.42
N CYS P 648 -87.60 -82.38 -68.23
CA CYS P 648 -88.05 -81.97 -69.56
C CYS P 648 -89.29 -81.08 -69.52
N GLU P 649 -89.24 -80.04 -68.69
CA GLU P 649 -90.27 -79.01 -68.77
C GLU P 649 -89.97 -78.03 -69.88
N LEU P 650 -91.01 -77.60 -70.58
CA LEU P 650 -90.88 -76.55 -71.58
C LEU P 650 -90.93 -75.21 -70.89
N ASN P 651 -89.81 -74.50 -70.86
CA ASN P 651 -89.75 -73.16 -70.29
C ASN P 651 -90.16 -72.17 -71.37
N CYS P 652 -91.44 -71.79 -71.36
CA CYS P 652 -91.99 -71.02 -72.47
C CYS P 652 -91.47 -69.59 -72.46
N PRO P 653 -91.28 -69.00 -73.63
CA PRO P 653 -90.81 -67.62 -73.69
C PRO P 653 -91.80 -66.65 -73.08
N LYS P 654 -91.28 -65.61 -72.45
CA LYS P 654 -92.03 -64.45 -71.95
C LYS P 654 -93.26 -64.94 -71.20
N GLY P 655 -94.44 -64.40 -71.46
CA GLY P 655 -95.65 -64.75 -70.74
C GLY P 655 -96.44 -65.90 -71.33
N GLN P 656 -95.93 -66.58 -72.36
CA GLN P 656 -96.65 -67.68 -72.95
C GLN P 656 -96.80 -68.82 -71.94
N VAL P 657 -97.89 -69.57 -72.08
CA VAL P 657 -98.25 -70.63 -71.14
C VAL P 657 -98.17 -71.97 -71.85
N TYR P 658 -97.57 -72.95 -71.18
CA TYR P 658 -97.50 -74.29 -71.73
C TYR P 658 -98.86 -74.96 -71.68
N LEU P 659 -99.28 -75.55 -72.80
CA LEU P 659 -100.50 -76.35 -72.88
C LEU P 659 -100.16 -77.72 -73.41
N GLN P 660 -100.76 -78.75 -72.81
CA GLN P 660 -100.59 -80.10 -73.33
C GLN P 660 -101.41 -80.34 -74.59
N CYS P 661 -102.53 -79.64 -74.75
CA CYS P 661 -103.39 -79.77 -75.92
C CYS P 661 -103.97 -78.38 -76.20
N GLY P 662 -103.31 -77.66 -77.10
CA GLY P 662 -103.76 -76.34 -77.51
C GLY P 662 -103.95 -76.25 -79.01
N THR P 663 -104.76 -75.32 -79.46
CA THR P 663 -105.08 -75.24 -80.88
C THR P 663 -104.18 -74.23 -81.57
N PRO P 664 -103.51 -74.61 -82.65
CA PRO P 664 -102.59 -73.69 -83.32
C PRO P 664 -103.25 -72.73 -84.30
N CYS P 665 -104.52 -72.98 -84.67
CA CYS P 665 -105.10 -72.29 -85.80
C CYS P 665 -105.20 -70.79 -85.59
N ASN P 666 -105.52 -70.36 -84.38
CA ASN P 666 -105.77 -68.96 -84.08
C ASN P 666 -104.80 -68.40 -83.06
N LEU P 667 -103.52 -68.77 -83.17
CA LEU P 667 -102.52 -68.26 -82.24
C LEU P 667 -101.87 -66.97 -82.74
N THR P 668 -101.41 -66.96 -83.98
CA THR P 668 -100.68 -65.84 -84.54
C THR P 668 -101.64 -64.80 -85.11
N CYS P 669 -101.16 -63.56 -85.19
CA CYS P 669 -101.99 -62.48 -85.69
C CYS P 669 -102.22 -62.59 -87.19
N ARG P 670 -101.36 -63.32 -87.91
CA ARG P 670 -101.64 -63.64 -89.30
C ARG P 670 -102.97 -64.36 -89.44
N SER P 671 -103.37 -65.14 -88.44
CA SER P 671 -104.69 -65.75 -88.45
C SER P 671 -105.78 -64.70 -88.49
N LEU P 672 -105.58 -63.59 -87.77
CA LEU P 672 -106.51 -62.47 -87.88
C LEU P 672 -106.46 -61.85 -89.26
N SER P 673 -105.26 -61.70 -89.81
CA SER P 673 -105.13 -61.05 -91.11
C SER P 673 -105.67 -61.92 -92.25
N TYR P 674 -105.72 -63.24 -92.06
CA TYR P 674 -106.25 -64.16 -93.06
C TYR P 674 -107.24 -65.10 -92.39
N PRO P 675 -108.42 -64.60 -92.02
CA PRO P 675 -109.38 -65.45 -91.31
C PRO P 675 -110.04 -66.48 -92.20
N ASP P 676 -110.09 -66.28 -93.50
CA ASP P 676 -110.76 -67.21 -94.41
C ASP P 676 -109.88 -68.36 -94.83
N GLU P 677 -108.60 -68.36 -94.46
CA GLU P 677 -107.75 -69.52 -94.71
C GLU P 677 -108.13 -70.64 -93.76
N GLU P 678 -108.67 -71.73 -94.30
CA GLU P 678 -109.23 -72.78 -93.48
C GLU P 678 -108.13 -73.48 -92.68
N CYS P 679 -108.44 -73.80 -91.43
CA CYS P 679 -107.52 -74.49 -90.54
C CYS P 679 -108.31 -75.45 -89.67
N ASN P 680 -108.00 -76.75 -89.77
CA ASN P 680 -108.70 -77.78 -89.02
C ASN P 680 -107.73 -78.66 -88.24
N GLU P 681 -106.53 -78.16 -87.95
CA GLU P 681 -105.47 -78.99 -87.40
C GLU P 681 -105.77 -79.36 -85.95
N ALA P 682 -105.43 -80.60 -85.59
CA ALA P 682 -105.63 -81.09 -84.23
C ALA P 682 -104.73 -80.34 -83.25
N CYS P 683 -105.08 -80.44 -81.98
CA CYS P 683 -104.31 -79.75 -80.95
C CYS P 683 -102.95 -80.41 -80.77
N LEU P 684 -102.04 -79.67 -80.15
CA LEU P 684 -100.69 -80.16 -79.90
C LEU P 684 -100.14 -79.47 -78.67
N GLU P 685 -99.15 -80.09 -78.06
CA GLU P 685 -98.49 -79.47 -76.92
C GLU P 685 -97.50 -78.41 -77.39
N GLY P 686 -97.33 -77.38 -76.57
CA GLY P 686 -96.43 -76.31 -76.90
C GLY P 686 -96.72 -75.09 -76.04
N CYS P 687 -96.14 -73.98 -76.46
CA CYS P 687 -96.30 -72.71 -75.77
C CYS P 687 -97.31 -71.85 -76.52
N PHE P 688 -98.37 -71.44 -75.82
CA PHE P 688 -99.45 -70.66 -76.39
C PHE P 688 -99.67 -69.41 -75.57
N CYS P 689 -100.21 -68.39 -76.19
CA CYS P 689 -100.59 -67.19 -75.46
C CYS P 689 -101.87 -67.45 -74.67
N PRO P 690 -102.08 -66.74 -73.58
CA PRO P 690 -103.31 -66.89 -72.80
C PRO P 690 -104.54 -66.70 -73.67
N PRO P 691 -105.72 -67.14 -73.23
CA PRO P 691 -106.86 -67.24 -74.15
C PRO P 691 -107.25 -65.92 -74.82
N GLY P 692 -107.04 -64.80 -74.16
CA GLY P 692 -107.50 -63.53 -74.71
C GLY P 692 -106.50 -62.80 -75.56
N LEU P 693 -105.32 -63.37 -75.82
CA LEU P 693 -104.25 -62.68 -76.50
C LEU P 693 -103.77 -63.45 -77.71
N TYR P 694 -103.40 -62.72 -78.76
CA TYR P 694 -102.77 -63.28 -79.93
C TYR P 694 -101.26 -63.06 -79.86
N MET P 695 -100.53 -63.71 -80.77
CA MET P 695 -99.07 -63.69 -80.76
C MET P 695 -98.56 -62.99 -82.00
N ASP P 696 -97.65 -62.04 -81.82
CA ASP P 696 -97.07 -61.27 -82.90
C ASP P 696 -95.73 -61.86 -83.36
N GLU P 697 -95.01 -61.11 -84.21
CA GLU P 697 -93.74 -61.61 -84.72
C GLU P 697 -92.69 -61.72 -83.61
N ARG P 698 -92.71 -60.81 -82.67
CA ARG P 698 -91.73 -60.85 -81.58
C ARG P 698 -91.98 -61.99 -80.60
N GLY P 699 -93.09 -62.70 -80.75
CA GLY P 699 -93.46 -63.69 -79.76
C GLY P 699 -94.21 -63.12 -78.58
N ASP P 700 -94.49 -61.82 -78.59
CA ASP P 700 -95.22 -61.20 -77.49
C ASP P 700 -96.71 -61.43 -77.66
N CYS P 701 -97.38 -61.71 -76.55
CA CYS P 701 -98.82 -61.90 -76.56
C CYS P 701 -99.51 -60.54 -76.51
N VAL P 702 -100.37 -60.27 -77.48
CA VAL P 702 -100.99 -58.96 -77.62
C VAL P 702 -102.49 -59.15 -77.81
N PRO P 703 -103.32 -58.23 -77.33
CA PRO P 703 -104.73 -58.25 -77.70
C PRO P 703 -104.91 -58.00 -79.19
N LYS P 704 -106.01 -58.51 -79.73
CA LYS P 704 -106.23 -58.40 -81.16
C LYS P 704 -106.23 -56.96 -81.63
N ALA P 705 -106.53 -56.02 -80.75
CA ALA P 705 -106.47 -54.61 -81.11
C ALA P 705 -105.06 -54.15 -81.42
N GLN P 706 -104.04 -54.85 -80.94
CA GLN P 706 -102.65 -54.46 -81.12
C GLN P 706 -101.93 -55.26 -82.18
N CYS P 707 -102.55 -56.28 -82.76
CA CYS P 707 -101.89 -57.01 -83.83
C CYS P 707 -101.67 -56.11 -85.05
N PRO P 708 -100.55 -56.25 -85.73
CA PRO P 708 -100.41 -55.64 -87.05
C PRO P 708 -101.20 -56.40 -88.10
N CYS P 709 -101.42 -55.75 -89.23
CA CYS P 709 -102.14 -56.32 -90.35
C CYS P 709 -101.18 -56.65 -91.47
N TYR P 710 -101.27 -57.86 -91.98
CA TYR P 710 -100.44 -58.31 -93.09
C TYR P 710 -101.24 -58.18 -94.38
N TYR P 711 -100.74 -57.38 -95.31
CA TYR P 711 -101.45 -57.11 -96.55
C TYR P 711 -100.43 -57.13 -97.68
N ASP P 712 -100.67 -57.98 -98.68
CA ASP P 712 -99.75 -58.11 -99.82
C ASP P 712 -98.33 -58.39 -99.36
N GLY P 713 -98.19 -59.06 -98.23
CA GLY P 713 -96.87 -59.36 -97.71
C GLY P 713 -96.21 -58.22 -96.98
N GLU P 714 -96.93 -57.15 -96.70
CA GLU P 714 -96.40 -56.00 -95.97
C GLU P 714 -97.09 -55.90 -94.62
N ILE P 715 -96.35 -55.50 -93.60
CA ILE P 715 -96.84 -55.50 -92.23
C ILE P 715 -97.25 -54.08 -91.88
N PHE P 716 -98.52 -53.87 -91.58
CA PHE P 716 -99.03 -52.56 -91.21
C PHE P 716 -99.41 -52.55 -89.74
N GLN P 717 -99.11 -51.45 -89.07
CA GLN P 717 -99.37 -51.29 -87.66
C GLN P 717 -100.84 -51.01 -87.42
N PRO P 718 -101.31 -51.16 -86.18
CA PRO P 718 -102.71 -50.84 -85.89
C PRO P 718 -103.03 -49.40 -86.23
N GLU P 719 -104.26 -49.18 -86.70
CA GLU P 719 -104.79 -47.88 -87.08
C GLU P 719 -104.11 -47.28 -88.30
N ASP P 720 -103.27 -48.03 -89.00
CA ASP P 720 -102.68 -47.52 -90.23
C ASP P 720 -103.73 -47.39 -91.32
N ILE P 721 -103.60 -46.36 -92.12
CA ILE P 721 -104.51 -46.08 -93.22
C ILE P 721 -103.67 -45.88 -94.47
N PHE P 722 -104.15 -46.37 -95.60
CA PHE P 722 -103.52 -46.01 -96.86
C PHE P 722 -104.58 -46.04 -97.96
N SER P 723 -104.34 -45.24 -98.99
CA SER P 723 -105.24 -45.19 -100.13
C SER P 723 -104.42 -45.15 -101.40
N ASP P 724 -104.86 -45.87 -102.41
CA ASP P 724 -104.16 -46.02 -103.66
C ASP P 724 -105.08 -45.59 -104.80
N HIS P 725 -104.56 -45.67 -106.02
CA HIS P 725 -105.37 -45.40 -107.20
C HIS P 725 -106.62 -46.26 -107.20
N HIS P 726 -106.52 -47.47 -106.69
CA HIS P 726 -107.58 -48.45 -106.82
C HIS P 726 -108.29 -48.76 -105.52
N THR P 727 -107.69 -48.47 -104.36
CA THR P 727 -108.19 -49.05 -103.13
C THR P 727 -107.95 -48.10 -101.98
N MET P 728 -108.75 -48.25 -100.93
CA MET P 728 -108.56 -47.55 -99.66
C MET P 728 -108.69 -48.59 -98.56
N CYS P 729 -107.71 -48.63 -97.66
CA CYS P 729 -107.66 -49.68 -96.65
C CYS P 729 -107.30 -49.06 -95.31
N TYR P 730 -107.61 -49.78 -94.25
CA TYR P 730 -107.15 -49.42 -92.93
C TYR P 730 -107.09 -50.66 -92.05
N CYS P 731 -106.14 -50.64 -91.12
CA CYS P 731 -105.85 -51.78 -90.27
C CYS P 731 -106.56 -51.62 -88.93
N GLU P 732 -107.39 -52.59 -88.57
CA GLU P 732 -108.07 -52.57 -87.28
C GLU P 732 -108.28 -54.00 -86.81
N ASP P 733 -107.92 -54.28 -85.56
CA ASP P 733 -108.10 -55.60 -84.97
C ASP P 733 -107.40 -56.68 -85.79
N GLY P 734 -106.22 -56.36 -86.29
CA GLY P 734 -105.42 -57.33 -87.00
C GLY P 734 -105.89 -57.67 -88.39
N PHE P 735 -106.88 -56.96 -88.91
CA PHE P 735 -107.40 -57.21 -90.24
C PHE P 735 -107.38 -55.92 -91.05
N MET P 736 -107.12 -56.05 -92.34
CA MET P 736 -107.02 -54.91 -93.24
C MET P 736 -108.38 -54.72 -93.90
N HIS P 737 -109.13 -53.71 -93.44
CA HIS P 737 -110.50 -53.49 -93.90
C HIS P 737 -110.50 -52.66 -95.16
N CYS P 738 -110.17 -53.31 -96.27
CA CYS P 738 -110.19 -52.64 -97.56
C CYS P 738 -111.61 -52.53 -98.08
N THR P 739 -112.01 -51.31 -98.45
CA THR P 739 -113.40 -51.02 -98.81
C THR P 739 -113.49 -50.19 -100.07
N MET P 740 -112.65 -50.48 -101.06
CA MET P 740 -112.78 -49.80 -102.34
C MET P 740 -112.36 -50.78 -103.44
N SER P 741 -113.05 -50.69 -104.58
CA SER P 741 -112.81 -51.57 -105.72
C SER P 741 -112.83 -53.04 -105.33
N GLU P 786 -91.12 -56.46 -118.46
CA GLU P 786 -91.65 -55.79 -119.64
C GLU P 786 -92.89 -54.97 -119.28
N CYS P 787 -93.07 -53.84 -119.96
CA CYS P 787 -94.21 -52.97 -119.69
C CYS P 787 -94.48 -52.13 -120.92
N ALA P 788 -95.70 -51.59 -120.99
CA ALA P 788 -96.02 -50.60 -122.00
C ALA P 788 -95.35 -49.28 -121.68
N LYS P 789 -95.10 -48.49 -122.72
CA LYS P 789 -94.36 -47.24 -122.57
C LYS P 789 -95.18 -46.07 -123.12
N THR P 790 -94.90 -44.89 -122.56
CA THR P 790 -95.54 -43.65 -122.95
C THR P 790 -94.44 -42.64 -123.24
N CYS P 791 -94.75 -41.62 -124.05
CA CYS P 791 -93.75 -40.64 -124.42
C CYS P 791 -93.06 -40.04 -123.21
N GLN P 792 -93.81 -39.88 -122.11
CA GLN P 792 -93.23 -39.31 -120.90
C GLN P 792 -92.29 -40.29 -120.21
N ASN P 793 -92.69 -41.56 -120.09
CA ASN P 793 -91.98 -42.53 -119.28
C ASN P 793 -91.12 -43.48 -120.11
N TYR P 794 -90.77 -43.11 -121.34
CA TYR P 794 -90.03 -44.02 -122.20
C TYR P 794 -88.67 -44.36 -121.59
N ASP P 795 -87.96 -43.35 -121.10
CA ASP P 795 -86.61 -43.57 -120.58
C ASP P 795 -86.60 -44.11 -119.16
N LEU P 796 -87.73 -44.10 -118.47
CA LEU P 796 -87.79 -44.51 -117.08
C LEU P 796 -87.97 -46.03 -116.97
N GLU P 797 -87.98 -46.52 -115.73
CA GLU P 797 -88.16 -47.93 -115.46
C GLU P 797 -89.61 -48.34 -115.73
N CYS P 798 -89.87 -49.64 -115.59
CA CYS P 798 -91.22 -50.17 -115.63
C CYS P 798 -91.79 -50.21 -114.22
N MET P 799 -93.08 -49.88 -114.11
CA MET P 799 -93.72 -49.89 -112.81
C MET P 799 -93.68 -51.29 -112.22
N SER P 800 -93.06 -51.42 -111.05
CA SER P 800 -92.91 -52.71 -110.39
C SER P 800 -94.12 -53.00 -109.49
N MET P 801 -95.29 -52.98 -110.12
CA MET P 801 -96.55 -53.19 -109.39
C MET P 801 -97.49 -54.06 -110.20
N GLY P 802 -96.96 -54.98 -110.99
CA GLY P 802 -97.78 -55.87 -111.79
C GLY P 802 -97.00 -56.99 -112.45
N LEU P 808 -100.63 -53.19 -126.24
CA LEU P 808 -99.20 -52.95 -126.30
C LEU P 808 -98.77 -52.55 -127.72
N CYS P 809 -98.20 -51.36 -127.85
CA CYS P 809 -97.84 -50.85 -129.15
C CYS P 809 -96.60 -51.57 -129.69
N PRO P 810 -96.40 -51.53 -131.01
CA PRO P 810 -95.24 -52.21 -131.60
C PRO P 810 -93.93 -51.61 -131.09
N PRO P 811 -92.81 -52.33 -131.25
CA PRO P 811 -91.51 -51.73 -130.90
C PRO P 811 -91.23 -50.52 -131.76
N GLY P 812 -90.58 -49.52 -131.16
CA GLY P 812 -90.36 -48.26 -131.84
C GLY P 812 -91.58 -47.37 -131.91
N MET P 813 -92.67 -47.73 -131.24
CA MET P 813 -93.89 -46.94 -131.24
C MET P 813 -94.36 -46.83 -129.79
N VAL P 814 -94.96 -45.69 -129.49
CA VAL P 814 -95.21 -45.32 -128.10
C VAL P 814 -96.64 -44.82 -127.93
N ARG P 815 -97.21 -45.12 -126.76
CA ARG P 815 -98.55 -44.64 -126.43
C ARG P 815 -98.55 -43.12 -126.27
N HIS P 816 -99.51 -42.46 -126.91
CA HIS P 816 -99.67 -41.02 -126.82
C HIS P 816 -101.05 -40.65 -127.33
N GLU P 817 -101.73 -39.74 -126.63
CA GLU P 817 -103.10 -39.36 -126.95
C GLU P 817 -104.02 -40.57 -127.03
N ASN P 818 -103.75 -41.58 -126.21
CA ASN P 818 -104.45 -42.85 -126.23
C ASN P 818 -104.41 -43.48 -127.63
N ARG P 819 -103.26 -43.35 -128.28
CA ARG P 819 -103.01 -44.03 -129.54
C ARG P 819 -101.51 -44.31 -129.64
N CYS P 820 -101.16 -45.31 -130.45
CA CYS P 820 -99.76 -45.65 -130.65
C CYS P 820 -99.14 -44.66 -131.63
N VAL P 821 -98.05 -44.02 -131.21
CA VAL P 821 -97.38 -42.99 -132.00
C VAL P 821 -95.91 -43.34 -132.10
N ALA P 822 -95.33 -43.08 -133.27
CA ALA P 822 -93.97 -43.50 -133.55
C ALA P 822 -92.97 -42.76 -132.68
N LEU P 823 -91.85 -43.44 -132.39
CA LEU P 823 -90.74 -42.80 -131.72
C LEU P 823 -90.09 -41.81 -132.68
N GLU P 824 -89.36 -40.85 -132.10
CA GLU P 824 -88.78 -39.70 -132.79
C GLU P 824 -89.86 -38.69 -133.17
N ARG P 825 -91.13 -38.99 -132.89
CA ARG P 825 -92.22 -38.07 -133.09
C ARG P 825 -92.97 -37.77 -131.79
N CYS P 826 -92.49 -38.26 -130.65
CA CYS P 826 -93.07 -37.90 -129.38
C CYS P 826 -92.77 -36.43 -129.09
N PRO P 827 -93.69 -35.71 -128.46
CA PRO P 827 -93.44 -34.29 -128.16
C PRO P 827 -92.59 -34.12 -126.91
N CYS P 828 -92.11 -32.89 -126.73
CA CYS P 828 -91.37 -32.50 -125.54
C CYS P 828 -92.29 -31.76 -124.58
N PHE P 829 -91.95 -31.82 -123.30
CA PHE P 829 -92.80 -31.32 -122.22
C PHE P 829 -92.09 -30.20 -121.49
N HIS P 830 -92.82 -29.12 -121.21
CA HIS P 830 -92.31 -28.04 -120.38
C HIS P 830 -93.49 -27.35 -119.72
N GLN P 831 -93.35 -27.08 -118.42
CA GLN P 831 -94.41 -26.47 -117.62
C GLN P 831 -95.73 -27.20 -117.79
N GLY P 832 -95.65 -28.52 -117.94
CA GLY P 832 -96.84 -29.34 -117.97
C GLY P 832 -97.58 -29.37 -119.29
N LYS P 833 -97.03 -28.76 -120.34
CA LYS P 833 -97.67 -28.77 -121.64
C LYS P 833 -96.69 -29.27 -122.69
N GLU P 834 -97.23 -29.90 -123.73
CA GLU P 834 -96.43 -30.62 -124.71
C GLU P 834 -96.02 -29.70 -125.86
N TYR P 835 -94.87 -30.01 -126.45
CA TYR P 835 -94.35 -29.29 -127.60
C TYR P 835 -93.96 -30.30 -128.67
N ALA P 836 -94.43 -30.12 -129.89
CA ALA P 836 -94.10 -31.02 -130.97
C ALA P 836 -92.63 -30.86 -131.36
N PRO P 837 -92.02 -31.90 -131.93
CA PRO P 837 -90.62 -31.77 -132.36
C PRO P 837 -90.45 -30.65 -133.37
N GLY P 838 -89.36 -29.91 -133.23
CA GLY P 838 -89.11 -28.73 -134.02
C GLY P 838 -89.63 -27.44 -133.42
N GLU P 839 -90.52 -27.53 -132.43
CA GLU P 839 -90.98 -26.34 -131.74
C GLU P 839 -89.87 -25.79 -130.85
N THR P 840 -90.07 -24.56 -130.38
CA THR P 840 -89.05 -23.86 -129.60
C THR P 840 -89.69 -23.22 -128.39
N VAL P 841 -88.88 -23.02 -127.35
CA VAL P 841 -89.31 -22.35 -126.13
C VAL P 841 -88.22 -21.39 -125.70
N LYS P 842 -88.64 -20.27 -125.12
CA LYS P 842 -87.74 -19.19 -124.74
C LYS P 842 -87.48 -19.27 -123.24
N ILE P 843 -86.21 -19.43 -122.86
CA ILE P 843 -85.82 -19.59 -121.46
C ILE P 843 -84.78 -18.51 -121.17
N GLY P 844 -85.20 -17.43 -120.53
CA GLY P 844 -84.30 -16.33 -120.28
C GLY P 844 -83.72 -15.82 -121.59
N CYS P 845 -82.39 -15.73 -121.64
CA CYS P 845 -81.71 -15.36 -122.87
C CYS P 845 -81.42 -16.54 -123.77
N ASN P 846 -81.66 -17.77 -123.31
CA ASN P 846 -81.38 -18.96 -124.08
C ASN P 846 -82.63 -19.43 -124.82
N THR P 847 -82.41 -20.19 -125.90
CA THR P 847 -83.47 -20.78 -126.69
C THR P 847 -83.31 -22.29 -126.70
N CYS P 848 -84.42 -23.00 -126.57
CA CYS P 848 -84.43 -24.46 -126.57
C CYS P 848 -85.33 -24.97 -127.67
N VAL P 849 -84.90 -26.04 -128.34
CA VAL P 849 -85.64 -26.63 -129.46
C VAL P 849 -85.88 -28.10 -129.15
N CYS P 850 -87.12 -28.56 -129.37
CA CYS P 850 -87.50 -29.92 -129.01
C CYS P 850 -87.06 -30.90 -130.09
N ARG P 851 -86.03 -31.70 -129.78
CA ARG P 851 -85.58 -32.75 -130.69
C ARG P 851 -85.56 -34.08 -129.96
N ASP P 852 -86.30 -35.06 -130.49
CA ASP P 852 -86.35 -36.43 -129.96
C ASP P 852 -86.60 -36.44 -128.45
N ARG P 853 -87.72 -35.83 -128.04
CA ARG P 853 -88.14 -35.85 -126.64
C ARG P 853 -87.16 -35.14 -125.72
N LYS P 854 -86.07 -34.60 -126.27
CA LYS P 854 -85.07 -33.88 -125.51
C LYS P 854 -85.00 -32.43 -125.97
N TRP P 855 -85.06 -31.50 -125.01
CA TRP P 855 -84.80 -30.10 -125.32
C TRP P 855 -83.33 -29.88 -125.58
N ASN P 856 -83.00 -29.22 -126.68
CA ASN P 856 -81.63 -28.93 -127.05
C ASN P 856 -81.46 -27.42 -127.00
N CYS P 857 -80.68 -26.94 -126.04
CA CYS P 857 -80.71 -25.55 -125.62
C CYS P 857 -79.38 -24.87 -125.94
N THR P 858 -79.44 -23.57 -126.21
CA THR P 858 -78.25 -22.76 -126.26
C THR P 858 -77.64 -22.64 -124.87
N ASP P 859 -76.34 -22.40 -124.82
CA ASP P 859 -75.58 -22.38 -123.57
C ASP P 859 -75.05 -20.99 -123.23
N HIS P 860 -75.86 -19.95 -123.46
CA HIS P 860 -75.46 -18.60 -123.10
C HIS P 860 -75.64 -18.38 -121.60
N VAL P 861 -74.70 -17.67 -121.00
CA VAL P 861 -74.82 -17.26 -119.61
C VAL P 861 -75.55 -15.92 -119.59
N CYS P 862 -76.79 -15.94 -119.15
CA CYS P 862 -77.62 -14.74 -119.19
C CYS P 862 -77.23 -13.79 -118.06
N ASP P 863 -77.60 -12.52 -118.25
CA ASP P 863 -77.35 -11.50 -117.25
C ASP P 863 -78.07 -11.84 -115.95
N ALA P 864 -77.36 -11.72 -114.84
CA ALA P 864 -77.90 -12.09 -113.54
C ALA P 864 -78.23 -10.84 -112.73
N THR P 865 -79.35 -10.91 -112.00
CA THR P 865 -79.85 -9.79 -111.22
C THR P 865 -79.82 -10.15 -109.75
N CYS P 866 -78.84 -9.63 -109.02
CA CYS P 866 -78.94 -9.62 -107.57
C CYS P 866 -79.96 -8.57 -107.17
N SER P 867 -80.66 -8.83 -106.07
CA SER P 867 -81.75 -7.95 -105.68
C SER P 867 -81.92 -7.98 -104.17
N THR P 868 -82.03 -6.82 -103.57
CA THR P 868 -82.51 -6.70 -102.20
C THR P 868 -84.02 -6.61 -102.24
N ILE P 869 -84.70 -7.61 -101.68
CA ILE P 869 -86.15 -7.66 -101.69
C ILE P 869 -86.63 -7.22 -100.33
N GLY P 870 -87.39 -6.13 -100.30
CA GLY P 870 -87.82 -5.66 -99.01
C GLY P 870 -86.70 -5.00 -98.22
N MET P 871 -86.80 -5.08 -96.90
CA MET P 871 -85.88 -4.39 -96.02
C MET P 871 -84.80 -5.29 -95.45
N ALA P 872 -85.01 -6.61 -95.43
CA ALA P 872 -84.06 -7.49 -94.77
C ALA P 872 -83.79 -8.77 -95.56
N HIS P 873 -84.34 -8.93 -96.75
CA HIS P 873 -84.14 -10.13 -97.55
C HIS P 873 -83.29 -9.80 -98.77
N TYR P 874 -82.41 -10.72 -99.14
CA TYR P 874 -81.53 -10.58 -100.29
C TYR P 874 -81.72 -11.76 -101.22
N LEU P 875 -81.50 -11.53 -102.51
CA LEU P 875 -81.53 -12.62 -103.49
C LEU P 875 -80.22 -12.57 -104.27
N THR P 876 -79.40 -13.61 -104.10
CA THR P 876 -78.09 -13.66 -104.70
C THR P 876 -78.18 -13.79 -106.22
N PHE P 877 -77.02 -13.70 -106.87
CA PHE P 877 -76.98 -13.85 -108.33
C PHE P 877 -77.43 -15.22 -108.76
N ASP P 878 -77.09 -16.25 -108.00
CA ASP P 878 -77.44 -17.62 -108.36
C ASP P 878 -78.84 -18.01 -107.92
N GLY P 879 -79.56 -17.12 -107.26
CA GLY P 879 -80.95 -17.36 -106.91
C GLY P 879 -81.22 -17.72 -105.47
N LEU P 880 -80.24 -17.62 -104.60
CA LEU P 880 -80.42 -17.95 -103.19
C LEU P 880 -81.09 -16.77 -102.47
N LYS P 881 -82.31 -16.97 -101.99
CA LYS P 881 -83.00 -15.98 -101.19
C LYS P 881 -82.74 -16.27 -99.72
N TYR P 882 -82.28 -15.27 -98.98
CA TYR P 882 -81.95 -15.48 -97.58
C TYR P 882 -82.28 -14.23 -96.79
N LEU P 883 -82.42 -14.40 -95.48
CA LEU P 883 -82.82 -13.35 -94.57
C LEU P 883 -81.61 -12.86 -93.79
N PHE P 884 -81.43 -11.55 -93.73
CA PHE P 884 -80.36 -10.96 -92.97
C PHE P 884 -80.71 -9.54 -92.56
N PRO P 885 -81.26 -9.34 -91.38
CA PRO P 885 -81.48 -7.98 -90.91
C PRO P 885 -80.25 -7.41 -90.24
N GLY P 886 -79.79 -6.25 -90.67
CA GLY P 886 -78.61 -5.65 -90.10
C GLY P 886 -78.71 -4.14 -90.12
N GLU P 887 -78.14 -3.50 -89.09
CA GLU P 887 -78.12 -2.06 -89.02
C GLU P 887 -76.96 -1.43 -89.75
N CYS P 888 -75.88 -2.18 -89.98
CA CYS P 888 -74.60 -1.63 -90.40
C CYS P 888 -74.56 -1.47 -91.91
N GLN P 889 -73.38 -1.14 -92.43
CA GLN P 889 -73.15 -1.07 -93.86
C GLN P 889 -72.44 -2.32 -94.33
N TYR P 890 -72.91 -2.90 -95.43
CA TYR P 890 -72.44 -4.20 -95.89
C TYR P 890 -72.08 -4.15 -97.36
N VAL P 891 -71.19 -5.04 -97.78
CA VAL P 891 -70.79 -5.16 -99.17
C VAL P 891 -71.86 -5.93 -99.93
N LEU P 892 -72.58 -5.25 -100.81
CA LEU P 892 -73.58 -5.93 -101.62
C LEU P 892 -72.95 -6.72 -102.76
N VAL P 893 -72.05 -6.07 -103.51
CA VAL P 893 -71.30 -6.70 -104.58
C VAL P 893 -69.91 -6.12 -104.56
N GLN P 894 -68.93 -6.91 -104.95
CA GLN P 894 -67.54 -6.49 -104.92
C GLN P 894 -66.72 -7.46 -105.73
N ASP P 895 -65.81 -6.94 -106.55
CA ASP P 895 -64.83 -7.78 -107.22
C ASP P 895 -63.43 -7.59 -106.67
N TYR P 896 -63.25 -6.71 -105.68
CA TYR P 896 -61.98 -6.59 -104.95
C TYR P 896 -61.87 -7.68 -103.91
N CYS P 897 -61.99 -8.93 -104.36
CA CYS P 897 -61.83 -10.07 -103.48
C CYS P 897 -61.20 -11.22 -104.26
N GLY P 898 -60.50 -12.08 -103.53
CA GLY P 898 -59.72 -13.07 -104.22
C GLY P 898 -58.53 -12.42 -104.89
N SER P 899 -58.04 -13.10 -105.92
CA SER P 899 -56.89 -12.62 -106.67
C SER P 899 -57.25 -11.59 -107.74
N ASN P 900 -58.53 -11.47 -108.07
CA ASN P 900 -58.93 -10.64 -109.18
C ASN P 900 -58.59 -9.18 -108.90
N PRO P 901 -58.00 -8.46 -109.84
CA PRO P 901 -57.84 -7.00 -109.67
C PRO P 901 -59.19 -6.31 -109.79
N GLY P 902 -59.63 -5.71 -108.70
CA GLY P 902 -60.98 -5.20 -108.65
C GLY P 902 -61.18 -3.96 -109.49
N THR P 903 -62.44 -3.71 -109.83
CA THR P 903 -62.83 -2.54 -110.61
C THR P 903 -64.01 -1.79 -110.01
N PHE P 904 -64.85 -2.43 -109.21
CA PHE P 904 -66.04 -1.81 -108.67
C PHE P 904 -66.36 -2.42 -107.32
N ARG P 905 -67.12 -1.68 -106.53
CA ARG P 905 -67.46 -2.12 -105.17
C ARG P 905 -68.71 -1.39 -104.74
N ILE P 906 -69.78 -2.13 -104.46
CA ILE P 906 -71.07 -1.56 -104.11
C ILE P 906 -71.36 -1.89 -102.66
N LEU P 907 -71.64 -0.88 -101.86
CA LEU P 907 -71.93 -1.02 -100.46
C LEU P 907 -73.37 -0.57 -100.19
N VAL P 908 -74.07 -1.32 -99.33
CA VAL P 908 -75.44 -1.00 -98.96
C VAL P 908 -75.50 -0.80 -97.45
N GLY P 909 -76.07 0.31 -97.03
CA GLY P 909 -76.27 0.60 -95.62
C GLY P 909 -77.75 0.74 -95.31
N ASN P 910 -78.16 0.19 -94.18
CA ASN P 910 -79.55 0.22 -93.75
C ASN P 910 -79.75 1.37 -92.78
N LYS P 911 -80.64 2.29 -93.12
CA LYS P 911 -80.88 3.48 -92.30
C LYS P 911 -82.36 3.59 -91.99
N GLY P 912 -82.68 3.80 -90.73
CA GLY P 912 -84.05 3.86 -90.27
C GLY P 912 -84.63 2.54 -89.83
N CYS P 913 -84.02 1.42 -90.22
CA CYS P 913 -84.47 0.13 -89.71
C CYS P 913 -83.35 -0.89 -89.85
N SER P 914 -83.45 -1.92 -89.04
CA SER P 914 -82.90 -3.25 -89.29
C SER P 914 -83.99 -4.28 -89.17
N HIS P 915 -84.89 -4.13 -88.21
CA HIS P 915 -86.16 -4.80 -88.22
C HIS P 915 -87.08 -3.95 -89.10
N PRO P 916 -87.62 -4.49 -90.19
CA PRO P 916 -88.30 -3.63 -91.17
C PRO P 916 -89.32 -2.70 -90.53
N SER P 917 -89.25 -1.42 -90.90
CA SER P 917 -90.06 -0.38 -90.26
C SER P 917 -90.45 0.66 -91.30
N VAL P 918 -91.49 1.43 -90.95
CA VAL P 918 -92.11 2.33 -91.92
C VAL P 918 -91.12 3.39 -92.39
N LYS P 919 -90.37 4.00 -91.47
CA LYS P 919 -89.54 5.15 -91.80
C LYS P 919 -88.18 4.76 -92.36
N CYS P 920 -88.04 3.55 -92.91
CA CYS P 920 -86.73 3.03 -93.26
C CYS P 920 -86.29 3.47 -94.65
N LYS P 921 -84.99 3.37 -94.90
CA LYS P 921 -84.41 3.67 -96.19
C LYS P 921 -83.00 3.09 -96.25
N LYS P 922 -82.52 2.84 -97.46
CA LYS P 922 -81.20 2.27 -97.68
C LYS P 922 -80.32 3.23 -98.45
N ARG P 923 -79.07 3.32 -98.04
CA ARG P 923 -78.06 4.12 -98.73
C ARG P 923 -77.14 3.18 -99.50
N VAL P 924 -76.91 3.50 -100.77
CA VAL P 924 -76.02 2.74 -101.63
C VAL P 924 -74.80 3.59 -101.93
N THR P 925 -73.62 3.00 -101.82
CA THR P 925 -72.38 3.65 -102.21
C THR P 925 -71.73 2.86 -103.33
N ILE P 926 -71.53 3.49 -104.48
CA ILE P 926 -71.04 2.80 -105.66
C ILE P 926 -69.64 3.29 -105.94
N LEU P 927 -68.64 2.57 -105.45
CA LEU P 927 -67.25 2.97 -105.58
C LEU P 927 -66.60 2.41 -106.85
N VAL P 928 -67.15 2.77 -108.00
CA VAL P 928 -66.72 2.19 -109.26
C VAL P 928 -65.55 2.99 -109.82
N GLU P 929 -64.47 2.29 -110.16
CA GLU P 929 -63.28 2.84 -110.81
C GLU P 929 -62.82 4.16 -110.16
N GLY P 930 -62.75 4.15 -108.84
CA GLY P 930 -62.30 5.30 -108.09
C GLY P 930 -63.35 6.36 -107.89
N GLY P 931 -64.31 6.45 -108.80
CA GLY P 931 -65.43 7.36 -108.62
C GLY P 931 -66.34 6.86 -107.52
N GLU P 932 -67.35 7.67 -107.22
CA GLU P 932 -68.27 7.33 -106.14
C GLU P 932 -69.63 7.94 -106.43
N ILE P 933 -70.65 7.10 -106.53
CA ILE P 933 -72.03 7.53 -106.69
C ILE P 933 -72.81 7.04 -105.48
N GLU P 934 -73.47 7.97 -104.79
CA GLU P 934 -74.25 7.65 -103.61
C GLU P 934 -75.73 7.78 -103.94
N LEU P 935 -76.51 6.75 -103.62
CA LEU P 935 -77.95 6.74 -103.82
C LEU P 935 -78.62 6.90 -102.47
N PHE P 936 -79.39 7.96 -102.29
CA PHE P 936 -80.04 8.23 -101.03
C PHE P 936 -81.21 9.17 -101.25
N ASP P 937 -82.23 9.05 -100.39
CA ASP P 937 -83.40 9.92 -100.42
C ASP P 937 -84.04 9.96 -101.81
N GLY P 938 -84.00 8.83 -102.50
CA GLY P 938 -84.58 8.77 -103.83
C GLY P 938 -83.91 9.67 -104.85
N GLU P 939 -82.65 10.02 -104.62
CA GLU P 939 -81.93 10.89 -105.54
C GLU P 939 -80.50 10.40 -105.68
N VAL P 940 -79.92 10.64 -106.84
CA VAL P 940 -78.55 10.25 -107.14
C VAL P 940 -77.62 11.36 -106.69
N ASN P 941 -76.48 10.97 -106.14
CA ASN P 941 -75.48 11.93 -105.65
C ASN P 941 -74.11 11.45 -106.11
N VAL P 942 -73.60 12.04 -107.19
CA VAL P 942 -72.28 11.69 -107.69
C VAL P 942 -71.23 12.41 -106.86
N LYS P 943 -70.75 11.76 -105.80
CA LYS P 943 -69.87 12.43 -104.86
C LYS P 943 -68.42 12.48 -105.32
N ARG P 944 -68.04 11.70 -106.33
CA ARG P 944 -66.82 11.90 -107.09
C ARG P 944 -67.08 11.44 -108.51
N PRO P 945 -66.43 12.04 -109.50
CA PRO P 945 -66.62 11.60 -110.89
C PRO P 945 -65.81 10.36 -111.21
N MET P 946 -66.26 9.67 -112.25
CA MET P 946 -65.57 8.49 -112.76
C MET P 946 -64.49 8.88 -113.76
N LYS P 947 -63.58 7.94 -114.03
CA LYS P 947 -62.55 8.18 -115.02
C LYS P 947 -63.11 8.21 -116.44
N ASP P 948 -64.15 7.43 -116.71
CA ASP P 948 -64.80 7.40 -118.02
C ASP P 948 -66.27 7.74 -117.82
N GLU P 949 -66.59 9.02 -117.86
CA GLU P 949 -67.97 9.46 -117.71
C GLU P 949 -68.84 9.10 -118.91
N THR P 950 -68.23 8.68 -120.02
CA THR P 950 -69.01 8.21 -121.15
C THR P 950 -69.60 6.83 -120.90
N HIS P 951 -68.84 5.96 -120.23
CA HIS P 951 -69.41 4.69 -119.77
C HIS P 951 -70.52 4.92 -118.76
N PHE P 952 -70.32 5.88 -117.85
CA PHE P 952 -71.33 6.20 -116.86
C PHE P 952 -72.56 6.82 -117.51
N GLU P 953 -73.72 6.52 -116.93
CA GLU P 953 -74.97 7.13 -117.35
C GLU P 953 -76.02 6.84 -116.30
N VAL P 954 -76.97 7.77 -116.15
CA VAL P 954 -78.08 7.63 -115.22
C VAL P 954 -79.37 7.84 -116.00
N VAL P 955 -80.29 6.90 -115.89
CA VAL P 955 -81.59 6.98 -116.55
C VAL P 955 -82.66 6.88 -115.49
N GLU P 956 -83.60 7.81 -115.50
CA GLU P 956 -84.75 7.79 -114.61
C GLU P 956 -85.98 7.41 -115.41
N SER P 957 -86.64 6.34 -114.98
CA SER P 957 -87.78 5.81 -115.73
C SER P 957 -88.72 5.12 -114.76
N GLY P 958 -90.01 5.38 -114.94
CA GLY P 958 -91.00 4.84 -114.03
C GLY P 958 -90.64 5.15 -112.59
N ARG P 959 -90.71 4.12 -111.74
CA ARG P 959 -90.36 4.27 -110.34
C ARG P 959 -88.86 4.18 -110.09
N TYR P 960 -88.06 3.92 -111.11
CA TYR P 960 -86.71 3.42 -110.92
C TYR P 960 -85.68 4.41 -111.42
N ILE P 961 -84.51 4.37 -110.79
CA ILE P 961 -83.30 5.00 -111.31
C ILE P 961 -82.42 3.90 -111.87
N ILE P 962 -82.01 4.03 -113.13
CA ILE P 962 -81.19 3.03 -113.81
C ILE P 962 -79.81 3.63 -114.05
N LEU P 963 -78.79 3.05 -113.45
CA LEU P 963 -77.42 3.48 -113.60
C LEU P 963 -76.67 2.50 -114.47
N LEU P 964 -75.99 2.99 -115.48
CA LEU P 964 -75.07 2.18 -116.27
C LEU P 964 -73.64 2.53 -115.83
N LEU P 965 -72.96 1.57 -115.23
CA LEU P 965 -71.62 1.76 -114.72
C LEU P 965 -70.56 1.14 -115.60
N GLY P 966 -70.92 0.74 -116.81
CA GLY P 966 -70.00 0.06 -117.70
C GLY P 966 -70.77 -0.76 -118.70
N LYS P 967 -70.01 -1.46 -119.54
CA LYS P 967 -70.63 -2.32 -120.54
C LYS P 967 -71.20 -3.59 -119.92
N ALA P 968 -70.75 -3.97 -118.73
CA ALA P 968 -71.13 -5.23 -118.11
C ALA P 968 -71.72 -5.08 -116.72
N LEU P 969 -71.89 -3.87 -116.22
CA LEU P 969 -72.40 -3.63 -114.87
C LEU P 969 -73.48 -2.56 -114.91
N SER P 970 -74.57 -2.81 -114.20
CA SER P 970 -75.67 -1.86 -114.13
C SER P 970 -76.37 -2.02 -112.80
N VAL P 971 -77.04 -0.96 -112.37
CA VAL P 971 -77.78 -0.94 -111.11
C VAL P 971 -79.17 -0.38 -111.37
N VAL P 972 -80.19 -1.06 -110.86
CA VAL P 972 -81.58 -0.61 -110.94
C VAL P 972 -82.10 -0.43 -109.52
N TRP P 973 -82.66 0.74 -109.24
CA TRP P 973 -83.04 1.11 -107.88
C TRP P 973 -84.42 1.75 -107.92
N ASP P 974 -85.35 1.21 -107.14
CA ASP P 974 -86.71 1.74 -107.09
C ASP P 974 -86.82 3.02 -106.28
N ARG P 975 -85.70 3.61 -105.87
CA ARG P 975 -85.58 4.86 -105.15
C ARG P 975 -85.95 4.71 -103.67
N HIS P 976 -86.47 3.58 -103.23
CA HIS P 976 -86.73 3.40 -101.81
C HIS P 976 -85.94 2.25 -101.20
N LEU P 977 -86.16 1.02 -101.64
CA LEU P 977 -85.53 -0.13 -101.00
C LEU P 977 -84.92 -1.13 -101.96
N SER P 978 -85.56 -1.38 -103.09
CA SER P 978 -85.24 -2.54 -103.92
C SER P 978 -84.07 -2.21 -104.82
N ILE P 979 -82.87 -2.42 -104.30
CA ILE P 979 -81.66 -2.31 -105.09
C ILE P 979 -81.46 -3.58 -105.91
N SER P 980 -81.12 -3.43 -107.18
CA SER P 980 -80.84 -4.57 -108.04
C SER P 980 -79.56 -4.31 -108.81
N VAL P 981 -78.65 -5.27 -108.79
CA VAL P 981 -77.38 -5.18 -109.51
C VAL P 981 -77.39 -6.22 -110.61
N VAL P 982 -77.09 -5.80 -111.83
CA VAL P 982 -77.13 -6.67 -112.99
C VAL P 982 -75.71 -6.80 -113.54
N LEU P 983 -75.25 -8.04 -113.70
CA LEU P 983 -73.92 -8.33 -114.18
C LEU P 983 -74.01 -9.18 -115.44
N LYS P 984 -73.21 -8.83 -116.44
CA LYS P 984 -73.08 -9.70 -117.60
C LYS P 984 -72.03 -10.76 -117.33
N GLN P 985 -71.95 -11.74 -118.25
CA GLN P 985 -71.17 -12.94 -117.99
C GLN P 985 -69.70 -12.65 -117.75
N THR P 986 -69.19 -11.51 -118.18
CA THR P 986 -67.77 -11.22 -118.02
C THR P 986 -67.35 -11.15 -116.56
N TYR P 987 -68.29 -10.89 -115.65
CA TYR P 987 -68.00 -10.80 -114.23
C TYR P 987 -68.20 -12.12 -113.50
N GLN P 988 -68.40 -13.21 -114.22
CA GLN P 988 -68.70 -14.49 -113.58
C GLN P 988 -67.47 -15.01 -112.84
N GLU P 989 -67.70 -15.60 -111.67
CA GLU P 989 -66.68 -16.22 -110.83
C GLU P 989 -65.80 -15.20 -110.14
N LYS P 990 -66.04 -13.90 -110.35
CA LYS P 990 -65.15 -12.86 -109.88
C LYS P 990 -65.72 -12.03 -108.74
N VAL P 991 -67.03 -11.85 -108.69
CA VAL P 991 -67.65 -10.98 -107.70
C VAL P 991 -67.88 -11.75 -106.42
N CYS P 992 -68.13 -11.02 -105.34
CA CYS P 992 -68.42 -11.61 -104.04
C CYS P 992 -69.33 -10.65 -103.28
N GLY P 993 -69.47 -10.89 -101.98
CA GLY P 993 -70.32 -10.06 -101.16
C GLY P 993 -71.62 -10.75 -100.82
N LEU P 994 -72.56 -9.94 -100.31
CA LEU P 994 -73.86 -10.47 -99.92
C LEU P 994 -74.60 -11.09 -101.10
N CYS P 995 -74.33 -10.64 -102.31
CA CYS P 995 -74.94 -11.23 -103.49
C CYS P 995 -74.29 -12.55 -103.90
N GLY P 996 -73.22 -12.97 -103.24
CA GLY P 996 -72.59 -14.23 -103.52
C GLY P 996 -71.71 -14.18 -104.75
N ASN P 997 -70.96 -15.25 -104.95
CA ASN P 997 -70.08 -15.37 -106.11
C ASN P 997 -70.89 -15.89 -107.28
N PHE P 998 -71.07 -15.05 -108.29
CA PHE P 998 -71.79 -15.43 -109.49
C PHE P 998 -71.04 -16.51 -110.24
N ASP P 999 -71.53 -17.75 -110.08
CA ASP P 999 -70.98 -18.92 -110.75
C ASP P 999 -72.04 -19.92 -111.20
N GLY P 1000 -73.32 -19.64 -110.99
CA GLY P 1000 -74.39 -20.55 -111.30
C GLY P 1000 -74.66 -21.61 -110.26
N ILE P 1001 -73.97 -21.56 -109.11
CA ILE P 1001 -74.12 -22.53 -108.04
C ILE P 1001 -74.68 -21.81 -106.81
N GLN P 1002 -75.73 -22.37 -106.23
CA GLN P 1002 -76.37 -21.73 -105.08
C GLN P 1002 -75.70 -22.12 -103.77
N ASN P 1003 -75.25 -23.37 -103.67
CA ASN P 1003 -74.81 -23.91 -102.39
C ASN P 1003 -73.64 -23.13 -101.80
N ASN P 1004 -72.84 -22.48 -102.63
CA ASN P 1004 -71.65 -21.79 -102.17
C ASN P 1004 -71.84 -20.30 -101.99
N ASP P 1005 -73.08 -19.81 -102.06
CA ASP P 1005 -73.30 -18.37 -102.03
C ASP P 1005 -73.14 -17.78 -100.64
N LEU P 1006 -73.21 -18.59 -99.59
CA LEU P 1006 -73.03 -18.07 -98.25
C LEU P 1006 -71.58 -18.08 -97.83
N THR P 1007 -70.67 -18.08 -98.80
CA THR P 1007 -69.24 -17.96 -98.53
C THR P 1007 -68.94 -16.67 -97.81
N SER P 1008 -68.46 -16.77 -96.57
CA SER P 1008 -68.11 -15.58 -95.81
C SER P 1008 -66.99 -14.83 -96.50
N SER P 1009 -66.75 -13.60 -96.03
CA SER P 1009 -65.64 -12.82 -96.54
C SER P 1009 -64.32 -13.51 -96.30
N ASN P 1010 -64.25 -14.36 -95.27
CA ASN P 1010 -63.08 -15.16 -94.99
C ASN P 1010 -63.09 -16.53 -95.65
N LEU P 1011 -63.88 -16.69 -96.73
CA LEU P 1011 -63.86 -17.83 -97.64
C LEU P 1011 -64.51 -19.07 -97.06
N GLN P 1012 -65.01 -19.03 -95.83
CA GLN P 1012 -65.68 -20.17 -95.21
C GLN P 1012 -67.18 -20.09 -95.45
N VAL P 1013 -67.77 -21.17 -95.94
CA VAL P 1013 -69.20 -21.23 -96.17
C VAL P 1013 -69.92 -21.40 -94.85
N GLU P 1014 -71.00 -20.64 -94.65
CA GLU P 1014 -71.74 -20.61 -93.40
C GLU P 1014 -73.12 -21.19 -93.59
N GLU P 1015 -73.56 -21.96 -92.60
CA GLU P 1015 -74.92 -22.52 -92.64
C GLU P 1015 -75.97 -21.46 -92.34
N ASP P 1016 -75.61 -20.43 -91.58
CA ASP P 1016 -76.53 -19.40 -91.15
C ASP P 1016 -76.24 -18.11 -91.89
N PRO P 1017 -77.21 -17.52 -92.58
CA PRO P 1017 -76.95 -16.26 -93.28
C PRO P 1017 -76.56 -15.12 -92.36
N VAL P 1018 -76.90 -15.19 -91.09
CA VAL P 1018 -76.55 -14.10 -90.17
C VAL P 1018 -75.04 -13.99 -90.03
N ASP P 1019 -74.35 -15.12 -89.85
CA ASP P 1019 -72.91 -15.10 -89.76
C ASP P 1019 -72.27 -14.62 -91.05
N PHE P 1020 -72.81 -15.07 -92.18
CA PHE P 1020 -72.32 -14.62 -93.48
C PHE P 1020 -72.41 -13.11 -93.62
N GLY P 1021 -73.58 -12.54 -93.34
CA GLY P 1021 -73.74 -11.10 -93.42
C GLY P 1021 -72.84 -10.36 -92.45
N ASN P 1022 -72.75 -10.85 -91.22
CA ASN P 1022 -71.85 -10.24 -90.24
C ASN P 1022 -70.42 -10.25 -90.75
N SER P 1023 -70.04 -11.30 -91.46
CA SER P 1023 -68.71 -11.35 -92.05
C SER P 1023 -68.56 -10.34 -93.17
N TRP P 1024 -69.66 -9.90 -93.78
CA TRP P 1024 -69.56 -8.91 -94.85
C TRP P 1024 -69.82 -7.47 -94.42
N LYS P 1025 -69.79 -7.17 -93.12
CA LYS P 1025 -69.98 -5.79 -92.70
C LYS P 1025 -68.72 -4.97 -92.95
N VAL P 1026 -68.89 -3.78 -93.49
CA VAL P 1026 -67.76 -2.96 -93.89
C VAL P 1026 -66.99 -2.47 -92.67
N SER P 1027 -67.70 -1.94 -91.69
CA SER P 1027 -67.08 -1.34 -90.51
C SER P 1027 -67.04 -2.36 -89.39
N SER P 1028 -65.85 -2.64 -88.87
CA SER P 1028 -65.70 -3.63 -87.83
C SER P 1028 -66.34 -3.20 -86.52
N GLN P 1029 -66.26 -1.92 -86.20
CA GLN P 1029 -66.78 -1.44 -84.92
C GLN P 1029 -68.28 -1.57 -84.80
N CYS P 1030 -68.99 -1.71 -85.92
CA CYS P 1030 -70.44 -1.75 -85.89
C CYS P 1030 -70.95 -3.06 -85.30
N ALA P 1031 -72.21 -3.05 -84.90
CA ALA P 1031 -72.78 -4.17 -84.17
C ALA P 1031 -73.08 -5.36 -85.07
N ASP P 1032 -73.08 -6.54 -84.48
CA ASP P 1032 -73.43 -7.76 -85.19
C ASP P 1032 -74.91 -8.08 -85.02
N THR P 1033 -75.47 -8.73 -86.02
CA THR P 1033 -76.83 -9.25 -85.91
C THR P 1033 -76.85 -10.42 -84.93
N ARG P 1034 -77.90 -10.52 -84.14
CA ARG P 1034 -77.88 -11.32 -82.93
C ARG P 1034 -78.37 -12.75 -83.12
N LYS P 1035 -78.84 -13.12 -84.31
CA LYS P 1035 -79.43 -14.45 -84.55
C LYS P 1035 -80.61 -14.70 -83.61
N VAL P 1036 -81.65 -13.90 -83.78
CA VAL P 1036 -82.88 -14.03 -83.01
C VAL P 1036 -83.46 -15.42 -83.27
N PRO P 1037 -84.13 -16.06 -82.31
CA PRO P 1037 -84.72 -17.37 -82.58
C PRO P 1037 -85.69 -17.32 -83.74
N LEU P 1038 -85.72 -18.42 -84.50
CA LEU P 1038 -86.42 -18.47 -85.78
C LEU P 1038 -87.90 -18.79 -85.57
N ASP P 1039 -88.62 -17.80 -85.07
CA ASP P 1039 -90.06 -17.97 -84.85
C ASP P 1039 -90.76 -18.11 -86.20
N SER P 1040 -91.91 -18.81 -86.18
CA SER P 1040 -92.68 -19.02 -87.40
C SER P 1040 -93.21 -17.72 -87.98
N SER P 1041 -93.33 -16.68 -87.17
CA SER P 1041 -93.70 -15.35 -87.64
C SER P 1041 -92.87 -14.32 -86.89
N PRO P 1042 -92.60 -13.18 -87.50
CA PRO P 1042 -91.73 -12.19 -86.85
C PRO P 1042 -92.31 -11.65 -85.56
N ALA P 1043 -91.56 -10.77 -84.90
CA ALA P 1043 -92.09 -10.05 -83.75
C ALA P 1043 -93.28 -9.22 -84.20
N THR P 1044 -94.28 -9.10 -83.33
CA THR P 1044 -95.56 -8.42 -83.53
C THR P 1044 -96.51 -9.26 -84.39
N CYS P 1045 -96.09 -10.43 -84.85
CA CYS P 1045 -97.00 -11.47 -85.29
C CYS P 1045 -96.81 -12.77 -84.51
N HIS P 1046 -95.72 -12.90 -83.76
CA HIS P 1046 -95.51 -14.10 -82.96
C HIS P 1046 -96.61 -14.26 -81.91
N ASN P 1047 -97.03 -13.16 -81.30
CA ASN P 1047 -98.08 -13.18 -80.28
C ASN P 1047 -99.24 -12.28 -80.63
N ASN P 1048 -99.44 -11.98 -81.91
CA ASN P 1048 -100.55 -11.14 -82.37
C ASN P 1048 -101.28 -11.87 -83.48
N ILE P 1049 -102.25 -12.69 -83.10
CA ILE P 1049 -103.07 -13.37 -84.07
C ILE P 1049 -104.14 -12.40 -84.58
N MET P 1050 -104.65 -12.67 -85.78
CA MET P 1050 -105.55 -11.81 -86.54
C MET P 1050 -104.77 -10.67 -87.16
N LYS P 1051 -103.50 -10.48 -86.79
CA LYS P 1051 -102.60 -9.70 -87.63
C LYS P 1051 -101.77 -10.63 -88.51
N GLN P 1052 -101.37 -11.78 -87.96
CA GLN P 1052 -100.66 -12.76 -88.76
C GLN P 1052 -101.50 -13.21 -89.94
N THR P 1053 -102.78 -13.49 -89.70
CA THR P 1053 -103.65 -13.96 -90.76
C THR P 1053 -104.07 -12.85 -91.72
N MET P 1054 -104.26 -11.62 -91.23
CA MET P 1054 -104.49 -10.53 -92.17
C MET P 1054 -103.29 -10.36 -93.09
N VAL P 1055 -102.09 -10.39 -92.53
CA VAL P 1055 -100.88 -10.30 -93.35
C VAL P 1055 -100.85 -11.43 -94.37
N ASP P 1056 -101.13 -12.65 -93.91
CA ASP P 1056 -101.08 -13.80 -94.81
C ASP P 1056 -102.06 -13.64 -95.96
N SER P 1057 -103.33 -13.38 -95.64
CA SER P 1057 -104.36 -13.31 -96.67
C SER P 1057 -104.15 -12.12 -97.60
N SER P 1058 -103.56 -11.04 -97.11
CA SER P 1058 -103.27 -9.92 -97.99
C SER P 1058 -102.08 -10.19 -98.88
N CYS P 1059 -101.07 -10.89 -98.37
CA CYS P 1059 -99.93 -11.26 -99.19
C CYS P 1059 -100.28 -12.33 -100.21
N ARG P 1060 -101.36 -13.09 -99.98
CA ARG P 1060 -101.78 -14.06 -100.98
C ARG P 1060 -102.18 -13.41 -102.29
N ILE P 1061 -102.20 -12.09 -102.38
CA ILE P 1061 -102.39 -11.41 -103.66
C ILE P 1061 -101.42 -11.95 -104.70
N LEU P 1062 -100.25 -12.41 -104.27
CA LEU P 1062 -99.28 -13.01 -105.17
C LEU P 1062 -99.86 -14.24 -105.87
N THR P 1063 -100.84 -14.89 -105.25
CA THR P 1063 -101.47 -16.09 -105.81
C THR P 1063 -102.71 -15.76 -106.62
N SER P 1064 -103.17 -14.50 -106.62
CA SER P 1064 -104.42 -14.15 -107.25
C SER P 1064 -104.34 -14.33 -108.77
N ASP P 1065 -105.47 -14.06 -109.43
CA ASP P 1065 -105.60 -14.34 -110.86
C ASP P 1065 -104.59 -13.56 -111.69
N VAL P 1066 -104.39 -12.28 -111.36
CA VAL P 1066 -103.49 -11.46 -112.18
C VAL P 1066 -102.08 -12.03 -112.16
N PHE P 1067 -101.65 -12.55 -111.02
CA PHE P 1067 -100.35 -13.17 -110.90
C PHE P 1067 -100.36 -14.66 -111.24
N GLN P 1068 -101.54 -15.24 -111.45
CA GLN P 1068 -101.64 -16.69 -111.57
C GLN P 1068 -100.88 -17.20 -112.78
N ASP P 1069 -100.77 -16.41 -113.83
CA ASP P 1069 -100.03 -16.84 -115.00
C ASP P 1069 -98.53 -16.65 -114.83
N CYS P 1070 -98.11 -15.66 -114.04
CA CYS P 1070 -96.70 -15.53 -113.71
C CYS P 1070 -96.22 -16.67 -112.83
N ASN P 1071 -97.07 -17.14 -111.92
CA ASN P 1071 -96.66 -18.20 -111.00
C ASN P 1071 -96.27 -19.48 -111.71
N LYS P 1072 -96.69 -19.65 -112.97
CA LYS P 1072 -96.20 -20.77 -113.75
C LYS P 1072 -94.73 -20.61 -114.09
N LEU P 1073 -94.28 -19.38 -114.31
CA LEU P 1073 -92.89 -19.13 -114.67
C LEU P 1073 -92.00 -18.87 -113.48
N VAL P 1074 -92.51 -18.25 -112.43
CA VAL P 1074 -91.72 -17.85 -111.27
C VAL P 1074 -92.40 -18.40 -110.03
N ASP P 1075 -91.60 -18.80 -109.05
CA ASP P 1075 -92.13 -19.31 -107.80
C ASP P 1075 -92.50 -18.15 -106.88
N PRO P 1076 -93.76 -18.00 -106.49
CA PRO P 1076 -94.14 -16.89 -105.61
C PRO P 1076 -93.82 -17.13 -104.14
N GLU P 1077 -93.48 -18.35 -103.75
CA GLU P 1077 -93.30 -18.66 -102.33
C GLU P 1077 -92.21 -17.81 -101.67
N PRO P 1078 -91.02 -17.64 -102.23
CA PRO P 1078 -90.03 -16.76 -101.59
C PRO P 1078 -90.56 -15.35 -101.40
N TYR P 1079 -91.21 -14.80 -102.42
CA TYR P 1079 -91.74 -13.44 -102.32
C TYR P 1079 -92.91 -13.38 -101.36
N LEU P 1080 -93.68 -14.45 -101.26
CA LEU P 1080 -94.71 -14.51 -100.23
C LEU P 1080 -94.11 -14.44 -98.84
N ASP P 1081 -93.02 -15.17 -98.62
CA ASP P 1081 -92.34 -15.12 -97.33
C ASP P 1081 -91.81 -13.72 -97.04
N VAL P 1082 -91.20 -13.08 -98.04
CA VAL P 1082 -90.71 -11.72 -97.86
C VAL P 1082 -91.87 -10.78 -97.53
N CYS P 1083 -92.98 -10.92 -98.24
CA CYS P 1083 -94.16 -10.08 -97.98
C CYS P 1083 -94.62 -10.23 -96.54
N ILE P 1084 -94.77 -11.47 -96.08
CA ILE P 1084 -95.25 -11.69 -94.72
C ILE P 1084 -94.28 -11.11 -93.71
N TYR P 1085 -92.98 -11.37 -93.89
CA TYR P 1085 -91.98 -10.89 -92.93
C TYR P 1085 -92.01 -9.38 -92.85
N ASP P 1086 -91.91 -8.71 -94.00
CA ASP P 1086 -91.84 -7.26 -93.99
C ASP P 1086 -93.15 -6.64 -93.49
N THR P 1087 -94.27 -7.28 -93.75
CA THR P 1087 -95.55 -6.70 -93.34
C THR P 1087 -95.77 -6.82 -91.85
N CYS P 1088 -95.39 -7.95 -91.25
CA CYS P 1088 -95.38 -8.02 -89.79
C CYS P 1088 -94.43 -7.00 -89.20
N SER P 1089 -93.19 -6.96 -89.69
CA SER P 1089 -92.19 -6.10 -89.05
C SER P 1089 -92.55 -4.63 -89.19
N CYS P 1090 -93.14 -4.24 -90.32
CA CYS P 1090 -93.37 -2.84 -90.61
C CYS P 1090 -94.52 -2.27 -89.81
N GLU P 1091 -95.67 -2.93 -89.86
CA GLU P 1091 -96.95 -2.38 -89.38
C GLU P 1091 -97.07 -0.90 -89.72
N SER P 1092 -97.02 -0.63 -91.03
CA SER P 1092 -96.94 0.73 -91.52
C SER P 1092 -98.24 1.48 -91.23
N ILE P 1093 -98.17 2.81 -91.36
CA ILE P 1093 -99.27 3.68 -90.95
C ILE P 1093 -99.89 4.41 -92.13
N GLY P 1094 -99.14 5.33 -92.71
CA GLY P 1094 -99.70 6.20 -93.72
C GLY P 1094 -99.38 5.74 -95.12
N ASP P 1095 -98.12 5.40 -95.34
CA ASP P 1095 -97.71 4.77 -96.59
C ASP P 1095 -97.66 3.27 -96.35
N CYS P 1096 -98.31 2.52 -97.23
CA CYS P 1096 -98.37 1.07 -97.15
C CYS P 1096 -97.18 0.43 -97.86
N ALA P 1097 -96.04 1.11 -97.85
CA ALA P 1097 -94.96 0.88 -98.81
C ALA P 1097 -94.34 -0.49 -98.67
N CYS P 1098 -94.26 -1.05 -97.46
CA CYS P 1098 -93.60 -2.34 -97.31
C CYS P 1098 -94.29 -3.41 -98.15
N PHE P 1099 -95.59 -3.57 -97.93
CA PHE P 1099 -96.39 -4.53 -98.68
C PHE P 1099 -96.34 -4.22 -100.17
N CYS P 1100 -96.63 -2.97 -100.53
CA CYS P 1100 -96.73 -2.60 -101.94
C CYS P 1100 -95.40 -2.81 -102.65
N ASP P 1101 -94.30 -2.52 -101.99
CA ASP P 1101 -92.99 -2.68 -102.61
C ASP P 1101 -92.62 -4.14 -102.77
N THR P 1102 -93.00 -5.00 -101.82
CA THR P 1102 -92.78 -6.42 -102.04
C THR P 1102 -93.57 -6.94 -103.23
N ILE P 1103 -94.85 -6.57 -103.31
CA ILE P 1103 -95.65 -6.99 -104.46
C ILE P 1103 -95.08 -6.42 -105.74
N ALA P 1104 -94.56 -5.20 -105.69
CA ALA P 1104 -93.97 -4.59 -106.88
C ALA P 1104 -92.70 -5.29 -107.30
N ALA P 1105 -91.92 -5.78 -106.33
CA ALA P 1105 -90.74 -6.57 -106.68
C ALA P 1105 -91.13 -7.85 -107.40
N TYR P 1106 -92.15 -8.54 -106.90
CA TYR P 1106 -92.59 -9.75 -107.60
C TYR P 1106 -93.09 -9.42 -108.99
N ALA P 1107 -93.85 -8.33 -109.13
CA ALA P 1107 -94.33 -7.93 -110.45
C ALA P 1107 -93.18 -7.56 -111.37
N HIS P 1108 -92.12 -6.96 -110.82
CA HIS P 1108 -90.95 -6.63 -111.62
C HIS P 1108 -90.28 -7.89 -112.15
N VAL P 1109 -90.15 -8.91 -111.31
CA VAL P 1109 -89.60 -10.18 -111.78
C VAL P 1109 -90.48 -10.78 -112.88
N CYS P 1110 -91.79 -10.77 -112.65
CA CYS P 1110 -92.72 -11.27 -113.67
C CYS P 1110 -92.54 -10.52 -114.99
N ALA P 1111 -92.43 -9.20 -114.93
CA ALA P 1111 -92.23 -8.42 -116.14
C ALA P 1111 -90.93 -8.78 -116.83
N GLN P 1112 -89.87 -9.02 -116.06
CA GLN P 1112 -88.63 -9.50 -116.66
C GLN P 1112 -88.85 -10.80 -117.41
N HIS P 1113 -89.68 -11.68 -116.87
CA HIS P 1113 -90.01 -12.92 -117.56
C HIS P 1113 -91.12 -12.77 -118.58
N GLY P 1114 -91.43 -11.54 -119.01
CA GLY P 1114 -92.41 -11.31 -120.05
C GLY P 1114 -93.84 -11.30 -119.57
N LYS P 1115 -94.11 -11.68 -118.33
CA LYS P 1115 -95.47 -11.67 -117.79
C LYS P 1115 -95.75 -10.34 -117.11
N VAL P 1116 -96.14 -9.35 -117.91
CA VAL P 1116 -96.52 -8.05 -117.37
C VAL P 1116 -97.86 -8.18 -116.66
N VAL P 1117 -97.93 -7.73 -115.41
CA VAL P 1117 -99.08 -7.92 -114.55
C VAL P 1117 -99.59 -6.57 -114.08
N THR P 1118 -100.91 -6.37 -114.22
CA THR P 1118 -101.56 -5.11 -113.84
C THR P 1118 -102.17 -5.23 -112.45
N TRP P 1119 -101.31 -5.24 -111.44
CA TRP P 1119 -101.76 -5.55 -110.09
C TRP P 1119 -102.26 -4.34 -109.32
N ARG P 1120 -101.94 -3.12 -109.76
CA ARG P 1120 -102.41 -1.93 -109.06
C ARG P 1120 -103.91 -1.78 -109.20
N THR P 1121 -104.55 -1.28 -108.14
CA THR P 1121 -105.96 -0.92 -108.17
C THR P 1121 -106.13 0.31 -107.29
N ALA P 1122 -107.25 1.00 -107.49
CA ALA P 1122 -107.54 2.20 -106.70
C ALA P 1122 -107.67 1.86 -105.22
N THR P 1123 -108.03 0.63 -104.89
CA THR P 1123 -108.20 0.21 -103.50
C THR P 1123 -107.02 -0.60 -102.97
N LEU P 1124 -106.02 -0.88 -103.80
CA LEU P 1124 -104.86 -1.65 -103.38
C LEU P 1124 -103.61 -0.99 -103.96
N CYS P 1125 -102.78 -0.43 -103.09
CA CYS P 1125 -101.52 0.18 -103.46
C CYS P 1125 -101.67 1.12 -104.66
N PRO P 1126 -102.58 2.09 -104.59
CA PRO P 1126 -102.77 2.97 -105.74
C PRO P 1126 -101.56 3.85 -106.01
N GLN P 1127 -101.38 4.19 -107.28
CA GLN P 1127 -100.34 5.12 -107.69
C GLN P 1127 -100.92 6.09 -108.70
N SER P 1128 -100.54 7.35 -108.60
CA SER P 1128 -101.04 8.40 -109.47
C SER P 1128 -99.89 9.20 -110.03
N CYS P 1129 -100.01 9.58 -111.30
CA CYS P 1129 -99.04 10.42 -111.97
C CYS P 1129 -99.58 11.81 -112.25
N GLU P 1130 -100.81 12.09 -111.80
CA GLU P 1130 -101.49 13.35 -112.06
C GLU P 1130 -100.74 14.57 -111.53
N GLU P 1131 -99.84 14.37 -110.56
CA GLU P 1131 -99.04 15.49 -110.06
C GLU P 1131 -98.16 16.10 -111.15
N ARG P 1132 -97.76 15.30 -112.13
CA ARG P 1132 -96.94 15.76 -113.24
C ARG P 1132 -97.78 16.39 -114.34
N ASN P 1133 -99.09 16.15 -114.35
CA ASN P 1133 -99.97 16.70 -115.38
C ASN P 1133 -100.56 18.06 -115.01
N LEU P 1134 -100.91 18.27 -113.75
CA LEU P 1134 -101.28 19.61 -113.29
C LEU P 1134 -100.07 20.53 -113.32
N ARG P 1135 -100.27 21.72 -113.86
CA ARG P 1135 -99.18 22.57 -114.33
C ARG P 1135 -99.69 24.01 -114.41
N GLU P 1136 -98.76 24.93 -114.67
CA GLU P 1136 -99.10 26.34 -114.72
C GLU P 1136 -99.97 26.68 -115.93
N ASN P 1137 -99.94 25.83 -116.96
CA ASN P 1137 -100.88 25.86 -118.07
C ASN P 1137 -102.29 25.48 -117.66
N GLY P 1138 -102.48 24.98 -116.44
CA GLY P 1138 -103.70 24.29 -116.06
C GLY P 1138 -103.48 22.80 -115.94
N TYR P 1139 -104.02 22.02 -116.87
CA TYR P 1139 -103.78 20.58 -116.86
C TYR P 1139 -103.51 20.09 -118.27
N GLU P 1140 -102.43 19.33 -118.45
CA GLU P 1140 -102.16 18.62 -119.69
C GLU P 1140 -101.63 17.24 -119.32
N CYS P 1141 -102.15 16.21 -119.98
CA CYS P 1141 -102.24 14.87 -119.41
C CYS P 1141 -101.31 13.86 -120.09
N GLU P 1142 -100.07 14.27 -120.35
CA GLU P 1142 -99.10 13.40 -121.01
C GLU P 1142 -98.65 12.23 -120.14
N TRP P 1143 -98.51 12.42 -118.83
CA TRP P 1143 -98.07 11.35 -117.95
C TRP P 1143 -99.21 10.40 -117.58
N ARG P 1144 -98.97 9.10 -117.75
CA ARG P 1144 -99.83 8.04 -117.24
C ARG P 1144 -99.01 7.10 -116.38
N TYR P 1145 -99.64 6.50 -115.38
CA TYR P 1145 -99.14 5.23 -114.87
C TYR P 1145 -99.27 4.15 -115.94
N ASN P 1146 -98.24 3.33 -116.08
CA ASN P 1146 -98.28 2.14 -116.91
C ASN P 1146 -97.74 0.97 -116.11
N SER P 1147 -98.38 -0.20 -116.26
CA SER P 1147 -97.94 -1.38 -115.51
C SER P 1147 -96.45 -1.62 -115.68
N CYS P 1148 -95.97 -1.57 -116.92
CA CYS P 1148 -94.55 -1.41 -117.17
C CYS P 1148 -94.40 -0.78 -118.54
N ALA P 1149 -93.48 0.17 -118.64
CA ALA P 1149 -93.16 0.85 -119.88
C ALA P 1149 -91.72 0.55 -120.27
N PRO P 1150 -91.37 0.75 -121.54
CA PRO P 1150 -89.96 0.54 -121.93
C PRO P 1150 -89.03 1.38 -121.08
N ALA P 1151 -87.94 0.75 -120.64
CA ALA P 1151 -87.18 1.28 -119.52
C ALA P 1151 -86.37 2.51 -119.90
N CYS P 1152 -85.78 2.52 -121.08
CA CYS P 1152 -84.72 3.47 -121.39
C CYS P 1152 -85.06 4.25 -122.67
N GLN P 1153 -86.22 4.91 -122.62
CA GLN P 1153 -86.71 5.70 -123.74
C GLN P 1153 -85.70 6.77 -124.14
N VAL P 1154 -85.87 7.28 -125.36
CA VAL P 1154 -85.10 8.42 -125.84
C VAL P 1154 -85.66 9.69 -125.21
N THR P 1155 -84.77 10.63 -124.89
CA THR P 1155 -85.15 11.90 -124.30
C THR P 1155 -84.21 12.98 -124.81
N CYS P 1156 -84.53 14.24 -124.49
CA CYS P 1156 -83.64 15.34 -124.80
C CYS P 1156 -82.31 15.22 -124.09
N GLN P 1157 -82.24 14.50 -122.98
CA GLN P 1157 -80.99 14.25 -122.29
C GLN P 1157 -80.32 12.95 -122.74
N HIS P 1158 -81.06 12.04 -123.35
CA HIS P 1158 -80.53 10.79 -123.88
C HIS P 1158 -81.04 10.61 -125.30
N PRO P 1159 -80.62 11.48 -126.23
CA PRO P 1159 -81.11 11.37 -127.61
C PRO P 1159 -80.77 10.05 -128.27
N GLU P 1160 -79.61 9.49 -127.99
CA GLU P 1160 -79.23 8.23 -128.58
C GLU P 1160 -79.81 7.07 -127.77
N PRO P 1161 -80.20 5.98 -128.42
CA PRO P 1161 -80.63 4.80 -127.68
C PRO P 1161 -79.44 4.13 -127.02
N LEU P 1162 -79.64 3.66 -125.79
CA LEU P 1162 -78.58 3.07 -125.00
C LEU P 1162 -79.06 1.78 -124.37
N ALA P 1163 -78.25 0.74 -124.46
CA ALA P 1163 -78.63 -0.56 -123.92
C ALA P 1163 -78.65 -0.50 -122.39
N CYS P 1164 -79.64 -1.15 -121.80
CA CYS P 1164 -79.83 -1.13 -120.36
C CYS P 1164 -80.49 -2.43 -119.93
N PRO P 1165 -80.27 -2.87 -118.69
CA PRO P 1165 -80.53 -4.28 -118.36
C PRO P 1165 -81.98 -4.70 -118.47
N VAL P 1166 -82.92 -3.87 -118.02
CA VAL P 1166 -84.32 -4.27 -117.89
C VAL P 1166 -85.11 -3.70 -119.05
N GLN P 1167 -85.94 -4.55 -119.67
CA GLN P 1167 -86.70 -4.13 -120.84
C GLN P 1167 -87.86 -3.23 -120.45
N CYS P 1168 -88.56 -3.56 -119.37
CA CYS P 1168 -89.82 -2.92 -119.06
C CYS P 1168 -89.93 -2.72 -117.56
N VAL P 1169 -90.28 -1.51 -117.12
CA VAL P 1169 -90.31 -1.15 -115.71
C VAL P 1169 -91.60 -0.41 -115.39
N GLU P 1170 -92.11 -0.64 -114.19
CA GLU P 1170 -93.33 0.02 -113.73
C GLU P 1170 -93.07 1.48 -113.42
N GLY P 1171 -94.13 2.29 -113.55
CA GLY P 1171 -94.10 3.66 -113.08
C GLY P 1171 -94.70 4.65 -114.05
N CYS P 1172 -94.64 5.93 -113.71
CA CYS P 1172 -95.14 6.98 -114.59
C CYS P 1172 -94.38 7.02 -115.91
N HIS P 1173 -95.13 7.04 -117.01
CA HIS P 1173 -94.57 7.07 -118.35
C HIS P 1173 -95.25 8.19 -119.13
N ALA P 1174 -94.45 9.02 -119.78
CA ALA P 1174 -94.98 10.11 -120.60
C ALA P 1174 -95.32 9.61 -121.99
N HIS P 1175 -96.59 9.71 -122.36
CA HIS P 1175 -97.07 9.33 -123.69
C HIS P 1175 -97.40 10.59 -124.47
N CYS P 1176 -96.79 10.73 -125.66
CA CYS P 1176 -96.94 11.94 -126.45
C CYS P 1176 -96.73 11.58 -127.93
N PRO P 1177 -97.13 12.47 -128.85
CA PRO P 1177 -97.33 12.05 -130.26
C PRO P 1177 -96.02 11.70 -130.96
N PRO P 1178 -96.11 11.19 -132.20
CA PRO P 1178 -94.90 10.82 -132.93
C PRO P 1178 -93.99 12.01 -133.18
N GLY P 1179 -92.69 11.73 -133.29
CA GLY P 1179 -91.69 12.76 -133.48
C GLY P 1179 -91.45 13.65 -132.29
N LYS P 1180 -92.31 13.59 -131.28
CA LYS P 1180 -92.19 14.40 -130.09
C LYS P 1180 -91.33 13.67 -129.07
N ILE P 1181 -90.50 14.42 -128.35
CA ILE P 1181 -89.50 13.85 -127.46
C ILE P 1181 -89.64 14.45 -126.07
N LEU P 1182 -89.49 13.62 -125.04
CA LEU P 1182 -89.51 14.09 -123.66
C LEU P 1182 -88.24 14.87 -123.32
N ASP P 1183 -88.42 15.97 -122.59
CA ASP P 1183 -87.33 16.65 -121.90
C ASP P 1183 -87.41 16.33 -120.41
N GLU P 1184 -86.36 15.69 -119.88
CA GLU P 1184 -86.36 15.31 -118.46
C GLU P 1184 -86.28 16.51 -117.53
N LEU P 1185 -85.67 17.61 -117.97
CA LEU P 1185 -85.65 18.80 -117.12
C LEU P 1185 -87.04 19.43 -117.02
N LEU P 1186 -87.77 19.45 -118.12
CA LEU P 1186 -89.14 19.97 -118.12
C LEU P 1186 -90.14 18.93 -117.63
N GLN P 1187 -89.74 17.66 -117.58
CA GLN P 1187 -90.69 16.55 -117.43
C GLN P 1187 -91.85 16.69 -118.42
N THR P 1188 -91.54 17.11 -119.63
CA THR P 1188 -92.52 17.52 -120.62
C THR P 1188 -92.01 17.12 -122.00
N CYS P 1189 -92.90 16.65 -122.85
CA CYS P 1189 -92.57 16.37 -124.24
C CYS P 1189 -92.36 17.66 -125.04
N VAL P 1190 -91.24 17.72 -125.79
CA VAL P 1190 -90.88 18.88 -126.61
C VAL P 1190 -90.28 18.39 -127.92
N ASP P 1191 -90.21 19.28 -128.91
CA ASP P 1191 -89.66 18.92 -130.21
C ASP P 1191 -88.20 18.53 -130.08
N PRO P 1192 -87.68 17.72 -131.01
CA PRO P 1192 -86.27 17.34 -130.96
C PRO P 1192 -85.33 18.52 -130.98
N GLU P 1193 -85.72 19.62 -131.61
CA GLU P 1193 -84.89 20.81 -131.69
C GLU P 1193 -84.93 21.66 -130.43
N ASP P 1194 -85.83 21.35 -129.50
CA ASP P 1194 -86.00 22.14 -128.28
C ASP P 1194 -85.11 21.67 -127.14
N CYS P 1195 -84.28 20.66 -127.36
CA CYS P 1195 -83.45 20.13 -126.28
C CYS P 1195 -82.48 21.21 -125.80
N PRO P 1196 -82.22 21.29 -124.49
CA PRO P 1196 -81.27 22.30 -124.00
C PRO P 1196 -79.80 21.95 -124.23
N VAL P 1197 -79.49 20.71 -124.60
CA VAL P 1197 -78.11 20.31 -124.83
C VAL P 1197 -78.00 19.53 -126.13
N SER P 1262 -48.55 -23.09 -126.39
CA SER P 1262 -48.38 -21.70 -126.80
C SER P 1262 -47.16 -21.08 -126.14
N GLU P 1263 -46.51 -20.16 -126.86
CA GLU P 1263 -45.26 -19.54 -126.43
C GLU P 1263 -44.22 -20.61 -126.08
N PRO P 1264 -43.69 -21.33 -127.06
CA PRO P 1264 -42.63 -22.31 -126.79
C PRO P 1264 -41.38 -21.71 -126.19
N PRO P 1265 -40.91 -20.50 -126.64
CA PRO P 1265 -39.56 -20.08 -126.24
C PRO P 1265 -39.42 -19.64 -124.79
N LEU P 1266 -40.42 -19.91 -123.94
CA LEU P 1266 -40.28 -19.59 -122.53
C LEU P 1266 -39.09 -20.30 -121.90
N HIS P 1267 -38.67 -21.43 -122.46
CA HIS P 1267 -37.47 -22.10 -122.00
C HIS P 1267 -36.95 -23.02 -123.10
N ASP P 1268 -35.68 -23.41 -122.98
CA ASP P 1268 -35.09 -24.33 -123.94
C ASP P 1268 -35.79 -25.67 -123.94
N PHE P 1269 -36.33 -26.08 -122.80
CA PHE P 1269 -37.06 -27.34 -122.67
C PHE P 1269 -38.55 -27.04 -122.79
N TYR P 1270 -39.18 -27.59 -123.81
CA TYR P 1270 -40.61 -27.39 -124.05
C TYR P 1270 -41.19 -28.72 -124.48
N CYS P 1271 -42.28 -29.13 -123.83
CA CYS P 1271 -42.73 -30.51 -123.84
C CYS P 1271 -44.10 -30.58 -124.52
N SER P 1272 -44.08 -30.83 -125.83
CA SER P 1272 -45.29 -30.88 -126.64
C SER P 1272 -45.63 -32.34 -126.92
N ARG P 1273 -46.41 -32.94 -126.01
CA ARG P 1273 -46.77 -34.34 -126.14
C ARG P 1273 -47.99 -34.61 -125.27
N LEU P 1274 -48.62 -35.75 -125.50
CA LEU P 1274 -49.89 -36.09 -124.88
C LEU P 1274 -49.65 -36.52 -123.45
N LEU P 1275 -50.10 -35.70 -122.49
CA LEU P 1275 -49.85 -35.96 -121.08
C LEU P 1275 -50.96 -35.36 -120.24
N ASP P 1276 -51.35 -36.08 -119.18
CA ASP P 1276 -52.20 -35.55 -118.12
C ASP P 1276 -51.42 -35.58 -116.82
N LEU P 1277 -51.31 -34.43 -116.16
CA LEU P 1277 -50.42 -34.26 -115.03
C LEU P 1277 -51.14 -33.64 -113.85
N VAL P 1278 -50.87 -34.15 -112.64
CA VAL P 1278 -51.41 -33.59 -111.40
C VAL P 1278 -50.27 -33.34 -110.43
N PHE P 1279 -50.23 -32.14 -109.87
CA PHE P 1279 -49.29 -31.80 -108.81
C PHE P 1279 -49.99 -31.87 -107.46
N LEU P 1280 -49.55 -32.78 -106.59
CA LEU P 1280 -50.14 -32.93 -105.26
C LEU P 1280 -49.21 -32.28 -104.24
N LEU P 1281 -49.65 -31.17 -103.64
CA LEU P 1281 -48.80 -30.32 -102.82
C LEU P 1281 -49.11 -30.51 -101.34
N ASP P 1282 -48.08 -30.84 -100.57
CA ASP P 1282 -48.25 -31.09 -99.14
C ASP P 1282 -48.51 -29.78 -98.41
N GLY P 1283 -49.72 -29.65 -97.87
CA GLY P 1283 -50.12 -28.47 -97.13
C GLY P 1283 -49.86 -28.53 -95.64
N SER P 1284 -49.08 -29.50 -95.17
CA SER P 1284 -48.80 -29.62 -93.75
C SER P 1284 -47.84 -28.53 -93.27
N SER P 1285 -47.76 -28.39 -91.95
CA SER P 1285 -46.88 -27.41 -91.32
C SER P 1285 -45.40 -27.76 -91.45
N ARG P 1286 -45.08 -28.95 -91.94
CA ARG P 1286 -43.68 -29.33 -92.16
C ARG P 1286 -43.03 -28.49 -93.25
N LEU P 1287 -43.81 -27.84 -94.10
CA LEU P 1287 -43.32 -26.74 -94.92
C LEU P 1287 -43.77 -25.42 -94.31
N SER P 1288 -42.82 -24.53 -94.05
CA SER P 1288 -43.16 -23.16 -93.71
C SER P 1288 -43.67 -22.44 -94.96
N GLU P 1289 -44.34 -21.31 -94.74
CA GLU P 1289 -44.89 -20.56 -95.85
C GLU P 1289 -43.83 -20.21 -96.88
N ALA P 1290 -42.62 -19.86 -96.43
CA ALA P 1290 -41.54 -19.55 -97.37
C ALA P 1290 -41.20 -20.77 -98.23
N GLU P 1291 -41.12 -21.93 -97.60
CA GLU P 1291 -40.85 -23.16 -98.34
C GLU P 1291 -41.99 -23.48 -99.28
N PHE P 1292 -43.22 -23.26 -98.85
CA PHE P 1292 -44.35 -23.50 -99.74
C PHE P 1292 -44.29 -22.56 -100.93
N GLU P 1293 -43.77 -21.35 -100.73
CA GLU P 1293 -43.62 -20.41 -101.84
C GLU P 1293 -42.63 -20.92 -102.88
N VAL P 1294 -41.50 -21.46 -102.42
CA VAL P 1294 -40.55 -21.97 -103.41
C VAL P 1294 -41.09 -23.23 -104.08
N LEU P 1295 -41.88 -24.03 -103.36
CA LEU P 1295 -42.53 -25.19 -103.96
C LEU P 1295 -43.52 -24.76 -105.03
N LYS P 1296 -44.26 -23.70 -104.77
CA LYS P 1296 -45.17 -23.14 -105.76
C LYS P 1296 -44.41 -22.64 -106.98
N ALA P 1297 -43.27 -21.98 -106.77
CA ALA P 1297 -42.48 -21.52 -107.89
C ALA P 1297 -41.97 -22.68 -108.73
N PHE P 1298 -41.62 -23.79 -108.09
CA PHE P 1298 -41.26 -25.03 -108.79
C PHE P 1298 -42.39 -25.54 -109.67
N VAL P 1299 -43.61 -25.58 -109.12
CA VAL P 1299 -44.78 -25.93 -109.93
C VAL P 1299 -44.94 -24.95 -111.10
N VAL P 1300 -44.74 -23.66 -110.85
CA VAL P 1300 -45.04 -22.66 -111.87
C VAL P 1300 -44.06 -22.78 -113.02
N ASP P 1301 -42.76 -22.93 -112.73
CA ASP P 1301 -41.81 -23.04 -113.83
C ASP P 1301 -41.99 -24.35 -114.58
N MET P 1302 -42.34 -25.44 -113.89
CA MET P 1302 -42.65 -26.66 -114.64
C MET P 1302 -43.83 -26.44 -115.58
N MET P 1303 -44.84 -25.70 -115.14
CA MET P 1303 -45.93 -25.36 -116.04
C MET P 1303 -45.47 -24.44 -117.18
N GLU P 1304 -44.45 -23.62 -116.94
CA GLU P 1304 -43.83 -22.89 -118.04
C GLU P 1304 -43.21 -23.83 -119.05
N ARG P 1305 -42.73 -24.98 -118.60
CA ARG P 1305 -42.02 -25.91 -119.47
C ARG P 1305 -42.91 -27.01 -120.04
N LEU P 1306 -44.23 -26.89 -119.89
CA LEU P 1306 -45.18 -27.82 -120.50
C LEU P 1306 -46.09 -27.08 -121.46
N ARG P 1307 -46.43 -27.72 -122.58
CA ARG P 1307 -47.34 -27.14 -123.57
C ARG P 1307 -48.76 -27.30 -123.03
N ILE P 1308 -49.22 -26.31 -122.30
CA ILE P 1308 -50.51 -26.38 -121.61
C ILE P 1308 -51.63 -26.15 -122.61
N SER P 1309 -52.52 -27.13 -122.73
CA SER P 1309 -53.73 -27.06 -123.54
C SER P 1309 -54.50 -28.35 -123.36
N GLN P 1310 -55.77 -28.35 -123.77
CA GLN P 1310 -56.52 -29.59 -123.80
C GLN P 1310 -55.88 -30.58 -124.76
N LYS P 1311 -55.40 -30.11 -125.90
CA LYS P 1311 -54.42 -30.84 -126.68
C LYS P 1311 -53.09 -30.85 -125.95
N TRP P 1312 -52.28 -31.88 -126.23
CA TRP P 1312 -50.97 -32.01 -125.60
C TRP P 1312 -51.13 -32.19 -124.10
N VAL P 1313 -50.66 -31.24 -123.28
CA VAL P 1313 -50.50 -31.46 -121.84
C VAL P 1313 -51.64 -30.78 -121.10
N ARG P 1314 -52.30 -31.52 -120.22
CA ARG P 1314 -53.28 -30.98 -119.27
C ARG P 1314 -52.72 -31.07 -117.87
N VAL P 1315 -52.86 -29.98 -117.11
CA VAL P 1315 -52.24 -29.86 -115.79
C VAL P 1315 -53.32 -29.58 -114.76
N ALA P 1316 -53.20 -30.21 -113.60
CA ALA P 1316 -54.03 -29.92 -112.44
C ALA P 1316 -53.14 -29.75 -111.22
N VAL P 1317 -53.59 -28.91 -110.30
CA VAL P 1317 -52.84 -28.60 -109.08
C VAL P 1317 -53.74 -28.86 -107.89
N VAL P 1318 -53.24 -29.59 -106.91
CA VAL P 1318 -54.04 -30.06 -105.79
C VAL P 1318 -53.22 -29.95 -104.51
N GLU P 1319 -53.64 -29.06 -103.61
CA GLU P 1319 -53.09 -29.03 -102.28
C GLU P 1319 -53.88 -29.96 -101.38
N TYR P 1320 -53.18 -30.77 -100.60
CA TYR P 1320 -53.81 -31.64 -99.62
C TYR P 1320 -53.38 -31.24 -98.22
N HIS P 1321 -54.35 -30.95 -97.36
CA HIS P 1321 -54.09 -30.55 -95.98
C HIS P 1321 -55.08 -31.25 -95.06
N ASP P 1322 -55.18 -32.58 -95.19
CA ASP P 1322 -56.21 -33.47 -94.67
C ASP P 1322 -57.47 -33.37 -95.50
N GLY P 1323 -57.54 -32.45 -96.45
CA GLY P 1323 -58.56 -32.48 -97.47
C GLY P 1323 -57.96 -31.97 -98.77
N SER P 1324 -58.46 -32.51 -99.86
CA SER P 1324 -57.82 -32.34 -101.17
C SER P 1324 -58.32 -31.06 -101.82
N HIS P 1325 -57.65 -29.96 -101.54
CA HIS P 1325 -57.97 -28.65 -102.12
C HIS P 1325 -57.43 -28.54 -103.52
N ALA P 1326 -58.30 -28.71 -104.52
CA ALA P 1326 -57.91 -28.56 -105.91
C ALA P 1326 -58.02 -27.11 -106.34
N TYR P 1327 -56.95 -26.58 -106.93
CA TYR P 1327 -56.95 -25.22 -107.46
C TYR P 1327 -57.09 -25.17 -108.98
N ILE P 1328 -56.58 -26.18 -109.68
CA ILE P 1328 -56.71 -26.28 -111.13
C ILE P 1328 -57.16 -27.69 -111.47
N GLY P 1329 -58.12 -27.80 -112.38
CA GLY P 1329 -58.57 -29.09 -112.86
C GLY P 1329 -58.19 -29.31 -114.31
N LEU P 1330 -58.08 -30.57 -114.72
CA LEU P 1330 -57.69 -30.86 -116.10
C LEU P 1330 -58.72 -30.37 -117.11
N LYS P 1331 -59.96 -30.17 -116.69
CA LYS P 1331 -61.00 -29.67 -117.59
C LYS P 1331 -60.95 -28.16 -117.76
N ASP P 1332 -60.19 -27.44 -116.94
CA ASP P 1332 -60.16 -25.99 -117.02
C ASP P 1332 -59.67 -25.53 -118.38
N ARG P 1333 -60.44 -24.65 -119.01
CA ARG P 1333 -60.13 -24.14 -120.34
C ARG P 1333 -59.33 -22.85 -120.33
N LYS P 1334 -58.89 -22.40 -119.15
CA LYS P 1334 -58.20 -21.12 -119.05
C LYS P 1334 -56.85 -21.17 -119.75
N ARG P 1335 -56.38 -20.00 -120.17
CA ARG P 1335 -55.16 -19.91 -120.95
C ARG P 1335 -53.95 -20.23 -120.09
N PRO P 1336 -52.84 -20.66 -120.71
CA PRO P 1336 -51.67 -21.07 -119.93
C PRO P 1336 -51.16 -19.99 -118.97
N SER P 1337 -51.18 -18.73 -119.39
CA SER P 1337 -50.74 -17.66 -118.49
C SER P 1337 -51.64 -17.57 -117.27
N GLU P 1338 -52.95 -17.66 -117.47
CA GLU P 1338 -53.88 -17.63 -116.35
C GLU P 1338 -53.67 -18.81 -115.43
N LEU P 1339 -53.42 -20.00 -116.00
CA LEU P 1339 -53.18 -21.18 -115.18
C LEU P 1339 -51.90 -21.03 -114.36
N ARG P 1340 -50.84 -20.48 -114.97
CA ARG P 1340 -49.62 -20.24 -114.22
C ARG P 1340 -49.84 -19.22 -113.11
N ARG P 1341 -50.65 -18.20 -113.37
CA ARG P 1341 -50.99 -17.24 -112.32
C ARG P 1341 -51.71 -17.92 -111.18
N ILE P 1342 -52.69 -18.77 -111.49
CA ILE P 1342 -53.44 -19.47 -110.46
C ILE P 1342 -52.51 -20.35 -109.63
N ALA P 1343 -51.59 -21.06 -110.30
CA ALA P 1343 -50.64 -21.89 -109.57
C ALA P 1343 -49.74 -21.04 -108.68
N SER P 1344 -49.31 -19.87 -109.18
CA SER P 1344 -48.47 -19.00 -108.40
C SER P 1344 -49.20 -18.45 -107.18
N GLN P 1345 -50.52 -18.33 -107.25
CA GLN P 1345 -51.30 -17.78 -106.15
C GLN P 1345 -52.02 -18.84 -105.33
N VAL P 1346 -51.53 -20.09 -105.35
CA VAL P 1346 -52.04 -21.11 -104.44
C VAL P 1346 -51.73 -20.72 -103.01
N LYS P 1347 -52.73 -20.81 -102.15
CA LYS P 1347 -52.55 -20.39 -100.77
C LYS P 1347 -51.87 -21.48 -99.96
N TYR P 1348 -51.45 -21.11 -98.75
CA TYR P 1348 -50.72 -21.99 -97.86
C TYR P 1348 -51.61 -22.37 -96.69
N ALA P 1349 -51.77 -23.66 -96.44
CA ALA P 1349 -52.64 -24.14 -95.37
C ALA P 1349 -51.91 -24.28 -94.05
N GLY P 1350 -50.83 -25.04 -94.03
CA GLY P 1350 -50.09 -25.25 -92.81
C GLY P 1350 -50.77 -26.12 -91.78
N SER P 1351 -51.44 -27.18 -92.22
CA SER P 1351 -52.10 -28.09 -91.31
C SER P 1351 -51.08 -28.91 -90.52
N GLN P 1352 -51.49 -29.38 -89.36
CA GLN P 1352 -50.62 -30.25 -88.59
C GLN P 1352 -50.56 -31.67 -89.14
N VAL P 1353 -51.55 -32.07 -89.94
CA VAL P 1353 -51.55 -33.37 -90.58
C VAL P 1353 -51.99 -33.18 -92.03
N ALA P 1354 -51.40 -33.96 -92.94
CA ALA P 1354 -51.79 -33.94 -94.34
C ALA P 1354 -51.86 -35.39 -94.83
N SER P 1355 -53.05 -35.99 -94.71
CA SER P 1355 -53.25 -37.39 -95.09
C SER P 1355 -52.87 -37.63 -96.54
N THR P 1356 -51.83 -38.41 -96.76
CA THR P 1356 -51.34 -38.75 -98.09
C THR P 1356 -52.22 -39.80 -98.76
N SER P 1357 -52.68 -40.79 -97.98
CA SER P 1357 -53.64 -41.74 -98.50
C SER P 1357 -54.93 -41.06 -98.92
N GLU P 1358 -55.33 -40.00 -98.21
CA GLU P 1358 -56.55 -39.31 -98.58
C GLU P 1358 -56.42 -38.62 -99.92
N VAL P 1359 -55.26 -38.01 -100.22
CA VAL P 1359 -55.13 -37.38 -101.52
C VAL P 1359 -54.96 -38.40 -102.63
N LEU P 1360 -54.36 -39.56 -102.33
CA LEU P 1360 -54.39 -40.65 -103.30
C LEU P 1360 -55.82 -41.10 -103.59
N LYS P 1361 -56.65 -41.18 -102.55
CA LYS P 1361 -58.06 -41.51 -102.76
C LYS P 1361 -58.75 -40.47 -103.60
N TYR P 1362 -58.52 -39.19 -103.30
CA TYR P 1362 -59.12 -38.12 -104.06
C TYR P 1362 -58.75 -38.20 -105.53
N THR P 1363 -57.47 -38.29 -105.83
CA THR P 1363 -57.07 -38.31 -107.24
C THR P 1363 -57.62 -39.54 -107.95
N LEU P 1364 -57.65 -40.69 -107.26
CA LEU P 1364 -58.13 -41.93 -107.84
C LEU P 1364 -59.61 -41.85 -108.18
N PHE P 1365 -60.45 -41.40 -107.25
CA PHE P 1365 -61.88 -41.49 -107.43
C PHE P 1365 -62.51 -40.24 -108.01
N GLN P 1366 -61.86 -39.09 -107.90
CA GLN P 1366 -62.45 -37.84 -108.33
C GLN P 1366 -61.70 -37.19 -109.48
N ILE P 1367 -60.37 -37.27 -109.53
CA ILE P 1367 -59.67 -36.66 -110.66
C ILE P 1367 -59.74 -37.58 -111.87
N PHE P 1368 -59.18 -38.77 -111.74
CA PHE P 1368 -59.23 -39.79 -112.79
C PHE P 1368 -60.49 -40.64 -112.70
N SER P 1369 -61.63 -40.02 -112.41
CA SER P 1369 -62.88 -40.76 -112.32
C SER P 1369 -63.21 -41.43 -113.64
N LYS P 1370 -63.01 -40.73 -114.76
CA LYS P 1370 -63.20 -41.28 -116.09
C LYS P 1370 -61.98 -40.93 -116.92
N ILE P 1371 -61.45 -41.93 -117.62
CA ILE P 1371 -60.28 -41.75 -118.47
C ILE P 1371 -60.73 -41.23 -119.83
N ASP P 1372 -60.82 -39.91 -119.97
CA ASP P 1372 -61.30 -39.32 -121.21
C ASP P 1372 -60.21 -39.20 -122.27
N ARG P 1373 -58.95 -39.43 -121.92
CA ARG P 1373 -57.83 -39.43 -122.86
C ARG P 1373 -57.03 -40.70 -122.65
N PRO P 1374 -57.59 -41.86 -123.03
CA PRO P 1374 -56.86 -43.12 -122.83
C PRO P 1374 -55.54 -43.17 -123.58
N GLU P 1375 -55.41 -42.43 -124.67
CA GLU P 1375 -54.14 -42.42 -125.41
C GLU P 1375 -53.08 -41.59 -124.70
N ALA P 1376 -53.47 -40.67 -123.83
CA ALA P 1376 -52.53 -39.78 -123.16
C ALA P 1376 -52.01 -40.42 -121.87
N SER P 1377 -50.75 -40.11 -121.56
CA SER P 1377 -50.16 -40.59 -120.31
C SER P 1377 -50.72 -39.83 -119.12
N ARG P 1378 -50.93 -40.54 -118.02
CA ARG P 1378 -51.52 -39.98 -116.80
C ARG P 1378 -50.53 -40.09 -115.66
N ILE P 1379 -50.13 -38.96 -115.08
CA ILE P 1379 -49.03 -38.90 -114.12
C ILE P 1379 -49.41 -37.99 -112.97
N ALA P 1380 -48.94 -38.34 -111.77
CA ALA P 1380 -49.14 -37.52 -110.56
C ALA P 1380 -47.84 -37.37 -109.81
N LEU P 1381 -47.50 -36.13 -109.42
CA LEU P 1381 -46.40 -35.88 -108.49
C LEU P 1381 -46.93 -35.86 -107.08
N LEU P 1382 -46.76 -36.94 -106.34
CA LEU P 1382 -47.03 -36.93 -104.90
C LEU P 1382 -45.83 -36.37 -104.15
N LEU P 1383 -45.62 -35.07 -104.31
CA LEU P 1383 -44.57 -34.42 -103.54
C LEU P 1383 -45.05 -34.22 -102.11
N MET P 1384 -44.21 -34.58 -101.15
CA MET P 1384 -44.66 -34.79 -99.78
C MET P 1384 -43.54 -34.53 -98.80
N ALA P 1385 -43.91 -33.99 -97.64
CA ALA P 1385 -42.92 -33.51 -96.68
C ALA P 1385 -43.29 -33.88 -95.25
N SER P 1386 -44.25 -34.77 -95.03
CA SER P 1386 -44.77 -35.02 -93.70
C SER P 1386 -45.13 -36.49 -93.53
N GLN P 1387 -45.12 -36.92 -92.27
CA GLN P 1387 -45.74 -38.16 -91.85
C GLN P 1387 -47.26 -38.00 -91.78
N GLU P 1388 -47.94 -39.14 -91.74
CA GLU P 1388 -49.35 -39.18 -91.37
C GLU P 1388 -49.55 -40.22 -90.28
N PRO P 1389 -50.52 -40.00 -89.38
CA PRO P 1389 -50.80 -41.02 -88.36
C PRO P 1389 -51.07 -42.39 -88.98
N GLN P 1390 -50.61 -43.43 -88.29
CA GLN P 1390 -50.67 -44.78 -88.84
C GLN P 1390 -52.11 -45.18 -89.16
N ARG P 1391 -53.06 -44.79 -88.32
CA ARG P 1391 -54.45 -45.17 -88.56
C ARG P 1391 -54.97 -44.64 -89.89
N MET P 1392 -54.39 -43.57 -90.40
CA MET P 1392 -54.83 -42.99 -91.67
C MET P 1392 -54.13 -43.58 -92.88
N SER P 1393 -53.12 -44.41 -92.66
CA SER P 1393 -52.32 -44.98 -93.75
C SER P 1393 -52.78 -46.37 -94.16
N ARG P 1394 -53.93 -46.84 -93.65
CA ARG P 1394 -54.28 -48.24 -93.80
C ARG P 1394 -54.69 -48.59 -95.22
N ASN P 1395 -55.27 -47.66 -95.97
CA ASN P 1395 -55.72 -47.93 -97.33
C ASN P 1395 -54.78 -47.35 -98.37
N PHE P 1396 -53.56 -46.99 -97.98
CA PHE P 1396 -52.61 -46.37 -98.90
C PHE P 1396 -52.28 -47.30 -100.07
N VAL P 1397 -51.91 -48.54 -99.76
CA VAL P 1397 -51.51 -49.49 -100.79
C VAL P 1397 -52.68 -49.76 -101.74
N ARG P 1398 -53.89 -49.85 -101.20
CA ARG P 1398 -55.05 -50.08 -102.04
C ARG P 1398 -55.21 -48.97 -103.07
N TYR P 1399 -55.08 -47.72 -102.64
CA TYR P 1399 -55.25 -46.59 -103.55
C TYR P 1399 -54.15 -46.53 -104.58
N VAL P 1400 -52.90 -46.78 -104.19
CA VAL P 1400 -51.83 -46.72 -105.19
C VAL P 1400 -51.98 -47.85 -106.19
N GLN P 1401 -52.41 -49.03 -105.74
CA GLN P 1401 -52.64 -50.13 -106.67
C GLN P 1401 -53.80 -49.83 -107.61
N GLY P 1402 -54.85 -49.20 -107.09
CA GLY P 1402 -55.94 -48.78 -107.96
C GLY P 1402 -55.48 -47.78 -109.01
N LEU P 1403 -54.62 -46.85 -108.62
CA LEU P 1403 -54.04 -45.91 -109.58
C LEU P 1403 -53.22 -46.64 -110.63
N LYS P 1404 -52.49 -47.68 -110.22
CA LYS P 1404 -51.76 -48.48 -111.19
C LYS P 1404 -52.70 -49.18 -112.16
N LYS P 1405 -53.82 -49.70 -111.65
CA LYS P 1405 -54.77 -50.39 -112.51
C LYS P 1405 -55.37 -49.44 -113.55
N LYS P 1406 -55.47 -48.15 -113.22
CA LYS P 1406 -55.83 -47.13 -114.20
C LYS P 1406 -54.63 -46.62 -114.98
N LYS P 1407 -53.45 -47.20 -114.75
CA LYS P 1407 -52.20 -46.77 -115.37
C LYS P 1407 -51.95 -45.28 -115.16
N VAL P 1408 -52.25 -44.80 -113.96
CA VAL P 1408 -51.83 -43.47 -113.52
C VAL P 1408 -50.50 -43.60 -112.78
N ILE P 1409 -49.44 -43.03 -113.36
CA ILE P 1409 -48.13 -43.06 -112.73
C ILE P 1409 -48.14 -42.13 -111.53
N VAL P 1410 -47.57 -42.59 -110.42
CA VAL P 1410 -47.37 -41.74 -109.25
C VAL P 1410 -45.88 -41.63 -108.94
N ILE P 1411 -45.38 -40.40 -108.99
CA ILE P 1411 -43.96 -40.07 -108.80
C ILE P 1411 -43.82 -39.37 -107.46
N PRO P 1412 -43.52 -40.09 -106.37
CA PRO P 1412 -43.32 -39.42 -105.08
C PRO P 1412 -42.07 -38.57 -105.10
N VAL P 1413 -42.20 -37.34 -104.60
CA VAL P 1413 -41.06 -36.44 -104.45
C VAL P 1413 -40.96 -36.06 -102.98
N GLY P 1414 -40.36 -36.94 -102.19
CA GLY P 1414 -40.17 -36.65 -100.78
C GLY P 1414 -39.22 -35.50 -100.56
N ILE P 1415 -39.52 -34.67 -99.55
CA ILE P 1415 -38.72 -33.50 -99.23
C ILE P 1415 -38.54 -33.39 -97.72
N GLY P 1416 -37.30 -33.26 -97.28
CA GLY P 1416 -36.97 -33.00 -95.90
C GLY P 1416 -36.99 -34.21 -95.00
N PRO P 1417 -36.47 -34.05 -93.78
CA PRO P 1417 -36.36 -35.20 -92.87
C PRO P 1417 -37.69 -35.81 -92.47
N HIS P 1418 -38.76 -35.02 -92.46
CA HIS P 1418 -40.07 -35.47 -92.04
C HIS P 1418 -40.86 -36.17 -93.13
N ALA P 1419 -40.32 -36.29 -94.35
CA ALA P 1419 -41.00 -37.06 -95.39
C ALA P 1419 -41.21 -38.50 -94.93
N ASN P 1420 -42.38 -39.04 -95.25
CA ASN P 1420 -42.70 -40.44 -94.96
C ASN P 1420 -42.06 -41.35 -96.01
N LEU P 1421 -40.77 -41.66 -95.77
CA LEU P 1421 -40.03 -42.52 -96.68
C LEU P 1421 -40.69 -43.89 -96.86
N LYS P 1422 -41.34 -44.41 -95.83
CA LYS P 1422 -41.99 -45.72 -95.93
C LYS P 1422 -43.05 -45.74 -97.02
N GLN P 1423 -43.91 -44.71 -97.04
CA GLN P 1423 -44.94 -44.61 -98.06
C GLN P 1423 -44.32 -44.45 -99.44
N ILE P 1424 -43.18 -43.76 -99.51
CA ILE P 1424 -42.46 -43.58 -100.78
C ILE P 1424 -41.96 -44.93 -101.31
N ARG P 1425 -41.33 -45.73 -100.44
CA ARG P 1425 -40.86 -47.03 -100.88
C ARG P 1425 -42.02 -47.94 -101.24
N LEU P 1426 -43.12 -47.85 -100.50
CA LEU P 1426 -44.31 -48.64 -100.84
C LEU P 1426 -44.82 -48.28 -102.23
N ILE P 1427 -44.83 -46.99 -102.57
CA ILE P 1427 -45.19 -46.59 -103.93
C ILE P 1427 -44.22 -47.17 -104.94
N GLU P 1428 -42.91 -47.09 -104.66
CA GLU P 1428 -41.92 -47.60 -105.60
C GLU P 1428 -42.09 -49.09 -105.84
N LYS P 1429 -42.50 -49.84 -104.82
CA LYS P 1429 -42.64 -51.29 -104.96
C LYS P 1429 -43.75 -51.68 -105.93
N GLN P 1430 -44.69 -50.78 -106.20
CA GLN P 1430 -45.84 -51.14 -107.03
C GLN P 1430 -45.48 -51.22 -108.51
N ALA P 1431 -44.64 -50.30 -108.99
CA ALA P 1431 -44.32 -50.30 -110.42
C ALA P 1431 -42.97 -49.64 -110.62
N PRO P 1432 -42.16 -50.11 -111.58
CA PRO P 1432 -40.84 -49.46 -111.78
C PRO P 1432 -40.94 -48.01 -112.20
N GLU P 1433 -41.94 -47.63 -112.99
CA GLU P 1433 -42.04 -46.25 -113.45
C GLU P 1433 -42.41 -45.29 -112.33
N ASN P 1434 -42.87 -45.81 -111.19
CA ASN P 1434 -43.12 -44.98 -110.01
C ASN P 1434 -41.84 -44.74 -109.21
N LYS P 1435 -40.79 -44.29 -109.87
CA LYS P 1435 -39.52 -44.09 -109.20
C LYS P 1435 -39.54 -42.82 -108.37
N ALA P 1436 -38.89 -42.87 -107.22
CA ALA P 1436 -39.00 -41.81 -106.22
C ALA P 1436 -37.87 -40.80 -106.34
N PHE P 1437 -38.19 -39.55 -106.03
CA PHE P 1437 -37.21 -38.51 -105.79
C PHE P 1437 -37.24 -38.16 -104.31
N VAL P 1438 -36.08 -38.10 -103.69
CA VAL P 1438 -35.97 -37.72 -102.28
C VAL P 1438 -35.02 -36.54 -102.19
N LEU P 1439 -35.51 -35.44 -101.62
CA LEU P 1439 -34.79 -34.17 -101.61
C LEU P 1439 -34.47 -33.77 -100.17
N SER P 1440 -33.30 -33.15 -100.00
CA SER P 1440 -32.94 -32.62 -98.69
C SER P 1440 -33.89 -31.52 -98.24
N SER P 1441 -34.25 -30.62 -99.17
CA SER P 1441 -35.11 -29.50 -98.83
C SER P 1441 -35.75 -28.98 -100.11
N VAL P 1442 -36.79 -28.17 -99.95
CA VAL P 1442 -37.55 -27.64 -101.09
C VAL P 1442 -36.68 -26.85 -102.05
N ASP P 1443 -35.58 -26.25 -101.58
CA ASP P 1443 -34.72 -25.52 -102.50
C ASP P 1443 -34.00 -26.46 -103.46
N GLU P 1444 -33.92 -27.75 -103.15
CA GLU P 1444 -33.35 -28.71 -104.08
C GLU P 1444 -34.26 -28.98 -105.27
N LEU P 1445 -35.52 -28.54 -105.20
CA LEU P 1445 -36.40 -28.61 -106.36
C LEU P 1445 -35.83 -27.84 -107.54
N GLU P 1446 -35.19 -26.71 -107.28
CA GLU P 1446 -34.56 -25.93 -108.35
C GLU P 1446 -33.50 -26.73 -109.06
N GLN P 1447 -32.84 -27.65 -108.36
CA GLN P 1447 -31.81 -28.48 -108.97
C GLN P 1447 -32.42 -29.71 -109.66
N GLN P 1448 -33.49 -30.26 -109.09
CA GLN P 1448 -34.07 -31.48 -109.61
C GLN P 1448 -35.04 -31.23 -110.76
N ARG P 1449 -35.42 -29.97 -111.00
CA ARG P 1449 -36.49 -29.65 -111.94
C ARG P 1449 -36.19 -30.17 -113.34
N ASP P 1450 -34.97 -29.97 -113.83
CA ASP P 1450 -34.65 -30.31 -115.20
C ASP P 1450 -34.86 -31.80 -115.46
N GLU P 1451 -34.26 -32.65 -114.62
CA GLU P 1451 -34.43 -34.07 -114.86
C GLU P 1451 -35.84 -34.55 -114.52
N ILE P 1452 -36.53 -33.88 -113.60
CA ILE P 1452 -37.92 -34.25 -113.34
C ILE P 1452 -38.78 -34.02 -114.59
N VAL P 1453 -38.64 -32.86 -115.23
CA VAL P 1453 -39.43 -32.63 -116.44
C VAL P 1453 -38.99 -33.55 -117.56
N SER P 1454 -37.68 -33.83 -117.65
CA SER P 1454 -37.20 -34.76 -118.66
C SER P 1454 -37.84 -36.13 -118.48
N TYR P 1455 -37.88 -36.62 -117.24
CA TYR P 1455 -38.49 -37.92 -116.96
C TYR P 1455 -39.99 -37.90 -117.28
N LEU P 1456 -40.69 -36.84 -116.86
CA LEU P 1456 -42.11 -36.73 -117.14
C LEU P 1456 -42.40 -36.80 -118.63
N CYS P 1457 -41.58 -36.11 -119.44
CA CYS P 1457 -41.83 -36.12 -120.88
C CYS P 1457 -41.32 -37.39 -121.53
N ASP P 1458 -40.38 -38.09 -120.91
CA ASP P 1458 -40.03 -39.42 -121.35
C ASP P 1458 -41.18 -40.39 -121.14
N LEU P 1459 -41.96 -40.19 -120.08
CA LEU P 1459 -43.09 -41.06 -119.78
C LEU P 1459 -44.35 -40.68 -120.54
N ALA P 1460 -44.24 -39.88 -121.60
CA ALA P 1460 -45.42 -39.46 -122.36
C ALA P 1460 -45.19 -39.68 -123.85
N PRO P 1461 -46.23 -40.10 -124.57
CA PRO P 1461 -46.09 -40.30 -126.02
C PRO P 1461 -46.39 -39.03 -126.81
N GLU P 1462 -45.89 -39.02 -128.04
CA GLU P 1462 -46.14 -37.93 -128.98
C GLU P 1462 -47.47 -38.15 -129.69
N ALA P 1463 -47.86 -37.17 -130.49
CA ALA P 1463 -49.10 -37.24 -131.25
C ALA P 1463 -49.04 -38.33 -132.31
CA CA Q . 12.35 -97.69 -47.86
CA CA R . 42.51 -31.77 -94.44
CA CA S . 44.37 37.72 -94.13
C1 NAG T . 43.29 16.49 -66.18
C2 NAG T . 42.37 15.27 -66.47
C3 NAG T . 41.42 14.98 -65.30
C4 NAG T . 42.16 14.93 -63.98
C5 NAG T . 42.90 16.23 -63.79
C6 NAG T . 43.68 16.29 -62.49
C7 NAG T . 40.65 16.45 -67.78
C8 NAG T . 39.93 16.52 -69.09
N2 NAG T . 41.60 15.50 -67.68
O3 NAG T . 40.75 13.75 -65.54
O4 NAG T . 41.23 14.76 -62.91
O5 NAG T . 43.85 16.36 -64.85
O6 NAG T . 44.56 15.19 -62.38
O7 NAG T . 40.39 17.23 -66.86
C1 NAG U . 38.44 36.56 -101.04
C2 NAG U . 38.66 36.97 -102.48
C3 NAG U . 38.18 38.40 -102.70
C4 NAG U . 36.73 38.54 -102.24
C5 NAG U . 36.56 38.01 -100.83
C6 NAG U . 35.12 37.99 -100.37
C7 NAG U . 41.08 37.42 -102.27
C8 NAG U . 42.44 37.13 -102.84
N2 NAG U . 40.05 36.82 -102.88
O3 NAG U . 38.29 38.73 -104.08
O4 NAG U . 36.34 39.90 -102.30
O5 NAG U . 37.05 36.67 -100.72
O6 NAG U . 34.35 37.10 -101.17
O7 NAG U . 40.92 38.19 -101.32
C1 NAG V . 44.16 -38.33 -54.56
C2 NAG V . 44.21 -38.29 -53.04
C3 NAG V . 44.04 -36.84 -52.55
C4 NAG V . 45.06 -35.93 -53.22
C5 NAG V . 45.00 -36.09 -54.74
C6 NAG V . 46.07 -35.31 -55.46
C7 NAG V . 41.89 -39.03 -52.61
C8 NAG V . 41.05 -40.05 -51.93
N2 NAG V . 43.21 -39.16 -52.44
O3 NAG V . 44.20 -36.80 -51.14
O4 NAG V . 44.81 -34.58 -52.87
O5 NAG V . 45.17 -37.47 -55.10
O6 NAG V . 47.27 -36.07 -55.58
O7 NAG V . 41.40 -38.13 -53.29
C1 NAG W . 29.66 -106.88 -66.42
C2 NAG W . 29.97 -106.75 -67.91
C3 NAG W . 28.86 -107.38 -68.74
C4 NAG W . 28.64 -108.83 -68.29
C5 NAG W . 28.41 -108.89 -66.79
C6 NAG W . 28.31 -110.30 -66.27
C7 NAG W . 29.24 -104.40 -68.17
C8 NAG W . 29.65 -103.03 -68.62
N2 NAG W . 30.17 -105.36 -68.28
O3 NAG W . 29.23 -107.35 -70.11
O4 NAG W . 27.52 -109.37 -68.97
O5 NAG W . 29.50 -108.26 -66.09
O6 NAG W . 29.52 -111.01 -66.48
O7 NAG W . 28.12 -104.62 -67.73
C1 NAG X . 38.07 -116.91 -31.28
C2 NAG X . 39.50 -117.19 -30.87
C3 NAG X . 40.39 -117.14 -32.10
C4 NAG X . 39.88 -118.12 -33.16
C5 NAG X . 38.39 -117.90 -33.44
C6 NAG X . 37.79 -118.98 -34.31
C7 NAG X . 40.13 -116.57 -28.59
C8 NAG X . 40.63 -115.46 -27.70
N2 NAG X . 39.96 -116.25 -29.88
O3 NAG X . 41.73 -117.46 -31.75
O4 NAG X . 40.61 -117.96 -34.36
O5 NAG X . 37.64 -117.90 -32.21
O6 NAG X . 36.48 -118.62 -34.74
O7 NAG X . 39.90 -117.69 -28.16
CA CA Y . 43.89 -91.03 18.33
CA CA Z . -21.18 -80.27 73.81
CA CA AA . -74.33 -37.29 86.54
C1 NAG BA . -60.16 -44.74 55.28
C2 NAG BA . -58.63 -44.89 55.42
C3 NAG BA . -57.89 -44.15 54.29
C4 NAG BA . -58.44 -44.49 52.93
C5 NAG BA . -59.93 -44.18 52.92
C6 NAG BA . -60.60 -44.49 51.61
C7 NAG BA . -58.25 -43.10 57.06
C8 NAG BA . -57.71 -42.77 58.42
N2 NAG BA . -58.18 -44.39 56.70
O3 NAG BA . -56.50 -44.47 54.36
O4 NAG BA . -57.80 -43.71 51.93
O5 NAG BA . -60.56 -45.00 53.92
O6 NAG BA . -60.34 -45.82 51.19
O7 NAG BA . -58.74 -42.24 56.33
C1 NAG CA . -68.91 -34.90 93.58
C2 NAG CA . -69.24 -35.08 95.05
C3 NAG CA . -69.97 -33.85 95.57
C4 NAG CA . -69.17 -32.59 95.27
C5 NAG CA . -68.79 -32.53 93.80
C6 NAG CA . -67.84 -31.39 93.48
C7 NAG CA . -71.19 -36.56 94.73
C8 NAG CA . -71.81 -37.86 95.10
N2 NAG CA . -70.00 -36.29 95.28
O3 NAG CA . -70.18 -33.98 96.97
O4 NAG CA . -69.93 -31.44 95.61
O5 NAG CA . -68.11 -33.74 93.40
O6 NAG CA . -66.59 -31.55 94.13
O7 NAG CA . -71.74 -35.78 93.95
C1 NAG DA . -20.83 -78.20 33.47
C2 NAG DA . -21.03 -77.92 31.99
C3 NAG DA . -22.02 -76.78 31.80
C4 NAG DA . -23.32 -77.10 32.53
C5 NAG DA . -23.03 -77.44 33.99
C6 NAG DA . -24.27 -77.88 34.75
C7 NAG DA . -18.96 -76.58 31.66
C8 NAG DA . -17.70 -76.46 30.87
N2 NAG DA . -19.76 -77.61 31.34
O3 NAG DA . -22.28 -76.62 30.41
O4 NAG DA . -24.20 -75.98 32.47
O5 NAG DA . -22.09 -78.50 34.07
O6 NAG DA . -24.46 -79.29 34.64
O7 NAG DA . -19.26 -75.78 32.54
C1 NAG EA . 40.95 -113.30 33.31
C2 NAG EA . 40.78 -113.75 34.76
C3 NAG EA . 42.06 -113.52 35.55
C4 NAG EA . 43.23 -114.19 34.85
C5 NAG EA . 43.31 -113.74 33.40
C6 NAG EA . 44.37 -114.47 32.60
C7 NAG EA . 39.54 -111.75 35.56
C8 NAG EA . 38.30 -111.27 36.23
N2 NAG EA . 39.64 -113.08 35.39
O3 NAG EA . 41.91 -114.04 36.86
O4 NAG EA . 44.45 -113.84 35.51
O5 NAG EA . 42.06 -113.99 32.73
O6 NAG EA . 44.12 -115.86 32.58
O7 NAG EA . 40.42 -110.97 35.17
C1 NAG FA . 39.92 -119.43 -3.92
C2 NAG FA . 39.44 -120.70 -4.56
C3 NAG FA . 38.91 -121.62 -3.48
C4 NAG FA . 40.03 -121.91 -2.49
C5 NAG FA . 40.66 -120.61 -1.95
C6 NAG FA . 41.92 -120.85 -1.17
C7 NAG FA . 38.61 -120.58 -6.88
C8 NAG FA . 37.44 -120.28 -7.74
N2 NAG FA . 38.41 -120.44 -5.56
O3 NAG FA . 38.43 -122.82 -4.04
O4 NAG FA . 39.54 -122.68 -1.40
O5 NAG FA . 41.00 -119.73 -3.04
O6 NAG FA . 42.27 -119.70 -0.40
O7 NAG FA . 39.68 -120.94 -7.33
CA CA GA . 113.96 -61.94 7.59
CA CA HA . 157.40 -23.50 -56.12
CA CA IA . 164.25 38.65 -86.51
C1 NAG JA . 156.15 32.33 -52.92
C2 NAG JA . 155.22 31.09 -52.83
C3 NAG JA . 154.05 31.34 -51.88
C4 NAG JA . 154.50 31.91 -50.55
C5 NAG JA . 155.29 33.17 -50.81
C6 NAG JA . 155.80 33.83 -49.55
C7 NAG JA . 153.88 31.51 -54.85
C8 NAG JA . 153.44 30.96 -56.17
N2 NAG JA . 154.72 30.72 -54.14
O3 NAG JA . 153.34 30.12 -51.67
O4 NAG JA . 153.37 32.22 -49.74
O5 NAG JA . 156.43 32.83 -51.60
O6 NAG JA . 156.56 32.91 -48.77
O7 NAG JA . 153.51 32.61 -54.45
C1 NAG KA . 159.71 34.35 -93.23
C2 NAG KA . 160.24 34.07 -94.63
C3 NAG KA . 159.92 35.23 -95.55
C4 NAG KA . 158.43 35.53 -95.53
C5 NAG KA . 157.94 35.70 -94.08
C6 NAG KA . 156.44 35.84 -93.98
C7 NAG KA . 162.60 34.63 -94.15
C8 NAG KA . 164.02 34.14 -94.22
N2 NAG KA . 161.67 33.78 -94.61
O3 NAG KA . 160.33 34.91 -96.88
O4 NAG KA . 158.15 36.72 -96.26
O5 NAG KA . 158.30 34.55 -93.30
O6 NAG KA . 155.78 34.67 -94.44
O7 NAG KA . 162.32 35.72 -93.69
C1 NAG LA . 150.72 -11.28 -18.14
C2 NAG LA . 150.47 -10.55 -16.82
C3 NAG LA . 150.31 -9.05 -17.08
C4 NAG LA . 151.51 -8.52 -17.85
C5 NAG LA . 151.73 -9.34 -19.13
C6 NAG LA . 152.98 -8.95 -19.87
C7 NAG LA . 148.07 -11.07 -16.61
C8 NAG LA . 147.02 -11.70 -15.72
N2 NAG LA . 149.31 -11.09 -16.12
O3 NAG LA . 150.19 -8.36 -15.84
O4 NAG LA . 151.30 -7.16 -18.21
O5 NAG LA . 151.87 -10.73 -18.78
O6 NAG LA . 154.12 -9.65 -19.39
O7 NAG LA . 147.78 -10.59 -17.70
C1 NAG MA . 133.85 -78.11 -0.86
C2 NAG MA . 134.45 -78.66 -2.15
C3 NAG MA . 133.49 -79.63 -2.81
C4 NAG MA . 133.08 -80.72 -1.83
C5 NAG MA . 132.54 -80.10 -0.54
C6 NAG MA . 132.25 -81.12 0.53
C7 NAG MA . 133.96 -76.70 -3.57
C8 NAG MA . 134.54 -75.67 -4.48
N2 NAG MA . 134.82 -77.58 -3.05
O3 NAG MA . 134.12 -80.21 -3.94
O4 NAG MA . 132.07 -81.53 -2.41
O5 NAG MA . 133.52 -79.19 0.01
O6 NAG MA . 133.42 -81.82 0.91
O7 NAG MA . 132.76 -76.73 -3.32
C1 NAG NA . 134.45 -70.98 35.95
C2 NAG NA . 135.74 -71.01 36.73
C3 NAG NA . 136.86 -71.49 35.82
C4 NAG NA . 136.49 -72.85 35.24
C5 NAG NA . 135.11 -72.82 34.58
C6 NAG NA . 134.61 -74.19 34.17
C7 NAG NA . 135.96 -69.40 38.58
C8 NAG NA . 136.36 -68.00 38.96
N2 NAG NA . 136.07 -69.70 37.28
O3 NAG NA . 138.08 -71.59 36.55
O4 NAG NA . 137.45 -73.24 34.27
O5 NAG NA . 134.13 -72.28 35.51
O6 NAG NA . 133.44 -74.10 33.38
O7 NAG NA . 135.57 -70.20 39.40
CA CA OA . 132.30 -25.32 68.77
CA CA PA . 58.58 7.79 98.71
CA CA QA . 7.25 50.60 79.53
C1 NAG RA . 26.70 30.16 58.61
C2 NAG RA . 28.16 30.13 59.12
C3 NAG RA . 29.16 30.31 57.96
C4 NAG RA . 28.86 29.36 56.81
C5 NAG RA . 27.43 29.60 56.35
C6 NAG RA . 27.01 28.72 55.21
C7 NAG RA . 28.34 32.48 59.82
C8 NAG RA . 28.63 33.39 60.97
N2 NAG RA . 28.38 31.17 60.10
O3 NAG RA . 30.48 30.07 58.44
O4 NAG RA . 29.73 29.62 55.72
O5 NAG RA . 26.55 29.30 57.46
O6 NAG RA . 27.25 27.34 55.50
O7 NAG RA . 28.06 32.90 58.71
C1 NAG SA . 11.36 56.04 85.72
C2 NAG SA . 10.73 56.54 87.01
C3 NAG SA . 10.00 57.85 86.77
C4 NAG SA . 10.93 58.85 86.11
C5 NAG SA . 11.60 58.26 84.88
C6 NAG SA . 12.67 59.15 84.28
C7 NAG SA . 8.78 55.03 86.99
C8 NAG SA . 8.00 54.01 87.77
N2 NAG SA . 9.85 55.55 87.60
O3 NAG SA . 9.52 58.36 88.00
O4 NAG SA . 10.21 60.02 85.74
O5 NAG SA . 12.25 57.02 85.21
O6 NAG SA . 13.75 59.33 85.18
O7 NAG SA . 8.45 55.36 85.84
C1 NAG TA . 66.99 -8.59 62.76
C2 NAG TA . 67.11 -9.02 61.31
C3 NAG TA . 66.25 -8.12 60.42
C4 NAG TA . 64.81 -8.10 60.93
C5 NAG TA . 64.79 -7.73 62.41
C6 NAG TA . 63.40 -7.82 63.02
C7 NAG TA . 69.28 -7.92 60.84
C8 NAG TA . 70.68 -8.14 60.37
N2 NAG TA . 68.50 -9.01 60.86
O3 NAG TA . 66.28 -8.59 59.08
O4 NAG TA . 64.05 -7.14 60.19
O5 NAG TA . 65.62 -8.62 63.16
O6 NAG TA . 63.12 -9.12 63.50
O7 NAG TA . 68.88 -6.82 61.19
C1 NAG UA . 124.86 -38.48 91.15
C2 NAG UA . 124.38 -38.23 92.57
C3 NAG UA . 125.49 -37.63 93.41
C4 NAG UA . 126.73 -38.52 93.36
C5 NAG UA . 127.12 -38.78 91.91
C6 NAG UA . 128.26 -39.76 91.77
C7 NAG UA . 123.16 -36.13 92.11
C8 NAG UA . 121.85 -35.41 92.23
N2 NAG UA . 123.19 -37.37 92.58
O3 NAG UA . 125.05 -37.52 94.77
O4 NAG UA . 127.81 -37.89 94.04
O5 NAG UA . 126.01 -39.33 91.18
O6 NAG UA . 127.92 -41.02 92.31
O7 NAG UA . 124.15 -35.57 91.62
C1 NAG VA . 130.71 -60.80 61.27
C2 NAG VA . 130.27 -62.25 61.18
C3 NAG VA . 129.47 -62.57 62.42
C4 NAG VA . 130.35 -62.36 63.65
C5 NAG VA . 130.96 -60.95 63.66
C6 NAG VA . 132.02 -60.78 64.72
C7 NAG VA . 129.92 -63.20 58.95
C8 NAG VA . 128.97 -63.35 57.81
N2 NAG VA . 129.48 -62.48 59.99
O3 NAG VA . 129.02 -63.91 62.37
O4 NAG VA . 129.60 -62.57 64.83
O5 NAG VA . 131.57 -60.65 62.40
O6 NAG VA . 132.30 -59.40 64.95
O7 NAG VA . 131.03 -63.69 58.93
CA CA WA . 46.06 11.00 97.77
CA CA XA . 120.80 -25.15 74.75
CA CA YA . 161.05 -34.19 18.79
C1 NAG ZA . 139.47 -7.22 25.18
C2 NAG ZA . 138.18 -7.73 25.87
C3 NAG ZA . 136.92 -7.11 25.25
C4 NAG ZA . 137.04 -5.60 25.13
C5 NAG ZA . 138.28 -5.28 24.32
C6 NAG ZA . 138.50 -3.80 24.13
C7 NAG ZA . 137.94 -9.85 24.64
C8 NAG ZA . 137.84 -11.33 24.76
N2 NAG ZA . 138.10 -9.18 25.79
O3 NAG ZA . 135.80 -7.45 26.04
O4 NAG ZA . 135.90 -5.09 24.45
O5 NAG ZA . 139.42 -5.79 25.03
O6 NAG ZA . 138.52 -3.12 25.38
O7 NAG ZA . 137.89 -9.28 23.56
C1 NAG AB . 158.04 -42.82 19.70
C2 NAG AB . 158.90 -44.04 20.00
C3 NAG AB . 159.40 -44.65 18.71
C4 NAG AB . 158.22 -44.95 17.79
C5 NAG AB . 157.35 -43.72 17.61
C6 NAG AB . 156.09 -43.99 16.82
C7 NAG AB . 160.93 -42.78 20.63
C8 NAG AB . 161.98 -42.60 21.68
N2 NAG AB . 160.00 -43.71 20.89
O3 NAG AB . 160.11 -45.85 19.00
O4 NAG AB . 158.71 -45.39 16.52
O5 NAG AB . 156.94 -43.20 18.88
O6 NAG AB . 155.25 -44.93 17.51
O7 NAG AB . 160.94 -42.14 19.58
C1 NAG BB . 105.77 11.34 65.92
C2 NAG BB . 105.35 12.69 65.33
C3 NAG BB . 105.88 12.82 63.91
C4 NAG BB . 107.38 12.58 63.87
C5 NAG BB . 107.72 11.25 64.53
C6 NAG BB . 109.21 11.01 64.64
C7 NAG BB . 103.02 12.08 64.76
C8 NAG BB . 101.59 12.43 64.96
N2 NAG BB . 103.91 12.87 65.39
O3 NAG BB . 105.57 14.12 63.40
O4 NAG BB . 107.83 12.57 62.52
O5 NAG BB . 107.19 11.22 65.86
O6 NAG BB . 109.74 11.57 65.83
O7 NAG BB . 103.37 11.13 64.07
C1 NAG CB . 60.04 4.26 119.85
C2 NAG CB . 60.82 3.09 120.44
C3 NAG CB . 59.88 1.94 120.78
C4 NAG CB . 58.76 2.44 121.69
C5 NAG CB . 58.07 3.65 121.07
C6 NAG CB . 57.05 4.26 121.99
C7 NAG CB . 61.66 2.17 118.29
C8 NAG CB . 62.88 1.77 117.53
N2 NAG CB . 61.87 2.64 119.54
O3 NAG CB . 60.61 0.91 121.43
O4 NAG CB . 57.81 1.39 121.89
O5 NAG CB . 59.04 4.67 120.78
O6 NAG CB . 57.64 4.75 123.18
O7 NAG CB . 60.53 2.07 117.81
C1 NAG DB . 49.73 40.29 118.60
C2 NAG DB . 50.54 41.36 119.32
C3 NAG DB . 51.64 40.69 120.13
C4 NAG DB . 51.03 39.68 121.09
C5 NAG DB . 50.10 38.71 120.36
C6 NAG DB . 49.32 37.82 121.30
C7 NAG DB . 50.65 43.56 118.23
C8 NAG DB . 51.37 44.40 117.22
N2 NAG DB . 51.11 42.31 118.38
O3 NAG DB . 52.38 41.67 120.85
O4 NAG DB . 52.06 38.95 121.73
O5 NAG DB . 49.14 39.43 119.57
O6 NAG DB . 48.65 36.79 120.59
O7 NAG DB . 49.71 43.99 118.88
CA CA EB . 52.98 82.47 81.52
CA CA FB . -8.39 98.84 23.26
CA CA GB . -29.04 78.78 -40.04
C1 NAG HB . -12.47 59.26 -16.00
C2 NAG HB . -11.43 60.11 -15.26
C3 NAG HB . -10.08 59.37 -15.12
C4 NAG HB . -10.27 57.97 -14.57
C5 NAG HB . -11.24 57.23 -15.48
C6 NAG HB . -11.50 55.81 -15.03
C7 NAG HB . -10.66 61.46 -17.17
C8 NAG HB . -10.48 62.84 -17.70
N2 NAG HB . -11.21 61.37 -15.95
O3 NAG HB . -9.22 60.11 -14.27
O4 NAG HB . -9.03 57.28 -14.56
O5 NAG HB . -12.49 57.91 -15.46
O6 NAG HB . -11.92 55.77 -13.68
O7 NAG HB . -10.31 60.47 -17.82
C1 NAG IB . -25.78 87.10 -42.22
C2 NAG IB . -26.60 88.27 -42.77
C3 NAG IB . -26.64 88.19 -44.29
C4 NAG IB . -25.23 88.12 -44.85
C5 NAG IB . -24.43 87.00 -44.18
C6 NAG IB . -22.98 87.01 -44.58
C7 NAG IB . -28.82 87.28 -42.31
C8 NAG IB . -30.15 87.51 -41.66
N2 NAG IB . -27.94 88.29 -42.22
O3 NAG IB . -27.31 89.34 -44.80
O4 NAG IB . -25.27 87.90 -46.25
O5 NAG IB . -24.47 87.16 -42.75
O6 NAG IB . -22.31 88.18 -44.13
O7 NAG IB . -28.56 86.24 -42.89
C1 NAG JB . 5.81 63.53 36.81
C2 NAG JB . 6.29 62.10 37.04
C3 NAG JB . 6.22 61.31 35.75
C4 NAG JB . 4.82 61.38 35.16
C5 NAG JB . 4.39 62.84 35.01
C6 NAG JB . 2.95 62.99 34.56
C7 NAG JB . 8.72 62.59 36.99
C8 NAG JB . 10.00 62.47 37.74
N2 NAG JB . 7.64 62.09 37.60
O3 NAG JB . 6.55 59.95 36.02
O4 NAG JB . 4.79 60.75 33.89
O5 NAG JB . 4.49 63.51 36.28
O6 NAG JB . 2.05 63.00 35.65
O7 NAG JB . 8.66 63.09 35.87
C1 NAG KB . 33.51 97.42 92.78
C2 NAG KB . 32.67 98.66 92.53
C3 NAG KB . 33.53 99.92 92.61
C4 NAG KB . 34.27 99.95 93.93
C5 NAG KB . 35.04 98.66 94.15
C6 NAG KB . 35.70 98.58 95.51
C7 NAG KB . 32.59 98.49 90.06
C8 NAG KB . 31.69 98.43 88.87
N2 NAG KB . 31.97 98.58 91.25
O3 NAG KB . 32.70 101.07 92.48
O4 NAG KB . 35.18 101.06 93.95
O5 NAG KB . 34.16 97.54 94.06
O6 NAG KB . 34.74 98.63 96.55
O7 NAG KB . 33.82 98.45 89.95
C1 NAG LB . 41.07 65.38 111.25
C2 NAG LB . 40.20 64.78 112.32
C3 NAG LB . 38.94 65.62 112.41
C4 NAG LB . 39.32 67.04 112.79
C5 NAG LB . 40.36 67.60 111.81
C6 NAG LB . 40.94 68.92 112.27
C7 NAG LB . 40.36 62.36 112.72
C8 NAG LB . 39.91 61.00 112.28
N2 NAG LB . 39.87 63.40 112.02
O3 NAG LB . 38.07 65.08 113.40
O4 NAG LB . 38.17 67.87 112.78
O5 NAG LB . 41.46 66.70 111.64
O6 NAG LB . 41.61 69.60 111.20
O7 NAG LB . 41.13 62.51 113.65
CA CA MB . -17.51 95.40 14.72
CA CA NB . 41.05 84.86 77.03
CA CA OB . 92.45 41.92 95.64
C1 NAG PB . 81.84 49.26 62.98
C2 NAG PB . 80.29 49.41 62.95
C3 NAG PB . 79.67 48.66 61.76
C4 NAG PB . 80.38 49.00 60.46
C5 NAG PB . 81.86 48.67 60.62
C6 NAG PB . 82.67 48.98 59.38
C7 NAG PB . 79.75 47.62 64.55
C8 NAG PB . 79.06 47.30 65.84
N2 NAG PB . 79.71 48.91 64.18
O3 NAG PB . 78.30 48.99 61.66
O4 NAG PB . 79.86 48.20 59.40
O5 NAG PB . 82.38 49.51 61.67
O6 NAG PB . 82.49 50.32 58.95
O7 NAG PB . 80.31 46.76 63.88
C1 NAG QB . 86.32 39.56 102.07
C2 NAG QB . 86.49 39.73 103.57
C3 NAG QB . 87.16 38.51 104.17
C4 NAG QB . 86.39 37.25 103.79
C5 NAG QB . 86.17 37.19 102.29
C6 NAG QB . 85.28 36.05 101.86
C7 NAG QB . 88.47 41.22 103.45
C8 NAG QB . 89.05 42.52 103.89
N2 NAG QB . 87.22 40.95 103.88
O3 NAG QB . 87.21 38.65 105.58
O4 NAG QB . 87.10 36.10 104.22
O5 NAG QB . 85.55 38.39 101.80
O6 NAG QB . 83.97 36.19 102.40
O7 NAG QB . 89.10 40.43 102.74
C1 NAG RB . 45.15 82.61 36.85
C2 NAG RB . 45.51 82.32 35.40
C3 NAG RB . 46.53 81.19 35.33
C4 NAG RB . 47.74 81.50 36.20
C5 NAG RB . 47.29 81.84 37.62
C6 NAG RB . 48.42 82.28 38.52
C7 NAG RB . 43.52 80.99 34.83
C8 NAG RB . 42.35 80.87 33.89
N2 NAG RB . 44.33 82.02 34.60
O3 NAG RB . 46.94 81.00 33.97
O4 NAG RB . 48.61 80.38 36.24
O5 NAG RB . 46.34 82.91 37.59
O6 NAG RB . 48.64 83.68 38.41
O7 NAG RB . 43.70 80.17 35.73
C1 NAG SB . -16.22 117.74 29.80
C2 NAG SB . -16.21 118.17 31.26
C3 NAG SB . -17.56 117.91 31.91
C4 NAG SB . -18.65 118.58 31.09
C5 NAG SB . -18.58 118.15 29.63
C6 NAG SB . -19.55 118.89 28.74
C7 NAG SB . -15.05 116.18 32.17
C8 NAG SB . -13.88 115.70 32.96
N2 NAG SB . -15.14 117.50 32.00
O3 NAG SB . -17.56 118.43 33.23
O4 NAG SB . -19.93 118.22 31.61
O5 NAG SB . -17.26 118.43 29.11
O6 NAG SB . -19.30 120.28 28.74
O7 NAG SB . -15.87 115.40 31.69
C1 NAG TB . -11.05 123.65 -6.86
C2 NAG TB . -10.22 124.82 -7.35
C3 NAG TB . -9.83 125.68 -6.17
C4 NAG TB . -11.08 126.13 -5.42
C5 NAG TB . -11.96 124.93 -5.07
C6 NAG TB . -13.31 125.34 -4.52
C7 NAG TB . -8.90 124.45 -9.40
C8 NAG TB . -7.60 123.95 -9.96
N2 NAG TB . -9.03 124.37 -8.07
O3 NAG TB . -9.10 126.82 -6.63
O4 NAG TB . -10.71 126.80 -4.23
O5 NAG TB . -12.22 124.14 -6.24
O6 NAG TB . -14.01 124.22 -3.98
O7 NAG TB . -9.78 124.91 -10.12
CA CA UB . 21.11 101.97 -47.64
CA CA VB . -3.68 35.88 -97.09
CA CA WB . -5.58 -33.63 -96.81
C1 NAG XB . -7.59 -12.28 -68.99
C2 NAG XB . -6.65 -11.07 -69.19
C3 NAG XB . -5.85 -10.78 -67.91
C4 NAG XB . -6.73 -10.71 -66.68
C5 NAG XB . -7.49 -12.02 -66.57
C6 NAG XB . -8.41 -12.07 -65.38
C7 NAG XB . -4.79 -12.25 -70.28
C8 NAG XB . -3.92 -12.32 -71.50
N2 NAG XB . -5.74 -11.31 -70.29
O3 NAG XB . -5.14 -9.55 -68.07
O4 NAG XB . -5.93 -10.54 -65.52
O5 NAG XB . -8.31 -12.16 -67.74
O6 NAG XB . -9.28 -10.95 -65.35
O7 NAG XB . -4.64 -13.02 -69.34
C1 NAG YB . 1.11 -32.45 -103.02
C2 NAG YB . 1.05 -32.87 -104.48
C3 NAG YB . 1.54 -34.30 -104.63
C4 NAG YB . 2.92 -34.44 -104.02
C5 NAG YB . 2.94 -33.91 -102.58
C6 NAG YB . 4.33 -33.88 -101.97
C7 NAG YB . -1.38 -33.32 -104.54
C8 NAG YB . -2.66 -33.02 -105.24
N2 NAG YB . -0.29 -32.71 -105.02
O3 NAG YB . 1.59 -34.64 -106.01
O4 NAG YB . 3.32 -35.81 -104.02
O5 NAG YB . 2.44 -32.57 -102.55
O6 NAG YB . 5.16 -32.96 -102.66
O7 NAG YB . -1.33 -34.08 -103.57
C1 NAG ZB . -9.77 42.58 -57.72
C2 NAG ZB . -9.99 42.54 -56.21
C3 NAG ZB . -9.88 41.10 -55.70
C4 NAG ZB . -10.82 40.20 -56.47
C5 NAG ZB . -10.59 40.34 -57.98
C6 NAG ZB . -11.59 39.57 -58.82
C7 NAG ZB . -7.72 43.29 -55.56
C8 NAG ZB . -6.94 44.31 -54.79
N2 NAG ZB . -9.05 43.42 -55.53
O3 NAG ZB . -10.19 41.08 -54.32
O4 NAG ZB . -10.61 38.84 -56.10
O5 NAG ZB . -10.71 41.72 -58.37
O6 NAG ZB . -12.75 40.34 -59.08
O7 NAG ZB . -7.17 42.39 -56.19
C1 NAG AC . 6.00 111.09 -68.07
C2 NAG AC . 5.84 110.96 -69.58
C3 NAG AC . 7.01 111.62 -70.30
C4 NAG AC . 7.17 113.05 -69.82
C5 NAG AC . 7.26 113.11 -68.30
C6 NAG AC . 7.29 114.51 -67.76
C7 NAG AC . 6.60 108.62 -69.78
C8 NAG AC . 6.26 107.25 -70.28
N2 NAG AC . 5.69 109.57 -69.99
O3 NAG AC . 6.78 111.59 -71.69
O4 NAG AC . 8.35 113.62 -70.39
O5 NAG AC . 6.12 112.47 -67.71
O6 NAG AC . 6.11 115.23 -68.11
O7 NAG AC . 7.68 108.85 -69.22
C1 NAG BC . -6.33 121.38 -33.90
C2 NAG BC . -7.69 121.96 -33.63
C3 NAG BC . -8.49 121.93 -34.92
C4 NAG BC . -7.77 122.77 -35.96
C5 NAG BC . -6.31 122.31 -36.13
C6 NAG BC . -5.49 123.25 -36.97
C7 NAG BC . -8.60 121.70 -31.36
C8 NAG BC . -9.33 120.80 -30.41
N2 NAG BC . -8.38 121.21 -32.58
O3 NAG BC . -9.79 122.46 -34.69
O4 NAG BC . -8.43 122.67 -37.20
O5 NAG BC . -5.65 122.21 -34.85
O6 NAG BC . -4.28 122.64 -37.40
O7 NAG BC . -8.23 122.82 -31.03
CA CA CC . -9.61 24.55 -99.23
CA CA DC . 13.49 95.21 -55.64
CA CA EC . 34.37 114.72 7.73
C1 NAG FC . 40.05 83.72 -7.78
C2 NAG FC . 38.80 83.30 -8.60
C3 NAG FC . 38.43 81.84 -8.37
C4 NAG FC . 39.63 80.93 -8.52
C5 NAG FC . 40.71 81.40 -7.56
C6 NAG FC . 41.97 80.56 -7.62
C7 NAG FC . 37.07 84.15 -7.06
C8 NAG FC . 35.90 85.05 -6.90
N2 NAG FC . 37.66 84.15 -8.27
O3 NAG FC . 37.42 81.45 -9.29
O4 NAG FC . 39.27 79.59 -8.19
O5 NAG FC . 41.09 82.72 -7.92
O6 NAG FC . 42.47 80.48 -8.95
O7 NAG FC . 37.48 83.45 -6.13
C1 NAG GC . 25.91 118.29 7.93
C2 NAG GC . 25.57 119.77 8.03
C3 NAG GC . 25.46 120.18 9.50
C4 NAG GC . 24.47 119.27 10.22
C5 NAG GC . 24.81 117.80 9.98
C6 NAG GC . 23.78 116.86 10.54
C7 NAG GC . 27.85 120.61 7.59
C8 NAG GC . 28.67 121.53 6.75
N2 NAG GC . 26.53 120.59 7.33
O3 NAG GC . 25.03 121.53 9.59
O4 NAG GC . 24.49 119.55 11.61
O5 NAG GC . 24.90 117.52 8.57
O6 NAG GC . 22.52 117.03 9.90
O7 NAG GC . 28.35 119.92 8.48
C1 NAG HC . 30.86 58.70 -57.08
C2 NAG HC . 31.60 57.39 -56.86
C3 NAG HC . 32.07 57.28 -55.40
C4 NAG HC . 32.89 58.51 -55.03
C5 NAG HC . 32.11 59.79 -55.35
C6 NAG HC . 32.92 61.05 -55.12
C7 NAG HC . 29.61 55.94 -56.63
C8 NAG HC . 28.91 54.73 -57.18
N2 NAG HC . 30.77 56.24 -57.21
O3 NAG HC . 32.84 56.10 -55.23
O4 NAG HC . 33.20 58.48 -53.64
O5 NAG HC . 31.71 59.79 -56.72
O6 NAG HC . 33.67 61.39 -56.27
O7 NAG HC . 29.13 56.60 -55.71
C1 NAG IC . -5.67 44.95 -116.46
C2 NAG IC . -6.03 46.41 -116.65
C3 NAG IC . -7.52 46.56 -116.94
C4 NAG IC . -7.91 45.69 -118.13
C5 NAG IC . -7.45 44.26 -117.90
C6 NAG IC . -7.69 43.37 -119.10
C7 NAG IC . -6.12 47.01 -114.25
C8 NAG IC . -5.60 47.94 -113.19
N2 NAG IC . -5.65 47.21 -115.48
O3 NAG IC . -7.81 47.92 -117.22
O4 NAG IC . -9.32 45.72 -118.31
O5 NAG IC . -6.04 44.21 -117.63
O6 NAG IC . -6.95 43.81 -120.23
O7 NAG IC . -6.94 46.14 -113.99
C1 NAG JC . 14.39 14.22 -124.20
C2 NAG JC . 15.71 14.31 -124.92
C3 NAG JC . 15.93 15.76 -125.36
C4 NAG JC . 14.76 16.22 -126.21
C5 NAG JC . 13.43 15.97 -125.50
C6 NAG JC . 12.23 16.23 -126.39
C7 NAG JC . 17.44 12.70 -124.27
C8 NAG JC . 18.57 12.40 -123.32
N2 NAG JC . 16.81 13.86 -124.08
O3 NAG JC . 17.14 15.85 -126.10
O4 NAG JC . 14.89 17.61 -126.48
O5 NAG JC . 13.34 14.60 -125.07
O6 NAG JC . 11.02 16.21 -125.63
O7 NAG JC . 17.13 11.92 -125.17
CA CA KC . 48.59 -20.43 -95.99
CA CA LC . 20.85 -90.97 -54.98
CA CA MC . -6.89 -110.35 5.77
C1 NAG NC . -10.81 -79.40 -10.39
C2 NAG NC . -9.48 -78.99 -11.06
C3 NAG NC . -9.14 -77.51 -10.80
C4 NAG NC . -10.32 -76.60 -11.09
C5 NAG NC . -11.51 -77.07 -10.26
C6 NAG NC . -12.75 -76.24 -10.48
C7 NAG NC . -7.94 -79.81 -9.34
C8 NAG NC . -6.78 -80.71 -9.06
N2 NAG NC . -8.39 -79.83 -10.60
O3 NAG NC . -8.03 -77.13 -11.59
O4 NAG NC . -10.01 -75.27 -10.74
O5 NAG NC . -11.83 -78.41 -10.66
O6 NAG NC . -13.08 -76.15 -11.86
O7 NAG NC . -8.44 -79.11 -8.46
C1 NAG OC . 1.52 -113.89 6.89
C2 NAG OC . 1.85 -115.37 7.05
C3 NAG OC . 1.79 -115.77 8.52
C4 NAG OC . 2.69 -114.86 9.34
C5 NAG OC . 2.37 -113.39 9.06
C6 NAG OC . 3.35 -112.44 9.73
C7 NAG OC . -0.37 -116.21 6.35
C8 NAG OC . -1.09 -117.13 5.43
N2 NAG OC . 0.97 -116.19 6.24
O3 NAG OC . 2.21 -117.12 8.66
O4 NAG OC . 2.51 -115.12 10.72
O5 NAG OC . 2.44 -113.12 7.65
O6 NAG OC . 4.65 -112.59 9.20
O7 NAG OC . -0.97 -115.52 7.18
C1 NAG PC . 3.75 -54.55 -58.47
C2 NAG PC . 3.00 -53.23 -58.33
C3 NAG PC . 2.37 -53.12 -56.95
C4 NAG PC . 1.51 -54.34 -56.67
C5 NAG PC . 2.31 -55.62 -56.90
C6 NAG PC . 1.48 -56.88 -56.76
C7 NAG PC . 4.98 -51.80 -57.91
C8 NAG PC . 5.74 -50.60 -58.36
N2 NAG PC . 3.87 -52.10 -58.61
O3 NAG PC . 1.58 -51.95 -56.88
O4 NAG PC . 1.04 -54.31 -55.33
O5 NAG PC . 2.87 -55.64 -58.22
O6 NAG PC . 0.88 -57.25 -57.99
O7 NAG PC . 5.34 -52.47 -56.94
C1 NAG QC . 46.63 -40.91 -113.47
C2 NAG QC . 47.00 -42.39 -113.62
C3 NAG QC . 48.51 -42.54 -113.78
C4 NAG QC . 49.01 -41.67 -114.92
C5 NAG QC . 48.55 -40.23 -114.72
C6 NAG QC . 48.90 -39.33 -115.89
C7 NAG QC . 46.85 -43.00 -111.24
C8 NAG QC . 46.23 -43.94 -110.25
N2 NAG QC . 46.50 -43.19 -112.51
O3 NAG QC . 48.81 -43.90 -114.04
O4 NAG QC . 50.44 -41.71 -114.97
O5 NAG QC . 47.12 -40.17 -114.59
O6 NAG QC . 48.29 -39.78 -117.09
O7 NAG QC . 47.65 -42.12 -110.90
C1 NAG RC . 27.46 -10.01 -123.61
C2 NAG RC . 26.42 -9.98 -124.70
C3 NAG RC . 26.20 -11.38 -125.19
C4 NAG RC . 27.51 -11.92 -125.75
C5 NAG RC . 28.65 -11.80 -124.71
C6 NAG RC . 30.01 -12.09 -125.29
C7 NAG RC . 24.72 -8.21 -124.58
C8 NAG RC . 23.41 -7.79 -123.98
N2 NAG RC . 25.17 -9.41 -124.20
O3 NAG RC . 25.21 -11.40 -126.21
O4 NAG RC . 27.37 -13.28 -126.13
O5 NAG RC . 28.70 -10.47 -124.17
O6 NAG RC . 30.97 -12.33 -124.27
O7 NAG RC . 25.33 -7.50 -125.36
CA CA SC . -33.54 -77.91 76.89
CA CA TC . 33.89 -94.39 25.85
CA CA UC . 61.39 -74.50 -34.81
C1 NAG VC . 42.27 -54.89 -12.82
C2 NAG VC . 41.14 -55.75 -12.20
C3 NAG VC . 39.79 -55.01 -12.21
C4 NAG VC . 39.92 -53.60 -11.66
C5 NAG VC . 40.97 -52.86 -12.46
C6 NAG VC . 41.18 -51.44 -12.00
C7 NAG VC . 40.60 -57.10 -14.18
C8 NAG VC . 40.49 -58.48 -14.73
N2 NAG VC . 41.02 -57.01 -12.91
O3 NAG VC . 38.85 -55.75 -11.45
O4 NAG VC . 38.67 -52.92 -11.79
O5 NAG VC . 42.22 -53.54 -12.30
O6 NAG VC . 41.48 -51.39 -10.61
O7 NAG VC . 40.33 -56.12 -14.86
C1 NAG WC . 58.43 -82.82 -37.32
C2 NAG WC . 59.31 -83.98 -37.78
C3 NAG WC . 59.52 -83.92 -39.28
C4 NAG WC . 58.17 -83.86 -40.00
C5 NAG WC . 57.30 -82.74 -39.42
C6 NAG WC . 55.90 -82.73 -39.97
C7 NAG WC . 61.46 -83.00 -37.08
C8 NAG WC . 62.71 -83.22 -36.28
N2 NAG WC . 60.57 -84.00 -37.08
O3 NAG WC . 60.24 -85.06 -39.71
O4 NAG WC . 58.36 -83.64 -41.38
O5 NAG WC . 57.18 -82.88 -38.00
O6 NAG WC . 55.20 -83.92 -39.64
O7 NAG WC . 61.27 -81.96 -37.69
C1 NAG XC . 18.23 -59.00 37.63
C2 NAG XC . 17.73 -57.57 37.80
C3 NAG XC . 17.95 -56.78 36.52
C4 NAG XC . 19.40 -56.86 36.09
C5 NAG XC . 19.85 -58.32 36.00
C6 NAG XC . 21.32 -58.48 35.69
C7 NAG XC . 15.32 -58.03 37.49
C8 NAG XC . 13.96 -57.91 38.11
N2 NAG XC . 16.34 -57.55 38.22
O3 NAG XC . 17.58 -55.42 36.74
O4 NAG XC . 19.57 -56.24 34.81
O5 NAG XC . 19.60 -58.98 37.25
O6 NAG XC . 22.10 -58.47 36.88
O7 NAG XC . 15.49 -58.54 36.38
C1 NAG YC . -15.44 -92.75 90.32
C2 NAG YC . -14.59 -94.01 90.15
C3 NAG YC . -15.46 -95.25 90.11
C4 NAG YC . -16.35 -95.29 91.35
C5 NAG YC . -17.13 -94.00 91.49
C6 NAG YC . -17.93 -93.92 92.77
C7 NAG YC . -14.24 -93.81 87.71
C8 NAG YC . -13.21 -93.73 86.62
N2 NAG YC . -13.76 -93.92 88.95
O3 NAG YC . -14.63 -96.41 90.06
O4 NAG YC . -17.27 -96.38 91.24
O5 NAG YC . -16.22 -92.88 91.51
O6 NAG YC . -17.09 -93.98 93.92
O7 NAG YC . -15.43 -93.77 87.47
C1 NAG ZC . -24.92 -60.83 107.55
C2 NAG ZC . -23.96 -60.13 108.49
C3 NAG ZC . -22.73 -61.01 108.68
C4 NAG ZC . -23.15 -62.38 109.18
C5 NAG ZC . -24.23 -63.00 108.28
C6 NAG ZC . -24.82 -64.26 108.86
C7 NAG ZC . -24.02 -57.68 108.52
C8 NAG ZC . -23.50 -56.42 107.87
N2 NAG ZC . -23.57 -58.82 107.99
O3 NAG ZC . -21.84 -60.41 109.60
O4 NAG ZC . -22.02 -63.25 109.21
O5 NAG ZC . -25.31 -62.07 108.11
O6 NAG ZC . -25.65 -64.92 107.90
O7 NAG ZC . -24.79 -57.65 109.46
CA CA AD . -28.45 -6.41 93.71
CA CA BD . -100.18 29.72 62.44
CA CA CD . -134.01 38.60 2.35
C1 NAG DD . -113.28 11.66 11.18
C2 NAG DD . -112.08 12.18 12.02
C3 NAG DD . -110.75 11.56 11.54
C4 NAG DD . -110.87 10.04 11.42
C5 NAG DD . -112.01 9.72 10.48
C6 NAG DD . -112.21 8.23 10.29
C7 NAG DD . -111.69 14.29 10.81
C8 NAG DD . -111.60 15.77 10.94
N2 NAG DD . -111.98 13.63 11.93
O3 NAG DD . -109.72 11.90 12.44
O4 NAG DD . -109.66 9.51 10.88
O5 NAG DD . -113.21 10.22 11.06
O6 NAG DD . -112.34 7.56 11.52
O7 NAG DD . -111.52 13.72 9.74
C1 NAG ED . -131.08 47.24 3.58
C2 NAG ED . -131.97 48.46 3.78
C3 NAG ED . -132.32 49.07 2.43
C4 NAG ED . -131.06 49.37 1.63
C5 NAG ED . -130.17 48.13 1.56
C6 NAG ED . -128.82 48.41 0.92
C7 NAG ED . -134.06 47.21 4.18
C8 NAG ED . -135.22 47.03 5.10
N2 NAG ED . -133.16 48.13 4.54
O3 NAG ED . -133.06 50.27 2.64
O4 NAG ED . -131.40 49.79 0.32
O5 NAG ED . -129.90 47.62 2.88
O6 NAG ED . -128.06 49.30 1.71
O7 NAG ED . -133.96 46.56 3.13
C1 NAG FD . -84.32 -6.77 55.49
C2 NAG FD . -83.84 -8.11 54.96
C3 NAG FD . -84.19 -8.25 53.49
C4 NAG FD . -85.68 -8.03 53.28
C5 NAG FD . -86.10 -6.69 53.90
C6 NAG FD . -87.60 -6.46 53.84
C7 NAG FD . -81.46 -7.48 54.65
C8 NAG FD . -80.05 -7.83 55.01
N2 NAG FD . -82.40 -8.29 55.17
O3 NAG FD . -83.84 -9.56 53.04
O4 NAG FD . -85.98 -8.02 51.89
O5 NAG FD . -85.72 -6.65 55.28
O6 NAG FD . -88.25 -7.00 54.99
O7 NAG FD . -81.74 -6.54 53.92
C1 NAG GD . -44.78 0.46 114.08
C2 NAG GD . -45.63 1.62 114.59
C3 NAG GD . -44.74 2.77 115.06
C4 NAG GD . -43.74 2.26 116.09
C5 NAG GD . -42.97 1.07 115.53
C6 NAG GD . -42.05 0.43 116.55
C7 NAG GD . -46.22 2.56 112.38
C8 NAG GD . -47.35 2.98 111.48
N2 NAG GD . -46.58 2.08 113.58
O3 NAG GD . -45.55 3.79 115.63
O4 NAG GD . -42.81 3.30 116.41
O5 NAG GD . -43.88 0.05 115.11
O6 NAG GD . -42.77 -0.05 117.68
O7 NAG GD . -45.05 2.67 112.03
C1 NAG HD . -34.32 -35.80 114.18
C2 NAG HD . -34.96 -36.88 115.01
C3 NAG HD . -36.16 -36.27 115.73
C4 NAG HD . -35.67 -35.14 116.62
C5 NAG HD . -34.84 -34.12 115.82
C6 NAG HD . -34.15 -33.11 116.69
C7 NAG HD . -34.78 -39.20 114.24
C8 NAG HD . -35.34 -40.25 113.32
N2 NAG HD . -35.38 -38.01 114.20
O3 NAG HD . -36.81 -37.26 116.51
O4 NAG HD . -36.78 -34.48 117.22
O5 NAG HD . -33.82 -34.78 115.05
O6 NAG HD . -33.70 -31.98 115.94
O7 NAG HD . -33.83 -39.42 114.97
CA CA ID . -110.95 29.80 55.24
CA CA JD . -40.98 -3.15 93.22
CA CA KD . 12.12 -45.99 79.92
C1 NAG LD . -4.87 -25.63 56.90
C2 NAG LD . -6.39 -25.60 57.24
C3 NAG LD . -7.26 -25.78 55.99
C4 NAG LD . -6.83 -24.85 54.87
C5 NAG LD . -5.36 -25.09 54.59
C6 NAG LD . -4.82 -24.21 53.48
C7 NAG LD . -6.63 -27.94 57.94
C8 NAG LD . -7.04 -28.86 59.05
N2 NAG LD . -6.71 -26.63 58.21
O3 NAG LD . -8.61 -25.54 56.32
O4 NAG LD . -7.58 -25.12 53.70
O5 NAG LD . -4.61 -24.78 55.76
O6 NAG LD . -5.05 -22.84 53.75
O7 NAG LD . -6.24 -28.37 56.86
C1 NAG MD . 7.41 -51.41 85.64
C2 NAG MD . 7.88 -51.91 87.00
C3 NAG MD . 8.64 -53.22 86.84
C4 NAG MD . 7.77 -54.24 86.09
C5 NAG MD . 7.24 -53.64 84.79
C6 NAG MD . 6.26 -54.53 84.09
C7 NAG MD . 9.83 -50.40 87.18
C8 NAG MD . 10.51 -49.38 88.04
N2 NAG MD . 8.70 -50.92 87.68
O3 NAG MD . 8.98 -53.73 88.12
O4 NAG MD . 8.53 -55.40 85.80
O5 NAG MD . 6.56 -52.40 85.05
O6 NAG MD . 5.09 -54.74 84.88
O7 NAG MD . 10.28 -50.73 86.08
C1 NAG ND . -45.38 13.09 56.44
C2 NAG ND . -45.34 13.51 54.97
C3 NAG ND . -44.38 12.61 54.20
C4 NAG ND . -43.01 12.59 54.86
C5 NAG ND . -43.15 12.22 56.34
C6 NAG ND . -41.85 12.30 57.10
C7 NAG ND . -47.44 12.43 54.26
C8 NAG ND . -48.78 12.66 53.63
N2 NAG ND . -46.67 13.52 54.37
O3 NAG ND . -44.27 13.08 52.86
O4 NAG ND . -42.18 11.63 54.21
O5 NAG ND . -44.06 13.12 56.98
O6 NAG ND . -41.62 13.61 57.59
O7 NAG ND . -47.09 11.32 54.65
C1 NAG OD . -106.02 43.08 78.22
C2 NAG OD . -105.69 42.81 79.67
C3 NAG OD . -106.89 42.19 80.39
C4 NAG OD . -108.12 43.08 80.20
C5 NAG OD . -108.34 43.35 78.71
C6 NAG OD . -109.47 44.33 78.47
C7 NAG OD . -104.42 40.71 79.34
C8 NAG OD . -103.12 40.01 79.58
N2 NAG OD . -104.51 41.96 79.82
O3 NAG OD . -106.60 42.07 81.77
O4 NAG OD . -109.26 42.43 80.73
O5 NAG OD . -107.16 43.93 78.13
O6 NAG OD . -109.19 45.60 79.04
O7 NAG OD . -105.34 40.17 78.74
C1 NAG PD . -108.44 65.11 47.97
C2 NAG PD . -107.71 66.44 47.91
C3 NAG PD . -107.06 66.71 49.25
C4 NAG PD . -108.12 66.68 50.35
C5 NAG PD . -108.94 65.39 50.29
C6 NAG PD . -110.12 65.40 51.22
C7 NAG PD . -106.85 67.11 45.71
C8 NAG PD . -105.71 67.01 44.74
N2 NAG PD . -106.71 66.44 46.85
O3 NAG PD . -106.41 67.97 49.23
O4 NAG PD . -107.49 66.77 51.62
O5 NAG PD . -109.45 65.18 48.97
O6 NAG PD . -110.73 64.11 51.32
O7 NAG PD . -107.85 67.78 45.46
CA CA QD . -86.00 66.34 -3.61
CA CA RD . -122.10 27.69 -71.65
CA CA SD . -125.57 -34.54 -102.47
C1 NAG TD . -121.24 -28.09 -68.22
C2 NAG TD . -120.33 -26.86 -68.03
C3 NAG TD . -119.26 -27.10 -66.94
C4 NAG TD . -119.88 -27.66 -65.67
C5 NAG TD . -120.63 -28.93 -66.01
C6 NAG TD . -121.28 -29.57 -64.82
C7 NAG TD . -118.77 -27.28 -69.88
C8 NAG TD . -118.18 -26.73 -71.14
N2 NAG TD . -119.68 -26.50 -69.27
O3 NAG TD . -118.58 -25.89 -66.68
O4 NAG TD . -118.85 -27.96 -64.74
O5 NAG TD . -121.67 -28.59 -66.93
O6 NAG TD . -122.10 -28.65 -64.11
O7 NAG TD . -118.44 -28.38 -69.44
C1 NAG UD . -120.29 -30.23 -108.65
C2 NAG UD . -120.66 -29.96 -110.09
C3 NAG UD . -120.24 -31.13 -110.98
C4 NAG UD . -118.77 -31.43 -110.77
C5 NAG UD . -118.44 -31.59 -109.29
C6 NAG UD . -116.96 -31.73 -109.02
C7 NAG UD . -123.06 -30.52 -109.87
C8 NAG UD . -124.45 -30.03 -110.11
N2 NAG UD . -122.08 -29.67 -110.24
O3 NAG UD . -120.49 -30.82 -112.34
O4 NAG UD . -118.41 -32.62 -111.47
O5 NAG UD . -118.89 -30.45 -108.55
O6 NAG UD . -116.26 -30.55 -109.37
O7 NAG UD . -122.83 -31.62 -109.39
C1 NAG VD . -119.71 15.64 -33.19
C2 NAG VD . -119.61 14.91 -31.85
C3 NAG VD . -119.42 13.42 -32.07
C4 NAG VD . -120.54 12.87 -32.97
C5 NAG VD . -120.62 13.70 -34.26
C6 NAG VD . -121.78 13.30 -35.14
C7 NAG VD . -117.24 15.45 -31.39
C8 NAG VD . -116.29 16.07 -30.41
N2 NAG VD . -118.53 15.45 -31.04
O3 NAG VD . -119.45 12.74 -30.83
O4 NAG VD . -120.28 11.52 -33.30
O5 NAG VD . -120.79 15.09 -33.95
O6 NAG VD . -122.96 14.02 -34.80
O7 NAG VD . -116.85 14.96 -32.45
C1 NAG WD . -104.80 82.49 -14.31
C2 NAG WD . -105.27 83.04 -15.65
C3 NAG WD . -104.26 84.04 -16.20
C4 NAG WD . -103.97 85.13 -15.18
C5 NAG WD . -103.56 84.49 -13.84
C6 NAG WD . -103.39 85.51 -12.74
C7 NAG WD . -104.62 81.11 -17.03
C8 NAG WD . -105.10 80.09 -18.02
N2 NAG WD . -105.54 81.98 -16.60
O3 NAG WD . -104.78 84.63 -17.40
O4 NAG WD . -102.92 85.97 -15.65
O5 NAG WD . -104.57 83.58 -13.40
O6 NAG WD . -104.60 86.22 -12.49
O7 NAG WD . -103.45 81.14 -16.65
C1 NAG XD . -109.51 75.52 22.48
C2 NAG XD . -110.77 75.80 23.26
C3 NAG XD . -111.81 76.29 22.28
C4 NAG XD . -111.31 77.57 21.62
C5 NAG XD . -109.93 77.34 20.98
C6 NAG XD . -109.28 78.61 20.50
C7 NAG XD . -111.19 74.49 25.30
C8 NAG XD . -111.73 73.21 25.85
N2 NAG XD . -111.24 74.62 23.96
O3 NAG XD . -113.02 76.56 22.96
O4 NAG XD . -112.22 77.99 20.61
O5 NAG XD . -109.02 76.73 21.91
O6 NAG XD . -108.20 78.35 19.61
O7 NAG XD . -110.73 75.37 26.01
CA CA YD . -128.61 18.11 -77.48
CA CA ZD . -95.27 63.32 -12.14
CA CA AE . -61.22 53.95 47.72
C1 NAG BE . -59.63 33.65 19.09
C2 NAG BE . -61.03 33.56 18.45
C3 NAG BE . -61.37 32.12 18.06
C4 NAG BE . -60.25 31.45 17.28
C5 NAG BE . -58.99 31.53 18.11
C6 NAG BE . -57.79 30.90 17.43
C7 NAG BE . -62.37 33.49 20.51
C8 NAG BE . -63.47 34.14 21.28
N2 NAG BE . -62.05 34.08 19.34
O3 NAG BE . -62.57 32.12 17.28
O4 NAG BE . -60.57 30.09 17.03
O5 NAG BE . -58.67 32.91 18.33
O6 NAG BE . -57.58 31.46 16.14
O7 NAG BE . -61.80 32.48 20.92
C1 NAG CE . -69.36 56.43 51.17
C2 NAG CE . -69.64 57.67 52.01
C3 NAG CE . -69.43 57.37 53.48
C4 NAG CE . -70.27 56.17 53.89
C5 NAG CE . -70.02 54.99 52.96
C6 NAG CE . -70.94 53.83 53.22
C7 NAG CE . -67.48 58.79 51.55
C8 NAG CE . -66.83 60.05 51.07
N2 NAG CE . -68.82 58.79 51.57
O3 NAG CE . -69.79 58.51 54.26
O4 NAG CE . -69.95 55.79 55.23
O5 NAG CE . -70.23 55.38 51.59
O6 NAG CE . -72.30 54.17 52.98
O7 NAG CE . -66.82 57.81 51.91
C1 NAG DE . -79.46 32.70 -33.30
C2 NAG DE . -78.73 31.48 -33.85
C3 NAG DE . -77.97 30.77 -32.72
C4 NAG DE . -77.05 31.76 -32.00
C5 NAG DE . -77.85 32.98 -31.55
C6 NAG DE . -76.99 34.06 -30.94
C7 NAG DE . -80.66 29.95 -33.92
C8 NAG DE . -81.49 29.06 -34.80
N2 NAG DE . -79.64 30.56 -34.52
O3 NAG DE . -77.20 29.70 -33.26
O4 NAG DE . -76.46 31.13 -30.86
O5 NAG DE . -78.53 33.58 -32.67
O6 NAG DE . -76.47 34.94 -31.94
O7 NAG DE . -80.92 30.09 -32.73
C1 NAG EE . -127.86 44.29 -84.03
C2 NAG EE . -128.21 45.65 -83.46
C3 NAG EE . -129.72 45.80 -83.35
C4 NAG EE . -130.37 45.54 -84.71
C5 NAG EE . -129.91 44.18 -85.25
C6 NAG EE . -130.42 43.91 -86.64
C7 NAG EE . -127.79 45.11 -81.08
C8 NAG EE . -127.04 45.50 -79.85
N2 NAG EE . -127.58 45.87 -82.16
O3 NAG EE . -130.04 47.13 -82.92
O4 NAG EE . -131.79 45.54 -84.57
O5 NAG EE . -128.48 44.12 -85.31
O6 NAG EE . -129.92 44.86 -87.57
O7 NAG EE . -128.56 44.16 -81.10
C1 NAG FE . -110.59 21.81 -108.57
C2 NAG FE . -109.44 22.32 -109.43
C3 NAG FE . -109.28 23.81 -109.21
C4 NAG FE . -110.59 24.52 -109.51
C5 NAG FE . -111.76 23.89 -108.74
C6 NAG FE . -113.10 24.42 -109.16
C7 NAG FE . -107.65 20.72 -109.94
C8 NAG FE . -106.36 20.11 -109.46
N2 NAG FE . -108.20 21.62 -109.12
O3 NAG FE . -108.24 24.32 -110.04
O4 NAG FE . -110.49 25.90 -109.14
O5 NAG FE . -111.79 22.47 -108.96
O6 NAG FE . -114.13 23.99 -108.27
O7 NAG FE . -108.16 20.39 -111.01
CA CA GE . -72.10 -19.19 -106.41
CA CA HE . -92.39 -102.44 -97.17
CA CA IE . -107.36 -148.87 -47.63
C1 NAG JE . -113.81 -114.35 -46.94
C2 NAG JE . -112.64 -113.59 -47.60
C3 NAG JE . -112.22 -112.36 -46.77
C4 NAG JE . -113.42 -111.51 -46.38
C5 NAG JE . -114.41 -112.38 -45.64
C6 NAG JE . -115.64 -111.64 -45.21
C7 NAG JE . -110.79 -114.98 -46.77
C8 NAG JE . -109.62 -115.83 -47.16
N2 NAG JE . -111.49 -114.45 -47.79
O3 NAG JE . -111.28 -111.59 -47.50
O4 NAG JE . -113.00 -110.45 -45.53
O5 NAG JE . -114.84 -113.42 -46.52
O6 NAG JE . -116.25 -110.96 -46.29
O7 NAG JE . -111.08 -114.78 -45.60
C1 NAG KE . -98.98 -151.92 -49.91
C2 NAG KE . -98.67 -153.28 -50.50
C3 NAG KE . -98.43 -154.30 -49.40
C4 NAG KE . -97.35 -153.79 -48.44
C5 NAG KE . -97.69 -152.38 -47.96
C6 NAG KE . -96.57 -151.76 -47.14
C7 NAG KE . -101.00 -153.89 -51.05
C8 NAG KE . -101.91 -154.36 -52.14
N2 NAG KE . -99.72 -153.72 -51.41
O3 NAG KE . -98.02 -155.54 -49.97
O4 NAG KE . -97.24 -154.66 -47.33
O5 NAG KE . -97.91 -151.51 -49.07
O6 NAG KE . -95.41 -151.56 -47.92
O7 NAG KE . -101.39 -153.69 -49.92
C1 NAG LE . -108.97 -69.65 -80.40
C2 NAG LE . -109.65 -68.59 -79.53
C3 NAG LE . -109.96 -69.15 -78.16
C4 NAG LE . -110.79 -70.43 -78.30
C5 NAG LE . -110.07 -71.42 -79.23
C6 NAG LE . -110.89 -72.66 -79.51
C7 NAG LE . -107.59 -67.36 -78.90
C8 NAG LE . -106.91 -66.03 -78.90
N2 NAG LE . -108.82 -67.39 -79.43
O3 NAG LE . -110.70 -68.19 -77.41
O4 NAG LE . -110.96 -71.04 -77.02
O5 NAG LE . -109.81 -70.79 -80.50
O6 NAG LE . -111.75 -72.48 -80.63
O7 NAG LE . -107.05 -68.36 -78.44
C1 NAG ME . -78.15 -29.78 -130.50
C2 NAG ME . -77.86 -30.99 -131.37
C3 NAG ME . -76.42 -30.96 -131.88
C4 NAG ME . -76.14 -29.63 -132.57
C5 NAG ME . -76.52 -28.47 -131.66
C6 NAG ME . -76.39 -27.12 -132.33
C7 NAG ME . -77.52 -32.63 -129.54
C8 NAG ME . -77.94 -33.94 -128.99
N2 NAG ME . -78.13 -32.25 -130.67
O3 NAG ME . -76.20 -32.04 -132.78
O4 NAG ME . -74.76 -29.53 -132.91
O5 NAG ME . -77.88 -28.59 -131.24
O6 NAG ME . -77.25 -27.03 -133.46
O7 NAG ME . -76.65 -31.94 -129.01
C1 NAG NE . -98.26 0.90 -121.60
C2 NAG NE . -99.50 1.34 -122.31
C3 NAG NE . -99.85 0.29 -123.35
C4 NAG NE . -98.70 0.16 -124.33
C5 NAG NE . -97.37 -0.12 -123.60
C6 NAG NE . -96.17 -0.01 -124.50
C7 NAG NE . -101.10 2.74 -121.08
C8 NAG NE . -102.25 2.75 -120.11
N2 NAG NE . -100.61 1.54 -121.39
O3 NAG NE . -101.04 0.66 -124.04
O4 NAG NE . -98.95 -0.89 -125.24
O5 NAG NE . -97.18 0.83 -122.53
O6 NAG NE . -95.02 -0.62 -123.90
O7 NAG NE . -100.65 3.77 -121.56
#